data_4V93
#
_entry.id   4V93
#
_cell.length_a   1.000
_cell.length_b   1.000
_cell.length_c   1.000
_cell.angle_alpha   90.00
_cell.angle_beta   90.00
_cell.angle_gamma   90.00
#
_symmetry.space_group_name_H-M   'P 1'
#
loop_
_entity.id
_entity.type
_entity.pdbx_description
1 polymer 'EXTRACELLULAR GLOBIN-3'
2 polymer 'HEMOGLOBIN CHAIN D1'
3 polymer 'EXTRACELLULAR GLOBIN-4'
4 polymer 'EXTRACELLULAR GLOBIN-2'
5 polymer 'HEMOGLOBIN CHAIN D1'
6 polymer 'EXTRACELLULAR GLOBIN-4'
7 polymer 'EXTRACELLULAR GLOBIN-3'
8 polymer 'HEMOGLOBIN LINKER CHAIN L1'
9 polymer 'EXTRACELLULAR HEMOGLOBIN LINKER L2 SUBUNIT'
10 polymer 'EXTRACELLULAR HEMOGLOBIN LINKER L3 SUBUNIT'
#
loop_
_entity_poly.entity_id
_entity_poly.type
_entity_poly.pdbx_seq_one_letter_code
_entity_poly.pdbx_strand_id
1 'polypeptide(L)'
;HEHCCSEEDHRIVQKQWDILWRDTESSKIKIGFGRLLLTKLAKDIPEVNDLFKRVDIEHAEGPKFSAHALRILNGLDLAI
NLLDDPPALDAALDHLAHQHEVREGVQKAHFKKFGEILATGLPQVLDDYDALAWKSCLKGILTKISSRL
;
A0,A5,AC,AH,AM,AR,AW,Ab,Ag,Al,Aq,Av
2 'polypeptide(L)'
;ECLVTESLKVKLQWASAFGHAHERVAFGLELWRDIIDDHPEIKAPFSRVRGDNIYSPEFGAHSQRVLSGLDITISMLDTP
DMLAAQLAHLKVQHVERNLKPEFFDIFLKHLLHVLGDRLGTHFDFGAWHDCVDQIIDGIK
;
A1,A6,AD,AI,AN,AS,AX,Ac,Ah,Am,Ar,Aw
3 'polypeptide(L)'
;DCCSYEDRREIRHIWDDVWSSSFTDRRVAIVRAVFDDLFKHYPTSKALFERVKIDEPESGEFKSHLVRVANGLKLLINLL
DDTLVLQSHLGHLADQHIQRKGVTKEYFRGIGEAFARVLPQVLSCFNVDAWNRCFHRLVARIAKDLP
;
A2,A3,A7,AA,AE,AF,AJ,AK,AO,AP,AT,AU,AY,AZ,Ad,Ae,Ai,Aj,An,Ao,As,At,Ax,Ay
4 'polypeptide(L)'
;KKQCGVLEGLKVKSEWGRAYGSGHDREAFSQAIWRATFAQVPESRSLFKRVHGDDTSHPAFIAHADRVLGGLDIAISTLD
QPATLKEELDHLQVQHEGRKIPDNYFDAFKTAILHVVAAQLGRCYDREAWDACIDHIEDGIKGHH
;
A4,AB,AG,AL,AQ,AV,Aa,Af,Ak,Ap,Au,Az,B2,B3,B7,BA,BE,BF,BJ,BK,BO,BP,BT,BU,BY,BZ,Bd,Be,Bi,Bj,Bn,Bo,Bs,Bt,Bx,By
5 'polypeptide(L)'
;MKVFVAVFLLAFATYVSAECLVTESLKVKLQWASAFGHAHERVAFGLELWRDIIDDHPEIKAPFSRVRGDNIYSPEFGAH
SQRVLSGLDITISMLDTPDMLAAQLAHLKVQHVERNLKPEFFDIFLKHLLHVLGDRLGTHFDFGAWHDCVDQIIDGIK
;
B0,B5,BC,BH,BM,BR,BW,Bb,Bg,Bl,Bq,Bv,C4,CB,CG,CL,CQ,CV,Ca,Cf,Ck,Cp,Cu,Cz
6 'polypeptide(L)'
;ADDEDCCSYEDRREIRHIWDDVWSSSFTDRRVAIVRAVFDDLFKHYPTSKALFERVKIDEPESGEFKSHLVRVANGLKLL
INLLDDTLVLQSHLGHLADQHIQRKGVTKEYFRGIGEAFARVLPQVLSCFNVDAWNRCFHRLVARIAKDLP
;
B1,B6,BD,BI,BN,BS,BX,Bc,Bh,Bm,Br,Bw
7 'polypeptide(L)'
;MLRQLLVLVGLAVVCLADEHEHCCSEEDHRIVQKQWDILWRDTESSKIKIGFGRLLLTKLAKDIPEVNDLFKRVDIEHAE
GPKFSAHALRILNGLDLAINLLDDPPALDAALDHLAHQHEVREGVQKAHFKKFGEILATGLPQVLDDYDALAWKSCLKGI
LTKISSRLNA
;
B4,BB,BG,BL,BQ,BV,Ba,Bf,Bk,Bp,Bu,Bz,C3,CA,CF,CK,CP,CU,CZ,Ce,Cj,Co,Ct,Cy
8 'polypeptide(L)'
;MWYVLGLMLVGLAAGASDPYQERRFQYLVKNQNLHIDYLAKKLHDIEEEYNKLTHDVDKKTIRQLKARISNLEEHHCDEH
ESECRGDVPECIHDLLFCDGEKDCRDGSDEDPETCSLNITHVGSSYTGLATWTSCEDLNPDHAIVTITAAHRKSFFPNRV
WLRATLSYELDEHDHTVSTTQLRGFYNFGKRELLLAPLKGQSEGYGVICDFNLGDDDHADCKIVVPSSLFVCAHFNAQRY
;
C0,C5,CC,CH,CM,CR,CW,Cb,Cg,Cl,Cq,Cv
9 'polypeptide(L)'
;MLRLLLLSALSGLILADHHQPSGGGGGSYGGGGGGGGPFGRLFSDQLDPRLGANAFLIIRLDRIIEKLRTKLDEAEKIDP
EHFVSEIDARVTKIEGTHCEKRTFQCGGNEQECISDLLVCDGHKDCHNAHDEDPDVCDTSVVKAGNVFSGTSTWHGCLAR
EDHVTRITITASKRRKFFTARIWLRALVESELERHGENVTSSFNAKGYYNFASRRLILLPTDDHDDHLAVVCSFNRGDNE
RAECHRVTEATLHQCADLFVTLEEHDDHDDHDDDHHDDHGKHHGGKHH
;
C1,C6,CD,CI,CN,CS,CX,Cc,Ch,Cm,Cr,Cw
10 'polypeptide(L)'
;MKSLGLLLAALAVVVTLASADSPPAQSHDEIIDKLIERTNKITTSISHVESLLDDRLDPKRIRKAGSLRHRVEELEDPSC
DEHEHQCGGDDPQCISKLFVCDGHNDCRNGEDEKDCTLPTKAGDKFIGDVCFDHCTKRRPEHMTLAFESSSIAAFFTPIA
DLHVHIEIESETDEDESEVSMPADGEYSFADHRLTIHPPEEDGLGLVGEFDGYNFDRFVGHIVHELSEEVCAEFIFHRKK
;
C2,C7,CE,CJ,CO,CT,CY,Cd,Ci,Cn,Cs,Cx
#
# COMPACT_ATOMS: atom_id res chain seq x y z
N HIS A 1 -109.69 12.70 0.80
CA HIS A 1 -109.62 11.59 -0.19
C HIS A 1 -108.37 10.83 0.08
N GLU A 2 -107.26 11.24 -0.58
CA GLU A 2 -106.06 10.48 -0.46
C GLU A 2 -105.69 10.52 0.98
N HIS A 3 -105.81 11.72 1.56
CA HIS A 3 -105.42 12.05 2.88
C HIS A 3 -106.22 11.13 3.73
N CYS A 4 -107.53 11.12 3.47
CA CYS A 4 -108.50 10.54 4.36
C CYS A 4 -108.49 9.06 4.27
N CYS A 5 -109.13 8.41 5.27
CA CYS A 5 -108.88 7.06 5.70
C CYS A 5 -107.41 6.91 5.90
N SER A 6 -106.81 7.84 6.65
CA SER A 6 -105.44 7.69 7.06
C SER A 6 -105.40 6.55 8.02
N GLU A 7 -104.18 6.15 8.40
CA GLU A 7 -103.87 5.18 9.44
C GLU A 7 -104.59 5.53 10.73
N GLU A 8 -104.41 6.75 11.23
CA GLU A 8 -105.07 7.13 12.47
C GLU A 8 -106.57 6.99 12.26
N ASP A 9 -107.05 7.57 11.16
CA ASP A 9 -108.46 7.52 10.84
C ASP A 9 -109.06 6.14 11.08
N HIS A 10 -108.60 5.15 10.31
CA HIS A 10 -109.15 3.82 10.48
C HIS A 10 -108.74 3.15 11.77
N ARG A 11 -107.55 3.46 12.27
CA ARG A 11 -107.15 2.86 13.53
C ARG A 11 -108.31 3.17 14.48
N ILE A 12 -108.85 4.38 14.33
CA ILE A 12 -109.95 4.82 15.17
C ILE A 12 -111.19 4.00 14.86
N VAL A 13 -111.59 4.04 13.61
CA VAL A 13 -112.76 3.31 13.20
C VAL A 13 -112.68 1.91 13.79
N GLN A 14 -111.60 1.21 13.49
CA GLN A 14 -111.45 -0.14 13.98
C GLN A 14 -111.71 -0.26 15.47
N LYS A 15 -111.08 0.62 16.24
CA LYS A 15 -111.23 0.58 17.69
C LYS A 15 -112.69 0.74 18.09
N GLN A 16 -113.35 1.73 17.50
CA GLN A 16 -114.73 2.03 17.83
C GLN A 16 -115.71 0.95 17.39
N TRP A 17 -115.40 0.31 16.26
CA TRP A 17 -116.28 -0.74 15.74
C TRP A 17 -116.18 -1.97 16.62
N ASP A 18 -115.12 -2.05 17.40
CA ASP A 18 -114.94 -3.19 18.29
C ASP A 18 -115.76 -3.10 19.58
N ILE A 19 -116.08 -1.87 20.00
CA ILE A 19 -116.87 -1.67 21.20
C ILE A 19 -118.10 -2.55 21.09
N LEU A 20 -118.51 -2.82 19.87
CA LEU A 20 -119.68 -3.63 19.62
C LEU A 20 -119.59 -5.11 19.98
N TRP A 21 -118.57 -5.78 19.47
CA TRP A 21 -118.41 -7.21 19.68
C TRP A 21 -117.77 -7.65 21.00
N ARG A 22 -118.02 -6.90 22.07
CA ARG A 22 -117.46 -7.26 23.36
C ARG A 22 -118.17 -8.48 23.93
N ASP A 23 -119.49 -8.57 23.71
CA ASP A 23 -120.25 -9.71 24.23
C ASP A 23 -120.46 -10.80 23.17
N THR A 24 -120.42 -12.05 23.64
CA THR A 24 -120.55 -13.22 22.77
C THR A 24 -121.79 -13.28 21.89
N GLU A 25 -122.84 -12.55 22.24
CA GLU A 25 -124.04 -12.60 21.42
C GLU A 25 -124.01 -11.64 20.23
N SER A 26 -122.89 -11.69 19.50
CA SER A 26 -122.70 -10.86 18.33
C SER A 26 -123.83 -11.07 17.31
N SER A 27 -124.23 -12.32 17.12
CA SER A 27 -125.28 -12.66 16.18
C SER A 27 -126.52 -11.80 16.41
N LYS A 28 -127.04 -11.85 17.63
CA LYS A 28 -128.23 -11.08 17.97
C LYS A 28 -128.05 -9.61 17.58
N ILE A 29 -126.86 -9.08 17.83
CA ILE A 29 -126.58 -7.69 17.49
C ILE A 29 -126.47 -7.51 15.99
N LYS A 30 -125.42 -8.07 15.39
CA LYS A 30 -125.21 -7.96 13.95
C LYS A 30 -126.53 -8.05 13.20
N ILE A 31 -127.32 -9.08 13.53
CA ILE A 31 -128.62 -9.26 12.88
C ILE A 31 -129.51 -8.05 13.11
N GLY A 32 -129.90 -7.84 14.35
CA GLY A 32 -130.76 -6.71 14.68
C GLY A 32 -130.30 -5.43 14.01
N PHE A 33 -129.01 -5.14 14.14
CA PHE A 33 -128.45 -3.93 13.55
C PHE A 33 -128.54 -3.96 12.02
N GLY A 34 -128.01 -5.02 11.41
CA GLY A 34 -128.05 -5.12 9.97
C GLY A 34 -129.48 -5.14 9.48
N ARG A 35 -130.36 -5.78 10.24
CA ARG A 35 -131.76 -5.86 9.89
C ARG A 35 -132.28 -4.45 9.78
N LEU A 36 -132.15 -3.70 10.86
CA LEU A 36 -132.60 -2.31 10.89
C LEU A 36 -132.01 -1.51 9.76
N LEU A 37 -130.70 -1.60 9.57
CA LEU A 37 -130.03 -0.85 8.49
C LEU A 37 -130.65 -1.07 7.12
N LEU A 38 -130.91 -2.32 6.77
CA LEU A 38 -131.52 -2.60 5.48
C LEU A 38 -132.97 -2.12 5.46
N THR A 39 -133.71 -2.38 6.53
CA THR A 39 -135.11 -1.94 6.63
C THR A 39 -135.19 -0.46 6.34
N LYS A 40 -134.49 0.33 7.15
CA LYS A 40 -134.47 1.79 7.00
C LYS A 40 -134.03 2.20 5.60
N LEU A 41 -133.46 1.28 4.85
CA LEU A 41 -133.07 1.61 3.49
C LEU A 41 -134.30 1.46 2.64
N ALA A 42 -134.96 0.31 2.74
CA ALA A 42 -136.18 0.03 1.97
C ALA A 42 -137.25 1.07 2.29
N LYS A 43 -137.16 1.64 3.48
CA LYS A 43 -138.10 2.66 3.92
C LYS A 43 -137.96 3.90 3.06
N ASP A 44 -136.73 4.39 2.91
CA ASP A 44 -136.46 5.58 2.11
C ASP A 44 -136.42 5.34 0.60
N ILE A 45 -136.19 4.10 0.19
CA ILE A 45 -136.15 3.75 -1.23
C ILE A 45 -136.70 2.35 -1.40
N PRO A 46 -137.98 2.24 -1.74
CA PRO A 46 -138.71 0.98 -1.93
C PRO A 46 -138.26 0.07 -3.06
N GLU A 47 -137.79 0.65 -4.16
CA GLU A 47 -137.37 -0.18 -5.28
C GLU A 47 -136.34 -1.18 -4.79
N VAL A 48 -135.97 -1.04 -3.52
CA VAL A 48 -135.02 -1.93 -2.88
C VAL A 48 -135.72 -3.20 -2.45
N ASN A 49 -136.89 -3.05 -1.89
CA ASN A 49 -137.66 -4.20 -1.43
C ASN A 49 -137.68 -5.34 -2.45
N ASP A 50 -137.68 -4.99 -3.73
CA ASP A 50 -137.71 -6.00 -4.78
C ASP A 50 -136.37 -6.69 -4.96
N LEU A 51 -135.29 -6.00 -4.62
CA LEU A 51 -133.95 -6.54 -4.75
C LEU A 51 -133.70 -7.59 -3.67
N PHE A 52 -134.11 -7.25 -2.46
CA PHE A 52 -133.95 -8.13 -1.32
C PHE A 52 -135.11 -9.11 -1.22
N LYS A 53 -135.92 -9.17 -2.25
CA LYS A 53 -137.06 -10.06 -2.31
C LYS A 53 -136.55 -11.49 -2.20
N ARG A 54 -135.49 -11.76 -2.94
CA ARG A 54 -134.84 -13.06 -2.99
C ARG A 54 -134.51 -13.62 -1.61
N VAL A 55 -134.23 -12.73 -0.65
CA VAL A 55 -133.87 -13.16 0.70
C VAL A 55 -135.00 -12.94 1.69
N ASP A 56 -136.23 -12.93 1.17
CA ASP A 56 -137.42 -12.76 2.03
C ASP A 56 -137.30 -11.58 2.98
N ILE A 57 -137.01 -10.41 2.44
CA ILE A 57 -136.90 -9.20 3.25
C ILE A 57 -138.27 -8.88 3.82
N GLU A 58 -139.29 -9.45 3.20
CA GLU A 58 -140.64 -9.24 3.63
C GLU A 58 -140.76 -9.67 5.11
N HIS A 59 -140.03 -10.71 5.49
CA HIS A 59 -140.05 -11.19 6.87
C HIS A 59 -138.73 -10.82 7.54
N ALA A 60 -138.67 -9.60 8.06
CA ALA A 60 -137.48 -9.12 8.71
C ALA A 60 -136.85 -10.11 9.68
N GLU A 61 -137.68 -10.72 10.51
CA GLU A 61 -137.22 -11.68 11.53
C GLU A 61 -137.06 -13.08 10.95
N GLY A 62 -137.49 -13.24 9.70
CA GLY A 62 -137.41 -14.53 9.04
C GLY A 62 -135.98 -14.97 8.86
N PRO A 63 -135.63 -16.18 9.27
CA PRO A 63 -134.26 -16.65 9.11
C PRO A 63 -133.67 -16.31 7.75
N LYS A 64 -134.44 -16.50 6.70
CA LYS A 64 -133.98 -16.20 5.35
C LYS A 64 -133.27 -14.86 5.31
N PHE A 65 -133.91 -13.84 5.87
CA PHE A 65 -133.36 -12.50 5.90
C PHE A 65 -132.32 -12.34 7.02
N SER A 66 -132.61 -12.87 8.20
CA SER A 66 -131.66 -12.77 9.30
C SER A 66 -130.28 -13.24 8.84
N ALA A 67 -130.24 -14.33 8.09
CA ALA A 67 -128.98 -14.84 7.62
C ALA A 67 -128.35 -13.73 6.82
N HIS A 68 -129.10 -13.24 5.83
CA HIS A 68 -128.62 -12.18 4.97
C HIS A 68 -128.08 -11.01 5.79
N ALA A 69 -128.88 -10.56 6.74
CA ALA A 69 -128.50 -9.46 7.61
C ALA A 69 -127.07 -9.69 8.05
N LEU A 70 -126.74 -10.91 8.42
CA LEU A 70 -125.39 -11.22 8.85
C LEU A 70 -124.44 -11.05 7.70
N ARG A 71 -124.61 -11.85 6.66
CA ARG A 71 -123.73 -11.78 5.50
C ARG A 71 -123.31 -10.37 5.17
N ILE A 72 -124.26 -9.46 5.01
CA ILE A 72 -123.92 -8.08 4.69
C ILE A 72 -123.16 -7.40 5.82
N LEU A 73 -123.82 -7.28 6.96
CA LEU A 73 -123.23 -6.67 8.13
C LEU A 73 -121.83 -7.27 8.34
N ASN A 74 -121.72 -8.58 8.16
CA ASN A 74 -120.44 -9.26 8.35
C ASN A 74 -119.42 -8.88 7.27
N GLY A 75 -119.93 -8.50 6.10
CA GLY A 75 -119.06 -8.11 5.02
C GLY A 75 -118.46 -6.79 5.38
N LEU A 76 -119.30 -5.91 5.92
CA LEU A 76 -118.83 -4.60 6.36
C LEU A 76 -117.70 -4.83 7.37
N ASP A 77 -117.85 -5.85 8.20
CA ASP A 77 -116.82 -6.19 9.20
C ASP A 77 -115.54 -6.43 8.43
N LEU A 78 -115.57 -7.42 7.53
CA LEU A 78 -114.41 -7.74 6.73
C LEU A 78 -113.75 -6.48 6.20
N ALA A 79 -114.53 -5.61 5.58
CA ALA A 79 -114.00 -4.37 5.04
C ALA A 79 -113.22 -3.63 6.09
N ILE A 80 -113.88 -3.32 7.20
CA ILE A 80 -113.25 -2.60 8.29
C ILE A 80 -111.99 -3.32 8.78
N ASN A 81 -112.08 -4.62 9.04
CA ASN A 81 -110.93 -5.36 9.53
C ASN A 81 -109.76 -5.50 8.58
N LEU A 82 -109.94 -5.07 7.33
CA LEU A 82 -108.86 -5.15 6.37
C LEU A 82 -108.39 -3.77 6.05
N LEU A 83 -108.91 -2.77 6.77
CA LEU A 83 -108.52 -1.39 6.53
C LEU A 83 -107.01 -1.18 6.65
N ASP A 84 -106.35 -2.03 7.44
CA ASP A 84 -104.93 -1.90 7.61
C ASP A 84 -104.18 -2.89 6.73
N ASP A 85 -104.38 -2.78 5.41
CA ASP A 85 -103.74 -3.64 4.40
C ASP A 85 -104.45 -3.32 3.09
N PRO A 86 -104.29 -2.08 2.61
CA PRO A 86 -104.90 -1.61 1.37
C PRO A 86 -105.04 -2.61 0.22
N PRO A 87 -103.94 -3.31 -0.15
CA PRO A 87 -104.03 -4.27 -1.26
C PRO A 87 -105.06 -5.35 -1.01
N ALA A 88 -105.06 -5.89 0.20
CA ALA A 88 -106.02 -6.94 0.58
C ALA A 88 -107.43 -6.35 0.61
N LEU A 89 -107.61 -5.28 1.36
CA LEU A 89 -108.88 -4.62 1.43
C LEU A 89 -109.38 -4.35 0.03
N ASP A 90 -108.51 -3.82 -0.82
CA ASP A 90 -108.87 -3.53 -2.20
C ASP A 90 -109.49 -4.77 -2.78
N ALA A 91 -108.69 -5.81 -2.91
CA ALA A 91 -109.17 -7.08 -3.46
C ALA A 91 -110.49 -7.51 -2.84
N ALA A 92 -110.53 -7.53 -1.52
CA ALA A 92 -111.73 -7.91 -0.77
C ALA A 92 -112.99 -7.15 -1.21
N LEU A 93 -112.83 -5.86 -1.45
CA LEU A 93 -113.93 -5.00 -1.87
C LEU A 93 -114.26 -5.21 -3.35
N ASP A 94 -113.23 -5.27 -4.19
CA ASP A 94 -113.45 -5.48 -5.62
C ASP A 94 -114.36 -6.68 -5.76
N HIS A 95 -114.06 -7.72 -5.00
CA HIS A 95 -114.86 -8.94 -5.03
C HIS A 95 -116.31 -8.59 -4.70
N LEU A 96 -116.52 -7.75 -3.70
CA LEU A 96 -117.87 -7.34 -3.32
C LEU A 96 -118.53 -6.57 -4.45
N ALA A 97 -117.73 -5.87 -5.23
CA ALA A 97 -118.28 -5.12 -6.34
C ALA A 97 -118.94 -6.12 -7.29
N HIS A 98 -118.18 -7.12 -7.71
CA HIS A 98 -118.67 -8.14 -8.62
C HIS A 98 -119.91 -8.83 -8.09
N GLN A 99 -119.98 -9.07 -6.79
CA GLN A 99 -121.14 -9.74 -6.22
C GLN A 99 -122.38 -8.87 -6.31
N HIS A 100 -122.17 -7.58 -6.55
CA HIS A 100 -123.27 -6.63 -6.67
C HIS A 100 -123.52 -6.25 -8.12
N GLU A 101 -122.51 -6.40 -8.96
CA GLU A 101 -122.64 -6.06 -10.36
C GLU A 101 -123.71 -6.92 -11.04
N VAL A 102 -123.65 -8.22 -10.80
CA VAL A 102 -124.59 -9.16 -11.39
C VAL A 102 -125.97 -9.15 -10.76
N ARG A 103 -126.21 -8.20 -9.87
CA ARG A 103 -127.51 -8.10 -9.22
C ARG A 103 -128.18 -6.85 -9.77
N GLU A 104 -128.83 -6.98 -10.92
CA GLU A 104 -129.47 -5.83 -11.54
C GLU A 104 -130.54 -5.23 -10.65
N GLY A 105 -130.65 -3.91 -10.72
CA GLY A 105 -131.63 -3.19 -9.92
C GLY A 105 -130.90 -2.34 -8.91
N VAL A 106 -129.72 -2.81 -8.52
CA VAL A 106 -128.90 -2.12 -7.56
C VAL A 106 -128.16 -1.00 -8.22
N GLN A 107 -128.51 0.24 -7.88
CA GLN A 107 -127.86 1.42 -8.45
C GLN A 107 -127.07 2.21 -7.40
N LYS A 108 -126.13 3.03 -7.87
CA LYS A 108 -125.29 3.81 -6.97
C LYS A 108 -126.06 4.57 -5.92
N ALA A 109 -127.06 5.34 -6.33
CA ALA A 109 -127.86 6.13 -5.39
C ALA A 109 -128.26 5.34 -4.14
N HIS A 110 -128.33 4.02 -4.26
CA HIS A 110 -128.68 3.16 -3.15
C HIS A 110 -127.62 3.22 -2.07
N PHE A 111 -126.36 3.04 -2.48
CA PHE A 111 -125.25 3.08 -1.55
C PHE A 111 -125.13 4.45 -0.93
N LYS A 112 -125.19 5.50 -1.73
CA LYS A 112 -125.11 6.85 -1.18
C LYS A 112 -126.06 6.95 0.01
N LYS A 113 -127.29 6.47 -0.18
CA LYS A 113 -128.30 6.51 0.89
C LYS A 113 -127.91 5.62 2.05
N PHE A 114 -127.58 4.37 1.76
CA PHE A 114 -127.20 3.43 2.79
C PHE A 114 -126.09 4.05 3.64
N GLY A 115 -125.22 4.80 2.99
CA GLY A 115 -124.12 5.43 3.70
C GLY A 115 -124.66 6.41 4.72
N GLU A 116 -125.53 7.29 4.25
CA GLU A 116 -126.12 8.29 5.12
C GLU A 116 -126.82 7.62 6.30
N ILE A 117 -127.48 6.49 6.03
CA ILE A 117 -128.21 5.76 7.06
C ILE A 117 -127.26 5.17 8.07
N LEU A 118 -126.20 4.56 7.56
CA LEU A 118 -125.18 3.91 8.37
C LEU A 118 -124.52 4.93 9.28
N ALA A 119 -124.32 6.13 8.74
CA ALA A 119 -123.68 7.18 9.49
C ALA A 119 -124.56 7.75 10.59
N THR A 120 -125.87 7.58 10.44
CA THR A 120 -126.80 8.09 11.44
C THR A 120 -127.07 7.01 12.45
N GLY A 121 -126.81 5.77 12.05
CA GLY A 121 -127.06 4.64 12.93
C GLY A 121 -125.94 4.31 13.90
N LEU A 122 -124.73 4.15 13.38
CA LEU A 122 -123.58 3.82 14.22
C LEU A 122 -123.54 4.59 15.52
N PRO A 123 -123.53 5.93 15.45
CA PRO A 123 -123.50 6.75 16.67
C PRO A 123 -124.63 6.51 17.67
N GLN A 124 -125.56 5.64 17.31
CA GLN A 124 -126.66 5.33 18.20
C GLN A 124 -126.36 4.12 19.05
N VAL A 125 -125.41 3.31 18.61
CA VAL A 125 -125.03 2.12 19.34
C VAL A 125 -123.65 2.24 19.94
N LEU A 126 -122.86 3.16 19.39
CA LEU A 126 -121.50 3.37 19.88
C LEU A 126 -121.46 4.69 20.63
N ASP A 127 -121.09 4.66 21.91
CA ASP A 127 -121.01 5.89 22.68
C ASP A 127 -119.85 6.75 22.20
N ASP A 128 -118.77 6.09 21.77
CA ASP A 128 -117.61 6.81 21.27
C ASP A 128 -117.58 6.67 19.75
N TYR A 129 -117.92 7.75 19.06
CA TYR A 129 -117.99 7.78 17.61
C TYR A 129 -117.30 9.03 17.08
N ASP A 130 -116.46 8.85 16.06
CA ASP A 130 -115.77 9.97 15.46
C ASP A 130 -116.26 10.13 14.05
N ALA A 131 -117.37 10.83 13.90
CA ALA A 131 -117.99 11.04 12.59
C ALA A 131 -117.00 11.29 11.44
N LEU A 132 -116.04 12.19 11.66
CA LEU A 132 -115.07 12.50 10.62
C LEU A 132 -114.31 11.30 10.14
N ALA A 133 -113.73 10.54 11.07
CA ALA A 133 -112.97 9.35 10.70
C ALA A 133 -113.85 8.37 9.95
N TRP A 134 -114.97 8.01 10.55
CA TRP A 134 -115.88 7.08 9.91
C TRP A 134 -116.31 7.47 8.51
N LYS A 135 -116.89 8.66 8.37
CA LYS A 135 -117.35 9.11 7.06
C LYS A 135 -116.24 8.92 6.05
N SER A 136 -115.02 9.31 6.42
CA SER A 136 -113.87 9.18 5.54
C SER A 136 -113.70 7.75 5.05
N CYS A 137 -113.69 6.80 5.97
CA CYS A 137 -113.54 5.40 5.63
C CYS A 137 -114.76 4.75 4.98
N LEU A 138 -115.93 4.96 5.54
CA LEU A 138 -117.11 4.37 4.96
C LEU A 138 -117.23 4.77 3.49
N LYS A 139 -116.87 6.02 3.19
CA LYS A 139 -116.95 6.51 1.81
C LYS A 139 -116.10 5.62 0.92
N GLY A 140 -114.80 5.56 1.23
CA GLY A 140 -113.89 4.72 0.45
C GLY A 140 -114.44 3.32 0.22
N ILE A 141 -115.03 2.74 1.25
CA ILE A 141 -115.57 1.39 1.15
C ILE A 141 -116.76 1.33 0.26
N LEU A 142 -117.84 2.02 0.64
CA LEU A 142 -119.06 2.03 -0.14
C LEU A 142 -118.78 2.31 -1.62
N THR A 143 -117.91 3.28 -1.90
CA THR A 143 -117.60 3.62 -3.29
C THR A 143 -117.01 2.42 -4.04
N LYS A 144 -115.91 1.89 -3.53
CA LYS A 144 -115.24 0.76 -4.18
C LYS A 144 -116.16 -0.44 -4.36
N ILE A 145 -117.15 -0.58 -3.49
CA ILE A 145 -118.09 -1.71 -3.60
C ILE A 145 -119.09 -1.55 -4.75
N SER A 146 -119.51 -0.31 -4.98
CA SER A 146 -120.49 -0.03 -6.02
C SER A 146 -119.88 0.43 -7.34
N SER A 147 -118.56 0.66 -7.32
CA SER A 147 -117.93 1.53 -8.27
C SER A 147 -118.02 0.83 -9.57
N ARG A 148 -117.97 -0.50 -9.45
CA ARG A 148 -118.47 -1.24 -10.55
C ARG A 148 -119.93 -1.41 -10.41
N LEU A 149 -120.62 -1.09 -11.52
CA LEU A 149 -122.02 -1.06 -11.67
C LEU A 149 -122.30 -2.37 -12.39
N GLU B 1 -143.51 2.55 23.97
CA GLU B 1 -142.39 2.00 24.78
C GLU B 1 -141.14 2.62 24.28
N CYS B 2 -140.01 1.92 24.43
CA CYS B 2 -138.75 2.55 24.15
C CYS B 2 -138.25 2.02 22.84
N LEU B 3 -137.13 2.60 22.35
CA LEU B 3 -136.58 2.21 21.09
C LEU B 3 -135.56 1.15 21.34
N VAL B 4 -135.41 0.24 20.37
CA VAL B 4 -134.64 -0.95 20.57
C VAL B 4 -133.21 -0.59 20.81
N THR B 5 -132.72 0.48 20.16
CA THR B 5 -131.39 1.04 20.45
C THR B 5 -131.38 1.75 21.80
N GLU B 6 -132.37 2.61 22.03
CA GLU B 6 -132.47 3.35 23.26
C GLU B 6 -132.38 2.42 24.48
N SER B 7 -132.55 1.13 24.26
CA SER B 7 -132.47 0.15 25.35
C SER B 7 -131.04 -0.31 25.45
N LEU B 8 -130.56 -0.95 24.38
CA LEU B 8 -129.21 -1.47 24.31
C LEU B 8 -128.23 -0.44 24.88
N LYS B 9 -128.49 0.83 24.59
CA LYS B 9 -127.66 1.92 25.09
C LYS B 9 -127.66 1.91 26.62
N VAL B 10 -128.84 1.80 27.21
CA VAL B 10 -128.95 1.76 28.66
C VAL B 10 -128.39 0.46 29.18
N LYS B 11 -128.78 -0.66 28.57
CA LYS B 11 -128.31 -1.97 29.00
C LYS B 11 -126.79 -1.92 29.09
N LEU B 12 -126.17 -1.28 28.09
CA LEU B 12 -124.72 -1.17 28.02
C LEU B 12 -124.16 -0.24 29.07
N GLN B 13 -124.65 1.00 29.10
CA GLN B 13 -124.16 1.97 30.08
C GLN B 13 -124.38 1.51 31.51
N TRP B 14 -125.48 0.82 31.76
CA TRP B 14 -125.75 0.33 33.09
C TRP B 14 -124.57 -0.53 33.51
N ALA B 15 -124.10 -1.35 32.59
CA ALA B 15 -122.98 -2.22 32.86
C ALA B 15 -121.80 -1.46 33.45
N SER B 16 -121.27 -0.51 32.69
CA SER B 16 -120.11 0.28 33.11
C SER B 16 -120.34 1.02 34.41
N ALA B 17 -121.50 1.66 34.53
CA ALA B 17 -121.84 2.42 35.72
C ALA B 17 -121.99 1.59 36.99
N PHE B 18 -122.92 0.64 36.95
CA PHE B 18 -123.19 -0.22 38.09
C PHE B 18 -121.90 -0.87 38.54
N GLY B 19 -121.32 -1.70 37.68
CA GLY B 19 -120.07 -2.34 38.02
C GLY B 19 -120.20 -3.72 38.58
N HIS B 20 -119.20 -4.12 39.38
CA HIS B 20 -119.19 -5.44 40.01
C HIS B 20 -118.73 -5.39 41.46
N ALA B 21 -119.17 -6.36 42.24
CA ALA B 21 -118.81 -6.48 43.65
C ALA B 21 -118.95 -5.18 44.43
N HIS B 22 -117.93 -4.87 45.22
CA HIS B 22 -117.95 -3.67 46.04
C HIS B 22 -118.34 -2.44 45.26
N GLU B 23 -117.79 -2.28 44.06
CA GLU B 23 -118.08 -1.12 43.22
C GLU B 23 -119.56 -0.77 43.24
N ARG B 24 -120.38 -1.79 43.43
CA ARG B 24 -121.83 -1.65 43.47
C ARG B 24 -122.32 -1.07 44.79
N VAL B 25 -121.98 -1.74 45.87
CA VAL B 25 -122.41 -1.26 47.18
C VAL B 25 -122.15 0.24 47.25
N ALA B 26 -120.99 0.63 46.73
CA ALA B 26 -120.57 2.03 46.72
C ALA B 26 -121.61 2.83 45.97
N PHE B 27 -122.00 2.34 44.81
CA PHE B 27 -123.00 3.00 43.99
C PHE B 27 -124.28 3.11 44.78
N GLY B 28 -124.81 1.96 45.20
CA GLY B 28 -126.05 1.95 45.96
C GLY B 28 -126.01 2.97 47.07
N LEU B 29 -125.00 2.88 47.92
CA LEU B 29 -124.85 3.82 49.02
C LEU B 29 -124.92 5.28 48.55
N GLU B 30 -124.00 5.67 47.67
CA GLU B 30 -123.99 7.04 47.15
C GLU B 30 -125.38 7.46 46.71
N LEU B 31 -126.09 6.58 46.03
CA LEU B 31 -127.44 6.85 45.56
C LEU B 31 -128.41 7.17 46.67
N TRP B 32 -128.66 6.18 47.52
CA TRP B 32 -129.60 6.38 48.62
C TRP B 32 -129.27 7.55 49.51
N ARG B 33 -127.98 7.83 49.72
CA ARG B 33 -127.62 8.96 50.57
C ARG B 33 -128.19 10.22 49.96
N ASP B 34 -127.84 10.50 48.71
CA ASP B 34 -128.34 11.68 48.02
C ASP B 34 -129.86 11.76 48.06
N ILE B 35 -130.53 10.61 47.94
CA ILE B 35 -131.99 10.56 47.96
C ILE B 35 -132.56 10.93 49.32
N ILE B 36 -132.06 10.30 50.36
CA ILE B 36 -132.53 10.57 51.69
C ILE B 36 -132.23 11.98 52.20
N ASP B 37 -131.13 12.57 51.77
CA ASP B 37 -130.81 13.92 52.20
C ASP B 37 -131.78 14.91 51.58
N ASP B 38 -132.22 14.61 50.37
CA ASP B 38 -133.13 15.47 49.64
C ASP B 38 -134.54 15.36 50.20
N HIS B 39 -134.96 14.14 50.53
CA HIS B 39 -136.29 13.89 51.05
C HIS B 39 -136.29 12.92 52.23
N PRO B 40 -135.93 13.42 53.42
CA PRO B 40 -135.87 12.59 54.64
C PRO B 40 -137.17 11.90 54.99
N GLU B 41 -138.24 12.20 54.27
CA GLU B 41 -139.51 11.58 54.52
C GLU B 41 -139.42 10.08 54.26
N ILE B 42 -138.45 9.70 53.43
CA ILE B 42 -138.27 8.30 53.06
C ILE B 42 -137.72 7.41 54.15
N LYS B 43 -136.95 7.96 55.08
CA LYS B 43 -136.39 7.15 56.14
C LYS B 43 -137.51 6.40 56.87
N ALA B 44 -138.75 6.78 56.62
CA ALA B 44 -139.89 6.16 57.26
C ALA B 44 -140.13 4.70 56.89
N PRO B 45 -140.54 4.42 55.65
CA PRO B 45 -140.79 3.02 55.26
C PRO B 45 -139.57 2.12 55.31
N PHE B 46 -138.38 2.72 55.28
CA PHE B 46 -137.13 1.98 55.33
C PHE B 46 -136.78 1.67 56.76
N SER B 47 -137.77 1.74 57.64
CA SER B 47 -137.56 1.48 59.07
C SER B 47 -137.17 0.03 59.31
N ARG B 48 -137.70 -0.87 58.50
CA ARG B 48 -137.43 -2.29 58.66
C ARG B 48 -135.98 -2.60 58.35
N VAL B 49 -135.42 -1.89 57.38
CA VAL B 49 -134.04 -2.07 56.97
C VAL B 49 -133.15 -0.92 57.43
N ARG B 50 -133.15 -0.63 58.72
CA ARG B 50 -132.36 0.45 59.30
C ARG B 50 -132.04 1.54 58.30
N GLY B 51 -133.06 2.31 57.96
CA GLY B 51 -132.89 3.39 57.01
C GLY B 51 -132.27 4.61 57.63
N ASP B 52 -132.18 4.63 58.96
CA ASP B 52 -131.60 5.77 59.65
C ASP B 52 -130.09 5.78 59.41
N ASN B 53 -129.50 4.59 59.41
CA ASN B 53 -128.06 4.39 59.18
C ASN B 53 -127.85 3.64 57.86
N ILE B 54 -127.74 4.38 56.76
CA ILE B 54 -127.57 3.77 55.46
C ILE B 54 -126.27 3.02 55.31
N TYR B 55 -125.31 3.29 56.19
CA TYR B 55 -124.02 2.60 56.10
C TYR B 55 -124.07 1.23 56.76
N SER B 56 -125.15 0.96 57.50
CA SER B 56 -125.31 -0.30 58.20
C SER B 56 -125.41 -1.45 57.23
N PRO B 57 -125.09 -2.67 57.67
CA PRO B 57 -125.17 -3.83 56.80
C PRO B 57 -126.64 -4.12 56.49
N GLU B 58 -127.50 -3.94 57.47
CA GLU B 58 -128.94 -4.19 57.28
C GLU B 58 -129.43 -3.42 56.05
N PHE B 59 -129.16 -2.12 56.03
CA PHE B 59 -129.58 -1.27 54.91
C PHE B 59 -128.76 -1.61 53.69
N GLY B 60 -127.46 -1.79 53.88
CA GLY B 60 -126.59 -2.14 52.77
C GLY B 60 -127.19 -3.28 51.97
N ALA B 61 -127.62 -4.31 52.69
CA ALA B 61 -128.23 -5.49 52.07
C ALA B 61 -129.34 -4.97 51.21
N HIS B 62 -130.30 -4.32 51.84
CA HIS B 62 -131.44 -3.74 51.13
C HIS B 62 -130.99 -3.04 49.87
N SER B 63 -130.17 -2.02 50.06
CA SER B 63 -129.63 -1.23 48.96
C SER B 63 -129.32 -2.09 47.77
N GLN B 64 -128.55 -3.14 48.01
CA GLN B 64 -128.17 -4.09 46.96
C GLN B 64 -129.38 -4.78 46.32
N ARG B 65 -130.25 -5.36 47.15
CA ARG B 65 -131.43 -6.05 46.66
C ARG B 65 -132.16 -5.17 45.67
N VAL B 66 -132.26 -3.88 46.00
CA VAL B 66 -132.92 -2.90 45.15
C VAL B 66 -132.22 -2.81 43.80
N LEU B 67 -131.02 -2.30 43.81
CA LEU B 67 -130.27 -2.16 42.59
C LEU B 67 -130.40 -3.43 41.76
N SER B 68 -130.31 -4.60 42.40
CA SER B 68 -130.40 -5.86 41.68
C SER B 68 -131.65 -5.91 40.86
N GLY B 69 -132.79 -5.66 41.52
CA GLY B 69 -134.06 -5.66 40.81
C GLY B 69 -134.02 -4.71 39.63
N LEU B 70 -133.43 -3.55 39.85
CA LEU B 70 -133.30 -2.55 38.81
C LEU B 70 -132.50 -3.18 37.68
N ASP B 71 -131.49 -3.97 38.03
CA ASP B 71 -130.68 -4.63 37.01
C ASP B 71 -131.59 -5.51 36.19
N ILE B 72 -132.37 -6.34 36.86
CA ILE B 72 -133.31 -7.24 36.16
C ILE B 72 -134.17 -6.48 35.19
N THR B 73 -134.97 -5.56 35.70
CA THR B 73 -135.82 -4.76 34.85
C THR B 73 -135.05 -4.28 33.63
N ILE B 74 -133.93 -3.59 33.83
CA ILE B 74 -133.12 -3.11 32.72
C ILE B 74 -132.70 -4.21 31.75
N SER B 75 -132.23 -5.36 32.25
CA SER B 75 -131.76 -6.31 31.27
C SER B 75 -132.97 -6.99 30.71
N MET B 76 -134.11 -6.81 31.38
CA MET B 76 -135.42 -7.27 31.01
C MET B 76 -135.89 -6.53 29.79
N LEU B 77 -135.55 -5.23 29.68
CA LEU B 77 -136.16 -4.28 28.79
C LEU B 77 -136.00 -4.77 27.37
N ASP B 78 -134.79 -5.20 27.03
CA ASP B 78 -134.32 -5.41 25.70
C ASP B 78 -135.26 -6.33 24.97
N THR B 79 -135.76 -7.39 25.65
CA THR B 79 -136.68 -8.28 25.02
C THR B 79 -138.01 -8.05 25.66
N PRO B 80 -138.90 -7.57 24.87
CA PRO B 80 -140.22 -7.10 25.31
C PRO B 80 -141.08 -8.09 26.10
N ASP B 81 -141.15 -9.34 25.63
CA ASP B 81 -141.96 -10.35 26.29
C ASP B 81 -141.55 -10.57 27.74
N MET B 82 -140.26 -10.50 28.03
CA MET B 82 -139.76 -10.69 29.38
C MET B 82 -139.99 -9.44 30.21
N LEU B 83 -139.76 -8.29 29.61
CA LEU B 83 -139.94 -7.03 30.32
C LEU B 83 -141.39 -6.85 30.73
N ALA B 84 -142.28 -6.93 29.74
CA ALA B 84 -143.71 -6.78 29.99
C ALA B 84 -144.13 -7.65 31.16
N ALA B 85 -143.57 -8.87 31.21
CA ALA B 85 -143.88 -9.81 32.28
C ALA B 85 -143.26 -9.38 33.59
N GLN B 86 -141.97 -9.10 33.56
CA GLN B 86 -141.22 -8.67 34.74
C GLN B 86 -141.86 -7.43 35.33
N LEU B 87 -142.17 -6.45 34.48
CA LEU B 87 -142.77 -5.23 34.96
C LEU B 87 -144.07 -5.54 35.67
N ALA B 88 -144.93 -6.31 35.03
CA ALA B 88 -146.21 -6.67 35.62
C ALA B 88 -145.98 -7.30 36.99
N HIS B 89 -144.96 -8.15 37.07
CA HIS B 89 -144.62 -8.81 38.33
C HIS B 89 -144.25 -7.80 39.40
N LEU B 90 -143.52 -6.76 39.03
CA LEU B 90 -143.10 -5.76 39.98
C LEU B 90 -144.27 -4.92 40.43
N LYS B 91 -145.17 -4.60 39.51
CA LYS B 91 -146.32 -3.77 39.84
C LYS B 91 -147.10 -4.38 41.00
N VAL B 92 -147.24 -5.69 40.97
CA VAL B 92 -147.97 -6.39 42.02
C VAL B 92 -147.31 -6.22 43.39
N GLN B 93 -146.00 -6.43 43.45
CA GLN B 93 -145.27 -6.32 44.72
C GLN B 93 -145.37 -4.91 45.30
N HIS B 94 -145.91 -3.98 44.51
CA HIS B 94 -146.04 -2.59 44.95
C HIS B 94 -147.47 -2.13 45.21
N VAL B 95 -148.35 -2.31 44.23
CA VAL B 95 -149.74 -1.91 44.36
C VAL B 95 -150.34 -2.16 45.76
N GLU B 96 -150.04 -3.35 46.31
CA GLU B 96 -150.66 -3.81 47.51
C GLU B 96 -150.35 -2.79 48.53
N ARG B 97 -149.04 -2.55 48.70
CA ARG B 97 -148.64 -1.57 49.65
C ARG B 97 -148.95 -0.27 49.05
N ASN B 98 -149.01 0.72 49.93
CA ASN B 98 -149.31 2.05 49.54
C ASN B 98 -148.04 2.75 49.52
N LEU B 99 -147.89 3.60 48.51
CA LEU B 99 -146.69 4.33 48.50
C LEU B 99 -147.07 5.71 48.08
N LYS B 100 -146.10 6.64 48.03
CA LYS B 100 -146.38 7.87 47.36
C LYS B 100 -145.67 7.82 46.07
N PRO B 101 -146.45 8.05 45.06
CA PRO B 101 -146.04 7.92 43.70
C PRO B 101 -144.86 8.80 43.43
N GLU B 102 -144.78 9.97 44.08
CA GLU B 102 -143.73 10.94 43.77
C GLU B 102 -142.35 10.45 44.21
N PHE B 103 -142.32 9.52 45.15
CA PHE B 103 -141.06 8.97 45.65
C PHE B 103 -140.24 8.42 44.51
N PHE B 104 -140.91 7.68 43.63
CA PHE B 104 -140.24 7.09 42.49
C PHE B 104 -139.73 8.16 41.54
N ASP B 105 -140.52 9.21 41.35
CA ASP B 105 -140.09 10.30 40.49
C ASP B 105 -138.80 10.88 41.05
N ILE B 106 -138.65 10.77 42.37
CA ILE B 106 -137.47 11.25 43.07
C ILE B 106 -136.33 10.27 42.81
N PHE B 107 -136.58 9.00 43.13
CA PHE B 107 -135.60 7.96 42.93
C PHE B 107 -134.98 8.13 41.55
N LEU B 108 -135.82 8.23 40.53
CA LEU B 108 -135.36 8.38 39.17
C LEU B 108 -134.47 9.60 39.03
N LYS B 109 -134.92 10.73 39.56
CA LYS B 109 -134.14 11.95 39.48
C LYS B 109 -132.68 11.69 39.86
N HIS B 110 -132.49 11.07 41.02
CA HIS B 110 -131.14 10.76 41.50
C HIS B 110 -130.41 9.67 40.72
N LEU B 111 -131.08 8.56 40.46
CA LEU B 111 -130.46 7.49 39.71
C LEU B 111 -129.78 8.07 38.48
N LEU B 112 -130.42 9.07 37.86
CA LEU B 112 -129.87 9.71 36.67
C LEU B 112 -128.72 10.63 37.05
N HIS B 113 -128.91 11.37 38.13
CA HIS B 113 -127.88 12.27 38.61
C HIS B 113 -126.61 11.47 38.85
N VAL B 114 -126.72 10.35 39.57
CA VAL B 114 -125.59 9.50 39.86
C VAL B 114 -124.95 8.93 38.60
N LEU B 115 -125.74 8.27 37.77
CA LEU B 115 -125.20 7.70 36.53
C LEU B 115 -124.49 8.81 35.77
N GLY B 116 -125.01 10.02 35.91
CA GLY B 116 -124.42 11.17 35.24
C GLY B 116 -122.96 11.29 35.64
N ASP B 117 -122.71 11.23 36.94
CA ASP B 117 -121.35 11.32 37.45
C ASP B 117 -120.53 10.15 36.94
N ARG B 118 -121.00 8.94 37.22
CA ARG B 118 -120.32 7.74 36.80
C ARG B 118 -119.96 7.68 35.32
N LEU B 119 -120.93 7.92 34.45
CA LEU B 119 -120.71 7.85 33.02
C LEU B 119 -120.09 9.08 32.37
N GLY B 120 -120.31 10.25 32.97
CA GLY B 120 -119.74 11.45 32.40
C GLY B 120 -120.63 12.12 31.36
N THR B 121 -120.02 12.66 30.32
CA THR B 121 -120.77 13.34 29.28
C THR B 121 -121.37 12.39 28.26
N HIS B 122 -120.85 11.17 28.22
CA HIS B 122 -121.32 10.16 27.28
C HIS B 122 -122.73 9.72 27.66
N PHE B 123 -123.03 9.84 28.96
CA PHE B 123 -124.31 9.43 29.50
C PHE B 123 -125.46 9.84 28.63
N ASP B 124 -126.16 8.86 28.06
CA ASP B 124 -127.30 9.18 27.19
C ASP B 124 -128.56 9.42 28.00
N PHE B 125 -128.65 10.62 28.56
CA PHE B 125 -129.78 11.03 29.36
C PHE B 125 -131.08 10.65 28.68
N GLY B 126 -131.23 11.12 27.45
CA GLY B 126 -132.44 10.82 26.71
C GLY B 126 -132.84 9.37 26.85
N ALA B 127 -131.97 8.47 26.38
CA ALA B 127 -132.24 7.04 26.43
C ALA B 127 -132.69 6.57 27.80
N TRP B 128 -131.95 6.96 28.83
CA TRP B 128 -132.31 6.53 30.18
C TRP B 128 -133.67 7.05 30.59
N HIS B 129 -133.86 8.36 30.53
CA HIS B 129 -135.12 8.97 30.94
C HIS B 129 -136.28 8.23 30.28
N ASP B 130 -136.23 8.14 28.96
CA ASP B 130 -137.27 7.45 28.21
C ASP B 130 -137.41 6.01 28.68
N CYS B 131 -136.28 5.38 28.95
CA CYS B 131 -136.30 3.98 29.35
C CYS B 131 -136.53 3.59 30.82
N VAL B 132 -135.84 4.23 31.74
CA VAL B 132 -136.03 3.89 33.14
C VAL B 132 -137.42 4.33 33.57
N ASP B 133 -137.89 5.42 32.96
CA ASP B 133 -139.20 5.95 33.29
C ASP B 133 -140.18 4.81 33.17
N GLN B 134 -140.21 4.19 31.97
CA GLN B 134 -141.08 3.04 31.64
C GLN B 134 -141.01 1.89 32.73
N ILE B 135 -139.90 1.82 33.43
CA ILE B 135 -139.77 0.84 34.49
C ILE B 135 -140.41 1.34 35.78
N ILE B 136 -140.34 2.64 36.03
CA ILE B 136 -140.93 3.17 37.23
C ILE B 136 -142.46 3.14 37.21
N ASP B 137 -143.06 3.69 36.15
CA ASP B 137 -144.51 3.70 36.07
C ASP B 137 -145.10 2.31 36.29
N GLY B 138 -144.41 1.29 35.77
CA GLY B 138 -144.93 -0.03 35.79
C GLY B 138 -145.08 -0.43 37.22
N ILE B 139 -144.07 -0.10 38.06
CA ILE B 139 -144.09 -0.56 39.43
C ILE B 139 -145.15 0.14 40.21
N LYS B 140 -145.23 1.47 39.96
CA LYS B 140 -146.16 2.31 40.67
C LYS B 140 -147.55 1.85 40.21
N ASP C 1 -83.88 35.59 64.86
CA ASP C 1 -83.50 35.79 63.45
C ASP C 1 -84.58 35.17 62.68
N CYS C 2 -84.28 34.65 61.49
CA CYS C 2 -85.45 33.98 61.09
C CYS C 2 -85.25 32.52 61.13
N CYS C 3 -86.39 31.92 60.80
CA CYS C 3 -86.62 30.54 60.82
C CYS C 3 -86.36 30.13 59.43
N SER C 4 -85.58 29.05 59.30
CA SER C 4 -85.31 28.36 58.08
C SER C 4 -86.44 27.39 57.92
N TYR C 5 -86.68 27.01 56.69
CA TYR C 5 -87.64 26.02 56.26
C TYR C 5 -87.22 24.67 56.80
N GLU C 6 -85.91 24.40 56.77
CA GLU C 6 -85.39 23.15 57.28
C GLU C 6 -85.79 23.02 58.73
N ASP C 7 -85.55 24.08 59.48
CA ASP C 7 -85.88 24.08 60.89
C ASP C 7 -87.36 23.77 61.10
N ARG C 8 -88.20 24.37 60.27
CA ARG C 8 -89.61 24.10 60.39
C ARG C 8 -89.81 22.60 60.24
N ARG C 9 -89.23 22.02 59.20
CA ARG C 9 -89.34 20.59 58.98
C ARG C 9 -88.86 19.82 60.21
N GLU C 10 -87.75 20.25 60.79
CA GLU C 10 -87.21 19.61 61.98
C GLU C 10 -88.28 19.54 63.08
N ILE C 11 -88.88 20.69 63.35
CA ILE C 11 -89.91 20.79 64.35
C ILE C 11 -91.15 19.98 63.96
N ARG C 12 -91.64 20.20 62.74
CA ARG C 12 -92.84 19.50 62.27
C ARG C 12 -92.70 18.01 62.54
N HIS C 13 -91.48 17.59 62.84
CA HIS C 13 -91.19 16.18 63.15
C HIS C 13 -91.02 16.02 64.64
N ILE C 14 -90.15 16.81 65.23
CA ILE C 14 -89.93 16.74 66.66
C ILE C 14 -91.28 16.70 67.38
N TRP C 15 -92.23 17.51 66.89
CA TRP C 15 -93.54 17.57 67.52
C TRP C 15 -94.25 16.23 67.42
N ASP C 16 -94.28 15.66 66.21
CA ASP C 16 -94.94 14.38 65.99
C ASP C 16 -94.49 13.29 66.97
N ASP C 17 -93.49 13.60 67.81
CA ASP C 17 -93.01 12.64 68.78
C ASP C 17 -93.60 12.91 70.16
N VAL C 18 -93.90 14.16 70.44
CA VAL C 18 -94.49 14.51 71.73
C VAL C 18 -95.99 14.43 71.62
N TRP C 19 -96.57 14.87 70.51
CA TRP C 19 -97.99 14.99 70.48
C TRP C 19 -98.64 13.62 70.49
N SER C 20 -97.94 12.61 69.95
CA SER C 20 -98.38 11.79 68.86
C SER C 20 -99.70 11.14 69.09
N SER C 21 -99.84 10.47 70.25
CA SER C 21 -100.91 9.54 70.52
C SER C 21 -102.19 10.30 70.69
N SER C 22 -103.35 9.62 70.49
CA SER C 22 -104.58 10.36 70.43
C SER C 22 -104.92 10.83 71.80
N PHE C 23 -104.46 10.05 72.74
CA PHE C 23 -104.64 10.12 74.14
C PHE C 23 -104.25 11.43 74.70
N THR C 24 -105.09 12.01 75.59
CA THR C 24 -104.56 13.03 76.48
C THR C 24 -103.33 12.62 77.31
N ASP C 25 -103.49 11.57 78.12
CA ASP C 25 -102.43 11.05 78.98
C ASP C 25 -101.02 11.57 78.73
N ARG C 26 -100.44 11.25 77.57
CA ARG C 26 -99.08 11.69 77.27
C ARG C 26 -98.90 13.21 77.25
N ARG C 27 -99.54 13.88 76.30
CA ARG C 27 -99.41 15.33 76.18
C ARG C 27 -99.58 16.01 77.52
N VAL C 28 -100.50 15.50 78.32
CA VAL C 28 -100.74 16.06 79.64
C VAL C 28 -99.47 16.03 80.48
N ALA C 29 -98.99 14.84 80.80
CA ALA C 29 -97.79 14.68 81.59
C ALA C 29 -96.67 15.59 81.10
N ILE C 30 -96.51 15.74 79.79
CA ILE C 30 -95.45 16.59 79.27
C ILE C 30 -95.70 18.06 79.57
N VAL C 31 -96.83 18.59 79.11
CA VAL C 31 -97.16 19.99 79.36
C VAL C 31 -97.09 20.27 80.84
N ARG C 32 -97.55 19.32 81.65
CA ARG C 32 -97.51 19.50 83.10
C ARG C 32 -96.04 19.64 83.47
N ALA C 33 -95.26 18.58 83.22
CA ALA C 33 -93.85 18.58 83.53
C ALA C 33 -93.19 19.89 83.12
N VAL C 34 -93.73 20.53 82.09
CA VAL C 34 -93.20 21.81 81.61
C VAL C 34 -93.54 22.89 82.62
N PHE C 35 -94.80 22.99 82.98
CA PHE C 35 -95.21 23.98 83.94
C PHE C 35 -94.55 23.80 85.29
N ASP C 36 -94.43 22.56 85.75
CA ASP C 36 -93.79 22.31 87.04
C ASP C 36 -92.41 22.94 87.06
N ASP C 37 -91.76 23.01 85.90
CA ASP C 37 -90.44 23.62 85.78
C ASP C 37 -90.55 25.13 85.73
N LEU C 38 -91.71 25.63 85.31
CA LEU C 38 -91.94 27.07 85.24
C LEU C 38 -92.17 27.57 86.64
N PHE C 39 -92.94 26.82 87.40
CA PHE C 39 -93.25 27.17 88.76
C PHE C 39 -92.08 27.00 89.72
N LYS C 40 -91.24 26.02 89.47
CA LYS C 40 -90.10 25.82 90.36
C LYS C 40 -89.11 26.96 90.19
N HIS C 41 -89.20 27.65 89.05
CA HIS C 41 -88.28 28.75 88.75
C HIS C 41 -88.90 30.14 88.89
N TYR C 42 -90.16 30.27 88.53
CA TYR C 42 -90.85 31.54 88.65
C TYR C 42 -92.14 31.24 89.42
N PRO C 43 -92.01 30.85 90.70
CA PRO C 43 -93.13 30.52 91.59
C PRO C 43 -94.28 31.52 91.61
N THR C 44 -93.96 32.77 91.33
CA THR C 44 -94.98 33.81 91.31
C THR C 44 -96.13 33.47 90.37
N SER C 45 -95.79 33.06 89.15
CA SER C 45 -96.77 32.70 88.14
C SER C 45 -97.81 31.72 88.61
N LYS C 46 -97.44 30.79 89.49
CA LYS C 46 -98.37 29.78 90.00
C LYS C 46 -99.75 30.35 90.28
N ALA C 47 -99.80 31.38 91.12
CA ALA C 47 -101.05 32.02 91.47
C ALA C 47 -101.99 32.30 90.28
N LEU C 48 -101.42 32.73 89.17
CA LEU C 48 -102.20 33.05 87.97
C LEU C 48 -103.23 32.02 87.55
N PHE C 49 -103.00 30.76 87.87
CA PHE C 49 -103.90 29.70 87.45
C PHE C 49 -104.86 29.18 88.51
N GLU C 50 -105.23 30.01 89.48
CA GLU C 50 -106.16 29.56 90.50
C GLU C 50 -107.51 29.42 89.83
N ARG C 51 -107.70 30.15 88.76
CA ARG C 51 -108.95 30.12 88.03
C ARG C 51 -109.25 28.74 87.50
N VAL C 52 -108.20 27.98 87.22
CA VAL C 52 -108.36 26.63 86.67
C VAL C 52 -108.11 25.59 87.73
N LYS C 53 -107.92 26.05 88.95
CA LYS C 53 -107.69 25.15 90.08
C LYS C 53 -106.39 24.36 90.03
N ILE C 54 -105.26 25.06 90.08
CA ILE C 54 -103.96 24.38 90.07
C ILE C 54 -103.72 23.72 91.42
N ASP C 55 -104.44 24.15 92.44
CA ASP C 55 -104.29 23.58 93.76
C ASP C 55 -104.78 22.13 93.75
N GLU C 56 -105.51 21.77 92.71
CA GLU C 56 -106.02 20.41 92.54
C GLU C 56 -105.40 19.86 91.27
N PRO C 57 -104.13 19.45 91.34
CA PRO C 57 -103.44 18.91 90.19
C PRO C 57 -104.23 17.94 89.33
N GLU C 58 -104.82 16.92 89.94
CA GLU C 58 -105.57 15.94 89.17
C GLU C 58 -107.01 16.35 88.95
N SER C 59 -107.32 17.58 89.32
CA SER C 59 -108.67 18.12 89.20
C SER C 59 -109.44 17.73 87.92
N GLY C 60 -108.87 18.05 86.78
CA GLY C 60 -109.57 17.77 85.54
C GLY C 60 -109.96 19.13 85.03
N GLU C 61 -110.33 20.01 85.94
CA GLU C 61 -110.68 21.37 85.55
C GLU C 61 -109.34 21.95 85.10
N PHE C 62 -108.28 21.45 85.73
CA PHE C 62 -106.91 21.88 85.46
C PHE C 62 -106.31 21.05 84.37
N LYS C 63 -106.50 19.72 84.44
CA LYS C 63 -105.93 18.86 83.41
C LYS C 63 -106.40 19.37 82.05
N SER C 64 -107.70 19.58 81.90
CA SER C 64 -108.25 20.08 80.64
C SER C 64 -107.47 21.30 80.24
N HIS C 65 -107.19 22.18 81.20
CA HIS C 65 -106.42 23.39 80.93
C HIS C 65 -105.11 23.01 80.24
N LEU C 66 -104.30 22.24 80.96
CA LEU C 66 -103.03 21.79 80.41
C LEU C 66 -103.18 21.41 78.94
N VAL C 67 -104.17 20.58 78.67
CA VAL C 67 -104.43 20.15 77.31
C VAL C 67 -104.62 21.34 76.39
N ARG C 68 -105.48 22.28 76.78
CA ARG C 68 -105.74 23.46 75.96
C ARG C 68 -104.44 24.16 75.64
N VAL C 69 -103.55 24.22 76.62
CA VAL C 69 -102.26 24.87 76.41
C VAL C 69 -101.52 24.05 75.40
N ALA C 70 -101.42 22.75 75.68
CA ALA C 70 -100.75 21.84 74.77
C ALA C 70 -101.30 22.08 73.37
N ASN C 71 -102.59 21.79 73.18
CA ASN C 71 -103.24 21.98 71.89
C ASN C 71 -103.00 23.34 71.28
N GLY C 72 -102.91 24.38 72.11
CA GLY C 72 -102.67 25.72 71.58
C GLY C 72 -101.28 25.81 70.95
N LEU C 73 -100.35 25.06 71.52
CA LEU C 73 -98.99 25.01 71.04
C LEU C 73 -99.02 24.19 69.77
N LYS C 74 -99.68 23.04 69.84
CA LYS C 74 -99.85 22.15 68.70
C LYS C 74 -100.33 22.97 67.50
N LEU C 75 -101.41 23.71 67.71
CA LEU C 75 -102.00 24.54 66.69
C LEU C 75 -100.95 25.47 66.08
N LEU C 76 -100.08 26.02 66.92
CA LEU C 76 -99.05 26.91 66.42
C LEU C 76 -98.13 26.19 65.45
N ILE C 77 -97.44 25.19 65.97
CA ILE C 77 -96.52 24.38 65.19
C ILE C 77 -97.18 23.92 63.88
N ASN C 78 -98.37 23.37 63.98
CA ASN C 78 -99.09 22.89 62.80
C ASN C 78 -99.57 24.03 61.90
N LEU C 79 -98.99 25.21 62.07
CA LEU C 79 -99.37 26.37 61.28
C LEU C 79 -98.13 26.93 60.64
N LEU C 80 -96.97 26.47 61.09
CA LEU C 80 -95.69 26.92 60.57
C LEU C 80 -95.54 26.83 59.06
N ASP C 81 -96.43 26.12 58.38
CA ASP C 81 -96.35 26.01 56.93
C ASP C 81 -97.32 26.99 56.26
N ASP C 82 -98.18 27.63 57.06
CA ASP C 82 -99.13 28.60 56.52
C ASP C 82 -98.92 30.02 57.02
N THR C 83 -97.67 30.38 57.20
CA THR C 83 -97.24 31.69 57.65
C THR C 83 -98.32 32.73 57.95
N LEU C 84 -98.94 33.26 56.90
CA LEU C 84 -99.96 34.30 57.04
C LEU C 84 -101.00 34.04 58.11
N VAL C 85 -101.49 32.80 58.22
CA VAL C 85 -102.48 32.47 59.22
C VAL C 85 -101.81 32.44 60.58
N LEU C 86 -100.63 31.83 60.63
CA LEU C 86 -99.88 31.76 61.86
C LEU C 86 -99.69 33.17 62.41
N GLN C 87 -99.27 34.09 61.55
CA GLN C 87 -99.03 35.47 61.94
C GLN C 87 -100.25 36.12 62.57
N SER C 88 -101.44 35.70 62.16
CA SER C 88 -102.66 36.27 62.72
C SER C 88 -103.03 35.58 64.04
N HIS C 89 -103.18 34.25 64.03
CA HIS C 89 -103.52 33.54 65.24
C HIS C 89 -102.47 33.81 66.27
N LEU C 90 -101.25 34.08 65.84
CA LEU C 90 -100.17 34.35 66.79
C LEU C 90 -100.51 35.62 67.54
N GLY C 91 -101.14 36.57 66.84
CA GLY C 91 -101.52 37.81 67.48
C GLY C 91 -102.66 37.53 68.42
N HIS C 92 -103.71 36.90 67.89
CA HIS C 92 -104.88 36.52 68.67
C HIS C 92 -104.45 35.81 69.97
N LEU C 93 -103.36 35.04 69.89
CA LEU C 93 -102.87 34.31 71.05
C LEU C 93 -102.27 35.27 72.04
N ALA C 94 -101.80 36.41 71.55
CA ALA C 94 -101.21 37.42 72.40
C ALA C 94 -102.35 38.07 73.17
N ASP C 95 -103.30 38.61 72.44
CA ASP C 95 -104.44 39.28 73.04
C ASP C 95 -105.09 38.43 74.14
N GLN C 96 -105.10 37.12 73.98
CA GLN C 96 -105.70 36.25 74.99
C GLN C 96 -104.87 36.23 76.27
N HIS C 97 -103.66 36.75 76.19
CA HIS C 97 -102.79 36.77 77.33
C HIS C 97 -102.59 38.18 77.85
N ILE C 98 -102.89 39.18 77.03
CA ILE C 98 -102.74 40.55 77.46
C ILE C 98 -103.88 40.87 78.40
N GLN C 99 -105.06 40.32 78.10
CA GLN C 99 -106.23 40.55 78.93
C GLN C 99 -106.18 39.71 80.19
N ARG C 100 -105.14 38.89 80.31
CA ARG C 100 -104.96 38.07 81.50
C ARG C 100 -104.02 38.84 82.41
N LYS C 101 -104.61 39.61 83.30
CA LYS C 101 -103.85 40.45 84.23
C LYS C 101 -102.85 39.65 85.07
N GLY C 102 -101.59 40.06 85.01
CA GLY C 102 -100.57 39.37 85.78
C GLY C 102 -99.56 38.59 84.98
N VAL C 103 -99.77 38.50 83.67
CA VAL C 103 -98.86 37.75 82.80
C VAL C 103 -97.73 38.63 82.30
N THR C 104 -96.52 38.39 82.79
CA THR C 104 -95.35 39.18 82.40
C THR C 104 -94.65 38.68 81.14
N LYS C 105 -93.79 39.52 80.60
CA LYS C 105 -93.05 39.21 79.39
C LYS C 105 -92.05 38.16 79.83
N GLU C 106 -91.71 38.21 81.11
CA GLU C 106 -90.76 37.30 81.70
C GLU C 106 -91.27 35.88 81.78
N TYR C 107 -92.45 35.70 82.36
CA TYR C 107 -93.02 34.37 82.50
C TYR C 107 -92.91 33.59 81.20
N PHE C 108 -93.06 34.26 80.07
CA PHE C 108 -92.95 33.58 78.78
C PHE C 108 -91.53 33.12 78.56
N ARG C 109 -90.58 34.04 78.66
CA ARG C 109 -89.20 33.64 78.48
C ARG C 109 -88.91 32.49 79.43
N GLY C 110 -89.69 32.40 80.49
CA GLY C 110 -89.49 31.35 81.47
C GLY C 110 -90.04 30.01 81.05
N ILE C 111 -91.19 30.01 80.40
CA ILE C 111 -91.79 28.76 79.98
C ILE C 111 -90.99 28.27 78.80
N GLY C 112 -90.30 29.18 78.14
CA GLY C 112 -89.49 28.80 77.00
C GLY C 112 -88.35 27.95 77.47
N GLU C 113 -87.74 28.37 78.58
CA GLU C 113 -86.64 27.65 79.16
C GLU C 113 -87.18 26.29 79.55
N ALA C 114 -88.39 26.30 80.11
CA ALA C 114 -89.05 25.08 80.54
C ALA C 114 -88.98 23.98 79.49
N PHE C 115 -89.61 24.21 78.35
CA PHE C 115 -89.59 23.20 77.30
C PHE C 115 -88.18 22.74 76.98
N ALA C 116 -87.29 23.71 76.78
CA ALA C 116 -85.90 23.43 76.44
C ALA C 116 -85.19 22.54 77.45
N ARG C 117 -85.86 22.30 78.57
CA ARG C 117 -85.29 21.48 79.63
C ARG C 117 -86.08 20.19 79.74
N VAL C 118 -87.35 20.26 79.37
CA VAL C 118 -88.23 19.10 79.44
C VAL C 118 -88.16 18.25 78.20
N LEU C 119 -88.53 18.82 77.08
CA LEU C 119 -88.53 18.08 75.83
C LEU C 119 -87.31 17.18 75.63
N PRO C 120 -86.10 17.73 75.80
CA PRO C 120 -84.91 16.89 75.62
C PRO C 120 -84.88 15.64 76.49
N GLN C 121 -85.86 15.50 77.37
CA GLN C 121 -85.93 14.35 78.25
C GLN C 121 -87.05 13.41 77.86
N VAL C 122 -88.07 13.91 77.18
CA VAL C 122 -89.20 13.07 76.78
C VAL C 122 -89.00 12.39 75.44
N LEU C 123 -88.02 12.85 74.69
CA LEU C 123 -87.76 12.24 73.40
C LEU C 123 -86.30 12.47 73.05
N SER C 124 -85.75 11.56 72.25
CA SER C 124 -84.37 11.67 71.83
C SER C 124 -84.35 12.34 70.48
N CYS C 125 -83.17 12.76 70.05
CA CYS C 125 -83.03 13.43 68.77
C CYS C 125 -83.79 14.75 68.79
N PHE C 126 -83.54 15.55 69.81
CA PHE C 126 -84.18 16.84 69.94
C PHE C 126 -83.18 17.93 69.58
N ASN C 127 -83.48 18.68 68.52
CA ASN C 127 -82.58 19.74 68.09
C ASN C 127 -82.85 20.98 68.91
N VAL C 128 -82.50 20.92 70.20
CA VAL C 128 -82.70 22.02 71.13
C VAL C 128 -82.55 23.41 70.51
N ASP C 129 -81.49 23.61 69.73
CA ASP C 129 -81.27 24.91 69.09
C ASP C 129 -82.40 25.27 68.14
N ALA C 130 -82.65 24.40 67.17
CA ALA C 130 -83.72 24.63 66.20
C ALA C 130 -85.02 24.95 66.92
N TRP C 131 -85.36 24.15 67.92
CA TRP C 131 -86.57 24.39 68.67
C TRP C 131 -86.47 25.79 69.22
N ASN C 132 -85.48 26.00 70.07
CA ASN C 132 -85.26 27.30 70.69
C ASN C 132 -85.45 28.44 69.70
N ARG C 133 -84.82 28.35 68.54
CA ARG C 133 -84.95 29.42 67.58
C ARG C 133 -86.39 29.72 67.23
N CYS C 134 -87.09 28.75 66.65
CA CYS C 134 -88.47 28.99 66.27
C CYS C 134 -89.43 29.20 67.41
N PHE C 135 -89.08 28.73 68.60
CA PHE C 135 -89.97 28.93 69.74
C PHE C 135 -89.89 30.39 70.14
N HIS C 136 -88.70 30.95 70.09
CA HIS C 136 -88.51 32.36 70.45
C HIS C 136 -89.29 33.26 69.50
N ARG C 137 -89.19 33.00 68.20
CA ARG C 137 -89.90 33.81 67.23
C ARG C 137 -91.38 33.76 67.61
N LEU C 138 -91.89 32.59 68.00
CA LEU C 138 -93.29 32.46 68.38
C LEU C 138 -93.60 33.24 69.64
N VAL C 139 -92.77 33.07 70.66
CA VAL C 139 -92.96 33.76 71.93
C VAL C 139 -92.90 35.28 71.78
N ALA C 140 -91.83 35.77 71.17
CA ALA C 140 -91.65 37.20 70.96
C ALA C 140 -92.95 37.85 70.52
N ARG C 141 -93.51 37.36 69.42
CA ARG C 141 -94.75 37.93 68.91
C ARG C 141 -95.91 37.78 69.88
N ILE C 142 -95.93 36.73 70.70
CA ILE C 142 -97.03 36.53 71.64
C ILE C 142 -97.01 37.53 72.78
N ALA C 143 -95.78 37.60 73.39
CA ALA C 143 -95.52 38.30 74.61
C ALA C 143 -95.73 39.73 74.33
N LYS C 144 -95.18 40.18 73.18
CA LYS C 144 -94.75 41.54 73.05
C LYS C 144 -95.93 42.39 73.18
N ASP C 145 -97.06 41.83 72.70
CA ASP C 145 -98.26 42.57 72.63
C ASP C 145 -98.55 43.03 74.02
N LEU C 146 -98.26 42.16 75.01
CA LEU C 146 -98.76 42.38 76.32
C LEU C 146 -98.26 43.69 76.87
N PRO C 147 -96.97 43.94 77.04
CA PRO C 147 -96.47 45.17 77.61
C PRO C 147 -96.88 46.24 76.68
N ASP D 1 -12.04 -16.88 133.05
CA ASP D 1 -11.15 -16.41 131.97
C ASP D 1 -11.68 -15.20 131.31
N CYS D 2 -10.87 -14.74 130.36
CA CYS D 2 -11.43 -13.66 129.66
C CYS D 2 -12.04 -14.20 128.46
N CYS D 3 -12.82 -13.31 127.88
CA CYS D 3 -13.46 -13.73 126.72
C CYS D 3 -13.13 -12.67 125.78
N SER D 4 -13.56 -12.94 124.57
CA SER D 4 -13.16 -12.27 123.39
C SER D 4 -14.40 -11.60 122.92
N TYR D 5 -14.23 -10.43 122.28
CA TYR D 5 -15.24 -9.51 121.83
C TYR D 5 -16.03 -10.18 120.74
N GLU D 6 -15.33 -10.92 119.88
CA GLU D 6 -16.00 -11.63 118.79
C GLU D 6 -17.01 -12.59 119.38
N ASP D 7 -16.58 -13.34 120.38
CA ASP D 7 -17.45 -14.29 121.03
C ASP D 7 -18.67 -13.58 121.58
N ARG D 8 -18.48 -12.42 122.18
CA ARG D 8 -19.61 -11.69 122.70
C ARG D 8 -20.57 -11.44 121.56
N ARG D 9 -20.05 -10.93 120.46
CA ARG D 9 -20.89 -10.69 119.30
C ARG D 9 -21.63 -11.96 118.88
N GLU D 10 -20.92 -13.08 118.89
CA GLU D 10 -21.52 -14.36 118.53
C GLU D 10 -22.75 -14.61 119.37
N ILE D 11 -22.58 -14.50 120.68
CA ILE D 11 -23.66 -14.71 121.62
C ILE D 11 -24.75 -13.66 121.46
N ARG D 12 -24.36 -12.38 121.43
CA ARG D 12 -25.33 -11.29 121.30
C ARG D 12 -26.26 -11.58 120.14
N HIS D 13 -25.87 -12.53 119.30
CA HIS D 13 -26.68 -12.94 118.15
C HIS D 13 -27.39 -14.25 118.46
N ILE D 14 -26.63 -15.25 118.86
CA ILE D 14 -27.21 -16.55 119.22
C ILE D 14 -28.43 -16.35 120.11
N TRP D 15 -28.34 -15.40 121.03
CA TRP D 15 -29.44 -15.13 121.94
C TRP D 15 -30.64 -14.62 121.18
N ASP D 16 -30.42 -13.64 120.32
CA ASP D 16 -31.51 -13.06 119.53
C ASP D 16 -32.34 -14.11 118.81
N ASP D 17 -31.90 -15.36 118.85
CA ASP D 17 -32.63 -16.43 118.19
C ASP D 17 -33.50 -17.21 119.17
N VAL D 18 -33.06 -17.27 120.43
CA VAL D 18 -33.84 -17.98 121.46
C VAL D 18 -34.82 -16.99 122.10
N TRP D 19 -34.37 -15.74 122.31
CA TRP D 19 -35.12 -14.77 123.05
C TRP D 19 -36.37 -14.54 122.29
N SER D 20 -36.25 -14.72 120.98
CA SER D 20 -36.58 -13.73 120.02
C SER D 20 -38.04 -13.44 120.08
N SER D 21 -38.84 -14.48 120.34
CA SER D 21 -40.26 -14.28 120.40
C SER D 21 -40.51 -13.19 121.43
N SER D 22 -41.63 -12.47 121.23
CA SER D 22 -41.81 -11.12 121.74
C SER D 22 -42.10 -11.11 123.16
N PHE D 23 -42.85 -12.16 123.53
CA PHE D 23 -43.52 -12.19 124.77
C PHE D 23 -43.60 -13.60 125.09
N THR D 24 -44.40 -13.88 126.11
CA THR D 24 -43.84 -14.79 127.09
C THR D 24 -43.68 -16.23 126.61
N ASP D 25 -44.78 -16.86 126.22
CA ASP D 25 -44.80 -18.25 125.75
C ASP D 25 -43.46 -18.94 125.47
N ARG D 26 -42.74 -18.44 124.46
CA ARG D 26 -41.45 -19.04 124.10
C ARG D 26 -40.41 -19.00 125.22
N ARG D 27 -39.97 -17.79 125.58
CA ARG D 27 -38.97 -17.63 126.60
C ARG D 27 -39.28 -18.50 127.81
N VAL D 28 -40.55 -18.58 128.17
CA VAL D 28 -40.99 -19.37 129.32
C VAL D 28 -40.57 -20.81 129.15
N ALA D 29 -41.12 -21.45 128.13
CA ALA D 29 -40.80 -22.86 127.87
C ALA D 29 -39.30 -23.14 127.89
N ILE D 30 -38.51 -22.23 127.34
CA ILE D 30 -37.06 -22.41 127.34
C ILE D 30 -36.49 -22.32 128.74
N VAL D 31 -36.68 -21.19 129.43
CA VAL D 31 -36.16 -21.03 130.78
C VAL D 31 -36.63 -22.17 131.67
N ARG D 32 -37.87 -22.61 131.47
CA ARG D 32 -38.42 -23.71 132.24
C ARG D 32 -37.56 -24.93 131.91
N ALA D 33 -37.58 -25.34 130.65
CA ALA D 33 -36.79 -26.49 130.20
C ALA D 33 -35.38 -26.47 130.77
N VAL D 34 -34.86 -25.27 131.03
CA VAL D 34 -33.51 -25.10 131.60
C VAL D 34 -33.55 -25.57 133.04
N PHE D 35 -34.46 -24.99 133.82
CA PHE D 35 -34.57 -25.37 135.19
C PHE D 35 -34.87 -26.85 135.38
N ASP D 36 -35.78 -27.40 134.59
CA ASP D 36 -36.12 -28.82 134.70
C ASP D 36 -34.85 -29.65 134.64
N ASP D 37 -33.86 -29.15 133.90
CA ASP D 37 -32.59 -29.86 133.76
C ASP D 37 -31.72 -29.59 134.98
N LEU D 38 -31.98 -28.47 135.65
CA LEU D 38 -31.22 -28.15 136.84
C LEU D 38 -31.72 -29.03 137.97
N PHE D 39 -33.02 -29.18 138.04
CA PHE D 39 -33.62 -29.98 139.08
C PHE D 39 -33.40 -31.47 138.89
N LYS D 40 -33.34 -31.93 137.65
CA LYS D 40 -33.13 -33.35 137.41
C LYS D 40 -31.71 -33.73 137.80
N HIS D 41 -30.83 -32.74 137.89
CA HIS D 41 -29.44 -32.98 138.23
C HIS D 41 -29.06 -32.55 139.66
N TYR D 42 -29.65 -31.47 140.14
CA TYR D 42 -29.38 -30.99 141.49
C TYR D 42 -30.74 -30.79 142.13
N PRO D 43 -31.48 -31.87 142.33
CA PRO D 43 -32.83 -31.89 142.92
C PRO D 43 -32.98 -31.07 144.17
N THR D 44 -31.87 -30.94 144.86
CA THR D 44 -31.88 -30.20 146.03
C THR D 44 -32.44 -28.77 145.84
N SER D 45 -31.87 -28.08 144.90
CA SER D 45 -32.25 -26.72 144.61
C SER D 45 -33.75 -26.50 144.50
N LYS D 46 -34.46 -27.51 144.01
CA LYS D 46 -35.90 -27.40 143.82
C LYS D 46 -36.56 -26.67 144.98
N ALA D 47 -36.38 -27.18 146.19
CA ALA D 47 -36.97 -26.58 147.38
C ALA D 47 -36.84 -25.06 147.46
N LEU D 48 -35.71 -24.52 147.04
CA LEU D 48 -35.47 -23.09 147.09
C LEU D 48 -36.55 -22.19 146.53
N PHE D 49 -37.31 -22.70 145.57
CA PHE D 49 -38.35 -21.91 144.93
C PHE D 49 -39.79 -22.17 145.40
N GLU D 50 -39.96 -22.59 146.64
CA GLU D 50 -41.31 -22.83 147.13
C GLU D 50 -41.96 -21.47 147.29
N ARG D 51 -41.12 -20.46 147.44
CA ARG D 51 -41.61 -19.11 147.62
C ARG D 51 -42.41 -18.64 146.41
N VAL D 52 -42.06 -19.17 145.24
CA VAL D 52 -42.74 -18.79 144.00
C VAL D 52 -43.71 -19.85 143.55
N LYS D 53 -43.87 -20.87 144.38
CA LYS D 53 -44.79 -21.97 144.08
C LYS D 53 -44.40 -22.84 142.91
N ILE D 54 -43.27 -23.54 143.01
CA ILE D 54 -42.84 -24.42 141.94
C ILE D 54 -43.69 -25.68 141.91
N ASP D 55 -44.37 -25.95 143.02
CA ASP D 55 -45.24 -27.11 143.11
C ASP D 55 -46.43 -26.94 142.17
N GLU D 56 -46.63 -25.71 141.72
CA GLU D 56 -47.71 -25.39 140.79
C GLU D 56 -47.06 -24.87 139.52
N PRO D 57 -46.52 -25.78 138.70
CA PRO D 57 -45.86 -25.41 137.45
C PRO D 57 -46.56 -24.33 136.63
N GLU D 58 -47.85 -24.51 136.33
CA GLU D 58 -48.57 -23.52 135.52
C GLU D 58 -49.15 -22.39 136.34
N SER D 59 -48.81 -22.37 137.63
CA SER D 59 -49.30 -21.37 138.57
C SER D 59 -49.44 -19.95 138.02
N GLY D 60 -48.35 -19.41 137.50
CA GLY D 60 -48.38 -18.06 137.02
C GLY D 60 -47.55 -17.26 138.01
N GLU D 61 -47.67 -17.62 139.28
CA GLU D 61 -46.89 -16.98 140.33
C GLU D 61 -45.47 -17.42 140.03
N PHE D 62 -45.38 -18.63 139.49
CA PHE D 62 -44.13 -19.27 139.13
C PHE D 62 -43.75 -18.92 137.71
N LYS D 63 -44.70 -19.00 136.78
CA LYS D 63 -44.39 -18.64 135.40
C LYS D 63 -43.74 -17.25 135.40
N SER D 64 -44.40 -16.28 136.03
CA SER D 64 -43.87 -14.92 136.10
C SER D 64 -42.42 -14.97 136.55
N HIS D 65 -42.15 -15.80 137.56
CA HIS D 65 -40.79 -15.95 138.07
C HIS D 65 -39.87 -16.32 136.91
N LEU D 66 -40.13 -17.46 136.28
CA LEU D 66 -39.34 -17.91 135.14
C LEU D 66 -38.98 -16.73 134.23
N VAL D 67 -40.00 -15.96 133.88
CA VAL D 67 -39.81 -14.80 133.03
C VAL D 67 -38.80 -13.86 133.65
N ARG D 68 -38.98 -13.51 134.92
CA ARG D 68 -38.04 -12.61 135.58
C ARG D 68 -36.60 -13.11 135.44
N VAL D 69 -36.44 -14.43 135.57
CA VAL D 69 -35.12 -15.04 135.44
C VAL D 69 -34.67 -14.83 134.04
N ALA D 70 -35.51 -15.22 133.09
CA ALA D 70 -35.21 -15.05 131.67
C ALA D 70 -34.78 -13.60 131.44
N ASN D 71 -35.70 -12.67 131.69
CA ASN D 71 -35.42 -11.24 131.53
C ASN D 71 -34.14 -10.80 132.23
N GLY D 72 -33.85 -11.37 133.40
CA GLY D 72 -32.65 -10.98 134.10
C GLY D 72 -31.41 -11.38 133.32
N LEU D 73 -31.53 -12.48 132.58
CA LEU D 73 -30.45 -13.00 131.76
C LEU D 73 -30.38 -12.10 130.56
N LYS D 74 -31.54 -11.83 129.97
CA LYS D 74 -31.66 -10.96 128.81
C LYS D 74 -30.92 -9.65 129.12
N LEU D 75 -31.25 -9.07 130.27
CA LEU D 75 -30.65 -7.82 130.70
C LEU D 75 -29.12 -7.93 130.71
N LEU D 76 -28.60 -9.06 131.15
CA LEU D 76 -27.16 -9.25 131.20
C LEU D 76 -26.59 -9.16 129.80
N ILE D 77 -26.98 -10.11 128.97
CA ILE D 77 -26.52 -10.18 127.60
C ILE D 77 -26.63 -8.82 126.92
N ASN D 78 -27.79 -8.20 127.03
CA ASN D 78 -28.01 -6.88 126.43
C ASN D 78 -27.21 -5.77 127.14
N LEU D 79 -26.19 -6.15 127.88
CA LEU D 79 -25.38 -5.19 128.58
C LEU D 79 -23.92 -5.42 128.20
N LEU D 80 -23.66 -6.55 127.55
CA LEU D 80 -22.32 -6.94 127.13
C LEU D 80 -21.56 -5.89 126.31
N ASP D 81 -22.27 -4.86 125.85
CA ASP D 81 -21.62 -3.83 125.07
C ASP D 81 -21.36 -2.63 125.95
N ASP D 82 -21.91 -2.62 127.16
CA ASP D 82 -21.67 -1.51 128.09
C ASP D 82 -20.90 -1.87 129.36
N THR D 83 -19.94 -2.77 129.19
CA THR D 83 -19.08 -3.25 130.27
C THR D 83 -19.29 -2.68 131.66
N LEU D 84 -18.87 -1.44 131.86
CA LEU D 84 -18.98 -0.79 133.17
C LEU D 84 -20.30 -0.96 133.89
N VAL D 85 -21.40 -0.87 133.16
CA VAL D 85 -22.71 -1.04 133.78
C VAL D 85 -22.92 -2.50 134.09
N LEU D 86 -22.54 -3.34 133.12
CA LEU D 86 -22.67 -4.77 133.31
C LEU D 86 -21.96 -5.18 134.57
N GLN D 87 -20.74 -4.69 134.74
CA GLN D 87 -19.93 -5.01 135.91
C GLN D 87 -20.61 -4.66 137.22
N SER D 88 -21.45 -3.62 137.20
CA SER D 88 -22.16 -3.22 138.40
C SER D 88 -23.40 -4.06 138.65
N HIS D 89 -24.30 -4.08 137.67
CA HIS D 89 -25.52 -4.86 137.79
C HIS D 89 -25.15 -6.31 138.03
N LEU D 90 -23.99 -6.71 137.53
CA LEU D 90 -23.57 -8.08 137.70
C LEU D 90 -23.35 -8.31 139.17
N GLY D 91 -22.87 -7.28 139.86
CA GLY D 91 -22.65 -7.38 141.29
C GLY D 91 -24.01 -7.41 141.97
N HIS D 92 -24.82 -6.41 141.68
CA HIS D 92 -26.17 -6.30 142.22
C HIS D 92 -26.92 -7.64 142.07
N LEU D 93 -26.66 -8.35 140.99
CA LEU D 93 -27.31 -9.62 140.72
C LEU D 93 -26.79 -10.67 141.66
N ALA D 94 -25.58 -10.48 142.15
CA ALA D 94 -24.99 -11.42 143.09
C ALA D 94 -25.68 -11.21 144.43
N ASP D 95 -25.63 -9.99 144.92
CA ASP D 95 -26.24 -9.65 146.20
C ASP D 95 -27.67 -10.16 146.31
N GLN D 96 -28.41 -10.16 145.21
CA GLN D 96 -29.78 -10.63 145.23
C GLN D 96 -29.85 -12.13 145.43
N HIS D 97 -28.71 -12.78 145.30
CA HIS D 97 -28.66 -14.21 145.46
C HIS D 97 -27.91 -14.61 146.72
N ILE D 98 -27.14 -13.69 147.27
CA ILE D 98 -26.40 -13.99 148.48
C ILE D 98 -27.38 -13.93 149.64
N GLN D 99 -28.32 -13.00 149.57
CA GLN D 99 -29.33 -12.87 150.60
C GLN D 99 -30.41 -13.96 150.48
N ARG D 100 -30.28 -14.80 149.47
CA ARG D 100 -31.22 -15.89 149.28
C ARG D 100 -30.55 -17.11 149.90
N LYS D 101 -30.89 -17.34 151.16
CA LYS D 101 -30.32 -18.44 151.92
C LYS D 101 -30.54 -19.80 151.26
N GLY D 102 -29.45 -20.53 151.01
CA GLY D 102 -29.58 -21.84 150.41
C GLY D 102 -29.03 -21.94 149.00
N VAL D 103 -28.61 -20.81 148.44
CA VAL D 103 -28.07 -20.80 147.08
C VAL D 103 -26.57 -21.05 147.05
N THR D 104 -26.16 -22.24 146.60
CA THR D 104 -24.74 -22.61 146.54
C THR D 104 -24.00 -22.12 145.30
N LYS D 105 -22.69 -22.17 145.37
CA LYS D 105 -21.84 -21.77 144.26
C LYS D 105 -22.05 -22.85 143.21
N GLU D 106 -22.38 -24.03 143.69
CA GLU D 106 -22.58 -25.19 142.83
C GLU D 106 -23.83 -25.06 141.96
N TYR D 107 -24.97 -24.77 142.58
CA TYR D 107 -26.21 -24.65 141.82
C TYR D 107 -26.01 -23.81 140.57
N PHE D 108 -25.17 -22.79 140.66
CA PHE D 108 -24.92 -21.95 139.51
C PHE D 108 -24.18 -22.71 138.44
N ARG D 109 -23.07 -23.32 138.81
CA ARG D 109 -22.30 -24.09 137.84
C ARG D 109 -23.25 -25.11 137.25
N GLY D 110 -24.32 -25.43 137.98
CA GLY D 110 -25.29 -26.40 137.52
C GLY D 110 -26.25 -25.88 136.49
N ILE D 111 -26.71 -24.66 136.69
CA ILE D 111 -27.65 -24.07 135.75
C ILE D 111 -26.89 -23.72 134.48
N GLY D 112 -25.58 -23.57 134.62
CA GLY D 112 -24.76 -23.24 133.48
C GLY D 112 -24.75 -24.42 132.54
N GLU D 113 -24.61 -25.61 133.11
CA GLU D 113 -24.61 -26.85 132.35
C GLU D 113 -25.98 -26.94 131.68
N ALA D 114 -27.01 -26.59 132.46
CA ALA D 114 -28.38 -26.62 131.97
C ALA D 114 -28.50 -25.96 130.60
N PHE D 115 -28.23 -24.67 130.52
CA PHE D 115 -28.34 -23.97 129.25
C PHE D 115 -27.56 -24.67 128.16
N ALA D 116 -26.32 -25.01 128.48
CA ALA D 116 -25.43 -25.66 127.53
C ALA D 116 -25.99 -26.97 126.98
N ARG D 117 -27.07 -27.44 127.58
CA ARG D 117 -27.70 -28.68 127.16
C ARG D 117 -29.05 -28.39 126.50
N VAL D 118 -29.69 -27.30 126.93
CA VAL D 118 -30.99 -26.91 126.41
C VAL D 118 -30.87 -26.08 125.15
N LEU D 119 -30.25 -24.91 125.25
CA LEU D 119 -30.10 -24.05 124.10
C LEU D 119 -29.76 -24.76 122.80
N PRO D 120 -28.73 -25.63 122.80
CA PRO D 120 -28.39 -26.33 121.56
C PRO D 120 -29.53 -27.13 120.94
N GLN D 121 -30.65 -27.19 121.65
CA GLN D 121 -31.81 -27.92 121.17
C GLN D 121 -32.94 -27.01 120.71
N VAL D 122 -32.98 -25.80 121.23
CA VAL D 122 -34.02 -24.85 120.86
C VAL D 122 -33.68 -24.03 119.64
N LEU D 123 -32.41 -24.03 119.25
CA LEU D 123 -32.02 -23.28 118.08
C LEU D 123 -30.79 -23.92 117.48
N SER D 124 -30.61 -23.74 116.18
CA SER D 124 -29.46 -24.31 115.52
C SER D 124 -28.42 -23.22 115.42
N CYS D 125 -27.20 -23.61 115.07
CA CYS D 125 -26.10 -22.66 114.95
C CYS D 125 -25.80 -22.05 116.32
N PHE D 126 -25.62 -22.91 117.31
CA PHE D 126 -25.33 -22.46 118.65
C PHE D 126 -23.85 -22.72 118.93
N ASN D 127 -23.10 -21.65 119.16
CA ASN D 127 -21.68 -21.78 119.43
C ASN D 127 -21.46 -22.12 120.91
N VAL D 128 -21.87 -23.31 121.29
CA VAL D 128 -21.77 -23.78 122.67
C VAL D 128 -20.55 -23.26 123.42
N ASP D 129 -19.38 -23.32 122.78
CA ASP D 129 -18.17 -22.86 123.42
C ASP D 129 -18.23 -21.38 123.74
N ALA D 130 -18.48 -20.56 122.72
CA ALA D 130 -18.58 -19.12 122.90
C ALA D 130 -19.56 -18.80 124.00
N TRP D 131 -20.71 -19.44 123.97
CA TRP D 131 -21.70 -19.22 125.01
C TRP D 131 -21.04 -19.56 126.33
N ASN D 132 -20.68 -20.83 126.48
CA ASN D 132 -20.02 -21.30 127.69
C ASN D 132 -19.01 -20.30 128.23
N ARG D 133 -18.09 -19.86 127.38
CA ARG D 133 -17.08 -18.92 127.83
C ARG D 133 -17.69 -17.69 128.51
N CYS D 134 -18.46 -16.89 127.77
CA CYS D 134 -19.04 -15.70 128.35
C CYS D 134 -20.04 -15.95 129.44
N PHE D 135 -20.64 -17.11 129.47
CA PHE D 135 -21.62 -17.39 130.50
C PHE D 135 -20.87 -17.60 131.80
N HIS D 136 -19.73 -18.28 131.72
CA HIS D 136 -18.93 -18.53 132.90
C HIS D 136 -18.46 -17.22 133.51
N ARG D 137 -17.94 -16.32 132.68
CA ARG D 137 -17.47 -15.05 133.19
C ARG D 137 -18.63 -14.39 133.95
N LEU D 138 -19.84 -14.49 133.41
CA LEU D 138 -20.99 -13.90 134.07
C LEU D 138 -21.34 -14.58 135.39
N VAL D 139 -21.36 -15.90 135.37
CA VAL D 139 -21.66 -16.67 136.57
C VAL D 139 -20.62 -16.45 137.66
N ALA D 140 -19.36 -16.63 137.33
CA ALA D 140 -18.27 -16.45 138.28
C ALA D 140 -18.51 -15.21 139.14
N ARG D 141 -18.66 -14.05 138.49
CA ARG D 141 -18.89 -12.81 139.22
C ARG D 141 -20.18 -12.81 140.03
N ILE D 142 -21.20 -13.53 139.58
CA ILE D 142 -22.47 -13.56 140.33
C ILE D 142 -22.37 -14.35 141.62
N ALA D 143 -21.80 -15.56 141.45
CA ALA D 143 -21.61 -16.56 142.44
C ALA D 143 -20.61 -16.09 143.44
N LYS D 144 -19.54 -15.44 142.94
CA LYS D 144 -18.32 -15.29 143.67
C LYS D 144 -18.62 -14.49 144.88
N ASP D 145 -19.54 -13.54 144.71
CA ASP D 145 -19.76 -12.54 145.71
C ASP D 145 -20.14 -13.26 146.95
N LEU D 146 -21.07 -14.25 146.79
CA LEU D 146 -21.69 -14.88 147.91
C LEU D 146 -20.58 -15.41 148.72
N PRO D 147 -19.57 -16.00 148.19
CA PRO D 147 -18.57 -16.33 149.15
C PRO D 147 -17.71 -15.17 149.60
N LYS E 1 -36.99 -42.72 111.45
CA LYS E 1 -36.02 -41.90 112.19
C LYS E 1 -36.54 -41.50 113.52
N LYS E 2 -36.61 -40.19 113.80
CA LYS E 2 -37.08 -39.79 115.10
C LYS E 2 -38.52 -39.46 114.99
N GLN E 3 -39.11 -39.15 116.16
CA GLN E 3 -40.49 -38.81 116.22
C GLN E 3 -40.56 -37.41 116.63
N CYS E 4 -41.80 -36.92 116.57
CA CYS E 4 -42.07 -35.55 116.81
C CYS E 4 -42.17 -35.30 118.27
N GLY E 5 -42.09 -34.01 118.59
CA GLY E 5 -42.14 -33.54 119.93
C GLY E 5 -41.73 -32.11 119.89
N VAL E 6 -41.72 -31.47 121.09
CA VAL E 6 -41.94 -30.06 121.21
C VAL E 6 -40.88 -29.28 120.47
N LEU E 7 -39.61 -29.52 120.81
CA LEU E 7 -38.56 -28.72 120.21
C LEU E 7 -38.47 -28.89 118.71
N GLU E 8 -38.24 -30.12 118.25
CA GLU E 8 -38.12 -30.38 116.82
C GLU E 8 -39.26 -29.72 116.06
N GLY E 9 -40.36 -29.51 116.76
CA GLY E 9 -41.49 -28.85 116.14
C GLY E 9 -41.15 -27.39 115.99
N LEU E 10 -40.88 -26.74 117.12
CA LEU E 10 -40.53 -25.34 117.09
C LEU E 10 -39.49 -25.07 116.02
N LYS E 11 -38.53 -25.97 115.85
CA LYS E 11 -37.52 -25.74 114.85
C LYS E 11 -38.14 -25.73 113.47
N VAL E 12 -38.83 -26.80 113.11
CA VAL E 12 -39.45 -26.87 111.80
C VAL E 12 -40.40 -25.70 111.60
N LYS E 13 -41.22 -25.44 112.58
CA LYS E 13 -42.19 -24.36 112.50
C LYS E 13 -41.52 -23.05 112.14
N SER E 14 -40.34 -22.85 112.70
CA SER E 14 -39.58 -21.62 112.48
C SER E 14 -38.96 -21.63 111.09
N GLU E 15 -38.20 -22.69 110.79
CA GLU E 15 -37.54 -22.82 109.50
C GLU E 15 -38.54 -22.76 108.36
N TRP E 16 -39.71 -23.34 108.57
CA TRP E 16 -40.74 -23.33 107.54
C TRP E 16 -41.09 -21.91 107.27
N GLY E 17 -41.16 -21.10 108.34
CA GLY E 17 -41.50 -19.70 108.16
C GLY E 17 -40.61 -19.03 107.13
N ARG E 18 -39.32 -19.31 107.21
CA ARG E 18 -38.34 -18.74 106.29
C ARG E 18 -38.45 -19.33 104.89
N ALA E 19 -38.57 -20.64 104.79
CA ALA E 19 -38.66 -21.29 103.49
C ALA E 19 -39.96 -20.96 102.74
N TYR E 20 -41.07 -20.95 103.46
CA TYR E 20 -42.36 -20.67 102.83
C TYR E 20 -42.30 -19.29 102.21
N GLY E 21 -42.00 -18.29 103.02
CA GLY E 21 -41.94 -16.92 102.50
C GLY E 21 -43.29 -16.44 102.00
N SER E 22 -43.29 -15.51 101.04
CA SER E 22 -44.54 -14.98 100.52
C SER E 22 -44.40 -14.41 99.11
N GLY E 23 -45.53 -13.98 98.56
CA GLY E 23 -45.55 -13.40 97.23
C GLY E 23 -45.15 -14.35 96.13
N HIS E 24 -44.12 -13.98 95.37
CA HIS E 24 -43.63 -14.81 94.28
C HIS E 24 -42.81 -15.97 94.81
N ASP E 25 -41.95 -15.70 95.78
CA ASP E 25 -41.14 -16.76 96.36
C ASP E 25 -42.04 -17.95 96.61
N ARG E 26 -43.24 -17.67 97.08
CA ARG E 26 -44.21 -18.71 97.37
C ARG E 26 -44.68 -19.38 96.09
N GLU E 27 -45.25 -18.59 95.18
CA GLU E 27 -45.73 -19.13 93.93
C GLU E 27 -44.69 -20.04 93.28
N ALA E 28 -43.42 -19.83 93.59
CA ALA E 28 -42.34 -20.64 93.03
C ALA E 28 -42.06 -21.81 93.95
N PHE E 29 -41.82 -21.49 95.22
CA PHE E 29 -41.56 -22.50 96.24
C PHE E 29 -42.47 -23.68 95.98
N SER E 30 -43.76 -23.40 95.84
CA SER E 30 -44.74 -24.45 95.57
C SER E 30 -44.42 -25.08 94.21
N GLN E 31 -44.28 -24.23 93.21
CA GLN E 31 -43.96 -24.69 91.87
C GLN E 31 -42.84 -25.72 91.93
N ALA E 32 -41.71 -25.32 92.48
CA ALA E 32 -40.53 -26.18 92.60
C ALA E 32 -40.90 -27.50 93.22
N ILE E 33 -41.56 -27.43 94.38
CA ILE E 33 -41.96 -28.62 95.09
C ILE E 33 -42.71 -29.58 94.22
N TRP E 34 -43.78 -29.11 93.58
CA TRP E 34 -44.55 -29.99 92.74
C TRP E 34 -43.75 -30.60 91.60
N ARG E 35 -42.93 -29.78 90.95
CA ARG E 35 -42.13 -30.29 89.86
C ARG E 35 -41.27 -31.42 90.36
N ALA E 36 -40.73 -31.27 91.56
CA ALA E 36 -39.89 -32.29 92.16
C ALA E 36 -40.72 -33.53 92.46
N THR E 37 -41.96 -33.32 92.90
CA THR E 37 -42.83 -34.44 93.20
C THR E 37 -43.15 -35.23 91.94
N PHE E 38 -43.75 -34.57 90.96
CA PHE E 38 -44.13 -35.21 89.72
C PHE E 38 -42.95 -35.86 89.00
N ALA E 39 -41.77 -35.26 89.14
CA ALA E 39 -40.60 -35.80 88.48
C ALA E 39 -40.28 -37.16 89.06
N GLN E 40 -40.57 -37.32 90.35
CA GLN E 40 -40.32 -38.57 91.03
C GLN E 40 -41.33 -39.65 90.64
N VAL E 41 -42.61 -39.30 90.73
CA VAL E 41 -43.67 -40.23 90.40
C VAL E 41 -44.62 -39.67 89.34
N PRO E 42 -44.19 -39.67 88.08
CA PRO E 42 -45.06 -39.15 87.02
C PRO E 42 -46.45 -39.78 87.04
N GLU E 43 -46.55 -40.98 87.59
CA GLU E 43 -47.82 -41.68 87.68
C GLU E 43 -48.88 -40.80 88.33
N SER E 44 -48.49 -40.08 89.37
CA SER E 44 -49.40 -39.23 90.15
C SER E 44 -50.05 -38.09 89.41
N ARG E 45 -49.50 -37.70 88.28
CA ARG E 45 -50.10 -36.60 87.55
C ARG E 45 -51.58 -36.87 87.28
N SER E 46 -51.92 -38.13 87.09
CA SER E 46 -53.29 -38.51 86.80
C SER E 46 -54.33 -38.10 87.84
N LEU E 47 -53.91 -37.96 89.09
CA LEU E 47 -54.84 -37.57 90.15
C LEU E 47 -55.26 -36.11 90.08
N PHE E 48 -54.38 -35.26 89.55
CA PHE E 48 -54.68 -33.84 89.48
C PHE E 48 -55.10 -33.46 88.09
N LYS E 49 -55.77 -34.39 87.42
CA LYS E 49 -56.22 -34.14 86.07
C LYS E 49 -57.29 -33.06 86.16
N ARG E 50 -57.96 -33.01 87.30
CA ARG E 50 -59.04 -32.05 87.50
C ARG E 50 -58.57 -30.61 87.57
N VAL E 51 -57.36 -30.43 88.08
CA VAL E 51 -56.80 -29.11 88.25
C VAL E 51 -55.55 -28.95 87.40
N HIS E 52 -55.70 -29.22 86.11
CA HIS E 52 -54.61 -29.12 85.14
C HIS E 52 -53.26 -29.57 85.68
N GLY E 53 -53.16 -30.85 85.99
CA GLY E 53 -51.92 -31.39 86.48
C GLY E 53 -50.97 -31.62 85.32
N ASP E 54 -51.52 -31.59 84.11
CA ASP E 54 -50.69 -31.79 82.92
C ASP E 54 -49.67 -30.66 82.76
N ASP E 55 -50.09 -29.43 83.05
CA ASP E 55 -49.21 -28.26 82.95
C ASP E 55 -49.06 -27.57 84.29
N THR E 56 -47.96 -27.88 84.97
CA THR E 56 -47.67 -27.33 86.29
C THR E 56 -47.73 -25.79 86.35
N SER E 57 -47.61 -25.14 85.21
CA SER E 57 -47.63 -23.68 85.14
C SER E 57 -49.00 -23.07 84.85
N HIS E 58 -50.02 -23.90 84.74
CA HIS E 58 -51.37 -23.42 84.47
C HIS E 58 -51.96 -22.81 85.72
N PRO E 59 -52.56 -21.62 85.59
CA PRO E 59 -53.16 -20.96 86.76
C PRO E 59 -53.93 -21.89 87.69
N ALA E 60 -54.79 -22.72 87.11
CA ALA E 60 -55.59 -23.65 87.89
C ALA E 60 -54.70 -24.41 88.86
N PHE E 61 -53.63 -24.98 88.33
CA PHE E 61 -52.69 -25.75 89.13
C PHE E 61 -51.91 -24.85 90.07
N ILE E 62 -51.53 -23.67 89.59
CA ILE E 62 -50.80 -22.72 90.41
C ILE E 62 -51.59 -22.50 91.68
N ALA E 63 -52.89 -22.30 91.48
CA ALA E 63 -53.82 -22.09 92.58
C ALA E 63 -53.72 -23.33 93.46
N HIS E 64 -54.07 -24.48 92.88
CA HIS E 64 -53.99 -25.73 93.60
C HIS E 64 -52.75 -25.82 94.46
N ALA E 65 -51.58 -25.69 93.86
CA ALA E 65 -50.32 -25.77 94.59
C ALA E 65 -50.34 -24.81 95.77
N ASP E 66 -50.42 -23.51 95.48
CA ASP E 66 -50.44 -22.49 96.51
C ASP E 66 -51.49 -22.85 97.57
N ARG E 67 -52.52 -23.56 97.15
CA ARG E 67 -53.61 -23.96 98.04
C ARG E 67 -53.21 -25.11 98.94
N VAL E 68 -52.40 -26.01 98.41
CA VAL E 68 -51.93 -27.17 99.14
C VAL E 68 -50.99 -26.74 100.22
N LEU E 69 -49.96 -26.01 99.83
CA LEU E 69 -48.98 -25.53 100.79
C LEU E 69 -49.77 -24.88 101.93
N GLY E 70 -50.84 -24.19 101.57
CA GLY E 70 -51.67 -23.54 102.56
C GLY E 70 -51.98 -24.45 103.74
N GLY E 71 -52.52 -25.63 103.43
CA GLY E 71 -52.83 -26.57 104.47
C GLY E 71 -51.56 -26.94 105.21
N LEU E 72 -50.52 -27.35 104.48
CA LEU E 72 -49.28 -27.72 105.10
C LEU E 72 -48.88 -26.64 106.09
N ASP E 73 -49.16 -25.39 105.74
CA ASP E 73 -48.84 -24.25 106.63
C ASP E 73 -49.60 -24.48 107.93
N ILE E 74 -50.92 -24.45 107.85
CA ILE E 74 -51.74 -24.66 109.04
C ILE E 74 -51.18 -25.82 109.87
N ALA E 75 -50.87 -26.93 109.21
CA ALA E 75 -50.35 -28.10 109.91
C ALA E 75 -49.11 -27.71 110.70
N ILE E 76 -48.04 -27.43 109.99
CA ILE E 76 -46.79 -27.05 110.63
C ILE E 76 -47.02 -25.94 111.67
N SER E 77 -47.73 -24.88 111.27
CA SER E 77 -47.88 -23.72 112.09
C SER E 77 -48.50 -24.17 113.36
N THR E 78 -49.66 -24.87 113.24
CA THR E 78 -50.46 -25.24 114.37
C THR E 78 -49.77 -26.29 115.17
N LEU E 79 -48.76 -26.96 114.57
CA LEU E 79 -48.22 -28.21 115.05
C LEU E 79 -47.90 -28.04 116.49
N ASP E 80 -47.28 -26.90 116.77
CA ASP E 80 -46.59 -26.67 118.00
C ASP E 80 -47.57 -26.84 119.11
N GLN E 81 -48.81 -26.33 118.96
CA GLN E 81 -49.73 -26.49 120.06
C GLN E 81 -50.61 -27.67 119.77
N PRO E 82 -50.43 -28.71 120.58
CA PRO E 82 -51.10 -30.00 120.44
C PRO E 82 -52.61 -29.89 120.35
N ALA E 83 -53.18 -29.05 121.22
CA ALA E 83 -54.62 -28.84 121.26
C ALA E 83 -55.18 -28.54 119.89
N THR E 84 -54.70 -27.46 119.31
CA THR E 84 -55.14 -27.01 118.00
C THR E 84 -54.75 -27.96 116.88
N LEU E 85 -53.47 -28.26 116.79
CA LEU E 85 -52.98 -29.19 115.75
C LEU E 85 -53.92 -30.39 115.69
N LYS E 86 -54.12 -31.02 116.83
CA LYS E 86 -55.01 -32.15 116.93
C LYS E 86 -56.22 -31.90 116.05
N GLU E 87 -56.88 -30.78 116.26
CA GLU E 87 -58.07 -30.43 115.50
C GLU E 87 -57.83 -30.37 113.99
N GLU E 88 -56.88 -29.56 113.55
CA GLU E 88 -56.59 -29.47 112.13
C GLU E 88 -56.35 -30.85 111.54
N LEU E 89 -55.46 -31.61 112.15
CA LEU E 89 -55.19 -32.94 111.64
C LEU E 89 -56.49 -33.71 111.52
N ASP E 90 -57.27 -33.74 112.59
CA ASP E 90 -58.55 -34.46 112.58
C ASP E 90 -59.41 -33.98 111.42
N HIS E 91 -59.47 -32.67 111.24
CA HIS E 91 -60.25 -32.10 110.15
C HIS E 91 -59.78 -32.72 108.83
N LEU E 92 -58.48 -32.71 108.60
CA LEU E 92 -57.92 -33.27 107.39
C LEU E 92 -58.31 -34.73 107.30
N GLN E 93 -58.02 -35.45 108.37
CA GLN E 93 -58.32 -36.87 108.43
C GLN E 93 -59.63 -37.17 107.74
N VAL E 94 -60.65 -36.36 108.02
CA VAL E 94 -61.97 -36.53 107.43
C VAL E 94 -61.98 -36.33 105.93
N GLN E 95 -61.45 -35.20 105.48
CA GLN E 95 -61.44 -34.89 104.05
C GLN E 95 -60.74 -35.98 103.28
N HIS E 96 -60.03 -36.86 103.98
CA HIS E 96 -59.31 -37.94 103.31
C HIS E 96 -59.86 -39.34 103.48
N GLU E 97 -60.40 -39.72 104.66
CA GLU E 97 -60.79 -41.08 104.86
C GLU E 97 -61.93 -41.38 103.92
N GLY E 98 -61.97 -42.64 103.45
CA GLY E 98 -62.89 -43.05 102.44
C GLY E 98 -62.17 -42.90 101.16
N ARG E 99 -61.08 -42.10 101.17
CA ARG E 99 -60.14 -42.15 100.09
C ARG E 99 -59.04 -43.00 100.61
N LYS E 100 -58.50 -43.91 99.76
CA LYS E 100 -57.28 -44.62 100.04
C LYS E 100 -56.17 -43.90 99.35
N ILE E 101 -55.00 -43.79 99.99
CA ILE E 101 -53.95 -43.03 99.40
C ILE E 101 -52.71 -43.84 99.47
N PRO E 102 -52.10 -43.92 98.34
CA PRO E 102 -50.90 -44.68 98.20
C PRO E 102 -49.94 -43.99 99.09
N ASP E 103 -49.13 -44.77 99.83
CA ASP E 103 -48.12 -44.18 100.71
C ASP E 103 -46.88 -43.88 99.89
N ASN E 104 -46.86 -44.42 98.68
CA ASN E 104 -45.77 -44.22 97.73
C ASN E 104 -45.65 -42.72 97.35
N TYR E 105 -46.77 -42.10 96.98
CA TYR E 105 -46.77 -40.69 96.60
C TYR E 105 -46.40 -39.77 97.76
N PHE E 106 -47.09 -39.89 98.88
CA PHE E 106 -46.77 -39.06 100.03
C PHE E 106 -45.29 -39.04 100.26
N ASP E 107 -44.65 -40.19 100.13
CA ASP E 107 -43.22 -40.31 100.33
C ASP E 107 -42.49 -39.34 99.41
N ALA E 108 -42.80 -39.40 98.12
CA ALA E 108 -42.17 -38.53 97.14
C ALA E 108 -42.42 -37.05 97.45
N PHE E 109 -43.67 -36.71 97.73
CA PHE E 109 -44.02 -35.35 98.06
C PHE E 109 -43.22 -34.84 99.24
N LYS E 110 -42.95 -35.71 100.22
CA LYS E 110 -42.17 -35.30 101.38
C LYS E 110 -40.77 -34.97 100.88
N THR E 111 -40.19 -35.93 100.17
CA THR E 111 -38.86 -35.77 99.62
C THR E 111 -38.81 -34.44 98.90
N ALA E 112 -39.78 -34.23 98.02
CA ALA E 112 -39.83 -32.98 97.27
C ALA E 112 -39.67 -31.81 98.24
N ILE E 113 -40.65 -31.66 99.13
CA ILE E 113 -40.62 -30.58 100.12
C ILE E 113 -39.24 -30.44 100.72
N LEU E 114 -38.74 -31.52 101.31
CA LEU E 114 -37.42 -31.47 101.92
C LEU E 114 -36.33 -30.93 100.99
N HIS E 115 -36.19 -31.48 99.79
CA HIS E 115 -35.17 -30.99 98.89
C HIS E 115 -35.34 -29.51 98.57
N VAL E 116 -36.55 -29.07 98.29
CA VAL E 116 -36.76 -27.67 97.98
C VAL E 116 -36.44 -26.82 99.18
N VAL E 117 -37.05 -27.12 100.31
CA VAL E 117 -36.78 -26.36 101.56
C VAL E 117 -35.28 -26.23 101.80
N ALA E 118 -34.54 -27.32 101.67
CA ALA E 118 -33.08 -27.30 101.87
C ALA E 118 -32.45 -26.34 100.88
N ALA E 119 -32.93 -26.35 99.64
CA ALA E 119 -32.38 -25.49 98.63
C ALA E 119 -32.68 -24.05 99.00
N GLN E 120 -33.85 -23.80 99.57
CA GLN E 120 -34.26 -22.45 99.95
C GLN E 120 -33.60 -21.90 101.19
N LEU E 121 -33.36 -22.74 102.19
CA LEU E 121 -32.77 -22.27 103.43
C LEU E 121 -31.26 -22.19 103.43
N GLY E 122 -30.63 -22.71 102.39
CA GLY E 122 -29.19 -22.65 102.33
C GLY E 122 -28.47 -23.52 103.35
N ARG E 123 -28.18 -22.96 104.51
CA ARG E 123 -27.42 -23.67 105.55
C ARG E 123 -28.11 -24.03 106.86
N CYS E 124 -28.93 -23.12 107.37
CA CYS E 124 -29.62 -23.38 108.63
C CYS E 124 -30.90 -24.17 108.39
N TYR E 125 -30.76 -25.49 108.48
CA TYR E 125 -31.87 -26.42 108.28
C TYR E 125 -31.54 -27.83 108.76
N ASP E 126 -32.34 -28.30 109.71
CA ASP E 126 -32.15 -29.63 110.27
C ASP E 126 -32.99 -30.61 109.47
N ARG E 127 -32.33 -31.55 108.79
CA ARG E 127 -33.06 -32.51 107.98
C ARG E 127 -33.94 -33.45 108.80
N GLU E 128 -33.32 -34.23 109.70
CA GLU E 128 -34.03 -35.16 110.55
C GLU E 128 -35.32 -34.56 111.10
N ALA E 129 -35.21 -33.38 111.69
CA ALA E 129 -36.35 -32.67 112.25
C ALA E 129 -37.51 -32.53 111.28
N TRP E 130 -37.25 -31.97 110.10
CA TRP E 130 -38.30 -31.82 109.13
C TRP E 130 -38.86 -33.19 108.79
N ASP E 131 -37.97 -34.10 108.42
CA ASP E 131 -38.41 -35.45 108.07
C ASP E 131 -39.42 -35.91 109.10
N ALA E 132 -39.01 -35.87 110.37
CA ALA E 132 -39.87 -36.32 111.46
C ALA E 132 -41.23 -35.66 111.48
N CYS E 133 -41.26 -34.34 111.38
CA CYS E 133 -42.52 -33.62 111.40
C CYS E 133 -43.37 -33.73 110.14
N ILE E 134 -42.75 -33.61 108.98
CA ILE E 134 -43.51 -33.73 107.74
C ILE E 134 -44.19 -35.07 107.83
N ASP E 135 -43.47 -36.04 108.39
CA ASP E 135 -43.99 -37.38 108.54
C ASP E 135 -45.22 -37.31 109.42
N HIS E 136 -45.04 -36.88 110.67
CA HIS E 136 -46.17 -36.80 111.60
C HIS E 136 -47.37 -36.12 110.95
N ILE E 137 -47.13 -35.09 110.14
CA ILE E 137 -48.22 -34.40 109.48
C ILE E 137 -48.86 -35.27 108.42
N GLU E 138 -48.04 -35.97 107.65
CA GLU E 138 -48.57 -36.86 106.62
C GLU E 138 -49.36 -38.00 107.24
N ASP E 139 -48.83 -38.59 108.31
CA ASP E 139 -49.52 -39.68 108.96
C ASP E 139 -50.92 -39.23 109.31
N GLY E 140 -51.02 -38.02 109.85
CA GLY E 140 -52.33 -37.48 110.22
C GLY E 140 -53.28 -37.31 109.05
N ILE E 141 -52.77 -37.41 107.83
CA ILE E 141 -53.61 -37.25 106.65
C ILE E 141 -53.96 -38.58 106.03
N LYS E 142 -53.08 -39.57 106.21
CA LYS E 142 -53.33 -40.89 105.67
C LYS E 142 -54.13 -41.72 106.67
N GLY E 143 -53.74 -41.53 107.94
CA GLY E 143 -54.66 -41.62 109.01
C GLY E 143 -54.68 -43.03 109.38
N HIS E 144 -54.04 -43.82 108.52
CA HIS E 144 -54.05 -45.18 108.84
C HIS E 144 -52.64 -45.61 108.82
N HIS E 145 -52.49 -46.80 109.38
CA HIS E 145 -51.24 -47.31 109.76
C HIS E 145 -51.21 -48.43 108.78
N HIS F 1 -63.07 0.64 90.63
CA HIS F 1 -63.39 -0.74 90.18
C HIS F 1 -62.24 -1.22 89.37
N GLU F 2 -62.29 -0.96 88.04
CA GLU F 2 -61.28 -1.50 87.18
C GLU F 2 -60.00 -0.90 87.64
N HIS F 3 -60.06 0.41 87.91
CA HIS F 3 -58.95 1.24 88.26
C HIS F 3 -58.41 0.61 89.49
N CYS F 4 -59.31 0.38 90.45
CA CYS F 4 -58.94 0.06 91.80
C CYS F 4 -58.47 -1.33 91.91
N CYS F 5 -57.82 -1.64 93.08
CA CYS F 5 -56.86 -2.70 93.25
C CYS F 5 -55.87 -2.62 92.14
N SER F 6 -55.31 -1.43 91.94
CA SER F 6 -54.22 -1.27 91.03
C SER F 6 -53.05 -1.98 91.65
N GLU F 7 -51.96 -2.08 90.88
CA GLU F 7 -50.65 -2.56 91.29
C GLU F 7 -50.18 -1.84 92.54
N GLU F 8 -50.13 -0.51 92.51
CA GLU F 8 -49.69 0.23 93.69
C GLU F 8 -50.61 -0.14 94.84
N ASP F 9 -51.91 -0.06 94.58
CA ASP F 9 -52.90 -0.37 95.60
C ASP F 9 -52.54 -1.61 96.39
N HIS F 10 -52.53 -2.76 95.71
CA HIS F 10 -52.21 -3.99 96.42
C HIS F 10 -50.76 -4.10 96.85
N ARG F 11 -49.86 -3.50 96.08
CA ARG F 11 -48.47 -3.56 96.49
C ARG F 11 -48.48 -3.04 97.94
N ILE F 12 -49.32 -2.04 98.17
CA ILE F 12 -49.44 -1.44 99.49
C ILE F 12 -50.03 -2.43 100.45
N VAL F 13 -51.22 -2.89 100.11
CA VAL F 13 -51.90 -3.85 100.95
C VAL F 13 -50.91 -4.91 101.37
N GLN F 14 -50.30 -5.56 100.39
CA GLN F 14 -49.35 -6.62 100.68
C GLN F 14 -48.31 -6.20 101.71
N LYS F 15 -47.70 -5.05 101.50
CA LYS F 15 -46.68 -4.58 102.40
C LYS F 15 -47.21 -4.44 103.82
N GLN F 16 -48.38 -3.80 103.94
CA GLN F 16 -48.98 -3.55 105.24
C GLN F 16 -49.44 -4.80 105.94
N TRP F 17 -49.90 -5.78 105.16
CA TRP F 17 -50.39 -7.03 105.73
C TRP F 17 -49.23 -7.84 106.27
N ASP F 18 -48.03 -7.52 105.81
CA ASP F 18 -46.85 -8.23 106.27
C ASP F 18 -46.35 -7.76 107.64
N ILE F 19 -46.64 -6.50 107.98
CA ILE F 19 -46.23 -5.96 109.26
C ILE F 19 -46.65 -6.94 110.33
N LEU F 20 -47.71 -7.68 110.06
CA LEU F 20 -48.24 -8.64 110.99
C LEU F 20 -47.38 -9.87 111.29
N TRP F 21 -46.98 -10.57 110.23
CA TRP F 21 -46.21 -11.80 110.39
C TRP F 21 -44.70 -11.66 110.61
N ARG F 22 -44.30 -10.60 111.31
CA ARG F 22 -42.89 -10.40 111.57
C ARG F 22 -42.39 -11.39 112.62
N ASP F 23 -43.24 -11.70 113.61
CA ASP F 23 -42.84 -12.64 114.65
C ASP F 23 -43.37 -14.06 114.40
N THR F 24 -42.54 -15.04 114.75
CA THR F 24 -42.84 -16.45 114.54
C THR F 24 -44.16 -16.96 115.11
N GLU F 25 -44.73 -16.27 116.09
CA GLU F 25 -45.98 -16.74 116.67
C GLU F 25 -47.21 -16.28 115.88
N SER F 26 -47.15 -16.48 114.57
CA SER F 26 -48.25 -16.12 113.67
C SER F 26 -49.54 -16.80 114.10
N SER F 27 -49.45 -18.07 114.48
CA SER F 27 -50.61 -18.84 114.89
C SER F 27 -51.41 -18.08 115.95
N LYS F 28 -50.76 -17.74 117.05
CA LYS F 28 -51.41 -17.03 118.14
C LYS F 28 -52.15 -15.79 117.61
N ILE F 29 -51.51 -15.08 116.69
CA ILE F 29 -52.10 -13.89 116.09
C ILE F 29 -53.26 -14.26 115.19
N LYS F 30 -52.95 -14.89 114.05
CA LYS F 30 -53.97 -15.29 113.09
C LYS F 30 -55.22 -15.79 113.80
N ILE F 31 -55.03 -16.70 114.76
CA ILE F 31 -56.15 -17.24 115.52
C ILE F 31 -56.90 -16.13 116.24
N GLY F 32 -56.24 -15.53 117.22
CA GLY F 32 -56.86 -14.45 117.97
C GLY F 32 -57.58 -13.46 117.08
N PHE F 33 -56.89 -13.01 116.04
CA PHE F 33 -57.48 -12.05 115.11
C PHE F 33 -58.68 -12.64 114.37
N GLY F 34 -58.47 -13.79 113.73
CA GLY F 34 -59.56 -14.41 113.00
C GLY F 34 -60.69 -14.76 113.94
N ARG F 35 -60.35 -15.16 115.15
CA ARG F 35 -61.34 -15.51 116.15
C ARG F 35 -62.22 -14.30 116.35
N LEU F 36 -61.60 -13.20 116.73
CA LEU F 36 -62.33 -11.95 116.97
C LEU F 36 -63.16 -11.56 115.77
N LEU F 37 -62.56 -11.57 114.58
CA LEU F 37 -63.29 -11.21 113.36
C LEU F 37 -64.58 -11.98 113.17
N LEU F 38 -64.54 -13.29 113.34
CA LEU F 38 -65.75 -14.09 113.19
C LEU F 38 -66.72 -13.80 114.33
N THR F 39 -66.21 -13.72 115.56
CA THR F 39 -67.04 -13.42 116.73
C THR F 39 -67.85 -12.17 116.47
N LYS F 40 -67.14 -11.07 116.22
CA LYS F 40 -67.77 -9.77 115.95
C LYS F 40 -68.75 -9.86 114.80
N LEU F 41 -68.68 -10.93 114.02
CA LEU F 41 -69.62 -11.07 112.93
C LEU F 41 -70.88 -11.65 113.52
N ALA F 42 -70.74 -12.75 114.27
CA ALA F 42 -71.89 -13.41 114.90
C ALA F 42 -72.59 -12.44 115.85
N LYS F 43 -71.84 -11.47 116.34
CA LYS F 43 -72.38 -10.47 117.24
C LYS F 43 -73.41 -9.61 116.51
N ASP F 44 -73.04 -9.10 115.35
CA ASP F 44 -73.94 -8.26 114.55
C ASP F 44 -74.97 -9.03 113.74
N ILE F 45 -74.71 -10.30 113.48
CA ILE F 45 -75.64 -11.13 112.72
C ILE F 45 -75.56 -12.55 113.25
N PRO F 46 -76.47 -12.91 114.16
CA PRO F 46 -76.56 -14.22 114.81
C PRO F 46 -76.85 -15.43 113.93
N GLU F 47 -77.64 -15.24 112.89
CA GLU F 47 -77.97 -16.37 112.03
C GLU F 47 -76.68 -17.02 111.56
N VAL F 48 -75.56 -16.38 111.91
CA VAL F 48 -74.24 -16.87 111.56
C VAL F 48 -73.83 -17.97 112.52
N ASN F 49 -74.09 -17.74 113.79
CA ASN F 49 -73.75 -18.72 114.81
C ASN F 49 -74.12 -20.14 114.41
N ASP F 50 -75.22 -20.29 113.69
CA ASP F 50 -75.67 -21.61 113.26
C ASP F 50 -74.83 -22.18 112.13
N LEU F 51 -74.24 -21.30 111.33
CA LEU F 51 -73.43 -21.72 110.21
C LEU F 51 -72.10 -22.26 110.69
N PHE F 52 -71.51 -21.55 111.65
CA PHE F 52 -70.25 -21.93 112.23
C PHE F 52 -70.43 -22.92 113.37
N LYS F 53 -71.64 -23.44 113.50
CA LYS F 53 -71.98 -24.40 114.52
C LYS F 53 -71.10 -25.63 114.33
N ARG F 54 -71.00 -26.04 113.08
CA ARG F 54 -70.21 -27.20 112.66
C ARG F 54 -68.78 -27.18 113.19
N VAL F 55 -68.22 -25.97 113.36
CA VAL F 55 -66.85 -25.84 113.83
C VAL F 55 -66.78 -25.40 115.29
N ASP F 56 -67.84 -25.69 116.04
CA ASP F 56 -67.89 -25.36 117.47
C ASP F 56 -67.53 -23.91 117.74
N ILE F 57 -68.22 -22.99 117.08
CA ILE F 57 -67.97 -21.56 117.27
C ILE F 57 -68.39 -21.20 118.68
N GLU F 58 -69.20 -22.06 119.27
CA GLU F 58 -69.68 -21.85 120.62
C GLU F 58 -68.47 -21.72 121.55
N HIS F 59 -67.40 -22.47 121.27
CA HIS F 59 -66.18 -22.41 122.07
C HIS F 59 -65.11 -21.68 121.30
N ALA F 60 -65.11 -20.36 121.37
CA ALA F 60 -64.15 -19.55 120.66
C ALA F 60 -62.72 -20.05 120.78
N GLU F 61 -62.31 -20.40 121.99
CA GLU F 61 -60.94 -20.87 122.26
C GLU F 61 -60.79 -22.36 122.00
N GLY F 62 -61.91 -23.00 121.70
CA GLY F 62 -61.91 -24.43 121.43
C GLY F 62 -61.12 -24.75 120.19
N PRO F 63 -60.19 -25.69 120.25
CA PRO F 63 -59.39 -26.05 119.09
C PRO F 63 -60.23 -26.16 117.81
N LYS F 64 -61.38 -26.80 117.92
CA LYS F 64 -62.27 -26.97 116.77
C LYS F 64 -62.40 -25.67 116.00
N PHE F 65 -62.69 -24.59 116.73
CA PHE F 65 -62.84 -23.28 116.12
C PHE F 65 -61.50 -22.61 115.84
N SER F 66 -60.56 -22.70 116.76
CA SER F 66 -59.25 -22.11 116.55
C SER F 66 -58.68 -22.57 115.21
N ALA F 67 -58.83 -23.85 114.91
CA ALA F 67 -58.34 -24.36 113.66
C ALA F 67 -59.01 -23.56 112.57
N HIS F 68 -60.34 -23.55 112.61
CA HIS F 68 -61.13 -22.83 111.62
C HIS F 68 -60.63 -21.40 111.47
N ALA F 69 -60.50 -20.71 112.60
CA ALA F 69 -60.03 -19.34 112.62
C ALA F 69 -58.84 -19.24 111.68
N LEU F 70 -57.95 -20.20 111.76
CA LEU F 70 -56.78 -20.19 110.89
C LEU F 70 -57.20 -20.35 109.45
N ARG F 71 -57.79 -21.48 109.13
CA ARG F 71 -58.23 -21.76 107.78
C ARG F 71 -58.76 -20.53 107.08
N ILE F 72 -59.72 -19.84 107.68
CA ILE F 72 -60.28 -18.65 107.06
C ILE F 72 -59.26 -17.53 106.95
N LEU F 73 -58.78 -17.07 108.10
CA LEU F 73 -57.80 -16.02 108.16
C LEU F 73 -56.66 -16.35 107.18
N ASN F 74 -56.27 -17.61 107.13
CA ASN F 74 -55.19 -18.04 106.25
C ASN F 74 -55.60 -17.99 104.78
N GLY F 75 -56.90 -18.11 104.53
CA GLY F 75 -57.40 -18.05 103.17
C GLY F 75 -57.28 -16.63 102.72
N LEU F 76 -57.64 -15.71 103.60
CA LEU F 76 -57.52 -14.29 103.30
C LEU F 76 -56.07 -14.01 102.91
N ASP F 77 -55.13 -14.67 103.60
CA ASP F 77 -53.71 -14.52 103.32
C ASP F 77 -53.51 -14.89 101.87
N LEU F 78 -53.85 -16.13 101.53
CA LEU F 78 -53.73 -16.61 100.16
C LEU F 78 -54.23 -15.56 99.18
N ALA F 79 -55.43 -15.07 99.40
CA ALA F 79 -56.01 -14.06 98.52
C ALA F 79 -55.05 -12.91 98.34
N ILE F 80 -54.68 -12.28 99.45
CA ILE F 80 -53.77 -11.15 99.42
C ILE F 80 -52.46 -11.51 98.73
N ASN F 81 -51.84 -12.63 99.09
CA ASN F 81 -50.58 -13.02 98.48
C ASN F 81 -50.62 -13.37 97.00
N LEU F 82 -51.82 -13.45 96.44
CA LEU F 82 -51.94 -13.76 95.03
C LEU F 82 -52.43 -12.54 94.29
N LEU F 83 -52.53 -11.41 95.01
CA LEU F 83 -52.99 -10.18 94.38
C LEU F 83 -52.16 -9.79 93.16
N ASP F 84 -50.90 -10.22 93.14
CA ASP F 84 -50.05 -9.88 92.02
C ASP F 84 -49.97 -11.05 91.04
N ASP F 85 -51.12 -11.45 90.49
CA ASP F 85 -51.24 -12.55 89.51
C ASP F 85 -52.72 -12.80 89.37
N PRO F 86 -53.45 -11.82 88.83
CA PRO F 86 -54.89 -11.90 88.62
C PRO F 86 -55.48 -13.25 88.24
N PRO F 87 -54.93 -13.92 87.20
CA PRO F 87 -55.46 -15.22 86.79
C PRO F 87 -55.45 -16.24 87.92
N ALA F 88 -54.33 -16.31 88.63
CA ALA F 88 -54.17 -17.23 89.76
C ALA F 88 -55.13 -16.82 90.88
N LEU F 89 -55.04 -15.57 91.31
CA LEU F 89 -55.91 -15.08 92.34
C LEU F 89 -57.34 -15.39 91.97
N ASP F 90 -57.71 -15.12 90.73
CA ASP F 90 -59.05 -15.38 90.25
C ASP F 90 -59.39 -16.81 90.59
N ALA F 91 -58.67 -17.74 89.98
CA ALA F 91 -58.90 -19.16 90.24
C ALA F 91 -58.98 -19.47 91.72
N ALA F 92 -57.99 -19.01 92.48
CA ALA F 92 -57.93 -19.22 93.93
C ALA F 92 -59.22 -18.81 94.65
N LEU F 93 -59.79 -17.68 94.25
CA LEU F 93 -61.01 -17.16 94.84
C LEU F 93 -62.23 -17.92 94.34
N ASP F 94 -62.30 -18.18 93.04
CA ASP F 94 -63.43 -18.91 92.47
C ASP F 94 -63.59 -20.17 93.31
N HIS F 95 -62.48 -20.83 93.59
CA HIS F 95 -62.48 -22.05 94.38
C HIS F 95 -63.14 -21.76 95.73
N LEU F 96 -62.80 -20.63 96.33
CA LEU F 96 -63.38 -20.26 97.63
C LEU F 96 -64.88 -20.03 97.48
N ALA F 97 -65.30 -19.58 96.32
CA ALA F 97 -66.71 -19.35 96.08
C ALA F 97 -67.42 -20.69 96.25
N HIS F 98 -66.97 -21.69 95.50
CA HIS F 98 -67.57 -23.02 95.54
C HIS F 98 -67.58 -23.58 96.95
N GLN F 99 -66.53 -23.34 97.73
CA GLN F 99 -66.49 -23.87 99.08
C GLN F 99 -67.54 -23.23 99.96
N HIS F 100 -68.08 -22.11 99.52
CA HIS F 100 -69.09 -21.39 100.26
C HIS F 100 -70.47 -21.59 99.65
N GLU F 101 -70.51 -21.92 98.36
CA GLU F 101 -71.77 -22.14 97.69
C GLU F 101 -72.55 -23.29 98.32
N VAL F 102 -71.87 -24.40 98.55
CA VAL F 102 -72.50 -25.59 99.13
C VAL F 102 -72.76 -25.49 100.61
N ARG F 103 -72.55 -24.31 101.19
CA ARG F 103 -72.80 -24.12 102.61
C ARG F 103 -74.03 -23.23 102.72
N GLU F 104 -75.21 -23.84 102.67
CA GLU F 104 -76.44 -23.07 102.73
C GLU F 104 -76.55 -22.30 104.04
N GLY F 105 -77.15 -21.11 103.94
CA GLY F 105 -77.32 -20.26 105.10
C GLY F 105 -76.48 -19.03 104.92
N VAL F 106 -75.37 -19.20 104.21
CA VAL F 106 -74.44 -18.12 103.96
C VAL F 106 -74.95 -17.25 102.86
N GLN F 107 -75.32 -16.02 103.19
CA GLN F 107 -75.83 -15.07 102.19
C GLN F 107 -74.90 -13.87 102.00
N LYS F 108 -75.03 -13.19 100.88
CA LYS F 108 -74.20 -12.05 100.56
C LYS F 108 -74.07 -11.04 101.68
N ALA F 109 -75.21 -10.58 102.20
CA ALA F 109 -75.21 -9.59 103.27
C ALA F 109 -74.19 -9.90 104.37
N HIS F 110 -73.84 -11.17 104.52
CA HIS F 110 -72.87 -11.61 105.52
C HIS F 110 -71.50 -11.04 105.20
N PHE F 111 -71.06 -11.23 103.95
CA PHE F 111 -69.78 -10.74 103.51
C PHE F 111 -69.73 -9.23 103.59
N LYS F 112 -70.76 -8.56 103.08
CA LYS F 112 -70.77 -7.10 103.16
C LYS F 112 -70.42 -6.68 104.57
N LYS F 113 -71.05 -7.32 105.56
CA LYS F 113 -70.80 -6.99 106.97
C LYS F 113 -69.38 -7.35 107.37
N PHE F 114 -68.97 -8.58 107.09
CA PHE F 114 -67.64 -9.03 107.44
C PHE F 114 -66.63 -8.04 106.88
N GLY F 115 -66.93 -7.48 105.72
CA GLY F 115 -66.01 -6.53 105.12
C GLY F 115 -65.88 -5.31 106.00
N GLU F 116 -67.03 -4.76 106.37
CA GLU F 116 -67.04 -3.57 107.21
C GLU F 116 -66.28 -3.83 108.49
N ILE F 117 -66.44 -5.05 109.04
CA ILE F 117 -65.78 -5.42 110.29
C ILE F 117 -64.28 -5.50 110.10
N LEU F 118 -63.89 -6.15 109.02
CA LEU F 118 -62.49 -6.34 108.68
C LEU F 118 -61.81 -5.00 108.49
N ALA F 119 -62.54 -4.07 107.89
CA ALA F 119 -62.01 -2.75 107.64
C ALA F 119 -61.86 -1.92 108.90
N THR F 120 -62.61 -2.26 109.93
CA THR F 120 -62.53 -1.52 111.19
C THR F 120 -61.52 -2.18 112.08
N GLY F 121 -61.23 -3.44 111.80
CA GLY F 121 -60.29 -4.20 112.60
C GLY F 121 -58.83 -4.04 112.23
N LEU F 122 -58.51 -4.24 110.95
CA LEU F 122 -57.15 -4.13 110.48
C LEU F 122 -56.40 -2.93 111.06
N PRO F 123 -56.94 -1.72 110.87
CA PRO F 123 -56.29 -0.51 111.38
C PRO F 123 -56.05 -0.48 112.90
N GLN F 124 -56.51 -1.52 113.58
CA GLN F 124 -56.32 -1.60 115.02
C GLN F 124 -55.07 -2.37 115.35
N VAL F 125 -54.60 -3.18 114.42
CA VAL F 125 -53.40 -3.98 114.64
C VAL F 125 -52.25 -3.50 113.79
N LEU F 126 -52.57 -2.77 112.73
CA LEU F 126 -51.55 -2.26 111.84
C LEU F 126 -51.43 -0.76 112.05
N ASP F 127 -50.25 -0.29 112.42
CA ASP F 127 -50.05 1.14 112.64
C ASP F 127 -50.11 1.88 111.30
N ASP F 128 -49.62 1.23 110.25
CA ASP F 128 -49.64 1.83 108.91
C ASP F 128 -50.72 1.15 108.10
N TYR F 129 -51.82 1.87 107.89
CA TYR F 129 -52.97 1.36 107.16
C TYR F 129 -53.47 2.39 106.15
N ASP F 130 -53.72 1.94 104.93
CA ASP F 130 -54.21 2.83 103.89
C ASP F 130 -55.60 2.41 103.53
N ALA F 131 -56.57 2.89 104.29
CA ALA F 131 -57.97 2.54 104.09
C ALA F 131 -58.40 2.46 102.61
N LEU F 132 -58.05 3.47 101.82
CA LEU F 132 -58.43 3.48 100.42
C LEU F 132 -57.94 2.27 99.67
N ALA F 133 -56.66 1.97 99.78
CA ALA F 133 -56.10 0.81 99.08
C ALA F 133 -56.79 -0.46 99.53
N TRP F 134 -56.81 -0.69 100.83
CA TRP F 134 -57.44 -1.88 101.35
C TRP F 134 -58.88 -2.07 100.92
N LYS F 135 -59.73 -1.08 101.18
CA LYS F 135 -61.13 -1.20 100.82
C LYS F 135 -61.24 -1.62 99.37
N SER F 136 -60.45 -1.00 98.51
CA SER F 136 -60.45 -1.32 97.08
C SER F 136 -60.21 -2.81 96.85
N CYS F 137 -59.16 -3.35 97.45
CA CYS F 137 -58.83 -4.76 97.30
C CYS F 137 -59.75 -5.72 98.05
N LEU F 138 -60.03 -5.44 99.30
CA LEU F 138 -60.90 -6.32 100.05
C LEU F 138 -62.22 -6.50 99.31
N LYS F 139 -62.71 -5.42 98.70
CA LYS F 139 -63.98 -5.48 97.97
C LYS F 139 -63.88 -6.53 96.89
N GLY F 140 -62.93 -6.35 95.98
CA GLY F 140 -62.73 -7.31 94.90
C GLY F 140 -62.68 -8.74 95.40
N ILE F 141 -62.01 -8.97 96.52
CA ILE F 141 -61.89 -10.31 97.07
C ILE F 141 -63.20 -10.81 97.60
N LEU F 142 -63.73 -10.14 98.61
CA LEU F 142 -64.99 -10.54 99.21
C LEU F 142 -66.07 -10.81 98.16
N THR F 143 -66.16 -9.92 97.18
CA THR F 143 -67.17 -10.08 96.12
C THR F 143 -66.99 -11.40 95.37
N LYS F 144 -65.82 -11.59 94.79
CA LYS F 144 -65.54 -12.80 94.02
C LYS F 144 -65.74 -14.07 94.82
N ILE F 145 -65.57 -13.99 96.14
CA ILE F 145 -65.75 -15.17 96.98
C ILE F 145 -67.22 -15.54 97.19
N SER F 146 -68.07 -14.54 97.28
CA SER F 146 -69.49 -14.75 97.50
C SER F 146 -70.34 -14.74 96.23
N SER F 147 -69.70 -14.39 95.12
CA SER F 147 -70.39 -13.86 93.98
C SER F 147 -71.17 -15.00 93.44
N ARG F 148 -70.57 -16.18 93.62
CA ARG F 148 -71.41 -17.32 93.54
C ARG F 148 -72.03 -17.57 94.85
N LEU F 149 -73.36 -17.75 94.79
CA LEU F 149 -74.25 -17.93 95.88
C LEU F 149 -74.47 -19.43 95.87
N GLU G 1 -60.00 -3.81 132.52
CA GLU G 1 -58.58 -3.92 132.09
C GLU G 1 -58.51 -3.40 130.70
N CYS G 2 -57.53 -3.87 129.92
CA CYS G 2 -57.29 -3.25 128.65
C CYS G 2 -57.83 -4.17 127.58
N LEU G 3 -57.81 -3.70 126.31
CA LEU G 3 -58.34 -4.46 125.22
C LEU G 3 -57.21 -5.24 124.63
N VAL G 4 -57.53 -6.43 124.10
CA VAL G 4 -56.55 -7.37 123.70
C VAL G 4 -55.72 -6.81 122.59
N THR G 5 -56.33 -5.99 121.70
CA THR G 5 -55.60 -5.24 120.69
C THR G 5 -54.82 -4.08 121.31
N GLU G 6 -55.50 -3.31 122.16
CA GLU G 6 -54.87 -2.18 122.82
C GLU G 6 -53.57 -2.59 123.50
N SER G 7 -53.35 -3.88 123.69
CA SER G 7 -52.13 -4.38 124.31
C SER G 7 -51.12 -4.62 123.22
N LEU G 8 -51.45 -5.56 122.33
CA LEU G 8 -50.58 -5.92 121.21
C LEU G 8 -49.99 -4.66 120.60
N LYS G 9 -50.81 -3.62 120.50
CA LYS G 9 -50.37 -2.34 119.95
C LYS G 9 -49.21 -1.79 120.76
N VAL G 10 -49.36 -1.80 122.08
CA VAL G 10 -48.31 -1.32 122.95
C VAL G 10 -47.12 -2.28 122.92
N LYS G 11 -47.40 -3.57 123.05
CA LYS G 11 -46.35 -4.58 123.04
C LYS G 11 -45.48 -4.34 121.81
N LEU G 12 -46.13 -4.05 120.69
CA LEU G 12 -45.45 -3.82 119.42
C LEU G 12 -44.68 -2.52 119.40
N GLN G 13 -45.37 -1.42 119.69
CA GLN G 13 -44.72 -0.11 119.70
C GLN G 13 -43.57 -0.04 120.69
N TRP G 14 -43.73 -0.70 121.83
CA TRP G 14 -42.67 -0.69 122.82
C TRP G 14 -41.41 -1.21 122.17
N ALA G 15 -41.57 -2.25 121.37
CA ALA G 15 -40.44 -2.84 120.69
C ALA G 15 -39.64 -1.80 119.93
N SER G 16 -40.27 -1.15 118.96
CA SER G 16 -39.61 -0.15 118.13
C SER G 16 -39.00 0.99 118.93
N ALA G 17 -39.78 1.51 119.87
CA ALA G 17 -39.32 2.61 120.71
C ALA G 17 -38.14 2.29 121.62
N PHE G 18 -38.32 1.29 122.49
CA PHE G 18 -37.30 0.89 123.43
C PHE G 18 -36.03 0.58 122.67
N GLY G 19 -36.07 -0.43 121.82
CA GLY G 19 -34.91 -0.77 121.03
C GLY G 19 -34.04 -1.86 121.60
N HIS G 20 -32.76 -1.83 121.24
CA HIS G 20 -31.80 -2.82 121.72
C HIS G 20 -30.46 -2.20 122.11
N ALA G 21 -29.76 -2.86 123.02
CA ALA G 21 -28.44 -2.42 123.48
C ALA G 21 -28.41 -0.95 123.87
N HIS G 22 -27.36 -0.27 123.41
CA HIS G 22 -27.17 1.14 123.72
C HIS G 22 -28.44 1.96 123.48
N GLU G 23 -29.11 1.72 122.36
CA GLU G 23 -30.31 2.46 122.02
C GLU G 23 -31.21 2.64 123.22
N ARG G 24 -31.15 1.67 124.13
CA ARG G 24 -31.96 1.67 125.35
C ARG G 24 -31.43 2.63 126.39
N VAL G 25 -30.18 2.45 126.78
CA VAL G 25 -29.58 3.32 127.77
C VAL G 25 -29.93 4.76 127.42
N ALA G 26 -29.84 5.06 126.12
CA ALA G 26 -30.14 6.39 125.60
C ALA G 26 -31.55 6.75 125.97
N PHE G 27 -32.46 5.83 125.73
CA PHE G 27 -33.86 6.04 126.05
C PHE G 27 -33.99 6.30 127.54
N GLY G 28 -33.54 5.33 128.34
CA GLY G 28 -33.63 5.47 129.78
C GLY G 28 -33.13 6.83 130.23
N LEU G 29 -31.91 7.16 129.84
CA LEU G 29 -31.33 8.44 130.19
C LEU G 29 -32.25 9.61 129.83
N GLU G 30 -32.57 9.75 128.55
CA GLU G 30 -33.45 10.83 128.10
C GLU G 30 -34.69 10.91 128.98
N LEU G 31 -35.27 9.78 129.31
CA LEU G 31 -36.46 9.72 130.15
C LEU G 31 -36.24 10.31 131.53
N TRP G 32 -35.37 9.69 132.31
CA TRP G 32 -35.11 10.17 133.66
C TRP G 32 -34.68 11.61 133.72
N ARG G 33 -33.94 12.08 132.72
CA ARG G 33 -33.50 13.48 132.74
C ARG G 33 -34.73 14.36 132.74
N ASP G 34 -35.59 14.20 131.75
CA ASP G 34 -36.82 14.98 131.66
C ASP G 34 -37.62 14.91 132.95
N ILE G 35 -37.66 13.74 133.57
CA ILE G 35 -38.41 13.55 134.81
C ILE G 35 -37.82 14.32 135.96
N ILE G 36 -36.53 14.17 136.18
CA ILE G 36 -35.87 14.86 137.27
C ILE G 36 -35.84 16.39 137.12
N ASP G 37 -35.78 16.89 135.89
CA ASP G 37 -35.76 18.33 135.71
C ASP G 37 -37.11 18.92 136.07
N ASP G 38 -38.17 18.16 135.81
CA ASP G 38 -39.52 18.59 136.09
C ASP G 38 -39.82 18.54 137.58
N HIS G 39 -39.36 17.49 138.25
CA HIS G 39 -39.58 17.31 139.68
C HIS G 39 -38.33 16.84 140.42
N PRO G 40 -37.40 17.78 140.70
CA PRO G 40 -36.16 17.46 141.40
C PRO G 40 -36.34 16.82 142.76
N GLU G 41 -37.57 16.72 143.22
CA GLU G 41 -37.84 16.11 144.50
C GLU G 41 -37.45 14.63 144.45
N ILE G 42 -37.42 14.08 143.25
CA ILE G 42 -37.10 12.67 143.06
C ILE G 42 -35.64 12.30 143.30
N LYS G 43 -34.74 13.23 143.08
CA LYS G 43 -33.32 12.93 143.28
C LYS G 43 -33.09 12.38 144.69
N ALA G 44 -34.11 12.51 145.54
CA ALA G 44 -34.01 12.05 146.92
C ALA G 44 -33.88 10.54 147.10
N PRO G 45 -34.95 9.78 146.80
CA PRO G 45 -34.88 8.33 146.96
C PRO G 45 -33.85 7.63 146.08
N PHE G 46 -33.46 8.30 145.00
CA PHE G 46 -32.49 7.76 144.07
C PHE G 46 -31.08 8.04 144.58
N SER G 47 -30.97 8.33 145.87
CA SER G 47 -29.68 8.62 146.49
C SER G 47 -28.76 7.41 146.47
N ARG G 48 -29.34 6.23 146.58
CA ARG G 48 -28.56 5.00 146.60
C ARG G 48 -27.91 4.76 145.26
N VAL G 49 -28.59 5.12 144.19
CA VAL G 49 -28.11 4.94 142.83
C VAL G 49 -27.69 6.27 142.19
N ARG G 50 -26.81 7.00 142.87
CA ARG G 50 -26.33 8.29 142.38
C ARG G 50 -27.31 8.97 141.45
N GLY G 51 -28.41 9.45 142.03
CA GLY G 51 -29.43 10.13 141.25
C GLY G 51 -29.06 11.55 140.93
N ASP G 52 -28.01 12.06 141.56
CA ASP G 52 -27.57 13.43 141.31
C ASP G 52 -26.95 13.51 139.92
N ASN G 53 -26.20 12.46 139.57
CA ASN G 53 -25.52 12.35 138.27
C ASN G 53 -26.15 11.19 137.47
N ILE G 54 -27.20 11.48 136.70
CA ILE G 54 -27.87 10.46 135.94
C ILE G 54 -27.01 9.85 134.85
N TYR G 55 -25.92 10.52 134.49
CA TYR G 55 -25.05 9.99 133.44
C TYR G 55 -24.08 8.95 134.00
N SER G 56 -24.01 8.86 135.32
CA SER G 56 -23.10 7.93 135.99
C SER G 56 -23.48 6.50 135.69
N PRO G 57 -22.53 5.58 135.81
CA PRO G 57 -22.82 4.18 135.54
C PRO G 57 -23.74 3.63 136.63
N GLU G 58 -23.53 4.07 137.86
CA GLU G 58 -24.36 3.62 138.98
C GLU G 58 -25.83 3.84 138.64
N PHE G 59 -26.17 5.06 138.27
CA PHE G 59 -27.55 5.40 137.91
C PHE G 59 -27.93 4.72 136.61
N GLY G 60 -27.01 4.76 135.65
CA GLY G 60 -27.26 4.12 134.36
C GLY G 60 -27.77 2.71 134.57
N ALA G 61 -27.09 1.97 135.45
CA ALA G 61 -27.47 0.60 135.75
C ALA G 61 -28.91 0.64 136.16
N HIS G 62 -29.18 1.37 137.23
CA HIS G 62 -30.54 1.53 137.74
C HIS G 62 -31.52 1.77 136.59
N SER G 63 -31.30 2.87 135.89
CA SER G 63 -32.12 3.26 134.75
C SER G 63 -32.56 2.05 133.96
N GLN G 64 -31.59 1.25 133.57
CA GLN G 64 -31.84 0.03 132.80
C GLN G 64 -32.72 -0.97 133.55
N ARG G 65 -32.35 -1.29 134.79
CA ARG G 65 -33.11 -2.23 135.60
C ARG G 65 -34.58 -1.86 135.57
N VAL G 66 -34.84 -0.56 135.68
CA VAL G 66 -36.20 -0.03 135.67
C VAL G 66 -36.88 -0.36 134.35
N LEU G 67 -36.41 0.24 133.28
CA LEU G 67 -36.99 0.00 131.99
C LEU G 67 -37.23 -1.50 131.80
N SER G 68 -36.27 -2.33 132.20
CA SER G 68 -36.42 -3.77 132.03
C SER G 68 -37.70 -4.24 132.66
N GLY G 69 -37.89 -3.89 133.92
CA GLY G 69 -39.11 -4.28 134.61
C GLY G 69 -40.34 -3.83 133.83
N LEU G 70 -40.28 -2.61 133.32
CA LEU G 70 -41.36 -2.05 132.53
C LEU G 70 -41.55 -2.97 131.34
N ASP G 71 -40.46 -3.46 130.77
CA ASP G 71 -40.56 -4.36 129.63
C ASP G 71 -41.36 -5.57 130.05
N ILE G 72 -40.97 -6.18 131.17
CA ILE G 72 -41.68 -7.36 131.68
C ILE G 72 -43.16 -7.10 131.78
N THR G 73 -43.54 -6.14 132.62
CA THR G 73 -44.94 -5.81 132.78
C THR G 73 -45.62 -5.73 131.43
N ILE G 74 -45.10 -4.90 130.52
CA ILE G 74 -45.70 -4.78 129.19
C ILE G 74 -45.81 -6.11 128.45
N SER G 75 -44.75 -6.94 128.46
CA SER G 75 -44.92 -8.13 127.65
C SER G 75 -45.74 -9.08 128.44
N MET G 76 -45.91 -8.79 129.74
CA MET G 76 -46.73 -9.49 130.68
C MET G 76 -48.18 -9.30 130.33
N LEU G 77 -48.56 -8.10 129.84
CA LEU G 77 -49.90 -7.61 129.76
C LEU G 77 -50.72 -8.56 128.93
N ASP G 78 -50.17 -8.96 127.78
CA ASP G 78 -50.86 -9.59 126.71
C ASP G 78 -51.59 -10.80 127.20
N THR G 79 -50.95 -11.59 128.10
CA THR G 79 -51.60 -12.73 128.64
C THR G 79 -51.92 -12.43 130.06
N PRO G 80 -53.18 -12.37 130.35
CA PRO G 80 -53.72 -11.91 131.63
C PRO G 80 -53.22 -12.62 132.88
N ASP G 81 -53.17 -13.96 132.83
CA ASP G 81 -52.74 -14.74 133.99
C ASP G 81 -51.33 -14.38 134.45
N MET G 82 -50.44 -14.06 133.51
CA MET G 82 -49.08 -13.71 133.85
C MET G 82 -49.02 -12.27 134.34
N LEU G 83 -49.77 -11.40 133.69
CA LEU G 83 -49.78 -9.99 134.07
C LEU G 83 -50.32 -9.83 135.48
N ALA G 84 -51.52 -10.35 135.70
CA ALA G 84 -52.16 -10.27 137.01
C ALA G 84 -51.18 -10.69 138.10
N ALA G 85 -50.39 -11.74 137.80
CA ALA G 85 -49.41 -12.25 138.74
C ALA G 85 -48.23 -11.31 138.88
N GLN G 86 -47.66 -10.93 137.74
CA GLN G 86 -46.51 -10.03 137.70
C GLN G 86 -46.86 -8.73 138.41
N LEU G 87 -48.01 -8.16 138.09
CA LEU G 87 -48.43 -6.92 138.71
C LEU G 87 -48.47 -7.09 140.22
N ALA G 88 -49.16 -8.12 140.68
CA ALA G 88 -49.25 -8.37 142.11
C ALA G 88 -47.86 -8.44 142.72
N HIS G 89 -46.94 -9.08 142.02
CA HIS G 89 -45.56 -9.20 142.48
C HIS G 89 -44.91 -7.83 142.63
N LEU G 90 -45.18 -6.94 141.69
CA LEU G 90 -44.59 -5.61 141.73
C LEU G 90 -45.18 -4.80 142.87
N LYS G 91 -46.48 -4.92 143.08
CA LYS G 91 -47.15 -4.16 144.12
C LYS G 91 -46.46 -4.38 145.47
N VAL G 92 -46.09 -5.62 145.73
CA VAL G 92 -45.43 -5.96 146.97
C VAL G 92 -44.09 -5.23 147.13
N GLN G 93 -43.26 -5.28 146.10
CA GLN G 93 -41.96 -4.63 146.16
C GLN G 93 -42.08 -3.13 146.39
N HIS G 94 -43.30 -2.61 146.31
CA HIS G 94 -43.54 -1.18 146.50
C HIS G 94 -44.27 -0.81 147.77
N VAL G 95 -45.42 -1.42 148.00
CA VAL G 95 -46.22 -1.15 149.18
C VAL G 95 -45.40 -0.93 150.46
N GLU G 96 -44.38 -1.80 150.65
CA GLU G 96 -43.63 -1.85 151.86
C GLU G 96 -43.06 -0.50 152.03
N ARG G 97 -42.31 -0.08 151.00
CA ARG G 97 -41.72 1.22 151.06
C ARG G 97 -42.81 2.17 150.84
N ASN G 98 -42.54 3.40 151.25
CA ASN G 98 -43.48 4.45 151.13
C ASN G 98 -43.06 5.23 149.97
N LEU G 99 -44.05 5.66 149.21
CA LEU G 99 -43.67 6.46 148.12
C LEU G 99 -44.70 7.54 148.05
N LYS G 100 -44.55 8.49 147.10
CA LYS G 100 -45.65 9.35 146.83
C LYS G 100 -46.24 8.90 145.55
N PRO G 101 -47.51 8.67 145.64
CA PRO G 101 -48.27 8.10 144.58
C PRO G 101 -48.17 8.93 143.34
N GLU G 102 -48.05 10.26 143.49
CA GLU G 102 -48.07 11.15 142.34
C GLU G 102 -46.81 11.00 141.48
N PHE G 103 -45.74 10.49 142.06
CA PHE G 103 -44.49 10.29 141.34
C PHE G 103 -44.72 9.45 140.11
N PHE G 104 -45.48 8.38 140.28
CA PHE G 104 -45.78 7.48 139.18
C PHE G 104 -46.60 8.18 138.13
N ASP G 105 -47.55 9.01 138.55
CA ASP G 105 -48.37 9.74 137.60
C ASP G 105 -47.47 10.62 136.76
N ILE G 106 -46.34 11.01 137.35
CA ILE G 106 -45.34 11.83 136.68
C ILE G 106 -44.57 10.95 135.71
N PHE G 107 -44.00 9.87 136.24
CA PHE G 107 -43.26 8.93 135.43
C PHE G 107 -44.03 8.65 134.16
N LEU G 108 -45.30 8.29 134.31
CA LEU G 108 -46.15 7.97 133.17
C LEU G 108 -46.20 9.14 132.21
N LYS G 109 -46.45 10.34 132.73
CA LYS G 109 -46.53 11.52 131.89
C LYS G 109 -45.37 11.56 130.92
N HIS G 110 -44.15 11.44 131.45
CA HIS G 110 -42.95 11.47 130.61
C HIS G 110 -42.76 10.25 129.71
N LEU G 111 -42.91 9.06 130.26
CA LEU G 111 -42.76 7.86 129.47
C LEU G 111 -43.54 8.02 128.17
N LEU G 112 -44.72 8.65 128.26
CA LEU G 112 -45.56 8.87 127.09
C LEU G 112 -44.98 9.98 126.22
N HIS G 113 -44.53 11.03 126.87
CA HIS G 113 -43.93 12.15 126.17
C HIS G 113 -42.78 11.63 125.32
N VAL G 114 -41.89 10.84 125.94
CA VAL G 114 -40.75 10.28 125.24
C VAL G 114 -41.16 9.36 124.10
N LEU G 115 -41.99 8.35 124.39
CA LEU G 115 -42.43 7.44 123.34
C LEU G 115 -43.02 8.27 122.21
N GLY G 116 -43.64 9.38 122.58
CA GLY G 116 -44.24 10.26 121.59
C GLY G 116 -43.19 10.66 120.58
N ASP G 117 -42.05 11.12 121.06
CA ASP G 117 -40.96 11.53 120.19
C ASP G 117 -40.48 10.35 119.37
N ARG G 118 -40.10 9.27 120.06
CA ARG G 118 -39.60 8.08 119.40
C ARG G 118 -40.52 7.52 118.30
N LEU G 119 -41.79 7.32 118.64
CA LEU G 119 -42.73 6.76 117.69
C LEU G 119 -43.33 7.73 116.68
N GLY G 120 -43.42 9.01 117.05
CA GLY G 120 -43.99 9.97 116.13
C GLY G 120 -45.49 10.11 116.24
N THR G 121 -46.14 10.30 115.10
CA THR G 121 -47.59 10.48 115.09
C THR G 121 -48.36 9.15 115.15
N HIS G 122 -47.65 8.07 114.84
CA HIS G 122 -48.26 6.74 114.86
C HIS G 122 -48.56 6.33 116.28
N PHE G 123 -47.79 6.88 117.22
CA PHE G 123 -47.92 6.57 118.63
C PHE G 123 -49.35 6.51 119.07
N ASP G 124 -49.82 5.32 119.47
CA ASP G 124 -51.20 5.18 119.92
C ASP G 124 -51.35 5.57 121.38
N PHE G 125 -51.41 6.87 121.61
CA PHE G 125 -51.55 7.43 122.94
C PHE G 125 -52.63 6.70 123.70
N GLY G 126 -53.82 6.66 123.12
CA GLY G 126 -54.93 5.99 123.76
C GLY G 126 -54.51 4.65 124.35
N ALA G 127 -54.09 3.75 123.46
CA ALA G 127 -53.68 2.41 123.89
C ALA G 127 -52.70 2.43 125.07
N TRP G 128 -51.65 3.25 124.95
CA TRP G 128 -50.67 3.30 126.02
C TRP G 128 -51.27 3.79 127.32
N HIS G 129 -51.90 4.96 127.28
CA HIS G 129 -52.49 5.54 128.49
C HIS G 129 -53.34 4.49 129.19
N ASP G 130 -54.29 3.94 128.45
CA ASP G 130 -55.17 2.91 129.01
C ASP G 130 -54.37 1.74 129.54
N CYS G 131 -53.32 1.38 128.81
CA CYS G 131 -52.53 0.22 129.21
C CYS G 131 -51.39 0.38 130.23
N VAL G 132 -50.54 1.37 130.08
CA VAL G 132 -49.47 1.55 131.02
C VAL G 132 -50.05 1.97 132.36
N ASP G 133 -51.16 2.71 132.31
CA ASP G 133 -51.80 3.18 133.52
C ASP G 133 -52.01 1.98 134.41
N GLN G 134 -52.72 0.97 133.87
CA GLN G 134 -53.01 -0.30 134.54
C GLN G 134 -51.75 -0.97 135.21
N ILE G 135 -50.58 -0.66 134.67
CA ILE G 135 -49.35 -1.17 135.23
C ILE G 135 -48.89 -0.31 136.40
N ILE G 136 -49.14 1.00 136.33
CA ILE G 136 -48.73 1.87 137.40
C ILE G 136 -49.57 1.67 138.67
N ASP G 137 -50.88 1.73 138.54
CA ASP G 137 -51.74 1.56 139.71
C ASP G 137 -51.38 0.29 140.48
N GLY G 138 -51.05 -0.77 139.74
CA GLY G 138 -50.82 -2.04 140.35
C GLY G 138 -49.67 -1.89 141.28
N ILE G 139 -48.60 -1.18 140.86
CA ILE G 139 -47.42 -1.11 141.67
C ILE G 139 -47.65 -0.29 142.88
N LYS G 140 -48.35 0.85 142.66
CA LYS G 140 -48.62 1.78 143.71
C LYS G 140 -49.56 1.04 144.69
N ASP H 1 -8.66 47.88 100.71
CA ASP H 1 -9.61 47.59 99.61
C ASP H 1 -10.55 46.62 100.18
N CYS H 2 -11.11 45.74 99.34
CA CYS H 2 -11.79 44.85 100.20
C CYS H 2 -11.13 43.54 100.21
N CYS H 3 -11.78 42.74 101.05
CA CYS H 3 -11.39 41.45 101.42
C CYS H 3 -12.17 40.59 100.51
N SER H 4 -11.44 39.62 99.92
CA SER H 4 -11.99 38.56 99.12
C SER H 4 -12.37 37.49 100.09
N TYR H 5 -13.29 36.66 99.68
CA TYR H 5 -13.79 35.49 100.36
C TYR H 5 -12.65 34.48 100.45
N GLU H 6 -11.88 34.37 99.38
CA GLU H 6 -10.76 33.44 99.37
C GLU H 6 -9.81 33.81 100.49
N ASP H 7 -9.50 35.09 100.58
CA ASP H 7 -8.60 35.58 101.61
C ASP H 7 -9.13 35.21 102.99
N ARG H 8 -10.44 35.37 103.18
CA ARG H 8 -11.01 35.02 104.45
C ARG H 8 -10.68 33.55 104.72
N ARG H 9 -10.96 32.70 103.74
CA ARG H 9 -10.67 31.29 103.88
C ARG H 9 -9.20 31.08 104.23
N GLU H 10 -8.31 31.80 103.56
CA GLU H 10 -6.88 31.70 103.83
C GLU H 10 -6.60 31.92 105.32
N ILE H 11 -7.13 33.02 105.83
CA ILE H 11 -6.95 33.37 107.22
C ILE H 11 -7.64 32.35 108.13
N ARG H 12 -8.90 32.06 107.87
CA ARG H 12 -9.66 31.11 108.70
C ARG H 12 -8.84 29.85 108.90
N HIS H 13 -7.79 29.69 108.10
CA HIS H 13 -6.90 28.54 108.18
C HIS H 13 -5.61 28.94 108.87
N ILE H 14 -4.97 29.98 108.35
CA ILE H 14 -3.75 30.47 108.95
C ILE H 14 -3.92 30.55 110.46
N TRP H 15 -5.09 31.03 110.91
CA TRP H 15 -5.34 31.17 112.33
C TRP H 15 -5.32 29.82 113.03
N ASP H 16 -6.05 28.85 112.47
CA ASP H 16 -6.11 27.51 113.05
C ASP H 16 -4.72 26.92 113.33
N ASP H 17 -3.67 27.61 112.91
CA ASP H 17 -2.32 27.13 113.13
C ASP H 17 -1.67 27.82 114.34
N VAL H 18 -2.08 29.05 114.60
CA VAL H 18 -1.54 29.78 115.73
C VAL H 18 -2.40 29.51 116.94
N TRP H 19 -3.72 29.45 116.78
CA TRP H 19 -4.55 29.40 117.94
C TRP H 19 -4.40 28.07 118.65
N SER H 20 -4.07 27.01 117.89
CA SER H 20 -4.85 25.80 117.77
C SER H 20 -5.14 25.15 119.08
N SER H 21 -4.09 24.94 119.89
CA SER H 21 -4.13 24.07 121.04
C SER H 21 -4.97 24.70 122.12
N SER H 22 -5.48 23.88 123.05
CA SER H 22 -6.47 24.41 123.97
C SER H 22 -5.79 25.32 124.92
N PHE H 23 -4.53 24.98 125.13
CA PHE H 23 -3.59 25.54 126.03
C PHE H 23 -3.43 27.00 125.84
N THR H 24 -3.42 27.77 126.97
CA THR H 24 -2.82 29.09 126.87
C THR H 24 -1.38 29.14 126.34
N ASP H 25 -0.47 28.45 127.04
CA ASP H 25 0.94 28.39 126.66
C ASP H 25 1.33 28.93 125.28
N ARG H 26 0.87 28.28 124.22
CA ARG H 26 1.22 28.71 122.87
C ARG H 26 0.76 30.13 122.53
N ARG H 27 -0.56 30.34 122.48
CA ARG H 27 -1.10 31.65 122.15
C ARG H 27 -0.41 32.75 122.91
N VAL H 28 -0.12 32.47 124.18
CA VAL H 28 0.55 33.45 125.02
C VAL H 28 1.89 33.87 124.41
N ALA H 29 2.82 32.93 124.32
CA ALA H 29 4.12 33.19 123.76
C ALA H 29 4.03 33.98 122.46
N ILE H 30 3.06 33.65 121.61
CA ILE H 30 2.93 34.36 120.33
C ILE H 30 2.50 35.79 120.54
N VAL H 31 1.36 36.00 121.17
CA VAL H 31 0.86 37.36 121.41
C VAL H 31 1.91 38.16 122.12
N ARG H 32 2.63 37.53 123.04
CA ARG H 32 3.69 38.23 123.76
C ARG H 32 4.71 38.65 122.72
N ALA H 33 5.32 37.66 122.06
CA ALA H 33 6.32 37.92 121.05
C ALA H 33 5.89 39.04 120.12
N VAL H 34 4.58 39.21 119.95
CA VAL H 34 4.04 40.27 119.10
C VAL H 34 4.24 41.60 119.79
N PHE H 35 3.80 41.70 121.02
CA PHE H 35 3.95 42.92 121.77
C PHE H 35 5.40 43.32 121.96
N ASP H 36 6.26 42.35 122.25
CA ASP H 36 7.68 42.65 122.44
C ASP H 36 8.21 43.40 121.22
N ASP H 37 7.65 43.10 120.06
CA ASP H 37 8.04 43.75 118.81
C ASP H 37 7.40 45.12 118.70
N LEU H 38 6.28 45.31 119.38
CA LEU H 38 5.59 46.59 119.37
C LEU H 38 6.35 47.55 120.26
N PHE H 39 6.78 47.04 121.40
CA PHE H 39 7.52 47.84 122.34
C PHE H 39 8.94 48.15 121.90
N LYS H 40 9.57 47.24 121.17
CA LYS H 40 10.93 47.49 120.72
C LYS H 40 10.91 48.59 119.67
N HIS H 41 9.76 48.81 119.05
CA HIS H 41 9.62 49.81 117.99
C HIS H 41 8.89 51.08 118.42
N TYR H 42 7.89 50.93 119.27
CA TYR H 42 7.15 52.09 119.77
C TYR H 42 7.15 51.96 121.29
N PRO H 43 8.34 52.08 121.91
CA PRO H 43 8.53 51.98 123.36
C PRO H 43 7.58 52.80 124.22
N THR H 44 7.07 53.88 123.66
CA THR H 44 6.14 54.74 124.37
C THR H 44 4.93 53.95 124.87
N SER H 45 4.33 53.16 123.99
CA SER H 45 3.16 52.36 124.30
C SER H 45 3.31 51.51 125.55
N LYS H 46 4.51 51.02 125.81
CA LYS H 46 4.76 50.17 126.98
C LYS H 46 4.03 50.66 128.22
N ALA H 47 4.27 51.91 128.58
CA ALA H 47 3.63 52.50 129.74
C ALA H 47 2.12 52.23 129.86
N LEU H 48 1.42 52.28 128.73
CA LEU H 48 -0.02 52.05 128.72
C LEU H 48 -0.53 50.84 129.46
N PHE H 49 0.30 49.81 129.59
CA PHE H 49 -0.12 48.60 130.25
C PHE H 49 0.35 48.40 131.67
N GLU H 50 0.59 49.48 132.41
CA GLU H 50 1.03 49.34 133.78
C GLU H 50 -0.15 48.82 134.57
N ARG H 51 -1.34 49.09 134.06
CA ARG H 51 -2.56 48.67 134.72
C ARG H 51 -2.62 47.16 134.86
N VAL H 52 -2.00 46.46 133.92
CA VAL H 52 -2.02 45.00 133.91
C VAL H 52 -0.69 44.45 134.40
N LYS H 53 0.18 45.34 134.85
CA LYS H 53 1.47 44.94 135.35
C LYS H 53 2.42 44.34 134.34
N ILE H 54 2.83 45.12 133.34
CA ILE H 54 3.76 44.62 132.33
C ILE H 54 5.15 44.52 132.92
N ASP H 55 5.38 45.22 134.02
CA ASP H 55 6.68 45.19 134.68
C ASP H 55 6.93 43.79 135.25
N GLU H 56 5.87 43.00 135.34
CA GLU H 56 5.96 41.64 135.84
C GLU H 56 5.53 40.72 134.70
N PRO H 57 6.42 40.50 133.74
CA PRO H 57 6.10 39.66 132.59
C PRO H 57 5.38 38.37 132.92
N GLU H 58 5.89 37.58 133.85
CA GLU H 58 5.25 36.31 134.17
C GLU H 58 4.16 36.46 135.21
N SER H 59 3.83 37.70 135.54
CA SER H 59 2.81 38.01 136.53
C SER H 59 1.58 37.12 136.54
N GLY H 60 0.89 37.06 135.41
CA GLY H 60 -0.32 36.27 135.37
C GLY H 60 -1.42 37.29 135.26
N GLU H 61 -1.25 38.41 135.94
CA GLU H 61 -2.21 39.48 135.88
C GLU H 61 -2.05 39.99 134.45
N PHE H 62 -0.82 39.88 133.96
CA PHE H 62 -0.45 40.31 132.62
C PHE H 62 -0.64 39.21 131.62
N LYS H 63 -0.22 37.99 131.97
CA LYS H 63 -0.39 36.87 131.05
C LYS H 63 -1.86 36.81 130.65
N SER H 64 -2.75 36.80 131.64
CA SER H 64 -4.18 36.75 131.37
C SER H 64 -4.50 37.82 130.35
N HIS H 65 -3.94 39.01 130.52
CA HIS H 65 -4.17 40.11 129.59
C HIS H 65 -3.85 39.65 128.19
N LEU H 66 -2.59 39.28 127.97
CA LEU H 66 -2.16 38.80 126.67
C LEU H 66 -3.22 37.89 126.06
N VAL H 67 -3.66 36.92 126.84
CA VAL H 67 -4.68 36.00 126.38
C VAL H 67 -5.92 36.75 125.90
N ARG H 68 -6.41 37.67 126.72
CA ARG H 68 -7.60 38.44 126.35
C ARG H 68 -7.40 39.11 125.01
N VAL H 69 -6.20 39.61 124.79
CA VAL H 69 -5.90 40.26 123.53
C VAL H 69 -5.97 39.22 122.47
N ALA H 70 -5.25 38.12 122.68
CA ALA H 70 -5.25 37.02 121.74
C ALA H 70 -6.70 36.68 121.42
N ASN H 71 -7.43 36.21 122.43
CA ASN H 71 -8.83 35.84 122.25
C ASN H 71 -9.65 36.90 121.57
N GLY H 72 -9.35 38.18 121.82
CA GLY H 72 -10.11 39.24 121.17
C GLY H 72 -9.87 39.24 119.67
N LEU H 73 -8.66 38.85 119.29
CA LEU H 73 -8.28 38.77 117.90
C LEU H 73 -8.97 37.54 117.34
N LYS H 74 -8.86 36.44 118.06
CA LYS H 74 -9.49 35.18 117.69
C LYS H 74 -10.95 35.45 117.36
N LEU H 75 -11.64 36.11 118.29
CA LEU H 75 -13.05 36.44 118.13
C LEU H 75 -13.27 37.19 116.82
N LEU H 76 -12.37 38.09 116.47
CA LEU H 76 -12.51 38.84 115.24
C LEU H 76 -12.50 37.92 114.04
N ILE H 77 -11.36 37.25 113.85
CA ILE H 77 -11.17 36.31 112.77
C ILE H 77 -12.36 35.34 112.67
N ASN H 78 -12.73 34.74 113.79
CA ASN H 78 -13.85 33.79 113.81
C ASN H 78 -15.20 34.47 113.60
N LEU H 79 -15.18 35.69 113.06
CA LEU H 79 -16.40 36.43 112.82
C LEU H 79 -16.43 36.84 111.37
N LEU H 80 -15.29 36.70 110.70
CA LEU H 80 -15.16 37.06 109.30
C LEU H 80 -16.20 36.44 108.38
N ASP H 81 -16.94 35.44 108.85
CA ASP H 81 -17.96 34.82 108.01
C ASP H 81 -19.34 35.38 108.34
N ASP H 82 -19.42 36.19 109.41
CA ASP H 82 -20.70 36.78 109.81
C ASP H 82 -20.72 38.30 109.74
N THR H 83 -20.04 38.83 108.73
CA THR H 83 -19.93 40.25 108.48
C THR H 83 -20.67 41.21 109.42
N LEU H 84 -21.99 41.25 109.31
CA LEU H 84 -22.81 42.16 110.12
C LEU H 84 -22.46 42.20 111.59
N VAL H 85 -22.20 41.04 112.19
CA VAL H 85 -21.84 41.00 113.61
C VAL H 85 -20.44 41.54 113.77
N LEU H 86 -19.55 41.11 112.88
CA LEU H 86 -18.18 41.58 112.93
C LEU H 86 -18.17 43.10 112.90
N GLN H 87 -18.93 43.68 111.97
CA GLN H 87 -19.00 45.12 111.82
C GLN H 87 -19.42 45.83 113.10
N SER H 88 -20.22 45.17 113.92
CA SER H 88 -20.65 45.77 115.18
C SER H 88 -19.60 45.58 116.27
N HIS H 89 -19.22 44.33 116.55
CA HIS H 89 -18.21 44.08 117.57
C HIS H 89 -16.95 44.81 117.21
N LEU H 90 -16.73 45.04 115.93
CA LEU H 90 -15.52 45.74 115.50
C LEU H 90 -15.59 47.16 116.04
N GLY H 91 -16.80 47.71 116.09
CA GLY H 91 -16.98 49.05 116.59
C GLY H 91 -16.77 49.01 118.09
N HIS H 92 -17.51 48.13 118.75
CA HIS H 92 -17.41 47.95 120.20
C HIS H 92 -15.94 47.80 120.62
N LEU H 93 -15.14 47.18 119.76
CA LEU H 93 -13.72 46.98 120.05
C LEU H 93 -12.98 48.29 119.96
N ALA H 94 -13.52 49.21 119.18
CA ALA H 94 -12.91 50.52 119.03
C ALA H 94 -13.17 51.29 120.31
N ASP H 95 -14.45 51.42 120.65
CA ASP H 95 -14.84 52.14 121.84
C ASP H 95 -14.06 51.69 123.08
N GLN H 96 -13.70 50.42 123.16
CA GLN H 96 -12.95 49.92 124.31
C GLN H 96 -11.52 50.45 124.30
N HIS H 97 -11.12 51.03 123.17
CA HIS H 97 -9.78 51.55 123.07
C HIS H 97 -9.78 53.07 123.01
N ILE H 98 -10.94 53.66 122.70
CA ILE H 98 -11.01 55.11 122.65
C ILE H 98 -11.03 55.62 124.07
N GLN H 99 -11.70 54.88 124.95
CA GLN H 99 -11.78 55.27 126.35
C GLN H 99 -10.49 54.96 127.08
N ARG H 100 -9.54 54.36 126.37
CA ARG H 100 -8.25 54.05 126.96
C ARG H 100 -7.32 55.19 126.57
N LYS H 101 -7.24 56.18 127.45
CA LYS H 101 -6.43 57.37 127.21
C LYS H 101 -4.97 57.03 126.92
N GLY H 102 -4.47 57.53 125.79
CA GLY H 102 -3.09 57.28 125.42
C GLY H 102 -2.88 56.36 124.24
N VAL H 103 -3.96 55.77 123.73
CA VAL H 103 -3.86 54.87 122.60
C VAL H 103 -3.95 55.61 121.28
N THR H 104 -2.83 55.70 120.55
CA THR H 104 -2.78 56.41 119.28
C THR H 104 -3.19 55.56 118.08
N LYS H 105 -3.43 56.23 116.96
CA LYS H 105 -3.84 55.58 115.74
C LYS H 105 -2.60 54.87 115.26
N GLU H 106 -1.46 55.42 115.66
CA GLU H 106 -0.16 54.89 115.28
C GLU H 106 0.14 53.55 115.93
N TYR H 107 0.01 53.47 117.24
CA TYR H 107 0.29 52.24 117.94
C TYR H 107 -0.37 51.05 117.24
N PHE H 108 -1.55 51.25 116.68
CA PHE H 108 -2.23 50.16 115.99
C PHE H 108 -1.47 49.80 114.74
N ARG H 109 -1.20 50.78 113.90
CA ARG H 109 -0.46 50.49 112.68
C ARG H 109 0.83 49.80 113.09
N GLY H 110 1.26 50.03 114.32
CA GLY H 110 2.49 49.44 114.79
C GLY H 110 2.36 47.98 115.18
N ILE H 111 1.24 47.63 115.80
CA ILE H 111 1.05 46.25 116.22
C ILE H 111 0.76 45.45 114.98
N GLY H 112 0.30 46.13 113.94
CA GLY H 112 0.00 45.44 112.70
C GLY H 112 1.30 44.95 112.10
N GLU H 113 2.30 45.80 112.14
CA GLU H 113 3.60 45.46 111.61
C GLU H 113 4.11 44.30 112.44
N ALA H 114 3.87 44.38 113.74
CA ALA H 114 4.28 43.34 114.68
C ALA H 114 3.92 41.94 114.18
N PHE H 115 2.63 41.68 114.06
CA PHE H 115 2.20 40.36 113.60
C PHE H 115 2.88 39.97 112.30
N ALA H 116 2.86 40.88 111.35
CA ALA H 116 3.44 40.65 110.03
C ALA H 116 4.92 40.26 110.09
N ARG H 117 5.51 40.38 111.26
CA ARG H 117 6.92 40.07 111.46
C ARG H 117 7.04 38.83 112.33
N VAL H 118 6.04 38.62 113.19
CA VAL H 118 6.04 37.49 114.10
C VAL H 118 5.45 36.26 113.47
N LEU H 119 4.18 36.34 113.12
CA LEU H 119 3.50 35.20 112.53
C LEU H 119 4.33 34.42 111.51
N PRO H 120 4.92 35.12 110.52
CA PRO H 120 5.72 34.40 109.52
C PRO H 120 6.85 33.56 110.11
N GLN H 121 7.04 33.65 111.42
CA GLN H 121 8.09 32.90 112.10
C GLN H 121 7.53 31.78 112.93
N VAL H 122 6.28 31.88 113.36
CA VAL H 122 5.68 30.84 114.19
C VAL H 122 5.00 29.74 113.39
N LEU H 123 4.79 29.99 112.11
CA LEU H 123 4.18 28.99 111.26
C LEU H 123 4.62 29.22 109.85
N SER H 124 4.63 28.14 109.06
CA SER H 124 5.01 28.24 107.66
C SER H 124 3.75 28.37 106.84
N CYS H 125 3.91 28.72 105.58
CA CYS H 125 2.77 28.89 104.70
C CYS H 125 1.90 30.04 105.19
N PHE H 126 2.52 31.18 105.43
CA PHE H 126 1.81 32.36 105.89
C PHE H 126 1.69 33.34 104.73
N ASN H 127 0.45 33.62 104.33
CA ASN H 127 0.22 34.53 103.22
C ASN H 127 0.26 35.95 103.74
N VAL H 128 1.44 36.40 104.14
CA VAL H 128 1.64 37.73 104.68
C VAL H 128 0.75 38.81 104.06
N ASP H 129 0.66 38.82 102.72
CA ASP H 129 -0.17 39.82 102.05
C ASP H 129 -1.64 39.68 102.44
N ALA H 130 -2.21 38.50 102.23
CA ALA H 130 -3.60 38.25 102.58
C ALA H 130 -3.87 38.67 104.02
N TRP H 131 -3.00 38.26 104.92
CA TRP H 131 -3.17 38.62 106.32
C TRP H 131 -3.20 40.13 106.36
N ASN H 132 -2.10 40.74 105.97
CA ASN H 132 -1.98 42.19 105.96
C ASN H 132 -3.25 42.86 105.46
N ARG H 133 -3.76 42.42 104.31
CA ARG H 133 -4.94 43.06 103.78
C ARG H 133 -6.09 43.05 104.76
N CYS H 134 -6.56 41.87 105.15
CA CYS H 134 -7.69 41.81 106.07
C CYS H 134 -7.40 42.32 107.47
N PHE H 135 -6.14 42.36 107.86
CA PHE H 135 -5.82 42.86 109.19
C PHE H 135 -6.00 44.37 109.18
N HIS H 136 -5.60 45.00 108.08
CA HIS H 136 -5.73 46.45 107.95
C HIS H 136 -7.20 46.85 108.00
N ARG H 137 -8.04 46.16 107.23
CA ARG H 137 -9.45 46.47 107.23
C ARG H 137 -9.95 46.41 108.67
N LEU H 138 -9.51 45.42 109.44
CA LEU H 138 -9.93 45.29 110.83
C LEU H 138 -9.41 46.43 111.68
N VAL H 139 -8.13 46.74 111.55
CA VAL H 139 -7.51 47.82 112.31
C VAL H 139 -8.14 49.17 112.00
N ALA H 140 -8.20 49.52 110.72
CA ALA H 140 -8.79 50.78 110.28
C ALA H 140 -10.06 51.09 111.06
N ARG H 141 -11.02 50.18 110.99
CA ARG H 141 -12.28 50.39 111.70
C ARG H 141 -12.12 50.49 113.20
N ILE H 142 -11.12 49.81 113.77
CA ILE H 142 -10.92 49.86 115.23
C ILE H 142 -10.40 51.20 115.70
N ALA H 143 -9.30 51.62 114.99
CA ALA H 143 -8.49 52.74 115.35
C ALA H 143 -9.33 53.93 115.20
N LYS H 144 -10.07 53.98 114.08
CA LYS H 144 -10.43 55.24 113.48
C LYS H 144 -11.27 55.95 114.44
N ASP H 145 -12.04 55.15 115.19
CA ASP H 145 -13.02 55.68 116.07
C ASP H 145 -12.27 56.58 117.01
N LEU H 146 -11.06 56.17 117.40
CA LEU H 146 -10.40 56.79 118.50
C LEU H 146 -10.18 58.26 118.22
N PRO H 147 -9.45 58.69 117.20
CA PRO H 147 -9.20 60.08 116.94
C PRO H 147 -10.51 60.69 116.66
N ASP I 1 122.08 26.09 -50.49
CA ASP I 1 121.33 25.63 -49.31
C ASP I 1 120.69 24.33 -49.53
N CYS I 2 120.05 23.88 -48.45
CA CYS I 2 119.34 22.69 -48.70
C CYS I 2 117.97 23.07 -48.99
N CYS I 3 117.29 22.06 -49.50
CA CYS I 3 115.96 22.31 -49.81
C CYS I 3 115.28 21.22 -49.15
N SER I 4 113.97 21.35 -49.24
CA SER I 4 113.02 20.63 -48.46
C SER I 4 112.31 19.80 -49.46
N TYR I 5 111.87 18.60 -49.02
CA TYR I 5 111.25 17.54 -49.78
C TYR I 5 109.93 18.04 -50.28
N GLU I 6 109.22 18.78 -49.44
CA GLU I 6 107.92 19.32 -49.82
C GLU I 6 108.09 20.22 -51.03
N ASP I 7 109.09 21.08 -50.96
CA ASP I 7 109.38 21.99 -52.05
C ASP I 7 109.64 21.20 -53.33
N ARG I 8 110.39 20.11 -53.22
CA ARG I 8 110.67 19.31 -54.39
C ARG I 8 109.34 18.87 -54.96
N ARG I 9 108.47 18.33 -54.12
CA ARG I 9 107.17 17.92 -54.57
C ARG I 9 106.43 19.06 -55.26
N GLU I 10 106.51 20.24 -54.67
CA GLU I 10 105.86 21.42 -55.24
C GLU I 10 106.31 21.60 -56.68
N ILE I 11 107.61 21.62 -56.88
CA ILE I 11 108.19 21.79 -58.20
C ILE I 11 107.86 20.62 -59.12
N ARG I 12 108.07 19.39 -58.62
CA ARG I 12 107.80 18.20 -59.42
C ARG I 12 106.40 18.28 -60.01
N HIS I 13 105.60 19.21 -59.47
CA HIS I 13 104.24 19.44 -59.96
C HIS I 13 104.20 20.68 -60.83
N ILE I 14 104.69 21.79 -60.30
CA ILE I 14 104.74 23.04 -61.05
C ILE I 14 105.26 22.78 -62.46
N TRP I 15 106.27 21.92 -62.55
CA TRP I 15 106.88 21.61 -63.85
C TRP I 15 105.87 20.92 -64.73
N ASP I 16 105.21 19.90 -64.20
CA ASP I 16 104.23 19.15 -64.97
C ASP I 16 103.20 20.04 -65.65
N ASP I 17 103.23 21.34 -65.34
CA ASP I 17 102.27 22.26 -65.94
C ASP I 17 102.89 23.02 -67.11
N VAL I 18 104.21 23.23 -67.05
CA VAL I 18 104.90 23.92 -68.14
C VAL I 18 105.35 22.89 -69.19
N TRP I 19 105.80 21.72 -68.71
CA TRP I 19 106.42 20.74 -69.55
C TRP I 19 105.37 20.31 -70.52
N SER I 20 104.13 20.40 -70.04
CA SER I 20 103.23 19.30 -70.01
C SER I 20 102.92 18.87 -71.40
N SER I 21 102.83 19.83 -72.33
CA SER I 21 102.52 19.49 -73.69
C SER I 21 103.56 18.47 -74.12
N SER I 22 103.14 17.62 -75.08
CA SER I 22 103.71 16.30 -75.29
C SER I 22 104.99 16.38 -75.97
N PHE I 23 105.04 17.36 -76.87
CA PHE I 23 106.03 17.43 -77.87
C PHE I 23 106.18 18.84 -78.15
N THR I 24 106.89 19.11 -79.22
CA THR I 24 107.88 20.14 -79.03
C THR I 24 107.32 21.55 -78.85
N ASP I 25 106.57 22.03 -79.85
CA ASP I 25 105.97 23.38 -79.86
C ASP I 25 105.99 24.17 -78.55
N ARG I 26 105.29 23.68 -77.53
CA ARG I 26 105.23 24.38 -76.25
C ARG I 26 106.60 24.54 -75.57
N ARG I 27 107.18 23.41 -75.16
CA ARG I 27 108.46 23.45 -74.47
C ARG I 27 109.43 24.37 -75.18
N VAL I 28 109.40 24.34 -76.50
CA VAL I 28 110.31 25.17 -77.31
C VAL I 28 110.11 26.63 -76.98
N ALA I 29 108.92 27.13 -77.26
CA ALA I 29 108.60 28.53 -77.00
C ALA I 29 109.01 28.97 -75.59
N ILE I 30 108.79 28.11 -74.60
CA ILE I 30 109.17 28.45 -73.24
C ILE I 30 110.68 28.53 -73.08
N VAL I 31 111.40 27.44 -73.37
CA VAL I 31 112.85 27.45 -73.24
C VAL I 31 113.46 28.60 -74.03
N ARG I 32 112.87 28.89 -75.19
CA ARG I 32 113.34 29.98 -76.03
C ARG I 32 113.13 31.26 -75.21
N ALA I 33 111.88 31.56 -74.91
CA ALA I 33 111.54 32.74 -74.11
C ALA I 33 112.48 32.92 -72.93
N VAL I 34 113.00 31.81 -72.40
CA VAL I 34 113.92 31.83 -71.27
C VAL I 34 115.24 32.40 -71.75
N PHE I 35 115.80 31.80 -72.79
CA PHE I 35 117.05 32.28 -73.32
C PHE I 35 116.98 33.72 -73.77
N ASP I 36 115.91 34.11 -74.47
CA ASP I 36 115.78 35.49 -74.93
C ASP I 36 115.99 36.44 -73.77
N ASP I 37 115.59 35.99 -72.57
CA ASP I 37 115.74 36.81 -71.37
C ASP I 37 117.17 36.75 -70.88
N LEU I 38 117.86 35.66 -71.22
CA LEU I 38 119.24 35.52 -70.80
C LEU I 38 120.09 36.43 -71.66
N PHE I 39 119.78 36.44 -72.95
CA PHE I 39 120.53 37.25 -73.87
C PHE I 39 120.25 38.74 -73.73
N LYS I 40 119.03 39.10 -73.35
CA LYS I 40 118.70 40.51 -73.21
C LYS I 40 119.43 41.07 -71.99
N HIS I 41 119.85 40.18 -71.09
CA HIS I 41 120.54 40.60 -69.87
C HIS I 41 122.05 40.34 -69.88
N TYR I 42 122.47 39.24 -70.50
CA TYR I 42 123.88 38.90 -70.58
C TYR I 42 124.15 38.61 -72.04
N PRO I 43 124.02 39.62 -72.90
CA PRO I 43 124.21 39.54 -74.35
C PRO I 43 125.46 38.81 -74.79
N THR I 44 126.42 38.85 -73.92
CA THR I 44 127.62 38.21 -74.20
C THR I 44 127.44 36.73 -74.57
N SER I 45 126.77 36.02 -73.69
CA SER I 45 126.53 34.61 -73.87
C SER I 45 126.04 34.22 -75.26
N LYS I 46 125.27 35.11 -75.88
CA LYS I 46 124.71 34.83 -77.19
C LYS I 46 125.72 34.13 -78.10
N ALA I 47 126.87 34.75 -78.30
CA ALA I 47 127.90 34.20 -79.15
C ALA I 47 128.18 32.71 -78.93
N LEU I 48 128.15 32.26 -77.69
CA LEU I 48 128.42 30.87 -77.35
C LEU I 48 127.67 29.81 -78.16
N PHE I 49 126.49 30.17 -78.66
CA PHE I 49 125.68 29.22 -79.42
C PHE I 49 125.71 29.36 -80.94
N GLU I 50 126.81 29.86 -81.48
CA GLU I 50 126.88 30.00 -82.94
C GLU I 50 127.00 28.59 -83.49
N ARG I 51 127.47 27.69 -82.65
CA ARG I 51 127.66 26.32 -83.06
C ARG I 51 126.34 25.67 -83.44
N VAL I 52 125.26 26.14 -82.82
CA VAL I 52 123.93 25.59 -83.09
C VAL I 52 123.11 26.50 -83.97
N LYS I 53 123.76 27.55 -84.44
CA LYS I 53 123.10 28.53 -85.33
C LYS I 53 121.99 29.34 -84.70
N ILE I 54 122.32 30.16 -83.69
CA ILE I 54 121.32 30.99 -83.05
C ILE I 54 120.93 32.15 -83.97
N ASP I 55 121.77 32.43 -84.95
CA ASP I 55 121.50 33.50 -85.89
C ASP I 55 120.29 33.12 -86.75
N GLU I 56 119.94 31.85 -86.72
CA GLU I 56 118.80 31.34 -87.46
C GLU I 56 117.81 30.80 -86.43
N PRO I 57 117.08 31.69 -85.76
CA PRO I 57 116.10 31.28 -84.75
C PRO I 57 115.24 30.08 -85.11
N GLU I 58 114.58 30.09 -86.26
CA GLU I 58 113.71 28.98 -86.64
C GLU I 58 114.47 27.86 -87.35
N SER I 59 115.79 27.98 -87.38
CA SER I 59 116.66 27.01 -88.02
C SER I 59 116.25 25.54 -87.90
N GLY I 60 116.12 25.08 -86.67
CA GLY I 60 115.78 23.70 -86.44
C GLY I 60 117.05 23.08 -85.87
N GLU I 61 118.20 23.53 -86.37
CA GLU I 61 119.47 23.05 -85.88
C GLU I 61 119.52 23.62 -84.47
N PHE I 62 118.90 24.79 -84.32
CA PHE I 62 118.83 25.52 -83.08
C PHE I 62 117.62 25.11 -82.29
N LYS I 63 116.47 25.00 -82.94
CA LYS I 63 115.28 24.57 -82.22
C LYS I 63 115.59 23.27 -81.49
N SER I 64 116.12 22.28 -82.22
CA SER I 64 116.47 21.00 -81.63
C SER I 64 117.30 21.24 -80.37
N HIS I 65 118.25 22.17 -80.46
CA HIS I 65 119.08 22.51 -79.32
C HIS I 65 118.20 22.87 -78.15
N LEU I 66 117.39 23.92 -78.30
CA LEU I 66 116.49 24.36 -77.25
C LEU I 66 115.83 23.17 -76.58
N VAL I 67 115.31 22.26 -77.37
CA VAL I 67 114.68 21.07 -76.86
C VAL I 67 115.63 20.29 -75.99
N ARG I 68 116.83 20.03 -76.50
CA ARG I 68 117.83 19.29 -75.72
C ARG I 68 118.03 19.93 -74.35
N VAL I 69 118.05 21.26 -74.32
CA VAL I 69 118.23 22.00 -73.10
C VAL I 69 117.03 21.72 -72.24
N ALA I 70 115.86 21.95 -72.81
CA ALA I 70 114.60 21.70 -72.10
C ALA I 70 114.66 20.29 -71.52
N ASN I 71 114.74 19.29 -72.39
CA ASN I 71 114.82 17.89 -71.95
C ASN I 71 115.89 17.64 -70.90
N GLY I 72 117.02 18.33 -71.00
CA GLY I 72 118.06 18.13 -70.02
C GLY I 72 117.60 18.59 -68.65
N LEU I 73 116.75 19.61 -68.64
CA LEU I 73 116.21 20.18 -67.42
C LEU I 73 115.18 19.20 -66.94
N LYS I 74 114.32 18.76 -67.86
CA LYS I 74 113.28 17.79 -67.57
C LYS I 74 113.91 16.60 -66.86
N LEU I 75 114.98 16.07 -67.44
CA LEU I 75 115.69 14.94 -66.89
C LEU I 75 116.11 15.21 -65.44
N LEU I 76 116.56 16.42 -65.17
CA LEU I 76 116.98 16.77 -63.81
C LEU I 76 115.81 16.63 -62.87
N ILE I 77 114.80 17.46 -63.08
CA ILE I 77 113.60 17.47 -62.26
C ILE I 77 113.07 16.06 -62.07
N ASN I 78 112.93 15.33 -63.15
CA ASN I 78 112.44 13.95 -63.08
C ASN I 78 113.45 12.98 -62.44
N LEU I 79 114.40 13.54 -61.70
CA LEU I 79 115.39 12.72 -61.04
C LEU I 79 115.40 13.07 -59.56
N LEU I 80 114.73 14.17 -59.23
CA LEU I 80 114.66 14.67 -57.85
C LEU I 80 114.19 13.64 -56.81
N ASP I 81 113.67 12.51 -57.27
CA ASP I 81 113.21 11.50 -56.35
C ASP I 81 114.25 10.41 -56.25
N ASP I 82 115.26 10.43 -57.12
CA ASP I 82 116.32 9.43 -57.07
C ASP I 82 117.72 9.98 -56.72
N THR I 83 117.73 10.96 -55.83
CA THR I 83 118.94 11.61 -55.34
C THR I 83 120.27 11.14 -55.90
N LEU I 84 120.72 9.97 -55.45
CA LEU I 84 122.00 9.42 -55.87
C LEU I 84 122.31 9.50 -57.35
N VAL I 85 121.32 9.24 -58.19
CA VAL I 85 121.54 9.31 -59.63
C VAL I 85 121.61 10.76 -60.04
N LEU I 86 120.71 11.56 -59.47
CA LEU I 86 120.70 12.98 -59.77
C LEU I 86 122.06 13.56 -59.47
N GLN I 87 122.61 13.22 -58.31
CA GLN I 87 123.91 13.71 -57.88
C GLN I 87 125.01 13.39 -58.89
N SER I 88 124.88 12.28 -59.60
CA SER I 88 125.88 11.91 -60.58
C SER I 88 125.67 12.62 -61.91
N HIS I 89 124.49 12.47 -62.49
CA HIS I 89 124.20 13.13 -63.77
C HIS I 89 124.37 14.61 -63.59
N LEU I 90 124.16 15.09 -62.37
CA LEU I 90 124.30 16.52 -62.13
C LEU I 90 125.74 16.88 -62.35
N GLY I 91 126.64 15.96 -62.00
CA GLY I 91 128.06 16.21 -62.21
C GLY I 91 128.33 16.15 -63.71
N HIS I 92 127.93 15.04 -64.31
CA HIS I 92 128.10 14.84 -65.75
C HIS I 92 127.61 16.07 -66.53
N LEU I 93 126.56 16.71 -66.02
CA LEU I 93 125.99 17.88 -66.67
C LEU I 93 126.93 19.05 -66.54
N ALA I 94 127.75 19.03 -65.50
CA ALA I 94 128.71 20.10 -65.27
C ALA I 94 129.82 19.93 -66.30
N ASP I 95 130.43 18.76 -66.29
CA ASP I 95 131.52 18.47 -67.21
C ASP I 95 131.18 18.83 -68.65
N GLN I 96 129.93 18.66 -69.04
CA GLN I 96 129.52 18.97 -70.40
C GLN I 96 129.54 20.47 -70.63
N HIS I 97 129.65 21.23 -69.56
CA HIS I 97 129.67 22.67 -69.68
C HIS I 97 131.03 23.25 -69.35
N ILE I 98 131.86 22.46 -68.68
CA ILE I 98 133.21 22.93 -68.35
C ILE I 98 134.04 22.85 -69.61
N GLN I 99 133.81 21.82 -70.42
CA GLN I 99 134.54 21.67 -71.67
C GLN I 99 134.02 22.63 -72.75
N ARG I 100 132.99 23.39 -72.41
CA ARG I 100 132.44 24.37 -73.34
C ARG I 100 133.09 25.69 -72.98
N LYS I 101 134.18 25.98 -73.67
CA LYS I 101 134.93 27.19 -73.43
C LYS I 101 134.09 28.46 -73.56
N GLY I 102 134.08 29.28 -72.51
CA GLY I 102 133.33 30.52 -72.56
C GLY I 102 132.13 30.57 -71.65
N VAL I 103 131.83 29.45 -70.99
CA VAL I 103 130.68 29.39 -70.09
C VAL I 103 131.03 29.79 -68.67
N THR I 104 130.58 30.98 -68.25
CA THR I 104 130.88 31.49 -66.91
C THR I 104 129.95 30.99 -65.82
N LYS I 105 130.36 31.19 -64.58
CA LYS I 105 129.58 30.79 -63.43
C LYS I 105 128.41 31.75 -63.41
N GLU I 106 128.64 32.93 -63.96
CA GLU I 106 127.64 33.98 -64.00
C GLU I 106 126.49 33.66 -64.94
N TYR I 107 126.80 33.29 -66.18
CA TYR I 107 125.75 32.98 -67.14
C TYR I 107 124.69 32.07 -66.53
N PHE I 108 125.12 31.16 -65.67
CA PHE I 108 124.17 30.25 -65.04
C PHE I 108 123.27 31.01 -64.09
N ARG I 109 123.87 31.76 -63.18
CA ARG I 109 123.08 32.52 -62.23
C ARG I 109 122.13 33.39 -63.07
N GLY I 110 122.52 33.65 -64.31
CA GLY I 110 121.70 34.47 -65.18
C GLY I 110 120.51 33.77 -65.77
N ILE I 111 120.69 32.53 -66.17
CA ILE I 111 119.61 31.77 -66.75
C ILE I 111 118.64 31.40 -65.64
N GLY I 112 119.15 31.40 -64.42
CA GLY I 112 118.31 31.07 -63.28
C GLY I 112 117.30 32.17 -63.10
N GLU I 113 117.76 33.41 -63.23
CA GLU I 113 116.89 34.58 -63.11
C GLU I 113 115.88 34.46 -64.23
N ALA I 114 116.37 34.07 -65.41
CA ALA I 114 115.52 33.91 -66.58
C ALA I 114 114.25 33.14 -66.26
N PHE I 115 114.39 31.88 -65.88
CA PHE I 115 113.21 31.08 -65.57
C PHE I 115 112.32 31.76 -64.57
N ALA I 116 112.92 32.26 -63.50
CA ALA I 116 112.18 32.92 -62.44
C ALA I 116 111.37 34.12 -62.92
N ARG I 117 111.60 34.52 -64.16
CA ARG I 117 110.90 35.65 -64.74
C ARG I 117 109.93 35.16 -65.82
N VAL I 118 110.28 34.04 -66.47
CA VAL I 118 109.47 33.48 -67.53
C VAL I 118 108.37 32.57 -66.99
N LEU I 119 108.77 31.49 -66.34
CA LEU I 119 107.81 30.55 -65.80
C LEU I 119 106.58 31.19 -65.17
N PRO I 120 106.77 32.16 -64.25
CA PRO I 120 105.61 32.79 -63.62
C PRO I 120 104.61 33.42 -64.61
N GLN I 121 104.98 33.41 -65.89
CA GLN I 121 104.13 33.98 -66.92
C GLN I 121 103.48 32.91 -67.79
N VAL I 122 104.08 31.74 -67.87
CA VAL I 122 103.54 30.67 -68.70
C VAL I 122 102.56 29.79 -67.96
N LEU I 123 102.54 29.90 -66.64
CA LEU I 123 101.61 29.10 -65.87
C LEU I 123 101.31 29.83 -64.58
N SER I 124 100.13 29.56 -64.03
CA SER I 124 99.75 30.19 -62.79
C SER I 124 100.06 29.21 -61.66
N CYS I 125 100.02 29.71 -60.43
CA CYS I 125 100.31 28.87 -59.28
C CYS I 125 101.76 28.41 -59.34
N PHE I 126 102.67 29.36 -59.50
CA PHE I 126 104.07 29.05 -59.57
C PHE I 126 104.71 29.48 -58.26
N ASN I 127 105.26 28.52 -57.52
CA ASN I 127 105.89 28.83 -56.24
C ASN I 127 107.33 29.30 -56.48
N VAL I 128 107.45 30.48 -57.08
CA VAL I 128 108.75 31.06 -57.41
C VAL I 128 109.85 30.74 -56.41
N ASP I 129 109.56 30.87 -55.12
CA ASP I 129 110.55 30.59 -54.10
C ASP I 129 110.99 29.14 -54.15
N ALA I 130 110.04 28.22 -54.02
CA ALA I 130 110.34 26.80 -54.05
C ALA I 130 111.17 26.47 -55.27
N TRP I 131 110.75 26.98 -56.42
CA TRP I 131 111.49 26.73 -57.64
C TRP I 131 112.90 27.25 -57.41
N ASN I 132 113.01 28.56 -57.20
CA ASN I 132 114.29 29.20 -56.97
C ASN I 132 115.19 28.36 -56.06
N ARG I 133 114.67 27.94 -54.91
CA ARG I 133 115.49 27.15 -54.00
C ARG I 133 116.10 25.93 -54.68
N CYS I 134 115.27 25.00 -55.14
CA CYS I 134 115.79 23.80 -55.76
C CYS I 134 116.53 24.03 -57.05
N PHE I 135 116.26 25.12 -57.72
CA PHE I 135 116.97 25.37 -58.97
C PHE I 135 118.38 25.76 -58.64
N HIS I 136 118.54 26.55 -57.59
CA HIS I 136 119.86 26.98 -57.17
C HIS I 136 120.71 25.78 -56.79
N ARG I 137 120.16 24.88 -55.98
CA ARG I 137 120.91 23.71 -55.58
C ARG I 137 121.39 22.99 -56.84
N LEU I 138 120.54 22.92 -57.86
CA LEU I 138 120.91 22.26 -59.11
C LEU I 138 122.00 23.00 -59.85
N VAL I 139 121.84 24.32 -59.98
CA VAL I 139 122.83 25.14 -60.67
C VAL I 139 124.17 25.11 -59.98
N ALA I 140 124.19 25.40 -58.68
CA ALA I 140 125.41 25.41 -57.89
C ALA I 140 126.29 24.23 -58.26
N ARG I 141 125.76 23.02 -58.14
CA ARG I 141 126.53 21.82 -58.46
C ARG I 141 126.95 21.74 -59.93
N ILE I 142 126.16 22.31 -60.83
CA ILE I 142 126.52 22.27 -62.26
C ILE I 142 127.70 23.17 -62.59
N ALA I 143 127.57 24.42 -62.10
CA ALA I 143 128.46 25.51 -62.27
C ALA I 143 129.74 25.23 -61.56
N LYS I 144 129.62 24.66 -60.35
CA LYS I 144 130.67 24.69 -59.37
C LYS I 144 131.83 23.97 -59.94
N ASP I 145 131.53 22.91 -60.68
CA ASP I 145 132.52 21.98 -61.11
C ASP I 145 133.52 22.75 -61.87
N LEU I 146 133.01 23.62 -62.80
CA LEU I 146 133.85 24.27 -63.76
C LEU I 146 134.87 24.98 -62.98
N PRO I 147 134.57 25.63 -61.90
CA PRO I 147 135.73 26.13 -61.25
C PRO I 147 136.52 25.11 -60.45
N LYS J 1 91.83 47.31 -70.30
CA LYS J 1 92.90 46.66 -69.51
C LYS J 1 94.07 46.32 -70.37
N LYS J 2 94.46 45.03 -70.40
CA LYS J 2 95.61 44.69 -71.19
C LYS J 2 95.15 44.20 -72.50
N GLN J 3 96.14 43.93 -73.37
CA GLN J 3 95.86 43.45 -74.67
C GLN J 3 96.38 42.08 -74.76
N CYS J 4 96.04 41.46 -75.88
CA CYS J 4 96.33 40.09 -76.10
C CYS J 4 97.72 39.95 -76.59
N GLY J 5 98.19 38.70 -76.50
CA GLY J 5 99.52 38.35 -76.89
C GLY J 5 99.74 36.96 -76.37
N VAL J 6 100.95 36.43 -76.64
CA VAL J 6 101.15 35.01 -76.78
C VAL J 6 100.82 34.30 -75.50
N LEU J 7 101.46 34.69 -74.39
CA LEU J 7 101.28 33.98 -73.16
C LEU J 7 99.84 34.02 -72.66
N GLU J 8 99.33 35.23 -72.40
CA GLU J 8 97.96 35.39 -71.91
C GLU J 8 97.01 34.56 -72.74
N GLY J 9 97.41 34.29 -73.97
CA GLY J 9 96.57 33.46 -74.83
C GLY J 9 96.68 32.04 -74.34
N LEU J 10 97.89 31.51 -74.35
CA LEU J 10 98.11 30.16 -73.88
C LEU J 10 97.39 29.92 -72.58
N LYS J 11 97.40 30.90 -71.68
CA LYS J 11 96.75 30.70 -70.41
C LYS J 11 95.26 30.51 -70.61
N VAL J 12 94.61 31.48 -71.26
CA VAL J 12 93.18 31.37 -71.48
C VAL J 12 92.86 30.09 -72.24
N LYS J 13 93.61 29.83 -73.29
CA LYS J 13 93.37 28.64 -74.11
C LYS J 13 93.36 27.39 -73.26
N SER J 14 94.23 27.36 -72.26
CA SER J 14 94.35 26.20 -71.38
C SER J 14 93.20 26.17 -70.38
N GLU J 15 93.02 27.27 -69.66
CA GLU J 15 91.95 27.37 -68.69
C GLU J 15 90.59 27.11 -69.31
N TRP J 16 90.40 27.58 -70.53
CA TRP J 16 89.15 27.38 -71.22
C TRP J 16 88.95 25.92 -71.38
N GLY J 17 90.02 25.19 -71.68
CA GLY J 17 89.92 23.75 -71.84
C GLY J 17 89.23 23.10 -70.65
N ARG J 18 89.64 23.52 -69.45
CA ARG J 18 89.09 22.99 -68.22
C ARG J 18 87.65 23.45 -67.97
N ALA J 19 87.39 24.73 -68.16
CA ALA J 19 86.06 25.26 -67.93
C ALA J 19 85.02 24.73 -68.92
N TYR J 20 85.39 24.66 -70.20
CA TYR J 20 84.48 24.20 -71.22
C TYR J 20 84.05 22.79 -70.89
N GLY J 21 85.00 21.88 -70.74
CA GLY J 21 84.68 20.50 -70.44
C GLY J 21 83.88 19.84 -71.55
N SER J 22 83.07 18.84 -71.20
CA SER J 22 82.27 18.14 -72.19
C SER J 22 81.03 17.48 -71.63
N GLY J 23 80.24 16.88 -72.52
CA GLY J 23 79.03 16.20 -72.11
C GLY J 23 77.99 17.10 -71.49
N HIS J 24 77.58 16.78 -70.27
CA HIS J 24 76.59 17.57 -69.56
C HIS J 24 77.18 18.85 -69.02
N ASP J 25 78.38 18.75 -68.45
CA ASP J 25 79.04 19.93 -67.92
C ASP J 25 78.92 21.04 -68.95
N ARG J 26 79.06 20.67 -70.21
CA ARG J 26 78.97 21.62 -71.30
C ARG J 26 77.53 22.13 -71.44
N GLU J 27 76.60 21.22 -71.67
CA GLU J 27 75.21 21.60 -71.82
C GLU J 27 74.77 22.56 -70.71
N ALA J 28 75.45 22.51 -69.56
CA ALA J 28 75.11 23.39 -68.44
C ALA J 28 75.95 24.65 -68.52
N PHE J 29 77.26 24.46 -68.62
CA PHE J 29 78.19 25.57 -68.74
C PHE J 29 77.57 26.62 -69.64
N SER J 30 77.12 26.19 -70.81
CA SER J 30 76.49 27.11 -71.75
C SER J 30 75.21 27.66 -71.12
N GLN J 31 74.38 26.75 -70.63
CA GLN J 31 73.14 27.13 -69.99
C GLN J 31 73.39 28.28 -69.01
N ALA J 32 74.28 28.04 -68.04
CA ALA J 32 74.61 29.03 -67.03
C ALA J 32 74.98 30.35 -67.66
N ILE J 33 75.89 30.30 -68.62
CA ILE J 33 76.34 31.50 -69.30
C ILE J 33 75.20 32.30 -69.85
N TRP J 34 74.35 31.67 -70.64
CA TRP J 34 73.24 32.39 -71.22
C TRP J 34 72.31 32.99 -70.17
N ARG J 35 72.00 32.22 -69.14
CA ARG J 35 71.11 32.71 -68.10
C ARG J 35 71.71 33.97 -67.51
N ALA J 36 73.02 33.97 -67.33
CA ALA J 36 73.71 35.13 -66.79
C ALA J 36 73.65 36.29 -67.76
N THR J 37 73.74 35.98 -69.05
CA THR J 37 73.67 37.02 -70.05
C THR J 37 72.29 37.67 -70.07
N PHE J 38 71.27 36.87 -70.31
CA PHE J 38 69.91 37.36 -70.38
C PHE J 38 69.48 38.08 -69.09
N ALA J 39 69.99 37.62 -67.96
CA ALA J 39 69.63 38.23 -66.69
C ALA J 39 70.12 39.66 -66.67
N GLN J 40 71.27 39.89 -67.32
CA GLN J 40 71.85 41.21 -67.38
C GLN J 40 71.08 42.14 -68.32
N VAL J 41 70.85 41.67 -69.54
CA VAL J 41 70.16 42.45 -70.53
C VAL J 41 68.95 41.71 -71.09
N PRO J 42 67.85 41.65 -70.33
CA PRO J 42 66.65 40.96 -70.82
C PRO J 42 66.22 41.44 -72.21
N GLU J 43 66.60 42.66 -72.55
CA GLU J 43 66.26 43.23 -73.84
C GLU J 43 66.69 42.30 -74.98
N SER J 44 67.87 41.70 -74.84
CA SER J 44 68.45 40.83 -75.86
C SER J 44 67.70 39.57 -76.18
N ARG J 45 66.79 39.15 -75.30
CA ARG J 45 66.05 37.93 -75.58
C ARG J 45 65.36 38.02 -76.94
N SER J 46 64.95 39.22 -77.31
CA SER J 46 64.26 39.43 -78.58
C SER J 46 65.01 39.00 -79.83
N LEU J 47 66.34 39.00 -79.76
CA LEU J 47 67.14 38.60 -80.92
C LEU J 47 67.11 37.10 -81.19
N PHE J 48 66.94 36.32 -80.14
CA PHE J 48 66.94 34.87 -80.27
C PHE J 48 65.53 34.33 -80.26
N LYS J 49 64.62 35.13 -80.78
CA LYS J 49 63.23 34.73 -80.82
C LYS J 49 63.13 33.55 -81.78
N ARG J 50 64.04 33.52 -82.74
CA ARG J 50 64.04 32.47 -83.75
C ARG J 50 64.40 31.10 -83.21
N VAL J 51 65.24 31.09 -82.18
CA VAL J 51 65.69 29.85 -81.58
C VAL J 51 65.23 29.76 -80.14
N HIS J 52 63.93 29.91 -79.94
CA HIS J 52 63.31 29.84 -78.61
C HIS J 52 64.15 30.48 -77.51
N GLY J 53 64.33 31.79 -77.61
CA GLY J 53 65.09 32.49 -76.60
C GLY J 53 64.22 32.73 -75.39
N ASP J 54 62.92 32.54 -75.56
CA ASP J 54 61.98 32.73 -74.46
C ASP J 54 62.23 31.71 -73.34
N ASP J 55 62.53 30.47 -73.73
CA ASP J 55 62.79 29.39 -72.77
C ASP J 55 64.19 28.84 -72.94
N THR J 56 65.10 29.32 -72.11
CA THR J 56 66.51 28.91 -72.15
C THR J 56 66.71 27.38 -72.11
N SER J 57 65.72 26.66 -71.62
CA SER J 57 65.81 25.20 -71.51
C SER J 57 65.21 24.43 -72.69
N HIS J 58 64.75 25.14 -73.70
CA HIS J 58 64.16 24.49 -74.86
C HIS J 58 65.26 23.92 -75.73
N PRO J 59 65.11 22.67 -76.18
CA PRO J 59 66.13 22.05 -77.03
C PRO J 59 66.70 22.96 -78.11
N ALA J 60 65.83 23.65 -78.82
CA ALA J 60 66.25 24.54 -79.89
C ALA J 60 67.34 25.47 -79.37
N PHE J 61 67.08 26.11 -78.24
CA PHE J 61 68.01 27.03 -77.63
C PHE J 61 69.21 26.30 -77.09
N ILE J 62 68.99 25.13 -76.49
CA ILE J 62 70.08 24.33 -75.94
C ILE J 62 71.09 24.14 -77.05
N ALA J 63 70.58 23.78 -78.21
CA ALA J 63 71.40 23.57 -79.40
C ALA J 63 72.12 24.87 -79.66
N HIS J 64 71.35 25.92 -79.90
CA HIS J 64 71.93 27.23 -80.15
C HIS J 64 73.09 27.53 -79.21
N ALA J 65 72.84 27.47 -77.91
CA ALA J 65 73.88 27.74 -76.93
C ALA J 65 75.11 26.88 -77.18
N ASP J 66 74.93 25.57 -77.09
CA ASP J 66 76.02 24.63 -77.31
C ASP J 66 76.72 24.96 -78.64
N ARG J 67 75.96 25.52 -79.56
CA ARG J 67 76.47 25.87 -80.89
C ARG J 67 77.31 27.12 -80.86
N VAL J 68 76.93 28.06 -80.00
CA VAL J 68 77.63 29.32 -79.86
C VAL J 68 78.96 29.08 -79.22
N LEU J 69 78.96 28.44 -78.07
CA LEU J 69 80.20 28.14 -77.38
C LEU J 69 81.14 27.51 -78.39
N GLY J 70 80.57 26.68 -79.26
CA GLY J 70 81.37 26.02 -80.28
C GLY J 70 82.31 26.99 -80.98
N GLY J 71 81.74 28.07 -81.50
CA GLY J 71 82.54 29.05 -82.17
C GLY J 71 83.57 29.62 -81.20
N LEU J 72 83.10 30.08 -80.04
CA LEU J 72 84.00 30.63 -79.06
C LEU J 72 85.17 29.67 -78.85
N ASP J 73 84.89 28.38 -78.94
CA ASP J 73 85.96 27.36 -78.79
C ASP J 73 86.96 27.61 -79.89
N ILE J 74 86.53 27.43 -81.13
CA ILE J 74 87.42 27.65 -82.26
C ILE J 74 88.24 28.92 -82.06
N ALA J 75 87.58 30.01 -81.68
CA ALA J 75 88.26 31.27 -81.47
C ALA J 75 89.40 31.09 -80.48
N ILE J 76 89.05 30.87 -79.23
CA ILE J 76 90.04 30.67 -78.19
C ILE J 76 91.09 29.63 -78.61
N SER J 77 90.63 28.47 -79.08
CA SER J 77 91.49 27.37 -79.37
C SER J 77 92.48 27.85 -80.36
N THR J 78 91.98 28.41 -81.49
CA THR J 78 92.80 28.79 -82.61
C THR J 78 93.64 29.97 -82.25
N LEU J 79 93.27 30.69 -81.18
CA LEU J 79 93.75 32.02 -80.89
C LEU J 79 95.23 32.01 -80.98
N ASP J 80 95.80 30.96 -80.38
CA ASP J 80 97.17 30.90 -80.04
C ASP J 80 97.96 31.06 -81.31
N GLN J 81 97.52 30.41 -82.42
CA GLN J 81 98.30 30.56 -83.61
C GLN J 81 97.66 31.61 -84.47
N PRO J 82 98.37 32.72 -84.60
CA PRO J 82 97.91 33.91 -85.31
C PRO J 82 97.43 33.64 -86.72
N ALA J 83 98.20 32.82 -87.44
CA ALA J 83 97.88 32.46 -88.81
C ALA J 83 96.43 31.99 -88.93
N THR J 84 96.12 30.93 -88.23
CA THR J 84 94.80 30.32 -88.24
C THR J 84 93.73 31.22 -87.63
N LEU J 85 93.96 31.65 -86.39
CA LEU J 85 93.02 32.54 -85.72
C LEU J 85 92.56 33.62 -86.69
N LYS J 86 93.53 34.32 -87.26
CA LYS J 86 93.27 35.36 -88.23
C LYS J 86 92.12 34.91 -89.11
N GLU J 87 92.26 33.74 -89.71
CA GLU J 87 91.24 33.20 -90.62
C GLU J 87 89.88 33.06 -89.96
N GLU J 88 89.80 32.31 -88.86
CA GLU J 88 88.53 32.14 -88.17
C GLU J 88 87.88 33.49 -87.88
N LEU J 89 88.62 34.39 -87.27
CA LEU J 89 88.07 35.70 -86.97
C LEU J 89 87.53 36.31 -88.24
N ASP J 90 88.33 36.34 -89.29
CA ASP J 90 87.89 36.92 -90.57
C ASP J 90 86.60 36.26 -91.02
N HIS J 91 86.55 34.93 -90.93
CA HIS J 91 85.36 34.20 -91.32
C HIS J 91 84.16 34.76 -90.54
N LEU J 92 84.30 34.87 -89.24
CA LEU J 92 83.23 35.39 -88.40
C LEU J 92 82.88 36.79 -88.86
N GLN J 93 83.90 37.62 -88.96
CA GLN J 93 83.73 39.00 -89.37
C GLN J 93 82.67 39.10 -90.45
N VAL J 94 82.76 38.21 -91.43
CA VAL J 94 81.82 38.19 -92.54
C VAL J 94 80.40 37.87 -92.10
N GLN J 95 80.22 36.77 -91.40
CA GLN J 95 78.91 36.36 -90.95
C GLN J 95 78.24 37.45 -90.14
N HIS J 96 79.01 38.45 -89.75
CA HIS J 96 78.46 39.54 -88.94
C HIS J 96 78.30 40.89 -89.64
N GLU J 97 79.26 41.30 -90.51
CA GLU J 97 79.19 42.62 -91.05
C GLU J 97 77.95 42.72 -91.89
N GLY J 98 77.36 43.93 -91.91
CA GLY J 98 76.09 44.15 -92.53
C GLY J 98 75.08 43.98 -91.47
N ARG J 99 75.48 43.30 -90.37
CA ARG J 99 74.70 43.37 -89.17
C ARG J 99 75.40 44.37 -88.33
N LYS J 100 74.64 45.26 -87.64
CA LYS J 100 75.18 46.12 -86.62
C LYS J 100 74.88 45.47 -85.31
N ILE J 101 75.84 45.54 -84.36
CA ILE J 101 75.63 44.84 -83.13
C ILE J 101 75.97 45.79 -82.03
N PRO J 102 75.05 45.84 -81.13
CA PRO J 102 75.14 46.71 -80.00
C PRO J 102 76.34 46.20 -79.29
N ASP J 103 77.19 47.12 -78.78
CA ASP J 103 78.37 46.71 -78.02
C ASP J 103 77.96 46.48 -76.57
N ASN J 104 76.74 46.92 -76.26
CA ASN J 104 76.16 46.76 -74.94
C ASN J 104 75.99 45.26 -74.58
N TYR J 105 75.39 44.49 -75.51
CA TYR J 105 75.18 43.07 -75.29
C TYR J 105 76.49 42.29 -75.19
N PHE J 106 77.36 42.43 -76.17
CA PHE J 106 78.64 41.73 -76.13
C PHE J 106 79.27 41.88 -74.78
N ASP J 107 79.19 43.09 -74.22
CA ASP J 107 79.77 43.37 -72.92
C ASP J 107 79.19 42.42 -71.88
N ALA J 108 77.87 42.34 -71.82
CA ALA J 108 77.18 41.46 -70.87
C ALA J 108 77.57 39.99 -71.07
N PHE J 109 77.54 39.54 -72.33
CA PHE J 109 77.89 38.18 -72.64
C PHE J 109 79.30 37.86 -72.18
N LYS J 110 80.21 38.83 -72.27
CA LYS J 110 81.59 38.60 -71.80
C LYS J 110 81.52 38.38 -70.30
N THR J 111 80.90 39.34 -69.63
CA THR J 111 80.76 39.28 -68.19
C THR J 111 80.22 37.91 -67.83
N ALA J 112 79.14 37.52 -68.48
CA ALA J 112 78.55 36.22 -68.22
C ALA J 112 79.63 35.15 -68.25
N ILE J 113 80.23 34.97 -69.43
CA ILE J 113 81.30 33.99 -69.60
C ILE J 113 82.27 34.04 -68.43
N LEU J 114 82.85 35.21 -68.20
CA LEU J 114 83.81 35.35 -67.11
C LEU J 114 83.29 34.86 -65.77
N HIS J 115 82.11 35.32 -65.34
CA HIS J 115 81.58 34.87 -64.08
C HIS J 115 81.39 33.37 -64.02
N VAL J 116 80.83 32.78 -65.07
CA VAL J 116 80.63 31.34 -65.07
C VAL J 116 81.96 30.63 -65.03
N VAL J 117 82.85 30.96 -65.97
CA VAL J 117 84.18 30.33 -66.00
C VAL J 117 84.84 30.38 -64.62
N ALA J 118 84.80 31.53 -63.96
CA ALA J 118 85.39 31.67 -62.62
C ALA J 118 84.71 30.71 -61.66
N ALA J 119 83.41 30.58 -61.76
CA ALA J 119 82.67 29.70 -60.89
C ALA J 119 83.11 28.27 -61.16
N GLN J 120 83.35 27.94 -62.42
CA GLN J 120 83.75 26.59 -62.81
C GLN J 120 85.18 26.22 -62.50
N LEU J 121 86.11 27.16 -62.62
CA LEU J 121 87.51 26.85 -62.37
C LEU J 121 87.93 26.94 -60.92
N GLY J 122 87.05 27.43 -60.07
CA GLY J 122 87.40 27.53 -58.66
C GLY J 122 88.48 28.55 -58.32
N ARG J 123 89.72 28.11 -58.33
CA ARG J 123 90.85 28.98 -57.95
C ARG J 123 91.88 29.37 -59.03
N CYS J 124 92.24 28.42 -59.87
CA CYS J 124 93.22 28.70 -60.90
C CYS J 124 92.56 29.34 -62.13
N TYR J 125 92.55 30.67 -62.13
CA TYR J 125 91.94 31.45 -63.20
C TYR J 125 92.34 32.92 -63.14
N ASP J 126 92.99 33.38 -64.21
CA ASP J 126 93.43 34.76 -64.29
C ASP J 126 92.33 35.57 -64.94
N ARG J 127 91.76 36.53 -64.20
CA ARG J 127 90.68 37.34 -64.75
C ARG J 127 91.14 38.24 -65.89
N GLU J 128 92.07 39.15 -65.60
CA GLU J 128 92.60 40.07 -66.61
C GLU J 128 92.82 39.37 -67.95
N ALA J 129 93.54 38.26 -67.92
CA ALA J 129 93.85 37.48 -69.11
C ALA J 129 92.62 37.14 -69.93
N TRP J 130 91.62 36.52 -69.30
CA TRP J 130 90.42 36.18 -70.03
C TRP J 130 89.80 37.46 -70.57
N ASP J 131 89.59 38.42 -69.69
CA ASP J 131 88.99 39.68 -70.11
C ASP J 131 89.65 40.12 -71.41
N ALA J 132 90.98 40.22 -71.37
CA ALA J 132 91.74 40.66 -72.54
C ALA J 132 91.46 39.86 -73.80
N CYS J 133 91.49 38.55 -73.69
CA CYS J 133 91.24 37.70 -74.85
C CYS J 133 89.80 37.62 -75.31
N ILE J 134 88.86 37.47 -74.38
CA ILE J 134 87.47 37.41 -74.77
C ILE J 134 87.22 38.68 -75.54
N ASP J 135 87.85 39.75 -75.09
CA ASP J 135 87.71 41.04 -75.74
C ASP J 135 88.22 40.91 -77.16
N HIS J 136 89.51 40.61 -77.31
CA HIS J 136 90.08 40.47 -78.64
C HIS J 136 89.22 39.62 -79.56
N ILE J 137 88.62 38.57 -79.01
CA ILE J 137 87.76 37.71 -79.81
C ILE J 137 86.48 38.42 -80.19
N GLU J 138 85.90 39.14 -79.25
CA GLU J 138 84.67 39.88 -79.54
C GLU J 138 84.92 40.98 -80.55
N ASP J 139 86.03 41.70 -80.40
CA ASP J 139 86.35 42.77 -81.33
C ASP J 139 86.34 42.19 -82.73
N GLY J 140 86.98 41.03 -82.89
CA GLY J 140 87.01 40.38 -84.18
C GLY J 140 85.66 40.02 -84.76
N ILE J 141 84.61 40.07 -83.94
CA ILE J 141 83.28 39.73 -84.39
C ILE J 141 82.45 40.97 -84.65
N LYS J 142 82.76 42.05 -83.95
CA LYS J 142 82.02 43.29 -84.14
C LYS J 142 82.68 44.11 -85.25
N GLY J 143 84.02 44.06 -85.21
CA GLY J 143 84.78 44.14 -86.42
C GLY J 143 84.99 45.57 -86.65
N HIS J 144 84.25 46.35 -85.86
CA HIS J 144 84.41 47.72 -86.06
C HIS J 144 84.72 48.30 -84.75
N HIS J 145 85.18 49.54 -84.86
CA HIS J 145 85.82 50.20 -83.82
C HIS J 145 84.78 51.24 -83.59
N HIS K 1 69.42 -0.11 -85.87
CA HIS K 1 68.75 1.19 -86.16
C HIS K 1 68.24 1.72 -84.86
N GLU K 2 66.99 1.35 -84.52
CA GLU K 2 66.38 1.93 -83.35
C GLU K 2 67.24 1.51 -82.21
N HIS K 3 67.62 0.22 -82.24
CA HIS K 3 68.35 -0.45 -81.22
C HIS K 3 69.60 0.32 -81.08
N CYS K 4 70.24 0.54 -82.24
CA CYS K 4 71.60 1.00 -82.30
C CYS K 4 71.70 2.44 -81.99
N CYS K 5 72.95 2.90 -81.73
CA CYS K 5 73.26 4.07 -80.94
C CYS K 5 72.49 4.01 -79.67
N SER K 6 72.57 2.87 -78.98
CA SER K 6 72.02 2.76 -77.67
C SER K 6 72.86 3.63 -76.78
N GLU K 7 72.41 3.79 -75.53
CA GLU K 7 73.10 4.44 -74.45
C GLU K 7 74.51 3.88 -74.29
N GLU K 8 74.63 2.56 -74.13
CA GLU K 8 75.96 1.97 -73.98
C GLU K 8 76.77 2.33 -75.22
N ASP K 9 76.18 2.09 -76.38
CA ASP K 9 76.84 2.37 -77.63
C ASP K 9 77.56 3.71 -77.61
N HIS K 10 76.80 4.79 -77.50
CA HIS K 10 77.43 6.10 -77.49
C HIS K 10 78.22 6.40 -76.25
N ARG K 11 77.80 5.84 -75.11
CA ARG K 11 78.57 6.08 -73.90
C ARG K 11 80.00 5.68 -74.28
N ILE K 12 80.10 4.61 -75.07
CA ILE K 12 81.40 4.11 -75.51
C ILE K 12 82.04 5.11 -76.43
N VAL K 13 81.35 5.42 -77.51
CA VAL K 13 81.86 6.35 -78.47
C VAL K 13 82.42 7.55 -77.73
N GLN K 14 81.58 8.18 -76.92
CA GLN K 14 82.01 9.35 -76.18
C GLN K 14 83.31 9.13 -75.45
N LYS K 15 83.40 8.03 -74.71
CA LYS K 15 84.61 7.75 -73.94
C LYS K 15 85.83 7.67 -74.85
N GLN K 16 85.69 6.92 -75.94
CA GLN K 16 86.79 6.71 -76.87
C GLN K 16 87.20 7.97 -77.61
N TRP K 17 86.23 8.82 -77.91
CA TRP K 17 86.50 10.05 -78.64
C TRP K 17 87.25 11.03 -77.75
N ASP K 18 87.17 10.79 -76.44
CA ASP K 18 87.86 11.66 -75.51
C ASP K 18 89.35 11.36 -75.38
N ILE K 19 89.74 10.11 -75.65
CA ILE K 19 91.13 9.72 -75.57
C ILE K 19 91.93 10.73 -76.35
N LEU K 20 91.30 11.33 -77.35
CA LEU K 20 91.95 12.30 -78.19
C LEU K 20 92.34 13.63 -77.55
N TRP K 21 91.37 14.29 -76.93
CA TRP K 21 91.59 15.60 -76.34
C TRP K 21 92.23 15.64 -74.95
N ARG K 22 93.12 14.69 -74.67
CA ARG K 22 93.78 14.66 -73.38
C ARG K 22 94.82 15.78 -73.29
N ASP K 23 95.50 16.08 -74.40
CA ASP K 23 96.51 17.14 -74.39
C ASP K 23 95.96 18.46 -74.94
N THR K 24 96.42 19.55 -74.33
CA THR K 24 95.98 20.90 -74.66
C THR K 24 96.11 21.31 -76.13
N GLU K 25 96.97 20.64 -76.89
CA GLU K 25 97.13 21.02 -78.28
C GLU K 25 96.09 20.37 -79.20
N SER K 26 94.83 20.47 -78.80
CA SER K 26 93.72 19.92 -79.56
C SER K 26 93.69 20.49 -80.98
N SER K 27 93.94 21.79 -81.10
CA SER K 27 93.95 22.47 -82.39
C SER K 27 94.81 21.72 -83.39
N LYS K 28 96.08 21.53 -83.04
CA LYS K 28 97.02 20.85 -83.92
C LYS K 28 96.44 19.50 -84.37
N ILE K 29 95.81 18.79 -83.45
CA ILE K 29 95.21 17.50 -83.76
C ILE K 29 93.98 17.67 -84.64
N LYS K 30 92.92 18.24 -84.06
CA LYS K 30 91.68 18.45 -84.80
C LYS K 30 91.97 18.87 -86.23
N ILE K 31 92.83 19.87 -86.39
CA ILE K 31 93.20 20.34 -87.73
C ILE K 31 93.80 19.21 -88.55
N GLY K 32 94.98 18.77 -88.15
CA GLY K 32 95.64 17.69 -88.87
C GLY K 32 94.70 16.57 -89.23
N PHE K 33 93.93 16.11 -88.24
CA PHE K 33 92.99 15.02 -88.46
C PHE K 33 91.90 15.42 -89.45
N GLY K 34 91.21 16.53 -89.16
CA GLY K 34 90.15 16.97 -90.04
C GLY K 34 90.70 17.27 -91.42
N ARG K 35 91.91 17.80 -91.47
CA ARG K 35 92.56 18.12 -92.72
C ARG K 35 92.64 16.84 -93.53
N LEU K 36 93.29 15.86 -92.96
CA LEU K 36 93.46 14.56 -93.62
C LEU K 36 92.12 13.98 -94.04
N LEU K 37 91.15 13.97 -93.13
CA LEU K 37 89.81 13.43 -93.45
C LEU K 37 89.19 14.04 -94.70
N LEU K 38 89.23 15.35 -94.81
CA LEU K 38 88.67 16.00 -95.99
C LEU K 38 89.54 15.71 -97.21
N THR K 39 90.85 15.79 -97.08
CA THR K 39 91.77 15.49 -98.18
C THR K 39 91.43 14.14 -98.77
N LYS K 40 91.51 13.11 -97.94
CA LYS K 40 91.22 11.74 -98.36
C LYS K 40 89.84 11.63 -98.98
N LEU K 41 89.01 12.63 -98.77
CA LEU K 41 87.69 12.58 -99.37
C LEU K 41 87.84 13.07 -100.79
N ALA K 42 88.48 14.23 -100.95
CA ALA K 42 88.70 14.81 -102.28
C ALA K 42 89.51 13.86 -103.15
N LYS K 43 90.29 13.02 -102.49
CA LYS K 43 91.12 12.03 -103.18
C LYS K 43 90.23 11.02 -103.90
N ASP K 44 89.27 10.45 -103.17
CA ASP K 44 88.36 9.46 -103.74
C ASP K 44 87.22 10.05 -104.55
N ILE K 45 86.89 11.32 -104.34
CA ILE K 45 85.83 11.99 -105.08
C ILE K 45 86.21 13.44 -105.27
N PRO K 46 86.79 13.78 -106.42
CA PRO K 46 87.25 15.12 -106.79
C PRO K 46 86.20 16.21 -106.92
N GLU K 47 85.00 15.86 -107.36
CA GLU K 47 83.97 16.88 -107.53
C GLU K 47 83.80 17.62 -106.22
N VAL K 48 84.52 17.13 -105.19
CA VAL K 48 84.49 17.73 -103.87
C VAL K 48 85.41 18.94 -103.84
N ASN K 49 86.58 18.79 -104.43
CA ASN K 49 87.54 19.87 -104.47
C ASN K 49 86.90 21.21 -104.82
N ASP K 50 85.89 21.18 -105.68
CA ASP K 50 85.23 22.41 -106.10
C ASP K 50 84.32 22.97 -105.02
N LEU K 51 83.80 22.10 -104.16
CA LEU K 51 82.91 22.51 -103.09
C LEU K 51 83.68 23.23 -102.01
N PHE K 52 84.83 22.66 -101.66
CA PHE K 52 85.69 23.22 -100.64
C PHE K 52 86.62 24.28 -101.22
N LYS K 53 86.35 24.66 -102.46
CA LYS K 53 87.14 25.67 -103.14
C LYS K 53 87.06 26.97 -102.35
N ARG K 54 85.85 27.28 -101.93
CA ARG K 54 85.55 28.48 -101.15
C ARG K 54 86.45 28.66 -99.93
N VAL K 55 86.89 27.54 -99.35
CA VAL K 55 87.73 27.58 -98.16
C VAL K 55 89.20 27.27 -98.47
N ASP K 56 89.59 27.52 -99.73
CA ASP K 56 90.97 27.29 -100.15
C ASP K 56 91.49 25.91 -99.76
N ILE K 57 90.76 24.87 -100.16
CA ILE K 57 91.17 23.50 -99.86
C ILE K 57 92.44 23.21 -100.64
N GLU K 58 92.70 24.03 -101.64
CA GLU K 58 93.87 23.87 -102.46
C GLU K 58 95.11 23.95 -101.56
N HIS K 59 95.05 24.78 -100.53
CA HIS K 59 96.16 24.92 -99.58
C HIS K 59 95.78 24.25 -98.27
N ALA K 60 96.01 22.95 -98.20
CA ALA K 60 95.67 22.19 -97.01
C ALA K 60 96.13 22.85 -95.72
N GLU K 61 97.36 23.33 -95.69
CA GLU K 61 97.94 23.96 -94.50
C GLU K 61 97.57 25.44 -94.40
N GLY K 62 96.91 25.94 -95.45
CA GLY K 62 96.50 27.33 -95.47
C GLY K 62 95.49 27.63 -94.40
N PRO K 63 95.71 28.67 -93.60
CA PRO K 63 94.77 29.01 -92.54
C PRO K 63 93.32 28.93 -92.98
N LYS K 64 93.04 29.45 -94.17
CA LYS K 64 91.68 29.43 -94.71
C LYS K 64 91.05 28.06 -94.50
N PHE K 65 91.77 27.02 -94.91
CA PHE K 65 91.29 25.66 -94.78
C PHE K 65 91.45 25.12 -93.36
N SER K 66 92.60 25.38 -92.73
CA SER K 66 92.82 24.92 -91.37
C SER K 66 91.63 25.32 -90.48
N ALA K 67 91.17 26.56 -90.65
CA ALA K 67 90.05 27.02 -89.86
C ALA K 67 88.92 26.06 -90.14
N HIS K 68 88.59 25.91 -91.40
CA HIS K 68 87.50 25.03 -91.82
C HIS K 68 87.65 23.66 -91.19
N ALA K 69 88.84 23.08 -91.33
CA ALA K 69 89.13 21.77 -90.79
C ALA K 69 88.57 21.72 -89.37
N LEU K 70 88.78 22.78 -88.62
CA LEU K 70 88.29 22.83 -87.25
C LEU K 70 86.78 22.82 -87.26
N ARG K 71 86.18 23.86 -87.83
CA ARG K 71 84.75 23.97 -87.89
C ARG K 71 84.06 22.64 -88.09
N ILE K 72 84.44 21.91 -89.13
CA ILE K 72 83.82 20.62 -89.39
C ILE K 72 84.12 19.61 -88.29
N LEU K 73 85.40 19.30 -88.13
CA LEU K 73 85.84 18.37 -87.12
C LEU K 73 85.18 18.73 -85.78
N ASN K 74 85.11 20.03 -85.49
CA ASN K 74 84.52 20.49 -84.25
C ASN K 74 83.00 20.28 -84.22
N GLY K 75 82.39 20.24 -85.41
CA GLY K 75 80.97 20.02 -85.50
C GLY K 75 80.71 18.60 -85.14
N LEU K 76 81.56 17.71 -85.65
CA LEU K 76 81.45 16.30 -85.34
C LEU K 76 81.51 16.14 -83.82
N ASP K 77 82.36 16.95 -83.18
CA ASP K 77 82.50 16.93 -81.73
C ASP K 77 81.12 17.20 -81.16
N LEU K 78 80.57 18.37 -81.48
CA LEU K 78 79.24 18.74 -81.02
C LEU K 78 78.28 17.57 -81.13
N ALA K 79 78.21 16.97 -82.31
CA ALA K 79 77.32 15.84 -82.53
C ALA K 79 77.54 14.79 -81.47
N ILE K 80 78.77 14.30 -81.38
CA ILE K 80 79.12 13.28 -80.40
C ILE K 80 78.77 13.71 -78.99
N ASN K 81 79.16 14.92 -78.59
CA ASN K 81 78.88 15.38 -77.24
C ASN K 81 77.42 15.62 -76.90
N LEU K 82 76.55 15.52 -77.88
CA LEU K 82 75.14 15.70 -77.63
C LEU K 82 74.43 14.39 -77.79
N LEU K 83 75.20 13.31 -77.99
CA LEU K 83 74.61 11.99 -78.17
C LEU K 83 73.72 11.60 -77.00
N ASP K 84 73.99 12.15 -75.82
CA ASP K 84 73.18 11.82 -74.66
C ASP K 84 72.15 12.91 -74.40
N ASP K 85 71.27 13.14 -75.37
CA ASP K 85 70.18 14.13 -75.30
C ASP K 85 69.61 14.22 -76.70
N PRO K 86 69.00 13.12 -77.16
CA PRO K 86 68.39 13.03 -78.49
C PRO K 86 67.73 14.28 -79.05
N PRO K 87 66.81 14.92 -78.28
CA PRO K 87 66.14 16.12 -78.78
C PRO K 87 67.11 17.21 -79.16
N ALA K 88 68.10 17.46 -78.31
CA ALA K 88 69.12 18.48 -78.55
C ALA K 88 69.97 18.06 -79.75
N LEU K 89 70.54 16.87 -79.68
CA LEU K 89 71.33 16.37 -80.77
C LEU K 89 70.56 16.50 -82.05
N ASP K 90 69.29 16.09 -82.03
CA ASP K 90 68.44 16.17 -83.21
C ASP K 90 68.53 17.58 -83.73
N ALA K 91 68.05 18.53 -82.95
CA ALA K 91 68.07 19.93 -83.35
C ALA K 91 69.44 20.35 -83.89
N ALA K 92 70.48 20.05 -83.11
CA ALA K 92 71.86 20.38 -83.48
C ALA K 92 72.24 19.90 -84.88
N LEU K 93 71.82 18.69 -85.21
CA LEU K 93 72.11 18.09 -86.51
C LEU K 93 71.21 18.67 -87.60
N ASP K 94 69.92 18.82 -87.31
CA ASP K 94 69.00 19.38 -88.30
C ASP K 94 69.61 20.68 -88.79
N HIS K 95 70.10 21.46 -87.86
CA HIS K 95 70.74 22.74 -88.19
C HIS K 95 71.88 22.49 -89.18
N LEU K 96 72.67 21.45 -88.92
CA LEU K 96 73.79 21.13 -89.82
C LEU K 96 73.27 20.73 -91.18
N ALA K 97 72.08 20.14 -91.23
CA ALA K 97 71.50 19.75 -92.49
C ALA K 97 71.31 21.01 -93.33
N HIS K 98 70.62 21.99 -92.76
CA HIS K 98 70.35 23.25 -93.45
C HIS K 98 71.64 23.93 -93.91
N GLN K 99 72.69 23.86 -93.10
CA GLN K 99 73.94 24.50 -93.49
C GLN K 99 74.57 23.82 -94.69
N HIS K 100 74.11 22.61 -94.99
CA HIS K 100 74.62 21.85 -96.12
C HIS K 100 73.63 21.85 -97.27
N GLU K 101 72.36 22.08 -96.98
CA GLU K 101 71.35 22.11 -98.01
C GLU K 101 71.61 23.21 -99.02
N VAL K 102 71.91 24.41 -98.53
CA VAL K 102 72.15 25.55 -99.38
C VAL K 102 73.52 25.55 -100.05
N ARG K 103 74.25 24.46 -99.92
CA ARG K 103 75.56 24.35 -100.54
C ARG K 103 75.43 23.35 -101.67
N GLU K 104 74.99 23.82 -102.84
CA GLU K 104 74.80 22.93 -103.97
C GLU K 104 76.09 22.26 -104.38
N GLY K 105 75.96 21.01 -104.83
CA GLY K 105 77.11 20.24 -105.26
C GLY K 105 77.30 19.10 -104.30
N VAL K 106 76.91 19.33 -103.06
CA VAL K 106 77.05 18.34 -102.00
C VAL K 106 75.94 17.33 -102.12
N GLN K 107 76.29 16.10 -102.47
CA GLN K 107 75.29 15.02 -102.60
C GLN K 107 75.50 13.92 -101.55
N LYS K 108 74.45 13.14 -101.31
CA LYS K 108 74.51 12.07 -100.32
C LYS K 108 75.72 11.18 -100.45
N ALA K 109 75.95 10.64 -101.64
CA ALA K 109 77.08 9.75 -101.87
C ALA K 109 78.38 10.25 -101.23
N HIS K 110 78.48 11.56 -101.03
CA HIS K 110 79.66 12.17 -100.43
C HIS K 110 79.78 11.74 -98.98
N PHE K 111 78.70 11.87 -98.23
CA PHE K 111 78.68 11.48 -96.83
C PHE K 111 78.93 10.00 -96.69
N LYS K 112 78.23 9.18 -97.47
CA LYS K 112 78.46 7.74 -97.39
C LYS K 112 79.95 7.47 -97.42
N LYS K 113 80.65 8.12 -98.35
CA LYS K 113 82.10 7.93 -98.49
C LYS K 113 82.84 8.48 -97.28
N PHE K 114 82.55 9.71 -96.91
CA PHE K 114 83.19 10.33 -95.76
C PHE K 114 83.05 9.41 -94.57
N GLY K 115 81.92 8.74 -94.47
CA GLY K 115 81.70 7.85 -93.35
C GLY K 115 82.69 6.71 -93.38
N GLU K 116 82.81 6.08 -94.54
CA GLU K 116 83.72 4.97 -94.70
C GLU K 116 85.13 5.41 -94.35
N ILE K 117 85.48 6.64 -94.74
CA ILE K 117 86.82 7.18 -94.51
C ILE K 117 87.04 7.40 -93.03
N LEU K 118 86.04 8.00 -92.39
CA LEU K 118 86.09 8.32 -90.98
C LEU K 118 86.23 7.04 -90.17
N ALA K 119 85.56 6.00 -90.62
CA ALA K 119 85.60 4.72 -89.94
C ALA K 119 86.94 4.02 -90.08
N THR K 120 87.68 4.37 -91.13
CA THR K 120 88.98 3.73 -91.34
C THR K 120 90.04 4.57 -90.68
N GLY K 121 89.72 5.83 -90.43
CA GLY K 121 90.66 6.74 -89.81
C GLY K 121 90.72 6.71 -88.31
N LEU K 122 89.57 6.84 -87.66
CA LEU K 122 89.51 6.83 -86.20
C LEU K 122 90.39 5.78 -85.56
N PRO K 123 90.19 4.50 -85.91
CA PRO K 123 90.98 3.41 -85.35
C PRO K 123 92.50 3.54 -85.54
N GLN K 124 92.93 4.56 -86.25
CA GLN K 124 94.34 4.78 -86.49
C GLN K 124 94.92 5.71 -85.46
N VAL K 125 94.07 6.49 -84.81
CA VAL K 125 94.52 7.42 -83.79
C VAL K 125 94.07 7.00 -82.41
N LEU K 126 93.05 6.16 -82.36
CA LEU K 126 92.54 5.69 -81.08
C LEU K 126 92.92 4.23 -80.91
N ASP K 127 93.66 3.92 -79.85
CA ASP K 127 94.07 2.54 -79.62
C ASP K 127 92.85 1.70 -79.23
N ASP K 128 91.91 2.31 -78.51
CA ASP K 128 90.70 1.61 -78.11
C ASP K 128 89.56 2.10 -78.97
N TYR K 129 89.13 1.25 -79.90
CA TYR K 129 88.06 1.58 -80.83
C TYR K 129 87.08 0.43 -80.94
N ASP K 130 85.79 0.74 -80.87
CA ASP K 130 84.75 -0.28 -80.97
C ASP K 130 83.98 -0.03 -82.24
N ALA K 131 84.49 -0.55 -83.34
CA ALA K 131 83.88 -0.37 -84.65
C ALA K 131 82.34 -0.45 -84.65
N LEU K 132 81.79 -1.48 -84.00
CA LEU K 132 80.35 -1.64 -83.97
C LEU K 132 79.63 -0.46 -83.39
N ALA K 133 80.05 -0.01 -82.22
CA ALA K 133 79.41 1.14 -81.58
C ALA K 133 79.53 2.37 -82.47
N TRP K 134 80.73 2.70 -82.89
CA TRP K 134 80.94 3.85 -83.72
C TRP K 134 80.11 3.85 -84.99
N LYS K 135 80.24 2.80 -85.79
CA LYS K 135 79.49 2.73 -87.05
C LYS K 135 78.03 3.03 -86.77
N SER K 136 77.49 2.42 -85.72
CA SER K 136 76.10 2.63 -85.35
C SER K 136 75.77 4.11 -85.17
N CYS K 137 76.58 4.81 -84.38
CA CYS K 137 76.37 6.23 -84.14
C CYS K 137 76.74 7.14 -85.31
N LEU K 138 77.89 6.94 -85.90
CA LEU K 138 78.27 7.78 -87.02
C LEU K 138 77.19 7.75 -88.08
N LYS K 139 76.58 6.58 -88.29
CA LYS K 139 75.53 6.44 -89.31
C LYS K 139 74.41 7.41 -88.99
N GLY K 140 73.83 7.26 -87.80
CA GLY K 140 72.75 8.15 -87.39
C GLY K 140 73.08 9.61 -87.60
N ILE K 141 74.31 10.00 -87.30
CA ILE K 141 74.73 11.38 -87.44
C ILE K 141 74.82 11.79 -88.88
N LEU K 142 75.72 11.15 -89.63
CA LEU K 142 75.90 11.46 -91.03
C LEU K 142 74.57 11.51 -91.77
N THR K 143 73.69 10.55 -91.52
CA THR K 143 72.40 10.52 -92.20
C THR K 143 71.59 11.78 -91.92
N LYS K 144 71.33 12.05 -90.66
CA LYS K 144 70.54 13.22 -90.26
C LYS K 144 71.12 14.52 -90.78
N ILE K 145 72.44 14.57 -90.99
CA ILE K 145 73.07 15.79 -91.50
C ILE K 145 72.83 16.01 -92.99
N SER K 146 72.78 14.93 -93.75
CA SER K 146 72.59 15.01 -95.18
C SER K 146 71.14 14.81 -95.63
N SER K 147 70.29 14.44 -94.67
CA SER K 147 69.06 13.75 -94.97
C SER K 147 68.22 14.75 -95.66
N ARG K 148 68.42 16.00 -95.23
CA ARG K 148 67.99 17.03 -96.10
C ARG K 148 69.05 17.33 -97.09
N LEU K 149 68.61 17.35 -98.35
CA LEU K 149 69.40 17.52 -99.52
C LEU K 149 69.16 18.99 -99.85
N GLU L 1 109.83 7.98 -95.13
CA GLU L 1 109.78 8.20 -93.67
C GLU L 1 108.53 7.58 -93.17
N CYS L 2 108.01 8.10 -92.05
CA CYS L 2 106.92 7.41 -91.41
C CYS L 2 105.66 8.17 -91.70
N LEU L 3 104.50 7.61 -91.28
CA LEU L 3 103.23 8.22 -91.53
C LEU L 3 102.89 9.06 -90.35
N VAL L 4 102.17 10.16 -90.61
CA VAL L 4 101.96 11.17 -89.63
C VAL L 4 101.18 10.61 -88.48
N THR L 5 100.26 9.67 -88.75
CA THR L 5 99.56 8.92 -87.70
C THR L 5 100.50 7.91 -87.04
N GLU L 6 101.20 7.13 -87.86
CA GLU L 6 102.13 6.14 -87.37
C GLU L 6 103.09 6.74 -86.34
N SER L 7 103.18 8.06 -86.30
CA SER L 7 104.07 8.73 -85.34
C SER L 7 103.28 8.99 -84.08
N LEU L 8 102.24 9.81 -84.22
CA LEU L 8 101.37 10.17 -83.11
C LEU L 8 101.08 8.94 -82.27
N LYS L 9 100.87 7.81 -82.94
CA LYS L 9 100.60 6.55 -82.27
C LYS L 9 101.76 6.19 -81.34
N VAL L 10 102.98 6.29 -81.86
CA VAL L 10 104.15 6.00 -81.06
C VAL L 10 104.34 7.07 -80.00
N LYS L 11 104.25 8.33 -80.40
CA LYS L 11 104.41 9.44 -79.47
C LYS L 11 103.51 9.20 -78.27
N LEU L 12 102.29 8.75 -78.55
CA LEU L 12 101.28 8.50 -77.53
C LEU L 12 101.62 7.29 -76.68
N GLN L 13 101.82 6.14 -77.33
CA GLN L 13 102.14 4.92 -76.61
C GLN L 13 103.42 5.05 -75.79
N TRP L 14 104.39 5.78 -76.32
CA TRP L 14 105.63 5.96 -75.59
C TRP L 14 105.30 6.56 -74.24
N ALA L 15 104.38 7.51 -74.25
CA ALA L 15 103.97 8.16 -73.02
C ALA L 15 103.58 7.16 -71.96
N SER L 16 102.55 6.36 -72.23
CA SER L 16 102.04 5.37 -71.29
C SER L 16 103.10 4.38 -70.85
N ALA L 17 103.85 3.85 -71.81
CA ALA L 17 104.88 2.88 -71.52
C ALA L 17 106.04 3.40 -70.67
N PHE L 18 106.71 4.43 -71.19
CA PHE L 18 107.86 5.02 -70.50
C PHE L 18 107.44 5.39 -69.09
N GLY L 19 106.51 6.33 -68.97
CA GLY L 19 106.04 6.73 -67.66
C GLY L 19 106.70 7.94 -67.08
N HIS L 20 106.72 8.02 -65.76
CA HIS L 20 107.33 9.14 -65.05
C HIS L 20 108.13 8.71 -63.83
N ALA L 21 109.12 9.51 -63.48
CA ALA L 21 109.97 9.24 -62.32
C ALA L 21 110.51 7.82 -62.26
N HIS L 22 110.43 7.22 -61.09
CA HIS L 22 110.93 5.87 -60.88
C HIS L 22 110.45 4.91 -61.95
N GLU L 23 109.16 4.98 -62.29
CA GLU L 23 108.58 4.09 -63.29
C GLU L 23 109.50 3.92 -64.49
N ARG L 24 110.30 4.95 -64.75
CA ARG L 24 111.23 4.96 -65.87
C ARG L 24 112.48 4.15 -65.58
N VAL L 25 113.16 4.50 -64.50
CA VAL L 25 114.37 3.78 -64.15
C VAL L 25 114.09 2.28 -64.27
N ALA L 26 112.91 1.90 -63.80
CA ALA L 26 112.48 0.50 -63.82
C ALA L 26 112.48 0.02 -65.25
N PHE L 27 111.90 0.82 -66.13
CA PHE L 27 111.85 0.49 -67.54
C PHE L 27 113.26 0.34 -68.07
N GLY L 28 114.05 1.41 -67.94
CA GLY L 28 115.42 1.37 -68.42
C GLY L 28 116.12 0.12 -67.96
N LEU L 29 116.12 -0.11 -66.66
CA LEU L 29 116.76 -1.29 -66.10
C LEU L 29 116.29 -2.58 -66.78
N GLU L 30 114.99 -2.85 -66.71
CA GLU L 30 114.43 -4.05 -67.34
C GLU L 30 114.94 -4.20 -68.77
N LEU L 31 114.98 -3.10 -69.51
CA LEU L 31 115.45 -3.10 -70.89
C LEU L 31 116.88 -3.56 -71.02
N TRP L 32 117.81 -2.78 -70.47
CA TRP L 32 119.22 -3.13 -70.56
C TRP L 32 119.55 -4.51 -70.05
N ARG L 33 118.85 -4.97 -69.01
CA ARG L 33 119.13 -6.31 -68.49
C ARG L 33 118.90 -7.32 -69.59
N ASP L 34 117.69 -7.32 -70.15
CA ASP L 34 117.35 -8.24 -71.23
C ASP L 34 118.35 -8.16 -72.38
N ILE L 35 118.81 -6.94 -72.68
CA ILE L 35 119.78 -6.74 -73.77
C ILE L 35 121.12 -7.35 -73.46
N ILE L 36 121.67 -7.05 -72.30
CA ILE L 36 122.96 -7.57 -71.92
C ILE L 36 122.99 -9.09 -71.73
N ASP L 37 121.89 -9.68 -71.29
CA ASP L 37 121.87 -11.12 -71.10
C ASP L 37 121.90 -11.82 -72.45
N ASP L 38 121.29 -11.20 -73.44
CA ASP L 38 121.24 -11.75 -74.78
C ASP L 38 122.57 -11.61 -75.50
N HIS L 39 123.23 -10.47 -75.32
CA HIS L 39 124.50 -10.20 -75.96
C HIS L 39 125.51 -9.55 -75.01
N PRO L 40 126.13 -10.35 -74.12
CA PRO L 40 127.11 -9.85 -73.16
C PRO L 40 128.29 -9.12 -73.77
N GLU L 41 128.38 -9.12 -75.09
CA GLU L 41 129.47 -8.43 -75.76
C GLU L 41 129.37 -6.94 -75.49
N ILE L 42 128.17 -6.48 -75.17
CA ILE L 42 127.93 -5.07 -74.92
C ILE L 42 128.51 -4.52 -73.62
N LYS L 43 128.65 -5.37 -72.61
CA LYS L 43 129.20 -4.90 -71.35
C LYS L 43 130.54 -4.22 -71.57
N ALA L 44 131.10 -4.39 -72.77
CA ALA L 44 132.39 -3.82 -73.09
C ALA L 44 132.43 -2.29 -73.16
N PRO L 45 131.79 -1.68 -74.15
CA PRO L 45 131.81 -0.21 -74.25
C PRO L 45 131.16 0.51 -73.06
N PHE L 46 130.31 -0.20 -72.33
CA PHE L 46 129.63 0.36 -71.17
C PHE L 46 130.53 0.28 -69.95
N SER L 47 131.82 0.11 -70.19
CA SER L 47 132.80 0.01 -69.12
C SER L 47 132.90 1.31 -68.33
N ARG L 48 132.73 2.43 -69.01
CA ARG L 48 132.83 3.72 -68.36
C ARG L 48 131.70 3.93 -67.38
N VAL L 49 130.53 3.41 -67.71
CA VAL L 49 129.35 3.54 -66.87
C VAL L 49 129.00 2.21 -66.19
N ARG L 50 129.95 1.63 -65.48
CA ARG L 50 129.76 0.37 -64.78
C ARG L 50 128.67 -0.49 -65.41
N GLY L 51 128.98 -1.03 -66.57
CA GLY L 51 128.04 -1.87 -67.27
C GLY L 51 127.97 -3.27 -66.72
N ASP L 52 128.92 -3.61 -65.85
CA ASP L 52 128.94 -4.94 -65.25
C ASP L 52 127.79 -5.07 -64.26
N ASN L 53 127.55 -3.98 -63.52
CA ASN L 53 126.48 -3.90 -62.52
C ASN L 53 125.42 -2.88 -62.99
N ILE L 54 124.43 -3.35 -63.75
CA ILE L 54 123.41 -2.46 -64.25
C ILE L 54 122.55 -1.86 -63.18
N TYR L 55 122.57 -2.43 -61.98
CA TYR L 55 121.75 -1.90 -60.89
C TYR L 55 122.44 -0.72 -60.20
N SER L 56 123.71 -0.51 -60.52
CA SER L 56 124.50 0.56 -59.91
C SER L 56 123.96 1.91 -60.30
N PRO L 57 124.23 2.94 -59.51
CA PRO L 57 123.75 4.27 -59.82
C PRO L 57 124.47 4.80 -61.05
N GLU L 58 125.77 4.49 -61.15
CA GLU L 58 126.55 4.93 -62.30
C GLU L 58 125.86 4.54 -63.60
N PHE L 59 125.53 3.26 -63.73
CA PHE L 59 124.84 2.75 -64.92
C PHE L 59 123.43 3.27 -64.95
N GLY L 60 122.76 3.26 -63.81
CA GLY L 60 121.40 3.76 -63.73
C GLY L 60 121.30 5.12 -64.41
N ALA L 61 122.25 5.99 -64.05
CA ALA L 61 122.29 7.34 -64.61
C ALA L 61 122.29 7.18 -66.10
N HIS L 62 123.31 6.51 -66.61
CA HIS L 62 123.45 6.25 -68.04
C HIS L 62 122.11 5.81 -68.62
N SER L 63 121.61 4.69 -68.13
CA SER L 63 120.34 4.13 -68.57
C SER L 63 119.34 5.21 -68.85
N GLN L 64 119.15 6.08 -67.87
CA GLN L 64 118.21 7.20 -67.99
C GLN L 64 118.58 8.16 -69.13
N ARG L 65 119.84 8.62 -69.16
CA ARG L 65 120.29 9.53 -70.18
C ARG L 65 119.91 9.00 -71.55
N VAL L 66 120.08 7.69 -71.73
CA VAL L 66 119.75 7.02 -72.97
C VAL L 66 118.27 7.18 -73.29
N LEU L 67 117.45 6.55 -72.49
CA LEU L 67 116.02 6.62 -72.69
C LEU L 67 115.62 8.06 -72.99
N SER L 68 116.17 9.02 -72.26
CA SER L 68 115.82 10.42 -72.46
C SER L 68 116.02 10.80 -73.89
N GLY L 69 117.21 10.53 -74.41
CA GLY L 69 117.49 10.84 -75.81
C GLY L 69 116.46 10.20 -76.72
N LEU L 70 116.12 8.96 -76.41
CA LEU L 70 115.13 8.23 -77.18
C LEU L 70 113.84 9.02 -77.11
N ASP L 71 113.54 9.58 -75.94
CA ASP L 71 112.32 10.37 -75.79
C ASP L 71 112.38 11.52 -76.77
N ILE L 72 113.48 12.25 -76.76
CA ILE L 72 113.66 13.38 -77.68
C ILE L 72 113.38 12.98 -79.10
N THR L 73 114.18 12.06 -79.62
CA THR L 73 113.98 11.59 -80.98
C THR L 73 112.51 11.33 -81.25
N ILE L 74 111.88 10.49 -80.43
CA ILE L 74 110.45 10.20 -80.60
C ILE L 74 109.58 11.44 -80.61
N SER L 75 109.78 12.38 -79.67
CA SER L 75 108.84 13.48 -79.69
C SER L 75 109.27 14.40 -80.78
N MET L 76 110.49 14.19 -81.28
CA MET L 76 111.09 14.88 -82.40
C MET L 76 110.38 14.50 -83.66
N LEU L 77 109.94 13.24 -83.78
CA LEU L 77 109.55 12.61 -85.01
C LEU L 77 108.42 13.39 -85.64
N ASP L 78 107.43 13.75 -84.81
CA ASP L 78 106.15 14.22 -85.21
C ASP L 78 106.30 15.38 -86.15
N THR L 79 107.25 16.30 -85.86
CA THR L 79 107.46 17.41 -86.73
C THR L 79 108.77 17.19 -87.42
N PRO L 80 108.69 17.02 -88.69
CA PRO L 80 109.82 16.60 -89.52
C PRO L 80 111.08 17.47 -89.46
N ASP L 81 110.91 18.80 -89.51
CA ASP L 81 112.05 19.71 -89.49
C ASP L 81 112.91 19.53 -88.25
N MET L 82 112.29 19.24 -87.11
CA MET L 82 113.02 19.06 -85.87
C MET L 82 113.66 17.68 -85.84
N LEU L 83 112.93 16.68 -86.30
CA LEU L 83 113.44 15.32 -86.31
C LEU L 83 114.66 15.21 -87.21
N ALA L 84 114.49 15.62 -88.46
CA ALA L 84 115.57 15.58 -89.44
C ALA L 84 116.83 16.19 -88.83
N ALA L 85 116.65 17.29 -88.09
CA ALA L 85 117.77 17.98 -87.45
C ALA L 85 118.33 17.18 -86.29
N GLN L 86 117.43 16.77 -85.39
CA GLN L 86 117.81 16.00 -84.22
C GLN L 86 118.52 14.73 -84.64
N LEU L 87 117.97 14.02 -85.61
CA LEU L 87 118.58 12.79 -86.07
C LEU L 87 119.98 13.08 -86.56
N ALA L 88 120.13 14.06 -87.42
CA ALA L 88 121.45 14.42 -87.95
C ALA L 88 122.41 14.68 -86.79
N HIS L 89 121.91 15.35 -85.76
CA HIS L 89 122.73 15.66 -84.59
C HIS L 89 123.19 14.39 -83.90
N LEU L 90 122.31 13.39 -83.81
CA LEU L 90 122.66 12.14 -83.16
C LEU L 90 123.67 11.36 -83.97
N LYS L 91 123.49 11.37 -85.30
CA LYS L 91 124.40 10.63 -86.17
C LYS L 91 125.84 11.02 -85.91
N VAL L 92 126.07 12.32 -85.72
CA VAL L 92 127.40 12.82 -85.48
C VAL L 92 128.00 12.26 -84.19
N GLN L 93 127.23 12.30 -83.10
CA GLN L 93 127.71 11.81 -81.82
C GLN L 93 128.06 10.32 -81.87
N HIS L 94 127.70 9.68 -82.98
CA HIS L 94 127.97 8.25 -83.15
C HIS L 94 129.04 7.91 -84.18
N VAL L 95 128.86 8.40 -85.39
CA VAL L 95 129.80 8.14 -86.47
C VAL L 95 131.28 8.12 -86.03
N GLU L 96 131.64 9.10 -85.17
CA GLU L 96 133.00 9.33 -84.80
C GLU L 96 133.47 8.07 -84.20
N ARG L 97 132.73 7.65 -83.16
CA ARG L 97 133.09 6.43 -82.51
C ARG L 97 132.68 5.36 -83.42
N ASN L 98 133.28 4.20 -83.17
CA ASN L 98 133.02 3.05 -83.96
C ASN L 98 132.11 2.23 -83.17
N LEU L 99 131.16 1.64 -83.87
CA LEU L 99 130.31 0.79 -83.13
C LEU L 99 130.07 -0.39 -83.99
N LYS L 100 129.30 -1.39 -83.51
CA LYS L 100 128.84 -2.38 -84.42
C LYS L 100 127.41 -2.11 -84.66
N PRO L 101 127.11 -2.01 -85.91
CA PRO L 101 125.83 -1.61 -86.39
C PRO L 101 124.77 -2.52 -85.87
N GLU L 102 125.08 -3.81 -85.70
CA GLU L 102 124.07 -4.79 -85.32
C GLU L 102 123.57 -4.58 -83.88
N PHE L 103 124.37 -3.91 -83.07
CA PHE L 103 124.00 -3.64 -81.67
C PHE L 103 122.67 -2.93 -81.62
N PHE L 104 122.52 -1.93 -82.48
CA PHE L 104 121.28 -1.16 -82.52
C PHE L 104 120.12 -2.03 -82.95
N ASP L 105 120.37 -2.91 -83.92
CA ASP L 105 119.31 -3.80 -84.39
C ASP L 105 118.84 -4.64 -83.20
N ILE L 106 119.76 -4.87 -82.27
CA ILE L 106 119.49 -5.63 -81.05
C ILE L 106 118.67 -4.75 -80.11
N PHE L 107 119.22 -3.57 -79.81
CA PHE L 107 118.56 -2.63 -78.94
C PHE L 107 117.09 -2.53 -79.35
N LEU L 108 116.85 -2.30 -80.62
CA LEU L 108 115.49 -2.17 -81.13
C LEU L 108 114.68 -3.41 -80.83
N LYS L 109 115.24 -4.58 -81.11
CA LYS L 109 114.55 -5.83 -80.87
C LYS L 109 113.94 -5.82 -79.47
N HIS L 110 114.76 -5.53 -78.47
CA HIS L 110 114.30 -5.50 -77.08
C HIS L 110 113.36 -4.34 -76.75
N LEU L 111 113.72 -3.13 -77.14
CA LEU L 111 112.87 -1.99 -76.87
C LEU L 111 111.44 -2.34 -77.24
N LEU L 112 111.26 -3.08 -78.33
CA LEU L 112 109.93 -3.48 -78.79
C LEU L 112 109.37 -4.59 -77.91
N HIS L 113 110.24 -5.53 -77.58
CA HIS L 113 109.85 -6.63 -76.71
C HIS L 113 109.30 -6.06 -75.40
N VAL L 114 110.05 -5.13 -74.80
CA VAL L 114 109.64 -4.51 -73.55
C VAL L 114 108.35 -3.74 -73.69
N LEU L 115 108.29 -2.81 -74.65
CA LEU L 115 107.06 -2.03 -74.84
C LEU L 115 105.90 -3.00 -75.02
N GLY L 116 106.20 -4.15 -75.63
CA GLY L 116 105.19 -5.16 -75.86
C GLY L 116 104.55 -5.52 -74.55
N ASP L 117 105.39 -5.81 -73.54
CA ASP L 117 104.89 -6.17 -72.23
C ASP L 117 104.12 -5.02 -71.64
N ARG L 118 104.76 -3.86 -71.54
CA ARG L 118 104.13 -2.68 -70.98
C ARG L 118 102.78 -2.31 -71.60
N LEU L 119 102.73 -2.22 -72.92
CA LEU L 119 101.51 -1.84 -73.59
C LEU L 119 100.48 -2.95 -73.81
N GLY L 120 100.94 -4.19 -73.90
CA GLY L 120 100.01 -5.28 -74.09
C GLY L 120 99.71 -5.58 -75.55
N THR L 121 98.47 -5.92 -75.84
CA THR L 121 98.08 -6.25 -77.22
C THR L 121 97.80 -5.01 -78.06
N HIS L 122 97.57 -3.89 -77.39
CA HIS L 122 97.27 -2.64 -78.08
C HIS L 122 98.51 -2.15 -78.81
N PHE L 123 99.67 -2.54 -78.29
CA PHE L 123 100.96 -2.13 -78.83
C PHE L 123 100.98 -2.19 -80.33
N ASP L 124 101.11 -1.03 -80.98
CA ASP L 124 101.14 -1.00 -82.44
C ASP L 124 102.54 -1.28 -82.97
N PHE L 125 102.89 -2.56 -82.99
CA PHE L 125 104.18 -3.02 -83.46
C PHE L 125 104.53 -2.35 -84.77
N GLY L 126 103.64 -2.49 -85.74
CA GLY L 126 103.88 -1.89 -87.03
C GLY L 126 104.41 -0.48 -86.90
N ALA L 127 103.59 0.40 -86.32
CA ALA L 127 103.97 1.80 -86.16
C ALA L 127 105.36 1.98 -85.55
N TRP L 128 105.63 1.27 -84.46
CA TRP L 128 106.92 1.41 -83.81
C TRP L 128 108.04 0.96 -84.72
N HIS L 129 107.98 -0.27 -85.21
CA HIS L 129 109.03 -0.81 -86.07
C HIS L 129 109.35 0.20 -87.17
N ASP L 130 108.33 0.59 -87.91
CA ASP L 130 108.51 1.55 -88.98
C ASP L 130 109.10 2.84 -88.47
N CYS L 131 108.65 3.25 -87.30
CA CYS L 131 109.13 4.52 -86.74
C CYS L 131 110.44 4.57 -85.93
N VAL L 132 110.63 3.66 -85.00
CA VAL L 132 111.85 3.67 -84.22
C VAL L 132 113.01 3.29 -85.12
N ASP L 133 112.74 2.45 -86.10
CA ASP L 133 113.77 2.01 -87.03
C ASP L 133 114.43 3.24 -87.57
N GLN L 134 113.61 4.13 -88.18
CA GLN L 134 114.05 5.42 -88.76
C GLN L 134 114.96 6.26 -87.78
N ILE L 135 114.79 6.03 -86.49
CA ILE L 135 115.60 6.71 -85.52
C ILE L 135 116.95 6.00 -85.35
N ILE L 136 116.96 4.68 -85.45
CA ILE L 136 118.19 3.95 -85.30
C ILE L 136 119.14 4.15 -86.47
N ASP L 137 118.67 3.94 -87.69
CA ASP L 137 119.53 4.12 -88.85
C ASP L 137 120.23 5.47 -88.83
N GLY L 138 119.50 6.50 -88.38
CA GLY L 138 120.00 7.83 -88.44
C GLY L 138 121.23 7.89 -87.59
N ILE L 139 121.20 7.26 -86.39
CA ILE L 139 122.29 7.38 -85.49
C ILE L 139 123.48 6.63 -85.98
N LYS L 140 123.20 5.42 -86.51
CA LYS L 140 124.23 4.55 -86.98
C LYS L 140 124.84 5.26 -88.21
N ASP M 1 98.99 -40.32 -32.93
CA ASP M 1 97.65 -40.22 -33.55
C ASP M 1 97.83 -39.31 -34.69
N CYS M 2 96.78 -38.57 -35.06
CA CYS M 2 97.32 -37.69 -36.02
C CYS M 2 97.37 -36.32 -35.50
N CYS M 3 97.92 -35.53 -36.43
CA CYS M 3 98.24 -34.18 -36.26
C CYS M 3 97.06 -33.48 -36.81
N SER M 4 96.60 -32.49 -36.03
CA SER M 4 95.58 -31.56 -36.41
C SER M 4 96.28 -30.47 -37.14
N TYR M 5 95.54 -29.78 -37.97
CA TYR M 5 95.94 -28.61 -38.72
C TYR M 5 96.23 -27.48 -37.75
N GLU M 6 95.40 -27.38 -36.71
CA GLU M 6 95.59 -26.34 -35.72
C GLU M 6 96.97 -26.52 -35.10
N ASP M 7 97.27 -27.75 -34.72
CA ASP M 7 98.55 -28.05 -34.12
C ASP M 7 99.69 -27.63 -35.05
N ARG M 8 99.53 -27.91 -36.33
CA ARG M 8 100.56 -27.52 -37.27
C ARG M 8 100.74 -26.02 -37.14
N ARG M 9 99.65 -25.28 -37.21
CA ARG M 9 99.70 -23.83 -37.08
C ARG M 9 100.42 -23.44 -35.78
N GLU M 10 100.10 -24.11 -34.69
CA GLU M 10 100.74 -23.84 -33.41
C GLU M 10 102.26 -23.91 -33.55
N ILE M 11 102.72 -25.02 -34.11
CA ILE M 11 104.13 -25.23 -34.31
C ILE M 11 104.71 -24.23 -35.30
N ARG M 12 104.08 -24.09 -36.46
CA ARG M 12 104.57 -23.17 -37.49
C ARG M 12 104.86 -21.81 -36.87
N HIS M 13 104.35 -21.61 -35.65
CA HIS M 13 104.55 -20.36 -34.92
C HIS M 13 105.60 -20.58 -33.84
N ILE M 14 105.39 -21.58 -33.00
CA ILE M 14 106.35 -21.88 -31.97
C ILE M 14 107.77 -21.86 -32.55
N TRP M 15 107.92 -22.42 -33.75
CA TRP M 15 109.22 -22.48 -34.38
C TRP M 15 109.76 -21.08 -34.67
N ASP M 16 108.92 -20.24 -35.29
CA ASP M 16 109.32 -18.87 -35.62
C ASP M 16 109.90 -18.11 -34.42
N ASP M 17 109.86 -18.72 -33.23
CA ASP M 17 110.40 -18.08 -32.04
C ASP M 17 111.79 -18.60 -31.71
N VAL M 18 112.06 -19.84 -32.08
CA VAL M 18 113.37 -20.42 -31.83
C VAL M 18 114.27 -20.14 -33.01
N TRP M 19 113.74 -20.24 -34.22
CA TRP M 19 114.62 -20.19 -35.36
C TRP M 19 115.20 -18.80 -35.51
N SER M 20 114.45 -17.77 -35.08
CA SER M 20 113.99 -16.67 -35.88
C SER M 20 115.09 -15.95 -36.59
N SER M 21 116.14 -15.56 -35.82
CA SER M 21 117.12 -14.61 -36.26
C SER M 21 117.99 -15.24 -37.32
N SER M 22 118.65 -14.41 -38.14
CA SER M 22 119.32 -14.97 -39.29
C SER M 22 120.52 -15.71 -38.84
N PHE M 23 121.03 -15.23 -37.73
CA PHE M 23 122.20 -15.61 -37.04
C PHE M 23 122.23 -17.05 -36.72
N THR M 24 123.38 -17.73 -36.96
CA THR M 24 123.60 -18.98 -36.25
C THR M 24 123.49 -18.92 -34.73
N ASP M 25 124.33 -18.08 -34.11
CA ASP M 25 124.35 -17.90 -32.66
C ASP M 25 123.20 -18.51 -31.86
N ARG M 26 121.99 -17.99 -32.04
CA ARG M 26 120.83 -18.50 -31.29
C ARG M 26 120.54 -19.98 -31.53
N ARG M 27 120.14 -20.33 -32.75
CA ARG M 27 119.82 -21.71 -33.07
C ARG M 27 120.87 -22.66 -32.55
N VAL M 28 122.12 -22.26 -32.65
CA VAL M 28 123.21 -23.09 -32.16
C VAL M 28 123.05 -23.41 -30.67
N ALA M 29 123.11 -22.39 -29.84
CA ALA M 29 122.96 -22.55 -28.41
C ALA M 29 121.77 -23.45 -28.06
N ILE M 30 120.66 -23.29 -28.78
CA ILE M 30 119.48 -24.11 -28.50
C ILE M 30 119.71 -25.56 -28.85
N VAL M 31 120.02 -25.84 -30.10
CA VAL M 31 120.27 -27.22 -30.53
C VAL M 31 121.32 -27.84 -29.66
N ARG M 32 122.33 -27.07 -29.29
CA ARG M 32 123.38 -27.59 -28.43
C ARG M 32 122.71 -27.98 -27.11
N ALA M 33 122.14 -26.99 -26.43
CA ALA M 33 121.47 -27.22 -25.17
C ALA M 33 120.59 -28.46 -25.22
N VAL M 34 120.08 -28.77 -26.41
CA VAL M 34 119.24 -29.95 -26.61
C VAL M 34 120.10 -31.19 -26.50
N PHE M 35 121.17 -31.23 -27.27
CA PHE M 35 122.06 -32.37 -27.23
C PHE M 35 122.67 -32.59 -25.88
N ASP M 36 123.09 -31.52 -25.21
CA ASP M 36 123.68 -31.66 -23.88
C ASP M 36 122.75 -32.43 -22.97
N ASP M 37 121.44 -32.29 -23.21
CA ASP M 37 120.43 -33.00 -22.42
C ASP M 37 120.30 -34.43 -22.89
N LEU M 38 120.66 -34.68 -24.14
CA LEU M 38 120.59 -36.03 -24.69
C LEU M 38 121.75 -36.82 -24.15
N PHE M 39 122.90 -36.19 -24.09
CA PHE M 39 124.10 -36.82 -23.59
C PHE M 39 124.09 -37.01 -22.08
N LYS M 40 123.48 -36.11 -21.35
CA LYS M 40 123.45 -36.24 -19.91
C LYS M 40 122.55 -37.42 -19.53
N HIS M 41 121.67 -37.81 -20.44
CA HIS M 41 120.73 -38.90 -20.19
C HIS M 41 121.08 -40.20 -20.91
N TYR M 42 121.59 -40.10 -22.12
CA TYR M 42 121.99 -41.28 -22.87
C TYR M 42 123.43 -41.03 -23.32
N PRO M 43 124.37 -40.97 -22.36
CA PRO M 43 125.80 -40.73 -22.58
C PRO M 43 126.44 -41.57 -23.68
N THR M 44 125.88 -42.75 -23.90
CA THR M 44 126.39 -43.64 -24.93
C THR M 44 126.46 -42.95 -26.30
N SER M 45 125.36 -42.30 -26.68
CA SER M 45 125.25 -41.61 -27.95
C SER M 45 126.40 -40.65 -28.23
N LYS M 46 126.93 -40.01 -27.19
CA LYS M 46 128.02 -39.05 -27.35
C LYS M 46 129.05 -39.52 -28.36
N ALA M 47 129.60 -40.71 -28.14
CA ALA M 47 130.60 -41.26 -29.03
C ALA M 47 130.27 -41.15 -30.52
N LEU M 48 129.01 -41.36 -30.88
CA LEU M 48 128.57 -41.29 -32.26
C LEU M 48 129.02 -40.08 -33.06
N PHE M 49 129.26 -38.97 -32.38
CA PHE M 49 129.64 -37.75 -33.07
C PHE M 49 131.12 -37.39 -33.04
N GLU M 50 132.00 -38.38 -32.93
CA GLU M 50 133.42 -38.08 -32.91
C GLU M 50 133.80 -37.63 -34.31
N ARG M 51 133.01 -38.07 -35.27
CA ARG M 51 133.26 -37.73 -36.65
C ARG M 51 133.21 -36.23 -36.88
N VAL M 52 132.40 -35.54 -36.08
CA VAL M 52 132.25 -34.10 -36.20
C VAL M 52 133.01 -33.37 -35.12
N LYS M 53 133.76 -34.13 -34.35
CA LYS M 53 134.57 -33.56 -33.28
C LYS M 53 133.80 -32.93 -32.13
N ILE M 54 133.03 -33.74 -31.41
CA ILE M 54 132.27 -33.23 -30.27
C ILE M 54 133.21 -32.94 -29.11
N ASP M 55 134.40 -33.52 -29.15
CA ASP M 55 135.37 -33.30 -28.09
C ASP M 55 135.84 -31.84 -28.13
N GLU M 56 135.55 -31.16 -29.24
CA GLU M 56 135.91 -29.76 -29.40
C GLU M 56 134.60 -28.99 -29.56
N PRO M 57 133.90 -28.76 -28.45
CA PRO M 57 132.63 -28.04 -28.50
C PRO M 57 132.61 -26.82 -29.39
N GLU M 58 133.56 -25.90 -29.23
CA GLU M 58 133.55 -24.69 -30.04
C GLU M 58 134.26 -24.87 -31.36
N SER M 59 134.62 -26.11 -31.66
CA SER M 59 135.32 -26.45 -32.89
C SER M 59 134.89 -25.70 -34.14
N GLY M 60 133.62 -25.80 -34.49
CA GLY M 60 133.17 -25.15 -35.69
C GLY M 60 132.86 -26.29 -36.63
N GLU M 61 133.70 -27.32 -36.58
CA GLU M 61 133.47 -28.50 -37.40
C GLU M 61 132.21 -29.10 -36.80
N PHE M 62 132.06 -28.89 -35.49
CA PHE M 62 130.94 -29.39 -34.72
C PHE M 62 129.81 -28.40 -34.71
N LYS M 63 130.13 -27.12 -34.49
CA LYS M 63 129.09 -26.10 -34.49
C LYS M 63 128.30 -26.22 -35.79
N SER M 64 129.00 -26.23 -36.92
CA SER M 64 128.34 -26.36 -38.22
C SER M 64 127.39 -27.53 -38.15
N HIS M 65 127.84 -28.64 -37.57
CA HIS M 65 127.00 -29.83 -37.44
C HIS M 65 125.70 -29.45 -36.76
N LEU M 66 125.80 -28.97 -35.54
CA LEU M 66 124.62 -28.54 -34.79
C LEU M 66 123.65 -27.81 -35.71
N VAL M 67 124.16 -26.83 -36.43
CA VAL M 67 123.35 -26.06 -37.35
C VAL M 67 122.64 -26.98 -38.33
N ARG M 68 123.37 -27.88 -38.97
CA ARG M 68 122.78 -28.80 -39.94
C ARG M 68 121.63 -29.54 -39.31
N VAL M 69 121.80 -29.93 -38.06
CA VAL M 69 120.75 -30.65 -37.36
C VAL M 69 119.60 -29.70 -37.21
N ALA M 70 119.88 -28.53 -36.67
CA ALA M 70 118.86 -27.51 -36.49
C ALA M 70 118.13 -27.35 -37.81
N ASN M 71 118.85 -26.88 -38.84
CA ASN M 71 118.26 -26.68 -40.16
C ASN M 71 117.49 -27.87 -40.66
N GLY M 72 117.95 -29.08 -40.35
CA GLY M 72 117.24 -30.27 -40.80
C GLY M 72 115.86 -30.37 -40.14
N LEU M 73 115.79 -29.88 -38.91
CA LEU M 73 114.56 -29.88 -38.17
C LEU M 73 113.69 -28.78 -38.76
N LYS M 74 114.30 -27.61 -38.95
CA LYS M 74 113.64 -26.47 -39.55
C LYS M 74 112.96 -26.91 -40.83
N LEU M 75 113.73 -27.56 -41.70
CA LEU M 75 113.22 -28.06 -42.97
C LEU M 75 111.99 -28.92 -42.76
N LEU M 76 112.00 -29.75 -41.72
CA LEU M 76 110.86 -30.61 -41.45
C LEU M 76 109.62 -29.79 -41.16
N ILE M 77 109.69 -29.02 -40.08
CA ILE M 77 108.59 -28.16 -39.68
C ILE M 77 108.07 -27.33 -40.85
N ASN M 78 108.97 -26.69 -41.58
CA ASN M 78 108.59 -25.86 -42.72
C ASN M 78 108.09 -26.70 -43.91
N LEU M 79 107.71 -27.94 -43.64
CA LEU M 79 107.23 -28.83 -44.68
C LEU M 79 105.88 -29.36 -44.26
N LEU M 80 105.54 -29.15 -42.99
CA LEU M 80 104.26 -29.60 -42.44
C LEU M 80 103.04 -29.17 -43.23
N ASP M 81 103.18 -28.22 -44.14
CA ASP M 81 102.03 -27.79 -44.93
C ASP M 81 102.03 -28.46 -46.31
N ASP M 82 103.11 -29.18 -46.63
CA ASP M 82 103.21 -29.87 -47.91
C ASP M 82 103.30 -31.39 -47.78
N THR M 83 102.58 -31.92 -46.80
CA THR M 83 102.51 -33.34 -46.51
C THR M 83 103.31 -34.29 -47.41
N LEU M 84 102.85 -34.48 -48.64
CA LEU M 84 103.50 -35.40 -49.58
C LEU M 84 105.01 -35.29 -49.66
N VAL M 85 105.53 -34.07 -49.68
CA VAL M 85 106.98 -33.87 -49.74
C VAL M 85 107.58 -34.24 -48.40
N LEU M 86 106.93 -33.80 -47.33
CA LEU M 86 107.40 -34.11 -46.00
C LEU M 86 107.53 -35.62 -45.86
N GLN M 87 106.49 -36.35 -46.27
CA GLN M 87 106.48 -37.80 -46.19
C GLN M 87 107.67 -38.44 -46.88
N SER M 88 108.17 -37.81 -47.93
CA SER M 88 109.31 -38.35 -48.66
C SER M 88 110.63 -37.96 -47.97
N HIS M 89 110.87 -36.66 -47.79
CA HIS M 89 112.09 -36.22 -47.14
C HIS M 89 112.17 -36.84 -45.77
N LEU M 90 111.02 -37.14 -45.18
CA LEU M 90 111.03 -37.75 -43.85
C LEU M 90 111.67 -39.12 -43.95
N GLY M 91 111.44 -39.79 -45.08
CA GLY M 91 112.02 -41.09 -45.29
C GLY M 91 113.50 -40.92 -45.51
N HIS M 92 113.84 -40.07 -46.47
CA HIS M 92 115.23 -39.76 -46.81
C HIS M 92 116.02 -39.42 -45.53
N LEU M 93 115.36 -38.79 -44.57
CA LEU M 93 116.00 -38.42 -43.32
C LEU M 93 116.25 -39.65 -42.48
N ALA M 94 115.46 -40.68 -42.70
CA ALA M 94 115.62 -41.93 -41.97
C ALA M 94 116.86 -42.60 -42.53
N ASP M 95 116.84 -42.85 -43.82
CA ASP M 95 117.95 -43.51 -44.48
C ASP M 95 119.30 -42.88 -44.11
N GLN M 96 119.34 -41.57 -43.90
CA GLN M 96 120.59 -40.91 -43.55
C GLN M 96 121.03 -41.29 -42.13
N HIS M 97 120.13 -41.90 -41.39
CA HIS M 97 120.45 -42.29 -40.04
C HIS M 97 120.55 -43.79 -39.90
N ILE M 98 120.01 -44.53 -40.87
CA ILE M 98 120.09 -45.98 -40.81
C ILE M 98 121.50 -46.37 -41.20
N GLN M 99 122.08 -45.64 -42.14
CA GLN M 99 123.44 -45.93 -42.58
C GLN M 99 124.46 -45.42 -41.58
N ARG M 100 123.97 -44.78 -40.52
CA ARG M 100 124.86 -44.29 -39.47
C ARG M 100 124.85 -45.35 -38.39
N LYS M 101 125.83 -46.25 -38.48
CA LYS M 101 125.96 -47.36 -37.54
C LYS M 101 126.04 -46.90 -36.09
N GLY M 102 125.14 -47.42 -35.26
CA GLY M 102 125.15 -47.06 -33.85
C GLY M 102 123.97 -46.23 -33.39
N VAL M 103 123.13 -45.80 -34.31
CA VAL M 103 121.97 -44.98 -33.97
C VAL M 103 120.77 -45.84 -33.63
N THR M 104 120.40 -45.85 -32.35
CA THR M 104 119.26 -46.66 -31.88
C THR M 104 117.91 -45.95 -32.01
N LYS M 105 116.85 -46.74 -31.87
CA LYS M 105 115.50 -46.23 -31.96
C LYS M 105 115.31 -45.43 -30.69
N GLU M 106 116.06 -45.83 -29.68
CA GLU M 106 116.00 -45.19 -28.37
C GLU M 106 116.55 -43.78 -28.38
N TYR M 107 117.76 -43.61 -28.88
CA TYR M 107 118.38 -42.30 -28.91
C TYR M 107 117.41 -41.25 -29.44
N PHE M 108 116.57 -41.62 -30.39
CA PHE M 108 115.61 -40.67 -30.93
C PHE M 108 114.57 -40.33 -29.87
N ARG M 109 113.95 -41.35 -29.30
CA ARG M 109 112.95 -41.08 -28.27
C ARG M 109 113.63 -40.22 -27.21
N GLY M 110 114.94 -40.30 -27.13
CA GLY M 110 115.68 -39.54 -26.14
C GLY M 110 115.86 -38.09 -26.49
N ILE M 111 116.11 -37.80 -27.76
CA ILE M 111 116.31 -36.43 -28.17
C ILE M 111 114.95 -35.77 -28.16
N GLY M 112 113.91 -36.57 -28.25
CA GLY M 112 112.57 -36.02 -28.24
C GLY M 112 112.30 -35.44 -26.88
N GLU M 113 112.69 -36.18 -25.85
CA GLU M 113 112.52 -35.74 -24.49
C GLU M 113 113.32 -34.47 -24.34
N ALA M 114 114.51 -34.47 -24.93
CA ALA M 114 115.40 -33.32 -24.88
C ALA M 114 114.68 -32.02 -25.20
N PHE M 115 114.18 -31.90 -26.42
CA PHE M 115 113.48 -30.68 -26.80
C PHE M 115 112.39 -30.32 -25.82
N ALA M 116 111.56 -31.30 -25.49
CA ALA M 116 110.45 -31.11 -24.57
C ALA M 116 110.86 -30.57 -23.21
N ARG M 117 112.17 -30.53 -22.97
CA ARG M 117 112.70 -30.05 -21.71
C ARG M 117 113.44 -28.74 -21.95
N VAL M 118 113.96 -28.58 -23.15
CA VAL M 118 114.71 -27.39 -23.50
C VAL M 118 113.82 -26.28 -23.99
N LEU M 119 113.14 -26.52 -25.09
CA LEU M 119 112.27 -25.51 -25.67
C LEU M 119 111.44 -24.73 -24.65
N PRO M 120 110.73 -25.43 -23.75
CA PRO M 120 109.93 -24.72 -22.76
C PRO M 120 110.71 -23.72 -21.91
N GLN M 121 112.01 -23.68 -22.10
CA GLN M 121 112.87 -22.78 -21.35
C GLN M 121 113.40 -21.65 -22.20
N VAL M 122 113.47 -21.86 -23.52
CA VAL M 122 113.99 -20.82 -24.41
C VAL M 122 112.92 -19.87 -24.91
N LEU M 123 111.67 -20.25 -24.73
CA LEU M 123 110.59 -19.38 -25.16
C LEU M 123 109.37 -19.68 -24.33
N SER M 124 108.52 -18.67 -24.18
CA SER M 124 107.30 -18.84 -23.40
C SER M 124 106.18 -19.17 -24.37
N CYS M 125 105.04 -19.60 -23.83
CA CYS M 125 103.91 -19.96 -24.66
C CYS M 125 104.27 -21.15 -25.54
N PHE M 126 104.79 -22.19 -24.92
CA PHE M 126 105.16 -23.40 -25.63
C PHE M 126 104.11 -24.48 -25.35
N ASN M 127 103.42 -24.92 -26.39
CA ASN M 127 102.41 -25.94 -26.23
C ASN M 127 103.06 -27.30 -26.22
N VAL M 128 103.81 -27.59 -25.17
CA VAL M 128 104.53 -28.84 -25.03
C VAL M 128 103.80 -30.06 -25.60
N ASP M 129 102.51 -30.18 -25.33
CA ASP M 129 101.74 -31.31 -25.85
C ASP M 129 101.69 -31.31 -27.37
N ALA M 130 101.22 -30.21 -27.94
CA ALA M 130 101.14 -30.08 -29.40
C ALA M 130 102.49 -30.41 -30.03
N TRP M 131 103.55 -29.84 -29.49
CA TRP M 131 104.87 -30.11 -30.01
C TRP M 131 105.07 -31.60 -29.93
N ASN M 132 105.05 -32.12 -28.71
CA ASN M 132 105.23 -33.54 -28.49
C ASN M 132 104.47 -34.39 -29.51
N ARG M 133 103.20 -34.10 -29.70
CA ARG M 133 102.43 -34.90 -30.63
C ARG M 133 103.06 -34.93 -32.01
N CYS M 134 103.18 -33.79 -32.66
CA CYS M 134 103.74 -33.77 -34.00
C CYS M 134 105.21 -34.13 -34.09
N PHE M 135 105.93 -34.01 -33.00
CA PHE M 135 107.34 -34.36 -33.02
C PHE M 135 107.44 -35.88 -33.07
N HIS M 136 106.57 -36.55 -32.33
CA HIS M 136 106.56 -38.01 -32.30
C HIS M 136 106.24 -38.56 -33.69
N ARG M 137 105.22 -38.02 -34.33
CA ARG M 137 104.85 -38.48 -35.65
C ARG M 137 106.10 -38.36 -36.54
N LEU M 138 106.84 -37.27 -36.41
CA LEU M 138 108.04 -37.08 -37.21
C LEU M 138 109.12 -38.09 -36.88
N VAL M 139 109.38 -38.26 -35.58
CA VAL M 139 110.39 -39.21 -35.12
C VAL M 139 110.06 -40.64 -35.53
N ALA M 140 108.85 -41.09 -35.19
CA ALA M 140 108.42 -42.44 -35.53
C ALA M 140 108.84 -42.82 -36.94
N ARG M 141 108.42 -42.03 -37.92
CA ARG M 141 108.77 -42.31 -39.29
C ARG M 141 110.26 -42.27 -39.56
N ILE M 142 111.01 -41.45 -38.82
CA ILE M 142 112.45 -41.36 -39.05
C ILE M 142 113.20 -42.60 -38.57
N ALA M 143 112.86 -42.95 -37.29
CA ALA M 143 113.55 -43.94 -36.52
C ALA M 143 113.30 -45.23 -37.19
N LYS M 144 112.04 -45.45 -37.58
CA LYS M 144 111.50 -46.78 -37.65
C LYS M 144 112.27 -47.50 -38.67
N ASP M 145 112.69 -46.72 -39.68
CA ASP M 145 113.31 -47.28 -40.82
C ASP M 145 114.51 -48.02 -40.30
N LEU M 146 115.17 -47.45 -39.28
CA LEU M 146 116.47 -47.91 -38.92
C LEU M 146 116.41 -49.37 -38.51
N PRO M 147 115.68 -49.79 -37.49
CA PRO M 147 115.66 -51.17 -37.06
C PRO M 147 115.10 -51.93 -38.19
N ASP N 1 110.70 -13.97 75.39
CA ASP N 1 109.26 -14.27 75.29
C ASP N 1 108.96 -15.22 74.21
N CYS N 2 107.67 -15.53 74.14
CA CYS N 2 107.38 -16.34 73.03
C CYS N 2 106.92 -15.47 71.97
N CYS N 3 106.87 -16.10 70.81
CA CYS N 3 106.44 -15.35 69.73
C CYS N 3 105.40 -16.19 69.15
N SER N 4 104.78 -15.59 68.16
CA SER N 4 103.56 -16.00 67.59
C SER N 4 103.91 -16.40 66.21
N TYR N 5 103.18 -17.40 65.67
CA TYR N 5 103.39 -18.06 64.41
C TYR N 5 103.14 -17.07 63.31
N GLU N 6 102.14 -16.22 63.50
CA GLU N 6 101.80 -15.21 62.50
C GLU N 6 103.00 -14.31 62.32
N ASP N 7 103.57 -13.87 63.43
CA ASP N 7 104.73 -13.01 63.39
C ASP N 7 105.86 -13.68 62.62
N ARG N 8 106.06 -14.97 62.86
CA ARG N 8 107.11 -15.67 62.14
C ARG N 8 106.82 -15.53 60.66
N ARG N 9 105.60 -15.82 60.27
CA ARG N 9 105.21 -15.68 58.87
C ARG N 9 105.52 -14.28 58.36
N GLU N 10 105.20 -13.28 59.16
CA GLU N 10 105.44 -11.89 58.79
C GLU N 10 106.91 -11.71 58.43
N ILE N 11 107.78 -12.14 59.32
CA ILE N 11 109.22 -12.04 59.12
C ILE N 11 109.68 -12.89 57.95
N ARG N 12 109.25 -14.17 57.92
CA ARG N 12 109.65 -15.08 56.85
C ARG N 12 109.40 -14.43 55.51
N HIS N 13 108.62 -13.34 55.52
CA HIS N 13 108.30 -12.59 54.31
C HIS N 13 109.15 -11.32 54.26
N ILE N 14 109.08 -10.53 55.32
CA ILE N 14 109.86 -9.30 55.41
C ILE N 14 111.30 -9.57 54.98
N TRP N 15 111.84 -10.71 55.38
CA TRP N 15 113.20 -11.07 55.03
C TRP N 15 113.33 -11.25 53.54
N ASP N 16 112.42 -12.01 52.95
CA ASP N 16 112.47 -12.26 51.51
C ASP N 16 112.57 -10.98 50.68
N ASP N 17 112.46 -9.83 51.34
CA ASP N 17 112.54 -8.56 50.64
C ASP N 17 113.93 -7.94 50.76
N VAL N 18 114.62 -8.23 51.86
CA VAL N 18 115.96 -7.71 52.07
C VAL N 18 116.98 -8.71 51.47
N TRP N 19 116.71 -10.01 51.64
CA TRP N 19 117.64 -11.04 51.30
C TRP N 19 117.85 -10.94 49.83
N SER N 20 116.78 -10.47 49.17
CA SER N 20 116.16 -11.16 48.11
C SER N 20 117.10 -11.30 46.96
N SER N 21 117.94 -10.26 46.76
CA SER N 21 118.86 -10.31 45.67
C SER N 21 119.67 -11.57 45.84
N SER N 22 120.17 -12.10 44.71
CA SER N 22 120.52 -13.50 44.55
C SER N 22 121.78 -13.81 45.18
N PHE N 23 122.66 -12.80 45.09
CA PHE N 23 124.04 -12.99 45.34
C PHE N 23 124.50 -11.70 45.81
N THR N 24 125.81 -11.58 45.88
CA THR N 24 126.29 -11.00 47.11
C THR N 24 125.99 -9.52 47.29
N ASP N 25 126.47 -8.70 46.37
CA ASP N 25 126.28 -7.23 46.41
C ASP N 25 125.29 -6.65 47.41
N ARG N 26 124.01 -6.98 47.24
CA ARG N 26 122.98 -6.46 48.14
C ARG N 26 123.16 -6.88 49.59
N ARG N 27 123.01 -8.18 49.85
CA ARG N 27 123.13 -8.69 51.20
C ARG N 27 124.34 -8.11 51.90
N VAL N 28 125.44 -7.97 51.16
CA VAL N 28 126.68 -7.43 51.72
C VAL N 28 126.45 -6.05 52.28
N ALA N 29 126.10 -5.12 51.40
CA ALA N 29 125.85 -3.74 51.81
C ALA N 29 124.94 -3.65 53.04
N ILE N 30 123.91 -4.48 53.09
CA ILE N 30 123.01 -4.47 54.24
C ILE N 30 123.69 -4.96 55.50
N VAL N 31 124.21 -6.19 55.49
CA VAL N 31 124.89 -6.72 56.68
C VAL N 31 126.00 -5.78 57.13
N ARG N 32 126.68 -5.17 56.16
CA ARG N 32 127.74 -4.23 56.48
C ARG N 32 127.08 -3.07 57.21
N ALA N 33 126.18 -2.37 56.53
CA ALA N 33 125.47 -1.24 57.14
C ALA N 33 125.00 -1.56 58.55
N VAL N 34 124.71 -2.84 58.82
CA VAL N 34 124.28 -3.28 60.14
C VAL N 34 125.44 -3.17 61.10
N PHE N 35 126.55 -3.81 60.74
CA PHE N 35 127.72 -3.76 61.58
C PHE N 35 128.21 -2.34 61.83
N ASP N 36 128.25 -1.52 60.77
CA ASP N 36 128.71 -0.14 60.93
C ASP N 36 127.95 0.53 62.05
N ASP N 37 126.69 0.11 62.24
CA ASP N 37 125.86 0.69 63.28
C ASP N 37 126.20 0.04 64.62
N LEU N 38 126.74 -1.16 64.56
CA LEU N 38 127.12 -1.85 65.78
C LEU N 38 128.40 -1.21 66.30
N PHE N 39 129.31 -0.93 65.38
CA PHE N 39 130.58 -0.34 65.76
C PHE N 39 130.45 1.12 66.16
N LYS N 40 129.53 1.85 65.57
CA LYS N 40 129.37 3.25 65.91
C LYS N 40 128.80 3.36 67.31
N HIS N 41 128.19 2.29 67.80
CA HIS N 41 127.58 2.28 69.13
C HIS N 41 128.38 1.49 70.18
N TYR N 42 129.00 0.40 69.76
CA TYR N 42 129.80 -0.41 70.68
C TYR N 42 131.13 -0.61 69.98
N PRO N 43 131.89 0.47 69.79
CA PRO N 43 133.19 0.50 69.13
C PRO N 43 134.15 -0.57 69.59
N THR N 44 133.95 -0.99 70.80
CA THR N 44 134.76 -1.98 71.33
C THR N 44 134.82 -3.24 70.45
N SER N 45 133.65 -3.76 70.15
CA SER N 45 133.53 -4.96 69.35
C SER N 45 134.38 -4.97 68.10
N LYS N 46 134.58 -3.81 67.51
CA LYS N 46 135.35 -3.70 66.28
C LYS N 46 136.57 -4.61 66.30
N ALA N 47 137.42 -4.43 67.29
CA ALA N 47 138.64 -5.21 67.42
C ALA N 47 138.45 -6.71 67.21
N LEU N 48 137.34 -7.27 67.68
CA LEU N 48 137.07 -8.69 67.56
C LEU N 48 137.23 -9.30 66.17
N PHE N 49 137.05 -8.49 65.14
CA PHE N 49 137.15 -8.98 63.78
C PHE N 49 138.45 -8.69 63.03
N GLU N 50 139.55 -8.55 63.76
CA GLU N 50 140.81 -8.28 63.09
C GLU N 50 141.19 -9.56 62.36
N ARG N 51 140.66 -10.67 62.85
CA ARG N 51 140.96 -11.96 62.27
C ARG N 51 140.49 -12.03 60.82
N VAL N 52 139.45 -11.28 60.50
CA VAL N 52 138.90 -11.28 59.15
C VAL N 52 139.29 -10.04 58.38
N LYS N 53 140.14 -9.24 59.00
CA LYS N 53 140.62 -8.01 58.40
C LYS N 53 139.58 -6.92 58.18
N ILE N 54 139.01 -6.40 59.27
CA ILE N 54 138.02 -5.35 59.15
C ILE N 54 138.70 -4.03 58.79
N ASP N 55 140.00 -3.96 59.01
CA ASP N 55 140.75 -2.76 58.68
C ASP N 55 140.78 -2.57 57.17
N GLU N 56 140.43 -3.62 56.44
CA GLU N 56 140.38 -3.60 54.99
C GLU N 56 138.94 -3.86 54.60
N PRO N 57 138.07 -2.85 54.72
CA PRO N 57 136.66 -2.99 54.37
C PRO N 57 136.37 -3.75 53.09
N GLU N 58 136.97 -3.37 51.98
CA GLU N 58 136.72 -4.04 50.70
C GLU N 58 137.59 -5.27 50.49
N SER N 59 138.35 -5.63 51.52
CA SER N 59 139.25 -6.77 51.48
C SER N 59 138.76 -7.99 50.71
N GLY N 60 137.62 -8.51 51.10
CA GLY N 60 137.11 -9.69 50.46
C GLY N 60 137.26 -10.79 51.50
N GLU N 61 138.34 -10.73 52.26
CA GLU N 61 138.55 -11.69 53.33
C GLU N 61 137.46 -11.35 54.33
N PHE N 62 137.14 -10.06 54.36
CA PHE N 62 136.13 -9.51 55.25
C PHE N 62 134.77 -9.55 54.60
N LYS N 63 134.69 -9.15 53.33
CA LYS N 63 133.41 -9.20 52.65
C LYS N 63 132.82 -10.61 52.80
N SER N 64 133.62 -11.63 52.46
CA SER N 64 133.17 -13.01 52.57
C SER N 64 132.60 -13.23 53.97
N HIS N 65 133.28 -12.70 54.98
CA HIS N 65 132.82 -12.83 56.35
C HIS N 65 131.39 -12.31 56.44
N LEU N 66 131.20 -11.03 56.13
CA LEU N 66 129.88 -10.41 56.15
C LEU N 66 128.84 -11.37 55.60
N VAL N 67 129.12 -11.92 54.43
CA VAL N 67 128.23 -12.86 53.78
C VAL N 67 127.95 -14.02 54.69
N ARG N 68 128.99 -14.64 55.25
CA ARG N 68 128.78 -15.78 56.15
C ARG N 68 127.82 -15.42 57.28
N VAL N 69 127.95 -14.19 57.79
CA VAL N 69 127.09 -13.72 58.86
C VAL N 69 125.70 -13.64 58.30
N ALA N 70 125.57 -12.94 57.18
CA ALA N 70 124.28 -12.81 56.51
C ALA N 70 123.68 -14.20 56.35
N ASN N 71 124.34 -15.06 55.59
CA ASN N 71 123.87 -16.42 55.36
C ASN N 71 123.55 -17.17 56.65
N GLY N 72 124.31 -16.92 57.71
CA GLY N 72 124.03 -17.60 58.96
C GLY N 72 122.68 -17.17 59.52
N LEU N 73 122.32 -15.92 59.25
CA LEU N 73 121.06 -15.34 59.70
C LEU N 73 120.01 -15.93 58.80
N LYS N 74 120.27 -15.92 57.51
CA LYS N 74 119.37 -16.48 56.51
C LYS N 74 118.99 -17.89 56.94
N LEU N 75 120.01 -18.69 57.24
CA LEU N 75 119.80 -20.07 57.67
C LEU N 75 118.85 -20.14 58.86
N LEU N 76 118.98 -19.21 59.79
CA LEU N 76 118.12 -19.19 60.97
C LEU N 76 116.68 -19.02 60.54
N ILE N 77 116.41 -17.86 59.96
CA ILE N 77 115.08 -17.51 59.48
C ILE N 77 114.47 -18.65 58.68
N ASN N 78 115.24 -19.15 57.71
CA ASN N 78 114.77 -20.25 56.88
C ASN N 78 114.67 -21.59 57.63
N LEU N 79 114.63 -21.51 58.95
CA LEU N 79 114.53 -22.69 59.76
C LEU N 79 113.33 -22.55 60.70
N LEU N 80 112.79 -21.33 60.77
CA LEU N 80 111.66 -21.00 61.63
C LEU N 80 110.44 -21.91 61.46
N ASP N 81 110.43 -22.71 60.40
CA ASP N 81 109.30 -23.59 60.18
C ASP N 81 109.66 -24.99 60.62
N ASP N 82 110.94 -25.23 60.94
CA ASP N 82 111.36 -26.55 61.41
C ASP N 82 111.89 -26.58 62.85
N THR N 83 111.24 -25.79 63.70
CA THR N 83 111.56 -25.67 65.11
C THR N 83 112.69 -26.53 65.67
N LEU N 84 112.44 -27.82 65.82
CA LEU N 84 113.42 -28.74 66.36
C LEU N 84 114.84 -28.61 65.84
N VAL N 85 114.98 -28.39 64.54
CA VAL N 85 116.30 -28.23 63.95
C VAL N 85 116.83 -26.87 64.33
N LEU N 86 115.96 -25.87 64.24
CA LEU N 86 116.35 -24.52 64.58
C LEU N 86 116.90 -24.51 65.99
N GLN N 87 116.18 -25.16 66.90
CA GLN N 87 116.58 -25.22 68.30
C GLN N 87 117.98 -25.80 68.49
N SER N 88 118.38 -26.69 67.59
CA SER N 88 119.71 -27.29 67.70
C SER N 88 120.78 -26.40 67.09
N HIS N 89 120.62 -26.05 65.82
CA HIS N 89 121.59 -25.18 65.15
C HIS N 89 121.69 -23.89 65.93
N LEU N 90 120.61 -23.51 66.59
CA LEU N 90 120.62 -22.27 67.35
C LEU N 90 121.63 -22.43 68.45
N GLY N 91 121.73 -23.64 69.00
CA GLY N 91 122.69 -23.90 70.05
C GLY N 91 124.07 -23.89 69.44
N HIS N 92 124.26 -24.69 68.41
CA HIS N 92 125.53 -24.77 67.69
C HIS N 92 126.04 -23.36 67.35
N LEU N 93 125.13 -22.45 67.05
CA LEU N 93 125.48 -21.09 66.70
C LEU N 93 125.99 -20.35 67.91
N ALA N 94 125.57 -20.79 69.09
CA ALA N 94 126.01 -20.18 70.33
C ALA N 94 127.44 -20.61 70.56
N ASP N 95 127.65 -21.92 70.61
CA ASP N 95 128.97 -22.48 70.84
C ASP N 95 130.03 -21.85 69.94
N GLN N 96 129.66 -21.51 68.71
CA GLN N 96 130.61 -20.91 67.79
C GLN N 96 130.97 -19.51 68.22
N HIS N 97 130.22 -18.97 69.16
CA HIS N 97 130.48 -17.63 69.64
C HIS N 97 131.00 -17.62 71.06
N ILE N 98 130.81 -18.73 71.76
CA ILE N 98 131.29 -18.82 73.13
C ILE N 98 132.79 -19.04 73.07
N GLN N 99 133.24 -19.81 72.08
CA GLN N 99 134.66 -20.07 71.91
C GLN N 99 135.38 -18.87 71.29
N ARG N 100 134.62 -17.84 70.97
CA ARG N 100 135.20 -16.63 70.40
C ARG N 100 135.39 -15.68 71.57
N LYS N 101 136.59 -15.72 72.14
CA LYS N 101 136.91 -14.90 73.30
C LYS N 101 136.71 -13.41 73.04
N GLY N 102 135.91 -12.77 73.89
CA GLY N 102 135.67 -11.34 73.74
C GLY N 102 134.27 -10.97 73.33
N VAL N 103 133.44 -11.98 73.05
CA VAL N 103 132.06 -11.73 72.64
C VAL N 103 131.11 -11.65 73.82
N THR N 104 130.63 -10.44 74.13
CA THR N 104 129.72 -10.23 75.27
C THR N 104 128.26 -10.48 74.95
N LYS N 105 127.47 -10.60 76.01
CA LYS N 105 126.04 -10.82 75.88
C LYS N 105 125.49 -9.51 75.35
N GLU N 106 126.21 -8.44 75.66
CA GLU N 106 125.81 -7.10 75.27
C GLU N 106 125.94 -6.87 73.76
N TYR N 107 127.11 -7.18 73.20
CA TYR N 107 127.31 -6.97 71.77
C TYR N 107 126.14 -7.50 70.96
N PHE N 108 125.55 -8.61 71.42
CA PHE N 108 124.42 -9.17 70.71
C PHE N 108 123.22 -8.26 70.81
N ARG N 109 122.87 -7.89 72.02
CA ARG N 109 121.72 -7.01 72.20
C ARG N 109 122.00 -5.77 71.35
N GLY N 110 123.28 -5.52 71.08
CA GLY N 110 123.65 -4.36 70.29
C GLY N 110 123.43 -4.51 68.81
N ILE N 111 123.73 -5.68 68.28
CA ILE N 111 123.55 -5.92 66.86
C ILE N 111 122.06 -6.04 66.59
N GLY N 112 121.32 -6.38 67.64
CA GLY N 112 119.88 -6.51 67.49
C GLY N 112 119.29 -5.15 67.21
N GLU N 113 119.78 -4.15 67.94
CA GLU N 113 119.34 -2.78 67.78
C GLU N 113 119.72 -2.38 66.36
N ALA N 114 120.92 -2.78 65.96
CA ALA N 114 121.43 -2.49 64.63
C ALA N 114 120.40 -2.78 63.55
N PHE N 115 120.02 -4.04 63.41
CA PHE N 115 119.05 -4.40 62.39
C PHE N 115 117.80 -3.55 62.49
N ALA N 116 117.28 -3.44 63.71
CA ALA N 116 116.06 -2.68 63.95
C ALA N 116 116.15 -1.22 63.50
N ARG N 117 117.36 -0.80 63.17
CA ARG N 117 117.58 0.57 62.73
C ARG N 117 117.91 0.59 61.23
N VAL N 118 118.53 -0.49 60.75
CA VAL N 118 118.91 -0.59 59.36
C VAL N 118 117.78 -1.10 58.48
N LEU N 119 117.34 -2.32 58.74
CA LEU N 119 116.27 -2.90 57.96
C LEU N 119 115.15 -1.94 57.59
N PRO N 120 114.58 -1.22 58.58
CA PRO N 120 113.50 -0.29 58.26
C PRO N 120 113.86 0.76 57.21
N GLN N 121 115.11 0.77 56.79
CA GLN N 121 115.58 1.72 55.79
C GLN N 121 115.85 1.08 54.45
N VAL N 122 116.12 -0.21 54.44
CA VAL N 122 116.40 -0.91 53.19
C VAL N 122 115.17 -1.46 52.52
N LEU N 123 114.07 -1.51 53.25
CA LEU N 123 112.84 -2.00 52.67
C LEU N 123 111.67 -1.37 53.39
N SER N 124 110.55 -1.26 52.69
CA SER N 124 109.37 -0.68 53.30
C SER N 124 108.50 -1.83 53.77
N CYS N 125 107.49 -1.50 54.59
CA CYS N 125 106.60 -2.52 55.12
C CYS N 125 107.38 -3.46 56.02
N PHE N 126 108.12 -2.89 56.98
CA PHE N 126 108.89 -3.67 57.90
C PHE N 126 108.19 -3.66 59.24
N ASN N 127 107.78 -4.83 59.71
CA ASN N 127 107.07 -4.93 60.99
C ASN N 127 108.10 -4.98 62.12
N VAL N 128 108.78 -3.87 62.32
CA VAL N 128 109.81 -3.76 63.35
C VAL N 128 109.54 -4.57 64.60
N ASP N 129 108.32 -4.49 65.12
CA ASP N 129 107.98 -5.23 66.32
C ASP N 129 108.10 -6.73 66.11
N ALA N 130 107.39 -7.25 65.11
CA ALA N 130 107.42 -8.66 64.81
C ALA N 130 108.85 -9.13 64.65
N TRP N 131 109.64 -8.37 63.91
CA TRP N 131 111.03 -8.73 63.73
C TRP N 131 111.65 -8.78 65.12
N ASN N 132 111.68 -7.63 65.79
CA ASN N 132 112.24 -7.54 67.12
C ASN N 132 111.88 -8.74 67.99
N ARG N 133 110.60 -9.08 68.06
CA ARG N 133 110.20 -10.21 68.88
C ARG N 133 110.95 -11.48 68.53
N CYS N 134 110.80 -11.99 67.32
CA CYS N 134 111.47 -13.22 66.95
C CYS N 134 112.98 -13.12 66.90
N PHE N 135 113.52 -11.93 66.74
CA PHE N 135 114.95 -11.81 66.69
C PHE N 135 115.48 -11.99 68.09
N HIS N 136 114.77 -11.45 69.06
CA HIS N 136 115.18 -11.57 70.45
C HIS N 136 115.19 -13.03 70.85
N ARG N 137 114.13 -13.76 70.54
CA ARG N 137 114.07 -15.17 70.91
C ARG N 137 115.32 -15.85 70.33
N LEU N 138 115.69 -15.49 69.12
CA LEU N 138 116.87 -16.09 68.48
C LEU N 138 118.16 -15.71 69.19
N VAL N 139 118.32 -14.42 69.48
CA VAL N 139 119.51 -13.93 70.16
C VAL N 139 119.65 -14.52 71.55
N ALA N 140 118.60 -14.41 72.35
CA ALA N 140 118.61 -14.94 73.71
C ALA N 140 119.27 -16.31 73.76
N ARG N 141 118.75 -17.25 72.97
CA ARG N 141 119.31 -18.60 72.94
C ARG N 141 120.76 -18.65 72.46
N ILE N 142 121.15 -17.73 71.57
CA ILE N 142 122.53 -17.73 71.08
C ILE N 142 123.53 -17.29 72.12
N ALA N 143 123.18 -16.15 72.74
CA ALA N 143 123.92 -15.44 73.72
C ALA N 143 123.99 -16.24 74.98
N LYS N 144 122.86 -16.87 75.33
CA LYS N 144 122.60 -17.33 76.65
C LYS N 144 123.63 -18.35 76.98
N ASP N 145 123.98 -19.13 75.95
CA ASP N 145 124.77 -20.30 76.15
C ASP N 145 126.03 -19.86 76.79
N LEU N 146 126.62 -18.76 76.21
CA LEU N 146 127.94 -18.35 76.58
C LEU N 146 127.91 -18.16 78.03
N PRO N 147 126.92 -17.57 78.62
CA PRO N 147 127.05 -17.60 80.04
C PRO N 147 126.70 -18.92 80.68
N LYS O 1 113.17 18.90 49.50
CA LYS O 1 113.01 17.81 50.49
C LYS O 1 114.32 17.18 50.80
N LYS O 2 114.44 15.85 50.60
CA LYS O 2 115.68 15.21 50.94
C LYS O 2 116.47 15.08 49.70
N GLN O 3 117.70 14.57 49.89
CA GLN O 3 118.60 14.39 48.80
C GLN O 3 118.79 12.94 48.66
N CYS O 4 119.49 12.62 47.57
CA CYS O 4 119.69 11.28 47.17
C CYS O 4 120.83 10.70 47.92
N GLY O 5 120.88 9.36 47.87
CA GLY O 5 121.88 8.60 48.54
C GLY O 5 121.43 7.18 48.48
N VAL O 6 122.25 6.28 49.06
CA VAL O 6 122.33 4.91 48.63
C VAL O 6 121.01 4.23 48.80
N LEU O 7 120.47 4.23 50.03
CA LEU O 7 119.25 3.48 50.28
C LEU O 7 118.07 3.99 49.48
N GLU O 8 117.71 5.26 49.66
CA GLU O 8 116.58 5.84 48.95
C GLU O 8 116.67 5.52 47.47
N GLY O 9 117.88 5.27 47.01
CA GLY O 9 118.07 4.91 45.62
C GLY O 9 117.56 3.49 45.45
N LEU O 10 118.18 2.56 46.18
CA LEU O 10 117.77 1.19 46.10
C LEU O 10 116.26 1.07 46.16
N LYS O 11 115.63 1.87 47.01
CA LYS O 11 114.18 1.77 47.12
C LYS O 11 113.53 2.16 45.80
N VAL O 12 113.82 3.35 45.32
CA VAL O 12 113.22 3.79 44.08
C VAL O 12 113.55 2.82 42.96
N LYS O 13 114.81 2.44 42.86
CA LYS O 13 115.23 1.51 41.81
C LYS O 13 114.39 0.27 41.80
N SER O 14 114.03 -0.20 42.98
CA SER O 14 113.24 -1.41 43.13
C SER O 14 111.78 -1.14 42.77
N GLU O 15 111.19 -0.14 43.42
CA GLU O 15 109.80 0.21 43.17
C GLU O 15 109.57 0.54 41.70
N TRP O 16 110.55 1.19 41.08
CA TRP O 16 110.42 1.54 39.68
C TRP O 16 110.28 0.27 38.91
N GLY O 17 111.04 -0.76 39.30
CA GLY O 17 110.98 -2.03 38.61
C GLY O 17 109.54 -2.53 38.50
N ARG O 18 108.80 -2.42 39.59
CA ARG O 18 107.42 -2.87 39.65
C ARG O 18 106.49 -1.95 38.86
N ALA O 19 106.64 -0.65 39.02
CA ALA O 19 105.78 0.30 38.31
C ALA O 19 106.00 0.30 36.80
N TYR O 20 107.26 0.25 36.38
CA TYR O 20 107.58 0.27 34.96
C TYR O 20 106.92 -0.91 34.30
N GLY O 21 107.22 -2.11 34.78
CA GLY O 21 106.64 -3.31 34.19
C GLY O 21 107.07 -3.51 32.75
N SER O 22 106.24 -4.18 31.95
CA SER O 22 106.57 -4.42 30.55
C SER O 22 105.35 -4.65 29.66
N GLY O 23 105.61 -4.82 28.38
CA GLY O 23 104.55 -5.05 27.42
C GLY O 23 103.57 -3.92 27.28
N HIS O 24 102.29 -4.21 27.52
CA HIS O 24 101.24 -3.21 27.42
C HIS O 24 101.25 -2.30 28.64
N ASP O 25 101.40 -2.89 29.82
CA ASP O 25 101.44 -2.10 31.05
C ASP O 25 102.34 -0.91 30.79
N ARG O 26 103.44 -1.16 30.10
CA ARG O 26 104.40 -0.11 29.79
C ARG O 26 103.81 0.89 28.81
N GLU O 27 103.39 0.41 27.64
CA GLU O 27 102.80 1.29 26.64
C GLU O 27 101.75 2.20 27.25
N ALA O 28 101.15 1.78 28.37
CA ALA O 28 100.11 2.57 29.03
C ALA O 28 100.77 3.45 30.09
N PHE O 29 101.54 2.81 30.95
CA PHE O 29 102.26 3.52 32.01
C PHE O 29 102.78 4.81 31.44
N SER O 30 103.48 4.72 30.31
CA SER O 30 104.01 5.91 29.67
C SER O 30 102.86 6.80 29.23
N GLN O 31 101.90 6.21 28.53
CA GLN O 31 100.73 6.94 28.06
C GLN O 31 100.18 7.79 29.20
N ALA O 32 99.82 7.14 30.30
CA ALA O 32 99.26 7.81 31.47
C ALA O 32 100.11 8.98 31.88
N ILE O 33 101.41 8.71 32.06
CA ILE O 33 102.34 9.74 32.47
C ILE O 33 102.27 10.96 31.60
N TRP O 34 102.41 10.77 30.30
CA TRP O 34 102.37 11.91 29.40
C TRP O 34 101.05 12.68 29.47
N ARG O 35 99.95 11.95 29.50
CA ARG O 35 98.65 12.60 29.57
C ARG O 35 98.61 13.48 30.79
N ALA O 36 99.17 12.99 31.90
CA ALA O 36 99.20 13.75 33.14
C ALA O 36 100.11 14.96 32.99
N THR O 37 101.20 14.79 32.26
CA THR O 37 102.11 15.90 32.04
C THR O 37 101.45 17.00 31.23
N PHE O 38 101.01 16.66 30.02
CA PHE O 38 100.38 17.61 29.13
C PHE O 38 99.16 18.28 29.75
N ALA O 39 98.44 17.54 30.58
CA ALA O 39 97.25 18.08 31.21
C ALA O 39 97.64 19.22 32.13
N GLN O 40 98.81 19.10 32.72
CA GLN O 40 99.32 20.12 33.62
C GLN O 40 99.80 21.37 32.88
N VAL O 41 100.64 21.16 31.87
CA VAL O 41 101.18 22.25 31.09
C VAL O 41 100.92 22.06 29.60
N PRO O 42 99.68 22.32 29.15
CA PRO O 42 99.37 22.16 27.73
C PRO O 42 100.36 22.93 26.83
N GLU O 43 100.97 23.96 27.38
CA GLU O 43 101.93 24.76 26.63
C GLU O 43 103.01 23.88 26.01
N SER O 44 103.47 22.89 26.77
CA SER O 44 104.53 21.99 26.35
C SER O 44 104.27 21.13 25.14
N ARG O 45 103.01 20.97 24.77
CA ARG O 45 102.72 20.14 23.61
C ARG O 45 103.49 20.63 22.40
N SER O 46 103.70 21.93 22.32
CA SER O 46 104.40 22.53 21.19
C SER O 46 105.82 22.00 20.94
N LEU O 47 106.48 21.51 21.98
CA LEU O 47 107.84 21.00 21.82
C LEU O 47 107.90 19.65 21.11
N PHE O 48 106.84 18.86 21.26
CA PHE O 48 106.80 17.54 20.65
C PHE O 48 105.98 17.55 19.40
N LYS O 49 106.00 18.67 18.71
CA LYS O 49 105.24 18.81 17.49
C LYS O 49 105.87 17.87 16.47
N ARG O 50 107.16 17.62 16.64
CA ARG O 50 107.89 16.77 15.71
C ARG O 50 107.49 15.31 15.77
N VAL O 51 107.08 14.88 16.96
CA VAL O 51 106.70 13.50 17.17
C VAL O 51 105.23 13.41 17.57
N HIS O 52 104.38 13.99 16.73
CA HIS O 52 102.94 14.00 16.95
C HIS O 52 102.53 14.16 18.41
N GLY O 53 102.84 15.31 18.98
CA GLY O 53 102.48 15.58 20.35
C GLY O 53 101.02 15.97 20.42
N ASP O 54 100.45 16.29 19.27
CA ASP O 54 99.04 16.66 19.23
C ASP O 54 98.14 15.50 19.63
N ASP O 55 98.48 14.29 19.20
CA ASP O 55 97.72 13.09 19.52
C ASP O 55 98.56 12.09 20.29
N THR O 56 98.41 12.10 21.61
CA THR O 56 99.16 11.22 22.50
C THR O 56 99.08 9.74 22.12
N SER O 57 98.05 9.36 21.37
CA SER O 57 97.85 7.97 20.96
C SER O 57 98.43 7.61 19.59
N HIS O 58 99.11 8.55 18.96
CA HIS O 58 99.70 8.30 17.66
C HIS O 58 100.96 7.48 17.81
N PRO O 59 101.13 6.43 17.00
CA PRO O 59 102.32 5.58 17.10
C PRO O 59 103.62 6.34 17.30
N ALA O 60 103.82 7.39 16.49
CA ALA O 60 105.03 8.19 16.57
C ALA O 60 105.29 8.59 18.02
N PHE O 61 104.26 9.15 18.65
CA PHE O 61 104.36 9.59 20.03
C PHE O 61 104.47 8.42 20.97
N ILE O 62 103.73 7.34 20.69
CA ILE O 62 103.78 6.15 21.52
C ILE O 62 105.23 5.73 21.63
N ALA O 63 105.88 5.72 20.48
CA ALA O 63 107.30 5.37 20.40
C ALA O 63 108.04 6.34 21.29
N HIS O 64 107.95 7.63 20.95
CA HIS O 64 108.60 8.66 21.73
C HIS O 64 108.46 8.40 23.23
N ALA O 65 107.23 8.29 23.72
CA ALA O 65 106.99 8.04 25.14
C ALA O 65 107.79 6.84 25.61
N ASP O 66 107.47 5.67 25.05
CA ASP O 66 108.15 4.44 25.43
C ASP O 66 109.67 4.65 25.36
N ARG O 67 110.10 5.56 24.49
CA ARG O 67 111.51 5.85 24.29
C ARG O 67 112.07 6.70 25.41
N VAL O 68 111.25 7.60 25.92
CA VAL O 68 111.64 8.50 27.00
C VAL O 68 111.80 7.72 28.26
N LEU O 69 110.77 6.99 28.64
CA LEU O 69 110.82 6.19 29.84
C LEU O 69 112.11 5.38 29.79
N GLY O 70 112.45 4.92 28.59
CA GLY O 70 113.65 4.15 28.41
C GLY O 70 114.86 4.79 29.10
N GLY O 71 115.09 6.05 28.78
CA GLY O 71 116.19 6.75 29.40
C GLY O 71 115.99 6.79 30.90
N LEU O 72 114.81 7.24 31.34
CA LEU O 72 114.53 7.31 32.75
C LEU O 72 114.89 5.98 33.40
N ASP O 73 114.69 4.90 32.67
CA ASP O 73 115.02 3.56 33.19
C ASP O 73 116.52 3.55 33.45
N ILE O 74 117.30 3.69 32.39
CA ILE O 74 118.74 3.70 32.55
C ILE O 74 119.16 4.56 33.73
N ALA O 75 118.58 5.75 33.85
CA ALA O 75 118.91 6.65 34.94
C ALA O 75 118.68 5.96 36.27
N ILE O 76 117.42 5.73 36.59
CA ILE O 76 117.07 5.07 37.83
C ILE O 76 117.88 3.78 38.02
N SER O 77 117.90 2.93 36.98
CA SER O 77 118.49 1.64 37.09
C SER O 77 119.91 1.84 37.49
N THR O 78 120.64 2.67 36.71
CA THR O 78 122.05 2.85 36.87
C THR O 78 122.33 3.60 38.14
N LEU O 79 121.31 4.28 38.69
CA LEU O 79 121.47 5.30 39.70
C LEU O 79 122.34 4.77 40.77
N ASP O 80 122.03 3.52 41.14
CA ASP O 80 122.49 2.93 42.35
C ASP O 80 123.99 2.95 42.32
N GLN O 81 124.61 2.63 41.16
CA GLN O 81 126.04 2.62 41.17
C GLN O 81 126.52 3.93 40.61
N PRO O 82 127.13 4.71 41.48
CA PRO O 82 127.60 6.07 41.19
C PRO O 82 128.49 6.15 39.96
N ALA O 83 129.42 5.20 39.87
CA ALA O 83 130.35 5.15 38.75
C ALA O 83 129.63 5.26 37.41
N THR O 84 128.76 4.29 37.17
CA THR O 84 128.00 4.22 35.93
C THR O 84 127.01 5.36 35.78
N LEU O 85 126.15 5.53 36.77
CA LEU O 85 125.16 6.62 36.74
C LEU O 85 125.84 7.90 36.26
N LYS O 86 126.91 8.25 36.95
CA LYS O 86 127.69 9.42 36.61
C LYS O 86 127.76 9.53 35.11
N GLU O 87 128.21 8.46 34.46
CA GLU O 87 128.36 8.44 33.01
C GLU O 87 127.06 8.72 32.26
N GLU O 88 126.03 7.93 32.52
CA GLU O 88 124.75 8.15 31.87
C GLU O 88 124.30 9.60 32.01
N LEU O 89 124.29 10.09 33.24
CA LEU O 89 123.87 11.47 33.46
C LEU O 89 124.69 12.38 32.59
N ASP O 90 126.01 12.24 32.65
CA ASP O 90 126.90 13.08 31.83
C ASP O 90 126.53 12.99 30.37
N HIS O 91 126.28 11.78 29.90
CA HIS O 91 125.89 11.57 28.51
C HIS O 91 124.65 12.43 28.22
N LEU O 92 123.65 12.33 29.07
CA LEU O 92 122.43 13.10 28.89
C LEU O 92 122.77 14.57 28.89
N GLN O 93 123.48 14.98 29.92
CA GLN O 93 123.88 16.37 30.07
C GLN O 93 124.23 16.97 28.72
N VAL O 94 124.99 16.23 27.93
CA VAL O 94 125.41 16.69 26.62
C VAL O 94 124.26 16.85 25.65
N GLN O 95 123.46 15.81 25.51
CA GLN O 95 122.33 15.85 24.58
C GLN O 95 121.41 17.00 24.91
N HIS O 96 121.59 17.61 26.08
CA HIS O 96 120.74 18.72 26.48
C HIS O 96 121.38 20.11 26.48
N GLU O 97 122.67 20.25 26.89
CA GLU O 97 123.21 21.55 27.03
C GLU O 97 123.27 22.19 25.67
N GLY O 98 123.08 23.53 25.66
CA GLY O 98 122.95 24.27 24.43
C GLY O 98 121.49 24.35 24.18
N ARG O 99 120.72 23.45 24.82
CA ARG O 99 119.30 23.65 24.90
C ARG O 99 119.08 24.22 26.26
N LYS O 100 118.18 25.24 26.37
CA LYS O 100 117.71 25.72 27.63
C LYS O 100 116.39 25.07 27.87
N ILE O 101 116.12 24.68 29.13
CA ILE O 101 114.91 23.96 29.39
C ILE O 101 114.27 24.59 30.57
N PRO O 102 113.03 24.86 30.38
CA PRO O 102 112.22 25.50 31.37
C PRO O 102 112.21 24.52 32.48
N ASP O 103 112.35 25.00 33.73
CA ASP O 103 112.31 24.10 34.89
C ASP O 103 110.85 23.87 35.25
N ASN O 104 109.99 24.68 34.67
CA ASN O 104 108.54 24.59 34.87
C ASN O 104 108.01 23.22 34.39
N TYR O 105 108.36 22.83 33.16
CA TYR O 105 107.93 21.57 32.59
C TYR O 105 108.46 20.36 33.36
N PHE O 106 109.77 20.29 33.54
CA PHE O 106 110.35 19.18 34.28
C PHE O 106 109.57 18.93 35.55
N ASP O 107 109.19 20.01 36.22
CA ASP O 107 108.44 19.91 37.46
C ASP O 107 107.16 19.11 37.24
N ALA O 108 106.40 19.51 36.23
CA ALA O 108 105.14 18.84 35.90
C ALA O 108 105.37 17.36 35.55
N PHE O 109 106.35 17.10 34.69
CA PHE O 109 106.67 15.75 34.29
C PHE O 109 107.01 14.90 35.50
N LYS O 110 107.67 15.47 36.50
CA LYS O 110 108.00 14.71 37.71
C LYS O 110 106.68 14.35 38.38
N THR O 111 105.89 15.39 38.62
CA THR O 111 104.60 15.21 39.27
C THR O 111 103.86 14.09 38.54
N ALA O 112 103.80 14.21 37.23
CA ALA O 112 103.12 13.19 36.44
C ALA O 112 103.63 11.81 36.86
N ILE O 113 104.91 11.56 36.63
CA ILE O 113 105.53 10.29 36.99
C ILE O 113 105.08 9.85 38.37
N LEU O 114 105.32 10.69 39.37
CA LEU O 114 104.94 10.36 40.73
C LEU O 114 103.47 9.93 40.87
N HIS O 115 102.54 10.73 40.38
CA HIS O 115 101.15 10.35 40.48
C HIS O 115 100.85 9.03 39.82
N VAL O 116 101.35 8.80 38.62
CA VAL O 116 101.10 7.55 37.94
C VAL O 116 101.71 6.41 38.71
N VAL O 117 103.00 6.50 39.01
CA VAL O 117 103.68 5.44 39.77
C VAL O 117 102.89 5.08 41.04
N ALA O 118 102.44 6.08 41.78
CA ALA O 118 101.65 5.85 43.00
C ALA O 118 100.38 5.09 42.66
N ALA O 119 99.75 5.45 41.55
CA ALA O 119 98.54 4.80 41.14
C ALA O 119 98.84 3.35 40.81
N GLN O 120 100.00 3.11 40.20
CA GLN O 120 100.41 1.77 39.79
C GLN O 120 100.87 0.86 40.92
N LEU O 121 101.56 1.42 41.90
CA LEU O 121 102.07 0.59 42.99
C LEU O 121 101.11 0.35 44.12
N GLY O 122 99.97 1.02 44.08
CA GLY O 122 98.99 0.82 45.14
C GLY O 122 99.40 1.34 46.50
N ARG O 123 100.03 0.49 47.30
CA ARG O 123 100.41 0.84 48.67
C ARG O 123 101.90 0.95 49.02
N CYS O 124 102.71 0.05 48.49
CA CYS O 124 104.13 0.08 48.79
C CYS O 124 104.86 1.04 47.87
N TYR O 125 104.99 2.28 48.34
CA TYR O 125 105.65 3.35 47.59
C TYR O 125 105.97 4.55 48.48
N ASP O 126 107.25 4.87 48.55
CA ASP O 126 107.71 6.00 49.35
C ASP O 126 107.74 7.23 48.45
N ARG O 127 106.91 8.23 48.77
CA ARG O 127 106.87 9.43 47.96
C ARG O 127 108.16 10.24 48.02
N GLU O 128 108.52 10.71 49.21
CA GLU O 128 109.74 11.48 49.41
C GLU O 128 110.91 10.92 48.61
N ALA O 129 111.16 9.62 48.77
CA ALA O 129 112.24 8.94 48.08
C ALA O 129 112.22 9.16 46.57
N TRP O 130 111.10 8.87 45.92
CA TRP O 130 111.02 9.08 44.50
C TRP O 130 111.28 10.54 44.21
N ASP O 131 110.52 11.41 44.86
CA ASP O 131 110.69 12.84 44.64
C ASP O 131 112.18 13.15 44.62
N ALA O 132 112.87 12.78 45.67
CA ALA O 132 114.30 13.04 45.80
C ALA O 132 115.12 12.55 44.62
N CYS O 133 114.90 11.31 44.22
CA CYS O 133 115.65 10.75 43.10
C CYS O 133 115.26 11.25 41.73
N ILE O 134 113.96 11.34 41.45
CA ILE O 134 113.52 11.83 40.16
C ILE O 134 114.16 13.18 40.02
N ASP O 135 114.24 13.90 41.14
CA ASP O 135 114.83 15.22 41.15
C ASP O 135 116.30 15.09 40.73
N HIS O 136 117.08 14.36 41.51
CA HIS O 136 118.49 14.18 41.20
C HIS O 136 118.70 13.81 39.74
N ILE O 137 117.81 12.99 39.18
CA ILE O 137 117.93 12.60 37.79
C ILE O 137 117.64 13.76 36.87
N GLU O 138 116.60 14.52 37.20
CA GLU O 138 116.26 15.69 36.38
C GLU O 138 117.36 16.74 36.43
N ASP O 139 117.90 16.99 37.61
CA ASP O 139 118.97 17.97 37.75
C ASP O 139 120.07 17.60 36.77
N GLY O 140 120.42 16.32 36.75
CA GLY O 140 121.46 15.85 35.85
C GLY O 140 121.17 16.08 34.38
N ILE O 141 119.93 16.40 34.05
CA ILE O 141 119.55 16.63 32.66
C ILE O 141 119.45 18.10 32.34
N LYS O 142 119.14 18.91 33.35
CA LYS O 142 119.04 20.34 33.15
C LYS O 142 120.41 20.99 33.34
N GLY O 143 121.09 20.46 34.36
CA GLY O 143 122.51 20.40 34.33
C GLY O 143 122.97 21.68 34.88
N HIS O 144 121.98 22.57 35.04
CA HIS O 144 122.39 23.80 35.54
C HIS O 144 121.51 24.07 36.70
N HIS O 145 121.98 25.07 37.44
CA HIS O 145 121.52 25.33 38.73
C HIS O 145 120.88 26.64 38.43
N HIS P 1 109.18 -15.06 6.78
CA HIS P 1 109.19 -13.58 6.59
C HIS P 1 107.89 -13.06 7.09
N GLU P 2 106.89 -12.99 6.18
CA GLU P 2 105.65 -12.38 6.56
C GLU P 2 105.11 -13.21 7.67
N HIS P 3 105.21 -14.53 7.48
CA HIS P 3 104.68 -15.54 8.33
C HIS P 3 105.33 -15.29 9.63
N CYS P 4 106.66 -15.19 9.59
CA CYS P 4 107.49 -15.24 10.76
C CYS P 4 107.43 -13.98 11.53
N CYS P 5 107.93 -14.03 12.78
CA CYS P 5 107.57 -13.15 13.87
C CYS P 5 106.08 -13.08 13.94
N SER P 6 105.43 -14.25 13.95
CA SER P 6 104.02 -14.31 14.21
C SER P 6 103.82 -13.91 15.63
N GLU P 7 102.55 -13.74 16.01
CA GLU P 7 102.08 -13.52 17.37
C GLU P 7 102.65 -14.57 18.32
N GLU P 8 102.45 -15.85 18.01
CA GLU P 8 102.98 -16.89 18.89
C GLU P 8 104.48 -16.71 18.98
N ASP P 9 105.11 -16.58 17.81
CA ASP P 9 106.55 -16.41 17.75
C ASP P 9 107.06 -15.44 18.80
N HIS P 10 106.67 -14.17 18.68
CA HIS P 10 107.14 -13.19 19.63
C HIS P 10 106.55 -13.35 21.01
N ARG P 11 105.32 -13.85 21.10
CA ARG P 11 104.75 -14.04 22.42
C ARG P 11 105.79 -14.89 23.16
N ILE P 12 106.39 -15.81 22.42
CA ILE P 12 107.40 -16.69 22.99
C ILE P 12 108.64 -15.89 23.35
N VAL P 13 109.19 -15.23 22.35
CA VAL P 13 110.37 -14.44 22.57
C VAL P 13 110.17 -13.62 23.83
N GLN P 14 109.10 -12.83 23.86
CA GLN P 14 108.84 -11.99 25.01
C GLN P 14 108.92 -12.75 26.32
N LYS P 15 108.23 -13.88 26.37
CA LYS P 15 108.20 -14.67 27.60
C LYS P 15 109.61 -15.08 28.01
N GLN P 16 110.37 -15.59 27.05
CA GLN P 16 111.72 -16.07 27.32
C GLN P 16 112.70 -14.98 27.69
N TRP P 17 112.51 -13.80 27.09
CA TRP P 17 113.40 -12.68 27.37
C TRP P 17 113.15 -12.15 28.77
N ASP P 18 112.00 -12.49 29.33
CA ASP P 18 111.67 -12.04 30.67
C ASP P 18 112.33 -12.88 31.77
N ILE P 19 112.64 -14.14 31.46
CA ILE P 19 113.29 -15.01 32.42
C ILE P 19 114.49 -14.27 32.98
N LEU P 20 115.03 -13.38 32.18
CA LEU P 20 116.19 -12.61 32.58
C LEU P 20 116.00 -11.59 33.69
N TRP P 21 115.03 -10.71 33.53
CA TRP P 21 114.79 -9.65 34.50
C TRP P 21 113.98 -10.00 35.74
N ARG P 22 114.13 -11.24 36.23
CA ARG P 22 113.40 -11.65 37.41
C ARG P 22 113.99 -11.00 38.65
N ASP P 23 115.32 -10.84 38.69
CA ASP P 23 115.97 -10.23 39.85
C ASP P 23 116.27 -8.74 39.62
N THR P 24 116.12 -7.97 40.70
CA THR P 24 116.31 -6.53 40.67
C THR P 24 117.65 -6.02 40.14
N GLU P 25 118.67 -6.86 40.14
CA GLU P 25 119.96 -6.40 39.64
C GLU P 25 120.11 -6.51 38.13
N SER P 26 119.09 -6.02 37.43
CA SER P 26 119.07 -6.04 35.97
C SER P 26 120.31 -5.34 35.40
N SER P 27 120.68 -4.20 36.00
CA SER P 27 121.83 -3.44 35.56
C SER P 27 123.06 -4.32 35.41
N LYS P 28 123.43 -4.99 36.49
CA LYS P 28 124.60 -5.86 36.48
C LYS P 28 124.52 -6.84 35.31
N ILE P 29 123.33 -7.38 35.06
CA ILE P 29 123.14 -8.32 33.97
C ILE P 29 123.23 -7.62 32.63
N LYS P 30 122.23 -6.78 32.33
CA LYS P 30 122.21 -6.05 31.07
C LYS P 30 123.60 -5.60 30.67
N ILE P 31 124.31 -4.97 31.62
CA ILE P 31 125.67 -4.50 31.35
C ILE P 31 126.57 -5.66 30.95
N GLY P 32 126.82 -6.55 31.90
CA GLY P 32 127.66 -7.70 31.63
C GLY P 32 127.34 -8.35 30.30
N PHE P 33 126.06 -8.63 30.09
CA PHE P 33 125.62 -9.27 28.86
C PHE P 33 125.90 -8.38 27.64
N GLY P 34 125.40 -7.14 27.68
CA GLY P 34 125.61 -6.25 26.56
C GLY P 34 127.09 -6.01 26.35
N ARG P 35 127.84 -5.95 27.43
CA ARG P 35 129.28 -5.73 27.37
C ARG P 35 129.86 -6.86 26.54
N LEU P 36 129.63 -8.08 26.99
CA LEU P 36 130.12 -9.26 26.27
C LEU P 36 129.70 -9.26 24.83
N LEU P 37 128.42 -9.02 24.56
CA LEU P 37 127.91 -9.00 23.18
C LEU P 37 128.68 -8.07 22.26
N LEU P 38 128.94 -6.85 22.71
CA LEU P 38 129.69 -5.91 21.89
C LEU P 38 131.15 -6.35 21.78
N THR P 39 131.75 -6.77 22.89
CA THR P 39 133.13 -7.24 22.89
C THR P 39 133.31 -8.30 21.83
N LYS P 40 132.54 -9.38 21.96
CA LYS P 40 132.60 -10.50 21.01
C LYS P 40 132.35 -10.03 19.58
N LEU P 41 131.83 -8.83 19.43
CA LEU P 41 131.63 -8.33 18.08
C LEU P 41 132.95 -7.76 17.62
N ALA P 42 133.55 -6.90 18.43
CA ALA P 42 134.84 -6.28 18.10
C ALA P 42 135.90 -7.36 17.91
N LYS P 43 135.69 -8.50 18.55
CA LYS P 43 136.61 -9.62 18.45
C LYS P 43 136.62 -10.16 17.03
N ASP P 44 135.44 -10.42 16.48
CA ASP P 44 135.31 -10.94 15.12
C ASP P 44 135.44 -9.89 14.02
N ILE P 45 135.22 -8.62 14.36
CA ILE P 45 135.34 -7.53 13.39
C ILE P 45 135.86 -6.31 14.11
N PRO P 46 137.16 -6.07 14.05
CA PRO P 46 137.86 -4.95 14.70
C PRO P 46 137.51 -3.54 14.23
N GLU P 47 137.20 -3.38 12.95
CA GLU P 47 136.89 -2.05 12.45
C GLU P 47 135.78 -1.46 13.29
N VAL P 48 135.26 -2.29 14.21
CA VAL P 48 134.21 -1.88 15.11
C VAL P 48 134.79 -1.10 16.27
N ASN P 49 135.90 -1.59 16.79
CA ASN P 49 136.56 -0.93 17.90
C ASN P 49 136.66 0.59 17.71
N ASP P 50 136.83 1.02 16.48
CA ASP P 50 136.94 2.45 16.19
C ASP P 50 135.62 3.17 16.28
N LEU P 51 134.52 2.45 16.03
CA LEU P 51 133.19 3.02 16.07
C LEU P 51 132.78 3.28 17.51
N PHE P 52 133.05 2.30 18.35
CA PHE P 52 132.72 2.39 19.76
C PHE P 52 133.82 3.10 20.54
N LYS P 53 134.75 3.70 19.83
CA LYS P 53 135.85 4.42 20.42
C LYS P 53 135.28 5.56 21.26
N ARG P 54 134.31 6.24 20.68
CA ARG P 54 133.62 7.37 21.30
C ARG P 54 133.10 7.06 22.70
N VAL P 55 132.74 5.80 22.95
CA VAL P 55 132.21 5.40 24.25
C VAL P 55 133.21 4.62 25.07
N ASP P 56 134.50 4.85 24.78
CA ASP P 56 135.57 4.19 25.53
C ASP P 56 135.39 2.68 25.63
N ILE P 57 135.21 2.03 24.49
CA ILE P 57 135.05 0.58 24.46
C ILE P 57 136.35 -0.06 24.90
N GLU P 58 137.42 0.72 24.85
CA GLU P 58 138.71 0.25 25.24
C GLU P 58 138.63 -0.23 26.70
N HIS P 59 137.83 0.44 27.52
CA HIS P 59 137.66 0.06 28.92
C HIS P 59 136.29 -0.58 29.09
N ALA P 60 136.21 -1.87 28.82
CA ALA P 60 134.96 -2.59 28.93
C ALA P 60 134.19 -2.30 30.21
N GLU P 61 134.89 -2.30 31.34
CA GLU P 61 134.27 -2.06 32.65
C GLU P 61 134.13 -0.58 32.96
N GLY P 62 134.70 0.24 32.07
CA GLY P 62 134.65 1.68 32.26
C GLY P 62 133.24 2.20 32.19
N PRO P 63 132.80 2.98 33.16
CA PRO P 63 131.44 3.51 33.13
C PRO P 63 131.03 4.02 31.76
N LYS P 64 131.92 4.74 31.09
CA LYS P 64 131.63 5.27 29.77
C LYS P 64 130.98 4.22 28.90
N PHE P 65 131.59 3.04 28.85
CA PHE P 65 131.09 1.93 28.06
C PHE P 65 129.93 1.21 28.75
N SER P 66 130.06 0.97 30.05
CA SER P 66 128.98 0.30 30.78
C SER P 66 127.65 1.00 30.50
N ALA P 67 127.67 2.33 30.50
CA ALA P 67 126.45 3.06 30.25
C ALA P 67 125.97 2.62 28.89
N HIS P 68 126.84 2.75 27.90
CA HIS P 68 126.52 2.37 26.53
C HIS P 68 125.93 0.97 26.48
N ALA P 69 126.62 0.03 27.10
CA ALA P 69 126.18 -1.35 27.14
C ALA P 69 124.70 -1.36 27.46
N LEU P 70 124.28 -0.55 28.40
CA LEU P 70 122.88 -0.48 28.77
C LEU P 70 122.08 0.06 27.62
N ARG P 71 122.35 1.30 27.24
CA ARG P 71 121.62 1.93 26.15
C ARG P 71 121.29 0.97 25.04
N ILE P 72 122.29 0.28 24.51
CA ILE P 72 122.04 -0.66 23.42
C ILE P 72 121.18 -1.84 23.87
N LEU P 73 121.69 -2.60 24.81
CA LEU P 73 120.99 -3.74 25.35
C LEU P 73 119.56 -3.32 25.69
N ASN P 74 119.42 -2.14 26.27
CA ASN P 74 118.10 -1.64 26.66
C ASN P 74 117.23 -1.29 25.44
N GLY P 75 117.90 -0.97 24.33
CA GLY P 75 117.18 -0.64 23.11
C GLY P 75 116.59 -1.92 22.60
N LEU P 76 117.39 -2.98 22.64
CA LEU P 76 116.92 -4.29 22.21
C LEU P 76 115.67 -4.63 23.01
N ASP P 77 115.68 -4.26 24.29
CA ASP P 77 114.53 -4.51 25.18
C ASP P 77 113.34 -3.82 24.53
N LEU P 78 113.44 -2.50 24.35
CA LEU P 78 112.37 -1.74 23.74
C LEU P 78 111.83 -2.46 22.52
N ALA P 79 112.71 -2.85 21.62
CA ALA P 79 112.30 -3.54 20.41
C ALA P 79 111.42 -4.72 20.76
N ILE P 80 111.96 -5.63 21.56
CA ILE P 80 111.23 -6.82 21.97
C ILE P 80 109.90 -6.45 22.63
N ASN P 81 109.90 -5.53 23.59
CA ASN P 81 108.67 -5.15 24.26
C ASN P 81 107.62 -4.46 23.42
N LEU P 82 107.97 -4.11 22.19
CA LEU P 82 107.01 -3.46 21.32
C LEU P 82 106.63 -4.41 20.21
N LEU P 83 107.10 -5.65 20.29
CA LEU P 83 106.80 -6.64 19.27
C LEU P 83 105.29 -6.82 19.08
N ASP P 84 104.51 -6.55 20.12
CA ASP P 84 103.08 -6.70 20.01
C ASP P 84 102.41 -5.36 19.76
N ASP P 85 102.78 -4.70 18.64
CA ASP P 85 102.23 -3.40 18.23
C ASP P 85 103.10 -2.95 17.07
N PRO P 86 103.05 -3.70 15.95
CA PRO P 86 103.82 -3.41 14.75
C PRO P 86 104.07 -1.94 14.40
N PRO P 87 102.99 -1.11 14.35
CA PRO P 87 103.18 0.30 14.01
C PRO P 87 104.13 1.01 14.94
N ALA P 88 103.97 0.78 16.23
CA ALA P 88 104.83 1.39 17.25
C ALA P 88 106.24 0.83 17.11
N LEU P 89 106.37 -0.48 17.14
CA LEU P 89 107.65 -1.11 16.98
C LEU P 89 108.33 -0.56 15.75
N ASP P 90 107.58 -0.48 14.65
CA ASP P 90 108.12 0.04 13.40
C ASP P 90 108.76 1.37 13.70
N ALA P 91 107.94 2.33 14.09
CA ALA P 91 108.44 3.67 14.42
C ALA P 91 109.66 3.62 15.32
N ALA P 92 109.54 2.89 16.42
CA ALA P 92 110.62 2.74 17.39
C ALA P 92 111.95 2.32 16.76
N LEU P 93 111.88 1.38 15.82
CA LEU P 93 113.05 0.88 15.12
C LEU P 93 113.54 1.88 14.06
N ASP P 94 112.62 2.44 13.30
CA ASP P 94 113.00 3.41 12.27
C ASP P 94 113.89 4.44 12.94
N HIS P 95 113.45 4.88 14.11
CA HIS P 95 114.20 5.87 14.88
C HIS P 95 115.61 5.35 15.13
N LEU P 96 115.73 4.08 15.49
CA LEU P 96 117.04 3.48 15.73
C LEU P 96 117.86 3.46 14.46
N ALA P 97 117.19 3.35 13.33
CA ALA P 97 117.90 3.34 12.06
C ALA P 97 118.63 4.67 11.94
N HIS P 98 117.89 5.77 12.07
CA HIS P 98 118.44 7.10 11.96
C HIS P 98 119.59 7.32 12.93
N GLN P 99 119.49 6.79 14.13
CA GLN P 99 120.55 6.97 15.12
C GLN P 99 121.82 6.26 14.71
N HIS P 100 121.69 5.34 13.76
CA HIS P 100 122.83 4.58 13.26
C HIS P 100 123.27 5.08 11.89
N GLU P 101 122.36 5.71 11.17
CA GLU P 101 122.68 6.22 9.85
C GLU P 101 123.78 7.27 9.91
N VAL P 102 123.64 8.21 10.83
CA VAL P 102 124.62 9.28 10.99
C VAL P 102 125.91 8.87 11.67
N ARG P 103 126.07 7.57 11.89
CA ARG P 103 127.29 7.08 12.52
C ARG P 103 128.07 6.33 11.45
N GLU P 104 128.85 7.06 10.66
CA GLU P 104 129.60 6.44 9.58
C GLU P 104 130.58 5.40 10.10
N GLY P 105 130.75 4.35 9.31
CA GLY P 105 131.65 3.27 9.67
C GLY P 105 130.83 2.02 9.92
N VAL P 106 129.60 2.24 10.37
CA VAL P 106 128.69 1.15 10.66
C VAL P 106 128.08 0.63 9.40
N GLN P 107 128.44 -0.59 9.02
CA GLN P 107 127.90 -1.22 7.81
C GLN P 107 127.02 -2.43 8.13
N LYS P 108 126.17 -2.81 7.16
CA LYS P 108 125.27 -3.93 7.35
C LYS P 108 125.93 -5.18 7.88
N ALA P 109 127.00 -5.62 7.23
CA ALA P 109 127.71 -6.83 7.64
C ALA P 109 127.92 -6.90 9.16
N HIS P 110 127.96 -5.75 9.81
CA HIS P 110 128.14 -5.68 11.25
C HIS P 110 126.96 -6.30 11.97
N PHE P 111 125.75 -5.87 11.59
CA PHE P 111 124.54 -6.39 12.18
C PHE P 111 124.40 -7.87 11.90
N LYS P 112 124.59 -8.28 10.67
CA LYS P 112 124.50 -9.70 10.34
C LYS P 112 125.30 -10.49 11.37
N LYS P 113 126.52 -10.03 11.63
CA LYS P 113 127.40 -10.71 12.61
C LYS P 113 126.83 -10.62 14.01
N PHE P 114 126.50 -9.41 14.44
CA PHE P 114 125.96 -9.20 15.77
C PHE P 114 124.78 -10.15 15.97
N GLY P 115 124.03 -10.37 14.91
CA GLY P 115 122.87 -11.25 15.01
C GLY P 115 123.32 -12.65 15.35
N GLU P 116 124.28 -13.15 14.58
CA GLU P 116 124.79 -14.49 14.79
C GLU P 116 125.32 -14.62 16.21
N ILE P 117 125.96 -13.57 16.71
CA ILE P 117 126.54 -13.58 18.06
C ILE P 117 125.44 -13.63 19.10
N LEU P 118 124.43 -12.79 18.90
CA LEU P 118 123.30 -12.68 19.80
C LEU P 118 122.57 -14.01 19.88
N ALA P 119 122.48 -14.68 18.75
CA ALA P 119 121.80 -15.95 18.68
C ALA P 119 122.56 -17.07 19.37
N THR P 120 123.87 -16.90 19.50
CA THR P 120 124.69 -17.92 20.14
C THR P 120 124.79 -17.61 21.61
N GLY P 121 124.54 -16.35 21.95
CA GLY P 121 124.63 -15.93 23.34
C GLY P 121 123.40 -16.16 24.18
N LEU P 122 122.25 -15.69 23.70
CA LEU P 122 121.00 -15.85 24.43
C LEU P 122 120.83 -17.22 25.05
N PRO P 123 120.88 -18.28 24.24
CA PRO P 123 120.73 -19.65 24.76
C PRO P 123 121.72 -20.06 25.86
N GLN P 124 122.66 -19.17 26.16
CA GLN P 124 123.63 -19.46 27.20
C GLN P 124 123.18 -18.93 28.54
N VAL P 125 122.26 -17.98 28.52
CA VAL P 125 121.75 -17.40 29.75
C VAL P 125 120.31 -17.78 30.00
N LEU P 126 119.63 -18.20 28.94
CA LEU P 126 118.23 -18.60 29.06
C LEU P 126 118.15 -20.11 28.92
N ASP P 127 117.63 -20.79 29.93
CA ASP P 127 117.50 -22.24 29.86
C ASP P 127 116.44 -22.63 28.84
N ASP P 128 115.40 -21.81 28.73
CA ASP P 128 114.33 -22.06 27.77
C ASP P 128 114.48 -21.10 26.61
N TYR P 129 114.95 -21.61 25.48
CA TYR P 129 115.19 -20.81 24.28
C TYR P 129 114.62 -21.52 23.06
N ASP P 130 113.90 -20.77 22.23
CA ASP P 130 113.33 -21.32 21.02
C ASP P 130 113.99 -20.67 19.84
N ALA P 131 115.14 -21.21 19.45
CA ALA P 131 115.92 -20.66 18.34
C ALA P 131 115.09 -20.19 17.15
N LEU P 132 114.15 -21.01 16.70
CA LEU P 132 113.32 -20.65 15.56
C LEU P 132 112.58 -19.36 15.76
N ALA P 133 111.87 -19.24 16.87
CA ALA P 133 111.11 -18.01 17.15
C ALA P 133 112.04 -16.82 17.19
N TRP P 134 113.06 -16.90 18.02
CA TRP P 134 114.00 -15.80 18.14
C TRP P 134 114.61 -15.36 16.83
N LYS P 135 115.25 -16.28 16.12
CA LYS P 135 115.89 -15.93 14.85
C LYS P 135 114.90 -15.16 14.00
N SER P 136 113.67 -15.65 13.93
CA SER P 136 112.62 -14.99 13.14
C SER P 136 112.46 -13.53 13.53
N CYS P 137 112.30 -13.27 14.82
CA CYS P 137 112.14 -11.91 15.32
C CYS P 137 113.40 -11.06 15.30
N LEU P 138 114.50 -11.59 15.78
CA LEU P 138 115.72 -10.82 15.78
C LEU P 138 116.03 -10.33 14.37
N LYS P 139 115.76 -11.18 13.37
CA LYS P 139 116.03 -10.80 11.99
C LYS P 139 115.26 -9.54 11.66
N GLY P 140 113.93 -9.61 11.79
CA GLY P 140 113.10 -8.45 11.52
C GLY P 140 113.61 -7.18 12.18
N ILE P 141 114.05 -7.30 13.42
CA ILE P 141 114.54 -6.16 14.17
C ILE P 141 115.84 -5.65 13.62
N LEU P 142 116.88 -6.48 13.67
CA LEU P 142 118.19 -6.09 13.18
C LEU P 142 118.10 -5.47 11.78
N THR P 143 117.31 -6.08 10.90
CA THR P 143 117.18 -5.56 9.54
C THR P 143 116.64 -4.13 9.53
N LYS P 144 115.47 -3.94 10.11
CA LYS P 144 114.84 -2.62 10.14
C LYS P 144 115.73 -1.56 10.78
N ILE P 145 116.60 -1.97 11.69
CA ILE P 145 117.51 -1.01 12.35
C ILE P 145 118.64 -0.54 11.44
N SER P 146 119.13 -1.44 10.61
CA SER P 146 120.24 -1.12 9.72
C SER P 146 119.81 -0.73 8.31
N SER P 147 118.52 -0.88 8.03
CA SER P 147 118.03 -1.04 6.69
C SER P 147 118.26 0.27 6.04
N ARG P 148 118.14 1.30 6.88
CA ARG P 148 118.74 2.51 6.47
C ARG P 148 120.17 2.52 6.85
N LEU P 149 121.00 2.86 5.84
CA LEU P 149 122.41 2.86 5.88
C LEU P 149 122.72 4.34 6.06
N GLU Q 1 139.54 -21.07 35.53
CA GLU Q 1 138.31 -21.02 36.36
C GLU Q 1 137.15 -21.20 35.45
N CYS Q 2 135.99 -20.67 35.83
CA CYS Q 2 134.79 -20.99 35.10
C CYS Q 2 134.44 -19.79 34.26
N LEU Q 3 133.41 -19.95 33.40
CA LEU Q 3 133.00 -18.89 32.52
C LEU Q 3 131.92 -18.13 33.20
N VAL Q 4 131.85 -16.82 32.91
CA VAL Q 4 131.02 -15.93 33.65
C VAL Q 4 129.59 -16.30 33.47
N THR Q 5 129.22 -16.80 32.27
CA THR Q 5 127.89 -17.37 32.04
C THR Q 5 127.74 -18.72 32.74
N GLU Q 6 128.72 -19.60 32.55
CA GLU Q 6 128.70 -20.91 33.15
C GLU Q 6 128.43 -20.82 34.66
N SER Q 7 128.58 -19.64 35.24
CA SER Q 7 128.33 -19.45 36.67
C SER Q 7 126.88 -19.07 36.84
N LEU Q 8 126.51 -17.92 36.27
CA LEU Q 8 125.16 -17.41 36.34
C LEU Q 8 124.16 -18.54 36.10
N LYS Q 9 124.50 -19.42 35.18
CA LYS Q 9 123.66 -20.58 34.87
C LYS Q 9 123.47 -21.43 36.12
N VAL Q 10 124.57 -21.72 36.81
CA VAL Q 10 124.50 -22.51 38.03
C VAL Q 10 123.83 -21.71 39.13
N LYS Q 11 124.25 -20.46 39.31
CA LYS Q 11 123.67 -19.60 40.34
C LYS Q 11 122.16 -19.64 40.20
N LEU Q 12 121.69 -19.58 38.95
CA LEU Q 12 120.26 -19.58 38.65
C LEU Q 12 119.62 -20.91 38.91
N GLN Q 13 120.14 -21.98 38.30
CA GLN Q 13 119.58 -23.31 38.49
C GLN Q 13 119.61 -23.74 39.94
N TRP Q 14 120.64 -23.36 40.68
CA TRP Q 14 120.73 -23.72 42.07
C TRP Q 14 119.47 -23.20 42.76
N ALA Q 15 119.09 -21.99 42.41
CA ALA Q 15 117.91 -21.39 42.99
C ALA Q 15 116.70 -22.30 42.89
N SER Q 16 116.30 -22.63 41.67
CA SER Q 16 115.14 -23.47 41.43
C SER Q 16 115.23 -24.83 42.10
N ALA Q 17 116.39 -25.47 41.97
CA ALA Q 17 116.61 -26.77 42.56
C ALA Q 17 116.57 -26.82 44.08
N PHE Q 18 117.47 -26.04 44.70
CA PHE Q 18 117.57 -25.99 46.15
C PHE Q 18 116.20 -25.66 46.73
N GLY Q 19 115.70 -24.48 46.42
CA GLY Q 19 114.39 -24.09 46.91
C GLY Q 19 114.40 -23.27 48.17
N HIS Q 20 113.30 -23.36 48.92
CA HIS Q 20 113.17 -22.62 50.18
C HIS Q 20 112.53 -23.46 51.28
N ALA Q 21 112.85 -23.12 52.52
CA ALA Q 21 112.31 -23.81 53.70
C ALA Q 21 112.40 -25.33 53.61
N HIS Q 22 111.31 -25.99 53.96
CA HIS Q 22 111.27 -27.44 53.96
C HIS Q 22 111.80 -28.03 52.66
N GLU Q 23 111.40 -27.47 51.53
CA GLU Q 23 111.84 -27.95 50.22
C GLU Q 23 113.32 -28.31 50.22
N ARG Q 24 114.07 -27.61 51.06
CA ARG Q 24 115.51 -27.80 51.18
C ARG Q 24 115.86 -29.04 51.99
N VAL Q 25 115.37 -29.09 53.21
CA VAL Q 25 115.65 -30.24 54.06
C VAL Q 25 115.43 -31.51 53.24
N ALA Q 26 114.37 -31.49 52.45
CA ALA Q 26 114.00 -32.62 51.60
C ALA Q 26 115.15 -32.90 50.66
N PHE Q 27 115.66 -31.85 50.04
CA PHE Q 27 116.78 -31.97 49.12
C PHE Q 27 117.96 -32.56 49.86
N GLY Q 28 118.40 -31.87 50.91
CA GLY Q 28 119.53 -32.34 51.69
C GLY Q 28 119.39 -33.80 52.01
N LEU Q 29 118.28 -34.17 52.63
CA LEU Q 29 118.04 -35.56 52.98
C LEU Q 29 118.22 -36.50 51.79
N GLU Q 30 117.43 -36.29 50.73
CA GLU Q 30 117.53 -37.13 49.53
C GLU Q 30 118.98 -37.28 49.11
N LEU Q 31 119.74 -36.19 49.14
CA LEU Q 31 121.14 -36.20 48.76
C LEU Q 31 121.98 -37.13 49.61
N TRP Q 32 122.09 -36.81 50.89
CA TRP Q 32 122.89 -37.63 51.79
C TRP Q 32 122.50 -39.08 51.82
N ARG Q 33 121.21 -39.38 51.67
CA ARG Q 33 120.79 -40.78 51.68
C ARG Q 33 121.48 -41.50 50.54
N ASP Q 34 121.29 -41.00 49.32
CA ASP Q 34 121.92 -41.60 48.15
C ASP Q 34 123.43 -41.75 48.33
N ILE Q 35 124.06 -40.76 48.96
CA ILE Q 35 125.50 -40.79 49.18
C ILE Q 35 125.91 -41.88 50.15
N ILE Q 36 125.27 -41.93 51.30
CA ILE Q 36 125.59 -42.92 52.29
C ILE Q 36 125.28 -44.36 51.86
N ASP Q 37 124.27 -44.57 51.05
CA ASP Q 37 123.95 -45.91 50.60
C ASP Q 37 125.02 -46.41 49.65
N ASP Q 38 125.59 -45.50 48.88
CA ASP Q 38 126.62 -45.83 47.92
C ASP Q 38 127.95 -46.10 48.60
N HIS Q 39 128.27 -45.30 49.62
CA HIS Q 39 129.52 -45.44 50.34
C HIS Q 39 129.34 -45.30 51.85
N PRO Q 40 128.85 -46.38 52.50
CA PRO Q 40 128.62 -46.38 53.95
C PRO Q 40 129.84 -46.06 54.79
N GLU Q 41 131.00 -45.94 54.16
CA GLU Q 41 132.21 -45.62 54.87
C GLU Q 41 132.09 -44.23 55.49
N ILE Q 42 131.21 -43.42 54.91
CA ILE Q 42 131.03 -42.05 55.38
C ILE Q 42 130.32 -41.90 56.71
N LYS Q 43 129.46 -42.86 57.06
CA LYS Q 43 128.75 -42.77 58.32
C LYS Q 43 129.73 -42.60 59.48
N ALA Q 44 131.01 -42.82 59.20
CA ALA Q 44 132.04 -42.71 60.21
C ALA Q 44 132.27 -41.31 60.77
N PRO Q 45 132.82 -40.39 59.96
CA PRO Q 45 133.06 -39.03 60.46
C PRO Q 45 131.81 -38.27 60.87
N PHE Q 46 130.66 -38.71 60.36
CA PHE Q 46 129.39 -38.07 60.66
C PHE Q 46 128.85 -38.62 61.97
N SER Q 47 129.73 -39.21 62.77
CA SER Q 47 129.33 -39.79 64.05
C SER Q 47 128.87 -38.72 65.02
N ARG Q 48 129.45 -37.54 64.94
CA ARG Q 48 129.11 -36.45 65.83
C ARG Q 48 127.70 -35.97 65.58
N VAL Q 49 127.30 -35.98 64.32
CA VAL Q 49 125.97 -35.54 63.92
C VAL Q 49 125.07 -36.72 63.53
N ARG Q 50 124.92 -37.69 64.43
CA ARG Q 50 124.11 -38.87 64.19
C ARG Q 50 123.96 -39.19 62.72
N GLY Q 51 125.04 -39.67 62.13
CA GLY Q 51 125.02 -40.03 60.73
C GLY Q 51 124.38 -41.36 60.47
N ASP Q 52 124.13 -42.12 61.53
CA ASP Q 52 123.51 -43.43 61.38
C ASP Q 52 122.05 -43.25 61.00
N ASN Q 53 121.42 -42.24 61.59
CA ASN Q 53 120.01 -41.90 61.34
C ASN Q 53 119.93 -40.52 60.67
N ILE Q 54 119.99 -40.51 59.34
CA ILE Q 54 119.95 -39.26 58.60
C ILE Q 54 118.65 -38.51 58.74
N TYR Q 55 117.60 -39.19 59.19
CA TYR Q 55 116.31 -38.53 59.35
C TYR Q 55 116.22 -37.77 60.67
N SER Q 56 117.20 -38.00 61.56
CA SER Q 56 117.22 -37.37 62.86
C SER Q 56 117.40 -35.88 62.74
N PRO Q 57 116.98 -35.12 63.74
CA PRO Q 57 117.12 -33.67 63.70
C PRO Q 57 118.60 -33.30 63.79
N GLU Q 58 119.35 -34.04 64.59
CA GLU Q 58 120.79 -33.78 64.75
C GLU Q 58 121.45 -33.74 63.37
N PHE Q 59 121.24 -34.79 62.59
CA PHE Q 59 121.82 -34.88 61.24
C PHE Q 59 121.15 -33.87 60.34
N GLY Q 60 119.83 -33.78 60.44
CA GLY Q 60 119.09 -32.84 59.62
C GLY Q 60 119.73 -31.47 59.69
N ALA Q 61 120.04 -31.04 60.91
CA ALA Q 61 120.67 -29.74 61.15
C ALA Q 61 121.89 -29.72 60.28
N HIS Q 62 122.80 -30.65 60.55
CA HIS Q 62 124.04 -30.77 59.79
C HIS Q 62 123.77 -30.63 58.30
N SER Q 63 122.97 -31.54 57.77
CA SER Q 63 122.59 -31.55 56.37
C SER Q 63 122.40 -30.15 55.85
N GLN Q 64 121.57 -29.39 56.54
CA GLN Q 64 121.28 -28.00 56.18
C GLN Q 64 122.53 -27.12 56.19
N ARG Q 65 123.27 -27.14 57.31
CA ARG Q 65 124.48 -26.34 57.44
C ARG Q 65 125.35 -26.54 56.22
N VAL Q 66 125.46 -27.78 55.77
CA VAL Q 66 126.26 -28.14 54.60
C VAL Q 66 125.73 -27.43 53.37
N LEU Q 67 124.56 -27.81 52.94
CA LEU Q 67 123.97 -27.20 51.78
C LEU Q 67 124.15 -25.69 51.84
N SER Q 68 123.94 -25.09 53.01
CA SER Q 68 124.07 -23.64 53.14
C SER Q 68 125.41 -23.19 52.65
N GLY Q 69 126.46 -23.81 53.18
CA GLY Q 69 127.81 -23.46 52.76
C GLY Q 69 127.95 -23.57 51.26
N LEU Q 70 127.38 -24.63 50.71
CA LEU Q 70 127.41 -24.86 49.28
C LEU Q 70 126.73 -23.67 48.62
N ASP Q 71 125.66 -23.18 49.22
CA ASP Q 71 124.95 -22.03 48.67
C ASP Q 71 125.93 -20.87 48.60
N ILE Q 72 126.59 -20.60 49.72
CA ILE Q 72 127.57 -19.50 49.77
C ILE Q 72 128.57 -19.61 48.65
N THR Q 73 129.34 -20.69 48.65
CA THR Q 73 130.32 -20.89 47.60
C THR Q 73 129.71 -20.57 46.24
N ILE Q 74 128.61 -21.21 45.89
CA ILE Q 74 127.96 -20.95 44.60
C ILE Q 74 127.62 -19.48 44.39
N SER Q 75 127.04 -18.80 45.39
CA SER Q 75 126.66 -17.44 45.06
C SER Q 75 127.90 -16.61 45.14
N MET Q 76 128.96 -17.19 45.72
CA MET Q 76 130.29 -16.64 45.84
C MET Q 76 130.93 -16.58 44.48
N LEU Q 77 130.65 -17.58 43.62
CA LEU Q 77 131.40 -17.88 42.43
C LEU Q 77 131.40 -16.67 41.52
N ASP Q 78 130.22 -16.08 41.35
CA ASP Q 78 129.91 -15.13 40.32
C ASP Q 78 130.90 -14.00 40.36
N THR Q 79 131.27 -13.53 41.57
CA THR Q 79 132.22 -12.47 41.67
C THR Q 79 133.47 -13.07 42.23
N PRO Q 80 134.48 -13.05 41.42
CA PRO Q 80 135.74 -13.74 41.68
C PRO Q 80 136.47 -13.41 42.98
N ASP Q 81 136.54 -12.11 43.31
CA ASP Q 81 137.23 -11.68 44.53
C ASP Q 81 136.64 -12.30 45.78
N MET Q 82 135.33 -12.48 45.82
CA MET Q 82 134.66 -13.06 46.97
C MET Q 82 134.83 -14.57 46.97
N LEU Q 83 134.72 -15.18 45.80
CA LEU Q 83 134.86 -16.62 45.69
C LEU Q 83 136.26 -17.05 46.10
N ALA Q 84 137.26 -16.46 45.44
CA ALA Q 84 138.66 -16.78 45.73
C ALA Q 84 138.89 -16.74 47.23
N ALA Q 85 138.29 -15.75 47.90
CA ALA Q 85 138.43 -15.59 49.34
C ALA Q 85 137.67 -16.66 50.09
N GLN Q 86 136.41 -16.82 49.74
CA GLN Q 86 135.54 -17.81 50.38
C GLN Q 86 136.14 -19.19 50.24
N LEU Q 87 136.59 -19.53 49.03
CA LEU Q 87 137.18 -20.84 48.80
C LEU Q 87 138.37 -21.03 49.71
N ALA Q 88 139.27 -20.06 49.73
CA ALA Q 88 140.45 -20.15 50.58
C ALA Q 88 140.03 -20.39 52.01
N HIS Q 89 138.98 -19.71 52.44
CA HIS Q 89 138.47 -19.85 53.80
C HIS Q 89 138.01 -21.28 54.06
N LEU Q 90 137.37 -21.90 53.08
CA LEU Q 90 136.88 -23.25 53.23
C LEU Q 90 138.02 -24.24 53.27
N LYS Q 91 139.03 -24.02 52.45
CA LYS Q 91 140.16 -24.93 52.39
C LYS Q 91 140.77 -25.12 53.77
N VAL Q 92 140.87 -24.02 54.51
CA VAL Q 92 141.43 -24.07 55.84
C VAL Q 92 140.62 -24.95 56.78
N GLN Q 93 139.30 -24.76 56.80
CA GLN Q 93 138.44 -25.55 57.68
C GLN Q 93 138.51 -27.04 57.37
N HIS Q 94 139.18 -27.37 56.27
CA HIS Q 94 139.31 -28.78 55.86
C HIS Q 94 140.72 -29.35 55.99
N VAL Q 95 141.70 -28.69 55.39
CA VAL Q 95 143.08 -29.14 55.44
C VAL Q 95 143.50 -29.75 56.80
N GLU Q 96 143.08 -29.07 57.88
CA GLU Q 96 143.53 -29.40 59.20
C GLU Q 96 143.14 -30.80 59.41
N ARG Q 97 141.83 -31.04 59.26
CA ARG Q 97 141.36 -32.38 59.43
C ARG Q 97 141.79 -33.12 58.25
N ASN Q 98 141.77 -34.44 58.41
CA ASN Q 98 142.17 -35.32 57.38
C ASN Q 98 140.94 -35.84 56.81
N LEU Q 99 140.95 -35.96 55.49
CA LEU Q 99 139.79 -36.52 54.93
C LEU Q 99 140.26 -37.42 53.85
N LYS Q 100 139.34 -38.13 53.16
CA LYS Q 100 139.74 -38.78 51.95
C LYS Q 100 139.20 -37.98 50.84
N PRO Q 101 140.10 -37.63 49.98
CA PRO Q 101 139.85 -36.74 48.90
C PRO Q 101 138.75 -37.26 48.03
N GLU Q 102 138.64 -38.59 47.90
CA GLU Q 102 137.67 -39.18 46.97
C GLU Q 102 136.23 -38.97 47.44
N PHE Q 103 136.05 -38.74 48.73
CA PHE Q 103 134.72 -38.51 49.30
C PHE Q 103 134.03 -37.38 48.57
N PHE Q 104 134.76 -36.30 48.35
CA PHE Q 104 134.22 -35.15 47.68
C PHE Q 104 133.87 -35.47 46.24
N ASP Q 105 134.71 -36.26 45.58
CA ASP Q 105 134.43 -36.65 44.21
C ASP Q 105 133.11 -37.40 44.18
N ILE Q 106 132.79 -38.05 45.30
CA ILE Q 106 131.56 -38.80 45.46
C ILE Q 106 130.42 -37.80 45.67
N PHE Q 107 130.59 -36.95 46.67
CA PHE Q 107 129.60 -35.94 46.98
C PHE Q 107 129.16 -35.27 45.68
N LEU Q 108 130.12 -34.81 44.89
CA LEU Q 108 129.83 -34.15 43.64
C LEU Q 108 129.01 -35.04 42.73
N LYS Q 109 129.43 -36.29 42.58
CA LYS Q 109 128.71 -37.22 41.73
C LYS Q 109 127.22 -37.16 42.02
N HIS Q 110 126.86 -37.31 43.29
CA HIS Q 110 125.45 -37.27 43.69
C HIS Q 110 124.78 -35.90 43.58
N LEU Q 111 125.43 -34.87 44.08
CA LEU Q 111 124.87 -33.54 43.99
C LEU Q 111 124.37 -33.30 42.58
N LEU Q 112 125.11 -33.79 41.59
CA LEU Q 112 124.73 -33.63 40.19
C LEU Q 112 123.59 -34.56 39.83
N HIS Q 113 123.67 -35.78 40.33
CA HIS Q 113 122.63 -36.76 40.08
C HIS Q 113 121.30 -36.19 40.58
N VAL Q 114 121.29 -35.67 41.81
CA VAL Q 114 120.09 -35.10 42.39
C VAL Q 114 119.59 -33.89 41.61
N LEU Q 115 120.45 -32.90 41.40
CA LEU Q 115 120.05 -31.72 40.64
C LEU Q 115 119.48 -32.18 39.31
N GLY Q 116 120.02 -33.27 38.80
CA GLY Q 116 119.56 -33.81 37.54
C GLY Q 116 118.07 -34.08 37.62
N ASP Q 117 117.66 -34.76 38.68
CA ASP Q 117 116.25 -35.07 38.88
C ASP Q 117 115.46 -33.79 39.03
N ARG Q 118 115.85 -32.97 40.00
CA ARG Q 118 115.17 -31.71 40.25
C ARG Q 118 114.99 -30.81 39.03
N LEU Q 119 116.07 -30.56 38.31
CA LEU Q 119 116.02 -29.68 37.15
C LEU Q 119 115.54 -30.31 35.85
N GLY Q 120 115.72 -31.62 35.70
CA GLY Q 120 115.28 -32.27 34.49
C GLY Q 120 116.30 -32.26 33.38
N THR Q 121 115.85 -32.10 32.15
CA THR Q 121 116.75 -32.10 31.00
C THR Q 121 117.42 -30.76 30.78
N HIS Q 122 116.87 -29.71 31.38
CA HIS Q 122 117.42 -28.36 31.23
C HIS Q 122 118.75 -28.27 31.97
N PHE Q 123 118.89 -29.11 33.00
CA PHE Q 123 120.08 -29.14 33.83
C PHE Q 123 121.34 -29.02 33.02
N ASP Q 124 122.07 -27.92 33.19
CA ASP Q 124 123.32 -27.74 32.44
C ASP Q 124 124.48 -28.44 33.12
N PHE Q 125 124.55 -29.74 32.91
CA PHE Q 125 125.58 -30.58 33.47
C PHE Q 125 126.94 -29.93 33.28
N GLY Q 126 127.26 -29.63 32.03
CA GLY Q 126 128.54 -29.00 31.74
C GLY Q 126 128.86 -27.90 32.73
N ALA Q 127 128.02 -26.87 32.74
CA ALA Q 127 128.23 -25.73 33.63
C ALA Q 127 128.49 -26.14 35.07
N TRP Q 128 127.65 -27.01 35.60
CA TRP Q 128 127.82 -27.43 36.98
C TRP Q 128 129.15 -28.14 37.20
N HIS Q 129 129.39 -29.20 36.42
CA HIS Q 129 130.61 -29.98 36.57
C HIS Q 129 131.82 -29.03 36.59
N ASP Q 130 131.92 -28.21 35.55
CA ASP Q 130 133.01 -27.26 35.46
C ASP Q 130 133.05 -26.34 36.67
N CYS Q 131 131.87 -25.94 37.11
CA CYS Q 131 131.78 -25.01 38.23
C CYS Q 131 131.82 -25.53 39.68
N VAL Q 132 131.05 -26.55 39.99
CA VAL Q 132 131.05 -27.07 41.34
C VAL Q 132 132.40 -27.73 41.61
N ASP Q 133 132.98 -28.30 40.56
CA ASP Q 133 134.26 -28.97 40.69
C ASP Q 133 135.21 -28.00 41.35
N GLN Q 134 135.36 -26.81 40.72
CA GLN Q 134 136.21 -25.71 41.22
C GLN Q 134 135.97 -25.37 42.74
N ILE Q 135 134.78 -25.68 43.22
CA ILE Q 135 134.48 -25.46 44.62
C ILE Q 135 134.98 -26.62 45.47
N ILE Q 136 134.94 -27.83 44.93
CA ILE Q 136 135.39 -28.97 45.69
C ILE Q 136 136.92 -28.99 45.87
N ASP Q 137 137.65 -28.87 44.77
CA ASP Q 137 139.10 -28.88 44.87
C ASP Q 137 139.61 -27.88 45.91
N GLY Q 138 138.95 -26.72 45.97
CA GLY Q 138 139.41 -25.67 46.81
C GLY Q 138 139.37 -26.15 48.22
N ILE Q 139 138.28 -26.86 48.59
CA ILE Q 139 138.12 -27.26 49.97
C ILE Q 139 139.10 -28.32 50.34
N LYS Q 140 139.27 -29.27 49.40
CA LYS Q 140 140.13 -30.40 49.61
C LYS Q 140 141.55 -29.81 49.67
N ASP R 1 76.68 -69.15 42.99
CA ASP R 1 76.48 -68.50 41.68
C ASP R 1 77.62 -67.60 41.53
N CYS R 2 77.44 -66.49 40.82
CA CYS R 2 78.63 -65.75 41.02
C CYS R 2 78.37 -64.57 41.84
N CYS R 3 79.52 -63.92 42.06
CA CYS R 3 79.69 -62.81 42.88
C CYS R 3 79.59 -61.68 41.94
N SER R 4 78.79 -60.68 42.36
CA SER R 4 78.65 -59.41 41.72
C SER R 4 79.75 -58.57 42.27
N TYR R 5 80.12 -57.56 41.52
CA TYR R 5 81.09 -56.54 41.84
C TYR R 5 80.55 -55.72 42.99
N GLU R 6 79.25 -55.44 42.96
CA GLU R 6 78.62 -54.67 44.02
C GLU R 6 78.84 -55.40 45.33
N ASP R 7 78.55 -56.69 45.30
CA ASP R 7 78.71 -57.50 46.50
C ASP R 7 80.14 -57.42 47.02
N ARG R 8 81.10 -57.47 46.11
CA ARG R 8 82.47 -57.37 46.53
C ARG R 8 82.63 -56.06 47.28
N ARG R 9 82.16 -54.97 46.69
CA ARG R 9 82.24 -53.67 47.33
C ARG R 9 81.59 -53.72 48.71
N GLU R 10 80.43 -54.36 48.81
CA GLU R 10 79.73 -54.48 50.08
C GLU R 10 80.66 -55.08 51.14
N ILE R 11 81.26 -56.21 50.79
CA ILE R 11 82.16 -56.89 51.67
C ILE R 11 83.41 -56.05 51.95
N ARG R 12 84.05 -55.56 50.90
CA ARG R 12 85.27 -54.76 51.05
C ARG R 12 85.05 -53.68 52.10
N HIS R 13 83.78 -53.46 52.44
CA HIS R 13 83.40 -52.47 53.45
C HIS R 13 83.05 -53.16 54.74
N ILE R 14 82.14 -54.11 54.67
CA ILE R 14 81.75 -54.86 55.84
C ILE R 14 83.00 -55.29 56.62
N TRP R 15 84.03 -55.71 55.88
CA TRP R 15 85.26 -56.17 56.51
C TRP R 15 85.93 -55.03 57.28
N ASP R 16 86.08 -53.88 56.62
CA ASP R 16 86.71 -52.72 57.24
C ASP R 16 86.11 -52.37 58.60
N ASP R 17 85.03 -53.06 58.99
CA ASP R 17 84.39 -52.79 60.26
C ASP R 17 84.82 -53.82 61.32
N VAL R 18 85.13 -55.02 60.87
CA VAL R 18 85.57 -56.06 61.79
C VAL R 18 87.07 -55.99 61.94
N TRP R 19 87.80 -55.74 60.85
CA TRP R 19 89.22 -55.88 60.93
C TRP R 19 89.81 -54.78 61.79
N SER R 20 89.14 -53.62 61.84
CA SER R 20 89.67 -52.34 61.46
C SER R 20 90.94 -51.98 62.18
N SER R 21 90.90 -52.09 63.52
CA SER R 21 91.90 -51.52 64.39
C SER R 21 93.18 -52.29 64.26
N SER R 22 94.32 -51.66 64.63
CA SER R 22 95.58 -52.28 64.31
C SER R 22 95.77 -53.46 65.19
N PHE R 23 95.17 -53.33 66.35
CA PHE R 23 95.18 -54.18 67.48
C PHE R 23 94.77 -55.57 67.15
N THR R 24 95.53 -56.58 67.65
CA THR R 24 94.93 -57.90 67.73
C THR R 24 93.59 -57.98 68.49
N ASP R 25 93.62 -57.59 69.77
CA ASP R 25 92.44 -57.60 70.63
C ASP R 25 91.09 -57.84 69.96
N ARG R 26 90.64 -56.90 69.12
CA ARG R 26 89.35 -57.04 68.47
C ARG R 26 89.23 -58.28 67.57
N ARG R 27 90.00 -58.31 66.49
CA ARG R 27 89.95 -59.43 65.56
C ARG R 27 89.97 -60.76 66.29
N VAL R 28 90.77 -60.82 67.34
CA VAL R 28 90.87 -62.04 68.14
C VAL R 28 89.51 -62.45 68.68
N ALA R 29 88.95 -61.63 69.55
CA ALA R 29 87.65 -61.90 70.15
C ALA R 29 86.64 -62.33 69.10
N ILE R 30 86.65 -61.71 67.93
CA ILE R 30 85.69 -62.07 66.89
C ILE R 30 85.96 -63.46 66.34
N VAL R 31 87.15 -63.68 65.80
CA VAL R 31 87.50 -64.99 65.25
C VAL R 31 87.27 -66.05 66.29
N ARG R 32 87.59 -65.75 67.54
CA ARG R 32 87.37 -66.71 68.62
C ARG R 32 85.88 -66.98 68.67
N ALA R 33 85.10 -65.93 68.96
CA ALA R 33 83.66 -66.06 69.05
C ALA R 33 83.10 -66.88 67.90
N VAL R 34 83.79 -66.85 66.76
CA VAL R 34 83.37 -67.61 65.58
C VAL R 34 83.62 -69.08 65.84
N PHE R 35 84.84 -69.41 66.23
CA PHE R 35 85.17 -70.79 66.50
C PHE R 35 84.34 -71.38 67.62
N ASP R 36 84.12 -70.62 68.68
CA ASP R 36 83.31 -71.11 69.80
C ASP R 36 81.97 -71.60 69.29
N ASP R 37 81.47 -70.97 68.22
CA ASP R 37 80.20 -71.35 67.62
C ASP R 37 80.36 -72.57 66.74
N LEU R 38 81.59 -72.79 66.26
CA LEU R 38 81.87 -73.94 65.42
C LEU R 38 81.96 -75.16 66.30
N PHE R 39 82.60 -75.00 67.44
CA PHE R 39 82.76 -76.07 68.39
C PHE R 39 81.47 -76.43 69.13
N LYS R 40 80.63 -75.45 69.38
CA LYS R 40 79.39 -75.74 70.08
C LYS R 40 78.47 -76.54 69.17
N HIS R 41 78.72 -76.48 67.86
CA HIS R 41 77.88 -77.18 66.88
C HIS R 41 78.54 -78.43 66.29
N TYR R 42 79.84 -78.37 66.07
CA TYR R 42 80.56 -79.52 65.54
C TYR R 42 81.73 -79.76 66.49
N PRO R 43 81.43 -80.16 67.74
CA PRO R 43 82.42 -80.42 68.79
C PRO R 43 83.59 -81.30 68.38
N THR R 44 83.36 -82.17 67.41
CA THR R 44 84.41 -83.05 66.93
C THR R 44 85.65 -82.28 66.49
N SER R 45 85.45 -81.24 65.69
CA SER R 45 86.53 -80.41 65.18
C SER R 45 87.47 -79.90 66.25
N LYS R 46 86.96 -79.63 67.45
CA LYS R 46 87.78 -79.11 68.55
C LYS R 46 89.14 -79.80 68.62
N ALA R 47 89.12 -81.12 68.72
CA ALA R 47 90.34 -81.89 68.81
C ALA R 47 91.43 -81.49 67.79
N LEU R 48 91.02 -81.19 66.57
CA LEU R 48 91.95 -80.81 65.51
C LEU R 48 92.99 -79.75 65.87
N PHE R 49 92.66 -78.89 66.82
CA PHE R 49 93.58 -77.82 67.18
C PHE R 49 94.38 -78.02 68.45
N GLU R 50 94.66 -79.27 68.82
CA GLU R 50 95.44 -79.51 70.03
C GLU R 50 96.85 -79.07 69.72
N ARG R 51 97.20 -79.07 68.45
CA ARG R 51 98.53 -78.69 68.03
C ARG R 51 98.84 -77.25 68.42
N VAL R 52 97.80 -76.43 68.49
CA VAL R 52 97.97 -75.02 68.82
C VAL R 52 97.56 -74.74 70.24
N LYS R 53 97.24 -75.81 70.96
CA LYS R 53 96.84 -75.69 72.36
C LYS R 53 95.53 -74.97 72.61
N ILE R 54 94.42 -75.53 72.12
CA ILE R 54 93.12 -74.92 72.34
C ILE R 54 92.69 -75.12 73.78
N ASP R 55 93.30 -76.09 74.45
CA ASP R 55 92.96 -76.35 75.84
C ASP R 55 93.39 -75.17 76.71
N GLU R 56 94.23 -74.31 76.15
CA GLU R 56 94.71 -73.12 76.84
C GLU R 56 94.22 -71.92 76.04
N PRO R 57 92.95 -71.57 76.18
CA PRO R 57 92.38 -70.45 75.46
C PRO R 57 93.23 -69.20 75.40
N GLU R 58 93.70 -68.72 76.55
CA GLU R 58 94.50 -67.51 76.56
C GLU R 58 95.97 -67.78 76.33
N SER R 59 96.28 -69.01 75.97
CA SER R 59 97.66 -69.44 75.73
C SER R 59 98.56 -68.43 75.00
N GLY R 60 98.15 -68.03 73.82
CA GLY R 60 98.97 -67.12 73.06
C GLY R 60 99.47 -67.96 71.92
N GLU R 61 99.77 -69.22 72.20
CA GLU R 61 100.21 -70.13 71.16
C GLU R 61 98.96 -70.30 70.30
N PHE R 62 97.82 -70.21 70.97
CA PHE R 62 96.51 -70.36 70.34
C PHE R 62 96.01 -69.04 69.85
N LYS R 63 96.14 -67.99 70.68
CA LYS R 63 95.67 -66.68 70.26
C LYS R 63 96.32 -66.35 68.91
N SER R 64 97.64 -66.48 68.83
CA SER R 64 98.35 -66.21 67.59
C SER R 64 97.67 -66.96 66.47
N HIS R 65 97.31 -68.21 66.73
CA HIS R 65 96.62 -69.03 65.73
C HIS R 65 95.40 -68.28 65.23
N LEU R 66 94.47 -68.02 66.15
CA LEU R 66 93.26 -67.29 65.80
C LEU R 66 93.58 -66.15 64.83
N VAL R 67 94.56 -65.35 65.20
CA VAL R 67 94.97 -64.23 64.37
C VAL R 67 95.32 -64.70 62.97
N ARG R 68 96.15 -65.73 62.86
CA ARG R 68 96.55 -66.25 61.56
C ARG R 68 95.33 -66.60 60.74
N VAL R 69 94.33 -67.17 61.40
CA VAL R 69 93.11 -67.53 60.71
C VAL R 69 92.46 -66.26 60.25
N ALA R 70 92.28 -65.35 61.20
CA ALA R 70 91.69 -64.06 60.89
C ALA R 70 92.42 -63.48 59.68
N ASN R 71 93.70 -63.19 59.85
CA ASN R 71 94.51 -62.64 58.77
C ASN R 71 94.40 -63.40 57.47
N GLY R 72 94.25 -64.73 57.55
CA GLY R 72 94.13 -65.52 56.34
C GLY R 72 92.83 -65.19 55.60
N LEU R 73 91.81 -64.85 56.38
CA LEU R 73 90.52 -64.49 55.85
C LEU R 73 90.67 -63.10 55.27
N LYS R 74 91.27 -62.21 56.06
CA LYS R 74 91.54 -60.84 55.66
C LYS R 74 92.20 -60.86 54.28
N LEU R 75 93.27 -61.63 54.16
CA LEU R 75 94.01 -61.76 52.92
C LEU R 75 93.08 -62.14 51.77
N LEU R 76 92.13 -63.04 52.04
CA LEU R 76 91.20 -63.45 51.00
C LEU R 76 90.39 -62.28 50.52
N ILE R 77 89.60 -61.72 51.42
CA ILE R 77 88.75 -60.57 51.12
C ILE R 77 89.54 -59.48 50.39
N ASN R 78 90.70 -59.13 50.94
CA ASN R 78 91.53 -58.09 50.33
C ASN R 78 92.17 -58.55 49.01
N LEU R 79 91.61 -59.59 48.41
CA LEU R 79 92.13 -60.11 47.16
C LEU R 79 90.99 -60.17 46.16
N LEU R 80 89.77 -60.00 46.66
CA LEU R 80 88.58 -60.03 45.83
C LEU R 80 88.61 -59.09 44.62
N ASP R 81 89.56 -58.15 44.58
CA ASP R 81 89.64 -57.25 43.45
C ASP R 81 90.72 -57.71 42.46
N ASP R 82 91.50 -58.72 42.86
CA ASP R 82 92.55 -59.25 41.99
C ASP R 82 92.34 -60.70 41.57
N THR R 83 91.09 -61.05 41.35
CA THR R 83 90.65 -62.37 40.93
C THR R 83 91.73 -63.43 40.72
N LEU R 84 92.50 -63.30 39.64
CA LEU R 84 93.53 -64.28 39.29
C LEU R 84 94.42 -64.71 40.44
N VAL R 85 94.85 -63.76 41.28
CA VAL R 85 95.69 -64.10 42.41
C VAL R 85 94.86 -64.81 43.46
N LEU R 86 93.67 -64.29 43.70
CA LEU R 86 92.77 -64.90 44.65
C LEU R 86 92.56 -66.36 44.28
N GLN R 87 92.29 -66.62 43.00
CA GLN R 87 92.05 -67.97 42.52
C GLN R 87 93.21 -68.91 42.81
N SER R 88 94.42 -68.38 42.85
CA SER R 88 95.59 -69.21 43.14
C SER R 88 95.77 -69.40 44.65
N HIS R 89 95.87 -68.31 45.41
CA HIS R 89 96.04 -68.42 46.84
C HIS R 89 94.88 -69.18 47.41
N LEU R 90 93.73 -69.12 46.75
CA LEU R 90 92.56 -69.83 47.24
C LEU R 90 92.85 -71.32 47.17
N GLY R 91 93.59 -71.73 46.15
CA GLY R 91 93.94 -73.12 46.01
C GLY R 91 94.95 -73.46 47.08
N HIS R 92 96.03 -72.69 47.13
CA HIS R 92 97.08 -72.86 48.12
C HIS R 92 96.47 -72.99 49.53
N LEU R 93 95.37 -72.28 49.77
CA LEU R 93 94.71 -72.31 51.07
C LEU R 93 94.03 -73.64 51.26
N ALA R 94 93.67 -74.28 50.16
CA ALA R 94 93.02 -75.58 50.22
C ALA R 94 94.08 -76.59 50.61
N ASP R 95 95.13 -76.66 49.82
CA ASP R 95 96.21 -77.59 50.08
C ASP R 95 96.70 -77.54 51.53
N GLN R 96 96.68 -76.37 52.14
CA GLN R 96 97.12 -76.25 53.53
C GLN R 96 96.14 -76.92 54.49
N HIS R 97 94.97 -77.26 53.98
CA HIS R 97 93.97 -77.88 54.80
C HIS R 97 93.75 -79.33 54.40
N ILE R 98 94.19 -79.70 53.20
CA ILE R 98 94.04 -81.07 52.76
C ILE R 98 95.08 -81.90 53.48
N GLN R 99 96.25 -81.33 53.69
CA GLN R 99 97.32 -82.03 54.38
C GLN R 99 97.09 -82.05 55.88
N ARG R 100 96.01 -81.40 56.31
CA ARG R 100 95.66 -81.39 57.72
C ARG R 100 94.65 -82.50 57.92
N LYS R 101 95.15 -83.67 58.28
CA LYS R 101 94.32 -84.85 58.48
C LYS R 101 93.20 -84.63 59.49
N GLY R 102 91.97 -84.89 59.05
CA GLY R 102 90.84 -84.72 59.95
C GLY R 102 89.90 -83.58 59.62
N VAL R 103 90.27 -82.77 58.62
CA VAL R 103 89.45 -81.64 58.23
C VAL R 103 88.42 -82.03 57.19
N THR R 104 87.15 -82.06 57.57
CA THR R 104 86.06 -82.45 56.67
C THR R 104 85.51 -81.30 55.83
N LYS R 105 84.75 -81.66 54.81
CA LYS R 105 84.15 -80.69 53.92
C LYS R 105 83.06 -80.03 54.74
N GLU R 106 82.57 -80.79 55.72
CA GLU R 106 81.52 -80.34 56.60
C GLU R 106 81.96 -79.23 57.53
N TYR R 107 83.06 -79.45 58.25
CA TYR R 107 83.56 -78.45 59.18
C TYR R 107 83.57 -77.07 58.55
N PHE R 108 83.89 -76.99 57.27
CA PHE R 108 83.91 -75.70 56.59
C PHE R 108 82.51 -75.15 56.49
N ARG R 109 81.59 -75.93 55.94
CA ARG R 109 80.23 -75.44 55.85
C ARG R 109 79.78 -75.02 57.24
N GLY R 110 80.42 -75.57 58.25
CA GLY R 110 80.06 -75.26 59.62
C GLY R 110 80.61 -73.93 60.10
N ILE R 111 81.83 -73.61 59.71
CA ILE R 111 82.43 -72.36 60.15
C ILE R 111 81.76 -71.27 59.37
N GLY R 112 81.19 -71.61 58.22
CA GLY R 112 80.51 -70.63 57.42
C GLY R 112 79.29 -70.15 58.14
N GLU R 113 78.57 -71.10 58.73
CA GLU R 113 77.38 -70.79 59.49
C GLU R 113 77.82 -69.92 60.64
N ALA R 114 78.95 -70.28 61.23
CA ALA R 114 79.51 -69.55 62.35
C ALA R 114 79.53 -68.04 62.11
N PHE R 115 80.29 -67.61 61.12
CA PHE R 115 80.36 -66.18 60.84
C PHE R 115 78.99 -65.57 60.66
N ALA R 116 78.17 -66.22 59.85
CA ALA R 116 76.82 -65.75 59.56
C ALA R 116 75.96 -65.56 60.80
N ARG R 117 76.47 -66.02 61.93
CA ARG R 117 75.75 -65.92 63.19
C ARG R 117 76.47 -64.95 64.11
N VAL R 118 77.79 -64.84 63.91
CA VAL R 118 78.61 -63.97 64.73
C VAL R 118 78.64 -62.56 64.20
N LEU R 119 79.18 -62.41 63.00
CA LEU R 119 79.30 -61.09 62.40
C LEU R 119 78.08 -60.20 62.60
N PRO R 120 76.88 -60.69 62.28
CA PRO R 120 75.69 -59.86 62.46
C PRO R 120 75.50 -59.32 63.87
N GLN R 121 76.36 -59.73 64.79
CA GLN R 121 76.29 -59.29 66.17
C GLN R 121 77.41 -58.34 66.52
N VAL R 122 78.52 -58.40 65.80
CA VAL R 122 79.66 -57.53 66.09
C VAL R 122 79.60 -56.20 65.36
N LEU R 123 78.74 -56.12 64.36
CA LEU R 123 78.61 -54.88 63.63
C LEU R 123 77.22 -54.82 63.04
N SER R 124 76.73 -53.59 62.83
CA SER R 124 75.42 -53.40 62.26
C SER R 124 75.58 -53.19 60.77
N CYS R 125 74.48 -53.24 60.04
CA CYS R 125 74.53 -53.07 58.60
C CYS R 125 75.33 -54.19 57.97
N PHE R 126 74.98 -55.42 58.32
CA PHE R 126 75.65 -56.58 57.77
C PHE R 126 74.75 -57.24 56.74
N ASN R 127 75.20 -57.27 55.49
CA ASN R 127 74.40 -57.87 54.43
C ASN R 127 74.61 -59.36 54.43
N VAL R 128 74.11 -60.03 55.47
CA VAL R 128 74.24 -61.46 55.63
C VAL R 128 74.21 -62.25 54.32
N ASP R 129 73.26 -61.94 53.44
CA ASP R 129 73.17 -62.64 52.16
C ASP R 129 74.42 -62.44 51.32
N ALA R 130 74.76 -61.19 51.05
CA ALA R 130 75.94 -60.87 50.26
C ALA R 130 77.16 -61.59 50.82
N TRP R 131 77.34 -61.50 52.13
CA TRP R 131 78.46 -62.17 52.75
C TRP R 131 78.34 -63.63 52.41
N ASN R 132 77.27 -64.25 52.86
CA ASN R 132 77.03 -65.66 52.60
C ASN R 132 77.38 -66.05 51.17
N ARG R 133 76.89 -65.30 50.20
CA ARG R 133 77.17 -65.65 48.83
C ARG R 133 78.66 -65.75 48.55
N CYS R 134 79.38 -64.65 48.71
CA CYS R 134 80.81 -64.68 48.42
C CYS R 134 81.64 -65.54 49.36
N PHE R 135 81.12 -65.81 50.55
CA PHE R 135 81.87 -66.65 51.47
C PHE R 135 81.81 -68.08 50.97
N HIS R 136 80.65 -68.47 50.47
CA HIS R 136 80.47 -69.82 49.94
C HIS R 136 81.39 -70.05 48.75
N ARG R 137 81.44 -69.11 47.82
CA ARG R 137 82.30 -69.25 46.66
C ARG R 137 83.72 -69.48 47.18
N LEU R 138 84.13 -68.76 48.22
CA LEU R 138 85.47 -68.92 48.77
C LEU R 138 85.65 -70.28 49.40
N VAL R 139 84.70 -70.69 50.23
CA VAL R 139 84.76 -71.98 50.90
C VAL R 139 84.78 -73.14 49.91
N ALA R 140 83.80 -73.16 49.01
CA ALA R 140 83.71 -74.21 48.00
C ALA R 140 85.07 -74.56 47.43
N ARG R 141 85.75 -73.55 46.88
CA ARG R 141 87.06 -73.78 46.30
C ARG R 141 88.09 -74.25 47.31
N ILE R 142 87.96 -73.84 48.57
CA ILE R 142 88.93 -74.26 49.59
C ILE R 142 88.81 -75.72 49.95
N ALA R 143 87.52 -76.08 50.26
CA ALA R 143 87.15 -77.34 50.83
C ALA R 143 87.44 -78.36 49.81
N LYS R 144 87.05 -78.06 48.56
CA LYS R 144 86.69 -79.09 47.63
C LYS R 144 87.88 -79.91 47.40
N ASP R 145 89.03 -79.22 47.46
CA ASP R 145 90.26 -79.84 47.13
C ASP R 145 90.40 -81.01 48.05
N LEU R 146 89.96 -80.85 49.31
CA LEU R 146 90.31 -81.78 50.32
C LEU R 146 89.79 -83.16 49.96
N PRO R 147 88.50 -83.41 49.81
CA PRO R 147 87.98 -84.72 49.51
C PRO R 147 88.54 -85.09 48.19
N ASP S 1 -4.84 -61.73 119.58
CA ASP S 1 -5.56 -61.47 118.32
C ASP S 1 -4.91 -62.11 117.17
N CYS S 2 -5.58 -61.93 116.03
CA CYS S 2 -4.90 -62.44 114.91
C CYS S 2 -4.17 -61.34 114.32
N CYS S 3 -3.29 -61.77 113.44
CA CYS S 3 -2.53 -60.80 112.80
C CYS S 3 -2.71 -61.14 111.40
N SER S 4 -2.15 -60.24 110.61
CA SER S 4 -2.37 -60.11 109.23
C SER S 4 -1.07 -60.45 108.61
N TYR S 5 -1.11 -61.04 107.41
CA TYR S 5 -0.02 -61.59 106.64
C TYR S 5 0.87 -60.45 106.22
N GLU S 6 0.26 -59.32 105.86
CA GLU S 6 1.03 -58.15 105.45
C GLU S 6 1.92 -57.72 106.60
N ASP S 7 1.34 -57.66 107.78
CA ASP S 7 2.09 -57.28 108.96
C ASP S 7 3.26 -58.21 109.16
N ARG S 8 3.04 -59.50 108.96
CA ARG S 8 4.13 -60.45 109.12
C ARG S 8 5.23 -60.04 108.16
N ARG S 9 4.86 -59.82 106.91
CA ARG S 9 5.85 -59.39 105.93
C ARG S 9 6.58 -58.14 106.39
N GLU S 10 5.84 -57.20 106.95
CA GLU S 10 6.42 -55.96 107.45
C GLU S 10 7.53 -56.28 108.43
N ILE S 11 7.21 -57.10 109.41
CA ILE S 11 8.17 -57.49 110.43
C ILE S 11 9.30 -58.31 109.84
N ARG S 12 8.97 -59.33 109.04
CA ARG S 12 9.98 -60.19 108.44
C ARG S 12 11.04 -59.34 107.77
N HIS S 13 10.72 -58.06 107.57
CA HIS S 13 11.64 -57.11 106.97
C HIS S 13 12.26 -56.23 108.04
N ILE S 14 11.42 -55.61 108.84
CA ILE S 14 11.90 -54.76 109.94
C ILE S 14 13.02 -55.47 110.70
N TRP S 15 12.85 -56.77 110.91
CA TRP S 15 13.84 -57.55 111.63
C TRP S 15 15.14 -57.59 110.87
N ASP S 16 15.06 -57.90 109.58
CA ASP S 16 16.26 -57.97 108.75
C ASP S 16 17.13 -56.73 108.85
N ASP S 17 16.64 -55.71 109.54
CA ASP S 17 17.41 -54.48 109.69
C ASP S 17 18.12 -54.42 111.04
N VAL S 18 17.54 -55.07 112.04
CA VAL S 18 18.15 -55.10 113.38
C VAL S 18 19.09 -56.31 113.46
N TRP S 19 18.67 -57.44 112.87
CA TRP S 19 19.35 -58.69 113.02
C TRP S 19 20.70 -58.50 112.43
N SER S 20 20.73 -57.60 111.44
CA SER S 20 21.21 -57.89 110.14
C SER S 20 22.66 -58.22 110.20
N SER S 21 23.39 -57.54 111.10
CA SER S 21 24.79 -57.79 111.21
C SER S 21 24.95 -59.27 111.46
N SER S 22 26.11 -59.80 111.03
CA SER S 22 26.29 -61.21 110.70
C SER S 22 26.41 -62.03 111.89
N PHE S 23 27.06 -61.40 112.87
CA PHE S 23 27.58 -62.10 113.99
C PHE S 23 27.56 -61.13 115.06
N THR S 24 28.22 -61.50 116.14
CA THR S 24 27.51 -61.29 117.39
C THR S 24 27.36 -59.82 117.79
N ASP S 25 28.48 -59.12 117.96
CA ASP S 25 28.50 -57.71 118.37
C ASP S 25 27.18 -56.93 118.36
N ARG S 26 26.60 -56.75 117.17
CA ARG S 26 25.35 -56.00 117.06
C ARG S 26 24.18 -56.63 117.83
N ARG S 27 23.74 -57.81 117.38
CA ARG S 27 22.64 -58.48 118.01
C ARG S 27 22.76 -58.46 119.52
N VAL S 28 23.98 -58.65 120.01
CA VAL S 28 24.24 -58.66 121.45
C VAL S 28 23.79 -57.37 122.07
N ALA S 29 24.43 -56.27 121.67
CA ALA S 29 24.10 -54.96 122.21
C ALA S 29 22.60 -54.69 122.21
N ILE S 30 21.91 -55.09 121.14
CA ILE S 30 20.47 -54.89 121.08
C ILE S 30 19.73 -55.74 122.10
N VAL S 31 19.89 -57.06 122.04
CA VAL S 31 19.21 -57.93 123.00
C VAL S 31 19.53 -57.52 124.43
N ARG S 32 20.76 -57.09 124.65
CA ARG S 32 21.17 -56.64 125.98
C ARG S 32 20.32 -55.41 126.29
N ALA S 33 20.47 -54.36 125.49
CA ALA S 33 19.70 -53.13 125.68
C ALA S 33 18.23 -53.42 125.96
N VAL S 34 17.73 -54.54 125.44
CA VAL S 34 16.33 -54.94 125.65
C VAL S 34 16.18 -55.38 127.09
N PHE S 35 17.00 -56.32 127.51
CA PHE S 35 16.94 -56.79 128.86
C PHE S 35 17.16 -55.69 129.89
N ASP S 36 18.13 -54.82 129.66
CA ASP S 36 18.40 -53.73 130.59
C ASP S 36 17.12 -52.97 130.86
N ASP S 37 16.24 -52.92 129.85
CA ASP S 37 14.98 -52.21 129.98
C ASP S 37 13.98 -53.09 130.72
N LEU S 38 14.19 -54.40 130.67
CA LEU S 38 13.31 -55.31 131.36
C LEU S 38 13.63 -55.24 132.84
N PHE S 39 14.91 -55.20 133.14
CA PHE S 39 15.34 -55.16 134.52
C PHE S 39 15.09 -53.81 135.18
N LYS S 40 15.17 -52.73 134.42
CA LYS S 40 14.94 -51.42 135.00
C LYS S 40 13.47 -51.27 135.36
N HIS S 41 12.62 -52.10 134.76
CA HIS S 41 11.19 -52.04 135.01
C HIS S 41 10.65 -53.19 135.89
N TYR S 42 11.22 -54.37 135.74
CA TYR S 42 10.81 -55.52 136.55
C TYR S 42 12.09 -56.10 137.11
N PRO S 43 12.76 -55.35 137.98
CA PRO S 43 14.03 -55.72 138.63
C PRO S 43 14.05 -57.11 139.21
N THR S 44 12.88 -57.57 139.56
CA THR S 44 12.77 -58.84 140.10
C THR S 44 13.40 -59.93 139.21
N SER S 45 12.98 -59.95 137.98
CA SER S 45 13.44 -60.92 137.02
C SER S 45 14.95 -61.09 136.99
N LYS S 46 15.68 -60.01 137.25
CA LYS S 46 17.13 -60.05 137.21
C LYS S 46 17.68 -61.33 137.82
N ALA S 47 17.33 -61.59 139.07
CA ALA S 47 17.79 -62.77 139.77
C ALA S 47 17.72 -64.06 138.97
N LEU S 48 16.66 -64.23 138.18
CA LEU S 48 16.47 -65.43 137.39
C LEU S 48 17.65 -65.89 136.55
N PHE S 49 18.50 -64.96 136.15
CA PHE S 49 19.64 -65.29 135.30
C PHE S 49 20.99 -65.40 136.01
N GLU S 50 21.00 -65.76 137.28
CA GLU S 50 22.27 -65.88 137.98
C GLU S 50 22.95 -67.12 137.42
N ARG S 51 22.13 -68.01 136.87
CA ARG S 51 22.65 -69.24 136.31
C ARG S 51 23.61 -68.97 135.16
N VAL S 52 23.38 -67.86 134.46
CA VAL S 52 24.22 -67.50 133.31
C VAL S 52 25.20 -66.41 133.67
N LYS S 53 25.22 -66.05 134.94
CA LYS S 53 26.12 -65.01 135.43
C LYS S 53 25.84 -63.61 134.92
N ILE S 54 24.69 -63.05 135.26
CA ILE S 54 24.36 -61.70 134.83
C ILE S 54 25.16 -60.68 135.62
N ASP S 55 25.69 -61.11 136.76
CA ASP S 55 26.49 -60.23 137.60
C ASP S 55 27.79 -59.89 136.88
N GLU S 56 28.09 -60.66 135.84
CA GLU S 56 29.29 -60.44 135.02
C GLU S 56 28.81 -60.12 133.62
N PRO S 57 28.35 -58.88 133.40
CA PRO S 57 27.86 -58.47 132.09
C PRO S 57 28.70 -58.92 130.89
N GLU S 58 30.00 -58.65 130.90
CA GLU S 58 30.85 -59.03 129.77
C GLU S 58 31.37 -60.45 129.88
N SER S 59 30.88 -61.18 130.88
CA SER S 59 31.28 -62.56 131.14
C SER S 59 31.54 -63.42 129.90
N GLY S 60 30.55 -63.53 129.04
CA GLY S 60 30.69 -64.37 127.89
C GLY S 60 29.78 -65.56 128.15
N GLU S 61 29.72 -65.98 129.40
CA GLU S 61 28.85 -67.08 129.80
C GLU S 61 27.46 -66.49 129.63
N PHE S 62 27.39 -65.18 129.86
CA PHE S 62 26.17 -64.41 129.78
C PHE S 62 25.98 -63.88 128.38
N LYS S 63 27.03 -63.33 127.78
CA LYS S 63 26.90 -62.83 126.42
C LYS S 63 26.31 -63.95 125.55
N SER S 64 26.92 -65.13 125.60
CA SER S 64 26.44 -66.27 124.82
C SER S 64 24.95 -66.42 125.04
N HIS S 65 24.52 -66.30 126.30
CA HIS S 65 23.12 -66.41 126.63
C HIS S 65 22.33 -65.43 125.78
N LEU S 66 22.62 -64.14 125.94
CA LEU S 66 21.95 -63.10 125.17
C LEU S 66 21.76 -63.54 123.72
N VAL S 67 22.83 -64.01 123.12
CA VAL S 67 22.79 -64.48 121.75
C VAL S 67 21.75 -65.57 121.60
N ARG S 68 21.79 -66.58 122.46
CA ARG S 68 20.81 -67.66 122.38
C ARG S 68 19.39 -67.11 122.38
N VAL S 69 19.16 -66.09 123.20
CA VAL S 69 17.84 -65.47 123.29
C VAL S 69 17.57 -64.83 121.97
N ALA S 70 18.51 -64.01 121.52
CA ALA S 70 18.39 -63.33 120.22
C ALA S 70 18.05 -64.38 119.17
N ASN S 71 18.96 -65.33 118.96
CA ASN S 71 18.75 -66.39 117.98
C ASN S 71 17.42 -67.12 118.15
N GLY S 72 16.97 -67.29 119.39
CA GLY S 72 15.70 -67.96 119.60
C GLY S 72 14.55 -67.14 119.03
N LEU S 73 14.72 -65.82 119.07
CA LEU S 73 13.73 -64.89 118.57
C LEU S 73 13.84 -64.95 117.06
N LYS S 74 15.07 -64.89 116.58
CA LYS S 74 15.36 -64.96 115.15
C LYS S 74 14.65 -66.18 114.58
N LEU S 75 14.86 -67.32 115.22
CA LEU S 75 14.26 -68.57 114.79
C LEU S 75 12.73 -68.43 114.68
N LEU S 76 12.12 -67.73 115.61
CA LEU S 76 10.68 -67.54 115.59
C LEU S 76 10.29 -66.80 114.33
N ILE S 77 10.74 -65.56 114.23
CA ILE S 77 10.45 -64.72 113.10
C ILE S 77 10.69 -65.46 111.79
N ASN S 78 11.85 -66.08 111.67
CA ASN S 78 12.19 -66.83 110.46
C ASN S 78 11.36 -68.12 110.31
N LEU S 79 10.24 -68.19 111.01
CA LEU S 79 9.38 -69.35 110.94
C LEU S 79 7.98 -68.88 110.58
N LEU S 80 7.75 -67.58 110.66
CA LEU S 80 6.46 -66.96 110.37
C LEU S 80 5.84 -67.34 109.02
N ASP S 81 6.64 -67.95 108.15
CA ASP S 81 6.13 -68.33 106.85
C ASP S 81 5.81 -69.81 106.86
N ASP S 82 6.21 -70.53 107.90
CA ASP S 82 5.91 -71.96 108.01
C ASP S 82 4.97 -72.35 109.16
N THR S 83 4.00 -71.48 109.41
CA THR S 83 3.00 -71.65 110.46
C THR S 83 3.06 -72.92 111.30
N LEU S 84 2.67 -74.04 110.71
CA LEU S 84 2.64 -75.32 111.42
C LEU S 84 3.86 -75.64 112.27
N VAL S 85 5.04 -75.34 111.75
CA VAL S 85 6.26 -75.60 112.51
C VAL S 85 6.37 -74.58 113.61
N LEU S 86 6.08 -73.33 113.26
CA LEU S 86 6.14 -72.26 114.24
C LEU S 86 5.26 -72.60 115.41
N GLN S 87 4.05 -73.06 115.12
CA GLN S 87 3.09 -73.42 116.16
C GLN S 87 3.62 -74.48 117.11
N SER S 88 4.50 -75.36 116.61
CA SER S 88 5.07 -76.39 117.45
C SER S 88 6.25 -75.89 118.28
N HIS S 89 7.25 -75.35 117.60
CA HIS S 89 8.42 -74.82 118.29
C HIS S 89 7.97 -73.75 119.25
N LEU S 90 6.87 -73.09 118.94
CA LEU S 90 6.37 -72.04 119.80
C LEU S 90 5.97 -72.68 121.09
N GLY S 91 5.44 -73.90 121.02
CA GLY S 91 5.05 -74.62 122.22
C GLY S 91 6.31 -75.03 122.96
N HIS S 92 7.19 -75.72 122.25
CA HIS S 92 8.47 -76.16 122.80
C HIS S 92 9.18 -75.01 123.52
N LEU S 93 9.03 -73.80 123.01
CA LEU S 93 9.66 -72.62 123.58
C LEU S 93 8.99 -72.27 124.88
N ALA S 94 7.73 -72.66 125.03
CA ALA S 94 7.00 -72.39 126.26
C ALA S 94 7.53 -73.35 127.32
N ASP S 95 7.47 -74.63 127.02
CA ASP S 95 7.93 -75.65 127.95
C ASP S 95 9.32 -75.35 128.49
N GLN S 96 10.18 -74.76 127.68
CA GLN S 96 11.52 -74.44 128.14
C GLN S 96 11.51 -73.32 129.16
N HIS S 97 10.37 -72.66 129.27
CA HIS S 97 10.25 -71.57 130.21
C HIS S 97 9.34 -71.92 131.38
N ILE S 98 8.54 -72.96 131.21
CA ILE S 98 7.65 -73.38 132.28
C ILE S 98 8.49 -74.12 133.30
N GLN S 99 9.46 -74.88 132.84
CA GLN S 99 10.35 -75.61 133.73
C GLN S 99 11.39 -74.68 134.38
N ARG S 100 11.35 -73.41 134.02
CA ARG S 100 12.27 -72.44 134.59
C ARG S 100 11.48 -71.76 135.70
N LYS S 101 11.65 -72.30 136.90
CA LYS S 101 10.95 -71.80 138.07
C LYS S 101 11.20 -70.31 138.33
N GLY S 102 10.13 -69.53 138.41
CA GLY S 102 10.27 -68.11 138.67
C GLY S 102 9.90 -67.22 137.52
N VAL S 103 9.58 -67.81 136.36
CA VAL S 103 9.21 -67.04 135.19
C VAL S 103 7.72 -66.75 135.12
N THR S 104 7.33 -65.50 135.37
CA THR S 104 5.91 -65.12 135.36
C THR S 104 5.35 -64.78 133.98
N LYS S 105 4.03 -64.73 133.91
CA LYS S 105 3.35 -64.40 132.68
C LYS S 105 3.64 -62.93 132.45
N GLU S 106 3.87 -62.23 133.55
CA GLU S 106 4.13 -60.81 133.53
C GLU S 106 5.48 -60.46 132.90
N TYR S 107 6.54 -61.11 133.38
CA TYR S 107 7.86 -60.82 132.84
C TYR S 107 7.85 -60.79 131.32
N PHE S 108 7.05 -61.66 130.72
CA PHE S 108 6.97 -61.69 129.27
C PHE S 108 6.33 -60.43 128.74
N ARG S 109 5.17 -60.09 129.26
CA ARG S 109 4.49 -58.88 128.80
C ARG S 109 5.47 -57.74 129.01
N GLY S 110 6.43 -57.93 129.92
CA GLY S 110 7.41 -56.91 130.21
C GLY S 110 8.51 -56.79 129.20
N ILE S 111 8.99 -57.93 128.72
CA ILE S 111 10.06 -57.91 127.73
C ILE S 111 9.46 -57.46 126.41
N GLY S 112 8.16 -57.62 126.28
CA GLY S 112 7.49 -57.21 125.06
C GLY S 112 7.55 -55.70 124.96
N GLU S 113 7.30 -55.04 126.08
CA GLU S 113 7.34 -53.59 126.16
C GLU S 113 8.78 -53.19 125.83
N ALA S 114 9.72 -53.96 126.39
CA ALA S 114 11.14 -53.71 126.18
C ALA S 114 11.45 -53.48 124.70
N PHE S 115 11.24 -54.49 123.87
CA PHE S 115 11.53 -54.35 122.46
C PHE S 115 10.86 -53.13 121.87
N ALA S 116 9.58 -52.98 122.17
CA ALA S 116 8.79 -51.88 121.66
C ALA S 116 9.36 -50.51 122.02
N ARG S 117 10.34 -50.50 122.90
CA ARG S 117 10.97 -49.27 123.34
C ARG S 117 12.40 -49.19 122.80
N VAL S 118 13.03 -50.35 122.61
CA VAL S 118 14.39 -50.43 122.12
C VAL S 118 14.46 -50.39 120.61
N LEU S 119 13.87 -51.39 119.96
CA LEU S 119 13.89 -51.45 118.51
C LEU S 119 13.69 -50.11 117.81
N PRO S 120 12.64 -49.36 118.19
CA PRO S 120 12.42 -48.07 117.52
C PRO S 120 13.60 -47.10 117.61
N GLN S 121 14.62 -47.49 118.35
CA GLN S 121 15.80 -46.66 118.52
C GLN S 121 17.01 -47.20 117.76
N VAL S 122 17.03 -48.49 117.51
CA VAL S 122 18.15 -49.10 116.80
C VAL S 122 17.99 -49.08 115.29
N LEU S 123 16.78 -48.81 114.82
CA LEU S 123 16.56 -48.75 113.40
C LEU S 123 15.39 -47.83 113.12
N SER S 124 15.38 -47.24 111.94
CA SER S 124 14.29 -46.36 111.58
C SER S 124 13.31 -47.17 110.76
N CYS S 125 12.13 -46.59 110.54
CA CYS S 125 11.09 -47.27 109.78
C CYS S 125 10.65 -48.54 110.51
N PHE S 126 10.32 -48.38 111.79
CA PHE S 126 9.89 -49.49 112.59
C PHE S 126 8.38 -49.38 112.78
N ASN S 127 7.65 -50.37 112.28
CA ASN S 127 6.19 -50.36 112.40
C ASN S 127 5.79 -50.91 113.77
N VAL S 128 6.10 -50.15 114.80
CA VAL S 128 5.82 -50.54 116.19
C VAL S 128 4.53 -51.35 116.35
N ASP S 129 3.45 -50.89 115.73
CA ASP S 129 2.19 -51.59 115.84
C ASP S 129 2.27 -52.99 115.27
N ALA S 130 2.67 -53.10 114.00
CA ALA S 130 2.80 -54.39 113.35
C ALA S 130 3.65 -55.32 114.19
N TRP S 131 4.77 -54.82 114.66
CA TRP S 131 5.64 -55.62 115.51
C TRP S 131 4.81 -56.06 116.70
N ASN S 132 4.38 -55.09 117.50
CA ASN S 132 3.57 -55.36 118.67
C ASN S 132 2.53 -56.45 118.42
N ARG S 133 1.74 -56.30 117.36
CA ARG S 133 0.73 -57.30 117.08
C ARG S 133 1.29 -58.71 117.01
N CYS S 134 2.17 -58.98 116.06
CA CYS S 134 2.72 -60.31 115.92
C CYS S 134 3.58 -60.76 117.08
N PHE S 135 4.13 -59.84 117.83
CA PHE S 135 4.96 -60.24 118.95
C PHE S 135 4.05 -60.76 120.03
N HIS S 136 2.91 -60.12 120.21
CA HIS S 136 1.96 -60.55 121.22
C HIS S 136 1.47 -61.95 120.92
N ARG S 137 1.09 -62.20 119.67
CA ARG S 137 0.60 -63.52 119.31
C ARG S 137 1.69 -64.53 119.70
N LEU S 138 2.95 -64.19 119.47
CA LEU S 138 4.04 -65.10 119.81
C LEU S 138 4.19 -65.30 121.31
N VAL S 139 4.16 -64.20 122.05
CA VAL S 139 4.29 -64.26 123.50
C VAL S 139 3.14 -65.02 124.14
N ALA S 140 1.92 -64.63 123.81
CA ALA S 140 0.73 -65.28 124.36
C ALA S 140 0.91 -66.79 124.38
N ARG S 141 1.18 -67.38 123.22
CA ARG S 141 1.37 -68.83 123.14
C ARG S 141 2.55 -69.34 123.96
N ILE S 142 3.59 -68.53 124.12
CA ILE S 142 4.76 -68.97 124.90
C ILE S 142 4.47 -69.05 126.39
N ALA S 143 3.88 -67.93 126.87
CA ALA S 143 3.54 -67.66 128.22
C ALA S 143 2.44 -68.57 128.65
N LYS S 144 1.47 -68.78 127.74
CA LYS S 144 0.17 -69.28 128.10
C LYS S 144 0.35 -70.63 128.68
N ASP S 145 1.32 -71.35 128.11
CA ASP S 145 1.46 -72.75 128.39
C ASP S 145 1.65 -72.87 129.85
N LEU S 146 2.56 -72.00 130.39
CA LEU S 146 3.01 -72.14 131.75
C LEU S 146 1.80 -72.12 132.57
N PRO S 147 0.83 -71.29 132.35
CA PRO S 147 -0.29 -71.53 133.20
C PRO S 147 -1.15 -72.71 132.80
N LYS T 1 21.56 -29.16 119.58
CA LYS T 1 20.54 -30.23 119.60
C LYS T 1 20.91 -31.33 120.53
N LYS T 2 21.00 -32.57 120.02
CA LYS T 2 21.32 -33.65 120.91
C LYS T 2 22.77 -33.92 120.81
N GLN T 3 23.22 -34.85 121.66
CA GLN T 3 24.60 -35.21 121.68
C GLN T 3 24.67 -36.61 121.23
N CYS T 4 25.93 -37.03 121.06
CA CYS T 4 26.22 -38.30 120.52
C CYS T 4 26.15 -39.33 121.58
N GLY T 5 26.09 -40.58 121.10
CA GLY T 5 25.99 -41.72 121.94
C GLY T 5 25.64 -42.87 121.04
N VAL T 6 25.51 -44.06 121.66
CA VAL T 6 25.76 -45.31 120.98
C VAL T 6 24.83 -45.49 119.82
N LEU T 7 23.52 -45.44 120.07
CA LEU T 7 22.58 -45.71 119.01
C LEU T 7 22.67 -44.72 117.86
N GLU T 8 22.45 -43.44 118.15
CA GLU T 8 22.49 -42.41 117.12
C GLU T 8 23.75 -42.57 116.27
N GLY T 9 24.76 -43.18 116.85
CA GLY T 9 25.98 -43.42 116.12
C GLY T 9 25.72 -44.53 115.13
N LEU T 10 25.34 -45.69 115.64
CA LEU T 10 25.04 -46.81 114.79
C LEU T 10 24.15 -46.39 113.63
N LYS T 11 23.19 -45.52 113.89
CA LYS T 11 22.31 -45.10 112.82
C LYS T 11 23.10 -44.35 111.76
N VAL T 12 23.79 -43.29 112.16
CA VAL T 12 24.55 -42.52 111.20
C VAL T 12 25.57 -43.41 110.50
N LYS T 13 26.28 -44.21 111.25
CA LYS T 13 27.29 -45.09 110.69
C LYS T 13 26.71 -45.94 109.58
N SER T 14 25.48 -46.38 109.77
CA SER T 14 24.80 -47.24 108.81
C SER T 14 24.35 -46.42 107.60
N GLU T 15 23.60 -45.35 107.86
CA GLU T 15 23.09 -44.49 106.81
C GLU T 15 24.23 -43.94 105.96
N TRP T 16 25.34 -43.62 106.61
CA TRP T 16 26.48 -43.08 105.89
C TRP T 16 26.92 -44.12 104.90
N GLY T 17 26.89 -45.39 105.32
CA GLY T 17 27.30 -46.46 104.43
C GLY T 17 26.57 -46.39 103.10
N ARG T 18 25.27 -46.15 103.17
CA ARG T 18 24.43 -46.07 101.98
C ARG T 18 24.69 -44.79 101.18
N ALA T 19 24.77 -43.66 101.86
CA ALA T 19 24.99 -42.40 101.17
C ALA T 19 26.38 -42.29 100.53
N TYR T 20 27.40 -42.74 101.25
CA TYR T 20 28.76 -42.67 100.73
C TYR T 20 28.83 -43.46 99.44
N GLY T 21 28.48 -44.73 99.50
CA GLY T 21 28.53 -45.56 98.30
C GLY T 21 29.95 -45.73 97.78
N SER T 22 30.10 -45.95 96.47
CA SER T 22 31.42 -46.13 95.90
C SER T 22 31.48 -45.80 94.41
N GLY T 23 32.68 -45.89 93.85
CA GLY T 23 32.88 -45.62 92.44
C GLY T 23 32.58 -44.20 92.03
N HIS T 24 31.67 -44.04 91.08
CA HIS T 24 31.28 -42.72 90.60
C HIS T 24 30.36 -42.03 91.58
N ASP T 25 29.40 -42.77 92.12
CA ASP T 25 28.48 -42.19 93.10
C ASP T 25 29.31 -41.39 94.08
N ARG T 26 30.45 -41.93 94.45
CA ARG T 26 31.34 -41.27 95.40
C ARG T 26 31.94 -40.01 94.78
N GLU T 27 32.63 -40.17 93.67
CA GLU T 27 33.25 -39.04 93.01
C GLU T 27 32.26 -37.88 92.86
N ALA T 28 30.97 -38.18 92.85
CA ALA T 28 29.94 -37.15 92.71
C ALA T 28 29.50 -36.70 94.10
N PHE T 29 29.12 -37.67 94.92
CA PHE T 29 28.70 -37.41 96.29
C PHE T 29 29.59 -36.33 96.85
N SER T 30 30.90 -36.53 96.74
CA SER T 30 31.86 -35.55 97.24
C SER T 30 31.69 -34.25 96.44
N GLN T 31 31.70 -34.37 95.13
CA GLN T 31 31.53 -33.23 94.25
C GLN T 31 30.37 -32.37 94.75
N ALA T 32 29.20 -32.97 94.84
CA ALA T 32 27.98 -32.29 95.27
C ALA T 32 28.22 -31.56 96.58
N ILE T 33 28.75 -32.30 97.56
CA ILE T 33 29.00 -31.73 98.86
C ILE T 33 29.82 -30.47 98.78
N TRP T 34 30.97 -30.54 98.13
CA TRP T 34 31.81 -29.37 98.03
C TRP T 34 31.13 -28.20 97.34
N ARG T 35 30.43 -28.47 96.26
CA ARG T 35 29.75 -27.41 95.56
C ARG T 35 28.79 -26.73 96.50
N ALA T 36 28.11 -27.51 97.33
CA ALA T 36 27.17 -26.97 98.29
C ALA T 36 27.91 -26.15 99.34
N THR T 37 29.09 -26.62 99.73
CA THR T 37 29.88 -25.90 100.71
C THR T 37 30.32 -24.55 100.17
N PHE T 38 31.06 -24.57 99.07
CA PHE T 38 31.56 -23.35 98.46
C PHE T 38 30.45 -22.36 98.10
N ALA T 39 29.29 -22.89 97.73
CA ALA T 39 28.19 -22.03 97.36
C ALA T 39 27.75 -21.22 98.57
N GLN T 40 27.87 -21.83 99.74
CA GLN T 40 27.50 -21.18 100.98
C GLN T 40 28.51 -20.10 101.39
N VAL T 41 29.78 -20.48 101.42
CA VAL T 41 30.83 -19.57 101.80
C VAL T 41 31.93 -19.48 100.74
N PRO T 42 31.66 -18.75 99.66
CA PRO T 42 32.66 -18.61 98.60
C PRO T 42 34.02 -18.15 99.14
N GLU T 43 34.00 -17.48 100.28
CA GLU T 43 35.22 -17.00 100.90
C GLU T 43 36.23 -18.13 101.07
N SER T 44 35.75 -19.30 101.46
CA SER T 44 36.59 -20.47 101.73
C SER T 44 37.36 -21.02 100.56
N ARG T 45 36.97 -20.68 99.35
CA ARG T 45 37.69 -21.21 98.21
C ARG T 45 39.18 -20.88 98.31
N SER T 46 39.50 -19.75 98.92
CA SER T 46 40.88 -19.32 99.06
C SER T 46 41.80 -20.29 99.80
N LEU T 47 41.23 -21.10 100.69
CA LEU T 47 42.05 -22.05 101.45
C LEU T 47 42.53 -23.23 100.62
N PHE T 48 41.75 -23.60 99.60
CA PHE T 48 42.10 -24.73 98.78
C PHE T 48 42.71 -24.28 97.48
N LYS T 49 43.41 -23.17 97.54
CA LYS T 49 44.04 -22.62 96.35
C LYS T 49 45.13 -23.60 95.94
N ARG T 50 45.66 -24.32 96.93
CA ARG T 50 46.74 -25.26 96.68
C ARG T 50 46.32 -26.47 95.86
N VAL T 51 45.06 -26.86 96.04
CA VAL T 51 44.53 -28.03 95.35
C VAL T 51 43.41 -27.63 94.42
N HIS T 52 43.70 -26.68 93.53
CA HIS T 52 42.75 -26.18 92.56
C HIS T 52 41.32 -26.06 93.09
N GLY T 53 41.14 -25.17 94.05
CA GLY T 53 39.82 -24.96 94.61
C GLY T 53 39.02 -24.07 93.68
N ASP T 54 39.71 -23.44 92.73
CA ASP T 54 39.03 -22.58 91.78
C ASP T 54 38.07 -23.37 90.88
N ASP T 55 38.50 -24.57 90.48
CA ASP T 55 37.69 -25.44 89.62
C ASP T 55 37.40 -26.76 90.32
N THR T 56 36.21 -26.85 90.91
CA THR T 56 35.79 -28.04 91.64
C THR T 56 35.90 -29.34 90.83
N SER T 57 35.94 -29.23 89.52
CA SER T 57 36.03 -30.40 88.63
C SER T 57 37.44 -30.78 88.22
N HIS T 58 38.44 -30.07 88.73
CA HIS T 58 39.82 -30.37 88.39
C HIS T 58 40.28 -31.60 89.14
N PRO T 59 40.94 -32.53 88.44
CA PRO T 59 41.41 -33.76 89.09
C PRO T 59 42.03 -33.55 90.47
N ALA T 60 42.92 -32.56 90.57
CA ALA T 60 43.59 -32.27 91.83
C ALA T 60 42.56 -32.16 92.94
N PHE T 61 41.54 -31.35 92.70
CA PHE T 61 40.49 -31.13 93.68
C PHE T 61 39.62 -32.38 93.84
N ILE T 62 39.35 -33.07 92.74
CA ILE T 62 38.56 -34.28 92.78
C ILE T 62 39.21 -35.21 93.79
N ALA T 63 40.53 -35.32 93.67
CA ALA T 63 41.32 -36.14 94.57
C ALA T 63 41.07 -35.61 95.96
N HIS T 64 41.44 -34.35 96.19
CA HIS T 64 41.23 -33.73 97.47
C HIS T 64 39.89 -34.09 98.08
N ALA T 65 38.81 -33.81 97.37
CA ALA T 65 37.47 -34.12 97.86
C ALA T 65 37.38 -35.57 98.28
N ASP T 66 37.54 -36.48 97.32
CA ASP T 66 37.48 -37.91 97.58
C ASP T 66 38.37 -38.25 98.78
N ARG T 67 39.43 -37.46 98.96
CA ARG T 67 40.38 -37.68 100.05
C ARG T 67 39.83 -37.23 101.38
N VAL T 68 39.06 -36.15 101.36
CA VAL T 68 38.46 -35.59 102.56
C VAL T 68 37.42 -36.52 103.08
N LEU T 69 36.46 -36.86 102.22
CA LEU T 69 35.40 -37.77 102.62
C LEU T 69 36.06 -38.97 103.27
N GLY T 70 37.20 -39.38 102.72
CA GLY T 70 37.92 -40.51 103.26
C GLY T 70 38.06 -40.43 104.78
N GLY T 71 38.58 -39.31 105.26
CA GLY T 71 38.73 -39.13 106.68
C GLY T 71 37.37 -39.20 107.34
N LEU T 72 36.41 -38.41 106.84
CA LEU T 72 35.09 -38.41 107.41
C LEU T 72 34.61 -39.84 107.55
N ASP T 73 34.98 -40.69 106.60
CA ASP T 73 34.59 -42.11 106.65
C ASP T 73 35.18 -42.68 107.92
N ILE T 74 36.50 -42.72 108.00
CA ILE T 74 37.16 -43.25 109.19
C ILE T 74 36.47 -42.74 110.46
N ALA T 75 36.20 -41.44 110.51
CA ALA T 75 35.55 -40.86 111.68
C ALA T 75 34.24 -41.57 111.96
N ILE T 76 33.27 -41.36 111.09
CA ILE T 76 31.98 -41.99 111.24
C ILE T 76 32.12 -43.50 111.50
N SER T 77 32.91 -44.17 110.65
CA SER T 77 33.00 -45.60 110.68
C SER T 77 33.45 -45.97 112.05
N THR T 78 34.59 -45.37 112.48
CA THR T 78 35.23 -45.73 113.72
C THR T 78 34.40 -45.29 114.88
N LEU T 79 33.45 -44.36 114.64
CA LEU T 79 32.81 -43.59 115.68
C LEU T 79 32.32 -44.52 116.72
N ASP T 80 31.72 -45.61 116.23
CA ASP T 80 30.89 -46.46 117.01
C ASP T 80 31.73 -46.98 118.14
N GLN T 81 33.00 -47.37 117.88
CA GLN T 81 33.76 -47.89 118.97
C GLN T 81 34.63 -46.79 119.51
N PRO T 82 34.31 -46.38 120.74
CA PRO T 82 34.94 -45.27 121.43
C PRO T 82 36.46 -45.36 121.48
N ALA T 83 36.95 -46.57 121.79
CA ALA T 83 38.38 -46.82 121.88
C ALA T 83 39.11 -46.31 120.66
N THR T 84 38.75 -46.85 119.51
CA THR T 84 39.36 -46.51 118.24
C THR T 84 39.08 -45.07 117.82
N LEU T 85 37.81 -44.72 117.76
CA LEU T 85 37.41 -43.35 117.38
C LEU T 85 38.31 -42.36 118.12
N LYS T 86 38.34 -42.50 119.43
CA LYS T 86 39.17 -41.66 120.26
C LYS T 86 40.48 -41.41 119.55
N GLU T 87 41.16 -42.48 119.17
CA GLU T 87 42.44 -42.38 118.49
C GLU T 87 42.39 -41.57 117.20
N GLU T 88 41.53 -41.96 116.27
CA GLU T 88 41.42 -41.22 115.02
C GLU T 88 41.20 -39.74 115.29
N LEU T 89 40.22 -39.41 116.11
CA LEU T 89 39.96 -38.02 116.41
C LEU T 89 41.23 -37.37 116.91
N ASP T 90 41.88 -37.98 117.90
CA ASP T 90 43.12 -37.43 118.44
C ASP T 90 44.13 -37.20 117.33
N HIS T 91 44.27 -38.18 116.45
CA HIS T 91 45.19 -38.06 115.33
C HIS T 91 44.86 -36.79 114.55
N LEU T 92 43.60 -36.62 114.20
CA LEU T 92 43.17 -35.45 113.46
C LEU T 92 43.51 -34.21 114.25
N GLN T 93 43.07 -34.21 115.51
CA GLN T 93 43.31 -33.09 116.40
C GLN T 93 44.68 -32.49 116.16
N VAL T 94 45.68 -33.36 116.05
CA VAL T 94 47.06 -32.94 115.83
C VAL T 94 47.26 -32.26 114.49
N GLN T 95 46.83 -32.91 113.42
CA GLN T 95 47.00 -32.36 112.08
C GLN T 95 46.36 -31.00 111.98
N HIS T 96 45.54 -30.64 112.96
CA HIS T 96 44.86 -29.36 112.94
C HIS T 96 45.34 -28.31 113.94
N GLU T 97 45.72 -28.69 115.18
CA GLU T 97 46.03 -27.70 116.16
C GLU T 97 47.26 -26.96 115.70
N GLY T 98 47.31 -25.66 116.04
CA GLY T 98 48.34 -24.78 115.55
C GLY T 98 47.78 -24.15 114.33
N ARG T 99 46.73 -24.78 113.76
CA ARG T 99 45.92 -24.09 112.79
C ARG T 99 44.73 -23.65 113.56
N LYS T 100 44.27 -22.39 113.31
CA LYS T 100 43.00 -21.92 113.81
C LYS T 100 42.01 -22.08 112.69
N ILE T 101 40.78 -22.49 113.02
CA ILE T 101 39.83 -22.74 111.97
C ILE T 101 38.57 -22.07 112.34
N PRO T 102 38.09 -21.34 111.39
CA PRO T 102 36.89 -20.58 111.56
C PRO T 102 35.85 -21.62 111.78
N ASP T 103 34.94 -21.37 112.73
CA ASP T 103 33.85 -22.32 112.99
C ASP T 103 32.73 -22.06 112.00
N ASN T 104 32.84 -20.92 111.32
CA ASN T 104 31.88 -20.51 110.29
C ASN T 104 31.86 -21.53 109.12
N TYR T 105 33.04 -21.87 108.60
CA TYR T 105 33.14 -22.82 107.49
C TYR T 105 32.66 -24.22 107.88
N PHE T 106 33.21 -24.78 108.95
CA PHE T 106 32.79 -26.10 109.38
C PHE T 106 31.29 -26.19 109.37
N ASP T 107 30.63 -25.14 109.84
CA ASP T 107 29.18 -25.11 109.90
C ASP T 107 28.60 -25.36 108.51
N ALA T 108 29.07 -24.59 107.53
CA ALA T 108 28.60 -24.73 106.16
C ALA T 108 28.86 -26.14 105.61
N PHE T 109 30.08 -26.62 105.79
CA PHE T 109 30.44 -27.94 105.33
C PHE T 109 29.52 -29.00 105.92
N LYS T 110 29.10 -28.83 107.17
CA LYS T 110 28.19 -29.79 107.80
C LYS T 110 26.88 -29.73 107.03
N THR T 111 26.36 -28.51 106.93
CA THR T 111 25.11 -28.28 106.22
C THR T 111 25.20 -28.97 104.87
N ALA T 112 26.27 -28.68 104.15
CA ALA T 112 26.47 -29.29 102.84
C ALA T 112 26.24 -30.80 102.96
N ILE T 113 27.10 -31.46 103.71
CA ILE T 113 27.00 -32.91 103.91
C ILE T 113 25.55 -33.31 104.15
N LEU T 114 24.95 -32.73 105.19
CA LEU T 114 23.57 -33.07 105.49
C LEU T 114 22.62 -32.95 104.30
N HIS T 115 22.60 -31.81 103.61
CA HIS T 115 21.72 -31.67 102.48
C HIS T 115 21.98 -32.71 101.40
N VAL T 116 23.24 -32.97 101.07
CA VAL T 116 23.54 -33.96 100.05
C VAL T 116 23.10 -35.32 100.51
N VAL T 117 23.56 -35.73 101.68
CA VAL T 117 23.17 -37.05 102.23
C VAL T 117 21.66 -37.25 102.18
N ALA T 118 20.90 -36.24 102.60
CA ALA T 118 19.43 -36.32 102.57
C ALA T 118 18.96 -36.52 101.14
N ALA T 119 19.58 -35.83 100.20
CA ALA T 119 19.20 -35.95 98.82
C ALA T 119 19.50 -37.36 98.35
N GLN T 120 20.60 -37.93 98.81
CA GLN T 120 21.02 -39.27 98.41
C GLN T 120 20.23 -40.41 99.03
N LEU T 121 19.84 -40.26 100.29
CA LEU T 121 19.12 -41.34 100.96
C LEU T 121 17.63 -41.34 100.74
N GLY T 122 17.11 -40.30 100.10
CA GLY T 122 15.69 -40.26 99.85
C GLY T 122 14.81 -40.09 101.09
N ARG T 123 14.41 -41.20 101.68
CA ARG T 123 13.50 -41.17 102.83
C ARG T 123 14.02 -41.65 104.19
N CYS T 124 14.80 -42.71 104.19
CA CYS T 124 15.33 -43.23 105.45
C CYS T 124 16.59 -42.49 105.86
N TYR T 125 16.39 -41.45 106.66
CA TYR T 125 17.49 -40.62 107.16
C TYR T 125 17.04 -39.72 108.31
N ASP T 126 17.70 -39.89 109.44
CA ASP T 126 17.40 -39.11 110.63
C ASP T 126 18.29 -37.88 110.63
N ARG T 127 17.68 -36.69 110.53
CA ARG T 127 18.47 -35.47 110.50
C ARG T 127 19.20 -35.19 111.81
N GLU T 128 18.45 -35.04 112.90
CA GLU T 128 19.02 -34.78 114.22
C GLU T 128 20.26 -35.63 114.48
N ALA T 129 20.12 -36.94 114.28
CA ALA T 129 21.21 -37.88 114.47
C ALA T 129 22.48 -37.49 113.74
N TRP T 130 22.39 -37.28 112.43
CA TRP T 130 23.56 -36.89 111.68
C TRP T 130 24.09 -35.59 112.25
N ASP T 131 23.23 -34.59 112.35
CA ASP T 131 23.65 -33.30 112.88
C ASP T 131 24.51 -33.54 114.11
N ALA T 132 23.95 -34.27 115.07
CA ALA T 132 24.66 -34.56 116.32
C ALA T 132 26.03 -35.17 116.13
N CYS T 133 26.12 -36.19 115.30
CA CYS T 133 27.40 -36.85 115.07
C CYS T 133 28.39 -36.08 114.21
N ILE T 134 27.92 -35.50 113.11
CA ILE T 134 28.82 -34.73 112.26
C ILE T 134 29.43 -33.70 113.17
N ASP T 135 28.61 -33.19 114.09
CA ASP T 135 29.05 -32.19 115.03
C ASP T 135 30.17 -32.79 115.86
N HIS T 136 29.86 -33.84 116.62
CA HIS T 136 30.87 -34.48 117.46
C HIS T 136 32.17 -34.72 116.70
N ILE T 137 32.06 -35.10 115.43
CA ILE T 137 33.26 -35.34 114.63
C ILE T 137 33.98 -34.05 114.33
N GLU T 138 33.24 -33.00 114.00
CA GLU T 138 33.86 -31.71 113.73
C GLU T 138 34.52 -31.14 114.98
N ASP T 139 33.85 -31.24 116.12
CA ASP T 139 34.41 -30.74 117.35
C ASP T 139 35.77 -31.36 117.54
N GLY T 140 35.85 -32.67 117.32
CA GLY T 140 37.12 -33.37 117.47
C GLY T 140 38.22 -32.89 116.54
N ILE T 141 37.86 -32.10 115.53
CA ILE T 141 38.84 -31.59 114.58
C ILE T 141 39.20 -30.15 114.87
N LYS T 142 38.28 -29.41 115.47
CA LYS T 142 38.54 -28.02 115.81
C LYS T 142 39.18 -27.94 117.19
N GLY T 143 38.64 -28.80 118.07
CA GLY T 143 39.43 -29.37 119.11
C GLY T 143 39.34 -28.41 120.21
N HIS T 144 38.79 -27.25 119.88
CA HIS T 144 38.71 -26.31 120.91
C HIS T 144 37.29 -25.89 120.96
N HIS T 145 37.03 -25.22 122.08
CA HIS T 145 35.73 -24.97 122.52
C HIS T 145 35.77 -23.49 122.35
N HIS U 1 51.59 -54.13 81.25
CA HIS U 1 51.91 -52.74 81.70
C HIS U 1 50.85 -51.84 81.17
N GLU U 2 51.07 -51.31 79.94
CA GLU U 2 50.15 -50.34 79.42
C GLU U 2 48.85 -51.05 79.31
N HIS U 3 48.92 -52.29 78.79
CA HIS U 3 47.82 -53.12 78.48
C HIS U 3 47.11 -53.28 79.77
N CYS U 4 47.88 -53.66 80.79
CA CYS U 4 47.33 -54.15 82.03
C CYS U 4 46.80 -53.05 82.85
N CYS U 5 46.00 -53.43 83.90
CA CYS U 5 44.99 -52.62 84.52
C CYS U 5 44.14 -52.02 83.45
N SER U 6 43.66 -52.86 82.54
CA SER U 6 42.69 -52.44 81.58
C SER U 6 41.43 -52.17 82.35
N GLU U 7 40.44 -51.60 81.64
CA GLU U 7 39.07 -51.38 82.09
C GLU U 7 38.48 -52.67 82.64
N GLU U 8 38.49 -53.75 81.86
CA GLU U 8 37.94 -55.00 82.35
C GLU U 8 38.70 -55.39 83.62
N ASP U 9 40.02 -55.36 83.51
CA ASP U 9 40.86 -55.72 84.64
C ASP U 9 40.36 -55.12 85.94
N HIS U 10 40.39 -53.79 86.03
CA HIS U 10 39.94 -53.17 87.27
C HIS U 10 38.45 -53.27 87.50
N ARG U 11 37.67 -53.29 86.44
CA ARG U 11 36.24 -53.42 86.64
C ARG U 11 36.10 -54.67 87.52
N ILE U 12 36.94 -55.66 87.25
CA ILE U 12 36.92 -56.90 88.00
C ILE U 12 37.35 -56.65 89.41
N VAL U 13 38.55 -56.12 89.54
CA VAL U 13 39.09 -55.84 90.85
C VAL U 13 38.02 -55.15 91.67
N GLN U 14 37.50 -54.04 91.17
CA GLN U 14 36.49 -53.30 91.88
C GLN U 14 35.35 -54.19 92.36
N LYS U 15 34.82 -55.00 91.47
CA LYS U 15 33.71 -55.86 91.82
C LYS U 15 34.07 -56.79 92.96
N GLN U 16 35.23 -57.43 92.84
CA GLN U 16 35.68 -58.39 93.83
C GLN U 16 36.01 -57.77 95.16
N TRP U 17 36.52 -56.55 95.14
CA TRP U 17 36.90 -55.86 96.36
C TRP U 17 35.65 -55.45 97.12
N ASP U 18 34.53 -55.41 96.42
CA ASP U 18 33.27 -55.04 97.06
C ASP U 18 32.63 -56.18 97.85
N ILE U 19 32.92 -57.42 97.45
CA ILE U 19 32.38 -58.57 98.13
C ILE U 19 32.63 -58.39 99.61
N LEU U 20 33.69 -57.66 99.94
CA LEU U 20 34.06 -57.42 101.31
C LEU U 20 33.12 -56.54 102.14
N TRP U 21 32.83 -55.35 101.62
CA TRP U 21 32.00 -54.40 102.36
C TRP U 21 30.49 -54.58 102.27
N ARG U 22 30.04 -55.83 102.20
CA ARG U 22 28.61 -56.09 102.13
C ARG U 22 27.96 -55.85 103.48
N ASP U 23 28.67 -56.19 104.57
CA ASP U 23 28.11 -55.99 105.91
C ASP U 23 28.61 -54.69 106.56
N THR U 24 27.71 -54.05 107.30
CA THR U 24 27.98 -52.79 107.96
C THR U 24 29.20 -52.74 108.88
N GLU U 25 29.67 -53.88 109.35
CA GLU U 25 30.83 -53.87 110.24
C GLU U 25 32.15 -53.85 109.49
N SER U 26 32.25 -52.94 108.53
CA SER U 26 33.46 -52.77 107.72
C SER U 26 34.67 -52.51 108.61
N SER U 27 34.48 -51.67 109.63
CA SER U 27 35.56 -51.31 110.54
C SER U 27 36.25 -52.56 111.07
N LYS U 28 35.48 -53.44 111.70
CA LYS U 28 36.03 -54.67 112.27
C LYS U 28 36.86 -55.41 111.22
N ILE U 29 36.37 -55.45 109.99
CA ILE U 29 37.08 -56.13 108.91
C ILE U 29 38.32 -55.34 108.52
N LYS U 30 38.13 -54.17 107.91
CA LYS U 30 39.24 -53.34 107.47
C LYS U 30 40.37 -53.38 108.49
N ILE U 31 40.03 -53.16 109.76
CA ILE U 31 41.03 -53.19 110.82
C ILE U 31 41.73 -54.54 110.87
N GLY U 32 40.98 -55.56 111.25
CA GLY U 32 41.54 -56.90 111.33
C GLY U 32 42.40 -57.24 110.13
N PHE U 33 41.87 -57.00 108.94
CA PHE U 33 42.60 -57.29 107.72
C PHE U 33 43.85 -56.43 107.60
N GLY U 34 43.68 -55.11 107.69
CA GLY U 34 44.83 -54.22 107.58
C GLY U 34 45.82 -54.51 108.68
N ARG U 35 45.32 -54.85 109.85
CA ARG U 35 46.17 -55.17 110.99
C ARG U 35 47.07 -56.32 110.57
N LEU U 36 46.45 -57.41 110.19
CA LEU U 36 47.18 -58.60 109.77
C LEU U 36 48.17 -58.28 108.66
N LEU U 37 47.72 -57.57 107.63
CA LEU U 37 48.60 -57.21 106.52
C LEU U 37 49.88 -56.52 106.95
N LEU U 38 49.77 -55.53 107.83
CA LEU U 38 50.96 -54.84 108.30
C LEU U 38 51.79 -55.75 109.19
N THR U 39 51.14 -56.49 110.09
CA THR U 39 51.84 -57.43 110.98
C THR U 39 52.72 -58.35 110.15
N LYS U 40 52.08 -59.09 109.24
CA LYS U 40 52.79 -60.03 108.36
C LYS U 40 53.90 -59.34 107.59
N LEU U 41 53.88 -58.02 107.55
CA LEU U 41 54.94 -57.32 106.85
C LEU U 41 56.10 -57.22 107.82
N ALA U 42 55.82 -56.74 109.03
CA ALA U 42 56.86 -56.59 110.06
C ALA U 42 57.48 -57.95 110.37
N LYS U 43 56.72 -59.00 110.13
CA LYS U 43 57.18 -60.36 110.37
C LYS U 43 58.32 -60.69 109.42
N ASP U 44 58.12 -60.44 108.13
CA ASP U 44 59.13 -60.72 107.11
C ASP U 44 60.23 -59.66 107.01
N ILE U 45 59.95 -58.45 107.48
CA ILE U 45 60.94 -57.38 107.46
C ILE U 45 60.74 -56.51 108.68
N PRO U 46 61.52 -56.76 109.73
CA PRO U 46 61.48 -56.05 111.01
C PRO U 46 61.82 -54.57 111.01
N GLU U 47 62.74 -54.16 110.15
CA GLU U 47 63.13 -52.75 110.13
C GLU U 47 61.89 -51.91 109.96
N VAL U 48 60.76 -52.59 109.75
CA VAL U 48 59.47 -51.94 109.57
C VAL U 48 58.91 -51.56 110.93
N ASN U 49 59.02 -52.48 111.87
CA ASN U 49 58.52 -52.24 113.22
C ASN U 49 58.88 -50.85 113.74
N ASP U 50 60.05 -50.36 113.37
CA ASP U 50 60.50 -49.05 113.82
C ASP U 50 59.79 -47.91 113.12
N LEU U 51 59.33 -48.16 111.90
CA LEU U 51 58.65 -47.15 111.11
C LEU U 51 57.25 -46.93 111.66
N PHE U 52 56.58 -48.03 111.96
CA PHE U 52 55.24 -48.00 112.50
C PHE U 52 55.24 -47.83 114.01
N LYS U 53 56.41 -47.53 114.55
CA LYS U 53 56.59 -47.32 115.97
C LYS U 53 55.69 -46.17 116.41
N ARG U 54 55.73 -45.12 115.60
CA ARG U 54 54.95 -43.90 115.82
C ARG U 54 53.47 -44.16 116.07
N VAL U 55 52.94 -45.23 115.46
CA VAL U 55 51.53 -45.56 115.61
C VAL U 55 51.30 -46.74 116.53
N ASP U 56 52.25 -46.96 117.44
CA ASP U 56 52.13 -48.05 118.43
C ASP U 56 51.80 -49.38 117.78
N ILE U 57 52.60 -49.79 116.80
CA ILE U 57 52.38 -51.07 116.13
C ILE U 57 52.65 -52.18 117.12
N GLU U 58 53.34 -51.83 118.19
CA GLU U 58 53.66 -52.79 119.23
C GLU U 58 52.36 -53.37 119.77
N HIS U 59 51.30 -52.56 119.83
CA HIS U 59 49.99 -53.02 120.31
C HIS U 59 49.05 -53.13 119.14
N ALA U 60 49.10 -54.26 118.45
CA ALA U 60 48.25 -54.50 117.30
C ALA U 60 46.80 -54.10 117.50
N GLU U 61 46.24 -54.48 118.64
CA GLU U 61 44.83 -54.19 118.96
C GLU U 61 44.65 -52.81 119.56
N GLY U 62 45.78 -52.15 119.82
CA GLY U 62 45.76 -50.82 120.41
C GLY U 62 45.11 -49.83 119.48
N PRO U 63 44.14 -49.05 119.95
CA PRO U 63 43.48 -48.07 119.10
C PRO U 63 44.47 -47.29 118.23
N LYS U 64 45.57 -46.87 118.82
CA LYS U 64 46.58 -46.11 118.08
C LYS U 64 46.85 -46.75 116.74
N PHE U 65 47.09 -48.06 116.75
CA PHE U 65 47.37 -48.81 115.53
C PHE U 65 46.10 -49.14 114.77
N SER U 66 45.05 -49.56 115.46
CA SER U 66 43.79 -49.88 114.79
C SER U 66 43.38 -48.72 113.89
N ALA U 67 43.52 -47.50 114.38
CA ALA U 67 43.16 -46.35 113.59
C ALA U 67 43.99 -46.42 112.33
N HIS U 68 45.30 -46.51 112.52
CA HIS U 68 46.23 -46.57 111.40
C HIS U 68 45.81 -47.65 110.41
N ALA U 69 45.57 -48.85 110.93
CA ALA U 69 45.16 -49.97 110.11
C ALA U 69 44.10 -49.48 109.15
N LEU U 70 43.16 -48.69 109.64
CA LEU U 70 42.11 -48.16 108.79
C LEU U 70 42.70 -47.24 107.75
N ARG U 71 43.28 -46.14 108.21
CA ARG U 71 43.87 -45.17 107.31
C ARG U 71 44.52 -45.81 106.11
N ILE U 72 45.43 -46.75 106.33
CA ILE U 72 46.10 -47.40 105.21
C ILE U 72 45.14 -48.23 104.37
N LEU U 73 44.55 -49.24 104.99
CA LEU U 73 43.61 -50.10 104.32
C LEU U 73 42.59 -49.23 103.58
N ASN U 74 42.15 -48.15 104.20
CA ASN U 74 41.18 -47.26 103.60
C ASN U 74 41.77 -46.49 102.42
N GLY U 75 43.08 -46.29 102.44
CA GLY U 75 43.74 -45.60 101.36
C GLY U 75 43.73 -46.50 100.17
N LEU U 76 44.01 -47.78 100.41
CA LEU U 76 43.99 -48.76 99.35
C LEU U 76 42.60 -48.72 98.70
N ASP U 77 41.57 -48.54 99.52
CA ASP U 77 40.20 -48.45 99.04
C ASP U 77 40.16 -47.31 98.03
N LEU U 78 40.49 -46.11 98.50
CA LEU U 78 40.52 -44.94 97.64
C LEU U 78 41.17 -45.27 96.30
N ALA U 79 42.36 -45.84 96.35
CA ALA U 79 43.08 -46.20 95.13
C ALA U 79 42.19 -47.01 94.22
N ILE U 80 41.71 -48.14 94.73
CA ILE U 80 40.85 -49.02 93.96
C ILE U 80 39.62 -48.28 93.43
N ASN U 81 38.93 -47.54 94.29
CA ASN U 81 37.73 -46.83 93.86
C ASN U 81 37.94 -45.71 92.86
N LEU U 82 39.20 -45.37 92.59
CA LEU U 82 39.48 -44.32 91.63
C LEU U 82 40.10 -44.93 90.40
N LEU U 83 40.15 -46.26 90.35
CA LEU U 83 40.73 -46.95 89.20
C LEU U 83 40.07 -46.55 87.89
N ASP U 84 38.81 -46.13 87.95
CA ASP U 84 38.11 -45.74 86.75
C ASP U 84 38.11 -44.23 86.60
N ASP U 85 39.30 -43.63 86.52
CA ASP U 85 39.49 -42.18 86.35
C ASP U 85 40.97 -41.94 86.56
N PRO U 86 41.80 -42.48 85.65
CA PRO U 86 43.25 -42.35 85.70
C PRO U 86 43.83 -41.03 86.22
N PRO U 87 43.38 -39.88 85.69
CA PRO U 87 43.91 -38.59 86.16
C PRO U 87 43.72 -38.39 87.65
N ALA U 88 42.52 -38.70 88.13
CA ALA U 88 42.20 -38.57 89.56
C ALA U 88 43.03 -39.57 90.36
N LEU U 89 42.93 -40.84 89.99
CA LEU U 89 43.69 -41.87 90.66
C LEU U 89 45.14 -41.45 90.70
N ASP U 90 45.67 -40.99 89.58
CA ASP U 90 47.05 -40.55 89.51
C ASP U 90 47.29 -39.58 90.63
N ALA U 91 46.61 -38.44 90.57
CA ALA U 91 46.75 -37.43 91.61
C ALA U 91 46.65 -38.01 93.01
N ALA U 92 45.59 -38.78 93.24
CA ALA U 92 45.35 -39.43 94.54
C ALA U 92 46.55 -40.22 95.05
N LEU U 93 47.20 -40.95 94.16
CA LEU U 93 48.37 -41.75 94.49
C LEU U 93 49.61 -40.89 94.66
N ASP U 94 49.82 -39.94 93.75
CA ASP U 94 50.99 -39.06 93.84
C ASP U 94 51.00 -38.50 95.25
N HIS U 95 49.84 -38.08 95.72
CA HIS U 95 49.70 -37.52 97.06
C HIS U 95 50.20 -38.55 98.07
N LEU U 96 49.83 -39.81 97.89
CA LEU U 96 50.26 -40.86 98.81
C LEU U 96 51.78 -41.03 98.74
N ALA U 97 52.35 -40.76 97.58
CA ALA U 97 53.79 -40.87 97.43
C ALA U 97 54.42 -39.88 98.41
N HIS U 98 54.02 -38.62 98.31
CA HIS U 98 54.56 -37.57 99.17
C HIS U 98 54.38 -37.90 100.64
N GLN U 99 53.26 -38.50 101.01
CA GLN U 99 53.03 -38.82 102.41
C GLN U 99 53.99 -39.89 102.89
N HIS U 100 54.62 -40.59 101.96
CA HIS U 100 55.57 -41.64 102.29
C HIS U 100 57.00 -41.18 102.06
N GLU U 101 57.18 -40.18 101.21
CA GLU U 101 58.51 -39.67 100.94
C GLU U 101 59.16 -39.10 102.19
N VAL U 102 58.41 -38.29 102.93
CA VAL U 102 58.93 -37.67 104.15
C VAL U 102 59.00 -38.60 105.33
N ARG U 103 58.77 -39.88 105.12
CA ARG U 103 58.86 -40.85 106.19
C ARG U 103 60.09 -41.69 105.93
N GLU U 104 61.25 -41.21 106.38
CA GLU U 104 62.49 -41.93 106.14
C GLU U 104 62.47 -43.31 106.78
N GLY U 105 63.12 -44.25 106.10
CA GLY U 105 63.18 -45.62 106.60
C GLY U 105 62.41 -46.50 105.65
N VAL U 106 61.39 -45.91 105.03
CA VAL U 106 60.54 -46.62 104.11
C VAL U 106 61.22 -46.74 102.78
N GLN U 107 61.59 -47.95 102.39
CA GLN U 107 62.25 -48.19 101.10
C GLN U 107 61.40 -49.03 100.16
N LYS U 108 61.69 -48.97 98.87
CA LYS U 108 60.94 -49.70 97.87
C LYS U 108 60.72 -51.16 98.20
N ALA U 109 61.80 -51.88 98.50
CA ALA U 109 61.72 -53.30 98.82
C ALA U 109 60.56 -53.62 99.76
N HIS U 110 60.14 -52.64 100.56
CA HIS U 110 59.05 -52.81 101.51
C HIS U 110 57.74 -53.04 100.76
N PHE U 111 57.45 -52.17 99.80
CA PHE U 111 56.25 -52.28 99.00
C PHE U 111 56.25 -53.57 98.21
N LYS U 112 57.36 -53.87 97.54
CA LYS U 112 57.42 -55.12 96.78
C LYS U 112 56.92 -56.25 97.65
N LYS U 113 57.39 -56.30 98.89
CA LYS U 113 56.99 -57.36 99.83
C LYS U 113 55.51 -57.24 100.19
N PHE U 114 55.10 -56.05 100.60
CA PHE U 114 53.72 -55.82 100.98
C PHE U 114 52.83 -56.29 99.84
N GLY U 115 53.28 -56.10 98.62
CA GLY U 115 52.48 -56.51 97.48
C GLY U 115 52.29 -58.01 97.49
N GLU U 116 53.41 -58.72 97.62
CA GLU U 116 53.36 -60.17 97.64
C GLU U 116 52.44 -60.65 98.74
N ILE U 117 52.49 -59.96 99.89
CA ILE U 117 51.66 -60.34 101.04
C ILE U 117 50.20 -60.11 100.75
N LEU U 118 49.92 -58.95 100.20
CA LEU U 118 48.57 -58.54 99.85
C LEU U 118 47.96 -59.52 98.86
N ALA U 119 48.79 -59.98 97.93
CA ALA U 119 48.35 -60.90 96.91
C ALA U 119 48.07 -62.29 97.46
N THR U 120 48.68 -62.62 98.58
CA THR U 120 48.48 -63.94 99.18
C THR U 120 47.34 -63.86 100.15
N GLY U 121 47.05 -62.65 100.61
CA GLY U 121 45.99 -62.45 101.57
C GLY U 121 44.58 -62.32 101.01
N LEU U 122 44.42 -61.41 100.04
CA LEU U 122 43.13 -61.19 99.42
C LEU U 122 42.37 -62.47 99.13
N PRO U 123 42.97 -63.38 98.35
CA PRO U 123 42.30 -64.65 98.01
C PRO U 123 41.88 -65.51 99.20
N GLN U 124 42.21 -65.07 100.40
CA GLN U 124 41.85 -65.81 101.60
C GLN U 124 40.55 -65.31 102.16
N VAL U 125 40.16 -64.10 101.79
CA VAL U 125 38.92 -63.52 102.28
C VAL U 125 37.90 -63.39 101.17
N LEU U 126 38.37 -63.41 99.94
CA LEU U 126 37.48 -63.29 98.79
C LEU U 126 37.40 -64.63 98.11
N ASP U 127 36.19 -65.19 98.00
CA ASP U 127 36.03 -66.48 97.34
C ASP U 127 36.28 -66.34 95.84
N ASP U 128 35.89 -65.19 95.29
CA ASP U 128 36.10 -64.93 93.87
C ASP U 128 37.24 -63.95 93.72
N TYR U 129 38.38 -64.47 93.27
CA TYR U 129 39.60 -63.67 93.11
C TYR U 129 40.25 -63.97 91.76
N ASP U 130 40.63 -62.92 91.05
CA ASP U 130 41.28 -63.09 89.76
C ASP U 130 42.69 -62.59 89.87
N ALA U 131 43.57 -63.45 90.33
CA ALA U 131 44.97 -63.10 90.54
C ALA U 131 45.58 -62.22 89.43
N LEU U 132 45.36 -62.59 88.17
CA LEU U 132 45.90 -61.82 87.07
C LEU U 132 45.47 -60.38 87.08
N ALA U 133 44.17 -60.14 87.18
CA ALA U 133 43.66 -58.77 87.20
C ALA U 133 44.24 -58.00 88.37
N TRP U 134 44.09 -58.55 89.56
CA TRP U 134 44.61 -57.89 90.74
C TRP U 134 46.08 -57.54 90.67
N LYS U 135 46.93 -58.54 90.43
CA LYS U 135 48.37 -58.30 90.37
C LYS U 135 48.63 -57.13 89.44
N SER U 136 47.97 -57.12 88.28
CA SER U 136 48.13 -56.05 87.30
C SER U 136 47.87 -54.69 87.92
N CYS U 137 46.74 -54.54 88.59
CA CYS U 137 46.37 -53.28 89.22
C CYS U 137 47.16 -52.95 90.49
N LEU U 138 47.29 -53.90 91.39
CA LEU U 138 48.04 -53.63 92.61
C LEU U 138 49.43 -53.12 92.26
N LYS U 139 50.03 -53.68 91.21
CA LYS U 139 51.37 -53.26 90.80
C LYS U 139 51.36 -51.78 90.51
N GLY U 140 50.54 -51.38 89.55
CA GLY U 140 50.43 -49.97 89.18
C GLY U 140 50.27 -49.07 90.40
N ILE U 141 49.47 -49.49 91.36
CA ILE U 141 49.23 -48.69 92.54
C ILE U 141 50.44 -48.62 93.42
N LEU U 142 50.87 -49.77 93.93
CA LEU U 142 52.03 -49.83 94.80
C LEU U 142 53.22 -49.06 94.23
N THR U 143 53.47 -49.24 92.93
CA THR U 143 54.58 -48.55 92.28
C THR U 143 54.46 -47.03 92.39
N LYS U 144 53.35 -46.50 91.89
CA LYS U 144 53.12 -45.06 91.91
C LYS U 144 53.18 -44.47 93.30
N ILE U 145 52.85 -45.27 94.31
CA ILE U 145 52.89 -44.78 95.69
C ILE U 145 54.30 -44.65 96.25
N SER U 146 55.17 -45.56 95.86
CA SER U 146 56.54 -45.57 96.32
C SER U 146 57.54 -44.89 95.39
N SER U 147 57.06 -44.52 94.21
CA SER U 147 57.90 -44.34 93.06
C SER U 147 58.70 -43.13 93.36
N ARG U 148 58.03 -42.23 94.10
CA ARG U 148 58.83 -41.28 94.78
C ARG U 148 59.28 -41.84 96.07
N LEU U 149 60.60 -41.70 96.29
CA LEU U 149 61.34 -42.21 97.38
C LEU U 149 61.51 -40.97 98.25
N GLU V 1 43.29 -74.01 117.58
CA GLU V 1 41.94 -73.63 117.11
C GLU V 1 42.06 -73.27 115.68
N CYS V 2 41.16 -72.40 115.19
CA CYS V 2 41.10 -72.18 113.77
C CYS V 2 41.73 -70.84 113.48
N LEU V 3 41.88 -70.52 112.18
CA LEU V 3 42.51 -69.29 111.78
C LEU V 3 41.43 -68.27 111.60
N VAL V 4 41.77 -67.00 111.88
CA VAL V 4 40.81 -65.96 111.97
C VAL V 4 40.14 -65.77 110.64
N THR V 5 40.89 -65.96 109.53
CA THR V 5 40.31 -65.98 108.20
C THR V 5 39.51 -67.26 107.95
N GLU V 6 40.11 -68.40 108.29
CA GLU V 6 39.44 -69.68 108.11
C GLU V 6 38.06 -69.67 108.74
N SER V 7 37.77 -68.71 109.60
CA SER V 7 36.46 -68.61 110.24
C SER V 7 35.59 -67.75 109.37
N LEU V 8 35.98 -66.49 109.21
CA LEU V 8 35.25 -65.53 108.40
C LEU V 8 34.79 -66.20 107.11
N LYS V 9 35.65 -67.03 106.54
CA LYS V 9 35.33 -67.75 105.32
C LYS V 9 34.09 -68.62 105.53
N VAL V 10 34.08 -69.37 106.63
CA VAL V 10 32.95 -70.21 106.94
C VAL V 10 31.75 -69.36 107.32
N LYS V 11 31.96 -68.38 108.18
CA LYS V 11 30.88 -67.50 108.62
C LYS V 11 30.17 -66.97 107.37
N LEU V 12 30.96 -66.60 106.37
CA LEU V 12 30.45 -66.05 105.12
C LEU V 12 29.75 -67.08 104.28
N GLN V 13 30.43 -68.18 103.98
CA GLN V 13 29.83 -69.23 103.17
C GLN V 13 28.58 -69.82 103.79
N TRP V 14 28.57 -69.92 105.12
CA TRP V 14 27.40 -70.45 105.80
C TRP V 14 26.22 -69.60 105.40
N ALA V 15 26.43 -68.30 105.36
CA ALA V 15 25.37 -67.38 105.00
C ALA V 15 24.70 -67.78 103.70
N SER V 16 25.47 -67.80 102.61
CA SER V 16 24.96 -68.13 101.29
C SER V 16 24.30 -69.49 101.23
N ALA V 17 24.97 -70.49 101.79
CA ALA V 17 24.46 -71.85 101.80
C ALA V 17 23.17 -72.05 102.58
N PHE V 18 23.21 -71.73 103.88
CA PHE V 18 22.06 -71.89 104.75
C PHE V 18 20.88 -71.16 104.14
N GLY V 19 20.98 -69.85 104.03
CA GLY V 19 19.92 -69.07 103.44
C GLY V 19 18.94 -68.47 104.41
N HIS V 20 17.72 -68.24 103.95
CA HIS V 20 16.67 -67.66 104.78
C HIS V 20 15.32 -68.34 104.59
N ALA V 21 14.49 -68.28 105.62
CA ALA V 21 13.14 -68.86 105.58
C ALA V 21 13.12 -70.29 105.06
N HIS V 22 12.16 -70.55 104.18
CA HIS V 22 11.99 -71.88 103.61
C HIS V 22 13.30 -72.46 103.11
N GLU V 23 14.10 -71.66 102.41
CA GLU V 23 15.36 -72.12 101.86
C GLU V 23 16.12 -72.98 102.85
N ARG V 24 15.91 -72.70 104.13
CA ARG V 24 16.56 -73.42 105.22
C ARG V 24 15.95 -74.78 105.47
N VAL V 25 14.65 -74.79 105.73
CA VAL V 25 13.97 -76.06 105.98
C VAL V 25 14.41 -77.06 104.92
N ALA V 26 14.49 -76.57 103.68
CA ALA V 26 14.90 -77.38 102.54
C ALA V 26 16.27 -77.94 102.81
N PHE V 27 17.17 -77.08 103.25
CA PHE V 27 18.53 -77.49 103.56
C PHE V 27 18.48 -78.55 104.64
N GLY V 28 17.91 -78.19 105.79
CA GLY V 28 17.82 -79.12 106.90
C GLY V 28 17.33 -80.47 106.44
N LEU V 29 16.17 -80.47 105.78
CA LEU V 29 15.60 -81.71 105.27
C LEU V 29 16.61 -82.51 104.43
N GLU V 30 17.08 -81.91 103.35
CA GLU V 30 18.05 -82.58 102.47
C GLU V 30 19.18 -83.19 103.30
N LEU V 31 19.67 -82.46 104.28
CA LEU V 31 20.75 -82.93 105.14
C LEU V 31 20.39 -84.19 105.90
N TRP V 32 19.40 -84.09 106.79
CA TRP V 32 19.00 -85.24 107.58
C TRP V 32 18.62 -86.44 106.77
N ARG V 33 18.02 -86.24 105.60
CA ARG V 33 17.63 -87.38 104.77
C ARG V 33 18.89 -88.16 104.42
N ASP V 34 19.86 -87.49 103.81
CA ASP V 34 21.11 -88.14 103.44
C ASP V 34 21.76 -88.84 104.63
N ILE V 35 21.67 -88.22 105.80
CA ILE V 35 22.26 -88.80 107.02
C ILE V 35 21.57 -90.07 107.45
N ILE V 36 20.25 -90.02 107.55
CA ILE V 36 19.49 -91.17 107.97
C ILE V 36 19.53 -92.34 106.98
N ASP V 37 19.65 -92.06 105.69
CA ASP V 37 19.71 -93.14 104.73
C ASP V 37 21.02 -93.89 104.85
N ASP V 38 22.07 -93.15 105.20
CA ASP V 38 23.40 -93.72 105.34
C ASP V 38 23.51 -94.53 106.63
N HIS V 39 22.93 -94.03 107.71
CA HIS V 39 22.97 -94.69 109.01
C HIS V 39 21.62 -94.68 109.72
N PRO V 40 20.71 -95.57 109.31
CA PRO V 40 19.38 -95.66 109.90
C PRO V 40 19.37 -95.90 111.40
N GLU V 41 20.53 -96.13 111.98
CA GLU V 41 20.62 -96.36 113.41
C GLU V 41 20.18 -95.10 114.15
N ILE V 42 20.28 -93.97 113.48
CA ILE V 42 19.93 -92.69 114.09
C ILE V 42 18.44 -92.46 114.31
N LYS V 43 17.60 -93.07 113.50
CA LYS V 43 16.16 -92.88 113.66
C LYS V 43 15.74 -93.21 115.09
N ALA V 44 16.65 -93.84 115.84
CA ALA V 44 16.37 -94.24 117.21
C ALA V 44 16.16 -93.09 118.19
N PRO V 45 17.23 -92.34 118.51
CA PRO V 45 17.09 -91.22 119.45
C PRO V 45 16.15 -90.12 119.00
N PHE V 46 15.92 -90.05 117.70
CA PHE V 46 15.04 -89.04 117.12
C PHE V 46 13.59 -89.50 117.21
N SER V 47 13.34 -90.46 118.09
CA SER V 47 12.00 -91.01 118.27
C SER V 47 11.04 -89.96 118.82
N ARG V 48 11.56 -89.07 119.66
CA ARG V 48 10.74 -88.05 120.27
C ARG V 48 10.24 -87.06 119.23
N VAL V 49 11.07 -86.78 118.24
CA VAL V 49 10.74 -85.84 117.18
C VAL V 49 10.46 -86.56 115.85
N ARG V 50 9.53 -87.51 115.88
CA ARG V 50 9.16 -88.29 114.70
C ARG V 50 10.27 -88.36 113.68
N GLY V 51 11.31 -89.12 114.01
CA GLY V 51 12.44 -89.28 113.12
C GLY V 51 12.17 -90.25 112.01
N ASP V 52 11.07 -90.99 112.10
CA ASP V 52 10.71 -91.96 111.08
C ASP V 52 10.28 -91.22 109.82
N ASN V 53 9.53 -90.13 110.03
CA ASN V 53 9.01 -89.27 108.95
C ASN V 53 9.69 -87.89 109.03
N ILE V 54 10.83 -87.74 108.37
CA ILE V 54 11.56 -86.49 108.40
C ILE V 54 10.81 -85.35 107.76
N TYR V 55 9.80 -85.65 106.95
CA TYR V 55 9.04 -84.59 106.29
C TYR V 55 7.97 -84.01 107.22
N SER V 56 7.74 -84.68 108.34
CA SER V 56 6.72 -84.25 109.29
C SER V 56 7.08 -82.93 109.91
N PRO V 57 6.09 -82.19 110.41
CA PRO V 57 6.35 -80.90 111.01
C PRO V 57 7.12 -81.10 112.33
N GLU V 58 6.77 -82.15 113.06
CA GLU V 58 7.44 -82.44 114.32
C GLU V 58 8.95 -82.49 114.10
N PHE V 59 9.38 -83.29 113.15
CA PHE V 59 10.81 -83.42 112.84
C PHE V 59 11.31 -82.14 112.20
N GLY V 60 10.52 -81.59 111.29
CA GLY V 60 10.90 -80.35 110.63
C GLY V 60 11.33 -79.33 111.66
N ALA V 61 10.52 -79.19 112.71
CA ALA V 61 10.81 -78.24 113.78
C ALA V 61 12.19 -78.56 114.26
N HIS V 62 12.36 -79.78 114.75
CA HIS V 62 13.65 -80.25 115.24
C HIS V 62 14.77 -79.84 114.29
N SER V 63 14.68 -80.34 113.07
CA SER V 63 15.64 -80.04 112.02
C SER V 63 16.13 -78.62 112.11
N GLN V 64 15.18 -77.70 112.13
CA GLN V 64 15.47 -76.27 112.21
C GLN V 64 16.22 -75.91 113.50
N ARG V 65 15.69 -76.32 114.65
CA ARG V 65 16.31 -76.03 115.93
C ARG V 65 17.79 -76.39 115.88
N VAL V 66 18.08 -77.53 115.26
CA VAL V 66 19.45 -78.01 115.12
C VAL V 66 20.27 -77.01 114.32
N LEU V 67 19.96 -76.89 113.04
CA LEU V 67 20.68 -75.98 112.20
C LEU V 67 20.89 -74.65 112.92
N SER V 68 19.85 -74.15 113.60
CA SER V 68 19.96 -72.88 114.29
C SER V 68 21.14 -72.89 115.23
N GLY V 69 21.20 -73.91 116.08
CA GLY V 69 22.31 -74.02 117.01
C GLY V 69 23.64 -74.00 116.27
N LEU V 70 23.68 -74.71 115.16
CA LEU V 70 24.87 -74.76 114.33
C LEU V 70 25.17 -73.34 113.90
N ASP V 71 24.14 -72.57 113.58
CA ASP V 71 24.35 -71.19 113.17
C ASP V 71 25.04 -70.46 114.29
N ILE V 72 24.50 -70.57 115.50
CA ILE V 72 25.10 -69.92 116.67
C ILE V 72 26.56 -70.25 116.79
N THR V 73 26.87 -71.53 116.98
CA THR V 73 28.25 -71.94 117.09
C THR V 73 29.09 -71.27 116.02
N ILE V 74 28.72 -71.42 114.75
CA ILE V 74 29.48 -70.79 113.67
C ILE V 74 29.63 -69.29 113.83
N SER V 75 28.55 -68.56 114.17
CA SER V 75 28.76 -67.13 114.21
C SER V 75 29.44 -66.82 115.50
N MET V 76 29.47 -67.81 116.41
CA MET V 76 30.15 -67.79 117.67
C MET V 76 31.63 -67.81 117.46
N LEU V 77 32.11 -68.53 116.43
CA LEU V 77 33.47 -68.94 116.24
C LEU V 77 34.35 -67.71 116.20
N ASP V 78 33.93 -66.72 115.42
CA ASP V 78 34.72 -65.61 114.99
C ASP V 78 35.33 -64.92 116.17
N THR V 79 34.57 -64.76 117.27
CA THR V 79 35.10 -64.15 118.43
C THR V 79 35.26 -65.21 119.46
N PRO V 80 36.47 -65.47 119.81
CA PRO V 80 36.87 -66.59 120.66
C PRO V 80 36.19 -66.69 122.02
N ASP V 81 36.11 -65.56 122.74
CA ASP V 81 35.50 -65.56 124.07
C ASP V 81 34.07 -66.07 124.07
N MET V 82 33.31 -65.76 123.01
CA MET V 82 31.93 -66.19 122.92
C MET V 82 31.86 -67.66 122.51
N LEU V 83 32.72 -68.03 121.57
CA LEU V 83 32.74 -69.41 121.10
C LEU V 83 33.11 -70.36 122.22
N ALA V 84 34.25 -70.10 122.84
CA ALA V 84 34.73 -70.92 123.94
C ALA V 84 33.61 -71.16 124.94
N ALA V 85 32.83 -70.10 125.20
CA ALA V 85 31.72 -70.16 126.13
C ALA V 85 30.57 -70.98 125.57
N GLN V 86 30.16 -70.63 124.36
CA GLN V 86 29.06 -71.31 123.68
C GLN V 86 29.36 -72.79 123.57
N LEU V 87 30.57 -73.12 123.12
CA LEU V 87 30.95 -74.51 122.98
C LEU V 87 30.80 -75.22 124.31
N ALA V 88 31.39 -74.66 125.35
CA ALA V 88 31.30 -75.26 126.67
C ALA V 88 29.85 -75.51 127.04
N HIS V 89 28.99 -74.54 126.72
CA HIS V 89 27.57 -74.65 127.00
C HIS V 89 26.95 -75.84 126.26
N LEU V 90 27.37 -76.06 125.03
CA LEU V 90 26.83 -77.15 124.24
C LEU V 90 27.30 -78.49 124.78
N LYS V 91 28.56 -78.55 125.18
CA LYS V 91 29.13 -79.79 125.68
C LYS V 91 28.28 -80.35 126.82
N VAL V 92 27.83 -79.46 127.69
CA VAL V 92 27.01 -79.86 128.82
C VAL V 92 25.70 -80.50 128.37
N GLN V 93 24.99 -79.85 127.46
CA GLN V 93 23.72 -80.36 126.98
C GLN V 93 23.86 -81.74 126.33
N HIS V 94 25.10 -82.16 126.13
CA HIS V 94 25.37 -83.46 125.50
C HIS V 94 25.96 -84.51 126.42
N VAL V 95 27.05 -84.18 127.09
CA VAL V 95 27.71 -85.10 128.00
C VAL V 95 26.75 -85.97 128.82
N GLU V 96 25.68 -85.33 129.33
CA GLU V 96 24.79 -85.94 130.26
C GLU V 96 24.25 -87.13 129.57
N ARG V 97 23.65 -86.86 128.40
CA ARG V 97 23.11 -87.94 127.65
C ARG V 97 24.25 -88.64 127.06
N ASN V 98 23.97 -89.88 126.67
CA ASN V 98 24.96 -90.71 126.09
C ASN V 98 24.72 -90.68 124.65
N LEU V 99 25.81 -90.65 123.91
CA LEU V 99 25.60 -90.68 122.52
C LEU V 99 26.67 -91.56 121.98
N LYS V 100 26.67 -91.80 120.65
CA LYS V 100 27.82 -92.40 120.08
C LYS V 100 28.55 -91.34 119.36
N PRO V 101 29.79 -91.24 119.71
CA PRO V 101 30.65 -90.20 119.26
C PRO V 101 30.73 -90.18 117.77
N GLU V 102 30.65 -91.35 117.13
CA GLU V 102 30.84 -91.44 115.69
C GLU V 102 29.69 -90.78 114.91
N PHE V 103 28.54 -90.65 115.55
CA PHE V 103 27.37 -90.03 114.92
C PHE V 103 27.72 -88.65 114.42
N PHE V 104 28.41 -87.90 115.25
CA PHE V 104 28.81 -86.54 114.90
C PHE V 104 29.78 -86.56 113.75
N ASP V 105 30.70 -87.51 113.74
CA ASP V 105 31.66 -87.61 112.65
C ASP V 105 30.90 -87.82 111.36
N ILE V 106 29.72 -88.44 111.49
CA ILE V 106 28.84 -88.70 110.35
C ILE V 106 28.16 -87.40 109.97
N PHE V 107 27.50 -86.79 110.94
CA PHE V 107 26.82 -85.53 110.72
C PHE V 107 27.72 -84.60 109.94
N LEU V 108 28.96 -84.44 110.42
CA LEU V 108 29.92 -83.56 109.77
C LEU V 108 30.14 -83.99 108.33
N LYS V 109 30.36 -85.28 108.11
CA LYS V 109 30.60 -85.78 106.76
C LYS V 109 29.56 -85.22 105.80
N HIS V 110 28.28 -85.38 106.16
CA HIS V 110 27.19 -84.88 105.31
C HIS V 110 27.07 -83.36 105.24
N LEU V 111 27.11 -82.69 106.39
CA LEU V 111 27.01 -81.25 106.40
C LEU V 111 27.95 -80.68 105.35
N LEU V 112 29.13 -81.29 105.20
CA LEU V 112 30.11 -80.84 104.22
C LEU V 112 29.69 -81.25 102.82
N HIS V 113 29.20 -82.47 102.70
CA HIS V 113 28.73 -82.97 101.42
C HIS V 113 27.67 -82.02 100.88
N VAL V 114 26.69 -81.68 101.73
CA VAL V 114 25.61 -80.79 101.34
C VAL V 114 26.13 -79.40 100.98
N LEU V 115 26.88 -78.76 101.88
CA LEU V 115 27.41 -77.44 101.60
C LEU V 115 28.16 -77.50 100.28
N GLY V 116 28.77 -78.65 100.02
CA GLY V 116 29.52 -78.83 98.80
C GLY V 116 28.62 -78.56 97.62
N ASP V 117 27.44 -79.16 97.61
CA ASP V 117 26.49 -78.96 96.54
C ASP V 117 26.07 -77.51 96.48
N ARG V 118 25.56 -77.00 97.60
CA ARG V 118 25.11 -75.62 97.67
C ARG V 118 26.13 -74.58 97.21
N LEU V 119 27.34 -74.66 97.75
CA LEU V 119 28.36 -73.69 97.40
C LEU V 119 29.12 -73.94 96.10
N GLY V 120 29.21 -75.21 95.70
CA GLY V 120 29.92 -75.50 94.47
C GLY V 120 31.40 -75.74 94.66
N THR V 121 32.20 -75.27 93.70
CA THR V 121 33.65 -75.47 93.77
C THR V 121 34.34 -74.44 94.66
N HIS V 122 33.64 -73.34 94.93
CA HIS V 122 34.20 -72.28 95.77
C HIS V 122 34.31 -72.76 97.21
N PHE V 123 33.45 -73.71 97.57
CA PHE V 123 33.39 -74.26 98.90
C PHE V 123 34.76 -74.51 99.47
N ASP V 124 35.12 -73.78 100.53
CA ASP V 124 36.44 -73.97 101.14
C ASP V 124 36.42 -75.12 102.13
N PHE V 125 36.50 -76.33 101.60
CA PHE V 125 36.50 -77.54 102.38
C PHE V 125 37.46 -77.41 103.55
N GLY V 126 38.70 -77.09 103.24
CA GLY V 126 39.70 -76.94 104.27
C GLY V 126 39.17 -76.16 105.46
N ALA V 127 38.82 -74.90 105.20
CA ALA V 127 38.31 -74.02 106.25
C ALA V 127 37.19 -74.67 107.08
N TRP V 128 36.20 -75.23 106.40
CA TRP V 128 35.10 -75.84 107.12
C TRP V 128 35.56 -77.00 107.98
N HIS V 129 36.23 -77.98 107.36
CA HIS V 129 36.69 -79.16 108.09
C HIS V 129 37.41 -78.72 109.36
N ASP V 130 38.42 -77.88 109.18
CA ASP V 130 39.18 -77.38 110.32
C ASP V 130 38.28 -76.69 111.32
N CYS V 131 37.32 -75.94 110.81
CA CYS V 131 36.44 -75.18 111.69
C CYS V 131 35.20 -75.84 112.30
N VAL V 132 34.41 -76.54 111.50
CA VAL V 132 33.23 -77.19 112.04
C VAL V 132 33.66 -78.31 112.97
N ASP V 133 34.80 -78.93 112.65
CA ASP V 133 35.31 -80.03 113.45
C ASP V 133 35.36 -79.55 114.87
N GLN V 134 36.09 -78.44 115.09
CA GLN V 134 36.25 -77.78 116.40
C GLN V 134 34.89 -77.56 117.16
N ILE V 135 33.81 -77.47 116.40
CA ILE V 135 32.51 -77.32 117.00
C ILE V 135 31.94 -78.67 117.41
N ILE V 136 32.24 -79.72 116.65
CA ILE V 136 31.74 -81.03 116.98
C ILE V 136 32.41 -81.61 118.23
N ASP V 137 33.73 -81.64 118.25
CA ASP V 137 34.44 -82.19 119.41
C ASP V 137 33.94 -81.57 120.71
N GLY V 138 33.66 -80.26 120.67
CA GLY V 138 33.31 -79.55 121.85
C GLY V 138 32.06 -80.15 122.39
N ILE V 139 31.08 -80.46 121.51
CA ILE V 139 29.81 -80.93 121.98
C ILE V 139 29.92 -82.30 122.54
N LYS V 140 30.69 -83.14 121.81
CA LYS V 140 30.87 -84.51 122.17
C LYS V 140 31.64 -84.49 123.50
N ASP W 1 -1.82 -96.70 56.18
CA ASP W 1 -0.75 -95.87 55.56
C ASP W 1 0.07 -95.43 56.69
N CYS W 2 0.69 -94.25 56.57
CA CYS W 2 1.24 -94.03 57.85
C CYS W 2 0.53 -92.93 58.53
N CYS W 3 1.04 -92.77 59.74
CA CYS W 3 0.56 -91.90 60.72
C CYS W 3 1.41 -90.71 60.57
N SER W 4 0.73 -89.55 60.53
CA SER W 4 1.33 -88.25 60.55
C SER W 4 1.54 -87.93 62.00
N TYR W 5 2.48 -87.05 62.24
CA TYR W 5 2.84 -86.48 63.52
C TYR W 5 1.67 -85.66 64.02
N GLU W 6 1.03 -84.93 63.12
CA GLU W 6 -0.12 -84.12 63.50
C GLU W 6 -1.18 -85.02 64.09
N ASP W 7 -1.45 -86.12 63.40
CA ASP W 7 -2.45 -87.06 63.86
C ASP W 7 -2.10 -87.56 65.26
N ARG W 8 -0.83 -87.85 65.48
CA ARG W 8 -0.42 -88.30 66.79
C ARG W 8 -0.84 -87.23 67.79
N ARG W 9 -0.47 -85.99 67.51
CA ARG W 9 -0.83 -84.89 68.39
C ARG W 9 -2.35 -84.86 68.61
N GLU W 10 -3.11 -85.04 67.55
CA GLU W 10 -4.58 -85.06 67.65
C GLU W 10 -5.02 -86.07 68.70
N ILE W 11 -4.52 -87.29 68.57
CA ILE W 11 -4.85 -88.35 69.49
C ILE W 11 -4.32 -88.06 70.88
N ARG W 12 -3.04 -87.71 70.99
CA ARG W 12 -2.43 -87.43 72.29
C ARG W 12 -3.32 -86.47 73.07
N HIS W 13 -4.26 -85.85 72.38
CA HIS W 13 -5.20 -84.91 72.99
C HIS W 13 -6.55 -85.59 73.17
N ILE W 14 -7.08 -86.13 72.08
CA ILE W 14 -8.35 -86.82 72.14
C ILE W 14 -8.36 -87.75 73.35
N TRP W 15 -7.24 -88.44 73.59
CA TRP W 15 -7.15 -89.37 74.70
C TRP W 15 -7.30 -88.65 76.03
N ASP W 16 -6.56 -87.56 76.21
CA ASP W 16 -6.61 -86.79 77.45
C ASP W 16 -8.05 -86.40 77.84
N ASP W 17 -9.01 -86.70 76.99
CA ASP W 17 -10.40 -86.38 77.28
C ASP W 17 -11.16 -87.60 77.79
N VAL W 18 -10.74 -88.78 77.36
CA VAL W 18 -11.38 -90.00 77.80
C VAL W 18 -10.69 -90.49 79.05
N TRP W 19 -9.37 -90.40 79.10
CA TRP W 19 -8.68 -91.05 80.19
C TRP W 19 -8.97 -90.35 81.50
N SER W 20 -9.24 -89.04 81.44
CA SER W 20 -8.50 -88.00 82.11
C SER W 20 -8.39 -88.21 83.59
N SER W 21 -9.54 -88.46 84.24
CA SER W 21 -9.67 -88.39 85.67
C SER W 21 -8.95 -89.55 86.30
N SER W 22 -8.58 -89.42 87.58
CA SER W 22 -7.70 -90.42 88.15
C SER W 22 -8.46 -91.68 88.34
N PHE W 23 -9.74 -91.47 88.55
CA PHE W 23 -10.76 -92.40 88.85
C PHE W 23 -10.85 -93.49 87.86
N THR W 24 -10.96 -94.76 88.33
CA THR W 24 -11.50 -95.78 87.44
C THR W 24 -12.85 -95.46 86.80
N ASP W 25 -13.87 -95.26 87.65
CA ASP W 25 -15.23 -94.94 87.21
C ASP W 25 -15.42 -94.59 85.73
N ARG W 26 -14.87 -93.47 85.28
CA ARG W 26 -15.03 -93.05 83.89
C ARG W 26 -14.48 -94.05 82.87
N ARG W 27 -13.15 -94.24 82.87
CA ARG W 27 -12.53 -95.15 81.93
C ARG W 27 -13.26 -96.46 81.85
N VAL W 28 -13.71 -96.94 83.00
CA VAL W 28 -14.45 -98.19 83.06
C VAL W 28 -15.69 -98.15 82.16
N ALA W 29 -16.63 -97.28 82.50
CA ALA W 29 -17.85 -97.14 81.74
C ALA W 29 -17.57 -97.05 80.24
N ILE W 30 -16.52 -96.34 79.85
CA ILE W 30 -16.20 -96.21 78.43
C ILE W 30 -15.74 -97.52 77.84
N VAL W 31 -14.68 -98.09 78.37
CA VAL W 31 -14.17 -99.36 77.86
C VAL W 31 -15.27 -100.39 77.86
N ARG W 32 -16.11 -100.37 78.88
CA ARG W 32 -17.22 -101.31 78.94
C ARG W 32 -18.10 -101.02 77.73
N ALA W 33 -18.66 -99.81 77.69
CA ALA W 33 -19.52 -99.41 76.59
C ALA W 33 -18.94 -99.84 75.25
N VAL W 34 -17.61 -99.92 75.17
CA VAL W 34 -16.93 -100.34 73.94
C VAL W 34 -17.17 -101.82 73.73
N PHE W 35 -16.87 -102.61 74.74
CA PHE W 35 -17.07 -104.04 74.64
C PHE W 35 -18.51 -104.42 74.39
N ASP W 36 -19.44 -103.76 75.07
CA ASP W 36 -20.86 -104.05 74.89
C ASP W 36 -21.21 -103.96 73.40
N ASP W 37 -20.52 -103.07 72.69
CA ASP W 37 -20.74 -102.90 71.26
C ASP W 37 -20.04 -103.98 70.47
N LEU W 38 -19.00 -104.57 71.05
CA LEU W 38 -18.26 -105.64 70.41
C LEU W 38 -19.09 -106.90 70.50
N PHE W 39 -19.67 -107.12 71.66
CA PHE W 39 -20.49 -108.28 71.90
C PHE W 39 -21.84 -108.23 71.18
N LYS W 40 -22.40 -107.05 71.03
CA LYS W 40 -23.69 -106.95 70.35
C LYS W 40 -23.50 -107.26 68.87
N HIS W 41 -22.27 -107.13 68.39
CA HIS W 41 -21.97 -107.37 66.97
C HIS W 41 -21.26 -108.69 66.69
N TYR W 42 -20.37 -109.08 67.59
CA TYR W 42 -19.66 -110.34 67.44
C TYR W 42 -19.84 -111.09 68.75
N PRO W 43 -21.09 -111.50 69.05
CA PRO W 43 -21.46 -112.23 70.27
C PRO W 43 -20.59 -113.42 70.61
N THR W 44 -19.98 -114.02 69.61
CA THR W 44 -19.11 -115.16 69.81
C THR W 44 -17.99 -114.84 70.82
N SER W 45 -17.33 -113.72 70.61
CA SER W 45 -16.23 -113.27 71.47
C SER W 45 -16.57 -113.27 72.94
N LYS W 46 -17.81 -112.97 73.29
CA LYS W 46 -18.23 -112.92 74.70
C LYS W 46 -17.64 -114.05 75.52
N ALA W 47 -17.87 -115.29 75.07
CA ALA W 47 -17.36 -116.45 75.76
C ALA W 47 -15.88 -116.35 76.20
N LEU W 48 -15.05 -115.78 75.34
CA LEU W 48 -13.62 -115.64 75.63
C LEU W 48 -13.26 -115.08 76.98
N PHE W 49 -14.14 -114.28 77.57
CA PHE W 49 -13.84 -113.66 78.84
C PHE W 49 -14.49 -114.29 80.06
N GLU W 50 -14.78 -115.58 80.02
CA GLU W 50 -15.39 -116.22 81.17
C GLU W 50 -14.33 -116.29 82.25
N ARG W 51 -13.08 -116.27 81.83
CA ARG W 51 -11.97 -116.34 82.75
C ARG W 51 -11.97 -115.17 83.72
N VAL W 52 -12.50 -114.04 83.27
CA VAL W 52 -12.54 -112.84 84.09
C VAL W 52 -13.93 -112.61 84.64
N LYS W 53 -14.82 -113.56 84.40
CA LYS W 53 -16.18 -113.47 84.88
C LYS W 53 -17.02 -112.36 84.28
N ILE W 54 -17.27 -112.43 82.97
CA ILE W 54 -18.10 -111.41 82.32
C ILE W 54 -19.55 -111.61 82.69
N ASP W 55 -19.88 -112.80 83.16
CA ASP W 55 -21.26 -113.09 83.56
C ASP W 55 -21.62 -112.26 84.78
N GLU W 56 -20.61 -111.70 85.43
CA GLU W 56 -20.81 -110.85 86.60
C GLU W 56 -20.28 -109.47 86.24
N PRO W 57 -21.06 -108.71 85.47
CA PRO W 57 -20.64 -107.38 85.05
C PRO W 57 -20.01 -106.53 86.14
N GLU W 58 -20.66 -106.39 87.28
CA GLU W 58 -20.11 -105.55 88.33
C GLU W 58 -19.15 -106.30 89.23
N SER W 59 -18.81 -107.52 88.84
CA SER W 59 -17.91 -108.38 89.59
C SER W 59 -16.72 -107.69 90.25
N GLY W 60 -15.91 -107.03 89.46
CA GLY W 60 -14.73 -106.40 90.01
C GLY W 60 -13.59 -107.22 89.48
N GLU W 61 -13.80 -108.53 89.38
CA GLU W 61 -12.79 -109.41 88.84
C GLU W 61 -12.76 -109.01 87.37
N PHE W 62 -13.93 -108.60 86.89
CA PHE W 62 -14.12 -108.19 85.50
C PHE W 62 -13.85 -106.72 85.33
N LYS W 63 -14.36 -105.89 86.25
CA LYS W 63 -14.12 -104.46 86.15
C LYS W 63 -12.62 -104.24 86.04
N SER W 64 -11.85 -104.82 86.96
CA SER W 64 -10.40 -104.68 86.94
C SER W 64 -9.91 -105.00 85.54
N HIS W 65 -10.45 -106.06 84.95
CA HIS W 65 -10.06 -106.45 83.59
C HIS W 65 -10.24 -105.26 82.67
N LEU W 66 -11.47 -104.79 82.55
CA LEU W 66 -11.76 -103.64 81.71
C LEU W 66 -10.66 -102.59 81.85
N VAL W 67 -10.36 -102.24 83.09
CA VAL W 67 -9.33 -101.26 83.36
C VAL W 67 -8.01 -101.65 82.69
N ARG W 68 -7.58 -102.90 82.90
CA ARG W 68 -6.33 -103.37 82.31
C ARG W 68 -6.35 -103.15 80.82
N VAL W 69 -7.49 -103.39 80.20
CA VAL W 69 -7.61 -103.21 78.77
C VAL W 69 -7.45 -101.75 78.50
N ALA W 70 -8.23 -100.94 79.20
CA ALA W 70 -8.16 -99.50 79.06
C ALA W 70 -6.70 -99.09 79.17
N ASN W 71 -6.12 -99.30 80.35
CA ASN W 71 -4.72 -98.96 80.58
C ASN W 71 -3.78 -99.48 79.53
N GLY W 72 -4.06 -100.66 78.97
CA GLY W 72 -3.19 -101.20 77.93
C GLY W 72 -3.24 -100.34 76.68
N LEU W 73 -4.41 -99.75 76.44
CA LEU W 73 -4.62 -98.89 75.31
C LEU W 73 -3.91 -97.59 75.63
N LYS W 74 -4.16 -97.08 76.83
CA LYS W 74 -3.53 -95.86 77.31
C LYS W 74 -2.03 -95.96 77.07
N LEU W 75 -1.44 -97.04 77.54
CA LEU W 75 -0.01 -97.28 77.39
C LEU W 75 0.40 -97.17 75.93
N LEU W 76 -0.42 -97.68 75.02
CA LEU W 76 -0.10 -97.61 73.61
C LEU W 76 0.00 -96.16 73.15
N ILE W 77 -1.14 -95.47 73.24
CA ILE W 77 -1.22 -94.07 72.86
C ILE W 77 -0.07 -93.26 73.47
N ASN W 78 0.14 -93.42 74.77
CA ASN W 78 1.21 -92.69 75.46
C ASN W 78 2.60 -93.18 75.07
N LEU W 79 2.69 -93.88 73.94
CA LEU W 79 3.96 -94.40 73.47
C LEU W 79 4.18 -93.92 72.06
N LEU W 80 3.13 -93.38 71.45
CA LEU W 80 3.18 -92.88 70.09
C LEU W 80 4.30 -91.89 69.81
N ASP W 81 4.93 -91.36 70.85
CA ASP W 81 6.02 -90.41 70.64
C ASP W 81 7.38 -91.12 70.76
N ASP W 82 7.36 -92.38 71.19
CA ASP W 82 8.60 -93.15 71.34
C ASP W 82 8.69 -94.36 70.42
N THR W 83 8.16 -94.20 69.22
CA THR W 83 8.13 -95.23 68.19
C THR W 83 8.79 -96.57 68.51
N LEU W 84 10.11 -96.60 68.56
CA LEU W 84 10.86 -97.84 68.81
C LEU W 84 10.34 -98.69 69.94
N VAL W 85 9.96 -98.06 71.05
CA VAL W 85 9.43 -98.81 72.19
C VAL W 85 8.04 -99.30 71.85
N LEU W 86 7.25 -98.41 71.26
CA LEU W 86 5.90 -98.77 70.87
C LEU W 86 5.96 -100.00 69.98
N GLN W 87 6.84 -99.99 68.99
CA GLN W 87 6.99 -101.09 68.05
C GLN W 87 7.27 -102.41 68.75
N SER W 88 7.94 -102.37 69.89
CA SER W 88 8.24 -103.59 70.63
C SER W 88 7.06 -104.01 71.51
N HIS W 89 6.60 -103.12 72.39
CA HIS W 89 5.47 -103.45 73.24
C HIS W 89 4.29 -103.81 72.38
N LEU W 90 4.23 -103.26 71.18
CA LEU W 90 3.12 -103.55 70.29
C LEU W 90 3.17 -105.03 69.93
N GLY W 91 4.38 -105.56 69.81
CA GLY W 91 4.55 -106.95 69.49
C GLY W 91 4.17 -107.76 70.70
N HIS W 92 4.78 -107.44 71.83
CA HIS W 92 4.50 -108.10 73.11
C HIS W 92 2.98 -108.16 73.35
N LEU W 93 2.27 -107.13 72.90
CA LEU W 93 0.82 -107.08 73.08
C LEU W 93 0.15 -108.08 72.18
N ALA W 94 0.81 -108.42 71.09
CA ALA W 94 0.28 -109.39 70.16
C ALA W 94 0.41 -110.75 70.80
N ASP W 95 1.64 -111.10 71.15
CA ASP W 95 1.91 -112.38 71.77
C ASP W 95 0.97 -112.68 72.93
N GLN W 96 0.56 -111.67 73.67
CA GLN W 96 -0.35 -111.88 74.81
C GLN W 96 -1.75 -112.26 74.32
N HIS W 97 -1.99 -112.08 73.03
CA HIS W 97 -3.28 -112.40 72.49
C HIS W 97 -3.21 -113.61 71.58
N ILE W 98 -2.01 -113.98 71.14
CA ILE W 98 -1.87 -115.14 70.28
C ILE W 98 -2.01 -116.37 71.16
N GLN W 99 -1.48 -116.28 72.37
CA GLN W 99 -1.56 -117.40 73.30
C GLN W 99 -2.93 -117.51 73.92
N ARG W 100 -3.81 -116.58 73.57
CA ARG W 100 -5.17 -116.60 74.07
C ARG W 100 -6.01 -117.29 72.99
N LYS W 101 -6.16 -118.59 73.14
CA LYS W 101 -6.89 -119.41 72.17
C LYS W 101 -8.31 -118.92 71.95
N GLY W 102 -8.65 -118.66 70.68
CA GLY W 102 -9.98 -118.20 70.36
C GLY W 102 -10.09 -116.77 69.89
N VAL W 103 -8.98 -116.04 69.94
CA VAL W 103 -8.97 -114.64 69.51
C VAL W 103 -8.69 -114.52 68.02
N THR W 104 -9.71 -114.13 67.25
CA THR W 104 -9.59 -114.00 65.80
C THR W 104 -9.06 -112.64 65.35
N LYS W 105 -8.66 -112.57 64.09
CA LYS W 105 -8.13 -111.35 63.51
C LYS W 105 -9.33 -110.45 63.37
N GLU W 106 -10.48 -111.09 63.24
CA GLU W 106 -11.75 -110.39 63.08
C GLU W 106 -12.18 -109.64 64.33
N TYR W 107 -12.21 -110.32 65.45
CA TYR W 107 -12.62 -109.69 66.69
C TYR W 107 -11.93 -108.34 66.88
N PHE W 108 -10.69 -108.23 66.45
CA PHE W 108 -9.97 -106.97 66.58
C PHE W 108 -10.58 -105.93 65.67
N ARG W 109 -10.70 -106.26 64.39
CA ARG W 109 -11.31 -105.31 63.47
C ARG W 109 -12.66 -104.92 64.04
N GLY W 110 -13.23 -105.78 64.87
CA GLY W 110 -14.53 -105.52 65.44
C GLY W 110 -14.50 -104.55 66.59
N ILE W 111 -13.48 -104.65 67.44
CA ILE W 111 -13.39 -103.76 68.58
C ILE W 111 -12.98 -102.41 68.05
N GLY W 112 -12.38 -102.39 66.88
CA GLY W 112 -11.96 -101.14 66.29
C GLY W 112 -13.18 -100.34 65.92
N GLU W 113 -14.15 -101.03 65.35
CA GLU W 113 -15.39 -100.40 64.95
C GLU W 113 -16.04 -99.89 66.23
N ALA W 114 -15.96 -100.71 67.27
CA ALA W 114 -16.52 -100.36 68.57
C ALA W 114 -16.15 -98.95 69.00
N PHE W 115 -14.87 -98.70 69.21
CA PHE W 115 -14.44 -97.37 69.63
C PHE W 115 -14.97 -96.29 68.71
N ALA W 116 -14.80 -96.50 67.42
CA ALA W 116 -15.23 -95.55 66.41
C ALA W 116 -16.72 -95.21 66.49
N ARG W 117 -17.44 -95.95 67.31
CA ARG W 117 -18.87 -95.75 67.48
C ARG W 117 -19.14 -95.21 68.87
N VAL W 118 -18.26 -95.57 69.81
CA VAL W 118 -18.42 -95.15 71.19
C VAL W 118 -17.80 -93.80 71.45
N LEU W 119 -16.49 -93.71 71.27
CA LEU W 119 -15.79 -92.47 71.52
C LEU W 119 -16.52 -91.22 71.03
N PRO W 120 -16.96 -91.21 69.75
CA PRO W 120 -17.66 -90.03 69.24
C PRO W 120 -18.89 -89.63 70.06
N GLN W 121 -19.22 -90.43 71.06
CA GLN W 121 -20.38 -90.16 71.91
C GLN W 121 -19.97 -89.72 73.29
N VAL W 122 -18.77 -90.10 73.73
CA VAL W 122 -18.32 -89.73 75.07
C VAL W 122 -17.59 -88.40 75.12
N LEU W 123 -17.22 -87.89 73.96
CA LEU W 123 -16.54 -86.61 73.91
C LEU W 123 -16.80 -85.99 72.57
N SER W 124 -16.75 -84.65 72.54
CA SER W 124 -16.97 -83.93 71.29
C SER W 124 -15.60 -83.62 70.70
N CYS W 125 -15.60 -83.19 69.45
CA CYS W 125 -14.35 -82.88 68.78
C CYS W 125 -13.51 -84.13 68.64
N PHE W 126 -14.11 -85.18 68.11
CA PHE W 126 -13.42 -86.44 67.90
C PHE W 126 -13.11 -86.60 66.42
N ASN W 127 -11.83 -86.64 66.09
CA ASN W 127 -11.44 -86.78 64.70
C ASN W 127 -11.48 -88.24 64.31
N VAL W 128 -12.68 -88.79 64.24
CA VAL W 128 -12.90 -90.19 63.91
C VAL W 128 -11.90 -90.76 62.89
N ASP W 129 -11.64 -90.01 61.81
CA ASP W 129 -10.70 -90.49 60.80
C ASP W 129 -9.30 -90.65 61.37
N ALA W 130 -8.76 -89.58 61.94
CA ALA W 130 -7.43 -89.63 62.54
C ALA W 130 -7.32 -90.80 63.50
N TRP W 131 -8.31 -90.93 64.37
CA TRP W 131 -8.29 -92.03 65.32
C TRP W 131 -8.22 -93.30 64.51
N ASN W 132 -9.24 -93.54 63.71
CA ASN W 132 -9.30 -94.72 62.87
C ASN W 132 -7.95 -95.04 62.23
N ARG W 133 -7.32 -94.05 61.61
CA ARG W 133 -6.06 -94.32 60.96
C ARG W 133 -5.05 -94.91 61.90
N CYS W 134 -4.67 -94.18 62.94
CA CYS W 134 -3.66 -94.69 63.87
C CYS W 134 -4.10 -95.89 64.68
N PHE W 135 -5.39 -96.10 64.83
CA PHE W 135 -5.85 -97.25 65.59
C PHE W 135 -5.61 -98.49 64.75
N HIS W 136 -5.86 -98.37 63.45
CA HIS W 136 -5.65 -99.50 62.54
C HIS W 136 -4.19 -99.91 62.53
N ARG W 137 -3.29 -98.94 62.40
CA ARG W 137 -1.88 -99.25 62.39
C ARG W 137 -1.56 -100.03 63.67
N LEU W 138 -2.13 -99.63 64.79
CA LEU W 138 -1.88 -100.33 66.05
C LEU W 138 -2.46 -101.73 66.04
N VAL W 139 -3.71 -101.86 65.60
CA VAL W 139 -4.37 -103.16 65.54
C VAL W 139 -3.65 -104.12 64.60
N ALA W 140 -3.43 -103.69 63.36
CA ALA W 140 -2.74 -104.50 62.37
C ALA W 140 -1.57 -105.25 62.98
N ARG W 141 -0.64 -104.50 63.56
CA ARG W 141 0.53 -105.11 64.17
C ARG W 141 0.19 -106.04 65.32
N ILE W 142 -0.89 -105.76 66.04
CA ILE W 142 -1.27 -106.62 67.18
C ILE W 142 -1.78 -107.97 66.75
N ALA W 143 -2.77 -107.87 65.80
CA ALA W 143 -3.58 -108.97 65.36
C ALA W 143 -2.68 -109.90 64.67
N LYS W 144 -1.81 -109.34 63.81
CA LYS W 144 -1.34 -110.05 62.65
C LYS W 144 -0.59 -111.21 63.14
N ASP W 145 0.05 -111.00 64.30
CA ASP W 145 0.94 -111.97 64.83
C ASP W 145 0.12 -113.21 65.00
N LEU W 146 -1.15 -113.05 65.41
CA LEU W 146 -1.91 -114.16 65.87
C LEU W 146 -2.04 -115.21 64.78
N PRO W 147 -2.63 -114.95 63.62
CA PRO W 147 -2.79 -115.95 62.59
C PRO W 147 -1.43 -116.34 62.18
N ASP X 1 -109.00 -69.42 37.88
CA ASP X 1 -108.30 -68.77 36.76
C ASP X 1 -107.05 -69.46 36.40
N CYS X 2 -106.45 -68.92 35.35
CA CYS X 2 -105.20 -69.50 35.08
C CYS X 2 -104.19 -68.68 35.72
N CYS X 3 -103.03 -69.29 35.75
CA CYS X 3 -101.98 -68.59 36.34
C CYS X 3 -100.95 -68.67 35.34
N SER X 4 -99.89 -67.95 35.67
CA SER X 4 -98.84 -67.59 34.80
C SER X 4 -97.66 -68.30 35.35
N TYR X 5 -96.74 -68.70 34.45
CA TYR X 5 -95.56 -69.50 34.66
C TYR X 5 -94.62 -68.72 35.54
N GLU X 6 -94.53 -67.42 35.29
CA GLU X 6 -93.65 -66.56 36.07
C GLU X 6 -94.08 -66.62 37.53
N ASP X 7 -95.38 -66.49 37.74
CA ASP X 7 -95.92 -66.55 39.08
C ASP X 7 -95.55 -67.86 39.75
N ARG X 8 -95.64 -68.95 39.00
CA ARG X 8 -95.29 -70.24 39.57
C ARG X 8 -93.85 -70.15 40.04
N ARG X 9 -92.97 -69.66 39.18
CA ARG X 9 -91.59 -69.50 39.56
C ARG X 9 -91.45 -68.67 40.82
N GLU X 10 -92.21 -67.59 40.90
CA GLU X 10 -92.18 -66.71 42.06
C GLU X 10 -92.44 -67.53 43.31
N ILE X 11 -93.52 -68.28 43.30
CA ILE X 11 -93.90 -69.12 44.43
C ILE X 11 -92.88 -70.21 44.68
N ARG X 12 -92.50 -70.94 43.62
CA ARG X 12 -91.54 -72.03 43.76
C ARG X 12 -90.32 -71.55 44.51
N HIS X 13 -90.20 -70.22 44.63
CA HIS X 13 -89.09 -69.60 45.36
C HIS X 13 -89.56 -69.15 46.73
N ILE X 14 -90.63 -68.36 46.75
CA ILE X 14 -91.20 -67.87 48.00
C ILE X 14 -91.30 -69.02 49.00
N TRP X 15 -91.69 -70.19 48.51
CA TRP X 15 -91.85 -71.36 49.37
C TRP X 15 -90.52 -71.77 49.93
N ASP X 16 -89.51 -71.87 49.07
CA ASP X 16 -88.18 -72.28 49.51
C ASP X 16 -87.67 -71.46 50.69
N ASP X 17 -88.40 -70.41 51.06
CA ASP X 17 -87.98 -69.57 52.17
C ASP X 17 -88.72 -69.94 53.45
N VAL X 18 -89.95 -70.44 53.31
CA VAL X 18 -90.73 -70.84 54.49
C VAL X 18 -90.42 -72.32 54.80
N TRP X 19 -90.27 -73.14 53.75
CA TRP X 19 -90.17 -74.56 53.89
C TRP X 19 -88.91 -74.80 54.67
N SER X 20 -87.98 -73.87 54.48
CA SER X 20 -86.66 -74.15 54.05
C SER X 20 -85.97 -74.99 55.07
N SER X 21 -86.25 -74.72 56.36
CA SER X 21 -85.61 -75.48 57.39
C SER X 21 -85.90 -76.94 57.11
N SER X 22 -84.96 -77.80 57.57
CA SER X 22 -84.74 -79.12 57.01
C SER X 22 -85.76 -80.06 57.44
N PHE X 23 -86.17 -79.83 58.69
CA PHE X 23 -86.89 -80.80 59.43
C PHE X 23 -87.70 -80.02 60.34
N THR X 24 -88.28 -80.73 61.29
CA THR X 24 -89.67 -80.42 61.49
C THR X 24 -89.95 -79.06 62.12
N ASP X 25 -89.42 -78.83 63.32
CA ASP X 25 -89.60 -77.58 64.08
C ASP X 25 -90.22 -76.38 63.35
N ARG X 26 -89.53 -75.87 62.34
CA ARG X 26 -90.03 -74.71 61.61
C ARG X 26 -91.37 -74.96 60.90
N ARG X 27 -91.34 -75.85 59.90
CA ARG X 27 -92.54 -76.14 59.14
C ARG X 27 -93.73 -76.34 60.06
N VAL X 28 -93.50 -77.01 61.18
CA VAL X 28 -94.57 -77.29 62.14
C VAL X 28 -95.20 -76.00 62.61
N ALA X 29 -94.41 -75.18 63.28
CA ALA X 29 -94.90 -73.90 63.79
C ALA X 29 -95.68 -73.11 62.75
N ILE X 30 -95.20 -73.11 61.51
CA ILE X 30 -95.90 -72.40 60.45
C ILE X 30 -97.24 -73.03 60.13
N VAL X 31 -97.25 -74.31 59.73
CA VAL X 31 -98.50 -74.98 59.41
C VAL X 31 -99.48 -74.88 60.57
N ARG X 32 -98.96 -74.96 61.79
CA ARG X 32 -99.79 -74.84 62.97
C ARG X 32 -100.39 -73.44 62.94
N ALA X 33 -99.53 -72.43 63.02
CA ALA X 33 -99.97 -71.03 62.97
C ALA X 33 -101.03 -70.80 61.90
N VAL X 34 -100.98 -71.59 60.82
CA VAL X 34 -101.94 -71.49 59.73
C VAL X 34 -103.28 -72.00 60.22
N PHE X 35 -103.29 -73.23 60.73
CA PHE X 35 -104.51 -73.80 61.24
C PHE X 35 -105.13 -72.97 62.35
N ASP X 36 -104.32 -72.49 63.30
CA ASP X 36 -104.84 -71.69 64.39
C ASP X 36 -105.68 -70.56 63.84
N ASP X 37 -105.30 -70.07 62.65
CA ASP X 37 -106.02 -68.98 62.01
C ASP X 37 -107.27 -69.52 61.34
N LEU X 38 -107.25 -70.80 60.99
CA LEU X 38 -108.40 -71.41 60.36
C LEU X 38 -109.46 -71.63 61.42
N PHE X 39 -109.01 -72.09 62.57
CA PHE X 39 -109.92 -72.37 63.65
C PHE X 39 -110.47 -71.11 64.31
N LYS X 40 -109.69 -70.05 64.35
CA LYS X 40 -110.15 -68.82 64.97
C LYS X 40 -111.24 -68.20 64.10
N HIS X 41 -111.27 -68.59 62.82
CA HIS X 41 -112.25 -68.05 61.88
C HIS X 41 -113.39 -69.02 61.54
N TYR X 42 -113.09 -70.30 61.46
CA TYR X 42 -114.10 -71.31 61.15
C TYR X 42 -113.95 -72.38 62.22
N PRO X 43 -114.23 -72.03 63.47
CA PRO X 43 -114.14 -72.90 64.64
C PRO X 43 -114.75 -74.26 64.47
N THR X 44 -115.72 -74.30 63.60
CA THR X 44 -116.36 -75.51 63.35
C THR X 44 -115.38 -76.64 62.96
N SER X 45 -114.59 -76.35 61.96
CA SER X 45 -113.63 -77.30 61.44
C SER X 45 -112.81 -78.01 62.51
N LYS X 46 -112.53 -77.31 63.60
CA LYS X 46 -111.72 -77.86 64.67
C LYS X 46 -112.07 -79.32 64.95
N ALA X 47 -113.33 -79.57 65.26
CA ALA X 47 -113.79 -80.91 65.55
C ALA X 47 -113.30 -81.99 64.59
N LEU X 48 -113.22 -81.67 63.31
CA LEU X 48 -112.78 -82.62 62.29
C LEU X 48 -111.49 -83.37 62.57
N PHE X 49 -110.61 -82.77 63.35
CA PHE X 49 -109.32 -83.39 63.65
C PHE X 49 -109.19 -84.06 65.02
N GLU X 50 -110.29 -84.55 65.57
CA GLU X 50 -110.20 -85.20 66.87
C GLU X 50 -109.50 -86.52 66.63
N ARG X 51 -109.56 -86.99 65.39
CA ARG X 51 -108.95 -88.25 65.04
C ARG X 51 -107.45 -88.21 65.24
N VAL X 52 -106.87 -87.02 65.10
CA VAL X 52 -105.42 -86.86 65.26
C VAL X 52 -105.07 -86.24 66.59
N LYS X 53 -106.09 -86.06 67.42
CA LYS X 53 -105.90 -85.48 68.75
C LYS X 53 -105.48 -84.03 68.78
N ILE X 54 -106.32 -83.13 68.28
CA ILE X 54 -106.00 -81.71 68.29
C ILE X 54 -106.13 -81.15 69.71
N ASP X 55 -106.84 -81.87 70.56
CA ASP X 55 -107.02 -81.45 71.94
C ASP X 55 -105.68 -81.52 72.67
N GLU X 56 -104.73 -82.22 72.06
CA GLU X 56 -103.39 -82.35 72.61
C GLU X 56 -102.43 -81.72 71.61
N PRO X 57 -102.37 -80.38 71.59
CA PRO X 57 -101.49 -79.66 70.67
C PRO X 57 -100.09 -80.24 70.51
N GLU X 58 -99.37 -80.46 71.60
CA GLU X 58 -98.00 -80.99 71.51
C GLU X 58 -97.97 -82.51 71.44
N SER X 59 -99.14 -83.12 71.33
CA SER X 59 -99.28 -84.57 71.27
C SER X 59 -98.20 -85.32 70.50
N GLY X 60 -98.03 -84.97 69.24
CA GLY X 60 -97.07 -85.65 68.42
C GLY X 60 -97.91 -86.45 67.43
N GLU X 61 -99.03 -86.98 67.91
CA GLU X 61 -99.94 -87.72 67.06
C GLU X 61 -100.48 -86.66 66.12
N PHE X 62 -100.58 -85.45 66.67
CA PHE X 62 -101.09 -84.28 65.98
C PHE X 62 -99.97 -83.55 65.28
N LYS X 63 -98.85 -83.36 65.96
CA LYS X 63 -97.72 -82.69 65.31
C LYS X 63 -97.43 -83.41 63.99
N SER X 64 -97.26 -84.73 64.04
CA SER X 64 -96.99 -85.51 62.85
C SER X 64 -98.00 -85.15 61.77
N HIS X 65 -99.26 -85.03 62.17
CA HIS X 65 -100.31 -84.66 61.24
C HIS X 65 -99.93 -83.37 60.54
N LEU X 66 -99.76 -82.30 61.32
CA LEU X 66 -99.38 -81.00 60.77
C LEU X 66 -98.31 -81.17 59.70
N VAL X 67 -97.29 -81.93 60.01
CA VAL X 67 -96.22 -82.19 59.08
C VAL X 67 -96.75 -82.79 57.81
N ARG X 68 -97.56 -83.84 57.93
CA ARG X 68 -98.14 -84.49 56.75
C ARG X 68 -98.84 -83.47 55.86
N VAL X 69 -99.55 -82.53 56.49
CA VAL X 69 -100.26 -81.50 55.78
C VAL X 69 -99.23 -80.65 55.10
N ALA X 70 -98.27 -80.17 55.86
CA ALA X 70 -97.19 -79.35 55.32
C ALA X 70 -96.60 -80.08 54.12
N ASN X 71 -96.02 -81.26 54.36
CA ASN X 71 -95.44 -82.05 53.27
C ASN X 71 -96.37 -82.26 52.10
N GLY X 72 -97.66 -82.41 52.36
CA GLY X 72 -98.59 -82.59 51.26
C GLY X 72 -98.65 -81.36 50.38
N LEU X 73 -98.45 -80.20 51.01
CA LEU X 73 -98.46 -78.92 50.32
C LEU X 73 -97.16 -78.85 49.58
N LYS X 74 -96.08 -79.16 50.28
CA LYS X 74 -94.74 -79.17 49.71
C LYS X 74 -94.77 -79.97 48.42
N LEU X 75 -95.31 -81.18 48.50
CA LEU X 75 -95.42 -82.07 47.35
C LEU X 75 -96.12 -81.38 46.19
N LEU X 76 -97.17 -80.62 46.49
CA LEU X 76 -97.90 -79.92 45.43
C LEU X 76 -96.99 -78.95 44.73
N ILE X 77 -96.53 -77.96 45.47
CA ILE X 77 -95.64 -76.93 44.96
C ILE X 77 -94.50 -77.55 44.17
N ASN X 78 -93.84 -78.53 44.76
CA ASN X 78 -92.73 -79.21 44.09
C ASN X 78 -93.18 -80.08 42.92
N LEU X 79 -94.38 -79.82 42.41
CA LEU X 79 -94.90 -80.57 41.29
C LEU X 79 -95.31 -79.60 40.21
N LEU X 80 -95.36 -78.32 40.56
CA LEU X 80 -95.76 -77.25 39.64
C LEU X 80 -94.99 -77.22 38.31
N ASP X 81 -93.90 -77.97 38.22
CA ASP X 81 -93.13 -77.99 37.00
C ASP X 81 -93.47 -79.24 36.22
N ASP X 82 -94.20 -80.17 36.83
CA ASP X 82 -94.58 -81.39 36.13
C ASP X 82 -96.10 -81.56 35.89
N THR X 83 -96.75 -80.43 35.61
CA THR X 83 -98.18 -80.35 35.34
C THR X 83 -98.98 -81.65 35.38
N LEU X 84 -98.82 -82.47 34.35
CA LEU X 84 -99.56 -83.73 34.25
C LEU X 84 -99.64 -84.56 35.51
N VAL X 85 -98.55 -84.65 36.24
CA VAL X 85 -98.55 -85.43 37.48
C VAL X 85 -99.29 -84.65 38.54
N LEU X 86 -99.03 -83.34 38.58
CA LEU X 86 -99.71 -82.49 39.54
C LEU X 86 -101.20 -82.63 39.37
N GLN X 87 -101.66 -82.58 38.13
CA GLN X 87 -103.07 -82.69 37.81
C GLN X 87 -103.69 -83.98 38.35
N SER X 88 -102.90 -85.04 38.43
CA SER X 88 -103.41 -86.31 38.93
C SER X 88 -103.40 -86.36 40.45
N HIS X 89 -102.24 -86.15 41.05
CA HIS X 89 -102.14 -86.16 42.51
C HIS X 89 -103.07 -85.12 43.07
N LEU X 90 -103.32 -84.07 42.30
CA LEU X 90 -104.21 -83.03 42.77
C LEU X 90 -105.58 -83.62 42.93
N GLY X 91 -105.93 -84.55 42.04
CA GLY X 91 -107.22 -85.22 42.13
C GLY X 91 -107.19 -86.14 43.34
N HIS X 92 -106.20 -87.01 43.37
CA HIS X 92 -106.02 -87.95 44.48
C HIS X 92 -106.12 -87.22 45.82
N LEU X 93 -105.64 -85.98 45.86
CA LEU X 93 -105.66 -85.19 47.08
C LEU X 93 -107.08 -84.78 47.41
N ALA X 94 -107.92 -84.71 46.39
CA ALA X 94 -109.30 -84.34 46.58
C ALA X 94 -110.00 -85.54 47.21
N ASP X 95 -109.92 -86.67 46.53
CA ASP X 95 -110.55 -87.89 47.01
C ASP X 95 -110.24 -88.17 48.47
N GLN X 96 -109.03 -87.84 48.91
CA GLN X 96 -108.65 -88.08 50.29
C GLN X 96 -109.39 -87.16 51.23
N HIS X 97 -110.04 -86.15 50.67
CA HIS X 97 -110.78 -85.21 51.48
C HIS X 97 -112.27 -85.35 51.28
N ILE X 98 -112.67 -86.00 50.19
CA ILE X 98 -114.10 -86.19 49.94
C ILE X 98 -114.57 -87.29 50.86
N GLN X 99 -113.73 -88.30 51.08
CA GLN X 99 -114.09 -89.40 51.96
C GLN X 99 -113.98 -88.99 53.44
N ARG X 100 -113.55 -87.76 53.68
CA ARG X 100 -113.44 -87.26 55.04
C ARG X 100 -114.73 -86.48 55.29
N LYS X 101 -115.69 -87.18 55.86
CA LYS X 101 -116.99 -86.60 56.14
C LYS X 101 -116.91 -85.34 57.01
N GLY X 102 -117.48 -84.24 56.52
CA GLY X 102 -117.47 -83.01 57.29
C GLY X 102 -116.62 -81.92 56.71
N VAL X 103 -115.89 -82.22 55.64
CA VAL X 103 -115.02 -81.23 55.00
C VAL X 103 -115.74 -80.42 53.94
N THR X 104 -116.03 -79.15 54.23
CA THR X 104 -116.75 -78.28 53.29
C THR X 104 -115.87 -77.62 52.25
N LYS X 105 -116.50 -77.07 51.22
CA LYS X 105 -115.81 -76.38 50.16
C LYS X 105 -115.31 -75.09 50.80
N GLU X 106 -116.04 -74.67 51.82
CA GLU X 106 -115.73 -73.43 52.52
C GLU X 106 -114.44 -73.53 53.34
N TYR X 107 -114.33 -74.56 54.17
CA TYR X 107 -113.14 -74.72 55.00
C TYR X 107 -111.87 -74.51 54.18
N PHE X 108 -111.89 -74.94 52.93
CA PHE X 108 -110.72 -74.78 52.08
C PHE X 108 -110.49 -73.32 51.78
N ARG X 109 -111.52 -72.65 51.28
CA ARG X 109 -111.38 -71.24 50.97
C ARG X 109 -110.90 -70.55 52.25
N GLY X 110 -111.18 -71.18 53.39
CA GLY X 110 -110.78 -70.62 54.66
C GLY X 110 -109.33 -70.79 55.00
N ILE X 111 -108.78 -71.96 54.70
CA ILE X 111 -107.39 -72.22 54.98
C ILE X 111 -106.55 -71.43 53.99
N GLY X 112 -107.16 -71.09 52.87
CA GLY X 112 -106.46 -70.32 51.86
C GLY X 112 -106.19 -68.94 52.40
N GLU X 113 -107.19 -68.37 53.05
CA GLU X 113 -107.08 -67.05 53.66
C GLU X 113 -106.00 -67.16 54.72
N ALA X 114 -106.04 -68.28 55.46
CA ALA X 114 -105.06 -68.53 56.50
C ALA X 114 -103.65 -68.26 56.04
N PHE X 115 -103.17 -69.03 55.07
CA PHE X 115 -101.81 -68.83 54.58
C PHE X 115 -101.55 -67.39 54.20
N ALA X 116 -102.48 -66.82 53.44
CA ALA X 116 -102.35 -65.46 52.97
C ALA X 116 -102.21 -64.44 54.10
N ARG X 117 -102.43 -64.90 55.32
CA ARG X 117 -102.32 -64.03 56.48
C ARG X 117 -101.09 -64.41 57.31
N VAL X 118 -100.72 -65.69 57.26
CA VAL X 118 -99.59 -66.20 58.01
C VAL X 118 -98.27 -66.01 57.26
N LEU X 119 -98.15 -66.64 56.11
CA LEU X 119 -96.94 -66.54 55.33
C LEU X 119 -96.33 -65.15 55.29
N PRO X 120 -97.12 -64.11 54.96
CA PRO X 120 -96.56 -62.76 54.90
C PRO X 120 -95.89 -62.30 56.20
N GLN X 121 -96.00 -63.12 57.24
CA GLN X 121 -95.42 -62.80 58.53
C GLN X 121 -94.20 -63.64 58.85
N VAL X 122 -94.10 -64.81 58.25
CA VAL X 122 -92.97 -65.70 58.51
C VAL X 122 -91.79 -65.44 57.59
N LEU X 123 -92.03 -64.70 56.51
CA LEU X 123 -90.95 -64.40 55.59
C LEU X 123 -91.26 -63.10 54.90
N SER X 124 -90.21 -62.41 54.47
CA SER X 124 -90.40 -61.16 53.78
C SER X 124 -90.32 -61.45 52.28
N CYS X 125 -90.73 -60.47 51.48
CA CYS X 125 -90.71 -60.63 50.04
C CYS X 125 -91.69 -61.73 49.64
N PHE X 126 -92.92 -61.62 50.12
CA PHE X 126 -93.94 -62.58 49.81
C PHE X 126 -94.90 -61.96 48.81
N ASN X 127 -94.98 -62.55 47.62
CA ASN X 127 -95.86 -62.03 46.58
C ASN X 127 -97.28 -62.55 46.80
N VAL X 128 -97.91 -62.09 47.88
CA VAL X 128 -99.25 -62.51 48.26
C VAL X 128 -100.16 -62.81 47.08
N ASP X 129 -100.18 -61.93 46.08
CA ASP X 129 -101.03 -62.13 44.92
C ASP X 129 -100.64 -63.39 44.18
N ALA X 130 -99.39 -63.49 43.76
CA ALA X 130 -98.91 -64.65 43.03
C ALA X 130 -99.25 -65.92 43.79
N TRP X 131 -98.99 -65.91 45.09
CA TRP X 131 -99.31 -67.07 45.90
C TRP X 131 -100.80 -67.31 45.75
N ASN X 132 -101.60 -66.35 46.21
CA ASN X 132 -103.04 -66.45 46.13
C ASN X 132 -103.50 -67.05 44.80
N ARG X 133 -103.02 -66.51 43.69
CA ARG X 133 -103.45 -67.03 42.40
C ARG X 133 -103.23 -68.53 42.28
N CYS X 134 -101.98 -68.99 42.34
CA CYS X 134 -101.72 -70.40 42.20
C CYS X 134 -102.26 -71.26 43.30
N PHE X 135 -102.50 -70.69 44.46
CA PHE X 135 -103.03 -71.50 45.55
C PHE X 135 -104.48 -71.78 45.25
N HIS X 136 -105.18 -70.79 44.71
CA HIS X 136 -106.58 -70.97 44.37
C HIS X 136 -106.74 -72.05 43.32
N ARG X 137 -105.93 -72.00 42.27
CA ARG X 137 -106.02 -73.01 41.24
C ARG X 137 -105.87 -74.38 41.89
N LEU X 138 -104.96 -74.49 42.85
CA LEU X 138 -104.75 -75.77 43.54
C LEU X 138 -105.94 -76.18 44.38
N VAL X 139 -106.46 -75.24 45.16
CA VAL X 139 -107.61 -75.51 46.01
C VAL X 139 -108.84 -75.87 45.21
N ALA X 140 -109.20 -75.03 44.23
CA ALA X 140 -110.36 -75.27 43.38
C ALA X 140 -110.43 -76.73 42.98
N ARG X 141 -109.38 -77.24 42.36
CA ARG X 141 -109.36 -78.64 41.93
C ARG X 141 -109.46 -79.64 43.08
N ILE X 142 -108.95 -79.28 44.25
CA ILE X 142 -109.02 -80.20 45.40
C ILE X 142 -110.43 -80.34 45.95
N ALA X 143 -111.03 -79.16 46.17
CA ALA X 143 -112.32 -78.94 46.73
C ALA X 143 -113.37 -79.44 45.79
N LYS X 144 -113.15 -79.18 44.49
CA LYS X 144 -114.21 -79.21 43.50
C LYS X 144 -114.73 -80.59 43.46
N ASP X 145 -113.82 -81.54 43.62
CA ASP X 145 -114.11 -82.92 43.37
C ASP X 145 -115.24 -83.27 44.26
N LEU X 146 -115.12 -82.86 45.56
CA LEU X 146 -116.02 -83.31 46.58
C LEU X 146 -117.36 -82.95 46.11
N PRO X 147 -117.60 -81.81 45.55
CA PRO X 147 -118.94 -81.72 45.07
C PRO X 147 -119.20 -82.45 43.77
N LYS Y 1 -91.38 -48.81 69.86
CA LYS Y 1 -92.06 -49.42 68.70
C LYS Y 1 -92.75 -50.69 69.10
N LYS Y 2 -92.41 -51.81 68.43
CA LYS Y 2 -93.10 -53.03 68.76
C LYS Y 2 -92.26 -53.79 69.71
N GLN Y 3 -92.82 -54.92 70.17
CA GLN Y 3 -92.14 -55.75 71.09
C GLN Y 3 -91.87 -57.02 70.41
N CYS Y 4 -91.09 -57.84 71.11
CA CYS Y 4 -90.60 -59.05 70.58
C CYS Y 4 -91.63 -60.11 70.73
N GLY Y 5 -91.40 -61.18 69.96
CA GLY Y 5 -92.28 -62.30 69.92
C GLY Y 5 -91.83 -63.13 68.75
N VAL Y 6 -92.54 -64.26 68.54
CA VAL Y 6 -91.96 -65.42 67.93
C VAL Y 6 -91.51 -65.12 66.53
N LEU Y 7 -92.42 -64.63 65.68
CA LEU Y 7 -92.08 -64.43 64.29
C LEU Y 7 -90.96 -63.40 64.11
N GLU Y 8 -91.19 -62.17 64.56
CA GLU Y 8 -90.19 -61.12 64.42
C GLU Y 8 -88.84 -61.61 64.86
N GLY Y 9 -88.85 -62.62 65.72
CA GLY Y 9 -87.59 -63.19 66.18
C GLY Y 9 -87.02 -64.00 65.04
N LEU Y 10 -87.77 -65.00 64.60
CA LEU Y 10 -87.33 -65.83 63.50
C LEU Y 10 -86.80 -64.98 62.37
N LYS Y 11 -87.45 -63.86 62.09
CA LYS Y 11 -86.98 -63.03 61.00
C LYS Y 11 -85.60 -62.50 61.30
N VAL Y 12 -85.45 -61.82 62.43
CA VAL Y 12 -84.15 -61.26 62.78
C VAL Y 12 -83.11 -62.37 62.85
N LYS Y 13 -83.45 -63.45 63.50
CA LYS Y 13 -82.52 -64.57 63.65
C LYS Y 13 -81.99 -65.02 62.31
N SER Y 14 -82.86 -65.00 61.31
CA SER Y 14 -82.50 -65.43 59.96
C SER Y 14 -81.66 -64.37 59.27
N GLU Y 15 -82.18 -63.15 59.23
CA GLU Y 15 -81.48 -62.05 58.60
C GLU Y 15 -80.10 -61.84 59.20
N TRP Y 16 -80.00 -62.02 60.51
CA TRP Y 16 -78.74 -61.85 61.19
C TRP Y 16 -77.79 -62.86 60.63
N GLY Y 17 -78.28 -64.07 60.36
CA GLY Y 17 -77.43 -65.10 59.81
C GLY Y 17 -76.69 -64.62 58.57
N ARG Y 18 -77.43 -63.93 57.69
CA ARG Y 18 -76.88 -63.42 56.45
C ARG Y 18 -75.94 -62.24 56.68
N ALA Y 19 -76.34 -61.30 57.51
CA ALA Y 19 -75.53 -60.13 57.78
C ALA Y 19 -74.23 -60.46 58.53
N TYR Y 20 -74.32 -61.33 59.53
CA TYR Y 20 -73.16 -61.69 60.31
C TYR Y 20 -72.12 -62.29 59.40
N GLY Y 21 -72.48 -63.34 58.68
CA GLY Y 21 -71.54 -63.99 57.78
C GLY Y 21 -70.36 -64.60 58.52
N SER Y 22 -69.22 -64.71 57.85
CA SER Y 22 -68.04 -65.28 58.48
C SER Y 22 -66.73 -64.83 57.86
N GLY Y 23 -65.62 -65.28 58.44
CA GLY Y 23 -64.31 -64.93 57.93
C GLY Y 23 -63.98 -63.46 58.00
N HIS Y 24 -63.66 -62.87 56.85
CA HIS Y 24 -63.33 -61.46 56.79
C HIS Y 24 -64.57 -60.60 56.87
N ASP Y 25 -65.62 -61.00 56.15
CA ASP Y 25 -66.86 -60.25 56.19
C ASP Y 25 -67.17 -59.92 57.63
N ARG Y 26 -66.92 -60.88 58.51
CA ARG Y 26 -67.16 -60.70 59.93
C ARG Y 26 -66.19 -59.68 60.51
N GLU Y 27 -64.90 -59.95 60.40
CA GLU Y 27 -63.90 -59.04 60.93
C GLU Y 27 -64.19 -57.60 60.52
N ALA Y 28 -64.91 -57.41 59.40
CA ALA Y 28 -65.24 -56.07 58.93
C ALA Y 28 -66.59 -55.66 59.50
N PHE Y 29 -67.58 -56.51 59.29
CA PHE Y 29 -68.92 -56.27 59.80
C PHE Y 29 -68.80 -55.66 61.19
N SER Y 30 -68.03 -56.31 62.05
CA SER Y 30 -67.82 -55.81 63.40
C SER Y 30 -67.11 -54.45 63.33
N GLN Y 31 -66.02 -54.42 62.58
CA GLN Y 31 -65.27 -53.19 62.40
C GLN Y 31 -66.21 -52.04 62.10
N ALA Y 32 -66.98 -52.18 61.02
CA ALA Y 32 -67.93 -51.16 60.59
C ALA Y 32 -68.82 -50.73 61.72
N ILE Y 33 -69.43 -51.71 62.39
CA ILE Y 33 -70.32 -51.44 63.49
C ILE Y 33 -69.69 -50.56 64.53
N TRP Y 34 -68.53 -50.96 65.03
CA TRP Y 34 -67.87 -50.17 66.04
C TRP Y 34 -67.54 -48.76 65.58
N ARG Y 35 -67.04 -48.63 64.37
CA ARG Y 35 -66.70 -47.32 63.85
C ARG Y 35 -67.94 -46.45 63.88
N ALA Y 36 -69.08 -47.03 63.53
CA ALA Y 36 -70.34 -46.31 63.54
C ALA Y 36 -70.74 -45.94 64.96
N THR Y 37 -70.46 -46.84 65.89
CA THR Y 37 -70.79 -46.57 67.27
C THR Y 37 -69.95 -45.42 67.82
N PHE Y 38 -68.64 -45.57 67.78
CA PHE Y 38 -67.73 -44.56 68.28
C PHE Y 38 -67.93 -43.20 67.60
N ALA Y 39 -68.29 -43.23 66.33
CA ALA Y 39 -68.50 -41.99 65.60
C ALA Y 39 -69.65 -41.23 66.21
N GLN Y 40 -70.64 -41.97 66.71
CA GLN Y 40 -71.80 -41.38 67.33
C GLN Y 40 -71.49 -40.79 68.71
N VAL Y 41 -70.87 -41.61 69.56
CA VAL Y 41 -70.54 -41.20 70.89
C VAL Y 41 -69.05 -41.38 71.19
N PRO Y 42 -68.21 -40.47 70.68
CA PRO Y 42 -66.76 -40.59 70.93
C PRO Y 42 -66.44 -40.72 72.42
N GLU Y 43 -67.34 -40.22 73.26
CA GLU Y 43 -67.15 -40.29 74.70
C GLU Y 43 -66.86 -41.72 75.14
N SER Y 44 -67.57 -42.68 74.56
CA SER Y 44 -67.46 -44.09 74.91
C SER Y 44 -66.13 -44.75 74.67
N ARG Y 45 -65.28 -44.14 73.84
CA ARG Y 45 -63.99 -44.76 73.59
C ARG Y 45 -63.25 -45.01 74.91
N SER Y 46 -63.46 -44.14 75.88
CA SER Y 46 -62.80 -44.27 77.17
C SER Y 46 -63.03 -45.58 77.91
N LEU Y 47 -64.16 -46.23 77.66
CA LEU Y 47 -64.45 -47.49 78.34
C LEU Y 47 -63.61 -48.66 77.83
N PHE Y 48 -63.23 -48.60 76.56
CA PHE Y 48 -62.47 -49.68 75.96
C PHE Y 48 -61.01 -49.33 75.90
N LYS Y 49 -60.57 -48.56 76.88
CA LYS Y 49 -59.18 -48.14 76.92
C LYS Y 49 -58.35 -49.39 77.17
N ARG Y 50 -58.96 -50.36 77.84
CA ARG Y 50 -58.26 -51.59 78.19
C ARG Y 50 -57.94 -52.47 76.99
N VAL Y 51 -58.80 -52.40 75.98
CA VAL Y 51 -58.64 -53.20 74.79
C VAL Y 51 -58.42 -52.32 73.57
N HIS Y 52 -57.43 -51.45 73.67
CA HIS Y 52 -57.07 -50.52 72.60
C HIS Y 52 -58.26 -49.95 71.84
N GLY Y 53 -59.08 -49.18 72.54
CA GLY Y 53 -60.23 -48.58 71.92
C GLY Y 53 -59.80 -47.36 71.13
N ASP Y 54 -58.58 -46.91 71.37
CA ASP Y 54 -58.05 -45.75 70.67
C ASP Y 54 -57.90 -46.04 69.17
N ASP Y 55 -57.46 -47.26 68.84
CA ASP Y 55 -57.27 -47.67 67.45
C ASP Y 55 -58.14 -48.87 67.11
N THR Y 56 -59.28 -48.59 66.50
CA THR Y 56 -60.25 -49.62 66.13
C THR Y 56 -59.64 -50.77 65.31
N SER Y 57 -58.51 -50.52 64.67
CA SER Y 57 -57.85 -51.54 63.84
C SER Y 57 -56.78 -52.35 64.56
N HIS Y 58 -56.60 -52.12 65.84
CA HIS Y 58 -55.59 -52.85 66.61
C HIS Y 58 -56.10 -54.24 66.91
N PRO Y 59 -55.26 -55.26 66.70
CA PRO Y 59 -55.68 -56.65 66.96
C PRO Y 59 -56.47 -56.84 68.25
N ALA Y 60 -55.98 -56.26 69.33
CA ALA Y 60 -56.64 -56.38 70.63
C ALA Y 60 -58.11 -56.03 70.48
N PHE Y 61 -58.39 -54.88 69.87
CA PHE Y 61 -59.74 -54.42 69.66
C PHE Y 61 -60.46 -55.28 68.66
N ILE Y 62 -59.76 -55.69 67.60
CA ILE Y 62 -60.35 -56.53 66.57
C ILE Y 62 -60.94 -57.74 67.27
N ALA Y 63 -60.15 -58.30 68.16
CA ALA Y 63 -60.56 -59.46 68.95
C ALA Y 63 -61.80 -59.05 69.71
N HIS Y 64 -61.66 -58.03 70.56
CA HIS Y 64 -62.78 -57.54 71.33
C HIS Y 64 -64.05 -57.46 70.50
N ALA Y 65 -64.01 -56.72 69.40
CA ALA Y 65 -65.17 -56.59 68.53
C ALA Y 65 -65.73 -57.94 68.15
N ASP Y 66 -64.92 -58.73 67.44
CA ASP Y 66 -65.32 -60.06 67.00
C ASP Y 66 -65.88 -60.84 68.20
N ARG Y 67 -65.39 -60.51 69.38
CA ARG Y 67 -65.80 -61.19 70.61
C ARG Y 67 -67.16 -60.73 71.08
N VAL Y 68 -67.45 -59.45 70.87
CA VAL Y 68 -68.71 -58.85 71.26
C VAL Y 68 -69.81 -59.40 70.40
N LEU Y 69 -69.64 -59.27 69.10
CA LEU Y 69 -70.64 -59.77 68.17
C LEU Y 69 -70.96 -61.20 68.59
N GLY Y 70 -69.93 -61.92 69.00
CA GLY Y 70 -70.11 -63.30 69.43
C GLY Y 70 -71.30 -63.45 70.37
N GLY Y 71 -71.29 -62.65 71.44
CA GLY Y 71 -72.38 -62.71 72.38
C GLY Y 71 -73.68 -62.36 71.68
N LEU Y 72 -73.69 -61.23 70.98
CA LEU Y 72 -74.89 -60.82 70.27
C LEU Y 72 -75.41 -61.99 69.45
N ASP Y 73 -74.50 -62.79 68.93
CA ASP Y 73 -74.90 -63.97 68.13
C ASP Y 73 -75.70 -64.86 69.05
N ILE Y 74 -75.06 -65.38 70.09
CA ILE Y 74 -75.76 -66.25 71.03
C ILE Y 74 -77.14 -65.68 71.37
N ALA Y 75 -77.19 -64.38 71.67
CA ALA Y 75 -78.45 -63.75 72.02
C ALA Y 75 -79.46 -63.97 70.91
N ILE Y 76 -79.25 -63.33 69.79
CA ILE Y 76 -80.14 -63.46 68.65
C ILE Y 76 -80.43 -64.93 68.34
N SER Y 77 -79.37 -65.75 68.24
CA SER Y 77 -79.49 -67.10 67.81
C SER Y 77 -80.43 -67.76 68.75
N THR Y 78 -80.12 -67.68 70.06
CA THR Y 78 -80.84 -68.38 71.09
C THR Y 78 -82.21 -67.81 71.24
N LEU Y 79 -82.43 -66.58 70.73
CA LEU Y 79 -83.56 -65.75 71.07
C LEU Y 79 -84.79 -66.57 70.92
N ASP Y 80 -84.83 -67.30 69.80
CA ASP Y 80 -86.01 -67.88 69.28
C ASP Y 80 -86.56 -68.80 70.33
N GLN Y 81 -85.69 -69.58 71.02
CA GLN Y 81 -86.25 -70.47 72.00
C GLN Y 81 -86.12 -69.83 73.35
N PRO Y 82 -87.27 -69.48 73.91
CA PRO Y 82 -87.39 -68.75 75.17
C PRO Y 82 -86.63 -69.40 76.31
N ALA Y 83 -86.75 -70.72 76.41
CA ALA Y 83 -86.09 -71.49 77.45
C ALA Y 83 -84.61 -71.13 77.55
N THR Y 84 -83.90 -71.37 76.46
CA THR Y 84 -82.48 -71.12 76.37
C THR Y 84 -82.13 -69.64 76.45
N LEU Y 85 -82.73 -68.85 75.57
CA LEU Y 85 -82.49 -67.40 75.57
C LEU Y 85 -82.51 -66.89 77.01
N LYS Y 86 -83.61 -67.19 77.70
CA LYS Y 86 -83.77 -66.80 79.07
C LYS Y 86 -82.44 -66.96 79.79
N GLU Y 87 -81.87 -68.15 79.69
CA GLU Y 87 -80.59 -68.45 80.36
C GLU Y 87 -79.46 -67.53 79.92
N GLU Y 88 -79.18 -67.47 78.63
CA GLU Y 88 -78.13 -66.59 78.14
C GLU Y 88 -78.31 -65.17 78.66
N LEU Y 89 -79.49 -64.62 78.48
CA LEU Y 89 -79.74 -63.27 78.94
C LEU Y 89 -79.41 -63.19 80.42
N ASP Y 90 -79.95 -64.10 81.21
CA ASP Y 90 -79.68 -64.10 82.65
C ASP Y 90 -78.19 -64.13 82.91
N HIS Y 91 -77.47 -64.98 82.18
CA HIS Y 91 -76.03 -65.08 82.33
C HIS Y 91 -75.42 -63.68 82.13
N LEU Y 92 -75.79 -63.03 81.04
CA LEU Y 92 -75.28 -61.71 80.74
C LEU Y 92 -75.64 -60.78 81.88
N GLN Y 93 -76.91 -60.77 82.22
CA GLN Y 93 -77.41 -59.91 83.28
C GLN Y 93 -76.41 -59.83 84.42
N VAL Y 94 -75.88 -60.99 84.80
CA VAL Y 94 -74.91 -61.06 85.88
C VAL Y 94 -73.61 -60.35 85.56
N GLN Y 95 -73.00 -60.68 84.44
CA GLN Y 95 -71.75 -60.07 84.05
C GLN Y 95 -71.86 -58.56 84.00
N HIS Y 96 -73.09 -58.06 84.04
CA HIS Y 96 -73.30 -56.62 83.97
C HIS Y 96 -73.76 -55.94 85.26
N GLU Y 97 -74.64 -56.57 86.07
CA GLU Y 97 -75.19 -55.88 87.19
C GLU Y 97 -74.07 -55.59 88.14
N GLY Y 98 -74.18 -54.44 88.85
CA GLY Y 98 -73.13 -53.94 89.68
C GLY Y 98 -72.35 -53.02 88.84
N ARG Y 99 -72.50 -53.15 87.51
CA ARG Y 99 -72.06 -52.11 86.62
C ARG Y 99 -73.29 -51.36 86.29
N LYS Y 100 -73.21 -50.00 86.26
CA LYS Y 100 -74.26 -49.17 85.73
C LYS Y 100 -73.87 -48.83 84.33
N ILE Y 101 -74.86 -48.80 83.41
CA ILE Y 101 -74.50 -48.57 82.04
C ILE Y 101 -75.44 -47.54 81.52
N PRO Y 102 -74.82 -46.58 80.92
CA PRO Y 102 -75.52 -45.46 80.37
C PRO Y 102 -76.38 -46.08 79.32
N ASP Y 103 -77.64 -45.62 79.21
CA ASP Y 103 -78.54 -46.14 78.18
C ASP Y 103 -78.29 -45.37 76.90
N ASN Y 104 -77.54 -44.28 77.03
CA ASN Y 104 -77.16 -43.44 75.90
C ASN Y 104 -76.31 -44.23 74.89
N TYR Y 105 -75.26 -44.92 75.38
CA TYR Y 105 -74.38 -45.70 74.52
C TYR Y 105 -75.11 -46.87 73.86
N PHE Y 106 -75.77 -47.71 74.64
CA PHE Y 106 -76.50 -48.83 74.06
C PHE Y 106 -77.31 -48.38 72.89
N ASP Y 107 -77.94 -47.22 73.02
CA ASP Y 107 -78.77 -46.67 71.96
C ASP Y 107 -77.95 -46.53 70.68
N ALA Y 108 -76.80 -45.88 70.79
CA ALA Y 108 -75.91 -45.67 69.65
C ALA Y 108 -75.46 -47.00 69.03
N PHE Y 109 -75.01 -47.92 69.89
CA PHE Y 109 -74.56 -49.21 69.43
C PHE Y 109 -75.66 -49.92 68.67
N LYS Y 110 -76.91 -49.76 69.08
CA LYS Y 110 -78.02 -50.40 68.37
C LYS Y 110 -78.08 -49.78 66.99
N THR Y 111 -78.15 -48.45 66.97
CA THR Y 111 -78.21 -47.71 65.73
C THR Y 111 -77.11 -48.22 64.83
N ALA Y 112 -75.89 -48.25 65.36
CA ALA Y 112 -74.77 -48.73 64.58
C ALA Y 112 -75.13 -50.05 63.92
N ILE Y 113 -75.37 -51.07 64.74
CA ILE Y 113 -75.74 -52.39 64.24
C ILE Y 113 -76.76 -52.28 63.13
N LEU Y 114 -77.89 -51.64 63.42
CA LEU Y 114 -78.93 -51.49 62.42
C LEU Y 114 -78.44 -50.91 61.10
N HIS Y 115 -77.75 -49.76 61.14
CA HIS Y 115 -77.26 -49.18 59.91
C HIS Y 115 -76.33 -50.11 59.15
N VAL Y 116 -75.40 -50.76 59.84
CA VAL Y 116 -74.49 -51.66 59.16
C VAL Y 116 -75.26 -52.82 58.58
N VAL Y 117 -76.03 -53.51 59.40
CA VAL Y 117 -76.83 -54.66 58.92
C VAL Y 117 -77.62 -54.28 57.66
N ALA Y 118 -78.28 -53.12 57.67
CA ALA Y 118 -79.05 -52.66 56.52
C ALA Y 118 -78.13 -52.51 55.31
N ALA Y 119 -76.94 -51.99 55.53
CA ALA Y 119 -76.00 -51.79 54.46
C ALA Y 119 -75.60 -53.15 53.92
N GLN Y 120 -75.44 -54.13 54.80
CA GLN Y 120 -75.03 -55.48 54.41
C GLN Y 120 -76.09 -56.32 53.74
N LEU Y 121 -77.34 -56.19 54.17
CA LEU Y 121 -78.40 -57.01 53.59
C LEU Y 121 -79.02 -56.44 52.33
N GLY Y 122 -78.66 -55.22 51.98
CA GLY Y 122 -79.22 -54.64 50.77
C GLY Y 122 -80.70 -54.31 50.82
N ARG Y 123 -81.52 -55.26 50.43
CA ARG Y 123 -82.98 -55.04 50.37
C ARG Y 123 -83.88 -55.83 51.32
N CYS Y 124 -83.57 -57.10 51.53
CA CYS Y 124 -84.40 -57.92 52.40
C CYS Y 124 -83.98 -57.74 53.86
N TYR Y 125 -84.66 -56.80 54.53
CA TYR Y 125 -84.38 -56.47 55.92
C TYR Y 125 -85.49 -55.62 56.53
N ASP Y 126 -86.11 -56.16 57.58
CA ASP Y 126 -87.18 -55.46 58.27
C ASP Y 126 -86.57 -54.64 59.40
N ARG Y 127 -86.69 -53.31 59.32
CA ARG Y 127 -86.12 -52.46 60.35
C ARG Y 127 -86.80 -52.63 61.71
N GLU Y 128 -88.09 -52.33 61.76
CA GLU Y 128 -88.86 -52.46 63.01
C GLU Y 128 -88.49 -53.72 63.77
N ALA Y 129 -88.53 -54.86 63.09
CA ALA Y 129 -88.21 -56.15 63.68
C ALA Y 129 -86.87 -56.16 64.39
N TRP Y 130 -85.81 -55.77 63.70
CA TRP Y 130 -84.51 -55.75 64.33
C TRP Y 130 -84.56 -54.81 65.52
N ASP Y 131 -85.01 -53.58 65.28
CA ASP Y 131 -85.09 -52.61 66.35
C ASP Y 131 -85.68 -53.29 67.58
N ALA Y 132 -86.85 -53.87 67.40
CA ALA Y 132 -87.55 -54.53 68.50
C ALA Y 132 -86.71 -55.57 69.22
N CYS Y 133 -86.08 -56.46 68.48
CA CYS Y 133 -85.27 -57.49 69.09
C CYS Y 133 -83.93 -57.04 69.66
N ILE Y 134 -83.20 -56.20 68.93
CA ILE Y 134 -81.94 -55.72 69.44
C ILE Y 134 -82.27 -55.09 70.76
N ASP Y 135 -83.41 -54.43 70.82
CA ASP Y 135 -83.87 -53.78 72.03
C ASP Y 135 -84.01 -54.84 73.11
N HIS Y 136 -84.92 -55.79 72.90
CA HIS Y 136 -85.14 -56.83 73.88
C HIS Y 136 -83.84 -57.44 74.38
N ILE Y 137 -82.87 -57.60 73.47
CA ILE Y 137 -81.58 -58.16 73.86
C ILE Y 137 -80.81 -57.19 74.73
N GLU Y 138 -80.83 -55.92 74.37
CA GLU Y 138 -80.13 -54.91 75.17
C GLU Y 138 -80.76 -54.77 76.53
N ASP Y 139 -82.08 -54.76 76.60
CA ASP Y 139 -82.76 -54.64 77.88
C ASP Y 139 -82.25 -55.73 78.79
N GLY Y 140 -82.17 -56.95 78.26
CA GLY Y 140 -81.67 -58.07 79.04
C GLY Y 140 -80.25 -57.91 79.56
N ILE Y 141 -79.52 -56.93 79.03
CA ILE Y 141 -78.15 -56.70 79.46
C ILE Y 141 -78.05 -55.54 80.41
N LYS Y 142 -78.97 -54.59 80.30
CA LYS Y 142 -78.96 -53.44 81.18
C LYS Y 142 -79.76 -53.75 82.45
N GLY Y 143 -80.88 -54.46 82.19
CA GLY Y 143 -81.38 -55.39 83.14
C GLY Y 143 -82.26 -54.61 84.02
N HIS Y 144 -82.16 -53.29 83.84
CA HIS Y 144 -82.96 -52.51 84.67
C HIS Y 144 -83.72 -51.62 83.78
N HIS Y 145 -84.72 -51.03 84.42
CA HIS Y 145 -85.77 -50.39 83.77
C HIS Y 145 -85.45 -49.01 84.24
N HIS Z 1 -45.76 -78.24 63.07
CA HIS Z 1 -45.82 -77.13 64.06
C HIS Z 1 -45.85 -75.85 63.29
N GLU Z 2 -44.65 -75.29 63.00
CA GLU Z 2 -44.61 -74.00 62.38
C GLU Z 2 -45.29 -74.17 61.06
N HIS Z 3 -44.95 -75.29 60.40
CA HIS Z 3 -45.37 -75.63 59.08
C HIS Z 3 -46.84 -75.66 59.16
N CYS Z 4 -47.33 -76.41 60.16
CA CYS Z 4 -48.70 -76.82 60.24
C CYS Z 4 -49.57 -75.70 60.68
N CYS Z 5 -50.90 -75.89 60.49
CA CYS Z 5 -51.88 -74.84 60.35
C CYS Z 5 -51.39 -73.86 59.34
N SER Z 6 -50.98 -74.36 58.18
CA SER Z 6 -50.65 -73.51 57.08
C SER Z 6 -51.94 -72.89 56.63
N GLU Z 7 -51.83 -71.92 55.70
CA GLU Z 7 -52.91 -71.28 55.00
C GLU Z 7 -53.83 -72.32 54.37
N GLU Z 8 -53.28 -73.23 53.57
CA GLU Z 8 -54.13 -74.25 52.94
C GLU Z 8 -54.81 -75.03 54.06
N ASP Z 9 -54.01 -75.47 55.02
CA ASP Z 9 -54.53 -76.24 56.14
C ASP Z 9 -55.83 -75.66 56.67
N HIS Z 10 -55.76 -74.45 57.23
CA HIS Z 10 -56.96 -73.86 57.78
C HIS Z 10 -57.97 -73.44 56.74
N ARG Z 11 -57.50 -73.05 55.56
CA ARG Z 11 -58.45 -72.68 54.52
C ARG Z 11 -59.40 -73.88 54.44
N ILE Z 12 -58.82 -75.07 54.57
CA ILE Z 12 -59.59 -76.30 54.50
C ILE Z 12 -60.51 -76.39 55.69
N VAL Z 13 -59.92 -76.35 56.87
CA VAL Z 13 -60.69 -76.44 58.08
C VAL Z 13 -61.89 -75.52 57.95
N GLN Z 14 -61.62 -74.24 57.69
CA GLN Z 14 -62.70 -73.28 57.57
C GLN Z 14 -63.80 -73.74 56.65
N LYS Z 15 -63.41 -74.19 55.46
CA LYS Z 15 -64.41 -74.63 54.48
C LYS Z 15 -65.26 -75.76 55.03
N GLN Z 16 -64.60 -76.75 55.62
CA GLN Z 16 -65.28 -77.92 56.14
C GLN Z 16 -66.16 -77.63 57.34
N TRP Z 17 -65.74 -76.67 58.16
CA TRP Z 17 -66.48 -76.32 59.36
C TRP Z 17 -67.76 -75.58 58.97
N ASP Z 18 -67.76 -75.05 57.74
CA ASP Z 18 -68.93 -74.33 57.27
C ASP Z 18 -70.06 -75.25 56.78
N ILE Z 19 -69.70 -76.45 56.35
CA ILE Z 19 -70.69 -77.41 55.87
C ILE Z 19 -71.77 -77.50 56.92
N LEU Z 20 -71.39 -77.25 58.17
CA LEU Z 20 -72.32 -77.32 59.27
C LEU Z 20 -73.42 -76.27 59.33
N TRP Z 21 -73.03 -75.00 59.26
CA TRP Z 21 -73.98 -73.90 59.38
C TRP Z 21 -74.75 -73.52 58.11
N ARG Z 22 -75.06 -74.50 57.27
CA ARG Z 22 -75.80 -74.22 56.05
C ARG Z 22 -77.26 -73.92 56.37
N ASP Z 23 -77.82 -74.62 57.36
CA ASP Z 23 -79.22 -74.39 57.73
C ASP Z 23 -79.36 -73.44 58.94
N THR Z 24 -80.40 -72.62 58.88
CA THR Z 24 -80.66 -71.61 59.90
C THR Z 24 -80.76 -72.12 61.34
N GLU Z 25 -81.03 -73.41 61.54
CA GLU Z 25 -81.15 -73.91 62.89
C GLU Z 25 -79.80 -74.28 63.52
N SER Z 26 -78.85 -73.37 63.40
CA SER Z 26 -77.52 -73.56 63.95
C SER Z 26 -77.57 -73.85 65.45
N SER Z 27 -78.44 -73.12 66.16
CA SER Z 27 -78.59 -73.30 67.60
C SER Z 27 -78.79 -74.76 67.96
N LYS Z 28 -79.82 -75.37 67.38
CA LYS Z 28 -80.13 -76.77 67.64
C LYS Z 28 -78.88 -77.63 67.46
N ILE Z 29 -78.12 -77.35 66.41
CA ILE Z 29 -76.90 -78.10 66.12
C ILE Z 29 -75.82 -77.78 67.14
N LYS Z 30 -75.31 -76.56 67.09
CA LYS Z 30 -74.26 -76.14 68.01
C LYS Z 30 -74.50 -76.71 69.40
N ILE Z 31 -75.72 -76.52 69.90
CA ILE Z 31 -76.07 -77.04 71.23
C ILE Z 31 -75.88 -78.55 71.29
N GLY Z 32 -76.71 -79.27 70.55
CA GLY Z 32 -76.60 -80.72 70.53
C GLY Z 32 -75.18 -81.20 70.43
N PHE Z 33 -74.44 -80.64 69.46
CA PHE Z 33 -73.06 -81.03 69.26
C PHE Z 33 -72.19 -80.67 70.46
N GLY Z 34 -72.22 -79.40 70.87
CA GLY Z 34 -71.42 -78.98 72.00
C GLY Z 34 -71.83 -79.74 73.24
N ARG Z 35 -73.12 -80.01 73.37
CA ARG Z 35 -73.64 -80.74 74.50
C ARG Z 35 -72.94 -82.08 74.55
N LEU Z 36 -73.07 -82.82 73.47
CA LEU Z 36 -72.44 -84.14 73.37
C LEU Z 36 -70.95 -84.07 73.65
N LEU Z 37 -70.26 -83.13 73.01
CA LEU Z 37 -68.80 -82.98 73.21
C LEU Z 37 -68.41 -82.85 74.68
N LEU Z 38 -69.10 -82.01 75.42
CA LEU Z 38 -68.79 -81.85 76.83
C LEU Z 38 -69.18 -83.10 77.60
N THR Z 39 -70.35 -83.66 77.33
CA THR Z 39 -70.81 -84.88 77.99
C THR Z 39 -69.75 -85.94 77.88
N LYS Z 40 -69.40 -86.29 76.65
CA LYS Z 40 -68.39 -87.32 76.36
C LYS Z 40 -67.08 -86.99 77.05
N LEU Z 41 -66.92 -85.76 77.49
CA LEU Z 41 -65.69 -85.41 78.17
C LEU Z 41 -65.86 -85.85 79.61
N ALA Z 42 -66.97 -85.44 80.23
CA ALA Z 42 -67.26 -85.80 81.62
C ALA Z 42 -67.32 -87.32 81.77
N LYS Z 43 -67.65 -87.99 80.67
CA LYS Z 43 -67.74 -89.44 80.66
C LYS Z 43 -66.36 -90.05 80.90
N ASP Z 44 -65.37 -89.59 80.14
CA ASP Z 44 -64.00 -90.10 80.27
C ASP Z 44 -63.22 -89.51 81.43
N ILE Z 45 -63.63 -88.34 81.92
CA ILE Z 45 -62.96 -87.70 83.05
C ILE Z 45 -64.00 -86.97 83.87
N PRO Z 46 -64.49 -87.60 84.94
CA PRO Z 46 -65.51 -87.08 85.85
C PRO Z 46 -65.17 -85.84 86.66
N GLU Z 47 -63.91 -85.69 87.04
CA GLU Z 47 -63.54 -84.53 87.84
C GLU Z 47 -63.97 -83.28 87.11
N VAL Z 48 -64.48 -83.47 85.88
CA VAL Z 48 -64.96 -82.39 85.05
C VAL Z 48 -66.36 -82.00 85.49
N ASN Z 49 -67.18 -82.99 85.74
CA ASN Z 49 -68.55 -82.75 86.17
C ASN Z 49 -68.65 -81.65 87.23
N ASP Z 50 -67.65 -81.58 88.10
CA ASP Z 50 -67.66 -80.58 89.17
C ASP Z 50 -67.34 -79.19 88.66
N LEU Z 51 -66.58 -79.11 87.57
CA LEU Z 51 -66.20 -77.84 86.99
C LEU Z 51 -67.38 -77.20 86.31
N PHE Z 52 -68.11 -78.01 85.55
CA PHE Z 52 -69.28 -77.56 84.83
C PHE Z 52 -70.52 -77.58 85.70
N LYS Z 53 -70.31 -77.78 87.00
CA LYS Z 53 -71.39 -77.82 87.96
C LYS Z 53 -72.11 -76.49 87.94
N ARG Z 54 -71.31 -75.43 87.91
CA ARG Z 54 -71.79 -74.05 87.89
C ARG Z 54 -72.82 -73.79 86.79
N VAL Z 55 -72.70 -74.51 85.68
CA VAL Z 55 -73.62 -74.32 84.56
C VAL Z 55 -74.65 -75.45 84.46
N ASP Z 56 -74.92 -76.10 85.59
CA ASP Z 56 -75.91 -77.18 85.63
C ASP Z 56 -75.69 -78.22 84.54
N ILE Z 57 -74.48 -78.76 84.47
CA ILE Z 57 -74.17 -79.79 83.48
C ILE Z 57 -74.97 -81.03 83.81
N GLU Z 58 -75.46 -81.09 85.04
CA GLU Z 58 -76.25 -82.21 85.49
C GLU Z 58 -77.47 -82.34 84.57
N HIS Z 59 -78.00 -81.22 84.10
CA HIS Z 59 -79.15 -81.22 83.20
C HIS Z 59 -78.69 -80.85 81.80
N ALA Z 60 -78.22 -81.84 81.06
CA ALA Z 60 -77.72 -81.61 79.72
C ALA Z 60 -78.64 -80.74 78.87
N GLU Z 61 -79.94 -81.02 78.90
CA GLU Z 61 -80.93 -80.29 78.11
C GLU Z 61 -81.38 -79.02 78.81
N GLY Z 62 -80.93 -78.85 80.05
CA GLY Z 62 -81.30 -77.68 80.82
C GLY Z 62 -80.76 -76.41 80.20
N PRO Z 63 -81.60 -75.40 80.00
CA PRO Z 63 -81.13 -74.16 79.40
C PRO Z 63 -79.80 -73.69 79.96
N LYS Z 64 -79.65 -73.77 81.28
CA LYS Z 64 -78.42 -73.35 81.93
C LYS Z 64 -77.21 -73.88 81.17
N PHE Z 65 -77.23 -75.18 80.89
CA PHE Z 65 -76.14 -75.82 80.18
C PHE Z 65 -76.21 -75.58 78.67
N SER Z 66 -77.41 -75.68 78.09
CA SER Z 66 -77.56 -75.44 76.67
C SER Z 66 -76.90 -74.11 76.28
N ALA Z 67 -77.12 -73.09 77.11
CA ALA Z 67 -76.52 -71.80 76.83
C ALA Z 67 -75.04 -72.02 76.76
N HIS Z 68 -74.49 -72.59 77.82
CA HIS Z 68 -73.06 -72.86 77.91
C HIS Z 68 -72.57 -73.58 76.66
N ALA Z 69 -73.26 -74.67 76.32
CA ALA Z 69 -72.92 -75.46 75.16
C ALA Z 69 -72.63 -74.51 74.01
N LEU Z 70 -73.46 -73.50 73.86
CA LEU Z 70 -73.27 -72.54 72.79
C LEU Z 70 -71.99 -71.77 73.02
N ARG Z 71 -71.94 -71.02 74.10
CA ARG Z 71 -70.77 -70.23 74.43
C ARG Z 71 -69.48 -70.91 74.05
N ILE Z 72 -69.27 -72.13 74.51
CA ILE Z 72 -68.05 -72.85 74.19
C ILE Z 72 -67.94 -73.17 72.70
N LEU Z 73 -68.89 -73.97 72.23
CA LEU Z 73 -68.93 -74.34 70.84
C LEU Z 73 -68.76 -73.09 69.97
N ASN Z 74 -69.41 -72.00 70.37
CA ASN Z 74 -69.34 -70.75 69.63
C ASN Z 74 -67.95 -70.11 69.72
N GLY Z 75 -67.24 -70.41 70.81
CA GLY Z 75 -65.91 -69.88 70.99
C GLY Z 75 -65.02 -70.57 70.01
N LEU Z 76 -65.20 -71.88 69.89
CA LEU Z 76 -64.42 -72.66 68.94
C LEU Z 76 -64.63 -72.05 67.56
N ASP Z 77 -65.85 -71.60 67.28
CA ASP Z 77 -66.18 -70.97 66.00
C ASP Z 77 -65.23 -69.78 65.86
N LEU Z 78 -65.32 -68.85 66.79
CA LEU Z 78 -64.47 -67.67 66.78
C LEU Z 78 -63.03 -68.05 66.44
N ALA Z 79 -62.49 -69.02 67.16
CA ALA Z 79 -61.12 -69.46 66.93
C ALA Z 79 -60.93 -69.79 65.46
N ILE Z 80 -61.73 -70.72 64.96
CA ILE Z 80 -61.64 -71.13 63.57
C ILE Z 80 -61.78 -69.95 62.63
N ASN Z 81 -62.79 -69.11 62.82
CA ASN Z 81 -63.00 -67.97 61.93
C ASN Z 81 -61.94 -66.89 61.98
N LEU Z 82 -61.00 -67.00 62.91
CA LEU Z 82 -59.94 -66.02 62.99
C LEU Z 82 -58.64 -66.65 62.58
N LEU Z 83 -58.71 -67.90 62.10
CA LEU Z 83 -57.50 -68.61 61.69
C LEU Z 83 -56.73 -67.85 60.63
N ASP Z 84 -57.42 -67.02 59.85
CA ASP Z 84 -56.74 -66.27 58.82
C ASP Z 84 -56.47 -64.84 59.28
N ASP Z 85 -55.69 -64.71 60.36
CA ASP Z 85 -55.30 -63.42 60.96
C ASP Z 85 -54.64 -63.75 62.28
N PRO Z 86 -53.50 -64.44 62.23
CA PRO Z 86 -52.74 -64.85 63.41
C PRO Z 86 -52.73 -63.91 64.61
N PRO Z 87 -52.40 -62.61 64.40
CA PRO Z 87 -52.38 -61.67 65.52
C PRO Z 87 -53.70 -61.59 66.25
N ALA Z 88 -54.79 -61.50 65.49
CA ALA Z 88 -56.15 -61.43 66.05
C ALA Z 88 -56.47 -62.75 66.74
N LEU Z 89 -56.35 -63.85 66.01
CA LEU Z 89 -56.60 -65.15 66.58
C LEU Z 89 -55.82 -65.30 67.85
N ASP Z 90 -54.54 -64.92 67.82
CA ASP Z 90 -53.69 -65.01 69.00
C ASP Z 90 -54.41 -64.33 70.13
N ALA Z 91 -54.60 -63.03 70.00
CA ALA Z 91 -55.29 -62.26 71.04
C ALA Z 91 -56.58 -62.93 71.50
N ALA Z 92 -57.42 -63.29 70.53
CA ALA Z 92 -58.70 -63.95 70.81
C ALA Z 92 -58.57 -65.18 71.70
N LEU Z 93 -57.54 -65.97 71.45
CA LEU Z 93 -57.28 -67.18 72.23
C LEU Z 93 -56.66 -66.85 73.58
N ASP Z 94 -55.68 -65.94 73.60
CA ASP Z 94 -55.05 -65.56 74.86
C ASP Z 94 -56.16 -65.22 75.83
N HIS Z 95 -57.12 -64.46 75.35
CA HIS Z 95 -58.26 -64.05 76.17
C HIS Z 95 -58.95 -65.30 76.72
N LEU Z 96 -59.13 -66.31 75.87
CA LEU Z 96 -59.77 -67.55 76.31
C LEU Z 96 -58.92 -68.24 77.36
N ALA Z 97 -57.61 -68.06 77.28
CA ALA Z 97 -56.73 -68.66 78.26
C ALA Z 97 -57.09 -68.10 79.62
N HIS Z 98 -57.09 -66.77 79.73
CA HIS Z 98 -57.41 -66.10 80.98
C HIS Z 98 -58.78 -66.51 81.52
N GLN Z 99 -59.75 -66.70 80.64
CA GLN Z 99 -61.07 -67.09 81.10
C GLN Z 99 -61.08 -68.48 81.70
N HIS Z 100 -60.03 -69.24 81.42
CA HIS Z 100 -59.90 -70.60 81.93
C HIS Z 100 -58.89 -70.66 83.07
N GLU Z 101 -57.98 -69.70 83.12
CA GLU Z 101 -56.98 -69.67 84.17
C GLU Z 101 -57.62 -69.53 85.55
N VAL Z 102 -58.56 -68.60 85.67
CA VAL Z 102 -59.23 -68.34 86.93
C VAL Z 102 -60.29 -69.38 87.29
N ARG Z 103 -60.35 -70.46 86.53
CA ARG Z 103 -61.31 -71.51 86.81
C ARG Z 103 -60.52 -72.71 87.31
N GLU Z 104 -60.22 -72.73 88.61
CA GLU Z 104 -59.43 -73.81 89.16
C GLU Z 104 -60.11 -75.15 88.99
N GLY Z 105 -59.30 -76.18 88.78
CA GLY Z 105 -59.81 -77.52 88.59
C GLY Z 105 -59.53 -77.95 87.17
N VAL Z 106 -59.51 -76.97 86.28
CA VAL Z 106 -59.27 -77.21 84.87
C VAL Z 106 -57.79 -77.40 84.64
N GLN Z 107 -57.40 -78.62 84.27
CA GLN Z 107 -55.99 -78.93 84.00
C GLN Z 107 -55.75 -79.29 82.53
N LYS Z 108 -54.51 -79.18 82.09
CA LYS Z 108 -54.16 -79.47 80.71
C LYS Z 108 -54.70 -80.78 80.19
N ALA Z 109 -54.44 -81.87 80.91
CA ALA Z 109 -54.90 -83.19 80.50
C ALA Z 109 -56.36 -83.18 80.01
N HIS Z 110 -57.14 -82.22 80.47
CA HIS Z 110 -58.54 -82.09 80.08
C HIS Z 110 -58.64 -81.75 78.61
N PHE Z 111 -57.90 -80.72 78.19
CA PHE Z 111 -57.89 -80.29 76.80
C PHE Z 111 -57.36 -81.39 75.91
N LYS Z 112 -56.24 -82.00 76.28
CA LYS Z 112 -55.70 -83.08 75.46
C LYS Z 112 -56.82 -84.05 75.14
N LYS Z 113 -57.60 -84.42 76.15
CA LYS Z 113 -58.71 -85.36 75.96
C LYS Z 113 -59.80 -84.76 75.08
N PHE Z 114 -60.24 -83.56 75.42
CA PHE Z 114 -61.28 -82.89 74.65
C PHE Z 114 -60.87 -82.87 73.19
N GLY Z 115 -59.58 -82.72 72.95
CA GLY Z 115 -59.10 -82.67 71.58
C GLY Z 115 -59.35 -83.99 70.90
N GLU Z 116 -58.95 -85.07 71.55
CA GLU Z 116 -59.13 -86.40 71.00
C GLU Z 116 -60.60 -86.64 70.71
N ILE Z 117 -61.46 -86.15 71.61
CA ILE Z 117 -62.91 -86.34 71.47
C ILE Z 117 -63.43 -85.57 70.28
N LEU Z 118 -62.99 -84.32 70.18
CA LEU Z 118 -63.40 -83.42 69.12
C LEU Z 118 -62.99 -83.99 67.78
N ALA Z 119 -61.82 -84.60 67.75
CA ALA Z 119 -61.30 -85.18 66.53
C ALA Z 119 -62.05 -86.43 66.10
N THR Z 120 -62.70 -87.09 67.06
CA THR Z 120 -63.43 -88.30 66.73
C THR Z 120 -64.86 -87.93 66.42
N GLY Z 121 -65.27 -86.76 66.88
CA GLY Z 121 -66.63 -86.30 66.66
C GLY Z 121 -66.89 -85.61 65.35
N LEU Z 122 -66.08 -84.60 65.03
CA LEU Z 122 -66.25 -83.85 63.78
C LEU Z 122 -66.54 -84.73 62.59
N PRO Z 123 -65.67 -85.69 62.29
CA PRO Z 123 -65.86 -86.59 61.14
C PRO Z 123 -67.18 -87.38 61.14
N GLN Z 124 -67.96 -87.23 62.20
CA GLN Z 124 -69.22 -87.92 62.30
C GLN Z 124 -70.35 -87.06 61.79
N VAL Z 125 -70.13 -85.76 61.75
CA VAL Z 125 -71.14 -84.83 61.26
C VAL Z 125 -70.76 -84.21 59.94
N LEU Z 126 -69.47 -84.25 59.64
CA LEU Z 126 -68.98 -83.68 58.39
C LEU Z 126 -68.58 -84.81 57.46
N ASP Z 127 -69.21 -84.89 56.29
CA ASP Z 127 -68.88 -85.95 55.35
C ASP Z 127 -67.47 -85.72 54.78
N ASP Z 128 -67.10 -84.46 54.61
CA ASP Z 128 -65.77 -84.12 54.10
C ASP Z 128 -64.94 -83.62 55.24
N TYR Z 129 -64.00 -84.45 55.69
CA TYR Z 129 -63.12 -84.13 56.81
C TYR Z 129 -61.69 -84.49 56.48
N ASP Z 130 -60.77 -83.57 56.77
CA ASP Z 130 -59.35 -83.81 56.50
C ASP Z 130 -58.64 -83.87 57.82
N ALA Z 131 -58.64 -85.04 58.43
CA ALA Z 131 -58.02 -85.24 59.73
C ALA Z 131 -56.68 -84.52 59.92
N LEU Z 132 -55.79 -84.63 58.94
CA LEU Z 132 -54.49 -83.99 59.05
C LEU Z 132 -54.58 -82.50 59.25
N ALA Z 133 -55.34 -81.82 58.41
CA ALA Z 133 -55.48 -80.37 58.52
C ALA Z 133 -56.08 -80.01 59.88
N TRP Z 134 -57.20 -80.60 60.21
CA TRP Z 134 -57.84 -80.32 61.47
C TRP Z 134 -56.95 -80.52 62.68
N LYS Z 135 -56.40 -81.72 62.83
CA LYS Z 135 -55.55 -82.00 63.98
C LYS Z 135 -54.51 -80.91 64.11
N SER Z 136 -53.90 -80.53 62.99
CA SER Z 136 -52.88 -79.49 62.98
C SER Z 136 -53.39 -78.20 63.61
N CYS Z 137 -54.55 -77.73 63.16
CA CYS Z 137 -55.14 -76.51 63.68
C CYS Z 137 -55.75 -76.64 65.08
N LEU Z 138 -56.53 -77.67 65.32
CA LEU Z 138 -57.11 -77.83 66.64
C LEU Z 138 -56.02 -77.81 67.69
N LYS Z 139 -54.88 -78.43 67.38
CA LYS Z 139 -53.77 -78.48 68.35
C LYS Z 139 -53.37 -77.07 68.72
N GLY Z 140 -52.98 -76.30 67.71
CA GLY Z 140 -52.58 -74.91 67.96
C GLY Z 140 -53.58 -74.16 68.81
N ILE Z 141 -54.87 -74.37 68.57
CA ILE Z 141 -55.91 -73.69 69.31
C ILE Z 141 -55.98 -74.16 70.73
N LEU Z 142 -56.30 -75.44 70.92
CA LEU Z 142 -56.40 -76.01 72.24
C LEU Z 142 -55.20 -75.66 73.11
N THR Z 143 -53.99 -75.76 72.55
CA THR Z 143 -52.79 -75.46 73.30
C THR Z 143 -52.80 -74.01 73.81
N LYS Z 144 -52.90 -73.06 72.90
CA LYS Z 144 -52.89 -71.65 73.26
C LYS Z 144 -53.98 -71.29 74.26
N ILE Z 145 -55.08 -72.04 74.26
CA ILE Z 145 -56.17 -71.76 75.21
C ILE Z 145 -55.85 -72.21 76.63
N SER Z 146 -55.14 -73.32 76.75
CA SER Z 146 -54.80 -73.88 78.05
C SER Z 146 -53.41 -73.49 78.55
N SER Z 147 -52.65 -72.85 77.68
CA SER Z 147 -51.21 -72.84 77.77
C SER Z 147 -50.91 -72.05 78.99
N ARG Z 148 -51.79 -71.07 79.20
CA ARG Z 148 -51.83 -70.55 80.52
C ARG Z 148 -52.72 -71.38 81.36
N LEU Z 149 -52.17 -71.76 82.52
CA LEU Z 149 -52.76 -72.63 83.49
C LEU Z 149 -53.26 -71.64 84.53
N GLU AA 1 -82.66 -97.91 68.97
CA GLU AA 1 -82.96 -97.01 67.83
C GLU AA 1 -81.66 -96.55 67.28
N CYS AA 2 -81.65 -95.37 66.65
CA CYS AA 2 -80.47 -94.98 65.93
C CYS AA 2 -79.76 -93.94 66.74
N LEU AA 3 -78.55 -93.53 66.28
CA LEU AA 3 -77.75 -92.58 66.99
C LEU AA 3 -78.08 -91.23 66.44
N VAL AA 4 -77.99 -90.21 67.32
CA VAL AA 4 -78.48 -88.91 67.01
C VAL AA 4 -77.71 -88.33 65.86
N THR AA 5 -76.40 -88.65 65.77
CA THR AA 5 -75.59 -88.30 64.60
C THR AA 5 -75.96 -89.17 63.39
N GLU AA 6 -76.03 -90.48 63.61
CA GLU AA 6 -76.37 -91.40 62.55
C GLU AA 6 -77.65 -90.97 61.83
N SER AA 7 -78.41 -90.07 62.43
CA SER AA 7 -79.65 -89.58 61.81
C SER AA 7 -79.31 -88.37 60.98
N LEU AA 8 -78.83 -87.33 61.66
CA LEU AA 8 -78.44 -86.08 61.02
C LEU AA 8 -77.69 -86.38 59.74
N LYS AA 9 -76.84 -87.39 59.78
CA LYS AA 9 -76.06 -87.81 58.62
C LYS AA 9 -76.99 -88.19 57.48
N VAL AA 10 -77.99 -89.01 57.79
CA VAL AA 10 -78.96 -89.42 56.79
C VAL AA 10 -79.82 -88.24 56.38
N LYS AA 11 -80.33 -87.51 57.36
CA LYS AA 11 -81.18 -86.35 57.09
C LYS AA 11 -80.47 -85.46 56.08
N LEU AA 12 -79.17 -85.29 56.28
CA LEU AA 12 -78.34 -84.45 55.42
C LEU AA 12 -78.13 -85.05 54.06
N GLN AA 13 -77.62 -86.28 54.01
CA GLN AA 13 -77.37 -86.94 52.74
C GLN AA 13 -78.63 -87.10 51.91
N TRP AA 14 -79.75 -87.35 52.58
CA TRP AA 14 -81.00 -87.50 51.86
C TRP AA 14 -81.23 -86.24 51.05
N ALA AA 15 -80.95 -85.10 51.67
CA ALA AA 15 -81.12 -83.83 51.00
C ALA AA 15 -80.42 -83.81 49.65
N SER AA 16 -79.11 -83.97 49.64
CA SER AA 16 -78.31 -83.94 48.43
C SER AA 16 -78.76 -84.96 47.40
N ALA AA 17 -78.98 -86.19 47.85
CA ALA AA 17 -79.40 -87.26 46.97
C ALA AA 17 -80.77 -87.07 46.32
N PHE AA 18 -81.79 -86.95 47.18
CA PHE AA 18 -83.16 -86.78 46.71
C PHE AA 18 -83.21 -85.61 45.75
N GLY AA 19 -82.93 -84.42 46.25
CA GLY AA 19 -82.93 -83.25 45.40
C GLY AA 19 -84.20 -82.45 45.40
N HIS AA 20 -84.45 -81.74 44.30
CA HIS AA 20 -85.65 -80.93 44.16
C HIS AA 20 -86.29 -81.04 42.78
N ALA AA 21 -87.59 -80.81 42.73
CA ALA AA 21 -88.34 -80.86 41.48
C ALA AA 21 -88.07 -82.11 40.64
N HIS AA 22 -87.87 -81.90 39.36
CA HIS AA 22 -87.63 -83.00 38.43
C HIS AA 22 -86.57 -83.96 38.95
N GLU AA 23 -85.47 -83.42 39.46
CA GLU AA 23 -84.38 -84.23 39.97
C GLU AA 23 -84.88 -85.42 40.77
N ARG AA 24 -86.05 -85.24 41.39
CA ARG AA 24 -86.67 -86.26 42.21
C ARG AA 24 -87.36 -87.33 41.37
N VAL AA 25 -88.27 -86.90 40.52
CA VAL AA 25 -88.98 -87.86 39.68
C VAL AA 25 -87.95 -88.82 39.09
N ALA AA 26 -86.83 -88.25 38.67
CA ALA AA 26 -85.75 -89.01 38.06
C ALA AA 26 -85.29 -90.06 39.05
N PHE AA 27 -85.08 -89.64 40.28
CA PHE AA 27 -84.65 -90.55 41.33
C PHE AA 27 -85.69 -91.64 41.50
N GLY AA 28 -86.92 -91.23 41.81
CA GLY AA 28 -87.99 -92.19 41.99
C GLY AA 28 -88.01 -93.21 40.88
N LEU AA 29 -88.09 -92.72 39.65
CA LEU AA 29 -88.09 -93.60 38.48
C LEU AA 29 -86.94 -94.60 38.50
N GLU AA 30 -85.71 -94.09 38.50
CA GLU AA 30 -84.53 -94.95 38.53
C GLU AA 30 -84.67 -96.02 39.60
N LEU AA 31 -85.16 -95.64 40.77
CA LEU AA 31 -85.34 -96.57 41.89
C LEU AA 31 -86.30 -97.69 41.56
N TRP AA 32 -87.56 -97.35 41.33
CA TRP AA 32 -88.56 -98.36 41.02
C TRP AA 32 -88.21 -99.24 39.86
N ARG AA 33 -87.54 -98.70 38.84
CA ARG AA 33 -87.16 -99.52 37.69
C ARG AA 33 -86.28 -100.65 38.17
N ASP AA 34 -85.18 -100.31 38.82
CA ASP AA 34 -84.26 -101.31 39.35
C ASP AA 34 -84.98 -102.34 40.22
N ILE AA 35 -85.95 -101.87 41.01
CA ILE AA 35 -86.70 -102.76 41.90
C ILE AA 35 -87.57 -103.73 41.14
N ILE AA 36 -88.36 -103.23 40.21
CA ILE AA 36 -89.24 -104.07 39.43
C ILE AA 36 -88.51 -105.05 38.51
N ASP AA 37 -87.34 -104.69 38.01
CA ASP AA 37 -86.62 -105.59 37.14
C ASP AA 37 -86.08 -106.77 37.94
N ASP AA 38 -85.74 -106.51 39.19
CA ASP AA 38 -85.21 -107.53 40.07
C ASP AA 38 -86.30 -108.47 40.55
N HIS AA 39 -87.47 -107.92 40.87
CA HIS AA 39 -88.59 -108.70 41.36
C HIS AA 39 -89.92 -108.29 40.72
N PRO AA 40 -90.16 -108.74 39.47
CA PRO AA 40 -91.39 -108.41 38.74
C PRO AA 40 -92.67 -108.81 39.46
N GLU AA 41 -92.55 -109.51 40.57
CA GLU AA 41 -93.73 -109.92 41.32
C GLU AA 41 -94.45 -108.68 41.84
N ILE AA 42 -93.72 -107.59 41.97
CA ILE AA 42 -94.27 -106.35 42.50
C ILE AA 42 -95.24 -105.62 41.57
N LYS AA 43 -95.08 -105.79 40.27
CA LYS AA 43 -95.97 -105.12 39.34
C LYS AA 43 -97.42 -105.44 39.66
N ALA AA 44 -97.62 -106.44 40.52
CA ALA AA 44 -98.96 -106.86 40.88
C ALA AA 44 -99.77 -105.84 41.69
N PRO AA 45 -99.39 -105.57 42.94
CA PRO AA 45 -100.15 -104.61 43.75
C PRO AA 45 -100.15 -103.18 43.18
N PHE AA 46 -99.18 -102.88 42.34
CA PHE AA 46 -99.06 -101.56 41.73
C PHE AA 46 -99.97 -101.48 40.50
N SER AA 47 -100.93 -102.38 40.43
CA SER AA 47 -101.86 -102.42 39.32
C SER AA 47 -102.73 -101.18 39.27
N ARG AA 48 -103.07 -100.64 40.43
CA ARG AA 48 -103.91 -99.46 40.50
C ARG AA 48 -103.21 -98.25 39.93
N VAL AA 49 -101.91 -98.18 40.13
CA VAL AA 49 -101.10 -97.06 39.65
C VAL AA 49 -100.23 -97.48 38.47
N ARG AA 50 -100.84 -98.02 37.43
CA ARG AA 50 -100.13 -98.47 36.24
C ARG AA 50 -98.68 -98.81 36.51
N GLY AA 51 -98.48 -99.93 37.19
CA GLY AA 51 -97.15 -100.38 37.51
C GLY AA 51 -96.46 -101.05 36.36
N ASP AA 52 -97.22 -101.35 35.30
CA ASP AA 52 -96.64 -102.00 34.13
C ASP AA 52 -95.76 -101.00 33.39
N ASN AA 53 -96.22 -99.75 33.34
CA ASN AA 53 -95.51 -98.65 32.68
C ASN AA 53 -95.07 -97.62 33.74
N ILE AA 54 -93.88 -97.82 34.31
CA ILE AA 54 -93.39 -96.93 35.33
C ILE AA 54 -93.13 -95.52 34.84
N TYR AA 55 -93.04 -95.34 33.53
CA TYR AA 55 -92.78 -94.01 32.98
C TYR AA 55 -94.07 -93.19 32.87
N SER AA 56 -95.21 -93.86 33.06
CA SER AA 56 -96.51 -93.22 32.95
C SER AA 56 -96.69 -92.19 34.03
N PRO AA 57 -97.56 -91.21 33.82
CA PRO AA 57 -97.80 -90.18 34.82
C PRO AA 57 -98.50 -90.80 36.03
N GLU AA 58 -99.42 -91.73 35.77
CA GLU AA 58 -100.14 -92.39 36.85
C GLU AA 58 -99.15 -92.95 37.87
N PHE AA 59 -98.20 -93.74 37.40
CA PHE AA 59 -97.18 -94.34 38.27
C PHE AA 59 -96.25 -93.26 38.77
N GLY AA 60 -95.85 -92.36 37.88
CA GLY AA 60 -94.97 -91.27 38.26
C GLY AA 60 -95.48 -90.60 39.53
N ALA AA 61 -96.78 -90.30 39.52
CA ALA AA 61 -97.43 -89.66 40.66
C ALA AA 61 -97.13 -90.51 41.85
N HIS AA 62 -97.57 -91.75 41.80
CA HIS AA 62 -97.33 -92.71 42.88
C HIS AA 62 -95.89 -92.62 43.36
N SER AA 63 -94.97 -92.90 42.46
CA SER AA 63 -93.54 -92.86 42.75
C SER AA 63 -93.21 -91.73 43.68
N GLN AA 64 -93.65 -90.54 43.29
CA GLN AA 64 -93.41 -89.33 44.09
C GLN AA 64 -94.04 -89.42 45.48
N ARG AA 65 -95.33 -89.75 45.55
CA ARG AA 65 -96.03 -89.85 46.81
C ARG AA 65 -95.23 -90.70 47.77
N VAL AA 66 -94.68 -91.79 47.25
CA VAL AA 66 -93.87 -92.71 48.04
C VAL AA 66 -92.65 -92.00 48.60
N LEU AA 67 -91.75 -91.63 47.73
CA LEU AA 67 -90.55 -90.94 48.15
C LEU AA 67 -90.91 -89.87 49.18
N SER AA 68 -91.98 -89.12 48.95
CA SER AA 68 -92.37 -88.06 49.87
C SER AA 68 -92.52 -88.61 51.25
N GLY AA 69 -93.31 -89.67 51.38
CA GLY AA 69 -93.50 -90.28 52.69
C GLY AA 69 -92.16 -90.65 53.31
N LEU AA 70 -91.28 -91.20 52.48
CA LEU AA 70 -89.96 -91.57 52.92
C LEU AA 70 -89.28 -90.32 53.45
N ASP AA 71 -89.49 -89.20 52.77
CA ASP AA 71 -88.89 -87.94 53.21
C ASP AA 71 -89.38 -87.65 54.61
N ILE AA 72 -90.69 -87.70 54.80
CA ILE AA 72 -91.29 -87.45 56.12
C ILE AA 72 -90.63 -88.30 57.18
N THR AA 73 -90.76 -89.61 57.05
CA THR AA 73 -90.15 -90.51 58.02
C THR AA 73 -88.73 -90.07 58.33
N ILE AA 74 -87.89 -89.93 57.31
CA ILE AA 74 -86.50 -89.49 57.53
C ILE AA 74 -86.41 -88.17 58.28
N SER AA 75 -87.19 -87.15 57.91
CA SER AA 75 -86.96 -85.91 58.61
C SER AA 75 -87.64 -86.02 59.94
N MET AA 76 -88.49 -87.04 60.08
CA MET AA 76 -89.18 -87.42 61.29
C MET AA 76 -88.20 -87.95 62.29
N LEU AA 77 -87.16 -88.67 61.83
CA LEU AA 77 -86.32 -89.52 62.63
C LEU AA 77 -85.68 -88.70 63.73
N ASP AA 78 -85.15 -87.53 63.34
CA ASP AA 78 -84.25 -86.74 64.11
C ASP AA 78 -84.83 -86.47 65.47
N THR AA 79 -86.15 -86.17 65.53
CA THR AA 79 -86.76 -85.93 66.80
C THR AA 79 -87.66 -87.09 67.08
N PRO AA 80 -87.31 -87.81 68.09
CA PRO AA 80 -87.93 -89.09 68.43
C PRO AA 80 -89.45 -89.10 68.62
N ASP AA 81 -89.98 -88.11 69.34
CA ASP AA 81 -91.41 -88.04 69.61
C ASP AA 81 -92.24 -87.99 68.33
N MET AA 82 -91.73 -87.31 67.30
CA MET AA 82 -92.44 -87.21 66.04
C MET AA 82 -92.28 -88.48 65.23
N LEU AA 83 -91.07 -89.03 65.25
CA LEU AA 83 -90.80 -90.26 64.51
C LEU AA 83 -91.65 -91.40 65.04
N ALA AA 84 -91.53 -91.65 66.33
CA ALA AA 84 -92.28 -92.71 66.99
C ALA AA 84 -93.74 -92.64 66.58
N ALA AA 85 -94.27 -91.41 66.52
CA ALA AA 85 -95.66 -91.18 66.15
C ALA AA 85 -95.89 -91.45 64.68
N GLN AA 86 -95.06 -90.84 63.83
CA GLN AA 86 -95.16 -90.99 62.39
C GLN AA 86 -95.04 -92.45 62.02
N LEU AA 87 -94.07 -93.14 62.58
CA LEU AA 87 -93.88 -94.55 62.28
C LEU AA 87 -95.14 -95.32 62.63
N ALA AA 88 -95.64 -95.12 63.83
CA ALA AA 88 -96.86 -95.81 64.26
C ALA AA 88 -97.98 -95.55 63.25
N HIS AA 89 -98.07 -94.31 62.78
CA HIS AA 89 -99.08 -93.94 61.81
C HIS AA 89 -98.93 -94.73 60.52
N LEU AA 90 -97.69 -94.93 60.08
CA LEU AA 90 -97.43 -95.66 58.86
C LEU AA 90 -97.76 -97.13 59.02
N LYS AA 91 -97.42 -97.69 60.18
CA LYS AA 91 -97.68 -99.10 60.42
C LYS AA 91 -99.13 -99.44 60.18
N VAL AA 92 -100.02 -98.56 60.63
CA VAL AA 92 -101.44 -98.77 60.47
C VAL AA 92 -101.85 -98.83 58.99
N GLN AA 93 -101.39 -97.86 58.20
CA GLN AA 93 -101.73 -97.83 56.78
C GLN AA 93 -101.26 -99.07 56.05
N HIS AA 94 -100.46 -99.89 56.73
CA HIS AA 94 -99.92 -101.11 56.12
C HIS AA 94 -100.49 -102.41 56.68
N VAL AA 95 -100.42 -102.57 57.99
CA VAL AA 95 -100.92 -103.77 58.64
C VAL AA 95 -102.22 -104.32 58.03
N GLU AA 96 -103.16 -103.40 57.72
CA GLU AA 96 -104.48 -103.76 57.32
C GLU AA 96 -104.31 -104.58 56.11
N ARG AA 97 -103.64 -103.98 55.13
CA ARG AA 97 -103.41 -104.70 53.91
C ARG AA 97 -102.38 -105.69 54.22
N ASN AA 98 -102.33 -106.69 53.35
CA ASN AA 98 -101.39 -107.75 53.49
C ASN AA 98 -100.33 -107.47 52.54
N LEU AA 99 -99.11 -107.74 52.99
CA LEU AA 99 -98.07 -107.53 52.07
C LEU AA 99 -97.13 -108.66 52.26
N LYS AA 100 -96.04 -108.73 51.46
CA LYS AA 100 -95.00 -109.64 51.82
C LYS AA 100 -93.90 -108.83 52.38
N PRO AA 101 -93.52 -109.23 53.54
CA PRO AA 101 -92.57 -108.52 54.34
C PRO AA 101 -91.28 -108.36 53.60
N GLU AA 102 -90.90 -109.34 52.77
CA GLU AA 102 -89.60 -109.32 52.12
C GLU AA 102 -89.50 -108.20 51.06
N PHE AA 103 -90.65 -107.75 50.58
CA PHE AA 103 -90.68 -106.67 49.57
C PHE AA 103 -89.93 -105.47 50.08
N PHE AA 104 -90.19 -105.11 51.33
CA PHE AA 104 -89.53 -103.96 51.93
C PHE AA 104 -88.04 -104.19 52.05
N ASP AA 105 -87.65 -105.41 52.40
CA ASP AA 105 -86.23 -105.72 52.52
C ASP AA 105 -85.58 -105.48 51.16
N ILE AA 106 -86.38 -105.65 50.11
CA ILE AA 106 -85.94 -105.44 48.73
C ILE AA 106 -85.85 -103.94 48.48
N PHE AA 107 -86.96 -103.25 48.73
CA PHE AA 107 -87.01 -101.82 48.55
C PHE AA 107 -85.76 -101.19 49.16
N LEU AA 108 -85.49 -101.54 50.41
CA LEU AA 108 -84.32 -101.00 51.11
C LEU AA 108 -83.05 -101.31 50.36
N LYS AA 109 -82.88 -102.56 49.94
CA LYS AA 109 -81.69 -102.95 49.21
C LYS AA 109 -81.39 -101.94 48.11
N HIS AA 110 -82.39 -101.67 47.28
CA HIS AA 110 -82.22 -100.72 46.17
C HIS AA 110 -82.06 -99.26 46.60
N LEU AA 111 -82.93 -98.79 47.49
CA LEU AA 111 -82.84 -97.42 47.94
C LEU AA 111 -81.40 -97.11 48.30
N LEU AA 112 -80.70 -98.08 48.89
CA LEU AA 112 -79.31 -97.90 49.28
C LEU AA 112 -78.40 -97.96 48.07
N HIS AA 113 -78.70 -98.90 47.19
CA HIS AA 113 -77.93 -99.05 45.96
C HIS AA 113 -77.96 -97.72 45.20
N VAL AA 114 -79.16 -97.15 45.04
CA VAL AA 114 -79.32 -95.89 44.34
C VAL AA 114 -78.60 -94.75 45.03
N LEU AA 115 -78.88 -94.54 46.32
CA LEU AA 115 -78.22 -93.47 47.05
C LEU AA 115 -76.71 -93.64 46.90
N GLY AA 116 -76.29 -94.90 46.81
CA GLY AA 116 -74.88 -95.20 46.65
C GLY AA 116 -74.35 -94.48 45.45
N ASP AA 117 -75.05 -94.61 44.32
CA ASP AA 117 -74.65 -93.96 43.09
C ASP AA 117 -74.68 -92.46 43.27
N ARG AA 118 -75.83 -91.93 43.66
CA ARG AA 118 -75.99 -90.50 43.87
C ARG AA 118 -74.95 -89.85 44.78
N LEU AA 119 -74.74 -90.42 45.96
CA LEU AA 119 -73.81 -89.86 46.91
C LEU AA 119 -72.34 -90.21 46.70
N GLY AA 120 -72.08 -91.37 46.09
CA GLY AA 120 -70.70 -91.75 45.86
C GLY AA 120 -70.08 -92.52 47.00
N THR AA 121 -68.81 -92.27 47.27
CA THR AA 121 -68.11 -92.98 48.34
C THR AA 121 -68.38 -92.39 49.72
N HIS AA 122 -68.86 -91.15 49.73
CA HIS AA 122 -69.15 -90.46 50.99
C HIS AA 122 -70.34 -91.12 51.67
N PHE AA 123 -71.20 -91.73 50.85
CA PHE AA 123 -72.42 -92.37 51.33
C PHE AA 123 -72.18 -93.17 52.59
N ASP AA 124 -72.79 -92.74 53.70
CA ASP AA 124 -72.61 -93.46 54.95
C ASP AA 124 -73.57 -94.64 55.06
N PHE AA 125 -73.20 -95.72 54.39
CA PHE AA 125 -73.99 -96.94 54.37
C PHE AA 125 -74.43 -97.30 55.77
N GLY AA 126 -73.46 -97.42 56.67
CA GLY AA 126 -73.79 -97.76 58.03
C GLY AA 126 -74.97 -96.98 58.54
N ALA AA 127 -74.82 -95.66 58.60
CA ALA AA 127 -75.88 -94.79 59.10
C ALA AA 127 -77.24 -95.08 58.46
N TRP AA 128 -77.27 -95.17 57.13
CA TRP AA 128 -78.52 -95.42 56.46
C TRP AA 128 -79.11 -96.76 56.84
N HIS AA 129 -78.35 -97.83 56.66
CA HIS AA 129 -78.83 -99.17 56.98
C HIS AA 129 -79.46 -99.18 58.36
N ASP AA 130 -78.68 -98.75 59.35
CA ASP AA 130 -79.17 -98.70 60.72
C ASP AA 130 -80.41 -97.84 60.83
N CYS AA 131 -80.42 -96.74 60.10
CA CYS AA 131 -81.55 -95.83 60.17
C CYS AA 131 -82.80 -96.07 59.31
N VAL AA 132 -82.64 -96.34 58.03
CA VAL AA 132 -83.79 -96.57 57.19
C VAL AA 132 -84.44 -97.87 57.60
N ASP AA 133 -83.63 -98.81 58.06
CA ASP AA 133 -84.14 -100.11 58.49
C ASP AA 133 -85.25 -99.85 59.46
N GLN AA 134 -84.92 -99.11 60.54
CA GLN AA 134 -85.87 -98.72 61.60
C GLN AA 134 -87.22 -98.11 61.05
N ILE AA 135 -87.14 -97.55 59.86
CA ILE AA 135 -88.33 -97.01 59.24
C ILE AA 135 -89.13 -98.11 58.54
N ILE AA 136 -88.44 -99.09 57.98
CA ILE AA 136 -89.12 -100.16 57.30
C ILE AA 136 -89.86 -101.09 58.26
N ASP AA 137 -89.17 -101.60 59.27
CA ASP AA 137 -89.82 -102.49 60.22
C ASP AA 137 -91.11 -101.89 60.77
N GLY AA 138 -91.09 -100.58 61.00
CA GLY AA 138 -92.18 -99.93 61.63
C GLY AA 138 -93.38 -100.10 60.76
N ILE AA 139 -93.20 -99.93 59.43
CA ILE AA 139 -94.33 -99.96 58.54
C ILE AA 139 -94.87 -101.34 58.43
N LYS AA 140 -93.94 -102.30 58.31
CA LYS AA 140 -94.29 -103.68 58.13
C LYS AA 140 -94.99 -104.10 59.45
N ASP BA 1 -58.00 -95.41 -6.57
CA ASP BA 1 -56.82 -94.95 -5.78
C ASP BA 1 -57.27 -94.98 -4.38
N CYS BA 2 -56.71 -94.10 -3.55
CA CYS BA 2 -57.47 -94.23 -2.37
C CYS BA 2 -58.30 -93.05 -2.14
N CYS BA 3 -59.03 -93.23 -1.04
CA CYS BA 3 -60.01 -92.36 -0.56
C CYS BA 3 -59.30 -91.55 0.43
N SER BA 4 -59.53 -90.23 0.32
CA SER BA 4 -59.09 -89.24 1.26
C SER BA 4 -60.13 -89.19 2.32
N TYR BA 5 -59.74 -88.74 3.48
CA TYR BA 5 -60.56 -88.50 4.64
C TYR BA 5 -61.54 -87.38 4.33
N GLU BA 6 -61.05 -86.37 3.62
CA GLU BA 6 -61.89 -85.24 3.25
C GLU BA 6 -63.05 -85.77 2.43
N ASP BA 7 -62.73 -86.60 1.45
CA ASP BA 7 -63.75 -87.17 0.59
C ASP BA 7 -64.79 -87.92 1.42
N ARG BA 8 -64.32 -88.67 2.41
CA ARG BA 8 -65.25 -89.39 3.24
C ARG BA 8 -66.19 -88.37 3.86
N ARG BA 9 -65.64 -87.32 4.44
CA ARG BA 9 -66.45 -86.27 5.04
C ARG BA 9 -67.45 -85.73 4.02
N GLU BA 10 -67.00 -85.49 2.80
CA GLU BA 10 -67.87 -85.00 1.74
C GLU BA 10 -69.09 -85.90 1.60
N ILE BA 11 -68.83 -87.19 1.46
CA ILE BA 11 -69.89 -88.16 1.31
C ILE BA 11 -70.74 -88.24 2.57
N ARG BA 12 -70.11 -88.40 3.72
CA ARG BA 12 -70.84 -88.51 4.99
C ARG BA 12 -71.87 -87.40 5.09
N HIS BA 13 -71.73 -86.39 4.22
CA HIS BA 13 -72.65 -85.26 4.18
C HIS BA 13 -73.59 -85.42 3.00
N ILE BA 14 -73.02 -85.60 1.82
CA ILE BA 14 -73.83 -85.79 0.63
C ILE BA 14 -74.95 -86.79 0.93
N TRP BA 15 -74.62 -87.86 1.66
CA TRP BA 15 -75.59 -88.88 1.98
C TRP BA 15 -76.72 -88.31 2.84
N ASP BA 16 -76.35 -87.60 3.91
CA ASP BA 16 -77.33 -87.01 4.80
C ASP BA 16 -78.40 -86.19 4.07
N ASP BA 17 -78.23 -86.00 2.76
CA ASP BA 17 -79.19 -85.24 1.98
C ASP BA 17 -80.15 -86.16 1.23
N VAL BA 18 -79.68 -87.35 0.89
CA VAL BA 18 -80.53 -88.30 0.19
C VAL BA 18 -81.26 -89.16 1.21
N TRP BA 19 -80.58 -89.55 2.27
CA TRP BA 19 -81.18 -90.53 3.14
C TRP BA 19 -82.36 -89.93 3.88
N SER BA 20 -82.32 -88.61 4.12
CA SER BA 20 -82.38 -88.00 5.42
C SER BA 20 -83.57 -88.41 6.22
N SER BA 21 -84.77 -88.29 5.60
CA SER BA 21 -86.02 -88.36 6.29
C SER BA 21 -86.28 -89.76 6.76
N SER BA 22 -87.14 -89.93 7.78
CA SER BA 22 -87.25 -91.23 8.39
C SER BA 22 -87.95 -92.15 7.45
N PHE BA 23 -88.78 -91.52 6.67
CA PHE BA 23 -89.69 -92.05 5.71
C PHE BA 23 -89.01 -92.91 4.72
N THR BA 24 -89.60 -94.09 4.42
CA THR BA 24 -89.25 -94.74 3.16
C THR BA 24 -89.42 -93.88 1.90
N ASP BA 25 -90.65 -93.42 1.66
CA ASP BA 25 -90.98 -92.59 0.51
C ASP BA 25 -89.82 -92.03 -0.31
N ARG BA 26 -89.03 -91.14 0.28
CA ARG BA 26 -87.90 -90.52 -0.44
C ARG BA 26 -86.86 -91.53 -0.92
N ARG BA 27 -86.16 -92.18 0.02
CA ARG BA 27 -85.13 -93.14 -0.35
C ARG BA 27 -85.60 -94.08 -1.42
N VAL BA 28 -86.86 -94.49 -1.33
CA VAL BA 28 -87.43 -95.39 -2.32
C VAL BA 28 -87.34 -94.80 -3.72
N ALA BA 29 -88.04 -93.70 -3.94
CA ALA BA 29 -88.05 -93.03 -5.22
C ALA BA 29 -86.64 -92.88 -5.79
N ILE BA 30 -85.67 -92.55 -4.93
CA ILE BA 30 -84.30 -92.38 -5.40
C ILE BA 30 -83.69 -93.69 -5.85
N VAL BA 31 -83.62 -94.67 -4.97
CA VAL BA 31 -83.06 -95.97 -5.31
C VAL BA 31 -83.76 -96.52 -6.53
N ARG BA 32 -85.06 -96.31 -6.61
CA ARG BA 32 -85.81 -96.79 -7.77
C ARG BA 32 -85.25 -96.07 -8.98
N ALA BA 33 -85.37 -94.74 -8.99
CA ALA BA 33 -84.88 -93.93 -10.09
C ALA BA 33 -83.49 -94.37 -10.52
N VAL BA 34 -82.72 -94.93 -9.58
CA VAL BA 34 -81.37 -95.41 -9.87
C VAL BA 34 -81.48 -96.67 -10.70
N PHE BA 35 -82.25 -97.63 -10.23
CA PHE BA 35 -82.41 -98.87 -10.96
C PHE BA 35 -83.03 -98.67 -12.32
N ASP BA 36 -84.03 -97.80 -12.42
CA ASP BA 36 -84.66 -97.54 -13.72
C ASP BA 36 -83.61 -97.15 -14.74
N ASP BA 37 -82.54 -96.50 -14.27
CA ASP BA 37 -81.44 -96.09 -15.15
C ASP BA 37 -80.52 -97.26 -15.43
N LEU BA 38 -80.52 -98.24 -14.54
CA LEU BA 38 -79.68 -99.42 -14.72
C LEU BA 38 -80.33 -100.30 -15.76
N PHE BA 39 -81.64 -100.42 -15.66
CA PHE BA 39 -82.40 -101.23 -16.58
C PHE BA 39 -82.52 -100.61 -17.97
N LYS BA 40 -82.58 -99.31 -18.05
CA LYS BA 40 -82.70 -98.67 -19.35
C LYS BA 40 -81.39 -98.84 -20.13
N HIS BA 41 -80.31 -99.12 -19.40
CA HIS BA 41 -78.99 -99.28 -20.02
C HIS BA 41 -78.51 -100.72 -20.10
N TYR BA 42 -78.82 -101.51 -19.08
CA TYR BA 42 -78.44 -102.91 -19.09
C TYR BA 42 -79.71 -103.70 -18.80
N PRO BA 43 -80.68 -103.67 -19.73
CA PRO BA 43 -81.98 -104.35 -19.63
C PRO BA 43 -81.92 -105.81 -19.21
N THR BA 44 -80.81 -106.46 -19.52
CA THR BA 44 -80.63 -107.85 -19.15
C THR BA 44 -80.85 -108.08 -17.65
N SER BA 45 -80.19 -107.25 -16.84
CA SER BA 45 -80.26 -107.34 -15.39
C SER BA 45 -81.69 -107.39 -14.85
N LYS BA 46 -82.61 -106.70 -15.51
CA LYS BA 46 -84.00 -106.67 -15.05
C LYS BA 46 -84.49 -108.03 -14.57
N ALA BA 47 -84.37 -109.03 -15.44
CA ALA BA 47 -84.80 -110.38 -15.10
C ALA BA 47 -84.36 -110.86 -13.72
N LEU BA 48 -83.13 -110.54 -13.33
CA LEU BA 48 -82.59 -110.96 -12.04
C LEU BA 48 -83.47 -110.73 -10.83
N PHE BA 49 -84.34 -109.74 -10.89
CA PHE BA 49 -85.19 -109.43 -9.76
C PHE BA 49 -86.63 -109.92 -9.83
N GLU BA 50 -86.87 -111.01 -10.54
CA GLU BA 50 -88.23 -111.51 -10.62
C GLU BA 50 -88.58 -112.09 -9.26
N ARG BA 51 -87.54 -112.47 -8.53
CA ARG BA 51 -87.72 -113.04 -7.22
C ARG BA 51 -88.42 -112.08 -6.27
N VAL BA 52 -88.21 -110.79 -6.50
CA VAL BA 52 -88.80 -109.75 -5.66
C VAL BA 52 -89.98 -109.10 -6.34
N LYS BA 53 -90.34 -109.64 -7.48
CA LYS BA 53 -91.47 -109.12 -8.23
C LYS BA 53 -91.31 -107.72 -8.79
N ILE BA 54 -90.36 -107.53 -9.70
CA ILE BA 54 -90.15 -106.22 -10.31
C ILE BA 54 -91.26 -105.92 -11.30
N ASP BA 55 -91.96 -106.96 -11.73
CA ASP BA 55 -93.06 -106.78 -12.67
C ASP BA 55 -94.20 -106.02 -11.99
N GLU BA 56 -94.14 -105.95 -10.66
CA GLU BA 56 -95.14 -105.23 -9.88
C GLU BA 56 -94.40 -104.10 -9.16
N PRO BA 57 -94.10 -103.02 -9.89
CA PRO BA 57 -93.38 -101.89 -9.31
C PRO BA 57 -93.86 -101.46 -7.94
N GLU BA 58 -95.16 -101.23 -7.77
CA GLU BA 58 -95.66 -100.78 -6.47
C GLU BA 58 -95.97 -101.93 -5.54
N SER BA 59 -95.58 -103.12 -5.95
CA SER BA 59 -95.81 -104.33 -5.17
C SER BA 59 -95.65 -104.20 -3.66
N GLY BA 60 -94.48 -103.79 -3.22
CA GLY BA 60 -94.25 -103.70 -1.80
C GLY BA 60 -93.27 -104.81 -1.52
N GLU BA 61 -93.45 -105.93 -2.20
CA GLU BA 61 -92.53 -107.05 -2.05
C GLU BA 61 -91.24 -106.52 -2.67
N PHE BA 62 -91.43 -105.66 -3.66
CA PHE BA 62 -90.34 -105.05 -4.40
C PHE BA 62 -89.89 -103.76 -3.75
N LYS BA 63 -90.85 -102.93 -3.35
CA LYS BA 63 -90.50 -101.68 -2.70
C LYS BA 63 -89.57 -102.00 -1.53
N SER BA 64 -89.99 -102.93 -0.67
CA SER BA 64 -89.17 -103.32 0.48
C SER BA 64 -87.77 -103.62 -0.01
N HIS BA 65 -87.67 -104.34 -1.13
CA HIS BA 65 -86.37 -104.68 -1.71
C HIS BA 65 -85.57 -103.40 -1.90
N LEU BA 66 -86.09 -102.51 -2.72
CA LEU BA 66 -85.42 -101.24 -2.98
C LEU BA 66 -84.84 -100.68 -1.68
N VAL BA 67 -85.67 -100.62 -0.66
CA VAL BA 67 -85.24 -100.11 0.63
C VAL BA 67 -84.02 -100.87 1.13
N ARG BA 68 -84.08 -102.20 1.12
CA ARG BA 68 -82.97 -103.02 1.58
C ARG BA 68 -81.71 -102.64 0.85
N VAL BA 69 -81.83 -102.38 -0.45
CA VAL BA 69 -80.69 -102.00 -1.24
C VAL BA 69 -80.22 -100.67 -0.73
N ALA BA 70 -81.14 -99.73 -0.66
CA ALA BA 70 -80.83 -98.40 -0.15
C ALA BA 70 -80.10 -98.56 1.17
N ASN BA 71 -80.79 -99.11 2.17
CA ASN BA 71 -80.20 -99.32 3.49
C ASN BA 71 -78.87 -100.02 3.45
N GLY BA 72 -78.68 -100.94 2.51
CA GLY BA 72 -77.40 -101.63 2.41
C GLY BA 72 -76.28 -100.67 2.01
N LEU BA 73 -76.65 -99.68 1.21
CA LEU BA 73 -75.73 -98.68 0.76
C LEU BA 73 -75.47 -97.76 1.94
N LYS BA 74 -76.56 -97.34 2.59
CA LYS BA 74 -76.50 -96.50 3.77
C LYS BA 74 -75.50 -97.10 4.75
N LEU BA 75 -75.69 -98.37 5.05
CA LEU BA 75 -74.81 -99.09 5.97
C LEU BA 75 -73.37 -98.97 5.55
N LEU BA 76 -73.10 -99.04 4.24
CA LEU BA 76 -71.74 -98.92 3.76
C LEU BA 76 -71.16 -97.56 4.11
N ILE BA 77 -71.77 -96.53 3.55
CA ILE BA 77 -71.35 -95.16 3.79
C ILE BA 77 -71.16 -94.89 5.28
N ASN BA 78 -72.14 -95.26 6.09
CA ASN BA 78 -72.07 -95.05 7.53
C ASN BA 78 -71.04 -95.97 8.21
N LEU BA 79 -70.12 -96.51 7.42
CA LEU BA 79 -69.10 -97.40 7.95
C LEU BA 79 -67.75 -96.87 7.53
N LEU BA 80 -67.77 -95.92 6.60
CA LEU BA 80 -66.53 -95.31 6.09
C LEU BA 80 -65.60 -94.77 7.16
N ASP BA 81 -66.07 -94.63 8.39
CA ASP BA 81 -65.21 -94.13 9.46
C ASP BA 81 -64.66 -95.28 10.30
N ASP BA 82 -65.15 -96.50 10.05
CA ASP BA 82 -64.69 -97.66 10.79
C ASP BA 82 -64.01 -98.71 9.92
N THR BA 83 -63.26 -98.23 8.93
CA THR BA 83 -62.53 -99.05 7.99
C THR BA 83 -62.58 -100.57 8.16
N LEU BA 84 -61.91 -101.08 9.19
CA LEU BA 84 -61.84 -102.52 9.44
C LEU BA 84 -63.16 -103.26 9.34
N VAL BA 85 -64.23 -102.67 9.88
CA VAL BA 85 -65.54 -103.31 9.82
C VAL BA 85 -66.06 -103.22 8.40
N LEU BA 86 -65.90 -102.04 7.80
CA LEU BA 86 -66.33 -101.84 6.43
C LEU BA 86 -65.69 -102.89 5.55
N GLN BA 87 -64.38 -103.08 5.70
CA GLN BA 87 -63.64 -104.05 4.91
C GLN BA 87 -64.21 -105.46 5.01
N SER BA 88 -64.80 -105.79 6.15
CA SER BA 88 -65.38 -107.11 6.33
C SER BA 88 -66.79 -107.17 5.74
N HIS BA 89 -67.69 -106.30 6.19
CA HIS BA 89 -69.04 -106.29 5.67
C HIS BA 89 -69.00 -106.10 4.18
N LEU BA 90 -67.96 -105.42 3.69
CA LEU BA 90 -67.85 -105.19 2.26
C LEU BA 90 -67.68 -106.53 1.57
N GLY BA 91 -66.97 -107.45 2.23
CA GLY BA 91 -66.76 -108.76 1.68
C GLY BA 91 -68.07 -109.51 1.74
N HIS BA 92 -68.65 -109.56 2.93
CA HIS BA 92 -69.93 -110.23 3.17
C HIS BA 92 -70.96 -109.76 2.12
N LEU BA 93 -70.87 -108.50 1.71
CA LEU BA 93 -71.79 -107.95 0.73
C LEU BA 93 -71.50 -108.53 -0.64
N ALA BA 94 -70.26 -108.96 -0.84
CA ALA BA 94 -69.87 -109.55 -2.11
C ALA BA 94 -70.48 -110.94 -2.15
N ASP BA 95 -70.15 -111.74 -1.16
CA ASP BA 95 -70.65 -113.10 -1.09
C ASP BA 95 -72.17 -113.17 -1.30
N GLN BA 96 -72.90 -112.17 -0.84
CA GLN BA 96 -74.35 -112.17 -1.00
C GLN BA 96 -74.74 -111.96 -2.46
N HIS BA 97 -73.78 -111.56 -3.27
CA HIS BA 97 -74.05 -111.33 -4.66
C HIS BA 97 -73.38 -112.37 -5.54
N ILE BA 98 -72.40 -113.09 -4.99
CA ILE BA 98 -71.74 -114.11 -5.77
C ILE BA 98 -72.67 -115.30 -5.85
N GLN BA 99 -73.39 -115.55 -4.77
CA GLN BA 99 -74.33 -116.67 -4.74
C GLN BA 99 -75.60 -116.35 -5.50
N ARG BA 100 -75.68 -115.12 -6.01
CA ARG BA 100 -76.83 -114.72 -6.79
C ARG BA 100 -76.44 -114.92 -8.25
N LYS BA 101 -76.79 -116.09 -8.76
CA LYS BA 101 -76.47 -116.48 -10.13
C LYS BA 101 -76.99 -115.48 -11.17
N GLY BA 102 -76.09 -114.97 -12.00
CA GLY BA 102 -76.49 -114.03 -13.02
C GLY BA 102 -76.00 -112.61 -12.83
N VAL BA 103 -75.37 -112.33 -11.71
CA VAL BA 103 -74.86 -111.00 -11.41
C VAL BA 103 -73.46 -110.81 -11.95
N THR BA 104 -73.32 -109.99 -13.00
CA THR BA 104 -72.02 -109.74 -13.64
C THR BA 104 -71.22 -108.62 -12.97
N LYS BA 105 -69.95 -108.56 -13.32
CA LYS BA 105 -69.05 -107.55 -12.79
C LYS BA 105 -69.49 -106.26 -13.45
N GLU BA 106 -70.08 -106.43 -14.63
CA GLU BA 106 -70.54 -105.31 -15.42
C GLU BA 106 -71.73 -104.60 -14.80
N TYR BA 107 -72.77 -105.35 -14.47
CA TYR BA 107 -73.96 -104.77 -13.89
C TYR BA 107 -73.60 -103.79 -12.77
N PHE BA 108 -72.56 -104.09 -12.01
CA PHE BA 108 -72.16 -103.19 -10.94
C PHE BA 108 -71.61 -101.91 -11.52
N ARG BA 109 -70.65 -102.01 -12.42
CA ARG BA 109 -70.10 -100.81 -13.01
C ARG BA 109 -71.27 -100.02 -13.60
N GLY BA 110 -72.35 -100.72 -13.90
CA GLY BA 110 -73.51 -100.08 -14.48
C GLY BA 110 -74.36 -99.32 -13.50
N ILE BA 111 -74.52 -99.88 -12.31
CA ILE BA 111 -75.34 -99.22 -11.31
C ILE BA 111 -74.53 -98.06 -10.79
N GLY BA 112 -73.23 -98.13 -10.94
CA GLY BA 112 -72.37 -97.05 -10.49
C GLY BA 112 -72.65 -95.83 -11.32
N GLU BA 113 -72.76 -96.04 -12.62
CA GLU BA 113 -73.04 -94.97 -13.55
C GLU BA 113 -74.39 -94.42 -13.16
N ALA BA 114 -75.31 -95.32 -12.84
CA ALA BA 114 -76.66 -94.95 -12.45
C ALA BA 114 -76.67 -93.82 -11.42
N PHE BA 115 -76.13 -94.09 -10.25
CA PHE BA 115 -76.11 -93.06 -9.21
C PHE BA 115 -75.52 -91.76 -9.70
N ALA BA 116 -74.36 -91.86 -10.35
CA ALA BA 116 -73.66 -90.71 -10.88
C ALA BA 116 -74.49 -89.86 -11.83
N ARG BA 117 -75.65 -90.39 -12.21
CA ARG BA 117 -76.53 -89.70 -13.14
C ARG BA 117 -77.79 -89.28 -12.40
N VAL BA 118 -78.13 -90.03 -11.36
CA VAL BA 118 -79.33 -89.75 -10.59
C VAL BA 118 -79.07 -88.76 -9.49
N LEU BA 119 -78.21 -89.12 -8.56
CA LEU BA 119 -77.91 -88.25 -7.44
C LEU BA 119 -77.76 -86.78 -7.80
N PRO BA 120 -76.93 -86.46 -8.81
CA PRO BA 120 -76.77 -85.06 -9.19
C PRO BA 120 -78.07 -84.34 -9.54
N GLN BA 121 -79.16 -85.08 -9.55
CA GLN BA 121 -80.46 -84.51 -9.87
C GLN BA 121 -81.36 -84.42 -8.67
N VAL BA 122 -81.12 -85.25 -7.65
CA VAL BA 122 -81.96 -85.23 -6.45
C VAL BA 122 -81.47 -84.26 -5.39
N LEU BA 123 -80.24 -83.79 -5.54
CA LEU BA 123 -79.71 -82.85 -4.58
C LEU BA 123 -78.66 -82.02 -5.26
N SER BA 124 -78.47 -80.80 -4.77
CA SER BA 124 -77.47 -79.91 -5.33
C SER BA 124 -76.21 -80.04 -4.50
N CYS BA 125 -75.11 -79.49 -5.01
CA CYS BA 125 -73.85 -79.58 -4.31
C CYS BA 125 -73.41 -81.03 -4.19
N PHE BA 126 -73.40 -81.72 -5.32
CA PHE BA 126 -72.99 -83.11 -5.36
C PHE BA 126 -71.59 -83.19 -5.98
N ASN BA 127 -70.62 -83.65 -5.20
CA ASN BA 127 -69.27 -83.77 -5.69
C ASN BA 127 -69.12 -85.06 -6.47
N VAL BA 128 -69.77 -85.12 -7.63
CA VAL BA 128 -69.75 -86.30 -8.48
C VAL BA 128 -68.42 -87.06 -8.48
N ASP BA 129 -67.31 -86.35 -8.58
CA ASP BA 129 -66.00 -87.00 -8.58
C ASP BA 129 -65.74 -87.73 -7.27
N ALA BA 130 -65.82 -87.00 -6.17
CA ALA BA 130 -65.60 -87.59 -4.84
C ALA BA 130 -66.47 -88.82 -4.67
N TRP BA 131 -67.75 -88.70 -5.01
CA TRP BA 131 -68.64 -89.83 -4.89
C TRP BA 131 -68.06 -90.94 -5.72
N ASN BA 132 -67.96 -90.69 -7.03
CA ASN BA 132 -67.41 -91.67 -7.95
C ASN BA 132 -66.19 -92.37 -7.38
N ARG BA 133 -65.23 -91.61 -6.88
CA ARG BA 133 -64.03 -92.24 -6.36
C ARG BA 133 -64.34 -93.27 -5.30
N CYS BA 134 -64.93 -92.85 -4.19
CA CYS BA 134 -65.22 -93.79 -3.12
C CYS BA 134 -66.25 -94.84 -3.44
N PHE BA 135 -67.09 -94.58 -4.42
CA PHE BA 135 -68.10 -95.57 -4.79
C PHE BA 135 -67.39 -96.71 -5.51
N HIS BA 136 -66.42 -96.36 -6.35
CA HIS BA 136 -65.68 -97.37 -7.09
C HIS BA 136 -64.91 -98.27 -6.13
N ARG BA 137 -64.23 -97.69 -5.16
CA ARG BA 137 -63.49 -98.48 -4.21
C ARG BA 137 -64.47 -99.47 -3.57
N LEU BA 138 -65.68 -99.03 -3.26
CA LEU BA 138 -66.67 -99.90 -2.65
C LEU BA 138 -67.11 -101.00 -3.60
N VAL BA 139 -67.43 -100.62 -4.83
CA VAL BA 139 -67.87 -101.57 -5.85
C VAL BA 139 -66.79 -102.61 -6.16
N ALA BA 140 -65.59 -102.14 -6.49
CA ALA BA 140 -64.48 -103.02 -6.80
C ALA BA 140 -64.43 -104.21 -5.84
N ARG BA 141 -64.34 -103.92 -4.55
CA ARG BA 141 -64.29 -104.98 -3.57
C ARG BA 141 -65.52 -105.85 -3.54
N ILE BA 142 -66.69 -105.29 -3.88
CA ILE BA 142 -67.92 -106.08 -3.86
C ILE BA 142 -67.98 -107.09 -4.99
N ALA BA 143 -67.71 -106.53 -6.21
CA ALA BA 143 -67.89 -107.20 -7.46
C ALA BA 143 -66.92 -108.31 -7.49
N LYS BA 144 -65.69 -108.00 -7.08
CA LYS BA 144 -64.54 -108.70 -7.60
C LYS BA 144 -64.67 -110.10 -7.19
N ASP BA 145 -65.27 -110.27 -6.00
CA ASP BA 145 -65.34 -111.55 -5.40
C ASP BA 145 -66.05 -112.42 -6.39
N LEU BA 146 -67.06 -111.86 -7.08
CA LEU BA 146 -67.97 -112.67 -7.81
C LEU BA 146 -67.23 -113.47 -8.87
N PRO BA 147 -66.55 -112.88 -9.85
CA PRO BA 147 -65.89 -113.62 -10.90
C PRO BA 147 -64.85 -114.43 -10.22
N ASP CA 1 -97.62 -29.35 -88.00
CA ASP CA 1 -96.23 -28.87 -87.84
C ASP CA 1 -95.33 -29.91 -87.34
N CYS CA 2 -94.07 -29.51 -87.24
CA CYS CA 2 -93.24 -30.47 -86.65
C CYS CA 2 -93.14 -30.15 -85.24
N CYS CA 3 -92.60 -31.13 -84.56
CA CYS CA 3 -92.46 -30.93 -83.19
C CYS CA 3 -91.07 -31.27 -82.96
N SER CA 4 -90.70 -31.02 -81.72
CA SER CA 4 -89.38 -30.96 -81.25
C SER CA 4 -89.26 -32.11 -80.32
N TYR CA 5 -88.05 -32.70 -80.25
CA TYR CA 5 -87.69 -33.89 -79.53
C TYR CA 5 -87.84 -33.61 -78.06
N GLU CA 6 -87.45 -32.41 -77.65
CA GLU CA 6 -87.53 -32.02 -76.25
C GLU CA 6 -88.99 -32.10 -75.82
N ASP CA 7 -89.86 -31.54 -76.64
CA ASP CA 7 -91.27 -31.55 -76.36
C ASP CA 7 -91.77 -32.98 -76.20
N ARG CA 8 -91.31 -33.87 -77.07
CA ARG CA 8 -91.73 -35.25 -76.95
C ARG CA 8 -91.33 -35.74 -75.58
N ARG CA 9 -90.09 -35.51 -75.20
CA ARG CA 9 -89.63 -35.90 -73.88
C ARG CA 9 -90.54 -35.33 -72.80
N GLU CA 10 -90.90 -34.07 -72.94
CA GLU CA 10 -91.76 -33.40 -71.97
C GLU CA 10 -93.04 -34.21 -71.80
N ILE CA 11 -93.68 -34.52 -72.90
CA ILE CA 11 -94.93 -35.29 -72.89
C ILE CA 11 -94.70 -36.70 -72.38
N ARG CA 12 -93.68 -37.38 -72.92
CA ARG CA 12 -93.39 -38.76 -72.52
C ARG CA 12 -93.31 -38.84 -71.01
N HIS CA 13 -93.21 -37.67 -70.37
CA HIS CA 13 -93.15 -37.58 -68.91
C HIS CA 13 -94.51 -37.15 -68.37
N ILE CA 14 -95.01 -36.04 -68.88
CA ILE CA 14 -96.32 -35.53 -68.46
C ILE CA 14 -97.33 -36.67 -68.43
N TRP CA 15 -97.26 -37.55 -69.42
CA TRP CA 15 -98.18 -38.67 -69.51
C TRP CA 15 -97.97 -39.60 -68.34
N ASP CA 16 -96.72 -39.96 -68.07
CA ASP CA 16 -96.42 -40.87 -66.97
C ASP CA 16 -97.04 -40.44 -65.65
N ASP CA 17 -97.63 -39.25 -65.62
CA ASP CA 17 -98.25 -38.75 -64.41
C ASP CA 17 -99.76 -38.98 -64.41
N VAL CA 18 -100.35 -38.98 -65.60
CA VAL CA 18 -101.79 -39.21 -65.72
C VAL CA 18 -102.05 -40.72 -65.85
N TRP CA 19 -101.17 -41.41 -66.60
CA TRP CA 19 -101.38 -42.78 -66.96
C TRP CA 19 -101.39 -43.54 -65.69
N SER CA 20 -100.63 -42.99 -64.73
CA SER CA 20 -99.59 -43.69 -64.07
C SER CA 20 -100.15 -44.83 -63.30
N SER CA 21 -101.36 -44.63 -62.73
CA SER CA 21 -101.95 -45.68 -61.96
C SER CA 21 -102.02 -46.90 -62.86
N SER CA 22 -101.99 -48.08 -62.22
CA SER CA 22 -101.55 -49.32 -62.83
C SER CA 22 -102.55 -49.88 -63.72
N PHE CA 23 -103.79 -49.67 -63.27
CA PHE CA 23 -104.90 -50.38 -63.78
C PHE CA 23 -106.02 -49.48 -63.62
N THR CA 24 -107.20 -50.04 -63.81
CA THR CA 24 -108.09 -49.27 -64.65
C THR CA 24 -108.63 -47.99 -64.03
N ASP CA 25 -109.31 -48.11 -62.90
CA ASP CA 25 -109.91 -46.97 -62.18
C ASP CA 25 -109.52 -45.56 -62.61
N ARG CA 26 -108.24 -45.22 -62.43
CA ARG CA 26 -107.78 -43.88 -62.79
C ARG CA 26 -107.93 -43.54 -64.27
N ARG CA 27 -107.17 -44.25 -65.11
CA ARG CA 27 -107.21 -44.00 -66.53
C ARG CA 27 -108.65 -43.87 -67.03
N VAL CA 28 -109.53 -44.71 -66.49
CA VAL CA 28 -110.94 -44.69 -66.89
C VAL CA 28 -111.54 -43.32 -66.64
N ALA CA 29 -111.58 -42.93 -65.38
CA ALA CA 29 -112.14 -41.63 -65.01
C ALA CA 29 -111.61 -40.49 -65.88
N ILE CA 30 -110.32 -40.52 -66.18
CA ILE CA 30 -109.73 -39.48 -67.03
C ILE CA 30 -110.24 -39.55 -68.45
N VAL CA 31 -110.06 -40.68 -69.13
CA VAL CA 31 -110.53 -40.81 -70.51
C VAL CA 31 -112.02 -40.50 -70.59
N ARG CA 32 -112.76 -40.90 -69.57
CA ARG CA 32 -114.19 -40.63 -69.53
C ARG CA 32 -114.34 -39.11 -69.49
N ALA CA 33 -113.84 -38.50 -68.42
CA ALA CA 33 -113.90 -37.05 -68.28
C ALA CA 33 -113.55 -36.33 -69.57
N VAL CA 34 -112.70 -36.95 -70.39
CA VAL CA 34 -112.30 -36.38 -71.68
C VAL CA 34 -113.48 -36.43 -72.62
N PHE CA 35 -114.04 -37.61 -72.80
CA PHE CA 35 -115.18 -37.76 -73.67
C PHE CA 35 -116.36 -36.91 -73.25
N ASP CA 36 -116.65 -36.86 -71.94
CA ASP CA 36 -117.78 -36.06 -71.46
C ASP CA 36 -117.64 -34.65 -71.98
N ASP CA 37 -116.40 -34.20 -72.16
CA ASP CA 37 -116.14 -32.85 -72.64
C ASP CA 37 -116.30 -32.82 -74.15
N LEU CA 38 -116.13 -33.97 -74.79
CA LEU CA 38 -116.28 -34.04 -76.22
C LEU CA 38 -117.76 -33.99 -76.55
N PHE CA 39 -118.55 -34.72 -75.76
CA PHE CA 39 -119.97 -34.77 -75.97
C PHE CA 39 -120.68 -33.49 -75.58
N LYS CA 40 -120.18 -32.79 -74.57
CA LYS CA 40 -120.82 -31.56 -74.15
C LYS CA 40 -120.61 -30.49 -75.21
N HIS CA 41 -119.61 -30.69 -76.06
CA HIS CA 41 -119.30 -29.73 -77.12
C HIS CA 41 -119.71 -30.17 -78.52
N TYR CA 42 -119.62 -31.46 -78.80
CA TYR CA 42 -120.01 -31.99 -80.11
C TYR CA 42 -120.93 -33.16 -79.81
N PRO CA 43 -122.10 -32.88 -79.22
CA PRO CA 43 -123.12 -33.86 -78.84
C PRO CA 43 -123.45 -34.88 -79.90
N THR CA 44 -123.24 -34.46 -81.11
CA THR CA 44 -123.50 -35.31 -82.18
C THR CA 44 -122.77 -36.67 -82.06
N SER CA 45 -121.47 -36.57 -81.89
CA SER CA 45 -120.63 -37.74 -81.78
C SER CA 45 -121.15 -38.81 -80.85
N LYS CA 46 -121.83 -38.39 -79.79
CA LYS CA 46 -122.35 -39.32 -78.80
C LYS CA 46 -122.92 -40.58 -79.45
N ALA CA 47 -123.88 -40.39 -80.33
CA ALA CA 47 -124.53 -41.50 -81.02
C ALA CA 47 -123.57 -42.57 -81.55
N LEU CA 48 -122.41 -42.14 -82.06
CA LEU CA 48 -121.44 -43.06 -82.62
C LEU CA 48 -121.05 -44.26 -81.76
N PHE CA 49 -121.16 -44.11 -80.45
CA PHE CA 49 -120.79 -45.18 -79.54
C PHE CA 49 -121.93 -46.02 -78.95
N GLU CA 50 -123.04 -46.13 -79.67
CA GLU CA 50 -124.14 -46.92 -79.15
C GLU CA 50 -123.69 -48.37 -79.21
N ARG CA 51 -122.75 -48.63 -80.10
CA ARG CA 51 -122.25 -49.97 -80.29
C ARG CA 51 -121.60 -50.51 -79.02
N VAL CA 52 -121.06 -49.60 -78.21
CA VAL CA 52 -120.39 -49.99 -76.98
C VAL CA 52 -121.25 -49.70 -75.76
N LYS CA 53 -122.47 -49.27 -76.02
CA LYS CA 53 -123.42 -48.95 -74.97
C LYS CA 53 -123.06 -47.76 -74.09
N ILE CA 54 -123.01 -46.57 -74.68
CA ILE CA 54 -122.70 -45.37 -73.91
C ILE CA 54 -123.89 -44.98 -73.05
N ASP CA 55 -125.07 -45.49 -73.39
CA ASP CA 55 -126.27 -45.19 -72.64
C ASP CA 55 -126.16 -45.83 -71.25
N GLU CA 56 -125.22 -46.75 -71.10
CA GLU CA 56 -124.97 -47.42 -69.83
C GLU CA 56 -123.56 -47.06 -69.42
N PRO CA 57 -123.37 -45.84 -68.89
CA PRO CA 57 -122.05 -45.39 -68.45
C PRO CA 57 -121.21 -46.41 -67.68
N GLU CA 58 -121.76 -47.00 -66.63
CA GLU CA 58 -121.01 -47.97 -65.84
C GLU CA 58 -121.08 -49.38 -66.40
N SER CA 59 -121.69 -49.52 -67.57
CA SER CA 59 -121.87 -50.80 -68.23
C SER CA 59 -120.71 -51.79 -68.10
N GLY CA 60 -119.53 -51.37 -68.53
CA GLY CA 60 -118.40 -52.26 -68.49
C GLY CA 60 -118.11 -52.58 -69.94
N GLU CA 61 -119.17 -52.72 -70.73
CA GLU CA 61 -119.02 -52.97 -72.15
C GLU CA 61 -118.42 -51.69 -72.67
N PHE CA 62 -118.81 -50.60 -72.02
CA PHE CA 62 -118.38 -49.25 -72.35
C PHE CA 62 -117.12 -48.90 -71.61
N LYS CA 63 -117.07 -49.21 -70.31
CA LYS CA 63 -115.85 -48.92 -69.56
C LYS CA 63 -114.66 -49.53 -70.31
N SER CA 64 -114.75 -50.82 -70.63
CA SER CA 64 -113.69 -51.51 -71.35
C SER CA 64 -113.30 -50.68 -72.56
N HIS CA 65 -114.30 -50.16 -73.27
CA HIS CA 65 -114.05 -49.33 -74.44
C HIS CA 65 -113.12 -48.19 -74.04
N LEU CA 66 -113.57 -47.34 -73.12
CA LEU CA 66 -112.77 -46.23 -72.63
C LEU CA 66 -111.32 -46.64 -72.48
N VAL CA 67 -111.10 -47.75 -71.79
CA VAL CA 67 -109.77 -48.27 -71.57
C VAL CA 67 -109.07 -48.49 -72.88
N ARG CA 68 -109.71 -49.18 -73.82
CA ARG CA 68 -109.09 -49.42 -75.12
C ARG CA 68 -108.63 -48.12 -75.77
N VAL CA 69 -109.45 -47.08 -75.62
CA VAL CA 69 -109.12 -45.77 -76.17
C VAL CA 69 -107.90 -45.28 -75.45
N ALA CA 70 -107.98 -45.28 -74.12
CA ALA CA 70 -106.86 -44.85 -73.29
C ALA CA 70 -105.62 -45.59 -73.75
N ASN CA 71 -105.62 -46.91 -73.62
CA ASN CA 71 -104.49 -47.74 -74.03
C ASN CA 71 -104.03 -47.46 -75.46
N GLY CA 72 -104.96 -47.15 -76.36
CA GLY CA 72 -104.56 -46.86 -77.72
C GLY CA 72 -103.72 -45.59 -77.78
N LEU CA 73 -104.02 -44.67 -76.89
CA LEU CA 73 -103.32 -43.40 -76.79
C LEU CA 73 -102.00 -43.71 -76.16
N LYS CA 74 -102.03 -44.48 -75.09
CA LYS CA 74 -100.84 -44.90 -74.37
C LYS CA 74 -99.85 -45.48 -75.38
N LEU CA 75 -100.34 -46.42 -76.19
CA LEU CA 75 -99.52 -47.07 -77.21
C LEU CA 75 -98.86 -46.04 -78.12
N LEU CA 76 -99.59 -44.99 -78.47
CA LEU CA 76 -99.04 -43.96 -79.34
C LEU CA 76 -97.86 -43.31 -78.67
N ILE CA 77 -98.13 -42.64 -77.56
CA ILE CA 77 -97.12 -41.95 -76.79
C ILE CA 77 -95.90 -42.84 -76.57
N ASN CA 78 -96.15 -44.06 -76.11
CA ASN CA 78 -95.06 -45.00 -75.87
C ASN CA 78 -94.40 -45.51 -77.16
N LEU CA 79 -94.61 -44.78 -78.24
CA LEU CA 79 -94.03 -45.16 -79.51
C LEU CA 79 -93.24 -43.98 -80.05
N LEU CA 80 -93.42 -42.82 -79.43
CA LEU CA 80 -92.76 -41.58 -79.84
C LEU CA 80 -91.24 -41.67 -79.96
N ASP CA 81 -90.66 -42.75 -79.45
CA ASP CA 81 -89.22 -42.90 -79.52
C ASP CA 81 -88.87 -43.84 -80.65
N ASP CA 82 -89.88 -44.51 -81.23
CA ASP CA 82 -89.62 -45.42 -82.35
C ASP CA 82 -90.27 -45.00 -83.68
N THR CA 83 -90.26 -43.69 -83.92
CA THR CA 83 -90.79 -43.07 -85.12
C THR CA 83 -91.39 -43.98 -86.19
N LEU CA 84 -90.54 -44.68 -86.91
CA LEU CA 84 -90.98 -45.57 -87.98
C LEU CA 84 -92.17 -46.46 -87.68
N VAL CA 85 -92.20 -47.02 -86.48
CA VAL CA 85 -93.31 -47.88 -86.10
C VAL CA 85 -94.51 -47.01 -85.83
N LEU CA 86 -94.28 -45.91 -85.13
CA LEU CA 86 -95.35 -44.99 -84.81
C LEU CA 86 -96.03 -44.56 -86.09
N GLN CA 87 -95.23 -44.20 -87.09
CA GLN CA 87 -95.75 -43.76 -88.37
C GLN CA 87 -96.66 -44.79 -89.03
N SER CA 88 -96.41 -46.07 -88.77
CA SER CA 88 -97.24 -47.12 -89.35
C SER CA 88 -98.51 -47.34 -88.55
N HIS CA 89 -98.36 -47.64 -87.26
CA HIS CA 89 -99.53 -47.86 -86.40
C HIS CA 89 -100.39 -46.62 -86.44
N LEU CA 90 -99.77 -45.47 -86.66
CA LEU CA 90 -100.54 -44.24 -86.70
C LEU CA 90 -101.47 -44.32 -87.88
N GLY CA 91 -101.01 -44.95 -88.96
CA GLY CA 91 -101.85 -45.11 -90.13
C GLY CA 91 -102.93 -46.11 -89.81
N HIS CA 92 -102.52 -47.28 -89.35
CA HIS CA 92 -103.45 -48.34 -88.97
C HIS CA 92 -104.55 -47.79 -88.05
N LEU CA 93 -104.20 -46.82 -87.21
CA LEU CA 93 -105.15 -46.23 -86.29
C LEU CA 93 -106.14 -45.38 -87.04
N ALA CA 94 -105.73 -44.88 -88.20
CA ALA CA 94 -106.60 -44.06 -89.02
C ALA CA 94 -107.63 -44.99 -89.65
N ASP CA 95 -107.14 -45.99 -90.37
CA ASP CA 95 -108.00 -46.94 -91.04
C ASP CA 95 -109.08 -47.50 -90.12
N GLN CA 96 -108.76 -47.67 -88.84
CA GLN CA 96 -109.74 -48.20 -87.90
C GLN CA 96 -110.83 -47.19 -87.63
N HIS CA 97 -110.61 -45.96 -88.05
CA HIS CA 97 -111.59 -44.92 -87.84
C HIS CA 97 -112.24 -44.48 -89.13
N ILE CA 98 -111.62 -44.81 -90.25
CA ILE CA 98 -112.19 -44.44 -91.54
C ILE CA 98 -113.33 -45.40 -91.82
N GLN CA 99 -113.16 -46.66 -91.42
CA GLN CA 99 -114.20 -47.65 -91.62
C GLN CA 99 -115.34 -47.49 -90.60
N ARG CA 100 -115.18 -46.53 -89.70
CA ARG CA 100 -116.20 -46.26 -88.70
C ARG CA 100 -117.02 -45.11 -89.26
N LYS CA 101 -118.10 -45.48 -89.95
CA LYS CA 101 -118.97 -44.50 -90.58
C LYS CA 101 -119.53 -43.47 -89.60
N GLY CA 102 -119.31 -42.19 -89.89
CA GLY CA 102 -119.82 -41.15 -89.02
C GLY CA 102 -118.76 -40.37 -88.28
N VAL CA 103 -117.50 -40.79 -88.41
CA VAL CA 103 -116.40 -40.11 -87.72
C VAL CA 103 -115.82 -38.98 -88.55
N THR CA 104 -116.07 -37.73 -88.15
CA THR CA 104 -115.59 -36.56 -88.88
C THR CA 104 -114.18 -36.14 -88.52
N LYS CA 105 -113.61 -35.29 -89.36
CA LYS CA 105 -112.27 -34.78 -89.14
C LYS CA 105 -112.40 -33.84 -87.96
N GLU CA 106 -113.60 -33.30 -87.81
CA GLU CA 106 -113.90 -32.35 -86.75
C GLU CA 106 -113.89 -33.00 -85.36
N TYR CA 107 -114.64 -34.10 -85.21
CA TYR CA 107 -114.70 -34.76 -83.92
C TYR CA 107 -113.32 -34.93 -83.31
N PHE CA 108 -112.33 -35.18 -84.16
CA PHE CA 108 -110.97 -35.35 -83.66
C PHE CA 108 -110.44 -34.05 -83.12
N ARG CA 109 -110.52 -33.00 -83.92
CA ARG CA 109 -110.03 -31.71 -83.46
C ARG CA 109 -110.77 -31.40 -82.17
N GLY CA 110 -111.94 -32.02 -82.00
CA GLY CA 110 -112.73 -31.79 -80.81
C GLY CA 110 -112.25 -32.51 -79.58
N ILE CA 111 -111.82 -33.75 -79.76
CA ILE CA 111 -111.34 -34.53 -78.63
C ILE CA 111 -109.97 -33.98 -78.24
N GLY CA 112 -109.33 -33.31 -79.18
CA GLY CA 112 -108.02 -32.74 -78.91
C GLY CA 112 -108.18 -31.63 -77.91
N GLU CA 113 -109.21 -30.82 -78.12
CA GLU CA 113 -109.53 -29.70 -77.23
C GLU CA 113 -109.84 -30.32 -75.87
N ALA CA 114 -110.59 -31.43 -75.91
CA ALA CA 114 -110.97 -32.13 -74.71
C ALA CA 114 -109.79 -32.34 -73.77
N PHE CA 115 -108.80 -33.10 -74.22
CA PHE CA 115 -107.65 -33.36 -73.38
C PHE CA 115 -107.03 -32.08 -72.85
N ALA CA 116 -106.84 -31.13 -73.76
CA ALA CA 116 -106.23 -29.85 -73.42
C ALA CA 116 -107.00 -29.10 -72.32
N ARG CA 117 -108.18 -29.58 -72.01
CA ARG CA 117 -109.00 -28.96 -70.99
C ARG CA 117 -109.07 -29.85 -69.75
N VAL CA 118 -108.97 -31.16 -69.96
CA VAL CA 118 -109.03 -32.12 -68.88
C VAL CA 118 -107.68 -32.33 -68.21
N LEU CA 119 -106.72 -32.83 -68.97
CA LEU CA 119 -105.40 -33.08 -68.43
C LEU CA 119 -104.89 -32.01 -67.47
N PRO CA 120 -104.93 -30.72 -67.87
CA PRO CA 120 -104.45 -29.68 -66.98
C PRO CA 120 -105.13 -29.64 -65.61
N GLN CA 121 -106.14 -30.49 -65.44
CA GLN CA 121 -106.87 -30.55 -64.18
C GLN CA 121 -106.57 -31.81 -63.39
N VAL CA 122 -106.13 -32.86 -64.06
CA VAL CA 122 -105.83 -34.11 -63.38
C VAL CA 122 -104.40 -34.19 -62.90
N LEU CA 123 -103.55 -33.30 -63.38
CA LEU CA 123 -102.18 -33.30 -62.94
C LEU CA 123 -101.62 -31.90 -63.08
N SER CA 124 -100.62 -31.59 -62.25
CA SER CA 124 -100.02 -30.28 -62.31
C SER CA 124 -98.76 -30.41 -63.16
N CYS CA 125 -98.20 -29.26 -63.54
CA CYS CA 125 -97.01 -29.24 -64.37
C CYS CA 125 -97.32 -29.86 -65.72
N PHE CA 126 -98.37 -29.37 -66.36
CA PHE CA 126 -98.76 -29.86 -67.65
C PHE CA 126 -98.38 -28.82 -68.69
N ASN CA 127 -97.50 -29.20 -69.61
CA ASN CA 127 -97.04 -28.27 -70.65
C ASN CA 127 -98.05 -28.28 -71.80
N VAL CA 128 -99.23 -27.75 -71.52
CA VAL CA 128 -100.31 -27.69 -72.50
C VAL CA 128 -99.86 -27.50 -73.93
N ASP CA 129 -98.94 -26.57 -74.16
CA ASP CA 129 -98.45 -26.31 -75.50
C ASP CA 129 -97.75 -27.52 -76.07
N ALA CA 130 -96.74 -28.02 -75.37
CA ALA CA 130 -95.99 -29.18 -75.82
C ALA CA 130 -96.94 -30.32 -76.13
N TRP CA 131 -97.88 -30.56 -75.24
CA TRP CA 131 -98.85 -31.61 -75.47
C TRP CA 131 -99.55 -31.28 -76.78
N ASN CA 132 -100.26 -30.16 -76.79
CA ASN CA 132 -100.98 -29.72 -77.96
C ASN CA 132 -100.19 -29.95 -79.25
N ARG CA 133 -98.95 -29.49 -79.29
CA ARG CA 133 -98.15 -29.67 -80.48
C ARG CA 133 -98.09 -31.12 -80.93
N CYS CA 134 -97.51 -32.00 -80.12
CA CYS CA 134 -97.39 -33.39 -80.51
C CYS CA 134 -98.71 -34.12 -80.65
N PHE CA 135 -99.75 -33.64 -80.00
CA PHE CA 135 -101.02 -34.32 -80.11
C PHE CA 135 -101.58 -34.03 -81.48
N HIS CA 136 -101.41 -32.80 -81.94
CA HIS CA 136 -101.90 -32.41 -83.25
C HIS CA 136 -101.21 -33.24 -84.32
N ARG CA 137 -99.90 -33.36 -84.26
CA ARG CA 137 -99.18 -34.13 -85.26
C ARG CA 137 -99.80 -35.54 -85.28
N LEU CA 138 -100.12 -36.08 -84.12
CA LEU CA 138 -100.71 -37.42 -84.05
C LEU CA 138 -102.10 -37.46 -84.66
N VAL CA 139 -102.94 -36.50 -84.29
CA VAL CA 139 -104.30 -36.44 -84.82
C VAL CA 139 -104.32 -36.23 -86.32
N ALA CA 140 -103.61 -35.22 -86.79
CA ALA CA 140 -103.55 -34.92 -88.22
C ALA CA 140 -103.41 -36.20 -89.04
N ARG CA 141 -102.38 -36.98 -88.75
CA ARG CA 141 -102.14 -38.22 -89.48
C ARG CA 141 -103.27 -39.24 -89.30
N ILE CA 142 -103.94 -39.24 -88.15
CA ILE CA 142 -105.03 -40.20 -87.93
C ILE CA 142 -106.27 -39.88 -88.76
N ALA CA 143 -106.64 -38.59 -88.67
CA ALA CA 143 -107.79 -37.99 -89.27
C ALA CA 143 -107.62 -37.97 -90.75
N LYS CA 144 -106.39 -37.65 -91.19
CA LYS CA 144 -106.14 -37.19 -92.52
C LYS CA 144 -106.52 -38.27 -93.46
N ASP CA 145 -106.27 -39.50 -93.02
CA ASP CA 145 -106.36 -40.63 -93.88
C ASP CA 145 -107.75 -40.65 -94.40
N LEU CA 146 -108.73 -40.48 -93.45
CA LEU CA 146 -110.11 -40.69 -93.76
C LEU CA 146 -110.40 -39.81 -94.90
N PRO CA 147 -109.95 -38.60 -94.97
CA PRO CA 147 -110.26 -37.99 -96.21
C PRO CA 147 -109.38 -38.42 -97.37
N LYS DA 1 -112.72 -20.39 -49.93
CA LYS DA 1 -112.18 -20.58 -51.30
C LYS DA 1 -113.00 -21.55 -52.07
N LYS DA 2 -112.39 -22.63 -52.58
CA LYS DA 2 -113.16 -23.55 -53.37
C LYS DA 2 -113.57 -24.67 -52.49
N GLN DA 3 -114.38 -25.56 -53.09
CA GLN DA 3 -114.88 -26.69 -52.38
C GLN DA 3 -114.28 -27.88 -53.01
N CYS DA 4 -114.54 -29.00 -52.33
CA CYS DA 4 -113.97 -30.24 -52.69
C CYS DA 4 -114.74 -30.86 -53.78
N GLY DA 5 -114.09 -31.84 -54.42
CA GLY DA 5 -114.64 -32.56 -55.51
C GLY DA 5 -113.52 -33.35 -56.10
N VAL DA 6 -113.85 -34.12 -57.16
CA VAL DA 6 -113.14 -35.33 -57.48
C VAL DA 6 -111.70 -35.05 -57.77
N LEU DA 7 -111.43 -34.16 -58.74
CA LEU DA 7 -110.06 -33.93 -59.14
C LEU DA 7 -109.20 -33.37 -58.03
N GLU DA 8 -109.58 -32.21 -57.50
CA GLU DA 8 -108.81 -31.57 -56.43
C GLU DA 8 -108.49 -32.57 -55.34
N GLY DA 9 -109.33 -33.60 -55.25
CA GLY DA 9 -109.09 -34.64 -54.27
C GLY DA 9 -107.91 -35.45 -54.75
N LEU DA 10 -108.06 -36.06 -55.92
CA LEU DA 10 -107.00 -36.86 -56.48
C LEU DA 10 -105.67 -36.13 -56.36
N LYS DA 11 -105.67 -34.83 -56.60
CA LYS DA 11 -104.42 -34.10 -56.53
C LYS DA 11 -103.87 -34.14 -55.11
N VAL DA 12 -104.66 -33.69 -54.15
CA VAL DA 12 -104.19 -33.69 -52.78
C VAL DA 12 -103.81 -35.10 -52.35
N LYS DA 13 -104.65 -36.06 -52.64
CA LYS DA 13 -104.38 -37.44 -52.27
C LYS DA 13 -103.02 -37.89 -52.75
N SER DA 14 -102.66 -37.44 -53.94
CA SER DA 14 -101.39 -37.82 -54.54
C SER DA 14 -100.24 -37.06 -53.88
N GLU DA 15 -100.35 -35.73 -53.86
CA GLU DA 15 -99.33 -34.89 -53.26
C GLU DA 15 -99.08 -35.27 -51.80
N TRP DA 16 -100.15 -35.62 -51.10
CA TRP DA 16 -100.01 -36.01 -49.71
C TRP DA 16 -99.13 -37.21 -49.66
N GLY DA 17 -99.30 -38.12 -50.62
CA GLY DA 17 -98.49 -39.32 -50.64
C GLY DA 17 -97.01 -38.99 -50.58
N ARG DA 18 -96.60 -37.99 -51.35
CA ARG DA 18 -95.21 -37.56 -51.42
C ARG DA 18 -94.78 -36.84 -50.15
N ALA DA 19 -95.60 -35.93 -49.67
CA ALA DA 19 -95.25 -35.17 -48.46
C ALA DA 19 -95.21 -36.03 -47.20
N TYR DA 20 -96.18 -36.92 -47.05
CA TYR DA 20 -96.25 -37.77 -45.87
C TYR DA 20 -94.99 -38.59 -45.79
N GLY DA 21 -94.70 -39.35 -46.84
CA GLY DA 21 -93.50 -40.18 -46.84
C GLY DA 21 -93.55 -41.25 -45.77
N SER DA 22 -92.39 -41.69 -45.30
CA SER DA 22 -92.33 -42.72 -44.27
C SER DA 22 -91.06 -42.70 -43.44
N GLY DA 23 -90.99 -43.58 -42.46
CA GLY DA 23 -89.83 -43.68 -41.60
C GLY DA 23 -89.56 -42.45 -40.78
N HIS DA 24 -88.37 -41.88 -40.93
CA HIS DA 24 -87.98 -40.69 -40.20
C HIS DA 24 -88.63 -39.45 -40.79
N ASP DA 25 -88.64 -39.36 -42.12
CA ASP DA 25 -89.27 -38.22 -42.78
C ASP DA 25 -90.60 -37.97 -42.11
N ARG DA 26 -91.29 -39.05 -41.80
CA ARG DA 26 -92.60 -38.97 -41.17
C ARG DA 26 -92.46 -38.44 -39.73
N GLU DA 27 -91.69 -39.14 -38.91
CA GLU DA 27 -91.49 -38.73 -37.53
C GLU DA 27 -91.16 -37.24 -37.45
N ALA DA 28 -90.61 -36.67 -38.52
CA ALA DA 28 -90.24 -35.26 -38.54
C ALA DA 28 -91.41 -34.45 -39.12
N PHE DA 29 -91.86 -34.87 -40.28
CA PHE DA 29 -92.98 -34.22 -40.94
C PHE DA 29 -94.00 -33.86 -39.89
N SER DA 30 -94.38 -34.84 -39.08
CA SER DA 30 -95.34 -34.61 -38.02
C SER DA 30 -94.76 -33.60 -37.03
N GLN DA 31 -93.54 -33.87 -36.58
CA GLN DA 31 -92.86 -33.00 -35.64
C GLN DA 31 -93.00 -31.55 -36.11
N ALA DA 32 -92.53 -31.28 -37.32
CA ALA DA 32 -92.58 -29.94 -37.91
C ALA DA 32 -93.95 -29.36 -37.81
N ILE DA 33 -94.94 -30.12 -38.29
CA ILE DA 33 -96.32 -29.68 -38.27
C ILE DA 33 -96.75 -29.22 -36.91
N TRP DA 34 -96.59 -30.06 -35.91
CA TRP DA 34 -97.00 -29.69 -34.57
C TRP DA 34 -96.29 -28.44 -34.06
N ARG DA 35 -94.99 -28.37 -34.28
CA ARG DA 35 -94.24 -27.21 -33.82
C ARG DA 35 -94.84 -25.97 -34.43
N ALA DA 36 -95.23 -26.05 -35.70
CA ALA DA 36 -95.82 -24.92 -36.39
C ALA DA 36 -97.19 -24.61 -35.80
N THR DA 37 -97.92 -25.66 -35.42
CA THR DA 37 -99.23 -25.45 -34.82
C THR DA 37 -99.11 -24.75 -33.48
N PHE DA 38 -98.38 -25.36 -32.55
CA PHE DA 38 -98.21 -24.81 -31.23
C PHE DA 38 -97.61 -23.41 -31.24
N ALA DA 39 -96.74 -23.14 -32.22
CA ALA DA 39 -96.11 -21.84 -32.30
C ALA DA 39 -97.16 -20.79 -32.58
N GLN DA 40 -98.18 -21.18 -33.33
CA GLN DA 40 -99.27 -20.28 -33.67
C GLN DA 40 -100.21 -20.02 -32.48
N VAL DA 41 -100.66 -21.10 -31.85
CA VAL DA 41 -101.56 -21.00 -30.73
C VAL DA 41 -101.02 -21.73 -29.50
N PRO DA 42 -100.04 -21.14 -28.81
CA PRO DA 42 -99.48 -21.79 -27.62
C PRO DA 42 -100.58 -22.21 -26.62
N GLU DA 43 -101.71 -21.53 -26.67
CA GLU DA 43 -102.81 -21.83 -25.78
C GLU DA 43 -103.18 -23.31 -25.84
N SER DA 44 -103.17 -23.86 -27.06
CA SER DA 44 -103.55 -25.25 -27.30
C SER DA 44 -102.70 -26.31 -26.64
N ARG DA 45 -101.50 -25.96 -26.22
CA ARG DA 45 -100.66 -26.97 -25.60
C ARG DA 45 -101.38 -27.62 -24.43
N SER DA 46 -102.22 -26.86 -23.76
CA SER DA 46 -102.94 -27.36 -22.60
C SER DA 46 -103.83 -28.58 -22.86
N LEU DA 47 -104.30 -28.74 -24.08
CA LEU DA 47 -105.15 -29.89 -24.40
C LEU DA 47 -104.40 -31.21 -24.47
N PHE DA 48 -103.13 -31.14 -24.84
CA PHE DA 48 -102.33 -32.35 -24.96
C PHE DA 48 -101.45 -32.54 -23.76
N LYS DA 49 -101.94 -32.10 -22.62
CA LYS DA 49 -101.19 -32.22 -21.39
C LYS DA 49 -101.08 -33.71 -21.08
N ARG DA 50 -102.07 -34.46 -21.54
CA ARG DA 50 -102.12 -35.90 -21.27
C ARG DA 50 -101.03 -36.68 -21.99
N VAL DA 51 -100.65 -36.19 -23.16
CA VAL DA 51 -99.65 -36.85 -23.97
C VAL DA 51 -98.42 -35.97 -24.13
N HIS DA 52 -97.88 -35.54 -23.00
CA HIS DA 52 -96.69 -34.68 -22.97
C HIS DA 52 -96.64 -33.63 -24.08
N GLY DA 53 -97.59 -32.71 -24.04
CA GLY DA 53 -97.62 -31.66 -25.03
C GLY DA 53 -96.60 -30.60 -24.67
N ASP DA 54 -96.11 -30.65 -23.45
CA ASP DA 54 -95.11 -29.68 -23.02
C ASP DA 54 -93.81 -29.83 -23.80
N ASP DA 55 -93.41 -31.07 -24.08
CA ASP DA 55 -92.19 -31.37 -24.84
C ASP DA 55 -92.51 -32.12 -26.12
N THR DA 56 -92.59 -31.38 -27.22
CA THR DA 56 -92.90 -31.94 -28.53
C THR DA 56 -92.01 -33.12 -28.93
N SER DA 57 -90.84 -33.23 -28.32
CA SER DA 57 -89.89 -34.31 -28.62
C SER DA 57 -90.00 -35.54 -27.72
N HIS DA 58 -90.96 -35.54 -26.81
CA HIS DA 58 -91.13 -36.66 -25.91
C HIS DA 58 -91.81 -37.80 -26.64
N PRO DA 59 -91.28 -39.02 -26.49
CA PRO DA 59 -91.87 -40.18 -27.17
C PRO DA 59 -93.39 -40.22 -27.16
N ALA DA 60 -93.97 -39.99 -25.98
CA ALA DA 60 -95.42 -40.02 -25.84
C ALA DA 60 -96.06 -39.15 -26.91
N PHE DA 61 -95.57 -37.92 -27.02
CA PHE DA 61 -96.09 -36.98 -28.00
C PHE DA 61 -95.72 -37.39 -29.40
N ILE DA 62 -94.50 -37.90 -29.59
CA ILE DA 62 -94.05 -38.35 -30.89
C ILE DA 62 -95.08 -39.33 -31.41
N ALA DA 63 -95.45 -40.25 -30.53
CA ALA DA 63 -96.46 -41.26 -30.85
C ALA DA 63 -97.72 -40.52 -31.23
N HIS DA 64 -98.25 -39.74 -30.29
CA HIS DA 64 -99.44 -38.96 -30.55
C HIS DA 64 -99.42 -38.34 -31.94
N ALA DA 65 -98.40 -37.54 -32.23
CA ALA DA 65 -98.28 -36.89 -33.53
C ALA DA 65 -98.40 -37.90 -34.65
N ASP DA 66 -97.46 -38.83 -34.70
CA ASP DA 66 -97.45 -39.87 -35.74
C ASP DA 66 -98.84 -40.53 -35.80
N ARG DA 67 -99.53 -40.54 -34.67
CA ARG DA 67 -100.85 -41.17 -34.57
C ARG DA 67 -101.92 -40.30 -35.19
N VAL DA 68 -101.77 -38.99 -35.06
CA VAL DA 68 -102.72 -38.03 -35.59
C VAL DA 68 -102.64 -38.04 -37.09
N LEU DA 69 -101.45 -37.83 -37.61
CA LEU DA 69 -101.26 -37.82 -39.05
C LEU DA 69 -101.93 -39.08 -39.60
N GLY DA 70 -101.80 -40.17 -38.85
CA GLY DA 70 -102.40 -41.42 -39.26
C GLY DA 70 -103.85 -41.25 -39.71
N GLY DA 71 -104.64 -40.63 -38.85
CA GLY DA 71 -106.03 -40.41 -39.20
C GLY DA 71 -106.10 -39.53 -40.43
N LEU DA 72 -105.40 -38.39 -40.40
CA LEU DA 72 -105.41 -37.50 -41.53
C LEU DA 72 -105.13 -38.30 -42.80
N ASP DA 73 -104.29 -39.31 -42.68
CA ASP DA 73 -103.96 -40.17 -43.84
C ASP DA 73 -105.27 -40.81 -44.30
N ILE DA 74 -105.83 -41.64 -43.44
CA ILE DA 74 -107.08 -42.30 -43.78
C ILE DA 74 -108.06 -41.32 -44.43
N ALA DA 75 -108.20 -40.13 -43.85
CA ALA DA 75 -109.10 -39.13 -44.39
C ALA DA 75 -108.75 -38.84 -45.84
N ILE DA 76 -107.62 -38.19 -46.03
CA ILE DA 76 -107.16 -37.86 -47.37
C ILE DA 76 -107.22 -39.09 -48.30
N SER DA 77 -106.64 -40.21 -47.83
CA SER DA 77 -106.49 -41.36 -48.65
C SER DA 77 -107.86 -41.75 -49.11
N THR DA 78 -108.78 -41.94 -48.13
CA THR DA 78 -110.09 -42.45 -48.39
C THR DA 78 -110.90 -41.44 -49.15
N LEU DA 79 -110.47 -40.17 -49.13
CA LEU DA 79 -111.28 -39.03 -49.52
C LEU DA 79 -111.90 -39.33 -50.83
N ASP DA 80 -111.06 -39.86 -51.71
CA ASP DA 80 -111.32 -39.91 -53.11
C ASP DA 80 -112.59 -40.68 -53.30
N GLN DA 81 -112.78 -41.80 -52.56
CA GLN DA 81 -113.98 -42.53 -52.78
C GLN DA 81 -114.98 -42.14 -51.73
N PRO DA 82 -116.03 -41.47 -52.18
CA PRO DA 82 -117.08 -40.91 -51.33
C PRO DA 82 -117.69 -41.92 -50.37
N ALA DA 83 -117.97 -43.11 -50.90
CA ALA DA 83 -118.56 -44.18 -50.10
C ALA DA 83 -117.81 -44.39 -48.80
N THR DA 84 -116.54 -44.74 -48.94
CA THR DA 84 -115.68 -45.02 -47.80
C THR DA 84 -115.40 -43.78 -46.96
N LEU DA 85 -114.91 -42.73 -47.59
CA LEU DA 85 -114.63 -41.48 -46.88
C LEU DA 85 -115.79 -41.17 -45.94
N LYS DA 86 -116.98 -41.12 -46.52
CA LYS DA 86 -118.19 -40.87 -45.77
C LYS DA 86 -118.08 -41.58 -44.44
N GLU DA 87 -117.82 -42.88 -44.48
CA GLU DA 87 -117.72 -43.69 -43.26
C GLU DA 87 -116.65 -43.19 -42.29
N GLU DA 88 -115.41 -43.09 -42.75
CA GLU DA 88 -114.35 -42.60 -41.89
C GLU DA 88 -114.72 -41.28 -41.23
N LEU DA 89 -115.16 -40.32 -42.03
CA LEU DA 89 -115.54 -39.04 -41.48
C LEU DA 89 -116.57 -39.25 -40.41
N ASP DA 90 -117.63 -40.00 -40.72
CA ASP DA 90 -118.69 -40.27 -39.75
C ASP DA 90 -118.11 -40.86 -38.47
N HIS DA 91 -117.20 -41.82 -38.64
CA HIS DA 91 -116.56 -42.45 -37.49
C HIS DA 91 -115.92 -41.35 -36.63
N LEU DA 92 -115.14 -40.49 -37.27
CA LEU DA 92 -114.48 -39.42 -36.54
C LEU DA 92 -115.52 -38.56 -35.87
N GLN DA 93 -116.49 -38.13 -36.65
CA GLN DA 93 -117.56 -37.28 -36.16
C GLN DA 93 -117.96 -37.70 -34.75
N VAL DA 94 -118.11 -39.01 -34.56
CA VAL DA 94 -118.51 -39.56 -33.28
C VAL DA 94 -117.47 -39.33 -32.19
N GLN DA 95 -116.24 -39.72 -32.46
CA GLN DA 95 -115.17 -39.57 -31.48
C GLN DA 95 -115.03 -38.12 -31.06
N HIS DA 96 -115.67 -37.22 -31.78
CA HIS DA 96 -115.58 -35.80 -31.45
C HIS DA 96 -116.84 -35.16 -30.86
N GLU DA 97 -118.05 -35.52 -31.33
CA GLU DA 97 -119.21 -34.81 -30.89
C GLU DA 97 -119.38 -35.07 -29.42
N GLY DA 98 -119.91 -34.04 -28.72
CA GLY DA 98 -119.99 -34.06 -27.28
C GLY DA 98 -118.76 -33.38 -26.81
N ARG DA 99 -117.75 -33.30 -27.69
CA ARG DA 99 -116.66 -32.39 -27.44
C ARG DA 99 -116.97 -31.21 -28.29
N LYS DA 100 -116.75 -29.98 -27.75
CA LYS DA 100 -116.80 -28.77 -28.52
C LYS DA 100 -115.37 -28.43 -28.85
N ILE DA 101 -115.13 -27.94 -30.08
CA ILE DA 101 -113.78 -27.69 -30.48
C ILE DA 101 -113.74 -26.34 -31.08
N PRO DA 102 -112.80 -25.60 -30.59
CA PRO DA 102 -112.60 -24.25 -31.01
C PRO DA 102 -112.25 -24.39 -32.44
N ASP DA 103 -112.80 -23.50 -33.30
CA ASP DA 103 -112.48 -23.53 -34.72
C ASP DA 103 -111.19 -22.77 -34.93
N ASN DA 104 -110.78 -22.04 -33.90
CA ASN DA 104 -109.54 -21.27 -33.90
C ASN DA 104 -108.32 -22.19 -34.09
N TYR DA 105 -108.23 -23.26 -33.28
CA TYR DA 105 -107.13 -24.20 -33.36
C TYR DA 105 -107.08 -24.94 -34.69
N PHE DA 106 -108.17 -25.57 -35.08
CA PHE DA 106 -108.21 -26.28 -36.35
C PHE DA 106 -107.61 -25.43 -37.44
N ASP DA 107 -107.95 -24.14 -37.42
CA ASP DA 107 -107.45 -23.21 -38.42
C ASP DA 107 -105.92 -23.22 -38.44
N ALA DA 108 -105.33 -23.05 -37.26
CA ALA DA 108 -103.87 -23.04 -37.12
C ALA DA 108 -103.25 -24.37 -37.59
N PHE DA 109 -103.83 -25.48 -37.13
CA PHE DA 109 -103.34 -26.78 -37.50
C PHE DA 109 -103.36 -26.96 -39.01
N LYS DA 110 -104.37 -26.41 -39.68
CA LYS DA 110 -104.44 -26.51 -41.14
C LYS DA 110 -103.24 -25.75 -41.70
N THR DA 111 -103.13 -24.50 -41.27
CA THR DA 111 -102.05 -23.64 -41.72
C THR DA 111 -100.75 -24.40 -41.54
N ALA DA 112 -100.56 -24.94 -40.36
CA ALA DA 112 -99.35 -25.70 -40.08
C ALA DA 112 -99.13 -26.71 -41.20
N ILE DA 113 -100.04 -27.66 -41.31
CA ILE DA 113 -99.97 -28.69 -42.34
C ILE DA 113 -99.57 -28.09 -43.68
N LEU DA 114 -100.36 -27.13 -44.15
CA LEU DA 114 -100.06 -26.49 -45.42
C LEU DA 114 -98.63 -25.97 -45.54
N HIS DA 115 -98.17 -25.17 -44.58
CA HIS DA 115 -96.82 -24.67 -44.65
C HIS DA 115 -95.79 -25.77 -44.69
N VAL DA 116 -95.92 -26.78 -43.85
CA VAL DA 116 -94.96 -27.87 -43.85
C VAL DA 116 -95.01 -28.60 -45.16
N VAL DA 117 -96.19 -29.05 -45.57
CA VAL DA 117 -96.33 -29.77 -46.85
C VAL DA 117 -95.67 -28.98 -47.99
N ALA DA 118 -95.91 -27.68 -48.07
CA ALA DA 118 -95.31 -26.84 -49.11
C ALA DA 118 -93.80 -26.89 -49.00
N ALA DA 119 -93.29 -26.86 -47.78
CA ALA DA 119 -91.87 -26.90 -47.57
C ALA DA 119 -91.33 -28.23 -48.05
N GLN DA 120 -92.09 -29.30 -47.82
CA GLN DA 120 -91.68 -30.65 -48.19
C GLN DA 120 -91.78 -30.96 -49.68
N LEU DA 121 -92.79 -30.45 -50.34
CA LEU DA 121 -92.97 -30.75 -51.76
C LEU DA 121 -92.19 -29.86 -52.70
N GLY DA 122 -91.57 -28.82 -52.17
CA GLY DA 122 -90.81 -27.94 -53.03
C GLY DA 122 -91.62 -27.11 -54.00
N ARG DA 123 -91.83 -27.64 -55.20
CA ARG DA 123 -92.54 -26.90 -56.26
C ARG DA 123 -93.90 -27.42 -56.72
N CYS DA 124 -94.05 -28.73 -56.84
CA CYS DA 124 -95.30 -29.29 -57.29
C CYS DA 124 -96.28 -29.45 -56.13
N TYR DA 125 -97.10 -28.41 -55.95
CA TYR DA 125 -98.09 -28.38 -54.87
C TYR DA 125 -99.11 -27.26 -55.08
N ASP DA 126 -100.37 -27.65 -55.18
CA ASP DA 126 -101.46 -26.70 -55.37
C ASP DA 126 -101.98 -26.30 -54.00
N ARG DA 127 -101.84 -25.01 -53.66
CA ARG DA 127 -102.30 -24.55 -52.36
C ARG DA 127 -103.82 -24.62 -52.21
N GLU DA 128 -104.54 -23.89 -53.05
CA GLU DA 128 -106.00 -23.88 -53.01
C GLU DA 128 -106.58 -25.27 -52.78
N ALA DA 129 -106.15 -26.22 -53.61
CA ALA DA 129 -106.60 -27.60 -53.51
C ALA DA 129 -106.48 -28.18 -52.11
N TRP DA 130 -105.28 -28.13 -51.53
CA TRP DA 130 -105.11 -28.64 -50.20
C TRP DA 130 -106.03 -27.90 -49.26
N ASP DA 131 -105.95 -26.58 -49.27
CA ASP DA 131 -106.78 -25.77 -48.41
C ASP DA 131 -108.20 -26.32 -48.45
N ALA DA 132 -108.75 -26.42 -49.64
CA ALA DA 132 -110.11 -26.91 -49.83
C ALA DA 132 -110.37 -28.26 -49.19
N CYS DA 133 -109.50 -29.22 -49.43
CA CYS DA 133 -109.67 -30.54 -48.86
C CYS DA 133 -109.39 -30.67 -47.38
N ILE DA 134 -108.30 -30.08 -46.90
CA ILE DA 134 -107.99 -30.15 -45.49
C ILE DA 134 -109.20 -29.60 -44.80
N ASP DA 135 -109.80 -28.58 -45.41
CA ASP DA 135 -110.99 -27.96 -44.86
C ASP DA 135 -112.09 -29.01 -44.78
N HIS DA 136 -112.50 -29.54 -45.93
CA HIS DA 136 -113.55 -30.54 -45.96
C HIS DA 136 -113.32 -31.63 -44.93
N ILE DA 137 -112.06 -32.02 -44.72
CA ILE DA 137 -111.75 -33.05 -43.74
C ILE DA 137 -111.97 -32.54 -42.34
N GLU DA 138 -111.53 -31.31 -42.08
CA GLU DA 138 -111.72 -30.72 -40.76
C GLU DA 138 -113.19 -30.53 -40.44
N ASP DA 139 -113.96 -30.05 -41.41
CA ASP DA 139 -115.39 -29.84 -41.20
C ASP DA 139 -115.98 -31.14 -40.71
N GLY DA 140 -115.61 -32.23 -41.38
CA GLY DA 140 -116.12 -33.54 -41.00
C GLY DA 140 -115.77 -33.97 -39.58
N ILE DA 141 -114.83 -33.26 -38.95
CA ILE DA 141 -114.43 -33.60 -37.59
C ILE DA 141 -115.05 -32.67 -36.58
N LYS DA 142 -115.35 -31.45 -37.00
CA LYS DA 142 -115.97 -30.49 -36.10
C LYS DA 142 -117.49 -30.64 -36.14
N GLY DA 143 -117.95 -30.86 -37.39
CA GLY DA 143 -119.11 -31.65 -37.61
C GLY DA 143 -120.24 -30.72 -37.51
N HIS DA 144 -119.89 -29.50 -37.05
CA HIS DA 144 -120.94 -28.60 -36.94
C HIS DA 144 -120.51 -27.39 -37.66
N HIS DA 145 -121.53 -26.56 -37.87
CA HIS DA 145 -121.47 -25.51 -38.78
C HIS DA 145 -121.56 -24.41 -37.78
N HIS EA 1 -85.52 -63.29 -29.58
CA HIS EA 1 -86.26 -62.35 -28.69
C HIS EA 1 -85.50 -61.07 -28.66
N GLU EA 2 -84.55 -60.95 -27.70
CA GLU EA 2 -83.88 -59.70 -27.54
C GLU EA 2 -83.16 -59.46 -28.82
N HIS EA 3 -82.54 -60.53 -29.32
CA HIS EA 3 -81.70 -60.54 -30.47
C HIS EA 3 -82.57 -60.05 -31.56
N CYS EA 4 -83.75 -60.69 -31.67
CA CYS EA 4 -84.59 -60.58 -32.82
C CYS EA 4 -85.30 -59.28 -32.84
N CYS EA 5 -85.88 -58.95 -34.02
CA CYS EA 5 -86.20 -57.61 -34.46
C CYS EA 5 -84.99 -56.76 -34.26
N SER EA 6 -83.84 -57.24 -34.75
CA SER EA 6 -82.65 -56.44 -34.79
C SER EA 6 -82.91 -55.35 -35.78
N GLU EA 7 -81.97 -54.39 -35.84
CA GLU EA 7 -81.89 -53.32 -36.82
C GLU EA 7 -81.98 -53.88 -38.23
N GLU EA 8 -81.11 -54.83 -38.57
CA GLU EA 8 -81.15 -55.39 -39.92
C GLU EA 8 -82.52 -55.99 -40.13
N ASP EA 9 -82.95 -56.80 -39.17
CA ASP EA 9 -84.24 -57.45 -39.24
C ASP EA 9 -85.33 -56.51 -39.74
N HIS EA 10 -85.63 -55.49 -38.95
CA HIS EA 10 -86.67 -54.57 -39.35
C HIS EA 10 -86.30 -53.69 -40.52
N ARG EA 11 -85.02 -53.36 -40.66
CA ARG EA 11 -84.63 -52.56 -41.80
C ARG EA 11 -85.19 -53.32 -43.01
N ILE EA 12 -85.11 -54.64 -42.92
CA ILE EA 12 -85.60 -55.50 -43.99
C ILE EA 12 -87.11 -55.39 -44.09
N VAL EA 13 -87.76 -55.70 -43.00
CA VAL EA 13 -89.20 -55.64 -42.97
C VAL EA 13 -89.64 -54.34 -43.61
N GLN EA 14 -89.15 -53.23 -43.09
CA GLN EA 14 -89.53 -51.94 -43.61
C GLN EA 14 -89.40 -51.86 -45.12
N LYS EA 15 -88.25 -52.28 -45.63
CA LYS EA 15 -88.01 -52.21 -47.06
C LYS EA 15 -89.04 -53.01 -47.83
N GLN EA 16 -89.28 -54.24 -47.37
CA GLN EA 16 -90.21 -55.14 -48.04
C GLN EA 16 -91.65 -54.69 -47.96
N TRP EA 17 -92.01 -54.06 -46.84
CA TRP EA 17 -93.38 -53.59 -46.65
C TRP EA 17 -93.65 -52.40 -47.56
N ASP EA 18 -92.59 -51.77 -48.02
CA ASP EA 18 -92.74 -50.63 -48.91
C ASP EA 18 -93.04 -51.01 -50.36
N ILE EA 19 -92.60 -52.20 -50.76
CA ILE EA 19 -92.85 -52.68 -52.11
C ILE EA 19 -94.32 -52.49 -52.41
N LEU EA 20 -95.12 -52.54 -51.36
CA LEU EA 20 -96.56 -52.40 -51.50
C LEU EA 20 -97.09 -51.04 -51.92
N TRP EA 21 -96.69 -50.00 -51.20
CA TRP EA 21 -97.18 -48.65 -51.46
C TRP EA 21 -96.50 -47.87 -52.58
N ARG EA 22 -96.06 -48.58 -53.63
CA ARG EA 22 -95.42 -47.90 -54.74
C ARG EA 22 -96.43 -47.14 -55.57
N ASP EA 23 -97.64 -47.70 -55.72
CA ASP EA 23 -98.68 -47.02 -56.50
C ASP EA 23 -99.66 -46.24 -55.62
N THR EA 24 -100.09 -45.09 -56.14
CA THR EA 24 -100.99 -44.19 -55.43
C THR EA 24 -102.30 -44.79 -54.93
N GLU EA 25 -102.73 -45.91 -55.49
CA GLU EA 25 -103.98 -46.49 -55.04
C GLU EA 25 -103.82 -47.40 -53.82
N SER EA 26 -103.12 -46.88 -52.82
CA SER EA 26 -102.87 -47.60 -51.58
C SER EA 26 -104.19 -48.02 -50.93
N SER EA 27 -105.18 -47.12 -50.94
CA SER EA 27 -106.48 -47.39 -50.35
C SER EA 27 -107.04 -48.72 -50.84
N LYS EA 28 -107.17 -48.84 -52.16
CA LYS EA 28 -107.71 -50.06 -52.75
C LYS EA 28 -106.96 -51.29 -52.22
N ILE EA 29 -105.64 -51.18 -52.10
CA ILE EA 29 -104.84 -52.28 -51.60
C ILE EA 29 -105.07 -52.49 -50.12
N LYS EA 30 -104.62 -51.54 -49.30
CA LYS EA 30 -104.78 -51.64 -47.85
C LYS EA 30 -106.13 -52.24 -47.50
N ILE EA 31 -107.20 -51.69 -48.10
CA ILE EA 31 -108.54 -52.19 -47.85
C ILE EA 31 -108.65 -53.67 -48.22
N GLY EA 32 -108.54 -53.95 -49.51
CA GLY EA 32 -108.63 -55.32 -49.97
C GLY EA 32 -107.82 -56.27 -49.11
N PHE EA 33 -106.56 -55.91 -48.87
CA PHE EA 33 -105.68 -56.74 -48.06
C PHE EA 33 -106.19 -56.87 -46.63
N GLY EA 34 -106.41 -55.73 -45.97
CA GLY EA 34 -106.89 -55.76 -44.61
C GLY EA 34 -108.22 -56.46 -44.52
N ARG EA 35 -109.05 -56.26 -45.54
CA ARG EA 35 -110.36 -56.88 -45.59
C ARG EA 35 -110.15 -58.38 -45.52
N LEU EA 36 -109.40 -58.89 -46.47
CA LEU EA 36 -109.10 -60.33 -46.52
C LEU EA 36 -108.53 -60.83 -45.22
N LEU EA 37 -107.53 -60.14 -44.69
CA LEU EA 37 -106.91 -60.55 -43.42
C LEU EA 37 -107.90 -60.74 -42.29
N LEU EA 38 -108.81 -59.80 -42.11
CA LEU EA 38 -109.80 -59.93 -41.05
C LEU EA 38 -110.79 -61.04 -41.39
N THR EA 39 -111.25 -61.10 -42.64
CA THR EA 39 -112.18 -62.14 -43.08
C THR EA 39 -111.62 -63.50 -42.72
N LYS EA 40 -110.44 -63.80 -43.25
CA LYS EA 40 -109.77 -65.08 -43.01
C LYS EA 40 -109.59 -65.33 -41.51
N LEU EA 41 -109.75 -64.30 -40.71
CA LEU EA 41 -109.63 -64.51 -39.27
C LEU EA 41 -110.97 -65.02 -38.80
N ALA EA 42 -112.04 -64.31 -39.15
CA ALA EA 42 -113.40 -64.71 -38.76
C ALA EA 42 -113.71 -66.10 -39.29
N LYS EA 43 -113.04 -66.48 -40.37
CA LYS EA 43 -113.23 -67.79 -40.98
C LYS EA 43 -112.75 -68.87 -40.02
N ASP EA 44 -111.53 -68.72 -39.51
CA ASP EA 44 -110.96 -69.69 -38.58
C ASP EA 44 -111.44 -69.57 -37.14
N ILE EA 45 -111.96 -68.40 -36.77
CA ILE EA 45 -112.47 -68.18 -35.42
C ILE EA 45 -113.65 -67.23 -35.51
N PRO EA 46 -114.86 -67.76 -35.53
CA PRO EA 46 -116.12 -67.02 -35.64
C PRO EA 46 -116.48 -66.08 -34.49
N GLU EA 47 -116.11 -66.44 -33.27
CA GLU EA 47 -116.45 -65.60 -32.14
C GLU EA 47 -115.94 -64.20 -32.40
N VAL EA 48 -115.22 -64.05 -33.51
CA VAL EA 48 -114.68 -62.78 -33.93
C VAL EA 48 -115.75 -61.96 -34.62
N ASN EA 49 -116.51 -62.61 -35.47
CA ASN EA 49 -117.57 -61.95 -36.19
C ASN EA 49 -118.40 -61.02 -35.30
N ASP EA 50 -118.59 -61.42 -34.05
CA ASP EA 50 -119.37 -60.62 -33.12
C ASP EA 50 -118.64 -59.39 -32.64
N LEU EA 51 -117.31 -59.46 -32.62
CA LEU EA 51 -116.48 -58.35 -32.17
C LEU EA 51 -116.48 -57.25 -33.21
N PHE EA 52 -116.33 -57.65 -34.46
CA PHE EA 52 -116.31 -56.72 -35.58
C PHE EA 52 -117.72 -56.40 -36.05
N LYS EA 53 -118.70 -56.82 -35.28
CA LYS EA 53 -120.10 -56.58 -35.60
C LYS EA 53 -120.32 -55.08 -35.67
N ARG EA 54 -119.76 -54.39 -34.69
CA ARG EA 54 -119.86 -52.94 -34.56
C ARG EA 54 -119.47 -52.19 -35.84
N VAL EA 55 -118.55 -52.77 -36.62
CA VAL EA 55 -118.09 -52.13 -37.85
C VAL EA 55 -118.66 -52.79 -39.09
N ASP EA 56 -119.83 -53.43 -38.92
CA ASP EA 56 -120.51 -54.08 -40.05
C ASP EA 56 -119.59 -54.99 -40.85
N ILE EA 57 -118.94 -55.92 -40.17
CA ILE EA 57 -118.05 -56.87 -40.84
C ILE EA 57 -118.89 -57.76 -41.73
N GLU EA 58 -120.18 -57.79 -41.46
CA GLU EA 58 -121.09 -58.59 -42.22
C GLU EA 58 -121.00 -58.16 -43.69
N HIS EA 59 -120.78 -56.88 -43.94
CA HIS EA 59 -120.65 -56.36 -45.30
C HIS EA 59 -119.19 -56.02 -45.56
N ALA EA 60 -118.42 -57.02 -45.96
CA ALA EA 60 -117.01 -56.83 -46.22
C ALA EA 60 -116.70 -55.59 -47.06
N GLU EA 61 -117.46 -55.39 -48.13
CA GLU EA 61 -117.25 -54.26 -49.04
C GLU EA 61 -117.95 -53.00 -48.55
N GLY EA 62 -118.72 -53.16 -47.47
CA GLY EA 62 -119.44 -52.03 -46.91
C GLY EA 62 -118.51 -50.98 -46.38
N PRO EA 63 -118.68 -49.72 -46.76
CA PRO EA 63 -117.80 -48.66 -46.26
C PRO EA 63 -117.51 -48.78 -44.78
N LYS EA 64 -118.53 -49.06 -43.99
CA LYS EA 64 -118.37 -49.19 -42.55
C LYS EA 64 -117.14 -50.03 -42.23
N PHE EA 65 -117.05 -51.19 -42.87
CA PHE EA 65 -115.94 -52.10 -42.66
C PHE EA 65 -114.69 -51.67 -43.44
N SER EA 66 -114.86 -51.26 -44.68
CA SER EA 66 -113.73 -50.82 -45.48
C SER EA 66 -112.92 -49.78 -44.69
N ALA EA 67 -113.61 -48.86 -44.04
CA ALA EA 67 -112.92 -47.84 -43.28
C ALA EA 67 -112.09 -48.58 -42.27
N HIS EA 68 -112.74 -49.43 -41.48
CA HIS EA 68 -112.07 -50.20 -40.45
C HIS EA 68 -110.85 -50.90 -41.01
N ALA EA 69 -111.04 -51.61 -42.11
CA ALA EA 69 -109.97 -52.34 -42.76
C ALA EA 69 -108.75 -51.42 -42.82
N LEU EA 70 -108.96 -50.17 -43.16
CA LEU EA 70 -107.86 -49.22 -43.24
C LEU EA 70 -107.30 -49.01 -41.86
N ARG EA 71 -108.10 -48.46 -40.97
CA ARG EA 71 -107.65 -48.18 -39.61
C ARG EA 71 -106.71 -49.24 -39.08
N ILE EA 72 -107.12 -50.50 -39.12
CA ILE EA 72 -106.27 -51.57 -38.62
C ILE EA 72 -105.00 -51.72 -39.46
N LEU EA 73 -105.18 -52.06 -40.72
CA LEU EA 73 -104.08 -52.23 -41.64
C LEU EA 73 -103.14 -51.03 -41.51
N ASN EA 74 -103.72 -49.84 -41.40
CA ASN EA 74 -102.92 -48.62 -41.28
C ASN EA 74 -102.18 -48.54 -39.94
N GLY EA 75 -102.74 -49.20 -38.93
CA GLY EA 75 -102.12 -49.21 -37.62
C GLY EA 75 -100.90 -50.06 -37.72
N LEU EA 76 -101.03 -51.19 -38.41
CA LEU EA 76 -99.90 -52.08 -38.61
C LEU EA 76 -98.79 -51.27 -39.28
N ASP EA 77 -99.17 -50.39 -40.19
CA ASP EA 77 -98.20 -49.53 -40.90
C ASP EA 77 -97.46 -48.76 -39.83
N LEU EA 78 -98.19 -47.98 -39.04
CA LEU EA 78 -97.59 -47.19 -37.98
C LEU EA 78 -96.58 -48.02 -37.21
N ALA EA 79 -96.99 -49.20 -36.76
CA ALA EA 79 -96.10 -50.07 -36.01
C ALA EA 79 -94.81 -50.28 -36.76
N ILE EA 80 -94.92 -50.79 -37.98
CA ILE EA 80 -93.75 -51.04 -38.81
C ILE EA 80 -92.91 -49.78 -38.99
N ASN EA 81 -93.54 -48.66 -39.35
CA ASN EA 81 -92.79 -47.43 -39.56
C ASN EA 81 -92.14 -46.82 -38.34
N LEU EA 82 -92.42 -47.36 -37.17
CA LEU EA 82 -91.81 -46.85 -35.96
C LEU EA 82 -90.85 -47.86 -35.42
N LEU EA 83 -90.61 -48.94 -36.18
CA LEU EA 83 -89.70 -49.98 -35.75
C LEU EA 83 -88.30 -49.43 -35.44
N ASP EA 84 -87.94 -48.32 -36.08
CA ASP EA 84 -86.64 -47.75 -35.85
C ASP EA 84 -86.72 -46.58 -34.87
N ASP EA 85 -87.20 -46.87 -33.65
CA ASP EA 85 -87.35 -45.88 -32.57
C ASP EA 85 -88.14 -46.59 -31.49
N PRO EA 86 -87.55 -47.63 -30.89
CA PRO EA 86 -88.17 -48.42 -29.83
C PRO EA 86 -89.07 -47.69 -28.84
N PRO EA 87 -88.59 -46.58 -28.23
CA PRO EA 87 -89.42 -45.86 -27.26
C PRO EA 87 -90.73 -45.39 -27.85
N ALA EA 88 -90.66 -44.83 -29.05
CA ALA EA 88 -91.85 -44.34 -29.75
C ALA EA 88 -92.75 -45.52 -30.12
N LEU EA 89 -92.18 -46.50 -30.81
CA LEU EA 89 -92.92 -47.67 -31.18
C LEU EA 89 -93.59 -48.24 -29.95
N ASP EA 90 -92.83 -48.35 -28.87
CA ASP EA 90 -93.37 -48.88 -27.62
C ASP EA 90 -94.64 -48.13 -27.31
N ALA EA 91 -94.50 -46.84 -27.05
CA ALA EA 91 -95.66 -46.00 -26.74
C ALA EA 91 -96.79 -46.21 -27.72
N ALA EA 92 -96.48 -46.12 -29.00
CA ALA EA 92 -97.47 -46.30 -30.07
C ALA EA 92 -98.28 -47.59 -29.94
N LEU EA 93 -97.59 -48.67 -29.58
CA LEU EA 93 -98.22 -49.98 -29.40
C LEU EA 93 -98.99 -50.05 -28.08
N ASP EA 94 -98.39 -49.56 -27.01
CA ASP EA 94 -99.05 -49.59 -25.71
C ASP EA 94 -100.43 -48.98 -25.91
N HIS EA 95 -100.47 -47.87 -26.62
CA HIS EA 95 -101.72 -47.19 -26.90
C HIS EA 95 -102.68 -48.16 -27.58
N LEU EA 96 -102.19 -48.93 -28.55
CA LEU EA 96 -103.02 -49.90 -29.24
C LEU EA 96 -103.51 -50.97 -28.28
N ALA EA 97 -102.72 -51.26 -27.27
CA ALA EA 97 -103.13 -52.25 -26.30
C ALA EA 97 -104.41 -51.76 -25.64
N HIS EA 98 -104.36 -50.55 -25.10
CA HIS EA 98 -105.50 -49.95 -24.43
C HIS EA 98 -106.73 -49.91 -25.32
N GLN EA 99 -106.55 -49.63 -26.60
CA GLN EA 99 -107.68 -49.56 -27.51
C GLN EA 99 -108.33 -50.91 -27.70
N HIS EA 100 -107.61 -51.96 -27.32
CA HIS EA 100 -108.11 -53.33 -27.44
C HIS EA 100 -108.53 -53.88 -26.09
N GLU EA 101 -107.98 -53.33 -25.02
CA GLU EA 101 -108.31 -53.79 -23.69
C GLU EA 101 -109.80 -53.59 -23.39
N VAL EA 102 -110.30 -52.40 -23.69
CA VAL EA 102 -111.69 -52.07 -23.44
C VAL EA 102 -112.67 -52.69 -24.42
N ARG EA 103 -112.18 -53.57 -25.27
CA ARG EA 103 -113.05 -54.24 -26.24
C ARG EA 103 -113.16 -55.69 -25.81
N GLU EA 104 -114.08 -55.97 -24.89
CA GLU EA 104 -114.23 -57.32 -24.39
C GLU EA 104 -114.60 -58.30 -25.49
N GLY EA 105 -114.08 -59.51 -25.36
CA GLY EA 105 -114.35 -60.55 -26.34
C GLY EA 105 -113.05 -60.88 -27.05
N VAL EA 106 -112.19 -59.88 -27.14
CA VAL EA 106 -110.91 -60.02 -27.80
C VAL EA 106 -109.94 -60.70 -26.88
N GLN EA 107 -109.55 -61.93 -27.22
CA GLN EA 107 -108.60 -62.69 -26.40
C GLN EA 107 -107.28 -62.93 -27.15
N LYS EA 108 -106.23 -63.24 -26.38
CA LYS EA 108 -104.91 -63.46 -26.96
C LYS EA 108 -104.91 -64.42 -28.13
N ALA EA 109 -105.49 -65.61 -27.95
CA ALA EA 109 -105.53 -66.61 -29.01
C ALA EA 109 -105.90 -66.02 -30.38
N HIS EA 110 -106.61 -64.91 -30.37
CA HIS EA 110 -107.02 -64.24 -31.60
C HIS EA 110 -105.81 -63.71 -32.34
N PHE EA 111 -104.96 -62.98 -31.62
CA PHE EA 111 -103.75 -62.42 -32.21
C PHE EA 111 -102.83 -63.53 -32.68
N LYS EA 112 -102.60 -64.53 -31.85
CA LYS EA 112 -101.74 -65.64 -32.27
C LYS EA 112 -102.17 -66.09 -33.65
N LYS EA 113 -103.48 -66.27 -33.84
CA LYS EA 113 -104.01 -66.71 -35.14
C LYS EA 113 -103.79 -65.66 -36.21
N PHE EA 114 -104.20 -64.43 -35.93
CA PHE EA 114 -104.04 -63.35 -36.88
C PHE EA 114 -102.59 -63.31 -37.35
N GLY EA 115 -101.69 -63.60 -36.44
CA GLY EA 115 -100.27 -63.58 -36.79
C GLY EA 115 -99.98 -64.62 -37.84
N GLU EA 116 -100.42 -65.84 -37.56
CA GLU EA 116 -100.20 -66.94 -38.49
C GLU EA 116 -100.78 -66.60 -39.85
N ILE EA 117 -101.94 -65.94 -39.85
CA ILE EA 117 -102.63 -65.58 -41.09
C ILE EA 117 -101.84 -64.54 -41.85
N LEU EA 118 -101.38 -63.53 -41.11
CA LEU EA 118 -100.62 -62.43 -41.65
C LEU EA 118 -99.33 -62.94 -42.27
N ALA EA 119 -98.74 -63.93 -41.62
CA ALA EA 119 -97.50 -64.50 -42.09
C ALA EA 119 -97.67 -65.34 -43.35
N THR EA 120 -98.89 -65.82 -43.57
CA THR EA 120 -99.15 -66.64 -44.75
C THR EA 120 -99.61 -65.75 -45.87
N GLY EA 121 -100.10 -64.58 -45.50
CA GLY EA 121 -100.60 -63.64 -46.49
C GLY EA 121 -99.57 -62.75 -47.14
N LEU EA 122 -98.77 -62.07 -46.33
CA LEU EA 122 -97.73 -61.17 -46.84
C LEU EA 122 -96.98 -61.74 -48.03
N PRO EA 123 -96.36 -62.91 -47.87
CA PRO EA 123 -95.61 -63.53 -48.97
C PRO EA 123 -96.40 -63.79 -50.26
N GLN EA 124 -97.69 -63.49 -50.22
CA GLN EA 124 -98.52 -63.69 -51.39
C GLN EA 124 -98.61 -62.42 -52.21
N VAL EA 125 -98.32 -61.29 -51.59
CA VAL EA 125 -98.37 -60.01 -52.28
C VAL EA 125 -96.99 -59.42 -52.46
N LEU EA 126 -96.04 -59.89 -51.66
CA LEU EA 126 -94.68 -59.39 -51.75
C LEU EA 126 -93.81 -60.47 -52.37
N ASP EA 127 -93.17 -60.18 -53.49
CA ASP EA 127 -92.31 -61.17 -54.13
C ASP EA 127 -91.06 -61.40 -53.29
N ASP EA 128 -90.58 -60.34 -52.64
CA ASP EA 128 -89.41 -60.45 -51.78
C ASP EA 128 -89.86 -60.42 -50.34
N TYR EA 129 -89.82 -61.59 -49.69
CA TYR EA 129 -90.26 -61.74 -48.31
C TYR EA 129 -89.23 -62.55 -47.52
N ASP EA 130 -88.89 -62.06 -46.33
CA ASP EA 130 -87.93 -62.76 -45.49
C ASP EA 130 -88.65 -63.23 -44.25
N ALA EA 131 -89.29 -64.38 -44.36
CA ALA EA 131 -90.06 -64.95 -43.26
C ALA EA 131 -89.42 -64.78 -41.87
N LEU EA 132 -88.14 -65.10 -41.76
CA LEU EA 132 -87.46 -64.98 -40.48
C LEU EA 132 -87.53 -63.60 -39.90
N ALA EA 133 -87.15 -62.60 -40.68
CA ALA EA 133 -87.18 -61.22 -40.20
C ALA EA 133 -88.58 -60.83 -39.79
N TRP EA 134 -89.53 -61.01 -40.69
CA TRP EA 134 -90.91 -60.66 -40.39
C TRP EA 134 -91.46 -61.31 -39.14
N LYS EA 135 -91.41 -62.64 -39.08
CA LYS EA 135 -91.94 -63.34 -37.92
C LYS EA 135 -91.37 -62.72 -36.66
N SER EA 136 -90.07 -62.46 -36.66
CA SER EA 136 -89.41 -61.86 -35.50
C SER EA 136 -90.08 -60.56 -35.09
N CYS EA 137 -90.28 -59.66 -36.04
CA CYS EA 137 -90.91 -58.38 -35.77
C CYS EA 137 -92.41 -58.44 -35.52
N LEU EA 138 -93.14 -59.14 -36.36
CA LEU EA 138 -94.57 -59.22 -36.16
C LEU EA 138 -94.87 -59.74 -34.76
N LYS EA 139 -94.06 -60.68 -34.28
CA LYS EA 139 -94.27 -61.24 -32.95
C LYS EA 139 -94.22 -60.12 -31.93
N GLY EA 140 -93.08 -59.43 -31.88
CA GLY EA 140 -92.93 -58.32 -30.94
C GLY EA 140 -94.11 -57.37 -30.97
N ILE EA 141 -94.61 -57.06 -32.16
CA ILE EA 141 -95.72 -56.14 -32.30
C ILE EA 141 -97.00 -56.73 -31.77
N LEU EA 142 -97.46 -57.82 -32.38
CA LEU EA 142 -98.69 -58.46 -31.96
C LEU EA 142 -98.72 -58.67 -30.44
N THR EA 143 -97.61 -59.13 -29.87
CA THR EA 143 -97.56 -59.38 -28.43
C THR EA 143 -97.85 -58.10 -27.64
N LYS EA 144 -97.05 -57.08 -27.86
CA LYS EA 144 -97.20 -55.81 -27.14
C LYS EA 144 -98.58 -55.21 -27.30
N ILE EA 145 -99.24 -55.50 -28.41
CA ILE EA 145 -100.60 -54.96 -28.64
C ILE EA 145 -101.67 -55.66 -27.79
N SER EA 146 -101.50 -56.96 -27.60
CA SER EA 146 -102.46 -57.75 -26.85
C SER EA 146 -102.09 -57.95 -25.39
N SER EA 147 -100.87 -57.53 -25.03
CA SER EA 147 -100.19 -58.05 -23.88
C SER EA 147 -100.95 -57.57 -22.72
N ARG EA 148 -101.51 -56.37 -22.90
CA ARG EA 148 -102.58 -56.04 -22.04
C ARG EA 148 -103.84 -56.58 -22.58
N LEU EA 149 -104.57 -57.26 -21.68
CA LEU EA 149 -105.77 -57.97 -21.91
C LEU EA 149 -106.82 -57.00 -21.39
N GLU FA 1 -112.38 -68.86 -61.70
CA GLU FA 1 -111.49 -67.79 -62.20
C GLU FA 1 -110.28 -67.77 -61.34
N CYS FA 2 -109.63 -66.61 -61.23
CA CYS FA 2 -108.34 -66.58 -60.58
C CYS FA 2 -108.53 -65.97 -59.22
N LEU FA 3 -107.45 -65.98 -58.40
CA LEU FA 3 -107.52 -65.47 -57.07
C LEU FA 3 -107.10 -64.04 -57.11
N VAL FA 4 -107.68 -63.23 -56.21
CA VAL FA 4 -107.54 -61.81 -56.27
C VAL FA 4 -106.12 -61.43 -56.09
N THR FA 5 -105.36 -62.18 -55.25
CA THR FA 5 -103.91 -62.01 -55.14
C THR FA 5 -103.19 -62.54 -56.39
N GLU FA 6 -103.55 -63.75 -56.81
CA GLU FA 6 -102.95 -64.36 -57.96
C GLU FA 6 -102.99 -63.41 -59.17
N SER FA 7 -103.81 -62.38 -59.11
CA SER FA 7 -103.91 -61.41 -60.20
C SER FA 7 -102.90 -60.31 -59.93
N LEU FA 8 -103.10 -59.60 -58.82
CA LEU FA 8 -102.23 -58.51 -58.43
C LEU FA 8 -100.77 -58.91 -58.64
N LYS FA 9 -100.47 -60.16 -58.34
CA LYS FA 9 -99.11 -60.69 -58.52
C LYS FA 9 -98.70 -60.57 -59.99
N VAL FA 10 -99.58 -61.00 -60.88
CA VAL FA 10 -99.30 -60.91 -62.30
C VAL FA 10 -99.31 -59.46 -62.75
N LYS FA 11 -100.33 -58.71 -62.35
CA LYS FA 11 -100.44 -57.31 -62.72
C LYS FA 11 -99.13 -56.62 -62.40
N LEU FA 12 -98.57 -56.96 -61.23
CA LEU FA 12 -97.32 -56.37 -60.75
C LEU FA 12 -96.14 -56.85 -61.54
N GLN FA 13 -95.94 -58.16 -61.62
CA GLN FA 13 -94.81 -58.71 -62.36
C GLN FA 13 -94.82 -58.31 -63.82
N TRP FA 14 -96.00 -58.22 -64.41
CA TRP FA 14 -96.10 -57.82 -65.80
C TRP FA 14 -95.41 -56.47 -65.94
N ALA FA 15 -95.66 -55.60 -64.99
CA ALA FA 15 -95.06 -54.29 -65.01
C ALA FA 15 -93.55 -54.35 -65.20
N SER FA 16 -92.86 -54.98 -64.26
CA SER FA 16 -91.41 -55.09 -64.29
C SER FA 16 -90.89 -55.75 -65.55
N ALA FA 17 -91.52 -56.86 -65.93
CA ALA FA 17 -91.12 -57.60 -67.11
C ALA FA 17 -91.30 -56.86 -68.43
N PHE FA 18 -92.55 -56.47 -68.71
CA PHE FA 18 -92.87 -55.77 -69.94
C PHE FA 18 -91.98 -54.55 -70.07
N GLY FA 19 -92.12 -53.61 -69.15
CA GLY FA 19 -91.28 -52.43 -69.17
C GLY FA 19 -91.90 -51.24 -69.85
N HIS FA 20 -91.04 -50.36 -70.37
CA HIS FA 20 -91.49 -49.16 -71.06
C HIS FA 20 -90.68 -48.87 -72.33
N ALA FA 21 -91.31 -48.18 -73.27
CA ALA FA 21 -90.68 -47.81 -74.54
C ALA FA 21 -89.96 -48.96 -75.23
N HIS FA 22 -88.76 -48.69 -75.69
CA HIS FA 22 -87.97 -49.69 -76.40
C HIS FA 22 -87.93 -51.02 -75.67
N GLU FA 23 -87.71 -50.97 -74.36
CA GLU FA 23 -87.63 -52.18 -73.54
C GLU FA 23 -88.70 -53.19 -73.94
N ARG FA 24 -89.82 -52.68 -74.42
CA ARG FA 24 -90.95 -53.50 -74.83
C ARG FA 24 -90.73 -54.14 -76.20
N VAL FA 25 -90.48 -53.32 -77.19
CA VAL FA 25 -90.26 -53.85 -78.53
C VAL FA 25 -89.30 -55.03 -78.42
N ALA FA 26 -88.29 -54.86 -77.58
CA ALA FA 26 -87.27 -55.89 -77.36
C ALA FA 26 -87.96 -57.14 -76.86
N PHE FA 27 -88.83 -56.97 -75.89
CA PHE FA 27 -89.58 -58.09 -75.33
C PHE FA 27 -90.38 -58.74 -76.43
N GLY FA 28 -91.27 -57.95 -77.05
CA GLY FA 28 -92.10 -58.48 -78.12
C GLY FA 28 -91.28 -59.28 -79.10
N LEU FA 29 -90.24 -58.66 -79.65
CA LEU FA 29 -89.37 -59.33 -80.60
C LEU FA 29 -88.86 -60.68 -80.07
N GLU FA 30 -88.15 -60.65 -78.94
CA GLU FA 30 -87.63 -61.88 -78.34
C GLU FA 30 -88.71 -62.94 -78.27
N LEU FA 31 -89.91 -62.55 -77.88
CA LEU FA 31 -91.04 -63.47 -77.77
C LEU FA 31 -91.39 -64.13 -79.07
N TRP FA 32 -91.85 -63.32 -80.03
CA TRP FA 32 -92.23 -63.87 -81.33
C TRP FA 32 -91.16 -64.67 -82.01
N ARG FA 33 -89.90 -64.29 -81.84
CA ARG FA 33 -88.83 -65.05 -82.48
C ARG FA 33 -88.87 -66.47 -81.96
N ASP FA 34 -88.78 -66.63 -80.65
CA ASP FA 34 -88.83 -67.95 -80.03
C ASP FA 34 -90.05 -68.74 -80.48
N ILE FA 35 -91.19 -68.06 -80.62
CA ILE FA 35 -92.43 -68.71 -81.04
C ILE FA 35 -92.36 -69.21 -82.47
N ILE FA 36 -91.96 -68.35 -83.39
CA ILE FA 36 -91.87 -68.72 -84.77
C ILE FA 36 -90.81 -69.78 -85.08
N ASP FA 37 -89.72 -69.80 -84.33
CA ASP FA 37 -88.70 -70.80 -84.56
C ASP FA 37 -89.20 -72.18 -84.16
N ASP FA 38 -90.04 -72.21 -83.14
CA ASP FA 38 -90.59 -73.45 -82.62
C ASP FA 38 -91.68 -73.98 -83.55
N HIS FA 39 -92.51 -73.09 -84.07
CA HIS FA 39 -93.61 -73.47 -84.94
C HIS FA 39 -93.75 -72.53 -86.14
N PRO FA 40 -92.88 -72.71 -87.16
CA PRO FA 40 -92.90 -71.88 -88.37
C PRO FA 40 -94.22 -71.87 -89.10
N GLU FA 41 -95.17 -72.69 -88.68
CA GLU FA 41 -96.46 -72.73 -89.31
C GLU FA 41 -97.17 -71.39 -89.14
N ILE FA 42 -96.76 -70.66 -88.11
CA ILE FA 42 -97.38 -69.37 -87.80
C ILE FA 42 -97.05 -68.24 -88.76
N LYS FA 43 -95.88 -68.30 -89.40
CA LYS FA 43 -95.52 -67.25 -90.33
C LYS FA 43 -96.61 -67.06 -91.39
N ALA FA 44 -97.54 -68.01 -91.45
CA ALA FA 44 -98.62 -67.97 -92.42
C ALA FA 44 -99.61 -66.82 -92.24
N PRO FA 45 -100.42 -66.86 -91.17
CA PRO FA 45 -101.40 -65.78 -90.96
C PRO FA 45 -100.80 -64.41 -90.75
N PHE FA 46 -99.53 -64.37 -90.36
CA PHE FA 46 -98.82 -63.13 -90.11
C PHE FA 46 -98.28 -62.58 -91.42
N SER FA 47 -98.84 -63.06 -92.53
CA SER FA 47 -98.40 -62.63 -93.85
C SER FA 47 -98.71 -61.15 -94.09
N ARG FA 48 -99.79 -60.67 -93.51
CA ARG FA 48 -100.20 -59.29 -93.69
C ARG FA 48 -99.21 -58.35 -93.03
N VAL FA 49 -98.67 -58.78 -91.90
CA VAL FA 49 -97.72 -57.98 -91.13
C VAL FA 49 -96.29 -58.54 -91.25
N ARG FA 50 -95.81 -58.70 -92.48
CA ARG FA 50 -94.48 -59.23 -92.74
C ARG FA 50 -93.97 -60.11 -91.62
N GLY FA 51 -94.54 -61.29 -91.51
CA GLY FA 51 -94.14 -62.22 -90.48
C GLY FA 51 -92.88 -62.96 -90.83
N ASP FA 52 -92.43 -62.84 -92.07
CA ASP FA 52 -91.21 -63.51 -92.50
C ASP FA 52 -90.01 -62.82 -91.86
N ASN FA 53 -90.09 -61.49 -91.78
CA ASN FA 53 -89.04 -60.65 -91.18
C ASN FA 53 -89.58 -59.98 -89.91
N ILE FA 54 -89.43 -60.66 -88.78
CA ILE FA 54 -89.93 -60.13 -87.52
C ILE FA 54 -89.24 -58.87 -87.08
N TYR FA 55 -88.07 -58.58 -87.64
CA TYR FA 55 -87.34 -57.38 -87.26
C TYR FA 55 -87.86 -56.14 -88.00
N SER FA 56 -88.69 -56.37 -89.02
CA SER FA 56 -89.24 -55.29 -89.82
C SER FA 56 -90.13 -54.40 -89.01
N PRO FA 57 -90.32 -53.16 -89.43
CA PRO FA 57 -91.18 -52.24 -88.70
C PRO FA 57 -92.63 -52.70 -88.81
N GLU FA 58 -93.00 -53.20 -89.98
CA GLU FA 58 -94.37 -53.68 -90.20
C GLU FA 58 -94.74 -54.68 -89.10
N PHE FA 59 -93.91 -55.69 -88.92
CA PHE FA 59 -94.15 -56.71 -87.90
C PHE FA 59 -93.97 -56.11 -86.52
N GLY FA 60 -92.91 -55.32 -86.37
CA GLY FA 60 -92.65 -54.68 -85.09
C GLY FA 60 -93.91 -54.02 -84.57
N ALA FA 61 -94.57 -53.27 -85.45
CA ALA FA 61 -95.81 -52.57 -85.10
C ALA FA 61 -96.73 -53.61 -84.53
N HIS FA 62 -97.05 -54.60 -85.35
CA HIS FA 62 -97.92 -55.69 -84.95
C HIS FA 62 -97.55 -56.19 -83.56
N SER FA 63 -96.32 -56.68 -83.45
CA SER FA 63 -95.79 -57.18 -82.19
C SER FA 63 -96.27 -56.37 -81.03
N GLN FA 64 -96.06 -55.06 -81.12
CA GLN FA 64 -96.48 -54.12 -80.08
C GLN FA 64 -97.99 -54.14 -79.84
N ARG FA 65 -98.77 -53.99 -80.91
CA ARG FA 65 -100.22 -53.98 -80.81
C ARG FA 65 -100.68 -55.17 -79.99
N VAL FA 66 -100.06 -56.32 -80.25
CA VAL FA 66 -100.37 -57.55 -79.54
C VAL FA 66 -100.11 -57.40 -78.06
N LEU FA 67 -98.86 -57.27 -77.70
CA LEU FA 67 -98.50 -57.12 -76.32
C LEU FA 67 -99.44 -56.13 -75.64
N SER FA 68 -99.74 -55.01 -76.31
CA SER FA 68 -100.61 -54.00 -75.73
C SER FA 68 -101.91 -54.62 -75.30
N GLY FA 69 -102.56 -55.33 -76.21
CA GLY FA 69 -103.82 -55.98 -75.88
C GLY FA 69 -103.65 -56.88 -74.67
N LEU FA 70 -102.54 -57.60 -74.64
CA LEU FA 70 -102.24 -58.49 -73.53
C LEU FA 70 -102.18 -57.63 -72.27
N ASP FA 71 -101.61 -56.44 -72.39
CA ASP FA 71 -101.52 -55.54 -71.25
C ASP FA 71 -102.93 -55.26 -70.76
N ILE FA 72 -103.80 -54.86 -71.68
CA ILE FA 72 -105.20 -54.57 -71.32
C ILE FA 72 -105.82 -55.71 -70.57
N THR FA 73 -105.91 -56.86 -71.22
CA THR FA 73 -106.48 -58.03 -70.57
C THR FA 73 -105.93 -58.16 -69.15
N ILE FA 74 -104.61 -58.22 -69.00
CA ILE FA 74 -104.01 -58.34 -67.67
C ILE FA 74 -104.44 -57.24 -66.71
N SER FA 75 -104.46 -55.97 -67.15
CA SER FA 75 -104.79 -54.99 -66.14
C SER FA 75 -106.27 -55.00 -65.98
N MET FA 76 -106.96 -55.66 -66.92
CA MET FA 76 -108.38 -55.90 -66.95
C MET FA 76 -108.75 -56.86 -65.85
N LEU FA 77 -107.87 -57.85 -65.57
CA LEU FA 77 -108.17 -59.03 -64.81
C LEU FA 77 -108.66 -58.63 -63.44
N ASP FA 78 -107.94 -57.70 -62.82
CA ASP FA 78 -108.00 -57.39 -61.42
C ASP FA 78 -109.43 -57.08 -61.04
N THR FA 79 -110.17 -56.34 -61.90
CA THR FA 79 -111.53 -56.04 -61.61
C THR FA 79 -112.36 -56.83 -62.57
N PRO FA 80 -113.10 -57.73 -62.02
CA PRO FA 80 -113.85 -58.74 -62.77
C PRO FA 80 -114.83 -58.23 -63.83
N ASP FA 81 -115.61 -57.20 -63.48
CA ASP FA 81 -116.59 -56.65 -64.41
C ASP FA 81 -115.96 -56.16 -65.71
N MET FA 82 -114.77 -55.59 -65.63
CA MET FA 82 -114.08 -55.09 -66.80
C MET FA 82 -113.45 -56.23 -67.58
N LEU FA 83 -112.87 -57.18 -66.86
CA LEU FA 83 -112.23 -58.32 -67.49
C LEU FA 83 -113.25 -59.14 -68.27
N ALA FA 84 -114.30 -59.56 -67.57
CA ALA FA 84 -115.36 -60.35 -68.18
C ALA FA 84 -115.80 -59.71 -69.48
N ALA FA 85 -115.90 -58.37 -69.47
CA ALA FA 85 -116.32 -57.62 -70.64
C ALA FA 85 -115.24 -57.61 -71.70
N GLN FA 86 -114.03 -57.24 -71.30
CA GLN FA 86 -112.89 -57.18 -72.20
C GLN FA 86 -112.67 -58.53 -72.86
N LEU FA 87 -112.69 -59.59 -72.05
CA LEU FA 87 -112.48 -60.92 -72.59
C LEU FA 87 -113.53 -61.21 -73.64
N ALA FA 88 -114.79 -61.00 -73.31
CA ALA FA 88 -115.87 -61.24 -74.26
C ALA FA 88 -115.61 -60.48 -75.55
N HIS FA 89 -115.13 -59.25 -75.42
CA HIS FA 89 -114.83 -58.42 -76.58
C HIS FA 89 -113.75 -59.06 -77.44
N LEU FA 90 -112.74 -59.64 -76.81
CA LEU FA 90 -111.65 -60.26 -77.54
C LEU FA 90 -112.11 -61.52 -78.23
N LYS FA 91 -112.96 -62.30 -77.56
CA LYS FA 91 -113.44 -63.55 -78.13
C LYS FA 91 -114.06 -63.30 -79.50
N VAL FA 92 -114.82 -62.22 -79.61
CA VAL FA 92 -115.47 -61.88 -80.86
C VAL FA 92 -114.47 -61.62 -81.98
N GLN FA 93 -113.46 -60.80 -81.70
CA GLN FA 93 -112.45 -60.47 -82.71
C GLN FA 93 -111.71 -61.71 -83.20
N HIS FA 94 -111.93 -62.83 -82.52
CA HIS FA 94 -111.26 -64.09 -82.89
C HIS FA 94 -112.17 -65.15 -83.49
N VAL FA 95 -113.25 -65.48 -82.79
CA VAL FA 95 -114.19 -66.48 -83.27
C VAL FA 95 -114.44 -66.45 -84.79
N GLU FA 96 -114.59 -65.23 -85.32
CA GLU FA 96 -115.01 -65.04 -86.68
C GLU FA 96 -113.99 -65.71 -87.50
N ARG FA 97 -112.73 -65.29 -87.29
CA ARG FA 97 -111.68 -65.89 -88.03
C ARG FA 97 -111.48 -67.22 -87.44
N ASN FA 98 -110.81 -68.05 -88.24
CA ASN FA 98 -110.55 -69.39 -87.85
C ASN FA 98 -109.15 -69.40 -87.43
N LEU FA 99 -108.90 -70.14 -86.37
CA LEU FA 99 -107.55 -70.22 -85.98
C LEU FA 99 -107.32 -71.63 -85.58
N LYS FA 100 -106.08 -71.99 -85.21
CA LYS FA 100 -105.91 -73.25 -84.55
C LYS FA 100 -105.69 -72.96 -83.12
N PRO FA 101 -106.51 -73.60 -82.35
CA PRO FA 101 -106.59 -73.39 -80.95
C PRO FA 101 -105.26 -73.62 -80.30
N GLU FA 102 -104.46 -74.56 -80.82
CA GLU FA 102 -103.21 -74.93 -80.17
C GLU FA 102 -102.17 -73.81 -80.26
N PHE FA 103 -102.32 -72.92 -81.22
CA PHE FA 103 -101.40 -71.80 -81.40
C PHE FA 103 -101.29 -71.01 -80.11
N PHE FA 104 -102.43 -70.74 -79.50
CA PHE FA 104 -102.46 -69.98 -78.27
C PHE FA 104 -101.79 -70.74 -77.15
N ASP FA 105 -101.99 -72.06 -77.10
CA ASP FA 105 -101.35 -72.86 -76.08
C ASP FA 105 -99.84 -72.72 -76.23
N ILE FA 106 -99.42 -72.46 -77.46
CA ILE FA 106 -98.01 -72.27 -77.78
C ILE FA 106 -97.59 -70.89 -77.30
N PHE FA 107 -98.32 -69.88 -77.76
CA PHE FA 107 -98.05 -68.51 -77.38
C PHE FA 107 -97.83 -68.46 -75.87
N LEU FA 108 -98.75 -69.02 -75.11
CA LEU FA 108 -98.66 -69.02 -73.67
C LEU FA 108 -97.38 -69.68 -73.21
N LYS FA 109 -97.07 -70.85 -73.76
CA LYS FA 109 -95.86 -71.56 -73.38
C LYS FA 109 -94.67 -70.60 -73.37
N HIS FA 110 -94.48 -69.89 -74.48
CA HIS FA 110 -93.37 -68.94 -74.60
C HIS FA 110 -93.49 -67.69 -73.72
N LEU FA 111 -94.65 -67.05 -73.74
CA LEU FA 111 -94.84 -65.87 -72.92
C LEU FA 111 -94.33 -66.15 -71.52
N LEU FA 112 -94.56 -67.37 -71.03
CA LEU FA 112 -94.11 -67.75 -69.69
C LEU FA 112 -92.61 -67.99 -69.68
N HIS FA 113 -92.13 -68.65 -70.72
CA HIS FA 113 -90.71 -68.92 -70.83
C HIS FA 113 -89.95 -67.59 -70.78
N VAL FA 114 -90.39 -66.61 -71.58
CA VAL FA 114 -89.77 -65.31 -71.61
C VAL FA 114 -89.85 -64.60 -70.27
N LEU FA 115 -91.05 -64.44 -69.73
CA LEU FA 115 -91.20 -63.78 -68.43
C LEU FA 115 -90.29 -64.47 -67.44
N GLY FA 116 -90.11 -65.77 -67.62
CA GLY FA 116 -89.25 -66.54 -66.74
C GLY FA 116 -87.87 -65.92 -66.72
N ASP FA 117 -87.33 -65.66 -67.91
CA ASP FA 117 -86.01 -65.06 -68.02
C ASP FA 117 -86.02 -63.68 -67.39
N ARG FA 118 -86.91 -62.82 -67.88
CA ARG FA 118 -87.03 -61.47 -67.37
C ARG FA 118 -87.15 -61.35 -65.85
N LEU FA 119 -88.09 -62.08 -65.27
CA LEU FA 119 -88.32 -62.02 -63.84
C LEU FA 119 -87.40 -62.85 -62.96
N GLY FA 120 -86.86 -63.94 -63.51
CA GLY FA 120 -85.97 -64.76 -62.73
C GLY FA 120 -86.67 -65.84 -61.92
N THR FA 121 -86.19 -66.10 -60.72
CA THR FA 121 -86.78 -67.13 -59.88
C THR FA 121 -88.01 -66.64 -59.13
N HIS FA 122 -88.16 -65.33 -59.03
CA HIS FA 122 -89.30 -64.74 -58.33
C HIS FA 122 -90.57 -64.99 -59.11
N PHE FA 123 -90.42 -65.15 -60.43
CA PHE FA 123 -91.54 -65.37 -61.33
C PHE FA 123 -92.54 -66.33 -60.77
N ASP FA 124 -93.75 -65.85 -60.48
CA ASP FA 124 -94.78 -66.73 -59.93
C ASP FA 124 -95.51 -67.49 -61.03
N PHE FA 125 -94.86 -68.54 -61.51
CA PHE FA 125 -95.39 -69.38 -62.56
C PHE FA 125 -96.84 -69.72 -62.28
N GLY FA 126 -97.08 -70.28 -61.11
CA GLY FA 126 -98.44 -70.65 -60.74
C GLY FA 126 -99.42 -69.55 -61.09
N ALA FA 127 -99.25 -68.39 -60.46
CA ALA FA 127 -100.15 -67.26 -60.69
C ALA FA 127 -100.37 -66.97 -62.16
N TRP FA 128 -99.29 -66.88 -62.92
CA TRP FA 128 -99.43 -66.58 -64.34
C TRP FA 128 -100.21 -67.66 -65.07
N HIS FA 129 -99.76 -68.90 -64.97
CA HIS FA 129 -100.41 -70.01 -65.66
C HIS FA 129 -101.92 -69.95 -65.40
N ASP FA 130 -102.28 -69.94 -64.12
CA ASP FA 130 -103.67 -69.88 -63.73
C ASP FA 130 -104.35 -68.66 -64.32
N CYS FA 131 -103.63 -67.55 -64.31
CA CYS FA 131 -104.20 -66.30 -64.80
C CYS FA 131 -104.18 -65.97 -66.30
N VAL FA 132 -103.05 -66.13 -66.96
CA VAL FA 132 -102.99 -65.83 -68.37
C VAL FA 132 -103.83 -66.85 -69.14
N ASP FA 133 -103.87 -68.07 -68.60
CA ASP FA 133 -104.63 -69.13 -69.24
C ASP FA 133 -106.03 -68.61 -69.46
N GLN FA 134 -106.67 -68.17 -68.36
CA GLN FA 134 -108.03 -67.59 -68.37
C GLN FA 134 -108.23 -66.48 -69.47
N ILE FA 135 -107.14 -65.84 -69.85
CA ILE FA 135 -107.21 -64.84 -70.90
C ILE FA 135 -107.16 -65.49 -72.27
N ILE FA 136 -106.42 -66.58 -72.41
CA ILE FA 136 -106.33 -67.25 -73.69
C ILE FA 136 -107.64 -67.95 -74.08
N ASP FA 137 -108.16 -68.79 -73.19
CA ASP FA 137 -109.39 -69.49 -73.50
C ASP FA 137 -110.48 -68.54 -73.97
N GLY FA 138 -110.54 -67.36 -73.35
CA GLY FA 138 -111.59 -66.44 -73.61
C GLY FA 138 -111.52 -66.06 -75.05
N ILE FA 139 -110.29 -65.81 -75.56
CA ILE FA 139 -110.15 -65.33 -76.91
C ILE FA 139 -110.49 -66.39 -77.90
N LYS FA 140 -110.00 -67.61 -77.59
CA LYS FA 140 -110.19 -68.74 -78.46
C LYS FA 140 -111.69 -69.03 -78.43
N ASP GA 1 -35.68 -66.57 -82.49
CA ASP GA 1 -35.65 -66.67 -81.01
C ASP GA 1 -37.06 -66.69 -80.61
N CYS GA 2 -37.37 -66.18 -79.42
CA CYS GA 2 -38.78 -66.17 -79.41
C CYS GA 2 -39.30 -64.80 -79.49
N CYS GA 3 -40.63 -64.83 -79.52
CA CYS GA 3 -41.47 -63.73 -79.70
C CYS GA 3 -41.83 -63.35 -78.33
N SER GA 4 -41.72 -62.04 -78.07
CA SER GA 4 -42.16 -61.39 -76.88
C SER GA 4 -43.61 -61.09 -77.09
N TYR GA 5 -44.32 -60.95 -76.00
CA TYR GA 5 -45.72 -60.58 -75.92
C TYR GA 5 -45.86 -59.15 -76.42
N GLU GA 6 -44.90 -58.30 -76.06
CA GLU GA 6 -44.92 -56.92 -76.49
C GLU GA 6 -44.93 -56.89 -78.00
N ASP GA 7 -44.01 -57.66 -78.58
CA ASP GA 7 -43.91 -57.72 -80.03
C ASP GA 7 -45.24 -58.13 -80.64
N ARG GA 8 -45.89 -59.11 -80.04
CA ARG GA 8 -47.16 -59.54 -80.55
C ARG GA 8 -48.08 -58.33 -80.57
N ARG GA 9 -48.15 -57.63 -79.45
CA ARG GA 9 -48.98 -56.44 -79.37
C ARG GA 9 -48.62 -55.45 -80.48
N GLU GA 10 -47.32 -55.25 -80.71
CA GLU GA 10 -46.86 -54.35 -81.75
C GLU GA 10 -47.49 -54.73 -83.09
N ILE GA 11 -47.37 -56.00 -83.44
CA ILE GA 11 -47.91 -56.50 -84.67
C ILE GA 11 -49.44 -56.42 -84.68
N ARG GA 12 -50.08 -56.92 -83.63
CA ARG GA 12 -51.54 -56.91 -83.55
C ARG GA 12 -52.06 -55.52 -83.88
N HIS GA 13 -51.16 -54.55 -83.87
CA HIS GA 13 -51.50 -53.16 -84.19
C HIS GA 13 -51.04 -52.83 -85.58
N ILE GA 14 -49.77 -53.06 -85.85
CA ILE GA 14 -49.23 -52.81 -87.18
C ILE GA 14 -50.18 -53.36 -88.23
N TRP GA 15 -50.73 -54.56 -87.97
CA TRP GA 15 -51.62 -55.19 -88.92
C TRP GA 15 -52.89 -54.36 -89.11
N ASP GA 16 -53.51 -53.96 -88.00
CA ASP GA 16 -54.73 -53.16 -88.05
C ASP GA 16 -54.60 -51.93 -88.95
N ASP GA 17 -53.40 -51.67 -89.46
CA ASP GA 17 -53.19 -50.53 -90.33
C ASP GA 17 -53.18 -50.94 -91.80
N VAL GA 18 -52.76 -52.17 -92.06
CA VAL GA 18 -52.73 -52.66 -93.43
C VAL GA 18 -54.06 -53.31 -93.74
N TRP GA 19 -54.63 -54.05 -92.80
CA TRP GA 19 -55.78 -54.84 -93.15
C TRP GA 19 -56.97 -53.94 -93.43
N SER GA 20 -57.00 -52.76 -92.79
CA SER GA 20 -58.06 -52.33 -91.92
C SER GA 20 -59.42 -52.37 -92.55
N SER GA 21 -59.53 -51.76 -93.74
CA SER GA 21 -60.80 -51.45 -94.36
C SER GA 21 -61.47 -52.71 -94.82
N SER GA 22 -62.81 -52.67 -94.99
CA SER GA 22 -63.51 -53.91 -95.21
C SER GA 22 -63.19 -54.40 -96.58
N PHE GA 23 -62.92 -53.42 -97.41
CA PHE GA 23 -62.66 -53.47 -98.81
C PHE GA 23 -61.56 -54.39 -99.15
N THR GA 24 -61.75 -55.24 -100.19
CA THR GA 24 -60.58 -55.82 -100.83
C THR GA 24 -59.52 -54.82 -101.31
N ASP GA 25 -59.94 -53.92 -102.22
CA ASP GA 25 -59.07 -52.90 -102.78
C ASP GA 25 -57.70 -52.70 -102.13
N ARG GA 26 -57.68 -52.23 -100.88
CA ARG GA 26 -56.42 -51.98 -100.19
C ARG GA 26 -55.55 -53.23 -100.02
N ARG GA 27 -56.02 -54.19 -99.23
CA ARG GA 27 -55.26 -55.41 -98.98
C ARG GA 27 -54.71 -55.99 -100.27
N VAL GA 28 -55.51 -55.93 -101.32
CA VAL GA 28 -55.08 -56.44 -102.61
C VAL GA 28 -53.80 -55.75 -103.08
N ALA GA 29 -53.88 -54.46 -103.33
CA ALA GA 29 -52.74 -53.69 -103.78
C ALA GA 29 -51.50 -53.99 -102.95
N ILE GA 30 -51.66 -54.14 -101.64
CA ILE GA 30 -50.50 -54.42 -100.79
C ILE GA 30 -49.94 -55.80 -101.04
N VAL GA 31 -50.75 -56.83 -100.87
CA VAL GA 31 -50.29 -58.20 -101.10
C VAL GA 31 -49.70 -58.31 -102.48
N ARG GA 32 -50.32 -57.64 -103.45
CA ARG GA 32 -49.81 -57.67 -104.82
C ARG GA 32 -48.41 -57.07 -104.77
N ALA GA 33 -48.33 -55.79 -104.39
CA ALA GA 33 -47.06 -55.10 -104.30
C ALA GA 33 -46.00 -55.96 -103.64
N VAL GA 34 -46.43 -56.85 -102.75
CA VAL GA 34 -45.51 -57.75 -102.06
C VAL GA 34 -45.00 -58.79 -103.05
N PHE GA 35 -45.92 -59.45 -103.73
CA PHE GA 35 -45.53 -60.45 -104.69
C PHE GA 35 -44.69 -59.88 -105.81
N ASP GA 36 -45.06 -58.71 -106.31
CA ASP GA 36 -44.29 -58.09 -107.40
C ASP GA 36 -42.83 -57.99 -107.00
N ASP GA 37 -42.57 -57.82 -105.70
CA ASP GA 37 -41.21 -57.73 -105.19
C ASP GA 37 -40.59 -59.11 -105.06
N LEU GA 38 -41.44 -60.13 -104.94
CA LEU GA 38 -40.96 -61.50 -104.83
C LEU GA 38 -40.54 -61.96 -106.20
N PHE GA 39 -41.34 -61.61 -107.20
CA PHE GA 39 -41.06 -61.98 -108.56
C PHE GA 39 -39.90 -61.20 -109.18
N LYS GA 40 -39.73 -59.96 -108.78
CA LYS GA 40 -38.64 -59.18 -109.33
C LYS GA 40 -37.31 -59.72 -108.83
N HIS GA 41 -37.36 -60.45 -107.70
CA HIS GA 41 -36.15 -61.00 -107.09
C HIS GA 41 -35.97 -62.50 -107.29
N TYR GA 42 -37.06 -63.24 -107.28
CA TYR GA 42 -37.00 -64.67 -107.50
C TYR GA 42 -38.02 -64.97 -108.61
N PRO GA 43 -37.74 -64.48 -109.83
CA PRO GA 43 -38.60 -64.65 -111.01
C PRO GA 43 -39.08 -66.08 -111.27
N THR GA 44 -38.29 -67.04 -110.83
CA THR GA 44 -38.65 -68.44 -111.01
C THR GA 44 -40.03 -68.75 -110.45
N SER GA 45 -40.27 -68.32 -109.21
CA SER GA 45 -41.54 -68.54 -108.53
C SER GA 45 -42.75 -68.14 -109.33
N LYS GA 46 -42.65 -67.09 -110.14
CA LYS GA 46 -43.77 -66.61 -110.95
C LYS GA 46 -44.57 -67.75 -111.56
N ALA GA 47 -43.89 -68.62 -112.30
CA ALA GA 47 -44.54 -69.75 -112.93
C ALA GA 47 -45.52 -70.52 -112.02
N LEU GA 48 -45.14 -70.71 -110.78
CA LEU GA 48 -45.96 -71.44 -109.81
C LEU GA 48 -47.43 -71.06 -109.76
N PHE GA 49 -47.75 -69.82 -110.10
CA PHE GA 49 -49.12 -69.36 -110.01
C PHE GA 49 -49.89 -69.28 -111.32
N GLU GA 50 -49.54 -70.12 -112.29
CA GLU GA 50 -50.26 -70.09 -113.56
C GLU GA 50 -51.63 -70.66 -113.29
N ARG GA 51 -51.73 -71.47 -112.26
CA ARG GA 51 -52.99 -72.09 -111.91
C ARG GA 51 -54.05 -71.05 -111.57
N VAL GA 52 -53.60 -69.90 -111.07
CA VAL GA 52 -54.52 -68.84 -110.68
C VAL GA 52 -54.53 -67.73 -111.71
N LYS GA 53 -53.82 -67.96 -112.80
CA LYS GA 53 -53.75 -66.99 -113.88
C LYS GA 53 -53.05 -65.68 -113.54
N ILE GA 54 -51.75 -65.75 -113.23
CA ILE GA 54 -51.00 -64.53 -112.92
C ILE GA 54 -50.74 -63.74 -114.19
N ASP GA 55 -50.86 -64.40 -115.33
CA ASP GA 55 -50.65 -63.73 -116.60
C ASP GA 55 -51.75 -62.69 -116.83
N GLU GA 56 -52.82 -62.80 -116.05
CA GLU GA 56 -53.94 -61.87 -116.13
C GLU GA 56 -54.03 -61.17 -114.77
N PRO GA 57 -53.14 -60.20 -114.53
CA PRO GA 57 -53.13 -59.48 -113.27
C PRO GA 57 -54.49 -59.07 -112.73
N GLU GA 58 -55.30 -58.41 -113.55
CA GLU GA 58 -56.60 -57.96 -113.07
C GLU GA 58 -57.67 -59.02 -113.22
N SER GA 59 -57.24 -60.22 -113.58
CA SER GA 59 -58.15 -61.35 -113.79
C SER GA 59 -59.32 -61.47 -112.80
N GLY GA 60 -59.01 -61.56 -111.53
CA GLY GA 60 -60.06 -61.73 -110.55
C GLY GA 60 -59.88 -63.14 -110.06
N GLU GA 61 -59.52 -64.03 -110.98
CA GLU GA 61 -59.27 -65.41 -110.61
C GLU GA 61 -58.00 -65.31 -109.77
N PHE GA 62 -57.18 -64.33 -110.12
CA PHE GA 62 -55.90 -64.07 -109.46
C PHE GA 62 -56.09 -63.13 -108.31
N LYS GA 63 -56.86 -62.06 -108.52
CA LYS GA 63 -57.08 -61.10 -107.44
C LYS GA 63 -57.59 -61.87 -106.22
N SER GA 64 -58.62 -62.68 -106.42
CA SER GA 64 -59.18 -63.47 -105.33
C SER GA 64 -58.05 -64.20 -104.64
N HIS GA 65 -57.14 -64.77 -105.43
CA HIS GA 65 -56.00 -65.48 -104.87
C HIS GA 65 -55.27 -64.57 -103.89
N LEU GA 66 -54.76 -63.46 -104.41
CA LEU GA 66 -54.06 -62.50 -103.57
C LEU GA 66 -54.77 -62.34 -102.23
N VAL GA 67 -56.06 -62.10 -102.29
CA VAL GA 67 -56.86 -61.94 -101.09
C VAL GA 67 -56.70 -63.15 -100.17
N ARG GA 68 -56.86 -64.35 -100.71
CA ARG GA 68 -56.74 -65.56 -99.92
C ARG GA 68 -55.41 -65.59 -99.21
N VAL GA 69 -54.36 -65.14 -99.90
CA VAL GA 69 -53.04 -65.11 -99.31
C VAL GA 69 -53.08 -64.11 -98.19
N ALA GA 70 -53.54 -62.91 -98.52
CA ALA GA 70 -53.66 -61.86 -97.53
C ALA GA 70 -54.39 -62.43 -96.32
N ASN GA 71 -55.65 -62.80 -96.51
CA ASN GA 71 -56.45 -63.37 -95.44
C ASN GA 71 -55.77 -64.48 -94.69
N GLY GA 72 -54.98 -65.30 -95.38
CA GLY GA 72 -54.28 -66.39 -94.72
C GLY GA 72 -53.25 -65.86 -93.73
N LEU GA 73 -52.67 -64.71 -94.08
CA LEU GA 73 -51.69 -64.06 -93.26
C LEU GA 73 -52.45 -63.44 -92.10
N LYS GA 74 -53.53 -62.74 -92.42
CA LYS GA 74 -54.40 -62.12 -91.44
C LYS GA 74 -54.74 -63.15 -90.37
N LEU GA 75 -55.24 -64.30 -90.81
CA LEU GA 75 -55.61 -65.39 -89.92
C LEU GA 75 -54.45 -65.74 -88.99
N LEU GA 76 -53.23 -65.75 -89.52
CA LEU GA 76 -52.08 -66.08 -88.69
C LEU GA 76 -51.92 -65.08 -87.57
N ILE GA 77 -51.68 -63.83 -87.96
CA ILE GA 77 -51.50 -62.74 -87.01
C ILE GA 77 -52.63 -62.74 -85.96
N ASN GA 78 -53.86 -62.82 -86.43
CA ASN GA 78 -55.01 -62.82 -85.52
C ASN GA 78 -55.12 -64.12 -84.71
N LEU GA 79 -54.02 -64.86 -84.63
CA LEU GA 79 -54.00 -66.11 -83.89
C LEU GA 79 -52.87 -66.06 -82.90
N LEU GA 80 -51.99 -65.07 -83.05
CA LEU GA 80 -50.85 -64.89 -82.18
C LEU GA 80 -51.18 -64.85 -80.69
N ASP GA 81 -52.45 -64.70 -80.33
CA ASP GA 81 -52.82 -64.67 -78.92
C ASP GA 81 -53.35 -66.03 -78.47
N ASP GA 82 -53.54 -66.95 -79.43
CA ASP GA 82 -54.03 -68.29 -79.10
C ASP GA 82 -53.05 -69.40 -79.43
N THR GA 83 -51.77 -69.11 -79.23
CA THR GA 83 -50.67 -70.02 -79.46
C THR GA 83 -51.00 -71.43 -79.96
N LEU GA 84 -51.55 -72.26 -79.09
CA LEU GA 84 -51.87 -73.64 -79.43
C LEU GA 84 -52.58 -73.84 -80.75
N VAL GA 85 -53.55 -72.98 -81.07
CA VAL GA 85 -54.26 -73.09 -82.33
C VAL GA 85 -53.34 -72.65 -83.46
N LEU GA 86 -52.64 -71.55 -83.22
CA LEU GA 86 -51.71 -71.04 -84.21
C LEU GA 86 -50.73 -72.15 -84.58
N GLN GA 87 -50.17 -72.81 -83.58
CA GLN GA 87 -49.21 -73.88 -83.79
C GLN GA 87 -49.75 -74.99 -84.68
N SER GA 88 -51.05 -75.22 -84.64
CA SER GA 88 -51.65 -76.25 -85.47
C SER GA 88 -51.93 -75.73 -86.88
N HIS GA 89 -52.70 -74.65 -87.01
CA HIS GA 89 -52.99 -74.10 -88.31
C HIS GA 89 -51.70 -73.76 -89.00
N LEU GA 90 -50.67 -73.45 -88.24
CA LEU GA 90 -49.38 -73.11 -88.83
C LEU GA 90 -48.86 -74.33 -89.56
N GLY GA 91 -49.12 -75.51 -89.00
CA GLY GA 91 -48.68 -76.73 -89.62
C GLY GA 91 -49.52 -76.96 -90.85
N HIS GA 92 -50.83 -76.94 -90.67
CA HIS GA 92 -51.78 -77.12 -91.76
C HIS GA 92 -51.41 -76.20 -92.94
N LEU GA 93 -50.89 -75.01 -92.63
CA LEU GA 93 -50.50 -74.06 -93.66
C LEU GA 93 -49.28 -74.54 -94.38
N ALA GA 94 -48.48 -75.35 -93.70
CA ALA GA 94 -47.27 -75.90 -94.29
C ALA GA 94 -47.71 -76.95 -95.29
N ASP GA 95 -48.44 -77.94 -94.81
CA ASP GA 95 -48.91 -79.02 -95.65
C ASP GA 95 -49.56 -78.51 -96.94
N GLN GA 96 -50.24 -77.38 -96.88
CA GLN GA 96 -50.88 -76.83 -98.08
C GLN GA 96 -49.86 -76.33 -99.08
N HIS GA 97 -48.61 -76.21 -98.64
CA HIS GA 97 -47.57 -75.73 -99.50
C HIS GA 97 -46.59 -76.83 -99.84
N ILE GA 98 -46.59 -77.92 -99.06
CA ILE GA 98 -45.69 -79.02 -99.35
C ILE GA 98 -46.24 -79.77 -100.53
N GLN GA 99 -47.57 -79.87 -100.60
CA GLN GA 99 -48.21 -80.57 -101.70
C GLN GA 99 -48.23 -79.72 -102.96
N ARG GA 100 -47.71 -78.50 -102.85
CA ARG GA 100 -47.64 -77.61 -103.99
C ARG GA 100 -46.24 -77.77 -104.56
N LYS GA 101 -46.12 -78.67 -105.52
CA LYS GA 101 -44.84 -78.98 -106.15
C LYS GA 101 -44.15 -77.75 -106.74
N GLY GA 102 -42.92 -77.51 -106.31
CA GLY GA 102 -42.18 -76.36 -106.83
C GLY GA 102 -41.93 -75.25 -105.84
N VAL GA 103 -42.50 -75.36 -104.64
CA VAL GA 103 -42.33 -74.34 -103.62
C VAL GA 103 -41.11 -74.61 -102.77
N THR GA 104 -40.08 -73.78 -102.93
CA THR GA 104 -38.82 -73.95 -102.18
C THR GA 104 -38.82 -73.27 -100.81
N LYS GA 105 -37.84 -73.64 -100.00
CA LYS GA 105 -37.70 -73.09 -98.67
C LYS GA 105 -37.25 -71.66 -98.89
N GLU GA 106 -36.59 -71.46 -100.03
CA GLU GA 106 -36.07 -70.16 -100.40
C GLU GA 106 -37.15 -69.15 -100.71
N TYR GA 107 -38.07 -69.52 -101.60
CA TYR GA 107 -39.13 -68.61 -101.98
C TYR GA 107 -39.76 -67.97 -100.76
N PHE GA 108 -39.88 -68.71 -99.66
CA PHE GA 108 -40.46 -68.16 -98.45
C PHE GA 108 -39.55 -67.09 -97.88
N ARG GA 109 -38.29 -67.44 -97.66
CA ARG GA 109 -37.37 -66.44 -97.13
C ARG GA 109 -37.42 -65.23 -98.05
N GLY GA 110 -37.83 -65.45 -99.29
CA GLY GA 110 -37.89 -64.36 -100.25
C GLY GA 110 -39.11 -63.48 -100.08
N ILE GA 111 -40.25 -64.07 -99.78
CA ILE GA 111 -41.46 -63.29 -99.63
C ILE GA 111 -41.34 -62.56 -98.31
N GLY GA 112 -40.51 -63.08 -97.42
CA GLY GA 112 -40.32 -62.44 -96.14
C GLY GA 112 -39.64 -61.12 -96.34
N GLU GA 113 -38.64 -61.12 -97.21
CA GLU GA 113 -37.90 -59.92 -97.52
C GLU GA 113 -38.89 -58.97 -98.14
N ALA GA 114 -39.75 -59.51 -99.00
CA ALA GA 114 -40.76 -58.72 -99.68
C ALA GA 114 -41.52 -57.80 -98.73
N PHE GA 115 -42.24 -58.38 -97.78
CA PHE GA 115 -42.99 -57.55 -96.84
C PHE GA 115 -42.11 -56.51 -96.18
N ALA GA 116 -40.97 -56.94 -95.69
CA ALA GA 116 -40.02 -56.07 -95.01
C ALA GA 116 -39.58 -54.88 -95.84
N ARG GA 117 -39.95 -54.90 -97.11
CA ARG GA 117 -39.58 -53.84 -98.04
C ARG GA 117 -40.82 -53.07 -98.45
N VAL GA 118 -41.96 -53.77 -98.43
CA VAL GA 118 -43.23 -53.17 -98.82
C VAL GA 118 -43.90 -52.47 -97.67
N LEU GA 119 -44.25 -53.23 -96.65
CA LEU GA 119 -44.94 -52.67 -95.50
C LEU GA 119 -44.40 -51.31 -95.05
N PRO GA 120 -43.08 -51.20 -94.84
CA PRO GA 120 -42.53 -49.92 -94.40
C PRO GA 120 -42.87 -48.74 -95.32
N GLN GA 121 -43.51 -49.03 -96.44
CA GLN GA 121 -43.88 -47.99 -97.39
C GLN GA 121 -45.37 -47.73 -97.39
N VAL GA 122 -46.17 -48.70 -96.97
CA VAL GA 122 -47.63 -48.52 -96.96
C VAL GA 122 -48.15 -47.93 -95.66
N LEU GA 123 -47.31 -47.92 -94.64
CA LEU GA 123 -47.73 -47.35 -93.38
C LEU GA 123 -46.50 -46.88 -92.63
N SER GA 124 -46.69 -45.88 -91.78
CA SER GA 124 -45.59 -45.35 -90.99
C SER GA 124 -45.62 -46.02 -89.64
N CYS GA 125 -44.55 -45.86 -88.88
CA CYS GA 125 -44.46 -46.47 -87.56
C CYS GA 125 -44.47 -47.99 -87.70
N PHE GA 126 -43.59 -48.49 -88.55
CA PHE GA 126 -43.48 -49.93 -88.76
C PHE GA 126 -42.22 -50.43 -88.07
N ASN GA 127 -42.40 -51.31 -87.08
CA ASN GA 127 -41.27 -51.84 -86.35
C ASN GA 127 -40.68 -52.99 -87.13
N VAL GA 128 -40.07 -52.68 -88.27
CA VAL GA 128 -39.46 -53.68 -89.14
C VAL GA 128 -38.83 -54.86 -88.40
N ASP GA 129 -38.07 -54.59 -87.35
CA ASP GA 129 -37.43 -55.67 -86.59
C ASP GA 129 -38.47 -56.59 -85.96
N ALA GA 130 -39.36 -56.02 -85.16
CA ALA GA 130 -40.40 -56.80 -84.50
C ALA GA 130 -41.15 -57.65 -85.52
N TRP GA 131 -41.54 -57.03 -86.62
CA TRP GA 131 -42.23 -57.77 -87.65
C TRP GA 131 -41.33 -58.90 -88.06
N ASN GA 132 -40.17 -58.56 -88.59
CA ASN GA 132 -39.21 -59.55 -89.04
C ASN GA 132 -39.09 -60.71 -88.06
N ARG GA 133 -38.92 -60.42 -86.78
CA ARG GA 133 -38.77 -61.48 -85.82
C ARG GA 133 -39.94 -62.46 -85.85
N CYS GA 134 -41.14 -61.98 -85.56
CA CYS GA 134 -42.28 -62.87 -85.54
C CYS GA 134 -42.68 -63.44 -86.89
N PHE GA 135 -42.28 -62.78 -87.97
CA PHE GA 135 -42.63 -63.29 -89.28
C PHE GA 135 -41.76 -64.51 -89.55
N HIS GA 136 -40.50 -64.43 -89.14
CA HIS GA 136 -39.58 -65.55 -89.33
C HIS GA 136 -40.06 -66.78 -88.57
N ARG GA 137 -40.45 -66.60 -87.31
CA ARG GA 137 -40.93 -67.71 -86.52
C ARG GA 137 -42.09 -68.35 -87.29
N LEU GA 138 -42.96 -67.54 -87.88
CA LEU GA 138 -44.09 -68.06 -88.63
C LEU GA 138 -43.65 -68.80 -89.87
N VAL GA 139 -42.75 -68.19 -90.64
CA VAL GA 139 -42.24 -68.80 -91.86
C VAL GA 139 -41.51 -70.11 -91.59
N ALA GA 140 -40.54 -70.07 -90.69
CA ALA GA 140 -39.77 -71.25 -90.33
C ALA GA 140 -40.66 -72.48 -90.22
N ARG GA 141 -41.67 -72.39 -89.35
CA ARG GA 141 -42.57 -73.51 -89.16
C ARG GA 141 -43.35 -73.87 -90.41
N ILE GA 142 -43.64 -72.90 -91.27
CA ILE GA 142 -44.40 -73.18 -92.49
C ILE GA 142 -43.60 -73.97 -93.51
N ALA GA 143 -42.37 -73.40 -93.76
CA ALA GA 143 -41.50 -73.81 -94.81
C ALA GA 143 -41.06 -75.18 -94.50
N LYS GA 144 -40.71 -75.39 -93.21
CA LYS GA 144 -39.73 -76.39 -92.87
C LYS GA 144 -40.28 -77.69 -93.26
N ASP GA 145 -41.61 -77.77 -93.14
CA ASP GA 145 -42.29 -79.00 -93.35
C ASP GA 145 -41.94 -79.43 -94.73
N LEU GA 146 -41.84 -78.47 -95.67
CA LEU GA 146 -41.80 -78.80 -97.05
C LEU GA 146 -40.60 -79.68 -97.34
N PRO GA 147 -39.36 -79.26 -97.14
CA PRO GA 147 -38.21 -80.07 -97.46
C PRO GA 147 -38.30 -81.27 -96.60
N ASP HA 1 17.92 18.41 -132.19
CA ASP HA 1 18.59 18.34 -130.87
C ASP HA 1 18.54 16.98 -130.30
N CYS HA 2 19.19 16.89 -129.13
CA CYS HA 2 19.04 15.63 -128.54
C CYS HA 2 17.95 15.73 -127.59
N CYS HA 3 17.56 14.54 -127.18
CA CYS HA 3 16.51 14.52 -126.27
C CYS HA 3 17.04 13.68 -125.21
N SER HA 4 16.22 13.63 -124.17
CA SER HA 4 16.56 13.15 -122.89
C SER HA 4 15.72 11.94 -122.73
N TYR HA 5 16.24 10.95 -121.98
CA TYR HA 5 15.72 9.63 -121.76
C TYR HA 5 14.44 9.76 -120.97
N GLU HA 6 14.43 10.69 -120.01
CA GLU HA 6 13.24 10.91 -119.19
C GLU HA 6 12.10 11.32 -120.10
N ASP HA 7 12.38 12.25 -121.00
CA ASP HA 7 11.37 12.72 -121.93
C ASP HA 7 10.83 11.55 -122.74
N ARG HA 8 11.71 10.67 -123.17
CA ARG HA 8 11.25 9.52 -123.94
C ARG HA 8 10.26 8.77 -123.08
N ARG HA 9 10.64 8.49 -121.84
CA ARG HA 9 9.73 7.80 -120.94
C ARG HA 9 8.40 8.53 -120.83
N GLU HA 10 8.46 9.85 -120.73
CA GLU HA 10 7.26 10.66 -120.63
C GLU HA 10 6.34 10.35 -121.79
N ILE HA 11 6.88 10.43 -122.99
CA ILE HA 11 6.13 10.17 -124.20
C ILE HA 11 5.68 8.72 -124.28
N ARG HA 12 6.60 7.78 -124.04
CA ARG HA 12 6.28 6.36 -124.11
C ARG HA 12 5.05 6.08 -123.27
N HIS HA 13 4.69 7.05 -122.42
CA HIS HA 13 3.51 6.94 -121.56
C HIS HA 13 2.38 7.77 -122.15
N ILE HA 14 2.65 9.04 -122.40
CA ILE HA 14 1.64 9.92 -122.99
C ILE HA 14 0.95 9.23 -124.16
N TRP HA 15 1.73 8.51 -124.95
CA TRP HA 15 1.19 7.81 -126.11
C TRP HA 15 0.22 6.74 -125.67
N ASP HA 16 0.63 5.92 -124.71
CA ASP HA 16 -0.21 4.84 -124.21
C ASP HA 16 -1.60 5.31 -123.82
N ASP HA 17 -1.82 6.63 -123.82
CA ASP HA 17 -3.12 7.17 -123.46
C ASP HA 17 -3.95 7.50 -124.69
N VAL HA 18 -3.28 7.85 -125.78
CA VAL HA 18 -3.98 8.18 -127.03
C VAL HA 18 -4.16 6.88 -127.84
N TRP HA 19 -3.14 6.02 -127.83
CA TRP HA 19 -3.10 4.87 -128.68
C TRP HA 19 -4.24 4.02 -128.28
N SER HA 20 -4.58 4.14 -127.00
CA SER HA 20 -4.64 3.04 -126.10
C SER HA 20 -5.71 2.10 -126.53
N SER HA 21 -6.81 2.65 -127.07
CA SER HA 21 -7.88 1.80 -127.50
C SER HA 21 -7.29 0.81 -128.48
N SER HA 22 -7.94 -0.38 -128.54
CA SER HA 22 -7.31 -1.61 -128.98
C SER HA 22 -7.17 -1.66 -130.42
N PHE HA 23 -8.19 -1.07 -131.05
CA PHE HA 23 -8.44 -1.27 -132.43
C PHE HA 23 -9.09 -0.05 -132.86
N THR HA 24 -9.61 -0.12 -134.07
CA THR HA 24 -9.31 1.01 -134.93
C THR HA 24 -9.99 2.32 -134.52
N ASP HA 25 -11.32 2.32 -134.49
CA ASP HA 25 -12.12 3.50 -134.14
C ASP HA 25 -11.41 4.72 -133.56
N ARG HA 26 -10.83 4.56 -132.36
CA ARG HA 26 -10.14 5.67 -131.71
C ARG HA 26 -8.95 6.21 -132.50
N ARG HA 27 -7.91 5.38 -132.63
CA ARG HA 27 -6.72 5.79 -133.34
C ARG HA 27 -7.06 6.49 -134.65
N VAL HA 28 -8.07 5.97 -135.34
CA VAL HA 28 -8.50 6.54 -136.61
C VAL HA 28 -8.88 7.99 -136.44
N ALA HA 29 -9.92 8.23 -135.65
CA ALA HA 29 -10.39 9.59 -135.42
C ALA HA 29 -9.27 10.55 -135.05
N ILE HA 30 -8.32 10.09 -134.24
CA ILE HA 30 -7.19 10.94 -133.87
C ILE HA 30 -6.29 11.23 -135.05
N VAL HA 31 -5.73 10.20 -135.68
CA VAL HA 31 -4.86 10.40 -136.83
C VAL HA 31 -5.55 11.24 -137.89
N ARG HA 32 -6.85 11.02 -138.06
CA ARG HA 32 -7.62 11.78 -139.03
C ARG HA 32 -7.58 13.23 -138.56
N ALA HA 33 -8.13 13.49 -137.39
CA ALA HA 33 -8.14 14.84 -136.82
C ALA HA 33 -6.79 15.54 -136.99
N VAL HA 34 -5.72 14.75 -137.01
CA VAL HA 34 -4.36 15.29 -137.18
C VAL HA 34 -4.22 15.78 -138.61
N PHE HA 35 -4.49 14.90 -139.56
CA PHE HA 35 -4.40 15.28 -140.94
C PHE HA 35 -5.30 16.44 -141.31
N ASP HA 36 -6.54 16.44 -140.82
CA ASP HA 36 -7.47 17.53 -141.12
C ASP HA 36 -6.82 18.85 -140.79
N ASP HA 37 -5.95 18.83 -139.77
CA ASP HA 37 -5.26 20.05 -139.34
C ASP HA 37 -4.08 20.31 -140.26
N LEU HA 38 -3.58 19.26 -140.89
CA LEU HA 38 -2.47 19.42 -141.81
C LEU HA 38 -2.99 20.03 -143.09
N PHE HA 39 -4.14 19.55 -143.52
CA PHE HA 39 -4.74 20.04 -144.74
C PHE HA 39 -5.32 21.44 -144.60
N LYS HA 40 -5.82 21.78 -143.43
CA LYS HA 40 -6.39 23.11 -143.24
C LYS HA 40 -5.28 24.14 -143.25
N HIS HA 41 -4.04 23.70 -143.03
CA HIS HA 41 -2.90 24.60 -142.99
C HIS HA 41 -1.99 24.51 -144.23
N TYR HA 42 -1.84 23.31 -144.78
CA TYR HA 42 -1.02 23.12 -145.97
C TYR HA 42 -1.89 22.33 -146.94
N PRO HA 43 -2.98 22.94 -147.41
CA PRO HA 43 -3.95 22.36 -148.34
C PRO HA 43 -3.34 21.66 -149.52
N THR HA 44 -2.17 22.12 -149.88
CA THR HA 44 -1.51 21.55 -150.96
C THR HA 44 -1.35 20.02 -150.82
N SER HA 45 -0.79 19.61 -149.72
CA SER HA 45 -0.54 18.22 -149.44
C SER HA 45 -1.73 17.31 -149.73
N LYS HA 46 -2.93 17.82 -149.53
CA LYS HA 46 -4.14 17.02 -149.73
C LYS HA 46 -4.03 16.15 -150.97
N ALA HA 47 -3.79 16.77 -152.11
CA ALA HA 47 -3.68 16.05 -153.37
C ALA HA 47 -2.83 14.78 -153.31
N LEU HA 48 -1.74 14.82 -152.56
CA LEU HA 48 -0.84 13.68 -152.45
C LEU HA 48 -1.47 12.33 -152.13
N PHE HA 49 -2.61 12.36 -151.45
CA PHE HA 49 -3.28 11.12 -151.07
C PHE HA 49 -4.47 10.70 -151.93
N GLU HA 50 -4.48 11.07 -153.20
CA GLU HA 50 -5.59 10.68 -154.04
C GLU HA 50 -5.45 9.19 -154.28
N ARG HA 51 -4.23 8.71 -154.12
CA ARG HA 51 -3.94 7.31 -154.33
C ARG HA 51 -4.72 6.43 -153.36
N VAL HA 52 -4.99 6.98 -152.18
CA VAL HA 52 -5.71 6.23 -151.14
C VAL HA 52 -7.15 6.67 -151.05
N LYS HA 53 -7.55 7.54 -151.96
CA LYS HA 53 -8.92 8.05 -152.00
C LYS HA 53 -9.33 8.92 -150.83
N ILE HA 54 -8.69 10.08 -150.67
CA ILE HA 54 -9.04 10.98 -149.58
C ILE HA 54 -10.36 11.67 -149.88
N ASP HA 55 -10.75 11.66 -151.14
CA ASP HA 55 -12.01 12.28 -151.55
C ASP HA 55 -13.18 11.49 -150.96
N GLU HA 56 -12.88 10.29 -150.50
CA GLU HA 56 -13.89 9.42 -149.87
C GLU HA 56 -13.43 9.20 -148.44
N PRO HA 57 -13.64 10.19 -147.57
CA PRO HA 57 -13.25 10.09 -146.17
C PRO HA 57 -13.54 8.75 -145.49
N GLU HA 58 -14.79 8.28 -145.56
CA GLU HA 58 -15.14 7.01 -144.91
C GLU HA 58 -14.86 5.80 -145.78
N SER HA 59 -14.22 6.04 -146.93
CA SER HA 59 -13.90 4.99 -147.89
C SER HA 59 -13.49 3.64 -147.29
N GLY HA 60 -12.46 3.65 -146.47
CA GLY HA 60 -11.98 2.42 -145.92
C GLY HA 60 -10.64 2.19 -146.59
N GLU HA 61 -10.56 2.54 -147.86
CA GLU HA 61 -9.32 2.41 -148.62
C GLU HA 61 -8.42 3.45 -147.97
N PHE HA 62 -9.07 4.52 -147.51
CA PHE HA 62 -8.42 5.65 -146.88
C PHE HA 62 -8.33 5.43 -145.39
N LYS HA 63 -9.41 4.97 -144.76
CA LYS HA 63 -9.35 4.71 -143.33
C LYS HA 63 -8.15 3.80 -143.05
N SER HA 64 -8.06 2.68 -143.77
CA SER HA 64 -6.96 1.75 -143.60
C SER HA 64 -5.65 2.52 -143.64
N HIS HA 65 -5.54 3.45 -144.59
CA HIS HA 65 -4.34 4.26 -144.72
C HIS HA 65 -4.06 4.93 -143.39
N LEU HA 66 -4.99 5.76 -142.93
CA LEU HA 66 -4.84 6.46 -141.65
C LEU HA 66 -4.24 5.53 -140.60
N VAL HA 67 -4.81 4.35 -140.48
CA VAL HA 67 -4.33 3.36 -139.54
C VAL HA 67 -2.87 3.06 -139.79
N ARG HA 68 -2.52 2.76 -141.03
CA ARG HA 68 -1.12 2.46 -141.35
C ARG HA 68 -0.20 3.58 -140.87
N VAL HA 69 -0.65 4.82 -141.03
CA VAL HA 69 0.13 5.97 -140.60
C VAL HA 69 0.23 5.90 -139.12
N ALA HA 70 -0.92 5.78 -138.47
CA ALA HA 70 -0.97 5.67 -137.00
C ALA HA 70 0.01 4.59 -136.57
N ASN HA 71 -0.24 3.36 -136.99
CA ASN HA 71 0.63 2.23 -136.65
C ASN HA 71 2.10 2.49 -136.96
N GLY HA 72 2.38 3.22 -138.04
CA GLY HA 72 3.76 3.50 -138.36
C GLY HA 72 4.40 4.38 -137.30
N LEU HA 73 3.58 5.24 -136.70
CA LEU HA 73 4.02 6.15 -135.66
C LEU HA 73 4.18 5.31 -134.42
N LYS HA 74 3.17 4.48 -134.16
CA LYS HA 74 3.18 3.58 -133.01
C LYS HA 74 4.49 2.80 -133.02
N LEU HA 75 4.80 2.21 -134.17
CA LEU HA 75 6.02 1.44 -134.33
C LEU HA 75 7.25 2.26 -133.94
N LEU HA 76 7.27 3.53 -134.30
CA LEU HA 76 8.40 4.39 -133.96
C LEU HA 76 8.54 4.48 -132.47
N ILE HA 77 7.53 5.07 -131.84
CA ILE HA 77 7.51 5.26 -130.41
C ILE HA 77 7.88 3.96 -129.68
N ASN HA 78 7.24 2.87 -130.06
CA ASN HA 78 7.52 1.58 -129.45
C ASN HA 78 8.91 1.02 -129.83
N LEU HA 79 9.78 1.90 -130.30
CA LEU HA 79 11.12 1.49 -130.68
C LEU HA 79 12.12 2.36 -129.94
N LEU HA 80 11.62 3.43 -129.32
CA LEU HA 80 12.45 4.38 -128.58
C LEU HA 80 13.36 3.76 -127.52
N ASP HA 81 13.13 2.49 -127.20
CA ASP HA 81 13.95 1.85 -126.20
C ASP HA 81 14.98 0.98 -126.89
N ASP HA 82 14.85 0.79 -128.20
CA ASP HA 82 15.83 -0.01 -128.95
C ASP HA 82 16.65 0.77 -129.98
N THR HA 83 16.98 2.00 -129.63
CA THR HA 83 17.76 2.91 -130.46
C THR HA 83 18.23 2.41 -131.81
N LEU HA 84 19.23 1.54 -131.81
CA LEU HA 84 19.80 1.01 -133.05
C LEU HA 84 18.81 0.57 -134.11
N VAL HA 85 17.74 -0.08 -133.70
CA VAL HA 85 16.73 -0.51 -134.66
C VAL HA 85 15.94 0.69 -135.11
N LEU HA 86 15.60 1.54 -134.15
CA LEU HA 86 14.85 2.74 -134.46
C LEU HA 86 15.60 3.53 -135.51
N GLN HA 87 16.90 3.69 -135.30
CA GLN HA 87 17.74 4.44 -136.23
C GLN HA 87 17.70 3.90 -137.65
N SER HA 88 17.48 2.60 -137.79
CA SER HA 88 17.40 1.99 -139.10
C SER HA 88 16.03 2.15 -139.73
N HIS HA 89 15.00 1.67 -139.04
CA HIS HA 89 13.64 1.78 -139.54
C HIS HA 89 13.33 3.24 -139.77
N LEU HA 90 13.97 4.11 -139.01
CA LEU HA 90 13.72 5.53 -139.15
C LEU HA 90 14.19 5.93 -140.52
N GLY HA 91 15.28 5.31 -140.98
CA GLY HA 91 15.79 5.60 -142.31
C GLY HA 91 14.83 5.03 -143.32
N HIS HA 92 14.55 3.75 -143.20
CA HIS HA 92 13.61 3.05 -144.07
C HIS HA 92 12.31 3.85 -144.23
N LEU HA 93 11.90 4.52 -143.16
CA LEU HA 93 10.67 5.31 -143.17
C LEU HA 93 10.86 6.54 -144.01
N ALA HA 94 12.10 6.98 -144.14
CA ALA HA 94 12.40 8.16 -144.95
C ALA HA 94 12.28 7.74 -146.41
N ASP HA 95 13.04 6.72 -146.78
CA ASP HA 95 13.04 6.23 -148.15
C ASP HA 95 11.63 6.00 -148.67
N GLN HA 96 10.72 5.57 -147.82
CA GLN HA 96 9.35 5.33 -148.25
C GLN HA 96 8.63 6.63 -148.56
N HIS HA 97 9.24 7.74 -148.17
CA HIS HA 97 8.64 9.02 -148.41
C HIS HA 97 9.42 9.82 -149.45
N ILE HA 98 10.65 9.42 -149.70
CA ILE HA 98 11.45 10.11 -150.69
C ILE HA 98 10.98 9.67 -152.05
N GLN HA 99 10.61 8.41 -152.18
CA GLN HA 99 10.11 7.88 -153.43
C GLN HA 99 8.66 8.32 -153.69
N ARG HA 100 8.09 9.05 -152.75
CA ARG HA 100 6.73 9.55 -152.89
C ARG HA 100 6.88 10.97 -153.39
N LYS HA 101 6.83 11.10 -154.71
CA LYS HA 101 6.99 12.39 -155.36
C LYS HA 101 5.98 13.43 -154.88
N GLY HA 102 6.47 14.57 -154.40
CA GLY HA 102 5.58 15.62 -153.94
C GLY HA 102 5.61 15.87 -152.46
N VAL HA 103 6.35 15.04 -151.72
CA VAL HA 103 6.45 15.19 -150.27
C VAL HA 103 7.57 16.13 -149.85
N THR HA 104 7.22 17.33 -149.39
CA THR HA 104 8.22 18.32 -148.98
C THR HA 104 8.73 18.16 -147.55
N LYS HA 105 9.83 18.84 -147.26
CA LYS HA 105 10.42 18.81 -145.94
C LYS HA 105 9.45 19.59 -145.06
N GLU HA 106 8.74 20.50 -145.70
CA GLU HA 106 7.79 21.36 -145.01
C GLU HA 106 6.57 20.59 -144.50
N TYR HA 107 5.92 19.83 -145.39
CA TYR HA 107 4.74 19.08 -144.99
C TYR HA 107 4.97 18.35 -143.67
N PHE HA 108 6.18 17.87 -143.46
CA PHE HA 108 6.48 17.17 -142.23
C PHE HA 108 6.45 18.12 -141.05
N ARG HA 109 7.18 19.20 -141.16
CA ARG HA 109 7.20 20.17 -140.07
C ARG HA 109 5.75 20.58 -139.83
N GLY HA 110 4.91 20.40 -140.84
CA GLY HA 110 3.51 20.76 -140.73
C GLY HA 110 2.67 19.77 -139.97
N ILE HA 111 2.92 18.49 -140.19
CA ILE HA 111 2.16 17.47 -139.50
C ILE HA 111 2.62 17.43 -138.06
N GLY HA 112 3.83 17.93 -137.83
CA GLY HA 112 4.36 17.96 -136.48
C GLY HA 112 3.55 18.93 -135.66
N GLU HA 113 3.26 20.08 -136.26
CA GLU HA 113 2.47 21.11 -135.61
C GLU HA 113 1.10 20.49 -135.35
N ALA HA 114 0.61 19.75 -136.35
CA ALA HA 114 -0.68 19.09 -136.25
C ALA HA 114 -0.84 18.36 -134.92
N PHE HA 115 -0.02 17.35 -134.68
CA PHE HA 115 -0.12 16.60 -133.44
C PHE HA 115 -0.10 17.50 -132.23
N ALA HA 116 0.86 18.42 -132.23
CA ALA HA 116 1.03 19.34 -131.12
C ALA HA 116 -0.21 20.18 -130.84
N ARG HA 117 -1.16 20.12 -131.74
CA ARG HA 117 -2.39 20.88 -131.60
C ARG HA 117 -3.57 19.93 -131.31
N VAL HA 118 -3.47 18.70 -131.82
CA VAL HA 118 -4.51 17.71 -131.65
C VAL HA 118 -4.36 16.95 -130.34
N LEU HA 119 -3.25 16.23 -130.19
CA LEU HA 119 -3.02 15.46 -128.98
C LEU HA 119 -3.44 16.16 -127.69
N PRO HA 120 -2.99 17.41 -127.48
CA PRO HA 120 -3.37 18.10 -126.24
C PRO HA 120 -4.87 18.22 -126.01
N GLN HA 121 -5.65 17.78 -127.00
CA GLN HA 121 -7.10 17.84 -126.91
C GLN HA 121 -7.73 16.47 -126.71
N VAL HA 122 -7.04 15.42 -127.13
CA VAL HA 122 -7.57 14.07 -126.99
C VAL HA 122 -7.22 13.43 -125.67
N LEU HA 123 -6.27 14.00 -124.95
CA LEU HA 123 -5.89 13.45 -123.67
C LEU HA 123 -5.34 14.56 -122.81
N SER HA 124 -5.46 14.40 -121.50
CA SER HA 124 -4.94 15.39 -120.59
C SER HA 124 -3.57 14.93 -120.14
N CYS HA 125 -2.84 15.83 -119.49
CA CYS HA 125 -1.50 15.51 -119.02
C CYS HA 125 -0.59 15.21 -120.21
N PHE HA 126 -0.58 16.12 -121.17
CA PHE HA 126 0.24 15.96 -122.34
C PHE HA 126 1.43 16.91 -122.23
N ASN HA 127 2.63 16.34 -122.18
CA ASN HA 127 3.83 17.16 -122.06
C ASN HA 127 4.25 17.66 -123.45
N VAL HA 128 3.45 18.54 -124.00
CA VAL HA 128 3.68 19.09 -125.34
C VAL HA 128 5.15 19.27 -125.69
N ASP HA 129 5.93 19.84 -124.77
CA ASP HA 129 7.34 20.05 -125.01
C ASP HA 129 8.07 18.74 -125.24
N ALA HA 130 7.98 17.84 -124.27
CA ALA HA 130 8.63 16.54 -124.36
C ALA HA 130 8.27 15.87 -125.67
N TRP HA 131 6.99 15.88 -125.99
CA TRP HA 131 6.54 15.29 -127.24
C TRP HA 131 7.29 16.00 -128.36
N ASN HA 132 7.03 17.30 -128.50
CA ASN HA 132 7.68 18.10 -129.51
C ASN HA 132 9.15 17.75 -129.68
N ARG HA 133 9.90 17.74 -128.59
CA ARG HA 133 11.32 17.42 -128.68
C ARG HA 133 11.58 16.11 -129.41
N CYS HA 134 11.11 14.99 -128.86
CA CYS HA 134 11.35 13.71 -129.48
C CYS HA 134 10.69 13.53 -130.82
N PHE HA 135 9.64 14.26 -131.09
CA PHE HA 135 8.97 14.11 -132.37
C PHE HA 135 9.85 14.75 -133.42
N HIS HA 136 10.46 15.87 -133.09
CA HIS HA 136 11.32 16.56 -134.02
C HIS HA 136 12.50 15.67 -134.39
N ARG HA 137 13.15 15.08 -133.38
CA ARG HA 137 14.29 14.22 -133.66
C ARG HA 137 13.83 13.15 -134.65
N LEU HA 138 12.63 12.63 -134.48
CA LEU HA 138 12.12 11.60 -135.38
C LEU HA 138 11.87 12.12 -136.78
N VAL HA 139 11.22 13.28 -136.87
CA VAL HA 139 10.92 13.89 -138.15
C VAL HA 139 12.19 14.26 -138.91
N ALA HA 140 13.07 15.00 -138.25
CA ALA HA 140 14.32 15.42 -138.86
C ALA HA 140 14.95 14.28 -139.66
N ARG HA 141 15.19 13.16 -139.00
CA ARG HA 141 15.79 12.00 -139.67
C ARG HA 141 14.93 11.45 -140.81
N ILE HA 142 13.61 11.56 -140.70
CA ILE HA 142 12.74 11.04 -141.76
C ILE HA 142 12.80 11.87 -143.03
N ALA HA 143 12.66 13.19 -142.80
CA ALA HA 143 12.60 14.23 -143.77
C ALA HA 143 13.94 14.37 -144.42
N LYS HA 144 15.00 14.27 -143.61
CA LYS HA 144 16.29 14.76 -143.97
C LYS HA 144 16.76 14.01 -145.16
N ASP HA 145 16.39 12.72 -145.17
CA ASP HA 145 16.95 11.81 -146.12
C ASP HA 145 16.63 12.35 -147.46
N LEU HA 146 15.34 12.76 -147.63
CA LEU HA 146 14.82 13.10 -148.93
C LEU HA 146 15.71 14.15 -149.44
N PRO HA 147 16.14 15.11 -148.69
CA PRO HA 147 17.08 15.94 -149.37
C PRO HA 147 18.47 15.37 -149.49
N LYS IA 1 -21.11 27.67 -120.01
CA LYS IA 1 -19.70 27.46 -120.40
C LYS IA 1 -19.59 26.96 -121.80
N LYS IA 2 -18.95 25.79 -122.00
CA LYS IA 2 -18.80 25.31 -123.34
C LYS IA 2 -19.88 24.33 -123.60
N GLN IA 3 -19.90 23.86 -124.86
CA GLN IA 3 -20.88 22.91 -125.26
C GLN IA 3 -20.16 21.67 -125.58
N CYS IA 4 -20.99 20.65 -125.83
CA CYS IA 4 -20.49 19.34 -126.04
C CYS IA 4 -20.06 19.17 -127.44
N GLY IA 5 -19.30 18.10 -127.64
CA GLY IA 5 -18.75 17.76 -128.91
C GLY IA 5 -17.74 16.69 -128.66
N VAL IA 6 -17.10 16.23 -129.76
CA VAL IA 6 -16.58 14.89 -129.83
C VAL IA 6 -15.53 14.67 -128.78
N LEU IA 7 -14.48 15.50 -128.78
CA LEU IA 7 -13.38 15.26 -127.87
C LEU IA 7 -13.80 15.34 -126.41
N GLU IA 8 -14.31 16.50 -125.99
CA GLU IA 8 -14.72 16.69 -124.61
C GLU IA 8 -15.57 15.51 -124.15
N GLY IA 9 -16.20 14.85 -125.10
CA GLY IA 9 -17.00 13.69 -124.77
C GLY IA 9 -16.06 12.56 -124.43
N LEU IA 10 -15.22 12.20 -125.39
CA LEU IA 10 -14.27 11.14 -125.17
C LEU IA 10 -13.56 11.33 -123.84
N LYS IA 11 -13.23 12.56 -123.48
CA LYS IA 11 -12.55 12.77 -122.23
C LYS IA 11 -13.44 12.37 -121.07
N VAL IA 12 -14.62 12.95 -120.99
CA VAL IA 12 -15.52 12.62 -119.90
C VAL IA 12 -15.82 11.13 -119.89
N LYS IA 13 -16.12 10.58 -121.04
CA LYS IA 13 -16.44 9.16 -121.14
C LYS IA 13 -15.35 8.32 -120.53
N SER IA 14 -14.11 8.74 -120.72
CA SER IA 14 -12.95 8.01 -120.22
C SER IA 14 -12.81 8.22 -118.72
N GLU IA 15 -12.76 9.48 -118.30
CA GLU IA 15 -12.62 9.82 -116.90
C GLU IA 15 -13.74 9.21 -116.07
N TRP IA 16 -14.94 9.18 -116.63
CA TRP IA 16 -16.07 8.61 -115.92
C TRP IA 16 -15.76 7.17 -115.65
N GLY IA 17 -15.15 6.51 -116.64
CA GLY IA 17 -14.81 5.10 -116.46
C GLY IA 17 -14.03 4.87 -115.18
N ARG IA 18 -13.06 5.74 -114.93
CA ARG IA 18 -12.22 5.64 -113.74
C ARG IA 18 -12.97 6.01 -112.47
N ALA IA 19 -13.72 7.09 -112.50
CA ALA IA 19 -14.45 7.52 -111.32
C ALA IA 19 -15.59 6.57 -110.93
N TYR IA 20 -16.33 6.08 -111.92
CA TYR IA 20 -17.44 5.17 -111.64
C TYR IA 20 -16.90 3.95 -110.94
N GLY IA 21 -15.96 3.27 -111.56
CA GLY IA 21 -15.39 2.07 -110.95
C GLY IA 21 -16.43 0.96 -110.81
N SER IA 22 -16.24 0.08 -109.82
CA SER IA 22 -17.18 -1.01 -109.61
C SER IA 22 -17.18 -1.54 -108.19
N GLY IA 23 -18.06 -2.50 -107.93
CA GLY IA 23 -18.16 -3.11 -106.62
C GLY IA 23 -18.58 -2.17 -105.52
N HIS IA 24 -17.75 -2.05 -104.49
CA HIS IA 24 -18.03 -1.17 -103.37
C HIS IA 24 -17.75 0.27 -103.73
N ASP IA 25 -16.64 0.51 -104.41
CA ASP IA 25 -16.31 1.88 -104.83
C ASP IA 25 -17.56 2.51 -105.40
N ARG IA 26 -18.30 1.72 -106.15
CA ARG IA 26 -19.53 2.19 -106.77
C ARG IA 26 -20.60 2.46 -105.71
N GLU IA 27 -20.94 1.44 -104.94
CA GLU IA 27 -21.94 1.60 -103.91
C GLU IA 27 -21.68 2.84 -103.06
N ALA IA 28 -20.43 3.29 -103.01
CA ALA IA 28 -20.06 4.47 -102.23
C ALA IA 28 -20.14 5.70 -103.12
N PHE IA 29 -19.44 5.62 -104.25
CA PHE IA 29 -19.43 6.70 -105.23
C PHE IA 29 -20.82 7.28 -105.31
N SER IA 30 -21.80 6.41 -105.51
CA SER IA 30 -23.19 6.85 -105.59
C SER IA 30 -23.60 7.45 -104.24
N GLN IA 31 -23.34 6.71 -103.18
CA GLN IA 31 -23.66 7.17 -101.84
C GLN IA 31 -23.19 8.61 -101.66
N ALA IA 32 -21.91 8.83 -101.86
CA ALA IA 32 -21.30 10.15 -101.72
C ALA IA 32 -22.06 11.18 -102.51
N ILE IA 33 -22.28 10.88 -103.79
CA ILE IA 33 -22.98 11.79 -104.66
C ILE IA 33 -24.31 12.21 -104.10
N TRP IA 34 -25.15 11.25 -103.74
CA TRP IA 34 -26.44 11.59 -103.21
C TRP IA 34 -26.36 12.43 -101.93
N ARG IA 35 -25.47 12.06 -101.03
CA ARG IA 35 -25.34 12.80 -99.81
C ARG IA 35 -25.02 14.24 -100.14
N ALA IA 36 -24.17 14.45 -101.13
CA ALA IA 36 -23.80 15.79 -101.54
C ALA IA 36 -25.00 16.50 -102.15
N THR IA 37 -25.81 15.76 -102.89
CA THR IA 37 -26.99 16.35 -103.49
C THR IA 37 -27.98 16.80 -102.42
N PHE IA 38 -28.43 15.86 -101.60
CA PHE IA 38 -29.39 16.16 -100.56
C PHE IA 38 -28.91 17.24 -99.59
N ALA IA 39 -27.59 17.28 -99.36
CA ALA IA 39 -27.05 18.27 -98.45
C ALA IA 39 -27.28 19.65 -99.02
N GLN IA 40 -27.24 19.75 -100.34
CA GLN IA 40 -27.45 21.01 -101.02
C GLN IA 40 -28.91 21.45 -101.00
N VAL IA 41 -29.80 20.54 -101.40
CA VAL IA 41 -31.21 20.83 -101.44
C VAL IA 41 -32.03 19.81 -100.64
N PRO IA 42 -32.01 19.93 -99.32
CA PRO IA 42 -32.77 18.98 -98.50
C PRO IA 42 -34.24 18.87 -98.93
N GLU IA 43 -34.74 19.92 -99.57
CA GLU IA 43 -36.11 19.93 -100.05
C GLU IA 43 -36.41 18.70 -100.90
N SER IA 44 -35.45 18.32 -101.74
CA SER IA 44 -35.60 17.21 -102.68
C SER IA 44 -35.80 15.84 -102.07
N ARG IA 45 -35.46 15.68 -100.80
CA ARG IA 45 -35.63 14.38 -100.19
C ARG IA 45 -37.07 13.89 -100.35
N SER IA 46 -38.01 14.83 -100.35
CA SER IA 46 -39.42 14.49 -100.46
C SER IA 46 -39.81 13.70 -101.72
N LEU IA 47 -39.05 13.87 -102.79
CA LEU IA 47 -39.36 13.16 -104.03
C LEU IA 47 -39.03 11.67 -103.98
N PHE IA 48 -38.04 11.31 -103.18
CA PHE IA 48 -37.63 9.92 -103.09
C PHE IA 48 -38.18 9.29 -101.84
N LYS IA 49 -39.36 9.74 -101.44
CA LYS IA 49 -39.99 9.21 -100.26
C LYS IA 49 -40.34 7.76 -100.55
N ARG IA 50 -40.57 7.48 -101.83
CA ARG IA 50 -40.97 6.13 -102.24
C ARG IA 50 -39.87 5.10 -102.08
N VAL IA 51 -38.63 5.56 -102.23
CA VAL IA 51 -37.48 4.68 -102.15
C VAL IA 51 -36.60 5.07 -100.98
N HIS IA 52 -37.20 5.14 -99.80
CA HIS IA 52 -36.50 5.50 -98.57
C HIS IA 52 -35.44 6.58 -98.75
N GLY IA 53 -35.88 7.78 -99.12
CA GLY IA 53 -34.96 8.88 -99.29
C GLY IA 53 -34.60 9.45 -97.93
N ASP IA 54 -35.37 9.07 -96.91
CA ASP IA 54 -35.09 9.56 -95.57
C ASP IA 54 -33.74 9.04 -95.05
N ASP IA 55 -33.43 7.78 -95.36
CA ASP IA 55 -32.17 7.17 -94.94
C ASP IA 55 -31.35 6.73 -96.15
N THR IA 56 -30.39 7.58 -96.52
CA THR IA 56 -29.53 7.32 -97.67
C THR IA 56 -28.84 5.95 -97.64
N SER IA 57 -28.73 5.36 -96.46
CA SER IA 57 -28.07 4.06 -96.30
C SER IA 57 -29.01 2.86 -96.35
N HIS IA 58 -30.29 3.09 -96.58
CA HIS IA 58 -31.26 2.00 -96.65
C HIS IA 58 -31.12 1.28 -97.97
N PRO IA 59 -31.10 -0.06 -97.93
CA PRO IA 59 -30.96 -0.84 -99.16
C PRO IA 59 -31.80 -0.33 -100.33
N ALA IA 60 -33.07 -0.04 -100.06
CA ALA IA 60 -33.97 0.44 -101.09
C ALA IA 60 -33.33 1.60 -101.83
N PHE IA 61 -32.85 2.57 -101.08
CA PHE IA 61 -32.21 3.75 -101.65
C PHE IA 61 -30.87 3.40 -102.27
N ILE IA 62 -30.12 2.51 -101.63
CA ILE IA 62 -28.84 2.08 -102.15
C ILE IA 62 -29.06 1.60 -103.57
N ALA IA 63 -30.10 0.79 -103.72
CA ALA IA 63 -30.48 0.25 -105.01
C ALA IA 63 -30.75 1.44 -105.91
N HIS IA 64 -31.74 2.24 -105.53
CA HIS IA 64 -32.08 3.42 -106.29
C HIS IA 64 -30.85 4.16 -106.79
N ALA IA 65 -29.97 4.56 -105.88
CA ALA IA 65 -28.76 5.27 -106.25
C ALA IA 65 -28.00 4.51 -107.32
N ASP IA 66 -27.53 3.31 -106.97
CA ASP IA 66 -26.78 2.48 -107.89
C ASP IA 66 -27.54 2.37 -109.22
N ARG IA 67 -28.86 2.47 -109.14
CA ARG IA 67 -29.71 2.36 -110.33
C ARG IA 67 -29.68 3.62 -111.16
N VAL IA 68 -29.58 4.76 -110.49
CA VAL IA 68 -29.54 6.06 -111.15
C VAL IA 68 -28.26 6.20 -111.90
N LEU IA 69 -27.15 6.03 -111.20
CA LEU IA 69 -25.84 6.14 -111.82
C LEU IA 69 -25.88 5.28 -113.08
N GLY IA 70 -26.55 4.13 -112.97
CA GLY IA 70 -26.66 3.24 -114.11
C GLY IA 70 -27.04 3.97 -115.39
N GLY IA 71 -28.13 4.73 -115.32
CA GLY IA 71 -28.57 5.47 -116.47
C GLY IA 71 -27.48 6.46 -116.87
N LEU IA 72 -27.00 7.26 -115.91
CA LEU IA 72 -25.97 8.22 -116.20
C LEU IA 72 -24.85 7.53 -116.96
N ASP IA 73 -24.59 6.27 -116.62
CA ASP IA 73 -23.54 5.50 -117.30
C ASP IA 73 -23.93 5.43 -118.77
N ILE IA 74 -25.04 4.76 -119.05
CA ILE IA 74 -25.50 4.64 -120.43
C ILE IA 74 -25.37 5.98 -121.16
N ALA IA 75 -25.81 7.06 -120.51
CA ALA IA 75 -25.74 8.38 -121.13
C ALA IA 75 -24.31 8.69 -121.52
N ILE IA 76 -23.47 8.90 -120.53
CA ILE IA 76 -22.07 9.20 -120.78
C ILE IA 76 -21.46 8.20 -121.77
N SER IA 77 -21.65 6.90 -121.49
CA SER IA 77 -21.00 5.87 -122.24
C SER IA 77 -21.40 6.06 -123.67
N THR IA 78 -22.73 6.11 -123.91
CA THR IA 78 -23.27 6.13 -125.24
C THR IA 78 -22.97 7.44 -125.89
N LEU IA 79 -22.61 8.47 -125.09
CA LEU IA 79 -22.62 9.85 -125.50
C LEU IA 79 -21.88 9.96 -126.78
N ASP IA 80 -20.74 9.27 -126.80
CA ASP IA 80 -19.73 9.48 -127.77
C ASP IA 80 -20.33 9.25 -129.12
N GLN IA 81 -21.16 8.19 -129.28
CA GLN IA 81 -21.71 7.98 -130.59
C GLN IA 81 -23.09 8.57 -130.63
N PRO IA 82 -23.21 9.62 -131.43
CA PRO IA 82 -24.42 10.43 -131.57
C PRO IA 82 -25.66 9.60 -131.89
N ALA IA 83 -25.50 8.66 -132.82
CA ALA IA 83 -26.59 7.79 -133.24
C ALA IA 83 -27.29 7.17 -132.05
N THR IA 84 -26.53 6.41 -131.28
CA THR IA 84 -27.04 5.71 -130.12
C THR IA 84 -27.47 6.65 -129.00
N LEU IA 85 -26.57 7.52 -128.59
CA LEU IA 85 -26.88 8.50 -127.53
C LEU IA 85 -28.26 9.09 -127.80
N LYS IA 86 -28.41 9.63 -129.00
CA LYS IA 86 -29.67 10.21 -129.42
C LYS IA 86 -30.80 9.35 -128.88
N GLU IA 87 -30.76 8.06 -129.18
CA GLU IA 87 -31.80 7.14 -128.75
C GLU IA 87 -31.98 7.10 -127.23
N GLU IA 88 -30.92 6.80 -126.50
CA GLU IA 88 -31.02 6.76 -125.05
C GLU IA 88 -31.63 8.05 -124.51
N LEU IA 89 -31.09 9.18 -124.91
CA LEU IA 89 -31.63 10.44 -124.44
C LEU IA 89 -33.12 10.49 -124.73
N ASP IA 90 -33.50 10.22 -125.97
CA ASP IA 90 -34.91 10.24 -126.36
C ASP IA 90 -35.71 9.33 -125.44
N HIS IA 91 -35.19 8.14 -125.19
CA HIS IA 91 -35.87 7.19 -124.32
C HIS IA 91 -36.13 7.87 -122.97
N LEU IA 92 -35.09 8.46 -122.40
CA LEU IA 92 -35.22 9.13 -121.12
C LEU IA 92 -36.26 10.22 -121.24
N GLN IA 93 -36.08 11.06 -122.24
CA GLN IA 93 -36.99 12.17 -122.48
C GLN IA 93 -38.42 11.76 -122.19
N VAL IA 94 -38.80 10.59 -122.68
CA VAL IA 94 -40.15 10.07 -122.49
C VAL IA 94 -40.47 9.78 -121.04
N GLN IA 95 -39.61 9.01 -120.38
CA GLN IA 95 -39.84 8.65 -118.99
C GLN IA 95 -39.98 9.88 -118.13
N HIS IA 96 -39.62 11.04 -118.67
CA HIS IA 96 -39.71 12.28 -117.91
C HIS IA 96 -40.80 13.26 -118.32
N GLU IA 97 -41.11 13.42 -119.62
CA GLU IA 97 -42.02 14.44 -120.02
C GLU IA 97 -43.37 14.09 -119.45
N GLY IA 98 -44.14 15.15 -119.10
CA GLY IA 98 -45.38 14.99 -118.40
C GLY IA 98 -45.05 15.12 -116.96
N ARG IA 99 -43.76 14.93 -116.63
CA ARG IA 99 -43.28 15.35 -115.33
C ARG IA 99 -42.62 16.66 -115.60
N LYS IA 100 -42.84 17.65 -114.69
CA LYS IA 100 -42.08 18.88 -114.69
C LYS IA 100 -41.00 18.72 -113.67
N ILE IA 101 -39.79 19.23 -113.97
CA ILE IA 101 -38.70 19.02 -113.06
C ILE IA 101 -38.04 20.32 -112.85
N PRO IA 102 -37.87 20.61 -111.61
CA PRO IA 102 -37.27 21.84 -111.19
C PRO IA 102 -35.89 21.75 -111.75
N ASP IA 103 -35.39 22.87 -112.29
CA ASP IA 103 -34.02 22.89 -112.82
C ASP IA 103 -33.06 23.16 -111.68
N ASN IA 104 -33.64 23.56 -110.55
CA ASN IA 104 -32.88 23.83 -109.32
C ASN IA 104 -32.17 22.56 -108.82
N TYR IA 105 -32.91 21.45 -108.72
CA TYR IA 105 -32.35 20.18 -108.26
C TYR IA 105 -31.28 19.64 -109.21
N PHE IA 106 -31.61 19.50 -110.48
CA PHE IA 106 -30.64 19.00 -111.44
C PHE IA 106 -29.33 19.70 -111.26
N ASP IA 107 -29.38 21.01 -111.04
CA ASP IA 107 -28.18 21.81 -110.86
C ASP IA 107 -27.36 21.24 -109.71
N ALA IA 108 -28.00 21.05 -108.56
CA ALA IA 108 -27.33 20.52 -107.38
C ALA IA 108 -26.75 19.13 -107.65
N PHE IA 109 -27.55 18.25 -108.23
CA PHE IA 109 -27.11 16.91 -108.54
C PHE IA 109 -25.87 16.94 -109.43
N LYS IA 110 -25.80 17.89 -110.35
CA LYS IA 110 -24.63 17.99 -111.23
C LYS IA 110 -23.44 18.33 -110.34
N THR IA 111 -23.61 19.40 -109.58
CA THR IA 111 -22.57 19.85 -108.68
C THR IA 111 -22.08 18.66 -107.87
N ALA IA 112 -23.03 17.95 -107.28
CA ALA IA 112 -22.69 16.78 -106.48
C ALA IA 112 -21.74 15.90 -107.29
N ILE IA 113 -22.24 15.36 -108.40
CA ILE IA 113 -21.44 14.50 -109.27
C ILE IA 113 -20.04 15.07 -109.46
N LEU IA 114 -19.99 16.30 -109.97
CA LEU IA 114 -18.70 16.93 -110.19
C LEU IA 114 -17.77 16.91 -108.97
N HIS IA 115 -18.24 17.37 -107.82
CA HIS IA 115 -17.40 17.36 -106.64
C HIS IA 115 -16.93 15.97 -106.28
N VAL IA 116 -17.80 14.98 -106.31
CA VAL IA 116 -17.40 13.63 -105.97
C VAL IA 116 -16.40 13.13 -106.97
N VAL IA 117 -16.75 13.18 -108.25
CA VAL IA 117 -15.83 12.73 -109.31
C VAL IA 117 -14.44 13.34 -109.13
N ALA IA 118 -14.37 14.64 -108.88
CA ALA IA 118 -13.09 15.33 -108.68
C ALA IA 118 -12.38 14.72 -107.48
N ALA IA 119 -13.11 14.42 -106.43
CA ALA IA 119 -12.52 13.85 -105.25
C ALA IA 119 -11.98 12.48 -105.59
N GLN IA 120 -12.69 11.74 -106.43
CA GLN IA 120 -12.29 10.39 -106.81
C GLN IA 120 -11.14 10.31 -107.79
N LEU IA 121 -11.07 11.23 -108.74
CA LEU IA 121 -10.01 11.18 -109.74
C LEU IA 121 -8.72 11.83 -109.33
N GLY IA 122 -8.71 12.51 -108.19
CA GLY IA 122 -7.50 13.15 -107.74
C GLY IA 122 -7.03 14.33 -108.58
N ARG IA 123 -6.21 14.05 -109.58
CA ARG IA 123 -5.63 15.11 -110.42
C ARG IA 123 -6.02 15.18 -111.89
N CYS IA 124 -6.14 14.03 -112.54
CA CYS IA 124 -6.50 14.02 -113.95
C CYS IA 124 -8.01 14.09 -114.13
N TYR IA 125 -8.50 15.32 -114.27
CA TYR IA 125 -9.93 15.59 -114.44
C TYR IA 125 -10.19 17.01 -114.91
N ASP IA 126 -10.82 17.11 -116.07
CA ASP IA 126 -11.15 18.41 -116.65
C ASP IA 126 -12.53 18.81 -116.18
N ARG IA 127 -12.61 19.91 -115.42
CA ARG IA 127 -13.90 20.35 -114.90
C ARG IA 127 -14.86 20.81 -116.00
N GLU IA 128 -14.47 21.85 -116.74
CA GLU IA 128 -15.28 22.38 -117.82
C GLU IA 128 -15.93 21.28 -118.65
N ALA IA 129 -15.10 20.34 -119.11
CA ALA IA 129 -15.57 19.21 -119.90
C ALA IA 129 -16.73 18.47 -119.27
N TRP IA 130 -16.57 18.02 -118.03
CA TRP IA 130 -17.64 17.32 -117.37
C TRP IA 130 -18.85 18.23 -117.30
N ASP IA 131 -18.65 19.43 -116.76
CA ASP IA 131 -19.75 20.38 -116.64
C ASP IA 131 -20.53 20.38 -117.94
N ALA IA 132 -19.83 20.63 -119.04
CA ALA IA 132 -20.47 20.69 -120.36
C ALA IA 132 -21.29 19.46 -120.70
N CYS IA 133 -20.71 18.28 -120.51
CA CYS IA 133 -21.42 17.06 -120.83
C CYS IA 133 -22.52 16.66 -119.86
N ILE IA 134 -22.26 16.76 -118.56
CA ILE IA 134 -23.28 16.42 -117.59
C ILE IA 134 -24.47 17.28 -117.95
N ASP IA 135 -24.17 18.51 -118.36
CA ASP IA 135 -25.20 19.45 -118.74
C ASP IA 135 -25.97 18.87 -119.92
N HIS IA 136 -25.28 18.66 -121.04
CA HIS IA 136 -25.93 18.12 -122.22
C HIS IA 136 -26.78 16.90 -121.88
N ILE IA 137 -26.32 16.06 -120.97
CA ILE IA 137 -27.08 14.88 -120.58
C ILE IA 137 -28.31 15.27 -119.80
N GLU IA 138 -28.17 16.22 -118.88
CA GLU IA 138 -29.32 16.67 -118.10
C GLU IA 138 -30.35 17.35 -118.99
N ASP IA 139 -29.90 18.19 -119.92
CA ASP IA 139 -30.82 18.86 -120.81
C ASP IA 139 -31.68 17.82 -121.48
N GLY IA 140 -31.05 16.75 -121.95
CA GLY IA 140 -31.78 15.68 -122.62
C GLY IA 140 -32.81 15.00 -121.74
N ILE IA 141 -32.77 15.24 -120.44
CA ILE IA 141 -33.71 14.62 -119.52
C ILE IA 141 -34.80 15.58 -119.11
N LYS IA 142 -34.49 16.87 -119.12
CA LYS IA 142 -35.47 17.88 -118.76
C LYS IA 142 -36.26 18.29 -119.99
N GLY IA 143 -35.50 18.40 -121.10
CA GLY IA 143 -36.03 18.12 -122.38
C GLY IA 143 -36.61 19.37 -122.84
N HIS IA 144 -36.69 20.31 -121.89
CA HIS IA 144 -37.26 21.52 -122.30
C HIS IA 144 -36.29 22.57 -121.93
N HIS IA 145 -36.58 23.72 -122.51
CA HIS IA 145 -35.68 24.78 -122.57
C HIS IA 145 -36.44 25.72 -121.70
N HIS JA 1 -27.93 -24.22 -104.05
CA HIS JA 1 -28.97 -23.19 -103.80
C HIS JA 1 -28.46 -22.28 -102.74
N GLU JA 2 -28.73 -22.63 -101.46
CA GLU JA 2 -28.38 -21.73 -100.40
C GLU JA 2 -26.90 -21.62 -100.45
N HIS JA 3 -26.25 -22.78 -100.63
CA HIS JA 3 -24.84 -22.96 -100.62
C HIS JA 3 -24.35 -22.06 -101.69
N CYS JA 4 -24.96 -22.22 -102.87
CA CYS JA 4 -24.43 -21.67 -104.09
C CYS JA 4 -24.67 -20.21 -104.17
N CYS JA 5 -23.96 -19.55 -105.13
CA CYS JA 5 -23.62 -18.15 -105.12
C CYS JA 5 -23.04 -17.83 -103.77
N SER JA 6 -22.07 -18.62 -103.34
CA SER JA 6 -21.32 -18.31 -102.17
C SER JA 6 -20.51 -17.09 -102.50
N GLU JA 7 -19.86 -16.53 -101.46
CA GLU JA 7 -18.88 -15.46 -101.54
C GLU JA 7 -17.81 -15.77 -102.56
N GLU JA 8 -17.14 -16.93 -102.42
CA GLU JA 8 -16.10 -17.28 -103.39
C GLU JA 8 -16.74 -17.31 -104.77
N ASP JA 9 -17.85 -18.02 -104.87
CA ASP JA 9 -18.55 -18.15 -106.13
C ASP JA 9 -18.63 -16.83 -106.88
N HIS JA 10 -19.35 -15.87 -106.30
CA HIS JA 10 -19.47 -14.59 -106.98
C HIS JA 10 -18.20 -13.77 -107.01
N ARG JA 11 -17.37 -13.92 -105.99
CA ARG JA 11 -16.12 -13.18 -106.02
C ARG JA 11 -15.50 -13.54 -107.37
N ILE JA 12 -15.66 -14.80 -107.75
CA ILE JA 12 -15.11 -15.29 -109.01
C ILE JA 12 -15.82 -14.64 -110.15
N VAL JA 13 -17.13 -14.82 -110.18
CA VAL JA 13 -17.92 -14.25 -111.24
C VAL JA 13 -17.49 -12.81 -111.45
N GLN JA 14 -17.55 -12.02 -110.39
CA GLN JA 14 -17.18 -10.62 -110.49
C GLN JA 14 -15.84 -10.42 -111.16
N LYS JA 15 -14.84 -11.16 -110.72
CA LYS JA 15 -13.51 -11.02 -111.28
C LYS JA 15 -13.51 -11.30 -112.77
N GLN JA 16 -14.14 -12.40 -113.16
CA GLN JA 16 -14.18 -12.82 -114.55
C GLN JA 16 -14.97 -11.89 -115.43
N TRP JA 17 -16.03 -11.31 -114.88
CA TRP JA 17 -16.88 -10.41 -115.65
C TRP JA 17 -16.15 -9.10 -115.91
N ASP JA 18 -15.12 -8.85 -115.12
CA ASP JA 18 -14.34 -7.63 -115.29
C ASP JA 18 -13.33 -7.71 -116.44
N ILE JA 19 -12.89 -8.92 -116.75
CA ILE JA 19 -11.94 -9.11 -117.83
C ILE JA 19 -12.46 -8.38 -119.04
N LEU JA 20 -13.78 -8.25 -119.12
CA LEU JA 20 -14.42 -7.59 -120.23
C LEU JA 20 -14.20 -6.09 -120.37
N TRP JA 21 -14.49 -5.36 -119.29
CA TRP JA 21 -14.39 -3.90 -119.32
C TRP JA 21 -13.01 -3.29 -119.11
N ARG JA 22 -11.97 -3.98 -119.60
CA ARG JA 22 -10.63 -3.46 -119.46
C ARG JA 22 -10.40 -2.28 -120.40
N ASP JA 23 -10.98 -2.35 -121.60
CA ASP JA 23 -10.82 -1.26 -122.57
C ASP JA 23 -12.00 -0.29 -122.56
N THR JA 24 -11.68 0.99 -122.74
CA THR JA 24 -12.66 2.07 -122.72
C THR JA 24 -13.86 1.93 -123.66
N GLU JA 25 -13.73 1.12 -124.71
CA GLU JA 25 -14.85 0.97 -125.63
C GLU JA 25 -15.87 -0.07 -125.17
N SER JA 26 -16.27 0.04 -123.92
CA SER JA 26 -17.26 -0.86 -123.33
C SER JA 26 -18.55 -0.85 -124.14
N SER JA 27 -18.98 0.34 -124.56
CA SER JA 27 -20.21 0.48 -125.34
C SER JA 27 -20.23 -0.48 -126.51
N LYS JA 28 -19.22 -0.39 -127.37
CA LYS JA 28 -19.14 -1.25 -128.54
C LYS JA 28 -19.31 -2.72 -128.14
N ILE JA 29 -18.68 -3.11 -127.03
CA ILE JA 29 -18.77 -4.48 -126.54
C ILE JA 29 -20.17 -4.76 -126.01
N LYS JA 30 -20.51 -4.15 -124.88
CA LYS JA 30 -21.81 -4.35 -124.26
C LYS JA 30 -22.90 -4.46 -125.32
N ILE JA 31 -22.92 -3.50 -126.25
CA ILE JA 31 -23.91 -3.51 -127.32
C ILE JA 31 -23.81 -4.79 -128.14
N GLY JA 32 -22.71 -4.93 -128.86
CA GLY JA 32 -22.51 -6.12 -129.67
C GLY JA 32 -22.88 -7.39 -128.94
N PHE JA 33 -22.38 -7.53 -127.72
CA PHE JA 33 -22.66 -8.72 -126.92
C PHE JA 33 -24.14 -8.82 -126.58
N GLY JA 34 -24.69 -7.76 -125.99
CA GLY JA 34 -26.10 -7.78 -125.62
C GLY JA 34 -26.96 -7.95 -126.86
N ARG JA 35 -26.53 -7.36 -127.96
CA ARG JA 35 -27.26 -7.45 -129.21
C ARG JA 35 -27.36 -8.92 -129.56
N LEU JA 36 -26.22 -9.56 -129.68
CA LEU JA 36 -26.17 -10.98 -130.01
C LEU JA 36 -27.00 -11.81 -129.06
N LEU JA 37 -26.83 -11.59 -127.76
CA LEU JA 37 -27.60 -12.34 -126.76
C LEU JA 37 -29.10 -12.30 -126.98
N LEU JA 38 -29.64 -11.12 -127.23
CA LEU JA 38 -31.07 -11.01 -127.46
C LEU JA 38 -31.43 -11.64 -128.80
N THR JA 39 -30.64 -11.38 -129.84
CA THR JA 39 -30.88 -11.95 -131.17
C THR JA 39 -31.03 -13.45 -131.05
N LYS JA 40 -29.98 -14.10 -130.54
CA LYS JA 40 -29.96 -15.55 -130.36
C LYS JA 40 -31.14 -16.02 -129.52
N LEU JA 41 -31.79 -15.11 -128.83
CA LEU JA 41 -32.94 -15.51 -128.05
C LEU JA 41 -34.11 -15.56 -129.00
N ALA JA 42 -34.31 -14.47 -129.76
CA ALA JA 42 -35.42 -14.40 -130.72
C ALA JA 42 -35.30 -15.51 -131.75
N LYS JA 43 -34.07 -15.97 -131.95
CA LYS JA 43 -33.80 -17.05 -132.89
C LYS JA 43 -34.45 -18.34 -132.42
N ASP JA 44 -34.21 -18.70 -131.16
CA ASP JA 44 -34.78 -19.92 -130.58
C ASP JA 44 -36.23 -19.79 -130.13
N ILE JA 45 -36.69 -18.57 -129.90
CA ILE JA 45 -38.07 -18.33 -129.49
C ILE JA 45 -38.53 -17.02 -130.08
N PRO JA 46 -39.22 -17.07 -131.22
CA PRO JA 46 -39.74 -15.92 -131.95
C PRO JA 46 -40.80 -15.06 -131.27
N GLU JA 47 -41.65 -15.67 -130.47
CA GLU JA 47 -42.70 -14.90 -129.82
C GLU JA 47 -42.06 -13.75 -129.06
N VAL JA 48 -40.72 -13.75 -129.06
CA VAL JA 48 -39.94 -12.72 -128.39
C VAL JA 48 -39.86 -11.49 -129.28
N ASN JA 49 -39.63 -11.72 -130.56
CA ASN JA 49 -39.53 -10.64 -131.51
C ASN JA 49 -40.63 -9.59 -131.32
N ASP JA 50 -41.81 -10.04 -130.94
CA ASP JA 50 -42.93 -9.12 -130.74
C ASP JA 50 -42.81 -8.31 -129.47
N LEU JA 51 -42.12 -8.85 -128.49
CA LEU JA 51 -41.93 -8.18 -127.21
C LEU JA 51 -40.95 -7.04 -127.36
N PHE JA 52 -39.86 -7.32 -128.07
CA PHE JA 52 -38.83 -6.34 -128.31
C PHE JA 52 -39.14 -5.47 -129.52
N LYS JA 53 -40.37 -5.59 -130.01
CA LYS JA 53 -40.83 -4.84 -131.15
C LYS JA 53 -40.73 -3.35 -130.82
N ARG JA 54 -41.18 -3.03 -129.61
CA ARG JA 54 -41.18 -1.67 -129.09
C ARG JA 54 -39.84 -0.97 -129.21
N VAL JA 55 -38.75 -1.75 -129.13
CA VAL JA 55 -37.41 -1.18 -129.21
C VAL JA 55 -36.75 -1.43 -130.55
N ASP JA 56 -37.57 -1.62 -131.58
CA ASP JA 56 -37.07 -1.84 -132.95
C ASP JA 56 -36.00 -2.92 -133.00
N ILE JA 57 -36.32 -4.10 -132.49
CA ILE JA 57 -35.38 -5.22 -132.51
C ILE JA 57 -35.18 -5.64 -133.95
N GLU JA 58 -36.10 -5.23 -134.80
CA GLU JA 58 -36.04 -5.55 -136.20
C GLU JA 58 -34.72 -5.02 -136.76
N HIS JA 59 -34.25 -3.88 -136.26
CA HIS JA 59 -32.99 -3.29 -136.69
C HIS JA 59 -31.95 -3.47 -135.61
N ALA JA 60 -31.31 -4.63 -135.59
CA ALA JA 60 -30.31 -4.93 -134.59
C ALA JA 60 -29.32 -3.80 -134.35
N GLU JA 61 -28.81 -3.21 -135.42
CA GLU JA 61 -27.82 -2.13 -135.35
C GLU JA 61 -28.47 -0.77 -135.16
N GLY JA 62 -29.80 -0.76 -135.22
CA GLY JA 62 -30.55 0.47 -135.06
C GLY JA 62 -30.38 1.04 -133.68
N PRO JA 63 -30.03 2.32 -133.55
CA PRO JA 63 -29.85 2.92 -132.24
C PRO JA 63 -30.95 2.53 -131.25
N LYS JA 64 -32.19 2.55 -131.72
CA LYS JA 64 -33.32 2.20 -130.86
C LYS JA 64 -33.01 0.94 -130.07
N PHE JA 65 -32.55 -0.09 -130.77
CA PHE JA 65 -32.22 -1.36 -130.13
C PHE JA 65 -30.86 -1.32 -129.45
N SER JA 66 -29.86 -0.73 -130.09
CA SER JA 66 -28.54 -0.64 -129.49
C SER JA 66 -28.64 -0.06 -128.08
N ALA JA 67 -29.47 0.97 -127.92
CA ALA JA 67 -29.64 1.57 -126.62
C ALA JA 67 -30.11 0.46 -125.71
N HIS JA 68 -31.20 -0.17 -126.11
CA HIS JA 68 -31.79 -1.25 -125.32
C HIS JA 68 -30.73 -2.28 -124.94
N ALA JA 69 -29.99 -2.74 -125.94
CA ALA JA 69 -28.94 -3.72 -125.74
C ALA JA 69 -28.15 -3.31 -124.51
N LEU JA 70 -27.84 -2.03 -124.40
CA LEU JA 70 -27.09 -1.54 -123.26
C LEU JA 70 -27.91 -1.71 -122.00
N ARG JA 71 -29.03 -1.02 -121.93
CA ARG JA 71 -29.90 -1.08 -120.77
C ARG JA 71 -29.94 -2.46 -120.15
N ILE JA 72 -30.26 -3.47 -120.94
CA ILE JA 72 -30.32 -4.83 -120.41
C ILE JA 72 -28.97 -5.33 -119.95
N LEU JA 73 -28.04 -5.43 -120.90
CA LEU JA 73 -26.70 -5.88 -120.61
C LEU JA 73 -26.17 -5.12 -119.40
N ASN JA 74 -26.45 -3.82 -119.33
CA ASN JA 74 -26.00 -3.00 -118.22
C ASN JA 74 -26.71 -3.35 -116.92
N GLY JA 75 -27.93 -3.87 -117.04
CA GLY JA 75 -28.68 -4.26 -115.86
C GLY JA 75 -28.03 -5.47 -115.30
N LEU JA 76 -27.65 -6.39 -116.18
CA LEU JA 76 -26.96 -7.60 -115.75
C LEU JA 76 -25.72 -7.18 -114.97
N ASP JA 77 -25.06 -6.11 -115.42
CA ASP JA 77 -23.87 -5.59 -114.76
C ASP JA 77 -24.28 -5.27 -113.34
N LEU JA 78 -25.25 -4.37 -113.19
CA LEU JA 78 -25.74 -3.99 -111.88
C LEU JA 78 -25.93 -5.21 -110.99
N ALA JA 79 -26.64 -6.20 -111.50
CA ALA JA 79 -26.88 -7.42 -110.74
C ALA JA 79 -25.58 -7.99 -110.23
N ILE JA 80 -24.67 -8.28 -111.15
CA ILE JA 80 -23.38 -8.84 -110.80
C ILE JA 80 -22.64 -7.95 -109.80
N ASN JA 81 -22.56 -6.65 -110.06
CA ASN JA 81 -21.85 -5.75 -109.16
C ASN JA 81 -22.46 -5.57 -107.78
N LEU JA 82 -23.65 -6.11 -107.57
CA LEU JA 82 -24.28 -5.99 -106.27
C LEU JA 82 -24.31 -7.34 -105.61
N LEU JA 83 -23.66 -8.33 -106.24
CA LEU JA 83 -23.63 -9.68 -105.68
C LEU JA 83 -23.08 -9.71 -104.26
N ASP JA 84 -22.24 -8.74 -103.92
CA ASP JA 84 -21.67 -8.70 -102.59
C ASP JA 84 -22.42 -7.71 -101.71
N ASP JA 85 -23.72 -7.94 -101.53
CA ASP JA 85 -24.61 -7.10 -100.69
C ASP JA 85 -26.01 -7.60 -100.97
N PRO JA 86 -26.30 -8.85 -100.59
CA PRO JA 86 -27.60 -9.48 -100.78
C PRO JA 86 -28.84 -8.60 -100.67
N PRO JA 87 -28.98 -7.82 -99.57
CA PRO JA 87 -30.15 -6.96 -99.42
C PRO JA 87 -30.32 -5.99 -100.56
N ALA JA 88 -29.22 -5.34 -100.95
CA ALA JA 88 -29.22 -4.38 -102.06
C ALA JA 88 -29.53 -5.11 -103.36
N LEU JA 89 -28.74 -6.14 -103.66
CA LEU JA 89 -28.96 -6.92 -104.85
C LEU JA 89 -30.40 -7.35 -104.90
N ASP JA 90 -30.92 -7.85 -103.79
CA ASP JA 90 -32.30 -8.29 -103.72
C ASP JA 90 -33.16 -7.17 -104.24
N ALA JA 91 -33.17 -6.06 -103.52
CA ALA JA 91 -33.97 -4.90 -103.93
C ALA JA 91 -33.78 -4.57 -105.40
N ALA JA 92 -32.53 -4.45 -105.82
CA ALA JA 92 -32.19 -4.14 -107.21
C ALA JA 92 -32.87 -5.06 -108.23
N LEU JA 93 -32.92 -6.34 -107.92
CA LEU JA 93 -33.54 -7.34 -108.77
C LEU JA 93 -35.06 -7.29 -108.68
N ASP JA 94 -35.59 -7.18 -107.47
CA ASP JA 94 -37.04 -7.12 -107.28
C ASP JA 94 -37.55 -6.04 -108.22
N HIS JA 95 -36.86 -4.91 -108.23
CA HIS JA 95 -37.22 -3.79 -109.08
C HIS JA 95 -37.27 -4.26 -110.53
N LEU JA 96 -36.29 -5.05 -110.94
CA LEU JA 96 -36.24 -5.56 -112.31
C LEU JA 96 -37.43 -6.48 -112.57
N ALA JA 97 -37.88 -7.16 -111.53
CA ALA JA 97 -39.01 -8.05 -111.67
C ALA JA 97 -40.20 -7.20 -112.11
N HIS JA 98 -40.50 -6.16 -111.34
CA HIS JA 98 -41.62 -5.28 -111.64
C HIS JA 98 -41.52 -4.69 -113.03
N GLN JA 99 -40.32 -4.35 -113.48
CA GLN JA 99 -40.17 -3.77 -114.80
C GLN JA 99 -40.50 -4.76 -115.89
N HIS JA 100 -40.54 -6.04 -115.53
CA HIS JA 100 -40.84 -7.10 -116.47
C HIS JA 100 -42.26 -7.62 -116.27
N GLU JA 101 -42.80 -7.44 -115.07
CA GLU JA 101 -44.14 -7.90 -114.78
C GLU JA 101 -45.17 -7.21 -115.67
N VAL JA 102 -45.07 -5.90 -115.79
CA VAL JA 102 -46.00 -5.12 -116.60
C VAL JA 102 -45.77 -5.23 -118.08
N ARG JA 103 -44.88 -6.12 -118.50
CA ARG JA 103 -44.61 -6.31 -119.92
C ARG JA 103 -45.19 -7.66 -120.29
N GLU JA 104 -46.48 -7.70 -120.61
CA GLU JA 104 -47.12 -8.96 -120.95
C GLU JA 104 -46.50 -9.59 -122.18
N GLY JA 105 -46.46 -10.92 -122.16
CA GLY JA 105 -45.88 -11.67 -123.26
C GLY JA 105 -44.64 -12.36 -122.78
N VAL JA 106 -43.98 -11.73 -121.80
CA VAL JA 106 -42.76 -12.25 -121.24
C VAL JA 106 -43.07 -13.33 -120.26
N GLN JA 107 -42.71 -14.57 -120.59
CA GLN JA 107 -42.95 -15.71 -119.70
C GLN JA 107 -41.65 -16.33 -119.19
N LYS JA 108 -41.75 -17.08 -118.09
CA LYS JA 108 -40.59 -17.70 -117.48
C LYS JA 108 -39.70 -18.45 -118.45
N ALA JA 109 -40.29 -19.35 -119.23
CA ALA JA 109 -39.53 -20.15 -120.19
C ALA JA 109 -38.53 -19.31 -120.98
N HIS JA 110 -38.80 -18.02 -121.13
CA HIS JA 110 -37.93 -17.11 -121.85
C HIS JA 110 -36.60 -16.97 -121.14
N PHE JA 111 -36.66 -16.68 -119.83
CA PHE JA 111 -35.47 -16.53 -119.03
C PHE JA 111 -34.69 -17.83 -118.99
N LYS JA 112 -35.37 -18.94 -118.73
CA LYS JA 112 -34.66 -20.22 -118.70
C LYS JA 112 -33.79 -20.33 -119.94
N LYS JA 113 -34.35 -20.00 -121.10
CA LYS JA 113 -33.60 -20.07 -122.36
C LYS JA 113 -32.47 -19.04 -122.39
N PHE JA 114 -32.80 -17.80 -122.09
CA PHE JA 114 -31.81 -16.74 -122.10
C PHE JA 114 -30.64 -17.17 -121.22
N GLY JA 115 -30.94 -17.88 -120.15
CA GLY JA 115 -29.88 -18.31 -119.26
C GLY JA 115 -28.95 -19.27 -119.98
N GLU JA 116 -29.55 -20.27 -120.61
CA GLU JA 116 -28.77 -21.26 -121.34
C GLU JA 116 -27.90 -20.57 -122.38
N ILE JA 117 -28.47 -19.55 -123.03
CA ILE JA 117 -27.75 -18.82 -124.08
C ILE JA 117 -26.59 -18.05 -123.50
N LEU JA 118 -26.86 -17.37 -122.40
CA LEU JA 118 -25.88 -16.56 -121.71
C LEU JA 118 -24.72 -17.42 -121.25
N ALA JA 119 -25.05 -18.63 -120.81
CA ALA JA 119 -24.05 -19.55 -120.32
C ALA JA 119 -23.18 -20.11 -121.44
N THR JA 120 -23.70 -20.10 -122.65
CA THR JA 120 -22.94 -20.63 -123.79
C THR JA 120 -22.16 -19.50 -124.41
N GLY JA 121 -22.60 -18.28 -124.16
CA GLY JA 121 -21.95 -17.12 -124.73
C GLY JA 121 -20.75 -16.58 -123.97
N LEU JA 122 -20.93 -16.35 -122.67
CA LEU JA 122 -19.86 -15.83 -121.84
C LEU JA 122 -18.52 -16.48 -122.11
N PRO JA 123 -18.44 -17.81 -121.98
CA PRO JA 123 -17.18 -18.53 -122.21
C PRO JA 123 -16.56 -18.33 -123.60
N GLN JA 124 -17.25 -17.60 -124.46
CA GLN JA 124 -16.74 -17.34 -125.79
C GLN JA 124 -15.98 -16.04 -125.83
N VAL JA 125 -16.22 -15.17 -124.86
CA VAL JA 125 -15.54 -13.89 -124.80
C VAL JA 125 -14.58 -13.82 -123.64
N LEU JA 126 -14.78 -14.68 -122.66
CA LEU JA 126 -13.92 -14.71 -121.49
C LEU JA 126 -13.06 -15.95 -121.56
N ASP JA 127 -11.74 -15.78 -121.56
CA ASP JA 127 -10.84 -16.92 -121.61
C ASP JA 127 -10.90 -17.69 -120.29
N ASP JA 128 -11.08 -16.96 -119.20
CA ASP JA 128 -11.17 -17.59 -117.88
C ASP JA 128 -12.62 -17.57 -117.44
N TYR JA 129 -13.25 -18.73 -117.48
CA TYR JA 129 -14.66 -18.88 -117.13
C TYR JA 129 -14.86 -20.09 -116.23
N ASP JA 130 -15.61 -19.91 -115.15
CA ASP JA 130 -15.88 -20.99 -114.23
C ASP JA 130 -17.34 -21.31 -114.29
N ALA JA 131 -17.72 -22.14 -115.24
CA ALA JA 131 -19.12 -22.52 -115.45
C ALA JA 131 -19.91 -22.75 -114.16
N LEU JA 132 -19.35 -23.52 -113.23
CA LEU JA 132 -20.04 -23.81 -111.99
C LEU JA 132 -20.41 -22.58 -111.22
N ALA JA 133 -19.45 -21.69 -111.00
CA ALA JA 133 -19.73 -20.46 -110.25
C ALA JA 133 -20.79 -19.64 -110.96
N TRP JA 134 -20.56 -19.36 -112.23
CA TRP JA 134 -21.51 -18.58 -112.99
C TRP JA 134 -22.92 -19.13 -112.98
N LYS JA 135 -23.09 -20.38 -113.39
CA LYS JA 135 -24.42 -20.97 -113.44
C LYS JA 135 -25.10 -20.76 -112.10
N SER JA 136 -24.38 -20.98 -111.01
CA SER JA 136 -24.92 -20.80 -109.67
C SER JA 136 -25.50 -19.40 -109.48
N CYS JA 137 -24.71 -18.38 -109.82
CA CYS JA 137 -25.14 -17.00 -109.68
C CYS JA 137 -26.17 -16.55 -110.72
N LEU JA 138 -25.93 -16.83 -111.98
CA LEU JA 138 -26.88 -16.42 -112.99
C LEU JA 138 -28.26 -16.95 -112.65
N LYS JA 139 -28.33 -18.18 -112.12
CA LYS JA 139 -29.61 -18.78 -111.77
C LYS JA 139 -30.32 -17.88 -110.78
N GLY JA 140 -29.69 -17.65 -109.64
CA GLY JA 140 -30.27 -16.79 -108.61
C GLY JA 140 -30.77 -15.48 -109.18
N ILE JA 141 -30.02 -14.88 -110.09
CA ILE JA 141 -30.41 -13.61 -110.67
C ILE JA 141 -31.60 -13.75 -111.57
N LEU JA 142 -31.45 -14.52 -112.64
CA LEU JA 142 -32.53 -14.73 -113.59
C LEU JA 142 -33.85 -15.09 -112.89
N THR JA 143 -33.77 -15.98 -111.91
CA THR JA 143 -34.97 -16.39 -111.18
C THR JA 143 -35.66 -15.20 -110.50
N LYS JA 144 -34.92 -14.51 -109.64
CA LYS JA 144 -35.47 -13.37 -108.91
C LYS JA 144 -36.03 -12.30 -109.82
N ILE JA 145 -35.49 -12.20 -111.04
CA ILE JA 145 -35.98 -11.19 -111.98
C ILE JA 145 -37.33 -11.55 -112.60
N SER JA 146 -37.54 -12.83 -112.85
CA SER JA 146 -38.76 -13.31 -113.46
C SER JA 146 -39.81 -13.80 -112.47
N SER JA 147 -39.41 -13.89 -111.20
CA SER JA 147 -40.05 -14.76 -110.26
C SER JA 147 -41.39 -14.17 -110.04
N ARG JA 148 -41.40 -12.84 -110.13
CA ARG JA 148 -42.67 -12.24 -110.35
C ARG JA 148 -42.95 -12.22 -111.80
N LEU JA 149 -44.17 -12.70 -112.12
CA LEU JA 149 -44.70 -12.90 -113.42
C LEU JA 149 -45.60 -11.68 -113.58
N GLU KA 1 -16.13 -15.92 -143.75
CA GLU KA 1 -15.11 -15.18 -142.96
C GLU KA 1 -15.18 -15.70 -141.57
N CYS KA 2 -14.80 -14.87 -140.58
CA CYS KA 2 -14.66 -15.39 -139.25
C CYS KA 2 -15.83 -14.92 -138.44
N LEU KA 3 -15.93 -15.41 -137.18
CA LEU KA 3 -17.03 -15.07 -136.33
C LEU KA 3 -16.62 -13.90 -135.51
N VAL KA 4 -17.60 -13.04 -135.17
CA VAL KA 4 -17.33 -11.78 -134.59
C VAL KA 4 -16.67 -11.95 -133.26
N THR KA 5 -17.04 -13.02 -132.51
CA THR KA 5 -16.33 -13.40 -131.30
C THR KA 5 -14.96 -14.00 -131.60
N GLU KA 6 -14.94 -14.94 -132.54
CA GLU KA 6 -13.69 -15.59 -132.92
C GLU KA 6 -12.61 -14.56 -133.25
N SER KA 7 -13.00 -13.31 -133.47
CA SER KA 7 -12.04 -12.25 -133.77
C SER KA 7 -11.61 -11.63 -132.47
N LEU KA 8 -12.57 -11.03 -131.77
CA LEU KA 8 -12.32 -10.38 -130.49
C LEU KA 8 -11.40 -11.25 -129.65
N LYS KA 9 -11.61 -12.56 -129.70
CA LYS KA 9 -10.79 -13.51 -128.97
C LYS KA 9 -9.33 -13.38 -129.39
N VAL KA 10 -9.10 -13.35 -130.70
CA VAL KA 10 -7.76 -13.21 -131.22
C VAL KA 10 -7.23 -11.81 -130.94
N LYS KA 11 -8.05 -10.80 -131.22
CA LYS KA 11 -7.65 -9.41 -131.00
C LYS KA 11 -7.14 -9.29 -129.56
N LEU KA 12 -7.85 -9.94 -128.64
CA LEU KA 12 -7.51 -9.90 -127.23
C LEU KA 12 -6.26 -10.68 -126.91
N GLN KA 13 -6.23 -11.95 -127.30
CA GLN KA 13 -5.06 -12.78 -127.04
C GLN KA 13 -3.79 -12.24 -127.67
N TRP KA 14 -3.94 -11.66 -128.85
CA TRP KA 14 -2.77 -11.09 -129.52
C TRP KA 14 -2.15 -10.08 -128.59
N ALA KA 15 -2.99 -9.29 -127.94
CA ALA KA 15 -2.51 -8.29 -127.02
C ALA KA 15 -1.55 -8.87 -126.00
N SER KA 16 -2.03 -9.81 -125.19
CA SER KA 16 -1.23 -10.44 -124.15
C SER KA 16 0.04 -11.09 -124.68
N ALA KA 17 -0.11 -11.85 -125.75
CA ALA KA 17 1.03 -12.53 -126.35
C ALA KA 17 2.11 -11.63 -126.93
N PHE KA 18 1.72 -10.78 -127.89
CA PHE KA 18 2.63 -9.87 -128.54
C PHE KA 18 3.35 -9.05 -127.48
N GLY KA 19 2.60 -8.24 -126.76
CA GLY KA 19 3.19 -7.45 -125.71
C GLY KA 19 3.56 -6.04 -126.09
N HIS KA 20 4.55 -5.48 -125.40
CA HIS KA 20 5.01 -4.12 -125.67
C HIS KA 20 6.52 -4.00 -125.64
N ALA KA 21 7.05 -3.02 -126.37
CA ALA KA 21 8.49 -2.76 -126.42
C ALA KA 21 9.32 -4.00 -126.68
N HIS KA 22 10.40 -4.13 -125.91
CA HIS KA 22 11.30 -5.25 -126.05
C HIS KA 22 10.57 -6.59 -126.11
N GLU KA 23 9.60 -6.78 -125.24
CA GLU KA 23 8.84 -8.02 -125.18
C GLU KA 23 8.50 -8.52 -126.57
N ARG KA 24 8.34 -7.58 -127.49
CA ARG KA 24 8.00 -7.88 -128.88
C ARG KA 24 9.18 -8.40 -129.67
N VAL KA 25 10.24 -7.61 -129.71
CA VAL KA 25 11.43 -8.03 -130.45
C VAL KA 25 11.72 -9.48 -130.10
N ALA KA 26 11.59 -9.79 -128.81
CA ALA KA 26 11.83 -11.13 -128.30
C ALA KA 26 10.93 -12.10 -129.01
N PHE KA 27 9.66 -11.74 -129.10
CA PHE KA 27 8.68 -12.57 -129.77
C PHE KA 27 9.09 -12.75 -131.21
N GLY KA 28 9.22 -11.63 -131.93
CA GLY KA 28 9.61 -11.70 -133.33
C GLY KA 28 10.79 -12.62 -133.52
N LEU KA 29 11.86 -12.35 -132.79
CA LEU KA 29 13.06 -13.18 -132.88
C LEU KA 29 12.74 -14.67 -132.71
N GLU KA 30 12.20 -15.03 -131.56
CA GLU KA 30 11.85 -16.43 -131.28
C GLU KA 30 11.10 -17.03 -132.46
N LEU KA 31 10.16 -16.28 -133.02
CA LEU KA 31 9.36 -16.74 -134.15
C LEU KA 31 10.20 -17.06 -135.37
N TRP KA 32 10.84 -16.04 -135.93
CA TRP KA 32 11.65 -16.25 -137.12
C TRP KA 32 12.72 -17.30 -136.96
N ARG KA 33 13.29 -17.43 -135.77
CA ARG KA 33 14.33 -18.45 -135.56
C ARG KA 33 13.72 -19.81 -135.84
N ASP KA 34 12.65 -20.14 -135.13
CA ASP KA 34 11.98 -21.42 -135.32
C ASP KA 34 11.62 -21.65 -136.78
N ILE KA 35 11.19 -20.60 -137.47
CA ILE KA 35 10.81 -20.70 -138.88
C ILE KA 35 11.99 -21.02 -139.77
N ILE KA 36 13.05 -20.26 -139.64
CA ILE KA 36 14.23 -20.47 -140.46
C ILE KA 36 14.94 -21.80 -140.20
N ASP KA 37 14.89 -22.30 -138.97
CA ASP KA 37 15.54 -23.57 -138.69
C ASP KA 37 14.80 -24.70 -139.36
N ASP KA 38 13.48 -24.55 -139.45
CA ASP KA 38 12.63 -25.56 -140.05
C ASP KA 38 12.76 -25.55 -141.57
N HIS KA 39 12.83 -24.36 -142.16
CA HIS KA 39 12.94 -24.21 -143.61
C HIS KA 39 13.97 -23.16 -144.01
N PRO KA 40 15.26 -23.52 -143.96
CA PRO KA 40 16.34 -22.60 -144.32
C PRO KA 40 16.25 -22.02 -145.72
N GLU KA 41 15.30 -22.49 -146.51
CA GLU KA 41 15.13 -21.99 -147.85
C GLU KA 41 14.74 -20.52 -147.80
N ILE KA 42 14.18 -20.11 -146.68
CA ILE KA 42 13.72 -18.73 -146.51
C ILE KA 42 14.83 -17.69 -146.36
N LYS KA 43 15.97 -18.09 -145.85
CA LYS KA 43 17.07 -17.14 -145.68
C LYS KA 43 17.38 -16.45 -147.01
N ALA KA 44 16.82 -16.99 -148.09
CA ALA KA 44 17.06 -16.44 -149.42
C ALA KA 44 16.50 -15.04 -149.66
N PRO KA 45 15.17 -14.91 -149.72
CA PRO KA 45 14.57 -13.59 -149.95
C PRO KA 45 14.86 -12.56 -148.88
N PHE KA 46 15.22 -13.03 -147.69
CA PHE KA 46 15.52 -12.16 -146.57
C PHE KA 46 16.97 -11.70 -146.66
N SER KA 47 17.55 -11.81 -147.85
CA SER KA 47 18.93 -11.41 -148.07
C SER KA 47 19.12 -9.91 -147.89
N ARG KA 48 18.11 -9.14 -148.24
CA ARG KA 48 18.18 -7.70 -148.13
C ARG KA 48 18.25 -7.26 -146.68
N VAL KA 49 17.55 -7.98 -145.82
CA VAL KA 49 17.51 -7.68 -144.39
C VAL KA 49 18.32 -8.70 -143.57
N ARG KA 50 19.58 -8.87 -143.93
CA ARG KA 50 20.47 -9.81 -143.24
C ARG KA 50 19.72 -10.94 -142.57
N GLY KA 51 19.19 -11.84 -143.39
CA GLY KA 51 18.44 -12.97 -142.87
C GLY KA 51 19.34 -14.06 -142.36
N ASP KA 52 20.63 -13.97 -142.65
CA ASP KA 52 21.59 -14.98 -142.19
C ASP KA 52 21.76 -14.85 -140.68
N ASN KA 53 21.80 -13.60 -140.22
CA ASN KA 53 21.96 -13.27 -138.79
C ASN KA 53 20.67 -12.61 -138.28
N ILE KA 54 19.72 -13.42 -137.80
CA ILE KA 54 18.46 -12.90 -137.33
C ILE KA 54 18.60 -12.03 -136.09
N TYR KA 55 19.73 -12.12 -135.41
CA TYR KA 55 19.93 -11.32 -134.20
C TYR KA 55 20.40 -9.90 -134.54
N SER KA 56 20.77 -9.70 -135.80
CA SER KA 56 21.26 -8.41 -136.26
C SER KA 56 20.19 -7.36 -136.18
N PRO KA 57 20.57 -6.08 -136.09
CA PRO KA 57 19.60 -5.01 -136.01
C PRO KA 57 18.86 -4.90 -137.35
N GLU KA 58 19.58 -5.09 -138.44
CA GLU KA 58 18.97 -5.02 -139.77
C GLU KA 58 17.76 -5.93 -139.83
N PHE KA 59 17.95 -7.19 -139.48
CA PHE KA 59 16.86 -8.17 -139.49
C PHE KA 59 15.87 -7.85 -138.38
N GLY KA 60 16.39 -7.51 -137.21
CA GLY KA 60 15.53 -7.16 -136.09
C GLY KA 60 14.49 -6.15 -136.53
N ALA KA 61 14.94 -5.12 -137.24
CA ALA KA 61 14.06 -4.07 -137.73
C ALA KA 61 12.98 -4.77 -138.51
N HIS KA 62 13.39 -5.46 -139.56
CA HIS KA 62 12.47 -6.21 -140.40
C HIS KA 62 11.45 -6.97 -139.55
N SER KA 63 11.97 -7.88 -138.74
CA SER KA 63 11.16 -8.69 -137.84
C SER KA 63 10.00 -7.90 -137.29
N GLN KA 64 10.33 -6.75 -136.70
CA GLN KA 64 9.33 -5.86 -136.11
C GLN KA 64 8.32 -5.36 -137.15
N ARG KA 65 8.81 -4.81 -138.26
CA ARG KA 65 7.95 -4.29 -139.31
C ARG KA 65 6.89 -5.32 -139.66
N VAL KA 66 7.32 -6.58 -139.73
CA VAL KA 66 6.43 -7.68 -140.05
C VAL KA 66 5.35 -7.81 -139.00
N LEU KA 67 5.74 -8.19 -137.80
CA LEU KA 67 4.79 -8.34 -136.74
C LEU KA 67 3.82 -7.16 -136.73
N SER KA 68 4.34 -5.95 -136.90
CA SER KA 68 3.49 -4.77 -136.89
C SER KA 68 2.36 -4.92 -137.87
N GLY KA 69 2.71 -5.23 -139.11
CA GLY KA 69 1.68 -5.42 -140.13
C GLY KA 69 0.66 -6.45 -139.68
N LEU KA 70 1.16 -7.53 -139.09
CA LEU KA 70 0.30 -8.58 -138.58
C LEU KA 70 -0.62 -7.96 -137.56
N ASP KA 71 -0.09 -7.05 -136.75
CA ASP KA 71 -0.92 -6.38 -135.74
C ASP KA 71 -2.05 -5.68 -136.45
N ILE KA 72 -1.71 -4.88 -137.46
CA ILE KA 72 -2.73 -4.15 -138.22
C ILE KA 72 -3.81 -5.07 -138.71
N THR KA 73 -3.44 -6.03 -139.55
CA THR KA 73 -4.41 -6.98 -140.06
C THR KA 73 -5.31 -7.47 -138.93
N ILE KA 74 -4.73 -8.01 -137.87
CA ILE KA 74 -5.53 -8.50 -136.74
C ILE KA 74 -6.46 -7.44 -136.16
N SER KA 75 -5.96 -6.21 -135.93
CA SER KA 75 -6.89 -5.30 -135.29
C SER KA 75 -7.81 -4.79 -136.34
N MET KA 76 -7.47 -5.04 -137.61
CA MET KA 76 -8.24 -4.75 -138.78
C MET KA 76 -9.45 -5.64 -138.83
N LEU KA 77 -9.33 -6.90 -138.38
CA LEU KA 77 -10.24 -7.97 -138.62
C LEU KA 77 -11.61 -7.59 -138.11
N ASP KA 78 -11.64 -7.06 -136.89
CA ASP KA 78 -12.81 -6.91 -136.09
C ASP KA 78 -13.87 -6.16 -136.85
N THR KA 79 -13.46 -5.10 -137.60
CA THR KA 79 -14.41 -4.37 -138.37
C THR KA 79 -14.14 -4.69 -139.80
N PRO KA 80 -15.09 -5.32 -140.41
CA PRO KA 80 -14.98 -5.89 -141.76
C PRO KA 80 -14.56 -4.94 -142.87
N ASP KA 81 -15.17 -3.75 -142.91
CA ASP KA 81 -14.86 -2.77 -143.96
C ASP KA 81 -13.39 -2.40 -143.99
N MET KA 82 -12.75 -2.31 -142.82
CA MET KA 82 -11.35 -1.96 -142.75
C MET KA 82 -10.48 -3.15 -143.11
N LEU KA 83 -10.87 -4.32 -142.63
CA LEU KA 83 -10.11 -5.53 -142.90
C LEU KA 83 -10.09 -5.83 -144.39
N ALA KA 84 -11.29 -5.92 -144.96
CA ALA KA 84 -11.44 -6.21 -146.38
C ALA KA 84 -10.52 -5.29 -147.19
N ALA KA 85 -10.44 -4.03 -146.77
CA ALA KA 85 -9.61 -3.04 -147.44
C ALA KA 85 -8.14 -3.30 -147.19
N GLN KA 86 -7.79 -3.44 -145.92
CA GLN KA 86 -6.41 -3.69 -145.50
C GLN KA 86 -5.89 -4.94 -146.18
N LEU KA 87 -6.67 -6.01 -146.15
CA LEU KA 87 -6.26 -7.25 -146.77
C LEU KA 87 -5.96 -7.02 -148.24
N ALA KA 88 -6.91 -6.40 -148.94
CA ALA KA 88 -6.72 -6.13 -150.36
C ALA KA 88 -5.42 -5.37 -150.58
N HIS KA 89 -5.14 -4.41 -149.70
CA HIS KA 89 -3.92 -3.62 -149.78
C HIS KA 89 -2.68 -4.50 -149.64
N LEU KA 90 -2.74 -5.48 -148.75
CA LEU KA 90 -1.60 -6.36 -148.54
C LEU KA 90 -1.40 -7.27 -149.74
N LYS KA 91 -2.49 -7.77 -150.30
CA LYS KA 91 -2.41 -8.68 -151.43
C LYS KA 91 -1.57 -8.07 -152.55
N VAL KA 92 -1.78 -6.78 -152.79
CA VAL KA 92 -1.05 -6.09 -153.83
C VAL KA 92 0.45 -6.08 -153.57
N GLN KA 93 0.85 -5.71 -152.36
CA GLN KA 93 2.26 -5.66 -152.01
C GLN KA 93 2.94 -7.01 -152.16
N HIS KA 94 2.15 -8.05 -152.38
CA HIS KA 94 2.68 -9.41 -152.52
C HIS KA 94 2.58 -9.99 -153.92
N VAL KA 95 1.40 -9.99 -154.49
CA VAL KA 95 1.18 -10.53 -155.82
C VAL KA 95 2.31 -10.23 -156.81
N GLU KA 96 2.80 -8.98 -156.78
CA GLU KA 96 3.73 -8.49 -157.74
C GLU KA 96 4.90 -9.39 -157.66
N ARG KA 97 5.45 -9.47 -156.43
CA ARG KA 97 6.57 -10.33 -156.24
C ARG KA 97 6.05 -11.69 -156.26
N ASN KA 98 6.98 -12.61 -156.50
CA ASN KA 98 6.66 -13.99 -156.56
C ASN KA 98 7.07 -14.56 -155.28
N LEU KA 99 6.24 -15.46 -154.79
CA LEU KA 99 6.64 -16.06 -153.58
C LEU KA 99 6.27 -17.49 -153.72
N LYS KA 100 6.60 -18.32 -152.69
CA LYS KA 100 6.01 -19.62 -152.68
C LYS KA 100 4.96 -19.60 -151.64
N PRO KA 101 3.81 -19.99 -152.08
CA PRO KA 101 2.61 -19.93 -151.31
C PRO KA 101 2.76 -20.70 -150.04
N GLU KA 102 3.53 -21.80 -150.05
CA GLU KA 102 3.63 -22.67 -148.89
C GLU KA 102 4.38 -22.00 -147.73
N PHE KA 103 5.19 -21.00 -148.04
CA PHE KA 103 5.94 -20.28 -147.02
C PHE KA 103 5.02 -19.74 -145.96
N PHE KA 104 3.92 -19.15 -146.40
CA PHE KA 104 2.94 -18.58 -145.49
C PHE KA 104 2.30 -19.66 -144.66
N ASP KA 105 2.01 -20.81 -145.26
CA ASP KA 105 1.42 -21.91 -144.52
C ASP KA 105 2.37 -22.30 -143.41
N ILE KA 106 3.66 -22.07 -143.65
CA ILE KA 106 4.71 -22.36 -142.67
C ILE KA 106 4.67 -21.29 -141.59
N PHE KA 107 4.77 -20.04 -142.03
CA PHE KA 107 4.73 -18.92 -141.11
C PHE KA 107 3.60 -19.12 -140.12
N LEU KA 108 2.41 -19.40 -140.63
CA LEU KA 108 1.24 -19.61 -139.79
C LEU KA 108 1.49 -20.73 -138.80
N LYS KA 109 2.00 -21.86 -139.28
CA LYS KA 109 2.26 -23.00 -138.41
C LYS KA 109 2.99 -22.54 -137.16
N HIS KA 110 4.09 -21.82 -137.36
CA HIS KA 110 4.89 -21.33 -136.22
C HIS KA 110 4.22 -20.24 -135.39
N LEU KA 111 3.68 -19.22 -136.04
CA LEU KA 111 3.01 -18.16 -135.33
C LEU KA 111 2.09 -18.76 -134.28
N LEU KA 112 1.43 -19.87 -134.64
CA LEU KA 112 0.51 -20.54 -133.73
C LEU KA 112 1.29 -21.30 -132.66
N HIS KA 113 2.34 -21.96 -133.09
CA HIS KA 113 3.19 -22.71 -132.18
C HIS KA 113 3.68 -21.76 -131.08
N VAL KA 114 4.21 -20.60 -131.49
CA VAL KA 114 4.71 -19.62 -130.56
C VAL KA 114 3.62 -19.09 -129.64
N LEU KA 115 2.53 -18.58 -130.21
CA LEU KA 115 1.44 -18.06 -129.39
C LEU KA 115 1.03 -19.15 -128.40
N GLY KA 116 1.14 -20.39 -128.84
CA GLY KA 116 0.79 -21.52 -128.00
C GLY KA 116 1.58 -21.44 -126.72
N ASP KA 117 2.89 -21.26 -126.83
CA ASP KA 117 3.76 -21.17 -125.68
C ASP KA 117 3.38 -19.96 -124.84
N ARG KA 118 3.37 -18.79 -125.48
CA ARG KA 118 3.04 -17.55 -124.79
C ARG KA 118 1.71 -17.58 -124.02
N LEU KA 119 0.64 -17.99 -124.71
CA LEU KA 119 -0.67 -18.01 -124.09
C LEU KA 119 -0.98 -19.21 -123.21
N GLY KA 120 -0.35 -20.35 -123.50
CA GLY KA 120 -0.61 -21.53 -122.70
C GLY KA 120 -1.77 -22.36 -123.21
N THR KA 121 -2.54 -22.92 -122.28
CA THR KA 121 -3.68 -23.76 -122.65
C THR KA 121 -4.93 -22.96 -123.00
N HIS KA 122 -4.94 -21.70 -122.59
CA HIS KA 122 -6.07 -20.82 -122.87
C HIS KA 122 -6.14 -20.51 -124.35
N PHE KA 123 -4.97 -20.55 -125.00
CA PHE KA 123 -4.85 -20.24 -126.40
C PHE KA 123 -5.96 -20.84 -127.22
N ASP KA 124 -6.80 -19.99 -127.82
CA ASP KA 124 -7.91 -20.50 -128.63
C ASP KA 124 -7.45 -20.81 -130.05
N PHE KA 125 -6.82 -21.96 -130.20
CA PHE KA 125 -6.31 -22.42 -131.47
C PHE KA 125 -7.36 -22.24 -132.55
N GLY KA 126 -8.53 -22.82 -132.31
CA GLY KA 126 -9.60 -22.71 -133.27
C GLY KA 126 -9.73 -21.30 -133.82
N ALA KA 127 -10.04 -20.36 -132.92
CA ALA KA 127 -10.22 -18.97 -133.31
C ALA KA 127 -9.07 -18.44 -134.17
N TRP KA 128 -7.84 -18.66 -133.72
CA TRP KA 128 -6.71 -18.17 -134.48
C TRP KA 128 -6.63 -18.79 -135.85
N HIS KA 129 -6.60 -20.12 -135.91
CA HIS KA 129 -6.49 -20.82 -137.19
C HIS KA 129 -7.51 -20.26 -138.16
N ASP KA 130 -8.77 -20.28 -137.75
CA ASP KA 130 -9.84 -19.76 -138.59
C ASP KA 130 -9.59 -18.31 -138.97
N CYS KA 131 -9.08 -17.55 -138.01
CA CYS KA 131 -8.86 -16.13 -138.26
C CYS KA 131 -7.56 -15.65 -138.93
N VAL KA 132 -6.42 -16.13 -138.47
CA VAL KA 132 -5.18 -15.71 -139.08
C VAL KA 132 -5.10 -16.26 -140.49
N ASP KA 133 -5.69 -17.44 -140.69
CA ASP KA 133 -5.68 -18.07 -142.00
C ASP KA 133 -6.18 -17.06 -142.99
N GLN KA 134 -7.40 -16.55 -142.73
CA GLN KA 134 -8.07 -15.53 -143.55
C GLN KA 134 -7.15 -14.29 -143.89
N ILE KA 135 -6.17 -14.05 -143.03
CA ILE KA 135 -5.23 -12.98 -143.28
C ILE KA 135 -4.12 -13.43 -144.22
N ILE KA 136 -3.72 -14.70 -144.12
CA ILE KA 136 -2.68 -15.19 -144.98
C ILE KA 136 -3.14 -15.33 -146.44
N ASP KA 137 -4.24 -16.02 -146.67
CA ASP KA 137 -4.72 -16.19 -148.03
C ASP KA 137 -4.81 -14.86 -148.77
N GLY KA 138 -5.24 -13.82 -148.04
CA GLY KA 138 -5.49 -12.56 -148.65
C GLY KA 138 -4.21 -12.07 -149.22
N ILE KA 139 -3.09 -12.22 -148.48
CA ILE KA 139 -1.84 -11.66 -148.93
C ILE KA 139 -1.32 -12.40 -150.10
N LYS KA 140 -1.42 -13.74 -150.00
CA LYS KA 140 -0.92 -14.62 -151.02
C LYS KA 140 -1.79 -14.35 -152.26
N ASP LA 1 42.81 -39.03 -95.67
CA ASP LA 1 41.58 -39.30 -94.90
C ASP LA 1 40.49 -38.86 -95.77
N CYS LA 2 39.38 -38.41 -95.18
CA CYS LA 2 38.61 -37.90 -96.24
C CYS LA 2 38.54 -36.43 -96.17
N CYS LA 3 37.85 -35.98 -97.21
CA CYS LA 3 37.66 -34.64 -97.55
C CYS LA 3 36.35 -34.32 -96.95
N SER LA 4 36.34 -33.17 -96.25
CA SER LA 4 35.16 -32.56 -95.70
C SER LA 4 34.60 -31.73 -96.82
N TYR LA 5 33.32 -31.47 -96.73
CA TYR LA 5 32.53 -30.63 -97.60
C TYR LA 5 33.03 -29.20 -97.45
N GLU LA 6 33.33 -28.81 -96.22
CA GLU LA 6 33.82 -27.46 -95.97
C GLU LA 6 35.09 -27.26 -96.77
N ASP LA 7 35.99 -28.23 -96.67
CA ASP LA 7 37.25 -28.15 -97.38
C ASP LA 7 37.00 -27.99 -98.88
N ARG LA 8 36.04 -28.73 -99.41
CA ARG LA 8 35.74 -28.61 -100.81
C ARG LA 8 35.39 -27.15 -101.08
N ARG LA 9 34.48 -26.61 -100.28
CA ARG LA 9 34.09 -25.22 -100.43
C ARG LA 9 35.32 -24.31 -100.38
N GLU LA 10 36.22 -24.57 -99.44
CA GLU LA 10 37.45 -23.78 -99.32
C GLU LA 10 38.19 -23.74 -100.66
N ILE LA 11 38.41 -24.92 -101.22
CA ILE LA 11 39.10 -25.04 -102.48
C ILE LA 11 38.29 -24.41 -103.61
N ARG LA 12 37.02 -24.77 -103.72
CA ARG LA 12 36.16 -24.24 -104.79
C ARG LA 12 36.30 -22.73 -104.85
N HIS LA 13 36.88 -22.15 -103.81
CA HIS LA 13 37.10 -20.71 -103.73
C HIS LA 13 38.56 -20.41 -104.02
N ILE LA 14 39.45 -21.05 -103.26
CA ILE LA 14 40.87 -20.85 -103.47
C ILE LA 14 41.18 -20.90 -104.97
N TRP LA 15 40.54 -21.84 -105.68
CA TRP LA 15 40.78 -21.99 -107.11
C TRP LA 15 40.34 -20.74 -107.86
N ASP LA 16 39.13 -20.28 -107.59
CA ASP LA 16 38.60 -19.09 -108.26
C ASP LA 16 39.55 -17.89 -108.19
N ASP LA 17 40.64 -18.03 -107.46
CA ASP LA 17 41.61 -16.94 -107.34
C ASP LA 17 42.80 -17.16 -108.27
N VAL LA 18 43.12 -18.42 -108.55
CA VAL LA 18 44.22 -18.72 -109.44
C VAL LA 18 43.70 -18.80 -110.85
N TRP LA 19 42.53 -19.39 -111.05
CA TRP LA 19 42.12 -19.67 -112.40
C TRP LA 19 41.81 -18.37 -113.14
N SER LA 20 41.37 -17.35 -112.39
CA SER LA 20 40.11 -16.67 -112.57
C SER LA 20 39.91 -16.14 -113.95
N SER LA 21 40.91 -15.40 -114.46
CA SER LA 21 40.78 -14.58 -115.63
C SER LA 21 40.66 -15.45 -116.86
N SER LA 22 40.10 -14.91 -117.94
CA SER LA 22 39.78 -15.78 -119.05
C SER LA 22 41.03 -16.18 -119.73
N PHE LA 23 41.98 -15.28 -119.61
CA PHE LA 23 43.28 -15.25 -120.18
C PHE LA 23 44.06 -16.47 -119.85
N THR LA 24 44.74 -17.06 -120.87
CA THR LA 24 45.84 -17.94 -120.53
C THR LA 24 46.92 -17.34 -119.63
N ASP LA 25 47.55 -16.25 -120.10
CA ASP LA 25 48.60 -15.55 -119.36
C ASP LA 25 48.81 -15.94 -117.89
N ARG LA 26 47.83 -15.66 -117.04
CA ARG LA 26 47.96 -15.97 -115.62
C ARG LA 26 48.16 -17.46 -115.32
N ARG LA 27 47.13 -18.27 -115.61
CA ARG LA 27 47.22 -19.70 -115.35
C ARG LA 27 48.52 -20.28 -115.82
N VAL LA 28 48.98 -19.81 -116.98
CA VAL LA 28 50.24 -20.29 -117.53
C VAL LA 28 51.39 -20.06 -116.56
N ALA LA 29 51.69 -18.80 -116.28
CA ALA LA 29 52.76 -18.45 -115.38
C ALA LA 29 52.70 -19.27 -114.09
N ILE LA 30 51.51 -19.51 -113.56
CA ILE LA 30 51.39 -20.28 -112.32
C ILE LA 30 51.76 -21.73 -112.54
N VAL LA 31 51.08 -22.42 -113.44
CA VAL LA 31 51.37 -23.82 -113.71
C VAL LA 31 52.83 -23.98 -114.05
N ARG LA 32 53.38 -23.02 -114.78
CA ARG LA 32 54.79 -23.08 -115.14
C ARG LA 32 55.57 -23.03 -113.83
N ALA LA 33 55.42 -21.92 -113.11
CA ALA LA 33 56.11 -21.74 -111.84
C ALA LA 33 56.04 -23.00 -110.99
N VAL LA 34 54.97 -23.78 -111.17
CA VAL LA 34 54.80 -25.02 -110.42
C VAL LA 34 55.79 -26.05 -110.94
N PHE LA 35 55.79 -26.25 -112.24
CA PHE LA 35 56.71 -27.20 -112.83
C PHE LA 35 58.16 -26.85 -112.59
N ASP LA 36 58.50 -25.57 -112.71
CA ASP LA 36 59.88 -25.14 -112.48
C ASP LA 36 60.35 -25.63 -111.11
N ASP LA 37 59.42 -25.72 -110.17
CA ASP LA 37 59.73 -26.19 -108.82
C ASP LA 37 59.81 -27.70 -108.79
N LEU LA 38 59.15 -28.36 -109.73
CA LEU LA 38 59.17 -29.81 -109.82
C LEU LA 38 60.50 -30.22 -110.40
N PHE LA 39 60.93 -29.49 -111.41
CA PHE LA 39 62.19 -29.77 -112.07
C PHE LA 39 63.41 -29.40 -111.23
N LYS LA 40 63.30 -28.36 -110.43
CA LYS LA 40 64.44 -27.96 -109.61
C LYS LA 40 64.66 -29.00 -108.53
N HIS LA 41 63.63 -29.79 -108.23
CA HIS LA 41 63.71 -30.81 -107.18
C HIS LA 41 63.82 -32.24 -107.70
N TYR LA 42 63.14 -32.53 -108.80
CA TYR LA 42 63.21 -33.85 -109.40
C TYR LA 42 63.55 -33.63 -110.87
N PRO LA 43 64.78 -33.13 -111.14
CA PRO LA 43 65.28 -32.85 -112.48
C PRO LA 43 65.10 -33.96 -113.50
N THR LA 44 65.05 -35.19 -113.03
CA THR LA 44 64.87 -36.33 -113.90
C THR LA 44 63.61 -36.19 -114.77
N SER LA 45 62.50 -35.84 -114.14
CA SER LA 45 61.22 -35.68 -114.81
C SER LA 45 61.28 -34.77 -116.02
N LYS LA 46 62.13 -33.75 -115.99
CA LYS LA 46 62.24 -32.80 -117.10
C LYS LA 46 62.21 -33.49 -118.45
N ALA LA 47 63.10 -34.46 -118.65
CA ALA LA 47 63.16 -35.19 -119.89
C ALA LA 47 61.80 -35.66 -120.43
N LEU LA 48 60.93 -36.12 -119.54
CA LEU LA 48 59.61 -36.61 -119.93
C LEU LA 48 58.81 -35.74 -120.87
N PHE LA 49 59.05 -34.43 -120.84
CA PHE LA 49 58.29 -33.52 -121.67
C PHE LA 49 58.99 -33.02 -122.93
N GLU LA 50 59.90 -33.81 -123.49
CA GLU LA 50 60.57 -33.37 -124.70
C GLU LA 50 59.55 -33.43 -125.82
N ARG LA 51 58.55 -34.27 -125.63
CA ARG LA 51 57.51 -34.43 -126.62
C ARG LA 51 56.77 -33.13 -126.88
N VAL LA 52 56.70 -32.29 -125.85
CA VAL LA 52 55.99 -31.02 -125.96
C VAL LA 52 56.97 -29.87 -126.10
N LYS LA 53 58.24 -30.20 -126.23
CA LYS LA 53 59.27 -29.20 -126.40
C LYS LA 53 59.50 -28.29 -125.21
N ILE LA 54 59.94 -28.85 -124.08
CA ILE LA 54 60.22 -28.04 -122.90
C ILE LA 54 61.49 -27.25 -123.09
N ASP LA 55 62.32 -27.68 -124.04
CA ASP LA 55 63.56 -26.98 -124.32
C ASP LA 55 63.26 -25.61 -124.90
N GLU LA 56 62.02 -25.41 -125.33
CA GLU LA 56 61.58 -24.13 -125.89
C GLU LA 56 60.48 -23.62 -124.97
N PRO LA 57 60.86 -23.07 -123.82
CA PRO LA 57 59.89 -22.56 -122.86
C PRO LA 57 58.75 -21.75 -123.46
N GLU LA 58 59.06 -20.74 -124.28
CA GLU LA 58 58.00 -19.92 -124.85
C GLU LA 58 57.44 -20.50 -126.13
N SER LA 59 57.85 -21.72 -126.44
CA SER LA 59 57.41 -22.41 -127.65
C SER LA 59 55.96 -22.21 -128.05
N GLY LA 60 55.05 -22.56 -127.16
CA GLY LA 60 53.64 -22.45 -127.51
C GLY LA 60 53.19 -23.88 -127.63
N GLU LA 61 54.05 -24.73 -128.16
CA GLU LA 61 53.73 -26.13 -128.28
C GLU LA 61 53.72 -26.60 -126.83
N PHE LA 62 54.56 -25.95 -126.04
CA PHE LA 62 54.73 -26.25 -124.62
C PHE LA 62 53.77 -25.44 -123.79
N LYS LA 63 53.63 -24.15 -124.09
CA LYS LA 63 52.71 -23.31 -123.34
C LYS LA 63 51.34 -23.98 -123.35
N SER LA 64 50.86 -24.34 -124.54
CA SER LA 64 49.57 -24.99 -124.68
C SER LA 64 49.53 -26.15 -123.71
N HIS LA 65 50.61 -26.92 -123.64
CA HIS LA 65 50.69 -28.06 -122.73
C HIS LA 65 50.36 -27.59 -121.33
N LEU LA 66 51.18 -26.69 -120.81
CA LEU LA 66 50.96 -26.15 -119.48
C LEU LA 66 49.47 -25.91 -119.24
N VAL LA 67 48.85 -25.21 -120.17
CA VAL LA 67 47.44 -24.91 -120.07
C VAL LA 67 46.63 -26.20 -119.90
N ARG LA 68 46.87 -27.19 -120.75
CA ARG LA 68 46.15 -28.45 -120.67
C ARG LA 68 46.27 -29.03 -119.28
N VAL LA 69 47.45 -28.92 -118.71
CA VAL LA 69 47.68 -29.43 -117.37
C VAL LA 69 46.83 -28.63 -116.44
N ALA LA 70 46.97 -27.31 -116.53
CA ALA LA 70 46.19 -26.41 -115.70
C ALA LA 70 44.73 -26.82 -115.81
N ASN LA 71 44.17 -26.68 -117.01
CA ASN LA 71 42.77 -27.05 -117.25
C ASN LA 71 42.41 -28.41 -116.74
N GLY LA 72 43.33 -29.37 -116.81
CA GLY LA 72 43.03 -30.71 -116.32
C GLY LA 72 42.82 -30.70 -114.82
N LEU LA 73 43.54 -29.81 -114.14
CA LEU LA 73 43.45 -29.66 -112.72
C LEU LA 73 42.13 -28.95 -112.45
N LYS LA 74 41.90 -27.87 -113.19
CA LYS LA 74 40.67 -27.10 -113.09
C LYS LA 74 39.49 -28.06 -113.16
N LEU LA 75 39.47 -28.89 -114.18
CA LEU LA 75 38.41 -29.87 -114.39
C LEU LA 75 38.23 -30.72 -113.14
N LEU LA 76 39.32 -31.11 -112.50
CA LEU LA 76 39.23 -31.92 -111.30
C LEU LA 76 38.47 -31.19 -110.21
N ILE LA 77 39.05 -30.08 -109.77
CA ILE LA 77 38.47 -29.24 -108.74
C ILE LA 77 36.99 -28.96 -109.04
N ASN LA 78 36.69 -28.53 -110.26
CA ASN LA 78 35.31 -28.23 -110.64
C ASN LA 78 34.45 -29.49 -110.77
N LEU LA 79 34.90 -30.58 -110.15
CA LEU LA 79 34.17 -31.83 -110.20
C LEU LA 79 33.95 -32.30 -108.79
N LEU LA 80 34.65 -31.68 -107.85
CA LEU LA 80 34.55 -32.03 -106.44
C LEU LA 80 33.14 -32.05 -105.88
N ASP LA 81 32.17 -31.49 -106.60
CA ASP LA 81 30.80 -31.50 -106.12
C ASP LA 81 30.00 -32.62 -106.77
N ASP LA 82 30.60 -33.29 -107.76
CA ASP LA 82 29.92 -34.39 -108.45
C ASP LA 82 30.61 -35.74 -108.28
N THR LA 83 31.16 -35.95 -107.09
CA THR LA 83 31.85 -37.16 -106.72
C THR LA 83 31.94 -38.29 -107.75
N LEU LA 84 30.83 -38.96 -108.01
CA LEU LA 84 30.80 -40.08 -108.95
C LEU LA 84 31.51 -39.86 -110.26
N VAL LA 85 31.34 -38.68 -110.84
CA VAL LA 85 32.00 -38.37 -112.11
C VAL LA 85 33.47 -38.16 -111.85
N LEU LA 86 33.77 -37.43 -110.79
CA LEU LA 86 35.16 -37.18 -110.43
C LEU LA 86 35.88 -38.51 -110.29
N GLN LA 87 35.27 -39.44 -109.56
CA GLN LA 87 35.85 -40.76 -109.33
C GLN LA 87 36.19 -41.48 -110.63
N SER LA 88 35.43 -41.23 -111.68
CA SER LA 88 35.70 -41.87 -112.96
C SER LA 88 36.77 -41.13 -113.74
N HIS LA 89 36.58 -39.83 -113.99
CA HIS LA 89 37.57 -39.06 -114.71
C HIS LA 89 38.88 -39.13 -113.98
N LEU LA 90 38.83 -39.31 -112.67
CA LEU LA 90 40.06 -39.38 -111.89
C LEU LA 90 40.82 -40.62 -112.32
N GLY LA 91 40.09 -41.68 -112.65
CA GLY LA 91 40.71 -42.90 -113.10
C GLY LA 91 41.27 -42.67 -114.48
N HIS LA 92 40.41 -42.20 -115.37
CA HIS LA 92 40.80 -41.89 -116.75
C HIS LA 92 42.08 -41.03 -116.77
N LEU LA 93 42.22 -40.16 -115.76
CA LEU LA 93 43.39 -39.29 -115.68
C LEU LA 93 44.61 -40.10 -115.30
N ALA LA 94 44.38 -41.21 -114.63
CA ALA LA 94 45.48 -42.08 -114.23
C ALA LA 94 45.97 -42.79 -115.48
N ASP LA 95 45.06 -43.49 -116.14
CA ASP LA 95 45.39 -44.22 -117.34
C ASP LA 95 46.16 -43.37 -118.35
N GLN LA 96 45.88 -42.08 -118.41
CA GLN LA 96 46.59 -41.20 -119.35
C GLN LA 96 48.03 -40.99 -118.92
N HIS LA 97 48.34 -41.39 -117.69
CA HIS LA 97 49.68 -41.21 -117.19
C HIS LA 97 50.38 -42.55 -117.02
N ILE LA 98 49.62 -43.64 -117.00
CA ILE LA 98 50.23 -44.95 -116.86
C ILE LA 98 50.84 -45.31 -118.20
N GLN LA 99 50.17 -44.91 -119.28
CA GLN LA 99 50.67 -45.20 -120.62
C GLN LA 99 51.79 -44.26 -121.00
N ARG LA 100 52.11 -43.33 -120.10
CA ARG LA 100 53.20 -42.40 -120.33
C ARG LA 100 54.41 -42.99 -119.63
N LYS LA 101 55.19 -43.75 -120.38
CA LYS LA 101 56.37 -44.42 -119.85
C LYS LA 101 57.35 -43.46 -119.20
N GLY LA 102 57.70 -43.73 -117.94
CA GLY LA 102 58.64 -42.89 -117.24
C GLY LA 102 58.06 -42.07 -116.11
N VAL LA 103 56.74 -42.10 -115.95
CA VAL LA 103 56.08 -41.33 -114.90
C VAL LA 103 56.00 -42.12 -113.61
N THR LA 104 56.78 -41.71 -112.60
CA THR LA 104 56.82 -42.40 -111.31
C THR LA 104 55.75 -41.94 -110.33
N LYS LA 105 55.56 -42.72 -109.28
CA LYS LA 105 54.58 -42.43 -108.26
C LYS LA 105 55.15 -41.25 -107.51
N GLU LA 106 56.47 -41.16 -107.55
CA GLU LA 106 57.20 -40.11 -106.88
C GLU LA 106 56.99 -38.74 -107.50
N TYR LA 107 57.20 -38.65 -108.80
CA TYR LA 107 57.04 -37.38 -109.49
C TYR LA 107 55.74 -36.70 -109.08
N PHE LA 108 54.69 -37.47 -108.85
CA PHE LA 108 53.42 -36.89 -108.45
C PHE LA 108 53.54 -36.30 -107.06
N ARG LA 109 54.01 -37.10 -106.11
CA ARG LA 109 54.16 -36.58 -104.76
C ARG LA 109 55.02 -35.33 -104.85
N GLY LA 110 55.82 -35.24 -105.90
CA GLY LA 110 56.70 -34.10 -106.07
C GLY LA 110 56.00 -32.86 -106.58
N ILE LA 111 55.07 -33.03 -107.50
CA ILE LA 111 54.36 -31.89 -108.06
C ILE LA 111 53.40 -31.42 -107.00
N GLY LA 112 53.06 -32.30 -106.08
CA GLY LA 112 52.15 -31.93 -105.01
C GLY LA 112 52.83 -30.92 -104.12
N GLU LA 113 54.09 -31.19 -103.83
CA GLU LA 113 54.87 -30.31 -102.98
C GLU LA 113 54.97 -28.99 -103.73
N ALA LA 114 55.16 -29.08 -105.04
CA ALA LA 114 55.27 -27.91 -105.90
C ALA LA 114 54.16 -26.89 -105.62
N PHE LA 115 52.92 -27.28 -105.87
CA PHE LA 115 51.81 -26.36 -105.63
C PHE LA 115 51.84 -25.79 -104.24
N ALA LA 116 52.00 -26.66 -103.26
CA ALA LA 116 52.02 -26.27 -101.86
C ALA LA 116 53.09 -25.23 -101.53
N ARG LA 117 53.96 -24.97 -102.50
CA ARG LA 117 55.04 -24.01 -102.32
C ARG LA 117 54.79 -22.81 -103.22
N VAL LA 118 54.09 -23.04 -104.32
CA VAL LA 118 53.80 -21.99 -105.27
C VAL LA 118 52.55 -21.23 -104.92
N LEU LA 119 51.42 -21.93 -104.92
CA LEU LA 119 50.15 -21.29 -104.62
C LEU LA 119 50.20 -20.29 -103.47
N PRO LA 120 50.76 -20.69 -102.31
CA PRO LA 120 50.82 -19.75 -101.19
C PRO LA 120 51.53 -18.43 -101.51
N GLN LA 121 52.07 -18.33 -102.71
CA GLN LA 121 52.78 -17.13 -103.13
C GLN LA 121 52.00 -16.35 -104.15
N VAL LA 122 51.12 -17.00 -104.90
CA VAL LA 122 50.35 -16.32 -105.93
C VAL LA 122 49.05 -15.73 -105.42
N LEU LA 123 48.64 -16.15 -104.23
CA LEU LA 123 47.42 -15.62 -103.66
C LEU LA 123 47.52 -15.71 -102.17
N SER LA 124 46.80 -14.82 -101.48
CA SER LA 124 46.79 -14.82 -100.03
C SER LA 124 45.57 -15.59 -99.57
N CYS LA 125 45.53 -15.91 -98.29
CA CYS LA 125 44.42 -16.66 -97.75
C CYS LA 125 44.37 -18.05 -98.37
N PHE LA 126 45.49 -18.73 -98.35
CA PHE LA 126 45.59 -20.08 -98.90
C PHE LA 126 45.64 -21.08 -97.75
N ASN LA 127 44.63 -21.93 -97.68
CA ASN LA 127 44.57 -22.92 -96.62
C ASN LA 127 45.42 -24.11 -97.01
N VAL LA 128 46.73 -23.92 -97.04
CA VAL LA 128 47.68 -24.95 -97.41
C VAL LA 128 47.28 -26.36 -96.97
N ASP LA 129 46.84 -26.51 -95.72
CA ASP LA 129 46.44 -27.83 -95.23
C ASP LA 129 45.25 -28.38 -96.01
N ALA LA 130 44.16 -27.63 -96.04
CA ALA LA 130 42.97 -28.04 -96.78
C ALA LA 130 43.33 -28.44 -98.20
N TRP LA 131 44.11 -27.60 -98.86
CA TRP LA 131 44.52 -27.91 -100.22
C TRP LA 131 45.23 -29.24 -100.17
N ASN LA 132 46.33 -29.28 -99.45
CA ASN LA 132 47.12 -30.49 -99.31
C ASN LA 132 46.24 -31.72 -99.12
N ARG LA 133 45.29 -31.66 -98.19
CA ARG LA 133 44.46 -32.81 -97.95
C ARG LA 133 43.77 -33.29 -99.21
N CYS LA 134 42.92 -32.45 -99.79
CA CYS LA 134 42.19 -32.87 -100.99
C CYS LA 134 43.05 -33.08 -102.21
N PHE LA 135 44.23 -32.49 -102.25
CA PHE LA 135 45.09 -32.69 -103.40
C PHE LA 135 45.66 -34.10 -103.33
N HIS LA 136 46.00 -34.53 -102.12
CA HIS LA 136 46.54 -35.87 -101.94
C HIS LA 136 45.52 -36.92 -102.35
N ARG LA 137 44.28 -36.76 -101.89
CA ARG LA 137 43.24 -37.71 -102.25
C ARG LA 137 43.19 -37.79 -103.78
N LEU LA 138 43.30 -36.66 -104.46
CA LEU LA 138 43.26 -36.65 -105.91
C LEU LA 138 44.47 -37.35 -106.51
N VAL LA 139 45.65 -37.02 -106.01
CA VAL LA 139 46.89 -37.62 -106.51
C VAL LA 139 46.92 -39.13 -106.28
N ALA LA 140 46.69 -39.55 -105.04
CA ALA LA 140 46.68 -40.96 -104.70
C ALA LA 140 45.98 -41.78 -105.76
N ARG LA 141 44.72 -41.45 -106.03
CA ARG LA 141 43.96 -42.18 -107.03
C ARG LA 141 44.54 -42.08 -108.42
N ILE LA 142 45.21 -40.97 -108.74
CA ILE LA 142 45.80 -40.82 -110.08
C ILE LA 142 46.99 -41.72 -110.30
N ALA LA 143 47.92 -41.61 -109.30
CA ALA LA 143 49.23 -42.18 -109.34
C ALA LA 143 49.06 -43.64 -109.35
N LYS LA 144 48.16 -44.11 -108.46
CA LYS LA 144 48.30 -45.43 -107.90
C LYS LA 144 48.19 -46.39 -109.00
N ASP LA 145 47.36 -45.99 -109.98
CA ASP LA 145 47.04 -46.86 -111.05
C ASP LA 145 48.34 -47.23 -111.69
N LEU LA 146 49.27 -46.26 -111.77
CA LEU LA 146 50.42 -46.42 -112.60
C LEU LA 146 51.22 -47.63 -112.17
N PRO LA 147 51.76 -47.72 -110.96
CA PRO LA 147 52.57 -48.84 -110.54
C PRO LA 147 51.68 -50.02 -110.59
N ASP MA 1 100.90 31.69 83.36
CA ASP MA 1 100.37 31.82 81.99
C ASP MA 1 99.15 32.64 81.94
N CYS MA 2 98.70 32.81 80.70
CA CYS MA 2 97.47 33.49 80.66
C CYS MA 2 96.43 32.49 80.60
N CYS MA 3 95.24 33.02 80.83
CA CYS MA 3 94.16 32.14 80.79
C CYS MA 3 93.25 32.82 79.89
N SER MA 4 92.19 32.08 79.63
CA SER MA 4 91.27 32.31 78.58
C SER MA 4 90.01 32.63 79.29
N TYR MA 5 89.19 33.50 78.66
CA TYR MA 5 87.96 34.08 79.15
C TYR MA 5 86.95 32.98 79.31
N GLU MA 6 86.94 32.05 78.36
CA GLU MA 6 86.01 30.93 78.41
C GLU MA 6 86.25 30.15 79.68
N ASP MA 7 87.52 29.87 79.94
CA ASP MA 7 87.90 29.14 81.13
C ASP MA 7 87.39 29.86 82.37
N ARG MA 8 87.54 31.18 82.40
CA ARG MA 8 87.07 31.93 83.54
C ARG MA 8 85.59 31.64 83.70
N ARG MA 9 84.84 31.76 82.62
CA ARG MA 9 83.42 31.47 82.66
C ARG MA 9 83.16 30.07 83.21
N GLU MA 10 83.95 29.11 82.75
CA GLU MA 10 83.81 27.73 83.21
C GLU MA 10 83.89 27.69 84.72
N ILE MA 11 84.93 28.28 85.26
CA ILE MA 11 85.14 28.31 86.71
C ILE MA 11 84.06 29.11 87.41
N ARG MA 12 83.78 30.33 86.91
CA ARG MA 12 82.77 31.19 87.52
C ARG MA 12 81.48 30.40 87.71
N HIS MA 13 81.40 29.25 87.04
CA HIS MA 13 80.24 28.37 87.15
C HIS MA 13 80.56 27.20 88.07
N ILE MA 14 81.64 26.50 87.77
CA ILE MA 14 82.07 25.37 88.59
C ILE MA 14 82.01 25.75 90.07
N TRP MA 15 82.42 26.98 90.37
CA TRP MA 15 82.43 27.44 91.75
C TRP MA 15 81.02 27.51 92.28
N ASP MA 16 80.13 28.13 91.52
CA ASP MA 16 78.73 28.27 91.94
C ASP MA 16 78.11 26.94 92.38
N ASP MA 17 78.84 25.84 92.18
CA ASP MA 17 78.32 24.53 92.56
C ASP MA 17 78.88 24.09 93.90
N VAL MA 18 80.09 24.53 94.22
CA VAL MA 18 80.71 24.17 95.50
C VAL MA 18 80.31 25.22 96.56
N TRP MA 19 80.26 26.50 96.14
CA TRP MA 19 80.09 27.59 97.05
C TRP MA 19 78.74 27.40 97.66
N SER MA 20 77.87 26.77 96.87
CA SER MA 20 76.61 27.30 96.53
C SER MA 20 75.77 27.44 97.74
N SER MA 21 75.90 26.48 98.68
CA SER MA 21 75.11 26.54 99.87
C SER MA 21 75.38 27.90 100.50
N SER MA 22 74.36 28.38 101.25
CA SER MA 22 74.15 29.79 101.51
C SER MA 22 75.07 30.29 102.52
N PHE MA 23 75.34 29.38 103.46
CA PHE MA 23 75.93 29.73 104.70
C PHE MA 23 76.65 28.54 105.10
N THR MA 24 77.09 28.57 106.34
CA THR MA 24 78.46 28.14 106.50
C THR MA 24 78.71 26.66 106.28
N ASP MA 25 78.04 25.81 107.06
CA ASP MA 25 78.18 24.34 107.00
C ASP MA 25 78.92 23.75 105.81
N ARG MA 26 78.38 23.92 104.61
CA ARG MA 26 79.01 23.36 103.42
C ARG MA 26 80.41 23.92 103.14
N ARG MA 27 80.48 25.22 102.82
CA ARG MA 27 81.75 25.84 102.51
C ARG MA 27 82.81 25.45 103.52
N VAL MA 28 82.41 25.37 104.78
CA VAL MA 28 83.35 25.01 105.86
C VAL MA 28 83.97 23.66 105.59
N ALA MA 29 83.13 22.63 105.57
CA ALA MA 29 83.60 21.28 105.33
C ALA MA 29 84.53 21.18 104.12
N ILE MA 30 84.21 21.90 103.06
CA ILE MA 30 85.06 21.89 101.87
C ILE MA 30 86.40 22.54 102.13
N VAL MA 31 86.41 23.82 102.53
CA VAL MA 31 87.66 24.51 102.80
C VAL MA 31 88.50 23.73 103.81
N ARG MA 32 87.83 23.13 104.78
CA ARG MA 32 88.52 22.33 105.79
C ARG MA 32 89.17 21.17 105.04
N ALA MA 33 88.35 20.33 104.43
CA ALA MA 33 88.85 19.18 103.65
C ALA MA 33 90.04 19.56 102.78
N VAL MA 34 90.09 20.82 102.34
CA VAL MA 34 91.18 21.32 101.50
C VAL MA 34 92.42 21.41 102.36
N PHE MA 35 92.32 22.13 103.47
CA PHE MA 35 93.45 22.27 104.35
C PHE MA 35 93.96 20.94 104.87
N ASP MA 36 93.06 20.04 105.27
CA ASP MA 36 93.48 18.74 105.78
C ASP MA 36 94.42 18.09 104.79
N ASP MA 37 94.20 18.37 103.50
CA ASP MA 37 95.04 17.81 102.44
C ASP MA 37 96.34 18.58 102.35
N LEU MA 38 96.31 19.83 102.79
CA LEU MA 38 97.51 20.65 102.76
C LEU MA 38 98.42 20.20 103.88
N PHE MA 39 97.82 19.94 105.02
CA PHE MA 39 98.58 19.53 106.17
C PHE MA 39 99.09 18.10 106.07
N LYS MA 40 98.35 17.23 105.40
CA LYS MA 40 98.78 15.85 105.27
C LYS MA 40 99.99 15.79 104.34
N HIS MA 41 100.16 16.83 103.52
CA HIS MA 41 101.27 16.88 102.57
C HIS MA 41 102.40 17.83 102.97
N TYR MA 42 102.06 18.94 103.60
CA TYR MA 42 103.06 19.91 104.04
C TYR MA 42 102.75 20.19 105.49
N PRO MA 43 102.89 19.18 106.35
CA PRO MA 43 102.62 19.24 107.79
C PRO MA 43 103.20 20.44 108.50
N THR MA 44 104.26 20.93 107.92
CA THR MA 44 104.88 22.04 108.48
C THR MA 44 103.92 23.23 108.68
N SER MA 45 103.26 23.59 107.60
CA SER MA 45 102.34 24.70 107.60
C SER MA 45 101.37 24.71 108.78
N LYS MA 46 100.98 23.52 109.24
CA LYS MA 46 100.03 23.41 110.32
C LYS MA 46 100.29 24.44 111.42
N ALA MA 47 101.50 24.43 111.96
CA ALA MA 47 101.86 25.35 113.02
C ALA MA 47 101.45 26.80 112.78
N LEU MA 48 101.54 27.26 111.55
CA LEU MA 48 101.20 28.64 111.20
C LEU MA 48 99.85 29.15 111.70
N PHE MA 49 98.90 28.24 111.89
CA PHE MA 49 97.57 28.63 112.33
C PHE MA 49 97.25 28.42 113.81
N GLU MA 50 98.26 28.46 114.66
CA GLU MA 50 97.98 28.27 116.09
C GLU MA 50 97.27 29.52 116.55
N ARG MA 51 97.46 30.60 115.81
CA ARG MA 51 96.85 31.86 116.16
C ARG MA 51 95.34 31.78 116.12
N VAL MA 52 94.83 30.90 115.26
CA VAL MA 52 93.38 30.73 115.13
C VAL MA 52 92.89 29.48 115.82
N LYS MA 53 93.80 28.82 116.51
CA LYS MA 53 93.48 27.60 117.25
C LYS MA 53 93.11 26.40 116.41
N ILE MA 54 94.04 25.91 115.59
CA ILE MA 54 93.78 24.75 114.76
C ILE MA 54 93.75 23.49 115.61
N ASP MA 55 94.33 23.57 116.80
CA ASP MA 55 94.35 22.44 117.71
C ASP MA 55 92.93 22.13 118.18
N GLU MA 56 92.04 23.09 117.97
CA GLU MA 56 90.63 22.94 118.33
C GLU MA 56 89.83 23.01 117.04
N PRO MA 57 89.82 21.93 116.26
CA PRO MA 57 89.09 21.89 115.00
C PRO MA 57 87.70 22.51 115.02
N GLU MA 58 86.84 22.10 115.95
CA GLU MA 58 85.48 22.64 116.01
C GLU MA 58 85.39 23.93 116.81
N SER MA 59 86.55 24.46 117.21
CA SER MA 59 86.64 25.68 117.99
C SER MA 59 85.63 26.77 117.66
N GLY MA 60 85.63 27.20 116.41
CA GLY MA 60 84.75 28.27 116.01
C GLY MA 60 85.67 29.45 115.76
N GLU MA 61 86.71 29.57 116.58
CA GLU MA 61 87.68 30.63 116.41
C GLU MA 61 88.38 30.26 115.12
N PHE MA 62 88.46 28.95 114.89
CA PHE MA 62 89.08 28.36 113.73
C PHE MA 62 88.09 28.20 112.61
N LYS MA 63 86.90 27.70 112.92
CA LYS MA 63 85.89 27.56 111.88
C LYS MA 63 85.73 28.90 111.17
N SER MA 64 85.51 29.97 111.94
CA SER MA 64 85.35 31.30 111.38
C SER MA 64 86.50 31.57 110.42
N HIS MA 65 87.71 31.20 110.82
CA HIS MA 65 88.87 31.38 109.98
C HIS MA 65 88.63 30.72 108.64
N LEU MA 66 88.41 29.41 108.64
CA LEU MA 66 88.15 28.67 107.42
C LEU MA 66 87.21 29.45 106.51
N VAL MA 67 86.13 29.94 107.07
CA VAL MA 67 85.17 30.72 106.33
C VAL MA 67 85.83 31.92 105.69
N ARG MA 68 86.58 32.68 106.49
CA ARG MA 68 87.27 33.86 105.95
C ARG MA 68 88.12 33.49 104.74
N VAL MA 69 88.77 32.34 104.81
CA VAL MA 69 89.61 31.86 103.74
C VAL MA 69 88.70 31.59 102.57
N ALA MA 70 87.67 30.80 102.81
CA ALA MA 70 86.70 30.47 101.77
C ALA MA 70 86.23 31.77 101.13
N ASN MA 71 85.59 32.63 101.92
CA ASN MA 71 85.11 33.92 101.42
C ASN MA 71 86.16 34.72 100.69
N GLY MA 72 87.41 34.64 101.14
CA GLY MA 72 88.46 35.38 100.46
C GLY MA 72 88.67 34.86 99.05
N LEU MA 73 88.44 33.56 98.89
CA LEU MA 73 88.59 32.89 97.61
C LEU MA 73 87.39 33.29 96.80
N LYS MA 74 86.21 33.20 97.42
CA LYS MA 74 84.96 33.58 96.79
C LYS MA 74 85.11 34.97 96.20
N LEU MA 75 85.60 35.90 97.01
CA LEU MA 75 85.80 37.28 96.59
C LEU MA 75 86.67 37.34 95.34
N LEU MA 76 87.70 36.51 95.28
CA LEU MA 76 88.58 36.50 94.11
C LEU MA 76 87.79 36.13 92.88
N ILE MA 77 87.29 34.91 92.87
CA ILE MA 77 86.51 34.39 91.76
C ILE MA 77 85.45 35.39 91.33
N ASN MA 78 84.69 35.89 92.29
CA ASN MA 78 83.65 36.86 91.99
C ASN MA 78 84.20 38.23 91.58
N LEU MA 79 85.46 38.26 91.17
CA LEU MA 79 86.08 39.49 90.74
C LEU MA 79 86.65 39.29 89.35
N LEU MA 80 86.71 38.03 88.92
CA LEU MA 80 87.26 37.65 87.61
C LEU MA 80 86.66 38.40 86.42
N ASP MA 81 85.56 39.12 86.64
CA ASP MA 81 84.95 39.85 85.56
C ASP MA 81 85.32 41.31 85.67
N ASP MA 82 85.95 41.71 86.78
CA ASP MA 82 86.36 43.10 86.95
C ASP MA 82 87.89 43.31 87.03
N THR MA 83 88.61 42.52 86.25
CA THR MA 83 90.07 42.55 86.16
C THR MA 83 90.80 43.56 87.01
N LEU MA 84 90.74 44.83 86.63
CA LEU MA 84 91.44 45.89 87.34
C LEU MA 84 91.33 45.87 88.85
N VAL MA 85 90.16 45.57 89.37
CA VAL MA 85 89.98 45.50 90.82
C VAL MA 85 90.62 44.24 91.32
N LEU MA 86 90.40 43.15 90.59
CA LEU MA 86 90.99 41.88 90.97
C LEU MA 86 92.49 42.03 91.10
N GLN MA 87 93.09 42.68 90.11
CA GLN MA 87 94.53 42.89 90.09
C GLN MA 87 95.03 43.63 91.33
N SER MA 88 94.20 44.49 91.89
CA SER MA 88 94.59 45.23 93.08
C SER MA 88 94.40 44.41 94.35
N HIS MA 89 93.18 43.94 94.58
CA HIS MA 89 92.90 43.13 95.77
C HIS MA 89 93.80 41.92 95.75
N LEU MA 90 94.18 41.49 94.56
CA LEU MA 90 95.04 40.32 94.46
C LEU MA 90 96.36 40.68 95.09
N GLY MA 91 96.78 41.93 94.93
CA GLY MA 91 98.02 42.38 95.54
C GLY MA 91 97.81 42.46 97.04
N HIS MA 92 96.79 43.19 97.44
CA HIS MA 92 96.45 43.35 98.86
C HIS MA 92 96.41 41.99 99.55
N LEU MA 93 95.98 40.96 98.83
CA LEU MA 93 95.88 39.62 99.38
C LEU MA 93 97.26 39.04 99.59
N ALA MA 94 98.22 39.53 98.81
CA ALA MA 94 99.58 39.06 98.93
C ALA MA 94 100.16 39.66 100.20
N ASP MA 95 100.12 40.99 100.28
CA ASP MA 95 100.64 41.70 101.44
C ASP MA 95 100.14 41.12 102.75
N GLN MA 96 98.90 40.64 102.77
CA GLN MA 96 98.35 40.08 103.99
C GLN MA 96 99.00 38.76 104.33
N HIS MA 97 99.75 38.22 103.38
CA HIS MA 97 100.42 36.96 103.60
C HIS MA 97 101.92 37.12 103.70
N ILE MA 98 102.43 38.26 103.22
CA ILE MA 98 103.86 38.50 103.30
C ILE MA 98 104.18 38.88 104.73
N GLN MA 99 103.28 39.61 105.37
CA GLN MA 99 103.49 40.01 106.76
C GLN MA 99 103.22 38.85 107.72
N ARG MA 100 102.81 37.71 107.17
CA ARG MA 100 102.56 36.53 107.98
C ARG MA 100 103.83 35.70 107.91
N LYS MA 101 104.69 35.92 108.88
CA LYS MA 101 105.97 35.23 108.94
C LYS MA 101 105.83 33.71 108.93
N GLY MA 102 106.49 33.06 107.98
CA GLY MA 102 106.44 31.61 107.91
C GLY MA 102 105.71 31.06 106.71
N VAL MA 103 105.10 31.95 105.92
CA VAL MA 103 104.35 31.52 104.74
C VAL MA 103 105.23 31.43 103.50
N THR MA 104 105.53 30.21 103.06
CA THR MA 104 106.38 30.00 101.88
C THR MA 104 105.66 30.07 100.55
N LYS MA 105 106.44 30.18 99.49
CA LYS MA 105 105.90 30.23 98.15
C LYS MA 105 105.39 28.83 97.88
N GLU MA 106 105.99 27.88 98.55
CA GLU MA 106 105.65 26.47 98.40
C GLU MA 106 104.27 26.14 98.96
N TYR MA 107 104.02 26.53 100.20
CA TYR MA 107 102.73 26.23 100.82
C TYR MA 107 101.59 26.57 99.89
N PHE MA 108 101.74 27.63 99.11
CA PHE MA 108 100.69 28.02 98.19
C PHE MA 108 100.55 26.99 97.09
N ARG MA 109 101.66 26.69 96.42
CA ARG MA 109 101.61 25.70 95.36
C ARG MA 109 101.01 24.43 95.96
N GLY MA 110 101.12 24.30 97.28
CA GLY MA 110 100.59 23.13 97.95
C GLY MA 110 99.10 23.13 98.15
N ILE MA 111 98.55 24.29 98.49
CA ILE MA 111 97.13 24.39 98.70
C ILE MA 111 96.44 24.33 97.35
N GLY MA 112 97.20 24.67 96.32
CA GLY MA 112 96.65 24.63 94.97
C GLY MA 112 96.37 23.20 94.60
N GLU MA 113 97.31 22.33 94.93
CA GLU MA 113 97.18 20.90 94.67
C GLU MA 113 95.97 20.43 95.46
N ALA MA 114 95.88 20.93 96.70
CA ALA MA 114 94.77 20.58 97.58
C ALA MA 114 93.43 20.68 96.88
N PHE MA 115 93.05 21.87 96.46
CA PHE MA 115 91.77 22.04 95.79
C PHE MA 115 91.61 21.08 94.63
N ALA MA 116 92.64 21.01 93.80
CA ALA MA 116 92.63 20.15 92.63
C ALA MA 116 92.39 18.68 92.96
N ARG MA 117 92.44 18.36 94.24
CA ARG MA 117 92.23 16.99 94.69
C ARG MA 117 90.89 16.88 95.42
N VAL MA 118 90.48 17.98 96.06
CA VAL MA 118 89.25 18.02 96.82
C VAL MA 118 88.04 18.33 95.95
N LEU MA 119 88.03 19.51 95.35
CA LEU MA 119 86.94 19.91 94.51
C LEU MA 119 86.38 18.81 93.61
N PRO MA 120 87.25 18.11 92.86
CA PRO MA 120 86.75 17.06 91.98
C PRO MA 120 85.94 15.96 92.70
N GLN MA 121 85.90 16.05 94.02
CA GLN MA 121 85.18 15.08 94.83
C GLN MA 121 83.89 15.64 95.41
N VAL MA 122 83.82 16.95 95.57
CA VAL MA 122 82.64 17.57 96.15
C VAL MA 122 81.59 17.93 95.11
N LEU MA 123 81.99 17.92 93.84
CA LEU MA 123 81.04 18.23 92.79
C LEU MA 123 81.48 17.54 91.53
N SER MA 124 80.51 17.25 90.66
CA SER MA 124 80.83 16.60 89.41
C SER MA 124 80.93 17.69 88.35
N CYS MA 125 81.47 17.32 87.19
CA CYS MA 125 81.62 18.27 86.10
C CYS MA 125 82.60 19.37 86.51
N PHE MA 126 83.77 18.95 86.99
CA PHE MA 126 84.78 19.88 87.41
C PHE MA 126 85.88 19.91 86.35
N ASN MA 127 86.08 21.06 85.73
CA ASN MA 127 87.10 21.18 84.69
C ASN MA 127 88.46 21.43 85.34
N VAL MA 128 88.96 20.42 86.04
CA VAL MA 128 90.24 20.50 86.75
C VAL MA 128 91.27 21.38 86.06
N ASP MA 129 91.44 21.22 84.75
CA ASP MA 129 92.42 22.01 84.02
C ASP MA 129 92.08 23.48 84.08
N ALA MA 130 90.88 23.84 83.64
CA ALA MA 130 90.45 25.23 83.65
C ALA MA 130 90.65 25.83 85.02
N TRP MA 131 90.23 25.10 86.05
CA TRP MA 131 90.41 25.59 87.41
C TRP MA 131 91.89 25.82 87.60
N ASN MA 132 92.66 24.74 87.52
CA ASN MA 132 94.10 24.81 87.69
C ASN MA 132 94.70 26.04 87.00
N ARG MA 133 94.38 26.23 85.73
CA ARG MA 133 94.94 27.38 85.02
C ARG MA 133 94.68 28.69 85.75
N CYS MA 134 93.42 29.08 85.90
CA CYS MA 134 93.12 30.34 86.56
C CYS MA 134 93.49 30.40 88.01
N PHE MA 135 93.61 29.27 88.66
CA PHE MA 135 93.98 29.30 90.07
C PHE MA 135 95.44 29.65 90.16
N HIS MA 136 96.23 29.11 89.25
CA HIS MA 136 97.65 29.39 89.24
C HIS MA 136 97.90 30.87 89.02
N ARG MA 137 97.22 31.46 88.03
CA ARG MA 137 97.41 32.87 87.77
C ARG MA 137 97.12 33.63 89.06
N LEU MA 138 96.10 33.22 89.79
CA LEU MA 138 95.76 33.89 91.05
C LEU MA 138 96.82 33.70 92.11
N VAL MA 139 97.28 32.47 92.28
CA VAL MA 139 98.31 32.17 93.27
C VAL MA 139 99.61 32.88 92.97
N ALA MA 140 100.12 32.72 91.74
CA ALA MA 140 101.36 33.35 91.32
C ALA MA 140 101.43 34.78 91.83
N ARG MA 141 100.44 35.60 91.49
CA ARG MA 141 100.42 36.99 91.92
C ARG MA 141 100.35 37.16 93.43
N ILE MA 142 99.71 36.22 94.13
CA ILE MA 142 99.61 36.33 95.59
C ILE MA 142 100.93 36.08 96.30
N ALA MA 143 101.55 34.96 95.87
CA ALA MA 143 102.76 34.41 96.36
C ALA MA 143 103.90 35.31 96.00
N LYS MA 144 103.85 35.84 94.77
CA LYS MA 144 105.02 36.39 94.11
C LYS MA 144 105.49 37.53 94.92
N ASP MA 145 104.53 38.26 95.48
CA ASP MA 145 104.80 39.52 96.09
C ASP MA 145 105.79 39.26 97.15
N LEU MA 146 105.53 38.20 97.97
CA LEU MA 146 106.29 37.96 99.16
C LEU MA 146 107.68 37.88 98.73
N PRO MA 147 108.04 37.24 97.67
CA PRO MA 147 109.43 37.39 97.39
C PRO MA 147 109.81 38.72 96.77
N LYS NA 1 80.32 -2.70 95.68
CA LYS NA 1 81.12 -1.56 95.16
C LYS NA 1 81.70 -0.77 96.29
N LYS NA 2 81.41 0.55 96.33
CA LYS NA 2 82.00 1.33 97.37
C LYS NA 2 81.02 1.46 98.48
N GLN NA 3 81.49 2.10 99.56
CA GLN NA 3 80.67 2.29 100.70
C GLN NA 3 80.43 3.74 100.82
N CYS NA 4 79.55 4.04 101.76
CA CYS NA 4 79.08 5.36 101.95
C CYS NA 4 80.05 6.12 102.80
N GLY NA 5 79.87 7.44 102.75
CA GLY NA 5 80.70 8.36 103.46
C GLY NA 5 80.37 9.71 102.92
N VAL NA 6 81.05 10.73 103.47
CA VAL NA 6 80.51 12.06 103.56
C VAL NA 6 80.24 12.62 102.19
N LEU NA 7 81.27 12.66 101.33
CA LEU NA 7 81.11 13.29 100.04
C LEU NA 7 80.06 12.59 99.18
N GLU NA 8 80.28 11.32 98.88
CA GLU NA 8 79.34 10.56 98.05
C GLU NA 8 77.92 10.77 98.52
N GLY NA 9 77.79 11.11 99.80
CA GLY NA 9 76.47 11.38 100.34
C GLY NA 9 76.01 12.71 99.80
N LEU NA 10 76.77 13.75 100.10
CA LEU NA 10 76.44 15.07 99.62
C LEU NA 10 76.08 15.03 98.15
N LYS NA 11 76.80 14.24 97.37
CA LYS NA 11 76.50 14.19 95.95
C LYS NA 11 75.11 13.64 95.72
N VAL NA 12 74.85 12.44 96.24
CA VAL NA 12 73.55 11.84 96.05
C VAL NA 12 72.47 12.75 96.61
N LYS NA 13 72.68 13.26 97.80
CA LYS NA 13 71.69 14.13 98.44
C LYS NA 13 71.32 15.28 97.53
N SER NA 14 72.30 15.80 96.82
CA SER NA 14 72.09 16.93 95.91
C SER NA 14 71.38 16.48 94.65
N GLU NA 15 71.95 15.47 93.98
CA GLU NA 15 71.37 14.95 92.76
C GLU NA 15 69.93 14.49 92.97
N TRP NA 16 69.67 13.90 94.13
CA TRP NA 16 68.34 13.43 94.44
C TRP NA 16 67.43 14.61 94.43
N GLY NA 17 67.91 15.74 94.96
CA GLY NA 17 67.09 16.94 94.98
C GLY NA 17 66.53 17.26 93.61
N ARG NA 18 67.39 17.17 92.60
CA ARG NA 18 67.02 17.46 91.23
C ARG NA 18 66.10 16.39 90.64
N ALA NA 19 66.44 15.14 90.83
CA ALA NA 19 65.64 14.06 90.30
C ALA NA 19 64.25 13.95 90.93
N TYR NA 20 64.18 14.10 92.25
CA TYR NA 20 62.92 14.00 92.95
C TYR NA 20 61.98 15.05 92.42
N GLY NA 21 62.39 16.31 92.47
CA GLY NA 21 61.54 17.39 91.99
C GLY NA 21 60.25 17.51 92.80
N SER NA 22 59.20 18.03 92.17
CA SER NA 22 57.93 18.19 92.86
C SER NA 22 56.72 18.21 91.94
N GLY NA 23 55.54 18.30 92.54
CA GLY NA 23 54.31 18.35 91.77
C GLY NA 23 54.03 17.11 90.96
N HIS NA 24 53.88 17.29 89.65
CA HIS NA 24 53.61 16.17 88.76
C HIS NA 24 54.86 15.37 88.49
N ASP NA 25 55.97 16.07 88.25
CA ASP NA 25 57.23 15.38 88.01
C ASP NA 25 57.38 14.28 89.04
N ARG NA 26 56.98 14.58 90.26
CA ARG NA 26 57.06 13.63 91.35
C ARG NA 26 56.06 12.49 91.13
N GLU NA 27 54.79 12.83 91.04
CA GLU NA 27 53.76 11.82 90.83
C GLU NA 27 54.16 10.85 89.72
N ALA NA 28 55.01 11.29 88.79
CA ALA NA 28 55.45 10.45 87.69
C ALA NA 28 56.73 9.73 88.08
N PHE NA 29 57.71 10.52 88.52
CA PHE NA 29 58.98 9.98 88.96
C PHE NA 29 58.72 8.70 89.73
N SER NA 30 57.83 8.78 90.70
CA SER NA 30 57.48 7.61 91.50
C SER NA 30 56.83 6.56 90.59
N GLN NA 31 55.84 6.99 89.83
CA GLN NA 31 55.16 6.11 88.90
C GLN NA 31 56.18 5.29 88.11
N ALA NA 32 57.07 6.00 87.41
CA ALA NA 32 58.10 5.36 86.60
C ALA NA 32 58.86 4.33 87.39
N ILE NA 33 59.34 4.75 88.55
CA ILE NA 33 60.11 3.86 89.41
C ILE NA 33 59.39 2.57 89.69
N TRP NA 34 58.16 2.67 90.18
CA TRP NA 34 57.42 1.47 90.48
C TRP NA 34 57.20 0.57 89.26
N ARG NA 35 56.86 1.18 88.14
CA ARG NA 35 56.63 0.40 86.94
C ARG NA 35 57.89 -0.38 86.62
N ALA NA 36 59.04 0.25 86.80
CA ALA NA 36 60.32 -0.40 86.55
C ALA NA 36 60.55 -1.52 87.55
N THR NA 37 60.13 -1.29 88.79
CA THR NA 37 60.30 -2.30 89.80
C THR NA 37 59.44 -3.53 89.49
N PHE NA 38 58.14 -3.33 89.39
CA PHE NA 38 57.22 -4.42 89.12
C PHE NA 38 57.55 -5.16 87.82
N ALA NA 39 58.06 -4.44 86.84
CA ALA NA 39 58.40 -5.05 85.57
C ALA NA 39 59.50 -6.07 85.78
N GLN NA 40 60.39 -5.77 86.73
CA GLN NA 40 61.49 -6.66 87.04
C GLN NA 40 61.03 -7.91 87.79
N VAL NA 41 60.29 -7.69 88.87
CA VAL NA 41 59.81 -8.77 89.69
C VAL NA 41 58.30 -8.73 89.85
N PRO NA 42 57.55 -9.16 88.82
CA PRO NA 42 56.09 -9.15 88.91
C PRO NA 42 55.58 -9.87 90.17
N GLU NA 43 56.39 -10.79 90.68
CA GLU NA 43 56.02 -11.54 91.87
C GLU NA 43 55.63 -10.60 93.01
N SER NA 44 56.37 -9.51 93.16
CA SER NA 44 56.17 -8.54 94.23
C SER NA 44 54.85 -7.81 94.24
N ARG NA 45 54.13 -7.81 93.12
CA ARG NA 45 52.86 -7.12 93.11
C ARG NA 45 51.95 -7.62 94.23
N SER NA 46 52.08 -8.89 94.56
CA SER NA 46 51.26 -9.50 95.61
C SER NA 46 51.34 -8.84 96.98
N LEU NA 47 52.47 -8.21 97.28
CA LEU NA 47 52.63 -7.56 98.58
C LEU NA 47 51.82 -6.28 98.73
N PHE NA 48 51.60 -5.60 97.61
CA PHE NA 48 50.87 -4.34 97.64
C PHE NA 48 49.44 -4.54 97.21
N LYS NA 49 48.92 -5.71 97.52
CA LYS NA 49 47.55 -6.03 97.16
C LYS NA 49 46.65 -5.10 97.96
N ARG NA 50 47.14 -4.71 99.13
CA ARG NA 50 46.36 -3.86 100.03
C ARG NA 50 46.15 -2.45 99.51
N VAL NA 51 47.13 -1.97 98.74
CA VAL NA 51 47.08 -0.63 98.21
C VAL NA 51 47.05 -0.66 96.69
N HIS NA 52 46.08 -1.40 96.16
CA HIS NA 52 45.90 -1.54 94.71
C HIS NA 52 47.19 -1.63 93.92
N GLY NA 53 47.94 -2.69 94.16
CA GLY NA 53 49.18 -2.88 93.45
C GLY NA 53 48.90 -3.42 92.06
N ASP NA 54 47.67 -3.88 91.86
CA ASP NA 54 47.28 -4.42 90.56
C ASP NA 54 47.31 -3.33 89.49
N ASP NA 55 46.86 -2.13 89.85
CA ASP NA 55 46.82 -0.99 88.92
C ASP NA 55 47.68 0.15 89.43
N THR NA 56 48.90 0.23 88.92
CA THR NA 56 49.87 1.25 89.31
C THR NA 56 49.32 2.69 89.22
N SER NA 57 48.28 2.89 88.42
CA SER NA 57 47.70 4.21 88.24
C SER NA 57 46.51 4.52 89.16
N HIS NA 58 46.19 3.61 90.05
CA HIS NA 58 45.07 3.82 90.96
C HIS NA 58 45.48 4.78 92.06
N PRO NA 59 44.64 5.77 92.36
CA PRO NA 59 44.97 6.74 93.41
C PRO NA 59 45.59 6.14 94.66
N ALA NA 60 44.99 5.07 95.16
CA ALA NA 60 45.49 4.41 96.36
C ALA NA 60 46.97 4.16 96.22
N PHE NA 61 47.37 3.54 95.11
CA PHE NA 61 48.75 3.23 94.85
C PHE NA 61 49.56 4.48 94.60
N ILE NA 62 48.98 5.44 93.88
CA ILE NA 62 49.65 6.70 93.59
C ILE NA 62 50.11 7.27 94.92
N ALA NA 63 49.19 7.26 95.87
CA ALA NA 63 49.46 7.75 97.21
C ALA NA 63 50.62 6.94 97.75
N HIS NA 64 50.41 5.63 97.86
CA HIS NA 64 51.44 4.74 98.34
C HIS NA 64 52.81 5.10 97.77
N ALA NA 65 52.93 5.12 96.45
CA ALA NA 65 54.19 5.45 95.81
C ALA NA 65 54.74 6.77 96.33
N ASP NA 66 54.00 7.84 96.10
CA ASP NA 66 54.40 9.17 96.54
C ASP NA 66 54.78 9.11 98.02
N ARG NA 67 54.16 8.19 98.75
CA ARG NA 67 54.40 8.04 100.18
C ARG NA 67 55.70 7.35 100.46
N VAL NA 68 56.06 6.40 99.61
CA VAL NA 68 57.29 5.64 99.74
C VAL NA 68 58.46 6.54 99.48
N LEU NA 69 58.46 7.18 98.33
CA LEU NA 69 59.55 8.07 97.98
C LEU NA 69 59.76 9.00 99.16
N GLY NA 70 58.65 9.40 99.78
CA GLY NA 70 58.73 10.29 100.93
C GLY NA 70 59.79 9.84 101.93
N GLY NA 71 59.69 8.58 102.35
CA GLY NA 71 60.65 8.05 103.28
C GLY NA 71 62.04 8.11 102.67
N LEU NA 72 62.18 7.57 101.46
CA LEU NA 72 63.46 7.59 100.80
C LEU NA 72 64.04 8.99 100.85
N ASP NA 73 63.17 9.99 100.77
CA ASP NA 73 63.62 11.40 100.84
C ASP NA 73 64.27 11.58 102.19
N ILE NA 74 63.49 11.45 103.25
CA ILE NA 74 64.03 11.60 104.59
C ILE NA 74 65.38 10.89 104.71
N ALA NA 75 65.45 9.65 104.23
CA ALA NA 75 66.68 8.88 104.31
C ALA NA 75 67.81 9.65 103.66
N ILE NA 76 67.75 9.77 102.35
CA ILE NA 76 68.77 10.49 101.60
C ILE NA 76 69.04 11.86 102.22
N SER NA 77 67.97 12.63 102.47
CA SER NA 77 68.09 13.98 102.89
C SER NA 77 68.88 13.96 104.15
N THR NA 78 68.42 13.16 105.14
CA THR NA 78 68.98 13.14 106.46
C THR NA 78 70.35 12.53 106.42
N LEU NA 79 70.67 11.79 105.35
CA LEU NA 79 71.79 10.88 105.29
C LEU NA 79 72.99 11.59 105.78
N ASP NA 80 73.13 12.81 105.28
CA ASP NA 80 74.34 13.55 105.33
C ASP NA 80 74.73 13.69 106.77
N GLN NA 81 73.75 13.98 107.67
CA GLN NA 81 74.16 14.14 109.04
C GLN NA 81 73.89 12.85 109.76
N PRO NA 82 74.97 12.20 110.16
CA PRO NA 82 74.97 10.89 110.80
C PRO NA 82 74.05 10.80 112.00
N ALA NA 83 74.11 11.83 112.84
CA ALA NA 83 73.30 11.90 114.04
C ALA NA 83 71.83 11.61 113.74
N THR NA 84 71.26 12.45 112.90
CA THR NA 84 69.86 12.35 112.52
C THR NA 84 69.56 11.09 111.71
N LEU NA 85 70.29 10.92 110.61
CA LEU NA 85 70.11 9.73 109.77
C LEU NA 85 69.97 8.50 110.65
N LYS NA 86 70.97 8.31 111.51
CA LYS NA 86 70.98 7.21 112.44
C LYS NA 86 69.57 6.99 112.95
N GLU NA 87 68.97 8.04 113.48
CA GLU NA 87 67.61 7.96 114.03
C GLU NA 87 66.58 7.49 113.02
N GLU NA 88 66.46 8.18 111.89
CA GLU NA 88 65.51 7.78 110.88
C GLU NA 88 65.68 6.31 110.51
N LEU NA 89 66.89 5.91 110.20
CA LEU NA 89 67.14 4.52 109.85
C LEU NA 89 66.63 3.63 110.96
N ASP NA 90 67.03 3.92 112.19
CA ASP NA 90 66.59 3.12 113.34
C ASP NA 90 65.08 3.05 113.38
N HIS NA 91 64.43 4.19 113.18
CA HIS NA 91 62.97 4.24 113.18
C HIS NA 91 62.45 3.23 112.15
N LEU NA 92 62.97 3.29 110.95
CA LEU NA 92 62.55 2.39 109.89
C LEU NA 92 62.80 0.97 110.34
N GLN NA 93 64.02 0.71 110.76
CA GLN NA 93 64.42 -0.61 111.21
C GLN NA 93 63.30 -1.28 111.97
N VAL NA 94 62.68 -0.52 112.87
CA VAL NA 94 61.58 -1.03 113.68
C VAL NA 94 60.36 -1.39 112.85
N GLN NA 95 59.88 -0.47 112.05
CA GLN NA 95 58.70 -0.69 111.24
C GLN NA 95 58.88 -1.91 110.36
N HIS NA 96 60.12 -2.40 110.26
CA HIS NA 96 60.38 -3.56 109.41
C HIS NA 96 60.71 -4.86 110.14
N GLU NA 97 61.46 -4.83 111.26
CA GLU NA 97 61.89 -6.06 111.85
C GLU NA 97 60.68 -6.79 112.33
N GLY NA 98 60.75 -8.14 112.27
CA GLY NA 98 59.63 -8.98 112.54
C GLY NA 98 58.99 -9.24 111.23
N ARG NA 99 59.30 -8.38 110.24
CA ARG NA 99 59.00 -8.72 108.88
C ARG NA 99 60.29 -9.20 108.33
N LYS NA 100 60.27 -10.30 107.53
CA LYS NA 100 61.40 -10.73 106.75
C LYS NA 100 61.20 -10.20 105.37
N ILE NA 101 62.29 -9.74 104.73
CA ILE NA 101 62.12 -9.15 103.43
C ILE NA 101 63.14 -9.74 102.54
N PRO NA 102 62.64 -10.16 101.43
CA PRO NA 102 63.45 -10.80 100.44
C PRO NA 102 64.40 -9.73 100.03
N ASP NA 103 65.68 -10.09 99.84
CA ASP NA 103 66.68 -9.12 99.40
C ASP NA 103 66.62 -9.01 97.89
N ASN NA 104 65.90 -9.96 97.29
CA ASN NA 104 65.69 -10.00 95.85
C ASN NA 104 64.94 -8.74 95.36
N TYR NA 105 63.81 -8.42 96.03
CA TYR NA 105 63.01 -7.25 95.66
C TYR NA 105 63.77 -5.95 95.87
N PHE NA 106 64.30 -5.72 97.06
CA PHE NA 106 65.05 -4.49 97.31
C PHE NA 106 66.01 -4.24 96.20
N ASP NA 107 66.67 -5.29 95.72
CA ASP NA 107 67.64 -5.17 94.65
C ASP NA 107 66.99 -4.54 93.43
N ALA NA 108 65.86 -5.09 93.01
CA ALA NA 108 65.13 -4.59 91.85
C ALA NA 108 64.70 -3.12 92.05
N PHE NA 109 64.12 -2.83 93.21
CA PHE NA 109 63.67 -1.50 93.51
C PHE NA 109 64.83 -0.51 93.42
N LYS NA 110 66.03 -0.93 93.83
CA LYS NA 110 67.20 -0.04 93.74
C LYS NA 110 67.44 0.22 92.26
N THR NA 111 67.56 -0.87 91.51
CA THR NA 111 67.80 -0.78 90.09
C THR NA 111 66.80 0.19 89.50
N ALA NA 112 65.53 -0.03 89.81
CA ALA NA 112 64.49 0.84 89.31
C ALA NA 112 64.88 2.30 89.56
N ILE NA 113 64.98 2.66 90.83
CA ILE NA 113 65.36 4.02 91.22
C ILE NA 113 66.51 4.52 90.37
N LEU NA 114 67.62 3.78 90.38
CA LEU NA 114 68.78 4.19 89.61
C LEU NA 114 68.47 4.47 88.14
N HIS NA 115 67.83 3.53 87.44
CA HIS NA 115 67.51 3.76 86.06
C HIS NA 115 66.65 5.00 85.85
N VAL NA 116 65.62 5.17 86.66
CA VAL NA 116 64.76 6.34 86.51
C VAL NA 116 65.55 7.59 86.78
N VAL NA 117 66.19 7.67 87.94
CA VAL NA 117 67.00 8.85 88.29
C VAL NA 117 67.95 9.22 87.14
N ALA NA 118 68.64 8.24 86.58
CA ALA NA 118 69.57 8.48 85.47
C ALA NA 118 68.81 9.07 84.29
N ALA NA 119 67.62 8.56 84.03
CA ALA NA 119 66.82 9.04 82.93
C ALA NA 119 66.44 10.48 83.21
N GLN NA 120 66.14 10.80 84.46
CA GLN NA 120 65.73 12.14 84.85
C GLN NA 120 66.83 13.17 84.91
N LEU NA 121 68.03 12.78 85.34
CA LEU NA 121 69.12 13.74 85.46
C LEU NA 121 69.90 13.97 84.18
N GLY NA 122 69.63 13.17 83.16
CA GLY NA 122 70.35 13.35 81.91
C GLY NA 122 71.83 13.00 81.95
N ARG NA 123 72.66 13.97 82.27
CA ARG NA 123 74.12 13.77 82.27
C ARG NA 123 74.87 13.85 83.61
N CYS NA 124 74.49 14.79 84.45
CA CYS NA 124 75.17 14.93 85.73
C CYS NA 124 74.59 13.98 86.77
N TYR NA 125 75.21 12.81 86.86
CA TYR NA 125 74.79 11.76 87.78
C TYR NA 125 75.84 10.67 87.93
N ASP NA 126 76.31 10.49 89.17
CA ASP NA 126 77.32 9.49 89.47
C ASP NA 126 76.60 8.20 89.85
N ARG NA 127 76.79 7.15 89.05
CA ARG NA 127 76.12 5.89 89.34
C ARG NA 127 76.62 5.23 90.62
N GLU NA 128 77.91 4.90 90.66
CA GLU NA 128 78.52 4.28 91.84
C GLU NA 128 78.01 4.90 93.13
N ALA NA 129 78.09 6.22 93.22
CA ALA NA 129 77.65 6.96 94.39
C ALA NA 129 76.24 6.62 94.82
N TRP NA 130 75.28 6.73 93.91
CA TRP NA 130 73.92 6.40 94.25
C TRP NA 130 73.86 4.96 94.70
N ASP NA 131 74.38 4.07 93.86
CA ASP NA 131 74.36 2.65 94.19
C ASP NA 131 74.77 2.49 95.65
N ALA NA 132 75.94 3.03 95.98
CA ALA NA 132 76.48 2.93 97.34
C ALA NA 132 75.52 3.41 98.41
N CYS NA 133 74.95 4.58 98.22
CA CYS NA 133 74.03 5.12 99.21
C CYS NA 133 72.65 4.48 99.26
N ILE NA 134 72.04 4.23 98.10
CA ILE NA 134 70.75 3.59 98.10
C ILE NA 134 70.94 2.31 98.86
N ASP NA 135 72.09 1.70 98.67
CA ASP NA 135 72.42 0.46 99.34
C ASP NA 135 72.40 0.71 100.84
N HIS NA 136 73.29 1.58 101.31
CA HIS NA 136 73.35 1.88 102.73
C HIS NA 136 71.97 2.15 103.32
N ILE NA 137 71.11 2.83 102.55
CA ILE NA 137 69.77 3.12 103.04
C ILE NA 137 68.94 1.86 103.10
N GLU NA 138 69.04 1.01 102.09
CA GLU NA 138 68.29 -0.24 102.09
C GLU NA 138 68.75 -1.15 103.20
N ASP NA 139 70.06 -1.25 103.41
CA ASP NA 139 70.58 -2.10 104.47
C ASP NA 139 69.92 -1.70 105.77
N GLY NA 140 69.86 -0.39 106.01
CA GLY NA 140 69.23 0.11 107.22
C GLY NA 140 67.77 -0.26 107.38
N ILE NA 141 67.14 -0.74 106.31
CA ILE NA 141 65.74 -1.12 106.36
C ILE NA 141 65.57 -2.61 106.47
N LYS NA 142 66.53 -3.36 105.96
CA LYS NA 142 66.46 -4.82 106.02
C LYS NA 142 67.09 -5.30 107.33
N GLY NA 143 68.20 -4.61 107.65
CA GLY NA 143 68.55 -4.41 109.02
C GLY NA 143 69.34 -5.58 109.40
N HIS NA 144 69.31 -6.56 108.50
CA HIS NA 144 70.04 -7.70 108.83
C HIS NA 144 70.93 -7.96 107.69
N HIS NA 145 71.87 -8.84 108.01
CA HIS NA 145 73.01 -9.04 107.23
C HIS NA 145 72.69 -10.44 106.80
N HIS OA 1 34.79 27.11 101.23
CA HIS OA 1 34.77 25.63 101.42
C HIS OA 1 34.94 25.01 100.07
N GLU OA 2 33.81 24.77 99.38
CA GLU OA 2 33.89 24.06 98.13
C GLU OA 2 34.72 24.92 97.24
N HIS OA 3 34.42 26.22 97.29
CA HIS OA 3 34.98 27.23 96.45
C HIS OA 3 36.43 27.16 96.72
N CYS OA 4 36.76 27.19 98.02
CA CYS OA 4 38.10 27.43 98.48
C CYS OA 4 38.95 26.23 98.31
N CYS OA 5 40.29 26.44 98.42
CA CYS OA 5 41.32 25.62 97.83
C CYS OA 5 40.99 25.40 96.40
N SER OA 6 40.70 26.48 95.68
CA SER OA 6 40.54 26.41 94.26
C SER OA 6 41.91 26.11 93.70
N GLU OA 7 41.94 25.84 92.38
CA GLU OA 7 43.12 25.67 91.58
C GLU OA 7 44.07 26.85 91.77
N GLU OA 8 43.59 28.08 91.56
CA GLU OA 8 44.46 29.23 91.73
C GLU OA 8 44.98 29.22 93.16
N ASP OA 9 44.05 29.07 94.10
CA ASP OA 9 44.40 29.05 95.51
C ASP OA 9 45.64 28.22 95.77
N HIS OA 10 45.56 26.92 95.54
CA HIS OA 10 46.71 26.07 95.79
C HIS OA 10 47.85 26.27 94.83
N ARG OA 11 47.54 26.64 93.59
CA ARG OA 11 48.62 26.88 92.65
C ARG OA 11 49.53 27.89 93.38
N ILE OA 12 48.89 28.81 94.09
CA ILE OA 12 49.62 29.84 94.82
C ILE OA 12 50.38 29.21 95.96
N VAL OA 13 49.66 28.53 96.82
CA VAL OA 13 50.27 27.89 97.95
C VAL OA 13 51.51 27.16 97.47
N GLN OA 14 51.32 26.26 96.51
CA GLN OA 14 52.44 25.49 96.00
C GLN OA 14 53.63 26.35 95.64
N LYS OA 15 53.37 27.41 94.87
CA LYS OA 15 54.46 28.29 94.44
C LYS OA 15 55.20 28.88 95.64
N GLN OA 16 54.43 29.39 96.60
CA GLN OA 16 55.00 30.03 97.77
C GLN OA 16 55.74 29.08 98.69
N TRP OA 17 55.26 27.84 98.76
CA TRP OA 17 55.87 26.85 99.63
C TRP OA 17 57.20 26.41 99.05
N ASP OA 18 57.38 26.67 97.75
CA ASP OA 18 58.62 26.30 97.10
C ASP OA 18 59.76 27.28 97.36
N ILE OA 19 59.42 28.54 97.64
CA ILE OA 19 60.42 29.55 97.91
C ILE OA 19 61.36 28.99 98.95
N LEU OA 20 60.84 28.10 99.78
CA LEU OA 20 61.63 27.50 100.83
C LEU OA 20 62.75 26.56 100.42
N TRP OA 21 62.42 25.57 99.60
CA TRP OA 21 63.39 24.56 99.19
C TRP OA 21 64.32 24.93 98.03
N ARG OA 22 64.69 26.21 97.94
CA ARG OA 22 65.58 26.63 96.87
C ARG OA 22 67.01 26.15 97.14
N ASP OA 23 67.41 26.14 98.42
CA ASP OA 23 68.76 25.69 98.75
C ASP OA 23 68.79 24.23 99.23
N THR OA 24 69.86 23.54 98.84
CA THR OA 24 70.04 22.13 99.14
C THR OA 24 69.95 21.72 100.61
N GLU OA 25 70.14 22.67 101.53
CA GLU OA 25 70.08 22.31 102.93
C GLU OA 25 68.65 22.32 103.49
N SER OA 26 67.76 21.66 102.76
CA SER OA 26 66.36 21.56 103.15
C SER OA 26 66.22 20.95 104.55
N SER OA 27 67.02 19.92 104.83
CA SER OA 27 66.99 19.24 106.12
C SER OA 27 67.09 20.24 107.26
N LYS OA 28 68.16 21.03 107.25
CA LYS OA 28 68.38 22.02 108.30
C LYS OA 28 67.13 22.89 108.49
N ILE OA 29 66.51 23.27 107.38
CA ILE OA 29 65.31 24.10 107.42
C ILE OA 29 64.13 23.30 107.94
N LYS OA 30 63.67 22.34 107.14
CA LYS OA 30 62.53 21.51 107.53
C LYS OA 30 62.59 21.19 109.02
N ILE OA 31 63.74 20.71 109.47
CA ILE OA 31 63.91 20.37 110.89
C ILE OA 31 63.65 21.59 111.77
N GLY OA 32 64.54 22.57 111.67
CA GLY OA 32 64.38 23.77 112.46
C GLY OA 32 62.96 24.28 112.47
N PHE OA 33 62.37 24.40 111.28
CA PHE OA 33 61.01 24.89 111.17
C PHE OA 33 60.01 23.95 111.85
N GLY OA 34 60.05 22.67 111.46
CA GLY OA 34 59.13 21.71 112.05
C GLY OA 34 59.36 21.62 113.54
N ARG OA 35 60.61 21.72 113.96
CA ARG OA 35 60.97 21.66 115.36
C ARG OA 35 60.21 22.76 116.07
N LEU OA 36 60.44 23.98 115.62
CA LEU OA 36 59.78 25.15 116.21
C LEU OA 36 58.28 24.99 116.21
N LEU OA 37 57.70 24.60 115.08
CA LEU OA 37 56.24 24.42 114.98
C LEU OA 37 55.67 23.50 116.06
N LEU OA 38 56.30 22.36 116.27
CA LEU OA 38 55.82 21.44 117.29
C LEU OA 38 56.07 22.02 118.68
N THR OA 39 57.25 22.59 118.91
CA THR OA 39 57.58 23.21 120.20
C THR OA 39 56.49 24.19 120.58
N LYS OA 40 56.29 25.19 119.73
CA LYS OA 40 55.28 26.23 119.95
C LYS OA 40 53.91 25.62 120.17
N LEU OA 41 53.74 24.36 119.82
CA LEU OA 41 52.45 23.74 120.03
C LEU OA 41 52.43 23.28 121.47
N ALA OA 42 53.47 22.55 121.88
CA ALA OA 42 53.57 22.05 123.25
C ALA OA 42 53.56 23.22 124.24
N LYS OA 43 53.99 24.37 123.76
CA LYS OA 43 54.03 25.58 124.58
C LYS OA 43 52.61 25.99 124.96
N ASP OA 44 51.74 26.09 123.96
CA ASP OA 44 50.35 26.48 124.18
C ASP OA 44 49.46 25.37 124.70
N ILE OA 45 49.84 24.11 124.49
CA ILE OA 45 49.07 22.97 124.97
C ILE OA 45 50.03 21.87 125.35
N PRO OA 46 50.36 21.77 126.64
CA PRO OA 46 51.28 20.78 127.22
C PRO OA 46 50.89 19.31 127.13
N GLU OA 47 49.60 19.02 127.21
CA GLU OA 47 49.18 17.63 127.15
C GLU OA 47 49.75 16.99 125.90
N VAL OA 48 50.39 17.83 125.07
CA VAL OA 48 51.01 17.39 123.84
C VAL OA 48 52.36 16.76 124.15
N ASN OA 49 53.11 17.41 125.02
CA ASN OA 49 54.42 16.92 125.39
C ASN OA 49 54.43 15.41 125.65
N ASP OA 50 53.33 14.90 126.21
CA ASP OA 50 53.25 13.47 126.51
C ASP OA 50 53.05 12.62 125.27
N LEU OA 51 52.43 13.20 124.24
CA LEU OA 51 52.17 12.50 123.01
C LEU OA 51 53.45 12.31 122.23
N PHE OA 52 54.24 13.38 122.16
CA PHE OA 52 55.51 13.37 121.46
C PHE OA 52 56.63 12.84 122.33
N LYS OA 53 56.25 12.29 123.48
CA LYS OA 53 57.20 11.74 124.42
C LYS OA 53 57.97 10.62 123.73
N ARG OA 54 57.22 9.80 123.02
CA ARG OA 54 57.75 8.66 122.28
C ARG OA 54 58.92 9.02 121.36
N VAL OA 55 58.91 10.25 120.85
CA VAL OA 55 59.96 10.69 119.93
C VAL OA 55 60.95 11.64 120.61
N ASP OA 56 61.06 11.52 121.93
CA ASP OA 56 61.99 12.35 122.70
C ASP OA 56 61.88 13.83 122.37
N ILE OA 57 60.66 14.37 122.48
CA ILE OA 57 60.43 15.79 122.21
C ILE OA 57 61.14 16.59 123.28
N GLU OA 58 61.48 15.93 124.37
CA GLU OA 58 62.16 16.56 125.47
C GLU OA 58 63.48 17.15 124.94
N HIS OA 59 64.11 16.46 123.99
CA HIS OA 59 65.36 16.94 123.39
C HIS OA 59 65.08 17.44 121.99
N ALA OA 60 64.67 18.69 121.89
CA ALA OA 60 64.35 19.28 120.60
C ALA OA 60 65.39 19.01 119.53
N GLU OA 61 66.66 19.17 119.87
CA GLU OA 61 67.77 18.98 118.93
C GLU OA 61 68.18 17.51 118.84
N GLY OA 62 67.59 16.69 119.70
CA GLY OA 62 67.90 15.28 119.71
C GLY OA 62 67.50 14.61 118.42
N PRO OA 63 68.39 13.86 117.79
CA PRO OA 63 68.05 13.19 116.54
C PRO OA 63 66.68 12.54 116.57
N LYS OA 64 66.37 11.86 117.67
CA LYS OA 64 65.08 11.19 117.82
C LYS OA 64 63.95 12.10 117.36
N PHE OA 65 63.95 13.33 117.86
CA PHE OA 65 62.94 14.31 117.51
C PHE OA 65 63.20 14.96 116.16
N SER OA 66 64.45 15.32 115.88
CA SER OA 66 64.79 15.92 114.60
C SER OA 66 64.23 15.07 113.46
N ALA OA 67 64.38 13.75 113.58
CA ALA OA 67 63.88 12.87 112.55
C ALA OA 67 62.40 13.15 112.45
N HIS OA 68 61.71 13.04 113.56
CA HIS OA 68 60.27 13.26 113.61
C HIS OA 68 59.91 14.58 112.95
N ALA OA 69 60.60 15.64 113.36
CA ALA OA 69 60.36 16.97 112.83
C ALA OA 69 60.25 16.84 111.31
N LEU OA 70 61.14 16.07 110.72
CA LEU OA 70 61.11 15.88 109.28
C LEU OA 70 59.85 15.17 108.87
N ARG OA 71 59.69 13.94 109.33
CA ARG OA 71 58.52 13.15 109.01
C ARG OA 71 57.26 13.97 108.93
N ILE OA 72 56.95 14.73 109.97
CA ILE OA 72 55.75 15.55 109.97
C ILE OA 72 55.81 16.65 108.92
N LEU OA 73 56.78 17.54 109.09
CA LEU OA 73 56.97 18.64 108.18
C LEU OA 73 56.96 18.10 106.74
N ASN OA 74 57.60 16.96 106.53
CA ASN OA 74 57.66 16.35 105.21
C ASN OA 74 56.30 15.82 104.76
N GLY OA 75 55.45 15.48 105.73
CA GLY OA 75 54.13 14.99 105.41
C GLY OA 75 53.33 16.14 104.90
N LEU OA 76 53.48 17.29 105.56
CA LEU OA 76 52.80 18.49 105.13
C LEU OA 76 53.19 18.76 103.68
N ASP OA 77 54.45 18.50 103.35
CA ASP OA 77 54.96 18.69 101.99
C ASP OA 77 54.08 17.83 101.09
N LEU OA 78 54.09 16.53 101.34
CA LEU OA 78 53.29 15.60 100.55
C LEU OA 78 51.90 16.16 100.32
N ALA OA 79 51.24 16.57 101.39
CA ALA OA 79 49.89 17.12 101.28
C ALA OA 79 49.86 18.22 100.25
N ILE OA 80 50.68 19.24 100.46
CA ILE OA 80 50.75 20.38 99.55
C ILE OA 80 51.05 19.93 98.13
N ASN OA 81 52.05 19.08 97.93
CA ASN OA 81 52.41 18.64 96.59
C ASN OA 81 51.39 17.76 95.89
N LEU OA 82 50.35 17.37 96.59
CA LEU OA 82 49.33 16.55 95.98
C LEU OA 82 48.06 17.36 95.85
N LEU OA 83 48.14 18.65 96.17
CA LEU OA 83 46.97 19.51 96.09
C LEU OA 83 46.36 19.52 94.70
N ASP OA 84 47.16 19.24 93.68
CA ASP OA 84 46.64 19.23 92.33
C ASP OA 84 46.37 17.81 91.87
N ASP OA 85 45.48 17.11 92.58
CA ASP OA 85 45.06 15.73 92.29
C ASP OA 85 44.24 15.29 93.48
N PRO OA 86 43.08 15.93 93.69
CA PRO OA 86 42.18 15.63 94.79
C PRO OA 86 42.06 14.17 95.23
N PRO OA 87 41.81 13.23 94.29
CA PRO OA 87 41.69 11.82 94.68
C PRO OA 87 42.91 11.29 95.38
N ALA OA 88 44.08 11.61 94.85
CA ALA OA 88 45.36 11.19 95.43
C ALA OA 88 45.55 11.87 96.78
N LEU OA 89 45.48 13.19 96.78
CA LEU OA 89 45.60 13.94 98.01
C LEU OA 89 44.67 13.37 99.04
N ASP OA 90 43.42 13.12 98.65
CA ASP OA 90 42.43 12.56 99.55
C ASP OA 90 43.04 11.34 100.18
N ALA OA 91 43.29 10.33 99.37
CA ALA OA 91 43.88 9.08 99.86
C ALA OA 91 45.08 9.33 100.77
N ALA OA 92 46.01 10.13 100.29
CA ALA OA 92 47.22 10.47 101.04
C ALA OA 92 46.93 10.99 102.45
N LEU OA 93 45.92 11.83 102.57
CA LEU OA 93 45.52 12.39 103.85
C LEU OA 93 44.75 11.38 104.69
N ASP OA 94 43.82 10.65 104.08
CA ASP OA 94 43.05 9.65 104.82
C ASP OA 94 44.04 8.78 105.55
N HIS OA 95 45.09 8.39 104.84
CA HIS OA 95 46.14 7.55 105.42
C HIS OA 95 46.70 8.24 106.66
N LEU OA 96 46.94 9.54 106.56
CA LEU OA 96 47.48 10.29 107.70
C LEU OA 96 46.48 10.30 108.84
N ALA OA 97 45.20 10.25 108.52
CA ALA OA 97 44.19 10.23 109.54
C ALA OA 97 44.40 8.97 110.38
N HIS OA 98 44.44 7.82 109.72
CA HIS OA 98 44.63 6.54 110.40
C HIS OA 98 45.91 6.53 111.24
N GLN OA 99 46.97 7.15 110.74
CA GLN OA 99 48.21 7.15 111.50
C GLN OA 99 48.10 7.96 112.77
N HIS OA 100 47.06 8.79 112.85
CA HIS OA 100 46.81 9.62 114.02
C HIS OA 100 45.68 9.06 114.86
N GLU OA 101 44.80 8.28 114.25
CA GLU OA 101 43.69 7.71 114.97
C GLU OA 101 44.16 6.78 116.09
N VAL OA 102 45.10 5.91 115.78
CA VAL OA 102 45.63 4.97 116.74
C VAL OA 102 46.59 5.57 117.75
N ARG OA 103 46.71 6.89 117.75
CA ARG OA 103 47.59 7.56 118.69
C ARG OA 103 46.70 8.30 119.68
N GLU OA 104 46.24 7.60 120.71
CA GLU OA 104 45.35 8.21 121.68
C GLU OA 104 46.00 9.38 122.38
N GLY OA 105 45.17 10.38 122.69
CA GLY OA 105 45.65 11.57 123.36
C GLY OA 105 45.53 12.73 122.41
N VAL OA 106 45.65 12.43 121.13
CA VAL OA 106 45.58 13.44 120.08
C VAL OA 106 44.14 13.78 119.82
N GLN OA 107 43.75 15.01 120.16
CA GLN OA 107 42.37 15.47 119.94
C GLN OA 107 42.30 16.60 118.92
N LYS OA 108 41.12 16.81 118.35
CA LYS OA 108 40.93 17.84 117.34
C LYS OA 108 41.48 19.20 117.73
N ALA OA 109 41.10 19.69 118.89
CA ALA OA 109 41.55 21.00 119.36
C ALA OA 109 43.06 21.21 119.13
N HIS OA 110 43.82 20.13 119.06
CA HIS OA 110 45.25 20.19 118.84
C HIS OA 110 45.54 20.74 117.46
N PHE OA 111 44.90 20.16 116.45
CA PHE OA 111 45.08 20.59 115.07
C PHE OA 111 44.62 22.02 114.90
N LYS OA 112 43.44 22.35 115.41
CA LYS OA 112 42.96 23.72 115.29
C LYS OA 112 44.08 24.67 115.71
N LYS OA 113 44.72 24.37 116.83
CA LYS OA 113 45.80 25.21 117.35
C LYS OA 113 47.01 25.17 116.42
N PHE OA 114 47.46 23.97 116.08
CA PHE OA 114 48.60 23.82 115.19
C PHE OA 114 48.37 24.64 113.94
N GLY OA 115 47.13 24.70 113.50
CA GLY OA 115 46.82 25.46 112.30
C GLY OA 115 47.10 26.92 112.52
N GLU OA 116 46.58 27.45 113.62
CA GLU OA 116 46.78 28.85 113.94
C GLU OA 116 48.26 29.16 114.02
N ILE OA 117 49.03 28.22 114.57
CA ILE OA 117 50.47 28.40 114.75
C ILE OA 117 51.17 28.41 113.40
N LEU OA 118 50.79 27.46 112.56
CA LEU OA 118 51.36 27.30 111.24
C LEU OA 118 51.09 28.54 110.41
N ALA OA 119 49.91 29.11 110.60
CA ALA OA 119 49.52 30.29 109.86
C ALA OA 119 50.27 31.54 110.30
N THR OA 120 50.77 31.51 111.54
CA THR OA 120 51.49 32.67 112.05
C THR OA 120 52.96 32.49 111.76
N GLY OA 121 53.36 31.25 111.52
CA GLY OA 121 54.75 30.94 111.25
C GLY OA 121 55.19 31.10 109.82
N LEU OA 122 54.47 30.48 108.89
CA LEU OA 122 54.81 30.57 107.47
C LEU OA 122 55.22 31.95 107.03
N PRO OA 123 54.35 32.95 107.22
CA PRO OA 123 54.64 34.33 106.82
C PRO OA 123 55.92 34.93 107.42
N GLN OA 124 56.57 34.18 108.29
CA GLN OA 124 57.79 34.64 108.92
C GLN OA 124 59.00 34.18 108.15
N VAL OA 125 58.84 33.14 107.36
CA VAL OA 125 59.94 32.61 106.56
C VAL OA 125 59.73 32.86 105.08
N LEU OA 126 58.49 33.11 104.70
CA LEU OA 126 58.18 33.37 103.30
C LEU OA 126 57.86 34.84 103.14
N ASP OA 127 58.62 35.54 102.30
CA ASP OA 127 58.36 36.96 102.09
C ASP OA 127 57.05 37.15 101.33
N ASP OA 128 56.74 36.21 100.43
CA ASP OA 128 55.50 36.28 99.66
C ASP OA 128 54.55 35.25 100.21
N TYR OA 129 53.54 35.72 100.93
CA TYR OA 129 52.55 34.85 101.56
C TYR OA 129 51.15 35.39 101.32
N ASP OA 130 50.24 34.51 100.92
CA ASP OA 130 48.86 34.90 100.67
C ASP OA 130 47.98 34.23 101.69
N ALA OA 131 47.87 34.85 102.86
CA ALA OA 131 47.09 34.31 103.96
C ALA OA 131 45.76 33.65 103.54
N LEU OA 132 44.99 34.34 102.69
CA LEU OA 132 43.71 33.79 102.26
C LEU OA 132 43.84 32.45 101.60
N ALA OA 133 44.72 32.34 100.61
CA ALA OA 133 44.90 31.07 99.91
C ALA OA 133 45.34 29.99 100.88
N TRP OA 134 46.40 30.24 101.63
CA TRP OA 134 46.88 29.27 102.56
C TRP OA 134 45.85 28.79 103.56
N LYS OA 135 45.24 29.72 104.29
CA LYS OA 135 44.25 29.33 105.29
C LYS OA 135 43.23 28.40 104.65
N SER OA 136 42.78 28.74 103.45
CA SER OA 136 41.82 27.92 102.73
C SER OA 136 42.29 26.49 102.58
N CYS OA 137 43.52 26.31 102.09
CA CYS OA 137 44.09 24.99 101.89
C CYS OA 137 44.51 24.28 103.18
N LEU OA 138 45.22 24.96 104.05
CA LEU OA 138 45.63 24.33 105.29
C LEU OA 138 44.42 23.77 106.01
N LYS OA 139 43.30 24.49 105.97
CA LYS OA 139 42.08 24.03 106.65
C LYS OA 139 41.70 22.68 106.10
N GLY OA 140 41.46 22.61 104.80
CA GLY OA 140 41.08 21.35 104.17
C GLY OA 140 42.00 20.21 104.56
N ILE OA 141 43.30 20.47 104.63
CA ILE OA 141 44.27 19.45 104.98
C ILE OA 141 44.15 19.04 106.42
N LEU OA 142 44.40 19.98 107.33
CA LEU OA 142 44.31 19.69 108.75
C LEU OA 142 43.03 18.96 109.11
N THR OA 143 41.90 19.41 108.56
CA THR OA 143 40.62 18.77 108.86
C THR OA 143 40.63 17.30 108.46
N LYS OA 144 40.87 17.02 107.20
CA LYS OA 144 40.87 15.65 106.69
C LYS OA 144 41.84 14.75 107.44
N ILE OA 145 42.91 15.32 107.99
CA ILE OA 145 43.88 14.52 108.74
C ILE OA 145 43.38 14.10 110.12
N SER OA 146 42.62 14.97 110.76
CA SER OA 146 42.11 14.71 112.09
C SER OA 146 40.68 14.17 112.11
N SER OA 147 40.05 14.16 110.94
CA SER OA 147 38.62 14.15 110.84
C SER OA 147 38.20 12.83 111.35
N ARG OA 148 39.08 11.86 111.08
CA ARG OA 148 38.98 10.69 111.87
C ARG OA 148 39.74 10.87 113.13
N LEU OA 149 39.03 10.54 114.22
CA LEU OA 149 39.46 10.69 115.57
C LEU OA 149 39.87 9.27 115.93
N GLU PA 1 69.93 38.60 121.64
CA GLU PA 1 70.40 38.49 120.24
C GLU PA 1 69.20 38.47 119.37
N CYS PA 2 69.30 37.85 118.19
CA CYS PA 2 68.24 37.98 117.24
C CYS PA 2 67.47 36.69 117.22
N LEU PA 3 66.35 36.67 116.47
CA LEU PA 3 65.51 35.51 116.41
C LEU PA 3 65.94 34.69 115.24
N VAL PA 4 65.79 33.36 115.37
CA VAL PA 4 66.36 32.45 114.44
C VAL PA 4 65.76 32.65 113.09
N THR PA 5 64.46 33.01 113.03
CA THR PA 5 63.81 33.42 111.78
C THR PA 5 64.29 34.80 111.33
N GLU PA 6 64.28 35.75 112.26
CA GLU PA 6 64.72 37.10 111.96
C GLU PA 6 66.09 37.10 111.28
N SER PA 7 66.80 36.00 111.36
CA SER PA 7 68.12 35.90 110.72
C SER PA 7 67.93 35.38 109.32
N LEU PA 8 67.42 34.15 109.23
CA LEU PA 8 67.16 33.50 107.95
C LEU PA 8 66.55 34.50 106.98
N LYS PA 9 65.66 35.34 107.49
CA LYS PA 9 65.02 36.37 106.69
C LYS PA 9 66.07 37.30 106.08
N VAL PA 10 66.99 37.76 106.91
CA VAL PA 10 68.06 38.63 106.45
C VAL PA 10 69.00 37.85 105.56
N LYS PA 11 69.42 36.67 106.00
CA LYS PA 11 70.34 35.84 105.23
C LYS PA 11 69.79 35.71 103.82
N LEU PA 12 68.48 35.50 103.73
CA LEU PA 12 67.80 35.32 102.45
C LEU PA 12 67.73 36.60 101.65
N GLN PA 13 67.18 37.66 102.25
CA GLN PA 13 67.06 38.93 101.55
C GLN PA 13 68.41 39.48 101.12
N TRP PA 14 69.43 39.27 101.94
CA TRP PA 14 70.76 39.75 101.59
C TRP PA 14 71.13 39.16 100.25
N ALA PA 15 70.81 37.89 100.07
CA ALA PA 15 71.11 37.21 98.83
C ALA PA 15 70.59 37.98 97.63
N SER PA 16 69.28 38.17 97.56
CA SER PA 16 68.63 38.86 96.45
C SER PA 16 69.17 40.26 96.24
N ALA PA 17 69.28 41.01 97.33
CA ALA PA 17 69.76 42.38 97.27
C ALA PA 17 71.21 42.54 96.80
N PHE PA 18 72.13 41.91 97.55
CA PHE PA 18 73.55 41.99 97.24
C PHE PA 18 73.76 41.56 95.80
N GLY PA 19 73.46 40.31 95.50
CA GLY PA 19 73.61 39.83 94.15
C GLY PA 19 74.90 39.12 93.86
N HIS PA 20 75.31 39.15 92.59
CA HIS PA 20 76.55 38.51 92.16
C HIS PA 20 77.34 39.36 91.18
N ALA PA 21 78.65 39.15 91.16
CA ALA PA 21 79.54 39.87 90.25
C ALA PA 21 79.33 41.38 90.25
N HIS PA 22 79.30 41.94 89.06
CA HIS PA 22 79.13 43.38 88.89
C HIS PA 22 77.98 43.92 89.73
N GLU PA 23 76.85 43.22 89.71
CA GLU PA 23 75.67 43.65 90.45
C GLU PA 23 76.03 44.16 91.84
N ARG PA 24 77.11 43.61 92.38
CA ARG PA 24 77.60 43.97 93.71
C ARG PA 24 78.34 45.30 93.71
N VAL PA 25 79.36 45.39 92.88
CA VAL PA 25 80.13 46.63 92.83
C VAL PA 25 79.15 47.79 92.76
N ALA PA 26 78.10 47.60 91.96
CA ALA PA 26 77.08 48.62 91.76
C ALA PA 26 76.46 48.94 93.10
N PHE PA 27 76.12 47.91 93.85
CA PHE PA 27 75.54 48.07 95.16
C PHE PA 27 76.50 48.84 96.04
N GLY PA 28 77.71 48.28 96.21
CA GLY PA 28 78.70 48.93 97.04
C GLY PA 28 78.82 50.40 96.70
N LEU PA 29 79.07 50.69 95.44
CA LEU PA 29 79.18 52.07 94.98
C LEU PA 29 78.00 52.93 95.42
N GLU PA 30 76.79 52.55 94.98
CA GLU PA 30 75.59 53.29 95.35
C GLU PA 30 75.55 53.56 96.85
N LEU PA 31 75.91 52.57 97.65
CA LEU PA 31 75.93 52.69 99.10
C LEU PA 31 76.87 53.77 99.59
N TRP PA 32 78.17 53.57 99.36
CA TRP PA 32 79.16 54.54 99.80
C TRP PA 32 78.92 55.94 99.31
N ARG PA 33 78.39 56.09 98.09
CA ARG PA 33 78.13 57.43 97.57
C ARG PA 33 77.16 58.12 98.49
N ASP PA 34 76.00 57.52 98.70
CA ASP PA 34 74.98 58.08 99.58
C ASP PA 34 75.55 58.41 100.96
N ILE PA 35 76.43 57.54 101.46
CA ILE PA 35 77.04 57.74 102.78
C ILE PA 35 77.96 58.94 102.81
N ILE PA 36 78.87 59.02 101.87
CA ILE PA 36 79.80 60.12 101.81
C ILE PA 36 79.16 61.48 101.53
N ASP PA 37 78.08 61.50 100.77
CA ASP PA 37 77.42 62.77 100.48
C ASP PA 37 76.76 63.30 101.74
N ASP PA 38 76.27 62.40 102.57
CA ASP PA 38 75.60 62.76 103.80
C ASP PA 38 76.59 63.22 104.86
N HIS PA 39 77.73 62.55 104.95
CA HIS PA 39 78.75 62.87 105.92
C HIS PA 39 80.16 62.84 105.33
N PRO PA 40 80.54 63.91 104.59
CA PRO PA 40 81.86 64.00 103.96
C PRO PA 40 83.02 63.88 104.93
N GLU PA 41 82.75 63.83 106.22
CA GLU PA 41 83.81 63.70 107.20
C GLU PA 41 84.51 62.36 107.02
N ILE PA 42 83.81 61.42 106.42
CA ILE PA 42 84.34 60.07 106.21
C ILE PA 42 85.44 59.97 105.16
N LYS PA 43 85.43 60.85 104.17
CA LYS PA 43 86.46 60.78 103.14
C LYS PA 43 87.84 60.81 103.77
N ALA PA 44 87.90 61.14 105.05
CA ALA PA 44 89.17 61.23 105.75
C ALA PA 44 89.91 59.91 105.93
N PRO PA 45 89.39 58.99 106.76
CA PRO PA 45 90.08 57.71 106.96
C PRO PA 45 90.21 56.86 105.70
N PHE PA 46 89.35 57.12 104.72
CA PHE PA 46 89.37 56.39 103.46
C PHE PA 46 90.42 56.97 102.53
N SER PA 47 91.35 57.72 103.09
CA SER PA 47 92.41 58.35 102.32
C SER PA 47 93.32 57.32 101.68
N ARG PA 48 93.53 56.20 102.37
CA ARG PA 48 94.41 55.16 101.86
C ARG PA 48 93.83 54.51 100.62
N VAL PA 49 92.51 54.39 100.59
CA VAL PA 49 91.81 53.77 99.47
C VAL PA 49 91.07 54.81 98.63
N ARG PA 50 91.78 55.83 98.17
CA ARG PA 50 91.21 56.90 97.36
C ARG PA 50 89.73 57.08 97.60
N GLY PA 51 89.40 57.62 98.77
CA GLY PA 51 88.03 57.86 99.12
C GLY PA 51 87.46 59.09 98.48
N ASP PA 52 88.33 59.91 97.87
CA ASP PA 52 87.87 61.12 97.21
C ASP PA 52 87.12 60.76 95.94
N ASN PA 53 87.63 59.74 95.25
CA ASN PA 53 87.05 59.23 94.00
C ASN PA 53 86.52 57.80 94.23
N ILE PA 54 85.27 57.69 94.66
CA ILE PA 54 84.69 56.39 94.93
C ILE PA 54 84.55 55.52 93.71
N TYR PA 55 84.62 56.12 92.52
CA TYR PA 55 84.48 55.34 91.29
C TYR PA 55 85.81 54.68 90.90
N SER PA 56 86.89 55.09 91.57
CA SER PA 56 88.21 54.56 91.27
C SER PA 56 88.30 53.10 91.60
N PRO PA 57 89.23 52.38 90.97
CA PRO PA 57 89.38 50.96 91.23
C PRO PA 57 89.90 50.76 92.66
N GLU PA 58 90.81 51.63 93.08
CA GLU PA 58 91.37 51.54 94.42
C GLU PA 58 90.25 51.46 95.46
N PHE PA 59 89.33 52.42 95.40
CA PHE PA 59 88.19 52.46 96.32
C PHE PA 59 87.25 51.32 96.01
N GLY PA 60 86.99 51.10 94.73
CA GLY PA 60 86.11 50.02 94.32
C GLY PA 60 86.50 48.73 95.04
N ALA PA 61 87.80 48.44 95.01
CA ALA PA 61 88.33 47.24 95.66
C ALA PA 61 87.85 47.28 97.08
N HIS PA 62 88.24 48.31 97.80
CA HIS PA 62 87.84 48.51 99.18
C HIS PA 62 86.36 48.22 99.35
N SER PA 63 85.54 48.99 98.67
CA SER PA 63 84.09 48.85 98.70
C SER PA 63 83.69 47.40 98.78
N GLN PA 64 84.22 46.62 97.85
CA GLN PA 64 83.93 45.18 97.79
C GLN PA 64 84.39 44.44 99.05
N ARG PA 65 85.65 44.63 99.45
CA ARG PA 65 86.19 43.98 100.62
C ARG PA 65 85.24 44.16 101.79
N VAL PA 66 84.71 45.38 101.92
CA VAL PA 66 83.78 45.72 102.98
C VAL PA 66 82.53 44.86 102.89
N LEU PA 67 81.76 45.08 101.86
CA LEU PA 67 80.55 44.32 101.67
C LEU PA 67 80.82 42.85 101.95
N SER PA 68 81.93 42.32 101.46
CA SER PA 68 82.25 40.91 101.66
C SER PA 68 82.21 40.57 103.12
N GLY PA 69 82.94 41.34 103.92
CA GLY PA 69 82.95 41.10 105.36
C GLY PA 69 81.53 41.11 105.91
N LEU PA 70 80.74 42.06 105.43
CA LEU PA 70 79.35 42.17 105.85
C LEU PA 70 78.67 40.86 105.49
N ASP PA 71 79.00 40.32 104.33
CA ASP PA 71 78.40 39.05 103.90
C ASP PA 71 78.73 38.00 104.94
N ILE PA 72 80.00 37.89 105.28
CA ILE PA 72 80.44 36.91 106.29
C ILE PA 72 79.63 37.04 107.56
N THR PA 73 79.72 38.19 108.20
CA THR PA 73 78.96 38.41 109.43
C THR PA 73 77.54 37.92 109.26
N ILE PA 74 76.83 38.41 108.25
CA ILE PA 74 75.45 37.98 108.01
C ILE PA 74 75.31 36.47 107.87
N SER PA 75 76.17 35.81 107.08
CA SER PA 75 75.91 34.40 106.93
C SER PA 75 76.41 33.71 108.15
N MET PA 76 77.20 34.45 108.95
CA MET PA 76 77.72 34.05 110.23
C MET PA 76 76.61 33.95 111.23
N LEU PA 77 75.61 34.85 111.14
CA LEU PA 77 74.64 35.12 112.17
C LEU PA 77 73.91 33.86 112.52
N ASP PA 78 73.48 33.13 111.48
CA ASP PA 78 72.52 32.08 111.55
C ASP PA 78 72.94 31.06 112.57
N THR PA 79 74.25 30.73 112.62
CA THR PA 79 74.72 29.80 113.59
C THR PA 79 75.53 30.57 114.59
N PRO PA 80 75.03 30.59 115.78
CA PRO PA 80 75.55 31.43 116.85
C PRO PA 80 77.04 31.28 117.20
N ASP PA 81 77.51 30.03 117.29
CA ASP PA 81 78.90 29.78 117.64
C ASP PA 81 79.88 30.43 116.67
N MET PA 82 79.53 30.47 115.39
CA MET PA 82 80.39 31.06 114.38
C MET PA 82 80.28 32.58 114.43
N LEU PA 83 79.06 33.07 114.60
CA LEU PA 83 78.84 34.51 114.66
C LEU PA 83 79.57 35.12 115.84
N ALA PA 84 79.28 34.59 117.02
CA ALA PA 84 79.90 35.07 118.25
C ALA PA 84 81.41 35.18 118.05
N ALA PA 85 81.99 34.19 117.37
CA ALA PA 85 83.42 34.16 117.11
C ALA PA 85 83.82 35.20 116.09
N GLN PA 86 83.12 35.20 114.95
CA GLN PA 86 83.38 36.14 113.88
C GLN PA 86 83.26 37.56 114.38
N LEU PA 87 82.20 37.85 115.12
CA LEU PA 87 82.00 39.19 115.64
C LEU PA 87 83.18 39.57 116.51
N ALA PA 88 83.54 38.71 117.45
CA ALA PA 88 84.67 38.99 118.33
C ALA PA 88 85.91 39.31 117.50
N HIS PA 89 86.10 38.55 116.42
CA HIS PA 89 87.24 38.75 115.54
C HIS PA 89 87.21 40.14 114.91
N LEU PA 90 86.02 40.60 114.53
CA LEU PA 90 85.89 41.90 113.90
C LEU PA 90 86.15 43.01 114.91
N LYS PA 91 85.65 42.83 116.13
CA LYS PA 91 85.82 43.85 117.16
C LYS PA 91 87.27 44.20 117.33
N VAL PA 92 88.14 43.19 117.30
CA VAL PA 92 89.56 43.40 117.46
C VAL PA 92 90.14 44.27 116.34
N GLN PA 93 89.81 43.94 115.09
CA GLN PA 93 90.33 44.70 113.96
C GLN PA 93 89.90 46.16 114.01
N HIS PA 94 88.99 46.47 114.93
CA HIS PA 94 88.49 47.85 115.06
C HIS PA 94 88.94 48.58 116.31
N VAL PA 95 88.70 47.98 117.46
CA VAL PA 95 89.07 48.58 118.73
C VAL PA 95 90.42 49.33 118.71
N GLU PA 96 91.42 48.70 118.05
CA GLU PA 96 92.76 49.18 118.09
C GLU PA 96 92.72 50.55 117.54
N ARG PA 97 92.19 50.63 116.32
CA ARG PA 97 92.08 51.92 115.70
C ARG PA 97 90.99 52.60 116.39
N ASN PA 98 91.00 53.92 116.23
CA ASN PA 98 90.02 54.75 116.84
C ASN PA 98 89.09 55.09 115.78
N LEU PA 99 87.82 55.11 116.15
CA LEU PA 99 86.90 55.49 115.15
C LEU PA 99 85.90 56.36 115.83
N LYS PA 100 84.92 56.91 115.09
CA LYS PA 100 83.81 57.49 115.77
C LYS PA 100 82.68 56.55 115.63
N PRO PA 101 82.14 56.23 116.76
CA PRO PA 101 81.13 55.24 116.90
C PRO PA 101 79.95 55.57 116.05
N GLU PA 102 79.64 56.86 115.88
CA GLU PA 102 78.43 57.26 115.17
C GLU PA 102 78.50 56.94 113.67
N PHE PA 103 79.71 56.80 113.15
CA PHE PA 103 79.91 56.48 111.73
C PHE PA 103 79.15 55.23 111.38
N PHE PA 104 79.26 54.22 112.23
CA PHE PA 104 78.58 52.96 111.99
C PHE PA 104 77.08 53.13 112.03
N ASP PA 105 76.61 53.95 112.96
CA ASP PA 105 75.17 54.20 113.06
C ASP PA 105 74.70 54.80 111.73
N ILE PA 106 75.62 55.50 111.07
CA ILE PA 106 75.36 56.12 109.78
C ILE PA 106 75.35 55.03 108.71
N PHE PA 107 76.45 54.28 108.66
CA PHE PA 107 76.58 53.19 107.71
C PHE PA 107 75.28 52.38 107.71
N LEU PA 108 74.85 51.97 108.88
CA LEU PA 108 73.63 51.18 109.01
C LEU PA 108 72.44 51.90 108.42
N LYS PA 109 72.28 53.18 108.76
CA LYS PA 109 71.18 53.96 108.25
C LYS PA 109 71.05 53.76 106.74
N HIS PA 110 72.15 53.96 106.03
CA HIS PA 110 72.15 53.82 104.56
C HIS PA 110 72.00 52.37 104.07
N LEU PA 111 72.77 51.45 104.64
CA LEU PA 111 72.68 50.07 104.22
C LEU PA 111 71.22 49.67 104.17
N LEU PA 112 70.42 50.16 105.11
CA LEU PA 112 68.99 49.84 105.16
C LEU PA 112 68.24 50.61 104.09
N HIS PA 113 68.60 51.87 103.94
CA HIS PA 113 67.99 52.72 102.93
C HIS PA 113 68.16 52.05 101.56
N VAL PA 114 69.39 51.63 101.25
CA VAL PA 114 69.68 50.98 99.99
C VAL PA 114 68.92 49.67 99.83
N LEU PA 115 69.06 48.76 100.79
CA LEU PA 115 68.35 47.49 100.70
C LEU PA 115 66.87 47.77 100.49
N GLY PA 116 66.41 48.88 101.08
CA GLY PA 116 65.02 49.27 100.95
C GLY PA 116 64.67 49.38 99.49
N ASP PA 117 65.50 50.10 98.73
CA ASP PA 117 65.27 50.27 97.31
C ASP PA 117 65.33 48.93 96.62
N ARG PA 118 66.45 48.23 96.78
CA ARG PA 118 66.64 46.93 96.15
C ARG PA 118 65.52 45.92 96.41
N LEU PA 119 65.15 45.73 97.66
CA LEU PA 119 64.13 44.76 98.01
C LEU PA 119 62.69 45.23 97.86
N GLY PA 120 62.45 46.53 97.99
CA GLY PA 120 61.10 47.03 97.84
C GLY PA 120 60.32 47.05 99.14
N THR PA 121 59.04 46.74 99.06
CA THR PA 121 58.18 46.74 100.25
C THR PA 121 58.31 45.47 101.07
N HIS PA 122 58.83 44.42 100.45
CA HIS PA 122 58.99 43.13 101.12
C HIS PA 122 60.07 43.24 102.19
N PHE PA 123 61.00 44.17 101.97
CA PHE PA 123 62.12 44.39 102.87
C PHE PA 123 61.70 44.34 104.32
N ASP PA 124 62.19 43.34 105.06
CA ASP PA 124 61.83 43.24 106.47
C ASP PA 124 62.73 44.11 107.34
N PHE PA 125 62.40 45.39 107.36
CA PHE PA 125 63.14 46.38 108.12
C PHE PA 125 63.39 45.87 109.52
N GLY PA 126 62.32 45.49 110.21
CA GLY PA 126 62.46 44.99 111.55
C GLY PA 126 63.60 44.02 111.67
N ALA PA 127 63.50 42.90 110.96
CA ALA PA 127 64.52 41.86 111.00
C ALA PA 127 65.93 42.41 110.80
N TRP PA 128 66.12 43.23 109.78
CA TRP PA 128 67.44 43.77 109.52
C TRP PA 128 67.92 44.64 110.66
N HIS PA 129 67.15 45.65 111.03
CA HIS PA 129 67.53 46.56 112.10
C HIS PA 129 67.99 45.76 113.31
N ASP PA 130 67.12 44.88 113.78
CA ASP PA 130 67.44 44.04 114.92
C ASP PA 130 68.69 43.23 114.68
N CYS PA 131 68.83 42.74 113.47
CA CYS PA 131 69.98 41.90 113.15
C CYS PA 131 71.31 42.53 112.73
N VAL PA 132 71.30 43.49 111.82
CA VAL PA 132 72.53 44.11 111.40
C VAL PA 132 73.08 44.93 112.55
N ASP PA 133 72.18 45.47 113.37
CA ASP PA 133 72.59 46.28 114.51
C ASP PA 133 73.58 45.48 115.29
N GLN PA 134 73.15 44.27 115.71
CA GLN PA 134 73.97 43.31 116.47
C GLN PA 134 75.40 43.07 115.84
N ILE PA 135 75.50 43.28 114.54
CA ILE PA 135 76.77 43.14 113.88
C ILE PA 135 77.61 44.41 114.03
N ILE PA 136 76.95 45.57 114.04
CA ILE PA 136 77.67 46.81 114.17
C ILE PA 136 78.25 47.00 115.57
N ASP PA 137 77.42 46.87 116.60
CA ASP PA 137 77.92 47.05 117.96
C ASP PA 137 79.15 46.20 118.22
N GLY PA 138 79.16 44.98 117.67
CA GLY PA 138 80.19 44.05 117.95
C GLY PA 138 81.47 44.64 117.47
N ILE PA 139 81.47 45.26 116.27
CA ILE PA 139 82.69 45.74 115.70
C ILE PA 139 83.19 46.92 116.45
N LYS PA 140 82.24 47.82 116.79
CA LYS PA 140 82.56 49.04 117.47
C LYS PA 140 83.08 48.62 118.86
N ASP QA 1 54.72 80.15 55.59
CA ASP QA 1 53.48 79.38 55.83
C ASP QA 1 53.75 78.59 57.04
N CYS QA 2 53.13 77.42 57.16
CA CYS QA 2 53.73 76.83 58.29
C CYS QA 2 54.58 75.69 57.90
N CYS QA 3 55.16 75.19 59.00
CA CYS QA 3 56.11 74.17 59.01
C CYS QA 3 55.31 72.97 59.28
N SER QA 4 55.60 71.93 58.47
CA SER QA 4 55.09 70.61 58.62
C SER QA 4 56.00 69.93 59.59
N TYR QA 5 55.49 68.92 60.23
CA TYR QA 5 56.17 68.03 61.15
C TYR QA 5 57.22 67.25 60.37
N GLU QA 6 56.86 66.83 59.16
CA GLU QA 6 57.78 66.08 58.33
C GLU QA 6 59.01 66.93 58.10
N ASP QA 7 58.78 68.19 57.73
CA ASP QA 7 59.88 69.10 57.48
C ASP QA 7 60.77 69.21 58.70
N ARG QA 8 60.16 69.29 59.87
CA ARG QA 8 60.95 69.38 61.08
C ARG QA 8 61.85 68.15 61.11
N ARG QA 9 61.27 66.98 60.93
CA ARG QA 9 62.04 65.75 60.92
C ARG QA 9 63.18 65.84 59.90
N GLU QA 10 62.89 66.35 58.72
CA GLU QA 10 63.90 66.50 57.68
C GLU QA 10 65.10 67.28 58.23
N ILE QA 11 64.81 68.44 58.81
CA ILE QA 11 65.83 69.28 59.37
C ILE QA 11 66.52 68.60 60.55
N ARG QA 12 65.75 68.10 61.49
CA ARG QA 12 66.32 67.45 62.68
C ARG QA 12 67.37 66.44 62.26
N HIS QA 13 67.38 66.11 60.96
CA HIS QA 13 68.33 65.16 60.41
C HIS QA 13 69.40 65.93 59.64
N ILE QA 14 68.98 66.76 58.71
CA ILE QA 14 69.92 67.56 57.95
C ILE QA 14 70.96 68.18 58.89
N TRP QA 15 70.50 68.65 60.05
CA TRP QA 15 71.38 69.28 61.01
C TRP QA 15 72.42 68.29 61.52
N ASP QA 16 71.95 67.11 61.96
CA ASP QA 16 72.84 66.08 62.47
C ASP QA 16 74.02 65.77 61.53
N ASP QA 17 74.02 66.37 60.34
CA ASP QA 17 75.09 66.15 59.39
C ASP QA 17 76.10 67.29 59.41
N VAL QA 18 75.63 68.48 59.75
CA VAL QA 18 76.53 69.63 59.82
C VAL QA 18 77.09 69.73 61.22
N TRP QA 19 76.27 69.48 62.24
CA TRP QA 19 76.72 69.77 63.56
C TRP QA 19 77.83 68.82 63.97
N SER QA 20 77.81 67.59 63.42
CA SER QA 20 77.73 66.35 64.14
C SER QA 20 78.80 66.19 65.17
N SER QA 21 80.07 66.41 64.74
CA SER QA 21 81.23 66.02 65.50
C SER QA 21 81.37 66.90 66.71
N SER QA 22 82.10 66.43 67.73
CA SER QA 22 82.08 67.16 68.98
C SER QA 22 82.85 68.41 68.82
N PHE QA 23 83.80 68.31 67.93
CA PHE QA 23 84.79 69.25 67.55
C PHE QA 23 84.21 70.55 67.15
N THR QA 24 84.79 71.67 67.64
CA THR QA 24 84.57 72.93 66.94
C THR QA 24 84.92 72.93 65.45
N ASP QA 25 86.19 72.64 65.14
CA ASP QA 25 86.69 72.59 63.77
C ASP QA 25 85.65 72.63 62.65
N ARG QA 26 84.83 71.59 62.53
CA ARG QA 26 83.83 71.53 61.46
C ARG QA 26 82.81 72.68 61.51
N ARG QA 27 81.98 72.71 62.55
CA ARG QA 27 80.97 73.74 62.67
C ARG QA 27 81.53 75.11 62.39
N VAL QA 28 82.75 75.35 62.85
CA VAL QA 28 83.40 76.63 62.62
C VAL QA 28 83.51 76.93 61.13
N ALA QA 29 84.27 76.13 60.41
CA ALA QA 29 84.46 76.30 58.99
C ALA QA 29 83.13 76.55 58.27
N ILE QA 30 82.08 75.83 58.67
CA ILE QA 30 80.79 76.01 58.02
C ILE QA 30 80.19 77.37 58.32
N VAL QA 31 79.98 77.67 59.59
CA VAL QA 31 79.41 78.96 59.97
C VAL QA 31 80.23 80.08 59.38
N ARG QA 32 81.54 79.90 59.35
CA ARG QA 32 82.41 80.92 58.77
C ARG QA 32 82.02 81.04 57.30
N ALA QA 33 82.19 79.94 56.56
CA ALA QA 33 81.87 79.91 55.14
C ALA QA 33 80.52 80.58 54.87
N VAL QA 34 79.63 80.53 55.86
CA VAL QA 34 78.31 81.14 55.73
C VAL QA 34 78.47 82.65 55.78
N PHE QA 35 79.14 83.14 56.80
CA PHE QA 35 79.34 84.57 56.93
C PHE QA 35 80.13 85.15 55.77
N ASP QA 36 81.16 84.45 55.32
CA ASP QA 36 81.95 84.94 54.20
C ASP QA 36 81.05 85.24 53.01
N ASP QA 37 79.96 84.48 52.90
CA ASP QA 37 78.99 84.68 51.82
C ASP QA 37 78.07 85.84 52.14
N LEU QA 38 77.92 86.14 53.42
CA LEU QA 38 77.07 87.25 53.83
C LEU QA 38 77.81 88.54 53.57
N PHE QA 39 79.09 88.53 53.87
CA PHE QA 39 79.93 89.69 53.67
C PHE QA 39 80.24 89.96 52.20
N LYS QA 40 80.35 88.93 51.40
CA LYS QA 40 80.65 89.13 50.00
C LYS QA 40 79.44 89.76 49.30
N HIS QA 41 78.27 89.62 49.92
CA HIS QA 41 77.03 90.15 49.35
C HIS QA 41 76.51 91.41 50.04
N TYR QA 42 76.67 91.47 51.35
CA TYR QA 42 76.23 92.64 52.09
C TYR QA 42 77.44 93.08 52.93
N PRO QA 43 78.51 93.54 52.26
CA PRO QA 43 79.76 94.00 52.89
C PRO QA 43 79.60 94.97 54.05
N THR QA 44 78.51 95.72 54.03
CA THR QA 44 78.23 96.67 55.10
C THR QA 44 78.25 96.00 56.48
N SER QA 45 77.53 94.88 56.59
CA SER QA 45 77.43 94.13 57.83
C SER QA 45 78.77 93.82 58.48
N LYS QA 46 79.80 93.59 57.66
CA LYS QA 46 81.12 93.25 58.18
C LYS QA 46 81.49 94.08 59.40
N ALA QA 47 81.44 95.40 59.25
CA ALA QA 47 81.78 96.30 60.34
C ALA QA 47 81.15 95.94 61.69
N LEU QA 48 79.90 95.50 61.68
CA LEU QA 48 79.19 95.13 62.89
C LEU QA 48 79.93 94.23 63.86
N PHE QA 49 80.84 93.41 63.36
CA PHE QA 49 81.55 92.48 64.21
C PHE QA 49 82.97 92.87 64.60
N GLU QA 50 83.26 94.17 64.67
CA GLU QA 50 84.60 94.58 65.05
C GLU QA 50 84.75 94.27 66.53
N ARG QA 51 83.63 94.21 67.21
CA ARG QA 51 83.62 93.94 68.63
C ARG QA 51 84.23 92.58 68.94
N VAL QA 52 84.10 91.65 68.00
CA VAL QA 52 84.62 90.30 68.17
C VAL QA 52 85.90 90.10 67.40
N LYS QA 53 86.38 91.18 66.81
CA LYS QA 53 87.61 91.13 66.04
C LYS QA 53 87.58 90.30 64.77
N ILE QA 54 86.75 90.70 63.81
CA ILE QA 54 86.66 89.97 62.55
C ILE QA 54 87.90 90.24 61.71
N ASP QA 55 88.60 91.31 62.02
CA ASP QA 55 89.81 91.65 61.29
C ASP QA 55 90.89 90.60 61.56
N GLU QA 56 90.67 89.79 62.59
CA GLU QA 56 91.59 88.72 62.94
C GLU QA 56 90.82 87.41 62.79
N PRO QA 57 90.65 86.95 61.56
CA PRO QA 57 89.91 85.71 61.30
C PRO QA 57 90.24 84.56 62.24
N GLU QA 58 91.51 84.23 62.41
CA GLU QA 58 91.86 83.11 63.27
C GLU QA 58 92.01 83.51 64.72
N SER QA 59 91.64 84.74 65.01
CA SER QA 59 91.73 85.29 66.36
C SER QA 59 91.39 84.33 67.50
N GLY QA 60 90.19 83.79 67.48
CA GLY QA 60 89.79 82.93 68.56
C GLY QA 60 88.74 83.72 69.29
N GLU QA 61 88.96 85.02 69.40
CA GLU QA 61 87.99 85.89 70.05
C GLU QA 61 86.81 85.85 69.08
N PHE QA 62 87.14 85.69 67.81
CA PHE QA 62 86.17 85.65 66.72
C PHE QA 62 85.70 84.25 66.48
N LYS QA 63 86.64 83.29 66.45
CA LYS QA 63 86.26 81.91 66.23
C LYS QA 63 85.18 81.54 67.26
N SER QA 64 85.45 81.81 68.53
CA SER QA 64 84.49 81.51 69.59
C SER QA 64 83.15 82.09 69.19
N HIS QA 65 83.16 83.32 68.67
CA HIS QA 65 81.93 83.97 68.24
C HIS QA 65 81.20 83.06 67.26
N LEU QA 66 81.85 82.78 66.15
CA LEU QA 66 81.27 81.90 65.14
C LEU QA 66 80.55 80.73 65.81
N VAL QA 67 81.26 80.06 66.71
CA VAL QA 67 80.70 78.94 67.43
C VAL QA 67 79.40 79.33 68.11
N ARG QA 68 79.41 80.43 68.86
CA ARG QA 68 78.22 80.88 69.57
C ARG QA 68 77.07 81.03 68.60
N VAL QA 69 77.36 81.54 67.42
CA VAL QA 69 76.34 81.72 66.42
C VAL QA 69 75.86 80.36 66.02
N ALA QA 70 76.80 79.50 65.66
CA ALA QA 70 76.48 78.13 65.29
C ALA QA 70 75.59 77.55 66.37
N ASN QA 71 76.13 77.40 67.58
CA ASN QA 71 75.38 76.86 68.70
C ASN QA 71 74.04 77.50 68.90
N GLY QA 72 73.92 78.81 68.63
CA GLY QA 72 72.64 79.48 68.79
C GLY QA 72 71.62 78.95 67.78
N LEU QA 73 72.12 78.58 66.62
CA LEU QA 73 71.30 78.04 65.56
C LEU QA 73 70.94 76.63 65.98
N LYS QA 74 71.95 75.88 66.41
CA LYS QA 74 71.78 74.51 66.88
C LYS QA 74 70.65 74.49 67.90
N LEU QA 75 70.75 75.36 68.89
CA LEU QA 75 69.74 75.47 69.94
C LEU QA 75 68.36 75.66 69.35
N LEU QA 76 68.26 76.47 68.29
CA LEU QA 76 66.97 76.69 67.67
C LEU QA 76 66.40 75.40 67.11
N ILE QA 77 67.12 74.84 66.15
CA ILE QA 77 66.72 73.59 65.52
C ILE QA 77 66.36 72.54 66.57
N ASN QA 78 67.22 72.35 67.55
CA ASN QA 78 66.99 71.36 68.60
C ASN QA 78 65.85 71.77 69.55
N LEU QA 79 65.01 72.70 69.10
CA LEU QA 79 63.91 73.18 69.91
C LEU QA 79 62.63 73.02 69.10
N LEU QA 80 62.80 72.77 67.81
CA LEU QA 80 61.66 72.60 66.90
C LEU QA 80 60.62 71.58 67.36
N ASP QA 81 60.95 70.75 68.34
CA ASP QA 81 59.98 69.77 68.82
C ASP QA 81 59.29 70.26 70.09
N ASP QA 82 59.76 71.39 70.64
CA ASP QA 82 59.17 71.95 71.84
C ASP QA 82 58.56 73.33 71.64
N THR QA 83 57.96 73.53 70.47
CA THR QA 83 57.31 74.76 70.07
C THR QA 83 57.28 75.91 71.08
N LEU QA 84 56.48 75.77 72.13
CA LEU QA 84 56.33 76.82 73.14
C LEU QA 84 57.62 77.44 73.64
N VAL QA 85 58.63 76.61 73.88
CA VAL QA 85 59.92 77.12 74.34
C VAL QA 85 60.61 77.83 73.19
N LEU QA 86 60.57 77.20 72.02
CA LEU QA 86 61.17 77.79 70.85
C LEU QA 86 60.60 79.18 70.64
N GLN QA 87 59.28 79.31 70.71
CA GLN QA 87 58.60 80.58 70.52
C GLN QA 87 59.10 81.66 71.47
N SER QA 88 59.53 81.27 72.66
CA SER QA 88 60.04 82.24 73.62
C SER QA 88 61.51 82.56 73.35
N HIS QA 89 62.38 81.55 73.33
CA HIS QA 89 63.78 81.79 73.06
C HIS QA 89 63.93 82.48 71.73
N LEU QA 90 62.99 82.24 70.83
CA LEU QA 90 63.06 82.86 69.52
C LEU QA 90 62.92 84.36 69.69
N GLY QA 91 62.11 84.76 70.66
CA GLY QA 91 61.91 86.17 70.93
C GLY QA 91 63.17 86.70 71.56
N HIS QA 92 63.60 86.05 72.63
CA HIS QA 92 64.82 86.42 73.35
C HIS QA 92 65.98 86.59 72.36
N LEU QA 93 65.99 85.78 71.30
CA LEU QA 93 67.04 85.85 70.30
C LEU QA 93 66.90 87.11 69.48
N ALA QA 94 65.68 87.62 69.41
CA ALA QA 94 65.42 88.84 68.66
C ALA QA 94 65.99 89.99 69.48
N ASP QA 95 65.51 90.10 70.71
CA ASP QA 95 65.95 91.16 71.59
C ASP QA 95 67.47 91.28 71.64
N GLN QA 96 68.18 90.17 71.54
CA GLN QA 96 69.64 90.21 71.59
C GLN QA 96 70.21 90.84 70.33
N HIS QA 97 69.37 91.01 69.33
CA HIS QA 97 69.82 91.59 68.09
C HIS QA 97 69.22 92.97 67.88
N ILE QA 98 68.15 93.29 68.61
CA ILE QA 98 67.55 94.60 68.47
C ILE QA 98 68.44 95.59 69.20
N GLN QA 99 69.01 95.16 70.31
CA GLN QA 99 69.89 96.03 71.08
C GLN QA 99 71.26 96.14 70.43
N ARG QA 100 71.45 95.42 69.33
CA ARG QA 100 72.71 95.48 68.60
C ARG QA 100 72.49 96.49 67.48
N LYS QA 101 72.85 97.73 67.77
CA LYS QA 101 72.68 98.83 66.83
C LYS QA 101 73.37 98.57 65.48
N GLY QA 102 72.59 98.66 64.41
CA GLY QA 102 73.15 98.45 63.09
C GLY QA 102 72.69 97.19 62.38
N VAL QA 103 71.94 96.35 63.07
CA VAL QA 103 71.45 95.10 62.49
C VAL QA 103 70.13 95.30 61.77
N THR QA 104 70.16 95.23 60.44
CA THR QA 104 68.95 95.43 59.62
C THR QA 104 68.12 94.16 59.43
N LYS QA 105 66.90 94.35 58.96
CA LYS QA 105 65.99 93.26 58.72
C LYS QA 105 66.55 92.56 57.50
N GLU QA 106 67.26 93.33 56.71
CA GLU QA 106 67.87 92.84 55.48
C GLU QA 106 69.00 91.86 55.73
N TYR QA 107 69.96 92.26 56.55
CA TYR QA 107 71.09 91.40 56.84
C TYR QA 107 70.63 89.98 57.16
N PHE QA 108 69.50 89.83 57.82
CA PHE QA 108 69.00 88.50 58.14
C PHE QA 108 68.58 87.79 56.87
N ARG QA 109 67.73 88.43 56.08
CA ARG QA 109 67.31 87.79 54.85
C ARG QA 109 68.57 87.43 54.07
N GLY QA 110 69.65 88.13 54.35
CA GLY QA 110 70.89 87.89 53.65
C GLY QA 110 71.64 86.68 54.13
N ILE QA 111 71.64 86.46 55.44
CA ILE QA 111 72.36 85.32 55.98
C ILE QA 111 71.54 84.10 55.65
N GLY QA 112 70.26 84.29 55.40
CA GLY QA 112 69.40 83.18 55.06
C GLY QA 112 69.82 82.63 53.72
N GLU QA 113 70.08 83.54 52.80
CA GLU QA 113 70.50 83.17 51.47
C GLU QA 113 71.82 82.44 51.64
N ALA QA 114 72.66 82.97 52.52
CA ALA QA 114 73.96 82.40 52.79
C ALA QA 114 73.90 80.88 53.00
N PHE QA 115 73.21 80.46 54.04
CA PHE QA 115 73.10 79.03 54.30
C PHE QA 115 72.62 78.26 53.10
N ALA QA 116 71.55 78.75 52.49
CA ALA QA 116 70.96 78.12 51.32
C ALA QA 116 71.93 77.94 50.16
N ARG QA 117 73.11 78.54 50.29
CA ARG QA 117 74.12 78.46 49.25
C ARG QA 117 75.29 77.65 49.77
N VAL QA 118 75.48 77.67 51.08
CA VAL QA 118 76.59 76.96 51.70
C VAL QA 118 76.23 75.53 52.01
N LEU QA 119 75.25 75.34 52.87
CA LEU QA 119 74.85 74.00 53.25
C LEU QA 119 74.80 72.99 52.11
N PRO QA 120 74.11 73.33 51.00
CA PRO QA 120 74.05 72.40 49.88
C PRO QA 120 75.41 71.95 49.35
N GLN QA 121 76.47 72.53 49.88
CA GLN QA 121 77.82 72.19 49.46
C GLN QA 121 78.57 71.40 50.50
N VAL QA 122 78.17 71.52 51.77
CA VAL QA 122 78.86 70.80 52.84
C VAL QA 122 78.28 69.42 53.10
N LEU QA 123 77.10 69.16 52.56
CA LEU QA 123 76.49 67.86 52.74
C LEU QA 123 75.56 67.60 51.59
N SER QA 124 75.37 66.32 51.29
CA SER QA 124 74.48 65.95 50.20
C SER QA 124 73.12 65.63 50.81
N CYS QA 125 72.11 65.51 49.95
CA CYS QA 125 70.77 65.23 50.41
C CYS QA 125 70.26 66.38 51.27
N PHE QA 126 70.37 67.58 50.74
CA PHE QA 126 69.91 68.77 51.44
C PHE QA 126 68.60 69.24 50.81
N ASN QA 127 67.53 69.22 51.59
CA ASN QA 127 66.24 69.64 51.09
C ASN QA 127 66.14 71.15 51.17
N VAL QA 128 66.92 71.83 50.34
CA VAL QA 128 66.95 73.28 50.31
C VAL QA 128 65.61 73.96 50.58
N ASP QA 129 64.55 73.47 49.96
CA ASP QA 129 63.23 74.06 50.17
C ASP QA 129 62.78 73.93 51.62
N ALA QA 130 62.75 72.70 52.11
CA ALA QA 130 62.35 72.45 53.50
C ALA QA 130 63.15 73.34 54.45
N TRP QA 131 64.46 73.38 54.25
CA TRP QA 131 65.29 74.21 55.09
C TRP QA 131 64.77 75.61 54.97
N ASN QA 132 64.84 76.15 53.76
CA ASN QA 132 64.37 77.50 53.49
C ASN QA 132 63.06 77.80 54.21
N ARG QA 133 62.08 76.93 54.07
CA ARG QA 133 60.81 77.20 54.70
C ARG QA 133 60.94 77.43 56.18
N CYS QA 134 61.41 76.44 56.92
CA CYS QA 134 61.53 76.60 58.37
C CYS QA 134 62.55 77.61 58.82
N PHE QA 135 63.52 77.92 57.98
CA PHE QA 135 64.52 78.90 58.36
C PHE QA 135 63.87 80.28 58.32
N HIS QA 136 63.02 80.49 57.33
CA HIS QA 136 62.33 81.78 57.20
C HIS QA 136 61.42 82.01 58.41
N ARG QA 137 60.65 81.00 58.79
CA ARG QA 137 59.77 81.14 59.92
C ARG QA 137 60.63 81.56 61.12
N LEU QA 138 61.80 80.97 61.27
CA LEU QA 138 62.68 81.32 62.38
C LEU QA 138 63.19 82.74 62.28
N VAL QA 139 63.67 83.11 61.09
CA VAL QA 139 64.20 84.45 60.85
C VAL QA 139 63.13 85.52 61.06
N ALA QA 140 61.99 85.37 60.38
CA ALA QA 140 60.90 86.32 60.49
C ALA QA 140 60.69 86.75 61.93
N ARG QA 141 60.45 85.79 62.81
CA ARG QA 141 60.24 86.11 64.21
C ARG QA 141 61.43 86.76 64.87
N ILE QA 142 62.65 86.45 64.42
CA ILE QA 142 63.84 87.04 65.03
C ILE QA 142 64.00 88.51 64.69
N ALA QA 143 63.89 88.75 63.35
CA ALA QA 143 64.20 90.00 62.73
C ALA QA 143 63.20 90.97 63.21
N LYS QA 144 61.94 90.53 63.22
CA LYS QA 144 60.84 91.44 63.06
C LYS QA 144 60.86 92.36 64.19
N ASP QA 145 61.31 91.81 65.33
CA ASP QA 145 61.25 92.52 66.56
C ASP QA 145 62.05 93.77 66.33
N LEU QA 146 63.15 93.66 65.57
CA LEU QA 146 64.11 94.71 65.54
C LEU QA 146 63.48 95.99 65.03
N PRO QA 147 62.95 96.08 63.82
CA PRO QA 147 62.39 97.31 63.31
C PRO QA 147 61.25 97.63 64.19
N ASP RA 1 106.39 70.23 -43.39
CA ASP RA 1 105.02 69.80 -43.70
C ASP RA 1 104.02 70.41 -42.81
N CYS RA 2 102.77 70.07 -43.11
CA CYS RA 2 101.84 70.56 -42.18
C CYS RA 2 101.59 69.50 -41.23
N CYS RA 3 100.93 69.95 -40.18
CA CYS RA 3 100.64 69.01 -39.20
C CYS RA 3 99.22 69.21 -38.99
N SER RA 4 98.71 68.32 -38.16
CA SER RA 4 97.34 68.06 -37.97
C SER RA 4 97.07 68.48 -36.58
N TYR RA 5 95.84 68.97 -36.33
CA TYR RA 5 95.35 69.56 -35.11
C TYR RA 5 95.32 68.50 -34.06
N GLU RA 6 94.93 67.29 -34.45
CA GLU RA 6 94.86 66.18 -33.51
C GLU RA 6 96.25 65.94 -32.94
N ASP RA 7 97.23 65.91 -33.82
CA ASP RA 7 98.60 65.71 -33.42
C ASP RA 7 99.02 66.78 -32.41
N ARG RA 8 98.64 68.02 -32.68
CA ARG RA 8 98.99 69.08 -31.75
C ARG RA 8 98.41 68.72 -30.40
N ARG RA 9 97.14 68.36 -30.38
CA ARG RA 9 96.51 67.96 -29.13
C ARG RA 9 97.30 66.84 -28.46
N GLU RA 10 97.73 65.87 -29.25
CA GLU RA 10 98.49 64.74 -28.73
C GLU RA 10 99.70 65.26 -27.97
N ILE RA 11 100.46 66.11 -28.62
CA ILE RA 11 101.67 66.69 -28.03
C ILE RA 11 101.32 67.57 -26.84
N ARG RA 12 100.35 68.48 -27.02
CA ARG RA 12 99.97 69.40 -25.95
C ARG RA 12 99.70 68.61 -24.68
N HIS RA 13 99.57 67.29 -24.83
CA HIS RA 13 99.33 66.39 -23.70
C HIS RA 13 100.63 65.68 -23.34
N ILE RA 14 101.24 65.03 -24.32
CA ILE RA 14 102.50 64.34 -24.11
C ILE RA 14 103.46 65.22 -23.32
N TRP RA 15 103.48 66.51 -23.64
CA TRP RA 15 104.35 67.45 -22.96
C TRP RA 15 103.97 67.56 -21.50
N ASP RA 16 102.68 67.75 -21.24
CA ASP RA 16 102.22 67.89 -19.86
C ASP RA 16 102.69 66.76 -18.95
N ASP RA 17 103.32 65.75 -19.53
CA ASP RA 17 103.81 64.62 -18.74
C ASP RA 17 105.29 64.75 -18.44
N VAL RA 18 106.03 65.41 -19.34
CA VAL RA 18 107.46 65.61 -19.13
C VAL RA 18 107.67 66.92 -18.35
N TRP RA 19 106.87 67.95 -18.68
CA TRP RA 19 107.07 69.27 -18.17
C TRP RA 19 106.90 69.18 -16.70
N SER RA 20 106.05 68.22 -16.32
CA SER RA 20 104.91 68.45 -15.52
C SER RA 20 105.32 68.93 -14.17
N SER RA 21 106.46 68.41 -13.68
CA SER RA 21 106.92 68.82 -12.38
C SER RA 21 107.04 70.32 -12.42
N SER RA 22 106.90 70.94 -11.23
CA SER RA 22 106.48 72.32 -11.08
C SER RA 22 107.56 73.24 -11.37
N PHE RA 23 108.75 72.77 -10.98
CA PHE RA 23 109.88 73.61 -10.85
C PHE RA 23 111.01 72.73 -11.09
N THR RA 24 112.18 73.25 -10.80
CA THR RA 24 113.19 73.06 -11.81
C THR RA 24 113.70 71.63 -11.96
N ASP RA 25 114.24 71.07 -10.89
CA ASP RA 25 114.79 69.70 -10.87
C ASP RA 25 114.50 68.79 -12.06
N ARG RA 26 113.23 68.46 -12.26
CA ARG RA 26 112.86 67.57 -13.37
C ARG RA 26 113.20 68.13 -14.75
N ARG RA 27 112.53 69.22 -15.13
CA ARG RA 27 112.75 69.82 -16.43
C ARG RA 27 114.24 69.93 -16.73
N VAL RA 28 115.02 70.28 -15.71
CA VAL RA 28 116.46 70.44 -15.88
C VAL RA 28 117.08 69.16 -16.37
N ALA RA 29 116.99 68.11 -15.56
CA ALA RA 29 117.55 66.81 -15.93
C ALA RA 29 117.17 66.39 -17.35
N ILE RA 30 115.92 66.63 -17.73
CA ILE RA 30 115.48 66.27 -19.08
C ILE RA 30 116.16 67.11 -20.14
N VAL RA 31 116.02 68.44 -20.08
CA VAL RA 31 116.65 69.31 -21.07
C VAL RA 31 118.14 69.04 -21.13
N ARG RA 32 118.75 68.77 -19.98
CA ARG RA 32 120.16 68.47 -19.93
C ARG RA 32 120.36 67.19 -20.73
N ALA RA 33 119.76 66.10 -20.27
CA ALA RA 33 119.86 64.82 -20.97
C ALA RA 33 119.70 64.97 -22.48
N VAL RA 34 118.93 65.97 -22.90
CA VAL RA 34 118.71 66.25 -24.32
C VAL RA 34 120.00 66.78 -24.92
N PHE RA 35 120.52 67.84 -24.32
CA PHE RA 35 121.75 68.40 -24.81
C PHE RA 35 122.91 67.42 -24.81
N ASP RA 36 123.04 66.64 -23.73
CA ASP RA 36 124.13 65.66 -23.65
C ASP RA 36 124.11 64.79 -24.89
N ASP RA 37 122.91 64.57 -25.44
CA ASP RA 37 122.77 63.74 -26.63
C ASP RA 37 123.11 64.56 -27.86
N LEU RA 38 122.98 65.88 -27.75
CA LEU RA 38 123.30 66.74 -28.86
C LEU RA 38 124.81 66.83 -28.98
N PHE RA 39 125.46 66.95 -27.82
CA PHE RA 39 126.90 67.07 -27.80
C PHE RA 39 127.60 65.75 -28.12
N LYS RA 40 127.01 64.63 -27.75
CA LYS RA 40 127.65 63.35 -28.02
C LYS RA 40 127.60 63.08 -29.51
N HIS RA 41 126.71 63.76 -30.22
CA HIS RA 41 126.56 63.58 -31.67
C HIS RA 41 127.13 64.72 -32.51
N TYR RA 42 127.02 65.94 -32.02
CA TYR RA 42 127.55 67.10 -32.74
C TYR RA 42 128.38 67.86 -31.72
N PRO RA 43 129.48 67.26 -31.26
CA PRO RA 43 130.40 67.81 -30.27
C PRO RA 43 130.82 69.24 -30.52
N THR RA 44 130.78 69.59 -31.77
CA THR RA 44 131.13 70.88 -32.13
C THR RA 44 130.34 71.96 -31.35
N SER RA 45 129.04 71.84 -31.43
CA SER RA 45 128.15 72.77 -30.78
C SER RA 45 128.51 73.10 -29.35
N LYS RA 46 129.07 72.13 -28.65
CA LYS RA 46 129.43 72.32 -27.24
C LYS RA 46 130.03 73.70 -26.99
N ALA RA 47 131.10 74.01 -27.71
CA ALA RA 47 131.78 75.29 -27.56
C ALA RA 47 130.85 76.50 -27.50
N LEU RA 48 129.78 76.49 -28.30
CA LEU RA 48 128.85 77.60 -28.36
C LEU RA 48 128.32 78.11 -27.03
N PHE RA 49 128.27 77.24 -26.03
CA PHE RA 49 127.75 77.63 -24.73
C PHE RA 49 128.78 77.94 -23.64
N GLU RA 50 129.96 78.40 -24.02
CA GLU RA 50 130.96 78.71 -23.02
C GLU RA 50 130.47 79.96 -22.31
N ARG RA 51 129.64 80.71 -23.00
CA ARG RA 51 129.11 81.94 -22.45
C ARG RA 51 128.30 81.69 -21.19
N VAL RA 52 127.69 80.51 -21.12
CA VAL RA 52 126.86 80.15 -19.97
C VAL RA 52 127.58 79.20 -19.03
N LYS RA 53 128.84 78.94 -19.34
CA LYS RA 53 129.66 78.05 -18.55
C LYS RA 53 129.25 76.59 -18.55
N ILE RA 54 129.32 75.94 -19.71
CA ILE RA 54 128.96 74.53 -19.79
C ILE RA 54 130.05 73.67 -19.17
N ASP RA 55 131.24 74.25 -19.02
CA ASP RA 55 132.35 73.53 -18.42
C ASP RA 55 132.05 73.27 -16.95
N GLU RA 56 131.06 73.98 -16.42
CA GLU RA 56 130.64 73.83 -15.03
C GLU RA 56 129.20 73.35 -15.07
N PRO RA 57 128.99 72.05 -15.35
CA PRO RA 57 127.65 71.48 -15.41
C PRO RA 57 126.69 71.92 -14.30
N GLU RA 58 127.08 71.80 -13.05
CA GLU RA 58 126.20 72.17 -11.94
C GLU RA 58 126.29 73.65 -11.59
N SER RA 59 127.03 74.40 -12.40
CA SER RA 59 127.24 75.82 -12.19
C SER RA 59 126.04 76.61 -11.67
N GLY RA 60 124.94 76.55 -12.39
CA GLY RA 60 123.78 77.30 -12.00
C GLY RA 60 123.66 78.40 -13.04
N GLU RA 61 124.80 78.92 -13.47
CA GLU RA 61 124.81 79.94 -14.51
C GLU RA 61 124.33 79.20 -15.74
N PHE RA 62 124.68 77.91 -15.77
CA PHE RA 62 124.34 77.01 -16.85
C PHE RA 62 123.01 76.35 -16.59
N LYS RA 63 122.79 75.87 -15.37
CA LYS RA 63 121.51 75.25 -15.07
C LYS RA 63 120.38 76.23 -15.48
N SER RA 64 120.47 77.47 -15.00
CA SER RA 64 119.48 78.48 -15.33
C SER RA 64 119.27 78.50 -16.84
N HIS RA 65 120.36 78.43 -17.58
CA HIS RA 65 120.29 78.42 -19.04
C HIS RA 65 119.36 77.29 -19.47
N LEU RA 66 119.73 76.05 -19.14
CA LEU RA 66 118.92 74.89 -19.47
C LEU RA 66 117.45 75.19 -19.29
N VAL RA 67 117.11 75.73 -18.13
CA VAL RA 67 115.74 76.08 -17.82
C VAL RA 67 115.20 77.03 -18.85
N ARG RA 68 115.92 78.10 -19.15
CA ARG RA 68 115.45 79.07 -20.15
C ARG RA 68 115.13 78.38 -21.46
N VAL RA 69 115.96 77.40 -21.83
CA VAL RA 69 115.75 76.65 -23.06
C VAL RA 69 114.47 75.88 -22.89
N ALA RA 70 114.39 75.13 -21.80
CA ALA RA 70 113.19 74.34 -21.50
C ALA RA 70 111.99 75.27 -21.61
N ASN RA 71 111.92 76.28 -20.76
CA ASN RA 71 110.82 77.24 -20.76
C ASN RA 71 110.55 77.83 -22.14
N GLY RA 72 111.59 78.05 -22.94
CA GLY RA 72 111.37 78.60 -24.26
C GLY RA 72 110.59 77.62 -25.13
N LEU RA 73 110.82 76.34 -24.89
CA LEU RA 73 110.16 75.26 -25.61
C LEU RA 73 108.76 75.22 -25.08
N LYS RA 74 108.63 75.24 -23.77
CA LYS RA 74 107.34 75.23 -23.09
C LYS RA 74 106.46 76.31 -23.70
N LEU RA 75 107.02 77.52 -23.77
CA LEU RA 75 106.30 78.66 -24.34
C LEU RA 75 105.80 78.36 -25.75
N LEU RA 76 106.60 77.67 -26.54
CA LEU RA 76 106.21 77.33 -27.90
C LEU RA 76 104.98 76.46 -27.86
N ILE RA 77 105.14 75.27 -27.30
CA ILE RA 77 104.07 74.30 -27.18
C ILE RA 77 102.80 74.96 -26.65
N ASN RA 78 102.93 75.69 -25.55
CA ASN RA 78 101.79 76.37 -24.95
C ASN RA 78 101.28 77.55 -25.80
N LEU RA 79 101.64 77.55 -27.07
CA LEU RA 79 101.21 78.60 -27.96
C LEU RA 79 100.53 77.97 -29.17
N LEU RA 80 100.68 76.65 -29.29
CA LEU RA 80 100.12 75.88 -30.41
C LEU RA 80 98.63 76.08 -30.64
N ASP RA 81 97.95 76.71 -29.68
CA ASP RA 81 96.52 76.93 -29.83
C ASP RA 81 96.28 78.36 -30.26
N ASP RA 82 97.32 79.19 -30.24
CA ASP RA 82 97.17 80.59 -30.67
C ASP RA 82 97.99 80.97 -31.91
N THR RA 83 98.06 80.02 -32.85
CA THR RA 83 98.76 80.17 -34.11
C THR RA 83 99.44 81.50 -34.39
N LEU RA 84 98.66 82.52 -34.70
CA LEU RA 84 99.19 83.84 -35.02
C LEU RA 84 100.30 84.36 -34.12
N VAL RA 85 100.17 84.15 -32.82
CA VAL RA 85 101.19 84.60 -31.89
C VAL RA 85 102.38 83.68 -32.01
N LEU RA 86 102.11 82.39 -32.09
CA LEU RA 86 103.17 81.41 -32.22
C LEU RA 86 104.02 81.75 -33.42
N GLN RA 87 103.35 82.05 -34.54
CA GLN RA 87 104.04 82.39 -35.77
C GLN RA 87 104.98 83.58 -35.63
N SER RA 88 104.65 84.49 -34.71
CA SER RA 88 105.51 85.65 -34.49
C SER RA 88 106.67 85.34 -33.56
N HIS RA 89 106.35 84.86 -32.36
CA HIS RA 89 107.39 84.51 -31.39
C HIS RA 89 108.31 83.49 -32.02
N LEU RA 90 107.76 82.69 -32.93
CA LEU RA 90 108.57 81.66 -33.56
C LEU RA 90 109.63 82.36 -34.36
N GLY RA 91 109.28 83.50 -34.94
CA GLY RA 91 110.25 84.27 -35.71
C GLY RA 91 111.25 84.87 -34.75
N HIS RA 92 110.74 85.59 -33.76
CA HIS RA 92 111.58 86.21 -32.74
C HIS RA 92 112.58 85.20 -32.17
N LEU RA 93 112.17 83.94 -32.07
CA LEU RA 93 113.02 82.90 -31.54
C LEU RA 93 114.12 82.58 -32.51
N ALA RA 94 113.88 82.84 -33.79
CA ALA RA 94 114.88 82.60 -34.82
C ALA RA 94 115.93 83.68 -34.68
N ASP RA 95 115.50 84.93 -34.76
CA ASP RA 95 116.40 86.06 -34.67
C ASP RA 95 117.33 85.95 -33.47
N GLN RA 96 116.86 85.39 -32.37
CA GLN RA 96 117.69 85.26 -31.19
C GLN RA 96 118.78 84.23 -31.41
N HIS RA 97 118.66 83.46 -32.47
CA HIS RA 97 119.64 82.44 -32.76
C HIS RA 97 120.46 82.79 -33.99
N ILE RA 98 119.97 83.72 -34.79
CA ILE RA 98 120.70 84.12 -35.98
C ILE RA 98 121.83 85.03 -35.53
N GLN RA 99 121.58 85.85 -34.51
CA GLN RA 99 122.59 86.74 -33.99
C GLN RA 99 123.60 85.98 -33.11
N ARG RA 100 123.37 84.69 -32.94
CA ARG RA 100 124.27 83.87 -32.15
C ARG RA 100 125.20 83.20 -33.15
N LYS RA 101 126.34 83.85 -33.38
CA LYS RA 101 127.31 83.38 -34.34
C LYS RA 101 127.79 81.95 -34.05
N GLY RA 102 127.65 81.07 -35.04
CA GLY RA 102 128.09 79.69 -34.86
C GLY RA 102 126.98 78.68 -34.82
N VAL RA 103 125.73 79.14 -34.84
CA VAL RA 103 124.58 78.24 -34.80
C VAL RA 103 124.15 77.79 -36.19
N THR RA 104 124.40 76.53 -36.53
CA THR RA 104 124.06 76.00 -37.85
C THR RA 104 122.63 75.50 -37.97
N LYS RA 105 122.19 75.30 -39.20
CA LYS RA 105 120.86 74.80 -39.48
C LYS RA 105 120.88 73.35 -39.03
N GLU RA 106 122.07 72.78 -39.06
CA GLU RA 106 122.28 71.39 -38.69
C GLU RA 106 122.08 71.14 -37.20
N TYR RA 107 122.76 71.93 -36.36
CA TYR RA 107 122.64 71.75 -34.93
C TYR RA 107 121.19 71.60 -34.50
N PHE RA 108 120.30 72.31 -35.18
CA PHE RA 108 118.88 72.22 -34.84
C PHE RA 108 118.34 70.86 -35.20
N ARG RA 109 118.55 70.45 -36.43
CA ARG RA 109 118.07 69.14 -36.85
C ARG RA 109 118.66 68.13 -35.88
N GLY RA 110 119.77 68.50 -35.25
CA GLY RA 110 120.42 67.61 -34.31
C GLY RA 110 119.77 67.53 -32.96
N ILE RA 111 119.32 68.67 -32.45
CA ILE RA 111 118.67 68.69 -31.15
C ILE RA 111 117.29 68.07 -31.31
N GLY RA 112 116.79 68.08 -32.53
CA GLY RA 112 115.48 67.50 -32.79
C GLY RA 112 115.56 66.01 -32.59
N GLU RA 113 116.64 65.42 -33.09
CA GLU RA 113 116.89 63.99 -32.96
C GLU RA 113 117.01 63.72 -31.46
N ALA RA 114 117.72 64.63 -30.78
CA ALA RA 114 117.92 64.51 -29.35
C ALA RA 114 116.63 64.20 -28.61
N PHE RA 115 115.67 65.12 -28.66
CA PHE RA 115 114.42 64.90 -27.97
C PHE RA 115 113.79 63.57 -28.34
N ALA RA 116 113.75 63.31 -29.65
CA ALA RA 116 113.15 62.08 -30.16
C ALA RA 116 113.80 60.81 -29.60
N ARG RA 117 114.92 60.99 -28.92
CA ARG RA 117 115.64 59.86 -28.35
C ARG RA 117 115.52 59.90 -26.82
N VAL RA 118 115.40 61.11 -26.26
CA VAL RA 118 115.28 61.28 -24.83
C VAL RA 118 113.86 61.13 -24.33
N LEU RA 119 112.98 62.00 -24.78
CA LEU RA 119 111.60 61.95 -24.37
C LEU RA 119 111.02 60.55 -24.25
N PRO RA 120 111.16 59.72 -25.30
CA PRO RA 120 110.61 58.37 -25.22
C PRO RA 120 111.12 57.54 -24.04
N GLN RA 121 112.07 58.10 -23.30
CA GLN RA 121 112.64 57.42 -22.15
C GLN RA 121 112.19 58.01 -20.83
N VAL RA 122 111.80 59.28 -20.84
CA VAL RA 122 111.37 59.94 -19.61
C VAL RA 122 109.90 59.78 -19.34
N LEU RA 123 109.15 59.35 -20.34
CA LEU RA 123 107.73 59.16 -20.15
C LEU RA 123 107.25 58.10 -21.12
N SER RA 124 106.17 57.42 -20.75
CA SER RA 124 105.62 56.39 -21.60
C SER RA 124 104.48 57.02 -22.38
N CYS RA 125 104.01 56.31 -23.41
CA CYS RA 125 102.93 56.81 -24.24
C CYS RA 125 103.37 58.08 -24.96
N PHE RA 126 104.52 57.99 -25.63
CA PHE RA 126 105.04 59.11 -26.36
C PHE RA 126 104.83 58.86 -27.84
N ASN RA 127 104.05 59.72 -28.48
CA ASN RA 127 103.76 59.56 -29.90
C ASN RA 127 104.90 60.17 -30.72
N VAL RA 128 106.06 59.54 -30.65
CA VAL RA 128 107.25 60.00 -31.35
C VAL RA 128 106.98 60.68 -32.68
N ASP RA 129 106.13 60.07 -33.50
CA ASP RA 129 105.82 60.63 -34.81
C ASP RA 129 105.15 61.99 -34.67
N ALA RA 130 104.04 62.03 -33.94
CA ALA RA 130 103.31 63.27 -33.74
C ALA RA 130 104.24 64.35 -33.24
N TRP RA 131 105.06 64.01 -32.26
CA TRP RA 131 106.01 64.97 -31.73
C TRP RA 131 106.88 65.41 -32.90
N ASN RA 132 107.62 64.46 -33.46
CA ASN RA 132 108.50 64.74 -34.58
C ASN RA 132 107.86 65.69 -35.59
N ARG RA 133 106.65 65.37 -36.04
CA ARG RA 133 106.00 66.23 -37.01
C ARG RA 133 105.93 67.68 -36.56
N CYS RA 134 105.23 67.97 -35.47
CA CYS RA 134 105.11 69.34 -35.02
C CYS RA 134 106.40 69.97 -34.56
N PHE RA 135 107.38 69.17 -34.18
CA PHE RA 135 108.62 69.74 -33.73
C PHE RA 135 109.36 70.25 -34.94
N HIS RA 136 109.28 69.51 -36.03
CA HIS RA 136 109.94 69.91 -37.26
C HIS RA 136 109.36 71.22 -37.75
N ARG RA 137 108.05 71.34 -37.79
CA ARG RA 137 107.43 72.57 -38.26
C ARG RA 137 107.99 73.72 -37.41
N LEU RA 138 108.15 73.49 -36.12
CA LEU RA 138 108.68 74.54 -35.23
C LEU RA 138 110.13 74.87 -35.54
N VAL RA 139 110.95 73.83 -35.68
CA VAL RA 139 112.36 74.02 -35.97
C VAL RA 139 112.57 74.70 -37.31
N ALA RA 140 111.97 74.16 -38.36
CA ALA RA 140 112.10 74.72 -39.70
C ALA RA 140 112.01 76.24 -39.66
N ARG RA 141 110.92 76.76 -39.11
CA ARG RA 141 110.73 78.21 -39.03
C ARG RA 141 111.79 78.91 -38.18
N ILE RA 142 112.31 78.23 -37.16
CA ILE RA 142 113.33 78.86 -36.31
C ILE RA 142 114.66 79.02 -37.01
N ALA RA 143 115.08 77.89 -37.61
CA ALA RA 143 116.31 77.69 -38.31
C ALA RA 143 116.32 78.51 -39.55
N LYS RA 144 115.17 78.55 -40.23
CA LYS RA 144 115.10 78.93 -41.61
C LYS RA 144 115.55 80.33 -41.72
N ASP RA 145 115.20 81.11 -40.70
CA ASP RA 145 115.35 82.53 -40.75
C ASP RA 145 116.79 82.78 -40.99
N LEU RA 146 117.65 82.07 -40.20
CA LEU RA 146 119.05 82.36 -40.16
C LEU RA 146 119.51 82.27 -41.56
N PRO RA 147 119.12 81.33 -42.35
CA PRO RA 147 119.60 81.52 -43.67
C PRO RA 147 118.86 82.56 -44.48
N LYS SA 1 117.09 40.77 -15.55
CA LYS SA 1 116.71 41.72 -16.63
C LYS SA 1 117.59 42.92 -16.61
N LYS SA 2 117.00 44.13 -16.49
CA LYS SA 2 117.83 45.30 -16.52
C LYS SA 2 118.09 45.71 -15.12
N GLN SA 3 118.93 46.75 -15.01
CA GLN SA 3 119.30 47.26 -13.73
C GLN SA 3 118.73 48.62 -13.64
N CYS SA 4 118.87 49.15 -12.43
CA CYS SA 4 118.29 50.39 -12.09
C CYS SA 4 119.17 51.49 -12.54
N GLY SA 5 118.56 52.69 -12.57
CA GLY SA 5 119.22 53.88 -13.00
C GLY SA 5 118.15 54.90 -13.16
N VAL SA 6 118.57 56.12 -13.56
CA VAL SA 6 117.86 57.33 -13.22
C VAL SA 6 116.48 57.32 -13.79
N LEU SA 7 116.36 57.14 -15.11
CA LEU SA 7 115.06 57.23 -15.74
C LEU SA 7 114.09 56.17 -15.25
N GLU SA 8 114.45 54.90 -15.43
CA GLU SA 8 113.58 53.80 -15.02
C GLU SA 8 113.10 54.02 -13.59
N GLY SA 9 113.88 54.79 -12.84
CA GLY SA 9 113.48 55.10 -11.48
C GLY SA 9 112.34 56.09 -11.56
N LEU SA 10 112.61 57.24 -12.15
CA LEU SA 10 111.59 58.25 -12.28
C LEU SA 10 110.29 57.64 -12.76
N LYS SA 11 110.36 56.70 -13.69
CA LYS SA 11 109.14 56.11 -14.20
C LYS SA 11 108.42 55.36 -13.08
N VAL SA 12 109.10 54.42 -12.46
CA VAL SA 12 108.48 53.66 -11.39
C VAL SA 12 107.99 54.59 -10.30
N LYS SA 13 108.83 55.52 -9.89
CA LYS SA 13 108.46 56.45 -8.83
C LYS SA 13 107.16 57.15 -9.14
N SER SA 14 106.96 57.47 -10.40
CA SER SA 14 105.76 58.16 -10.84
C SER SA 14 104.57 57.21 -10.87
N GLU SA 15 104.72 56.09 -11.59
CA GLU SA 15 103.67 55.10 -11.70
C GLU SA 15 103.23 54.60 -10.33
N TRP SA 16 104.19 54.46 -9.43
CA TRP SA 16 103.87 54.00 -8.09
C TRP SA 16 102.94 54.99 -7.48
N GLY SA 17 103.20 56.27 -7.72
CA GLY SA 17 102.35 57.31 -7.16
C GLY SA 17 100.88 57.05 -7.47
N ARG SA 18 100.61 56.68 -8.72
CA ARG SA 18 99.25 56.42 -9.19
C ARG SA 18 98.70 55.12 -8.61
N ALA SA 19 99.49 54.07 -8.63
CA ALA SA 19 99.03 52.78 -8.12
C ALA SA 19 98.81 52.77 -6.61
N TYR SA 20 99.72 53.39 -5.87
CA TYR SA 20 99.61 53.42 -4.42
C TYR SA 20 98.31 54.10 -4.04
N GLY SA 21 98.13 55.33 -4.50
CA GLY SA 21 96.91 56.06 -4.18
C GLY SA 21 96.78 56.33 -2.69
N SER SA 22 95.56 56.47 -2.20
CA SER SA 22 95.34 56.74 -0.78
C SER SA 22 93.97 56.30 -0.28
N GLY SA 23 93.76 56.48 1.01
CA GLY SA 23 92.50 56.11 1.63
C GLY SA 23 92.18 54.65 1.57
N HIS SA 24 91.04 54.31 0.98
CA HIS SA 24 90.61 52.93 0.86
C HIS SA 24 91.37 52.22 -0.24
N ASP SA 25 91.54 52.89 -1.38
CA ASP SA 25 92.29 52.30 -2.49
C ASP SA 25 93.54 51.67 -1.92
N ARG SA 26 94.15 52.36 -0.97
CA ARG SA 26 95.37 51.88 -0.34
C ARG SA 26 95.08 50.65 0.51
N GLU SA 27 94.19 50.79 1.48
CA GLU SA 27 93.84 49.67 2.35
C GLU SA 27 93.56 48.41 1.54
N ALA SA 28 93.16 48.58 0.27
CA ALA SA 28 92.85 47.43 -0.58
C ALA SA 28 94.11 47.05 -1.36
N PHE SA 29 94.68 48.03 -2.03
CA PHE SA 29 95.90 47.83 -2.79
C PHE SA 29 96.80 46.90 -2.02
N SER SA 30 97.04 47.24 -0.75
CA SER SA 30 97.87 46.41 0.09
C SER SA 30 97.22 45.04 0.27
N GLN SA 31 95.94 45.06 0.64
CA GLN SA 31 95.19 43.83 0.82
C GLN SA 31 95.44 42.90 -0.36
N ALA SA 32 95.12 43.38 -1.56
CA ALA SA 32 95.29 42.61 -2.78
C ALA SA 32 96.67 42.02 -2.87
N ILE SA 33 97.68 42.88 -2.71
CA ILE SA 33 99.06 42.45 -2.78
C ILE SA 33 99.34 41.29 -1.87
N TRP SA 34 99.02 41.43 -0.60
CA TRP SA 34 99.28 40.35 0.33
C TRP SA 34 98.57 39.05 -0.04
N ARG SA 35 97.31 39.17 -0.42
CA ARG SA 35 96.55 37.98 -0.79
C ARG SA 35 97.27 37.28 -1.92
N ALA SA 36 97.80 38.05 -2.86
CA ALA SA 36 98.52 37.49 -3.99
C ALA SA 36 99.82 36.84 -3.52
N THR SA 37 100.45 37.46 -2.53
CA THR SA 37 101.68 36.91 -2.00
C THR SA 37 101.43 35.57 -1.32
N PHE SA 38 100.58 35.58 -0.30
CA PHE SA 38 100.27 34.38 0.45
C PHE SA 38 99.73 33.26 -0.43
N ALA SA 39 98.99 33.63 -1.48
CA ALA SA 39 98.42 32.63 -2.36
C ALA SA 39 99.54 31.88 -3.06
N GLN SA 40 100.63 32.59 -3.32
CA GLN SA 40 101.79 32.00 -3.97
C GLN SA 40 102.58 31.08 -3.04
N VAL SA 41 102.91 31.59 -1.86
CA VAL SA 41 103.67 30.83 -0.89
C VAL SA 41 102.96 30.77 0.46
N PRO SA 42 101.93 29.93 0.57
CA PRO SA 42 101.20 29.82 1.84
C PRO SA 42 102.15 29.55 3.03
N GLU SA 43 103.30 28.97 2.73
CA GLU SA 43 104.28 28.68 3.77
C GLU SA 43 104.60 29.92 4.59
N SER SA 44 104.72 31.06 3.92
CA SER SA 44 105.07 32.33 4.55
C SER SA 44 104.11 32.87 5.58
N ARG SA 45 102.88 32.39 5.58
CA ARG SA 45 101.93 32.89 6.56
C ARG SA 45 102.47 32.74 7.97
N SER SA 46 103.26 31.70 8.19
CA SER SA 46 103.82 31.43 9.50
C SER SA 46 104.68 32.55 10.09
N LEU SA 47 105.29 33.36 9.24
CA LEU SA 47 106.13 34.45 9.73
C LEU SA 47 105.35 35.61 10.33
N PHE SA 48 104.13 35.81 9.84
CA PHE SA 48 103.30 36.91 10.32
C PHE SA 48 102.28 36.42 11.30
N LYS SA 49 102.65 35.39 12.04
CA LYS SA 49 101.75 34.83 13.03
C LYS SA 49 101.55 35.88 14.11
N ARG SA 50 102.56 36.72 14.28
CA ARG SA 50 102.51 37.75 15.31
C ARG SA 50 101.50 38.85 15.04
N VAL SA 51 101.28 39.11 13.76
CA VAL SA 51 100.36 40.15 13.35
C VAL SA 51 99.19 39.57 12.57
N HIS SA 52 98.53 38.59 13.18
CA HIS SA 52 97.39 37.91 12.58
C HIS SA 52 97.51 37.68 11.08
N GLY SA 53 98.48 36.86 10.70
CA GLY SA 53 98.67 36.55 9.31
C GLY SA 53 97.66 35.51 8.87
N ASP SA 54 97.02 34.89 9.84
CA ASP SA 54 96.01 33.88 9.53
C ASP SA 54 94.81 34.50 8.82
N ASP SA 55 94.41 35.69 9.24
CA ASP SA 55 93.28 36.41 8.64
C ASP SA 55 93.72 37.74 8.05
N THR SA 56 93.96 37.75 6.75
CA THR SA 56 94.40 38.93 6.04
C THR SA 56 93.53 40.17 6.27
N SER SA 57 92.29 39.96 6.69
CA SER SA 57 91.34 41.06 6.93
C SER SA 57 91.29 41.55 8.38
N HIS SA 58 92.13 41.00 9.24
CA HIS SA 58 92.15 41.42 10.63
C HIS SA 58 92.87 42.74 10.76
N PRO SA 59 92.28 43.69 11.51
CA PRO SA 59 92.91 45.01 11.68
C PRO SA 59 94.41 44.97 11.89
N ALA SA 60 94.85 44.10 12.80
CA ALA SA 60 96.27 43.98 13.10
C ALA SA 60 97.07 43.85 11.82
N PHE SA 61 96.64 42.91 10.97
CA PHE SA 61 97.31 42.67 9.70
C PHE SA 61 97.10 43.82 8.74
N ILE SA 62 95.89 44.39 8.74
CA ILE SA 62 95.59 45.52 7.87
C ILE SA 62 96.63 46.58 8.12
N ALA SA 63 96.86 46.82 9.41
CA ALA SA 63 97.86 47.80 9.84
C ALA SA 63 99.19 47.36 9.26
N HIS SA 64 99.63 46.16 9.65
CA HIS SA 64 100.87 45.62 9.15
C HIS SA 64 101.04 45.89 7.66
N ALA SA 65 100.09 45.44 6.85
CA ALA SA 65 100.16 45.64 5.40
C ALA SA 65 100.38 47.10 5.07
N ASP SA 66 99.41 47.94 5.45
CA ASP SA 66 99.49 49.37 5.19
C ASP SA 66 100.85 49.90 5.67
N ARG SA 67 101.40 49.25 6.69
CA ARG SA 67 102.67 49.66 7.28
C ARG SA 67 103.84 49.25 6.42
N VAL SA 68 103.72 48.11 5.77
CA VAL SA 68 104.77 47.58 4.91
C VAL SA 68 104.87 48.43 3.68
N LEU SA 69 103.76 48.60 2.99
CA LEU SA 69 103.75 49.41 1.79
C LEU SA 69 104.43 50.73 2.13
N GLY SA 70 104.17 51.21 3.34
CA GLY SA 70 104.76 52.46 3.79
C GLY SA 70 106.26 52.52 3.50
N GLY SA 71 106.97 51.49 3.95
CA GLY SA 71 108.40 51.45 3.71
C GLY SA 71 108.66 51.42 2.22
N LEU SA 72 108.00 50.50 1.51
CA LEU SA 72 108.18 50.40 0.08
C LEU SA 72 108.03 51.78 -0.54
N ASP SA 73 107.14 52.59 0.03
CA ASP SA 73 106.92 53.96 -0.47
C ASP SA 73 108.25 54.69 -0.32
N ILE SA 74 108.67 54.87 0.92
CA ILE SA 74 109.93 55.56 1.17
C ILE SA 74 111.01 55.08 0.20
N ALA SA 75 111.13 53.77 0.02
CA ALA SA 75 112.12 53.22 -0.88
C ALA SA 75 111.96 53.81 -2.27
N ILE SA 76 110.89 53.43 -2.93
CA ILE SA 76 110.61 53.93 -4.26
C ILE SA 76 110.73 55.46 -4.32
N SER SA 77 110.06 56.14 -3.38
CA SER SA 77 109.97 57.57 -3.41
C SER SA 77 111.37 58.09 -3.40
N THR SA 78 112.15 57.66 -2.39
CA THR SA 78 113.47 58.18 -2.15
C THR SA 78 114.40 57.75 -3.24
N LEU SA 79 114.02 56.70 -4.00
CA LEU SA 79 114.91 55.95 -4.85
C LEU SA 79 115.67 56.91 -5.68
N ASP SA 80 114.92 57.88 -6.21
CA ASP SA 80 115.35 58.70 -7.29
C ASP SA 80 116.61 59.40 -6.85
N GLN SA 81 116.66 59.89 -5.59
CA GLN SA 81 117.85 60.58 -5.21
C GLN SA 81 118.73 59.63 -4.45
N PRO SA 82 119.85 59.29 -5.07
CA PRO SA 82 120.81 58.30 -4.57
C PRO SA 82 121.26 58.57 -3.14
N ALA SA 83 121.56 59.84 -2.87
CA ALA SA 83 122.01 60.25 -1.54
C ALA SA 83 121.10 59.72 -0.45
N THR SA 84 119.85 60.13 -0.52
CA THR SA 84 118.84 59.75 0.46
C THR SA 84 118.51 58.26 0.42
N LEU SA 85 118.14 57.78 -0.76
CA LEU SA 85 117.83 56.35 -0.92
C LEU SA 85 118.87 55.52 -0.18
N LYS SA 86 120.13 55.76 -0.54
CA LYS SA 86 121.24 55.08 0.08
C LYS SA 86 120.94 54.92 1.56
N GLU SA 87 120.64 56.03 2.22
CA GLU SA 87 120.36 56.01 3.66
C GLU SA 87 119.21 55.10 4.04
N GLU SA 88 118.04 55.31 3.46
CA GLU SA 88 116.89 54.47 3.76
C GLU SA 88 117.24 52.99 3.59
N LEU SA 89 117.80 52.64 2.45
CA LEU SA 89 118.16 51.25 2.22
C LEU SA 89 119.05 50.78 3.34
N ASP SA 90 120.10 51.54 3.64
CA ASP SA 90 121.03 51.17 4.72
C ASP SA 90 120.28 50.96 6.02
N HIS SA 91 119.36 51.88 6.32
CA HIS SA 91 118.56 51.77 7.53
C HIS SA 91 117.86 50.41 7.53
N LEU SA 92 117.20 50.09 6.43
CA LEU SA 92 116.50 48.82 6.34
C LEU SA 92 117.48 47.69 6.53
N GLN SA 93 118.55 47.74 5.76
CA GLN SA 93 119.59 46.72 5.82
C GLN SA 93 119.80 46.26 7.25
N VAL SA 94 119.88 47.22 8.17
CA VAL SA 94 120.09 46.93 9.57
C VAL SA 94 118.94 46.17 10.20
N GLN SA 95 117.73 46.69 10.05
CA GLN SA 95 116.56 46.06 10.63
C GLN SA 95 116.43 44.63 10.15
N HIS SA 96 117.18 44.27 9.12
CA HIS SA 96 117.11 42.92 8.58
C HIS SA 96 118.31 42.01 8.85
N GLU SA 97 119.56 42.52 8.82
CA GLU SA 97 120.68 41.65 8.92
C GLU SA 97 120.66 41.02 10.29
N GLY SA 98 121.13 39.76 10.34
CA GLY SA 98 121.04 38.96 11.54
C GLY SA 98 119.79 38.18 11.39
N ARG SA 99 118.90 38.65 10.50
CA ARG SA 99 117.82 37.80 10.06
C ARG SA 99 118.28 37.29 8.74
N LYS SA 100 118.04 35.98 8.46
CA LYS SA 100 118.22 35.42 7.15
C LYS SA 100 116.87 35.38 6.51
N ILE SA 101 116.79 35.68 5.21
CA ILE SA 101 115.51 35.75 4.58
C ILE SA 101 115.59 34.98 3.31
N PRO SA 102 114.63 34.13 3.19
CA PRO SA 102 114.53 33.26 2.06
C PRO SA 102 114.35 34.20 0.92
N ASP SA 103 115.04 33.93 -0.21
CA ASP SA 103 114.89 34.77 -1.39
C ASP SA 103 113.66 34.31 -2.16
N ASN SA 104 113.17 33.15 -1.77
CA ASN SA 104 111.97 32.55 -2.36
C ASN SA 104 110.74 33.46 -2.14
N TYR SA 105 110.52 33.89 -0.89
CA TYR SA 105 109.40 34.75 -0.55
C TYR SA 105 109.48 36.11 -1.23
N PHE SA 106 110.59 36.81 -1.06
CA PHE SA 106 110.75 38.12 -1.69
C PHE SA 106 110.32 38.05 -3.13
N ASP SA 107 110.70 36.97 -3.80
CA ASP SA 107 110.36 36.79 -5.20
C ASP SA 107 108.84 36.86 -5.40
N ALA SA 108 108.13 36.08 -4.61
CA ALA SA 108 106.66 36.05 -4.67
C ALA SA 108 106.05 37.43 -4.38
N PHE SA 109 106.53 38.06 -3.31
CA PHE SA 109 106.04 39.37 -2.94
C PHE SA 109 106.24 40.36 -4.06
N LYS SA 110 107.34 40.25 -4.80
CA LYS SA 110 107.58 41.16 -5.93
C LYS SA 110 106.49 40.89 -6.96
N THR SA 111 106.38 39.62 -7.33
CA THR SA 111 105.39 39.21 -8.31
C THR SA 111 104.05 39.79 -7.89
N ALA SA 112 103.70 39.56 -6.64
CA ALA SA 112 102.43 40.08 -6.14
C ALA SA 112 102.31 41.56 -6.50
N ILE SA 113 103.20 42.37 -5.95
CA ILE SA 113 103.21 43.80 -6.22
C ILE SA 113 103.01 44.08 -7.70
N LEU SA 114 103.88 43.52 -8.53
CA LEU SA 114 103.76 43.73 -9.96
C LEU SA 114 102.37 43.42 -10.53
N HIS SA 115 101.84 42.23 -10.25
CA HIS SA 115 100.52 41.91 -10.75
C HIS SA 115 99.46 42.88 -10.29
N VAL SA 116 99.45 43.23 -9.02
CA VAL SA 116 98.46 44.17 -8.52
C VAL SA 116 98.64 45.51 -9.17
N VAL SA 117 99.84 46.07 -9.11
CA VAL SA 117 100.11 47.37 -9.73
C VAL SA 117 99.62 47.40 -11.18
N ALA SA 118 99.92 46.36 -11.95
CA ALA SA 118 99.48 46.27 -13.35
C ALA SA 118 97.97 46.31 -13.42
N ALA SA 119 97.31 45.62 -12.50
CA ALA SA 119 95.88 45.58 -12.48
C ALA SA 119 95.35 46.97 -12.18
N GLN SA 120 96.04 47.69 -11.30
CA GLN SA 120 95.63 49.03 -10.89
C GLN SA 120 95.89 50.13 -11.92
N LEU SA 121 97.00 50.04 -12.62
CA LEU SA 121 97.33 51.08 -13.59
C LEU SA 121 96.71 50.91 -14.95
N GLY SA 122 96.07 49.78 -15.18
CA GLY SA 122 95.45 49.56 -16.48
C GLY SA 122 96.40 49.40 -17.64
N ARG SA 123 96.73 50.50 -18.29
CA ARG SA 123 97.60 50.47 -19.48
C ARG SA 123 98.99 51.10 -19.40
N CYS SA 124 99.09 52.25 -18.74
CA CYS SA 124 100.38 52.92 -18.64
C CYS SA 124 101.20 52.35 -17.49
N TYR SA 125 102.02 51.37 -17.83
CA TYR SA 125 102.88 50.69 -16.85
C TYR SA 125 103.96 49.85 -17.53
N ASP SA 126 105.21 50.18 -17.23
CA ASP SA 126 106.34 49.46 -17.79
C ASP SA 126 106.71 48.34 -16.84
N ARG SA 127 106.58 47.09 -17.30
CA ARG SA 127 106.89 45.96 -16.44
C ARG SA 127 108.38 45.88 -16.10
N GLU SA 128 109.23 45.72 -17.11
CA GLU SA 128 110.67 45.63 -16.91
C GLU SA 128 111.17 46.63 -15.87
N ALA SA 129 110.80 47.90 -16.05
CA ALA SA 129 111.18 48.96 -15.14
C ALA SA 129 110.87 48.65 -13.68
N TRP SA 130 109.62 48.33 -13.39
CA TRP SA 130 109.26 48.01 -12.03
C TRP SA 130 110.10 46.83 -11.57
N ASP SA 131 110.06 45.75 -12.34
CA ASP SA 131 110.82 44.56 -11.99
C ASP SA 131 112.20 44.99 -11.54
N ALA SA 132 112.89 45.73 -12.39
CA ALA SA 132 114.24 46.18 -12.11
C ALA SA 132 114.38 46.92 -10.79
N CYS SA 133 113.50 47.88 -10.55
CA CYS SA 133 113.56 48.64 -9.31
C CYS SA 133 113.09 47.92 -8.06
N ILE SA 134 111.97 47.21 -8.14
CA ILE SA 134 111.49 46.48 -6.99
C ILE SA 134 112.63 45.59 -6.58
N ASP SA 135 113.34 45.07 -7.59
CA ASP SA 135 114.47 44.20 -7.34
C ASP SA 135 115.52 44.99 -6.56
N HIS SA 136 116.04 46.05 -7.15
CA HIS SA 136 117.05 46.85 -6.47
C HIS SA 136 116.66 47.18 -5.04
N ILE SA 137 115.37 47.44 -4.81
CA ILE SA 137 114.90 47.74 -3.47
C ILE SA 137 114.97 46.51 -2.58
N GLU SA 138 114.55 45.37 -3.12
CA GLU SA 138 114.60 44.14 -2.35
C GLU SA 138 116.03 43.74 -2.02
N ASP SA 139 116.92 43.86 -2.99
CA ASP SA 139 118.32 43.53 -2.76
C ASP SA 139 118.80 44.30 -1.56
N GLY SA 140 118.47 45.59 -1.53
CA GLY SA 140 118.88 46.43 -0.42
C GLY SA 140 118.35 45.99 0.93
N ILE SA 141 117.37 45.09 0.93
CA ILE SA 141 116.79 44.62 2.18
C ILE SA 141 117.33 43.26 2.56
N LYS SA 142 117.72 42.47 1.57
CA LYS SA 142 118.26 41.15 1.83
C LYS SA 142 119.77 41.24 2.07
N GLY SA 143 120.36 42.11 1.23
CA GLY SA 143 121.51 42.84 1.64
C GLY SA 143 122.65 41.97 1.33
N HIS SA 144 122.29 40.73 0.98
CA HIS SA 144 123.36 39.88 0.69
C HIS SA 144 123.07 39.31 -0.64
N HIS SA 145 124.14 38.71 -1.16
CA HIS SA 145 124.23 38.36 -2.50
C HIS SA 145 124.23 36.88 -2.30
N HIS TA 1 86.03 65.65 22.00
CA HIS TA 1 86.69 64.34 22.28
C HIS TA 1 85.98 63.30 21.49
N GLU TA 2 84.93 62.70 22.10
CA GLU TA 2 84.29 61.60 21.44
C GLU TA 2 83.74 62.15 20.17
N HIS TA 3 83.14 63.34 20.29
CA HIS TA 3 82.45 64.03 19.26
C HIS TA 3 83.46 64.21 18.20
N CYS TA 4 84.62 64.75 18.61
CA CYS TA 4 85.59 65.28 17.71
C CYS TA 4 86.36 64.20 17.04
N CYS TA 5 87.09 64.57 15.97
CA CYS TA 5 87.50 63.70 14.89
C CYS TA 5 86.31 62.94 14.42
N SER TA 6 85.22 63.65 14.15
CA SER TA 6 84.07 63.06 13.52
C SER TA 6 84.49 62.71 12.13
N GLU TA 7 83.60 61.98 11.43
CA GLU TA 7 83.68 61.66 10.01
C GLU TA 7 83.92 62.91 9.19
N GLU TA 8 83.06 63.92 9.34
CA GLU TA 8 83.24 65.15 8.57
C GLU TA 8 84.61 65.71 8.90
N ASP TA 9 84.88 65.82 10.20
CA ASP TA 9 86.15 66.35 10.66
C ASP TA 9 87.32 65.81 9.86
N HIS TA 10 87.56 64.51 9.96
CA HIS TA 10 88.68 63.94 9.24
C HIS TA 10 88.49 63.89 7.74
N ARG TA 11 87.25 63.75 7.29
CA ARG TA 11 87.03 63.74 5.85
C ARG TA 11 87.71 65.03 5.37
N ILE TA 12 87.57 66.08 6.18
CA ILE TA 12 88.15 67.37 5.84
C ILE TA 12 89.66 67.28 5.88
N VAL TA 13 90.16 66.89 7.03
CA VAL TA 13 91.59 66.78 7.20
C VAL TA 13 92.15 66.05 5.99
N GLN TA 14 91.64 64.85 5.73
CA GLN TA 14 92.14 64.07 4.62
C GLN TA 14 92.19 64.86 3.33
N LYS TA 15 91.10 65.54 3.01
CA LYS TA 15 91.03 66.30 1.78
C LYS TA 15 92.12 67.36 1.73
N GLN TA 16 92.26 68.10 2.82
CA GLN TA 16 93.23 69.18 2.89
C GLN TA 16 94.67 68.71 2.88
N TRP TA 17 94.91 67.55 3.48
CA TRP TA 17 96.26 67.01 3.54
C TRP TA 17 96.68 66.53 2.16
N ASP TA 18 95.71 66.31 1.29
CA ASP TA 18 96.01 65.86 -0.05
C ASP TA 18 96.47 66.99 -0.98
N ILE TA 19 96.04 68.22 -0.69
CA ILE TA 19 96.43 69.36 -1.50
C ILE TA 19 97.93 69.32 -1.66
N LEU TA 20 98.60 68.74 -0.69
CA LEU TA 20 100.04 68.65 -0.70
C LEU TA 20 100.67 67.74 -1.75
N TRP TA 21 100.23 66.49 -1.80
CA TRP TA 21 100.80 65.51 -2.72
C TRP TA 21 100.28 65.53 -4.15
N ARG TA 22 99.96 66.72 -4.67
CA ARG TA 22 99.48 66.82 -6.03
C ARG TA 22 100.61 66.61 -7.02
N ASP TA 23 101.81 67.11 -6.68
CA ASP TA 23 102.96 66.96 -7.57
C ASP TA 23 103.86 65.78 -7.17
N THR TA 24 104.39 65.11 -8.20
CA THR TA 24 105.23 63.94 -8.01
C THR TA 24 106.44 64.09 -7.11
N GLU TA 25 106.90 65.32 -6.88
CA GLU TA 25 108.06 65.49 -6.03
C GLU TA 25 107.72 65.55 -4.54
N SER TA 26 106.92 64.59 -4.11
CA SER TA 26 106.50 64.49 -2.72
C SER TA 26 107.71 64.42 -1.79
N SER TA 27 108.72 63.65 -2.18
CA SER TA 27 109.93 63.49 -1.39
C SER TA 27 110.50 64.85 -0.98
N LYS TA 28 110.78 65.69 -1.97
CA LYS TA 28 111.34 67.00 -1.70
C LYS TA 28 110.50 67.75 -0.66
N ILE TA 29 109.18 67.63 -0.78
CA ILE TA 29 108.27 68.29 0.15
C ILE TA 29 108.32 67.62 1.50
N LYS TA 30 107.80 66.39 1.58
CA LYS TA 30 107.79 65.65 2.84
C LYS TA 30 109.06 65.89 3.63
N ILE TA 31 110.21 65.74 2.96
CA ILE TA 31 111.50 65.96 3.61
C ILE TA 31 111.59 67.38 4.16
N GLY TA 32 111.63 68.34 3.25
CA GLY TA 32 111.72 69.73 3.66
C GLY TA 32 110.78 70.06 4.80
N PHE TA 33 109.52 69.67 4.64
CA PHE TA 33 108.52 69.94 5.66
C PHE TA 33 108.83 69.21 6.97
N GLY TA 34 109.02 67.89 6.88
CA GLY TA 34 109.33 67.13 8.07
C GLY TA 34 110.61 67.61 8.70
N ARG TA 35 111.57 67.99 7.86
CA ARG TA 35 112.85 68.48 8.33
C ARG TA 35 112.58 69.68 9.20
N LEU TA 36 111.93 70.67 8.62
CA LEU TA 36 111.59 71.89 9.36
C LEU TA 36 110.84 71.59 10.63
N LEU TA 37 109.81 70.76 10.56
CA LEU TA 37 109.02 70.40 11.75
C LEU TA 37 109.86 69.89 12.90
N LEU TA 38 110.77 68.97 12.63
CA LEU TA 38 111.63 68.45 13.68
C LEU TA 38 112.61 69.52 14.16
N THR TA 39 113.21 70.25 13.22
CA THR TA 39 114.15 71.33 13.56
C THR TA 39 113.50 72.26 14.56
N LYS TA 40 112.38 72.85 14.15
CA LYS TA 40 111.64 73.80 14.99
C LYS TA 40 111.27 73.16 16.33
N LEU TA 41 111.37 71.85 16.43
CA LEU TA 41 111.07 71.22 17.70
C LEU TA 41 112.32 71.32 18.54
N ALA TA 42 113.45 70.90 17.98
CA ALA TA 42 114.74 70.96 18.69
C ALA TA 42 115.06 72.39 19.09
N LYS TA 43 114.51 73.33 18.34
CA LYS TA 43 114.72 74.75 18.60
C LYS TA 43 114.09 75.13 19.94
N ASP TA 44 112.83 74.75 20.12
CA ASP TA 44 112.11 75.06 21.36
C ASP TA 44 112.42 74.12 22.52
N ILE TA 45 112.93 72.92 22.23
CA ILE TA 45 113.29 71.96 23.26
C ILE TA 45 114.49 71.18 22.80
N PRO TA 46 115.68 71.59 23.22
CA PRO TA 46 116.98 70.99 22.87
C PRO TA 46 117.23 69.56 23.32
N GLU TA 47 116.70 69.18 24.48
CA GLU TA 47 116.93 67.83 24.97
C GLU TA 47 116.51 66.84 23.90
N VAL TA 48 115.94 67.38 22.82
CA VAL TA 48 115.49 66.59 21.70
C VAL TA 48 116.67 66.26 20.80
N ASN TA 49 117.50 67.25 20.57
CA ASN TA 49 118.67 67.07 19.73
C ASN TA 49 119.42 65.78 20.04
N ASP TA 50 119.44 65.39 21.30
CA ASP TA 50 120.14 64.17 21.71
C ASP TA 50 119.39 62.91 21.32
N LEU TA 51 118.07 63.01 21.21
CA LEU TA 51 117.24 61.87 20.85
C LEU TA 51 117.40 61.55 19.37
N PHE TA 52 117.40 62.60 18.57
CA PHE TA 52 117.54 62.46 17.13
C PHE TA 52 119.01 62.42 16.73
N LYS TA 53 119.88 62.28 17.71
CA LYS TA 53 121.30 62.22 17.49
C LYS TA 53 121.59 61.01 16.61
N ARG TA 54 120.95 59.91 16.95
CA ARG TA 54 121.08 58.64 16.25
C ARG TA 54 120.88 58.76 14.74
N VAL TA 55 120.04 59.71 14.32
CA VAL TA 55 119.76 59.90 12.90
C VAL TA 55 120.45 61.12 12.33
N ASP TA 56 121.56 61.51 12.96
CA ASP TA 56 122.35 62.65 12.49
C ASP TA 56 121.50 63.89 12.24
N ILE TA 57 120.73 64.30 13.24
CA ILE TA 57 119.90 65.49 13.13
C ILE TA 57 120.80 66.70 13.01
N GLU TA 58 122.06 66.52 13.40
CA GLU TA 58 123.02 67.57 13.34
C GLU TA 58 123.12 68.06 11.89
N HIS TA 59 122.99 67.15 10.93
CA HIS TA 59 123.04 67.50 9.51
C HIS TA 59 121.64 67.42 8.93
N ALA TA 60 120.89 68.49 9.08
CA ALA TA 60 119.53 68.54 8.59
C ALA TA 60 119.36 68.01 7.17
N GLU TA 61 120.26 68.42 6.27
CA GLU TA 61 120.20 68.01 4.86
C GLU TA 61 120.88 66.66 4.64
N GLY TA 62 121.51 66.15 5.70
CA GLY TA 62 122.20 64.88 5.61
C GLY TA 62 121.25 63.75 5.33
N PRO TA 63 121.52 62.92 4.33
CA PRO TA 63 120.62 61.80 4.03
C PRO TA 63 120.15 61.07 5.27
N LYS TA 64 121.06 60.82 6.20
CA LYS TA 64 120.71 60.12 7.43
C LYS TA 64 119.43 60.67 8.02
N PHE TA 65 119.37 62.00 8.14
CA PHE TA 65 118.21 62.67 8.69
C PHE TA 65 117.08 62.80 7.66
N SER TA 66 117.42 63.16 6.43
CA SER TA 66 116.40 63.29 5.40
C SER TA 66 115.55 62.02 5.36
N ALA TA 67 116.19 60.87 5.45
CA ALA TA 67 115.45 59.62 5.41
C ALA TA 67 114.47 59.69 6.55
N HIS TA 68 115.00 59.92 7.75
CA HIS TA 68 114.17 60.00 8.95
C HIS TA 68 113.00 60.94 8.74
N ALA TA 69 113.30 62.15 8.27
CA ALA TA 69 112.29 63.15 8.02
C ALA TA 69 111.13 62.47 7.31
N LEU TA 70 111.42 61.63 6.34
CA LEU TA 70 110.38 60.93 5.61
C LEU TA 70 109.66 60.00 6.55
N ARG TA 71 110.37 59.01 7.06
CA ARG TA 71 109.76 58.03 7.96
C ARG TA 71 108.73 58.64 8.87
N ILE TA 72 109.09 59.68 9.60
CA ILE TA 72 108.14 60.31 10.51
C ILE TA 72 106.98 60.96 9.76
N LEU TA 73 107.30 61.95 8.95
CA LEU TA 73 106.32 62.65 8.16
C LEU TA 73 105.42 61.62 7.47
N ASN TA 74 106.02 60.55 6.96
CA ASN TA 74 105.26 59.52 6.27
C ASN TA 74 104.37 58.72 7.23
N GLY TA 75 104.78 58.67 8.49
CA GLY TA 75 104.00 57.96 9.49
C GLY TA 75 102.76 58.76 9.74
N LEU TA 76 102.94 60.08 9.84
CA LEU TA 76 101.81 60.97 10.04
C LEU TA 76 100.81 60.73 8.90
N ASP TA 77 101.34 60.50 7.70
CA ASP TA 77 100.50 60.23 6.52
C ASP TA 77 99.66 59.02 6.87
N LEU TA 78 100.32 57.90 7.16
CA LEU TA 78 99.63 56.68 7.51
C LEU TA 78 98.50 56.96 8.49
N ALA TA 79 98.81 57.66 9.57
CA ALA TA 79 97.80 57.99 10.57
C ALA TA 79 96.61 58.63 9.91
N ILE TA 80 96.84 59.74 9.22
CA ILE TA 80 95.77 60.46 8.54
C ILE TA 80 95.01 59.55 7.58
N ASN TA 81 95.71 58.81 6.73
CA ASN TA 81 95.05 57.94 5.77
C ASN TA 81 94.27 56.77 6.34
N LEU TA 82 94.39 56.55 7.65
CA LEU TA 82 93.66 55.47 8.27
C LEU TA 82 92.60 56.04 9.16
N LEU TA 83 92.42 57.36 9.12
CA LEU TA 83 91.42 58.01 9.95
C LEU TA 83 90.02 57.43 9.72
N ASP TA 84 89.78 56.90 8.53
CA ASP TA 84 88.48 56.34 8.23
C ASP TA 84 88.49 54.82 8.38
N ASP TA 85 88.81 54.35 9.60
CA ASP TA 85 88.86 52.92 9.94
C ASP TA 85 89.48 52.86 11.32
N PRO TA 86 88.79 53.41 12.33
CA PRO TA 86 89.24 53.44 13.71
C PRO TA 86 90.05 52.24 14.22
N PRO TA 87 89.53 51.00 14.03
CA PRO TA 87 90.27 49.83 14.51
C PRO TA 87 91.66 49.72 13.92
N ALA TA 88 91.76 49.94 12.62
CA ALA TA 88 93.05 49.89 11.92
C ALA TA 88 93.93 51.04 12.39
N LEU TA 89 93.42 52.25 12.31
CA LEU TA 89 94.15 53.40 12.77
C LEU TA 89 94.64 53.15 14.17
N ASP TA 90 93.76 52.66 15.03
CA ASP TA 90 94.12 52.37 16.41
C ASP TA 90 95.36 51.52 16.39
N ALA TA 91 95.24 50.32 15.86
CA ALA TA 91 96.39 49.41 15.78
C ALA TA 91 97.63 50.09 15.23
N ALA TA 92 97.48 50.76 14.10
CA ALA TA 92 98.58 51.47 13.45
C ALA TA 92 99.32 52.43 14.39
N LEU TA 93 98.55 53.15 15.21
CA LEU TA 93 99.10 54.10 16.16
C LEU TA 93 99.70 53.38 17.37
N ASP TA 94 99.00 52.40 17.90
CA ASP TA 94 99.50 51.66 19.06
C ASP TA 94 100.91 51.22 18.72
N HIS TA 95 101.08 50.71 17.51
CA HIS TA 95 102.38 50.25 17.05
C HIS TA 95 103.38 51.40 17.16
N LEU TA 96 102.97 52.60 16.75
CA LEU TA 96 103.85 53.76 16.83
C LEU TA 96 104.18 54.08 18.28
N ALA TA 97 103.26 53.78 19.17
CA ALA TA 97 103.51 54.03 20.58
C ALA TA 97 104.72 53.21 20.99
N HIS TA 98 104.65 51.90 20.74
CA HIS TA 98 105.73 50.99 21.09
C HIS TA 98 107.05 51.41 20.48
N GLN TA 99 107.04 51.91 19.26
CA GLN TA 99 108.28 52.33 18.61
C GLN TA 99 108.89 53.53 19.30
N HIS TA 100 108.09 54.21 20.12
CA HIS TA 100 108.55 55.38 20.85
C HIS TA 100 108.78 55.05 22.32
N GLU TA 101 108.13 54.02 22.81
CA GLU TA 101 108.28 53.63 24.20
C GLU TA 101 109.72 53.24 24.51
N VAL TA 102 110.30 52.41 23.65
CA VAL TA 102 111.67 51.95 23.84
C VAL TA 102 112.73 52.97 23.51
N ARG TA 103 112.32 54.20 23.25
CA ARG TA 103 113.27 55.26 22.94
C ARG TA 103 113.27 56.21 24.13
N GLU TA 104 114.06 55.89 25.16
CA GLU TA 104 114.10 56.71 26.35
C GLU TA 104 114.56 58.12 26.04
N GLY TA 105 113.99 59.07 26.77
CA GLY TA 105 114.33 60.48 26.59
C GLY TA 105 113.12 61.19 26.04
N VAL TA 106 112.32 60.45 25.29
CA VAL TA 106 111.12 60.99 24.69
C VAL TA 106 110.02 61.07 25.70
N GLN TA 107 109.63 62.29 26.07
CA GLN TA 107 108.55 62.49 27.05
C GLN TA 107 107.33 63.16 26.42
N LYS TA 108 106.18 63.02 27.09
CA LYS TA 108 104.94 63.58 26.58
C LYS TA 108 105.04 65.04 26.17
N ALA TA 109 105.55 65.88 27.06
CA ALA TA 109 105.68 67.31 26.76
C ALA TA 109 106.23 67.58 25.36
N HIS TA 110 106.98 66.63 24.83
CA HIS TA 110 107.57 66.76 23.50
C HIS TA 110 106.47 66.79 22.45
N PHE TA 111 105.57 65.81 22.51
CA PHE TA 111 104.46 65.73 21.57
C PHE TA 111 103.57 66.94 21.70
N LYS TA 112 103.20 67.31 22.92
CA LYS TA 112 102.35 68.49 23.10
C LYS TA 112 102.93 69.63 22.28
N LYS TA 113 104.24 69.83 22.38
CA LYS TA 113 104.92 70.91 21.64
C LYS TA 113 104.87 70.66 20.14
N PHE TA 114 105.28 69.48 19.73
CA PHE TA 114 105.28 69.13 18.32
C PHE TA 114 103.90 69.41 17.74
N GLY TA 115 102.88 69.17 18.54
CA GLY TA 115 101.52 69.40 18.07
C GLY TA 115 101.32 70.87 17.77
N GLU TA 116 101.68 71.70 18.73
CA GLU TA 116 101.53 73.14 18.57
C GLU TA 116 102.29 73.60 17.34
N ILE TA 117 103.46 73.02 17.11
CA ILE TA 117 104.30 73.40 15.97
C ILE TA 117 103.65 72.99 14.67
N LEU TA 118 103.15 71.76 14.65
CA LEU TA 118 102.50 71.19 13.49
C LEU TA 118 101.28 72.01 13.12
N ALA TA 119 100.58 72.48 14.14
CA ALA TA 119 99.38 73.27 13.92
C ALA TA 119 99.67 74.66 13.39
N THR TA 120 100.89 75.14 13.63
CA THR TA 120 101.26 76.47 13.17
C THR TA 120 101.89 76.35 11.81
N GLY TA 121 102.37 75.16 11.50
CA GLY TA 121 103.02 74.92 10.22
C GLY TA 121 102.11 74.59 9.06
N LEU TA 122 101.24 73.61 9.24
CA LEU TA 122 100.32 73.20 8.19
C LEU TA 122 99.69 74.36 7.46
N PRO TA 123 99.01 75.26 8.17
CA PRO TA 123 98.38 76.43 7.54
C PRO TA 123 99.30 77.33 6.73
N GLN TA 124 100.59 77.02 6.75
CA GLN TA 124 101.55 77.81 6.00
C GLN TA 124 101.79 77.23 4.63
N VAL TA 125 101.47 75.96 4.46
CA VAL TA 125 101.65 75.29 3.18
C VAL TA 125 100.33 74.96 2.53
N LEU TA 126 99.27 74.93 3.33
CA LEU TA 126 97.94 74.62 2.81
C LEU TA 126 97.12 75.89 2.82
N ASP TA 127 96.63 76.31 1.65
CA ASP TA 127 95.82 77.52 1.59
C ASP TA 127 94.47 77.28 2.25
N ASP TA 128 93.96 76.06 2.13
CA ASP TA 128 92.68 75.71 2.75
C ASP TA 128 92.96 74.85 3.97
N TYR TA 129 92.79 75.45 5.15
CA TYR TA 129 93.05 74.78 6.42
C TYR TA 129 91.91 75.04 7.39
N ASP TA 130 91.44 73.98 8.04
CA ASP TA 130 90.37 74.11 9.01
C ASP TA 130 90.91 73.77 10.37
N ALA TA 131 91.51 74.76 11.01
CA ALA TA 131 92.13 74.58 12.33
C ALA TA 131 91.33 73.68 13.28
N LEU TA 132 90.03 73.92 13.40
CA LEU TA 132 89.21 73.13 14.30
C LEU TA 132 89.26 71.66 14.00
N ALA TA 133 89.02 71.29 12.74
CA ALA TA 133 89.04 69.88 12.36
C ALA TA 133 90.40 69.28 12.65
N TRP TA 134 91.44 69.90 12.13
CA TRP TA 134 92.78 69.39 12.34
C TRP TA 134 93.15 69.20 13.80
N LYS TA 135 93.05 70.26 14.59
CA LYS TA 135 93.41 70.16 16.00
C LYS TA 135 92.71 68.96 16.61
N SER TA 136 91.43 68.80 16.31
CA SER TA 136 90.66 67.67 16.83
C SER TA 136 91.32 66.34 16.51
N CYS TA 137 91.67 66.13 15.25
CA CYS TA 137 92.31 64.89 14.82
C CYS TA 137 93.77 64.75 15.24
N LEU TA 138 94.56 65.77 15.04
CA LEU TA 138 95.95 65.68 15.43
C LEU TA 138 96.06 65.29 16.90
N LYS TA 139 95.16 65.83 17.72
CA LYS TA 139 95.19 65.53 19.15
C LYS TA 139 95.06 64.04 19.35
N GLY TA 140 93.95 63.48 18.86
CA GLY TA 140 93.73 62.04 18.98
C GLY TA 140 94.94 61.23 18.56
N ILE TA 141 95.59 61.63 17.48
CA ILE TA 141 96.75 60.91 16.98
C ILE TA 141 97.92 61.04 17.89
N LEU TA 142 98.42 62.27 18.07
CA LEU TA 142 99.56 62.52 18.92
C LEU TA 142 99.40 61.84 20.29
N THR TA 143 98.21 61.93 20.88
CA THR TA 143 97.98 61.32 22.18
C THR TA 143 98.21 59.81 22.15
N LYS TA 144 97.48 59.12 21.29
CA LYS TA 144 97.60 57.67 21.18
C LYS TA 144 99.01 57.21 20.88
N ILE TA 145 99.79 58.05 20.21
CA ILE TA 145 101.18 57.68 19.89
C ILE TA 145 102.12 57.74 21.10
N SER TA 146 101.87 58.71 21.98
CA SER TA 146 102.70 58.90 23.15
C SER TA 146 102.15 58.25 24.41
N SER TA 147 100.92 57.75 24.32
CA SER TA 147 100.08 57.56 25.47
C SER TA 147 100.72 56.48 26.24
N ARG TA 148 101.33 55.57 25.48
CA ARG TA 148 102.30 54.77 26.12
C ARG TA 148 103.60 55.47 26.14
N LEU TA 149 104.19 55.50 27.35
CA LEU TA 149 105.38 56.17 27.71
C LEU TA 149 106.39 55.03 27.71
N GLU UA 1 116.35 87.38 2.20
CA GLU UA 1 115.57 86.81 1.07
C GLU UA 1 114.27 86.36 1.61
N CYS UA 2 113.65 85.36 0.97
CA CYS UA 2 112.30 85.02 1.33
C CYS UA 2 112.35 83.74 2.12
N LEU UA 3 111.18 83.33 2.66
CA LEU UA 3 111.10 82.15 3.46
C LEU UA 3 110.75 81.01 2.57
N VAL UA 4 111.23 79.81 2.92
CA VAL UA 4 111.16 78.69 2.05
C VAL UA 4 109.74 78.32 1.81
N THR UA 5 108.87 78.49 2.83
CA THR UA 5 107.42 78.34 2.65
C THR UA 5 106.84 79.51 1.84
N GLU UA 6 107.19 80.73 2.23
CA GLU UA 6 106.72 81.91 1.55
C GLU UA 6 106.94 81.81 0.04
N SER UA 7 107.78 80.89 -0.39
CA SER UA 7 108.05 80.70 -1.82
C SER UA 7 107.06 79.69 -2.35
N LEU UA 8 107.15 78.47 -1.82
CA LEU UA 8 106.28 77.38 -2.22
C LEU UA 8 104.84 77.88 -2.35
N LYS UA 9 104.46 78.76 -1.43
CA LYS UA 9 103.12 79.34 -1.44
C LYS UA 9 102.89 80.09 -2.75
N VAL UA 10 103.86 80.92 -3.14
CA VAL UA 10 103.75 81.66 -4.38
C VAL UA 10 103.87 80.71 -5.56
N LYS UA 11 104.87 79.84 -5.53
CA LYS UA 11 105.08 78.88 -6.62
C LYS UA 11 103.75 78.18 -6.90
N LEU UA 12 103.05 77.82 -5.82
CA LEU UA 12 101.78 77.12 -5.92
C LEU UA 12 100.68 78.00 -6.44
N GLN UA 13 100.44 79.14 -5.78
CA GLN UA 13 99.39 80.05 -6.21
C GLN UA 13 99.60 80.55 -7.63
N TRP UA 14 100.84 80.76 -8.02
CA TRP UA 14 101.12 81.21 -9.37
C TRP UA 14 100.50 80.21 -10.33
N ALA UA 15 100.67 78.94 -10.01
CA ALA UA 15 100.12 77.89 -10.84
C ALA UA 15 98.65 78.11 -11.15
N SER UA 16 97.83 78.12 -10.11
CA SER UA 16 96.38 78.29 -10.25
C SER UA 16 96.00 79.56 -10.96
N ALA UA 17 96.63 80.67 -10.57
CA ALA UA 17 96.35 81.96 -11.16
C ALA UA 17 96.71 82.09 -12.64
N PHE UA 18 98.00 81.88 -12.93
CA PHE UA 18 98.50 81.98 -14.30
C PHE UA 18 97.67 81.08 -15.20
N GLY UA 19 97.73 79.78 -14.96
CA GLY UA 19 96.95 78.86 -15.75
C GLY UA 19 97.69 78.23 -16.90
N HIS UA 20 96.93 77.84 -17.93
CA HIS UA 20 97.51 77.22 -19.12
C HIS UA 20 96.88 77.73 -20.41
N ALA UA 21 97.64 77.67 -21.49
CA ALA UA 21 97.18 78.10 -22.81
C ALA UA 21 96.51 79.47 -22.81
N HIS UA 22 95.38 79.55 -23.49
CA HIS UA 22 94.65 80.80 -23.60
C HIS UA 22 94.47 81.49 -22.25
N GLU UA 23 94.10 80.72 -21.24
CA GLU UA 23 93.87 81.26 -19.90
C GLU UA 23 94.94 82.28 -19.52
N ARG UA 24 96.13 82.08 -20.07
CA ARG UA 24 97.27 82.94 -19.81
C ARG UA 24 97.20 84.25 -20.58
N VAL UA 25 97.09 84.15 -21.89
CA VAL UA 25 97.02 85.35 -22.71
C VAL UA 25 96.01 86.30 -22.07
N ALA UA 26 94.91 85.72 -21.60
CA ALA UA 26 93.84 86.48 -20.96
C ALA UA 26 94.41 87.21 -19.76
N PHE UA 27 95.17 86.49 -18.96
CA PHE UA 27 95.80 87.06 -17.79
C PHE UA 27 96.70 88.19 -18.22
N GLY UA 28 97.69 87.86 -19.06
CA GLY UA 28 98.62 88.87 -19.53
C GLY UA 28 97.90 90.11 -19.98
N LEU UA 29 96.96 89.95 -20.90
CA LEU UA 29 96.19 91.07 -21.40
C LEU UA 29 95.57 91.90 -20.27
N GLU UA 30 94.72 91.27 -19.46
CA GLU UA 30 94.08 91.96 -18.34
C GLU UA 30 95.11 92.76 -17.55
N LEU UA 31 96.27 92.17 -17.30
CA LEU UA 31 97.34 92.82 -16.55
C LEU UA 31 97.82 94.09 -17.21
N TRP UA 32 98.42 93.95 -18.39
CA TRP UA 32 98.94 95.11 -19.09
C TRP UA 32 97.93 96.20 -19.32
N ARG UA 33 96.67 95.84 -19.55
CA ARG UA 33 95.65 96.87 -19.77
C ARG UA 33 95.58 97.74 -18.54
N ASP UA 34 95.33 97.14 -17.39
CA ASP UA 34 95.25 97.88 -16.14
C ASP UA 34 96.49 98.74 -15.91
N ILE UA 35 97.66 98.21 -16.27
CA ILE UA 35 98.92 98.94 -16.10
C ILE UA 35 99.00 100.16 -16.99
N ILE UA 36 98.75 99.98 -18.27
CA ILE UA 36 98.81 101.07 -19.21
C ILE UA 36 97.76 102.16 -18.98
N ASP UA 37 96.59 101.80 -18.49
CA ASP UA 37 95.56 102.79 -18.24
C ASP UA 37 95.96 103.68 -17.07
N ASP UA 38 96.66 103.09 -16.12
CA ASP UA 38 97.11 103.80 -14.93
C ASP UA 38 98.27 104.73 -15.25
N HIS UA 39 99.20 104.25 -16.08
CA HIS UA 39 100.38 105.02 -16.45
C HIS UA 39 100.70 104.92 -17.94
N PRO UA 40 99.96 105.67 -18.77
CA PRO UA 40 100.15 105.67 -20.23
C PRO UA 40 101.55 106.02 -20.67
N GLU UA 41 102.41 106.43 -19.75
CA GLU UA 41 103.77 106.77 -20.08
C GLU UA 41 104.50 105.54 -20.62
N ILE UA 42 104.00 104.37 -20.24
CA ILE UA 42 104.62 103.11 -20.64
C ILE UA 42 104.45 102.74 -22.10
N LYS UA 43 103.37 103.19 -22.73
CA LYS UA 43 103.16 102.87 -24.13
C LYS UA 43 104.38 103.27 -24.96
N ALA UA 44 105.27 104.05 -24.37
CA ALA UA 44 106.46 104.52 -25.05
C ALA UA 44 107.46 103.44 -25.43
N PRO UA 45 108.14 102.83 -24.44
CA PRO UA 45 109.13 101.79 -24.76
C PRO UA 45 108.56 100.56 -25.43
N PHE UA 46 107.25 100.36 -25.29
CA PHE UA 46 106.57 99.22 -25.88
C PHE UA 46 106.21 99.53 -27.32
N SER UA 47 106.88 100.53 -27.88
CA SER UA 47 106.62 100.94 -29.26
C SER UA 47 107.01 99.84 -30.25
N ARG UA 48 108.04 99.08 -29.92
CA ARG UA 48 108.51 98.03 -30.80
C ARG UA 48 107.49 96.92 -30.91
N VAL UA 49 106.80 96.65 -29.81
CA VAL UA 49 105.79 95.60 -29.75
C VAL UA 49 104.37 96.18 -29.71
N ARG UA 50 104.04 97.02 -30.68
CA ARG UA 50 102.73 97.66 -30.75
C ARG UA 50 102.05 97.76 -29.40
N GLY UA 51 102.56 98.65 -28.58
CA GLY UA 51 102.00 98.86 -27.26
C GLY UA 51 100.76 99.71 -27.28
N ASP UA 52 100.48 100.33 -28.41
CA ASP UA 52 99.30 101.17 -28.54
C ASP UA 52 98.06 100.29 -28.55
N ASN UA 53 98.17 99.14 -29.22
CA ASN UA 53 97.09 98.15 -29.34
C ASN UA 53 97.49 96.86 -28.61
N ILE UA 54 97.19 96.78 -27.32
CA ILE UA 54 97.55 95.62 -26.54
C ILE UA 54 96.85 94.36 -26.97
N TYR UA 55 95.78 94.48 -27.74
CA TYR UA 55 95.05 93.30 -28.19
C TYR UA 55 95.70 92.69 -29.43
N SER UA 56 96.64 93.42 -30.03
CA SER UA 56 97.32 92.96 -31.23
C SER UA 56 98.14 91.73 -30.96
N PRO UA 57 98.43 90.94 -31.99
CA PRO UA 57 99.22 89.74 -31.81
C PRO UA 57 100.66 90.12 -31.46
N GLU UA 58 101.16 91.18 -32.09
CA GLU UA 58 102.52 91.65 -31.83
C GLU UA 58 102.72 91.83 -30.32
N PHE UA 59 101.83 92.60 -29.70
CA PHE UA 59 101.91 92.86 -28.26
C PHE UA 59 101.58 91.59 -27.50
N GLY UA 60 100.55 90.89 -27.96
CA GLY UA 60 100.16 89.65 -27.30
C GLY UA 60 101.37 88.76 -27.10
N ALA UA 61 102.16 88.62 -28.16
CA ALA UA 61 103.37 87.80 -28.12
C ALA UA 61 104.17 88.30 -26.96
N HIS UA 62 104.55 89.57 -27.03
CA HIS UA 62 105.33 90.21 -25.97
C HIS UA 62 104.77 89.85 -24.61
N SER UA 63 103.52 90.23 -24.39
CA SER UA 63 102.82 89.96 -23.14
C SER UA 63 103.19 88.61 -22.59
N GLN UA 64 103.04 87.60 -23.43
CA GLN UA 64 103.37 86.22 -23.06
C GLN UA 64 104.84 86.04 -22.67
N ARG UA 65 105.74 86.49 -23.54
CA ARG UA 65 107.17 86.37 -23.29
C ARG UA 65 107.48 86.87 -21.89
N VAL UA 66 106.85 87.99 -21.52
CA VAL UA 66 107.04 88.59 -20.21
C VAL UA 66 106.60 87.63 -19.12
N LEU UA 67 105.32 87.38 -19.06
CA LEU UA 67 104.80 86.49 -18.06
C LEU UA 67 105.69 85.25 -17.95
N SER UA 68 106.12 84.70 -19.09
CA SER UA 68 106.95 83.51 -19.08
C SER UA 68 108.15 83.72 -18.22
N GLY UA 69 108.88 84.80 -18.49
CA GLY UA 69 110.06 85.10 -17.70
C GLY UA 69 109.72 85.16 -16.22
N LEU UA 70 108.59 85.79 -15.92
CA LEU UA 70 108.12 85.90 -14.56
C LEU UA 70 107.94 84.48 -14.02
N ASP UA 71 107.44 83.59 -14.86
CA ASP UA 71 107.25 82.20 -14.44
C ASP UA 71 108.59 81.65 -14.03
N ILE UA 72 109.58 81.80 -14.90
CA ILE UA 72 110.94 81.31 -14.61
C ILE UA 72 111.42 81.80 -13.27
N THR UA 73 111.55 83.11 -13.14
CA THR UA 73 111.98 83.68 -11.88
C THR UA 73 111.27 83.02 -10.72
N ILE UA 74 109.94 83.03 -10.72
CA ILE UA 74 109.17 82.40 -9.64
C ILE UA 74 109.53 80.94 -9.43
N SER UA 75 109.64 80.13 -10.50
CA SER UA 75 109.89 78.74 -10.19
C SER UA 75 111.33 78.61 -9.87
N MET UA 76 112.11 79.66 -10.19
CA MET UA 76 113.51 79.81 -9.90
C MET UA 76 113.71 79.97 -8.42
N LEU UA 77 112.76 80.66 -7.73
CA LEU UA 77 112.93 81.19 -6.41
C LEU UA 77 113.26 80.07 -5.46
N ASP UA 78 112.50 78.98 -5.57
CA ASP UA 78 112.41 77.93 -4.60
C ASP UA 78 113.80 77.41 -4.29
N THR UA 79 114.66 77.25 -5.32
CA THR UA 79 115.98 76.79 -5.08
C THR UA 79 116.90 77.95 -5.32
N PRO UA 80 117.52 78.36 -4.27
CA PRO UA 80 118.32 79.58 -4.22
C PRO UA 80 119.44 79.72 -5.26
N ASP UA 81 120.21 78.65 -5.46
CA ASP UA 81 121.32 78.69 -6.41
C ASP UA 81 120.88 79.04 -7.82
N MET UA 82 119.70 78.57 -8.22
CA MET UA 82 119.18 78.84 -9.55
C MET UA 82 118.60 80.25 -9.61
N LEU UA 83 117.91 80.64 -8.56
CA LEU UA 83 117.31 81.97 -8.51
C LEU UA 83 118.38 83.04 -8.56
N ALA UA 84 119.32 82.95 -7.62
CA ALA UA 84 120.42 83.91 -7.54
C ALA UA 84 121.04 84.10 -8.91
N ALA UA 85 121.18 82.99 -9.64
CA ALA UA 85 121.77 83.02 -10.98
C ALA UA 85 120.83 83.65 -11.98
N GLN UA 86 119.60 83.17 -12.00
CA GLN UA 86 118.57 83.66 -12.92
C GLN UA 86 118.38 85.15 -12.72
N LEU UA 87 118.27 85.58 -11.46
CA LEU UA 87 118.08 86.99 -11.17
C LEU UA 87 119.23 87.78 -11.74
N ALA UA 88 120.45 87.37 -11.44
CA ALA UA 88 121.63 88.06 -11.94
C ALA UA 88 121.55 88.18 -13.45
N HIS UA 89 121.11 87.10 -14.10
CA HIS UA 89 120.98 87.09 -15.55
C HIS UA 89 119.99 88.14 -16.02
N LEU UA 90 118.89 88.30 -15.30
CA LEU UA 90 117.88 89.27 -15.68
C LEU UA 90 118.37 90.68 -15.48
N LYS UA 91 119.10 90.91 -14.39
CA LYS UA 91 119.60 92.24 -14.09
C LYS UA 91 120.39 92.79 -15.27
N VAL UA 92 121.19 91.93 -15.88
CA VAL UA 92 122.01 92.33 -17.01
C VAL UA 92 121.16 92.79 -18.19
N GLN UA 93 120.15 91.99 -18.55
CA GLN UA 93 119.29 92.34 -19.69
C GLN UA 93 118.56 93.66 -19.47
N HIS UA 94 118.66 94.19 -18.26
CA HIS UA 94 118.00 95.46 -17.93
C HIS UA 94 118.93 96.64 -17.71
N VAL UA 95 119.91 96.48 -16.82
CA VAL UA 95 120.86 97.54 -16.53
C VAL UA 95 121.29 98.36 -17.76
N GLU UA 96 121.55 97.65 -18.87
CA GLU UA 96 122.13 98.24 -20.03
C GLU UA 96 121.20 99.30 -20.44
N ARG UA 97 119.94 98.88 -20.67
CA ARG UA 97 118.96 99.84 -21.06
C ARG UA 97 118.65 100.60 -19.85
N ASN UA 98 118.05 101.77 -20.11
CA ASN UA 98 117.69 102.66 -19.07
C ASN UA 98 116.25 102.49 -18.89
N LEU UA 99 115.84 102.51 -17.63
CA LEU UA 99 114.46 102.40 -17.44
C LEU UA 99 114.13 103.35 -16.34
N LYS UA 100 112.83 103.48 -15.99
CA LYS UA 100 112.54 104.15 -14.76
C LYS UA 100 112.17 103.12 -13.79
N PRO UA 101 112.85 103.18 -12.69
CA PRO UA 101 112.78 102.20 -11.66
C PRO UA 101 111.37 102.08 -11.16
N GLU UA 102 110.60 103.18 -11.15
CA GLU UA 102 109.27 103.17 -10.56
C GLU UA 102 108.29 102.33 -11.39
N PHE UA 103 108.59 102.13 -12.66
CA PHE UA 103 107.74 101.34 -13.55
C PHE UA 103 107.51 99.97 -12.97
N PHE UA 104 108.57 99.36 -12.48
CA PHE UA 104 108.49 98.04 -11.90
C PHE UA 104 107.65 98.06 -10.63
N ASP UA 105 107.80 99.11 -9.83
CA ASP UA 105 107.01 99.22 -8.62
C ASP UA 105 105.53 99.24 -9.00
N ILE UA 106 105.27 99.74 -10.21
CA ILE UA 106 103.92 99.82 -10.75
C ILE UA 106 103.50 98.42 -11.19
N PHE UA 107 104.32 97.82 -12.04
CA PHE UA 107 104.06 96.49 -12.54
C PHE UA 107 103.65 95.60 -11.36
N LEU UA 108 104.46 95.60 -10.31
CA LEU UA 108 104.19 94.79 -9.14
C LEU UA 108 102.84 95.12 -8.55
N LYS UA 109 102.56 96.41 -8.38
CA LYS UA 109 101.28 96.82 -7.82
C LYS UA 109 100.13 96.08 -8.50
N HIS UA 110 100.11 96.12 -9.83
CA HIS UA 110 99.06 95.45 -10.59
C HIS UA 110 99.12 93.92 -10.57
N LEU UA 111 100.29 93.36 -10.80
CA LEU UA 111 100.43 91.92 -10.78
C LEU UA 111 99.74 91.37 -9.54
N LEU UA 112 99.86 92.09 -8.42
CA LEU UA 112 99.24 91.67 -7.17
C LEU UA 112 97.75 91.91 -7.21
N HIS UA 113 97.37 93.06 -7.74
CA HIS UA 113 95.96 93.41 -7.86
C HIS UA 113 95.26 92.31 -8.65
N VAL UA 114 95.83 91.94 -9.80
CA VAL UA 114 95.26 90.90 -10.64
C VAL UA 114 95.20 89.56 -9.95
N LEU UA 115 96.34 89.08 -9.44
CA LEU UA 115 96.36 87.80 -8.74
C LEU UA 115 95.30 87.83 -7.65
N GLY UA 116 95.10 89.02 -7.09
CA GLY UA 116 94.11 89.18 -6.04
C GLY UA 116 92.76 88.72 -6.54
N ASP UA 117 92.38 89.19 -7.72
CA ASP UA 117 91.11 88.81 -8.31
C ASP UA 117 91.09 87.32 -8.58
N ARG UA 118 92.07 86.85 -9.35
CA ARG UA 118 92.17 85.44 -9.69
C ARG UA 118 92.12 84.48 -8.50
N LEU UA 119 92.95 84.73 -7.50
CA LEU UA 119 93.01 83.85 -6.34
C LEU UA 119 91.96 84.08 -5.27
N GLY UA 120 91.45 85.30 -5.16
CA GLY UA 120 90.44 85.58 -4.17
C GLY UA 120 91.00 85.98 -2.82
N THR UA 121 90.36 85.53 -1.75
CA THR UA 121 90.80 85.88 -0.40
C THR UA 121 91.95 85.01 0.08
N HIS UA 122 92.14 83.87 -0.56
CA HIS UA 122 93.20 82.94 -0.18
C HIS UA 122 94.56 83.55 -0.52
N PHE UA 123 94.56 84.43 -1.53
CA PHE UA 123 95.77 85.07 -2.00
C PHE UA 123 96.66 85.51 -0.88
N ASP UA 124 97.84 84.91 -0.77
CA ASP UA 124 98.76 85.29 0.30
C ASP UA 124 99.59 86.50 -0.09
N PHE UA 125 98.97 87.67 0.04
CA PHE UA 125 99.58 88.93 -0.28
C PHE UA 125 100.98 89.00 0.32
N GLY UA 126 101.05 88.79 1.63
CA GLY UA 126 102.34 88.83 2.29
C GLY UA 126 103.40 88.09 1.51
N ALA UA 127 103.20 86.79 1.34
CA ALA UA 127 104.16 85.95 0.63
C ALA UA 127 104.57 86.53 -0.71
N TRP UA 128 103.59 86.94 -1.51
CA TRP UA 128 103.92 87.48 -2.82
C TRP UA 128 104.74 88.75 -2.72
N HIS UA 129 104.23 89.74 -1.98
CA HIS UA 129 104.92 91.01 -1.84
C HIS UA 129 106.38 90.76 -1.48
N ASP UA 130 106.58 90.02 -0.39
CA ASP UA 130 107.93 89.70 0.06
C ASP UA 130 108.72 88.99 -1.03
N CYS UA 131 108.04 88.11 -1.74
CA CYS UA 131 108.72 87.33 -2.78
C CYS UA 131 108.89 87.91 -4.19
N VAL UA 132 107.84 88.45 -4.77
CA VAL UA 132 107.97 89.01 -6.10
C VAL UA 132 108.85 90.24 -6.05
N ASP UA 133 108.78 90.95 -4.92
CA ASP UA 133 109.57 92.15 -4.75
C ASP UA 133 111.00 91.80 -5.05
N GLN UA 134 111.52 90.79 -4.33
CA GLN UA 134 112.89 90.27 -4.49
C GLN UA 134 113.27 89.96 -6.00
N ILE UA 135 112.26 89.69 -6.80
CA ILE UA 135 112.49 89.46 -8.21
C ILE UA 135 112.59 90.77 -8.97
N ILE UA 136 111.83 91.78 -8.55
CA ILE UA 136 111.87 93.05 -9.24
C ILE UA 136 113.19 93.80 -9.00
N ASP UA 137 113.56 93.97 -7.73
CA ASP UA 137 114.79 94.68 -7.44
C ASP UA 137 115.97 94.12 -8.23
N GLY UA 138 116.00 92.79 -8.39
CA GLY UA 138 117.11 92.14 -8.99
C GLY UA 138 117.23 92.65 -10.39
N ILE UA 139 116.08 92.78 -11.10
CA ILE UA 139 116.12 93.14 -12.49
C ILE UA 139 116.54 94.56 -12.65
N LYS UA 140 115.97 95.42 -11.77
CA LYS UA 140 116.22 96.83 -11.82
C LYS UA 140 117.70 96.99 -11.45
N ASP VA 1 42.88 100.13 -25.36
CA ASP VA 1 42.68 99.38 -24.11
C ASP VA 1 44.02 99.12 -23.60
N CYS VA 2 44.21 98.01 -22.88
CA CYS VA 2 45.60 97.95 -22.70
C CYS VA 2 46.17 96.84 -23.48
N CYS VA 3 47.50 96.84 -23.33
CA CYS VA 3 48.40 96.00 -23.99
C CYS VA 3 48.60 94.89 -23.05
N SER VA 4 48.51 93.67 -23.59
CA SER VA 4 48.83 92.45 -22.93
C SER VA 4 50.30 92.27 -23.10
N TYR VA 5 50.88 91.51 -22.20
CA TYR VA 5 52.27 91.10 -22.18
C TYR VA 5 52.52 90.20 -23.37
N GLU VA 6 51.56 89.34 -23.67
CA GLU VA 6 51.69 88.44 -24.81
C GLU VA 6 51.87 89.27 -26.06
N ASP VA 7 51.01 90.26 -26.20
CA ASP VA 7 51.08 91.13 -27.37
C ASP VA 7 52.46 91.78 -27.47
N ARG VA 8 52.99 92.22 -26.35
CA ARG VA 8 54.30 92.81 -26.37
C ARG VA 8 55.26 91.79 -26.96
N ARG VA 9 55.22 90.57 -26.43
CA ARG VA 9 56.08 89.52 -26.94
C ARG VA 9 55.89 89.34 -28.44
N GLU VA 10 54.64 89.36 -28.90
CA GLU VA 10 54.34 89.22 -30.31
C GLU VA 10 55.12 90.27 -31.12
N ILE VA 11 54.99 91.52 -30.70
CA ILE VA 11 55.66 92.61 -31.36
C ILE VA 11 57.18 92.48 -31.23
N ARG VA 12 57.67 92.29 -30.01
CA ARG VA 12 59.11 92.18 -29.77
C ARG VA 12 59.72 91.19 -30.76
N HIS VA 13 58.86 90.42 -31.41
CA HIS VA 13 59.29 89.44 -32.41
C HIS VA 13 59.01 89.98 -33.80
N ILE VA 14 57.78 90.37 -34.04
CA ILE VA 14 57.41 90.93 -35.33
C ILE VA 14 58.47 91.95 -35.76
N TRP VA 15 58.93 92.76 -34.80
CA TRP VA 15 59.91 93.79 -35.11
C TRP VA 15 61.21 93.16 -35.59
N ASP VA 16 61.71 92.18 -34.83
CA ASP VA 16 62.96 91.51 -35.18
C ASP VA 16 62.99 91.00 -36.62
N ASP VA 17 61.86 91.12 -37.33
CA ASP VA 17 61.81 90.68 -38.71
C ASP VA 17 61.96 91.85 -39.68
N VAL VA 18 61.53 93.03 -39.25
CA VAL VA 18 61.65 94.21 -40.09
C VAL VA 18 62.98 94.87 -39.82
N TRP VA 19 63.41 94.93 -38.56
CA TRP VA 19 64.55 95.73 -38.26
C TRP VA 19 65.80 95.11 -38.85
N SER VA 20 65.81 93.77 -38.99
CA SER VA 20 66.76 92.88 -38.40
C SER VA 20 68.18 93.22 -38.72
N SER VA 21 68.47 93.39 -40.03
CA SER VA 21 69.81 93.43 -40.55
C SER VA 21 70.48 94.70 -40.13
N SER VA 22 71.83 94.72 -40.13
CA SER VA 22 72.51 95.84 -39.53
C SER VA 22 72.34 97.02 -40.41
N PHE VA 23 72.21 96.70 -41.67
CA PHE VA 23 72.12 97.54 -42.81
C PHE VA 23 71.03 98.53 -42.70
N THR VA 24 71.32 99.82 -43.05
CA THR VA 24 70.21 100.70 -43.39
C THR VA 24 69.26 100.18 -44.48
N ASP VA 25 69.81 99.94 -45.67
CA ASP VA 25 69.06 99.45 -46.82
C ASP VA 25 67.63 98.96 -46.56
N ARG VA 26 67.48 97.88 -45.81
CA ARG VA 26 66.15 97.33 -45.54
C ARG VA 26 65.22 98.30 -44.80
N ARG VA 27 65.55 98.62 -43.56
CA ARG VA 27 64.72 99.52 -42.76
C ARG VA 27 64.32 100.74 -43.55
N VAL VA 28 65.24 101.25 -44.34
CA VAL VA 28 64.95 102.42 -45.16
C VAL VA 28 63.77 102.17 -46.09
N ALA VA 29 63.93 101.24 -47.02
CA ALA VA 29 62.88 100.91 -47.96
C ALA VA 29 61.54 100.73 -47.25
N ILE VA 30 61.53 100.10 -46.08
CA ILE VA 30 60.26 99.90 -45.37
C ILE VA 30 59.68 101.20 -44.87
N VAL VA 31 60.43 101.92 -44.05
CA VAL VA 31 59.95 103.20 -43.51
C VAL VA 31 59.53 104.09 -44.65
N ARG VA 32 60.28 104.06 -45.74
CA ARG VA 32 59.94 104.88 -46.90
C ARG VA 32 58.57 104.41 -47.37
N ALA VA 33 58.50 103.15 -47.79
CA ALA VA 33 57.25 102.57 -48.28
C ALA VA 33 56.09 102.95 -47.38
N VAL VA 34 56.37 103.17 -46.09
CA VAL VA 34 55.34 103.55 -45.13
C VAL VA 34 54.91 104.98 -45.42
N PHE VA 35 55.88 105.88 -45.48
CA PHE VA 35 55.57 107.26 -45.75
C PHE VA 35 54.90 107.46 -47.09
N ASP VA 36 55.37 106.76 -48.12
CA ASP VA 36 54.76 106.89 -49.45
C ASP VA 36 53.27 106.64 -49.35
N ASP VA 37 52.87 105.78 -48.42
CA ASP VA 37 51.45 105.47 -48.21
C ASP VA 37 50.77 106.56 -47.41
N LEU VA 38 51.56 107.29 -46.63
CA LEU VA 38 51.02 108.38 -45.82
C LEU VA 38 50.75 109.55 -46.74
N PHE VA 39 51.68 109.80 -47.65
CA PHE VA 39 51.56 110.88 -48.59
C PHE VA 39 50.51 110.63 -49.67
N LYS VA 40 50.34 109.39 -50.07
CA LYS VA 40 49.35 109.10 -51.10
C LYS VA 40 47.95 109.31 -50.54
N HIS VA 41 47.84 109.27 -49.20
CA HIS VA 41 46.54 109.42 -48.54
C HIS VA 41 46.33 110.78 -47.88
N TYR VA 42 47.39 111.34 -47.32
CA TYR VA 42 47.30 112.65 -46.70
C TYR VA 42 48.43 113.49 -47.31
N PRO VA 43 48.33 113.78 -48.62
CA PRO VA 43 49.31 114.56 -49.37
C PRO VA 43 49.76 115.86 -48.72
N THR VA 44 48.89 116.44 -47.91
CA THR VA 44 49.22 117.68 -47.23
C THR VA 44 50.51 117.56 -46.42
N SER VA 45 50.62 116.50 -45.63
CA SER VA 45 51.78 116.25 -44.79
C SER VA 45 53.10 116.33 -45.53
N LYS VA 46 53.13 115.93 -46.80
CA LYS VA 46 54.36 115.94 -47.59
C LYS VA 46 55.18 117.20 -47.35
N ALA VA 47 54.57 118.36 -47.54
CA ALA VA 47 55.24 119.62 -47.34
C ALA VA 47 56.07 119.71 -46.04
N LEU VA 48 55.54 119.17 -44.97
CA LEU VA 48 56.21 119.20 -43.66
C LEU VA 48 57.68 118.80 -43.66
N PHE VA 49 58.08 117.95 -44.60
CA PHE VA 49 59.45 117.48 -44.62
C PHE VA 49 60.37 118.13 -45.64
N GLU VA 50 60.11 119.38 -46.00
CA GLU VA 50 60.98 120.04 -46.97
C GLU VA 50 62.29 120.31 -46.26
N ARG VA 51 62.23 120.38 -44.95
CA ARG VA 51 63.41 120.65 -44.16
C ARG VA 51 64.46 119.57 -44.34
N VAL VA 52 64.00 118.36 -44.63
CA VAL VA 52 64.90 117.23 -44.81
C VAL VA 52 65.08 116.89 -46.27
N LYS VA 53 64.50 117.72 -47.12
CA LYS VA 53 64.60 117.53 -48.56
C LYS VA 53 63.91 116.29 -49.10
N ILE VA 54 62.59 116.22 -48.97
CA ILE VA 54 61.84 115.07 -49.49
C ILE VA 54 61.78 115.15 -51.01
N ASP VA 55 62.01 116.33 -51.56
CA ASP VA 55 61.98 116.50 -53.00
C ASP VA 55 63.14 115.73 -53.63
N GLU VA 56 64.10 115.34 -52.81
CA GLU VA 56 65.25 114.57 -53.26
C GLU VA 56 65.20 113.23 -52.54
N PRO VA 57 64.33 112.33 -52.99
CA PRO VA 57 64.19 111.03 -52.38
C PRO VA 57 65.49 110.33 -52.01
N GLU VA 58 66.42 110.22 -52.95
CA GLU VA 58 67.67 109.53 -52.66
C GLU VA 58 68.71 110.45 -52.05
N SER VA 59 68.28 111.66 -51.71
CA SER VA 59 69.17 112.67 -51.14
C SER VA 59 70.20 112.16 -50.12
N GLY VA 60 69.73 111.53 -49.07
CA GLY VA 60 70.65 111.08 -48.05
C GLY VA 60 70.36 111.97 -46.88
N GLU VA 61 70.08 113.24 -47.16
CA GLU VA 61 69.74 114.17 -46.11
C GLU VA 61 68.38 113.67 -45.63
N PHE VA 62 67.64 113.09 -46.58
CA PHE VA 62 66.31 112.55 -46.34
C PHE VA 62 66.39 111.12 -45.91
N LYS VA 63 67.22 110.32 -46.59
CA LYS VA 63 67.34 108.92 -46.23
C LYS VA 63 67.67 108.84 -44.74
N SER VA 64 68.69 109.58 -44.31
CA SER VA 64 69.08 109.60 -42.91
C SER VA 64 67.85 109.85 -42.07
N HIS VA 65 67.02 110.80 -42.50
CA HIS VA 65 65.79 111.12 -41.78
C HIS VA 65 64.99 109.84 -41.58
N LEU VA 66 64.59 109.24 -42.70
CA LEU VA 66 63.83 108.00 -42.64
C LEU VA 66 64.37 107.08 -41.55
N VAL VA 67 65.67 106.87 -41.58
CA VAL VA 67 66.32 106.03 -40.59
C VAL VA 67 66.01 106.51 -39.18
N ARG VA 68 66.19 107.80 -38.93
CA ARG VA 68 65.92 108.36 -37.61
C ARG VA 68 64.52 108.02 -37.17
N VAL VA 69 63.58 108.09 -38.12
CA VAL VA 69 62.20 107.78 -37.81
C VAL VA 69 62.14 106.33 -37.46
N ALA VA 70 62.68 105.50 -38.35
CA ALA VA 70 62.72 104.07 -38.13
C ALA VA 70 63.27 103.83 -36.73
N ASN VA 71 64.53 104.19 -36.52
CA ASN VA 71 65.18 104.02 -35.23
C ASN VA 71 64.37 104.55 -34.07
N GLY VA 72 63.64 105.64 -34.27
CA GLY VA 72 62.83 106.19 -33.20
C GLY VA 72 61.70 105.23 -32.82
N LEU VA 73 61.22 104.51 -33.82
CA LEU VA 73 60.17 103.54 -33.63
C LEU VA 73 60.80 102.35 -32.94
N LYS VA 74 61.94 101.92 -33.47
CA LYS VA 74 62.71 100.82 -32.92
C LYS VA 74 62.88 101.05 -31.42
N LEU VA 75 63.37 102.22 -31.07
CA LEU VA 75 63.59 102.60 -29.69
C LEU VA 75 62.32 102.42 -28.87
N LEU VA 76 61.18 102.77 -29.44
CA LEU VA 76 59.92 102.61 -28.72
C LEU VA 76 59.67 101.16 -28.39
N ILE VA 77 59.52 100.36 -29.44
CA ILE VA 77 59.27 98.93 -29.30
C ILE VA 77 60.26 98.30 -28.31
N ASN VA 78 61.54 98.58 -28.50
CA ASN VA 78 62.57 98.03 -27.61
C ASN VA 78 62.52 98.63 -26.21
N LEU VA 79 61.40 99.24 -25.85
CA LEU VA 79 61.24 99.86 -24.55
C LEU VA 79 60.00 99.29 -23.91
N LEU VA 80 59.19 98.60 -24.70
CA LEU VA 80 57.96 98.00 -24.22
C LEU VA 80 58.10 97.11 -22.99
N ASP VA 81 59.33 96.73 -22.63
CA ASP VA 81 59.53 95.90 -21.46
C ASP VA 81 59.94 96.75 -20.25
N ASP VA 82 60.22 98.04 -20.49
CA ASP VA 82 60.61 98.94 -19.41
C ASP VA 82 59.63 100.08 -19.16
N THR VA 83 58.35 99.77 -19.32
CA THR VA 83 57.25 100.70 -19.13
C THR VA 83 57.59 102.13 -18.70
N LEU VA 84 58.00 102.30 -17.46
CA LEU VA 84 58.31 103.62 -16.91
C LEU VA 84 59.16 104.51 -17.80
N VAL VA 85 60.19 103.94 -18.43
CA VAL VA 85 61.05 104.71 -19.30
C VAL VA 85 60.29 105.02 -20.58
N LEU VA 86 59.61 104.01 -21.10
CA LEU VA 86 58.82 104.19 -22.30
C LEU VA 86 57.85 105.34 -22.10
N GLN VA 87 57.15 105.35 -20.97
CA GLN VA 87 56.18 106.38 -20.66
C GLN VA 87 56.79 107.78 -20.69
N SER VA 88 58.06 107.90 -20.37
CA SER VA 88 58.72 109.20 -20.39
C SER VA 88 59.19 109.55 -21.81
N HIS VA 89 60.01 108.70 -22.43
CA HIS VA 89 60.48 108.97 -23.77
C HIS VA 89 59.30 109.13 -24.68
N LEU VA 90 58.19 108.49 -24.36
CA LEU VA 90 57.00 108.59 -25.19
C LEU VA 90 56.52 110.02 -25.15
N GLY VA 91 56.67 110.67 -24.00
CA GLY VA 91 56.26 112.05 -23.87
C GLY VA 91 57.23 112.90 -24.64
N HIS VA 92 58.51 112.73 -24.35
CA HIS VA 92 59.58 113.46 -25.02
C HIS VA 92 59.39 113.38 -26.55
N LEU VA 93 58.88 112.25 -27.03
CA LEU VA 93 58.66 112.06 -28.46
C LEU VA 93 57.51 112.91 -28.92
N ALA VA 94 56.61 113.22 -28.00
CA ALA VA 94 55.46 114.05 -28.33
C ALA VA 94 55.97 115.47 -28.49
N ASP VA 95 56.61 115.98 -27.45
CA ASP VA 95 57.14 117.33 -27.47
C ASP VA 95 57.96 117.62 -28.73
N GLN VA 96 58.66 116.62 -29.24
CA GLN VA 96 59.47 116.83 -30.45
C GLN VA 96 58.59 117.02 -31.68
N HIS VA 97 57.31 116.72 -31.53
CA HIS VA 97 56.39 116.85 -32.63
C HIS VA 97 55.42 117.98 -32.41
N ILE VA 98 55.28 118.44 -31.16
CA ILE VA 98 54.38 119.54 -30.88
C ILE VA 98 55.05 120.81 -31.35
N GLN VA 99 56.37 120.88 -31.19
CA GLN VA 99 57.12 122.05 -31.61
C GLN VA 99 57.32 122.06 -33.12
N ARG VA 100 56.84 121.01 -33.78
CA ARG VA 100 56.94 120.93 -35.23
C ARG VA 100 55.61 121.44 -35.77
N LYS VA 101 55.57 122.73 -36.06
CA LYS VA 101 54.37 123.39 -36.56
C LYS VA 101 53.81 122.73 -37.82
N GLY VA 102 52.54 122.34 -37.75
CA GLY VA 102 51.91 121.71 -38.91
C GLY VA 102 51.58 120.25 -38.76
N VAL VA 103 52.01 119.64 -37.65
CA VAL VA 103 51.75 118.23 -37.41
C VAL VA 103 50.42 118.01 -36.72
N THR VA 104 49.45 117.46 -37.44
CA THR VA 104 48.11 117.22 -36.89
C THR VA 104 47.97 115.89 -36.16
N LYS VA 105 46.89 115.77 -35.41
CA LYS VA 105 46.60 114.57 -34.64
C LYS VA 105 46.23 113.54 -35.68
N GLU VA 106 45.73 114.04 -36.81
CA GLU VA 106 45.30 113.20 -37.91
C GLU VA 106 46.45 112.50 -38.60
N TYR VA 107 47.46 113.27 -39.01
CA TYR VA 107 48.60 112.70 -39.70
C TYR VA 107 49.10 111.45 -38.99
N PHE VA 108 49.05 111.44 -37.67
CA PHE VA 108 49.50 110.28 -36.92
C PHE VA 108 48.57 109.11 -37.17
N ARG VA 109 47.28 109.32 -36.95
CA ARG VA 109 46.35 108.24 -37.19
C ARG VA 109 46.55 107.75 -38.62
N GLY VA 110 47.09 108.62 -39.45
CA GLY VA 110 47.32 108.26 -40.84
C GLY VA 110 48.53 107.39 -41.06
N ILE VA 111 49.61 107.67 -40.34
CA ILE VA 111 50.82 106.89 -40.51
C ILE VA 111 50.57 105.56 -39.86
N GLY VA 112 49.62 105.51 -38.94
CA GLY VA 112 49.30 104.27 -38.28
C GLY VA 112 48.70 103.32 -39.28
N GLU VA 113 47.81 103.85 -40.10
CA GLU VA 113 47.16 103.06 -41.13
C GLU VA 113 48.26 102.59 -42.05
N ALA VA 114 49.19 103.49 -42.34
CA ALA VA 114 50.31 103.19 -43.22
C ALA VA 114 50.98 101.86 -42.87
N PHE VA 115 51.55 101.78 -41.68
CA PHE VA 115 52.21 100.54 -41.29
C PHE VA 115 51.31 99.34 -41.45
N ALA VA 116 50.09 99.46 -40.94
CA ALA VA 116 49.11 98.38 -40.99
C ALA VA 116 48.81 97.89 -42.40
N ARG VA 117 49.33 98.62 -43.38
CA ARG VA 117 49.12 98.28 -44.78
C ARG VA 117 50.43 97.83 -45.40
N VAL VA 118 51.53 98.35 -44.85
CA VAL VA 118 52.86 98.03 -45.35
C VAL VA 118 53.41 96.78 -44.73
N LEU VA 119 53.61 96.82 -43.43
CA LEU VA 119 54.17 95.68 -42.72
C LEU VA 119 53.63 94.33 -43.18
N PRO VA 120 52.30 94.17 -43.24
CA PRO VA 120 51.75 92.88 -43.67
C PRO VA 120 52.24 92.42 -45.04
N GLN VA 121 53.01 93.26 -45.72
CA GLN VA 121 53.53 92.93 -47.03
C GLN VA 121 55.01 92.66 -47.00
N VAL VA 122 55.72 93.19 -46.01
CA VAL VA 122 57.17 92.98 -45.92
C VAL VA 122 57.55 91.74 -45.14
N LEU VA 123 56.60 91.19 -44.41
CA LEU VA 123 56.88 89.99 -43.65
C LEU VA 123 55.59 89.23 -43.46
N SER VA 124 55.71 87.91 -43.31
CA SER VA 124 54.55 87.08 -43.10
C SER VA 124 54.38 86.86 -41.61
N CYS VA 125 53.24 86.34 -41.21
CA CYS VA 125 52.97 86.11 -39.80
C CYS VA 125 52.93 87.43 -39.06
N PHE VA 126 52.15 88.36 -39.57
CA PHE VA 126 52.01 89.67 -38.95
C PHE VA 126 50.66 89.74 -38.25
N ASN VA 127 50.69 89.89 -36.93
CA ASN VA 127 49.45 89.96 -36.17
C ASN VA 127 48.91 91.37 -36.22
N VAL VA 128 48.46 91.79 -37.40
CA VAL VA 128 47.93 93.12 -37.62
C VAL VA 128 47.17 93.71 -36.43
N ASP VA 129 46.30 92.92 -35.82
CA ASP VA 129 45.53 93.40 -34.66
C ASP VA 129 46.44 93.76 -33.50
N ALA VA 130 47.25 92.81 -33.06
CA ALA VA 130 48.18 93.04 -31.96
C ALA VA 130 49.01 94.29 -32.22
N TRP VA 131 49.56 94.39 -33.42
CA TRP VA 131 50.34 95.55 -33.77
C TRP VA 131 49.46 96.75 -33.56
N ASN VA 132 48.38 96.81 -34.33
CA ASN VA 132 47.44 97.92 -34.25
C ASN VA 132 47.16 98.32 -32.81
N ARG VA 133 46.85 97.36 -31.95
CA ARG VA 133 46.55 97.71 -30.59
C ARG VA 133 47.67 98.48 -29.92
N CYS VA 134 48.84 97.88 -29.80
CA CYS VA 134 49.94 98.56 -29.15
C CYS VA 134 50.48 99.77 -29.88
N PHE VA 135 50.24 99.85 -31.18
CA PHE VA 135 50.72 101.01 -31.93
C PHE VA 135 49.85 102.20 -31.56
N HIS VA 136 48.55 101.95 -31.42
CA HIS VA 136 47.62 103.01 -31.06
C HIS VA 136 47.96 103.58 -29.68
N ARG VA 137 48.20 102.70 -28.71
CA ARG VA 137 48.53 103.15 -27.37
C ARG VA 137 49.76 104.07 -27.50
N LEU VA 138 50.72 103.70 -28.34
CA LEU VA 138 51.92 104.52 -28.52
C LEU VA 138 51.60 105.84 -29.17
N VAL VA 139 50.83 105.81 -30.25
CA VAL VA 139 50.44 107.02 -30.97
C VAL VA 139 49.64 107.97 -30.09
N ALA VA 140 48.56 107.46 -29.49
CA ALA VA 140 47.72 108.27 -28.63
C ALA VA 140 48.54 109.18 -27.73
N ARG VA 141 49.43 108.58 -26.95
CA ARG VA 141 50.27 109.36 -26.05
C ARG VA 141 51.18 110.34 -26.78
N ILE VA 142 51.61 110.01 -28.00
CA ILE VA 142 52.50 110.90 -28.74
C ILE VA 142 51.79 112.16 -29.22
N ALA VA 143 50.63 111.88 -29.89
CA ALA VA 143 49.87 112.84 -30.63
C ALA VA 143 49.35 113.81 -29.65
N LYS VA 144 48.84 113.27 -28.53
CA LYS VA 144 47.78 113.94 -27.80
C LYS VA 144 48.33 115.21 -27.32
N ASP VA 145 49.64 115.16 -27.02
CA ASP VA 145 50.29 116.26 -26.41
C ASP VA 145 50.09 117.41 -27.33
N LEU VA 146 50.14 117.15 -28.65
CA LEU VA 146 50.26 118.21 -29.59
C LEU VA 146 49.07 119.14 -29.49
N PRO VA 147 47.83 118.74 -29.71
CA PRO VA 147 46.70 119.62 -29.65
C PRO VA 147 46.64 120.12 -28.26
N ASP WA 1 -1.05 60.21 -120.45
CA ASP WA 1 -1.88 59.55 -119.42
C ASP WA 1 -1.95 60.34 -118.18
N CYS WA 2 -2.73 59.78 -117.25
CA CYS WA 2 -2.71 60.47 -116.04
C CYS WA 2 -1.73 59.81 -115.19
N CYS WA 3 -1.44 60.55 -114.13
CA CYS WA 3 -0.51 60.01 -113.25
C CYS WA 3 -1.20 60.12 -111.97
N SER WA 4 -0.52 59.55 -111.00
CA SER WA 4 -1.02 59.23 -109.73
C SER WA 4 -0.26 60.11 -108.81
N TYR WA 5 -0.90 60.52 -107.70
CA TYR WA 5 -0.46 61.46 -106.71
C TYR WA 5 0.72 60.86 -105.99
N GLU WA 6 0.64 59.56 -105.73
CA GLU WA 6 1.73 58.86 -105.04
C GLU WA 6 2.99 59.00 -105.87
N ASP WA 7 2.86 58.75 -107.17
CA ASP WA 7 3.99 58.85 -108.07
C ASP WA 7 4.58 60.25 -108.00
N ARG WA 8 3.73 61.26 -107.96
CA ARG WA 8 4.23 62.61 -107.89
C ARG WA 8 5.08 62.71 -106.64
N ARG WA 9 4.55 62.26 -105.52
CA ARG WA 9 5.31 62.28 -104.29
C ARG WA 9 6.64 61.57 -104.44
N GLU WA 10 6.62 60.42 -105.11
CA GLU WA 10 7.83 59.65 -105.34
C GLU WA 10 8.87 60.53 -106.01
N ILE WA 11 8.48 61.16 -107.10
CA ILE WA 11 9.37 62.04 -107.85
C ILE WA 11 9.77 63.26 -107.03
N ARG WA 12 8.79 63.93 -106.42
CA ARG WA 12 9.07 65.13 -105.64
C ARG WA 12 10.18 64.84 -104.64
N HIS WA 13 10.46 63.55 -104.45
CA HIS WA 13 11.53 63.11 -103.55
C HIS WA 13 12.75 62.72 -104.36
N ILE WA 14 12.56 61.82 -105.31
CA ILE WA 14 13.66 61.38 -106.17
C ILE WA 14 14.47 62.59 -106.65
N TRP WA 15 13.76 63.67 -106.98
CA TRP WA 15 14.41 64.87 -107.47
C TRP WA 15 15.28 65.47 -106.39
N ASP WA 16 14.72 65.61 -105.19
CA ASP WA 16 15.46 66.19 -104.07
C ASP WA 16 16.81 65.53 -103.85
N ASP WA 17 17.07 64.44 -104.57
CA ASP WA 17 18.34 63.74 -104.42
C ASP WA 17 19.33 64.13 -105.51
N VAL WA 18 18.80 64.48 -106.69
CA VAL WA 18 19.66 64.90 -107.80
C VAL WA 18 19.89 66.41 -107.71
N TRP WA 19 18.84 67.16 -107.34
CA TRP WA 19 18.86 68.59 -107.39
C TRP WA 19 19.92 69.02 -106.44
N SER WA 20 20.10 68.18 -105.42
CA SER WA 20 20.02 68.58 -104.06
C SER WA 20 21.09 69.56 -103.75
N SER WA 21 22.27 69.37 -104.37
CA SER WA 21 23.35 70.27 -104.11
C SER WA 21 22.85 71.66 -104.41
N SER WA 22 23.45 72.65 -103.72
CA SER WA 22 22.84 73.94 -103.46
C SER WA 22 22.87 74.80 -104.62
N PHE WA 23 23.98 74.63 -105.35
CA PHE WA 23 24.38 75.57 -106.33
C PHE WA 23 25.12 74.78 -107.29
N THR WA 24 25.79 75.50 -108.18
CA THR WA 24 25.64 75.06 -109.55
C THR WA 24 26.31 73.73 -109.88
N ASP WA 25 27.62 73.66 -109.69
CA ASP WA 25 28.43 72.46 -109.97
C ASP WA 25 27.69 71.15 -110.27
N ARG WA 26 26.97 70.63 -109.28
CA ARG WA 26 26.25 69.37 -109.45
C ARG WA 26 25.18 69.42 -110.55
N ARG WA 27 24.13 70.22 -110.32
CA ARG WA 27 23.06 70.32 -111.27
C ARG WA 27 23.58 70.47 -112.69
N VAL WA 28 24.64 71.25 -112.84
CA VAL WA 28 25.25 71.49 -114.15
C VAL WA 28 25.66 70.18 -114.78
N ALA WA 29 26.61 69.50 -114.14
CA ALA WA 29 27.10 68.23 -114.67
C ALA WA 29 25.97 67.27 -115.05
N ILE WA 30 24.91 67.23 -114.24
CA ILE WA 30 23.79 66.36 -114.55
C ILE WA 30 23.04 66.82 -115.79
N VAL WA 31 22.53 68.05 -115.79
CA VAL WA 31 21.80 68.56 -116.95
C VAL WA 31 22.66 68.45 -118.21
N ARG WA 32 23.95 68.68 -118.06
CA ARG WA 32 24.87 68.57 -119.19
C ARG WA 32 24.82 67.11 -119.64
N ALA WA 33 25.24 66.21 -118.75
CA ALA WA 33 25.22 64.78 -119.05
C ALA WA 33 23.93 64.35 -119.75
N VAL WA 34 22.84 65.05 -119.45
CA VAL WA 34 21.54 64.76 -120.06
C VAL WA 34 21.59 65.17 -121.52
N PHE WA 35 21.94 66.42 -121.76
CA PHE WA 35 22.03 66.89 -123.11
C PHE WA 35 23.02 66.10 -123.96
N ASP WA 36 24.19 65.79 -123.42
CA ASP WA 36 25.18 65.02 -124.16
C ASP WA 36 24.55 63.77 -124.71
N ASP WA 37 23.56 63.23 -123.98
CA ASP WA 37 22.88 62.02 -124.40
C ASP WA 37 21.82 62.37 -125.45
N LEU WA 38 21.36 63.61 -125.43
CA LEU WA 38 20.38 64.04 -126.40
C LEU WA 38 21.08 64.24 -127.73
N PHE WA 39 22.25 64.83 -127.66
CA PHE WA 39 23.01 65.10 -128.86
C PHE WA 39 23.62 63.84 -129.47
N LYS WA 40 23.99 62.88 -128.65
CA LYS WA 40 24.58 61.66 -129.18
C LYS WA 40 23.52 60.86 -129.91
N HIS WA 41 22.25 61.14 -129.62
CA HIS WA 41 21.15 60.42 -130.24
C HIS WA 41 20.39 61.23 -131.31
N TYR WA 42 20.27 62.53 -131.10
CA TYR WA 42 19.59 63.40 -132.06
C TYR WA 42 20.54 64.56 -132.30
N PRO WA 43 21.70 64.28 -132.90
CA PRO WA 43 22.75 65.25 -133.21
C PRO WA 43 22.27 66.52 -133.85
N THR WA 44 21.16 66.39 -134.54
CA THR WA 44 20.62 67.49 -135.18
C THR WA 44 20.39 68.68 -134.23
N SER WA 45 19.68 68.41 -133.16
CA SER WA 45 19.35 69.41 -132.18
C SER WA 45 20.53 70.28 -131.76
N LYS WA 46 21.72 69.70 -131.73
CA LYS WA 46 22.91 70.43 -131.30
C LYS WA 46 22.92 71.85 -131.83
N ALA WA 47 22.84 72.00 -133.15
CA ALA WA 47 22.86 73.30 -133.78
C ALA WA 47 21.96 74.34 -133.12
N LEU WA 48 20.79 73.93 -132.66
CA LEU WA 48 19.83 74.84 -132.03
C LEU WA 48 20.38 75.75 -130.94
N PHE WA 49 21.43 75.30 -130.26
CA PHE WA 49 21.99 76.08 -129.17
C PHE WA 49 23.26 76.87 -129.48
N GLU WA 50 23.45 77.28 -130.73
CA GLU WA 50 24.63 78.04 -131.07
C GLU WA 50 24.47 79.41 -130.43
N ARG WA 51 23.21 79.76 -130.18
CA ARG WA 51 22.91 81.04 -129.59
C ARG WA 51 23.52 81.18 -128.21
N VAL WA 52 23.67 80.05 -127.52
CA VAL WA 52 24.23 80.06 -126.17
C VAL WA 52 25.67 79.59 -126.17
N LYS WA 53 26.20 79.37 -127.36
CA LYS WA 53 27.58 78.92 -127.51
C LYS WA 53 27.88 77.53 -127.00
N ILE WA 54 27.27 76.51 -127.60
CA ILE WA 54 27.52 75.14 -127.18
C ILE WA 54 28.89 74.68 -127.65
N ASP WA 55 29.44 75.39 -128.63
CA ASP WA 55 30.76 75.07 -129.16
C ASP WA 55 31.81 75.34 -128.09
N GLU WA 56 31.42 76.08 -127.07
CA GLU WA 56 32.31 76.40 -125.94
C GLU WA 56 31.68 75.80 -124.70
N PRO WA 57 31.81 74.47 -124.53
CA PRO WA 57 31.25 73.78 -123.37
C PRO WA 57 31.41 74.49 -122.03
N GLU WA 58 32.63 74.88 -121.67
CA GLU WA 58 32.86 75.53 -120.38
C GLU WA 58 32.64 77.04 -120.44
N SER WA 59 32.16 77.52 -121.58
CA SER WA 59 31.91 78.93 -121.82
C SER WA 59 31.38 79.72 -120.62
N GLY WA 60 30.26 79.29 -120.08
CA GLY WA 60 29.67 80.01 -118.99
C GLY WA 60 28.41 80.64 -119.57
N GLU WA 61 28.50 81.07 -120.82
CA GLU WA 61 27.36 81.64 -121.51
C GLU WA 61 26.43 80.46 -121.68
N PHE WA 62 27.06 79.29 -121.83
CA PHE WA 62 26.38 78.03 -122.03
C PHE WA 62 26.10 77.37 -120.70
N LYS WA 63 27.08 77.35 -119.80
CA LYS WA 63 26.84 76.76 -118.49
C LYS WA 63 25.57 77.39 -117.90
N SER WA 64 25.53 78.73 -117.86
CA SER WA 64 24.38 79.44 -117.33
C SER WA 64 23.12 78.88 -117.95
N HIS WA 65 23.16 78.66 -119.27
CA HIS WA 65 22.02 78.11 -119.98
C HIS WA 65 21.60 76.81 -119.31
N LEU WA 66 22.50 75.83 -119.29
CA LEU WA 66 22.23 74.55 -118.66
C LEU WA 66 21.46 74.74 -117.35
N VAL WA 67 21.98 75.62 -116.52
CA VAL WA 67 21.35 75.92 -115.25
C VAL WA 67 19.92 76.36 -115.46
N ARG WA 68 19.70 77.33 -116.35
CA ARG WA 68 18.35 77.81 -116.60
C ARG WA 68 17.41 76.65 -116.95
N VAL WA 69 17.93 75.70 -117.74
CA VAL WA 69 17.15 74.54 -118.13
C VAL WA 69 16.87 73.76 -116.89
N ALA WA 70 17.93 73.45 -116.15
CA ALA WA 70 17.80 72.71 -114.89
C ALA WA 70 16.72 73.39 -114.04
N ASN WA 71 16.98 74.64 -113.66
CA ASN WA 71 16.04 75.41 -112.85
C ASN WA 71 14.62 75.42 -113.43
N GLY WA 72 14.50 75.44 -114.75
CA GLY WA 72 13.18 75.44 -115.34
C GLY WA 72 12.45 74.14 -115.05
N LEU WA 73 13.23 73.07 -114.95
CA LEU WA 73 12.70 71.74 -114.67
C LEU WA 73 12.36 71.74 -113.20
N LYS WA 74 13.29 72.24 -112.40
CA LYS WA 74 13.12 72.34 -110.95
C LYS WA 74 11.78 73.03 -110.68
N LEU WA 75 11.59 74.17 -111.32
CA LEU WA 75 10.37 74.95 -111.16
C LEU WA 75 9.13 74.10 -111.46
N LEU WA 76 9.21 73.26 -112.47
CA LEU WA 76 8.09 72.40 -112.82
C LEU WA 76 7.77 71.48 -111.67
N ILE WA 77 8.71 70.61 -111.36
CA ILE WA 77 8.56 69.64 -110.30
C ILE WA 77 8.06 70.31 -109.02
N ASN WA 78 8.70 71.40 -108.64
CA ASN WA 78 8.30 72.14 -107.44
C ASN WA 78 6.95 72.86 -107.61
N LEU WA 79 6.17 72.44 -108.59
CA LEU WA 79 4.88 73.04 -108.84
C LEU WA 79 3.83 71.94 -108.84
N LEU WA 80 4.29 70.69 -108.88
CA LEU WA 80 3.42 69.52 -108.92
C LEU WA 80 2.36 69.46 -107.81
N ASP WA 81 2.50 70.32 -106.80
CA ASP WA 81 1.54 70.32 -105.72
C ASP WA 81 0.57 71.46 -105.92
N ASP WA 82 0.84 72.35 -106.87
CA ASP WA 82 -0.06 73.47 -107.14
C ASP WA 82 -0.72 73.45 -108.53
N THR WA 83 -1.05 72.24 -108.98
CA THR WA 83 -1.68 71.99 -110.26
C THR WA 83 -2.01 73.19 -111.14
N LEU WA 84 -3.03 73.94 -110.76
CA LEU WA 84 -3.47 75.10 -111.54
C LEU WA 84 -2.37 76.02 -112.05
N VAL WA 85 -1.38 76.29 -111.22
CA VAL WA 85 -0.28 77.15 -111.63
C VAL WA 85 0.60 76.38 -112.58
N LEU WA 86 0.86 75.12 -112.24
CA LEU WA 86 1.68 74.28 -113.08
C LEU WA 86 1.10 74.25 -114.47
N GLN WA 87 -0.22 74.05 -114.55
CA GLN WA 87 -0.91 73.99 -115.83
C GLN WA 87 -0.71 75.24 -116.68
N SER WA 88 -0.53 76.38 -116.03
CA SER WA 88 -0.32 77.62 -116.75
C SER WA 88 1.13 77.80 -117.19
N HIS WA 89 2.04 77.76 -116.23
CA HIS WA 89 3.46 77.90 -116.54
C HIS WA 89 3.86 76.82 -117.51
N LEU WA 90 3.16 75.69 -117.46
CA LEU WA 90 3.48 74.59 -118.34
C LEU WA 90 3.19 75.05 -119.74
N GLY WA 91 2.15 75.87 -119.90
CA GLY WA 91 1.81 76.40 -121.21
C GLY WA 91 2.87 77.40 -121.60
N HIS WA 92 3.08 78.38 -120.74
CA HIS WA 92 4.09 79.41 -120.95
C HIS WA 92 5.43 78.79 -121.37
N LEU WA 93 5.73 77.62 -120.83
CA LEU WA 93 6.98 76.94 -121.13
C LEU WA 93 6.94 76.40 -122.54
N ALA WA 94 5.74 76.15 -123.04
CA ALA WA 94 5.59 75.66 -124.40
C ALA WA 94 5.87 76.82 -125.34
N ASP WA 95 5.12 77.90 -125.16
CA ASP WA 95 5.27 79.08 -126.00
C ASP WA 95 6.72 79.51 -126.13
N GLN WA 96 7.51 79.34 -125.08
CA GLN WA 96 8.91 79.73 -125.12
C GLN WA 96 9.71 78.82 -126.03
N HIS WA 97 9.10 77.70 -126.40
CA HIS WA 97 9.77 76.76 -127.26
C HIS WA 97 9.16 76.71 -128.65
N ILE WA 98 7.95 77.23 -128.78
CA ILE WA 98 7.30 77.25 -130.08
C ILE WA 98 7.92 78.37 -130.88
N GLN WA 99 8.25 79.47 -130.22
CA GLN WA 99 8.88 80.59 -130.89
C GLN WA 99 10.37 80.32 -131.17
N ARG WA 100 10.84 79.17 -130.74
CA ARG WA 100 12.23 78.79 -130.98
C ARG WA 100 12.19 77.90 -132.21
N LYS WA 101 12.40 78.53 -133.35
CA LYS WA 101 12.37 77.84 -134.63
C LYS WA 101 13.36 76.68 -134.71
N GLY WA 102 12.85 75.49 -135.02
CA GLY WA 102 13.72 74.33 -135.13
C GLY WA 102 13.52 73.29 -134.06
N VAL WA 103 12.67 73.58 -133.08
CA VAL WA 103 12.41 72.64 -132.00
C VAL WA 103 11.27 71.68 -132.32
N THR WA 104 11.61 70.41 -132.58
CA THR WA 104 10.61 69.40 -132.93
C THR WA 104 9.92 68.74 -131.73
N LYS WA 105 8.83 68.06 -132.01
CA LYS WA 105 8.07 67.36 -130.99
C LYS WA 105 8.96 66.19 -130.59
N GLU WA 106 9.78 65.77 -131.54
CA GLU WA 106 10.67 64.64 -131.35
C GLU WA 106 11.79 64.94 -130.35
N TYR WA 107 12.51 66.04 -130.57
CA TYR WA 107 13.60 66.38 -129.68
C TYR WA 107 13.19 66.25 -128.22
N PHE WA 108 11.95 66.58 -127.92
CA PHE WA 108 11.47 66.47 -126.55
C PHE WA 108 11.40 65.02 -126.13
N ARG WA 109 10.72 64.21 -126.92
CA ARG WA 109 10.61 62.80 -126.58
C ARG WA 109 12.03 62.28 -126.43
N GLY WA 110 12.99 62.96 -127.06
CA GLY WA 110 14.37 62.55 -127.00
C GLY WA 110 15.07 62.90 -125.72
N ILE WA 111 14.80 64.09 -125.21
CA ILE WA 111 15.44 64.52 -123.98
C ILE WA 111 14.80 63.75 -122.83
N GLY WA 112 13.60 63.26 -123.07
CA GLY WA 112 12.90 62.49 -122.06
C GLY WA 112 13.64 61.20 -121.83
N GLU WA 113 14.05 60.58 -122.93
CA GLU WA 113 14.80 59.33 -122.89
C GLU WA 113 16.10 59.64 -122.16
N ALA WA 114 16.67 60.80 -122.50
CA ALA WA 114 17.92 61.24 -121.89
C ALA WA 114 17.89 61.08 -120.38
N PHE WA 115 17.01 61.81 -119.71
CA PHE WA 115 16.93 61.73 -118.26
C PHE WA 115 16.80 60.30 -117.79
N ALA WA 116 15.88 59.58 -118.42
CA ALA WA 116 15.61 58.20 -118.06
C ALA WA 116 16.84 57.29 -118.15
N ARG WA 117 17.89 57.82 -118.74
CA ARG WA 117 19.12 57.07 -118.90
C ARG WA 117 20.22 57.64 -117.99
N VAL WA 118 20.13 58.95 -117.72
CA VAL WA 118 21.11 59.63 -116.89
C VAL WA 118 20.77 59.52 -115.42
N LEU WA 119 19.63 60.07 -115.02
CA LEU WA 119 19.23 60.03 -113.63
C LEU WA 119 19.50 58.71 -112.92
N PRO WA 120 19.08 57.58 -113.51
CA PRO WA 120 19.34 56.30 -112.84
C PRO WA 120 20.81 56.01 -112.54
N GLN WA 121 21.68 56.90 -113.00
CA GLN WA 121 23.10 56.75 -112.78
C GLN WA 121 23.66 57.74 -111.77
N VAL WA 122 22.99 58.86 -111.61
CA VAL WA 122 23.44 59.88 -110.67
C VAL WA 122 22.91 59.68 -109.26
N LEU WA 123 21.90 58.83 -109.12
CA LEU WA 123 21.35 58.58 -107.81
C LEU WA 123 20.74 57.20 -107.80
N SER WA 124 20.69 56.59 -106.62
CA SER WA 124 20.11 55.27 -106.51
C SER WA 124 18.68 55.45 -106.04
N CYS WA 125 17.90 54.37 -106.12
CA CYS WA 125 16.51 54.42 -105.71
C CYS WA 125 15.74 55.37 -106.62
N PHE WA 126 15.88 55.17 -107.92
CA PHE WA 126 15.20 55.99 -108.89
C PHE WA 126 14.04 55.20 -109.48
N ASN WA 127 12.82 55.68 -109.26
CA ASN WA 127 11.65 54.98 -109.77
C ASN WA 127 11.42 55.37 -111.23
N VAL WA 128 12.32 54.92 -112.09
CA VAL WA 128 12.27 55.23 -113.52
C VAL WA 128 10.86 55.34 -114.08
N ASP WA 129 10.00 54.38 -113.75
CA ASP WA 129 8.64 54.40 -114.24
C ASP WA 129 7.89 55.63 -113.77
N ALA WA 130 7.83 55.82 -112.46
CA ALA WA 130 7.15 56.97 -111.88
C ALA WA 130 7.64 58.25 -112.52
N TRP WA 131 8.95 58.37 -112.64
CA TRP WA 131 9.52 59.55 -113.27
C TRP WA 131 8.94 59.62 -114.67
N ASN WA 132 9.26 58.62 -115.49
CA ASN WA 132 8.77 58.56 -116.85
C ASN WA 132 7.32 59.00 -116.97
N ARG WA 133 6.44 58.42 -116.16
CA ARG WA 133 5.04 58.79 -116.23
C ARG WA 133 4.82 60.29 -116.11
N CYS WA 134 5.17 60.88 -114.97
CA CYS WA 134 4.96 62.30 -114.79
C CYS WA 134 5.78 63.18 -115.70
N PHE WA 135 6.88 62.69 -116.21
CA PHE WA 135 7.69 63.51 -117.08
C PHE WA 135 6.97 63.62 -118.41
N HIS WA 136 6.37 62.52 -118.84
CA HIS WA 136 5.65 62.52 -120.10
C HIS WA 136 4.49 63.49 -120.04
N ARG WA 137 3.71 63.44 -118.96
CA ARG WA 137 2.58 64.35 -118.84
C ARG WA 137 3.11 65.78 -118.99
N LEU WA 138 4.26 66.06 -118.41
CA LEU WA 138 4.83 67.40 -118.50
C LEU WA 138 5.28 67.75 -119.91
N VAL WA 139 5.98 66.83 -120.55
CA VAL WA 139 6.44 67.04 -121.91
C VAL WA 139 5.29 67.20 -122.89
N ALA WA 140 4.37 66.26 -122.88
CA ALA WA 140 3.22 66.30 -123.78
C ALA WA 140 2.65 67.72 -123.86
N ARG WA 141 2.28 68.28 -122.71
CA ARG WA 141 1.73 69.63 -122.68
C ARG WA 141 2.70 70.70 -123.19
N ILE WA 142 4.00 70.50 -123.00
CA ILE WA 142 4.98 71.49 -123.47
C ILE WA 142 5.10 71.53 -124.98
N ALA WA 143 5.26 70.30 -125.52
CA ALA WA 143 5.47 69.99 -126.89
C ALA WA 143 4.23 70.30 -127.67
N LYS WA 144 3.08 69.96 -127.07
CA LYS WA 144 1.86 69.81 -127.80
C LYS WA 144 1.51 71.11 -128.40
N ASP WA 145 1.83 72.17 -127.65
CA ASP WA 145 1.36 73.48 -127.97
C ASP WA 145 1.86 73.78 -129.34
N LEU WA 146 3.17 73.49 -129.55
CA LEU WA 146 3.85 73.92 -130.73
C LEU WA 146 3.07 73.38 -131.86
N PRO WA 147 2.60 72.18 -131.84
CA PRO WA 147 1.78 71.92 -132.97
C PRO WA 147 0.39 72.51 -132.92
N LYS XA 1 36.54 44.22 -111.01
CA LYS XA 1 35.18 44.66 -111.38
C LYS XA 1 35.22 45.87 -112.25
N LYS XA 2 34.56 46.97 -111.83
CA LYS XA 2 34.57 48.13 -112.68
C LYS XA 2 35.63 49.05 -112.20
N GLN XA 3 35.79 50.14 -112.96
CA GLN XA 3 36.77 51.12 -112.64
C GLN XA 3 36.05 52.34 -112.28
N CYS XA 4 36.86 53.30 -111.81
CA CYS XA 4 36.34 54.51 -111.30
C CYS XA 4 36.08 55.46 -112.40
N GLY XA 5 35.30 56.49 -112.05
CA GLY XA 5 34.90 57.50 -112.96
C GLY XA 5 33.83 58.28 -112.27
N VAL XA 6 33.31 59.30 -112.99
CA VAL XA 6 32.75 60.47 -112.36
C VAL XA 6 31.57 60.10 -111.50
N LEU XA 7 30.57 59.45 -112.10
CA LEU XA 7 29.36 59.17 -111.35
C LEU XA 7 29.60 58.27 -110.16
N GLU XA 8 30.10 57.06 -110.40
CA GLU XA 8 30.35 56.11 -109.33
C GLU XA 8 31.09 56.78 -108.19
N GLY XA 9 31.80 57.84 -108.52
CA GLY XA 9 32.51 58.58 -107.49
C GLY XA 9 31.50 59.35 -106.69
N LEU XA 10 30.76 60.23 -107.37
CA LEU XA 10 29.75 61.01 -106.71
C LEU XA 10 28.90 60.13 -105.81
N LYS XA 11 28.58 58.93 -106.26
CA LYS XA 11 27.75 58.07 -105.44
C LYS XA 11 28.48 57.72 -104.16
N VAL XA 12 29.67 57.14 -104.28
CA VAL XA 12 30.42 56.77 -103.10
C VAL XA 12 30.65 57.98 -102.21
N LYS XA 13 31.07 59.07 -102.80
CA LYS XA 13 31.34 60.29 -102.05
C LYS XA 13 30.16 60.68 -101.20
N SER XA 14 28.97 60.49 -101.74
CA SER XA 14 27.73 60.85 -101.06
C SER XA 14 27.42 59.83 -99.97
N GLU XA 15 27.37 58.56 -100.35
CA GLU XA 15 27.07 57.49 -99.41
C GLU XA 15 28.06 57.49 -98.26
N TRP XA 16 29.31 57.78 -98.55
CA TRP XA 16 30.33 57.80 -97.51
C TRP XA 16 29.93 58.85 -96.52
N GLY XA 17 29.42 59.98 -97.02
CA GLY XA 17 29.01 61.05 -96.13
C GLY XA 17 28.07 60.55 -95.05
N ARG XA 18 27.11 59.72 -95.45
CA ARG XA 18 26.13 59.17 -94.52
C ARG XA 18 26.74 58.12 -93.60
N ALA XA 19 27.52 57.21 -94.15
CA ALA XA 19 28.12 56.16 -93.34
C ALA XA 19 29.16 56.69 -92.34
N TYR XA 20 30.00 57.62 -92.79
CA TYR XA 20 31.03 58.17 -91.92
C TYR XA 20 30.37 58.80 -90.71
N GLY XA 21 29.48 59.75 -90.95
CA GLY XA 21 28.80 60.41 -89.84
C GLY XA 21 29.77 61.20 -88.98
N SER XA 22 29.43 61.38 -87.70
CA SER XA 22 30.30 62.13 -86.80
C SER XA 22 30.10 61.76 -85.33
N GLY XA 23 30.91 62.37 -84.48
CA GLY XA 23 30.83 62.13 -83.05
C GLY XA 23 31.14 60.72 -82.64
N HIS XA 24 30.20 60.07 -81.96
CA HIS XA 24 30.37 58.70 -81.51
C HIS XA 24 30.20 57.72 -82.65
N ASP XA 25 29.19 57.95 -83.48
CA ASP XA 25 28.96 57.08 -84.63
C ASP XA 25 30.30 56.83 -85.30
N ARG XA 26 31.10 57.88 -85.38
CA ARG XA 26 32.41 57.79 -86.00
C ARG XA 26 33.34 56.93 -85.16
N GLU XA 27 33.55 57.32 -83.91
CA GLU XA 27 34.43 56.57 -83.03
C GLU XA 27 34.11 55.08 -83.08
N ALA XA 28 32.88 54.73 -83.44
CA ALA XA 28 32.47 53.33 -83.52
C ALA XA 28 32.69 52.82 -84.93
N PHE XA 29 32.14 53.55 -85.89
CA PHE XA 29 32.28 53.21 -87.30
C PHE XA 29 33.70 52.73 -87.52
N SER XA 30 34.67 53.52 -87.08
CA SER XA 30 36.07 53.15 -87.22
C SER XA 30 36.33 51.88 -86.42
N GLN XA 31 35.92 51.90 -85.16
CA GLN XA 31 36.09 50.75 -84.28
C GLN XA 31 35.66 49.48 -85.01
N ALA XA 32 34.42 49.46 -85.46
CA ALA XA 32 33.85 48.31 -86.16
C ALA XA 32 34.74 47.88 -87.29
N ILE XA 33 35.10 48.84 -88.15
CA ILE XA 33 35.93 48.56 -89.29
C ILE XA 33 37.20 47.84 -88.90
N TRP XA 34 37.95 48.40 -87.97
CA TRP XA 34 39.18 47.77 -87.57
C TRP XA 34 38.98 46.37 -87.01
N ARG XA 35 37.97 46.20 -86.17
CA ARG XA 35 37.72 44.89 -85.61
C ARG XA 35 37.50 43.91 -86.73
N ALA XA 36 36.78 44.33 -87.76
CA ALA XA 36 36.52 43.47 -88.90
C ALA XA 36 37.81 43.18 -89.65
N THR XA 37 38.68 44.18 -89.73
CA THR XA 37 39.94 43.99 -90.42
C THR XA 37 40.81 42.98 -89.68
N PHE XA 38 41.12 43.27 -88.43
CA PHE XA 38 41.96 42.40 -87.62
C PHE XA 38 41.40 40.98 -87.50
N ALA XA 39 40.07 40.86 -87.50
CA ALA XA 39 39.47 39.56 -87.38
C ALA XA 39 39.81 38.73 -88.61
N GLN XA 40 39.94 39.40 -89.74
CA GLN XA 40 40.27 38.74 -90.99
C GLN XA 40 41.74 38.31 -91.03
N VAL XA 41 42.63 39.25 -90.74
CA VAL XA 41 44.05 38.98 -90.76
C VAL XA 41 44.72 39.34 -89.44
N PRO XA 42 44.55 38.49 -88.43
CA PRO XA 42 45.17 38.78 -87.13
C PRO XA 42 46.67 39.06 -87.25
N GLU XA 43 47.28 38.55 -88.30
CA GLU XA 43 48.70 38.75 -88.53
C GLU XA 43 49.06 40.23 -88.50
N SER XA 44 48.20 41.06 -89.08
CA SER XA 44 48.42 42.50 -89.20
C SER XA 44 48.48 43.27 -87.90
N ARG XA 45 47.99 42.70 -86.82
CA ARG XA 45 48.04 43.42 -85.57
C ARG XA 45 49.46 43.86 -85.24
N SER XA 46 50.43 43.05 -85.66
CA SER XA 46 51.83 43.34 -85.39
C SER XA 46 52.34 44.69 -85.93
N LEU XA 47 51.72 45.19 -86.99
CA LEU XA 47 52.16 46.46 -87.56
C LEU XA 47 51.77 47.67 -86.71
N PHE XA 48 50.67 47.55 -85.98
CA PHE XA 48 50.20 48.65 -85.17
C PHE XA 48 50.57 48.46 -83.73
N LYS XA 49 51.71 47.82 -83.51
CA LYS XA 49 52.17 47.55 -82.17
C LYS XA 49 52.50 48.90 -81.55
N ARG XA 50 52.88 49.85 -82.40
CA ARG XA 50 53.27 51.18 -81.93
C ARG XA 50 52.12 51.98 -81.35
N VAL XA 51 50.92 51.73 -81.89
CA VAL XA 51 49.74 52.46 -81.46
C VAL XA 51 48.74 51.51 -80.83
N HIS XA 52 49.20 50.76 -79.84
CA HIS XA 52 48.37 49.79 -79.12
C HIS XA 52 47.38 49.04 -80.01
N GLY XA 53 47.91 48.25 -80.93
CA GLY XA 53 47.06 47.47 -81.80
C GLY XA 53 46.56 46.25 -81.06
N ASP XA 54 47.18 45.95 -79.93
CA ASP XA 54 46.76 44.81 -79.13
C ASP XA 54 45.34 44.99 -78.59
N ASP XA 55 45.02 46.21 -78.16
CA ASP XA 55 43.69 46.53 -77.63
C ASP XA 55 43.01 47.60 -78.46
N THR XA 56 42.14 47.15 -79.36
CA THR XA 56 41.41 48.04 -80.26
C THR XA 56 40.67 49.18 -79.54
N SER XA 57 40.40 49.01 -78.26
CA SER XA 57 39.68 50.01 -77.47
C SER XA 57 40.57 51.00 -76.72
N HIS XA 58 41.87 50.89 -76.89
CA HIS XA 58 42.80 51.78 -76.21
C HIS XA 58 42.80 53.13 -76.89
N PRO XA 59 42.72 54.21 -76.11
CA PRO XA 59 42.71 55.56 -76.69
C PRO XA 59 43.70 55.77 -77.83
N ALA XA 60 44.94 55.33 -77.62
CA ALA XA 60 45.98 55.48 -78.63
C ALA XA 60 45.47 54.97 -79.96
N PHE XA 61 44.94 53.76 -79.96
CA PHE XA 61 44.42 53.14 -81.16
C PHE XA 61 43.16 53.83 -81.64
N ILE XA 62 42.30 54.23 -80.70
CA ILE XA 62 41.07 54.92 -81.04
C ILE XA 62 41.44 56.11 -81.90
N ALA XA 63 42.46 56.82 -81.43
CA ALA XA 63 42.98 57.99 -82.14
C ALA XA 63 43.40 57.50 -83.51
N HIS XA 64 44.37 56.59 -83.54
CA HIS XA 64 44.84 56.03 -84.78
C HIS XA 64 43.71 55.76 -85.75
N ALA XA 65 42.74 54.94 -85.35
CA ALA XA 65 41.61 54.61 -86.20
C ALA XA 65 40.96 55.87 -86.73
N ASP XA 66 40.40 56.68 -85.83
CA ASP XA 66 39.74 57.92 -86.20
C ASP XA 66 40.65 58.73 -87.13
N ARG XA 67 41.95 58.55 -86.96
CA ARG XA 67 42.94 59.27 -87.76
C ARG XA 67 43.06 58.71 -89.16
N VAL XA 68 42.92 57.40 -89.27
CA VAL XA 68 43.01 56.70 -90.54
C VAL XA 68 41.84 57.06 -91.39
N LEU XA 69 40.64 56.85 -90.86
CA LEU XA 69 39.43 57.16 -91.59
C LEU XA 69 39.59 58.58 -92.12
N GLY XA 70 40.20 59.43 -91.31
CA GLY XA 70 40.41 60.81 -91.72
C GLY XA 70 40.97 60.91 -93.13
N GLY XA 71 42.07 60.21 -93.37
CA GLY XA 71 42.67 60.23 -94.68
C GLY XA 71 41.67 59.68 -95.69
N LEU XA 72 41.12 58.50 -95.41
CA LEU XA 72 40.16 57.91 -96.32
C LEU XA 72 39.12 58.95 -96.68
N ASP XA 73 38.77 59.80 -95.73
CA ASP XA 73 37.78 60.87 -95.98
C ASP XA 73 38.34 61.74 -97.09
N ILE XA 74 39.45 62.40 -96.80
CA ILE XA 74 40.08 63.26 -97.81
C ILE XA 74 40.08 62.58 -99.17
N ALA XA 75 40.49 61.31 -99.21
CA ALA XA 75 40.54 60.57 -100.46
C ALA XA 75 39.18 60.60 -101.13
N ILE XA 76 38.23 59.89 -100.54
CA ILE XA 76 36.89 59.84 -101.09
C ILE XA 76 36.36 61.25 -101.40
N SER XA 77 36.47 62.15 -100.42
CA SER XA 77 35.88 63.45 -100.53
C SER XA 77 36.45 64.08 -101.75
N THR XA 78 37.80 64.13 -101.81
CA THR XA 78 38.50 64.84 -102.85
C THR XA 78 38.33 64.14 -104.16
N LEU XA 79 37.92 62.86 -104.12
CA LEU XA 79 38.03 61.94 -105.24
C LEU XA 79 37.46 62.61 -106.43
N ASP XA 80 36.30 63.23 -106.20
CA ASP XA 80 35.42 63.65 -107.23
C ASP XA 80 36.18 64.58 -108.13
N GLN XA 81 36.98 65.50 -107.56
CA GLN XA 81 37.67 66.40 -108.44
C GLN XA 81 39.07 65.88 -108.65
N PRO XA 82 39.33 65.46 -109.88
CA PRO XA 82 40.57 64.84 -110.30
C PRO XA 82 41.81 65.65 -109.94
N ALA XA 83 41.73 66.95 -110.19
CA ALA XA 83 42.83 67.86 -109.91
C ALA XA 83 43.36 67.68 -108.50
N THR XA 84 42.48 67.90 -107.54
CA THR XA 84 42.82 67.80 -106.13
C THR XA 84 43.15 66.38 -105.70
N LEU XA 85 42.23 65.46 -105.96
CA LEU XA 85 42.45 64.05 -105.61
C LEU XA 85 43.88 63.66 -106.00
N LYS XA 86 44.19 63.89 -107.27
CA LYS XA 86 45.51 63.60 -107.78
C LYS XA 86 46.53 63.96 -106.72
N GLU XA 87 46.49 65.19 -106.24
CA GLU XA 87 47.43 65.67 -105.25
C GLU XA 87 47.42 64.84 -103.96
N GLU XA 88 46.27 64.71 -103.32
CA GLU XA 88 46.19 63.92 -102.11
C GLU XA 88 46.78 62.53 -102.32
N LEU XA 89 46.33 61.84 -103.35
CA LEU XA 89 46.86 60.52 -103.61
C LEU XA 89 48.37 60.59 -103.70
N ASP XA 90 48.89 61.50 -104.51
CA ASP XA 90 50.34 61.65 -104.67
C ASP XA 90 50.99 61.85 -103.31
N HIS XA 91 50.40 62.71 -102.49
CA HIS XA 91 50.93 62.97 -101.16
C HIS XA 91 51.05 61.64 -100.41
N LEU XA 92 49.97 60.87 -100.41
CA LEU XA 92 49.97 59.59 -99.73
C LEU XA 92 51.06 58.72 -100.31
N GLN XA 93 51.03 58.60 -101.63
CA GLN XA 93 52.01 57.79 -102.35
C GLN XA 93 53.37 57.90 -101.70
N VAL XA 94 53.77 59.14 -101.39
CA VAL XA 94 55.06 59.40 -100.78
C VAL XA 94 55.19 58.81 -99.39
N GLN XA 95 54.23 59.10 -98.52
CA GLN XA 95 54.27 58.61 -97.15
C GLN XA 95 54.36 57.10 -97.13
N HIS XA 96 54.11 56.47 -98.27
CA HIS XA 96 54.15 55.01 -98.34
C HIS XA 96 55.32 54.39 -99.10
N GLU XA 97 55.79 54.99 -100.21
CA GLU XA 97 56.78 54.34 -101.00
C GLU XA 97 58.04 54.25 -100.18
N GLY XA 98 58.79 53.15 -100.40
CA GLY XA 98 59.94 52.84 -99.59
C GLY XA 98 59.44 51.94 -98.53
N ARG XA 99 58.11 51.95 -98.31
CA ARG XA 99 57.50 50.89 -97.54
C ARG XA 99 56.93 49.99 -98.58
N LYS XA 100 57.07 48.65 -98.38
CA LYS XA 100 56.36 47.67 -99.16
C LYS XA 100 55.16 47.26 -98.37
N ILE XA 101 54.02 47.06 -99.04
CA ILE XA 101 52.82 46.75 -98.32
C ILE XA 101 52.18 45.59 -98.96
N PRO XA 102 51.88 44.66 -98.13
CA PRO XA 102 51.28 43.43 -98.56
C PRO XA 102 49.97 43.87 -99.13
N ASP XA 103 49.59 43.27 -100.26
CA ASP XA 103 48.30 43.61 -100.88
C ASP XA 103 47.21 42.77 -100.21
N ASN XA 104 47.66 41.78 -99.45
CA ASN XA 104 46.78 40.90 -98.69
C ASN XA 104 45.96 41.69 -97.65
N TYR XA 105 46.64 42.52 -96.86
CA TYR XA 105 45.98 43.32 -95.83
C TYR XA 105 45.02 44.35 -96.43
N PHE XA 106 45.49 45.17 -97.35
CA PHE XA 106 44.63 46.16 -97.97
C PHE XA 106 43.33 45.53 -98.38
N ASP XA 107 43.41 44.33 -98.92
CA ASP XA 107 42.22 43.61 -99.37
C ASP XA 107 41.24 43.46 -98.22
N ALA XA 108 41.73 42.94 -97.09
CA ALA XA 108 40.90 42.74 -95.91
C ALA XA 108 40.31 44.06 -95.41
N PHE XA 109 41.14 45.08 -95.29
CA PHE XA 109 40.69 46.37 -94.85
C PHE XA 109 39.58 46.90 -95.73
N LYS XA 110 39.65 46.64 -97.04
CA LYS XA 110 38.60 47.10 -97.95
C LYS XA 110 37.32 46.37 -97.56
N THR XA 111 37.44 45.04 -97.52
CA THR XA 111 36.31 44.20 -97.17
C THR XA 111 35.69 44.75 -95.90
N ALA XA 112 36.53 44.96 -94.89
CA ALA XA 112 36.05 45.49 -93.63
C ALA XA 112 35.17 46.71 -93.90
N ILE XA 113 35.78 47.76 -94.44
CA ILE XA 113 35.06 48.99 -94.77
C ILE XA 113 33.73 48.68 -95.41
N LEU XA 114 33.78 47.95 -96.53
CA LEU XA 114 32.55 47.61 -97.22
C LEU XA 114 31.49 46.97 -96.32
N HIS XA 115 31.83 45.92 -95.59
CA HIS XA 115 30.85 45.30 -94.73
C HIS XA 115 30.28 46.26 -93.70
N VAL XA 116 31.12 47.05 -93.06
CA VAL XA 116 30.63 47.99 -92.07
C VAL XA 116 29.74 49.01 -92.72
N VAL XA 117 30.24 49.68 -93.75
CA VAL XA 117 29.44 50.69 -94.48
C VAL XA 117 28.06 50.13 -94.85
N ALA XA 118 28.02 48.92 -95.38
CA ALA XA 118 26.74 48.28 -95.76
C ALA XA 118 25.87 48.14 -94.53
N ALA XA 119 26.46 47.76 -93.41
CA ALA XA 119 25.71 47.59 -92.20
C ALA XA 119 25.16 48.93 -91.76
N GLN XA 120 25.94 49.99 -91.95
CA GLN XA 120 25.54 51.33 -91.54
C GLN XA 120 24.51 52.00 -92.44
N LEU XA 121 24.59 51.77 -93.74
CA LEU XA 121 23.66 52.42 -94.66
C LEU XA 121 22.35 51.70 -94.84
N GLY XA 122 22.24 50.50 -94.30
CA GLY XA 122 21.00 49.77 -94.44
C GLY XA 122 20.68 49.29 -95.85
N ARG XA 123 19.98 50.11 -96.61
CA ARG XA 123 19.54 49.73 -97.96
C ARG XA 123 20.12 50.49 -99.16
N CYS XA 124 20.27 51.80 -99.02
CA CYS XA 124 20.80 52.60 -100.13
C CYS XA 124 22.32 52.58 -100.13
N TYR XA 125 22.86 51.63 -100.88
CA TYR XA 125 24.32 51.45 -100.99
C TYR XA 125 24.68 50.53 -102.16
N ASP XA 126 25.46 51.08 -103.08
CA ASP XA 126 25.90 50.33 -104.25
C ASP XA 126 27.23 49.68 -103.92
N ARG XA 127 27.26 48.34 -103.91
CA ARG XA 127 28.49 47.64 -103.58
C ARG XA 127 29.59 47.84 -104.62
N GLU XA 128 29.33 47.42 -105.86
CA GLU XA 128 30.29 47.56 -106.95
C GLU XA 128 30.99 48.91 -106.92
N ALA XA 129 30.19 49.98 -106.86
CA ALA XA 129 30.71 51.33 -106.81
C ALA XA 129 31.76 51.55 -105.74
N TRP XA 130 31.43 51.22 -104.49
CA TRP XA 130 32.39 51.39 -103.43
C TRP XA 130 33.61 50.54 -103.74
N ASP XA 131 33.39 49.26 -104.01
CA ASP XA 131 34.50 48.37 -104.30
C ASP XA 131 35.44 49.08 -105.27
N ALA XA 132 34.89 49.52 -106.40
CA ALA XA 132 35.68 50.19 -107.43
C ALA XA 132 36.49 51.37 -106.91
N CYS XA 133 35.85 52.25 -106.17
CA CYS XA 133 36.54 53.41 -105.64
C CYS XA 133 37.51 53.15 -104.49
N ILE XA 134 37.09 52.35 -103.52
CA ILE XA 134 37.98 52.04 -102.42
C ILE XA 134 39.23 51.49 -103.05
N ASP XA 135 39.03 50.72 -104.12
CA ASP XA 135 40.14 50.12 -104.83
C ASP XA 135 41.01 51.24 -105.37
N HIS XA 136 40.46 52.06 -106.25
CA HIS XA 136 41.23 53.16 -106.83
C HIS XA 136 41.99 53.94 -105.77
N ILE XA 137 41.38 54.13 -104.60
CA ILE XA 137 42.05 54.85 -103.53
C ILE XA 137 43.18 54.04 -102.96
N GLU XA 138 42.97 52.75 -102.76
CA GLU XA 138 44.03 51.89 -102.25
C GLU XA 138 45.19 51.80 -103.23
N ASP XA 139 44.89 51.65 -104.51
CA ASP XA 139 45.94 51.56 -105.51
C ASP XA 139 46.83 52.77 -105.37
N GLY XA 140 46.22 53.94 -105.22
CA GLY XA 140 46.98 55.17 -105.07
C GLY XA 140 47.88 55.20 -103.85
N ILE XA 141 47.68 54.26 -102.92
CA ILE XA 141 48.49 54.22 -101.71
C ILE XA 141 49.56 53.15 -101.79
N LYS XA 142 49.29 52.11 -102.56
CA LYS XA 142 50.26 51.04 -102.72
C LYS XA 142 51.21 51.36 -103.86
N GLY XA 143 50.60 51.93 -104.91
CA GLY XA 143 51.27 52.87 -105.74
C GLY XA 143 51.95 52.07 -106.75
N HIS XA 144 51.95 50.76 -106.50
CA HIS XA 144 52.60 49.97 -107.44
C HIS XA 144 51.64 48.93 -107.85
N HIS XA 145 52.04 48.30 -108.95
CA HIS XA 145 51.19 47.49 -109.71
C HIS XA 145 51.88 46.20 -109.43
N HIS YA 1 39.41 77.71 -67.84
CA HIS YA 1 40.45 76.68 -68.09
C HIS YA 1 39.85 75.35 -67.80
N GLU YA 2 39.95 74.90 -66.52
CA GLU YA 2 39.51 73.58 -66.21
C GLU YA 2 38.05 73.57 -66.50
N HIS YA 3 37.38 74.65 -66.07
CA HIS YA 3 35.98 74.84 -66.12
C HIS YA 3 35.65 74.73 -67.57
N CYS YA 4 36.40 75.50 -68.37
CA CYS YA 4 36.04 75.76 -69.74
C CYS YA 4 36.34 74.59 -70.59
N CYS YA 5 35.78 74.62 -71.84
CA CYS YA 5 35.49 73.47 -72.66
C CYS YA 5 34.77 72.46 -71.81
N SER YA 6 33.72 72.91 -71.13
CA SER YA 6 32.85 72.02 -70.44
C SER YA 6 32.13 71.23 -71.50
N GLU YA 7 31.38 70.21 -71.05
CA GLU YA 7 30.46 69.40 -71.84
C GLU YA 7 29.50 70.29 -72.62
N GLU YA 8 28.79 71.18 -71.94
CA GLU YA 8 27.86 72.05 -72.65
C GLU YA 8 28.65 72.84 -73.69
N ASP YA 9 29.75 73.44 -73.23
CA ASP YA 9 30.59 74.23 -74.10
C ASP YA 9 30.81 73.56 -75.45
N HIS YA 10 31.49 72.42 -75.44
CA HIS YA 10 31.74 71.75 -76.70
C HIS YA 10 30.51 71.14 -77.34
N ARG YA 11 29.56 70.71 -76.53
CA ARG YA 11 28.35 70.16 -77.11
C ARG YA 11 27.88 71.25 -78.09
N ILE YA 12 28.04 72.49 -77.67
CA ILE YA 12 27.64 73.63 -78.49
C ILE YA 12 28.50 73.71 -79.70
N VAL YA 13 29.79 73.83 -79.46
CA VAL YA 13 30.73 73.93 -80.56
C VAL YA 13 30.38 72.88 -81.59
N GLN YA 14 30.34 71.63 -81.16
CA GLN YA 14 30.04 70.54 -82.08
C GLN YA 14 28.80 70.81 -82.91
N LYS YA 15 27.72 71.20 -82.25
CA LYS YA 15 26.48 71.45 -82.94
C LYS YA 15 26.65 72.53 -84.00
N GLN YA 16 27.29 73.63 -83.62
CA GLN YA 16 27.47 74.76 -84.51
C GLN YA 16 28.40 74.47 -85.67
N TRP YA 17 29.41 73.63 -85.42
CA TRP YA 17 30.38 73.29 -86.45
C TRP YA 17 29.73 72.39 -87.48
N ASP YA 18 28.63 71.77 -87.11
CA ASP YA 18 27.92 70.90 -88.04
C ASP YA 18 27.06 71.65 -89.05
N ILE YA 19 26.61 72.85 -88.67
CA ILE YA 19 25.79 73.65 -89.56
C ILE YA 19 26.48 73.71 -90.90
N LEU YA 20 27.80 73.60 -90.88
CA LEU YA 20 28.60 73.66 -92.08
C LEU YA 20 28.46 72.50 -93.06
N TRP YA 21 28.64 71.28 -92.56
CA TRP YA 21 28.60 70.10 -93.42
C TRP YA 21 27.22 69.54 -93.76
N ARG YA 22 26.23 70.42 -93.90
CA ARG YA 22 24.90 69.96 -94.24
C ARG YA 22 24.83 69.53 -95.70
N ASP YA 23 25.56 70.24 -96.57
CA ASP YA 23 25.55 69.89 -97.99
C ASP YA 23 26.76 69.04 -98.40
N THR YA 24 26.51 68.10 -99.31
CA THR YA 24 27.52 67.17 -99.78
C THR YA 24 28.81 67.77 -100.33
N GLU YA 25 28.79 69.03 -100.73
CA GLU YA 25 30.01 69.63 -101.27
C GLU YA 25 30.92 70.19 -100.19
N SER YA 26 31.17 69.38 -99.18
CA SER YA 26 32.05 69.75 -98.07
C SER YA 26 33.43 70.15 -98.57
N SER YA 27 33.94 69.40 -99.54
CA SER YA 27 35.26 69.67 -100.10
C SER YA 27 35.39 71.13 -100.51
N LYS YA 28 34.50 71.58 -101.39
CA LYS YA 28 34.52 72.95 -101.87
C LYS YA 28 34.59 73.93 -100.69
N ILE YA 29 33.82 73.64 -99.64
CA ILE YA 29 33.80 74.49 -98.46
C ILE YA 29 35.11 74.37 -97.69
N LYS YA 30 35.34 73.21 -97.08
CA LYS YA 30 36.54 72.98 -96.30
C LYS YA 30 37.75 73.63 -96.97
N ILE YA 31 37.92 73.36 -98.27
CA ILE YA 31 39.02 73.93 -99.02
C ILE YA 31 38.98 75.46 -98.98
N GLY YA 32 37.97 76.02 -99.61
CA GLY YA 32 37.82 77.47 -99.63
C GLY YA 32 38.06 78.09 -98.27
N PHE YA 33 37.40 77.54 -97.26
CA PHE YA 33 37.54 78.06 -95.90
C PHE YA 33 38.97 77.89 -95.39
N GLY YA 34 39.48 76.66 -95.43
CA GLY YA 34 40.83 76.42 -94.95
C GLY YA 34 41.82 77.23 -95.76
N ARG YA 35 41.56 77.37 -97.04
CA ARG YA 35 42.43 78.13 -97.93
C ARG YA 35 42.52 79.53 -97.37
N LEU YA 36 41.37 80.17 -97.25
CA LEU YA 36 41.31 81.54 -96.72
C LEU YA 36 41.99 81.64 -95.37
N LEU YA 37 41.67 80.74 -94.46
CA LEU YA 37 42.28 80.76 -93.12
C LEU YA 37 43.80 80.79 -93.14
N LEU YA 38 44.41 79.94 -93.94
CA LEU YA 38 45.87 79.93 -94.03
C LEU YA 38 46.36 81.19 -94.72
N THR YA 39 45.71 81.59 -95.81
CA THR YA 39 46.09 82.81 -96.54
C THR YA 39 46.16 83.97 -95.57
N LYS YA 40 45.03 84.25 -94.92
CA LYS YA 40 44.94 85.35 -93.96
C LYS YA 40 45.99 85.22 -92.87
N LEU YA 41 46.59 84.05 -92.74
CA LEU YA 41 47.62 83.90 -91.73
C LEU YA 41 48.90 84.43 -92.34
N ALA YA 42 49.23 83.96 -93.55
CA ALA YA 42 50.45 84.40 -94.24
C ALA YA 42 50.40 85.91 -94.47
N LYS YA 43 49.20 86.44 -94.52
CA LYS YA 43 49.00 87.87 -94.72
C LYS YA 43 49.54 88.64 -93.52
N ASP YA 44 49.14 88.24 -92.32
CA ASP YA 44 49.58 88.89 -91.09
C ASP YA 44 50.97 88.48 -90.62
N ILE YA 45 51.44 87.32 -91.06
CA ILE YA 45 52.78 86.85 -90.69
C ILE YA 45 53.35 86.08 -91.86
N PRO YA 46 54.17 86.74 -92.68
CA PRO YA 46 54.82 86.19 -93.87
C PRO YA 46 55.82 85.05 -93.67
N GLU YA 47 56.55 85.07 -92.57
CA GLU YA 47 57.54 84.03 -92.34
C GLU YA 47 56.85 82.68 -92.45
N VAL YA 48 55.52 82.72 -92.61
CA VAL YA 48 54.71 81.53 -92.74
C VAL YA 48 54.79 81.03 -94.17
N ASN YA 49 54.70 81.95 -95.11
CA ASN YA 49 54.76 81.59 -96.52
C ASN YA 49 55.87 80.58 -96.82
N ASP YA 50 56.97 80.69 -96.11
CA ASP YA 50 58.10 79.78 -96.33
C ASP YA 50 57.85 78.40 -95.77
N LEU YA 51 57.02 78.31 -94.74
CA LEU YA 51 56.72 77.05 -94.11
C LEU YA 51 55.80 76.22 -94.99
N PHE YA 52 54.80 76.90 -95.54
CA PHE YA 52 53.84 76.27 -96.42
C PHE YA 52 54.33 76.23 -97.86
N LYS YA 53 55.60 76.55 -98.04
CA LYS YA 53 56.23 76.56 -99.34
C LYS YA 53 56.14 75.15 -99.92
N ARG YA 54 56.45 74.19 -99.06
CA ARG YA 54 56.44 72.77 -99.40
C ARG YA 54 55.15 72.31 -100.06
N VAL YA 55 54.03 72.95 -99.69
CA VAL YA 55 52.74 72.57 -100.23
C VAL YA 55 52.23 73.57 -101.27
N ASP YA 56 53.17 74.27 -101.90
CA ASP YA 56 52.82 75.25 -102.96
C ASP YA 56 51.73 76.21 -102.52
N ILE YA 57 51.94 76.88 -101.39
CA ILE YA 57 50.97 77.85 -100.89
C ILE YA 57 50.93 79.02 -101.86
N GLU YA 58 51.96 79.12 -102.67
CA GLU YA 58 52.06 80.18 -103.64
C GLU YA 58 50.84 80.11 -104.55
N HIS YA 59 50.36 78.90 -104.85
CA HIS YA 59 49.17 78.71 -105.69
C HIS YA 59 48.01 78.29 -104.83
N ALA YA 60 47.33 79.25 -104.24
CA ALA YA 60 46.20 78.97 -103.37
C ALA YA 60 45.23 77.95 -103.93
N GLU YA 61 44.88 78.09 -105.20
CA GLU YA 61 43.93 77.19 -105.87
C GLU YA 61 44.60 75.94 -106.41
N GLY YA 62 45.93 75.92 -106.30
CA GLY YA 62 46.70 74.78 -106.78
C GLY YA 62 46.39 73.54 -106.00
N PRO YA 63 46.07 72.43 -106.65
CA PRO YA 63 45.75 71.20 -105.95
C PRO YA 63 46.71 70.92 -104.78
N LYS YA 64 48.00 71.12 -105.02
CA LYS YA 64 49.00 70.88 -103.99
C LYS YA 64 48.56 71.48 -102.67
N PHE YA 65 48.14 72.74 -102.71
CA PHE YA 65 47.69 73.44 -101.52
C PHE YA 65 46.26 73.08 -101.15
N SER YA 66 45.37 72.99 -102.13
CA SER YA 66 43.99 72.63 -101.85
C SER YA 66 43.94 71.35 -101.01
N ALA YA 67 44.78 70.38 -101.37
CA ALA YA 67 44.81 69.15 -100.62
C ALA YA 67 45.13 69.52 -99.20
N HIS YA 68 46.24 70.23 -99.03
CA HIS YA 68 46.68 70.65 -97.70
C HIS YA 68 45.55 71.32 -96.94
N ALA YA 69 44.92 72.30 -97.59
CA ALA YA 69 43.81 73.03 -97.00
C ALA YA 69 42.90 72.02 -96.32
N LEU YA 70 42.63 70.92 -97.00
CA LEU YA 70 41.77 69.90 -96.43
C LEU YA 70 42.42 69.30 -95.21
N ARG YA 71 43.55 68.64 -95.41
CA ARG YA 71 44.26 68.01 -94.32
C ARG YA 71 44.18 68.79 -93.03
N ILE YA 72 44.55 70.07 -93.06
CA ILE YA 72 44.50 70.88 -91.86
C ILE YA 72 43.08 71.09 -91.36
N LEU YA 73 42.27 71.74 -92.19
CA LEU YA 73 40.89 72.00 -91.87
C LEU YA 73 40.25 70.70 -91.37
N ASN YA 74 40.57 69.59 -92.01
CA ASN YA 74 40.01 68.30 -91.63
C ASN YA 74 40.55 67.82 -90.28
N GLY YA 75 41.75 68.28 -89.93
CA GLY YA 75 42.34 67.90 -88.67
C GLY YA 75 41.58 68.61 -87.60
N LEU YA 76 41.28 69.88 -87.84
CA LEU YA 76 40.50 70.66 -86.89
C LEU YA 76 39.18 69.92 -86.65
N ASP YA 77 38.63 69.32 -87.70
CA ASP YA 77 37.39 68.56 -87.60
C ASP YA 77 37.63 67.47 -86.57
N LEU YA 78 38.61 66.61 -86.84
CA LEU YA 78 38.95 65.54 -85.93
C LEU YA 78 38.98 66.04 -84.49
N ALA YA 79 39.71 67.11 -84.25
CA ALA YA 79 39.82 67.68 -82.91
C ALA YA 79 38.44 67.91 -82.34
N ILE YA 80 37.64 68.70 -83.03
CA ILE YA 80 36.29 69.01 -82.59
C ILE YA 80 35.47 67.74 -82.36
N ASN YA 81 35.48 66.82 -83.32
CA ASN YA 81 34.70 65.60 -83.18
C ASN YA 81 35.14 64.64 -82.08
N LEU YA 82 36.28 64.93 -81.47
CA LEU YA 82 36.75 64.07 -80.39
C LEU YA 82 36.64 64.81 -79.08
N LEU YA 83 36.04 66.01 -79.12
CA LEU YA 83 35.89 66.80 -77.91
C LEU YA 83 35.17 66.04 -76.79
N ASP YA 84 34.33 65.09 -77.17
CA ASP YA 84 33.61 64.33 -76.17
C ASP YA 84 34.28 62.99 -75.93
N ASP YA 85 35.55 63.02 -75.49
CA ASP YA 85 36.35 61.83 -75.17
C ASP YA 85 37.76 62.34 -74.95
N PRO YA 86 37.95 63.14 -73.89
CA PRO YA 86 39.24 63.72 -73.54
C PRO YA 86 40.49 62.88 -73.79
N PRO YA 87 40.53 61.62 -73.32
CA PRO YA 87 41.70 60.78 -73.54
C PRO YA 87 42.05 60.62 -75.00
N ALA YA 88 41.02 60.35 -75.82
CA ALA YA 88 41.20 60.18 -77.26
C ALA YA 88 41.63 61.51 -77.88
N LEU YA 89 40.85 62.55 -77.64
CA LEU YA 89 41.18 63.86 -78.14
C LEU YA 89 42.60 64.19 -77.77
N ASP YA 90 42.96 63.96 -76.52
CA ASP YA 90 44.30 64.22 -76.04
C ASP YA 90 45.27 63.56 -76.99
N ALA YA 91 45.23 62.24 -77.03
CA ALA YA 91 46.11 61.49 -77.92
C ALA YA 91 46.12 62.05 -79.33
N ALA YA 92 44.93 62.24 -79.90
CA ALA YA 92 44.77 62.78 -81.25
C ALA YA 92 45.54 64.09 -81.48
N LEU YA 93 45.50 64.97 -80.49
CA LEU YA 93 46.18 66.25 -80.55
C LEU YA 93 47.68 66.10 -80.32
N ASP YA 94 48.06 65.31 -79.32
CA ASP YA 94 49.48 65.10 -79.03
C ASP YA 94 50.14 64.71 -80.34
N HIS YA 95 49.50 63.82 -81.07
CA HIS YA 95 50.01 63.36 -82.36
C HIS YA 95 50.21 64.57 -83.27
N LEU YA 96 49.26 65.48 -83.28
CA LEU YA 96 49.36 66.68 -84.12
C LEU YA 96 50.53 67.54 -83.66
N ALA YA 97 50.82 67.49 -82.37
CA ALA YA 97 51.94 68.26 -81.85
C ALA YA 97 53.20 67.77 -82.55
N HIS YA 98 53.44 66.47 -82.46
CA HIS YA 98 54.63 65.86 -83.08
C HIS YA 98 54.71 66.17 -84.56
N GLN YA 99 53.59 66.19 -85.26
CA GLN YA 99 53.63 66.46 -86.68
C GLN YA 99 54.05 67.89 -86.97
N HIS YA 100 53.99 68.73 -85.95
CA HIS YA 100 54.37 70.13 -86.08
C HIS YA 100 55.73 70.39 -85.45
N GLU YA 101 56.13 69.54 -84.51
CA GLU YA 101 57.41 69.71 -83.85
C GLU YA 101 58.56 69.60 -84.84
N VAL YA 102 58.52 68.59 -85.69
CA VAL YA 102 59.58 68.38 -86.68
C VAL YA 102 59.52 69.31 -87.86
N ARG YA 103 58.66 70.31 -87.80
CA ARG YA 103 58.56 71.28 -88.88
C ARG YA 103 59.12 72.59 -88.36
N GLU YA 104 60.44 72.75 -88.44
CA GLU YA 104 61.07 73.95 -87.93
C GLU YA 104 60.58 75.19 -88.64
N GLY YA 105 60.48 76.28 -87.88
CA GLY YA 105 60.02 77.54 -88.43
C GLY YA 105 58.70 77.88 -87.80
N VAL YA 106 57.96 76.84 -87.44
CA VAL YA 106 56.66 77.00 -86.83
C VAL YA 106 56.81 77.32 -85.38
N GLN YA 107 56.44 78.54 -84.99
CA GLN YA 107 56.52 78.97 -83.59
C GLN YA 107 55.15 79.24 -82.98
N LYS YA 108 55.09 79.23 -81.66
CA LYS YA 108 53.84 79.44 -80.95
C LYS YA 108 53.05 80.64 -81.43
N ALA YA 109 53.69 81.81 -81.47
CA ALA YA 109 53.03 83.03 -81.90
C ALA YA 109 52.16 82.83 -83.15
N HIS YA 110 52.50 81.83 -83.96
CA HIS YA 110 51.75 81.53 -85.17
C HIS YA 110 50.35 81.06 -84.83
N PHE YA 111 50.26 80.08 -83.92
CA PHE YA 111 48.99 79.55 -83.49
C PHE YA 111 48.17 80.62 -82.82
N LYS YA 112 48.76 81.37 -81.90
CA LYS YA 112 48.02 82.44 -81.24
C LYS YA 112 47.29 83.25 -82.29
N LYS YA 113 48.00 83.62 -83.36
CA LYS YA 113 47.41 84.41 -84.44
C LYS YA 113 46.34 83.63 -85.17
N PHE YA 114 46.67 82.42 -85.60
CA PHE YA 114 45.73 81.59 -86.32
C PHE YA 114 44.44 81.50 -85.50
N GLY YA 115 44.58 81.46 -84.19
CA GLY YA 115 43.41 81.36 -83.35
C GLY YA 115 42.54 82.59 -83.51
N GLU YA 116 43.17 83.75 -83.39
CA GLU YA 116 42.45 85.00 -83.52
C GLU YA 116 41.75 85.06 -84.86
N ILE YA 117 42.43 84.56 -85.90
CA ILE YA 117 41.87 84.58 -87.26
C ILE YA 117 40.67 83.66 -87.36
N LEU YA 118 40.84 82.47 -86.82
CA LEU YA 118 39.81 81.45 -86.83
C LEU YA 118 38.57 81.95 -86.10
N ALA YA 119 38.80 82.68 -85.02
CA ALA YA 119 37.71 83.20 -84.23
C ALA YA 119 36.97 84.33 -84.92
N THR YA 120 37.62 84.98 -85.86
CA THR YA 120 36.99 86.08 -86.58
C THR YA 120 36.34 85.54 -87.82
N GLY YA 121 36.79 84.37 -88.25
CA GLY YA 121 36.26 83.76 -89.45
C GLY YA 121 34.99 82.94 -89.27
N LEU YA 122 35.02 82.00 -88.33
CA LEU YA 122 33.88 81.15 -88.07
C LEU YA 122 32.56 81.89 -88.09
N PRO YA 123 32.42 82.91 -87.24
CA PRO YA 123 31.16 83.69 -87.18
C PRO YA 123 30.72 84.33 -88.50
N GLN YA 124 31.54 84.18 -89.53
CA GLN YA 124 31.21 84.74 -90.82
C GLN YA 124 30.50 83.72 -91.68
N VAL YA 125 30.66 82.45 -91.35
CA VAL YA 125 30.02 81.39 -92.12
C VAL YA 125 28.94 80.71 -91.32
N LEU YA 126 28.98 80.86 -90.01
CA LEU YA 126 27.99 80.25 -89.14
C LEU YA 126 27.10 81.34 -88.60
N ASP YA 127 25.79 81.25 -88.86
CA ASP YA 127 24.86 82.26 -88.37
C ASP YA 127 24.73 82.15 -86.85
N ASP YA 128 24.81 80.92 -86.34
CA ASP YA 128 24.72 80.69 -84.90
C ASP YA 128 26.10 80.37 -84.38
N TYR YA 129 26.69 81.33 -83.68
CA TYR YA 129 28.04 81.20 -83.13
C TYR YA 129 28.08 81.68 -81.69
N ASP YA 130 28.70 80.89 -80.83
CA ASP YA 130 28.81 81.25 -79.42
C ASP YA 130 30.26 81.49 -79.12
N ALA YA 131 30.72 82.70 -79.38
CA ALA YA 131 32.11 83.08 -79.17
C ALA YA 131 32.74 82.51 -77.89
N LEU YA 132 32.04 82.64 -76.76
CA LEU YA 132 32.56 82.15 -75.50
C LEU YA 132 32.88 80.69 -75.53
N ALA YA 133 31.94 79.87 -75.96
CA ALA YA 133 32.17 78.42 -76.02
C ALA YA 133 33.34 78.11 -76.93
N TRP YA 134 33.28 78.60 -78.16
CA TRP YA 134 34.34 78.35 -79.10
C TRP YA 134 35.72 78.74 -78.61
N LYS YA 135 35.89 80.00 -78.22
CA LYS YA 135 37.19 80.47 -77.76
C LYS YA 135 37.71 79.51 -76.71
N SER YA 136 36.86 79.11 -75.78
CA SER YA 136 37.23 78.18 -74.72
C SER YA 136 37.84 76.90 -75.29
N CYS YA 137 37.14 76.28 -76.23
CA CYS YA 137 37.60 75.04 -76.84
C CYS YA 137 38.76 75.21 -77.83
N LEU YA 138 38.67 76.17 -78.72
CA LEU YA 138 39.75 76.37 -79.67
C LEU YA 138 41.06 76.56 -78.92
N LYS YA 139 41.01 77.27 -77.79
CA LYS YA 139 42.22 77.52 -77.01
C LYS YA 139 42.84 76.19 -76.62
N GLY YA 140 42.08 75.38 -75.89
CA GLY YA 140 42.56 74.07 -75.47
C GLY YA 140 43.18 73.29 -76.62
N ILE YA 141 42.57 73.34 -77.79
CA ILE YA 141 43.08 72.61 -78.94
C ILE YA 141 44.36 73.19 -79.45
N LEU YA 142 44.31 74.44 -79.90
CA LEU YA 142 45.49 75.10 -80.43
C LEU YA 142 46.69 74.95 -79.50
N THR YA 143 46.47 75.13 -78.20
CA THR YA 143 47.55 75.02 -77.23
C THR YA 143 48.20 73.63 -77.26
N LYS YA 144 47.39 72.60 -77.03
CA LYS YA 144 47.89 71.23 -77.02
C LYS YA 144 48.60 70.84 -78.30
N ILE YA 145 48.21 71.46 -79.41
CA ILE YA 145 48.85 71.15 -80.70
C ILE YA 145 50.25 71.74 -80.84
N SER YA 146 50.43 72.93 -80.29
CA SER YA 146 51.71 73.62 -80.37
C SER YA 146 52.61 73.43 -79.16
N SER YA 147 52.06 72.80 -78.12
CA SER YA 147 52.54 72.96 -76.78
C SER YA 147 53.87 72.30 -76.77
N ARG YA 148 53.94 71.25 -77.59
CA ARG YA 148 55.24 70.84 -77.96
C ARG YA 148 55.70 71.63 -79.12
N LEU YA 149 56.93 72.16 -78.96
CA LEU YA 149 57.60 73.04 -79.85
C LEU YA 149 58.57 72.09 -80.55
N GLU ZA 1 32.83 93.74 -106.35
CA GLU ZA 1 31.76 92.72 -106.25
C GLU ZA 1 31.64 92.37 -104.81
N CYS ZA 2 31.17 91.14 -104.52
CA CYS ZA 2 30.85 90.82 -103.16
C CYS ZA 2 31.93 89.93 -102.63
N LEU ZA 3 31.85 89.62 -101.31
CA LEU ZA 3 32.86 88.82 -100.67
C LEU ZA 3 32.39 87.40 -100.72
N VAL ZA 4 33.36 86.47 -100.80
CA VAL ZA 4 33.07 85.11 -101.08
C VAL ZA 4 32.25 84.53 -99.97
N THR ZA 5 32.48 84.97 -98.72
CA THR ZA 5 31.62 84.62 -97.59
C THR ZA 5 30.28 85.34 -97.67
N GLU ZA 6 30.33 86.65 -97.91
CA GLU ZA 6 29.11 87.44 -98.00
C GLU ZA 6 28.13 86.82 -98.99
N SER ZA 7 28.58 85.90 -99.82
CA SER ZA 7 27.71 85.23 -100.78
C SER ZA 7 27.14 84.01 -100.12
N LEU ZA 8 28.03 83.08 -99.77
CA LEU ZA 8 27.65 81.83 -99.12
C LEU ZA 8 26.60 82.10 -98.06
N LYS ZA 9 26.78 83.20 -97.34
CA LYS ZA 9 25.83 83.60 -96.30
C LYS ZA 9 24.44 83.79 -96.90
N VAL ZA 10 24.37 84.52 -98.01
CA VAL ZA 10 23.11 84.74 -98.68
C VAL ZA 10 22.61 83.45 -99.30
N LYS ZA 11 23.49 82.75 -100.01
CA LYS ZA 11 23.12 81.49 -100.66
C LYS ZA 11 22.44 80.60 -99.61
N LEU ZA 12 23.01 80.59 -98.41
CA LEU ZA 12 22.51 79.77 -97.32
C LEU ZA 12 21.20 80.28 -96.77
N GLN ZA 13 21.16 81.55 -96.37
CA GLN ZA 13 19.94 82.13 -95.83
C GLN ZA 13 18.78 82.09 -96.81
N TRP ZA 14 19.09 82.27 -98.09
CA TRP ZA 14 18.04 82.23 -99.10
C TRP ZA 14 17.35 80.89 -98.98
N ALA ZA 15 18.13 79.85 -98.79
CA ALA ZA 15 17.58 78.52 -98.67
C ALA ZA 15 16.49 78.46 -97.63
N SER ZA 16 16.83 78.76 -96.37
CA SER ZA 16 15.88 78.71 -95.27
C SER ZA 16 14.67 79.59 -95.48
N ALA ZA 17 14.91 80.82 -95.91
CA ALA ZA 17 13.83 81.77 -96.15
C ALA ZA 17 12.87 81.39 -97.27
N PHE ZA 18 13.40 81.22 -98.48
CA PHE ZA 18 12.61 80.87 -99.64
C PHE ZA 18 11.80 79.63 -99.33
N GLY ZA 19 12.48 78.52 -99.10
CA GLY ZA 19 11.80 77.29 -98.76
C GLY ZA 19 11.53 76.37 -99.92
N HIS ZA 20 10.49 75.55 -99.79
CA HIS ZA 20 10.12 74.60 -100.83
C HIS ZA 20 8.62 74.54 -101.06
N ALA ZA 21 8.22 74.17 -102.27
CA ALA ZA 21 6.81 74.03 -102.64
C ALA ZA 21 5.97 75.24 -102.25
N HIS ZA 22 4.80 74.95 -101.68
CA HIS ZA 22 3.88 75.99 -101.27
C HIS ZA 22 4.56 77.09 -100.47
N GLU ZA 23 5.42 76.72 -99.53
CA GLU ZA 23 6.11 77.68 -98.70
C GLU ZA 23 6.60 78.87 -99.50
N ARG ZA 24 6.90 78.61 -100.77
CA ARG ZA 24 7.40 79.63 -101.69
C ARG ZA 24 6.31 80.55 -102.19
N VAL ZA 25 5.29 79.96 -102.80
CA VAL ZA 25 4.18 80.76 -103.30
C VAL ZA 25 3.79 81.78 -102.24
N ALA ZA 26 3.76 81.29 -100.99
CA ALA ZA 26 3.40 82.12 -99.85
C ALA ZA 26 4.35 83.29 -99.77
N PHE ZA 27 5.64 82.99 -99.89
CA PHE ZA 27 6.66 84.02 -99.85
C PHE ZA 27 6.41 85.00 -100.97
N GLY ZA 28 6.41 84.49 -102.20
CA GLY ZA 28 6.20 85.34 -103.36
C GLY ZA 28 5.02 86.26 -103.14
N LEU ZA 29 3.87 85.67 -102.82
CA LEU ZA 29 2.66 86.45 -102.58
C LEU ZA 29 2.90 87.57 -101.55
N GLU ZA 30 3.29 87.19 -100.34
CA GLU ZA 30 3.55 88.17 -99.29
C GLU ZA 30 4.42 89.31 -99.82
N LEU ZA 31 5.44 88.97 -100.58
CA LEU ZA 31 6.36 89.95 -101.15
C LEU ZA 31 5.66 90.94 -102.06
N TRP ZA 32 5.13 90.44 -103.17
CA TRP ZA 32 4.46 91.32 -104.12
C TRP ZA 32 3.35 92.14 -103.53
N ARG ZA 33 2.62 91.59 -102.56
CA ARG ZA 33 1.53 92.35 -101.94
C ARG ZA 33 2.12 93.60 -101.32
N ASP ZA 34 3.08 93.44 -100.43
CA ASP ZA 34 3.73 94.57 -99.78
C ASP ZA 34 4.25 95.58 -100.80
N ILE ZA 35 4.79 95.08 -101.90
CA ILE ZA 35 5.34 95.95 -102.95
C ILE ZA 35 4.27 96.76 -103.64
N ILE ZA 36 3.22 96.10 -104.09
CA ILE ZA 36 2.15 96.78 -104.78
C ILE ZA 36 1.36 97.76 -103.90
N ASP ZA 37 1.24 97.48 -102.61
CA ASP ZA 37 0.51 98.38 -101.75
C ASP ZA 37 1.29 99.67 -101.56
N ASP ZA 38 2.62 99.55 -101.56
CA ASP ZA 38 3.49 100.68 -101.38
C ASP ZA 38 3.55 101.54 -102.64
N HIS ZA 39 3.60 100.90 -103.80
CA HIS ZA 39 3.67 101.60 -105.08
C HIS ZA 39 2.74 100.99 -106.13
N PRO ZA 40 1.43 101.31 -106.04
CA PRO ZA 40 0.44 100.80 -106.98
C PRO ZA 40 0.72 101.11 -108.44
N GLU ZA 41 1.74 101.91 -108.70
CA GLU ZA 41 2.10 102.25 -110.06
C GLU ZA 41 2.53 100.99 -110.80
N ILE ZA 42 2.97 99.99 -110.05
CA ILE ZA 42 3.45 98.75 -110.64
C ILE ZA 42 2.38 97.85 -111.24
N LYS ZA 43 1.16 97.93 -110.73
CA LYS ZA 43 0.09 97.09 -111.27
C LYS ZA 43 -0.03 97.29 -112.78
N ALA ZA 44 0.64 98.32 -113.29
CA ALA ZA 44 0.58 98.63 -114.71
C ALA ZA 44 1.22 97.59 -115.63
N PRO ZA 45 2.55 97.47 -115.59
CA PRO ZA 45 3.23 96.49 -116.46
C PRO ZA 45 2.84 95.04 -116.20
N PHE ZA 46 2.33 94.78 -115.01
CA PHE ZA 46 1.92 93.43 -114.62
C PHE ZA 46 0.51 93.16 -115.13
N SER ZA 47 0.08 93.94 -116.11
CA SER ZA 47 -1.25 93.79 -116.68
C SER ZA 47 -1.40 92.46 -117.40
N ARG ZA 48 -0.33 91.98 -118.00
CA ARG ZA 48 -0.35 90.74 -118.74
C ARG ZA 48 -0.58 89.56 -117.81
N VAL ZA 49 -0.03 89.64 -116.61
CA VAL ZA 49 -0.14 88.59 -115.62
C VAL ZA 49 -1.08 88.99 -114.47
N ARG ZA 50 -2.30 89.39 -114.82
CA ARG ZA 50 -3.30 89.81 -113.83
C ARG ZA 50 -2.68 90.33 -112.56
N GLY ZA 51 -2.09 91.51 -112.65
CA GLY ZA 51 -1.46 92.12 -111.50
C GLY ZA 51 -2.45 92.77 -110.58
N ASP ZA 52 -3.69 92.90 -111.02
CA ASP ZA 52 -4.73 93.51 -110.19
C ASP ZA 52 -5.08 92.56 -109.05
N ASN ZA 53 -5.13 91.27 -109.39
CA ASN ZA 53 -5.45 90.20 -108.43
C ASN ZA 53 -4.21 89.31 -108.22
N ILE ZA 54 -3.36 89.68 -107.26
CA ILE ZA 54 -2.15 88.93 -107.02
C ILE ZA 54 -2.40 87.53 -106.52
N TYR ZA 55 -3.61 87.25 -106.04
CA TYR ZA 55 -3.92 85.91 -105.53
C TYR ZA 55 -4.29 84.96 -106.67
N SER ZA 56 -4.50 85.52 -107.86
CA SER ZA 56 -4.88 84.73 -109.02
C SER ZA 56 -3.78 83.78 -109.42
N PRO ZA 57 -4.13 82.70 -110.12
CA PRO ZA 57 -3.13 81.73 -110.54
C PRO ZA 57 -2.23 82.37 -111.60
N GLU ZA 58 -2.82 83.17 -112.48
CA GLU ZA 58 -2.06 83.84 -113.53
C GLU ZA 58 -0.88 84.58 -112.91
N PHE ZA 59 -1.16 85.42 -111.94
CA PHE ZA 59 -0.11 86.19 -111.26
C PHE ZA 59 0.75 85.26 -110.42
N GLY ZA 60 0.10 84.35 -109.72
CA GLY ZA 60 0.83 83.39 -108.90
C GLY ZA 60 1.95 82.77 -109.70
N ALA ZA 61 1.63 82.34 -110.92
CA ALA ZA 61 2.61 81.72 -111.80
C ALA ZA 61 3.74 82.69 -111.91
N HIS ZA 62 3.44 83.87 -112.43
CA HIS ZA 62 4.43 84.93 -112.58
C HIS ZA 62 5.30 85.04 -111.33
N SER ZA 63 4.66 85.35 -110.22
CA SER ZA 63 5.32 85.48 -108.93
C SER ZA 63 6.43 84.47 -108.79
N GLN ZA 64 6.08 83.21 -108.99
CA GLN ZA 64 7.03 82.10 -108.90
C GLN ZA 64 8.18 82.23 -109.90
N ARG ZA 65 7.84 82.42 -111.18
CA ARG ZA 65 8.85 82.56 -112.22
C ARG ZA 65 9.91 83.56 -111.80
N VAL ZA 66 9.44 84.66 -111.20
CA VAL ZA 66 10.32 85.72 -110.73
C VAL ZA 66 11.26 85.19 -109.67
N LEU ZA 67 10.71 84.84 -108.52
CA LEU ZA 67 11.52 84.33 -107.45
C LEU ZA 67 12.52 83.31 -108.00
N SER ZA 68 12.08 82.43 -108.89
CA SER ZA 68 12.96 81.41 -109.44
C SER ZA 68 14.20 82.05 -110.02
N GLY ZA 69 13.99 83.03 -110.89
CA GLY ZA 69 15.12 83.72 -111.50
C GLY ZA 69 16.04 84.28 -110.42
N LEU ZA 70 15.44 84.85 -109.39
CA LEU ZA 70 16.18 85.40 -108.28
C LEU ZA 70 16.99 84.27 -107.68
N ASP ZA 71 16.41 83.08 -107.60
CA ASP ZA 71 17.13 81.94 -107.06
C ASP ZA 71 18.37 81.71 -107.89
N ILE ZA 72 18.18 81.63 -109.21
CA ILE ZA 72 19.31 81.43 -110.12
C ILE ZA 72 20.41 82.42 -109.87
N THR ZA 73 20.11 83.70 -110.06
CA THR ZA 73 21.10 84.73 -109.81
C THR ZA 73 21.83 84.47 -108.52
N ILE ZA 74 21.11 84.34 -107.41
CA ILE ZA 74 21.75 84.07 -106.12
C ILE ZA 74 22.64 82.83 -106.13
N SER ZA 75 22.17 81.71 -106.70
CA SER ZA 75 23.04 80.56 -106.58
C SER ZA 75 24.11 80.70 -107.60
N MET ZA 76 23.91 81.64 -108.54
CA MET ZA 76 24.82 82.03 -109.57
C MET ZA 76 26.00 82.74 -108.96
N LEU ZA 77 25.77 83.53 -107.89
CA LEU ZA 77 26.67 84.52 -107.38
C LEU ZA 77 27.98 83.87 -107.01
N ASP ZA 78 27.89 82.73 -106.31
CA ASP ZA 78 28.95 82.11 -105.60
C ASP ZA 78 30.12 81.89 -106.52
N THR ZA 79 29.85 81.45 -107.77
CA THR ZA 79 30.91 81.25 -108.70
C THR ZA 79 30.81 82.33 -109.72
N PRO ZA 80 31.80 83.16 -109.75
CA PRO ZA 80 31.82 84.39 -110.54
C PRO ZA 80 31.58 84.26 -112.03
N ASP ZA 81 32.24 83.27 -112.66
CA ASP ZA 81 32.10 83.08 -114.11
C ASP ZA 81 30.66 82.84 -114.53
N MET ZA 82 29.88 82.14 -113.70
CA MET ZA 82 28.50 81.85 -114.01
C MET ZA 82 27.63 83.07 -113.74
N LEU ZA 83 27.92 83.75 -112.63
CA LEU ZA 83 27.15 84.93 -112.27
C LEU ZA 83 27.31 86.02 -113.31
N ALA ZA 84 28.56 86.38 -113.58
CA ALA ZA 84 28.86 87.40 -114.56
C ALA ZA 84 28.09 87.14 -115.85
N ALA ZA 85 28.01 85.86 -116.23
CA ALA ZA 85 27.30 85.46 -117.43
C ALA ZA 85 25.80 85.58 -117.26
N GLN ZA 86 25.29 85.00 -116.19
CA GLN ZA 86 23.86 85.02 -115.88
C GLN ZA 86 23.38 86.45 -115.79
N LEU ZA 87 24.11 87.29 -115.06
CA LEU ZA 87 23.73 88.68 -114.92
C LEU ZA 87 23.63 89.33 -116.29
N ALA ZA 88 24.67 89.18 -117.09
CA ALA ZA 88 24.67 89.76 -118.42
C ALA ZA 88 23.44 89.31 -119.19
N HIS ZA 89 23.09 88.04 -119.04
CA HIS ZA 89 21.92 87.48 -119.70
C HIS ZA 89 20.64 88.17 -119.25
N LEU ZA 90 20.55 88.48 -117.96
CA LEU ZA 90 19.37 89.12 -117.43
C LEU ZA 90 19.27 90.56 -117.91
N LYS ZA 91 20.41 91.24 -117.96
CA LYS ZA 91 20.43 92.64 -118.38
C LYS ZA 91 19.75 92.80 -119.74
N VAL ZA 92 20.04 91.87 -120.64
CA VAL ZA 92 19.47 91.90 -121.96
C VAL ZA 92 17.95 91.81 -121.94
N GLN ZA 93 17.42 90.84 -121.20
CA GLN ZA 93 15.98 90.65 -121.13
C GLN ZA 93 15.27 91.88 -120.56
N HIS ZA 94 16.05 92.82 -120.06
CA HIS ZA 94 15.49 94.04 -119.48
C HIS ZA 94 15.73 95.31 -120.27
N VAL ZA 95 16.98 95.59 -120.60
CA VAL ZA 95 17.33 96.78 -121.36
C VAL ZA 95 16.34 97.13 -122.47
N GLU ZA 96 15.89 96.10 -123.21
CA GLU ZA 96 15.11 96.28 -124.38
C GLU ZA 96 13.91 97.01 -123.95
N ARG ZA 97 13.21 96.41 -122.96
CA ARG ZA 97 12.04 97.05 -122.46
C ARG ZA 97 12.51 98.17 -121.64
N ASN ZA 98 11.58 99.09 -121.43
CA ASN ZA 98 11.85 100.25 -120.66
C ASN ZA 98 11.27 100.01 -119.35
N LEU ZA 99 12.00 100.45 -118.34
CA LEU ZA 99 11.43 100.27 -117.06
C LEU ZA 99 11.76 101.52 -116.32
N LYS ZA 100 11.28 101.64 -115.05
CA LYS ZA 100 11.81 102.68 -114.23
C LYS ZA 100 12.73 102.03 -113.27
N PRO ZA 101 13.91 102.56 -113.27
CA PRO ZA 101 15.01 102.03 -112.53
C PRO ZA 101 14.68 101.95 -111.08
N GLU ZA 102 13.88 102.89 -110.56
CA GLU ZA 102 13.61 102.96 -109.13
C GLU ZA 102 12.75 101.78 -108.66
N PHE ZA 103 12.02 101.16 -109.57
CA PHE ZA 103 11.17 100.02 -109.24
C PHE ZA 103 11.98 98.94 -108.56
N PHE ZA 104 13.14 98.66 -109.13
CA PHE ZA 104 14.03 97.65 -108.59
C PHE ZA 104 14.52 98.03 -107.22
N ASP ZA 105 14.84 99.31 -107.03
CA ASP ZA 105 15.30 99.78 -105.73
C ASP ZA 105 14.20 99.51 -104.71
N ILE ZA 106 12.96 99.50 -105.20
CA ILE ZA 106 11.79 99.23 -104.36
C ILE ZA 106 11.74 97.74 -104.08
N PHE ZA 107 11.74 96.95 -105.16
CA PHE ZA 107 11.71 95.51 -105.04
C PHE ZA 107 12.70 95.08 -103.98
N LEU ZA 108 13.94 95.55 -104.09
CA LEU ZA 108 14.98 95.20 -103.15
C LEU ZA 108 14.57 95.58 -101.73
N LYS ZA 109 14.09 96.80 -101.55
CA LYS ZA 109 13.68 97.26 -100.23
C LYS ZA 109 12.82 96.20 -99.56
N HIS ZA 110 11.78 95.76 -100.26
CA HIS ZA 110 10.87 94.75 -99.70
C HIS ZA 110 11.47 93.35 -99.56
N LEU ZA 111 12.13 92.86 -100.60
CA LEU ZA 111 12.74 91.55 -100.54
C LEU ZA 111 13.51 91.43 -99.23
N LEU ZA 112 14.17 92.51 -98.82
CA LEU ZA 112 14.93 92.52 -97.58
C LEU ZA 112 14.01 92.57 -96.38
N HIS ZA 113 12.99 93.40 -96.48
CA HIS ZA 113 12.01 93.53 -95.42
C HIS ZA 113 11.43 92.15 -95.12
N VAL ZA 114 11.00 91.45 -96.17
CA VAL ZA 114 10.42 90.12 -96.03
C VAL ZA 114 11.42 89.13 -95.44
N LEU ZA 115 12.59 88.99 -96.07
CA LEU ZA 115 13.59 88.06 -95.55
C LEU ZA 115 13.83 88.38 -94.09
N GLY ZA 116 13.72 89.66 -93.76
CA GLY ZA 116 13.93 90.09 -92.39
C GLY ZA 116 12.99 89.34 -91.48
N ASP ZA 117 11.71 89.31 -91.84
CA ASP ZA 117 10.72 88.60 -91.05
C ASP ZA 117 11.04 87.13 -91.01
N ARG ZA 118 11.16 86.52 -92.19
CA ARG ZA 118 11.46 85.10 -92.28
C ARG ZA 118 12.68 84.64 -91.48
N LEU ZA 119 13.81 85.32 -91.68
CA LEU ZA 119 15.03 84.94 -91.00
C LEU ZA 119 15.19 85.43 -89.57
N GLY ZA 120 14.56 86.55 -89.24
CA GLY ZA 120 14.68 87.06 -87.89
C GLY ZA 120 15.86 87.99 -87.69
N THR ZA 121 16.48 87.89 -86.52
CA THR ZA 121 17.62 88.75 -86.21
C THR ZA 121 18.94 88.25 -86.81
N HIS ZA 122 18.95 86.97 -87.18
CA HIS ZA 122 20.14 86.36 -87.76
C HIS ZA 122 20.39 86.94 -89.14
N PHE ZA 123 19.32 87.39 -89.79
CA PHE ZA 123 19.37 87.93 -91.13
C PHE ZA 123 20.55 88.84 -91.32
N ASP ZA 124 21.49 88.45 -92.19
CA ASP ZA 124 22.67 89.29 -92.43
C ASP ZA 124 22.38 90.36 -93.47
N PHE ZA 125 21.72 91.41 -93.01
CA PHE ZA 125 21.36 92.54 -93.85
C PHE ZA 125 22.53 92.95 -94.70
N GLY ZA 126 23.64 93.25 -94.04
CA GLY ZA 126 24.83 93.66 -94.76
C GLY ZA 126 25.08 92.81 -95.99
N ALA ZA 127 25.31 91.52 -95.74
CA ALA ZA 127 25.59 90.58 -96.83
C ALA ZA 127 24.58 90.67 -97.97
N TRP ZA 128 23.29 90.65 -97.63
CA TRP ZA 128 22.28 90.71 -98.66
C TRP ZA 128 22.34 92.01 -99.44
N HIS ZA 129 22.27 93.14 -98.74
CA HIS ZA 129 22.29 94.44 -99.40
C HIS ZA 129 23.44 94.49 -100.39
N ASP ZA 130 24.64 94.22 -99.89
CA ASP ZA 130 25.83 94.23 -100.74
C ASP ZA 130 25.67 93.26 -101.89
N CYS ZA 131 25.09 92.11 -101.61
CA CYS ZA 131 24.95 91.09 -102.64
C CYS ZA 131 23.76 91.12 -103.61
N VAL ZA 132 22.55 91.31 -103.11
CA VAL ZA 132 21.41 91.35 -103.99
C VAL ZA 132 21.48 92.60 -104.84
N ASP ZA 133 22.05 93.66 -104.27
CA ASP ZA 133 22.17 94.92 -104.98
C ASP ZA 133 22.83 94.63 -106.29
N GLN ZA 134 24.03 94.02 -106.23
CA GLN ZA 134 24.83 93.61 -107.39
C GLN ZA 134 24.01 92.82 -108.48
N ILE ZA 135 22.94 92.17 -108.04
CA ILE ZA 135 22.08 91.47 -108.96
C ILE ZA 135 21.07 92.41 -109.60
N ILE ZA 136 20.62 93.41 -108.86
CA ILE ZA 136 19.67 94.35 -109.40
C ILE ZA 136 20.29 95.27 -110.46
N ASP ZA 137 21.39 95.92 -110.12
CA ASP ZA 137 22.03 96.82 -111.08
C ASP ZA 137 22.26 96.13 -112.42
N GLY ZA 138 22.63 94.85 -112.37
CA GLY ZA 138 23.00 94.14 -113.55
C GLY ZA 138 21.82 94.11 -114.45
N ILE ZA 139 20.61 93.86 -113.89
CA ILE ZA 139 19.45 93.70 -114.72
C ILE ZA 139 19.05 94.99 -115.32
N LYS ZA 140 19.09 96.04 -114.47
CA LYS ZA 140 18.68 97.35 -114.86
C LYS ZA 140 19.70 97.80 -115.93
N ASP AB 1 -32.34 87.85 -61.21
CA ASP AB 1 -31.22 87.59 -60.27
C ASP AB 1 -30.01 87.67 -61.10
N CYS AB 2 -28.96 86.93 -60.74
CA CYS AB 2 -28.05 87.08 -61.81
C CYS AB 2 -27.94 85.83 -62.57
N CYS AB 3 -27.11 86.02 -63.58
CA CYS AB 3 -26.83 85.09 -64.60
C CYS AB 3 -25.60 84.44 -64.13
N SER AB 4 -25.62 83.10 -64.20
CA SER AB 4 -24.50 82.24 -63.97
C SER AB 4 -23.78 82.17 -65.27
N TYR AB 5 -22.51 81.86 -65.19
CA TYR AB 5 -21.59 81.63 -66.28
C TYR AB 5 -22.04 80.38 -67.02
N GLU AB 6 -22.47 79.38 -66.29
CA GLU AB 6 -22.94 78.14 -66.90
C GLU AB 6 -24.10 78.47 -67.82
N ASP AB 7 -25.04 79.25 -67.30
CA ASP AB 7 -26.20 79.64 -68.08
C ASP AB 7 -25.77 80.34 -69.36
N ARG AB 8 -24.78 81.21 -69.26
CA ARG AB 8 -24.30 81.89 -70.43
C ARG AB 8 -23.87 80.83 -71.43
N ARG AB 9 -23.04 79.90 -70.98
CA ARG AB 9 -22.59 78.82 -71.84
C ARG AB 9 -23.78 78.09 -72.46
N GLU AB 10 -24.79 77.81 -71.66
CA GLU AB 10 -26.00 77.14 -72.16
C GLU AB 10 -26.57 77.89 -73.36
N ILE AB 11 -26.76 79.19 -73.18
CA ILE AB 11 -27.29 80.02 -74.22
C ILE AB 11 -26.33 80.11 -75.40
N ARG AB 12 -25.07 80.43 -75.14
CA ARG AB 12 -24.07 80.56 -76.20
C ARG AB 12 -24.15 79.35 -77.12
N HIS AB 13 -24.83 78.31 -76.67
CA HIS AB 13 -25.00 77.09 -77.44
C HIS AB 13 -26.40 77.05 -78.03
N ILE AB 14 -27.40 77.19 -77.16
CA ILE AB 14 -28.78 77.20 -77.62
C ILE AB 14 -28.90 78.10 -78.85
N TRP AB 15 -28.22 79.25 -78.82
CA TRP AB 15 -28.29 80.19 -79.93
C TRP AB 15 -27.72 79.57 -81.19
N ASP AB 16 -26.53 78.99 -81.09
CA ASP AB 16 -25.87 78.37 -82.24
C ASP AB 16 -26.78 77.38 -82.98
N ASP AB 17 -27.96 77.12 -82.44
CA ASP AB 17 -28.89 76.19 -83.07
C ASP AB 17 -29.97 76.94 -83.85
N VAL AB 18 -30.30 78.14 -83.40
CA VAL AB 18 -31.30 78.94 -84.09
C VAL AB 18 -30.61 79.79 -85.14
N TRP AB 19 -29.45 80.34 -84.83
CA TRP AB 19 -28.89 81.32 -85.72
C TRP AB 19 -28.44 80.65 -87.01
N SER AB 20 -28.06 79.37 -86.94
CA SER AB 20 -26.77 78.86 -87.31
C SER AB 20 -26.38 79.20 -88.71
N SER AB 21 -27.28 78.92 -89.67
CA SER AB 21 -26.97 78.90 -91.07
C SER AB 21 -26.74 80.30 -91.56
N SER AB 22 -26.03 80.45 -92.69
CA SER AB 22 -25.61 81.78 -93.06
C SER AB 22 -26.79 82.54 -93.54
N PHE AB 23 -27.71 81.77 -94.07
CA PHE AB 23 -28.93 82.12 -94.70
C PHE AB 23 -29.79 82.96 -93.85
N THR AB 24 -30.36 84.05 -94.43
CA THR AB 24 -31.53 84.63 -93.78
C THR AB 24 -32.69 83.66 -93.52
N ASP AB 25 -33.21 83.06 -94.59
CA ASP AB 25 -34.32 82.10 -94.51
C ASP AB 25 -34.72 81.60 -93.12
N ARG AB 26 -33.84 80.85 -92.46
CA ARG AB 26 -34.15 80.31 -91.14
C ARG AB 26 -34.44 81.38 -90.09
N ARG AB 27 -33.42 82.17 -89.74
CA ARG AB 27 -33.59 83.20 -88.73
C ARG AB 27 -34.85 84.00 -88.94
N VAL AB 28 -35.14 84.28 -90.20
CA VAL AB 28 -36.34 85.03 -90.54
C VAL AB 28 -37.59 84.34 -90.01
N ALA AB 29 -37.88 83.16 -90.54
CA ALA AB 29 -39.04 82.40 -90.13
C ALA AB 29 -39.16 82.35 -88.61
N ILE AB 30 -38.05 82.20 -87.90
CA ILE AB 30 -38.11 82.13 -86.43
C ILE AB 30 -38.52 83.46 -85.84
N VAL AB 31 -37.76 84.51 -86.10
CA VAL AB 31 -38.06 85.83 -85.56
C VAL AB 31 -39.47 86.20 -85.93
N ARG AB 32 -39.89 85.85 -87.14
CA ARG AB 32 -41.25 86.15 -87.56
C ARG AB 32 -42.18 85.40 -86.62
N ALA AB 33 -42.08 84.07 -86.64
CA ALA AB 33 -42.91 83.24 -85.79
C ALA AB 33 -42.99 83.79 -84.37
N VAL AB 34 -41.94 84.49 -83.95
CA VAL AB 34 -41.91 85.09 -82.62
C VAL AB 34 -42.86 86.26 -82.58
N PHE AB 35 -42.72 87.17 -83.53
CA PHE AB 35 -43.59 88.32 -83.58
C PHE AB 35 -45.04 87.95 -83.76
N ASP AB 36 -45.32 86.97 -84.62
CA ASP AB 36 -46.70 86.55 -84.85
C ASP AB 36 -47.35 86.19 -83.51
N ASP AB 37 -46.54 85.70 -82.58
CA ASP AB 37 -47.03 85.33 -81.25
C ASP AB 37 -47.18 86.57 -80.38
N LEU AB 38 -46.43 87.61 -80.70
CA LEU AB 38 -46.50 88.86 -79.96
C LEU AB 38 -47.77 89.58 -80.35
N PHE AB 39 -48.04 89.57 -81.64
CA PHE AB 39 -49.22 90.21 -82.17
C PHE AB 39 -50.51 89.48 -81.85
N LYS AB 40 -50.47 88.17 -81.77
CA LYS AB 40 -51.68 87.42 -81.46
C LYS AB 40 -52.07 87.67 -80.02
N HIS AB 41 -51.11 88.12 -79.21
CA HIS AB 41 -51.36 88.36 -77.78
C HIS AB 41 -51.46 89.84 -77.41
N TYR AB 42 -50.66 90.67 -78.06
CA TYR AB 42 -50.70 92.11 -77.81
C TYR AB 42 -50.86 92.77 -79.18
N PRO AB 43 -52.03 92.55 -79.83
CA PRO AB 43 -52.35 93.10 -81.15
C PRO AB 43 -52.09 94.59 -81.33
N THR AB 44 -52.14 95.33 -80.24
CA THR AB 44 -51.90 96.76 -80.28
C THR AB 44 -50.54 97.08 -80.92
N SER AB 45 -49.50 96.40 -80.47
CA SER AB 45 -48.15 96.59 -80.96
C SER AB 45 -48.02 96.54 -82.47
N LYS AB 46 -48.83 95.70 -83.11
CA LYS AB 46 -48.78 95.56 -84.57
C LYS AB 46 -48.60 96.89 -85.28
N ALA AB 47 -49.50 97.83 -85.01
CA ALA AB 47 -49.44 99.14 -85.61
C ALA AB 47 -48.04 99.78 -85.62
N LEU AB 48 -47.30 99.62 -84.53
CA LEU AB 48 -45.96 100.20 -84.41
C LEU AB 48 -45.02 99.97 -85.57
N PHE AB 49 -45.22 98.90 -86.32
CA PHE AB 49 -44.33 98.58 -87.42
C PHE AB 49 -44.85 98.91 -88.81
N GLU AB 50 -45.71 99.91 -88.93
CA GLU AB 50 -46.21 100.26 -90.25
C GLU AB 50 -45.07 100.90 -91.01
N ARG AB 51 -44.13 101.44 -90.26
CA ARG AB 51 -42.98 102.10 -90.85
C ARG AB 51 -42.17 101.14 -91.70
N VAL AB 52 -42.20 99.87 -91.33
CA VAL AB 52 -41.43 98.85 -92.05
C VAL AB 52 -42.34 98.03 -92.94
N LYS AB 53 -43.60 98.43 -93.01
CA LYS AB 53 -44.56 97.73 -93.84
C LYS AB 53 -44.90 96.31 -93.41
N ILE AB 54 -45.50 96.16 -92.23
CA ILE AB 54 -45.88 94.83 -91.75
C ILE AB 54 -47.09 94.34 -92.51
N ASP AB 55 -47.81 95.26 -93.14
CA ASP AB 55 -48.99 94.89 -93.91
C ASP AB 55 -48.57 94.07 -95.13
N GLU AB 56 -47.28 94.11 -95.44
CA GLU AB 56 -46.73 93.35 -96.56
C GLU AB 56 -45.73 92.37 -95.97
N PRO AB 57 -46.22 91.28 -95.39
CA PRO AB 57 -45.35 90.28 -94.78
C PRO AB 57 -44.12 89.91 -95.59
N GLU AB 58 -44.29 89.55 -96.86
CA GLU AB 58 -43.14 89.16 -97.66
C GLU AB 58 -42.45 90.34 -98.32
N SER AB 59 -42.86 91.53 -97.93
CA SER AB 59 -42.31 92.77 -98.47
C SER AB 59 -40.81 92.78 -98.74
N GLY AB 60 -40.03 92.53 -97.70
CA GLY AB 60 -38.59 92.58 -97.87
C GLY AB 60 -38.18 93.81 -97.11
N GLU AB 61 -39.00 94.84 -97.17
CA GLU AB 61 -38.73 96.06 -96.43
C GLU AB 61 -38.91 95.62 -94.99
N PHE AB 62 -39.82 94.67 -94.81
CA PHE AB 62 -40.16 94.12 -93.50
C PHE AB 62 -39.28 92.95 -93.16
N LYS AB 63 -39.06 92.05 -94.12
CA LYS AB 63 -38.21 90.90 -93.87
C LYS AB 63 -36.87 91.41 -93.34
N SER AB 64 -36.26 92.36 -94.05
CA SER AB 64 -34.99 92.92 -93.63
C SER AB 64 -35.11 93.33 -92.18
N HIS AB 65 -36.22 93.97 -91.83
CA HIS AB 65 -36.45 94.40 -90.45
C HIS AB 65 -36.28 93.20 -89.53
N LEU AB 66 -37.12 92.20 -89.71
CA LEU AB 66 -37.04 90.99 -88.90
C LEU AB 66 -35.59 90.60 -88.67
N VAL AB 67 -34.83 90.53 -89.75
CA VAL AB 67 -33.43 90.18 -89.66
C VAL AB 67 -32.70 91.10 -88.69
N ARG AB 68 -32.88 92.41 -88.87
CA ARG AB 68 -32.21 93.38 -88.00
C ARG AB 68 -32.52 93.08 -86.55
N VAL AB 69 -33.76 92.71 -86.28
CA VAL AB 69 -34.17 92.38 -84.93
C VAL AB 69 -33.41 91.16 -84.53
N ALA AB 70 -33.49 90.13 -85.36
CA ALA AB 70 -32.78 88.89 -85.10
C ALA AB 70 -31.33 89.24 -84.78
N ASN AB 71 -30.63 89.78 -85.77
CA ASN AB 71 -29.23 90.16 -85.59
C ASN AB 71 -28.98 90.99 -84.36
N GLY AB 72 -29.92 91.85 -83.98
CA GLY AB 72 -29.74 92.66 -82.78
C GLY AB 72 -29.71 91.80 -81.54
N LEU AB 73 -30.47 90.72 -81.58
CA LEU AB 73 -30.55 89.78 -80.49
C LEU AB 73 -29.25 89.00 -80.51
N LYS AB 74 -28.88 88.52 -81.70
CA LYS AB 74 -27.65 87.78 -81.91
C LYS AB 74 -26.51 88.56 -81.28
N LEU AB 75 -26.39 89.83 -81.64
CA LEU AB 75 -25.35 90.71 -81.13
C LEU AB 75 -25.35 90.70 -79.61
N LEU AB 76 -26.53 90.70 -79.00
CA LEU AB 76 -26.61 90.68 -77.55
C LEU AB 76 -25.97 89.43 -76.98
N ILE AB 77 -26.56 88.29 -77.32
CA ILE AB 77 -26.07 87.00 -76.88
C ILE AB 77 -24.56 86.88 -77.10
N ASN AB 78 -24.10 87.21 -78.30
CA ASN AB 78 -22.67 87.12 -78.62
C ASN AB 78 -21.85 88.20 -77.91
N LEU AB 79 -22.41 88.77 -76.84
CA LEU AB 79 -21.73 89.80 -76.09
C LEU AB 79 -21.70 89.38 -74.64
N LEU AB 80 -22.48 88.37 -74.31
CA LEU AB 80 -22.57 87.86 -72.95
C LEU AB 80 -21.24 87.50 -72.31
N ASP AB 81 -20.17 87.41 -73.10
CA ASP AB 81 -18.87 87.09 -72.53
C ASP AB 81 -18.03 88.35 -72.34
N ASP AB 82 -18.54 89.49 -72.84
CA ASP AB 82 -17.82 90.76 -72.70
C ASP AB 82 -18.58 91.80 -71.88
N THR AB 83 -19.27 91.32 -70.85
CA THR AB 83 -20.05 92.14 -69.95
C THR AB 83 -20.06 93.65 -70.17
N LEU AB 84 -18.95 94.31 -69.86
CA LEU AB 84 -18.85 95.76 -69.99
C LEU AB 84 -19.38 96.34 -71.27
N VAL AB 85 -19.10 95.70 -72.40
CA VAL AB 85 -19.59 96.18 -73.69
C VAL AB 85 -21.08 95.92 -73.77
N LEU AB 86 -21.48 94.72 -73.35
CA LEU AB 86 -22.88 94.37 -73.37
C LEU AB 86 -23.67 95.41 -72.59
N GLN AB 87 -23.19 95.75 -71.40
CA GLN AB 87 -23.84 96.73 -70.54
C GLN AB 87 -24.04 98.07 -71.23
N SER AB 88 -23.16 98.43 -72.14
CA SER AB 88 -23.29 99.69 -72.85
C SER AB 88 -24.23 99.56 -74.04
N HIS AB 89 -23.96 98.62 -74.95
CA HIS AB 89 -24.83 98.44 -76.10
C HIS AB 89 -26.22 98.12 -75.61
N LEU AB 90 -26.33 97.53 -74.44
CA LEU AB 90 -27.65 97.20 -73.91
C LEU AB 90 -28.40 98.49 -73.65
N GLY AB 91 -27.67 99.52 -73.24
CA GLY AB 91 -28.28 100.80 -72.99
C GLY AB 91 -28.66 101.41 -74.31
N HIS AB 92 -27.69 101.50 -75.21
CA HIS AB 92 -27.89 102.04 -76.55
C HIS AB 92 -29.12 101.39 -77.21
N LEU AB 93 -29.35 100.11 -76.90
CA LEU AB 93 -30.49 99.39 -77.46
C LEU AB 93 -31.77 99.88 -76.84
N ALA AB 94 -31.67 100.42 -75.64
CA ALA AB 94 -32.84 100.95 -74.96
C ALA AB 94 -33.20 102.26 -75.63
N ASP AB 95 -32.25 103.17 -75.66
CA ASP AB 95 -32.46 104.47 -76.27
C ASP AB 95 -33.07 104.36 -77.67
N GLN AB 96 -32.74 103.33 -78.42
CA GLN AB 96 -33.29 103.16 -79.77
C GLN AB 96 -34.77 102.80 -79.71
N HIS AB 97 -35.24 102.44 -78.52
CA HIS AB 97 -36.62 102.06 -78.37
C HIS AB 97 -37.38 103.09 -77.56
N ILE AB 98 -36.67 103.96 -76.84
CA ILE AB 98 -37.34 104.98 -76.06
C ILE AB 98 -37.80 106.05 -77.03
N GLN AB 99 -36.99 106.32 -78.05
CA GLN AB 99 -37.33 107.32 -79.04
C GLN AB 99 -38.37 106.81 -80.01
N ARG AB 100 -38.76 105.54 -79.84
CA ARG AB 100 -39.77 104.95 -80.69
C ARG AB 100 -41.09 105.08 -79.93
N LYS AB 101 -41.80 106.16 -80.21
CA LYS AB 101 -43.06 106.47 -79.54
C LYS AB 101 -44.07 105.34 -79.67
N GLY AB 102 -44.58 104.87 -78.53
CA GLY AB 102 -45.56 103.81 -78.55
C GLY AB 102 -45.09 102.47 -78.02
N VAL AB 103 -43.81 102.36 -77.72
CA VAL AB 103 -43.25 101.11 -77.21
C VAL AB 103 -43.36 101.03 -75.70
N THR AB 104 -44.24 100.15 -75.20
CA THR AB 104 -44.46 99.99 -73.76
C THR AB 104 -43.50 99.02 -73.10
N LYS AB 105 -43.47 99.06 -71.77
CA LYS AB 105 -42.61 98.20 -70.99
C LYS AB 105 -43.22 96.83 -71.12
N GLU AB 106 -44.52 96.83 -71.35
CA GLU AB 106 -45.29 95.61 -71.49
C GLU AB 106 -44.96 94.83 -72.75
N TYR AB 107 -45.00 95.50 -73.89
CA TYR AB 107 -44.71 94.83 -75.14
C TYR AB 107 -43.44 93.99 -75.04
N PHE AB 108 -42.46 94.46 -74.28
CA PHE AB 108 -41.23 93.70 -74.13
C PHE AB 108 -41.49 92.44 -73.35
N ARG AB 109 -42.10 92.58 -72.18
CA ARG AB 109 -42.40 91.39 -71.39
C ARG AB 109 -43.19 90.44 -72.27
N GLY AB 110 -43.85 90.99 -73.28
CA GLY AB 110 -44.66 90.18 -74.16
C GLY AB 110 -43.86 89.42 -75.20
N ILE AB 111 -42.83 90.05 -75.74
CA ILE AB 111 -42.02 89.40 -76.75
C ILE AB 111 -41.18 88.37 -76.04
N GLY AB 112 -40.98 88.57 -74.75
CA GLY AB 112 -40.19 87.63 -73.98
C GLY AB 112 -40.94 86.32 -73.90
N GLU AB 113 -42.23 86.42 -73.66
CA GLU AB 113 -43.08 85.25 -73.57
C GLU AB 113 -43.03 84.59 -74.94
N ALA AB 114 -43.07 85.41 -75.97
CA ALA AB 114 -43.03 84.93 -77.35
C ALA AB 114 -41.92 83.90 -77.56
N PHE AB 115 -40.68 84.31 -77.39
CA PHE AB 115 -39.57 83.38 -77.59
C PHE AB 115 -39.75 82.11 -76.78
N ALA AB 116 -40.06 82.29 -75.51
CA ALA AB 116 -40.24 81.17 -74.58
C ALA AB 116 -41.30 80.17 -75.04
N ARG AB 117 -42.03 80.54 -76.08
CA ARG AB 117 -43.09 79.69 -76.61
C ARG AB 117 -42.69 79.19 -77.99
N VAL AB 118 -41.86 79.99 -78.67
CA VAL AB 118 -41.42 79.64 -80.01
C VAL AB 118 -40.20 78.77 -80.00
N LEU AB 119 -39.11 79.30 -79.47
CA LEU AB 119 -37.86 78.56 -79.42
C LEU AB 119 -38.01 77.09 -79.06
N PRO AB 120 -38.72 76.78 -77.96
CA PRO AB 120 -38.88 75.37 -77.58
C PRO AB 120 -39.49 74.50 -78.67
N GLN AB 121 -39.89 75.11 -79.77
CA GLN AB 121 -40.49 74.38 -80.88
C GLN AB 121 -39.57 74.29 -82.06
N VAL AB 122 -38.63 75.22 -82.19
CA VAL AB 122 -37.71 75.21 -83.33
C VAL AB 122 -36.46 74.39 -83.08
N LEU AB 123 -36.22 74.04 -81.83
CA LEU AB 123 -35.05 73.24 -81.51
C LEU AB 123 -35.33 72.48 -80.26
N SER AB 124 -34.67 71.32 -80.12
CA SER AB 124 -34.84 70.50 -78.93
C SER AB 124 -33.71 70.84 -77.97
N CYS AB 125 -33.85 70.37 -76.74
CA CYS AB 125 -32.83 70.65 -75.74
C CYS AB 125 -32.76 72.14 -75.46
N PHE AB 126 -33.90 72.74 -75.19
CA PHE AB 126 -33.98 74.15 -74.89
C PHE AB 126 -34.21 74.33 -73.39
N ASN AB 127 -33.25 74.96 -72.73
CA ASN AB 127 -33.36 75.17 -71.30
C ASN AB 127 -34.19 76.41 -71.05
N VAL AB 128 -35.48 76.31 -71.34
CA VAL AB 128 -36.42 77.41 -71.18
C VAL AB 128 -36.13 78.31 -69.97
N ASP AB 129 -35.85 77.71 -68.81
CA ASP AB 129 -35.56 78.50 -67.62
C ASP AB 129 -34.31 79.35 -67.80
N ALA AB 130 -33.20 78.71 -68.12
CA ALA AB 130 -31.94 79.42 -68.34
C ALA AB 130 -32.14 80.57 -69.32
N TRP AB 131 -32.80 80.28 -70.43
CA TRP AB 131 -33.05 81.32 -71.42
C TRP AB 131 -33.82 82.41 -70.71
N ASN AB 132 -35.00 82.07 -70.23
CA ASN AB 132 -35.84 83.03 -69.53
C ASN AB 132 -35.04 83.90 -68.57
N ARG AB 133 -34.21 83.29 -67.73
CA ARG AB 133 -33.46 84.08 -66.78
C ARG AB 133 -32.64 85.15 -67.46
N CYS AB 134 -31.69 84.76 -68.30
CA CYS AB 134 -30.84 85.75 -68.95
C CYS AB 134 -31.55 86.65 -69.94
N PHE AB 135 -32.69 86.23 -70.44
CA PHE AB 135 -33.42 87.07 -71.38
C PHE AB 135 -34.04 88.22 -70.59
N HIS AB 136 -34.54 87.90 -69.40
CA HIS AB 136 -35.15 88.93 -68.56
C HIS AB 136 -34.13 89.98 -68.18
N ARG AB 137 -32.95 89.55 -67.74
CA ARG AB 137 -31.91 90.49 -67.37
C ARG AB 137 -31.68 91.42 -68.57
N LEU AB 138 -31.66 90.88 -69.77
CA LEU AB 138 -31.45 91.69 -70.97
C LEU AB 138 -32.60 92.65 -71.21
N VAL AB 139 -33.82 92.14 -71.13
CA VAL AB 139 -35.01 92.96 -71.35
C VAL AB 139 -35.12 94.08 -70.31
N ALA AB 140 -35.06 93.71 -69.04
CA ALA AB 140 -35.15 94.68 -67.95
C ALA AB 140 -34.35 95.94 -68.27
N ARG AB 141 -33.06 95.76 -68.53
CA ARG AB 141 -32.21 96.90 -68.84
C ARG AB 141 -32.62 97.63 -70.10
N ILE AB 142 -33.20 96.93 -71.07
CA ILE AB 142 -33.62 97.58 -72.32
C ILE AB 142 -34.81 98.49 -72.14
N ALA AB 143 -35.85 97.87 -71.49
CA ALA AB 143 -37.17 98.41 -71.37
C ALA AB 143 -37.05 99.61 -70.52
N LYS AB 144 -36.28 99.47 -69.42
CA LYS AB 144 -36.54 100.24 -68.24
C LYS AB 144 -36.33 101.65 -68.58
N ASP AB 145 -35.38 101.84 -69.51
CA ASP AB 145 -34.96 103.15 -69.85
C ASP AB 145 -36.19 103.86 -70.32
N LEU AB 146 -37.06 103.15 -71.04
CA LEU AB 146 -38.10 103.79 -71.77
C LEU AB 146 -39.00 104.57 -70.83
N PRO AB 147 -39.69 103.99 -69.86
CA PRO AB 147 -40.58 104.71 -68.98
C PRO AB 147 -39.74 105.67 -68.25
N ASP BB 1 -113.98 11.63 -70.76
CA ASP BB 1 -113.40 11.32 -69.44
C ASP BB 1 -112.78 12.49 -68.80
N CYS BB 2 -112.30 12.23 -67.59
CA CYS BB 2 -111.61 13.32 -67.04
C CYS BB 2 -110.20 13.12 -67.32
N CYS BB 3 -109.51 14.22 -67.08
CA CYS BB 3 -108.14 14.14 -67.32
C CYS BB 3 -107.58 14.64 -66.08
N SER BB 4 -106.26 14.53 -66.07
CA SER BB 4 -105.45 14.65 -64.91
C SER BB 4 -104.66 15.87 -65.17
N TYR BB 5 -104.32 16.59 -64.09
CA TYR BB 5 -103.65 17.87 -64.03
C TYR BB 5 -102.26 17.70 -64.56
N GLU BB 6 -101.63 16.58 -64.20
CA GLU BB 6 -100.27 16.30 -64.66
C GLU BB 6 -100.27 16.26 -66.18
N ASP BB 7 -101.23 15.54 -66.73
CA ASP BB 7 -101.35 15.42 -68.17
C ASP BB 7 -101.48 16.80 -68.80
N ARG BB 8 -102.29 17.66 -68.18
CA ARG BB 8 -102.45 19.00 -68.72
C ARG BB 8 -101.07 19.63 -68.78
N ARG BB 9 -100.34 19.57 -67.68
CA ARG BB 9 -99.00 20.11 -67.65
C ARG BB 9 -98.15 19.54 -68.77
N GLU BB 10 -98.25 18.23 -68.97
CA GLU BB 10 -97.49 17.56 -70.02
C GLU BB 10 -97.76 18.24 -71.35
N ILE BB 11 -99.03 18.39 -71.69
CA ILE BB 11 -99.43 19.02 -72.93
C ILE BB 11 -99.04 20.48 -72.98
N ARG BB 12 -99.35 21.22 -71.91
CA ARG BB 12 -99.03 22.65 -71.85
C ARG BB 12 -97.57 22.86 -72.21
N HIS BB 13 -96.81 21.76 -72.20
CA HIS BB 13 -95.39 21.80 -72.55
C HIS BB 13 -95.20 21.27 -73.97
N ILE BB 14 -95.71 20.07 -74.22
CA ILE BB 14 -95.62 19.46 -75.54
C ILE BB 14 -95.98 20.49 -76.61
N TRP BB 15 -97.00 21.29 -76.32
CA TRP BB 15 -97.45 22.30 -77.28
C TRP BB 15 -96.38 23.33 -77.48
N ASP BB 16 -95.82 23.85 -76.40
CA ASP BB 16 -94.78 24.87 -76.48
C ASP BB 16 -93.64 24.48 -77.42
N ASP BB 17 -93.66 23.24 -77.90
CA ASP BB 17 -92.60 22.77 -78.79
C ASP BB 17 -93.05 22.83 -80.25
N VAL BB 18 -94.36 22.68 -80.48
CA VAL BB 18 -94.88 22.75 -81.85
C VAL BB 18 -95.24 24.21 -82.17
N TRP BB 19 -95.79 24.92 -81.18
CA TRP BB 19 -96.34 26.23 -81.39
C TRP BB 19 -95.20 27.09 -81.81
N SER BB 20 -94.02 26.70 -81.32
CA SER BB 20 -93.17 27.55 -80.56
C SER BB 20 -92.72 28.68 -81.41
N SER BB 21 -92.47 28.41 -82.71
CA SER BB 21 -92.02 29.45 -83.58
C SER BB 21 -93.03 30.57 -83.49
N SER BB 22 -92.54 31.80 -83.73
CA SER BB 22 -93.12 33.03 -83.23
C SER BB 22 -94.31 33.40 -83.98
N PHE BB 23 -94.21 33.09 -85.28
CA PHE BB 23 -95.07 33.64 -86.26
C PHE BB 23 -95.13 32.64 -87.30
N THR BB 24 -95.70 33.05 -88.41
CA THR BB 24 -96.66 32.13 -88.96
C THR BB 24 -96.08 30.85 -89.54
N ASP BB 25 -95.19 30.99 -90.53
CA ASP BB 25 -94.55 29.86 -91.23
C ASP BB 25 -94.69 28.47 -90.61
N ARG BB 26 -94.14 28.27 -89.42
CA ARG BB 26 -94.21 26.97 -88.77
C ARG BB 26 -95.64 26.50 -88.46
N ARG BB 27 -96.31 27.22 -87.56
CA ARG BB 27 -97.66 26.85 -87.18
C ARG BB 27 -98.51 26.53 -88.40
N VAL BB 28 -98.32 27.30 -89.45
CA VAL BB 28 -99.09 27.11 -90.69
C VAL BB 28 -98.88 25.71 -91.23
N ALA BB 29 -97.64 25.41 -91.59
CA ALA BB 29 -97.30 24.09 -92.13
C ALA BB 29 -97.86 22.95 -91.28
N ILE BB 30 -97.80 23.10 -89.96
CA ILE BB 30 -98.33 22.06 -89.08
C ILE BB 30 -99.85 21.96 -89.18
N VAL BB 31 -100.57 23.05 -88.89
CA VAL BB 31 -102.02 23.02 -88.97
C VAL BB 31 -102.48 22.54 -90.34
N ARG BB 32 -101.75 22.95 -91.38
CA ARG BB 32 -102.07 22.53 -92.73
C ARG BB 32 -101.91 21.01 -92.76
N ALA BB 33 -100.70 20.54 -92.53
CA ALA BB 33 -100.41 19.10 -92.51
C ALA BB 33 -101.48 18.32 -91.76
N VAL BB 34 -102.10 18.96 -90.76
CA VAL BB 34 -103.15 18.34 -89.96
C VAL BB 34 -104.38 18.19 -90.84
N PHE BB 35 -104.84 19.29 -91.42
CA PHE BB 35 -105.99 19.25 -92.27
C PHE BB 35 -105.82 18.31 -93.45
N ASP BB 36 -104.65 18.34 -94.10
CA ASP BB 36 -104.41 17.46 -95.24
C ASP BB 36 -104.73 16.03 -94.86
N ASP BB 37 -104.50 15.71 -93.58
CA ASP BB 37 -104.75 14.36 -93.08
C ASP BB 37 -106.24 14.19 -92.81
N LEU BB 38 -106.92 15.30 -92.57
CA LEU BB 38 -108.35 15.24 -92.31
C LEU BB 38 -109.06 15.01 -93.63
N PHE BB 39 -108.59 15.71 -94.65
CA PHE BB 39 -109.19 15.59 -95.95
C PHE BB 39 -108.87 14.27 -96.65
N LYS BB 40 -107.70 13.72 -96.40
CA LYS BB 40 -107.33 12.46 -97.03
C LYS BB 40 -108.18 11.34 -96.44
N HIS BB 41 -108.74 11.57 -95.25
CA HIS BB 41 -109.56 10.57 -94.58
C HIS BB 41 -111.07 10.85 -94.63
N TYR BB 42 -111.45 12.12 -94.56
CA TYR BB 42 -112.85 12.50 -94.61
C TYR BB 42 -112.95 13.58 -95.67
N PRO BB 43 -112.68 13.22 -96.92
CA PRO BB 43 -112.70 14.12 -98.08
C PRO BB 43 -113.90 15.01 -98.18
N THR BB 44 -114.97 14.52 -97.61
CA THR BB 44 -116.15 15.25 -97.63
C THR BB 44 -115.97 16.68 -97.07
N SER BB 45 -115.45 16.74 -95.87
CA SER BB 45 -115.24 18.00 -95.18
C SER BB 45 -114.60 19.08 -96.04
N LYS BB 46 -113.73 18.67 -96.96
CA LYS BB 46 -113.03 19.62 -97.80
C LYS BB 46 -113.94 20.75 -98.27
N ALA BB 47 -115.03 20.39 -98.92
CA ALA BB 47 -115.98 21.37 -99.43
C ALA BB 47 -116.34 22.48 -98.44
N LEU BB 48 -116.47 22.15 -97.17
CA LEU BB 48 -116.83 23.12 -96.14
C LEU BB 48 -116.03 24.41 -96.11
N PHE BB 49 -114.79 24.36 -96.58
CA PHE BB 49 -113.93 25.54 -96.57
C PHE BB 49 -113.77 26.28 -97.89
N GLU BB 50 -114.78 26.22 -98.75
CA GLU BB 50 -114.66 26.93 -100.02
C GLU BB 50 -114.76 28.41 -99.70
N ARG BB 51 -115.37 28.70 -98.55
CA ARG BB 51 -115.56 30.07 -98.14
C ARG BB 51 -114.23 30.76 -97.92
N VAL BB 52 -113.21 29.99 -97.55
CA VAL BB 52 -111.88 30.54 -97.30
C VAL BB 52 -110.93 30.26 -98.43
N LYS BB 53 -111.47 29.68 -99.49
CA LYS BB 53 -110.68 29.35 -100.68
C LYS BB 53 -109.63 28.28 -100.49
N ILE BB 54 -110.04 27.06 -100.18
CA ILE BB 54 -109.10 25.97 -100.00
C ILE BB 54 -108.55 25.52 -101.35
N ASP BB 55 -109.26 25.87 -102.41
CA ASP BB 55 -108.83 25.51 -103.76
C ASP BB 55 -107.55 26.26 -104.10
N GLU BB 56 -107.25 27.28 -103.31
CA GLU BB 56 -106.04 28.08 -103.49
C GLU BB 56 -105.21 27.91 -102.22
N PRO BB 57 -104.53 26.76 -102.09
CA PRO BB 57 -103.70 26.49 -100.92
C PRO BB 57 -102.85 27.65 -100.42
N GLU BB 58 -102.05 28.27 -101.29
CA GLU BB 58 -101.19 29.37 -100.87
C GLU BB 58 -101.90 30.72 -100.91
N SER BB 59 -103.20 30.69 -101.16
CA SER BB 59 -104.02 31.89 -101.24
C SER BB 59 -103.68 33.01 -100.26
N GLY BB 60 -103.72 32.69 -98.98
CA GLY BB 60 -103.47 33.69 -97.98
C GLY BB 60 -104.81 33.92 -97.32
N GLU BB 61 -105.87 33.88 -98.11
CA GLU BB 61 -107.21 34.04 -97.60
C GLU BB 61 -107.42 32.78 -96.77
N PHE BB 62 -106.78 31.71 -97.24
CA PHE BB 62 -106.83 30.40 -96.63
C PHE BB 62 -105.74 30.25 -95.60
N LYS BB 63 -104.53 30.66 -95.94
CA LYS BB 63 -103.44 30.56 -94.96
C LYS BB 63 -103.90 31.24 -93.67
N SER BB 64 -104.37 32.48 -93.77
CA SER BB 64 -104.84 33.22 -92.60
C SER BB 64 -105.80 32.34 -91.82
N HIS BB 65 -106.70 31.66 -92.53
CA HIS BB 65 -107.65 30.77 -91.89
C HIS BB 65 -106.90 29.77 -91.03
N LEU BB 66 -106.04 28.96 -91.66
CA LEU BB 66 -105.26 27.97 -90.94
C LEU BB 66 -104.73 28.55 -89.63
N VAL BB 67 -104.15 29.73 -89.71
CA VAL BB 67 -103.63 30.40 -88.54
C VAL BB 67 -104.71 30.59 -87.50
N ARG BB 68 -105.85 31.13 -87.92
CA ARG BB 68 -106.96 31.34 -86.98
C ARG BB 68 -107.31 30.05 -86.25
N VAL BB 69 -107.28 28.93 -86.98
CA VAL BB 69 -107.58 27.64 -86.42
C VAL BB 69 -106.50 27.34 -85.42
N ALA BB 70 -105.26 27.43 -85.87
CA ALA BB 70 -104.11 27.19 -85.00
C ALA BB 70 -104.29 28.02 -83.73
N ASN BB 71 -104.30 29.34 -83.89
CA ASN BB 71 -104.49 30.25 -82.75
C ASN BB 71 -105.68 29.90 -81.88
N GLY BB 72 -106.76 29.43 -82.49
CA GLY BB 72 -107.93 29.08 -81.70
C GLY BB 72 -107.62 27.91 -80.79
N LEU BB 73 -106.74 27.03 -81.26
CA LEU BB 73 -106.33 25.85 -80.51
C LEU BB 73 -105.40 26.35 -79.45
N LYS BB 74 -104.46 27.20 -79.84
CA LYS BB 74 -103.50 27.80 -78.93
C LYS BB 74 -104.25 28.40 -77.76
N LEU BB 75 -105.26 29.20 -78.07
CA LEU BB 75 -106.08 29.86 -77.06
C LEU BB 75 -106.66 28.83 -76.08
N LEU BB 76 -107.09 27.69 -76.60
CA LEU BB 76 -107.66 26.65 -75.74
C LEU BB 76 -106.62 26.19 -74.75
N ILE BB 77 -105.56 25.59 -75.27
CA ILE BB 77 -104.47 25.07 -74.46
C ILE BB 77 -104.02 26.10 -73.44
N ASN BB 78 -103.78 27.32 -73.89
CA ASN BB 78 -103.36 28.39 -73.00
C ASN BB 78 -104.46 28.87 -72.05
N LEU BB 79 -105.48 28.03 -71.88
CA LEU BB 79 -106.58 28.36 -71.00
C LEU BB 79 -106.75 27.24 -69.99
N LEU BB 80 -106.08 26.12 -70.26
CA LEU BB 80 -106.16 24.93 -69.40
C LEU BB 80 -105.86 25.17 -67.92
N ASP BB 81 -105.33 26.34 -67.60
CA ASP BB 81 -105.03 26.64 -66.21
C ASP BB 81 -106.11 27.52 -65.64
N ASP BB 82 -107.01 28.03 -66.49
CA ASP BB 82 -108.10 28.87 -66.01
C ASP BB 82 -109.51 28.27 -66.20
N THR BB 83 -109.60 26.96 -66.03
CA THR BB 83 -110.83 26.19 -66.15
C THR BB 83 -112.10 26.95 -66.50
N LEU BB 84 -112.64 27.67 -65.53
CA LEU BB 84 -113.88 28.42 -65.72
C LEU BB 84 -114.01 29.20 -67.00
N VAL BB 85 -112.94 29.85 -67.42
CA VAL BB 85 -112.97 30.61 -68.67
C VAL BB 85 -112.94 29.65 -69.82
N LEU BB 86 -112.09 28.63 -69.71
CA LEU BB 86 -111.99 27.63 -70.74
C LEU BB 86 -113.35 27.04 -71.00
N GLN BB 87 -114.04 26.69 -69.93
CA GLN BB 87 -115.37 26.09 -70.01
C GLN BB 87 -116.35 26.95 -70.79
N SER BB 88 -116.17 28.27 -70.72
CA SER BB 88 -117.06 29.17 -71.43
C SER BB 88 -116.67 29.33 -72.89
N HIS BB 89 -115.43 29.74 -73.14
CA HIS BB 89 -114.96 29.90 -74.52
C HIS BB 89 -115.10 28.58 -75.23
N LEU BB 90 -115.02 27.49 -74.49
CA LEU BB 90 -115.13 26.19 -75.11
C LEU BB 90 -116.52 26.07 -75.67
N GLY BB 91 -117.50 26.66 -74.97
CA GLY BB 91 -118.87 26.63 -75.46
C GLY BB 91 -118.95 27.54 -76.68
N HIS BB 92 -118.53 28.77 -76.49
CA HIS BB 92 -118.53 29.76 -77.58
C HIS BB 92 -117.90 29.17 -78.85
N LEU BB 93 -116.90 28.31 -78.67
CA LEU BB 93 -116.21 27.70 -79.79
C LEU BB 93 -117.11 26.69 -80.46
N ALA BB 94 -118.06 26.15 -79.70
CA ALA BB 94 -118.99 25.18 -80.24
C ALA BB 94 -119.97 25.94 -81.11
N ASP BB 95 -120.63 26.92 -80.52
CA ASP BB 95 -121.61 27.73 -81.23
C ASP BB 95 -121.08 28.23 -82.57
N GLN BB 96 -119.80 28.54 -82.64
CA GLN BB 96 -119.22 29.03 -83.88
C GLN BB 96 -119.15 27.94 -84.92
N HIS BB 97 -119.36 26.70 -84.49
CA HIS BB 97 -119.31 25.59 -85.40
C HIS BB 97 -120.68 24.98 -85.63
N ILE BB 98 -121.62 25.28 -84.73
CA ILE BB 98 -122.97 24.76 -84.89
C ILE BB 98 -123.65 25.56 -85.98
N GLN BB 99 -123.36 26.86 -86.03
CA GLN BB 99 -123.94 27.71 -87.05
C GLN BB 99 -123.26 27.51 -88.41
N ARG BB 100 -122.25 26.66 -88.44
CA ARG BB 100 -121.55 26.36 -89.68
C ARG BB 100 -122.19 25.09 -90.22
N LYS BB 101 -123.18 25.28 -91.07
CA LYS BB 101 -123.91 24.17 -91.65
C LYS BB 101 -123.01 23.17 -92.38
N GLY BB 102 -123.10 21.90 -91.98
CA GLY BB 102 -122.30 20.88 -92.63
C GLY BB 102 -121.21 20.28 -91.77
N VAL BB 103 -121.04 20.82 -90.56
CA VAL BB 103 -120.01 20.32 -89.65
C VAL BB 103 -120.52 19.20 -88.77
N THR BB 104 -120.08 17.97 -89.04
CA THR BB 104 -120.51 16.80 -88.27
C THR BB 104 -119.74 16.56 -86.99
N LYS BB 105 -120.30 15.71 -86.13
CA LYS BB 105 -119.67 15.36 -84.88
C LYS BB 105 -118.48 14.51 -85.26
N GLU BB 106 -118.60 13.86 -86.41
CA GLU BB 106 -117.56 12.98 -86.92
C GLU BB 106 -116.32 13.73 -87.35
N TYR BB 107 -116.49 14.75 -88.19
CA TYR BB 107 -115.34 15.51 -88.68
C TYR BB 107 -114.40 15.87 -87.54
N PHE BB 108 -114.96 16.16 -86.37
CA PHE BB 108 -114.14 16.51 -85.23
C PHE BB 108 -113.33 15.31 -84.77
N ARG BB 109 -114.01 14.20 -84.52
CA ARG BB 109 -113.30 13.01 -84.09
C ARG BB 109 -112.23 12.73 -85.15
N GLY BB 110 -112.45 13.23 -86.36
CA GLY BB 110 -111.51 13.02 -87.43
C GLY BB 110 -110.28 13.88 -87.38
N ILE BB 111 -110.46 15.14 -87.02
CA ILE BB 111 -109.34 16.05 -86.93
C ILE BB 111 -108.53 15.69 -85.70
N GLY BB 112 -109.19 15.02 -84.77
CA GLY BB 112 -108.51 14.61 -83.55
C GLY BB 112 -107.48 13.57 -83.90
N GLU BB 113 -107.87 12.64 -84.76
CA GLU BB 113 -106.99 11.58 -85.22
C GLU BB 113 -105.85 12.27 -85.95
N ALA BB 114 -106.21 13.28 -86.75
CA ALA BB 114 -105.23 14.03 -87.51
C ALA BB 114 -104.04 14.44 -86.66
N PHE BB 115 -104.27 15.27 -85.65
CA PHE BB 115 -103.17 15.71 -84.80
C PHE BB 115 -102.38 14.55 -84.26
N ALA BB 116 -103.08 13.56 -83.74
CA ALA BB 116 -102.46 12.38 -83.17
C ALA BB 116 -101.55 11.64 -84.13
N ARG BB 117 -101.62 12.02 -85.40
CA ARG BB 117 -100.80 11.39 -86.43
C ARG BB 117 -99.73 12.37 -86.91
N VAL BB 118 -100.04 13.67 -86.86
CA VAL BB 118 -99.13 14.70 -87.30
C VAL BB 118 -98.14 15.11 -86.22
N LEU BB 119 -98.65 15.64 -85.12
CA LEU BB 119 -97.81 16.07 -84.04
C LEU BB 119 -96.64 15.14 -83.73
N PRO BB 120 -96.90 13.83 -83.56
CA PRO BB 120 -95.80 12.91 -83.26
C PRO BB 120 -94.67 12.92 -84.29
N GLN BB 121 -94.87 13.66 -85.38
CA GLN BB 121 -93.89 13.75 -86.44
C GLN BB 121 -93.17 15.09 -86.47
N VAL BB 122 -93.81 16.12 -85.95
CA VAL BB 122 -93.22 17.45 -85.96
C VAL BB 122 -92.36 17.72 -84.73
N LEU BB 123 -92.50 16.88 -83.71
CA LEU BB 123 -91.70 17.07 -82.52
C LEU BB 123 -91.53 15.73 -81.84
N SER BB 124 -90.44 15.60 -81.10
CA SER BB 124 -90.19 14.36 -80.40
C SER BB 124 -90.67 14.55 -78.96
N CYS BB 125 -90.76 13.44 -78.23
CA CYS BB 125 -91.21 13.49 -76.85
C CYS BB 125 -92.67 13.96 -76.82
N PHE BB 126 -93.51 13.30 -77.60
CA PHE BB 126 -94.90 13.65 -77.65
C PHE BB 126 -95.69 12.57 -76.90
N ASN BB 127 -96.35 12.97 -75.83
CA ASN BB 127 -97.12 12.02 -75.03
C ASN BB 127 -98.50 11.82 -75.67
N VAL BB 128 -98.51 11.19 -76.84
CA VAL BB 128 -99.73 10.95 -77.60
C VAL BB 128 -100.95 10.69 -76.73
N ASP BB 129 -100.82 9.84 -75.71
CA ASP BB 129 -101.94 9.53 -74.85
C ASP BB 129 -102.42 10.77 -74.12
N ALA BB 130 -101.53 11.42 -73.38
CA ALA BB 130 -101.88 12.62 -72.63
C ALA BB 130 -102.57 13.62 -73.54
N TRP BB 131 -101.99 13.83 -74.72
CA TRP BB 131 -102.59 14.75 -75.67
C TRP BB 131 -103.99 14.24 -75.94
N ASN BB 132 -104.08 13.05 -76.53
CA ASN BB 132 -105.36 12.45 -76.85
C ASN BB 132 -106.39 12.66 -75.74
N ARG BB 133 -106.03 12.33 -74.51
CA ARG BB 133 -106.98 12.50 -73.42
C ARG BB 133 -107.54 13.91 -73.35
N CYS BB 134 -106.70 14.91 -73.10
CA CYS BB 134 -107.20 16.27 -73.00
C CYS BB 134 -107.76 16.83 -74.26
N PHE BB 135 -107.37 16.31 -75.40
CA PHE BB 135 -107.91 16.83 -76.65
C PHE BB 135 -109.34 16.37 -76.77
N HIS BB 136 -109.60 15.14 -76.37
CA HIS BB 136 -110.94 14.60 -76.44
C HIS BB 136 -111.87 15.40 -75.55
N ARG BB 137 -111.46 15.67 -74.32
CA ARG BB 137 -112.30 16.43 -73.42
C ARG BB 137 -112.64 17.75 -74.10
N LEU BB 138 -111.68 18.35 -74.79
CA LEU BB 138 -111.92 19.62 -75.48
C LEU BB 138 -112.88 19.47 -76.64
N VAL BB 139 -112.66 18.45 -77.47
CA VAL BB 139 -113.53 18.20 -78.61
C VAL BB 139 -114.94 17.88 -78.20
N ALA BB 140 -115.11 16.91 -77.30
CA ALA BB 140 -116.42 16.50 -76.81
C ALA BB 140 -117.29 17.72 -76.55
N ARG BB 141 -116.82 18.63 -75.71
CA ARG BB 141 -117.59 19.83 -75.38
C ARG BB 141 -117.83 20.74 -76.59
N ILE BB 142 -116.92 20.75 -77.55
CA ILE BB 142 -117.10 21.60 -78.73
C ILE BB 142 -118.20 21.10 -79.66
N ALA BB 143 -118.08 19.78 -79.94
CA ALA BB 143 -118.90 19.02 -80.81
C ALA BB 143 -120.27 18.89 -80.23
N LYS BB 144 -120.32 18.68 -78.91
CA LYS BB 144 -121.48 18.13 -78.25
C LYS BB 144 -122.59 19.09 -78.44
N ASP BB 145 -122.24 20.37 -78.42
CA ASP BB 145 -123.20 21.42 -78.36
C ASP BB 145 -124.07 21.25 -79.54
N LEU BB 146 -123.43 21.04 -80.73
CA LEU BB 146 -124.12 21.08 -81.98
C LEU BB 146 -125.19 20.09 -81.87
N PRO BB 147 -125.01 18.94 -81.32
CA PRO BB 147 -126.22 18.19 -81.21
C PRO BB 147 -127.13 18.62 -80.08
N LYS CB 1 -80.77 4.20 -95.24
CA LYS CB 1 -81.95 4.33 -94.35
C LYS CB 1 -83.02 5.14 -95.01
N LYS CB 2 -83.46 6.24 -94.35
CA LYS CB 2 -84.52 7.00 -94.94
C LYS CB 2 -83.92 8.14 -95.68
N GLN CB 3 -84.81 8.89 -96.36
CA GLN CB 3 -84.38 10.01 -97.12
C GLN CB 3 -84.94 11.20 -96.48
N CYS CB 4 -84.49 12.34 -97.00
CA CYS CB 4 -84.81 13.60 -96.44
C CYS CB 4 -86.13 14.04 -96.93
N GLY CB 5 -86.66 15.04 -96.21
CA GLY CB 5 -87.94 15.60 -96.48
C GLY CB 5 -88.27 16.46 -95.31
N VAL CB 6 -89.46 17.10 -95.38
CA VAL CB 6 -89.70 18.35 -94.71
C VAL CB 6 -89.55 18.20 -93.22
N LEU CB 7 -90.31 17.27 -92.62
CA LEU CB 7 -90.30 17.16 -91.18
C LEU CB 7 -88.93 16.79 -90.63
N GLU CB 8 -88.42 15.63 -91.04
CA GLU CB 8 -87.11 15.17 -90.56
C GLU CB 8 -86.10 16.28 -90.65
N GLY CB 9 -86.35 17.22 -91.55
CA GLY CB 9 -85.45 18.35 -91.68
C GLY CB 9 -85.67 19.25 -90.50
N LEU CB 10 -86.89 19.74 -90.35
CA LEU CB 10 -87.21 20.60 -89.24
C LEU CB 10 -86.67 20.03 -87.95
N LYS CB 11 -86.75 18.72 -87.77
CA LYS CB 11 -86.26 18.14 -86.54
C LYS CB 11 -84.77 18.35 -86.41
N VAL CB 12 -84.02 17.90 -87.42
CA VAL CB 12 -82.58 18.06 -87.35
C VAL CB 12 -82.21 19.53 -87.22
N LYS CB 13 -82.83 20.36 -88.02
CA LYS CB 13 -82.54 21.80 -87.98
C LYS CB 13 -82.68 22.34 -86.58
N SER CB 14 -83.67 21.85 -85.86
CA SER CB 14 -83.94 22.30 -84.50
C SER CB 14 -82.92 21.72 -83.53
N GLU CB 15 -82.78 20.40 -83.54
CA GLU CB 15 -81.84 19.73 -82.67
C GLU CB 15 -80.42 20.24 -82.87
N TRP CB 16 -80.08 20.54 -84.11
CA TRP CB 16 -78.75 21.04 -84.41
C TRP CB 16 -78.59 22.33 -83.68
N GLY CB 17 -79.65 23.14 -83.65
CA GLY CB 17 -79.58 24.41 -82.95
C GLY CB 17 -79.07 24.25 -81.53
N ARG CB 18 -79.60 23.24 -80.84
CA ARG CB 18 -79.23 22.96 -79.47
C ARG CB 18 -77.81 22.39 -79.35
N ALA CB 19 -77.48 21.44 -80.19
CA ALA CB 19 -76.17 20.82 -80.15
C ALA CB 19 -75.04 21.77 -80.53
N TYR CB 20 -75.26 22.57 -81.58
CA TYR CB 20 -74.25 23.49 -82.04
C TYR CB 20 -73.91 24.45 -80.92
N GLY CB 21 -74.91 25.15 -80.41
CA GLY CB 21 -74.68 26.10 -79.34
C GLY CB 21 -73.77 27.25 -79.77
N SER CB 22 -73.05 27.84 -78.83
CA SER CB 22 -72.17 28.95 -79.15
C SER CB 22 -71.02 29.13 -78.16
N GLY CB 23 -70.15 30.10 -78.46
CA GLY CB 23 -69.03 30.38 -77.59
C GLY CB 23 -68.04 29.25 -77.46
N HIS CB 24 -67.80 28.80 -76.23
CA HIS CB 24 -66.87 27.72 -75.98
C HIS CB 24 -67.47 26.39 -76.34
N ASP CB 25 -68.74 26.19 -75.96
CA ASP CB 25 -69.41 24.94 -76.28
C ASP CB 25 -69.12 24.60 -77.72
N ARG CB 26 -69.13 25.62 -78.56
CA ARG CB 26 -68.86 25.45 -79.98
C ARG CB 26 -67.40 25.06 -80.21
N GLU CB 27 -66.48 25.90 -79.77
CA GLU CB 27 -65.07 25.62 -79.94
C GLU CB 27 -64.74 24.19 -79.52
N ALA CB 28 -65.55 23.60 -78.64
CA ALA CB 28 -65.32 22.24 -78.18
C ALA CB 28 -66.10 21.27 -79.06
N PHE CB 29 -67.39 21.54 -79.19
CA PHE CB 29 -68.26 20.73 -80.03
C PHE CB 29 -67.49 20.35 -81.28
N SER CB 30 -66.92 21.34 -81.94
CA SER CB 30 -66.15 21.09 -83.15
C SER CB 30 -64.93 20.24 -82.79
N GLN CB 31 -64.20 20.67 -81.78
CA GLN CB 31 -63.03 19.95 -81.32
C GLN CB 31 -63.35 18.46 -81.20
N ALA CB 32 -64.36 18.15 -80.38
CA ALA CB 32 -64.78 16.77 -80.15
C ALA CB 32 -65.02 16.05 -81.46
N ILE CB 33 -65.81 16.67 -82.32
CA ILE CB 33 -66.13 16.08 -83.61
C ILE CB 33 -64.90 15.69 -84.37
N TRP CB 34 -63.99 16.62 -84.57
CA TRP CB 34 -62.79 16.31 -85.31
C TRP CB 34 -61.96 15.20 -84.68
N ARG CB 35 -61.81 15.24 -83.36
CA ARG CB 35 -61.04 14.21 -82.68
C ARG CB 35 -61.66 12.87 -82.99
N ALA CB 36 -62.98 12.81 -83.00
CA ALA CB 36 -63.69 11.57 -83.29
C ALA CB 36 -63.47 11.16 -84.74
N THR CB 37 -63.41 12.15 -85.63
CA THR CB 37 -63.18 11.86 -87.02
C THR CB 37 -61.78 11.28 -87.24
N PHE CB 38 -60.77 12.04 -86.86
CA PHE CB 38 -59.40 11.61 -87.02
C PHE CB 38 -59.10 10.28 -86.33
N ALA CB 39 -59.76 10.04 -85.21
CA ALA CB 39 -59.54 8.81 -84.47
C ALA CB 39 -59.97 7.64 -85.32
N GLN CB 40 -61.02 7.86 -86.12
CA GLN CB 40 -61.54 6.82 -86.99
C GLN CB 40 -60.63 6.56 -88.19
N VAL CB 41 -60.27 7.63 -88.89
CA VAL CB 41 -59.43 7.52 -90.05
C VAL CB 41 -58.19 8.40 -89.95
N PRO CB 42 -57.20 7.98 -89.16
CA PRO CB 42 -55.98 8.78 -89.02
C PRO CB 42 -55.36 9.15 -90.38
N GLU CB 43 -55.65 8.35 -91.39
CA GLU CB 43 -55.14 8.61 -92.72
C GLU CB 43 -55.46 10.03 -93.17
N SER CB 44 -56.67 10.48 -92.87
CA SER CB 44 -57.15 11.80 -93.28
C SER CB 44 -56.42 12.99 -92.74
N ARG CB 45 -55.64 12.81 -91.67
CA ARG CB 45 -54.92 13.94 -91.12
C ARG CB 45 -54.07 14.61 -92.20
N SER CB 46 -53.57 13.82 -93.13
CA SER CB 46 -52.72 14.33 -94.20
C SER CB 46 -53.33 15.43 -95.07
N LEU CB 47 -54.66 15.44 -95.17
CA LEU CB 47 -55.32 16.45 -95.99
C LEU CB 47 -55.31 17.84 -95.36
N PHE CB 48 -55.31 17.88 -94.04
CA PHE CB 48 -55.35 19.15 -93.33
C PHE CB 48 -53.97 19.53 -92.85
N LYS CB 49 -52.97 19.14 -93.62
CA LYS CB 49 -51.60 19.43 -93.25
C LYS CB 49 -51.44 20.94 -93.35
N ARG CB 50 -52.23 21.55 -94.23
CA ARG CB 50 -52.14 22.99 -94.46
C ARG CB 50 -52.61 23.82 -93.29
N VAL CB 51 -53.57 23.28 -92.55
CA VAL CB 51 -54.14 23.98 -91.41
C VAL CB 51 -53.86 23.22 -90.13
N HIS CB 52 -52.59 22.94 -89.89
CA HIS CB 52 -52.14 22.22 -88.70
C HIS CB 52 -53.07 21.10 -88.26
N GLY CB 53 -53.20 20.08 -89.10
CA GLY CB 53 -54.04 18.96 -88.77
C GLY CB 53 -53.32 18.05 -87.81
N ASP CB 54 -52.01 18.25 -87.68
CA ASP CB 54 -51.22 17.44 -86.78
C ASP CB 54 -51.63 17.66 -85.32
N ASP CB 55 -51.93 18.91 -84.97
CA ASP CB 55 -52.34 19.27 -83.61
C ASP CB 55 -53.73 19.88 -83.60
N THR CB 56 -54.72 19.05 -83.31
CA THR CB 56 -56.13 19.46 -83.28
C THR CB 56 -56.39 20.70 -82.41
N SER CB 57 -55.49 20.98 -81.48
CA SER CB 57 -55.65 22.12 -80.58
C SER CB 57 -54.94 23.40 -81.03
N HIS CB 58 -54.34 23.37 -82.20
CA HIS CB 58 -53.64 24.55 -82.71
C HIS CB 58 -54.64 25.54 -83.23
N PRO CB 59 -54.48 26.82 -82.88
CA PRO CB 59 -55.42 27.86 -83.34
C PRO CB 59 -55.82 27.74 -84.80
N ALA CB 60 -54.84 27.54 -85.67
CA ALA CB 60 -55.10 27.42 -87.10
C ALA CB 60 -56.20 26.41 -87.33
N PHE CB 61 -56.06 25.23 -86.74
CA PHE CB 61 -57.02 24.16 -86.88
C PHE CB 61 -58.31 24.50 -86.16
N ILE CB 62 -58.21 25.12 -84.99
CA ILE CB 62 -59.38 25.51 -84.22
C ILE CB 62 -60.26 26.33 -85.14
N ALA CB 63 -59.62 27.27 -85.82
CA ALA CB 63 -60.30 28.14 -86.77
C ALA CB 63 -60.94 27.24 -87.81
N HIS CB 64 -60.11 26.48 -88.51
CA HIS CB 64 -60.60 25.56 -89.52
C HIS CB 64 -61.85 24.83 -89.06
N ALA CB 65 -61.76 24.13 -87.94
CA ALA CB 65 -62.90 23.40 -87.41
C ALA CB 65 -64.12 24.29 -87.29
N ASP CB 66 -64.01 25.32 -86.45
CA ASP CB 66 -65.10 26.26 -86.23
C ASP CB 66 -65.62 26.76 -87.59
N ARG CB 67 -64.73 26.79 -88.57
CA ARG CB 67 -65.06 27.28 -89.91
C ARG CB 67 -65.85 26.26 -90.69
N VAL CB 68 -65.55 24.99 -90.47
CA VAL CB 68 -66.20 23.89 -91.15
C VAL CB 68 -67.62 23.79 -90.66
N LEU CB 69 -67.78 23.66 -89.36
CA LEU CB 69 -69.10 23.56 -88.77
C LEU CB 69 -69.93 24.69 -89.36
N GLY CB 70 -69.30 25.84 -89.52
CA GLY CB 70 -69.99 26.99 -90.08
C GLY CB 70 -70.80 26.63 -91.32
N GLY CB 71 -70.13 26.01 -92.29
CA GLY CB 71 -70.81 25.61 -93.49
C GLY CB 71 -71.93 24.63 -93.14
N LEU CB 72 -71.59 23.58 -92.40
CA LEU CB 72 -72.58 22.60 -92.01
C LEU CB 72 -73.80 23.32 -91.45
N ASP CB 73 -73.56 24.43 -90.75
CA ASP CB 73 -74.67 25.21 -90.18
C ASP CB 73 -75.52 25.68 -91.34
N ILE CB 74 -74.95 26.51 -92.20
CA ILE CB 74 -75.69 27.00 -93.36
C ILE CB 74 -76.48 25.87 -94.01
N ALA CB 75 -75.83 24.73 -94.23
CA ALA CB 75 -76.49 23.60 -94.86
C ALA CB 75 -77.74 23.23 -94.09
N ILE CB 76 -77.55 22.69 -92.90
CA ILE CB 76 -78.67 22.31 -92.06
C ILE CB 76 -79.70 23.44 -91.94
N SER CB 77 -79.23 24.65 -91.62
CA SER CB 77 -80.09 25.75 -91.33
C SER CB 77 -80.93 25.95 -92.53
N THR CB 78 -80.28 26.11 -93.71
CA THR CB 78 -80.94 26.46 -94.94
C THR CB 78 -81.78 25.32 -95.41
N LEU CB 79 -81.51 24.10 -94.90
CA LEU CB 79 -81.97 22.86 -95.48
C LEU CB 79 -83.43 22.98 -95.72
N ASP CB 80 -84.11 23.52 -94.71
CA ASP CB 80 -85.51 23.43 -94.57
C ASP CB 80 -86.13 24.05 -95.79
N GLN CB 81 -85.58 25.20 -96.27
CA GLN CB 81 -86.21 25.78 -97.42
C GLN CB 81 -85.44 25.37 -98.64
N PRO CB 82 -86.07 24.56 -99.46
CA PRO CB 82 -85.49 23.95 -100.66
C PRO CB 82 -84.85 24.96 -101.59
N ALA CB 83 -85.56 26.07 -101.81
CA ALA CB 83 -85.09 27.13 -102.69
C ALA CB 83 -83.65 27.53 -102.35
N THR CB 84 -83.47 28.00 -101.13
CA THR CB 84 -82.18 28.45 -100.64
C THR CB 84 -81.17 27.33 -100.53
N LEU CB 85 -81.53 26.28 -99.78
CA LEU CB 85 -80.64 25.13 -99.62
C LEU CB 85 -80.02 24.77 -100.97
N LYS CB 86 -80.90 24.56 -101.95
CA LYS CB 86 -80.48 24.24 -103.29
C LYS CB 86 -79.25 25.06 -103.62
N GLU CB 87 -79.36 26.37 -103.46
CA GLU CB 87 -78.26 27.29 -103.78
C GLU CB 87 -76.99 26.98 -102.99
N GLU CB 88 -77.08 26.97 -101.67
CA GLU CB 88 -75.91 26.68 -100.85
C GLU CB 88 -75.25 25.38 -101.29
N LEU CB 89 -76.02 24.32 -101.40
CA LEU CB 89 -75.46 23.05 -101.82
C LEU CB 89 -74.74 23.24 -103.14
N ASP CB 90 -75.41 23.84 -104.11
CA ASP CB 90 -74.80 24.07 -105.43
C ASP CB 90 -73.49 24.82 -105.28
N HIS CB 91 -73.50 25.86 -104.44
CA HIS CB 91 -72.30 26.64 -104.20
C HIS CB 91 -71.18 25.69 -103.74
N LEU CB 92 -71.48 24.87 -102.75
CA LEU CB 92 -70.50 23.93 -102.24
C LEU CB 92 -70.05 23.03 -103.36
N GLN CB 93 -71.01 22.43 -104.03
CA GLN CB 93 -70.74 21.52 -105.12
C GLN CB 93 -69.56 22.01 -105.94
N VAL CB 94 -69.56 23.30 -106.24
CA VAL CB 94 -68.49 23.90 -107.02
C VAL CB 94 -67.15 23.87 -106.31
N GLN CB 95 -67.10 24.37 -105.09
CA GLN CB 95 -65.87 24.41 -104.34
C GLN CB 95 -65.26 23.03 -104.21
N HIS CB 96 -66.04 22.01 -104.55
CA HIS CB 96 -65.54 20.64 -104.44
C HIS CB 96 -65.25 19.91 -105.76
N GLU CB 97 -66.08 20.10 -106.81
CA GLU CB 97 -65.90 19.32 -107.99
C GLU CB 97 -64.56 19.66 -108.58
N GLY CB 98 -63.93 18.65 -109.21
CA GLY CB 98 -62.58 18.78 -109.69
C GLY CB 98 -61.72 18.28 -108.60
N ARG CB 99 -62.27 18.23 -107.38
CA ARG CB 99 -61.64 17.46 -106.33
C ARG CB 99 -62.41 16.19 -106.30
N LYS CB 100 -61.70 15.04 -106.15
CA LYS CB 100 -62.32 13.77 -105.87
C LYS CB 100 -62.21 13.56 -104.39
N ILE CB 101 -63.28 13.01 -103.78
CA ILE CB 101 -63.24 12.87 -102.35
C ILE CB 101 -63.67 11.49 -102.03
N PRO CB 102 -62.87 10.90 -101.22
CA PRO CB 102 -63.07 9.55 -100.80
C PRO CB 102 -64.36 9.61 -100.07
N ASP CB 103 -65.23 8.60 -100.27
CA ASP CB 103 -66.51 8.55 -99.57
C ASP CB 103 -66.28 7.91 -98.21
N ASN CB 104 -65.10 7.32 -98.06
CA ASN CB 104 -64.69 6.68 -96.81
C ASN CB 104 -64.62 7.71 -95.66
N TYR CB 105 -63.94 8.84 -95.90
CA TYR CB 105 -63.81 9.89 -94.90
C TYR CB 105 -65.15 10.52 -94.54
N PHE CB 106 -65.89 11.00 -95.52
CA PHE CB 106 -67.19 11.60 -95.24
C PHE CB 106 -67.97 10.73 -94.31
N ASP CB 107 -67.92 9.42 -94.52
CA ASP CB 107 -68.64 8.47 -93.69
C ASP CB 107 -68.23 8.65 -92.23
N ALA CB 108 -66.93 8.63 -91.98
CA ALA CB 108 -66.40 8.79 -90.63
C ALA CB 108 -66.82 10.13 -90.01
N PHE CB 109 -66.65 11.21 -90.77
CA PHE CB 109 -67.01 12.52 -90.30
C PHE CB 109 -68.47 12.57 -89.91
N LYS CB 110 -69.33 11.87 -90.64
CA LYS CB 110 -70.76 11.85 -90.30
C LYS CB 110 -70.88 11.18 -88.95
N THR CB 111 -70.31 9.98 -88.86
CA THR CB 111 -70.35 9.21 -87.63
C THR CB 111 -69.92 10.12 -86.50
N ALA CB 112 -68.77 10.76 -86.69
CA ALA CB 112 -68.27 11.66 -85.67
C ALA CB 112 -69.38 12.60 -85.22
N ILE CB 113 -69.84 13.44 -86.15
CA ILE CB 113 -70.92 14.39 -85.86
C ILE CB 113 -72.02 13.72 -85.06
N LEU CB 114 -72.58 12.65 -85.60
CA LEU CB 114 -73.65 11.95 -84.91
C LEU CB 114 -73.32 11.58 -83.47
N HIS CB 115 -72.19 10.91 -83.24
CA HIS CB 115 -71.83 10.55 -81.89
C HIS CB 115 -71.71 11.75 -80.97
N VAL CB 116 -71.05 12.81 -81.43
CA VAL CB 116 -70.90 13.99 -80.59
C VAL CB 116 -72.25 14.60 -80.32
N VAL CB 117 -73.01 14.89 -81.37
CA VAL CB 117 -74.35 15.48 -81.21
C VAL CB 117 -75.17 14.68 -80.19
N ALA CB 118 -75.17 13.36 -80.29
CA ALA CB 118 -75.91 12.51 -79.36
C ALA CB 118 -75.39 12.73 -77.94
N ALA CB 119 -74.09 12.85 -77.80
CA ALA CB 119 -73.50 13.05 -76.50
C ALA CB 119 -73.96 14.40 -75.97
N GLN CB 120 -74.05 15.39 -76.84
CA GLN CB 120 -74.45 16.74 -76.44
C GLN CB 120 -75.92 16.93 -76.15
N LEU CB 121 -76.79 16.25 -76.89
CA LEU CB 121 -78.22 16.42 -76.68
C LEU CB 121 -78.82 15.54 -75.60
N GLY CB 122 -78.03 14.62 -75.08
CA GLY CB 122 -78.54 13.76 -74.02
C GLY CB 122 -79.61 12.77 -74.46
N ARG CB 123 -80.86 13.18 -74.37
CA ARG CB 123 -81.99 12.29 -74.69
C ARG CB 123 -82.86 12.62 -75.91
N CYS CB 124 -83.15 13.89 -76.11
CA CYS CB 124 -84.00 14.28 -77.23
C CYS CB 124 -83.17 14.42 -78.50
N TYR CB 125 -83.11 13.33 -79.26
CA TYR CB 125 -82.35 13.27 -80.50
C TYR CB 125 -82.70 12.04 -81.32
N ASP CB 126 -83.19 12.28 -82.54
CA ASP CB 126 -83.57 11.21 -83.44
C ASP CB 126 -82.36 10.87 -84.30
N ARG CB 127 -81.85 9.64 -84.17
CA ARG CB 127 -80.69 9.24 -84.94
C ARG CB 127 -80.97 9.16 -86.44
N GLU CB 128 -81.89 8.28 -86.82
CA GLU CB 128 -82.26 8.12 -88.23
C GLU CB 128 -82.34 9.45 -88.96
N ALA CB 129 -83.10 10.38 -88.39
CA ALA CB 129 -83.29 11.70 -88.96
C ALA CB 129 -81.98 12.40 -89.29
N TRP CB 130 -81.10 12.52 -88.31
CA TRP CB 130 -79.83 13.16 -88.56
C TRP CB 130 -79.10 12.40 -89.65
N ASP CB 131 -78.96 11.09 -89.45
CA ASP CB 131 -78.27 10.28 -90.43
C ASP CB 131 -78.75 10.68 -91.82
N ALA CB 132 -80.07 10.62 -92.01
CA ALA CB 132 -80.67 10.94 -93.30
C ALA CB 132 -80.26 12.30 -93.84
N CYS CB 133 -80.36 13.32 -93.01
CA CYS CB 133 -80.00 14.67 -93.45
C CYS CB 133 -78.52 14.94 -93.60
N ILE CB 134 -77.70 14.51 -92.65
CA ILE CB 134 -76.28 14.72 -92.77
C ILE CB 134 -75.90 14.10 -94.08
N ASP CB 135 -76.53 12.99 -94.40
CA ASP CB 135 -76.27 12.29 -95.63
C ASP CB 135 -76.60 13.21 -96.78
N HIS CB 136 -77.87 13.60 -96.90
CA HIS CB 136 -78.29 14.48 -97.97
C HIS CB 136 -77.35 15.67 -98.14
N ILE CB 137 -76.86 16.21 -97.01
CA ILE CB 137 -75.95 17.34 -97.08
C ILE CB 137 -74.61 16.92 -97.64
N GLU CB 138 -74.11 15.77 -97.21
CA GLU CB 138 -72.83 15.27 -97.72
C GLU CB 138 -72.92 14.95 -99.19
N ASP CB 139 -74.01 14.31 -99.61
CA ASP CB 139 -74.17 13.98 -101.01
C ASP CB 139 -74.01 15.24 -101.83
N GLY CB 140 -74.67 16.31 -101.38
CA GLY CB 140 -74.57 17.58 -102.07
C GLY CB 140 -73.17 18.15 -102.18
N ILE CB 141 -72.24 17.60 -101.40
CA ILE CB 141 -70.87 18.09 -101.42
C ILE CB 141 -69.97 17.18 -102.23
N LYS CB 142 -70.32 15.91 -102.31
CA LYS CB 142 -69.52 14.96 -103.07
C LYS CB 142 -70.00 14.94 -104.53
N GLY CB 143 -71.34 15.01 -104.63
CA GLY CB 143 -71.95 15.66 -105.75
C GLY CB 143 -72.07 14.62 -106.77
N HIS CB 144 -71.41 13.49 -106.48
CA HIS CB 144 -71.48 12.49 -107.43
C HIS CB 144 -71.93 11.28 -106.73
N HIS CB 145 -72.32 10.34 -107.57
CA HIS CB 145 -73.07 9.23 -107.18
C HIS CB 145 -72.02 8.20 -107.45
N HIS DB 1 -58.45 51.23 -78.43
CA HIS DB 1 -57.70 50.30 -79.32
C HIS DB 1 -57.33 49.11 -78.50
N GLU DB 2 -56.14 49.17 -77.86
CA GLU DB 2 -55.66 48.02 -77.16
C GLU DB 2 -56.67 47.75 -76.09
N HIS DB 3 -57.09 48.84 -75.44
CA HIS DB 3 -57.96 48.85 -74.31
C HIS DB 3 -59.19 48.18 -74.79
N CYS DB 4 -59.68 48.68 -75.94
CA CYS DB 4 -61.00 48.39 -76.41
C CYS DB 4 -61.08 47.03 -76.99
N CYS DB 5 -62.33 46.54 -77.18
CA CYS DB 5 -62.69 45.15 -77.24
C CYS DB 5 -62.09 44.45 -76.07
N SER DB 6 -62.29 45.00 -74.88
CA SER DB 6 -61.91 44.34 -73.67
C SER DB 6 -62.82 43.15 -73.55
N GLU DB 7 -62.52 42.29 -72.56
CA GLU DB 7 -63.31 41.17 -72.13
C GLU DB 7 -64.75 41.59 -71.85
N GLU DB 8 -64.94 42.60 -70.99
CA GLU DB 8 -66.30 43.05 -70.69
C GLU DB 8 -66.94 43.48 -72.01
N ASP DB 9 -66.22 44.32 -72.75
CA ASP DB 9 -66.71 44.82 -74.01
C ASP DB 9 -67.38 43.73 -74.84
N HIS DB 10 -66.60 42.75 -75.27
CA HIS DB 10 -67.18 41.69 -76.08
C HIS DB 10 -68.10 40.77 -75.32
N ARG DB 11 -67.84 40.57 -74.04
CA ARG DB 11 -68.74 39.72 -73.27
C ARG DB 11 -70.13 40.32 -73.53
N ILE DB 12 -70.17 41.64 -73.58
CA ILE DB 12 -71.43 42.35 -73.81
C ILE DB 12 -71.91 42.08 -75.21
N VAL DB 13 -71.08 42.40 -76.18
CA VAL DB 13 -71.44 42.20 -77.56
C VAL DB 13 -72.04 40.81 -77.69
N GLN DB 14 -71.28 39.80 -77.28
CA GLN DB 14 -71.75 38.43 -77.39
C GLN DB 14 -73.14 38.25 -76.84
N LYS DB 15 -73.36 38.75 -75.62
CA LYS DB 15 -74.66 38.59 -74.98
C LYS DB 15 -75.76 39.22 -75.82
N GLN DB 16 -75.52 40.44 -76.28
CA GLN DB 16 -76.51 41.18 -77.05
C GLN DB 16 -76.78 40.59 -78.42
N TRP DB 17 -75.75 40.01 -79.02
CA TRP DB 17 -75.88 39.42 -80.34
C TRP DB 17 -76.70 38.14 -80.26
N ASP DB 18 -76.79 37.59 -79.05
CA ASP DB 18 -77.55 36.37 -78.86
C ASP DB 18 -79.06 36.61 -78.77
N ILE DB 19 -79.45 37.80 -78.34
CA ILE DB 19 -80.86 38.13 -78.21
C ILE DB 19 -81.52 37.77 -79.52
N LEU DB 20 -80.75 37.82 -80.60
CA LEU DB 20 -81.26 37.52 -81.91
C LEU DB 20 -81.67 36.08 -82.19
N TRP DB 21 -80.76 35.15 -81.94
CA TRP DB 21 -81.00 33.74 -82.22
C TRP DB 21 -81.80 32.95 -81.19
N ARG DB 22 -82.76 33.61 -80.53
CA ARG DB 22 -83.57 32.92 -79.54
C ARG DB 22 -84.56 31.98 -80.23
N ASP DB 23 -85.10 32.40 -81.38
CA ASP DB 23 -86.06 31.56 -82.10
C ASP DB 23 -85.40 30.75 -83.23
N THR DB 24 -85.89 29.52 -83.40
CA THR DB 24 -85.36 28.59 -84.38
C THR DB 24 -85.29 29.09 -85.83
N GLU DB 25 -86.08 30.10 -86.17
CA GLU DB 25 -86.05 30.58 -87.54
C GLU DB 25 -84.93 31.59 -87.80
N SER DB 26 -83.73 31.23 -87.37
CA SER DB 26 -82.56 32.07 -87.55
C SER DB 26 -82.33 32.41 -89.02
N SER DB 27 -82.52 31.41 -89.89
CA SER DB 27 -82.35 31.59 -91.32
C SER DB 27 -83.11 32.81 -91.83
N LYS DB 28 -84.42 32.81 -91.59
CA LYS DB 28 -85.27 33.90 -92.03
C LYS DB 28 -84.69 35.25 -91.57
N ILE DB 29 -84.20 35.29 -90.34
CA ILE DB 29 -83.62 36.51 -89.79
C ILE DB 29 -82.28 36.81 -90.45
N LYS DB 30 -81.28 35.98 -90.17
CA LYS DB 30 -79.96 36.18 -90.75
C LYS DB 30 -80.06 36.65 -92.19
N ILE DB 31 -80.85 35.95 -92.98
CA ILE DB 31 -81.03 36.33 -94.39
C ILE DB 31 -81.57 37.75 -94.50
N GLY DB 32 -82.81 37.93 -94.06
CA GLY DB 32 -83.42 39.25 -94.12
C GLY DB 32 -82.48 40.34 -93.67
N PHE DB 33 -81.86 40.14 -92.51
CA PHE DB 33 -80.94 41.12 -91.96
C PHE DB 33 -79.72 41.31 -92.86
N GLY DB 34 -79.04 40.21 -93.17
CA GLY DB 34 -77.86 40.29 -94.00
C GLY DB 34 -78.22 40.85 -95.37
N ARG DB 35 -79.40 40.49 -95.85
CA ARG DB 35 -79.88 40.95 -97.13
C ARG DB 35 -79.91 42.47 -97.08
N LEU DB 36 -80.67 42.99 -96.14
CA LEU DB 36 -80.80 44.43 -95.96
C LEU DB 36 -79.44 45.09 -95.82
N LEU DB 37 -78.59 44.56 -94.95
CA LEU DB 37 -77.24 45.13 -94.75
C LEU DB 37 -76.45 45.31 -96.03
N LEU DB 38 -76.43 44.29 -96.87
CA LEU DB 38 -75.71 44.40 -98.13
C LEU DB 38 -76.43 45.37 -99.07
N THR DB 39 -77.75 45.28 -99.16
CA THR DB 39 -78.53 46.18 -100.01
C THR DB 39 -78.18 47.61 -99.68
N LYS DB 40 -78.39 48.00 -98.43
CA LYS DB 40 -78.11 49.35 -97.96
C LYS DB 40 -76.67 49.74 -98.24
N LEU DB 41 -75.83 48.77 -98.54
CA LEU DB 41 -74.45 49.10 -98.84
C LEU DB 41 -74.42 49.50 -100.29
N ALA DB 42 -74.98 48.66 -101.16
CA ALA DB 42 -75.02 48.94 -102.60
C ALA DB 42 -75.75 50.25 -102.87
N LYS DB 43 -76.64 50.60 -101.95
CA LYS DB 43 -77.41 51.83 -102.05
C LYS DB 43 -76.48 53.04 -101.96
N ASP DB 44 -75.64 53.05 -100.93
CA ASP DB 44 -74.70 54.16 -100.72
C ASP DB 44 -73.45 54.09 -101.58
N ILE DB 45 -73.10 52.91 -102.08
CA ILE DB 45 -71.93 52.74 -102.94
C ILE DB 45 -72.24 51.67 -103.95
N PRO DB 46 -72.66 52.06 -105.16
CA PRO DB 46 -73.02 51.18 -106.28
C PRO DB 46 -71.92 50.31 -106.87
N GLU DB 47 -70.69 50.81 -106.89
CA GLU DB 47 -69.61 50.02 -107.47
C GLU DB 47 -69.58 48.67 -106.80
N VAL DB 48 -70.43 48.51 -105.77
CA VAL DB 48 -70.54 47.27 -105.03
C VAL DB 48 -71.41 46.30 -105.80
N ASN DB 49 -72.50 46.79 -106.34
CA ASN DB 49 -73.41 45.96 -107.10
C ASN DB 49 -72.69 45.03 -108.06
N ASP DB 50 -71.58 45.51 -108.63
CA ASP DB 50 -70.82 44.70 -109.58
C ASP DB 50 -70.03 43.59 -108.91
N LEU DB 51 -69.65 43.81 -107.65
CA LEU DB 51 -68.89 42.84 -106.91
C LEU DB 51 -69.75 41.66 -106.52
N PHE DB 52 -70.96 41.97 -106.05
CA PHE DB 52 -71.92 40.97 -105.64
C PHE DB 52 -72.73 40.46 -106.82
N LYS DB 53 -72.29 40.83 -108.02
CA LYS DB 53 -72.96 40.42 -109.24
C LYS DB 53 -72.93 38.90 -109.32
N ARG DB 54 -71.77 38.36 -109.01
CA ARG DB 54 -71.52 36.92 -109.02
C ARG DB 54 -72.55 36.11 -108.23
N VAL DB 55 -73.10 36.73 -107.18
CA VAL DB 55 -74.08 36.05 -106.33
C VAL DB 55 -75.50 36.54 -106.59
N ASP DB 56 -75.73 37.06 -107.80
CA ASP DB 56 -77.06 37.54 -108.18
C ASP DB 56 -77.67 38.47 -107.15
N ILE DB 57 -76.94 39.53 -106.80
CA ILE DB 57 -77.43 40.50 -105.83
C ILE DB 57 -78.61 41.23 -106.45
N GLU DB 58 -78.71 41.14 -107.77
CA GLU DB 58 -79.78 41.77 -108.49
C GLU DB 58 -81.11 41.24 -107.95
N HIS DB 59 -81.15 39.97 -107.57
CA HIS DB 59 -82.36 39.37 -107.01
C HIS DB 59 -82.17 39.16 -105.52
N ALA DB 60 -82.45 40.20 -104.75
CA ALA DB 60 -82.29 40.15 -103.31
C ALA DB 60 -82.88 38.89 -102.68
N GLU DB 61 -84.09 38.52 -103.08
CA GLU DB 61 -84.78 37.35 -102.54
C GLU DB 61 -84.37 36.06 -103.25
N GLY DB 62 -83.57 36.22 -104.30
CA GLY DB 62 -83.11 35.07 -105.06
C GLY DB 62 -82.23 34.18 -104.23
N PRO DB 63 -82.50 32.88 -104.19
CA PRO DB 63 -81.68 31.96 -103.40
C PRO DB 63 -80.20 32.23 -103.54
N LYS DB 64 -79.75 32.46 -104.78
CA LYS DB 64 -78.34 32.72 -105.04
C LYS DB 64 -77.79 33.71 -104.02
N PHE DB 65 -78.50 34.82 -103.85
CA PHE DB 65 -78.09 35.86 -102.91
C PHE DB 65 -78.44 35.51 -101.47
N SER DB 66 -79.64 34.98 -101.24
CA SER DB 66 -80.04 34.60 -99.90
C SER DB 66 -78.96 33.72 -99.26
N ALA DB 67 -78.44 32.78 -100.04
CA ALA DB 67 -77.40 31.91 -99.52
C ALA DB 67 -76.28 32.81 -99.07
N HIS DB 68 -75.81 33.64 -99.98
CA HIS DB 68 -74.71 34.56 -99.69
C HIS DB 68 -74.99 35.34 -98.42
N ALA DB 69 -76.18 35.94 -98.35
CA ALA DB 69 -76.58 36.72 -97.20
C ALA DB 69 -76.20 35.94 -95.95
N LEU DB 70 -76.46 34.65 -95.96
CA LEU DB 70 -76.13 33.82 -94.81
C LEU DB 70 -74.63 33.78 -94.63
N ARG DB 71 -73.93 33.22 -95.61
CA ARG DB 71 -72.49 33.10 -95.55
C ARG DB 71 -71.84 34.29 -94.88
N ILE DB 72 -72.12 35.49 -95.36
CA ILE DB 72 -71.52 36.68 -94.77
C ILE DB 72 -71.99 36.91 -93.33
N LEU DB 73 -73.29 37.12 -93.19
CA LEU DB 73 -73.88 37.34 -91.89
C LEU DB 73 -73.38 36.25 -90.92
N ASN DB 74 -73.30 35.02 -91.41
CA ASN DB 74 -72.84 33.91 -90.59
C ASN DB 74 -71.35 34.01 -90.26
N GLY DB 75 -70.60 34.69 -91.13
CA GLY DB 75 -69.19 34.87 -90.91
C GLY DB 75 -69.03 35.83 -89.78
N LEU DB 76 -69.84 36.88 -89.80
CA LEU DB 76 -69.82 37.87 -88.73
C LEU DB 76 -70.07 37.14 -87.41
N ASP DB 77 -70.96 36.14 -87.45
CA ASP DB 77 -71.28 35.35 -86.27
C ASP DB 77 -69.97 34.75 -85.79
N LEU DB 78 -69.34 33.95 -86.65
CA LEU DB 78 -68.07 33.33 -86.32
C LEU DB 78 -67.14 34.32 -85.63
N ALA DB 79 -66.96 35.47 -86.24
CA ALA DB 79 -66.08 36.50 -85.68
C ALA DB 79 -66.47 36.77 -84.24
N ILE DB 80 -67.72 37.17 -84.05
CA ILE DB 80 -68.23 37.48 -82.71
C ILE DB 80 -68.03 36.31 -81.76
N ASN DB 81 -68.42 35.10 -82.17
CA ASN DB 81 -68.29 33.94 -81.29
C ASN DB 81 -66.88 33.51 -80.97
N LEU DB 82 -65.90 34.11 -81.61
CA LEU DB 82 -64.52 33.76 -81.34
C LEU DB 82 -63.85 34.91 -80.64
N LEU DB 83 -64.63 35.94 -80.29
CA LEU DB 83 -64.07 37.11 -79.61
C LEU DB 83 -63.35 36.73 -78.33
N ASP DB 84 -63.73 35.62 -77.71
CA ASP DB 84 -63.09 35.21 -76.49
C ASP DB 84 -62.06 34.13 -76.75
N ASP DB 85 -61.05 34.45 -77.57
CA ASP DB 85 -59.95 33.55 -77.95
C ASP DB 85 -59.20 34.25 -79.06
N PRO DB 86 -58.59 35.40 -78.75
CA PRO DB 86 -57.83 36.20 -79.71
C PRO DB 86 -57.05 35.46 -80.79
N PRO DB 87 -56.21 34.46 -80.42
CA PRO DB 87 -55.45 33.73 -81.42
C PRO DB 87 -56.31 33.08 -82.47
N ALA DB 88 -57.39 32.43 -82.03
CA ALA DB 88 -58.34 31.77 -82.93
C ALA DB 88 -59.05 32.82 -83.77
N LEU DB 89 -59.66 33.78 -83.11
CA LEU DB 89 -60.34 34.85 -83.81
C LEU DB 89 -59.41 35.44 -84.84
N ASP DB 90 -58.18 35.72 -84.44
CA ASP DB 90 -57.19 36.28 -85.34
C ASP DB 90 -57.16 35.42 -86.57
N ALA DB 91 -56.73 34.18 -86.42
CA ALA DB 91 -56.66 33.25 -87.54
C ALA DB 91 -57.94 33.26 -88.38
N ALA DB 92 -59.07 33.10 -87.71
CA ALA DB 92 -60.38 33.09 -88.36
C ALA DB 92 -60.61 34.29 -89.27
N LEU DB 93 -60.20 35.46 -88.81
CA LEU DB 93 -60.35 36.70 -89.57
C LEU DB 93 -59.30 36.80 -90.67
N ASP DB 94 -58.05 36.47 -90.37
CA ASP DB 94 -57.00 36.53 -91.38
C ASP DB 94 -57.50 35.76 -92.59
N HIS DB 95 -58.07 34.61 -92.33
CA HIS DB 95 -58.61 33.77 -93.40
C HIS DB 95 -59.63 34.57 -94.20
N LEU DB 96 -60.49 35.31 -93.50
CA LEU DB 96 -61.50 36.13 -94.19
C LEU DB 96 -60.83 37.21 -95.01
N ALA DB 97 -59.67 37.67 -94.57
CA ALA DB 97 -58.96 38.68 -95.31
C ALA DB 97 -58.62 38.11 -96.68
N HIS DB 98 -57.96 36.96 -96.69
CA HIS DB 98 -57.57 36.30 -97.93
C HIS DB 98 -58.77 36.05 -98.85
N GLN DB 99 -59.91 35.69 -98.28
CA GLN DB 99 -61.07 35.43 -99.11
C GLN DB 99 -61.58 36.69 -99.78
N HIS DB 100 -61.14 37.84 -99.29
CA HIS DB 100 -61.54 39.13 -99.84
C HIS DB 100 -60.42 39.74 -100.66
N GLU DB 101 -59.18 39.34 -100.39
CA GLU DB 101 -58.05 39.86 -101.13
C GLU DB 101 -58.14 39.53 -102.61
N VAL DB 102 -58.45 38.28 -102.92
CA VAL DB 102 -58.55 37.82 -104.29
C VAL DB 102 -59.83 38.25 -105.00
N ARG DB 103 -60.60 39.11 -104.37
CA ARG DB 103 -61.83 39.60 -104.97
C ARG DB 103 -61.61 41.06 -105.32
N GLU DB 104 -61.01 41.31 -106.48
CA GLU DB 104 -60.72 42.68 -106.87
C GLU DB 104 -61.97 43.52 -106.99
N GLY DB 105 -61.83 44.79 -106.64
CA GLY DB 105 -62.95 45.71 -106.69
C GLY DB 105 -63.31 46.12 -105.28
N VAL DB 106 -63.06 45.21 -104.35
CA VAL DB 106 -63.36 45.43 -102.95
C VAL DB 106 -62.28 46.29 -102.34
N GLN DB 107 -62.63 47.52 -101.97
CA GLN DB 107 -61.67 48.44 -101.35
C GLN DB 107 -62.04 48.76 -99.89
N LYS DB 108 -61.07 49.23 -99.13
CA LYS DB 108 -61.28 49.55 -97.73
C LYS DB 108 -62.50 50.41 -97.47
N ALA DB 109 -62.61 51.54 -98.17
CA ALA DB 109 -63.74 52.44 -97.99
C ALA DB 109 -65.08 51.71 -97.91
N HIS DB 110 -65.16 50.53 -98.50
CA HIS DB 110 -66.37 49.73 -98.50
C HIS DB 110 -66.69 49.27 -97.09
N PHE DB 111 -65.70 48.69 -96.41
CA PHE DB 111 -65.86 48.22 -95.05
C PHE DB 111 -66.18 49.38 -94.12
N LYS DB 112 -65.43 50.47 -94.22
CA LYS DB 112 -65.72 51.62 -93.36
C LYS DB 112 -67.20 51.91 -93.42
N LYS DB 113 -67.76 51.93 -94.63
CA LYS DB 113 -69.19 52.22 -94.82
C LYS DB 113 -70.05 51.11 -94.22
N PHE DB 114 -69.76 49.87 -94.59
CA PHE DB 114 -70.51 48.74 -94.08
C PHE DB 114 -70.56 48.82 -92.56
N GLY DB 115 -69.47 49.28 -91.97
CA GLY DB 115 -69.42 49.37 -90.52
C GLY DB 115 -70.44 50.36 -90.03
N GLU DB 116 -70.44 51.54 -90.63
CA GLU DB 116 -71.37 52.58 -90.24
C GLU DB 116 -72.80 52.07 -90.38
N ILE DB 117 -73.05 51.29 -91.44
CA ILE DB 117 -74.38 50.76 -91.71
C ILE DB 117 -74.77 49.75 -90.66
N LEU DB 118 -73.84 48.86 -90.36
CA LEU DB 118 -74.04 47.80 -89.39
C LEU DB 118 -74.33 48.40 -88.02
N ALA DB 119 -73.65 49.50 -87.72
CA ALA DB 119 -73.82 50.16 -86.45
C ALA DB 119 -75.16 50.87 -86.33
N THR DB 120 -75.76 51.21 -87.47
CA THR DB 120 -77.04 51.90 -87.44
C THR DB 120 -78.14 50.88 -87.50
N GLY DB 121 -77.80 49.68 -87.97
CA GLY DB 121 -78.78 48.62 -88.10
C GLY DB 121 -79.02 47.80 -86.86
N LEU DB 122 -77.95 47.28 -86.27
CA LEU DB 122 -78.07 46.46 -85.06
C LEU DB 122 -79.06 47.00 -84.05
N PRO DB 123 -78.87 48.24 -83.59
CA PRO DB 123 -79.77 48.85 -82.61
C PRO DB 123 -81.25 48.92 -83.03
N GLN DB 124 -81.54 48.49 -84.24
CA GLN DB 124 -82.90 48.50 -84.72
C GLN DB 124 -83.57 47.17 -84.48
N VAL DB 125 -82.78 46.13 -84.29
CA VAL DB 125 -83.32 44.80 -84.04
C VAL DB 125 -83.05 44.35 -82.62
N LEU DB 126 -82.08 44.98 -81.98
CA LEU DB 126 -81.74 44.63 -80.61
C LEU DB 126 -82.20 45.74 -79.69
N ASP DB 127 -83.07 45.43 -78.74
CA ASP DB 127 -83.55 46.45 -77.82
C ASP DB 127 -82.43 46.88 -76.88
N ASP DB 128 -81.56 45.93 -76.52
CA ASP DB 128 -80.43 46.24 -75.65
C ASP DB 128 -79.18 46.27 -76.49
N TYR DB 129 -78.67 47.48 -76.72
CA TYR DB 129 -77.48 47.70 -77.54
C TYR DB 129 -76.54 48.67 -76.86
N ASP DB 130 -75.26 48.32 -76.82
CA ASP DB 130 -74.25 49.18 -76.20
C ASP DB 130 -73.32 49.67 -77.28
N ALA DB 131 -73.72 50.74 -77.95
CA ALA DB 131 -72.95 51.31 -79.04
C ALA DB 131 -71.43 51.32 -78.81
N LEU DB 132 -71.00 51.78 -77.63
CA LEU DB 132 -69.58 51.84 -77.34
C LEU DB 132 -68.89 50.51 -77.46
N ALA DB 133 -69.43 49.49 -76.80
CA ALA DB 133 -68.83 48.16 -76.85
C ALA DB 133 -68.79 47.66 -78.28
N TRP DB 134 -69.93 47.66 -78.96
CA TRP DB 134 -69.98 47.19 -80.31
C TRP DB 134 -69.01 47.88 -81.25
N LYS DB 135 -69.08 49.20 -81.33
CA LYS DB 135 -68.19 49.94 -82.22
C LYS DB 135 -66.76 49.49 -81.99
N SER DB 136 -66.37 49.37 -80.72
CA SER DB 136 -65.03 48.93 -80.36
C SER DB 136 -64.67 47.60 -81.02
N CYS DB 137 -65.54 46.61 -80.87
CA CYS DB 137 -65.32 45.30 -81.44
C CYS DB 137 -65.50 45.22 -82.96
N LEU DB 138 -66.58 45.77 -83.47
CA LEU DB 138 -66.78 45.72 -84.90
C LEU DB 138 -65.59 46.30 -85.62
N LYS DB 139 -65.01 47.37 -85.06
CA LYS DB 139 -63.84 48.01 -85.68
C LYS DB 139 -62.74 46.99 -85.83
N GLY DB 140 -62.31 46.42 -84.71
CA GLY DB 140 -61.25 45.42 -84.74
C GLY DB 140 -61.50 44.34 -85.78
N ILE DB 141 -62.74 43.89 -85.90
CA ILE DB 141 -63.09 42.85 -86.85
C ILE DB 141 -62.99 43.33 -88.27
N LEU DB 142 -63.82 44.32 -88.62
CA LEU DB 142 -63.81 44.86 -89.97
C LEU DB 142 -62.41 45.19 -90.44
N THR DB 143 -61.60 45.81 -89.59
CA THR DB 143 -60.24 46.17 -89.96
C THR DB 143 -59.42 44.93 -90.35
N LYS DB 144 -59.30 43.99 -89.44
CA LYS DB 144 -58.52 42.78 -89.68
C LYS DB 144 -58.99 42.02 -90.92
N ILE DB 145 -60.26 42.15 -91.27
CA ILE DB 145 -60.79 41.45 -92.45
C ILE DB 145 -60.35 42.10 -93.76
N SER DB 146 -60.26 43.42 -93.77
CA SER DB 146 -59.89 44.16 -94.96
C SER DB 146 -58.40 44.52 -95.03
N SER DB 147 -57.69 44.25 -93.94
CA SER DB 147 -56.46 44.94 -93.65
C SER DB 147 -55.50 44.48 -94.67
N ARG DB 148 -55.72 43.21 -95.05
CA ARG DB 148 -55.14 42.83 -96.29
C ARG DB 148 -56.06 43.19 -97.40
N LEU DB 149 -55.47 43.87 -98.39
CA LEU DB 149 -56.11 44.42 -99.54
C LEU DB 149 -55.78 43.39 -100.60
N GLU EB 1 -97.10 51.33 -95.47
CA GLU EB 1 -97.22 50.32 -94.39
C GLU EB 1 -96.07 50.50 -93.48
N CYS EB 2 -95.66 49.42 -92.79
CA CYS EB 2 -94.69 49.59 -91.75
C CYS EB 2 -93.37 49.07 -92.27
N LEU EB 3 -92.30 49.26 -91.47
CA LEU EB 3 -90.99 48.85 -91.86
C LEU EB 3 -90.76 47.47 -91.33
N VAL EB 4 -89.97 46.68 -92.08
CA VAL EB 4 -89.84 45.29 -91.82
C VAL EB 4 -89.23 45.07 -90.47
N THR EB 5 -88.31 45.96 -90.05
CA THR EB 5 -87.79 45.96 -88.68
C THR EB 5 -88.83 46.46 -87.69
N GLU EB 6 -89.46 47.59 -88.01
CA GLU EB 6 -90.47 48.17 -87.15
C GLU EB 6 -91.53 47.13 -86.77
N SER EB 7 -91.58 46.02 -87.49
CA SER EB 7 -92.54 44.96 -87.19
C SER EB 7 -91.91 44.00 -86.22
N LEU EB 8 -90.83 43.36 -86.67
CA LEU EB 8 -90.09 42.41 -85.86
C LEU EB 8 -89.94 42.94 -84.45
N LYS EB 9 -89.70 44.24 -84.33
CA LYS EB 9 -89.56 44.89 -83.04
C LYS EB 9 -90.83 44.70 -82.22
N VAL EB 10 -91.98 44.96 -82.84
CA VAL EB 10 -93.25 44.79 -82.17
C VAL EB 10 -93.52 43.32 -81.94
N LYS EB 11 -93.34 42.50 -82.96
CA LYS EB 11 -93.57 41.07 -82.85
C LYS EB 11 -92.83 40.55 -81.63
N LEU EB 12 -91.60 41.04 -81.46
CA LEU EB 12 -90.74 40.63 -80.35
C LEU EB 12 -91.22 41.16 -79.02
N GLN EB 13 -91.39 42.48 -78.93
CA GLN EB 13 -91.83 43.09 -77.69
C GLN EB 13 -93.19 42.57 -77.24
N TRP EB 14 -94.07 42.31 -78.20
CA TRP EB 14 -95.38 41.79 -77.87
C TRP EB 14 -95.19 40.52 -77.06
N ALA EB 15 -94.25 39.70 -77.49
CA ALA EB 15 -93.97 38.46 -76.81
C ALA EB 15 -93.74 38.67 -75.33
N SER EB 16 -92.72 39.44 -74.98
CA SER EB 16 -92.37 39.71 -73.59
C SER EB 16 -93.51 40.32 -72.79
N ALA EB 17 -94.15 41.32 -73.37
CA ALA EB 17 -95.25 42.00 -72.71
C ALA EB 17 -96.48 41.14 -72.45
N PHE EB 18 -97.05 40.60 -73.54
CA PHE EB 18 -98.25 39.77 -73.45
C PHE EB 18 -97.99 38.65 -72.46
N GLY EB 19 -97.05 37.78 -72.78
CA GLY EB 19 -96.72 36.70 -71.88
C GLY EB 19 -97.40 35.39 -72.17
N HIS EB 20 -97.57 34.57 -71.14
CA HIS EB 20 -98.23 33.28 -71.27
C HIS EB 20 -99.19 32.98 -70.13
N ALA EB 21 -100.18 32.15 -70.41
CA ALA EB 21 -101.17 31.75 -69.41
C ALA EB 21 -101.77 32.91 -68.63
N HIS EB 22 -101.85 32.74 -67.33
CA HIS EB 22 -102.42 33.75 -66.45
C HIS EB 22 -101.85 35.13 -66.73
N GLU EB 23 -100.54 35.22 -66.89
CA GLU EB 23 -99.87 36.49 -67.13
C GLU EB 23 -100.65 37.34 -68.12
N ARG EB 24 -101.36 36.67 -69.02
CA ARG EB 24 -102.15 37.33 -70.05
C ARG EB 24 -103.46 37.88 -69.50
N VAL EB 25 -104.25 37.01 -68.90
CA VAL EB 25 -105.52 37.46 -68.36
C VAL EB 25 -105.28 38.74 -67.57
N ALA EB 26 -104.18 38.75 -66.83
CA ALA EB 26 -103.81 39.89 -66.01
C ALA EB 26 -103.66 41.10 -66.90
N PHE EB 27 -102.95 40.92 -68.00
CA PHE EB 27 -102.74 41.99 -68.96
C PHE EB 27 -104.08 42.46 -69.48
N GLY EB 28 -104.84 41.54 -70.08
CA GLY EB 28 -106.13 41.89 -70.61
C GLY EB 28 -106.93 42.69 -69.62
N LEU EB 29 -107.10 42.14 -68.42
CA LEU EB 29 -107.84 42.82 -67.37
C LEU EB 29 -107.35 44.25 -67.14
N GLU EB 30 -106.07 44.39 -66.77
CA GLU EB 30 -105.49 45.71 -66.54
C GLU EB 30 -105.83 46.66 -67.69
N LEU EB 31 -105.74 46.17 -68.91
CA LEU EB 31 -106.03 46.97 -70.10
C LEU EB 31 -107.45 47.48 -70.12
N TRP EB 32 -108.41 46.56 -70.22
CA TRP EB 32 -109.81 46.95 -70.26
C TRP EB 32 -110.25 47.81 -69.12
N ARG EB 33 -109.70 47.58 -67.92
CA ARG EB 33 -110.10 48.40 -66.77
C ARG EB 33 -109.77 49.84 -67.07
N ASP EB 34 -108.51 50.12 -67.38
CA ASP EB 34 -108.07 51.47 -67.70
C ASP EB 34 -108.93 52.09 -68.81
N ILE EB 35 -109.30 51.28 -69.80
CA ILE EB 35 -110.11 51.76 -70.92
C ILE EB 35 -111.51 52.14 -70.48
N ILE EB 36 -112.18 51.26 -69.78
CA ILE EB 36 -113.52 51.52 -69.32
C ILE EB 36 -113.64 52.67 -68.31
N ASP EB 37 -112.62 52.87 -67.49
CA ASP EB 37 -112.68 53.94 -66.52
C ASP EB 37 -112.57 55.29 -67.23
N ASP EB 38 -111.83 55.31 -68.31
CA ASP EB 38 -111.63 56.52 -69.09
C ASP EB 38 -112.86 56.86 -69.91
N HIS EB 39 -113.49 55.84 -70.49
CA HIS EB 39 -114.67 56.03 -71.32
C HIS EB 39 -115.76 54.99 -71.04
N PRO EB 40 -116.51 55.18 -69.94
CA PRO EB 40 -117.58 54.26 -69.55
C PRO EB 40 -118.64 54.05 -70.61
N GLU EB 41 -118.58 54.80 -71.70
CA GLU EB 41 -119.56 54.65 -72.76
C GLU EB 41 -119.43 53.26 -73.37
N ILE EB 42 -118.26 52.66 -73.22
CA ILE EB 42 -117.99 51.34 -73.79
C ILE EB 42 -118.71 50.18 -73.11
N LYS EB 43 -119.01 50.31 -71.83
CA LYS EB 43 -119.69 49.23 -71.13
C LYS EB 43 -120.96 48.85 -71.86
N ALA EB 44 -121.37 49.69 -72.80
CA ALA EB 44 -122.60 49.45 -73.54
C ALA EB 44 -122.58 48.23 -74.47
N PRO EB 45 -121.79 48.26 -75.55
CA PRO EB 45 -121.74 47.11 -76.46
C PRO EB 45 -121.22 45.82 -75.82
N PHE EB 46 -120.49 45.96 -74.72
CA PHE EB 46 -119.93 44.81 -74.01
C PHE EB 46 -120.98 44.22 -73.08
N SER EB 47 -122.24 44.55 -73.33
CA SER EB 47 -123.34 44.07 -72.52
C SER EB 47 -123.49 42.55 -72.62
N ARG EB 48 -123.19 42.01 -73.79
CA ARG EB 48 -123.32 40.58 -74.00
C ARG EB 48 -122.32 39.81 -73.18
N VAL EB 49 -121.13 40.38 -73.02
CA VAL EB 49 -120.06 39.75 -72.26
C VAL EB 49 -119.84 40.45 -70.91
N ARG EB 50 -120.90 40.56 -70.12
CA ARG EB 50 -120.84 41.21 -68.81
C ARG EB 50 -119.72 42.22 -68.71
N GLY EB 51 -119.90 43.34 -69.39
CA GLY EB 51 -118.91 44.39 -69.36
C GLY EB 51 -118.97 45.22 -68.12
N ASP EB 52 -120.03 45.05 -67.33
CA ASP EB 52 -120.17 45.81 -66.10
C ASP EB 52 -119.16 45.31 -65.07
N ASN EB 53 -118.96 43.99 -65.06
CA ASN EB 53 -118.02 43.32 -64.16
C ASN EB 53 -116.87 42.70 -64.99
N ILE EB 54 -115.82 43.48 -65.22
CA ILE EB 54 -114.71 43.00 -66.01
C ILE EB 54 -113.96 41.86 -65.37
N TYR EB 55 -114.15 41.65 -64.07
CA TYR EB 55 -113.45 40.57 -63.39
C TYR EB 55 -114.17 39.23 -63.57
N SER EB 56 -115.39 39.29 -64.10
CA SER EB 56 -116.20 38.10 -64.31
C SER EB 56 -115.57 37.18 -65.33
N PRO EB 57 -115.89 35.89 -65.29
CA PRO EB 57 -115.33 34.95 -66.24
C PRO EB 57 -115.88 35.25 -67.63
N GLU EB 58 -117.16 35.60 -67.70
CA GLU EB 58 -117.79 35.92 -68.97
C GLU EB 58 -116.95 36.95 -69.73
N PHE EB 59 -116.66 38.06 -69.07
CA PHE EB 59 -115.85 39.13 -69.67
C PHE EB 59 -114.43 38.67 -69.83
N GLY EB 60 -113.91 38.00 -68.80
CA GLY EB 60 -112.55 37.50 -68.86
C GLY EB 60 -112.32 36.75 -70.16
N ALA EB 61 -113.26 35.87 -70.48
CA ALA EB 61 -113.19 35.08 -71.71
C ALA EB 61 -113.01 36.05 -72.83
N HIS EB 62 -113.99 36.93 -72.99
CA HIS EB 62 -113.96 37.96 -74.02
C HIS EB 62 -112.58 38.60 -74.09
N SER EB 63 -112.18 39.22 -73.00
CA SER EB 63 -110.89 39.89 -72.88
C SER EB 63 -109.82 39.12 -73.61
N GLN EB 64 -109.73 37.84 -73.28
CA GLN EB 64 -108.74 36.95 -73.89
C GLN EB 64 -108.93 36.82 -75.41
N ARG EB 65 -110.15 36.50 -75.84
CA ARG EB 65 -110.45 36.35 -77.25
C ARG EB 65 -109.92 37.54 -78.02
N VAL EB 66 -110.12 38.72 -77.44
CA VAL EB 66 -109.66 39.97 -78.04
C VAL EB 66 -108.15 39.96 -78.21
N LEU EB 67 -107.46 40.00 -77.10
CA LEU EB 67 -106.02 40.00 -77.13
C LEU EB 67 -105.53 38.97 -78.14
N SER EB 68 -106.13 37.78 -78.15
CA SER EB 68 -105.70 36.74 -79.07
C SER EB 68 -105.72 37.24 -80.48
N GLY EB 69 -106.84 37.80 -80.89
CA GLY EB 69 -106.94 38.34 -82.24
C GLY EB 69 -105.83 39.34 -82.49
N LEU EB 70 -105.58 40.18 -81.50
CA LEU EB 70 -104.53 41.18 -81.60
C LEU EB 70 -103.22 40.44 -81.83
N ASP EB 71 -103.05 39.30 -81.16
CA ASP EB 71 -101.83 38.52 -81.33
C ASP EB 71 -101.72 38.13 -82.79
N ILE EB 72 -102.79 37.56 -83.33
CA ILE EB 72 -102.81 37.15 -84.74
C ILE EB 72 -102.38 38.28 -85.64
N THR EB 73 -103.15 39.36 -85.64
CA THR EB 73 -102.80 40.51 -86.46
C THR EB 73 -101.32 40.82 -86.35
N ILE EB 74 -100.82 41.03 -85.13
CA ILE EB 74 -99.39 41.31 -84.94
C ILE EB 74 -98.49 40.26 -85.54
N SER EB 75 -98.76 38.96 -85.32
CA SER EB 75 -97.78 38.03 -85.85
C SER EB 75 -98.04 37.90 -87.31
N MET EB 76 -99.21 38.40 -87.75
CA MET EB 76 -99.63 38.49 -89.12
C MET EB 76 -98.79 39.49 -89.86
N LEU EB 77 -98.39 40.59 -89.19
CA LEU EB 77 -97.87 41.79 -89.79
C LEU EB 77 -96.65 41.45 -90.61
N ASP EB 78 -95.76 40.65 -90.01
CA ASP EB 78 -94.42 40.44 -90.45
C ASP EB 78 -94.41 40.02 -91.89
N THR EB 79 -95.35 39.13 -92.29
CA THR EB 79 -95.41 38.72 -93.65
C THR EB 79 -96.64 39.33 -94.25
N PRO EB 80 -96.41 40.20 -95.18
CA PRO EB 80 -97.45 41.05 -95.76
C PRO EB 80 -98.67 40.35 -96.35
N ASP EB 81 -98.45 39.28 -97.12
CA ASP EB 81 -99.54 38.56 -97.76
C ASP EB 81 -100.56 38.03 -96.75
N MET EB 82 -100.09 37.61 -95.58
CA MET EB 82 -100.97 37.09 -94.55
C MET EB 82 -101.67 38.23 -93.82
N LEU EB 83 -100.92 39.28 -93.55
CA LEU EB 83 -101.47 40.43 -92.85
C LEU EB 83 -102.58 41.07 -93.67
N ALA EB 84 -102.24 41.43 -94.90
CA ALA EB 84 -103.20 42.06 -95.81
C ALA EB 84 -104.50 41.26 -95.81
N ALA EB 85 -104.37 39.94 -95.80
CA ALA EB 85 -105.53 39.05 -95.81
C ALA EB 85 -106.25 39.07 -94.48
N GLN EB 86 -105.49 38.86 -93.40
CA GLN EB 86 -106.03 38.85 -92.05
C GLN EB 86 -106.74 40.16 -91.77
N LEU EB 87 -106.10 41.27 -92.09
CA LEU EB 87 -106.69 42.57 -91.85
C LEU EB 87 -108.02 42.67 -92.58
N ALA EB 88 -108.02 42.35 -93.86
CA ALA EB 88 -109.25 42.40 -94.65
C ALA EB 88 -110.34 41.57 -93.96
N HIS EB 89 -109.95 40.41 -93.45
CA HIS EB 89 -110.88 39.53 -92.77
C HIS EB 89 -111.48 40.20 -91.53
N LEU EB 90 -110.65 40.94 -90.80
CA LEU EB 90 -111.12 41.61 -89.60
C LEU EB 90 -112.05 42.76 -89.95
N LYS EB 91 -111.72 43.49 -91.01
CA LYS EB 91 -112.54 44.63 -91.41
C LYS EB 91 -113.98 44.21 -91.60
N VAL EB 92 -114.18 43.05 -92.20
CA VAL EB 92 -115.52 42.54 -92.45
C VAL EB 92 -116.29 42.30 -91.15
N GLN EB 93 -115.65 41.62 -90.20
CA GLN EB 93 -116.31 41.32 -88.93
C GLN EB 93 -116.70 42.59 -88.18
N HIS EB 94 -116.24 43.73 -88.68
CA HIS EB 94 -116.54 45.02 -88.03
C HIS EB 94 -117.48 45.92 -88.81
N VAL EB 95 -117.14 46.19 -90.06
CA VAL EB 95 -117.96 47.05 -90.91
C VAL EB 95 -119.47 46.87 -90.72
N GLU EB 96 -119.90 45.60 -90.61
CA GLU EB 96 -121.28 45.25 -90.61
C GLU EB 96 -121.87 45.97 -89.46
N ARG EB 97 -121.28 45.70 -88.29
CA ARG EB 97 -121.76 46.35 -87.11
C ARG EB 97 -121.29 47.73 -87.19
N ASN EB 98 -121.96 48.57 -86.41
CA ASN EB 98 -121.64 49.95 -86.37
C ASN EB 98 -120.87 50.15 -85.15
N LEU EB 99 -119.86 51.00 -85.27
CA LEU EB 99 -119.14 51.24 -84.09
C LEU EB 99 -118.84 52.70 -84.10
N LYS EB 100 -118.18 53.22 -83.04
CA LYS EB 100 -117.65 54.54 -83.17
C LYS EB 100 -116.18 54.39 -83.35
N PRO EB 101 -115.74 55.00 -84.39
CA PRO EB 101 -114.39 54.89 -84.85
C PRO EB 101 -113.44 55.31 -83.78
N GLU EB 102 -113.81 56.29 -82.95
CA GLU EB 102 -112.89 56.85 -81.97
C GLU EB 102 -112.57 55.84 -80.85
N PHE EB 103 -113.44 54.86 -80.66
CA PHE EB 103 -113.23 53.83 -79.63
C PHE EB 103 -111.89 53.17 -79.84
N PHE EB 104 -111.60 52.82 -81.08
CA PHE EB 104 -110.34 52.17 -81.40
C PHE EB 104 -109.16 53.08 -81.12
N ASP EB 105 -109.32 54.37 -81.44
CA ASP EB 105 -108.25 55.32 -81.19
C ASP EB 105 -107.96 55.33 -79.69
N ILE EB 106 -109.00 55.02 -78.91
CA ILE EB 106 -108.90 54.95 -77.46
C ILE EB 106 -108.18 53.66 -77.08
N PHE EB 107 -108.71 52.55 -77.57
CA PHE EB 107 -108.12 51.25 -77.32
C PHE EB 107 -106.61 51.34 -77.52
N LEU EB 108 -106.21 51.86 -78.67
CA LEU EB 108 -104.79 52.00 -78.99
C LEU EB 108 -104.07 52.82 -77.94
N LYS EB 109 -104.64 53.96 -77.58
CA LYS EB 109 -104.03 54.82 -76.59
C LYS EB 109 -103.60 54.00 -75.38
N HIS EB 110 -104.52 53.23 -74.83
CA HIS EB 110 -104.23 52.40 -73.65
C HIS EB 110 -103.29 51.22 -73.93
N LEU EB 111 -103.56 50.46 -74.98
CA LEU EB 111 -102.71 49.34 -75.29
C LEU EB 111 -101.25 49.78 -75.23
N LEU EB 112 -100.97 51.00 -75.68
CA LEU EB 112 -99.61 51.54 -75.66
C LEU EB 112 -99.21 51.93 -74.25
N HIS EB 113 -100.14 52.55 -73.55
CA HIS EB 113 -99.91 52.96 -72.17
C HIS EB 113 -99.50 51.73 -71.36
N VAL EB 114 -100.28 50.65 -71.49
CA VAL EB 114 -100.00 49.42 -70.77
C VAL EB 114 -98.67 48.81 -71.17
N LEU EB 115 -98.46 48.58 -72.46
CA LEU EB 115 -97.19 48.01 -72.91
C LEU EB 115 -96.06 48.87 -72.37
N GLY EB 116 -96.32 50.17 -72.26
CA GLY EB 116 -95.33 51.09 -71.75
C GLY EB 116 -94.87 50.62 -70.39
N ASP EB 117 -95.83 50.33 -69.51
CA ASP EB 117 -95.51 49.86 -68.17
C ASP EB 117 -94.77 48.55 -68.25
N ARG EB 118 -95.38 47.56 -68.90
CA ARG EB 118 -94.78 46.25 -69.04
C ARG EB 118 -93.35 46.24 -69.59
N LEU EB 119 -93.13 46.91 -70.71
CA LEU EB 119 -91.83 46.94 -71.33
C LEU EB 119 -90.82 47.93 -70.75
N GLY EB 120 -91.32 49.02 -70.18
CA GLY EB 120 -90.41 50.00 -69.61
C GLY EB 120 -89.95 51.05 -70.59
N THR EB 121 -88.70 51.45 -70.49
CA THR EB 121 -88.15 52.49 -71.38
C THR EB 121 -87.73 51.93 -72.73
N HIS EB 122 -87.54 50.62 -72.79
CA HIS EB 122 -87.11 49.97 -74.02
C HIS EB 122 -88.24 50.02 -75.05
N PHE EB 123 -89.47 50.09 -74.54
CA PHE EB 123 -90.67 50.11 -75.37
C PHE EB 123 -90.50 51.01 -76.57
N ASP EB 124 -90.51 50.42 -77.77
CA ASP EB 124 -90.36 51.23 -78.98
C ASP EB 124 -91.70 51.81 -79.42
N PHE EB 125 -92.09 52.89 -78.76
CA PHE EB 125 -93.33 53.58 -79.03
C PHE EB 125 -93.49 53.79 -80.52
N GLY EB 126 -92.50 54.41 -81.13
CA GLY EB 126 -92.56 54.66 -82.55
C GLY EB 126 -93.04 53.44 -83.31
N ALA EB 127 -92.27 52.36 -83.24
CA ALA EB 127 -92.61 51.13 -83.94
C ALA EB 127 -94.05 50.69 -83.71
N TRP EB 128 -94.48 50.66 -82.45
CA TRP EB 128 -95.83 50.24 -82.16
C TRP EB 128 -96.86 51.16 -82.78
N HIS EB 129 -96.78 52.45 -82.48
CA HIS EB 129 -97.73 53.42 -83.01
C HIS EB 129 -97.89 53.22 -84.51
N ASP EB 130 -96.77 53.28 -85.21
CA ASP EB 130 -96.78 53.10 -86.65
C ASP EB 130 -97.38 51.77 -87.04
N CYS EB 131 -97.06 50.75 -86.26
CA CYS EB 131 -97.56 49.41 -86.57
C CYS EB 131 -98.95 48.97 -86.10
N VAL EB 132 -99.29 49.19 -84.85
CA VAL EB 132 -100.59 48.79 -84.37
C VAL EB 132 -101.64 49.65 -85.03
N ASP EB 133 -101.29 50.90 -85.32
CA ASP EB 133 -102.22 51.82 -85.96
C ASP EB 133 -102.76 51.13 -87.17
N GLN EB 134 -101.84 50.72 -88.07
CA GLN EB 134 -102.16 50.00 -89.32
C GLN EB 134 -103.14 48.78 -89.12
N ILE EB 135 -103.14 48.24 -87.91
CA ILE EB 135 -104.04 47.16 -87.60
C ILE EB 135 -105.43 47.69 -87.23
N ILE EB 136 -105.47 48.85 -86.57
CA ILE EB 136 -106.74 49.41 -86.17
C ILE EB 136 -107.53 49.94 -87.36
N ASP EB 137 -106.92 50.78 -88.18
CA ASP EB 137 -107.63 51.33 -89.33
C ASP EB 137 -108.28 50.23 -90.16
N GLY EB 138 -107.57 49.10 -90.29
CA GLY EB 138 -108.01 48.06 -91.15
C GLY EB 138 -109.33 47.57 -90.64
N ILE EB 139 -109.46 47.42 -89.30
CA ILE EB 139 -110.66 46.84 -88.76
C ILE EB 139 -111.80 47.78 -88.89
N LYS EB 140 -111.51 49.07 -88.60
CA LYS EB 140 -112.50 50.09 -88.62
C LYS EB 140 -112.93 50.22 -90.10
N ASP FB 1 -95.72 55.57 -16.09
CA ASP FB 1 -94.31 55.79 -16.50
C ASP FB 1 -94.31 55.70 -17.96
N CYS FB 2 -93.20 55.25 -18.55
CA CYS FB 2 -93.58 55.09 -19.90
C CYS FB 2 -93.65 53.67 -20.26
N CYS FB 3 -94.05 53.56 -21.53
CA CYS FB 3 -94.33 52.37 -22.19
C CYS FB 3 -93.07 52.06 -22.89
N SER FB 4 -92.67 50.79 -22.76
CA SER FB 4 -91.58 50.20 -23.47
C SER FB 4 -92.14 49.73 -24.76
N TYR FB 5 -91.29 49.60 -25.74
CA TYR FB 5 -91.54 49.09 -27.07
C TYR FB 5 -91.91 47.62 -26.95
N GLU FB 6 -91.21 46.91 -26.06
CA GLU FB 6 -91.48 45.50 -25.86
C GLU FB 6 -92.92 45.35 -25.42
N ASP FB 7 -93.32 46.16 -24.45
CA ASP FB 7 -94.68 46.12 -23.95
C ASP FB 7 -95.67 46.34 -25.08
N ARG FB 8 -95.37 47.29 -25.95
CA ARG FB 8 -96.27 47.54 -27.06
C ARG FB 8 -96.40 46.24 -27.83
N ARG FB 9 -95.28 45.62 -28.16
CA ARG FB 9 -95.30 44.36 -28.88
C ARG FB 9 -96.15 43.33 -28.14
N GLU FB 10 -95.99 43.26 -26.83
CA GLU FB 10 -96.77 42.33 -26.01
C GLU FB 10 -98.27 42.53 -26.27
N ILE FB 11 -98.70 43.77 -26.15
CA ILE FB 11 -100.08 44.11 -26.37
C ILE FB 11 -100.49 43.87 -27.82
N ARG FB 12 -99.73 44.39 -28.76
CA ARG FB 12 -100.05 44.23 -30.19
C ARG FB 12 -100.36 42.77 -30.48
N HIS FB 13 -100.00 41.89 -29.53
CA HIS FB 13 -100.23 40.46 -29.67
C HIS FB 13 -101.42 40.07 -28.80
N ILE FB 14 -101.35 40.41 -27.52
CA ILE FB 14 -102.44 40.11 -26.62
C ILE FB 14 -103.77 40.48 -27.28
N TRP FB 15 -103.80 41.62 -27.96
CA TRP FB 15 -105.02 42.08 -28.60
C TRP FB 15 -105.46 41.10 -29.69
N ASP FB 16 -104.52 40.73 -30.57
CA ASP FB 16 -104.82 39.81 -31.66
C ASP FB 16 -105.52 38.52 -31.18
N ASP FB 17 -105.65 38.35 -29.87
CA ASP FB 17 -106.30 37.17 -29.32
C ASP FB 17 -107.74 37.47 -28.93
N VAL FB 18 -108.01 38.71 -28.56
CA VAL FB 18 -109.37 39.09 -28.19
C VAL FB 18 -110.10 39.57 -29.42
N TRP FB 19 -109.43 40.31 -30.29
CA TRP FB 19 -110.16 40.94 -31.35
C TRP FB 19 -110.67 39.91 -32.33
N SER FB 20 -109.94 38.79 -32.46
CA SER FB 20 -109.34 38.32 -33.68
C SER FB 20 -110.32 38.16 -34.80
N SER FB 21 -111.44 37.45 -34.52
CA SER FB 21 -112.33 36.95 -35.53
C SER FB 21 -113.09 38.10 -36.15
N SER FB 22 -113.61 37.90 -37.37
CA SER FB 22 -114.15 39.04 -38.08
C SER FB 22 -115.43 39.44 -37.43
N PHE FB 23 -116.05 38.44 -36.86
CA PHE FB 23 -117.31 38.40 -36.22
C PHE FB 23 -117.43 39.41 -35.15
N THR FB 24 -118.56 40.15 -35.10
CA THR FB 24 -118.92 40.80 -33.85
C THR FB 24 -118.99 39.87 -32.63
N ASP FB 25 -119.87 38.87 -32.69
CA ASP FB 25 -120.06 37.90 -31.62
C ASP FB 25 -119.04 37.90 -30.48
N ARG FB 26 -117.80 37.54 -30.77
CA ARG FB 26 -116.76 37.49 -29.74
C ARG FB 26 -116.49 38.83 -29.06
N ARG FB 27 -115.97 39.80 -29.81
CA ARG FB 27 -115.66 41.10 -29.25
C ARG FB 27 -116.79 41.63 -28.42
N VAL FB 28 -118.01 41.40 -28.87
CA VAL FB 28 -119.19 41.85 -28.14
C VAL FB 28 -119.21 41.27 -26.73
N ALA FB 29 -119.33 39.96 -26.63
CA ALA FB 29 -119.37 39.28 -25.35
C ALA FB 29 -118.27 39.78 -24.42
N ILE FB 30 -117.07 40.01 -24.96
CA ILE FB 30 -115.97 40.48 -24.12
C ILE FB 30 -116.21 41.89 -23.62
N VAL FB 31 -116.38 42.84 -24.52
CA VAL FB 31 -116.62 44.22 -24.12
C VAL FB 31 -117.79 44.29 -23.19
N ARG FB 32 -118.81 43.48 -23.44
CA ARG FB 32 -119.98 43.46 -22.57
C ARG FB 32 -119.49 43.01 -21.20
N ALA FB 33 -118.96 41.79 -21.13
CA ALA FB 33 -118.46 41.24 -19.89
C ALA FB 33 -117.63 42.26 -19.13
N VAL FB 34 -116.99 43.17 -19.86
CA VAL FB 34 -116.17 44.22 -19.25
C VAL FB 34 -117.09 45.22 -18.57
N PHE FB 35 -118.06 45.73 -19.30
CA PHE FB 35 -118.99 46.68 -18.73
C PHE FB 35 -119.77 46.12 -17.58
N ASP FB 36 -120.23 44.87 -17.69
CA ASP FB 36 -120.98 44.25 -16.60
C ASP FB 36 -120.19 44.34 -15.30
N ASP FB 37 -118.86 44.31 -15.42
CA ASP FB 37 -117.98 44.41 -14.25
C ASP FB 37 -117.85 45.85 -13.81
N LEU FB 38 -118.07 46.78 -14.74
CA LEU FB 38 -117.98 48.20 -14.42
C LEU FB 38 -119.23 48.59 -13.66
N PHE FB 39 -120.35 48.08 -14.12
CA PHE FB 39 -121.62 48.36 -13.50
C PHE FB 39 -121.81 47.66 -12.15
N LYS FB 40 -121.25 46.48 -12.00
CA LYS FB 40 -121.40 45.78 -10.74
C LYS FB 40 -120.60 46.50 -9.65
N HIS FB 41 -119.63 47.30 -10.07
CA HIS FB 41 -118.77 48.03 -9.14
C HIS FB 41 -119.08 49.52 -9.03
N TYR FB 42 -119.44 50.14 -10.14
CA TYR FB 42 -119.78 51.55 -10.14
C TYR FB 42 -121.15 51.65 -10.81
N PRO FB 43 -122.19 51.09 -10.18
CA PRO FB 43 -123.58 51.08 -10.67
C PRO FB 43 -124.11 52.42 -11.16
N THR FB 44 -123.58 53.49 -10.61
CA THR FB 44 -123.99 54.83 -11.01
C THR FB 44 -123.87 55.03 -12.53
N SER FB 45 -122.71 54.68 -13.07
CA SER FB 45 -122.42 54.82 -14.49
C SER FB 45 -123.49 54.23 -15.40
N LYS FB 46 -124.11 53.13 -14.97
CA LYS FB 46 -125.14 52.47 -15.78
C LYS FB 46 -126.06 53.47 -16.46
N ALA FB 47 -126.67 54.34 -15.68
CA ALA FB 47 -127.58 55.34 -16.21
C ALA FB 47 -127.07 56.07 -17.45
N LEU FB 48 -125.78 56.40 -17.47
CA LEU FB 48 -125.18 57.12 -18.59
C LEU FB 48 -125.48 56.58 -19.98
N PHE FB 49 -125.76 55.30 -20.08
CA PHE FB 49 -126.01 54.70 -21.38
C PHE FB 49 -127.46 54.44 -21.73
N GLU FB 50 -128.38 55.23 -21.19
CA GLU FB 50 -129.78 55.02 -21.52
C GLU FB 50 -129.98 55.45 -22.96
N ARG FB 51 -129.09 56.33 -23.41
CA ARG FB 51 -129.16 56.84 -24.75
C ARG FB 51 -129.03 55.73 -25.78
N VAL FB 52 -128.30 54.68 -25.42
CA VAL FB 52 -128.07 53.56 -26.31
C VAL FB 52 -128.94 52.37 -25.94
N LYS FB 53 -129.80 52.59 -24.97
CA LYS FB 53 -130.71 51.55 -24.52
C LYS FB 53 -130.06 50.35 -23.84
N ILE FB 54 -129.42 50.58 -22.70
CA ILE FB 54 -128.78 49.49 -21.97
C ILE FB 54 -129.84 48.63 -21.30
N ASP FB 55 -131.04 49.17 -21.14
CA ASP FB 55 -132.12 48.43 -20.53
C ASP FB 55 -132.53 47.27 -21.44
N GLU FB 56 -132.08 47.32 -22.69
CA GLU FB 56 -132.37 46.27 -23.66
C GLU FB 56 -131.02 45.68 -24.07
N PRO FB 57 -130.45 44.83 -23.21
CA PRO FB 57 -129.16 44.22 -23.49
C PRO FB 57 -128.98 43.71 -24.91
N GLU FB 58 -129.91 42.90 -25.41
CA GLU FB 58 -129.76 42.36 -26.76
C GLU FB 58 -130.31 43.29 -27.82
N SER FB 59 -130.67 44.49 -27.40
CA SER FB 59 -131.23 45.49 -28.30
C SER FB 59 -130.62 45.56 -29.70
N GLY FB 60 -129.33 45.79 -29.77
CA GLY FB 60 -128.71 45.92 -31.07
C GLY FB 60 -128.34 47.38 -31.15
N GLU FB 61 -129.21 48.23 -30.62
CA GLU FB 61 -128.93 49.65 -30.60
C GLU FB 61 -127.77 49.76 -29.62
N PHE FB 62 -127.78 48.85 -28.66
CA PHE FB 62 -126.78 48.78 -27.60
C PHE FB 62 -125.62 47.92 -28.02
N LYS FB 63 -125.92 46.75 -28.61
CA LYS FB 63 -124.85 45.87 -29.05
C LYS FB 63 -123.91 46.68 -29.95
N SER FB 64 -124.47 47.35 -30.95
CA SER FB 64 -123.65 48.17 -31.86
C SER FB 64 -122.77 49.06 -31.03
N HIS FB 65 -123.33 49.66 -29.98
CA HIS FB 65 -122.56 50.53 -29.10
C HIS FB 65 -121.33 49.79 -28.61
N LEU FB 66 -121.56 48.71 -27.89
CA LEU FB 66 -120.47 47.89 -27.38
C LEU FB 66 -119.36 47.77 -28.42
N VAL FB 67 -119.75 47.38 -29.63
CA VAL FB 67 -118.80 47.24 -30.71
C VAL FB 67 -118.01 48.52 -30.91
N ARG FB 68 -118.70 49.65 -31.01
CA ARG FB 68 -118.03 50.93 -31.21
C ARG FB 68 -116.99 51.15 -30.14
N VAL FB 69 -117.32 50.77 -28.91
CA VAL FB 69 -116.40 50.93 -27.82
C VAL FB 69 -115.24 50.02 -28.08
N ALA FB 70 -115.54 48.76 -28.34
CA ALA FB 70 -114.51 47.78 -28.65
C ALA FB 70 -113.62 48.37 -29.73
N ASN FB 71 -114.19 48.58 -30.92
CA ASN FB 71 -113.44 49.15 -32.04
C ASN FB 71 -112.66 50.38 -31.68
N GLY FB 72 -113.20 51.22 -30.80
CA GLY FB 72 -112.48 52.43 -30.40
C GLY FB 72 -111.20 52.09 -29.65
N LEU FB 73 -111.26 50.99 -28.91
CA LEU FB 73 -110.13 50.51 -28.16
C LEU FB 73 -109.16 49.92 -29.16
N LYS FB 74 -109.70 49.08 -30.04
CA LYS FB 74 -108.92 48.45 -31.10
C LYS FB 74 -108.11 49.52 -31.82
N LEU FB 75 -108.79 50.57 -32.25
CA LEU FB 75 -108.15 51.68 -32.94
C LEU FB 75 -106.99 52.23 -32.14
N LEU FB 76 -107.16 52.32 -30.82
CA LEU FB 76 -106.09 52.84 -29.98
C LEU FB 76 -104.87 51.95 -30.06
N ILE FB 77 -105.04 50.71 -29.61
CA ILE FB 77 -103.97 49.73 -29.64
C ILE FB 77 -103.28 49.69 -31.00
N ASN FB 78 -104.06 49.60 -32.06
CA ASN FB 78 -103.51 49.55 -33.42
C ASN FB 78 -102.90 50.90 -33.85
N LEU FB 79 -102.60 51.75 -32.88
CA LEU FB 79 -102.03 53.05 -33.17
C LEU FB 79 -100.76 53.20 -32.37
N LEU FB 80 -100.57 52.30 -31.41
CA LEU FB 80 -99.39 52.32 -30.55
C LEU FB 80 -98.06 52.36 -31.29
N ASP FB 81 -98.05 52.10 -32.59
CA ASP FB 81 -96.80 52.14 -33.34
C ASP FB 81 -96.66 53.47 -34.08
N ASP FB 82 -97.72 54.29 -34.07
CA ASP FB 82 -97.69 55.59 -34.73
C ASP FB 82 -97.85 56.77 -33.79
N THR FB 83 -97.27 56.63 -32.59
CA THR FB 83 -97.30 57.63 -31.55
C THR FB 83 -98.02 58.95 -31.84
N LEU FB 84 -97.42 59.79 -32.68
CA LEU FB 84 -97.99 61.10 -33.00
C LEU FB 84 -99.47 61.11 -33.32
N VAL FB 85 -99.93 60.13 -34.09
CA VAL FB 85 -101.36 60.06 -34.42
C VAL FB 85 -102.13 59.63 -33.19
N LEU FB 86 -101.60 58.63 -32.49
CA LEU FB 86 -102.23 58.16 -31.29
C LEU FB 86 -102.44 59.33 -30.34
N GLN FB 87 -101.39 60.13 -30.13
CA GLN FB 87 -101.44 61.27 -29.25
C GLN FB 87 -102.56 62.24 -29.60
N SER FB 88 -102.91 62.33 -30.87
CA SER FB 88 -103.97 63.23 -31.29
C SER FB 88 -105.34 62.57 -31.12
N HIS FB 89 -105.56 61.40 -31.73
CA HIS FB 89 -106.83 60.72 -31.59
C HIS FB 89 -107.10 60.46 -30.14
N LEU FB 90 -106.05 60.33 -29.34
CA LEU FB 90 -106.23 60.08 -27.92
C LEU FB 90 -106.91 61.29 -27.31
N GLY FB 91 -106.58 62.47 -27.82
CA GLY FB 91 -107.17 63.69 -27.32
C GLY FB 91 -108.61 63.72 -27.78
N HIS FB 92 -108.79 63.58 -29.09
CA HIS FB 92 -110.12 63.57 -29.71
C HIS FB 92 -111.05 62.60 -28.95
N LEU FB 93 -110.48 61.51 -28.44
CA LEU FB 93 -111.25 60.52 -27.71
C LEU FB 93 -111.66 61.07 -26.36
N ALA FB 94 -110.88 62.01 -25.87
CA ALA FB 94 -111.18 62.63 -24.58
C ALA FB 94 -112.36 63.56 -24.80
N ASP FB 95 -112.20 64.49 -25.72
CA ASP FB 95 -113.25 65.44 -26.02
C ASP FB 95 -114.61 64.77 -26.23
N GLN FB 96 -114.62 63.58 -26.81
CA GLN FB 96 -115.87 62.88 -27.04
C GLN FB 96 -116.50 62.40 -25.73
N HIS FB 97 -115.72 62.46 -24.67
CA HIS FB 97 -116.21 62.02 -23.39
C HIS FB 97 -116.38 63.19 -22.44
N ILE FB 98 -115.76 64.33 -22.74
CA ILE FB 98 -115.90 65.49 -21.89
C ILE FB 98 -117.27 66.08 -22.15
N GLN FB 99 -117.70 66.04 -23.40
CA GLN FB 99 -119.01 66.57 -23.76
C GLN FB 99 -120.13 65.63 -23.36
N ARG FB 100 -119.74 64.48 -22.79
CA ARG FB 100 -120.73 63.52 -22.33
C ARG FB 100 -120.89 63.78 -20.84
N LYS FB 101 -121.89 64.61 -20.53
CA LYS FB 101 -122.17 65.00 -19.15
C LYS FB 101 -122.41 63.80 -18.23
N GLY FB 102 -121.64 63.73 -17.15
CA GLY FB 102 -121.80 62.64 -16.21
C GLY FB 102 -120.67 61.65 -16.16
N VAL FB 103 -119.70 61.78 -17.05
CA VAL FB 103 -118.56 60.87 -17.10
C VAL FB 103 -117.44 61.34 -16.19
N THR FB 104 -117.23 60.61 -15.09
CA THR FB 104 -116.19 60.97 -14.11
C THR FB 104 -114.81 60.41 -14.45
N LYS FB 105 -113.80 60.94 -13.77
CA LYS FB 105 -112.43 60.52 -13.97
C LYS FB 105 -112.36 59.14 -13.35
N GLU FB 106 -113.25 58.92 -12.40
CA GLU FB 106 -113.32 57.66 -11.69
C GLU FB 106 -113.82 56.52 -12.56
N TYR FB 107 -114.95 56.71 -13.20
CA TYR FB 107 -115.51 55.67 -14.05
C TYR FB 107 -114.44 55.06 -14.95
N PHE FB 108 -113.51 55.87 -15.42
CA PHE FB 108 -112.45 55.35 -16.28
C PHE FB 108 -111.54 54.44 -15.48
N ARG FB 109 -111.03 54.93 -14.36
CA ARG FB 109 -110.16 54.10 -13.56
C ARG FB 109 -110.93 52.81 -13.25
N GLY FB 110 -112.24 52.88 -13.31
CA GLY FB 110 -113.06 51.73 -13.02
C GLY FB 110 -113.15 50.73 -14.14
N ILE FB 111 -113.23 51.22 -15.37
CA ILE FB 111 -113.33 50.33 -16.51
C ILE FB 111 -111.96 49.73 -16.71
N GLY FB 112 -110.94 50.40 -16.21
CA GLY FB 112 -109.59 49.89 -16.34
C GLY FB 112 -109.47 48.63 -15.53
N GLU FB 113 -110.01 48.68 -14.32
CA GLU FB 113 -109.98 47.54 -13.44
C GLU FB 113 -110.75 46.44 -14.13
N ALA FB 114 -111.86 46.81 -14.75
CA ALA FB 114 -112.71 45.88 -15.47
C ALA FB 114 -111.90 44.96 -16.38
N PHE FB 115 -111.26 45.53 -17.38
CA PHE FB 115 -110.47 44.71 -18.30
C PHE FB 115 -109.49 43.82 -17.57
N ALA FB 116 -108.75 44.41 -16.65
CA ALA FB 116 -107.75 43.70 -15.87
C ALA FB 116 -108.30 42.50 -15.11
N ARG FB 117 -109.63 42.38 -15.10
CA ARG FB 117 -110.29 41.29 -14.40
C ARG FB 117 -110.94 40.37 -15.43
N VAL FB 118 -111.31 40.94 -16.56
CA VAL FB 118 -111.97 40.18 -17.61
C VAL FB 118 -110.98 39.51 -18.53
N LEU FB 119 -110.18 40.31 -19.22
CA LEU FB 119 -109.21 39.76 -20.15
C LEU FB 119 -108.48 38.52 -19.66
N PRO FB 120 -107.91 38.56 -18.44
CA PRO FB 120 -107.21 37.38 -17.93
C PRO FB 120 -108.05 36.11 -17.90
N GLN FB 121 -109.32 36.23 -18.23
CA GLN FB 121 -110.22 35.09 -18.24
C GLN FB 121 -110.61 34.67 -19.63
N VAL FB 122 -110.52 35.58 -20.60
CA VAL FB 122 -110.89 35.25 -21.98
C VAL FB 122 -109.73 34.71 -22.79
N LEU FB 123 -108.53 34.88 -22.28
CA LEU FB 123 -107.37 34.37 -23.00
C LEU FB 123 -106.28 34.09 -22.00
N SER FB 124 -105.41 33.15 -22.34
CA SER FB 124 -104.30 32.80 -21.46
C SER FB 124 -103.09 33.58 -21.94
N CYS FB 125 -102.04 33.59 -21.11
CA CYS FB 125 -100.83 34.31 -21.44
C CYS FB 125 -101.12 35.80 -21.53
N PHE FB 126 -101.76 36.33 -20.50
CA PHE FB 126 -102.08 37.74 -20.45
C PHE FB 126 -101.12 38.43 -19.48
N ASN FB 127 -100.32 39.36 -20.00
CA ASN FB 127 -99.37 40.06 -19.17
C ASN FB 127 -100.08 41.21 -18.47
N VAL FB 128 -100.96 40.88 -17.54
CA VAL FB 128 -101.73 41.86 -16.80
C VAL FB 128 -100.99 43.16 -16.50
N ASP FB 129 -99.74 43.06 -16.05
CA ASP FB 129 -98.96 44.25 -15.74
C ASP FB 129 -98.73 45.11 -16.98
N ALA FB 130 -98.15 44.51 -18.01
CA ALA FB 130 -97.89 45.22 -19.26
C ALA FB 130 -99.16 45.90 -19.75
N TRP FB 131 -100.26 45.16 -19.76
CA TRP FB 131 -101.52 45.73 -20.19
C TRP FB 131 -101.78 46.93 -19.31
N ASN FB 132 -101.93 46.67 -18.02
CA ASN FB 132 -102.19 47.72 -17.06
C ASN FB 132 -101.35 48.96 -17.32
N ARG FB 133 -100.04 48.78 -17.49
CA ARG FB 133 -99.21 49.93 -17.70
C ARG FB 133 -99.66 50.77 -18.88
N CYS FB 134 -99.65 50.20 -20.07
CA CYS FB 134 -100.05 50.96 -21.25
C CYS FB 134 -101.51 51.37 -21.29
N PHE FB 135 -102.36 50.67 -20.56
CA PHE FB 135 -103.77 51.03 -20.55
C PHE FB 135 -103.91 52.32 -19.74
N HIS FB 136 -103.16 52.41 -18.65
CA HIS FB 136 -103.22 53.60 -17.80
C HIS FB 136 -102.75 54.83 -18.59
N ARG FB 137 -101.64 54.71 -19.30
CA ARG FB 137 -101.13 55.82 -20.06
C ARG FB 137 -102.26 56.27 -21.01
N LEU FB 138 -102.97 55.32 -21.61
CA LEU FB 138 -104.05 55.66 -22.52
C LEU FB 138 -105.20 56.35 -21.80
N VAL FB 139 -105.62 55.77 -20.68
CA VAL FB 139 -106.72 56.33 -19.89
C VAL FB 139 -106.39 57.73 -19.38
N ALA FB 140 -105.26 57.86 -18.70
CA ALA FB 140 -104.83 59.15 -18.16
C ALA FB 140 -105.09 60.28 -19.15
N ARG FB 141 -104.53 60.16 -20.34
CA ARG FB 141 -104.72 61.18 -21.35
C ARG FB 141 -106.17 61.36 -21.77
N ILE FB 142 -106.97 60.29 -21.72
CA ILE FB 142 -108.37 60.39 -22.13
C ILE FB 142 -109.21 61.17 -21.14
N ALA FB 143 -109.04 60.73 -19.85
CA ALA FB 143 -109.85 61.14 -18.74
C ALA FB 143 -109.58 62.57 -18.53
N LYS FB 144 -108.29 62.92 -18.57
CA LYS FB 144 -107.80 64.04 -17.81
C LYS FB 144 -108.46 65.24 -18.33
N ASP FB 145 -108.72 65.18 -19.65
CA ASP FB 145 -109.23 66.31 -20.34
C ASP FB 145 -110.51 66.67 -19.64
N LEU FB 146 -111.27 65.65 -19.21
CA LEU FB 146 -112.62 65.88 -18.81
C LEU FB 146 -112.66 66.85 -17.65
N PRO FB 147 -112.08 66.59 -16.48
CA PRO FB 147 -112.16 67.48 -15.35
C PRO FB 147 -111.50 68.73 -15.78
N ASP GB 1 -119.48 -26.91 55.99
CA ASP GB 1 -118.05 -26.66 56.25
C ASP GB 1 -117.65 -25.28 55.94
N CYS GB 2 -116.38 -25.03 56.22
CA CYS GB 2 -115.98 -23.75 55.81
C CYS GB 2 -115.37 -23.89 54.50
N CYS GB 3 -115.20 -22.71 53.92
CA CYS GB 3 -114.61 -22.74 52.67
C CYS GB 3 -113.55 -21.76 52.80
N SER GB 4 -112.79 -21.71 51.72
CA SER GB 4 -111.52 -21.10 51.64
C SER GB 4 -111.72 -19.98 50.69
N TYR GB 5 -110.97 -18.88 50.91
CA TYR GB 5 -111.04 -17.61 50.23
C TYR GB 5 -110.63 -17.82 48.80
N GLU GB 6 -109.62 -18.66 48.60
CA GLU GB 6 -109.13 -18.94 47.25
C GLU GB 6 -110.27 -19.54 46.45
N ASP GB 7 -110.95 -20.50 47.04
CA ASP GB 7 -112.06 -21.15 46.38
C ASP GB 7 -113.12 -20.11 45.99
N ARG GB 8 -113.39 -19.18 46.90
CA ARG GB 8 -114.37 -18.16 46.57
C ARG GB 8 -113.90 -17.44 45.32
N ARG GB 9 -112.65 -17.03 45.31
CA ARG GB 9 -112.09 -16.37 44.14
C ARG GB 9 -112.28 -17.23 42.90
N GLU GB 10 -112.03 -18.52 43.03
CA GLU GB 10 -112.17 -19.44 41.91
C GLU GB 10 -113.57 -19.33 41.34
N ILE GB 11 -114.56 -19.45 42.20
CA ILE GB 11 -115.96 -19.36 41.80
C ILE GB 11 -116.30 -17.98 41.27
N ARG GB 12 -115.92 -16.93 42.02
CA ARG GB 12 -116.23 -15.56 41.62
C ARG GB 12 -115.79 -15.35 40.18
N HIS GB 13 -114.98 -16.28 39.67
CA HIS GB 13 -114.48 -16.23 38.30
C HIS GB 13 -115.27 -17.21 37.44
N ILE GB 14 -115.30 -18.46 37.87
CA ILE GB 14 -116.04 -19.50 37.15
C ILE GB 14 -117.43 -18.98 36.77
N TRP GB 15 -118.05 -18.24 37.68
CA TRP GB 15 -119.38 -17.70 37.44
C TRP GB 15 -119.33 -16.71 36.30
N ASP GB 16 -118.38 -15.78 36.36
CA ASP GB 16 -118.26 -14.76 35.32
C ASP GB 16 -118.22 -15.34 33.91
N ASP GB 17 -118.14 -16.67 33.81
CA ASP GB 17 -118.10 -17.32 32.51
C ASP GB 17 -119.46 -17.83 32.09
N VAL GB 18 -120.29 -18.20 33.08
CA VAL GB 18 -121.63 -18.69 32.78
C VAL GB 18 -122.60 -17.49 32.73
N TRP GB 19 -122.40 -16.53 33.64
CA TRP GB 19 -123.32 -15.45 33.83
C TRP GB 19 -123.35 -14.70 32.56
N SER GB 20 -122.20 -14.75 31.88
CA SER GB 20 -121.47 -13.60 31.48
C SER GB 20 -122.28 -12.81 30.51
N SER GB 21 -123.04 -13.52 29.65
CA SER GB 21 -123.83 -12.82 28.68
C SER GB 21 -124.70 -11.86 29.43
N SER GB 22 -125.07 -10.76 28.74
CA SER GB 22 -125.46 -9.50 29.36
C SER GB 22 -126.80 -9.56 29.91
N PHE GB 23 -127.62 -10.30 29.16
CA PHE GB 23 -129.02 -10.24 29.29
C PHE GB 23 -129.49 -11.55 28.90
N THR GB 24 -130.79 -11.63 28.73
CA THR GB 24 -131.40 -12.79 29.35
C THR GB 24 -131.07 -14.13 28.69
N ASP GB 25 -131.40 -14.27 27.42
CA ASP GB 25 -131.16 -15.50 26.64
C ASP GB 25 -130.27 -16.58 27.26
N ARG GB 26 -129.00 -16.26 27.45
CA ARG GB 26 -128.06 -17.24 28.02
C ARG GB 26 -128.43 -17.71 29.42
N ARG GB 27 -128.37 -16.78 30.39
CA ARG GB 27 -128.67 -17.12 31.76
C ARG GB 27 -129.94 -17.96 31.86
N VAL GB 28 -130.93 -17.61 31.04
CA VAL GB 28 -132.21 -18.32 31.05
C VAL GB 28 -131.99 -19.78 30.74
N ALA GB 29 -131.50 -20.07 29.54
CA ALA GB 29 -131.25 -21.44 29.13
C ALA GB 29 -130.50 -22.25 30.19
N ILE GB 30 -129.51 -21.63 30.83
CA ILE GB 30 -128.76 -22.32 31.87
C ILE GB 30 -129.60 -22.61 33.09
N VAL GB 31 -130.17 -21.57 33.72
CA VAL GB 31 -131.00 -21.78 34.90
C VAL GB 31 -132.12 -22.77 34.60
N ARG GB 32 -132.66 -22.70 33.39
CA ARG GB 32 -133.71 -23.61 32.98
C ARG GB 32 -133.10 -25.01 33.01
N ALA GB 33 -132.11 -25.23 32.17
CA ALA GB 33 -131.43 -26.53 32.11
C ALA GB 33 -131.14 -27.09 33.50
N VAL GB 34 -130.94 -26.19 34.47
CA VAL GB 34 -130.69 -26.59 35.86
C VAL GB 34 -131.96 -27.18 36.44
N PHE GB 35 -133.04 -26.41 36.38
CA PHE GB 35 -134.29 -26.89 36.89
C PHE GB 35 -134.76 -28.17 36.23
N ASP GB 36 -134.64 -28.25 34.90
CA ASP GB 36 -135.06 -29.46 34.19
C ASP GB 36 -134.42 -30.67 34.82
N ASP GB 37 -133.21 -30.48 35.36
CA ASP GB 37 -132.49 -31.58 35.99
C ASP GB 37 -133.01 -31.79 37.40
N LEU GB 38 -133.59 -30.74 37.97
CA LEU GB 38 -134.14 -30.85 39.31
C LEU GB 38 -135.44 -31.62 39.22
N PHE GB 39 -136.23 -31.30 38.20
CA PHE GB 39 -137.51 -31.95 38.02
C PHE GB 39 -137.38 -33.39 37.54
N LYS GB 40 -136.36 -33.69 36.75
CA LYS GB 40 -136.20 -35.04 36.26
C LYS GB 40 -135.80 -35.95 37.41
N HIS GB 41 -135.29 -35.36 38.49
CA HIS GB 41 -134.85 -36.13 39.65
C HIS GB 41 -135.79 -36.04 40.86
N TYR GB 42 -136.40 -34.89 41.06
CA TYR GB 42 -137.34 -34.70 42.17
C TYR GB 42 -138.58 -34.09 41.55
N PRO GB 43 -139.27 -34.85 40.69
CA PRO GB 43 -140.48 -34.45 39.98
C PRO GB 43 -141.53 -33.79 40.84
N THR GB 44 -141.49 -34.14 42.09
CA THR GB 44 -142.40 -33.59 42.98
C THR GB 44 -142.40 -32.05 42.97
N SER GB 45 -141.22 -31.50 43.17
CA SER GB 45 -141.05 -30.07 43.20
C SER GB 45 -141.73 -29.31 42.09
N LYS GB 46 -141.82 -29.93 40.93
CA LYS GB 46 -142.43 -29.29 39.76
C LYS GB 46 -143.68 -28.51 40.14
N ALA GB 47 -144.64 -29.19 40.75
CA ALA GB 47 -145.89 -28.57 41.15
C ALA GB 47 -145.74 -27.22 41.84
N LEU GB 48 -144.71 -27.08 42.68
CA LEU GB 48 -144.48 -25.84 43.42
C LEU GB 48 -144.50 -24.55 42.61
N PHE GB 49 -144.16 -24.64 41.34
CA PHE GB 49 -144.11 -23.46 40.49
C PHE GB 49 -145.31 -23.24 39.56
N GLU GB 50 -146.48 -23.71 39.94
CA GLU GB 50 -147.64 -23.51 39.08
C GLU GB 50 -147.97 -22.03 39.17
N ARG GB 51 -147.55 -21.42 40.26
CA ARG GB 51 -147.82 -20.01 40.48
C ARG GB 51 -147.19 -19.15 39.39
N VAL GB 52 -146.08 -19.63 38.83
CA VAL GB 52 -145.37 -18.88 37.80
C VAL GB 52 -145.62 -19.46 36.42
N LYS GB 53 -146.51 -20.44 36.37
CA LYS GB 53 -146.87 -21.09 35.12
C LYS GB 53 -145.77 -21.90 34.46
N ILE GB 54 -145.32 -22.97 35.13
CA ILE GB 54 -144.28 -23.81 34.55
C ILE GB 54 -144.86 -24.67 33.43
N ASP GB 55 -146.17 -24.80 33.41
CA ASP GB 55 -146.83 -25.58 32.38
C ASP GB 55 -146.67 -24.88 31.03
N GLU GB 56 -146.27 -23.61 31.07
CA GLU GB 56 -146.04 -22.81 29.88
C GLU GB 56 -144.58 -22.43 29.89
N PRO GB 57 -143.70 -23.36 29.52
CA PRO GB 57 -142.26 -23.10 29.48
C PRO GB 57 -141.84 -21.76 28.90
N GLU GB 58 -142.29 -21.43 27.71
CA GLU GB 58 -141.91 -20.16 27.08
C GLU GB 58 -142.80 -19.00 27.49
N SER GB 59 -143.69 -19.25 28.45
CA SER GB 59 -144.62 -18.26 28.94
C SER GB 59 -144.09 -16.83 29.07
N GLY GB 60 -143.03 -16.67 29.82
CA GLY GB 60 -142.49 -15.35 30.02
C GLY GB 60 -142.80 -15.03 31.48
N GLU GB 61 -143.96 -15.47 31.93
CA GLU GB 61 -144.34 -15.28 33.32
C GLU GB 61 -143.37 -16.16 34.08
N PHE GB 62 -143.00 -17.25 33.42
CA PHE GB 62 -142.09 -18.25 33.95
C PHE GB 62 -140.67 -17.90 33.60
N LYS GB 63 -140.41 -17.52 32.35
CA LYS GB 63 -139.06 -17.14 31.98
C LYS GB 63 -138.55 -16.08 32.98
N SER GB 64 -139.33 -15.02 33.17
CA SER GB 64 -138.96 -13.96 34.10
C SER GB 64 -138.57 -14.59 35.43
N HIS GB 65 -139.35 -15.57 35.87
CA HIS GB 65 -139.06 -16.26 37.13
C HIS GB 65 -137.64 -16.79 37.08
N LEU GB 66 -137.36 -17.68 36.13
CA LEU GB 66 -136.03 -18.25 35.96
C LEU GB 66 -134.97 -17.19 36.17
N VAL GB 67 -135.13 -16.06 35.49
CA VAL GB 67 -134.20 -14.96 35.60
C VAL GB 67 -134.07 -14.52 37.04
N ARG GB 68 -135.20 -14.29 37.72
CA ARG GB 68 -135.15 -13.87 39.12
C ARG GB 68 -134.32 -14.84 39.95
N VAL GB 69 -134.46 -16.13 39.66
CA VAL GB 69 -133.72 -17.15 40.38
C VAL GB 69 -132.27 -16.96 40.04
N ALA GB 70 -131.98 -16.90 38.74
CA ALA GB 70 -130.61 -16.69 38.28
C ALA GB 70 -130.05 -15.48 39.01
N ASN GB 71 -130.64 -14.31 38.79
CA ASN GB 71 -130.20 -13.08 39.43
C ASN GB 71 -130.07 -13.20 40.95
N GLY GB 72 -130.94 -13.98 41.58
CA GLY GB 72 -130.84 -14.14 43.02
C GLY GB 72 -129.55 -14.86 43.39
N LEU GB 73 -129.12 -15.75 42.52
CA LEU GB 73 -127.90 -16.52 42.70
C LEU GB 73 -126.77 -15.57 42.43
N LYS GB 74 -126.87 -14.84 41.34
CA LYS GB 74 -125.88 -13.85 40.95
C LYS GB 74 -125.61 -12.94 42.14
N LEU GB 75 -126.68 -12.41 42.72
CA LEU GB 75 -126.58 -11.53 43.87
C LEU GB 75 -125.79 -12.18 45.00
N LEU GB 76 -126.00 -13.47 45.22
CA LEU GB 76 -125.28 -14.17 46.27
C LEU GB 76 -123.80 -14.14 46.00
N ILE GB 77 -123.41 -14.77 44.90
CA ILE GB 77 -122.03 -14.84 44.48
C ILE GB 77 -121.37 -13.47 44.54
N ASN GB 78 -122.02 -12.48 43.94
CA ASN GB 78 -121.50 -11.12 43.94
C ASN GB 78 -121.54 -10.45 45.32
N LEU GB 79 -121.66 -11.26 46.36
CA LEU GB 79 -121.70 -10.75 47.70
C LEU GB 79 -120.62 -11.44 48.53
N LEU GB 80 -120.06 -12.50 47.96
CA LEU GB 80 -119.03 -13.31 48.62
C LEU GB 80 -117.83 -12.51 49.14
N ASP GB 81 -117.72 -11.25 48.73
CA ASP GB 81 -116.61 -10.44 49.18
C ASP GB 81 -117.07 -9.53 50.29
N ASP GB 82 -118.38 -9.46 50.53
CA ASP GB 82 -118.91 -8.62 51.61
C ASP GB 82 -119.61 -9.39 52.74
N THR GB 83 -119.04 -10.55 53.07
CA THR GB 83 -119.52 -11.43 54.11
C THR GB 83 -120.74 -10.99 54.91
N LEU GB 84 -120.56 -10.02 55.79
CA LEU GB 84 -121.64 -9.53 56.64
C LEU GB 84 -122.97 -9.29 55.96
N VAL GB 85 -122.94 -8.73 54.77
CA VAL GB 85 -124.18 -8.48 54.04
C VAL GB 85 -124.70 -9.79 53.51
N LEU GB 86 -123.79 -10.60 52.98
CA LEU GB 86 -124.16 -11.89 52.45
C LEU GB 86 -124.88 -12.68 53.52
N GLN GB 87 -124.30 -12.69 54.73
CA GLN GB 87 -124.87 -13.41 55.85
C GLN GB 87 -126.30 -12.99 56.16
N SER GB 88 -126.63 -11.73 55.88
CA SER GB 88 -127.98 -11.25 56.14
C SER GB 88 -128.94 -11.60 55.02
N HIS GB 89 -128.61 -11.18 53.80
CA HIS GB 89 -129.45 -11.48 52.65
C HIS GB 89 -129.60 -12.98 52.54
N LEU GB 90 -128.59 -13.71 53.00
CA LEU GB 90 -128.65 -15.15 52.91
C LEU GB 90 -129.79 -15.61 53.78
N GLY GB 91 -130.00 -14.91 54.90
CA GLY GB 91 -131.10 -15.25 55.79
C GLY GB 91 -132.39 -14.87 55.12
N HIS GB 92 -132.48 -13.62 54.71
CA HIS GB 92 -133.66 -13.10 54.01
C HIS GB 92 -134.07 -14.04 52.87
N LEU GB 93 -133.09 -14.67 52.23
CA LEU GB 93 -133.35 -15.58 51.13
C LEU GB 93 -133.98 -16.85 51.64
N ALA GB 94 -133.71 -17.17 52.90
CA ALA GB 94 -134.28 -18.36 53.51
C ALA GB 94 -135.75 -18.08 53.77
N ASP GB 95 -136.01 -17.02 54.53
CA ASP GB 95 -137.37 -16.64 54.87
C ASP GB 95 -138.28 -16.61 53.65
N GLN GB 96 -137.75 -16.21 52.50
CA GLN GB 96 -138.56 -16.15 51.30
C GLN GB 96 -138.92 -17.54 50.81
N HIS GB 97 -138.27 -18.54 51.36
CA HIS GB 97 -138.53 -19.90 50.96
C HIS GB 97 -139.22 -20.69 52.06
N ILE GB 98 -139.16 -20.18 53.28
CA ILE GB 98 -139.81 -20.86 54.39
C ILE GB 98 -141.30 -20.58 54.28
N GLN GB 99 -141.65 -19.37 53.86
CA GLN GB 99 -143.05 -19.01 53.70
C GLN GB 99 -143.64 -19.62 52.42
N ARG GB 100 -142.81 -20.33 51.67
CA ARG GB 100 -143.27 -20.98 50.45
C ARG GB 100 -143.56 -22.41 50.84
N LYS GB 101 -144.82 -22.66 51.19
CA LYS GB 101 -145.26 -23.97 51.63
C LYS GB 101 -144.97 -25.07 50.60
N GLY GB 102 -144.25 -26.10 51.03
CA GLY GB 102 -143.95 -27.20 50.13
C GLY GB 102 -142.49 -27.33 49.76
N VAL GB 103 -141.67 -26.37 50.20
CA VAL GB 103 -140.24 -26.39 49.89
C VAL GB 103 -139.44 -27.17 50.92
N THR GB 104 -138.95 -28.35 50.55
CA THR GB 104 -138.19 -29.20 51.47
C THR GB 104 -136.71 -28.87 51.54
N LYS GB 105 -136.05 -29.41 52.56
CA LYS GB 105 -134.63 -29.21 52.75
C LYS GB 105 -133.97 -30.01 51.64
N GLU GB 106 -134.68 -31.04 51.21
CA GLU GB 106 -134.19 -31.94 50.17
C GLU GB 106 -134.12 -31.27 48.80
N TYR GB 107 -135.23 -30.65 48.37
CA TYR GB 107 -135.25 -30.01 47.07
C TYR GB 107 -134.00 -29.16 46.85
N PHE GB 108 -133.52 -28.53 47.92
CA PHE GB 108 -132.33 -27.70 47.80
C PHE GB 108 -131.12 -28.55 47.51
N ARG GB 109 -130.90 -29.56 48.33
CA ARG GB 109 -129.76 -30.43 48.11
C ARG GB 109 -129.88 -30.97 46.69
N GLY GB 110 -131.11 -30.97 46.17
CA GLY GB 110 -131.34 -31.46 44.83
C GLY GB 110 -130.95 -30.51 43.73
N ILE GB 111 -131.23 -29.23 43.93
CA ILE GB 111 -130.89 -28.24 42.92
C ILE GB 111 -129.38 -28.04 42.95
N GLY GB 112 -128.78 -28.39 44.08
CA GLY GB 112 -127.34 -28.25 44.21
C GLY GB 112 -126.67 -29.23 43.29
N GLU GB 113 -127.20 -30.45 43.26
CA GLU GB 113 -126.70 -31.51 42.41
C GLU GB 113 -126.88 -31.02 40.98
N ALA GB 114 -128.05 -30.41 40.73
CA ALA GB 114 -128.38 -29.89 39.42
C ALA GB 114 -127.24 -29.08 38.83
N PHE GB 115 -126.89 -27.97 39.47
CA PHE GB 115 -125.82 -27.14 38.96
C PHE GB 115 -124.55 -27.94 38.71
N ALA GB 116 -124.19 -28.74 39.70
CA ALA GB 116 -122.98 -29.55 39.63
C ALA GB 116 -122.96 -30.49 38.42
N ARG GB 117 -124.10 -30.61 37.76
CA ARG GB 117 -124.21 -31.48 36.60
C ARG GB 117 -124.36 -30.64 35.33
N VAL GB 118 -124.96 -29.46 35.47
CA VAL GB 118 -125.17 -28.56 34.35
C VAL GB 118 -123.96 -27.69 34.06
N LEU GB 119 -123.60 -26.85 35.01
CA LEU GB 119 -122.47 -25.97 34.84
C LEU GB 119 -121.27 -26.60 34.13
N PRO GB 120 -120.81 -27.77 34.60
CA PRO GB 120 -119.66 -28.40 33.94
C PRO GB 120 -119.84 -28.66 32.44
N GLN GB 121 -121.04 -28.38 31.94
CA GLN GB 121 -121.34 -28.59 30.54
C GLN GB 121 -121.47 -27.29 29.77
N VAL GB 122 -121.79 -26.21 30.46
CA VAL GB 122 -121.95 -24.91 29.81
C VAL GB 122 -120.67 -24.13 29.72
N LEU GB 123 -119.66 -24.55 30.47
CA LEU GB 123 -118.39 -23.86 30.42
C LEU GB 123 -117.30 -24.83 30.80
N SER GB 124 -116.09 -24.57 30.30
CA SER GB 124 -114.97 -25.43 30.62
C SER GB 124 -114.21 -24.78 31.76
N CYS GB 125 -113.30 -25.55 32.36
CA CYS GB 125 -112.52 -25.05 33.48
C CYS GB 125 -113.44 -24.75 34.65
N PHE GB 126 -114.26 -25.73 35.02
CA PHE GB 126 -115.17 -25.58 36.12
C PHE GB 126 -114.64 -26.38 37.29
N ASN GB 127 -114.33 -25.69 38.38
CA ASN GB 127 -113.79 -26.36 39.57
C ASN GB 127 -114.94 -26.92 40.40
N VAL GB 128 -115.60 -27.93 39.85
CA VAL GB 128 -116.75 -28.56 40.50
C VAL GB 128 -116.66 -28.61 42.01
N ASP GB 129 -115.51 -29.01 42.54
CA ASP GB 129 -115.35 -29.10 43.98
C ASP GB 129 -115.49 -27.74 44.64
N ALA GB 130 -114.69 -26.77 44.21
CA ALA GB 130 -114.74 -25.43 44.76
C ALA GB 130 -116.16 -24.90 44.72
N TRP GB 131 -116.82 -25.08 43.59
CA TRP GB 131 -118.19 -24.63 43.47
C TRP GB 131 -118.98 -25.35 44.56
N ASN GB 132 -119.04 -26.67 44.46
CA ASN GB 132 -119.75 -27.48 45.42
C ASN GB 132 -119.55 -26.99 46.85
N ARG GB 133 -118.30 -26.81 47.26
CA ARG GB 133 -118.04 -26.36 48.61
C ARG GB 133 -118.80 -25.08 48.96
N CYS GB 134 -118.51 -23.98 48.27
CA CYS GB 134 -119.19 -22.73 48.58
C CYS GB 134 -120.67 -22.73 48.31
N PHE GB 135 -121.14 -23.60 47.44
CA PHE GB 135 -122.55 -23.62 47.15
C PHE GB 135 -123.26 -24.24 48.34
N HIS GB 136 -122.65 -25.26 48.91
CA HIS GB 136 -123.23 -25.92 50.06
C HIS GB 136 -123.34 -24.95 51.21
N ARG GB 137 -122.28 -24.21 51.50
CA ARG GB 137 -122.32 -23.27 52.60
C ARG GB 137 -123.51 -22.33 52.36
N LEU GB 138 -123.72 -21.93 51.12
CA LEU GB 138 -124.84 -21.03 50.80
C LEU GB 138 -126.19 -21.69 51.01
N VAL GB 139 -126.33 -22.91 50.50
CA VAL GB 139 -127.58 -23.65 50.63
C VAL GB 139 -127.90 -23.95 52.08
N ALA GB 140 -126.96 -24.53 52.80
CA ALA GB 140 -127.15 -24.87 54.21
C ALA GB 140 -127.87 -23.74 54.94
N ARG GB 141 -127.29 -22.54 54.89
CA ARG GB 141 -127.89 -21.39 55.57
C ARG GB 141 -129.27 -21.02 55.02
N ILE GB 142 -129.52 -21.26 53.73
CA ILE GB 142 -130.83 -20.92 53.16
C ILE GB 142 -131.93 -21.84 53.64
N ALA GB 143 -131.61 -23.15 53.54
CA ALA GB 143 -132.44 -24.26 53.85
C ALA GB 143 -132.69 -24.31 55.32
N LYS GB 144 -131.64 -24.03 56.10
CA LYS GB 144 -131.56 -24.41 57.48
C LYS GB 144 -132.65 -23.71 58.20
N ASP GB 145 -132.91 -22.48 57.76
CA ASP GB 145 -133.76 -21.59 58.48
C ASP GB 145 -135.07 -22.27 58.60
N LEU GB 146 -135.55 -22.82 57.44
CA LEU GB 146 -136.89 -23.32 57.34
C LEU GB 146 -137.02 -24.30 58.42
N PRO GB 147 -136.09 -25.15 58.70
CA PRO GB 147 -136.39 -25.93 59.85
C PRO GB 147 -136.18 -25.22 61.17
N LYS HB 1 -117.54 -39.28 15.99
CA LYS HB 1 -117.55 -38.95 17.43
C LYS HB 1 -118.91 -38.55 17.88
N LYS HB 2 -119.05 -37.34 18.46
CA LYS HB 2 -120.34 -36.96 18.94
C LYS HB 2 -120.99 -36.12 17.92
N GLN HB 3 -122.25 -35.76 18.20
CA GLN HB 3 -123.01 -34.96 17.31
C GLN HB 3 -123.25 -33.68 17.99
N CYS HB 4 -123.81 -32.77 17.19
CA CYS HB 4 -124.02 -31.43 17.61
C CYS HB 4 -125.26 -31.34 18.40
N GLY HB 5 -125.35 -30.21 19.12
CA GLY HB 5 -126.45 -29.92 19.97
C GLY HB 5 -126.05 -28.73 20.78
N VAL HB 6 -126.98 -28.29 21.66
CA VAL HB 6 -127.05 -26.92 22.07
C VAL HB 6 -125.79 -26.50 22.76
N LEU HB 7 -125.41 -27.21 23.82
CA LEU HB 7 -124.25 -26.78 24.60
C LEU HB 7 -122.96 -26.79 23.80
N GLU HB 8 -122.59 -27.96 23.28
CA GLU HB 8 -121.36 -28.07 22.50
C GLU HB 8 -121.27 -26.97 21.47
N GLY HB 9 -122.43 -26.46 21.09
CA GLY HB 9 -122.46 -25.37 20.13
C GLY HB 9 -121.99 -24.12 20.86
N LEU HB 10 -122.72 -23.75 21.90
CA LEU HB 10 -122.36 -22.58 22.66
C LEU HB 10 -120.88 -22.58 22.96
N LYS HB 11 -120.32 -23.74 23.28
CA LYS HB 11 -118.91 -23.77 23.61
C LYS HB 11 -118.08 -23.38 22.39
N VAL HB 12 -118.27 -24.08 21.29
CA VAL HB 12 -117.51 -23.76 20.09
C VAL HB 12 -117.74 -22.31 19.69
N LYS HB 13 -118.98 -21.89 19.67
CA LYS HB 13 -119.31 -20.53 19.29
C LYS HB 13 -118.52 -19.52 20.09
N SER HB 14 -118.33 -19.82 21.36
CA SER HB 14 -117.61 -18.93 22.26
C SER HB 14 -116.11 -19.01 21.99
N GLU HB 15 -115.56 -20.22 22.03
CA GLU HB 15 -114.14 -20.43 21.79
C GLU HB 15 -113.72 -19.87 20.43
N TRP HB 16 -114.59 -20.02 19.45
CA TRP HB 16 -114.29 -19.52 18.12
C TRP HB 16 -114.10 -18.05 18.23
N GLY HB 17 -114.94 -17.40 19.03
CA GLY HB 17 -114.84 -15.96 19.19
C GLY HB 17 -113.42 -15.54 19.56
N ARG HB 18 -112.81 -16.27 20.48
CA ARG HB 18 -111.46 -15.99 20.95
C ARG HB 18 -110.42 -16.34 19.90
N ALA HB 19 -110.54 -17.49 19.28
CA ALA HB 19 -109.56 -17.90 18.27
C ALA HB 19 -109.60 -17.05 17.00
N TYR HB 20 -110.79 -16.72 16.54
CA TYR HB 20 -110.94 -15.92 15.33
C TYR HB 20 -110.25 -14.59 15.54
N GLY HB 21 -110.65 -13.86 16.57
CA GLY HB 21 -110.04 -12.57 16.83
C GLY HB 21 -110.30 -11.57 15.72
N SER HB 22 -109.41 -10.60 15.55
CA SER HB 22 -109.58 -9.60 14.50
C SER HB 22 -108.27 -8.96 14.06
N GLY HB 23 -108.38 -8.08 13.07
CA GLY HB 23 -107.22 -7.39 12.55
C GLY HB 23 -106.18 -8.28 11.92
N HIS HB 24 -104.96 -8.22 12.43
CA HIS HB 24 -103.87 -9.03 11.91
C HIS HB 24 -103.99 -10.46 12.39
N ASP HB 25 -104.31 -10.64 13.67
CA ASP HB 25 -104.47 -11.99 14.22
C ASP HB 25 -105.28 -12.79 13.23
N ARG HB 26 -106.29 -12.15 12.67
CA ARG HB 26 -107.17 -12.80 11.72
C ARG HB 26 -106.43 -13.10 10.41
N GLU HB 27 -105.89 -12.06 9.79
CA GLU HB 27 -105.15 -12.23 8.54
C GLU HB 27 -104.14 -13.37 8.66
N ALA HB 28 -103.70 -13.68 9.88
CA ALA HB 28 -102.73 -14.75 10.09
C ALA HB 28 -103.48 -16.05 10.39
N PHE HB 29 -104.37 -15.98 11.35
CA PHE HB 29 -105.18 -17.13 11.73
C PHE HB 29 -105.58 -17.86 10.47
N SER HB 30 -106.14 -17.12 9.52
CA SER HB 30 -106.54 -17.71 8.26
C SER HB 30 -105.31 -18.24 7.53
N GLN HB 31 -104.30 -17.39 7.41
CA GLN HB 31 -103.06 -17.77 6.76
C GLN HB 31 -102.61 -19.14 7.28
N ALA HB 32 -102.41 -19.24 8.58
CA ALA HB 32 -101.98 -20.47 9.22
C ALA HB 32 -102.83 -21.64 8.80
N ILE HB 33 -104.14 -21.47 8.94
CA ILE HB 33 -105.08 -22.51 8.58
C ILE HB 33 -104.86 -23.03 7.19
N TRP HB 34 -104.85 -22.14 6.22
CA TRP HB 34 -104.65 -22.57 4.85
C TRP HB 34 -103.33 -23.28 4.63
N ARG HB 35 -102.27 -22.75 5.20
CA ARG HB 35 -100.97 -23.37 5.04
C ARG HB 35 -101.04 -24.79 5.55
N ALA HB 36 -101.75 -24.99 6.66
CA ALA HB 36 -101.90 -26.31 7.24
C ALA HB 36 -102.73 -27.20 6.33
N THR HB 37 -103.73 -26.60 5.69
CA THR HB 37 -104.57 -27.36 4.78
C THR HB 37 -103.77 -27.83 3.57
N PHE HB 38 -103.21 -26.88 2.84
CA PHE HB 38 -102.44 -27.19 1.65
C PHE HB 38 -101.28 -28.13 1.92
N ALA HB 39 -100.69 -28.02 3.11
CA ALA HB 39 -99.56 -28.87 3.46
C ALA HB 39 -100.02 -30.31 3.51
N GLN HB 40 -101.26 -30.50 3.93
CA GLN HB 40 -101.84 -31.83 4.02
C GLN HB 40 -102.17 -32.42 2.65
N VAL HB 41 -102.89 -31.65 1.85
CA VAL HB 41 -103.29 -32.09 0.53
C VAL HB 41 -102.86 -31.10 -0.55
N PRO HB 42 -101.57 -31.11 -0.91
CA PRO HB 42 -101.09 -30.18 -1.95
C PRO HB 42 -101.93 -30.27 -3.23
N GLU HB 43 -102.57 -31.41 -3.44
CA GLU HB 43 -103.40 -31.61 -4.62
C GLU HB 43 -104.43 -30.49 -4.76
N SER HB 44 -105.01 -30.09 -3.63
CA SER HB 44 -106.05 -29.07 -3.60
C SER HB 44 -105.67 -27.68 -4.08
N ARG HB 45 -104.39 -27.39 -4.13
CA ARG HB 45 -104.00 -26.07 -4.57
C ARG HB 45 -104.59 -25.75 -5.93
N SER HB 46 -104.74 -26.78 -6.75
CA SER HB 46 -105.28 -26.60 -8.10
C SER HB 46 -106.67 -25.97 -8.17
N LEU HB 47 -107.47 -26.13 -7.13
CA LEU HB 47 -108.82 -25.56 -7.14
C LEU HB 47 -108.84 -24.05 -6.97
N PHE HB 48 -107.84 -23.53 -6.26
CA PHE HB 48 -107.78 -22.09 -6.01
C PHE HB 48 -106.81 -21.43 -6.94
N LYS HB 49 -106.70 -21.97 -8.14
CA LYS HB 49 -105.80 -21.42 -9.12
C LYS HB 49 -106.33 -20.04 -9.50
N ARG HB 50 -107.64 -19.88 -9.38
CA ARG HB 50 -108.29 -18.63 -9.74
C ARG HB 50 -107.96 -17.47 -8.82
N VAL HB 51 -107.71 -17.81 -7.56
CA VAL HB 51 -107.41 -16.80 -6.56
C VAL HB 51 -106.01 -17.01 -6.00
N HIS HB 52 -105.04 -17.05 -6.92
CA HIS HB 52 -103.63 -17.23 -6.56
C HIS HB 52 -103.39 -18.20 -5.41
N GLY HB 53 -103.73 -19.46 -5.64
CA GLY HB 53 -103.53 -20.47 -4.63
C GLY HB 53 -102.08 -20.89 -4.62
N ASP HB 54 -101.36 -20.52 -5.66
CA ASP HB 54 -99.94 -20.86 -5.74
C ASP HB 54 -99.14 -20.17 -4.65
N ASP HB 55 -99.48 -18.91 -4.35
CA ASP HB 55 -98.80 -18.13 -3.32
C ASP HB 55 -99.77 -17.71 -2.22
N THR HB 56 -99.78 -18.47 -1.14
CA THR HB 56 -100.66 -18.22 -0.01
C THR HB 56 -100.59 -16.79 0.54
N SER HB 57 -99.50 -16.09 0.26
CA SER HB 57 -99.30 -14.72 0.73
C SER HB 57 -99.73 -13.63 -0.25
N HIS HB 58 -100.28 -14.02 -1.38
CA HIS HB 58 -100.72 -13.05 -2.37
C HIS HB 58 -102.02 -12.42 -1.94
N PRO HB 59 -102.13 -11.10 -2.02
CA PRO HB 59 -103.36 -10.41 -1.61
C PRO HB 59 -104.64 -11.09 -2.03
N ALA HB 60 -104.70 -11.49 -3.31
CA ALA HB 60 -105.88 -12.15 -3.84
C ALA HB 60 -106.30 -13.29 -2.92
N PHE HB 61 -105.33 -14.14 -2.60
CA PHE HB 61 -105.58 -15.28 -1.73
C PHE HB 61 -105.85 -14.84 -0.31
N ILE HB 62 -105.12 -13.83 0.16
CA ILE HB 62 -105.32 -13.31 1.50
C ILE HB 62 -106.78 -12.98 1.65
N ALA HB 63 -107.29 -12.29 0.64
CA ALA HB 63 -108.70 -11.90 0.60
C ALA HB 63 -109.51 -13.18 0.68
N HIS HB 64 -109.32 -14.05 -0.31
CA HIS HB 64 -110.03 -15.32 -0.33
C HIS HB 64 -110.08 -15.96 1.05
N ALA HB 65 -108.93 -16.19 1.67
CA ALA HB 65 -108.87 -16.79 2.99
C ALA HB 65 -109.76 -16.04 3.96
N ASP HB 66 -109.43 -14.78 4.20
CA ASP HB 66 -110.19 -13.94 5.12
C ASP HB 66 -111.69 -14.03 4.77
N ARG HB 67 -111.97 -14.26 3.49
CA ARG HB 67 -113.34 -14.34 3.00
C ARG HB 67 -113.99 -15.65 3.36
N VAL HB 68 -113.20 -16.72 3.37
CA VAL HB 68 -113.69 -18.05 3.69
C VAL HB 68 -114.03 -18.11 5.14
N LEU HB 69 -113.08 -17.77 5.99
CA LEU HB 69 -113.30 -17.78 7.42
C LEU HB 69 -114.61 -17.04 7.68
N GLY HB 70 -114.82 -15.97 6.91
CA GLY HB 70 -116.02 -15.18 7.06
C GLY HB 70 -117.28 -16.05 7.11
N GLY HB 71 -117.42 -16.91 6.11
CA GLY HB 71 -118.56 -17.79 6.09
C GLY HB 71 -118.54 -18.68 7.31
N LEU HB 72 -117.41 -19.35 7.56
CA LEU HB 72 -117.30 -20.21 8.70
C LEU HB 72 -117.79 -19.47 9.94
N ASP HB 73 -117.54 -18.17 9.98
CA ASP HB 73 -117.98 -17.35 11.12
C ASP HB 73 -119.50 -17.44 11.16
N ILE HB 74 -120.14 -16.92 10.13
CA ILE HB 74 -121.59 -16.96 10.07
C ILE HB 74 -122.11 -18.33 10.50
N ALA HB 75 -121.51 -19.39 9.99
CA ALA HB 75 -121.93 -20.74 10.33
C ALA HB 75 -121.90 -20.93 11.83
N ILE HB 76 -120.69 -20.97 12.37
CA ILE HB 76 -120.51 -21.14 13.80
C ILE HB 76 -121.40 -20.16 14.59
N SER HB 77 -121.32 -18.87 14.22
CA SER HB 77 -121.97 -17.84 14.97
C SER HB 77 -123.42 -18.18 15.01
N THR HB 78 -124.01 -18.39 13.82
CA THR HB 78 -125.43 -18.58 13.67
C THR HB 78 -125.83 -19.90 14.25
N LEU HB 79 -124.86 -20.81 14.44
CA LEU HB 79 -125.10 -22.22 14.67
C LEU HB 79 -126.11 -22.35 15.74
N ASP HB 80 -125.90 -21.55 16.78
CA ASP HB 80 -126.52 -21.72 18.05
C ASP HB 80 -128.00 -21.66 17.83
N GLN HB 81 -128.49 -20.72 16.99
CA GLN HB 81 -129.91 -20.67 16.83
C GLN HB 81 -130.27 -21.41 15.57
N PRO HB 82 -130.95 -22.53 15.77
CA PRO HB 82 -131.34 -23.46 14.71
C PRO HB 82 -132.07 -22.81 13.55
N ALA HB 83 -133.01 -21.93 13.90
CA ALA HB 83 -133.80 -21.22 12.90
C ALA HB 83 -132.92 -20.58 11.84
N THR HB 84 -132.06 -19.68 12.29
CA THR HB 84 -131.16 -18.95 11.41
C THR HB 84 -130.12 -19.84 10.76
N LEU HB 85 -129.38 -20.58 11.58
CA LEU HB 85 -128.36 -21.49 11.06
C LEU HB 85 -128.92 -22.25 9.86
N LYS HB 86 -130.05 -22.90 10.10
CA LYS HB 86 -130.74 -23.64 9.07
C LYS HB 86 -130.62 -22.87 7.77
N GLU HB 87 -131.04 -21.61 7.79
CA GLU HB 87 -131.01 -20.77 6.60
C GLU HB 87 -129.62 -20.62 5.99
N GLU HB 88 -128.65 -20.16 6.77
CA GLU HB 88 -127.30 -20.02 6.27
C GLU HB 88 -126.81 -21.31 5.63
N LEU HB 89 -126.93 -22.41 6.35
CA LEU HB 89 -126.49 -23.68 5.80
C LEU HB 89 -127.17 -23.91 4.48
N ASP HB 90 -128.49 -23.78 4.44
CA ASP HB 90 -129.24 -23.98 3.19
C ASP HB 90 -128.69 -23.09 2.09
N HIS HB 91 -128.43 -21.83 2.43
CA HIS HB 91 -127.89 -20.90 1.45
C HIS HB 91 -126.59 -21.49 0.88
N LEU HB 92 -125.70 -21.92 1.76
CA LEU HB 92 -124.45 -22.50 1.32
C LEU HB 92 -124.73 -23.70 0.46
N GLN HB 93 -125.54 -24.59 0.97
CA GLN HB 93 -125.91 -25.81 0.27
C GLN HB 93 -126.06 -25.53 -1.22
N VAL HB 94 -126.76 -24.45 -1.54
CA VAL HB 94 -127.00 -24.06 -2.91
C VAL HB 94 -125.73 -23.69 -3.66
N GLN HB 95 -124.95 -22.79 -3.09
CA GLN HB 95 -123.72 -22.34 -3.73
C GLN HB 95 -122.80 -23.51 -4.00
N HIS HB 96 -123.10 -24.66 -3.42
CA HIS HB 96 -122.27 -25.84 -3.61
C HIS HB 96 -122.85 -26.96 -4.47
N GLU HB 97 -124.17 -27.25 -4.38
CA GLU HB 97 -124.68 -28.39 -5.06
C GLU HB 97 -124.55 -28.15 -6.54
N GLY HB 98 -124.31 -29.25 -7.29
CA GLY HB 98 -124.00 -29.17 -8.69
C GLY HB 98 -122.52 -29.14 -8.76
N ARG HB 99 -121.87 -28.80 -7.63
CA ARG HB 99 -120.46 -29.06 -7.52
C ARG HB 99 -120.39 -30.30 -6.70
N LYS HB 100 -119.47 -31.24 -7.08
CA LYS HB 100 -119.14 -32.37 -6.27
C LYS HB 100 -117.88 -32.02 -5.54
N ILE HB 101 -117.78 -32.42 -4.26
CA ILE HB 101 -116.64 -32.02 -3.49
C ILE HB 101 -116.12 -33.23 -2.80
N PRO HB 102 -114.86 -33.39 -2.97
CA PRO HB 102 -114.16 -34.51 -2.42
C PRO HB 102 -114.32 -34.32 -0.96
N ASP HB 103 -114.59 -35.42 -0.23
CA ASP HB 103 -114.72 -35.34 1.23
C ASP HB 103 -113.33 -35.41 1.83
N ASN HB 104 -112.37 -35.78 1.01
CA ASN HB 104 -110.96 -35.87 1.40
C ASN HB 104 -110.43 -34.50 1.84
N TYR HB 105 -110.64 -33.46 1.01
CA TYR HB 105 -110.19 -32.12 1.32
C TYR HB 105 -110.86 -31.54 2.56
N PHE HB 106 -112.18 -31.54 2.59
CA PHE HB 106 -112.89 -31.02 3.76
C PHE HB 106 -112.28 -31.56 5.02
N ASP HB 107 -111.95 -32.84 5.00
CA ASP HB 107 -111.36 -33.49 6.16
C ASP HB 107 -110.09 -32.75 6.59
N ALA HB 108 -109.20 -32.54 5.64
CA ALA HB 108 -107.93 -31.84 5.90
C ALA HB 108 -108.17 -30.42 6.42
N PHE HB 109 -109.06 -29.69 5.75
CA PHE HB 109 -109.37 -28.34 6.15
C PHE HB 109 -109.88 -28.30 7.57
N LYS HB 110 -110.64 -29.31 7.98
CA LYS HB 110 -111.15 -29.35 9.36
C LYS HB 110 -109.93 -29.49 10.27
N THR HB 111 -109.13 -30.51 9.98
CA THR HB 111 -107.94 -30.78 10.76
C THR HB 111 -107.17 -29.48 10.89
N ALA HB 112 -106.94 -28.83 9.77
CA ALA HB 112 -106.21 -27.57 9.78
C ALA HB 112 -106.81 -26.65 10.84
N ILE HB 113 -108.06 -26.27 10.63
CA ILE HB 113 -108.77 -25.40 11.57
C ILE HB 113 -108.51 -25.84 13.01
N LEU HB 114 -108.84 -27.09 13.31
CA LEU HB 114 -108.64 -27.59 14.66
C LEU HB 114 -107.22 -27.37 15.20
N HIS HB 115 -106.20 -27.79 14.45
CA HIS HB 115 -104.85 -27.59 14.92
C HIS HB 115 -104.52 -26.13 15.16
N VAL HB 116 -104.88 -25.25 14.25
CA VAL HB 116 -104.60 -23.84 14.43
C VAL HB 116 -105.34 -23.32 15.63
N VAL HB 117 -106.65 -23.51 15.67
CA VAL HB 117 -107.46 -23.05 16.81
C VAL HB 117 -106.84 -23.49 18.14
N ALA HB 118 -106.44 -24.76 18.23
CA ALA HB 118 -105.82 -25.28 19.46
C ALA HB 118 -104.55 -24.51 19.76
N ALA HB 119 -103.78 -24.21 18.73
CA ALA HB 119 -102.55 -23.49 18.91
C ALA HB 119 -102.87 -22.09 19.42
N GLN HB 120 -103.95 -21.50 18.92
CA GLN HB 120 -104.35 -20.15 19.29
C GLN HB 120 -104.98 -20.03 20.67
N LEU HB 121 -105.77 -21.01 21.07
CA LEU HB 121 -106.44 -20.93 22.36
C LEU HB 121 -105.62 -21.40 23.54
N GLY HB 122 -104.46 -21.98 23.27
CA GLY HB 122 -103.64 -22.45 24.36
C GLY HB 122 -104.18 -23.63 25.14
N ARG HB 123 -104.93 -23.35 26.19
CA ARG HB 123 -105.47 -24.41 27.07
C ARG HB 123 -106.98 -24.64 27.10
N CYS HB 124 -107.76 -23.57 27.09
CA CYS HB 124 -109.20 -23.70 27.14
C CYS HB 124 -109.78 -23.95 25.75
N TYR HB 125 -109.92 -25.23 25.43
CA TYR HB 125 -110.44 -25.66 24.13
C TYR HB 125 -110.82 -27.15 24.14
N ASP HB 126 -112.09 -27.40 23.85
CA ASP HB 126 -112.59 -28.77 23.82
C ASP HB 126 -112.47 -29.27 22.39
N ARG HB 127 -111.65 -30.31 22.18
CA ARG HB 127 -111.46 -30.84 20.84
C ARG HB 127 -112.72 -31.49 20.28
N GLU HB 128 -113.21 -32.53 20.94
CA GLU HB 128 -114.41 -33.24 20.52
C GLU HB 128 -115.50 -32.28 20.04
N ALA HB 129 -115.82 -31.30 20.88
CA ALA HB 129 -116.82 -30.30 20.57
C ALA HB 129 -116.62 -29.63 19.22
N TRP HB 130 -115.44 -29.07 18.99
CA TRP HB 130 -115.17 -28.44 17.72
C TRP HB 130 -115.34 -29.47 16.62
N ASP HB 131 -114.64 -30.59 16.75
CA ASP HB 131 -114.72 -31.63 15.75
C ASP HB 131 -116.18 -31.82 15.37
N ALA HB 132 -117.01 -32.08 16.36
CA ALA HB 132 -118.43 -32.31 16.14
C ALA HB 132 -119.12 -31.21 15.36
N CYS HB 133 -118.91 -29.97 15.76
CA CYS HB 133 -119.54 -28.85 15.07
C CYS HB 133 -118.96 -28.50 13.71
N ILE HB 134 -117.63 -28.47 13.59
CA ILE HB 134 -117.02 -28.16 12.32
C ILE HB 134 -117.59 -29.17 11.36
N ASP HB 135 -117.78 -30.39 11.86
CA ASP HB 135 -118.32 -31.46 11.05
C ASP HB 135 -119.73 -31.06 10.61
N HIS HB 136 -120.62 -30.87 11.56
CA HIS HB 136 -121.99 -30.50 11.23
C HIS HB 136 -122.04 -29.36 10.23
N ILE HB 137 -121.12 -28.40 10.35
CA ILE HB 137 -121.08 -27.29 9.42
C ILE HB 137 -120.64 -27.74 8.05
N GLU HB 138 -119.62 -28.59 8.01
CA GLU HB 138 -119.14 -29.10 6.73
C GLU HB 138 -120.20 -29.95 6.03
N ASP HB 139 -120.87 -30.81 6.79
CA ASP HB 139 -121.91 -31.65 6.22
C ASP HB 139 -122.89 -30.76 5.50
N GLY HB 140 -123.28 -29.67 6.17
CA GLY HB 140 -124.23 -28.74 5.56
C GLY HB 140 -123.75 -28.10 4.27
N ILE HB 141 -122.46 -28.23 3.97
CA ILE HB 141 -121.91 -27.65 2.75
C ILE HB 141 -121.73 -28.69 1.68
N LYS HB 142 -121.51 -29.93 2.08
CA LYS HB 142 -121.33 -31.01 1.12
C LYS HB 142 -122.68 -31.60 0.74
N GLY HB 143 -123.51 -31.71 1.79
CA GLY HB 143 -124.91 -31.59 1.63
C GLY HB 143 -125.38 -32.93 1.30
N HIS HB 144 -124.39 -33.80 1.04
CA HIS HB 144 -124.81 -35.08 0.71
C HIS HB 144 -124.07 -35.99 1.61
N HIS HB 145 -124.59 -37.21 1.59
CA HIS HB 145 -124.28 -38.17 2.55
C HIS HB 145 -123.56 -39.11 1.65
N GLU IB 19 -123.54 7.80 78.09
CA GLU IB 19 -122.86 8.50 77.00
C GLU IB 19 -122.51 7.60 75.88
N CYS IB 20 -121.20 7.50 75.58
CA CYS IB 20 -120.73 6.85 74.40
C CYS IB 20 -120.64 5.38 74.73
N LEU IB 21 -120.30 4.50 73.77
CA LEU IB 21 -119.63 3.35 74.32
C LEU IB 21 -118.18 3.54 74.07
N VAL IB 22 -117.47 2.69 74.77
CA VAL IB 22 -116.08 2.56 74.93
C VAL IB 22 -115.52 2.25 73.59
N THR IB 23 -116.14 1.27 72.92
CA THR IB 23 -115.72 1.02 71.55
C THR IB 23 -116.19 2.13 70.61
N GLU IB 24 -117.47 2.47 70.73
CA GLU IB 24 -118.05 3.53 69.89
C GLU IB 24 -117.21 4.80 69.94
N SER IB 25 -116.32 4.90 70.92
CA SER IB 25 -115.47 6.07 71.05
C SER IB 25 -114.20 5.81 70.25
N LEU IB 26 -113.45 4.80 70.70
CA LEU IB 26 -112.20 4.42 70.07
C LEU IB 26 -112.36 4.46 68.56
N LYS IB 27 -113.52 4.02 68.09
CA LYS IB 27 -113.81 4.00 66.68
C LYS IB 27 -113.72 5.41 66.15
N VAL IB 28 -114.35 6.35 66.84
CA VAL IB 28 -114.32 7.74 66.42
C VAL IB 28 -112.95 8.29 66.60
N LYS IB 29 -112.36 8.06 67.76
CA LYS IB 29 -111.02 8.57 68.05
C LYS IB 29 -110.08 8.19 66.91
N LEU IB 30 -110.23 6.95 66.47
CA LEU IB 30 -109.42 6.41 65.39
C LEU IB 30 -109.74 7.03 64.03
N GLN IB 31 -110.99 6.97 63.61
CA GLN IB 31 -111.39 7.53 62.34
C GLN IB 31 -111.09 9.01 62.26
N TRP IB 32 -111.25 9.72 63.37
CA TRP IB 32 -110.98 11.16 63.37
C TRP IB 32 -109.56 11.36 62.90
N ALA IB 33 -108.67 10.50 63.37
CA ALA IB 33 -107.28 10.57 62.99
C ALA IB 33 -107.09 10.60 61.47
N SER IB 34 -107.52 9.54 60.81
CA SER IB 34 -107.40 9.43 59.38
C SER IB 34 -108.04 10.58 58.63
N ALA IB 35 -109.26 10.91 59.02
CA ALA IB 35 -110.01 11.98 58.36
C ALA IB 35 -109.40 13.38 58.51
N PHE IB 36 -109.26 13.81 59.76
CA PHE IB 36 -108.71 15.12 60.05
C PHE IB 36 -107.37 15.27 59.35
N GLY IB 37 -106.41 14.44 59.75
CA GLY IB 37 -105.10 14.50 59.12
C GLY IB 37 -104.08 15.34 59.84
N HIS IB 38 -103.12 15.84 59.08
CA HIS IB 38 -102.06 16.67 59.62
C HIS IB 38 -101.72 17.88 58.74
N ALA IB 39 -101.21 18.93 59.37
CA ALA IB 39 -100.83 20.15 58.67
C ALA IB 39 -101.88 20.66 57.72
N HIS IB 40 -101.45 21.04 56.52
CA HIS IB 40 -102.34 21.57 55.51
C HIS IB 40 -103.61 20.71 55.30
N GLU IB 41 -103.43 19.39 55.26
CA GLU IB 41 -104.55 18.47 55.07
C GLU IB 41 -105.77 18.88 55.91
N ARG IB 42 -105.48 19.51 57.05
CA ARG IB 42 -106.50 19.98 57.99
C ARG IB 42 -107.19 21.24 57.50
N VAL IB 43 -106.40 22.29 57.27
CA VAL IB 43 -106.97 23.54 56.81
C VAL IB 43 -107.95 23.24 55.69
N ALA IB 44 -107.56 22.31 54.82
CA ALA IB 44 -108.38 21.89 53.69
C ALA IB 44 -109.70 21.36 54.21
N PHE IB 45 -109.61 20.50 55.21
CA PHE IB 45 -110.79 19.92 55.83
C PHE IB 45 -111.64 21.04 56.39
N GLY IB 46 -111.09 21.79 57.32
CA GLY IB 46 -111.84 22.89 57.91
C GLY IB 46 -112.54 23.72 56.85
N LEU IB 47 -111.79 24.20 55.87
CA LEU IB 47 -112.37 25.02 54.81
C LEU IB 47 -113.55 24.32 54.17
N GLU IB 48 -113.32 23.13 53.61
CA GLU IB 48 -114.39 22.39 52.96
C GLU IB 48 -115.62 22.33 53.85
N LEU IB 49 -115.42 22.09 55.14
CA LEU IB 49 -116.51 22.01 56.10
C LEU IB 49 -117.30 23.28 56.20
N TRP IB 50 -116.68 24.35 56.67
CA TRP IB 50 -117.36 25.62 56.81
C TRP IB 50 -118.01 26.12 55.54
N ARG IB 51 -117.41 25.86 54.38
CA ARG IB 51 -118.02 26.31 53.13
C ARG IB 51 -119.38 25.66 53.01
N ASP IB 52 -119.43 24.34 53.04
CA ASP IB 52 -120.69 23.62 52.95
C ASP IB 52 -121.70 24.12 53.97
N ILE IB 53 -121.24 24.44 55.17
CA ILE IB 53 -122.12 24.93 56.23
C ILE IB 53 -122.70 26.30 55.91
N ILE IB 54 -121.84 27.24 55.56
CA ILE IB 54 -122.30 28.58 55.26
C ILE IB 54 -123.17 28.67 54.01
N ASP IB 55 -122.95 27.81 53.02
CA ASP IB 55 -123.78 27.87 51.82
C ASP IB 55 -125.20 27.39 52.13
N ASP IB 56 -125.30 26.46 53.07
CA ASP IB 56 -126.57 25.90 53.47
C ASP IB 56 -127.35 26.87 54.35
N HIS IB 57 -126.67 27.54 55.26
CA HIS IB 57 -127.30 28.50 56.16
C HIS IB 57 -126.49 29.80 56.31
N PRO IB 58 -126.57 30.68 55.31
CA PRO IB 58 -125.84 31.95 55.33
C PRO IB 58 -126.10 32.81 56.56
N GLU IB 59 -127.04 32.41 57.39
CA GLU IB 59 -127.35 33.18 58.59
C GLU IB 59 -126.14 33.19 59.52
N ILE IB 60 -125.29 32.20 59.37
CA ILE IB 60 -124.11 32.07 60.22
C ILE IB 60 -123.03 33.10 59.95
N LYS IB 61 -122.93 33.61 58.73
CA LYS IB 61 -121.90 34.59 58.43
C LYS IB 61 -121.96 35.75 59.42
N ALA IB 62 -123.05 35.82 60.15
CA ALA IB 62 -123.26 36.90 61.12
C ALA IB 62 -122.30 36.91 62.30
N PRO IB 63 -122.39 35.94 63.20
CA PRO IB 63 -121.49 35.92 64.36
C PRO IB 63 -120.02 35.76 64.00
N PHE IB 64 -119.74 35.26 62.81
CA PHE IB 64 -118.38 35.07 62.37
C PHE IB 64 -117.85 36.35 61.78
N SER IB 65 -118.49 37.45 62.12
CA SER IB 65 -118.08 38.76 61.62
C SER IB 65 -116.72 39.16 62.12
N ARG IB 66 -116.39 38.75 63.34
CA ARG IB 66 -115.10 39.09 63.94
C ARG IB 66 -113.95 38.40 63.21
N VAL IB 67 -114.20 37.18 62.73
CA VAL IB 67 -113.20 36.40 62.01
C VAL IB 67 -113.50 36.33 60.51
N ARG IB 68 -113.66 37.48 59.87
CA ARG IB 68 -113.98 37.57 58.44
C ARG IB 68 -114.68 36.31 57.92
N GLY IB 69 -115.94 36.14 58.31
CA GLY IB 69 -116.70 35.00 57.88
C GLY IB 69 -117.24 35.17 56.47
N ASP IB 70 -117.14 36.37 55.93
CA ASP IB 70 -117.60 36.63 54.59
C ASP IB 70 -116.66 35.92 53.60
N ASN IB 71 -115.37 35.97 53.89
CA ASN IB 71 -114.34 35.36 53.06
C ASN IB 71 -113.70 34.22 53.83
N ILE IB 72 -114.25 33.01 53.71
CA ILE IB 72 -113.72 31.86 54.43
C ILE IB 72 -112.32 31.45 54.00
N TYR IB 73 -111.88 31.94 52.86
CA TYR IB 73 -110.55 31.59 52.38
C TYR IB 73 -109.48 32.49 53.00
N SER IB 74 -109.93 33.56 53.65
CA SER IB 74 -109.01 34.50 54.28
C SER IB 74 -108.24 33.86 55.41
N PRO IB 75 -107.08 34.42 55.75
CA PRO IB 75 -106.28 33.87 56.84
C PRO IB 75 -106.99 34.07 58.16
N GLU IB 76 -107.62 35.23 58.31
CA GLU IB 76 -108.34 35.52 59.53
C GLU IB 76 -109.30 34.39 59.85
N PHE IB 77 -110.15 34.05 58.89
CA PHE IB 77 -111.12 32.97 59.09
C PHE IB 77 -110.40 31.64 59.16
N GLY IB 78 -109.41 31.44 58.28
CA GLY IB 78 -108.65 30.21 58.28
C GLY IB 78 -108.18 29.87 59.67
N ALA IB 79 -107.61 30.87 60.33
CA ALA IB 79 -107.13 30.69 61.67
C ALA IB 79 -108.28 30.14 62.48
N HIS IB 80 -109.36 30.91 62.56
CA HIS IB 80 -110.56 30.51 63.29
C HIS IB 80 -110.88 29.05 63.01
N SER IB 81 -111.14 28.77 61.75
CA SER IB 81 -111.47 27.43 61.29
C SER IB 81 -110.65 26.40 62.04
N GLN IB 82 -109.34 26.58 62.02
CA GLN IB 82 -108.43 25.67 62.68
C GLN IB 82 -108.69 25.58 64.19
N ARG IB 83 -108.75 26.74 64.85
CA ARG IB 83 -108.98 26.79 66.29
C ARG IB 83 -110.16 25.90 66.63
N VAL IB 84 -111.21 26.00 65.81
CA VAL IB 84 -112.43 25.23 65.99
C VAL IB 84 -112.13 23.76 65.95
N LEU IB 85 -111.75 23.29 64.78
CA LEU IB 85 -111.43 21.89 64.61
C LEU IB 85 -110.57 21.39 65.75
N SER IB 86 -109.58 22.18 66.16
CA SER IB 86 -108.71 21.78 67.25
C SER IB 86 -109.50 21.44 68.49
N GLY IB 87 -110.41 22.34 68.89
CA GLY IB 87 -111.23 22.10 70.06
C GLY IB 87 -111.99 20.80 69.89
N LEU IB 88 -112.52 20.60 68.69
CA LEU IB 88 -113.25 19.39 68.38
C LEU IB 88 -112.31 18.21 68.62
N ASP IB 89 -111.05 18.36 68.23
CA ASP IB 89 -110.07 17.30 68.43
C ASP IB 89 -110.00 16.98 69.91
N ILE IB 90 -109.83 18.02 70.71
CA ILE IB 90 -109.76 17.84 72.14
C ILE IB 90 -110.93 17.04 72.65
N THR IB 91 -112.12 17.60 72.49
CA THR IB 91 -113.31 16.91 72.94
C THR IB 91 -113.25 15.44 72.55
N ILE IB 92 -113.07 15.17 71.26
CA ILE IB 92 -113.00 13.78 70.80
C ILE IB 92 -111.94 12.96 71.53
N SER IB 93 -110.78 13.57 71.76
CA SER IB 93 -109.78 12.87 72.50
C SER IB 93 -110.25 12.70 73.91
N MET IB 94 -111.03 13.68 74.42
CA MET IB 94 -111.28 13.79 75.83
C MET IB 94 -112.01 12.58 76.26
N LEU IB 95 -112.95 12.20 75.40
CA LEU IB 95 -114.23 11.71 75.82
C LEU IB 95 -114.12 10.42 76.59
N ASP IB 96 -113.14 9.59 76.20
CA ASP IB 96 -112.99 8.25 76.69
C ASP IB 96 -112.81 8.31 78.16
N THR IB 97 -111.95 9.23 78.64
CA THR IB 97 -111.73 9.29 80.04
C THR IB 97 -112.66 10.34 80.53
N PRO IB 98 -113.59 9.90 81.32
CA PRO IB 98 -114.73 10.68 81.80
C PRO IB 98 -114.40 11.94 82.61
N ASP IB 99 -113.47 11.82 83.55
CA ASP IB 99 -113.11 12.97 84.37
C ASP IB 99 -112.63 14.18 83.57
N MET IB 100 -111.93 13.93 82.48
CA MET IB 100 -111.42 14.99 81.63
C MET IB 100 -112.53 15.53 80.74
N LEU IB 101 -113.35 14.64 80.19
CA LEU IB 101 -114.44 15.04 79.33
C LEU IB 101 -115.42 15.93 80.10
N ALA IB 102 -115.92 15.41 81.22
CA ALA IB 102 -116.88 16.14 82.04
C ALA IB 102 -116.36 17.54 82.30
N ALA IB 103 -115.06 17.65 82.54
CA ALA IB 103 -114.44 18.93 82.80
C ALA IB 103 -114.38 19.78 81.54
N GLN IB 104 -113.83 19.20 80.48
CA GLN IB 104 -113.69 19.88 79.20
C GLN IB 104 -115.04 20.36 78.71
N LEU IB 105 -116.04 19.48 78.77
CA LEU IB 105 -117.37 19.86 78.33
C LEU IB 105 -117.86 21.06 79.13
N ALA IB 106 -117.76 20.99 80.45
CA ALA IB 106 -118.19 22.08 81.28
C ALA IB 106 -117.51 23.37 80.86
N HIS IB 107 -116.22 23.27 80.56
CA HIS IB 107 -115.43 24.42 80.13
C HIS IB 107 -115.97 25.02 78.83
N LEU IB 108 -116.40 24.16 77.91
CA LEU IB 108 -116.94 24.62 76.63
C LEU IB 108 -118.29 25.28 76.81
N LYS IB 109 -119.12 24.71 77.68
CA LYS IB 109 -120.45 25.24 77.93
C LYS IB 109 -120.36 26.72 78.29
N VAL IB 110 -119.38 27.06 79.12
CA VAL IB 110 -119.21 28.43 79.54
C VAL IB 110 -118.90 29.36 78.37
N GLN IB 111 -117.94 28.98 77.54
CA GLN IB 111 -117.57 29.80 76.40
C GLN IB 111 -118.74 30.04 75.45
N HIS IB 112 -119.84 29.33 75.67
CA HIS IB 112 -121.02 29.45 74.83
C HIS IB 112 -122.21 30.13 75.49
N VAL IB 113 -122.64 29.60 76.63
CA VAL IB 113 -123.78 30.15 77.36
C VAL IB 113 -123.86 31.68 77.31
N GLU IB 114 -122.71 32.35 77.45
CA GLU IB 114 -122.72 33.78 77.65
C GLU IB 114 -123.22 34.48 76.43
N ARG IB 115 -122.70 34.09 75.25
CA ARG IB 115 -123.08 34.69 74.02
C ARG IB 115 -124.41 34.12 73.67
N ASN IB 116 -125.30 34.87 73.00
CA ASN IB 116 -126.46 34.16 72.60
C ASN IB 116 -126.15 33.45 71.33
N LEU IB 117 -126.72 32.24 71.20
CA LEU IB 117 -126.55 31.51 69.97
C LEU IB 117 -127.75 30.74 69.69
N LYS IB 118 -127.79 30.27 68.43
CA LYS IB 118 -128.83 29.40 68.01
C LYS IB 118 -128.44 28.00 68.26
N PRO IB 119 -129.40 27.37 68.86
CA PRO IB 119 -129.26 26.02 69.30
C PRO IB 119 -129.11 25.12 68.13
N GLU IB 120 -129.92 25.40 67.09
CA GLU IB 120 -130.03 24.58 65.89
C GLU IB 120 -128.76 24.66 65.03
N PHE IB 121 -127.97 25.73 65.23
CA PHE IB 121 -126.73 25.91 64.49
C PHE IB 121 -125.84 24.70 64.64
N PHE IB 122 -125.72 24.23 65.88
CA PHE IB 122 -124.90 23.08 66.17
C PHE IB 122 -125.46 21.84 65.50
N ASP IB 123 -126.78 21.70 65.51
CA ASP IB 123 -127.40 20.55 64.87
C ASP IB 123 -127.00 20.56 63.41
N ILE IB 124 -126.75 21.76 62.89
CA ILE IB 124 -126.35 21.95 61.50
C ILE IB 124 -124.88 21.55 61.35
N PHE IB 125 -124.06 22.15 62.19
CA PHE IB 125 -122.64 21.87 62.20
C PHE IB 125 -122.44 20.38 62.16
N LEU IB 126 -123.11 19.68 63.06
CA LEU IB 126 -123.01 18.22 63.13
C LEU IB 126 -123.38 17.56 61.82
N LYS IB 127 -124.51 17.98 61.25
CA LYS IB 127 -124.97 17.43 59.99
C LYS IB 127 -123.82 17.40 58.99
N HIS IB 128 -123.16 18.54 58.80
CA HIS IB 128 -122.07 18.62 57.86
C HIS IB 128 -120.81 17.89 58.28
N LEU IB 129 -120.38 18.08 59.52
CA LEU IB 129 -119.19 17.39 59.99
C LEU IB 129 -119.27 15.89 59.60
N LEU IB 130 -120.47 15.32 59.69
CA LEU IB 130 -120.67 13.92 59.34
C LEU IB 130 -120.63 13.76 57.84
N HIS IB 131 -121.27 14.68 57.14
CA HIS IB 131 -121.31 14.64 55.68
C HIS IB 131 -119.88 14.61 55.17
N VAL IB 132 -119.05 15.51 55.69
CA VAL IB 132 -117.66 15.61 55.26
C VAL IB 132 -116.88 14.36 55.62
N LEU IB 133 -116.91 13.96 56.89
CA LEU IB 133 -116.18 12.75 57.28
C LEU IB 133 -116.63 11.60 56.39
N GLY IB 134 -117.91 11.64 55.99
CA GLY IB 134 -118.43 10.62 55.12
C GLY IB 134 -117.58 10.51 53.86
N ASP IB 135 -117.32 11.66 53.23
CA ASP IB 135 -116.51 11.69 52.02
C ASP IB 135 -115.12 11.20 52.34
N ARG IB 136 -114.47 11.84 53.31
CA ARG IB 136 -113.13 11.47 53.69
C ARG IB 136 -112.93 9.99 54.00
N LEU IB 137 -113.77 9.45 54.87
CA LEU IB 137 -113.64 8.06 55.27
C LEU IB 137 -114.23 7.03 54.32
N GLY IB 138 -115.25 7.42 53.57
CA GLY IB 138 -115.86 6.49 52.64
C GLY IB 138 -116.96 5.66 53.24
N THR IB 139 -117.04 4.39 52.85
CA THR IB 139 -118.08 3.50 53.36
C THR IB 139 -117.76 2.93 54.74
N HIS IB 140 -116.49 2.98 55.11
CA HIS IB 140 -116.07 2.47 56.40
C HIS IB 140 -116.60 3.35 57.53
N PHE IB 141 -116.81 4.62 57.21
CA PHE IB 141 -117.29 5.61 58.16
C PHE IB 141 -118.37 5.07 59.06
N ASP IB 142 -118.10 4.95 60.37
CA ASP IB 142 -119.09 4.44 61.28
C ASP IB 142 -120.03 5.53 61.74
N PHE IB 143 -121.00 5.85 60.88
CA PHE IB 143 -121.99 6.87 61.13
C PHE IB 143 -122.54 6.70 62.53
N GLY IB 144 -123.05 5.52 62.81
CA GLY IB 144 -123.62 5.25 64.12
C GLY IB 144 -122.75 5.79 65.23
N ALA IB 145 -121.54 5.27 65.32
CA ALA IB 145 -120.62 5.67 66.35
C ALA IB 145 -120.46 7.18 66.43
N TRP IB 146 -120.27 7.83 65.29
CA TRP IB 146 -120.10 9.27 65.31
C TRP IB 146 -121.32 9.99 65.82
N HIS IB 147 -122.46 9.75 65.19
CA HIS IB 147 -123.69 10.39 65.60
C HIS IB 147 -123.89 10.28 67.10
N ASP IB 148 -123.87 9.06 67.62
CA ASP IB 148 -124.03 8.83 69.05
C ASP IB 148 -122.97 9.59 69.84
N CYS IB 149 -121.75 9.62 69.33
CA CYS IB 149 -120.65 10.26 70.03
C CYS IB 149 -120.44 11.76 69.90
N VAL IB 150 -120.42 12.29 68.67
CA VAL IB 150 -120.23 13.71 68.50
C VAL IB 150 -121.41 14.44 69.06
N ASP IB 151 -122.59 13.83 68.97
CA ASP IB 151 -123.80 14.45 69.48
C ASP IB 151 -123.55 14.87 70.93
N GLN IB 152 -123.19 13.89 71.75
CA GLN IB 152 -122.92 14.14 73.16
C GLN IB 152 -122.02 15.35 73.35
N ILE IB 153 -121.12 15.59 72.41
CA ILE IB 153 -120.20 16.71 72.51
C ILE IB 153 -120.89 18.01 72.22
N ILE IB 154 -121.87 17.97 71.31
CA ILE IB 154 -122.60 19.17 70.96
C ILE IB 154 -123.51 19.61 72.07
N ASP IB 155 -124.35 18.70 72.55
CA ASP IB 155 -125.27 19.05 73.61
C ASP IB 155 -124.57 19.73 74.78
N GLY IB 156 -123.38 19.23 75.18
CA GLY IB 156 -122.77 19.73 76.39
C GLY IB 156 -122.40 21.14 76.09
N ILE IB 157 -121.95 21.37 74.85
CA ILE IB 157 -121.50 22.69 74.54
C ILE IB 157 -122.68 23.59 74.58
N LYS IB 158 -123.80 23.15 73.98
CA LYS IB 158 -124.91 24.02 73.74
C LYS IB 158 -125.64 24.34 75.04
N ASP JB 5 -114.53 17.19 2.25
CA ASP JB 5 -114.30 15.87 2.84
C ASP JB 5 -113.93 16.04 4.27
N CYS JB 6 -113.63 14.94 4.95
CA CYS JB 6 -113.47 15.16 6.33
C CYS JB 6 -112.02 15.32 6.56
N CYS JB 7 -111.71 15.88 7.70
CA CYS JB 7 -110.40 16.37 7.93
C CYS JB 7 -109.70 15.25 8.64
N SER JB 8 -108.38 15.14 8.40
CA SER JB 8 -107.55 14.15 9.00
C SER JB 8 -107.34 14.57 10.43
N TYR JB 9 -107.23 13.56 11.34
CA TYR JB 9 -107.15 13.70 12.79
C TYR JB 9 -105.78 14.26 13.10
N GLU JB 10 -104.75 13.81 12.40
CA GLU JB 10 -103.41 14.30 12.63
C GLU JB 10 -103.39 15.80 12.39
N ASP JB 11 -103.97 16.20 11.27
CA ASP JB 11 -104.01 17.61 10.92
C ASP JB 11 -104.70 18.40 12.00
N ARG JB 12 -105.79 17.89 12.52
CA ARG JB 12 -106.47 18.58 13.58
C ARG JB 12 -105.48 18.82 14.72
N ARG JB 13 -104.79 17.75 15.13
CA ARG JB 13 -103.81 17.85 16.19
C ARG JB 13 -102.78 18.92 15.83
N GLU JB 14 -102.33 18.94 14.59
CA GLU JB 14 -101.35 19.92 14.15
C GLU JB 14 -101.86 21.33 14.45
N ILE JB 15 -103.08 21.60 14.02
CA ILE JB 15 -103.68 22.89 14.24
C ILE JB 15 -103.91 23.15 15.72
N ARG JB 16 -104.52 22.19 16.41
CA ARG JB 16 -104.82 22.35 17.84
C ARG JB 16 -103.58 22.80 18.56
N HIS JB 17 -102.44 22.68 17.90
CA HIS JB 17 -101.16 23.11 18.46
C HIS JB 17 -100.76 24.44 17.86
N ILE JB 18 -100.74 24.50 16.53
CA ILE JB 18 -100.39 25.74 15.85
C ILE JB 18 -101.14 26.92 16.47
N TRP JB 19 -102.40 26.70 16.78
CA TRP JB 19 -103.21 27.76 17.36
C TRP JB 19 -102.65 28.18 18.72
N ASP JB 20 -102.38 27.20 19.58
CA ASP JB 20 -101.86 27.49 20.91
C ASP JB 20 -100.64 28.40 20.88
N ASP JB 21 -100.13 28.70 19.68
CA ASP JB 21 -98.97 29.57 19.59
C ASP JB 21 -99.39 31.00 19.24
N VAL JB 22 -100.51 31.14 18.53
CA VAL JB 22 -101.00 32.47 18.17
C VAL JB 22 -101.92 32.97 19.28
N TRP JB 23 -102.77 32.08 19.83
CA TRP JB 23 -103.70 32.52 20.82
C TRP JB 23 -102.87 32.95 21.96
N SER JB 24 -102.16 31.96 22.53
CA SER JB 24 -100.99 32.27 23.30
C SER JB 24 -101.48 32.61 24.68
N SER JB 25 -101.05 33.77 25.23
CA SER JB 25 -101.43 34.17 26.55
C SER JB 25 -102.85 34.59 26.58
N SER JB 26 -103.37 34.82 27.80
CA SER JB 26 -104.76 35.08 28.05
C SER JB 26 -105.04 36.53 27.83
N PHE JB 27 -103.99 37.21 27.36
CA PHE JB 27 -103.91 38.61 27.18
C PHE JB 27 -104.74 39.04 26.04
N THR JB 28 -105.38 40.20 26.15
CA THR JB 28 -105.83 40.61 24.83
C THR JB 28 -104.74 41.03 23.85
N ASP JB 29 -103.96 42.03 24.23
CA ASP JB 29 -102.88 42.56 23.39
C ASP JB 29 -102.47 41.74 22.18
N ARG JB 30 -101.91 40.55 22.40
CA ARG JB 30 -101.46 39.70 21.30
C ARG JB 30 -102.57 39.32 20.33
N ARG JB 31 -103.50 38.50 20.79
CA ARG JB 31 -104.60 38.05 19.93
C ARG JB 31 -105.18 39.20 19.13
N VAL JB 32 -105.29 40.36 19.76
CA VAL JB 32 -105.84 41.52 19.08
C VAL JB 32 -105.03 41.86 17.84
N ALA JB 33 -103.77 42.23 18.04
CA ALA JB 33 -102.91 42.59 16.94
C ALA JB 33 -102.98 41.56 15.79
N ILE JB 34 -103.04 40.28 16.13
CA ILE JB 34 -103.11 39.25 15.10
C ILE JB 34 -104.43 39.29 14.34
N VAL JB 35 -105.55 39.14 15.05
CA VAL JB 35 -106.86 39.17 14.39
C VAL JB 35 -106.99 40.45 13.58
N ARG JB 36 -106.46 41.55 14.11
CA ARG JB 36 -106.53 42.83 13.41
C ARG JB 36 -105.74 42.65 12.13
N ALA JB 37 -104.45 42.38 12.26
CA ALA JB 37 -103.59 42.17 11.10
C ALA JB 37 -104.25 41.28 10.08
N VAL JB 38 -105.13 40.39 10.53
CA VAL JB 38 -105.85 39.49 9.63
C VAL JB 38 -106.87 40.29 8.84
N PHE JB 39 -107.70 41.03 9.55
CA PHE JB 39 -108.71 41.86 8.91
C PHE JB 39 -108.12 42.91 7.97
N ASP JB 40 -107.05 43.56 8.40
CA ASP JB 40 -106.41 44.56 7.55
C ASP JB 40 -106.10 43.97 6.20
N ASP JB 41 -105.80 42.67 6.17
CA ASP JB 41 -105.49 41.98 4.92
C ASP JB 41 -106.77 41.65 4.17
N LEU JB 42 -107.88 41.54 4.90
CA LEU JB 42 -109.15 41.24 4.28
C LEU JB 42 -109.64 42.50 3.62
N PHE JB 43 -109.44 43.63 4.30
CA PHE JB 43 -109.89 44.90 3.77
C PHE JB 43 -109.02 45.40 2.63
N LYS JB 44 -107.74 45.09 2.67
CA LYS JB 44 -106.87 45.55 1.60
C LYS JB 44 -107.19 44.80 0.32
N HIS JB 45 -107.84 43.64 0.44
CA HIS JB 45 -108.18 42.82 -0.72
C HIS JB 45 -109.66 42.86 -1.12
N TYR JB 46 -110.54 42.96 -0.13
CA TYR JB 46 -111.97 43.04 -0.38
C TYR JB 46 -112.47 44.25 0.40
N PRO JB 47 -112.03 45.45 0.01
CA PRO JB 47 -112.39 46.71 0.66
C PRO JB 47 -113.88 46.91 0.93
N THR JB 48 -114.71 46.28 0.11
CA THR JB 48 -116.15 46.38 0.25
C THR JB 48 -116.61 46.01 1.66
N SER JB 49 -116.12 44.87 2.15
CA SER JB 49 -116.45 44.36 3.46
C SER JB 49 -116.27 45.36 4.59
N LYS JB 50 -115.28 46.24 4.47
CA LYS JB 50 -115.00 47.23 5.49
C LYS JB 50 -116.27 47.83 6.05
N ALA JB 51 -117.08 48.42 5.18
CA ALA JB 51 -118.33 49.04 5.59
C ALA JB 51 -119.17 48.21 6.58
N LEU JB 52 -119.21 46.89 6.40
CA LEU JB 52 -119.99 45.99 7.25
C LEU JB 52 -119.82 46.17 8.76
N PHE JB 53 -118.65 46.66 9.17
CA PHE JB 53 -118.36 46.83 10.58
C PHE JB 53 -118.47 48.25 11.14
N GLU JB 54 -119.31 49.08 10.54
CA GLU JB 54 -119.46 50.44 11.04
C GLU JB 54 -120.18 50.33 12.37
N ARG JB 55 -120.92 49.25 12.53
CA ARG JB 55 -121.69 49.01 13.75
C ARG JB 55 -120.77 48.91 14.96
N VAL JB 56 -119.55 48.45 14.74
CA VAL JB 56 -118.60 48.30 15.83
C VAL JB 56 -117.57 49.41 15.79
N LYS JB 57 -117.77 50.37 14.90
CA LYS JB 57 -116.87 51.51 14.78
C LYS JB 57 -115.46 51.19 14.30
N ILE JB 58 -115.33 50.69 13.09
CA ILE JB 58 -114.02 50.38 12.54
C ILE JB 58 -113.29 51.66 12.19
N ASP JB 59 -114.04 52.75 12.06
CA ASP JB 59 -113.45 54.05 11.73
C ASP JB 59 -112.58 54.53 12.89
N GLU JB 60 -112.77 53.90 14.05
CA GLU JB 60 -111.99 54.20 15.24
C GLU JB 60 -111.22 52.94 15.61
N PRO JB 61 -110.12 52.67 14.90
CA PRO JB 61 -109.32 51.49 15.16
C PRO JB 61 -109.05 51.18 16.63
N GLU JB 62 -108.56 52.15 17.38
CA GLU JB 62 -108.26 51.92 18.79
C GLU JB 62 -109.48 52.12 19.71
N SER JB 63 -110.63 52.32 19.09
CA SER JB 63 -111.89 52.56 19.82
C SER JB 63 -112.08 51.75 21.08
N GLY JB 64 -112.03 50.44 20.95
CA GLY JB 64 -112.27 49.61 22.11
C GLY JB 64 -113.61 48.98 21.84
N GLU JB 65 -114.52 49.74 21.25
CA GLU JB 65 -115.83 49.22 20.91
C GLU JB 65 -115.52 48.21 19.81
N PHE JB 66 -114.47 48.53 19.05
CA PHE JB 66 -113.98 47.73 17.94
C PHE JB 66 -112.98 46.69 18.42
N LYS JB 67 -112.04 47.11 19.26
CA LYS JB 67 -111.07 46.17 19.76
C LYS JB 67 -111.83 44.99 20.34
N SER JB 68 -112.76 45.26 21.23
CA SER JB 68 -113.54 44.20 21.85
C SER JB 68 -114.06 43.29 20.76
N HIS JB 69 -114.55 43.89 19.68
CA HIS JB 69 -115.06 43.09 18.57
C HIS JB 69 -114.00 42.10 18.12
N LEU JB 70 -112.87 42.64 17.67
CA LEU JB 70 -111.78 41.81 17.22
C LEU JB 70 -111.63 40.61 18.14
N VAL JB 71 -111.57 40.87 19.43
CA VAL JB 71 -111.44 39.81 20.40
C VAL JB 71 -112.56 38.77 20.25
N ARG JB 72 -113.81 39.22 20.20
CA ARG JB 72 -114.91 38.30 20.05
C ARG JB 72 -114.71 37.41 18.85
N VAL JB 73 -114.19 37.98 17.77
CA VAL JB 73 -113.93 37.22 16.56
C VAL JB 73 -112.88 36.21 16.90
N ALA JB 74 -111.78 36.69 17.44
CA ALA JB 74 -110.68 35.83 17.83
C ALA JB 74 -111.25 34.70 18.67
N ASN JB 75 -111.79 35.04 19.82
CA ASN JB 75 -112.37 34.04 20.70
C ASN JB 75 -113.35 33.10 20.00
N GLY JB 76 -114.09 33.61 19.03
CA GLY JB 76 -115.04 32.74 18.34
C GLY JB 76 -114.30 31.69 17.56
N LEU JB 77 -113.13 32.04 17.06
CA LEU JB 77 -112.30 31.14 16.30
C LEU JB 77 -111.70 30.17 17.30
N LYS JB 78 -111.19 30.72 18.39
CA LYS JB 78 -110.62 29.91 19.44
C LYS JB 78 -111.61 28.82 19.82
N LEU JB 79 -112.85 29.22 20.09
CA LEU JB 79 -113.90 28.29 20.48
C LEU JB 79 -114.04 27.19 19.45
N LEU JB 80 -113.93 27.52 18.18
CA LEU JB 80 -114.04 26.52 17.13
C LEU JB 80 -112.95 25.49 17.28
N ILE JB 81 -111.71 25.95 17.13
CA ILE JB 81 -110.55 25.10 17.24
C ILE JB 81 -110.62 24.22 18.49
N ASN JB 82 -110.89 24.84 19.61
CA ASN JB 82 -110.99 24.11 20.87
C ASN JB 82 -112.23 23.20 20.93
N LEU JB 83 -112.81 22.92 19.78
CA LEU JB 83 -113.98 22.08 19.74
C LEU JB 83 -113.72 20.93 18.78
N LEU JB 84 -112.62 21.05 18.03
CA LEU JB 84 -112.22 20.04 17.05
C LEU JB 84 -112.11 18.62 17.60
N ASP JB 85 -112.13 18.46 18.93
CA ASP JB 85 -112.06 17.12 19.51
C ASP JB 85 -113.45 16.65 19.95
N ASP JB 86 -114.44 17.55 19.88
CA ASP JB 86 -115.80 17.18 20.24
C ASP JB 86 -116.79 17.27 19.09
N THR JB 87 -116.32 16.92 17.90
CA THR JB 87 -117.11 16.90 16.66
C THR JB 87 -118.59 17.30 16.75
N LEU JB 88 -119.42 16.43 17.30
CA LEU JB 88 -120.84 16.70 17.42
C LEU JB 88 -121.23 18.10 17.87
N VAL JB 89 -120.54 18.63 18.88
CA VAL JB 89 -120.82 19.96 19.39
C VAL JB 89 -120.33 20.97 18.37
N LEU JB 90 -119.15 20.73 17.84
CA LEU JB 90 -118.58 21.62 16.85
C LEU JB 90 -119.58 21.77 15.71
N GLN JB 91 -120.09 20.64 15.23
CA GLN JB 91 -121.04 20.61 14.12
C GLN JB 91 -122.26 21.48 14.38
N SER JB 92 -122.66 21.60 15.64
CA SER JB 92 -123.81 22.42 15.98
C SER JB 92 -123.43 23.88 16.09
N HIS JB 93 -122.47 24.20 16.95
CA HIS JB 93 -122.06 25.58 17.10
C HIS JB 93 -121.61 26.12 15.77
N LEU JB 94 -121.11 25.22 14.92
CA LEU JB 94 -120.65 25.65 13.63
C LEU JB 94 -121.83 26.19 12.86
N GLY JB 95 -122.99 25.58 13.09
CA GLY JB 95 -124.19 26.03 12.40
C GLY JB 95 -124.61 27.34 12.99
N HIS JB 96 -124.74 27.35 14.31
CA HIS JB 96 -125.12 28.55 15.04
C HIS JB 96 -124.24 29.72 14.60
N LEU JB 97 -122.99 29.44 14.30
CA LEU JB 97 -122.06 30.48 13.87
C LEU JB 97 -122.42 30.97 12.49
N ALA JB 98 -123.07 30.12 11.71
CA ALA JB 98 -123.50 30.50 10.37
C ALA JB 98 -124.67 31.46 10.52
N ASP JB 99 -125.71 31.00 11.21
CA ASP JB 99 -126.90 31.80 11.42
C ASP JB 99 -126.58 33.22 11.92
N GLN JB 100 -125.54 33.37 12.72
CA GLN JB 100 -125.17 34.68 13.23
C GLN JB 100 -124.60 35.54 12.14
N HIS JB 101 -124.29 34.95 11.00
CA HIS JB 101 -123.74 35.70 9.90
C HIS JB 101 -124.72 35.80 8.74
N ILE JB 102 -125.73 34.94 8.74
CA ILE JB 102 -126.72 34.99 7.67
C ILE JB 102 -127.61 36.17 7.95
N GLN JB 103 -127.91 36.41 9.22
CA GLN JB 103 -128.76 37.53 9.61
C GLN JB 103 -128.00 38.84 9.54
N ARG JB 104 -126.73 38.77 9.18
CA ARG JB 104 -125.91 39.97 9.05
C ARG JB 104 -125.93 40.31 7.57
N LYS JB 105 -126.86 41.18 7.21
CA LYS JB 105 -127.05 41.59 5.81
C LYS JB 105 -125.77 42.19 5.20
N GLY JB 106 -125.34 41.61 4.08
CA GLY JB 106 -124.15 42.11 3.41
C GLY JB 106 -122.95 41.18 3.45
N VAL JB 107 -123.06 40.07 4.18
CA VAL JB 107 -121.97 39.13 4.29
C VAL JB 107 -122.02 38.09 3.19
N THR JB 108 -121.07 38.17 2.25
CA THR JB 108 -121.01 37.23 1.11
C THR JB 108 -120.25 35.94 1.40
N LYS JB 109 -120.45 34.96 0.52
CA LYS JB 109 -119.78 33.68 0.66
C LYS JB 109 -118.32 33.97 0.34
N GLU JB 110 -118.11 35.01 -0.45
CA GLU JB 110 -116.79 35.41 -0.86
C GLU JB 110 -115.95 35.98 0.26
N TYR JB 111 -116.49 36.95 0.99
CA TYR JB 111 -115.76 37.56 2.09
C TYR JB 111 -115.12 36.51 2.97
N PHE JB 112 -115.79 35.38 3.16
CA PHE JB 112 -115.24 34.32 3.98
C PHE JB 112 -114.03 33.69 3.31
N ARG JB 113 -114.18 33.29 2.06
CA ARG JB 113 -113.05 32.69 1.35
C ARG JB 113 -111.93 33.71 1.41
N GLY JB 114 -112.29 34.98 1.57
CA GLY JB 114 -111.29 36.03 1.64
C GLY JB 114 -110.53 36.12 2.96
N ILE JB 115 -111.25 35.96 4.06
CA ILE JB 115 -110.62 36.03 5.37
C ILE JB 115 -109.80 34.78 5.54
N GLY JB 116 -110.15 33.74 4.79
CA GLY JB 116 -109.42 32.49 4.88
C GLY JB 116 -108.03 32.71 4.33
N GLU JB 117 -107.97 33.43 3.21
CA GLU JB 117 -106.70 33.73 2.58
C GLU JB 117 -105.94 34.59 3.57
N ALA JB 118 -106.64 35.51 4.21
CA ALA JB 118 -106.04 36.40 5.20
C ALA JB 118 -105.15 35.64 6.21
N PHE JB 119 -105.75 34.75 7.00
CA PHE JB 119 -104.98 33.98 7.97
C PHE JB 119 -103.78 33.30 7.35
N ALA JB 120 -104.04 32.61 6.24
CA ALA JB 120 -102.99 31.88 5.52
C ALA JB 120 -101.82 32.77 5.10
N ARG JB 121 -101.98 34.08 5.25
CA ARG JB 121 -100.93 35.02 4.88
C ARG JB 121 -100.37 35.68 6.13
N VAL JB 122 -101.21 35.77 7.17
CA VAL JB 122 -100.80 36.39 8.42
C VAL JB 122 -100.11 35.40 9.34
N LEU JB 123 -100.85 34.37 9.75
CA LEU JB 123 -100.29 33.37 10.65
C LEU JB 123 -98.86 32.96 10.35
N PRO JB 124 -98.56 32.57 9.11
CA PRO JB 124 -97.19 32.17 8.80
C PRO JB 124 -96.14 33.24 9.13
N GLN JB 125 -96.59 34.42 9.57
CA GLN JB 125 -95.69 35.51 9.91
C GLN JB 125 -95.60 35.76 11.41
N VAL JB 126 -96.64 35.38 12.13
CA VAL JB 126 -96.65 35.58 13.58
C VAL JB 126 -96.04 34.44 14.35
N LEU JB 127 -95.87 33.31 13.69
CA LEU JB 127 -95.27 32.15 14.34
C LEU JB 127 -94.58 31.28 13.31
N SER JB 128 -93.56 30.55 13.74
CA SER JB 128 -92.85 29.68 12.84
C SER JB 128 -93.42 28.30 13.00
N CYS JB 129 -93.06 27.41 12.08
CA CYS JB 129 -93.56 26.03 12.14
C CYS JB 129 -95.06 26.02 11.94
N PHE JB 130 -95.52 26.70 10.89
CA PHE JB 130 -96.94 26.77 10.60
C PHE JB 130 -97.23 25.87 9.43
N ASN JB 131 -98.05 24.85 9.65
CA ASN JB 131 -98.38 23.93 8.58
C ASN JB 131 -99.50 24.50 7.73
N VAL JB 132 -99.19 25.57 6.99
CA VAL JB 132 -100.17 26.24 6.15
C VAL JB 132 -101.20 25.32 5.52
N ASP JB 133 -100.75 24.21 4.95
CA ASP JB 133 -101.68 23.28 4.32
C ASP JB 133 -102.69 22.73 5.32
N ALA JB 134 -102.18 22.11 6.37
CA ALA JB 134 -103.05 21.53 7.39
C ALA JB 134 -104.05 22.56 7.88
N TRP JB 135 -103.57 23.78 8.14
CA TRP JB 135 -104.46 24.83 8.60
C TRP JB 135 -105.49 25.00 7.53
N ASN JB 136 -105.03 25.39 6.33
CA ASN JB 136 -105.93 25.60 5.20
C ASN JB 136 -106.99 24.52 5.11
N ARG JB 137 -106.59 23.26 5.15
CA ARG JB 137 -107.57 22.19 5.04
C ARG JB 137 -108.70 22.30 6.06
N CYS JB 138 -108.37 22.21 7.36
CA CYS JB 138 -109.39 22.29 8.37
C CYS JB 138 -110.07 23.62 8.48
N PHE JB 139 -109.44 24.69 8.01
CA PHE JB 139 -110.09 25.99 8.09
C PHE JB 139 -111.18 26.01 7.06
N HIS JB 140 -110.93 25.43 5.89
CA HIS JB 140 -111.92 25.40 4.83
C HIS JB 140 -113.14 24.62 5.27
N ARG JB 141 -112.92 23.44 5.85
CA ARG JB 141 -114.05 22.64 6.31
C ARG JB 141 -114.89 23.50 7.26
N LEU JB 142 -114.25 24.27 8.12
CA LEU JB 142 -114.97 25.14 9.06
C LEU JB 142 -115.73 26.26 8.34
N VAL JB 143 -115.06 26.93 7.41
CA VAL JB 143 -115.67 28.02 6.65
C VAL JB 143 -116.85 27.52 5.83
N ALA JB 144 -116.61 26.50 5.01
CA ALA JB 144 -117.66 25.94 4.18
C ALA JB 144 -118.98 25.85 4.94
N ARG JB 145 -118.97 25.13 6.06
CA ARG JB 145 -120.18 24.98 6.83
C ARG JB 145 -120.72 26.29 7.36
N ILE JB 146 -119.85 27.26 7.63
CA ILE JB 146 -120.33 28.55 8.16
C ILE JB 146 -121.07 29.37 7.12
N ALA JB 147 -120.51 29.37 5.94
CA ALA JB 147 -121.14 30.01 4.85
C ALA JB 147 -122.43 29.34 4.79
N LYS JB 148 -122.44 28.00 5.04
CA LYS JB 148 -122.90 27.00 4.12
C LYS JB 148 -124.35 27.18 3.78
N ASP JB 149 -125.15 27.57 4.79
CA ASP JB 149 -126.56 27.91 4.75
C ASP JB 149 -126.78 29.08 3.91
N LEU JB 150 -125.87 30.04 4.13
CA LEU JB 150 -126.00 31.34 3.64
C LEU JB 150 -126.07 31.16 2.20
N PRO JB 151 -125.34 30.32 1.58
CA PRO JB 151 -125.78 30.41 0.24
C PRO JB 151 -126.41 29.13 -0.19
N LYS KB 1 -78.38 45.46 7.96
CA LYS KB 1 -78.92 44.35 7.14
C LYS KB 1 -80.38 44.51 7.24
N LYS KB 2 -80.87 43.90 8.33
CA LYS KB 2 -82.24 43.94 8.69
C LYS KB 2 -82.35 44.92 9.79
N GLN KB 3 -83.30 45.84 9.59
CA GLN KB 3 -83.70 46.87 10.49
C GLN KB 3 -84.98 46.29 11.03
N CYS KB 4 -85.43 46.66 12.25
CA CYS KB 4 -86.26 45.67 12.83
C CYS KB 4 -87.66 46.15 12.94
N GLY KB 5 -88.60 45.23 13.26
CA GLY KB 5 -89.99 45.48 13.04
C GLY KB 5 -90.76 44.70 14.07
N VAL KB 6 -92.09 44.97 14.13
CA VAL KB 6 -92.96 44.60 15.21
C VAL KB 6 -92.97 43.11 15.39
N LEU KB 7 -93.36 42.39 14.30
CA LEU KB 7 -93.36 40.94 14.43
C LEU KB 7 -91.99 40.37 14.77
N GLU KB 8 -90.99 40.61 13.91
CA GLU KB 8 -89.64 40.11 14.14
C GLU KB 8 -89.21 40.40 15.56
N GLY KB 9 -89.80 41.43 16.15
CA GLY KB 9 -89.48 41.75 17.52
C GLY KB 9 -90.11 40.69 18.41
N LEU KB 10 -91.43 40.58 18.32
CA LEU KB 10 -92.16 39.60 19.10
C LEU KB 10 -91.50 38.23 19.03
N LYS KB 11 -91.02 37.85 17.85
CA LYS KB 11 -90.36 36.56 17.72
C LYS KB 11 -89.09 36.52 18.56
N VAL KB 12 -88.18 37.46 18.35
CA VAL KB 12 -86.96 37.47 19.13
C VAL KB 12 -87.28 37.56 20.60
N LYS KB 13 -88.16 38.48 20.97
CA LYS KB 13 -88.54 38.65 22.37
C LYS KB 13 -88.97 37.34 23.01
N SER KB 14 -89.69 36.53 22.25
CA SER KB 14 -90.17 35.24 22.72
C SER KB 14 -89.03 34.23 22.80
N GLU KB 15 -88.34 34.05 21.67
CA GLU KB 15 -87.23 33.10 21.60
C GLU KB 15 -86.17 33.42 22.64
N TRP KB 16 -85.94 34.70 22.88
CA TRP KB 16 -84.96 35.08 23.86
C TRP KB 16 -85.41 34.55 25.20
N GLY KB 17 -86.71 34.59 25.44
CA GLY KB 17 -87.22 34.09 26.70
C GLY KB 17 -86.77 32.68 26.99
N ARG KB 18 -86.84 31.85 25.96
CA ARG KB 18 -86.44 30.46 26.08
C ARG KB 18 -84.93 30.29 26.20
N ALA KB 19 -84.16 31.00 25.38
CA ALA KB 19 -82.71 30.90 25.40
C ALA KB 19 -82.07 31.45 26.69
N TYR KB 20 -82.60 32.57 27.16
CA TYR KB 20 -82.08 33.20 28.37
C TYR KB 20 -82.23 32.23 29.51
N GLY KB 21 -83.47 31.83 29.78
CA GLY KB 21 -83.69 30.90 30.86
C GLY KB 21 -83.35 31.52 32.21
N SER KB 22 -83.00 30.69 33.18
CA SER KB 22 -82.68 31.18 34.52
C SER KB 22 -81.77 30.26 35.31
N GLY KB 23 -81.42 30.70 36.52
CA GLY KB 23 -80.55 29.91 37.38
C GLY KB 23 -79.16 29.66 36.83
N HIS KB 24 -78.82 28.37 36.71
CA HIS KB 24 -77.52 27.99 36.18
C HIS KB 24 -77.48 28.14 34.67
N ASP KB 25 -78.52 27.69 33.99
CA ASP KB 25 -78.58 27.80 32.55
C ASP KB 25 -78.10 29.20 32.19
N ARG KB 26 -78.53 30.18 32.98
CA ARG KB 26 -78.16 31.57 32.75
C ARG KB 26 -76.68 31.77 32.99
N GLU KB 27 -76.24 31.48 34.19
CA GLU KB 27 -74.82 31.63 34.53
C GLU KB 27 -73.91 31.01 33.46
N ALA KB 28 -74.42 30.04 32.72
CA ALA KB 28 -73.65 29.38 31.68
C ALA KB 28 -73.92 30.09 30.36
N PHE KB 29 -75.19 30.25 30.02
CA PHE KB 29 -75.58 30.93 28.80
C PHE KB 29 -74.67 32.13 28.61
N SER KB 30 -74.55 32.95 29.65
CA SER KB 30 -73.69 34.13 29.59
C SER KB 30 -72.23 33.70 29.42
N GLN KB 31 -71.80 32.78 30.28
CA GLN KB 31 -70.46 32.23 30.19
C GLN KB 31 -70.12 31.90 28.73
N ALA KB 32 -70.91 30.99 28.14
CA ALA KB 32 -70.71 30.55 26.78
C ALA KB 32 -70.55 31.71 25.84
N ILE KB 33 -71.48 32.65 25.92
CA ILE KB 33 -71.47 33.84 25.08
C ILE KB 33 -70.16 34.60 25.16
N TRP KB 34 -69.72 34.92 26.37
CA TRP KB 34 -68.47 35.64 26.51
C TRP KB 34 -67.27 34.88 25.97
N ARG KB 35 -67.22 33.58 26.25
CA ARG KB 35 -66.12 32.77 25.76
C ARG KB 35 -66.07 32.86 24.25
N ALA KB 36 -67.23 32.81 23.62
CA ALA KB 36 -67.31 32.90 22.18
C ALA KB 36 -66.86 34.29 21.71
N THR KB 37 -67.20 35.32 22.48
CA THR KB 37 -66.82 36.68 22.11
C THR KB 37 -65.31 36.83 22.18
N PHE KB 38 -64.75 36.58 23.36
CA PHE KB 38 -63.31 36.71 23.56
C PHE KB 38 -62.52 35.84 22.61
N ALA KB 39 -63.06 34.68 22.27
CA ALA KB 39 -62.35 33.79 21.38
C ALA KB 39 -62.19 34.44 20.02
N GLN KB 40 -63.18 35.25 19.66
CA GLN KB 40 -63.16 35.93 18.37
C GLN KB 40 -62.19 37.10 18.37
N VAL KB 41 -62.30 37.95 19.38
CA VAL KB 41 -61.43 39.12 19.48
C VAL KB 41 -60.71 39.17 20.81
N PRO KB 42 -59.66 38.36 20.98
CA PRO KB 42 -58.92 38.35 22.24
C PRO KB 42 -58.48 39.76 22.65
N GLU KB 43 -58.34 40.64 21.67
CA GLU KB 43 -57.93 42.01 21.92
C GLU KB 43 -58.81 42.66 22.98
N SER KB 44 -60.11 42.40 22.90
CA SER KB 44 -61.11 42.99 23.80
C SER KB 44 -60.98 42.62 25.28
N ARG KB 45 -60.26 41.56 25.60
CA ARG KB 45 -60.13 41.20 27.00
C ARG KB 45 -59.61 42.37 27.81
N SER KB 46 -58.77 43.20 27.19
CA SER KB 46 -58.18 44.35 27.86
C SER KB 46 -59.17 45.35 28.44
N LEU KB 47 -60.36 45.43 27.87
CA LEU KB 47 -61.37 46.37 28.36
C LEU KB 47 -62.01 45.95 29.67
N PHE KB 48 -62.08 44.65 29.91
CA PHE KB 48 -62.68 44.15 31.12
C PHE KB 48 -61.62 43.76 32.13
N LYS KB 49 -60.51 44.46 32.10
CA LYS KB 49 -59.43 44.18 33.03
C LYS KB 49 -59.92 44.51 34.44
N ARG KB 50 -60.85 45.45 34.51
CA ARG KB 50 -61.39 45.90 35.78
C ARG KB 50 -62.24 44.85 36.47
N VAL KB 51 -62.89 44.01 35.68
CA VAL KB 51 -63.76 42.99 36.21
C VAL KB 51 -63.25 41.59 35.84
N HIS KB 52 -61.99 41.35 36.18
CA HIS KB 52 -61.33 40.08 35.90
C HIS KB 52 -61.72 39.47 34.56
N GLY KB 53 -61.34 40.13 33.48
CA GLY KB 53 -61.62 39.63 32.16
C GLY KB 53 -60.61 38.55 31.81
N ASP KB 54 -59.54 38.50 32.57
CA ASP KB 54 -58.52 37.50 32.33
C ASP KB 54 -59.06 36.09 32.56
N ASP KB 55 -59.87 35.92 33.59
CA ASP KB 55 -60.45 34.62 33.91
C ASP KB 55 -61.96 34.68 33.84
N THR KB 56 -62.50 34.26 32.71
CA THR KB 56 -63.93 34.25 32.48
C THR KB 56 -64.75 33.57 33.58
N SER KB 57 -64.12 32.69 34.37
CA SER KB 57 -64.79 31.95 35.44
C SER KB 57 -64.71 32.60 36.83
N HIS KB 58 -64.08 33.76 36.91
CA HIS KB 58 -63.94 34.48 38.18
C HIS KB 58 -65.26 35.12 38.56
N PRO KB 59 -65.70 34.94 39.80
CA PRO KB 59 -66.96 35.53 40.24
C PRO KB 59 -67.19 36.95 39.75
N ALA KB 60 -66.18 37.80 39.87
CA ALA KB 60 -66.31 39.18 39.46
C ALA KB 60 -66.84 39.25 38.06
N PHE KB 61 -66.23 38.48 37.17
CA PHE KB 61 -66.63 38.46 35.77
C PHE KB 61 -67.98 37.78 35.60
N ILE KB 62 -68.22 36.72 36.36
CA ILE KB 62 -69.49 35.99 36.29
C ILE KB 62 -70.59 36.98 36.53
N ALA KB 63 -70.38 37.82 37.53
CA ALA KB 63 -71.32 38.85 37.89
C ALA KB 63 -71.47 39.72 36.65
N HIS KB 64 -70.36 40.31 36.24
CA HIS KB 64 -70.35 41.18 35.06
C HIS KB 64 -71.19 40.61 33.93
N ALA KB 65 -70.86 39.39 33.53
CA ALA KB 65 -71.59 38.74 32.45
C ALA KB 65 -73.06 38.71 32.73
N ASP KB 66 -73.45 38.04 33.81
CA ASP KB 66 -74.85 37.93 34.19
C ASP KB 66 -75.48 39.34 34.23
N ARG KB 67 -74.65 40.35 34.51
CA ARG KB 67 -75.10 41.74 34.61
C ARG KB 67 -75.33 42.35 33.24
N VAL KB 68 -74.51 41.96 32.29
CA VAL KB 68 -74.61 42.45 30.93
C VAL KB 68 -75.86 41.92 30.28
N LEU KB 69 -76.01 40.60 30.27
CA LEU KB 69 -77.18 39.97 29.69
C LEU KB 69 -78.39 40.68 30.25
N GLY KB 70 -78.31 41.04 31.53
CA GLY KB 70 -79.41 41.74 32.18
C GLY KB 70 -79.90 42.90 31.33
N GLY KB 71 -78.98 43.77 30.94
CA GLY KB 71 -79.37 44.90 30.11
C GLY KB 71 -79.98 44.41 28.80
N LEU KB 72 -79.26 43.52 28.12
CA LEU KB 72 -79.75 42.97 26.86
C LEU KB 72 -81.17 42.49 27.07
N ASP KB 73 -81.48 41.96 28.25
CA ASP KB 73 -82.83 41.49 28.54
C ASP KB 73 -83.75 42.69 28.41
N ILE KB 74 -83.55 43.67 29.27
CA ILE KB 74 -84.38 44.87 29.23
C ILE KB 74 -84.57 45.34 27.79
N ALA KB 75 -83.49 45.41 27.03
CA ALA KB 75 -83.55 45.84 25.64
C ALA KB 75 -84.56 45.01 24.88
N ILE KB 76 -84.22 43.74 24.66
CA ILE KB 76 -85.10 42.82 23.95
C ILE KB 76 -86.51 42.84 24.53
N SER KB 77 -86.63 42.70 25.87
CA SER KB 77 -87.93 42.59 26.43
C SER KB 77 -88.68 43.88 26.25
N THR KB 78 -88.01 45.06 26.34
CA THR KB 78 -88.73 46.30 26.26
C THR KB 78 -89.23 46.58 24.86
N LEU KB 79 -88.46 46.14 23.85
CA LEU KB 79 -88.35 46.67 22.51
C LEU KB 79 -89.64 46.59 21.78
N ASP KB 80 -90.52 45.67 22.22
CA ASP KB 80 -91.73 45.41 21.49
C ASP KB 80 -92.41 46.74 21.29
N GLN KB 81 -92.69 47.43 22.40
CA GLN KB 81 -93.28 48.73 22.32
C GLN KB 81 -92.19 49.75 22.25
N PRO KB 82 -92.34 50.56 21.22
CA PRO KB 82 -91.44 51.61 20.77
C PRO KB 82 -91.26 52.71 21.81
N ALA KB 83 -92.35 53.14 22.40
CA ALA KB 83 -92.30 54.18 23.42
C ALA KB 83 -91.25 53.91 24.47
N THR KB 84 -91.42 52.79 25.17
CA THR KB 84 -90.52 52.38 26.24
C THR KB 84 -89.12 52.04 25.73
N LEU KB 85 -89.05 51.13 24.78
CA LEU KB 85 -87.77 50.73 24.22
C LEU KB 85 -86.93 51.97 23.99
N LYS KB 86 -87.50 52.91 23.26
CA LYS KB 86 -86.86 54.18 22.95
C LYS KB 86 -86.09 54.64 24.17
N GLU KB 87 -86.80 54.74 25.29
CA GLU KB 87 -86.22 55.18 26.52
C GLU KB 87 -85.03 54.34 26.95
N GLU KB 88 -85.23 53.03 27.12
CA GLU KB 88 -84.14 52.15 27.54
C GLU KB 88 -82.93 52.34 26.65
N LEU KB 89 -83.14 52.28 25.33
CA LEU KB 89 -82.03 52.45 24.42
C LEU KB 89 -81.33 53.77 24.72
N ASP KB 90 -82.11 54.84 24.78
CA ASP KB 90 -81.54 56.15 25.06
C ASP KB 90 -80.71 56.12 26.33
N HIS KB 91 -81.25 55.49 27.36
CA HIS KB 91 -80.57 55.37 28.64
C HIS KB 91 -79.22 54.73 28.41
N LEU KB 92 -79.21 53.60 27.71
CA LEU KB 92 -77.96 52.91 27.43
C LEU KB 92 -77.04 53.84 26.67
N GLN KB 93 -77.57 54.42 25.60
CA GLN KB 93 -76.82 55.33 24.75
C GLN KB 93 -75.90 56.20 25.59
N VAL KB 94 -76.45 56.72 26.67
CA VAL KB 94 -75.70 57.59 27.57
C VAL KB 94 -74.57 56.87 28.28
N GLN KB 95 -74.88 55.74 28.91
CA GLN KB 95 -73.87 54.99 29.64
C GLN KB 95 -72.72 54.60 28.74
N HIS KB 96 -72.90 54.76 27.43
CA HIS KB 96 -71.85 54.40 26.46
C HIS KB 96 -71.15 55.55 25.76
N GLU KB 97 -71.89 56.61 25.60
CA GLU KB 97 -71.42 57.66 24.73
C GLU KB 97 -70.28 58.34 25.43
N GLY KB 98 -69.20 58.65 24.70
CA GLY KB 98 -68.08 59.31 25.27
C GLY KB 98 -66.92 58.39 25.12
N ARG KB 99 -67.21 57.09 25.06
CA ARG KB 99 -66.23 56.07 25.28
C ARG KB 99 -65.97 55.42 23.98
N LYS KB 100 -64.70 55.24 23.60
CA LYS KB 100 -64.59 54.68 22.31
C LYS KB 100 -64.75 53.19 22.47
N ILE KB 101 -65.66 52.58 21.66
CA ILE KB 101 -65.72 51.15 21.45
C ILE KB 101 -66.01 50.89 20.02
N PRO KB 102 -65.09 50.26 19.43
CA PRO KB 102 -65.09 49.99 18.03
C PRO KB 102 -66.26 49.15 17.72
N ASP KB 103 -66.69 49.24 16.48
CA ASP KB 103 -67.84 48.50 15.97
C ASP KB 103 -67.42 47.06 15.70
N ASN KB 104 -66.10 46.85 15.71
CA ASN KB 104 -65.52 45.55 15.49
C ASN KB 104 -65.95 44.58 16.57
N TYR KB 105 -65.84 45.00 17.83
CA TYR KB 105 -66.21 44.15 18.97
C TYR KB 105 -67.70 43.85 19.00
N PHE KB 106 -68.53 44.88 18.96
CA PHE KB 106 -69.96 44.66 18.99
C PHE KB 106 -70.33 43.59 18.01
N ASP KB 107 -69.71 43.62 16.83
CA ASP KB 107 -69.98 42.64 15.80
C ASP KB 107 -69.75 41.23 16.36
N ALA KB 108 -68.58 41.02 16.94
CA ALA KB 108 -68.23 39.72 17.50
C ALA KB 108 -69.22 39.30 18.58
N PHE KB 109 -69.51 40.22 19.49
CA PHE KB 109 -70.43 39.93 20.57
C PHE KB 109 -71.79 39.51 20.03
N LYS KB 110 -72.22 40.09 18.91
CA LYS KB 110 -73.50 39.73 18.34
C LYS KB 110 -73.37 38.30 17.88
N THR KB 111 -72.37 38.05 17.05
CA THR KB 111 -72.13 36.72 16.55
C THR KB 111 -72.18 35.75 17.71
N ALA KB 112 -71.43 36.04 18.75
CA ALA KB 112 -71.39 35.17 19.92
C ALA KB 112 -72.83 34.84 20.33
N ILE KB 113 -73.57 35.87 20.75
CA ILE KB 113 -74.95 35.71 21.18
C ILE KB 113 -75.68 34.80 20.22
N LEU KB 114 -75.69 35.16 18.94
CA LEU KB 114 -76.38 34.35 17.95
C LEU KB 114 -76.00 32.87 17.99
N HIS KB 115 -74.72 32.58 17.92
CA HIS KB 115 -74.28 31.19 17.92
C HIS KB 115 -74.72 30.46 19.16
N VAL KB 116 -74.56 31.08 20.32
CA VAL KB 116 -74.98 30.43 21.56
C VAL KB 116 -76.50 30.23 21.55
N VAL KB 117 -77.26 31.29 21.32
CA VAL KB 117 -78.70 31.19 21.28
C VAL KB 117 -79.12 30.04 20.38
N ALA KB 118 -78.54 29.98 19.19
CA ALA KB 118 -78.88 28.91 18.26
C ALA KB 118 -78.59 27.56 18.88
N ALA KB 119 -77.47 27.46 19.60
CA ALA KB 119 -77.10 26.21 20.22
C ALA KB 119 -78.09 25.87 21.29
N GLN KB 120 -78.59 26.88 21.99
CA GLN KB 120 -79.54 26.66 23.06
C GLN KB 120 -80.97 26.35 22.61
N LEU KB 121 -81.44 26.97 21.55
CA LEU KB 121 -82.81 26.76 21.10
C LEU KB 121 -83.01 25.54 20.21
N GLY KB 122 -81.92 24.89 19.83
CA GLY KB 122 -82.05 23.73 18.99
C GLY KB 122 -82.56 23.98 17.58
N ARG KB 123 -83.88 23.95 17.41
CA ARG KB 123 -84.49 24.11 16.09
C ARG KB 123 -85.35 25.34 15.83
N CYS KB 124 -86.16 25.72 16.81
CA CYS KB 124 -87.03 26.86 16.62
C CYS KB 124 -86.30 28.16 16.91
N TYR KB 125 -85.73 28.74 15.85
CA TYR KB 125 -84.98 29.99 15.97
C TYR KB 125 -84.73 30.62 14.59
N ASP KB 126 -85.20 31.85 14.42
CA ASP KB 126 -85.05 32.58 13.17
C ASP KB 126 -83.78 33.41 13.26
N ARG KB 127 -82.80 33.10 12.42
CA ARG KB 127 -81.53 33.82 12.48
C ARG KB 127 -81.68 35.28 12.07
N GLU KB 128 -82.14 35.52 10.84
CA GLU KB 128 -82.32 36.87 10.33
C GLU KB 128 -82.93 37.79 11.38
N ALA KB 129 -84.04 37.34 11.96
CA ALA KB 129 -84.77 38.09 12.97
C ALA KB 129 -83.89 38.56 14.10
N TRP KB 130 -83.17 37.63 14.73
CA TRP KB 130 -82.29 37.99 15.82
C TRP KB 130 -81.26 38.98 15.31
N ASP KB 131 -80.56 38.59 14.25
CA ASP KB 131 -79.55 39.47 13.67
C ASP KB 131 -80.09 40.88 13.61
N ALA KB 132 -81.23 41.02 12.95
CA ALA KB 132 -81.85 42.33 12.81
C ALA KB 132 -82.05 43.08 14.13
N CYS KB 133 -82.62 42.40 15.12
CA CYS KB 133 -82.89 43.03 16.40
C CYS KB 133 -81.67 43.26 17.26
N ILE KB 134 -80.81 42.27 17.35
CA ILE KB 134 -79.61 42.46 18.16
C ILE KB 134 -78.92 43.69 17.59
N ASP KB 135 -79.00 43.83 16.28
CA ASP KB 135 -78.41 44.96 15.59
C ASP KB 135 -79.06 46.22 16.11
N HIS KB 136 -80.35 46.37 15.88
CA HIS KB 136 -81.06 47.55 16.32
C HIS KB 136 -80.72 47.90 17.76
N ILE KB 137 -80.56 46.89 18.60
CA ILE KB 137 -80.25 47.14 20.00
C ILE KB 137 -78.84 47.68 20.14
N GLU KB 138 -77.91 47.09 19.39
CA GLU KB 138 -76.54 47.54 19.45
C GLU KB 138 -76.41 48.95 18.92
N ASP KB 139 -77.09 49.23 17.81
CA ASP KB 139 -77.01 50.57 17.24
C ASP KB 139 -77.39 51.55 18.33
N GLY KB 140 -78.46 51.26 19.04
CA GLY KB 140 -78.91 52.13 20.10
C GLY KB 140 -77.88 52.35 21.20
N ILE KB 141 -76.85 51.52 21.23
CA ILE KB 141 -75.82 51.64 22.25
C ILE KB 141 -74.57 52.33 21.72
N LYS KB 142 -74.33 52.22 20.43
CA LYS KB 142 -73.18 52.85 19.84
C LYS KB 142 -73.53 54.27 19.43
N GLY KB 143 -74.75 54.43 18.89
CA GLY KB 143 -75.07 55.79 18.60
C GLY KB 143 -74.72 55.98 17.17
N HIS KB 144 -74.67 54.83 16.48
CA HIS KB 144 -73.71 54.57 15.47
C HIS KB 144 -73.83 55.52 14.34
N HIS KB 145 -72.65 56.09 14.05
CA HIS KB 145 -72.41 57.48 13.81
C HIS KB 145 -71.56 57.79 15.01
N LYS LB 1 21.99 28.75 108.41
CA LYS LB 1 21.01 27.91 109.11
C LYS LB 1 20.29 28.59 110.20
N LYS LB 2 19.22 27.90 110.61
CA LYS LB 2 18.34 28.25 111.66
C LYS LB 2 19.00 28.07 112.97
N GLN LB 3 18.65 29.00 113.88
CA GLN LB 3 18.99 28.91 115.25
C GLN LB 3 18.06 27.94 115.90
N CYS LB 4 18.60 27.26 116.94
CA CYS LB 4 17.76 26.50 117.79
C CYS LB 4 17.37 27.38 118.90
N GLY LB 5 16.15 27.10 119.38
CA GLY LB 5 15.55 27.70 120.52
C GLY LB 5 14.15 27.22 120.51
N VAL LB 6 13.27 28.02 121.15
CA VAL LB 6 11.96 27.60 121.51
C VAL LB 6 11.19 27.14 120.32
N LEU LB 7 10.90 28.06 119.41
CA LEU LB 7 9.95 27.85 118.34
C LEU LB 7 10.27 26.63 117.47
N GLU LB 8 11.44 26.63 116.85
CA GLU LB 8 11.85 25.53 116.01
C GLU LB 8 11.60 24.21 116.71
N GLY LB 9 11.60 24.24 118.04
CA GLY LB 9 11.34 23.04 118.78
C GLY LB 9 9.86 22.71 118.62
N LEU LB 10 9.00 23.64 119.06
CA LEU LB 10 7.57 23.46 118.95
C LEU LB 10 7.18 22.96 117.58
N LYS LB 11 7.83 23.50 116.53
CA LYS LB 11 7.49 23.06 115.20
C LYS LB 11 7.82 21.59 115.02
N VAL LB 12 9.07 21.21 115.28
CA VAL LB 12 9.46 19.81 115.13
C VAL LB 12 8.61 18.92 116.01
N LYS LB 13 8.44 19.32 117.26
CA LYS LB 13 7.65 18.53 118.20
C LYS LB 13 6.26 18.25 117.65
N SER LB 14 5.69 19.22 116.95
CA SER LB 14 4.36 19.09 116.38
C SER LB 14 4.39 18.21 115.15
N GLU LB 15 5.25 18.56 114.21
CA GLU LB 15 5.37 17.81 112.97
C GLU LB 15 5.72 16.35 113.26
N TRP LB 16 6.53 16.13 114.27
CA TRP LB 16 6.93 14.77 114.62
C TRP LB 16 5.67 14.03 115.02
N GLY LB 17 4.79 14.72 115.71
CA GLY LB 17 3.55 14.09 116.11
C GLY LB 17 2.82 13.47 114.93
N ARG LB 18 2.77 14.20 113.83
CA ARG LB 18 2.09 13.74 112.63
C ARG LB 18 2.86 12.63 111.94
N ALA LB 19 4.16 12.79 111.80
CA ALA LB 19 4.98 11.80 111.12
C ALA LB 19 5.10 10.48 111.86
N TYR LB 20 5.24 10.55 113.18
CA TYR LB 20 5.37 9.36 114.01
C TYR LB 20 4.13 8.51 113.86
N GLY LB 21 2.99 9.09 114.16
CA GLY LB 21 1.73 8.37 114.03
C GLY LB 21 1.67 7.21 114.99
N SER LB 22 0.92 6.18 114.65
CA SER LB 22 0.77 5.02 115.52
C SER LB 22 0.39 3.75 114.79
N GLY LB 23 0.30 2.66 115.54
CA GLY LB 23 -0.06 1.37 114.96
C GLY LB 23 0.89 0.84 113.90
N HIS LB 24 0.37 0.59 112.71
CA HIS LB 24 1.17 0.09 111.62
C HIS LB 24 2.00 1.19 111.02
N ASP LB 25 1.41 2.36 110.81
CA ASP LB 25 2.15 3.48 110.26
C ASP LB 25 3.48 3.55 110.98
N ARG LB 26 3.46 3.36 112.29
CA ARG LB 26 4.64 3.39 113.11
C ARG LB 26 5.56 2.23 112.74
N GLU LB 27 5.09 1.00 112.89
CA GLU LB 27 5.89 -0.18 112.56
C GLU LB 27 6.58 -0.05 111.20
N ALA LB 28 6.02 0.78 110.32
CA ALA LB 28 6.60 1.00 109.00
C ALA LB 28 7.52 2.19 109.06
N PHE LB 29 7.00 3.30 109.53
CA PHE LB 29 7.78 4.54 109.69
C PHE LB 29 9.19 4.18 110.14
N SER LB 30 9.27 3.39 111.21
CA SER LB 30 10.56 2.95 111.75
C SER LB 30 11.24 2.08 110.71
N GLN LB 31 10.52 1.11 110.18
CA GLN LB 31 11.05 0.22 109.16
C GLN LB 31 11.74 1.03 108.08
N ALA LB 32 11.00 1.93 107.46
CA ALA LB 32 11.52 2.79 106.39
C ALA LB 32 12.79 3.47 106.81
N ILE LB 33 12.75 4.12 107.97
CA ILE LB 33 13.90 4.83 108.49
C ILE LB 33 15.15 3.94 108.56
N TRP LB 34 15.05 2.79 109.20
CA TRP LB 34 16.19 1.92 109.30
C TRP LB 34 16.69 1.46 107.95
N ARG LB 35 15.79 1.11 107.04
CA ARG LB 35 16.21 0.67 105.73
C ARG LB 35 17.03 1.75 105.07
N ALA LB 36 16.60 3.00 105.25
CA ALA LB 36 17.30 4.14 104.69
C ALA LB 36 18.66 4.30 105.35
N THR LB 37 18.71 4.05 106.65
CA THR LB 37 19.97 4.16 107.38
C THR LB 37 20.96 3.12 106.90
N PHE LB 38 20.59 1.86 107.03
CA PHE LB 38 21.47 0.77 106.62
C PHE LB 38 21.87 0.86 105.15
N ALA LB 39 20.98 1.37 104.31
CA ALA LB 39 21.28 1.50 102.90
C ALA LB 39 22.44 2.46 102.71
N GLN LB 40 22.52 3.47 103.59
CA GLN LB 40 23.58 4.47 103.54
C GLN LB 40 24.89 3.92 104.04
N VAL LB 41 24.86 3.31 105.22
CA VAL LB 41 26.07 2.76 105.79
C VAL LB 41 25.91 1.28 106.14
N PRO LB 42 25.97 0.41 105.12
CA PRO LB 42 25.82 -1.03 105.40
C PRO LB 42 26.76 -1.53 106.51
N GLU LB 43 27.87 -0.81 106.69
CA GLU LB 43 28.86 -1.15 107.71
C GLU LB 43 28.21 -1.31 109.09
N SER LB 44 27.29 -0.40 109.40
CA SER LB 44 26.61 -0.37 110.69
C SER LB 44 25.76 -1.58 111.04
N ARG LB 45 25.38 -2.38 110.05
CA ARG LB 45 24.56 -3.53 110.35
C ARG LB 45 25.22 -4.38 111.41
N SER LB 46 26.55 -4.41 111.41
CA SER LB 46 27.30 -5.22 112.37
C SER LB 46 27.02 -4.90 113.86
N LEU LB 47 26.60 -3.67 114.15
CA LEU LB 47 26.33 -3.29 115.53
C LEU LB 47 25.06 -3.89 116.08
N PHE LB 48 24.09 -4.11 115.20
CA PHE LB 48 22.82 -4.67 115.63
C PHE LB 48 22.73 -6.15 115.34
N LYS LB 49 23.88 -6.82 115.40
CA LYS LB 49 23.93 -8.25 115.16
C LYS LB 49 23.14 -8.94 116.28
N ARG LB 50 23.12 -8.32 117.45
CA ARG LB 50 22.44 -8.87 118.61
C ARG LB 50 20.93 -8.89 118.47
N VAL LB 51 20.41 -7.93 117.72
CA VAL LB 51 18.97 -7.83 117.53
C VAL LB 51 18.60 -8.01 116.06
N HIS LB 52 19.07 -9.12 115.49
CA HIS LB 52 18.81 -9.45 114.10
C HIS LB 52 18.84 -8.25 113.16
N GLY LB 53 20.00 -7.64 113.03
CA GLY LB 53 20.16 -6.50 112.16
C GLY LB 53 20.28 -7.00 110.74
N ASP LB 54 20.55 -8.29 110.58
CA ASP LB 54 20.68 -8.88 109.25
C ASP LB 54 19.37 -8.80 108.48
N ASP LB 55 18.26 -9.03 109.17
CA ASP LB 55 16.94 -9.00 108.54
C ASP LB 55 16.06 -7.94 109.20
N THR LB 56 16.01 -6.77 108.56
CA THR LB 56 15.23 -5.65 109.06
C THR LB 56 13.77 -5.99 109.37
N SER LB 57 13.25 -7.06 108.79
CA SER LB 57 11.86 -7.48 109.00
C SER LB 57 11.64 -8.52 110.12
N HIS LB 58 12.71 -8.90 110.81
CA HIS LB 58 12.62 -9.87 111.89
C HIS LB 58 12.04 -9.22 113.11
N PRO LB 59 11.06 -9.87 113.74
CA PRO LB 59 10.43 -9.32 114.94
C PRO LB 59 11.39 -8.68 115.92
N ALA LB 60 12.47 -9.38 116.21
CA ALA LB 60 13.47 -8.88 117.15
C ALA LB 60 13.85 -7.45 116.77
N PHE LB 61 14.22 -7.27 115.52
CA PHE LB 61 14.61 -5.96 115.03
C PHE LB 61 13.44 -5.01 115.00
N ILE LB 62 12.26 -5.51 114.60
CA ILE LB 62 11.06 -4.68 114.53
C ILE LB 62 10.91 -4.03 115.87
N ALA LB 63 11.04 -4.86 116.89
CA ALA LB 63 10.93 -4.41 118.26
C ALA LB 63 11.97 -3.32 118.44
N HIS LB 64 13.23 -3.70 118.26
CA HIS LB 64 14.32 -2.75 118.39
C HIS LB 64 14.00 -1.40 117.76
N ALA LB 65 13.62 -1.42 116.49
CA ALA LB 65 13.30 -0.19 115.78
C ALA LB 65 12.24 0.59 116.52
N ASP LB 66 11.08 -0.02 116.64
CA ASP LB 66 9.97 0.61 117.34
C ASP LB 66 10.43 1.12 118.73
N ARG LB 67 11.44 0.45 119.29
CA ARG LB 67 11.97 0.78 120.61
C ARG LB 67 12.86 2.00 120.55
N VAL LB 68 13.56 2.13 119.43
CA VAL LB 68 14.47 3.25 119.24
C VAL LB 68 13.69 4.54 119.04
N LEU LB 69 12.80 4.53 118.07
CA LEU LB 69 11.97 5.69 117.81
C LEU LB 69 11.40 6.13 119.13
N GLY LB 70 11.05 5.15 119.97
CA GLY LB 70 10.50 5.46 121.29
C GLY LB 70 11.32 6.52 122.02
N GLY LB 71 12.61 6.28 122.14
CA GLY LB 71 13.46 7.24 122.80
C GLY LB 71 13.41 8.56 122.07
N LEU LB 72 13.61 8.51 120.76
CA LEU LB 72 13.58 9.72 119.95
C LEU LB 72 12.31 10.49 120.27
N ASP LB 73 11.21 9.77 120.52
CA ASP LB 73 9.97 10.41 120.85
C ASP LB 73 10.21 11.21 122.13
N ILE LB 74 10.52 10.52 123.20
CA ILE LB 74 10.76 11.20 124.46
C ILE LB 74 11.62 12.43 124.25
N ALA LB 75 12.70 12.28 123.47
CA ALA LB 75 13.59 13.40 123.21
C ALA LB 75 12.81 14.57 122.64
N ILE LB 76 12.35 14.40 121.41
CA ILE LB 76 11.60 15.43 120.74
C ILE LB 76 10.48 15.95 121.60
N SER LB 77 9.64 15.06 122.16
CA SER LB 77 8.48 15.51 122.87
C SER LB 77 8.87 16.39 124.05
N THR LB 78 9.82 15.95 124.89
CA THR LB 78 10.26 16.76 126.00
C THR LB 78 10.91 18.01 125.48
N LEU LB 79 11.53 17.92 124.29
CA LEU LB 79 12.80 18.52 124.00
C LEU LB 79 12.77 19.98 124.33
N ASP LB 80 11.74 20.70 123.87
CA ASP LB 80 11.84 22.14 123.89
C ASP LB 80 11.87 22.65 125.29
N GLN LB 81 11.08 22.06 126.22
CA GLN LB 81 11.28 22.45 127.58
C GLN LB 81 12.56 21.79 127.99
N PRO LB 82 13.47 22.67 128.49
CA PRO LB 82 14.86 22.43 128.87
C PRO LB 82 15.02 21.50 130.07
N ALA LB 83 14.21 21.74 131.09
CA ALA LB 83 14.25 20.94 132.32
C ALA LB 83 14.21 19.45 132.00
N THR LB 84 13.13 19.02 131.36
CA THR LB 84 12.91 17.62 131.02
C THR LB 84 13.92 17.13 130.00
N LEU LB 85 14.00 17.81 128.86
CA LEU LB 85 14.93 17.42 127.80
C LEU LB 85 16.26 17.08 128.43
N LYS LB 86 16.77 18.02 129.21
CA LYS LB 86 18.03 17.84 129.90
C LYS LB 86 18.10 16.40 130.39
N GLU LB 87 17.07 16.00 131.14
CA GLU LB 87 17.04 14.67 131.70
C GLU LB 87 17.15 13.57 130.65
N GLU LB 88 16.24 13.58 129.69
CA GLU LB 88 16.27 12.56 128.65
C GLU LB 88 17.63 12.47 128.01
N LEU LB 89 18.16 13.61 127.59
CA LEU LB 89 19.47 13.61 126.97
C LEU LB 89 20.47 12.95 127.89
N ASP LB 90 20.50 13.40 129.13
CA ASP LB 90 21.42 12.83 130.11
C ASP LB 90 21.24 11.31 130.19
N HIS LB 91 20.00 10.86 130.22
CA HIS LB 91 19.70 9.44 130.28
C HIS LB 91 20.38 8.75 129.10
N LEU LB 92 20.16 9.28 127.91
CA LEU LB 92 20.75 8.71 126.71
C LEU LB 92 22.25 8.70 126.87
N GLN LB 93 22.80 9.87 127.21
CA GLN LB 93 24.23 10.05 127.38
C GLN LB 93 24.83 8.83 128.03
N VAL LB 94 24.18 8.34 129.08
CA VAL LB 94 24.66 7.17 129.81
C VAL LB 94 24.61 5.90 128.97
N GLN LB 95 23.47 5.60 128.37
CA GLN LB 95 23.34 4.39 127.56
C GLN LB 95 24.38 4.35 126.46
N HIS LB 96 25.04 5.48 126.21
CA HIS LB 96 26.05 5.55 125.15
C HIS LB 96 27.51 5.65 125.59
N GLU LB 97 27.69 6.29 126.76
CA GLU LB 97 28.99 6.51 127.30
C GLU LB 97 29.50 5.18 127.74
N GLY LB 98 30.81 4.98 127.52
CA GLY LB 98 31.45 3.72 127.62
C GLY LB 98 31.75 3.26 126.24
N ARG LB 99 30.94 3.69 125.27
CA ARG LB 99 31.18 3.19 123.97
C ARG LB 99 31.75 4.30 123.16
N LYS LB 100 32.57 3.99 122.15
CA LYS LB 100 32.61 5.10 121.27
C LYS LB 100 31.91 4.71 120.01
N ILE LB 101 31.11 5.71 119.57
CA ILE LB 101 30.14 5.70 118.52
C ILE LB 101 30.39 6.89 117.68
N PRO LB 102 30.86 6.48 116.57
CA PRO LB 102 31.37 7.29 115.52
C PRO LB 102 30.24 8.02 114.94
N ASP LB 103 30.54 9.30 114.53
CA ASP LB 103 29.63 10.37 114.20
C ASP LB 103 29.14 10.17 112.77
N ASN LB 104 29.80 9.27 112.06
CA ASN LB 104 29.48 8.95 110.70
C ASN LB 104 28.10 8.36 110.64
N TYR LB 105 27.81 7.38 111.50
CA TYR LB 105 26.50 6.71 111.52
C TYR LB 105 25.38 7.64 111.91
N PHE LB 106 25.52 8.31 113.05
CA PHE LB 106 24.49 9.24 113.49
C PHE LB 106 24.07 10.12 112.35
N ASP LB 107 25.04 10.57 111.58
CA ASP LB 107 24.77 11.44 110.45
C ASP LB 107 23.77 10.76 109.51
N ALA LB 108 24.07 9.52 109.12
CA ALA LB 108 23.20 8.78 108.21
C ALA LB 108 21.81 8.59 108.80
N PHE LB 109 21.76 8.18 110.06
CA PHE LB 109 20.50 7.96 110.74
C PHE LB 109 19.66 9.23 110.74
N LYS LB 110 20.30 10.39 110.86
CA LYS LB 110 19.57 11.66 110.84
C LYS LB 110 18.97 11.81 109.45
N THR LB 111 19.84 11.71 108.45
CA THR LB 111 19.42 11.81 107.08
C THR LB 111 18.22 10.88 106.87
N ALA LB 112 18.37 9.62 107.26
CA ALA LB 112 17.28 8.69 107.11
C ALA LB 112 16.00 9.31 107.66
N ILE LB 113 15.97 9.58 108.97
CA ILE LB 113 14.81 10.18 109.61
C ILE LB 113 14.24 11.32 108.79
N LEU LB 114 15.08 12.29 108.46
CA LEU LB 114 14.63 13.42 107.67
C LEU LB 114 13.94 13.02 106.37
N HIS LB 115 14.59 12.19 105.57
CA HIS LB 115 13.98 11.79 104.32
C HIS LB 115 12.65 11.09 104.51
N VAL LB 116 12.57 10.16 105.45
CA VAL LB 116 11.33 9.47 105.68
C VAL LB 116 10.28 10.48 106.16
N VAL LB 117 10.58 11.25 107.20
CA VAL LB 117 9.64 12.23 107.72
C VAL LB 117 9.11 13.09 106.60
N ALA LB 118 9.99 13.58 105.75
CA ALA LB 118 9.57 14.41 104.64
C ALA LB 118 8.62 13.64 103.73
N ALA LB 119 8.91 12.35 103.52
CA ALA LB 119 8.06 11.54 102.66
C ALA LB 119 6.69 11.37 103.31
N GLN LB 120 6.67 11.25 104.64
CA GLN LB 120 5.44 11.08 105.38
C GLN LB 120 4.57 12.33 105.55
N LEU LB 121 5.18 13.49 105.73
CA LEU LB 121 4.40 14.72 105.92
C LEU LB 121 3.96 15.41 104.64
N GLY LB 122 4.42 14.93 103.51
CA GLY LB 122 4.04 15.55 102.26
C GLY LB 122 4.55 16.95 102.04
N ARG LB 123 3.78 17.94 102.48
CA ARG LB 123 4.16 19.34 102.24
C ARG LB 123 4.52 20.21 103.44
N CYS LB 124 3.79 20.06 104.54
CA CYS LB 124 4.05 20.87 105.73
C CYS LB 124 5.16 20.28 106.55
N TYR LB 125 6.39 20.73 106.28
CA TYR LB 125 7.56 20.24 106.98
C TYR LB 125 8.77 21.14 106.73
N ASP LB 126 9.32 21.69 107.81
CA ASP LB 126 10.49 22.58 107.74
C ASP LB 126 11.73 21.73 107.89
N ARG LB 127 12.56 21.68 106.85
CA ARG LB 127 13.77 20.87 106.90
C ARG LB 127 14.77 21.40 107.93
N GLU LB 128 15.24 22.63 107.72
CA GLU LB 128 16.21 23.22 108.62
C GLU LB 128 15.89 22.93 110.08
N ALA LB 129 14.64 23.20 110.46
CA ALA LB 129 14.17 23.00 111.82
C ALA LB 129 14.47 21.60 112.33
N TRP LB 130 14.03 20.59 111.59
CA TRP LB 130 14.28 19.23 112.00
C TRP LB 130 15.76 19.00 112.11
N ASP LB 131 16.46 19.29 111.03
CA ASP LB 131 17.89 19.12 111.02
C ASP LB 131 18.47 19.66 112.33
N ALA LB 132 18.16 20.91 112.63
CA ALA LB 132 18.67 21.54 113.84
C ALA LB 132 18.38 20.77 115.11
N CYS LB 133 17.12 20.35 115.27
CA CYS LB 133 16.73 19.61 116.47
C CYS LB 133 17.21 18.17 116.56
N ILE LB 134 17.09 17.43 115.47
CA ILE LB 134 17.57 16.07 115.47
C ILE LB 134 19.02 16.13 115.87
N ASP LB 135 19.70 17.18 115.40
CA ASP LB 135 21.10 17.38 115.70
C ASP LB 135 21.23 17.53 117.21
N HIS LB 136 20.61 18.58 117.76
CA HIS LB 136 20.70 18.83 119.20
C HIS LB 136 20.43 17.56 119.98
N ILE LB 137 19.48 16.75 119.53
CA ILE LB 137 19.18 15.52 120.23
C ILE LB 137 20.32 14.52 120.10
N GLU LB 138 20.89 14.41 118.90
CA GLU LB 138 21.99 13.50 118.71
C GLU LB 138 23.19 13.92 119.51
N ASP LB 139 23.47 15.22 119.52
CA ASP LB 139 24.62 15.70 120.27
C ASP LB 139 24.48 15.21 121.70
N GLY LB 140 23.29 15.37 122.26
CA GLY LB 140 23.06 14.96 123.61
C GLY LB 140 23.30 13.47 123.85
N ILE LB 141 23.42 12.70 122.78
CA ILE LB 141 23.62 11.27 122.92
C ILE LB 141 25.07 10.89 122.69
N LYS LB 142 25.76 11.68 121.90
CA LYS LB 142 27.16 11.40 121.63
C LYS LB 142 28.03 12.07 122.69
N GLY LB 143 27.57 13.28 123.08
CA GLY LB 143 28.08 13.90 124.25
C GLY LB 143 29.49 14.19 123.95
N HIS LB 144 29.70 14.69 122.71
CA HIS LB 144 30.88 15.40 122.32
C HIS LB 144 30.49 16.83 122.33
N HIS LB 145 30.24 17.33 123.55
CA HIS LB 145 30.37 18.70 123.92
C HIS LB 145 31.80 18.69 124.43
N HIS MB 20 -6.83 -18.49 124.88
CA HIS MB 20 -5.49 -18.58 124.24
C HIS MB 20 -5.36 -17.55 123.19
N GLU MB 21 -5.76 -17.89 121.94
CA GLU MB 21 -5.74 -16.81 121.02
C GLU MB 21 -6.85 -15.90 121.43
N HIS MB 22 -8.03 -16.50 121.68
CA HIS MB 22 -9.24 -15.77 121.58
C HIS MB 22 -9.17 -14.62 122.54
N CYS MB 23 -8.64 -14.91 123.76
CA CYS MB 23 -8.21 -13.92 124.68
C CYS MB 23 -6.94 -13.39 124.12
N CYS MB 24 -7.13 -12.34 123.34
CA CYS MB 24 -6.67 -11.02 123.55
C CYS MB 24 -6.67 -10.61 122.15
N SER MB 25 -7.85 -10.15 121.75
CA SER MB 25 -8.12 -10.57 120.43
C SER MB 25 -7.57 -9.55 119.53
N GLU MB 26 -7.69 -9.83 118.22
CA GLU MB 26 -7.60 -8.75 117.25
C GLU MB 26 -8.58 -7.62 117.57
N GLU MB 27 -9.86 -7.96 117.66
CA GLU MB 27 -10.84 -6.93 117.97
C GLU MB 27 -10.45 -6.30 119.31
N ASP MB 28 -10.21 -7.12 120.30
CA ASP MB 28 -9.83 -6.63 121.62
C ASP MB 28 -8.83 -5.51 121.53
N HIS MB 29 -7.63 -5.80 121.05
CA HIS MB 29 -6.64 -4.76 120.99
C HIS MB 29 -6.93 -3.71 119.94
N ARG MB 30 -7.57 -4.07 118.84
CA ARG MB 30 -7.89 -3.05 117.83
C ARG MB 30 -8.62 -1.95 118.63
N ILE MB 31 -9.43 -2.37 119.60
CA ILE MB 31 -10.18 -1.45 120.44
C ILE MB 31 -9.22 -0.67 121.29
N VAL MB 32 -8.46 -1.38 122.11
CA VAL MB 32 -7.52 -0.73 122.99
C VAL MB 32 -6.75 0.33 122.22
N GLN MB 33 -6.14 -0.07 121.12
CA GLN MB 33 -5.38 0.87 120.32
C GLN MB 33 -6.17 2.11 119.99
N LYS MB 34 -7.39 1.92 119.51
CA LYS MB 34 -8.22 3.06 119.13
C LYS MB 34 -8.45 3.99 120.32
N GLN MB 35 -8.81 3.41 121.45
CA GLN MB 35 -9.11 4.19 122.64
C GLN MB 35 -7.89 4.87 123.23
N TRP MB 36 -6.74 4.25 123.11
CA TRP MB 36 -5.53 4.81 123.67
C TRP MB 36 -5.09 5.99 122.84
N ASP MB 37 -5.60 6.07 121.62
CA ASP MB 37 -5.25 7.17 120.75
C ASP MB 37 -6.03 8.45 121.03
N ILE MB 38 -7.20 8.31 121.63
CA ILE MB 38 -8.02 9.47 121.97
C ILE MB 38 -7.14 10.44 122.75
N LEU MB 39 -6.14 9.90 123.44
CA LEU MB 39 -5.23 10.69 124.25
C LEU MB 39 -4.27 11.62 123.50
N TRP MB 40 -3.52 11.08 122.55
CA TRP MB 40 -2.54 11.87 121.81
C TRP MB 40 -3.07 12.70 120.64
N ARG MB 41 -4.28 13.23 120.77
CA ARG MB 41 -4.84 14.07 119.70
C ARG MB 41 -4.16 15.44 119.68
N ASP MB 42 -3.83 15.97 120.85
CA ASP MB 42 -3.16 17.28 120.92
C ASP MB 42 -1.66 17.15 121.06
N THR MB 43 -0.96 18.07 120.42
CA THR MB 43 0.50 18.08 120.40
C THR MB 43 1.21 18.08 121.75
N GLU MB 44 0.52 18.49 122.81
CA GLU MB 44 1.18 18.51 124.11
C GLU MB 44 1.15 17.18 124.83
N SER MB 45 1.53 16.13 124.10
CA SER MB 45 1.56 14.77 124.65
C SER MB 45 2.44 14.70 125.89
N SER MB 46 3.57 15.37 125.84
CA SER MB 46 4.51 15.39 126.95
C SER MB 46 3.81 15.74 128.26
N LYS MB 47 3.16 16.89 128.28
CA LYS MB 47 2.45 17.35 129.47
C LYS MB 47 1.52 16.27 129.99
N ILE MB 48 0.84 15.59 129.07
CA ILE MB 48 -0.08 14.53 129.45
C ILE MB 48 0.69 13.31 129.93
N LYS MB 49 1.37 12.64 129.01
CA LYS MB 49 2.13 11.44 129.36
C LYS MB 49 2.78 11.61 130.72
N ILE MB 50 3.45 12.73 130.94
CA ILE MB 50 4.12 13.00 132.21
C ILE MB 50 3.12 13.00 133.34
N GLY MB 51 2.25 13.99 133.34
CA GLY MB 51 1.25 14.08 134.38
C GLY MB 51 0.60 12.75 134.69
N PHE MB 52 0.16 12.06 133.65
CA PHE MB 52 -0.50 10.77 133.81
C PHE MB 52 0.44 9.73 134.40
N GLY MB 53 1.58 9.56 133.77
CA GLY MB 53 2.55 8.58 134.26
C GLY MB 53 3.01 8.93 135.67
N ARG MB 54 3.13 10.22 135.92
CA ARG MB 54 3.56 10.71 137.20
C ARG MB 54 2.56 10.18 138.20
N LEU MB 55 1.31 10.53 138.00
CA LEU MB 55 0.24 10.10 138.89
C LEU MB 55 0.23 8.59 139.07
N LEU MB 56 0.28 7.86 137.96
CA LEU MB 56 0.27 6.41 138.02
C LEU MB 56 1.35 5.85 138.93
N LEU MB 57 2.57 6.33 138.82
CA LEU MB 57 3.63 5.82 139.68
C LEU MB 57 3.43 6.28 141.11
N THR MB 58 3.03 7.53 141.30
CA THR MB 58 2.77 8.07 142.64
C THR MB 58 1.77 7.18 143.36
N LYS MB 59 0.58 7.05 142.78
CA LYS MB 59 -0.49 6.22 143.34
C LYS MB 59 0.00 4.80 143.60
N LEU MB 60 1.13 4.42 143.02
CA LEU MB 60 1.65 3.09 143.26
C LEU MB 60 2.42 3.15 144.55
N ALA MB 61 3.32 4.10 144.66
CA ALA MB 61 4.12 4.29 145.87
C ALA MB 61 3.21 4.54 147.08
N LYS MB 62 2.03 5.09 146.80
CA LYS MB 62 1.07 5.36 147.85
C LYS MB 62 0.59 4.05 148.48
N ASP MB 63 0.19 3.08 147.64
CA ASP MB 63 -0.31 1.79 148.11
C ASP MB 63 0.78 0.81 148.50
N ILE MB 64 1.99 1.01 147.98
CA ILE MB 64 3.10 0.14 148.31
C ILE MB 64 4.37 0.99 148.34
N PRO MB 65 4.79 1.43 149.53
CA PRO MB 65 5.98 2.26 149.76
C PRO MB 65 7.34 1.66 149.44
N GLU MB 66 7.50 0.36 149.61
CA GLU MB 66 8.78 -0.26 149.33
C GLU MB 66 9.19 0.10 147.90
N VAL MB 67 8.29 0.75 147.18
CA VAL MB 67 8.50 1.18 145.81
C VAL MB 67 9.33 2.46 145.80
N ASN MB 68 8.96 3.39 146.67
CA ASN MB 68 9.66 4.66 146.77
C ASN MB 68 11.17 4.49 146.71
N ASP MB 69 11.68 3.39 147.29
CA ASP MB 69 13.11 3.13 147.29
C ASP MB 69 13.64 2.68 145.95
N LEU MB 70 12.78 2.05 145.17
CA LEU MB 70 13.17 1.58 143.86
C LEU MB 70 13.33 2.74 142.90
N PHE MB 71 12.36 3.65 142.96
CA PHE MB 71 12.34 4.84 142.11
C PHE MB 71 13.16 5.97 142.72
N LYS MB 72 13.92 5.64 143.75
CA LYS MB 72 14.77 6.60 144.42
C LYS MB 72 15.78 7.12 143.41
N ARG MB 73 16.34 6.19 142.64
CA ARG MB 73 17.34 6.47 141.62
C ARG MB 73 16.92 7.57 140.65
N VAL MB 74 15.61 7.69 140.43
CA VAL MB 74 15.08 8.70 139.51
C VAL MB 74 14.43 9.87 140.22
N ASP MB 75 14.85 10.09 141.46
CA ASP MB 75 14.34 11.20 142.25
C ASP MB 75 12.81 11.25 142.26
N ILE MB 76 12.19 10.14 142.64
CA ILE MB 76 10.73 10.07 142.69
C ILE MB 76 10.26 11.01 143.80
N GLU MB 77 11.19 11.35 144.68
CA GLU MB 77 10.89 12.24 145.79
C GLU MB 77 10.35 13.57 145.24
N HIS MB 78 10.86 13.99 144.09
CA HIS MB 78 10.41 15.22 143.46
C HIS MB 78 9.59 14.86 142.23
N ALA MB 79 8.30 14.63 142.44
CA ALA MB 79 7.41 14.26 141.36
C ALA MB 79 7.54 15.15 140.12
N GLU MB 80 7.58 16.46 140.33
CA GLU MB 80 7.70 17.44 139.25
C GLU MB 80 9.15 17.66 138.79
N GLY MB 81 10.07 17.03 139.52
CA GLY MB 81 11.48 17.15 139.18
C GLY MB 81 11.80 16.51 137.85
N PRO MB 82 12.47 17.22 136.95
CA PRO MB 82 12.82 16.67 135.66
C PRO MB 82 13.31 15.22 135.74
N LYS MB 83 14.19 14.95 136.69
CA LYS MB 83 14.71 13.60 136.88
C LYS MB 83 13.60 12.56 136.76
N PHE MB 84 12.52 12.79 137.51
CA PHE MB 84 11.38 11.88 137.50
C PHE MB 84 10.49 12.09 136.28
N SER MB 85 10.22 13.34 135.93
CA SER MB 85 9.38 13.61 134.78
C SER MB 85 9.89 12.85 133.58
N ALA MB 86 11.20 12.83 133.40
CA ALA MB 86 11.78 12.12 132.28
C ALA MB 86 11.33 10.68 132.42
N HIS MB 87 11.62 10.09 133.58
CA HIS MB 87 11.23 8.71 133.86
C HIS MB 87 9.76 8.48 133.56
N ALA MB 88 8.90 9.33 134.09
CA ALA MB 88 7.48 9.23 133.85
C ALA MB 88 7.24 8.95 132.38
N LEU MB 89 7.95 9.67 131.51
CA LEU MB 89 7.81 9.45 130.09
C LEU MB 89 8.28 8.07 129.71
N ARG MB 90 9.56 7.80 129.88
CA ARG MB 90 10.12 6.49 129.55
C ARG MB 90 9.15 5.34 129.82
N ILE MB 91 8.64 5.24 131.03
CA ILE MB 91 7.71 4.17 131.36
C ILE MB 91 6.44 4.29 130.56
N LEU MB 92 5.71 5.38 130.79
CA LEU MB 92 4.46 5.65 130.11
C LEU MB 92 4.65 5.42 128.60
N ASN MB 93 5.79 5.85 128.07
CA ASN MB 93 6.10 5.70 126.66
C ASN MB 93 6.36 4.24 126.32
N GLY MB 94 6.82 3.48 127.30
CA GLY MB 94 7.07 2.06 127.07
C GLY MB 94 5.74 1.37 126.91
N LEU MB 95 4.79 1.74 127.75
CA LEU MB 95 3.46 1.18 127.66
C LEU MB 95 2.93 1.45 126.27
N ASP MB 96 3.24 2.65 125.74
CA ASP MB 96 2.81 3.02 124.38
C ASP MB 96 3.33 1.96 123.44
N LEU MB 97 4.66 1.81 123.42
CA LEU MB 97 5.30 0.81 122.57
C LEU MB 97 4.56 -0.51 122.66
N ALA MB 98 4.32 -0.99 123.86
CA ALA MB 98 3.61 -2.25 124.05
C ALA MB 98 2.31 -2.23 123.27
N ILE MB 99 1.47 -1.24 123.57
CA ILE MB 99 0.18 -1.12 122.91
C ILE MB 99 0.32 -1.04 121.39
N ASN MB 100 1.19 -0.17 120.90
CA ASN MB 100 1.38 -0.03 119.47
C ASN MB 100 1.97 -1.23 118.74
N LEU MB 101 2.39 -2.25 119.47
CA LEU MB 101 2.94 -3.43 118.84
C LEU MB 101 1.98 -4.59 119.04
N LEU MB 102 0.82 -4.30 119.60
CA LEU MB 102 -0.17 -5.32 119.86
C LEU MB 102 -0.55 -6.06 118.60
N ASP MB 103 -0.41 -5.40 117.45
CA ASP MB 103 -0.76 -6.06 116.21
C ASP MB 103 0.48 -6.59 115.50
N ASP MB 104 1.21 -7.47 116.17
CA ASP MB 104 2.43 -8.10 115.65
C ASP MB 104 3.04 -8.85 116.83
N PRO MB 105 2.34 -9.89 117.30
CA PRO MB 105 2.77 -10.71 118.44
C PRO MB 105 4.26 -10.98 118.57
N PRO MB 106 4.91 -11.47 117.51
CA PRO MB 106 6.36 -11.74 117.60
C PRO MB 106 7.18 -10.52 118.03
N ALA MB 107 6.87 -9.37 117.41
CA ALA MB 107 7.55 -8.12 117.70
C ALA MB 107 7.22 -7.73 119.13
N LEU MB 108 5.93 -7.62 119.40
CA LEU MB 108 5.49 -7.25 120.73
C LEU MB 108 6.19 -8.13 121.76
N ASP MB 109 6.19 -9.43 121.48
CA ASP MB 109 6.82 -10.39 122.38
C ASP MB 109 8.22 -9.89 122.66
N ALA MB 110 9.05 -9.87 121.62
CA ALA MB 110 10.42 -9.42 121.77
C ALA MB 110 10.48 -8.11 122.53
N ALA MB 111 9.69 -7.13 122.11
CA ALA MB 111 9.67 -5.83 122.75
C ALA MB 111 9.47 -5.91 124.25
N LEU MB 112 8.57 -6.80 124.67
CA LEU MB 112 8.26 -6.97 126.08
C LEU MB 112 9.35 -7.76 126.81
N ASP MB 113 9.82 -8.84 126.20
CA ASP MB 113 10.87 -9.66 126.80
C ASP MB 113 12.00 -8.72 127.22
N HIS MB 114 12.34 -7.81 126.30
CA HIS MB 114 13.39 -6.84 126.53
C HIS MB 114 13.05 -6.08 127.81
N LEU MB 115 11.78 -5.67 127.94
CA LEU MB 115 11.38 -4.93 129.12
C LEU MB 115 11.52 -5.78 130.37
N ALA MB 116 11.38 -7.08 130.21
CA ALA MB 116 11.51 -7.99 131.34
C ALA MB 116 12.93 -7.86 131.89
N HIS MB 117 13.90 -8.05 131.01
CA HIS MB 117 15.30 -7.96 131.37
C HIS MB 117 15.63 -6.62 132.03
N GLN MB 118 15.05 -5.53 131.54
CA GLN MB 118 15.33 -4.21 132.10
C GLN MB 118 14.80 -4.07 133.51
N HIS MB 119 13.94 -5.01 133.89
CA HIS MB 119 13.36 -4.99 135.22
C HIS MB 119 13.96 -6.10 136.08
N GLU MB 120 14.46 -7.14 135.42
CA GLU MB 120 15.08 -8.25 136.13
C GLU MB 120 16.27 -7.80 136.98
N VAL MB 121 17.16 -7.02 136.37
CA VAL MB 121 18.36 -6.53 137.06
C VAL MB 121 18.09 -5.38 138.03
N ARG MB 122 16.83 -5.09 138.28
CA ARG MB 122 16.48 -4.02 139.22
C ARG MB 122 15.90 -4.73 140.44
N GLU MB 123 16.75 -5.16 141.36
CA GLU MB 123 16.27 -5.88 142.55
C GLU MB 123 15.36 -5.00 143.40
N GLY MB 124 14.37 -5.64 144.01
CA GLY MB 124 13.41 -4.94 144.84
C GLY MB 124 12.06 -4.97 144.18
N VAL MB 125 12.07 -5.03 142.85
CA VAL MB 125 10.87 -5.08 142.06
C VAL MB 125 10.30 -6.49 142.04
N GLN MB 126 9.16 -6.69 142.68
CA GLN MB 126 8.53 -8.00 142.73
C GLN MB 126 7.19 -8.02 142.00
N LYS MB 127 6.74 -9.20 141.62
CA LYS MB 127 5.49 -9.36 140.89
C LYS MB 127 4.31 -8.58 141.48
N ALA MB 128 4.05 -8.78 142.77
CA ALA MB 128 2.94 -8.10 143.43
C ALA MB 128 2.85 -6.62 143.06
N HIS MB 129 3.98 -6.03 142.68
CA HIS MB 129 4.02 -4.62 142.30
C HIS MB 129 3.22 -4.41 141.03
N PHE MB 130 3.48 -5.23 140.01
CA PHE MB 130 2.79 -5.13 138.75
C PHE MB 130 1.30 -5.38 138.93
N LYS MB 131 0.97 -6.45 139.63
CA LYS MB 131 -0.44 -6.75 139.87
C LYS MB 131 -1.15 -5.48 140.34
N LYS MB 132 -0.54 -4.77 141.30
CA LYS MB 132 -1.12 -3.55 141.83
C LYS MB 132 -1.15 -2.47 140.76
N PHE MB 133 -0.02 -2.24 140.11
CA PHE MB 133 0.07 -1.22 139.07
C PHE MB 133 -1.03 -1.44 138.05
N GLY MB 134 -1.32 -2.71 137.77
CA GLY MB 134 -2.35 -3.04 136.82
C GLY MB 134 -3.70 -2.54 137.30
N GLU MB 135 -4.04 -2.86 138.54
CA GLU MB 135 -5.30 -2.43 139.12
C GLU MB 135 -5.41 -0.92 139.07
N ILE MB 136 -4.28 -0.24 139.33
CA ILE MB 136 -4.25 1.21 139.33
C ILE MB 136 -4.48 1.76 137.95
N LEU MB 137 -3.77 1.18 136.99
CA LEU MB 137 -3.86 1.59 135.60
C LEU MB 137 -5.29 1.43 135.09
N ALA MB 138 -5.92 0.36 135.53
CA ALA MB 138 -7.28 0.05 135.11
C ALA MB 138 -8.29 1.01 135.71
N THR MB 139 -7.96 1.62 136.85
CA THR MB 139 -8.87 2.54 137.49
C THR MB 139 -8.59 3.94 136.98
N GLY MB 140 -7.40 4.14 136.44
CA GLY MB 140 -7.02 5.44 135.95
C GLY MB 140 -7.45 5.73 134.52
N LEU MB 141 -7.14 4.83 133.60
CA LEU MB 141 -7.48 5.05 132.21
C LEU MB 141 -8.90 5.61 131.99
N PRO MB 142 -9.91 4.90 132.50
CA PRO MB 142 -11.30 5.34 132.35
C PRO MB 142 -11.59 6.73 132.89
N GLN MB 143 -10.59 7.36 133.49
CA GLN MB 143 -10.78 8.69 134.04
C GLN MB 143 -10.37 9.76 133.05
N VAL MB 144 -9.54 9.37 132.08
CA VAL MB 144 -9.08 10.30 131.07
C VAL MB 144 -9.68 9.99 129.70
N LEU MB 145 -10.16 8.76 129.54
CA LEU MB 145 -10.76 8.35 128.28
C LEU MB 145 -12.26 8.21 128.47
N ASP MB 146 -13.03 8.96 127.69
CA ASP MB 146 -14.48 8.88 127.82
C ASP MB 146 -14.97 7.53 127.29
N ASP MB 147 -14.30 7.01 126.27
CA ASP MB 147 -14.68 5.72 125.71
C ASP MB 147 -13.66 4.70 126.15
N TYR MB 148 -14.06 3.83 127.09
CA TYR MB 148 -13.18 2.81 127.63
C TYR MB 148 -13.92 1.47 127.68
N ASP MB 149 -13.25 0.42 127.22
CA ASP MB 149 -13.85 -0.90 127.24
C ASP MB 149 -13.06 -1.76 128.23
N ALA MB 150 -13.44 -1.67 129.50
CA ALA MB 150 -12.76 -2.41 130.56
C ALA MB 150 -12.36 -3.82 130.19
N LEU MB 151 -13.29 -4.58 129.61
CA LEU MB 151 -13.01 -5.96 129.23
C LEU MB 151 -11.83 -6.10 128.28
N ALA MB 152 -11.85 -5.35 127.18
CA ALA MB 152 -10.77 -5.40 126.22
C ALA MB 152 -9.45 -5.03 126.88
N TRP MB 153 -9.42 -3.88 127.53
CA TRP MB 153 -8.21 -3.43 128.19
C TRP MB 153 -7.63 -4.41 129.18
N LYS MB 154 -8.43 -4.81 130.17
CA LYS MB 154 -7.94 -5.75 131.17
C LYS MB 154 -7.29 -6.95 130.48
N SER MB 155 -7.94 -7.47 129.46
CA SER MB 155 -7.42 -8.61 128.72
C SER MB 155 -6.00 -8.34 128.21
N CYS MB 156 -5.81 -7.20 127.55
CA CYS MB 156 -4.52 -6.85 127.00
C CYS MB 156 -3.51 -6.43 128.05
N LEU MB 157 -3.90 -5.53 128.94
CA LEU MB 157 -2.97 -5.08 129.97
C LEU MB 157 -2.39 -6.26 130.71
N LYS MB 158 -3.22 -7.27 130.96
CA LYS MB 158 -2.78 -8.47 131.67
C LYS MB 158 -1.61 -9.10 130.91
N GLY MB 159 -1.87 -9.46 129.66
CA GLY MB 159 -0.83 -10.06 128.85
C GLY MB 159 0.47 -9.28 128.88
N ILE MB 160 0.36 -7.95 128.82
CA ILE MB 160 1.55 -7.09 128.83
C ILE MB 160 2.26 -7.11 130.16
N LEU MB 161 1.58 -6.67 131.20
CA LEU MB 161 2.17 -6.64 132.53
C LEU MB 161 2.81 -7.97 132.88
N THR MB 162 2.14 -9.07 132.59
CA THR MB 162 2.68 -10.39 132.90
C THR MB 162 4.02 -10.64 132.22
N LYS MB 163 4.02 -10.58 130.89
CA LYS MB 163 5.24 -10.80 130.13
C LYS MB 163 6.39 -9.90 130.56
N ILE MB 164 6.07 -8.71 131.08
CA ILE MB 164 7.11 -7.78 131.50
C ILE MB 164 7.76 -8.21 132.81
N SER MB 165 6.97 -8.75 133.72
CA SER MB 165 7.49 -9.15 135.01
C SER MB 165 7.86 -10.62 135.10
N SER MB 166 7.62 -11.40 134.01
CA SER MB 166 7.68 -12.82 134.20
C SER MB 166 9.07 -13.20 134.59
N ARG MB 167 10.04 -12.81 133.75
CA ARG MB 167 11.41 -12.64 134.19
C ARG MB 167 11.32 -11.40 135.03
N LEU MB 168 11.97 -11.38 136.20
CA LEU MB 168 11.20 -10.84 137.26
C LEU MB 168 11.04 -9.34 137.41
N GLU NB 19 -9.93 22.87 144.22
CA GLU NB 19 -10.64 23.19 142.98
C GLU NB 19 -10.99 21.98 142.21
N CYS NB 20 -10.48 21.92 140.96
CA CYS NB 20 -10.88 20.94 140.00
C CYS NB 20 -10.06 19.71 140.28
N LEU NB 21 -10.28 18.57 139.59
CA LEU NB 21 -9.09 17.78 139.45
C LEU NB 21 -8.57 18.02 138.08
N VAL NB 22 -7.34 17.56 137.97
CA VAL NB 22 -6.43 17.64 136.90
C VAL NB 22 -7.03 16.93 135.76
N THR NB 23 -7.52 15.71 136.03
CA THR NB 23 -8.25 15.02 134.97
C THR NB 23 -9.62 15.66 134.74
N GLU NB 24 -10.35 15.89 135.83
CA GLU NB 24 -11.67 16.50 135.74
C GLU NB 24 -11.64 17.78 134.91
N SER NB 25 -10.45 18.32 134.69
CA SER NB 25 -10.32 19.55 133.89
C SER NB 25 -10.14 19.14 132.45
N LEU NB 26 -9.03 18.45 132.18
CA LEU NB 26 -8.71 17.99 130.84
C LEU NB 26 -9.96 17.47 130.16
N LYS NB 27 -10.77 16.77 130.93
CA LYS NB 27 -12.00 16.20 130.41
C LYS NB 27 -12.87 17.33 129.90
N VAL NB 28 -13.01 18.38 130.68
CA VAL NB 28 -13.82 19.51 130.26
C VAL NB 28 -13.15 20.24 129.14
N LYS NB 29 -11.86 20.50 129.30
CA LYS NB 29 -11.11 21.22 128.28
C LYS NB 29 -11.33 20.55 126.93
N LEU NB 30 -11.30 19.23 126.96
CA LEU NB 30 -11.49 18.41 125.77
C LEU NB 30 -12.93 18.46 125.24
N GLN NB 31 -13.90 18.12 126.07
CA GLN NB 31 -15.28 18.14 125.65
C GLN NB 31 -15.72 19.51 125.19
N TRP NB 32 -15.22 20.55 125.83
CA TRP NB 32 -15.58 21.92 125.43
C TRP NB 32 -15.25 22.07 123.97
N ALA NB 33 -14.10 21.55 123.58
CA ALA NB 33 -13.66 21.62 122.19
C ALA NB 33 -14.72 21.11 121.23
N SER NB 34 -15.08 19.84 121.36
CA SER NB 34 -16.07 19.22 120.50
C SER NB 34 -17.39 19.95 120.50
N ALA NB 35 -17.88 20.27 121.69
CA ALA NB 35 -19.16 20.95 121.84
C ALA NB 35 -19.23 22.36 121.25
N PHE NB 36 -18.36 23.22 121.74
CA PHE NB 36 -18.31 24.61 121.29
C PHE NB 36 -18.17 24.62 119.78
N GLY NB 37 -17.06 24.10 119.29
CA GLY NB 37 -16.85 24.06 117.86
C GLY NB 37 -16.06 25.21 117.29
N HIS NB 38 -16.30 25.49 116.01
CA HIS NB 38 -15.62 26.57 115.32
C HIS NB 38 -16.54 27.40 114.42
N ALA NB 39 -16.17 28.66 114.21
CA ALA NB 39 -16.93 29.57 113.37
C ALA NB 39 -18.41 29.59 113.69
N HIS NB 40 -19.22 29.55 112.64
CA HIS NB 40 -20.67 29.57 112.77
C HIS NB 40 -21.20 28.58 113.81
N GLU NB 41 -20.66 27.35 113.81
CA GLU NB 41 -21.08 26.31 114.76
C GLU NB 41 -21.24 26.87 116.17
N ARG NB 42 -20.45 27.90 116.47
CA ARG NB 42 -20.45 28.58 117.77
C ARG NB 42 -21.64 29.49 117.93
N VAL NB 43 -21.77 30.46 117.04
CA VAL NB 43 -22.88 31.39 117.11
C VAL NB 43 -24.16 30.60 117.36
N ALA NB 44 -24.26 29.46 116.69
CA ALA NB 44 -25.42 28.58 116.81
C ALA NB 44 -25.55 28.14 118.26
N PHE NB 45 -24.42 27.72 118.82
CA PHE NB 45 -24.37 27.29 120.20
C PHE NB 45 -24.82 28.44 121.08
N GLY NB 46 -24.08 29.53 121.03
CA GLY NB 46 -24.43 30.69 121.84
C GLY NB 46 -25.92 30.99 121.78
N LEU NB 47 -26.44 31.16 120.56
CA LEU NB 47 -27.85 31.47 120.38
C LEU NB 47 -28.73 30.46 121.11
N GLU NB 48 -28.59 29.18 120.76
CA GLU NB 48 -29.39 28.15 121.39
C GLU NB 48 -29.35 28.30 122.90
N LEU NB 49 -28.18 28.57 123.45
CA LEU NB 49 -28.00 28.72 124.89
C LEU NB 49 -28.82 29.85 125.46
N TRP NB 50 -28.50 31.08 125.06
CA TRP NB 50 -29.23 32.24 125.55
C TRP NB 50 -30.73 32.16 125.36
N ARG NB 51 -31.19 31.56 124.27
CA ARG NB 51 -32.63 31.46 124.05
C ARG NB 51 -33.23 30.67 125.20
N ASP NB 52 -32.74 29.46 125.41
CA ASP NB 52 -33.24 28.63 126.50
C ASP NB 52 -33.19 29.36 127.83
N ILE NB 53 -32.15 30.14 128.06
CA ILE NB 53 -31.99 30.89 129.30
C ILE NB 53 -33.04 31.98 129.46
N ILE NB 54 -33.18 32.81 128.45
CA ILE NB 54 -34.14 33.89 128.51
C ILE NB 54 -35.60 33.43 128.55
N ASP NB 55 -35.92 32.29 127.94
CA ASP NB 55 -37.30 31.82 127.99
C ASP NB 55 -37.65 31.35 129.39
N ASP NB 56 -36.65 30.82 130.09
CA ASP NB 56 -36.83 30.32 131.44
C ASP NB 56 -36.93 31.46 132.45
N HIS NB 57 -36.12 32.48 132.27
CA HIS NB 57 -36.11 33.63 133.19
C HIS NB 57 -36.03 34.97 132.43
N PRO NB 58 -37.16 35.41 131.85
CA PRO NB 58 -37.21 36.67 131.10
C PRO NB 58 -36.73 37.89 131.87
N GLU NB 59 -36.45 37.72 133.16
CA GLU NB 59 -35.98 38.84 133.98
C GLU NB 59 -34.63 39.31 133.46
N ILE NB 60 -33.93 38.43 132.78
CA ILE NB 60 -32.61 38.74 132.27
C ILE NB 60 -32.59 39.71 131.10
N LYS NB 61 -33.65 39.74 130.30
CA LYS NB 61 -33.68 40.65 129.16
C LYS NB 61 -33.38 42.08 129.61
N ALA NB 62 -33.43 42.30 130.91
CA ALA NB 62 -33.20 43.63 131.46
C ALA NB 62 -31.78 44.17 131.29
N PRO NB 63 -30.79 43.59 131.98
CA PRO NB 63 -29.42 44.09 131.84
C PRO NB 63 -28.85 43.96 130.43
N PHE NB 64 -29.42 43.09 129.63
CA PHE NB 64 -28.95 42.90 128.28
C PHE NB 64 -29.58 43.92 127.37
N SER NB 65 -30.07 45.00 127.96
CA SER NB 65 -30.70 46.07 127.20
C SER NB 65 -29.73 46.77 126.26
N ARG NB 66 -28.47 46.87 126.69
CA ARG NB 66 -27.44 47.53 125.91
C ARG NB 66 -27.13 46.75 124.62
N VAL NB 67 -27.19 45.42 124.72
CA VAL NB 67 -26.92 44.54 123.59
C VAL NB 67 -28.20 43.89 123.05
N ARG NB 68 -29.20 44.71 122.71
CA ARG NB 68 -30.48 44.23 122.19
C ARG NB 68 -30.80 42.81 122.65
N GLY NB 69 -31.12 42.67 123.93
CA GLY NB 69 -31.45 41.37 124.48
C GLY NB 69 -32.87 40.96 124.15
N ASP NB 70 -33.65 41.89 123.63
CA ASP NB 70 -35.02 41.58 123.27
C ASP NB 70 -35.01 40.66 122.04
N ASN NB 71 -34.11 40.96 121.11
CA ASN NB 71 -33.97 40.19 119.87
C ASN NB 71 -32.62 39.48 119.89
N ILE NB 72 -32.58 38.27 120.41
CA ILE NB 72 -31.34 37.52 120.49
C ILE NB 72 -30.76 37.13 119.15
N TYR NB 73 -31.56 37.21 118.12
CA TYR NB 73 -31.09 36.85 116.79
C TYR NB 73 -30.36 38.02 116.12
N SER NB 74 -30.49 39.20 116.71
CA SER NB 74 -29.86 40.39 116.18
C SER NB 74 -28.36 40.29 116.22
N PRO NB 75 -27.68 41.06 115.36
CA PRO NB 75 -26.23 41.03 115.33
C PRO NB 75 -25.66 41.63 116.61
N GLU NB 76 -26.31 42.68 117.09
CA GLU NB 76 -25.87 43.33 118.30
C GLU NB 76 -25.74 42.30 119.42
N PHE NB 77 -26.80 41.54 119.66
CA PHE NB 77 -26.78 40.52 120.69
C PHE NB 77 -25.85 39.39 120.29
N GLY NB 78 -25.92 38.99 119.02
CA GLY NB 78 -25.08 37.92 118.53
C GLY NB 78 -23.64 38.16 118.91
N ALA NB 79 -23.19 39.39 118.67
CA ALA NB 79 -21.85 39.76 119.00
C ALA NB 79 -21.65 39.43 120.48
N HIS NB 80 -22.45 40.05 121.33
CA HIS NB 80 -22.39 39.83 122.77
C HIS NB 80 -22.25 38.35 123.05
N SER NB 81 -23.26 37.60 122.63
CA SER NB 81 -23.30 36.16 122.81
C SER NB 81 -21.91 35.56 122.66
N GLN NB 82 -21.28 35.86 121.53
CA GLN NB 82 -19.96 35.35 121.23
C GLN NB 82 -18.93 35.79 122.27
N ARG NB 83 -18.87 37.10 122.53
CA ARG NB 83 -17.92 37.65 123.49
C ARG NB 83 -17.98 36.83 124.76
N VAL NB 84 -19.20 36.51 125.19
CA VAL NB 84 -19.44 35.74 126.40
C VAL NB 84 -18.79 34.39 126.30
N LEU NB 85 -19.30 33.57 125.41
CA LEU NB 85 -18.75 32.25 125.22
C LEU NB 85 -17.24 32.29 125.17
N SER NB 86 -16.68 33.27 124.47
CA SER NB 86 -15.24 33.39 124.37
C SER NB 86 -14.60 33.44 125.74
N GLY NB 87 -15.10 34.33 126.60
CA GLY NB 87 -14.57 34.45 127.95
C GLY NB 87 -14.64 33.11 128.64
N LEU NB 88 -15.76 32.43 128.47
CA LEU NB 88 -15.95 31.12 129.05
C LEU NB 88 -14.84 30.22 128.53
N ASP NB 89 -14.52 30.34 127.25
CA ASP NB 89 -13.45 29.54 126.67
C ASP NB 89 -12.18 29.79 127.44
N ILE NB 90 -11.86 31.06 127.61
CA ILE NB 90 -10.65 31.42 128.33
C ILE NB 90 -10.62 30.75 129.68
N THR NB 91 -11.58 31.08 130.52
CA THR NB 91 -11.62 30.49 131.84
C THR NB 91 -11.37 28.98 131.76
N ILE NB 92 -12.15 28.28 130.94
CA ILE NB 92 -11.96 26.84 130.80
C ILE NB 92 -10.54 26.46 130.41
N SER NB 93 -9.95 27.23 129.48
CA SER NB 93 -8.60 26.95 129.13
C SER NB 93 -7.72 27.26 130.30
N MET NB 94 -8.10 28.27 131.10
CA MET NB 94 -7.20 28.86 132.05
C MET NB 94 -6.83 27.82 133.03
N LEU NB 95 -7.85 27.06 133.42
CA LEU NB 95 -8.05 26.63 134.77
C LEU NB 95 -6.94 25.73 135.23
N ASP NB 96 -6.41 24.92 134.31
CA ASP NB 96 -5.47 23.87 134.60
C ASP NB 96 -4.27 24.49 135.23
N THR NB 97 -3.79 25.60 134.65
CA THR NB 97 -2.62 26.19 135.22
C THR NB 97 -3.13 27.25 136.14
N PRO NB 98 -2.88 27.02 137.39
CA PRO NB 98 -3.40 27.81 138.50
C PRO NB 98 -3.06 29.30 138.52
N ASP NB 99 -1.81 29.63 138.25
CA ASP NB 99 -1.40 31.03 138.26
C ASP NB 99 -2.19 31.91 137.29
N MET NB 100 -2.53 31.35 136.15
CA MET NB 100 -3.30 32.07 135.13
C MET NB 100 -4.78 32.13 135.54
N LEU NB 101 -5.30 31.02 136.03
CA LEU NB 101 -6.70 30.97 136.43
C LEU NB 101 -6.96 31.97 137.55
N ALA NB 102 -6.19 31.84 138.64
CA ALA NB 102 -6.34 32.72 139.79
C ALA NB 102 -6.36 34.16 139.34
N ALA NB 103 -5.53 34.48 138.36
CA ALA NB 103 -5.46 35.83 137.83
C ALA NB 103 -6.70 36.17 137.00
N GLN NB 104 -7.00 35.30 136.05
CA GLN NB 104 -8.14 35.47 135.16
C GLN NB 104 -9.41 35.60 135.98
N LEU NB 105 -9.59 34.70 136.94
CA LEU NB 105 -10.78 34.76 137.78
C LEU NB 105 -10.86 36.10 138.48
N ALA NB 106 -9.78 36.53 139.09
CA ALA NB 106 -9.77 37.81 139.78
C ALA NB 106 -10.18 38.92 138.83
N HIS NB 107 -9.69 38.85 137.60
CA HIS NB 107 -10.00 39.83 136.58
C HIS NB 107 -11.50 39.86 136.27
N LEU NB 108 -12.13 38.69 136.22
CA LEU NB 108 -13.55 38.59 135.94
C LEU NB 108 -14.38 39.12 137.10
N LYS NB 109 -13.95 38.83 138.32
CA LYS NB 109 -14.68 39.27 139.50
C LYS NB 109 -14.89 40.78 139.45
N VAL NB 110 -13.86 41.50 139.04
CA VAL NB 110 -13.94 42.94 138.95
C VAL NB 110 -14.99 43.40 137.95
N GLN NB 111 -14.97 42.85 136.75
CA GLN NB 111 -15.94 43.23 135.74
C GLN NB 111 -17.38 42.98 136.18
N HIS NB 112 -17.54 42.29 137.30
CA HIS NB 112 -18.87 41.98 137.82
C HIS NB 112 -19.25 42.72 139.09
N VAL NB 113 -18.42 42.60 140.12
CA VAL NB 113 -18.68 43.26 141.40
C VAL NB 113 -19.31 44.65 141.27
N GLU NB 114 -18.83 45.44 140.30
CA GLU NB 114 -19.19 46.83 140.25
C GLU NB 114 -20.65 46.99 139.93
N ARG NB 115 -21.12 46.25 138.91
CA ARG NB 115 -22.50 46.31 138.49
C ARG NB 115 -23.26 45.51 139.48
N ASN NB 116 -24.51 45.88 139.79
CA ASN NB 116 -25.20 44.95 140.63
C ASN NB 116 -25.74 43.87 139.77
N LEU NB 117 -25.70 42.64 140.31
CA LEU NB 117 -26.27 41.53 139.60
C LEU NB 117 -26.88 40.59 140.54
N LYS NB 118 -27.68 39.69 139.96
CA LYS NB 118 -28.25 38.63 140.70
C LYS NB 118 -27.34 37.46 140.67
N PRO NB 119 -27.16 37.00 141.87
CA PRO NB 119 -26.28 35.93 142.16
C PRO NB 119 -26.76 34.68 141.51
N GLU NB 120 -28.09 34.47 141.60
CA GLU NB 120 -28.77 33.27 141.14
C GLU NB 120 -28.77 33.17 139.60
N PHE NB 121 -28.58 34.30 138.92
CA PHE NB 121 -28.55 34.33 137.47
C PHE NB 121 -27.51 33.35 136.95
N PHE NB 122 -26.33 33.39 137.56
CA PHE NB 122 -25.25 32.52 137.18
C PHE NB 122 -25.62 31.07 137.41
N ASP NB 123 -26.27 30.80 138.55
CA ASP NB 123 -26.67 29.44 138.86
C ASP NB 123 -27.57 28.96 137.74
N ILE NB 124 -28.28 29.91 137.12
CA ILE NB 124 -29.18 29.62 136.01
C ILE NB 124 -28.36 29.34 134.76
N PHE NB 125 -27.49 30.29 134.44
CA PHE NB 125 -26.62 30.19 133.29
C PHE NB 125 -26.01 28.81 133.28
N LEU NB 126 -25.43 28.42 134.41
CA LEU NB 126 -24.79 27.10 134.53
C LEU NB 126 -25.76 25.98 134.22
N LYS NB 127 -26.94 26.05 134.81
CA LYS NB 127 -27.95 25.03 134.58
C LYS NB 127 -28.09 24.75 133.09
N HIS NB 128 -28.29 25.80 132.31
CA HIS NB 128 -28.45 25.65 130.87
C HIS NB 128 -27.18 25.26 130.14
N LEU NB 129 -26.07 25.94 130.41
CA LEU NB 129 -24.83 25.59 129.75
C LEU NB 129 -24.63 24.05 129.79
N LEU NB 130 -25.00 23.43 130.90
CA LEU NB 130 -24.86 21.99 131.05
C LEU NB 130 -25.93 21.30 130.23
N HIS NB 131 -27.15 21.82 130.29
CA HIS NB 131 -28.25 21.25 129.54
C HIS NB 131 -27.86 21.19 128.07
N VAL NB 132 -27.36 22.30 127.55
CA VAL NB 132 -26.95 22.38 126.15
C VAL NB 132 -25.81 21.43 125.83
N LEU NB 133 -24.72 21.52 126.58
CA LEU NB 133 -23.59 20.62 126.33
C LEU NB 133 -24.10 19.19 126.37
N GLY NB 134 -25.09 18.95 127.21
CA GLY NB 134 -25.68 17.63 127.31
C GLY NB 134 -26.14 17.16 125.94
N ASP NB 135 -26.90 18.01 125.25
CA ASP NB 135 -27.39 17.68 123.92
C ASP NB 135 -26.22 17.50 122.98
N ARG NB 136 -25.37 18.51 122.88
CA ARG NB 136 -24.22 18.45 122.01
C ARG NB 136 -23.34 17.21 122.18
N LEU NB 137 -22.95 16.94 123.41
CA LEU NB 137 -22.06 15.82 123.68
C LEU NB 137 -22.73 14.46 123.79
N GLY NB 138 -23.99 14.43 124.19
CA GLY NB 138 -24.69 13.17 124.31
C GLY NB 138 -24.53 12.50 125.65
N THR NB 139 -24.41 11.18 125.65
CA THR NB 139 -24.26 10.44 126.90
C THR NB 139 -22.83 10.44 127.45
N HIS NB 140 -21.89 10.75 126.58
CA HIS NB 140 -20.49 10.80 126.98
C HIS NB 140 -20.24 11.97 127.92
N PHE NB 141 -21.05 13.01 127.78
CA PHE NB 141 -20.95 14.22 128.57
C PHE NB 141 -20.64 13.93 130.02
N ASP NB 142 -19.47 14.33 130.50
CA ASP NB 142 -19.12 14.09 131.89
C ASP NB 142 -19.67 15.17 132.79
N PHE NB 143 -20.95 15.05 133.10
CA PHE NB 143 -21.67 15.99 133.94
C PHE NB 143 -20.84 16.28 135.17
N GLY NB 144 -20.48 15.24 135.89
CA GLY NB 144 -19.69 15.40 137.10
C GLY NB 144 -18.57 16.40 136.90
N ALA NB 145 -17.66 16.08 136.00
CA ALA NB 145 -16.53 16.92 135.73
C ALA NB 145 -16.92 18.36 135.47
N TRP NB 146 -17.92 18.57 134.63
CA TRP NB 146 -18.33 19.93 134.32
C TRP NB 146 -18.86 20.65 135.54
N HIS NB 147 -19.87 20.08 136.17
CA HIS NB 147 -20.47 20.69 137.35
C HIS NB 147 -19.37 21.12 138.33
N ASP NB 148 -18.53 20.18 138.74
CA ASP NB 148 -17.45 20.48 139.66
C ASP NB 148 -16.55 21.58 139.12
N CYS NB 149 -16.29 21.55 137.81
CA CYS NB 149 -15.39 22.51 137.20
C CYS NB 149 -15.93 23.87 136.76
N VAL NB 150 -17.04 23.91 136.04
CA VAL NB 150 -17.59 25.18 135.61
C VAL NB 150 -18.06 25.94 136.82
N ASP NB 151 -18.54 25.23 137.82
CA ASP NB 151 -19.03 25.85 139.04
C ASP NB 151 -17.94 26.80 139.57
N GLN NB 152 -16.77 26.23 139.82
CA GLN NB 152 -15.64 27.00 140.31
C GLN NB 152 -15.44 28.29 139.53
N ILE NB 153 -15.75 28.26 138.24
CA ILE NB 153 -15.59 29.43 137.38
C ILE NB 153 -16.66 30.45 137.66
N ILE NB 154 -17.86 29.98 137.99
CA ILE NB 154 -18.96 30.89 138.26
C ILE NB 154 -18.76 31.61 139.58
N ASP NB 155 -18.51 30.85 140.64
CA ASP NB 155 -18.33 31.46 141.95
C ASP NB 155 -17.30 32.60 141.91
N GLY NB 156 -16.19 32.40 141.18
CA GLY NB 156 -15.12 33.37 141.25
C GLY NB 156 -15.65 34.60 140.64
N ILE NB 157 -16.43 34.41 139.56
CA ILE NB 157 -16.91 35.56 138.87
C ILE NB 157 -17.83 36.29 139.77
N LYS NB 158 -18.74 35.54 140.43
CA LYS NB 158 -19.83 36.15 141.13
C LYS NB 158 -19.35 36.84 142.40
N ASP OB 5 -66.20 4.82 94.93
CA ASP OB 5 -65.15 3.83 95.21
C ASP OB 5 -63.93 4.55 95.65
N CYS OB 6 -62.85 3.82 95.89
CA CYS OB 6 -61.78 4.54 96.48
C CYS OB 6 -60.89 4.92 95.37
N CYS OB 7 -60.05 5.89 95.65
CA CYS OB 7 -59.35 6.56 94.62
C CYS OB 7 -58.04 5.86 94.55
N SER OB 8 -57.46 5.80 93.33
CA SER OB 8 -56.19 5.20 93.08
C SER OB 8 -55.14 6.13 93.61
N TYR OB 9 -54.03 5.53 94.12
CA TYR OB 9 -52.94 6.20 94.82
C TYR OB 9 -52.16 6.98 93.79
N GLU OB 10 -51.98 6.41 92.59
CA GLU OB 10 -51.25 7.09 91.54
C GLU OB 10 -51.98 8.39 91.22
N ASP OB 11 -53.28 8.29 91.06
CA ASP OB 11 -54.08 9.46 90.74
C ASP OB 11 -53.91 10.52 91.80
N ARG OB 12 -53.93 10.12 93.05
CA ARG OB 12 -53.74 11.08 94.11
C ARG OB 12 -52.42 11.81 93.86
N ARG OB 13 -51.35 11.05 93.64
CA ARG OB 13 -50.05 11.63 93.36
C ARG OB 13 -50.14 12.60 92.19
N GLU OB 14 -50.86 12.21 91.14
CA GLU OB 14 -51.03 13.06 89.97
C GLU OB 14 -51.58 14.41 90.41
N ILE OB 15 -52.65 14.38 91.16
CA ILE OB 15 -53.28 15.60 91.61
C ILE OB 15 -52.37 16.35 92.58
N ARG OB 16 -51.83 15.65 93.57
CA ARG OB 16 -50.96 16.29 94.57
C ARG OB 16 -49.91 17.10 93.87
N HIS OB 17 -49.75 16.86 92.57
CA HIS OB 17 -48.79 17.60 91.75
C HIS OB 17 -49.51 18.66 90.93
N ILE OB 18 -50.53 18.23 90.20
CA ILE OB 18 -51.32 19.16 89.40
C ILE OB 18 -51.66 20.40 90.22
N TRP OB 19 -52.03 20.18 91.47
CA TRP OB 19 -52.40 21.29 92.32
C TRP OB 19 -51.23 22.23 92.55
N ASP OB 20 -50.07 21.66 92.89
CA ASP OB 20 -48.88 22.47 93.13
C ASP OB 20 -48.58 23.43 91.98
N ASP OB 21 -49.32 23.33 90.89
CA ASP OB 21 -49.08 24.22 89.76
C ASP OB 21 -50.09 25.37 89.76
N VAL OB 22 -51.27 25.12 90.30
CA VAL OB 22 -52.30 26.17 90.36
C VAL OB 22 -52.13 26.94 91.66
N TRP OB 23 -51.85 26.23 92.77
CA TRP OB 23 -51.75 26.91 94.03
C TRP OB 23 -50.60 27.80 93.90
N SER OB 24 -49.42 27.17 93.72
CA SER OB 24 -48.32 27.86 93.13
C SER OB 24 -47.65 28.63 94.24
N SER OB 25 -47.43 29.94 94.04
CA SER OB 25 -46.76 30.76 95.01
C SER OB 25 -47.66 31.01 96.17
N SER OB 26 -47.09 31.61 97.24
CA SER OB 26 -47.75 31.80 98.50
C SER OB 26 -48.59 33.03 98.44
N PHE OB 27 -48.63 33.60 97.23
CA PHE OB 27 -49.23 34.84 96.89
C PHE OB 27 -50.70 34.73 96.94
N THR OB 28 -51.38 35.78 97.40
CA THR OB 28 -52.77 35.63 97.02
C THR OB 28 -53.08 35.77 95.53
N ASP OB 29 -52.73 36.92 94.95
CA ASP OB 29 -52.98 37.22 93.55
C ASP OB 29 -53.39 36.05 92.65
N ARG OB 30 -52.49 35.09 92.45
CA ARG OB 30 -52.78 33.96 91.57
C ARG OB 30 -53.98 33.13 92.02
N ARG OB 31 -53.83 32.44 93.15
CA ARG OB 31 -54.91 31.60 93.66
C ARG OB 31 -56.25 32.32 93.58
N VAL OB 32 -56.25 33.61 93.88
CA VAL OB 32 -57.48 34.38 93.83
C VAL OB 32 -58.12 34.31 92.45
N ALA OB 33 -57.42 34.87 91.46
CA ALA OB 33 -57.93 34.88 90.10
C ALA OB 33 -58.46 33.51 89.67
N ILE OB 34 -57.78 32.44 90.04
CA ILE OB 34 -58.22 31.11 89.68
C ILE OB 34 -59.53 30.73 90.37
N VAL OB 35 -59.54 30.73 91.70
CA VAL OB 35 -60.75 30.39 92.44
C VAL OB 35 -61.91 31.26 91.97
N ARG OB 36 -61.61 32.53 91.69
CA ARG OB 36 -62.63 33.45 91.22
C ARG OB 36 -63.13 32.89 89.89
N ALA OB 37 -62.24 32.82 88.92
CA ALA OB 37 -62.57 32.30 87.60
C ALA OB 37 -63.40 31.03 87.71
N VAL OB 38 -63.20 30.28 88.79
CA VAL OB 38 -63.95 29.04 89.01
C VAL OB 38 -65.39 29.39 89.35
N PHE OB 39 -65.56 30.25 90.34
CA PHE OB 39 -66.90 30.67 90.74
C PHE OB 39 -67.67 31.36 89.61
N ASP OB 40 -67.00 32.24 88.87
CA ASP OB 40 -67.67 32.92 87.77
C ASP OB 40 -68.31 31.91 86.85
N ASP OB 41 -67.71 30.73 86.74
CA ASP OB 41 -68.24 29.66 85.89
C ASP OB 41 -69.38 28.96 86.61
N LEU OB 42 -69.38 29.01 87.94
CA LEU OB 42 -70.42 28.37 88.70
C LEU OB 42 -71.65 29.24 88.60
N PHE OB 43 -71.43 30.55 88.68
CA PHE OB 43 -72.54 31.50 88.62
C PHE OB 43 -73.11 31.63 87.21
N LYS OB 44 -72.29 31.49 86.21
CA LYS OB 44 -72.79 31.62 84.85
C LYS OB 44 -73.67 30.42 84.51
N HIS OB 45 -73.51 29.33 85.26
CA HIS OB 45 -74.29 28.11 85.02
C HIS OB 45 -75.40 27.85 86.04
N TYR OB 46 -75.16 28.21 87.29
CA TYR OB 46 -76.15 28.04 88.35
C TYR OB 46 -76.26 29.39 89.05
N PRO OB 47 -76.75 30.41 88.32
CA PRO OB 47 -76.91 31.78 88.82
C PRO OB 47 -77.58 31.90 90.19
N THR OB 48 -78.42 30.93 90.52
CA THR OB 48 -79.12 30.93 91.79
C THR OB 48 -78.17 31.04 92.97
N SER OB 49 -77.12 30.23 92.95
CA SER OB 49 -76.11 30.19 94.01
C SER OB 49 -75.52 31.56 94.33
N LYS OB 50 -75.39 32.43 93.33
CA LYS OB 50 -74.81 33.75 93.53
C LYS OB 50 -75.30 34.37 94.83
N ALA OB 51 -76.61 34.51 94.96
CA ALA OB 51 -77.19 35.11 96.16
C ALA OB 51 -76.59 34.62 97.48
N LEU OB 52 -76.28 33.32 97.57
CA LEU OB 52 -75.72 32.72 98.80
C LEU OB 52 -74.55 33.45 99.44
N PHE OB 53 -73.79 34.18 98.62
CA PHE OB 53 -72.61 34.88 99.12
C PHE OB 53 -72.76 36.39 99.34
N GLU OB 54 -73.97 36.85 99.63
CA GLU OB 54 -74.15 38.28 99.86
C GLU OB 54 -73.50 38.59 101.19
N ARG OB 55 -73.39 37.56 102.02
CA ARG OB 55 -72.79 37.71 103.34
C ARG OB 55 -71.33 38.16 103.24
N VAL OB 56 -70.67 37.77 102.15
CA VAL OB 56 -69.28 38.13 101.96
C VAL OB 56 -69.15 39.25 100.95
N LYS OB 57 -70.28 39.79 100.53
CA LYS OB 57 -70.30 40.90 99.57
C LYS OB 57 -69.78 40.58 98.17
N ILE OB 58 -70.47 39.68 97.47
CA ILE OB 58 -70.06 39.33 96.12
C ILE OB 58 -70.40 40.47 95.18
N ASP OB 59 -71.30 41.35 95.61
CA ASP OB 59 -71.69 42.49 94.78
C ASP OB 59 -70.52 43.45 94.62
N GLU OB 60 -69.51 43.27 95.47
CA GLU OB 60 -68.30 44.07 95.42
C GLU OB 60 -67.15 43.11 95.13
N PRO OB 61 -66.99 42.72 93.86
CA PRO OB 61 -65.93 41.81 93.46
C PRO OB 61 -64.57 42.07 94.08
N GLU OB 62 -64.08 43.30 93.95
CA GLU OB 62 -62.76 43.64 94.49
C GLU OB 62 -62.79 44.04 95.96
N SER OB 63 -63.96 43.87 96.58
CA SER OB 63 -64.16 44.23 97.98
C SER OB 63 -63.01 43.92 98.92
N GLY OB 64 -62.61 42.67 98.96
CA GLY OB 64 -61.56 42.29 99.88
C GLY OB 64 -62.25 41.47 100.94
N GLU OB 65 -63.47 41.87 101.29
CA GLU OB 65 -64.26 41.12 102.26
C GLU OB 65 -64.55 39.83 101.52
N PHE OB 66 -64.67 39.96 100.20
CA PHE OB 66 -64.98 38.86 99.29
C PHE OB 66 -63.69 38.18 98.84
N LYS OB 67 -62.71 38.97 98.45
CA LYS OB 67 -61.46 38.38 98.03
C LYS OB 67 -61.00 37.42 99.10
N SER OB 68 -60.92 37.90 100.34
CA SER OB 68 -60.49 37.07 101.44
C SER OB 68 -61.27 35.77 101.39
N HIS OB 69 -62.57 35.88 101.16
CA HIS OB 69 -63.41 34.68 101.09
C HIS OB 69 -62.82 33.71 100.07
N LEU OB 70 -62.75 34.16 98.82
CA LEU OB 70 -62.20 33.35 97.76
C LEU OB 70 -60.99 32.59 98.27
N VAL OB 71 -60.06 33.31 98.88
CA VAL OB 71 -58.88 32.69 99.43
C VAL OB 71 -59.22 31.56 100.40
N ARG OB 72 -60.10 31.83 101.36
CA ARG OB 72 -60.48 30.81 102.31
C ARG OB 72 -60.95 29.57 101.60
N VAL OB 73 -61.70 29.75 100.53
CA VAL OB 73 -62.21 28.63 99.75
C VAL OB 73 -61.02 27.94 99.17
N ALA OB 74 -60.19 28.69 98.48
CA ALA OB 74 -58.99 28.15 97.87
C ALA OB 74 -58.26 27.35 98.94
N ASN OB 75 -57.79 28.03 99.97
CA ASN OB 75 -57.08 27.36 101.04
C ASN OB 75 -57.79 26.13 101.60
N GLY OB 76 -59.11 26.18 101.64
CA GLY OB 76 -59.83 25.03 102.15
C GLY OB 76 -59.66 23.84 101.24
N LEU OB 77 -59.53 24.11 99.96
CA LEU OB 77 -59.34 23.08 98.96
C LEU OB 77 -57.90 22.62 99.11
N LYS OB 78 -56.99 23.57 99.20
CA LYS OB 78 -55.60 23.27 99.38
C LYS OB 78 -55.45 22.29 100.55
N LEU OB 79 -56.05 22.64 101.67
CA LEU OB 79 -55.99 21.81 102.87
C LEU OB 79 -56.45 20.40 102.58
N LEU OB 80 -57.48 20.25 101.75
CA LEU OB 80 -57.97 18.93 101.41
C LEU OB 80 -56.89 18.14 100.69
N ILE OB 81 -56.51 18.64 99.53
CA ILE OB 81 -55.49 18.02 98.71
C ILE OB 81 -54.26 17.66 99.54
N ASN OB 82 -53.78 18.61 100.30
CA ASN OB 82 -52.62 18.38 101.15
C ASN OB 82 -52.90 17.43 102.32
N LEU OB 83 -53.99 16.69 102.22
CA LEU OB 83 -54.36 15.78 103.27
C LEU OB 83 -54.52 14.40 102.69
N LEU OB 84 -54.55 14.35 101.34
CA LEU OB 84 -54.72 13.09 100.61
C LEU OB 84 -53.72 11.99 100.98
N ASP OB 85 -52.66 12.33 101.73
CA ASP OB 85 -51.69 11.31 102.14
C ASP OB 85 -51.95 10.89 103.58
N ASP OB 86 -52.85 11.59 104.26
CA ASP OB 86 -53.18 11.24 105.64
C ASP OB 86 -54.63 10.80 105.84
N THR OB 87 -55.16 10.09 104.85
CA THR OB 87 -56.51 9.55 104.85
C THR OB 87 -57.39 9.79 106.08
N LEU OB 88 -57.10 9.10 107.18
CA LEU OB 88 -57.87 9.24 108.40
C LEU OB 88 -58.24 10.67 108.81
N VAL OB 89 -57.29 11.59 108.70
CA VAL OB 89 -57.54 12.98 109.05
C VAL OB 89 -58.41 13.59 107.98
N LEU OB 90 -58.08 13.30 106.74
CA LEU OB 90 -58.87 13.82 105.63
C LEU OB 90 -60.33 13.44 105.83
N GLN OB 91 -60.55 12.17 106.14
CA GLN OB 91 -61.89 11.64 106.33
C GLN OB 91 -62.68 12.41 107.39
N SER OB 92 -61.98 12.94 108.38
CA SER OB 92 -62.63 13.70 109.44
C SER OB 92 -62.87 15.13 109.01
N HIS OB 93 -61.82 15.84 108.63
CA HIS OB 93 -61.98 17.22 108.20
C HIS OB 93 -62.95 17.28 107.05
N LEU OB 94 -62.99 16.20 106.28
CA LEU OB 94 -63.88 16.17 105.15
C LEU OB 94 -65.30 16.26 105.66
N GLY OB 95 -65.54 15.66 106.82
CA GLY OB 95 -66.87 15.69 107.42
C GLY OB 95 -67.12 17.08 107.93
N HIS OB 96 -66.19 17.56 108.74
CA HIS OB 96 -66.26 18.89 109.30
C HIS OB 96 -66.55 19.91 108.20
N LEU OB 97 -66.00 19.67 107.01
CA LEU OB 97 -66.20 20.58 105.90
C LEU OB 97 -67.63 20.49 105.39
N ALA OB 98 -68.27 19.34 105.64
CA ALA OB 98 -69.65 19.17 105.22
C ALA OB 98 -70.51 19.99 106.16
N ASP OB 99 -70.39 19.70 107.45
CA ASP OB 99 -71.16 20.40 108.48
C ASP OB 99 -71.11 21.93 108.31
N GLN OB 100 -69.99 22.46 107.85
CA GLN OB 100 -69.88 23.90 107.66
C GLN OB 100 -70.71 24.36 106.49
N HIS OB 101 -71.20 23.43 105.70
CA HIS OB 101 -72.02 23.77 104.56
C HIS OB 101 -73.46 23.35 104.75
N ILE OB 102 -73.70 22.45 105.69
CA ILE OB 102 -75.06 22.00 105.94
C ILE OB 102 -75.76 23.09 106.70
N GLN OB 103 -75.03 23.76 107.60
CA GLN OB 103 -75.60 24.84 108.38
C GLN OB 103 -75.72 26.11 107.56
N ARG OB 104 -75.28 26.05 106.31
CA ARG OB 104 -75.38 27.19 105.42
C ARG OB 104 -76.63 26.96 104.60
N LYS OB 105 -77.72 27.53 105.09
CA LYS OB 105 -79.03 27.39 104.44
C LYS OB 105 -79.03 27.85 102.98
N GLY OB 106 -79.44 26.96 102.09
CA GLY OB 106 -79.49 27.30 100.68
C GLY OB 106 -78.48 26.58 99.80
N VAL OB 107 -77.59 25.80 100.41
CA VAL OB 107 -76.57 25.09 99.67
C VAL OB 107 -77.06 23.72 99.24
N THR OB 108 -77.30 23.55 97.94
CA THR OB 108 -77.79 22.27 97.38
C THR OB 108 -76.69 21.26 97.06
N LYS OB 109 -77.11 20.02 96.86
CA LYS OB 109 -76.20 18.95 96.52
C LYS OB 109 -75.75 19.24 95.11
N GLU OB 110 -76.61 19.94 94.39
CA GLU OB 110 -76.36 20.30 93.01
C GLU OB 110 -75.25 21.33 92.85
N TYR OB 111 -75.34 22.44 93.58
CA TYR OB 111 -74.33 23.48 93.47
C TYR OB 111 -72.93 22.90 93.54
N PHE OB 112 -72.75 21.85 94.34
CA PHE OB 112 -71.44 21.23 94.45
C PHE OB 112 -71.08 20.52 93.15
N ARG OB 113 -71.96 19.67 92.65
CA ARG OB 113 -71.67 18.99 91.39
C ARG OB 113 -71.40 20.07 90.36
N GLY OB 114 -71.93 21.26 90.60
CA GLY OB 114 -71.71 22.36 89.68
C GLY OB 114 -70.33 23.01 89.74
N ILE OB 115 -69.82 23.19 90.96
CA ILE OB 115 -68.52 23.80 91.12
C ILE OB 115 -67.49 22.78 90.67
N GLY OB 116 -67.87 21.51 90.69
CA GLY OB 116 -66.97 20.46 90.28
C GLY OB 116 -66.71 20.62 88.79
N GLU OB 117 -67.79 20.87 88.05
CA GLU OB 117 -67.70 21.06 86.62
C GLU OB 117 -66.84 22.29 86.41
N ALA OB 118 -67.07 23.31 87.23
CA ALA OB 118 -66.30 24.55 87.16
C ALA OB 118 -64.78 24.31 87.04
N PHE OB 119 -64.19 23.71 88.07
CA PHE OB 119 -62.75 23.44 88.04
C PHE OB 119 -62.35 22.70 86.79
N ALA OB 120 -63.07 21.63 86.49
CA ALA OB 120 -62.79 20.80 85.32
C ALA OB 120 -62.80 21.60 84.00
N ARG OB 121 -63.25 22.84 84.07
CA ARG OB 121 -63.31 23.69 82.89
C ARG OB 121 -62.29 24.82 83.00
N VAL OB 122 -61.98 25.19 84.24
CA VAL OB 122 -61.02 26.26 84.50
C VAL OB 122 -59.60 25.75 84.55
N LEU OB 123 -59.32 24.87 85.50
CA LEU OB 123 -57.97 24.34 85.64
C LEU OB 123 -57.28 24.00 84.32
N PRO OB 124 -57.92 23.21 83.46
CA PRO OB 124 -57.28 22.87 82.19
C PRO OB 124 -56.85 24.09 81.37
N GLN OB 125 -57.18 25.29 81.83
CA GLN OB 125 -56.83 26.52 81.13
C GLN OB 125 -55.73 27.31 81.84
N VAL OB 126 -55.60 27.11 83.14
CA VAL OB 126 -54.58 27.83 83.90
C VAL OB 126 -53.25 27.11 83.94
N LEU OB 127 -53.24 25.84 83.57
CA LEU OB 127 -52.01 25.07 83.56
C LEU OB 127 -52.11 23.96 82.54
N SER OB 128 -50.97 23.55 81.99
CA SER OB 128 -50.96 22.50 81.01
C SER OB 128 -50.65 21.22 81.74
N CYS OB 129 -50.83 20.09 81.06
CA CYS OB 129 -50.57 18.78 81.66
C CYS OB 129 -51.52 18.55 82.82
N PHE OB 130 -52.80 18.75 82.56
CA PHE OB 130 -53.82 18.56 83.57
C PHE OB 130 -54.55 17.27 83.30
N ASN OB 131 -54.45 16.32 84.22
CA ASN OB 131 -55.10 15.04 84.04
C ASN OB 131 -56.57 15.14 84.45
N VAL OB 132 -57.35 15.89 83.67
CA VAL OB 132 -58.76 16.11 83.95
C VAL OB 132 -59.46 14.92 84.58
N ASP OB 133 -59.25 13.73 84.04
CA ASP OB 133 -59.90 12.54 84.59
C ASP OB 133 -59.49 12.29 86.03
N ALA OB 134 -58.18 12.16 86.24
CA ALA OB 134 -57.65 11.91 87.58
C ALA OB 134 -58.21 12.93 88.56
N TRP OB 135 -58.19 14.20 88.16
CA TRP OB 135 -58.69 15.25 89.02
C TRP OB 135 -60.13 14.91 89.28
N ASN OB 136 -60.93 14.88 88.22
CA ASN OB 136 -62.35 14.57 88.33
C ASN OB 136 -62.60 13.42 89.30
N ARG OB 137 -61.90 12.32 89.13
CA ARG OB 137 -62.13 11.19 90.02
C ARG OB 137 -61.99 11.55 91.50
N CYS OB 138 -60.80 11.97 91.93
CA CYS OB 138 -60.61 12.31 93.32
C CYS OB 138 -61.37 13.51 93.79
N PHE OB 139 -61.77 14.39 92.89
CA PHE OB 139 -62.52 15.55 93.32
C PHE OB 139 -63.92 15.08 93.68
N HIS OB 140 -64.47 14.14 92.91
CA HIS OB 140 -65.80 13.62 93.17
C HIS OB 140 -65.83 12.94 94.52
N ARG OB 141 -64.85 12.08 94.79
CA ARG OB 141 -64.81 11.39 96.07
C ARG OB 141 -64.85 12.45 97.18
N LEU OB 142 -64.13 13.54 97.00
CA LEU OB 142 -64.12 14.62 98.01
C LEU OB 142 -65.48 15.31 98.13
N VAL OB 143 -66.07 15.66 97.00
CA VAL OB 143 -67.36 16.32 96.98
C VAL OB 143 -68.45 15.44 97.58
N ALA OB 144 -68.57 14.22 97.06
CA ALA OB 144 -69.57 13.29 97.56
C ALA OB 144 -69.67 13.35 99.08
N ARG OB 145 -68.55 13.10 99.75
CA ARG OB 145 -68.56 13.11 101.20
C ARG OB 145 -68.92 14.46 101.77
N ILE OB 146 -68.60 15.55 101.08
CA ILE OB 146 -68.92 16.88 101.61
C ILE OB 146 -70.40 17.19 101.58
N ALA OB 147 -71.01 16.81 100.47
CA ALA OB 147 -72.41 16.94 100.34
C ALA OB 147 -72.90 16.16 101.47
N LYS OB 148 -72.24 15.02 101.77
CA LYS OB 148 -72.82 13.71 101.78
C LYS OB 148 -73.92 13.60 102.78
N ASP OB 149 -73.74 14.25 103.95
CA ASP OB 149 -74.64 14.39 105.08
C ASP OB 149 -75.83 15.15 104.67
N LEU OB 150 -75.51 16.22 103.92
CA LEU OB 150 -76.43 17.22 103.60
C LEU OB 150 -77.49 16.52 102.91
N PRO OB 151 -77.26 15.59 102.06
CA PRO OB 151 -78.55 15.14 101.71
C PRO OB 151 -78.76 13.74 102.15
N LYS PB 1 -52.57 36.82 64.45
CA LYS PB 1 -53.09 35.43 64.60
C LYS PB 1 -53.86 35.47 65.85
N LYS PB 2 -53.07 35.25 66.91
CA LYS PB 2 -53.55 35.28 68.25
C LYS PB 2 -53.13 36.57 68.81
N GLN PB 3 -54.12 37.25 69.40
CA GLN PB 3 -54.02 38.49 70.10
C GLN PB 3 -54.09 38.02 71.51
N CYS PB 4 -53.55 38.76 72.49
CA CYS PB 4 -53.19 37.96 73.62
C CYS PB 4 -54.03 38.31 74.80
N GLY PB 5 -53.95 37.47 75.86
CA GLY PB 5 -54.96 37.49 76.88
C GLY PB 5 -54.32 37.06 78.17
N VAL PB 6 -55.09 37.19 79.27
CA VAL PB 6 -54.59 37.15 80.63
C VAL PB 6 -53.93 35.84 80.90
N LEU PB 7 -54.70 34.73 80.73
CA LEU PB 7 -54.09 33.44 80.98
C LEU PB 7 -52.89 33.17 80.07
N GLU PB 8 -53.09 33.19 78.75
CA GLU PB 8 -52.01 32.95 77.81
C GLU PB 8 -50.80 33.78 78.18
N GLY PB 9 -51.04 34.88 78.87
CA GLY PB 9 -49.94 35.72 79.29
C GLY PB 9 -49.22 35.00 80.41
N LEU PB 10 -49.96 34.72 81.48
CA LEU PB 10 -49.40 34.02 82.64
C LEU PB 10 -48.61 32.80 82.21
N LYS PB 11 -49.11 32.08 81.21
CA LYS PB 11 -48.40 30.90 80.73
C LYS PB 11 -47.04 31.30 80.14
N VAL PB 12 -47.06 32.19 79.16
CA VAL PB 12 -45.80 32.61 78.54
C VAL PB 12 -44.89 33.20 79.60
N LYS PB 13 -45.43 34.09 80.42
CA LYS PB 13 -44.62 34.72 81.46
C LYS PB 13 -43.89 33.70 82.33
N SER PB 14 -44.57 32.59 82.61
CA SER PB 14 -44.00 31.52 83.43
C SER PB 14 -42.97 30.73 82.63
N GLU PB 15 -43.38 30.23 81.47
CA GLU PB 15 -42.49 29.44 80.61
C GLU PB 15 -41.24 30.23 80.25
N TRP PB 16 -41.41 31.52 80.04
CA TRP PB 16 -40.27 32.34 79.69
C TRP PB 16 -39.31 32.28 80.85
N GLY PB 17 -39.84 32.27 82.06
CA GLY PB 17 -38.97 32.22 83.22
C GLY PB 17 -38.00 31.07 83.16
N ARG PB 18 -38.52 29.91 82.77
CA ARG PB 18 -37.71 28.71 82.67
C ARG PB 18 -36.74 28.76 81.49
N ALA PB 19 -37.22 29.19 80.32
CA ALA PB 19 -36.37 29.26 79.13
C ALA PB 19 -35.25 30.30 79.22
N TYR PB 20 -35.58 31.46 79.78
CA TYR PB 20 -34.61 32.54 79.92
C TYR PB 20 -33.47 32.04 80.78
N GLY PB 21 -33.79 31.64 82.00
CA GLY PB 21 -32.75 31.15 82.88
C GLY PB 21 -31.76 32.25 83.24
N SER PB 22 -30.53 31.87 83.56
CA SER PB 22 -29.52 32.85 83.97
C SER PB 22 -28.09 32.38 83.74
N GLY PB 23 -27.15 33.27 84.03
CA GLY PB 23 -25.73 32.94 83.86
C GLY PB 23 -25.31 32.65 82.43
N HIS PB 24 -24.76 31.45 82.23
CA HIS PB 24 -24.32 31.04 80.91
C HIS PB 24 -25.50 30.63 80.05
N ASP PB 25 -26.42 29.86 80.62
CA ASP PB 25 -27.59 29.43 79.87
C ASP PB 25 -28.11 30.64 79.12
N ARG PB 26 -28.09 31.79 79.79
CA ARG PB 26 -28.57 33.03 79.20
C ARG PB 26 -27.67 33.46 78.05
N GLU PB 27 -26.41 33.68 78.37
CA GLU PB 27 -25.44 34.09 77.34
C GLU PB 27 -25.54 33.22 76.08
N ALA PB 28 -26.03 31.99 76.23
CA ALA PB 28 -26.17 31.09 75.10
C ALA PB 28 -27.57 31.23 74.54
N PHE PB 29 -28.57 31.12 75.39
CA PHE PB 29 -29.96 31.27 74.99
C PHE PB 29 -30.04 32.41 73.98
N SER PB 30 -29.48 33.56 74.35
CA SER PB 30 -29.49 34.72 73.46
C SER PB 30 -28.68 34.41 72.20
N GLN PB 31 -27.46 33.91 72.41
CA GLN PB 31 -26.61 33.51 71.29
C GLN PB 31 -27.42 32.71 70.28
N ALA PB 32 -27.96 31.57 70.72
CA ALA PB 32 -28.74 30.68 69.87
C ALA PB 32 -29.78 31.44 69.10
N ILE PB 33 -30.56 32.24 69.82
CA ILE PB 33 -31.63 33.03 69.21
C ILE PB 33 -31.13 33.90 68.08
N TRP PB 34 -30.09 34.68 68.33
CA TRP PB 34 -29.58 35.53 67.26
C TRP PB 34 -29.06 34.75 66.07
N ARG PB 35 -28.35 33.65 66.33
CA ARG PB 35 -27.83 32.85 65.24
C ARG PB 35 -28.99 32.38 64.37
N ALA PB 36 -30.08 31.98 65.01
CA ALA PB 36 -31.26 31.53 64.30
C ALA PB 36 -31.87 32.70 63.51
N THR PB 37 -31.84 33.89 64.08
CA THR PB 37 -32.40 35.06 63.41
C THR PB 37 -31.60 35.38 62.17
N PHE PB 38 -30.30 35.64 62.36
CA PHE PB 38 -29.43 35.98 61.24
C PHE PB 38 -29.41 34.91 60.17
N ALA PB 39 -29.54 33.66 60.57
CA ALA PB 39 -29.51 32.58 59.61
C ALA PB 39 -30.70 32.70 58.68
N GLN PB 40 -31.80 33.22 59.21
CA GLN PB 40 -33.01 33.38 58.43
C GLN PB 40 -32.91 34.56 57.48
N VAL PB 41 -32.51 35.71 58.01
CA VAL PB 41 -32.39 36.91 57.20
C VAL PB 41 -31.00 37.53 57.30
N PRO PB 42 -30.01 36.94 56.61
CA PRO PB 42 -28.66 37.48 56.67
C PRO PB 42 -28.61 38.97 56.36
N GLU PB 43 -29.61 39.44 55.62
CA GLU PB 43 -29.69 40.84 55.25
C GLU PB 43 -29.59 41.74 56.47
N SER PB 44 -30.26 41.34 57.54
CA SER PB 44 -30.32 42.11 58.79
C SER PB 44 -29.00 42.31 59.52
N ARG PB 45 -27.97 41.53 59.21
CA ARG PB 45 -26.71 41.72 59.90
C ARG PB 45 -26.23 43.15 59.76
N SER PB 46 -26.55 43.78 58.63
CA SER PB 46 -26.14 45.15 58.35
C SER PB 46 -26.60 46.18 59.38
N LEU PB 47 -27.70 45.93 60.07
CA LEU PB 47 -28.20 46.87 61.06
C LEU PB 47 -27.40 46.90 62.34
N PHE PB 48 -26.80 45.77 62.68
CA PHE PB 48 -26.01 45.69 63.89
C PHE PB 48 -24.53 45.81 63.60
N LYS PB 49 -24.20 46.56 62.56
CA LYS PB 49 -22.82 46.75 62.19
C LYS PB 49 -22.13 47.52 63.32
N ARG PB 50 -22.92 48.32 64.02
CA ARG PB 50 -22.41 49.14 65.11
C ARG PB 50 -21.96 48.33 66.32
N VAL PB 51 -22.61 47.20 66.53
CA VAL PB 51 -22.30 46.36 67.66
C VAL PB 51 -21.80 44.99 67.20
N HIS PB 52 -20.77 45.02 66.36
CA HIS PB 52 -20.18 43.81 65.81
C HIS PB 52 -21.18 42.71 65.48
N GLY PB 53 -22.03 42.98 64.51
CA GLY PB 53 -23.02 42.00 64.10
C GLY PB 53 -22.36 40.97 63.20
N ASP PB 54 -21.17 41.32 62.71
CA ASP PB 54 -20.46 40.41 61.84
C ASP PB 54 -20.06 39.13 62.58
N ASP PB 55 -19.65 39.27 63.84
CA ASP PB 55 -19.24 38.12 64.64
C ASP PB 55 -20.14 37.99 65.87
N THR PB 56 -21.13 37.14 65.75
CA THR PB 56 -22.08 36.90 66.83
C THR PB 56 -21.43 36.58 68.19
N SER PB 57 -20.18 36.12 68.19
CA SER PB 57 -19.46 35.76 69.40
C SER PB 57 -18.59 36.87 70.01
N HIS PB 58 -18.61 38.05 69.40
CA HIS PB 58 -17.83 39.18 69.87
C HIS PB 58 -18.48 39.78 71.10
N PRO PB 59 -17.71 40.02 72.15
CA PRO PB 59 -18.27 40.59 73.37
C PRO PB 59 -19.27 41.71 73.14
N ALA PB 60 -18.94 42.64 72.26
CA ALA PB 60 -19.82 43.76 71.98
C ALA PB 60 -21.21 43.26 71.66
N PHE PB 61 -21.28 42.28 70.77
CA PHE PB 61 -22.55 41.71 70.35
C PHE PB 61 -23.16 40.88 71.47
N ILE PB 62 -22.33 40.15 72.20
CA ILE PB 62 -22.80 39.32 73.31
C ILE PB 62 -23.57 40.21 74.25
N ALA PB 63 -22.99 41.37 74.51
CA ALA PB 63 -23.61 42.36 75.37
C ALA PB 63 -24.93 42.69 74.73
N HIS PB 64 -24.87 43.21 73.51
CA HIS PB 64 -26.07 43.58 72.78
C HIS PB 64 -27.17 42.55 72.92
N ALA PB 65 -26.87 41.31 72.59
CA ALA PB 65 -27.85 40.24 72.68
C ALA PB 65 -28.42 40.16 74.08
N ASP PB 66 -27.57 39.89 75.06
CA ASP PB 66 -27.99 39.79 76.45
C ASP PB 66 -28.80 41.05 76.83
N ARG PB 67 -28.51 42.16 76.16
CA ARG PB 67 -29.18 43.44 76.43
C ARG PB 67 -30.56 43.48 75.82
N VAL PB 68 -30.71 42.85 74.67
CA VAL PB 68 -31.97 42.81 73.96
C VAL PB 68 -32.95 41.94 74.73
N LEU PB 69 -32.56 40.70 75.00
CA LEU PB 69 -33.40 39.79 75.74
C LEU PB 69 -33.88 40.53 76.97
N GLY PB 70 -33.00 41.34 77.55
CA GLY PB 70 -33.35 42.11 78.73
C GLY PB 70 -34.68 42.82 78.55
N GLY PB 71 -34.81 43.58 77.47
CA GLY PB 71 -36.05 44.27 77.22
C GLY PB 71 -37.19 43.28 77.09
N LEU PB 72 -37.01 42.29 76.22
CA LEU PB 72 -38.02 41.27 76.03
C LEU PB 72 -38.46 40.74 77.38
N ASP PB 73 -37.54 40.66 78.33
CA ASP PB 73 -37.87 40.19 79.66
C ASP PB 73 -38.90 41.16 80.23
N ILE PB 74 -38.49 42.40 80.41
CA ILE PB 74 -39.41 43.40 80.93
C ILE PB 74 -40.77 43.30 80.28
N ALA PB 75 -40.79 43.19 78.95
CA ALA PB 75 -42.04 43.08 78.21
C ALA PB 75 -42.85 41.93 78.73
N ILE PB 76 -42.38 40.72 78.48
CA ILE PB 76 -43.06 39.52 78.94
C ILE PB 76 -43.40 39.60 80.44
N SER PB 77 -42.40 39.94 81.27
CA SER PB 77 -42.62 39.91 82.68
C SER PB 77 -43.62 40.96 83.05
N THR PB 78 -43.62 42.15 82.40
CA THR PB 78 -44.52 43.20 82.82
C THR PB 78 -45.96 42.89 82.45
N LEU PB 79 -46.16 42.20 81.31
CA LEU PB 79 -47.31 42.21 80.44
C LEU PB 79 -48.53 41.74 81.14
N ASP PB 80 -48.34 40.95 82.22
CA ASP PB 80 -49.44 40.32 82.87
C ASP PB 80 -50.44 41.40 83.17
N GLN PB 81 -50.00 42.43 83.92
CA GLN PB 81 -50.85 43.53 84.22
C GLN PB 81 -50.68 44.57 83.16
N PRO PB 82 -51.84 44.92 82.63
CA PRO PB 82 -52.08 45.83 81.51
C PRO PB 82 -51.59 47.24 81.79
N ALA PB 83 -51.88 47.74 82.97
CA ALA PB 83 -51.47 49.08 83.35
C ALA PB 83 -49.99 49.32 83.07
N THR PB 84 -49.15 48.52 83.71
CA THR PB 84 -47.69 48.63 83.59
C THR PB 84 -47.21 48.27 82.19
N LEU PB 85 -47.56 47.09 81.72
CA LEU PB 85 -47.16 46.65 80.39
C LEU PB 85 -47.33 47.80 79.42
N LYS PB 86 -48.54 48.34 79.41
CA LYS PB 86 -48.88 49.47 78.55
C LYS PB 86 -47.69 50.42 78.51
N GLU PB 87 -47.27 50.84 79.70
CA GLU PB 87 -46.17 51.78 79.80
C GLU PB 87 -44.90 51.28 79.14
N GLU PB 88 -44.41 50.10 79.56
CA GLU PB 88 -43.19 49.55 78.97
C GLU PB 88 -43.29 49.53 77.46
N LEU PB 89 -44.37 48.98 76.94
CA LEU PB 89 -44.54 48.91 75.51
C LEU PB 89 -44.40 50.31 74.93
N ASP PB 90 -45.16 51.24 75.48
CA ASP PB 90 -45.11 52.62 75.00
C ASP PB 90 -43.68 53.14 75.00
N HIS PB 91 -42.97 52.87 76.08
CA HIS PB 91 -41.59 53.31 76.20
C HIS PB 91 -40.80 52.77 75.02
N LEU PB 92 -40.92 51.47 74.77
CA LEU PB 92 -40.22 50.86 73.67
C LEU PB 92 -40.63 51.53 72.37
N GLN PB 93 -41.95 51.63 72.18
CA GLN PB 93 -42.51 52.23 70.99
C GLN PB 93 -41.70 53.44 70.56
N VAL PB 94 -41.36 54.27 71.54
CA VAL PB 94 -40.58 55.47 71.29
C VAL PB 94 -39.16 55.18 70.82
N GLN PB 95 -38.45 54.34 71.56
CA GLN PB 95 -37.08 54.01 71.19
C GLN PB 95 -37.00 53.45 69.78
N HIS PB 96 -38.16 53.09 69.21
CA HIS PB 96 -38.19 52.52 67.87
C HIS PB 96 -38.77 53.40 66.76
N GLU PB 97 -39.67 54.24 67.17
CA GLU PB 97 -40.46 54.95 66.18
C GLU PB 97 -39.56 55.95 65.54
N GLY PB 98 -39.64 56.09 64.20
CA GLY PB 98 -38.84 57.02 63.49
C GLY PB 98 -38.01 56.24 62.54
N ARG PB 99 -37.73 54.98 62.91
CA ARG PB 99 -36.67 54.22 62.33
C ARG PB 99 -37.29 53.17 61.50
N LYS PB 100 -36.82 53.00 60.26
CA LYS PB 100 -37.54 52.02 59.53
C LYS PB 100 -36.97 50.68 59.93
N ILE PB 101 -37.86 49.73 60.33
CA ILE PB 101 -37.53 48.32 60.43
C ILE PB 101 -38.69 47.53 59.93
N PRO PB 102 -38.41 46.82 58.92
CA PRO PB 102 -39.38 46.07 58.20
C PRO PB 102 -39.95 45.05 59.12
N ASP PB 103 -41.15 44.64 58.80
CA ASP PB 103 -41.89 43.65 59.57
C ASP PB 103 -41.35 42.27 59.24
N ASN PB 104 -40.56 42.21 58.17
CA ASN PB 104 -39.95 40.98 57.72
C ASN PB 104 -39.00 40.44 58.79
N TYR PB 105 -38.13 41.30 59.31
CA TYR PB 105 -37.17 40.89 60.33
C TYR PB 105 -37.83 40.47 61.62
N PHE PB 106 -38.69 41.31 62.18
CA PHE PB 106 -39.36 40.98 63.41
C PHE PB 106 -39.92 39.59 63.33
N ASP PB 107 -40.48 39.26 62.17
CA ASP PB 107 -41.06 37.94 61.96
C ASP PB 107 -40.00 36.87 62.23
N ALA PB 108 -38.85 37.00 61.59
CA ALA PB 108 -37.77 36.04 61.75
C ALA PB 108 -37.33 35.95 63.21
N PHE PB 109 -37.13 37.10 63.83
CA PHE PB 109 -36.69 37.13 65.22
C PHE PB 109 -37.69 36.40 66.12
N LYS PB 110 -38.97 36.49 65.80
CA LYS PB 110 -39.98 35.81 66.60
C LYS PB 110 -39.75 34.33 66.43
N THR PB 111 -39.74 33.90 65.17
CA THR PB 111 -39.52 32.51 64.86
C THR PB 111 -38.30 32.03 65.63
N ALA PB 112 -37.20 32.76 65.53
CA ALA PB 112 -35.99 32.38 66.23
C ALA PB 112 -36.34 32.08 67.70
N ILE PB 113 -36.78 33.11 68.42
CA ILE PB 113 -37.15 32.97 69.81
C ILE PB 113 -37.94 31.71 70.02
N LEU PB 114 -39.05 31.57 69.30
CA LEU PB 114 -39.88 30.39 69.44
C LEU PB 114 -39.12 29.07 69.32
N HIS PB 115 -38.37 28.91 68.23
CA HIS PB 115 -37.63 27.67 68.04
C HIS PB 115 -36.66 27.40 69.17
N VAL PB 116 -35.91 28.42 69.57
CA VAL PB 116 -34.97 28.22 70.66
C VAL PB 116 -35.72 27.88 71.95
N VAL PB 117 -36.70 28.70 72.33
CA VAL PB 117 -37.45 28.44 73.54
C VAL PB 117 -37.96 27.01 73.54
N ALA PB 118 -38.52 26.57 72.43
CA ALA PB 118 -39.03 25.21 72.34
C ALA PB 118 -37.91 24.22 72.58
N ALA PB 119 -36.73 24.50 72.04
CA ALA PB 119 -35.60 23.62 72.21
C ALA PB 119 -35.19 23.59 73.66
N GLN PB 120 -35.31 24.72 74.32
CA GLN PB 120 -34.93 24.81 75.73
C GLN PB 120 -35.92 24.21 76.73
N LEU PB 121 -37.21 24.35 76.46
CA LEU PB 121 -38.21 23.84 77.39
C LEU PB 121 -38.56 22.38 77.23
N GLY PB 122 -38.02 21.75 76.19
CA GLY PB 122 -38.32 20.35 75.97
C GLY PB 122 -39.75 20.02 75.63
N ARG PB 123 -40.58 19.79 76.64
CA ARG PB 123 -41.97 19.40 76.43
C ARG PB 123 -43.08 20.35 76.86
N CYS PB 124 -42.91 20.98 78.01
CA CYS PB 124 -43.93 21.87 78.51
C CYS PB 124 -43.78 23.25 77.90
N TYR PB 125 -44.49 23.47 76.79
CA TYR PB 125 -44.44 24.74 76.08
C TYR PB 125 -45.58 24.84 75.06
N ASP PB 126 -46.42 25.87 75.22
CA ASP PB 126 -47.56 26.11 74.33
C ASP PB 126 -47.10 27.04 73.22
N ARG PB 127 -47.10 26.55 71.99
CA ARG PB 127 -46.64 27.36 70.87
C ARG PB 127 -47.55 28.55 70.61
N GLU PB 128 -48.82 28.28 70.30
CA GLU PB 128 -49.79 29.33 70.01
C GLU PB 128 -49.65 30.49 70.99
N ALA PB 129 -49.65 30.17 72.28
CA ALA PB 129 -49.55 31.16 73.34
C ALA PB 129 -48.37 32.10 73.16
N TRP PB 130 -47.18 31.54 73.01
CA TRP PB 130 -46.00 32.37 72.81
C TRP PB 130 -46.19 33.20 71.57
N ASP PB 131 -46.49 32.53 70.45
CA ASP PB 131 -46.69 33.23 69.19
C ASP PB 131 -47.55 34.46 69.44
N ALA PB 132 -48.72 34.23 70.04
CA ALA PB 132 -49.63 35.33 70.32
C ALA PB 132 -49.00 36.48 71.11
N CYS PB 133 -48.30 36.16 72.19
CA CYS PB 133 -47.70 37.18 73.03
C CYS PB 133 -46.48 37.83 72.45
N ILE PB 134 -45.57 37.04 71.89
CA ILE PB 134 -44.39 37.63 71.30
C ILE PB 134 -44.89 38.63 70.28
N ASP PB 135 -45.99 38.28 69.62
CA ASP PB 135 -46.59 39.13 68.62
C ASP PB 135 -47.01 40.43 69.30
N HIS PB 136 -47.94 40.34 70.24
CA HIS PB 136 -48.41 41.52 70.93
C HIS PB 136 -47.25 42.40 71.38
N ILE PB 137 -46.16 41.79 71.82
CA ILE PB 137 -45.02 42.57 72.27
C ILE PB 137 -44.35 43.27 71.10
N GLU PB 138 -44.21 42.54 70.00
CA GLU PB 138 -43.58 43.13 68.83
C GLU PB 138 -44.43 44.25 68.28
N ASP PB 139 -45.73 44.04 68.21
CA ASP PB 139 -46.62 45.07 67.68
C ASP PB 139 -46.34 46.34 68.46
N GLY PB 140 -46.27 46.21 69.78
CA GLY PB 140 -46.02 47.37 70.61
C GLY PB 140 -44.72 48.08 70.32
N ILE PB 141 -43.83 47.42 69.58
CA ILE PB 141 -42.54 48.01 69.25
C ILE PB 141 -42.52 48.59 67.84
N LYS PB 142 -43.34 48.04 66.96
CA LYS PB 142 -43.40 48.53 65.60
C LYS PB 142 -44.41 49.66 65.50
N GLY PB 143 -45.53 49.48 66.22
CA GLY PB 143 -46.42 50.60 66.18
C GLY PB 143 -47.38 50.29 65.09
N HIS PB 144 -47.46 48.98 64.82
CA HIS PB 144 -47.62 48.47 63.50
C HIS PB 144 -48.89 48.92 62.89
N HIS PB 145 -48.69 49.47 61.68
CA HIS PB 145 -49.24 50.69 61.18
C HIS PB 145 -47.99 51.50 61.08
N LYS QB 1 112.72 -17.47 -7.34
CA LYS QB 1 113.02 -16.69 -8.55
C LYS QB 1 113.94 -17.36 -9.49
N LYS QB 2 113.96 -16.75 -10.69
CA LYS QB 2 114.77 -17.11 -11.79
C LYS QB 2 116.18 -16.76 -11.55
N GLN QB 3 117.05 -17.64 -12.07
CA GLN QB 3 118.44 -17.41 -12.14
C GLN QB 3 118.71 -16.49 -13.28
N CYS QB 4 119.77 -15.68 -13.12
CA CYS QB 4 120.27 -14.94 -14.23
C CYS QB 4 121.33 -15.77 -14.84
N GLY QB 5 121.42 -15.59 -16.17
CA GLY QB 5 122.41 -16.15 -17.01
C GLY QB 5 121.96 -15.83 -18.39
N VAL QB 6 122.41 -16.66 -19.35
CA VAL QB 6 122.36 -16.36 -20.73
C VAL QB 6 120.96 -16.08 -21.17
N LEU QB 7 120.11 -17.09 -21.12
CA LEU QB 7 118.80 -17.08 -21.74
C LEU QB 7 117.94 -15.90 -21.28
N GLU QB 8 117.67 -15.82 -19.98
CA GLU QB 8 116.84 -14.75 -19.45
C GLU QB 8 117.31 -13.42 -19.98
N GLY QB 9 118.57 -13.35 -20.36
CA GLY QB 9 119.09 -12.12 -20.92
C GLY QB 9 118.50 -11.97 -22.31
N LEU QB 10 118.79 -12.94 -23.17
CA LEU QB 10 118.28 -12.93 -24.53
C LEU QB 10 116.80 -12.59 -24.56
N LYS QB 11 116.04 -13.12 -23.61
CA LYS QB 11 114.62 -12.84 -23.58
C LYS QB 11 114.39 -11.36 -23.33
N VAL QB 12 114.93 -10.83 -22.24
CA VAL QB 12 114.74 -9.42 -21.93
C VAL QB 12 115.27 -8.55 -23.08
N LYS QB 13 116.45 -8.86 -23.56
CA LYS QB 13 117.05 -8.09 -24.64
C LYS QB 13 116.12 -8.01 -25.84
N SER QB 14 115.39 -9.08 -26.11
CA SER QB 14 114.47 -9.14 -27.23
C SER QB 14 113.21 -8.37 -26.91
N GLU QB 15 112.58 -8.70 -25.80
CA GLU QB 15 111.36 -8.03 -25.40
C GLU QB 15 111.56 -6.53 -25.27
N TRP QB 16 112.73 -6.15 -24.79
CA TRP QB 16 113.02 -4.73 -24.62
C TRP QB 16 112.99 -4.09 -25.99
N GLY QB 17 113.48 -4.82 -26.98
CA GLY QB 17 113.46 -4.29 -28.33
C GLY QB 17 112.06 -3.85 -28.75
N ARG QB 18 111.06 -4.67 -28.42
CA ARG QB 18 109.69 -4.38 -28.76
C ARG QB 18 109.12 -3.26 -27.92
N ALA QB 19 109.37 -3.29 -26.62
CA ALA QB 19 108.83 -2.27 -25.73
C ALA QB 19 109.44 -0.89 -25.93
N TYR QB 20 110.74 -0.84 -26.16
CA TYR QB 20 111.44 0.42 -26.37
C TYR QB 20 110.86 1.11 -27.57
N GLY QB 21 110.91 0.44 -28.71
CA GLY QB 21 110.37 1.01 -29.93
C GLY QB 21 111.14 2.23 -30.34
N SER QB 22 110.49 3.15 -31.06
CA SER QB 22 111.16 4.35 -31.54
C SER QB 22 110.22 5.51 -31.80
N GLY QB 23 110.80 6.64 -32.18
CA GLY QB 23 110.01 7.83 -32.47
C GLY QB 23 109.20 8.38 -31.30
N HIS QB 24 107.89 8.47 -31.49
CA HIS QB 24 107.02 8.97 -30.45
C HIS QB 24 106.79 7.92 -29.39
N ASP QB 25 106.55 6.68 -29.81
CA ASP QB 25 106.35 5.60 -28.85
C ASP QB 25 107.41 5.73 -27.77
N ARG QB 26 108.64 6.02 -28.20
CA ARG QB 26 109.74 6.18 -27.28
C ARG QB 26 109.53 7.41 -26.40
N GLU QB 27 109.40 8.58 -26.99
CA GLU QB 27 109.18 9.81 -26.23
C GLU QB 27 108.09 9.65 -25.18
N ALA QB 28 107.18 8.69 -25.39
CA ALA QB 28 106.10 8.43 -24.45
C ALA QB 28 106.54 7.36 -23.48
N PHE QB 29 106.96 6.24 -24.03
CA PHE QB 29 107.45 5.11 -23.22
C PHE QB 29 108.24 5.65 -22.04
N SER QB 30 109.20 6.52 -22.33
CA SER QB 30 110.02 7.14 -21.28
C SER QB 30 109.12 7.99 -20.40
N GLN QB 31 108.31 8.84 -21.03
CA GLN QB 31 107.39 9.69 -20.30
C GLN QB 31 106.63 8.88 -19.27
N ALA QB 32 105.93 7.86 -19.74
CA ALA QB 32 105.14 6.98 -18.86
C ALA QB 32 105.96 6.47 -17.71
N ILE QB 33 107.12 5.92 -18.03
CA ILE QB 33 108.01 5.38 -17.01
C ILE QB 33 108.33 6.39 -15.91
N TRP QB 34 108.79 7.57 -16.29
CA TRP QB 34 109.11 8.57 -15.29
C TRP QB 34 107.91 8.97 -14.46
N ARG QB 35 106.76 9.15 -15.10
CA ARG QB 35 105.57 9.53 -14.36
C ARG QB 35 105.28 8.49 -13.31
N ALA QB 36 105.47 7.22 -13.67
CA ALA QB 36 105.25 6.12 -12.75
C ALA QB 36 106.27 6.16 -11.63
N THR QB 37 107.50 6.52 -11.97
CA THR QB 37 108.55 6.60 -10.96
C THR QB 37 108.26 7.69 -9.96
N PHE QB 38 108.15 8.92 -10.44
CA PHE QB 38 107.87 10.06 -9.58
C PHE QB 38 106.59 9.89 -8.78
N ALA QB 39 105.59 9.23 -9.34
CA ALA QB 39 104.33 9.01 -8.65
C ALA QB 39 104.58 8.17 -7.40
N GLN QB 40 105.56 7.26 -7.49
CA GLN QB 40 105.91 6.37 -6.39
C GLN QB 40 106.69 7.10 -5.33
N VAL QB 41 107.73 7.79 -5.73
CA VAL QB 41 108.56 8.52 -4.79
C VAL QB 41 108.68 9.98 -5.16
N PRO QB 42 107.64 10.78 -4.88
CA PRO QB 42 107.70 12.21 -5.21
C PRO QB 42 108.97 12.89 -4.67
N GLU QB 43 109.52 12.31 -3.60
CA GLU QB 43 110.73 12.84 -2.98
C GLU QB 43 111.86 13.03 -3.99
N SER QB 44 112.01 12.06 -4.90
CA SER QB 44 113.05 12.06 -5.91
C SER QB 44 113.02 13.19 -6.91
N ARG QB 45 111.89 13.87 -7.06
CA ARG QB 45 111.83 14.94 -8.02
C ARG QB 45 112.93 15.95 -7.76
N SER QB 46 113.29 16.12 -6.50
CA SER QB 46 114.33 17.07 -6.11
C SER QB 46 115.71 16.85 -6.77
N LEU QB 47 116.01 15.61 -7.16
CA LEU QB 47 117.28 15.31 -7.77
C LEU QB 47 117.39 15.82 -9.19
N PHE QB 48 116.27 15.87 -9.89
CA PHE QB 48 116.28 16.31 -11.27
C PHE QB 48 115.81 17.75 -11.39
N LYS QB 49 116.12 18.54 -10.37
CA LYS QB 49 115.75 19.94 -10.37
C LYS QB 49 116.53 20.63 -11.49
N ARG QB 50 117.70 20.10 -11.79
CA ARG QB 50 118.58 20.67 -12.81
C ARG QB 50 118.03 20.53 -14.21
N VAL QB 51 117.26 19.46 -14.44
CA VAL QB 51 116.70 19.19 -15.73
C VAL QB 51 115.17 19.20 -15.69
N HIS QB 52 114.64 20.31 -15.17
CA HIS QB 52 113.20 20.50 -15.04
C HIS QB 52 112.44 19.24 -14.67
N GLY QB 53 112.71 18.74 -13.46
CA GLY QB 53 112.03 17.56 -12.97
C GLY QB 53 110.66 17.96 -12.50
N ASP QB 54 110.44 19.26 -12.30
CA ASP QB 54 109.14 19.74 -11.84
C ASP QB 54 108.05 19.47 -12.88
N ASP QB 55 108.38 19.64 -14.16
CA ASP QB 55 107.43 19.41 -15.23
C ASP QB 55 107.93 18.32 -16.17
N THR QB 56 107.43 17.11 -15.95
CA THR QB 56 107.81 15.95 -16.75
C THR QB 56 107.67 16.16 -18.26
N SER QB 57 106.86 17.12 -18.67
CA SER QB 57 106.63 17.40 -20.10
C SER QB 57 107.53 18.50 -20.70
N HIS QB 58 108.44 19.04 -19.90
CA HIS QB 58 109.35 20.08 -20.38
C HIS QB 58 110.43 19.47 -21.23
N PRO QB 59 110.70 20.06 -22.39
CA PRO QB 59 111.73 19.54 -23.29
C PRO QB 59 113.00 19.09 -22.59
N ALA QB 60 113.50 19.93 -21.70
CA ALA QB 60 114.72 19.61 -20.98
C ALA QB 60 114.62 18.20 -20.39
N PHE QB 61 113.53 17.96 -19.68
CA PHE QB 61 113.31 16.67 -19.04
C PHE QB 61 113.07 15.60 -20.10
N ILE QB 62 112.31 15.94 -21.14
CA ILE QB 62 112.00 14.98 -22.20
C ILE QB 62 113.30 14.43 -22.68
N ALA QB 63 114.24 15.35 -22.90
CA ALA QB 63 115.56 15.00 -23.36
C ALA QB 63 116.13 14.04 -22.33
N HIS QB 64 116.26 14.54 -21.11
CA HIS QB 64 116.79 13.72 -20.02
C HIS QB 64 116.25 12.30 -20.04
N ALA QB 65 114.93 12.18 -20.05
CA ALA QB 65 114.29 10.87 -20.05
C ALA QB 65 114.80 10.05 -21.21
N ASP QB 66 114.51 10.53 -22.42
CA ASP QB 66 114.95 9.84 -23.62
C ASP QB 66 116.46 9.50 -23.52
N ARG QB 67 117.20 10.32 -22.77
CA ARG QB 67 118.64 10.15 -22.61
C ARG QB 67 118.95 9.04 -21.65
N VAL QB 68 118.10 8.89 -20.64
CA VAL QB 68 118.28 7.86 -19.64
C VAL QB 68 118.02 6.48 -20.23
N LEU QB 69 116.84 6.32 -20.81
CA LEU QB 69 116.50 5.06 -21.42
C LEU QB 69 117.65 4.67 -22.31
N GLY QB 70 118.25 5.67 -22.97
CA GLY QB 70 119.39 5.41 -23.84
C GLY QB 70 120.41 4.51 -23.18
N GLY QB 71 120.86 4.90 -21.99
CA GLY QB 71 121.83 4.08 -21.29
C GLY QB 71 121.26 2.71 -21.04
N LEU QB 72 120.06 2.68 -20.46
CA LEU QB 72 119.40 1.41 -20.17
C LEU QB 72 119.44 0.54 -21.42
N ASP QB 73 119.31 1.15 -22.59
CA ASP QB 73 119.36 0.41 -23.83
C ASP QB 73 120.72 -0.26 -23.89
N ILE QB 74 121.76 0.56 -23.95
CA ILE QB 74 123.10 0.01 -24.03
C ILE QB 74 123.27 -1.14 -23.05
N ALA QB 75 122.80 -0.94 -21.81
CA ALA QB 75 122.92 -1.97 -20.79
C ALA QB 75 122.28 -3.26 -21.28
N ILE QB 76 120.97 -3.24 -21.39
CA ILE QB 76 120.23 -4.40 -21.83
C ILE QB 76 120.80 -4.96 -23.11
N SER QB 77 121.02 -4.12 -24.13
CA SER QB 77 121.42 -4.63 -25.41
C SER QB 77 122.73 -5.37 -25.30
N THR QB 78 123.77 -4.77 -24.66
CA THR QB 78 125.03 -5.43 -24.50
C THR QB 78 124.84 -6.64 -23.64
N LEU QB 79 123.87 -6.59 -22.71
CA LEU QB 79 124.00 -7.07 -21.36
C LEU QB 79 124.47 -8.49 -21.37
N ASP QB 80 123.82 -9.35 -22.17
CA ASP QB 80 124.02 -10.76 -21.96
C ASP QB 80 125.43 -11.15 -22.28
N GLN QB 81 126.03 -10.58 -23.35
CA GLN QB 81 127.44 -10.84 -23.51
C GLN QB 81 128.10 -10.02 -22.45
N PRO QB 82 128.92 -10.74 -21.66
CA PRO QB 82 129.64 -10.34 -20.46
C PRO QB 82 130.73 -9.30 -20.71
N ALA QB 83 131.52 -9.54 -21.75
CA ALA QB 83 132.60 -8.65 -22.13
C ALA QB 83 132.14 -7.20 -22.20
N THR QB 84 131.18 -6.94 -23.09
CA THR QB 84 130.64 -5.60 -23.31
C THR QB 84 129.89 -5.09 -22.09
N LEU QB 85 128.90 -5.84 -21.65
CA LEU QB 85 128.11 -5.44 -20.49
C LEU QB 85 129.03 -4.91 -19.42
N LYS QB 86 130.02 -5.73 -19.07
CA LYS QB 86 131.01 -5.36 -18.08
C LYS QB 86 131.34 -3.89 -18.26
N GLU QB 87 131.73 -3.54 -19.50
CA GLU QB 87 132.11 -2.18 -19.79
C GLU QB 87 131.02 -1.17 -19.49
N GLU QB 88 129.85 -1.35 -20.07
CA GLU QB 88 128.75 -0.42 -19.84
C GLU QB 88 128.52 -0.23 -18.36
N LEU QB 89 128.39 -1.34 -17.65
CA LEU QB 89 128.14 -1.26 -16.21
C LEU QB 89 129.22 -0.42 -15.57
N ASP QB 90 130.47 -0.76 -15.86
CA ASP QB 90 131.60 -0.02 -15.31
C ASP QB 90 131.46 1.47 -15.61
N HIS QB 91 131.09 1.78 -16.85
CA HIS QB 91 130.93 3.17 -17.27
C HIS QB 91 129.91 3.83 -16.35
N LEU QB 92 128.77 3.18 -16.17
CA LEU QB 92 127.73 3.72 -15.31
C LEU QB 92 128.29 3.90 -13.92
N GLN QB 93 128.88 2.82 -13.40
CA GLN QB 93 129.46 2.82 -12.07
C GLN QB 93 130.12 4.14 -11.77
N VAL QB 94 130.89 4.64 -12.73
CA VAL QB 94 131.59 5.91 -12.58
C VAL QB 94 130.65 7.10 -12.48
N GLN QB 95 129.72 7.23 -13.42
CA GLN QB 95 128.79 8.34 -13.42
C GLN QB 95 128.01 8.40 -12.12
N HIS QB 96 128.08 7.33 -11.33
CA HIS QB 96 127.35 7.29 -10.06
C HIS QB 96 128.18 7.38 -8.78
N GLU QB 97 129.41 6.86 -8.89
CA GLU QB 97 130.31 6.82 -7.78
C GLU QB 97 130.73 8.23 -7.52
N GLY QB 98 130.86 8.56 -6.23
CA GLY QB 98 131.00 9.88 -5.74
C GLY QB 98 129.71 10.26 -5.10
N ARG QB 99 128.61 9.67 -5.57
CA ARG QB 99 127.38 10.09 -5.01
C ARG QB 99 126.88 8.98 -4.15
N LYS QB 100 126.11 9.29 -3.10
CA LYS QB 100 125.38 8.13 -2.73
C LYS QB 100 123.95 8.34 -3.07
N ILE QB 101 123.42 7.23 -3.63
CA ILE QB 101 122.14 7.05 -4.27
C ILE QB 101 121.53 5.82 -3.69
N PRO QB 102 120.57 6.20 -2.97
CA PRO QB 102 119.79 5.37 -2.11
C PRO QB 102 119.00 4.47 -2.97
N ASP QB 103 118.83 3.21 -2.46
CA ASP QB 103 118.38 2.02 -3.16
C ASP QB 103 116.85 2.05 -3.24
N ASN QB 104 116.26 2.96 -2.48
CA ASN QB 104 114.84 3.13 -2.43
C ASN QB 104 114.33 3.57 -3.77
N TYR QB 105 114.98 4.57 -4.36
CA TYR QB 105 114.56 5.10 -5.67
C TYR QB 105 114.73 4.08 -6.79
N PHE QB 106 115.93 3.53 -6.92
CA PHE QB 106 116.18 2.54 -7.96
C PHE QB 106 115.06 1.53 -7.97
N ASP QB 107 114.64 1.12 -6.78
CA ASP QB 107 113.58 0.14 -6.65
C ASP QB 107 112.33 0.63 -7.40
N ALA QB 108 111.91 1.86 -7.10
CA ALA QB 108 110.72 2.44 -7.74
C ALA QB 108 110.88 2.52 -9.25
N PHE QB 109 112.03 3.02 -9.68
CA PHE QB 109 112.31 3.15 -11.09
C PHE QB 109 112.21 1.81 -11.80
N LYS QB 110 112.63 0.74 -11.13
CA LYS QB 110 112.55 -0.60 -11.72
C LYS QB 110 111.07 -0.93 -11.89
N THR QB 111 110.35 -0.82 -10.78
CA THR QB 111 108.93 -1.07 -10.79
C THR QB 111 108.30 -0.29 -11.95
N ALA QB 112 108.58 1.00 -12.01
CA ALA QB 112 108.04 1.81 -13.08
C ALA QB 112 108.28 1.09 -14.41
N ILE QB 113 109.55 0.92 -14.79
CA ILE QB 113 109.91 0.26 -16.03
C ILE QB 113 109.09 -0.99 -16.26
N LEU QB 114 109.12 -1.89 -15.29
CA LEU QB 114 108.36 -3.12 -15.39
C LEU QB 114 106.88 -2.91 -15.72
N HIS QB 115 106.20 -2.08 -14.94
CA HIS QB 115 104.79 -1.84 -15.20
C HIS QB 115 104.54 -1.28 -16.59
N VAL QB 116 105.31 -0.29 -16.99
CA VAL QB 116 105.13 0.28 -18.31
C VAL QB 116 105.40 -0.80 -19.37
N VAL QB 117 106.56 -1.44 -19.31
CA VAL QB 117 106.91 -2.48 -20.28
C VAL QB 117 105.77 -3.47 -20.41
N ALA QB 118 105.26 -3.94 -19.28
CA ALA QB 118 104.17 -4.89 -19.30
C ALA QB 118 102.96 -4.30 -20.01
N ALA QB 119 102.69 -3.01 -19.78
CA ALA QB 119 101.57 -2.37 -20.42
C ALA QB 119 101.79 -2.29 -21.92
N GLN QB 120 103.04 -2.07 -22.33
CA GLN QB 120 103.40 -1.96 -23.73
C GLN QB 120 103.45 -3.29 -24.50
N LEU QB 121 103.92 -4.36 -23.88
CA LEU QB 121 104.02 -5.64 -24.57
C LEU QB 121 102.75 -6.48 -24.58
N GLY QB 122 101.74 -6.04 -23.86
CA GLY QB 122 100.51 -6.80 -23.83
C GLY QB 122 100.59 -8.15 -23.16
N ARG QB 123 100.90 -9.18 -23.94
CA ARG QB 123 100.93 -10.54 -23.40
C ARG QB 123 102.27 -11.27 -23.32
N CYS QB 124 103.10 -11.11 -24.35
CA CYS QB 124 104.39 -11.79 -24.36
C CYS QB 124 105.42 -11.03 -23.58
N TYR QB 125 105.55 -11.36 -22.30
CA TYR QB 125 106.49 -10.70 -21.40
C TYR QB 125 106.67 -11.49 -20.11
N ASP QB 126 107.91 -11.88 -19.85
CA ASP QB 126 108.26 -12.64 -18.65
C ASP QB 126 108.65 -11.65 -17.57
N ARG QB 127 107.88 -11.60 -16.49
CA ARG QB 127 108.17 -10.67 -15.40
C ARG QB 127 109.48 -11.00 -14.70
N GLU QB 128 109.55 -12.18 -14.10
CA GLU QB 128 110.74 -12.59 -13.38
C GLU QB 128 112.01 -12.22 -14.12
N ALA QB 129 112.06 -12.59 -15.40
CA ALA QB 129 113.22 -12.34 -16.25
C ALA QB 129 113.63 -10.88 -16.22
N TRP QB 130 112.70 -9.98 -16.52
CA TRP QB 130 113.02 -8.57 -16.51
C TRP QB 130 113.50 -8.18 -15.14
N ASP QB 131 112.69 -8.48 -14.13
CA ASP QB 131 113.05 -8.16 -12.77
C ASP QB 131 114.52 -8.53 -12.55
N ALA QB 132 114.86 -9.78 -12.83
CA ALA QB 132 116.21 -10.25 -12.64
C ALA QB 132 117.27 -9.41 -13.34
N CYS QB 133 117.05 -9.12 -14.61
CA CYS QB 133 118.00 -8.33 -15.39
C CYS QB 133 118.06 -6.85 -15.07
N ILE QB 134 116.91 -6.21 -14.94
CA ILE QB 134 116.90 -4.81 -14.58
C ILE QB 134 117.68 -4.69 -13.31
N ASP QB 135 117.53 -5.69 -12.44
CA ASP QB 135 118.23 -5.72 -11.17
C ASP QB 135 119.72 -5.73 -11.46
N HIS QB 136 120.18 -6.79 -12.12
CA HIS QB 136 121.60 -6.92 -12.43
C HIS QB 136 122.15 -5.63 -13.01
N ILE QB 137 121.37 -4.96 -13.85
CA ILE QB 137 121.83 -3.71 -14.44
C ILE QB 137 121.90 -2.62 -13.38
N GLU QB 138 120.91 -2.54 -12.52
CA GLU QB 138 120.92 -1.54 -11.48
C GLU QB 138 122.07 -1.76 -10.52
N ASP QB 139 122.29 -3.02 -10.15
CA ASP QB 139 123.37 -3.32 -9.24
C ASP QB 139 124.65 -2.73 -9.81
N GLY QB 140 124.87 -2.97 -11.09
CA GLY QB 140 126.07 -2.47 -11.73
C GLY QB 140 126.19 -0.96 -11.69
N ILE QB 141 125.12 -0.27 -11.33
CA ILE QB 141 125.17 1.18 -11.28
C ILE QB 141 125.30 1.70 -9.87
N LYS QB 142 124.81 0.92 -8.92
CA LYS QB 142 124.91 1.33 -7.53
C LYS QB 142 126.24 0.84 -6.95
N GLY QB 143 126.61 -0.38 -7.39
CA GLY QB 143 127.94 -0.84 -7.20
C GLY QB 143 128.07 -1.00 -5.74
N HIS QB 144 126.99 -1.57 -5.15
CA HIS QB 144 127.01 -2.18 -3.85
C HIS QB 144 127.07 -3.64 -4.12
N HIS QB 145 128.23 -4.06 -4.66
CA HIS QB 145 128.76 -5.38 -4.53
C HIS QB 145 129.64 -5.18 -3.31
N HIS RB 20 115.52 27.59 -43.33
CA HIS RB 20 115.27 27.76 -41.87
C HIS RB 20 114.40 26.67 -41.38
N GLU RB 21 113.07 26.87 -41.43
CA GLU RB 21 112.30 25.73 -41.07
C GLU RB 21 112.49 24.74 -42.17
N HIS RB 22 112.34 25.23 -43.41
CA HIS RB 22 112.00 24.37 -44.48
C HIS RB 22 113.06 23.32 -44.60
N CYS RB 23 114.33 23.75 -44.45
CA CYS RB 23 115.44 22.89 -44.23
C CYS RB 23 115.31 22.46 -42.82
N CYS RB 24 114.62 21.34 -42.69
CA CYS RB 24 115.09 20.09 -42.20
C CYS RB 24 113.79 19.58 -41.78
N SER RB 25 113.14 18.96 -42.75
CA SER RB 25 111.76 19.25 -42.67
C SER RB 25 111.16 18.22 -41.81
N GLU RB 26 109.85 18.38 -41.58
CA GLU RB 26 109.05 17.25 -41.13
C GLU RB 26 109.21 16.05 -42.07
N GLU RB 27 108.91 16.25 -43.35
CA GLU RB 27 109.05 15.15 -44.28
C GLU RB 27 110.49 14.67 -44.24
N ASP RB 28 111.44 15.60 -44.36
CA ASP RB 28 112.84 15.25 -44.33
C ASP RB 28 113.15 14.24 -43.25
N HIS RB 29 112.99 14.62 -42.00
CA HIS RB 29 113.31 13.68 -40.95
C HIS RB 29 112.34 12.53 -40.85
N ARG RB 30 111.08 12.73 -41.19
CA ARG RB 30 110.14 11.62 -41.11
C ARG RB 30 110.83 10.50 -41.95
N ILE RB 31 111.49 10.91 -43.04
CA ILE RB 31 112.17 9.99 -43.92
C ILE RB 31 113.33 9.38 -43.18
N VAL RB 32 114.25 10.24 -42.74
CA VAL RB 32 115.41 9.76 -42.03
C VAL RB 32 115.00 8.73 -41.00
N GLN RB 33 114.08 9.10 -40.13
CA GLN RB 33 113.63 8.19 -39.10
C GLN RB 33 113.23 6.85 -39.67
N LYS RB 34 112.41 6.87 -40.72
CA LYS RB 34 111.95 5.62 -41.31
C LYS RB 34 113.11 4.77 -41.79
N GLN RB 35 114.04 5.40 -42.50
CA GLN RB 35 115.17 4.69 -43.06
C GLN RB 35 116.15 4.19 -42.01
N TRP RB 36 116.28 4.92 -40.93
CA TRP RB 36 117.20 4.54 -39.87
C TRP RB 36 116.65 3.34 -39.14
N ASP RB 37 115.35 3.11 -39.28
CA ASP RB 37 114.74 1.99 -38.60
C ASP RB 37 114.93 0.67 -39.32
N ILE RB 38 115.17 0.72 -40.62
CA ILE RB 38 115.40 -0.48 -41.41
C ILE RB 38 116.49 -1.29 -40.72
N LEU RB 39 117.36 -0.59 -40.00
CA LEU RB 39 118.46 -1.22 -39.28
C LEU RB 39 118.11 -2.09 -38.09
N TRP RB 40 117.36 -1.55 -37.15
CA TRP RB 40 117.00 -2.29 -35.93
C TRP RB 40 115.83 -3.26 -36.04
N ARG RB 41 115.68 -3.91 -37.19
CA ARG RB 41 114.59 -4.88 -37.35
C ARG RB 41 114.90 -6.16 -36.60
N ASP RB 42 116.17 -6.57 -36.57
CA ASP RB 42 116.55 -7.78 -35.85
C ASP RB 42 117.09 -7.49 -34.46
N THR RB 43 116.77 -8.38 -33.53
CA THR RB 43 117.15 -8.23 -32.14
C THR RB 43 118.63 -8.05 -31.85
N GLU RB 44 119.50 -8.44 -32.76
CA GLU RB 44 120.92 -8.29 -32.50
C GLU RB 44 121.46 -6.92 -32.84
N SER RB 45 120.76 -5.89 -32.37
CA SER RB 45 121.14 -4.50 -32.60
C SER RB 45 122.57 -4.23 -32.11
N SER RB 46 122.90 -4.79 -30.94
CA SER RB 46 124.22 -4.61 -30.37
C SER RB 46 125.31 -4.93 -31.38
N LYS RB 47 125.28 -6.14 -31.91
CA LYS RB 47 126.27 -6.57 -32.89
C LYS RB 47 126.39 -5.56 -34.02
N ILE RB 48 125.26 -5.03 -34.46
CA ILE RB 48 125.26 -4.05 -35.53
C ILE RB 48 125.80 -2.72 -35.04
N LYS RB 49 125.04 -2.05 -34.17
CA LYS RB 49 125.45 -0.76 -33.65
C LYS RB 49 126.95 -0.75 -33.39
N ILE RB 50 127.46 -1.78 -32.72
CA ILE RB 50 128.89 -1.87 -32.42
C ILE RB 50 129.69 -1.88 -33.69
N GLY RB 51 129.56 -2.96 -34.45
CA GLY RB 51 130.29 -3.07 -35.69
C GLY RB 51 130.26 -1.79 -36.51
N PHE RB 52 129.07 -1.24 -36.69
CA PHE RB 52 128.91 -0.02 -37.47
C PHE RB 52 129.62 1.15 -36.82
N GLY RB 53 129.32 1.40 -35.56
CA GLY RB 53 129.94 2.51 -34.86
C GLY RB 53 131.45 2.33 -34.78
N ARG RB 54 131.85 1.08 -34.64
CA ARG RB 54 133.26 0.75 -34.55
C ARG RB 54 133.88 1.24 -35.82
N LEU RB 55 133.37 0.74 -36.94
CA LEU RB 55 133.90 1.13 -38.25
C LEU RB 55 133.91 2.63 -38.43
N LEU RB 56 132.78 3.28 -38.12
CA LEU RB 56 132.68 4.72 -38.27
C LEU RB 56 133.78 5.47 -37.55
N LEU RB 57 134.07 5.11 -36.30
CA LEU RB 57 135.12 5.79 -35.57
C LEU RB 57 136.49 5.44 -36.14
N THR RB 58 136.70 4.17 -36.47
CA THR RB 58 137.95 3.71 -37.06
C THR RB 58 138.27 4.54 -38.29
N LYS RB 59 137.39 4.51 -39.27
CA LYS RB 59 137.54 5.25 -40.51
C LYS RB 59 137.76 6.73 -40.23
N LEU RB 60 137.48 7.18 -39.02
CA LEU RB 60 137.71 8.58 -38.70
C LEU RB 60 139.16 8.71 -38.34
N ALA RB 61 139.62 7.86 -37.42
CA ALA RB 61 141.02 7.87 -36.98
C ALA RB 61 141.94 7.61 -38.18
N LYS RB 62 141.42 6.92 -39.17
CA LYS RB 62 142.17 6.63 -40.38
C LYS RB 62 142.52 7.94 -41.11
N ASP RB 63 141.50 8.78 -41.33
CA ASP RB 63 141.67 10.04 -42.05
C ASP RB 63 142.24 11.16 -41.19
N ILE RB 64 142.09 11.05 -39.89
CA ILE RB 64 142.63 12.05 -38.97
C ILE RB 64 143.08 11.35 -37.70
N PRO RB 65 144.39 11.06 -37.60
CA PRO RB 65 145.03 10.38 -36.47
C PRO RB 65 145.02 11.09 -35.12
N GLU RB 66 145.10 12.42 -35.13
CA GLU RB 66 145.10 13.14 -33.87
C GLU RB 66 143.90 12.72 -33.04
N VAL RB 67 143.04 11.92 -33.66
CA VAL RB 67 141.82 11.40 -33.03
C VAL RB 67 142.18 10.23 -32.13
N ASN RB 68 143.01 9.33 -32.65
CA ASN RB 68 143.43 8.16 -31.91
C ASN RB 68 143.77 8.48 -30.46
N ASP RB 69 144.34 9.67 -30.23
CA ASP RB 69 144.71 10.08 -28.88
C ASP RB 69 143.52 10.47 -28.03
N LEU RB 70 142.47 10.94 -28.69
CA LEU RB 70 141.28 11.35 -27.98
C LEU RB 70 140.53 10.14 -27.46
N PHE RB 71 140.42 9.14 -28.34
CA PHE RB 71 139.72 7.89 -28.03
C PHE RB 71 140.66 6.90 -27.31
N LYS RB 72 141.81 7.39 -26.91
CA LYS RB 72 142.79 6.59 -26.20
C LYS RB 72 142.15 6.09 -24.91
N ARG RB 73 141.48 7.02 -24.24
CA ARG RB 73 140.80 6.77 -22.96
C ARG RB 73 139.88 5.56 -23.01
N VAL RB 74 139.32 5.28 -24.19
CA VAL RB 74 138.40 4.15 -24.35
C VAL RB 74 139.03 2.98 -25.08
N ASP RB 75 140.35 2.90 -25.02
CA ASP RB 75 141.09 1.81 -25.64
C ASP RB 75 140.68 1.60 -27.09
N ILE RB 76 140.75 2.67 -27.89
CA ILE RB 76 140.40 2.58 -29.30
C ILE RB 76 141.42 1.69 -29.99
N GLU RB 77 142.57 1.52 -29.33
CA GLU RB 77 143.63 0.69 -29.86
C GLU RB 77 143.11 -0.73 -30.11
N HIS RB 78 142.19 -1.18 -29.26
CA HIS RB 78 141.60 -2.49 -29.41
C HIS RB 78 140.15 -2.32 -29.89
N ALA RB 79 139.98 -2.21 -31.19
CA ALA RB 79 138.65 -2.03 -31.77
C ALA RB 79 137.61 -3.00 -31.22
N GLU RB 80 137.97 -4.28 -31.13
CA GLU RB 80 137.06 -5.33 -30.64
C GLU RB 80 137.05 -5.42 -29.11
N GLY RB 81 137.93 -4.64 -28.48
CA GLY RB 81 138.00 -4.64 -27.04
C GLY RB 81 136.75 -4.07 -26.40
N PRO RB 82 136.16 -4.78 -25.44
CA PRO RB 82 134.95 -4.31 -24.79
C PRO RB 82 135.01 -2.81 -24.46
N LYS RB 83 136.14 -2.37 -23.91
CA LYS RB 83 136.31 -0.96 -23.57
C LYS RB 83 135.78 -0.06 -24.69
N PHE RB 84 136.22 -0.34 -25.91
CA PHE RB 84 135.82 0.44 -27.07
C PHE RB 84 134.43 0.04 -27.55
N SER RB 85 134.14 -1.25 -27.62
CA SER RB 85 132.85 -1.71 -28.07
C SER RB 85 131.76 -0.99 -27.30
N ALA RB 86 131.94 -0.85 -26.00
CA ALA RB 86 130.96 -0.17 -25.19
C ALA RB 86 130.82 1.22 -25.77
N HIS RB 87 131.94 1.92 -25.88
CA HIS RB 87 131.95 3.27 -26.44
C HIS RB 87 131.23 3.32 -27.77
N ALA RB 88 131.60 2.43 -28.67
CA ALA RB 88 130.97 2.36 -29.98
C ALA RB 88 129.46 2.49 -29.81
N LEU RB 89 128.91 1.79 -28.82
CA LEU RB 89 127.49 1.87 -28.57
C LEU RB 89 127.10 3.27 -28.14
N ARG RB 90 127.59 3.69 -26.98
CA ARG RB 90 127.28 5.01 -26.46
C ARG RB 90 127.15 6.07 -27.55
N ILE RB 91 128.17 6.21 -28.39
CA ILE RB 91 128.12 7.20 -29.46
C ILE RB 91 127.02 6.88 -30.43
N LEU RB 92 127.15 5.74 -31.10
CA LEU RB 92 126.18 5.29 -32.08
C LEU RB 92 124.77 5.42 -31.50
N ASN RB 93 124.63 5.07 -30.23
CA ASN RB 93 123.35 5.13 -29.54
C ASN RB 93 122.94 6.58 -29.31
N GLY RB 94 123.92 7.47 -29.22
CA GLY RB 94 123.61 8.88 -29.02
C GLY RB 94 123.01 9.41 -30.30
N LEU RB 95 123.60 9.01 -31.42
CA LEU RB 95 123.10 9.42 -32.71
C LEU RB 95 121.66 8.98 -32.80
N ASP RB 96 121.35 7.78 -32.26
CA ASP RB 96 119.98 7.26 -32.26
C ASP RB 96 119.11 8.29 -31.57
N LEU RB 97 119.43 8.58 -30.31
CA LEU RB 97 118.69 9.57 -29.54
C LEU RB 97 118.43 10.80 -30.38
N ALA RB 98 119.47 11.36 -30.99
CA ALA RB 98 119.32 12.54 -31.82
C ALA RB 98 118.22 12.32 -32.85
N ILE RB 99 118.38 11.27 -33.65
CA ILE RB 99 117.40 10.96 -34.68
C ILE RB 99 116.00 10.77 -34.12
N ASN RB 100 115.86 9.97 -33.07
CA ASN RB 100 114.56 9.73 -32.47
C ASN RB 100 113.91 10.93 -31.80
N LEU RB 101 114.61 12.04 -31.69
CA LEU RB 101 114.02 13.22 -31.09
C LEU RB 101 113.83 14.29 -32.15
N LEU RB 102 114.08 13.92 -33.40
CA LEU RB 102 113.94 14.85 -34.49
C LEU RB 102 112.56 15.44 -34.56
N ASP RB 103 111.58 14.71 -34.05
CA ASP RB 103 110.22 15.22 -34.09
C ASP RB 103 109.82 15.83 -32.74
N ASP RB 104 110.57 16.83 -32.30
CA ASP RB 104 110.34 17.54 -31.04
C ASP RB 104 111.56 18.45 -30.85
N PRO RB 105 111.70 19.43 -31.73
CA PRO RB 105 112.82 20.39 -31.71
C PRO RB 105 113.33 20.83 -30.34
N PRO RB 106 112.43 21.29 -29.46
CA PRO RB 106 112.90 21.73 -28.14
C PRO RB 106 113.65 20.64 -27.37
N ALA RB 107 113.10 19.42 -27.40
CA ALA RB 107 113.71 18.27 -26.72
C ALA RB 107 115.02 17.96 -27.42
N LEU RB 108 114.94 17.74 -28.72
CA LEU RB 108 116.13 17.43 -29.48
C LEU RB 108 117.20 18.46 -29.18
N ASP RB 109 116.81 19.73 -29.20
CA ASP RB 109 117.73 20.82 -28.94
C ASP RB 109 118.43 20.50 -27.63
N ALA RB 110 117.67 20.48 -26.54
CA ALA RB 110 118.23 20.19 -25.24
C ALA RB 110 119.13 18.96 -25.29
N ALA RB 111 118.61 17.87 -25.85
CA ALA RB 111 119.35 16.63 -25.95
C ALA RB 111 120.72 16.80 -26.58
N LEU RB 112 120.78 17.62 -27.62
CA LEU RB 112 122.03 17.88 -28.32
C LEU RB 112 122.94 18.83 -27.56
N ASP RB 113 122.37 19.90 -27.02
CA ASP RB 113 123.15 20.88 -26.26
C ASP RB 113 123.95 20.09 -25.21
N HIS RB 114 123.27 19.16 -24.55
CA HIS RB 114 123.88 18.33 -23.54
C HIS RB 114 125.08 17.64 -24.17
N LEU RB 115 124.91 17.12 -25.38
CA LEU RB 115 126.01 16.43 -26.05
C LEU RB 115 127.14 17.38 -26.32
N ALA RB 116 126.81 18.65 -26.52
CA ALA RB 116 127.83 19.65 -26.79
C ALA RB 116 128.77 19.73 -25.58
N HIS RB 117 128.17 19.94 -24.42
CA HIS RB 117 128.91 20.04 -23.18
C HIS RB 117 129.76 18.79 -22.94
N GLN RB 118 129.26 17.61 -23.27
CA GLN RB 118 130.02 16.37 -23.05
C GLN RB 118 131.24 16.30 -23.94
N HIS RB 119 131.26 17.16 -24.95
CA HIS RB 119 132.37 17.19 -25.88
C HIS RB 119 133.24 18.42 -25.63
N GLU RB 120 132.64 19.45 -25.05
CA GLU RB 120 133.37 20.68 -24.76
C GLU RB 120 134.55 20.43 -23.82
N VAL RB 121 134.30 19.70 -22.74
CA VAL RB 121 135.33 19.40 -21.75
C VAL RB 121 136.32 18.31 -22.18
N ARG RB 122 136.24 17.90 -23.44
CA ARG RB 122 137.16 16.88 -23.95
C ARG RB 122 138.08 17.62 -24.91
N GLU RB 123 139.15 18.21 -24.39
CA GLU RB 123 140.08 18.96 -25.24
C GLU RB 123 140.73 18.07 -26.28
N GLY RB 124 140.98 18.65 -27.45
CA GLY RB 124 141.60 17.91 -28.54
C GLY RB 124 140.58 17.75 -29.66
N VAL RB 125 139.32 17.71 -29.27
CA VAL RB 125 138.21 17.56 -30.21
C VAL RB 125 137.90 18.90 -30.84
N GLN RB 126 138.17 19.02 -32.14
CA GLN RB 126 137.91 20.26 -32.86
C GLN RB 126 136.84 20.07 -33.93
N LYS RB 127 136.23 21.17 -34.35
CA LYS RB 127 135.17 21.13 -35.36
C LYS RB 127 135.50 20.29 -36.58
N ALA RB 128 136.64 20.56 -37.22
CA ALA RB 128 137.04 19.82 -38.41
C ALA RB 128 136.81 18.31 -38.28
N HIS RB 129 136.82 17.82 -37.04
CA HIS RB 129 136.62 16.40 -36.78
C HIS RB 129 135.20 16.00 -37.17
N PHE RB 130 134.23 16.76 -36.70
CA PHE RB 130 132.83 16.48 -37.00
C PHE RB 130 132.57 16.58 -38.48
N LYS RB 131 133.04 17.67 -39.09
CA LYS RB 131 132.84 17.84 -40.54
C LYS RB 131 133.24 16.54 -41.24
N LYS RB 132 134.39 15.97 -40.87
CA LYS RB 132 134.88 14.75 -41.48
C LYS RB 132 133.97 13.58 -41.11
N PHE RB 133 133.67 13.43 -39.83
CA PHE RB 133 132.81 12.34 -39.37
C PHE RB 133 131.51 12.37 -40.15
N GLY RB 134 131.04 13.57 -40.44
CA GLY RB 134 129.81 13.71 -41.20
C GLY RB 134 129.95 13.11 -42.58
N GLU RB 135 131.01 13.48 -43.28
CA GLU RB 135 131.26 12.97 -44.62
C GLU RB 135 131.35 11.46 -44.58
N ILE RB 136 131.97 10.93 -43.53
CA ILE RB 136 132.14 9.49 -43.38
C ILE RB 136 130.81 8.81 -43.16
N LEU RB 137 130.03 9.39 -42.27
CA LEU RB 137 128.72 8.86 -41.93
C LEU RB 137 127.82 8.83 -43.15
N ALA RB 138 127.96 9.86 -43.97
CA ALA RB 138 127.15 9.99 -45.17
C ALA RB 138 127.56 8.98 -46.24
N THR RB 139 128.79 8.50 -46.18
CA THR RB 139 129.26 7.54 -47.17
C THR RB 139 129.00 6.14 -46.65
N GLY RB 140 128.83 6.03 -45.34
CA GLY RB 140 128.59 4.74 -44.74
C GLY RB 140 127.15 4.29 -44.71
N LEU RB 141 126.26 5.13 -44.23
CA LEU RB 141 124.85 4.77 -44.15
C LEU RB 141 124.32 4.05 -45.39
N PRO RB 142 124.45 4.68 -46.56
CA PRO RB 142 123.98 4.09 -47.81
C PRO RB 142 124.55 2.73 -48.13
N GLN RB 143 125.47 2.25 -47.29
CA GLN RB 143 126.09 0.96 -47.53
C GLN RB 143 125.37 -0.13 -46.77
N VAL RB 144 124.63 0.27 -45.74
CA VAL RB 144 123.88 -0.69 -44.94
C VAL RB 144 122.39 -0.55 -45.14
N LEU RB 145 121.96 0.60 -45.65
CA LEU RB 145 120.56 0.84 -45.90
C LEU RB 145 120.31 0.84 -47.40
N ASP RB 146 119.43 -0.06 -47.86
CA ASP RB 146 119.16 -0.11 -49.28
C ASP RB 146 118.38 1.13 -49.71
N ASP RB 147 117.52 1.63 -48.83
CA ASP RB 147 116.75 2.82 -49.14
C ASP RB 147 117.35 3.98 -48.37
N TYR RB 148 118.02 4.87 -49.08
CA TYR RB 148 118.69 6.03 -48.48
C TYR RB 148 118.39 7.27 -49.30
N ASP RB 149 118.02 8.35 -48.62
CA ASP RB 149 117.73 9.60 -49.30
C ASP RB 149 118.79 10.60 -48.90
N ALA RB 150 119.92 10.59 -49.61
CA ALA RB 150 121.04 11.47 -49.32
C ALA RB 150 120.65 12.88 -48.95
N LEU RB 151 119.76 13.49 -49.73
CA LEU RB 151 119.32 14.85 -49.46
C LEU RB 151 118.72 15.05 -48.09
N ALA RB 152 117.74 14.21 -47.74
CA ALA RB 152 117.12 14.30 -46.43
C ALA RB 152 118.15 14.13 -45.33
N TRP RB 153 118.90 13.04 -45.38
CA TRP RB 153 119.90 12.78 -44.38
C TRP RB 153 120.91 13.90 -44.19
N LYS RB 154 121.59 14.28 -45.26
CA LYS RB 154 122.59 15.35 -45.15
C LYS RB 154 121.98 16.55 -44.43
N SER RB 155 120.76 16.92 -44.81
CA SER RB 155 120.08 18.04 -44.19
C SER RB 155 120.01 17.88 -42.67
N CYS RB 156 119.56 16.72 -42.21
CA CYS RB 156 119.42 16.47 -40.80
C CYS RB 156 120.74 16.24 -40.09
N LEU RB 157 121.58 15.38 -40.65
CA LEU RB 157 122.86 15.11 -40.00
C LEU RB 157 123.62 16.41 -39.76
N LYS RB 158 123.51 17.34 -40.70
CA LYS RB 158 124.19 18.63 -40.57
C LYS RB 158 123.71 19.32 -39.30
N GLY RB 159 122.41 19.55 -39.22
CA GLY RB 159 121.86 20.19 -38.05
C GLY RB 159 122.31 19.55 -36.75
N ILE RB 160 122.38 18.22 -36.73
CA ILE RB 160 122.80 17.50 -35.54
C ILE RB 160 124.27 17.71 -35.23
N LEU RB 161 125.13 17.27 -36.14
CA LEU RB 161 126.55 17.41 -35.96
C LEU RB 161 126.94 18.83 -35.54
N THR RB 162 126.36 19.83 -36.19
CA THR RB 162 126.66 21.21 -35.87
C THR RB 162 126.35 21.55 -34.41
N LYS RB 163 125.08 21.39 -34.03
CA LYS RB 163 124.66 21.67 -32.67
C LYS RB 163 125.49 20.94 -31.62
N ILE RB 164 126.02 19.77 -31.97
CA ILE RB 164 126.81 19.00 -31.03
C ILE RB 164 128.19 19.59 -30.81
N SER RB 165 128.78 20.12 -31.86
CA SER RB 165 130.13 20.67 -31.77
C SER RB 165 130.16 22.18 -31.56
N SER RB 166 128.95 22.83 -31.54
CA SER RB 166 129.00 24.26 -31.64
C SER RB 166 129.73 24.82 -30.46
N ARG RB 167 129.22 24.47 -29.26
CA ARG RB 167 130.04 24.48 -28.07
C ARG RB 167 130.95 23.31 -28.29
N LEU RB 168 132.24 23.45 -28.00
CA LEU RB 168 133.11 22.92 -29.00
C LEU RB 168 133.36 21.42 -29.06
N GLU SB 19 137.57 -12.19 -48.46
CA GLU SB 19 136.23 -12.68 -48.77
C GLU SB 19 135.25 -11.58 -48.97
N CYS SB 20 134.20 -11.56 -48.14
CA CYS SB 20 133.06 -10.71 -48.32
C CYS SB 20 133.43 -9.38 -47.72
N LEU SB 21 132.58 -8.34 -47.83
CA LEU SB 21 132.70 -7.43 -46.71
C LEU SB 21 131.55 -7.73 -45.81
N VAL SB 22 131.73 -7.15 -44.64
CA VAL SB 22 130.97 -7.22 -43.46
C VAL SB 22 129.63 -6.67 -43.77
N THR SB 23 129.63 -5.49 -44.41
CA THR SB 23 128.34 -4.97 -44.87
C THR SB 23 127.82 -5.77 -46.06
N GLU SB 24 128.68 -5.98 -47.04
CA GLU SB 24 128.30 -6.73 -48.23
C GLU SB 24 127.66 -8.07 -47.86
N SER SB 25 127.82 -8.50 -46.62
CA SER SB 25 127.24 -9.76 -46.18
C SER SB 25 125.86 -9.46 -45.62
N LEU SB 26 125.83 -8.67 -44.55
CA LEU SB 26 124.59 -8.29 -43.90
C LEU SB 26 123.54 -7.96 -44.94
N LYS SB 27 123.98 -7.30 -45.99
CA LYS SB 27 123.09 -6.90 -47.06
C LYS SB 27 122.47 -8.15 -47.66
N VAL SB 28 123.30 -9.15 -47.93
CA VAL SB 28 122.80 -10.39 -48.50
C VAL SB 28 121.99 -11.13 -47.48
N LYS SB 29 122.53 -11.24 -46.27
CA LYS SB 29 121.83 -11.96 -45.20
C LYS SB 29 120.42 -11.42 -45.09
N LEU SB 30 120.31 -10.10 -45.18
CA LEU SB 30 119.03 -9.41 -45.09
C LEU SB 30 118.13 -9.65 -46.30
N GLN SB 31 118.62 -9.35 -47.49
CA GLN SB 31 117.84 -9.55 -48.70
C GLN SB 31 117.44 -10.99 -48.87
N TRP SB 32 118.29 -11.93 -48.49
CA TRP SB 32 117.96 -13.35 -48.62
C TRP SB 32 116.67 -13.58 -47.88
N ALA SB 33 116.56 -12.97 -46.71
CA ALA SB 33 115.37 -13.10 -45.89
C ALA SB 33 114.10 -12.79 -46.68
N SER SB 34 113.98 -11.56 -47.15
CA SER SB 34 112.82 -11.13 -47.90
C SER SB 34 112.55 -11.99 -49.11
N ALA SB 35 113.58 -12.26 -49.89
CA ALA SB 35 113.44 -13.05 -51.11
C ALA SB 35 113.00 -14.51 -50.89
N PHE SB 36 113.81 -15.24 -50.13
CA PHE SB 36 113.54 -16.64 -49.84
C PHE SB 36 112.14 -16.75 -49.28
N GLY SB 37 111.92 -16.16 -48.12
CA GLY SB 37 110.60 -16.21 -47.52
C GLY SB 37 110.39 -17.31 -46.51
N HIS SB 38 109.14 -17.72 -46.36
CA HIS SB 38 108.77 -18.77 -45.42
C HIS SB 38 107.76 -19.76 -45.99
N ALA SB 39 107.79 -20.99 -45.47
CA ALA SB 39 106.88 -22.04 -45.88
C ALA SB 39 106.78 -22.19 -47.39
N HIS SB 40 105.55 -22.32 -47.87
CA HIS SB 40 105.29 -22.49 -49.29
C HIS SB 40 106.03 -21.47 -50.17
N GLU SB 41 106.04 -20.21 -49.75
CA GLU SB 41 106.72 -19.14 -50.50
C GLU SB 41 108.08 -19.60 -51.01
N ARG SB 42 108.70 -20.51 -50.25
CA ARG SB 42 110.01 -21.08 -50.57
C ARG SB 42 109.94 -22.10 -51.68
N VAL SB 43 109.15 -23.14 -51.48
CA VAL SB 43 109.02 -24.18 -52.49
C VAL SB 43 108.82 -23.51 -53.84
N ALA SB 44 108.01 -22.45 -53.84
CA ALA SB 44 107.73 -21.69 -55.05
C ALA SB 44 109.04 -21.15 -55.62
N PHE SB 45 109.83 -20.57 -54.74
CA PHE SB 45 111.12 -20.03 -55.12
C PHE SB 45 111.97 -21.14 -55.71
N GLY SB 46 112.24 -22.15 -54.89
CA GLY SB 46 113.03 -23.27 -55.36
C GLY SB 46 112.60 -23.74 -56.75
N LEU SB 47 111.32 -24.05 -56.89
CA LEU SB 47 110.78 -24.53 -58.15
C LEU SB 47 111.14 -23.56 -59.28
N GLU SB 48 110.70 -22.31 -59.15
CA GLU SB 48 110.98 -21.32 -60.17
C GLU SB 48 112.45 -21.34 -60.56
N LEU SB 49 113.32 -21.44 -59.57
CA LEU SB 49 114.76 -21.46 -59.80
C LEU SB 49 115.21 -22.62 -60.64
N TRP SB 50 115.04 -23.83 -60.14
CA TRP SB 50 115.43 -25.02 -60.87
C TRP SB 50 114.83 -25.12 -62.26
N ARG SB 51 113.59 -24.67 -62.44
CA ARG SB 51 112.99 -24.73 -63.76
C ARG SB 51 113.84 -23.93 -64.72
N ASP SB 52 114.04 -22.65 -64.41
CA ASP SB 52 114.85 -21.80 -65.26
C ASP SB 52 116.23 -22.40 -65.53
N ILE SB 53 116.81 -23.05 -64.53
CA ILE SB 53 118.12 -23.68 -64.68
C ILE SB 53 118.10 -24.86 -65.64
N ILE SB 54 117.18 -25.78 -65.43
CA ILE SB 54 117.09 -26.95 -66.27
C ILE SB 54 116.69 -26.64 -67.71
N ASP SB 55 115.90 -25.60 -67.94
CA ASP SB 55 115.50 -25.28 -69.31
C ASP SB 55 116.70 -24.74 -70.08
N ASP SB 56 117.58 -24.05 -69.36
CA ASP SB 56 118.77 -23.46 -69.96
C ASP SB 56 119.83 -24.52 -70.25
N HIS SB 57 120.00 -25.46 -69.34
CA HIS SB 57 120.99 -26.53 -69.50
C HIS SB 57 120.43 -27.90 -69.11
N PRO SB 58 119.62 -28.51 -69.98
CA PRO SB 58 119.03 -29.82 -69.71
C PRO SB 58 120.02 -30.92 -69.38
N GLU SB 59 121.32 -30.61 -69.49
CA GLU SB 59 122.33 -31.61 -69.19
C GLU SB 59 122.26 -31.97 -67.71
N ILE SB 60 121.72 -31.08 -66.91
CA ILE SB 60 121.62 -31.29 -65.48
C ILE SB 60 120.61 -32.34 -65.06
N LYS SB 61 119.56 -32.55 -65.84
CA LYS SB 61 118.56 -33.55 -65.47
C LYS SB 61 119.22 -34.89 -65.20
N ALA SB 62 120.48 -35.01 -65.60
CA ALA SB 62 121.21 -36.26 -65.43
C ALA SB 62 121.49 -36.66 -63.99
N PRO SB 63 122.35 -35.92 -63.29
CA PRO SB 63 122.66 -36.28 -61.89
C PRO SB 63 121.46 -36.21 -60.95
N PHE SB 64 120.44 -35.47 -61.34
CA PHE SB 64 119.25 -35.35 -60.52
C PHE SB 64 118.32 -36.49 -60.78
N SER SB 65 118.86 -37.57 -61.32
CA SER SB 65 118.08 -38.76 -61.64
C SER SB 65 117.53 -39.42 -60.39
N ARG SB 66 118.29 -39.35 -59.31
CA ARG SB 66 117.89 -39.96 -58.04
C ARG SB 66 116.68 -39.25 -57.44
N VAL SB 67 116.60 -37.94 -57.63
CA VAL SB 67 115.51 -37.13 -57.13
C VAL SB 67 114.57 -36.66 -58.25
N ARG SB 68 114.05 -37.60 -59.04
CA ARG SB 68 113.16 -37.31 -60.15
C ARG SB 68 113.36 -35.90 -60.71
N GLY SB 69 114.48 -35.69 -61.39
CA GLY SB 69 114.77 -34.39 -61.96
C GLY SB 69 114.02 -34.17 -63.25
N ASP SB 70 113.41 -35.21 -63.79
CA ASP SB 70 112.66 -35.08 -65.02
C ASP SB 70 111.39 -34.27 -64.73
N ASN SB 71 110.78 -34.54 -63.59
CA ASN SB 71 109.56 -33.86 -63.16
C ASN SB 71 109.86 -33.02 -61.94
N ILE SB 72 110.25 -31.77 -62.14
CA ILE SB 72 110.59 -30.88 -61.03
C ILE SB 72 109.42 -30.55 -60.13
N TYR SB 73 108.22 -30.79 -60.61
CA TYR SB 73 107.04 -30.49 -59.80
C TYR SB 73 106.72 -31.63 -58.83
N SER SB 74 107.38 -32.76 -59.02
CA SER SB 74 107.17 -33.92 -58.18
C SER SB 74 107.60 -33.66 -56.76
N PRO SB 75 107.05 -34.42 -55.80
CA PRO SB 75 107.43 -34.23 -54.41
C PRO SB 75 108.87 -34.66 -54.18
N GLU SB 76 109.26 -35.74 -54.85
CA GLU SB 76 110.61 -36.23 -54.73
C GLU SB 76 111.60 -35.11 -55.00
N PHE SB 77 111.45 -34.45 -56.14
CA PHE SB 77 112.35 -33.35 -56.49
C PHE SB 77 112.08 -32.17 -55.59
N GLY SB 78 110.81 -31.88 -55.32
CA GLY SB 78 110.46 -30.77 -54.46
C GLY SB 78 111.25 -30.83 -53.18
N ALA SB 79 111.27 -32.02 -52.59
CA ALA SB 79 112.01 -32.22 -51.36
C ALA SB 79 113.42 -31.74 -51.63
N HIS SB 80 114.09 -32.38 -52.58
CA HIS SB 80 115.46 -32.04 -52.94
C HIS SB 80 115.61 -30.53 -53.01
N SER SB 81 114.85 -29.93 -53.92
CA SER SB 81 114.86 -28.49 -54.12
C SER SB 81 115.03 -27.76 -52.80
N GLN SB 82 114.15 -28.09 -51.86
CA GLN SB 82 114.18 -27.46 -50.54
C GLN SB 82 115.49 -27.71 -49.81
N ARG SB 83 115.90 -28.98 -49.73
CA ARG SB 83 117.14 -29.34 -49.06
C ARG SB 83 118.26 -28.43 -49.53
N VAL SB 84 118.29 -28.21 -50.84
CA VAL SB 84 119.29 -27.38 -51.47
C VAL SB 84 119.24 -25.98 -50.92
N LEU SB 85 118.16 -25.30 -51.24
CA LEU SB 85 117.98 -23.94 -50.76
C LEU SB 85 118.37 -23.82 -49.30
N SER SB 86 117.95 -24.79 -48.50
CA SER SB 86 118.25 -24.77 -47.08
C SER SB 86 119.76 -24.64 -46.84
N GLY SB 87 120.54 -25.50 -47.51
CA GLY SB 87 121.98 -25.46 -47.36
C GLY SB 87 122.48 -24.08 -47.73
N LEU SB 88 121.93 -23.54 -48.81
CA LEU SB 88 122.29 -22.22 -49.26
C LEU SB 88 122.01 -21.24 -48.13
N ASP SB 89 120.89 -21.44 -47.45
CA ASP SB 89 120.53 -20.58 -46.33
C ASP SB 89 121.64 -20.63 -45.31
N ILE SB 90 122.04 -21.84 -44.94
CA ILE SB 90 123.09 -22.01 -43.96
C ILE SB 90 124.32 -21.23 -44.37
N THR SB 91 124.90 -21.59 -45.51
CA THR SB 91 126.08 -20.90 -45.97
C THR SB 91 125.91 -19.40 -45.81
N ILE SB 92 124.85 -18.84 -46.39
CA ILE SB 92 124.61 -17.41 -46.29
C ILE SB 92 124.58 -16.91 -44.85
N SER SB 93 123.94 -17.69 -43.96
CA SER SB 93 123.94 -17.29 -42.60
C SER SB 93 125.33 -17.41 -42.06
N MET SB 94 126.11 -18.39 -42.56
CA MET SB 94 127.32 -18.81 -41.93
C MET SB 94 128.25 -17.66 -41.93
N LEU SB 95 128.25 -16.98 -43.08
CA LEU SB 95 129.45 -16.46 -43.69
C LEU SB 95 130.09 -15.42 -42.83
N ASP SB 96 129.28 -14.64 -42.13
CA ASP SB 96 129.69 -13.48 -41.39
C ASP SB 96 130.69 -13.91 -40.38
N THR SB 97 130.40 -15.00 -39.67
CA THR SB 97 131.32 -15.42 -38.65
C THR SB 97 132.18 -16.44 -39.33
N PRO SB 98 133.41 -16.10 -39.45
CA PRO SB 98 134.42 -16.84 -40.20
C PRO SB 98 134.68 -18.28 -39.76
N ASP SB 99 134.82 -18.50 -38.46
CA ASP SB 99 135.08 -19.84 -37.96
C ASP SB 99 134.03 -20.87 -38.38
N MET SB 100 132.77 -20.45 -38.42
CA MET SB 100 131.68 -21.32 -38.82
C MET SB 100 131.66 -21.51 -40.34
N LEU SB 101 131.87 -20.43 -41.07
CA LEU SB 101 131.87 -20.49 -42.52
C LEU SB 101 132.98 -21.42 -43.00
N ALA SB 102 134.21 -21.12 -42.59
CA ALA SB 102 135.37 -21.92 -42.98
C ALA SB 102 135.07 -23.39 -42.77
N ALA SB 103 134.40 -23.70 -41.67
CA ALA SB 103 134.06 -25.07 -41.34
C ALA SB 103 132.97 -25.60 -42.26
N GLN SB 104 131.88 -24.85 -42.35
CA GLN SB 104 130.74 -25.21 -43.18
C GLN SB 104 131.19 -25.40 -44.61
N LEU SB 105 131.96 -24.46 -45.13
CA LEU SB 105 132.44 -24.58 -46.50
C LEU SB 105 133.23 -25.86 -46.67
N ALA SB 106 134.17 -26.12 -45.77
CA ALA SB 106 134.96 -27.33 -45.85
C ALA SB 106 134.05 -28.55 -45.90
N HIS SB 107 133.01 -28.53 -45.08
CA HIS SB 107 132.05 -29.62 -45.01
C HIS SB 107 131.35 -29.83 -46.35
N LEU SB 108 131.01 -28.74 -47.03
CA LEU SB 108 130.34 -28.81 -48.32
C LEU SB 108 131.27 -29.33 -49.39
N LYS SB 109 132.52 -28.90 -49.36
CA LYS SB 109 133.51 -29.32 -50.35
C LYS SB 109 133.56 -30.84 -50.42
N VAL SB 110 133.52 -31.48 -49.26
CA VAL SB 110 133.57 -32.93 -49.19
C VAL SB 110 132.38 -33.57 -49.88
N GLN SB 111 131.18 -33.12 -49.57
CA GLN SB 111 129.98 -33.68 -50.18
C GLN SB 111 129.98 -33.56 -51.69
N HIS SB 112 130.94 -32.80 -52.22
CA HIS SB 112 131.04 -32.59 -53.66
C HIS SB 112 132.23 -33.26 -54.34
N VAL SB 113 133.43 -32.98 -53.83
CA VAL SB 113 134.65 -33.55 -54.39
C VAL SB 113 134.50 -35.01 -54.84
N GLU SB 114 133.80 -35.82 -54.05
CA GLU SB 114 133.79 -37.24 -54.27
C GLU SB 114 133.10 -37.57 -55.56
N ARG SB 115 131.92 -36.97 -55.78
CA ARG SB 115 131.16 -37.22 -56.97
C ARG SB 115 131.81 -36.42 -58.05
N ASN SB 116 131.79 -36.90 -59.30
CA ASN SB 116 132.30 -35.99 -60.27
C ASN SB 116 131.22 -35.04 -60.63
N LEU SB 117 131.62 -33.77 -60.85
CA LEU SB 117 130.66 -32.80 -61.28
C LEU SB 117 131.30 -31.85 -62.20
N LYS SB 118 130.42 -31.09 -62.88
CA LYS SB 118 130.87 -30.04 -63.71
C LYS SB 118 130.97 -28.79 -62.92
N PRO SB 119 132.10 -28.22 -63.14
CA PRO SB 119 132.51 -27.04 -62.45
C PRO SB 119 131.62 -25.90 -62.83
N GLU SB 120 131.32 -25.83 -64.14
CA GLU SB 120 130.57 -24.75 -64.77
C GLU SB 120 129.09 -24.77 -64.33
N PHE SB 121 128.61 -25.93 -63.87
CA PHE SB 121 127.24 -26.07 -63.42
C PHE SB 121 126.92 -25.03 -62.36
N PHE SB 122 127.84 -24.89 -61.41
CA PHE SB 122 127.66 -23.94 -60.34
C PHE SB 122 127.64 -22.53 -60.86
N ASP SB 123 128.52 -22.24 -61.83
CA ASP SB 123 128.56 -20.91 -62.42
C ASP SB 123 127.18 -20.62 -63.01
N ILE SB 124 126.51 -21.68 -63.42
CA ILE SB 124 125.16 -21.58 -64.00
C ILE SB 124 124.16 -21.32 -62.87
N PHE SB 125 124.20 -22.20 -61.88
CA PHE SB 125 123.34 -22.09 -60.73
C PHE SB 125 123.35 -20.66 -60.25
N LEU SB 126 124.54 -20.12 -60.05
CA LEU SB 126 124.69 -18.74 -59.58
C LEU SB 126 124.01 -17.76 -60.50
N LYS SB 127 124.25 -17.90 -61.80
CA LYS SB 127 123.65 -17.02 -62.78
C LYS SB 127 122.15 -16.87 -62.51
N HIS SB 128 121.46 -18.00 -62.41
CA HIS SB 128 120.03 -17.99 -62.15
C HIS SB 128 119.63 -17.52 -60.77
N LEU SB 129 120.28 -18.05 -59.74
CA LEU SB 129 119.95 -17.62 -58.39
C LEU SB 129 119.87 -16.08 -58.33
N LEU SB 130 120.76 -15.42 -59.05
CA LEU SB 130 120.79 -13.96 -59.07
C LEU SB 130 119.64 -13.45 -59.92
N HIS SB 131 119.43 -14.10 -61.06
CA HIS SB 131 118.34 -13.71 -61.94
C HIS SB 131 117.04 -13.73 -61.16
N VAL SB 132 116.81 -14.81 -60.44
CA VAL SB 132 115.58 -14.96 -59.66
C VAL SB 132 115.48 -13.93 -58.55
N LEU SB 133 116.52 -13.84 -57.71
CA LEU SB 133 116.49 -12.85 -56.63
C LEU SB 133 116.22 -11.48 -57.24
N GLY SB 134 116.73 -11.28 -58.46
CA GLY SB 134 116.52 -10.02 -59.14
C GLY SB 134 115.04 -9.72 -59.24
N ASP SB 135 114.26 -10.70 -59.69
CA ASP SB 135 112.82 -10.53 -59.82
C ASP SB 135 112.23 -10.29 -58.45
N ARG SB 136 112.47 -11.22 -57.54
CA ARG SB 136 111.94 -11.11 -56.19
C ARG SB 136 112.22 -9.77 -55.49
N LEU SB 137 113.48 -9.36 -55.49
CA LEU SB 137 113.86 -8.13 -54.81
C LEU SB 137 113.64 -6.84 -55.59
N GLY SB 138 113.67 -6.93 -56.91
CA GLY SB 138 113.46 -5.74 -57.72
C GLY SB 138 114.71 -4.95 -57.99
N THR SB 139 114.61 -3.63 -57.98
CA THR SB 139 115.77 -2.78 -58.25
C THR SB 139 116.67 -2.59 -57.04
N HIS SB 140 116.13 -2.87 -55.86
CA HIS SB 140 116.90 -2.73 -54.64
C HIS SB 140 118.00 -3.78 -54.57
N PHE SB 141 117.75 -4.92 -55.22
CA PHE SB 141 118.66 -6.04 -55.25
C PHE SB 141 120.10 -5.61 -55.39
N ASP SB 142 120.93 -5.84 -54.38
CA ASP SB 142 122.34 -5.45 -54.45
C ASP SB 142 123.15 -6.51 -55.15
N PHE SB 143 123.08 -6.50 -56.47
CA PHE SB 143 123.79 -7.44 -57.32
C PHE SB 143 125.22 -7.54 -56.84
N GLY SB 144 125.90 -6.41 -56.79
CA GLY SB 144 127.29 -6.40 -56.36
C GLY SB 144 127.52 -7.28 -55.16
N ALA SB 145 126.87 -6.93 -54.07
CA ALA SB 145 127.01 -7.67 -52.84
C ALA SB 145 126.80 -9.17 -53.03
N TRP SB 146 125.74 -9.54 -53.73
CA TRP SB 146 125.49 -10.96 -53.92
C TRP SB 146 126.58 -11.64 -54.72
N HIS SB 147 126.86 -11.12 -55.91
CA HIS SB 147 127.88 -11.70 -56.75
C HIS SB 147 129.16 -11.93 -55.96
N ASP SB 148 129.68 -10.87 -55.35
CA ASP SB 148 130.89 -10.98 -54.54
C ASP SB 148 130.73 -12.02 -53.44
N CYS SB 149 129.56 -12.07 -52.83
CA CYS SB 149 129.32 -12.97 -51.72
C CYS SB 149 128.90 -14.42 -52.00
N VAL SB 150 127.91 -14.63 -52.86
CA VAL SB 150 127.49 -15.98 -53.16
C VAL SB 150 128.59 -16.69 -53.89
N ASP SB 151 129.35 -15.95 -54.68
CA ASP SB 151 130.44 -16.52 -55.45
C ASP SB 151 131.34 -17.31 -54.48
N GLN SB 152 131.84 -16.60 -53.47
CA GLN SB 152 132.71 -17.20 -52.48
C GLN SB 152 132.15 -18.52 -51.97
N ILE SB 153 130.83 -18.62 -51.90
CA ILE SB 153 130.19 -19.84 -51.41
C ILE SB 153 130.26 -20.94 -52.43
N ILE SB 154 130.19 -20.58 -53.70
CA ILE SB 154 130.25 -21.57 -54.77
C ILE SB 154 131.65 -22.16 -54.89
N ASP SB 155 132.65 -21.30 -55.01
CA ASP SB 155 134.01 -21.78 -55.16
C ASP SB 155 134.37 -22.80 -54.07
N GLY SB 156 133.97 -22.54 -52.81
CA GLY SB 156 134.43 -23.38 -51.74
C GLY SB 156 133.83 -24.71 -51.98
N ILE SB 157 132.56 -24.69 -52.43
CA ILE SB 157 131.89 -25.94 -52.59
C ILE SB 157 132.58 -26.68 -53.68
N LYS SB 158 132.88 -25.99 -54.79
CA LYS SB 158 133.31 -26.65 -55.98
C LYS SB 158 134.74 -27.18 -55.84
N ASP TB 5 73.11 -4.24 -89.74
CA ASP TB 5 73.57 -3.13 -88.89
C ASP TB 5 74.40 -3.68 -87.79
N CYS TB 6 74.84 -2.82 -86.88
CA CYS TB 6 75.77 -3.37 -85.97
C CYS TB 6 75.00 -3.74 -84.79
N CYS TB 7 75.60 -4.59 -83.99
CA CYS TB 7 74.88 -5.26 -82.97
C CYS TB 7 75.09 -4.43 -81.75
N SER TB 8 74.09 -4.41 -80.86
CA SER TB 8 74.13 -3.69 -79.63
C SER TB 8 75.01 -4.47 -78.70
N TYR TB 9 75.76 -3.71 -77.83
CA TYR TB 9 76.78 -4.21 -76.92
C TYR TB 9 76.10 -4.97 -75.82
N GLU TB 10 74.95 -4.49 -75.36
CA GLU TB 10 74.21 -5.17 -74.31
C GLU TB 10 73.85 -6.55 -74.82
N ASP TB 11 73.32 -6.61 -76.02
CA ASP TB 11 72.92 -7.89 -76.61
C ASP TB 11 74.09 -8.83 -76.65
N ARG TB 12 75.24 -8.33 -77.06
CA ARG TB 12 76.41 -9.19 -77.09
C ARG TB 12 76.61 -9.79 -75.70
N ARG TB 13 76.60 -8.94 -74.68
CA ARG TB 13 76.76 -9.40 -73.31
C ARG TB 13 75.73 -10.45 -73.00
N GLU TB 14 74.49 -10.23 -73.42
CA GLU TB 14 73.42 -11.18 -73.18
C GLU TB 14 73.82 -12.55 -73.72
N ILE TB 15 74.24 -12.57 -74.96
CA ILE TB 15 74.63 -13.81 -75.60
C ILE TB 15 75.88 -14.39 -74.94
N ARG TB 16 76.90 -13.55 -74.76
CA ARG TB 16 78.16 -14.01 -74.16
C ARG TB 16 77.87 -14.76 -72.89
N HIS TB 17 76.65 -14.61 -72.39
CA HIS TB 17 76.21 -15.30 -71.18
C HIS TB 17 75.34 -16.50 -71.56
N ILE TB 18 74.31 -16.24 -72.35
CA ILE TB 18 73.42 -17.31 -72.80
C ILE TB 18 74.25 -18.51 -73.27
N TRP TB 19 75.32 -18.23 -74.00
CA TRP TB 19 76.16 -19.30 -74.50
C TRP TB 19 76.79 -20.09 -73.36
N ASP TB 20 77.38 -19.38 -72.40
CA ASP TB 20 78.02 -20.04 -71.26
C ASP TB 20 77.11 -21.04 -70.58
N ASP TB 21 75.85 -21.11 -70.98
CA ASP TB 21 74.93 -22.05 -70.36
C ASP TB 21 74.78 -23.30 -71.23
N VAL TB 22 74.94 -23.14 -72.55
CA VAL TB 22 74.83 -24.29 -73.46
C VAL TB 22 76.20 -24.92 -73.60
N TRP TB 23 77.27 -24.11 -73.70
CA TRP TB 23 78.57 -24.66 -73.91
C TRP TB 23 78.85 -25.44 -72.70
N SER TB 24 78.95 -24.69 -71.58
CA SER TB 24 78.74 -25.31 -70.31
C SER TB 24 80.07 -25.91 -69.92
N SER TB 25 80.09 -27.21 -69.54
CA SER TB 25 81.27 -27.88 -69.11
C SER TB 25 82.17 -28.12 -70.28
N SER TB 26 83.41 -28.57 -69.98
CA SER TB 26 84.45 -28.73 -70.97
C SER TB 26 84.30 -30.04 -71.65
N PHE TB 27 83.19 -30.71 -71.29
CA PHE TB 27 82.84 -32.02 -71.68
C PHE TB 27 82.46 -32.07 -73.10
N THR TB 28 82.83 -33.15 -73.79
CA THR TB 28 82.07 -33.18 -75.04
C THR TB 28 80.58 -33.47 -74.89
N ASP TB 29 80.25 -34.62 -74.32
CA ASP TB 29 78.87 -35.05 -74.12
C ASP TB 29 77.77 -34.01 -74.35
N ARG TB 30 77.73 -32.98 -73.51
CA ARG TB 30 76.69 -31.96 -73.63
C ARG TB 30 76.70 -31.23 -74.97
N ARG TB 31 77.75 -30.44 -75.20
CA ARG TB 31 77.85 -29.68 -76.45
C ARG TB 31 77.48 -30.54 -77.65
N VAL TB 32 77.90 -31.79 -77.64
CA VAL TB 32 77.61 -32.69 -78.73
C VAL TB 32 76.10 -32.81 -78.95
N ALA TB 33 75.41 -33.36 -77.96
CA ALA TB 33 73.97 -33.54 -78.05
C ALA TB 33 73.27 -32.27 -78.56
N ILE TB 34 73.70 -31.10 -78.10
CA ILE TB 34 73.09 -29.87 -78.52
C ILE TB 34 73.34 -29.58 -80.00
N VAL TB 35 74.62 -29.47 -80.39
CA VAL TB 35 74.95 -29.20 -81.78
C VAL TB 35 74.28 -30.22 -82.69
N ARG TB 36 74.23 -31.47 -82.22
CA ARG TB 36 73.59 -32.53 -82.99
C ARG TB 36 72.13 -32.14 -83.14
N ALA TB 37 71.43 -32.05 -82.01
CA ALA TB 37 70.03 -31.68 -82.00
C ALA TB 37 69.78 -30.50 -82.92
N VAL TB 38 70.78 -29.64 -83.10
CA VAL TB 38 70.65 -28.48 -83.98
C VAL TB 38 70.62 -28.95 -85.42
N PHE TB 39 71.61 -29.75 -85.79
CA PHE TB 39 71.68 -30.27 -87.15
C PHE TB 39 70.46 -31.13 -87.52
N ASP TB 40 70.03 -31.99 -86.60
CA ASP TB 40 68.86 -32.82 -86.87
C ASP TB 40 67.70 -31.96 -87.31
N ASP TB 41 67.63 -30.73 -86.79
CA ASP TB 41 66.57 -29.80 -87.14
C ASP TB 41 66.86 -29.17 -88.50
N LEU TB 42 68.13 -29.11 -88.86
CA LEU TB 42 68.51 -28.53 -90.13
C LEU TB 42 68.18 -29.53 -91.20
N PHE TB 43 68.45 -30.80 -90.92
CA PHE TB 43 68.19 -31.86 -91.88
C PHE TB 43 66.71 -32.17 -92.03
N LYS TB 44 65.95 -32.02 -90.96
CA LYS TB 44 64.53 -32.31 -91.05
C LYS TB 44 63.84 -31.24 -91.89
N HIS TB 45 64.48 -30.08 -92.04
CA HIS TB 45 63.91 -28.98 -92.81
C HIS TB 45 64.55 -28.75 -94.18
N TYR TB 46 65.85 -28.99 -94.27
CA TYR TB 46 66.58 -28.84 -95.54
C TYR TB 46 67.36 -30.14 -95.73
N PRO TB 47 66.64 -31.25 -95.91
CA PRO TB 47 67.21 -32.59 -96.09
C PRO TB 47 68.35 -32.67 -97.11
N THR TB 48 68.34 -31.78 -98.08
CA THR TB 48 69.36 -31.74 -99.12
C THR TB 48 70.76 -31.66 -98.54
N SER TB 49 70.94 -30.75 -97.59
CA SER TB 49 72.21 -30.52 -96.93
C SER TB 49 72.84 -31.78 -96.35
N LYS TB 50 72.02 -32.71 -95.87
CA LYS TB 50 72.50 -33.94 -95.27
C LYS TB 50 73.67 -34.51 -96.05
N ALA TB 51 73.46 -34.78 -97.32
CA ALA TB 51 74.51 -35.33 -98.17
C ALA TB 51 75.89 -34.68 -98.01
N LEU TB 52 75.92 -33.36 -97.84
CA LEU TB 52 77.18 -32.60 -97.71
C LEU TB 52 78.18 -33.15 -96.71
N PHE TB 53 77.70 -33.86 -95.69
CA PHE TB 53 78.57 -34.38 -94.65
C PHE TB 53 78.90 -35.87 -94.74
N GLU TB 54 78.89 -36.44 -95.93
CA GLU TB 54 79.22 -37.85 -96.07
C GLU TB 54 80.70 -37.98 -95.79
N ARG TB 55 81.42 -36.89 -96.00
CA ARG TB 55 82.86 -36.86 -95.79
C ARG TB 55 83.20 -37.16 -94.33
N VAL TB 56 82.31 -36.80 -93.42
CA VAL TB 56 82.54 -37.02 -92.01
C VAL TB 56 81.73 -38.20 -91.52
N LYS TB 57 81.08 -38.89 -92.43
CA LYS TB 57 80.29 -40.06 -92.09
C LYS TB 57 79.05 -39.80 -91.23
N ILE TB 58 78.09 -39.04 -91.76
CA ILE TB 58 76.88 -38.76 -91.01
C ILE TB 58 76.00 -40.00 -90.98
N ASP TB 59 76.26 -40.94 -91.88
CA ASP TB 59 75.48 -42.18 -91.94
C ASP TB 59 75.76 -43.01 -90.69
N GLU TB 60 76.83 -42.65 -89.99
CA GLU TB 60 77.20 -43.32 -88.75
C GLU TB 60 77.13 -42.28 -87.65
N PRO TB 61 75.91 -41.97 -87.17
CA PRO TB 61 75.73 -40.99 -86.11
C PRO TB 61 76.72 -41.06 -84.96
N GLU TB 62 76.86 -42.23 -84.35
CA GLU TB 62 77.77 -42.38 -83.23
C GLU TB 62 79.22 -42.66 -83.64
N SER TB 63 79.48 -42.57 -84.94
CA SER TB 63 80.80 -42.83 -85.51
C SER TB 63 81.97 -42.34 -84.70
N GLY TB 64 81.99 -41.04 -84.42
CA GLY TB 64 83.11 -40.49 -83.71
C GLY TB 64 83.85 -39.66 -84.75
N GLU TB 65 83.89 -40.16 -85.97
CA GLU TB 65 84.53 -39.42 -87.05
C GLU TB 65 83.60 -38.23 -87.23
N PHE TB 66 82.32 -38.48 -86.97
CA PHE TB 66 81.25 -37.50 -87.08
C PHE TB 66 81.10 -36.72 -85.79
N LYS TB 67 81.08 -37.43 -84.67
CA LYS TB 67 80.94 -36.75 -83.40
C LYS TB 67 82.00 -35.66 -83.34
N SER TB 68 83.25 -36.03 -83.57
CA SER TB 68 84.34 -35.07 -83.55
C SER TB 68 83.94 -33.87 -84.39
N HIS TB 69 83.38 -34.13 -85.55
CA HIS TB 69 82.94 -33.05 -86.43
C HIS TB 69 82.03 -32.10 -85.65
N LEU TB 70 80.91 -32.64 -85.20
CA LEU TB 70 79.96 -31.86 -84.43
C LEU TB 70 80.70 -30.94 -83.48
N VAL TB 71 81.61 -31.50 -82.72
CA VAL TB 71 82.39 -30.72 -81.79
C VAL TB 71 83.11 -29.56 -82.48
N ARG TB 72 83.81 -29.84 -83.57
CA ARG TB 72 84.51 -28.80 -84.28
C ARG TB 72 83.57 -27.68 -84.62
N VAL TB 73 82.36 -28.02 -85.03
CA VAL TB 73 81.36 -27.03 -85.39
C VAL TB 73 81.05 -26.26 -84.14
N ALA TB 74 80.70 -26.98 -83.09
CA ALA TB 74 80.39 -26.35 -81.81
C ALA TB 74 81.53 -25.40 -81.48
N ASN TB 75 82.71 -25.94 -81.28
CA ASN TB 75 83.86 -25.12 -80.94
C ASN TB 75 84.06 -23.94 -81.88
N GLY TB 76 83.75 -24.12 -83.16
CA GLY TB 76 83.91 -23.01 -84.08
C GLY TB 76 82.98 -21.89 -83.75
N LEU TB 77 81.81 -22.25 -83.24
CA LEU TB 77 80.79 -21.29 -82.86
C LEU TB 77 81.28 -20.66 -81.57
N LYS TB 78 81.72 -21.50 -80.65
CA LYS TB 78 82.25 -21.03 -79.39
C LYS TB 78 83.28 -19.96 -79.66
N LEU TB 79 84.23 -20.28 -80.52
CA LEU TB 79 85.31 -19.35 -80.87
C LEU TB 79 84.75 -18.03 -81.34
N LEU TB 80 83.67 -18.06 -82.10
CA LEU TB 80 83.06 -16.83 -82.58
C LEU TB 80 82.60 -15.99 -81.41
N ILE TB 81 81.64 -16.54 -80.67
CA ILE TB 81 81.07 -15.88 -79.51
C ILE TB 81 82.16 -15.33 -78.61
N ASN TB 82 83.12 -16.16 -78.29
CA ASN TB 82 84.22 -15.74 -77.43
C ASN TB 82 85.16 -14.74 -78.11
N LEU TB 83 84.69 -14.12 -79.19
CA LEU TB 83 85.51 -13.18 -79.91
C LEU TB 83 84.74 -11.87 -80.00
N LEU TB 84 83.45 -11.93 -79.66
CA LEU TB 84 82.57 -10.76 -79.71
C LEU TB 84 83.09 -9.53 -78.96
N ASP TB 85 84.12 -9.70 -78.12
CA ASP TB 85 84.67 -8.55 -77.39
C ASP TB 85 85.93 -8.05 -78.08
N ASP TB 86 86.41 -8.78 -79.09
CA ASP TB 86 87.60 -8.36 -79.81
C ASP TB 86 87.35 -8.06 -81.29
N THR TB 87 86.19 -7.49 -81.57
CA THR TB 87 85.76 -7.10 -82.91
C THR TB 87 86.71 -7.34 -84.08
N LEU TB 88 87.77 -6.54 -84.17
CA LEU TB 88 88.73 -6.66 -85.24
C LEU TB 88 89.19 -8.08 -85.59
N VAL TB 89 89.45 -8.90 -84.58
CA VAL TB 89 89.86 -10.27 -84.80
C VAL TB 89 88.65 -11.06 -85.28
N LEU TB 90 87.52 -10.84 -84.65
CA LEU TB 90 86.31 -11.53 -85.04
C LEU TB 90 86.06 -11.29 -86.52
N GLN TB 91 86.16 -10.03 -86.92
CA GLN TB 91 85.92 -9.63 -88.31
C GLN TB 91 86.79 -10.39 -89.29
N SER TB 92 87.99 -10.76 -88.86
CA SER TB 92 88.91 -11.51 -89.72
C SER TB 92 88.58 -12.98 -89.72
N HIS TB 93 88.58 -13.60 -88.55
CA HIS TB 93 88.28 -15.02 -88.46
C HIS TB 93 86.92 -15.27 -89.06
N LEU TB 94 86.06 -14.26 -88.98
CA LEU TB 94 84.73 -14.42 -89.51
C LEU TB 94 84.85 -14.63 -91.00
N GLY TB 95 85.82 -13.96 -91.60
CA GLY TB 95 86.02 -14.09 -93.05
C GLY TB 95 86.59 -15.46 -93.31
N HIS TB 96 87.67 -15.76 -92.62
CA HIS TB 96 88.34 -17.05 -92.74
C HIS TB 96 87.31 -18.17 -92.62
N LEU TB 97 86.31 -17.97 -91.79
CA LEU TB 97 85.28 -18.98 -91.58
C LEU TB 97 84.40 -19.08 -92.82
N ALA TB 98 84.33 -18.00 -93.59
CA ALA TB 98 83.54 -18.00 -94.81
C ALA TB 98 84.29 -18.83 -95.83
N ASP TB 99 85.53 -18.43 -96.10
CA ASP TB 99 86.36 -19.13 -97.07
C ASP TB 99 86.38 -20.65 -96.86
N GLN TB 100 86.30 -21.10 -95.61
CA GLN TB 100 86.31 -22.52 -95.32
C GLN TB 100 85.02 -23.17 -95.76
N HIS TB 101 84.03 -22.35 -96.08
CA HIS TB 101 82.74 -22.87 -96.51
C HIS TB 101 82.49 -22.59 -97.98
N ILE TB 102 83.23 -21.65 -98.54
CA ILE TB 102 83.04 -21.33 -99.95
C ILE TB 102 83.69 -22.43 -100.74
N GLN TB 103 84.82 -22.94 -100.24
CA GLN TB 103 85.54 -24.01 -100.93
C GLN TB 103 84.85 -25.34 -100.71
N ARG TB 104 83.76 -25.34 -99.94
CA ARG TB 104 83.01 -26.55 -99.70
C ARG TB 104 81.86 -26.53 -100.68
N LYS TB 105 82.08 -27.17 -101.82
CA LYS TB 105 81.10 -27.22 -102.89
C LYS TB 105 79.75 -27.79 -102.44
N GLY TB 106 78.68 -27.02 -102.64
CA GLY TB 106 77.36 -27.48 -102.27
C GLY TB 106 76.72 -26.73 -101.11
N VAL TB 107 77.47 -25.81 -100.50
CA VAL TB 107 76.97 -25.06 -99.37
C VAL TB 107 76.28 -23.79 -99.83
N THR TB 108 74.95 -23.75 -99.70
CA THR TB 108 74.14 -22.58 -100.11
C THR TB 108 74.03 -21.48 -99.05
N LYS TB 109 73.59 -20.31 -99.51
CA LYS TB 109 73.42 -19.18 -98.62
C LYS TB 109 72.21 -19.54 -97.77
N GLU TB 110 71.36 -20.38 -98.33
CA GLU TB 110 70.14 -20.82 -97.67
C GLU TB 110 70.40 -21.74 -96.49
N TYR TB 111 71.20 -22.79 -96.69
CA TYR TB 111 71.49 -23.72 -95.61
C TYR TB 111 71.87 -22.98 -94.34
N PHE TB 112 72.57 -21.87 -94.47
CA PHE TB 112 72.96 -21.10 -93.31
C PHE TB 112 71.75 -20.47 -92.65
N ARG TB 113 70.94 -19.76 -93.41
CA ARG TB 113 69.75 -19.15 -92.84
C ARG TB 113 68.95 -20.27 -92.19
N GLY TB 114 69.16 -21.49 -92.67
CA GLY TB 114 68.46 -22.63 -92.12
C GLY TB 114 68.96 -23.12 -90.77
N ILE TB 115 70.28 -23.15 -90.61
CA ILE TB 115 70.86 -23.60 -89.37
C ILE TB 115 70.61 -22.52 -88.33
N GLY TB 116 70.38 -21.30 -88.81
CA GLY TB 116 70.12 -20.20 -87.91
C GLY TB 116 68.79 -20.44 -87.23
N GLU TB 117 67.83 -20.87 -88.03
CA GLU TB 117 66.49 -21.16 -87.52
C GLU TB 117 66.66 -22.30 -86.55
N ALA TB 118 67.49 -23.27 -86.92
CA ALA TB 118 67.76 -24.43 -86.07
C ALA TB 118 68.05 -24.03 -84.60
N PHE TB 119 69.13 -23.30 -84.36
CA PHE TB 119 69.46 -22.88 -83.01
C PHE TB 119 68.29 -22.20 -82.32
N ALA TB 120 67.70 -21.24 -83.02
CA ALA TB 120 66.57 -20.49 -82.48
C ALA TB 120 65.40 -21.38 -82.06
N ARG TB 121 65.46 -22.66 -82.40
CA ARG TB 121 64.41 -23.60 -82.06
C ARG TB 121 64.92 -24.60 -81.03
N VAL TB 122 66.23 -24.83 -81.06
CA VAL TB 122 66.85 -25.77 -80.13
C VAL TB 122 67.23 -25.12 -78.82
N LEU TB 123 68.12 -24.14 -78.89
CA LEU TB 123 68.57 -23.45 -77.69
C LEU TB 123 67.46 -23.14 -76.68
N PRO TB 124 66.38 -22.50 -77.11
CA PRO TB 124 65.31 -22.20 -76.16
C PRO TB 124 64.76 -23.42 -75.43
N GLN TB 125 65.25 -24.62 -75.78
CA GLN TB 125 64.81 -25.86 -75.14
C GLN TB 125 65.86 -26.46 -74.23
N VAL TB 126 67.13 -26.15 -74.49
CA VAL TB 126 68.21 -26.69 -73.67
C VAL TB 126 68.54 -25.83 -72.47
N LEU TB 127 68.04 -24.61 -72.47
CA LEU TB 127 68.28 -23.71 -71.34
C LEU TB 127 67.16 -22.70 -71.24
N SER TB 128 66.92 -22.22 -70.03
CA SER TB 128 65.87 -21.25 -69.83
C SER TB 128 66.52 -19.89 -69.83
N CYS TB 129 65.70 -18.85 -69.91
CA CYS TB 129 66.21 -17.48 -69.92
C CYS TB 129 67.03 -17.25 -71.19
N PHE TB 130 66.45 -17.60 -72.33
CA PHE TB 130 67.12 -17.44 -73.60
C PHE TB 130 66.51 -16.27 -74.32
N ASN TB 131 67.33 -15.24 -74.57
CA ASN TB 131 66.83 -14.06 -75.24
C ASN TB 131 66.83 -14.28 -76.75
N VAL TB 132 65.96 -15.17 -77.22
CA VAL TB 132 65.87 -15.51 -78.62
C VAL TB 132 66.14 -14.36 -79.57
N ASP TB 133 65.56 -13.21 -79.31
CA ASP TB 133 65.78 -12.05 -80.17
C ASP TB 133 67.25 -11.64 -80.20
N ALA TB 134 67.79 -11.35 -79.03
CA ALA TB 134 69.18 -10.94 -78.93
C ALA TB 134 70.08 -11.94 -79.65
N TRP TB 135 69.84 -13.23 -79.42
CA TRP TB 135 70.63 -14.25 -80.06
C TRP TB 135 70.45 -14.05 -81.53
N ASN TB 136 69.21 -14.19 -82.00
CA ASN TB 136 68.91 -14.02 -83.41
C ASN TB 136 69.64 -12.83 -84.02
N ARG TB 137 69.55 -11.68 -83.39
CA ARG TB 137 70.22 -10.51 -83.95
C ARG TB 137 71.70 -10.73 -84.22
N CYS TB 138 72.48 -10.99 -83.16
CA CYS TB 138 73.90 -11.19 -83.34
C CYS TB 138 74.28 -12.43 -84.11
N PHE TB 139 73.39 -13.41 -84.17
CA PHE TB 139 73.72 -14.62 -84.91
C PHE TB 139 73.64 -14.27 -86.39
N HIS TB 140 72.65 -13.46 -86.76
CA HIS TB 140 72.49 -13.06 -88.16
C HIS TB 140 73.69 -12.28 -88.62
N ARG TB 141 74.13 -11.30 -87.83
CA ARG TB 141 75.28 -10.52 -88.21
C ARG TB 141 76.45 -11.48 -88.48
N LEU TB 142 76.60 -12.50 -87.65
CA LEU TB 142 77.68 -13.48 -87.84
C LEU TB 142 77.49 -14.30 -89.13
N VAL TB 143 76.29 -14.80 -89.33
CA VAL TB 143 75.98 -15.60 -90.51
C VAL TB 143 76.16 -14.80 -91.79
N ALA TB 144 75.50 -13.64 -91.86
CA ALA TB 144 75.60 -12.78 -93.03
C ALA TB 144 77.04 -12.73 -93.55
N ARG TB 145 77.95 -12.31 -92.69
CA ARG TB 145 79.34 -12.21 -93.10
C ARG TB 145 79.93 -13.54 -93.51
N ILE TB 146 79.48 -14.64 -92.92
CA ILE TB 146 80.04 -15.95 -93.27
C ILE TB 146 79.64 -16.42 -94.65
N ALA TB 147 78.37 -16.19 -94.95
CA ALA TB 147 77.89 -16.48 -96.24
C ALA TB 147 78.74 -15.67 -97.09
N LYS TB 148 79.09 -14.44 -96.64
CA LYS TB 148 78.80 -13.21 -97.30
C LYS TB 148 79.44 -13.13 -98.64
N ASP TB 149 80.68 -13.67 -98.74
CA ASP TB 149 81.52 -13.82 -99.91
C ASP TB 149 80.88 -14.73 -100.87
N LEU TB 150 80.37 -15.81 -100.27
CA LEU TB 150 79.92 -16.93 -100.98
C LEU TB 150 78.90 -16.41 -101.86
N PRO TB 151 78.06 -15.53 -101.48
CA PRO TB 151 77.31 -15.25 -102.65
C PRO TB 151 77.53 -13.84 -103.07
N LYS UB 1 51.12 -36.94 -65.54
CA LYS UB 1 50.99 -35.61 -66.18
C LYS UB 1 51.98 -35.63 -67.26
N LYS UB 2 53.18 -35.24 -66.83
CA LYS UB 2 54.32 -35.21 -67.67
C LYS UB 2 55.12 -36.41 -67.32
N GLN UB 3 55.48 -37.14 -68.37
CA GLN UB 3 56.31 -38.30 -68.38
C GLN UB 3 57.59 -37.73 -68.89
N CYS UB 4 58.76 -38.32 -68.58
CA CYS UB 4 59.85 -37.41 -68.62
C CYS UB 4 60.78 -37.74 -69.75
N GLY UB 5 61.72 -36.82 -70.03
CA GLY UB 5 62.42 -36.86 -71.29
C GLY UB 5 63.79 -36.26 -71.07
N VAL UB 6 64.65 -36.38 -72.11
CA VAL UB 6 66.07 -36.19 -72.02
C VAL UB 6 66.38 -34.80 -71.56
N LEU UB 7 65.88 -33.80 -72.35
CA LEU UB 7 66.14 -32.43 -71.93
C LEU UB 7 65.58 -32.11 -70.55
N GLU UB 8 64.27 -32.26 -70.37
CA GLU UB 8 63.63 -31.98 -69.09
C GLU UB 8 64.40 -32.64 -67.97
N GLY UB 9 65.11 -33.71 -68.31
CA GLY UB 9 65.92 -34.39 -67.30
C GLY UB 9 67.11 -33.50 -67.00
N LEU UB 10 67.90 -33.22 -68.02
CA LEU UB 10 69.08 -32.37 -67.88
C LEU UB 10 68.75 -31.12 -67.08
N LYS UB 11 67.59 -30.53 -67.34
CA LYS UB 11 67.21 -29.32 -66.63
C LYS UB 11 67.04 -29.62 -65.13
N VAL UB 12 66.20 -30.59 -64.79
CA VAL UB 12 66.01 -30.92 -63.39
C VAL UB 12 67.32 -31.32 -62.77
N LYS UB 13 68.06 -32.19 -63.44
CA LYS UB 13 69.35 -32.65 -62.91
C LYS UB 13 70.25 -31.49 -62.54
N SER UB 14 70.23 -30.44 -63.36
CA SER UB 14 71.05 -29.26 -63.14
C SER UB 14 70.48 -28.43 -61.98
N GLU UB 15 69.21 -28.07 -62.09
CA GLU UB 15 68.55 -27.26 -61.07
C GLU UB 15 68.63 -27.93 -59.71
N TRP UB 16 68.51 -29.25 -59.70
CA TRP UB 16 68.59 -29.97 -58.44
C TRP UB 16 69.95 -29.71 -57.85
N GLY UB 17 70.96 -29.67 -58.71
CA GLY UB 17 72.31 -29.43 -58.22
C GLY UB 17 72.39 -28.19 -57.35
N ARG UB 18 71.75 -27.13 -57.83
CA ARG UB 18 71.74 -25.86 -57.13
C ARG UB 18 70.89 -25.90 -55.87
N ALA UB 19 69.69 -26.47 -55.96
CA ALA UB 19 68.79 -26.55 -54.80
C ALA UB 19 69.30 -27.45 -53.68
N TYR UB 20 69.87 -28.59 -54.06
CA TYR UB 20 70.38 -29.54 -53.09
C TYR UB 20 71.46 -28.86 -52.28
N GLY UB 21 72.50 -28.40 -52.96
CA GLY UB 21 73.57 -27.74 -52.25
C GLY UB 21 74.30 -28.69 -51.34
N SER UB 22 74.91 -28.16 -50.27
CA SER UB 22 75.66 -28.99 -49.33
C SER UB 22 75.79 -28.39 -47.95
N GLY UB 23 76.43 -29.14 -47.05
CA GLY UB 23 76.62 -28.68 -45.68
C GLY UB 23 75.33 -28.46 -44.90
N HIS UB 24 75.17 -27.23 -44.41
CA HIS UB 24 73.99 -26.88 -43.65
C HIS UB 24 72.79 -26.67 -44.56
N ASP UB 25 73.00 -25.96 -45.66
CA ASP UB 25 71.92 -25.72 -46.61
C ASP UB 25 71.19 -27.04 -46.80
N ARG UB 26 71.95 -28.12 -46.88
CA ARG UB 26 71.39 -29.45 -47.07
C ARG UB 26 70.59 -29.87 -45.85
N GLU UB 27 71.26 -29.93 -44.70
CA GLU UB 27 70.59 -30.31 -43.47
C GLU UB 27 69.26 -29.56 -43.27
N ALA UB 28 69.14 -28.39 -43.88
CA ALA UB 28 67.93 -27.59 -43.78
C ALA UB 28 67.02 -27.93 -44.94
N PHE UB 29 67.55 -27.86 -46.14
CA PHE UB 29 66.80 -28.18 -47.34
C PHE UB 29 65.94 -29.41 -47.05
N SER UB 30 66.56 -30.46 -46.53
CA SER UB 30 65.84 -31.67 -46.19
C SER UB 30 64.81 -31.38 -45.08
N GLN UB 31 65.30 -30.74 -44.02
CA GLN UB 31 64.43 -30.35 -42.92
C GLN UB 31 63.15 -29.72 -43.47
N ALA UB 32 63.31 -28.61 -44.21
CA ALA UB 32 62.18 -27.88 -44.78
C ALA UB 32 61.24 -28.80 -45.50
N ILE UB 33 61.80 -29.63 -46.39
CA ILE UB 33 61.01 -30.57 -47.17
C ILE UB 33 60.16 -31.47 -46.30
N TRP UB 34 60.76 -32.12 -45.31
CA TRP UB 34 59.97 -32.99 -44.45
C TRP UB 34 58.90 -32.25 -43.68
N ARG UB 35 59.21 -31.07 -43.17
CA ARG UB 35 58.23 -30.30 -42.44
C ARG UB 35 57.04 -30.03 -43.33
N ALA UB 36 57.30 -29.71 -44.58
CA ALA UB 36 56.26 -29.44 -45.53
C ALA UB 36 55.46 -30.72 -45.81
N THR UB 37 56.14 -31.86 -45.84
CA THR UB 37 55.46 -33.13 -46.10
C THR UB 37 54.53 -33.46 -44.95
N PHE UB 38 55.09 -33.56 -43.76
CA PHE UB 38 54.31 -33.90 -42.58
C PHE UB 38 53.18 -32.92 -42.33
N ALA UB 39 53.40 -31.66 -42.67
CA ALA UB 39 52.37 -30.67 -42.46
C ALA UB 39 51.17 -30.98 -43.32
N GLN UB 40 51.43 -31.58 -44.48
CA GLN UB 40 50.36 -31.93 -45.41
C GLN UB 40 49.60 -33.16 -44.95
N VAL UB 41 50.35 -34.21 -44.62
CA VAL UB 41 49.74 -35.46 -44.18
C VAL UB 41 50.28 -35.92 -42.84
N PRO UB 42 49.83 -35.28 -41.75
CA PRO UB 42 50.31 -35.66 -40.43
C PRO UB 42 50.19 -37.16 -40.17
N GLU UB 43 49.26 -37.79 -40.88
CA GLU UB 43 49.03 -39.22 -40.74
C GLU UB 43 50.32 -40.01 -40.91
N SER UB 44 51.12 -39.59 -41.89
CA SER UB 44 52.38 -40.26 -42.23
C SER UB 44 53.46 -40.27 -41.17
N ARG UB 45 53.36 -39.40 -40.17
CA ARG UB 45 54.38 -39.41 -39.14
C ARG UB 45 54.53 -40.79 -38.53
N SER UB 46 53.43 -41.53 -38.45
CA SER UB 46 53.43 -42.87 -37.87
C SER UB 46 54.40 -43.86 -38.52
N LEU UB 47 54.72 -43.67 -39.79
CA LEU UB 47 55.63 -44.57 -40.48
C LEU UB 47 57.08 -44.41 -40.07
N PHE UB 48 57.45 -43.20 -39.68
CA PHE UB 48 58.81 -42.94 -39.28
C PHE UB 48 58.95 -42.92 -37.77
N LYS UB 49 58.13 -43.72 -37.10
CA LYS UB 49 58.18 -43.80 -35.65
C LYS UB 49 59.53 -44.39 -35.27
N ARG UB 50 60.07 -45.21 -36.14
CA ARG UB 50 61.34 -45.88 -35.90
C ARG UB 50 62.52 -44.94 -35.87
N VAL UB 51 62.43 -43.87 -36.65
CA VAL UB 51 63.51 -42.91 -36.74
C VAL UB 51 63.05 -41.53 -36.25
N HIS UB 52 62.54 -41.52 -35.02
CA HIS UB 52 62.04 -40.31 -34.39
C HIS UB 52 61.34 -39.35 -35.35
N GLY UB 53 60.21 -39.78 -35.87
CA GLY UB 53 59.44 -38.94 -36.78
C GLY UB 53 58.65 -37.93 -35.97
N ASP UB 54 58.54 -38.19 -34.67
CA ASP UB 54 57.82 -37.29 -33.81
C ASP UB 54 58.50 -35.92 -33.75
N ASP UB 55 59.83 -35.91 -33.70
CA ASP UB 55 60.58 -34.66 -33.63
C ASP UB 55 61.49 -34.53 -34.84
N THR UB 56 61.02 -33.80 -35.83
CA THR UB 56 61.77 -33.57 -37.06
C THR UB 56 63.21 -33.08 -36.85
N SER UB 57 63.50 -32.50 -35.69
CA SER UB 57 64.83 -31.96 -35.37
C SER UB 57 65.75 -32.93 -34.62
N HIS UB 58 65.29 -34.14 -34.38
CA HIS UB 58 66.08 -35.14 -33.67
C HIS UB 58 67.13 -35.71 -34.59
N PRO UB 59 68.38 -35.78 -34.13
CA PRO UB 59 69.45 -36.31 -34.96
C PRO UB 59 69.08 -37.54 -35.78
N ALA UB 60 68.43 -38.50 -35.14
CA ALA UB 60 68.03 -39.72 -35.82
C ALA UB 60 67.30 -39.40 -37.09
N PHE UB 61 66.32 -38.51 -36.97
CA PHE UB 61 65.52 -38.11 -38.11
C PHE UB 61 66.33 -37.27 -39.08
N ILE UB 62 67.18 -36.40 -38.55
CA ILE UB 62 68.02 -35.53 -39.38
C ILE UB 62 68.80 -36.42 -40.31
N ALA UB 63 69.33 -37.49 -39.74
CA ALA UB 63 70.08 -38.47 -40.49
C ALA UB 63 69.16 -38.99 -41.55
N HIS UB 64 68.06 -39.59 -41.11
CA HIS UB 64 67.06 -40.15 -42.02
C HIS UB 64 66.79 -39.24 -43.20
N ALA UB 65 66.42 -38.00 -42.91
CA ALA UB 65 66.13 -37.03 -43.96
C ALA UB 65 67.29 -36.91 -44.91
N ASP UB 66 68.44 -36.47 -44.39
CA ASP UB 66 69.64 -36.30 -45.19
C ASP UB 66 69.92 -37.60 -45.98
N ARG UB 67 69.49 -38.73 -45.42
CA ARG UB 67 69.69 -40.05 -46.03
C ARG UB 67 68.74 -40.29 -47.18
N VAL UB 68 67.53 -39.77 -47.04
CA VAL UB 68 66.50 -39.92 -48.06
C VAL UB 68 66.87 -39.10 -49.28
N LEU UB 69 67.10 -37.81 -49.07
CA LEU UB 69 67.48 -36.94 -50.17
C LEU UB 69 68.61 -37.62 -50.92
N GLY UB 70 69.49 -38.28 -50.17
CA GLY UB 70 70.60 -38.99 -50.78
C GLY UB 70 70.15 -39.85 -51.94
N GLY UB 71 69.16 -40.70 -51.69
CA GLY UB 71 68.65 -41.54 -52.75
C GLY UB 71 68.11 -40.70 -53.89
N LEU UB 72 67.23 -39.76 -53.55
CA LEU UB 72 66.65 -38.87 -54.55
C LEU UB 72 67.77 -38.29 -55.39
N ASP UB 73 68.92 -38.03 -54.78
CA ASP UB 73 70.06 -37.50 -55.51
C ASP UB 73 70.42 -38.52 -56.59
N ILE UB 74 70.83 -39.69 -56.15
CA ILE UB 74 71.19 -40.74 -57.09
C ILE UB 74 70.17 -40.84 -58.22
N ALA UB 75 68.89 -40.84 -57.86
CA ALA UB 75 67.83 -40.93 -58.86
C ALA UB 75 67.98 -39.82 -59.88
N ILE UB 76 67.75 -38.59 -59.45
CA ILE UB 76 67.87 -37.44 -60.33
C ILE UB 76 69.22 -37.44 -61.07
N SER UB 77 70.32 -37.60 -60.32
CA SER UB 77 71.60 -37.48 -60.93
C SER UB 77 71.80 -38.60 -61.91
N THR UB 78 71.31 -39.83 -61.63
CA THR UB 78 71.56 -40.93 -62.53
C THR UB 78 70.79 -40.81 -63.81
N LEU UB 79 69.58 -40.24 -63.74
CA LEU UB 79 68.43 -40.44 -64.60
C LEU UB 79 68.71 -40.05 -66.00
N ASP UB 80 69.71 -39.16 -66.18
CA ASP UB 80 69.97 -38.60 -67.48
C ASP UB 80 70.09 -39.76 -68.43
N GLN UB 81 71.05 -40.66 -68.13
CA GLN UB 81 71.22 -41.83 -68.94
C GLN UB 81 70.35 -42.92 -68.39
N PRO UB 82 69.57 -43.44 -69.34
CA PRO UB 82 68.54 -44.45 -69.17
C PRO UB 82 69.08 -45.78 -68.66
N ALA UB 83 70.18 -46.21 -69.24
CA ALA UB 83 70.80 -47.46 -68.84
C ALA UB 83 70.96 -47.57 -67.33
N THR UB 84 71.73 -46.63 -66.78
CA THR UB 84 72.01 -46.59 -65.34
C THR UB 84 70.77 -46.30 -64.51
N LEU UB 85 70.10 -45.20 -64.81
CA LEU UB 85 68.90 -44.83 -64.09
C LEU UB 85 68.04 -46.07 -63.88
N LYS UB 86 67.75 -46.74 -64.99
CA LYS UB 86 66.96 -47.95 -64.98
C LYS UB 86 67.36 -48.77 -63.76
N GLU UB 87 68.65 -49.06 -63.65
CA GLU UB 87 69.15 -49.85 -62.57
C GLU UB 87 68.81 -49.27 -61.20
N GLU UB 88 69.21 -48.03 -60.95
CA GLU UB 88 68.94 -47.40 -59.66
C GLU UB 88 67.46 -47.51 -59.32
N LEU UB 89 66.61 -47.11 -60.26
CA LEU UB 89 65.19 -47.18 -60.02
C LEU UB 89 64.82 -48.60 -59.61
N ASP UB 90 65.24 -49.56 -60.42
CA ASP UB 90 64.94 -50.96 -60.13
C ASP UB 90 65.38 -51.33 -58.72
N HIS UB 91 66.58 -50.89 -58.36
CA HIS UB 91 67.12 -51.17 -57.04
C HIS UB 91 66.16 -50.65 -55.99
N LEU UB 92 65.75 -49.39 -56.15
CA LEU UB 92 64.82 -48.80 -55.21
C LEU UB 92 63.55 -49.61 -55.19
N GLN UB 93 63.00 -49.86 -56.38
CA GLN UB 93 61.77 -50.62 -56.53
C GLN UB 93 61.72 -51.76 -55.54
N VAL UB 94 62.84 -52.47 -55.43
CA VAL UB 94 62.95 -53.60 -54.51
C VAL UB 94 62.84 -53.20 -53.05
N GLN UB 95 63.65 -52.23 -52.64
CA GLN UB 95 63.64 -51.79 -51.25
C GLN UB 95 62.25 -51.33 -50.83
N HIS UB 96 61.36 -51.15 -51.81
CA HIS UB 96 60.01 -50.69 -51.51
C HIS UB 96 58.88 -51.72 -51.67
N GLU UB 97 59.12 -52.62 -52.59
CA GLU UB 97 58.04 -53.47 -53.00
C GLU UB 97 57.77 -54.42 -51.87
N GLY UB 98 56.49 -54.67 -51.57
CA GLY UB 98 56.13 -55.58 -50.52
C GLY UB 98 55.37 -54.78 -49.52
N ARG UB 99 55.66 -53.48 -49.46
CA ARG UB 99 55.31 -52.66 -48.34
C ARG UB 99 54.23 -51.75 -48.78
N LYS UB 100 53.16 -51.63 -48.00
CA LYS UB 100 52.16 -50.79 -48.57
C LYS UB 100 52.56 -49.38 -48.24
N ILE UB 101 52.59 -48.49 -49.27
CA ILE UB 101 52.64 -47.05 -49.10
C ILE UB 101 51.76 -46.43 -50.13
N PRO UB 102 50.78 -45.79 -49.64
CA PRO UB 102 49.75 -45.20 -50.42
C PRO UB 102 50.37 -44.18 -51.30
N ASP UB 103 49.68 -43.93 -52.39
CA ASP UB 103 50.12 -42.96 -53.40
C ASP UB 103 49.81 -41.56 -52.89
N ASN UB 104 48.99 -41.50 -51.85
CA ASN UB 104 48.60 -40.26 -51.23
C ASN UB 104 49.81 -39.54 -50.67
N TYR UB 105 50.65 -40.25 -49.92
CA TYR UB 105 51.85 -39.66 -49.31
C TYR UB 105 52.85 -39.21 -50.35
N PHE UB 106 53.24 -40.10 -51.26
CA PHE UB 106 54.20 -39.74 -52.28
C PHE UB 106 53.82 -38.42 -52.90
N ASP UB 107 52.52 -38.25 -53.14
CA ASP UB 107 52.02 -37.02 -53.74
C ASP UB 107 52.46 -35.82 -52.89
N ALA UB 108 52.17 -35.89 -51.60
CA ALA UB 108 52.52 -34.81 -50.69
C ALA UB 108 54.02 -34.55 -50.68
N PHE UB 109 54.79 -35.62 -50.58
CA PHE UB 109 56.24 -35.49 -50.56
C PHE UB 109 56.75 -34.81 -51.82
N LYS UB 110 56.10 -35.05 -52.95
CA LYS UB 110 56.53 -34.42 -54.18
C LYS UB 110 56.26 -32.94 -54.03
N THR UB 111 55.02 -32.62 -53.71
CA THR UB 111 54.63 -31.24 -53.52
C THR UB 111 55.66 -30.58 -52.62
N ALA UB 112 55.93 -31.19 -51.48
CA ALA UB 112 56.90 -30.63 -50.54
C ALA UB 112 58.17 -30.25 -51.32
N ILE UB 113 58.84 -31.27 -51.86
CA ILE UB 113 60.07 -31.06 -52.61
C ILE UB 113 59.92 -29.87 -53.53
N LEU UB 114 58.91 -29.91 -54.40
CA LEU UB 114 58.69 -28.82 -55.34
C LEU UB 114 58.64 -27.44 -54.68
N HIS UB 115 57.80 -27.28 -53.67
CA HIS UB 115 57.68 -25.99 -53.00
C HIS UB 115 58.98 -25.53 -52.42
N VAL UB 116 59.69 -26.43 -51.73
CA VAL UB 116 60.97 -26.05 -51.15
C VAL UB 116 61.97 -25.68 -52.26
N VAL UB 117 62.15 -26.57 -53.24
CA VAL UB 117 63.06 -26.29 -54.33
C VAL UB 117 62.78 -24.93 -54.92
N ALA UB 118 61.51 -24.65 -55.18
CA ALA UB 118 61.14 -23.36 -55.75
C ALA UB 118 61.57 -22.24 -54.83
N ALA UB 119 61.40 -22.44 -53.53
CA ALA UB 119 61.78 -21.42 -52.57
C ALA UB 119 63.28 -21.24 -52.59
N GLN UB 120 64.01 -22.32 -52.80
CA GLN UB 120 65.46 -22.26 -52.82
C GLN UB 120 66.07 -21.69 -54.09
N LEU UB 121 65.48 -21.99 -55.24
CA LEU UB 121 66.05 -21.51 -56.51
C LEU UB 121 65.64 -20.11 -56.91
N GLY UB 122 64.73 -19.51 -56.15
CA GLY UB 122 64.29 -18.18 -56.48
C GLY UB 122 63.53 -18.03 -57.79
N ARG UB 123 64.26 -17.81 -58.88
CA ARG UB 123 63.62 -17.59 -60.19
C ARG UB 123 63.83 -18.61 -61.29
N CYS UB 124 65.05 -19.12 -61.40
CA CYS UB 124 65.33 -20.08 -62.45
C CYS UB 124 64.94 -21.48 -62.03
N TYR UB 125 63.71 -21.86 -62.36
CA TYR UB 125 63.18 -23.17 -62.02
C TYR UB 125 61.90 -23.48 -62.81
N ASP UB 126 61.93 -24.57 -63.57
CA ASP UB 126 60.80 -25.00 -64.39
C ASP UB 126 59.97 -25.96 -63.56
N ARG UB 127 58.74 -25.58 -63.25
CA ARG UB 127 57.88 -26.42 -62.43
C ARG UB 127 57.51 -27.71 -63.14
N GLU UB 128 56.84 -27.61 -64.29
CA GLU UB 128 56.41 -28.77 -65.05
C GLU UB 128 57.50 -29.83 -65.10
N ALA UB 129 58.70 -29.41 -65.49
CA ALA UB 129 59.85 -30.30 -65.61
C ALA UB 129 60.10 -31.12 -64.36
N TRP UB 130 60.22 -30.45 -63.22
CA TRP UB 130 60.44 -31.16 -61.98
C TRP UB 130 59.29 -32.11 -61.74
N ASP UB 131 58.07 -31.56 -61.76
CA ASP UB 131 56.89 -32.38 -61.54
C ASP UB 131 57.03 -33.67 -62.34
N ALA UB 132 57.25 -33.52 -63.63
CA ALA UB 132 57.39 -34.68 -64.50
C ALA UB 132 58.43 -35.69 -64.03
N CYS UB 133 59.63 -35.21 -63.70
CA CYS UB 133 60.70 -36.09 -63.28
C CYS UB 133 60.56 -36.65 -61.89
N ILE UB 134 60.17 -35.81 -60.94
CA ILE UB 134 60.00 -36.32 -59.59
C ILE UB 134 58.99 -37.45 -59.70
N ASP UB 135 58.02 -37.27 -60.59
CA ASP UB 135 57.00 -38.26 -60.81
C ASP UB 135 57.66 -39.54 -61.30
N HIS UB 136 58.31 -39.47 -62.45
CA HIS UB 136 58.96 -40.64 -63.02
C HIS UB 136 59.80 -41.35 -61.97
N ILE UB 137 60.45 -40.60 -61.09
CA ILE UB 137 61.28 -41.21 -60.07
C ILE UB 137 60.42 -41.92 -59.05
N GLU UB 138 59.33 -41.28 -58.65
CA GLU UB 138 58.45 -41.88 -57.68
C GLU UB 138 57.81 -43.13 -58.23
N ASP UB 139 57.36 -43.06 -59.48
CA ASP UB 139 56.74 -44.22 -60.10
C ASP UB 139 57.69 -45.38 -59.96
N GLY UB 140 58.95 -45.15 -60.27
CA GLY UB 140 59.93 -46.21 -60.17
C GLY UB 140 60.09 -46.79 -58.79
N ILE UB 141 59.55 -46.11 -57.78
CA ILE UB 141 59.65 -46.58 -56.41
C ILE UB 141 58.38 -47.26 -55.95
N LYS UB 142 57.25 -46.87 -56.53
CA LYS UB 142 55.99 -47.47 -56.15
C LYS UB 142 55.74 -48.71 -57.00
N GLY UB 143 56.09 -48.60 -58.29
CA GLY UB 143 55.93 -49.80 -59.04
C GLY UB 143 54.61 -49.68 -59.68
N HIS UB 144 54.17 -48.42 -59.78
CA HIS UB 144 52.82 -48.03 -59.60
C HIS UB 144 51.93 -48.67 -60.61
N HIS UB 145 50.89 -49.28 -60.03
CA HIS UB 145 50.39 -50.59 -60.33
C HIS UB 145 50.74 -51.27 -59.02
N LYS VB 1 65.05 -55.98 75.49
CA LYS VB 1 66.30 -55.22 75.36
C LYS VB 1 67.53 -56.05 75.31
N LYS VB 2 68.60 -55.36 74.91
CA LYS VB 2 69.92 -55.86 74.80
C LYS VB 2 70.51 -56.06 76.13
N GLN VB 3 71.32 -57.14 76.19
CA GLN VB 3 72.15 -57.42 77.31
C GLN VB 3 73.35 -56.54 77.23
N CYS VB 4 73.86 -56.18 78.42
CA CYS VB 4 75.14 -55.55 78.48
C CYS VB 4 76.14 -56.62 78.65
N GLY VB 5 77.31 -56.33 78.07
CA GLY VB 5 78.49 -57.11 78.17
C GLY VB 5 79.43 -56.49 77.21
N VAL VB 6 80.39 -57.31 76.74
CA VAL VB 6 81.55 -56.85 76.06
C VAL VB 6 81.19 -56.04 74.87
N LEU VB 7 80.58 -56.67 73.88
CA LEU VB 7 80.41 -56.11 72.56
C LEU VB 7 79.68 -54.76 72.57
N GLU VB 8 78.46 -54.75 73.09
CA GLU VB 8 77.68 -53.53 73.14
C GLU VB 8 78.52 -52.39 73.70
N GLY VB 9 79.52 -52.74 74.48
CA GLY VB 9 80.40 -51.72 75.02
C GLY VB 9 81.26 -51.21 73.89
N LEU VB 10 82.03 -52.11 73.28
CA LEU VB 10 82.89 -51.76 72.17
C LEU VB 10 82.15 -50.91 71.17
N LYS VB 11 80.89 -51.24 70.89
CA LYS VB 11 80.13 -50.46 69.93
C LYS VB 11 79.95 -49.05 70.42
N VAL VB 12 79.39 -48.88 71.62
CA VAL VB 12 79.18 -47.54 72.15
C VAL VB 12 80.51 -46.79 72.26
N LYS VB 13 81.52 -47.45 72.80
CA LYS VB 13 82.83 -46.83 72.94
C LYS VB 13 83.33 -46.27 71.62
N SER VB 14 83.05 -46.97 70.54
CA SER VB 14 83.49 -46.56 69.21
C SER VB 14 82.63 -45.43 68.70
N GLU VB 15 81.32 -45.64 68.70
CA GLU VB 15 80.40 -44.63 68.23
C GLU VB 15 80.55 -43.33 69.00
N TRP VB 16 80.82 -43.45 70.29
CA TRP VB 16 80.98 -42.27 71.12
C TRP VB 16 82.17 -41.51 70.59
N GLY VB 17 83.19 -42.23 70.17
CA GLY VB 17 84.36 -41.58 69.62
C GLY VB 17 84.00 -40.62 68.49
N ARG VB 18 83.11 -41.06 67.61
CA ARG VB 18 82.69 -40.25 66.49
C ARG VB 18 81.80 -39.11 66.91
N ALA VB 19 80.84 -39.38 67.78
CA ALA VB 19 79.91 -38.34 68.23
C ALA VB 19 80.55 -37.26 69.08
N TYR VB 20 81.44 -37.66 69.97
CA TYR VB 20 82.12 -36.73 70.85
C TYR VB 20 82.91 -35.73 70.02
N GLY VB 21 83.81 -36.24 69.20
CA GLY VB 21 84.59 -35.37 68.34
C GLY VB 21 85.48 -34.47 69.16
N SER VB 22 85.83 -33.31 68.62
CA SER VB 22 86.71 -32.37 69.30
C SER VB 22 86.55 -30.93 68.88
N GLY VB 23 87.29 -30.05 69.53
CA GLY VB 23 87.23 -28.63 69.20
C GLY VB 23 85.88 -27.97 69.41
N HIS VB 24 85.33 -27.39 68.35
CA HIS VB 24 84.05 -26.74 68.42
C HIS VB 24 82.93 -27.75 68.43
N ASP VB 25 83.03 -28.77 67.58
CA ASP VB 25 82.00 -29.80 67.53
C ASP VB 25 81.69 -30.19 68.96
N ARG VB 26 82.73 -30.31 69.78
CA ARG VB 26 82.58 -30.68 71.17
C ARG VB 26 81.84 -29.57 71.93
N GLU VB 27 82.40 -28.36 71.94
CA GLU VB 27 81.77 -27.24 72.64
C GLU VB 27 80.28 -27.11 72.31
N ALA VB 28 79.87 -27.65 71.16
CA ALA VB 28 78.48 -27.61 70.74
C ALA VB 28 77.80 -28.87 71.20
N PHE VB 29 78.37 -30.00 70.83
CA PHE VB 29 77.84 -31.32 71.21
C PHE VB 29 77.33 -31.24 72.64
N SER VB 30 78.17 -30.74 73.54
CA SER VB 30 77.81 -30.59 74.95
C SER VB 30 76.67 -29.58 75.04
N GLN VB 31 76.85 -28.43 74.40
CA GLN VB 31 75.83 -27.40 74.41
C GLN VB 31 74.48 -28.00 74.09
N ALA VB 32 74.39 -28.63 72.93
CA ALA VB 32 73.15 -29.26 72.48
C ALA VB 32 72.57 -30.17 73.54
N ILE VB 33 73.40 -31.06 74.05
CA ILE VB 33 72.97 -32.00 75.07
C ILE VB 33 72.33 -31.31 76.27
N TRP VB 34 73.02 -30.34 76.85
CA TRP VB 34 72.45 -29.65 77.99
C TRP VB 34 71.17 -28.94 77.67
N ARG VB 35 71.10 -28.28 76.52
CA ARG VB 35 69.88 -27.59 76.14
C ARG VB 35 68.73 -28.57 76.11
N ALA VB 36 69.01 -29.77 75.59
CA ALA VB 36 68.00 -30.81 75.52
C ALA VB 36 67.62 -31.28 76.91
N THR VB 37 68.60 -31.35 77.80
CA THR VB 37 68.33 -31.77 79.17
C THR VB 37 67.46 -30.77 79.88
N PHE VB 38 67.93 -29.54 79.98
CA PHE VB 38 67.17 -28.49 80.65
C PHE VB 38 65.80 -28.28 80.05
N ALA VB 39 65.66 -28.47 78.74
CA ALA VB 39 64.38 -28.29 78.08
C ALA VB 39 63.38 -29.31 78.63
N GLN VB 40 63.90 -30.49 78.99
CA GLN VB 40 63.06 -31.57 79.52
C GLN VB 40 62.67 -31.30 80.95
N VAL VB 41 63.66 -30.99 81.77
CA VAL VB 41 63.37 -30.73 83.18
C VAL VB 41 63.91 -29.37 83.61
N PRO VB 42 63.20 -28.29 83.25
CA PRO VB 42 63.66 -26.96 83.66
C PRO VB 42 63.95 -26.85 85.15
N GLU VB 43 63.30 -27.70 85.93
CA GLU VB 43 63.49 -27.72 87.38
C GLU VB 43 64.97 -27.83 87.77
N SER VB 44 65.69 -28.68 87.05
CA SER VB 44 67.10 -28.94 87.30
C SER VB 44 68.05 -27.76 87.14
N ARG VB 45 67.63 -26.71 86.45
CA ARG VB 45 68.52 -25.58 86.29
C ARG VB 45 68.99 -25.08 87.63
N SER VB 46 68.14 -25.20 88.65
CA SER VB 46 68.48 -24.74 89.99
C SER VB 46 69.76 -25.37 90.60
N LEU VB 47 70.10 -26.58 90.17
CA LEU VB 47 71.28 -27.24 90.71
C LEU VB 47 72.59 -26.65 90.22
N PHE VB 48 72.57 -26.11 89.00
CA PHE VB 48 73.77 -25.54 88.43
C PHE VB 48 73.76 -24.03 88.54
N LYS VB 49 73.16 -23.53 89.60
CA LYS VB 49 73.10 -22.09 89.83
C LYS VB 49 74.54 -21.60 90.08
N ARG VB 50 75.36 -22.49 90.62
CA ARG VB 50 76.74 -22.15 90.95
C ARG VB 50 77.60 -21.93 89.72
N VAL VB 51 77.27 -22.61 88.64
CA VAL VB 51 78.02 -22.51 87.41
C VAL VB 51 77.16 -21.95 86.28
N HIS VB 52 76.56 -20.79 86.54
CA HIS VB 52 75.70 -20.11 85.60
C HIS VB 52 74.84 -21.05 84.75
N GLY VB 53 73.92 -21.74 85.42
CA GLY VB 53 73.04 -22.65 84.73
C GLY VB 53 71.93 -21.84 84.09
N ASP VB 54 71.79 -20.58 84.50
CA ASP VB 54 70.76 -19.72 83.94
C ASP VB 54 71.00 -19.46 82.45
N ASP VB 55 72.27 -19.28 82.09
CA ASP VB 55 72.64 -19.01 80.70
C ASP VB 55 73.57 -20.10 80.18
N THR VB 56 73.00 -21.07 79.48
CA THR VB 56 73.74 -22.17 78.91
C THR VB 56 74.96 -21.76 78.08
N SER VB 57 74.97 -20.52 77.58
CA SER VB 57 76.07 -20.02 76.75
C SER VB 57 77.17 -19.26 77.52
N HIS VB 58 77.05 -19.18 78.83
CA HIS VB 58 78.03 -18.49 79.65
C HIS VB 58 79.27 -19.34 79.79
N PRO VB 59 80.45 -18.75 79.59
CA PRO VB 59 81.70 -19.50 79.70
C PRO VB 59 81.76 -20.45 80.88
N ALA VB 60 81.37 -19.97 82.04
CA ALA VB 60 81.39 -20.79 83.24
C ALA VB 60 80.70 -22.12 82.96
N PHE VB 61 79.48 -22.04 82.44
CA PHE VB 61 78.71 -23.22 82.13
C PHE VB 61 79.34 -24.01 81.00
N ILE VB 62 79.84 -23.30 79.98
CA ILE VB 62 80.45 -23.95 78.83
C ILE VB 62 81.50 -24.87 79.36
N ALA VB 63 82.29 -24.33 80.28
CA ALA VB 63 83.35 -25.07 80.92
C ALA VB 63 82.69 -26.29 81.56
N HIS VB 64 81.79 -26.02 82.49
CA HIS VB 64 81.09 -27.10 83.18
C HIS VB 64 80.67 -28.21 82.24
N ALA VB 65 79.95 -27.84 81.18
CA ALA VB 65 79.47 -28.83 80.22
C ALA VB 65 80.62 -29.63 79.69
N ASP VB 66 81.53 -28.94 79.01
CA ASP VB 66 82.71 -29.60 78.44
C ASP VB 66 83.40 -30.47 79.52
N ARG VB 67 83.26 -30.07 80.78
CA ARG VB 67 83.88 -30.76 81.91
C ARG VB 67 83.13 -32.02 82.25
N VAL VB 68 81.81 -31.97 82.08
CA VAL VB 68 80.97 -33.10 82.39
C VAL VB 68 81.17 -34.21 81.36
N LEU VB 69 81.00 -33.87 80.09
CA LEU VB 69 81.20 -34.84 79.04
C LEU VB 69 82.52 -35.51 79.31
N GLY VB 70 83.49 -34.72 79.77
CA GLY VB 70 84.81 -35.27 80.08
C GLY VB 70 84.73 -36.55 80.89
N GLY VB 71 84.01 -36.50 82.01
CA GLY VB 71 83.86 -37.68 82.82
C GLY VB 71 83.20 -38.78 82.03
N LEU VB 72 82.08 -38.44 81.41
CA LEU VB 72 81.34 -39.41 80.60
C LEU VB 72 82.31 -40.08 79.63
N ASP VB 73 83.29 -39.33 79.14
CA ASP VB 73 84.27 -39.89 78.24
C ASP VB 73 84.99 -40.99 79.00
N ILE VB 74 85.69 -40.61 80.05
CA ILE VB 74 86.41 -41.59 80.83
C ILE VB 74 85.56 -42.83 81.07
N ALA VB 75 84.31 -42.61 81.46
CA ALA VB 75 83.40 -43.73 81.71
C ALA VB 75 83.34 -44.64 80.50
N ILE VB 76 82.72 -44.13 79.44
CA ILE VB 76 82.57 -44.89 78.22
C ILE VB 76 83.89 -45.46 77.76
N SER VB 77 84.95 -44.64 77.69
CA SER VB 77 86.18 -45.11 77.12
C SER VB 77 86.72 -46.29 77.91
N THR VB 78 86.80 -46.18 79.25
CA THR VB 78 87.27 -47.26 80.06
C THR VB 78 86.33 -48.42 79.95
N LEU VB 79 85.04 -48.12 79.73
CA LEU VB 79 83.93 -48.77 80.36
C LEU VB 79 84.04 -50.25 80.19
N ASP VB 80 84.26 -50.73 78.96
CA ASP VB 80 84.06 -52.13 78.72
C ASP VB 80 85.05 -52.96 79.46
N GLN VB 81 86.32 -52.53 79.57
CA GLN VB 81 87.19 -53.25 80.46
C GLN VB 81 86.74 -52.85 81.82
N PRO VB 82 86.45 -53.91 82.61
CA PRO VB 82 85.87 -53.94 83.96
C PRO VB 82 86.78 -53.34 85.02
N ALA VB 83 88.06 -53.73 84.97
CA ALA VB 83 89.05 -53.25 85.92
C ALA VB 83 89.01 -51.73 86.07
N THR VB 84 89.26 -51.04 84.96
CA THR VB 84 89.29 -49.59 84.92
C THR VB 84 87.93 -48.98 85.18
N LEU VB 85 86.94 -49.37 84.39
CA LEU VB 85 85.58 -48.85 84.55
C LEU VB 85 85.24 -48.82 86.02
N LYS VB 86 85.40 -49.98 86.66
CA LYS VB 86 85.14 -50.11 88.08
C LYS VB 86 85.63 -48.84 88.77
N GLU VB 87 86.90 -48.52 88.53
CA GLU VB 87 87.49 -47.36 89.16
C GLU VB 87 86.76 -46.07 88.88
N GLU VB 88 86.60 -45.75 87.60
CA GLU VB 88 85.91 -44.51 87.23
C GLU VB 88 84.57 -44.43 87.91
N LEU VB 89 83.78 -45.49 87.79
CA LEU VB 89 82.47 -45.49 88.40
C LEU VB 89 82.61 -45.18 89.87
N ASP VB 90 83.48 -45.92 90.54
CA ASP VB 90 83.71 -45.70 91.97
C ASP VB 90 84.04 -44.24 92.24
N HIS VB 91 84.91 -43.67 91.42
CA HIS VB 91 85.31 -42.28 91.56
C HIS VB 91 84.06 -41.41 91.53
N LEU VB 92 83.23 -41.62 90.52
CA LEU VB 92 82.00 -40.85 90.38
C LEU VB 92 81.16 -41.04 91.62
N GLN VB 93 80.94 -42.31 91.95
CA GLN VB 93 80.14 -42.69 93.11
C GLN VB 93 80.39 -41.73 94.25
N VAL VB 94 81.65 -41.44 94.51
CA VAL VB 94 82.03 -40.54 95.59
C VAL VB 94 81.56 -39.11 95.36
N GLN VB 95 81.87 -38.54 94.19
CA GLN VB 95 81.47 -37.18 93.89
C GLN VB 95 79.98 -36.99 94.02
N HIS VB 96 79.24 -38.10 94.11
CA HIS VB 96 77.79 -38.03 94.21
C HIS VB 96 77.17 -38.39 95.57
N GLU VB 97 77.87 -39.30 96.25
CA GLU VB 97 77.42 -39.79 97.52
C GLU VB 97 77.57 -38.67 98.49
N GLY VB 98 76.60 -38.57 99.40
CA GLY VB 98 76.41 -37.45 100.25
C GLY VB 98 75.21 -36.72 99.75
N ARG VB 99 74.96 -36.80 98.44
CA ARG VB 99 73.86 -36.04 97.97
C ARG VB 99 72.76 -36.98 97.64
N LYS VB 100 71.50 -36.54 97.73
CA LYS VB 100 70.69 -37.40 96.95
C LYS VB 100 70.22 -36.65 95.75
N ILE VB 101 70.28 -37.42 94.64
CA ILE VB 101 70.12 -37.05 93.27
C ILE VB 101 69.18 -38.03 92.67
N PRO VB 102 68.08 -37.42 92.45
CA PRO VB 102 66.87 -38.01 92.02
C PRO VB 102 67.06 -38.45 90.62
N ASP VB 103 66.42 -39.62 90.31
CA ASP VB 103 66.63 -40.48 89.16
C ASP VB 103 65.88 -39.88 87.97
N ASN VB 104 65.02 -38.93 88.26
CA ASN VB 104 64.23 -38.25 87.26
C ASN VB 104 65.14 -37.51 86.32
N TYR VB 105 66.08 -36.74 86.86
CA TYR VB 105 67.00 -35.95 86.03
C TYR VB 105 67.92 -36.82 85.20
N PHE VB 106 68.61 -37.75 85.83
CA PHE VB 106 69.51 -38.63 85.10
C PHE VB 106 68.82 -39.17 83.88
N ASP VB 107 67.55 -39.54 84.04
CA ASP VB 107 66.78 -40.07 82.95
C ASP VB 107 66.77 -39.08 81.78
N ALA VB 108 66.43 -37.82 82.07
CA ALA VB 108 66.38 -36.79 81.03
C ALA VB 108 67.73 -36.59 80.38
N PHE VB 109 68.77 -36.50 81.20
CA PHE VB 109 70.11 -36.30 80.70
C PHE VB 109 70.51 -37.43 79.77
N LYS VB 110 70.07 -38.65 80.05
CA LYS VB 110 70.38 -39.79 79.18
C LYS VB 110 69.68 -39.54 77.85
N THR VB 111 68.38 -39.30 77.93
CA THR VB 111 67.60 -39.02 76.75
C THR VB 111 68.31 -37.95 75.94
N ALA VB 112 68.65 -36.84 76.58
CA ALA VB 112 69.34 -35.77 75.89
C ALA VB 112 70.50 -36.37 75.10
N ILE VB 113 71.48 -36.94 75.81
CA ILE VB 113 72.65 -37.54 75.17
C ILE VB 113 72.26 -38.37 73.97
N LEU VB 114 71.37 -39.33 74.18
CA LEU VB 114 70.93 -40.18 73.09
C LEU VB 114 70.43 -39.41 71.87
N HIS VB 115 69.49 -38.49 72.07
CA HIS VB 115 68.98 -37.73 70.95
C HIS VB 115 70.06 -36.96 70.22
N VAL VB 116 70.92 -36.27 70.96
CA VAL VB 116 71.98 -35.53 70.32
C VAL VB 116 72.89 -36.49 69.56
N VAL VB 117 73.40 -37.52 70.25
CA VAL VB 117 74.29 -38.48 69.61
C VAL VB 117 73.69 -38.98 68.32
N ALA VB 118 72.42 -39.35 68.36
CA ALA VB 118 71.75 -39.84 67.18
C ALA VB 118 71.75 -38.77 66.08
N ALA VB 119 71.56 -37.52 66.48
CA ALA VB 119 71.55 -36.44 65.50
C ALA VB 119 72.93 -36.28 64.90
N GLN VB 120 73.97 -36.47 65.72
CA GLN VB 120 75.34 -36.34 65.27
C GLN VB 120 75.88 -37.49 64.42
N LEU VB 121 75.50 -38.72 64.72
CA LEU VB 121 76.00 -39.86 63.95
C LEU VB 121 75.23 -40.18 62.68
N GLY VB 122 74.13 -39.50 62.46
CA GLY VB 122 73.37 -39.76 61.26
C GLY VB 122 72.71 -41.12 61.19
N ARG VB 123 73.42 -42.09 60.63
CA ARG VB 123 72.85 -43.42 60.44
C ARG VB 123 73.42 -44.59 61.24
N CYS VB 124 74.75 -44.63 61.39
CA CYS VB 124 75.38 -45.72 62.11
C CYS VB 124 75.37 -45.47 63.59
N TYR VB 125 74.33 -45.98 64.25
CA TYR VB 125 74.16 -45.81 65.68
C TYR VB 125 73.10 -46.75 66.23
N ASP VB 126 73.50 -47.60 67.18
CA ASP VB 126 72.60 -48.56 67.80
C ASP VB 126 72.02 -47.92 69.05
N ARG VB 127 70.70 -47.72 69.05
CA ARG VB 127 70.06 -47.09 70.19
C ARG VB 127 70.13 -47.96 71.46
N GLU VB 128 69.55 -49.14 71.40
CA GLU VB 128 69.54 -50.04 72.53
C GLU VB 128 70.89 -50.06 73.24
N ALA VB 129 71.94 -50.28 72.46
CA ALA VB 129 73.30 -50.36 72.98
C ALA VB 129 73.65 -49.16 73.84
N TRP VB 130 73.49 -47.96 73.30
CA TRP VB 130 73.80 -46.77 74.07
C TRP VB 130 72.95 -46.74 75.30
N ASP VB 131 71.65 -46.85 75.12
CA ASP VB 131 70.74 -46.84 76.24
C ASP VB 131 71.31 -47.74 77.35
N ALA VB 132 71.60 -48.98 76.99
CA ALA VB 132 72.11 -49.93 77.96
C ALA VB 132 73.35 -49.45 78.69
N CYS VB 133 74.33 -48.95 77.95
CA CYS VB 133 75.57 -48.48 78.54
C CYS VB 133 75.50 -47.16 79.30
N ILE VB 134 74.83 -46.18 78.72
CA ILE VB 134 74.68 -44.92 79.41
C ILE VB 134 74.04 -45.23 80.74
N ASP VB 135 73.14 -46.21 80.73
CA ASP VB 135 72.45 -46.64 81.93
C ASP VB 135 73.48 -47.16 82.91
N HIS VB 136 74.18 -48.22 82.51
CA HIS VB 136 75.19 -48.82 83.38
C HIS VB 136 76.10 -47.75 83.96
N ILE VB 137 76.46 -46.76 83.16
CA ILE VB 137 77.32 -45.70 83.65
C ILE VB 137 76.59 -44.84 84.68
N GLU VB 138 75.35 -44.51 84.40
CA GLU VB 138 74.60 -43.70 85.34
C GLU VB 138 74.38 -44.44 86.65
N ASP VB 139 74.06 -45.73 86.55
CA ASP VB 139 73.85 -46.50 87.75
C ASP VB 139 75.08 -46.35 88.64
N GLY VB 140 76.24 -46.50 88.03
CA GLY VB 140 77.47 -46.40 88.78
C GLY VB 140 77.67 -45.05 89.45
N ILE VB 141 76.86 -44.07 89.08
CA ILE VB 141 77.00 -42.74 89.67
C ILE VB 141 75.94 -42.48 90.72
N LYS VB 142 74.80 -43.14 90.58
CA LYS VB 142 73.73 -42.96 91.53
C LYS VB 142 73.91 -43.95 92.68
N GLY VB 143 74.36 -45.17 92.29
CA GLY VB 143 74.86 -46.10 93.24
C GLY VB 143 73.69 -46.46 94.05
N HIS VB 144 72.56 -46.67 93.34
CA HIS VB 144 71.43 -47.39 93.83
C HIS VB 144 71.53 -48.74 93.20
N HIS VB 145 72.56 -49.48 93.64
CA HIS VB 145 72.61 -50.90 93.64
C HIS VB 145 72.08 -51.17 95.02
N HIS WB 20 101.34 -11.07 74.79
CA HIS WB 20 100.00 -10.99 75.44
C HIS WB 20 99.00 -11.74 74.64
N GLU WB 21 98.35 -11.07 73.68
CA GLU WB 21 97.52 -11.89 72.87
C GLU WB 21 98.44 -12.74 72.06
N HIS WB 22 99.44 -12.09 71.46
CA HIS WB 22 100.07 -12.64 70.31
C HIS WB 22 100.62 -13.99 70.67
N CYS WB 23 101.24 -14.05 71.87
CA CYS WB 23 101.56 -15.27 72.53
C CYS WB 23 100.25 -15.79 73.03
N CYS WB 24 99.66 -16.60 72.16
CA CYS WB 24 99.37 -17.98 72.33
C CYS WB 24 98.27 -18.04 71.38
N SER WB 25 98.67 -18.26 70.13
CA SER WB 25 97.89 -17.51 69.23
C SER WB 25 96.74 -18.34 68.86
N GLU WB 26 95.86 -17.74 68.04
CA GLU WB 26 94.93 -18.56 67.27
C GLU WB 26 95.67 -19.62 66.44
N GLU WB 27 96.61 -19.17 65.60
CA GLU WB 27 97.35 -20.13 64.81
C GLU WB 27 98.05 -21.10 65.76
N ASP WB 28 98.74 -20.57 66.75
CA ASP WB 28 99.44 -21.39 67.70
C ASP WB 28 98.61 -22.57 68.15
N HIS WB 29 97.51 -22.31 68.84
CA HIS WB 29 96.70 -23.41 69.31
C HIS WB 29 95.98 -24.14 68.19
N ARG WB 30 95.60 -23.46 67.13
CA ARG WB 30 94.93 -24.16 66.05
C ARG WB 30 95.88 -25.34 65.71
N ILE WB 31 97.17 -25.08 65.79
CA ILE WB 31 98.19 -26.08 65.49
C ILE WB 31 98.14 -27.14 66.55
N VAL WB 32 98.35 -26.73 67.80
CA VAL WB 32 98.34 -27.67 68.90
C VAL WB 32 97.15 -28.60 68.75
N GLN WB 33 95.96 -28.03 68.65
CA GLN WB 33 94.77 -28.83 68.53
C GLN WB 33 94.88 -29.86 67.43
N LYS WB 34 95.32 -29.42 66.25
CA LYS WB 34 95.44 -30.33 65.13
C LYS WB 34 96.38 -31.49 65.45
N GLN WB 35 97.54 -31.16 66.00
CA GLN WB 35 98.54 -32.16 66.31
C GLN WB 35 98.13 -33.10 67.43
N TRP WB 36 97.37 -32.59 68.37
CA TRP WB 36 96.96 -33.41 69.51
C TRP WB 36 95.92 -34.40 69.05
N ASP WB 37 95.32 -34.13 67.90
CA ASP WB 37 94.30 -35.02 67.39
C ASP WB 37 94.87 -36.24 66.66
N ILE WB 38 96.09 -36.11 66.16
CA ILE WB 38 96.75 -37.22 65.47
C ILE WB 38 96.66 -38.44 66.38
N LEU WB 39 96.61 -38.20 67.69
CA LEU WB 39 96.54 -39.26 68.68
C LEU WB 39 95.26 -40.08 68.74
N TRP WB 40 94.12 -39.42 68.85
CA TRP WB 40 92.85 -40.11 68.96
C TRP WB 40 92.20 -40.58 67.67
N ARG WB 41 93.01 -40.98 66.70
CA ARG WB 41 92.46 -41.47 65.43
C ARG WB 41 91.87 -42.86 65.60
N ASP WB 42 92.48 -43.70 66.44
CA ASP WB 42 91.96 -45.04 66.67
C ASP WB 42 91.12 -45.13 67.94
N THR WB 43 90.07 -45.95 67.85
CA THR WB 43 89.12 -46.11 68.95
C THR WB 43 89.70 -46.51 70.31
N GLU WB 44 90.89 -47.08 70.33
CA GLU WB 44 91.46 -47.49 71.60
C GLU WB 44 92.18 -46.37 72.33
N SER WB 45 91.50 -45.22 72.44
CA SER WB 45 92.05 -44.05 73.10
C SER WB 45 92.44 -44.37 74.55
N SER WB 46 91.59 -45.14 75.22
CA SER WB 46 91.84 -45.52 76.61
C SER WB 46 93.24 -46.09 76.77
N LYS WB 47 93.54 -47.14 76.03
CA LYS WB 47 94.85 -47.78 76.10
C LYS WB 47 95.97 -46.75 75.96
N ILE WB 48 95.78 -45.81 75.05
CA ILE WB 48 96.77 -44.77 74.83
C ILE WB 48 96.78 -43.79 75.99
N LYS WB 49 95.73 -43.00 76.12
CA LYS WB 49 95.64 -42.02 77.19
C LYS WB 49 96.24 -42.57 78.47
N ILE WB 50 95.84 -43.79 78.85
CA ILE WB 50 96.35 -44.43 80.06
C ILE WB 50 97.85 -44.58 79.99
N GLY WB 51 98.30 -45.44 79.09
CA GLY WB 51 99.72 -45.66 78.92
C GLY WB 51 100.52 -44.37 78.94
N PHE WB 52 100.08 -43.41 78.14
CA PHE WB 52 100.78 -42.13 78.05
C PHE WB 52 100.74 -41.38 79.36
N GLY WB 53 99.54 -41.19 79.89
CA GLY WB 53 99.41 -40.47 81.15
C GLY WB 53 100.14 -41.19 82.26
N ARG WB 54 100.12 -42.51 82.20
CA ARG WB 54 100.77 -43.33 83.19
C ARG WB 54 102.21 -42.95 83.17
N LEU WB 55 102.82 -43.10 82.01
CA LEU WB 55 104.24 -42.78 81.83
C LEU WB 55 104.54 -41.36 82.29
N LEU WB 56 103.75 -40.40 81.84
CA LEU WB 56 103.97 -39.01 82.21
C LEU WB 56 104.05 -38.81 83.72
N LEU WB 57 103.12 -39.38 84.46
CA LEU WB 57 103.14 -39.22 85.91
C LEU WB 57 104.32 -39.97 86.52
N THR WB 58 104.57 -41.18 86.02
CA THR WB 58 105.69 -41.99 86.51
C THR WB 58 106.98 -41.19 86.40
N LYS WB 59 107.32 -40.79 85.18
CA LYS WB 59 108.52 -40.01 84.90
C LYS WB 59 108.56 -38.75 85.77
N LEU WB 60 107.44 -38.38 86.37
CA LEU WB 60 107.44 -37.21 87.22
C LEU WB 60 107.94 -37.66 88.58
N ALA WB 61 107.33 -38.71 89.10
CA ALA WB 61 107.72 -39.26 90.40
C ALA WB 61 109.18 -39.69 90.37
N LYS WB 62 109.66 -40.02 89.18
CA LYS WB 62 111.04 -40.42 89.01
C LYS WB 62 111.98 -39.25 89.35
N ASP WB 63 111.70 -38.08 88.77
CA ASP WB 63 112.53 -36.88 88.98
C ASP WB 63 112.23 -36.16 90.27
N ILE WB 64 111.05 -36.36 90.82
CA ILE WB 64 110.69 -35.73 92.09
C ILE WB 64 109.79 -36.69 92.86
N PRO WB 65 110.38 -37.45 93.80
CA PRO WB 65 109.71 -38.44 94.64
C PRO WB 65 108.65 -37.94 95.63
N GLU WB 66 108.84 -36.74 96.15
CA GLU WB 66 107.85 -36.23 97.11
C GLU WB 66 106.48 -36.27 96.47
N VAL WB 67 106.43 -36.63 95.20
CA VAL WB 67 105.20 -36.74 94.42
C VAL WB 67 104.52 -38.06 94.75
N ASN WB 68 105.32 -39.13 94.76
CA ASN WB 68 104.80 -40.46 95.06
C ASN WB 68 103.81 -40.46 96.22
N ASP WB 69 104.05 -39.58 97.20
CA ASP WB 69 103.16 -39.49 98.36
C ASP WB 69 101.86 -38.80 98.05
N LEU WB 70 101.88 -37.91 97.07
CA LEU WB 70 100.69 -37.19 96.70
C LEU WB 70 99.73 -38.10 95.96
N PHE WB 71 100.30 -38.88 95.04
CA PHE WB 71 99.53 -39.83 94.23
C PHE WB 71 99.34 -41.15 94.95
N LYS WB 72 99.67 -41.16 96.23
CA LYS WB 72 99.52 -42.35 97.06
C LYS WB 72 98.05 -42.73 97.08
N ARG WB 73 97.22 -41.71 97.27
CA ARG WB 73 95.77 -41.85 97.35
C ARG WB 73 95.19 -42.62 96.18
N VAL WB 74 95.84 -42.55 95.02
CA VAL WB 74 95.36 -43.24 93.83
C VAL WB 74 96.19 -44.46 93.48
N ASP WB 75 96.84 -45.02 94.49
CA ASP WB 75 97.64 -46.22 94.33
C ASP WB 75 98.61 -46.10 93.15
N ILE WB 76 99.43 -45.05 93.18
CA ILE WB 76 100.41 -44.83 92.12
C ILE WB 76 101.44 -45.94 92.21
N GLU WB 77 101.49 -46.59 93.36
CA GLU WB 77 102.42 -47.68 93.59
C GLU WB 77 102.20 -48.77 92.54
N HIS WB 78 100.95 -48.96 92.14
CA HIS WB 78 100.61 -49.94 91.12
C HIS WB 78 100.26 -49.21 89.83
N ALA WB 79 101.26 -48.89 89.03
CA ALA WB 79 101.05 -48.18 87.79
C ALA WB 79 99.92 -48.76 86.93
N GLU WB 80 99.91 -50.09 86.78
CA GLU WB 80 98.91 -50.78 85.98
C GLU WB 80 97.61 -51.05 86.75
N GLY WB 81 97.64 -50.72 88.04
CA GLY WB 81 96.47 -50.91 88.88
C GLY WB 81 95.33 -50.01 88.46
N PRO WB 82 94.13 -50.56 88.26
CA PRO WB 82 92.99 -49.76 87.87
C PRO WB 82 92.90 -48.44 88.64
N LYS WB 83 93.10 -48.50 89.96
CA LYS WB 83 93.05 -47.30 90.78
C LYS WB 83 93.79 -46.15 90.11
N PHE WB 84 95.02 -46.42 89.69
CA PHE WB 84 95.86 -45.42 89.05
C PHE WB 84 95.47 -45.23 87.57
N SER WB 85 95.23 -46.32 86.86
CA SER WB 85 94.87 -46.22 85.47
C SER WB 85 93.71 -45.25 85.30
N ALA WB 86 92.74 -45.34 86.20
CA ALA WB 86 91.60 -44.45 86.13
C ALA WB 86 92.15 -43.05 86.22
N HIS WB 87 92.92 -42.79 87.27
CA HIS WB 87 93.54 -41.48 87.47
C HIS WB 87 94.26 -41.02 86.23
N ALA WB 88 95.13 -41.87 85.69
CA ALA WB 88 95.87 -41.55 84.49
C ALA WB 88 94.93 -40.91 83.48
N LEU WB 89 93.74 -41.47 83.33
CA LEU WB 89 92.76 -40.91 82.41
C LEU WB 89 92.35 -39.53 82.87
N ARG WB 90 91.68 -39.46 84.01
CA ARG WB 90 91.22 -38.18 84.55
C ARG WB 90 92.18 -37.02 84.25
N ILE WB 91 93.44 -37.16 84.62
CA ILE WB 91 94.40 -36.11 84.37
C ILE WB 91 94.60 -35.89 82.89
N LEU WB 92 95.11 -36.92 82.22
CA LEU WB 92 95.36 -36.87 80.78
C LEU WB 92 94.13 -36.31 80.08
N ASN WB 93 92.95 -36.73 80.52
CA ASN WB 93 91.69 -36.29 79.94
C ASN WB 93 91.42 -34.83 80.28
N GLY WB 94 91.97 -34.37 81.39
CA GLY WB 94 91.78 -32.98 81.78
C GLY WB 94 92.59 -32.12 80.83
N LEU WB 95 93.80 -32.57 80.54
CA LEU WB 95 94.65 -31.86 79.62
C LEU WB 95 93.90 -31.74 78.30
N ASP WB 96 93.17 -32.80 77.94
CA ASP WB 96 92.37 -32.78 76.69
C ASP WB 96 91.42 -31.60 76.77
N LEU WB 97 90.58 -31.60 77.80
CA LEU WB 97 89.64 -30.50 78.01
C LEU WB 97 90.34 -29.17 77.81
N ALA WB 98 91.46 -28.96 78.48
CA ALA WB 98 92.19 -27.71 78.35
C ALA WB 98 92.43 -27.40 76.89
N ILE WB 99 93.08 -28.33 76.19
CA ILE WB 99 93.39 -28.15 74.79
C ILE WB 99 92.14 -27.88 73.95
N ASN WB 100 91.11 -28.70 74.12
CA ASN WB 100 89.89 -28.52 73.36
C ASN WB 100 89.09 -27.25 73.66
N LEU WB 101 89.49 -26.49 74.66
CA LEU WB 101 88.80 -25.26 74.96
C LEU WB 101 89.69 -24.08 74.63
N LEU WB 102 90.83 -24.36 74.02
CA LEU WB 102 91.78 -23.32 73.68
C LEU WB 102 91.15 -22.27 72.80
N ASP WB 103 90.11 -22.65 72.05
CA ASP WB 103 89.47 -21.68 71.19
C ASP WB 103 88.19 -21.14 71.83
N ASP WB 104 88.33 -20.54 73.00
CA ASP WB 104 87.22 -19.94 73.76
C ASP WB 104 87.82 -19.56 75.12
N PRO WB 105 88.74 -18.60 75.12
CA PRO WB 105 89.41 -18.12 76.32
C PRO WB 105 88.59 -18.06 77.61
N PRO WB 106 87.42 -17.41 77.57
CA PRO WB 106 86.60 -17.33 78.79
C PRO WB 106 86.26 -18.70 79.38
N ALA WB 107 85.86 -19.63 78.50
CA ALA WB 107 85.51 -20.98 78.91
C ALA WB 107 86.76 -21.66 79.42
N LEU WB 108 87.77 -21.69 78.58
CA LEU WB 108 89.03 -22.31 78.97
C LEU WB 108 89.46 -21.78 80.32
N ASP WB 109 89.40 -20.46 80.46
CA ASP WB 109 89.78 -19.82 81.70
C ASP WB 109 89.04 -20.53 82.83
N ALA WB 110 87.72 -20.39 82.83
CA ALA WB 110 86.90 -21.02 83.84
C ALA WB 110 87.29 -22.47 84.05
N ALA WB 111 87.38 -23.22 82.96
CA ALA WB 111 87.73 -24.63 83.02
C ALA WB 111 89.00 -24.89 83.79
N LEU WB 112 89.99 -24.03 83.58
CA LEU WB 112 91.28 -24.16 84.24
C LEU WB 112 91.23 -23.70 85.69
N ASP WB 113 90.59 -22.56 85.93
CA ASP WB 113 90.47 -22.03 87.30
C ASP WB 113 89.96 -23.17 88.18
N HIS WB 114 88.94 -23.86 87.67
CA HIS WB 114 88.34 -24.97 88.38
C HIS WB 114 89.44 -25.97 88.70
N LEU WB 115 90.30 -26.26 87.73
CA LEU WB 115 91.38 -27.21 87.96
C LEU WB 115 92.32 -26.70 89.02
N ALA WB 116 92.44 -25.39 89.13
CA ALA WB 116 93.31 -24.80 90.13
C ALA WB 116 92.82 -25.21 91.51
N HIS WB 117 91.54 -24.93 91.76
CA HIS WB 117 90.91 -25.26 93.02
C HIS WB 117 91.05 -26.74 93.35
N GLN WB 118 90.93 -27.62 92.36
CA GLN WB 118 91.02 -29.06 92.60
C GLN WB 118 92.42 -29.46 93.02
N HIS WB 119 93.37 -28.55 92.81
CA HIS WB 119 94.74 -28.82 93.17
C HIS WB 119 95.14 -28.02 94.41
N GLU WB 120 94.43 -26.92 94.64
CA GLU WB 120 94.71 -26.08 95.81
C GLU WB 120 94.53 -26.85 97.12
N VAL WB 121 93.42 -27.56 97.23
CA VAL WB 121 93.11 -28.33 98.44
C VAL WB 121 93.89 -29.64 98.56
N ARG WB 122 94.87 -29.84 97.68
CA ARG WB 122 95.68 -31.05 97.73
C ARG WB 122 97.06 -30.60 98.19
N GLU WB 123 97.26 -30.50 99.50
CA GLU WB 123 98.54 -30.03 100.03
C GLU WB 123 99.68 -30.98 99.64
N GLY WB 124 100.86 -30.39 99.42
CA GLY WB 124 102.01 -31.17 99.02
C GLY WB 124 102.38 -30.82 97.59
N VAL WB 125 101.38 -30.45 96.82
CA VAL WB 125 101.54 -30.08 95.43
C VAL WB 125 102.05 -28.65 95.34
N GLN WB 126 103.29 -28.48 94.90
CA GLN WB 126 103.89 -27.16 94.76
C GLN WB 126 104.18 -26.82 93.31
N LYS WB 127 104.32 -25.53 93.02
CA LYS WB 127 104.59 -25.07 91.66
C LYS WB 127 105.70 -25.82 90.94
N ALA WB 128 106.87 -25.91 91.57
CA ALA WB 128 108.01 -26.60 90.96
C ALA WB 128 107.61 -27.92 90.31
N HIS WB 129 106.54 -28.53 90.81
CA HIS WB 129 106.06 -29.80 90.27
C HIS WB 129 105.58 -29.62 88.84
N PHE WB 130 104.73 -28.62 88.62
CA PHE WB 130 104.22 -28.33 87.30
C PHE WB 130 105.33 -27.97 86.36
N LYS WB 131 106.20 -27.06 86.77
CA LYS WB 131 107.31 -26.67 85.91
C LYS WB 131 107.99 -27.93 85.36
N LYS WB 132 108.24 -28.91 86.24
CA LYS WB 132 108.87 -30.15 85.83
C LYS WB 132 107.97 -30.94 84.91
N PHE WB 133 106.72 -31.13 85.31
CA PHE WB 133 105.76 -31.88 84.51
C PHE WB 133 105.71 -31.29 83.10
N GLY WB 134 105.83 -29.98 83.03
CA GLY WB 134 105.81 -29.31 81.74
C GLY WB 134 106.97 -29.76 80.88
N GLU WB 135 108.17 -29.71 81.45
CA GLU WB 135 109.37 -30.12 80.74
C GLU WB 135 109.23 -31.56 80.29
N ILE WB 136 108.63 -32.39 81.12
CA ILE WB 136 108.45 -33.80 80.81
C ILE WB 136 107.48 -33.97 79.66
N LEU WB 137 106.37 -33.27 79.76
CA LEU WB 137 105.33 -33.32 78.75
C LEU WB 137 105.86 -32.88 77.40
N ALA WB 138 106.73 -31.88 77.43
CA ALA WB 138 107.32 -31.33 76.23
C ALA WB 138 108.31 -32.29 75.60
N THR WB 139 108.89 -33.19 76.40
CA THR WB 139 109.86 -34.13 75.87
C THR WB 139 109.14 -35.39 75.44
N GLY WB 140 107.94 -35.58 75.97
CA GLY WB 140 107.18 -36.76 75.64
C GLY WB 140 106.34 -36.66 74.39
N LEU WB 141 105.54 -35.61 74.29
CA LEU WB 141 104.68 -35.45 73.12
C LEU WB 141 105.35 -35.77 71.79
N PRO WB 142 106.46 -35.10 71.49
CA PRO WB 142 107.19 -35.34 70.25
C PRO WB 142 107.63 -36.76 70.02
N GLN WB 143 107.38 -37.63 70.99
CA GLN WB 143 107.77 -39.03 70.87
C GLN WB 143 106.63 -39.87 70.33
N VAL WB 144 105.41 -39.35 70.46
CA VAL WB 144 104.24 -40.06 69.97
C VAL WB 144 103.63 -39.36 68.77
N LEU WB 145 103.94 -38.09 68.60
CA LEU WB 145 103.42 -37.33 67.48
C LEU WB 145 104.53 -37.07 66.48
N ASP WB 146 104.35 -37.52 65.25
CA ASP WB 146 105.39 -37.31 64.25
C ASP WB 146 105.46 -35.83 63.88
N ASP WB 147 104.31 -35.16 63.89
CA ASP WB 147 104.28 -33.74 63.57
C ASP WB 147 104.07 -32.97 64.85
N TYR WB 148 105.13 -32.31 65.33
CA TYR WB 148 105.10 -31.55 66.57
C TYR WB 148 105.75 -30.20 66.35
N ASP WB 149 105.10 -29.15 66.82
CA ASP WB 149 105.65 -27.81 66.70
C ASP WB 149 105.99 -27.30 68.09
N ALA WB 150 107.18 -27.65 68.56
CA ALA WB 150 107.64 -27.26 69.89
C ALA WB 150 107.26 -25.86 70.31
N LEU WB 151 107.50 -24.89 69.43
CA LEU WB 151 107.19 -23.50 69.74
C LEU WB 151 105.72 -23.27 70.10
N ALA WB 152 104.82 -23.73 69.24
CA ALA WB 152 103.41 -23.57 69.48
C ALA WB 152 103.03 -24.23 70.81
N TRP WB 153 103.36 -25.50 70.95
CA TRP WB 153 103.03 -26.23 72.16
C TRP WB 153 103.53 -25.58 73.43
N LYS WB 154 104.84 -25.34 73.51
CA LYS WB 154 105.40 -24.73 74.71
C LYS WB 154 104.58 -23.48 75.08
N SER WB 155 104.29 -22.66 74.09
CA SER WB 155 103.51 -21.45 74.31
C SER WB 155 102.19 -21.75 75.01
N CYS WB 156 101.45 -22.71 74.48
CA CYS WB 156 100.16 -23.06 75.05
C CYS WB 156 100.26 -23.83 76.35
N LEU WB 157 101.09 -24.87 76.39
CA LEU WB 157 101.22 -25.65 77.60
C LEU WB 157 101.55 -24.75 78.77
N LYS WB 158 102.38 -23.74 78.54
CA LYS WB 158 102.77 -22.81 79.59
C LYS WB 158 101.52 -22.15 80.16
N GLY WB 159 100.77 -21.47 79.30
CA GLY WB 159 99.56 -20.82 79.74
C GLY WB 159 98.66 -21.73 80.55
N ILE WB 160 98.54 -22.99 80.13
CA ILE WB 160 97.69 -23.94 80.82
C ILE WB 160 98.25 -24.32 82.18
N LEU WB 161 99.42 -24.92 82.19
CA LEU WB 161 100.06 -25.33 83.43
C LEU WB 161 100.06 -24.20 84.45
N THR WB 162 100.39 -23.00 84.03
CA THR WB 162 100.44 -21.86 84.93
C THR WB 162 99.08 -21.60 85.60
N LYS WB 163 98.06 -21.35 84.78
CA LYS WB 163 96.74 -21.09 85.30
C LYS WB 163 96.22 -22.19 86.21
N ILE WB 164 96.69 -23.42 86.01
CA ILE WB 164 96.24 -24.54 86.84
C ILE WB 164 96.86 -24.51 88.22
N SER WB 165 98.11 -24.11 88.30
CA SER WB 165 98.81 -24.10 89.57
C SER WB 165 98.81 -22.74 90.26
N SER WB 166 98.22 -21.71 89.59
CA SER WB 166 98.48 -20.38 90.10
C SER WB 166 97.94 -20.27 91.49
N ARG WB 167 96.63 -20.55 91.62
CA ARG WB 167 96.07 -20.98 92.88
C ARG WB 167 96.63 -22.36 93.03
N LEU WB 168 97.10 -22.73 94.23
CA LEU WB 168 98.34 -23.42 94.15
C LEU WB 168 98.38 -24.89 93.77
N GLU XB 19 113.36 -55.22 74.30
CA GLU XB 19 112.85 -55.15 72.93
C GLU XB 19 112.60 -53.76 72.49
N CYS XB 20 111.34 -53.47 72.14
CA CYS XB 20 110.98 -52.25 71.49
C CYS XB 20 110.81 -51.22 72.57
N LEU XB 21 110.55 -49.93 72.25
CA LEU XB 21 109.77 -49.27 73.27
C LEU XB 21 108.37 -49.24 72.78
N VAL XB 22 107.55 -48.90 73.75
CA VAL XB 22 106.15 -48.83 73.78
C VAL XB 22 105.74 -47.80 72.79
N THR XB 23 106.40 -46.64 72.87
CA THR XB 23 106.15 -45.64 71.85
C THR XB 23 106.76 -46.05 70.51
N GLU XB 24 108.04 -46.44 70.57
CA GLU XB 24 108.75 -46.86 69.36
C GLU XB 24 107.96 -47.90 68.58
N SER XB 25 106.97 -48.51 69.21
CA SER XB 25 106.15 -49.51 68.55
C SER XB 25 104.97 -48.80 67.90
N LEU XB 26 104.14 -48.19 68.74
CA LEU XB 26 102.96 -47.47 68.29
C LEU XB 26 103.30 -46.66 67.06
N LYS XB 27 104.49 -46.08 67.07
CA LYS XB 27 104.95 -45.27 65.96
C LYS XB 27 104.98 -46.14 64.72
N VAL XB 28 105.55 -47.32 64.83
CA VAL XB 28 105.63 -48.22 63.69
C VAL XB 28 104.27 -48.73 63.36
N LYS XB 29 103.53 -49.17 64.37
CA LYS XB 29 102.19 -49.71 64.15
C LYS XB 29 101.38 -48.72 63.33
N LEU XB 30 101.54 -47.45 63.68
CA LEU XB 30 100.84 -46.36 63.01
C LEU XB 30 101.35 -46.12 61.59
N GLN XB 31 102.64 -45.88 61.43
CA GLN XB 31 103.21 -45.64 60.13
C GLN XB 31 102.98 -46.80 59.19
N TRP XB 32 103.03 -48.02 59.71
CA TRP XB 32 102.82 -49.20 58.87
C TRP XB 32 101.48 -49.04 58.20
N ALA XB 33 100.50 -48.57 58.96
CA ALA XB 33 99.17 -48.36 58.44
C ALA XB 33 99.17 -47.52 57.16
N SER XB 34 99.63 -46.28 57.28
CA SER XB 34 99.68 -45.38 56.15
C SER XB 34 100.46 -45.93 54.97
N ALA XB 35 101.63 -46.47 55.25
CA ALA XB 35 102.49 -47.01 54.20
C ALA XB 35 101.92 -48.22 53.46
N PHE XB 36 101.64 -49.27 54.21
CA PHE XB 36 101.12 -50.50 53.65
C PHE XB 36 99.88 -50.17 52.83
N GLY XB 37 98.85 -49.68 53.51
CA GLY XB 37 97.63 -49.33 52.80
C GLY XB 37 96.56 -50.38 52.79
N HIS XB 38 95.71 -50.33 51.77
CA HIS XB 38 94.63 -51.28 51.61
C HIS XB 38 94.44 -51.77 50.17
N ALA XB 39 93.90 -52.97 50.02
CA ALA XB 39 93.65 -53.57 48.72
C ALA XB 39 94.84 -53.49 47.78
N HIS XB 40 94.57 -53.11 46.54
CA HIS XB 40 95.60 -53.00 45.52
C HIS XB 40 96.84 -52.23 45.99
N GLU XB 41 96.63 -51.11 46.68
CA GLU XB 41 97.73 -50.28 47.18
C GLU XB 41 98.84 -51.14 47.79
N ARG XB 42 98.44 -52.30 48.32
CA ARG XB 42 99.36 -53.25 48.95
C ARG XB 42 100.14 -54.04 47.93
N VAL XB 43 99.43 -54.75 47.05
CA VAL XB 43 100.10 -55.54 46.03
C VAL XB 43 101.20 -54.70 45.41
N ALA XB 44 100.88 -53.42 45.18
CA ALA XB 44 101.81 -52.47 44.59
C ALA XB 44 103.04 -52.38 45.47
N PHE XB 45 102.80 -52.23 46.77
CA PHE XB 45 103.87 -52.15 47.75
C PHE XB 45 104.70 -53.42 47.67
N GLY XB 46 104.06 -54.54 47.94
CA GLY XB 46 104.77 -55.81 47.88
C GLY XB 46 105.63 -55.92 46.64
N LEU XB 47 105.02 -55.74 45.48
CA LEU XB 47 105.76 -55.83 44.22
C LEU XB 47 106.98 -54.94 44.23
N GLU XB 48 106.77 -53.64 44.42
CA GLU XB 48 107.89 -52.70 44.44
C GLU XB 48 109.00 -53.20 45.35
N LEU XB 49 108.63 -53.73 46.51
CA LEU XB 49 109.59 -54.24 47.48
C LEU XB 49 110.41 -55.37 46.94
N TRP XB 50 109.78 -56.50 46.64
CA TRP XB 50 110.49 -57.65 46.12
C TRP XB 50 111.31 -57.37 44.88
N ARG XB 51 110.84 -56.47 44.00
CA ARG XB 51 111.61 -56.16 42.81
C ARG XB 51 112.95 -55.61 43.24
N ASP XB 52 112.94 -54.54 44.02
CA ASP XB 52 114.18 -53.95 44.50
C ASP XB 52 115.08 -54.97 45.17
N ILE XB 53 114.49 -55.89 45.92
CA ILE XB 53 115.26 -56.93 46.61
C ILE XB 53 115.92 -57.90 45.65
N ILE XB 54 115.15 -58.45 44.72
CA ILE XB 54 115.69 -59.40 43.78
C ILE XB 54 116.71 -58.80 42.81
N ASP XB 55 116.58 -57.52 42.46
CA ASP XB 55 117.54 -56.92 41.55
C ASP XB 55 118.89 -56.76 42.25
N ASP XB 56 118.85 -56.52 43.55
CA ASP XB 56 120.04 -56.34 44.35
C ASP XB 56 120.74 -57.67 44.62
N HIS XB 57 119.98 -58.71 44.89
CA HIS XB 57 120.53 -60.03 45.17
C HIS XB 57 119.76 -61.15 44.45
N PRO XB 58 119.99 -61.32 43.15
CA PRO XB 58 119.31 -62.35 42.36
C PRO XB 58 119.45 -63.76 42.91
N GLU XB 59 120.27 -63.93 43.93
CA GLU XB 59 120.46 -65.26 44.51
C GLU XB 59 119.15 -65.75 45.11
N ILE XB 60 118.29 -64.81 45.45
CA ILE XB 60 117.02 -65.14 46.07
C ILE XB 60 116.01 -65.80 45.14
N LYS XB 61 116.08 -65.52 43.84
CA LYS XB 61 115.13 -66.13 42.92
C LYS XB 61 115.11 -67.64 43.08
N ALA XB 62 116.11 -68.16 43.77
CA ALA XB 62 116.24 -69.60 43.97
C ALA XB 62 115.14 -70.24 44.81
N PRO XB 63 115.09 -69.95 46.11
CA PRO XB 63 114.05 -70.56 46.96
C PRO XB 63 112.63 -70.17 46.58
N PHE XB 64 112.48 -69.07 45.86
CA PHE XB 64 111.18 -68.62 45.44
C PHE XB 64 110.77 -69.31 44.17
N SER XB 65 111.41 -70.44 43.90
CA SER XB 65 111.12 -71.22 42.70
C SER XB 65 109.71 -71.78 42.72
N ARG XB 66 109.23 -72.12 43.90
CA ARG XB 66 107.89 -72.69 44.05
C ARG XB 66 106.81 -71.67 43.71
N VAL XB 67 107.07 -70.40 44.03
CA VAL XB 67 106.14 -69.32 43.76
C VAL XB 67 106.61 -68.42 42.62
N ARG XB 68 106.90 -69.01 41.46
CA ARG XB 68 107.38 -68.28 40.28
C ARG XB 68 108.10 -66.98 40.65
N GLY XB 69 109.29 -67.11 41.22
CA GLY XB 69 110.06 -65.95 41.61
C GLY XB 69 110.77 -65.32 40.42
N ASP XB 70 110.78 -66.01 39.30
CA ASP XB 70 111.41 -65.47 38.11
C ASP XB 70 110.57 -64.29 37.59
N ASN XB 71 109.25 -64.46 37.64
CA ASN XB 71 108.32 -63.44 37.18
C ASN XB 71 107.54 -62.91 38.39
N ILE XB 72 108.06 -61.87 39.03
CA ILE XB 72 107.40 -61.31 40.21
C ILE XB 72 106.05 -60.68 39.92
N TYR XB 73 105.77 -60.42 38.66
CA TYR XB 73 104.50 -59.81 38.30
C TYR XB 73 103.39 -60.86 38.17
N SER XB 74 103.79 -62.12 38.15
CA SER XB 74 102.84 -63.22 38.02
C SER XB 74 101.92 -63.30 39.21
N PRO XB 75 100.75 -63.92 39.03
CA PRO XB 75 99.81 -64.04 40.13
C PRO XB 75 100.35 -64.99 41.19
N GLU XB 76 101.01 -66.05 40.73
CA GLU XB 76 101.58 -67.01 41.65
C GLU XB 76 102.46 -66.29 42.66
N PHE XB 77 103.40 -65.50 42.18
CA PHE XB 77 104.29 -64.76 43.06
C PHE XB 77 103.52 -63.67 43.79
N GLY XB 78 102.64 -62.98 43.07
CA GLY XB 78 101.85 -61.93 43.66
C GLY XB 78 101.19 -62.42 44.94
N ALA XB 79 100.59 -63.59 44.84
CA ALA XB 79 99.94 -64.19 45.97
C ALA XB 79 100.97 -64.23 47.09
N HIS XB 80 102.05 -64.95 46.85
CA HIS XB 80 103.14 -65.08 47.82
C HIS XB 80 103.43 -63.73 48.46
N SER XB 81 103.84 -62.80 47.61
CA SER XB 81 104.17 -61.45 48.03
C SER XB 81 103.23 -60.99 49.13
N GLN XB 82 101.94 -61.08 48.86
CA GLN XB 82 100.92 -60.67 49.80
C GLN XB 82 100.99 -61.46 51.11
N ARG XB 83 101.01 -62.79 51.00
CA ARG XB 83 101.07 -63.65 52.17
C ARG XB 83 102.16 -63.16 53.09
N VAL XB 84 103.31 -62.81 52.50
CA VAL XB 84 104.46 -62.33 53.23
C VAL XB 84 104.12 -61.08 54.00
N LEU XB 85 103.87 -60.02 53.25
CA LEU XB 85 103.52 -58.76 53.87
C LEU XB 85 102.51 -58.96 54.98
N SER XB 86 101.51 -59.80 54.75
CA SER XB 86 100.50 -60.05 55.75
C SER XB 86 101.12 -60.51 57.06
N GLY XB 87 102.01 -61.51 56.99
CA GLY XB 87 102.67 -62.00 58.18
C GLY XB 87 103.39 -60.87 58.86
N LEU XB 88 104.05 -60.04 58.06
CA LEU XB 88 104.77 -58.89 58.58
C LEU XB 88 103.76 -58.03 59.33
N ASP XB 89 102.57 -57.88 58.77
CA ASP XB 89 101.54 -57.09 59.41
C ASP XB 89 101.27 -57.65 60.79
N ILE XB 90 101.05 -58.96 60.84
CA ILE XB 90 100.79 -59.61 62.10
C ILE XB 90 101.86 -59.29 63.11
N THR XB 91 103.09 -59.70 62.81
CA THR XB 91 104.18 -59.43 63.71
C THR XB 91 104.12 -57.99 64.21
N ILE XB 92 104.08 -57.03 63.29
CA ILE XB 92 104.02 -55.63 63.70
C ILE XB 92 102.85 -55.33 64.62
N SER XB 93 101.69 -55.92 64.33
CA SER XB 93 100.59 -55.72 65.21
C SER XB 93 100.87 -56.39 66.51
N MET XB 94 101.62 -57.52 66.47
CA MET XB 94 101.70 -58.42 67.58
C MET XB 94 102.32 -57.69 68.71
N LEU XB 95 103.35 -56.92 68.34
CA LEU XB 95 104.55 -56.81 69.11
C LEU XB 95 104.30 -56.18 70.45
N ASP XB 96 103.35 -55.24 70.49
CA ASP XB 96 103.09 -54.40 71.62
C ASP XB 96 102.73 -55.27 72.76
N THR XB 97 101.85 -56.27 72.53
CA THR XB 97 101.47 -57.11 73.62
C THR XB 97 102.37 -58.29 73.54
N PRO XB 98 103.18 -58.40 74.54
CA PRO XB 98 104.28 -59.36 74.63
C PRO XB 98 103.91 -60.84 74.54
N ASP XB 99 102.86 -61.24 75.26
CA ASP XB 99 102.45 -62.64 75.24
C ASP XB 99 102.12 -63.17 73.85
N MET XB 100 101.54 -62.31 73.01
CA MET XB 100 101.18 -62.69 71.66
C MET XB 100 102.42 -62.67 70.76
N LEU XB 101 103.26 -61.66 70.92
CA LEU XB 101 104.46 -61.55 70.12
C LEU XB 101 105.37 -62.75 70.36
N ALA XB 102 105.71 -62.97 71.63
CA ALA XB 102 106.59 -64.07 72.01
C ALA XB 102 106.10 -65.35 71.36
N ALA XB 103 104.78 -65.53 71.34
CA ALA XB 103 104.18 -66.71 70.75
C ALA XB 103 104.31 -66.70 69.23
N GLN XB 104 103.87 -65.60 68.63
CA GLN XB 104 103.92 -65.43 67.19
C GLN XB 104 105.33 -65.60 66.68
N LEU XB 105 106.28 -64.94 67.35
CA LEU XB 105 107.67 -65.07 66.93
C LEU XB 105 108.10 -66.52 66.97
N ALA XB 106 107.84 -67.20 68.07
CA ALA XB 106 108.21 -68.60 68.19
C ALA XB 106 107.63 -69.39 67.03
N HIS XB 107 106.38 -69.09 66.68
CA HIS XB 107 105.69 -69.76 65.59
C HIS XB 107 106.42 -69.54 64.26
N LEU XB 108 106.92 -68.33 64.04
CA LEU XB 108 107.63 -68.01 62.80
C LEU XB 108 108.97 -68.70 62.75
N LYS XB 109 109.66 -68.76 63.88
CA LYS XB 109 110.97 -69.39 63.94
C LYS XB 109 110.90 -70.80 63.39
N VAL XB 110 109.84 -71.52 63.76
CA VAL XB 110 109.67 -72.88 63.30
C VAL XB 110 109.54 -72.97 61.78
N GLN XB 111 108.67 -72.15 61.20
CA GLN XB 111 108.48 -72.17 59.77
C GLN XB 111 109.76 -71.88 59.00
N HIS XB 112 110.80 -71.46 59.72
CA HIS XB 112 112.08 -71.13 59.10
C HIS XB 112 113.20 -72.10 59.40
N VAL XB 113 113.47 -72.33 60.68
CA VAL XB 113 114.53 -73.24 61.10
C VAL XB 113 114.68 -74.47 60.21
N GLU XB 114 113.55 -75.06 59.80
CA GLU XB 114 113.59 -76.35 59.17
C GLU XB 114 114.25 -76.26 57.83
N ARG XB 115 113.87 -75.25 57.03
CA ARG XB 115 114.42 -75.07 55.73
C ARG XB 115 115.75 -74.44 55.93
N ASN XB 116 116.74 -74.73 55.07
CA ASN XB 116 117.92 -73.95 55.28
C ASN XB 116 117.74 -72.64 54.61
N LEU XB 117 118.27 -71.59 55.25
CA LEU XB 117 118.22 -70.29 54.65
C LEU XB 117 119.43 -69.53 54.99
N LYS XB 118 119.60 -68.44 54.23
CA LYS XB 118 120.65 -67.53 54.51
C LYS XB 118 120.18 -66.50 55.46
N PRO XB 119 121.03 -66.35 56.42
CA PRO XB 119 120.79 -65.49 57.53
C PRO XB 119 120.74 -64.08 57.06
N GLU XB 120 121.69 -63.75 56.16
CA GLU XB 120 121.92 -62.40 55.65
C GLU XB 120 120.76 -61.94 54.75
N PHE XB 121 119.99 -62.89 54.21
CA PHE XB 121 118.86 -62.58 53.35
C PHE XB 121 117.91 -61.63 54.06
N PHE XB 122 117.63 -61.94 55.31
CA PHE XB 122 116.73 -61.13 56.11
C PHE XB 122 117.32 -59.75 56.32
N ASP XB 123 118.62 -59.69 56.58
CA ASP XB 123 119.27 -58.40 56.78
C ASP XB 123 119.05 -57.57 55.53
N ILE XB 124 118.92 -58.26 54.40
CA ILE XB 124 118.69 -57.61 53.10
C ILE XB 124 117.25 -57.14 53.04
N PHE XB 125 116.35 -58.08 53.28
CA PHE XB 125 114.93 -57.80 53.27
C PHE XB 125 114.68 -56.55 54.06
N LEU XB 126 115.20 -56.50 55.27
CA LEU XB 126 115.04 -55.33 56.14
C LEU XB 126 115.54 -54.06 55.49
N LYS XB 127 116.75 -54.13 54.93
CA LYS XB 127 117.34 -52.98 54.26
C LYS XB 127 116.32 -52.34 53.32
N HIS XB 128 115.74 -53.15 52.44
CA HIS XB 128 114.76 -52.65 51.50
C HIS XB 128 113.44 -52.24 52.10
N LEU XB 129 112.87 -53.09 52.96
CA LEU XB 129 111.61 -52.73 53.58
C LEU XB 129 111.67 -51.28 54.12
N LEU XB 130 112.83 -50.90 54.66
CA LEU XB 130 113.02 -49.56 55.20
C LEU XB 130 113.15 -48.58 54.05
N HIS XB 131 113.92 -48.96 53.04
CA HIS XB 131 114.12 -48.11 51.88
C HIS XB 131 112.77 -47.74 51.31
N VAL XB 132 111.92 -48.75 51.12
CA VAL XB 132 110.59 -48.54 50.55
C VAL XB 132 109.72 -47.67 51.45
N LEU XB 133 109.59 -48.06 52.72
CA LEU XB 133 108.77 -47.26 53.63
C LEU XB 133 109.28 -45.83 53.61
N GLY XB 134 110.60 -45.68 53.42
CA GLY XB 134 111.19 -44.37 53.34
C GLY XB 134 110.49 -43.54 52.27
N ASP XB 135 110.36 -44.11 51.08
CA ASP XB 135 109.70 -43.43 49.98
C ASP XB 135 108.27 -43.15 50.35
N ARG XB 136 107.53 -44.20 50.69
CA ARG XB 136 106.14 -44.07 51.05
C ARG XB 136 105.84 -43.01 52.12
N LEU XB 137 106.55 -43.09 53.23
CA LEU XB 137 106.32 -42.17 54.33
C LEU XB 137 106.98 -40.80 54.21
N GLY XB 138 108.09 -40.74 53.50
CA GLY XB 138 108.78 -39.47 53.34
C GLY XB 138 109.77 -39.16 54.44
N THR XB 139 109.84 -37.90 54.84
CA THR XB 139 110.78 -37.50 55.88
C THR XB 139 110.28 -37.79 57.30
N HIS XB 140 108.98 -37.99 57.42
CA HIS XB 140 108.38 -38.29 58.71
C HIS XB 140 108.80 -39.67 59.20
N PHE XB 141 109.10 -40.55 58.24
CA PHE XB 141 109.50 -41.92 58.52
C PHE XB 141 110.44 -42.02 59.69
N ASP XB 142 110.01 -42.65 60.79
CA ASP XB 142 110.86 -42.78 61.95
C ASP XB 142 111.78 -43.98 61.81
N PHE XB 143 112.85 -43.79 61.05
CA PHE XB 143 113.84 -44.81 60.80
C PHE XB 143 114.21 -45.48 62.11
N GLY XB 144 114.65 -44.69 63.07
CA GLY XB 144 115.04 -45.23 64.35
C GLY XB 144 114.06 -46.26 64.85
N ALA XB 145 112.83 -45.84 65.07
CA ALA XB 145 111.81 -46.72 65.57
C ALA XB 145 111.70 -48.00 64.76
N TRP XB 146 111.67 -47.89 63.45
CA TRP XB 146 111.55 -49.08 62.62
C TRP XB 146 112.73 -50.01 62.78
N HIS XB 147 113.93 -49.49 62.54
CA HIS XB 147 115.13 -50.30 62.66
C HIS XB 147 115.13 -51.06 63.98
N ASP XB 148 115.00 -50.35 65.08
CA ASP XB 148 114.98 -50.98 66.40
C ASP XB 148 113.87 -52.01 66.49
N CYS XB 149 112.72 -51.70 65.91
CA CYS XB 149 111.57 -52.58 65.99
C CYS XB 149 111.43 -53.74 65.00
N VAL XB 150 111.58 -53.48 63.70
CA VAL XB 150 111.47 -54.54 62.74
C VAL XB 150 112.60 -55.51 62.92
N ASP XB 151 113.75 -55.00 63.33
CA ASP XB 151 114.92 -55.84 63.55
C ASP XB 151 114.51 -57.00 64.46
N GLN XB 152 114.02 -56.65 65.64
CA GLN XB 152 113.59 -57.63 66.62
C GLN XB 152 112.72 -58.71 65.98
N ILE XB 153 111.94 -58.34 64.98
CA ILE XB 153 111.06 -59.29 64.31
C ILE XB 153 111.84 -60.21 63.42
N ILE XB 154 112.91 -59.71 62.82
CA ILE XB 154 113.72 -60.53 61.94
C ILE XB 154 114.51 -61.55 62.71
N ASP XB 155 115.25 -61.10 63.72
CA ASP XB 155 116.05 -62.02 64.50
C ASP XB 155 115.23 -63.22 64.99
N GLY XB 156 113.99 -62.99 65.45
CA GLY XB 156 113.26 -64.06 66.07
C GLY XB 156 112.98 -65.04 64.99
N ILE XB 157 112.69 -64.51 63.80
CA ILE XB 157 112.33 -65.41 62.74
C ILE XB 157 113.53 -66.22 62.41
N LYS XB 158 114.70 -65.55 62.31
CA LYS XB 158 115.86 -66.18 61.75
C LYS XB 158 116.44 -67.21 62.72
N ASP YB 5 113.98 -19.76 6.01
CA ASP YB 5 113.62 -19.00 7.22
C ASP YB 5 113.10 -19.93 8.24
N CYS YB 6 112.67 -19.40 9.38
CA CYS YB 6 112.35 -20.35 10.36
C CYS YB 6 110.90 -20.56 10.28
N CYS YB 7 110.47 -21.66 10.86
CA CYS YB 7 109.16 -22.14 10.61
C CYS YB 7 108.34 -21.59 11.73
N SER YB 8 107.06 -21.31 11.44
CA SER YB 8 106.12 -20.81 12.40
C SER YB 8 105.75 -21.95 13.30
N TYR YB 9 105.50 -21.63 14.60
CA TYR YB 9 105.24 -22.56 15.69
C TYR YB 9 103.87 -23.15 15.46
N GLU YB 10 102.92 -22.34 15.02
CA GLU YB 10 101.58 -22.83 14.77
C GLU YB 10 101.65 -23.92 13.72
N ASP YB 11 102.37 -23.64 12.65
CA ASP YB 11 102.51 -24.61 11.57
C ASP YB 11 103.09 -25.90 12.09
N ARG YB 12 104.09 -25.81 12.94
CA ARG YB 12 104.66 -27.01 13.50
C ARG YB 12 103.55 -27.81 14.17
N ARG YB 13 102.78 -27.14 15.02
CA ARG YB 13 101.68 -27.78 15.71
C ARG YB 13 100.74 -28.42 14.70
N GLU YB 14 100.45 -27.71 13.62
CA GLU YB 14 99.57 -28.24 12.58
C GLU YB 14 100.09 -29.59 12.10
N ILE YB 15 101.36 -29.61 11.74
CA ILE YB 15 101.98 -30.83 11.26
C ILE YB 15 102.04 -31.89 12.35
N ARG YB 16 102.52 -31.51 13.53
CA ARG YB 16 102.65 -32.45 14.64
C ARG YB 16 101.35 -33.19 14.83
N HIS YB 17 100.30 -32.67 14.21
CA HIS YB 17 98.98 -33.29 14.28
C HIS YB 17 98.70 -34.04 12.98
N ILE YB 18 98.84 -33.34 11.86
CA ILE YB 18 98.62 -33.96 10.56
C ILE YB 18 99.34 -35.31 10.50
N TRP YB 19 100.54 -35.36 11.02
CA TRP YB 19 101.31 -36.58 11.00
C TRP YB 19 100.61 -37.68 11.81
N ASP YB 20 100.20 -37.34 13.03
CA ASP YB 20 99.53 -38.32 13.89
C ASP YB 20 98.36 -39.00 13.20
N ASP YB 21 98.02 -38.56 11.99
CA ASP YB 21 96.90 -39.18 11.28
C ASP YB 21 97.42 -40.17 10.24
N VAL YB 22 98.62 -39.92 9.72
CA VAL YB 22 99.20 -40.84 8.73
C VAL YB 22 100.00 -41.91 9.46
N TRP YB 23 100.75 -41.52 10.51
CA TRP YB 23 101.56 -42.48 11.19
C TRP YB 23 100.62 -43.45 11.78
N SER YB 24 99.80 -42.92 12.71
CA SER YB 24 98.57 -43.57 13.03
C SER YB 24 98.90 -44.65 14.02
N SER YB 25 98.45 -45.90 13.76
CA SER YB 25 98.67 -47.00 14.65
C SER YB 25 100.10 -47.41 14.62
N SER YB 26 100.48 -48.31 15.55
CA SER YB 26 101.84 -48.72 15.77
C SER YB 26 102.19 -49.79 14.81
N PHE YB 27 101.23 -50.05 13.92
CA PHE YB 27 101.23 -51.10 12.96
C PHE YB 27 102.21 -50.84 11.89
N THR YB 28 102.87 -51.88 11.40
CA THR YB 28 103.50 -51.49 10.15
C THR YB 28 102.54 -51.25 8.98
N ASP YB 29 101.77 -52.26 8.63
CA ASP YB 29 100.82 -52.18 7.52
C ASP YB 29 100.52 -50.80 6.94
N ARG YB 30 99.90 -49.92 7.73
CA ARG YB 30 99.55 -48.59 7.25
C ARG YB 30 100.76 -47.76 6.81
N ARG YB 31 101.60 -47.38 7.76
CA ARG YB 31 102.77 -46.57 7.45
C ARG YB 31 103.49 -47.09 6.22
N VAL YB 32 103.57 -48.40 6.09
CA VAL YB 32 104.23 -49.00 4.95
C VAL YB 32 103.60 -48.54 3.64
N ALA YB 33 102.34 -48.92 3.44
CA ALA YB 33 101.63 -48.55 2.24
C ALA YB 33 101.79 -47.07 1.89
N ILE YB 34 101.77 -46.20 2.89
CA ILE YB 34 101.92 -44.78 2.64
C ILE YB 34 103.32 -44.43 2.16
N VAL YB 35 104.34 -44.74 2.96
CA VAL YB 35 105.72 -44.45 2.57
C VAL YB 35 106.01 -45.05 1.20
N ARG YB 36 105.46 -46.24 0.95
CA ARG YB 36 105.66 -46.90 -0.34
C ARG YB 36 105.03 -46.00 -1.38
N ALA YB 37 103.72 -45.79 -1.28
CA ALA YB 37 102.99 -44.94 -2.20
C ALA YB 37 103.74 -43.65 -2.46
N VAL YB 38 104.52 -43.20 -1.48
CA VAL YB 38 105.31 -41.98 -1.62
C VAL YB 38 106.45 -42.23 -2.59
N PHE YB 39 107.22 -43.28 -2.33
CA PHE YB 39 108.33 -43.63 -3.19
C PHE YB 39 107.89 -43.94 -4.63
N ASP YB 40 106.80 -44.69 -4.78
CA ASP YB 40 106.31 -45.01 -6.12
C ASP YB 40 106.15 -43.74 -6.92
N ASP YB 41 105.80 -42.64 -6.25
CA ASP YB 41 105.62 -41.35 -6.92
C ASP YB 41 106.97 -40.72 -7.18
N LEU YB 42 107.97 -41.08 -6.39
CA LEU YB 42 109.30 -40.53 -6.57
C LEU YB 42 109.91 -41.21 -7.76
N PHE YB 43 109.68 -42.52 -7.87
CA PHE YB 43 110.24 -43.29 -8.97
C PHE YB 43 109.53 -43.02 -10.29
N LYS YB 44 108.24 -42.74 -10.24
CA LYS YB 44 107.53 -42.48 -11.47
C LYS YB 44 107.97 -41.14 -12.06
N HIS YB 45 108.56 -40.29 -11.23
CA HIS YB 45 109.01 -38.97 -11.67
C HIS YB 45 110.52 -38.83 -11.84
N TYR YB 46 111.28 -39.50 -10.98
CA TYR YB 46 112.74 -39.49 -11.05
C TYR YB 46 113.18 -40.94 -11.04
N PRO YB 47 112.84 -41.69 -12.09
CA PRO YB 47 113.16 -43.11 -12.23
C PRO YB 47 114.61 -43.49 -11.94
N THR YB 48 115.51 -42.53 -12.15
CA THR YB 48 116.93 -42.75 -11.92
C THR YB 48 117.20 -43.25 -10.50
N SER YB 49 116.61 -42.58 -9.52
CA SER YB 49 116.76 -42.91 -8.12
C SER YB 49 116.48 -44.37 -7.79
N LYS YB 50 115.55 -44.98 -8.51
CA LYS YB 50 115.18 -46.37 -8.26
C LYS YB 50 116.40 -47.23 -7.99
N ALA YB 51 117.33 -47.25 -8.93
CA ALA YB 51 118.54 -48.04 -8.79
C ALA YB 51 119.23 -47.95 -7.42
N LEU YB 52 119.24 -46.76 -6.82
CA LEU YB 52 119.87 -46.53 -5.52
C LEU YB 52 119.53 -47.52 -4.41
N PHE YB 53 118.34 -48.12 -4.50
CA PHE YB 53 117.88 -49.04 -3.47
C PHE YB 53 117.98 -50.53 -3.80
N GLU YB 54 118.92 -50.91 -4.67
CA GLU YB 54 119.05 -52.32 -5.00
C GLU YB 54 119.60 -53.01 -3.77
N ARG YB 55 120.28 -52.23 -2.94
CA ARG YB 55 120.88 -52.75 -1.72
C ARG YB 55 119.82 -53.33 -0.78
N VAL YB 56 118.62 -52.77 -0.85
CA VAL YB 56 117.55 -53.22 0.01
C VAL YB 56 116.57 -54.08 -0.77
N LYS YB 57 116.91 -54.38 -2.02
CA LYS YB 57 116.08 -55.22 -2.87
C LYS YB 57 114.72 -54.63 -3.25
N ILE YB 58 114.73 -53.52 -3.98
CA ILE YB 58 113.47 -52.91 -4.40
C ILE YB 58 112.85 -53.74 -5.50
N ASP YB 59 113.64 -54.60 -6.14
CA ASP YB 59 113.15 -55.46 -7.21
C ASP YB 59 112.17 -56.47 -6.64
N GLU YB 60 112.19 -56.61 -5.32
CA GLU YB 60 111.28 -57.51 -4.61
C GLU YB 60 110.42 -56.65 -3.69
N PRO YB 61 109.41 -55.98 -4.25
CA PRO YB 61 108.53 -55.13 -3.46
C PRO YB 61 108.09 -55.69 -2.12
N GLU YB 62 107.54 -56.90 -2.12
CA GLU YB 62 107.07 -57.50 -0.88
C GLU YB 62 108.17 -58.23 -0.10
N SER YB 63 109.40 -58.09 -0.57
CA SER YB 63 110.56 -58.74 0.04
C SER YB 63 110.57 -58.80 1.56
N GLY YB 64 110.48 -57.64 2.18
CA GLY YB 64 110.55 -57.61 3.62
C GLY YB 64 111.89 -56.99 3.93
N GLU YB 65 112.89 -57.33 3.12
CA GLU YB 65 114.22 -56.75 3.30
C GLU YB 65 114.00 -55.29 2.93
N PHE YB 66 113.06 -55.08 2.01
CA PHE YB 66 112.68 -53.78 1.49
C PHE YB 66 111.59 -53.16 2.35
N LYS YB 67 110.58 -53.94 2.68
CA LYS YB 67 109.51 -53.41 3.51
C LYS YB 67 110.15 -52.79 4.74
N SER YB 68 110.98 -53.55 5.43
CA SER YB 68 111.64 -53.06 6.62
C SER YB 68 112.25 -51.71 6.31
N HIS YB 69 112.90 -51.61 5.15
CA HIS YB 69 113.50 -50.35 4.76
C HIS YB 69 112.47 -49.24 4.82
N LEU YB 70 111.42 -49.39 4.02
CA LEU YB 70 110.36 -48.41 3.99
C LEU YB 70 110.06 -47.93 5.40
N VAL YB 71 109.85 -48.88 6.29
CA VAL YB 71 109.57 -48.55 7.67
C VAL YB 71 110.66 -47.64 8.26
N ARG YB 72 111.92 -48.04 8.12
CA ARG YB 72 113.00 -47.23 8.65
C ARG YB 72 112.90 -45.82 8.15
N VAL YB 73 112.55 -45.65 6.89
CA VAL YB 73 112.41 -44.33 6.30
C VAL YB 73 111.28 -43.66 7.02
N ALA YB 74 110.14 -44.31 7.05
CA ALA YB 74 108.97 -43.78 7.73
C ALA YB 74 109.40 -43.35 9.12
N ASN YB 75 109.81 -44.30 9.93
CA ASN YB 75 110.23 -43.99 11.28
C ASN YB 75 111.25 -42.86 11.37
N GLY YB 76 112.13 -42.76 10.38
CA GLY YB 76 113.12 -41.69 10.42
C GLY YB 76 112.44 -40.35 10.29
N LEU YB 77 111.36 -40.32 9.54
CA LEU YB 77 110.59 -39.11 9.32
C LEU YB 77 109.84 -38.86 10.62
N LYS YB 78 109.22 -39.90 11.13
CA LYS YB 78 108.49 -39.81 12.38
C LYS YB 78 109.39 -39.16 13.42
N LEU YB 79 110.60 -39.69 13.57
CA LEU YB 79 111.56 -39.19 14.53
C LEU YB 79 111.79 -37.71 14.34
N LEU YB 80 111.84 -37.25 13.10
CA LEU YB 80 112.04 -35.84 12.83
C LEU YB 80 110.90 -35.03 13.40
N ILE YB 81 109.71 -35.28 12.87
CA ILE YB 81 108.51 -34.60 13.29
C ILE YB 81 108.39 -34.59 14.82
N ASN YB 82 108.55 -35.74 15.42
CA ASN YB 82 108.47 -35.85 16.87
C ASN YB 82 109.65 -35.18 17.58
N LEU YB 83 110.36 -34.32 16.87
CA LEU YB 83 111.50 -33.66 17.46
C LEU YB 83 111.31 -32.16 17.29
N LEU YB 84 110.31 -31.79 16.48
CA LEU YB 84 110.00 -30.38 16.20
C LEU YB 84 109.77 -29.52 17.44
N ASP YB 85 109.63 -30.15 18.61
CA ASP YB 85 109.43 -29.37 19.84
C ASP YB 85 110.74 -29.28 20.63
N ASP YB 86 111.76 -30.01 20.18
CA ASP YB 86 113.06 -29.97 20.85
C ASP YB 86 114.18 -29.43 19.98
N THR YB 87 113.84 -28.44 19.15
CA THR YB 87 114.78 -27.77 18.25
C THR YB 87 116.25 -28.20 18.28
N LEU YB 88 116.98 -27.83 19.31
CA LEU YB 88 118.38 -28.16 19.44
C LEU YB 88 118.77 -29.60 19.06
N VAL YB 89 117.97 -30.57 19.50
CA VAL YB 89 118.24 -31.97 19.20
C VAL YB 89 117.92 -32.20 17.74
N LEU YB 90 116.80 -31.66 17.30
CA LEU YB 90 116.39 -31.82 15.91
C LEU YB 90 117.53 -31.33 15.02
N GLN YB 91 118.05 -30.15 15.34
CA GLN YB 91 119.12 -29.54 14.56
C GLN YB 91 120.34 -30.44 14.42
N SER YB 92 120.58 -31.27 15.43
CA SER YB 92 121.71 -32.18 15.39
C SER YB 92 121.38 -33.43 14.61
N HIS YB 93 120.34 -34.15 15.01
CA HIS YB 93 119.96 -35.36 14.30
C HIS YB 93 119.70 -35.03 12.86
N LEU YB 94 119.27 -33.79 12.61
CA LEU YB 94 118.98 -33.40 11.26
C LEU YB 94 120.27 -33.45 10.47
N GLY YB 95 121.37 -33.12 11.14
CA GLY YB 95 122.66 -33.14 10.47
C GLY YB 95 123.06 -34.58 10.26
N HIS YB 96 123.03 -35.34 11.35
CA HIS YB 96 123.36 -36.75 11.32
C HIS YB 96 122.59 -37.43 10.19
N LEU YB 97 121.37 -36.98 9.95
CA LEU YB 97 120.54 -37.57 8.90
C LEU YB 97 121.08 -37.20 7.54
N ALA YB 98 121.79 -36.09 7.46
CA ALA YB 98 122.39 -35.66 6.21
C ALA YB 98 123.57 -36.58 5.93
N ASP YB 99 124.50 -36.63 6.88
CA ASP YB 99 125.69 -37.46 6.74
C ASP YB 99 125.36 -38.89 6.30
N GLN YB 100 124.24 -39.43 6.75
CA GLN YB 100 123.86 -40.78 6.38
C GLN YB 100 123.46 -40.86 4.93
N HIS YB 101 123.27 -39.71 4.30
CA HIS YB 101 122.89 -39.68 2.91
C HIS YB 101 124.01 -39.15 2.03
N ILE YB 102 124.97 -38.48 2.64
CA ILE YB 102 126.08 -37.96 1.86
C ILE YB 102 126.98 -39.11 1.52
N GLN YB 103 127.13 -40.05 2.46
CA GLN YB 103 127.97 -41.22 2.25
C GLN YB 103 127.27 -42.23 1.36
N ARG YB 104 126.05 -41.93 0.95
CA ARG YB 104 125.30 -42.81 0.06
C ARG YB 104 125.51 -42.25 -1.32
N LYS YB 105 126.51 -42.79 -2.00
CA LYS YB 105 126.88 -42.36 -3.35
C LYS YB 105 125.72 -42.45 -4.34
N GLY YB 106 125.40 -41.33 -4.98
CA GLY YB 106 124.33 -41.32 -5.96
C GLY YB 106 123.09 -40.53 -5.55
N VAL YB 107 123.07 -40.03 -4.31
CA VAL YB 107 121.94 -39.28 -3.82
C VAL YB 107 122.08 -37.80 -4.12
N THR YB 108 121.26 -37.30 -5.05
CA THR YB 108 121.30 -35.88 -5.46
C THR YB 108 120.47 -34.95 -4.58
N LYS YB 109 120.73 -33.65 -4.73
CA LYS YB 109 120.00 -32.65 -3.97
C LYS YB 109 118.61 -32.65 -4.57
N GLU YB 110 118.53 -33.06 -5.82
CA GLU YB 110 117.28 -33.10 -6.55
C GLU YB 110 116.33 -34.18 -6.06
N TYR YB 111 116.82 -35.41 -5.95
CA TYR YB 111 115.98 -36.50 -5.48
C TYR YB 111 115.20 -36.11 -4.25
N PHE YB 112 115.80 -35.32 -3.37
CA PHE YB 112 115.12 -34.89 -2.17
C PHE YB 112 113.97 -33.94 -2.51
N ARG YB 113 114.26 -32.91 -3.28
CA ARG YB 113 113.21 -31.97 -3.66
C ARG YB 113 112.12 -32.80 -4.32
N GLY YB 114 112.51 -33.95 -4.87
CA GLY YB 114 111.55 -34.82 -5.53
C GLY YB 114 110.63 -35.61 -4.60
N ILE YB 115 111.22 -36.13 -3.51
CA ILE YB 115 110.43 -36.91 -2.57
C ILE YB 115 109.55 -35.94 -1.82
N GLY YB 116 109.95 -34.67 -1.80
CA GLY YB 116 109.17 -33.67 -1.11
C GLY YB 116 107.86 -33.49 -1.85
N GLU YB 117 107.96 -33.44 -3.17
CA GLU YB 117 106.80 -33.29 -4.01
C GLU YB 117 105.95 -34.52 -3.78
N ALA YB 118 106.60 -35.67 -3.70
CA ALA YB 118 105.92 -36.94 -3.47
C ALA YB 118 104.89 -36.85 -2.32
N PHE YB 119 105.35 -36.59 -1.10
CA PHE YB 119 104.45 -36.48 0.03
C PHE YB 119 103.31 -35.52 -0.24
N ALA YB 120 103.67 -34.33 -0.71
CA ALA YB 120 102.69 -33.28 -1.02
C ALA YB 120 101.62 -33.73 -2.01
N ARG YB 121 101.80 -34.90 -2.60
CA ARG YB 121 100.85 -35.43 -3.57
C ARG YB 121 100.16 -36.66 -2.99
N VAL YB 122 100.87 -37.35 -2.08
CA VAL YB 122 100.33 -38.55 -1.46
C VAL YB 122 99.51 -38.23 -0.25
N LEU YB 123 100.14 -37.64 0.77
CA LEU YB 123 99.45 -37.31 2.00
C LEU YB 123 98.05 -36.75 1.81
N PRO YB 124 97.89 -35.71 0.99
CA PRO YB 124 96.55 -35.15 0.79
C PRO YB 124 95.51 -36.18 0.33
N GLN YB 125 95.95 -37.42 0.08
CA GLN YB 125 95.05 -38.48 -0.38
C GLN YB 125 94.79 -39.53 0.69
N VAL YB 126 95.72 -39.66 1.63
CA VAL YB 126 95.57 -40.65 2.70
C VAL YB 126 94.82 -40.12 3.90
N LEU YB 127 94.69 -38.80 3.98
CA LEU YB 127 93.97 -38.20 5.09
C LEU YB 127 93.38 -36.87 4.66
N SER YB 128 92.29 -36.48 5.30
CA SER YB 128 91.66 -35.22 4.96
C SER YB 128 92.15 -34.20 5.94
N CYS YB 129 91.88 -32.93 5.66
CA CYS YB 129 92.31 -31.84 6.54
C CYS YB 129 93.83 -31.78 6.57
N PHE YB 130 94.43 -31.76 5.38
CA PHE YB 130 95.88 -31.71 5.28
C PHE YB 130 96.28 -30.32 4.87
N ASN YB 131 97.03 -29.64 5.73
CA ASN YB 131 97.45 -28.28 5.41
C ASN YB 131 98.68 -28.31 4.53
N VAL YB 132 98.50 -28.76 3.28
CA VAL YB 132 99.60 -28.88 2.34
C VAL YB 132 100.66 -27.81 2.47
N ASP YB 133 100.25 -26.56 2.58
CA ASP YB 133 101.21 -25.46 2.70
C ASP YB 133 102.07 -25.61 3.95
N ALA YB 134 101.41 -25.68 5.10
CA ALA YB 134 102.13 -25.81 6.37
C ALA YB 134 103.11 -26.97 6.30
N TRP YB 135 102.64 -28.11 5.77
CA TRP YB 135 103.50 -29.27 5.66
C TRP YB 135 104.67 -28.84 4.81
N ASN YB 136 104.37 -28.47 3.56
CA ASN YB 136 105.41 -28.04 2.63
C ASN YB 136 106.43 -27.13 3.29
N ARG YB 137 105.98 -26.10 3.98
CA ARG YB 137 106.92 -25.20 4.62
C ARG YB 137 107.92 -25.91 5.53
N CYS YB 138 107.44 -26.55 6.60
CA CYS YB 138 108.33 -27.23 7.50
C CYS YB 138 109.04 -28.42 6.92
N PHE YB 139 108.51 -29.01 5.86
CA PHE YB 139 109.19 -30.15 5.27
C PHE YB 139 110.41 -29.62 4.55
N HIS YB 140 110.28 -28.47 3.89
CA HIS YB 140 111.39 -27.88 3.16
C HIS YB 140 112.52 -27.54 4.11
N ARG YB 141 112.19 -26.89 5.22
CA ARG YB 141 113.21 -26.53 6.19
C ARG YB 141 113.97 -27.81 6.58
N LEU YB 142 113.25 -28.90 6.77
CA LEU YB 142 113.89 -30.18 7.12
C LEU YB 142 114.78 -30.72 6.01
N VAL YB 143 114.25 -30.72 4.79
CA VAL YB 143 114.98 -31.21 3.62
C VAL YB 143 116.23 -30.39 3.38
N ALA YB 144 116.06 -29.07 3.26
CA ALA YB 144 117.17 -28.18 3.02
C ALA YB 144 118.39 -28.59 3.86
N ARG YB 145 118.22 -28.63 5.17
CA ARG YB 145 119.32 -28.98 6.03
C ARG YB 145 119.84 -30.38 5.79
N ILE YB 146 118.99 -31.30 5.36
CA ILE YB 146 119.44 -32.68 5.12
C ILE YB 146 120.33 -32.80 3.90
N ALA YB 147 119.92 -32.11 2.87
CA ALA YB 147 120.70 -32.05 1.69
C ALA YB 147 121.96 -31.51 2.18
N LYS YB 148 121.89 -30.55 3.14
CA LYS YB 148 122.43 -29.22 3.01
C LYS YB 148 123.91 -29.23 2.81
N ASP YB 149 124.60 -30.15 3.50
CA ASP YB 149 126.01 -30.46 3.46
C ASP YB 149 126.38 -30.96 2.13
N LEU YB 150 125.48 -31.84 1.66
CA LEU YB 150 125.72 -32.64 0.54
C LEU YB 150 125.96 -31.68 -0.52
N PRO YB 151 125.27 -30.61 -0.64
CA PRO YB 151 125.88 -29.95 -1.73
C PRO YB 151 126.50 -28.67 -1.28
N LYS ZB 1 78.50 -44.92 -9.69
CA LYS ZB 1 79.09 -43.57 -9.66
C LYS ZB 1 80.53 -43.81 -9.49
N LYS ZB 2 80.86 -43.94 -8.20
CA LYS ZB 2 82.18 -44.23 -7.77
C LYS ZB 2 82.19 -45.66 -7.41
N GLN ZB 3 83.19 -46.35 -7.97
CA GLN ZB 3 83.52 -47.72 -7.77
C GLN ZB 3 84.70 -47.59 -6.85
N CYS ZB 4 85.01 -48.60 -6.01
CA CYS ZB 4 85.73 -48.14 -4.88
C CYS ZB 4 87.13 -48.66 -4.89
N GLY ZB 5 87.98 -48.11 -3.99
CA GLY ZB 5 89.40 -48.25 -4.14
C GLY ZB 5 90.01 -48.22 -2.77
N VAL ZB 6 91.33 -48.52 -2.71
CA VAL ZB 6 92.04 -48.86 -1.51
C VAL ZB 6 91.97 -47.74 -0.53
N LEU ZB 7 92.47 -46.54 -0.96
CA LEU ZB 7 92.40 -45.42 -0.04
C LEU ZB 7 90.97 -45.09 0.40
N GLU ZB 8 90.10 -44.77 -0.57
CA GLU ZB 8 88.72 -44.43 -0.25
C GLU ZB 8 88.13 -45.45 0.68
N GLY ZB 9 88.68 -46.66 0.66
CA GLY ZB 9 88.21 -47.69 1.56
C GLY ZB 9 88.68 -47.34 2.96
N LEU ZB 10 89.99 -47.24 3.11
CA LEU ZB 10 90.59 -46.90 4.38
C LEU ZB 10 89.89 -45.72 5.02
N LYS ZB 11 89.54 -44.72 4.22
CA LYS ZB 11 88.86 -43.56 4.75
C LYS ZB 11 87.50 -43.95 5.32
N VAL ZB 12 86.65 -44.57 4.50
CA VAL ZB 12 85.35 -44.97 4.98
C VAL ZB 12 85.49 -45.90 6.17
N LYS ZB 13 86.36 -46.89 6.06
CA LYS ZB 13 86.57 -47.84 7.15
C LYS ZB 13 86.87 -47.14 8.47
N SER ZB 14 87.65 -46.06 8.39
CA SER ZB 14 88.01 -45.29 9.56
C SER ZB 14 86.84 -44.45 10.06
N GLU ZB 15 86.28 -43.64 9.16
CA GLU ZB 15 85.15 -42.78 9.50
C GLU ZB 15 83.99 -43.59 10.04
N TRP ZB 16 83.78 -44.77 9.48
CA TRP ZB 16 82.70 -45.61 9.95
C TRP ZB 16 82.97 -45.93 11.40
N GLY ZB 17 84.23 -46.16 11.73
CA GLY ZB 17 84.57 -46.48 13.10
C GLY ZB 17 84.02 -45.46 14.08
N ARG ZB 18 84.19 -44.19 13.72
CA ARG ZB 18 83.73 -43.10 14.55
C ARG ZB 18 82.21 -42.97 14.57
N ALA ZB 19 81.57 -43.07 13.40
CA ALA ZB 19 80.13 -42.94 13.30
C ALA ZB 19 79.36 -44.10 13.96
N TYR ZB 20 79.86 -45.31 13.78
CA TYR ZB 20 79.23 -46.49 14.34
C TYR ZB 20 79.20 -46.35 15.84
N GLY ZB 21 80.38 -46.21 16.44
CA GLY ZB 21 80.44 -46.07 17.87
C GLY ZB 21 79.96 -47.33 18.58
N SER ZB 22 79.46 -47.17 19.80
CA SER ZB 22 79.00 -48.33 20.58
C SER ZB 22 77.97 -47.98 21.63
N GLY ZB 23 77.49 -49.01 22.33
CA GLY ZB 23 76.49 -48.82 23.37
C GLY ZB 23 75.17 -48.24 22.90
N HIS ZB 24 74.80 -47.10 23.48
CA HIS ZB 24 73.56 -46.44 23.11
C HIS ZB 24 73.70 -45.71 21.79
N ASP ZB 25 74.81 -45.00 21.62
CA ASP ZB 25 75.04 -44.27 20.38
C ASP ZB 25 74.67 -45.20 19.24
N ARG ZB 26 75.03 -46.47 19.39
CA ARG ZB 26 74.75 -47.47 18.37
C ARG ZB 26 73.25 -47.72 18.26
N GLU ZB 27 72.66 -48.14 19.36
CA GLU ZB 27 71.22 -48.41 19.38
C GLU ZB 27 70.42 -47.25 18.74
N ALA ZB 28 70.99 -46.06 18.75
CA ALA ZB 28 70.32 -44.90 18.18
C ALA ZB 28 70.78 -44.74 16.74
N PHE ZB 29 72.08 -44.73 16.52
CA PHE ZB 29 72.64 -44.62 15.19
C PHE ZB 29 71.81 -45.47 14.25
N SER ZB 30 71.59 -46.73 14.62
CA SER ZB 30 70.79 -47.63 13.80
C SER ZB 30 69.34 -47.13 13.73
N GLN ZB 31 68.78 -46.83 14.89
CA GLN ZB 31 67.44 -46.28 14.96
C GLN ZB 31 67.28 -45.17 13.92
N ALA ZB 32 68.09 -44.12 14.05
CA ALA ZB 32 68.04 -42.98 13.17
C ALA ZB 32 68.04 -43.40 11.72
N ILE ZB 33 68.99 -44.26 11.37
CA ILE ZB 33 69.13 -44.75 10.01
C ILE ZB 33 67.85 -45.38 9.49
N TRP ZB 34 67.28 -46.31 10.24
CA TRP ZB 34 66.04 -46.94 9.80
C TRP ZB 34 64.90 -45.96 9.65
N ARG ZB 35 64.76 -45.04 10.60
CA ARG ZB 35 63.70 -44.06 10.52
C ARG ZB 35 63.83 -43.28 9.24
N ALA ZB 36 65.06 -42.93 8.89
CA ALA ZB 36 65.32 -42.19 7.67
C ALA ZB 36 64.98 -43.05 6.45
N THR ZB 37 65.26 -44.35 6.54
CA THR ZB 37 64.98 -45.25 5.42
C THR ZB 37 63.48 -45.35 5.21
N PHE ZB 38 62.78 -45.79 6.24
CA PHE ZB 38 61.33 -45.96 6.16
C PHE ZB 38 60.62 -44.67 5.78
N ALA ZB 39 61.15 -43.55 6.22
CA ALA ZB 39 60.53 -42.28 5.91
C ALA ZB 39 60.56 -42.04 4.42
N GLN ZB 40 61.62 -42.54 3.78
CA GLN ZB 40 61.78 -42.38 2.35
C GLN ZB 40 60.86 -43.30 1.57
N VAL ZB 41 60.88 -44.58 1.93
CA VAL ZB 41 60.04 -45.56 1.24
C VAL ZB 41 59.17 -46.34 2.21
N PRO ZB 42 58.08 -45.72 2.68
CA PRO ZB 42 57.20 -46.40 3.62
C PRO ZB 42 56.76 -47.77 3.11
N GLU ZB 43 56.78 -47.94 1.79
CA GLU ZB 43 56.39 -49.20 1.18
C GLU ZB 43 57.16 -50.37 1.78
N SER ZB 44 58.45 -50.15 2.01
CA SER ZB 44 59.35 -51.19 2.54
C SER ZB 44 59.03 -51.71 3.94
N ARG ZB 45 58.23 -50.99 4.72
CA ARG ZB 45 57.93 -51.48 6.05
C ARG ZB 45 57.35 -52.89 5.98
N SER ZB 46 56.62 -53.18 4.90
CA SER ZB 46 56.00 -54.49 4.73
C SER ZB 46 56.95 -55.68 4.76
N LEU ZB 47 58.20 -55.47 4.39
CA LEU ZB 47 59.18 -56.55 4.38
C LEU ZB 47 59.64 -56.98 5.76
N PHE ZB 48 59.64 -56.04 6.70
CA PHE ZB 48 60.07 -56.33 8.05
C PHE ZB 48 58.88 -56.55 8.96
N LYS ZB 49 57.80 -57.07 8.41
CA LYS ZB 49 56.61 -57.32 9.20
C LYS ZB 49 56.94 -58.41 10.22
N ARG ZB 50 57.89 -59.25 9.86
CA ARG ZB 50 58.29 -60.37 10.70
C ARG ZB 50 59.01 -59.92 11.97
N VAL ZB 51 59.72 -58.81 11.87
CA VAL ZB 51 60.47 -58.30 12.99
C VAL ZB 51 59.96 -56.92 13.41
N HIS ZB 52 58.66 -56.87 13.67
CA HIS ZB 52 57.99 -55.64 14.09
C HIS ZB 52 58.51 -54.39 13.39
N GLY ZB 53 58.30 -54.31 12.09
CA GLY ZB 53 58.72 -53.16 11.33
C GLY ZB 53 57.72 -52.04 11.53
N ASP ZB 54 56.57 -52.38 12.04
CA ASP ZB 54 55.54 -51.39 12.29
C ASP ZB 54 56.00 -50.37 13.34
N ASP ZB 55 56.67 -50.85 14.38
CA ASP ZB 55 57.15 -49.97 15.44
C ASP ZB 55 58.66 -50.05 15.54
N THR ZB 56 59.32 -49.08 14.92
CA THR ZB 56 60.77 -49.00 14.90
C THR ZB 56 61.42 -49.08 16.29
N SER ZB 57 60.66 -48.79 17.35
CA SER ZB 57 61.17 -48.80 18.72
C SER ZB 57 60.95 -50.12 19.48
N HIS ZB 58 60.36 -51.10 18.81
CA HIS ZB 58 60.09 -52.40 19.43
C HIS ZB 58 61.38 -53.20 19.53
N PRO ZB 59 61.66 -53.77 20.71
CA PRO ZB 59 62.88 -54.55 20.88
C PRO ZB 59 63.22 -55.45 19.71
N ALA ZB 60 62.23 -56.18 19.21
CA ALA ZB 60 62.46 -57.09 18.10
C ALA ZB 60 63.17 -56.38 16.98
N PHE ZB 61 62.64 -55.22 16.62
CA PHE ZB 61 63.20 -54.42 15.54
C PHE ZB 61 64.53 -53.82 15.95
N ILE ZB 62 64.64 -53.38 17.19
CA ILE ZB 62 65.88 -52.79 17.70
C ILE ZB 62 66.98 -53.79 17.48
N ALA ZB 63 66.68 -55.03 17.79
CA ALA ZB 63 67.62 -56.12 17.61
C ALA ZB 63 67.95 -56.14 16.14
N HIS ZB 64 66.92 -56.36 15.33
CA HIS ZB 64 67.08 -56.41 13.88
C HIS ZB 64 68.03 -55.33 13.37
N ALA ZB 65 67.71 -54.09 13.70
CA ALA ZB 65 68.53 -52.96 13.27
C ALA ZB 65 69.96 -53.16 13.70
N ASP ZB 66 70.19 -53.23 15.00
CA ASP ZB 66 71.53 -53.41 15.55
C ASP ZB 66 72.20 -54.62 14.86
N ARG ZB 67 71.38 -55.57 14.41
CA ARG ZB 67 71.87 -56.80 13.76
C ARG ZB 67 72.29 -56.53 12.33
N VAL ZB 68 71.57 -55.64 11.68
CA VAL ZB 68 71.86 -55.28 10.30
C VAL ZB 68 73.15 -54.52 10.22
N LEU ZB 69 73.25 -53.43 10.98
CA LEU ZB 69 74.46 -52.63 11.00
C LEU ZB 69 75.63 -53.58 11.20
N GLY ZB 70 75.40 -54.60 12.04
CA GLY ZB 70 76.44 -55.59 12.30
C GLY ZB 70 77.07 -56.07 11.02
N GLY ZB 71 76.24 -56.54 10.09
CA GLY ZB 71 76.77 -57.01 8.83
C GLY ZB 71 77.52 -55.90 8.11
N LEU ZB 72 76.86 -54.75 7.96
CA LEU ZB 72 77.47 -53.61 7.31
C LEU ZB 72 78.83 -53.37 7.92
N ASP ZB 73 78.98 -53.62 9.22
CA ASP ZB 73 80.26 -53.45 9.89
C ASP ZB 73 81.23 -54.40 9.21
N ILE ZB 74 80.97 -55.69 9.34
CA ILE ZB 74 81.84 -56.68 8.73
C ILE ZB 74 82.23 -56.27 7.31
N ALA ZB 75 81.24 -55.85 6.53
CA ALA ZB 75 81.49 -55.43 5.15
C ALA ZB 75 82.55 -54.34 5.12
N ILE ZB 76 82.19 -53.16 5.62
CA ILE ZB 76 83.12 -52.04 5.67
C ILE ZB 76 84.45 -52.44 6.30
N SER ZB 77 84.40 -53.08 7.48
CA SER ZB 77 85.62 -53.36 8.16
C SER ZB 77 86.44 -54.35 7.38
N THR ZB 78 85.80 -55.34 6.71
CA THR ZB 78 86.57 -56.35 6.02
C THR ZB 78 87.25 -55.81 4.79
N LEU ZB 79 86.59 -54.84 4.11
CA LEU ZB 79 86.67 -54.52 2.71
C LEU ZB 79 88.04 -54.09 2.31
N ASP ZB 80 88.82 -53.61 3.30
CA ASP ZB 80 90.09 -53.03 3.00
C ASP ZB 80 90.84 -54.04 2.17
N GLN ZB 81 91.01 -55.25 2.72
CA GLN ZB 81 91.66 -56.30 1.99
C GLN ZB 81 90.62 -57.06 1.23
N PRO ZB 82 90.93 -57.15 -0.05
CA PRO ZB 82 90.13 -57.73 -1.12
C PRO ZB 82 89.86 -59.21 -0.92
N ALA ZB 83 90.89 -59.94 -0.55
CA ALA ZB 83 90.76 -61.37 -0.32
C ALA ZB 83 89.58 -61.71 0.57
N THR ZB 84 89.62 -61.18 1.80
CA THR ZB 84 88.58 -61.42 2.79
C THR ZB 84 87.25 -60.79 2.40
N LEU ZB 85 87.25 -59.50 2.13
CA LEU ZB 85 86.04 -58.81 1.74
C LEU ZB 85 85.28 -59.67 0.75
N LYS ZB 86 85.97 -60.05 -0.31
CA LYS ZB 86 85.41 -60.90 -1.35
C LYS ZB 86 84.52 -61.94 -0.71
N GLU ZB 87 85.10 -62.68 0.23
CA GLU ZB 87 84.38 -63.72 0.92
C GLU ZB 87 83.12 -63.23 1.60
N GLU ZB 88 83.26 -62.25 2.50
CA GLU ZB 88 82.09 -61.72 3.20
C GLU ZB 88 81.00 -61.33 2.23
N LEU ZB 89 81.37 -60.54 1.21
CA LEU ZB 89 80.39 -60.12 0.24
C LEU ZB 89 79.71 -61.35 -0.35
N ASP ZB 90 80.51 -62.30 -0.81
CA ASP ZB 90 79.96 -63.52 -1.39
C ASP ZB 90 78.98 -64.18 -0.43
N HIS ZB 91 79.37 -64.26 0.83
CA HIS ZB 91 78.53 -64.86 1.85
C HIS ZB 91 77.20 -64.15 1.86
N LEU ZB 92 77.23 -62.83 1.93
CA LEU ZB 92 76.00 -62.05 1.94
C LEU ZB 92 75.21 -62.35 0.68
N GLN ZB 93 75.89 -62.24 -0.45
CA GLN ZB 93 75.28 -62.48 -1.75
C GLN ZB 93 74.31 -63.64 -1.67
N VAL ZB 94 74.74 -64.71 -1.02
CA VAL ZB 94 73.92 -65.90 -0.87
C VAL ZB 94 72.68 -65.66 -0.02
N GLN ZB 95 72.87 -65.11 1.18
CA GLN ZB 95 71.75 -64.86 2.07
C GLN ZB 95 70.71 -63.98 1.41
N HIS ZB 96 71.05 -63.38 0.28
CA HIS ZB 96 70.11 -62.50 -0.43
C HIS ZB 96 69.55 -63.03 -1.74
N GLU ZB 97 70.34 -63.84 -2.38
CA GLU ZB 97 70.02 -64.19 -3.74
C GLU ZB 97 68.83 -65.11 -3.69
N GLY ZB 98 67.86 -64.91 -4.59
CA GLY ZB 98 66.70 -65.73 -4.63
C GLY ZB 98 65.53 -64.85 -4.38
N ARG ZB 99 65.78 -63.75 -3.66
CA ARG ZB 99 64.74 -63.00 -3.02
C ARG ZB 99 64.62 -61.72 -3.74
N LYS ZB 100 63.40 -61.31 -4.11
CA LYS ZB 100 63.43 -60.11 -4.86
C LYS ZB 100 63.51 -58.98 -3.87
N ILE ZB 101 64.48 -58.06 -4.07
CA ILE ZB 101 64.52 -56.76 -3.42
C ILE ZB 101 64.97 -55.75 -4.41
N PRO ZB 102 64.10 -54.86 -4.66
CA PRO ZB 102 64.26 -53.85 -5.64
C PRO ZB 102 65.43 -53.03 -5.28
N ASP ZB 103 66.01 -52.42 -6.29
CA ASP ZB 103 67.18 -51.56 -6.15
C ASP ZB 103 66.74 -50.20 -5.60
N ASN ZB 104 65.43 -49.98 -5.64
CA ASN ZB 104 64.83 -48.76 -5.16
C ASN ZB 104 65.09 -48.60 -3.67
N TYR ZB 105 64.84 -49.65 -2.89
CA TYR ZB 105 65.03 -49.61 -1.44
C TYR ZB 105 66.50 -49.43 -1.06
N PHE ZB 106 67.37 -50.29 -1.58
CA PHE ZB 106 68.78 -50.18 -1.26
C PHE ZB 106 69.22 -48.76 -1.41
N ASP ZB 107 68.75 -48.09 -2.46
CA ASP ZB 107 69.10 -46.71 -2.71
C ASP ZB 107 68.76 -45.86 -1.49
N ALA ZB 108 67.52 -45.96 -1.04
CA ALA ZB 108 67.05 -45.20 0.11
C ALA ZB 108 67.89 -45.50 1.35
N PHE ZB 109 68.10 -46.78 1.61
CA PHE ZB 109 68.87 -47.19 2.76
C PHE ZB 109 70.28 -46.59 2.73
N LYS ZB 110 70.85 -46.45 1.54
CA LYS ZB 110 72.18 -45.88 1.43
C LYS ZB 110 72.06 -44.43 1.85
N THR ZB 111 71.16 -43.72 1.19
CA THR ZB 111 70.93 -42.33 1.50
C THR ZB 111 70.79 -42.19 3.01
N ALA ZB 112 69.93 -42.99 3.60
CA ALA ZB 112 69.73 -42.93 5.04
C ALA ZB 112 71.09 -42.95 5.74
N ILE ZB 113 71.81 -44.07 5.59
CA ILE ZB 113 73.13 -44.23 6.19
C ILE ZB 113 73.93 -42.97 6.02
N LEU ZB 114 74.11 -42.54 4.77
CA LEU ZB 114 74.88 -41.34 4.50
C LEU ZB 114 74.45 -40.12 5.32
N HIS ZB 115 73.17 -39.79 5.28
CA HIS ZB 115 72.68 -38.64 6.01
C HIS ZB 115 72.95 -38.75 7.49
N VAL ZB 116 72.66 -39.91 8.06
CA VAL ZB 116 72.90 -40.09 9.49
C VAL ZB 116 74.41 -39.98 9.78
N VAL ZB 117 75.23 -40.75 9.08
CA VAL ZB 117 76.66 -40.70 9.29
C VAL ZB 117 77.14 -39.26 9.25
N ALA ZB 118 76.71 -38.52 8.25
CA ALA ZB 118 77.11 -37.12 8.13
C ALA ZB 118 76.70 -36.35 9.36
N ALA ZB 119 75.50 -36.63 9.87
CA ALA ZB 119 75.01 -35.94 11.04
C ALA ZB 119 75.85 -36.30 12.23
N GLN ZB 120 76.30 -37.55 12.28
CA GLN ZB 120 77.11 -38.01 13.40
C GLN ZB 120 78.57 -37.55 13.39
N LEU ZB 121 79.18 -37.48 12.22
CA LEU ZB 121 80.59 -37.10 12.14
C LEU ZB 121 80.85 -35.61 12.13
N GLY ZB 122 79.79 -34.81 12.05
CA GLY ZB 122 79.97 -33.38 12.04
C GLY ZB 122 80.67 -32.81 10.80
N ARG ZB 123 82.00 -32.74 10.85
CA ARG ZB 123 82.77 -32.16 9.75
C ARG ZB 123 83.69 -33.05 8.95
N CYS ZB 124 84.40 -33.95 9.63
CA CYS ZB 124 85.32 -34.81 8.94
C CYS ZB 124 84.61 -36.02 8.36
N TYR ZB 125 84.20 -35.88 7.09
CA TYR ZB 125 83.48 -36.95 6.39
C TYR ZB 125 83.43 -36.68 4.88
N ASP ZB 126 83.96 -37.61 4.10
CA ASP ZB 126 83.99 -37.51 2.65
C ASP ZB 126 82.76 -38.19 2.10
N ARG ZB 127 81.87 -37.42 1.47
CA ARG ZB 127 80.63 -38.00 0.96
C ARG ZB 127 80.89 -38.98 -0.18
N GLU ZB 128 81.50 -38.50 -1.26
CA GLU ZB 128 81.79 -39.33 -2.42
C GLU ZB 128 82.30 -40.71 -2.01
N ALA ZB 129 83.32 -40.70 -1.15
CA ALA ZB 129 83.94 -41.92 -0.66
C ALA ZB 129 82.95 -42.92 -0.11
N TRP ZB 130 82.13 -42.47 0.84
CA TRP ZB 130 81.14 -43.36 1.42
C TRP ZB 130 80.22 -43.84 0.32
N ASP ZB 131 79.64 -42.90 -0.41
CA ASP ZB 131 78.74 -43.25 -1.50
C ASP ZB 131 79.34 -44.40 -2.29
N ALA ZB 132 80.55 -44.19 -2.76
CA ALA ZB 132 81.23 -45.21 -3.54
C ALA ZB 132 81.30 -46.58 -2.86
N CYS ZB 133 81.72 -46.61 -1.60
CA CYS ZB 133 81.85 -47.86 -0.88
C CYS ZB 133 80.55 -48.49 -0.45
N ILE ZB 134 79.64 -47.69 0.07
CA ILE ZB 134 78.36 -48.26 0.48
C ILE ZB 134 77.80 -48.92 -0.76
N ASP ZB 135 78.04 -48.30 -1.91
CA ASP ZB 135 77.58 -48.82 -3.17
C ASP ZB 135 78.21 -50.18 -3.38
N HIS ZB 136 79.52 -50.22 -3.50
CA HIS ZB 136 80.22 -51.47 -3.72
C HIS ZB 136 79.72 -52.56 -2.78
N ILE ZB 137 79.42 -52.20 -1.55
CA ILE ZB 137 78.95 -53.18 -0.58
C ILE ZB 137 77.56 -53.65 -0.95
N GLU ZB 138 76.71 -52.71 -1.34
CA GLU ZB 138 75.35 -53.06 -1.71
C GLU ZB 138 75.35 -53.92 -2.95
N ASP ZB 139 76.16 -53.55 -3.94
CA ASP ZB 139 76.21 -54.33 -5.16
C ASP ZB 139 76.48 -55.76 -4.78
N GLY ZB 140 77.45 -55.96 -3.91
CA GLY ZB 140 77.80 -57.31 -3.49
C GLY ZB 140 76.66 -58.06 -2.84
N ILE ZB 141 75.59 -57.36 -2.46
CA ILE ZB 141 74.45 -58.00 -1.82
C ILE ZB 141 73.31 -58.22 -2.80
N LYS ZB 142 73.22 -57.38 -3.83
CA LYS ZB 142 72.17 -57.53 -4.80
C LYS ZB 142 72.62 -58.48 -5.90
N GLY ZB 143 73.91 -58.35 -6.27
CA GLY ZB 143 74.31 -59.32 -7.24
C GLY ZB 143 74.15 -58.66 -8.56
N HIS ZB 144 74.13 -57.32 -8.48
CA HIS ZB 144 73.29 -56.49 -9.27
C HIS ZB 144 73.59 -56.65 -10.72
N HIS ZB 145 72.48 -56.91 -11.42
CA HIS ZB 145 72.32 -57.91 -12.43
C HIS ZB 145 71.35 -58.81 -11.73
N LYS AC 1 -33.88 -84.13 69.55
CA LYS AC 1 -33.02 -83.87 70.72
C LYS AC 1 -32.41 -85.07 71.31
N LYS AC 2 -31.42 -84.77 72.16
CA LYS AC 2 -30.67 -85.69 72.93
C LYS AC 2 -31.49 -86.26 74.03
N GLN AC 3 -31.21 -87.55 74.28
CA GLN AC 3 -31.72 -88.24 75.41
C GLN AC 3 -30.92 -87.84 76.60
N CYS AC 4 -31.61 -87.85 77.76
CA CYS AC 4 -30.90 -87.73 78.99
C CYS AC 4 -30.61 -89.10 79.45
N GLY AC 5 -29.47 -89.19 80.14
CA GLY AC 5 -29.00 -90.34 80.81
C GLY AC 5 -27.62 -90.00 81.24
N VAL AC 6 -26.80 -91.05 81.42
CA VAL AC 6 -25.56 -90.96 82.11
C VAL AC 6 -24.67 -89.94 81.49
N LEU AC 7 -24.23 -90.19 80.27
CA LEU AC 7 -23.17 -89.45 79.62
C LEU AC 7 -23.43 -87.94 79.57
N GLU AC 8 -24.52 -87.55 78.92
CA GLU AC 8 -24.86 -86.15 78.81
C GLU AC 8 -24.75 -85.47 80.16
N GLY AC 9 -24.90 -86.24 81.22
CA GLY AC 9 -24.79 -85.68 82.53
C GLY AC 9 -23.31 -85.38 82.77
N LEU AC 10 -22.48 -86.42 82.71
CA LEU AC 10 -21.05 -86.27 82.89
C LEU AC 10 -20.52 -85.10 82.11
N LYS AC 11 -21.01 -84.92 80.87
CA LYS AC 11 -20.53 -83.82 80.07
C LYS AC 11 -20.90 -82.50 80.71
N VAL AC 12 -22.18 -82.28 80.98
CA VAL AC 12 -22.60 -81.03 81.61
C VAL AC 12 -21.90 -80.83 82.94
N LYS AC 13 -21.86 -81.86 83.75
CA LYS AC 13 -21.22 -81.78 85.06
C LYS AC 13 -19.79 -81.29 84.94
N SER AC 14 -19.11 -81.71 83.89
CA SER AC 14 -17.72 -81.33 83.66
C SER AC 14 -17.64 -79.91 83.15
N GLU AC 15 -18.35 -79.63 82.07
CA GLU AC 15 -18.36 -78.31 81.48
C GLU AC 15 -18.79 -77.26 82.49
N TRP AC 16 -19.73 -77.62 83.34
CA TRP AC 16 -20.22 -76.68 84.35
C TRP AC 16 -19.05 -76.34 85.25
N GLY AC 17 -18.23 -77.34 85.53
CA GLY AC 17 -17.07 -77.09 86.36
C GLY AC 17 -16.22 -75.94 85.83
N ARG AC 18 -16.02 -75.92 84.53
CA ARG AC 18 -15.22 -74.89 83.90
C ARG AC 18 -15.94 -73.56 83.86
N ALA AC 19 -17.21 -73.57 83.50
CA ALA AC 19 -17.97 -72.33 83.41
C ALA AC 19 -18.23 -71.65 84.74
N TYR AC 20 -18.53 -72.45 85.77
CA TYR AC 20 -18.80 -71.94 87.09
C TYR AC 20 -17.59 -71.20 87.60
N GLY AC 21 -16.47 -71.90 87.66
CA GLY AC 21 -15.23 -71.28 88.12
C GLY AC 21 -15.33 -70.86 89.56
N SER AC 22 -14.58 -69.85 89.96
CA SER AC 22 -14.58 -69.38 91.34
C SER AC 22 -14.17 -67.94 91.51
N GLY AC 23 -14.21 -67.47 92.75
CA GLY AC 23 -13.83 -66.09 93.04
C GLY AC 23 -14.66 -65.02 92.37
N HIS AC 24 -14.01 -64.17 91.60
CA HIS AC 24 -14.69 -63.10 90.89
C HIS AC 24 -15.41 -63.64 89.68
N ASP AC 25 -14.75 -64.51 88.92
CA ASP AC 25 -15.37 -65.10 87.75
C ASP AC 25 -16.78 -65.51 88.14
N ARG AC 26 -16.92 -66.10 89.32
CA ARG AC 26 -18.19 -66.54 89.82
C ARG AC 26 -19.11 -65.34 90.07
N GLU AC 27 -18.70 -64.43 90.94
CA GLU AC 27 -19.50 -63.24 91.25
C GLU AC 27 -20.01 -62.55 89.98
N ALA AC 28 -19.32 -62.76 88.86
CA ALA AC 28 -19.73 -62.18 87.58
C ALA AC 28 -20.61 -63.15 86.85
N PHE AC 29 -20.10 -64.36 86.67
CA PHE AC 29 -20.85 -65.43 86.00
C PHE AC 29 -22.31 -65.34 86.41
N SER AC 30 -22.56 -65.29 87.72
CA SER AC 30 -23.92 -65.19 88.25
C SER AC 30 -24.50 -63.85 87.80
N GLN AC 31 -23.75 -62.78 88.01
CA GLN AC 31 -24.20 -61.45 87.61
C GLN AC 31 -24.72 -61.48 86.20
N ALA AC 32 -23.87 -61.90 85.27
CA ALA AC 32 -24.22 -61.98 83.85
C ALA AC 32 -25.51 -62.74 83.65
N ILE AC 33 -25.58 -63.92 84.23
CA ILE AC 33 -26.77 -64.76 84.12
C ILE AC 33 -28.04 -64.02 84.52
N TRP AC 34 -28.06 -63.44 85.71
CA TRP AC 34 -29.24 -62.73 86.14
C TRP AC 34 -29.59 -61.58 85.24
N ARG AC 35 -28.60 -60.81 84.81
CA ARG AC 35 -28.88 -59.68 83.94
C ARG AC 35 -29.57 -60.18 82.69
N ALA AC 36 -29.11 -61.33 82.18
CA ALA AC 36 -29.70 -61.92 80.99
C ALA AC 36 -31.12 -62.37 81.28
N THR AC 37 -31.34 -62.90 82.48
CA THR AC 37 -32.67 -63.36 82.86
C THR AC 37 -33.63 -62.19 82.93
N PHE AC 38 -33.33 -61.24 83.80
CA PHE AC 38 -34.20 -60.07 83.97
C PHE AC 38 -34.42 -59.31 82.67
N ALA AC 39 -33.41 -59.28 81.81
CA ALA AC 39 -33.53 -58.58 80.54
C ALA AC 39 -34.63 -59.22 79.70
N GLN AC 40 -34.77 -60.54 79.85
CA GLN AC 40 -35.78 -61.31 79.11
C GLN AC 40 -37.16 -61.08 79.68
N VAL AC 41 -37.30 -61.25 80.98
CA VAL AC 41 -38.58 -61.07 81.61
C VAL AC 41 -38.52 -60.06 82.75
N PRO AC 42 -38.49 -58.76 82.41
CA PRO AC 42 -38.44 -57.74 83.46
C PRO AC 42 -39.52 -57.92 84.53
N GLU AC 43 -40.61 -58.57 84.14
CA GLU AC 43 -41.74 -58.83 85.05
C GLU AC 43 -41.26 -59.50 86.35
N SER AC 44 -40.35 -60.47 86.19
CA SER AC 44 -39.84 -61.24 87.31
C SER AC 44 -39.08 -60.48 88.38
N ARG AC 45 -38.61 -59.27 88.08
CA ARG AC 45 -37.88 -58.53 89.07
C ARG AC 45 -38.69 -58.39 90.34
N SER AC 46 -40.02 -58.32 90.19
CA SER AC 46 -40.90 -58.17 91.34
C SER AC 46 -40.79 -59.28 92.41
N LEU AC 47 -40.37 -60.48 92.00
CA LEU AC 47 -40.26 -61.58 92.95
C LEU AC 47 -39.08 -61.44 93.89
N PHE AC 48 -38.02 -60.80 93.41
CA PHE AC 48 -36.84 -60.64 94.23
C PHE AC 48 -36.77 -59.25 94.84
N LYS AC 49 -37.94 -58.69 95.13
CA LYS AC 49 -38.01 -57.37 95.74
C LYS AC 49 -37.39 -57.46 97.14
N ARG AC 50 -37.49 -58.64 97.74
CA ARG AC 50 -36.98 -58.87 99.09
C ARG AC 50 -35.47 -58.83 99.17
N VAL AC 51 -34.82 -59.22 98.07
CA VAL AC 51 -33.37 -59.24 98.04
C VAL AC 51 -32.83 -58.28 96.98
N HIS AC 52 -33.27 -57.03 97.09
CA HIS AC 52 -32.86 -55.98 96.17
C HIS AC 52 -32.72 -56.44 94.72
N GLY AC 53 -33.84 -56.83 94.13
CA GLY AC 53 -33.84 -57.26 92.75
C GLY AC 53 -33.81 -56.04 91.87
N ASP AC 54 -34.11 -54.88 92.43
CA ASP AC 54 -34.10 -53.64 91.66
C ASP AC 54 -32.70 -53.32 91.15
N ASP AC 55 -31.70 -53.56 91.98
CA ASP AC 55 -30.30 -53.28 91.61
C ASP AC 55 -29.48 -54.56 91.65
N THR AC 56 -29.30 -55.17 90.48
CA THR AC 56 -28.55 -56.40 90.35
C THR AC 56 -27.15 -56.35 90.97
N SER AC 57 -26.60 -55.16 91.17
CA SER AC 57 -25.27 -54.99 91.74
C SER AC 57 -25.23 -54.77 93.27
N HIS AC 58 -26.39 -54.81 93.91
CA HIS AC 58 -26.46 -54.62 95.35
C HIS AC 58 -26.01 -55.87 96.05
N PRO AC 59 -25.14 -55.72 97.06
CA PRO AC 59 -24.64 -56.88 97.80
C PRO AC 59 -25.69 -57.92 98.12
N ALA AC 60 -26.82 -57.47 98.63
CA ALA AC 60 -27.90 -58.38 98.99
C ALA AC 60 -28.18 -59.33 97.82
N PHE AC 61 -28.39 -58.76 96.65
CA PHE AC 61 -28.67 -59.54 95.47
C PHE AC 61 -27.46 -60.35 95.04
N ILE AC 62 -26.27 -59.76 95.15
CA ILE AC 62 -25.04 -60.45 94.77
C ILE AC 62 -25.02 -61.74 95.51
N ALA AC 63 -25.31 -61.63 96.79
CA ALA AC 63 -25.36 -62.78 97.67
C ALA AC 63 -26.36 -63.74 97.07
N HIS AC 64 -27.61 -63.28 96.99
CA HIS AC 64 -28.67 -64.10 96.43
C HIS AC 64 -28.23 -64.87 95.19
N ALA AC 65 -27.69 -64.15 94.21
CA ALA AC 65 -27.25 -64.77 92.98
C ALA AC 65 -26.25 -65.87 93.27
N ASP AC 66 -25.14 -65.48 93.85
CA ASP AC 66 -24.09 -66.44 94.20
C ASP AC 66 -24.71 -67.62 94.99
N ARG AC 67 -25.80 -67.35 95.70
CA ARG AC 67 -26.47 -68.35 96.54
C ARG AC 67 -27.30 -69.28 95.69
N VAL AC 68 -27.86 -68.74 94.61
CA VAL AC 68 -28.69 -69.52 93.71
C VAL AC 68 -27.84 -70.50 92.92
N LEU AC 69 -26.84 -69.97 92.24
CA LEU AC 69 -25.95 -70.81 91.47
C LEU AC 69 -25.53 -71.95 92.37
N GLY AC 70 -25.32 -71.63 93.65
CA GLY AC 70 -24.92 -72.64 94.62
C GLY AC 70 -25.78 -73.90 94.52
N GLY AC 71 -27.09 -73.72 94.59
CA GLY AC 71 -27.98 -74.85 94.48
C GLY AC 71 -27.78 -75.53 93.15
N LEU AC 72 -27.83 -74.74 92.08
CA LEU AC 72 -27.65 -75.28 90.74
C LEU AC 72 -26.40 -76.14 90.72
N ASP AC 73 -25.37 -75.74 91.47
CA ASP AC 73 -24.15 -76.50 91.53
C ASP AC 73 -24.51 -77.87 92.09
N ILE AC 74 -24.98 -77.89 93.32
CA ILE AC 74 -25.35 -79.16 93.93
C ILE AC 74 -26.13 -80.02 92.96
N ALA AC 75 -27.11 -79.41 92.28
CA ALA AC 75 -27.92 -80.15 91.33
C ALA AC 75 -27.03 -80.83 90.29
N ILE AC 76 -26.43 -80.01 89.45
CA ILE AC 76 -25.57 -80.51 88.40
C ILE AC 76 -24.54 -81.47 88.95
N SER AC 77 -23.81 -81.08 90.01
CA SER AC 77 -22.73 -81.90 90.48
C SER AC 77 -23.22 -83.27 90.89
N THR AC 78 -24.29 -83.35 91.71
CA THR AC 78 -24.82 -84.63 92.11
C THR AC 78 -25.36 -85.34 90.90
N LEU AC 79 -25.84 -84.57 89.90
CA LEU AC 79 -27.03 -84.85 89.17
C LEU AC 79 -26.99 -86.24 88.62
N ASP AC 80 -25.89 -86.62 87.96
CA ASP AC 80 -25.94 -87.81 87.16
C ASP AC 80 -26.12 -89.02 88.01
N GLN AC 81 -25.47 -89.09 89.19
CA GLN AC 81 -25.82 -90.18 90.06
C GLN AC 81 -27.16 -89.81 90.61
N PRO AC 82 -28.09 -90.78 90.41
CA PRO AC 82 -29.53 -90.75 90.68
C PRO AC 82 -29.86 -90.66 92.17
N ALA AC 83 -29.18 -91.46 92.97
CA ALA AC 83 -29.39 -91.49 94.42
C ALA AC 83 -29.37 -90.09 95.00
N THR AC 84 -28.23 -89.41 94.86
CA THR AC 84 -28.03 -88.07 95.39
C THR AC 84 -28.93 -87.05 94.72
N LEU AC 85 -28.84 -86.96 93.40
CA LEU AC 85 -29.65 -86.01 92.64
C LEU AC 85 -31.06 -86.03 93.18
N LYS AC 86 -31.62 -87.23 93.22
CA LYS AC 86 -32.96 -87.43 93.73
C LYS AC 86 -33.15 -86.52 94.95
N GLU AC 87 -32.23 -86.65 95.90
CA GLU AC 87 -32.32 -85.87 97.12
C GLU AC 87 -32.34 -84.37 96.87
N GLU AC 88 -31.33 -83.87 96.19
CA GLU AC 88 -31.26 -82.43 95.92
C GLU AC 88 -32.55 -81.95 95.28
N LEU AC 89 -32.98 -82.63 94.23
CA LEU AC 89 -34.20 -82.23 93.57
C LEU AC 89 -35.33 -82.17 94.56
N ASP AC 90 -35.49 -83.24 95.32
CA ASP AC 90 -36.54 -83.29 96.33
C ASP AC 90 -36.43 -82.09 97.27
N HIS AC 91 -35.22 -81.78 97.70
CA HIS AC 91 -34.99 -80.66 98.59
C HIS AC 91 -35.54 -79.40 97.94
N LEU AC 92 -35.16 -79.17 96.69
CA LEU AC 92 -35.62 -78.00 95.96
C LEU AC 92 -37.13 -78.02 95.92
N GLN AC 93 -37.67 -79.16 95.47
CA GLN AC 93 -39.10 -79.35 95.33
C GLN AC 93 -39.82 -78.68 96.48
N VAL AC 94 -39.32 -78.91 97.69
CA VAL AC 94 -39.93 -78.34 98.89
C VAL AC 94 -39.83 -76.81 98.93
N GLN AC 95 -38.64 -76.27 98.75
CA GLN AC 95 -38.46 -74.82 98.79
C GLN AC 95 -39.36 -74.13 97.78
N HIS AC 96 -39.94 -74.90 96.86
CA HIS AC 96 -40.80 -74.32 95.83
C HIS AC 96 -42.31 -74.59 95.96
N GLU AC 97 -42.60 -75.76 96.53
CA GLU AC 97 -43.95 -76.21 96.69
C GLU AC 97 -44.56 -75.34 97.74
N GLY AC 98 -45.84 -75.00 97.52
CA GLY AC 98 -46.53 -74.00 98.23
C GLY AC 98 -46.68 -72.83 97.33
N ARG AC 99 -45.74 -72.66 96.39
CA ARG AC 99 -45.85 -71.50 95.58
C ARG AC 99 -46.27 -71.94 94.23
N LYS AC 100 -46.97 -71.09 93.47
CA LYS AC 100 -46.86 -71.50 92.13
C LYS AC 100 -46.03 -70.49 91.40
N ILE AC 101 -45.14 -71.10 90.58
CA ILE AC 101 -44.05 -70.54 89.84
C ILE AC 101 -44.16 -71.03 88.45
N PRO AC 102 -44.50 -70.05 87.73
CA PRO AC 102 -44.85 -70.10 86.35
C PRO AC 102 -43.63 -70.42 85.59
N ASP AC 103 -43.84 -71.23 84.51
CA ASP AC 103 -42.84 -71.97 83.74
C ASP AC 103 -42.20 -71.00 82.75
N ASN AC 104 -42.80 -69.84 82.60
CA ASN AC 104 -42.33 -68.82 81.71
C ASN AC 104 -40.97 -68.35 82.16
N TYR AC 105 -40.83 -68.04 83.45
CA TYR AC 105 -39.56 -67.55 84.00
C TYR AC 105 -38.46 -68.58 83.93
N PHE AC 106 -38.71 -69.77 84.47
CA PHE AC 106 -37.71 -70.82 84.43
C PHE AC 106 -37.12 -70.92 83.05
N ASP AC 107 -37.98 -70.83 82.05
CA ASP AC 107 -37.53 -70.91 80.66
C ASP AC 107 -36.45 -69.86 80.40
N ALA AC 108 -36.75 -68.61 80.75
CA ALA AC 108 -35.81 -67.51 80.54
C ALA AC 108 -34.50 -67.73 81.29
N PHE AC 109 -34.62 -68.12 82.56
CA PHE AC 109 -33.47 -68.37 83.38
C PHE AC 109 -32.59 -69.44 82.77
N LYS AC 110 -33.19 -70.45 82.14
CA LYS AC 110 -32.41 -71.51 81.49
C LYS AC 110 -31.65 -70.87 80.34
N THR AC 111 -32.39 -70.19 79.48
CA THR AC 111 -31.80 -69.51 78.35
C THR AC 111 -30.62 -68.67 78.85
N ALA AC 112 -30.87 -67.85 79.87
CA ALA AC 112 -29.80 -67.03 80.40
C ALA AC 112 -28.57 -67.91 80.65
N ILE AC 113 -28.70 -68.87 81.57
CA ILE AC 113 -27.60 -69.78 81.90
C ILE AC 113 -26.90 -70.26 80.65
N LEU AC 114 -27.65 -70.85 79.74
CA LEU AC 114 -27.06 -71.35 78.51
C LEU AC 114 -26.24 -70.31 77.75
N HIS AC 115 -26.81 -69.15 77.49
CA HIS AC 115 -26.07 -68.14 76.77
C HIS AC 115 -24.80 -67.72 77.48
N VAL AC 116 -24.88 -67.48 78.79
CA VAL AC 116 -23.70 -67.10 79.51
C VAL AC 116 -22.67 -68.24 79.46
N VAL AC 117 -23.08 -69.45 79.84
CA VAL AC 117 -22.16 -70.59 79.83
C VAL AC 117 -21.47 -70.68 78.49
N ALA AC 118 -22.23 -70.58 77.41
CA ALA AC 118 -21.64 -70.64 76.09
C ALA AC 118 -20.61 -69.53 75.90
N ALA AC 119 -20.93 -68.34 76.41
CA ALA AC 119 -20.01 -67.22 76.28
C ALA AC 119 -18.74 -67.50 77.07
N GLN AC 120 -18.88 -68.15 78.22
CA GLN AC 120 -17.76 -68.48 79.08
C GLN AC 120 -16.87 -69.63 78.61
N LEU AC 121 -17.45 -70.67 78.03
CA LEU AC 121 -16.66 -71.82 77.59
C LEU AC 121 -16.04 -71.69 76.20
N GLY AC 122 -16.38 -70.63 75.50
CA GLY AC 122 -15.82 -70.46 74.18
C GLY AC 122 -16.25 -71.47 73.14
N ARG AC 123 -15.51 -72.55 73.03
CA ARG AC 123 -15.79 -73.56 72.01
C ARG AC 123 -16.27 -74.94 72.44
N CYS AC 124 -15.68 -75.47 73.52
CA CYS AC 124 -16.05 -76.79 73.99
C CYS AC 124 -17.28 -76.73 74.86
N TYR AC 125 -18.45 -76.91 74.24
CA TYR AC 125 -19.71 -76.85 74.95
C TYR AC 125 -20.84 -77.41 74.09
N ASP AC 126 -21.50 -78.45 74.59
CA ASP AC 126 -22.62 -79.09 73.89
C ASP AC 126 -23.90 -78.43 74.34
N ARG AC 127 -24.60 -77.78 73.42
CA ARG AC 127 -25.83 -77.09 73.77
C ARG AC 127 -26.94 -78.07 74.19
N GLU AC 128 -27.33 -78.95 73.27
CA GLU AC 128 -28.38 -79.91 73.55
C GLU AC 128 -28.24 -80.51 74.95
N ALA AC 129 -27.05 -80.99 75.26
CA ALA AC 129 -26.75 -81.61 76.53
C ALA AC 129 -27.16 -80.73 77.70
N TRP AC 130 -26.67 -79.50 77.73
CA TRP AC 130 -27.02 -78.60 78.81
C TRP AC 130 -28.51 -78.42 78.84
N ASP AC 131 -29.06 -78.02 77.71
CA ASP AC 131 -30.49 -77.82 77.62
C ASP AC 131 -31.20 -78.99 78.32
N ALA AC 132 -30.89 -80.20 77.89
CA ALA AC 132 -31.51 -81.37 78.46
C ALA AC 132 -31.41 -81.47 79.97
N CYS AC 133 -30.20 -81.27 80.49
CA CYS AC 133 -29.98 -81.35 81.94
C CYS AC 133 -30.52 -80.19 82.77
N ILE AC 134 -30.30 -78.97 82.31
CA ILE AC 134 -30.83 -77.83 83.02
C ILE AC 134 -32.31 -78.05 83.14
N ASP AC 135 -32.89 -78.63 82.08
CA ASP AC 135 -34.30 -78.91 82.04
C ASP AC 135 -34.61 -79.89 83.17
N HIS AC 136 -34.02 -81.08 83.10
CA HIS AC 136 -34.27 -82.10 84.12
C HIS AC 136 -34.15 -81.50 85.51
N ILE AC 137 -33.18 -80.62 85.71
CA ILE AC 137 -33.02 -80.01 87.02
C ILE AC 137 -34.18 -79.07 87.33
N GLU AC 138 -34.60 -78.28 86.35
CA GLU AC 138 -35.70 -77.38 86.58
C GLU AC 138 -36.98 -78.14 86.85
N ASP AC 139 -37.20 -79.20 86.08
CA ASP AC 139 -38.41 -79.98 86.28
C ASP AC 139 -38.47 -80.39 87.75
N GLY AC 140 -37.35 -80.87 88.26
CA GLY AC 140 -37.30 -81.31 89.63
C GLY AC 140 -37.62 -80.21 90.63
N ILE AC 141 -37.64 -78.97 90.18
CA ILE AC 141 -37.91 -77.86 91.08
C ILE AC 141 -39.34 -77.36 90.93
N LYS AC 142 -39.90 -77.54 89.76
CA LYS AC 142 -41.26 -77.10 89.52
C LYS AC 142 -42.23 -78.22 89.90
N GLY AC 143 -41.78 -79.46 89.59
CA GLY AC 143 -42.40 -80.61 90.13
C GLY AC 143 -43.75 -80.62 89.56
N HIS AC 144 -43.79 -80.33 88.24
CA HIS AC 144 -44.89 -80.65 87.38
C HIS AC 144 -44.44 -81.85 86.62
N HIS AC 145 -44.33 -82.96 87.37
CA HIS AC 145 -44.45 -84.30 86.88
C HIS AC 145 -45.92 -84.52 87.12
N HIS BC 20 -9.07 -55.59 113.19
CA HIS BC 20 -10.33 -55.11 112.55
C HIS BC 20 -10.29 -55.36 111.09
N GLU BC 21 -9.76 -54.38 110.32
CA GLU BC 21 -9.62 -54.75 108.96
C GLU BC 21 -8.53 -55.77 108.91
N HIS BC 22 -7.42 -55.46 109.59
CA HIS BC 22 -6.18 -56.06 109.25
C HIS BC 22 -6.31 -57.55 109.38
N CYS BC 23 -7.00 -57.98 110.47
CA CYS BC 23 -7.50 -59.30 110.61
C CYS BC 23 -8.68 -59.37 109.70
N CYS BC 24 -8.36 -59.79 108.49
CA CYS BC 24 -8.79 -60.99 107.86
C CYS BC 24 -8.60 -60.53 106.49
N SER BC 25 -7.37 -60.73 106.04
CA SER BC 25 -6.95 -59.65 105.24
C SER BC 25 -7.35 -59.96 103.85
N GLU BC 26 -7.08 -58.99 102.97
CA GLU BC 26 -7.01 -59.33 101.55
C GLU BC 26 -6.03 -60.48 101.29
N GLU BC 27 -4.79 -60.30 101.71
CA GLU BC 27 -3.82 -61.37 101.50
C GLU BC 27 -4.35 -62.63 102.19
N ASP BC 28 -4.73 -62.50 103.44
CA ASP BC 28 -5.25 -63.63 104.19
C ASP BC 28 -6.19 -64.47 103.36
N HIS BC 29 -7.33 -63.91 102.98
CA HIS BC 29 -8.27 -64.70 102.22
C HIS BC 29 -7.81 -64.99 100.81
N ARG BC 30 -7.05 -64.09 100.20
CA ARG BC 30 -6.58 -64.37 98.84
C ARG BC 30 -5.92 -65.76 98.95
N ILE BC 31 -5.24 -65.99 100.08
CA ILE BC 31 -4.56 -67.25 100.33
C ILE BC 31 -5.59 -68.34 100.47
N VAL BC 32 -6.47 -68.19 101.46
CA VAL BC 32 -7.49 -69.18 101.69
C VAL BC 32 -8.12 -69.59 100.38
N GLN BC 33 -8.60 -68.62 99.63
CA GLN BC 33 -9.22 -68.92 98.35
C GLN BC 33 -8.35 -69.78 97.48
N LYS BC 34 -7.09 -69.40 97.34
CA LYS BC 34 -6.18 -70.15 96.49
C LYS BC 34 -6.06 -71.60 96.96
N GLN BC 35 -5.86 -71.77 98.25
CA GLN BC 35 -5.68 -73.10 98.82
C GLN BC 35 -6.94 -73.95 98.76
N TRP BC 36 -8.09 -73.32 98.88
CA TRP BC 36 -9.34 -74.06 98.87
C TRP BC 36 -9.62 -74.55 97.47
N ASP BC 37 -8.96 -73.95 96.50
CA ASP BC 37 -9.17 -74.35 95.12
C ASP BC 37 -8.38 -75.59 94.73
N ILE BC 38 -7.30 -75.86 95.44
CA ILE BC 38 -6.48 -77.04 95.16
C ILE BC 38 -7.41 -78.24 95.14
N LEU BC 39 -8.50 -78.15 95.88
CA LEU BC 39 -9.48 -79.22 95.99
C LEU BC 39 -10.30 -79.53 94.73
N TRP BC 40 -10.95 -78.52 94.17
CA TRP BC 40 -11.80 -78.71 93.01
C TRP BC 40 -11.11 -78.76 91.65
N ARG BC 41 -9.91 -79.31 91.60
CA ARG BC 41 -9.19 -79.42 90.32
C ARG BC 41 -9.80 -80.51 89.45
N ASP BC 42 -10.26 -81.61 90.06
CA ASP BC 42 -10.87 -82.69 89.30
C ASP BC 42 -12.39 -82.61 89.30
N THR BC 43 -12.97 -82.98 88.17
CA THR BC 43 -14.42 -82.92 87.98
C THR BC 43 -15.28 -83.66 88.99
N GLU BC 44 -14.71 -84.62 89.71
CA GLU BC 44 -15.52 -85.35 90.68
C GLU BC 44 -15.63 -84.65 92.02
N SER BC 45 -15.96 -83.36 91.98
CA SER BC 45 -16.10 -82.56 93.18
C SER BC 45 -17.13 -83.16 94.13
N SER BC 46 -18.23 -83.65 93.57
CA SER BC 46 -19.29 -84.25 94.35
C SER BC 46 -18.74 -85.31 95.31
N LYS BC 47 -18.06 -86.29 94.76
CA LYS BC 47 -17.48 -87.37 95.55
C LYS BC 47 -16.66 -86.81 96.70
N ILE BC 48 -15.90 -85.76 96.42
CA ILE BC 48 -15.07 -85.13 97.44
C ILE BC 48 -15.94 -84.37 98.42
N LYS BC 49 -16.53 -83.27 97.97
CA LYS BC 49 -17.37 -82.45 98.84
C LYS BC 49 -18.17 -83.33 99.78
N ILE BC 50 -18.83 -84.36 99.24
CA ILE BC 50 -19.64 -85.27 100.05
C ILE BC 50 -18.78 -85.95 101.09
N GLY BC 51 -17.88 -86.80 100.63
CA GLY BC 51 -17.01 -87.50 101.56
C GLY BC 51 -16.45 -86.60 102.64
N PHE BC 52 -15.91 -85.46 102.23
CA PHE BC 52 -15.33 -84.51 103.17
C PHE BC 52 -16.37 -83.96 104.13
N GLY BC 53 -17.44 -83.41 103.58
CA GLY BC 53 -18.49 -82.84 104.41
C GLY BC 53 -19.11 -83.91 105.30
N ARG BC 54 -19.20 -85.12 104.76
CA ARG BC 54 -19.76 -86.22 105.48
C ARG BC 54 -18.92 -86.39 106.72
N LEU BC 55 -17.64 -86.61 106.50
CA LEU BC 55 -16.70 -86.80 107.61
C LEU BC 55 -16.77 -85.66 108.61
N LEU BC 56 -16.71 -84.43 108.10
CA LEU BC 56 -16.77 -83.26 108.98
C LEU BC 56 -17.97 -83.28 109.91
N LEU BC 57 -19.15 -83.56 109.40
CA LEU BC 57 -20.32 -83.59 110.25
C LEU BC 57 -20.28 -84.79 111.20
N THR BC 58 -19.86 -85.94 110.69
CA THR BC 58 -19.74 -87.15 111.50
C THR BC 58 -18.87 -86.86 112.72
N LYS BC 59 -17.63 -86.47 112.46
CA LYS BC 59 -16.67 -86.15 113.52
C LYS BC 59 -17.24 -85.10 114.47
N LEU BC 60 -18.30 -84.42 114.08
CA LEU BC 60 -18.90 -83.44 114.96
C LEU BC 60 -19.81 -84.19 115.89
N ALA BC 61 -20.69 -85.01 115.33
CA ALA BC 61 -21.62 -85.81 116.12
C ALA BC 61 -20.85 -86.73 117.07
N LYS BC 62 -19.63 -87.07 116.68
CA LYS BC 62 -18.79 -87.93 117.50
C LYS BC 62 -18.44 -87.22 118.81
N ASP BC 63 -17.98 -85.97 118.72
CA ASP BC 63 -17.59 -85.18 119.89
C ASP BC 63 -18.76 -84.56 120.64
N ILE BC 64 -19.88 -84.38 119.95
CA ILE BC 64 -21.06 -83.81 120.58
C ILE BC 64 -22.29 -84.47 119.96
N PRO BC 65 -22.83 -85.50 120.64
CA PRO BC 65 -24.01 -86.27 120.21
C PRO BC 65 -25.34 -85.54 120.12
N GLU BC 66 -25.57 -84.56 120.98
CA GLU BC 66 -26.83 -83.84 120.94
C GLU BC 66 -27.05 -83.31 119.52
N VAL BC 67 -26.04 -83.48 118.68
CA VAL BC 67 -26.07 -83.05 117.29
C VAL BC 67 -26.85 -84.06 116.46
N ASN BC 68 -26.55 -85.34 116.69
CA ASN BC 68 -27.21 -86.41 115.97
C ASN BC 68 -28.71 -86.19 115.83
N ASP BC 69 -29.32 -85.59 116.86
CA ASP BC 69 -30.75 -85.32 116.84
C ASP BC 69 -31.13 -84.17 115.93
N LEU BC 70 -30.21 -83.25 115.76
CA LEU BC 70 -30.46 -82.10 114.91
C LEU BC 70 -30.45 -82.51 113.45
N PHE BC 71 -29.46 -83.33 113.10
CA PHE BC 71 -29.29 -83.83 111.74
C PHE BC 71 -30.14 -85.08 111.50
N LYS BC 72 -31.03 -85.36 112.43
CA LYS BC 72 -31.92 -86.50 112.33
C LYS BC 72 -32.77 -86.32 111.09
N ARG BC 73 -33.28 -85.10 110.92
CA ARG BC 73 -34.13 -84.71 109.81
C ARG BC 73 -33.55 -85.08 108.45
N VAL BC 74 -32.23 -85.11 108.36
CA VAL BC 74 -31.55 -85.44 107.10
C VAL BC 74 -30.95 -86.83 107.10
N ASP BC 75 -31.50 -87.69 107.94
CA ASP BC 75 -31.05 -89.08 108.02
C ASP BC 75 -29.54 -89.18 108.18
N ILE BC 76 -29.01 -88.50 109.19
CA ILE BC 76 -27.57 -88.53 109.45
C ILE BC 76 -27.20 -89.94 109.88
N GLU BC 77 -28.22 -90.70 110.30
CA GLU BC 77 -28.02 -92.06 110.73
C GLU BC 77 -27.37 -92.87 109.60
N HIS BC 78 -27.72 -92.54 108.37
CA HIS BC 78 -27.15 -93.22 107.21
C HIS BC 78 -26.20 -92.26 106.51
N ALA BC 79 -24.96 -92.24 106.97
CA ALA BC 79 -23.95 -91.35 106.40
C ALA BC 79 -23.90 -91.38 104.87
N GLU BC 80 -23.92 -92.59 104.30
CA GLU BC 80 -23.86 -92.78 102.85
C GLU BC 80 -25.24 -92.64 102.18
N GLY BC 81 -26.27 -92.50 103.01
CA GLY BC 81 -27.62 -92.35 102.50
C GLY BC 81 -27.80 -91.06 101.73
N PRO BC 82 -28.33 -91.12 100.51
CA PRO BC 82 -28.54 -89.92 99.73
C PRO BC 82 -29.09 -88.75 100.56
N LYS BC 83 -30.09 -89.03 101.38
CA LYS BC 83 -30.68 -88.01 102.23
C LYS BC 83 -29.60 -87.13 102.86
N PHE BC 84 -28.61 -87.78 103.47
CA PHE BC 84 -27.51 -87.07 104.12
C PHE BC 84 -26.48 -86.58 103.11
N SER BC 85 -26.12 -87.42 102.15
CA SER BC 85 -25.14 -87.03 101.16
C SER BC 85 -25.53 -85.70 100.55
N ALA BC 86 -26.81 -85.54 100.25
CA ALA BC 86 -27.27 -84.29 99.67
C ALA BC 86 -26.90 -83.21 100.66
N HIS BC 87 -27.34 -83.37 101.90
CA HIS BC 87 -27.05 -82.40 102.95
C HIS BC 87 -25.56 -82.09 103.01
N ALA BC 88 -24.74 -83.13 103.07
CA ALA BC 88 -23.30 -82.97 103.10
C ALA BC 88 -22.90 -81.91 102.09
N LEU BC 89 -23.47 -81.98 100.89
CA LEU BC 89 -23.17 -81.01 99.87
C LEU BC 89 -23.64 -79.63 100.29
N ARG BC 90 -24.94 -79.46 100.42
CA ARG BC 90 -25.50 -78.17 100.83
C ARG BC 90 -24.62 -77.41 101.81
N ILE BC 91 -24.26 -78.04 102.92
CA ILE BC 91 -23.42 -77.38 103.91
C ILE BC 91 -22.06 -77.07 103.34
N LEU BC 92 -21.33 -78.13 103.00
CA LEU BC 92 -19.99 -78.01 102.44
C LEU BC 92 -20.01 -76.96 101.32
N ASN BC 93 -21.05 -76.98 100.51
CA ASN BC 93 -21.20 -76.05 99.40
C ASN BC 93 -21.47 -74.64 99.92
N GLY BC 94 -22.07 -74.55 101.09
CA GLY BC 94 -22.35 -73.24 101.67
C GLY BC 94 -21.03 -72.63 102.09
N LEU BC 95 -20.18 -73.44 102.69
CA LEU BC 95 -18.87 -72.98 103.09
C LEU BC 95 -18.17 -72.45 101.87
N ASP BC 96 -18.37 -73.12 100.72
CA ASP BC 96 -17.75 -72.67 99.46
C ASP BC 96 -18.20 -71.24 99.22
N LEU BC 97 -19.52 -71.06 99.13
CA LEU BC 97 -20.10 -69.73 98.92
C LEU BC 97 -19.42 -68.73 99.83
N ALA BC 98 -19.34 -69.01 101.12
CA ALA BC 98 -18.71 -68.11 102.06
C ALA BC 98 -17.32 -67.73 101.58
N ILE BC 99 -16.49 -68.75 101.36
CA ILE BC 99 -15.13 -68.53 100.91
C ILE BC 99 -15.08 -67.73 99.61
N ASN BC 100 -15.85 -68.13 98.61
CA ASN BC 100 -15.86 -67.44 97.34
C ASN BC 100 -16.40 -66.01 97.36
N LEU BC 101 -16.95 -65.57 98.48
CA LEU BC 101 -17.45 -64.22 98.56
C LEU BC 101 -16.57 -63.41 99.50
N LEU BC 102 -15.48 -64.01 99.93
CA LEU BC 102 -14.57 -63.35 100.84
C LEU BC 102 -14.06 -62.05 100.28
N ASP BC 103 -14.04 -61.94 98.95
CA ASP BC 103 -13.56 -60.70 98.35
C ASP BC 103 -14.73 -59.82 97.92
N ASP BC 104 -15.58 -59.45 98.88
CA ASP BC 104 -16.75 -58.59 98.66
C ASP BC 104 -17.52 -58.61 99.97
N PRO BC 105 -16.92 -58.05 101.03
CA PRO BC 105 -17.52 -57.99 102.37
C PRO BC 105 -19.03 -57.79 102.45
N PRO BC 106 -19.56 -56.77 101.78
CA PRO BC 106 -21.01 -56.54 101.83
C PRO BC 106 -21.83 -57.75 101.39
N ALA BC 107 -21.41 -58.36 100.27
CA ALA BC 107 -22.07 -59.53 99.73
C ALA BC 107 -21.90 -60.68 100.71
N LEU BC 108 -20.65 -60.97 101.03
CA LEU BC 108 -20.37 -62.04 101.96
C LEU BC 108 -21.21 -61.87 103.21
N ASP BC 109 -21.23 -60.64 103.71
CA ASP BC 109 -21.99 -60.33 104.91
C ASP BC 109 -23.40 -60.85 104.69
N ALA BC 110 -24.10 -60.25 103.73
CA ALA BC 110 -25.46 -60.66 103.43
C ALA BC 110 -25.56 -62.16 103.31
N ALA BC 111 -24.70 -62.76 102.51
CA ALA BC 111 -24.70 -64.20 102.29
C ALA BC 111 -24.68 -64.99 103.59
N LEU BC 112 -23.88 -64.53 104.54
CA LEU BC 112 -23.75 -65.19 105.82
C LEU BC 112 -24.95 -64.91 106.73
N ASP BC 113 -25.38 -63.66 106.79
CA ASP BC 113 -26.52 -63.28 107.62
C ASP BC 113 -27.66 -64.26 107.29
N HIS BC 114 -27.85 -64.47 105.98
CA HIS BC 114 -28.89 -65.36 105.50
C HIS BC 114 -28.67 -66.72 106.15
N LEU BC 115 -27.42 -67.18 106.19
CA LEU BC 115 -27.13 -68.48 106.78
C LEU BC 115 -27.45 -68.48 108.26
N ALA BC 116 -27.35 -67.31 108.88
CA ALA BC 116 -27.65 -67.20 110.30
C ALA BC 116 -29.12 -67.56 110.51
N HIS BC 117 -29.98 -66.87 109.77
CA HIS BC 117 -31.41 -67.10 109.85
C HIS BC 117 -31.77 -68.56 109.59
N GLN BC 118 -31.09 -69.21 108.65
CA GLN BC 118 -31.39 -70.60 108.32
C GLN BC 118 -31.02 -71.53 109.46
N HIS BC 119 -30.25 -71.01 110.40
CA HIS BC 119 -29.84 -71.79 111.55
C HIS BC 119 -30.58 -71.34 112.80
N GLU BC 120 -31.04 -70.10 112.79
CA GLU BC 120 -31.78 -69.56 113.93
C GLU BC 120 -33.05 -70.36 114.22
N VAL BC 121 -33.83 -70.63 113.17
CA VAL BC 121 -35.08 -71.37 113.31
C VAL BC 121 -34.89 -72.88 113.48
N ARG BC 122 -33.66 -73.32 113.68
CA ARG BC 122 -33.38 -74.74 113.89
C ARG BC 122 -32.98 -74.87 115.35
N GLU BC 123 -33.95 -75.00 116.25
CA GLU BC 123 -33.65 -75.09 117.67
C GLU BC 123 -32.82 -76.33 117.98
N GLY BC 124 -31.94 -76.19 118.97
CA GLY BC 124 -31.06 -77.28 119.36
C GLY BC 124 -29.63 -76.93 119.01
N VAL BC 125 -29.49 -76.12 117.96
CA VAL BC 125 -28.20 -75.68 117.48
C VAL BC 125 -27.69 -74.53 118.33
N GLN BC 126 -26.64 -74.77 119.10
CA GLN BC 126 -26.07 -73.74 119.96
C GLN BC 126 -24.66 -73.36 119.54
N LYS BC 127 -24.21 -72.19 119.95
CA LYS BC 127 -22.88 -71.70 119.60
C LYS BC 127 -21.76 -72.71 119.79
N ALA BC 128 -21.66 -73.29 120.98
CA ALA BC 128 -20.62 -74.27 121.27
C ALA BC 128 -20.43 -75.28 120.14
N HIS BC 129 -21.48 -75.51 119.36
CA HIS BC 129 -21.42 -76.45 118.25
C HIS BC 129 -20.46 -75.94 117.19
N PHE BC 130 -20.63 -74.68 116.79
CA PHE BC 130 -19.79 -74.08 115.79
C PHE BC 130 -18.34 -74.03 116.26
N LYS BC 131 -18.14 -73.55 117.48
CA LYS BC 131 -16.78 -73.49 118.01
C LYS BC 131 -16.08 -74.84 117.76
N LYS BC 132 -16.78 -75.94 118.07
CA LYS BC 132 -16.22 -77.26 117.88
C LYS BC 132 -16.02 -77.56 116.41
N PHE BC 133 -17.06 -77.33 115.61
CA PHE BC 133 -16.98 -77.59 114.17
C PHE BC 133 -15.78 -76.86 113.60
N GLY BC 134 -15.51 -75.67 114.12
CA GLY BC 134 -14.38 -74.90 113.66
C GLY BC 134 -13.08 -75.63 113.93
N GLU BC 135 -12.90 -76.09 115.16
CA GLU BC 135 -11.71 -76.82 115.55
C GLU BC 135 -11.54 -78.04 114.67
N ILE BC 136 -12.66 -78.70 114.35
CA ILE BC 136 -12.64 -79.89 113.53
C ILE BC 136 -12.22 -79.58 112.13
N LEU BC 137 -12.83 -78.53 111.58
CA LEU BC 137 -12.55 -78.08 110.23
C LEU BC 137 -11.08 -77.71 110.08
N ALA BC 138 -10.55 -77.11 111.12
CA ALA BC 138 -9.16 -76.67 111.12
C ALA BC 138 -8.20 -77.84 111.18
N THR BC 139 -8.64 -78.97 111.73
CA THR BC 139 -7.79 -80.13 111.84
C THR BC 139 -7.94 -80.98 110.60
N GLY BC 140 -9.05 -80.79 109.90
CA GLY BC 140 -9.32 -81.57 108.72
C GLY BC 140 -8.71 -81.02 107.44
N LEU BC 141 -8.94 -79.75 107.16
CA LEU BC 141 -8.42 -79.16 105.94
C LEU BC 141 -6.97 -79.55 105.62
N PRO BC 142 -6.06 -79.29 106.56
CA PRO BC 142 -4.65 -79.62 106.35
C PRO BC 142 -4.37 -81.07 106.05
N GLN BC 143 -5.41 -81.90 106.06
CA GLN BC 143 -5.24 -83.32 105.78
C GLN BC 143 -5.48 -83.62 104.32
N VAL BC 144 -6.20 -82.72 103.65
CA VAL BC 144 -6.50 -82.90 102.24
C VAL BC 144 -5.76 -81.89 101.38
N LEU BC 145 -5.30 -80.81 102.00
CA LEU BC 145 -4.58 -79.78 101.27
C LEU BC 145 -3.11 -79.83 101.69
N ASP BC 146 -2.23 -80.04 100.72
CA ASP BC 146 -0.81 -80.09 101.05
C ASP BC 146 -0.31 -78.70 101.44
N ASP BC 147 -0.87 -77.67 100.82
CA ASP BC 147 -0.47 -76.31 101.14
C ASP BC 147 -1.58 -75.68 101.95
N TYR BC 148 -1.32 -75.50 103.25
CA TYR BC 148 -2.30 -74.94 104.17
C TYR BC 148 -1.63 -73.90 105.05
N ASP BC 149 -2.27 -72.74 105.19
CA ASP BC 149 -1.73 -71.68 106.03
C ASP BC 149 -2.66 -71.51 107.22
N ALA BC 150 -2.44 -72.31 108.25
CA ALA BC 150 -3.27 -72.28 109.46
C ALA BC 150 -3.67 -70.89 109.90
N LEU BC 151 -2.71 -69.97 109.97
CA LEU BC 151 -2.99 -68.61 110.40
C LEU BC 151 -4.05 -67.91 109.57
N ALA BC 152 -3.87 -67.91 108.25
CA ALA BC 152 -4.83 -67.28 107.36
C ALA BC 152 -6.21 -67.91 107.53
N TRP BC 153 -6.27 -69.23 107.40
CA TRP BC 153 -7.53 -69.92 107.54
C TRP BC 153 -8.26 -69.65 108.84
N LYS BC 154 -7.61 -69.91 109.97
CA LYS BC 154 -8.25 -69.68 111.25
C LYS BC 154 -8.85 -68.29 111.29
N SER BC 155 -8.10 -67.30 110.83
CA SER BC 155 -8.58 -65.92 110.80
C SER BC 155 -9.91 -65.81 110.07
N CYS BC 156 -9.97 -66.37 108.86
CA CYS BC 156 -11.18 -66.29 108.06
C CYS BC 156 -12.29 -67.19 108.56
N LEU BC 157 -11.98 -68.46 108.81
CA LEU BC 157 -13.01 -69.37 109.29
C LEU BC 157 -13.72 -68.80 110.49
N LYS BC 158 -12.97 -68.13 111.37
CA LYS BC 158 -13.54 -67.54 112.57
C LYS BC 158 -14.62 -66.54 112.16
N GLY BC 159 -14.23 -65.55 111.38
CA GLY BC 159 -15.18 -64.55 110.94
C GLY BC 159 -16.44 -65.17 110.36
N ILE BC 160 -16.28 -66.23 109.57
CA ILE BC 160 -17.43 -66.90 108.96
C ILE BC 160 -18.30 -67.61 109.97
N LEU BC 161 -17.73 -68.59 110.65
CA LEU BC 161 -18.47 -69.34 111.64
C LEU BC 161 -19.21 -68.42 112.60
N THR BC 162 -18.55 -67.37 113.07
CA THR BC 162 -19.16 -66.44 114.00
C THR BC 162 -20.43 -65.80 113.42
N LYS BC 163 -20.26 -65.10 112.31
CA LYS BC 163 -21.38 -64.44 111.66
C LYS BC 163 -22.55 -65.38 111.36
N ILE BC 164 -22.25 -66.66 111.15
CA ILE BC 164 -23.30 -67.63 110.85
C ILE BC 164 -24.11 -67.99 112.07
N SER BC 165 -23.46 -68.09 113.22
CA SER BC 165 -24.15 -68.48 114.44
C SER BC 165 -24.58 -67.30 115.30
N SER BC 166 -24.24 -66.05 114.87
CA SER BC 166 -24.38 -64.98 115.83
C SER BC 166 -25.82 -64.84 116.19
N ARG BC 167 -26.67 -64.64 115.17
CA ARG BC 167 -28.07 -64.99 115.26
C ARG BC 167 -28.03 -66.48 115.26
N LEU BC 168 -28.83 -67.14 116.13
CA LEU BC 168 -28.16 -68.21 116.78
C LEU BC 168 -27.96 -69.54 116.07
N GLU CC 19 -6.78 -100.73 105.97
CA GLU CC 19 -5.91 -100.31 104.87
C GLU CC 19 -5.52 -98.89 104.96
N CYS CC 20 -5.88 -98.12 103.92
CA CYS CC 20 -5.40 -96.78 103.73
C CYS CC 20 -6.29 -95.89 104.56
N LEU CC 21 -6.03 -94.58 104.66
CA LEU CC 21 -7.23 -93.80 104.85
C LEU CC 21 -7.57 -93.21 103.54
N VAL CC 22 -8.79 -92.71 103.56
CA VAL CC 22 -9.56 -92.15 102.53
C VAL CC 22 -8.86 -90.93 102.07
N THR CC 23 -8.44 -90.10 103.04
CA THR CC 23 -7.62 -88.96 102.66
C THR CC 23 -6.21 -89.41 102.27
N GLU CC 24 -5.61 -90.24 103.12
CA GLU CC 24 -4.27 -90.74 102.87
C GLU CC 24 -4.15 -91.33 101.46
N SER CC 25 -5.28 -91.61 100.83
CA SER CC 25 -5.27 -92.16 99.47
C SER CC 25 -5.29 -91.01 98.50
N LEU CC 26 -6.38 -90.24 98.54
CA LEU CC 26 -6.55 -89.10 97.66
C LEU CC 26 -5.25 -88.32 97.55
N LYS CC 27 -4.56 -88.22 98.68
CA LYS CC 27 -3.30 -87.50 98.72
C LYS CC 27 -2.33 -88.17 97.77
N VAL CC 28 -2.25 -89.48 97.83
CA VAL CC 28 -1.35 -90.21 96.95
C VAL CC 28 -1.86 -90.15 95.54
N LYS CC 29 -3.14 -90.41 95.37
CA LYS CC 29 -3.74 -90.40 94.04
C LYS CC 29 -3.38 -89.09 93.34
N LEU CC 30 -3.46 -88.02 94.11
CA LEU CC 30 -3.16 -86.68 93.63
C LEU CC 30 -1.67 -86.47 93.34
N GLN CC 31 -0.82 -86.70 94.32
CA GLN CC 31 0.60 -86.53 94.14
C GLN CC 31 1.14 -87.41 93.05
N TRP CC 32 0.61 -88.62 92.92
CA TRP CC 32 1.07 -89.53 91.87
C TRP CC 32 0.92 -88.82 90.55
N ALA CC 33 -0.19 -88.13 90.38
CA ALA CC 33 -0.45 -87.38 89.16
C ALA CC 33 0.70 -86.46 88.79
N SER CC 34 0.99 -85.50 89.65
CA SER CC 34 2.05 -84.55 89.42
C SER CC 34 3.39 -85.20 89.17
N ALA CC 35 3.74 -86.15 90.02
CA ALA CC 35 5.02 -86.84 89.92
C ALA CC 35 5.22 -87.67 88.64
N PHE CC 36 4.32 -88.63 88.45
CA PHE CC 36 4.38 -89.51 87.30
C PHE CC 36 4.43 -88.67 86.04
N GLY CC 37 3.36 -87.92 85.80
CA GLY CC 37 3.33 -87.07 84.63
C GLY CC 37 2.65 -87.66 83.42
N HIS CC 38 3.06 -87.18 82.24
CA HIS CC 38 2.51 -87.65 80.98
C HIS CC 38 3.56 -87.87 79.90
N ALA CC 39 3.26 -88.77 78.97
CA ALA CC 39 4.16 -89.08 77.86
C ALA CC 39 5.59 -89.32 78.29
N HIS CC 40 6.52 -88.73 77.56
CA HIS CC 40 7.94 -88.88 77.83
C HIS CC 40 8.30 -88.67 79.30
N GLU CC 41 7.72 -87.64 79.92
CA GLU CC 41 7.98 -87.33 81.33
C GLU CC 41 7.99 -88.59 82.19
N ARG CC 42 7.21 -89.58 81.76
CA ARG CC 42 7.08 -90.87 82.44
C ARG CC 42 8.27 -91.77 82.20
N VAL CC 43 8.54 -92.06 80.94
CA VAL CC 43 9.68 -92.91 80.60
C VAL CC 43 10.88 -92.45 81.41
N ALA CC 44 11.03 -91.14 81.52
CA ALA CC 44 12.12 -90.52 82.25
C ALA CC 44 12.06 -90.98 83.70
N PHE CC 45 10.86 -90.91 84.26
CA PHE CC 45 10.63 -91.34 85.63
C PHE CC 45 11.01 -92.80 85.75
N GLY CC 46 10.32 -93.64 85.00
CA GLY CC 46 10.61 -95.07 85.05
C GLY CC 46 12.11 -95.34 85.01
N LEU CC 47 12.78 -94.81 83.99
CA LEU CC 47 14.21 -95.01 83.83
C LEU CC 47 14.96 -94.62 85.10
N GLU CC 48 14.81 -93.37 85.52
CA GLU CC 48 15.49 -92.91 86.72
C GLU CC 48 15.28 -93.88 87.86
N LEU CC 49 14.06 -94.37 88.02
CA LEU CC 49 13.71 -95.30 89.08
C LEU CC 49 14.50 -96.58 89.01
N TRP CC 50 14.28 -97.36 87.95
CA TRP CC 50 14.98 -98.62 87.79
C TRP CC 50 16.49 -98.51 87.86
N ARG CC 51 17.06 -97.41 87.36
CA ARG CC 51 18.51 -97.26 87.41
C ARG CC 51 18.93 -97.28 88.86
N ASP CC 52 18.37 -96.38 89.66
CA ASP CC 52 18.71 -96.34 91.08
C ASP CC 52 18.53 -97.68 91.76
N ILE CC 53 17.49 -98.42 91.37
CA ILE CC 53 17.21 -99.73 91.94
C ILE CC 53 18.28 -100.76 91.58
N ILE CC 54 18.57 -100.88 90.30
CA ILE CC 54 19.55 -101.84 89.86
C ILE CC 54 20.98 -101.54 90.33
N ASP CC 55 21.33 -100.27 90.52
CA ASP CC 55 22.67 -99.96 90.99
C ASP CC 55 22.84 -100.38 92.44
N ASP CC 56 21.74 -100.30 93.19
CA ASP CC 56 21.74 -100.65 94.59
C ASP CC 56 21.76 -102.17 94.78
N HIS CC 57 21.01 -102.88 93.97
CA HIS CC 57 20.94 -104.34 94.06
C HIS CC 57 21.00 -105.01 92.68
N PRO CC 58 22.20 -105.10 92.10
CA PRO CC 58 22.39 -105.71 90.78
C PRO CC 58 21.87 -107.13 90.65
N GLU CC 59 21.43 -107.71 91.77
CA GLU CC 59 20.91 -109.08 91.75
C GLU CC 59 19.65 -109.12 90.89
N ILE CC 60 19.00 -107.99 90.75
CA ILE CC 60 17.76 -107.90 90.00
C ILE CC 60 17.93 -108.04 88.49
N LYS CC 61 19.07 -107.66 87.95
CA LYS CC 61 19.27 -107.77 86.52
C LYS CC 61 18.98 -109.18 86.04
N ALA CC 62 18.88 -110.10 86.98
CA ALA CC 62 18.63 -111.50 86.66
C ALA CC 62 17.27 -111.80 86.03
N PRO CC 63 16.18 -111.67 86.81
CA PRO CC 63 14.86 -111.95 86.24
C PRO CC 63 14.45 -111.03 85.10
N PHE CC 64 15.09 -109.88 85.00
CA PHE CC 64 14.78 -108.94 83.95
C PHE CC 64 15.55 -109.29 82.71
N SER CC 65 16.00 -110.53 82.64
CA SER CC 65 16.76 -111.01 81.49
C SER CC 65 15.94 -111.02 80.21
N ARG CC 66 14.65 -111.30 80.36
CA ARG CC 66 13.75 -111.36 79.22
C ARG CC 66 13.56 -109.98 78.57
N VAL CC 67 13.56 -108.94 79.41
CA VAL CC 67 13.40 -107.57 78.96
C VAL CC 67 14.70 -106.77 79.04
N ARG CC 68 15.76 -107.29 78.41
CA ARG CC 68 17.08 -106.66 78.41
C ARG CC 68 17.29 -105.75 79.63
N GLY CC 69 17.45 -106.37 80.80
CA GLY CC 69 17.66 -105.62 82.02
C GLY CC 69 19.09 -105.15 82.16
N ASP CC 70 19.97 -105.66 81.30
CA ASP CC 70 21.36 -105.25 81.34
C ASP CC 70 21.46 -103.80 80.86
N ASN CC 71 20.69 -103.48 79.82
CA ASN CC 71 20.67 -102.14 79.23
C ASN CC 71 19.31 -101.52 79.48
N ILE CC 72 19.16 -100.82 80.59
CA ILE CC 72 17.88 -100.19 80.93
C ILE CC 72 17.46 -99.09 79.99
N TYR CC 73 18.39 -98.60 79.19
CA TYR CC 73 18.06 -97.54 78.25
C TYR CC 73 17.47 -98.10 76.96
N SER CC 74 17.57 -99.41 76.79
CA SER CC 74 17.05 -100.07 75.60
C SER CC 74 15.55 -99.95 75.51
N PRO CC 75 15.01 -100.07 74.29
CA PRO CC 75 13.57 -99.98 74.11
C PRO CC 75 12.88 -101.18 74.75
N GLU CC 76 13.51 -102.34 74.62
CA GLU CC 76 12.95 -103.54 75.19
C GLU CC 76 12.64 -103.31 76.67
N PHE CC 77 13.64 -102.86 77.42
CA PHE CC 77 13.45 -102.61 78.85
C PHE CC 77 12.54 -101.41 79.04
N GLY CC 78 12.74 -100.37 78.24
CA GLY CC 78 11.93 -99.18 78.34
C GLY CC 78 10.47 -99.54 78.34
N ALA CC 79 10.10 -100.40 77.40
CA ALA CC 79 8.74 -100.85 77.29
C ALA CC 79 8.35 -101.39 78.66
N HIS CC 80 9.07 -102.42 79.10
CA HIS CC 80 8.82 -103.05 80.39
C HIS CC 80 8.60 -101.98 81.44
N SER CC 81 9.62 -101.16 81.65
CA SER CC 81 9.58 -100.08 82.62
C SER CC 81 8.20 -99.45 82.66
N GLN CC 82 7.72 -99.04 81.49
CA GLN CC 82 6.43 -98.39 81.38
C GLN CC 82 5.30 -99.31 81.85
N ARG CC 83 5.26 -100.53 81.32
CA ARG CC 83 4.22 -101.49 81.67
C ARG CC 83 4.09 -101.53 83.18
N VAL CC 84 5.24 -101.56 83.86
CA VAL CC 84 5.30 -101.62 85.31
C VAL CC 84 4.61 -100.42 85.91
N LEU CC 85 5.20 -99.27 85.71
CA LEU CC 85 4.63 -98.04 86.23
C LEU CC 85 3.14 -98.00 85.99
N SER CC 86 2.71 -98.39 84.79
CA SER CC 86 1.29 -98.37 84.47
C SER CC 86 0.49 -99.17 85.48
N GLY CC 87 0.92 -100.41 85.74
CA GLY CC 87 0.23 -101.25 86.72
C GLY CC 87 0.16 -100.54 88.05
N LEU CC 88 1.27 -99.92 88.43
CA LEU CC 88 1.35 -99.17 89.66
C LEU CC 88 0.27 -98.10 89.61
N ASP CC 89 0.11 -97.46 88.45
CA ASP CC 89 -0.91 -96.43 88.31
C ASP CC 89 -2.25 -97.03 88.64
N ILE CC 90 -2.54 -98.16 88.02
CA ILE CC 90 -3.82 -98.82 88.26
C ILE CC 90 -4.04 -99.02 89.74
N THR CC 91 -3.17 -99.81 90.36
CA THR CC 91 -3.31 -100.07 91.77
C THR CC 91 -3.61 -98.77 92.52
N ILE CC 92 -2.76 -97.76 92.35
CA ILE CC 92 -2.99 -96.48 93.02
C ILE CC 92 -4.36 -95.90 92.75
N SER CC 93 -4.81 -95.99 91.48
CA SER CC 93 -6.11 -95.51 91.20
C SER CC 93 -7.12 -96.39 91.86
N MET CC 94 -6.80 -97.69 91.99
CA MET CC 94 -7.78 -98.68 92.32
C MET CC 94 -8.31 -98.37 93.67
N LEU CC 95 -7.37 -97.99 94.54
CA LEU CC 95 -7.36 -98.41 95.91
C LEU CC 95 -8.54 -97.88 96.65
N ASP CC 96 -8.99 -96.68 96.30
CA ASP CC 96 -10.00 -95.94 97.01
C ASP CC 96 -11.24 -96.76 97.03
N THR CC 97 -11.61 -97.34 95.88
CA THR CC 97 -12.82 -98.10 95.86
C THR CC 97 -12.38 -99.51 96.08
N PRO CC 98 -12.79 -100.02 97.20
CA PRO CC 98 -12.38 -101.32 97.72
C PRO CC 98 -12.66 -102.54 96.85
N ASP CC 99 -13.86 -102.62 96.30
CA ASP CC 99 -14.21 -103.76 95.46
C ASP CC 99 -13.27 -103.96 94.27
N MET CC 100 -12.82 -102.87 93.70
CA MET CC 100 -11.90 -102.92 92.55
C MET CC 100 -10.49 -103.25 93.03
N LEU CC 101 -10.07 -102.64 94.12
CA LEU CC 101 -8.74 -102.88 94.65
C LEU CC 101 -8.57 -104.34 95.03
N ALA CC 102 -9.47 -104.82 95.89
CA ALA CC 102 -9.43 -106.20 96.36
C ALA CC 102 -9.30 -107.14 95.17
N ALA CC 103 -9.99 -106.82 94.09
CA ALA CC 103 -9.95 -107.62 92.89
C ALA CC 103 -8.61 -107.48 92.17
N GLN CC 104 -8.23 -106.24 91.92
CA GLN CC 104 -6.98 -105.92 91.25
C GLN CC 104 -5.81 -106.54 91.99
N LEU CC 105 -5.78 -106.34 93.30
CA LEU CC 105 -4.71 -106.91 94.10
C LEU CC 105 -4.66 -108.42 93.92
N ALA CC 106 -5.79 -109.08 94.05
CA ALA CC 106 -5.83 -110.52 93.89
C ALA CC 106 -5.27 -110.91 92.54
N HIS CC 107 -5.61 -110.14 91.51
CA HIS CC 107 -5.14 -110.39 90.16
C HIS CC 107 -3.62 -110.29 90.08
N LEU CC 108 -3.03 -109.32 90.78
CA LEU CC 108 -1.59 -109.13 90.77
C LEU CC 108 -0.89 -110.26 91.52
N LYS CC 109 -1.47 -110.69 92.63
CA LYS CC 109 -0.87 -111.75 93.43
C LYS CC 109 -0.61 -112.97 92.56
N VAL CC 110 -1.55 -113.30 91.70
CA VAL CC 110 -1.41 -114.44 90.81
C VAL CC 110 -0.22 -114.29 89.87
N GLN CC 111 -0.12 -113.16 89.20
CA GLN CC 111 0.98 -112.94 88.27
C GLN CC 111 2.34 -113.03 88.95
N HIS CC 112 2.34 -113.10 90.27
CA HIS CC 112 3.59 -113.19 91.03
C HIS CC 112 3.84 -114.53 91.70
N VAL CC 113 2.89 -114.99 92.50
CA VAL CC 113 3.01 -116.26 93.21
C VAL CC 113 3.70 -117.36 92.40
N GLU CC 114 3.38 -117.45 91.10
CA GLU CC 114 3.80 -118.58 90.32
C GLU CC 114 5.28 -118.58 90.14
N ARG CC 115 5.85 -117.41 89.79
CA ARG CC 115 7.26 -117.28 89.57
C ARG CC 115 7.87 -117.21 90.93
N ASN CC 116 9.09 -117.73 91.12
CA ASN CC 116 9.64 -117.47 92.41
C ASN CC 116 10.24 -116.11 92.39
N LEU CC 117 10.09 -115.40 93.53
CA LEU CC 117 10.69 -114.11 93.64
C LEU CC 117 11.14 -113.89 95.01
N LYS CC 118 11.98 -112.85 95.14
CA LYS CC 118 12.41 -112.42 96.42
C LYS CC 118 11.47 -111.40 96.94
N PRO CC 119 11.13 -111.69 98.16
CA PRO CC 119 10.18 -110.93 98.89
C PRO CC 119 10.69 -109.56 99.12
N GLU CC 120 11.99 -109.49 99.48
CA GLU CC 120 12.68 -108.26 99.87
C GLU CC 120 12.86 -107.31 98.67
N PHE CC 121 12.79 -107.85 97.45
CA PHE CC 121 12.94 -107.05 96.24
C PHE CC 121 11.93 -105.92 96.25
N PHE CC 122 10.70 -106.25 96.59
CA PHE CC 122 9.63 -105.27 96.63
C PHE CC 122 9.92 -104.22 97.69
N ASP CC 123 10.41 -104.67 98.84
CA ASP CC 123 10.72 -103.74 99.92
C ASP CC 123 11.73 -102.75 99.38
N ILE CC 124 12.55 -103.20 98.42
CA ILE CC 124 13.56 -102.37 97.79
C ILE CC 124 12.89 -101.41 96.83
N PHE CC 125 12.11 -101.98 95.93
CA PHE CC 125 11.37 -101.21 94.95
C PHE CC 125 10.72 -100.05 95.64
N LEU CC 126 9.99 -100.34 96.71
CA LEU CC 126 9.30 -99.30 97.48
C LEU CC 126 10.25 -98.23 97.97
N LYS CC 127 11.35 -98.66 98.56
CA LYS CC 127 12.35 -97.73 99.07
C LYS CC 127 12.65 -96.66 98.03
N HIS CC 128 12.99 -97.10 96.82
CA HIS CC 128 13.31 -96.17 95.75
C HIS CC 128 12.13 -95.39 95.22
N LEU CC 129 11.02 -96.06 94.93
CA LEU CC 129 9.86 -95.35 94.43
C LEU CC 129 9.59 -94.10 95.31
N LEU CC 130 9.81 -94.23 96.61
CA LEU CC 130 9.60 -93.12 97.53
C LEU CC 130 10.73 -92.12 97.38
N HIS CC 131 11.95 -92.64 97.28
CA HIS CC 131 13.11 -91.79 97.13
C HIS CC 131 12.90 -90.89 95.92
N VAL CC 132 12.51 -91.49 94.80
CA VAL CC 132 12.28 -90.75 93.57
C VAL CC 132 11.14 -89.75 93.70
N LEU CC 133 9.98 -90.20 94.13
CA LEU CC 133 8.86 -89.28 94.30
C LEU CC 133 9.31 -88.13 95.20
N GLY CC 134 10.18 -88.45 96.15
CA GLY CC 134 10.70 -87.44 97.04
C GLY CC 134 11.30 -86.29 96.24
N ASP CC 135 12.17 -86.63 95.29
CA ASP CC 135 12.81 -85.63 94.45
C ASP CC 135 11.75 -84.91 93.65
N ARG CC 136 10.96 -85.65 92.90
CA ARG CC 136 9.92 -85.07 92.07
C ARG CC 136 8.98 -84.11 92.81
N LEU CC 137 8.43 -84.57 93.92
CA LEU CC 137 7.48 -83.76 94.67
C LEU CC 137 8.07 -82.73 95.61
N GLY CC 138 9.28 -82.98 96.10
CA GLY CC 138 9.91 -82.03 97.00
C GLY CC 138 9.56 -82.24 98.45
N THR CC 139 9.39 -81.14 99.18
CA THR CC 139 9.07 -81.23 100.60
C THR CC 139 7.58 -81.49 100.87
N HIS CC 140 6.76 -81.22 99.87
CA HIS CC 140 5.34 -81.43 100.00
C HIS CC 140 5.01 -82.92 100.09
N PHE CC 141 5.87 -83.72 99.47
CA PHE CC 141 5.72 -85.16 99.42
C PHE CC 141 5.23 -85.74 100.73
N ASP CC 142 4.02 -86.29 100.75
CA ASP CC 142 3.50 -86.86 101.99
C ASP CC 142 3.97 -88.28 102.18
N PHE CC 143 5.21 -88.41 102.65
CA PHE CC 143 5.85 -89.68 102.90
C PHE CC 143 4.89 -90.59 103.63
N GLY CC 144 4.40 -90.12 104.77
CA GLY CC 144 3.48 -90.91 105.57
C GLY CC 144 2.43 -91.58 104.70
N ALA CC 145 1.63 -90.77 104.04
CA ALA CC 145 0.57 -91.27 103.20
C ALA CC 145 1.05 -92.33 102.23
N TRP CC 146 2.14 -92.06 101.54
CA TRP CC 146 2.64 -93.02 100.57
C TRP CC 146 3.05 -94.32 101.22
N HIS CC 147 3.95 -94.25 102.19
CA HIS CC 147 4.42 -95.44 102.88
C HIS CC 147 3.24 -96.31 103.31
N ASP CC 148 2.32 -95.73 104.06
CA ASP CC 148 1.15 -96.45 104.51
C ASP CC 148 0.36 -97.02 103.34
N CYS CC 149 0.26 -96.25 102.26
CA CYS CC 149 -0.52 -96.66 101.11
C CYS CC 149 0.12 -97.56 100.05
N VAL CC 150 1.30 -97.22 99.57
CA VAL CC 150 1.94 -98.05 98.57
C VAL CC 150 2.30 -99.38 99.18
N ASP CC 151 2.62 -99.37 100.46
CA ASP CC 151 2.98 -100.60 101.17
C ASP CC 151 1.88 -101.63 100.93
N GLN CC 152 0.66 -101.26 101.31
CA GLN CC 152 -0.48 -102.13 101.14
C GLN CC 152 -0.54 -102.74 99.75
N ILE CC 153 -0.07 -102.00 98.75
CA ILE CC 153 -0.09 -102.48 97.37
C ILE CC 153 0.98 -103.51 97.15
N ILE CC 154 2.11 -103.36 97.83
CA ILE CC 154 3.20 -104.31 97.67
C ILE CC 154 2.87 -105.64 98.32
N ASP CC 155 2.47 -105.60 99.58
CA ASP CC 155 2.15 -106.84 100.28
C ASP CC 155 1.18 -107.71 99.48
N GLY CC 156 0.15 -107.09 98.87
CA GLY CC 156 -0.87 -107.89 98.25
C GLY CC 156 -0.22 -108.58 97.11
N ILE CC 157 0.67 -107.85 96.44
CA ILE CC 157 1.28 -108.42 95.28
C ILE CC 157 2.10 -109.57 95.71
N LYS CC 158 2.89 -109.36 96.79
CA LYS CC 158 3.92 -110.29 97.15
C LYS CC 158 3.32 -111.57 97.73
N ASP DC 5 54.33 -60.12 82.77
CA ASP DC 5 53.22 -59.42 83.44
C ASP DC 5 51.98 -60.21 83.23
N CYS DC 6 50.85 -59.71 83.71
CA CYS DC 6 49.75 -60.59 83.66
C CYS DC 6 49.02 -60.24 82.43
N CYS DC 7 48.19 -61.18 82.01
CA CYS DC 7 47.64 -61.12 80.71
C CYS DC 7 46.33 -60.45 80.88
N SER DC 8 45.90 -59.69 79.85
CA SER DC 8 44.64 -59.00 79.84
C SER DC 8 43.58 -60.03 79.61
N TYR DC 9 42.39 -59.79 80.24
CA TYR DC 9 41.25 -60.69 80.29
C TYR DC 9 40.62 -60.72 78.92
N GLU DC 10 40.57 -59.57 78.24
CA GLU DC 10 40.00 -59.51 76.91
C GLU DC 10 40.81 -60.42 76.00
N ASP DC 11 42.12 -60.30 76.08
CA ASP DC 11 43.00 -61.12 75.26
C ASP DC 11 42.73 -62.58 75.51
N ARG DC 12 42.59 -62.96 76.76
CA ARG DC 12 42.31 -64.34 77.05
C ARG DC 12 41.06 -64.75 76.27
N ARG DC 13 40.00 -63.96 76.40
CA ARG DC 13 38.76 -64.23 75.69
C ARG DC 13 39.03 -64.37 74.19
N GLU DC 14 39.85 -63.48 73.65
CA GLU DC 14 40.20 -63.53 72.23
C GLU DC 14 40.74 -64.92 71.89
N ILE DC 15 41.71 -65.35 72.65
CA ILE DC 15 42.32 -66.64 72.40
C ILE DC 15 41.34 -67.77 72.66
N ARG DC 16 40.65 -67.73 73.80
CA ARG DC 16 39.69 -68.79 74.15
C ARG DC 16 38.76 -69.02 72.99
N HIS DC 17 38.76 -68.09 72.05
CA HIS DC 17 37.93 -68.20 70.85
C HIS DC 17 38.79 -68.63 69.67
N ILE DC 18 39.87 -67.90 69.43
CA ILE DC 18 40.78 -68.24 68.35
C ILE DC 18 41.07 -69.74 68.36
N TRP DC 19 41.28 -70.29 69.55
CA TRP DC 19 41.58 -71.69 69.67
C TRP DC 19 40.43 -72.55 69.18
N ASP DC 20 39.22 -72.24 69.64
CA ASP DC 20 38.03 -72.99 69.23
C ASP DC 20 37.91 -73.12 67.71
N ASP DC 21 38.78 -72.45 66.97
CA ASP DC 21 38.71 -72.54 65.52
C ASP DC 21 39.75 -73.52 64.99
N VAL DC 22 40.85 -73.67 65.71
CA VAL DC 22 41.91 -74.60 65.29
C VAL DC 22 41.61 -75.97 65.90
N TRP DC 23 41.17 -76.00 67.17
CA TRP DC 23 40.94 -77.27 67.81
C TRP DC 23 39.85 -77.88 67.05
N SER DC 24 38.68 -77.22 67.13
CA SER DC 24 37.68 -77.41 66.12
C SER DC 24 36.91 -78.65 66.51
N SER DC 25 36.77 -79.61 65.57
CA SER DC 25 36.02 -80.81 65.82
C SER DC 25 36.78 -81.70 66.74
N SER DC 26 36.11 -82.78 67.20
CA SER DC 26 36.62 -83.67 68.20
C SER DC 26 37.50 -84.68 67.56
N PHE DC 27 37.71 -84.47 66.25
CA PHE DC 27 38.40 -85.32 65.35
C PHE DC 27 39.85 -85.31 65.63
N THR DC 28 40.50 -86.46 65.49
CA THR DC 28 41.92 -86.18 65.44
C THR DC 28 42.42 -85.47 64.18
N ASP DC 29 42.18 -86.08 63.02
CA ASP DC 29 42.61 -85.54 61.74
C ASP DC 29 43.08 -84.08 61.71
N ARG DC 30 42.18 -83.14 61.98
CA ARG DC 30 42.53 -81.73 61.94
C ARG DC 30 43.63 -81.34 62.92
N ARG DC 31 43.32 -81.41 64.21
CA ARG DC 31 44.30 -81.04 65.23
C ARG DC 31 45.66 -81.64 64.93
N VAL DC 32 45.68 -82.87 64.44
CA VAL DC 32 46.93 -83.53 64.12
C VAL DC 32 47.73 -82.72 63.10
N ALA DC 33 47.18 -82.59 61.90
CA ALA DC 33 47.85 -81.85 60.84
C ALA DC 33 48.37 -80.50 61.33
N ILE DC 34 47.61 -79.80 62.16
CA ILE DC 34 48.05 -78.51 62.67
C ILE DC 34 49.25 -78.64 63.60
N VAL DC 35 49.09 -79.39 64.69
CA VAL DC 35 50.19 -79.57 65.63
C VAL DC 35 51.43 -80.07 64.90
N ARG DC 36 51.22 -80.95 63.92
CA ARG DC 36 52.33 -81.48 63.13
C ARG DC 36 52.96 -80.29 62.42
N ALA DC 37 52.19 -79.64 61.56
CA ALA DC 37 52.66 -78.48 60.82
C ALA DC 37 53.42 -77.53 61.73
N VAL DC 38 53.06 -77.51 63.01
CA VAL DC 38 53.73 -76.65 63.99
C VAL DC 38 55.13 -77.18 64.24
N PHE DC 39 55.21 -78.46 64.58
CA PHE DC 39 56.51 -79.08 64.83
C PHE DC 39 57.44 -79.04 63.61
N ASP DC 40 56.90 -79.32 62.43
CA ASP DC 40 57.72 -79.29 61.23
C ASP DC 40 58.43 -77.96 61.13
N ASP DC 41 57.80 -76.89 61.63
CA ASP DC 41 58.38 -75.56 61.60
C ASP DC 41 59.41 -75.43 62.73
N LEU DC 42 59.25 -76.22 63.79
CA LEU DC 42 60.16 -76.16 64.89
C LEU DC 42 61.42 -76.88 64.47
N PHE DC 43 61.25 -77.99 63.77
CA PHE DC 43 62.40 -78.77 63.32
C PHE DC 43 63.14 -78.11 62.16
N LYS DC 44 62.44 -77.40 61.32
CA LYS DC 44 63.11 -76.75 60.20
C LYS DC 44 63.98 -75.61 60.71
N HIS DC 45 63.68 -75.13 61.92
CA HIS DC 45 64.44 -74.02 62.51
C HIS DC 45 65.41 -74.42 63.62
N TYR DC 46 65.03 -75.41 64.41
CA TYR DC 46 65.88 -75.91 65.49
C TYR DC 46 65.95 -77.42 65.31
N PRO DC 47 66.56 -77.87 64.20
CA PRO DC 47 66.71 -79.28 63.85
C PRO DC 47 67.21 -80.19 64.98
N THR DC 48 67.97 -79.61 65.90
CA THR DC 48 68.51 -80.35 67.02
C THR DC 48 67.43 -81.07 67.81
N SER DC 49 66.37 -80.35 68.13
CA SER DC 49 65.23 -80.88 68.88
C SER DC 49 64.66 -82.17 68.31
N LYS DC 50 64.68 -82.31 66.98
CA LYS DC 50 64.14 -83.49 66.33
C LYS DC 50 64.49 -84.76 67.09
N ALA DC 51 65.78 -85.00 67.28
CA ALA DC 51 66.23 -86.19 67.99
C ALA DC 51 65.46 -86.51 69.28
N LEU DC 52 65.09 -85.48 70.04
CA LEU DC 52 64.36 -85.66 71.32
C LEU DC 52 63.15 -86.58 71.28
N PHE DC 53 62.52 -86.69 70.12
CA PHE DC 53 61.32 -87.50 69.98
C PHE DC 53 61.50 -88.87 69.33
N GLU DC 54 62.68 -89.46 69.45
CA GLU DC 54 62.89 -90.78 68.86
C GLU DC 54 62.09 -91.76 69.69
N ARG DC 55 61.84 -91.38 70.93
CA ARG DC 55 61.09 -92.22 71.85
C ARG DC 55 59.68 -92.48 71.34
N VAL DC 56 59.13 -91.53 70.59
CA VAL DC 56 57.79 -91.66 70.06
C VAL DC 56 57.83 -92.01 68.59
N LYS DC 57 59.02 -92.26 68.08
CA LYS DC 57 59.19 -92.63 66.67
C LYS DC 57 58.84 -91.55 65.65
N ILE DC 58 59.58 -90.45 65.67
CA ILE DC 58 59.32 -89.38 64.71
C ILE DC 58 59.81 -89.80 63.34
N ASP DC 59 60.69 -90.80 63.30
CA ASP DC 59 61.22 -91.29 62.03
C ASP DC 59 60.11 -91.94 61.22
N GLU DC 60 59.00 -92.23 61.89
CA GLU DC 60 57.84 -92.82 61.25
C GLU DC 60 56.69 -91.83 61.41
N PRO DC 61 56.68 -90.78 60.58
CA PRO DC 61 55.64 -89.76 60.64
C PRO DC 61 54.23 -90.28 60.83
N GLU DC 62 53.80 -91.20 59.97
CA GLU DC 62 52.44 -91.73 60.06
C GLU DC 62 52.30 -92.89 61.04
N SER DC 63 53.38 -93.15 61.78
CA SER DC 63 53.43 -94.24 62.74
C SER DC 63 52.16 -94.48 63.55
N GLY DC 64 51.71 -93.45 64.24
CA GLY DC 64 50.54 -93.62 65.07
C GLY DC 64 51.07 -93.57 66.49
N GLU DC 65 52.25 -94.14 66.69
CA GLU DC 65 52.89 -94.10 68.01
C GLU DC 65 53.22 -92.63 68.17
N PHE DC 66 53.51 -92.00 67.03
CA PHE DC 66 53.87 -90.59 66.95
C PHE DC 66 52.63 -89.72 66.81
N LYS DC 67 51.73 -90.12 65.93
CA LYS DC 67 50.52 -89.35 65.76
C LYS DC 67 49.89 -89.14 67.12
N SER DC 68 49.68 -90.23 67.85
CA SER DC 68 49.09 -90.15 69.17
C SER DC 68 49.83 -89.09 69.96
N HIS DC 69 51.15 -89.10 69.87
CA HIS DC 69 51.94 -88.10 70.59
C HIS DC 69 51.44 -86.71 70.23
N LEU DC 70 51.55 -86.37 68.95
CA LEU DC 70 51.09 -85.08 68.48
C LEU DC 70 49.81 -84.69 69.18
N VAL DC 71 48.84 -85.59 69.16
CA VAL DC 71 47.58 -85.35 69.81
C VAL DC 71 47.75 -84.98 71.28
N ARG DC 72 48.52 -85.78 72.02
CA ARG DC 72 48.74 -85.49 73.42
C ARG DC 72 49.25 -84.09 73.60
N VAL DC 73 50.13 -83.66 72.71
CA VAL DC 73 50.68 -82.32 72.76
C VAL DC 73 49.55 -81.37 72.54
N ALA DC 74 48.84 -81.57 71.45
CA ALA DC 74 47.70 -80.73 71.12
C ALA DC 74 46.82 -80.65 72.35
N ASN DC 75 46.26 -81.77 72.75
CA ASN DC 75 45.39 -81.80 73.92
C ASN DC 75 45.99 -81.13 75.15
N GLY DC 76 47.30 -81.24 75.32
CA GLY DC 76 47.90 -80.61 76.47
C GLY DC 76 47.80 -79.11 76.38
N LEU DC 77 47.84 -78.60 75.17
CA LEU DC 77 47.72 -77.19 74.91
C LEU DC 77 46.27 -76.83 75.12
N LYS DC 78 45.39 -77.63 74.55
CA LYS DC 78 43.97 -77.43 74.70
C LYS DC 78 43.65 -77.28 76.18
N LEU DC 79 44.12 -78.23 76.98
CA LEU DC 79 43.89 -78.22 78.41
C LEU DC 79 44.32 -76.91 79.03
N LEU DC 80 45.44 -76.36 78.56
CA LEU DC 80 45.92 -75.10 79.09
C LEU DC 80 44.90 -74.00 78.82
N ILE DC 81 44.68 -73.74 77.54
CA ILE DC 81 43.75 -72.72 77.10
C ILE DC 81 42.41 -72.85 77.83
N ASN DC 82 41.89 -74.05 77.86
CA ASN DC 82 40.62 -74.29 78.53
C ASN DC 82 40.72 -74.19 80.06
N LEU DC 83 41.78 -73.56 80.53
CA LEU DC 83 41.99 -73.42 81.95
C LEU DC 83 42.16 -71.95 82.27
N LEU DC 84 42.36 -71.15 81.21
CA LEU DC 84 42.56 -69.71 81.34
C LEU DC 84 41.49 -68.97 82.15
N ASP DC 85 40.36 -69.64 82.43
CA ASP DC 85 39.31 -68.99 83.22
C ASP DC 85 39.38 -69.47 84.68
N ASP DC 86 40.22 -70.47 84.95
CA ASP DC 86 40.36 -70.97 86.31
C ASP DC 86 41.76 -70.77 86.89
N THR DC 87 42.37 -69.64 86.55
CA THR DC 87 43.69 -69.25 87.02
C THR DC 87 44.43 -70.18 87.99
N LEU DC 88 43.98 -70.22 89.25
CA LEU DC 88 44.60 -71.06 90.26
C LEU DC 88 44.97 -72.48 89.83
N VAL DC 89 44.08 -73.14 89.10
CA VAL DC 89 44.34 -74.49 88.64
C VAL DC 89 45.36 -74.42 87.52
N LEU DC 90 45.17 -73.47 86.63
CA LEU DC 90 46.10 -73.30 85.53
C LEU DC 90 47.52 -73.16 86.09
N GLN DC 91 47.65 -72.30 87.09
CA GLN DC 91 48.93 -72.02 87.70
C GLN DC 91 49.61 -73.28 88.22
N SER DC 92 48.82 -74.25 88.65
CA SER DC 92 49.36 -75.50 89.16
C SER DC 92 49.71 -76.45 88.03
N HIS DC 93 48.74 -76.78 87.19
CA HIS DC 93 49.00 -77.68 86.08
C HIS DC 93 50.11 -77.11 85.23
N LEU DC 94 50.20 -75.78 85.22
CA LEU DC 94 51.22 -75.16 84.42
C LEU DC 94 52.57 -75.58 84.96
N GLY DC 95 52.65 -75.74 86.27
CA GLY DC 95 53.89 -76.16 86.90
C GLY DC 95 54.13 -77.60 86.56
N HIS DC 96 53.13 -78.42 86.84
CA HIS DC 96 53.18 -79.84 86.56
C HIS DC 96 53.64 -80.06 85.12
N LEU DC 97 53.23 -79.17 84.22
CA LEU DC 97 53.60 -79.30 82.82
C LEU DC 97 55.07 -78.99 82.63
N ALA DC 98 55.64 -78.21 83.55
CA ALA DC 98 57.05 -77.88 83.48
C ALA DC 98 57.82 -79.13 83.89
N ASP DC 99 57.53 -79.62 85.09
CA ASP DC 99 58.19 -80.80 85.63
C ASP DC 99 58.23 -81.96 84.62
N GLN DC 100 57.19 -82.10 83.80
CA GLN DC 100 57.16 -83.17 82.83
C GLN DC 100 58.14 -82.93 81.71
N HIS DC 101 58.69 -81.73 81.66
CA HIS DC 101 59.65 -81.40 80.63
C HIS DC 101 61.04 -81.21 81.20
N ILE DC 102 61.13 -81.01 82.51
CA ILE DC 102 62.43 -80.83 83.12
C ILE DC 102 63.07 -82.19 83.21
N GLN DC 103 62.27 -83.21 83.48
CA GLN DC 103 62.78 -84.57 83.57
C GLN DC 103 63.04 -85.16 82.20
N ARG DC 104 62.76 -84.39 81.16
CA ARG DC 104 63.01 -84.83 79.81
C ARG DC 104 64.34 -84.23 79.42
N LYS DC 105 65.39 -85.01 79.62
CA LYS DC 105 66.76 -84.58 79.34
C LYS DC 105 66.95 -84.13 77.88
N GLY DC 106 67.43 -82.90 77.71
CA GLY DC 106 67.66 -82.39 76.37
C GLY DC 106 66.74 -81.26 75.94
N VAL DC 107 65.75 -80.94 76.77
CA VAL DC 107 64.81 -79.89 76.45
C VAL DC 107 65.30 -78.54 76.93
N THR DC 108 65.68 -77.67 75.99
CA THR DC 108 66.19 -76.32 76.32
C THR DC 108 65.10 -75.26 76.50
N LYS DC 109 65.49 -74.14 77.08
CA LYS DC 109 64.59 -73.04 77.30
C LYS DC 109 64.33 -72.47 75.93
N GLU DC 110 65.30 -72.67 75.05
CA GLU DC 110 65.23 -72.17 73.69
C GLU DC 110 64.19 -72.89 72.84
N TYR DC 111 64.23 -74.22 72.82
CA TYR DC 111 63.28 -74.98 72.03
C TYR DC 111 61.86 -74.48 72.24
N PHE DC 112 61.54 -74.07 73.46
CA PHE DC 112 60.21 -73.56 73.74
C PHE DC 112 59.98 -72.23 73.04
N ARG DC 113 60.89 -71.29 73.22
CA ARG DC 113 60.73 -70.00 72.54
C ARG DC 113 60.61 -70.30 71.06
N GLY DC 114 61.16 -71.43 70.65
CA GLY DC 114 61.10 -71.81 69.25
C GLY DC 114 59.75 -72.33 68.76
N ILE DC 115 59.10 -73.15 69.59
CA ILE DC 115 57.81 -73.69 69.22
C ILE DC 115 56.81 -72.56 69.30
N GLY DC 116 57.14 -71.54 70.08
CA GLY DC 116 56.25 -70.41 70.23
C GLY DC 116 56.18 -69.68 68.90
N GLU DC 117 57.35 -69.52 68.28
CA GLU DC 117 57.44 -68.86 67.00
C GLU DC 117 56.66 -69.72 66.03
N ALA DC 118 56.82 -71.03 66.15
CA ALA DC 118 56.12 -71.99 65.29
C ALA DC 118 54.62 -71.67 65.15
N PHE DC 119 53.88 -71.74 66.26
CA PHE DC 119 52.45 -71.44 66.21
C PHE DC 119 52.17 -70.11 65.56
N ALA DC 120 52.88 -69.08 66.01
CA ALA DC 120 52.72 -67.73 65.49
C ALA DC 120 52.92 -67.64 63.96
N ARG DC 121 53.40 -68.72 63.37
CA ARG DC 121 53.64 -68.75 61.93
C ARG DC 121 52.65 -69.71 61.27
N VAL DC 122 52.21 -70.71 62.03
CA VAL DC 122 51.27 -71.70 61.52
C VAL DC 122 49.84 -71.25 61.67
N LEU DC 123 49.41 -71.05 62.91
CA LEU DC 123 48.03 -70.64 63.17
C LEU DC 123 47.49 -69.59 62.20
N PRO DC 124 48.20 -68.47 62.01
CA PRO DC 124 47.71 -67.46 61.09
C PRO DC 124 47.43 -67.98 59.68
N GLN DC 125 47.74 -69.25 59.42
CA GLN DC 125 47.53 -69.85 58.11
C GLN DC 125 46.38 -70.86 58.11
N VAL DC 126 46.09 -71.43 59.27
CA VAL DC 126 45.01 -72.41 59.36
C VAL DC 126 43.66 -71.79 59.64
N LEU DC 127 43.65 -70.54 60.05
CA LEU DC 127 42.40 -69.85 60.33
C LEU DC 127 42.58 -68.36 60.13
N SER DC 128 41.50 -67.67 59.78
CA SER DC 128 41.57 -66.25 59.58
C SER DC 128 41.13 -65.59 60.85
N CYS DC 129 41.35 -64.29 60.96
CA CYS DC 129 40.96 -63.53 62.16
C CYS DC 129 41.76 -64.03 63.35
N PHE DC 130 43.07 -64.10 63.18
CA PHE DC 130 43.95 -64.55 64.24
C PHE DC 130 44.66 -63.36 64.84
N ASN DC 131 44.41 -63.10 66.11
CA ASN DC 131 45.03 -61.97 66.77
C ASN DC 131 46.44 -62.33 67.22
N VAL DC 132 47.33 -62.54 66.26
CA VAL DC 132 48.71 -62.93 66.53
C VAL DC 132 49.29 -62.34 67.81
N ASP DC 133 49.10 -61.04 68.01
CA ASP DC 133 49.63 -60.40 69.21
C ASP DC 133 49.03 -60.99 70.47
N ALA DC 134 47.71 -60.95 70.57
CA ALA DC 134 47.01 -61.48 71.73
C ALA DC 134 47.48 -62.90 72.02
N TRP DC 135 47.56 -63.72 70.98
CA TRP DC 135 47.99 -65.09 71.14
C TRP DC 135 49.38 -65.01 71.72
N ASN DC 136 50.30 -64.42 70.97
CA ASN DC 136 51.68 -64.28 71.41
C ASN DC 136 51.77 -63.89 72.88
N ARG DC 137 51.05 -62.86 73.28
CA ARG DC 137 51.13 -62.44 74.68
C ARG DC 137 50.82 -63.56 75.66
N CYS DC 138 49.61 -64.11 75.63
CA CYS DC 138 49.26 -65.16 76.55
C CYS DC 138 50.01 -66.45 76.35
N PHE DC 139 50.55 -66.68 75.16
CA PHE DC 139 51.28 -67.91 74.95
C PHE DC 139 52.61 -67.78 75.68
N HIS DC 140 53.21 -66.59 75.64
CA HIS DC 140 54.48 -66.36 76.31
C HIS DC 140 54.32 -66.56 77.81
N ARG DC 141 53.29 -65.97 78.39
CA ARG DC 141 53.07 -66.12 79.82
C ARG DC 141 53.01 -67.62 80.14
N LEU DC 142 52.36 -68.40 79.29
CA LEU DC 142 52.26 -69.85 79.50
C LEU DC 142 53.63 -70.54 79.37
N VAL DC 143 54.36 -70.21 78.32
CA VAL DC 143 55.67 -70.80 78.09
C VAL DC 143 56.65 -70.45 79.21
N ALA DC 144 56.78 -69.16 79.49
CA ALA DC 144 57.68 -68.71 80.54
C ALA DC 144 57.59 -69.62 81.76
N ARG DC 145 56.39 -69.75 82.31
CA ARG DC 145 56.23 -70.58 83.49
C ARG DC 145 56.57 -72.03 83.24
N ILE DC 146 56.37 -72.52 82.03
CA ILE DC 146 56.67 -73.93 81.74
C ILE DC 146 58.16 -74.23 81.72
N ALA DC 147 58.88 -73.31 81.10
CA ALA DC 147 60.29 -73.40 81.09
C ALA DC 147 60.61 -73.41 82.51
N LYS DC 148 59.88 -72.61 83.32
CA LYS DC 148 60.40 -71.57 84.15
C LYS DC 148 61.37 -72.08 85.15
N ASP DC 149 61.07 -73.26 85.72
CA ASP DC 149 61.83 -74.06 86.67
C ASP DC 149 63.09 -74.50 86.05
N LEU DC 150 62.90 -74.94 84.80
CA LEU DC 150 63.89 -75.62 84.08
C LEU DC 150 65.01 -74.70 84.05
N PRO DC 151 64.85 -73.44 83.85
CA PRO DC 151 66.15 -72.92 83.97
C PRO DC 151 66.25 -72.02 85.15
N LYS EC 1 45.72 -68.75 38.16
CA LYS EC 1 46.16 -67.71 39.13
C LYS EC 1 46.77 -68.48 40.23
N LYS EC 2 45.85 -68.86 41.13
CA LYS EC 2 46.17 -69.66 42.25
C LYS EC 2 45.73 -71.03 41.93
N GLN EC 3 46.67 -71.96 42.15
CA GLN EC 3 46.54 -73.37 42.00
C GLN EC 3 46.41 -73.79 43.43
N CYS EC 4 45.79 -74.93 43.75
CA CYS EC 4 45.26 -74.90 45.07
C CYS EC 4 45.97 -75.88 45.95
N GLY EC 5 45.73 -75.79 47.27
CA GLY EC 5 46.61 -76.41 48.22
C GLY EC 5 45.80 -76.77 49.44
N VAL EC 6 46.43 -77.52 50.36
CA VAL EC 6 45.77 -78.24 51.43
C VAL EC 6 45.03 -77.29 52.31
N LEU EC 7 45.78 -76.31 52.89
CA LEU EC 7 45.09 -75.36 53.75
C LEU EC 7 44.00 -74.59 53.01
N GLU EC 8 44.36 -73.86 51.95
CA GLU EC 8 43.40 -73.09 51.19
C GLU EC 8 42.18 -73.93 50.87
N GLY EC 9 42.38 -75.24 50.84
CA GLY EC 9 41.27 -76.13 50.57
C GLY EC 9 40.39 -76.14 51.81
N LEU EC 10 40.98 -76.55 52.93
CA LEU EC 10 40.26 -76.60 54.20
C LEU EC 10 39.48 -75.32 54.44
N LYS EC 11 40.07 -74.18 54.10
CA LYS EC 11 39.38 -72.92 54.29
C LYS EC 11 38.13 -72.86 53.42
N VAL EC 12 38.29 -73.03 52.12
CA VAL EC 12 37.14 -72.99 51.22
C VAL EC 12 36.13 -74.04 51.64
N LYS EC 13 36.60 -75.26 51.88
CA LYS EC 13 35.69 -76.34 52.27
C LYS EC 13 34.82 -75.95 53.46
N SER EC 14 35.42 -75.23 54.40
CA SER EC 14 34.71 -74.78 55.60
C SER EC 14 33.76 -73.64 55.28
N GLU EC 15 34.29 -72.59 54.66
CA GLU EC 15 33.48 -71.42 54.30
C GLU EC 15 32.32 -71.82 53.41
N TRP EC 16 32.56 -72.77 52.53
CA TRP EC 16 31.50 -73.20 51.64
C TRP EC 16 30.40 -73.77 52.50
N GLY EC 17 30.78 -74.47 53.56
CA GLY EC 17 29.78 -75.05 54.43
C GLY EC 17 28.78 -74.03 54.92
N ARG EC 18 29.29 -72.88 55.32
CA ARG EC 18 28.46 -71.80 55.81
C ARG EC 18 27.64 -71.14 54.70
N ALA EC 19 28.28 -70.85 53.56
CA ALA EC 19 27.58 -70.21 52.45
C ALA EC 19 26.50 -71.07 51.80
N TYR EC 20 26.80 -72.35 51.64
CA TYR EC 20 25.87 -73.28 51.03
C TYR EC 20 24.62 -73.32 51.87
N GLY EC 21 24.76 -73.69 53.14
CA GLY EC 21 23.61 -73.74 54.00
C GLY EC 21 22.63 -74.82 53.56
N SER EC 22 21.35 -74.64 53.88
CA SER EC 22 20.34 -75.64 53.54
C SER EC 22 18.93 -75.07 53.44
N GLY EC 23 17.99 -75.93 53.07
CA GLY EC 23 16.59 -75.51 52.94
C GLY EC 23 16.34 -74.45 51.89
N HIS EC 24 15.77 -73.33 52.34
CA HIS EC 24 15.48 -72.22 51.43
C HIS EC 24 16.74 -71.44 51.11
N ASP EC 25 17.55 -71.17 52.12
CA ASP EC 25 18.79 -70.43 51.90
C ASP EC 25 19.44 -71.03 50.66
N ARG EC 26 19.38 -72.35 50.55
CA ARG EC 26 19.98 -73.05 49.43
C ARG EC 26 19.24 -72.73 48.14
N GLU EC 27 17.96 -73.04 48.12
CA GLU EC 27 17.14 -72.76 46.94
C GLU EC 27 17.36 -71.33 46.41
N ALA EC 28 17.78 -70.43 47.29
CA ALA EC 28 18.02 -69.05 46.89
C ALA EC 28 19.49 -68.90 46.52
N PHE EC 29 20.37 -69.33 47.40
CA PHE EC 29 21.80 -69.27 47.16
C PHE EC 29 22.05 -69.65 45.70
N SER EC 30 21.49 -70.79 45.28
CA SER EC 30 21.65 -71.23 43.90
C SER EC 30 20.99 -70.24 42.95
N GLN EC 31 19.74 -69.90 43.26
CA GLN EC 31 19.02 -68.91 42.47
C GLN EC 31 19.91 -67.71 42.20
N ALA EC 32 20.34 -67.04 43.26
CA ALA EC 32 21.19 -65.86 43.16
C ALA EC 32 22.35 -66.08 42.24
N ILE EC 33 23.07 -67.18 42.47
CA ILE EC 33 24.22 -67.52 41.65
C ILE EC 33 23.90 -67.58 40.17
N TRP EC 34 22.87 -68.33 39.81
CA TRP EC 34 22.52 -68.40 38.40
C TRP EC 34 22.12 -67.07 37.80
N ARG EC 35 21.35 -66.29 38.55
CA ARG EC 35 20.94 -64.99 38.05
C ARG EC 35 22.17 -64.16 37.75
N ALA EC 36 23.16 -64.23 38.63
CA ALA EC 36 24.40 -63.50 38.44
C ALA EC 36 25.14 -64.04 37.21
N THR EC 37 25.09 -65.35 37.00
CA THR EC 37 25.77 -65.95 35.86
C THR EC 37 25.14 -65.48 34.57
N PHE EC 38 23.84 -65.75 34.42
CA PHE EC 38 23.13 -65.37 33.21
C PHE EC 38 23.19 -63.88 32.94
N ALA EC 39 23.22 -63.08 33.99
CA ALA EC 39 23.27 -61.65 33.81
C ALA EC 39 24.57 -61.26 33.13
N GLN EC 40 25.61 -62.04 33.41
CA GLN EC 40 26.92 -61.78 32.82
C GLN EC 40 26.98 -62.20 31.37
N VAL EC 41 26.56 -63.44 31.10
CA VAL EC 41 26.58 -63.97 29.75
C VAL EC 41 25.21 -64.48 29.32
N PRO EC 42 24.30 -63.57 28.96
CA PRO EC 42 22.97 -63.99 28.54
C PRO EC 42 23.02 -65.05 27.44
N GLU EC 43 24.11 -65.05 26.69
CA GLU EC 43 24.29 -66.00 25.61
C GLU EC 43 24.07 -67.43 26.09
N SER EC 44 24.59 -67.73 27.27
CA SER EC 44 24.53 -69.07 27.86
C SER EC 44 23.14 -69.60 28.18
N ARG EC 45 22.13 -68.74 28.25
CA ARG EC 45 20.80 -69.25 28.55
C ARG EC 45 20.40 -70.33 27.56
N SER EC 46 20.88 -70.21 26.33
CA SER EC 46 20.55 -71.18 25.27
C SER EC 46 20.92 -72.62 25.58
N LEU EC 47 21.92 -72.84 26.42
CA LEU EC 47 22.34 -74.19 26.76
C LEU EC 47 21.38 -74.92 27.69
N PHE EC 48 20.71 -74.15 28.53
CA PHE EC 48 19.77 -74.74 29.47
C PHE EC 48 18.35 -74.62 28.99
N LYS EC 49 18.17 -74.64 27.68
CA LYS EC 49 16.85 -74.54 27.10
C LYS EC 49 16.06 -75.78 27.50
N ARG EC 50 16.79 -76.86 27.72
CA ARG EC 50 16.18 -78.14 28.08
C ARG EC 50 15.56 -78.14 29.47
N VAL EC 51 16.14 -77.35 30.36
CA VAL EC 51 15.66 -77.29 31.72
C VAL EC 51 15.17 -75.87 32.06
N HIS EC 52 14.25 -75.39 31.23
CA HIS EC 52 13.69 -74.05 31.39
C HIS EC 52 14.68 -73.00 31.87
N GLY EC 53 15.65 -72.70 31.03
CA GLY EC 53 16.65 -71.70 31.37
C GLY EC 53 16.06 -70.33 31.14
N ASP EC 54 14.96 -70.29 30.39
CA ASP EC 54 14.31 -69.03 30.11
C ASP EC 54 13.78 -68.38 31.39
N ASP EC 55 13.23 -69.18 32.29
CA ASP EC 55 12.68 -68.67 33.54
C ASP EC 55 13.42 -69.29 34.72
N THR EC 56 14.39 -68.56 35.24
CA THR EC 56 15.18 -69.01 36.37
C THR EC 56 14.37 -69.49 37.58
N SER EC 57 13.11 -69.06 37.68
CA SER EC 57 12.23 -69.43 38.79
C SER EC 57 11.34 -70.65 38.55
N HIS EC 58 11.48 -71.27 37.39
CA HIS EC 58 10.69 -72.45 37.04
C HIS EC 58 11.21 -73.66 37.78
N PRO EC 59 10.33 -74.42 38.41
CA PRO EC 59 10.75 -75.60 39.15
C PRO EC 59 11.82 -76.43 38.45
N ALA EC 60 11.63 -76.69 37.17
CA ALA EC 60 12.58 -77.49 36.42
C ALA EC 60 13.98 -76.95 36.61
N PHE EC 61 14.12 -75.64 36.44
CA PHE EC 61 15.40 -74.98 36.58
C PHE EC 61 15.85 -74.95 38.03
N ILE EC 62 14.91 -74.73 38.94
CA ILE EC 62 15.21 -74.69 40.37
C ILE EC 62 15.89 -75.99 40.73
N ALA EC 63 15.33 -77.07 40.22
CA ALA EC 63 15.88 -78.39 40.43
C ALA EC 63 17.28 -78.36 39.88
N HIS EC 64 17.39 -78.09 38.59
CA HIS EC 64 18.68 -78.03 37.93
C HIS EC 64 19.71 -77.31 38.76
N ALA EC 65 19.41 -76.08 39.15
CA ALA EC 65 20.33 -75.29 39.95
C ALA EC 65 20.72 -76.03 41.20
N ASP EC 66 19.75 -76.33 42.05
CA ASP EC 66 19.99 -77.05 43.30
C ASP EC 66 20.80 -78.33 42.99
N ARG EC 67 20.63 -78.86 41.79
CA ARG EC 67 21.32 -80.10 41.36
C ARG EC 67 22.76 -79.84 41.01
N VAL EC 68 23.02 -78.67 40.44
CA VAL EC 68 24.36 -78.28 40.04
C VAL EC 68 25.20 -78.04 41.28
N LEU EC 69 24.74 -77.16 42.15
CA LEU EC 69 25.45 -76.85 43.37
C LEU EC 69 25.80 -78.18 44.01
N GLY EC 70 24.88 -79.14 43.93
CA GLY EC 70 25.12 -80.46 44.50
C GLY EC 70 26.48 -80.98 44.11
N GLY EC 71 26.77 -81.01 42.82
CA GLY EC 71 28.06 -81.49 42.37
C GLY EC 71 29.17 -80.64 42.96
N LEU EC 72 29.06 -79.32 42.79
CA LEU EC 72 30.05 -78.41 43.33
C LEU EC 72 30.30 -78.76 44.79
N ASP EC 73 29.27 -79.19 45.49
CA ASP EC 73 29.42 -79.57 46.89
C ASP EC 73 30.41 -80.73 46.93
N ILE EC 74 30.03 -81.84 46.33
CA ILE EC 74 30.91 -82.99 46.30
C ILE EC 74 32.34 -82.59 45.98
N ALA EC 75 32.51 -81.75 44.97
CA ALA EC 75 33.84 -81.29 44.58
C ALA EC 75 34.54 -80.67 45.75
N ILE EC 76 34.05 -79.51 46.18
CA ILE EC 76 34.63 -78.80 47.32
C ILE EC 76 34.78 -79.73 48.53
N SER EC 77 33.70 -80.44 48.89
CA SER EC 77 33.75 -81.22 50.08
C SER EC 77 34.74 -82.34 49.92
N THR EC 78 34.86 -82.95 48.72
CA THR EC 78 35.75 -84.08 48.57
C THR EC 78 37.20 -83.68 48.62
N LEU EC 79 37.52 -82.47 48.11
CA LEU EC 79 38.76 -82.03 47.53
C LEU EC 79 39.87 -82.08 48.51
N ASP EC 80 39.52 -82.03 49.82
CA ASP EC 80 40.51 -81.93 50.84
C ASP EC 80 41.51 -83.03 50.60
N GLN EC 81 41.01 -84.28 50.57
CA GLN EC 81 41.87 -85.39 50.29
C GLN EC 81 41.86 -85.64 48.82
N PRO EC 82 43.09 -85.68 48.33
CA PRO EC 82 43.50 -85.80 46.94
C PRO EC 82 43.03 -87.10 46.30
N ALA EC 83 43.20 -88.19 47.02
CA ALA EC 83 42.79 -89.49 46.53
C ALA EC 83 41.37 -89.48 45.98
N THR EC 84 40.43 -89.15 46.85
CA THR EC 84 39.00 -89.11 46.52
C THR EC 84 38.68 -88.01 45.52
N LEU EC 85 39.04 -86.78 45.85
CA LEU EC 85 38.79 -85.66 44.96
C LEU EC 85 39.12 -86.07 43.54
N LYS EC 86 40.34 -86.55 43.37
CA LYS EC 86 40.82 -87.00 42.07
C LYS EC 86 39.69 -87.72 41.36
N GLU EC 87 39.14 -88.73 42.04
CA GLU EC 87 38.07 -89.51 41.46
C GLU EC 87 36.87 -88.68 41.06
N GLU EC 88 36.29 -87.92 42.00
CA GLU EC 88 35.14 -87.10 41.68
C GLU EC 88 35.41 -86.23 40.47
N LEU EC 89 36.53 -85.52 40.49
CA LEU EC 89 36.87 -84.66 39.39
C LEU EC 89 36.85 -85.48 38.10
N ASP EC 90 37.57 -86.59 38.12
CA ASP EC 90 37.64 -87.46 36.94
C ASP EC 90 36.24 -87.83 36.47
N HIS EC 91 35.39 -88.19 37.42
CA HIS EC 91 34.02 -88.56 37.10
C HIS EC 91 33.37 -87.43 36.35
N LEU EC 92 33.46 -86.22 36.89
CA LEU EC 92 32.88 -85.06 36.26
C LEU EC 92 33.46 -84.90 34.87
N GLN EC 93 34.80 -84.92 34.81
CA GLN EC 93 35.53 -84.77 33.57
C GLN EC 93 34.82 -85.49 32.44
N VAL EC 94 34.39 -86.71 32.73
CA VAL EC 94 33.70 -87.54 31.75
C VAL EC 94 32.34 -86.98 31.36
N GLN EC 95 31.51 -86.67 32.35
CA GLN EC 95 30.18 -86.14 32.07
C GLN EC 95 30.26 -84.88 31.23
N HIS EC 96 31.46 -84.31 31.11
CA HIS EC 96 31.63 -83.08 30.34
C HIS EC 96 32.37 -83.20 29.01
N GLU EC 97 33.25 -84.16 28.98
CA GLU EC 97 34.18 -84.21 27.87
C GLU EC 97 33.40 -84.64 26.67
N GLY EC 98 33.65 -84.00 25.51
CA GLY EC 98 32.98 -84.34 24.30
C GLY EC 98 32.23 -83.13 23.87
N ARG EC 99 31.87 -82.28 24.85
CA ARG EC 99 30.86 -81.29 24.67
C ARG EC 99 31.53 -79.98 24.66
N LYS EC 100 31.21 -79.12 23.69
CA LYS EC 100 31.98 -77.93 23.74
C LYS EC 100 31.32 -77.03 24.75
N ILE EC 101 32.11 -76.50 25.72
CA ILE EC 101 31.72 -75.39 26.57
C ILE EC 101 32.90 -74.50 26.74
N PRO EC 102 32.72 -73.34 26.28
CA PRO EC 102 33.74 -72.34 26.24
C PRO EC 102 34.15 -72.05 27.63
N ASP EC 103 35.37 -71.57 27.74
CA ASP EC 103 35.98 -71.22 29.03
C ASP EC 103 35.42 -69.87 29.47
N ASN EC 104 34.77 -69.19 28.54
CA ASN EC 104 34.17 -67.90 28.79
C ASN EC 104 33.08 -68.02 29.85
N TYR EC 105 32.19 -68.99 29.69
CA TYR EC 105 31.09 -69.20 30.63
C TYR EC 105 31.58 -69.60 32.01
N PHE EC 106 32.39 -70.65 32.08
CA PHE EC 106 32.89 -71.09 33.36
C PHE EC 106 33.41 -69.92 34.15
N ASP EC 107 34.09 -69.01 33.46
CA ASP EC 107 34.64 -67.83 34.11
C ASP EC 107 33.52 -67.06 34.80
N ALA EC 108 32.46 -66.77 34.06
CA ALA EC 108 31.33 -66.03 34.61
C ALA EC 108 30.72 -66.75 35.80
N PHE EC 109 30.49 -68.05 35.63
CA PHE EC 109 29.89 -68.84 36.69
C PHE EC 109 30.74 -68.79 37.96
N LYS EC 110 32.05 -68.73 37.80
CA LYS EC 110 32.93 -68.66 38.96
C LYS EC 110 32.66 -67.33 39.63
N THR EC 111 32.80 -66.27 38.85
CA THR EC 111 32.56 -64.93 39.35
C THR EC 111 31.24 -64.93 40.10
N ALA EC 112 30.19 -65.44 39.48
CA ALA EC 112 28.89 -65.47 40.11
C ALA EC 112 29.04 -66.07 41.52
N ILE EC 113 29.44 -67.34 41.58
CA ILE EC 113 29.63 -68.03 42.84
C ILE EC 113 30.34 -67.13 43.82
N LEU EC 114 31.52 -66.66 43.45
CA LEU EC 114 32.28 -65.80 44.33
C LEU EC 114 31.50 -64.61 44.88
N HIS EC 115 30.87 -63.84 44.00
CA HIS EC 115 30.12 -62.68 44.46
C HIS EC 115 29.01 -63.05 45.41
N VAL EC 116 28.26 -64.09 45.07
CA VAL EC 116 27.18 -64.51 45.96
C VAL EC 116 27.75 -64.99 47.29
N VAL EC 117 28.71 -65.91 47.26
CA VAL EC 117 29.30 -66.41 48.49
C VAL EC 117 29.75 -65.24 49.35
N ALA EC 118 30.42 -64.28 48.76
CA ALA EC 118 30.89 -63.13 49.52
C ALA EC 118 29.71 -62.41 50.14
N ALA EC 119 28.62 -62.29 49.40
CA ALA EC 119 27.44 -61.61 49.90
C ALA EC 119 26.86 -62.39 51.05
N GLN EC 120 26.94 -63.71 50.96
CA GLN EC 120 26.39 -64.56 52.02
C GLN EC 120 27.24 -64.67 53.29
N LEU EC 121 28.55 -64.68 53.15
CA LEU EC 121 29.41 -64.83 54.32
C LEU EC 121 29.72 -63.54 55.05
N GLY EC 122 29.29 -62.41 54.49
CA GLY EC 122 29.56 -61.15 55.14
C GLY EC 122 31.01 -60.74 55.22
N ARG EC 123 31.71 -61.15 56.29
CA ARG EC 123 33.10 -60.76 56.50
C ARG EC 123 34.17 -61.83 56.45
N CYS EC 124 33.89 -62.99 57.01
CA CYS EC 124 34.88 -64.04 57.04
C CYS EC 124 34.86 -64.83 55.74
N TYR EC 125 35.70 -64.42 54.80
CA TYR EC 125 35.79 -65.06 53.50
C TYR EC 125 37.05 -64.61 52.74
N ASP EC 126 37.89 -65.58 52.39
CA ASP EC 126 39.14 -65.32 51.67
C ASP EC 126 38.86 -65.44 50.18
N ARG EC 127 38.99 -64.34 49.45
CA ARG EC 127 38.70 -64.36 48.03
C ARG EC 127 39.68 -65.23 47.26
N GLU EC 128 40.96 -64.87 47.31
CA GLU EC 128 42.00 -65.61 46.60
C GLU EC 128 41.79 -67.12 46.73
N ALA EC 129 41.62 -67.59 47.96
CA ALA EC 129 41.43 -69.00 48.25
C ALA EC 129 40.32 -69.62 47.42
N TRP EC 130 39.14 -69.03 47.48
CA TRP EC 130 38.02 -69.56 46.70
C TRP EC 130 38.39 -69.55 45.24
N ASP EC 131 38.79 -68.37 44.75
CA ASP EC 131 39.18 -68.25 43.35
C ASP EC 131 40.04 -69.44 42.96
N ALA EC 132 41.12 -69.63 43.72
CA ALA EC 132 42.03 -70.72 43.44
C ALA EC 132 41.35 -72.10 43.36
N CYS EC 133 40.52 -72.42 44.33
CA CYS EC 133 39.86 -73.71 44.37
C CYS EC 133 38.74 -73.87 43.38
N ILE EC 134 37.88 -72.87 43.26
CA ILE EC 134 36.80 -72.98 42.30
C ILE EC 134 37.46 -73.25 40.96
N ASP EC 135 38.62 -72.62 40.76
CA ASP EC 135 39.37 -72.79 39.53
C ASP EC 135 39.75 -74.25 39.41
N HIS EC 136 40.55 -74.75 40.34
CA HIS EC 136 40.98 -76.13 40.29
C HIS EC 136 39.81 -77.07 40.02
N ILE EC 137 38.65 -76.77 40.59
CA ILE EC 137 37.49 -77.62 40.38
C ILE EC 137 37.00 -77.51 38.95
N GLU EC 138 36.96 -76.29 38.44
CA GLU EC 138 36.51 -76.08 37.08
C GLU EC 138 37.45 -76.73 36.10
N ASP EC 139 38.75 -76.56 36.32
CA ASP EC 139 39.73 -77.15 35.42
C ASP EC 139 39.41 -78.63 35.31
N GLY EC 140 39.18 -79.27 36.45
CA GLY EC 140 38.87 -80.68 36.44
C GLY EC 140 37.64 -81.05 35.64
N ILE EC 141 36.83 -80.05 35.30
CA ILE EC 141 35.61 -80.31 34.54
C ILE EC 141 35.79 -79.99 33.06
N LYS EC 142 36.68 -79.07 32.75
CA LYS EC 142 36.92 -78.70 31.37
C LYS EC 142 37.98 -79.62 30.78
N GLY EC 143 39.00 -79.92 31.60
CA GLY EC 143 39.93 -80.85 31.04
C GLY EC 143 41.00 -80.02 30.45
N HIS EC 144 41.06 -78.79 30.97
CA HIS EC 144 41.36 -77.63 30.21
C HIS EC 144 42.72 -77.70 29.60
N HIS EC 145 42.68 -77.46 28.29
CA HIS EC 145 43.34 -78.21 27.25
C HIS EC 145 42.14 -78.77 26.57
N LYS FC 1 -85.15 -73.78 -19.21
CA LYS FC 1 -85.63 -73.99 -17.84
C LYS FC 1 -85.93 -75.40 -17.50
N LYS FC 2 -86.07 -75.57 -16.18
CA LYS FC 2 -86.41 -76.79 -15.53
C LYS FC 2 -87.82 -77.14 -15.77
N GLN FC 3 -88.02 -78.47 -15.90
CA GLN FC 3 -89.31 -79.05 -15.93
C GLN FC 3 -89.83 -79.12 -14.54
N CYS FC 4 -91.17 -79.01 -14.44
CA CYS FC 4 -91.81 -79.30 -13.20
C CYS FC 4 -92.19 -80.73 -13.24
N GLY FC 5 -92.15 -81.30 -12.03
CA GLY FC 5 -92.57 -82.62 -11.73
C GLY FC 5 -92.16 -82.85 -10.33
N VAL FC 6 -91.97 -84.14 -9.98
CA VAL FC 6 -91.87 -84.58 -8.64
C VAL FC 6 -90.76 -83.88 -7.92
N LEU FC 7 -89.54 -84.13 -8.34
CA LEU FC 7 -88.35 -83.76 -7.61
C LEU FC 7 -88.29 -82.26 -7.28
N GLU FC 8 -88.29 -81.43 -8.32
CA GLU FC 8 -88.23 -79.99 -8.12
C GLU FC 8 -89.23 -79.56 -7.07
N GLY FC 9 -90.28 -80.34 -6.90
CA GLY FC 9 -91.26 -80.02 -5.89
C GLY FC 9 -90.63 -80.30 -4.54
N LEU FC 10 -90.25 -81.56 -4.33
CA LEU FC 10 -89.62 -81.96 -3.08
C LEU FC 10 -88.54 -80.98 -2.67
N LYS FC 11 -87.77 -80.49 -3.63
CA LYS FC 11 -86.71 -79.55 -3.30
C LYS FC 11 -87.31 -78.27 -2.75
N VAL FC 12 -88.21 -77.64 -3.51
CA VAL FC 12 -88.82 -76.40 -3.04
C VAL FC 12 -89.54 -76.62 -1.71
N LYS FC 13 -90.31 -77.69 -1.63
CA LYS FC 13 -91.05 -78.00 -0.41
C LYS FC 13 -90.13 -78.05 0.80
N SER FC 14 -88.92 -78.56 0.60
CA SER FC 14 -87.94 -78.69 1.67
C SER FC 14 -87.32 -77.34 1.97
N GLU FC 15 -86.79 -76.70 0.95
CA GLU FC 15 -86.15 -75.41 1.12
C GLU FC 15 -87.12 -74.40 1.72
N TRP FC 16 -88.37 -74.49 1.32
CA TRP FC 16 -89.38 -73.56 1.84
C TRP FC 16 -89.47 -73.77 3.33
N GLY FC 17 -89.36 -75.02 3.74
CA GLY FC 17 -89.41 -75.31 5.16
C GLY FC 17 -88.40 -74.49 5.95
N ARG FC 18 -87.18 -74.39 5.41
CA ARG FC 18 -86.12 -73.66 6.05
C ARG FC 18 -86.34 -72.16 5.97
N ALA FC 19 -86.73 -71.66 4.81
CA ALA FC 19 -86.94 -70.23 4.63
C ALA FC 19 -88.12 -69.68 5.40
N TYR FC 20 -89.22 -70.43 5.43
CA TYR FC 20 -90.42 -70.00 6.12
C TYR FC 20 -90.11 -69.82 7.58
N GLY FC 21 -89.64 -70.88 8.22
CA GLY FC 21 -89.29 -70.80 9.62
C GLY FC 21 -90.51 -70.55 10.46
N SER FC 22 -90.32 -69.93 11.62
CA SER FC 22 -91.43 -69.66 12.54
C SER FC 22 -91.19 -68.50 13.47
N GLY FC 23 -92.21 -68.19 14.27
CA GLY FC 23 -92.11 -67.09 15.22
C GLY FC 23 -91.88 -65.72 14.61
N HIS FC 24 -90.80 -65.07 15.01
CA HIS FC 24 -90.47 -63.76 14.51
C HIS FC 24 -89.89 -63.86 13.11
N ASP FC 25 -89.00 -64.81 12.90
CA ASP FC 25 -88.41 -64.99 11.57
C ASP FC 25 -89.53 -64.91 10.55
N ARG FC 26 -90.66 -65.54 10.88
CA ARG FC 26 -91.81 -65.55 10.00
C ARG FC 26 -92.39 -64.14 9.89
N GLU FC 27 -92.80 -63.55 11.00
CA GLU FC 27 -93.36 -62.19 10.99
C GLU FC 27 -92.51 -61.22 10.17
N ALA FC 28 -91.22 -61.53 10.01
CA ALA FC 28 -90.32 -60.70 9.24
C ALA FC 28 -90.28 -61.20 7.82
N PHE FC 29 -89.98 -62.47 7.66
CA PHE FC 29 -89.93 -63.11 6.34
C PHE FC 29 -91.06 -62.55 5.49
N SER FC 30 -92.27 -62.57 6.02
CA SER FC 30 -93.44 -62.05 5.31
C SER FC 30 -93.24 -60.55 5.10
N GLN FC 31 -92.90 -59.85 6.18
CA GLN FC 31 -92.67 -58.42 6.12
C GLN FC 31 -91.77 -58.09 4.95
N ALA FC 32 -90.58 -58.68 4.95
CA ALA FC 32 -89.60 -58.46 3.88
C ALA FC 32 -90.20 -58.67 2.52
N ILE FC 33 -90.85 -59.81 2.35
CA ILE FC 33 -91.47 -60.14 1.08
C ILE FC 33 -92.42 -59.05 0.59
N TRP FC 34 -93.36 -58.64 1.43
CA TRP FC 34 -94.30 -57.61 1.01
C TRP FC 34 -93.62 -56.31 0.69
N ARG FC 35 -92.64 -55.91 1.50
CA ARG FC 35 -91.94 -54.66 1.23
C ARG FC 35 -91.32 -54.72 -0.14
N ALA FC 36 -90.76 -55.89 -0.49
CA ALA FC 36 -90.16 -56.09 -1.79
C ALA FC 36 -91.21 -56.03 -2.88
N THR FC 37 -92.38 -56.58 -2.60
CA THR FC 37 -93.46 -56.56 -3.58
C THR FC 37 -93.93 -55.15 -3.85
N PHE FC 38 -94.39 -54.48 -2.81
CA PHE FC 38 -94.87 -53.11 -2.94
C PHE FC 38 -93.82 -52.17 -3.52
N ALA FC 39 -92.55 -52.40 -3.22
CA ALA FC 39 -91.48 -51.56 -3.74
C ALA FC 39 -91.44 -51.66 -5.25
N GLN FC 40 -91.79 -52.85 -5.77
CA GLN FC 40 -91.79 -53.11 -7.21
C GLN FC 40 -92.98 -52.47 -7.88
N VAL FC 41 -94.16 -52.72 -7.34
CA VAL FC 41 -95.37 -52.17 -7.91
C VAL FC 41 -96.17 -51.39 -6.89
N PRO FC 42 -95.75 -50.16 -6.58
CA PRO FC 42 -96.48 -49.35 -5.60
C PRO FC 42 -97.99 -49.26 -5.91
N GLU FC 43 -98.31 -49.42 -7.20
CA GLU FC 43 -99.70 -49.36 -7.65
C GLU FC 43 -100.60 -50.31 -6.85
N SER FC 44 -100.09 -51.51 -6.58
CA SER FC 44 -100.82 -52.55 -5.87
C SER FC 44 -101.23 -52.24 -4.45
N ARG FC 45 -100.60 -51.25 -3.82
CA ARG FC 45 -100.96 -50.95 -2.46
C ARG FC 45 -102.44 -50.68 -2.35
N SER FC 46 -103.02 -50.11 -3.40
CA SER FC 46 -104.45 -49.79 -3.41
C SER FC 46 -105.39 -50.98 -3.16
N LEU FC 47 -104.96 -52.20 -3.49
CA LEU FC 47 -105.79 -53.36 -3.30
C LEU FC 47 -105.93 -53.77 -1.85
N PHE FC 48 -104.90 -53.51 -1.06
CA PHE FC 48 -104.93 -53.88 0.34
C PHE FC 48 -105.25 -52.70 1.22
N LYS FC 49 -106.08 -51.79 0.69
CA LYS FC 49 -106.48 -50.62 1.44
C LYS FC 49 -107.33 -51.08 2.63
N ARG FC 50 -108.00 -52.21 2.45
CA ARG FC 50 -108.89 -52.77 3.47
C ARG FC 50 -108.14 -53.28 4.68
N VAL FC 51 -106.91 -53.75 4.46
CA VAL FC 51 -106.10 -54.29 5.52
C VAL FC 51 -104.82 -53.47 5.71
N HIS FC 52 -105.02 -52.16 5.90
CA HIS FC 52 -103.92 -51.23 6.10
C HIS FC 52 -102.69 -51.54 5.27
N GLY FC 53 -102.83 -51.43 3.95
CA GLY FC 53 -101.73 -51.66 3.05
C GLY FC 53 -100.85 -50.44 3.05
N ASP FC 54 -101.36 -49.32 3.55
CA ASP FC 54 -100.58 -48.09 3.59
C ASP FC 54 -99.36 -48.24 4.51
N ASP FC 55 -99.54 -48.92 5.63
CA ASP FC 55 -98.46 -49.12 6.59
C ASP FC 55 -98.18 -50.61 6.77
N THR FC 56 -97.17 -51.10 6.06
CA THR FC 56 -96.77 -52.49 6.12
C THR FC 56 -96.54 -53.03 7.53
N SER FC 57 -96.28 -52.14 8.48
CA SER FC 57 -96.02 -52.53 9.88
C SER FC 57 -97.26 -52.52 10.80
N HIS FC 58 -98.42 -52.22 10.25
CA HIS FC 58 -99.65 -52.19 11.03
C HIS FC 58 -100.12 -53.59 11.30
N PRO FC 59 -100.49 -53.89 12.55
CA PRO FC 59 -100.95 -55.23 12.91
C PRO FC 59 -101.90 -55.85 11.89
N ALA FC 60 -102.88 -55.08 11.47
CA ALA FC 60 -103.85 -55.57 10.52
C ALA FC 60 -103.14 -56.21 9.33
N PHE FC 61 -102.20 -55.47 8.76
CA PHE FC 61 -101.45 -55.95 7.61
C PHE FC 61 -100.53 -57.10 8.02
N ILE FC 62 -99.91 -56.99 9.20
CA ILE FC 62 -99.00 -58.03 9.67
C ILE FC 62 -99.75 -59.32 9.62
N ALA FC 63 -100.97 -59.26 10.12
CA ALA FC 63 -101.85 -60.41 10.14
C ALA FC 63 -101.98 -60.87 8.70
N HIS FC 64 -102.53 -59.98 7.88
CA HIS FC 64 -102.72 -60.29 6.47
C HIS FC 64 -101.54 -61.01 5.86
N ALA FC 65 -100.36 -60.43 6.01
CA ALA FC 65 -99.14 -61.02 5.46
C ALA FC 65 -98.98 -62.43 5.97
N ASP FC 66 -98.81 -62.54 7.28
CA ASP FC 66 -98.64 -63.85 7.90
C ASP FC 66 -99.75 -64.81 7.42
N ARG FC 67 -100.91 -64.25 7.08
CA ARG FC 67 -102.07 -65.02 6.65
C ARG FC 67 -101.90 -65.49 5.22
N VAL FC 68 -101.26 -64.66 4.41
CA VAL FC 68 -101.03 -64.98 3.02
C VAL FC 68 -100.01 -66.09 2.88
N LEU FC 69 -98.85 -65.89 3.47
CA LEU FC 69 -97.82 -66.90 3.43
C LEU FC 69 -98.46 -68.21 3.82
N GLY FC 70 -99.38 -68.14 4.79
CA GLY FC 70 -100.08 -69.34 5.24
C GLY FC 70 -100.58 -70.17 4.07
N GLY FC 71 -101.33 -69.54 3.18
CA GLY FC 71 -101.84 -70.26 2.03
C GLY FC 71 -100.70 -70.81 1.22
N LEU FC 72 -99.75 -69.92 0.89
CA LEU FC 72 -98.58 -70.33 0.12
C LEU FC 72 -97.98 -71.58 0.74
N ASP FC 73 -98.01 -71.66 2.07
CA ASP FC 73 -97.49 -72.82 2.76
C ASP FC 73 -98.29 -74.02 2.28
N ILE FC 74 -99.57 -74.02 2.58
CA ILE FC 74 -100.41 -75.13 2.17
C ILE FC 74 -100.11 -75.53 0.74
N ALA FC 75 -100.01 -74.54 -0.15
CA ALA FC 75 -99.73 -74.81 -1.55
C ALA FC 75 -98.45 -75.64 -1.68
N ILE FC 76 -97.34 -75.00 -1.38
CA ILE FC 76 -96.05 -75.65 -1.46
C ILE FC 76 -96.06 -76.97 -0.73
N SER FC 77 -96.52 -77.00 0.52
CA SER FC 77 -96.40 -78.20 1.31
C SER FC 77 -97.15 -79.34 0.65
N THR FC 78 -98.43 -79.13 0.24
CA THR FC 78 -99.18 -80.16 -0.41
C THR FC 78 -98.53 -80.49 -1.72
N LEU FC 79 -97.87 -79.49 -2.34
CA LEU FC 79 -97.94 -79.23 -3.75
C LEU FC 79 -97.60 -80.47 -4.51
N ASP FC 80 -96.49 -81.13 -4.16
CA ASP FC 80 -95.97 -82.12 -5.07
C ASP FC 80 -96.90 -83.28 -5.19
N GLN FC 81 -97.55 -83.72 -4.09
CA GLN FC 81 -98.58 -84.70 -4.29
C GLN FC 81 -99.72 -83.93 -4.89
N PRO FC 82 -100.16 -84.48 -6.05
CA PRO FC 82 -101.16 -83.97 -6.98
C PRO FC 82 -102.57 -83.93 -6.42
N ALA FC 83 -102.95 -85.02 -5.76
CA ALA FC 83 -104.28 -85.13 -5.16
C ALA FC 83 -104.62 -83.91 -4.31
N THR FC 84 -103.81 -83.68 -3.28
CA THR FC 84 -104.01 -82.57 -2.35
C THR FC 84 -103.82 -81.23 -3.02
N LEU FC 85 -102.66 -81.03 -3.63
CA LEU FC 85 -102.37 -79.76 -4.31
C LEU FC 85 -103.59 -79.34 -5.10
N LYS FC 86 -104.05 -80.25 -5.95
CA LYS FC 86 -105.22 -80.01 -6.76
C LYS FC 86 -106.23 -79.24 -5.92
N GLU FC 87 -106.55 -79.80 -4.76
CA GLU FC 87 -107.54 -79.19 -3.89
C GLU FC 87 -107.18 -77.77 -3.49
N GLU FC 88 -106.01 -77.59 -2.90
CA GLU FC 88 -105.60 -76.25 -2.47
C GLU FC 88 -105.71 -75.27 -3.61
N LEU FC 89 -105.14 -75.63 -4.75
CA LEU FC 89 -105.19 -74.73 -5.90
C LEU FC 89 -106.63 -74.39 -6.19
N ASP FC 90 -107.46 -75.41 -6.31
CA ASP FC 90 -108.89 -75.20 -6.58
C ASP FC 90 -109.48 -74.23 -5.56
N HIS FC 91 -109.15 -74.43 -4.29
CA HIS FC 91 -109.66 -73.59 -3.22
C HIS FC 91 -109.28 -72.14 -3.53
N LEU FC 92 -108.01 -71.92 -3.83
CA LEU FC 92 -107.54 -70.59 -4.15
C LEU FC 92 -108.30 -70.06 -5.34
N GLN FC 93 -108.33 -70.86 -6.40
CA GLN FC 93 -109.02 -70.51 -7.62
C GLN FC 93 -110.30 -69.77 -7.32
N VAL FC 94 -111.06 -70.30 -6.37
CA VAL FC 94 -112.33 -69.69 -5.98
C VAL FC 94 -112.16 -68.31 -5.33
N GLN FC 95 -111.30 -68.22 -4.32
CA GLN FC 95 -111.09 -66.96 -3.63
C GLN FC 95 -110.65 -65.87 -4.60
N HIS FC 96 -110.28 -66.26 -5.82
CA HIS FC 96 -109.83 -65.29 -6.82
C HIS FC 96 -110.77 -65.02 -7.99
N GLU FC 97 -111.52 -66.07 -8.34
CA GLU FC 97 -112.43 -66.01 -9.44
C GLU FC 97 -113.55 -65.11 -9.03
N GLY FC 98 -114.02 -64.31 -10.00
CA GLY FC 98 -114.89 -63.22 -9.78
C GLY FC 98 -114.09 -61.97 -9.94
N ARG FC 99 -112.79 -62.05 -9.67
CA ARG FC 99 -112.05 -60.85 -9.76
C ARG FC 99 -111.19 -60.94 -10.97
N LYS FC 100 -110.85 -59.81 -11.60
CA LYS FC 100 -109.70 -60.07 -12.38
C LYS FC 100 -108.54 -59.35 -11.77
N ILE FC 101 -107.44 -60.14 -11.76
CA ILE FC 101 -106.17 -59.92 -11.12
C ILE FC 101 -105.11 -60.18 -12.12
N PRO FC 102 -104.60 -59.06 -12.41
CA PRO FC 102 -103.64 -58.82 -13.44
C PRO FC 102 -102.39 -59.47 -13.03
N ASP FC 103 -101.68 -60.02 -14.07
CA ASP FC 103 -100.58 -60.96 -14.00
C ASP FC 103 -99.29 -60.19 -13.68
N ASN FC 104 -99.37 -58.88 -13.79
CA ASN FC 104 -98.27 -58.00 -13.54
C ASN FC 104 -97.86 -58.10 -12.10
N TYR FC 105 -98.84 -58.02 -11.19
CA TYR FC 105 -98.56 -58.09 -9.74
C TYR FC 105 -98.01 -59.43 -9.32
N PHE FC 106 -98.73 -60.51 -9.66
CA PHE FC 106 -98.27 -61.84 -9.30
C PHE FC 106 -96.80 -61.98 -9.62
N ASP FC 107 -96.41 -61.46 -10.78
CA ASP FC 107 -95.03 -61.54 -11.21
C ASP FC 107 -94.12 -60.93 -10.14
N ALA FC 108 -94.44 -59.70 -9.73
CA ALA FC 108 -93.64 -59.00 -8.72
C ALA FC 108 -93.59 -59.77 -7.41
N PHE FC 109 -94.75 -60.23 -6.97
CA PHE FC 109 -94.84 -60.97 -5.74
C PHE FC 109 -93.97 -62.21 -5.78
N LYS FC 110 -93.87 -62.85 -6.95
CA LYS FC 110 -93.02 -64.04 -7.09
C LYS FC 110 -91.58 -63.59 -6.89
N THR FC 111 -91.19 -62.59 -7.67
CA THR FC 111 -89.87 -62.05 -7.57
C THR FC 111 -89.56 -61.75 -6.11
N ALA FC 112 -90.46 -61.02 -5.46
CA ALA FC 112 -90.25 -60.71 -4.06
C ALA FC 112 -89.88 -61.99 -3.31
N ILE FC 113 -90.81 -62.95 -3.26
CA ILE FC 113 -90.59 -64.22 -2.58
C ILE FC 113 -89.22 -64.78 -2.88
N LEU FC 114 -88.93 -64.95 -4.16
CA LEU FC 114 -87.64 -65.47 -4.57
C LEU FC 114 -86.45 -64.72 -3.96
N HIS FC 115 -86.41 -63.41 -4.12
CA HIS FC 115 -85.31 -62.65 -3.56
C HIS FC 115 -85.18 -62.81 -2.06
N VAL FC 116 -86.28 -62.71 -1.34
CA VAL FC 116 -86.22 -62.87 0.09
C VAL FC 116 -85.74 -64.29 0.43
N VAL FC 117 -86.40 -65.31 -0.12
CA VAL FC 117 -86.02 -66.69 0.15
C VAL FC 117 -84.53 -66.87 -0.06
N ALA FC 118 -84.02 -66.37 -1.18
CA ALA FC 118 -82.61 -66.49 -1.47
C ALA FC 118 -81.78 -65.81 -0.39
N ALA FC 119 -82.25 -64.66 0.09
CA ALA FC 119 -81.54 -63.94 1.12
C ALA FC 119 -81.54 -64.75 2.42
N GLN FC 120 -82.65 -65.43 2.68
CA GLN FC 120 -82.80 -66.24 3.88
C GLN FC 120 -82.05 -67.57 3.88
N LEU FC 121 -81.99 -68.26 2.75
CA LEU FC 121 -81.31 -69.55 2.69
C LEU FC 121 -79.81 -69.49 2.47
N GLY FC 122 -79.29 -68.31 2.23
CA GLY FC 122 -77.86 -68.19 2.01
C GLY FC 122 -77.33 -68.85 0.75
N ARG FC 123 -76.95 -70.11 0.86
CA ARG FC 123 -76.36 -70.82 -0.27
C ARG FC 123 -77.12 -71.98 -0.90
N CYS FC 124 -77.75 -72.80 -0.07
CA CYS FC 124 -78.49 -73.95 -0.59
C CYS FC 124 -79.88 -73.56 -1.03
N TYR FC 125 -80.00 -73.22 -2.31
CA TYR FC 125 -81.27 -72.80 -2.89
C TYR FC 125 -81.21 -72.80 -4.41
N ASP FC 126 -82.10 -73.59 -5.02
CA ASP FC 126 -82.18 -73.70 -6.48
C ASP FC 126 -83.18 -72.67 -6.97
N ARG FC 127 -82.71 -71.71 -7.75
CA ARG FC 127 -83.61 -70.67 -8.26
C ARG FC 127 -84.65 -71.22 -9.23
N GLU FC 128 -84.19 -71.79 -10.33
CA GLU FC 128 -85.09 -72.34 -11.34
C GLU FC 128 -86.24 -73.10 -10.71
N ALA FC 129 -85.90 -74.02 -9.81
CA ALA FC 129 -86.89 -74.85 -9.12
C ALA FC 129 -87.99 -74.02 -8.49
N TRP FC 130 -87.62 -73.07 -7.65
CA TRP FC 130 -88.62 -72.23 -7.01
C TRP FC 130 -89.42 -71.53 -8.06
N ASP FC 131 -88.74 -70.83 -8.95
CA ASP FC 131 -89.41 -70.11 -10.01
C ASP FC 131 -90.50 -71.02 -10.60
N ALA FC 132 -90.10 -72.21 -11.02
CA ALA FC 132 -91.03 -73.14 -11.63
C ALA FC 132 -92.25 -73.44 -10.77
N CYS FC 133 -92.02 -73.75 -9.50
CA CYS FC 133 -93.11 -74.07 -8.59
C CYS FC 133 -93.97 -72.90 -8.14
N ILE FC 134 -93.34 -71.80 -7.77
CA ILE FC 134 -94.11 -70.64 -7.37
C ILE FC 134 -95.02 -70.32 -8.52
N ASP FC 135 -94.51 -70.52 -9.73
CA ASP FC 135 -95.27 -70.27 -10.94
C ASP FC 135 -96.49 -71.19 -10.93
N HIS FC 136 -96.23 -72.50 -10.96
CA HIS FC 136 -97.32 -73.47 -10.97
C HIS FC 136 -98.36 -73.13 -9.91
N ILE FC 137 -97.92 -72.68 -8.74
CA ILE FC 137 -98.86 -72.33 -7.69
C ILE FC 137 -99.64 -71.08 -8.07
N GLU FC 138 -98.97 -70.09 -8.62
CA GLU FC 138 -99.66 -68.88 -9.01
C GLU FC 138 -100.65 -69.15 -10.12
N ASP FC 139 -100.25 -69.96 -11.09
CA ASP FC 139 -101.14 -70.27 -12.18
C ASP FC 139 -102.44 -70.80 -11.59
N GLY FC 140 -102.31 -71.71 -10.65
CA GLY FC 140 -103.48 -72.30 -10.03
C GLY FC 140 -104.37 -71.28 -9.33
N ILE FC 141 -103.88 -70.07 -9.14
CA ILE FC 141 -104.67 -69.06 -8.47
C ILE FC 141 -105.26 -68.06 -9.44
N LYS FC 142 -104.59 -67.89 -10.56
CA LYS FC 142 -105.09 -66.97 -11.57
C LYS FC 142 -106.04 -67.70 -12.50
N GLY FC 143 -105.66 -68.97 -12.79
CA GLY FC 143 -106.58 -69.87 -13.38
C GLY FC 143 -106.83 -69.33 -14.73
N HIS FC 144 -105.71 -68.88 -15.36
CA HIS FC 144 -105.61 -68.68 -16.77
C HIS FC 144 -104.87 -69.87 -17.28
N HIS FC 145 -105.55 -71.03 -17.19
CA HIS FC 145 -105.34 -72.16 -18.03
C HIS FC 145 -106.37 -71.86 -19.11
N HIS GC 20 -105.30 -61.45 33.47
CA HIS GC 20 -105.38 -60.48 32.35
C HIS GC 20 -104.17 -60.55 31.52
N GLU GC 21 -103.14 -59.76 31.86
CA GLU GC 21 -101.96 -59.98 31.10
C GLU GC 21 -101.45 -61.32 31.53
N HIS GC 22 -101.38 -61.51 32.86
CA HIS GC 22 -100.49 -62.47 33.39
C HIS GC 22 -100.83 -63.82 32.82
N CYS GC 23 -102.14 -64.09 32.72
CA CYS GC 23 -102.67 -65.15 31.93
C CYS GC 23 -102.56 -64.68 30.53
N CYS GC 24 -101.42 -65.05 29.97
CA CYS GC 24 -101.25 -65.92 28.86
C CYS GC 24 -99.95 -65.41 28.44
N SER GC 25 -98.93 -65.99 29.07
CA SER GC 25 -97.93 -65.04 29.34
C SER GC 25 -97.02 -65.03 28.19
N GLU GC 26 -96.03 -64.12 28.27
CA GLU GC 26 -94.84 -64.29 27.44
C GLU GC 26 -94.22 -65.68 27.63
N GLU GC 27 -93.88 -66.01 28.87
CA GLU GC 27 -93.29 -67.32 29.10
C GLU GC 27 -94.27 -68.38 28.61
N ASP GC 28 -95.53 -68.27 29.03
CA ASP GC 28 -96.54 -69.22 28.63
C ASP GC 28 -96.44 -69.55 27.16
N HIS GC 29 -96.69 -68.59 26.30
CA HIS GC 29 -96.64 -68.89 24.89
C HIS GC 29 -95.24 -69.15 24.37
N ARG GC 30 -94.23 -68.52 24.95
CA ARG GC 30 -92.88 -68.79 24.47
C ARG GC 30 -92.76 -70.33 24.54
N ILE GC 31 -93.36 -70.93 25.57
CA ILE GC 31 -93.33 -72.36 25.77
C ILE GC 31 -94.12 -73.01 24.66
N VAL GC 32 -95.39 -72.67 24.57
CA VAL GC 32 -96.24 -73.25 23.56
C VAL GC 32 -95.51 -73.25 22.23
N GLN GC 33 -95.06 -72.09 21.80
CA GLN GC 33 -94.36 -71.99 20.54
C GLN GC 33 -93.25 -73.01 20.42
N LYS GC 34 -92.41 -73.08 21.45
CA LYS GC 34 -91.29 -74.01 21.41
C LYS GC 34 -91.77 -75.45 21.23
N GLN GC 35 -92.76 -75.83 22.01
CA GLN GC 35 -93.27 -77.19 21.96
C GLN GC 35 -94.00 -77.52 20.68
N TRP GC 36 -94.65 -76.54 20.09
CA TRP GC 36 -95.39 -76.76 18.86
C TRP GC 36 -94.42 -76.95 17.72
N ASP GC 37 -93.18 -76.52 17.92
CA ASP GC 37 -92.19 -76.65 16.87
C ASP GC 37 -91.56 -78.04 16.81
N ILE GC 38 -91.60 -78.76 17.91
CA ILE GC 38 -91.06 -80.12 17.96
C ILE GC 38 -91.67 -80.90 16.80
N LEU GC 39 -92.87 -80.50 16.40
CA LEU GC 39 -93.58 -81.15 15.31
C LEU GC 39 -93.02 -80.99 13.91
N TRP GC 40 -92.80 -79.76 13.49
CA TRP GC 40 -92.30 -79.49 12.14
C TRP GC 40 -90.80 -79.63 11.92
N ARG GC 41 -90.16 -80.57 12.61
CA ARG GC 41 -88.72 -80.77 12.43
C ARG GC 41 -88.43 -81.46 11.10
N ASP GC 42 -89.30 -82.38 10.68
CA ASP GC 42 -89.10 -83.07 9.41
C ASP GC 42 -89.92 -82.46 8.29
N THR GC 43 -89.33 -82.45 7.10
CA THR GC 43 -89.94 -81.85 5.93
C THR GC 43 -91.33 -82.34 5.54
N GLU GC 44 -91.72 -83.52 6.00
CA GLU GC 44 -93.04 -84.02 5.64
C GLU GC 44 -94.15 -83.49 6.53
N SER GC 45 -94.16 -82.18 6.74
CA SER GC 45 -95.16 -81.52 7.57
C SER GC 45 -96.57 -81.82 7.07
N SER GC 46 -96.75 -81.81 5.75
CA SER GC 46 -98.04 -82.08 5.15
C SER GC 46 -98.64 -83.36 5.69
N LYS GC 47 -97.91 -84.45 5.55
CA LYS GC 47 -98.39 -85.75 6.03
C LYS GC 47 -98.84 -85.66 7.47
N ILE GC 48 -98.09 -84.93 8.28
CA ILE GC 48 -98.43 -84.77 9.69
C ILE GC 48 -99.65 -83.87 9.84
N LYS GC 49 -99.48 -82.58 9.54
CA LYS GC 49 -100.57 -81.63 9.67
C LYS GC 49 -101.88 -82.27 9.24
N ILE GC 50 -101.88 -82.91 8.07
CA ILE GC 50 -103.08 -83.56 7.56
C ILE GC 50 -103.57 -84.62 8.52
N GLY GC 51 -102.79 -85.68 8.66
CA GLY GC 51 -103.16 -86.75 9.55
C GLY GC 51 -103.67 -86.24 10.89
N PHE GC 52 -102.92 -85.33 11.50
CA PHE GC 52 -103.30 -84.78 12.79
C PHE GC 52 -104.60 -84.00 12.71
N GLY GC 53 -104.66 -83.05 11.80
CA GLY GC 53 -105.86 -82.24 11.66
C GLY GC 53 -107.05 -83.11 11.28
N ARG GC 54 -106.77 -84.13 10.47
CA ARG GC 54 -107.80 -85.04 10.03
C ARG GC 54 -108.39 -85.64 11.26
N LEU GC 55 -107.54 -86.28 12.05
CA LEU GC 55 -107.98 -86.92 13.28
C LEU GC 55 -108.74 -85.96 14.18
N LEU GC 56 -108.16 -84.78 14.41
CA LEU GC 56 -108.80 -83.79 15.26
C LEU GC 56 -110.22 -83.48 14.85
N LEU GC 57 -110.46 -83.26 13.56
CA LEU GC 57 -111.81 -82.96 13.11
C LEU GC 57 -112.71 -84.19 13.23
N THR GC 58 -112.17 -85.35 12.85
CA THR GC 58 -112.91 -86.61 12.93
C THR GC 58 -113.43 -86.80 14.35
N LYS GC 59 -112.51 -86.86 15.31
CA LYS GC 59 -112.84 -87.03 16.71
C LYS GC 59 -113.83 -85.97 17.17
N LEU GC 60 -114.00 -84.90 16.40
CA LEU GC 60 -114.96 -83.88 16.78
C LEU GC 60 -116.31 -84.36 16.32
N ALA GC 61 -116.41 -84.73 15.05
CA ALA GC 61 -117.65 -85.24 14.47
C ALA GC 61 -118.12 -86.48 15.23
N LYS GC 62 -117.18 -87.19 15.82
CA LYS GC 62 -117.48 -88.37 16.59
C LYS GC 62 -118.34 -88.00 17.81
N ASP GC 63 -117.87 -86.99 18.57
CA ASP GC 63 -118.56 -86.55 19.78
C ASP GC 63 -119.74 -85.63 19.52
N ILE GC 64 -119.76 -84.99 18.37
CA ILE GC 64 -120.86 -84.11 18.01
C ILE GC 64 -121.08 -84.21 16.50
N PRO GC 65 -122.04 -85.03 16.08
CA PRO GC 65 -122.41 -85.28 14.67
C PRO GC 65 -122.97 -84.11 13.87
N GLU GC 66 -123.71 -83.22 14.52
CA GLU GC 66 -124.27 -82.10 13.80
C GLU GC 66 -123.16 -81.36 13.06
N VAL GC 67 -121.94 -81.78 13.33
CA VAL GC 67 -120.73 -81.21 12.72
C VAL GC 67 -120.57 -81.77 11.31
N ASN GC 68 -120.73 -83.09 11.19
CA ASN GC 68 -120.60 -83.76 9.91
C ASN GC 68 -121.27 -82.99 8.78
N ASP GC 69 -122.39 -82.33 9.09
CA ASP GC 69 -123.12 -81.57 8.08
C ASP GC 69 -122.44 -80.26 7.72
N LEU GC 70 -121.70 -79.72 8.68
CA LEU GC 70 -121.01 -78.47 8.45
C LEU GC 70 -119.83 -78.68 7.52
N PHE GC 71 -119.09 -79.76 7.79
CA PHE GC 71 -117.91 -80.12 7.01
C PHE GC 71 -118.30 -80.94 5.76
N LYS GC 72 -119.58 -80.98 5.50
CA LYS GC 72 -120.10 -81.71 4.34
C LYS GC 72 -119.50 -81.08 3.09
N ARG GC 73 -119.51 -79.76 3.07
CA ARG GC 73 -119.00 -78.96 1.96
C ARG GC 73 -117.59 -79.35 1.54
N VAL GC 74 -116.80 -79.84 2.49
CA VAL GC 74 -115.42 -80.24 2.21
C VAL GC 74 -115.24 -81.75 2.16
N ASP GC 75 -116.33 -82.45 1.87
CA ASP GC 75 -116.30 -83.90 1.75
C ASP GC 75 -115.63 -84.56 2.95
N ILE GC 76 -116.12 -84.24 4.15
CA ILE GC 76 -115.56 -84.82 5.37
C ILE GC 76 -115.86 -86.31 5.37
N GLU GC 77 -116.84 -86.69 4.54
CA GLU GC 77 -117.24 -88.08 4.43
C GLU GC 77 -116.03 -88.93 4.02
N HIS GC 78 -115.15 -88.35 3.21
CA HIS GC 78 -113.95 -89.04 2.78
C HIS GC 78 -112.74 -88.42 3.48
N ALA GC 79 -112.46 -88.90 4.67
CA ALA GC 79 -111.35 -88.38 5.46
C ALA GC 79 -110.05 -88.24 4.67
N GLU GC 80 -109.71 -89.29 3.91
CA GLU GC 80 -108.48 -89.31 3.10
C GLU GC 80 -108.65 -88.61 1.74
N GLY GC 81 -109.88 -88.20 1.46
CA GLY GC 81 -110.17 -87.52 0.22
C GLY GC 81 -109.49 -86.17 0.14
N PRO GC 82 -108.77 -85.89 -0.94
CA PRO GC 82 -108.09 -84.61 -1.09
C PRO GC 82 -108.96 -83.43 -0.63
N LYS GC 83 -110.23 -83.43 -1.05
CA LYS GC 83 -111.14 -82.37 -0.68
C LYS GC 83 -110.99 -82.01 0.81
N PHE GC 84 -111.04 -83.04 1.65
CA PHE GC 84 -110.92 -82.86 3.09
C PHE GC 84 -109.47 -82.67 3.51
N SER GC 85 -108.56 -83.46 2.96
CA SER GC 85 -107.16 -83.34 3.33
C SER GC 85 -106.72 -81.89 3.19
N ALA GC 86 -107.15 -81.24 2.11
CA ALA GC 86 -106.79 -79.86 1.90
C ALA GC 86 -107.30 -79.10 3.10
N HIS GC 87 -108.59 -79.24 3.38
CA HIS GC 87 -109.21 -78.58 4.52
C HIS GC 87 -108.42 -78.83 5.80
N ALA GC 88 -108.15 -80.10 6.07
CA ALA GC 88 -107.38 -80.47 7.25
C ALA GC 88 -106.20 -79.51 7.39
N LEU GC 89 -105.52 -79.23 6.29
CA LEU GC 89 -104.40 -78.32 6.32
C LEU GC 89 -104.85 -76.93 6.70
N ARG GC 90 -105.66 -76.32 5.84
CA ARG GC 90 -106.15 -74.97 6.10
C ARG GC 90 -106.43 -74.70 7.57
N ILE GC 91 -107.23 -75.54 8.21
CA ILE GC 91 -107.54 -75.35 9.63
C ILE GC 91 -106.29 -75.49 10.46
N LEU GC 92 -105.72 -76.69 10.45
CA LEU GC 92 -104.52 -76.99 11.22
C LEU GC 92 -103.48 -75.89 10.99
N ASN GC 93 -103.37 -75.43 9.75
CA ASN GC 93 -102.43 -74.39 9.39
C ASN GC 93 -102.86 -73.05 9.96
N GLY GC 94 -104.16 -72.89 10.18
CA GLY GC 94 -104.65 -71.64 10.75
C GLY GC 94 -104.23 -71.60 12.20
N LEU GC 95 -104.36 -72.73 12.88
CA LEU GC 95 -103.95 -72.83 14.26
C LEU GC 95 -102.49 -72.44 14.33
N ASP GC 96 -101.70 -72.85 13.32
CA ASP GC 96 -100.27 -72.51 13.27
C ASP GC 96 -100.17 -71.00 13.32
N LEU GC 97 -100.77 -70.34 12.34
CA LEU GC 97 -100.78 -68.89 12.28
C LEU GC 97 -101.06 -68.31 13.65
N ALA GC 98 -102.13 -68.75 14.29
CA ALA GC 98 -102.49 -68.26 15.60
C ALA GC 98 -101.30 -68.35 16.54
N ILE GC 99 -100.77 -69.57 16.68
CA ILE GC 99 -99.63 -69.79 17.56
C ILE GC 99 -98.44 -68.93 17.20
N ASN GC 100 -98.07 -68.90 15.92
CA ASN GC 100 -96.93 -68.10 15.49
C ASN GC 100 -97.09 -66.59 15.60
N LEU GC 101 -98.28 -66.12 15.95
CA LEU GC 101 -98.47 -64.70 16.11
C LEU GC 101 -98.70 -64.38 17.58
N LEU GC 102 -98.53 -65.38 18.42
CA LEU GC 102 -98.74 -65.20 19.84
C LEU GC 102 -97.86 -64.11 20.39
N ASP GC 103 -96.73 -63.86 19.75
CA ASP GC 103 -95.84 -62.82 20.24
C ASP GC 103 -96.02 -61.53 19.44
N ASP GC 104 -97.23 -61.00 19.45
CA ASP GC 104 -97.59 -59.75 18.75
C ASP GC 104 -99.11 -59.65 18.86
N PRO GC 105 -99.61 -59.47 20.08
CA PRO GC 105 -101.05 -59.36 20.37
C PRO GC 105 -101.91 -58.64 19.34
N PRO GC 106 -101.52 -57.42 18.95
CA PRO GC 106 -102.33 -56.70 17.96
C PRO GC 106 -102.52 -57.47 16.65
N ALA GC 107 -101.43 -58.05 16.15
CA ALA GC 107 -101.46 -58.83 14.92
C ALA GC 107 -102.30 -60.07 15.16
N LEU GC 108 -101.93 -60.83 16.18
CA LEU GC 108 -102.66 -62.03 16.50
C LEU GC 108 -104.14 -61.71 16.60
N ASP GC 109 -104.45 -60.63 17.30
CA ASP GC 109 -105.83 -60.21 17.47
C ASP GC 109 -106.45 -60.15 16.09
N ALA GC 110 -105.96 -59.23 15.26
CA ALA GC 110 -106.48 -59.08 13.92
C ALA GC 110 -106.61 -60.42 13.22
N ALA GC 111 -105.52 -61.20 13.24
CA ALA GC 111 -105.50 -62.50 12.60
C ALA GC 111 -106.65 -63.39 13.02
N LEU GC 112 -106.96 -63.36 14.31
CA LEU GC 112 -108.04 -64.17 14.85
C LEU GC 112 -109.42 -63.60 14.53
N ASP GC 113 -109.56 -62.29 14.69
CA ASP GC 113 -110.84 -61.62 14.40
C ASP GC 113 -111.27 -62.07 13.00
N HIS GC 114 -110.32 -62.04 12.07
CA HIS GC 114 -110.55 -62.44 10.70
C HIS GC 114 -111.12 -63.86 10.72
N LEU GC 115 -110.53 -64.74 11.52
CA LEU GC 115 -111.01 -66.11 11.59
C LEU GC 115 -112.41 -66.16 12.13
N ALA GC 116 -112.75 -65.20 12.97
CA ALA GC 116 -114.09 -65.15 13.55
C ALA GC 116 -115.10 -64.99 12.41
N HIS GC 117 -114.88 -63.95 11.61
CA HIS GC 117 -115.74 -63.65 10.48
C HIS GC 117 -115.85 -64.85 9.54
N GLN GC 118 -114.77 -65.58 9.31
CA GLN GC 118 -114.81 -66.72 8.39
C GLN GC 118 -115.67 -67.85 8.94
N HIS GC 119 -115.98 -67.75 10.23
CA HIS GC 119 -116.80 -68.76 10.87
C HIS GC 119 -118.20 -68.22 11.14
N GLU GC 120 -118.30 -66.91 11.24
CA GLU GC 120 -119.60 -66.27 11.49
C GLU GC 120 -120.61 -66.59 10.39
N VAL GC 121 -120.18 -66.44 9.14
CA VAL GC 121 -121.04 -66.69 7.99
C VAL GC 121 -121.26 -68.18 7.67
N ARG GC 122 -120.80 -69.04 8.55
CA ARG GC 122 -120.97 -70.48 8.36
C ARG GC 122 -121.98 -70.92 9.40
N GLU GC 123 -123.27 -70.79 9.09
CA GLU GC 123 -124.31 -71.16 10.05
C GLU GC 123 -124.25 -72.64 10.40
N GLY GC 124 -124.58 -72.94 11.65
CA GLY GC 124 -124.56 -74.31 12.13
C GLY GC 124 -123.45 -74.46 13.15
N VAL GC 125 -122.42 -73.65 12.99
CA VAL GC 125 -121.27 -73.65 13.89
C VAL GC 125 -121.60 -72.86 15.14
N GLN GC 126 -121.69 -73.56 16.27
CA GLN GC 126 -122.01 -72.91 17.54
C GLN GC 126 -120.85 -73.02 18.52
N LYS GC 127 -120.84 -72.15 19.52
CA LYS GC 127 -119.77 -72.13 20.52
C LYS GC 127 -119.43 -73.50 21.10
N ALA GC 128 -120.43 -74.21 21.61
CA ALA GC 128 -120.21 -75.52 22.20
C ALA GC 128 -119.27 -76.39 21.37
N HIS GC 129 -119.21 -76.14 20.07
CA HIS GC 129 -118.35 -76.89 19.17
C HIS GC 129 -116.89 -76.64 19.53
N PHE GC 130 -116.52 -75.37 19.64
CA PHE GC 130 -115.16 -75.00 19.97
C PHE GC 130 -114.77 -75.53 21.33
N LYS GC 131 -115.63 -75.31 22.32
CA LYS GC 131 -115.34 -75.81 23.67
C LYS GC 131 -114.90 -77.27 23.57
N LYS GC 132 -115.63 -78.07 22.80
CA LYS GC 132 -115.33 -79.48 22.64
C LYS GC 132 -114.01 -79.65 21.89
N PHE GC 133 -113.88 -78.97 20.75
CA PHE GC 133 -112.66 -79.07 19.96
C PHE GC 133 -111.46 -78.77 20.83
N GLY GC 134 -111.63 -77.82 21.74
CA GLY GC 134 -110.55 -77.47 22.65
C GLY GC 134 -110.15 -78.64 23.51
N GLU GC 135 -111.14 -79.27 24.14
CA GLU GC 135 -110.89 -80.42 24.99
C GLU GC 135 -110.19 -81.51 24.20
N ILE GC 136 -110.60 -81.68 22.94
CA ILE GC 136 -110.03 -82.70 22.08
C ILE GC 136 -108.59 -82.39 21.76
N LEU GC 137 -108.36 -81.14 21.39
CA LEU GC 137 -107.03 -80.66 21.03
C LEU GC 137 -106.07 -80.83 22.20
N ALA GC 138 -106.59 -80.59 23.39
CA ALA GC 138 -105.80 -80.68 24.60
C ALA GC 138 -105.47 -82.12 24.95
N THR GC 139 -106.27 -83.06 24.48
CA THR GC 139 -106.02 -84.47 24.78
C THR GC 139 -105.17 -85.06 23.68
N GLY GC 140 -105.16 -84.40 22.53
CA GLY GC 140 -104.39 -84.88 21.42
C GLY GC 140 -102.94 -84.44 21.39
N LEU GC 141 -102.69 -83.15 21.52
CA LEU GC 141 -101.33 -82.64 21.49
C LEU GC 141 -100.33 -83.49 22.28
N PRO GC 142 -100.59 -83.70 23.57
CA PRO GC 142 -99.69 -84.48 24.41
C PRO GC 142 -99.44 -85.89 23.93
N GLN GC 143 -100.09 -86.28 22.84
CA GLN GC 143 -99.92 -87.63 22.31
C GLN GC 143 -98.86 -87.64 21.23
N VAL GC 144 -98.59 -86.47 20.66
CA VAL GC 144 -97.59 -86.36 19.60
C VAL GC 144 -96.37 -85.60 20.07
N LEU GC 145 -96.52 -84.83 21.14
CA LEU GC 145 -95.43 -84.06 21.68
C LEU GC 145 -94.99 -84.68 23.00
N ASP GC 146 -93.72 -85.08 23.09
CA ASP GC 146 -93.24 -85.68 24.31
C ASP GC 146 -93.16 -84.62 25.42
N ASP GC 147 -92.83 -83.39 25.03
CA ASP GC 147 -92.74 -82.32 26.01
C ASP GC 147 -93.95 -81.43 25.83
N TYR GC 148 -94.88 -81.50 26.78
CA TYR GC 148 -96.12 -80.74 26.74
C TYR GC 148 -96.39 -80.12 28.10
N ASP GC 149 -96.72 -78.84 28.11
CA ASP GC 149 -97.02 -78.15 29.35
C ASP GC 149 -98.49 -77.79 29.35
N ALA GC 150 -99.33 -78.74 29.77
CA ALA GC 150 -100.78 -78.55 29.80
C ALA GC 150 -101.23 -77.18 30.24
N LEU GC 151 -100.67 -76.68 31.34
CA LEU GC 151 -101.05 -75.37 31.85
C LEU GC 151 -100.85 -74.24 30.86
N ALA GC 152 -99.64 -74.15 30.30
CA ALA GC 152 -99.35 -73.12 29.32
C ALA GC 152 -100.30 -73.22 28.13
N TRP GC 153 -100.37 -74.40 27.53
CA TRP GC 153 -101.23 -74.60 26.39
C TRP GC 153 -102.68 -74.24 26.62
N LYS GC 154 -103.29 -74.85 27.63
CA LYS GC 154 -104.70 -74.57 27.92
C LYS GC 154 -104.91 -73.06 27.99
N SER GC 155 -104.02 -72.36 28.68
CA SER GC 155 -104.11 -70.92 28.80
C SER GC 155 -104.20 -70.24 27.43
N CYS GC 156 -103.28 -70.59 26.54
CA CYS GC 156 -103.25 -70.00 25.22
C CYS GC 156 -104.36 -70.48 24.30
N LEU GC 157 -104.54 -71.80 24.23
CA LEU GC 157 -105.58 -72.32 23.36
C LEU GC 157 -106.92 -71.68 23.68
N LYS GC 158 -107.17 -71.44 24.96
CA LYS GC 158 -108.43 -70.82 25.38
C LYS GC 158 -108.57 -69.47 24.71
N GLY GC 159 -107.60 -68.59 24.95
CA GLY GC 159 -107.64 -67.28 24.35
C GLY GC 159 -107.89 -67.32 22.85
N ILE GC 160 -107.27 -68.28 22.16
CA ILE GC 160 -107.43 -68.41 20.73
C ILE GC 160 -108.82 -68.87 20.34
N LEU GC 161 -109.19 -70.06 20.78
CA LEU GC 161 -110.48 -70.60 20.48
C LEU GC 161 -111.60 -69.60 20.77
N THR GC 162 -111.53 -68.93 21.91
CA THR GC 162 -112.54 -67.95 22.27
C THR GC 162 -112.67 -66.83 21.23
N LYS GC 163 -111.57 -66.11 21.02
CA LYS GC 163 -111.57 -65.02 20.06
C LYS GC 163 -112.05 -65.44 18.67
N ILE GC 164 -111.84 -66.71 18.31
CA ILE GC 164 -112.26 -67.19 17.00
C ILE GC 164 -113.76 -67.37 16.90
N SER GC 165 -114.37 -67.83 17.98
CA SER GC 165 -115.81 -68.09 17.97
C SER GC 165 -116.64 -66.94 18.53
N SER GC 166 -115.96 -65.86 19.02
CA SER GC 166 -116.72 -64.93 19.80
C SER GC 166 -117.80 -64.32 18.96
N ARG GC 167 -117.37 -63.72 17.84
CA ARG GC 167 -118.24 -63.54 16.70
C ARG GC 167 -118.37 -64.93 16.17
N LEU GC 168 -119.59 -65.36 15.80
CA LEU GC 168 -119.90 -66.67 16.27
C LEU GC 168 -119.33 -67.88 15.54
N GLU HC 19 -102.72 -103.20 14.89
CA GLU HC 19 -101.29 -103.00 15.10
C GLU HC 19 -101.00 -101.83 15.97
N CYS HC 20 -100.24 -100.87 15.42
CA CYS HC 20 -99.69 -99.78 16.17
C CYS HC 20 -100.78 -98.74 16.26
N LEU HC 21 -100.58 -97.62 16.99
CA LEU HC 21 -101.31 -96.50 16.47
C LEU HC 21 -100.32 -95.67 15.72
N VAL HC 22 -100.95 -94.77 14.98
CA VAL HC 22 -100.45 -93.85 14.05
C VAL HC 22 -99.55 -92.93 14.79
N THR HC 23 -100.06 -92.42 15.92
CA THR HC 23 -99.17 -91.62 16.76
C THR HC 23 -98.14 -92.50 17.46
N GLU HC 24 -98.61 -93.58 18.07
CA GLU HC 24 -97.73 -94.50 18.77
C GLU HC 24 -96.55 -94.92 17.89
N SER HC 25 -96.66 -94.69 16.59
CA SER HC 25 -95.58 -95.06 15.68
C SER HC 25 -94.65 -93.86 15.56
N LEU HC 26 -95.19 -92.77 15.03
CA LEU HC 26 -94.44 -91.54 14.85
C LEU HC 26 -93.56 -91.28 16.06
N LYS HC 27 -94.12 -91.56 17.22
CA LYS HC 27 -93.41 -91.36 18.46
C LYS HC 27 -92.16 -92.22 18.45
N VAL HC 28 -92.31 -93.47 18.07
CA VAL HC 28 -91.16 -94.37 18.02
C VAL HC 28 -90.24 -93.96 16.90
N LYS HC 29 -90.82 -93.72 15.73
CA LYS HC 29 -90.03 -93.34 14.56
C LYS HC 29 -89.12 -92.18 14.94
N LEU HC 30 -89.70 -91.24 15.69
CA LEU HC 30 -88.99 -90.06 16.14
C LEU HC 30 -87.92 -90.37 17.20
N GLN HC 31 -88.31 -91.00 18.29
CA GLN HC 31 -87.37 -91.33 19.34
C GLN HC 31 -86.27 -92.22 18.83
N TRP HC 32 -86.56 -93.13 17.92
CA TRP HC 32 -85.53 -94.01 17.38
C TRP HC 32 -84.43 -93.15 16.82
N ALA HC 33 -84.83 -92.08 16.14
CA ALA HC 33 -83.88 -91.16 15.55
C ALA HC 33 -82.85 -90.68 16.57
N SER HC 34 -83.31 -89.99 17.60
CA SER HC 34 -82.44 -89.47 18.63
C SER HC 34 -81.58 -90.52 19.28
N ALA HC 35 -82.20 -91.63 19.65
CA ALA HC 35 -81.49 -92.72 20.33
C ALA HC 35 -80.41 -93.40 19.48
N PHE HC 36 -80.83 -93.95 18.35
CA PHE HC 36 -79.92 -94.65 17.46
C PHE HC 36 -78.76 -93.74 17.13
N GLY HC 37 -79.06 -92.63 16.46
CA GLY HC 37 -78.01 -91.70 16.11
C GLY HC 37 -77.42 -91.86 14.74
N HIS HC 38 -76.17 -91.43 14.60
CA HIS HC 38 -75.46 -91.52 13.33
C HIS HC 38 -74.01 -91.97 13.47
N ALA HC 39 -73.48 -92.58 12.42
CA ALA HC 39 -72.12 -93.06 12.39
C ALA HC 39 -71.73 -93.86 13.62
N HIS HC 40 -70.55 -93.56 14.15
CA HIS HC 40 -70.03 -94.24 15.32
C HIS HC 40 -71.05 -94.35 16.47
N GLU HC 41 -71.77 -93.26 16.73
CA GLU HC 41 -72.78 -93.23 17.80
C GLU HC 41 -73.61 -94.51 17.80
N ARG HC 42 -73.79 -95.09 16.61
CA ARG HC 42 -74.56 -96.32 16.41
C ARG HC 42 -73.81 -97.54 16.86
N VAL HC 43 -72.63 -97.77 16.29
CA VAL HC 43 -71.83 -98.93 16.67
C VAL HC 43 -71.81 -99.03 18.18
N ALA HC 44 -71.67 -97.87 18.83
CA ALA HC 44 -71.65 -97.79 20.28
C ALA HC 44 -72.94 -98.36 20.84
N PHE HC 45 -74.04 -97.93 20.25
CA PHE HC 45 -75.35 -98.40 20.66
C PHE HC 45 -75.41 -99.90 20.48
N GLY HC 46 -75.24 -100.35 19.24
CA GLY HC 46 -75.26 -101.78 18.98
C GLY HC 46 -74.45 -102.56 19.99
N LEU HC 47 -73.19 -102.20 20.15
CA LEU HC 47 -72.30 -102.88 21.08
C LEU HC 47 -72.93 -102.94 22.46
N GLU HC 48 -73.22 -101.78 23.04
CA GLU HC 48 -73.81 -101.74 24.36
C GLU HC 48 -74.99 -102.70 24.47
N LEU HC 49 -75.82 -102.72 23.44
CA LEU HC 49 -76.99 -103.59 23.41
C LEU HC 49 -76.65 -105.05 23.49
N TRP HC 50 -75.96 -105.57 22.48
CA TRP HC 50 -75.57 -106.96 22.46
C TRP HC 50 -74.80 -107.41 23.70
N ARG HC 51 -73.96 -106.54 24.25
CA ARG HC 51 -73.22 -106.93 25.44
C ARG HC 51 -74.21 -107.28 26.54
N ASP HC 52 -75.08 -106.34 26.88
CA ASP HC 52 -76.07 -106.58 27.90
C ASP HC 52 -76.89 -107.84 27.63
N ILE HC 53 -77.20 -108.10 26.37
CA ILE HC 53 -77.96 -109.28 25.99
C ILE HC 53 -77.19 -110.57 26.23
N ILE HC 54 -75.97 -110.65 25.73
CA ILE HC 54 -75.17 -111.84 25.88
C ILE HC 54 -74.77 -112.13 27.33
N ASP HC 55 -74.61 -111.11 28.16
CA ASP HC 55 -74.24 -111.35 29.55
C ASP HC 55 -75.41 -111.97 30.30
N ASP HC 56 -76.62 -111.59 29.90
CA ASP HC 56 -77.83 -112.08 30.52
C ASP HC 56 -78.14 -113.51 30.09
N HIS HC 57 -77.94 -113.81 28.81
CA HIS HC 57 -78.20 -115.14 28.27
C HIS HC 57 -77.08 -115.63 27.35
N PRO HC 58 -75.95 -116.07 27.90
CA PRO HC 58 -74.82 -116.55 27.12
C PRO HC 58 -75.15 -117.66 26.14
N GLU HC 59 -76.38 -118.17 26.19
CA GLU HC 59 -76.77 -119.24 25.29
C GLU HC 59 -76.74 -118.73 23.86
N ILE HC 60 -76.86 -117.43 23.70
CA ILE HC 60 -76.89 -116.81 22.38
C ILE HC 60 -75.56 -116.83 21.65
N LYS HC 61 -74.44 -116.82 22.38
CA LYS HC 61 -73.15 -116.82 21.71
C LYS HC 61 -73.05 -117.97 20.72
N ALA HC 62 -73.99 -118.90 20.82
CA ALA HC 62 -73.99 -120.06 19.94
C ALA HC 62 -74.24 -119.78 18.47
N PRO HC 63 -75.45 -119.35 18.10
CA PRO HC 63 -75.73 -119.07 16.68
C PRO HC 63 -74.90 -117.94 16.09
N PHE HC 64 -74.36 -117.09 16.95
CA PHE HC 64 -73.54 -115.98 16.49
C PHE HC 64 -72.13 -116.44 16.28
N SER HC 65 -71.95 -117.74 16.13
CA SER HC 65 -70.63 -118.33 15.93
C SER HC 65 -70.02 -117.89 14.62
N ARG HC 66 -70.86 -117.70 13.61
CA ARG HC 66 -70.39 -117.29 12.28
C ARG HC 66 -69.82 -115.88 12.30
N VAL HC 67 -70.41 -115.01 13.12
CA VAL HC 67 -69.97 -113.63 13.26
C VAL HC 67 -69.25 -113.38 14.59
N ARG HC 68 -68.21 -114.17 14.88
CA ARG HC 68 -67.44 -114.05 16.11
C ARG HC 68 -68.25 -113.44 17.25
N GLY HC 69 -69.20 -114.20 17.77
CA GLY HC 69 -70.03 -113.73 18.86
C GLY HC 69 -69.32 -113.83 20.19
N ASP HC 70 -68.19 -114.51 20.22
CA ASP HC 70 -67.44 -114.64 21.45
C ASP HC 70 -66.82 -113.28 21.80
N ASN HC 71 -66.34 -112.58 20.77
CA ASN HC 71 -65.72 -111.27 20.93
C ASN HC 71 -66.59 -110.23 20.25
N ILE HC 72 -67.54 -109.66 20.99
CA ILE HC 72 -68.44 -108.66 20.43
C ILE HC 72 -67.76 -107.38 19.99
N TYR HC 73 -66.55 -107.17 20.46
CA TYR HC 73 -65.83 -105.95 20.09
C TYR HC 73 -65.12 -106.11 18.75
N SER HC 74 -65.07 -107.33 18.25
CA SER HC 74 -64.42 -107.62 16.99
C SER HC 74 -65.13 -106.95 15.84
N PRO HC 75 -64.42 -106.73 14.73
CA PRO HC 75 -65.04 -106.10 13.57
C PRO HC 75 -66.07 -107.04 12.95
N GLU HC 76 -65.75 -108.32 12.93
CA GLU HC 76 -66.65 -109.30 12.38
C GLU HC 76 -68.03 -109.16 13.02
N PHE HC 77 -68.07 -109.18 14.34
CA PHE HC 77 -69.34 -109.05 15.05
C PHE HC 77 -69.86 -107.64 14.91
N GLY HC 78 -68.97 -106.65 15.01
CA GLY HC 78 -69.37 -105.27 14.87
C GLY HC 78 -70.20 -105.08 13.63
N ALA HC 79 -69.70 -105.63 12.54
CA ALA HC 79 -70.40 -105.54 11.28
C ALA HC 79 -71.80 -106.07 11.52
N HIS HC 80 -71.89 -107.33 11.92
CA HIS HC 80 -73.17 -107.97 12.20
C HIS HC 80 -74.06 -107.02 12.98
N SER HC 81 -73.59 -106.66 14.17
CA SER HC 81 -74.31 -105.76 15.05
C SER HC 81 -75.03 -104.68 14.26
N GLN HC 82 -74.26 -103.99 13.42
CA GLN HC 82 -74.80 -102.91 12.60
C GLN HC 82 -75.89 -103.40 11.66
N ARG HC 83 -75.60 -104.46 10.90
CA ARG HC 83 -76.56 -105.02 9.96
C ARG HC 83 -77.90 -105.19 10.64
N VAL HC 84 -77.84 -105.70 11.87
CA VAL HC 84 -79.02 -105.95 12.67
C VAL HC 84 -79.78 -104.67 12.91
N LEU HC 85 -79.17 -103.79 13.67
CA LEU HC 85 -79.79 -102.51 13.96
C LEU HC 85 -80.39 -101.90 12.72
N SER HC 86 -79.66 -101.97 11.61
CA SER HC 86 -80.14 -101.40 10.36
C SER HC 86 -81.52 -101.97 10.00
N GLY HC 87 -81.63 -103.31 10.02
CA GLY HC 87 -82.89 -103.94 9.70
C GLY HC 87 -83.97 -103.42 10.63
N LEU HC 88 -83.63 -103.29 11.90
CA LEU HC 88 -84.54 -102.78 12.89
C LEU HC 88 -84.97 -101.39 12.45
N ASP HC 89 -84.02 -100.61 11.93
CA ASP HC 89 -84.33 -99.27 11.46
C ASP HC 89 -85.40 -99.37 10.39
N ILE HC 90 -85.17 -100.24 9.42
CA ILE HC 90 -86.11 -100.42 8.34
C ILE HC 90 -87.49 -100.70 8.89
N THR HC 91 -87.62 -101.81 9.60
CA THR HC 91 -88.91 -102.17 10.16
C THR HC 91 -89.56 -100.95 10.79
N ILE HC 92 -88.86 -100.30 11.72
CA ILE HC 92 -89.41 -99.12 12.38
C ILE HC 92 -89.86 -98.05 11.40
N SER HC 93 -89.05 -97.82 10.34
CA SER HC 93 -89.46 -96.87 9.37
C SER HC 93 -90.65 -97.40 8.65
N MET HC 94 -90.73 -98.74 8.48
CA MET HC 94 -91.64 -99.34 7.55
C MET HC 94 -93.01 -99.01 7.98
N LEU HC 95 -93.19 -99.10 9.30
CA LEU HC 95 -94.37 -99.66 9.90
C LEU HC 95 -95.58 -98.84 9.58
N ASP HC 96 -95.40 -97.52 9.49
CA ASP HC 96 -96.46 -96.56 9.37
C ASP HC 96 -97.23 -96.87 8.14
N THR HC 97 -96.53 -97.13 7.04
CA THR HC 97 -97.25 -97.40 5.82
C THR HC 97 -97.34 -98.89 5.77
N PRO HC 98 -98.55 -99.34 5.86
CA PRO HC 98 -98.90 -100.75 5.98
C PRO HC 98 -98.45 -101.68 4.85
N ASP HC 99 -98.65 -101.25 3.61
CA ASP HC 99 -98.25 -102.09 2.48
C ASP HC 99 -96.78 -102.48 2.48
N MET HC 100 -95.92 -101.55 2.92
CA MET HC 100 -94.49 -101.80 2.99
C MET HC 100 -94.15 -102.67 4.20
N LEU HC 101 -94.78 -102.39 5.33
CA LEU HC 101 -94.53 -103.15 6.54
C LEU HC 101 -94.91 -104.61 6.33
N ALA HC 102 -96.17 -104.83 5.94
CA ALA HC 102 -96.68 -106.17 5.70
C ALA HC 102 -95.70 -106.95 4.85
N ALA HC 103 -95.15 -106.27 3.84
CA ALA HC 103 -94.21 -106.90 2.94
C ALA HC 103 -92.87 -107.16 3.63
N GLN HC 104 -92.32 -106.12 4.24
CA GLN HC 104 -91.05 -106.20 4.94
C GLN HC 104 -91.12 -107.28 6.00
N LEU HC 105 -92.17 -107.27 6.80
CA LEU HC 105 -92.32 -108.27 7.84
C LEU HC 105 -92.30 -109.66 7.23
N ALA HC 106 -93.09 -109.88 6.20
CA ALA HC 106 -93.13 -111.18 5.55
C ALA HC 106 -91.73 -111.59 5.12
N HIS HC 107 -90.98 -110.63 4.58
CA HIS HC 107 -89.62 -110.87 4.13
C HIS HC 107 -88.72 -111.32 5.27
N LEU HC 108 -88.89 -110.72 6.45
CA LEU HC 108 -88.09 -111.06 7.62
C LEU HC 108 -88.45 -112.44 8.13
N LYS HC 109 -89.74 -112.76 8.14
CA LYS HC 109 -90.20 -114.06 8.63
C LYS HC 109 -89.46 -115.18 7.93
N VAL HC 110 -89.27 -115.03 6.62
CA VAL HC 110 -88.58 -116.04 5.84
C VAL HC 110 -87.14 -116.22 6.29
N GLN HC 111 -86.40 -115.13 6.43
CA GLN HC 111 -85.01 -115.21 6.85
C GLN HC 111 -84.85 -115.87 8.21
N HIS HC 112 -85.97 -116.10 8.89
CA HIS HC 112 -85.94 -116.71 10.22
C HIS HC 112 -86.50 -118.13 10.28
N VAL HC 113 -87.74 -118.30 9.81
CA VAL HC 113 -88.39 -119.60 9.82
C VAL HC 113 -87.45 -120.77 9.51
N GLU HC 114 -86.56 -120.59 8.54
CA GLU HC 114 -85.79 -121.69 8.03
C GLU HC 114 -84.84 -122.20 9.06
N ARG HC 115 -84.12 -121.29 9.73
CA ARG HC 115 -83.17 -121.66 10.74
C ARG HC 115 -83.97 -121.97 11.95
N ASN HC 116 -83.52 -122.91 12.79
CA ASN HC 116 -84.27 -123.01 14.00
C ASN HC 116 -83.79 -121.97 14.94
N LEU HC 117 -84.75 -121.40 15.70
CA LEU HC 117 -84.38 -120.43 16.69
C LEU HC 117 -85.27 -120.55 17.85
N LYS HC 118 -84.81 -119.91 18.94
CA LYS HC 118 -85.60 -119.81 20.10
C LYS HC 118 -86.45 -118.60 20.04
N PRO HC 119 -87.67 -118.89 20.34
CA PRO HC 119 -88.73 -117.93 20.27
C PRO HC 119 -88.49 -116.87 21.29
N GLU HC 120 -88.09 -117.31 22.49
CA GLU HC 120 -87.91 -116.47 23.67
C GLU HC 120 -86.72 -115.51 23.51
N PHE HC 121 -85.79 -115.85 22.61
CA PHE HC 121 -84.62 -115.02 22.36
C PHE HC 121 -85.04 -113.61 22.02
N PHE HC 122 -86.03 -113.51 21.13
CA PHE HC 122 -86.53 -112.22 20.71
C PHE HC 122 -87.17 -111.48 21.87
N ASP HC 123 -87.91 -112.21 22.70
CA ASP HC 123 -88.54 -111.59 23.86
C ASP HC 123 -87.44 -110.97 24.71
N ILE HC 124 -86.26 -111.57 24.64
CA ILE HC 124 -85.08 -111.10 25.39
C ILE HC 124 -84.55 -109.85 24.70
N PHE HC 125 -84.28 -109.99 23.42
CA PHE HC 125 -83.77 -108.90 22.61
C PHE HC 125 -84.58 -107.67 22.91
N LEU HC 126 -85.90 -107.80 22.82
CA LEU HC 126 -86.81 -106.67 23.08
C LEU HC 126 -86.60 -106.09 24.46
N LYS HC 127 -86.53 -106.96 25.47
CA LYS HC 127 -86.34 -106.52 26.83
C LYS HC 127 -85.19 -105.52 26.90
N HIS HC 128 -84.04 -105.90 26.35
CA HIS HC 128 -82.88 -105.03 26.35
C HIS HC 128 -82.99 -103.82 25.46
N LEU HC 129 -83.41 -104.01 24.22
CA LEU HC 129 -83.55 -102.87 23.33
C LEU HC 129 -84.29 -101.72 24.05
N LEU HC 130 -85.28 -102.07 24.86
CA LEU HC 130 -86.04 -101.07 25.60
C LEU HC 130 -85.21 -100.55 26.74
N HIS HC 131 -84.53 -101.45 27.43
CA HIS HC 131 -83.67 -101.06 28.54
C HIS HC 131 -82.68 -100.01 28.06
N VAL HC 132 -82.04 -100.30 26.95
CA VAL HC 132 -81.04 -99.39 26.38
C VAL HC 132 -81.66 -98.06 25.96
N LEU HC 133 -82.70 -98.11 25.13
CA LEU HC 133 -83.35 -96.87 24.70
C LEU HC 133 -83.73 -96.08 25.94
N GLY HC 134 -84.09 -96.80 27.01
CA GLY HC 134 -84.45 -96.16 28.24
C GLY HC 134 -83.34 -95.23 28.70
N ASP HC 135 -82.11 -95.74 28.72
CA ASP HC 135 -80.96 -94.95 29.13
C ASP HC 135 -80.79 -93.80 28.16
N ARG HC 136 -80.66 -94.12 26.89
CA ARG HC 136 -80.47 -93.10 25.86
C ARG HC 136 -81.50 -91.96 25.88
N LEU HC 137 -82.77 -92.32 25.90
CA LEU HC 137 -83.82 -91.32 25.87
C LEU HC 137 -84.18 -90.69 27.20
N GLY HC 138 -83.97 -91.41 28.29
CA GLY HC 138 -84.28 -90.87 29.61
C GLY HC 138 -85.70 -91.10 30.04
N THR HC 139 -86.29 -90.12 30.70
CA THR HC 139 -87.67 -90.25 31.18
C THR HC 139 -88.72 -89.98 30.10
N HIS HC 140 -88.29 -89.31 29.04
CA HIS HC 140 -89.19 -89.01 27.95
C HIS HC 140 -89.59 -90.28 27.20
N PHE HC 141 -88.70 -91.27 27.24
CA PHE HC 141 -88.89 -92.54 26.57
C PHE HC 141 -90.31 -93.04 26.68
N ASP HC 142 -91.04 -93.13 25.58
CA ASP HC 142 -92.42 -93.61 25.63
C ASP HC 142 -92.46 -95.12 25.58
N PHE HC 143 -92.20 -95.73 26.72
CA PHE HC 143 -92.20 -97.17 26.87
C PHE HC 143 -93.42 -97.75 26.20
N GLY HC 144 -94.59 -97.28 26.62
CA GLY HC 144 -95.82 -97.77 26.05
C GLY HC 144 -95.75 -97.91 24.55
N ALA HC 145 -95.54 -96.79 23.88
CA ALA HC 145 -95.47 -96.78 22.45
C ALA HC 145 -94.49 -97.81 21.90
N TRP HC 146 -93.30 -97.87 22.47
CA TRP HC 146 -92.33 -98.83 21.97
C TRP HC 146 -92.78 -100.26 22.16
N HIS HC 147 -93.10 -100.63 23.39
CA HIS HC 147 -93.55 -101.99 23.67
C HIS HC 147 -94.63 -102.41 22.69
N ASP HC 148 -95.69 -101.63 22.61
CA ASP HC 148 -96.79 -101.93 21.69
C ASP HC 148 -96.29 -102.03 20.25
N CYS HC 149 -95.36 -101.16 19.88
CA CYS HC 149 -94.86 -101.12 18.52
C CYS HC 149 -93.72 -102.06 18.11
N VAL HC 150 -92.65 -102.12 18.88
CA VAL HC 150 -91.56 -103.00 18.53
C VAL HC 150 -92.01 -104.43 18.65
N ASP HC 151 -92.91 -104.69 19.58
CA ASP HC 151 -93.43 -106.03 19.79
C ASP HC 151 -93.93 -106.56 18.43
N GLN HC 152 -94.86 -105.83 17.84
CA GLN HC 152 -95.43 -106.20 16.57
C GLN HC 152 -94.36 -106.58 15.56
N ILE HC 153 -93.21 -105.95 15.65
CA ILE HC 153 -92.11 -106.22 14.72
C ILE HC 153 -91.45 -107.54 15.04
N ILE HC 154 -91.39 -107.88 16.32
CA ILE HC 154 -90.77 -109.14 16.73
C ILE HC 154 -91.64 -110.32 16.33
N ASP HC 155 -92.90 -110.30 16.72
CA ASP HC 155 -93.78 -111.40 16.40
C ASP HC 155 -93.73 -111.77 14.92
N GLY HC 156 -93.71 -110.76 14.03
CA GLY HC 156 -93.83 -111.05 12.62
C GLY HC 156 -92.60 -111.79 12.26
N ILE HC 157 -91.48 -111.35 12.85
CA ILE HC 157 -90.24 -111.96 12.47
C ILE HC 157 -90.27 -113.38 12.93
N LYS HC 158 -90.72 -113.59 14.17
CA LYS HC 158 -90.57 -114.87 14.80
C LYS HC 158 -91.52 -115.90 14.20
N ASP IC 5 -46.17 -84.95 63.79
CA ASP IC 5 -47.26 -83.98 63.54
C ASP IC 5 -47.84 -84.24 62.21
N CYS IC 6 -48.80 -83.42 61.79
CA CYS IC 6 -49.43 -83.83 60.60
C CYS IC 6 -48.77 -83.11 59.51
N CYS IC 7 -48.95 -83.62 58.32
CA CYS IC 7 -48.16 -83.22 57.23
C CYS IC 7 -48.94 -82.14 56.55
N SER IC 8 -48.24 -81.17 55.96
CA SER IC 8 -48.82 -80.08 55.25
C SER IC 8 -49.32 -80.61 53.94
N TYR IC 9 -50.46 -80.04 53.45
CA TYR IC 9 -51.21 -80.47 52.28
C TYR IC 9 -50.40 -80.11 51.06
N GLU IC 10 -49.74 -78.95 51.08
CA GLU IC 10 -48.93 -78.52 49.96
C GLU IC 10 -47.84 -79.56 49.76
N ASP IC 11 -47.18 -79.93 50.84
CA ASP IC 11 -46.10 -80.90 50.77
C ASP IC 11 -46.60 -82.19 50.17
N ARG IC 12 -47.77 -82.63 50.59
CA ARG IC 12 -48.31 -83.84 50.02
C ARG IC 12 -48.38 -83.68 48.50
N ARG IC 13 -48.96 -82.58 48.05
CA ARG IC 13 -49.06 -82.30 46.63
C ARG IC 13 -47.69 -82.36 45.99
N GLU IC 14 -46.70 -81.77 46.65
CA GLU IC 14 -45.34 -81.77 46.13
C GLU IC 14 -44.90 -83.20 45.85
N ILE IC 15 -45.05 -84.05 46.85
CA ILE IC 15 -44.66 -85.43 46.72
C ILE IC 15 -45.52 -86.15 45.68
N ARG IC 16 -46.83 -86.00 45.78
CA ARG IC 16 -47.75 -86.68 44.86
C ARG IC 16 -47.31 -86.42 43.45
N HIS IC 17 -46.43 -85.45 43.28
CA HIS IC 17 -45.89 -85.10 41.96
C HIS IC 17 -44.48 -85.68 41.82
N ILE IC 18 -43.62 -85.37 42.79
CA ILE IC 18 -42.26 -85.88 42.77
C ILE IC 18 -42.27 -87.38 42.46
N TRP IC 19 -43.21 -88.09 43.06
CA TRP IC 19 -43.30 -89.52 42.84
C TRP IC 19 -43.59 -89.84 41.38
N ASP IC 20 -44.59 -89.16 40.82
CA ASP IC 20 -44.96 -89.39 39.42
C ASP IC 20 -43.79 -89.29 38.47
N ASP IC 21 -42.63 -88.89 38.98
CA ASP IC 21 -41.46 -88.77 38.11
C ASP IC 21 -40.56 -90.00 38.27
N VAL IC 22 -40.58 -90.62 39.44
CA VAL IC 22 -39.76 -91.82 39.67
C VAL IC 22 -40.57 -93.04 39.27
N TRP IC 23 -41.88 -93.07 39.60
CA TRP IC 23 -42.66 -94.23 39.32
C TRP IC 23 -42.68 -94.32 37.85
N SER IC 24 -43.31 -93.29 37.25
CA SER IC 24 -43.01 -92.99 35.88
C SER IC 24 -43.88 -93.90 35.06
N SER IC 25 -43.29 -94.63 34.08
CA SER IC 25 -44.01 -95.49 33.21
C SER IC 25 -44.47 -96.70 33.96
N SER IC 26 -45.33 -97.51 33.29
CA SER IC 26 -45.98 -98.64 33.90
C SER IC 26 -45.07 -99.82 33.86
N PHE IC 27 -43.85 -99.54 33.39
CA PHE IC 27 -42.82 -100.48 33.12
C PHE IC 27 -42.26 -101.02 34.38
N THR IC 28 -41.92 -102.30 34.38
CA THR IC 28 -41.08 -102.55 35.54
C THR IC 28 -39.69 -101.92 35.49
N ASP IC 29 -38.91 -102.27 34.48
CA ASP IC 29 -37.55 -101.77 34.31
C ASP IC 29 -37.12 -100.59 35.18
N ARG IC 30 -37.73 -99.43 34.98
CA ARG IC 30 -37.36 -98.23 35.75
C ARG IC 30 -37.55 -98.39 37.25
N ARG IC 31 -38.80 -98.49 37.68
CA ARG IC 31 -39.09 -98.63 39.11
C ARG IC 31 -38.17 -99.64 39.77
N VAL IC 32 -37.88 -100.72 39.07
CA VAL IC 32 -37.00 -101.74 39.61
C VAL IC 32 -35.64 -101.16 39.97
N ALA IC 33 -34.92 -100.71 38.95
CA ALA IC 33 -33.59 -100.14 39.15
C ALA IC 33 -33.58 -99.14 40.32
N ILE IC 34 -34.61 -98.31 40.44
CA ILE IC 34 -34.67 -97.34 41.51
C ILE IC 34 -34.81 -98.00 42.88
N VAL IC 35 -35.88 -98.77 43.07
CA VAL IC 35 -36.09 -99.44 44.35
C VAL IC 35 -34.87 -100.27 44.72
N ARG IC 36 -34.25 -100.88 43.71
CA ARG IC 36 -33.05 -101.68 43.94
C ARG IC 36 -32.00 -100.73 44.48
N ALA IC 37 -31.63 -99.75 43.66
CA ALA IC 37 -30.63 -98.76 44.04
C ALA IC 37 -30.89 -98.26 45.45
N VAL IC 38 -32.15 -98.26 45.88
CA VAL IC 38 -32.50 -97.82 47.23
C VAL IC 38 -32.02 -98.85 48.23
N PHE IC 39 -32.40 -100.10 48.01
CA PHE IC 39 -31.98 -101.17 48.90
C PHE IC 39 -30.45 -101.33 48.97
N ASP IC 40 -29.78 -101.25 47.82
CA ASP IC 40 -28.33 -101.37 47.82
C ASP IC 40 -27.73 -100.39 48.80
N ASP IC 41 -28.38 -99.24 48.97
CA ASP IC 41 -27.90 -98.21 49.89
C ASP IC 41 -28.28 -98.59 51.32
N LEU IC 42 -29.32 -99.38 51.47
CA LEU IC 42 -29.75 -99.80 52.79
C LEU IC 42 -28.80 -100.86 53.26
N PHE IC 43 -28.41 -101.75 52.35
CA PHE IC 43 -27.50 -102.83 52.69
C PHE IC 43 -26.08 -102.36 52.88
N LYS IC 44 -25.67 -101.34 52.15
CA LYS IC 44 -24.31 -100.85 52.30
C LYS IC 44 -24.15 -100.17 53.65
N HIS IC 45 -25.26 -99.76 54.26
CA HIS IC 45 -25.23 -99.07 55.54
C HIS IC 45 -25.68 -99.93 56.74
N TYR IC 46 -26.65 -100.80 56.51
CA TYR IC 46 -27.15 -101.70 57.55
C TYR IC 46 -27.11 -103.10 56.96
N PRO IC 47 -25.91 -103.61 56.67
CA PRO IC 47 -25.68 -104.92 56.08
C PRO IC 47 -26.45 -106.08 56.74
N THR IC 48 -26.75 -105.92 58.01
CA THR IC 48 -27.47 -106.93 58.76
C THR IC 48 -28.79 -107.31 58.09
N SER IC 49 -29.55 -106.29 57.71
CA SER IC 49 -30.84 -106.46 57.07
C SER IC 49 -30.81 -107.38 55.85
N LYS IC 50 -29.71 -107.37 55.11
CA LYS IC 50 -29.57 -108.18 53.91
C LYS IC 50 -30.15 -109.57 54.12
N ALA IC 51 -29.65 -110.28 55.11
CA ALA IC 51 -30.12 -111.62 55.40
C ALA IC 51 -31.65 -111.80 55.38
N LEU IC 52 -32.38 -110.80 55.89
CA LEU IC 52 -33.85 -110.85 55.96
C LEU IC 52 -34.57 -111.26 54.68
N PHE IC 53 -33.94 -111.00 53.54
CA PHE IC 53 -34.56 -111.30 52.26
C PHE IC 53 -34.07 -112.56 51.54
N GLU IC 54 -33.59 -113.54 52.29
CA GLU IC 54 -33.13 -114.77 51.65
C GLU IC 54 -34.35 -115.48 51.13
N ARG IC 55 -35.48 -115.19 51.74
CA ARG IC 55 -36.75 -115.81 51.36
C ARG IC 55 -37.10 -115.47 49.91
N VAL IC 56 -36.67 -114.31 49.45
CA VAL IC 56 -36.96 -113.88 48.09
C VAL IC 56 -35.75 -114.05 47.21
N LYS IC 57 -34.70 -114.65 47.75
CA LYS IC 57 -33.48 -114.90 46.99
C LYS IC 57 -32.70 -113.65 46.57
N ILE IC 58 -32.20 -112.89 47.54
CA ILE IC 58 -31.43 -111.70 47.22
C ILE IC 58 -30.06 -112.10 46.72
N ASP IC 59 -29.66 -113.34 46.99
CA ASP IC 59 -28.36 -113.84 46.54
C ASP IC 59 -28.35 -113.95 45.02
N GLU IC 60 -29.54 -113.90 44.43
CA GLU IC 60 -29.70 -113.95 42.99
C GLU IC 60 -30.34 -112.63 42.57
N PRO IC 61 -29.54 -111.55 42.49
CA PRO IC 61 -30.05 -110.25 42.10
C PRO IC 61 -31.02 -110.23 40.94
N GLU IC 62 -30.63 -110.83 39.81
CA GLU IC 62 -31.49 -110.85 38.64
C GLU IC 62 -32.51 -111.99 38.63
N SER IC 63 -32.58 -112.70 39.75
CA SER IC 63 -33.47 -113.84 39.91
C SER IC 63 -34.84 -113.70 39.29
N GLY IC 64 -35.56 -112.66 39.69
CA GLY IC 64 -36.90 -112.50 39.19
C GLY IC 64 -37.79 -112.81 40.38
N GLU IC 65 -37.39 -113.79 41.17
CA GLU IC 65 -38.15 -114.14 42.36
C GLU IC 65 -37.95 -112.91 43.25
N PHE IC 66 -36.78 -112.30 43.09
CA PHE IC 66 -36.36 -111.12 43.83
C PHE IC 66 -36.83 -109.85 43.13
N LYS IC 67 -36.61 -109.79 41.83
CA LYS IC 67 -37.04 -108.62 41.10
C LYS IC 67 -38.50 -108.36 41.43
N SER IC 68 -39.34 -109.38 41.26
CA SER IC 68 -40.75 -109.25 41.55
C SER IC 68 -40.90 -108.62 42.92
N HIS IC 69 -40.12 -109.10 43.87
CA HIS IC 69 -40.18 -108.55 45.23
C HIS IC 69 -40.01 -107.03 45.16
N LEU IC 70 -38.85 -106.61 44.68
CA LEU IC 70 -38.57 -105.19 44.55
C LEU IC 70 -39.81 -104.46 44.08
N VAL IC 71 -40.40 -104.94 43.02
CA VAL IC 71 -41.60 -104.34 42.49
C VAL IC 71 -42.70 -104.23 43.55
N ARG IC 72 -42.98 -105.33 44.24
CA ARG IC 72 -44.01 -105.31 45.26
C ARG IC 72 -43.74 -104.21 46.24
N VAL IC 73 -42.47 -104.03 46.61
CA VAL IC 73 -42.08 -103.00 47.55
C VAL IC 73 -42.40 -101.68 46.91
N ALA IC 74 -41.90 -101.48 45.70
CA ALA IC 74 -42.15 -100.26 44.97
C ALA IC 74 -43.65 -100.01 44.99
N ASN IC 75 -44.40 -100.90 44.37
CA ASN IC 75 -45.84 -100.74 44.32
C ASN IC 75 -46.48 -100.48 45.68
N GLY IC 76 -45.93 -101.08 46.73
CA GLY IC 76 -46.50 -100.85 48.04
C GLY IC 76 -46.34 -99.42 48.45
N LEU IC 77 -45.24 -98.81 48.01
CA LEU IC 77 -44.93 -97.43 48.32
C LEU IC 77 -45.86 -96.61 47.45
N LYS IC 78 -45.94 -96.96 46.18
CA LYS IC 78 -46.81 -96.29 45.25
C LYS IC 78 -48.20 -96.20 45.86
N LEU IC 79 -48.71 -97.34 46.30
CA LEU IC 79 -50.04 -97.41 46.89
C LEU IC 79 -50.18 -96.43 48.04
N LEU IC 80 -49.14 -96.27 48.83
CA LEU IC 80 -49.18 -95.34 49.94
C LEU IC 80 -49.39 -93.93 49.42
N ILE IC 81 -48.41 -93.46 48.66
CA ILE IC 81 -48.44 -92.13 48.08
C ILE IC 81 -49.78 -91.85 47.42
N ASN IC 82 -50.22 -92.77 46.59
CA ASN IC 82 -51.49 -92.62 45.90
C ASN IC 82 -52.70 -92.73 46.83
N LEU IC 83 -52.46 -92.59 48.13
CA LEU IC 83 -53.52 -92.71 49.10
C LEU IC 83 -53.54 -91.45 49.94
N LEU IC 84 -52.47 -90.66 49.81
CA LEU IC 84 -52.32 -89.41 50.56
C LEU IC 84 -53.49 -88.44 50.45
N ASP IC 85 -54.41 -88.68 49.49
CA ASP IC 85 -55.57 -87.79 49.36
C ASP IC 85 -56.79 -88.43 50.01
N ASP IC 86 -56.66 -89.69 50.44
CA ASP IC 86 -57.78 -90.37 51.08
C ASP IC 86 -57.50 -90.76 52.53
N THR IC 87 -56.77 -89.89 53.23
CA THR IC 87 -56.41 -90.06 54.64
C THR IC 87 -56.92 -91.30 55.37
N LEU IC 88 -58.21 -91.33 55.69
CA LEU IC 88 -58.80 -92.44 56.40
C LEU IC 88 -58.40 -93.84 55.93
N VAL IC 89 -58.35 -94.05 54.62
CA VAL IC 89 -57.96 -95.33 54.07
C VAL IC 89 -56.46 -95.50 54.27
N LEU IC 90 -55.72 -94.45 54.01
CA LEU IC 90 -54.29 -94.51 54.18
C LEU IC 90 -53.98 -94.95 55.61
N GLN IC 91 -54.65 -94.31 56.56
CA GLN IC 91 -54.44 -94.59 57.98
C GLN IC 91 -54.64 -96.06 58.31
N SER IC 92 -55.53 -96.72 57.58
CA SER IC 92 -55.79 -98.14 57.81
C SER IC 92 -54.76 -99.01 57.13
N HIS IC 93 -54.61 -98.86 55.82
CA HIS IC 93 -53.64 -99.66 55.09
C HIS IC 93 -52.27 -99.43 55.68
N LEU IC 94 -52.08 -98.24 56.24
CA LEU IC 94 -50.79 -97.94 56.81
C LEU IC 94 -50.56 -98.88 57.97
N GLY IC 95 -51.63 -99.21 58.67
CA GLY IC 95 -51.53 -100.11 59.81
C GLY IC 95 -51.27 -101.49 59.27
N HIS IC 96 -52.13 -101.92 58.37
CA HIS IC 96 -52.01 -103.23 57.74
C HIS IC 96 -50.58 -103.43 57.24
N LEU IC 97 -49.96 -102.36 56.77
CA LEU IC 97 -48.60 -102.44 56.25
C LEU IC 97 -47.63 -102.67 57.39
N ALA IC 98 -48.01 -102.25 58.59
CA ALA IC 98 -47.15 -102.45 59.75
C ALA IC 98 -47.21 -103.93 60.11
N ASP IC 99 -48.42 -104.42 60.35
CA ASP IC 99 -48.63 -105.81 60.71
C ASP IC 99 -47.89 -106.78 59.78
N GLN IC 100 -47.78 -106.44 58.49
CA GLN IC 100 -47.10 -107.30 57.55
C GLN IC 100 -45.61 -107.30 57.79
N HIS IC 101 -45.14 -106.39 58.62
CA HIS IC 101 -43.73 -106.30 58.92
C HIS IC 101 -43.44 -106.70 60.36
N ILE IC 102 -44.46 -106.70 61.19
CA ILE IC 102 -44.26 -107.07 62.58
C ILE IC 102 -44.12 -108.57 62.62
N GLN IC 103 -44.89 -109.26 61.77
CA GLN IC 103 -44.84 -110.72 61.72
C GLN IC 103 -43.61 -111.19 60.98
N ARG IC 104 -42.81 -110.25 60.48
CA ARG IC 104 -41.59 -110.59 59.79
C ARG IC 104 -40.48 -110.47 60.81
N LYS IC 105 -40.17 -111.60 61.44
CA LYS IC 105 -39.15 -111.66 62.47
C LYS IC 105 -37.78 -111.14 62.01
N GLY IC 106 -37.25 -110.16 62.72
CA GLY IC 106 -35.95 -109.61 62.38
C GLY IC 106 -35.97 -108.19 61.85
N VAL IC 107 -37.16 -107.63 61.67
CA VAL IC 107 -37.30 -106.28 61.15
C VAL IC 107 -37.30 -105.26 62.28
N THR IC 108 -36.21 -104.49 62.38
CA THR IC 108 -36.07 -103.46 63.43
C THR IC 108 -36.71 -102.11 63.09
N LYS IC 109 -36.86 -101.29 64.12
CA LYS IC 109 -37.43 -99.97 63.95
C LYS IC 109 -36.35 -99.18 63.23
N GLU IC 110 -35.12 -99.61 63.42
CA GLU IC 110 -33.96 -98.97 62.81
C GLU IC 110 -33.89 -99.16 61.31
N TYR IC 111 -33.99 -100.40 60.84
CA TYR IC 111 -33.92 -100.66 59.41
C TYR IC 111 -34.81 -99.72 58.64
N PHE IC 112 -35.96 -99.36 59.20
CA PHE IC 112 -36.85 -98.45 58.52
C PHE IC 112 -36.26 -97.06 58.45
N ARG IC 113 -35.82 -96.53 59.57
CA ARG IC 113 -35.21 -95.20 59.57
C ARG IC 113 -34.06 -95.26 58.58
N GLY IC 114 -33.54 -96.46 58.35
CA GLY IC 114 -32.44 -96.62 57.42
C GLY IC 114 -32.81 -96.56 55.95
N ILE IC 115 -33.94 -97.17 55.59
CA ILE IC 115 -34.38 -97.17 54.22
C ILE IC 115 -34.88 -95.77 53.91
N GLY IC 116 -35.24 -95.04 54.95
CA GLY IC 116 -35.72 -93.69 54.77
C GLY IC 116 -34.57 -92.84 54.27
N GLU IC 117 -33.42 -93.04 54.88
CA GLU IC 117 -32.22 -92.31 54.51
C GLU IC 117 -31.93 -92.71 53.08
N ALA IC 118 -32.07 -94.00 52.79
CA ALA IC 118 -31.83 -94.53 51.45
C ALA IC 118 -32.50 -93.67 50.35
N PHE IC 119 -33.82 -93.59 50.35
CA PHE IC 119 -34.52 -92.80 49.35
C PHE IC 119 -33.98 -91.39 49.27
N ALA IC 120 -33.88 -90.75 50.43
CA ALA IC 120 -33.38 -89.38 50.51
C ALA IC 120 -32.00 -89.19 49.89
N ARG IC 121 -31.34 -90.29 49.54
CA ARG IC 121 -30.03 -90.24 48.94
C ARG IC 121 -30.10 -90.69 47.48
N VAL IC 122 -31.08 -91.54 47.19
CA VAL IC 122 -31.26 -92.06 45.84
C VAL IC 122 -32.11 -91.15 44.99
N LEU IC 123 -33.36 -90.95 45.40
CA LEU IC 123 -34.27 -90.11 44.64
C LEU IC 123 -33.64 -88.83 44.10
N PRO IC 124 -32.99 -88.03 44.94
CA PRO IC 124 -32.38 -86.80 44.44
C PRO IC 124 -31.41 -87.02 43.29
N GLN IC 125 -31.15 -88.28 42.92
CA GLN IC 125 -30.24 -88.60 41.83
C GLN IC 125 -30.95 -89.12 40.60
N VAL IC 126 -32.14 -89.68 40.78
CA VAL IC 126 -32.90 -90.21 39.66
C VAL IC 126 -33.80 -89.18 39.00
N LEU IC 127 -34.01 -88.07 39.68
CA LEU IC 127 -34.84 -87.01 39.13
C LEU IC 127 -34.43 -85.67 39.71
N SER IC 128 -34.65 -84.61 38.94
CA SER IC 128 -34.29 -83.29 39.41
C SER IC 128 -35.54 -82.67 39.99
N CYS IC 129 -35.37 -81.56 40.69
CA CYS IC 129 -36.51 -80.87 41.30
C CYS IC 129 -37.12 -81.76 42.38
N PHE IC 130 -36.28 -82.27 43.26
CA PHE IC 130 -36.74 -83.13 44.33
C PHE IC 130 -36.73 -82.35 45.62
N ASN IC 131 -37.90 -82.17 46.22
CA ASN IC 131 -37.99 -81.42 47.45
C ASN IC 131 -37.66 -82.33 48.63
N VAL IC 132 -36.39 -82.73 48.73
CA VAL IC 132 -35.92 -83.62 49.77
C VAL IC 132 -36.61 -83.42 51.11
N ASP IC 133 -36.75 -82.18 51.55
CA ASP IC 133 -37.40 -81.92 52.83
C ASP IC 133 -38.84 -82.40 52.83
N ALA IC 134 -39.63 -81.90 51.90
CA ALA IC 134 -41.03 -82.27 51.80
C ALA IC 134 -41.17 -83.79 51.80
N TRP IC 135 -40.33 -84.45 50.99
CA TRP IC 135 -40.39 -85.90 50.92
C TRP IC 135 -40.12 -86.39 52.30
N ASN IC 136 -38.93 -86.08 52.81
CA ASN IC 136 -38.54 -86.51 54.16
C ASN IC 136 -39.68 -86.35 55.16
N ARG IC 137 -40.29 -85.19 55.21
CA ARG IC 137 -41.37 -84.99 56.16
C ARG IC 137 -42.47 -86.04 56.06
N CYS IC 138 -43.16 -86.10 54.91
CA CYS IC 138 -44.23 -87.06 54.75
C CYS IC 138 -43.79 -88.49 54.74
N PHE IC 139 -42.53 -88.76 54.44
CA PHE IC 139 -42.08 -90.14 54.43
C PHE IC 139 -41.97 -90.58 55.88
N HIS IC 140 -41.49 -89.70 56.75
CA HIS IC 140 -41.35 -90.02 58.16
C HIS IC 140 -42.70 -90.32 58.77
N ARG IC 141 -43.69 -89.47 58.51
CA ARG IC 141 -45.01 -89.70 59.05
C ARG IC 141 -45.46 -91.11 58.63
N LEU IC 142 -45.19 -91.49 57.39
CA LEU IC 142 -45.57 -92.83 56.91
C LEU IC 142 -44.80 -93.94 57.63
N VAL IC 143 -43.49 -93.78 57.74
CA VAL IC 143 -42.64 -94.76 58.40
C VAL IC 143 -43.02 -94.92 59.87
N ALA IC 144 -43.05 -93.81 60.59
CA ALA IC 144 -43.39 -93.84 62.00
C ALA IC 144 -44.56 -94.80 62.26
N ARG IC 145 -45.68 -94.55 61.60
CA ARG IC 145 -46.84 -95.39 61.79
C ARG IC 145 -46.60 -96.83 61.39
N ILE IC 146 -45.74 -97.08 60.41
CA ILE IC 146 -45.49 -98.46 59.98
C ILE IC 146 -44.70 -99.26 60.99
N ALA IC 147 -43.70 -98.60 61.54
CA ALA IC 147 -42.95 -99.20 62.58
C ALA IC 147 -43.96 -99.49 63.58
N LYS IC 148 -44.95 -98.58 63.75
CA LYS IC 148 -45.24 -97.90 64.97
C LYS IC 148 -45.62 -98.84 66.06
N ASP IC 149 -46.38 -99.89 65.69
CA ASP IC 149 -46.84 -101.01 66.50
C ASP IC 149 -45.68 -101.80 66.96
N LEU IC 150 -44.79 -101.99 65.99
CA LEU IC 150 -43.73 -102.90 66.11
C LEU IC 150 -43.01 -102.44 67.28
N PRO IC 151 -42.80 -101.20 67.51
CA PRO IC 151 -42.14 -101.20 68.76
C PRO IC 151 -42.98 -100.54 69.79
N LYS JC 1 -14.42 -84.59 30.17
CA LYS JC 1 -14.89 -83.90 31.40
C LYS JC 1 -15.56 -84.96 32.17
N LYS JC 2 -16.84 -85.09 31.82
CA LYS JC 2 -17.69 -86.07 32.38
C LYS JC 2 -17.80 -87.15 31.36
N GLN JC 3 -17.57 -88.37 31.85
CA GLN JC 3 -17.68 -89.61 31.16
C GLN JC 3 -18.98 -90.12 31.68
N CYS JC 4 -19.70 -90.98 30.96
CA CYS JC 4 -21.09 -90.92 31.28
C CYS JC 4 -21.53 -92.19 31.94
N GLY JC 5 -22.76 -92.17 32.49
CA GLY JC 5 -23.14 -93.18 33.44
C GLY JC 5 -24.63 -93.36 33.35
N VAL JC 6 -25.15 -94.40 34.05
CA VAL JC 6 -26.47 -94.95 33.86
C VAL JC 6 -27.51 -93.90 34.11
N LEU JC 7 -27.48 -93.33 35.35
CA LEU JC 7 -28.47 -92.31 35.64
C LEU JC 7 -28.37 -91.11 34.69
N GLU JC 8 -27.21 -90.45 34.66
CA GLU JC 8 -27.01 -89.29 33.80
C GLU JC 8 -27.48 -89.60 32.40
N GLY JC 9 -27.49 -90.88 32.05
CA GLY JC 9 -27.96 -91.27 30.74
C GLY JC 9 -29.48 -91.11 30.74
N LEU JC 10 -30.13 -91.83 31.63
CA LEU JC 10 -31.58 -91.77 31.75
C LEU JC 10 -32.07 -90.33 31.74
N LYS JC 11 -31.36 -89.45 32.43
CA LYS JC 11 -31.75 -88.05 32.47
C LYS JC 11 -31.69 -87.44 31.07
N VAL JC 12 -30.53 -87.51 30.42
CA VAL JC 12 -30.40 -86.95 29.09
C VAL JC 12 -31.40 -87.60 28.16
N LYS JC 13 -31.48 -88.93 28.20
CA LYS JC 13 -32.41 -89.65 27.32
C LYS JC 13 -33.83 -89.11 27.45
N SER JC 14 -34.22 -88.77 28.67
CA SER JC 14 -35.56 -88.25 28.94
C SER JC 14 -35.68 -86.81 28.45
N GLU JC 15 -34.77 -85.95 28.91
CA GLU JC 15 -34.79 -84.54 28.53
C GLU JC 15 -34.71 -84.39 27.02
N TRP JC 16 -33.93 -85.24 26.38
CA TRP JC 16 -33.82 -85.16 24.94
C TRP JC 16 -35.18 -85.39 24.36
N GLY JC 17 -35.93 -86.30 24.96
CA GLY JC 17 -37.27 -86.58 24.46
C GLY JC 17 -38.10 -85.33 24.32
N ARG JC 18 -38.03 -84.49 25.35
CA ARG JC 18 -38.79 -83.25 25.38
C ARG JC 18 -38.23 -82.22 24.41
N ALA JC 19 -36.92 -82.05 24.38
CA ALA JC 19 -36.29 -81.07 23.49
C ALA JC 19 -36.42 -81.40 22.00
N TYR JC 20 -36.26 -82.68 21.68
CA TYR JC 20 -36.35 -83.13 20.30
C TYR JC 20 -37.73 -82.81 19.78
N GLY JC 21 -38.74 -83.35 20.44
CA GLY JC 21 -40.09 -83.09 20.00
C GLY JC 21 -40.36 -83.69 18.63
N SER JC 22 -41.30 -83.09 17.90
CA SER JC 22 -41.65 -83.61 16.57
C SER JC 22 -42.28 -82.57 15.66
N GLY JC 23 -42.57 -82.98 14.43
CA GLY JC 23 -43.17 -82.07 13.45
C GLY JC 23 -42.31 -80.87 13.08
N HIS JC 24 -42.88 -79.68 13.30
CA HIS JC 24 -42.17 -78.45 13.00
C HIS JC 24 -41.14 -78.14 14.06
N ASP JC 25 -41.51 -78.30 15.32
CA ASP JC 25 -40.58 -78.04 16.42
C ASP JC 25 -39.26 -78.68 16.04
N ARG JC 26 -39.34 -79.87 15.45
CA ARG JC 26 -38.15 -80.61 15.05
C ARG JC 26 -37.44 -79.89 13.91
N GLU JC 27 -38.15 -79.70 12.80
CA GLU JC 27 -37.57 -79.02 11.66
C GLU JC 27 -36.86 -77.71 12.06
N ALA JC 28 -37.27 -77.13 13.18
CA ALA JC 28 -36.67 -75.90 13.67
C ALA JC 28 -35.55 -76.24 14.63
N PHE JC 29 -35.86 -77.07 15.61
CA PHE JC 29 -34.88 -77.50 16.59
C PHE JC 29 -33.57 -77.77 15.86
N SER JC 30 -33.63 -78.56 14.80
CA SER JC 30 -32.44 -78.88 14.02
C SER JC 30 -31.90 -77.60 13.37
N GLN JC 31 -32.79 -76.88 12.71
CA GLN JC 31 -32.42 -75.61 12.09
C GLN JC 31 -31.59 -74.78 13.06
N ALA JC 32 -32.18 -74.45 14.22
CA ALA JC 32 -31.52 -73.65 15.23
C ALA JC 32 -30.14 -74.17 15.53
N ILE JC 33 -30.05 -75.47 15.81
CA ILE JC 33 -28.79 -76.11 16.13
C ILE JC 33 -27.74 -75.88 15.07
N TRP JC 34 -28.06 -76.15 13.81
CA TRP JC 34 -27.08 -75.92 12.76
C TRP JC 34 -26.66 -74.48 12.62
N ARG JC 35 -27.61 -73.56 12.72
CA ARG JC 35 -27.28 -72.15 12.62
C ARG JC 35 -26.28 -71.79 13.69
N ALA JC 36 -26.49 -72.32 14.89
CA ALA JC 36 -25.60 -72.07 15.99
C ALA JC 36 -24.23 -72.69 15.71
N THR JC 37 -24.21 -73.86 15.08
CA THR JC 37 -22.95 -74.52 14.77
C THR JC 37 -22.16 -73.71 13.76
N PHE JC 38 -22.76 -73.48 12.61
CA PHE JC 38 -22.10 -72.73 11.55
C PHE JC 38 -21.69 -71.34 11.99
N ALA JC 39 -22.47 -70.74 12.87
CA ALA JC 39 -22.14 -69.41 13.34
C ALA JC 39 -20.84 -69.44 14.10
N GLN JC 40 -20.58 -70.57 14.76
CA GLN JC 40 -19.36 -70.73 15.54
C GLN JC 40 -18.15 -70.97 14.65
N VAL JC 41 -18.29 -71.93 13.74
CA VAL JC 41 -17.20 -72.27 12.83
C VAL JC 41 -17.62 -72.20 11.38
N PRO JC 42 -17.73 -70.99 10.82
CA PRO JC 42 -18.14 -70.85 9.43
C PRO JC 42 -17.30 -71.71 8.49
N GLU JC 43 -16.10 -72.02 8.92
CA GLU JC 43 -15.18 -72.84 8.13
C GLU JC 43 -15.85 -74.14 7.69
N SER JC 44 -16.59 -74.74 8.62
CA SER JC 44 -17.26 -76.03 8.39
C SER JC 44 -18.33 -76.06 7.32
N ARG JC 45 -18.84 -74.91 6.90
CA ARG JC 45 -19.85 -74.92 5.87
C ARG JC 45 -19.36 -75.67 4.64
N SER JC 46 -18.06 -75.59 4.37
CA SER JC 46 -17.46 -76.24 3.21
C SER JC 46 -17.67 -77.74 3.13
N LEU JC 47 -17.85 -78.41 4.27
CA LEU JC 47 -18.05 -79.85 4.28
C LEU JC 47 -19.42 -80.28 3.79
N PHE JC 48 -20.41 -79.43 4.00
CA PHE JC 48 -21.76 -79.75 3.58
C PHE JC 48 -22.11 -79.06 2.28
N LYS JC 49 -21.11 -78.87 1.43
CA LYS JC 49 -21.32 -78.23 0.14
C LYS JC 49 -22.22 -79.14 -0.68
N ARG JC 50 -22.12 -80.43 -0.42
CA ARG JC 50 -22.89 -81.43 -1.15
C ARG JC 50 -24.38 -81.37 -0.88
N VAL JC 51 -24.73 -80.96 0.33
CA VAL JC 51 -26.12 -80.88 0.72
C VAL JC 51 -26.52 -79.44 1.05
N HIS JC 52 -26.27 -78.56 0.08
CA HIS JC 52 -26.57 -77.14 0.22
C HIS JC 52 -26.33 -76.59 1.61
N GLY JC 53 -25.07 -76.56 2.02
CA GLY JC 53 -24.72 -76.03 3.32
C GLY JC 53 -24.68 -74.52 3.25
N ASP JC 54 -24.66 -74.00 2.02
CA ASP JC 54 -24.64 -72.56 1.84
C ASP JC 54 -25.92 -71.92 2.37
N ASP JC 55 -27.06 -72.58 2.13
CA ASP JC 55 -28.35 -72.05 2.57
C ASP JC 55 -29.00 -73.03 3.54
N THR JC 56 -28.83 -72.77 4.82
CA THR JC 56 -29.40 -73.60 5.87
C THR JC 56 -30.90 -73.89 5.72
N SER JC 57 -31.62 -73.06 4.97
CA SER JC 57 -33.06 -73.20 4.76
C SER JC 57 -33.46 -73.99 3.51
N HIS JC 58 -32.48 -74.48 2.77
CA HIS JC 58 -32.74 -75.24 1.55
C HIS JC 58 -33.20 -76.63 1.90
N PRO JC 59 -34.29 -77.10 1.29
CA PRO JC 59 -34.80 -78.43 1.57
C PRO JC 59 -33.73 -79.50 1.72
N ALA JC 60 -32.78 -79.52 0.79
CA ALA JC 60 -31.71 -80.51 0.83
C ALA JC 60 -31.07 -80.54 2.18
N PHE JC 61 -30.72 -79.36 2.67
CA PHE JC 61 -30.08 -79.23 3.97
C PHE JC 61 -31.05 -79.53 5.09
N ILE JC 62 -32.29 -79.10 4.94
CA ILE JC 62 -33.33 -79.34 5.96
C ILE JC 62 -33.39 -80.82 6.19
N ALA JC 63 -33.38 -81.56 5.09
CA ALA JC 63 -33.40 -83.00 5.15
C ALA JC 63 -32.18 -83.42 5.93
N HIS JC 64 -31.01 -83.05 5.41
CA HIS JC 64 -29.75 -83.38 6.07
C HIS JC 64 -29.81 -83.19 7.57
N ALA JC 65 -30.18 -81.99 7.99
CA ALA JC 65 -30.28 -81.69 9.42
C ALA JC 65 -31.18 -82.66 10.11
N ASP JC 66 -32.45 -82.69 9.71
CA ASP JC 66 -33.43 -83.58 10.30
C ASP JC 66 -32.88 -85.03 10.29
N ARG JC 67 -32.02 -85.32 9.32
CA ARG JC 67 -31.42 -86.65 9.16
C ARG JC 67 -30.32 -86.90 10.17
N VAL JC 68 -29.59 -85.85 10.49
CA VAL JC 68 -28.50 -85.92 11.44
C VAL JC 68 -29.04 -86.15 12.83
N LEU JC 69 -29.93 -85.26 13.26
CA LEU JC 69 -30.54 -85.38 14.58
C LEU JC 69 -31.02 -86.81 14.71
N GLY JC 70 -31.54 -87.36 13.61
CA GLY JC 70 -32.02 -88.73 13.61
C GLY JC 70 -31.03 -89.66 14.25
N GLY JC 71 -29.80 -89.64 13.76
CA GLY JC 71 -28.77 -90.49 14.33
C GLY JC 71 -28.58 -90.18 15.81
N LEU JC 72 -28.37 -88.90 16.11
CA LEU JC 72 -28.18 -88.48 17.49
C LEU JC 72 -29.30 -89.06 18.33
N ASP JC 73 -30.50 -89.17 17.77
CA ASP JC 73 -31.62 -89.74 18.49
C ASP JC 73 -31.24 -91.17 18.84
N ILE JC 74 -31.06 -91.99 17.83
CA ILE JC 74 -30.68 -93.38 18.06
C ILE JC 74 -29.60 -93.48 19.13
N ALA JC 75 -28.57 -92.65 19.02
CA ALA JC 75 -27.48 -92.66 19.99
C ALA JC 75 -28.03 -92.47 21.38
N ILE JC 76 -28.52 -91.27 21.66
CA ILE JC 76 -29.09 -90.96 22.97
C ILE JC 76 -30.12 -92.02 23.40
N SER JC 77 -31.08 -92.33 22.50
CA SER JC 77 -32.13 -93.21 22.90
C SER JC 77 -31.57 -94.58 23.16
N THR JC 78 -30.57 -95.05 22.38
CA THR JC 78 -30.08 -96.40 22.57
C THR JC 78 -29.30 -96.55 23.84
N LEU JC 79 -28.58 -95.49 24.25
CA LEU JC 79 -27.38 -95.47 25.05
C LEU JC 79 -27.61 -96.03 26.40
N ASP JC 80 -28.88 -96.01 26.85
CA ASP JC 80 -29.19 -96.39 28.20
C ASP JC 80 -28.56 -97.74 28.42
N GLN JC 81 -28.95 -98.72 27.58
CA GLN JC 81 -28.37 -100.02 27.66
C GLN JC 81 -27.16 -100.07 26.78
N PRO JC 82 -26.10 -100.50 27.45
CA PRO JC 82 -24.73 -100.59 26.96
C PRO JC 82 -24.58 -101.55 25.79
N ALA JC 83 -25.20 -102.70 25.90
CA ALA JC 83 -25.15 -103.70 24.85
C ALA JC 83 -25.45 -103.11 23.48
N THR JC 84 -26.67 -102.58 23.36
CA THR JC 84 -27.14 -101.99 22.10
C THR JC 84 -26.36 -100.73 21.73
N LEU JC 85 -26.32 -99.77 22.63
CA LEU JC 85 -25.60 -98.53 22.37
C LEU JC 85 -24.27 -98.86 21.71
N LYS JC 86 -23.52 -99.72 22.37
CA LYS JC 86 -22.22 -100.17 21.88
C LYS JC 86 -22.32 -100.34 20.37
N GLU JC 87 -23.28 -101.15 19.95
CA GLU JC 87 -23.46 -101.42 18.55
C GLU JC 87 -23.67 -100.17 17.71
N GLU JC 88 -24.69 -99.38 18.05
CA GLU JC 88 -24.98 -98.16 17.30
C GLU JC 88 -23.72 -97.31 17.18
N LEU JC 89 -23.06 -97.06 18.30
CA LEU JC 89 -21.87 -96.26 18.28
C LEU JC 89 -20.89 -96.86 17.28
N ASP JC 90 -20.63 -98.15 17.43
CA ASP JC 90 -19.69 -98.84 16.54
C ASP JC 90 -20.09 -98.62 15.09
N HIS JC 91 -21.38 -98.76 14.81
CA HIS JC 91 -21.90 -98.57 13.46
C HIS JC 91 -21.50 -97.19 12.97
N LEU JC 92 -21.78 -96.18 13.78
CA LEU JC 92 -21.44 -94.82 13.42
C LEU JC 92 -19.95 -94.73 13.18
N GLN JC 93 -19.19 -95.21 14.16
CA GLN JC 93 -17.73 -95.19 14.10
C GLN JC 93 -17.25 -95.47 12.69
N VAL JC 94 -17.85 -96.48 12.08
CA VAL JC 94 -17.50 -96.88 10.73
C VAL JC 94 -17.82 -95.82 9.68
N GLN JC 95 -19.07 -95.35 9.69
CA GLN JC 95 -19.50 -94.36 8.72
C GLN JC 95 -18.63 -93.12 8.80
N HIS JC 96 -17.82 -93.01 9.86
CA HIS JC 96 -16.96 -91.84 10.03
C HIS JC 96 -15.45 -92.07 9.83
N GLU JC 97 -15.06 -93.27 10.13
CA GLU JC 97 -13.64 -93.52 10.22
C GLU JC 97 -13.10 -93.49 8.83
N GLY JC 98 -11.93 -92.86 8.63
CA GLY JC 98 -11.32 -92.78 7.34
C GLY JC 98 -11.23 -91.35 7.00
N ARG JC 99 -12.16 -90.55 7.55
CA ARG JC 99 -12.45 -89.24 7.05
C ARG JC 99 -11.94 -88.27 8.03
N LYS JC 100 -11.21 -87.25 7.58
CA LYS JC 100 -10.71 -86.43 8.64
C LYS JC 100 -11.83 -85.48 8.99
N ILE JC 101 -12.15 -85.39 10.31
CA ILE JC 101 -12.96 -84.32 10.88
C ILE JC 101 -12.38 -83.94 12.20
N PRO JC 102 -11.96 -82.75 12.24
CA PRO JC 102 -11.28 -82.19 13.35
C PRO JC 102 -12.19 -82.23 14.52
N ASP JC 103 -11.57 -82.24 15.68
CA ASP JC 103 -12.29 -82.29 16.96
C ASP JC 103 -12.83 -80.89 17.26
N ASN JC 104 -12.32 -79.91 16.52
CA ASN JC 104 -12.72 -78.54 16.66
C ASN JC 104 -14.20 -78.37 16.36
N TYR JC 105 -14.65 -78.93 15.24
CA TYR JC 105 -16.06 -78.84 14.83
C TYR JC 105 -16.98 -79.55 15.80
N PHE JC 106 -16.72 -80.82 16.07
CA PHE JC 106 -17.56 -81.57 16.98
C PHE JC 106 -17.82 -80.76 18.22
N ASP JC 107 -16.78 -80.09 18.71
CA ASP JC 107 -16.90 -79.27 19.90
C ASP JC 107 -18.01 -78.23 19.71
N ALA JC 108 -17.92 -77.49 18.61
CA ALA JC 108 -18.92 -76.46 18.31
C ALA JC 108 -20.31 -77.05 18.21
N PHE JC 109 -20.43 -78.14 17.47
CA PHE JC 109 -21.72 -78.79 17.30
C PHE JC 109 -22.32 -79.19 18.65
N LYS JC 110 -21.48 -79.59 19.59
CA LYS JC 110 -21.97 -79.98 20.89
C LYS JC 110 -22.53 -78.73 21.54
N THR JC 111 -21.70 -77.71 21.60
CA THR JC 111 -22.10 -76.45 22.18
C THR JC 111 -23.45 -76.06 21.59
N ALA JC 112 -23.53 -76.07 20.27
CA ALA JC 112 -24.78 -75.71 19.60
C ALA JC 112 -25.93 -76.48 20.26
N ILE JC 113 -25.90 -77.81 20.12
CA ILE JC 113 -26.93 -78.66 20.69
C ILE JC 113 -27.27 -78.21 22.08
N LEU JC 114 -26.27 -78.15 22.96
CA LEU JC 114 -26.51 -77.73 24.33
C LEU JC 114 -27.27 -76.42 24.46
N HIS JC 115 -26.79 -75.37 23.80
CA HIS JC 115 -27.45 -74.08 23.88
C HIS JC 115 -28.88 -74.14 23.41
N VAL JC 116 -29.12 -74.79 22.28
CA VAL JC 116 -30.48 -74.89 21.78
C VAL JC 116 -31.34 -75.70 22.76
N VAL JC 117 -30.90 -76.90 23.13
CA VAL JC 117 -31.65 -77.71 24.07
C VAL JC 117 -32.02 -76.90 25.29
N ALA JC 118 -31.06 -76.18 25.84
CA ALA JC 118 -31.32 -75.37 27.02
C ALA JC 118 -32.40 -74.35 26.72
N ALA JC 119 -32.35 -73.76 25.53
CA ALA JC 119 -33.33 -72.77 25.16
C ALA JC 119 -34.69 -73.42 25.04
N GLN JC 120 -34.72 -74.66 24.58
CA GLN JC 120 -35.97 -75.37 24.41
C GLN JC 120 -36.59 -75.91 25.69
N LEU JC 121 -35.77 -76.39 26.62
CA LEU JC 121 -36.30 -76.97 27.85
C LEU JC 121 -36.62 -75.98 28.94
N GLY JC 122 -36.27 -74.72 28.73
CA GLY JC 122 -36.54 -73.72 29.74
C GLY JC 122 -35.77 -73.88 31.05
N ARG JC 123 -36.34 -74.63 31.98
CA ARG JC 123 -35.72 -74.80 33.31
C ARG JC 123 -35.20 -76.17 33.71
N CYS JC 124 -35.95 -77.21 33.37
CA CYS JC 124 -35.55 -78.54 33.75
C CYS JC 124 -34.56 -79.11 32.75
N TYR JC 125 -33.28 -78.92 33.04
CA TYR JC 125 -32.20 -79.39 32.18
C TYR JC 125 -30.85 -79.34 32.89
N ASP JC 126 -30.20 -80.50 32.99
CA ASP JC 126 -28.90 -80.62 33.65
C ASP JC 126 -27.82 -80.46 32.60
N ARG JC 127 -27.03 -79.40 32.71
CA ARG JC 127 -26.00 -79.15 31.71
C ARG JC 127 -24.91 -80.22 31.73
N GLU JC 128 -24.23 -80.36 32.87
CA GLU JC 128 -23.15 -81.34 33.01
C GLU JC 128 -23.52 -82.67 32.36
N ALA JC 129 -24.69 -83.18 32.72
CA ALA JC 129 -25.19 -84.45 32.21
C ALA JC 129 -25.16 -84.54 30.71
N TRP JC 130 -25.79 -83.57 30.04
CA TRP JC 130 -25.79 -83.56 28.60
C TRP JC 130 -24.36 -83.51 28.09
N ASP JC 131 -23.62 -82.52 28.57
CA ASP JC 131 -22.23 -82.37 28.15
C ASP JC 131 -21.56 -83.74 28.17
N ALA JC 132 -21.64 -84.39 29.32
CA ALA JC 132 -21.03 -85.70 29.47
C ALA JC 132 -21.46 -86.72 28.41
N CYS JC 133 -22.77 -86.83 28.18
CA CYS JC 133 -23.28 -87.79 27.23
C CYS JC 133 -23.08 -87.42 25.78
N ILE JC 134 -23.33 -86.17 25.44
CA ILE JC 134 -23.12 -85.77 24.06
C ILE JC 134 -21.68 -86.10 23.75
N ASP JC 135 -20.82 -85.92 24.75
CA ASP JC 135 -19.41 -86.19 24.60
C ASP JC 135 -19.24 -87.67 24.28
N HIS JC 136 -19.65 -88.53 25.21
CA HIS JC 136 -19.52 -89.96 25.01
C HIS JC 136 -20.01 -90.37 23.63
N ILE JC 137 -21.08 -89.74 23.16
CA ILE JC 137 -21.63 -90.09 21.86
C ILE JC 137 -20.68 -89.64 20.76
N GLU JC 138 -20.15 -88.43 20.90
CA GLU JC 138 -19.24 -87.92 19.90
C GLU JC 138 -17.98 -88.74 19.86
N ASP JC 139 -17.44 -89.08 21.03
CA ASP JC 139 -16.23 -89.88 21.08
C ASP JC 139 -16.46 -91.12 20.24
N GLY JC 140 -17.60 -91.76 20.43
CA GLY JC 140 -17.90 -92.95 19.68
C GLY JC 140 -17.94 -92.75 18.18
N ILE JC 141 -17.98 -91.50 17.74
CA ILE JC 141 -18.04 -91.21 16.32
C ILE JC 141 -16.67 -90.80 15.78
N LYS JC 142 -15.84 -90.24 16.63
CA LYS JC 142 -14.52 -89.82 16.20
C LYS JC 142 -13.55 -90.98 16.35
N GLY JC 143 -13.71 -91.72 17.46
CA GLY JC 143 -12.84 -92.86 17.52
C GLY JC 143 -11.69 -92.41 18.33
N HIS JC 144 -11.95 -91.34 19.10
CA HIS JC 144 -11.04 -90.29 19.35
C HIS JC 144 -9.81 -90.78 20.03
N HIS JC 145 -8.70 -90.39 19.39
CA HIS JC 145 -7.56 -91.20 19.06
C HIS JC 145 -7.70 -91.21 17.56
N LYS KC 1 -37.48 -35.28 -102.04
CA LYS KC 1 -38.91 -35.46 -101.75
C LYS KC 1 -39.51 -36.70 -102.30
N LYS KC 2 -40.71 -36.96 -101.77
CA LYS KC 2 -41.56 -38.04 -102.12
C LYS KC 2 -42.15 -37.83 -103.45
N GLN KC 3 -42.29 -38.97 -104.16
CA GLN KC 3 -43.02 -39.04 -105.38
C GLN KC 3 -44.47 -39.08 -105.05
N CYS KC 4 -45.26 -38.50 -105.98
CA CYS KC 4 -46.68 -38.69 -105.90
C CYS KC 4 -47.00 -39.87 -106.73
N GLY KC 5 -48.05 -40.55 -106.27
CA GLY KC 5 -48.66 -41.65 -106.91
C GLY KC 5 -49.63 -42.18 -105.92
N VAL KC 6 -49.95 -43.48 -106.07
CA VAL KC 6 -51.06 -44.09 -105.44
C VAL KC 6 -51.00 -43.93 -103.96
N LEU KC 7 -50.01 -44.55 -103.34
CA LEU KC 7 -49.95 -44.72 -101.90
C LEU KC 7 -50.03 -43.39 -101.13
N GLU KC 8 -49.09 -42.50 -101.39
CA GLU KC 8 -49.06 -41.22 -100.71
C GLU KC 8 -50.44 -40.58 -100.76
N GLY KC 9 -51.22 -40.95 -101.74
CA GLY KC 9 -52.57 -40.42 -101.84
C GLY KC 9 -53.39 -41.06 -100.74
N LEU KC 10 -53.48 -42.39 -100.78
CA LEU KC 10 -54.23 -43.14 -99.78
C LEU KC 10 -53.89 -42.66 -98.39
N LYS KC 11 -52.61 -42.38 -98.14
CA LYS KC 11 -52.23 -41.92 -96.81
C LYS KC 11 -52.88 -40.59 -96.51
N VAL KC 12 -52.67 -39.59 -97.37
CA VAL KC 12 -53.26 -38.28 -97.12
C VAL KC 12 -54.78 -38.38 -97.05
N LYS KC 13 -55.37 -39.10 -97.98
CA LYS KC 13 -56.82 -39.27 -97.99
C LYS KC 13 -57.33 -39.79 -96.66
N SER KC 14 -56.58 -40.67 -96.04
CA SER KC 14 -56.96 -41.27 -94.76
C SER KC 14 -56.74 -40.28 -93.64
N GLU KC 15 -55.53 -39.76 -93.55
CA GLU KC 15 -55.19 -38.81 -92.51
C GLU KC 15 -56.11 -37.60 -92.55
N TRP KC 16 -56.46 -37.18 -93.75
CA TRP KC 16 -57.34 -36.03 -93.90
C TRP KC 16 -58.65 -36.36 -93.25
N GLY KC 17 -59.08 -37.61 -93.40
CA GLY KC 17 -60.31 -38.02 -92.78
C GLY KC 17 -60.34 -37.73 -91.29
N ARG KC 18 -59.23 -38.01 -90.62
CA ARG KC 18 -59.12 -37.78 -89.20
C ARG KC 18 -59.02 -36.31 -88.86
N ALA KC 19 -58.20 -35.58 -89.59
CA ALA KC 19 -58.02 -34.16 -89.33
C ALA KC 19 -59.24 -33.30 -89.62
N TYR KC 20 -59.92 -33.60 -90.71
CA TYR KC 20 -61.11 -32.86 -91.10
C TYR KC 20 -62.16 -32.97 -90.01
N GLY KC 21 -62.53 -34.20 -89.69
CA GLY KC 21 -63.52 -34.42 -88.65
C GLY KC 21 -64.85 -33.84 -89.04
N SER KC 22 -65.65 -33.47 -88.05
CA SER KC 22 -66.99 -32.93 -88.31
C SER KC 22 -67.53 -32.05 -87.21
N GLY KC 23 -68.70 -31.49 -87.44
CA GLY KC 23 -69.33 -30.63 -86.44
C GLY KC 23 -68.56 -29.37 -86.10
N HIS KC 24 -68.24 -29.21 -84.82
CA HIS KC 24 -67.50 -28.05 -84.37
C HIS KC 24 -66.04 -28.18 -84.71
N ASP KC 25 -65.47 -29.37 -84.49
CA ASP KC 25 -64.06 -29.59 -84.81
C ASP KC 25 -63.81 -28.99 -86.19
N ARG KC 26 -64.75 -29.20 -87.10
CA ARG KC 26 -64.64 -28.69 -88.45
C ARG KC 26 -64.71 -27.16 -88.44
N GLU KC 27 -65.80 -26.60 -87.94
CA GLU KC 27 -65.95 -25.14 -87.88
C GLU KC 27 -64.71 -24.46 -87.31
N ALA KC 28 -63.91 -25.19 -86.53
CA ALA KC 28 -62.70 -24.66 -85.95
C ALA KC 28 -61.54 -24.96 -86.87
N PHE KC 29 -61.39 -26.23 -87.19
CA PHE KC 29 -60.32 -26.69 -88.09
C PHE KC 29 -60.14 -25.66 -89.20
N SER KC 30 -61.24 -25.31 -89.85
CA SER KC 30 -61.23 -24.32 -90.93
C SER KC 30 -60.79 -22.98 -90.34
N GLN KC 31 -61.44 -22.58 -89.25
CA GLN KC 31 -61.12 -21.33 -88.59
C GLN KC 31 -59.62 -21.21 -88.41
N ALA KC 32 -59.04 -22.18 -87.72
CA ALA KC 32 -57.60 -22.21 -87.46
C ALA KC 32 -56.80 -22.03 -88.72
N ILE KC 33 -57.13 -22.83 -89.73
CA ILE KC 33 -56.43 -22.76 -91.01
C ILE KC 33 -56.43 -21.35 -91.60
N TRP KC 34 -57.59 -20.73 -91.71
CA TRP KC 34 -57.64 -19.40 -92.26
C TRP KC 34 -56.87 -18.40 -91.44
N ARG KC 35 -56.98 -18.47 -90.13
CA ARG KC 35 -56.25 -17.54 -89.28
C ARG KC 35 -54.76 -17.66 -89.56
N ALA KC 36 -54.31 -18.90 -89.76
CA ALA KC 36 -52.91 -19.15 -90.06
C ALA KC 36 -52.56 -18.59 -91.42
N THR KC 37 -53.48 -18.71 -92.37
CA THR KC 37 -53.24 -18.19 -93.71
C THR KC 37 -53.13 -16.68 -93.69
N PHE KC 38 -54.17 -16.01 -93.24
CA PHE KC 38 -54.17 -14.56 -93.18
C PHE KC 38 -53.03 -14.00 -92.35
N ALA KC 39 -52.62 -14.71 -91.30
CA ALA KC 39 -51.53 -14.25 -90.47
C ALA KC 39 -50.25 -14.18 -91.28
N GLN KC 40 -50.13 -15.10 -92.25
CA GLN KC 40 -48.95 -15.17 -93.12
C GLN KC 40 -48.97 -14.07 -94.15
N VAL KC 41 -50.09 -13.94 -94.85
CA VAL KC 41 -50.19 -12.92 -95.88
C VAL KC 41 -51.40 -12.03 -95.66
N PRO KC 42 -51.30 -11.09 -94.71
CA PRO KC 42 -52.44 -10.19 -94.47
C PRO KC 42 -52.97 -9.52 -95.73
N GLU KC 43 -52.09 -9.40 -96.73
CA GLU KC 43 -52.46 -8.79 -98.01
C GLU KC 43 -53.71 -9.44 -98.61
N SER KC 44 -53.78 -10.77 -98.53
CA SER KC 44 -54.87 -11.54 -99.08
C SER KC 44 -56.26 -11.28 -98.50
N ARG KC 45 -56.34 -10.67 -97.33
CA ARG KC 45 -57.64 -10.42 -96.77
C ARG KC 45 -58.50 -9.65 -97.74
N SER KC 46 -57.88 -8.79 -98.54
CA SER KC 46 -58.60 -7.98 -99.51
C SER KC 46 -59.45 -8.77 -100.54
N LEU KC 47 -59.05 -10.01 -100.82
CA LEU KC 47 -59.79 -10.81 -101.78
C LEU KC 47 -61.12 -11.31 -101.26
N PHE KC 48 -61.20 -11.53 -99.95
CA PHE KC 48 -62.42 -12.03 -99.36
C PHE KC 48 -63.21 -10.92 -98.71
N LYS KC 49 -63.12 -9.73 -99.28
CA LYS KC 49 -63.84 -8.58 -98.76
C LYS KC 49 -65.34 -8.85 -98.94
N ARG KC 50 -65.67 -9.62 -99.96
CA ARG KC 50 -67.05 -9.94 -100.29
C ARG KC 50 -67.71 -10.83 -99.25
N VAL KC 51 -66.92 -11.67 -98.61
CA VAL KC 51 -67.42 -12.59 -97.62
C VAL KC 51 -66.81 -12.32 -96.25
N HIS KC 52 -66.94 -11.06 -95.81
CA HIS KC 52 -66.42 -10.62 -94.54
C HIS KC 52 -65.09 -11.25 -94.15
N GLY KC 53 -64.05 -10.94 -94.93
CA GLY KC 53 -62.74 -11.45 -94.66
C GLY KC 53 -62.12 -10.64 -93.54
N ASP KC 54 -62.71 -9.48 -93.25
CA ASP KC 54 -62.20 -8.63 -92.19
C ASP KC 54 -62.31 -9.31 -90.82
N ASP KC 55 -63.43 -10.01 -90.61
CA ASP KC 55 -63.66 -10.70 -89.34
C ASP KC 55 -63.82 -12.20 -89.58
N THR KC 56 -62.73 -12.92 -89.37
CA THR KC 56 -62.71 -14.36 -89.55
C THR KC 56 -63.82 -15.11 -88.80
N SER KC 57 -64.39 -14.50 -87.77
CA SER KC 57 -65.46 -15.12 -86.97
C SER KC 57 -66.89 -14.77 -87.42
N HIS KC 58 -67.03 -14.00 -88.48
CA HIS KC 58 -68.33 -13.62 -88.99
C HIS KC 58 -68.97 -14.78 -89.72
N PRO KC 59 -70.23 -15.08 -89.43
CA PRO KC 59 -70.92 -16.19 -90.09
C PRO KC 59 -70.66 -16.31 -91.57
N ALA KC 60 -70.75 -15.19 -92.27
CA ALA KC 60 -70.52 -15.18 -93.70
C ALA KC 60 -69.21 -15.89 -94.03
N PHE KC 61 -68.15 -15.48 -93.35
CA PHE KC 61 -66.85 -16.06 -93.56
C PHE KC 61 -66.80 -17.49 -93.07
N ILE KC 62 -67.44 -17.76 -91.93
CA ILE KC 62 -67.45 -19.10 -91.36
C ILE KC 62 -67.94 -20.02 -92.42
N ALA KC 63 -69.03 -19.59 -93.06
CA ALA KC 63 -69.63 -20.34 -94.13
C ALA KC 63 -68.55 -20.54 -95.19
N HIS KC 64 -68.06 -19.42 -95.72
CA HIS KC 64 -67.02 -19.47 -96.74
C HIS KC 64 -65.96 -20.50 -96.42
N ALA KC 65 -65.38 -20.40 -95.22
CA ALA KC 65 -64.32 -21.32 -94.81
C ALA KC 65 -64.80 -22.75 -94.93
N ASP KC 66 -65.83 -23.07 -94.14
CA ASP KC 66 -66.39 -24.41 -94.16
C ASP KC 66 -66.69 -24.84 -95.61
N ARG KC 67 -66.97 -23.86 -96.47
CA ARG KC 67 -67.31 -24.11 -97.87
C ARG KC 67 -66.08 -24.44 -98.68
N VAL KC 68 -64.97 -23.81 -98.31
CA VAL KC 68 -63.71 -24.02 -99.01
C VAL KC 68 -63.17 -25.40 -98.71
N LEU KC 69 -63.01 -25.70 -97.43
CA LEU KC 69 -62.52 -27.01 -97.04
C LEU KC 69 -63.33 -28.03 -97.80
N GLY KC 70 -64.63 -27.74 -97.95
CA GLY KC 70 -65.50 -28.65 -98.68
C GLY KC 70 -64.90 -29.11 -100.00
N GLY KC 71 -64.48 -28.15 -100.82
CA GLY KC 71 -63.87 -28.50 -102.08
C GLY KC 71 -62.63 -29.32 -101.84
N LEU KC 72 -61.76 -28.81 -100.98
CA LEU KC 72 -60.52 -29.51 -100.65
C LEU KC 72 -60.86 -30.96 -100.31
N ASP KC 73 -61.99 -31.18 -99.65
CA ASP KC 73 -62.40 -32.52 -99.31
C ASP KC 73 -62.56 -33.29 -100.61
N ILE KC 74 -63.50 -32.85 -101.43
CA ILE KC 74 -63.72 -33.53 -102.69
C ILE KC 74 -62.40 -33.84 -103.38
N ALA KC 75 -61.51 -32.86 -103.42
CA ALA KC 75 -60.21 -33.05 -104.05
C ALA KC 75 -59.51 -34.26 -103.46
N ILE KC 76 -59.09 -34.11 -102.21
CA ILE KC 76 -58.39 -35.16 -101.51
C ILE KC 76 -59.15 -36.47 -101.60
N SER KC 77 -60.45 -36.47 -101.29
CA SER KC 77 -61.16 -37.72 -101.22
C SER KC 77 -61.14 -38.43 -102.56
N THR KC 78 -61.46 -37.72 -103.67
CA THR KC 78 -61.42 -38.33 -104.97
C THR KC 78 -60.01 -38.71 -105.31
N LEU KC 79 -59.04 -37.95 -104.78
CA LEU KC 79 -57.86 -37.52 -105.48
C LEU KC 79 -57.18 -38.70 -106.08
N ASP KC 80 -56.93 -39.76 -105.29
CA ASP KC 80 -56.00 -40.75 -105.75
C ASP KC 80 -56.53 -41.47 -106.94
N GLN KC 81 -57.84 -41.78 -107.01
CA GLN KC 81 -58.34 -42.29 -108.26
C GLN KC 81 -58.36 -41.10 -109.16
N PRO KC 82 -57.69 -41.31 -110.32
CA PRO KC 82 -57.39 -40.36 -111.40
C PRO KC 82 -58.62 -39.89 -112.15
N ALA KC 83 -59.50 -40.83 -112.49
CA ALA KC 83 -60.72 -40.54 -113.22
C ALA KC 83 -61.49 -39.38 -112.58
N THR KC 84 -61.89 -39.58 -111.33
CA THR KC 84 -62.66 -38.59 -110.58
C THR KC 84 -61.86 -37.34 -110.30
N LEU KC 85 -60.71 -37.50 -109.67
CA LEU KC 85 -59.85 -36.36 -109.35
C LEU KC 85 -59.80 -35.43 -110.54
N LYS KC 86 -59.43 -36.01 -111.68
CA LYS KC 86 -59.35 -35.26 -112.92
C LYS KC 86 -60.52 -34.28 -112.96
N GLU KC 87 -61.73 -34.83 -112.79
CA GLU KC 87 -62.91 -34.01 -112.84
C GLU KC 87 -62.92 -32.87 -111.85
N GLU KC 88 -62.76 -33.19 -110.57
CA GLU KC 88 -62.75 -32.16 -109.54
C GLU KC 88 -61.76 -31.08 -109.88
N LEU KC 89 -60.53 -31.47 -110.18
CA LEU KC 89 -59.52 -30.49 -110.51
C LEU KC 89 -60.01 -29.62 -111.64
N ASP KC 90 -60.47 -30.25 -112.71
CA ASP KC 90 -60.99 -29.51 -113.85
C ASP KC 90 -62.06 -28.52 -113.42
N HIS KC 91 -62.97 -28.98 -112.56
CA HIS KC 91 -64.04 -28.14 -112.06
C HIS KC 91 -63.42 -26.90 -111.41
N LEU KC 92 -62.46 -27.12 -110.52
CA LEU KC 92 -61.81 -26.02 -109.84
C LEU KC 92 -61.18 -25.11 -110.87
N GLN KC 93 -60.39 -25.72 -111.75
CA GLN KC 93 -59.69 -25.00 -112.80
C GLN KC 93 -60.57 -23.89 -113.35
N VAL KC 94 -61.82 -24.22 -113.62
CA VAL KC 94 -62.77 -23.24 -114.15
C VAL KC 94 -63.07 -22.11 -113.17
N GLN KC 95 -63.45 -22.45 -111.94
CA GLN KC 95 -63.77 -21.44 -110.95
C GLN KC 95 -62.62 -20.48 -110.74
N HIS KC 96 -61.44 -20.83 -111.26
CA HIS KC 96 -60.27 -19.98 -111.09
C HIS KC 96 -59.76 -19.25 -112.34
N GLU KC 97 -59.99 -19.91 -113.47
CA GLU KC 97 -59.55 -19.39 -114.74
C GLU KC 97 -60.39 -18.21 -115.04
N GLY KC 98 -59.76 -17.18 -115.62
CA GLY KC 98 -60.30 -15.89 -115.77
C GLY KC 98 -59.59 -15.00 -114.80
N ARG KC 99 -59.14 -15.58 -113.69
CA ARG KC 99 -58.53 -14.71 -112.74
C ARG KC 99 -57.07 -14.97 -112.76
N LYS KC 100 -56.24 -13.97 -112.43
CA LYS KC 100 -55.00 -14.54 -112.07
C LYS KC 100 -54.81 -14.37 -110.60
N ILE KC 101 -54.30 -15.49 -110.04
CA ILE KC 101 -54.15 -15.83 -108.66
C ILE KC 101 -52.76 -16.32 -108.49
N PRO KC 102 -52.11 -15.44 -107.83
CA PRO KC 102 -50.72 -15.44 -107.57
C PRO KC 102 -50.45 -16.55 -106.63
N ASP KC 103 -49.26 -17.19 -106.84
CA ASP KC 103 -48.83 -18.47 -106.31
C ASP KC 103 -48.32 -18.25 -104.89
N ASN KC 104 -48.13 -17.00 -104.54
CA ASN KC 104 -47.66 -16.61 -103.23
C ASN KC 104 -48.66 -17.03 -102.19
N TYR KC 105 -49.93 -16.71 -102.41
CA TYR KC 105 -50.99 -17.03 -101.45
C TYR KC 105 -51.20 -18.53 -101.30
N PHE KC 106 -51.40 -19.22 -102.41
CA PHE KC 106 -51.60 -20.66 -102.35
C PHE KC 106 -50.56 -21.29 -101.47
N ASP KC 107 -49.32 -20.81 -101.61
CA ASP KC 107 -48.23 -21.33 -100.81
C ASP KC 107 -48.56 -21.21 -99.33
N ALA KC 108 -48.96 -20.01 -98.90
CA ALA KC 108 -49.29 -19.78 -97.49
C ALA KC 108 -50.44 -20.66 -97.04
N PHE KC 109 -51.49 -20.72 -97.85
CA PHE KC 109 -52.64 -21.52 -97.52
C PHE KC 109 -52.27 -22.98 -97.34
N LYS KC 110 -51.31 -23.47 -98.12
CA LYS KC 110 -50.85 -24.85 -97.99
C LYS KC 110 -50.19 -24.98 -96.62
N THR KC 111 -49.23 -24.10 -96.38
CA THR KC 111 -48.53 -24.09 -95.11
C THR KC 111 -49.57 -24.10 -94.00
N ALA KC 112 -50.52 -23.18 -94.05
CA ALA KC 112 -51.55 -23.13 -93.03
C ALA KC 112 -52.11 -24.53 -92.82
N ILE KC 113 -52.75 -25.09 -93.86
CA ILE KC 113 -53.33 -26.42 -93.79
C ILE KC 113 -52.40 -27.40 -93.11
N LEU KC 114 -51.18 -27.51 -93.63
CA LEU KC 114 -50.21 -28.42 -93.05
C LEU KC 114 -50.00 -28.23 -91.55
N HIS KC 115 -49.71 -27.00 -91.13
CA HIS KC 115 -49.50 -26.76 -89.72
C HIS KC 115 -50.70 -27.14 -88.87
N VAL KC 116 -51.89 -26.73 -89.29
CA VAL KC 116 -53.07 -27.07 -88.53
C VAL KC 116 -53.23 -28.59 -88.50
N VAL KC 117 -53.24 -29.23 -89.67
CA VAL KC 117 -53.40 -30.68 -89.73
C VAL KC 117 -52.44 -31.36 -88.79
N ALA KC 118 -51.19 -30.95 -88.82
CA ALA KC 118 -50.20 -31.53 -87.95
C ALA KC 118 -50.58 -31.33 -86.48
N ALA KC 119 -51.12 -30.15 -86.17
CA ALA KC 119 -51.52 -29.87 -84.80
C ALA KC 119 -52.68 -30.77 -84.41
N GLN KC 120 -53.58 -31.03 -85.36
CA GLN KC 120 -54.74 -31.87 -85.12
C GLN KC 120 -54.48 -33.37 -85.04
N LEU KC 121 -53.57 -33.89 -85.85
CA LEU KC 121 -53.29 -35.33 -85.83
C LEU KC 121 -52.28 -35.78 -84.79
N GLY KC 122 -51.68 -34.85 -84.09
CA GLY KC 122 -50.72 -35.23 -83.09
C GLY KC 122 -49.45 -35.88 -83.59
N ARG KC 123 -49.47 -37.20 -83.70
CA ARG KC 123 -48.28 -37.94 -84.11
C ARG KC 123 -48.28 -38.66 -85.47
N CYS KC 124 -49.40 -39.29 -85.81
CA CYS KC 124 -49.48 -40.03 -87.06
C CYS KC 124 -49.82 -39.11 -88.20
N TYR KC 125 -48.78 -38.60 -88.87
CA TYR KC 125 -48.94 -37.69 -89.98
C TYR KC 125 -47.64 -37.54 -90.76
N ASP KC 126 -47.69 -37.87 -92.05
CA ASP KC 126 -46.52 -37.77 -92.93
C ASP KC 126 -46.55 -36.41 -93.58
N ARG KC 127 -45.54 -35.59 -93.29
CA ARG KC 127 -45.49 -34.25 -93.86
C ARG KC 127 -45.29 -34.27 -95.38
N GLU KC 128 -44.18 -34.83 -95.83
CA GLU KC 128 -43.89 -34.89 -97.25
C GLU KC 128 -45.12 -35.26 -98.06
N ALA KC 129 -45.78 -36.33 -97.67
CA ALA KC 129 -46.97 -36.83 -98.35
C ALA KC 129 -48.00 -35.74 -98.54
N TRP KC 130 -48.40 -35.09 -97.46
CA TRP KC 130 -49.39 -34.03 -97.58
C TRP KC 130 -48.88 -32.97 -98.49
N ASP KC 131 -47.69 -32.46 -98.19
CA ASP KC 131 -47.10 -31.43 -99.02
C ASP KC 131 -47.28 -31.81 -100.49
N ALA KC 132 -46.84 -33.00 -100.85
CA ALA KC 132 -46.93 -33.45 -102.22
C ALA KC 132 -48.33 -33.39 -102.80
N CYS KC 133 -49.30 -33.91 -102.06
CA CYS KC 133 -50.68 -33.93 -102.52
C CYS KC 133 -51.41 -32.59 -102.51
N ILE KC 134 -51.26 -31.84 -101.42
CA ILE KC 134 -51.89 -30.54 -101.37
C ILE KC 134 -51.39 -29.78 -102.57
N ASP KC 135 -50.12 -30.00 -102.90
CA ASP KC 135 -49.50 -29.35 -104.04
C ASP KC 135 -50.25 -29.77 -105.29
N HIS KC 136 -50.23 -31.07 -105.58
CA HIS KC 136 -50.91 -31.57 -106.77
C HIS KC 136 -52.31 -31.00 -106.88
N ILE KC 137 -53.01 -30.89 -105.75
CA ILE KC 137 -54.36 -30.35 -105.78
C ILE KC 137 -54.33 -28.86 -106.12
N GLU KC 138 -53.41 -28.12 -105.54
CA GLU KC 138 -53.33 -26.71 -105.83
C GLU KC 138 -52.96 -26.47 -107.28
N ASP KC 139 -52.01 -27.25 -107.79
CA ASP KC 139 -51.62 -27.09 -109.17
C ASP KC 139 -52.87 -27.18 -110.04
N GLY KC 140 -53.68 -28.18 -109.76
CA GLY KC 140 -54.89 -28.37 -110.54
C GLY KC 140 -55.85 -27.20 -110.47
N ILE KC 141 -55.62 -26.28 -109.55
CA ILE KC 141 -56.50 -25.13 -109.42
C ILE KC 141 -55.89 -23.88 -110.03
N LYS KC 142 -54.58 -23.83 -110.06
CA LYS KC 142 -53.90 -22.68 -110.64
C LYS KC 142 -53.72 -22.90 -112.13
N GLY KC 143 -53.41 -24.18 -112.47
CA GLY KC 143 -53.50 -24.61 -113.81
C GLY KC 143 -52.45 -23.87 -114.52
N HIS KC 144 -51.28 -23.78 -113.85
CA HIS KC 144 -50.03 -23.47 -114.45
C HIS KC 144 -49.32 -24.78 -114.59
N HIS KC 145 -49.88 -25.61 -115.49
CA HIS KC 145 -49.19 -26.63 -116.20
C HIS KC 145 -48.81 -25.86 -117.44
N HIS LC 20 -91.11 -22.80 -84.64
CA HIS LC 20 -90.12 -21.73 -84.96
C HIS LC 20 -88.76 -22.14 -84.50
N GLU LC 21 -88.42 -21.82 -83.25
CA GLU LC 21 -87.18 -22.36 -82.84
C GLU LC 21 -87.39 -23.83 -82.70
N HIS LC 22 -88.48 -24.19 -82.02
CA HIS LC 22 -88.56 -25.46 -81.40
C HIS LC 22 -88.39 -26.51 -82.46
N CYS LC 23 -89.05 -26.28 -83.61
CA CYS LC 23 -88.80 -26.98 -84.83
C CYS LC 23 -87.50 -26.43 -85.31
N CYS LC 24 -86.46 -27.11 -84.88
CA CYS LC 24 -85.53 -27.85 -85.67
C CYS LC 24 -84.43 -27.80 -84.71
N SER LC 25 -84.46 -28.77 -83.81
CA SER LC 25 -84.06 -28.29 -82.56
C SER LC 25 -82.60 -28.47 -82.48
N GLU LC 26 -82.04 -28.00 -81.35
CA GLU LC 26 -80.72 -28.49 -80.96
C GLU LC 26 -80.68 -30.01 -80.88
N GLU LC 27 -81.58 -30.59 -80.08
CA GLU LC 27 -81.59 -32.04 -79.99
C GLU LC 27 -81.82 -32.61 -81.39
N ASP LC 28 -82.83 -32.11 -82.08
CA ASP LC 28 -83.14 -32.57 -83.41
C ASP LC 28 -81.90 -32.74 -84.25
N HIS LC 29 -81.21 -31.66 -84.55
CA HIS LC 29 -80.03 -31.79 -85.37
C HIS LC 29 -78.88 -32.48 -84.67
N ARG LC 30 -78.75 -32.33 -83.36
CA ARG LC 30 -77.66 -33.01 -82.68
C ARG LC 30 -77.80 -34.49 -83.12
N ILE LC 31 -79.05 -34.94 -83.25
CA ILE LC 31 -79.35 -36.30 -83.64
C ILE LC 31 -78.92 -36.49 -85.07
N VAL LC 32 -79.49 -35.70 -85.96
CA VAL LC 32 -79.16 -35.81 -87.37
C VAL LC 32 -77.66 -35.92 -87.52
N GLN LC 33 -76.94 -34.96 -86.98
CA GLN LC 33 -75.50 -34.97 -87.10
C GLN LC 33 -74.90 -36.30 -86.68
N LYS LC 34 -75.32 -36.79 -85.52
CA LYS LC 34 -74.78 -38.05 -85.03
C LYS LC 34 -75.03 -39.19 -86.02
N GLN LC 35 -76.27 -39.28 -86.49
CA GLN LC 35 -76.64 -40.34 -87.41
C GLN LC 35 -75.98 -40.24 -88.77
N TRP LC 36 -75.74 -39.02 -89.21
CA TRP LC 36 -75.14 -38.82 -90.53
C TRP LC 36 -73.68 -39.21 -90.47
N ASP LC 37 -73.14 -39.28 -89.26
CA ASP LC 37 -71.75 -39.63 -89.12
C ASP LC 37 -71.50 -41.13 -89.18
N ILE LC 38 -72.52 -41.92 -88.87
CA ILE LC 38 -72.40 -43.38 -88.93
C ILE LC 38 -71.84 -43.74 -90.29
N LEU LC 39 -72.12 -42.90 -91.29
CA LEU LC 39 -71.66 -43.11 -92.65
C LEU LC 39 -70.17 -43.01 -92.91
N TRP LC 40 -69.56 -41.90 -92.52
CA TRP LC 40 -68.15 -41.67 -92.76
C TRP LC 40 -67.17 -42.31 -91.79
N ARG LC 41 -67.50 -43.49 -91.28
CA ARG LC 41 -66.59 -44.18 -90.35
C ARG LC 41 -65.40 -44.76 -91.10
N ASP LC 42 -65.61 -45.25 -92.32
CA ASP LC 42 -64.52 -45.81 -93.10
C ASP LC 42 -63.95 -44.82 -94.11
N THR LC 43 -62.63 -44.89 -94.29
CA THR LC 43 -61.92 -43.97 -95.16
C THR LC 43 -62.40 -43.88 -96.61
N GLU LC 44 -63.12 -44.88 -97.09
CA GLU LC 44 -63.58 -44.82 -98.46
C GLU LC 44 -64.87 -44.05 -98.64
N SER LC 45 -64.90 -42.85 -98.06
CA SER LC 45 -66.07 -41.97 -98.13
C SER LC 45 -66.45 -41.69 -99.59
N SER LC 46 -65.44 -41.46 -100.42
CA SER LC 46 -65.66 -41.17 -101.83
C SER LC 46 -66.57 -42.20 -102.46
N LYS LC 47 -66.18 -43.46 -102.39
CA LYS LC 47 -66.96 -44.55 -102.97
C LYS LC 47 -68.42 -44.47 -102.51
N ILE LC 48 -68.60 -44.16 -101.23
CA ILE LC 48 -69.94 -44.05 -100.67
C ILE LC 48 -70.63 -42.80 -101.19
N LYS LC 49 -70.16 -41.64 -100.75
CA LYS LC 49 -70.75 -40.37 -101.17
C LYS LC 49 -71.17 -40.44 -102.62
N ILE LC 50 -70.26 -40.90 -103.49
CA ILE LC 50 -70.54 -41.01 -104.92
C ILE LC 50 -71.72 -41.92 -105.16
N GLY LC 51 -71.53 -43.20 -104.88
CA GLY LC 51 -72.59 -44.16 -105.06
C GLY LC 51 -73.93 -43.66 -104.56
N PHE LC 52 -73.93 -43.16 -103.33
CA PHE LC 52 -75.16 -42.67 -102.72
C PHE LC 52 -75.72 -41.47 -103.47
N GLY LC 53 -74.88 -40.46 -103.65
CA GLY LC 53 -75.33 -39.26 -104.35
C GLY LC 53 -75.74 -39.59 -105.77
N ARG LC 54 -75.03 -40.54 -106.37
CA ARG LC 54 -75.31 -40.96 -107.72
C ARG LC 54 -76.72 -41.45 -107.72
N LEU LC 55 -76.99 -42.44 -106.90
CA LEU LC 55 -78.32 -43.02 -106.80
C LEU LC 55 -79.38 -41.96 -106.54
N LEU LC 56 -79.14 -41.11 -105.56
CA LEU LC 56 -80.09 -40.06 -105.22
C LEU LC 56 -80.48 -39.21 -106.42
N LEU LC 57 -79.51 -38.77 -107.20
CA LEU LC 57 -79.83 -37.95 -108.37
C LEU LC 57 -80.53 -38.78 -109.44
N THR LC 58 -80.05 -40.01 -109.65
CA THR LC 58 -80.65 -40.91 -110.63
C THR LC 58 -82.14 -41.06 -110.34
N LYS LC 59 -82.45 -41.56 -109.14
CA LYS LC 59 -83.82 -41.77 -108.70
C LYS LC 59 -84.63 -40.48 -108.82
N LEU LC 60 -83.96 -39.34 -108.98
CA LEU LC 60 -84.69 -38.10 -109.14
C LEU LC 60 -85.09 -38.00 -110.59
N ALA LC 61 -84.11 -38.16 -111.47
CA ALA LC 61 -84.35 -38.11 -112.92
C ALA LC 61 -85.36 -39.18 -113.32
N LYS LC 62 -85.42 -40.24 -112.54
CA LYS LC 62 -86.35 -41.32 -112.80
C LYS LC 62 -87.80 -40.81 -112.64
N ASP LC 63 -88.08 -40.14 -111.53
CA ASP LC 63 -89.42 -39.62 -111.24
C ASP LC 63 -89.74 -38.32 -111.94
N ILE LC 64 -88.72 -37.58 -112.34
CA ILE LC 64 -88.92 -36.33 -113.05
C ILE LC 64 -87.79 -36.16 -114.06
N PRO LC 65 -88.04 -36.53 -115.32
CA PRO LC 65 -87.09 -36.46 -116.44
C PRO LC 65 -86.60 -35.08 -116.88
N GLU LC 66 -87.45 -34.07 -116.76
CA GLU LC 66 -87.02 -32.73 -117.17
C GLU LC 66 -85.74 -32.37 -116.45
N VAL LC 67 -85.33 -33.23 -115.53
CA VAL LC 67 -84.12 -33.06 -114.73
C VAL LC 67 -82.92 -33.48 -115.57
N ASN LC 68 -83.04 -34.63 -116.23
CA ASN LC 68 -81.96 -35.14 -117.06
C ASN LC 68 -81.30 -34.06 -117.91
N ASP LC 69 -82.10 -33.08 -118.35
CA ASP LC 69 -81.57 -31.99 -119.16
C ASP LC 69 -80.78 -30.99 -118.36
N LEU LC 70 -81.11 -30.86 -117.09
CA LEU LC 70 -80.42 -29.93 -116.23
C LEU LC 70 -79.03 -30.44 -115.90
N PHE LC 71 -78.97 -31.74 -115.59
CA PHE LC 71 -77.71 -32.40 -115.25
C PHE LC 71 -76.98 -32.88 -116.49
N LYS LC 72 -77.45 -32.42 -117.64
CA LYS LC 72 -76.83 -32.77 -118.92
C LYS LC 72 -75.40 -32.26 -118.91
N ARG LC 73 -75.25 -31.03 -118.44
CA ARG LC 73 -73.97 -30.34 -118.36
C ARG LC 73 -72.90 -31.17 -117.65
N VAL LC 74 -73.31 -32.02 -116.72
CA VAL LC 74 -72.37 -32.86 -115.97
C VAL LC 74 -72.39 -34.31 -116.40
N ASP LC 75 -72.81 -34.53 -117.64
CA ASP LC 75 -72.85 -35.87 -118.22
C ASP LC 75 -73.55 -36.86 -117.29
N ILE LC 76 -74.79 -36.53 -116.92
CA ILE LC 76 -75.58 -37.41 -116.05
C ILE LC 76 -75.88 -38.67 -116.83
N GLU LC 77 -75.77 -38.58 -118.15
CA GLU LC 77 -76.02 -39.71 -119.02
C GLU LC 77 -75.12 -40.88 -118.63
N HIS LC 78 -73.91 -40.57 -118.19
CA HIS LC 78 -72.97 -41.59 -117.75
C HIS LC 78 -72.85 -41.53 -116.24
N ALA LC 79 -73.75 -42.22 -115.54
CA ALA LC 79 -73.75 -42.23 -114.10
C ALA LC 79 -72.37 -42.48 -113.48
N GLU LC 80 -71.65 -43.48 -114.01
CA GLU LC 80 -70.33 -43.85 -113.51
C GLU LC 80 -69.21 -42.98 -114.11
N GLY LC 81 -69.59 -42.13 -115.06
CA GLY LC 81 -68.63 -41.25 -115.70
C GLY LC 81 -68.07 -40.23 -114.72
N PRO LC 82 -66.75 -40.11 -114.65
CA PRO LC 82 -66.13 -39.15 -113.75
C PRO LC 82 -66.85 -37.80 -113.74
N LYS LC 83 -67.18 -37.29 -114.93
CA LYS LC 83 -67.88 -36.02 -115.03
C LYS LC 83 -69.00 -35.92 -113.99
N PHE LC 84 -69.83 -36.96 -113.95
CA PHE LC 84 -70.96 -37.00 -113.03
C PHE LC 84 -70.51 -37.40 -111.61
N SER LC 85 -69.65 -38.39 -111.51
CA SER LC 85 -69.18 -38.82 -110.22
C SER LC 85 -68.68 -37.63 -109.42
N ALA LC 86 -67.94 -36.75 -110.09
CA ALA LC 86 -67.43 -35.58 -109.41
C ALA LC 86 -68.63 -34.84 -108.88
N HIS LC 87 -69.57 -34.53 -109.76
CA HIS LC 87 -70.80 -33.83 -109.39
C HIS LC 87 -71.46 -34.49 -108.20
N ALA LC 88 -71.67 -35.80 -108.30
CA ALA LC 88 -72.28 -36.55 -107.22
C ALA LC 88 -71.67 -36.12 -105.90
N LEU LC 89 -70.35 -35.97 -105.87
CA LEU LC 89 -69.67 -35.54 -104.66
C LEU LC 89 -70.10 -34.13 -104.30
N ARG LC 90 -69.74 -33.17 -105.15
CA ARG LC 90 -70.09 -31.77 -104.90
C ARG LC 90 -71.45 -31.60 -104.22
N ILE LC 91 -72.50 -32.16 -104.80
CA ILE LC 91 -73.82 -32.04 -104.21
C ILE LC 91 -73.87 -32.72 -102.86
N LEU LC 92 -73.68 -34.04 -102.87
CA LEU LC 92 -73.70 -34.84 -101.65
C LEU LC 92 -72.84 -34.17 -100.58
N ASN LC 93 -71.70 -33.64 -100.99
CA ASN LC 93 -70.77 -32.97 -100.09
C ASN LC 93 -71.34 -31.64 -99.62
N GLY LC 94 -72.21 -31.05 -100.43
CA GLY LC 94 -72.82 -29.78 -100.05
C GLY LC 94 -73.80 -30.07 -98.93
N LEU LC 95 -74.55 -31.15 -99.09
CA LEU LC 95 -75.50 -31.55 -98.07
C LEU LC 95 -74.73 -31.73 -96.77
N ASP LC 96 -73.51 -32.27 -96.87
CA ASP LC 96 -72.66 -32.47 -95.68
C ASP LC 96 -72.48 -31.11 -95.02
N LEU LC 97 -71.93 -30.17 -95.77
CA LEU LC 97 -71.72 -28.81 -95.27
C LEU LC 97 -72.97 -28.34 -94.55
N ALA LC 98 -74.12 -28.44 -95.18
CA ALA LC 98 -75.36 -28.00 -94.56
C ALA LC 98 -75.51 -28.63 -93.19
N ILE LC 99 -75.47 -29.97 -93.16
CA ILE LC 99 -75.62 -30.69 -91.91
C ILE LC 99 -74.57 -30.27 -90.87
N ASN LC 100 -73.31 -30.23 -91.27
CA ASN LC 100 -72.25 -29.85 -90.35
C ASN LC 100 -72.27 -28.41 -89.85
N LEU LC 101 -73.16 -27.59 -90.39
CA LEU LC 101 -73.26 -26.22 -89.94
C LEU LC 101 -74.56 -26.01 -89.21
N LEU LC 102 -75.29 -27.10 -89.00
CA LEU LC 102 -76.57 -27.03 -88.33
C LEU LC 102 -76.44 -26.40 -86.96
N ASP LC 103 -75.27 -26.50 -86.36
CA ASP LC 103 -75.09 -25.92 -85.04
C ASP LC 103 -74.38 -24.57 -85.13
N ASP LC 104 -74.99 -23.64 -85.85
CA ASP LC 104 -74.47 -22.27 -86.05
C ASP LC 104 -75.37 -21.64 -87.11
N PRO LC 105 -76.64 -21.44 -86.77
CA PRO LC 105 -77.64 -20.85 -87.66
C PRO LC 105 -77.17 -19.75 -88.61
N PRO LC 106 -76.51 -18.72 -88.09
CA PRO LC 106 -76.04 -17.64 -88.97
C PRO LC 106 -75.13 -18.13 -90.10
N ALA LC 107 -74.19 -19.01 -89.75
CA ALA LC 107 -73.26 -19.58 -90.71
C ALA LC 107 -74.04 -20.44 -91.67
N LEU LC 108 -74.76 -21.40 -91.11
CA LEU LC 108 -75.56 -22.29 -91.95
C LEU LC 108 -76.40 -21.47 -92.90
N ASP LC 109 -77.05 -20.44 -92.37
CA ASP LC 109 -77.88 -19.57 -93.17
C ASP LC 109 -77.06 -19.13 -94.37
N ALA LC 110 -76.01 -18.36 -94.10
CA ALA LC 110 -75.15 -17.88 -95.15
C ALA LC 110 -74.77 -18.99 -96.12
N ALA LC 111 -74.29 -20.10 -95.57
CA ALA LC 111 -73.88 -21.24 -96.37
C ALA LC 111 -74.93 -21.70 -97.35
N LEU LC 112 -76.18 -21.71 -96.89
CA LEU LC 112 -77.30 -22.13 -97.71
C LEU LC 112 -77.71 -21.06 -98.72
N ASP LC 113 -77.79 -19.82 -98.26
CA ASP LC 113 -78.16 -18.71 -99.15
C ASP LC 113 -77.28 -18.81 -100.39
N HIS LC 114 -75.99 -19.02 -100.15
CA HIS LC 114 -75.01 -19.14 -101.22
C HIS LC 114 -75.48 -20.25 -102.15
N LEU LC 115 -75.92 -21.37 -101.59
CA LEU LC 115 -76.37 -22.48 -102.42
C LEU LC 115 -77.59 -22.08 -103.22
N ALA LC 116 -78.38 -21.16 -102.68
CA ALA LC 116 -79.57 -20.70 -103.37
C ALA LC 116 -79.15 -20.05 -104.68
N HIS LC 117 -78.25 -19.08 -104.56
CA HIS LC 117 -77.74 -18.36 -105.71
C HIS LC 117 -77.14 -19.31 -106.75
N GLN LC 118 -76.44 -20.36 -106.32
CA GLN LC 118 -75.81 -21.29 -107.25
C GLN LC 118 -76.85 -22.09 -108.02
N HIS LC 119 -78.09 -22.04 -107.53
CA HIS LC 119 -79.17 -22.75 -108.18
C HIS LC 119 -80.09 -21.78 -108.90
N GLU LC 120 -80.10 -20.53 -108.45
CA GLU LC 120 -80.94 -19.51 -109.07
C GLU LC 120 -80.58 -19.31 -110.55
N VAL LC 121 -79.30 -19.18 -110.83
CA VAL LC 121 -78.83 -18.96 -112.20
C VAL LC 121 -78.83 -20.23 -113.07
N ARG LC 122 -79.42 -21.30 -112.56
CA ARG LC 122 -79.49 -22.54 -113.33
C ARG LC 122 -80.96 -22.71 -113.70
N GLU LC 123 -81.38 -22.09 -114.80
CA GLU LC 123 -82.78 -22.16 -115.22
C GLU LC 123 -83.20 -23.60 -115.52
N GLY LC 124 -84.46 -23.91 -115.22
CA GLY LC 124 -84.98 -25.24 -115.44
C GLY LC 124 -85.25 -25.89 -114.10
N VAL LC 125 -84.48 -25.49 -113.10
CA VAL LC 125 -84.60 -26.01 -111.75
C VAL LC 125 -85.75 -25.32 -111.04
N GLN LC 126 -86.82 -26.06 -110.77
CA GLN LC 126 -87.98 -25.50 -110.08
C GLN LC 126 -88.19 -26.13 -108.72
N LYS LC 127 -88.92 -25.45 -107.85
CA LYS LC 127 -89.18 -25.93 -106.50
C LYS LC 127 -89.63 -27.39 -106.43
N ALA LC 128 -90.67 -27.74 -107.18
CA ALA LC 128 -91.18 -29.10 -107.17
C ALA LC 128 -90.07 -30.15 -107.21
N HIS LC 129 -88.92 -29.78 -107.78
CA HIS LC 129 -87.79 -30.69 -107.88
C HIS LC 129 -87.27 -31.03 -106.49
N PHE LC 130 -87.03 -30.00 -105.68
CA PHE LC 130 -86.54 -30.19 -104.33
C PHE LC 130 -87.52 -30.97 -103.51
N LYS LC 131 -88.79 -30.57 -103.54
CA LYS LC 131 -89.80 -31.30 -102.78
C LYS LC 131 -89.64 -32.80 -103.03
N LYS LC 132 -89.48 -33.19 -104.31
CA LYS LC 132 -89.32 -34.58 -104.67
C LYS LC 132 -88.01 -35.13 -104.13
N PHE LC 133 -86.92 -34.42 -104.38
CA PHE LC 133 -85.60 -34.85 -103.92
C PHE LC 133 -85.65 -35.10 -102.42
N GLY LC 134 -86.42 -34.28 -101.72
CA GLY LC 134 -86.55 -34.44 -100.30
C GLY LC 134 -87.18 -35.77 -99.95
N GLU LC 135 -88.30 -36.08 -100.59
CA GLU LC 135 -89.00 -37.33 -100.37
C GLU LC 135 -88.07 -38.49 -100.67
N ILE LC 136 -87.26 -38.36 -101.71
CA ILE LC 136 -86.34 -39.40 -102.11
C ILE LC 136 -85.26 -39.60 -101.07
N LEU LC 137 -84.70 -38.48 -100.64
CA LEU LC 137 -83.64 -38.48 -99.65
C LEU LC 137 -84.12 -39.12 -98.35
N ALA LC 138 -85.36 -38.85 -98.02
CA ALA LC 138 -85.96 -39.36 -96.80
C ALA LC 138 -86.22 -40.86 -96.88
N THR LC 139 -86.36 -41.38 -98.10
CA THR LC 139 -86.62 -42.80 -98.25
C THR LC 139 -85.30 -43.53 -98.40
N GLY LC 140 -84.27 -42.79 -98.77
CA GLY LC 140 -82.97 -43.38 -98.96
C GLY LC 140 -82.13 -43.50 -97.72
N LEU LC 141 -81.97 -42.41 -96.99
CA LEU LC 141 -81.16 -42.42 -95.78
C LEU LC 141 -81.36 -43.66 -94.90
N PRO LC 142 -82.60 -43.91 -94.49
CA PRO LC 142 -82.91 -45.06 -93.65
C PRO LC 142 -82.52 -46.40 -94.22
N GLN LC 143 -82.00 -46.40 -95.44
CA GLN LC 143 -81.60 -47.64 -96.09
C GLN LC 143 -80.12 -47.91 -95.87
N VAL LC 144 -79.37 -46.86 -95.54
CA VAL LC 144 -77.94 -46.99 -95.30
C VAL LC 144 -77.61 -46.79 -93.84
N LEU LC 145 -78.50 -46.14 -93.11
CA LEU LC 145 -78.28 -45.89 -91.70
C LEU LC 145 -79.21 -46.77 -90.88
N ASP LC 146 -78.64 -47.61 -90.02
CA ASP LC 146 -79.48 -48.49 -89.22
C ASP LC 146 -80.24 -47.67 -88.17
N ASP LC 147 -79.62 -46.60 -87.68
CA ASP LC 147 -80.27 -45.75 -86.70
C ASP LC 147 -80.68 -44.47 -87.39
N TYR LC 148 -81.98 -44.32 -87.63
CA TYR LC 148 -82.54 -43.16 -88.31
C TYR LC 148 -83.75 -42.65 -87.55
N ASP LC 149 -83.81 -41.34 -87.34
CA ASP LC 149 -84.94 -40.75 -86.65
C ASP LC 149 -85.70 -39.89 -87.64
N ALA LC 150 -86.59 -40.50 -88.39
CA ALA LC 150 -87.38 -39.82 -89.41
C ALA LC 150 -87.84 -38.43 -89.02
N LEU LC 151 -88.42 -38.30 -87.82
CA LEU LC 151 -88.91 -37.02 -87.35
C LEU LC 151 -87.84 -35.92 -87.32
N ALA LC 152 -86.72 -36.21 -86.68
CA ALA LC 152 -85.64 -35.25 -86.60
C ALA LC 152 -85.18 -34.86 -88.00
N TRP LC 153 -84.83 -35.86 -88.80
CA TRP LC 153 -84.36 -35.60 -90.15
C TRP LC 153 -85.31 -34.77 -90.99
N LYS LC 154 -86.54 -35.23 -91.14
CA LYS LC 154 -87.51 -34.50 -91.95
C LYS LC 154 -87.52 -33.03 -91.52
N SER LC 155 -87.54 -32.78 -90.22
CA SER LC 155 -87.54 -31.43 -89.69
C SER LC 155 -86.38 -30.61 -90.24
N CYS LC 156 -85.17 -31.17 -90.16
CA CYS LC 156 -83.99 -30.47 -90.63
C CYS LC 156 -83.88 -30.41 -92.14
N LEU LC 157 -84.05 -31.55 -92.80
CA LEU LC 157 -83.94 -31.56 -94.25
C LEU LC 157 -84.86 -30.53 -94.86
N LYS LC 158 -86.04 -30.36 -94.28
CA LYS LC 158 -87.01 -29.39 -94.77
C LYS LC 158 -86.37 -28.00 -94.75
N GLY LC 159 -85.96 -27.57 -93.57
CA GLY LC 159 -85.34 -26.27 -93.44
C GLY LC 159 -84.23 -26.04 -94.45
N ILE LC 160 -83.42 -27.07 -94.69
CA ILE LC 160 -82.31 -26.96 -95.64
C ILE LC 160 -82.79 -26.84 -97.07
N LEU LC 161 -83.48 -27.86 -97.55
CA LEU LC 161 -83.99 -27.86 -98.90
C LEU LC 161 -84.73 -26.57 -99.22
N THR LC 162 -85.57 -26.10 -98.31
CA THR LC 162 -86.32 -24.88 -98.53
C THR LC 162 -85.41 -23.67 -98.78
N LYS LC 163 -84.55 -23.38 -97.80
CA LYS LC 163 -83.65 -22.26 -97.91
C LYS LC 163 -82.78 -22.31 -99.16
N ILE LC 164 -82.51 -23.52 -99.67
CA ILE LC 164 -81.68 -23.66 -100.86
C ILE LC 164 -82.43 -23.27 -102.13
N SER LC 165 -83.70 -23.60 -102.19
CA SER LC 165 -84.49 -23.32 -103.37
C SER LC 165 -85.29 -22.03 -103.28
N SER LC 166 -85.22 -21.32 -102.12
CA SER LC 166 -86.20 -20.28 -101.93
C SER LC 166 -86.01 -19.24 -102.99
N ARG LC 167 -84.77 -18.70 -103.04
CA ARG LC 167 -84.27 -18.09 -104.25
C ARG LC 167 -84.05 -19.27 -105.14
N LEU LC 168 -84.44 -19.17 -106.42
CA LEU LC 168 -85.13 -20.33 -106.88
C LEU LC 168 -84.35 -21.57 -107.29
N GLU MC 19 -78.51 -60.16 -107.88
CA GLU MC 19 -77.91 -60.53 -106.59
C GLU MC 19 -78.35 -59.65 -105.49
N CYS MC 20 -77.38 -58.96 -104.86
CA CYS MC 20 -77.61 -58.25 -103.64
C CYS MC 20 -78.15 -56.90 -104.03
N LEU MC 21 -78.55 -56.03 -103.09
CA LEU MC 21 -78.38 -54.66 -103.51
C LEU MC 21 -77.14 -54.16 -102.86
N VAL MC 22 -76.76 -53.02 -103.41
CA VAL MC 22 -75.62 -52.24 -103.19
C VAL MC 22 -75.66 -51.79 -101.78
N THR MC 23 -76.83 -51.28 -101.37
CA THR MC 23 -76.97 -50.95 -99.95
C THR MC 23 -77.08 -52.22 -99.11
N GLU MC 24 -77.97 -53.12 -99.54
CA GLU MC 24 -78.17 -54.38 -98.82
C GLU MC 24 -76.85 -55.09 -98.55
N SER MC 25 -75.80 -54.69 -99.24
CA SER MC 25 -74.49 -55.30 -99.05
C SER MC 25 -73.77 -54.52 -97.96
N LEU MC 26 -73.50 -53.25 -98.26
CA LEU MC 26 -72.81 -52.36 -97.34
C LEU MC 26 -73.33 -52.58 -95.94
N LYS MC 27 -74.64 -52.78 -95.83
CA LYS MC 27 -75.27 -52.99 -94.56
C LYS MC 27 -74.66 -54.23 -93.93
N VAL MC 28 -74.56 -55.30 -94.69
CA VAL MC 28 -73.99 -56.54 -94.18
C VAL MC 28 -72.53 -56.36 -93.94
N LYS MC 29 -71.83 -55.79 -94.91
CA LYS MC 29 -70.39 -55.58 -94.79
C LYS MC 29 -70.09 -54.88 -93.47
N LEU MC 30 -70.93 -53.90 -93.17
CA LEU MC 30 -70.80 -53.11 -91.95
C LEU MC 30 -71.14 -53.90 -90.69
N GLN MC 31 -72.33 -54.47 -90.63
CA GLN MC 31 -72.74 -55.25 -89.48
C GLN MC 31 -71.81 -56.41 -89.23
N TRP MC 32 -71.30 -57.03 -90.28
CA TRP MC 32 -70.39 -58.16 -90.11
C TRP MC 32 -69.24 -57.69 -89.26
N ALA MC 33 -68.77 -56.48 -89.53
CA ALA MC 33 -67.67 -55.90 -88.78
C ALA MC 33 -67.92 -55.95 -87.27
N SER MC 34 -68.96 -55.27 -86.83
CA SER MC 34 -69.30 -55.21 -85.43
C SER MC 34 -69.49 -56.58 -84.80
N ALA MC 35 -70.25 -57.43 -85.48
CA ALA MC 35 -70.54 -58.77 -84.98
C ALA MC 35 -69.33 -59.69 -84.86
N PHE MC 36 -68.67 -59.91 -85.98
CA PHE MC 36 -67.50 -60.79 -86.03
C PHE MC 36 -66.51 -60.32 -84.98
N GLY MC 37 -65.99 -59.12 -85.17
CA GLY MC 37 -65.04 -58.59 -84.21
C GLY MC 37 -63.59 -58.78 -84.56
N HIS MC 38 -62.75 -58.82 -83.53
CA HIS MC 38 -61.32 -59.01 -83.70
C HIS MC 38 -60.70 -59.96 -82.69
N ALA MC 39 -59.60 -60.60 -83.07
CA ALA MC 39 -58.89 -61.54 -82.22
C ALA MC 39 -59.79 -62.56 -81.55
N HIS MC 40 -59.57 -62.77 -80.26
CA HIS MC 40 -60.34 -63.73 -79.49
C HIS MC 40 -61.86 -63.59 -79.70
N GLU MC 41 -62.35 -62.35 -79.70
CA GLU MC 41 -63.78 -62.09 -79.88
C GLU MC 41 -64.37 -62.97 -80.99
N ARG MC 42 -63.53 -63.31 -81.96
CA ARG MC 42 -63.90 -64.14 -83.11
C ARG MC 42 -64.01 -65.60 -82.74
N VAL MC 43 -62.91 -66.16 -82.24
CA VAL MC 43 -62.92 -67.57 -81.85
C VAL MC 43 -64.18 -67.84 -81.07
N ALA MC 44 -64.54 -66.90 -80.19
CA ALA MC 44 -65.73 -67.01 -79.36
C ALA MC 44 -66.94 -67.14 -80.25
N PHE MC 45 -67.01 -66.27 -81.25
CA PHE MC 45 -68.11 -66.28 -82.21
C PHE MC 45 -68.14 -67.63 -82.89
N GLY MC 46 -67.06 -67.96 -83.58
CA GLY MC 46 -67.00 -69.24 -84.27
C GLY MC 46 -67.49 -70.38 -83.39
N LEU MC 47 -66.89 -70.51 -82.22
CA LEU MC 47 -67.28 -71.57 -81.29
C LEU MC 47 -68.77 -71.57 -81.04
N GLU MC 48 -69.30 -70.45 -80.53
CA GLU MC 48 -70.72 -70.36 -80.25
C GLU MC 48 -71.54 -70.83 -81.44
N LEU MC 49 -71.13 -70.44 -82.64
CA LEU MC 49 -71.82 -70.81 -83.87
C LEU MC 49 -71.85 -72.29 -84.09
N TRP MC 50 -70.69 -72.90 -84.30
CA TRP MC 50 -70.62 -74.33 -84.53
C TRP MC 50 -71.27 -75.17 -83.44
N ARG MC 51 -71.21 -74.74 -82.18
CA ARG MC 51 -71.84 -75.51 -81.12
C ARG MC 51 -73.32 -75.60 -81.42
N ASP MC 52 -73.98 -74.46 -81.56
CA ASP MC 52 -75.40 -74.44 -81.86
C ASP MC 52 -75.74 -75.28 -83.07
N ILE MC 53 -74.87 -75.26 -84.08
CA ILE MC 53 -75.10 -76.03 -85.30
C ILE MC 53 -75.02 -77.53 -85.06
N ILE MC 54 -73.94 -77.98 -84.42
CA ILE MC 54 -73.77 -79.39 -84.17
C ILE MC 54 -74.79 -79.97 -83.19
N ASP MC 55 -75.29 -79.18 -82.24
CA ASP MC 55 -76.28 -79.71 -81.31
C ASP MC 55 -77.60 -79.94 -82.03
N ASP MC 56 -77.88 -79.11 -83.02
CA ASP MC 56 -79.10 -79.20 -83.79
C ASP MC 56 -79.05 -80.36 -84.78
N HIS MC 57 -77.91 -80.56 -85.42
CA HIS MC 57 -77.74 -81.63 -86.39
C HIS MC 57 -76.41 -82.38 -86.22
N PRO MC 58 -76.33 -83.26 -85.22
CA PRO MC 58 -75.10 -84.02 -84.95
C PRO MC 58 -74.58 -84.82 -86.14
N GLU MC 59 -75.34 -84.85 -87.22
CA GLU MC 59 -74.90 -85.59 -88.41
C GLU MC 59 -73.63 -84.96 -88.97
N ILE MC 60 -73.43 -83.69 -88.66
CA ILE MC 60 -72.28 -82.96 -89.17
C ILE MC 60 -70.95 -83.37 -88.55
N LYS MC 61 -70.96 -83.85 -87.31
CA LYS MC 61 -69.71 -84.24 -86.68
C LYS MC 61 -68.94 -85.22 -87.56
N ALA MC 62 -69.63 -85.75 -88.56
CA ALA MC 62 -69.02 -86.73 -89.46
C ALA MC 62 -67.89 -86.20 -90.33
N PRO MC 63 -68.19 -85.32 -91.30
CA PRO MC 63 -67.13 -84.79 -92.17
C PRO MC 63 -66.07 -83.98 -91.43
N PHE MC 64 -66.40 -83.49 -90.25
CA PHE MC 64 -65.47 -82.71 -89.48
C PHE MC 64 -64.58 -83.62 -88.67
N SER MC 65 -64.49 -84.87 -89.10
CA SER MC 65 -63.67 -85.86 -88.41
C SER MC 65 -62.20 -85.52 -88.50
N ARG MC 66 -61.80 -84.93 -89.60
CA ARG MC 66 -60.39 -84.56 -89.81
C ARG MC 66 -59.95 -83.46 -88.85
N VAL MC 67 -60.87 -82.55 -88.54
CA VAL MC 67 -60.60 -81.44 -87.63
C VAL MC 67 -61.30 -81.62 -86.28
N ARG MC 68 -61.06 -82.76 -85.63
CA ARG MC 68 -61.66 -83.08 -84.33
C ARG MC 68 -62.99 -82.35 -84.11
N GLY MC 69 -64.02 -82.78 -84.83
CA GLY MC 69 -65.32 -82.17 -84.71
C GLY MC 69 -66.07 -82.67 -83.49
N ASP MC 70 -65.56 -83.72 -82.87
CA ASP MC 70 -66.19 -84.25 -81.68
C ASP MC 70 -66.01 -83.25 -80.53
N ASN MC 71 -64.82 -82.67 -80.46
CA ASN MC 71 -64.48 -81.70 -79.42
C ASN MC 71 -64.28 -80.34 -80.07
N ILE MC 72 -65.34 -79.55 -80.18
CA ILE MC 72 -65.25 -78.24 -80.82
C ILE MC 72 -64.39 -77.24 -80.05
N TYR MC 73 -64.10 -77.54 -78.80
CA TYR MC 73 -63.29 -76.64 -78.01
C TYR MC 73 -61.79 -76.87 -78.25
N SER MC 74 -61.48 -77.97 -78.92
CA SER MC 74 -60.10 -78.32 -79.21
C SER MC 74 -59.45 -77.31 -80.13
N PRO MC 75 -58.12 -77.23 -80.10
CA PRO MC 75 -57.42 -76.29 -80.97
C PRO MC 75 -57.55 -76.71 -82.42
N GLU MC 76 -57.50 -78.02 -82.65
CA GLU MC 76 -57.62 -78.53 -84.00
C GLU MC 76 -58.88 -77.97 -84.64
N PHE MC 77 -60.01 -78.14 -83.97
CA PHE MC 77 -61.28 -77.65 -84.50
C PHE MC 77 -61.30 -76.13 -84.47
N GLY MC 78 -60.80 -75.55 -83.38
CA GLY MC 78 -60.76 -74.11 -83.25
C GLY MC 78 -60.14 -73.49 -84.49
N ALA MC 79 -59.02 -74.05 -84.89
CA ALA MC 79 -58.33 -73.57 -86.06
C ALA MC 79 -59.34 -73.58 -87.19
N HIS MC 80 -59.86 -74.76 -87.51
CA HIS MC 80 -60.85 -74.92 -88.56
C HIS MC 80 -61.89 -73.82 -88.48
N SER MC 81 -62.58 -73.79 -87.36
CA SER MC 81 -63.62 -72.80 -87.10
C SER MC 81 -63.22 -71.45 -87.67
N GLN MC 82 -62.04 -70.99 -87.29
CA GLN MC 82 -61.54 -69.71 -87.74
C GLN MC 82 -61.39 -69.66 -89.26
N ARG MC 83 -60.70 -70.65 -89.83
CA ARG MC 83 -60.49 -70.71 -91.27
C ARG MC 83 -61.80 -70.47 -91.98
N VAL MC 84 -62.86 -71.11 -91.47
CA VAL MC 84 -64.19 -71.00 -92.03
C VAL MC 84 -64.66 -69.57 -92.02
N LEU MC 85 -64.88 -69.07 -90.82
CA LEU MC 85 -65.32 -67.69 -90.67
C LEU MC 85 -64.53 -66.77 -91.57
N SER MC 86 -63.22 -66.96 -91.63
CA SER MC 86 -62.39 -66.12 -92.47
C SER MC 86 -62.88 -66.11 -93.91
N GLY MC 87 -63.10 -67.30 -94.47
CA GLY MC 87 -63.58 -67.40 -95.83
C GLY MC 87 -64.88 -66.63 -95.97
N LEU MC 88 -65.75 -66.79 -94.97
CA LEU MC 88 -67.01 -66.10 -94.96
C LEU MC 88 -66.72 -64.60 -95.02
N ASP MC 89 -65.70 -64.16 -94.29
CA ASP MC 89 -65.34 -62.76 -94.29
C ASP MC 89 -65.03 -62.34 -95.71
N ILE MC 90 -64.18 -63.12 -96.37
CA ILE MC 90 -63.81 -62.82 -97.73
C ILE MC 90 -65.04 -62.64 -98.59
N THR MC 91 -65.82 -63.71 -98.72
CA THR MC 91 -67.01 -63.64 -99.52
C THR MC 91 -67.77 -62.35 -99.23
N ILE MC 92 -68.09 -62.11 -97.96
CA ILE MC 92 -68.83 -60.90 -97.60
C ILE MC 92 -68.13 -59.63 -98.07
N SER MC 93 -66.80 -59.59 -97.94
CA SER MC 93 -66.10 -58.45 -98.43
C SER MC 93 -66.19 -58.42 -99.92
N MET MC 94 -66.24 -59.61 -100.56
CA MET MC 94 -66.01 -59.73 -101.96
C MET MC 94 -67.08 -58.99 -102.66
N LEU MC 95 -68.29 -59.16 -102.12
CA LEU MC 95 -69.48 -59.31 -102.91
C LEU MC 95 -69.79 -58.08 -103.70
N ASP MC 96 -69.47 -56.92 -103.12
CA ASP MC 96 -69.85 -55.63 -103.64
C ASP MC 96 -69.27 -55.50 -105.00
N THR MC 97 -67.98 -55.86 -105.16
CA THR MC 97 -67.40 -55.71 -106.45
C THR MC 97 -67.54 -57.04 -107.10
N PRO MC 98 -68.32 -57.04 -108.13
CA PRO MC 98 -68.77 -58.24 -108.85
C PRO MC 98 -67.68 -59.12 -109.45
N ASP MC 99 -66.69 -58.51 -110.11
CA ASP MC 99 -65.62 -59.29 -110.72
C ASP MC 99 -64.86 -60.18 -109.74
N MET MC 100 -64.69 -59.69 -108.52
CA MET MC 100 -63.99 -60.44 -107.49
C MET MC 100 -64.91 -61.51 -106.89
N LEU MC 101 -66.16 -61.16 -106.66
CA LEU MC 101 -67.12 -62.09 -106.10
C LEU MC 101 -67.31 -63.28 -107.04
N ALA MC 102 -67.67 -62.98 -108.28
CA ALA MC 102 -67.90 -64.02 -109.28
C ALA MC 102 -66.73 -64.99 -109.29
N ALA MC 103 -65.53 -64.44 -109.16
CA ALA MC 103 -64.33 -65.25 -109.15
C ALA MC 103 -64.21 -66.06 -107.86
N GLN MC 104 -64.32 -65.37 -106.74
CA GLN MC 104 -64.23 -65.98 -105.43
C GLN MC 104 -65.26 -67.08 -105.29
N LEU MC 105 -66.50 -66.78 -105.68
CA LEU MC 105 -67.54 -67.78 -105.59
C LEU MC 105 -67.17 -69.01 -106.41
N ALA MC 106 -66.76 -68.80 -107.65
CA ALA MC 106 -66.38 -69.91 -108.49
C ALA MC 106 -65.30 -70.74 -107.81
N HIS MC 107 -64.35 -70.07 -107.18
CA HIS MC 107 -63.26 -70.72 -106.47
C HIS MC 107 -63.79 -71.60 -105.33
N LEU MC 108 -64.80 -71.12 -104.62
CA LEU MC 108 -65.38 -71.87 -103.51
C LEU MC 108 -66.15 -73.07 -104.00
N LYS MC 109 -66.87 -72.91 -105.10
CA LYS MC 109 -67.67 -73.99 -105.66
C LYS MC 109 -66.80 -75.22 -105.88
N VAL MC 110 -65.59 -74.99 -106.39
CA VAL MC 110 -64.67 -76.09 -106.65
C VAL MC 110 -64.29 -76.83 -105.38
N GLN MC 111 -63.89 -76.10 -104.34
CA GLN MC 111 -63.51 -76.72 -103.10
C GLN MC 111 -64.63 -77.55 -102.49
N HIS MC 112 -65.83 -77.44 -103.04
CA HIS MC 112 -66.98 -78.17 -102.54
C HIS MC 112 -67.48 -79.28 -103.45
N VAL MC 113 -67.78 -78.95 -104.70
CA VAL MC 113 -68.27 -79.92 -105.67
C VAL MC 113 -67.63 -81.30 -105.54
N GLU MC 114 -66.31 -81.34 -105.32
CA GLU MC 114 -65.58 -82.58 -105.41
C GLU MC 114 -65.99 -83.51 -104.33
N ARG MC 115 -66.07 -83.01 -103.08
CA ARG MC 115 -66.43 -83.81 -101.96
C ARG MC 115 -67.91 -83.95 -102.02
N ASN MC 116 -68.47 -85.09 -101.57
CA ASN MC 116 -69.90 -85.05 -101.55
C ASN MC 116 -70.32 -84.37 -100.29
N LEU MC 117 -71.41 -83.58 -100.41
CA LEU MC 117 -71.94 -82.94 -99.24
C LEU MC 117 -73.40 -82.86 -99.34
N LYS MC 118 -73.99 -82.56 -98.17
CA LYS MC 118 -75.39 -82.32 -98.12
C LYS MC 118 -75.66 -80.89 -98.35
N PRO MC 119 -76.60 -80.75 -99.23
CA PRO MC 119 -77.01 -79.48 -99.71
C PRO MC 119 -77.62 -78.69 -98.61
N GLU MC 120 -78.46 -79.39 -97.81
CA GLU MC 120 -79.26 -78.82 -96.74
C GLU MC 120 -78.39 -78.35 -95.57
N PHE MC 121 -77.17 -78.88 -95.47
CA PHE MC 121 -76.24 -78.51 -94.41
C PHE MC 121 -76.04 -77.01 -94.40
N PHE MC 122 -75.83 -76.46 -95.59
CA PHE MC 122 -75.60 -75.04 -95.73
C PHE MC 122 -76.84 -74.26 -95.32
N ASP MC 123 -78.01 -74.77 -95.70
CA ASP MC 123 -79.25 -74.10 -95.33
C ASP MC 123 -79.31 -74.02 -93.82
N ILE MC 124 -78.67 -75.00 -93.17
CA ILE MC 124 -78.62 -75.07 -91.71
C ILE MC 124 -77.63 -74.03 -91.21
N PHE MC 125 -76.42 -74.10 -91.75
CA PHE MC 125 -75.37 -73.18 -91.39
C PHE MC 125 -75.92 -71.78 -91.40
N LEU MC 126 -76.57 -71.42 -92.50
CA LEU MC 126 -77.16 -70.09 -92.64
C LEU MC 126 -78.14 -69.78 -91.52
N LYS MC 127 -79.04 -70.73 -91.26
CA LYS MC 127 -80.03 -70.55 -90.21
C LYS MC 127 -79.36 -70.05 -88.94
N HIS MC 128 -78.31 -70.75 -88.50
CA HIS MC 128 -77.61 -70.37 -87.29
C HIS MC 128 -76.79 -69.10 -87.41
N LEU MC 129 -76.00 -68.97 -88.48
CA LEU MC 129 -75.21 -67.77 -88.64
C LEU MC 129 -76.09 -66.52 -88.40
N LEU MC 130 -77.35 -66.58 -88.85
CA LEU MC 130 -78.28 -65.47 -88.67
C LEU MC 130 -78.72 -65.42 -87.23
N HIS MC 131 -79.01 -66.58 -86.66
CA HIS MC 131 -79.46 -66.67 -85.28
C HIS MC 131 -78.41 -66.00 -84.40
N VAL MC 132 -77.15 -66.36 -84.61
CA VAL MC 132 -76.05 -65.81 -83.82
C VAL MC 132 -75.90 -64.31 -84.04
N LEU MC 133 -75.77 -63.89 -85.29
CA LEU MC 133 -75.63 -62.46 -85.56
C LEU MC 133 -76.80 -61.73 -84.91
N GLY MC 134 -77.95 -62.39 -84.87
CA GLY MC 134 -79.12 -61.81 -84.24
C GLY MC 134 -78.80 -61.40 -82.81
N ASP MC 135 -78.21 -62.33 -82.05
CA ASP MC 135 -77.84 -62.05 -80.67
C ASP MC 135 -76.83 -60.94 -80.64
N ARG MC 136 -75.71 -61.13 -81.34
CA ARG MC 136 -74.66 -60.14 -81.38
C ARG MC 136 -75.11 -58.72 -81.72
N LEU MC 137 -75.84 -58.59 -82.82
CA LEU MC 137 -76.28 -57.28 -83.27
C LEU MC 137 -77.53 -56.72 -82.59
N GLY MC 138 -78.39 -57.60 -82.12
CA GLY MC 138 -79.60 -57.14 -81.45
C GLY MC 138 -80.76 -56.89 -82.39
N THR MC 139 -81.53 -55.85 -82.13
CA THR MC 139 -82.69 -55.53 -82.95
C THR MC 139 -82.32 -54.78 -84.24
N HIS MC 140 -81.13 -54.19 -84.25
CA HIS MC 140 -80.67 -53.45 -85.41
C HIS MC 140 -80.39 -54.39 -86.57
N PHE MC 141 -80.05 -55.64 -86.23
CA PHE MC 141 -79.72 -56.66 -87.20
C PHE MC 141 -80.64 -56.64 -88.40
N ASP MC 142 -80.12 -56.32 -89.59
CA ASP MC 142 -80.94 -56.28 -90.77
C ASP MC 142 -81.08 -57.65 -91.39
N PHE MC 143 -81.97 -58.44 -90.80
CA PHE MC 143 -82.25 -59.80 -91.24
C PHE MC 143 -82.41 -59.81 -92.75
N GLY MC 144 -83.33 -59.00 -93.24
CA GLY MC 144 -83.57 -58.94 -94.66
C GLY MC 144 -82.29 -58.92 -95.45
N ALA MC 145 -81.51 -57.88 -95.26
CA ALA MC 145 -80.26 -57.73 -95.96
C ALA MC 145 -79.39 -58.97 -95.89
N TRP MC 146 -79.23 -59.53 -94.70
CA TRP MC 146 -78.39 -60.71 -94.57
C TRP MC 146 -78.93 -61.89 -95.34
N HIS MC 147 -80.18 -62.26 -95.06
CA HIS MC 147 -80.79 -63.38 -95.74
C HIS MC 147 -80.60 -63.27 -97.25
N ASP MC 148 -81.02 -62.15 -97.82
CA ASP MC 148 -80.88 -61.93 -99.26
C ASP MC 148 -79.42 -62.04 -99.67
N CYS MC 149 -78.52 -61.52 -98.85
CA CYS MC 149 -77.11 -61.51 -99.19
C CYS MC 149 -76.25 -62.73 -98.89
N VAL MC 150 -76.32 -63.27 -97.68
CA VAL MC 150 -75.53 -64.44 -97.36
C VAL MC 150 -76.02 -65.61 -98.16
N ASP MC 151 -77.32 -65.64 -98.44
CA ASP MC 151 -77.90 -66.72 -99.21
C ASP MC 151 -77.10 -66.87 -100.51
N GLN MC 152 -77.04 -65.78 -101.27
CA GLN MC 152 -76.31 -65.77 -102.53
C GLN MC 152 -74.93 -66.39 -102.39
N ILE MC 153 -74.32 -66.23 -101.23
CA ILE MC 153 -72.98 -66.77 -100.99
C ILE MC 153 -73.03 -68.26 -100.81
N ILE MC 154 -74.11 -68.75 -100.20
CA ILE MC 154 -74.24 -70.18 -99.97
C ILE MC 154 -74.50 -70.93 -101.26
N ASP MC 155 -75.50 -70.49 -102.01
CA ASP MC 155 -75.82 -71.16 -103.26
C ASP MC 155 -74.59 -71.34 -104.14
N GLY MC 156 -73.73 -70.30 -104.24
CA GLY MC 156 -72.65 -70.37 -105.19
C GLY MC 156 -71.75 -71.46 -104.72
N ILE MC 157 -71.60 -71.53 -103.38
CA ILE MC 157 -70.68 -72.49 -102.87
C ILE MC 157 -71.23 -73.84 -103.17
N LYS MC 158 -72.54 -74.03 -102.92
CA LYS MC 158 -73.12 -75.34 -102.93
C LYS MC 158 -73.23 -75.88 -104.35
N ASP NC 5 -87.04 -69.43 -31.96
CA ASP NC 5 -87.31 -68.11 -32.57
C ASP NC 5 -86.54 -67.99 -33.82
N CYS NC 6 -86.62 -66.84 -34.47
CA CYS NC 6 -86.02 -66.85 -35.74
C CYS NC 6 -84.66 -66.29 -35.56
N CYS NC 7 -83.83 -66.55 -36.53
CA CYS NC 7 -82.44 -66.34 -36.36
C CYS NC 7 -82.19 -64.98 -36.93
N SER NC 8 -81.21 -64.27 -36.35
CA SER NC 8 -80.82 -62.96 -36.77
C SER NC 8 -80.05 -63.13 -38.06
N TYR NC 9 -80.20 -62.13 -38.97
CA TYR NC 9 -79.67 -62.11 -40.33
C TYR NC 9 -78.18 -61.93 -40.22
N GLU NC 10 -77.72 -61.09 -39.30
CA GLU NC 10 -76.30 -60.87 -39.13
C GLU NC 10 -75.64 -62.19 -38.78
N ASP NC 11 -76.23 -62.90 -37.83
CA ASP NC 11 -75.69 -64.18 -37.41
C ASP NC 11 -75.60 -65.12 -38.58
N ARG NC 12 -76.62 -65.15 -39.41
CA ARG NC 12 -76.57 -66.02 -40.57
C ARG NC 12 -75.32 -65.67 -41.37
N ARG NC 13 -75.14 -64.38 -41.65
CA ARG NC 13 -73.98 -63.92 -42.40
C ARG NC 13 -72.71 -64.39 -41.70
N GLU NC 14 -72.66 -64.28 -40.39
CA GLU NC 14 -71.49 -64.71 -39.63
C GLU NC 14 -71.17 -66.17 -39.96
N ILE NC 15 -72.18 -67.01 -39.86
CA ILE NC 15 -72.00 -68.42 -40.14
C ILE NC 15 -71.67 -68.65 -41.61
N ARG NC 16 -72.45 -68.05 -42.50
CA ARG NC 16 -72.24 -68.23 -43.94
C ARG NC 16 -70.79 -67.99 -44.27
N HIS NC 17 -70.08 -67.38 -43.33
CA HIS NC 17 -68.65 -67.11 -43.50
C HIS NC 17 -67.84 -68.14 -42.71
N ILE NC 18 -68.15 -68.27 -41.43
CA ILE NC 18 -67.45 -69.23 -40.59
C ILE NC 18 -67.35 -70.58 -41.31
N TRP NC 19 -68.43 -70.97 -41.97
CA TRP NC 19 -68.45 -72.24 -42.66
C TRP NC 19 -67.41 -72.25 -43.79
N ASP NC 20 -67.42 -71.20 -44.61
CA ASP NC 20 -66.48 -71.11 -45.73
C ASP NC 20 -65.04 -71.33 -45.30
N ASP NC 21 -64.79 -71.44 -44.00
CA ASP NC 21 -63.43 -71.65 -43.53
C ASP NC 21 -63.20 -73.13 -43.21
N VAL NC 22 -64.26 -73.84 -42.82
CA VAL NC 22 -64.14 -75.26 -42.51
C VAL NC 22 -64.37 -76.06 -43.79
N TRP NC 23 -65.36 -75.65 -44.61
CA TRP NC 23 -65.65 -76.41 -45.79
C TRP NC 23 -64.45 -76.31 -46.62
N SER NC 24 -64.17 -75.06 -47.05
CA SER NC 24 -62.84 -74.72 -47.45
C SER NC 24 -62.71 -75.16 -48.89
N SER NC 25 -61.65 -75.93 -49.22
CA SER NC 25 -61.41 -76.37 -50.55
C SER NC 25 -62.40 -77.41 -50.94
N SER NC 26 -62.40 -77.77 -52.24
CA SER NC 26 -63.36 -78.65 -52.83
C SER NC 26 -62.97 -80.07 -52.60
N PHE NC 27 -61.89 -80.20 -51.82
CA PHE NC 27 -61.21 -81.40 -51.52
C PHE NC 27 -62.01 -82.25 -50.62
N THR NC 28 -61.96 -83.57 -50.81
CA THR NC 28 -62.50 -84.23 -49.64
C THR NC 28 -61.65 -84.15 -48.38
N ASP NC 29 -60.42 -84.63 -48.46
CA ASP NC 29 -59.49 -84.64 -47.33
C ASP NC 29 -59.87 -83.80 -46.11
N ARG NC 30 -59.91 -82.48 -46.26
CA ARG NC 30 -60.23 -81.60 -45.14
C ARG NC 30 -61.61 -81.86 -44.53
N ARG NC 31 -62.65 -81.56 -45.28
CA ARG NC 31 -64.01 -81.74 -44.79
C ARG NC 31 -64.17 -83.09 -44.10
N VAL NC 32 -63.54 -84.11 -44.65
CA VAL NC 32 -63.63 -85.44 -44.07
C VAL NC 32 -63.13 -85.43 -42.63
N ALA NC 33 -61.84 -85.15 -42.45
CA ALA NC 33 -61.25 -85.13 -41.14
C ALA NC 33 -62.10 -84.34 -40.13
N ILE NC 34 -62.68 -83.22 -40.55
CA ILE NC 34 -63.50 -82.43 -39.66
C ILE NC 34 -64.79 -83.14 -39.29
N VAL NC 35 -65.61 -83.49 -40.28
CA VAL NC 35 -66.87 -84.19 -40.00
C VAL NC 35 -66.59 -85.43 -39.18
N ARG NC 36 -65.48 -86.11 -39.46
CA ARG NC 36 -65.12 -87.31 -38.72
C ARG NC 36 -64.89 -86.87 -37.28
N ALA NC 37 -63.91 -86.00 -37.07
CA ALA NC 37 -63.60 -85.49 -35.75
C ALA NC 37 -64.85 -85.10 -35.01
N VAL NC 38 -65.89 -84.70 -35.74
CA VAL NC 38 -67.17 -84.32 -35.13
C VAL NC 38 -67.85 -85.56 -34.60
N PHE NC 39 -68.00 -86.56 -35.45
CA PHE NC 39 -68.63 -87.81 -35.06
C PHE NC 39 -67.89 -88.52 -33.91
N ASP NC 40 -66.56 -88.55 -33.99
CA ASP NC 40 -65.78 -89.19 -32.93
C ASP NC 40 -66.17 -88.61 -31.59
N ASP NC 41 -66.55 -87.33 -31.58
CA ASP NC 41 -66.95 -86.66 -30.34
C ASP NC 41 -68.39 -87.04 -29.99
N LEU NC 42 -69.16 -87.42 -31.00
CA LEU NC 42 -70.54 -87.80 -30.77
C LEU NC 42 -70.53 -89.18 -30.18
N PHE NC 43 -69.65 -90.04 -30.71
CA PHE NC 43 -69.56 -91.41 -30.22
C PHE NC 43 -68.90 -91.51 -28.86
N LYS NC 44 -67.96 -90.62 -28.57
CA LYS NC 44 -67.31 -90.69 -27.28
C LYS NC 44 -68.28 -90.27 -26.18
N HIS NC 45 -69.34 -89.56 -26.56
CA HIS NC 45 -70.33 -89.08 -25.60
C HIS NC 45 -71.66 -89.85 -25.61
N TYR NC 46 -72.08 -90.28 -26.79
CA TYR NC 46 -73.31 -91.06 -26.93
C TYR NC 46 -72.94 -92.30 -27.74
N PRO NC 47 -72.10 -93.17 -27.15
CA PRO NC 47 -71.63 -94.40 -27.79
C PRO NC 47 -72.71 -95.26 -28.43
N THR NC 48 -73.92 -95.16 -27.92
CA THR NC 48 -75.05 -95.93 -28.44
C THR NC 48 -75.23 -95.72 -29.94
N SER NC 49 -75.22 -94.46 -30.35
CA SER NC 49 -75.39 -94.07 -31.75
C SER NC 49 -74.45 -94.79 -32.70
N LYS NC 50 -73.24 -95.09 -32.26
CA LYS NC 50 -72.26 -95.76 -33.10
C LYS NC 50 -72.88 -96.85 -33.93
N ALA NC 51 -73.51 -97.81 -33.28
CA ALA NC 51 -74.16 -98.92 -33.97
C ALA NC 51 -74.98 -98.53 -35.20
N LEU NC 52 -75.70 -97.40 -35.13
CA LEU NC 52 -76.54 -96.92 -36.23
C LEU NC 52 -75.91 -96.89 -37.61
N PHE NC 53 -74.59 -96.74 -37.65
CA PHE NC 53 -73.88 -96.64 -38.92
C PHE NC 53 -73.15 -97.90 -39.39
N GLU NC 54 -73.62 -99.08 -38.98
CA GLU NC 54 -72.96 -100.30 -39.41
C GLU NC 54 -73.25 -100.46 -40.88
N ARG NC 55 -74.35 -99.85 -41.31
CA ARG NC 55 -74.77 -99.92 -42.71
C ARG NC 55 -73.72 -99.31 -43.63
N VAL NC 56 -72.98 -98.34 -43.12
CA VAL NC 56 -71.97 -97.68 -43.92
C VAL NC 56 -70.58 -98.17 -43.53
N LYS NC 57 -70.54 -99.17 -42.66
CA LYS NC 57 -69.27 -99.75 -42.22
C LYS NC 57 -68.37 -98.82 -41.40
N ILE NC 58 -68.83 -98.41 -40.24
CA ILE NC 58 -68.03 -97.55 -39.38
C ILE NC 58 -66.91 -98.36 -38.76
N ASP NC 59 -67.04 -99.68 -38.76
CA ASP NC 59 -66.02 -100.56 -38.19
C ASP NC 59 -64.76 -100.48 -39.03
N GLU NC 60 -64.90 -99.94 -40.24
CA GLU NC 60 -63.78 -99.75 -41.16
C GLU NC 60 -63.64 -98.26 -41.38
N PRO NC 61 -63.04 -97.54 -40.43
CA PRO NC 61 -62.86 -96.11 -40.55
C PRO NC 61 -62.39 -95.60 -41.90
N GLU NC 62 -61.31 -96.17 -42.42
CA GLU NC 62 -60.78 -95.73 -43.71
C GLU NC 62 -61.46 -96.42 -44.91
N SER NC 63 -62.50 -97.19 -44.62
CA SER NC 63 -63.24 -97.94 -45.63
C SER NC 63 -63.44 -97.24 -46.96
N GLY NC 64 -64.06 -96.07 -46.91
CA GLY NC 64 -64.35 -95.38 -48.14
C GLY NC 64 -65.84 -95.48 -48.30
N GLU NC 65 -66.39 -96.62 -47.92
CA GLU NC 65 -67.84 -96.81 -47.98
C GLU NC 65 -68.35 -95.86 -46.91
N PHE NC 66 -67.52 -95.69 -45.88
CA PHE NC 66 -67.79 -94.84 -44.74
C PHE NC 66 -67.32 -93.41 -45.00
N LYS NC 67 -66.11 -93.28 -45.52
CA LYS NC 67 -65.61 -91.96 -45.81
C LYS NC 67 -66.65 -91.24 -46.65
N SER NC 68 -67.06 -91.86 -47.74
CA SER NC 68 -68.04 -91.26 -48.62
C SER NC 68 -69.21 -90.78 -47.77
N HIS NC 69 -69.63 -91.62 -46.83
CA HIS NC 69 -70.74 -91.24 -45.96
C HIS NC 69 -70.44 -89.90 -45.31
N LEU NC 70 -69.36 -89.86 -44.54
CA LEU NC 70 -68.96 -88.64 -43.87
C LEU NC 70 -69.16 -87.46 -44.79
N VAL NC 71 -68.64 -87.57 -46.00
CA VAL NC 71 -68.78 -86.51 -46.97
C VAL NC 71 -70.25 -86.15 -47.20
N ARG NC 72 -71.09 -87.14 -47.46
CA ARG NC 72 -72.49 -86.87 -47.68
C ARG NC 72 -73.07 -86.07 -46.53
N VAL NC 73 -72.66 -86.40 -45.32
CA VAL NC 73 -73.13 -85.70 -44.13
C VAL NC 73 -72.63 -84.29 -44.25
N ALA NC 74 -71.34 -84.15 -44.43
CA ALA NC 74 -70.73 -82.84 -44.57
C ALA NC 74 -71.52 -82.07 -45.61
N ASN NC 75 -71.50 -82.54 -46.84
CA ASN NC 75 -72.22 -81.87 -47.91
C ASN NC 75 -73.68 -81.56 -47.57
N GLY NC 76 -74.31 -82.43 -46.81
CA GLY NC 76 -75.71 -82.17 -46.46
C GLY NC 76 -75.81 -80.95 -45.58
N LEU NC 77 -74.79 -80.74 -44.77
CA LEU NC 77 -74.73 -79.61 -43.87
C LEU NC 77 -74.42 -78.40 -44.74
N LYS NC 78 -73.44 -78.56 -45.61
CA LYS NC 78 -73.06 -77.51 -46.52
C LYS NC 78 -74.30 -77.00 -47.22
N LEU NC 79 -75.08 -77.92 -47.79
CA LEU NC 79 -76.29 -77.58 -48.51
C LEU NC 79 -77.22 -76.75 -47.65
N LEU NC 80 -77.31 -77.08 -46.37
CA LEU NC 80 -78.16 -76.33 -45.47
C LEU NC 80 -77.70 -74.89 -45.39
N ILE NC 81 -76.48 -74.72 -44.88
CA ILE NC 81 -75.89 -73.41 -44.72
C ILE NC 81 -76.02 -72.59 -46.01
N ASN NC 82 -75.65 -73.18 -47.11
CA ASN NC 82 -75.74 -72.50 -48.40
C ASN NC 82 -77.19 -72.29 -48.86
N LEU NC 83 -78.13 -72.39 -47.93
CA LEU NC 83 -79.52 -72.23 -48.27
C LEU NC 83 -80.11 -71.16 -47.36
N LEU NC 84 -79.33 -70.79 -46.33
CA LEU NC 84 -79.75 -69.78 -45.35
C LEU NC 84 -80.18 -68.45 -45.95
N ASP NC 85 -79.91 -68.23 -47.24
CA ASP NC 85 -80.33 -66.98 -47.88
C ASP NC 85 -81.60 -67.20 -48.70
N ASP NC 86 -82.02 -68.46 -48.84
CA ASP NC 86 -83.24 -68.76 -49.58
C ASP NC 86 -84.34 -69.39 -48.74
N THR NC 87 -84.43 -68.94 -47.49
CA THR NC 87 -85.44 -69.39 -46.52
C THR NC 87 -86.46 -70.44 -46.98
N LEU NC 88 -87.42 -70.04 -47.79
CA LEU NC 88 -88.45 -70.93 -48.28
C LEU NC 88 -87.98 -72.32 -48.72
N VAL NC 89 -86.88 -72.38 -49.46
CA VAL NC 89 -86.35 -73.64 -49.93
C VAL NC 89 -85.73 -74.36 -48.75
N LEU NC 90 -85.00 -73.63 -47.94
CA LEU NC 90 -84.37 -74.22 -46.77
C LEU NC 90 -85.44 -74.90 -45.93
N GLN NC 91 -86.54 -74.18 -45.70
CA GLN NC 91 -87.64 -74.69 -44.89
C GLN NC 91 -88.18 -76.02 -45.40
N SER NC 92 -88.12 -76.22 -46.71
CA SER NC 92 -88.59 -77.46 -47.29
C SER NC 92 -87.55 -78.55 -47.20
N HIS NC 93 -86.37 -78.32 -47.74
CA HIS NC 93 -85.32 -79.32 -47.68
C HIS NC 93 -85.06 -79.67 -46.24
N LEU NC 94 -85.29 -78.71 -45.35
CA LEU NC 94 -85.05 -78.96 -43.95
C LEU NC 94 -85.99 -80.05 -43.50
N GLY NC 95 -87.19 -80.05 -44.07
CA GLY NC 95 -88.17 -81.06 -43.70
C GLY NC 95 -87.73 -82.37 -44.29
N HIS NC 96 -87.48 -82.35 -45.59
CA HIS NC 96 -87.03 -83.52 -46.32
C HIS NC 96 -85.86 -84.16 -45.58
N LEU NC 97 -85.03 -83.34 -44.96
CA LEU NC 97 -83.87 -83.84 -44.23
C LEU NC 97 -84.31 -84.54 -42.97
N ALA NC 98 -85.47 -84.16 -42.45
CA ALA NC 98 -86.01 -84.79 -41.26
C ALA NC 98 -86.49 -86.18 -41.65
N ASP NC 99 -87.40 -86.22 -42.63
CA ASP NC 99 -87.95 -87.48 -43.10
C ASP NC 99 -86.88 -88.54 -43.38
N GLN NC 100 -85.71 -88.11 -43.87
CA GLN NC 100 -84.65 -89.05 -44.16
C GLN NC 100 -84.05 -89.61 -42.90
N HIS NC 101 -84.39 -89.03 -41.76
CA HIS NC 101 -83.87 -89.50 -40.50
C HIS NC 101 -84.96 -90.14 -39.65
N ILE NC 102 -86.21 -89.87 -39.99
CA ILE NC 102 -87.30 -90.45 -39.22
C ILE NC 102 -87.41 -91.89 -39.65
N GLN NC 103 -87.20 -92.15 -40.93
CA GLN NC 103 -87.28 -93.51 -41.45
C GLN NC 103 -86.03 -94.30 -41.09
N ARG NC 104 -85.10 -93.67 -40.41
CA ARG NC 104 -83.88 -94.34 -39.97
C ARG NC 104 -84.13 -94.74 -38.54
N LYS NC 105 -84.60 -95.97 -38.38
CA LYS NC 105 -84.93 -96.52 -37.06
C LYS NC 105 -83.75 -96.48 -36.09
N GLY NC 106 -83.96 -95.85 -34.94
CA GLY NC 106 -82.92 -95.77 -33.93
C GLY NC 106 -82.34 -94.38 -33.71
N VAL NC 107 -82.77 -93.41 -34.52
CA VAL NC 107 -82.27 -92.06 -34.40
C VAL NC 107 -83.10 -91.25 -33.43
N THR NC 108 -82.53 -90.94 -32.27
CA THR NC 108 -83.23 -90.16 -31.22
C THR NC 108 -83.14 -88.64 -31.38
N LYS NC 109 -84.00 -87.94 -30.66
CA LYS NC 109 -84.02 -86.49 -30.70
C LYS NC 109 -82.75 -86.07 -29.98
N GLU NC 110 -82.29 -86.94 -29.10
CA GLU NC 110 -81.10 -86.69 -28.31
C GLU NC 110 -79.82 -86.72 -29.12
N TYR NC 111 -79.62 -87.77 -29.90
CA TYR NC 111 -78.42 -87.88 -30.71
C TYR NC 111 -78.14 -86.59 -31.46
N PHE NC 112 -79.19 -85.91 -31.91
CA PHE NC 112 -79.01 -84.66 -32.62
C PHE NC 112 -78.48 -83.58 -31.69
N ARG NC 113 -79.14 -83.38 -30.56
CA ARG NC 113 -78.67 -82.37 -29.62
C ARG NC 113 -77.23 -82.73 -29.29
N GLY NC 114 -76.88 -84.00 -29.46
CA GLY NC 114 -75.53 -84.44 -29.18
C GLY NC 114 -74.49 -84.07 -30.23
N ILE NC 115 -74.87 -84.19 -31.50
CA ILE NC 115 -73.95 -83.86 -32.58
C ILE NC 115 -73.82 -82.36 -32.60
N GLY NC 116 -74.81 -81.67 -32.06
CA GLY NC 116 -74.77 -80.22 -32.03
C GLY NC 116 -73.65 -79.79 -31.11
N GLU NC 117 -73.56 -80.47 -29.97
CA GLU NC 117 -72.52 -80.18 -29.00
C GLU NC 117 -71.21 -80.49 -29.69
N ALA NC 118 -71.19 -81.59 -30.43
CA ALA NC 118 -69.99 -82.02 -31.15
C ALA NC 118 -69.34 -80.86 -31.93
N PHE NC 119 -70.05 -80.31 -32.92
CA PHE NC 119 -69.51 -79.20 -33.69
C PHE NC 119 -69.00 -78.08 -32.82
N ALA NC 120 -69.84 -77.66 -31.87
CA ALA NC 120 -69.51 -76.58 -30.95
C ALA NC 120 -68.22 -76.84 -30.17
N ARG NC 121 -67.68 -78.04 -30.26
CA ARG NC 121 -66.46 -78.40 -29.56
C ARG NC 121 -65.34 -78.63 -30.56
N VAL NC 122 -65.71 -79.03 -31.78
CA VAL NC 122 -64.74 -79.28 -32.83
C VAL NC 122 -64.39 -78.03 -33.59
N LEU NC 123 -65.38 -77.45 -34.26
CA LEU NC 123 -65.15 -76.25 -35.04
C LEU NC 123 -64.23 -75.22 -34.39
N PRO NC 124 -64.50 -74.82 -33.15
CA PRO NC 124 -63.63 -73.85 -32.51
C PRO NC 124 -62.15 -74.26 -32.46
N GLN NC 125 -61.85 -75.48 -32.93
CA GLN NC 125 -60.48 -75.98 -32.93
C GLN NC 125 -59.88 -76.06 -34.33
N VAL NC 126 -60.74 -76.16 -35.33
CA VAL NC 126 -60.26 -76.25 -36.71
C VAL NC 126 -60.09 -74.90 -37.37
N LEU NC 127 -60.66 -73.87 -36.76
CA LEU NC 127 -60.53 -72.52 -37.31
C LEU NC 127 -60.65 -71.50 -36.20
N SER NC 128 -60.02 -70.35 -36.38
CA SER NC 128 -60.08 -69.31 -35.38
C SER NC 128 -61.18 -68.37 -35.79
N CYS NC 129 -61.55 -67.48 -34.88
CA CYS NC 129 -62.61 -66.50 -35.16
C CYS NC 129 -63.92 -67.22 -35.38
N PHE NC 130 -64.27 -68.11 -34.45
CA PHE NC 130 -65.50 -68.86 -34.54
C PHE NC 130 -66.49 -68.30 -33.56
N ASN NC 131 -67.60 -67.78 -34.07
CA ASN NC 131 -68.61 -67.20 -33.20
C ASN NC 131 -69.51 -68.30 -32.64
N VAL NC 132 -68.94 -69.14 -31.77
CA VAL NC 132 -69.66 -70.25 -31.18
C VAL NC 132 -71.13 -69.98 -30.92
N ASP NC 133 -71.44 -68.83 -30.34
CA ASP NC 133 -72.83 -68.50 -30.04
C ASP NC 133 -73.66 -68.43 -31.31
N ALA NC 134 -73.25 -67.57 -32.24
CA ALA NC 134 -73.97 -67.40 -33.49
C ALA NC 134 -74.19 -68.75 -34.16
N TRP NC 135 -73.14 -69.57 -34.19
CA TRP NC 135 -73.25 -70.88 -34.80
C TRP NC 135 -74.33 -71.60 -34.03
N ASN NC 136 -74.08 -71.81 -32.74
CA ASN NC 136 -75.04 -72.50 -31.88
C ASN NC 136 -76.47 -72.06 -32.16
N ARG NC 137 -76.72 -70.76 -32.17
CA ARG NC 137 -78.08 -70.30 -32.41
C ARG NC 137 -78.69 -70.86 -33.69
N CYS NC 138 -78.12 -70.54 -34.85
CA CYS NC 138 -78.65 -71.02 -36.09
C CYS NC 138 -78.56 -72.51 -36.29
N PHE NC 139 -77.65 -73.17 -35.59
CA PHE NC 139 -77.55 -74.61 -35.75
C PHE NC 139 -78.74 -75.23 -35.06
N HIS NC 140 -79.12 -74.68 -33.91
CA HIS NC 140 -80.26 -75.20 -33.16
C HIS NC 140 -81.53 -75.07 -33.97
N ARG NC 141 -81.75 -73.89 -34.55
CA ARG NC 141 -82.94 -73.69 -35.35
C ARG NC 141 -82.98 -74.78 -36.43
N LEU NC 142 -81.84 -75.08 -37.03
CA LEU NC 142 -81.78 -76.13 -38.06
C LEU NC 142 -82.08 -77.52 -37.51
N VAL NC 143 -81.45 -77.85 -36.38
CA VAL NC 143 -81.65 -79.15 -35.74
C VAL NC 143 -83.09 -79.33 -35.30
N ALA NC 144 -83.60 -78.38 -34.53
CA ALA NC 144 -84.97 -78.44 -34.05
C ALA NC 144 -85.91 -78.94 -35.15
N ARG NC 145 -85.94 -78.23 -36.26
CA ARG NC 145 -86.82 -78.62 -37.35
C ARG NC 145 -86.51 -79.99 -37.91
N ILE NC 146 -85.24 -80.41 -37.87
CA ILE NC 146 -84.89 -81.73 -38.41
C ILE NC 146 -85.39 -82.88 -37.56
N ALA NC 147 -85.25 -82.69 -36.27
CA ALA NC 147 -85.76 -83.63 -35.35
C ALA NC 147 -87.18 -83.65 -35.69
N LYS NC 148 -87.76 -82.47 -36.03
CA LYS NC 148 -88.87 -81.88 -35.34
C LYS NC 148 -90.09 -82.74 -35.39
N ASP NC 149 -90.30 -83.40 -36.55
CA ASP NC 149 -91.33 -84.37 -36.87
C ASP NC 149 -91.18 -85.56 -36.04
N LEU NC 150 -89.90 -85.96 -35.94
CA LEU NC 150 -89.53 -87.19 -35.41
C LEU NC 150 -90.06 -87.17 -34.06
N PRO NC 151 -90.02 -86.12 -33.32
CA PRO NC 151 -90.70 -86.51 -32.16
C PRO NC 151 -91.96 -85.71 -32.00
N LYS OC 1 -41.79 -76.60 -25.67
CA LYS OC 1 -42.99 -75.95 -25.12
C LYS OC 1 -44.11 -76.77 -25.60
N LYS OC 2 -44.52 -76.39 -26.82
CA LYS OC 2 -45.54 -77.06 -27.52
C LYS OC 2 -44.87 -77.89 -28.55
N GLN OC 3 -45.29 -79.16 -28.55
CA GLN OC 3 -44.89 -80.19 -29.45
C GLN OC 3 -46.08 -80.26 -30.35
N CYS OC 4 -45.96 -80.71 -31.61
CA CYS OC 4 -46.97 -80.19 -32.47
C CYS OC 4 -47.88 -81.28 -32.92
N GLY OC 5 -49.02 -80.89 -33.54
CA GLY OC 5 -50.12 -81.79 -33.70
C GLY OC 5 -50.86 -81.40 -34.95
N VAL OC 6 -51.83 -82.26 -35.35
CA VAL OC 6 -52.44 -82.27 -36.65
C VAL OC 6 -53.10 -80.96 -36.92
N LEU OC 7 -54.07 -80.59 -36.03
CA LEU OC 7 -54.72 -79.31 -36.26
C LEU OC 7 -53.76 -78.13 -36.26
N GLU OC 8 -53.04 -77.94 -35.14
CA GLU OC 8 -52.09 -76.84 -35.04
C GLU OC 8 -51.20 -76.79 -36.25
N GLY OC 9 -51.05 -77.93 -36.91
CA GLY OC 9 -50.26 -77.97 -38.12
C GLY OC 9 -51.05 -77.27 -39.22
N LEU OC 10 -52.23 -77.80 -39.49
CA LEU OC 10 -53.10 -77.24 -40.51
C LEU OC 10 -53.21 -75.73 -40.36
N LYS OC 11 -53.31 -75.25 -39.13
CA LYS OC 11 -53.41 -73.82 -38.91
C LYS OC 11 -52.14 -73.12 -39.38
N VAL OC 12 -50.99 -73.52 -38.87
CA VAL OC 12 -49.75 -72.90 -39.28
C VAL OC 12 -49.57 -73.03 -40.78
N LYS OC 13 -49.78 -74.23 -41.30
CA LYS OC 13 -49.63 -74.46 -42.74
C LYS OC 13 -50.44 -73.47 -43.57
N SER OC 14 -51.64 -73.15 -43.09
CA SER OC 14 -52.52 -72.22 -43.76
C SER OC 14 -52.03 -70.78 -43.59
N GLU OC 15 -51.84 -70.37 -42.34
CA GLU OC 15 -51.38 -69.02 -42.04
C GLU OC 15 -50.06 -68.73 -42.73
N TRP OC 16 -49.20 -69.72 -42.80
CA TRP OC 16 -47.93 -69.52 -43.45
C TRP OC 16 -48.20 -69.17 -44.89
N GLY OC 17 -49.20 -69.81 -45.47
CA GLY OC 17 -49.53 -69.53 -46.86
C GLY OC 17 -49.74 -68.06 -47.11
N ARG OC 18 -50.47 -67.43 -46.20
CA ARG OC 18 -50.77 -66.01 -46.31
C ARG OC 18 -49.56 -65.14 -46.03
N ALA OC 19 -48.79 -65.45 -44.98
CA ALA OC 19 -47.62 -64.67 -44.62
C ALA OC 19 -46.48 -64.76 -45.64
N TYR OC 20 -46.26 -65.96 -46.16
CA TYR OC 20 -45.20 -66.18 -47.13
C TYR OC 20 -45.47 -65.33 -48.34
N GLY OC 21 -46.63 -65.54 -48.96
CA GLY OC 21 -46.96 -64.76 -50.12
C GLY OC 21 -46.02 -65.05 -51.28
N SER OC 22 -45.86 -64.08 -52.18
CA SER OC 22 -44.99 -64.27 -53.34
C SER OC 22 -44.46 -62.97 -53.92
N GLY OC 23 -43.62 -63.10 -54.96
CA GLY OC 23 -43.04 -61.94 -55.60
C GLY OC 23 -42.15 -61.09 -54.71
N HIS OC 24 -42.51 -59.81 -54.59
CA HIS OC 24 -41.75 -58.89 -53.76
C HIS OC 24 -42.05 -59.11 -52.29
N ASP OC 25 -43.32 -59.27 -51.96
CA ASP OC 25 -43.70 -59.49 -50.57
C ASP OC 25 -42.74 -60.51 -50.01
N ARG OC 26 -42.41 -61.52 -50.81
CA ARG OC 26 -41.51 -62.58 -50.39
C ARG OC 26 -40.10 -62.04 -50.20
N GLU OC 27 -39.55 -61.48 -51.26
CA GLU OC 27 -38.20 -60.92 -51.20
C GLU OC 27 -38.02 -60.02 -49.96
N ALA OC 28 -39.12 -59.46 -49.46
CA ALA OC 28 -39.07 -58.59 -48.29
C ALA OC 28 -39.31 -59.43 -47.05
N PHE OC 29 -40.39 -60.20 -47.06
CA PHE OC 29 -40.72 -61.07 -45.94
C PHE OC 29 -39.44 -61.71 -45.44
N SER OC 30 -38.67 -62.29 -46.34
CA SER OC 30 -37.40 -62.92 -45.97
C SER OC 30 -36.43 -61.86 -45.44
N GLN OC 31 -36.28 -60.79 -46.21
CA GLN OC 31 -35.44 -59.68 -45.80
C GLN OC 31 -35.71 -59.33 -44.33
N ALA OC 32 -36.96 -58.94 -44.04
CA ALA OC 32 -37.37 -58.55 -42.71
C ALA OC 32 -36.94 -59.57 -41.69
N ILE OC 33 -37.25 -60.83 -41.95
CA ILE OC 33 -36.91 -61.92 -41.05
C ILE OC 33 -35.43 -61.96 -40.72
N TRP OC 34 -34.58 -61.95 -41.75
CA TRP OC 34 -33.15 -61.97 -41.49
C TRP OC 34 -32.66 -60.77 -40.71
N ARG OC 35 -33.16 -59.59 -41.05
CA ARG OC 35 -32.76 -58.39 -40.34
C ARG OC 35 -33.08 -58.55 -38.87
N ALA OC 36 -34.24 -59.10 -38.58
CA ALA OC 36 -34.66 -59.32 -37.21
C ALA OC 36 -33.74 -60.36 -36.55
N THR OC 37 -33.33 -61.37 -37.30
CA THR OC 37 -32.46 -62.41 -36.75
C THR OC 37 -31.11 -61.82 -36.39
N PHE OC 38 -30.45 -61.25 -37.39
CA PHE OC 38 -29.13 -60.67 -37.18
C PHE OC 38 -29.13 -59.59 -36.12
N ALA OC 39 -30.23 -58.85 -36.02
CA ALA OC 39 -30.30 -57.80 -35.04
C ALA OC 39 -30.23 -58.39 -33.64
N GLN OC 40 -30.77 -59.60 -33.51
CA GLN OC 40 -30.77 -60.28 -32.22
C GLN OC 40 -29.41 -60.83 -31.87
N VAL OC 41 -28.82 -61.56 -32.81
CA VAL OC 41 -27.51 -62.16 -32.59
C VAL OC 41 -26.52 -61.78 -33.67
N PRO OC 42 -25.98 -60.55 -33.60
CA PRO OC 42 -25.03 -60.11 -34.62
C PRO OC 42 -23.88 -61.10 -34.79
N GLU OC 43 -23.61 -61.88 -33.75
CA GLU OC 43 -22.54 -62.87 -33.79
C GLU OC 43 -22.68 -63.78 -34.99
N SER OC 44 -23.91 -64.18 -35.28
CA SER OC 44 -24.22 -65.10 -36.38
C SER OC 44 -23.89 -64.61 -37.79
N ARG OC 45 -23.71 -63.32 -37.98
CA ARG OC 45 -23.39 -62.85 -39.32
C ARG OC 45 -22.18 -63.57 -39.87
N SER OC 46 -21.25 -63.93 -38.99
CA SER OC 46 -20.02 -64.62 -39.39
C SER OC 46 -20.22 -65.92 -40.14
N LEU OC 47 -21.33 -66.60 -39.92
CA LEU OC 47 -21.60 -67.87 -40.59
C LEU OC 47 -21.98 -67.72 -42.05
N PHE OC 48 -22.60 -66.59 -42.39
CA PHE OC 48 -23.01 -66.35 -43.75
C PHE OC 48 -22.04 -65.44 -44.46
N LYS OC 49 -20.78 -65.53 -44.09
CA LYS OC 49 -19.75 -64.70 -44.71
C LYS OC 49 -19.62 -65.13 -46.16
N ARG OC 50 -19.94 -66.38 -46.42
CA ARG OC 50 -19.83 -66.95 -47.75
C ARG OC 50 -20.86 -66.38 -48.73
N VAL OC 51 -22.01 -66.02 -48.20
CA VAL OC 51 -23.08 -65.49 -49.02
C VAL OC 51 -23.42 -64.05 -48.61
N HIS OC 52 -22.38 -63.22 -48.62
CA HIS OC 52 -22.52 -61.81 -48.26
C HIS OC 52 -23.50 -61.55 -47.12
N GLY OC 53 -23.16 -62.03 -45.94
CA GLY OC 53 -23.99 -61.82 -44.79
C GLY OC 53 -23.76 -60.41 -44.25
N ASP OC 54 -22.68 -59.81 -44.69
CA ASP OC 54 -22.36 -58.46 -44.25
C ASP OC 54 -23.43 -57.47 -44.72
N ASP OC 55 -23.90 -57.63 -45.94
CA ASP OC 55 -24.92 -56.74 -46.49
C ASP OC 55 -26.17 -57.52 -46.84
N THR OC 56 -27.14 -57.49 -45.93
CA THR OC 56 -28.39 -58.18 -46.09
C THR OC 56 -29.11 -57.89 -47.42
N SER OC 57 -28.78 -56.77 -48.07
CA SER OC 57 -29.41 -56.36 -49.33
C SER OC 57 -28.65 -56.79 -50.60
N HIS OC 58 -27.55 -57.51 -50.42
CA HIS OC 58 -26.75 -57.98 -51.55
C HIS OC 58 -27.45 -59.14 -52.22
N PRO OC 59 -27.56 -59.11 -53.55
CA PRO OC 59 -28.22 -60.19 -54.27
C PRO OC 59 -27.87 -61.59 -53.77
N ALA OC 60 -26.59 -61.84 -53.55
CA ALA OC 60 -26.15 -63.14 -53.09
C ALA OC 60 -26.94 -63.56 -51.88
N PHE OC 61 -27.03 -62.65 -50.92
CA PHE OC 61 -27.76 -62.92 -49.68
C PHE OC 61 -29.25 -62.98 -49.94
N ILE OC 62 -29.76 -62.11 -50.80
CA ILE OC 62 -31.19 -62.08 -51.13
C ILE OC 62 -31.57 -63.46 -51.59
N ALA OC 63 -30.72 -64.02 -52.44
CA ALA OC 63 -30.93 -65.35 -52.96
C ALA OC 63 -30.97 -66.26 -51.76
N HIS OC 64 -29.88 -66.29 -51.02
CA HIS OC 64 -29.77 -67.13 -49.82
C HIS OC 64 -31.05 -67.10 -49.00
N ALA OC 65 -31.47 -65.91 -48.61
CA ALA OC 65 -32.68 -65.76 -47.82
C ALA OC 65 -33.85 -66.41 -48.49
N ASP OC 66 -34.20 -65.94 -49.68
CA ASP OC 66 -35.32 -66.48 -50.43
C ASP OC 66 -35.16 -68.01 -50.55
N ARG OC 67 -33.91 -68.48 -50.51
CA ARG OC 67 -33.60 -69.91 -50.63
C ARG OC 67 -33.88 -70.65 -49.34
N VAL OC 68 -33.63 -69.98 -48.23
CA VAL OC 68 -33.85 -70.56 -46.92
C VAL OC 68 -35.32 -70.73 -46.67
N LEU OC 69 -36.08 -69.64 -46.79
CA LEU OC 69 -37.51 -69.69 -46.60
C LEU OC 69 -38.04 -70.86 -47.41
N GLY OC 70 -37.45 -71.04 -48.60
CA GLY OC 70 -37.87 -72.14 -49.47
C GLY OC 70 -37.95 -73.44 -48.70
N GLY OC 71 -36.88 -73.80 -48.02
CA GLY OC 71 -36.89 -75.02 -47.25
C GLY OC 71 -37.99 -74.98 -46.20
N LEU OC 72 -37.99 -73.91 -45.40
CA LEU OC 72 -39.00 -73.75 -44.37
C LEU OC 72 -40.37 -73.98 -44.98
N ASP OC 73 -40.55 -73.58 -46.24
CA ASP OC 73 -41.83 -73.80 -46.91
C ASP OC 73 -42.06 -75.30 -46.95
N ILE OC 74 -41.20 -76.00 -47.66
CA ILE OC 74 -41.33 -77.44 -47.76
C ILE OC 74 -41.66 -78.06 -46.40
N ALA OC 75 -40.92 -77.65 -45.37
CA ALA OC 75 -41.15 -78.16 -44.03
C ALA OC 75 -42.59 -77.96 -43.62
N ILE OC 76 -42.97 -76.70 -43.41
CA ILE OC 76 -44.33 -76.36 -43.03
C ILE OC 76 -45.35 -77.02 -43.97
N SER OC 77 -45.16 -76.85 -45.30
CA SER OC 77 -46.14 -77.33 -46.19
C SER OC 77 -46.21 -78.83 -46.14
N THR OC 78 -45.06 -79.54 -45.96
CA THR OC 78 -45.09 -80.98 -45.99
C THR OC 78 -45.76 -81.56 -44.76
N LEU OC 79 -45.59 -80.88 -43.61
CA LEU OC 79 -45.62 -81.39 -42.26
C LEU OC 79 -46.94 -81.99 -41.91
N ASP OC 80 -47.99 -81.56 -42.64
CA ASP OC 80 -49.32 -81.96 -42.28
C ASP OC 80 -49.31 -83.46 -42.18
N GLN OC 81 -48.91 -84.13 -43.28
CA GLN OC 81 -48.82 -85.55 -43.27
C GLN OC 81 -47.43 -85.93 -42.84
N PRO OC 82 -47.46 -86.79 -41.83
CA PRO OC 82 -46.32 -87.31 -41.08
C PRO OC 82 -45.36 -88.12 -41.95
N ALA OC 83 -45.91 -88.97 -42.79
CA ALA OC 83 -45.10 -89.79 -43.67
C ALA OC 83 -44.06 -88.98 -44.42
N THR OC 84 -44.55 -88.03 -45.22
CA THR OC 84 -43.70 -87.17 -46.02
C THR OC 84 -42.84 -86.24 -45.18
N LEU OC 85 -43.47 -85.47 -44.32
CA LEU OC 85 -42.73 -84.55 -43.46
C LEU OC 85 -41.50 -85.26 -42.92
N LYS OC 86 -41.73 -86.41 -42.31
CA LYS OC 86 -40.68 -87.22 -41.75
C LYS OC 86 -39.49 -87.18 -42.68
N GLU OC 87 -39.73 -87.53 -43.94
CA GLU OC 87 -38.69 -87.55 -44.94
C GLU OC 87 -37.98 -86.22 -45.09
N GLU OC 88 -38.73 -85.15 -45.39
CA GLU OC 88 -38.12 -83.84 -45.56
C GLU OC 88 -37.26 -83.49 -44.37
N LEU OC 89 -37.82 -83.63 -43.17
CA LEU OC 89 -37.06 -83.31 -41.98
C LEU OC 89 -35.77 -84.11 -41.98
N ASP OC 90 -35.90 -85.42 -42.18
CA ASP OC 90 -34.72 -86.28 -42.20
C ASP OC 90 -33.69 -85.77 -43.20
N HIS OC 91 -34.17 -85.39 -44.38
CA HIS OC 91 -33.30 -84.88 -45.43
C HIS OC 91 -32.54 -83.69 -44.88
N LEU OC 92 -33.26 -82.75 -44.29
CA LEU OC 92 -32.62 -81.57 -43.73
C LEU OC 92 -31.62 -81.99 -42.68
N GLN OC 93 -32.08 -82.83 -41.77
CA GLN OC 93 -31.24 -83.33 -40.68
C GLN OC 93 -29.84 -83.60 -41.18
N VAL OC 94 -29.75 -84.24 -42.33
CA VAL OC 94 -28.47 -84.58 -42.92
C VAL OC 94 -27.67 -83.36 -43.35
N GLN OC 95 -28.29 -82.48 -44.12
CA GLN OC 95 -27.61 -81.29 -44.60
C GLN OC 95 -27.08 -80.46 -43.45
N HIS OC 96 -27.51 -80.78 -42.23
CA HIS OC 96 -27.06 -80.03 -41.05
C HIS OC 96 -26.12 -80.76 -40.10
N GLU OC 97 -26.28 -82.05 -40.07
CA GLU OC 97 -25.62 -82.81 -39.03
C GLU OC 97 -24.15 -82.81 -39.36
N GLY OC 98 -23.30 -82.62 -38.34
CA GLY OC 98 -21.89 -82.63 -38.54
C GLY OC 98 -21.40 -81.28 -38.14
N ARG OC 99 -22.28 -80.28 -38.25
CA ARG OC 99 -21.88 -78.90 -38.27
C ARG OC 99 -22.33 -78.30 -37.00
N LYS OC 100 -21.45 -77.57 -36.31
CA LYS OC 100 -21.98 -77.11 -35.08
C LYS OC 100 -22.78 -75.88 -35.37
N ILE OC 101 -24.04 -75.83 -34.89
CA ILE OC 101 -24.84 -74.62 -34.80
C ILE OC 101 -25.59 -74.63 -33.53
N PRO OC 102 -25.28 -73.68 -32.75
CA PRO OC 102 -25.78 -73.54 -31.43
C PRO OC 102 -27.25 -73.39 -31.51
N ASP OC 103 -27.90 -73.76 -30.43
CA ASP OC 103 -29.35 -73.69 -30.30
C ASP OC 103 -29.76 -72.24 -30.03
N ASN OC 104 -28.76 -71.43 -29.69
CA ASN OC 104 -28.95 -70.03 -29.41
C ASN OC 104 -29.48 -69.31 -30.64
N TYR OC 105 -28.84 -69.53 -31.79
CA TYR OC 105 -29.24 -68.89 -33.04
C TYR OC 105 -30.63 -69.33 -33.49
N PHE OC 106 -30.85 -70.63 -33.61
CA PHE OC 106 -32.14 -71.12 -34.04
C PHE OC 106 -33.22 -70.43 -33.27
N ASP OC 107 -33.01 -70.24 -31.97
CA ASP OC 107 -33.98 -69.58 -31.13
C ASP OC 107 -34.31 -68.20 -31.70
N ALA OC 108 -33.27 -67.41 -31.95
CA ALA OC 108 -33.45 -66.07 -32.49
C ALA OC 108 -34.18 -66.10 -33.83
N PHE OC 109 -33.74 -66.98 -34.71
CA PHE OC 109 -34.35 -67.09 -36.01
C PHE OC 109 -35.84 -67.41 -35.90
N LYS OC 110 -36.23 -68.19 -34.90
CA LYS OC 110 -37.63 -68.53 -34.72
C LYS OC 110 -38.33 -67.24 -34.34
N THR OC 111 -37.83 -66.61 -33.30
CA THR OC 111 -38.40 -65.36 -32.84
C THR OC 111 -38.58 -64.45 -34.04
N ALA OC 112 -37.53 -64.27 -34.82
CA ALA OC 112 -37.61 -63.41 -35.99
C ALA OC 112 -38.85 -63.78 -36.80
N ILE OC 113 -38.86 -65.01 -37.33
CA ILE OC 113 -39.99 -65.50 -38.12
C ILE OC 113 -41.29 -65.11 -37.47
N LEU OC 114 -41.47 -65.52 -36.21
CA LEU OC 114 -42.70 -65.21 -35.51
C LEU OC 114 -43.08 -63.73 -35.54
N HIS OC 115 -42.16 -62.86 -35.15
CA HIS OC 115 -42.46 -61.44 -35.13
C HIS OC 115 -42.84 -60.92 -36.49
N VAL OC 116 -42.09 -61.31 -37.51
CA VAL OC 116 -42.42 -60.85 -38.86
C VAL OC 116 -43.79 -61.40 -39.28
N VAL OC 117 -43.98 -62.71 -39.19
CA VAL OC 117 -45.25 -63.31 -39.55
C VAL OC 117 -46.38 -62.56 -38.88
N ALA OC 118 -46.25 -62.31 -37.59
CA ALA OC 118 -47.29 -61.61 -36.86
C ALA OC 118 -47.53 -60.24 -37.47
N ALA OC 119 -46.44 -59.57 -37.86
CA ALA OC 119 -46.56 -58.26 -38.45
C ALA OC 119 -47.26 -58.35 -39.77
N GLN OC 120 -47.01 -59.43 -40.50
CA GLN OC 120 -47.62 -59.62 -41.81
C GLN OC 120 -49.09 -60.05 -41.79
N LEU OC 121 -49.47 -60.90 -40.85
CA LEU OC 121 -50.84 -61.39 -40.80
C LEU OC 121 -51.83 -60.48 -40.09
N GLY OC 122 -51.33 -59.42 -39.47
CA GLY OC 122 -52.21 -58.52 -38.78
C GLY OC 122 -52.91 -59.09 -37.55
N ARG OC 123 -54.08 -59.70 -37.75
CA ARG OC 123 -54.86 -60.23 -36.64
C ARG OC 123 -55.07 -61.73 -36.53
N CYS OC 124 -55.30 -62.38 -37.66
CA CYS OC 124 -55.53 -63.80 -37.64
C CYS OC 124 -54.23 -64.57 -37.63
N TYR OC 125 -53.76 -64.89 -36.42
CA TYR OC 125 -52.50 -65.62 -36.23
C TYR OC 125 -52.37 -66.14 -34.80
N ASP OC 126 -52.22 -67.46 -34.68
CA ASP OC 126 -52.09 -68.12 -33.39
C ASP OC 126 -50.61 -68.23 -33.07
N ARG OC 127 -50.16 -67.56 -32.02
CA ARG OC 127 -48.74 -67.57 -31.68
C ARG OC 127 -48.29 -68.96 -31.23
N GLU OC 128 -48.89 -69.47 -30.16
CA GLU OC 128 -48.53 -70.78 -29.62
C GLU OC 128 -48.32 -71.80 -30.73
N ALA OC 129 -49.31 -71.90 -31.62
CA ALA OC 129 -49.28 -72.83 -32.73
C ALA OC 129 -48.02 -72.74 -33.55
N TRP OC 130 -47.70 -71.54 -34.02
CA TRP OC 130 -46.49 -71.36 -34.81
C TRP OC 130 -45.29 -71.78 -33.97
N ASP OC 131 -45.19 -71.18 -32.78
CA ASP OC 131 -44.07 -71.50 -31.90
C ASP OC 131 -43.87 -73.01 -31.88
N ALA OC 132 -44.94 -73.72 -31.55
CA ALA OC 132 -44.87 -75.17 -31.49
C ALA OC 132 -44.33 -75.83 -32.76
N CYS OC 133 -44.86 -75.43 -33.91
CA CYS OC 133 -44.43 -76.03 -35.17
C CYS OC 133 -43.08 -75.58 -35.65
N ILE OC 134 -42.80 -74.30 -35.57
CA ILE OC 134 -41.49 -73.84 -36.01
C ILE OC 134 -40.48 -74.63 -35.19
N ASP OC 135 -40.83 -74.88 -33.94
CA ASP OC 135 -39.98 -75.63 -33.05
C ASP OC 135 -39.79 -77.02 -33.63
N HIS OC 136 -40.86 -77.78 -33.75
CA HIS OC 136 -40.78 -79.13 -34.28
C HIS OC 136 -39.93 -79.16 -35.55
N ILE OC 137 -40.05 -78.14 -36.38
CA ILE OC 137 -39.29 -78.12 -37.63
C ILE OC 137 -37.82 -77.91 -37.34
N GLU OC 138 -37.53 -77.01 -36.41
CA GLU OC 138 -36.14 -76.74 -36.06
C GLU OC 138 -35.52 -77.95 -35.42
N ASP OC 139 -36.25 -78.60 -34.52
CA ASP OC 139 -35.70 -79.78 -33.86
C ASP OC 139 -35.25 -80.74 -34.94
N GLY OC 140 -36.10 -80.94 -35.93
CA GLY OC 140 -35.77 -81.85 -37.01
C GLY OC 140 -34.51 -81.48 -37.76
N ILE OC 141 -34.03 -80.25 -37.58
CA ILE OC 141 -32.84 -79.80 -38.27
C ILE OC 141 -31.61 -79.85 -37.38
N LYS OC 142 -31.81 -79.72 -36.07
CA LYS OC 142 -30.70 -79.77 -35.15
C LYS OC 142 -30.43 -81.21 -34.75
N GLY OC 143 -31.53 -81.97 -34.56
CA GLY OC 143 -31.22 -83.34 -34.27
C GLY OC 143 -31.23 -83.43 -32.79
N HIS OC 144 -31.92 -82.45 -32.19
CA HIS OC 144 -31.51 -81.83 -30.98
C HIS OC 144 -31.47 -82.81 -29.86
N HIS OC 145 -30.29 -82.77 -29.23
CA HIS OC 145 -29.49 -83.89 -28.83
C HIS OC 145 -28.31 -83.67 -29.73
N LYS PC 1 61.44 -7.13 -96.11
CA LYS PC 1 60.41 -6.81 -97.11
C LYS PC 1 60.42 -7.68 -98.30
N LYS PC 2 59.31 -7.55 -99.03
CA LYS PC 2 59.03 -8.20 -100.26
C LYS PC 2 59.85 -7.64 -101.35
N GLN PC 3 60.24 -8.56 -102.25
CA GLN PC 3 60.86 -8.22 -103.48
C GLN PC 3 59.79 -7.77 -104.43
N CYS PC 4 60.21 -6.84 -105.32
CA CYS PC 4 59.37 -6.51 -106.42
C CYS PC 4 59.76 -7.39 -107.53
N GLY PC 5 58.74 -7.70 -108.34
CA GLY PC 5 58.83 -8.42 -109.55
C GLY PC 5 57.42 -8.67 -109.96
N VAL PC 6 57.24 -9.74 -110.75
CA VAL PC 6 56.04 -9.98 -111.48
C VAL PC 6 54.86 -10.03 -110.58
N LEU PC 7 54.80 -11.03 -109.72
CA LEU PC 7 53.63 -11.38 -108.96
C LEU PC 7 53.08 -10.21 -108.13
N GLU PC 8 53.89 -9.70 -107.22
CA GLU PC 8 53.47 -8.60 -106.38
C GLU PC 8 52.83 -7.51 -107.21
N GLY PC 9 53.20 -7.45 -108.48
CA GLY PC 9 52.62 -6.46 -109.35
C GLY PC 9 51.18 -6.89 -109.62
N LEU PC 10 51.02 -8.08 -110.21
CA LEU PC 10 49.71 -8.62 -110.51
C LEU PC 10 48.78 -8.46 -109.33
N LYS PC 11 49.29 -8.70 -108.11
CA LYS PC 11 48.44 -8.56 -106.95
C LYS PC 11 47.97 -7.14 -106.79
N VAL PC 12 48.90 -6.19 -106.73
CA VAL PC 12 48.52 -4.79 -106.58
C VAL PC 12 47.62 -4.35 -107.72
N LYS PC 13 48.01 -4.69 -108.94
CA LYS PC 13 47.23 -4.31 -110.11
C LYS PC 13 45.78 -4.77 -109.98
N SER PC 14 45.58 -5.93 -109.39
CA SER PC 14 44.25 -6.49 -109.21
C SER PC 14 43.52 -5.79 -108.09
N GLU PC 15 44.15 -5.76 -106.92
CA GLU PC 15 43.56 -5.13 -105.76
C GLU PC 15 43.23 -3.67 -106.04
N TRP PC 16 44.09 -3.01 -106.81
CA TRP PC 16 43.86 -1.61 -107.13
C TRP PC 16 42.57 -1.53 -107.91
N GLY PC 17 42.34 -2.51 -108.76
CA GLY PC 17 41.11 -2.51 -109.53
C GLY PC 17 39.89 -2.41 -108.63
N ARG PC 18 39.90 -3.14 -107.54
CA ARG PC 18 38.79 -3.14 -106.60
C ARG PC 18 38.71 -1.86 -105.81
N ALA PC 19 39.84 -1.39 -105.32
CA ALA PC 19 39.87 -0.17 -104.51
C ALA PC 19 39.54 1.09 -105.28
N TYR PC 20 40.05 1.19 -106.50
CA TYR PC 20 39.82 2.35 -107.34
C TYR PC 20 38.34 2.50 -107.60
N GLY PC 21 37.74 1.46 -108.16
CA GLY PC 21 36.31 1.49 -108.42
C GLY PC 21 35.97 2.54 -109.44
N SER PC 22 34.75 3.06 -109.39
CA SER PC 22 34.31 4.07 -110.35
C SER PC 22 33.19 4.96 -109.84
N GLY PC 23 32.80 5.92 -110.66
CA GLY PC 23 31.73 6.83 -110.29
C GLY PC 23 31.98 7.68 -109.05
N HIS PC 24 31.11 7.56 -108.07
CA HIS PC 24 31.24 8.31 -106.84
C HIS PC 24 32.30 7.70 -105.96
N ASP PC 25 32.31 6.38 -105.84
CA ASP PC 25 33.31 5.71 -105.03
C ASP PC 25 34.66 6.33 -105.36
N ARG PC 26 34.90 6.58 -106.64
CA ARG PC 26 36.13 7.17 -107.10
C ARG PC 26 36.24 8.61 -106.58
N GLU PC 27 35.30 9.46 -106.93
CA GLU PC 27 35.32 10.86 -106.49
C GLU PC 27 35.59 10.98 -104.98
N ALA PC 28 35.28 9.92 -104.23
CA ALA PC 28 35.51 9.91 -102.79
C ALA PC 28 36.87 9.31 -102.52
N PHE PC 29 37.09 8.12 -103.03
CA PHE PC 29 38.37 7.42 -102.88
C PHE PC 29 39.50 8.44 -102.96
N SER PC 30 39.49 9.24 -104.03
CA SER PC 30 40.50 10.28 -104.22
C SER PC 30 40.37 11.29 -103.10
N GLN PC 31 39.16 11.76 -102.85
CA GLN PC 31 38.91 12.73 -101.79
C GLN PC 31 39.58 12.27 -100.52
N ALA PC 32 39.22 11.09 -100.06
CA ALA PC 32 39.77 10.51 -98.83
C ALA PC 32 41.28 10.54 -98.84
N ILE PC 33 41.86 10.03 -99.92
CA ILE PC 33 43.31 10.00 -100.05
C ILE PC 33 43.94 11.37 -99.84
N TRP PC 34 43.49 12.37 -100.57
CA TRP PC 34 44.05 13.69 -100.42
C TRP PC 34 43.89 14.24 -99.02
N ARG PC 35 42.72 14.05 -98.42
CA ARG PC 35 42.51 14.55 -97.07
C ARG PC 35 43.54 13.94 -96.14
N ALA PC 36 43.82 12.65 -96.35
CA ALA PC 36 44.80 11.95 -95.53
C ALA PC 36 46.18 12.50 -95.79
N THR PC 37 46.46 12.84 -97.05
CA THR PC 37 47.76 13.39 -97.40
C THR PC 37 47.97 14.74 -96.74
N PHE PC 38 47.09 15.68 -97.05
CA PHE PC 38 47.20 17.03 -96.49
C PHE PC 38 47.18 17.03 -94.97
N ALA PC 39 46.45 16.11 -94.37
CA ALA PC 39 46.38 16.03 -92.92
C ALA PC 39 47.76 15.73 -92.36
N GLN PC 40 48.55 14.95 -93.11
CA GLN PC 40 49.90 14.57 -92.71
C GLN PC 40 50.86 15.71 -92.88
N VAL PC 41 50.87 16.32 -94.05
CA VAL PC 41 51.77 17.41 -94.31
C VAL PC 41 51.03 18.65 -94.80
N PRO PC 42 50.39 19.38 -93.87
CA PRO PC 42 49.65 20.59 -94.27
C PRO PC 42 50.50 21.55 -95.12
N GLU PC 43 51.82 21.46 -94.94
CA GLU PC 43 52.77 22.31 -95.67
C GLU PC 43 52.52 22.23 -97.19
N SER PC 44 52.27 21.01 -97.67
CA SER PC 44 52.06 20.76 -99.09
C SER PC 44 50.87 21.43 -99.74
N ARG PC 45 49.90 21.89 -98.95
CA ARG PC 45 48.75 22.53 -99.55
C ARG PC 45 49.18 23.66 -100.44
N SER PC 46 50.28 24.33 -100.08
CA SER PC 46 50.79 25.45 -100.86
C SER PC 46 51.10 25.14 -102.34
N LEU PC 47 51.42 23.89 -102.65
CA LEU PC 47 51.75 23.53 -104.02
C LEU PC 47 50.55 23.49 -104.93
N PHE PC 48 49.39 23.16 -104.37
CA PHE PC 48 48.19 23.07 -105.17
C PHE PC 48 47.32 24.30 -105.01
N LYS PC 49 47.98 25.44 -104.81
CA LYS PC 49 47.28 26.70 -104.66
C LYS PC 49 46.59 27.01 -106.00
N ARG PC 50 47.19 26.53 -107.08
CA ARG PC 50 46.67 26.78 -108.43
C ARG PC 50 45.36 26.07 -108.70
N VAL PC 51 45.18 24.93 -108.05
CA VAL PC 51 43.97 24.15 -108.25
C VAL PC 51 43.18 24.01 -106.95
N HIS PC 52 42.89 25.18 -106.35
CA HIS PC 52 42.14 25.25 -105.11
C HIS PC 52 42.48 24.14 -104.12
N GLY PC 53 43.71 24.14 -103.64
CA GLY PC 53 44.14 23.16 -102.68
C GLY PC 53 43.62 23.56 -101.32
N ASP PC 54 43.19 24.81 -101.18
CA ASP PC 54 42.66 25.29 -99.91
C ASP PC 54 41.39 24.55 -99.52
N ASP PC 55 40.54 24.27 -100.51
CA ASP PC 55 39.28 23.57 -100.25
C ASP PC 55 39.23 22.27 -101.05
N THR PC 56 39.57 21.17 -100.37
CA THR PC 56 39.58 19.86 -100.98
C THR PC 56 38.29 19.48 -101.70
N SER PC 57 37.18 20.13 -101.36
CA SER PC 57 35.88 19.85 -101.96
C SER PC 57 35.51 20.74 -103.17
N HIS PC 58 36.41 21.63 -103.57
CA HIS PC 58 36.16 22.51 -104.70
C HIS PC 58 36.32 21.75 -105.98
N PRO PC 59 35.36 21.90 -106.90
CA PRO PC 59 35.42 21.20 -108.19
C PRO PC 59 36.79 21.17 -108.82
N ALA PC 60 37.44 22.32 -108.86
CA ALA PC 60 38.76 22.41 -109.45
C ALA PC 60 39.66 21.32 -108.88
N PHE PC 61 39.72 21.24 -107.57
CA PHE PC 61 40.53 20.25 -106.90
C PHE PC 61 40.00 18.85 -107.12
N ILE PC 62 38.67 18.71 -107.10
CA ILE PC 62 38.04 17.40 -107.29
C ILE PC 62 38.58 16.85 -108.57
N ALA PC 63 38.58 17.72 -109.57
CA ALA PC 63 39.07 17.37 -110.89
C ALA PC 63 40.51 16.92 -110.70
N HIS PC 64 41.33 17.84 -110.21
CA HIS PC 64 42.74 17.53 -109.98
C HIS PC 64 42.94 16.16 -109.37
N ALA PC 65 42.27 15.90 -108.25
CA ALA PC 65 42.39 14.62 -107.57
C ALA PC 65 42.07 13.49 -108.51
N ASP PC 66 40.84 13.47 -108.99
CA ASP PC 66 40.40 12.44 -109.92
C ASP PC 66 41.41 12.31 -111.09
N ARG PC 67 42.09 13.42 -111.40
CA ARG PC 67 43.04 13.48 -112.50
C ARG PC 67 44.35 12.83 -112.11
N VAL PC 68 44.70 12.96 -110.84
CA VAL PC 68 45.94 12.40 -110.34
C VAL PC 68 45.85 10.89 -110.27
N LEU PC 69 44.84 10.40 -109.57
CA LEU PC 69 44.63 8.97 -109.46
C LEU PC 69 44.72 8.41 -110.86
N GLY PC 70 44.19 9.16 -111.83
CA GLY PC 70 44.22 8.72 -113.22
C GLY PC 70 45.61 8.24 -113.63
N GLY PC 71 46.61 9.07 -113.40
CA GLY PC 71 47.96 8.68 -113.74
C GLY PC 71 48.35 7.44 -112.97
N LEU PC 72 48.14 7.49 -111.65
CA LEU PC 72 48.46 6.36 -110.80
C LEU PC 72 47.86 5.10 -111.40
N ASP PC 73 46.67 5.23 -111.98
CA ASP PC 73 46.02 4.09 -112.60
C ASP PC 73 46.95 3.60 -113.70
N ILE PC 74 47.17 4.43 -114.70
CA ILE PC 74 48.04 4.04 -115.79
C ILE PC 74 49.29 3.35 -115.27
N ALA PC 75 49.90 3.94 -114.25
CA ALA PC 75 51.11 3.37 -113.67
C ALA PC 75 50.86 1.93 -113.25
N ILE PC 76 50.06 1.77 -112.21
CA ILE PC 76 49.75 0.47 -111.70
C ILE PC 76 49.28 -0.46 -112.79
N SER PC 77 48.31 -0.04 -113.62
CA SER PC 77 47.75 -0.93 -114.58
C SER PC 77 48.81 -1.44 -115.54
N THR PC 78 49.63 -0.55 -116.12
CA THR PC 78 50.67 -0.97 -117.01
C THR PC 78 51.67 -1.79 -116.26
N LEU PC 79 51.83 -1.50 -114.95
CA LEU PC 79 53.10 -1.45 -114.28
C LEU PC 79 53.86 -2.71 -114.51
N ASP PC 80 53.22 -3.87 -114.29
CA ASP PC 80 53.99 -5.07 -114.19
C ASP PC 80 54.64 -5.41 -115.49
N GLN PC 81 53.95 -5.21 -116.63
CA GLN PC 81 54.67 -5.36 -117.86
C GLN PC 81 55.54 -4.14 -117.95
N PRO PC 82 56.85 -4.44 -118.12
CA PRO PC 82 58.01 -3.55 -118.12
C PRO PC 82 58.02 -2.58 -119.30
N ALA PC 83 57.74 -3.10 -120.49
CA ALA PC 83 57.72 -2.29 -121.71
C ALA PC 83 56.89 -1.02 -121.52
N THR PC 84 55.60 -1.20 -121.23
CA THR PC 84 54.67 -0.11 -121.05
C THR PC 84 55.00 0.73 -119.84
N LEU PC 85 55.08 0.10 -118.68
CA LEU PC 85 55.39 0.80 -117.44
C LEU PC 85 56.51 1.78 -117.70
N LYS PC 86 57.60 1.25 -118.24
CA LYS PC 86 58.75 2.05 -118.58
C LYS PC 86 58.26 3.39 -119.14
N GLU PC 87 57.41 3.30 -120.16
CA GLU PC 87 56.90 4.49 -120.80
C GLU PC 87 56.18 5.43 -119.84
N GLU PC 88 55.17 4.93 -119.16
CA GLU PC 88 54.42 5.76 -118.23
C GLU PC 88 55.35 6.44 -117.25
N LEU PC 89 56.22 5.67 -116.62
CA LEU PC 89 57.15 6.25 -115.68
C LEU PC 89 57.92 7.36 -116.33
N ASP PC 90 58.50 7.07 -117.48
CA ASP PC 90 59.26 8.08 -118.22
C ASP PC 90 58.41 9.33 -118.44
N HIS PC 91 57.16 9.13 -118.84
CA HIS PC 91 56.25 10.24 -119.08
C HIS PC 91 56.17 11.08 -117.82
N LEU PC 92 55.93 10.43 -116.69
CA LEU PC 92 55.82 11.13 -115.42
C LEU PC 92 57.11 11.87 -115.17
N GLN PC 93 58.22 11.12 -115.27
CA GLN PC 93 59.55 11.66 -115.03
C GLN PC 93 59.64 13.06 -115.57
N VAL PC 94 59.16 13.25 -116.80
CA VAL PC 94 59.19 14.56 -117.45
C VAL PC 94 58.32 15.60 -116.74
N GLN PC 95 57.06 15.27 -116.50
CA GLN PC 95 56.16 16.21 -115.84
C GLN PC 95 56.71 16.66 -114.50
N HIS PC 96 57.74 15.97 -114.01
CA HIS PC 96 58.32 16.31 -112.71
C HIS PC 96 59.72 16.95 -112.73
N GLU PC 97 60.48 16.56 -113.76
CA GLU PC 97 61.82 17.02 -113.91
C GLU PC 97 61.74 18.46 -114.29
N GLY PC 98 62.68 19.25 -113.74
CA GLY PC 98 62.64 20.66 -113.75
C GLY PC 98 62.30 21.11 -112.38
N ARG PC 99 61.56 20.28 -111.64
CA ARG PC 99 61.18 20.75 -110.35
C ARG PC 99 61.96 19.99 -109.35
N LYS PC 100 62.23 20.57 -108.17
CA LYS PC 100 62.55 19.56 -107.24
C LYS PC 100 61.43 19.48 -106.25
N ILE PC 101 61.12 18.19 -105.98
CA ILE PC 101 60.02 17.66 -105.23
C ILE PC 101 60.57 16.68 -104.27
N PRO PC 102 60.47 17.19 -103.11
CA PRO PC 102 60.99 16.65 -101.90
C PRO PC 102 60.24 15.42 -101.60
N ASP PC 103 60.99 14.43 -101.04
CA ASP PC 103 60.65 13.02 -100.89
C ASP PC 103 59.75 12.87 -99.66
N ASN PC 104 59.69 13.92 -98.87
CA ASN PC 104 58.90 13.95 -97.67
C ASN PC 104 57.44 13.81 -98.03
N TYR PC 105 56.98 14.59 -99.00
CA TYR PC 105 55.57 14.56 -99.42
C TYR PC 105 55.18 13.23 -100.04
N PHE PC 106 55.92 12.80 -101.05
CA PHE PC 106 55.62 11.53 -101.68
C PHE PC 106 55.38 10.47 -100.64
N ASP PC 107 56.20 10.48 -99.61
CA ASP PC 107 56.08 9.51 -98.53
C ASP PC 107 54.66 9.56 -97.95
N ALA PC 108 54.22 10.77 -97.58
CA ALA PC 108 52.89 10.94 -97.00
C ALA PC 108 51.79 10.49 -97.95
N PHE PC 109 51.90 10.91 -99.21
CA PHE PC 109 50.93 10.55 -100.21
C PHE PC 109 50.83 9.04 -100.35
N LYS PC 110 51.95 8.33 -100.21
CA LYS PC 110 51.94 6.87 -100.30
C LYS PC 110 51.14 6.35 -99.11
N THR PC 111 51.54 6.78 -97.93
CA THR PC 111 50.87 6.40 -96.72
C THR PC 111 49.36 6.63 -96.91
N ALA PC 112 49.00 7.84 -97.33
CA ALA PC 112 47.60 8.13 -97.55
C ALA PC 112 46.97 7.01 -98.38
N ILE PC 113 47.43 6.85 -99.62
CA ILE PC 113 46.92 5.81 -100.51
C ILE PC 113 46.76 4.49 -99.79
N LEU PC 114 47.84 4.01 -99.19
CA LEU PC 114 47.78 2.76 -98.47
C LEU PC 114 46.66 2.68 -97.43
N HIS PC 115 46.59 3.66 -96.55
CA HIS PC 115 45.55 3.64 -95.54
C HIS PC 115 44.16 3.63 -96.13
N VAL PC 116 43.91 4.48 -97.12
CA VAL PC 116 42.60 4.50 -97.73
C VAL PC 116 42.33 3.15 -98.41
N VAL PC 117 43.24 2.70 -99.26
CA VAL PC 117 43.05 1.43 -99.95
C VAL PC 117 42.72 0.34 -98.96
N ALA PC 118 43.46 0.27 -97.87
CA ALA PC 118 43.20 -0.73 -96.86
C ALA PC 118 41.79 -0.57 -96.30
N ALA PC 119 41.36 0.67 -96.10
CA ALA PC 119 40.03 0.92 -95.57
C ALA PC 119 38.98 0.46 -96.58
N GLN PC 120 39.27 0.65 -97.87
CA GLN PC 120 38.36 0.27 -98.93
C GLN PC 120 38.27 -1.23 -99.23
N LEU PC 121 39.38 -1.94 -99.16
CA LEU PC 121 39.37 -3.37 -99.47
C LEU PC 121 38.99 -4.28 -98.31
N GLY PC 122 38.83 -3.72 -97.14
CA GLY PC 122 38.47 -4.54 -96.00
C GLY PC 122 39.51 -5.54 -95.55
N ARG PC 123 39.45 -6.74 -96.10
CA ARG PC 123 40.37 -7.80 -95.68
C ARG PC 123 41.42 -8.31 -96.67
N CYS PC 124 41.02 -8.45 -97.94
CA CYS PC 124 41.95 -8.95 -98.94
C CYS PC 124 42.83 -7.85 -99.48
N TYR PC 125 44.00 -7.68 -98.85
CA TYR PC 125 44.93 -6.64 -99.24
C TYR PC 125 46.30 -6.88 -98.62
N ASP PC 126 47.32 -7.02 -99.46
CA ASP PC 126 48.70 -7.24 -99.01
C ASP PC 126 49.37 -5.89 -98.88
N ARG PC 127 49.77 -5.53 -97.66
CA ARG PC 127 50.40 -4.24 -97.44
C ARG PC 127 51.77 -4.15 -98.12
N GLU PC 128 52.69 -5.03 -97.71
CA GLU PC 128 54.03 -5.02 -98.27
C GLU PC 128 54.01 -4.81 -99.78
N ALA PC 129 53.21 -5.62 -100.46
CA ALA PC 129 53.08 -5.57 -101.90
C ALA PC 129 52.80 -4.17 -102.41
N TRP PC 130 51.75 -3.55 -101.90
CA TRP PC 130 51.43 -2.20 -102.32
C TRP PC 130 52.59 -1.29 -102.03
N ASP PC 131 53.02 -1.29 -100.78
CA ASP PC 131 54.13 -0.46 -100.40
C ASP PC 131 55.23 -0.56 -101.47
N ALA PC 132 55.65 -1.78 -101.75
CA ALA PC 132 56.69 -2.01 -102.73
C ALA PC 132 56.43 -1.38 -104.08
N CYS PC 133 55.23 -1.60 -104.61
CA CYS PC 133 54.87 -1.05 -105.92
C CYS PC 133 54.61 0.44 -105.97
N ILE PC 134 53.86 0.96 -105.01
CA ILE PC 134 53.61 2.38 -104.98
C ILE PC 134 54.96 3.04 -104.96
N ASP PC 135 55.91 2.42 -104.25
CA ASP PC 135 57.25 2.92 -104.15
C ASP PC 135 57.85 2.96 -105.55
N HIS PC 136 57.97 1.79 -106.17
CA HIS PC 136 58.56 1.70 -107.51
C HIS PC 136 57.94 2.75 -108.42
N ILE PC 137 56.63 2.97 -108.31
CA ILE PC 137 55.99 3.96 -109.15
C ILE PC 137 56.44 5.37 -108.78
N GLU PC 138 56.54 5.65 -107.49
CA GLU PC 138 56.97 6.96 -107.07
C GLU PC 138 58.40 7.22 -107.48
N ASP PC 139 59.25 6.22 -107.32
CA ASP PC 139 60.64 6.39 -107.70
C ASP PC 139 60.68 6.85 -109.15
N GLY PC 140 59.91 6.19 -109.99
CA GLY PC 140 59.89 6.54 -111.39
C GLY PC 140 59.44 7.97 -111.65
N ILE PC 141 58.88 8.62 -110.65
CA ILE PC 141 58.41 9.99 -110.83
C ILE PC 141 59.38 11.00 -110.24
N LYS PC 142 60.12 10.57 -109.24
CA LYS PC 142 61.08 11.46 -108.62
C LYS PC 142 62.42 11.37 -109.36
N GLY PC 143 62.72 10.11 -109.77
CA GLY PC 143 63.76 9.90 -110.71
C GLY PC 143 65.00 10.30 -110.02
N HIS PC 144 65.07 9.87 -108.74
CA HIS PC 144 66.29 9.79 -108.00
C HIS PC 144 66.65 8.34 -108.01
N HIS PC 145 67.01 7.87 -109.21
CA HIS PC 145 67.87 6.76 -109.44
C HIS PC 145 69.19 7.48 -109.54
N HIS QC 20 19.30 21.73 -123.04
CA HIS QC 20 20.21 22.39 -122.07
C HIS QC 20 20.52 21.47 -120.95
N GLU QC 21 19.69 21.50 -119.89
CA GLU QC 21 19.96 20.50 -118.92
C GLU QC 21 19.58 19.20 -119.55
N HIS QC 22 18.38 19.18 -120.15
CA HIS QC 22 17.69 17.96 -120.34
C HIS QC 22 18.55 17.05 -121.16
N CYS QC 23 19.18 17.64 -122.20
CA CYS QC 23 20.27 17.04 -122.91
C CYS QC 23 21.43 17.15 -121.99
N CYS QC 24 21.56 16.08 -121.21
CA CYS QC 24 22.63 15.16 -121.19
C CYS QC 24 22.44 14.70 -119.83
N SER QC 25 21.57 13.70 -119.72
CA SER QC 25 20.79 13.85 -118.56
C SER QC 25 21.49 13.15 -117.48
N GLU QC 26 20.90 13.25 -116.28
CA GLU QC 26 21.23 12.28 -115.24
C GLU QC 26 21.02 10.85 -115.74
N GLU QC 27 19.82 10.54 -116.19
CA GLU QC 27 19.58 9.19 -116.68
C GLU QC 27 20.57 8.92 -117.82
N ASP QC 28 20.64 9.82 -118.77
CA ASP QC 28 21.55 9.67 -119.89
C ASP QC 28 22.90 9.16 -119.45
N HIS QC 29 23.63 9.95 -118.69
CA HIS QC 29 24.94 9.50 -118.29
C HIS QC 29 24.91 8.36 -117.29
N ARG QC 30 23.90 8.30 -116.43
CA ARG QC 30 23.85 7.19 -115.48
C ARG QC 30 23.99 5.93 -116.37
N ILE QC 31 23.37 5.98 -117.55
CA ILE QC 31 23.40 4.87 -118.49
C ILE QC 31 24.81 4.71 -118.99
N VAL QC 32 25.33 5.75 -119.63
CA VAL QC 32 26.66 5.70 -120.16
C VAL QC 32 27.60 5.08 -119.15
N GLN QC 33 27.63 5.64 -117.96
CA GLN QC 33 28.49 5.12 -116.91
C GLN QC 33 28.33 3.63 -116.73
N LYS QC 34 27.09 3.18 -116.60
CA LYS QC 34 26.83 1.76 -116.39
C LYS QC 34 27.41 0.92 -117.53
N GLN QC 35 27.14 1.34 -118.75
CA GLN QC 35 27.58 0.60 -119.91
C GLN QC 35 29.09 0.62 -120.10
N TRP QC 36 29.72 1.71 -119.72
CA TRP QC 36 31.15 1.83 -119.89
C TRP QC 36 31.85 0.94 -118.89
N ASP QC 37 31.13 0.54 -117.86
CA ASP QC 37 31.72 -0.31 -116.85
C ASP QC 37 31.75 -1.78 -117.24
N ILE QC 38 30.87 -2.18 -118.15
CA ILE QC 38 30.83 -3.56 -118.61
C ILE QC 38 32.23 -3.94 -119.05
N LEU QC 39 33.00 -2.95 -119.48
CA LEU QC 39 34.36 -3.14 -119.95
C LEU QC 39 35.40 -3.56 -118.91
N TRP QC 40 35.51 -2.79 -117.84
CA TRP QC 40 36.50 -3.07 -116.81
C TRP QC 40 36.15 -4.13 -115.77
N ARG QC 41 35.42 -5.16 -116.18
CA ARG QC 41 35.06 -6.23 -115.24
C ARG QC 41 36.27 -7.12 -114.95
N ASP QC 42 37.12 -7.35 -115.95
CA ASP QC 42 38.32 -8.17 -115.73
C ASP QC 42 39.55 -7.34 -115.48
N THR QC 43 40.41 -7.85 -114.60
CA THR QC 43 41.63 -7.16 -114.19
C THR QC 43 42.59 -6.73 -115.30
N GLU QC 44 42.49 -7.34 -116.47
CA GLU QC 44 43.40 -6.96 -117.54
C GLU QC 44 42.94 -5.76 -118.33
N SER QC 45 42.56 -4.70 -117.60
CA SER QC 45 42.09 -3.46 -118.22
C SER QC 45 43.12 -2.89 -119.18
N SER QC 46 44.38 -2.95 -118.77
CA SER QC 46 45.47 -2.43 -119.58
C SER QC 46 45.41 -2.98 -121.00
N LYS QC 47 45.42 -4.30 -121.12
CA LYS QC 47 45.37 -4.96 -122.42
C LYS QC 47 44.21 -4.42 -123.25
N ILE QC 48 43.07 -4.21 -122.60
CA ILE QC 48 41.90 -3.69 -123.28
C ILE QC 48 42.09 -2.22 -123.62
N LYS QC 49 42.10 -1.37 -122.60
CA LYS QC 49 42.26 0.06 -122.82
C LYS QC 49 43.24 0.32 -123.94
N ILE QC 50 44.41 -0.33 -123.89
CA ILE QC 50 45.44 -0.16 -124.91
C ILE QC 50 44.91 -0.55 -126.26
N GLY QC 51 44.65 -1.84 -126.43
CA GLY QC 51 44.14 -2.32 -127.69
C GLY QC 51 43.04 -1.44 -128.26
N PHE QC 52 42.06 -1.12 -127.43
CA PHE QC 52 40.94 -0.29 -127.85
C PHE QC 52 41.40 1.11 -128.24
N GLY QC 53 42.10 1.76 -127.34
CA GLY QC 53 42.57 3.11 -127.61
C GLY QC 53 43.50 3.13 -128.81
N ARG QC 54 44.29 2.07 -128.93
CA ARG QC 54 45.22 1.93 -130.01
C ARG QC 54 44.41 1.99 -131.27
N LEU QC 55 43.48 1.07 -131.39
CA LEU QC 55 42.62 1.00 -132.57
C LEU QC 55 41.94 2.33 -132.86
N LEU QC 56 41.33 2.92 -131.82
CA LEU QC 56 40.65 4.20 -131.98
C LEU QC 56 41.53 5.26 -132.61
N LEU QC 57 42.75 5.42 -132.14
CA LEU QC 57 43.63 6.43 -132.71
C LEU QC 57 44.07 6.03 -134.11
N THR QC 58 44.38 4.75 -134.31
CA THR QC 58 44.78 4.25 -135.63
C THR QC 58 43.71 4.61 -136.66
N LYS QC 59 42.50 4.12 -136.43
CA LYS QC 59 41.37 4.37 -137.32
C LYS QC 59 41.17 5.87 -137.53
N LEU QC 60 41.78 6.70 -136.69
CA LEU QC 60 41.64 8.13 -136.87
C LEU QC 60 42.66 8.53 -137.91
N ALA QC 61 43.90 8.13 -137.70
CA ALA QC 61 44.99 8.44 -138.63
C ALA QC 61 44.67 7.87 -140.02
N LYS QC 62 43.87 6.81 -140.03
CA LYS QC 62 43.48 6.18 -141.28
C LYS QC 62 42.63 7.15 -142.11
N ASP QC 63 41.61 7.75 -141.48
CA ASP QC 63 40.69 8.68 -142.15
C ASP QC 63 41.25 10.08 -142.31
N ILE QC 64 42.21 10.44 -141.47
CA ILE QC 64 42.82 11.76 -141.54
C ILE QC 64 44.29 11.62 -141.16
N PRO QC 65 45.18 11.52 -142.16
CA PRO QC 65 46.63 11.37 -142.01
C PRO QC 65 47.40 12.52 -141.37
N GLU QC 66 46.95 13.75 -141.58
CA GLU QC 66 47.66 14.88 -141.00
C GLU QC 66 47.79 14.67 -139.50
N VAL QC 67 47.14 13.61 -139.01
CA VAL QC 67 47.16 13.24 -137.60
C VAL QC 67 48.46 12.52 -137.28
N ASN QC 68 48.83 11.58 -138.15
CA ASN QC 68 50.04 10.81 -137.97
C ASN QC 68 51.21 11.68 -137.52
N ASP QC 69 51.27 12.92 -138.01
CA ASP QC 69 52.34 13.83 -137.64
C ASP QC 69 52.21 14.38 -136.24
N LEU QC 70 50.98 14.47 -135.77
CA LEU QC 70 50.73 14.98 -134.44
C LEU QC 70 51.15 13.97 -133.39
N PHE QC 71 50.79 12.71 -133.65
CA PHE QC 71 51.10 11.60 -132.76
C PHE QC 71 52.50 11.04 -133.04
N LYS QC 72 53.26 11.77 -133.85
CA LYS QC 72 54.61 11.38 -134.19
C LYS QC 72 55.43 11.33 -132.91
N ARG QC 73 55.25 12.36 -132.09
CA ARG QC 73 55.93 12.52 -130.82
C ARG QC 73 55.84 11.29 -129.93
N VAL QC 74 54.75 10.54 -130.06
CA VAL QC 74 54.53 9.34 -129.25
C VAL QC 74 54.74 8.06 -130.02
N ASP QC 75 55.53 8.15 -131.08
CA ASP QC 75 55.85 6.99 -131.91
C ASP QC 75 54.60 6.22 -132.32
N ILE QC 76 53.65 6.92 -132.93
CA ILE QC 76 52.41 6.29 -133.38
C ILE QC 76 52.76 5.32 -134.51
N GLU QC 77 53.94 5.52 -135.08
CA GLU QC 77 54.41 4.68 -136.16
C GLU QC 77 54.45 3.22 -135.69
N HIS QC 78 54.76 3.02 -134.42
CA HIS QC 78 54.80 1.68 -133.85
C HIS QC 78 53.61 1.52 -132.92
N ALA QC 79 52.48 1.12 -133.48
CA ALA QC 79 51.26 0.94 -132.71
C ALA QC 79 51.46 0.14 -131.42
N GLU QC 80 52.18 -0.98 -131.52
CA GLU QC 80 52.45 -1.86 -130.38
C GLU QC 80 53.64 -1.39 -129.54
N GLY QC 81 54.31 -0.35 -130.03
CA GLY QC 81 55.45 0.19 -129.31
C GLY QC 81 55.05 0.81 -127.99
N PRO QC 82 55.72 0.45 -126.90
CA PRO QC 82 55.39 1.00 -125.60
C PRO QC 82 55.14 2.51 -125.65
N LYS QC 83 56.00 3.24 -126.35
CA LYS QC 83 55.84 4.68 -126.48
C LYS QC 83 54.39 5.05 -126.74
N PHE QC 84 53.80 4.39 -127.73
CA PHE QC 84 52.41 4.64 -128.10
C PHE QC 84 51.44 3.96 -127.15
N SER QC 85 51.71 2.71 -126.80
CA SER QC 85 50.82 1.99 -125.91
C SER QC 85 50.56 2.82 -124.67
N ALA QC 86 51.60 3.44 -124.14
CA ALA QC 86 51.45 4.27 -122.96
C ALA QC 86 50.42 5.32 -123.32
N HIS QC 87 50.69 6.05 -124.40
CA HIS QC 87 49.79 7.10 -124.87
C HIS QC 87 48.37 6.58 -124.99
N ALA QC 88 48.20 5.46 -125.67
CA ALA QC 88 46.90 4.86 -125.83
C ALA QC 88 46.16 4.89 -124.51
N LEU QC 89 46.86 4.54 -123.42
CA LEU QC 89 46.26 4.56 -122.12
C LEU QC 89 45.89 5.97 -121.72
N ARG QC 90 46.88 6.83 -121.56
CA ARG QC 90 46.63 8.22 -121.18
C ARG QC 90 45.34 8.78 -121.78
N ILE QC 91 45.20 8.71 -123.10
CA ILE QC 91 44.00 9.23 -123.74
C ILE QC 91 42.78 8.46 -123.30
N LEU QC 92 42.76 7.18 -123.64
CA LEU QC 92 41.65 6.30 -123.31
C LEU QC 92 41.29 6.49 -121.83
N ASN QC 93 42.30 6.61 -120.98
CA ASN QC 93 42.12 6.79 -119.56
C ASN QC 93 41.55 8.17 -119.26
N GLY QC 94 41.83 9.13 -120.13
CA GLY QC 94 41.30 10.47 -119.93
C GLY QC 94 39.82 10.44 -120.19
N LEU QC 95 39.43 9.72 -121.23
CA LEU QC 95 38.02 9.57 -121.55
C LEU QC 95 37.34 8.98 -120.34
N ASP QC 96 38.02 8.05 -119.66
CA ASP QC 96 37.46 7.42 -118.44
C ASP QC 96 37.14 8.53 -117.47
N LEU QC 97 38.18 9.29 -117.10
CA LEU QC 97 38.01 10.42 -116.18
C LEU QC 97 36.78 11.22 -116.56
N ALA QC 98 36.68 11.62 -117.82
CA ALA QC 98 35.54 12.39 -118.27
C ALA QC 98 34.25 11.70 -117.88
N ILE QC 99 34.10 10.45 -118.32
CA ILE QC 99 32.90 9.69 -118.03
C ILE QC 99 32.64 9.58 -116.53
N ASN QC 100 33.65 9.20 -115.76
CA ASN QC 100 33.49 9.06 -114.33
C ASN QC 100 33.22 10.35 -113.55
N LEU QC 101 33.28 11.49 -114.21
CA LEU QC 101 33.00 12.74 -113.54
C LEU QC 101 31.70 13.32 -114.08
N LEU QC 102 31.02 12.55 -114.91
CA LEU QC 102 29.78 13.00 -115.49
C LEU QC 102 28.77 13.37 -114.44
N ASP QC 103 28.89 12.78 -113.25
CA ASP QC 103 27.94 13.10 -112.20
C ASP QC 103 28.54 14.11 -111.22
N ASP QC 104 28.92 15.28 -111.73
CA ASP QC 104 29.50 16.37 -110.94
C ASP QC 104 29.96 17.41 -111.96
N PRO QC 105 29.02 18.01 -112.68
CA PRO QC 105 29.29 19.02 -113.71
C PRO QC 105 30.45 19.98 -113.45
N PRO QC 106 30.47 20.64 -112.29
CA PRO QC 106 31.57 21.57 -112.01
C PRO QC 106 32.96 20.92 -112.11
N ALA QC 107 33.08 19.72 -111.52
CA ALA QC 107 34.32 18.98 -111.53
C ALA QC 107 34.62 18.57 -112.96
N LEU QC 108 33.67 17.88 -113.56
CA LEU QC 108 33.84 17.45 -114.94
C LEU QC 108 34.27 18.62 -115.79
N ASP QC 109 33.58 19.74 -115.62
CA ASP QC 109 33.89 20.94 -116.37
C ASP QC 109 35.38 21.19 -116.23
N ALA QC 110 35.80 21.50 -115.00
CA ALA QC 110 37.21 21.76 -114.74
C ALA QC 110 38.09 20.70 -115.37
N ALA QC 111 37.78 19.44 -115.11
CA ALA QC 111 38.55 18.33 -115.64
C ALA QC 111 38.76 18.40 -117.14
N LEU QC 112 37.70 18.79 -117.85
CA LEU QC 112 37.73 18.89 -119.29
C LEU QC 112 38.47 20.15 -119.76
N ASP QC 113 38.18 21.28 -119.12
CA ASP QC 113 38.83 22.54 -119.47
C ASP QC 113 40.34 22.28 -119.50
N HIS QC 114 40.81 21.58 -118.46
CA HIS QC 114 42.21 21.25 -118.34
C HIS QC 114 42.63 20.50 -119.60
N LEU QC 115 41.80 19.56 -120.04
CA LEU QC 115 42.14 18.79 -121.24
C LEU QC 115 42.19 19.69 -122.45
N ALA QC 116 41.41 20.76 -122.42
CA ALA QC 116 41.39 21.70 -123.54
C ALA QC 116 42.79 22.30 -123.68
N HIS QC 117 43.27 22.87 -122.58
CA HIS QC 117 44.58 23.48 -122.54
C HIS QC 117 45.68 22.51 -122.99
N GLN QC 118 45.58 21.24 -122.61
CA GLN QC 118 46.60 20.25 -122.97
C GLN QC 118 46.59 19.98 -124.46
N HIS QC 119 45.53 20.42 -125.12
CA HIS QC 119 45.42 20.23 -126.55
C HIS QC 119 45.63 21.54 -127.29
N GLU QC 120 45.37 22.64 -126.60
CA GLU QC 120 45.55 23.96 -127.20
C GLU QC 120 46.99 24.20 -127.66
N VAL QC 121 47.95 23.89 -126.77
CA VAL QC 121 49.36 24.08 -127.07
C VAL QC 121 49.95 23.01 -128.00
N ARG QC 122 49.10 22.17 -128.57
CA ARG QC 122 49.57 21.14 -129.49
C ARG QC 122 49.08 21.57 -130.87
N GLU QC 123 49.84 22.42 -131.55
CA GLU QC 123 49.41 22.90 -132.86
C GLU QC 123 49.30 21.76 -133.86
N GLY QC 124 48.34 21.89 -134.77
CA GLY QC 124 48.09 20.87 -135.77
C GLY QC 124 46.76 20.21 -135.51
N VAL QC 125 46.39 20.18 -134.24
CA VAL QC 125 45.14 19.59 -133.80
C VAL QC 125 43.99 20.56 -134.04
N GLN QC 126 43.11 20.23 -134.97
CA GLN QC 126 41.98 21.09 -135.29
C GLN QC 126 40.65 20.41 -134.95
N LYS QC 127 39.61 21.21 -134.79
CA LYS QC 127 38.29 20.70 -134.44
C LYS QC 127 37.83 19.51 -135.27
N ALA QC 128 37.87 19.64 -136.59
CA ALA QC 128 37.44 18.57 -137.48
C ALA QC 128 37.97 17.20 -137.04
N HIS QC 129 39.09 17.19 -136.34
CA HIS QC 129 39.70 15.95 -135.85
C HIS QC 129 38.78 15.29 -134.84
N PHE QC 130 38.34 16.07 -133.85
CA PHE QC 130 37.46 15.56 -132.82
C PHE QC 130 36.15 15.08 -133.41
N LYS QC 131 35.55 15.92 -134.25
CA LYS QC 131 34.29 15.52 -134.88
C LYS QC 131 34.43 14.10 -135.44
N LYS QC 132 35.54 13.84 -136.14
CA LYS QC 132 35.78 12.53 -136.72
C LYS QC 132 35.98 11.49 -135.63
N PHE QC 133 36.86 11.79 -134.68
CA PHE QC 133 37.13 10.86 -133.59
C PHE QC 133 35.83 10.46 -132.92
N GLY QC 134 34.91 11.42 -132.82
CA GLY QC 134 33.63 11.14 -132.21
C GLY QC 134 32.87 10.10 -133.00
N GLU QC 135 32.77 10.30 -134.31
CA GLU QC 135 32.08 9.37 -135.18
C GLU QC 135 32.70 7.99 -135.05
N ILE QC 136 34.03 7.95 -134.94
CA ILE QC 136 34.75 6.69 -134.83
C ILE QC 136 34.44 6.00 -133.54
N LEU QC 137 34.50 6.78 -132.46
CA LEU QC 137 34.24 6.28 -131.12
C LEU QC 137 32.83 5.71 -131.03
N ALA QC 138 31.91 6.38 -131.70
CA ALA QC 138 30.51 5.97 -131.69
C ALA QC 138 30.29 4.69 -132.47
N THR QC 139 31.17 4.40 -133.43
CA THR QC 139 31.02 3.20 -134.23
C THR QC 139 31.78 2.07 -133.57
N GLY QC 140 32.72 2.42 -132.71
CA GLY QC 140 33.53 1.43 -132.04
C GLY QC 140 32.92 0.87 -130.77
N LEU QC 141 32.50 1.74 -129.86
CA LEU QC 141 31.94 1.29 -128.60
C LEU QC 141 30.96 0.11 -128.74
N PRO QC 142 29.92 0.28 -129.55
CA PRO QC 142 28.93 -0.77 -129.75
C PRO QC 142 29.49 -2.09 -130.25
N GLN QC 143 30.79 -2.13 -130.51
CA GLN QC 143 31.42 -3.35 -131.00
C GLN QC 143 31.99 -4.15 -129.86
N VAL QC 144 32.24 -3.49 -128.73
CA VAL QC 144 32.79 -4.16 -127.57
C VAL QC 144 31.78 -4.26 -126.45
N LEU QC 145 30.74 -3.43 -126.51
CA LEU QC 145 29.71 -3.44 -125.49
C LEU QC 145 28.44 -4.02 -126.09
N ASP QC 146 27.94 -5.10 -125.49
CA ASP QC 146 26.72 -5.70 -126.02
C ASP QC 146 25.53 -4.79 -125.74
N ASP QC 147 25.57 -4.09 -124.61
CA ASP QC 147 24.48 -3.18 -124.27
C ASP QC 147 24.97 -1.77 -124.49
N TYR QC 148 24.47 -1.13 -125.55
CA TYR QC 148 24.87 0.22 -125.91
C TYR QC 148 23.63 1.04 -126.25
N ASP QC 149 23.56 2.25 -125.70
CA ASP QC 149 22.44 3.13 -125.98
C ASP QC 149 22.95 4.32 -126.77
N ALA QC 150 23.02 4.16 -128.08
CA ALA QC 150 23.53 5.20 -128.97
C ALA QC 150 23.09 6.60 -128.61
N LEU QC 151 21.80 6.78 -128.36
CA LEU QC 151 21.27 8.10 -128.01
C LEU QC 151 21.93 8.72 -126.79
N ALA QC 152 21.97 7.97 -125.69
CA ALA QC 152 22.59 8.46 -124.47
C ALA QC 152 24.05 8.82 -124.73
N TRP QC 153 24.81 7.86 -125.26
CA TRP QC 153 26.21 8.10 -125.53
C TRP QC 153 26.49 9.30 -126.40
N LYS QC 154 25.91 9.34 -127.59
CA LYS QC 154 26.13 10.46 -128.49
C LYS QC 154 25.92 11.77 -127.73
N SER QC 155 24.85 11.85 -126.96
CA SER QC 155 24.55 13.05 -126.19
C SER QC 155 25.73 13.45 -125.31
N CYS QC 156 26.25 12.49 -124.54
CA CYS QC 156 27.35 12.77 -123.64
C CYS QC 156 28.68 12.95 -124.34
N LEU QC 157 29.02 12.04 -125.23
CA LEU QC 157 30.29 12.16 -125.94
C LEU QC 157 30.41 13.52 -126.58
N LYS QC 158 29.30 14.03 -127.11
CA LYS QC 158 29.30 15.34 -127.76
C LYS QC 158 29.77 16.39 -126.75
N GLY QC 159 29.04 16.50 -125.66
CA GLY QC 159 29.41 17.47 -124.64
C GLY QC 159 30.87 17.40 -124.26
N ILE QC 160 31.40 16.18 -124.14
CA ILE QC 160 32.80 15.99 -123.77
C ILE QC 160 33.75 16.45 -124.86
N LEU QC 161 33.67 15.80 -126.01
CA LEU QC 161 34.54 16.15 -127.12
C LEU QC 161 34.54 17.65 -127.38
N THR QC 162 33.38 18.27 -127.36
CA THR QC 162 33.28 19.70 -127.60
C THR QC 162 34.10 20.52 -126.60
N LYS QC 163 33.77 20.37 -125.32
CA LYS QC 163 34.48 21.09 -124.27
C LYS QC 163 35.99 20.88 -124.31
N ILE QC 164 36.42 19.72 -124.81
CA ILE QC 164 37.85 19.43 -124.87
C ILE QC 164 38.55 20.21 -125.98
N SER QC 165 37.88 20.37 -127.10
CA SER QC 165 38.47 21.06 -128.24
C SER QC 165 38.10 22.53 -128.33
N SER QC 166 37.23 23.02 -127.39
CA SER QC 166 36.67 24.31 -127.66
C SER QC 166 37.75 25.33 -127.69
N ARG QC 167 38.52 25.40 -126.59
CA ARG QC 167 39.86 25.92 -126.63
C ARG QC 167 40.61 24.86 -127.37
N LEU QC 168 41.48 25.23 -128.32
CA LEU QC 168 41.38 24.46 -129.51
C LEU QC 168 42.00 23.08 -129.59
N GLU RC 19 41.63 -14.66 -139.55
CA GLU RC 19 40.85 -15.36 -138.53
C GLU RC 19 39.77 -14.52 -137.96
N CYS RC 20 39.84 -14.31 -136.63
CA CYS RC 20 38.77 -13.71 -135.89
C CYS RC 20 38.95 -12.22 -136.02
N LEU RC 21 38.03 -11.38 -135.50
CA LEU RC 21 38.62 -10.13 -135.10
C LEU RC 21 38.80 -10.19 -133.63
N VAL RC 22 39.58 -9.21 -133.21
CA VAL RC 22 40.09 -8.92 -131.94
C VAL RC 22 38.94 -8.66 -131.05
N THR RC 23 38.02 -7.81 -131.53
CA THR RC 23 36.79 -7.62 -130.77
C THR RC 23 35.89 -8.85 -130.86
N GLU RC 24 35.68 -9.32 -132.09
CA GLU RC 24 34.84 -10.49 -132.33
C GLU RC 24 35.25 -11.66 -131.43
N SER RC 25 36.44 -11.59 -130.86
CA SER RC 25 36.92 -12.65 -129.97
C SER RC 25 36.49 -12.31 -128.56
N LEU RC 26 37.01 -11.20 -128.06
CA LEU RC 26 36.71 -10.74 -126.72
C LEU RC 26 35.22 -10.92 -126.43
N LYS RC 27 34.42 -10.64 -127.45
CA LYS RC 27 32.99 -10.76 -127.32
C LYS RC 27 32.65 -12.20 -126.98
N VAL RC 28 33.25 -13.14 -127.69
CA VAL RC 28 32.99 -14.55 -127.43
C VAL RC 28 33.60 -14.94 -126.12
N LYS RC 29 34.84 -14.55 -125.92
CA LYS RC 29 35.54 -14.89 -124.68
C LYS RC 29 34.67 -14.50 -123.49
N LEU RC 30 34.07 -13.33 -123.60
CA LEU RC 30 33.21 -12.78 -122.57
C LEU RC 30 31.88 -13.55 -122.44
N GLN RC 31 31.13 -13.65 -123.52
CA GLN RC 31 29.87 -14.36 -123.50
C GLN RC 31 30.03 -15.80 -123.08
N TRP RC 32 31.12 -16.43 -123.49
CA TRP RC 32 31.36 -17.83 -123.11
C TRP RC 32 31.31 -17.91 -121.60
N ALA RC 33 31.92 -16.93 -120.95
CA ALA RC 33 31.95 -16.88 -119.50
C ALA RC 33 30.55 -17.01 -118.90
N SER RC 34 29.68 -16.05 -119.20
CA SER RC 34 28.33 -16.05 -118.69
C SER RC 34 27.57 -17.31 -119.00
N ALA RC 35 27.64 -17.74 -120.26
CA ALA RC 35 26.93 -18.94 -120.70
C ALA RC 35 27.38 -20.25 -120.04
N PHE RC 36 28.65 -20.56 -120.22
CA PHE RC 36 29.23 -21.78 -119.68
C PHE RC 36 28.95 -21.83 -118.20
N GLY RC 37 29.50 -20.88 -117.46
CA GLY RC 37 29.27 -20.84 -116.03
C GLY RC 37 30.32 -21.51 -115.18
N HIS RC 38 29.91 -21.97 -114.00
CA HIS RC 38 30.80 -22.64 -113.08
C HIS RC 38 30.19 -23.86 -112.41
N ALA RC 39 31.04 -24.81 -112.02
CA ALA RC 39 30.61 -26.03 -111.35
C ALA RC 39 29.47 -26.72 -112.06
N HIS RC 40 28.48 -27.15 -111.28
CA HIS RC 40 27.32 -27.85 -111.79
C HIS RC 40 26.68 -27.16 -113.01
N GLU RC 41 26.55 -25.83 -112.94
CA GLU RC 41 25.96 -25.05 -114.03
C GLU RC 41 26.47 -25.52 -115.40
N ARG RC 42 27.71 -26.02 -115.40
CA ARG RC 42 28.38 -26.52 -116.60
C ARG RC 42 27.87 -27.88 -117.01
N VAL RC 43 27.98 -28.85 -116.12
CA VAL RC 43 27.50 -30.20 -116.43
C VAL RC 43 26.13 -30.09 -117.07
N ALA RC 44 25.32 -29.19 -116.53
CA ALA RC 44 23.96 -28.96 -117.02
C ALA RC 44 24.04 -28.53 -118.48
N PHE RC 45 24.94 -27.59 -118.74
CA PHE RC 45 25.14 -27.09 -120.09
C PHE RC 45 25.55 -28.25 -120.98
N GLY RC 46 26.68 -28.86 -120.65
CA GLY RC 46 27.15 -29.98 -121.44
C GLY RC 46 26.04 -30.96 -121.76
N LEU RC 47 25.35 -31.44 -120.72
CA LEU RC 47 24.27 -32.40 -120.91
C LEU RC 47 23.25 -31.88 -121.91
N GLU RC 48 22.67 -30.72 -121.63
CA GLU RC 48 21.68 -30.15 -122.53
C GLU RC 48 22.19 -30.15 -123.96
N LEU RC 49 23.45 -29.79 -124.15
CA LEU RC 49 24.06 -29.75 -125.47
C LEU RC 49 24.06 -31.08 -126.16
N TRP RC 50 24.81 -32.04 -125.61
CA TRP RC 50 24.88 -33.36 -126.19
C TRP RC 50 23.54 -34.02 -126.42
N ARG RC 51 22.57 -33.80 -125.54
CA ARG RC 51 21.26 -34.41 -125.73
C ARG RC 51 20.70 -33.92 -127.04
N ASP RC 52 20.59 -32.61 -127.20
CA ASP RC 52 20.07 -32.05 -128.44
C ASP RC 52 20.81 -32.56 -129.66
N ILE RC 53 22.12 -32.73 -129.54
CA ILE RC 53 22.94 -33.23 -130.64
C ILE RC 53 22.63 -34.67 -130.99
N ILE RC 54 22.64 -35.55 -130.00
CA ILE RC 54 22.37 -36.94 -130.24
C ILE RC 54 20.93 -37.23 -130.71
N ASP RC 55 19.96 -36.43 -130.30
CA ASP RC 55 18.59 -36.67 -130.75
C ASP RC 55 18.45 -36.33 -132.22
N ASP RC 56 19.23 -35.33 -132.66
CA ASP RC 56 19.20 -34.89 -134.04
C ASP RC 56 19.93 -35.86 -134.95
N HIS RC 57 21.05 -36.39 -134.49
CA HIS RC 57 21.85 -37.32 -135.29
C HIS RC 57 22.35 -38.51 -134.45
N PRO RC 58 21.46 -39.48 -134.17
CA PRO RC 58 21.82 -40.66 -133.37
C PRO RC 58 23.01 -41.45 -133.89
N GLU RC 59 23.51 -41.07 -135.06
CA GLU RC 59 24.66 -41.77 -135.65
C GLU RC 59 25.87 -41.58 -134.75
N ILE RC 60 25.86 -40.52 -133.97
CA ILE RC 60 26.97 -40.20 -133.10
C ILE RC 60 27.13 -41.13 -131.90
N LYS RC 61 26.04 -41.72 -131.42
CA LYS RC 61 26.14 -42.60 -130.27
C LYS RC 61 27.19 -43.68 -130.52
N ALA RC 62 27.61 -43.81 -131.77
CA ALA RC 62 28.58 -44.83 -132.15
C ALA RC 62 29.98 -44.64 -131.55
N PRO RC 63 30.72 -43.61 -131.99
CA PRO RC 63 32.07 -43.40 -131.45
C PRO RC 63 32.11 -43.12 -129.95
N PHE RC 64 30.99 -42.69 -129.40
CA PHE RC 64 30.93 -42.39 -127.99
C PHE RC 64 30.64 -43.65 -127.21
N SER RC 65 30.91 -44.78 -127.83
CA SER RC 65 30.68 -46.08 -127.20
C SER RC 65 31.57 -46.29 -125.99
N ARG RC 66 32.79 -45.75 -126.06
CA ARG RC 66 33.75 -45.89 -124.98
C ARG RC 66 33.30 -45.15 -123.71
N VAL RC 67 32.64 -44.01 -123.92
CA VAL RC 67 32.14 -43.19 -122.83
C VAL RC 67 30.61 -43.26 -122.70
N ARG RC 68 30.08 -44.48 -122.58
CA ARG RC 68 28.64 -44.71 -122.46
C ARG RC 68 27.81 -43.58 -123.09
N GLY RC 69 27.82 -43.52 -124.41
CA GLY RC 69 27.08 -42.50 -125.12
C GLY RC 69 25.61 -42.84 -125.22
N ASP RC 70 25.26 -44.07 -124.87
CA ASP RC 70 23.87 -44.47 -124.91
C ASP RC 70 23.11 -43.75 -123.79
N ASN RC 71 23.74 -43.64 -122.64
CA ASN RC 71 23.16 -42.99 -121.46
C ASN RC 71 23.96 -41.73 -121.16
N ILE RC 72 23.56 -40.61 -121.75
CA ILE RC 72 24.26 -39.35 -121.54
C ILE RC 72 24.20 -38.83 -120.12
N TYR RC 73 23.28 -39.35 -119.34
CA TYR RC 73 23.15 -38.91 -117.96
C TYR RC 73 24.13 -39.64 -117.04
N SER RC 74 24.74 -40.69 -117.56
CA SER RC 74 25.70 -41.47 -116.79
C SER RC 74 26.92 -40.66 -116.43
N PRO RC 75 27.62 -41.08 -115.36
CA PRO RC 75 28.81 -40.36 -114.95
C PRO RC 75 29.92 -40.53 -115.98
N GLU RC 76 30.01 -41.73 -116.54
CA GLU RC 76 31.01 -42.00 -117.55
C GLU RC 76 30.93 -40.95 -118.65
N PHE RC 77 29.75 -40.77 -119.22
CA PHE RC 77 29.56 -39.80 -120.28
C PHE RC 77 29.69 -38.39 -119.72
N GLY RC 78 29.10 -38.16 -118.55
CA GLY RC 78 29.16 -36.86 -117.93
C GLY RC 78 30.58 -36.37 -117.89
N ALA RC 79 31.47 -37.24 -117.45
CA ALA RC 79 32.87 -36.91 -117.38
C ALA RC 79 33.27 -36.42 -118.76
N HIS RC 80 33.13 -37.29 -119.76
CA HIS RC 80 33.47 -36.96 -121.13
C HIS RC 80 32.95 -35.57 -121.47
N SER RC 81 31.64 -35.43 -121.40
CA SER RC 81 30.97 -34.17 -121.68
C SER RC 81 31.80 -33.00 -121.20
N GLN RC 82 32.17 -33.04 -119.93
CA GLN RC 82 32.95 -31.98 -119.32
C GLN RC 82 34.30 -31.81 -120.00
N ARG RC 83 35.05 -32.91 -120.15
CA ARG RC 83 36.36 -32.87 -120.77
C ARG RC 83 36.27 -32.09 -122.07
N VAL RC 84 35.21 -32.36 -122.83
CA VAL RC 84 34.97 -31.71 -124.11
C VAL RC 84 34.85 -30.23 -123.93
N LEU RC 85 33.79 -29.82 -123.28
CA LEU RC 85 33.56 -28.41 -123.03
C LEU RC 85 34.84 -27.73 -122.58
N SER RC 86 35.58 -28.38 -121.68
CA SER RC 86 36.82 -27.80 -121.19
C SER RC 86 37.75 -27.44 -122.33
N GLY RC 87 37.99 -28.40 -123.23
CA GLY RC 87 38.85 -28.15 -124.37
C GLY RC 87 38.35 -26.96 -125.15
N LEU RC 88 37.03 -26.92 -125.34
CA LEU RC 88 36.40 -25.82 -126.03
C LEU RC 88 36.77 -24.54 -125.30
N ASP RC 89 36.75 -24.58 -123.97
CA ASP RC 89 37.10 -23.41 -123.18
C ASP RC 89 38.49 -22.97 -123.56
N ILE RC 90 39.42 -23.92 -123.54
CA ILE RC 90 40.80 -23.61 -123.89
C ILE RC 90 40.86 -22.91 -125.22
N THR RC 91 40.44 -23.60 -126.27
CA THR RC 91 40.49 -23.01 -127.58
C THR RC 91 39.96 -21.57 -127.54
N ILE RC 92 38.75 -21.39 -127.02
CA ILE RC 92 38.18 -20.04 -126.93
C ILE RC 92 39.08 -19.06 -126.20
N SER RC 93 39.70 -19.52 -125.09
CA SER RC 93 40.59 -18.66 -124.42
C SER RC 93 41.80 -18.43 -125.27
N MET RC 94 42.18 -19.44 -126.08
CA MET RC 94 43.47 -19.47 -126.70
C MET RC 94 43.55 -18.31 -127.62
N LEU RC 95 42.43 -18.10 -128.32
CA LEU RC 95 42.43 -17.71 -129.70
C LEU RC 95 43.05 -16.37 -129.90
N ASP RC 96 42.87 -15.48 -128.93
CA ASP RC 96 43.23 -14.09 -129.03
C ASP RC 96 44.70 -14.01 -129.27
N THR RC 97 45.48 -14.80 -128.51
CA THR RC 97 46.89 -14.72 -128.69
C THR RC 97 47.21 -15.82 -129.64
N PRO RC 98 47.65 -15.42 -130.79
CA PRO RC 98 47.90 -16.28 -131.94
C PRO RC 98 48.89 -17.42 -131.76
N ASP RC 99 50.03 -17.14 -131.14
CA ASP RC 99 51.04 -18.17 -130.95
C ASP RC 99 50.53 -19.39 -130.16
N MET RC 100 49.66 -19.14 -129.20
CA MET RC 100 49.09 -20.21 -128.38
C MET RC 100 48.00 -20.93 -129.16
N LEU RC 101 47.16 -20.18 -129.86
CA LEU RC 101 46.08 -20.77 -130.63
C LEU RC 101 46.64 -21.69 -131.70
N ALA RC 102 47.51 -21.13 -132.54
CA ALA RC 102 48.12 -21.89 -133.63
C ALA RC 102 48.66 -23.20 -133.10
N ALA RC 103 49.25 -23.16 -131.91
CA ALA RC 103 49.81 -24.34 -131.29
C ALA RC 103 48.71 -25.28 -130.81
N GLN RC 104 47.78 -24.73 -130.04
CA GLN RC 104 46.67 -25.49 -129.49
C GLN RC 104 45.89 -26.15 -130.60
N LEU RC 105 45.57 -25.38 -131.63
CA LEU RC 105 44.84 -25.93 -132.76
C LEU RC 105 45.59 -27.10 -133.36
N ALA RC 106 46.87 -26.92 -133.62
CA ALA RC 106 47.67 -27.99 -134.20
C ALA RC 106 47.60 -29.22 -133.31
N HIS RC 107 47.64 -29.01 -132.01
CA HIS RC 107 47.57 -30.10 -131.04
C HIS RC 107 46.25 -30.85 -131.15
N LEU RC 108 45.15 -30.13 -131.36
CA LEU RC 108 43.84 -30.74 -131.48
C LEU RC 108 43.71 -31.52 -132.78
N LYS RC 109 44.26 -30.97 -133.85
CA LYS RC 109 44.18 -31.63 -135.15
C LYS RC 109 44.71 -33.05 -135.05
N VAL RC 110 45.81 -33.22 -134.33
CA VAL RC 110 46.40 -34.53 -134.16
C VAL RC 110 45.47 -35.51 -133.46
N GLN RC 111 44.89 -35.09 -132.34
CA GLN RC 111 44.00 -35.96 -131.60
C GLN RC 111 42.79 -36.39 -132.44
N HIS RC 112 42.63 -35.79 -133.60
CA HIS RC 112 41.51 -36.11 -134.48
C HIS RC 112 41.89 -36.85 -135.75
N VAL RC 113 42.80 -36.29 -136.52
CA VAL RC 113 43.25 -36.89 -137.78
C VAL RC 113 43.35 -38.42 -137.73
N GLU RC 114 43.86 -38.95 -136.61
CA GLU RC 114 44.21 -40.35 -136.56
C GLU RC 114 42.98 -41.20 -136.64
N ARG RC 115 41.95 -40.85 -135.84
CA ARG RC 115 40.72 -41.59 -135.81
C ARG RC 115 39.97 -41.18 -137.02
N ASN RC 116 39.18 -42.08 -137.63
CA ASN RC 116 38.39 -41.53 -138.68
C ASN RC 116 37.19 -40.90 -138.08
N LEU RC 117 36.78 -39.76 -138.68
CA LEU RC 117 35.59 -39.12 -138.22
C LEU RC 117 34.89 -38.51 -139.36
N LYS RC 118 33.62 -38.15 -139.08
CA LYS RC 118 32.85 -37.44 -140.02
C LYS RC 118 33.05 -35.98 -139.83
N PRO RC 119 33.30 -35.41 -140.97
CA PRO RC 119 33.60 -34.03 -141.08
C PRO RC 119 32.43 -33.21 -140.67
N GLU RC 120 31.25 -33.65 -141.14
CA GLU RC 120 29.98 -32.96 -140.96
C GLU RC 120 29.52 -32.97 -139.49
N PHE RC 121 30.03 -33.92 -138.71
CA PHE RC 121 29.68 -34.04 -137.30
C PHE RC 121 29.94 -32.72 -136.59
N PHE RC 122 31.11 -32.15 -136.86
CA PHE RC 122 31.50 -30.90 -136.25
C PHE RC 122 30.56 -29.79 -136.68
N ASP RC 123 30.20 -29.78 -137.97
CA ASP RC 123 29.30 -28.76 -138.47
C ASP RC 123 28.01 -28.85 -137.67
N ILE RC 124 27.70 -30.06 -137.20
CA ILE RC 124 26.51 -30.31 -136.40
C ILE RC 124 26.73 -29.76 -135.00
N PHE RC 125 27.82 -30.21 -134.40
CA PHE RC 125 28.19 -29.78 -133.06
C PHE RC 125 28.04 -28.28 -132.99
N LEU RC 126 28.65 -27.59 -133.93
CA LEU RC 126 28.59 -26.12 -133.97
C LEU RC 126 27.16 -25.62 -134.01
N LYS RC 127 26.36 -26.20 -134.89
CA LYS RC 127 24.96 -25.80 -135.02
C LYS RC 127 24.31 -25.73 -133.64
N HIS RC 128 24.44 -26.80 -132.88
CA HIS RC 128 23.85 -26.85 -131.55
C HIS RC 128 24.52 -25.95 -130.53
N LEU RC 129 25.84 -26.00 -130.45
CA LEU RC 129 26.54 -25.15 -129.50
C LEU RC 129 25.99 -23.70 -129.59
N LEU RC 130 25.68 -23.26 -130.80
CA LEU RC 130 25.15 -21.91 -131.01
C LEU RC 130 23.70 -21.88 -130.56
N HIS RC 131 22.95 -22.91 -130.91
CA HIS RC 131 21.56 -22.99 -130.53
C HIS RC 131 21.46 -22.85 -129.02
N VAL RC 132 22.26 -23.62 -128.30
CA VAL RC 132 22.26 -23.60 -126.84
C VAL RC 132 22.68 -22.24 -126.29
N LEU RC 133 23.84 -21.75 -126.71
CA LEU RC 133 24.28 -20.44 -126.23
C LEU RC 133 23.18 -19.43 -126.50
N GLY RC 134 22.47 -19.63 -127.60
CA GLY RC 134 21.37 -18.74 -127.94
C GLY RC 134 20.39 -18.65 -126.78
N ASP RC 135 19.98 -19.80 -126.27
CA ASP RC 135 19.05 -19.84 -125.15
C ASP RC 135 19.69 -19.19 -123.94
N ARG RC 136 20.85 -19.68 -123.55
CA ARG RC 136 21.55 -19.14 -122.40
C ARG RC 136 21.75 -17.62 -122.42
N LEU RC 137 22.28 -17.11 -123.51
CA LEU RC 137 22.56 -15.69 -123.61
C LEU RC 137 21.38 -14.80 -123.99
N GLY RC 138 20.43 -15.36 -124.72
CA GLY RC 138 19.27 -14.58 -125.11
C GLY RC 138 19.45 -13.82 -126.40
N THR RC 139 18.92 -12.60 -126.46
CA THR RC 139 19.03 -11.80 -127.67
C THR RC 139 20.38 -11.08 -127.81
N HIS RC 140 21.08 -10.96 -126.70
CA HIS RC 140 22.37 -10.31 -126.70
C HIS RC 140 23.40 -11.15 -127.46
N PHE RC 141 23.18 -12.46 -127.46
CA PHE RC 141 24.05 -13.42 -128.11
C PHE RC 141 24.57 -12.92 -129.44
N ASP RC 142 25.87 -12.68 -129.55
CA ASP RC 142 26.42 -12.20 -130.82
C ASP RC 142 26.72 -13.34 -131.75
N PHE RC 143 25.67 -13.83 -132.40
CA PHE RC 143 25.75 -14.93 -133.34
C PHE RC 143 26.91 -14.71 -134.27
N GLY RC 144 26.92 -13.57 -134.94
CA GLY RC 144 27.98 -13.25 -135.88
C GLY RC 144 29.34 -13.61 -135.31
N ALA RC 145 29.70 -12.96 -134.22
CA ALA RC 145 30.98 -13.18 -133.60
C ALA RC 145 31.26 -14.65 -133.35
N TRP RC 146 30.30 -15.36 -132.80
CA TRP RC 146 30.52 -16.77 -132.52
C TRP RC 146 30.75 -17.57 -133.78
N HIS RC 147 29.80 -17.50 -134.71
CA HIS RC 147 29.92 -18.24 -135.96
C HIS RC 147 31.30 -18.03 -136.58
N ASP RC 148 31.66 -16.78 -136.80
CA ASP RC 148 32.96 -16.46 -137.37
C ASP RC 148 34.09 -17.03 -136.53
N CYS RC 149 33.94 -16.97 -135.21
CA CYS RC 149 34.98 -17.43 -134.31
C CYS RC 149 35.06 -18.91 -133.94
N VAL RC 150 33.96 -19.52 -133.55
CA VAL RC 150 33.99 -20.93 -133.19
C VAL RC 150 34.28 -21.74 -134.43
N ASP RC 151 33.81 -21.27 -135.57
CA ASP RC 151 34.03 -21.96 -136.83
C ASP RC 151 35.53 -22.24 -136.97
N GLN RC 152 36.32 -21.17 -136.93
CA GLN RC 152 37.76 -21.27 -137.05
C GLN RC 152 38.33 -22.36 -136.15
N ILE RC 153 37.70 -22.57 -135.00
CA ILE RC 153 38.17 -23.58 -134.06
C ILE RC 153 37.82 -24.96 -134.54
N ILE RC 154 36.69 -25.10 -135.22
CA ILE RC 154 36.28 -26.40 -135.71
C ILE RC 154 37.14 -26.84 -136.87
N ASP RC 155 37.28 -25.99 -137.88
CA ASP RC 155 38.07 -26.35 -139.04
C ASP RC 155 39.46 -26.85 -138.64
N GLY RC 156 40.11 -26.20 -137.66
CA GLY RC 156 41.48 -26.54 -137.37
C GLY RC 156 41.45 -27.92 -136.83
N ILE RC 157 40.42 -28.19 -136.02
CA ILE RC 157 40.37 -29.48 -135.41
C ILE RC 157 40.20 -30.49 -136.47
N LYS RC 158 39.26 -30.22 -137.40
CA LYS RC 158 38.83 -31.22 -138.33
C LYS RC 158 39.90 -31.52 -139.37
N ASP SC 5 -27.39 -29.08 -108.72
CA ASP SC 5 -26.91 -27.69 -108.79
C ASP SC 5 -25.43 -27.71 -108.82
N CYS SC 6 -24.80 -26.53 -108.81
CA CYS SC 6 -23.41 -26.61 -109.04
C CYS SC 6 -22.79 -26.61 -107.70
N CYS SC 7 -21.54 -27.04 -107.68
CA CYS SC 7 -20.92 -27.36 -106.46
C CYS SC 7 -20.18 -26.13 -106.08
N SER SC 8 -20.05 -25.89 -104.76
CA SER SC 8 -19.34 -24.77 -104.21
C SER SC 8 -17.88 -25.05 -104.37
N TYR SC 9 -17.09 -23.96 -104.61
CA TYR SC 9 -15.67 -23.98 -104.93
C TYR SC 9 -14.93 -24.36 -103.68
N GLU SC 10 -15.37 -23.87 -102.52
CA GLU SC 10 -14.72 -24.19 -101.27
C GLU SC 10 -14.80 -25.69 -101.06
N ASP SC 11 -15.98 -26.24 -101.27
CA ASP SC 11 -16.18 -27.67 -101.10
C ASP SC 11 -15.24 -28.44 -102.00
N ARG SC 12 -15.11 -28.01 -103.23
CA ARG SC 12 -14.21 -28.69 -104.12
C ARG SC 12 -12.82 -28.72 -103.47
N ARG SC 13 -12.36 -27.56 -103.03
CA ARG SC 13 -11.07 -27.47 -102.37
C ARG SC 13 -11.00 -28.44 -101.20
N GLU SC 14 -12.07 -28.51 -100.42
CA GLU SC 14 -12.12 -29.42 -99.28
C GLU SC 14 -11.82 -30.84 -99.76
N ILE SC 15 -12.53 -31.27 -100.77
CA ILE SC 15 -12.35 -32.61 -101.28
C ILE SC 15 -10.97 -32.77 -101.91
N ARG SC 16 -10.58 -31.83 -102.77
CA ARG SC 16 -9.28 -31.90 -103.45
C ARG SC 16 -8.20 -32.16 -102.43
N HIS SC 17 -8.53 -31.97 -101.17
CA HIS SC 17 -7.60 -32.21 -100.07
C HIS SC 17 -7.93 -33.54 -99.40
N ILE SC 18 -9.18 -33.70 -99.00
CA ILE SC 18 -9.61 -34.95 -98.38
C ILE SC 18 -9.09 -36.14 -99.18
N TRP SC 19 -9.16 -36.04 -100.49
CA TRP SC 19 -8.72 -37.12 -101.33
C TRP SC 19 -7.23 -37.37 -101.17
N ASP SC 20 -6.43 -36.30 -101.22
CA ASP SC 20 -4.98 -36.43 -101.07
C ASP SC 20 -4.59 -37.21 -99.82
N ASP SC 21 -5.55 -37.55 -98.98
CA ASP SC 21 -5.24 -38.29 -97.77
C ASP SC 21 -5.53 -39.78 -97.96
N VAL SC 22 -6.49 -40.09 -98.81
CA VAL SC 22 -6.84 -41.50 -99.08
C VAL SC 22 -5.98 -42.00 -100.22
N TRP SC 23 -5.78 -41.17 -101.26
CA TRP SC 23 -5.04 -41.62 -102.40
C TRP SC 23 -3.68 -41.87 -101.90
N SER SC 24 -3.04 -40.76 -101.46
CA SER SC 24 -1.95 -40.89 -100.54
C SER SC 24 -0.73 -41.16 -101.38
N SER SC 25 0.03 -42.23 -101.03
CA SER SC 25 1.24 -42.56 -101.72
C SER SC 25 0.92 -43.12 -103.06
N SER SC 26 1.97 -43.30 -103.89
CA SER SC 26 1.85 -43.70 -105.27
C SER SC 26 1.72 -45.18 -105.35
N PHE SC 27 1.63 -45.78 -104.16
CA PHE SC 27 1.62 -47.18 -103.91
C PHE SC 27 0.35 -47.78 -104.36
N THR SC 28 0.41 -48.98 -104.91
CA THR SC 28 -0.93 -49.55 -104.93
C THR SC 28 -1.52 -49.92 -103.58
N ASP SC 29 -0.84 -50.81 -102.85
CA ASP SC 29 -1.28 -51.28 -101.55
C ASP SC 29 -2.42 -50.52 -100.87
N ARG SC 30 -2.19 -49.26 -100.51
CA ARG SC 30 -3.20 -48.47 -99.83
C ARG SC 30 -4.48 -48.28 -100.64
N ARG SC 31 -4.38 -47.53 -101.73
CA ARG SC 31 -5.54 -47.27 -102.57
C ARG SC 31 -6.35 -48.54 -102.81
N VAL SC 32 -5.65 -49.65 -103.00
CA VAL SC 32 -6.33 -50.91 -103.24
C VAL SC 32 -7.26 -51.26 -102.09
N ALA SC 33 -6.69 -51.48 -100.91
CA ALA SC 33 -7.47 -51.83 -99.74
C ALA SC 33 -8.68 -50.91 -99.57
N ILE SC 34 -8.52 -49.62 -99.82
CA ILE SC 34 -9.63 -48.69 -99.68
C ILE SC 34 -10.71 -48.93 -100.72
N VAL SC 35 -10.36 -48.84 -102.01
CA VAL SC 35 -11.34 -49.07 -103.06
C VAL SC 35 -12.02 -50.42 -102.87
N ARG SC 36 -11.24 -51.40 -102.43
CA ARG SC 36 -11.79 -52.73 -102.19
C ARG SC 36 -12.83 -52.58 -101.09
N ALA SC 37 -12.38 -52.15 -99.92
CA ALA SC 37 -13.27 -51.95 -98.78
C ALA SC 37 -14.53 -51.22 -99.20
N VAL SC 38 -14.43 -50.39 -100.23
CA VAL SC 38 -15.59 -49.65 -100.74
C VAL SC 38 -16.53 -50.62 -101.43
N PHE SC 39 -15.99 -51.38 -102.36
CA PHE SC 39 -16.80 -52.36 -103.08
C PHE SC 39 -17.43 -53.42 -102.16
N ASP SC 40 -16.66 -53.92 -101.20
CA ASP SC 40 -17.18 -54.91 -100.28
C ASP SC 40 -18.45 -54.39 -99.65
N ASP SC 41 -18.54 -53.08 -99.45
CA ASP SC 41 -19.72 -52.46 -98.85
C ASP SC 41 -20.82 -52.33 -99.91
N LEU SC 42 -20.43 -52.28 -101.18
CA LEU SC 42 -21.40 -52.17 -102.24
C LEU SC 42 -22.04 -53.52 -102.42
N PHE SC 43 -21.22 -54.56 -102.34
CA PHE SC 43 -21.72 -55.92 -102.51
C PHE SC 43 -22.51 -56.41 -101.31
N LYS SC 44 -22.16 -55.97 -100.13
CA LYS SC 44 -22.89 -56.41 -98.95
C LYS SC 44 -24.28 -55.80 -98.95
N HIS SC 45 -24.47 -54.72 -99.71
CA HIS SC 45 -25.76 -54.04 -99.77
C HIS SC 45 -26.54 -54.26 -101.07
N TYR SC 46 -25.83 -54.38 -102.18
CA TYR SC 46 -26.45 -54.63 -103.47
C TYR SC 46 -25.71 -55.81 -104.08
N PRO SC 47 -25.83 -56.99 -103.44
CA PRO SC 47 -25.17 -58.23 -103.87
C PRO SC 47 -25.31 -58.56 -105.36
N THR SC 48 -26.38 -58.09 -105.97
CA THR SC 48 -26.62 -58.33 -107.38
C THR SC 48 -25.46 -57.90 -108.25
N SER SC 49 -24.98 -56.69 -108.00
CA SER SC 49 -23.86 -56.10 -108.74
C SER SC 49 -22.63 -56.99 -108.80
N LYS SC 50 -22.38 -57.76 -107.75
CA LYS SC 50 -21.21 -58.63 -107.69
C LYS SC 50 -20.97 -59.32 -109.02
N ALA SC 51 -21.96 -60.06 -109.49
CA ALA SC 51 -21.84 -60.77 -110.76
C ALA SC 51 -21.21 -59.97 -111.90
N LEU SC 52 -21.55 -58.67 -111.99
CA LEU SC 52 -21.03 -57.80 -113.06
C LEU SC 52 -19.53 -57.84 -113.31
N PHE SC 53 -18.77 -58.17 -112.27
CA PHE SC 53 -17.32 -58.18 -112.38
C PHE SC 53 -16.67 -59.56 -112.52
N GLU SC 54 -17.38 -60.52 -113.10
CA GLU SC 54 -16.79 -61.84 -113.27
C GLU SC 54 -15.74 -61.71 -114.34
N ARG SC 55 -15.90 -60.70 -115.19
CA ARG SC 55 -14.97 -60.45 -116.27
C ARG SC 55 -13.57 -60.16 -115.75
N VAL SC 56 -13.49 -59.58 -114.56
CA VAL SC 56 -12.21 -59.25 -113.97
C VAL SC 56 -11.84 -60.24 -112.89
N LYS SC 57 -12.65 -61.28 -112.76
CA LYS SC 57 -12.39 -62.33 -111.76
C LYS SC 57 -12.50 -61.90 -110.30
N ILE SC 58 -13.69 -61.49 -109.88
CA ILE SC 58 -13.87 -61.08 -108.49
C ILE SC 58 -13.87 -62.31 -107.61
N ASP SC 59 -14.09 -63.48 -108.19
CA ASP SC 59 -14.10 -64.73 -107.43
C ASP SC 59 -12.70 -65.01 -106.89
N GLU SC 60 -11.72 -64.32 -107.45
CA GLU SC 60 -10.34 -64.45 -107.02
C GLU SC 60 -9.90 -63.08 -106.49
N PRO SC 61 -10.31 -62.75 -105.26
CA PRO SC 61 -9.96 -61.48 -104.65
C PRO SC 61 -8.53 -61.02 -104.85
N GLU SC 62 -7.57 -61.87 -104.51
CA GLU SC 62 -6.16 -61.50 -104.65
C GLU SC 62 -5.60 -61.76 -106.04
N SER SC 63 -6.48 -62.13 -106.96
CA SER SC 63 -6.10 -62.44 -108.33
C SER SC 63 -5.03 -61.55 -108.95
N GLY SC 64 -5.28 -60.26 -108.97
CA GLY SC 64 -4.33 -59.37 -109.59
C GLY SC 64 -5.02 -58.90 -110.86
N GLU SC 65 -5.76 -59.81 -111.49
CA GLU SC 65 -6.50 -59.46 -112.69
C GLU SC 65 -7.57 -58.52 -112.15
N PHE SC 66 -7.97 -58.78 -110.91
CA PHE SC 66 -8.99 -58.03 -110.20
C PHE SC 66 -8.36 -56.85 -109.46
N LYS SC 67 -7.27 -57.10 -108.77
CA LYS SC 67 -6.62 -56.02 -108.06
C LYS SC 67 -6.39 -54.88 -109.04
N SER SC 68 -5.76 -55.18 -110.17
CA SER SC 68 -5.50 -54.17 -111.17
C SER SC 68 -6.79 -53.41 -111.43
N HIS SC 69 -7.89 -54.14 -111.55
CA HIS SC 69 -9.18 -53.49 -111.79
C HIS SC 69 -9.42 -52.43 -110.72
N LEU SC 70 -9.49 -52.88 -109.47
CA LEU SC 70 -9.70 -51.98 -108.36
C LEU SC 70 -8.91 -50.70 -108.57
N VAL SC 71 -7.63 -50.85 -108.86
CA VAL SC 71 -6.78 -49.71 -109.11
C VAL SC 71 -7.34 -48.81 -110.21
N ARG SC 72 -7.69 -49.40 -111.35
CA ARG SC 72 -8.24 -48.61 -112.44
C ARG SC 72 -9.41 -47.80 -111.98
N VAL SC 73 -10.25 -48.40 -111.14
CA VAL SC 73 -11.41 -47.71 -110.60
C VAL SC 73 -10.91 -46.58 -109.77
N ALA SC 74 -10.04 -46.89 -108.83
CA ALA SC 74 -9.46 -45.88 -107.96
C ALA SC 74 -8.94 -44.76 -108.85
N ASN SC 75 -7.95 -45.06 -109.66
CA ASN SC 75 -7.38 -44.06 -110.54
C ASN SC 75 -8.41 -43.29 -111.36
N GLY SC 76 -9.48 -43.95 -111.75
CA GLY SC 76 -10.49 -43.26 -112.51
C GLY SC 76 -11.16 -42.19 -111.68
N LEU SC 77 -11.27 -42.46 -110.40
CA LEU SC 77 -11.87 -41.54 -109.46
C LEU SC 77 -10.85 -40.43 -109.24
N LYS SC 78 -9.61 -40.83 -109.02
CA LYS SC 78 -8.53 -39.89 -108.84
C LYS SC 78 -8.56 -38.88 -109.98
N LEU SC 79 -8.60 -39.39 -111.20
CA LEU SC 79 -8.62 -38.55 -112.39
C LEU SC 79 -9.75 -37.55 -112.34
N LEU SC 80 -10.91 -37.97 -111.83
CA LEU SC 80 -12.04 -37.08 -111.73
C LEU SC 80 -11.70 -35.92 -110.80
N ILE SC 81 -11.46 -36.26 -109.55
CA ILE SC 81 -11.13 -35.28 -108.53
C ILE SC 81 -10.04 -34.32 -109.02
N ASN SC 82 -8.99 -34.88 -109.55
CA ASN SC 82 -7.89 -34.06 -110.07
C ASN SC 82 -8.26 -33.28 -111.34
N LEU SC 83 -9.55 -33.16 -111.58
CA LEU SC 83 -10.00 -32.46 -112.76
C LEU SC 83 -10.96 -31.37 -112.34
N LEU SC 84 -11.38 -31.43 -111.06
CA LEU SC 84 -12.31 -30.46 -110.49
C LEU SC 84 -11.90 -29.00 -110.66
N ASP SC 85 -10.65 -28.74 -111.06
CA ASP SC 85 -10.21 -27.36 -111.26
C ASP SC 85 -10.24 -27.01 -112.75
N ASP SC 86 -10.47 -28.00 -113.60
CA ASP SC 86 -10.54 -27.76 -115.04
C ASP SC 86 -11.91 -28.05 -115.65
N THR SC 87 -12.96 -27.74 -114.89
CA THR SC 87 -14.35 -27.91 -115.30
C THR SC 87 -14.64 -28.46 -116.69
N LEU SC 88 -14.43 -27.64 -117.73
CA LEU SC 88 -14.67 -28.04 -119.10
C LEU SC 88 -14.19 -29.44 -119.49
N VAL SC 89 -12.99 -29.81 -119.06
CA VAL SC 89 -12.44 -31.11 -119.37
C VAL SC 89 -13.17 -32.14 -118.53
N LEU SC 90 -13.37 -31.82 -117.27
CA LEU SC 90 -14.08 -32.73 -116.38
C LEU SC 90 -15.43 -33.08 -117.00
N GLN SC 91 -16.13 -32.04 -117.45
CA GLN SC 91 -17.46 -32.21 -118.03
C GLN SC 91 -17.46 -33.18 -119.20
N SER SC 92 -16.35 -33.24 -119.92
CA SER SC 92 -16.24 -34.14 -121.07
C SER SC 92 -15.88 -35.54 -120.62
N HIS SC 93 -14.77 -35.69 -119.92
CA HIS SC 93 -14.36 -37.01 -119.45
C HIS SC 93 -15.46 -37.59 -118.61
N LEU SC 94 -16.22 -36.72 -117.96
CA LEU SC 94 -17.29 -37.20 -117.12
C LEU SC 94 -18.29 -37.92 -117.98
N GLY SC 95 -18.46 -37.43 -119.21
CA GLY SC 95 -19.40 -38.05 -120.13
C GLY SC 95 -18.81 -39.35 -120.59
N HIS SC 96 -17.58 -39.27 -121.09
CA HIS SC 96 -16.85 -40.43 -121.55
C HIS SC 96 -16.92 -41.54 -120.51
N LEU SC 97 -16.89 -41.15 -119.23
CA LEU SC 97 -16.92 -42.12 -118.15
C LEU SC 97 -18.30 -42.75 -118.06
N ALA SC 98 -19.32 -42.04 -118.55
CA ALA SC 98 -20.66 -42.57 -118.53
C ALA SC 98 -20.74 -43.63 -119.61
N ASP SC 99 -20.42 -43.24 -120.84
CA ASP SC 99 -20.46 -44.14 -121.98
C ASP SC 99 -19.74 -45.47 -121.70
N GLN SC 100 -18.67 -45.44 -120.92
CA GLN SC 100 -17.94 -46.65 -120.61
C GLN SC 100 -18.74 -47.54 -119.68
N HIS SC 101 -19.80 -47.01 -119.12
CA HIS SC 101 -20.63 -47.78 -118.22
C HIS SC 101 -21.99 -48.08 -118.82
N ILE SC 102 -22.36 -47.34 -119.85
CA ILE SC 102 -23.65 -47.58 -120.49
C ILE SC 102 -23.51 -48.82 -121.33
N GLN SC 103 -22.34 -48.99 -121.95
CA GLN SC 103 -22.09 -50.16 -122.78
C GLN SC 103 -21.80 -51.38 -121.93
N ARG SC 104 -21.80 -51.21 -120.62
CA ARG SC 104 -21.58 -52.32 -119.71
C ARG SC 104 -22.96 -52.77 -119.29
N LYS SC 105 -23.47 -53.76 -120.01
CA LYS SC 105 -24.81 -54.30 -119.75
C LYS SC 105 -24.99 -54.81 -118.31
N GLY SC 106 -26.00 -54.28 -117.63
CA GLY SC 106 -26.25 -54.70 -116.27
C GLY SC 106 -25.99 -53.65 -115.20
N VAL SC 107 -25.45 -52.50 -115.60
CA VAL SC 107 -25.14 -51.45 -114.66
C VAL SC 107 -26.32 -50.51 -114.48
N THR SC 108 -26.95 -50.57 -113.30
CA THR SC 108 -28.12 -49.72 -112.99
C THR SC 108 -27.77 -48.33 -112.46
N LYS SC 109 -28.77 -47.45 -112.47
CA LYS SC 109 -28.60 -46.11 -111.97
C LYS SC 109 -28.47 -46.25 -110.48
N GLU SC 110 -29.05 -47.32 -109.97
CA GLU SC 110 -29.05 -47.62 -108.55
C GLU SC 110 -27.67 -48.01 -108.02
N TYR SC 111 -27.02 -48.97 -108.67
CA TYR SC 111 -25.71 -49.41 -108.22
C TYR SC 111 -24.80 -48.22 -107.95
N PHE SC 112 -24.92 -47.16 -108.74
CA PHE SC 112 -24.10 -45.99 -108.53
C PHE SC 112 -24.48 -45.29 -107.24
N ARG SC 113 -25.76 -45.00 -107.05
CA ARG SC 113 -26.19 -44.35 -105.82
C ARG SC 113 -25.72 -45.23 -104.68
N GLY SC 114 -25.53 -46.51 -104.97
CA GLY SC 114 -25.08 -47.44 -103.95
C GLY SC 114 -23.60 -47.35 -103.59
N ILE SC 115 -22.75 -47.18 -104.60
CA ILE SC 115 -21.33 -47.08 -104.36
C ILE SC 115 -21.08 -45.73 -103.73
N GLY SC 116 -22.00 -44.80 -103.94
CA GLY SC 116 -21.85 -43.48 -103.37
C GLY SC 116 -21.97 -43.60 -101.86
N GLU SC 117 -22.94 -44.39 -101.43
CA GLU SC 117 -23.17 -44.60 -100.02
C GLU SC 117 -21.92 -45.29 -99.50
N ALA SC 118 -21.41 -46.23 -100.27
CA ALA SC 118 -20.19 -46.97 -99.91
C ALA SC 118 -19.07 -46.04 -99.41
N PHE SC 119 -18.57 -45.16 -100.27
CA PHE SC 119 -17.51 -44.24 -99.88
C PHE SC 119 -17.86 -43.49 -98.62
N ALA SC 120 -19.06 -42.91 -98.60
CA ALA SC 120 -19.53 -42.14 -97.46
C ALA SC 120 -19.52 -42.93 -96.14
N ARG SC 121 -19.28 -44.23 -96.23
CA ARG SC 121 -19.26 -45.08 -95.06
C ARG SC 121 -17.83 -45.58 -94.81
N VAL SC 122 -17.06 -45.67 -95.89
CA VAL SC 122 -15.68 -46.14 -95.81
C VAL SC 122 -14.72 -45.02 -95.50
N LEU SC 123 -14.65 -44.04 -96.40
CA LEU SC 123 -13.73 -42.92 -96.21
C LEU SC 123 -13.67 -42.38 -94.78
N PRO SC 124 -14.82 -42.06 -94.18
CA PRO SC 124 -14.79 -41.55 -92.81
C PRO SC 124 -14.07 -42.46 -91.82
N GLN SC 125 -13.64 -43.64 -92.28
CA GLN SC 125 -12.96 -44.61 -91.42
C GLN SC 125 -11.47 -44.73 -91.74
N VAL SC 126 -11.10 -44.40 -92.97
CA VAL SC 126 -9.70 -44.49 -93.38
C VAL SC 126 -8.92 -43.22 -93.11
N LEU SC 127 -9.62 -42.14 -92.84
CA LEU SC 127 -8.96 -40.87 -92.55
C LEU SC 127 -9.85 -40.02 -91.67
N SER SC 128 -9.23 -39.15 -90.87
CA SER SC 128 -9.99 -38.29 -90.00
C SER SC 128 -10.15 -36.97 -90.70
N CYS SC 129 -11.02 -36.12 -90.18
CA CYS SC 129 -11.26 -34.81 -90.77
C CYS SC 129 -11.86 -34.97 -92.16
N PHE SC 130 -12.90 -35.77 -92.24
CA PHE SC 130 -13.57 -36.02 -93.51
C PHE SC 130 -14.87 -35.26 -93.54
N ASN SC 131 -14.99 -34.32 -94.46
CA ASN SC 131 -16.19 -33.52 -94.55
C ASN SC 131 -17.26 -34.27 -95.33
N VAL SC 132 -17.77 -35.35 -94.75
CA VAL SC 132 -18.77 -36.20 -95.38
C VAL SC 132 -19.75 -35.45 -96.26
N ASP SC 133 -20.29 -34.35 -95.76
CA ASP SC 133 -21.25 -33.57 -96.55
C ASP SC 133 -20.63 -33.05 -97.84
N ALA SC 134 -19.54 -32.30 -97.70
CA ALA SC 134 -18.86 -31.73 -98.86
C ALA SC 134 -18.57 -32.83 -99.88
N TRP SC 135 -18.06 -33.96 -99.40
CA TRP SC 135 -17.75 -35.06 -100.29
C TRP SC 135 -19.04 -35.43 -100.95
N ASN SC 136 -20.01 -35.86 -100.15
CA ASN SC 136 -21.31 -36.25 -100.67
C ASN SC 136 -21.81 -35.30 -101.75
N ARG SC 137 -21.80 -34.01 -101.47
CA ARG SC 137 -22.28 -33.06 -102.47
C ARG SC 137 -21.60 -33.21 -103.82
N CYS SC 138 -20.29 -32.98 -103.88
CA CYS SC 138 -19.59 -33.09 -105.14
C CYS SC 138 -19.53 -34.47 -105.71
N PHE SC 139 -19.69 -35.50 -104.90
CA PHE SC 139 -19.64 -36.85 -105.43
C PHE SC 139 -20.94 -37.07 -106.19
N HIS SC 140 -22.05 -36.56 -105.66
CA HIS SC 140 -23.34 -36.72 -106.31
C HIS SC 140 -23.33 -36.04 -107.66
N ARG SC 141 -22.85 -34.81 -107.72
CA ARG SC 141 -22.80 -34.10 -108.98
C ARG SC 141 -22.03 -34.96 -109.99
N LEU SC 142 -20.95 -35.59 -109.54
CA LEU SC 142 -20.16 -36.46 -110.43
C LEU SC 142 -20.94 -37.70 -110.87
N VAL SC 143 -21.56 -38.37 -109.91
CA VAL SC 143 -22.34 -39.57 -110.20
C VAL SC 143 -23.51 -39.27 -111.13
N ALA SC 144 -24.33 -38.29 -110.76
CA ALA SC 144 -25.47 -37.92 -111.57
C ALA SC 144 -25.11 -37.91 -113.05
N ARG SC 145 -24.12 -37.11 -113.41
CA ARG SC 145 -23.73 -37.02 -114.80
C ARG SC 145 -23.23 -38.34 -115.36
N ILE SC 146 -22.63 -39.19 -114.53
CA ILE SC 146 -22.12 -40.47 -115.04
C ILE SC 146 -23.22 -41.45 -115.38
N ALA SC 147 -24.21 -41.48 -114.50
CA ALA SC 147 -25.36 -42.28 -114.75
C ALA SC 147 -25.83 -41.75 -116.03
N LYS SC 148 -25.74 -40.41 -116.21
CA LYS SC 148 -26.84 -39.54 -116.48
C LYS SC 148 -27.55 -39.89 -117.74
N ASP SC 149 -26.77 -40.29 -118.76
CA ASP SC 149 -27.15 -40.77 -120.08
C ASP SC 149 -27.90 -42.03 -119.96
N LEU SC 150 -27.32 -42.86 -119.08
CA LEU SC 150 -27.70 -44.21 -118.95
C LEU SC 150 -29.11 -44.15 -118.63
N PRO SC 151 -29.59 -43.28 -117.82
CA PRO SC 151 -30.98 -43.53 -117.86
C PRO SC 151 -31.70 -42.36 -118.44
N LYS TC 1 -9.01 -52.78 -73.53
CA LYS TC 1 -10.06 -51.80 -73.91
C LYS TC 1 -10.35 -52.11 -75.32
N LYS TC 2 -9.51 -51.46 -76.14
CA LYS TC 2 -9.54 -51.63 -77.55
C LYS TC 2 -8.41 -52.52 -77.89
N GLN TC 3 -8.76 -53.55 -78.67
CA GLN TC 3 -7.90 -54.54 -79.22
C GLN TC 3 -7.80 -54.06 -80.63
N CYS TC 4 -6.73 -54.38 -81.37
CA CYS TC 4 -6.50 -53.43 -82.42
C CYS TC 4 -6.72 -54.05 -83.76
N GLY TC 5 -6.77 -53.21 -84.81
CA GLY TC 5 -7.33 -53.63 -86.06
C GLY TC 5 -6.65 -52.86 -87.16
N VAL TC 6 -6.93 -53.26 -88.42
CA VAL TC 6 -6.17 -52.89 -89.58
C VAL TC 6 -6.16 -51.41 -89.76
N LEU TC 7 -7.38 -50.82 -89.88
CA LEU TC 7 -7.42 -49.38 -90.04
C LEU TC 7 -6.78 -48.64 -88.87
N GLU TC 8 -7.30 -48.84 -87.66
CA GLU TC 8 -6.77 -48.18 -86.48
C GLU TC 8 -5.26 -48.31 -86.44
N GLY TC 9 -4.75 -49.34 -87.09
CA GLY TC 9 -3.32 -49.52 -87.14
C GLY TC 9 -2.76 -48.46 -88.07
N LEU TC 10 -3.21 -48.50 -89.32
CA LEU TC 10 -2.77 -47.54 -90.33
C LEU TC 10 -2.80 -46.13 -89.78
N LYS TC 11 -3.83 -45.79 -89.01
CA LYS TC 11 -3.93 -44.46 -88.45
C LYS TC 11 -2.77 -44.21 -87.48
N VAL TC 12 -2.62 -45.06 -86.48
CA VAL TC 12 -1.54 -44.88 -85.52
C VAL TC 12 -0.21 -44.89 -86.24
N LYS TC 13 -0.01 -45.86 -87.12
CA LYS TC 13 1.25 -45.96 -87.86
C LYS TC 13 1.61 -44.65 -88.56
N SER TC 14 0.59 -43.99 -89.09
CA SER TC 14 0.78 -42.72 -89.80
C SER TC 14 1.05 -41.59 -88.81
N GLU TC 15 0.15 -41.43 -87.84
CA GLU TC 15 0.29 -40.38 -86.83
C GLU TC 15 1.61 -40.50 -86.09
N TRP TC 16 2.02 -41.73 -85.85
CA TRP TC 16 3.28 -41.92 -85.14
C TRP TC 16 4.37 -41.33 -86.00
N GLY TC 17 4.25 -41.50 -87.31
CA GLY TC 17 5.26 -40.96 -88.19
C GLY TC 17 5.51 -39.49 -87.95
N ARG TC 18 4.42 -38.74 -87.80
CA ARG TC 18 4.49 -37.31 -87.56
C ARG TC 18 5.02 -36.98 -86.16
N ALA TC 19 4.50 -37.67 -85.14
CA ALA TC 19 4.92 -37.41 -83.77
C ALA TC 19 6.38 -37.78 -83.48
N TYR TC 20 6.81 -38.91 -84.02
CA TYR TC 20 8.16 -39.39 -83.82
C TYR TC 20 9.11 -38.36 -84.37
N GLY TC 21 8.99 -38.06 -85.66
CA GLY TC 21 9.87 -37.08 -86.25
C GLY TC 21 11.31 -37.55 -86.26
N SER TC 22 12.25 -36.61 -86.26
CA SER TC 22 13.67 -36.96 -86.30
C SER TC 22 14.58 -35.89 -85.73
N GLY TC 23 15.88 -36.19 -85.70
CA GLY TC 23 16.86 -35.24 -85.17
C GLY TC 23 16.68 -34.89 -83.70
N HIS TC 24 16.52 -33.59 -83.45
CA HIS TC 24 16.33 -33.11 -82.08
C HIS TC 24 14.92 -33.37 -81.61
N ASP TC 25 13.94 -33.10 -82.46
CA ASP TC 25 12.55 -33.33 -82.09
C ASP TC 25 12.49 -34.69 -81.43
N ARG TC 26 13.23 -35.64 -81.98
CA ARG TC 26 13.26 -37.00 -81.45
C ARG TC 26 13.91 -37.03 -80.08
N GLU TC 27 15.15 -36.59 -80.02
CA GLU TC 27 15.88 -36.57 -78.75
C GLU TC 27 15.04 -35.94 -77.62
N ALA TC 28 14.09 -35.09 -77.99
CA ALA TC 28 13.23 -34.44 -77.01
C ALA TC 28 11.97 -35.27 -76.83
N PHE TC 29 11.32 -35.59 -77.93
CA PHE TC 29 10.12 -36.41 -77.91
C PHE TC 29 10.32 -37.52 -76.89
N SER TC 30 11.44 -38.23 -77.01
CA SER TC 30 11.74 -39.32 -76.07
C SER TC 30 11.93 -38.75 -74.67
N GLN TC 31 12.76 -37.72 -74.57
CA GLN TC 31 12.99 -37.05 -73.30
C GLN TC 31 11.65 -36.79 -72.61
N ALA TC 32 10.78 -36.02 -73.25
CA ALA TC 32 9.48 -35.68 -72.71
C ALA TC 32 8.76 -36.89 -72.20
N ILE TC 33 8.68 -37.91 -73.05
CA ILE TC 33 8.00 -39.15 -72.69
C ILE TC 33 8.52 -39.76 -71.41
N TRP TC 34 9.83 -39.93 -71.31
CA TRP TC 34 10.37 -40.50 -70.09
C TRP TC 34 10.12 -39.66 -68.86
N ARG TC 35 10.26 -38.34 -69.00
CA ARG TC 35 10.01 -37.47 -67.87
C ARG TC 35 8.58 -37.67 -67.38
N ALA TC 36 7.66 -37.80 -68.32
CA ALA TC 36 6.26 -38.01 -67.98
C ALA TC 36 6.09 -39.38 -67.31
N THR TC 37 6.84 -40.37 -67.77
CA THR TC 37 6.75 -41.70 -67.19
C THR TC 37 7.24 -41.69 -65.76
N PHE TC 38 8.49 -41.29 -65.57
CA PHE TC 38 9.08 -41.25 -64.24
C PHE TC 38 8.30 -40.38 -63.28
N ALA TC 39 7.71 -39.31 -63.79
CA ALA TC 39 6.95 -38.43 -62.93
C ALA TC 39 5.76 -39.16 -62.35
N GLN TC 40 5.24 -40.10 -63.13
CA GLN TC 40 4.09 -40.88 -62.69
C GLN TC 40 4.47 -41.93 -61.67
N VAL TC 41 5.50 -42.71 -61.99
CA VAL TC 41 5.96 -43.76 -61.09
C VAL TC 41 7.44 -43.63 -60.78
N PRO TC 42 7.80 -42.70 -59.89
CA PRO TC 42 9.20 -42.52 -59.54
C PRO TC 42 9.87 -43.83 -59.12
N GLU TC 43 9.06 -44.76 -58.65
CA GLU TC 43 9.56 -46.06 -58.22
C GLU TC 43 10.40 -46.71 -59.30
N SER TC 44 9.94 -46.60 -60.54
CA SER TC 44 10.59 -47.22 -61.70
C SER TC 44 12.00 -46.72 -62.03
N ARG TC 45 12.39 -45.57 -61.51
CA ARG TC 45 13.73 -45.09 -61.82
C ARG TC 45 14.77 -46.12 -61.45
N SER TC 46 14.50 -46.90 -60.41
CA SER TC 46 15.42 -47.93 -59.93
C SER TC 46 15.81 -48.98 -60.97
N LEU TC 47 14.95 -49.23 -61.94
CA LEU TC 47 15.24 -50.23 -62.97
C LEU TC 47 16.28 -49.78 -63.98
N PHE TC 48 16.33 -48.48 -64.22
CA PHE TC 48 17.29 -47.95 -65.18
C PHE TC 48 18.50 -47.37 -64.49
N LYS TC 49 18.85 -47.95 -63.35
CA LYS TC 49 20.00 -47.48 -62.61
C LYS TC 49 21.25 -47.75 -63.45
N ARG TC 50 21.16 -48.77 -64.28
CA ARG TC 50 22.27 -49.18 -65.13
C ARG TC 50 22.59 -48.17 -66.22
N VAL TC 51 21.56 -47.47 -66.69
CA VAL TC 51 21.73 -46.51 -67.75
C VAL TC 51 21.36 -45.10 -67.26
N HIS TC 52 22.02 -44.70 -66.18
CA HIS TC 52 21.79 -43.39 -65.57
C HIS TC 52 20.34 -42.93 -65.61
N GLY TC 53 19.49 -43.64 -64.88
CA GLY TC 53 18.08 -43.28 -64.82
C GLY TC 53 17.91 -42.12 -63.86
N ASP TC 54 18.93 -41.90 -63.04
CA ASP TC 54 18.86 -40.82 -62.08
C ASP TC 54 18.79 -39.46 -62.77
N ASP TC 55 19.54 -39.30 -63.86
CA ASP TC 55 19.55 -38.04 -64.60
C ASP TC 55 19.07 -38.27 -66.02
N THR TC 56 17.80 -38.00 -66.25
CA THR TC 56 17.19 -38.16 -67.55
C THR TC 56 17.94 -37.48 -68.71
N SER TC 57 18.77 -36.49 -68.40
CA SER TC 57 19.53 -35.74 -69.39
C SER TC 57 20.95 -36.26 -69.66
N HIS TC 58 21.33 -37.34 -68.99
CA HIS TC 58 22.66 -37.93 -69.16
C HIS TC 58 22.72 -38.68 -70.47
N PRO TC 59 23.77 -38.45 -71.25
CA PRO TC 59 23.90 -39.13 -72.54
C PRO TC 59 23.53 -40.61 -72.51
N ALA TC 60 24.02 -41.33 -71.51
CA ALA TC 60 23.73 -42.74 -71.41
C ALA TC 60 22.25 -42.99 -71.51
N PHE TC 61 21.49 -42.23 -70.74
CA PHE TC 61 20.04 -42.36 -70.73
C PHE TC 61 19.43 -41.85 -72.02
N ILE TC 62 19.97 -40.76 -72.55
CA ILE TC 62 19.49 -40.18 -73.80
C ILE TC 62 19.52 -41.26 -74.85
N ALA TC 63 20.63 -41.98 -74.86
CA ALA TC 63 20.81 -43.08 -75.78
C ALA TC 63 19.70 -44.05 -75.50
N HIS TC 64 19.66 -44.56 -74.28
CA HIS TC 64 18.63 -45.51 -73.88
C HIS TC 64 17.26 -45.12 -74.38
N ALA TC 65 16.83 -43.91 -74.07
CA ALA TC 65 15.53 -43.43 -74.50
C ALA TC 65 15.39 -43.54 -76.00
N ASP TC 66 16.24 -42.83 -76.73
CA ASP TC 66 16.22 -42.84 -78.18
C ASP TC 66 16.24 -44.30 -78.68
N ARG TC 67 16.84 -45.19 -77.88
CA ARG TC 67 16.95 -46.61 -78.24
C ARG TC 67 15.65 -47.35 -78.02
N VAL TC 68 14.92 -46.95 -77.00
CA VAL TC 68 13.65 -47.56 -76.66
C VAL TC 68 12.63 -47.21 -77.72
N LEU TC 69 12.44 -45.92 -77.97
CA LEU TC 69 11.50 -45.47 -78.97
C LEU TC 69 11.78 -46.26 -80.22
N GLY TC 70 13.06 -46.50 -80.49
CA GLY TC 70 13.46 -47.27 -81.66
C GLY TC 70 12.63 -48.53 -81.80
N GLY TC 71 12.59 -49.33 -80.75
CA GLY TC 71 11.82 -50.55 -80.79
C GLY TC 71 10.36 -50.24 -81.04
N LEU TC 72 9.80 -49.34 -80.24
CA LEU TC 72 8.41 -48.94 -80.39
C LEU TC 72 8.16 -48.60 -81.84
N ASP TC 73 9.15 -48.02 -82.51
CA ASP TC 73 9.01 -47.67 -83.91
C ASP TC 73 8.77 -48.97 -84.67
N ILE TC 74 9.74 -49.85 -84.65
CA ILE TC 74 9.60 -51.13 -85.33
C ILE TC 74 8.23 -51.73 -85.07
N ALA TC 75 7.81 -51.74 -83.81
CA ALA TC 75 6.51 -52.29 -83.45
C ALA TC 75 5.42 -51.63 -84.25
N ILE TC 76 5.17 -50.36 -83.97
CA ILE TC 76 4.15 -49.60 -84.68
C ILE TC 76 4.32 -49.73 -86.20
N SER TC 77 5.54 -49.49 -86.71
CA SER TC 77 5.72 -49.47 -88.11
C SER TC 77 5.48 -50.84 -88.67
N THR TC 78 5.88 -51.93 -87.97
CA THR TC 78 5.73 -53.25 -88.53
C THR TC 78 4.29 -53.69 -88.59
N LEU TC 79 3.48 -53.26 -87.61
CA LEU TC 79 2.29 -53.88 -87.08
C LEU TC 79 1.23 -54.00 -88.11
N ASP TC 80 1.31 -53.14 -89.15
CA ASP TC 80 0.26 -53.06 -90.12
C ASP TC 80 0.02 -54.47 -90.61
N GLN TC 81 1.08 -55.10 -91.13
CA GLN TC 81 0.98 -56.46 -91.57
C GLN TC 81 1.33 -57.36 -90.43
N PRO TC 82 0.38 -58.26 -90.22
CA PRO TC 82 0.31 -59.24 -89.14
C PRO TC 82 1.47 -60.23 -89.17
N ALA TC 83 1.78 -60.72 -90.36
CA ALA TC 83 2.86 -61.67 -90.52
C ALA TC 83 4.14 -61.20 -89.82
N THR TC 84 4.64 -60.06 -90.27
CA THR TC 84 5.87 -59.47 -89.76
C THR TC 84 5.73 -59.02 -88.30
N LEU TC 85 4.74 -58.18 -88.04
CA LEU TC 85 4.51 -57.70 -86.67
C LEU TC 85 4.65 -58.86 -85.71
N LYS TC 86 3.90 -59.91 -85.99
CA LYS TC 86 3.91 -61.12 -85.17
C LYS TC 86 5.35 -61.39 -84.75
N GLU TC 87 6.23 -61.48 -85.75
CA GLU TC 87 7.62 -61.76 -85.48
C GLU TC 87 8.27 -60.77 -84.54
N GLU TC 88 8.23 -59.48 -84.89
CA GLU TC 88 8.83 -58.46 -84.04
C GLU TC 88 8.33 -58.59 -82.61
N LEU TC 89 7.02 -58.66 -82.45
CA LEU TC 89 6.46 -58.78 -81.13
C LEU TC 89 7.08 -59.98 -80.43
N ASP TC 90 7.04 -61.12 -81.10
CA ASP TC 90 7.61 -62.34 -80.53
C ASP TC 90 9.05 -62.12 -80.11
N HIS TC 91 9.81 -61.46 -80.96
CA HIS TC 91 11.21 -61.18 -80.68
C HIS TC 91 11.29 -60.42 -79.37
N LEU TC 92 10.50 -59.36 -79.25
CA LEU TC 92 10.50 -58.56 -78.05
C LEU TC 92 10.13 -59.44 -76.87
N GLN TC 93 9.02 -60.16 -77.03
CA GLN TC 93 8.51 -61.05 -76.00
C GLN TC 93 9.65 -61.74 -75.29
N VAL TC 94 10.60 -62.24 -76.07
CA VAL TC 94 11.75 -62.94 -75.54
C VAL TC 94 12.67 -62.05 -74.72
N GLN TC 95 13.07 -60.91 -75.30
CA GLN TC 95 13.96 -60.00 -74.60
C GLN TC 95 13.37 -59.57 -73.26
N HIS TC 96 12.08 -59.85 -73.06
CA HIS TC 96 11.42 -59.46 -71.81
C HIS TC 96 11.06 -60.58 -70.85
N GLU TC 97 10.81 -61.72 -71.43
CA GLU TC 97 10.22 -62.78 -70.64
C GLU TC 97 11.27 -63.28 -69.71
N GLY TC 98 10.91 -63.53 -68.44
CA GLY TC 98 11.83 -64.02 -67.47
C GLY TC 98 11.90 -63.00 -66.39
N ARG TC 99 11.63 -61.74 -66.76
CA ARG TC 99 12.00 -60.61 -65.97
C ARG TC 99 10.76 -60.04 -65.41
N LYS TC 100 10.73 -59.76 -64.11
CA LYS TC 100 9.46 -59.29 -63.67
C LYS TC 100 9.41 -57.83 -63.99
N ILE TC 101 8.32 -57.38 -64.68
CA ILE TC 101 7.96 -55.98 -64.79
C ILE TC 101 6.47 -55.88 -64.68
N PRO TC 102 6.10 -55.20 -63.69
CA PRO TC 102 4.73 -55.05 -63.31
C PRO TC 102 4.03 -54.36 -64.42
N ASP TC 103 2.74 -54.60 -64.46
CA ASP TC 103 1.85 -54.03 -65.48
C ASP TC 103 1.56 -52.58 -65.11
N ASN TC 104 1.90 -52.22 -63.87
CA ASN TC 104 1.71 -50.89 -63.36
C ASN TC 104 2.53 -49.89 -64.16
N TYR TC 105 3.81 -50.19 -64.37
CA TYR TC 105 4.70 -49.30 -65.12
C TYR TC 105 4.29 -49.16 -66.57
N PHE TC 106 4.13 -50.27 -67.27
CA PHE TC 106 3.75 -50.21 -68.66
C PHE TC 106 2.59 -49.26 -68.83
N ASP TC 107 1.65 -49.32 -67.90
CA ASP TC 107 0.48 -48.45 -67.95
C ASP TC 107 0.92 -47.00 -67.99
N ALA TC 108 1.78 -46.61 -67.05
CA ALA TC 108 2.27 -45.24 -66.98
C ALA TC 108 2.99 -44.85 -68.27
N PHE TC 109 3.87 -45.71 -68.74
CA PHE TC 109 4.63 -45.44 -69.94
C PHE TC 109 3.69 -45.21 -71.13
N LYS TC 110 2.57 -45.92 -71.16
CA LYS TC 110 1.63 -45.75 -72.25
C LYS TC 110 1.07 -44.35 -72.13
N THR TC 111 0.53 -44.06 -70.95
CA THR TC 111 -0.04 -42.76 -70.69
C THR TC 111 0.97 -41.71 -71.14
N ALA TC 112 2.21 -41.83 -70.69
CA ALA TC 112 3.23 -40.87 -71.06
C ALA TC 112 3.20 -40.67 -72.58
N ILE TC 113 3.51 -41.73 -73.32
CA ILE TC 113 3.51 -41.69 -74.77
C ILE TC 113 2.31 -40.95 -75.27
N LEU TC 114 1.12 -41.40 -74.89
CA LEU TC 114 -0.10 -40.75 -75.34
C LEU TC 114 -0.13 -39.25 -75.10
N HIS TC 115 0.13 -38.82 -73.87
CA HIS TC 115 0.11 -37.40 -73.58
C HIS TC 115 1.09 -36.62 -74.41
N VAL TC 116 2.31 -37.13 -74.52
CA VAL TC 116 3.31 -36.43 -75.33
C VAL TC 116 2.87 -36.40 -76.80
N VAL TC 117 2.54 -37.55 -77.37
CA VAL TC 117 2.11 -37.60 -78.75
C VAL TC 117 1.00 -36.58 -78.98
N ALA TC 118 0.03 -36.55 -78.10
CA ALA TC 118 -1.07 -35.60 -78.25
C ALA TC 118 -0.54 -34.18 -78.25
N ALA TC 119 0.43 -33.91 -77.39
CA ALA TC 119 1.00 -32.58 -77.31
C ALA TC 119 1.73 -32.26 -78.60
N GLN TC 120 2.35 -33.27 -79.18
CA GLN TC 120 3.09 -33.06 -80.42
C GLN TC 120 2.24 -32.94 -81.69
N LEU TC 121 1.16 -33.69 -81.78
CA LEU TC 121 0.34 -33.66 -82.98
C LEU TC 121 -0.70 -32.55 -83.02
N GLY TC 122 -0.83 -31.82 -81.91
CA GLY TC 122 -1.80 -30.75 -81.89
C GLY TC 122 -3.26 -31.17 -81.97
N ARG TC 123 -3.79 -31.29 -83.19
CA ARG TC 123 -5.19 -31.62 -83.38
C ARG TC 123 -5.55 -32.95 -84.03
N CYS TC 124 -4.80 -33.34 -85.05
CA CYS TC 124 -5.09 -34.57 -85.73
C CYS TC 124 -4.48 -35.76 -85.01
N TYR TC 125 -5.26 -36.36 -84.13
CA TYR TC 125 -4.81 -37.50 -83.34
C TYR TC 125 -5.99 -38.21 -82.66
N ASP TC 126 -6.16 -39.49 -82.97
CA ASP TC 126 -7.24 -40.31 -82.40
C ASP TC 126 -6.72 -40.98 -81.15
N ARG TC 127 -7.28 -40.64 -80.00
CA ARG TC 127 -6.81 -41.21 -78.75
C ARG TC 127 -7.08 -42.70 -78.67
N GLU TC 128 -8.35 -43.09 -78.73
CA GLU TC 128 -8.74 -44.49 -78.64
C GLU TC 128 -7.81 -45.38 -79.47
N ALA TC 129 -7.62 -45.01 -80.72
CA ALA TC 129 -6.76 -45.76 -81.64
C ALA TC 129 -5.39 -46.04 -81.08
N TRP TC 130 -4.70 -44.99 -80.66
CA TRP TC 130 -3.37 -45.16 -80.09
C TRP TC 130 -3.47 -46.07 -78.89
N ASP TC 131 -4.34 -45.70 -77.95
CA ASP TC 131 -4.52 -46.50 -76.74
C ASP TC 131 -4.58 -47.97 -77.13
N ALA TC 132 -5.51 -48.28 -78.03
CA ALA TC 132 -5.67 -49.66 -78.47
C ALA TC 132 -4.38 -50.31 -78.98
N CYS TC 133 -3.66 -49.62 -79.85
CA CYS TC 133 -2.44 -50.17 -80.42
C CYS TC 133 -1.27 -50.20 -79.49
N ILE TC 134 -1.04 -49.12 -78.76
CA ILE TC 134 0.08 -49.11 -77.83
C ILE TC 134 -0.15 -50.30 -76.92
N ASP TC 135 -1.41 -50.56 -76.61
CA ASP TC 135 -1.78 -51.67 -75.75
C ASP TC 135 -1.33 -52.95 -76.42
N HIS TC 136 -1.89 -53.25 -77.58
CA HIS TC 136 -1.54 -54.47 -78.30
C HIS TC 136 -0.03 -54.66 -78.35
N ILE TC 137 0.72 -53.57 -78.52
CA ILE TC 137 2.16 -53.68 -78.59
C ILE TC 137 2.74 -54.05 -77.23
N GLU TC 138 2.21 -53.43 -76.19
CA GLU TC 138 2.70 -53.72 -74.85
C GLU TC 138 2.38 -55.14 -74.48
N ASP TC 139 1.17 -55.58 -74.78
CA ASP TC 139 0.77 -56.95 -74.44
C ASP TC 139 1.82 -57.87 -75.03
N GLY TC 140 2.17 -57.64 -76.29
CA GLY TC 140 3.16 -58.48 -76.93
C GLY TC 140 4.51 -58.50 -76.25
N ILE TC 141 4.73 -57.55 -75.34
CA ILE TC 141 6.01 -57.48 -74.64
C ILE TC 141 5.92 -58.08 -73.23
N LYS TC 142 4.74 -58.04 -72.65
CA LYS TC 142 4.55 -58.59 -71.32
C LYS TC 142 4.22 -60.07 -71.43
N GLY TC 143 3.38 -60.40 -72.44
CA GLY TC 143 3.16 -61.81 -72.55
C GLY TC 143 1.92 -62.07 -71.79
N HIS TC 144 1.15 -60.98 -71.64
CA HIS TC 144 0.42 -60.70 -70.46
C HIS TC 144 -0.60 -61.75 -70.18
N HIS TC 145 -0.49 -62.21 -68.93
CA HIS TC 145 -0.51 -63.59 -68.51
C HIS TC 145 0.90 -63.70 -68.03
N LYS UC 1 84.01 68.45 36.35
CA LYS UC 1 84.31 67.83 37.64
C LYS UC 1 84.51 68.78 38.75
N LYS UC 2 84.49 68.18 39.94
CA LYS UC 2 84.69 68.80 41.20
C LYS UC 2 86.11 69.18 41.37
N GLN UC 3 86.27 70.33 42.04
CA GLN UC 3 87.54 70.79 42.50
C GLN UC 3 87.88 70.03 43.74
N CYS UC 4 89.20 69.83 43.92
CA CYS UC 4 89.67 69.35 45.18
C CYS UC 4 90.00 70.53 46.00
N GLY UC 5 89.80 70.32 47.30
CA GLY UC 5 90.13 71.22 48.34
C GLY UC 5 89.54 70.64 49.57
N VAL UC 6 89.26 71.51 50.56
CA VAL UC 6 88.99 71.13 51.89
C VAL UC 6 87.82 70.18 51.95
N LEU UC 7 86.65 70.67 51.60
CA LEU UC 7 85.39 69.99 51.84
C LEU UC 7 85.36 68.58 51.25
N GLU UC 8 85.51 68.48 49.94
CA GLU UC 8 85.48 67.18 49.28
C GLU UC 8 86.37 66.20 50.01
N GLY UC 9 87.35 66.71 50.72
CA GLY UC 9 88.21 65.84 51.48
C GLY UC 9 87.42 65.33 52.67
N LEU UC 10 86.96 66.26 53.50
CA LEU UC 10 86.17 65.91 54.67
C LEU UC 10 85.09 64.91 54.32
N LYS UC 11 84.46 65.08 53.17
CA LYS UC 11 83.41 64.15 52.78
C LYS UC 11 83.99 62.77 52.57
N VAL UC 12 84.99 62.64 51.71
CA VAL UC 12 85.59 61.33 51.47
C VAL UC 12 86.13 60.74 52.77
N LYS UC 13 86.84 61.54 53.53
CA LYS UC 13 87.42 61.08 54.78
C LYS UC 13 86.35 60.47 55.69
N SER UC 14 85.16 61.05 55.67
CA SER UC 14 84.06 60.59 56.49
C SER UC 14 83.46 59.33 55.91
N GLU UC 15 83.07 59.40 54.64
CA GLU UC 15 82.47 58.26 53.98
C GLU UC 15 83.40 57.06 54.01
N TRP UC 16 84.69 57.31 53.89
CA TRP UC 16 85.65 56.22 53.91
C TRP UC 16 85.56 55.54 55.26
N GLY UC 17 85.35 56.34 56.29
CA GLY UC 17 85.22 55.78 57.62
C GLY UC 17 84.15 54.70 57.67
N ARG UC 18 83.01 54.97 57.03
CA ARG UC 18 81.91 54.03 57.01
C ARG UC 18 82.20 52.84 56.12
N ALA UC 19 82.74 53.07 54.94
CA ALA UC 19 83.02 51.99 54.01
C ALA UC 19 84.12 51.05 54.47
N TYR UC 20 85.18 51.61 55.05
CA TYR UC 20 86.30 50.83 55.52
C TYR UC 20 85.82 49.85 56.57
N GLY UC 21 85.24 50.39 57.63
CA GLY UC 21 84.73 49.55 58.69
C GLY UC 21 85.85 48.81 59.38
N SER UC 22 85.54 47.65 59.96
CA SER UC 22 86.54 46.88 60.69
C SER UC 22 86.24 45.40 60.76
N GLY UC 23 87.15 44.65 61.37
CA GLY UC 23 86.98 43.22 61.51
C GLY UC 23 86.89 42.44 60.21
N HIS UC 24 85.78 41.72 60.04
CA HIS UC 24 85.57 40.94 58.85
C HIS UC 24 85.16 41.83 57.69
N ASP UC 25 84.27 42.77 57.94
CA ASP UC 25 83.84 43.69 56.89
C ASP UC 25 85.08 44.16 56.15
N ARG UC 26 86.13 44.45 56.91
CA ARG UC 26 87.38 44.90 56.34
C ARG UC 26 88.02 43.79 55.52
N GLU UC 27 88.32 42.65 56.14
CA GLU UC 27 88.92 41.52 55.43
C GLU UC 27 88.22 41.22 54.11
N ALA UC 28 86.94 41.61 54.00
CA ALA UC 28 86.17 41.40 52.79
C ALA UC 28 86.29 42.61 51.91
N PHE UC 29 85.96 43.76 52.47
CA PHE UC 29 86.05 45.04 51.75
C PHE UC 29 87.29 45.02 50.87
N SER UC 30 88.43 44.69 51.46
CA SER UC 30 89.69 44.61 50.73
C SER UC 30 89.58 43.50 49.69
N GLN UC 31 89.14 42.33 50.14
CA GLN UC 31 88.97 41.19 49.25
C GLN UC 31 88.23 41.61 47.99
N ALA UC 32 87.04 42.14 48.18
CA ALA UC 32 86.19 42.60 47.06
C ALA UC 32 86.95 43.52 46.15
N ILE UC 33 87.57 44.54 46.73
CA ILE UC 33 88.33 45.50 45.96
C ILE UC 33 89.37 44.84 45.06
N TRP UC 34 90.22 44.00 45.63
CA TRP UC 34 91.24 43.35 44.82
C TRP UC 34 90.65 42.49 43.74
N ARG UC 35 89.60 41.73 44.05
CA ARG UC 35 88.98 40.89 43.04
C ARG UC 35 88.53 41.74 41.88
N ALA UC 36 87.98 42.91 42.19
CA ALA UC 36 87.53 43.83 41.17
C ALA UC 36 88.71 44.37 40.37
N THR UC 37 89.82 44.61 41.06
CA THR UC 37 91.01 45.11 40.38
C THR UC 37 91.55 44.08 39.41
N PHE UC 38 91.91 42.92 39.94
CA PHE UC 38 92.45 41.85 39.12
C PHE UC 38 91.52 41.44 37.98
N ALA UC 39 90.21 41.51 38.21
CA ALA UC 39 89.25 41.15 37.18
C ALA UC 39 89.39 42.09 36.00
N GLN UC 40 89.75 43.35 36.29
CA GLN UC 40 89.92 44.38 35.26
C GLN UC 40 91.21 44.18 34.50
N VAL UC 41 92.29 44.04 35.22
CA VAL UC 41 93.59 43.87 34.59
C VAL UC 41 94.29 42.62 35.08
N PRO UC 42 93.88 41.44 34.59
CA PRO UC 42 94.52 40.20 35.02
C PRO UC 42 96.05 40.24 34.90
N GLU UC 43 96.52 41.08 33.97
CA GLU UC 43 97.96 41.24 33.74
C GLU UC 43 98.72 41.54 35.04
N SER UC 44 98.13 42.40 35.88
CA SER UC 44 98.74 42.82 37.13
C SER UC 44 98.98 41.75 38.16
N ARG UC 45 98.31 40.60 38.05
CA ARG UC 45 98.52 39.57 39.03
C ARG UC 45 99.99 39.23 39.15
N SER UC 46 100.71 39.33 38.04
CA SER UC 46 102.14 39.02 38.02
C SER UC 46 103.00 39.83 39.01
N LEU UC 47 102.56 41.03 39.38
CA LEU UC 47 103.32 41.85 40.29
C LEU UC 47 103.27 41.37 41.72
N PHE UC 48 102.16 40.74 42.09
CA PHE UC 48 102.01 40.25 43.45
C PHE UC 48 102.26 38.77 43.54
N LYS UC 49 103.18 38.29 42.70
CA LYS UC 49 103.54 36.88 42.70
C LYS UC 49 104.21 36.57 44.03
N ARG UC 50 104.86 37.57 44.60
CA ARG UC 50 105.59 37.42 45.85
C ARG UC 50 104.68 37.19 47.04
N VAL UC 51 103.47 37.74 46.98
CA VAL UC 51 102.52 37.62 48.05
C VAL UC 51 101.26 36.88 47.59
N HIS UC 52 101.48 35.69 47.03
CA HIS UC 52 100.41 34.85 46.54
C HIS UC 52 99.27 35.62 45.88
N GLY UC 53 99.58 36.27 44.76
CA GLY UC 53 98.59 37.02 44.02
C GLY UC 53 97.76 36.04 43.22
N ASP UC 54 98.24 34.82 43.06
CA ASP UC 54 97.51 33.81 42.30
C ASP UC 54 96.19 33.46 42.99
N ASP UC 55 96.20 33.38 44.32
CA ASP UC 55 95.00 33.05 45.08
C ASP UC 55 94.65 34.18 46.04
N THR UC 56 93.72 35.02 45.61
CA THR UC 56 93.27 36.15 46.39
C THR UC 56 92.84 35.80 47.82
N SER UC 57 92.51 34.55 48.06
CA SER UC 57 92.06 34.09 49.39
C SER UC 57 93.18 33.52 50.29
N HIS UC 58 94.41 33.53 49.81
CA HIS UC 58 95.54 33.02 50.58
C HIS UC 58 95.92 34.00 51.65
N PRO UC 59 96.12 33.53 52.88
CA PRO UC 59 96.48 34.41 53.99
C PRO UC 59 97.52 35.46 53.63
N ALA UC 60 98.58 35.03 52.96
CA ALA UC 60 99.64 35.94 52.58
C ALA UC 60 99.05 37.17 51.89
N PHE UC 61 98.22 36.91 50.89
CA PHE UC 61 97.59 37.98 50.13
C PHE UC 61 96.59 38.73 51.00
N ILE UC 62 95.84 38.00 51.83
CA ILE UC 62 94.84 38.62 52.69
C ILE UC 62 95.53 39.69 53.47
N ALA UC 63 96.69 39.31 53.99
CA ALA UC 63 97.51 40.21 54.77
C ALA UC 63 97.81 41.40 53.87
N HIS UC 64 98.48 41.11 52.76
CA HIS UC 64 98.83 42.16 51.81
C HIS UC 64 97.70 43.14 51.58
N ALA UC 65 96.53 42.62 51.22
CA ALA UC 65 95.37 43.46 50.96
C ALA UC 65 95.09 44.34 52.16
N ASP UC 66 94.76 43.70 53.27
CA ASP UC 66 94.48 44.43 54.49
C ASP UC 66 95.60 45.45 54.78
N ARG UC 67 96.81 45.14 54.32
CA ARG UC 67 97.98 45.98 54.55
C ARG UC 67 97.97 47.18 53.63
N VAL UC 68 97.46 46.98 52.42
CA VAL UC 68 97.39 48.03 51.43
C VAL UC 68 96.36 49.07 51.83
N LEU UC 69 95.14 48.61 52.06
CA LEU UC 69 94.08 49.51 52.47
C LEU UC 69 94.62 50.34 53.60
N GLY UC 70 95.42 49.70 54.46
CA GLY UC 70 96.02 50.41 55.60
C GLY UC 70 96.63 51.73 55.18
N GLY UC 71 97.50 51.69 54.18
CA GLY UC 71 98.12 52.91 53.71
C GLY UC 71 97.06 53.86 53.22
N LEU UC 72 96.19 53.36 52.34
CA LEU UC 72 95.11 54.18 51.80
C LEU UC 72 94.40 54.88 52.94
N ASP UC 73 94.26 54.19 54.07
CA ASP UC 73 93.62 54.78 55.23
C ASP UC 73 94.42 56.01 55.60
N ILE UC 74 95.66 55.79 56.01
CA ILE UC 74 96.50 56.90 56.40
C ILE UC 74 96.36 58.05 55.43
N ALA UC 75 96.40 57.74 54.12
CA ALA UC 75 96.29 58.77 53.11
C ALA UC 75 95.00 59.57 53.31
N ILE UC 76 93.89 58.92 53.06
CA ILE UC 76 92.60 59.55 53.21
C ILE UC 76 92.46 60.22 54.55
N SER UC 77 92.77 59.52 55.64
CA SER UC 77 92.51 60.07 56.95
C SER UC 77 93.29 61.35 57.15
N THR UC 78 94.61 61.36 56.85
CA THR UC 78 95.40 62.56 56.99
C THR UC 78 94.90 63.58 56.03
N LEU UC 79 94.36 63.14 54.88
CA LEU UC 79 94.61 63.72 53.59
C LEU UC 79 94.32 65.18 53.63
N ASP UC 80 93.15 65.58 54.15
CA ASP UC 80 92.71 66.92 53.91
C ASP UC 80 93.61 67.91 54.57
N GLN UC 81 94.09 67.63 55.80
CA GLN UC 81 95.10 68.51 56.32
C GLN UC 81 96.34 68.18 55.53
N PRO UC 82 96.90 69.26 54.95
CA PRO UC 82 98.02 69.33 54.02
C PRO UC 82 99.35 68.92 54.63
N ALA UC 83 99.61 69.44 55.83
CA ALA UC 83 100.84 69.15 56.54
C ALA UC 83 101.13 67.65 56.59
N THR UC 84 100.21 66.90 57.20
CA THR UC 84 100.33 65.46 57.36
C THR UC 84 100.28 64.73 56.02
N LEU UC 85 99.22 64.96 55.28
CA LEU UC 85 99.05 64.31 53.97
C LEU UC 85 100.37 64.36 53.24
N LYS UC 86 100.90 65.57 53.12
CA LYS UC 86 102.17 65.79 52.46
C LYS UC 86 103.10 64.64 52.83
N GLU UC 87 103.25 64.44 54.14
CA GLU UC 87 104.15 63.41 54.62
C GLU UC 87 103.80 62.02 54.10
N GLU UC 88 102.58 61.58 54.34
CA GLU UC 88 102.16 60.25 53.89
C GLU UC 88 102.45 60.09 52.42
N LEU UC 89 102.01 61.04 51.61
CA LEU UC 89 102.24 60.96 50.17
C LEU UC 89 103.71 60.78 49.91
N ASP UC 90 104.51 61.66 50.50
CA ASP UC 90 105.96 61.58 50.33
C ASP UC 90 106.47 60.19 50.69
N HIS UC 91 105.98 59.65 51.80
CA HIS UC 91 106.39 58.33 52.26
C HIS UC 91 106.10 57.33 51.14
N LEU UC 92 104.89 57.36 50.62
CA LEU UC 92 104.50 56.47 49.55
C LEU UC 92 105.43 56.67 48.37
N GLN UC 93 105.56 57.93 47.96
CA GLN UC 93 106.40 58.30 46.84
C GLN UC 93 107.66 57.47 46.83
N VAL UC 94 108.28 57.34 47.99
CA VAL UC 94 109.52 56.57 48.12
C VAL UC 94 109.32 55.08 47.85
N GLN UC 95 108.35 54.47 48.52
CA GLN UC 95 108.10 53.05 48.35
C GLN UC 95 107.83 52.71 46.89
N HIS UC 96 107.59 53.74 46.07
CA HIS UC 96 107.30 53.52 44.65
C HIS UC 96 108.39 53.92 43.65
N GLU UC 97 109.14 54.95 44.05
CA GLU UC 97 110.17 55.49 43.23
C GLU UC 97 111.27 54.48 43.20
N GLY UC 98 111.88 54.35 42.01
CA GLY UC 98 112.76 53.29 41.68
C GLY UC 98 112.03 52.39 40.74
N ARG UC 99 110.70 52.35 40.85
CA ARG UC 99 110.03 51.43 40.01
C ARG UC 99 109.32 52.23 38.97
N LYS UC 100 109.10 51.66 37.77
CA LYS UC 100 108.04 52.36 37.14
C LYS UC 100 106.85 51.47 37.10
N ILE UC 101 105.73 52.16 37.42
CA ILE UC 101 104.40 51.66 37.67
C ILE UC 101 103.46 52.48 36.86
N PRO UC 102 103.03 51.74 35.93
CA PRO UC 102 102.22 52.16 34.84
C PRO UC 102 100.90 52.51 35.39
N ASP UC 103 100.29 53.58 34.77
CA ASP UC 103 99.16 54.36 35.23
C ASP UC 103 97.87 53.59 34.89
N ASN UC 104 98.02 52.57 34.07
CA ASN UC 104 96.93 51.75 33.65
C ASN UC 104 96.34 51.03 34.83
N TYR UC 105 97.21 50.41 35.64
CA TYR UC 105 96.75 49.66 36.83
C TYR UC 105 96.10 50.55 37.87
N PHE UC 106 96.81 51.60 38.28
CA PHE UC 106 96.26 52.51 39.28
C PHE UC 106 94.85 52.87 38.92
N ASP UC 107 94.62 53.11 37.63
CA ASP UC 107 93.30 53.47 37.15
C ASP UC 107 92.29 52.39 37.57
N ALA UC 108 92.60 51.14 37.25
CA ALA UC 108 91.71 50.02 37.58
C ALA UC 108 91.48 49.92 39.08
N PHE UC 109 92.55 50.00 39.84
CA PHE UC 109 92.47 49.91 41.28
C PHE UC 109 91.56 50.99 41.84
N LYS UC 110 91.58 52.18 41.23
CA LYS UC 110 90.71 53.28 41.68
C LYS UC 110 89.28 52.84 41.42
N THR UC 111 89.02 52.48 40.17
CA THR UC 111 87.72 52.03 39.78
C THR UC 111 87.25 50.97 40.78
N ALA UC 112 88.08 49.96 41.00
CA ALA UC 112 87.72 48.92 41.94
C ALA UC 112 87.22 49.57 43.23
N ILE UC 113 88.10 50.29 43.93
CA ILE UC 113 87.75 50.96 45.17
C ILE UC 113 86.41 51.65 45.08
N LEU UC 114 86.26 52.52 44.09
CA LEU UC 114 85.01 53.23 43.90
C LEU UC 114 83.79 52.32 43.83
N HIS UC 115 83.82 51.32 42.96
CA HIS UC 115 82.69 50.43 42.84
C HIS UC 115 82.37 49.72 44.14
N VAL UC 116 83.38 49.19 44.81
CA VAL UC 116 83.14 48.51 46.06
C VAL UC 116 82.57 49.51 47.08
N VAL UC 117 83.25 50.63 47.29
CA VAL UC 117 82.78 51.63 48.24
C VAL UC 117 81.33 51.96 47.99
N ALA UC 118 80.98 52.20 46.73
CA ALA UC 118 79.61 52.51 46.39
C ALA UC 118 78.68 51.37 46.79
N ALA UC 119 79.14 50.13 46.59
CA ALA UC 119 78.33 48.98 46.94
C ALA UC 119 78.14 48.92 48.45
N GLN UC 120 79.19 49.29 49.19
CA GLN UC 120 79.16 49.27 50.64
C GLN UC 120 78.36 50.40 51.31
N LEU UC 121 78.41 51.60 50.76
CA LEU UC 121 77.70 52.73 51.36
C LEU UC 121 76.24 52.86 50.97
N GLY UC 122 75.80 52.05 50.03
CA GLY UC 122 74.42 52.13 49.62
C GLY UC 122 74.02 53.40 48.90
N ARG UC 123 73.57 54.39 49.66
CA ARG UC 123 73.10 55.64 49.06
C ARG UC 123 73.89 56.92 49.29
N CYS UC 124 74.38 57.11 50.52
CA CYS UC 124 75.14 58.32 50.83
C CYS UC 124 76.58 58.19 50.41
N TYR UC 125 76.87 58.63 49.19
CA TYR UC 125 78.22 58.56 48.63
C TYR UC 125 78.34 59.43 47.39
N ASP UC 126 79.27 60.39 47.44
CA ASP UC 126 79.52 61.30 46.33
C ASP UC 126 80.61 60.70 45.47
N ARG UC 127 80.28 60.36 44.23
CA ARG UC 127 81.27 59.76 43.33
C ARG UC 127 82.39 60.72 42.98
N GLU UC 128 82.05 61.83 42.35
CA GLU UC 128 83.05 62.81 41.95
C GLU UC 128 84.08 63.04 43.03
N ALA UC 129 83.60 63.30 44.24
CA ALA UC 129 84.46 63.56 45.39
C ALA UC 129 85.51 62.48 45.57
N TRP UC 130 85.08 61.24 45.67
CA TRP UC 130 86.02 60.15 45.85
C TRP UC 130 86.98 60.13 44.69
N ASP UC 131 86.43 60.08 43.48
CA ASP UC 131 87.25 60.07 42.30
C ASP UC 131 88.37 61.10 42.46
N ALA UC 132 87.98 62.34 42.74
CA ALA UC 132 88.94 63.41 42.88
C ALA UC 132 90.03 63.13 43.90
N CYS UC 133 89.64 62.68 45.08
CA CYS UC 133 90.60 62.39 46.14
C CYS UC 133 91.45 61.14 45.95
N ILE UC 134 90.82 60.04 45.56
CA ILE UC 134 91.57 58.83 45.32
C ILE UC 134 92.63 59.19 44.31
N ASP UC 135 92.27 60.05 43.37
CA ASP UC 135 93.18 60.50 42.33
C ASP UC 135 94.35 61.21 43.02
N HIS UC 136 94.04 62.31 43.70
CA HIS UC 136 95.09 63.08 44.37
C HIS UC 136 96.00 62.16 45.17
N ILE UC 137 95.44 61.15 45.81
CA ILE UC 137 96.26 60.23 46.59
C ILE UC 137 97.13 59.38 45.67
N GLU UC 138 96.57 58.90 44.58
CA GLU UC 138 97.34 58.10 43.66
C GLU UC 138 98.46 58.91 43.03
N ASP UC 139 98.14 60.14 42.65
CA ASP UC 139 99.15 60.98 42.04
C ASP UC 139 100.34 61.04 42.98
N GLY UC 140 100.07 61.26 44.25
CA GLY UC 140 101.13 61.35 45.23
C GLY UC 140 101.97 60.08 45.33
N ILE UC 141 101.50 59.00 44.74
CA ILE UC 141 102.24 57.75 44.81
C ILE UC 141 102.99 57.46 43.52
N LYS UC 142 102.46 57.97 42.43
CA LYS UC 142 103.11 57.76 41.15
C LYS UC 142 104.14 58.86 40.92
N GLY UC 143 103.75 60.08 41.35
CA GLY UC 143 104.70 61.13 41.49
C GLY UC 143 105.13 61.43 40.11
N HIS UC 144 104.12 61.46 39.22
CA HIS UC 144 104.19 62.09 37.94
C HIS UC 144 103.48 63.39 38.11
N HIS UC 145 104.10 64.26 38.91
CA HIS UC 145 103.95 65.68 38.84
C HIS UC 145 105.11 66.01 37.92
N HIS VC 20 98.06 27.76 74.81
CA HIS VC 20 98.32 27.59 73.36
C HIS VC 20 97.22 28.16 72.58
N GLU VC 21 96.19 27.35 72.28
CA GLU VC 21 95.10 28.01 71.64
C GLU VC 21 94.49 28.89 72.68
N HIS VC 22 94.25 28.30 73.87
CA HIS VC 22 93.27 28.82 74.74
C HIS VC 22 93.63 30.25 75.07
N CYS VC 23 94.93 30.48 75.30
CA CYS VC 23 95.51 31.77 75.33
C CYS VC 23 95.58 32.18 73.91
N CYS VC 24 94.50 32.85 73.52
CA CYS VC 24 94.44 34.20 73.08
C CYS VC 24 93.22 34.07 72.30
N SER VC 25 92.11 34.23 73.01
CA SER VC 25 91.12 33.33 72.58
C SER VC 25 90.36 34.00 71.52
N GLU VC 26 89.41 33.25 70.95
CA GLU VC 26 88.32 33.90 70.23
C GLU VC 26 87.63 34.96 71.09
N GLU VC 27 87.13 34.55 72.25
CA GLU VC 27 86.47 35.52 73.11
C GLU VC 27 87.46 36.63 73.42
N ASP VC 28 88.66 36.25 73.86
CA ASP VC 28 89.67 37.23 74.19
C ASP VC 28 89.74 38.34 73.16
N HIS VC 29 90.13 38.02 71.95
CA HIS VC 29 90.24 39.06 70.96
C HIS VC 29 88.90 39.62 70.52
N ARG VC 30 87.85 38.82 70.51
CA ARG VC 30 86.56 39.36 70.11
C ARG VC 30 86.37 40.60 71.02
N ILE VC 31 86.83 40.48 72.27
CA ILE VC 31 86.72 41.55 73.24
C ILE VC 31 87.61 42.69 72.80
N VAL VC 32 88.90 42.41 72.68
CA VAL VC 32 89.84 43.42 72.29
C VAL VC 32 89.28 44.20 71.12
N GLN VC 33 88.93 43.50 70.06
CA GLN VC 33 88.39 44.16 68.88
C GLN VC 33 87.26 45.11 69.23
N LYS VC 34 86.30 44.62 70.01
CA LYS VC 34 85.16 45.45 70.37
C LYS VC 34 85.60 46.72 71.09
N GLN VC 35 86.48 46.56 72.06
CA GLN VC 35 86.94 47.69 72.85
C GLN VC 35 87.80 48.66 72.08
N TRP VC 36 88.55 48.16 71.12
CA TRP VC 36 89.43 49.01 70.34
C TRP VC 36 88.60 49.84 69.40
N ASP VC 37 87.37 49.42 69.16
CA ASP VC 37 86.51 50.16 68.26
C ASP VC 37 85.84 51.36 68.92
N ILE VC 38 85.71 51.33 70.23
CA ILE VC 38 85.12 52.44 70.97
C ILE VC 38 85.83 53.72 70.54
N LEU VC 39 87.09 53.57 70.14
CA LEU VC 39 87.90 54.70 69.70
C LEU VC 39 87.52 55.38 68.40
N TRP VC 40 87.40 54.61 67.34
CA TRP VC 40 87.08 55.17 66.02
C TRP VC 40 85.61 55.46 65.74
N ARG VC 41 84.86 55.87 66.75
CA ARG VC 41 83.44 56.20 66.55
C ARG VC 41 83.30 57.53 65.82
N ASP VC 42 84.18 58.49 66.10
CA ASP VC 42 84.11 59.78 65.43
C ASP VC 42 85.08 59.88 64.27
N THR VC 43 84.63 60.57 63.22
CA THR VC 43 85.40 60.72 62.00
C THR VC 43 86.81 61.29 62.13
N GLU VC 44 87.10 61.98 63.22
CA GLU VC 44 88.43 62.54 63.37
C GLU VC 44 89.45 61.57 63.93
N SER VC 45 89.48 60.37 63.36
CA SER VC 45 90.40 59.32 63.79
C SER VC 45 91.85 59.80 63.72
N SER VC 46 92.18 60.52 62.65
CA SER VC 46 93.53 61.04 62.47
C SER VC 46 94.01 61.76 63.72
N LYS VC 47 93.26 62.77 64.13
CA LYS VC 47 93.62 63.56 65.31
C LYS VC 47 93.90 62.65 66.49
N ILE VC 48 93.08 61.62 66.65
CA ILE VC 48 93.26 60.68 67.75
C ILE VC 48 94.48 59.80 67.51
N LYS VC 49 94.40 58.92 66.52
CA LYS VC 49 95.50 58.01 66.22
C LYS VC 49 96.83 58.74 66.39
N ILE VC 50 96.94 59.93 65.80
CA ILE VC 50 98.18 60.71 65.89
C ILE VC 50 98.50 61.02 67.33
N GLY VC 51 97.67 61.84 67.95
CA GLY VC 51 97.89 62.20 69.33
C GLY VC 51 98.26 61.01 70.20
N PHE VC 52 97.47 59.95 70.09
CA PHE VC 52 97.71 58.75 70.88
C PHE VC 52 99.04 58.10 70.53
N GLY VC 53 99.24 57.83 69.25
CA GLY VC 53 100.48 57.20 68.83
C GLY VC 53 101.67 58.08 69.15
N ARG VC 54 101.46 59.39 69.04
CA ARG VC 54 102.50 60.35 69.31
C ARG VC 54 102.92 60.12 70.73
N LEU VC 55 101.95 60.24 71.63
CA LEU VC 55 102.21 60.06 73.05
C LEU VC 55 102.89 58.73 73.34
N LEU VC 56 102.34 57.65 72.78
CA LEU VC 56 102.91 56.33 73.00
C LEU VC 56 104.38 56.25 72.66
N LEU VC 57 104.78 56.78 71.51
CA LEU VC 57 106.18 56.74 71.14
C LEU VC 57 107.01 57.66 72.04
N THR VC 58 106.49 58.85 72.32
CA THR VC 58 107.16 59.81 73.19
C THR VC 58 107.49 59.15 74.52
N LYS VC 59 106.47 58.69 75.22
CA LYS VC 59 106.62 58.02 76.50
C LYS VC 59 107.58 56.85 76.40
N LEU VC 60 107.89 56.40 75.19
CA LEU VC 60 108.83 55.31 75.04
C LEU VC 60 110.21 55.92 75.10
N ALA VC 61 110.44 56.94 74.28
CA ALA VC 61 111.73 57.63 74.25
C ALA VC 61 112.05 58.21 75.62
N LYS VC 62 111.02 58.50 76.39
CA LYS VC 62 111.19 59.02 77.73
C LYS VC 62 111.90 57.99 78.62
N ASP VC 63 111.38 56.76 78.61
CA ASP VC 63 111.94 55.68 79.43
C ASP VC 63 113.17 55.03 78.84
N ILE VC 64 113.35 55.14 77.55
CA ILE VC 64 114.53 54.59 76.88
C ILE VC 64 114.92 55.50 75.74
N PRO VC 65 115.89 56.39 75.97
CA PRO VC 65 116.42 57.37 75.01
C PRO VC 65 117.12 56.84 73.76
N GLU VC 66 117.81 55.71 73.89
CA GLU VC 66 118.49 55.17 72.73
C GLU VC 66 117.51 55.03 71.58
N VAL VC 67 116.24 55.27 71.88
CA VAL VC 67 115.15 55.19 70.91
C VAL VC 67 115.13 56.45 70.06
N ASN VC 68 115.26 57.60 70.72
CA ASN VC 68 115.26 58.88 70.04
C ASN VC 68 116.09 58.86 68.77
N ASP VC 69 117.19 58.10 68.79
CA ASP VC 69 118.06 58.01 67.62
C ASP VC 69 117.49 57.16 66.51
N LEU VC 70 116.65 56.21 66.89
CA LEU VC 70 116.04 55.33 65.92
C LEU VC 70 114.98 56.07 65.13
N PHE VC 71 114.17 56.84 65.87
CA PHE VC 71 113.08 57.62 65.30
C PHE VC 71 113.58 58.98 64.79
N LYS VC 72 114.89 59.13 64.75
CA LYS VC 72 115.52 60.35 64.28
C LYS VC 72 115.10 60.57 62.83
N ARG VC 73 115.16 59.49 62.07
CA ARG VC 73 114.82 59.47 60.65
C ARG VC 73 113.46 60.09 60.36
N VAL VC 74 112.54 59.99 61.32
CA VAL VC 74 111.18 60.53 61.14
C VAL VC 74 110.96 61.80 61.93
N ASP VC 75 112.05 62.51 62.22
CA ASP VC 75 111.98 63.77 62.95
C ASP VC 75 111.14 63.66 64.21
N ILE VC 76 111.49 62.70 65.07
CA ILE VC 76 110.77 62.51 66.33
C ILE VC 76 111.02 63.73 67.21
N GLU VC 77 112.07 64.47 66.87
CA GLU VC 77 112.43 65.66 67.61
C GLU VC 77 111.25 66.64 67.60
N HIS VC 78 110.50 66.66 66.51
CA HIS VC 78 109.33 67.52 66.40
C HIS VC 78 108.07 66.65 66.48
N ALA VC 79 107.63 66.38 67.69
CA ALA VC 79 106.45 65.55 67.90
C ALA VC 79 105.26 65.93 67.03
N GLU VC 80 104.98 67.24 66.95
CA GLU VC 80 103.86 67.76 66.16
C GLU VC 80 104.22 67.94 64.67
N GLY VC 81 105.49 67.72 64.36
CA GLY VC 81 105.95 67.85 63.00
C GLY VC 81 105.34 66.81 62.09
N PRO VC 82 104.76 67.21 60.96
CA PRO VC 82 104.15 66.27 60.03
C PRO VC 82 105.01 65.01 59.85
N LYS VC 83 106.31 65.20 59.66
CA LYS VC 83 107.22 64.07 59.47
C LYS VC 83 106.90 62.95 60.47
N PHE VC 84 106.81 63.32 61.74
CA PHE VC 84 106.52 62.36 62.80
C PHE VC 84 105.04 62.02 62.85
N SER VC 85 104.17 63.01 62.75
CA SER VC 85 102.74 62.76 62.81
C SER VC 85 102.38 61.67 61.82
N ALA VC 86 102.96 61.72 60.63
CA ALA VC 86 102.68 60.71 59.63
C ALA VC 86 103.07 59.39 60.25
N HIS VC 87 104.31 59.30 60.71
CA HIS VC 87 104.81 58.08 61.34
C HIS VC 87 103.87 57.60 62.43
N ALA VC 88 103.51 58.50 63.34
CA ALA VC 88 102.59 58.17 64.41
C ALA VC 88 101.44 57.34 63.85
N LEU VC 89 100.91 57.77 62.70
CA LEU VC 89 99.83 57.04 62.08
C LEU VC 89 100.29 55.66 61.66
N ARG VC 90 101.21 55.61 60.71
CA ARG VC 90 101.72 54.33 60.22
C ARG VC 90 101.83 53.27 61.30
N ILE VC 91 102.52 53.57 62.40
CA ILE VC 91 102.66 52.60 63.48
C ILE VC 91 101.31 52.29 64.09
N LEU VC 92 100.70 53.31 64.69
CA LEU VC 92 99.41 53.17 65.34
C LEU VC 92 98.45 52.43 64.40
N ASN VC 93 98.51 52.75 63.12
CA ASN VC 93 97.66 52.14 62.12
C ASN VC 93 98.07 50.69 61.89
N GLY VC 94 99.33 50.39 62.13
CA GLY VC 94 99.79 49.02 61.95
C GLY VC 94 99.20 48.18 63.06
N LEU VC 95 99.20 48.73 64.27
CA LEU VC 95 98.63 48.04 65.40
C LEU VC 95 97.18 47.73 65.06
N ASP VC 96 96.51 48.67 64.38
CA ASP VC 96 95.11 48.48 63.97
C ASP VC 96 95.06 47.21 63.14
N LEU VC 97 95.81 47.20 62.04
CA LEU VC 97 95.87 46.03 61.17
C LEU VC 97 96.01 44.77 61.99
N ALA VC 98 96.98 44.73 62.90
CA ALA VC 98 97.19 43.57 63.73
C ALA VC 98 95.89 43.16 64.41
N ILE VC 99 95.31 44.10 65.15
CA ILE VC 99 94.06 43.84 65.86
C ILE VC 99 92.95 43.37 64.92
N ASN VC 100 92.74 44.09 63.82
CA ASN VC 100 91.69 43.72 62.88
C ASN VC 100 91.90 42.40 62.14
N LEU VC 101 93.05 41.77 62.30
CA LEU VC 101 93.28 40.50 61.65
C LEU VC 101 93.34 39.40 62.70
N LEU VC 102 93.03 39.75 63.93
CA LEU VC 102 93.07 38.80 65.01
C LEU VC 102 92.17 37.62 64.74
N ASP VC 103 91.14 37.82 63.94
CA ASP VC 103 90.24 36.73 63.64
C ASP VC 103 90.56 36.10 62.28
N ASP VC 104 91.78 35.61 62.14
CA ASP VC 104 92.27 34.97 60.91
C ASP VC 104 93.77 34.76 61.12
N PRO VC 105 94.12 33.91 62.08
CA PRO VC 105 95.52 33.60 62.42
C PRO VC 105 96.52 33.55 61.28
N PRO VC 106 96.23 32.78 60.22
CA PRO VC 106 97.19 32.71 59.11
C PRO VC 106 97.51 34.08 58.50
N ALA VC 107 96.46 34.89 58.29
CA ALA VC 107 96.61 36.23 57.73
C ALA VC 107 97.36 37.08 58.73
N LEU VC 108 96.85 37.14 59.94
CA LEU VC 108 97.48 37.92 60.97
C LEU VC 108 98.95 37.55 61.05
N ASP VC 109 99.22 36.25 61.05
CA ASP VC 109 100.58 35.76 61.12
C ASP VC 109 101.37 36.46 60.03
N ALA VC 110 101.02 36.19 58.78
CA ALA VC 110 101.70 36.81 57.66
C ALA VC 110 101.86 38.30 57.87
N ALA VC 111 100.75 38.97 58.19
CA ALA VC 111 100.76 40.41 58.39
C ALA VC 111 101.82 40.86 59.38
N LEU VC 112 101.97 40.10 60.46
CA LEU VC 112 102.95 40.42 61.48
C LEU VC 112 104.37 40.07 61.07
N ASP VC 113 104.54 38.90 60.47
CA ASP VC 113 105.87 38.47 60.02
C ASP VC 113 106.45 39.61 59.18
N HIS VC 114 105.62 40.15 58.29
CA HIS VC 114 106.00 41.24 57.43
C HIS VC 114 106.51 42.38 58.31
N LEU VC 115 105.79 42.67 59.39
CA LEU VC 115 106.21 43.75 60.28
C LEU VC 115 107.53 43.43 60.92
N ALA VC 116 107.80 42.15 61.11
CA ALA VC 116 109.06 41.74 61.71
C ALA VC 116 110.21 42.20 60.81
N HIS VC 117 110.13 41.81 59.55
CA HIS VC 117 111.13 42.17 58.56
C HIS VC 117 111.31 43.68 58.48
N GLN VC 118 110.24 44.46 58.58
CA GLN VC 118 110.35 45.91 58.48
C GLN VC 118 111.08 46.50 59.67
N HIS VC 119 111.25 45.68 60.70
CA HIS VC 119 111.94 46.12 61.89
C HIS VC 119 113.32 45.47 61.98
N GLU VC 120 113.46 44.32 61.33
CA GLU VC 120 114.74 43.61 61.33
C GLU VC 120 115.86 44.46 60.74
N VAL VC 121 115.59 45.05 59.58
CA VAL VC 121 116.58 45.88 58.89
C VAL VC 121 116.77 47.28 59.49
N ARG VC 122 116.18 47.51 60.65
CA ARG VC 122 116.32 48.80 61.32
C ARG VC 122 117.18 48.53 62.54
N GLU VC 123 118.50 48.56 62.38
CA GLU VC 123 119.40 48.27 63.49
C GLU VC 123 119.24 49.30 64.61
N GLY VC 124 119.41 48.83 65.84
CA GLY VC 124 119.28 49.69 67.00
C GLY VC 124 118.05 49.27 67.79
N VAL VC 125 117.07 48.73 67.07
CA VAL VC 125 115.82 48.27 67.66
C VAL VC 125 116.03 46.91 68.28
N GLN VC 126 115.96 46.83 69.60
CA GLN VC 126 116.14 45.58 70.32
C GLN VC 126 114.87 45.16 71.04
N LYS VC 127 114.77 43.87 71.35
CA LYS VC 127 113.59 43.33 72.03
C LYS VC 127 113.13 44.14 73.24
N ALA VC 128 114.04 44.40 74.18
CA ALA VC 128 113.70 45.16 75.37
C ALA VC 128 112.83 46.38 75.08
N HIS VC 129 112.93 46.90 73.86
CA HIS VC 129 112.16 48.07 73.45
C HIS VC 129 110.68 47.72 73.42
N PHE VC 130 110.35 46.62 72.75
CA PHE VC 130 108.97 46.18 72.65
C PHE VC 130 108.40 45.86 74.00
N LYS VC 131 109.15 45.09 74.80
CA LYS VC 131 108.67 44.75 76.14
C LYS VC 131 108.19 46.03 76.83
N LYS VC 132 108.98 47.10 76.74
CA LYS VC 132 108.65 48.36 77.38
C LYS VC 132 107.43 48.97 76.70
N PHE VC 133 107.46 49.06 75.38
CA PHE VC 133 106.34 49.64 74.63
C PHE VC 133 105.06 48.94 75.03
N GLY VC 134 105.15 47.64 75.26
CA GLY VC 134 103.98 46.87 75.67
C GLY VC 134 103.44 47.37 76.98
N GLU VC 135 104.32 47.50 77.97
CA GLU VC 135 103.93 47.97 79.29
C GLU VC 135 103.29 49.34 79.17
N ILE VC 136 103.84 50.18 78.29
CA ILE VC 136 103.34 51.53 78.09
C ILE VC 136 101.96 51.51 77.48
N LEU VC 137 101.83 50.69 76.45
CA LEU VC 137 100.57 50.55 75.73
C LEU VC 137 99.47 50.07 76.66
N ALA VC 138 99.85 49.18 77.56
CA ALA VC 138 98.91 48.60 78.50
C ALA VC 138 98.49 49.60 79.56
N THR VC 139 99.31 50.61 79.81
CA THR VC 139 98.97 51.61 80.82
C THR VC 139 98.23 52.75 80.15
N GLY VC 140 98.39 52.85 78.84
CA GLY VC 140 97.74 53.91 78.10
C GLY VC 140 96.33 53.62 77.66
N LEU VC 141 96.11 52.49 77.01
CA LEU VC 141 94.78 52.14 76.53
C LEU VC 141 93.66 52.43 77.53
N PRO VC 142 93.76 51.86 78.73
CA PRO VC 142 92.74 52.07 79.76
C PRO VC 142 92.49 53.51 80.13
N GLN VC 143 93.25 54.43 79.54
CA GLN VC 143 93.09 55.84 79.84
C GLN VC 143 92.17 56.50 78.84
N VAL VC 144 92.03 55.87 77.68
CA VAL VC 144 91.16 56.42 76.64
C VAL VC 144 89.92 55.57 76.44
N LEU VC 145 89.98 54.32 76.90
CA LEU VC 145 88.85 53.42 76.77
C LEU VC 145 88.23 53.21 78.14
N ASP VC 146 86.95 53.54 78.28
CA ASP VC 146 86.31 53.36 79.57
C ASP VC 146 86.13 51.87 79.86
N ASP VC 147 85.89 51.08 78.81
CA ASP VC 147 85.73 49.65 78.99
C ASP VC 147 86.99 48.97 78.49
N TYR VC 148 87.78 48.46 79.42
CA TYR VC 148 89.05 47.81 79.11
C TYR VC 148 89.18 46.52 79.90
N ASP VC 149 89.56 45.44 79.22
CA ASP VC 149 89.73 44.16 79.89
C ASP VC 149 91.20 43.81 79.86
N ALA VC 150 91.95 44.32 80.84
CA ALA VC 150 93.39 44.10 80.93
C ALA VC 150 93.83 42.70 80.57
N LEU VC 151 93.16 41.68 81.12
CA LEU VC 151 93.52 40.30 80.84
C LEU VC 151 93.49 39.94 79.37
N ALA VC 152 92.36 40.23 78.71
CA ALA VC 152 92.23 39.95 77.29
C ALA VC 152 93.31 40.67 76.50
N TRP VC 153 93.41 41.98 76.68
CA TRP VC 153 94.39 42.75 75.97
C TRP VC 153 95.82 42.27 76.14
N LYS VC 154 96.28 42.17 77.38
CA LYS VC 154 97.65 41.73 77.62
C LYS VC 154 97.91 40.44 76.85
N SER VC 155 96.97 39.50 76.91
CA SER VC 155 97.09 38.24 76.21
C SER VC 155 97.37 38.45 74.72
N CYS VC 156 96.56 39.29 74.07
CA CYS VC 156 96.72 39.54 72.66
C CYS VC 156 97.91 40.42 72.32
N LEU VC 157 98.05 41.54 73.02
CA LEU VC 157 99.16 42.42 72.74
C LEU VC 157 100.48 41.66 72.80
N LYS VC 158 100.58 40.73 73.74
CA LYS VC 158 101.80 39.93 73.89
C LYS VC 158 102.07 39.19 72.58
N GLY VC 159 101.11 38.37 72.17
CA GLY VC 159 101.27 37.63 70.94
C GLY VC 159 101.70 38.50 69.77
N ILE VC 160 101.13 39.70 69.68
CA ILE VC 160 101.46 40.61 68.60
C ILE VC 160 102.87 41.16 68.72
N LEU VC 161 103.14 41.88 69.79
CA LEU VC 161 104.44 42.45 70.01
C LEU VC 161 105.55 41.42 69.82
N THR VC 162 105.37 40.22 70.35
CA THR VC 162 106.37 39.17 70.22
C THR VC 162 106.66 38.83 68.76
N LYS VC 163 105.62 38.40 68.04
CA LYS VC 163 105.78 38.04 66.64
C LYS VC 163 106.40 39.15 65.81
N ILE VC 164 106.20 40.41 66.21
CA ILE VC 164 106.75 41.53 65.46
C ILE VC 164 108.24 41.68 65.66
N SER VC 165 108.71 41.43 66.87
CA SER VC 165 110.12 41.59 67.18
C SER VC 165 110.92 40.29 67.10
N SER VC 166 110.22 39.15 66.80
CA SER VC 166 110.92 37.91 67.01
C SER VC 166 112.11 37.85 66.11
N ARG VC 167 111.85 38.00 64.80
CA ARG VC 167 112.86 38.47 63.88
C ARG VC 167 113.00 39.91 64.25
N LEU VC 168 114.24 40.42 64.33
CA LEU VC 168 114.44 41.23 65.49
C LEU VC 168 113.92 42.66 65.51
N GLU WC 19 96.19 72.76 82.92
CA GLU WC 19 94.75 72.53 82.82
C GLU WC 19 94.40 71.09 82.83
N CYS WC 20 93.75 70.63 81.74
CA CYS WC 20 93.16 69.34 81.67
C CYS WC 20 94.26 68.38 81.28
N LEU WC 21 94.02 67.06 81.23
CA LEU WC 21 94.85 66.40 80.25
C LEU WC 21 94.00 66.18 79.06
N VAL WC 22 94.74 65.83 78.02
CA VAL WC 22 94.39 65.62 76.68
C VAL WC 22 93.44 64.47 76.65
N THR WC 23 93.83 63.40 77.35
CA THR WC 23 92.88 62.29 77.48
C THR WC 23 91.73 62.66 78.42
N GLU WC 24 92.09 63.19 79.59
CA GLU WC 24 91.09 63.59 80.58
C GLU WC 24 90.02 64.47 79.95
N SER WC 25 90.29 65.02 78.77
CA SER WC 25 89.32 65.88 78.11
C SER WC 25 88.46 65.00 77.22
N LEU WC 26 89.10 64.37 76.24
CA LEU WC 26 88.42 63.49 75.30
C LEU WC 26 87.41 62.63 76.03
N LYS WC 27 87.81 62.18 77.21
CA LYS WC 27 86.97 61.34 78.03
C LYS WC 27 85.69 62.10 78.35
N VAL WC 28 85.84 63.34 78.76
CA VAL WC 28 84.67 64.15 79.09
C VAL WC 28 83.92 64.48 77.84
N LYS WC 29 84.64 64.93 76.82
CA LYS WC 29 84.01 65.30 75.55
C LYS WC 29 83.11 64.16 75.09
N LEU WC 30 83.62 62.95 75.24
CA LEU WC 30 82.91 61.74 74.86
C LEU WC 30 81.71 61.44 75.77
N GLN WC 31 81.94 61.33 77.06
CA GLN WC 31 80.87 61.05 77.99
C GLN WC 31 79.80 62.10 77.94
N TRP WC 32 80.17 63.36 77.75
CA TRP WC 32 79.18 64.43 77.68
C TRP WC 32 78.19 64.08 76.60
N ALA WC 33 78.71 63.57 75.49
CA ALA WC 33 77.87 63.18 74.38
C ALA WC 33 76.74 62.24 74.81
N SER WC 34 77.11 61.08 75.32
CA SER WC 34 76.14 60.09 75.76
C SER WC 34 75.17 60.63 76.79
N ALA WC 35 75.69 61.31 77.79
CA ALA WC 35 74.87 61.85 78.87
C ALA WC 35 73.87 62.93 78.44
N PHE WC 36 74.40 64.01 77.87
CA PHE WC 36 73.59 65.13 77.43
C PHE WC 36 72.51 64.60 76.50
N GLY WC 37 72.92 64.06 75.37
CA GLY WC 37 71.96 63.52 74.43
C GLY WC 37 71.54 64.45 73.33
N HIS WC 38 70.33 64.23 72.82
CA HIS WC 38 69.78 65.04 71.75
C HIS WC 38 68.31 65.39 71.94
N ALA WC 39 67.89 66.52 71.36
CA ALA WC 39 66.52 66.98 71.45
C ALA WC 39 65.95 66.95 72.85
N HIS WC 40 64.73 66.45 72.97
CA HIS WC 40 64.05 66.37 74.25
C HIS WC 40 64.91 65.77 75.37
N GLU WC 41 65.64 64.70 75.05
CA GLU WC 41 66.51 64.03 76.04
C GLU WC 41 67.29 65.05 76.86
N ARG WC 42 67.59 66.20 76.24
CA ARG WC 42 68.33 67.29 76.86
C ARG WC 42 67.48 68.08 77.84
N VAL WC 43 66.37 68.63 77.36
CA VAL WC 43 65.49 69.40 78.22
C VAL WC 43 65.29 68.63 79.51
N ALA WC 44 65.11 67.32 79.36
CA ALA WC 44 64.92 66.43 80.50
C ALA WC 44 66.11 66.54 81.44
N PHE WC 45 67.29 66.47 80.85
CA PHE WC 45 68.52 66.58 81.61
C PHE WC 45 68.54 67.92 82.32
N GLY WC 46 68.51 68.99 81.54
CA GLY WC 46 68.51 70.32 82.13
C GLY WC 46 67.55 70.42 83.30
N LEU WC 47 66.29 70.08 83.07
CA LEU WC 47 65.28 70.15 84.11
C LEU WC 47 65.73 69.39 85.35
N GLU WC 48 65.99 68.10 85.19
CA GLU WC 48 66.42 67.29 86.33
C GLU WC 48 67.54 67.98 87.10
N LEU WC 49 68.49 68.55 86.37
CA LEU WC 49 69.62 69.24 86.98
C LEU WC 49 69.21 70.41 87.83
N TRP WC 50 68.63 71.43 87.22
CA TRP WC 50 68.20 72.61 87.94
C TRP WC 50 67.27 72.31 89.11
N ARG WC 51 66.40 71.31 88.97
CA ARG WC 51 65.51 70.99 90.07
C ARG WC 51 66.34 70.62 91.28
N ASP WC 52 67.20 69.62 91.13
CA ASP WC 52 68.05 69.20 92.22
C ASP WC 52 68.84 70.36 92.82
N ILE WC 53 69.29 71.28 91.97
CA ILE WC 53 70.05 72.44 92.42
C ILE WC 53 69.21 73.40 93.25
N ILE WC 54 68.06 73.78 92.74
CA ILE WC 54 67.20 74.71 93.44
C ILE WC 54 66.62 74.14 94.74
N ASP WC 55 66.39 72.84 94.82
CA ASP WC 55 65.85 72.27 96.04
C ASP WC 55 66.90 72.31 97.14
N ASP WC 56 68.16 72.18 96.75
CA ASP WC 56 69.27 72.19 97.68
C ASP WC 56 69.57 73.60 98.17
N HIS WC 57 69.52 74.57 97.28
CA HIS WC 57 69.79 75.96 97.62
C HIS WC 57 68.78 76.93 97.01
N PRO WC 58 67.57 77.02 97.57
CA PRO WC 58 66.52 77.90 97.06
C PRO WC 58 66.93 79.36 96.94
N GLU WC 59 68.12 79.71 97.42
CA GLU WC 59 68.58 81.08 97.33
C GLU WC 59 68.75 81.47 95.87
N ILE WC 60 68.93 80.49 95.02
CA ILE WC 60 69.14 80.72 93.60
C ILE WC 60 67.91 81.20 92.85
N LYS WC 61 66.72 80.82 93.31
CA LYS WC 61 65.51 81.25 92.60
C LYS WC 61 65.49 82.76 92.43
N ALA WC 62 66.38 83.43 93.15
CA ALA WC 62 66.45 84.89 93.09
C ALA WC 62 66.88 85.48 91.76
N PRO WC 63 68.14 85.29 91.37
CA PRO WC 63 68.60 85.85 90.08
C PRO WC 63 67.89 85.28 88.86
N PHE WC 64 67.28 84.12 89.02
CA PHE WC 64 66.57 83.50 87.92
C PHE WC 64 65.18 84.04 87.83
N SER WC 65 64.97 85.21 88.42
CA SER WC 65 63.66 85.85 88.43
C SER WC 65 63.23 86.26 87.04
N ARG WC 66 64.19 86.64 86.21
CA ARG WC 66 63.91 87.07 84.84
C ARG WC 66 63.39 85.92 83.98
N VAL WC 67 63.90 84.72 84.24
CA VAL WC 67 63.51 83.52 83.52
C VAL WC 67 62.64 82.58 84.38
N ARG WC 68 61.55 83.11 84.93
CA ARG WC 68 60.64 82.35 85.78
C ARG WC 68 61.32 81.17 86.46
N GLY WC 69 62.18 81.47 87.43
CA GLY WC 69 62.88 80.43 88.15
C GLY WC 69 62.02 79.79 89.21
N ASP WC 70 60.87 80.38 89.48
CA ASP WC 70 59.97 79.82 90.47
C ASP WC 70 59.36 78.52 89.90
N ASN WC 71 59.04 78.54 88.62
CA ASN WC 71 58.45 77.40 87.93
C ASN WC 71 59.44 76.89 86.89
N ILE WC 72 60.31 75.97 87.28
CA ILE WC 72 61.31 75.43 86.38
C ILE WC 72 60.74 74.64 85.21
N TYR WC 73 59.49 74.25 85.33
CA TYR WC 73 58.86 73.48 84.25
C TYR WC 73 58.32 74.40 83.16
N SER WC 74 58.27 75.69 83.44
CA SER WC 74 57.78 76.66 82.49
C SER WC 74 58.65 76.74 81.26
N PRO WC 75 58.08 77.21 80.14
CA PRO WC 75 58.86 77.32 78.92
C PRO WC 75 59.93 78.41 79.07
N GLU WC 76 59.56 79.49 79.73
CA GLU WC 76 60.49 80.57 79.96
C GLU WC 76 61.78 80.04 80.56
N PHE WC 77 61.66 79.31 81.66
CA PHE WC 77 62.83 78.75 82.32
C PHE WC 77 63.42 77.65 81.47
N GLY WC 78 62.57 76.81 80.88
CA GLY WC 78 63.03 75.73 80.04
C GLY WC 78 64.01 76.25 79.01
N ALA WC 79 63.62 77.34 78.37
CA ALA WC 79 64.48 77.95 77.38
C ALA WC 79 65.82 78.19 78.05
N HIS WC 80 65.81 79.00 79.10
CA HIS WC 80 67.02 79.32 79.85
C HIS WC 80 67.85 78.07 80.06
N SER WC 81 67.25 77.12 80.76
CA SER WC 81 67.89 75.85 81.06
C SER WC 81 68.74 75.38 79.89
N GLN WC 82 68.10 75.31 78.72
CA GLN WC 82 68.78 74.88 77.51
C GLN WC 82 69.96 75.77 77.15
N ARG WC 83 69.72 77.08 77.09
CA ARG WC 83 70.77 78.04 76.76
C ARG WC 83 72.01 77.74 77.58
N VAL WC 84 71.78 77.47 78.86
CA VAL WC 84 72.85 77.17 79.80
C VAL WC 84 73.61 75.96 79.36
N LEU WC 85 72.95 74.82 79.41
CA LEU WC 85 73.58 73.58 79.00
C LEU WC 85 74.35 73.77 77.71
N SER WC 86 73.76 74.47 76.76
CA SER WC 86 74.41 74.69 75.48
C SER WC 86 75.80 75.32 75.67
N GLY WC 87 75.86 76.40 76.46
CA GLY WC 87 77.12 77.05 76.71
C GLY WC 87 78.10 76.06 77.30
N LEU WC 88 77.61 75.25 78.23
CA LEU WC 88 78.42 74.23 78.85
C LEU WC 88 78.95 73.32 77.76
N ASP WC 89 78.10 73.00 76.78
CA ASP WC 89 78.51 72.16 75.68
C ASP WC 89 79.70 72.80 74.99
N ILE WC 90 79.55 74.08 74.66
CA ILE WC 90 80.61 74.80 73.99
C ILE WC 90 81.91 74.67 74.77
N THR WC 91 81.91 75.18 75.99
CA THR WC 91 83.10 75.11 76.81
C THR WC 91 83.72 73.72 76.71
N ILE WC 92 82.93 72.69 77.02
CA ILE WC 92 83.44 71.32 76.96
C ILE WC 92 84.05 70.97 75.60
N SER WC 93 83.38 71.41 74.52
CA SER WC 93 83.94 71.16 73.24
C SER WC 93 85.19 71.97 73.09
N MET WC 94 85.24 73.16 73.72
CA MET WC 94 86.23 74.15 73.41
C MET WC 94 87.55 73.58 73.74
N LEU WC 95 87.56 72.90 74.90
CA LEU WC 95 88.65 72.98 75.84
C LEU WC 95 89.92 72.43 75.26
N ASP WC 96 89.80 71.41 74.42
CA ASP WC 96 90.89 70.64 73.91
C ASP WC 96 91.80 71.56 73.18
N THR WC 97 91.22 72.43 72.34
CA THR WC 97 92.08 73.31 71.59
C THR WC 97 92.13 74.57 72.39
N PRO WC 98 93.29 74.84 72.87
CA PRO WC 98 93.57 75.92 73.81
C PRO WC 98 93.23 77.34 73.36
N ASP WC 99 93.59 77.69 72.13
CA ASP WC 99 93.30 79.03 71.63
C ASP WC 99 91.82 79.40 71.67
N MET WC 100 90.96 78.43 71.41
CA MET WC 100 89.52 78.65 71.43
C MET WC 100 89.00 78.69 72.87
N LEU WC 101 89.50 77.79 73.70
CA LEU WC 101 89.08 77.75 75.09
C LEU WC 101 89.43 79.05 75.79
N ALA WC 102 90.71 79.41 75.75
CA ALA WC 102 91.20 80.63 76.38
C ALA WC 102 90.30 81.79 76.00
N ALA WC 103 89.90 81.82 74.73
CA ALA WC 103 89.05 82.88 74.23
C ALA WC 103 87.64 82.76 74.78
N GLN WC 104 87.06 81.58 74.62
CA GLN WC 104 85.70 81.30 75.09
C GLN WC 104 85.60 81.58 76.57
N LEU WC 105 86.56 81.08 77.34
CA LEU WC 105 86.53 81.32 78.78
C LEU WC 105 86.53 82.81 79.06
N ALA WC 106 87.44 83.55 78.44
CA ALA WC 106 87.50 84.98 78.65
C ALA WC 106 86.15 85.61 78.36
N HIS WC 107 85.51 85.15 77.29
CA HIS WC 107 84.21 85.66 76.89
C HIS WC 107 83.16 85.42 77.97
N LEU WC 108 83.21 84.25 78.61
CA LEU WC 108 82.26 83.90 79.67
C LEU WC 108 82.51 84.73 80.91
N LYS WC 109 83.77 84.95 81.25
CA LYS WC 109 84.12 85.72 82.43
C LYS WC 109 83.42 87.07 82.41
N VAL WC 110 83.40 87.70 81.24
CA VAL WC 110 82.78 88.99 81.08
C VAL WC 110 81.28 88.94 81.38
N GLN WC 111 80.57 87.99 80.78
CA GLN WC 111 79.14 87.87 81.01
C GLN WC 111 78.79 87.66 82.47
N HIS WC 112 79.81 87.41 83.29
CA HIS WC 112 79.60 87.17 84.71
C HIS WC 112 80.10 88.28 85.64
N VAL WC 113 81.37 88.64 85.50
CA VAL WC 113 81.97 89.69 86.32
C VAL WC 113 81.03 90.86 86.62
N GLU WC 114 80.27 91.29 85.61
CA GLU WC 114 79.53 92.52 85.72
C GLU WC 114 78.44 92.39 86.74
N ARG WC 115 77.68 91.29 86.68
CA ARG WC 115 76.60 91.06 87.60
C ARG WC 115 77.24 90.60 88.86
N ASN WC 116 76.65 90.92 90.03
CA ASN WC 116 77.25 90.29 91.16
C ASN WC 116 76.70 88.92 91.29
N LEU WC 117 77.58 87.98 91.69
CA LEU WC 117 77.12 86.64 91.91
C LEU WC 117 77.86 86.05 93.03
N LYS WC 118 77.30 84.92 93.50
CA LYS WC 118 77.95 84.15 94.49
C LYS WC 118 78.85 83.16 93.86
N PRO WC 119 80.01 83.18 94.41
CA PRO WC 119 81.10 82.39 93.95
C PRO WC 119 80.78 80.95 94.15
N GLU WC 120 80.22 80.65 95.33
CA GLU WC 120 79.94 79.30 95.80
C GLU WC 120 78.81 78.64 94.98
N PHE WC 121 77.98 79.46 94.33
CA PHE WC 121 76.88 78.97 93.51
C PHE WC 121 77.40 77.98 92.48
N PHE WC 122 78.49 78.36 91.82
CA PHE WC 122 79.09 77.52 90.82
C PHE WC 122 79.60 76.23 91.42
N ASP WC 123 80.21 76.33 92.60
CA ASP WC 123 80.72 75.14 93.27
C ASP WC 123 79.54 74.19 93.48
N ILE WC 124 78.36 74.77 93.62
CA ILE WC 124 77.12 74.00 93.82
C ILE WC 124 76.72 73.38 92.49
N PHE WC 125 76.60 74.23 91.48
CA PHE WC 125 76.24 73.81 90.15
C PHE WC 125 77.06 72.60 89.80
N LEU WC 126 78.37 72.71 89.96
CA LEU WC 126 79.28 71.60 89.65
C LEU WC 126 78.93 70.34 90.42
N LYS WC 127 78.71 70.50 91.72
CA LYS WC 127 78.36 69.37 92.56
C LYS WC 127 77.25 68.55 91.91
N HIS WC 128 76.16 69.22 91.54
CA HIS WC 128 75.04 68.54 90.91
C HIS WC 128 75.31 68.04 89.51
N LEU WC 129 75.87 68.88 88.66
CA LEU WC 129 76.16 68.44 87.30
C LEU WC 129 76.85 67.06 87.33
N LEU WC 130 77.72 66.85 88.31
CA LEU WC 130 78.43 65.58 88.44
C LEU WC 130 77.48 64.54 88.98
N HIS WC 131 76.68 64.92 89.97
CA HIS WC 131 75.72 64.00 90.55
C HIS WC 131 74.84 63.45 89.45
N VAL WC 132 74.32 64.34 88.62
CA VAL WC 132 73.44 63.94 87.53
C VAL WC 132 74.15 63.07 86.50
N LEU WC 133 75.28 63.54 85.98
CA LEU WC 133 76.02 62.73 85.01
C LEU WC 133 76.28 61.37 85.62
N GLY WC 134 76.48 61.35 86.94
CA GLY WC 134 76.71 60.10 87.63
C GLY WC 134 75.59 59.12 87.34
N ASP WC 135 74.35 59.58 87.50
CA ASP WC 135 73.19 58.74 87.24
C ASP WC 135 73.18 58.34 85.79
N ARG WC 136 73.19 59.33 84.91
CA ARG WC 136 73.17 59.08 83.47
C ARG WC 136 74.23 58.09 82.98
N LEU WC 137 75.48 58.33 83.34
CA LEU WC 137 76.56 57.48 82.88
C LEU WC 137 76.78 56.19 83.66
N GLY WC 138 76.40 56.18 84.93
CA GLY WC 138 76.58 54.98 85.73
C GLY WC 138 77.93 54.87 86.39
N THR WC 139 78.47 53.66 86.45
CA THR WC 139 79.77 53.45 87.08
C THR WC 139 80.95 53.80 86.17
N HIS WC 140 80.68 53.87 84.87
CA HIS WC 140 81.72 54.20 83.92
C HIS WC 140 82.16 55.65 84.08
N PHE WC 141 81.23 56.48 84.56
CA PHE WC 141 81.45 57.90 84.75
C PHE WC 141 82.83 58.20 85.31
N ASP WC 142 83.69 58.86 84.54
CA ASP WC 142 85.03 59.18 85.02
C ASP WC 142 85.02 60.45 85.84
N PHE WC 143 84.60 60.32 87.09
CA PHE WC 143 84.52 61.42 88.03
C PHE WC 143 85.80 62.23 87.95
N GLY WC 144 86.92 61.56 88.17
CA GLY WC 144 88.20 62.24 88.13
C GLY WC 144 88.30 63.20 86.98
N ALA WC 145 88.22 62.67 85.78
CA ALA WC 145 88.32 63.47 84.58
C ALA WC 145 87.38 64.67 84.60
N TRP WC 146 86.12 64.44 84.96
CA TRP WC 146 85.19 65.55 84.98
C TRP WC 146 85.56 66.61 85.99
N HIS WC 147 85.72 66.21 87.24
CA HIS WC 147 86.07 67.14 88.29
C HIS WC 147 87.25 68.00 87.86
N ASP WC 148 88.34 67.37 87.49
CA ASP WC 148 89.52 68.10 87.04
C ASP WC 148 89.20 69.01 85.86
N CYS WC 149 88.36 68.54 84.96
CA CYS WC 149 88.03 69.29 83.76
C CYS WC 149 86.91 70.34 83.82
N VAL WC 150 85.75 70.00 84.35
CA VAL WC 150 84.68 70.96 84.44
C VAL WC 150 85.06 72.05 85.39
N ASP WC 151 85.83 71.71 86.40
CA ASP WC 151 86.27 72.68 87.40
C ASP WC 151 86.91 73.86 86.65
N GLN WC 152 87.94 73.55 85.87
CA GLN WC 152 88.64 74.56 85.11
C GLN WC 152 87.69 75.49 84.38
N ILE WC 153 86.55 74.95 83.95
CA ILE WC 153 85.57 75.75 83.22
C ILE WC 153 84.83 76.68 84.14
N ILE WC 154 84.60 76.24 85.37
CA ILE WC 154 83.89 77.07 86.34
C ILE WC 154 84.75 78.24 86.79
N ASP WC 155 85.96 77.95 87.24
CA ASP WC 155 86.83 79.01 87.71
C ASP WC 155 86.94 80.15 86.70
N GLY WC 156 87.07 79.82 85.40
CA GLY WC 156 87.34 80.85 84.44
C GLY WC 156 86.14 81.71 84.41
N ILE WC 157 84.97 81.06 84.50
CA ILE WC 157 83.77 81.83 84.39
C ILE WC 157 83.70 82.73 85.57
N LYS WC 158 83.98 82.19 86.76
CA LYS WC 158 83.71 82.89 87.98
C LYS WC 158 84.68 84.04 88.18
N ASP XC 5 34.85 32.22 105.66
CA ASP XC 5 36.00 31.52 105.04
C ASP XC 5 36.73 32.47 104.17
N CYS XC 6 37.76 32.00 103.48
CA CYS XC 6 38.52 32.98 102.82
C CYS XC 6 38.02 33.03 101.45
N CYS XC 7 38.33 34.12 100.78
CA CYS XC 7 37.69 34.43 99.57
C CYS XC 7 38.59 33.89 98.50
N SER XC 8 38.00 33.45 97.38
CA SER XC 8 38.71 32.93 96.26
C SER XC 8 39.33 34.10 95.55
N TYR XC 9 40.55 33.85 94.97
CA TYR XC 9 41.42 34.84 94.35
C TYR XC 9 40.78 35.26 93.05
N GLU XC 10 40.17 34.32 92.33
CA GLU XC 10 39.51 34.64 91.07
C GLU XC 10 38.41 35.64 91.37
N ASP XC 11 37.62 35.36 92.38
CA ASP XC 11 36.52 36.25 92.74
C ASP XC 11 37.04 37.63 93.04
N ARG XC 12 38.13 37.71 93.77
CA ARG XC 12 38.69 39.01 94.06
C ARG XC 12 38.94 39.73 92.74
N ARG XC 13 39.62 39.06 91.82
CA ARG XC 13 39.90 39.63 90.51
C ARG XC 13 38.62 40.08 89.86
N GLU XC 14 37.58 39.27 89.94
CA GLU XC 14 36.29 39.61 89.35
C GLU XC 14 35.83 40.97 89.88
N ILE XC 15 35.83 41.10 91.19
CA ILE XC 15 35.40 42.33 91.82
C ILE XC 15 36.36 43.47 91.48
N ARG XC 16 37.65 43.24 91.64
CA ARG XC 16 38.65 44.28 91.38
C ARG XC 16 38.39 44.89 90.03
N HIS XC 17 37.58 44.21 89.23
CA HIS XC 17 37.21 44.70 87.90
C HIS XC 17 35.81 45.30 87.94
N ILE XC 18 34.86 44.53 88.45
CA ILE XC 18 33.49 45.02 88.56
C ILE XC 18 33.48 46.42 89.15
N TRP XC 19 34.31 46.64 90.16
CA TRP XC 19 34.37 47.94 90.80
C TRP XC 19 34.83 49.01 89.82
N ASP XC 20 35.92 48.74 89.10
CA ASP XC 20 36.45 49.70 88.14
C ASP XC 20 35.40 50.20 87.16
N ASP XC 21 34.20 49.63 87.21
CA ASP XC 21 33.15 50.06 86.30
C ASP XC 21 32.19 51.02 87.00
N VAL XC 22 32.05 50.86 88.32
CA VAL XC 22 31.16 51.75 89.08
C VAL XC 22 31.97 52.96 89.54
N TRP XC 23 33.22 52.74 89.99
CA TRP XC 23 33.99 53.83 90.51
C TRP XC 23 34.19 54.73 89.36
N SER XC 24 34.92 54.20 88.37
CA SER XC 24 34.80 54.73 87.04
C SER XC 24 35.73 55.92 86.99
N SER XC 25 35.23 57.09 86.54
CA SER XC 25 36.02 58.27 86.40
C SER XC 25 36.34 58.83 87.75
N SER XC 26 37.24 59.84 87.77
CA SER XC 26 37.77 60.40 88.98
C SER XC 26 36.83 61.43 89.50
N PHE XC 27 35.69 61.52 88.81
CA PHE XC 27 34.67 62.47 89.00
C PHE XC 27 33.94 62.23 90.26
N THR XC 28 33.55 63.30 90.95
CA THR XC 28 32.56 62.88 91.94
C THR XC 28 31.21 62.44 91.38
N ASP XC 29 30.55 63.33 90.65
CA ASP XC 29 29.24 63.07 90.06
C ASP XC 29 28.75 61.62 90.05
N ARG XC 30 29.43 60.75 89.31
CA ARG XC 30 29.02 59.35 89.22
C ARG XC 30 29.02 58.62 90.55
N ARG XC 31 30.20 58.42 91.11
CA ARG XC 31 30.31 57.71 92.39
C ARG XC 31 29.27 58.20 93.39
N VAL XC 32 29.03 59.50 93.40
CA VAL XC 32 28.06 60.07 94.31
C VAL XC 32 26.68 59.45 94.11
N ALA XC 33 26.11 59.67 92.93
CA ALA XC 33 24.79 59.14 92.61
C ALA XC 33 24.67 57.65 92.99
N ILE XC 34 25.72 56.87 92.76
CA ILE XC 34 25.68 55.46 93.08
C ILE XC 34 25.63 55.22 94.59
N VAL XC 35 26.64 55.71 95.31
CA VAL XC 35 26.67 55.53 96.76
C VAL XC 35 25.38 56.05 97.38
N ARG XC 36 24.86 57.15 96.83
CA ARG XC 36 23.62 57.72 97.32
C ARG XC 36 22.55 56.67 97.10
N ALA XC 37 22.31 56.34 95.83
CA ALA XC 37 21.32 55.35 95.46
C ALA XC 37 21.42 54.13 96.36
N VAL XC 38 22.62 53.85 96.87
CA VAL XC 38 22.82 52.70 97.76
C VAL XC 38 22.18 53.00 99.10
N PHE XC 39 22.53 54.14 99.67
CA PHE XC 39 21.97 54.54 100.96
C PHE XC 39 20.44 54.69 100.92
N ASP XC 40 19.92 55.30 99.86
CA ASP XC 40 18.48 55.46 99.75
C ASP XC 40 17.80 54.12 99.91
N ASP XC 41 18.46 53.05 99.48
CA ASP XC 41 17.92 51.70 99.60
C ASP XC 41 18.10 51.18 101.03
N LEU XC 42 19.09 51.72 101.72
CA LEU XC 42 19.34 51.30 103.09
C LEU XC 42 18.30 51.94 103.95
N PHE XC 43 17.99 53.20 103.66
CA PHE XC 43 17.01 53.94 104.44
C PHE XC 43 15.59 53.49 104.16
N LYS XC 44 15.31 53.08 102.94
CA LYS XC 44 13.96 52.65 102.62
C LYS XC 44 13.67 51.33 103.31
N HIS XC 45 14.71 50.60 103.72
CA HIS XC 45 14.55 49.31 104.37
C HIS XC 45 14.82 49.32 105.88
N TYR XC 46 15.78 50.14 106.31
CA TYR XC 46 16.11 50.27 107.72
C TYR XC 46 16.09 51.76 108.03
N PRO XC 47 14.91 52.39 107.94
CA PRO XC 47 14.71 53.82 108.17
C PRO XC 47 15.35 54.36 109.45
N THR XC 48 15.50 53.50 110.44
CA THR XC 48 16.09 53.89 111.71
C THR XC 48 17.46 54.52 111.54
N SER XC 49 18.30 53.87 110.74
CA SER XC 49 19.65 54.33 110.47
C SER XC 49 19.73 55.77 109.99
N LYS XC 50 18.73 56.23 109.25
CA LYS XC 50 18.71 57.58 108.71
C LYS XC 50 19.21 58.58 109.74
N ALA XC 51 18.56 58.63 110.89
CA ALA XC 51 18.95 59.55 111.95
C ALA XC 51 20.46 59.65 112.21
N LEU XC 52 21.16 58.51 112.15
CA LEU XC 52 22.60 58.46 112.42
C LEU XC 52 23.45 59.49 111.69
N PHE XC 53 22.99 59.95 110.53
CA PHE XC 53 23.74 60.90 109.74
C PHE XC 53 23.29 62.36 109.80
N GLU XC 54 22.69 62.76 110.91
CA GLU XC 54 22.26 64.15 111.03
C GLU XC 54 23.51 64.99 111.15
N ARG XC 55 24.57 64.36 111.62
CA ARG XC 55 25.85 65.04 111.82
C ARG XC 55 26.39 65.56 110.48
N VAL XC 56 26.06 64.88 109.40
CA VAL XC 56 26.53 65.29 108.09
C VAL XC 56 25.43 65.97 107.31
N LYS XC 57 24.30 66.20 107.97
CA LYS XC 57 23.17 66.87 107.34
C LYS XC 57 22.50 66.11 106.20
N ILE XC 58 21.92 64.96 106.50
CA ILE XC 58 21.23 64.19 105.47
C ILE XC 58 19.92 64.86 105.12
N ASP XC 59 19.44 65.74 105.99
CA ASP XC 59 18.19 66.45 105.75
C ASP XC 59 18.36 67.40 104.57
N GLU XC 60 19.62 67.65 104.20
CA GLU XC 60 19.95 68.50 103.07
C GLU XC 60 20.68 67.62 102.06
N PRO XC 61 19.94 66.81 101.30
CA PRO XC 61 20.54 65.94 100.30
C PRO XC 61 21.64 66.55 99.46
N GLU XC 62 21.37 67.69 98.83
CA GLU XC 62 22.37 68.33 97.99
C GLU XC 62 23.34 69.24 98.76
N SER XC 63 23.24 69.19 100.08
CA SER XC 63 24.06 70.01 100.96
C SER XC 63 25.50 70.19 100.54
N GLY XC 64 26.21 69.08 100.37
CA GLY XC 64 27.60 69.18 100.03
C GLY XC 64 28.33 68.73 101.28
N GLU XC 65 27.80 69.10 102.43
CA GLU XC 65 28.40 68.69 103.70
C GLU XC 65 28.14 67.19 103.71
N PHE XC 66 27.02 66.81 103.09
CA PHE XC 66 26.56 65.44 102.97
C PHE XC 66 27.15 64.77 101.74
N LYS XC 67 27.10 65.46 100.61
CA LYS XC 67 27.65 64.89 99.41
C LYS XC 67 29.07 64.44 99.71
N SER XC 68 29.88 65.35 100.25
CA SER XC 68 31.25 65.02 100.59
C SER XC 68 31.27 63.73 101.37
N HIS XC 69 30.35 63.61 102.32
CA HIS XC 69 30.27 62.38 103.12
C HIS XC 69 30.17 61.18 102.19
N LEU XC 70 29.09 61.15 101.42
CA LEU XC 70 28.88 60.07 100.48
C LEU XC 70 30.20 59.68 99.83
N VAL XC 71 30.89 60.66 99.31
CA VAL XC 71 32.17 60.41 98.68
C VAL XC 71 33.14 59.68 99.62
N ARG XC 72 33.30 60.19 100.83
CA ARG XC 72 34.19 59.55 101.78
C ARG XC 72 33.84 58.10 101.93
N VAL XC 73 32.55 57.80 101.97
CA VAL XC 73 32.09 56.43 102.11
C VAL XC 73 32.53 55.69 100.89
N ALA XC 74 32.19 56.23 99.73
CA ALA XC 74 32.57 55.63 98.46
C ALA XC 74 34.06 55.36 98.52
N ASN XC 75 34.85 56.41 98.61
CA ASN XC 75 36.30 56.25 98.66
C ASN XC 75 36.77 55.25 99.70
N GLY XC 76 36.08 55.17 100.82
CA GLY XC 76 36.49 54.22 101.83
C GLY XC 76 36.33 52.80 101.34
N LEU XC 77 35.32 52.60 100.51
CA LEU XC 77 35.03 51.30 99.94
C LEU XC 77 36.09 51.07 98.88
N LYS XC 78 36.31 52.08 98.05
CA LYS XC 78 37.31 52.02 97.02
C LYS XC 78 38.62 51.55 97.63
N LEU XC 79 39.03 52.22 98.70
CA LEU XC 79 40.27 51.90 99.38
C LEU XC 79 40.31 50.44 99.78
N LEU XC 80 39.19 49.90 100.21
CA LEU XC 80 39.13 48.50 100.60
C LEU XC 80 39.46 47.62 99.40
N ILE XC 81 38.59 47.70 98.39
CA ILE XC 81 38.74 46.93 97.18
C ILE XC 81 40.16 47.02 96.64
N ASN XC 82 40.66 48.23 96.54
CA ASN XC 82 42.01 48.45 96.04
C ASN XC 82 43.10 47.97 97.02
N LEU XC 83 42.70 47.13 97.97
CA LEU XC 83 43.64 46.64 98.95
C LEU XC 83 43.59 45.13 98.92
N LEU XC 84 42.58 44.59 98.24
CA LEU XC 84 42.39 43.14 98.13
C LEU XC 84 43.60 42.36 97.63
N ASP XC 85 44.62 43.06 97.10
CA ASP XC 85 45.82 42.37 96.63
C ASP XC 85 46.93 42.48 97.67
N ASP XC 86 46.70 43.28 98.71
CA ASP XC 86 47.71 43.43 99.76
C ASP XC 86 47.24 42.94 101.13
N THR XC 87 46.46 41.86 101.12
CA THR XC 87 45.93 41.22 102.33
C THR XC 87 46.30 41.81 103.69
N LEU XC 88 47.54 41.60 104.11
CA LEU XC 88 48.00 42.09 105.40
C LEU XC 88 47.60 43.53 105.76
N VAL XC 89 47.71 44.44 104.80
CA VAL XC 89 47.33 45.83 105.03
C VAL XC 89 45.82 45.91 105.11
N LEU XC 90 45.15 45.22 104.21
CA LEU XC 90 43.71 45.22 104.21
C LEU XC 90 43.21 44.79 105.58
N GLN XC 91 43.79 43.70 106.08
CA GLN XC 91 43.40 43.14 107.37
C GLN XC 91 43.50 44.16 108.50
N SER XC 92 44.44 45.08 108.38
CA SER XC 92 44.62 46.11 109.40
C SER XC 92 43.65 47.25 109.21
N HIS XC 93 43.67 47.88 108.04
CA HIS XC 93 42.76 48.98 107.78
C HIS XC 93 41.34 48.51 107.97
N LEU XC 94 41.13 47.22 107.73
CA LEU XC 94 39.79 46.69 107.87
C LEU XC 94 39.39 46.82 109.32
N GLY XC 95 40.36 46.66 110.20
CA GLY XC 95 40.08 46.76 111.63
C GLY XC 95 39.83 48.22 111.94
N HIS XC 96 40.78 49.05 111.55
CA HIS XC 96 40.69 50.48 111.76
C HIS XC 96 39.32 50.99 111.29
N LEU XC 97 38.81 50.39 110.23
CA LEU XC 97 37.52 50.80 109.69
C LEU XC 97 36.41 50.38 110.63
N ALA XC 98 36.65 49.35 111.42
CA ALA XC 98 35.66 48.89 112.38
C ALA XC 98 35.62 49.90 113.51
N ASP XC 99 36.77 50.13 114.13
CA ASP XC 99 36.88 51.06 115.23
C ASP XC 99 36.23 52.42 114.93
N GLN XC 100 36.28 52.86 113.68
CA GLN XC 100 35.69 54.14 113.31
C GLN XC 100 34.18 54.05 113.33
N HIS XC 101 33.65 52.85 113.43
CA HIS XC 101 32.22 52.66 113.46
C HIS XC 101 31.74 52.19 114.82
N ILE XC 102 32.65 51.68 115.63
CA ILE XC 102 32.27 51.21 116.95
C ILE XC 102 32.07 52.43 117.81
N GLN XC 103 32.91 53.45 117.60
CA GLN XC 103 32.82 54.68 118.38
C GLN XC 103 31.66 55.54 117.88
N ARG XC 104 30.97 55.07 116.85
CA ARG XC 104 29.82 55.79 116.33
C ARG XC 104 28.61 55.15 116.96
N LYS XC 105 28.18 55.74 118.07
CA LYS XC 105 27.04 55.24 118.83
C LYS XC 105 25.76 55.13 117.99
N GLY XC 106 25.18 53.94 117.95
CA GLY XC 106 23.96 53.73 117.21
C GLY XC 106 24.09 52.85 115.98
N VAL XC 107 25.32 52.45 115.65
CA VAL XC 107 25.57 51.63 114.49
C VAL XC 107 25.47 50.15 114.83
N THR XC 108 24.41 49.50 114.35
CA THR XC 108 24.18 48.06 114.61
C THR XC 108 24.90 47.12 113.64
N LYS XC 109 24.96 45.85 114.03
CA LYS XC 109 25.60 44.84 113.22
C LYS XC 109 24.64 44.64 112.05
N GLU XC 110 23.38 44.93 112.30
CA GLU XC 110 22.33 44.79 111.30
C GLU XC 110 22.44 45.80 110.18
N TYR XC 111 22.55 47.08 110.51
CA TYR XC 111 22.64 48.11 109.48
C TYR XC 111 23.65 47.74 108.43
N PHE XC 112 24.74 47.08 108.82
CA PHE XC 112 25.74 46.68 107.86
C PHE XC 112 25.21 45.59 106.94
N ARG XC 113 24.66 44.53 107.51
CA ARG XC 113 24.11 43.47 106.68
C ARG XC 113 23.08 44.12 105.76
N GLY XC 114 22.55 45.26 106.19
CA GLY XC 114 21.57 45.96 105.39
C GLY XC 114 22.12 46.72 104.20
N ILE XC 115 23.25 47.39 104.40
CA ILE XC 115 23.86 48.14 103.33
C ILE XC 115 24.44 47.15 102.35
N GLY XC 116 24.70 45.94 102.83
CA GLY XC 116 25.25 44.92 101.97
C GLY XC 116 24.21 44.54 100.94
N GLU XC 117 22.98 44.40 101.41
CA GLU XC 117 21.87 44.06 100.55
C GLU XC 117 21.73 45.21 99.58
N ALA XC 118 21.86 46.42 100.09
CA ALA XC 118 21.76 47.63 99.26
C ALA XC 118 22.59 47.52 97.96
N PHE XC 119 23.91 47.41 98.08
CA PHE XC 119 24.76 47.29 96.90
C PHE XC 119 24.28 46.19 95.97
N ALA XC 120 24.06 45.02 96.55
CA ALA XC 120 23.61 43.86 95.78
C ALA XC 120 22.33 44.11 94.99
N ARG XC 121 21.67 45.24 95.25
CA ARG XC 121 20.44 45.58 94.57
C ARG XC 121 20.67 46.78 93.65
N VAL XC 122 21.65 47.61 94.01
CA VAL XC 122 21.97 48.79 93.23
C VAL XC 122 22.95 48.49 92.12
N LEU XC 123 24.15 48.05 92.49
CA LEU XC 123 25.18 47.74 91.51
C LEU XC 123 24.67 47.02 90.26
N PRO XC 124 23.95 45.91 90.43
CA PRO XC 124 23.45 45.20 89.25
C PRO XC 124 22.62 46.07 88.31
N GLN XC 125 22.36 47.32 88.69
CA GLN XC 125 21.57 48.24 87.88
C GLN XC 125 22.42 49.34 87.25
N VAL XC 126 23.55 49.65 87.86
CA VAL XC 126 24.42 50.69 87.33
C VAL XC 126 25.43 50.18 86.32
N LEU XC 127 25.60 48.87 86.27
CA LEU XC 127 26.53 48.28 85.32
C LEU XC 127 26.10 46.87 84.99
N SER XC 128 26.46 46.42 83.79
CA SER XC 128 26.09 45.08 83.38
C SER XC 128 27.28 44.20 83.66
N CYS XC 129 27.07 42.89 83.59
CA CYS XC 129 28.15 41.93 83.83
C CYS XC 129 28.60 42.03 85.29
N PHE XC 130 27.64 41.98 86.20
CA PHE XC 130 27.93 42.07 87.61
C PHE XC 130 27.79 40.70 88.22
N ASN XC 131 28.89 40.18 88.75
CA ASN XC 131 28.85 38.85 89.34
C ASN XC 131 28.35 38.95 90.78
N VAL XC 132 27.06 39.27 90.93
CA VAL XC 132 26.44 39.43 92.23
C VAL XC 132 26.97 38.49 93.29
N ASP XC 133 27.09 37.21 92.97
CA ASP XC 133 27.60 36.25 93.94
C ASP XC 133 29.01 36.59 94.39
N ALA XC 134 29.92 36.67 93.44
CA ALA XC 134 31.31 36.98 93.74
C ALA XC 134 31.39 38.23 94.61
N TRP XC 135 30.63 39.26 94.23
CA TRP XC 135 30.64 40.50 94.99
C TRP XC 135 30.19 40.13 96.37
N ASN XC 136 28.96 39.63 96.47
CA ASN XC 136 28.40 39.24 97.76
C ASN XC 136 29.41 38.50 98.62
N ARG XC 137 30.06 37.49 98.08
CA ARG XC 137 31.02 36.75 98.88
C ARG XC 137 32.08 37.63 99.52
N CYS XC 138 32.90 38.30 98.70
CA CYS XC 138 33.94 39.14 99.24
C CYS XC 138 33.46 40.35 99.99
N PHE XC 139 32.23 40.79 99.74
CA PHE XC 139 31.73 41.95 100.46
C PHE XC 139 31.43 41.49 101.88
N HIS XC 140 30.89 40.29 102.03
CA HIS XC 140 30.57 39.76 103.35
C HIS XC 140 31.82 39.62 104.18
N ARG XC 141 32.86 39.03 103.60
CA ARG XC 141 34.10 38.86 104.34
C ARG XC 141 34.55 40.24 104.85
N LEU XC 142 34.41 41.26 104.01
CA LEU XC 142 34.79 42.63 104.42
C LEU XC 142 33.90 43.17 105.55
N VAL XC 143 32.60 43.02 105.38
CA VAL XC 143 31.64 43.49 106.38
C VAL XC 143 31.83 42.78 107.71
N ALA XC 144 31.81 41.45 107.68
CA ALA XC 144 31.98 40.66 108.89
C ALA XC 144 33.07 41.26 109.78
N ARG XC 145 34.27 41.39 109.24
CA ARG XC 145 35.37 41.93 110.02
C ARG XC 145 35.12 43.35 110.47
N ILE XC 146 34.38 44.14 109.70
CA ILE XC 146 34.13 45.54 110.10
C ILE XC 146 33.19 45.66 111.28
N ALA XC 147 32.16 44.84 111.24
CA ALA XC 147 31.27 44.77 112.33
C ALA XC 147 32.14 44.41 113.43
N LYS XC 148 33.13 43.52 113.18
CA LYS XC 148 33.30 42.26 113.83
C LYS XC 148 33.51 42.40 115.30
N ASP XC 149 34.26 43.45 115.68
CA ASP XC 149 34.58 43.90 117.03
C ASP XC 149 33.35 44.33 117.71
N LEU XC 150 32.58 45.07 116.92
CA LEU XC 150 31.47 45.80 117.40
C LEU XC 150 30.63 44.79 118.01
N PRO XC 151 30.45 43.64 117.47
CA PRO XC 151 29.64 42.96 118.41
C PRO XC 151 30.38 41.80 118.98
N LYS YC 1 7.45 52.12 74.17
CA LYS YC 1 7.79 50.84 74.85
C LYS YC 1 8.32 51.25 76.15
N LYS YC 2 9.63 51.51 76.09
CA LYS YC 2 10.37 51.97 77.21
C LYS YC 2 10.56 53.43 77.00
N GLN YC 3 10.23 54.17 78.06
CA GLN YC 3 10.37 55.58 78.21
C GLN YC 3 11.58 55.65 79.08
N CYS YC 4 12.35 56.75 79.07
CA CYS YC 4 13.69 56.46 79.47
C CYS YC 4 14.01 57.12 80.77
N GLY YC 5 15.16 56.74 81.36
CA GLY YC 5 15.38 57.02 82.75
C GLY YC 5 16.87 57.16 82.96
N VAL YC 6 17.25 57.61 84.18
CA VAL YC 6 18.56 58.12 84.49
C VAL YC 6 19.60 57.08 84.24
N LEU YC 7 19.45 55.91 84.92
CA LEU YC 7 20.43 54.86 84.70
C LEU YC 7 20.49 54.42 83.24
N GLU YC 8 19.37 53.93 82.70
CA GLU YC 8 19.32 53.47 81.31
C GLU YC 8 19.95 54.50 80.41
N GLY YC 9 19.95 55.75 80.85
CA GLY YC 9 20.56 56.80 80.05
C GLY YC 9 22.07 56.61 80.14
N LEU YC 10 22.58 56.67 81.36
CA LEU YC 10 24.01 56.50 81.60
C LEU YC 10 24.55 55.30 80.84
N LYS YC 11 23.79 54.21 80.81
CA LYS YC 11 24.24 53.02 80.11
C LYS YC 11 24.36 53.31 78.61
N VAL YC 12 23.29 53.78 77.98
CA VAL YC 12 23.35 54.07 76.57
C VAL YC 12 24.43 55.10 76.29
N LYS YC 13 24.45 56.17 77.08
CA LYS YC 13 25.45 57.22 76.89
C LYS YC 13 26.86 56.66 76.86
N SER YC 14 27.12 55.67 77.71
CA SER YC 14 28.43 55.03 77.80
C SER YC 14 28.66 54.12 76.60
N GLU YC 15 27.74 53.19 76.38
CA GLU YC 15 27.85 52.24 75.28
C GLU YC 15 27.96 52.97 73.95
N TRP YC 16 27.24 54.07 73.81
CA TRP YC 16 27.30 54.81 72.58
C TRP YC 16 28.72 55.28 72.40
N GLY YC 17 29.36 55.67 73.50
CA GLY YC 17 30.73 56.13 73.41
C GLY YC 17 31.62 55.14 72.69
N ARG YC 18 31.46 53.87 73.05
CA ARG YC 18 32.25 52.81 72.46
C ARG YC 18 31.86 52.52 71.02
N ALA YC 19 30.56 52.45 70.74
CA ALA YC 19 30.09 52.17 69.38
C ALA YC 19 30.39 53.28 68.37
N TYR YC 20 30.22 54.52 68.81
CA TYR YC 20 30.45 55.67 67.96
C TYR YC 20 31.90 55.65 67.52
N GLY YC 21 32.80 55.68 68.48
CA GLY YC 21 34.21 55.66 68.14
C GLY YC 21 34.62 56.92 67.39
N SER YC 22 35.66 56.81 66.57
CA SER YC 22 36.15 57.97 65.82
C SER YC 22 36.92 57.60 64.57
N GLY YC 23 37.34 58.63 63.83
CA GLY YC 23 38.09 58.41 62.59
C GLY YC 23 37.33 57.66 61.51
N HIS YC 24 37.91 56.54 61.08
CA HIS YC 24 37.29 55.72 60.05
C HIS YC 24 36.15 54.90 60.62
N ASP YC 25 36.36 54.30 61.79
CA ASP YC 25 35.31 53.51 62.42
C ASP YC 25 34.03 54.30 62.31
N ARG YC 26 34.13 55.61 62.51
CA ARG YC 26 32.97 56.49 62.46
C ARG YC 26 32.43 56.56 61.04
N GLU YC 27 33.28 57.01 60.11
CA GLU YC 27 32.87 57.12 58.72
C GLU YC 27 32.17 55.84 58.23
N ALA YC 28 32.46 54.71 58.86
CA ALA YC 28 31.85 53.45 58.49
C ALA YC 28 30.62 53.23 59.34
N PHE YC 29 30.77 53.34 60.64
CA PHE YC 29 29.66 53.18 61.57
C PHE YC 29 28.44 53.86 60.96
N SER YC 30 28.60 55.12 60.55
CA SER YC 30 27.50 55.86 59.95
C SER YC 30 27.09 55.20 58.63
N GLN YC 31 28.08 54.94 57.79
CA GLN YC 31 27.84 54.26 56.52
C GLN YC 31 26.93 53.06 56.75
N ALA YC 32 27.39 52.11 57.58
CA ALA YC 32 26.63 50.90 57.87
C ALA YC 32 25.22 51.21 58.24
N ILE YC 33 25.05 52.13 59.19
CA ILE YC 33 23.73 52.53 59.66
C ILE YC 33 22.83 52.97 58.54
N TRP YC 34 23.28 53.90 57.70
CA TRP YC 34 22.44 54.34 56.60
C TRP YC 34 22.10 53.24 55.62
N ARG YC 35 23.07 52.39 55.30
CA ARG YC 35 22.81 51.30 54.38
C ARG YC 35 21.70 50.44 54.93
N ALA YC 36 21.74 50.19 56.23
CA ALA YC 36 20.73 49.39 56.88
C ALA YC 36 19.38 50.12 56.84
N THR YC 37 19.40 51.43 56.98
CA THR YC 37 18.16 52.21 56.95
C THR YC 37 17.53 52.14 55.57
N PHE YC 38 18.28 52.58 54.57
CA PHE YC 38 17.78 52.58 53.21
C PHE YC 38 17.37 51.20 52.73
N ALA YC 39 18.06 50.18 53.20
CA ALA YC 39 17.72 48.83 52.79
C ALA YC 39 16.34 48.48 53.27
N GLN YC 40 15.96 49.04 54.42
CA GLN YC 40 14.65 48.78 55.00
C GLN YC 40 13.55 49.53 54.26
N VAL YC 41 13.76 50.83 54.07
CA VAL YC 41 12.78 51.66 53.40
C VAL YC 41 13.37 52.41 52.22
N PRO YC 42 13.59 51.72 51.10
CA PRO YC 42 14.18 52.38 49.93
C PRO YC 42 13.43 53.65 49.55
N GLU YC 43 12.17 53.71 49.93
CA GLU YC 43 11.32 54.86 49.64
C GLU YC 43 11.99 56.16 50.09
N SER YC 44 12.59 56.10 51.28
CA SER YC 44 13.23 57.26 51.91
C SER YC 44 14.42 57.86 51.17
N ARG YC 45 15.02 57.12 50.25
CA ARG YC 45 16.15 57.68 49.53
C ARG YC 45 15.79 59.01 48.89
N SER YC 46 14.53 59.14 48.47
CA SER YC 46 14.05 60.36 47.82
C SER YC 46 14.22 61.64 48.63
N LEU YC 47 14.22 61.54 49.95
CA LEU YC 47 14.37 62.71 50.80
C LEU YC 47 15.77 63.29 50.81
N PHE YC 48 16.76 62.43 50.62
CA PHE YC 48 18.14 62.88 50.62
C PHE YC 48 18.67 63.04 49.22
N LYS YC 49 17.78 63.40 48.29
CA LYS YC 49 18.18 63.58 46.91
C LYS YC 49 19.13 64.77 46.86
N ARG YC 50 18.96 65.69 47.79
CA ARG YC 50 19.77 66.90 47.86
C ARG YC 50 21.21 66.64 48.22
N VAL YC 51 21.44 65.60 49.01
CA VAL YC 51 22.77 65.27 49.46
C VAL YC 51 23.18 63.88 48.96
N HIS YC 52 23.08 63.71 47.64
CA HIS YC 52 23.42 62.45 46.99
C HIS YC 52 23.03 61.21 47.79
N GLY YC 53 21.73 61.01 47.95
CA GLY YC 53 21.25 59.85 48.67
C GLY YC 53 21.28 58.65 47.75
N ASP YC 54 21.42 58.91 46.46
CA ASP YC 54 21.48 57.83 45.50
C ASP YC 54 22.71 56.96 45.72
N ASP YC 55 23.85 57.59 46.03
CA ASP YC 55 25.09 56.86 46.26
C ASP YC 55 25.58 57.10 47.67
N THR YC 56 25.27 56.16 48.55
CA THR YC 56 25.67 56.23 49.95
C THR YC 56 27.16 56.50 50.17
N SER YC 57 28.00 56.21 49.17
CA SER YC 57 29.45 56.39 49.27
C SER YC 57 29.97 57.73 48.73
N HIS YC 58 29.07 58.59 48.29
CA HIS YC 58 29.45 59.90 47.75
C HIS YC 58 29.81 60.83 48.89
N PRO YC 59 30.94 61.52 48.78
CA PRO YC 59 31.36 62.43 49.83
C PRO YC 59 30.24 63.28 50.42
N ALA YC 60 29.42 63.85 49.56
CA ALA YC 60 28.32 64.69 50.02
C ALA YC 60 27.52 63.97 51.06
N PHE YC 61 27.15 62.74 50.75
CA PHE YC 61 26.36 61.92 51.66
C PHE YC 61 27.18 61.50 52.87
N ILE YC 62 28.45 61.18 52.65
CA ILE YC 62 29.34 60.76 53.73
C ILE YC 62 29.31 61.85 54.77
N ALA YC 63 29.41 63.08 54.29
CA ALA YC 63 29.37 64.24 55.15
C ALA YC 63 28.06 64.18 55.88
N HIS YC 64 26.97 64.22 55.11
CA HIS YC 64 25.63 64.17 55.68
C HIS YC 64 25.51 63.16 56.81
N ALA YC 65 25.87 61.92 56.52
CA ALA YC 65 25.81 60.86 57.52
C ALA YC 65 26.58 61.24 58.75
N ASP YC 66 27.89 61.44 58.59
CA ASP YC 66 28.76 61.80 59.70
C ASP YC 66 28.16 63.02 60.43
N ARG YC 67 27.41 63.84 59.71
CA ARG YC 67 26.79 65.06 60.25
C ARG YC 67 25.56 64.72 61.09
N VAL YC 68 24.83 63.71 60.66
CA VAL YC 68 23.63 63.28 61.35
C VAL YC 68 24.00 62.65 62.68
N LEU YC 69 24.86 61.64 62.63
CA LEU YC 69 25.30 60.98 63.85
C LEU YC 69 25.71 62.07 64.82
N GLY YC 70 26.34 63.11 64.30
CA GLY YC 70 26.76 64.22 65.13
C GLY YC 70 25.67 64.67 66.06
N GLY YC 71 24.50 64.97 65.50
CA GLY YC 71 23.38 65.40 66.32
C GLY YC 71 23.03 64.31 67.33
N LEU YC 72 22.83 63.10 66.83
CA LEU YC 72 22.49 61.97 67.70
C LEU YC 72 23.48 61.94 68.84
N ASP YC 73 24.73 62.30 68.59
CA ASP YC 73 25.74 62.32 69.64
C ASP YC 73 25.26 63.31 70.69
N ILE YC 74 25.17 64.57 70.30
CA ILE YC 74 24.72 65.60 71.23
C ILE YC 74 23.51 65.12 72.03
N ALA YC 75 22.53 64.54 71.34
CA ALA YC 75 21.33 64.03 72.01
C ALA YC 75 21.71 63.07 73.11
N ILE YC 76 22.22 61.90 72.71
CA ILE YC 76 22.63 60.89 73.68
C ILE YC 76 23.56 61.48 74.75
N SER YC 77 24.61 62.20 74.31
CA SER YC 77 25.57 62.67 75.25
C SER YC 77 24.94 63.67 76.17
N THR YC 78 24.02 64.53 75.69
CA THR YC 78 23.46 65.56 76.54
C THR YC 78 22.53 65.00 77.57
N LEU YC 79 21.81 63.92 77.22
CA LEU YC 79 20.52 63.49 77.71
C LEU YC 79 20.56 63.18 79.16
N ASP YC 80 21.77 62.87 79.67
CA ASP YC 80 21.90 62.40 81.02
C ASP YC 80 21.20 63.41 81.89
N GLN YC 81 21.64 64.68 81.80
CA GLN YC 81 21.01 65.73 82.53
C GLN YC 81 19.92 66.32 81.70
N PRO YC 82 18.77 66.33 82.36
CA PRO YC 82 17.46 66.73 81.84
C PRO YC 82 17.42 68.19 81.41
N ALA YC 83 17.98 69.06 82.23
CA ALA YC 83 18.01 70.48 81.93
C ALA YC 83 18.51 70.75 80.52
N THR YC 84 19.75 70.34 80.26
CA THR YC 84 20.39 70.54 78.96
C THR YC 84 19.71 69.75 77.85
N LEU YC 85 19.60 68.44 78.04
CA LEU YC 85 18.96 67.60 77.04
C LEU YC 85 17.71 68.29 76.52
N LYS YC 86 16.85 68.66 77.46
CA LYS YC 86 15.61 69.35 77.15
C LYS YC 86 15.88 70.35 76.03
N GLU YC 87 16.85 71.21 76.26
CA GLU YC 87 17.19 72.22 75.30
C GLU YC 87 17.55 71.65 73.94
N GLU YC 88 18.55 70.77 73.88
CA GLU YC 88 18.97 70.18 72.62
C GLU YC 88 17.77 69.60 71.88
N LEU YC 89 16.99 68.78 72.58
CA LEU YC 89 15.84 68.18 71.96
C LEU YC 89 14.97 69.28 71.38
N ASP YC 90 14.64 70.26 72.20
CA ASP YC 90 13.80 71.37 71.74
C ASP YC 90 14.37 71.99 70.48
N HIS YC 91 15.68 72.21 70.49
CA HIS YC 91 16.37 72.81 69.35
C HIS YC 91 16.09 71.96 68.12
N LEU YC 92 16.30 70.66 68.24
CA LEU YC 92 16.06 69.76 67.14
C LEU YC 92 14.61 69.87 66.71
N GLN YC 93 13.72 69.74 67.69
CA GLN YC 93 12.29 69.82 67.45
C GLN YC 93 11.97 70.86 66.40
N VAL YC 94 12.60 72.02 66.55
CA VAL YC 94 12.40 73.12 65.62
C VAL YC 94 12.89 72.83 64.21
N GLN YC 95 14.15 72.39 64.10
CA GLN YC 95 14.73 72.10 62.80
C GLN YC 95 13.89 71.07 62.06
N HIS YC 96 12.97 70.41 62.77
CA HIS YC 96 12.14 69.38 62.14
C HIS YC 96 10.66 69.74 61.92
N GLU YC 97 10.19 70.58 62.80
CA GLU YC 97 8.76 70.78 62.85
C GLU YC 97 8.39 71.57 61.63
N GLY YC 98 7.28 71.20 60.97
CA GLY YC 98 6.83 71.89 59.80
C GLY YC 98 6.85 70.90 58.69
N ARG YC 99 7.72 69.90 58.81
CA ARG YC 99 8.13 69.10 57.69
C ARG YC 99 7.54 67.76 57.89
N LYS YC 100 6.91 67.20 56.85
CA LYS YC 100 6.32 65.95 57.19
C LYS YC 100 7.41 64.92 57.08
N ILE YC 101 7.58 64.09 58.14
CA ILE YC 101 8.35 62.86 58.10
C ILE YC 101 7.63 61.82 58.89
N PRO YC 102 7.25 60.83 58.20
CA PRO YC 102 6.46 59.77 58.71
C PRO YC 102 7.23 59.11 59.79
N ASP YC 103 6.47 58.48 60.67
CA ASP YC 103 7.03 57.77 61.83
C ASP YC 103 7.58 56.43 61.35
N ASN YC 104 7.20 56.06 60.13
CA ASN YC 104 7.63 54.83 59.52
C ASN YC 104 9.14 54.81 59.36
N TYR YC 105 9.71 55.89 58.82
CA TYR YC 105 11.15 55.99 58.60
C TYR YC 105 11.93 56.00 59.90
N PHE YC 106 11.58 56.90 60.81
CA PHE YC 106 12.29 56.97 62.08
C PHE YC 106 12.42 55.59 62.66
N ASP YC 107 11.36 54.80 62.56
CA ASP YC 107 11.36 53.45 63.08
C ASP YC 107 12.52 52.66 62.47
N ALA YC 108 12.60 52.67 61.15
CA ALA YC 108 13.66 51.96 60.44
C ALA YC 108 15.03 52.45 60.86
N PHE YC 109 15.20 53.76 60.89
CA PHE YC 109 16.48 54.33 61.28
C PHE YC 109 16.89 53.89 62.68
N LYS YC 110 15.92 53.72 63.57
CA LYS YC 110 16.24 53.28 64.91
C LYS YC 110 16.76 51.87 64.80
N THR YC 111 15.97 51.02 64.18
CA THR YC 111 16.35 49.64 63.98
C THR YC 111 17.77 49.60 63.45
N ALA YC 112 18.01 50.35 62.39
CA ALA YC 112 19.34 50.39 61.78
C ALA YC 112 20.38 50.61 62.89
N ILE YC 113 20.31 51.78 63.53
CA ILE YC 113 21.23 52.13 64.60
C ILE YC 113 21.42 50.95 65.53
N LEU YC 114 20.32 50.44 66.08
CA LEU YC 114 20.41 49.31 67.00
C LEU YC 114 21.20 48.13 66.45
N HIS YC 115 20.84 47.66 65.26
CA HIS YC 115 21.54 46.52 64.68
C HIS YC 115 23.01 46.78 64.50
N VAL YC 116 23.36 47.95 63.98
CA VAL YC 116 24.76 48.27 63.79
C VAL YC 116 25.47 48.34 65.15
N VAL YC 117 24.94 49.14 66.08
CA VAL YC 117 25.54 49.25 67.39
C VAL YC 117 25.79 47.88 67.98
N ALA YC 118 24.80 47.01 67.91
CA ALA YC 118 24.94 45.66 68.44
C ALA YC 118 26.09 44.96 67.75
N ALA YC 119 26.21 45.14 66.44
CA ALA YC 119 27.26 44.50 65.69
C ALA YC 119 28.60 45.05 66.13
N GLN YC 120 28.64 46.33 66.46
CA GLN YC 120 29.88 46.96 66.88
C GLN YC 120 30.32 46.67 68.30
N LEU YC 121 29.37 46.57 69.23
CA LEU YC 121 29.73 46.33 70.63
C LEU YC 121 29.94 44.88 71.00
N GLY YC 122 29.67 43.97 70.07
CA GLY YC 122 29.85 42.58 70.36
C GLY YC 122 28.93 41.99 71.42
N ARG YC 123 29.35 42.06 72.68
CA ARG YC 123 28.57 41.48 73.78
C ARG YC 123 27.96 42.40 74.82
N CYS YC 124 28.70 43.42 75.22
CA CYS YC 124 28.20 44.32 76.24
C CYS YC 124 27.32 45.39 75.63
N TYR YC 125 26.02 45.11 75.59
CA TYR YC 125 25.04 46.03 75.03
C TYR YC 125 23.62 45.64 75.42
N ASP YC 126 22.91 46.56 76.08
CA ASP YC 126 21.54 46.34 76.53
C ASP YC 126 20.61 46.84 75.44
N ARG YC 127 19.85 45.94 74.84
CA ARG YC 127 18.95 46.33 73.76
C ARG YC 127 17.83 47.24 74.25
N GLU YC 128 17.01 46.74 75.17
CA GLU YC 128 15.89 47.51 75.71
C GLU YC 128 16.29 48.96 75.98
N ALA YC 129 17.39 49.13 76.71
CA ALA YC 129 17.89 50.45 77.07
C ALA YC 129 18.04 51.37 75.88
N TRP YC 130 18.78 50.92 74.87
CA TRP YC 130 18.96 51.73 73.69
C TRP YC 130 17.61 52.04 73.07
N ASP YC 131 16.85 50.97 72.81
CA ASP YC 131 15.52 51.15 72.21
C ASP YC 131 14.81 52.28 72.93
N ALA YC 132 14.72 52.17 74.24
CA ALA YC 132 14.05 53.19 75.03
C ALA YC 132 14.57 54.61 74.79
N CYS YC 133 15.89 54.78 74.83
CA CYS YC 133 16.48 56.09 74.66
C CYS YC 133 16.47 56.61 73.24
N ILE YC 134 16.80 55.76 72.29
CA ILE YC 134 16.78 56.22 70.91
C ILE YC 134 15.37 56.72 70.67
N ASP YC 135 14.41 56.04 71.27
CA ASP YC 135 13.02 56.41 71.13
C ASP YC 135 12.83 57.80 71.69
N HIS YC 136 13.09 57.97 72.98
CA HIS YC 136 12.93 59.27 73.61
C HIS YC 136 13.57 60.37 72.78
N ILE YC 137 14.72 60.08 72.17
CA ILE YC 137 15.40 61.08 71.37
C ILE YC 137 14.62 61.36 70.11
N GLU YC 138 14.12 60.31 69.47
CA GLU YC 138 13.35 60.49 68.26
C GLU YC 138 12.07 61.24 68.53
N ASP YC 139 11.39 60.88 69.62
CA ASP YC 139 10.15 61.55 69.96
C ASP YC 139 10.43 63.04 70.00
N GLY YC 140 11.52 63.41 70.66
CA GLY YC 140 11.86 64.81 70.75
C GLY YC 140 12.09 65.49 69.43
N ILE YC 141 12.23 64.71 68.36
CA ILE YC 141 12.47 65.27 67.04
C ILE YC 141 11.20 65.29 66.21
N LYS YC 142 10.29 64.37 66.48
CA LYS YC 142 9.05 64.33 65.73
C LYS YC 142 8.02 65.23 66.40
N GLY YC 143 8.02 65.21 67.75
CA GLY YC 143 7.11 66.14 68.33
C GLY YC 143 5.88 65.36 68.59
N HIS YC 144 6.09 64.04 68.66
CA HIS YC 144 5.20 63.07 68.15
C HIS YC 144 3.88 63.13 68.84
N HIS YC 145 2.87 63.21 67.96
CA HIS YC 145 1.74 64.10 68.01
C HIS YC 145 2.07 64.95 66.81
N LYS ZC 1 48.23 85.33 -58.79
CA LYS ZC 1 49.60 85.26 -58.28
C LYS ZC 1 50.21 86.57 -57.96
N LYS ZC 2 51.33 86.44 -57.23
CA LYS ZC 2 52.17 87.49 -56.80
C LYS ZC 2 52.92 88.05 -57.93
N GLN ZC 3 53.11 89.38 -57.85
CA GLN ZC 3 53.98 90.10 -58.71
C GLN ZC 3 55.37 89.89 -58.26
N CYS ZC 4 56.30 89.91 -59.24
CA CYS ZC 4 57.68 89.97 -58.89
C CYS ZC 4 58.06 91.40 -58.87
N GLY ZC 5 59.02 91.66 -57.98
CA GLY ZC 5 59.66 92.91 -57.81
C GLY ZC 5 60.48 92.75 -56.58
N VAL ZC 6 60.77 93.89 -55.93
CA VAL ZC 6 61.77 93.99 -54.94
C VAL ZC 6 61.54 93.02 -53.83
N LEU ZC 7 60.46 93.22 -53.09
CA LEU ZC 7 60.22 92.55 -51.83
C LEU ZC 7 60.25 91.03 -51.94
N GLU ZC 8 59.38 90.47 -52.77
CA GLU ZC 8 59.32 89.03 -52.94
C GLU ZC 8 60.72 88.48 -53.17
N GLY ZC 9 61.60 89.31 -53.68
CA GLY ZC 9 62.97 88.88 -53.89
C GLY ZC 9 63.62 88.75 -52.53
N LEU ZC 10 63.67 89.87 -51.80
CA LEU ZC 10 64.27 89.89 -50.47
C LEU ZC 10 63.78 88.72 -49.65
N LYS ZC 11 62.49 88.40 -49.76
CA LYS ZC 11 61.97 87.29 -48.98
C LYS ZC 11 62.62 85.99 -49.40
N VAL ZC 12 62.56 85.66 -50.70
CA VAL ZC 12 63.17 84.42 -51.17
C VAL ZC 12 64.66 84.41 -50.86
N LYS ZC 13 65.33 85.51 -51.15
CA LYS ZC 13 66.77 85.59 -50.89
C LYS ZC 13 67.09 85.25 -49.44
N SER ZC 14 66.24 85.66 -48.53
CA SER ZC 14 66.43 85.41 -47.10
C SER ZC 14 66.12 83.97 -46.78
N GLU ZC 15 64.92 83.53 -47.14
CA GLU ZC 15 64.50 82.18 -46.87
C GLU ZC 15 65.46 81.17 -47.47
N TRP ZC 16 65.98 81.49 -48.65
CA TRP ZC 16 66.90 80.59 -49.32
C TRP ZC 16 68.11 80.45 -48.43
N GLY ZC 17 68.51 81.55 -47.80
CA GLY ZC 17 69.64 81.49 -46.91
C GLY ZC 17 69.50 80.40 -45.86
N ARG ZC 18 68.30 80.30 -45.29
CA ARG ZC 18 68.03 79.31 -44.27
C ARG ZC 18 67.95 77.91 -44.84
N ALA ZC 19 67.26 77.75 -45.95
CA ALA ZC 19 67.09 76.44 -46.56
C ALA ZC 19 68.37 75.85 -47.13
N TYR ZC 20 69.17 76.69 -47.77
CA TYR ZC 20 70.42 76.26 -48.36
C TYR ZC 20 71.32 75.70 -47.28
N GLY ZC 21 71.61 76.51 -46.29
CA GLY ZC 21 72.45 76.07 -45.19
C GLY ZC 21 73.85 75.76 -45.67
N SER ZC 22 74.54 74.87 -44.98
CA SER ZC 22 75.91 74.52 -45.33
C SER ZC 22 76.35 73.15 -44.87
N GLY ZC 23 77.56 72.77 -45.23
CA GLY ZC 23 78.10 71.47 -44.83
C GLY ZC 23 77.34 70.27 -45.35
N HIS ZC 24 76.87 69.43 -44.43
CA HIS ZC 24 76.12 68.25 -44.81
C HIS ZC 24 74.71 68.61 -45.19
N ASP ZC 25 74.08 69.48 -44.42
CA ASP ZC 25 72.71 69.89 -44.72
C ASP ZC 25 72.66 70.19 -46.21
N ARG ZC 26 73.69 70.85 -46.72
CA ARG ZC 26 73.76 71.19 -48.12
C ARG ZC 26 73.88 69.92 -48.97
N GLU ZC 27 74.93 69.13 -48.75
CA GLU ZC 27 75.13 67.89 -49.51
C GLU ZC 27 73.85 67.05 -49.58
N ALA ZC 28 72.94 67.25 -48.63
CA ALA ZC 28 71.68 66.53 -48.60
C ALA ZC 28 70.64 67.34 -49.32
N PHE ZC 29 70.47 68.57 -48.88
CA PHE ZC 29 69.51 69.50 -49.49
C PHE ZC 29 69.51 69.29 -50.99
N SER ZC 30 70.69 69.32 -51.60
CA SER ZC 30 70.84 69.11 -53.04
C SER ZC 30 70.39 67.69 -53.36
N GLN ZC 31 70.92 66.73 -52.62
CA GLN ZC 31 70.56 65.33 -52.83
C GLN ZC 31 69.06 65.19 -52.93
N ALA ZC 32 68.36 65.62 -51.89
CA ALA ZC 32 66.90 65.56 -51.84
C ALA ZC 32 66.27 66.15 -53.07
N ILE ZC 33 66.68 67.37 -53.40
CA ILE ZC 33 66.16 68.05 -54.56
C ILE ZC 33 66.28 67.23 -55.84
N TRP ZC 34 67.47 66.74 -56.14
CA TRP ZC 34 67.63 65.95 -57.34
C TRP ZC 34 66.81 64.70 -57.32
N ARG ZC 35 66.75 64.00 -56.20
CA ARG ZC 35 65.96 62.79 -56.12
C ARG ZC 35 64.52 63.10 -56.46
N ALA ZC 36 64.04 64.25 -55.98
CA ALA ZC 36 62.68 64.68 -56.25
C ALA ZC 36 62.52 65.00 -57.73
N THR ZC 37 63.55 65.60 -58.32
CA THR ZC 37 63.49 65.93 -59.73
C THR ZC 37 63.43 64.69 -60.59
N PHE ZC 38 64.43 63.84 -60.47
CA PHE ZC 38 64.48 62.61 -61.25
C PHE ZC 38 63.27 61.72 -61.03
N ALA ZC 39 62.71 61.73 -59.81
CA ALA ZC 39 61.54 60.93 -59.52
C ALA ZC 39 60.38 61.38 -60.38
N GLN ZC 40 60.34 62.69 -60.67
CA GLN ZC 40 59.27 63.27 -61.48
C GLN ZC 40 59.46 62.95 -62.94
N VAL ZC 41 60.66 63.20 -63.45
CA VAL ZC 41 60.92 62.94 -64.85
C VAL ZC 41 62.13 62.04 -65.03
N PRO ZC 42 61.96 60.72 -64.80
CA PRO ZC 42 63.09 59.80 -64.97
C PRO ZC 42 63.79 59.95 -66.32
N GLU ZC 43 63.05 60.45 -67.30
CA GLU ZC 43 63.59 60.65 -68.65
C GLU ZC 43 64.88 61.48 -68.62
N SER ZC 44 64.89 62.52 -67.79
CA SER ZC 44 66.01 63.43 -67.68
C SER ZC 44 67.32 62.84 -67.19
N ARG ZC 45 67.28 61.67 -66.57
CA ARG ZC 45 68.52 61.09 -66.09
C ARG ZC 45 69.52 60.98 -67.21
N SER ZC 46 69.03 60.75 -68.43
CA SER ZC 46 69.90 60.60 -69.59
C SER ZC 46 70.83 61.80 -69.88
N LEU ZC 47 70.42 62.99 -69.45
CA LEU ZC 47 71.24 64.17 -69.70
C LEU ZC 47 72.48 64.24 -68.83
N PHE ZC 48 72.39 63.68 -67.63
CA PHE ZC 48 73.51 63.71 -66.71
C PHE ZC 48 74.26 62.39 -66.72
N LYS ZC 49 74.28 61.74 -67.86
CA LYS ZC 49 74.98 60.47 -68.00
C LYS ZC 49 76.48 60.74 -67.82
N ARG ZC 50 76.89 61.94 -68.17
CA ARG ZC 50 78.29 62.33 -68.09
C ARG ZC 50 78.79 62.46 -66.67
N VAL ZC 51 77.90 62.82 -65.76
CA VAL ZC 51 78.24 63.00 -64.37
C VAL ZC 51 77.48 62.02 -63.48
N HIS ZC 52 77.60 60.74 -63.82
CA HIS ZC 52 76.94 59.67 -63.09
C HIS ZC 52 75.56 60.02 -62.58
N GLY ZC 53 74.63 60.24 -63.52
CA GLY ZC 53 73.28 60.56 -63.16
C GLY ZC 53 72.56 59.28 -62.79
N ASP ZC 54 73.15 58.14 -63.14
CA ASP ZC 54 72.55 56.86 -62.81
C ASP ZC 54 72.47 56.64 -61.30
N ASP ZC 55 73.53 57.06 -60.60
CA ASP ZC 55 73.58 56.90 -59.14
C ASP ZC 55 73.70 58.26 -58.47
N THR ZC 56 72.57 58.79 -58.02
CA THR ZC 56 72.52 60.07 -57.35
C THR ZC 56 73.51 60.23 -56.19
N SER ZC 57 73.97 59.12 -55.62
CA SER ZC 57 74.90 59.14 -54.49
C SER ZC 57 76.39 59.05 -54.88
N HIS ZC 58 76.69 59.01 -56.17
CA HIS ZC 58 78.06 58.94 -56.63
C HIS ZC 58 78.73 60.28 -56.50
N PRO ZC 59 79.94 60.31 -55.94
CA PRO ZC 59 80.66 61.57 -55.77
C PRO ZC 59 80.58 62.52 -56.95
N ALA ZC 60 80.80 61.99 -58.14
CA ALA ZC 60 80.74 62.80 -59.33
C ALA ZC 60 79.46 63.62 -59.35
N PHE ZC 61 78.34 62.94 -59.17
CA PHE ZC 61 77.05 63.59 -59.17
C PHE ZC 61 76.89 64.49 -57.96
N ILE ZC 62 77.38 64.04 -56.80
CA ILE ZC 62 77.27 64.82 -55.58
C ILE ZC 62 77.85 66.16 -55.87
N ALA ZC 63 79.01 66.13 -56.50
CA ALA ZC 63 79.72 67.33 -56.88
C ALA ZC 63 78.76 68.13 -57.76
N HIS ZC 64 78.39 67.53 -58.88
CA HIS ZC 64 77.48 68.19 -59.81
C HIS ZC 64 76.34 68.89 -59.10
N ALA ZC 65 75.63 68.16 -58.25
CA ALA ZC 65 74.49 68.72 -57.52
C ALA ZC 65 74.93 69.94 -56.75
N ASP ZC 66 75.84 69.73 -55.81
CA ASP ZC 66 76.36 70.82 -54.99
C ASP ZC 66 76.81 71.99 -55.90
N ARG ZC 67 77.22 71.65 -57.12
CA ARG ZC 67 77.73 72.64 -58.08
C ARG ZC 67 76.59 73.41 -58.70
N VAL ZC 68 75.47 72.72 -58.90
CA VAL ZC 68 74.30 73.34 -59.50
C VAL ZC 68 73.67 74.33 -58.54
N LEU ZC 69 73.34 73.86 -57.34
CA LEU ZC 69 72.76 74.73 -56.34
C LEU ZC 69 73.62 75.97 -56.29
N GLY ZC 70 74.94 75.78 -56.42
CA GLY ZC 70 75.86 76.91 -56.39
C GLY ZC 70 75.40 78.05 -57.29
N GLY ZC 71 75.13 77.74 -58.55
CA GLY ZC 71 74.66 78.76 -59.45
C GLY ZC 71 73.37 79.35 -58.95
N LEU ZC 72 72.42 78.47 -58.63
CA LEU ZC 72 71.13 78.92 -58.12
C LEU ZC 72 71.36 79.91 -56.98
N ASP ZC 73 72.40 79.67 -56.18
CA ASP ZC 73 72.72 80.57 -55.10
C ASP ZC 73 73.00 81.93 -55.71
N ILE ZC 74 74.05 82.00 -56.50
CA ILE ZC 74 74.39 83.26 -57.13
C ILE ZC 74 73.16 83.96 -57.68
N ALA ZC 75 72.32 83.20 -58.37
CA ALA ZC 75 71.10 83.77 -58.93
C ALA ZC 75 70.28 84.45 -57.85
N ILE ZC 76 69.72 83.64 -56.97
CA ILE ZC 76 68.90 84.14 -55.89
C ILE ZC 76 69.61 85.24 -55.13
N SER ZC 77 70.87 85.02 -54.72
CA SER ZC 77 71.52 85.98 -53.87
C SER ZC 77 71.63 87.32 -54.57
N THR ZC 78 72.11 87.35 -55.83
CA THR ZC 78 72.21 88.59 -56.55
C THR ZC 78 70.84 89.15 -56.78
N LEU ZC 79 69.84 88.26 -56.89
CA LEU ZC 79 68.77 88.34 -57.85
C LEU ZC 79 68.12 89.68 -57.76
N ASP ZC 80 67.74 90.12 -56.55
CA ASP ZC 80 66.84 91.23 -56.47
C ASP ZC 80 67.48 92.48 -56.98
N GLN ZC 81 68.77 92.72 -56.70
CA GLN ZC 81 69.40 93.83 -57.37
C GLN ZC 81 69.58 93.36 -58.78
N PRO ZC 82 69.04 94.21 -59.68
CA PRO ZC 82 68.91 94.05 -61.14
C PRO ZC 82 70.25 94.04 -61.87
N ALA ZC 83 71.12 94.98 -61.51
CA ALA ZC 83 72.43 95.09 -62.12
C ALA ZC 83 73.16 93.75 -62.16
N THR ZC 84 73.40 93.19 -60.98
CA THR ZC 84 74.10 91.93 -60.83
C THR ZC 84 73.33 90.77 -61.41
N LEU ZC 85 72.10 90.59 -60.94
CA LEU ZC 85 71.25 89.50 -61.43
C LEU ZC 85 71.38 89.41 -62.93
N LYS ZC 86 71.13 90.54 -63.58
CA LYS ZC 86 71.24 90.63 -65.02
C LYS ZC 86 72.44 89.80 -65.47
N GLU ZC 87 73.60 90.11 -64.87
CA GLU ZC 87 74.81 89.42 -65.24
C GLU ZC 87 74.73 87.92 -65.07
N GLU ZC 88 74.41 87.47 -63.87
CA GLU ZC 88 74.32 86.03 -63.61
C GLU ZC 88 73.42 85.37 -64.62
N LEU ZC 89 72.22 85.92 -64.79
CA LEU ZC 89 71.29 85.34 -65.74
C LEU ZC 89 71.95 85.24 -67.09
N ASP ZC 90 72.51 86.34 -67.54
CA ASP ZC 90 73.19 86.36 -68.84
C ASP ZC 90 74.24 85.26 -68.91
N HIS ZC 91 75.01 85.11 -67.84
CA HIS ZC 91 76.05 84.10 -67.78
C HIS ZC 91 75.41 82.74 -68.02
N LEU ZC 92 74.34 82.45 -67.29
CA LEU ZC 92 73.65 81.19 -67.44
C LEU ZC 92 73.18 81.04 -68.87
N GLN ZC 93 72.49 82.07 -69.34
CA GLN ZC 93 71.95 82.10 -70.69
C GLN ZC 93 72.92 81.46 -71.65
N VAL ZC 94 74.19 81.83 -71.53
CA VAL ZC 94 75.23 81.29 -72.41
C VAL ZC 94 75.45 79.79 -72.21
N GLN ZC 95 75.66 79.36 -70.96
CA GLN ZC 95 75.90 77.96 -70.69
C GLN ZC 95 74.77 77.09 -71.21
N HIS ZC 96 73.65 77.72 -71.57
CA HIS ZC 96 72.50 76.97 -72.06
C HIS ZC 96 72.18 77.09 -73.55
N GLU ZC 97 72.51 78.27 -74.08
CA GLU ZC 97 72.25 78.58 -75.46
C GLU ZC 97 73.17 77.74 -76.27
N GLY ZC 98 72.65 77.25 -77.40
CA GLY ZC 98 73.26 76.24 -78.18
C GLY ZC 98 72.47 74.98 -77.98
N ARG ZC 99 71.86 74.85 -76.80
CA ARG ZC 99 71.17 73.63 -76.59
C ARG ZC 99 69.72 73.91 -76.64
N LYS ZC 100 68.89 72.93 -77.03
CA LYS ZC 100 67.60 73.23 -76.57
C LYS ZC 100 67.24 72.27 -75.49
N ILE ZC 101 66.62 72.90 -74.46
CA ILE ZC 101 66.29 72.40 -73.16
C ILE ZC 101 64.87 72.77 -72.91
N PRO ZC 102 64.19 71.69 -72.95
CA PRO ZC 102 62.78 71.60 -72.91
C PRO ZC 102 62.35 71.99 -71.55
N ASP ZC 103 61.17 72.68 -71.50
CA ASP ZC 103 60.63 73.46 -70.40
C ASP ZC 103 59.96 72.49 -69.42
N ASN ZC 104 59.77 71.26 -69.87
CA ASN ZC 104 59.16 70.23 -69.07
C ASN ZC 104 60.02 69.94 -67.87
N TYR ZC 105 61.32 69.76 -68.08
CA TYR ZC 105 62.24 69.45 -66.98
C TYR ZC 105 62.37 70.58 -65.99
N PHE ZC 106 62.68 71.77 -66.48
CA PHE ZC 106 62.82 72.92 -65.59
C PHE ZC 106 61.65 72.98 -64.64
N ASP ZC 107 60.46 72.71 -65.17
CA ASP ZC 107 59.26 72.73 -64.36
C ASP ZC 107 59.42 71.78 -63.18
N ALA ZC 108 59.80 70.53 -63.46
CA ALA ZC 108 59.97 69.53 -62.41
C ALA ZC 108 61.02 69.96 -61.39
N PHE ZC 109 62.16 70.42 -61.90
CA PHE ZC 109 63.23 70.86 -61.04
C PHE ZC 109 62.79 71.97 -60.11
N LYS ZC 110 61.91 72.85 -60.59
CA LYS ZC 110 61.39 73.94 -59.75
C LYS ZC 110 60.56 73.29 -58.65
N THR ZC 111 59.61 72.47 -59.06
CA THR ZC 111 58.77 71.77 -58.12
C THR ZC 111 59.66 71.11 -57.08
N ALA ZC 112 60.65 70.34 -57.52
CA ALA ZC 112 61.54 69.69 -56.59
C ALA ZC 112 62.02 70.71 -55.56
N ILE ZC 113 62.76 71.72 -56.02
CA ILE ZC 113 63.28 72.76 -55.13
C ILE ZC 113 62.23 73.22 -54.15
N LEU ZC 114 61.09 73.65 -54.66
CA LEU ZC 114 60.02 74.11 -53.79
C LEU ZC 114 59.63 73.11 -52.70
N HIS ZC 115 59.34 71.88 -53.08
CA HIS ZC 115 58.97 70.89 -52.09
C HIS ZC 115 60.04 70.67 -51.04
N VAL ZC 116 61.29 70.53 -51.47
CA VAL ZC 116 62.36 70.34 -50.51
C VAL ZC 116 62.46 71.57 -49.61
N VAL ZC 117 62.58 72.75 -50.20
CA VAL ZC 117 62.69 73.98 -49.41
C VAL ZC 117 61.60 74.04 -48.37
N ALA ZC 118 60.38 73.77 -48.78
CA ALA ZC 118 59.27 73.79 -47.86
C ALA ZC 118 59.48 72.78 -46.73
N ALA ZC 119 60.02 71.62 -47.08
CA ALA ZC 119 60.26 70.59 -46.07
C ALA ZC 119 61.33 71.07 -45.11
N GLN ZC 120 62.33 71.79 -45.63
CA GLN ZC 120 63.42 72.30 -44.82
C GLN ZC 120 63.09 73.50 -43.93
N LEU ZC 121 62.27 74.42 -44.41
CA LEU ZC 121 61.94 75.61 -43.61
C LEU ZC 121 60.79 75.43 -42.63
N GLY ZC 122 60.14 74.29 -42.66
CA GLY ZC 122 59.05 74.07 -41.74
C GLY ZC 122 57.83 74.95 -41.94
N ARG ZC 123 57.82 76.09 -41.28
CA ARG ZC 123 56.66 76.98 -41.35
C ARG ZC 123 56.79 78.34 -42.05
N CYS ZC 124 57.92 79.01 -41.83
CA CYS ZC 124 58.13 80.32 -42.42
C CYS ZC 124 58.64 80.20 -43.83
N TYR ZC 125 57.71 80.19 -44.79
CA TYR ZC 125 58.03 80.06 -46.19
C TYR ZC 125 56.85 80.42 -47.07
N ASP ZC 126 57.04 81.43 -47.93
CA ASP ZC 126 55.99 81.89 -48.85
C ASP ZC 126 56.15 81.13 -50.15
N ARG ZC 127 55.14 80.33 -50.50
CA ARG ZC 127 55.21 79.55 -51.72
C ARG ZC 127 55.20 80.43 -52.98
N GLU ZC 128 54.13 81.19 -53.16
CA GLU ZC 128 54.01 82.06 -54.32
C GLU ZC 128 55.32 82.77 -54.63
N ALA ZC 129 55.88 83.40 -53.62
CA ALA ZC 129 57.13 84.16 -53.75
C ALA ZC 129 58.22 83.33 -54.40
N TRP ZC 130 58.51 82.17 -53.84
CA TRP ZC 130 59.54 81.32 -54.41
C TRP ZC 130 59.18 80.99 -55.82
N ASP ZC 131 57.99 80.44 -56.00
CA ASP ZC 131 57.54 80.08 -57.33
C ASP ZC 131 57.89 81.22 -58.30
N ALA ZC 132 57.45 82.42 -57.97
CA ALA ZC 132 57.68 83.56 -58.82
C ALA ZC 132 59.14 83.79 -59.16
N CYS ZC 133 60.00 83.76 -58.14
CA CYS ZC 133 61.43 83.98 -58.35
C CYS ZC 133 62.20 82.85 -59.01
N ILE ZC 134 61.95 81.62 -58.55
CA ILE ZC 134 62.61 80.49 -59.17
C ILE ZC 134 62.29 80.56 -60.64
N ASP ZC 135 61.06 80.98 -60.94
CA ASP ZC 135 60.61 81.12 -62.32
C ASP ZC 135 61.49 82.14 -63.01
N HIS ZC 136 61.46 83.37 -62.51
CA HIS ZC 136 62.25 84.44 -63.11
C HIS ZC 136 63.68 83.97 -63.35
N ILE ZC 137 64.24 83.22 -62.42
CA ILE ZC 137 65.60 82.73 -62.58
C ILE ZC 137 65.68 81.71 -63.70
N GLU ZC 138 64.72 80.80 -63.75
CA GLU ZC 138 64.72 79.81 -64.80
C GLU ZC 138 64.54 80.44 -66.17
N ASP ZC 139 63.64 81.41 -66.25
CA ASP ZC 139 63.42 82.07 -67.52
C ASP ZC 139 64.76 82.59 -68.02
N GLY ZC 140 65.50 83.23 -67.14
CA GLY ZC 140 66.78 83.78 -67.52
C GLY ZC 140 67.77 82.73 -68.01
N ILE ZC 141 67.46 81.47 -67.80
CA ILE ZC 141 68.36 80.41 -68.24
C ILE ZC 141 67.89 79.75 -69.52
N LYS ZC 142 66.59 79.78 -69.73
CA LYS ZC 142 66.03 79.18 -70.93
C LYS ZC 142 66.02 80.22 -72.05
N GLY ZC 143 65.71 81.47 -71.64
CA GLY ZC 143 65.94 82.58 -72.48
C GLY ZC 143 65.01 82.40 -73.60
N HIS ZC 144 63.77 82.00 -73.25
CA HIS ZC 144 62.62 82.13 -74.07
C HIS ZC 144 61.89 83.31 -73.53
N HIS ZC 145 62.52 84.48 -73.72
CA HIS ZC 145 61.88 85.76 -73.81
C HIS ZC 145 61.68 85.84 -75.30
N HIS AD 20 99.78 63.18 -45.14
CA HIS AD 20 98.87 62.52 -46.12
C HIS AD 20 97.46 62.65 -45.68
N GLU AD 21 96.97 61.69 -44.88
CA GLU AD 21 95.67 61.95 -44.39
C GLU AD 21 95.81 63.08 -43.42
N HIS AD 22 96.80 62.94 -42.53
CA HIS AD 22 96.75 63.64 -41.30
C HIS AD 22 96.67 65.11 -41.59
N CYS AD 23 97.48 65.55 -42.58
CA CYS AD 23 97.35 66.82 -43.21
C CYS AD 23 96.14 66.69 -44.07
N CYS AD 24 95.03 67.05 -43.46
CA CYS AD 24 94.17 68.14 -43.80
C CYS AD 24 92.97 67.59 -43.18
N SER AD 25 92.86 67.89 -41.89
CA SER AD 25 92.32 66.80 -41.19
C SER AD 25 90.86 66.96 -41.20
N GLU AD 26 90.19 65.95 -40.62
CA GLU AD 26 88.81 66.18 -40.18
C GLU AD 26 88.71 67.40 -39.26
N GLU AD 27 89.48 67.39 -38.17
CA GLU AD 27 89.42 68.53 -37.27
C GLU AD 27 89.80 69.78 -38.07
N ASP AD 28 90.91 69.72 -38.79
CA ASP AD 28 91.36 70.84 -39.58
C ASP AD 28 90.22 71.50 -40.32
N HIS AD 29 89.61 70.80 -41.26
CA HIS AD 29 88.54 71.42 -42.00
C HIS AD 29 87.29 71.64 -41.17
N ARG AD 30 87.00 70.78 -40.21
CA ARG AD 30 85.81 71.00 -39.40
C ARG AD 30 85.95 72.46 -38.91
N ILE AD 31 87.19 72.85 -38.61
CA ILE AD 31 87.48 74.19 -38.12
C ILE AD 31 87.22 75.17 -39.23
N VAL AD 32 87.93 75.00 -40.33
CA VAL AD 32 87.77 75.90 -41.46
C VAL AD 32 86.29 76.13 -41.71
N GLN AD 33 85.54 75.06 -41.89
CA GLN AD 33 84.13 75.19 -42.16
C GLN AD 33 83.44 76.07 -41.14
N LYS AD 34 83.69 75.81 -39.86
CA LYS AD 34 83.06 76.59 -38.81
C LYS AD 34 83.38 78.07 -38.95
N GLN AD 35 84.66 78.37 -39.14
CA GLN AD 35 85.10 79.75 -39.24
C GLN AD 35 84.62 80.45 -40.49
N TRP AD 36 84.48 79.72 -41.56
CA TRP AD 36 84.05 80.31 -42.82
C TRP AD 36 82.58 80.66 -42.73
N ASP AD 37 81.90 80.05 -41.78
CA ASP AD 37 80.48 80.32 -41.62
C ASP AD 37 80.18 81.60 -40.86
N ILE AD 38 81.13 82.03 -40.04
CA ILE AD 38 80.96 83.27 -39.28
C ILE AD 38 80.55 84.36 -40.25
N LEU AD 39 80.98 84.22 -41.51
CA LEU AD 39 80.69 85.18 -42.55
C LEU AD 39 79.25 85.30 -43.01
N TRP AD 40 78.64 84.19 -43.39
CA TRP AD 40 77.27 84.19 -43.89
C TRP AD 40 76.16 84.21 -42.85
N ARG AD 41 76.38 84.88 -41.73
CA ARG AD 41 75.34 84.96 -40.69
C ARG AD 41 74.23 85.90 -41.11
N ASP AD 42 74.57 86.99 -41.81
CA ASP AD 42 73.56 87.93 -42.27
C ASP AD 42 73.16 87.70 -43.72
N THR AD 43 71.87 87.91 -43.98
CA THR AD 43 71.30 87.68 -45.30
C THR AD 43 71.95 88.40 -46.48
N GLU AD 44 72.69 89.47 -46.21
CA GLU AD 44 73.31 90.18 -47.31
C GLU AD 44 74.65 89.60 -47.74
N SER AD 45 74.65 88.28 -47.94
CA SER AD 45 75.85 87.55 -48.35
C SER AD 45 76.41 88.13 -49.65
N SER AD 46 75.52 88.44 -50.58
CA SER AD 46 75.92 88.99 -51.87
C SER AD 46 76.87 90.17 -51.70
N LYS AD 47 76.42 91.18 -50.97
CA LYS AD 47 77.23 92.37 -50.73
C LYS AD 47 78.62 91.99 -50.22
N ILE AD 48 78.66 91.01 -49.33
CA ILE AD 48 79.92 90.56 -48.78
C ILE AD 48 80.72 89.79 -49.83
N LYS AD 49 80.24 88.60 -50.18
CA LYS AD 49 80.92 87.77 -51.16
C LYS AD 49 81.51 88.64 -52.26
N ILE AD 50 80.70 89.54 -52.82
CA ILE AD 50 81.15 90.42 -53.89
C ILE AD 50 82.31 91.27 -53.43
N GLY AD 51 82.04 92.17 -52.50
CA GLY AD 51 83.07 93.03 -51.98
C GLY AD 51 84.36 92.28 -51.68
N PHE AD 52 84.24 91.18 -50.96
CA PHE AD 52 85.40 90.38 -50.60
C PHE AD 52 86.09 89.79 -51.82
N GLY AD 53 85.32 89.09 -52.64
CA GLY AD 53 85.89 88.49 -53.83
C GLY AD 53 86.46 89.54 -54.75
N ARG AD 54 85.80 90.69 -54.79
CA ARG AD 54 86.22 91.79 -55.63
C ARG AD 54 87.60 92.14 -55.18
N LEU AD 55 87.73 92.48 -53.91
CA LEU AD 55 89.02 92.86 -53.34
C LEU AD 55 90.07 91.80 -53.60
N LEU AD 56 89.75 90.54 -53.31
CA LEU AD 56 90.69 89.45 -53.52
C LEU AD 56 91.26 89.42 -54.93
N LEU AD 57 90.41 89.53 -55.93
CA LEU AD 57 90.90 89.50 -57.31
C LEU AD 57 91.69 90.77 -57.62
N THR AD 58 91.19 91.91 -57.17
CA THR AD 58 91.87 93.19 -57.38
C THR AD 58 93.31 93.10 -56.88
N LYS AD 59 93.45 92.82 -55.58
CA LYS AD 59 94.74 92.68 -54.94
C LYS AD 59 95.62 91.66 -55.67
N LEU AD 60 95.02 90.84 -56.52
CA LEU AD 60 95.80 89.87 -57.26
C LEU AD 60 96.38 90.60 -58.45
N ALA AD 61 95.51 91.27 -59.20
CA ALA AD 61 95.92 92.03 -60.38
C ALA AD 61 96.93 93.10 -59.98
N LYS AD 62 96.86 93.54 -58.74
CA LYS AD 62 97.78 94.54 -58.23
C LYS AD 62 99.21 93.98 -58.21
N ASP AD 63 99.38 92.78 -57.65
CA ASP AD 63 100.70 92.14 -57.54
C ASP AD 63 101.14 91.45 -58.82
N ILE AD 64 100.20 91.11 -59.68
CA ILE AD 64 100.54 90.47 -60.95
C ILE AD 64 99.54 90.94 -62.00
N PRO AD 65 99.93 91.95 -62.79
CA PRO AD 65 99.13 92.56 -63.85
C PRO AD 65 98.75 91.69 -65.05
N GLU AD 66 99.62 90.76 -65.42
CA GLU AD 66 99.30 89.91 -66.57
C GLU AD 66 97.95 89.25 -66.34
N VAL AD 67 97.40 89.45 -65.15
CA VAL AD 67 96.10 88.91 -64.74
C VAL AD 67 95.00 89.77 -65.33
N ASN AD 68 95.16 91.08 -65.21
CA ASN AD 68 94.17 92.02 -65.73
C ASN AD 68 93.66 91.63 -67.11
N ASP AD 69 94.54 91.05 -67.93
CA ASP AD 69 94.15 90.63 -69.27
C ASP AD 69 93.31 89.38 -69.28
N LEU AD 70 93.48 88.54 -68.27
CA LEU AD 70 92.74 87.31 -68.18
C LEU AD 70 91.30 87.60 -67.80
N PHE AD 71 91.15 88.50 -66.82
CA PHE AD 71 89.84 88.90 -66.32
C PHE AD 71 89.24 90.02 -67.15
N LYS AD 72 89.86 90.28 -68.29
CA LYS AD 72 89.40 91.31 -69.21
C LYS AD 72 88.00 90.94 -69.66
N ARG AD 73 87.83 89.66 -69.99
CA ARG AD 73 86.58 89.10 -70.47
C ARG AD 73 85.40 89.42 -69.56
N VAL AD 74 85.67 89.58 -68.26
CA VAL AD 74 84.61 89.88 -67.29
C VAL AD 74 84.63 91.32 -66.82
N ASP AD 75 85.19 92.19 -67.66
CA ASP AD 75 85.24 93.62 -67.37
C ASP AD 75 85.79 93.88 -65.97
N ILE AD 76 86.98 93.35 -65.70
CA ILE AD 76 87.63 93.56 -64.39
C ILE AD 76 87.98 95.03 -64.28
N GLU AD 77 88.03 95.70 -65.42
CA GLU AD 77 88.34 97.11 -65.47
C GLU AD 77 87.36 97.89 -64.60
N HIS AD 78 86.11 97.43 -64.56
CA HIS AD 78 85.09 98.07 -63.74
C HIS AD 78 84.79 97.16 -62.55
N ALA AD 79 85.57 97.31 -61.49
CA ALA AD 79 85.40 96.50 -60.30
C ALA AD 79 83.94 96.41 -59.82
N GLU AD 80 83.26 97.55 -59.78
CA GLU AD 80 81.87 97.63 -59.32
C GLU AD 80 80.87 97.30 -60.44
N GLY AD 81 81.40 97.11 -61.65
CA GLY AD 81 80.55 96.79 -62.78
C GLY AD 81 79.91 95.42 -62.63
N PRO AD 82 78.60 95.32 -62.80
CA PRO AD 82 77.92 94.05 -62.68
C PRO AD 82 78.68 92.90 -63.35
N LYS AD 83 79.17 93.15 -64.56
CA LYS AD 83 79.92 92.13 -65.28
C LYS AD 83 80.91 91.42 -64.35
N PHE AD 84 81.69 92.22 -63.63
CA PHE AD 84 82.70 91.69 -62.72
C PHE AD 84 82.07 91.23 -61.40
N SER AD 85 81.16 92.03 -60.85
CA SER AD 85 80.52 91.67 -59.61
C SER AD 85 79.97 90.26 -59.70
N ALA AD 86 79.36 89.94 -60.83
CA ALA AD 86 78.81 88.61 -61.00
C ALA AD 86 79.96 87.65 -60.85
N HIS AD 87 81.01 87.86 -61.62
CA HIS AD 87 82.21 87.02 -61.56
C HIS AD 87 82.70 86.87 -60.14
N ALA AD 88 82.87 88.00 -59.45
CA ALA AD 88 83.32 87.99 -58.07
C ALA AD 88 82.57 86.90 -57.32
N LEU AD 89 81.26 86.82 -57.53
CA LEU AD 89 80.46 85.80 -56.88
C LEU AD 89 80.89 84.43 -57.33
N ARG AD 90 80.68 84.12 -58.60
CA ARG AD 90 81.05 82.82 -59.15
C ARG AD 90 82.32 82.24 -58.52
N ILE AD 91 83.41 82.99 -58.55
CA ILE AD 91 84.65 82.51 -57.98
C ILE AD 91 84.51 82.30 -56.49
N LEU AD 92 84.27 83.40 -55.77
CA LEU AD 92 84.12 83.38 -54.32
C LEU AD 92 83.16 82.25 -53.94
N ASN AD 93 82.10 82.09 -54.71
CA ASN AD 93 81.09 81.06 -54.47
C ASN AD 93 81.65 79.68 -54.77
N GLY AD 94 82.64 79.62 -55.65
CA GLY AD 94 83.25 78.34 -55.98
C GLY AD 94 84.07 77.90 -54.79
N LEU AD 95 84.79 78.85 -54.22
CA LEU AD 95 85.59 78.57 -53.04
C LEU AD 95 84.67 78.01 -51.98
N ASP AD 96 83.45 78.56 -51.90
CA ASP AD 96 82.45 78.09 -50.92
C ASP AD 96 82.24 76.60 -51.17
N LEU AD 97 81.82 76.27 -52.38
CA LEU AD 97 81.61 74.88 -52.77
C LEU AD 97 82.77 74.03 -52.29
N ALA AD 98 83.99 74.43 -52.61
CA ALA AD 98 85.16 73.67 -52.20
C ALA AD 98 85.12 73.41 -50.71
N ILE AD 99 85.03 74.49 -49.93
CA ILE AD 99 84.99 74.37 -48.49
C ILE AD 99 83.85 73.49 -48.01
N ASN AD 100 82.65 73.72 -48.50
CA ASN AD 100 81.50 72.93 -48.09
C ASN AD 100 81.51 71.46 -48.51
N LEU AD 101 82.49 71.06 -49.30
CA LEU AD 101 82.58 69.67 -49.70
C LEU AD 101 83.80 69.04 -49.06
N LEU AD 102 84.45 69.78 -48.18
CA LEU AD 102 85.64 69.30 -47.52
C LEU AD 102 85.38 68.01 -46.77
N ASP AD 103 84.13 67.80 -46.37
CA ASP AD 103 83.82 66.59 -45.64
C ASP AD 103 83.18 65.54 -46.56
N ASP AD 104 83.90 65.17 -47.61
CA ASP AD 104 83.46 64.17 -48.60
C ASP AD 104 84.51 64.22 -49.71
N PRO AD 105 85.74 63.81 -49.40
CA PRO AD 105 86.86 63.80 -50.34
C PRO AD 105 86.55 63.44 -51.79
N PRO AD 106 85.86 62.32 -52.03
CA PRO AD 106 85.55 61.94 -53.41
C PRO AD 106 84.77 63.02 -54.17
N ALA AD 107 83.76 63.58 -53.50
CA ALA AD 107 82.93 64.63 -54.08
C ALA AD 107 83.79 65.86 -54.28
N LEU AD 108 84.40 66.30 -53.19
CA LEU AD 108 85.25 67.47 -53.28
C LEU AD 108 86.24 67.31 -54.42
N ASP AD 109 86.85 66.14 -54.48
CA ASP AD 109 87.81 65.84 -55.52
C ASP AD 109 87.16 66.18 -56.86
N ALA AD 110 86.12 65.44 -57.20
CA ALA AD 110 85.41 65.67 -58.43
C ALA AD 110 85.11 67.15 -58.64
N ALA AD 111 84.52 67.77 -57.62
CA ALA AD 111 84.17 69.18 -57.68
C ALA AD 111 85.31 70.06 -58.09
N LEU AD 112 86.49 69.77 -57.56
CA LEU AD 112 87.69 70.54 -57.86
C LEU AD 112 88.26 70.21 -59.23
N ASP AD 113 88.33 68.93 -59.56
CA ASP AD 113 88.85 68.50 -60.86
C ASP AD 113 88.12 69.32 -61.93
N HIS AD 114 86.80 69.40 -61.77
CA HIS AD 114 85.96 70.14 -62.68
C HIS AD 114 86.49 71.56 -62.76
N LEU AD 115 86.82 72.15 -61.62
CA LEU AD 115 87.33 73.52 -61.61
C LEU AD 115 88.65 73.60 -62.34
N ALA AD 116 89.40 72.51 -62.33
CA ALA AD 116 90.68 72.48 -63.01
C ALA AD 116 90.45 72.70 -64.50
N HIS AD 117 89.58 71.86 -65.06
CA HIS AD 117 89.23 71.94 -66.46
C HIS AD 117 88.73 73.33 -66.85
N GLN AD 118 87.95 73.97 -65.99
CA GLN AD 118 87.40 75.29 -66.29
C GLN AD 118 88.49 76.34 -66.35
N HIS AD 119 89.67 75.98 -65.82
CA HIS AD 119 90.79 76.89 -65.82
C HIS AD 119 91.83 76.47 -66.85
N GLU AD 120 91.83 75.19 -67.19
CA GLU AD 120 92.78 74.66 -68.17
C GLU AD 120 92.61 75.35 -69.53
N VAL AD 121 91.38 75.45 -69.99
CA VAL AD 121 91.08 76.06 -71.29
C VAL AD 121 91.14 77.59 -71.28
N ARG AD 122 91.62 78.17 -70.19
CA ARG AD 122 91.74 79.62 -70.10
C ARG AD 122 93.24 79.91 -70.13
N GLU AD 123 93.81 80.01 -71.34
CA GLU AD 123 95.25 80.25 -71.46
C GLU AD 123 95.64 81.59 -70.85
N GLY AD 124 96.84 81.62 -70.27
CA GLY AD 124 97.34 82.82 -69.64
C GLY AD 124 97.42 82.60 -68.14
N VAL AD 125 96.55 81.74 -67.64
CA VAL AD 125 96.49 81.39 -66.23
C VAL AD 125 97.57 80.38 -65.91
N GLN AD 126 98.57 80.79 -65.14
CA GLN AD 126 99.66 79.90 -64.75
C GLN AD 126 99.67 79.65 -63.26
N LYS AD 127 100.32 78.56 -62.85
CA LYS AD 127 100.40 78.19 -61.44
C LYS AD 127 100.78 79.33 -60.50
N ALA AD 128 101.89 80.01 -60.79
CA ALA AD 128 102.34 81.11 -59.95
C ALA AD 128 101.21 82.04 -59.53
N HIS AD 129 100.15 82.10 -60.34
CA HIS AD 129 99.00 82.94 -60.04
C HIS AD 129 98.31 82.45 -58.78
N PHE AD 130 98.01 81.16 -58.73
CA PHE AD 130 97.36 80.57 -57.59
C PHE AD 130 98.20 80.72 -56.35
N LYS AD 131 99.48 80.36 -56.45
CA LYS AD 131 100.36 80.48 -55.29
C LYS AD 131 100.18 81.88 -54.67
N LYS AD 132 100.16 82.92 -55.51
CA LYS AD 132 99.98 84.28 -55.04
C LYS AD 132 98.61 84.47 -54.45
N PHE AD 133 97.58 84.07 -55.19
CA PHE AD 133 96.20 84.22 -54.73
C PHE AD 133 96.06 83.58 -53.36
N GLY AD 134 96.76 82.48 -53.16
CA GLY AD 134 96.72 81.80 -51.88
C GLY AD 134 97.25 82.68 -50.78
N GLU AD 135 98.42 83.25 -50.99
CA GLU AD 135 99.04 84.13 -50.02
C GLU AD 135 98.11 85.29 -49.72
N ILE AD 136 97.44 85.79 -50.74
CA ILE AD 136 96.54 86.92 -50.59
C ILE AD 136 95.33 86.53 -49.76
N LEU AD 137 94.76 85.39 -50.11
CA LEU AD 137 93.60 84.87 -49.43
C LEU AD 137 93.89 84.65 -47.95
N ALA AD 138 95.09 84.18 -47.68
CA ALA AD 138 95.52 83.90 -46.33
C ALA AD 138 95.73 85.17 -45.52
N THR AD 139 96.00 86.28 -46.19
CA THR AD 139 96.22 87.53 -45.49
C THR AD 139 94.90 88.26 -45.35
N GLY AD 140 93.96 87.90 -46.20
CA GLY AD 140 92.67 88.55 -46.18
C GLY AD 140 91.67 87.97 -45.20
N LEU AD 141 91.47 86.66 -45.24
CA LEU AD 141 90.51 86.03 -44.35
C LEU AD 141 90.56 86.54 -42.91
N PRO AD 142 91.73 86.46 -42.28
CA PRO AD 142 91.89 86.93 -40.90
C PRO AD 142 91.52 88.37 -40.66
N GLN AD 143 91.16 89.08 -41.72
CA GLN AD 143 90.79 90.48 -41.60
C GLN AD 143 89.29 90.64 -41.44
N VAL AD 144 88.55 89.61 -41.86
CA VAL AD 144 87.10 89.64 -41.76
C VAL AD 144 86.60 88.66 -40.73
N LEU AD 145 87.42 87.68 -40.39
CA LEU AD 145 87.04 86.68 -39.40
C LEU AD 145 87.82 86.92 -38.12
N ASP AD 146 87.12 87.14 -37.02
CA ASP AD 146 87.82 87.38 -35.77
C ASP AD 146 88.49 86.08 -35.29
N ASP AD 147 87.85 84.95 -35.56
CA ASP AD 147 88.40 83.67 -35.16
C ASP AD 147 88.95 82.99 -36.40
N TYR AD 148 90.27 82.95 -36.52
CA TYR AD 148 90.95 82.36 -37.67
C TYR AD 148 92.08 81.47 -37.19
N ASP AD 149 92.16 80.26 -37.74
CA ASP AD 149 93.22 79.34 -37.38
C ASP AD 149 94.13 79.16 -38.58
N ALA AD 150 95.08 80.06 -38.74
CA ALA AD 150 96.02 80.04 -39.86
C ALA AD 150 96.48 78.66 -40.27
N LEU AD 151 96.91 77.86 -39.30
CA LEU AD 151 97.39 76.51 -39.58
C LEU AD 151 96.37 75.63 -40.31
N ALA AD 152 95.16 75.55 -39.75
CA ALA AD 152 94.12 74.76 -40.36
C ALA AD 152 93.85 75.25 -41.78
N TRP AD 153 93.56 76.53 -41.92
CA TRP AD 153 93.27 77.10 -43.22
C TRP AD 153 94.34 76.86 -44.26
N LYS AD 154 95.57 77.27 -43.97
CA LYS AD 154 96.65 77.09 -44.93
C LYS AD 154 96.66 75.64 -45.41
N SER AD 155 96.54 74.70 -44.48
CA SER AD 155 96.53 73.29 -44.82
C SER AD 155 95.47 72.97 -45.87
N CYS AD 156 94.24 73.42 -45.63
CA CYS AD 156 93.15 73.15 -46.55
C CYS AD 156 93.22 73.97 -47.83
N LEU AD 157 93.43 75.28 -47.71
CA LEU AD 157 93.50 76.11 -48.90
C LEU AD 157 94.52 75.56 -49.87
N LYS AD 158 95.63 75.05 -49.35
CA LYS AD 158 96.69 74.49 -50.18
C LYS AD 158 96.11 73.36 -51.02
N GLY AD 159 95.57 72.35 -50.36
CA GLY AD 159 94.99 71.23 -51.06
C GLY AD 159 94.02 71.66 -52.14
N ILE AD 160 93.20 72.67 -51.86
CA ILE AD 160 92.23 73.16 -52.83
C ILE AD 160 92.88 73.85 -54.00
N LEU AD 161 93.58 74.94 -53.73
CA LEU AD 161 94.25 75.68 -54.78
C LEU AD 161 95.07 74.77 -55.68
N THR AD 162 95.81 73.84 -55.10
CA THR AD 162 96.63 72.93 -55.88
C THR AD 162 95.80 72.11 -56.87
N LYS AD 163 94.85 71.34 -56.34
CA LYS AD 163 94.01 70.52 -57.18
C LYS AD 163 93.29 71.30 -58.27
N ILE AD 164 93.04 72.59 -58.04
CA ILE AD 164 92.36 73.41 -59.04
C ILE AD 164 93.27 73.78 -60.19
N SER AD 165 94.53 74.04 -59.90
CA SER AD 165 95.46 74.44 -60.93
C SER AD 165 96.30 73.30 -61.49
N SER AD 166 96.11 72.06 -60.95
CA SER AD 166 97.09 71.06 -61.26
C SER AD 166 97.08 70.81 -62.74
N ARG AD 167 95.88 70.44 -63.24
CA ARG AD 167 95.55 70.63 -64.63
C ARG AD 167 95.40 72.12 -64.72
N LEU AD 168 95.94 72.75 -65.77
CA LEU AD 168 96.64 73.94 -65.41
C LEU AD 168 95.87 75.22 -65.13
N GLU BD 19 88.69 107.58 -44.51
CA GLU BD 19 87.92 107.18 -43.34
C GLU BD 19 88.26 105.81 -42.88
N CYS BD 20 87.24 104.93 -42.86
CA CYS BD 20 87.35 103.64 -42.25
C CYS BD 20 87.99 102.73 -43.27
N LEU BD 21 88.30 101.46 -42.94
CA LEU BD 21 88.24 100.58 -44.08
C LEU BD 21 86.95 99.85 -43.98
N VAL BD 22 86.68 99.23 -45.11
CA VAL BD 22 85.55 98.51 -45.52
C VAL BD 22 85.44 97.34 -44.61
N THR BD 23 86.56 96.64 -44.43
CA THR BD 23 86.55 95.57 -43.44
C THR BD 23 86.51 96.13 -42.02
N GLU BD 24 87.40 97.09 -41.76
CA GLU BD 24 87.47 97.71 -40.44
C GLU BD 24 86.10 98.19 -39.97
N SER BD 25 85.16 98.29 -40.89
CA SER BD 25 83.81 98.74 -40.55
C SER BD 25 82.99 97.51 -40.19
N LEU BD 26 82.81 96.64 -41.18
CA LEU BD 26 82.05 95.42 -41.02
C LEU BD 26 82.38 94.78 -39.68
N LYS BD 27 83.66 94.84 -39.33
CA LYS BD 27 84.13 94.27 -38.09
C LYS BD 27 83.41 94.96 -36.95
N VAL BD 28 83.35 96.27 -36.98
CA VAL BD 28 82.68 97.02 -35.93
C VAL BD 28 81.21 96.80 -36.02
N LYS BD 29 80.66 96.90 -37.22
CA LYS BD 29 79.22 96.72 -37.41
C LYS BD 29 78.79 95.41 -36.77
N LEU BD 30 79.62 94.40 -36.97
CA LEU BD 30 79.38 93.06 -36.44
C LEU BD 30 79.53 92.99 -34.92
N GLN BD 31 80.68 93.38 -34.41
CA GLN BD 31 80.92 93.35 -32.98
C GLN BD 31 79.92 94.20 -32.23
N TRP BD 32 79.52 95.33 -32.80
CA TRP BD 32 78.55 96.20 -32.13
C TRP BD 32 77.33 95.37 -31.84
N ALA BD 33 76.94 94.55 -32.80
CA ALA BD 33 75.78 93.69 -32.65
C ALA BD 33 75.84 92.87 -31.36
N SER BD 34 76.85 92.01 -31.26
CA SER BD 34 77.01 91.16 -30.11
C SER BD 34 77.08 91.93 -28.80
N ALA BD 35 77.88 92.98 -28.79
CA ALA BD 35 78.06 93.79 -27.58
C ALA BD 35 76.80 94.53 -27.11
N PHE BD 36 76.28 95.38 -27.98
CA PHE BD 36 75.10 96.17 -27.67
C PHE BD 36 74.00 95.23 -27.19
N GLY BD 37 73.55 94.36 -28.09
CA GLY BD 37 72.51 93.42 -27.72
C GLY BD 37 71.11 93.83 -28.07
N HIS BD 38 70.15 93.31 -27.31
CA HIS BD 38 68.74 93.62 -27.52
C HIS BD 38 67.97 93.86 -26.23
N ALA BD 39 66.90 94.64 -26.32
CA ALA BD 39 66.06 94.96 -25.18
C ALA BD 39 66.83 95.39 -23.95
N HIS BD 40 66.45 94.84 -22.80
CA HIS BD 40 67.09 95.16 -21.54
C HIS BD 40 68.62 95.11 -21.60
N GLU BD 41 69.16 94.07 -22.24
CA GLU BD 41 70.61 93.91 -22.36
C GLU BD 41 71.30 95.23 -22.70
N ARG BD 42 70.56 96.09 -23.41
CA ARG BD 42 71.05 97.41 -23.83
C ARG BD 42 71.05 98.41 -22.69
N VAL BD 43 69.88 98.63 -22.09
CA VAL BD 43 69.79 99.57 -20.98
C VAL BD 43 70.94 99.30 -20.03
N ALA BD 44 71.21 98.02 -19.81
CA ALA BD 44 72.29 97.59 -18.92
C ALA BD 44 73.60 98.15 -19.43
N PHE BD 45 73.82 98.00 -20.73
CA PHE BD 45 75.02 98.51 -21.37
C PHE BD 45 75.08 100.01 -21.17
N GLY BD 46 74.09 100.71 -21.67
CA GLY BD 46 74.07 102.16 -21.52
C GLY BD 46 74.40 102.58 -20.10
N LEU BD 47 73.66 102.04 -19.14
CA LEU BD 47 73.89 102.39 -17.73
C LEU BD 47 75.35 102.19 -17.35
N GLU BD 48 75.84 100.96 -17.50
CA GLU BD 48 77.22 100.67 -17.15
C GLU BD 48 78.16 101.70 -17.76
N LEU BD 49 77.92 102.07 -19.01
CA LEU BD 49 78.74 103.04 -19.71
C LEU BD 49 78.74 104.39 -19.05
N TRP BD 50 77.59 105.05 -19.02
CA TRP BD 50 77.50 106.36 -18.41
C TRP BD 50 77.98 106.42 -16.97
N ARG BD 51 77.78 105.35 -16.20
CA ARG BD 51 78.25 105.36 -14.82
C ARG BD 51 79.75 105.55 -14.83
N ASP BD 52 80.46 104.66 -15.51
CA ASP BD 52 81.91 104.76 -15.59
C ASP BD 52 82.36 106.13 -16.07
N ILE BD 53 81.62 106.71 -17.00
CA ILE BD 53 81.97 108.03 -17.54
C ILE BD 53 81.80 109.14 -16.50
N ILE BD 54 80.64 109.18 -15.86
CA ILE BD 54 80.38 110.21 -14.88
C ILE BD 54 81.26 110.10 -13.62
N ASP BD 55 81.66 108.89 -13.24
CA ASP BD 55 82.51 108.76 -12.06
C ASP BD 55 83.91 109.31 -12.35
N ASP BD 56 84.33 109.18 -13.60
CA ASP BD 56 85.63 109.64 -14.03
C ASP BD 56 85.66 111.16 -14.19
N HIS BD 57 84.60 111.72 -14.73
CA HIS BD 57 84.51 113.17 -14.94
C HIS BD 57 83.14 113.73 -14.54
N PRO BD 58 82.90 113.90 -13.24
CA PRO BD 58 81.63 114.42 -12.74
C PRO BD 58 81.22 115.77 -13.32
N GLU BD 59 82.10 116.38 -14.09
CA GLU BD 59 81.78 117.67 -14.70
C GLU BD 59 80.62 117.51 -15.66
N ILE BD 60 80.43 116.31 -16.15
CA ILE BD 60 79.38 116.03 -17.12
C ILE BD 60 77.97 116.07 -16.54
N LYS BD 61 77.81 115.77 -15.26
CA LYS BD 61 76.48 115.78 -14.67
C LYS BD 61 75.79 117.11 -14.94
N ALA BD 62 76.57 118.09 -15.37
CA ALA BD 62 76.04 119.43 -15.63
C ALA BD 62 75.05 119.53 -16.77
N PRO BD 63 75.50 119.34 -18.02
CA PRO BD 63 74.56 119.43 -19.15
C PRO BD 63 73.46 118.39 -19.14
N PHE BD 64 73.66 117.31 -18.42
CA PHE BD 64 72.67 116.26 -18.34
C PHE BD 64 71.65 116.59 -17.27
N SER BD 65 71.58 117.86 -16.92
CA SER BD 65 70.64 118.32 -15.91
C SER BD 65 69.20 118.15 -16.34
N ARG BD 66 68.96 118.30 -17.64
CA ARG BD 66 67.60 118.16 -18.18
C ARG BD 66 67.09 116.73 -18.07
N VAL BD 67 68.00 115.77 -18.22
CA VAL BD 67 67.66 114.35 -18.14
C VAL BD 67 68.18 113.71 -16.85
N ARG BD 68 67.82 114.29 -15.70
CA ARG BD 68 68.26 113.80 -14.39
C ARG BD 68 69.57 113.03 -14.46
N GLY BD 69 70.66 113.75 -14.69
CA GLY BD 69 71.96 113.12 -14.77
C GLY BD 69 72.54 112.82 -13.40
N ASP BD 70 71.92 113.35 -12.37
CA ASP BD 70 72.38 113.10 -11.02
C ASP BD 70 72.10 111.63 -10.66
N ASN BD 71 70.93 111.15 -11.08
CA ASN BD 71 70.51 109.78 -10.82
C ASN BD 71 70.44 109.03 -12.15
N ILE BD 72 71.53 108.41 -12.55
CA ILE BD 72 71.57 107.69 -13.83
C ILE BD 72 70.66 106.47 -13.87
N TYR BD 73 70.21 106.02 -12.71
CA TYR BD 73 69.34 104.85 -12.67
C TYR BD 73 67.88 105.24 -12.92
N SER BD 74 67.61 106.54 -12.88
CA SER BD 74 66.26 107.04 -13.09
C SER BD 74 65.77 106.76 -14.49
N PRO BD 75 64.45 106.72 -14.67
CA PRO BD 75 63.89 106.47 -16.00
C PRO BD 75 64.19 107.63 -16.93
N GLU BD 76 64.11 108.84 -16.39
CA GLU BD 76 64.38 110.01 -17.18
C GLU BD 76 65.73 109.87 -17.87
N PHE BD 77 66.76 109.59 -17.09
CA PHE BD 77 68.11 109.43 -17.65
C PHE BD 77 68.17 108.16 -18.48
N GLY BD 78 67.57 107.09 -17.97
CA GLY BD 78 67.57 105.83 -18.69
C GLY BD 78 67.13 106.04 -20.12
N ALA BD 79 66.04 106.77 -20.27
CA ALA BD 79 65.52 107.06 -21.58
C ALA BD 79 66.66 107.67 -22.38
N HIS BD 80 67.16 108.80 -21.91
CA HIS BD 80 68.27 109.50 -22.55
C HIS BD 80 69.33 108.50 -22.99
N SER BD 81 69.89 107.82 -22.00
CA SER BD 81 70.92 106.82 -22.22
C SER BD 81 70.65 106.05 -23.50
N GLN BD 82 69.45 105.49 -23.59
CA GLN BD 82 69.05 104.71 -24.74
C GLN BD 82 69.09 105.53 -26.04
N ARG BD 83 68.44 106.70 -26.02
CA ARG BD 83 68.40 107.57 -27.19
C ARG BD 83 69.80 107.72 -27.74
N VAL BD 84 70.76 107.92 -26.84
CA VAL BD 84 72.16 108.10 -27.20
C VAL BD 84 72.67 106.90 -27.93
N LEU BD 85 72.77 105.79 -27.21
CA LEU BD 85 73.24 104.56 -27.82
C LEU BD 85 72.60 104.34 -29.17
N SER BD 86 71.30 104.58 -29.27
CA SER BD 86 70.60 104.39 -30.53
C SER BD 86 71.26 105.18 -31.65
N GLY BD 87 71.51 106.47 -31.41
CA GLY BD 87 72.15 107.30 -32.41
C GLY BD 87 73.48 106.70 -32.79
N LEU BD 88 74.21 106.24 -31.78
CA LEU BD 88 75.49 105.61 -32.01
C LEU BD 88 75.27 104.42 -32.94
N ASP BD 89 74.19 103.68 -32.72
CA ASP BD 89 73.88 102.54 -33.55
C ASP BD 89 73.76 103.01 -34.99
N ILE BD 90 72.96 104.05 -35.19
CA ILE BD 90 72.78 104.59 -36.52
C ILE BD 90 74.10 104.89 -37.16
N THR BD 91 74.85 105.81 -36.58
CA THR BD 91 76.13 106.16 -37.13
C THR BD 91 76.91 104.91 -37.53
N ILE BD 92 77.08 103.98 -36.59
CA ILE BD 92 77.81 102.75 -36.89
C ILE BD 92 77.22 101.99 -38.08
N SER BD 93 75.89 101.94 -38.15
CA SER BD 93 75.30 101.30 -39.28
C SER BD 93 75.57 102.11 -40.50
N MET BD 94 75.65 103.46 -40.34
CA MET BD 94 75.59 104.36 -41.45
C MET BD 94 76.77 104.10 -42.31
N LEU BD 95 77.89 103.89 -41.62
CA LEU BD 95 79.16 104.41 -42.03
C LEU BD 95 79.61 103.83 -43.34
N ASP BD 96 79.27 102.56 -43.57
CA ASP BD 96 79.76 101.78 -44.67
C ASP BD 96 79.35 102.46 -45.92
N THR BD 97 78.08 102.90 -46.01
CA THR BD 97 77.66 103.53 -47.21
C THR BD 97 77.83 104.98 -46.97
N PRO BD 98 78.72 105.54 -47.72
CA PRO BD 98 79.21 106.91 -47.58
C PRO BD 98 78.17 108.02 -47.70
N ASP BD 99 77.30 107.93 -48.70
CA ASP BD 99 76.28 108.96 -48.89
C ASP BD 99 75.38 109.17 -47.68
N MET BD 100 75.08 108.08 -46.98
CA MET BD 100 74.23 108.14 -45.80
C MET BD 100 75.03 108.65 -44.60
N LEU BD 101 76.25 108.18 -44.45
CA LEU BD 101 77.10 108.60 -43.35
C LEU BD 101 77.36 110.10 -43.43
N ALA BD 102 77.88 110.54 -44.56
CA ALA BD 102 78.19 111.95 -44.77
C ALA BD 102 77.00 112.80 -44.37
N ALA BD 103 75.80 112.32 -44.72
CA ALA BD 103 74.58 113.03 -44.40
C ALA BD 103 74.28 112.98 -42.90
N GLN BD 104 74.28 111.77 -42.37
CA GLN BD 104 74.00 111.53 -40.96
C GLN BD 104 74.97 112.32 -40.10
N LEU BD 105 76.26 112.25 -40.44
CA LEU BD 105 77.25 112.98 -39.67
C LEU BD 105 76.93 114.47 -39.69
N ALA BD 106 76.68 115.02 -40.87
CA ALA BD 106 76.36 116.43 -40.98
C ALA BD 106 75.18 116.76 -40.08
N HIS BD 107 74.18 115.88 -40.06
CA HIS BD 107 72.99 116.07 -39.25
C HIS BD 107 73.34 116.13 -37.76
N LEU BD 108 74.28 115.29 -37.33
CA LEU BD 108 74.70 115.26 -35.92
C LEU BD 108 75.47 116.50 -35.56
N LYS BD 109 76.33 116.96 -36.46
CA LYS BD 109 77.14 118.14 -36.21
C LYS BD 109 76.26 119.30 -35.80
N VAL BD 110 75.13 119.45 -36.49
CA VAL BD 110 74.21 120.53 -36.19
C VAL BD 110 73.65 120.44 -34.78
N GLN BD 111 73.16 119.27 -34.40
CA GLN BD 111 72.60 119.10 -33.07
C GLN BD 111 73.61 119.39 -31.97
N HIS BD 112 74.87 119.57 -32.35
CA HIS BD 112 75.93 119.85 -31.38
C HIS BD 112 76.49 121.26 -31.44
N VAL BD 113 76.95 121.67 -32.61
CA VAL BD 113 77.52 123.00 -32.79
C VAL BD 113 76.81 124.09 -31.98
N GLU BD 114 75.47 124.05 -31.94
CA GLU BD 114 74.72 125.15 -31.40
C GLU BD 114 74.96 125.29 -29.94
N ARG BD 115 74.90 124.17 -29.20
CA ARG BD 115 75.10 124.18 -27.79
C ARG BD 115 76.56 124.28 -27.58
N ASN BD 116 77.03 124.94 -26.50
CA ASN BD 116 78.44 124.84 -26.33
C ASN BD 116 78.73 123.56 -25.64
N LEU BD 117 79.85 122.93 -26.05
CA LEU BD 117 80.26 121.72 -25.39
C LEU BD 117 81.72 121.66 -25.34
N LYS BD 118 82.18 120.73 -24.49
CA LYS BD 118 83.57 120.45 -24.41
C LYS BD 118 83.93 119.39 -25.37
N PRO BD 119 84.97 119.74 -26.06
CA PRO BD 119 85.48 118.94 -27.12
C PRO BD 119 85.98 117.65 -26.59
N GLU BD 120 86.69 117.74 -25.44
CA GLU BD 120 87.38 116.64 -24.79
C GLU BD 120 86.39 115.62 -24.21
N PHE BD 121 85.15 116.05 -23.97
CA PHE BD 121 84.11 115.18 -23.43
C PHE BD 121 83.97 113.94 -24.29
N PHE BD 122 83.92 114.17 -25.60
CA PHE BD 122 83.77 113.09 -26.55
C PHE BD 122 84.98 112.17 -26.50
N ASP BD 123 86.17 112.76 -26.39
CA ASP BD 123 87.38 111.95 -26.31
C ASP BD 123 87.25 111.03 -25.12
N ILE BD 124 86.50 111.49 -24.11
CA ILE BD 124 86.27 110.73 -22.89
C ILE BD 124 85.27 109.62 -23.18
N PHE BD 125 84.13 110.03 -23.73
CA PHE BD 125 83.08 109.11 -24.08
C PHE BD 125 83.68 107.95 -24.82
N LEU BD 126 84.47 108.24 -25.83
CA LEU BD 126 85.13 107.20 -26.63
C LEU BD 126 85.97 106.28 -25.78
N LYS BD 127 86.80 106.88 -24.92
CA LYS BD 127 87.66 106.11 -24.04
C LYS BD 127 86.86 105.00 -23.37
N HIS BD 128 85.74 105.36 -22.74
CA HIS BD 128 84.91 104.39 -22.06
C HIS BD 128 84.16 103.45 -22.97
N LEU BD 129 83.51 103.97 -24.01
CA LEU BD 129 82.80 103.10 -24.92
C LEU BD 129 83.69 101.91 -25.32
N LEU BD 130 84.98 102.16 -25.50
CA LEU BD 130 85.93 101.11 -25.87
C LEU BD 130 86.19 100.24 -24.66
N HIS BD 131 86.37 100.87 -23.51
CA HIS BD 131 86.64 100.14 -22.28
C HIS BD 131 85.53 99.13 -22.07
N VAL BD 132 84.29 99.59 -22.19
CA VAL BD 132 83.12 98.74 -21.99
C VAL BD 132 83.05 97.63 -23.03
N LEU BD 133 83.09 97.99 -24.31
CA LEU BD 133 83.04 96.97 -25.36
C LEU BD 133 84.14 95.96 -25.09
N GLY BD 134 85.26 96.44 -24.54
CA GLY BD 134 86.36 95.56 -24.22
C GLY BD 134 85.88 94.43 -23.32
N ASP BD 135 85.18 94.78 -22.25
CA ASP BD 135 84.65 93.79 -21.33
C ASP BD 135 83.68 92.89 -22.05
N ARG BD 136 82.66 93.49 -22.66
CA ARG BD 136 81.66 92.73 -23.37
C ARG BD 136 82.20 91.74 -24.39
N LEU BD 137 83.06 92.23 -25.28
CA LEU BD 137 83.60 91.38 -26.33
C LEU BD 137 84.78 90.50 -25.94
N GLY BD 138 85.54 90.92 -24.95
CA GLY BD 138 86.68 90.12 -24.53
C GLY BD 138 87.95 90.40 -25.29
N THR BD 139 88.72 89.36 -25.57
CA THR BD 139 89.98 89.52 -26.29
C THR BD 139 89.80 89.64 -27.81
N HIS BD 140 88.65 89.21 -28.29
CA HIS BD 140 88.36 89.27 -29.71
C HIS BD 140 88.19 90.72 -30.16
N PHE BD 141 87.76 91.56 -29.22
CA PHE BD 141 87.51 92.97 -29.47
C PHE BD 141 88.57 93.59 -30.35
N ASP BD 142 88.21 94.02 -31.57
CA ASP BD 142 89.17 94.62 -32.46
C ASP BD 142 89.33 96.09 -32.17
N PHE BD 143 90.12 96.39 -31.13
CA PHE BD 143 90.39 97.74 -30.69
C PHE BD 143 90.73 98.59 -31.89
N GLY BD 144 91.74 98.17 -32.64
CA GLY BD 144 92.15 98.92 -33.81
C GLY BD 144 90.98 99.40 -34.62
N ALA BD 145 90.21 98.46 -35.14
CA ALA BD 145 89.07 98.78 -35.96
C ALA BD 145 88.15 99.79 -35.30
N TRP BD 146 87.83 99.59 -34.03
CA TRP BD 146 86.93 100.52 -33.36
C TRP BD 146 87.52 101.90 -33.26
N HIS BD 147 88.71 102.00 -32.67
CA HIS BD 147 89.36 103.29 -32.52
C HIS BD 147 89.35 104.06 -33.83
N ASP BD 148 89.88 103.45 -34.88
CA ASP BD 148 89.92 104.08 -36.19
C ASP BD 148 88.53 104.46 -36.65
N CYS BD 149 87.55 103.60 -36.38
CA CYS BD 149 86.19 103.83 -36.83
C CYS BD 149 85.26 104.71 -36.00
N VAL BD 150 85.16 104.46 -34.70
CA VAL BD 150 84.30 105.27 -33.88
C VAL BD 150 84.83 106.67 -33.81
N ASP BD 151 86.15 106.81 -33.86
CA ASP BD 151 86.79 108.11 -33.81
C ASP BD 151 86.14 109.00 -34.88
N GLN BD 152 86.21 108.53 -36.12
CA GLN BD 152 85.65 109.26 -37.25
C GLN BD 152 84.24 109.75 -36.95
N ILE BD 153 83.50 108.98 -36.16
CA ILE BD 153 82.12 109.35 -35.83
C ILE BD 153 82.09 110.47 -34.83
N ILE BD 154 83.07 110.49 -33.93
CA ILE BD 154 83.12 111.53 -32.92
C ILE BD 154 83.50 112.87 -33.52
N ASP BD 155 84.60 112.89 -34.26
CA ASP BD 155 85.05 114.13 -34.86
C ASP BD 155 83.92 114.83 -35.63
N GLY BD 156 83.12 114.06 -36.39
CA GLY BD 156 82.16 114.70 -37.27
C GLY BD 156 81.17 115.36 -36.37
N ILE BD 157 80.86 114.67 -35.26
CA ILE BD 157 79.85 115.21 -34.41
C ILE BD 157 80.38 116.47 -33.82
N LYS BD 158 81.64 116.43 -33.36
CA LYS BD 158 82.17 117.50 -32.55
C LYS BD 158 82.43 118.74 -33.40
N ASP CD 5 87.59 72.00 23.71
CA ASP CD 5 87.99 71.24 22.50
C ASP CD 5 87.38 71.88 21.32
N CYS CD 6 87.58 71.30 20.14
CA CYS CD 6 87.13 72.04 19.04
C CYS CD 6 85.79 71.53 18.71
N CYS CD 7 85.07 72.33 17.97
CA CYS CD 7 83.67 72.11 17.81
C CYS CD 7 83.55 71.32 16.55
N SER CD 8 82.54 70.44 16.51
CA SER CD 8 82.25 69.62 15.37
C SER CD 8 81.64 70.51 14.33
N TYR CD 9 81.93 70.20 13.03
CA TYR CD 9 81.57 70.97 11.85
C TYR CD 9 80.08 70.82 11.65
N GLU CD 10 79.55 69.63 11.88
CA GLU CD 10 78.13 69.40 11.72
C GLU CD 10 77.38 70.32 12.67
N ASP CD 11 77.83 70.34 13.91
CA ASP CD 11 77.19 71.18 14.92
C ASP CD 11 77.21 72.62 14.49
N ARG CD 12 78.32 73.08 13.95
CA ARG CD 12 78.37 74.44 13.49
C ARG CD 12 77.25 74.66 12.48
N ARG CD 13 77.15 73.76 11.50
CA ARG CD 13 76.11 73.85 10.50
C ARG CD 13 74.75 73.89 11.17
N GLU CD 14 74.54 73.06 12.18
CA GLU CD 14 73.28 73.03 12.90
C GLU CD 14 72.94 74.43 13.41
N ILE CD 15 73.90 75.03 14.09
CA ILE CD 15 73.70 76.35 14.64
C ILE CD 15 73.55 77.39 13.53
N ARG CD 16 74.45 77.37 12.56
CA ARG CD 16 74.41 78.34 11.46
C ARG CD 16 73.02 78.38 10.88
N HIS CD 17 72.22 77.38 11.22
CA HIS CD 17 70.84 77.30 10.76
C HIS CD 17 69.90 77.73 11.88
N ILE CD 18 70.05 77.10 13.03
CA ILE CD 18 69.22 77.45 14.18
C ILE CD 18 69.16 78.97 14.34
N TRP CD 19 70.29 79.62 14.16
CA TRP CD 19 70.34 81.06 14.31
C TRP CD 19 69.45 81.75 13.26
N ASP CD 20 69.59 81.34 12.00
CA ASP CD 20 68.81 81.94 10.93
C ASP CD 20 67.31 81.93 11.23
N ASP CD 21 66.91 81.30 12.32
CA ASP CD 21 65.49 81.26 12.66
C ASP CD 21 65.17 82.30 13.73
N VAL CD 22 66.15 82.62 14.58
CA VAL CD 22 65.93 83.63 15.62
C VAL CD 22 66.29 85.00 15.05
N TRP CD 23 67.38 85.09 14.27
CA TRP CD 23 67.79 86.37 13.77
C TRP CD 23 66.70 86.81 12.89
N SER CD 24 66.52 86.02 11.81
CA SER CD 24 65.26 86.03 11.13
C SER CD 24 65.30 87.20 10.18
N SER CD 25 64.25 88.07 10.22
CA SER CD 25 64.16 89.19 9.35
C SER CD 25 65.15 90.24 9.74
N SER CD 26 65.29 91.26 8.88
CA SER CD 26 66.29 92.29 9.02
C SER CD 26 65.82 93.33 9.96
N PHE CD 27 64.65 93.04 10.54
CA PHE CD 27 63.89 93.89 11.38
C PHE CD 27 64.54 94.05 12.69
N THR CD 28 64.47 95.25 13.27
CA THR CD 28 64.84 95.12 14.67
C THR CD 28 63.84 94.36 15.55
N ASP CD 29 62.62 94.86 15.61
CA ASP CD 29 61.56 94.26 16.42
C ASP CD 29 61.81 92.87 16.99
N ARG CD 30 61.92 91.86 16.13
CA ARG CD 30 62.14 90.49 16.59
C ARG CD 30 63.42 90.31 17.39
N ARG CD 31 64.56 90.44 16.73
CA ARG CD 31 65.84 90.26 17.40
C ARG CD 31 65.86 90.97 18.75
N VAL CD 32 65.27 92.16 18.80
CA VAL CD 32 65.23 92.91 20.04
C VAL CD 32 64.57 92.12 21.15
N ALA CD 33 63.28 91.83 20.97
CA ALA CD 33 62.53 91.09 21.96
C ALA CD 33 63.28 89.85 22.45
N ILE CD 34 63.95 89.14 21.53
CA ILE CD 34 64.69 87.95 21.92
C ILE CD 34 65.89 88.28 22.78
N VAL CD 35 66.81 89.10 22.27
CA VAL CD 35 68.00 89.47 23.04
C VAL CD 35 67.58 90.04 24.39
N ARG CD 36 66.49 90.80 24.40
CA ARG CD 36 65.99 91.38 25.64
C ARG CD 36 65.61 90.22 26.54
N ALA CD 37 64.64 89.42 26.10
CA ALA CD 37 64.19 88.26 26.85
C ALA CD 37 65.36 87.47 27.39
N VAL CD 38 66.50 87.52 26.69
CA VAL CD 38 67.70 86.81 27.13
C VAL CD 38 68.27 87.51 28.35
N PHE CD 39 68.48 88.81 28.23
CA PHE CD 39 69.01 89.59 29.34
C PHE CD 39 68.11 89.55 30.58
N ASP CD 40 66.80 89.68 30.37
CA ASP CD 40 65.88 89.63 31.50
C ASP CD 40 66.12 88.38 32.32
N ASP CD 41 66.54 87.30 31.65
CA ASP CD 41 66.82 86.04 32.34
C ASP CD 41 68.19 86.11 33.01
N LEU CD 42 69.06 86.96 32.49
CA LEU CD 42 70.39 87.09 33.06
C LEU CD 42 70.25 87.90 34.32
N PHE CD 43 69.41 88.93 34.27
CA PHE CD 43 69.21 89.79 35.43
C PHE CD 43 68.39 89.12 36.52
N LYS CD 44 67.46 88.27 36.14
CA LYS CD 44 66.65 87.61 37.15
C LYS CD 44 67.50 86.61 37.92
N HIS CD 45 68.62 86.20 37.34
CA HIS CD 45 69.51 85.23 37.98
C HIS CD 45 70.79 85.82 38.57
N TYR CD 46 71.34 86.83 37.90
CA TYR CD 46 72.54 87.50 38.37
C TYR CD 46 72.23 88.99 38.37
N PRO CD 47 71.30 89.41 39.24
CA PRO CD 47 70.85 90.80 39.36
C PRO CD 47 71.97 91.84 39.45
N THR CD 48 73.12 91.42 39.96
CA THR CD 48 74.27 92.30 40.10
C THR CD 48 74.64 92.97 38.78
N SER CD 49 74.73 92.16 37.73
CA SER CD 49 75.08 92.62 36.40
C SER CD 49 74.24 93.79 35.91
N LYS CD 50 72.97 93.84 36.30
CA LYS CD 50 72.07 94.90 35.86
C LYS CD 50 72.75 96.25 35.88
N ALA CD 51 73.26 96.64 37.03
CA ALA CD 51 73.94 97.92 37.17
C ALA CD 51 74.93 98.27 36.04
N LEU CD 52 75.67 97.27 35.55
CA LEU CD 52 76.66 97.46 34.49
C LEU CD 52 76.20 98.24 33.27
N PHE CD 53 74.90 98.19 32.99
CA PHE CD 53 74.36 98.86 31.81
C PHE CD 53 73.64 100.19 32.05
N GLU CD 54 74.01 100.90 33.11
CA GLU CD 54 73.36 102.18 33.37
C GLU CD 54 73.82 103.13 32.29
N ARG CD 55 74.99 102.83 31.73
CA ARG CD 55 75.57 103.66 30.68
C ARG CD 55 74.66 103.72 29.45
N VAL CD 56 73.91 102.66 29.23
CA VAL CD 56 73.02 102.61 28.08
C VAL CD 56 71.59 102.84 28.51
N LYS CD 57 71.40 103.17 29.78
CA LYS CD 57 70.07 103.45 30.31
C LYS CD 57 69.11 102.26 30.35
N ILE CD 58 69.44 101.25 31.13
CA ILE CD 58 68.57 100.08 31.24
C ILE CD 58 67.35 100.44 32.07
N ASP CD 59 67.44 101.53 32.83
CA ASP CD 59 66.33 101.96 33.67
C ASP CD 59 65.18 102.43 32.78
N GLU CD 60 65.49 102.65 31.51
CA GLU CD 60 64.49 103.06 30.52
C GLU CD 60 64.43 101.96 29.47
N PRO CD 61 63.75 100.86 29.78
CA PRO CD 61 63.64 99.75 28.84
C PRO CD 61 63.36 100.12 27.40
N GLU CD 62 62.33 100.92 27.16
CA GLU CD 62 61.98 101.30 25.80
C GLU CD 62 62.77 102.52 25.30
N SER CD 63 63.73 102.95 26.09
CA SER CD 63 64.56 104.12 25.78
C SER CD 63 64.95 104.28 24.32
N GLY CD 64 65.60 103.27 23.78
CA GLY CD 64 66.06 103.38 22.41
C GLY CD 64 67.56 103.50 22.53
N GLU CD 65 68.02 104.21 23.55
CA GLU CD 65 69.45 104.34 23.78
C GLU CD 65 69.86 102.93 24.18
N PHE CD 66 68.93 102.24 24.82
CA PHE CD 66 69.09 100.89 25.30
C PHE CD 66 68.71 99.88 24.23
N LYS CD 67 67.58 100.10 23.58
CA LYS CD 67 67.16 99.20 22.54
C LYS CD 67 68.33 99.04 21.57
N SER CD 68 68.84 100.15 21.08
CA SER CD 68 69.95 100.12 20.15
C SER CD 68 71.02 99.20 20.71
N HIS CD 69 71.29 99.34 22.00
CA HIS CD 69 72.30 98.50 22.63
C HIS CD 69 71.97 97.04 22.37
N LEU CD 70 70.81 96.61 22.85
CA LEU CD 70 70.38 95.25 22.66
C LEU CD 70 70.74 94.78 21.26
N VAL CD 71 70.35 95.57 20.27
CA VAL CD 71 70.65 95.25 18.90
C VAL CD 71 72.15 95.02 18.69
N ARG CD 72 72.98 95.95 19.14
CA ARG CD 72 74.41 95.80 18.97
C ARG CD 72 74.87 94.48 19.53
N VAL CD 73 74.31 94.08 20.66
CA VAL CD 73 74.66 92.81 21.28
C VAL CD 73 74.23 91.73 20.33
N ALA CD 74 72.98 91.77 19.94
CA ALA CD 74 72.44 90.79 19.02
C ALA CD 74 73.37 90.71 17.83
N ASN CD 75 73.48 91.80 17.09
CA ASN CD 75 74.36 91.82 15.93
C ASN CD 75 75.77 91.32 16.20
N GLY CD 76 76.28 91.58 17.40
CA GLY CD 76 77.63 91.12 17.70
C GLY CD 76 77.67 89.62 17.74
N LEU CD 77 76.57 89.02 18.16
CA LEU CD 77 76.44 87.58 18.25
C LEU CD 77 76.29 87.09 16.82
N LYS CD 78 75.41 87.75 16.08
CA LYS CD 78 75.18 87.41 14.69
C LYS CD 78 76.52 87.34 13.99
N LEU CD 79 77.32 88.39 14.14
CA LEU CD 79 78.63 88.47 13.50
C LEU CD 79 79.47 87.27 13.86
N LEU CD 80 79.40 86.81 15.09
CA LEU CD 80 80.16 85.65 15.51
C LEU CD 80 79.75 84.44 14.70
N ILE CD 81 78.49 84.05 14.88
CA ILE CD 81 77.92 82.91 14.19
C ILE CD 81 78.25 82.95 12.69
N ASN CD 82 77.99 84.08 12.08
CA ASN CD 82 78.27 84.24 10.66
C ASN CD 82 79.77 84.27 10.34
N LEU CD 83 80.58 83.80 11.28
CA LEU CD 83 82.00 83.80 11.07
C LEU CD 83 82.52 82.39 11.28
N LEU CD 84 81.64 81.53 11.82
CA LEU CD 84 81.97 80.13 12.10
C LEU CD 84 82.52 79.35 10.91
N ASP CD 85 82.42 79.91 9.70
CA ASP CD 85 82.96 79.23 8.52
C ASP CD 85 84.31 79.83 8.13
N ASP CD 86 84.69 80.92 8.78
CA ASP CD 86 85.98 81.55 8.49
C ASP CD 86 86.95 81.55 9.67
N THR CD 87 86.90 80.47 10.44
CA THR CD 87 87.77 80.26 11.61
C THR CD 87 88.79 81.34 11.95
N LEU CD 88 89.87 81.43 11.18
CA LEU CD 88 90.91 82.40 11.42
C LEU CD 88 90.45 83.81 11.78
N VAL CD 89 89.44 84.32 11.08
CA VAL CD 89 88.92 85.65 11.34
C VAL CD 89 88.14 85.60 12.64
N LEU CD 90 87.34 84.57 12.80
CA LEU CD 90 86.56 84.41 14.01
C LEU CD 90 87.49 84.46 15.21
N GLN CD 91 88.58 83.70 15.13
CA GLN CD 91 89.56 83.61 16.21
C GLN CD 91 90.11 84.98 16.60
N SER CD 92 90.19 85.89 15.64
CA SER CD 92 90.69 87.22 15.92
C SER CD 92 89.60 88.11 16.49
N HIS CD 93 88.50 88.27 15.78
CA HIS CD 93 87.42 89.10 16.27
C HIS CD 93 86.97 88.58 17.61
N LEU CD 94 87.13 87.28 17.81
CA LEU CD 94 86.71 86.70 19.06
C LEU CD 94 87.55 87.31 20.17
N GLY CD 95 88.81 87.59 19.85
CA GLY CD 95 89.70 88.18 20.83
C GLY CD 95 89.29 89.61 21.04
N HIS CD 96 89.20 90.33 19.94
CA HIS CD 96 88.79 91.72 19.96
C HIS CD 96 87.51 91.88 20.78
N LEU CD 97 86.64 90.89 20.72
CA LEU CD 97 85.39 90.93 21.46
C LEU CD 97 85.65 90.77 22.94
N ALA CD 98 86.75 90.13 23.28
CA ALA CD 98 87.12 89.95 24.68
C ALA CD 98 87.59 91.30 25.20
N ASP CD 99 88.61 91.85 24.54
CA ASP CD 99 89.17 93.13 24.93
C ASP CD 99 88.09 94.21 25.16
N GLN CD 100 87.02 94.17 24.39
CA GLN CD 100 85.96 95.15 24.55
C GLN CD 100 85.19 94.93 25.82
N HIS CD 101 85.41 93.79 26.46
CA HIS CD 101 84.72 93.48 27.69
C HIS CD 101 85.67 93.49 28.88
N ILE CD 102 86.97 93.41 28.61
CA ILE CD 102 87.93 93.41 29.69
C ILE CD 102 88.05 94.84 30.17
N GLN CD 103 87.98 95.79 29.25
CA GLN CD 103 88.07 97.20 29.60
C GLN CD 103 86.76 97.70 30.19
N ARG CD 104 85.77 96.82 30.27
CA ARG CD 104 84.49 97.17 30.86
C ARG CD 104 84.55 96.69 32.29
N LYS CD 105 84.95 97.59 33.18
CA LYS CD 105 85.10 97.29 34.60
C LYS CD 105 83.81 96.75 35.23
N GLY CD 106 83.90 95.57 35.84
CA GLY CD 106 82.75 94.98 36.49
C GLY CD 106 82.20 93.73 35.81
N VAL CD 107 82.76 93.37 34.65
CA VAL CD 107 82.30 92.21 33.93
C VAL CD 107 83.04 90.96 34.36
N THR CD 108 82.34 90.06 35.07
CA THR CD 108 82.94 88.81 35.57
C THR CD 108 82.93 87.65 34.57
N LYS CD 109 83.72 86.63 34.87
CA LYS CD 109 83.79 85.46 34.02
C LYS CD 109 82.47 84.76 34.21
N GLU CD 110 81.87 84.99 35.37
CA GLU CD 110 80.61 84.38 35.72
C GLU CD 110 79.43 84.91 34.92
N TYR CD 111 79.29 86.23 34.86
CA TYR CD 111 78.19 86.82 34.11
C TYR CD 111 78.05 86.19 32.74
N PHE CD 112 79.17 85.85 32.12
CA PHE CD 112 79.13 85.23 30.81
C PHE CD 112 78.53 83.83 30.89
N ARG CD 113 79.05 83.00 31.78
CA ARG CD 113 78.51 81.66 31.92
C ARG CD 113 77.03 81.82 32.21
N GLY CD 114 76.66 82.97 32.75
CA GLY CD 114 75.27 83.23 33.07
C GLY CD 114 74.38 83.56 31.87
N ILE CD 115 74.91 84.36 30.95
CA ILE CD 115 74.14 84.73 29.78
C ILE CD 115 74.07 83.52 28.89
N GLY CD 116 75.01 82.60 29.06
CA GLY CD 116 75.02 81.40 28.26
C GLY CD 116 73.81 80.57 28.63
N GLU CD 117 73.56 80.48 29.93
CA GLU CD 117 72.43 79.73 30.43
C GLU CD 117 71.20 80.43 29.90
N ALA CD 118 71.22 81.75 29.91
CA ALA CD 118 70.10 82.56 29.42
C ALA CD 118 69.60 82.07 28.04
N PHE CD 119 70.44 82.14 27.01
CA PHE CD 119 70.04 81.69 25.69
C PHE CD 119 69.47 80.29 25.71
N ALA CD 120 70.21 79.38 26.35
CA ALA CD 120 69.81 77.98 26.45
C ALA CD 120 68.43 77.80 27.08
N ARG CD 121 67.86 78.87 27.61
CA ARG CD 121 66.55 78.81 28.24
C ARG CD 121 65.55 79.61 27.42
N VAL CD 122 66.05 80.61 26.69
CA VAL CD 122 65.21 81.45 25.87
C VAL CD 122 65.00 80.86 24.50
N LEU CD 123 66.09 80.72 23.74
CA LEU CD 123 66.00 80.18 22.39
C LEU CD 123 65.04 79.01 22.23
N PRO CD 124 65.18 77.97 23.05
CA PRO CD 124 64.27 76.83 22.92
C PRO CD 124 62.78 77.20 23.01
N GLN CD 125 62.50 78.48 23.28
CA GLN CD 125 61.12 78.95 23.40
C GLN CD 125 60.69 79.82 22.23
N VAL CD 126 61.65 80.44 21.57
CA VAL CD 126 61.35 81.31 20.44
C VAL CD 126 61.30 80.58 19.11
N LEU CD 127 61.84 79.37 19.10
CA LEU CD 127 61.83 78.57 17.87
C LEU CD 127 61.85 77.10 18.22
N SER CD 128 61.29 76.27 17.34
CA SER CD 128 61.27 74.85 17.58
C SER CD 128 62.44 74.26 16.85
N CYS CD 129 62.74 73.00 17.13
CA CYS CD 129 63.86 72.31 16.48
C CYS CD 129 65.16 72.98 16.87
N PHE CD 130 65.36 73.17 18.17
CA PHE CD 130 66.56 73.80 18.67
C PHE CD 130 67.44 72.75 19.27
N ASN CD 131 68.63 72.57 18.69
CA ASN CD 131 69.55 71.56 19.21
C ASN CD 131 70.32 72.11 20.39
N VAL CD 132 69.62 72.33 21.50
CA VAL CD 132 70.23 72.89 22.70
C VAL CD 132 71.66 72.46 22.94
N ASP CD 133 71.94 71.18 22.81
CA ASP CD 133 73.30 70.69 23.03
C ASP CD 133 74.28 71.31 22.05
N ALA CD 134 74.02 71.14 20.76
CA ALA CD 134 74.89 71.68 19.73
C ALA CD 134 75.14 73.16 19.98
N TRP CD 135 74.07 73.90 20.28
CA TRP CD 135 74.21 75.32 20.54
C TRP CD 135 75.15 75.44 21.70
N ASN CD 136 74.74 74.88 22.85
CA ASN CD 136 75.56 74.93 24.05
C ASN CD 136 77.03 74.67 23.75
N ARG CD 137 77.33 73.60 23.04
CA ARG CD 137 78.72 73.31 22.75
C ARG CD 137 79.47 74.47 22.10
N CYS CD 138 79.05 74.88 20.90
CA CYS CD 138 79.71 75.96 20.22
C CYS CD 138 79.59 77.30 20.89
N PHE CD 139 78.57 77.49 21.72
CA PHE CD 139 78.44 78.77 22.39
C PHE CD 139 79.51 78.84 23.45
N HIS CD 140 79.77 77.72 24.13
CA HIS CD 140 80.79 77.68 25.17
C HIS CD 140 82.15 77.98 24.59
N ARG CD 141 82.49 77.33 23.48
CA ARG CD 141 83.78 77.58 22.85
C ARG CD 141 83.91 79.08 22.59
N LEU CD 142 82.84 79.72 22.14
CA LEU CD 142 82.86 81.16 21.88
C LEU CD 142 83.04 81.99 23.16
N VAL CD 143 82.27 81.65 24.18
CA VAL CD 143 82.33 82.35 25.47
C VAL CD 143 83.71 82.20 26.10
N ALA CD 144 84.15 80.95 26.26
CA ALA CD 144 85.45 80.69 26.85
C ALA CD 144 86.50 81.68 26.34
N ARG CD 145 86.69 81.73 25.04
CA ARG CD 145 87.68 82.62 24.48
C ARG CD 145 87.38 84.08 24.76
N ILE CD 146 86.11 84.45 24.87
CA ILE CD 146 85.77 85.86 25.13
C ILE CD 146 86.13 86.30 26.54
N ALA CD 147 85.83 85.43 27.47
CA ALA CD 147 86.20 85.66 28.81
C ALA CD 147 87.64 85.82 28.72
N LYS CD 148 88.30 85.02 27.85
CA LYS CD 148 89.34 84.10 28.21
C LYS CD 148 90.53 84.80 28.80
N ASP CD 149 90.85 85.98 28.26
CA ASP CD 149 91.87 86.92 28.66
C ASP CD 149 91.58 87.44 30.00
N LEU CD 150 90.29 87.76 30.15
CA LEU CD 150 89.81 88.49 31.23
C LEU CD 150 90.18 87.69 32.39
N PRO CD 151 90.08 86.41 32.39
CA PRO CD 151 90.61 86.04 33.64
C PRO CD 151 91.86 85.26 33.47
N LYS DD 1 41.68 76.06 27.41
CA LYS DD 1 42.83 75.16 27.63
C LYS DD 1 43.96 76.07 27.85
N LYS DD 2 44.53 76.43 26.68
CA LYS DD 2 45.61 77.34 26.61
C LYS DD 2 45.03 78.63 26.16
N GLN DD 3 45.39 79.67 26.93
CA GLN DD 3 45.07 81.04 26.73
C GLN DD 3 46.36 81.56 26.18
N CYS DD 4 46.37 82.65 25.38
CA CYS DD 4 47.50 82.66 24.52
C CYS DD 4 48.42 83.78 24.88
N GLY DD 5 49.64 83.77 24.28
CA GLY DD 5 50.71 84.56 24.80
C GLY DD 5 51.61 84.92 23.65
N VAL DD 6 52.59 85.82 23.93
CA VAL DD 6 53.35 86.54 22.95
C VAL DD 6 54.09 85.59 22.06
N LEU DD 7 54.96 84.74 22.69
CA LEU DD 7 55.68 83.79 21.87
C LEU DD 7 54.77 82.85 21.09
N GLU DD 8 53.93 82.09 21.80
CA GLU DD 8 53.02 81.16 21.14
C GLU DD 8 52.29 81.84 20.02
N GLY DD 9 52.17 83.16 20.10
CA GLY DD 9 51.53 83.90 19.04
C GLY DD 9 52.48 83.92 17.85
N LEU DD 10 53.66 84.47 18.07
CA LEU DD 10 54.67 84.55 17.03
C LEU DD 10 54.81 83.22 16.31
N LYS DD 11 54.78 82.12 17.06
CA LYS DD 11 54.91 80.81 16.44
C LYS DD 11 53.74 80.55 15.50
N VAL DD 12 52.51 80.63 16.02
CA VAL DD 12 51.36 80.40 15.17
C VAL DD 12 51.36 81.36 14.00
N LYS DD 13 51.58 82.64 14.28
CA LYS DD 13 51.60 83.65 13.22
C LYS DD 13 52.55 83.26 12.08
N SER DD 14 53.69 82.69 12.44
CA SER DD 14 54.68 82.26 11.47
C SER DD 14 54.23 81.01 10.74
N GLU DD 15 53.90 79.97 11.50
CA GLU DD 15 53.46 78.70 10.93
C GLU DD 15 52.25 78.90 10.04
N TRP DD 16 51.36 79.79 10.44
CA TRP DD 16 50.18 80.04 9.64
C TRP DD 16 50.64 80.56 8.30
N GLY DD 17 51.68 81.38 8.31
CA GLY DD 17 52.18 81.91 7.06
C GLY DD 17 52.48 80.84 6.04
N ARG DD 18 53.12 79.77 6.52
CA ARG DD 18 53.48 78.66 5.67
C ARG DD 18 52.28 77.83 5.26
N ALA DD 19 51.38 77.52 6.20
CA ALA DD 19 50.21 76.72 5.91
C ALA DD 19 49.19 77.41 4.99
N TYR DD 20 48.99 78.70 5.22
CA TYR DD 20 48.05 79.47 4.42
C TYR DD 20 48.50 79.44 2.98
N GLY DD 21 49.72 79.92 2.74
CA GLY DD 21 50.22 79.92 1.39
C GLY DD 21 49.41 80.85 0.49
N SER DD 22 49.40 80.56 -0.81
CA SER DD 22 48.67 81.41 -1.76
C SER DD 22 48.26 80.69 -3.02
N GLY DD 23 47.55 81.42 -3.90
CA GLY DD 23 47.10 80.84 -5.15
C GLY DD 23 46.13 79.68 -5.01
N HIS DD 24 46.52 78.54 -5.59
CA HIS DD 24 45.71 77.34 -5.53
C HIS DD 24 45.82 76.68 -4.17
N ASP DD 25 47.03 76.57 -3.66
CA ASP DD 25 47.24 75.96 -2.35
C ASP DD 25 46.17 76.52 -1.43
N ARG DD 26 45.91 77.81 -1.56
CA ARG DD 26 44.92 78.48 -0.72
C ARG DD 26 43.53 77.98 -1.05
N GLU DD 27 43.12 78.15 -2.29
CA GLU DD 27 41.80 77.70 -2.72
C GLU DD 27 41.51 76.26 -2.24
N ALA DD 28 42.55 75.48 -2.02
CA ALA DD 28 42.39 74.10 -1.56
C ALA DD 28 42.46 74.08 -0.04
N PHE DD 29 43.49 74.68 0.52
CA PHE DD 29 43.66 74.75 1.96
C PHE DD 29 42.30 75.04 2.57
N SER DD 30 41.62 76.07 2.07
CA SER DD 30 40.30 76.42 2.58
C SER DD 30 39.31 75.28 2.29
N GLN DD 31 39.30 74.84 1.04
CA GLN DD 31 38.45 73.72 0.65
C GLN DD 31 38.56 72.60 1.68
N ALA DD 32 39.78 72.07 1.85
CA ALA DD 32 40.04 70.98 2.77
C ALA DD 32 39.45 71.26 4.12
N ILE DD 33 39.74 72.44 4.66
CA ILE DD 33 39.25 72.84 5.97
C ILE DD 33 37.74 72.74 6.08
N TRP DD 34 37.02 73.34 5.14
CA TRP DD 34 35.57 73.27 5.18
C TRP DD 34 35.04 71.86 5.09
N ARG DD 35 35.62 71.06 4.19
CA ARG DD 35 35.18 69.68 4.05
C ARG DD 35 35.31 68.97 5.38
N ALA DD 36 36.41 69.22 6.07
CA ALA DD 36 36.65 68.61 7.36
C ALA DD 36 35.63 69.12 8.38
N THR DD 37 35.27 70.40 8.28
CA THR DD 37 34.30 70.98 9.21
C THR DD 37 32.94 70.34 9.01
N PHE DD 38 32.42 70.46 7.79
CA PHE DD 38 31.11 69.91 7.47
C PHE DD 38 31.03 68.42 7.73
N ALA DD 39 32.13 67.72 7.53
CA ALA DD 39 32.12 66.29 7.74
C ALA DD 39 31.86 65.99 9.21
N GLN DD 40 32.33 66.89 10.07
CA GLN DD 40 32.16 66.72 11.50
C GLN DD 40 30.74 67.04 11.94
N VAL DD 41 30.24 68.19 11.51
CA VAL DD 41 28.89 68.61 11.87
C VAL DD 41 28.05 68.94 10.65
N PRO DD 42 27.56 67.91 9.95
CA PRO DD 42 26.75 68.16 8.75
C PRO DD 42 25.60 69.12 9.03
N GLU DD 43 25.18 69.18 10.29
CA GLU DD 43 24.09 70.05 10.69
C GLU DD 43 24.34 71.48 10.24
N SER DD 44 25.58 71.93 10.37
CA SER DD 44 25.98 73.30 10.04
C SER DD 44 25.84 73.70 8.57
N ARG DD 45 25.73 72.75 7.66
CA ARG DD 45 25.60 73.13 6.27
C ARG DD 45 24.43 74.08 6.08
N SER DD 46 23.39 73.92 6.89
CA SER DD 46 22.20 74.76 6.80
C SER DD 46 22.44 76.25 6.94
N LEU DD 47 23.48 76.64 7.65
CA LEU DD 47 23.79 78.05 7.85
C LEU DD 47 24.34 78.74 6.62
N PHE DD 48 25.04 77.98 5.78
CA PHE DD 48 25.63 78.54 4.58
C PHE DD 48 24.78 78.23 3.37
N LYS DD 49 23.48 78.13 3.57
CA LYS DD 49 22.57 77.84 2.47
C LYS DD 49 22.61 79.02 1.51
N ARG DD 50 22.90 80.19 2.05
CA ARG DD 50 22.94 81.41 1.27
C ARG DD 50 24.10 81.46 0.28
N VAL DD 51 25.19 80.81 0.65
CA VAL DD 51 26.37 80.80 -0.19
C VAL DD 51 26.71 79.38 -0.63
N HIS DD 52 25.71 78.73 -1.24
CA HIS DD 52 25.86 77.37 -1.73
C HIS DD 52 26.70 76.47 -0.83
N GLY DD 53 26.20 76.21 0.37
CA GLY DD 53 26.90 75.35 1.29
C GLY DD 53 26.65 73.90 0.91
N ASP DD 54 25.66 73.69 0.08
CA ASP DD 54 25.34 72.35 -0.36
C ASP DD 54 26.49 71.75 -1.17
N ASP DD 55 27.11 72.56 -2.03
CA ASP DD 55 28.22 72.09 -2.85
C ASP DD 55 29.47 72.88 -2.54
N THR DD 56 30.32 72.31 -1.70
CA THR DD 56 31.56 72.92 -1.29
C THR DD 56 32.44 73.41 -2.45
N SER DD 57 32.24 72.86 -3.66
CA SER DD 57 33.03 73.22 -4.84
C SER DD 57 32.41 74.32 -5.72
N HIS DD 58 31.28 74.85 -5.31
CA HIS DD 58 30.60 75.91 -6.06
C HIS DD 58 31.33 77.22 -5.87
N PRO DD 59 31.61 77.94 -6.96
CA PRO DD 59 32.30 79.21 -6.85
C PRO DD 59 31.84 80.09 -5.69
N ALA DD 60 30.53 80.22 -5.53
CA ALA DD 60 29.99 81.05 -4.47
C ALA DD 60 30.62 80.68 -3.16
N PHE DD 61 30.63 79.39 -2.87
CA PHE DD 61 31.19 78.88 -1.62
C PHE DD 61 32.70 79.02 -1.61
N ILE DD 62 33.34 78.77 -2.75
CA ILE DD 62 34.80 78.88 -2.86
C ILE DD 62 35.18 80.26 -2.42
N ALA DD 63 34.42 81.23 -2.89
CA ALA DD 63 34.64 82.62 -2.54
C ALA DD 63 34.50 82.69 -1.03
N HIS DD 64 33.32 82.34 -0.55
CA HIS DD 64 33.04 82.35 0.88
C HIS DD 64 34.21 81.82 1.70
N ALA DD 65 34.62 80.60 1.39
CA ALA DD 65 35.73 79.98 2.10
C ALA DD 65 36.95 80.86 2.06
N ASP DD 66 37.46 81.12 0.87
CA ASP DD 66 38.64 81.95 0.69
C ASP DD 66 38.44 83.29 1.45
N ARG DD 67 37.18 83.70 1.59
CA ARG DD 67 36.83 84.96 2.26
C ARG DD 67 36.92 84.83 3.77
N VAL DD 68 36.57 83.66 4.26
CA VAL DD 68 36.60 83.39 5.69
C VAL DD 68 38.03 83.33 6.17
N LEU DD 69 38.83 82.48 5.55
CA LEU DD 69 40.23 82.35 5.91
C LEU DD 69 40.81 83.75 5.96
N GLY DD 70 40.36 84.60 5.03
CA GLY DD 70 40.84 85.98 4.99
C GLY DD 70 40.78 86.61 6.36
N GLY DD 71 39.62 86.57 6.99
CA GLY DD 71 39.49 87.14 8.31
C GLY DD 71 40.45 86.47 9.28
N LEU DD 72 40.40 85.14 9.32
CA LEU DD 72 41.29 84.38 10.20
C LEU DD 72 42.70 84.87 9.99
N ASP DD 73 43.06 85.24 8.77
CA ASP DD 73 44.40 85.75 8.49
C ASP DD 73 44.57 87.00 9.33
N ILE DD 74 43.78 88.01 9.05
CA ILE DD 74 43.87 89.26 9.80
C ILE DD 74 44.00 88.98 11.30
N ALA DD 75 43.16 88.09 11.81
CA ALA DD 75 43.20 87.74 13.23
C ALA DD 75 44.60 87.29 13.62
N ILE DD 76 44.99 86.12 13.13
CA ILE DD 76 46.31 85.58 13.41
C ILE DD 76 47.41 86.61 13.14
N SER DD 77 47.38 87.23 11.94
CA SER DD 77 48.45 88.10 11.60
C SER DD 77 48.46 89.30 12.50
N THR DD 78 47.27 89.82 12.91
CA THR DD 78 47.25 91.03 13.70
C THR DD 78 47.74 90.79 15.11
N LEU DD 79 47.46 89.58 15.65
CA LEU DD 79 47.30 89.24 17.04
C LEU DD 79 48.54 89.48 17.82
N ASP DD 80 49.70 89.50 17.12
CA ASP DD 80 50.95 89.58 17.79
C ASP DD 80 50.88 90.76 18.72
N GLN DD 81 50.59 91.94 18.16
CA GLN DD 81 50.44 93.12 18.95
C GLN DD 81 49.00 93.24 19.36
N PRO DD 82 48.87 93.37 20.66
CA PRO DD 82 47.64 93.43 21.43
C PRO DD 82 46.76 94.61 21.06
N ALA DD 83 47.37 95.77 20.93
CA ALA DD 83 46.64 96.98 20.57
C ALA DD 83 45.74 96.77 19.38
N THR DD 84 46.35 96.42 18.25
CA THR DD 84 45.64 96.20 17.00
C THR DD 84 44.71 94.99 17.05
N LEU DD 85 45.26 93.84 17.41
CA LEU DD 85 44.47 92.63 17.50
C LEU DD 85 43.16 92.95 18.19
N LYS DD 86 43.27 93.55 19.36
CA LYS DD 86 42.12 93.94 20.16
C LYS DD 86 41.05 94.48 19.22
N GLU DD 87 41.44 95.47 18.42
CA GLU DD 87 40.52 96.09 17.50
C GLU DD 87 39.89 95.10 16.54
N GLU DD 88 40.71 94.37 15.78
CA GLU DD 88 40.18 93.40 14.82
C GLU DD 88 39.19 92.47 15.49
N LEU DD 89 39.59 91.89 16.62
CA LEU DD 89 38.71 90.99 17.32
C LEU DD 89 37.40 91.70 17.61
N ASP DD 90 37.50 92.88 18.20
CA ASP DD 90 36.30 93.65 18.53
C ASP DD 90 35.42 93.83 17.30
N HIS DD 91 36.05 94.17 16.19
CA HIS DD 91 35.34 94.37 14.93
C HIS DD 91 34.56 93.11 14.62
N LEU DD 92 35.24 91.97 14.65
CA LEU DD 92 34.59 90.71 14.36
C LEU DD 92 33.44 90.50 15.34
N GLN DD 93 33.76 90.66 16.61
CA GLN DD 93 32.78 90.49 17.68
C GLN DD 93 31.43 91.04 17.26
N VAL DD 94 31.46 92.23 16.67
CA VAL DD 94 30.25 92.89 16.22
C VAL DD 94 29.55 92.16 15.09
N GLN DD 95 30.30 91.84 14.03
CA GLN DD 95 29.73 91.16 12.89
C GLN DD 95 29.09 89.85 13.30
N HIS DD 96 29.36 89.40 14.52
CA HIS DD 96 28.80 88.13 15.01
C HIS DD 96 27.72 88.23 16.08
N GLU DD 97 27.83 89.28 16.86
CA GLU DD 97 27.02 89.34 18.05
C GLU DD 97 25.60 89.58 17.61
N GLY DD 98 24.64 88.88 18.23
CA GLY DD 98 23.27 89.05 17.90
C GLY DD 98 22.78 87.73 17.40
N ARG DD 99 23.71 86.94 16.85
CA ARG DD 99 23.37 85.83 16.01
C ARG DD 99 23.68 84.60 16.76
N LYS DD 100 22.75 83.64 16.81
CA LYS DD 100 23.15 82.54 17.62
C LYS DD 100 24.02 81.67 16.77
N ILE DD 101 25.22 81.30 17.30
CA ILE DD 101 26.04 80.23 16.78
C ILE DD 101 26.63 79.49 17.92
N PRO DD 102 26.27 78.27 17.98
CA PRO DD 102 26.61 77.40 19.04
C PRO DD 102 28.08 77.26 19.06
N ASP DD 103 28.58 76.93 20.23
CA ASP DD 103 30.01 76.75 20.48
C ASP DD 103 30.43 75.39 19.93
N ASN DD 104 29.43 74.56 19.63
CA ASN DD 104 29.64 73.24 19.08
C ASN DD 104 30.34 73.33 17.74
N TYR DD 105 29.84 74.18 16.85
CA TYR DD 105 30.41 74.34 15.51
C TYR DD 105 31.83 74.91 15.56
N PHE DD 106 32.01 76.04 16.23
CA PHE DD 106 33.32 76.64 16.31
C PHE DD 106 34.33 75.59 16.67
N ASP DD 107 33.97 74.71 17.60
CA ASP DD 107 34.85 73.65 18.04
C ASP DD 107 35.30 72.82 16.83
N ALA DD 108 34.33 72.36 16.06
CA ALA DD 108 34.62 71.55 14.88
C ALA DD 108 35.51 72.30 13.89
N PHE DD 109 35.15 73.54 13.61
CA PHE DD 109 35.91 74.34 12.69
C PHE DD 109 37.36 74.49 13.14
N LYS DD 110 37.59 74.55 14.45
CA LYS DD 110 38.95 74.68 14.96
C LYS DD 110 39.64 73.38 14.62
N THR DD 111 39.05 72.28 15.06
CA THR DD 111 39.61 70.98 14.79
C THR DD 111 39.97 70.89 13.32
N ALA DD 112 39.03 71.23 12.46
CA ALA DD 112 39.27 71.18 11.02
C ALA DD 112 40.59 71.89 10.73
N ILE DD 113 40.62 73.20 10.99
CA ILE DD 113 41.81 74.01 10.75
C ILE DD 113 43.04 73.28 11.23
N LEU DD 114 43.05 72.90 12.50
CA LEU DD 114 44.20 72.20 13.05
C LEU DD 114 44.63 70.98 12.23
N HIS DD 115 43.71 70.08 11.95
CA HIS DD 115 44.06 68.89 11.20
C HIS DD 115 44.62 69.21 9.85
N VAL DD 116 43.98 70.14 9.14
CA VAL DD 116 44.49 70.51 7.82
C VAL DD 116 45.88 71.15 7.95
N VAL DD 117 46.01 72.17 8.79
CA VAL DD 117 47.29 72.82 8.98
C VAL DD 117 48.36 71.79 9.25
N ALA DD 118 48.09 70.85 10.15
CA ALA DD 118 49.06 69.82 10.47
C ALA DD 118 49.41 69.03 9.23
N ALA DD 119 48.41 68.74 8.40
CA ALA DD 119 48.65 67.98 7.19
C ALA DD 119 49.50 68.78 6.25
N GLN DD 120 49.30 70.09 6.23
CA GLN DD 120 50.06 70.96 5.35
C GLN DD 120 51.49 71.25 5.79
N LEU DD 121 51.72 71.40 7.08
CA LEU DD 121 53.06 71.73 7.56
C LEU DD 121 53.99 70.55 7.75
N GLY DD 122 53.46 69.34 7.59
CA GLY DD 122 54.29 68.18 7.75
C GLY DD 122 54.80 67.92 9.17
N ARG DD 123 55.96 68.49 9.49
CA ARG DD 123 56.59 68.27 10.79
C ARG DD 123 56.72 69.44 11.75
N CYS DD 124 57.07 70.61 11.23
CA CYS DD 124 57.24 71.76 12.08
C CYS DD 124 55.92 72.44 12.36
N TYR DD 125 55.29 72.03 13.47
CA TYR DD 125 54.00 72.57 13.88
C TYR DD 125 53.67 72.21 15.33
N ASP DD 126 53.46 73.22 16.16
CA ASP DD 126 53.14 73.04 17.57
C ASP DD 126 51.64 73.01 17.71
N ARG DD 127 51.09 71.88 18.13
CA ARG DD 127 49.64 71.76 18.24
C ARG DD 127 49.08 72.66 19.34
N GLU DD 128 49.53 72.45 20.57
CA GLU DD 128 49.06 73.24 21.71
C GLU DD 128 48.95 74.72 21.36
N ALA DD 129 50.04 75.26 20.81
CA ALA DD 129 50.11 76.66 20.42
C ALA DD 129 48.95 77.10 19.56
N TRP DD 130 48.73 76.39 18.45
CA TRP DD 130 47.64 76.73 17.56
C TRP DD 130 46.34 76.64 18.34
N ASP DD 131 46.11 75.48 18.95
CA ASP DD 131 44.89 75.29 19.72
C ASP DD 131 44.63 76.53 20.56
N ALA DD 132 45.62 76.89 21.36
CA ALA DD 132 45.49 78.05 22.23
C ALA DD 132 45.08 79.33 21.49
N CYS DD 133 45.76 79.64 20.40
CA CYS DD 133 45.47 80.85 19.65
C CYS DD 133 44.20 80.81 18.84
N ILE DD 134 43.96 79.72 18.15
CA ILE DD 134 42.73 79.64 17.37
C ILE DD 134 41.61 79.87 18.36
N ASP DD 135 41.79 79.35 19.57
CA ASP DD 135 40.81 79.50 20.62
C ASP DD 135 40.64 80.98 20.90
N HIS DD 136 41.69 81.63 21.36
CA HIS DD 136 41.62 83.05 21.68
C HIS DD 136 40.93 83.83 20.57
N ILE DD 137 41.19 83.45 19.33
CA ILE DD 137 40.59 84.16 18.21
C ILE DD 137 39.11 83.88 18.15
N GLU DD 138 38.73 82.62 18.36
CA GLU DD 138 37.33 82.26 18.32
C GLU DD 138 36.58 82.92 19.45
N ASP DD 139 37.17 82.92 20.64
CA ASP DD 139 36.51 83.54 21.78
C ASP DD 139 36.16 84.95 21.39
N GLY DD 140 37.11 85.65 20.80
CA GLY DD 140 36.88 87.02 20.39
C GLY DD 140 35.73 87.19 19.41
N ILE DD 141 35.28 86.09 18.81
CA ILE DD 141 34.20 86.15 17.84
C ILE DD 141 32.87 85.74 18.45
N LYS DD 142 32.92 84.89 19.47
CA LYS DD 142 31.71 84.45 20.11
C LYS DD 142 31.33 85.42 21.22
N GLY DD 143 32.37 85.89 21.94
CA GLY DD 143 31.98 86.87 22.91
C GLY DD 143 31.81 86.11 24.18
N HIS DD 144 32.45 84.94 24.19
CA HIS DD 144 31.93 83.76 24.79
C HIS DD 144 31.71 83.93 26.24
N HIS DD 145 30.47 83.58 26.60
CA HIS DD 145 29.59 84.31 27.46
C HIS DD 145 28.53 84.69 26.45
N LYS ED 1 -49.55 62.51 -81.85
CA LYS ED 1 -48.40 62.77 -82.72
C LYS ED 1 -48.30 64.16 -83.21
N LYS ED 2 -47.10 64.43 -83.74
CA LYS ED 2 -46.70 65.64 -84.34
C LYS ED 2 -47.36 65.83 -85.65
N GLN ED 3 -47.68 67.11 -85.91
CA GLN ED 3 -48.12 67.55 -87.18
C GLN ED 3 -46.94 67.67 -88.08
N CYS ED 4 -47.20 67.42 -89.38
CA CYS ED 4 -46.22 67.75 -90.36
C CYS ED 4 -46.51 69.12 -90.82
N GLY ED 5 -45.41 69.78 -91.18
CA GLY ED 5 -45.38 71.07 -91.78
C GLY ED 5 -43.95 71.45 -91.79
N VAL ED 6 -43.71 72.78 -91.82
CA VAL ED 6 -42.45 73.34 -92.13
C VAL ED 6 -41.38 72.82 -91.23
N LEU ED 7 -41.47 73.16 -89.95
CA LEU ED 7 -40.40 72.98 -88.99
C LEU ED 7 -39.92 71.53 -88.91
N GLU ED 8 -40.82 70.62 -88.55
CA GLU ED 8 -40.46 69.22 -88.44
C GLU ED 8 -39.69 68.77 -89.66
N GLY ED 9 -39.90 69.45 -90.77
CA GLY ED 9 -39.17 69.11 -91.96
C GLY ED 9 -37.73 69.56 -91.77
N LEU ED 10 -37.55 70.87 -91.56
CA LEU ED 10 -36.23 71.43 -91.34
C LEU ED 10 -35.44 70.60 -90.36
N LYS ED 11 -36.10 70.12 -89.29
CA LYS ED 11 -35.39 69.33 -88.32
C LYS ED 11 -34.90 68.04 -88.93
N VAL ED 12 -35.80 67.26 -89.53
CA VAL ED 12 -35.38 66.01 -90.16
C VAL ED 12 -34.34 66.25 -91.23
N LYS ED 13 -34.58 67.24 -92.07
CA LYS ED 13 -33.65 67.56 -93.15
C LYS ED 13 -32.25 67.81 -92.61
N SER ED 14 -32.16 68.43 -91.44
CA SER ED 14 -30.89 68.74 -90.82
C SER ED 14 -30.28 67.50 -90.21
N GLU ED 15 -31.04 66.84 -89.36
CA GLU ED 15 -30.57 65.63 -88.69
C GLU ED 15 -30.16 64.58 -89.71
N TRP ED 16 -30.89 64.50 -90.81
CA TRP ED 16 -30.58 63.52 -91.84
C TRP ED 16 -29.19 63.84 -92.36
N GLY ED 17 -28.90 65.12 -92.47
CA GLY ED 17 -27.59 65.52 -92.95
C GLY ED 17 -26.48 64.88 -92.13
N ARG ED 18 -26.65 64.87 -90.82
CA ARG ED 18 -25.66 64.30 -89.92
C ARG ED 18 -25.64 62.79 -89.99
N ALA ED 19 -26.80 62.16 -89.99
CA ALA ED 19 -26.88 60.70 -90.02
C ALA ED 19 -26.41 60.09 -91.32
N TYR ED 20 -26.76 60.72 -92.44
CA TYR ED 20 -26.39 60.23 -93.76
C TYR ED 20 -24.88 60.19 -93.87
N GLY ED 21 -24.26 61.34 -93.67
CA GLY ED 21 -22.81 61.42 -93.72
C GLY ED 21 -22.31 61.10 -95.11
N SER ED 22 -21.09 60.60 -95.22
CA SER ED 22 -20.49 60.29 -96.51
C SER ED 22 -19.41 59.24 -96.46
N GLY ED 23 -18.89 58.89 -97.63
CA GLY ED 23 -17.83 57.89 -97.71
C GLY ED 23 -18.21 56.50 -97.21
N HIS ED 24 -17.46 56.01 -96.24
CA HIS ED 24 -17.72 54.71 -95.67
C HIS ED 24 -18.90 54.75 -94.74
N ASP ED 25 -18.97 55.77 -93.89
CA ASP ED 25 -20.09 55.91 -92.98
C ASP ED 25 -21.36 55.63 -93.76
N ARG ED 26 -21.43 56.16 -94.98
CA ARG ED 26 -22.57 55.98 -95.83
C ARG ED 26 -22.70 54.50 -96.23
N GLU ED 27 -21.69 53.96 -96.89
CA GLU ED 27 -21.71 52.56 -97.32
C GLU ED 27 -22.15 51.62 -96.19
N ALA ED 28 -21.98 52.06 -94.94
CA ALA ED 28 -22.38 51.26 -93.79
C ALA ED 28 -23.78 51.65 -93.40
N PHE ED 29 -23.98 52.93 -93.17
CA PHE ED 29 -25.30 53.47 -92.81
C PHE ED 29 -26.37 52.72 -93.58
N SER ED 30 -26.20 52.66 -94.90
CA SER ED 30 -27.14 51.95 -95.77
C SER ED 30 -27.12 50.48 -95.41
N GLN ED 31 -25.93 49.91 -95.33
CA GLN ED 31 -25.77 48.50 -94.98
C GLN ED 31 -26.61 48.18 -93.76
N ALA ED 32 -26.35 48.89 -92.68
CA ALA ED 32 -27.07 48.69 -91.41
C ALA ED 32 -28.56 48.73 -91.62
N ILE ED 33 -29.02 49.77 -92.28
CA ILE ED 33 -30.44 49.93 -92.55
C ILE ED 33 -31.05 48.71 -93.23
N TRP ED 34 -30.47 48.28 -94.34
CA TRP ED 34 -31.00 47.12 -95.03
C TRP ED 34 -30.99 45.88 -94.17
N ARG ED 35 -29.91 45.65 -93.44
CA ARG ED 35 -29.85 44.47 -92.60
C ARG ED 35 -31.00 44.48 -91.62
N ALA ED 36 -31.30 45.67 -91.09
CA ALA ED 36 -32.39 45.83 -90.15
C ALA ED 36 -33.72 45.57 -90.84
N THR ED 37 -33.83 46.01 -92.09
CA THR ED 37 -35.06 45.80 -92.84
C THR ED 37 -35.29 44.33 -93.09
N PHE ED 38 -34.35 43.70 -93.77
CA PHE ED 38 -34.47 42.28 -94.09
C PHE ED 38 -34.64 41.41 -92.85
N ALA ED 39 -34.02 41.81 -91.75
CA ALA ED 39 -34.13 41.05 -90.51
C ALA ED 39 -35.58 41.03 -90.05
N GLN ED 40 -36.29 42.13 -90.32
CA GLN ED 40 -37.70 42.26 -89.94
C GLN ED 40 -38.59 41.46 -90.84
N VAL ED 41 -38.43 41.62 -92.14
CA VAL ED 41 -39.25 40.90 -93.08
C VAL ED 41 -38.41 40.12 -94.09
N PRO ED 42 -37.86 38.97 -93.67
CA PRO ED 42 -37.04 38.18 -94.59
C PRO ED 42 -37.74 37.90 -95.92
N GLU ED 43 -39.08 37.92 -95.89
CA GLU ED 43 -39.89 37.67 -97.08
C GLU ED 43 -39.47 38.58 -98.25
N SER ED 44 -39.21 39.85 -97.92
CA SER ED 44 -38.84 40.85 -98.91
C SER ED 44 -37.55 40.62 -99.68
N ARG ED 45 -36.67 39.76 -99.17
CA ARG ED 45 -35.43 39.53 -99.88
C ARG ED 45 -35.71 39.11 -101.31
N SER ED 46 -36.82 38.41 -101.52
CA SER ED 46 -37.18 37.94 -102.85
C SER ED 46 -37.33 39.04 -103.92
N LEU ED 47 -37.66 40.26 -103.50
CA LEU ED 47 -37.83 41.34 -104.46
C LEU ED 47 -36.53 41.85 -105.03
N PHE ED 48 -35.46 41.76 -104.24
CA PHE ED 48 -34.17 42.24 -104.70
C PHE ED 48 -33.29 41.10 -105.16
N LYS ED 49 -33.92 40.07 -105.73
CA LYS ED 49 -33.19 38.92 -106.23
C LYS ED 49 -32.34 39.39 -107.42
N ARG ED 50 -32.81 40.43 -108.10
CA ARG ED 50 -32.13 40.96 -109.28
C ARG ED 50 -30.83 41.65 -108.94
N VAL ED 51 -30.77 42.22 -107.74
CA VAL ED 51 -29.57 42.93 -107.32
C VAL ED 51 -28.95 42.27 -106.08
N HIS ED 52 -28.69 40.97 -106.22
CA HIS ED 52 -28.09 40.18 -105.16
C HIS ED 52 -28.59 40.55 -103.76
N GLY ED 53 -29.87 40.32 -103.52
CA GLY ED 53 -30.46 40.60 -102.23
C GLY ED 53 -30.09 39.48 -101.29
N ASP ED 54 -29.63 38.36 -101.83
CA ASP ED 54 -29.24 37.22 -101.00
C ASP ED 54 -28.06 37.57 -100.11
N ASP ED 55 -27.11 38.32 -100.65
CA ASP ED 55 -25.91 38.71 -99.89
C ASP ED 55 -25.82 40.23 -99.80
N THR ED 56 -26.28 40.76 -98.67
CA THR ED 56 -26.27 42.19 -98.43
C THR ED 56 -24.91 42.86 -98.64
N SER ED 57 -23.83 42.09 -98.60
CA SER ED 57 -22.47 42.61 -98.78
C SER ED 57 -21.92 42.55 -100.22
N HIS ED 58 -22.74 42.08 -101.15
CA HIS ED 58 -22.32 41.98 -102.54
C HIS ED 58 -22.35 43.34 -103.18
N PRO ED 59 -21.28 43.70 -103.90
CA PRO ED 59 -21.21 45.00 -104.56
C PRO ED 59 -22.50 45.44 -105.22
N ALA ED 60 -23.09 44.54 -105.99
CA ALA ED 60 -24.33 44.84 -106.69
C ALA ED 60 -25.33 45.46 -105.71
N PHE ED 61 -25.55 44.78 -104.60
CA PHE ED 61 -26.47 45.25 -103.60
C PHE ED 61 -25.97 46.50 -102.92
N ILE ED 62 -24.66 46.56 -102.66
CA ILE ED 62 -24.06 47.72 -102.00
C ILE ED 62 -24.46 48.92 -102.80
N ALA ED 63 -24.31 48.77 -104.11
CA ALA ED 63 -24.65 49.82 -105.04
C ALA ED 63 -26.11 50.14 -104.81
N HIS ED 64 -26.96 49.14 -105.03
CA HIS ED 64 -28.39 49.32 -104.84
C HIS ED 64 -28.72 50.11 -103.59
N ALA ED 65 -28.19 49.67 -102.45
CA ALA ED 65 -28.45 50.34 -101.19
C ALA ED 65 -28.06 51.79 -101.28
N ASP ED 66 -26.79 52.03 -101.51
CA ASP ED 66 -26.28 53.39 -101.63
C ASP ED 66 -27.14 54.19 -102.63
N ARG ED 67 -27.73 53.48 -103.60
CA ARG ED 67 -28.54 54.09 -104.65
C ARG ED 67 -29.91 54.46 -104.12
N VAL ED 68 -30.41 53.64 -103.20
CA VAL ED 68 -31.72 53.86 -102.62
C VAL ED 68 -31.69 55.07 -101.70
N LEU ED 69 -30.79 55.04 -100.73
CA LEU ED 69 -30.65 56.15 -99.81
C LEU ED 69 -30.59 57.40 -100.65
N GLY ED 70 -29.92 57.31 -101.79
CA GLY ED 70 -29.80 58.46 -102.69
C GLY ED 70 -31.15 59.14 -102.91
N GLY ED 71 -32.14 58.37 -103.32
CA GLY ED 71 -33.45 58.93 -103.54
C GLY ED 71 -33.97 59.53 -102.26
N LEU ED 72 -33.92 58.74 -101.19
CA LEU ED 72 -34.39 59.20 -99.89
C LEU ED 72 -33.77 60.55 -99.59
N ASP ED 73 -32.51 60.74 -100.00
CA ASP ED 73 -31.84 61.99 -99.78
C ASP ED 73 -32.64 63.06 -100.51
N ILE ED 74 -32.71 62.94 -101.82
CA ILE ED 74 -33.45 63.92 -102.60
C ILE ED 74 -34.78 64.24 -101.94
N ALA ED 75 -35.49 63.19 -101.51
CA ALA ED 75 -36.78 63.38 -100.87
C ALA ED 75 -36.64 64.33 -99.68
N ILE ED 76 -35.98 63.84 -98.65
CA ILE ED 76 -35.78 64.61 -97.45
C ILE ED 76 -35.22 65.98 -97.76
N SER ED 77 -34.14 66.06 -98.56
CA SER ED 77 -33.50 67.32 -98.77
C SER ED 77 -34.45 68.32 -99.39
N THR ED 78 -35.16 67.95 -100.47
CA THR ED 78 -36.11 68.84 -101.09
C THR ED 78 -37.22 69.12 -100.13
N LEU ED 79 -37.53 68.15 -99.24
CA LEU ED 79 -38.86 67.78 -98.88
C LEU ED 79 -39.63 68.98 -98.45
N ASP ED 80 -39.07 69.78 -97.54
CA ASP ED 80 -39.90 70.75 -96.86
C ASP ED 80 -40.39 71.78 -97.81
N GLN ED 81 -39.56 72.24 -98.78
CA GLN ED 81 -40.14 73.09 -99.78
C GLN ED 81 -40.94 72.16 -100.65
N PRO ED 82 -42.23 72.56 -100.78
CA PRO ED 82 -43.35 71.87 -101.43
C PRO ED 82 -43.18 71.73 -102.94
N ALA ED 83 -42.77 72.82 -103.58
CA ALA ED 83 -42.58 72.84 -105.03
C ALA ED 83 -41.73 71.66 -105.49
N THR ED 84 -40.50 71.60 -104.99
CA THR ED 84 -39.55 70.56 -105.36
C THR ED 84 -39.99 69.19 -104.88
N LEU ED 85 -40.23 69.06 -103.58
CA LEU ED 85 -40.67 67.79 -103.01
C LEU ED 85 -41.71 67.17 -103.91
N LYS ED 86 -42.74 67.96 -104.18
CA LYS ED 86 -43.82 67.53 -105.05
C LYS ED 86 -43.21 66.73 -106.21
N GLU ED 87 -42.25 67.35 -106.88
CA GLU ED 87 -41.62 66.71 -108.02
C GLU ED 87 -40.99 65.37 -107.68
N GLU ED 88 -40.09 65.36 -106.72
CA GLU ED 88 -39.42 64.11 -106.34
C GLU ED 88 -40.44 63.04 -106.04
N LEU ED 89 -41.41 63.36 -105.19
CA LEU ED 89 -42.42 62.38 -104.86
C LEU ED 89 -43.06 61.86 -106.12
N ASP ED 90 -43.51 62.77 -106.96
CA ASP ED 90 -44.13 62.39 -108.23
C ASP ED 90 -43.22 61.45 -109.01
N HIS ED 91 -41.94 61.79 -109.08
CA HIS ED 91 -40.97 60.98 -109.79
C HIS ED 91 -41.01 59.56 -109.22
N LEU ED 92 -40.93 59.45 -107.91
CA LEU ED 92 -40.95 58.16 -107.25
C LEU ED 92 -42.24 57.46 -107.62
N GLN ED 93 -43.35 58.17 -107.41
CA GLN ED 93 -44.67 57.64 -107.68
C GLN ED 93 -44.65 56.80 -108.93
N VAL ED 94 -44.01 57.31 -109.98
CA VAL ED 94 -43.92 56.61 -111.25
C VAL ED 94 -43.10 55.32 -111.15
N GLN ED 95 -41.90 55.40 -110.62
CA GLN ED 95 -41.04 54.22 -110.51
C GLN ED 95 -41.74 53.12 -109.73
N HIS ED 96 -42.84 53.44 -109.07
CA HIS ED 96 -43.57 52.45 -108.27
C HIS ED 96 -44.92 51.99 -108.82
N GLU ED 97 -45.57 52.92 -109.53
CA GLU ED 97 -46.86 52.68 -110.08
C GLU ED 97 -46.68 51.70 -111.19
N GLY ED 98 -47.65 50.78 -111.30
CA GLY ED 98 -47.56 49.62 -112.10
C GLY ED 98 -47.37 48.46 -111.19
N ARG ED 99 -46.76 48.69 -110.03
CA ARG ED 99 -46.52 47.57 -109.20
C ARG ED 99 -47.44 47.66 -108.05
N LYS ED 100 -47.83 46.52 -107.45
CA LYS ED 100 -48.30 46.84 -106.15
C LYS ED 100 -47.31 46.31 -105.16
N ILE ED 101 -47.09 47.20 -104.18
CA ILE ED 101 -46.11 47.17 -103.13
C ILE ED 101 -46.81 47.46 -101.86
N PRO ED 102 -46.82 46.38 -101.19
CA PRO ED 102 -47.51 46.16 -99.96
C PRO ED 102 -46.85 46.97 -98.93
N ASP ED 103 -47.70 47.51 -98.00
CA ASP ED 103 -47.43 48.57 -97.05
C ASP ED 103 -46.70 47.97 -95.85
N ASN ED 104 -46.69 46.65 -95.79
CA ASN ED 104 -46.05 45.92 -94.74
C ASN ED 104 -44.57 46.18 -94.77
N TYR ED 105 -43.96 46.07 -95.95
CA TYR ED 105 -42.51 46.28 -96.10
C TYR ED 105 -42.10 47.71 -95.81
N PHE ED 106 -42.73 48.66 -96.47
CA PHE ED 106 -42.40 50.06 -96.24
C PHE ED 106 -42.33 50.34 -94.76
N ASP ED 107 -43.27 49.77 -94.02
CA ASP ED 107 -43.31 49.96 -92.58
C ASP ED 107 -41.98 49.53 -91.97
N ALA ED 108 -41.54 48.32 -92.29
CA ALA ED 108 -40.28 47.79 -91.75
C ALA ED 108 -39.10 48.66 -92.14
N PHE ED 109 -39.04 49.03 -93.42
CA PHE ED 109 -37.97 49.86 -93.92
C PHE ED 109 -37.91 51.18 -93.17
N LYS ED 110 -39.06 51.72 -92.79
CA LYS ED 110 -39.09 52.98 -92.03
C LYS ED 110 -38.46 52.70 -90.67
N THR ED 111 -38.99 51.70 -90.00
CA THR ED 111 -38.48 51.30 -88.72
C THR ED 111 -36.96 51.16 -88.81
N ALA ED 112 -36.50 50.39 -89.80
CA ALA ED 112 -35.07 50.22 -89.97
C ALA ED 112 -34.39 51.59 -89.94
N ILE ED 113 -34.71 52.44 -90.92
CA ILE ED 113 -34.13 53.78 -91.00
C ILE ED 113 -34.11 54.45 -89.65
N LEU ED 114 -35.27 54.55 -89.01
CA LEU ED 114 -35.34 55.18 -87.71
C LEU ED 114 -34.37 54.61 -86.69
N HIS ED 115 -34.37 53.30 -86.51
CA HIS ED 115 -33.46 52.71 -85.55
C HIS ED 115 -32.01 53.00 -85.86
N VAL ED 116 -31.60 52.85 -87.11
CA VAL ED 116 -30.24 53.12 -87.46
C VAL ED 116 -29.94 54.61 -87.22
N VAL ED 117 -30.74 55.50 -87.77
CA VAL ED 117 -30.53 56.93 -87.60
C VAL ED 117 -30.36 57.25 -86.13
N ALA ED 118 -31.23 56.73 -85.29
CA ALA ED 118 -31.13 56.97 -83.87
C ALA ED 118 -29.79 56.47 -83.33
N ALA ED 119 -29.35 55.31 -83.82
CA ALA ED 119 -28.08 54.76 -83.37
C ALA ED 119 -26.94 55.67 -83.80
N GLN ED 120 -27.06 56.25 -85.00
CA GLN ED 120 -26.04 57.13 -85.54
C GLN ED 120 -25.97 58.53 -84.93
N LEU ED 121 -27.11 59.12 -84.60
CA LEU ED 121 -27.12 60.48 -84.04
C LEU ED 121 -26.91 60.56 -82.53
N GLY ED 122 -26.88 59.42 -81.88
CA GLY ED 122 -26.69 59.44 -80.44
C GLY ED 122 -27.81 60.05 -79.64
N ARG ED 123 -27.73 61.35 -79.40
CA ARG ED 123 -28.73 62.02 -78.57
C ARG ED 123 -29.67 63.04 -79.22
N CYS ED 124 -29.13 63.86 -80.12
CA CYS ED 124 -29.95 64.87 -80.77
C CYS ED 124 -30.71 64.30 -81.94
N TYR ED 125 -31.94 63.85 -81.67
CA TYR ED 125 -32.78 63.25 -82.69
C TYR ED 125 -34.22 63.14 -82.21
N ASP ED 126 -35.13 63.77 -82.94
CA ASP ED 126 -36.57 63.76 -82.61
C ASP ED 126 -37.20 62.60 -83.35
N ARG ED 127 -37.73 61.63 -82.61
CA ARG ED 127 -38.33 60.46 -83.23
C ARG ED 127 -39.61 60.82 -84.00
N GLU ED 128 -40.60 61.35 -83.29
CA GLU ED 128 -41.87 61.71 -83.91
C GLU ED 128 -41.66 62.39 -85.26
N ALA ED 129 -40.80 63.41 -85.26
CA ALA ED 129 -40.50 64.18 -86.45
C ALA ED 129 -40.11 63.30 -87.62
N TRP ED 130 -39.11 62.46 -87.43
CA TRP ED 130 -38.68 61.57 -88.49
C TRP ED 130 -39.84 60.71 -88.91
N ASP ED 131 -40.41 60.02 -87.95
CA ASP ED 131 -41.54 59.15 -88.24
C ASP ED 131 -42.49 59.89 -89.19
N ALA ED 132 -42.92 61.07 -88.77
CA ALA ED 132 -43.85 61.85 -89.57
C ALA ED 132 -43.40 62.08 -91.00
N CYS ED 133 -42.15 62.52 -91.16
CA CYS ED 133 -41.62 62.80 -92.50
C CYS ED 133 -41.30 61.58 -93.35
N ILE ED 134 -40.65 60.59 -92.77
CA ILE ED 134 -40.36 59.38 -93.51
C ILE ED 134 -41.67 58.88 -94.04
N ASP ED 135 -42.72 59.03 -93.23
CA ASP ED 135 -44.05 58.61 -93.59
C ASP ED 135 -44.47 59.39 -94.82
N HIS ED 136 -44.56 60.71 -94.68
CA HIS ED 136 -44.98 61.56 -95.80
C HIS ED 136 -44.22 61.19 -97.06
N ILE ED 137 -42.93 60.89 -96.93
CA ILE ED 137 -42.15 60.53 -98.11
C ILE ED 137 -42.58 59.18 -98.65
N GLU ED 138 -42.83 58.22 -97.77
CA GLU ED 138 -43.26 56.92 -98.22
C GLU ED 138 -44.61 56.99 -98.88
N ASP ED 139 -45.52 57.76 -98.28
CA ASP ED 139 -46.84 57.88 -98.85
C ASP ED 139 -46.69 58.32 -100.30
N GLY ED 140 -45.85 59.31 -100.53
CA GLY ED 140 -45.65 59.81 -101.86
C GLY ED 140 -45.12 58.77 -102.83
N ILE ED 141 -44.66 57.64 -102.31
CA ILE ED 141 -44.12 56.60 -103.17
C ILE ED 141 -45.11 55.47 -103.38
N LYS ED 142 -45.99 55.29 -102.42
CA LYS ED 142 -46.98 54.24 -102.53
C LYS ED 142 -48.22 54.79 -103.24
N GLY ED 143 -48.52 56.06 -102.90
CA GLY ED 143 -49.44 56.81 -103.67
C GLY ED 143 -50.74 56.14 -103.49
N HIS ED 144 -50.98 55.77 -102.21
CA HIS ED 144 -52.29 55.46 -101.70
C HIS ED 144 -52.69 56.68 -100.94
N HIS ED 145 -52.92 57.76 -101.70
CA HIS ED 145 -53.79 58.84 -101.36
C HIS ED 145 -55.06 58.35 -102.01
N HIS FD 20 -3.40 52.36 -115.03
CA HIS FD 20 -4.39 51.29 -114.72
C HIS FD 20 -4.87 51.43 -113.33
N GLU FD 21 -4.18 50.77 -112.37
CA GLU FD 21 -4.60 51.06 -111.05
C GLU FD 21 -4.19 52.47 -110.78
N HIS FD 22 -2.93 52.78 -111.12
CA HIS FD 22 -2.27 53.87 -110.49
C HIS FD 22 -3.06 55.12 -110.76
N CYS FD 23 -3.54 55.24 -112.02
CA CYS FD 23 -4.55 56.17 -112.39
C CYS FD 23 -5.81 55.61 -111.84
N CYS FD 24 -6.08 56.05 -110.62
CA CYS FD 24 -7.18 56.85 -110.21
C CYS FD 24 -7.17 56.45 -108.81
N SER FD 25 -6.36 57.18 -108.06
CA SER FD 25 -5.71 56.37 -107.10
C SER FD 25 -6.57 56.36 -105.91
N GLU FD 26 -6.12 55.57 -104.91
CA GLU FD 26 -6.61 55.80 -103.56
C GLU FD 26 -6.41 57.26 -103.13
N GLU FD 27 -5.17 57.72 -103.18
CA GLU FD 27 -4.92 59.10 -102.79
C GLU FD 27 -5.77 60.00 -103.68
N ASP FD 28 -5.70 59.80 -104.98
CA ASP FD 28 -6.47 60.60 -105.91
C ASP FD 28 -7.88 60.82 -105.43
N HIS FD 29 -8.67 59.76 -105.34
CA HIS FD 29 -10.03 59.96 -104.92
C HIS FD 29 -10.17 60.33 -103.46
N ARG FD 30 -9.28 59.86 -102.60
CA ARG FD 30 -9.38 60.23 -101.19
C ARG FD 30 -9.46 61.78 -101.22
N ILE FD 31 -8.69 62.38 -102.14
CA ILE FD 31 -8.66 63.82 -102.28
C ILE FD 31 -10.00 64.30 -102.77
N VAL FD 32 -10.40 63.81 -103.94
CA VAL FD 32 -11.66 64.22 -104.51
C VAL FD 32 -12.74 64.19 -103.45
N GLN FD 33 -12.88 63.05 -102.79
CA GLN FD 33 -13.89 62.93 -101.76
C GLN FD 33 -13.81 64.04 -100.74
N LYS FD 34 -12.61 64.29 -100.24
CA LYS FD 34 -12.43 65.33 -99.23
C LYS FD 34 -12.90 66.69 -99.75
N GLN FD 35 -12.46 67.03 -100.95
CA GLN FD 35 -12.79 68.31 -101.54
C GLN FD 35 -14.26 68.46 -101.89
N TRP FD 36 -14.89 67.37 -102.27
CA TRP FD 36 -16.29 67.42 -102.65
C TRP FD 36 -17.14 67.61 -101.42
N ASP FD 37 -16.57 67.33 -100.26
CA ASP FD 37 -17.30 67.49 -99.02
C ASP FD 37 -17.34 68.92 -98.52
N ILE FD 38 -16.37 69.72 -98.93
CA ILE FD 38 -16.33 71.13 -98.52
C ILE FD 38 -17.68 71.74 -98.84
N LEU FD 39 -18.35 71.19 -99.84
CA LEU FD 39 -19.65 71.67 -100.28
C LEU FD 39 -20.82 71.46 -99.32
N TRP FD 40 -21.04 70.23 -98.89
CA TRP FD 40 -22.16 69.91 -98.02
C TRP FD 40 -21.97 70.19 -96.52
N ARG FD 41 -21.24 71.24 -96.19
CA ARG FD 41 -21.03 71.59 -94.78
C ARG FD 41 -22.30 72.19 -94.18
N ASP FD 42 -23.04 72.98 -94.97
CA ASP FD 42 -24.28 73.58 -94.48
C ASP FD 42 -25.51 72.79 -94.89
N THR FD 43 -26.47 72.76 -93.99
CA THR FD 43 -27.71 72.00 -94.19
C THR FD 43 -28.51 72.31 -95.45
N GLU FD 44 -28.30 73.47 -96.05
CA GLU FD 44 -29.06 73.80 -97.25
C GLU FD 44 -28.45 73.23 -98.52
N SER FD 45 -28.13 71.94 -98.48
CA SER FD 45 -27.54 71.25 -99.62
C SER FD 45 -28.43 71.36 -100.85
N SER FD 46 -29.73 71.22 -100.64
CA SER FD 46 -30.69 71.30 -101.72
C SER FD 46 -30.48 72.55 -102.57
N LYS FD 47 -30.53 73.70 -101.92
CA LYS FD 47 -30.34 74.98 -102.60
C LYS FD 47 -29.07 74.96 -103.45
N ILE FD 48 -28.01 74.38 -102.89
CA ILE FD 48 -26.75 74.29 -103.60
C ILE FD 48 -26.84 73.28 -104.73
N LYS FD 49 -26.94 72.00 -104.38
CA LYS FD 49 -27.02 70.95 -105.39
C LYS FD 49 -27.85 71.41 -106.57
N ILE FD 50 -29.03 71.96 -106.30
CA ILE FD 50 -29.93 72.43 -107.35
C ILE FD 50 -29.25 73.50 -108.17
N GLY FD 51 -29.02 74.65 -107.55
CA GLY FD 51 -28.38 75.74 -108.25
C GLY FD 51 -27.19 75.29 -109.07
N PHE FD 52 -26.31 74.52 -108.46
CA PHE FD 52 -25.11 74.03 -109.14
C PHE FD 52 -25.47 73.11 -110.30
N GLY FD 53 -26.24 72.09 -110.01
CA GLY FD 53 -26.63 71.15 -111.06
C GLY FD 53 -27.41 71.86 -112.16
N ARG FD 54 -28.21 72.83 -111.75
CA ARG FD 54 -29.01 73.58 -112.67
C ARG FD 54 -28.06 74.22 -113.64
N LEU FD 55 -27.15 75.01 -113.10
CA LEU FD 55 -26.15 75.70 -113.92
C LEU FD 55 -25.40 74.74 -114.82
N LEU FD 56 -24.90 73.64 -114.24
CA LEU FD 56 -24.15 72.66 -115.01
C LEU FD 56 -24.91 72.17 -116.23
N LEU FD 57 -26.18 71.82 -116.08
CA LEU FD 57 -26.94 71.34 -117.22
C LEU FD 57 -27.22 72.48 -118.20
N THR FD 58 -27.56 73.66 -117.68
CA THR FD 58 -27.81 74.83 -118.51
C THR FD 58 -26.61 75.08 -119.43
N LYS FD 59 -25.46 75.30 -118.82
CA LYS FD 59 -24.21 75.56 -119.55
C LYS FD 59 -23.93 74.43 -120.54
N LEU FD 60 -24.61 73.30 -120.40
CA LEU FD 60 -24.40 72.22 -121.34
C LEU FD 60 -25.27 72.51 -122.54
N ALA FD 61 -26.54 72.77 -122.29
CA ALA FD 61 -27.49 73.08 -123.36
C ALA FD 61 -27.03 74.33 -124.13
N LYS FD 62 -26.28 75.18 -123.44
CA LYS FD 62 -25.76 76.38 -124.06
C LYS FD 62 -24.78 76.02 -125.18
N ASP FD 63 -23.82 75.13 -124.88
CA ASP FD 63 -22.80 74.72 -125.84
C ASP FD 63 -23.28 73.67 -126.83
N ILE FD 64 -24.32 72.93 -126.47
CA ILE FD 64 -24.86 71.91 -127.35
C ILE FD 64 -26.37 71.86 -127.14
N PRO FD 65 -27.13 72.55 -128.00
CA PRO FD 65 -28.60 72.64 -127.97
C PRO FD 65 -29.40 71.36 -128.19
N GLU FD 66 -28.88 70.45 -129.01
CA GLU FD 66 -29.61 69.22 -129.26
C GLU FD 66 -29.93 68.55 -127.92
N VAL FD 67 -29.39 69.11 -126.85
CA VAL FD 67 -29.59 68.63 -125.49
C VAL FD 67 -30.94 69.09 -124.98
N ASN FD 68 -31.24 70.37 -125.21
CA ASN FD 68 -32.50 70.94 -124.77
C ASN FD 68 -33.68 70.02 -125.03
N ASP FD 69 -33.62 69.28 -126.14
CA ASP FD 69 -34.70 68.36 -126.49
C ASP FD 69 -34.72 67.11 -125.64
N LEU FD 70 -33.56 66.72 -125.16
CA LEU FD 70 -33.45 65.54 -124.33
C LEU FD 70 -34.03 65.80 -122.96
N PHE FD 71 -33.69 66.97 -122.41
CA PHE FD 71 -34.15 67.39 -121.09
C PHE FD 71 -35.52 68.06 -121.18
N LYS FD 72 -36.15 67.95 -122.33
CA LYS FD 72 -37.46 68.52 -122.56
C LYS FD 72 -38.43 67.87 -121.59
N ARG FD 73 -38.31 66.55 -121.48
CA ARG FD 73 -39.14 65.72 -120.61
C ARG FD 73 -39.20 66.23 -119.18
N VAL FD 74 -38.13 66.87 -118.73
CA VAL FD 74 -38.06 67.40 -117.37
C VAL FD 74 -38.22 68.90 -117.30
N ASP FD 75 -38.87 69.46 -118.31
CA ASP FD 75 -39.13 70.89 -118.36
C ASP FD 75 -37.87 71.71 -118.12
N ILE FD 76 -36.83 71.44 -118.90
CA ILE FD 76 -35.57 72.17 -118.76
C ILE FD 76 -35.82 73.61 -119.17
N GLU FD 77 -36.91 73.82 -119.90
CA GLU FD 77 -37.28 75.14 -120.36
C GLU FD 77 -37.43 76.08 -119.15
N HIS FD 78 -37.90 75.54 -118.04
CA HIS FD 78 -38.05 76.32 -116.82
C HIS FD 78 -36.99 75.88 -115.83
N ALA FD 79 -35.82 76.49 -115.93
CA ALA FD 79 -34.71 76.15 -115.05
C ALA FD 79 -35.10 76.09 -113.57
N GLU FD 80 -35.84 77.10 -113.11
CA GLU FD 80 -36.28 77.19 -111.71
C GLU FD 80 -37.55 76.37 -111.43
N GLY FD 81 -38.11 75.82 -112.50
CA GLY FD 81 -39.31 75.01 -112.36
C GLY FD 81 -39.05 73.73 -111.59
N PRO FD 82 -39.86 73.44 -110.57
CA PRO FD 82 -39.67 72.24 -109.78
C PRO FD 82 -39.35 71.02 -110.65
N LYS FD 83 -40.10 70.85 -111.73
CA LYS FD 83 -39.88 69.72 -112.63
C LYS FD 83 -38.38 69.51 -112.88
N PHE FD 84 -37.70 70.59 -113.24
CA PHE FD 84 -36.27 70.54 -113.52
C PHE FD 84 -35.45 70.53 -112.24
N SER FD 85 -35.81 71.37 -111.28
CA SER FD 85 -35.07 71.43 -110.03
C SER FD 85 -34.92 70.04 -109.46
N ALA FD 86 -36.00 69.26 -109.51
CA ALA FD 86 -35.95 67.91 -109.00
C ALA FD 86 -34.86 67.21 -109.76
N HIS FD 87 -34.97 67.22 -111.08
CA HIS FD 87 -33.98 66.59 -111.95
C HIS FD 87 -32.57 67.03 -111.58
N ALA FD 88 -32.36 68.33 -111.49
CA ALA FD 88 -31.07 68.87 -111.12
C ALA FD 88 -30.50 68.07 -109.97
N LEU FD 89 -31.34 67.78 -108.97
CA LEU FD 89 -30.90 67.00 -107.84
C LEU FD 89 -30.53 65.60 -108.27
N ARG FD 90 -31.50 64.83 -108.74
CA ARG FD 90 -31.25 63.47 -109.19
C ARG FD 90 -29.87 63.29 -109.85
N ILE FD 91 -29.58 64.09 -110.86
CA ILE FD 91 -28.29 63.98 -111.53
C ILE FD 91 -27.16 64.32 -110.60
N LEU FD 92 -27.14 65.57 -110.14
CA LEU FD 92 -26.12 66.06 -109.24
C LEU FD 92 -25.94 65.06 -108.09
N ASN FD 93 -27.04 64.51 -107.60
CA ASN FD 93 -27.02 63.55 -106.51
C ASN FD 93 -26.44 62.23 -106.98
N GLY FD 94 -26.57 61.94 -108.26
CA GLY FD 94 -26.03 60.70 -108.80
C GLY FD 94 -24.52 60.82 -108.81
N LEU FD 95 -24.04 61.98 -109.20
CA LEU FD 95 -22.61 62.23 -109.21
C LEU FD 95 -22.10 62.01 -107.81
N ASP FD 96 -22.90 62.42 -106.81
CA ASP FD 96 -22.51 62.23 -105.39
C ASP FD 96 -22.27 60.75 -105.19
N LEU FD 97 -23.32 59.96 -105.44
CA LEU FD 97 -23.22 58.51 -105.31
C LEU FD 97 -21.93 58.01 -105.92
N ALA FD 98 -21.65 58.39 -107.16
CA ALA FD 98 -20.44 57.96 -107.83
C ALA FD 98 -19.23 58.26 -106.97
N ILE FD 99 -19.08 59.54 -106.60
CA ILE FD 99 -17.95 59.95 -105.79
C ILE FD 99 -17.89 59.19 -104.47
N ASN FD 100 -18.99 59.10 -103.75
CA ASN FD 100 -19.01 58.40 -102.48
C ASN FD 100 -18.78 56.89 -102.54
N LEU FD 101 -18.72 56.33 -103.74
CA LEU FD 101 -18.48 54.90 -103.86
C LEU FD 101 -17.10 54.68 -104.46
N LEU FD 102 -16.36 55.76 -104.62
CA LEU FD 102 -15.04 55.67 -105.20
C LEU FD 102 -14.15 54.74 -104.44
N ASP FD 103 -14.44 54.55 -103.15
CA ASP FD 103 -13.61 53.66 -102.36
C ASP FD 103 -14.28 52.30 -102.20
N ASP FD 104 -14.55 51.64 -103.32
CA ASP FD 104 -15.18 50.31 -103.37
C ASP FD 104 -15.48 50.06 -104.84
N PRO FD 105 -14.43 49.93 -105.65
CA PRO FD 105 -14.54 49.69 -107.10
C PRO FD 105 -15.68 48.79 -107.57
N PRO FD 106 -15.82 47.60 -106.99
CA PRO FD 106 -16.92 46.71 -107.43
C PRO FD 106 -18.30 47.35 -107.31
N ALA FD 107 -18.54 48.01 -106.16
CA ALA FD 107 -19.80 48.68 -105.90
C ALA FD 107 -19.94 49.83 -106.88
N LEU FD 108 -18.94 50.71 -106.86
CA LEU FD 108 -18.96 51.85 -107.76
C LEU FD 108 -19.25 51.38 -109.17
N ASP FD 109 -18.54 50.34 -109.57
CA ASP FD 109 -18.71 49.79 -110.91
C ASP FD 109 -20.20 49.55 -111.12
N ALA FD 110 -20.75 48.62 -110.34
CA ALA FD 110 -22.17 48.31 -110.45
C ALA FD 110 -23.00 49.57 -110.47
N ALA FD 111 -22.78 50.46 -109.51
CA ALA FD 111 -23.52 51.70 -109.40
C ALA FD 111 -23.54 52.49 -110.70
N LEU FD 112 -22.39 52.54 -111.36
CA LEU FD 112 -22.25 53.27 -112.60
C LEU FD 112 -22.87 52.52 -113.78
N ASP FD 113 -22.62 51.22 -113.86
CA ASP FD 113 -23.17 50.40 -114.94
C ASP FD 113 -24.68 50.69 -115.01
N HIS FD 114 -25.29 50.69 -113.82
CA HIS FD 114 -26.72 50.95 -113.70
C HIS FD 114 -27.01 52.30 -114.36
N LEU FD 115 -26.17 53.29 -114.09
CA LEU FD 115 -26.38 54.61 -114.67
C LEU FD 115 -26.25 54.56 -116.17
N ALA FD 116 -25.44 53.63 -116.66
CA ALA FD 116 -25.25 53.49 -118.10
C ALA FD 116 -26.60 53.12 -118.72
N HIS FD 117 -27.19 52.06 -118.20
CA HIS FD 117 -28.47 51.58 -118.68
C HIS FD 117 -29.54 52.67 -118.63
N GLN FD 118 -29.54 53.50 -117.58
CA GLN FD 118 -30.54 54.56 -117.45
C GLN FD 118 -30.37 55.62 -118.51
N HIS FD 119 -29.22 55.60 -119.17
CA HIS FD 119 -28.94 56.56 -120.21
C HIS FD 119 -29.00 55.90 -121.59
N GLU FD 120 -28.80 54.59 -121.61
CA GLU FD 120 -28.85 53.85 -122.87
C GLU FD 120 -30.22 53.97 -123.55
N VAL FD 121 -31.28 53.76 -122.77
CA VAL FD 121 -32.64 53.82 -123.29
C VAL FD 121 -33.15 55.25 -123.51
N ARG FD 122 -32.28 56.23 -123.40
CA ARG FD 122 -32.67 57.62 -123.63
C ARG FD 122 -31.99 58.03 -124.93
N GLU FD 123 -32.63 57.74 -126.06
CA GLU FD 123 -32.03 58.07 -127.36
C GLU FD 123 -31.85 59.58 -127.52
N GLY FD 124 -30.77 59.94 -128.21
CA GLY FD 124 -30.45 61.34 -128.43
C GLY FD 124 -29.19 61.68 -127.68
N VAL FD 125 -28.97 60.97 -126.57
CA VAL FD 125 -27.81 61.17 -125.73
C VAL FD 125 -26.60 60.46 -126.34
N GLN FD 126 -25.63 61.23 -126.81
CA GLN FD 126 -24.43 60.66 -127.41
C GLN FD 126 -23.18 60.97 -126.59
N LYS FD 127 -22.14 60.18 -126.79
CA LYS FD 127 -20.89 60.35 -126.05
C LYS FD 127 -20.38 61.79 -126.00
N ALA FD 128 -20.25 62.43 -127.16
CA ALA FD 128 -19.76 63.80 -127.22
C ALA FD 128 -20.39 64.70 -126.16
N HIS FD 129 -21.59 64.35 -125.71
CA HIS FD 129 -22.29 65.12 -124.69
C HIS FD 129 -21.53 65.05 -123.38
N PHE FD 130 -21.19 63.84 -122.96
CA PHE FD 130 -20.46 63.65 -121.72
C PHE FD 130 -19.11 64.32 -121.78
N LYS FD 131 -18.37 64.09 -122.86
CA LYS FD 131 -17.07 64.72 -123.00
C LYS FD 131 -17.19 66.21 -122.67
N LYS FD 132 -18.22 66.87 -123.23
CA LYS FD 132 -18.43 68.28 -122.99
C LYS FD 132 -18.80 68.53 -121.54
N PHE FD 133 -19.78 67.79 -121.04
CA PHE FD 133 -20.22 67.94 -119.66
C PHE FD 133 -19.03 67.84 -118.73
N GLY FD 134 -18.09 66.97 -119.07
CA GLY FD 134 -16.90 66.80 -118.27
C GLY FD 134 -16.09 68.07 -118.23
N GLU FD 135 -15.83 68.64 -119.40
CA GLU FD 135 -15.07 69.88 -119.50
C GLU FD 135 -15.75 70.97 -118.69
N ILE FD 136 -17.09 70.99 -118.74
CA ILE FD 136 -17.86 71.99 -118.03
C ILE FD 136 -17.74 71.81 -116.54
N LEU FD 137 -17.90 70.57 -116.11
CA LEU FD 137 -17.82 70.21 -114.71
C LEU FD 137 -16.46 70.58 -114.14
N ALA FD 138 -15.44 70.37 -114.95
CA ALA FD 138 -14.07 70.65 -114.54
C ALA FD 138 -13.80 72.14 -114.43
N THR FD 139 -14.57 72.95 -115.15
CA THR FD 139 -14.37 74.39 -115.11
C THR FD 139 -15.25 74.98 -114.02
N GLY FD 140 -16.27 74.23 -113.64
CA GLY FD 140 -17.19 74.70 -112.63
C GLY FD 140 -16.76 74.42 -111.20
N LEU FD 141 -16.42 73.18 -110.90
CA LEU FD 141 -16.04 72.82 -109.55
C LEU FD 141 -15.09 73.83 -108.88
N PRO FD 142 -13.95 74.11 -109.51
CA PRO FD 142 -12.99 75.05 -108.95
C PRO FD 142 -13.53 76.44 -108.69
N GLN FD 143 -14.79 76.67 -109.03
CA GLN FD 143 -15.40 77.97 -108.83
C GLN FD 143 -16.14 78.02 -107.51
N VAL FD 144 -16.49 76.84 -106.99
CA VAL FD 144 -17.21 76.75 -105.74
C VAL FD 144 -16.34 76.16 -104.63
N LEU FD 145 -15.28 75.47 -105.03
CA LEU FD 145 -14.38 74.87 -104.07
C LEU FD 145 -13.06 75.64 -104.08
N ASP FD 146 -12.69 76.17 -102.92
CA ASP FD 146 -11.44 76.92 -102.85
C ASP FD 146 -10.25 75.97 -103.00
N ASP FD 147 -10.40 74.75 -102.48
CA ASP FD 147 -9.33 73.77 -102.58
C ASP FD 147 -9.73 72.75 -103.62
N TYR FD 148 -9.09 72.80 -104.79
CA TYR FD 148 -9.39 71.91 -105.89
C TYR FD 148 -8.09 71.38 -106.49
N ASP FD 149 -8.04 70.07 -106.71
CA ASP FD 149 -6.86 69.46 -107.29
C ASP FD 149 -7.23 68.94 -108.67
N ALA FD 150 -7.14 69.82 -109.67
CA ALA FD 150 -7.50 69.49 -111.04
C ALA FD 150 -7.06 68.11 -111.48
N LEU FD 151 -5.80 67.77 -111.22
CA LEU FD 151 -5.27 66.47 -111.62
C LEU FD 151 -6.05 65.29 -111.06
N ALA FD 152 -6.25 65.29 -109.74
CA ALA FD 152 -7.00 64.22 -109.10
C ALA FD 152 -8.40 64.13 -109.69
N TRP FD 153 -9.12 65.24 -109.67
CA TRP FD 153 -10.46 65.26 -110.20
C TRP FD 153 -10.60 64.76 -111.62
N LYS FD 154 -9.87 65.38 -112.54
CA LYS FD 154 -9.94 64.97 -113.93
C LYS FD 154 -9.78 63.46 -114.04
N SER FD 155 -8.80 62.91 -113.32
CA SER FD 155 -8.55 61.48 -113.33
C SER FD 155 -9.81 60.70 -112.98
N CYS FD 156 -10.46 61.07 -111.88
CA CYS FD 156 -11.65 60.38 -111.43
C CYS FD 156 -12.87 60.67 -112.27
N LEU FD 157 -13.14 61.94 -112.52
CA LEU FD 157 -14.31 62.29 -113.32
C LEU FD 157 -14.30 61.53 -114.62
N LYS FD 158 -13.12 61.37 -115.21
CA LYS FD 158 -12.99 60.66 -116.49
C LYS FD 158 -13.53 59.24 -116.31
N GLY FD 159 -12.95 58.50 -115.39
CA GLY FD 159 -13.39 57.15 -115.15
C GLY FD 159 -14.89 57.05 -114.98
N ILE FD 160 -15.48 58.00 -114.26
CA ILE FD 160 -16.92 58.00 -114.02
C ILE FD 160 -17.71 58.28 -115.28
N LEU FD 161 -17.52 59.45 -115.84
CA LEU FD 161 -18.23 59.83 -117.05
C LEU FD 161 -18.15 58.74 -118.11
N THR FD 162 -16.97 58.17 -118.30
CA THR FD 162 -16.79 57.12 -119.30
C THR FD 162 -17.70 55.92 -119.04
N LYS FD 163 -17.53 55.30 -117.88
CA LYS FD 163 -18.33 54.14 -117.52
C LYS FD 163 -19.83 54.40 -117.61
N ILE FD 164 -20.25 55.65 -117.42
CA ILE FD 164 -21.67 55.98 -117.47
C ILE FD 164 -22.19 55.99 -118.90
N SER FD 165 -21.38 56.46 -119.83
CA SER FD 165 -21.81 56.56 -121.21
C SER FD 165 -21.38 55.39 -122.08
N SER FD 166 -20.61 54.43 -121.49
CA SER FD 166 -19.97 53.49 -122.36
C SER FD 166 -21.00 52.70 -123.10
N ARG FD 167 -21.90 52.06 -122.33
CA ARG FD 167 -23.20 51.70 -122.82
C ARG FD 167 -23.89 53.03 -122.92
N LEU FD 168 -24.63 53.28 -124.01
CA LEU FD 168 -24.41 54.59 -124.53
C LEU FD 168 -25.07 55.79 -123.89
N GLU GD 19 -24.92 92.51 -110.65
CA GLU GD 19 -24.30 92.49 -109.32
C GLU GD 19 -23.27 91.43 -109.20
N CYS GD 20 -23.48 90.51 -108.24
CA CYS GD 20 -22.49 89.56 -107.85
C CYS GD 20 -22.59 88.41 -108.82
N LEU GD 21 -21.72 87.38 -108.75
CA LEU GD 21 -22.30 86.15 -109.21
C LEU GD 21 -22.66 85.37 -107.99
N VAL GD 22 -23.45 84.36 -108.31
CA VAL GD 22 -24.10 83.43 -107.49
C VAL GD 22 -23.06 82.66 -106.77
N THR GD 23 -22.05 82.20 -107.53
CA THR GD 23 -20.92 81.57 -106.87
C THR GD 23 -20.06 82.60 -106.14
N GLU GD 24 -19.72 83.67 -106.86
CA GLU GD 24 -18.91 84.74 -106.28
C GLU GD 24 -19.47 85.21 -104.94
N SER GD 25 -20.71 84.87 -104.66
CA SER GD 25 -21.34 85.27 -103.39
C SER GD 25 -21.07 84.18 -102.38
N LEU GD 26 -21.61 82.99 -102.66
CA LEU GD 26 -21.45 81.84 -101.79
C LEU GD 26 -20.01 81.78 -101.28
N LYS GD 27 -19.09 82.09 -102.17
CA LYS GD 27 -17.68 82.06 -101.82
C LYS GD 27 -17.45 83.04 -100.69
N VAL GD 28 -17.99 84.24 -100.81
CA VAL GD 28 -17.82 85.25 -99.78
C VAL GD 28 -18.59 84.85 -98.55
N LYS GD 29 -19.84 84.46 -98.76
CA LYS GD 29 -20.70 84.07 -97.64
C LYS GD 29 -19.96 83.04 -96.78
N LEU GD 30 -19.31 82.12 -97.47
CA LEU GD 30 -18.55 81.05 -96.83
C LEU GD 30 -17.28 81.56 -96.13
N GLN GD 31 -16.41 82.23 -96.86
CA GLN GD 31 -15.19 82.75 -96.29
C GLN GD 31 -15.46 83.70 -95.16
N TRP GD 32 -16.51 84.50 -95.26
CA TRP GD 32 -16.84 85.44 -94.19
C TRP GD 32 -16.99 84.66 -92.91
N ALA GD 33 -17.63 83.51 -93.01
CA ALA GD 33 -17.83 82.64 -91.86
C ALA GD 33 -16.53 82.36 -91.12
N SER GD 34 -15.59 81.71 -91.81
CA SER GD 34 -14.31 81.37 -91.23
C SER GD 34 -13.57 82.56 -90.67
N ALA GD 35 -13.50 83.62 -91.46
CA ALA GD 35 -12.78 84.83 -91.06
C ALA GD 35 -13.36 85.56 -89.84
N PHE GD 36 -14.62 85.96 -89.97
CA PHE GD 36 -15.30 86.68 -88.91
C PHE GD 36 -15.20 85.88 -87.63
N GLY GD 37 -15.80 84.70 -87.63
CA GLY GD 37 -15.75 83.85 -86.46
C GLY GD 37 -16.91 83.96 -85.52
N HIS GD 38 -16.67 83.65 -84.24
CA HIS GD 38 -17.69 83.72 -83.22
C HIS GD 38 -17.21 84.33 -81.91
N ALA GD 39 -18.14 84.92 -81.16
CA ALA GD 39 -17.84 85.53 -79.88
C ALA GD 39 -16.64 86.46 -79.92
N HIS GD 40 -15.78 86.33 -78.92
CA HIS GD 40 -14.59 87.16 -78.81
C HIS GD 40 -13.78 87.25 -80.11
N GLU GD 41 -13.61 86.11 -80.79
CA GLU GD 41 -12.87 86.06 -82.05
C GLU GD 41 -13.23 87.24 -82.96
N ARG GD 42 -14.47 87.70 -82.83
CA ARG GD 42 -15.01 88.82 -83.61
C ARG GD 42 -14.50 90.15 -83.12
N VAL GD 43 -14.75 90.46 -81.85
CA VAL GD 43 -14.30 91.72 -81.28
C VAL GD 43 -12.86 91.94 -81.70
N ALA GD 44 -12.08 90.86 -81.67
CA ALA GD 44 -10.67 90.90 -82.04
C ALA GD 44 -10.55 91.37 -83.48
N PHE GD 45 -11.37 90.78 -84.34
CA PHE GD 45 -11.39 91.14 -85.74
C PHE GD 45 -11.74 92.61 -85.86
N GLY GD 46 -12.92 92.97 -85.39
CA GLY GD 46 -13.34 94.36 -85.45
C GLY GD 46 -12.23 95.31 -85.02
N LEU GD 47 -11.69 95.09 -83.83
CA LEU GD 47 -10.63 95.94 -83.30
C LEU GD 47 -9.48 96.05 -84.29
N GLU GD 48 -8.89 94.91 -84.65
CA GLU GD 48 -7.78 94.91 -85.59
C GLU GD 48 -8.11 95.74 -86.81
N LEU GD 49 -9.32 95.60 -87.32
CA LEU GD 49 -9.77 96.32 -88.50
C LEU GD 49 -9.74 97.82 -88.30
N TRP GD 50 -10.58 98.32 -87.41
CA TRP GD 50 -10.63 99.75 -87.14
C TRP GD 50 -9.30 100.37 -86.80
N ARG GD 51 -8.44 99.65 -86.08
CA ARG GD 51 -7.14 100.21 -85.74
C ARG GD 51 -6.40 100.53 -87.02
N ASP GD 52 -6.22 99.53 -87.87
CA ASP GD 52 -5.54 99.75 -89.14
C ASP GD 52 -6.15 100.89 -89.93
N ILE GD 53 -7.47 101.02 -89.90
CA ILE GD 53 -8.17 102.07 -90.61
C ILE GD 53 -7.87 103.45 -90.05
N ILE GD 54 -8.03 103.61 -88.75
CA ILE GD 54 -7.78 104.89 -88.12
C ILE GD 54 -6.32 105.34 -88.17
N ASP GD 55 -5.37 104.41 -88.16
CA ASP GD 55 -3.97 104.81 -88.23
C ASP GD 55 -3.63 105.35 -89.61
N ASP GD 56 -4.32 104.81 -90.62
CA ASP GD 56 -4.11 105.22 -91.99
C ASP GD 56 -4.76 106.57 -92.28
N HIS GD 57 -5.94 106.78 -91.75
CA HIS GD 57 -6.68 108.04 -91.96
C HIS GD 57 -7.32 108.56 -90.67
N PRO GD 58 -6.51 109.17 -89.78
CA PRO GD 58 -7.00 109.70 -88.51
C PRO GD 58 -8.15 110.69 -88.63
N GLU GD 59 -8.49 111.06 -89.86
CA GLU GD 59 -9.58 112.01 -90.08
C GLU GD 59 -10.89 111.39 -89.60
N ILE GD 60 -10.93 110.08 -89.56
CA ILE GD 60 -12.13 109.36 -89.17
C ILE GD 60 -12.46 109.46 -87.69
N LYS GD 61 -11.47 109.63 -86.83
CA LYS GD 61 -11.74 109.72 -85.41
C LYS GD 61 -12.79 110.78 -85.12
N ALA GD 62 -13.05 111.61 -86.12
CA ALA GD 62 -14.02 112.70 -85.97
C ALA GD 62 -15.47 112.26 -85.77
N PRO GD 63 -16.11 111.69 -86.80
CA PRO GD 63 -17.50 111.26 -86.63
C PRO GD 63 -17.71 110.19 -85.58
N PHE GD 64 -16.66 109.47 -85.23
CA PHE GD 64 -16.75 108.43 -84.24
C PHE GD 64 -16.61 109.01 -82.86
N SER GD 65 -16.84 110.31 -82.76
CA SER GD 65 -16.74 111.01 -81.49
C SER GD 65 -17.78 110.54 -80.49
N ARG GD 66 -18.96 110.18 -80.99
CA ARG GD 66 -20.05 109.72 -80.15
C ARG GD 66 -19.73 108.38 -79.48
N VAL GD 67 -19.00 107.53 -80.21
CA VAL GD 67 -18.61 106.22 -79.72
C VAL GD 67 -17.12 106.15 -79.39
N ARG GD 68 -16.65 107.06 -78.54
CA ARG GD 68 -15.24 107.13 -78.14
C ARG GD 68 -14.30 106.53 -79.19
N GLY GD 69 -14.15 107.22 -80.31
CA GLY GD 69 -13.29 106.75 -81.37
C GLY GD 69 -11.83 107.03 -81.08
N ASP GD 70 -11.57 107.83 -80.06
CA ASP GD 70 -10.20 108.14 -79.70
C ASP GD 70 -9.56 106.88 -79.10
N ASN GD 71 -10.32 106.17 -78.29
CA ASN GD 71 -9.86 104.94 -77.64
C ASN GD 71 -10.64 103.77 -78.20
N ILE GD 72 -10.13 103.16 -79.26
CA ILE GD 72 -10.81 102.03 -79.89
C ILE GD 72 -10.90 100.79 -79.02
N TYR GD 73 -10.11 100.75 -77.97
CA TYR GD 73 -10.13 99.60 -77.08
C TYR GD 73 -11.24 99.72 -76.04
N SER GD 74 -11.82 100.90 -75.94
CA SER GD 74 -12.89 101.14 -74.99
C SER GD 74 -14.11 100.32 -75.30
N PRO GD 75 -14.95 100.09 -74.28
CA PRO GD 75 -16.16 99.31 -74.49
C PRO GD 75 -17.14 100.07 -75.38
N GLU GD 76 -17.20 101.38 -75.16
CA GLU GD 76 -18.09 102.21 -75.95
C GLU GD 76 -17.84 101.97 -77.44
N PHE GD 77 -16.59 102.10 -77.86
CA PHE GD 77 -16.23 101.89 -79.25
C PHE GD 77 -16.37 100.42 -79.61
N GLY GD 78 -15.92 99.54 -78.70
CA GLY GD 78 -16.01 98.12 -78.94
C GLY GD 78 -17.41 97.75 -79.36
N ALA GD 79 -18.38 98.25 -78.62
CA ALA GD 79 -19.76 97.99 -78.92
C ALA GD 79 -19.97 98.38 -80.37
N HIS GD 80 -19.74 99.66 -80.68
CA HIS GD 80 -19.90 100.18 -82.03
C HIS GD 80 -19.29 99.21 -83.02
N SER GD 81 -17.99 98.99 -82.89
CA SER GD 81 -17.25 98.09 -83.75
C SER GD 81 -18.09 96.88 -84.12
N GLN GD 82 -18.61 96.21 -83.10
CA GLN GD 82 -19.42 95.03 -83.29
C GLN GD 82 -20.67 95.32 -84.11
N ARG GD 83 -21.43 96.34 -83.70
CA ARG GD 83 -22.66 96.71 -84.39
C ARG GD 83 -22.38 96.80 -85.88
N VAL GD 84 -21.25 97.41 -86.22
CA VAL GD 84 -20.83 97.59 -87.60
C VAL GD 84 -20.68 96.26 -88.28
N LEU GD 85 -19.69 95.51 -87.85
CA LEU GD 85 -19.44 94.20 -88.42
C LEU GD 85 -20.73 93.44 -88.59
N SER GD 86 -21.60 93.49 -87.58
CA SER GD 86 -22.87 92.78 -87.65
C SER GD 86 -23.64 93.17 -88.89
N GLY GD 87 -23.80 94.48 -89.12
CA GLY GD 87 -24.52 94.95 -90.30
C GLY GD 87 -23.87 94.39 -91.54
N LEU GD 88 -22.55 94.41 -91.56
CA LEU GD 88 -21.80 93.87 -92.68
C LEU GD 88 -22.20 92.41 -92.84
N ASP GD 89 -22.34 91.70 -91.73
CA ASP GD 89 -22.75 90.31 -91.79
C ASP GD 89 -24.06 90.21 -92.52
N ILE GD 90 -25.02 91.02 -92.08
CA ILE GD 90 -26.33 91.01 -92.71
C ILE GD 90 -26.21 91.18 -94.20
N THR GD 91 -25.69 92.33 -94.61
CA THR GD 91 -25.55 92.59 -96.03
C THR GD 91 -24.98 91.36 -96.74
N ILE GD 92 -23.84 90.87 -96.27
CA ILE GD 92 -23.23 89.69 -96.89
C ILE GD 92 -24.18 88.50 -96.95
N SER GD 93 -24.94 88.28 -95.87
CA SER GD 93 -25.88 87.22 -95.91
C SER GD 93 -26.96 87.55 -96.89
N MET GD 94 -27.28 88.86 -97.02
CA MET GD 94 -28.48 89.28 -97.67
C MET GD 94 -28.41 88.85 -99.08
N LEU GD 95 -27.21 89.03 -99.64
CA LEU GD 95 -27.03 89.50 -100.98
C LEU GD 95 -27.57 88.53 -101.98
N ASP GD 96 -27.46 87.23 -101.67
CA ASP GD 96 -27.76 86.16 -102.58
C ASP GD 96 -29.18 86.28 -102.99
N THR GD 97 -30.08 86.53 -102.02
CA THR GD 97 -31.46 86.63 -102.39
C THR GD 97 -31.70 88.08 -102.58
N PRO GD 98 -31.99 88.42 -103.80
CA PRO GD 98 -32.12 89.78 -104.28
C PRO GD 98 -33.17 90.66 -103.61
N ASP GD 99 -34.36 90.12 -103.40
CA ASP GD 99 -35.43 90.90 -102.78
C ASP GD 99 -35.06 91.44 -101.39
N MET GD 100 -34.31 90.65 -100.64
CA MET GD 100 -33.89 91.06 -99.30
C MET GD 100 -32.73 92.05 -99.40
N LEU GD 101 -31.79 91.79 -100.29
CA LEU GD 101 -30.65 92.67 -100.45
C LEU GD 101 -31.10 94.06 -100.88
N ALA GD 102 -31.85 94.11 -101.98
CA ALA GD 102 -32.35 95.37 -102.52
C ALA GD 102 -33.00 96.18 -101.41
N ALA GD 103 -33.73 95.49 -100.54
CA ALA GD 103 -34.40 96.13 -99.43
C ALA GD 103 -33.40 96.59 -98.37
N GLN GD 104 -32.56 95.67 -97.94
CA GLN GD 104 -31.55 95.94 -96.92
C GLN GD 104 -30.66 97.08 -97.37
N LEU GD 105 -30.19 97.02 -98.61
CA LEU GD 105 -29.35 98.09 -99.12
C LEU GD 105 -30.07 99.42 -99.04
N ALA GD 106 -31.30 99.47 -99.51
CA ALA GD 106 -32.06 100.70 -99.48
C ALA GD 106 -32.14 101.22 -98.05
N HIS GD 107 -32.34 100.31 -97.11
CA HIS GD 107 -32.43 100.65 -95.70
C HIS GD 107 -31.13 101.29 -95.20
N LEU GD 108 -29.99 100.76 -95.64
CA LEU GD 108 -28.69 101.29 -95.24
C LEU GD 108 -28.44 102.66 -95.84
N LYS GD 109 -28.83 102.84 -97.09
CA LYS GD 109 -28.62 104.11 -97.78
C LYS GD 109 -29.22 105.24 -96.96
N VAL GD 110 -30.40 105.02 -96.41
CA VAL GD 110 -31.06 106.03 -95.60
C VAL GD 110 -30.25 106.40 -94.36
N GLN GD 111 -29.80 105.40 -93.61
CA GLN GD 111 -29.04 105.66 -92.41
C GLN GD 111 -27.76 106.45 -92.70
N HIS GD 112 -27.43 106.60 -93.97
CA HIS GD 112 -26.22 107.32 -94.37
C HIS GD 112 -26.47 108.67 -95.04
N VAL GD 113 -27.27 108.67 -96.10
CA VAL GD 113 -27.58 109.89 -96.83
C VAL GD 113 -27.74 111.13 -95.94
N GLU GD 114 -28.41 110.96 -94.79
CA GLU GD 114 -28.81 112.10 -94.00
C GLU GD 114 -27.61 112.79 -93.43
N ARG GD 115 -26.68 112.01 -92.86
CA ARG GD 115 -25.49 112.56 -92.26
C ARG GD 115 -24.58 112.88 -93.39
N ASN GD 116 -23.76 113.93 -93.28
CA ASN GD 116 -22.82 114.05 -94.36
C ASN GD 116 -21.68 113.14 -94.08
N LEU GD 117 -21.16 112.53 -95.16
CA LEU GD 117 -20.01 111.69 -95.01
C LEU GD 117 -19.15 111.81 -96.20
N LYS GD 118 -17.92 111.31 -96.02
CA LYS GD 118 -17.01 111.22 -97.10
C LYS GD 118 -17.18 109.92 -97.79
N PRO GD 119 -17.27 110.10 -99.07
CA PRO GD 119 -17.50 109.04 -99.97
C PRO GD 119 -16.36 108.09 -99.96
N GLU GD 120 -15.15 108.67 -99.95
CA GLU GD 120 -13.88 107.95 -100.05
C GLU GD 120 -13.60 107.11 -98.78
N PHE GD 121 -14.25 107.48 -97.67
CA PHE GD 121 -14.07 106.76 -96.41
C PHE GD 121 -14.37 105.29 -96.61
N PHE GD 122 -15.47 105.01 -97.29
CA PHE GD 122 -15.88 103.65 -97.55
C PHE GD 122 -14.86 102.94 -98.42
N ASP GD 123 -14.34 103.65 -99.42
CA ASP GD 123 -13.35 103.06 -100.30
C ASP GD 123 -12.18 102.63 -99.45
N ILE GD 124 -11.97 103.35 -98.34
CA ILE GD 124 -10.90 103.06 -97.40
C ILE GD 124 -11.26 101.83 -96.59
N PHE GD 125 -12.43 101.89 -95.98
CA PHE GD 125 -12.95 100.80 -95.18
C PHE GD 125 -12.75 99.52 -95.94
N LEU GD 126 -13.21 99.50 -97.18
CA LEU GD 126 -13.09 98.31 -98.04
C LEU GD 126 -11.65 97.87 -98.18
N LYS GD 127 -10.78 98.81 -98.47
CA LYS GD 127 -9.36 98.51 -98.63
C LYS GD 127 -8.88 97.64 -97.47
N HIS GD 128 -9.13 98.10 -96.26
CA HIS GD 128 -8.71 97.36 -95.07
C HIS GD 128 -9.47 96.08 -94.83
N LEU GD 129 -10.79 96.12 -94.90
CA LEU GD 129 -11.56 94.90 -94.68
C LEU GD 129 -10.95 93.74 -95.51
N LEU GD 130 -10.48 94.05 -96.71
CA LEU GD 130 -9.88 93.04 -97.58
C LEU GD 130 -8.50 92.70 -97.05
N HIS GD 131 -7.75 93.72 -96.66
CA HIS GD 131 -6.42 93.52 -96.15
C HIS GD 131 -6.50 92.55 -94.97
N VAL GD 132 -7.41 92.81 -94.05
CA VAL GD 132 -7.58 91.97 -92.88
C VAL GD 132 -8.02 90.55 -93.24
N LEU GD 133 -9.10 90.43 -94.00
CA LEU GD 133 -9.55 89.10 -94.40
C LEU GD 133 -8.39 88.37 -95.07
N GLY GD 134 -7.55 89.13 -95.76
CA GLY GD 134 -6.39 88.55 -96.41
C GLY GD 134 -5.55 87.78 -95.40
N ASP GD 135 -5.25 88.43 -94.27
CA ASP GD 135 -4.47 87.79 -93.22
C ASP GD 135 -5.22 86.60 -92.69
N ARG GD 136 -6.44 86.82 -92.23
CA ARG GD 136 -7.26 85.76 -91.68
C ARG GD 136 -7.39 84.52 -92.58
N LEU GD 137 -7.76 84.74 -93.83
CA LEU GD 137 -7.98 83.63 -94.74
C LEU GD 137 -6.73 83.07 -95.41
N GLY GD 138 -5.71 83.91 -95.58
CA GLY GD 138 -4.49 83.44 -96.20
C GLY GD 138 -4.48 83.55 -97.70
N THR GD 139 -3.91 82.56 -98.37
CA THR GD 139 -3.84 82.59 -99.83
C THR GD 139 -5.13 82.12 -100.51
N HIS GD 140 -5.96 81.43 -99.75
CA HIS GD 140 -7.21 80.94 -100.28
C HIS GD 140 -8.17 82.10 -100.55
N PHE GD 141 -8.00 83.17 -99.79
CA PHE GD 141 -8.83 84.36 -99.88
C PHE GD 141 -9.16 84.72 -101.31
N ASP GD 142 -10.42 84.63 -101.70
CA ASP GD 142 -10.80 84.97 -103.07
C ASP GD 142 -11.03 86.46 -103.22
N PHE GD 143 -9.92 87.18 -103.35
CA PHE GD 143 -9.93 88.62 -103.50
C PHE GD 143 -10.97 89.01 -104.53
N GLY GD 144 -10.84 88.45 -105.72
CA GLY GD 144 -11.78 88.76 -106.79
C GLY GD 144 -13.20 88.79 -106.29
N ALA GD 145 -13.67 87.65 -105.81
CA ALA GD 145 -15.02 87.52 -105.33
C ALA GD 145 -15.39 88.61 -104.34
N TRP GD 146 -14.53 88.85 -103.37
CA TRP GD 146 -14.83 89.86 -102.37
C TRP GD 146 -14.93 91.24 -102.97
N HIS GD 147 -13.88 91.67 -103.65
CA HIS GD 147 -13.87 92.99 -104.27
C HIS GD 147 -15.16 93.22 -105.06
N ASP GD 148 -15.45 92.33 -106.00
CA ASP GD 148 -16.65 92.44 -106.80
C ASP GD 148 -17.90 92.48 -105.93
N CYS GD 149 -17.91 91.68 -104.86
CA CYS GD 149 -19.07 91.58 -104.00
C CYS GD 149 -19.25 92.60 -102.87
N VAL GD 150 -18.23 92.84 -102.07
CA VAL GD 150 -18.35 93.80 -100.99
C VAL GD 150 -18.52 95.18 -101.57
N ASP GD 151 -17.90 95.41 -102.71
CA ASP GD 151 -17.99 96.71 -103.38
C ASP GD 151 -19.47 97.07 -103.52
N GLN GD 152 -20.21 96.20 -104.19
CA GLN GD 152 -21.63 96.40 -104.40
C GLN GD 152 -22.35 96.81 -103.12
N ILE GD 153 -21.87 96.31 -101.99
CA ILE GD 153 -22.49 96.63 -100.70
C ILE GD 153 -22.14 98.03 -100.27
N ILE GD 154 -20.94 98.48 -100.61
CA ILE GD 154 -20.52 99.82 -100.23
C ILE GD 154 -21.25 100.87 -101.03
N ASP GD 155 -21.23 100.74 -102.35
CA ASP GD 155 -21.89 101.72 -103.19
C ASP GD 155 -23.34 101.97 -102.75
N GLY GD 156 -24.07 100.90 -102.40
CA GLY GD 156 -25.48 101.07 -102.13
C GLY GD 156 -25.57 101.90 -100.92
N ILE GD 157 -24.66 101.63 -99.97
CA ILE GD 157 -24.74 102.34 -98.74
C ILE GD 157 -24.47 103.77 -99.01
N LYS GD 158 -23.42 104.04 -99.81
CA LYS GD 158 -22.91 105.37 -99.95
C LYS GD 158 -23.86 106.24 -100.76
N ASP HD 5 39.26 84.37 -68.97
CA ASP HD 5 38.84 83.28 -69.87
C ASP HD 5 37.37 83.37 -70.06
N CYS HD 6 36.80 82.42 -70.79
CA CYS HD 6 35.44 82.67 -71.10
C CYS HD 6 34.66 81.93 -70.09
N CYS HD 7 33.41 82.32 -69.98
CA CYS HD 7 32.63 81.92 -68.88
C CYS HD 7 31.89 80.72 -69.35
N SER HD 8 31.61 79.78 -68.43
CA SER HD 8 30.89 78.57 -68.70
C SER HD 8 29.45 78.95 -68.85
N TYR HD 9 28.74 78.22 -69.75
CA TYR HD 9 27.37 78.47 -70.18
C TYR HD 9 26.46 78.10 -69.03
N GLU HD 10 26.78 77.03 -68.31
CA GLU HD 10 25.97 76.61 -67.19
C GLU HD 10 25.97 77.72 -66.16
N ASP HD 11 27.15 78.25 -65.87
CA ASP HD 11 27.27 79.32 -64.90
C ASP HD 11 26.42 80.50 -65.32
N ARG HD 12 26.45 80.85 -66.58
CA ARG HD 12 25.64 81.95 -67.04
C ARG HD 12 24.19 81.66 -66.66
N ARG HD 13 23.71 80.47 -67.01
CA ARG HD 13 22.36 80.07 -66.68
C ARG HD 13 22.11 80.21 -65.18
N GLU HD 14 23.07 79.79 -64.37
CA GLU HD 14 22.95 79.90 -62.92
C GLU HD 14 22.66 81.35 -62.54
N ILE HD 15 23.47 82.24 -63.04
CA ILE HD 15 23.30 83.64 -62.73
C ILE HD 15 22.01 84.18 -63.32
N ARG HD 16 21.76 83.90 -64.60
CA ARG HD 16 20.55 84.40 -65.27
C ARG HD 16 19.35 84.08 -64.42
N HIS HD 17 19.53 83.19 -63.46
CA HIS HD 17 18.46 82.81 -62.54
C HIS HD 17 18.65 83.52 -61.20
N ILE HD 18 19.84 83.37 -60.63
CA ILE HD 18 20.15 84.03 -59.37
C ILE HD 18 19.68 85.49 -59.41
N TRP HD 19 19.92 86.15 -60.53
CA TRP HD 19 19.54 87.53 -60.66
C TRP HD 19 18.03 87.70 -60.56
N ASP HD 20 17.29 86.88 -61.31
CA ASP HD 20 15.82 86.95 -61.29
C ASP HD 20 15.25 86.90 -59.87
N ASP HD 21 16.10 86.67 -58.88
CA ASP HD 21 15.61 86.61 -57.51
C ASP HD 21 15.87 87.93 -56.79
N VAL HD 22 16.91 88.64 -57.19
CA VAL HD 22 17.24 89.93 -56.57
C VAL HD 22 16.50 91.02 -57.33
N TRP HD 23 16.46 90.94 -58.67
CA TRP HD 23 15.85 91.98 -59.44
C TRP HD 23 14.43 91.95 -59.05
N SER HD 24 13.78 90.81 -59.39
CA SER HD 24 12.59 90.44 -58.71
C SER HD 24 11.46 91.18 -59.38
N SER HD 25 10.63 91.89 -58.58
CA SER HD 25 9.50 92.61 -59.11
C SER HD 25 9.96 93.82 -59.85
N SER HD 26 9.01 94.47 -60.55
CA SER HD 26 9.28 95.57 -61.43
C SER HD 26 9.36 96.83 -60.65
N PHE HD 27 9.29 96.65 -59.33
CA PHE HD 27 9.21 97.66 -58.33
C PHE HD 27 10.50 98.36 -58.21
N THR HD 28 10.47 99.67 -57.98
CA THR HD 28 11.78 100.10 -57.52
C THR HD 28 12.19 99.62 -56.13
N ASP HD 29 11.39 99.96 -55.12
CA ASP HD 29 11.65 99.60 -53.74
C ASP HD 29 12.73 98.55 -53.48
N ARG HD 30 12.50 97.31 -53.92
CA ARG HD 30 13.46 96.23 -53.69
C ARG HD 30 14.83 96.49 -54.30
N ARG HD 31 14.89 96.49 -55.63
CA ARG HD 31 16.15 96.71 -56.32
C ARG HD 31 16.93 97.86 -55.70
N VAL HD 32 16.23 98.91 -55.31
CA VAL HD 32 16.87 100.06 -54.71
C VAL HD 32 17.65 99.66 -53.46
N ALA HD 33 16.93 99.20 -52.45
CA ALA HD 33 17.55 98.80 -51.20
C ALA HD 33 18.77 97.90 -51.43
N ILE HD 34 18.69 96.98 -52.38
CA ILE HD 34 19.80 96.10 -52.67
C ILE HD 34 21.00 96.84 -53.25
N VAL HD 35 20.81 97.51 -54.38
CA VAL HD 35 21.89 98.25 -55.00
C VAL HD 35 22.49 99.23 -54.00
N ARG HD 36 21.63 99.83 -53.18
CA ARG HD 36 22.10 100.76 -52.16
C ARG HD 36 23.00 99.97 -51.23
N ALA HD 37 22.43 98.98 -50.57
CA ALA HD 37 23.18 98.14 -49.64
C ALA HD 37 24.51 97.72 -50.24
N VAL HD 38 24.56 97.63 -51.57
CA VAL HD 38 25.81 97.26 -52.26
C VAL HD 38 26.79 98.41 -52.16
N PHE HD 39 26.34 99.59 -52.56
CA PHE HD 39 27.19 100.77 -52.49
C PHE HD 39 27.66 101.10 -51.07
N ASP HD 40 26.76 101.00 -50.10
CA ASP HD 40 27.13 101.27 -48.72
C ASP HD 40 28.34 100.44 -48.34
N ASP HD 41 28.45 99.24 -48.92
CA ASP HD 41 29.57 98.35 -48.64
C ASP HD 41 30.79 98.80 -49.43
N LEU HD 42 30.57 99.49 -50.54
CA LEU HD 42 31.66 99.96 -51.35
C LEU HD 42 32.26 101.15 -50.66
N PHE HD 43 31.40 102.00 -50.11
CA PHE HD 43 31.86 103.20 -49.42
C PHE HD 43 32.48 102.89 -48.07
N LYS HD 44 32.01 101.87 -47.40
CA LYS HD 44 32.57 101.55 -46.10
C LYS HD 44 33.98 100.99 -46.27
N HIS HD 45 34.30 100.52 -47.48
CA HIS HD 45 35.61 99.94 -47.76
C HIS HD 45 36.54 100.83 -48.59
N TYR HD 46 35.96 101.58 -49.52
CA TYR HD 46 36.72 102.50 -50.36
C TYR HD 46 36.02 103.84 -50.27
N PRO HD 47 36.02 104.45 -49.08
CA PRO HD 47 35.37 105.74 -48.80
C PRO HD 47 35.67 106.85 -49.81
N THR HD 48 36.83 106.77 -50.45
CA THR HD 48 37.23 107.75 -51.43
C THR HD 48 36.20 107.93 -52.53
N SER HD 49 35.73 106.81 -53.08
CA SER HD 49 34.74 106.79 -54.15
C SER HD 49 33.49 107.60 -53.84
N LYS HD 50 33.08 107.65 -52.57
CA LYS HD 50 31.89 108.38 -52.17
C LYS HD 50 31.78 109.71 -52.90
N ALA HD 51 32.80 110.54 -52.75
CA ALA HD 51 32.80 111.85 -53.39
C ALA HD 51 32.35 111.86 -54.86
N LEU HD 52 32.74 110.83 -55.62
CA LEU HD 52 32.39 110.73 -57.05
C LEU HD 52 30.94 110.96 -57.41
N PHE HD 53 30.04 110.67 -56.47
CA PHE HD 53 28.61 110.80 -56.73
C PHE HD 53 27.93 112.05 -56.14
N GLU HD 54 28.67 113.13 -55.99
CA GLU HD 54 28.06 114.34 -55.45
C GLU HD 54 27.15 114.88 -56.53
N ARG HD 55 27.46 114.52 -57.77
CA ARG HD 55 26.67 114.96 -58.91
C ARG HD 55 25.23 114.48 -58.82
N VAL HD 56 25.03 113.33 -58.18
CA VAL HD 56 23.70 112.78 -58.05
C VAL HD 56 23.17 113.00 -56.65
N LYS HD 57 23.91 113.75 -55.85
CA LYS HD 57 23.49 114.06 -54.48
C LYS HD 57 23.44 112.87 -53.52
N ILE HD 58 24.58 112.25 -53.26
CA ILE HD 58 24.61 111.13 -52.34
C ILE HD 58 24.46 111.64 -50.92
N ASP HD 59 24.70 112.93 -50.71
CA ASP HD 59 24.57 113.52 -49.38
C ASP HD 59 23.11 113.51 -48.95
N GLU HD 60 22.23 113.28 -49.92
CA GLU HD 60 20.80 113.20 -49.66
C GLU HD 60 20.36 111.79 -50.05
N PRO HD 61 20.62 110.81 -49.19
CA PRO HD 61 20.26 109.43 -49.45
C PRO HD 61 18.87 109.22 -50.05
N GLU HD 62 17.85 109.76 -49.41
CA GLU HD 62 16.48 109.59 -49.90
C GLU HD 62 16.08 110.61 -50.96
N SER HD 63 17.06 111.40 -51.39
CA SER HD 63 16.84 112.45 -52.38
C SER HD 63 15.88 112.11 -53.52
N GLY HD 64 16.18 111.04 -54.23
CA GLY HD 64 15.35 110.70 -55.36
C GLY HD 64 16.20 111.00 -56.57
N GLU HD 65 16.97 112.08 -56.49
CA GLU HD 65 17.88 112.44 -57.57
C GLU HD 65 18.90 111.32 -57.54
N PHE HD 66 19.13 110.82 -56.33
CA PHE HD 66 20.09 109.76 -56.05
C PHE HD 66 19.42 108.39 -56.19
N LYS HD 67 18.24 108.25 -55.61
CA LYS HD 67 17.55 106.99 -55.72
C LYS HD 67 17.49 106.61 -57.19
N SER HD 68 17.00 107.51 -58.02
CA SER HD 68 16.90 107.25 -59.44
C SER HD 68 18.23 106.73 -59.93
N HIS HD 69 19.31 107.35 -59.48
CA HIS HD 69 20.64 106.91 -59.89
C HIS HD 69 20.79 105.43 -59.58
N LEU HD 70 20.69 105.09 -58.30
CA LEU HD 70 20.80 103.71 -57.88
C LEU HD 70 20.09 102.81 -58.87
N VAL HD 71 18.85 103.14 -59.18
CA VAL HD 71 18.09 102.37 -60.13
C VAL HD 71 18.81 102.23 -61.47
N ARG HD 72 19.27 103.34 -62.02
CA ARG HD 72 19.97 103.30 -63.29
C ARG HD 72 21.11 102.32 -63.22
N VAL HD 73 21.82 102.30 -62.10
CA VAL HD 73 22.93 101.39 -61.91
C VAL HD 73 22.38 100.01 -61.94
N ALA HD 74 21.39 99.77 -61.09
CA ALA HD 74 20.74 98.47 -61.03
C ALA HD 74 20.38 98.07 -62.45
N ASN HD 75 19.48 98.81 -63.06
CA ASN HD 75 19.06 98.50 -64.41
C ASN HD 75 20.21 98.29 -65.39
N GLY HD 76 21.30 99.02 -65.21
CA GLY HD 76 22.42 98.83 -66.10
C GLY HD 76 23.02 97.46 -65.94
N LEU HD 77 22.97 96.95 -64.73
CA LEU HD 77 23.48 95.64 -64.41
C LEU HD 77 22.48 94.65 -64.99
N LYS HD 78 21.21 94.89 -64.73
CA LYS HD 78 20.16 94.05 -65.24
C LYS HD 78 20.37 93.87 -66.74
N LEU HD 79 20.53 94.98 -67.45
CA LEU HD 79 20.72 94.96 -68.89
C LEU HD 79 21.88 94.06 -69.27
N LEU HD 80 22.95 94.08 -68.48
CA LEU HD 80 24.09 93.24 -68.77
C LEU HD 80 23.69 91.78 -68.70
N ILE HD 81 23.28 91.35 -67.52
CA ILE HD 81 22.87 89.99 -67.28
C ILE HD 81 21.89 89.52 -68.35
N ASN HD 82 20.88 90.31 -68.60
CA ASN HD 82 19.89 89.97 -69.61
C ASN HD 82 20.44 90.04 -71.05
N LEU HD 83 21.75 90.02 -71.16
CA LEU HD 83 22.37 90.10 -72.46
C LEU HD 83 23.31 88.92 -72.62
N LEU HD 84 23.57 88.24 -71.49
CA LEU HD 84 24.46 87.08 -71.46
C LEU HD 84 24.13 85.98 -72.47
N ASP HD 85 22.95 86.04 -73.10
CA ASP HD 85 22.59 85.03 -74.10
C ASP HD 85 22.81 85.59 -75.51
N ASP HD 86 23.11 86.88 -75.61
CA ASP HD 86 23.36 87.49 -76.91
C ASP HD 86 24.78 88.02 -77.08
N THR HD 87 25.74 87.30 -76.51
CA THR HD 87 27.16 87.61 -76.58
C THR HD 87 27.60 88.84 -77.37
N LEU HD 88 27.54 88.76 -78.70
CA LEU HD 88 27.94 89.86 -79.57
C LEU HD 88 27.46 91.25 -79.15
N VAL HD 89 26.20 91.36 -78.74
CA VAL HD 89 25.64 92.63 -78.32
C VAL HD 89 26.23 92.98 -76.97
N LEU HD 90 26.28 91.99 -76.09
CA LEU HD 90 26.84 92.21 -74.77
C LEU HD 90 28.25 92.79 -74.92
N GLN HD 91 29.04 92.17 -75.78
CA GLN HD 91 30.41 92.58 -76.00
C GLN HD 91 30.52 94.05 -76.41
N SER HD 92 29.51 94.55 -77.10
CA SER HD 92 29.51 95.94 -77.54
C SER HD 92 29.04 96.86 -76.42
N HIS HD 93 27.85 96.62 -75.90
CA HIS HD 93 27.34 97.46 -74.83
C HIS HD 93 28.30 97.42 -73.67
N LEU HD 94 29.01 96.31 -73.54
CA LEU HD 94 29.95 96.19 -72.45
C LEU HD 94 31.02 97.24 -72.63
N GLY HD 95 31.36 97.51 -73.89
CA GLY HD 95 32.38 98.51 -74.18
C GLY HD 95 31.79 99.87 -73.89
N HIS HD 96 30.65 100.13 -74.49
CA HIS HD 96 29.93 101.38 -74.31
C HIS HD 96 29.83 101.69 -72.82
N LEU HD 97 29.66 100.66 -72.00
CA LEU HD 97 29.53 100.84 -70.56
C LEU HD 97 30.85 101.26 -69.97
N ALA HD 98 31.95 100.91 -70.64
CA ALA HD 98 33.27 101.29 -70.16
C ALA HD 98 33.43 102.77 -70.44
N ASP HD 99 33.28 103.15 -71.70
CA ASP HD 99 33.42 104.54 -72.12
C ASP HD 99 32.62 105.50 -71.23
N GLN HD 100 31.47 105.07 -70.73
CA GLN HD 100 30.66 105.93 -69.88
C GLN HD 100 31.31 106.11 -68.52
N HIS HD 101 32.32 105.31 -68.24
CA HIS HD 101 33.00 105.41 -66.97
C HIS HD 101 34.41 105.94 -67.13
N ILE HD 102 34.93 105.90 -68.34
CA ILE HD 102 36.27 106.41 -68.57
C ILE HD 102 36.19 107.91 -68.58
N GLN HD 103 35.10 108.45 -69.13
CA GLN HD 103 34.91 109.89 -69.17
C GLN HD 103 34.48 110.43 -67.83
N ARG HD 104 34.32 109.54 -66.85
CA ARG HD 104 33.95 109.95 -65.51
C ARG HD 104 35.25 110.03 -64.74
N LYS HD 105 35.81 111.23 -64.71
CA LYS HD 105 37.08 111.49 -64.03
C LYS HD 105 37.07 111.08 -62.55
N GLY HD 106 38.00 110.23 -62.17
CA GLY HD 106 38.08 109.79 -60.78
C GLY HD 106 37.73 108.34 -60.54
N VAL HD 107 37.28 107.64 -61.58
CA VAL HD 107 36.90 106.25 -61.45
C VAL HD 107 38.09 105.33 -61.69
N THR HD 108 38.56 104.69 -60.62
CA THR HD 108 39.72 103.77 -60.70
C THR HD 108 39.36 102.33 -61.10
N LYS HD 109 40.38 101.58 -61.48
CA LYS HD 109 40.21 100.20 -61.85
C LYS HD 109 39.90 99.48 -60.57
N GLU HD 110 40.37 100.05 -59.48
CA GLU HD 110 40.18 99.49 -58.15
C GLU HD 110 38.74 99.56 -57.67
N TYR HD 111 38.14 100.74 -57.73
CA TYR HD 111 36.77 100.90 -57.28
C TYR HD 111 35.87 99.81 -57.84
N PHE HD 112 36.13 99.38 -59.07
CA PHE HD 112 35.33 98.32 -59.66
C PHE HD 112 35.58 97.00 -58.95
N ARG HD 113 36.84 96.61 -58.81
CA ARG HD 113 37.14 95.36 -58.12
C ARG HD 113 36.50 95.46 -56.74
N GLY HD 114 36.30 96.69 -56.28
CA GLY HD 114 35.69 96.90 -54.98
C GLY HD 114 34.19 96.67 -54.92
N ILE HD 115 33.48 97.14 -55.94
CA ILE HD 115 32.04 96.97 -55.97
C ILE HD 115 31.76 95.51 -56.25
N GLY HD 116 32.73 94.83 -56.84
CA GLY HD 116 32.57 93.42 -57.14
C GLY HD 116 32.50 92.66 -55.82
N GLU HD 117 33.38 93.03 -54.91
CA GLU HD 117 33.43 92.41 -53.61
C GLU HD 117 32.10 92.73 -52.95
N ALA HD 118 31.65 93.96 -53.11
CA ALA HD 118 30.37 94.41 -52.54
C ALA HD 118 29.23 93.40 -52.79
N PHE HD 119 28.88 93.18 -54.06
CA PHE HD 119 27.82 92.24 -54.38
C PHE HD 119 28.04 90.89 -53.74
N ALA HD 120 29.24 90.36 -53.90
CA ALA HD 120 29.60 89.06 -53.35
C ALA HD 120 29.40 88.97 -51.83
N ARG HD 121 29.13 90.11 -51.20
CA ARG HD 121 28.93 90.15 -49.76
C ARG HD 121 27.46 90.47 -49.46
N VAL HD 122 26.83 91.19 -50.38
CA VAL HD 122 25.43 91.58 -50.21
C VAL HD 122 24.49 90.51 -50.71
N LEU HD 123 24.56 90.22 -52.01
CA LEU HD 123 23.67 89.22 -52.60
C LEU HD 123 23.46 87.97 -51.74
N PRO HD 124 24.53 87.32 -51.29
CA PRO HD 124 24.36 86.13 -50.47
C PRO HD 124 23.49 86.35 -49.23
N GLN HD 125 23.08 87.60 -48.98
CA GLN HD 125 22.26 87.94 -47.82
C GLN HD 125 20.82 88.27 -48.20
N VAL HD 126 20.61 88.71 -49.43
CA VAL HD 126 19.27 89.07 -49.88
C VAL HD 126 18.51 87.90 -50.47
N LEU HD 127 19.21 86.83 -50.78
CA LEU HD 127 18.57 85.64 -51.34
C LEU HD 127 19.38 84.41 -51.00
N SER HD 128 18.70 83.27 -50.91
CA SER HD 128 19.38 82.04 -50.59
C SER HD 128 19.67 81.34 -51.89
N CYS HD 129 20.50 80.31 -51.84
CA CYS HD 129 20.87 79.56 -53.04
C CYS HD 129 21.62 80.46 -54.01
N PHE HD 130 22.64 81.12 -53.49
CA PHE HD 130 23.44 82.02 -54.31
C PHE HD 130 24.76 81.35 -54.60
N ASN HD 131 25.03 81.10 -55.87
CA ASN HD 131 26.27 80.44 -56.26
C ASN HD 131 27.39 81.47 -56.33
N VAL HD 132 27.78 82.01 -55.18
CA VAL HD 132 28.82 83.02 -55.10
C VAL HD 132 29.93 82.87 -56.13
N ASP HD 133 30.44 81.66 -56.28
CA ASP HD 133 31.52 81.43 -57.25
C ASP HD 133 31.08 81.75 -58.66
N ALA HD 134 30.01 81.09 -59.11
CA ALA HD 134 29.50 81.31 -60.45
C ALA HD 134 29.30 82.79 -60.70
N TRP HD 135 28.68 83.48 -59.74
CA TRP HD 135 28.44 84.90 -59.88
C TRP HD 135 29.80 85.53 -60.05
N ASN HD 136 30.64 85.39 -59.04
CA ASN HD 136 31.98 85.96 -59.08
C ASN HD 136 32.64 85.76 -60.44
N ARG HD 137 32.64 84.55 -60.94
CA ARG HD 137 33.28 84.31 -62.23
C ARG HD 137 32.76 85.22 -63.34
N CYS HD 138 31.48 85.12 -63.68
CA CYS HD 138 30.93 85.94 -64.73
C CYS HD 138 30.89 87.41 -64.42
N PHE HD 139 30.91 87.79 -63.16
CA PHE HD 139 30.88 89.21 -62.83
C PHE HD 139 32.25 89.77 -63.16
N HIS HD 140 33.31 89.01 -62.89
CA HIS HD 140 34.66 89.46 -63.17
C HIS HD 140 34.84 89.66 -64.66
N ARG HD 141 34.42 88.70 -65.46
CA ARG HD 141 34.54 88.83 -66.90
C ARG HD 141 33.87 90.14 -67.33
N LEU HD 142 32.72 90.44 -66.74
CA LEU HD 142 32.01 91.69 -67.07
C LEU HD 142 32.79 92.94 -66.63
N VAL HD 143 33.27 92.92 -65.40
CA VAL HD 143 34.03 94.04 -64.86
C VAL HD 143 35.31 94.28 -65.65
N ALA HD 144 36.12 93.23 -65.80
CA ALA HD 144 37.37 93.34 -66.53
C ALA HD 144 37.19 94.18 -67.79
N ARG HD 145 36.28 93.76 -68.65
CA ARG HD 145 36.06 94.49 -69.89
C ARG HD 145 35.59 95.91 -69.66
N ILE HD 146 34.86 96.17 -68.58
CA ILE HD 146 34.37 97.53 -68.32
C ILE HD 146 35.47 98.49 -67.92
N ALA HD 147 36.34 97.98 -67.06
CA ALA HD 147 37.47 98.73 -66.68
C ALA HD 147 38.12 99.00 -67.96
N LYS HD 148 38.10 98.00 -68.88
CA LYS HD 148 39.26 97.39 -69.45
C LYS HD 148 40.10 98.37 -70.20
N ASP HD 149 39.44 99.31 -70.90
CA ASP HD 149 39.96 100.44 -71.66
C ASP HD 149 40.63 101.38 -70.76
N LEU HD 150 39.93 101.58 -69.64
CA LEU HD 150 40.24 102.61 -68.73
C LEU HD 150 41.60 102.33 -68.33
N PRO HD 151 42.01 101.13 -68.10
CA PRO HD 151 43.38 101.31 -67.82
C PRO HD 151 44.21 100.65 -68.87
N LYS ID 1 15.86 84.71 -29.08
CA LYS ID 1 16.99 84.08 -29.82
C LYS ID 1 17.44 85.12 -30.76
N LYS ID 2 16.73 85.08 -31.90
CA LYS ID 2 16.92 86.01 -32.95
C LYS ID 2 15.81 86.98 -32.86
N GLN ID 3 16.21 88.26 -32.88
CA GLN ID 3 15.39 89.42 -32.88
C GLN ID 3 15.47 89.83 -34.31
N CYS ID 4 14.49 90.55 -34.86
CA CYS ID 4 14.43 90.37 -36.28
C CYS ID 4 14.79 91.63 -36.99
N GLY ID 5 14.99 91.52 -38.32
CA GLY ID 5 15.68 92.56 -39.04
C GLY ID 5 15.17 92.56 -40.45
N VAL ID 6 15.59 93.60 -41.22
CA VAL ID 6 14.98 93.98 -42.47
C VAL ID 6 15.06 92.86 -43.45
N LEU ID 7 16.30 92.40 -43.73
CA LEU ID 7 16.41 91.30 -44.68
C LEU ID 7 15.67 90.05 -44.21
N GLU ID 8 16.03 89.51 -43.05
CA GLU ID 8 15.39 88.32 -42.53
C GLU ID 8 13.88 88.46 -42.60
N GLY ID 9 13.41 89.70 -42.62
CA GLY ID 9 11.99 89.93 -42.72
C GLY ID 9 11.59 89.61 -44.15
N LEU ID 10 12.19 90.33 -45.10
CA LEU ID 10 11.91 90.12 -46.51
C LEU ID 10 11.92 88.65 -46.86
N LYS ID 11 12.87 87.90 -46.30
CA LYS ID 11 12.95 86.47 -46.58
C LYS ID 11 11.69 85.76 -46.08
N VAL ID 12 11.39 85.91 -44.79
CA VAL ID 12 10.20 85.26 -44.24
C VAL ID 12 8.97 85.72 -44.99
N LYS ID 13 8.85 87.03 -45.18
CA LYS ID 13 7.68 87.58 -45.87
C LYS ID 13 7.46 86.91 -47.23
N SER ID 14 8.56 86.63 -47.92
CA SER ID 14 8.51 85.98 -49.23
C SER ID 14 8.16 84.50 -49.10
N GLU ID 15 8.95 83.79 -48.29
CA GLU ID 15 8.72 82.36 -48.08
C GLU ID 15 7.32 82.09 -47.56
N TRP ID 16 6.83 82.98 -46.72
CA TRP ID 16 5.49 82.79 -46.19
C TRP ID 16 4.54 82.83 -47.35
N GLY ID 17 4.81 83.70 -48.31
CA GLY ID 17 3.93 83.79 -49.46
C GLY ID 17 3.71 82.45 -50.13
N ARG ID 18 4.80 81.71 -50.29
CA ARG ID 18 4.75 80.40 -50.91
C ARG ID 18 4.08 79.36 -50.03
N ALA ID 19 4.44 79.33 -48.74
CA ALA ID 19 3.87 78.36 -47.81
C ALA ID 19 2.37 78.55 -47.55
N TYR ID 20 1.97 79.81 -47.40
CA TYR ID 20 0.58 80.14 -47.13
C TYR ID 20 -0.26 79.63 -48.28
N GLY ID 21 0.04 80.11 -49.48
CA GLY ID 21 -0.72 79.67 -50.63
C GLY ID 21 -2.18 80.12 -50.54
N SER ID 22 -3.07 79.38 -51.19
CA SER ID 22 -4.49 79.75 -51.20
C SER ID 22 -5.42 78.57 -51.45
N GLY ID 23 -6.72 78.85 -51.41
CA GLY ID 23 -7.72 77.81 -51.63
C GLY ID 23 -7.71 76.68 -50.62
N HIS ID 24 -7.53 75.46 -51.12
CA HIS ID 24 -7.49 74.29 -50.26
C HIS ID 24 -6.16 74.18 -49.55
N ASP ID 25 -5.07 74.40 -50.28
CA ASP ID 25 -3.75 74.33 -49.68
C ASP ID 25 -3.82 75.08 -48.36
N ARG ID 26 -4.53 76.20 -48.36
CA ARG ID 26 -4.67 77.02 -47.17
C ARG ID 26 -5.48 76.29 -46.11
N GLU ID 27 -6.71 75.95 -46.46
CA GLU ID 27 -7.58 75.24 -45.53
C GLU ID 27 -6.86 74.05 -44.86
N ALA ID 28 -5.84 73.52 -45.53
CA ALA ID 28 -5.09 72.40 -44.98
C ALA ID 28 -3.89 72.94 -44.22
N PHE ID 29 -3.12 73.80 -44.86
CA PHE ID 29 -1.96 74.41 -44.23
C PHE ID 29 -2.33 74.76 -42.79
N SER ID 30 -3.45 75.46 -42.62
CA SER ID 30 -3.90 75.83 -41.29
C SER ID 30 -4.24 74.58 -40.48
N GLN ID 31 -5.04 73.71 -41.09
CA GLN ID 31 -5.39 72.44 -40.46
C GLN ID 31 -4.14 71.79 -39.87
N ALA ID 32 -3.17 71.49 -40.73
CA ALA ID 32 -1.93 70.85 -40.32
C ALA ID 32 -1.32 71.53 -39.14
N ILE ID 33 -1.18 72.85 -39.24
CA ILE ID 33 -0.59 73.65 -38.17
C ILE ID 33 -1.29 73.44 -36.84
N TRP ID 34 -2.61 73.58 -36.82
CA TRP ID 34 -3.32 73.38 -35.57
C TRP ID 34 -3.18 71.98 -35.01
N ARG ID 35 -3.25 70.98 -35.88
CA ARG ID 35 -3.11 69.61 -35.43
C ARG ID 35 -1.76 69.45 -34.74
N ALA ID 36 -0.74 70.04 -35.32
CA ALA ID 36 0.60 69.98 -34.76
C ALA ID 36 0.64 70.72 -33.41
N THR ID 37 -0.09 71.82 -33.32
CA THR ID 37 -0.12 72.60 -32.08
C THR ID 37 -0.77 71.80 -30.98
N PHE ID 38 -2.03 71.41 -31.21
CA PHE ID 38 -2.77 70.64 -30.21
C PHE ID 38 -2.08 69.35 -29.83
N ALA ID 39 -1.39 68.74 -30.78
CA ALA ID 39 -0.71 67.50 -30.49
C ALA ID 39 0.37 67.73 -29.45
N GLN ID 40 0.95 68.92 -29.49
CA GLN ID 40 2.00 69.27 -28.56
C GLN ID 40 1.46 69.57 -27.18
N VAL ID 41 0.45 70.44 -27.12
CA VAL ID 41 -0.15 70.82 -25.85
C VAL ID 41 -1.66 70.59 -25.84
N PRO ID 42 -2.08 69.33 -25.69
CA PRO ID 42 -3.51 69.03 -25.67
C PRO ID 42 -4.27 69.90 -24.68
N GLU ID 43 -3.56 70.37 -23.66
CA GLU ID 43 -4.16 71.22 -22.64
C GLU ID 43 -4.89 72.40 -23.26
N SER ID 44 -4.28 72.99 -24.27
CA SER ID 44 -4.81 74.18 -24.96
C SER ID 44 -6.14 74.01 -25.67
N ARG ID 45 -6.55 72.78 -25.95
CA ARG ID 45 -7.82 72.61 -26.63
C ARG ID 45 -8.94 73.30 -25.87
N SER ID 46 -8.82 73.34 -24.55
CA SER ID 46 -9.84 73.95 -23.69
C SER ID 46 -10.13 75.42 -23.99
N LEU ID 47 -9.18 76.15 -24.54
CA LEU ID 47 -9.38 77.55 -24.85
C LEU ID 47 -10.27 77.80 -26.05
N PHE ID 48 -10.24 76.86 -26.99
CA PHE ID 48 -11.05 77.00 -28.19
C PHE ID 48 -12.31 76.18 -28.10
N LYS ID 49 -12.83 76.03 -26.89
CA LYS ID 49 -14.04 75.27 -26.68
C LYS ID 49 -15.18 76.01 -27.37
N ARG ID 50 -15.03 77.32 -27.46
CA ARG ID 50 -16.05 78.17 -28.06
C ARG ID 50 -16.19 77.97 -29.56
N VAL ID 51 -15.09 77.62 -30.21
CA VAL ID 51 -15.09 77.43 -31.64
C VAL ID 51 -14.73 75.99 -31.99
N HIS ID 52 -15.50 75.07 -31.42
CA HIS ID 52 -15.30 73.64 -31.63
C HIS ID 52 -13.84 73.22 -31.74
N GLY ID 53 -13.10 73.37 -30.65
CA GLY ID 53 -11.70 72.98 -30.64
C GLY ID 53 -11.61 71.48 -30.48
N ASP ID 54 -12.71 70.87 -30.06
CA ASP ID 54 -12.72 69.44 -29.88
C ASP ID 54 -12.52 68.70 -31.20
N ASP ID 55 -13.12 69.21 -32.27
CA ASP ID 55 -12.99 68.59 -33.59
C ASP ID 55 -12.35 69.57 -34.57
N THR ID 56 -11.05 69.43 -34.74
CA THR ID 56 -10.30 70.28 -35.65
C THR ID 56 -10.88 70.39 -37.06
N SER ID 57 -11.70 69.43 -37.47
CA SER ID 57 -12.31 69.41 -38.80
C SER ID 57 -13.70 70.04 -38.90
N HIS ID 58 -14.20 70.57 -37.79
CA HIS ID 58 -15.51 71.20 -37.75
C HIS ID 58 -15.45 72.56 -38.41
N PRO ID 59 -16.38 72.85 -39.30
CA PRO ID 59 -16.39 74.14 -39.98
C PRO ID 59 -16.08 75.33 -39.08
N ALA ID 60 -16.71 75.38 -37.92
CA ALA ID 60 -16.49 76.48 -37.00
C ALA ID 60 -15.02 76.68 -36.76
N PHE ID 61 -14.33 75.59 -36.47
CA PHE ID 61 -12.89 75.63 -36.21
C PHE ID 61 -12.11 75.92 -37.48
N ILE ID 62 -12.55 75.34 -38.60
CA ILE ID 62 -11.89 75.55 -39.88
C ILE ID 62 -11.84 77.04 -40.13
N ALA ID 63 -12.97 77.68 -39.87
CA ALA ID 63 -13.08 79.11 -40.02
C ALA ID 63 -12.04 79.72 -39.11
N HIS ID 64 -12.17 79.44 -37.82
CA HIS ID 64 -11.24 79.96 -36.83
C HIS ID 64 -9.81 79.87 -37.30
N ALA ID 65 -9.37 78.68 -37.67
CA ALA ID 65 -8.01 78.48 -38.13
C ALA ID 65 -7.69 79.41 -39.28
N ASP ID 66 -8.42 79.27 -40.38
CA ASP ID 66 -8.22 80.10 -41.56
C ASP ID 66 -8.24 81.58 -41.14
N ARG ID 67 -8.96 81.89 -40.07
CA ARG ID 67 -9.09 83.27 -39.56
C ARG ID 67 -7.85 83.70 -38.81
N VAL ID 68 -7.23 82.77 -38.11
CA VAL ID 68 -6.04 83.03 -37.34
C VAL ID 68 -4.88 83.31 -38.28
N LEU ID 69 -4.61 82.37 -39.18
CA LEU ID 69 -3.54 82.53 -40.14
C LEU ID 69 -3.70 83.91 -40.76
N GLY ID 70 -4.95 84.30 -40.99
CA GLY ID 70 -5.23 85.61 -41.57
C GLY ID 70 -4.44 86.69 -40.86
N GLY ID 71 -4.56 86.76 -39.55
CA GLY ID 71 -3.83 87.76 -38.80
C GLY ID 71 -2.34 87.59 -39.00
N LEU ID 72 -1.85 86.37 -38.78
CA LEU ID 72 -0.44 86.08 -38.97
C LEU ID 72 0.00 86.61 -40.32
N ASP ID 73 -0.88 86.54 -41.31
CA ASP ID 73 -0.56 87.05 -42.63
C ASP ID 73 -0.28 88.53 -42.49
N ILE ID 74 -1.28 89.29 -42.09
CA ILE ID 74 -1.10 90.72 -41.90
C ILE ID 74 0.20 91.02 -41.19
N ALA ID 75 0.47 90.30 -40.10
CA ALA ID 75 1.69 90.50 -39.34
C ALA ID 75 2.89 90.37 -40.24
N ILE ID 76 3.15 89.15 -40.69
CA ILE ID 76 4.28 88.89 -41.58
C ILE ID 76 4.30 89.86 -42.77
N SER ID 77 3.15 89.99 -43.46
CA SER ID 77 3.14 90.78 -44.64
C SER ID 77 3.40 92.22 -44.30
N THR ID 78 2.88 92.73 -43.15
CA THR ID 78 3.04 94.13 -42.85
C THR ID 78 4.47 94.47 -42.47
N LEU ID 79 5.17 93.53 -41.82
CA LEU ID 79 6.26 93.70 -40.89
C LEU ID 79 7.43 94.34 -41.54
N ASP ID 80 7.51 94.22 -42.88
CA ASP ID 80 8.67 94.67 -43.59
C ASP ID 80 8.92 96.09 -43.16
N GLN ID 81 7.90 96.95 -43.36
CA GLN ID 81 8.01 98.31 -42.94
C GLN ID 81 7.49 98.42 -41.55
N PRO ID 82 8.37 99.01 -40.75
CA PRO ID 82 8.27 99.21 -39.31
C PRO ID 82 7.09 100.09 -38.91
N ALA ID 83 6.90 101.17 -39.64
CA ALA ID 83 5.81 102.09 -39.36
C ALA ID 83 4.48 101.36 -39.22
N THR ID 84 4.08 100.68 -40.29
CA THR ID 84 2.82 99.95 -40.35
C THR ID 84 2.80 98.76 -39.40
N LEU ID 85 3.78 97.88 -39.54
CA LEU ID 85 3.86 96.71 -38.67
C LEU ID 85 3.56 97.13 -37.25
N LYS ID 86 4.30 98.12 -36.79
CA LYS ID 86 4.14 98.65 -35.44
C LYS ID 86 2.65 98.69 -35.12
N GLU ID 87 1.90 99.36 -35.99
CA GLU ID 87 0.48 99.50 -35.78
C GLU ID 87 -0.24 98.17 -35.66
N GLU ID 88 -0.11 97.30 -36.66
CA GLU ID 88 -0.77 96.00 -36.62
C GLU ID 88 -0.45 95.29 -35.32
N LEU ID 89 0.83 95.20 -34.99
CA LEU ID 89 1.22 94.53 -33.77
C LEU ID 89 0.47 95.15 -32.60
N ASP ID 90 0.55 96.47 -32.50
CA ASP ID 90 -0.13 97.18 -31.41
C ASP ID 90 -1.61 96.80 -31.37
N HIS ID 91 -2.23 96.78 -32.53
CA HIS ID 91 -3.64 96.44 -32.62
C HIS ID 91 -3.85 95.07 -32.00
N LEU ID 92 -3.05 94.10 -32.41
CA LEU ID 92 -3.16 92.76 -31.88
C LEU ID 92 -2.97 92.81 -30.37
N GLN ID 93 -1.87 93.45 -29.96
CA GLN ID 93 -1.53 93.58 -28.55
C GLN ID 93 -2.77 93.80 -27.72
N VAL ID 94 -3.63 94.68 -28.19
CA VAL ID 94 -4.87 95.01 -27.50
C VAL ID 94 -5.85 93.84 -27.45
N GLN ID 95 -6.13 93.25 -28.61
CA GLN ID 95 -7.07 92.13 -28.66
C GLN ID 95 -6.63 91.00 -27.74
N HIS ID 96 -5.38 91.07 -27.26
CA HIS ID 96 -4.86 90.01 -26.39
C HIS ID 96 -4.66 90.38 -24.92
N GLU ID 97 -4.39 91.64 -24.72
CA GLU ID 97 -3.94 92.05 -23.41
C GLU ID 97 -5.11 91.97 -22.49
N GLY ID 98 -4.92 91.44 -21.27
CA GLY ID 98 -5.97 91.34 -20.31
C GLY ID 98 -6.13 89.89 -20.02
N ARG ID 99 -5.77 89.05 -21.00
CA ARG ID 99 -6.19 87.68 -21.04
C ARG ID 99 -5.01 86.85 -20.75
N LYS ID 100 -5.13 85.88 -19.85
CA LYS ID 100 -3.90 85.20 -19.60
C LYS ID 100 -3.76 84.17 -20.68
N ILE ID 101 -2.58 84.16 -21.37
CA ILE ID 101 -2.15 83.05 -22.21
C ILE ID 101 -0.69 82.85 -21.99
N PRO ID 102 -0.41 81.71 -21.52
CA PRO ID 102 0.91 81.32 -21.13
C PRO ID 102 1.77 81.36 -22.34
N ASP ID 103 3.04 81.53 -22.08
CA ASP ID 103 4.06 81.60 -23.13
C ASP ID 103 4.37 80.18 -23.61
N ASN ID 104 3.89 79.21 -22.84
CA ASN ID 104 4.07 77.81 -23.15
C ASN ID 104 3.39 77.47 -24.48
N TYR ID 105 2.14 77.89 -24.63
CA TYR ID 105 1.38 77.61 -25.85
C TYR ID 105 1.96 78.29 -27.06
N PHE ID 106 2.17 79.60 -26.99
CA PHE ID 106 2.72 80.32 -28.11
C PHE ID 106 3.92 79.60 -28.65
N ASP ID 107 4.74 79.08 -27.74
CA ASP ID 107 5.93 78.35 -28.13
C ASP ID 107 5.56 77.19 -29.04
N ALA ID 108 4.61 76.37 -28.60
CA ALA ID 108 4.16 75.23 -29.37
C ALA ID 108 3.63 75.65 -30.73
N PHE ID 109 2.77 76.66 -30.73
CA PHE ID 109 2.18 77.15 -31.96
C PHE ID 109 3.26 77.60 -32.95
N LYS ID 110 4.34 78.16 -32.44
CA LYS ID 110 5.42 78.60 -33.31
C LYS ID 110 6.02 77.35 -33.93
N THR ID 111 6.42 76.43 -33.07
CA THR ID 111 7.00 75.18 -33.52
C THR ID 111 6.09 74.61 -34.60
N ALA ID 112 4.81 74.51 -34.32
CA ALA ID 112 3.87 73.96 -35.28
C ALA ID 112 4.10 74.65 -36.64
N ILE ID 113 3.84 75.96 -36.68
CA ILE ID 113 4.01 76.75 -37.88
C ILE ID 113 5.29 76.37 -38.57
N LEU ID 114 6.41 76.49 -37.86
CA LEU ID 114 7.70 76.16 -38.44
C LEU ID 114 7.76 74.78 -39.09
N HIS ID 115 7.36 73.74 -38.36
CA HIS ID 115 7.41 72.40 -38.92
C HIS ID 115 6.56 72.27 -40.16
N VAL ID 116 5.34 72.80 -40.11
CA VAL ID 116 4.48 72.72 -41.29
C VAL ID 116 5.10 73.50 -42.45
N VAL ID 117 5.44 74.77 -42.22
CA VAL ID 117 6.04 75.57 -43.28
C VAL ID 117 7.20 74.82 -43.90
N ALA ID 118 8.06 74.26 -43.09
CA ALA ID 118 9.21 73.52 -43.61
C ALA ID 118 8.73 72.37 -44.47
N ALA ID 119 7.68 71.70 -44.05
CA ALA ID 119 7.15 70.58 -44.80
C ALA ID 119 6.60 71.07 -46.12
N GLN ID 120 6.02 72.25 -46.10
CA GLN ID 120 5.44 72.81 -47.32
C GLN ID 120 6.44 73.39 -48.32
N LEU ID 121 7.50 74.03 -47.84
CA LEU ID 121 8.46 74.64 -48.73
C LEU ID 121 9.53 73.71 -49.27
N GLY ID 122 9.56 72.48 -48.77
CA GLY ID 122 10.56 71.55 -49.23
C GLY ID 122 11.99 71.88 -48.88
N ARG ID 123 12.66 72.65 -49.74
CA ARG ID 123 14.07 72.99 -49.55
C ARG ID 123 14.45 74.43 -49.28
N CYS ID 124 13.81 75.35 -49.98
CA CYS ID 124 14.15 76.75 -49.81
C CYS ID 124 13.40 77.34 -48.62
N TYR ID 125 14.05 77.31 -47.47
CA TYR ID 125 13.47 77.82 -46.23
C TYR ID 125 14.53 77.98 -45.14
N ASP ID 126 14.68 79.20 -44.64
CA ASP ID 126 15.65 79.52 -43.59
C ASP ID 126 14.96 79.38 -42.25
N ARG ID 127 15.39 78.43 -41.44
CA ARG ID 127 14.75 78.21 -40.15
C ARG ID 127 14.95 79.38 -39.21
N GLU ID 128 16.21 79.69 -38.88
CA GLU ID 128 16.53 80.78 -37.97
C GLU ID 128 15.67 82.01 -38.26
N ALA ID 129 15.65 82.43 -39.51
CA ALA ID 129 14.89 83.59 -39.95
C ALA ID 129 13.44 83.56 -39.50
N TRP ID 130 12.75 82.48 -39.83
CA TRP ID 130 11.35 82.35 -39.43
C TRP ID 130 11.27 82.42 -37.92
N ASP ID 131 12.03 81.55 -37.26
CA ASP ID 131 12.03 81.52 -35.80
C ASP ID 131 12.09 82.95 -35.28
N ALA ID 132 13.10 83.68 -35.73
CA ALA ID 132 13.27 85.05 -35.29
C ALA ID 132 12.03 85.93 -35.49
N CYS ID 133 11.44 85.88 -36.67
CA CYS ID 133 10.28 86.70 -36.98
C CYS ID 133 9.00 86.24 -36.35
N ILE ID 134 8.73 84.95 -36.39
CA ILE ID 134 7.51 84.46 -35.77
C ILE ID 134 7.58 84.92 -34.32
N ASP ID 135 8.78 84.91 -33.78
CA ASP ID 135 9.00 85.32 -32.40
C ASP ID 135 8.59 86.78 -32.28
N HIS ID 136 9.28 87.66 -32.99
CA HIS ID 136 8.96 89.08 -32.93
C HIS ID 136 7.47 89.32 -33.05
N ILE ID 137 6.79 88.55 -33.89
CA ILE ID 137 5.36 88.73 -34.06
C ILE ID 137 4.61 88.29 -32.81
N GLU ID 138 5.03 87.17 -32.25
CA GLU ID 138 4.37 86.68 -31.05
C GLU ID 138 4.60 87.62 -29.90
N ASP ID 139 5.81 88.11 -29.75
CA ASP ID 139 6.11 89.03 -28.66
C ASP ID 139 5.11 90.16 -28.74
N GLY ID 140 4.92 90.70 -29.94
CA GLY ID 140 3.99 91.79 -30.12
C GLY ID 140 2.57 91.47 -29.71
N ILE ID 141 2.27 90.19 -29.53
CA ILE ID 141 0.92 89.78 -29.15
C ILE ID 141 0.82 89.47 -27.66
N LYS ID 142 1.92 89.07 -27.06
CA LYS ID 142 1.93 88.77 -25.64
C LYS ID 142 2.21 90.03 -24.85
N GLY ID 143 3.15 90.84 -25.39
CA GLY ID 143 3.33 92.06 -24.66
C GLY ID 143 4.46 91.80 -23.74
N HIS ID 144 5.24 90.79 -24.14
CA HIS ID 144 5.84 89.86 -23.25
C HIS ID 144 6.77 90.53 -22.31
N HIS ID 145 6.50 90.21 -21.04
CA HIS ID 145 6.42 91.10 -19.92
C HIS ID 145 4.96 90.98 -19.62
N LYS JD 1 -111.57 22.81 -9.79
CA LYS JD 1 -111.70 22.86 -11.25
C LYS JD 1 -112.52 23.97 -11.76
N LYS JD 2 -112.37 24.15 -13.08
CA LYS JD 2 -113.05 25.10 -13.88
C LYS JD 2 -114.47 24.72 -14.05
N GLN JD 3 -115.30 25.78 -14.08
CA GLN JD 3 -116.67 25.67 -14.43
C GLN JD 3 -116.76 25.58 -15.92
N CYS JD 4 -117.80 24.86 -16.37
CA CYS JD 4 -118.14 24.90 -17.75
C CYS JD 4 -119.14 25.96 -17.92
N GLY JD 5 -119.06 26.56 -19.11
CA GLY JD 5 -119.96 27.54 -19.60
C GLY JD 5 -119.34 28.04 -20.85
N VAL JD 6 -119.70 29.28 -21.22
CA VAL JD 6 -119.47 29.81 -22.51
C VAL JD 6 -118.02 29.78 -22.86
N LEU JD 7 -117.22 30.55 -22.14
CA LEU JD 7 -115.85 30.84 -22.50
C LEU JD 7 -115.00 29.58 -22.69
N GLU JD 8 -114.89 28.78 -21.64
CA GLU JD 8 -114.09 27.56 -21.71
C GLU JD 8 -114.45 26.78 -22.95
N GLY JD 9 -115.65 26.98 -23.45
CA GLY JD 9 -116.04 26.30 -24.67
C GLY JD 9 -115.29 26.94 -25.81
N LEU JD 10 -115.51 28.24 -26.00
CA LEU JD 10 -114.83 28.98 -27.06
C LEU JD 10 -113.35 28.66 -27.09
N LYS JD 11 -112.73 28.54 -25.92
CA LYS JD 11 -111.31 28.23 -25.89
C LYS JD 11 -111.06 26.87 -26.49
N VAL JD 12 -111.71 25.83 -25.96
CA VAL JD 12 -111.51 24.49 -26.49
C VAL JD 12 -111.86 24.43 -27.98
N LYS JD 13 -112.99 25.01 -28.34
CA LYS JD 13 -113.42 25.01 -29.73
C LYS JD 13 -112.35 25.58 -30.65
N SER JD 14 -111.63 26.59 -30.17
CA SER JD 14 -110.58 27.24 -30.94
C SER JD 14 -109.34 26.38 -30.97
N GLU JD 15 -108.86 26.00 -29.79
CA GLU JD 15 -107.68 25.18 -29.70
C GLU JD 15 -107.84 23.87 -30.46
N TRP JD 16 -109.04 23.33 -30.42
CA TRP JD 16 -109.30 22.08 -31.13
C TRP JD 16 -109.08 22.32 -32.60
N GLY JD 17 -109.47 23.50 -33.06
CA GLY JD 17 -109.26 23.83 -34.45
C GLY JD 17 -107.81 23.65 -34.87
N ARG JD 18 -106.89 24.10 -34.02
CA ARG JD 18 -105.48 24.00 -34.30
C ARG JD 18 -104.97 22.58 -34.18
N ALA JD 19 -105.38 21.88 -33.13
CA ALA JD 19 -104.92 20.52 -32.91
C ALA JD 19 -105.44 19.52 -33.93
N TYR JD 20 -106.70 19.66 -34.31
CA TYR JD 20 -107.32 18.76 -35.27
C TYR JD 20 -106.58 18.85 -36.58
N GLY JD 21 -106.51 20.05 -37.13
CA GLY JD 21 -105.81 20.24 -38.38
C GLY JD 21 -106.48 19.50 -39.50
N SER JD 22 -105.71 19.13 -40.52
CA SER JD 22 -106.27 18.43 -41.68
C SER JD 22 -105.26 17.59 -42.43
N GLY JD 23 -105.74 16.89 -43.46
CA GLY JD 23 -104.88 16.04 -44.26
C GLY JD 23 -104.21 14.90 -43.52
N HIS JD 24 -102.88 14.88 -43.57
CA HIS JD 24 -102.12 13.86 -42.90
C HIS JD 24 -102.06 14.11 -41.41
N ASP JD 25 -101.82 15.36 -41.03
CA ASP JD 25 -101.78 15.70 -39.61
C ASP JD 25 -102.95 15.03 -38.93
N ARG JD 26 -104.11 15.07 -39.59
CA ARG JD 26 -105.31 14.47 -39.06
C ARG JD 26 -105.16 12.95 -39.01
N GLU JD 27 -104.92 12.31 -40.15
CA GLU JD 27 -104.74 10.86 -40.19
C GLU JD 27 -103.79 10.35 -39.11
N ALA JD 28 -102.90 11.23 -38.63
CA ALA JD 28 -101.96 10.87 -37.58
C ALA JD 28 -102.55 11.23 -36.24
N PHE JD 29 -102.95 12.47 -36.10
CA PHE JD 29 -103.57 12.97 -34.87
C PHE JD 29 -104.48 11.88 -34.31
N SER JD 30 -105.36 11.36 -35.15
CA SER JD 30 -106.28 10.29 -34.75
C SER JD 30 -105.46 9.06 -34.39
N GLN JD 31 -104.55 8.69 -35.29
CA GLN JD 31 -103.69 7.54 -35.07
C GLN JD 31 -103.10 7.59 -33.68
N ALA JD 32 -102.38 8.67 -33.40
CA ALA JD 32 -101.74 8.87 -32.09
C ALA JD 32 -102.71 8.68 -30.96
N ILE JD 33 -103.85 9.36 -31.05
CA ILE JD 33 -104.87 9.26 -30.02
C ILE JD 33 -105.28 7.81 -29.73
N TRP JD 34 -105.64 7.07 -30.77
CA TRP JD 34 -106.05 5.69 -30.55
C TRP JD 34 -104.95 4.86 -29.96
N ARG JD 35 -103.72 5.02 -30.45
CA ARG JD 35 -102.62 4.24 -29.91
C ARG JD 35 -102.49 4.50 -28.43
N ALA JD 36 -102.68 5.76 -28.03
CA ALA JD 36 -102.62 6.13 -26.63
C ALA JD 36 -103.77 5.50 -25.86
N THR JD 37 -104.93 5.45 -26.49
CA THR JD 37 -106.10 4.85 -25.84
C THR JD 37 -105.88 3.37 -25.60
N PHE JD 38 -105.67 2.63 -26.68
CA PHE JD 38 -105.46 1.20 -26.59
C PHE JD 38 -104.28 0.83 -25.68
N ALA JD 39 -103.25 1.66 -25.65
CA ALA JD 39 -102.10 1.40 -24.80
C ALA JD 39 -102.52 1.40 -23.34
N GLN JD 40 -103.52 2.24 -23.02
CA GLN JD 40 -104.03 2.36 -21.66
C GLN JD 40 -104.91 1.19 -21.30
N VAL JD 41 -105.86 0.89 -22.15
CA VAL JD 41 -106.78 -0.21 -21.89
C VAL JD 41 -106.80 -1.21 -23.03
N PRO JD 42 -105.77 -2.06 -23.13
CA PRO JD 42 -105.74 -3.05 -24.21
C PRO JD 42 -107.04 -3.87 -24.31
N GLU JD 43 -107.73 -3.98 -23.18
CA GLU JD 43 -108.99 -4.72 -23.11
C GLU JD 43 -109.98 -4.26 -24.19
N SER JD 44 -110.05 -2.94 -24.40
CA SER JD 44 -110.96 -2.34 -25.35
C SER JD 44 -110.77 -2.70 -26.80
N ARG JD 45 -109.60 -3.22 -27.17
CA ARG JD 45 -109.39 -3.56 -28.55
C ARG JD 45 -110.48 -4.50 -29.04
N SER JD 46 -110.97 -5.34 -28.15
CA SER JD 46 -112.02 -6.30 -28.50
C SER JD 46 -113.31 -5.69 -29.08
N LEU JD 47 -113.61 -4.44 -28.73
CA LEU JD 47 -114.81 -3.80 -29.22
C LEU JD 47 -114.73 -3.41 -30.68
N PHE JD 48 -113.53 -3.10 -31.14
CA PHE JD 48 -113.35 -2.68 -32.52
C PHE JD 48 -112.82 -3.82 -33.37
N LYS JD 49 -113.22 -5.04 -33.02
CA LYS JD 49 -112.80 -6.21 -33.77
C LYS JD 49 -113.41 -6.12 -35.17
N ARG JD 50 -114.56 -5.46 -35.26
CA ARG JD 50 -115.28 -5.33 -36.52
C ARG JD 50 -114.58 -4.43 -37.51
N VAL JD 51 -113.83 -3.45 -37.00
CA VAL JD 51 -113.12 -2.52 -37.84
C VAL JD 51 -111.61 -2.61 -37.62
N HIS JD 52 -111.10 -3.84 -37.76
CA HIS JD 52 -109.69 -4.12 -37.59
C HIS JD 52 -109.02 -3.33 -36.48
N GLY JD 53 -109.45 -3.59 -35.25
CA GLY JD 53 -108.89 -2.91 -34.10
C GLY JD 53 -107.57 -3.57 -33.77
N ASP JD 54 -107.32 -4.75 -34.32
CA ASP JD 54 -106.07 -5.46 -34.05
C ASP JD 54 -104.88 -4.69 -34.61
N ASP JD 55 -105.05 -4.09 -35.79
CA ASP JD 55 -103.98 -3.33 -36.43
C ASP JD 55 -104.41 -1.89 -36.64
N THR JD 56 -103.98 -1.03 -35.71
CA THR JD 56 -104.30 0.38 -35.76
C THR JD 56 -103.98 1.06 -37.09
N SER JD 57 -103.09 0.48 -37.87
CA SER JD 57 -102.68 1.04 -39.17
C SER JD 57 -103.45 0.51 -40.38
N HIS JD 58 -104.43 -0.35 -40.15
CA HIS JD 58 -105.24 -0.91 -41.24
C HIS JD 58 -106.22 0.12 -41.72
N PRO JD 59 -106.34 0.29 -43.04
CA PRO JD 59 -107.26 1.27 -43.60
C PRO JD 59 -108.62 1.30 -42.93
N ALA JD 60 -109.19 0.12 -42.74
CA ALA JD 60 -110.50 0.03 -42.12
C ALA JD 60 -110.53 0.85 -40.83
N PHE JD 61 -109.55 0.60 -39.98
CA PHE JD 61 -109.46 1.30 -38.70
C PHE JD 61 -109.13 2.77 -38.93
N ILE JD 62 -108.24 3.05 -39.88
CA ILE JD 62 -107.84 4.42 -40.16
C ILE JD 62 -109.09 5.20 -40.40
N ALA JD 63 -109.95 4.60 -41.21
CA ALA JD 63 -111.23 5.20 -41.55
C ALA JD 63 -111.95 5.43 -40.24
N HIS JD 64 -112.21 4.33 -39.54
CA HIS JD 64 -112.90 4.41 -38.26
C HIS JD 64 -112.41 5.57 -37.40
N ALA JD 65 -111.11 5.63 -37.18
CA ALA JD 65 -110.52 6.69 -36.36
C ALA JD 65 -110.91 8.04 -36.91
N ASP JD 66 -110.47 8.31 -38.13
CA ASP JD 66 -110.79 9.57 -38.78
C ASP JD 66 -112.30 9.86 -38.69
N ARG JD 67 -113.10 8.79 -38.63
CA ARG JD 67 -114.55 8.89 -38.58
C ARG JD 67 -115.02 9.28 -37.20
N VAL JD 68 -114.31 8.80 -36.19
CA VAL JD 68 -114.65 9.09 -34.81
C VAL JD 68 -114.36 10.54 -34.49
N LEU JD 69 -113.13 10.96 -34.73
CA LEU JD 69 -112.76 12.33 -34.47
C LEU JD 69 -113.81 13.20 -35.11
N GLY JD 70 -114.29 12.77 -36.29
CA GLY JD 70 -115.33 13.52 -36.99
C GLY JD 70 -116.46 13.93 -36.07
N GLY JD 71 -117.03 12.95 -35.37
CA GLY JD 71 -118.11 13.26 -34.46
C GLY JD 71 -117.63 14.23 -33.41
N LEU JD 72 -116.50 13.88 -32.77
CA LEU JD 72 -115.93 14.74 -31.74
C LEU JD 72 -115.86 16.17 -32.27
N ASP JD 73 -115.56 16.32 -33.56
CA ASP JD 73 -115.49 17.63 -34.16
C ASP JD 73 -116.85 18.27 -33.99
N ILE JD 74 -117.85 17.67 -34.63
CA ILE JD 74 -119.19 18.22 -34.54
C ILE JD 74 -119.52 18.62 -33.12
N ALA JD 75 -119.20 17.73 -32.16
CA ALA JD 75 -119.48 18.01 -30.76
C ALA JD 75 -118.84 19.33 -30.35
N ILE JD 76 -117.52 19.32 -30.30
CA ILE JD 76 -116.77 20.50 -29.91
C ILE JD 76 -117.21 21.70 -30.71
N SER JD 77 -117.26 21.60 -32.04
CA SER JD 77 -117.53 22.76 -32.85
C SER JD 77 -118.87 23.36 -32.50
N THR JD 78 -119.95 22.54 -32.44
CA THR JD 78 -121.25 23.04 -32.09
C THR JD 78 -121.22 23.54 -30.68
N LEU JD 79 -120.36 22.94 -29.83
CA LEU JD 79 -120.67 22.58 -28.48
C LEU JD 79 -121.19 23.77 -27.74
N ASP JD 80 -120.48 24.91 -27.82
CA ASP JD 80 -120.76 25.96 -26.88
C ASP JD 80 -122.13 26.52 -27.10
N GLN JD 81 -122.58 26.67 -28.36
CA GLN JD 81 -123.96 27.03 -28.52
C GLN JD 81 -124.72 25.77 -28.19
N PRO JD 82 -125.66 25.96 -27.24
CA PRO JD 82 -126.50 24.97 -26.58
C PRO JD 82 -127.51 24.31 -27.50
N ALA JD 83 -128.17 25.12 -28.31
CA ALA JD 83 -129.17 24.64 -29.25
C ALA JD 83 -128.65 23.46 -30.08
N THR JD 84 -127.58 23.71 -30.83
CA THR JD 84 -126.97 22.72 -31.70
C THR JD 84 -126.35 21.58 -30.91
N LEU JD 85 -125.45 21.91 -30.00
CA LEU JD 85 -124.79 20.90 -29.18
C LEU JD 85 -125.82 19.89 -28.72
N LYS JD 86 -126.87 20.41 -28.09
CA LYS JD 86 -127.96 19.59 -27.62
C LYS JD 86 -128.21 18.48 -28.64
N GLU JD 87 -128.43 18.91 -29.88
CA GLU JD 87 -128.73 17.97 -30.94
C GLU JD 87 -127.64 16.92 -31.13
N GLU JD 88 -126.42 17.36 -31.37
CA GLU JD 88 -125.32 16.42 -31.58
C GLU JD 88 -125.26 15.42 -30.44
N LEU JD 89 -125.26 15.92 -29.22
CA LEU JD 89 -125.19 15.03 -28.06
C LEU JD 89 -126.30 14.03 -28.14
N ASP JD 90 -127.52 14.52 -28.34
CA ASP JD 90 -128.68 13.63 -28.45
C ASP JD 90 -128.45 12.57 -29.52
N HIS JD 91 -127.92 13.00 -30.66
CA HIS JD 91 -127.66 12.09 -31.77
C HIS JD 91 -126.73 10.98 -31.26
N LEU JD 92 -125.65 11.37 -30.62
CA LEU JD 92 -124.70 10.41 -30.09
C LEU JD 92 -125.41 9.49 -29.12
N GLN JD 93 -126.11 10.11 -28.16
CA GLN JD 93 -126.84 9.39 -27.15
C GLN JD 93 -127.48 8.15 -27.73
N VAL JD 94 -128.11 8.32 -28.89
CA VAL JD 94 -128.78 7.20 -29.56
C VAL JD 94 -127.81 6.13 -30.04
N GLN JD 95 -126.77 6.53 -30.77
CA GLN JD 95 -125.81 5.57 -31.29
C GLN JD 95 -125.19 4.76 -30.17
N HIS JD 96 -125.39 5.19 -28.92
CA HIS JD 96 -124.82 4.48 -27.77
C HIS JD 96 -125.80 3.71 -26.88
N GLU JD 97 -127.02 4.25 -26.83
CA GLU JD 97 -128.05 3.69 -26.01
C GLU JD 97 -128.45 2.40 -26.65
N GLY JD 98 -128.72 1.41 -25.79
CA GLY JD 98 -128.87 0.05 -26.16
C GLY JD 98 -127.65 -0.67 -25.69
N ARG JD 99 -126.52 0.03 -25.61
CA ARG JD 99 -125.36 -0.68 -25.24
C ARG JD 99 -125.01 -0.27 -23.85
N LYS JD 100 -124.36 -1.15 -23.07
CA LYS JD 100 -123.73 -0.42 -22.03
C LYS JD 100 -122.26 -0.46 -22.25
N ILE JD 101 -121.71 0.76 -22.02
CA ILE JD 101 -120.37 1.22 -22.28
C ILE JD 101 -119.88 1.87 -21.04
N PRO JD 102 -118.99 1.12 -20.55
CA PRO JD 102 -118.36 1.29 -19.29
C PRO JD 102 -117.51 2.49 -19.38
N ASP JD 103 -117.45 3.23 -18.24
CA ASP JD 103 -116.96 4.59 -18.07
C ASP JD 103 -115.43 4.55 -17.97
N ASN JD 104 -114.91 3.35 -17.80
CA ASN JD 104 -113.50 3.12 -17.68
C ASN JD 104 -112.82 3.51 -18.96
N TYR JD 105 -113.35 3.04 -20.09
CA TYR JD 105 -112.75 3.33 -21.41
C TYR JD 105 -112.82 4.80 -21.76
N PHE JD 106 -114.02 5.37 -21.70
CA PHE JD 106 -114.17 6.79 -22.02
C PHE JD 106 -113.11 7.59 -21.32
N ASP JD 107 -112.85 7.24 -20.07
CA ASP JD 107 -111.85 7.93 -19.29
C ASP JD 107 -110.50 7.90 -20.02
N ALA JD 108 -110.07 6.70 -20.42
CA ALA JD 108 -108.80 6.54 -21.12
C ALA JD 108 -108.77 7.33 -22.42
N PHE JD 109 -109.83 7.21 -23.19
CA PHE JD 109 -109.93 7.91 -24.45
C PHE JD 109 -109.81 9.41 -24.26
N LYS JD 110 -110.34 9.93 -23.16
CA LYS JD 110 -110.24 11.37 -22.87
C LYS JD 110 -108.76 11.67 -22.65
N THR JD 111 -108.17 10.93 -21.72
CA THR JD 111 -106.78 11.09 -21.42
C THR JD 111 -105.99 11.08 -22.72
N ALA JD 112 -106.21 10.06 -23.54
CA ALA JD 112 -105.51 9.98 -24.80
C ALA JD 112 -105.61 11.33 -25.51
N ILE JD 113 -106.83 11.73 -25.88
CA ILE JD 113 -107.07 13.00 -26.56
C ILE JD 113 -106.27 14.12 -25.94
N LEU JD 114 -106.45 14.32 -24.64
CA LEU JD 114 -105.73 15.36 -23.94
C LEU JD 114 -104.22 15.31 -24.15
N HIS JD 115 -103.60 14.17 -23.90
CA HIS JD 115 -102.17 14.07 -24.07
C HIS JD 115 -101.73 14.37 -25.49
N VAL JD 116 -102.41 13.82 -26.48
CA VAL JD 116 -102.05 14.09 -27.85
C VAL JD 116 -102.22 15.58 -28.14
N VAL JD 117 -103.41 16.12 -27.86
CA VAL JD 117 -103.67 17.53 -28.11
C VAL JD 117 -102.57 18.39 -27.52
N ALA JD 118 -102.22 18.11 -26.27
CA ALA JD 118 -101.17 18.86 -25.62
C ALA JD 118 -99.86 18.74 -26.39
N ALA JD 119 -99.58 17.54 -26.89
CA ALA JD 119 -98.36 17.32 -27.65
C ALA JD 119 -98.39 18.12 -28.94
N GLN JD 120 -99.58 18.21 -29.55
CA GLN JD 120 -99.76 18.93 -30.80
C GLN JD 120 -99.76 20.46 -30.69
N LEU JD 121 -100.34 21.01 -29.63
CA LEU JD 121 -100.41 22.46 -29.48
C LEU JD 121 -99.19 23.11 -28.86
N GLY JD 122 -98.25 22.30 -28.40
CA GLY JD 122 -97.07 22.86 -27.80
C GLY JD 122 -97.27 23.60 -26.49
N ARG JD 123 -97.52 24.90 -26.59
CA ARG JD 123 -97.67 25.72 -25.39
C ARG JD 123 -99.04 26.33 -25.07
N CYS JD 124 -99.73 26.81 -26.10
CA CYS JD 124 -101.04 27.43 -25.88
C CYS JD 124 -102.13 26.39 -25.80
N TYR JD 125 -102.42 25.95 -24.58
CA TYR JD 125 -103.43 24.93 -24.34
C TYR JD 125 -103.80 24.86 -22.86
N ASP JD 126 -105.08 25.08 -22.57
CA ASP JD 126 -105.59 25.04 -21.20
C ASP JD 126 -106.08 23.63 -20.93
N ARG JD 127 -105.44 22.95 -19.99
CA ARG JD 127 -105.83 21.58 -19.66
C ARG JD 127 -107.23 21.50 -19.06
N GLU JD 128 -107.42 22.14 -17.91
CA GLU JD 128 -108.70 22.12 -17.23
C GLU JD 128 -109.85 22.28 -18.20
N ALA JD 129 -109.76 23.31 -19.04
CA ALA JD 129 -110.80 23.62 -20.02
C ALA JD 129 -111.15 22.42 -20.87
N TRP JD 130 -110.16 21.82 -21.50
CA TRP JD 130 -110.43 20.65 -22.34
C TRP JD 130 -111.05 19.58 -21.49
N ASP JD 131 -110.38 19.23 -20.40
CA ASP JD 131 -110.90 18.21 -19.52
C ASP JD 131 -112.40 18.44 -19.31
N ALA JD 132 -112.74 19.64 -18.88
CA ALA JD 132 -114.13 19.97 -18.62
C ALA JD 132 -115.06 19.72 -19.79
N CYS JD 133 -114.67 20.19 -20.97
CA CYS JD 133 -115.49 20.02 -22.16
C CYS JD 133 -115.53 18.61 -22.75
N ILE JD 134 -114.38 17.97 -22.86
CA ILE JD 134 -114.36 16.62 -23.36
C ILE JD 134 -115.29 15.82 -22.48
N ASP JD 135 -115.28 16.15 -21.19
CA ASP JD 135 -116.13 15.49 -20.22
C ASP JD 135 -117.58 15.72 -20.63
N HIS JD 136 -117.99 16.98 -20.62
CA HIS JD 136 -119.37 17.32 -20.98
C HIS JD 136 -119.79 16.60 -22.25
N ILE JD 137 -118.89 16.50 -23.22
CA ILE JD 137 -119.23 15.81 -24.46
C ILE JD 137 -119.39 14.32 -24.22
N GLU JD 138 -118.51 13.73 -23.44
CA GLU JD 138 -118.61 12.32 -23.17
C GLU JD 138 -119.87 12.00 -22.39
N ASP JD 139 -120.18 12.84 -21.41
CA ASP JD 139 -121.38 12.61 -20.63
C ASP JD 139 -122.55 12.50 -21.58
N GLY JD 140 -122.62 13.42 -22.51
CA GLY JD 140 -123.72 13.42 -23.47
C GLY JD 140 -123.79 12.16 -24.31
N ILE JD 141 -122.75 11.35 -24.27
CA ILE JD 141 -122.74 10.13 -25.06
C ILE JD 141 -123.03 8.90 -24.21
N LYS JD 142 -122.69 8.99 -22.94
CA LYS JD 142 -122.94 7.88 -22.05
C LYS JD 142 -124.34 8.00 -21.46
N GLY JD 143 -124.70 9.27 -21.17
CA GLY JD 143 -126.06 9.59 -20.91
C GLY JD 143 -126.37 8.90 -19.65
N HIS JD 144 -125.40 8.99 -18.71
CA HIS JD 144 -125.60 8.77 -17.32
C HIS JD 144 -125.68 10.13 -16.71
N HIS JD 145 -126.78 10.82 -17.06
CA HIS JD 145 -127.37 11.85 -16.28
C HIS JD 145 -128.38 11.03 -15.50
N HIS KD 20 -108.29 6.10 -64.96
CA HIS KD 20 -108.21 5.13 -63.84
C HIS KD 20 -107.45 5.72 -62.72
N GLU KD 21 -106.12 5.53 -62.71
CA GLU KD 21 -105.44 6.24 -61.68
C GLU KD 21 -105.53 7.68 -62.04
N HIS KD 22 -105.21 7.98 -63.31
CA HIS KD 22 -104.78 9.28 -63.65
C HIS KD 22 -105.86 10.26 -63.29
N CYS KD 23 -107.11 9.86 -63.57
CA CYS KD 23 -108.27 10.48 -63.03
C CYS KD 23 -108.33 10.03 -61.62
N CYS KD 24 -107.71 10.86 -60.80
CA CYS KD 24 -108.28 11.63 -59.75
C CYS KD 24 -107.07 11.77 -58.96
N SER KD 25 -106.32 12.80 -59.32
CA SER KD 25 -104.95 12.47 -59.25
C SER KD 25 -104.50 12.81 -57.90
N GLU KD 26 -103.22 12.49 -57.64
CA GLU KD 26 -102.53 13.15 -56.54
C GLU KD 26 -102.62 14.67 -56.65
N GLU KD 27 -102.15 15.21 -57.77
CA GLU KD 27 -102.22 16.66 -57.92
C GLU KD 27 -103.68 17.08 -57.80
N ASP KD 28 -104.57 16.42 -58.53
CA ASP KD 28 -105.97 16.74 -58.48
C ASP KD 28 -106.45 16.98 -57.07
N HIS KD 29 -106.43 15.95 -56.24
CA HIS KD 29 -106.91 16.14 -54.89
C HIS KD 29 -106.01 17.00 -54.04
N ARG KD 30 -104.70 16.97 -54.28
CA ARG KD 30 -103.83 17.82 -53.47
C ARG KD 30 -104.45 19.23 -53.61
N ILE KD 31 -104.95 19.54 -54.81
CA ILE KD 31 -105.56 20.82 -55.09
C ILE KD 31 -106.82 20.94 -54.28
N VAL KD 32 -107.75 20.03 -54.52
CA VAL KD 32 -109.01 20.06 -53.81
C VAL KD 32 -108.76 20.31 -52.34
N GLN KD 33 -107.95 19.48 -51.73
CA GLN KD 33 -107.65 19.64 -50.32
C GLN KD 33 -107.25 21.05 -49.98
N LYS KD 34 -106.30 21.59 -50.74
CA LYS KD 34 -105.82 22.94 -50.47
C LYS KD 34 -106.95 23.95 -50.52
N GLN KD 35 -107.75 23.87 -51.57
CA GLN KD 35 -108.84 24.82 -51.76
C GLN KD 35 -109.95 24.67 -50.74
N TRP KD 36 -110.18 23.46 -50.28
CA TRP KD 36 -111.25 23.22 -49.32
C TRP KD 36 -110.83 23.76 -47.98
N ASP KD 37 -109.54 23.98 -47.80
CA ASP KD 37 -109.06 24.50 -46.54
C ASP KD 37 -109.21 26.01 -46.40
N ILE KD 38 -109.28 26.70 -47.53
CA ILE KD 38 -109.46 28.15 -47.52
C ILE KD 38 -110.65 28.47 -46.63
N LEU KD 39 -111.58 27.52 -46.54
CA LEU KD 39 -112.78 27.67 -45.74
C LEU KD 39 -112.62 27.71 -44.22
N TRP KD 40 -111.96 26.70 -43.67
CA TRP KD 40 -111.78 26.61 -42.22
C TRP KD 40 -110.64 27.43 -41.62
N ARG KD 41 -110.38 28.60 -42.17
CA ARG KD 41 -109.31 29.46 -41.62
C ARG KD 41 -109.76 30.10 -40.32
N ASP KD 42 -111.04 30.46 -40.22
CA ASP KD 42 -111.55 31.07 -38.99
C ASP KD 42 -112.24 30.07 -38.09
N THR KD 43 -112.07 30.26 -36.79
CA THR KD 43 -112.61 29.36 -35.79
C THR KD 43 -114.11 29.11 -35.83
N GLU KD 44 -114.87 29.98 -36.46
CA GLU KD 44 -116.31 29.77 -36.51
C GLU KD 44 -116.75 28.84 -37.62
N SER KD 45 -116.08 27.70 -37.73
CA SER KD 45 -116.38 26.70 -38.75
C SER KD 45 -117.84 26.26 -38.67
N SER KD 46 -118.34 26.07 -37.45
CA SER KD 46 -119.71 25.65 -37.25
C SER KD 46 -120.68 26.53 -38.03
N LYS KD 47 -120.62 27.82 -37.77
CA LYS KD 47 -121.51 28.77 -38.44
C LYS KD 47 -121.46 28.57 -39.95
N ILE KD 48 -120.26 28.35 -40.47
CA ILE KD 48 -120.09 28.15 -41.90
C ILE KD 48 -120.63 26.79 -42.32
N LYS KD 49 -119.96 25.72 -41.89
CA LYS KD 49 -120.38 24.37 -42.24
C LYS KD 49 -121.90 24.28 -42.23
N ILE KD 50 -122.52 24.76 -41.15
CA ILE KD 50 -123.98 24.72 -41.03
C ILE KD 50 -124.63 25.48 -42.16
N GLY KD 51 -124.45 26.80 -42.16
CA GLY KD 51 -125.02 27.62 -43.19
C GLY KD 51 -124.85 27.02 -44.58
N PHE KD 52 -123.62 26.63 -44.90
CA PHE KD 52 -123.32 26.06 -46.20
C PHE KD 52 -124.06 24.75 -46.42
N GLY KD 53 -123.90 23.82 -45.49
CA GLY KD 53 -124.56 22.53 -45.62
C GLY KD 53 -126.07 22.70 -45.64
N ARG KD 54 -126.54 23.67 -44.87
CA ARG KD 54 -127.96 23.94 -44.78
C ARG KD 54 -128.41 24.27 -46.17
N LEU KD 55 -127.79 25.30 -46.74
CA LEU KD 55 -128.13 25.74 -48.09
C LEU KD 55 -128.06 24.60 -49.09
N LEU KD 56 -126.95 23.85 -49.07
CA LEU KD 56 -126.79 22.74 -49.99
C LEU KD 56 -127.94 21.77 -49.96
N LEU KD 57 -128.39 21.36 -48.77
CA LEU KD 57 -129.49 20.43 -48.69
C LEU KD 57 -130.80 21.09 -49.12
N THR KD 58 -131.01 22.34 -48.70
CA THR KD 58 -132.20 23.09 -49.07
C THR KD 58 -132.34 23.11 -50.58
N LYS KD 59 -131.34 23.66 -51.26
CA LYS KD 59 -131.32 23.76 -52.71
C LYS KD 59 -131.52 22.39 -53.34
N LEU KD 60 -131.36 21.32 -52.57
CA LEU KD 60 -131.57 19.99 -53.13
C LEU KD 60 -133.06 19.74 -53.08
N ALA KD 61 -133.66 19.93 -51.91
CA ALA KD 61 -135.10 19.74 -51.73
C ALA KD 61 -135.87 20.66 -52.67
N LYS KD 62 -135.26 21.77 -53.03
CA LYS KD 62 -135.87 22.72 -53.94
C LYS KD 62 -136.08 22.07 -55.32
N ASP KD 63 -135.01 21.46 -55.85
CA ASP KD 63 -135.04 20.83 -57.17
C ASP KD 63 -135.67 19.45 -57.17
N ILE KD 64 -135.69 18.80 -56.03
CA ILE KD 64 -136.29 17.47 -55.92
C ILE KD 64 -136.92 17.35 -54.54
N PRO KD 65 -138.24 17.59 -54.45
CA PRO KD 65 -139.04 17.53 -53.22
C PRO KD 65 -139.17 16.18 -52.51
N GLU KD 66 -139.19 15.09 -53.28
CA GLU KD 66 -139.32 13.79 -52.66
C GLU KD 66 -138.25 13.62 -51.60
N VAL KD 67 -137.35 14.59 -51.55
CA VAL KD 67 -136.23 14.62 -50.60
C VAL KD 67 -136.74 15.09 -49.25
N ASN KD 68 -137.54 16.16 -49.26
CA ASN KD 68 -138.09 16.72 -48.04
C ASN KD 68 -138.59 15.65 -47.09
N ASP KD 69 -139.14 14.56 -47.64
CA ASP KD 69 -139.65 13.47 -46.82
C ASP KD 69 -138.56 12.63 -46.20
N LEU KD 70 -137.43 12.57 -46.88
CA LEU KD 70 -136.32 11.79 -46.38
C LEU KD 70 -135.68 12.47 -45.19
N PHE KD 71 -135.50 13.78 -45.32
CA PHE KD 71 -134.89 14.61 -44.28
C PHE KD 71 -135.94 15.05 -43.25
N LYS KD 72 -137.11 14.46 -43.34
CA LYS KD 72 -138.21 14.77 -42.42
C LYS KD 72 -137.75 14.42 -41.01
N ARG KD 73 -137.13 13.25 -40.90
CA ARG KD 73 -136.62 12.71 -39.64
C ARG KD 73 -135.75 13.70 -38.89
N VAL KD 74 -135.06 14.58 -39.62
CA VAL KD 74 -134.17 15.57 -39.00
C VAL KD 74 -134.75 16.97 -39.01
N ASP KD 75 -136.07 17.04 -39.08
CA ASP KD 75 -136.77 18.32 -39.06
C ASP KD 75 -136.20 19.30 -40.07
N ILE KD 76 -136.13 18.87 -41.33
CA ILE KD 76 -135.61 19.73 -42.40
C ILE KD 76 -136.58 20.89 -42.58
N GLU KD 77 -137.80 20.70 -42.08
CA GLU KD 77 -138.82 21.72 -42.18
C GLU KD 77 -138.33 23.01 -41.51
N HIS KD 78 -137.54 22.87 -40.46
CA HIS KD 78 -136.98 24.02 -39.77
C HIS KD 78 -135.48 24.09 -40.08
N ALA KD 79 -135.15 24.73 -41.18
CA ALA KD 79 -133.75 24.86 -41.59
C ALA KD 79 -132.82 25.31 -40.48
N GLU KD 80 -133.24 26.33 -39.72
CA GLU KD 80 -132.44 26.88 -38.62
C GLU KD 80 -132.61 26.09 -37.31
N GLY KD 81 -133.53 25.13 -37.35
CA GLY KD 81 -133.78 24.31 -36.18
C GLY KD 81 -132.60 23.44 -35.83
N PRO KD 82 -132.15 23.46 -34.57
CA PRO KD 82 -131.01 22.65 -34.16
C PRO KD 82 -131.06 21.23 -34.75
N LYS KD 83 -132.23 20.60 -34.69
CA LYS KD 83 -132.38 19.26 -35.22
C LYS KD 83 -131.69 19.13 -36.58
N PHE KD 84 -131.99 20.06 -37.48
CA PHE KD 84 -131.42 20.06 -38.81
C PHE KD 84 -129.99 20.61 -38.81
N SER KD 85 -129.76 21.70 -38.10
CA SER KD 85 -128.43 22.28 -38.06
C SER KD 85 -127.41 21.22 -37.70
N ALA KD 86 -127.75 20.37 -36.74
CA ALA KD 86 -126.85 19.32 -36.35
C ALA KD 86 -126.59 18.50 -37.58
N HIS KD 87 -127.66 18.02 -38.21
CA HIS KD 87 -127.55 17.22 -39.43
C HIS KD 87 -126.67 17.91 -40.46
N ALA KD 88 -126.97 19.17 -40.73
CA ALA KD 88 -126.18 19.94 -41.68
C ALA KD 88 -124.70 19.68 -41.43
N LEU KD 89 -124.30 19.68 -40.17
CA LEU KD 89 -122.92 19.41 -39.83
C LEU KD 89 -122.54 18.00 -40.22
N ARG KD 90 -123.15 17.02 -39.57
CA ARG KD 90 -122.85 15.63 -39.86
C ARG KD 90 -122.55 15.36 -41.33
N ILE KD 91 -123.46 15.76 -42.22
CA ILE KD 91 -123.24 15.55 -43.65
C ILE KD 91 -122.04 16.32 -44.13
N LEU KD 92 -122.13 17.65 -44.04
CA LEU KD 92 -121.07 18.54 -44.47
C LEU KD 92 -119.73 18.05 -43.90
N ASN KD 93 -119.76 17.61 -42.65
CA ASN KD 93 -118.57 17.12 -41.97
C ASN KD 93 -118.14 15.78 -42.54
N GLY KD 94 -119.09 15.03 -43.09
CA GLY KD 94 -118.75 13.75 -43.69
C GLY KD 94 -117.99 14.01 -44.96
N LEU KD 95 -118.45 14.99 -45.73
CA LEU KD 95 -117.78 15.37 -46.95
C LEU KD 95 -116.35 15.73 -46.60
N ASP KD 96 -116.16 16.39 -45.44
CA ASP KD 96 -114.82 16.78 -44.98
C ASP KD 96 -114.00 15.50 -44.89
N LEU KD 97 -114.46 14.57 -44.07
CA LEU KD 97 -113.79 13.28 -43.91
C LEU KD 97 -113.38 12.74 -45.26
N ALA KD 98 -114.31 12.66 -46.20
CA ALA KD 98 -114.02 12.15 -47.52
C ALA KD 98 -112.81 12.87 -48.11
N ILE KD 99 -112.91 14.20 -48.19
CA ILE KD 99 -111.83 15.00 -48.74
C ILE KD 99 -110.52 14.78 -48.00
N ASN KD 100 -110.54 14.84 -46.67
CA ASN KD 100 -109.32 14.66 -45.89
C ASN KD 100 -108.71 13.26 -45.94
N LEU KD 101 -109.39 12.31 -46.57
CA LEU KD 101 -108.83 10.98 -46.67
C LEU KD 101 -108.47 10.69 -48.12
N LEU KD 102 -108.58 11.71 -48.95
CA LEU KD 102 -108.28 11.55 -50.36
C LEU KD 102 -106.87 11.05 -50.58
N ASP KD 103 -105.99 11.33 -49.63
CA ASP KD 103 -104.62 10.88 -49.79
C ASP KD 103 -104.37 9.60 -48.98
N ASP KD 104 -105.13 8.56 -49.28
CA ASP KD 104 -105.02 7.25 -48.62
C ASP KD 104 -106.22 6.44 -49.13
N PRO KD 105 -106.22 6.13 -50.43
CA PRO KD 105 -107.29 5.37 -51.08
C PRO KD 105 -107.94 4.26 -50.28
N PRO KD 106 -107.14 3.35 -49.71
CA PRO KD 106 -107.75 2.26 -48.93
C PRO KD 106 -108.63 2.75 -47.78
N ALA KD 107 -108.13 3.75 -47.05
CA ALA KD 107 -108.85 4.33 -45.93
C ALA KD 107 -110.08 5.03 -46.47
N LEU KD 108 -109.86 5.94 -47.40
CA LEU KD 108 -110.95 6.67 -47.99
C LEU KD 108 -112.02 5.70 -48.46
N ASP KD 109 -111.57 4.65 -49.15
CA ASP KD 109 -112.48 3.64 -49.66
C ASP KD 109 -113.35 3.19 -48.49
N ALA KD 110 -112.72 2.56 -47.50
CA ALA KD 110 -113.45 2.09 -46.34
C ALA KD 110 -114.38 3.16 -45.80
N ALA KD 111 -113.84 4.35 -45.58
CA ALA KD 111 -114.61 5.46 -45.05
C ALA KD 111 -115.89 5.72 -45.83
N LEU KD 112 -115.79 5.64 -47.15
CA LEU KD 112 -116.93 5.87 -48.01
C LEU KD 112 -117.89 4.69 -48.04
N ASP KD 113 -117.35 3.49 -48.14
CA ASP KD 113 -118.18 2.28 -48.16
C ASP KD 113 -119.13 2.37 -46.96
N HIS KD 114 -118.57 2.73 -45.81
CA HIS KD 114 -119.33 2.87 -44.59
C HIS KD 114 -120.47 3.84 -44.86
N LEU KD 115 -120.18 4.95 -45.53
CA LEU KD 115 -121.21 5.94 -45.82
C LEU KD 115 -122.26 5.35 -46.72
N ALA KD 116 -121.86 4.40 -47.56
CA ALA KD 116 -122.81 3.76 -48.47
C ALA KD 116 -123.88 3.06 -47.64
N HIS KD 117 -123.42 2.20 -46.74
CA HIS KD 117 -124.30 1.45 -45.87
C HIS KD 117 -125.22 2.37 -45.08
N GLN KD 118 -124.73 3.52 -44.62
CA GLN KD 118 -125.55 4.44 -43.83
C GLN KD 118 -126.65 5.05 -44.67
N HIS KD 119 -126.53 4.91 -45.98
CA HIS KD 119 -127.51 5.45 -46.89
C HIS KD 119 -128.36 4.33 -47.49
N GLU KD 120 -127.79 3.13 -47.52
CA GLU KD 120 -128.51 1.98 -48.07
C GLU KD 120 -129.80 1.70 -47.30
N VAL KD 121 -129.71 1.68 -45.98
CA VAL KD 121 -130.86 1.41 -45.12
C VAL KD 121 -131.83 2.59 -44.98
N ARG KD 122 -131.62 3.63 -45.76
CA ARG KD 122 -132.50 4.80 -45.72
C ARG KD 122 -133.28 4.77 -47.03
N GLU KD 123 -134.38 4.03 -47.08
CA GLU KD 123 -135.16 3.92 -48.30
C GLU KD 123 -135.72 5.27 -48.73
N GLY KD 124 -135.81 5.47 -50.04
CA GLY KD 124 -136.31 6.71 -50.59
C GLY KD 124 -135.18 7.44 -51.28
N VAL KD 125 -133.97 7.21 -50.79
CA VAL KD 125 -132.76 7.82 -51.34
C VAL KD 125 -132.33 7.06 -52.57
N GLN KD 126 -132.43 7.70 -53.73
CA GLN KD 126 -132.04 7.08 -54.99
C GLN KD 126 -130.86 7.79 -55.63
N LYS KD 127 -130.17 7.10 -56.52
CA LYS KD 127 -128.99 7.67 -57.19
C LYS KD 127 -129.20 9.07 -57.75
N ALA KD 128 -130.24 9.25 -58.56
CA ALA KD 128 -130.52 10.54 -59.17
C ALA KD 128 -130.37 11.70 -58.18
N HIS KD 129 -130.55 11.41 -56.89
CA HIS KD 129 -130.43 12.42 -55.85
C HIS KD 129 -129.00 12.92 -55.77
N PHE KD 130 -128.06 11.99 -55.70
CA PHE KD 130 -126.65 12.34 -55.62
C PHE KD 130 -126.21 13.08 -56.85
N LYS KD 131 -126.55 12.55 -58.03
CA LYS KD 131 -126.18 13.22 -59.27
C LYS KD 131 -126.54 14.70 -59.16
N LYS KD 132 -127.74 15.00 -58.67
CA LYS KD 132 -128.20 16.38 -58.54
C LYS KD 132 -127.38 17.09 -57.48
N PHE KD 133 -127.25 16.49 -56.30
CA PHE KD 133 -126.50 17.09 -55.21
C PHE KD 133 -125.11 17.46 -55.71
N GLY KD 134 -124.56 16.62 -56.56
CA GLY KD 134 -123.24 16.88 -57.12
C GLY KD 134 -123.23 18.16 -57.92
N GLU KD 135 -124.19 18.29 -58.83
CA GLU KD 135 -124.30 19.48 -59.67
C GLU KD 135 -124.44 20.71 -58.79
N ILE KD 136 -125.21 20.57 -57.71
CA ILE KD 136 -125.45 21.68 -56.79
C ILE KD 136 -124.18 22.06 -56.07
N LEU KD 137 -123.50 21.05 -55.57
CA LEU KD 137 -122.26 21.25 -54.83
C LEU KD 137 -121.22 21.93 -55.70
N ALA KD 138 -121.22 21.55 -56.98
CA ALA KD 138 -120.27 22.10 -57.93
C ALA KD 138 -120.58 23.55 -58.28
N THR KD 139 -121.83 23.95 -58.11
CA THR KD 139 -122.21 25.32 -58.43
C THR KD 139 -122.07 26.17 -57.18
N GLY KD 140 -122.06 25.51 -56.03
CA GLY KD 140 -121.95 26.23 -54.78
C GLY KD 140 -120.54 26.53 -54.33
N LEU KD 141 -119.68 25.53 -54.30
CA LEU KD 141 -118.30 25.73 -53.87
C LEU KD 141 -117.65 27.00 -54.41
N PRO KD 142 -117.62 27.15 -55.74
CA PRO KD 142 -117.02 28.33 -56.36
C PRO KD 142 -117.60 29.65 -55.93
N GLN KD 143 -118.63 29.60 -55.09
CA GLN KD 143 -119.27 30.83 -54.62
C GLN KD 143 -118.68 31.27 -53.30
N VAL KD 144 -118.06 30.33 -52.60
CA VAL KD 144 -117.46 30.64 -51.31
C VAL KD 144 -115.94 30.58 -51.37
N LEU KD 145 -115.42 29.91 -52.38
CA LEU KD 145 -113.99 29.79 -52.55
C LEU KD 145 -113.56 30.64 -53.74
N ASP KD 146 -112.66 31.60 -53.51
CA ASP KD 146 -112.22 32.44 -54.60
C ASP KD 146 -111.35 31.63 -55.56
N ASP KD 147 -110.59 30.68 -55.02
CA ASP KD 147 -109.74 29.85 -55.85
C ASP KD 147 -110.38 28.48 -55.96
N TYR KD 148 -110.93 28.17 -57.12
CA TYR KD 148 -111.62 26.91 -57.37
C TYR KD 148 -111.18 26.33 -58.70
N ASP KD 149 -110.85 25.05 -58.71
CA ASP KD 149 -110.43 24.39 -59.94
C ASP KD 149 -111.49 23.38 -60.30
N ALA KD 150 -112.53 23.83 -61.01
CA ALA KD 150 -113.65 22.98 -61.41
C ALA KD 150 -113.25 21.60 -61.86
N LEU KD 151 -112.25 21.50 -62.73
CA LEU KD 151 -111.80 20.21 -63.23
C LEU KD 151 -111.36 19.25 -62.15
N ALA KD 152 -110.46 19.71 -61.27
CA ALA KD 152 -110.00 18.87 -60.18
C ALA KD 152 -111.16 18.43 -59.30
N TRP KD 153 -111.94 19.39 -58.83
CA TRP KD 153 -113.07 19.07 -57.98
C TRP KD 153 -114.05 18.08 -58.58
N LYS KD 154 -114.57 18.39 -59.75
CA LYS KD 154 -115.54 17.50 -60.39
C LYS KD 154 -114.98 16.07 -60.41
N SER KD 155 -113.71 15.94 -60.77
CA SER KD 155 -113.07 14.64 -60.82
C SER KD 155 -113.19 13.91 -59.48
N CYS KD 156 -112.84 14.59 -58.40
CA CYS KD 156 -112.88 13.99 -57.09
C CYS KD 156 -114.29 13.82 -56.54
N LEU KD 157 -115.09 14.88 -56.61
CA LEU KD 157 -116.44 14.79 -56.09
C LEU KD 157 -117.17 13.61 -56.71
N LYS KD 158 -116.92 13.37 -58.00
CA LYS KD 158 -117.56 12.26 -58.70
C LYS KD 158 -117.21 10.96 -57.99
N GLY KD 159 -115.92 10.67 -57.90
CA GLY KD 159 -115.50 9.46 -57.24
C GLY KD 159 -116.13 9.27 -55.87
N ILE KD 160 -116.25 10.36 -55.11
CA ILE KD 160 -116.84 10.29 -53.79
C ILE KD 160 -118.32 10.01 -53.83
N LEU KD 161 -119.08 10.91 -54.43
CA LEU KD 161 -120.51 10.74 -54.53
C LEU KD 161 -120.89 9.36 -55.04
N THR KD 162 -120.19 8.88 -56.07
CA THR KD 162 -120.48 7.56 -56.62
C THR KD 162 -120.34 6.45 -55.58
N LYS KD 163 -119.13 6.33 -55.03
CA LYS KD 163 -118.87 5.30 -54.03
C LYS KD 163 -119.85 5.35 -52.86
N ILE KD 164 -120.38 6.53 -52.55
CA ILE KD 164 -121.30 6.66 -51.44
C ILE KD 164 -122.68 6.10 -51.75
N SER KD 165 -123.12 6.29 -52.99
CA SER KD 165 -124.44 5.83 -53.39
C SER KD 165 -124.44 4.47 -54.07
N SER KD 166 -123.22 3.88 -54.28
CA SER KD 166 -123.20 2.75 -55.17
C SER KD 166 -124.05 1.65 -54.62
N ARG KD 167 -123.70 1.24 -53.38
CA ARG KD 167 -124.66 0.60 -52.51
C ARG KD 167 -125.58 1.72 -52.14
N LEU KD 168 -126.89 1.48 -52.14
CA LEU KD 168 -127.65 2.52 -52.76
C LEU KD 168 -127.95 3.80 -51.99
N GLU LD 19 -131.04 42.62 -49.35
CA GLU LD 19 -129.69 43.15 -49.15
C GLU LD 19 -128.65 42.32 -49.83
N CYS LD 20 -127.71 41.80 -49.02
CA CYS LD 20 -126.53 41.16 -49.52
C CYS LD 20 -126.92 39.73 -49.82
N LEU LD 21 -126.02 38.90 -50.40
CA LEU LD 21 -126.24 37.53 -50.01
C LEU LD 21 -125.22 37.22 -48.97
N VAL LD 22 -125.52 36.09 -48.37
CA VAL LD 22 -124.91 35.45 -47.27
C VAL LD 22 -123.53 35.12 -47.67
N THR LD 23 -123.40 34.52 -48.86
CA THR LD 23 -122.05 34.29 -49.37
C THR LD 23 -121.41 35.60 -49.83
N GLU LD 24 -122.16 36.37 -50.61
CA GLU LD 24 -121.67 37.65 -51.12
C GLU LD 24 -121.12 38.51 -49.98
N SER LD 25 -121.46 38.17 -48.75
CA SER LD 25 -120.98 38.94 -47.60
C SER LD 25 -119.66 38.33 -47.15
N LEU LD 26 -119.74 37.07 -46.72
CA LEU LD 26 -118.57 36.34 -46.25
C LEU LD 26 -117.39 36.62 -47.15
N LYS LD 27 -117.67 36.68 -48.44
CA LYS LD 27 -116.65 36.93 -49.43
C LYS LD 27 -116.01 38.27 -49.14
N VAL LD 28 -116.84 39.28 -48.90
CA VAL LD 28 -116.32 40.60 -48.60
C VAL LD 28 -115.66 40.61 -47.26
N LYS LD 29 -116.35 40.04 -46.27
CA LYS LD 29 -115.82 39.99 -44.91
C LYS LD 29 -114.40 39.43 -44.94
N LEU LD 30 -114.23 38.40 -45.75
CA LEU LD 30 -112.95 37.73 -45.91
C LEU LD 30 -111.92 38.58 -46.66
N GLN LD 31 -112.25 39.02 -47.86
CA GLN LD 31 -111.34 39.84 -48.63
C GLN LD 31 -110.98 41.11 -47.91
N TRP LD 32 -111.90 41.70 -47.18
CA TRP LD 32 -111.61 42.93 -46.44
C TRP LD 32 -110.43 42.65 -45.55
N ALA LD 33 -110.44 41.48 -44.92
CA ALA LD 33 -109.36 41.09 -44.04
C ALA LD 33 -107.99 41.22 -44.70
N SER LD 34 -107.78 40.47 -45.77
CA SER LD 34 -106.52 40.50 -46.49
C SER LD 34 -106.13 41.88 -46.96
N ALA LD 35 -107.07 42.58 -47.56
CA ALA LD 35 -106.82 43.92 -48.09
C ALA LD 35 -106.46 44.98 -47.03
N PHE LD 36 -107.38 45.18 -46.10
CA PHE LD 36 -107.20 46.16 -45.05
C PHE LD 36 -105.88 45.89 -44.35
N GLY LD 37 -105.78 44.74 -43.71
CA GLY LD 37 -104.55 44.39 -43.03
C GLY LD 37 -104.51 44.71 -41.56
N HIS LD 38 -103.30 44.92 -41.06
CA HIS LD 38 -103.09 45.25 -39.65
C HIS LD 38 -102.05 46.34 -39.43
N ALA LD 39 -102.19 47.06 -38.31
CA ALA LD 39 -101.28 48.13 -37.95
C ALA LD 39 -101.00 49.10 -39.08
N HIS LD 40 -99.73 49.43 -39.25
CA HIS LD 40 -99.30 50.36 -40.28
C HIS LD 40 -99.90 50.05 -41.67
N GLU LD 41 -99.91 48.77 -42.04
CA GLU LD 41 -100.45 48.34 -43.34
C GLU LD 41 -101.76 49.06 -43.65
N ARG LD 42 -102.50 49.41 -42.60
CA ARG LD 42 -103.79 50.10 -42.70
C ARG LD 42 -103.62 51.57 -43.02
N VAL LD 43 -102.90 52.29 -42.17
CA VAL LD 43 -102.68 53.71 -42.40
C VAL LD 43 -102.30 53.91 -43.85
N ALA LD 44 -101.46 53.01 -44.35
CA ALA LD 44 -101.00 53.05 -45.73
C ALA LD 44 -102.20 52.98 -46.66
N PHE LD 45 -103.08 52.03 -46.37
CA PHE LD 45 -104.29 51.85 -47.14
C PHE LD 45 -105.10 53.13 -47.09
N GLY LD 46 -105.51 53.51 -45.89
CA GLY LD 46 -106.28 54.73 -45.74
C GLY LD 46 -105.70 55.88 -46.55
N LEU LD 47 -104.43 56.17 -46.33
CA LEU LD 47 -103.76 57.26 -47.03
C LEU LD 47 -103.94 57.11 -48.54
N GLU LD 48 -103.47 55.99 -49.09
CA GLU LD 48 -103.59 55.76 -50.52
C GLU LD 48 -105.00 56.05 -51.00
N LEU LD 49 -105.99 55.61 -50.24
CA LEU LD 49 -107.39 55.81 -50.59
C LEU LD 49 -107.77 57.26 -50.68
N TRP LD 50 -107.71 57.97 -49.56
CA TRP LD 50 -108.06 59.37 -49.53
C TRP LD 50 -107.30 60.22 -50.54
N ARG LD 51 -106.03 59.90 -50.79
CA ARG LD 51 -105.28 60.68 -51.76
C ARG LD 51 -105.97 60.59 -53.10
N ASP LD 52 -106.16 59.37 -53.59
CA ASP LD 52 -106.83 59.18 -54.86
C ASP LD 52 -108.18 59.88 -54.91
N ILE LD 53 -108.91 59.87 -53.80
CA ILE LD 53 -110.21 60.52 -53.73
C ILE LD 53 -110.12 62.03 -53.84
N ILE LD 54 -109.27 62.64 -53.04
CA ILE LD 54 -109.12 64.08 -53.05
C ILE LD 54 -108.53 64.63 -54.35
N ASP LD 55 -107.68 63.87 -55.04
CA ASP LD 55 -107.12 64.36 -56.28
C ASP LD 55 -108.19 64.39 -57.36
N ASP LD 56 -109.12 63.45 -57.28
CA ASP LD 56 -110.21 63.35 -58.24
C ASP LD 56 -111.26 64.43 -58.01
N HIS LD 57 -111.58 64.70 -56.75
CA HIS LD 57 -112.58 65.70 -56.40
C HIS LD 57 -112.13 66.60 -55.24
N PRO LD 58 -111.24 67.56 -55.50
CA PRO LD 58 -110.73 68.46 -54.47
C PRO LD 58 -111.80 69.22 -53.70
N GLU LD 59 -113.06 69.08 -54.12
CA GLU LD 59 -114.14 69.77 -53.43
C GLU LD 59 -114.27 69.23 -52.01
N ILE LD 60 -113.79 68.02 -51.80
CA ILE LD 60 -113.87 67.38 -50.51
C ILE LD 60 -112.96 67.97 -49.44
N LYS LD 61 -111.83 68.55 -49.84
CA LYS LD 61 -110.93 69.12 -48.84
C LYS LD 61 -111.66 70.10 -47.95
N ALA LD 62 -112.86 70.48 -48.36
CA ALA LD 62 -113.66 71.44 -47.60
C ALA LD 62 -114.13 70.96 -46.24
N PRO LD 63 -115.04 69.99 -46.18
CA PRO LD 63 -115.53 69.50 -44.88
C PRO LD 63 -114.45 68.87 -44.00
N PHE LD 64 -113.36 68.45 -44.62
CA PHE LD 64 -112.28 67.83 -43.88
C PHE LD 64 -111.37 68.89 -43.33
N SER LD 65 -111.88 70.11 -43.23
CA SER LD 65 -111.11 71.23 -42.72
C SER LD 65 -110.74 71.05 -41.26
N ARG LD 66 -111.62 70.41 -40.51
CA ARG LD 66 -111.40 70.18 -39.08
C ARG LD 66 -110.25 69.21 -38.84
N VAL LD 67 -110.10 68.24 -39.74
CA VAL LD 67 -109.04 67.24 -39.65
C VAL LD 67 -107.96 67.46 -40.72
N ARG LD 68 -107.39 68.66 -40.76
CA ARG LD 68 -106.36 69.02 -41.73
C ARG LD 68 -106.43 68.17 -43.00
N GLY LD 69 -107.45 68.42 -43.81
CA GLY LD 69 -107.62 67.69 -45.05
C GLY LD 69 -106.72 68.21 -46.14
N ASP LD 70 -106.09 69.35 -45.91
CA ASP LD 70 -105.19 69.91 -46.90
C ASP LD 70 -103.93 69.03 -46.97
N ASN LD 71 -103.47 68.58 -45.81
CA ASN LD 71 -102.29 67.73 -45.70
C ASN LD 71 -102.70 66.36 -45.21
N ILE LD 72 -103.02 65.46 -46.13
CA ILE LD 72 -103.46 64.12 -45.77
C ILE LD 72 -102.40 63.28 -45.08
N TYR LD 73 -101.15 63.71 -45.18
CA TYR LD 73 -100.07 62.96 -44.55
C TYR LD 73 -99.92 63.34 -43.08
N SER LD 74 -100.59 64.41 -42.67
CA SER LD 74 -100.53 64.87 -41.31
C SER LD 74 -101.12 63.87 -40.35
N PRO LD 75 -100.72 63.94 -39.07
CA PRO LD 75 -101.25 63.01 -38.08
C PRO LD 75 -102.73 63.30 -37.83
N GLU LD 76 -103.07 64.57 -37.81
CA GLU LD 76 -104.44 64.97 -37.60
C GLU LD 76 -105.35 64.23 -38.58
N PHE LD 77 -105.04 64.32 -39.86
CA PHE LD 77 -105.84 63.65 -40.88
C PHE LD 77 -105.65 62.16 -40.78
N GLY LD 78 -104.41 61.72 -40.56
CA GLY LD 78 -104.12 60.31 -40.45
C GLY LD 78 -105.06 59.66 -39.46
N ALA LD 79 -105.20 60.30 -38.32
CA ALA LD 79 -106.08 59.80 -37.29
C ALA LD 79 -107.44 59.62 -37.95
N HIS LD 80 -108.01 60.71 -38.44
CA HIS LD 80 -109.31 60.68 -39.11
C HIS LD 80 -109.40 59.48 -40.03
N SER LD 81 -108.51 59.47 -41.01
CA SER LD 81 -108.44 58.40 -41.99
C SER LD 81 -108.74 57.06 -41.35
N GLN LD 82 -107.99 56.76 -40.29
CA GLN LD 82 -108.16 55.50 -39.57
C GLN LD 82 -109.56 55.35 -39.00
N ARG LD 83 -110.03 56.36 -38.26
CA ARG LD 83 -111.35 56.32 -37.66
C ARG LD 83 -112.37 55.88 -38.69
N VAL LD 84 -112.23 56.45 -39.89
CA VAL LD 84 -113.12 56.16 -41.00
C VAL LD 84 -113.08 54.69 -41.34
N LEU LD 85 -111.94 54.26 -41.84
CA LEU LD 85 -111.78 52.87 -42.21
C LEU LD 85 -112.33 51.96 -41.13
N SER LD 86 -112.04 52.29 -39.87
CA SER LD 86 -112.52 51.48 -38.76
C SER LD 86 -114.04 51.30 -38.83
N GLY LD 87 -114.76 52.41 -38.98
CA GLY LD 87 -116.21 52.35 -39.05
C GLY LD 87 -116.61 51.44 -40.20
N LEU LD 88 -115.92 51.59 -41.32
CA LEU LD 88 -116.17 50.76 -42.48
C LEU LD 88 -115.99 49.31 -42.07
N ASP LD 89 -114.96 49.04 -41.27
CA ASP LD 89 -114.71 47.69 -40.80
C ASP LD 89 -115.94 47.19 -40.07
N ILE LD 90 -116.42 48.00 -39.14
CA ILE LD 90 -117.59 47.63 -38.37
C ILE LD 90 -118.73 47.26 -39.29
N THR LD 91 -119.18 48.22 -40.08
CA THR LD 91 -120.27 47.96 -40.99
C THR LD 91 -120.06 46.62 -41.69
N ILE LD 92 -118.92 46.46 -42.35
CA ILE LD 92 -118.64 45.21 -43.05
C ILE LD 92 -118.77 43.98 -42.15
N SER LD 93 -118.27 44.10 -40.91
CA SER LD 93 -118.42 43.00 -40.02
C SER LD 93 -119.87 42.85 -39.68
N MET LD 94 -120.62 43.97 -39.63
CA MET LD 94 -121.91 44.00 -39.03
C MET LD 94 -122.79 43.09 -39.79
N LEU LD 95 -122.63 43.18 -41.12
CA LEU LD 95 -123.72 43.14 -42.05
C LEU LD 95 -124.43 41.82 -42.02
N ASP LD 96 -123.67 40.75 -41.79
CA ASP LD 96 -124.13 39.39 -41.89
C ASP LD 96 -125.25 39.21 -40.94
N THR LD 97 -125.09 39.70 -39.71
CA THR LD 97 -126.15 39.51 -38.76
C THR LD 97 -126.96 40.76 -38.83
N PRO LD 98 -128.15 40.59 -39.28
CA PRO LD 98 -129.09 41.67 -39.59
C PRO LD 98 -129.46 42.62 -38.45
N ASP LD 99 -129.76 42.07 -37.28
CA ASP LD 99 -130.13 42.90 -36.15
C ASP LD 99 -129.08 43.95 -35.78
N MET LD 100 -127.81 43.58 -35.90
CA MET LD 100 -126.71 44.48 -35.60
C MET LD 100 -126.51 45.49 -36.73
N LEU LD 101 -126.59 45.02 -37.96
CA LEU LD 101 -126.42 45.89 -39.11
C LEU LD 101 -127.49 46.97 -39.12
N ALA LD 102 -128.75 46.54 -39.09
CA ALA LD 102 -129.89 47.46 -39.10
C ALA LD 102 -129.67 48.55 -38.07
N ALA LD 103 -129.16 48.15 -36.91
CA ALA LD 103 -128.91 49.08 -35.83
C ALA LD 103 -127.73 49.99 -36.15
N GLN LD 104 -126.61 49.39 -36.51
CA GLN LD 104 -125.40 50.11 -36.85
C GLN LD 104 -125.68 51.10 -37.96
N LEU LD 105 -126.34 50.64 -39.01
CA LEU LD 105 -126.66 51.53 -40.12
C LEU LD 105 -127.47 52.71 -39.63
N ALA LD 106 -128.51 52.46 -38.86
CA ALA LD 106 -129.34 53.53 -38.34
C ALA LD 106 -128.48 54.52 -37.58
N HIS LD 107 -127.54 54.00 -36.80
CA HIS LD 107 -126.64 54.83 -36.01
C HIS LD 107 -125.79 55.73 -36.90
N LEU LD 108 -125.33 55.20 -38.03
CA LEU LD 108 -124.51 55.97 -38.96
C LEU LD 108 -125.33 57.04 -39.65
N LYS LD 109 -126.56 56.71 -40.02
CA LYS LD 109 -127.43 57.66 -40.71
C LYS LD 109 -127.53 58.95 -39.92
N VAL LD 110 -127.66 58.82 -38.60
CA VAL LD 110 -127.77 59.98 -37.73
C VAL LD 110 -126.53 60.85 -37.79
N GLN LD 111 -125.35 60.26 -37.64
CA GLN LD 111 -124.11 61.02 -37.68
C GLN LD 111 -123.93 61.77 -38.99
N HIS LD 112 -124.78 61.48 -39.96
CA HIS LD 112 -124.70 62.13 -41.27
C HIS LD 112 -125.82 63.10 -41.58
N VAL LD 113 -127.06 62.63 -41.48
CA VAL LD 113 -128.23 63.47 -41.76
C VAL LD 113 -128.08 64.92 -41.29
N GLU LD 114 -127.51 65.11 -40.10
CA GLU LD 114 -127.53 66.41 -39.47
C GLU LD 114 -126.70 67.38 -40.25
N ARG LD 115 -125.48 66.97 -40.63
CA ARG LD 115 -124.59 67.82 -41.37
C ARG LD 115 -125.08 67.80 -42.77
N ASN LD 116 -124.92 68.90 -43.52
CA ASN LD 116 -125.27 68.71 -44.89
C ASN LD 116 -124.12 68.09 -45.60
N LEU LD 117 -124.45 67.19 -46.54
CA LEU LD 117 -123.41 66.59 -47.32
C LEU LD 117 -123.89 66.35 -48.68
N LYS LD 118 -122.91 66.08 -49.56
CA LYS LD 118 -123.21 65.70 -50.89
C LYS LD 118 -123.36 64.23 -50.97
N PRO LD 119 -124.44 63.92 -51.61
CA PRO LD 119 -124.88 62.58 -51.76
C PRO LD 119 -123.91 61.82 -52.60
N GLU LD 120 -123.45 62.49 -53.67
CA GLU LD 120 -122.59 61.92 -54.71
C GLU LD 120 -121.18 61.64 -54.16
N PHE LD 121 -120.80 62.31 -53.07
CA PHE LD 121 -119.50 62.13 -52.45
C PHE LD 121 -119.27 60.66 -52.14
N PHE LD 122 -120.29 60.04 -51.55
CA PHE LD 122 -120.21 58.65 -51.19
C PHE LD 122 -120.08 57.78 -52.42
N ASP LD 123 -120.82 58.12 -53.47
CA ASP LD 123 -120.74 57.36 -54.71
C ASP LD 123 -119.29 57.40 -55.19
N ILE LD 124 -118.61 58.48 -54.84
CA ILE LD 124 -117.20 58.68 -55.21
C ILE LD 124 -116.34 57.79 -54.32
N PHE LD 125 -116.53 57.95 -53.02
CA PHE LD 125 -115.81 57.18 -52.04
C PHE LD 125 -115.82 55.73 -52.45
N LEU LD 126 -117.01 55.22 -52.74
CA LEU LD 126 -117.16 53.82 -53.15
C LEU LD 126 -116.33 53.50 -54.38
N LYS LD 127 -116.42 54.37 -55.39
CA LYS LD 127 -115.68 54.17 -56.62
C LYS LD 127 -114.22 53.84 -56.29
N HIS LD 128 -113.59 54.69 -55.49
CA HIS LD 128 -112.20 54.48 -55.11
C HIS LD 128 -111.96 53.30 -54.20
N LEU LD 129 -112.74 53.18 -53.14
CA LEU LD 129 -112.56 52.05 -52.24
C LEU LD 129 -112.43 50.74 -53.05
N LEU LD 130 -113.21 50.63 -54.12
CA LEU LD 130 -113.17 49.45 -54.97
C LEU LD 130 -111.91 49.46 -55.80
N HIS LD 131 -111.58 50.63 -56.34
CA HIS LD 131 -110.39 50.77 -57.15
C HIS LD 131 -109.19 50.29 -56.35
N VAL LD 132 -109.09 50.77 -55.12
CA VAL LD 132 -107.97 50.41 -54.25
C VAL LD 132 -107.97 48.92 -53.91
N LEU LD 133 -109.10 48.41 -53.40
CA LEU LD 133 -109.16 46.99 -53.08
C LEU LD 133 -108.77 46.20 -54.32
N GLY LD 134 -109.12 46.73 -55.49
CA GLY LD 134 -108.78 46.08 -56.73
C GLY LD 134 -107.29 45.83 -56.80
N ASP LD 135 -106.50 46.86 -56.52
CA ASP LD 135 -105.05 46.74 -56.55
C ASP LD 135 -104.62 45.75 -55.50
N ARG LD 136 -105.01 46.00 -54.26
CA ARG LD 136 -104.64 45.13 -53.15
C ARG LD 136 -104.95 43.65 -53.37
N LEU LD 137 -106.19 43.35 -53.75
CA LEU LD 137 -106.60 41.97 -53.94
C LEU LD 137 -106.24 41.34 -55.28
N GLY LD 138 -106.11 42.16 -56.31
CA GLY LD 138 -105.76 41.63 -57.62
C GLY LD 138 -106.94 41.18 -58.44
N THR LD 139 -106.79 40.08 -59.17
CA THR LD 139 -107.87 39.58 -60.01
C THR LD 139 -108.91 38.77 -59.24
N HIS LD 140 -108.53 38.31 -58.05
CA HIS LD 140 -109.43 37.54 -57.23
C HIS LD 140 -110.57 38.41 -56.71
N PHE LD 141 -110.28 39.70 -56.57
CA PHE LD 141 -111.23 40.68 -56.07
C PHE LD 141 -112.63 40.46 -56.60
N ASP LD 142 -113.58 40.10 -55.74
CA ASP LD 142 -114.95 39.88 -56.20
C ASP LD 142 -115.71 41.17 -56.26
N PHE LD 143 -115.48 41.91 -57.34
CA PHE LD 143 -116.12 43.19 -57.59
C PHE LD 143 -117.60 43.07 -57.31
N GLY LD 144 -118.24 42.13 -57.99
CA GLY LD 144 -119.66 41.93 -57.82
C GLY LD 144 -120.07 41.98 -56.37
N ALA LD 145 -119.55 41.06 -55.59
CA ALA LD 145 -119.87 40.97 -54.19
C ALA LD 145 -119.69 42.30 -53.47
N TRP LD 146 -118.57 42.97 -53.70
CA TRP LD 146 -118.35 44.24 -53.03
C TRP LD 146 -119.35 45.29 -53.43
N HIS LD 147 -119.47 45.54 -54.73
CA HIS LD 147 -120.41 46.54 -55.21
C HIS LD 147 -121.78 46.33 -54.59
N ASP LD 148 -122.32 45.13 -54.75
CA ASP LD 148 -123.63 44.81 -54.18
C ASP LD 148 -123.65 45.04 -52.67
N CYS LD 149 -122.56 44.69 -52.01
CA CYS LD 149 -122.49 44.80 -50.56
C CYS LD 149 -122.09 46.13 -49.92
N VAL LD 150 -121.02 46.75 -50.38
CA VAL LD 150 -120.62 48.02 -49.81
C VAL LD 150 -121.64 49.06 -50.14
N ASP LD 151 -122.27 48.93 -51.30
CA ASP LD 151 -123.29 49.88 -51.73
C ASP LD 151 -124.32 50.00 -50.61
N GLN LD 152 -124.92 48.87 -50.24
CA GLN LD 152 -125.92 48.84 -49.20
C GLN LD 152 -125.47 49.62 -47.97
N ILE LD 153 -124.18 49.61 -47.70
CA ILE LD 153 -123.64 50.31 -46.53
C ILE LD 153 -123.63 51.80 -46.75
N ILE LD 154 -123.40 52.22 -47.99
CA ILE LD 154 -123.37 53.64 -48.30
C ILE LD 154 -124.77 54.24 -48.24
N ASP LD 155 -125.71 53.65 -48.95
CA ASP LD 155 -127.05 54.18 -48.96
C ASP LD 155 -127.59 54.42 -47.54
N GLY LD 156 -127.33 53.47 -46.61
CA GLY LD 156 -127.95 53.58 -45.32
C GLY LD 156 -127.37 54.79 -44.69
N ILE LD 157 -126.06 54.98 -44.92
CA ILE LD 157 -125.42 56.08 -44.26
C ILE LD 157 -126.00 57.33 -44.81
N LYS LD 158 -126.14 57.39 -46.14
CA LYS LD 158 -126.45 58.63 -46.80
C LYS LD 158 -127.90 59.04 -46.54
N ASP MD 5 -61.79 56.97 -79.70
CA ASP MD 5 -62.31 55.59 -79.70
C ASP MD 5 -63.29 55.45 -78.59
N CYS MD 6 -63.81 54.24 -78.39
CA CYS MD 6 -64.86 54.22 -77.45
C CYS MD 6 -64.25 53.82 -76.18
N CYS MD 7 -64.97 54.10 -75.11
CA CYS MD 7 -64.41 54.05 -73.82
C CYS MD 7 -64.73 52.68 -73.31
N SER MD 8 -63.85 52.12 -72.48
CA SER MD 8 -64.01 50.84 -71.88
C SER MD 8 -65.03 50.98 -70.80
N TYR MD 9 -65.84 49.90 -70.60
CA TYR MD 9 -66.99 49.84 -69.71
C TYR MD 9 -66.47 49.82 -68.29
N GLU MD 10 -65.37 49.12 -68.05
CA GLU MD 10 -64.79 49.06 -66.72
C GLU MD 10 -64.42 50.47 -66.31
N ASP MD 11 -63.75 51.18 -67.20
CA ASP MD 11 -63.34 52.54 -66.90
C ASP MD 11 -64.53 53.39 -66.55
N ARG MD 12 -65.60 53.25 -67.30
CA ARG MD 12 -66.78 54.02 -66.99
C ARG MD 12 -67.18 53.74 -65.54
N ARG MD 13 -67.26 52.46 -65.19
CA ARG MD 13 -67.60 52.07 -63.83
C ARG MD 13 -66.65 52.72 -62.85
N GLU MD 14 -65.36 52.73 -63.17
CA GLU MD 14 -64.37 53.34 -62.30
C GLU MD 14 -64.75 54.79 -62.02
N ILE MD 15 -65.02 55.53 -63.07
CA ILE MD 15 -65.38 56.92 -62.94
C ILE MD 15 -66.72 57.07 -62.23
N ARG MD 16 -67.72 56.32 -62.67
CA ARG MD 16 -69.06 56.40 -62.08
C ARG MD 16 -68.95 56.29 -60.59
N HIS MD 17 -67.80 55.84 -60.12
CA HIS MD 17 -67.54 55.71 -58.68
C HIS MD 17 -66.67 56.88 -58.21
N ILE MD 18 -65.55 57.08 -58.88
CA ILE MD 18 -64.65 58.18 -58.53
C ILE MD 18 -65.46 59.46 -58.34
N TRP MD 19 -66.42 59.68 -59.22
CA TRP MD 19 -67.24 60.88 -59.13
C TRP MD 19 -68.03 60.91 -57.83
N ASP MD 20 -68.70 59.80 -57.52
CA ASP MD 20 -69.50 59.73 -56.29
C ASP MD 20 -68.72 60.13 -55.06
N ASP MD 21 -67.42 60.37 -55.20
CA ASP MD 21 -66.62 60.77 -54.05
C ASP MD 21 -66.41 62.28 -54.03
N VAL MD 22 -66.41 62.90 -55.22
CA VAL MD 22 -66.23 64.35 -55.30
C VAL MD 22 -67.60 65.01 -55.22
N TRP MD 23 -68.61 64.43 -55.89
CA TRP MD 23 -69.90 65.06 -55.91
C TRP MD 23 -70.36 65.02 -54.51
N SER MD 24 -70.56 63.78 -54.03
CA SER MD 24 -70.53 63.56 -52.62
C SER MD 24 -71.92 63.89 -52.13
N SER MD 25 -72.03 64.74 -51.08
CA SER MD 25 -73.29 65.10 -50.50
C SER MD 25 -74.04 65.99 -51.43
N SER MD 26 -75.32 66.24 -51.08
CA SER MD 26 -76.24 66.97 -51.92
C SER MD 26 -76.06 68.43 -51.72
N PHE MD 27 -75.03 68.73 -50.91
CA PHE MD 27 -74.69 70.02 -50.45
C PHE MD 27 -74.14 70.85 -51.54
N THR MD 28 -74.46 72.14 -51.53
CA THR MD 28 -73.56 72.84 -52.44
C THR MD 28 -72.11 72.95 -51.98
N ASP MD 29 -71.89 73.56 -50.82
CA ASP MD 29 -70.57 73.75 -50.25
C ASP MD 29 -69.41 72.98 -50.88
N ARG MD 30 -69.42 71.66 -50.78
CA ARG MD 30 -68.34 70.84 -51.33
C ARG MD 30 -68.17 71.00 -52.83
N ARG MD 31 -69.14 70.52 -53.59
CA ARG MD 31 -69.06 70.60 -55.05
C ARG MD 31 -68.59 71.97 -55.51
N VAL MD 32 -69.05 73.01 -54.84
CA VAL MD 32 -68.66 74.36 -55.19
C VAL MD 32 -67.15 74.53 -55.12
N ALA MD 33 -66.60 74.40 -53.92
CA ALA MD 33 -65.17 74.54 -53.71
C ALA MD 33 -64.36 73.76 -54.76
N ILE MD 34 -64.80 72.55 -55.10
CA ILE MD 34 -64.10 71.75 -56.07
C ILE MD 34 -64.16 72.35 -57.47
N VAL MD 35 -65.37 72.53 -58.00
CA VAL MD 35 -65.53 73.11 -59.33
C VAL MD 35 -64.79 74.44 -59.41
N ARG MD 36 -64.84 75.20 -58.31
CA ARG MD 36 -64.16 76.49 -58.27
C ARG MD 36 -62.68 76.19 -58.44
N ALA MD 37 -62.12 75.45 -57.48
CA ALA MD 37 -60.71 75.09 -57.51
C ALA MD 37 -60.31 74.62 -58.89
N VAL MD 38 -61.25 74.06 -59.65
CA VAL MD 38 -60.97 73.60 -61.01
C VAL MD 38 -60.78 74.80 -61.92
N PHE MD 39 -61.75 75.70 -61.89
CA PHE MD 39 -61.67 76.90 -62.70
C PHE MD 39 -60.45 77.77 -62.37
N ASP MD 40 -60.16 77.94 -61.09
CA ASP MD 40 -59.01 78.74 -60.70
C ASP MD 40 -57.77 78.23 -61.40
N ASP MD 41 -57.72 76.93 -61.66
CA ASP MD 41 -56.58 76.32 -62.35
C ASP MD 41 -56.69 76.57 -63.85
N LEU MD 42 -57.90 76.78 -64.33
CA LEU MD 42 -58.10 77.03 -65.74
C LEU MD 42 -57.68 78.45 -66.01
N PHE MD 43 -58.03 79.35 -65.09
CA PHE MD 43 -57.69 80.76 -65.25
C PHE MD 43 -56.22 81.03 -65.01
N LYS MD 44 -55.59 80.28 -64.13
CA LYS MD 44 -54.18 80.52 -63.87
C LYS MD 44 -53.36 80.08 -65.07
N HIS MD 45 -53.93 79.24 -65.93
CA HIS MD 45 -53.23 78.74 -67.11
C HIS MD 45 -53.69 79.36 -68.44
N TYR MD 46 -54.98 79.65 -68.54
CA TYR MD 46 -55.54 80.27 -69.74
C TYR MD 46 -56.34 81.47 -69.26
N PRO MD 47 -55.65 82.47 -68.69
CA PRO MD 47 -56.24 83.70 -68.15
C PRO MD 47 -57.25 84.39 -69.07
N THR MD 48 -57.09 84.20 -70.37
CA THR MD 48 -57.97 84.79 -71.36
C THR MD 48 -59.43 84.45 -71.10
N SER MD 49 -59.69 83.16 -70.87
CA SER MD 49 -61.02 82.65 -70.61
C SER MD 49 -61.76 83.39 -69.50
N LYS MD 50 -61.04 83.85 -68.49
CA LYS MD 50 -61.64 84.55 -67.36
C LYS MD 50 -62.73 85.50 -67.81
N ALA MD 51 -62.37 86.43 -68.67
CA ALA MD 51 -63.33 87.41 -69.18
C ALA MD 51 -64.70 86.83 -69.59
N LEU MD 52 -64.70 85.64 -70.20
CA LEU MD 52 -65.93 85.00 -70.67
C LEU MD 52 -67.07 84.92 -69.67
N PHE MD 53 -66.74 84.91 -68.38
CA PHE MD 53 -67.75 84.79 -67.34
C PHE MD 53 -68.13 86.08 -66.61
N GLU MD 54 -67.99 87.22 -67.26
CA GLU MD 54 -68.36 88.47 -66.61
C GLU MD 54 -69.86 88.48 -66.49
N ARG MD 55 -70.51 87.73 -67.37
CA ARG MD 55 -71.96 87.64 -67.39
C ARG MD 55 -72.49 87.07 -66.07
N VAL MD 56 -71.70 86.23 -65.43
CA VAL MD 56 -72.11 85.62 -64.17
C VAL MD 56 -71.41 86.28 -63.01
N LYS MD 57 -70.68 87.35 -63.29
CA LYS MD 57 -69.98 88.09 -62.25
C LYS MD 57 -68.84 87.34 -61.54
N ILE MD 58 -67.81 86.98 -62.29
CA ILE MD 58 -66.68 86.28 -61.69
C ILE MD 58 -65.86 87.25 -60.86
N ASP MD 59 -66.04 88.54 -61.10
CA ASP MD 59 -65.31 89.57 -60.35
C ASP MD 59 -65.77 89.55 -58.90
N GLU MD 60 -66.90 88.90 -58.65
CA GLU MD 60 -67.45 88.77 -57.31
C GLU MD 60 -67.47 87.28 -56.99
N PRO MD 61 -66.31 86.71 -56.62
CA PRO MD 61 -66.22 85.30 -56.29
C PRO MD 61 -67.34 84.75 -55.44
N GLU MD 62 -67.60 85.38 -54.29
CA GLU MD 62 -68.65 84.90 -53.40
C GLU MD 62 -70.05 85.41 -53.75
N SER MD 63 -70.14 86.08 -54.89
CA SER MD 63 -71.39 86.67 -55.37
C SER MD 63 -72.63 85.85 -55.13
N GLY MD 64 -72.63 84.63 -55.64
CA GLY MD 64 -73.81 83.81 -55.51
C GLY MD 64 -74.39 83.74 -56.91
N GLU MD 65 -74.29 84.85 -57.63
CA GLU MD 65 -74.78 84.87 -59.01
C GLU MD 65 -73.79 83.96 -59.72
N PHE MD 66 -72.56 83.96 -59.21
CA PHE MD 66 -71.45 83.18 -59.73
C PHE MD 66 -71.42 81.80 -59.09
N LYS MD 67 -71.56 81.75 -57.77
CA LYS MD 67 -71.56 80.48 -57.11
C LYS MD 67 -72.57 79.58 -57.80
N SER MD 68 -73.80 80.06 -57.94
CA SER MD 68 -74.84 79.30 -58.59
C SER MD 68 -74.31 78.77 -59.90
N HIS MD 69 -73.62 79.63 -60.64
CA HIS MD 69 -73.04 79.21 -61.92
C HIS MD 69 -72.19 77.96 -61.70
N LEU MD 70 -71.15 78.10 -60.90
CA LEU MD 70 -70.28 76.99 -60.60
C LEU MD 70 -71.09 75.72 -60.43
N VAL MD 71 -72.11 75.79 -59.60
CA VAL MD 71 -72.96 74.65 -59.37
C VAL MD 71 -73.55 74.11 -60.68
N ARG MD 72 -74.12 74.98 -61.50
CA ARG MD 72 -74.69 74.55 -62.75
C ARG MD 72 -73.68 73.79 -63.55
N VAL MD 73 -72.43 74.26 -63.54
CA VAL MD 73 -71.36 73.60 -64.28
C VAL MD 73 -71.18 72.25 -63.65
N ALA MD 74 -70.99 72.23 -62.35
CA ALA MD 74 -70.81 70.99 -61.62
C ALA MD 74 -71.94 70.06 -62.03
N ASN MD 75 -73.16 70.43 -61.70
CA ASN MD 75 -74.31 69.61 -62.03
C ASN MD 75 -74.35 69.17 -63.49
N GLY MD 76 -73.89 70.03 -64.39
CA GLY MD 76 -73.90 69.65 -65.79
C GLY MD 76 -72.97 68.50 -66.04
N LEU MD 77 -71.89 68.46 -65.28
CA LEU MD 77 -70.89 67.42 -65.39
C LEU MD 77 -71.51 66.19 -64.75
N LYS MD 78 -72.09 66.38 -63.58
CA LYS MD 78 -72.75 65.30 -62.88
C LYS MD 78 -73.70 64.61 -63.83
N LEU MD 79 -74.55 65.40 -64.47
CA LEU MD 79 -75.54 64.87 -65.40
C LEU MD 79 -74.88 64.02 -66.47
N LEU MD 80 -73.72 64.43 -66.94
CA LEU MD 80 -73.01 63.68 -67.96
C LEU MD 80 -72.66 62.30 -67.42
N ILE MD 81 -71.82 62.30 -66.38
CA ILE MD 81 -71.36 61.08 -65.75
C ILE MD 81 -72.53 60.15 -65.45
N ASN MD 82 -73.56 60.69 -64.84
CA ASN MD 82 -74.74 59.91 -64.51
C ASN MD 82 -75.56 59.50 -65.74
N LEU MD 83 -74.94 59.58 -66.91
CA LEU MD 83 -75.62 59.24 -68.13
C LEU MD 83 -74.80 58.19 -68.86
N LEU MD 84 -73.57 57.99 -68.39
CA LEU MD 84 -72.64 57.03 -68.98
C LEU MD 84 -73.20 55.61 -69.12
N ASP MD 85 -74.33 55.32 -68.47
CA ASP MD 85 -74.92 53.98 -68.59
C ASP MD 85 -76.07 54.00 -69.60
N ASP MD 86 -76.45 55.19 -70.06
CA ASP MD 86 -77.53 55.30 -71.03
C ASP MD 86 -77.09 55.88 -72.37
N THR MD 87 -75.88 55.52 -72.78
CA THR MD 87 -75.28 55.94 -74.05
C THR MD 87 -76.09 56.83 -74.98
N LEU MD 88 -77.10 56.26 -75.64
CA LEU MD 88 -77.93 57.01 -76.56
C LEU MD 88 -78.39 58.39 -76.10
N VAL MD 89 -78.80 58.51 -74.84
CA VAL MD 89 -79.23 59.78 -74.30
C VAL MD 89 -78.01 60.66 -74.10
N LEU MD 90 -76.95 60.07 -73.57
CA LEU MD 90 -75.74 60.81 -73.35
C LEU MD 90 -75.30 61.45 -74.67
N GLN MD 91 -75.30 60.63 -75.72
CA GLN MD 91 -74.88 61.08 -77.04
C GLN MD 91 -75.65 62.30 -77.52
N SER MD 92 -76.91 62.40 -77.10
CA SER MD 92 -77.74 63.54 -77.50
C SER MD 92 -77.47 64.74 -76.62
N HIS MD 93 -77.64 64.59 -75.31
CA HIS MD 93 -77.40 65.70 -74.41
C HIS MD 93 -75.99 66.19 -74.59
N LEU MD 94 -75.11 65.29 -74.99
CA LEU MD 94 -73.73 65.67 -75.17
C LEU MD 94 -73.67 66.68 -76.29
N GLY MD 95 -74.54 66.51 -77.27
CA GLY MD 95 -74.57 67.44 -78.40
C GLY MD 95 -75.15 68.73 -77.91
N HIS MD 96 -76.33 68.64 -77.31
CA HIS MD 96 -77.02 69.79 -76.76
C HIS MD 96 -76.05 70.61 -75.91
N LEU MD 97 -75.15 69.93 -75.22
CA LEU MD 97 -74.19 70.61 -74.36
C LEU MD 97 -73.18 71.36 -75.20
N ALA MD 98 -72.97 70.90 -76.43
CA ALA MD 98 -72.04 71.56 -77.33
C ALA MD 98 -72.69 72.86 -77.79
N ASP MD 99 -73.88 72.73 -78.38
CA ASP MD 99 -74.61 73.87 -78.88
C ASP MD 99 -74.71 75.01 -77.85
N GLN MD 100 -74.81 74.67 -76.57
CA GLN MD 100 -74.90 75.69 -75.53
C GLN MD 100 -73.59 76.41 -75.36
N HIS MD 101 -72.54 75.89 -75.97
CA HIS MD 101 -71.23 76.51 -75.87
C HIS MD 101 -70.79 77.10 -77.20
N ILE MD 102 -71.42 76.67 -78.28
CA ILE MD 102 -71.05 77.19 -79.58
C ILE MD 102 -71.64 78.57 -79.68
N GLN MD 103 -72.84 78.75 -79.13
CA GLN MD 103 -73.51 80.05 -79.17
C GLN MD 103 -72.90 81.00 -78.15
N ARG MD 104 -71.92 80.52 -77.40
CA ARG MD 104 -71.25 81.35 -76.42
C ARG MD 104 -69.99 81.84 -77.10
N LYS MD 105 -70.09 83.03 -77.69
CA LYS MD 105 -68.99 83.64 -78.41
C LYS MD 105 -67.73 83.80 -77.56
N GLY MD 106 -66.62 83.24 -78.03
CA GLY MD 106 -65.36 83.36 -77.31
C GLY MD 106 -64.84 82.06 -76.72
N VAL MD 107 -65.63 80.99 -76.82
CA VAL MD 107 -65.24 79.71 -76.27
C VAL MD 107 -64.45 78.90 -77.28
N THR MD 108 -63.14 78.74 -77.03
CA THR MD 108 -62.25 77.98 -77.93
C THR MD 108 -62.23 76.47 -77.67
N LYS MD 109 -61.69 75.75 -78.65
CA LYS MD 109 -61.58 74.31 -78.55
C LYS MD 109 -60.50 74.08 -77.50
N GLU MD 110 -59.62 75.06 -77.38
CA GLU MD 110 -58.52 75.00 -76.44
C GLU MD 110 -58.95 75.10 -75.00
N TYR MD 111 -59.75 76.11 -74.66
CA TYR MD 111 -60.21 76.27 -73.29
C TYR MD 111 -60.71 74.97 -72.72
N PHE MD 112 -61.35 74.15 -73.54
CA PHE MD 112 -61.85 72.87 -73.07
C PHE MD 112 -60.71 71.93 -72.74
N ARG MD 113 -59.78 71.75 -73.67
CA ARG MD 113 -58.65 70.88 -73.40
C ARG MD 113 -57.98 71.41 -72.14
N GLY MD 114 -58.17 72.69 -71.87
CA GLY MD 114 -57.59 73.29 -70.69
C GLY MD 114 -58.27 72.96 -69.37
N ILE MD 115 -59.59 72.94 -69.38
CA ILE MD 115 -60.34 72.62 -68.19
C ILE MD 115 -60.17 71.14 -67.92
N GLY MD 116 -59.84 70.40 -68.97
CA GLY MD 116 -59.65 68.97 -68.83
C GLY MD 116 -58.42 68.74 -67.98
N GLU MD 117 -57.39 69.50 -68.27
CA GLU MD 117 -56.14 69.41 -67.53
C GLU MD 117 -56.47 69.80 -66.11
N ALA MD 118 -57.28 70.84 -65.97
CA ALA MD 118 -57.70 71.33 -64.65
C ALA MD 118 -58.14 70.18 -63.71
N PHE MD 119 -59.21 69.49 -64.06
CA PHE MD 119 -59.70 68.39 -63.24
C PHE MD 119 -58.59 67.40 -62.92
N ALA MD 120 -57.89 66.97 -63.96
CA ALA MD 120 -56.80 66.01 -63.81
C ALA MD 120 -55.72 66.46 -62.82
N ARG MD 121 -55.79 67.71 -62.38
CA ARG MD 121 -54.82 68.25 -61.45
C ARG MD 121 -55.50 68.51 -60.10
N VAL MD 122 -56.80 68.77 -60.15
CA VAL MD 122 -57.56 69.05 -58.94
C VAL MD 122 -58.07 67.78 -58.28
N LEU MD 123 -58.91 67.04 -59.00
CA LEU MD 123 -59.47 65.82 -58.46
C LEU MD 123 -58.49 64.95 -57.68
N PRO MD 124 -57.34 64.62 -58.26
CA PRO MD 124 -56.38 63.80 -57.53
C PRO MD 124 -55.97 64.37 -56.17
N GLN MD 125 -56.46 65.57 -55.84
CA GLN MD 125 -56.15 66.22 -54.57
C GLN MD 125 -57.33 66.24 -53.61
N VAL MD 126 -58.53 66.18 -54.15
CA VAL MD 126 -59.73 66.20 -53.31
C VAL MD 126 -60.17 64.83 -52.86
N LEU MD 127 -59.63 63.80 -53.49
CA LEU MD 127 -59.97 62.44 -53.10
C LEU MD 127 -58.83 61.50 -53.45
N SER MD 128 -58.72 60.41 -52.71
CA SER MD 128 -57.67 59.46 -52.96
C SER MD 128 -58.26 58.37 -53.82
N CYS MD 129 -57.40 57.52 -54.37
CA CYS MD 129 -57.85 56.41 -55.21
C CYS MD 129 -58.50 56.98 -56.48
N PHE MD 130 -57.80 57.89 -57.13
CA PHE MD 130 -58.31 58.50 -58.34
C PHE MD 130 -57.57 57.91 -59.52
N ASN MD 131 -58.31 57.24 -60.40
CA ASN MD 131 -57.69 56.63 -61.56
C ASN MD 131 -57.52 57.66 -62.66
N VAL MD 132 -56.63 58.63 -62.44
CA VAL MD 132 -56.38 59.70 -63.38
C VAL MD 132 -56.50 59.30 -64.84
N ASP MD 133 -55.90 58.17 -65.21
CA ASP MD 133 -55.98 57.72 -66.59
C ASP MD 133 -57.41 57.46 -67.02
N ALA MD 134 -58.08 56.58 -66.30
CA ALA MD 134 -59.46 56.23 -66.62
C ALA MD 134 -60.30 57.49 -66.75
N TRP MD 135 -60.14 58.41 -65.81
CA TRP MD 135 -60.89 59.65 -65.85
C TRP MD 135 -60.53 60.31 -67.14
N ASN MD 136 -59.24 60.64 -67.29
CA ASN MD 136 -58.76 61.29 -68.50
C ASN MD 136 -59.37 60.69 -69.76
N ARG MD 137 -59.31 59.38 -69.89
CA ARG MD 137 -59.86 58.75 -71.09
C ARG MD 137 -61.31 59.14 -71.36
N CYS MD 138 -62.22 58.79 -70.45
CA CYS MD 138 -63.62 59.11 -70.65
C CYS MD 138 -63.94 60.58 -70.62
N PHE MD 139 -63.10 61.39 -70.01
CA PHE MD 139 -63.38 62.81 -69.97
C PHE MD 139 -63.10 63.36 -71.37
N HIS MD 140 -62.04 62.86 -72.01
CA HIS MD 140 -61.70 63.32 -73.36
C HIS MD 140 -62.81 62.98 -74.32
N ARG MD 141 -63.30 61.75 -74.28
CA ARG MD 141 -64.37 61.36 -75.17
C ARG MD 141 -65.53 62.35 -75.00
N LEU MD 142 -65.82 62.72 -73.75
CA LEU MD 142 -66.90 63.68 -73.49
C LEU MD 142 -66.60 65.08 -74.05
N VAL MD 143 -65.39 65.56 -73.79
CA VAL MD 143 -64.97 66.88 -74.26
C VAL MD 143 -64.97 66.94 -75.78
N ALA MD 144 -64.26 66.00 -76.41
CA ALA MD 144 -64.19 65.96 -77.86
C ALA MD 144 -65.55 66.26 -78.49
N ARG MD 145 -66.54 65.47 -78.14
CA ARG MD 145 -67.87 65.67 -78.70
C ARG MD 145 -68.46 67.01 -78.36
N ILE MD 146 -68.12 67.57 -77.20
CA ILE MD 146 -68.69 68.87 -76.81
C ILE MD 146 -68.13 70.02 -77.62
N ALA MD 147 -66.83 69.96 -77.84
CA ALA MD 147 -66.20 70.91 -78.67
C ALA MD 147 -66.92 70.75 -79.92
N LYS MD 148 -67.27 69.50 -80.29
CA LYS MD 148 -66.86 68.85 -81.50
C LYS MD 148 -67.33 69.57 -82.71
N ASP MD 149 -68.56 70.10 -82.64
CA ASP MD 149 -69.27 70.92 -83.62
C ASP MD 149 -68.55 72.19 -83.80
N LEU MD 150 -68.16 72.72 -82.65
CA LEU MD 150 -67.67 74.03 -82.53
C LEU MD 150 -66.53 74.06 -83.42
N PRO MD 151 -65.70 73.09 -83.50
CA PRO MD 151 -64.81 73.49 -84.52
C PRO MD 151 -64.92 72.58 -85.70
N LYS ND 1 -44.15 69.41 -38.81
CA LYS ND 1 -43.89 68.67 -40.07
C LYS ND 1 -44.74 69.33 -41.06
N LYS ND 2 -45.97 68.81 -41.08
CA LYS ND 2 -47.00 69.31 -41.91
C LYS ND 2 -47.88 70.13 -41.05
N GLN ND 3 -48.14 71.34 -41.54
CA GLN ND 3 -49.00 72.33 -40.99
C GLN ND 3 -50.19 72.20 -41.88
N CYS ND 4 -51.41 72.56 -41.44
CA CYS ND 4 -52.45 71.87 -42.12
C CYS ND 4 -53.25 72.81 -42.96
N GLY ND 5 -54.12 72.25 -43.82
CA GLY ND 5 -54.66 73.02 -44.91
C GLY ND 5 -56.02 72.46 -45.24
N VAL ND 6 -56.75 73.18 -46.13
CA VAL ND 6 -58.17 73.01 -46.33
C VAL ND 6 -58.47 71.62 -46.79
N LEU ND 7 -57.85 71.22 -47.93
CA LEU ND 7 -58.11 69.87 -48.40
C LEU ND 7 -57.71 68.81 -47.38
N GLU ND 8 -56.43 68.77 -46.99
CA GLU ND 8 -55.95 67.79 -46.03
C GLU ND 8 -56.87 67.74 -44.83
N GLY ND 9 -57.57 68.84 -44.59
CA GLY ND 9 -58.52 68.86 -43.48
C GLY ND 9 -59.71 68.00 -43.88
N LEU ND 10 -60.35 68.38 -44.97
CA LEU ND 10 -61.51 67.65 -45.48
C LEU ND 10 -61.23 66.15 -45.49
N LYS ND 11 -60.03 65.77 -45.90
CA LYS ND 11 -59.69 64.35 -45.95
C LYS ND 11 -59.72 63.75 -44.54
N VAL ND 12 -58.96 64.32 -43.61
CA VAL ND 12 -58.95 63.80 -42.27
C VAL ND 12 -60.35 63.83 -41.69
N LYS ND 13 -61.03 64.95 -41.84
CA LYS ND 13 -62.39 65.08 -41.30
C LYS ND 13 -63.29 63.95 -41.76
N SER ND 14 -63.12 63.55 -43.02
CA SER ND 14 -63.92 62.47 -43.61
C SER ND 14 -63.47 61.11 -43.07
N GLU ND 15 -62.17 60.83 -43.20
CA GLU ND 15 -61.62 59.56 -42.74
C GLU ND 15 -61.89 59.35 -41.26
N TRP ND 16 -61.82 60.43 -40.49
CA TRP ND 16 -62.07 60.31 -39.08
C TRP ND 16 -63.49 59.82 -38.90
N GLY ND 17 -64.38 60.31 -39.75
CA GLY ND 17 -65.77 59.88 -39.65
C GLY ND 17 -65.91 58.38 -39.65
N ARG ND 18 -65.18 57.75 -40.57
CA ARG ND 18 -65.21 56.30 -40.71
C ARG ND 18 -64.52 55.59 -39.56
N ALA ND 19 -63.34 56.07 -39.16
CA ALA ND 19 -62.59 55.45 -38.07
C ALA ND 19 -63.26 55.57 -36.70
N TYR ND 20 -63.83 56.75 -36.43
CA TYR ND 20 -64.49 57.00 -35.17
C TYR ND 20 -65.63 56.03 -35.02
N GLY ND 21 -66.56 56.07 -35.96
CA GLY ND 21 -67.68 55.16 -35.89
C GLY ND 21 -68.56 55.46 -34.69
N SER ND 22 -69.27 54.44 -34.20
CA SER ND 22 -70.16 54.63 -33.05
C SER ND 22 -70.44 53.36 -32.28
N GLY ND 23 -71.20 53.49 -31.20
CA GLY ND 23 -71.54 52.34 -30.36
C GLY ND 23 -70.35 51.67 -29.69
N HIS ND 24 -70.20 50.38 -29.97
CA HIS ND 24 -69.11 49.61 -29.40
C HIS ND 24 -67.81 49.91 -30.12
N ASP ND 25 -67.85 49.96 -31.45
CA ASP ND 25 -66.66 50.25 -32.23
C ASP ND 25 -65.96 51.42 -31.55
N ARG ND 26 -66.75 52.38 -31.09
CA ARG ND 26 -66.21 53.56 -30.43
C ARG ND 26 -65.58 53.19 -29.10
N GLU ND 27 -66.39 52.61 -28.21
CA GLU ND 27 -65.89 52.21 -26.91
C GLU ND 27 -64.57 51.43 -27.01
N ALA ND 28 -64.33 50.80 -28.16
CA ALA ND 28 -63.11 50.04 -28.37
C ALA ND 28 -62.08 50.94 -29.02
N PHE ND 29 -62.46 51.59 -30.11
CA PHE ND 29 -61.58 52.50 -30.81
C PHE ND 29 -60.81 53.31 -29.77
N SER ND 30 -61.53 53.90 -28.83
CA SER ND 30 -60.90 54.69 -27.78
C SER ND 30 -60.01 53.79 -26.92
N GLN ND 31 -60.59 52.68 -26.47
CA GLN ND 31 -59.84 51.70 -25.69
C GLN ND 31 -58.49 51.44 -26.34
N ALA ND 32 -58.51 50.95 -27.59
CA ALA ND 32 -57.30 50.63 -28.33
C ALA ND 32 -56.32 51.76 -28.28
N ILE ND 33 -56.79 52.96 -28.61
CA ILE ND 33 -55.95 54.15 -28.62
C ILE ND 33 -55.25 54.37 -27.30
N TRP ND 34 -55.98 54.37 -26.20
CA TRP ND 34 -55.34 54.57 -24.91
C TRP ND 34 -54.34 53.49 -24.56
N ARG ND 35 -54.67 52.24 -24.85
CA ARG ND 35 -53.75 51.15 -24.57
C ARG ND 35 -52.45 51.39 -25.30
N ALA ND 36 -52.55 51.84 -26.54
CA ALA ND 36 -51.39 52.12 -27.34
C ALA ND 36 -50.62 53.30 -26.75
N THR ND 37 -51.33 54.28 -26.22
CA THR ND 37 -50.67 55.45 -25.62
C THR ND 37 -49.90 55.04 -24.38
N PHE ND 38 -50.61 54.47 -23.42
CA PHE ND 38 -49.98 54.05 -22.18
C PHE ND 38 -48.86 53.06 -22.39
N ALA ND 39 -48.98 52.22 -23.41
CA ALA ND 39 -47.95 51.24 -23.67
C ALA ND 39 -46.67 51.95 -24.05
N GLN ND 40 -46.81 53.10 -24.70
CA GLN ND 40 -45.65 53.88 -25.12
C GLN ND 40 -45.00 54.61 -23.96
N VAL ND 41 -45.82 55.31 -23.19
CA VAL ND 41 -45.32 56.07 -22.05
C VAL ND 41 -46.03 55.71 -20.76
N PRO ND 42 -45.69 54.55 -20.17
CA PRO ND 42 -46.35 54.14 -18.94
C PRO ND 42 -46.31 55.22 -17.86
N GLU ND 43 -45.33 56.10 -17.98
CA GLU ND 43 -45.17 57.20 -17.03
C GLU ND 43 -46.46 57.99 -16.88
N SER ND 44 -47.12 58.23 -18.01
CA SER ND 44 -48.35 59.02 -18.07
C SER ND 44 -49.56 58.47 -17.32
N ARG ND 45 -49.55 57.19 -16.99
CA ARG ND 45 -50.68 56.65 -16.26
C ARG ND 45 -50.96 57.44 -15.01
N SER ND 46 -49.90 57.97 -14.39
CA SER ND 46 -50.03 58.75 -13.16
C SER ND 46 -50.94 59.96 -13.25
N LEU ND 47 -51.10 60.54 -14.43
CA LEU ND 47 -51.95 61.71 -14.60
C LEU ND 47 -53.43 61.40 -14.53
N PHE ND 48 -53.80 60.20 -14.94
CA PHE ND 48 -55.19 59.81 -14.92
C PHE ND 48 -55.51 58.95 -13.72
N LYS ND 49 -54.81 59.20 -12.62
CA LYS ND 49 -55.04 58.44 -11.40
C LYS ND 49 -56.44 58.76 -10.91
N ARG ND 50 -56.90 59.95 -11.23
CA ARG ND 50 -58.22 60.42 -10.81
C ARG ND 50 -59.36 59.67 -11.47
N VAL ND 51 -59.14 59.22 -12.69
CA VAL ND 51 -60.16 58.52 -13.44
C VAL ND 51 -59.71 57.09 -13.76
N HIS ND 52 -59.35 56.37 -12.70
CA HIS ND 52 -58.89 55.00 -12.81
C HIS ND 52 -58.04 54.72 -14.05
N GLY ND 53 -56.87 55.33 -14.10
CA GLY ND 53 -55.97 55.12 -15.21
C GLY ND 53 -55.24 53.80 -15.03
N ASP ND 54 -55.31 53.28 -13.81
CA ASP ND 54 -54.65 52.02 -13.53
C ASP ND 54 -55.28 50.88 -14.34
N ASP ND 55 -56.62 50.89 -14.46
CA ASP ND 55 -57.32 49.85 -15.20
C ASP ND 55 -58.07 50.47 -16.37
N THR ND 56 -57.46 50.41 -17.54
CA THR ND 56 -58.04 50.94 -18.76
C THR ND 56 -59.47 50.47 -19.05
N SER ND 57 -59.88 49.34 -18.46
CA SER ND 57 -61.22 48.77 -18.66
C SER ND 57 -62.26 49.18 -17.62
N HIS ND 58 -61.88 50.02 -16.68
CA HIS ND 58 -62.79 50.49 -15.63
C HIS ND 58 -63.74 51.51 -16.20
N PRO ND 59 -65.03 51.36 -15.93
CA PRO ND 59 -66.02 52.30 -16.44
C PRO ND 59 -65.59 53.77 -16.36
N ALA ND 60 -65.06 54.17 -15.22
CA ALA ND 60 -64.63 55.54 -15.03
C ALA ND 60 -63.74 55.97 -16.16
N PHE ND 61 -62.75 55.14 -16.45
CA PHE ND 61 -61.80 55.42 -17.52
C PHE ND 61 -62.46 55.30 -18.88
N ILE ND 62 -63.33 54.32 -19.04
CA ILE ND 62 -64.04 54.10 -20.31
C ILE ND 62 -64.73 55.40 -20.66
N ALA ND 63 -65.37 55.97 -19.65
CA ALA ND 63 -66.06 57.23 -19.81
C ALA ND 63 -65.03 58.23 -20.26
N HIS ND 64 -64.01 58.43 -19.42
CA HIS ND 64 -62.94 59.36 -19.73
C HIS ND 64 -62.49 59.27 -21.18
N ALA ND 65 -62.11 58.08 -21.60
CA ALA ND 65 -61.66 57.86 -22.97
C ALA ND 65 -62.70 58.33 -23.95
N ASP ND 66 -63.88 57.73 -23.91
CA ASP ND 66 -64.97 58.08 -24.81
C ASP ND 66 -65.19 59.61 -24.75
N ARG ND 67 -64.88 60.21 -23.61
CA ARG ND 67 -65.06 61.65 -23.38
C ARG ND 67 -63.98 62.46 -24.07
N VAL ND 68 -62.78 61.91 -24.10
CA VAL ND 68 -61.64 62.56 -24.73
C VAL ND 68 -61.83 62.60 -26.23
N LEU ND 69 -62.03 61.43 -26.82
CA LEU ND 69 -62.25 61.34 -28.25
C LEU ND 69 -63.30 62.37 -28.61
N GLY ND 70 -64.29 62.52 -27.74
CA GLY ND 70 -65.34 63.50 -27.97
C GLY ND 70 -64.78 64.84 -28.37
N GLY ND 71 -63.87 65.37 -27.57
CA GLY ND 71 -63.27 66.64 -27.90
C GLY ND 71 -62.56 66.56 -29.24
N LEU ND 72 -61.69 65.57 -29.39
CA LEU ND 72 -60.96 65.38 -30.64
C LEU ND 72 -61.95 65.42 -31.78
N ASP ND 73 -63.15 64.90 -31.57
CA ASP ND 73 -64.17 64.92 -32.61
C ASP ND 73 -64.44 66.38 -32.95
N ILE ND 74 -64.95 67.11 -31.98
CA ILE ND 74 -65.23 68.53 -32.20
C ILE ND 74 -64.08 69.21 -32.94
N ALA ND 75 -62.85 68.96 -32.49
CA ALA ND 75 -61.68 69.55 -33.13
C ALA ND 75 -61.67 69.23 -34.61
N ILE ND 76 -61.44 67.96 -34.92
CA ILE ND 76 -61.42 67.51 -36.31
C ILE ND 76 -62.66 67.98 -37.08
N SER ND 77 -63.86 67.73 -36.50
CA SER ND 77 -65.05 68.03 -37.22
C SER ND 77 -65.16 69.51 -37.42
N THR ND 78 -64.76 70.35 -36.44
CA THR ND 78 -64.94 71.77 -36.57
C THR ND 78 -64.02 72.37 -37.60
N LEU ND 79 -62.80 71.81 -37.72
CA LEU ND 79 -61.57 72.42 -38.16
C LEU ND 79 -61.66 72.89 -39.56
N ASP ND 80 -62.60 72.31 -40.33
CA ASP ND 80 -62.67 72.58 -41.74
C ASP ND 80 -62.73 74.08 -41.88
N GLN ND 81 -63.74 74.70 -41.24
CA GLN ND 81 -63.86 76.12 -41.26
C GLN ND 81 -63.11 76.68 -40.09
N PRO ND 82 -62.24 77.61 -40.48
CA PRO ND 82 -61.27 78.30 -39.64
C PRO ND 82 -61.92 79.13 -38.54
N ALA ND 83 -62.96 79.86 -38.90
CA ALA ND 83 -63.67 80.69 -37.94
C ALA ND 83 -64.02 79.93 -36.67
N THR ND 84 -64.81 78.87 -36.84
CA THR ND 84 -65.26 78.04 -35.73
C THR ND 84 -64.12 77.28 -35.07
N LEU ND 85 -63.38 76.52 -35.85
CA LEU ND 85 -62.26 75.76 -35.32
C LEU ND 85 -61.48 76.64 -34.35
N LYS ND 86 -61.08 77.80 -34.84
CA LYS ND 86 -60.35 78.77 -34.05
C LYS ND 86 -60.92 78.77 -32.64
N GLU ND 87 -62.22 78.99 -32.55
CA GLU ND 87 -62.88 79.05 -31.28
C GLU ND 87 -62.69 77.79 -30.45
N GLU ND 88 -63.07 76.63 -30.99
CA GLU ND 88 -62.94 75.38 -30.26
C GLU ND 88 -61.51 75.22 -29.74
N LEU ND 89 -60.54 75.39 -30.63
CA LEU ND 89 -59.17 75.26 -30.22
C LEU ND 89 -58.90 76.19 -29.05
N ASP ND 90 -59.26 77.45 -29.21
CA ASP ND 90 -59.04 78.43 -28.15
C ASP ND 90 -59.66 77.95 -26.85
N HIS ND 91 -60.88 77.44 -26.94
CA HIS ND 91 -61.59 76.94 -25.77
C HIS ND 91 -60.74 75.88 -25.10
N LEU ND 92 -60.27 74.92 -25.88
CA LEU ND 92 -59.44 73.86 -25.34
C LEU ND 92 -58.21 74.47 -24.71
N GLN ND 93 -57.54 75.33 -25.47
CA GLN ND 93 -56.33 76.00 -25.02
C GLN ND 93 -56.44 76.37 -23.56
N VAL ND 94 -57.59 76.93 -23.21
CA VAL ND 94 -57.85 77.36 -21.83
C VAL ND 94 -57.90 76.20 -20.84
N GLN ND 95 -58.72 75.19 -21.16
CA GLN ND 95 -58.87 74.05 -20.28
C GLN ND 95 -57.52 73.38 -20.02
N HIS ND 96 -56.51 73.75 -20.82
CA HIS ND 96 -55.19 73.15 -20.67
C HIS ND 96 -54.09 74.05 -20.08
N GLU ND 97 -54.25 75.31 -20.35
CA GLU ND 97 -53.16 76.21 -20.07
C GLU ND 97 -53.07 76.35 -18.58
N GLY ND 98 -51.84 76.33 -18.04
CA GLY ND 98 -51.64 76.47 -16.63
C GLY ND 98 -50.98 75.22 -16.17
N ARG ND 99 -51.23 74.12 -16.90
CA ARG ND 99 -50.99 72.80 -16.40
C ARG ND 99 -49.83 72.26 -17.14
N LYS ND 100 -48.86 71.68 -16.44
CA LYS ND 100 -47.76 71.27 -17.26
C LYS ND 100 -48.15 69.94 -17.84
N ILE ND 101 -48.01 69.80 -19.18
CA ILE ND 101 -48.03 68.52 -19.87
C ILE ND 101 -47.01 68.55 -20.95
N PRO ND 102 -46.08 67.71 -20.80
CA PRO ND 102 -44.94 67.62 -21.64
C PRO ND 102 -45.41 67.30 -23.01
N ASP ND 103 -44.58 67.69 -23.95
CA ASP ND 103 -44.86 67.48 -25.38
C ASP ND 103 -44.56 66.02 -25.72
N ASN ND 104 -43.87 65.35 -24.80
CA ASN ND 104 -43.51 63.96 -24.95
C ASN ND 104 -44.76 63.10 -25.05
N TYR ND 105 -45.70 63.29 -24.14
CA TYR ND 105 -46.94 62.51 -24.12
C TYR ND 105 -47.80 62.76 -25.35
N PHE ND 106 -48.10 64.02 -25.63
CA PHE ND 106 -48.92 64.34 -26.78
C PHE ND 106 -48.42 63.59 -27.98
N ASP ND 107 -47.10 63.53 -28.12
CA ASP ND 107 -46.48 62.84 -29.24
C ASP ND 107 -46.97 61.39 -29.28
N ALA ND 108 -46.84 60.70 -28.16
CA ALA ND 108 -47.26 59.31 -28.06
C ALA ND 108 -48.74 59.16 -28.39
N PHE ND 109 -49.56 60.00 -27.79
CA PHE ND 109 -50.99 59.94 -28.02
C PHE ND 109 -51.32 60.11 -29.50
N LYS ND 110 -50.55 60.93 -30.20
CA LYS ND 110 -50.80 61.12 -31.62
C LYS ND 110 -50.49 59.81 -32.30
N THR ND 111 -49.29 59.31 -32.07
CA THR ND 111 -48.87 58.06 -32.64
C THR ND 111 -49.98 57.04 -32.41
N ALA ND 112 -50.41 56.91 -31.17
CA ALA ND 112 -51.46 55.95 -30.84
C ALA ND 112 -52.61 56.13 -31.84
N ILE ND 113 -53.26 57.30 -31.79
CA ILE ND 113 -54.37 57.59 -32.67
C ILE ND 113 -54.07 57.13 -34.08
N LEU ND 114 -52.96 57.62 -34.64
CA LEU ND 114 -52.59 57.23 -35.99
C LEU ND 114 -52.57 55.73 -36.23
N HIS ND 115 -51.85 55.00 -35.39
CA HIS ND 115 -51.76 53.55 -35.56
C HIS ND 115 -53.11 52.89 -35.50
N VAL ND 116 -53.93 53.27 -34.52
CA VAL ND 116 -55.25 52.68 -34.42
C VAL ND 116 -56.09 53.04 -35.65
N VAL ND 117 -56.19 54.33 -35.97
CA VAL ND 117 -56.96 54.75 -37.13
C VAL ND 117 -56.55 53.95 -38.35
N ALA ND 118 -55.25 53.82 -38.56
CA ALA ND 118 -54.76 53.06 -39.71
C ALA ND 118 -55.27 51.63 -39.64
N ALA ND 119 -55.26 51.06 -38.45
CA ALA ND 119 -55.71 49.69 -38.28
C ALA ND 119 -57.19 49.61 -38.59
N GLN ND 120 -57.93 50.65 -38.24
CA GLN ND 120 -59.36 50.66 -38.47
C GLN ND 120 -59.79 50.94 -39.90
N LEU ND 121 -59.08 51.81 -40.60
CA LEU ND 121 -59.47 52.16 -41.97
C LEU ND 121 -58.97 51.21 -43.03
N GLY ND 122 -58.13 50.25 -42.65
CA GLY ND 122 -57.61 49.33 -43.61
C GLY ND 122 -56.69 49.92 -44.68
N ARG ND 123 -57.27 50.38 -45.78
CA ARG ND 123 -56.47 50.91 -46.90
C ARG ND 123 -56.58 52.38 -47.24
N CYS ND 124 -57.79 52.91 -47.19
CA CYS ND 124 -57.99 54.30 -47.54
C CYS ND 124 -57.71 55.20 -46.36
N TYR ND 125 -56.46 55.66 -46.27
CA TYR ND 125 -56.02 56.53 -45.18
C TYR ND 125 -54.67 57.18 -45.50
N ASP ND 126 -54.65 58.51 -45.50
CA ASP ND 126 -53.44 59.29 -45.79
C ASP ND 126 -52.75 59.58 -44.48
N ARG ND 127 -51.55 59.04 -44.29
CA ARG ND 127 -50.84 59.24 -43.04
C ARG ND 127 -50.43 60.69 -42.84
N GLU ND 128 -49.62 61.23 -43.75
CA GLU ND 128 -49.15 62.60 -43.67
C GLU ND 128 -50.27 63.55 -43.24
N ALA ND 129 -51.40 63.47 -43.94
CA ALA ND 129 -52.55 64.31 -43.67
C ALA ND 129 -52.98 64.29 -42.23
N TRP ND 130 -53.22 63.10 -41.69
CA TRP ND 130 -53.61 62.98 -40.30
C TRP ND 130 -52.53 63.59 -39.43
N ASP ND 131 -51.30 63.10 -39.61
CA ASP ND 131 -50.18 63.61 -38.82
C ASP ND 131 -50.27 65.13 -38.76
N ALA ND 132 -50.33 65.74 -39.93
CA ALA ND 132 -50.41 67.19 -40.00
C ALA ND 132 -51.54 67.80 -39.17
N CYS ND 133 -52.75 67.26 -39.31
CA CYS ND 133 -53.90 67.79 -38.61
C CYS ND 133 -53.94 67.46 -37.14
N ILE ND 134 -53.64 66.22 -36.79
CA ILE ND 134 -53.66 65.87 -35.38
C ILE ND 134 -52.69 66.83 -34.71
N ASP ND 135 -51.61 67.15 -35.42
CA ASP ND 135 -50.61 68.05 -34.92
C ASP ND 135 -51.25 69.40 -34.68
N HIS ND 136 -51.75 70.02 -35.73
CA HIS ND 136 -52.38 71.33 -35.61
C HIS ND 136 -53.36 71.36 -34.45
N ILE ND 137 -54.09 70.26 -34.24
CA ILE ND 137 -55.06 70.22 -33.16
C ILE ND 137 -54.35 70.19 -31.82
N GLU ND 138 -53.29 69.40 -31.73
CA GLU ND 138 -52.56 69.32 -30.49
C GLU ND 138 -51.90 70.63 -30.16
N ASP ND 139 -51.30 71.27 -31.16
CA ASP ND 139 -50.66 72.55 -30.94
C ASP ND 139 -51.66 73.46 -30.28
N GLY ND 140 -52.87 73.50 -30.82
CA GLY ND 140 -53.89 74.35 -30.26
C GLY ND 140 -54.24 74.05 -28.82
N ILE ND 141 -53.79 72.90 -28.32
CA ILE ND 141 -54.09 72.52 -26.95
C ILE ND 141 -52.90 72.78 -26.03
N LYS ND 142 -51.70 72.73 -26.59
CA LYS ND 142 -50.51 72.97 -25.78
C LYS ND 142 -50.22 74.46 -25.75
N GLY ND 143 -50.40 75.11 -26.91
CA GLY ND 143 -50.20 76.52 -26.82
C GLY ND 143 -48.80 76.73 -27.25
N HIS ND 144 -48.31 75.73 -27.99
CA HIS ND 144 -46.98 75.26 -27.90
C HIS ND 144 -46.00 76.32 -28.26
N HIS ND 145 -45.06 76.46 -27.31
CA HIS ND 145 -44.57 77.69 -26.75
C HIS ND 145 -45.10 77.52 -25.35
N LYS OD 1 -75.79 5.93 85.34
CA LYS OD 1 -76.99 5.43 84.67
C LYS OD 1 -78.23 6.19 84.95
N LYS OD 2 -79.21 5.89 84.09
CA LYS OD 2 -80.53 6.40 84.13
C LYS OD 2 -81.28 5.85 85.26
N GLN OD 3 -82.14 6.73 85.82
CA GLN OD 3 -83.11 6.36 86.78
C GLN OD 3 -84.25 5.72 86.08
N CYS OD 4 -84.90 4.78 86.79
CA CYS OD 4 -86.15 4.27 86.32
C CYS OD 4 -87.20 5.10 86.95
N GLY OD 5 -88.28 5.22 86.17
CA GLY OD 5 -89.49 5.85 86.55
C GLY OD 5 -90.29 5.92 85.30
N VAL OD 6 -91.21 6.90 85.26
CA VAL OD 6 -92.26 6.95 84.31
C VAL OD 6 -91.73 6.94 82.91
N LEU OD 7 -91.03 8.00 82.55
CA LEU OD 7 -90.67 8.28 81.17
C LEU OD 7 -89.90 7.13 80.50
N GLU OD 8 -88.76 6.78 81.07
CA GLU OD 8 -87.94 5.72 80.51
C GLU OD 8 -88.80 4.50 80.23
N GLY OD 9 -89.90 4.38 80.94
CA GLY OD 9 -90.80 3.27 80.70
C GLY OD 9 -91.49 3.52 79.38
N LEU OD 10 -92.22 4.63 79.30
CA LEU OD 10 -92.93 5.00 78.09
C LEU OD 10 -92.04 4.84 76.88
N LYS OD 11 -90.77 5.22 77.00
CA LYS OD 11 -89.87 5.10 75.86
C LYS OD 11 -89.70 3.64 75.49
N VAL OD 12 -89.28 2.81 76.44
CA VAL OD 12 -89.09 1.39 76.14
C VAL OD 12 -90.38 0.76 75.65
N LYS OD 13 -91.48 1.05 76.33
CA LYS OD 13 -92.77 0.50 75.94
C LYS OD 13 -93.08 0.81 74.48
N SER OD 14 -92.71 1.99 74.04
CA SER OD 14 -92.96 2.42 72.66
C SER OD 14 -92.01 1.73 71.72
N GLU OD 15 -90.71 1.86 71.99
CA GLU OD 15 -89.70 1.26 71.15
C GLU OD 15 -89.90 -0.24 71.02
N TRP OD 16 -90.33 -0.86 72.11
CA TRP OD 16 -90.55 -2.30 72.10
C TRP OD 16 -91.63 -2.58 71.09
N GLY OD 17 -92.62 -1.70 71.04
CA GLY OD 17 -93.69 -1.89 70.08
C GLY OD 17 -93.16 -2.05 68.66
N ARG OD 18 -92.19 -1.23 68.30
CA ARG OD 18 -91.60 -1.28 66.98
C ARG OD 18 -90.73 -2.50 66.78
N ALA OD 19 -89.89 -2.80 67.76
CA ALA OD 19 -88.99 -3.94 67.66
C ALA OD 19 -89.68 -5.29 67.66
N TYR OD 20 -90.69 -5.43 68.51
CA TYR OD 20 -91.44 -6.67 68.61
C TYR OD 20 -92.08 -6.99 67.27
N GLY OD 21 -92.89 -6.08 66.78
CA GLY OD 21 -93.53 -6.28 65.50
C GLY OD 21 -94.48 -7.44 65.55
N SER OD 22 -94.71 -8.08 64.41
CA SER OD 22 -95.64 -9.21 64.33
C SER OD 22 -95.37 -10.16 63.19
N GLY OD 23 -96.15 -11.23 63.14
CA GLY OD 23 -96.00 -12.22 62.07
C GLY OD 23 -94.66 -12.93 62.03
N HIS OD 24 -93.97 -12.82 60.91
CA HIS OD 24 -92.68 -13.45 60.75
C HIS OD 24 -91.61 -12.67 61.47
N ASP OD 25 -91.64 -11.35 61.33
CA ASP OD 25 -90.65 -10.51 62.01
C ASP OD 25 -90.53 -11.00 63.43
N ARG OD 26 -91.67 -11.33 64.04
CA ARG OD 26 -91.70 -11.82 65.40
C ARG OD 26 -91.02 -13.19 65.48
N GLU OD 27 -91.53 -14.17 64.74
CA GLU OD 27 -90.95 -15.51 64.75
C GLU OD 27 -89.43 -15.49 64.59
N ALA OD 28 -88.90 -14.41 64.00
CA ALA OD 28 -87.47 -14.26 63.81
C ALA OD 28 -86.90 -13.50 64.99
N PHE OD 29 -87.46 -12.34 65.25
CA PHE OD 29 -87.03 -11.50 66.37
C PHE OD 29 -86.69 -12.39 67.55
N SER OD 30 -87.62 -13.27 67.91
CA SER OD 30 -87.43 -14.21 69.01
C SER OD 30 -86.27 -15.13 68.66
N GLN OD 31 -86.33 -15.71 67.46
CA GLN OD 31 -85.28 -16.61 67.00
C GLN OD 31 -83.92 -15.98 67.25
N ALA OD 32 -83.71 -14.81 66.67
CA ALA OD 32 -82.45 -14.08 66.81
C ALA OD 32 -82.04 -13.95 68.26
N ILE OD 33 -82.96 -13.47 69.08
CA ILE OD 33 -82.69 -13.30 70.50
C ILE OD 33 -82.18 -14.57 71.16
N TRP OD 34 -82.89 -15.67 71.00
CA TRP OD 34 -82.45 -16.91 71.61
C TRP OD 34 -81.11 -17.35 71.10
N ARG OD 35 -80.87 -17.25 69.81
CA ARG OD 35 -79.59 -17.66 69.25
C ARG OD 35 -78.48 -16.86 69.92
N ALA OD 36 -78.74 -15.58 70.14
CA ALA OD 36 -77.77 -14.71 70.79
C ALA OD 36 -77.58 -15.13 72.24
N THR OD 37 -78.67 -15.54 72.89
CA THR OD 37 -78.58 -15.97 74.27
C THR OD 37 -77.76 -17.23 74.39
N PHE OD 38 -78.19 -18.29 73.72
CA PHE OD 38 -77.48 -19.56 73.77
C PHE OD 38 -76.04 -19.45 73.33
N ALA OD 39 -75.75 -18.56 72.38
CA ALA OD 39 -74.40 -18.38 71.90
C ALA OD 39 -73.51 -17.89 73.04
N GLN OD 40 -74.11 -17.09 73.94
CA GLN OD 40 -73.39 -16.54 75.08
C GLN OD 40 -73.16 -17.58 76.15
N VAL OD 41 -74.23 -18.27 76.52
CA VAL OD 41 -74.11 -19.28 77.56
C VAL OD 41 -74.64 -20.63 77.08
N PRO OD 42 -73.85 -21.35 76.26
CA PRO OD 42 -74.31 -22.66 75.78
C PRO OD 42 -74.78 -23.58 76.90
N GLU OD 43 -74.25 -23.34 78.10
CA GLU OD 43 -74.62 -24.14 79.28
C GLU OD 43 -76.14 -24.21 79.47
N SER OD 44 -76.80 -23.07 79.27
CA SER OD 44 -78.24 -22.95 79.46
C SER OD 44 -79.12 -23.80 78.55
N ARG OD 45 -78.57 -24.29 77.44
CA ARG OD 45 -79.39 -25.09 76.56
C ARG OD 45 -80.01 -26.25 77.32
N SER OD 46 -79.30 -26.76 78.32
CA SER OD 46 -79.78 -27.88 79.11
C SER OD 46 -81.14 -27.66 79.81
N LEU OD 47 -81.48 -26.40 80.10
CA LEU OD 47 -82.73 -26.12 80.77
C LEU OD 47 -83.95 -26.28 79.88
N PHE OD 48 -83.76 -26.03 78.58
CA PHE OD 48 -84.86 -26.14 77.65
C PHE OD 48 -84.81 -27.44 76.89
N LYS OD 49 -84.33 -28.48 77.54
CA LYS OD 49 -84.24 -29.80 76.93
C LYS OD 49 -85.67 -30.29 76.68
N ARG OD 50 -86.59 -29.83 77.51
CA ARG OD 50 -87.99 -30.24 77.43
C ARG OD 50 -88.69 -29.70 76.20
N VAL OD 51 -88.25 -28.54 75.74
CA VAL OD 51 -88.84 -27.90 74.59
C VAL OD 51 -87.83 -27.75 73.45
N HIS OD 52 -87.22 -28.88 73.09
CA HIS OD 52 -86.22 -28.94 72.03
C HIS OD 52 -85.31 -27.73 71.98
N GLY OD 53 -84.51 -27.56 73.03
CA GLY OD 53 -83.58 -26.46 73.09
C GLY OD 53 -82.37 -26.81 72.24
N ASP OD 54 -82.23 -28.08 71.89
CA ASP OD 54 -81.11 -28.51 71.06
C ASP OD 54 -81.16 -27.87 69.67
N ASP OD 55 -82.37 -27.77 69.12
CA ASP OD 55 -82.56 -27.19 67.79
C ASP OD 55 -83.46 -25.97 67.86
N THR OD 56 -82.84 -24.80 67.91
CA THR OD 56 -83.55 -23.54 67.99
C THR OD 56 -84.64 -23.36 66.92
N SER OD 57 -84.55 -24.10 65.81
CA SER OD 57 -85.52 -24.00 64.72
C SER OD 57 -86.67 -25.02 64.79
N HIS OD 58 -86.71 -25.83 65.82
CA HIS OD 58 -87.76 -26.83 65.98
C HIS OD 58 -89.04 -26.16 66.42
N PRO OD 59 -90.15 -26.49 65.79
CA PRO OD 59 -91.44 -25.88 66.15
C PRO OD 59 -91.68 -25.76 67.64
N ALA OD 60 -91.41 -26.84 68.36
CA ALA OD 60 -91.61 -26.83 69.80
C ALA OD 60 -90.94 -25.61 70.42
N PHE OD 61 -89.67 -25.42 70.09
CA PHE OD 61 -88.92 -24.30 70.60
C PHE OD 61 -89.42 -22.99 70.04
N ILE OD 62 -89.78 -22.98 68.75
CA ILE OD 62 -90.27 -21.77 68.11
C ILE OD 62 -91.41 -21.27 68.93
N ALA OD 63 -92.28 -22.21 69.28
CA ALA OD 63 -93.43 -21.92 70.10
C ALA OD 63 -92.91 -21.30 71.38
N HIS OD 64 -92.11 -22.08 72.11
CA HIS OD 64 -91.54 -21.62 73.36
C HIS OD 64 -91.05 -20.18 73.27
N ALA OD 65 -90.20 -19.91 72.29
CA ALA OD 65 -89.64 -18.58 72.11
C ALA OD 65 -90.75 -17.56 72.00
N ASP OD 66 -91.55 -17.72 70.94
CA ASP OD 66 -92.67 -16.81 70.71
C ASP OD 66 -93.52 -16.68 71.99
N ARG OD 67 -93.51 -17.72 72.81
CA ARG OD 67 -94.30 -17.77 74.05
C ARG OD 67 -93.64 -16.95 75.13
N VAL OD 68 -92.31 -16.95 75.13
CA VAL OD 68 -91.55 -16.22 76.12
C VAL OD 68 -91.68 -14.72 75.88
N LEU OD 69 -91.34 -14.29 74.68
CA LEU OD 69 -91.44 -12.89 74.34
C LEU OD 69 -92.81 -12.44 74.78
N GLY OD 70 -93.80 -13.31 74.60
CA GLY OD 70 -95.17 -12.98 75.00
C GLY OD 70 -95.24 -12.39 76.39
N GLY OD 71 -94.65 -13.09 77.36
CA GLY OD 71 -94.65 -12.58 78.71
C GLY OD 71 -93.94 -11.26 78.76
N LEU OD 72 -92.73 -11.23 78.20
CA LEU OD 72 -91.94 -10.00 78.18
C LEU OD 72 -92.82 -8.86 77.65
N ASP OD 73 -93.70 -9.16 76.70
CA ASP OD 73 -94.59 -8.16 76.17
C ASP OD 73 -95.43 -7.65 77.32
N ILE OD 74 -96.23 -8.54 77.88
CA ILE OD 74 -97.08 -8.14 78.99
C ILE OD 74 -96.31 -7.29 79.99
N ALA OD 75 -95.11 -7.73 80.33
CA ALA OD 75 -94.29 -6.99 81.28
C ALA OD 75 -94.11 -5.55 80.81
N ILE OD 76 -93.36 -5.40 79.73
CA ILE OD 76 -93.08 -4.09 79.18
C ILE OD 76 -94.36 -3.31 78.97
N SER OD 77 -95.37 -3.91 78.32
CA SER OD 77 -96.54 -3.15 77.97
C SER OD 77 -97.22 -2.61 79.22
N THR OD 78 -97.45 -3.46 80.24
CA THR OD 78 -98.06 -3.00 81.46
C THR OD 78 -97.15 -2.02 82.14
N LEU OD 79 -95.84 -2.18 81.94
CA LEU OD 79 -94.84 -2.05 82.96
C LEU OD 79 -94.99 -0.73 83.65
N ASP OD 80 -95.07 0.37 82.88
CA ASP OD 80 -94.89 1.65 83.50
C ASP OD 80 -96.00 1.95 84.46
N GLN OD 81 -97.25 1.58 84.14
CA GLN OD 81 -98.25 1.71 85.18
C GLN OD 81 -97.96 0.59 86.12
N PRO OD 82 -97.81 1.02 87.39
CA PRO OD 82 -97.40 0.25 88.58
C PRO OD 82 -98.41 -0.81 89.00
N ALA OD 83 -99.68 -0.42 89.03
CA ALA OD 83 -100.76 -1.31 89.41
C ALA OD 83 -100.68 -2.64 88.68
N THR OD 84 -100.77 -2.58 87.35
CA THR OD 84 -100.74 -3.75 86.49
C THR OD 84 -99.40 -4.45 86.53
N LEU OD 85 -98.34 -3.72 86.22
CA LEU OD 85 -96.99 -4.29 86.23
C LEU OD 85 -96.83 -5.16 87.45
N LYS OD 86 -97.10 -4.56 88.60
CA LYS OD 86 -97.02 -5.26 89.87
C LYS OD 86 -97.54 -6.68 89.65
N GLU OD 87 -98.77 -6.76 89.13
CA GLU OD 87 -99.39 -8.05 88.92
C GLU OD 87 -98.58 -8.98 88.04
N GLU OD 88 -98.25 -8.53 86.84
CA GLU OD 88 -97.48 -9.36 85.92
C GLU OD 88 -96.22 -9.87 86.59
N LEU OD 89 -95.46 -8.95 87.19
CA LEU OD 89 -94.24 -9.35 87.85
C LEU OD 89 -94.54 -10.43 88.86
N ASP OD 90 -95.52 -10.17 89.71
CA ASP OD 90 -95.91 -11.15 90.72
C ASP OD 90 -96.21 -12.50 90.08
N HIS OD 91 -96.96 -12.46 88.98
CA HIS OD 91 -97.32 -13.68 88.27
C HIS OD 91 -96.04 -14.42 87.90
N LEU OD 92 -95.10 -13.71 87.29
CA LEU OD 92 -93.84 -14.31 86.90
C LEU OD 92 -93.17 -14.88 88.12
N GLN OD 93 -93.04 -14.04 89.14
CA GLN OD 93 -92.39 -14.41 90.38
C GLN OD 93 -92.74 -15.84 90.75
N VAL OD 94 -94.02 -16.17 90.64
CA VAL OD 94 -94.49 -17.51 90.97
C VAL OD 94 -93.94 -18.58 90.02
N GLN OD 95 -94.08 -18.37 88.71
CA GLN OD 95 -93.60 -19.35 87.75
C GLN OD 95 -92.13 -19.62 87.93
N HIS OD 96 -91.45 -18.79 88.72
CA HIS OD 96 -90.02 -18.96 88.94
C HIS OD 96 -89.58 -19.45 90.32
N GLU OD 97 -90.39 -19.06 91.30
CA GLU OD 97 -90.12 -19.39 92.68
C GLU OD 97 -90.35 -20.86 92.82
N GLY OD 98 -89.49 -21.49 93.62
CA GLY OD 98 -89.37 -22.90 93.71
C GLY OD 98 -88.09 -23.27 93.03
N ARG OD 99 -87.68 -22.47 92.04
CA ARG OD 99 -86.50 -22.87 91.36
C ARG OD 99 -85.41 -21.95 91.76
N LYS OD 100 -84.15 -22.41 91.73
CA LYS OD 100 -83.29 -21.30 91.68
C LYS OD 100 -82.65 -21.26 90.33
N ILE OD 101 -82.60 -19.99 89.86
CA ILE OD 101 -82.26 -19.52 88.55
C ILE OD 101 -81.29 -18.41 88.72
N PRO OD 102 -80.15 -18.84 88.33
CA PRO OD 102 -78.92 -18.15 88.46
C PRO OD 102 -78.96 -16.99 87.55
N ASP OD 103 -78.33 -15.88 88.03
CA ASP OD 103 -78.43 -14.51 87.55
C ASP OD 103 -77.52 -14.36 86.33
N ASN OD 104 -76.66 -15.34 86.14
CA ASN OD 104 -75.74 -15.36 85.04
C ASN OD 104 -76.49 -15.41 83.74
N TYR OD 105 -77.46 -16.31 83.63
CA TYR OD 105 -78.25 -16.46 82.40
C TYR OD 105 -79.09 -15.24 82.10
N PHE OD 106 -79.89 -14.80 83.06
CA PHE OD 106 -80.72 -13.63 82.84
C PHE OD 106 -79.91 -12.52 82.24
N ASP OD 107 -78.69 -12.36 82.73
CA ASP OD 107 -77.81 -11.33 82.23
C ASP OD 107 -77.63 -11.49 80.73
N ALA OD 108 -77.27 -12.70 80.29
CA ALA OD 108 -77.05 -12.96 78.87
C ALA OD 108 -78.32 -12.71 78.05
N PHE OD 109 -79.44 -13.21 78.55
CA PHE OD 109 -80.70 -13.04 77.87
C PHE OD 109 -81.03 -11.57 77.69
N LYS OD 110 -80.67 -10.74 78.67
CA LYS OD 110 -80.91 -9.29 78.56
C LYS OD 110 -80.05 -8.77 77.42
N THR OD 111 -78.76 -9.06 77.51
CA THR OD 111 -77.83 -8.66 76.48
C THR OD 111 -78.40 -9.06 75.13
N ALA OD 112 -78.77 -10.33 74.99
CA ALA OD 112 -79.34 -10.78 73.74
C ALA OD 112 -80.41 -9.81 73.29
N ILE OD 113 -81.49 -9.70 74.07
CA ILE OD 113 -82.60 -8.80 73.75
C ILE OD 113 -82.09 -7.45 73.29
N LEU OD 114 -81.28 -6.81 74.11
CA LEU OD 114 -80.73 -5.52 73.75
C LEU OD 114 -80.06 -5.48 72.38
N HIS OD 115 -79.12 -6.38 72.14
CA HIS OD 115 -78.45 -6.39 70.86
C HIS OD 115 -79.40 -6.58 69.69
N VAL OD 116 -80.32 -7.53 69.80
CA VAL OD 116 -81.26 -7.74 68.73
C VAL OD 116 -82.12 -6.48 68.55
N VAL OD 117 -82.74 -6.01 69.62
CA VAL OD 117 -83.58 -4.82 69.54
C VAL OD 117 -82.85 -3.70 68.84
N ALA OD 118 -81.61 -3.46 69.24
CA ALA OD 118 -80.82 -2.42 68.63
C ALA OD 118 -80.65 -2.68 67.13
N ALA OD 119 -80.46 -3.95 66.77
CA ALA OD 119 -80.29 -4.29 65.37
C ALA OD 119 -81.58 -4.03 64.62
N GLN OD 120 -82.71 -4.29 65.27
CA GLN OD 120 -84.02 -4.09 64.66
C GLN OD 120 -84.50 -2.64 64.55
N LEU OD 121 -84.20 -1.81 65.54
CA LEU OD 121 -84.65 -0.41 65.49
C LEU OD 121 -83.74 0.53 64.74
N GLY OD 122 -82.60 0.05 64.30
CA GLY OD 122 -81.70 0.92 63.57
C GLY OD 122 -81.09 2.06 64.35
N ARG OD 123 -81.76 3.20 64.35
CA ARG OD 123 -81.23 4.38 65.02
C ARG OD 123 -81.94 4.92 66.27
N CYS OD 124 -83.27 4.91 66.25
CA CYS OD 124 -84.03 5.43 67.37
C CYS OD 124 -84.19 4.38 68.45
N TYR OD 125 -83.25 4.39 69.40
CA TYR OD 125 -83.25 3.43 70.49
C TYR OD 125 -82.31 3.86 71.60
N ASP OD 126 -82.85 4.04 72.80
CA ASP OD 126 -82.07 4.45 73.97
C ASP OD 126 -81.62 3.19 74.69
N ARG OD 127 -80.31 2.98 74.74
CA ARG OD 127 -79.78 1.79 75.39
C ARG OD 127 -80.04 1.79 76.91
N GLU OD 128 -79.50 2.78 77.60
CA GLU OD 128 -79.66 2.88 79.04
C GLU OD 128 -81.09 2.55 79.46
N ALA OD 129 -82.04 3.21 78.82
CA ALA OD 129 -83.46 3.03 79.12
C ALA OD 129 -83.86 1.57 79.10
N TRP OD 130 -83.59 0.88 78.01
CA TRP OD 130 -83.95 -0.52 77.92
C TRP OD 130 -83.26 -1.27 79.02
N ASP OD 131 -81.95 -1.13 79.08
CA ASP OD 131 -81.18 -1.81 80.11
C ASP OD 131 -81.92 -1.67 81.45
N ALA OD 132 -82.21 -0.44 81.82
CA ALA OD 132 -82.87 -0.18 83.09
C ALA OD 132 -84.17 -0.94 83.27
N CYS OD 133 -85.03 -0.90 82.26
CA CYS OD 133 -86.32 -1.58 82.33
C CYS OD 133 -86.28 -3.10 82.21
N ILE OD 134 -85.51 -3.60 81.26
CA ILE OD 134 -85.40 -5.04 81.13
C ILE OD 134 -84.94 -5.55 82.47
N ASP OD 135 -84.08 -4.78 83.12
CA ASP OD 135 -83.56 -5.13 84.43
C ASP OD 135 -84.72 -5.21 85.40
N HIS OD 136 -85.41 -4.08 85.58
CA HIS OD 136 -86.53 -4.04 86.51
C HIS OD 136 -87.47 -5.22 86.27
N ILE OD 137 -87.69 -5.57 85.01
CA ILE OD 137 -88.57 -6.69 84.71
C ILE OD 137 -87.94 -8.01 85.15
N GLU OD 138 -86.66 -8.17 84.89
CA GLU OD 138 -85.99 -9.39 85.29
C GLU OD 138 -85.96 -9.53 86.80
N ASP OD 139 -85.68 -8.43 87.49
CA ASP OD 139 -85.65 -8.48 88.93
C ASP OD 139 -86.97 -9.05 89.42
N GLY OD 140 -88.05 -8.55 88.87
CA GLY OD 140 -89.36 -9.01 89.28
C GLY OD 140 -89.59 -10.49 89.03
N ILE OD 141 -88.71 -11.12 88.27
CA ILE OD 141 -88.86 -12.54 87.99
C ILE OD 141 -87.93 -13.39 88.83
N LYS OD 142 -86.81 -12.81 89.22
CA LYS OD 142 -85.86 -13.54 90.03
C LYS OD 142 -86.21 -13.36 91.50
N GLY OD 143 -86.65 -12.12 91.82
CA GLY OD 143 -87.30 -11.87 93.06
C GLY OD 143 -86.26 -12.08 94.07
N HIS OD 144 -85.05 -11.55 93.75
CA HIS OD 144 -84.02 -11.27 94.69
C HIS OD 144 -84.09 -9.80 94.92
N HIS OD 145 -85.20 -9.40 95.57
CA HIS OD 145 -85.30 -8.22 96.37
C HIS OD 145 -84.95 -8.80 97.72
N HIS PD 20 -110.00 -29.32 55.00
CA HIS PD 20 -108.75 -29.80 55.64
C HIS PD 20 -107.69 -28.77 55.54
N GLU PD 21 -106.91 -28.80 54.45
CA GLU PD 21 -106.02 -27.70 54.36
C GLU PD 21 -106.86 -26.51 54.07
N HIS PD 22 -107.76 -26.67 53.09
CA HIS PD 22 -108.26 -25.54 52.38
C HIS PD 22 -108.91 -24.61 53.37
N CYS PD 23 -109.66 -25.21 54.31
CA CYS PD 23 -110.11 -24.57 55.50
C CYS PD 23 -108.89 -24.47 56.36
N CYS PD 24 -108.23 -23.34 56.18
CA CYS PD 24 -108.02 -22.30 57.13
C CYS PD 24 -106.81 -21.76 56.52
N SER PD 25 -107.06 -20.86 55.58
CA SER PD 25 -106.15 -21.00 54.52
C SER PD 25 -105.00 -20.15 54.83
N GLU PD 26 -104.00 -20.21 53.93
CA GLU PD 26 -103.02 -19.13 53.87
C GLU PD 26 -103.70 -17.77 53.70
N GLU PD 27 -104.51 -17.63 52.65
CA GLU PD 27 -105.18 -16.36 52.46
C GLU PD 27 -106.02 -16.07 53.70
N ASP PD 28 -106.82 -17.04 54.12
CA ASP PD 28 -107.66 -16.87 55.28
C ASP PD 28 -106.93 -16.19 56.41
N HIS PD 29 -105.91 -16.84 56.96
CA HIS PD 29 -105.21 -16.22 58.06
C HIS PD 29 -104.39 -15.01 57.65
N ARG PD 30 -103.85 -14.99 56.44
CA ARG PD 30 -103.08 -13.83 56.04
C ARG PD 30 -104.03 -12.63 56.32
N ILE PD 31 -105.31 -12.84 56.07
CA ILE PD 31 -106.32 -11.81 56.27
C ILE PD 31 -106.44 -11.54 57.74
N VAL PD 32 -106.78 -12.57 58.50
CA VAL PD 32 -106.94 -12.42 59.94
C VAL PD 32 -105.78 -11.62 60.48
N GLN PD 33 -104.57 -12.08 60.22
CA GLN PD 33 -103.40 -11.39 60.72
C GLN PD 33 -103.42 -9.91 60.39
N LYS PD 34 -103.69 -9.60 59.13
CA LYS PD 34 -103.71 -8.20 58.71
C LYS PD 34 -104.73 -7.40 59.51
N GLN PD 35 -105.93 -7.94 59.63
CA GLN PD 35 -106.99 -7.25 60.33
C GLN PD 35 -106.77 -7.12 61.82
N TRP PD 36 -106.11 -8.10 62.40
CA TRP PD 36 -105.86 -8.09 63.84
C TRP PD 36 -104.81 -7.05 64.15
N ASP PD 37 -104.07 -6.65 63.14
CA ASP PD 37 -103.03 -5.66 63.35
C ASP PD 37 -103.55 -4.23 63.37
N ILE PD 38 -104.70 -4.00 62.75
CA ILE PD 38 -105.31 -2.67 62.73
C ILE PD 38 -105.38 -2.18 64.17
N LEU PD 39 -105.48 -3.12 65.11
CA LEU PD 39 -105.57 -2.81 66.52
C LEU PD 39 -104.34 -2.21 67.19
N TRP PD 40 -103.20 -2.87 67.05
CA TRP PD 40 -101.97 -2.41 67.68
C TRP PD 40 -101.19 -1.32 66.97
N ARG PD 41 -101.89 -0.41 66.31
CA ARG PD 41 -101.21 0.70 65.62
C ARG PD 41 -100.70 1.72 66.61
N ASP PD 42 -101.44 1.96 67.69
CA ASP PD 42 -101.00 2.92 68.70
C ASP PD 42 -100.32 2.25 69.89
N THR PD 43 -99.30 2.92 70.41
CA THR PD 43 -98.50 2.40 71.51
C THR PD 43 -99.25 1.99 72.78
N GLU PD 44 -100.46 2.49 72.97
CA GLU PD 44 -101.19 2.12 74.17
C GLU PD 44 -101.95 0.81 74.05
N SER PD 45 -101.25 -0.21 73.57
CA SER PD 45 -101.83 -1.53 73.38
C SER PD 45 -102.41 -2.07 74.70
N SER PD 46 -101.67 -1.85 75.78
CA SER PD 46 -102.10 -2.31 77.10
C SER PD 46 -103.53 -1.88 77.39
N LYS PD 47 -103.79 -0.59 77.33
CA LYS PD 47 -105.11 -0.05 77.60
C LYS PD 47 -106.17 -0.77 76.77
N ILE PD 48 -105.83 -1.04 75.51
CA ILE PD 48 -106.75 -1.73 74.63
C ILE PD 48 -106.87 -3.20 75.02
N LYS PD 49 -105.80 -3.96 74.80
CA LYS PD 49 -105.81 -5.38 75.14
C LYS PD 49 -106.58 -5.62 76.42
N ILE PD 50 -106.28 -4.85 77.47
CA ILE PD 50 -106.95 -4.99 78.75
C ILE PD 50 -108.44 -4.77 78.60
N GLY PD 51 -108.81 -3.53 78.30
CA GLY PD 51 -110.20 -3.21 78.11
C GLY PD 51 -110.95 -4.25 77.30
N PHE PD 52 -110.39 -4.60 76.16
CA PHE PD 52 -111.02 -5.58 75.28
C PHE PD 52 -111.11 -6.94 75.93
N GLY PD 53 -109.98 -7.44 76.40
CA GLY PD 53 -109.97 -8.75 77.03
C GLY PD 53 -110.86 -8.76 78.26
N ARG PD 54 -110.88 -7.64 78.96
CA ARG PD 54 -111.68 -7.50 80.15
C ARG PD 54 -113.09 -7.74 79.74
N LEU PD 55 -113.56 -6.94 78.81
CA LEU PD 55 -114.93 -7.06 78.31
C LEU PD 55 -115.24 -8.47 77.85
N LEU PD 56 -114.36 -9.04 77.03
CA LEU PD 56 -114.57 -10.38 76.52
C LEU PD 56 -114.82 -11.40 77.63
N LEU PD 57 -114.01 -11.38 78.67
CA LEU PD 57 -114.21 -12.33 79.76
C LEU PD 57 -115.48 -12.01 80.54
N THR PD 58 -115.71 -10.72 80.79
CA THR PD 58 -116.91 -10.29 81.51
C THR PD 58 -118.15 -10.84 80.81
N LYS PD 59 -118.32 -10.47 79.54
CA LYS PD 59 -119.44 -10.91 78.73
C LYS PD 59 -119.55 -12.43 78.72
N LEU PD 60 -118.49 -13.12 79.14
CA LEU PD 60 -118.55 -14.57 79.17
C LEU PD 60 -119.23 -14.95 80.47
N ALA PD 61 -118.73 -14.40 81.57
CA ALA PD 61 -119.29 -14.66 82.89
C ALA PD 61 -120.75 -14.24 82.93
N LYS PD 62 -121.10 -13.27 82.09
CA LYS PD 62 -122.46 -12.79 82.02
C LYS PD 62 -123.39 -13.92 81.51
N ASP PD 63 -123.00 -14.56 80.41
CA ASP PD 63 -123.80 -15.64 79.80
C ASP PD 63 -123.64 -16.98 80.49
N ILE PD 64 -122.54 -17.17 81.20
CA ILE PD 64 -122.31 -18.41 81.91
C ILE PD 64 -121.55 -18.09 83.20
N PRO PD 65 -122.28 -17.97 84.32
CA PRO PD 65 -121.75 -17.66 85.65
C PRO PD 65 -120.80 -18.67 86.30
N GLU PD 66 -121.00 -19.95 86.03
CA GLU PD 66 -120.12 -20.95 86.63
C GLU PD 66 -118.68 -20.60 86.31
N VAL PD 67 -118.50 -19.59 85.48
CA VAL PD 67 -117.19 -19.10 85.05
C VAL PD 67 -116.61 -18.23 86.15
N ASN PD 68 -117.44 -17.33 86.67
CA ASN PD 68 -117.00 -16.42 87.73
C ASN PD 68 -116.17 -17.12 88.79
N ASP PD 69 -116.49 -18.38 89.07
CA ASP PD 69 -115.75 -19.14 90.07
C ASP PD 69 -114.39 -19.59 89.59
N LEU PD 70 -114.26 -19.76 88.29
CA LEU PD 70 -113.01 -20.19 87.71
C LEU PD 70 -112.00 -19.06 87.74
N PHE PD 71 -112.48 -17.88 87.37
CA PHE PD 71 -111.65 -16.67 87.33
C PHE PD 71 -111.60 -15.99 88.69
N LYS PD 72 -112.09 -16.69 89.70
CA LYS PD 72 -112.09 -16.19 91.07
C LYS PD 72 -110.65 -15.95 91.48
N ARG PD 73 -109.80 -16.92 91.16
CA ARG PD 73 -108.38 -16.91 91.48
C ARG PD 73 -107.69 -15.63 91.03
N VAL PD 74 -108.19 -15.01 89.96
CA VAL PD 74 -107.60 -13.78 89.44
C VAL PD 74 -108.42 -12.55 89.75
N ASP PD 75 -109.21 -12.64 90.81
CA ASP PD 75 -110.04 -11.52 91.26
C ASP PD 75 -110.85 -10.93 90.11
N ILE PD 76 -111.62 -11.78 89.44
CA ILE PD 76 -112.47 -11.32 88.33
C ILE PD 76 -113.54 -10.41 88.90
N GLU PD 77 -113.75 -10.53 90.21
CA GLU PD 77 -114.74 -9.73 90.89
C GLU PD 77 -114.44 -8.24 90.68
N HIS PD 78 -113.15 -7.91 90.61
CA HIS PD 78 -112.74 -6.53 90.38
C HIS PD 78 -112.20 -6.42 88.95
N ALA PD 79 -113.09 -6.20 88.00
CA ALA PD 79 -112.70 -6.09 86.61
C ALA PD 79 -111.50 -5.17 86.37
N GLU PD 80 -111.52 -3.99 87.01
CA GLU PD 80 -110.45 -3.00 86.86
C GLU PD 80 -109.27 -3.27 87.80
N GLY PD 81 -109.44 -4.27 88.67
CA GLY PD 81 -108.39 -4.62 89.60
C GLY PD 81 -107.17 -5.18 88.89
N PRO PD 82 -105.98 -4.65 89.19
CA PRO PD 82 -104.77 -5.13 88.55
C PRO PD 82 -104.73 -6.66 88.45
N LYS PD 83 -105.08 -7.35 89.53
CA LYS PD 83 -105.09 -8.80 89.53
C LYS PD 83 -105.70 -9.35 88.24
N PHE PD 84 -106.88 -8.83 87.90
CA PHE PD 84 -107.59 -9.27 86.71
C PHE PD 84 -107.02 -8.61 85.44
N SER PD 85 -106.74 -7.32 85.50
CA SER PD 85 -106.21 -6.63 84.36
C SER PD 85 -105.01 -7.37 83.82
N ALA PD 86 -104.15 -7.84 84.72
CA ALA PD 86 -102.98 -8.58 84.29
C ALA PD 86 -103.49 -9.76 83.51
N HIS PD 87 -104.37 -10.54 84.12
CA HIS PD 87 -104.96 -11.72 83.48
C HIS PD 87 -105.51 -11.37 82.11
N ALA PD 88 -106.33 -10.33 82.05
CA ALA PD 88 -106.91 -9.88 80.80
C ALA PD 88 -105.83 -9.88 79.73
N LEU PD 89 -104.66 -9.38 80.07
CA LEU PD 89 -103.55 -9.35 79.12
C LEU PD 89 -103.14 -10.76 78.76
N ARG PD 90 -102.62 -11.49 79.74
CA ARG PD 90 -102.18 -12.87 79.51
C ARG PD 90 -103.04 -13.61 78.49
N ILE PD 91 -104.35 -13.66 78.73
CA ILE PD 91 -105.23 -14.36 77.81
C ILE PD 91 -105.24 -13.69 76.45
N LEU PD 92 -105.70 -12.45 76.42
CA LEU PD 92 -105.77 -11.67 75.19
C LEU PD 92 -104.45 -11.78 74.45
N ASN PD 93 -103.35 -11.72 75.19
CA ASN PD 93 -102.01 -11.81 74.62
C ASN PD 93 -101.73 -13.21 74.11
N GLY PD 94 -102.39 -14.20 74.69
CA GLY PD 94 -102.20 -15.57 74.25
C GLY PD 94 -102.85 -15.71 72.89
N LEU PD 95 -104.04 -15.13 72.76
CA LEU PD 95 -104.74 -15.16 71.50
C LEU PD 95 -103.84 -14.55 70.45
N ASP PD 96 -103.10 -13.50 70.83
CA ASP PD 96 -102.16 -12.83 69.91
C ASP PD 96 -101.18 -13.89 69.42
N LEU PD 97 -100.48 -14.51 70.36
CA LEU PD 97 -99.53 -15.57 70.03
C LEU PD 97 -100.14 -16.52 69.03
N ALA PD 98 -101.33 -17.03 69.32
CA ALA PD 98 -101.99 -17.95 68.42
C ALA PD 98 -102.05 -17.38 67.02
N ILE PD 99 -102.64 -16.19 66.90
CA ILE PD 99 -102.76 -15.54 65.61
C ILE PD 99 -101.41 -15.33 64.93
N ASN PD 100 -100.45 -14.80 65.65
CA ASN PD 100 -99.13 -14.56 65.08
C ASN PD 100 -98.33 -15.80 64.70
N LEU PD 101 -98.82 -16.98 65.04
CA LEU PD 101 -98.13 -18.19 64.68
C LEU PD 101 -98.93 -18.95 63.63
N LEU PD 102 -99.99 -18.32 63.16
CA LEU PD 102 -100.85 -18.95 62.17
C LEU PD 102 -100.08 -19.34 60.94
N ASP PD 103 -98.98 -18.65 60.67
CA ASP PD 103 -98.19 -18.98 59.49
C ASP PD 103 -96.98 -19.84 59.86
N ASP PD 104 -97.24 -20.99 60.46
CA ASP PD 104 -96.21 -21.95 60.88
C ASP PD 104 -96.95 -23.01 61.70
N PRO PD 105 -97.83 -23.77 61.05
CA PRO PD 105 -98.63 -24.82 61.68
C PRO PD 105 -97.97 -25.63 62.79
N PRO PD 106 -96.78 -26.19 62.54
CA PRO PD 106 -96.11 -26.97 63.59
C PRO PD 106 -95.89 -26.19 64.89
N ALA PD 107 -95.43 -24.94 64.74
CA ALA PD 107 -95.18 -24.07 65.88
C ALA PD 107 -96.50 -23.75 66.53
N LEU PD 108 -97.41 -23.22 65.73
CA LEU PD 108 -98.72 -22.88 66.25
C LEU PD 108 -99.30 -24.06 67.00
N ASP PD 109 -99.21 -25.23 66.38
CA ASP PD 109 -99.71 -26.45 66.99
C ASP PD 109 -99.14 -26.53 68.40
N ALA PD 110 -97.82 -26.69 68.48
CA ALA PD 110 -97.16 -26.77 69.75
C ALA PD 110 -97.63 -25.68 70.70
N ALA PD 111 -97.61 -24.45 70.23
CA ALA PD 111 -98.02 -23.31 71.03
C ALA PD 111 -99.39 -23.48 71.65
N LEU PD 112 -100.31 -24.03 70.87
CA LEU PD 112 -101.67 -24.25 71.33
C LEU PD 112 -101.78 -25.45 72.26
N ASP PD 113 -101.13 -26.55 71.89
CA ASP PD 113 -101.16 -27.76 72.72
C ASP PD 113 -100.80 -27.34 74.14
N HIS PD 114 -99.75 -26.52 74.24
CA HIS PD 114 -99.28 -26.03 75.52
C HIS PD 114 -100.45 -25.34 76.21
N LEU PD 115 -101.20 -24.53 75.48
CA LEU PD 115 -102.33 -23.83 76.07
C LEU PD 115 -103.38 -24.81 76.54
N ALA PD 116 -103.46 -25.96 75.87
CA ALA PD 116 -104.43 -26.98 76.25
C ALA PD 116 -104.12 -27.44 77.67
N HIS PD 117 -102.87 -27.85 77.86
CA HIS PD 117 -102.41 -28.32 79.15
C HIS PD 117 -102.64 -27.28 80.25
N GLN PD 118 -102.44 -26.00 79.95
CA GLN PD 118 -102.61 -24.94 80.95
C GLN PD 118 -104.06 -24.79 81.35
N HIS PD 119 -104.95 -25.39 80.55
CA HIS PD 119 -106.36 -25.33 80.83
C HIS PD 119 -106.87 -26.67 81.34
N GLU PD 120 -106.16 -27.73 81.00
CA GLU PD 120 -106.55 -29.07 81.43
C GLU PD 120 -106.55 -29.18 82.96
N VAL PD 121 -105.50 -28.71 83.59
CA VAL PD 121 -105.36 -28.77 85.05
C VAL PD 121 -106.20 -27.72 85.79
N ARG PD 122 -107.07 -27.02 85.07
CA ARG PD 122 -107.93 -26.03 85.70
C ARG PD 122 -109.34 -26.61 85.65
N GLU PD 123 -109.69 -27.43 86.64
CA GLU PD 123 -111.01 -28.06 86.65
C GLU PD 123 -112.13 -27.02 86.73
N GLY PD 124 -113.24 -27.33 86.07
CA GLY PD 124 -114.37 -26.42 86.05
C GLY PD 124 -114.55 -25.88 84.64
N VAL PD 125 -113.45 -25.80 83.92
CA VAL PD 125 -113.43 -25.31 82.56
C VAL PD 125 -113.87 -26.41 81.62
N GLN PD 126 -115.04 -26.25 81.01
CA GLN PD 126 -115.56 -27.25 80.08
C GLN PD 126 -115.67 -26.69 78.67
N LYS PD 127 -115.72 -27.58 77.68
CA LYS PD 127 -115.80 -27.19 76.28
C LYS PD 127 -116.85 -26.12 75.99
N ALA PD 128 -118.09 -26.36 76.41
CA ALA PD 128 -119.17 -25.41 76.16
C ALA PD 128 -118.75 -23.96 76.43
N HIS PD 129 -117.77 -23.78 77.31
CA HIS PD 129 -117.27 -22.45 77.65
C HIS PD 129 -116.62 -21.81 76.43
N PHE PD 130 -115.71 -22.54 75.79
CA PHE PD 130 -115.03 -22.05 74.62
C PHE PD 130 -116.00 -21.77 73.50
N LYS PD 131 -116.88 -22.72 73.22
CA LYS PD 131 -117.87 -22.52 72.16
C LYS PD 131 -118.52 -21.14 72.35
N LYS PD 132 -118.91 -20.82 73.59
CA LYS PD 132 -119.54 -19.54 73.88
C LYS PD 132 -118.56 -18.41 73.68
N PHE PD 133 -117.37 -18.52 74.27
CA PHE PD 133 -116.35 -17.49 74.15
C PHE PD 133 -116.11 -17.18 72.68
N GLY PD 134 -116.17 -18.22 71.86
CA GLY PD 134 -115.98 -18.04 70.44
C GLY PD 134 -117.04 -17.15 69.85
N GLU PD 135 -118.29 -17.46 70.14
CA GLU PD 135 -119.42 -16.68 69.64
C GLU PD 135 -119.27 -15.24 70.10
N ILE PD 136 -118.81 -15.04 71.33
CA ILE PD 136 -118.65 -13.72 71.89
C ILE PD 136 -117.56 -12.96 71.17
N LEU PD 137 -116.43 -13.64 70.99
CA LEU PD 137 -115.28 -13.07 70.32
C LEU PD 137 -115.64 -12.64 68.91
N ALA PD 138 -116.46 -13.45 68.26
CA ALA PD 138 -116.87 -13.20 66.90
C ALA PD 138 -117.82 -12.02 66.80
N THR PD 139 -118.52 -11.71 67.89
CA THR PD 139 -119.46 -10.60 67.87
C THR PD 139 -118.74 -9.34 68.32
N GLY PD 140 -117.62 -9.53 69.01
CA GLY PD 140 -116.87 -8.41 69.50
C GLY PD 140 -115.88 -7.81 68.53
N LEU PD 141 -115.04 -8.65 67.94
CA LEU PD 141 -114.03 -8.16 67.01
C LEU PD 141 -114.56 -7.11 66.02
N PRO PD 142 -115.60 -7.45 65.27
CA PRO PD 142 -116.17 -6.53 64.30
C PRO PD 142 -116.64 -5.21 64.86
N GLN PD 143 -116.54 -5.05 66.17
CA GLN PD 143 -116.97 -3.82 66.82
C GLN PD 143 -115.80 -2.86 66.99
N VAL PD 144 -114.59 -3.41 66.95
CA VAL PD 144 -113.39 -2.59 67.10
C VAL PD 144 -112.62 -2.51 65.80
N LEU PD 145 -112.86 -3.45 64.90
CA LEU PD 145 -112.17 -3.47 63.62
C LEU PD 145 -113.15 -3.07 62.52
N ASP PD 146 -112.84 -2.01 61.79
CA ASP PD 146 -113.74 -1.58 60.73
C ASP PD 146 -113.70 -2.59 59.58
N ASP PD 147 -112.54 -3.19 59.36
CA ASP PD 147 -112.41 -4.18 58.29
C ASP PD 147 -112.34 -5.55 58.93
N TYR PD 148 -113.42 -6.32 58.82
CA TYR PD 148 -113.52 -7.64 59.41
C TYR PD 148 -114.08 -8.61 58.38
N ASP PD 149 -113.45 -9.77 58.26
CA ASP PD 149 -113.93 -10.79 57.33
C ASP PD 149 -114.42 -11.97 58.14
N ALA PD 150 -115.67 -11.91 58.58
CA ALA PD 150 -116.28 -12.96 59.38
C ALA PD 150 -115.90 -14.37 58.98
N LEU PD 151 -115.99 -14.67 57.69
CA LEU PD 151 -115.67 -16.00 57.19
C LEU PD 151 -114.24 -16.45 57.53
N ALA PD 152 -113.26 -15.61 57.20
CA ALA PD 152 -111.89 -15.94 57.48
C ALA PD 152 -111.70 -16.16 58.98
N TRP PD 153 -112.09 -15.17 59.77
CA TRP PD 153 -111.94 -15.27 61.21
C TRP PD 153 -112.57 -16.51 61.82
N LYS PD 154 -113.86 -16.70 61.59
CA LYS PD 154 -114.54 -17.86 62.16
C LYS PD 154 -113.73 -19.12 61.85
N SER PD 155 -113.28 -19.26 60.62
CA SER PD 155 -112.50 -20.41 60.20
C SER PD 155 -111.28 -20.61 61.11
N CYS PD 156 -110.51 -19.55 61.31
CA CYS PD 156 -109.32 -19.63 62.13
C CYS PD 156 -109.61 -19.72 63.61
N LEU PD 157 -110.47 -18.86 64.13
CA LEU PD 157 -110.78 -18.89 65.54
C LEU PD 157 -111.22 -20.28 65.95
N LYS PD 158 -111.97 -20.95 65.09
CA LYS PD 158 -112.45 -22.30 65.37
C LYS PD 158 -111.25 -23.21 65.62
N GLY PD 159 -110.38 -23.31 64.63
CA GLY PD 159 -109.21 -24.15 64.76
C GLY PD 159 -108.45 -23.89 66.05
N ILE PD 160 -108.32 -22.62 66.43
CA ILE PD 160 -107.60 -22.25 67.64
C ILE PD 160 -108.33 -22.69 68.89
N LEU PD 161 -109.53 -22.15 69.10
CA LEU PD 161 -110.32 -22.49 70.26
C LEU PD 161 -110.41 -24.00 70.46
N THR PD 162 -110.64 -24.74 69.39
CA THR PD 162 -110.75 -26.19 69.48
C THR PD 162 -109.48 -26.83 70.05
N LYS PD 163 -108.36 -26.61 69.36
CA LYS PD 163 -107.10 -27.17 69.79
C LYS PD 163 -106.74 -26.80 71.23
N ILE PD 164 -107.22 -25.65 71.70
CA ILE PD 164 -106.92 -25.22 73.06
C ILE PD 164 -107.70 -26.00 74.10
N SER PD 165 -108.94 -26.32 73.79
CA SER PD 165 -109.78 -27.02 74.73
C SER PD 165 -109.82 -28.54 74.52
N SER PD 166 -109.11 -29.03 73.47
CA SER PD 166 -109.38 -30.40 73.10
C SER PD 166 -109.01 -31.30 74.24
N ARG PD 167 -107.73 -31.19 74.66
CA ARG PD 167 -107.35 -31.57 76.00
C ARG PD 167 -107.97 -30.50 76.83
N LEU PD 168 -108.60 -30.85 77.96
CA LEU PD 168 -109.85 -30.19 78.14
C LEU PD 168 -109.90 -28.77 78.65
N ARG QD 24 -8.88 -17.79 20.68
CA ARG QD 24 -9.23 -19.07 20.05
C ARG QD 24 -10.66 -19.25 19.79
N PHE QD 25 -10.89 -20.28 19.00
CA PHE QD 25 -12.18 -20.69 18.60
C PHE QD 25 -12.96 -21.19 19.76
N GLN QD 26 -12.32 -21.95 20.66
CA GLN QD 26 -13.14 -22.68 21.58
C GLN QD 26 -13.89 -21.70 22.46
N TYR QD 27 -13.18 -20.60 22.76
CA TYR QD 27 -13.09 -19.53 23.72
C TYR QD 27 -14.34 -18.71 23.94
N LEU QD 28 -14.55 -17.88 22.91
CA LEU QD 28 -15.40 -16.74 22.91
C LEU QD 28 -16.73 -17.32 22.86
N VAL QD 29 -16.73 -18.55 22.36
CA VAL QD 29 -17.95 -19.34 22.35
C VAL QD 29 -18.43 -19.68 23.76
N LYS QD 30 -17.50 -20.06 24.63
CA LYS QD 30 -17.83 -20.42 26.00
C LYS QD 30 -18.69 -19.37 26.67
N ASN QD 31 -18.57 -18.12 26.23
CA ASN QD 31 -19.36 -17.04 26.81
C ASN QD 31 -20.61 -16.73 25.99
N GLN QD 32 -20.53 -16.92 24.68
CA GLN QD 32 -21.68 -16.66 23.82
C GLN QD 32 -22.84 -17.53 24.31
N ASN QD 33 -22.56 -18.81 24.56
CA ASN QD 33 -23.57 -19.73 25.06
C ASN QD 33 -24.08 -19.23 26.41
N LEU QD 34 -23.26 -18.41 27.07
CA LEU QD 34 -23.64 -17.87 28.36
C LEU QD 34 -24.58 -16.69 28.16
N HIS QD 35 -24.25 -15.82 27.22
CA HIS QD 35 -25.10 -14.67 26.94
C HIS QD 35 -26.49 -15.21 26.62
N ILE QD 36 -26.53 -16.41 26.04
CA ILE QD 36 -27.79 -17.03 25.70
C ILE QD 36 -28.42 -17.68 26.93
N ASP QD 37 -27.64 -18.49 27.63
CA ASP QD 37 -28.15 -19.14 28.83
C ASP QD 37 -28.73 -18.01 29.70
N TYR QD 38 -28.28 -16.79 29.42
CA TYR QD 38 -28.73 -15.58 30.13
C TYR QD 38 -30.14 -15.26 29.69
N LEU QD 39 -30.28 -14.87 28.42
CA LEU QD 39 -31.57 -14.54 27.86
C LEU QD 39 -32.64 -15.53 28.29
N ALA QD 40 -32.32 -16.82 28.23
CA ALA QD 40 -33.25 -17.86 28.62
C ALA QD 40 -33.84 -17.58 30.00
N LYS QD 41 -33.01 -17.10 30.92
CA LYS QD 41 -33.44 -16.81 32.29
C LYS QD 41 -34.25 -15.50 32.37
N LYS QD 42 -33.75 -14.44 31.73
CA LYS QD 42 -34.45 -13.15 31.74
C LYS QD 42 -35.83 -13.30 31.13
N LEU QD 43 -35.99 -14.37 30.36
CA LEU QD 43 -37.26 -14.66 29.70
C LEU QD 43 -38.14 -15.54 30.58
N HIS QD 44 -37.53 -16.54 31.20
CA HIS QD 44 -38.28 -17.43 32.07
C HIS QD 44 -38.84 -16.60 33.21
N ASP QD 45 -38.04 -15.65 33.68
CA ASP QD 45 -38.47 -14.77 34.77
C ASP QD 45 -39.58 -13.84 34.27
N ILE QD 46 -39.92 -13.98 32.99
CA ILE QD 46 -40.98 -13.20 32.36
C ILE QD 46 -42.19 -14.09 32.15
N GLU QD 47 -41.97 -15.18 31.45
CA GLU QD 47 -43.03 -16.14 31.19
C GLU QD 47 -43.62 -16.55 32.55
N GLU QD 48 -42.80 -16.41 33.59
CA GLU QD 48 -43.24 -16.77 34.95
C GLU QD 48 -44.16 -15.66 35.45
N GLU QD 49 -43.67 -14.43 35.41
CA GLU QD 49 -44.46 -13.28 35.85
C GLU QD 49 -45.71 -13.15 35.00
N TYR QD 50 -45.78 -13.92 33.93
CA TYR QD 50 -46.93 -13.90 33.04
C TYR QD 50 -48.03 -14.75 33.65
N ASN QD 51 -47.73 -16.01 33.90
CA ASN QD 51 -48.70 -16.94 34.47
C ASN QD 51 -49.35 -16.42 35.75
N LYS QD 52 -48.58 -15.58 36.51
CA LYS QD 52 -49.08 -15.06 37.74
C LYS QD 52 -50.34 -14.33 37.40
N LEU QD 53 -50.34 -13.57 36.28
CA LEU QD 53 -51.46 -12.78 35.80
C LEU QD 53 -52.32 -13.62 34.93
N THR QD 54 -53.61 -13.59 35.27
CA THR QD 54 -54.58 -14.56 34.91
C THR QD 54 -54.77 -14.56 33.44
N HIS QD 55 -55.62 -15.52 33.07
CA HIS QD 55 -55.68 -15.96 31.73
C HIS QD 55 -56.88 -15.29 31.24
N ASP QD 56 -56.90 -15.04 29.95
CA ASP QD 56 -57.93 -14.15 29.59
C ASP QD 56 -59.21 -14.97 29.65
N VAL QD 57 -60.32 -14.34 30.09
CA VAL QD 57 -61.54 -15.05 30.38
C VAL QD 57 -62.08 -15.61 29.11
N ASP QD 58 -62.73 -16.78 29.24
CA ASP QD 58 -63.07 -17.62 28.13
C ASP QD 58 -64.30 -17.11 27.46
N LYS QD 59 -63.41 -14.81 25.23
CA LYS QD 59 -64.57 -14.34 24.47
C LYS QD 59 -65.83 -15.06 24.94
N LYS QD 60 -65.68 -16.30 25.39
CA LYS QD 60 -66.81 -17.09 25.87
C LYS QD 60 -67.50 -16.43 27.08
N THR QD 61 -66.83 -15.46 27.70
CA THR QD 61 -67.36 -14.74 28.85
C THR QD 61 -68.19 -13.57 28.38
N ILE QD 62 -67.58 -12.72 27.59
CA ILE QD 62 -68.27 -11.57 27.04
C ILE QD 62 -69.57 -12.08 26.43
N ARG QD 63 -69.48 -13.16 25.66
CA ARG QD 63 -70.64 -13.75 25.02
C ARG QD 63 -71.77 -13.96 26.01
N GLN QD 64 -71.44 -14.51 27.17
CA GLN QD 64 -72.42 -14.78 28.21
C GLN QD 64 -73.04 -13.52 28.77
N LEU QD 65 -72.28 -12.43 28.77
CA LEU QD 65 -72.76 -11.13 29.25
C LEU QD 65 -73.75 -10.60 28.24
N LYS QD 66 -73.28 -10.39 27.01
CA LYS QD 66 -74.14 -9.90 25.94
C LYS QD 66 -75.44 -10.71 25.98
N ALA QD 67 -75.37 -11.98 26.40
CA ALA QD 67 -76.56 -12.81 26.46
C ALA QD 67 -77.39 -12.38 27.65
N ARG QD 68 -76.89 -12.62 28.85
CA ARG QD 68 -77.59 -12.26 30.08
C ARG QD 68 -78.26 -10.90 29.94
N ILE QD 69 -77.52 -9.96 29.38
CA ILE QD 69 -78.01 -8.62 29.16
C ILE QD 69 -79.13 -8.63 28.16
N SER QD 70 -78.84 -9.09 26.97
CA SER QD 70 -79.83 -9.15 25.90
C SER QD 70 -81.14 -9.81 26.36
N ASN QD 71 -81.10 -10.74 27.33
CA ASN QD 71 -82.36 -11.40 27.57
C ASN QD 71 -83.30 -10.44 28.16
N LEU QD 72 -82.80 -9.48 28.94
CA LEU QD 72 -83.76 -8.75 29.71
C LEU QD 72 -84.61 -7.99 28.75
N GLU QD 73 -86.61 -3.67 28.60
CA GLU QD 73 -87.01 -2.94 27.42
C GLU QD 73 -88.16 -3.66 26.79
N GLU QD 74 -88.97 -2.89 26.03
CA GLU QD 74 -90.17 -3.38 25.42
C GLU QD 74 -89.85 -3.93 24.07
N HIS QD 75 -90.83 -4.65 23.52
CA HIS QD 75 -90.88 -4.85 22.11
C HIS QD 75 -92.12 -4.19 21.64
N HIS QD 76 -92.09 -3.80 20.36
CA HIS QD 76 -93.12 -2.99 19.81
C HIS QD 76 -94.38 -3.80 19.91
N CYS QD 77 -94.33 -5.10 19.61
CA CYS QD 77 -95.54 -5.80 19.29
C CYS QD 77 -96.42 -5.96 20.48
N ASP QD 78 -97.71 -5.66 20.19
CA ASP QD 78 -98.88 -6.05 20.90
C ASP QD 78 -98.96 -7.54 20.69
N GLU QD 79 -99.85 -8.21 21.44
CA GLU QD 79 -99.70 -9.58 21.80
C GLU QD 79 -99.87 -10.49 20.62
N HIS QD 80 -99.18 -11.64 20.66
CA HIS QD 80 -99.17 -12.65 19.62
C HIS QD 80 -98.95 -12.02 18.31
N GLU QD 81 -97.79 -11.32 18.24
CA GLU QD 81 -96.87 -10.99 17.16
C GLU QD 81 -95.46 -11.03 17.74
N SER QD 82 -94.49 -11.42 16.92
CA SER QD 82 -93.09 -11.45 17.34
C SER QD 82 -92.27 -10.87 16.21
N GLU QD 83 -91.12 -10.28 16.53
CA GLU QD 83 -90.32 -9.66 15.50
C GLU QD 83 -89.39 -10.57 14.73
N CYS QD 84 -89.10 -10.26 13.45
CA CYS QD 84 -88.17 -11.13 12.77
C CYS QD 84 -86.80 -10.86 13.31
N ARG QD 85 -86.02 -11.96 13.43
CA ARG QD 85 -84.82 -12.09 14.22
C ARG QD 85 -83.87 -11.03 13.79
N GLY QD 86 -83.79 -10.75 12.48
CA GLY QD 86 -82.66 -10.06 11.95
C GLY QD 86 -82.83 -8.61 12.14
N ASP QD 87 -82.13 -7.86 11.26
CA ASP QD 87 -81.79 -6.47 11.30
C ASP QD 87 -83.04 -5.68 11.31
N VAL QD 88 -84.02 -6.13 10.52
CA VAL QD 88 -85.25 -5.43 10.52
C VAL QD 88 -85.98 -5.86 11.75
N PRO QD 89 -86.62 -4.87 12.32
CA PRO QD 89 -87.46 -4.99 13.48
C PRO QD 89 -88.65 -5.86 13.20
N GLU QD 90 -89.12 -5.84 11.96
CA GLU QD 90 -90.48 -5.91 11.54
C GLU QD 90 -91.23 -6.98 12.26
N CYS QD 91 -92.52 -6.72 12.51
CA CYS QD 91 -93.37 -7.59 13.31
C CYS QD 91 -94.34 -8.41 12.47
N ILE QD 92 -94.35 -9.73 12.62
CA ILE QD 92 -95.33 -10.55 11.87
C ILE QD 92 -96.11 -11.38 12.87
N HIS QD 93 -97.31 -11.80 12.50
CA HIS QD 93 -98.13 -12.56 13.43
C HIS QD 93 -97.53 -13.91 13.78
N ASP QD 94 -97.71 -14.35 15.07
CA ASP QD 94 -96.99 -15.44 15.65
C ASP QD 94 -97.23 -16.68 14.86
N LEU QD 95 -98.45 -16.80 14.28
CA LEU QD 95 -99.06 -18.03 13.83
C LEU QD 95 -98.35 -18.64 12.67
N LEU QD 96 -97.90 -17.76 11.75
CA LEU QD 96 -97.64 -18.03 10.36
C LEU QD 96 -96.50 -18.97 10.26
N PHE QD 97 -95.71 -19.04 11.34
CA PHE QD 97 -94.73 -20.07 11.41
C PHE QD 97 -95.43 -21.38 11.56
N CYS QD 98 -95.03 -22.40 10.78
CA CYS QD 98 -94.14 -22.18 9.68
C CYS QD 98 -95.03 -22.21 8.47
N ASP QD 99 -94.59 -21.61 7.36
CA ASP QD 99 -95.08 -21.98 6.06
C ASP QD 99 -94.51 -23.33 5.78
N GLY QD 100 -93.34 -23.57 6.38
CA GLY QD 100 -92.39 -24.55 5.93
C GLY QD 100 -91.33 -23.70 5.30
N GLU QD 101 -91.79 -22.59 4.69
CA GLU QD 101 -91.02 -21.66 3.91
C GLU QD 101 -90.85 -20.43 4.74
N LYS QD 102 -89.97 -19.51 4.29
CA LYS QD 102 -89.75 -18.38 5.11
C LYS QD 102 -90.95 -17.50 5.01
N ASP QD 103 -91.65 -17.39 6.14
CA ASP QD 103 -92.76 -16.49 6.19
C ASP QD 103 -92.13 -15.17 5.92
N CYS QD 104 -90.94 -14.96 6.51
CA CYS QD 104 -90.37 -13.65 6.53
C CYS QD 104 -89.70 -13.34 5.23
N ARG QD 105 -89.59 -12.02 4.96
CA ARG QD 105 -88.84 -11.52 3.84
C ARG QD 105 -87.40 -11.79 4.05
N ASP QD 106 -86.98 -11.47 5.30
CA ASP QD 106 -85.65 -11.44 5.89
C ASP QD 106 -85.12 -12.81 5.90
N GLY QD 107 -86.00 -13.78 6.22
CA GLY QD 107 -85.55 -15.13 6.33
C GLY QD 107 -84.69 -15.18 7.53
N SER QD 108 -85.11 -14.48 8.60
CA SER QD 108 -84.26 -14.42 9.73
C SER QD 108 -84.29 -15.77 10.31
N ASP QD 109 -85.41 -16.46 10.03
CA ASP QD 109 -85.85 -17.65 10.65
C ASP QD 109 -84.80 -18.70 10.47
N GLU QD 110 -84.27 -18.75 9.24
CA GLU QD 110 -83.55 -19.87 8.67
C GLU QD 110 -82.29 -20.02 9.44
N ASP QD 111 -81.90 -18.91 10.09
CA ASP QD 111 -80.79 -18.78 10.98
C ASP QD 111 -81.05 -19.68 12.14
N PRO QD 112 -79.97 -20.25 12.58
CA PRO QD 112 -79.91 -21.23 13.65
C PRO QD 112 -80.52 -20.83 14.99
N GLU QD 113 -80.32 -19.60 15.43
CA GLU QD 113 -80.87 -19.14 16.72
C GLU QD 113 -82.38 -19.33 16.80
N THR QD 114 -83.00 -19.64 15.67
CA THR QD 114 -84.44 -19.82 15.61
C THR QD 114 -84.81 -21.28 15.49
N CYS QD 115 -84.10 -21.98 14.62
CA CYS QD 115 -84.35 -23.39 14.36
C CYS QD 115 -83.59 -24.31 15.30
N SER QD 116 -82.97 -23.72 16.34
CA SER QD 116 -81.96 -24.34 17.14
C SER QD 116 -82.51 -25.59 17.72
N LEU QD 117 -81.56 -26.49 17.96
CA LEU QD 117 -81.66 -27.73 18.63
C LEU QD 117 -81.92 -27.60 20.09
N ASN QD 118 -81.09 -26.77 20.77
CA ASN QD 118 -81.08 -26.72 22.21
C ASN QD 118 -82.41 -26.21 22.63
N ILE QD 119 -82.90 -25.18 21.91
CA ILE QD 119 -84.06 -24.45 22.30
C ILE QD 119 -85.19 -25.45 22.40
N THR QD 120 -85.38 -26.22 21.31
CA THR QD 120 -86.46 -27.13 21.10
C THR QD 120 -86.31 -28.25 22.05
N HIS QD 121 -85.02 -28.48 22.44
CA HIS QD 121 -84.53 -29.71 22.95
C HIS QD 121 -85.35 -30.09 24.12
N VAL QD 122 -85.62 -31.39 24.18
CA VAL QD 122 -86.52 -31.94 25.13
C VAL QD 122 -85.73 -32.26 26.35
N GLY QD 123 -86.42 -32.21 27.51
CA GLY QD 123 -85.90 -32.82 28.71
C GLY QD 123 -85.05 -31.80 29.40
N SER QD 124 -85.28 -30.53 29.04
CA SER QD 124 -84.96 -29.38 29.83
C SER QD 124 -85.95 -29.35 30.96
N SER QD 125 -85.43 -29.12 32.19
CA SER QD 125 -86.00 -29.02 33.51
C SER QD 125 -85.73 -27.69 34.18
N TYR QD 126 -86.78 -27.08 34.72
CA TYR QD 126 -86.66 -25.81 35.40
C TYR QD 126 -87.17 -25.96 36.82
N THR QD 127 -86.43 -25.41 37.78
CA THR QD 127 -86.84 -25.47 39.19
C THR QD 127 -86.61 -24.18 39.94
N GLY QD 128 -87.35 -24.04 41.03
CA GLY QD 128 -87.21 -22.86 41.86
C GLY QD 128 -87.87 -23.20 43.18
N LEU QD 129 -88.04 -22.20 44.05
CA LEU QD 129 -88.70 -22.47 45.32
C LEU QD 129 -90.12 -21.97 45.26
N ALA QD 130 -91.03 -22.92 45.23
CA ALA QD 130 -92.44 -22.59 45.15
C ALA QD 130 -92.95 -22.15 46.51
N THR QD 131 -93.56 -20.98 46.55
CA THR QD 131 -94.13 -20.43 47.77
C THR QD 131 -95.61 -20.28 47.46
N TRP QD 132 -96.43 -21.17 48.04
CA TRP QD 132 -97.87 -21.18 47.76
C TRP QD 132 -98.66 -20.09 48.42
N THR QD 133 -99.37 -19.31 47.59
CA THR QD 133 -100.20 -18.33 48.20
C THR QD 133 -101.17 -19.23 48.84
N SER QD 134 -101.71 -20.11 47.97
CA SER QD 134 -102.80 -20.94 48.33
C SER QD 134 -102.48 -22.10 49.24
N CYS QD 135 -101.99 -23.20 48.64
CA CYS QD 135 -102.13 -24.47 49.29
C CYS QD 135 -101.26 -24.55 50.49
N GLU QD 136 -99.98 -24.16 50.35
CA GLU QD 136 -98.97 -24.81 51.11
C GLU QD 136 -98.86 -24.18 52.46
N ASP QD 137 -99.43 -24.90 53.44
CA ASP QD 137 -99.37 -24.52 54.80
C ASP QD 137 -97.93 -24.45 55.05
N LEU QD 138 -97.21 -25.47 54.56
CA LEU QD 138 -95.86 -25.54 54.94
C LEU QD 138 -95.03 -24.62 54.14
N ASN QD 139 -93.74 -24.67 54.49
CA ASN QD 139 -92.64 -23.84 54.16
C ASN QD 139 -92.25 -24.16 52.76
N PRO QD 140 -92.14 -23.11 52.01
CA PRO QD 140 -92.18 -23.13 50.59
C PRO QD 140 -91.20 -24.08 50.11
N ASP QD 141 -91.66 -24.86 49.15
CA ASP QD 141 -91.03 -26.13 48.81
C ASP QD 141 -90.48 -26.02 47.39
N HIS QD 142 -89.72 -27.03 46.99
CA HIS QD 142 -89.13 -27.02 45.67
C HIS QD 142 -90.05 -27.50 44.57
N ALA QD 143 -90.17 -26.69 43.54
CA ALA QD 143 -91.00 -27.01 42.38
C ALA QD 143 -90.10 -27.35 41.20
N ILE QD 144 -90.50 -28.35 40.42
CA ILE QD 144 -89.70 -28.76 39.27
C ILE QD 144 -90.52 -29.13 38.05
N VAL QD 145 -90.53 -28.26 37.05
CA VAL QD 145 -91.28 -28.55 35.85
C VAL QD 145 -90.25 -28.96 34.85
N THR QD 146 -90.34 -30.22 34.42
CA THR QD 146 -89.40 -30.78 33.46
C THR QD 146 -90.09 -31.39 32.23
N ILE QD 147 -89.54 -31.14 31.02
CA ILE QD 147 -90.12 -31.58 29.74
C ILE QD 147 -89.87 -33.05 29.43
N THR QD 148 -90.95 -33.81 29.20
CA THR QD 148 -90.84 -35.26 28.95
C THR QD 148 -90.84 -35.72 27.51
N ALA QD 149 -91.38 -34.89 26.62
CA ALA QD 149 -91.39 -35.23 25.21
C ALA QD 149 -91.98 -34.05 24.48
N ALA QD 150 -91.55 -33.83 23.25
CA ALA QD 150 -92.06 -32.69 22.51
C ALA QD 150 -91.81 -32.75 21.02
N HIS QD 151 -92.91 -32.55 20.25
CA HIS QD 151 -92.96 -33.00 18.89
C HIS QD 151 -92.07 -32.18 18.01
N ARG QD 152 -91.21 -32.92 17.30
CA ARG QD 152 -90.59 -32.30 16.20
C ARG QD 152 -91.07 -33.02 15.01
N LYS QD 153 -90.90 -32.33 13.89
CA LYS QD 153 -90.59 -33.08 12.75
C LYS QD 153 -89.24 -32.68 12.42
N SER QD 154 -89.02 -32.75 11.11
CA SER QD 154 -87.76 -32.50 10.54
C SER QD 154 -87.45 -31.04 10.59
N PHE QD 155 -88.32 -30.25 9.93
CA PHE QD 155 -87.84 -29.03 9.34
C PHE QD 155 -87.73 -27.97 10.32
N PHE QD 156 -88.44 -28.22 11.40
CA PHE QD 156 -89.51 -27.42 11.88
C PHE QD 156 -88.83 -26.34 12.62
N PRO QD 157 -88.90 -25.09 12.26
CA PRO QD 157 -88.04 -24.16 12.91
C PRO QD 157 -88.46 -24.05 14.35
N ASN QD 158 -89.71 -24.47 14.69
CA ASN QD 158 -90.60 -23.71 15.56
C ASN QD 158 -90.75 -24.37 16.90
N ARG QD 159 -91.93 -24.09 17.50
CA ARG QD 159 -92.24 -24.43 18.85
C ARG QD 159 -92.93 -25.73 18.89
N VAL QD 160 -92.52 -26.45 19.92
CA VAL QD 160 -92.87 -27.77 20.24
C VAL QD 160 -94.13 -27.63 21.00
N TRP QD 161 -94.80 -28.77 21.00
CA TRP QD 161 -96.09 -29.00 21.53
C TRP QD 161 -95.72 -30.24 22.19
N LEU QD 162 -95.89 -30.25 23.49
CA LEU QD 162 -95.04 -31.04 24.34
C LEU QD 162 -95.72 -31.61 25.57
N ARG QD 163 -94.96 -32.43 26.29
CA ARG QD 163 -95.43 -33.04 27.50
C ARG QD 163 -94.31 -32.94 28.53
N ALA QD 164 -94.71 -32.71 29.78
CA ALA QD 164 -93.78 -32.55 30.87
C ALA QD 164 -94.38 -33.06 32.17
N THR QD 165 -93.65 -32.84 33.26
CA THR QD 165 -94.04 -33.28 34.60
C THR QD 165 -93.80 -32.15 35.58
N LEU QD 166 -94.74 -31.94 36.50
CA LEU QD 166 -94.57 -30.92 37.54
C LEU QD 166 -94.45 -31.66 38.86
N SER QD 167 -93.33 -31.49 39.56
CA SER QD 167 -93.12 -32.16 40.84
C SER QD 167 -92.79 -31.15 41.91
N TYR QD 168 -93.43 -31.28 43.08
CA TYR QD 168 -93.13 -30.37 44.19
C TYR QD 168 -93.17 -31.17 45.47
N GLU QD 169 -92.17 -30.95 46.33
CA GLU QD 169 -92.03 -31.66 47.60
C GLU QD 169 -93.25 -31.48 48.51
N LEU QD 170 -93.65 -32.57 49.17
CA LEU QD 170 -94.60 -32.46 50.23
C LEU QD 170 -93.94 -31.82 51.38
N ASP QD 171 -92.98 -32.57 51.92
CA ASP QD 171 -92.15 -31.97 52.88
C ASP QD 171 -90.79 -32.42 52.68
N GLU QD 172 -89.96 -31.73 53.48
CA GLU QD 172 -88.68 -32.10 53.98
C GLU QD 172 -88.89 -33.29 54.85
N HIS QD 173 -89.91 -33.22 55.71
CA HIS QD 173 -90.03 -34.27 56.67
C HIS QD 173 -90.31 -35.52 55.91
N ASP QD 174 -91.46 -35.45 55.21
CA ASP QD 174 -92.19 -36.58 54.76
C ASP QD 174 -91.22 -37.34 53.92
N HIS QD 175 -90.43 -36.55 53.18
CA HIS QD 175 -89.61 -36.92 52.05
C HIS QD 175 -90.51 -37.44 50.98
N THR QD 176 -91.67 -36.79 50.77
CA THR QD 176 -92.47 -37.27 49.71
C THR QD 176 -92.63 -36.21 48.69
N VAL QD 177 -93.32 -36.57 47.56
CA VAL QD 177 -93.38 -35.55 46.53
C VAL QD 177 -94.43 -35.85 45.44
N SER QD 178 -95.21 -34.83 45.11
CA SER QD 178 -96.28 -34.95 44.12
C SER QD 178 -95.74 -34.82 42.72
N THR QD 179 -96.19 -35.70 41.83
CA THR QD 179 -95.75 -35.66 40.46
C THR QD 179 -96.92 -35.82 39.50
N THR QD 180 -97.37 -34.70 38.94
CA THR QD 180 -98.49 -34.70 38.01
C THR QD 180 -97.94 -34.64 36.58
N GLN QD 181 -98.54 -35.38 35.66
CA GLN QD 181 -98.10 -35.34 34.25
C GLN QD 181 -98.82 -34.20 33.54
N LEU QD 182 -98.15 -33.54 32.61
CA LEU QD 182 -98.78 -32.41 31.93
C LEU QD 182 -98.71 -32.52 30.42
N ARG QD 183 -99.51 -31.70 29.76
CA ARG QD 183 -99.56 -31.61 28.31
C ARG QD 183 -99.58 -30.10 28.01
N GLY QD 184 -99.22 -29.72 26.80
CA GLY QD 184 -99.23 -28.30 26.47
C GLY QD 184 -98.28 -27.95 25.35
N PHE QD 185 -97.98 -26.66 25.22
CA PHE QD 185 -97.07 -26.22 24.18
C PHE QD 185 -96.19 -25.10 24.67
N TYR QD 186 -95.40 -24.55 23.77
CA TYR QD 186 -94.54 -23.45 24.11
C TYR QD 186 -94.76 -22.37 23.06
N ASN QD 187 -95.12 -21.17 23.52
CA ASN QD 187 -95.38 -20.06 22.63
C ASN QD 187 -94.14 -19.23 22.37
N PHE QD 188 -93.78 -19.21 21.08
CA PHE QD 188 -92.60 -18.58 20.57
C PHE QD 188 -92.64 -17.14 20.85
N GLY QD 189 -93.81 -16.58 20.51
CA GLY QD 189 -94.09 -15.19 20.62
C GLY QD 189 -94.14 -14.81 22.05
N LYS QD 190 -94.78 -15.66 22.86
CA LYS QD 190 -95.05 -15.39 24.24
C LYS QD 190 -93.83 -15.53 25.08
N ARG QD 191 -92.90 -16.41 24.61
CA ARG QD 191 -91.75 -16.93 25.29
C ARG QD 191 -92.25 -17.77 26.44
N GLU QD 192 -93.50 -18.13 26.40
CA GLU QD 192 -94.12 -18.73 27.57
C GLU QD 192 -94.45 -20.21 27.43
N LEU QD 193 -94.16 -20.94 28.48
CA LEU QD 193 -94.40 -22.36 28.53
C LEU QD 193 -95.76 -22.52 29.21
N LEU QD 194 -96.71 -23.18 28.56
CA LEU QD 194 -98.04 -23.37 29.15
C LEU QD 194 -98.43 -24.83 29.27
N LEU QD 195 -98.40 -25.38 30.48
CA LEU QD 195 -98.73 -26.79 30.68
C LEU QD 195 -99.91 -27.00 31.60
N ALA QD 196 -100.68 -28.06 31.34
CA ALA QD 196 -101.84 -28.39 32.13
C ALA QD 196 -101.86 -29.88 32.37
N PRO QD 197 -102.61 -30.36 33.37
CA PRO QD 197 -102.67 -31.79 33.66
C PRO QD 197 -103.32 -32.55 32.53
N LEU QD 198 -102.71 -33.76 32.26
CA LEU QD 198 -102.90 -34.40 31.00
C LEU QD 198 -104.33 -34.71 30.95
N LYS QD 199 -104.82 -35.26 32.06
CA LYS QD 199 -106.19 -35.58 32.13
C LYS QD 199 -106.40 -36.56 33.21
N GLY QD 200 -107.67 -36.64 33.63
CA GLY QD 200 -108.34 -37.88 33.87
C GLY QD 200 -108.23 -38.09 35.32
N GLN QD 201 -107.41 -37.19 35.88
CA GLN QD 201 -107.21 -36.86 37.26
C GLN QD 201 -108.43 -36.12 37.79
N SER QD 202 -108.90 -35.18 36.95
CA SER QD 202 -109.91 -34.14 36.97
C SER QD 202 -109.50 -33.03 37.86
N GLU QD 203 -108.76 -33.35 38.92
CA GLU QD 203 -108.04 -32.24 39.43
C GLU QD 203 -106.65 -32.56 39.08
N GLY QD 204 -106.07 -31.71 38.23
CA GLY QD 204 -104.68 -31.85 38.02
C GLY QD 204 -104.25 -30.44 38.10
N TYR QD 205 -102.95 -30.18 38.19
CA TYR QD 205 -102.53 -28.82 38.28
C TYR QD 205 -101.63 -28.58 37.15
N GLY QD 206 -101.53 -27.28 36.78
CA GLY QD 206 -100.83 -26.82 35.63
C GLY QD 206 -99.95 -25.67 36.04
N VAL QD 207 -99.23 -25.14 35.03
CA VAL QD 207 -98.08 -24.28 35.29
C VAL QD 207 -97.79 -23.39 34.11
N ILE QD 208 -97.45 -22.14 34.39
CA ILE QD 208 -97.14 -21.17 33.35
C ILE QD 208 -95.74 -20.64 33.64
N CYS QD 209 -94.83 -20.69 32.68
CA CYS QD 209 -93.49 -20.19 32.88
C CYS QD 209 -93.14 -19.20 31.82
N ASP QD 210 -92.76 -17.99 32.21
CA ASP QD 210 -92.37 -16.99 31.23
C ASP QD 210 -90.85 -16.96 31.20
N PHE QD 211 -90.41 -16.97 29.96
CA PHE QD 211 -89.07 -16.86 29.56
C PHE QD 211 -88.53 -15.55 30.09
N ASN QD 212 -89.23 -14.42 29.83
CA ASN QD 212 -88.54 -13.35 29.18
C ASN QD 212 -87.82 -12.51 30.16
N LEU QD 213 -86.73 -13.09 30.67
CA LEU QD 213 -85.54 -12.37 30.90
C LEU QD 213 -85.02 -12.05 29.55
N GLY QD 214 -85.23 -12.96 28.59
CA GLY QD 214 -84.42 -13.03 27.40
C GLY QD 214 -83.50 -14.20 27.66
N ASP QD 215 -83.39 -14.62 28.92
CA ASP QD 215 -82.51 -15.70 29.07
C ASP QD 215 -83.24 -16.94 28.70
N ASP QD 216 -82.44 -18.02 28.53
CA ASP QD 216 -82.84 -19.40 28.38
C ASP QD 216 -83.35 -19.94 29.66
N ASP QD 217 -82.39 -19.87 30.58
CA ASP QD 217 -82.27 -20.72 31.72
C ASP QD 217 -83.36 -20.32 32.60
N HIS QD 218 -83.59 -19.01 32.61
CA HIS QD 218 -84.31 -18.47 33.75
C HIS QD 218 -85.74 -18.18 33.36
N ALA QD 219 -86.67 -18.45 34.28
CA ALA QD 219 -88.08 -18.22 34.00
C ALA QD 219 -88.88 -17.86 35.26
N ASP QD 220 -90.01 -17.22 35.05
CA ASP QD 220 -90.90 -16.77 36.11
C ASP QD 220 -92.11 -17.69 36.13
N CYS QD 221 -91.95 -18.87 36.70
CA CYS QD 221 -93.06 -19.82 36.73
C CYS QD 221 -94.09 -19.62 37.81
N LYS QD 222 -95.33 -20.02 37.53
CA LYS QD 222 -96.42 -19.94 38.50
C LYS QD 222 -97.34 -21.13 38.36
N ILE QD 223 -97.48 -21.90 39.43
CA ILE QD 223 -98.33 -23.07 39.45
C ILE QD 223 -99.77 -22.58 39.48
N VAL QD 224 -100.54 -22.93 38.45
CA VAL QD 224 -101.92 -22.49 38.36
C VAL QD 224 -102.91 -23.61 38.48
N VAL QD 225 -104.18 -23.23 38.47
CA VAL QD 225 -105.23 -24.19 38.50
C VAL QD 225 -105.68 -24.22 37.05
N PRO QD 226 -105.66 -25.41 36.44
CA PRO QD 226 -105.91 -25.62 35.02
C PRO QD 226 -107.24 -25.16 34.54
N SER QD 227 -108.21 -25.09 35.46
CA SER QD 227 -109.38 -24.33 35.22
C SER QD 227 -108.92 -22.97 34.88
N SER QD 228 -109.11 -22.10 35.87
CA SER QD 228 -109.36 -20.73 35.57
C SER QD 228 -108.08 -20.08 35.15
N LEU QD 229 -106.97 -20.85 35.29
CA LEU QD 229 -105.58 -20.44 35.15
C LEU QD 229 -105.15 -19.51 36.27
N PHE QD 230 -105.76 -19.63 37.46
CA PHE QD 230 -105.60 -18.84 38.65
C PHE QD 230 -104.37 -19.34 39.39
N VAL QD 231 -103.50 -18.40 39.75
CA VAL QD 231 -102.23 -18.65 40.46
C VAL QD 231 -102.30 -19.32 41.84
N CYS QD 232 -102.05 -20.62 41.89
CA CYS QD 232 -102.08 -21.32 43.16
C CYS QD 232 -100.83 -21.05 43.96
N ALA QD 233 -99.72 -20.83 43.25
CA ALA QD 233 -98.42 -20.57 43.89
C ALA QD 233 -97.46 -20.03 42.84
N HIS QD 234 -96.39 -19.38 43.30
CA HIS QD 234 -95.41 -18.80 42.40
C HIS QD 234 -93.98 -19.21 42.77
N PHE QD 235 -93.14 -19.44 41.75
CA PHE QD 235 -91.75 -19.81 42.00
C PHE QD 235 -90.87 -19.36 40.83
N ASN QD 236 -89.83 -18.60 41.14
CA ASN QD 236 -88.91 -18.07 40.13
C ASN QD 236 -87.95 -19.19 39.85
N ALA QD 237 -87.92 -19.68 38.61
CA ALA QD 237 -87.08 -20.82 38.30
C ALA QD 237 -85.82 -20.62 37.47
N GLN QD 238 -84.94 -21.61 37.62
CA GLN QD 238 -83.67 -21.67 36.90
C GLN QD 238 -83.63 -23.05 36.28
N ARG QD 239 -82.74 -23.21 35.32
CA ARG QD 239 -82.64 -24.45 34.59
C ARG QD 239 -81.49 -25.33 34.95
N TYR QD 240 -81.74 -26.64 35.11
CA TYR QD 240 -82.08 -27.13 36.45
C TYR QD 240 -81.59 -26.05 37.32
N LEU RD 47 -16.24 -19.87 10.75
CA LEU RD 47 -15.17 -19.33 11.61
C LEU RD 47 -15.55 -17.99 12.13
N ASP RD 48 -14.72 -16.97 11.81
CA ASP RD 48 -15.01 -15.62 12.32
C ASP RD 48 -16.26 -14.92 11.81
N PRO RD 49 -16.66 -15.17 10.54
CA PRO RD 49 -17.86 -14.52 9.99
C PRO RD 49 -19.20 -15.08 10.47
N ARG RD 50 -19.44 -16.37 10.25
CA ARG RD 50 -20.71 -16.99 10.66
C ARG RD 50 -20.93 -16.92 12.17
N LEU RD 51 -19.85 -16.78 12.94
CA LEU RD 51 -19.94 -16.71 14.40
C LEU RD 51 -19.97 -15.26 14.90
N GLY RD 52 -19.21 -14.38 14.23
CA GLY RD 52 -19.18 -12.99 14.62
C GLY RD 52 -20.42 -12.26 14.14
N ALA RD 53 -21.15 -12.88 13.22
CA ALA RD 53 -22.38 -12.31 12.67
C ALA RD 53 -23.57 -12.90 13.42
N ASN RD 54 -23.43 -14.14 13.88
CA ASN RD 54 -24.48 -14.81 14.63
C ASN RD 54 -24.75 -14.00 15.88
N ALA RD 55 -23.96 -12.94 16.07
CA ALA RD 55 -24.09 -12.06 17.21
C ALA RD 55 -25.09 -10.94 16.88
N PHE RD 56 -24.93 -10.32 15.73
CA PHE RD 56 -25.84 -9.25 15.30
C PHE RD 56 -27.25 -9.83 15.33
N LEU RD 57 -27.32 -11.15 15.42
CA LEU RD 57 -28.58 -11.89 15.48
C LEU RD 57 -29.05 -11.94 16.93
N ILE RD 58 -28.09 -12.13 17.83
CA ILE RD 58 -28.40 -12.19 19.25
C ILE RD 58 -28.67 -10.82 19.84
N ILE RD 59 -27.88 -9.84 19.42
CA ILE RD 59 -28.06 -8.49 19.90
C ILE RD 59 -29.52 -8.10 19.69
N ARG RD 60 -30.10 -8.60 18.60
CA ARG RD 60 -31.49 -8.31 18.27
C ARG RD 60 -32.37 -8.79 19.42
N LEU RD 61 -32.27 -10.08 19.74
CA LEU RD 61 -33.07 -10.64 20.81
C LEU RD 61 -32.94 -9.84 22.10
N ASP RD 62 -31.82 -9.14 22.26
CA ASP RD 62 -31.60 -8.35 23.46
C ASP RD 62 -32.55 -7.14 23.49
N ARG RD 63 -32.67 -6.44 22.36
CA ARG RD 63 -33.57 -5.31 22.29
C ARG RD 63 -35.00 -5.84 22.35
N ILE RD 64 -35.24 -6.95 21.66
CA ILE RD 64 -36.56 -7.58 21.64
C ILE RD 64 -37.04 -7.93 23.03
N ILE RD 65 -36.25 -8.77 23.69
CA ILE RD 65 -36.59 -9.20 25.03
C ILE RD 65 -36.88 -7.99 25.91
N GLU RD 66 -36.14 -6.90 25.71
CA GLU RD 66 -36.33 -5.69 26.51
C GLU RD 66 -37.66 -5.03 26.20
N LYS RD 67 -37.91 -4.77 24.92
CA LYS RD 67 -39.16 -4.14 24.49
C LYS RD 67 -40.32 -5.01 24.98
N LEU RD 68 -40.06 -6.32 25.00
CA LEU RD 68 -41.06 -7.29 25.44
C LEU RD 68 -41.40 -7.07 26.92
N ARG RD 69 -40.45 -6.55 27.69
CA ARG RD 69 -40.68 -6.26 29.11
C ARG RD 69 -41.73 -5.16 29.21
N THR RD 70 -41.59 -4.15 28.36
CA THR RD 70 -42.52 -3.02 28.34
C THR RD 70 -43.94 -3.50 28.05
N LYS RD 71 -44.06 -4.45 27.13
CA LYS RD 71 -45.38 -4.99 26.79
C LYS RD 71 -46.00 -5.73 27.95
N LEU RD 72 -45.19 -6.48 28.68
CA LEU RD 72 -45.71 -7.23 29.81
C LEU RD 72 -46.18 -6.25 30.89
N ASP RD 73 -45.70 -5.01 30.81
CA ASP RD 73 -46.08 -3.98 31.76
C ASP RD 73 -47.41 -3.38 31.33
N GLU RD 74 -47.57 -3.22 30.01
CA GLU RD 74 -48.80 -2.67 29.45
C GLU RD 74 -49.92 -3.69 29.66
N ALA RD 75 -49.57 -4.96 29.54
CA ALA RD 75 -50.52 -6.06 29.68
C ALA RD 75 -51.12 -6.19 31.07
N GLU RD 76 -50.34 -5.86 32.09
CA GLU RD 76 -50.82 -5.96 33.47
C GLU RD 76 -51.88 -4.90 33.78
N LYS RD 77 -51.89 -3.82 32.99
CA LYS RD 77 -52.84 -2.72 33.16
C LYS RD 77 -54.20 -3.04 32.56
N ILE RD 78 -54.24 -3.82 31.51
CA ILE RD 78 -55.57 -4.14 31.09
C ILE RD 78 -55.78 -5.58 31.44
N ASP RD 79 -56.44 -5.85 32.60
CA ASP RD 79 -56.86 -7.21 32.73
C ASP RD 79 -58.21 -7.25 32.18
N PRO RD 80 -58.29 -8.01 31.19
CA PRO RD 80 -59.58 -8.53 30.74
C PRO RD 80 -60.44 -9.10 31.86
N GLU RD 81 -59.96 -10.14 32.53
CA GLU RD 81 -60.72 -10.75 33.62
C GLU RD 81 -61.22 -9.70 34.61
N HIS RD 82 -60.59 -8.53 34.58
CA HIS RD 82 -60.98 -7.43 35.47
C HIS RD 82 -62.08 -6.63 34.79
N PHE RD 83 -61.81 -6.17 33.58
CA PHE RD 83 -62.78 -5.40 32.82
C PHE RD 83 -64.12 -6.13 32.77
N VAL RD 84 -64.10 -7.41 32.38
CA VAL RD 84 -65.32 -8.19 32.31
C VAL RD 84 -66.07 -8.07 33.62
N SER RD 85 -65.35 -8.20 34.72
CA SER RD 85 -65.96 -8.11 36.05
C SER RD 85 -66.64 -6.75 36.22
N GLU RD 86 -66.04 -5.70 35.68
CA GLU RD 86 -66.62 -4.37 35.78
C GLU RD 86 -67.97 -4.35 35.10
N ILE RD 87 -68.05 -4.96 33.93
CA ILE RD 87 -69.30 -5.01 33.22
C ILE RD 87 -70.29 -5.85 33.97
N ASP RD 88 -69.88 -7.03 34.43
CA ASP RD 88 -70.81 -7.87 35.19
C ASP RD 88 -71.46 -7.02 36.27
N ALA RD 89 -70.64 -6.51 37.18
CA ALA RD 89 -71.16 -5.69 38.25
C ALA RD 89 -71.96 -4.51 37.71
N ARG RD 90 -71.43 -3.87 36.67
CA ARG RD 90 -72.10 -2.72 36.07
C ARG RD 90 -73.53 -3.07 35.66
N VAL RD 91 -73.68 -4.25 35.08
CA VAL RD 91 -74.96 -4.72 34.62
C VAL RD 91 -75.81 -5.24 35.73
N THR RD 92 -75.22 -6.04 36.62
CA THR RD 92 -75.98 -6.58 37.74
C THR RD 92 -76.64 -5.42 38.47
N LYS RD 93 -75.98 -4.28 38.46
CA LYS RD 93 -76.48 -3.06 39.10
C LYS RD 93 -77.78 -2.60 38.44
N ILE RD 94 -77.91 -2.86 37.14
CA ILE RD 94 -79.11 -2.48 36.42
C ILE RD 94 -80.18 -3.51 36.62
N GLU RD 95 -79.78 -4.78 36.51
CA GLU RD 95 -80.69 -5.90 36.69
C GLU RD 95 -81.20 -5.83 38.13
N GLY RD 96 -84.43 -4.39 41.30
CA GLY RD 96 -84.98 -4.03 42.59
C GLY RD 96 -85.09 -5.28 43.44
N THR RD 97 -85.57 -5.11 44.68
CA THR RD 97 -85.70 -6.31 45.42
C THR RD 97 -87.08 -6.87 45.27
N HIS RD 98 -87.10 -8.20 45.09
CA HIS RD 98 -88.31 -8.97 45.21
C HIS RD 98 -88.64 -8.93 46.65
N CYS RD 99 -87.57 -9.00 47.47
CA CYS RD 99 -87.76 -9.26 48.87
C CYS RD 99 -88.17 -8.00 49.53
N GLU RD 100 -88.43 -8.16 50.85
CA GLU RD 100 -88.86 -7.05 51.62
C GLU RD 100 -87.68 -6.51 52.30
N LYS RD 101 -87.77 -5.23 52.68
CA LYS RD 101 -86.55 -4.64 53.07
C LYS RD 101 -86.12 -5.17 54.37
N ARG RD 102 -84.78 -5.22 54.52
CA ARG RD 102 -84.14 -5.76 55.68
C ARG RD 102 -84.54 -7.17 55.77
N THR RD 103 -84.57 -7.80 54.62
CA THR RD 103 -84.62 -9.24 54.43
C THR RD 103 -83.50 -9.70 53.53
N PHE RD 104 -83.08 -10.95 53.71
CA PHE RD 104 -81.97 -11.52 52.95
C PHE RD 104 -82.40 -12.54 51.91
N GLN RD 105 -82.01 -12.30 50.67
CA GLN RD 105 -82.35 -13.17 49.56
C GLN RD 105 -81.38 -14.31 49.44
N CYS RD 106 -81.88 -15.57 49.42
CA CYS RD 106 -80.99 -16.69 49.36
C CYS RD 106 -80.51 -16.85 47.97
N GLY RD 107 -79.77 -17.96 47.77
CA GLY RD 107 -79.00 -18.16 46.58
C GLY RD 107 -79.89 -18.81 45.56
N GLY RD 108 -79.24 -19.45 44.57
CA GLY RD 108 -79.90 -19.85 43.36
C GLY RD 108 -80.91 -20.90 43.65
N ASN RD 109 -80.54 -21.82 44.56
CA ASN RD 109 -81.22 -23.09 44.71
C ASN RD 109 -82.65 -22.90 45.05
N GLU RD 110 -82.90 -22.26 46.18
CA GLU RD 110 -84.26 -21.96 46.40
C GLU RD 110 -84.31 -20.51 46.14
N GLN RD 111 -85.35 -19.92 46.70
CA GLN RD 111 -85.57 -18.54 46.58
C GLN RD 111 -86.40 -18.27 47.79
N GLU RD 112 -85.77 -17.70 48.81
CA GLU RD 112 -86.49 -17.51 50.02
C GLU RD 112 -85.99 -16.24 50.59
N CYS RD 113 -86.85 -15.56 51.39
CA CYS RD 113 -86.47 -14.44 52.27
C CYS RD 113 -86.18 -14.72 53.75
N ILE RD 114 -85.11 -14.11 54.29
CA ILE RD 114 -84.74 -14.30 55.68
C ILE RD 114 -84.49 -12.97 56.37
N SER RD 115 -84.96 -12.83 57.61
CA SER RD 115 -84.77 -11.58 58.32
C SER RD 115 -83.31 -11.38 58.64
N ASP RD 116 -82.82 -10.11 58.44
CA ASP RD 116 -81.43 -9.83 58.36
C ASP RD 116 -80.68 -10.27 59.58
N LEU RD 117 -81.16 -9.86 60.76
CA LEU RD 117 -80.37 -10.08 61.95
C LEU RD 117 -80.27 -11.56 62.12
N LEU RD 118 -81.39 -12.23 61.84
CA LEU RD 118 -81.42 -13.63 62.11
C LEU RD 118 -80.48 -14.33 61.18
N VAL RD 119 -80.44 -13.89 59.90
CA VAL RD 119 -79.69 -14.55 58.85
C VAL RD 119 -78.21 -14.43 59.05
N CYS RD 120 -77.73 -13.29 59.57
CA CYS RD 120 -76.32 -13.18 59.87
C CYS RD 120 -76.18 -13.50 61.31
N ASP RD 121 -76.41 -14.78 61.63
CA ASP RD 121 -76.26 -15.19 62.99
C ASP RD 121 -74.81 -15.07 63.27
N GLY RD 122 -74.00 -15.46 62.27
CA GLY RD 122 -72.58 -15.63 62.42
C GLY RD 122 -72.37 -17.11 62.34
N HIS RD 123 -73.43 -17.85 62.73
CA HIS RD 123 -73.65 -19.26 62.48
C HIS RD 123 -74.58 -19.29 61.30
N LYS RD 124 -74.75 -20.48 60.65
CA LYS RD 124 -75.49 -20.49 59.41
C LYS RD 124 -76.92 -20.19 59.68
N ASP RD 125 -77.44 -19.18 58.97
CA ASP RD 125 -78.86 -18.90 58.97
C ASP RD 125 -79.54 -20.12 58.39
N CYS RD 126 -79.09 -20.54 57.20
CA CYS RD 126 -79.84 -21.50 56.49
C CYS RD 126 -79.00 -22.69 56.27
N HIS RD 127 -79.69 -23.67 55.70
CA HIS RD 127 -79.14 -24.93 55.39
C HIS RD 127 -77.96 -24.66 54.54
N ASN RD 128 -78.17 -23.95 53.40
CA ASN RD 128 -77.36 -24.13 52.22
C ASN RD 128 -75.90 -24.02 52.57
N ALA RD 129 -75.38 -22.88 53.12
CA ALA RD 129 -76.05 -21.63 53.36
C ALA RD 129 -75.39 -20.68 52.42
N HIS RD 130 -76.12 -19.62 52.06
CA HIS RD 130 -75.63 -18.65 51.13
C HIS RD 130 -74.39 -18.05 51.69
N ASP RD 131 -74.48 -17.67 52.99
CA ASP RD 131 -73.57 -16.90 53.78
C ASP RD 131 -72.26 -17.62 53.90
N GLU RD 132 -72.35 -18.95 54.13
CA GLU RD 132 -71.29 -19.82 54.55
C GLU RD 132 -70.22 -19.84 53.49
N ASP RD 133 -70.64 -19.72 52.21
CA ASP RD 133 -69.78 -19.75 51.06
C ASP RD 133 -68.83 -18.57 51.12
N PRO RD 134 -67.60 -18.87 50.81
CA PRO RD 134 -66.46 -18.12 51.27
C PRO RD 134 -66.31 -16.79 50.61
N ASP RD 135 -66.94 -16.66 49.42
CA ASP RD 135 -66.86 -15.60 48.45
C ASP RD 135 -67.47 -14.35 48.96
N VAL RD 136 -68.63 -14.46 49.63
CA VAL RD 136 -69.27 -13.32 50.21
C VAL RD 136 -68.60 -12.94 51.48
N CYS RD 137 -68.22 -13.93 52.31
CA CYS RD 137 -67.89 -13.67 53.67
C CYS RD 137 -66.57 -12.96 53.73
N ASP RD 138 -65.81 -13.06 52.62
CA ASP RD 138 -64.41 -12.76 52.49
C ASP RD 138 -64.13 -11.40 53.02
N THR RD 139 -63.30 -11.38 54.06
CA THR RD 139 -63.12 -10.26 54.91
C THR RD 139 -62.46 -9.17 54.14
N SER RD 140 -61.47 -9.55 53.31
CA SER RD 140 -60.46 -8.64 52.91
C SER RD 140 -61.05 -7.47 52.21
N VAL RD 141 -61.88 -7.71 51.18
CA VAL RD 141 -62.32 -6.63 50.32
C VAL RD 141 -63.01 -5.64 51.20
N VAL RD 142 -63.82 -6.16 52.14
CA VAL RD 142 -64.73 -5.40 52.95
C VAL RD 142 -63.97 -4.49 53.83
N LYS RD 143 -62.75 -4.92 54.20
CA LYS RD 143 -62.06 -4.50 55.39
C LYS RD 143 -61.81 -3.04 55.33
N ALA RD 144 -61.96 -2.34 56.47
CA ALA RD 144 -61.79 -0.94 56.41
C ALA RD 144 -60.36 -0.64 56.55
N GLY RD 145 -60.11 0.67 56.81
CA GLY RD 145 -58.81 1.25 56.80
C GLY RD 145 -58.64 1.92 55.49
N ASN RD 146 -59.68 1.82 54.63
CA ASN RD 146 -59.56 2.42 53.34
C ASN RD 146 -59.78 3.91 53.46
N VAL RD 147 -59.23 4.72 52.52
CA VAL RD 147 -59.57 6.11 52.34
C VAL RD 147 -60.46 6.29 51.12
N PHE RD 148 -61.56 7.01 51.30
CA PHE RD 148 -62.48 7.27 50.21
C PHE RD 148 -62.59 8.76 49.96
N SER RD 149 -62.46 9.16 48.70
CA SER RD 149 -62.55 10.57 48.34
C SER RD 149 -63.59 10.69 47.26
N GLY RD 150 -63.95 11.93 46.94
CA GLY RD 150 -64.94 12.16 45.91
C GLY RD 150 -65.54 13.53 46.07
N THR RD 151 -66.31 13.93 45.06
CA THR RD 151 -66.93 15.23 45.09
C THR RD 151 -68.30 15.22 45.76
N SER RD 152 -68.50 16.20 46.62
CA SER RD 152 -69.74 16.35 47.37
C SER RD 152 -70.49 17.53 46.77
N THR RD 153 -71.53 17.23 46.00
CA THR RD 153 -72.36 18.27 45.40
C THR RD 153 -73.46 18.55 46.41
N TRP RD 154 -73.61 19.81 46.79
CA TRP RD 154 -74.63 20.18 47.76
C TRP RD 154 -75.92 20.72 47.16
N HIS RD 155 -77.02 20.35 47.84
CA HIS RD 155 -78.24 21.10 47.82
C HIS RD 155 -77.94 22.41 48.46
N GLY RD 156 -76.90 22.45 49.30
CA GLY RD 156 -76.50 23.69 49.89
C GLY RD 156 -77.28 23.89 51.14
N CYS RD 157 -77.34 22.86 51.99
CA CYS RD 157 -77.63 23.15 53.36
C CYS RD 157 -76.46 23.87 53.95
N LEU RD 158 -75.26 23.56 53.47
CA LEU RD 158 -74.10 24.26 53.90
C LEU RD 158 -73.90 25.39 52.96
N ALA RD 159 -73.30 26.48 53.49
CA ALA RD 159 -73.29 27.73 52.78
C ALA RD 159 -72.59 27.48 51.48
N ARG RD 160 -71.50 26.69 51.58
CA ARG RD 160 -70.22 26.63 50.87
C ARG RD 160 -70.26 25.83 49.60
N GLU RD 161 -69.45 26.26 48.59
CA GLU RD 161 -69.48 25.88 47.21
C GLU RD 161 -69.14 24.40 47.06
N ASP RD 162 -69.29 23.80 45.86
CA ASP RD 162 -69.11 22.37 45.87
C ASP RD 162 -67.67 22.08 46.12
N HIS RD 163 -67.39 20.81 46.42
CA HIS RD 163 -66.07 20.56 46.98
C HIS RD 163 -65.86 19.08 47.11
N VAL RD 164 -64.74 18.68 47.70
CA VAL RD 164 -64.43 17.28 47.88
C VAL RD 164 -64.47 16.87 49.34
N THR RD 165 -64.84 15.62 49.60
CA THR RD 165 -64.88 15.08 50.95
C THR RD 165 -63.93 13.91 50.96
N ARG RD 166 -63.33 13.63 52.11
CA ARG RD 166 -62.38 12.54 52.19
C ARG RD 166 -62.62 11.71 53.43
N ILE RD 167 -63.39 10.65 53.27
CA ILE RD 167 -63.70 9.76 54.38
C ILE RD 167 -62.59 8.74 54.53
N THR RD 168 -61.99 8.68 55.70
CA THR RD 168 -60.91 7.74 55.95
C THR RD 168 -61.13 7.00 57.27
N ILE RD 169 -61.23 5.67 57.18
CA ILE RD 169 -61.47 4.85 58.34
C ILE RD 169 -60.32 4.87 59.33
N THR RD 170 -60.60 5.34 60.53
CA THR RD 170 -59.60 5.41 61.59
C THR RD 170 -59.38 4.04 62.24
N ALA RD 171 -60.45 3.47 62.82
CA ALA RD 171 -60.38 2.16 63.50
C ALA RD 171 -61.60 1.30 63.20
N SER RD 172 -61.56 0.04 63.61
CA SER RD 172 -62.67 -0.89 63.35
C SER RD 172 -62.71 -2.12 64.24
N LYS RD 173 -63.60 -2.15 65.23
CA LYS RD 173 -63.75 -3.29 66.12
C LYS RD 173 -64.89 -4.19 65.63
N ARG RD 174 -64.82 -5.46 66.06
CA ARG RD 174 -65.90 -6.37 65.96
C ARG RD 174 -65.62 -7.39 67.00
N ARG RD 175 -66.07 -8.62 66.79
CA ARG RD 175 -65.47 -9.63 67.58
C ARG RD 175 -64.23 -10.03 66.86
N LYS RD 176 -63.73 -11.24 67.15
CA LYS RD 176 -62.63 -11.75 66.41
C LYS RD 176 -63.09 -12.07 65.02
N PHE RD 177 -64.32 -12.63 64.88
CA PHE RD 177 -64.83 -13.18 63.64
C PHE RD 177 -65.20 -12.14 62.66
N PHE RD 178 -65.70 -11.02 63.19
CA PHE RD 178 -67.09 -10.94 63.50
C PHE RD 178 -67.72 -10.32 62.29
N THR RD 179 -68.52 -11.09 61.53
CA THR RD 179 -68.82 -10.58 60.22
C THR RD 179 -69.81 -9.46 60.23
N ALA RD 180 -70.94 -9.59 60.96
CA ALA RD 180 -72.17 -9.01 60.50
C ALA RD 180 -71.97 -7.56 60.41
N ARG RD 181 -71.48 -7.09 61.57
CA ARG RD 181 -71.48 -5.74 62.02
C ARG RD 181 -70.07 -5.43 62.30
N ILE RD 182 -69.73 -4.22 61.90
CA ILE RD 182 -68.37 -3.74 62.06
C ILE RD 182 -68.47 -2.33 62.65
N TRP RD 183 -68.07 -2.16 63.90
CA TRP RD 183 -68.13 -0.86 64.50
C TRP RD 183 -66.87 -0.14 64.09
N LEU RD 184 -66.97 1.15 63.79
CA LEU RD 184 -65.78 1.86 63.37
C LEU RD 184 -65.74 3.36 63.61
N ARG RD 185 -64.52 3.89 63.69
CA ARG RD 185 -64.28 5.31 63.87
C ARG RD 185 -63.64 5.75 62.56
N ALA RD 186 -63.87 7.00 62.17
CA ALA RD 186 -63.30 7.49 60.93
C ALA RD 186 -63.14 8.99 60.93
N LEU RD 187 -62.36 9.48 59.98
CA LEU RD 187 -62.07 10.89 59.87
C LEU RD 187 -62.61 11.48 58.59
N VAL RD 188 -63.50 12.46 58.72
CA VAL RD 188 -64.09 13.06 57.55
C VAL RD 188 -63.52 14.45 57.33
N GLU RD 189 -62.90 14.67 56.17
CA GLU RD 189 -62.31 15.97 55.85
C GLU RD 189 -63.00 16.53 54.62
N SER RD 190 -62.99 17.86 54.56
CA SER RD 190 -63.32 18.47 53.34
C SER RD 190 -62.30 19.51 53.09
N GLU RD 191 -62.12 19.75 51.81
CA GLU RD 191 -61.25 20.81 51.33
C GLU RD 191 -62.08 21.96 50.76
N LEU RD 192 -62.39 22.93 51.60
CA LEU RD 192 -63.18 24.08 51.18
C LEU RD 192 -62.46 25.39 51.41
N GLU RD 193 -62.81 26.40 50.61
CA GLU RD 193 -62.20 27.71 50.73
C GLU RD 193 -63.03 28.65 51.60
N ARG RD 194 -62.34 29.26 52.64
CA ARG RD 194 -62.83 30.31 53.48
C ARG RD 194 -62.30 31.54 52.84
N HIS RD 195 -62.58 32.71 53.44
CA HIS RD 195 -61.95 33.91 53.00
C HIS RD 195 -60.51 33.86 53.40
N GLY RD 196 -59.61 33.98 52.41
CA GLY RD 196 -58.27 33.55 52.63
C GLY RD 196 -58.15 32.24 51.91
N GLU RD 197 -57.08 31.50 52.23
CA GLU RD 197 -56.66 30.37 51.46
C GLU RD 197 -57.47 29.19 51.82
N ASN RD 198 -57.17 28.09 51.05
CA ASN RD 198 -57.64 26.72 51.23
C ASN RD 198 -57.52 26.24 52.67
N VAL RD 199 -58.65 25.79 53.23
CA VAL RD 199 -58.70 25.26 54.60
C VAL RD 199 -59.19 23.83 54.52
N THR RD 200 -59.22 23.14 55.65
CA THR RD 200 -59.69 21.77 55.68
C THR RD 200 -60.50 21.50 56.92
N SER RD 201 -61.73 21.10 56.71
CA SER RD 201 -62.63 20.88 57.81
C SER RD 201 -62.65 19.41 58.01
N SER RD 202 -62.14 19.04 59.19
CA SER RD 202 -62.08 17.67 59.55
C SER RD 202 -62.89 17.58 60.79
N PHE RD 203 -63.76 16.57 60.83
CA PHE RD 203 -64.31 16.12 62.10
C PHE RD 203 -64.17 14.60 62.27
N ASN RD 204 -64.15 14.17 63.52
CA ASN RD 204 -64.00 12.76 63.82
C ASN RD 204 -65.38 12.13 63.87
N ALA RD 205 -65.50 10.90 63.41
CA ALA RD 205 -66.78 10.21 63.39
C ALA RD 205 -66.71 8.82 63.93
N LYS RD 206 -67.87 8.33 64.38
CA LYS RD 206 -68.03 6.97 64.90
C LYS RD 206 -69.25 6.40 64.20
N GLY RD 207 -69.26 5.09 64.00
CA GLY RD 207 -70.39 4.48 63.32
C GLY RD 207 -70.24 2.99 63.13
N TYR RD 208 -70.92 2.47 62.12
CA TYR RD 208 -70.88 1.04 61.85
C TYR RD 208 -71.07 0.70 60.37
N TYR RD 209 -70.74 -0.54 60.02
CA TYR RD 209 -70.89 -1.04 58.66
C TYR RD 209 -71.78 -2.25 58.75
N ASN RD 210 -72.79 -2.29 57.89
CA ASN RD 210 -73.75 -3.38 57.87
C ASN RD 210 -73.61 -4.17 56.59
N PHE RD 211 -73.14 -5.40 56.86
CA PHE RD 211 -72.65 -6.34 55.93
C PHE RD 211 -73.77 -6.47 55.01
N ALA RD 212 -74.91 -6.81 55.60
CA ALA RD 212 -76.03 -6.98 54.76
C ALA RD 212 -76.43 -5.64 54.21
N SER RD 213 -76.43 -4.57 55.01
CA SER RD 213 -77.05 -3.35 54.57
C SER RD 213 -76.34 -2.87 53.34
N ARG RD 214 -75.06 -3.29 53.23
CA ARG RD 214 -74.08 -2.67 52.37
C ARG RD 214 -74.14 -1.21 52.65
N ARG RD 215 -74.01 -0.84 53.93
CA ARG RD 215 -74.15 0.56 54.32
C ARG RD 215 -73.11 0.88 55.35
N LEU RD 216 -72.58 2.09 55.26
CA LEU RD 216 -71.56 2.54 56.17
C LEU RD 216 -72.16 3.81 56.76
N ILE RD 217 -72.41 3.85 58.07
CA ILE RD 217 -72.96 5.07 58.65
C ILE RD 217 -71.94 5.72 59.56
N LEU RD 218 -71.66 6.99 59.31
CA LEU RD 218 -70.69 7.71 60.11
C LEU RD 218 -71.31 8.94 60.73
N LEU RD 219 -71.38 8.94 62.06
CA LEU RD 219 -71.94 10.05 62.81
C LEU RD 219 -70.80 10.80 63.46
N PRO RD 220 -71.01 12.08 63.72
CA PRO RD 220 -69.97 12.90 64.34
C PRO RD 220 -69.76 12.50 65.81
N THR RD 221 -68.55 12.70 66.33
CA THR RD 221 -68.43 12.51 67.71
C THR RD 221 -68.81 13.78 68.39
N ASP RD 222 -68.23 14.07 69.59
CA ASP RD 222 -68.58 15.26 70.30
C ASP RD 222 -67.51 16.25 70.10
N ASP RD 223 -67.98 17.11 69.23
CA ASP RD 223 -67.36 18.10 68.45
C ASP RD 223 -68.31 19.22 68.73
N HIS RD 224 -67.85 20.46 68.65
CA HIS RD 224 -68.76 21.56 68.68
C HIS RD 224 -69.36 21.81 67.32
N ASP RD 225 -68.63 21.38 66.28
CA ASP RD 225 -68.97 21.60 64.90
C ASP RD 225 -70.24 20.91 64.60
N ASP RD 226 -70.24 19.63 65.06
CA ASP RD 226 -71.18 18.57 64.86
C ASP RD 226 -71.66 18.62 63.44
N HIS RD 227 -70.70 18.38 62.50
CA HIS RD 227 -70.93 18.39 61.10
C HIS RD 227 -71.47 17.08 60.67
N LEU RD 228 -72.39 17.18 59.71
CA LEU RD 228 -73.53 16.34 59.62
C LEU RD 228 -73.03 15.05 59.15
N ALA RD 229 -73.88 14.04 59.35
CA ALA RD 229 -73.47 12.65 59.32
C ALA RD 229 -73.41 12.19 57.88
N VAL RD 230 -72.41 11.38 57.57
CA VAL RD 230 -72.24 10.87 56.21
C VAL RD 230 -72.76 9.45 56.17
N VAL RD 231 -73.26 9.05 55.00
CA VAL RD 231 -73.81 7.72 54.82
C VAL RD 231 -73.48 7.18 53.45
N CYS RD 232 -72.80 6.04 53.42
CA CYS RD 232 -72.42 5.42 52.18
C CYS RD 232 -72.94 4.02 52.00
N SER RD 233 -73.27 3.70 50.75
CA SER RD 233 -73.74 2.37 50.38
C SER RD 233 -72.74 1.89 49.33
N PHE RD 234 -72.46 0.56 49.43
CA PHE RD 234 -71.59 -0.40 48.78
C PHE RD 234 -71.70 -0.51 47.27
N ASN RD 235 -72.87 -1.05 46.85
CA ASN RD 235 -73.39 -1.43 45.57
C ASN RD 235 -73.42 -0.14 44.87
N ARG RD 236 -72.22 0.21 44.47
CA ARG RD 236 -71.70 0.50 43.21
C ARG RD 236 -71.60 -0.79 42.39
N GLY RD 237 -71.18 -1.94 42.98
CA GLY RD 237 -71.03 -3.17 42.22
C GLY RD 237 -69.56 -3.39 42.01
N ASP RD 238 -68.81 -2.28 42.08
CA ASP RD 238 -67.44 -2.32 42.53
C ASP RD 238 -67.61 -2.55 44.00
N ASN RD 239 -66.60 -3.15 44.66
CA ASN RD 239 -66.48 -3.01 46.09
C ASN RD 239 -65.94 -1.69 46.39
N GLU RD 240 -65.11 -1.21 45.46
CA GLU RD 240 -64.24 -0.16 45.88
C GLU RD 240 -65.11 1.00 46.23
N ARG RD 241 -65.96 1.32 45.25
CA ARG RD 241 -66.79 2.50 45.13
C ARG RD 241 -68.06 2.46 45.95
N ALA RD 242 -68.51 3.63 46.38
CA ALA RD 242 -69.73 3.72 47.19
C ALA RD 242 -70.48 5.00 46.90
N GLU RD 243 -71.79 4.97 47.16
CA GLU RD 243 -72.67 6.10 46.93
C GLU RD 243 -72.99 6.65 48.29
N CYS RD 244 -72.65 7.92 48.52
CA CYS RD 244 -72.90 8.54 49.82
C CYS RD 244 -73.81 9.78 49.80
N HIS RD 245 -74.20 10.19 50.99
CA HIS RD 245 -75.05 11.35 51.18
C HIS RD 245 -74.77 11.92 52.54
N ARG RD 246 -74.82 13.24 52.65
CA ARG RD 246 -74.63 13.87 53.94
C ARG RD 246 -76.04 14.01 54.43
N VAL RD 247 -76.30 13.72 55.71
CA VAL RD 247 -77.65 13.81 56.19
C VAL RD 247 -77.77 14.23 57.63
N THR RD 248 -78.95 14.63 58.09
CA THR RD 248 -79.00 14.97 59.47
C THR RD 248 -79.64 13.79 60.12
N GLU RD 249 -79.37 13.56 61.42
CA GLU RD 249 -79.93 12.43 62.13
C GLU RD 249 -81.39 12.62 62.28
N ALA RD 250 -81.72 13.81 62.79
CA ALA RD 250 -83.05 14.04 63.23
C ALA RD 250 -83.94 14.00 62.02
N THR RD 251 -83.56 14.81 61.00
CA THR RD 251 -84.30 15.02 59.77
C THR RD 251 -84.25 13.75 59.01
N LEU RD 252 -83.03 13.23 58.82
CA LEU RD 252 -82.82 12.05 58.06
C LEU RD 252 -83.24 12.32 56.66
N HIS RD 253 -83.04 13.58 56.30
CA HIS RD 253 -83.04 14.03 54.96
C HIS RD 253 -81.67 13.85 54.39
N GLN RD 254 -81.58 13.96 53.05
CA GLN RD 254 -80.37 14.10 52.24
C GLN RD 254 -79.97 15.51 51.86
N CYS RD 255 -78.88 15.99 52.46
CA CYS RD 255 -78.37 17.33 52.19
C CYS RD 255 -77.44 17.39 51.00
N ALA RD 256 -76.77 16.28 50.71
CA ALA RD 256 -75.86 16.26 49.58
C ALA RD 256 -75.52 14.88 49.05
N ASP RD 257 -75.14 14.86 47.77
CA ASP RD 257 -74.77 13.63 47.07
C ASP RD 257 -73.25 13.54 47.03
N LEU RD 258 -72.71 12.37 47.33
CA LEU RD 258 -71.27 12.20 47.34
C LEU RD 258 -70.89 10.80 46.85
N PHE RD 259 -70.22 10.73 45.70
CA PHE RD 259 -69.79 9.44 45.18
C PHE RD 259 -68.28 9.26 45.41
N VAL RD 260 -67.94 8.36 46.33
CA VAL RD 260 -66.56 8.12 46.67
C VAL RD 260 -65.97 6.93 45.98
N THR RD 261 -64.64 6.93 45.98
CA THR RD 261 -63.84 5.89 45.38
C THR RD 261 -62.66 5.65 46.30
N LEU RD 262 -62.31 4.39 46.49
CA LEU RD 262 -61.18 4.05 47.34
C LEU RD 262 -59.89 4.50 46.67
N GLU RD 263 -59.03 5.20 47.41
CA GLU RD 263 -57.82 5.61 46.80
C GLU RD 263 -56.88 4.49 46.95
N GLU RD 264 -55.99 4.30 45.95
CA GLU RD 264 -55.00 3.28 46.05
C GLU RD 264 -54.15 3.57 47.25
N HIS RD 265 -53.78 2.50 47.99
CA HIS RD 265 -52.97 2.56 49.18
C HIS RD 265 -51.57 2.93 48.79
N ASP RD 266 -51.05 2.35 47.70
CA ASP RD 266 -49.75 2.81 47.28
C ASP RD 266 -49.79 4.07 46.42
N GLN SD 26 -14.12 -28.32 12.69
CA GLN SD 26 -14.30 -29.39 13.69
C GLN SD 26 -14.47 -28.76 15.03
N SER SD 27 -13.36 -28.32 15.64
CA SER SD 27 -13.43 -27.65 16.90
C SER SD 27 -14.13 -26.39 16.66
N HIS SD 28 -13.88 -25.87 15.46
CA HIS SD 28 -14.47 -24.62 15.24
C HIS SD 28 -15.95 -24.90 15.20
N ASP SD 29 -16.37 -25.93 14.44
CA ASP SD 29 -17.76 -26.12 14.06
C ASP SD 29 -18.65 -26.35 15.22
N GLU SD 30 -18.20 -27.18 16.16
CA GLU SD 30 -19.08 -27.69 17.18
C GLU SD 30 -19.55 -26.49 17.89
N ILE SD 31 -18.58 -25.57 18.11
CA ILE SD 31 -18.77 -24.28 18.73
C ILE SD 31 -19.93 -23.64 18.05
N ILE SD 32 -19.78 -23.36 16.74
CA ILE SD 32 -20.49 -22.25 16.14
C ILE SD 32 -21.97 -22.44 16.17
N ASP SD 33 -22.42 -23.71 16.09
CA ASP SD 33 -23.79 -24.09 15.94
C ASP SD 33 -24.62 -23.65 17.13
N LYS SD 34 -24.02 -23.60 18.32
CA LYS SD 34 -24.66 -23.57 19.60
C LYS SD 34 -25.65 -22.44 19.68
N LEU SD 35 -25.14 -21.22 19.37
CA LEU SD 35 -25.73 -19.92 19.53
C LEU SD 35 -26.89 -19.64 18.60
N ILE SD 36 -27.01 -20.33 17.45
CA ILE SD 36 -28.12 -20.01 16.60
C ILE SD 36 -29.44 -20.40 17.22
N GLU SD 37 -29.58 -21.67 17.59
CA GLU SD 37 -30.78 -22.42 17.94
C GLU SD 37 -31.28 -21.99 19.31
N ARG SD 38 -30.52 -21.10 19.95
CA ARG SD 38 -30.87 -20.57 21.26
C ARG SD 38 -31.41 -19.15 21.07
N THR SD 39 -30.97 -18.50 19.99
CA THR SD 39 -31.42 -17.15 19.69
C THR SD 39 -32.89 -17.24 19.35
N ASN SD 40 -33.27 -18.31 18.68
CA ASN SD 40 -34.66 -18.52 18.29
C ASN SD 40 -35.47 -19.04 19.47
N LYS SD 41 -34.88 -19.94 20.24
CA LYS SD 41 -35.56 -20.51 21.40
C LYS SD 41 -36.05 -19.42 22.36
N ILE SD 42 -35.57 -18.20 22.16
CA ILE SD 42 -35.99 -17.08 23.00
C ILE SD 42 -36.89 -16.17 22.18
N THR SD 43 -36.53 -15.97 20.91
CA THR SD 43 -37.32 -15.13 20.02
C THR SD 43 -38.75 -15.64 20.01
N THR SD 44 -38.94 -16.86 20.50
CA THR SD 44 -40.27 -17.45 20.57
C THR SD 44 -40.92 -17.02 21.88
N SER SD 45 -40.24 -17.30 22.99
CA SER SD 45 -40.75 -16.93 24.30
C SER SD 45 -41.06 -15.45 24.33
N ILE SD 46 -40.39 -14.68 23.47
CA ILE SD 46 -40.63 -13.25 23.41
C ILE SD 46 -41.97 -12.97 22.74
N SER SD 47 -42.09 -13.29 21.46
CA SER SD 47 -43.33 -13.06 20.74
C SER SD 47 -44.49 -13.80 21.40
N HIS SD 48 -44.18 -14.80 22.19
CA HIS SD 48 -45.21 -15.56 22.91
C HIS SD 48 -45.92 -14.62 23.89
N VAL SD 49 -45.12 -13.81 24.59
CA VAL SD 49 -45.68 -12.87 25.55
C VAL SD 49 -46.33 -11.72 24.82
N GLU SD 50 -45.64 -11.18 23.81
CA GLU SD 50 -46.16 -10.07 23.02
C GLU SD 50 -47.57 -10.41 22.57
N SER SD 51 -47.88 -11.69 22.54
CA SER SD 51 -49.21 -12.13 22.14
C SER SD 51 -50.13 -11.98 23.34
N LEU SD 52 -49.77 -12.61 24.46
CA LEU SD 52 -50.58 -12.53 25.67
C LEU SD 52 -50.90 -11.10 26.06
N LEU SD 53 -50.00 -10.19 25.71
CA LEU SD 53 -50.19 -8.78 25.99
C LEU SD 53 -51.24 -8.25 25.02
N ASP SD 54 -50.99 -8.43 23.73
CA ASP SD 54 -51.92 -7.97 22.71
C ASP SD 54 -53.33 -8.49 22.99
N ASP SD 55 -53.42 -9.63 23.67
CA ASP SD 55 -54.71 -10.22 24.00
C ASP SD 55 -55.48 -9.40 25.02
N ARG SD 56 -54.78 -8.66 25.85
CA ARG SD 56 -55.45 -7.84 26.85
C ARG SD 56 -55.64 -6.41 26.36
N LEU SD 57 -55.06 -6.09 25.21
CA LEU SD 57 -55.22 -4.76 24.62
C LEU SD 57 -56.10 -4.85 23.39
N ASP SD 58 -56.31 -6.07 22.90
CA ASP SD 58 -56.71 -6.28 21.52
C ASP SD 58 -58.00 -5.54 21.30
N PRO SD 59 -58.09 -4.77 20.23
CA PRO SD 59 -59.13 -3.76 20.05
C PRO SD 59 -60.54 -4.36 19.93
N LYS SD 60 -60.63 -5.51 19.27
CA LYS SD 60 -61.92 -6.17 19.11
C LYS SD 60 -62.51 -6.46 20.48
N ARG SD 61 -61.67 -6.68 21.47
CA ARG SD 61 -62.15 -6.94 22.82
C ARG SD 61 -62.63 -5.62 23.43
N ILE SD 62 -61.86 -4.55 23.21
CA ILE SD 62 -62.18 -3.23 23.72
C ILE SD 62 -63.59 -2.83 23.35
N ARG SD 63 -63.82 -2.56 22.07
CA ARG SD 63 -65.15 -2.16 21.63
C ARG SD 63 -66.20 -3.09 22.17
N LYS SD 64 -66.00 -4.39 22.00
CA LYS SD 64 -66.97 -5.37 22.47
C LYS SD 64 -67.36 -5.14 23.93
N ALA SD 65 -66.37 -4.79 24.75
CA ALA SD 65 -66.64 -4.53 26.16
C ALA SD 65 -67.23 -3.15 26.33
N GLY SD 66 -66.62 -2.17 25.66
CA GLY SD 66 -67.13 -0.81 25.74
C GLY SD 66 -68.58 -0.80 25.32
N SER SD 67 -68.88 -1.58 24.29
CA SER SD 67 -70.25 -1.69 23.79
C SER SD 67 -71.15 -2.08 24.94
N LEU SD 68 -70.73 -3.07 25.72
CA LEU SD 68 -71.50 -3.54 26.87
C LEU SD 68 -71.72 -2.38 27.82
N ARG SD 69 -70.65 -1.63 28.07
CA ARG SD 69 -70.74 -0.48 28.96
C ARG SD 69 -71.91 0.37 28.54
N HIS SD 70 -71.98 0.71 27.25
CA HIS SD 70 -73.05 1.53 26.76
C HIS SD 70 -74.40 1.02 27.21
N ARG SD 71 -74.74 -0.22 26.86
CA ARG SD 71 -76.01 -0.79 27.26
C ARG SD 71 -76.39 -0.40 28.68
N VAL SD 72 -75.39 -0.41 29.55
CA VAL SD 72 -75.58 -0.04 30.95
C VAL SD 72 -75.84 1.46 31.09
N GLU SD 73 -74.99 2.28 30.46
CA GLU SD 73 -75.14 3.74 30.49
C GLU SD 73 -76.58 4.13 30.14
N GLU SD 74 -77.22 3.31 29.33
CA GLU SD 74 -78.59 3.54 28.89
C GLU SD 74 -79.61 3.27 30.01
N LEU SD 75 -79.28 2.34 30.90
CA LEU SD 75 -80.18 2.00 32.01
C LEU SD 75 -80.05 3.00 33.15
N GLU SD 76 -81.60 3.45 33.34
CA GLU SD 76 -81.52 4.21 34.56
C GLU SD 76 -81.87 5.64 34.29
N ASP SD 77 -82.15 6.36 35.41
CA ASP SD 77 -82.30 7.79 35.42
C ASP SD 77 -80.96 8.35 35.59
N PRO SD 78 -80.75 9.06 34.55
CA PRO SD 78 -79.48 9.30 34.01
C PRO SD 78 -78.82 10.33 34.81
N SER SD 79 -77.51 10.08 34.96
CA SER SD 79 -76.60 10.95 35.58
C SER SD 79 -76.85 12.27 34.91
N CYS SD 80 -76.50 12.38 33.63
CA CYS SD 80 -76.36 13.72 33.10
C CYS SD 80 -77.70 14.17 32.61
N ASP SD 81 -77.86 15.31 31.89
CA ASP SD 81 -79.22 15.42 31.44
C ASP SD 81 -79.35 14.74 30.14
N GLU SD 82 -80.58 14.80 29.57
CA GLU SD 82 -80.76 14.52 28.18
C GLU SD 82 -79.89 15.53 27.53
N HIS SD 83 -80.09 16.82 27.87
CA HIS SD 83 -79.31 17.84 27.24
C HIS SD 83 -77.91 17.67 27.67
N GLU SD 84 -77.71 17.41 28.96
CA GLU SD 84 -76.34 17.49 29.45
C GLU SD 84 -75.53 16.23 29.14
N HIS SD 85 -74.21 16.38 29.05
CA HIS SD 85 -73.33 15.27 28.71
C HIS SD 85 -72.54 14.82 29.93
N GLN SD 86 -72.55 13.51 30.16
CA GLN SD 86 -71.85 12.95 31.30
C GLN SD 86 -70.40 12.67 30.94
N CYS SD 87 -69.40 13.34 31.66
CA CYS SD 87 -68.05 13.39 31.20
C CYS SD 87 -67.50 12.02 31.36
N GLY SD 88 -68.12 11.26 32.27
CA GLY SD 88 -67.43 10.24 32.98
C GLY SD 88 -67.45 10.70 34.40
N GLY SD 89 -66.97 9.81 35.29
CA GLY SD 89 -66.55 8.55 34.77
C GLY SD 89 -66.08 7.72 35.90
N ASP SD 90 -64.99 8.16 36.53
CA ASP SD 90 -64.71 8.00 37.93
C ASP SD 90 -65.51 8.99 38.73
N ASP SD 91 -65.37 10.28 38.38
CA ASP SD 91 -66.14 11.27 39.06
C ASP SD 91 -67.00 11.82 38.00
N PRO SD 92 -68.27 11.85 38.24
CA PRO SD 92 -69.17 12.41 37.31
C PRO SD 92 -69.04 13.86 37.40
N GLN SD 93 -69.62 14.48 36.35
CA GLN SD 93 -69.61 15.85 36.03
C GLN SD 93 -70.54 15.92 34.88
N CYS SD 94 -71.44 16.90 34.92
CA CYS SD 94 -72.38 17.17 33.84
C CYS SD 94 -72.11 18.51 33.14
N ILE SD 95 -71.95 18.49 31.82
CA ILE SD 95 -71.74 19.72 31.06
C ILE SD 95 -72.74 19.71 29.94
N SER SD 96 -73.03 20.87 29.37
CA SER SD 96 -73.99 20.92 28.28
C SER SD 96 -73.56 20.21 27.00
N LYS SD 97 -74.59 19.65 26.34
CA LYS SD 97 -74.30 19.18 25.03
C LYS SD 97 -73.84 20.34 24.19
N LEU SD 98 -74.33 21.57 24.43
CA LEU SD 98 -73.85 22.64 23.58
C LEU SD 98 -72.41 22.89 23.92
N PHE SD 99 -72.15 22.67 25.20
CA PHE SD 99 -71.09 23.12 26.05
C PHE SD 99 -69.71 22.55 25.83
N VAL SD 100 -69.59 21.20 25.77
CA VAL SD 100 -68.49 20.60 25.05
C VAL SD 100 -68.92 20.95 23.66
N CYS SD 101 -68.07 21.07 22.62
CA CYS SD 101 -66.64 20.99 22.50
C CYS SD 101 -66.18 22.37 22.12
N ASP SD 102 -66.28 23.23 23.13
CA ASP SD 102 -66.02 24.64 23.11
C ASP SD 102 -64.64 24.81 22.59
N GLY SD 103 -63.72 23.97 23.07
CA GLY SD 103 -62.34 24.15 22.80
C GLY SD 103 -61.73 24.52 24.10
N HIS SD 104 -62.50 25.19 24.99
CA HIS SD 104 -62.08 25.10 26.35
C HIS SD 104 -62.41 23.72 26.77
N ASN SD 105 -61.68 23.24 27.79
CA ASN SD 105 -61.92 21.95 28.36
C ASN SD 105 -62.84 22.16 29.50
N ASP SD 106 -63.99 21.48 29.37
CA ASP SD 106 -64.91 21.04 30.38
C ASP SD 106 -64.16 20.09 31.28
N CYS SD 107 -63.58 19.01 30.70
CA CYS SD 107 -63.34 17.83 31.47
C CYS SD 107 -61.93 17.74 31.91
N ARG SD 108 -61.81 17.39 33.21
CA ARG SD 108 -60.57 16.98 33.81
C ARG SD 108 -60.16 15.91 32.90
N ASN SD 109 -61.15 15.04 32.70
CA ASN SD 109 -61.08 13.81 32.02
C ASN SD 109 -60.55 14.19 30.67
N GLY SD 110 -61.21 15.19 30.03
CA GLY SD 110 -60.77 15.64 28.75
C GLY SD 110 -61.54 14.97 27.66
N GLU SD 111 -62.79 14.54 27.98
CA GLU SD 111 -63.65 13.91 26.97
C GLU SD 111 -63.90 14.83 25.78
N ASP SD 112 -64.27 16.07 26.09
CA ASP SD 112 -64.56 17.06 25.07
C ASP SD 112 -63.45 17.21 24.05
N GLU SD 113 -62.38 16.43 24.17
CA GLU SD 113 -61.28 16.56 23.25
C GLU SD 113 -60.52 15.31 22.95
N LYS SD 114 -60.78 14.21 23.64
CA LYS SD 114 -60.01 13.01 23.36
C LYS SD 114 -60.61 12.04 22.33
N ASP SD 115 -61.98 12.16 22.14
CA ASP SD 115 -62.70 11.27 21.31
C ASP SD 115 -62.34 11.70 19.94
N CYS SD 116 -61.39 10.94 19.39
CA CYS SD 116 -60.55 11.42 18.36
C CYS SD 116 -61.35 11.61 17.12
N THR SD 117 -62.45 10.85 16.96
CA THR SD 117 -63.04 10.73 15.67
C THR SD 117 -64.42 11.27 15.63
N LEU SD 118 -64.63 12.04 14.55
CA LEU SD 118 -65.91 12.52 14.14
C LEU SD 118 -66.62 11.44 13.42
N PRO SD 119 -67.75 11.13 14.01
CA PRO SD 119 -68.62 10.11 13.49
C PRO SD 119 -68.97 10.44 12.07
N THR SD 120 -69.01 11.74 11.70
CA THR SD 120 -69.69 12.11 10.50
C THR SD 120 -68.75 12.23 9.34
N LYS SD 121 -68.81 11.23 8.44
CA LYS SD 121 -68.12 11.45 7.22
C LYS SD 121 -69.12 11.82 6.24
N ALA SD 122 -68.66 11.66 5.02
CA ALA SD 122 -69.06 12.47 3.97
C ALA SD 122 -69.11 11.48 2.88
N GLY SD 123 -70.08 11.62 1.99
CA GLY SD 123 -70.07 10.79 0.84
C GLY SD 123 -70.80 9.51 1.12
N ASP SD 124 -71.12 9.20 2.40
CA ASP SD 124 -71.68 7.93 2.76
C ASP SD 124 -73.04 7.81 2.19
N LYS SD 125 -73.39 6.58 1.80
CA LYS SD 125 -74.78 6.29 1.47
C LYS SD 125 -75.34 5.32 2.49
N PHE SD 126 -76.60 5.52 2.87
CA PHE SD 126 -77.27 4.66 3.84
C PHE SD 126 -78.60 4.18 3.31
N ILE SD 127 -78.82 2.89 3.37
CA ILE SD 127 -80.06 2.29 2.90
C ILE SD 127 -80.98 1.97 4.07
N GLY SD 128 -82.19 2.52 4.04
CA GLY SD 128 -83.11 2.25 5.12
C GLY SD 128 -84.18 1.26 4.75
N ASP SD 129 -84.44 0.31 5.65
CA ASP SD 129 -85.47 -0.68 5.44
C ASP SD 129 -86.64 -0.25 6.33
N VAL SD 130 -87.81 -0.04 5.72
CA VAL SD 130 -88.98 0.40 6.45
C VAL SD 130 -89.42 -0.70 7.39
N CYS SD 131 -90.26 -0.36 8.34
CA CYS SD 131 -90.76 -1.35 9.27
C CYS SD 131 -91.94 -0.80 10.05
N PHE SD 132 -92.37 0.42 9.71
CA PHE SD 132 -93.44 1.07 10.42
C PHE SD 132 -93.56 2.44 9.76
N ASP SD 133 -94.52 2.55 8.85
CA ASP SD 133 -94.71 3.79 8.13
C ASP SD 133 -96.16 4.24 8.14
N HIS SD 134 -96.53 5.14 9.10
CA HIS SD 134 -97.88 5.64 9.13
C HIS SD 134 -97.86 6.69 8.10
N CYS SD 135 -96.62 7.15 7.96
CA CYS SD 135 -96.28 8.49 7.63
C CYS SD 135 -96.50 8.86 6.19
N THR SD 136 -96.07 8.01 5.25
CA THR SD 136 -96.22 8.35 3.85
C THR SD 136 -97.45 7.64 3.37
N LYS SD 137 -97.99 7.95 2.17
CA LYS SD 137 -99.08 7.22 1.57
C LYS SD 137 -98.60 5.93 1.02
N ARG SD 138 -97.48 5.98 0.25
CA ARG SD 138 -97.02 4.82 -0.48
C ARG SD 138 -96.42 3.81 0.44
N ARG SD 139 -95.80 4.27 1.56
CA ARG SD 139 -94.94 3.47 2.39
C ARG SD 139 -93.88 2.83 1.56
N PRO SD 140 -92.68 3.25 1.60
CA PRO SD 140 -91.93 2.53 0.64
C PRO SD 140 -91.22 1.40 1.31
N GLU SD 141 -90.76 0.44 0.50
CA GLU SD 141 -90.01 -0.67 0.99
C GLU SD 141 -88.77 -0.11 1.59
N HIS SD 142 -88.11 0.78 0.78
CA HIS SD 142 -86.78 1.20 1.16
C HIS SD 142 -86.69 2.71 1.11
N MET SD 143 -85.49 3.22 1.30
CA MET SD 143 -85.29 4.65 1.29
C MET SD 143 -83.80 4.92 1.41
N THR SD 144 -83.16 5.32 0.32
CA THR SD 144 -81.74 5.62 0.32
C THR SD 144 -81.45 7.04 0.82
N LEU SD 145 -80.35 7.17 1.55
CA LEU SD 145 -79.96 8.45 2.13
C LEU SD 145 -78.55 8.80 1.72
N ALA SD 146 -78.40 9.62 0.68
CA ALA SD 146 -77.08 10.01 0.20
C ALA SD 146 -76.58 11.31 0.79
N PHE SD 147 -75.36 11.29 1.30
CA PHE SD 147 -74.77 12.49 1.88
C PHE SD 147 -73.92 13.21 0.86
N GLU SD 148 -74.39 14.36 0.39
CA GLU SD 148 -73.67 15.13 -0.61
C GLU SD 148 -72.46 15.86 -0.02
N SER SD 149 -72.69 16.81 0.88
CA SER SD 149 -71.58 17.56 1.48
C SER SD 149 -71.66 17.62 3.00
N SER SD 150 -70.53 17.96 3.64
CA SER SD 150 -70.48 18.05 5.09
C SER SD 150 -69.33 18.95 5.47
N SER SD 151 -69.62 20.01 6.21
CA SER SD 151 -68.57 20.93 6.66
C SER SD 151 -68.74 21.35 8.12
N ILE SD 152 -67.63 21.43 8.85
CA ILE SD 152 -67.68 21.82 10.25
C ILE SD 152 -67.09 23.21 10.43
N ALA SD 153 -67.78 23.99 11.27
CA ALA SD 153 -67.25 25.30 11.43
C ALA SD 153 -66.04 25.32 12.32
N ALA SD 154 -65.16 26.27 11.98
CA ALA SD 154 -63.79 26.05 12.31
C ALA SD 154 -63.62 26.11 13.82
N PHE SD 155 -64.49 26.93 14.41
CA PHE SD 155 -64.69 27.19 15.78
C PHE SD 155 -65.56 26.14 16.42
N PHE SD 156 -66.53 25.59 15.67
CA PHE SD 156 -67.35 24.66 16.37
C PHE SD 156 -66.95 23.30 16.02
N THR SD 157 -66.42 22.58 17.03
CA THR SD 157 -66.56 21.16 16.91
C THR SD 157 -68.02 20.78 16.94
N PRO SD 158 -68.87 21.16 17.88
CA PRO SD 158 -69.90 20.27 18.35
C PRO SD 158 -70.85 19.88 17.28
N ILE SD 159 -71.02 20.75 16.29
CA ILE SD 159 -72.04 20.51 15.28
C ILE SD 159 -71.49 20.55 13.87
N ALA SD 160 -71.75 19.49 13.11
CA ALA SD 160 -71.29 19.42 11.73
C ALA SD 160 -72.52 19.54 10.84
N ASP SD 161 -72.49 20.49 9.92
CA ASP SD 161 -73.61 20.71 9.01
C ASP SD 161 -73.56 19.81 7.77
N LEU SD 162 -74.71 19.24 7.41
CA LEU SD 162 -74.79 18.33 6.27
C LEU SD 162 -75.80 18.74 5.22
N HIS SD 163 -75.59 18.23 3.99
CA HIS SD 163 -76.50 18.46 2.86
C HIS SD 163 -76.75 17.04 2.37
N VAL SD 164 -78.02 16.65 2.37
CA VAL SD 164 -78.39 15.28 1.98
C VAL SD 164 -79.53 15.17 0.98
N HIS SD 165 -79.43 14.14 0.14
CA HIS SD 165 -80.45 13.84 -0.85
C HIS SD 165 -81.12 12.56 -0.39
N ILE SD 166 -82.43 12.62 -0.18
CA ILE SD 166 -83.20 11.45 0.25
C ILE SD 166 -83.85 10.83 -0.97
N GLU SD 167 -83.31 9.72 -1.44
CA GLU SD 167 -83.82 9.09 -2.64
C GLU SD 167 -84.93 8.09 -2.36
N ILE SD 168 -85.89 7.97 -3.28
CA ILE SD 168 -87.01 7.04 -3.11
C ILE SD 168 -87.52 6.43 -4.39
N GLU SD 169 -87.68 5.11 -4.39
CA GLU SD 169 -88.16 4.36 -5.55
C GLU SD 169 -89.60 3.84 -5.38
N SER SD 170 -90.59 4.67 -5.63
CA SER SD 170 -91.85 4.14 -5.22
C SER SD 170 -92.49 3.57 -6.44
N GLU SD 171 -93.56 2.80 -6.20
CA GLU SD 171 -94.41 2.48 -7.30
C GLU SD 171 -95.68 3.17 -6.98
N THR SD 172 -96.21 3.91 -7.96
CA THR SD 172 -97.45 4.59 -7.78
C THR SD 172 -98.46 3.70 -8.38
N ASP SD 173 -99.75 4.05 -8.20
CA ASP SD 173 -100.72 3.20 -8.77
C ASP SD 173 -100.55 3.22 -10.26
N GLU SD 174 -100.57 4.44 -10.84
CA GLU SD 174 -100.57 4.70 -12.27
C GLU SD 174 -99.26 4.30 -12.89
N ASP SD 175 -98.18 4.90 -12.37
CA ASP SD 175 -96.92 4.72 -13.01
C ASP SD 175 -95.95 4.46 -11.93
N GLU SD 176 -94.68 4.69 -12.26
CA GLU SD 176 -93.68 4.55 -11.27
C GLU SD 176 -93.11 5.92 -11.12
N SER SD 177 -92.74 6.24 -9.88
CA SER SD 177 -92.28 7.54 -9.53
C SER SD 177 -90.98 7.29 -8.89
N GLU SD 178 -90.08 8.29 -9.03
CA GLU SD 178 -88.76 8.22 -8.42
C GLU SD 178 -88.56 9.59 -7.79
N VAL SD 179 -87.89 9.65 -6.64
CA VAL SD 179 -87.68 10.95 -6.00
C VAL SD 179 -86.31 11.08 -5.37
N SER SD 180 -85.81 12.31 -5.34
CA SER SD 180 -84.51 12.60 -4.75
C SER SD 180 -84.56 13.98 -4.10
N MET SD 181 -85.37 14.11 -3.05
CA MET SD 181 -85.53 15.36 -2.34
C MET SD 181 -84.28 15.69 -1.54
N PRO SD 182 -83.79 16.93 -1.67
CA PRO SD 182 -82.60 17.41 -0.98
C PRO SD 182 -82.98 18.18 0.28
N ALA SD 183 -82.16 18.01 1.32
CA ALA SD 183 -82.43 18.69 2.59
C ALA SD 183 -81.16 18.98 3.37
N ASP SD 184 -81.22 20.02 4.19
CA ASP SD 184 -80.10 20.40 5.02
C ASP SD 184 -80.23 19.60 6.31
N GLY SD 185 -79.17 19.62 7.11
CA GLY SD 185 -79.17 18.89 8.37
C GLY SD 185 -77.85 18.97 9.09
N GLU SD 186 -77.86 18.68 10.38
CA GLU SD 186 -76.65 18.72 11.18
C GLU SD 186 -76.47 17.42 11.95
N TYR SD 187 -75.27 17.19 12.44
CA TYR SD 187 -74.98 16.00 13.23
C TYR SD 187 -74.37 16.50 14.50
N SER SD 188 -74.95 16.13 15.64
CA SER SD 188 -74.46 16.57 16.94
C SER SD 188 -73.66 15.50 17.65
N PHE SD 189 -72.64 16.23 18.19
CA PHE SD 189 -71.34 15.72 18.44
C PHE SD 189 -71.58 14.59 19.31
N ALA SD 190 -72.09 14.92 20.50
CA ALA SD 190 -72.32 14.06 21.62
C ALA SD 190 -73.45 13.13 21.39
N ASP SD 191 -74.53 13.66 20.74
CA ASP SD 191 -75.76 12.94 20.59
C ASP SD 191 -75.51 11.80 19.68
N HIS SD 192 -74.61 11.97 18.70
CA HIS SD 192 -74.55 11.07 17.58
C HIS SD 192 -75.86 11.15 16.86
N ARG SD 193 -76.64 12.21 17.10
CA ARG SD 193 -77.95 12.29 16.45
C ARG SD 193 -77.98 13.30 15.31
N LEU SD 194 -78.17 12.80 14.09
CA LEU SD 194 -78.24 13.67 12.93
C LEU SD 194 -79.71 14.01 12.70
N THR SD 195 -79.95 15.31 12.53
CA THR SD 195 -81.30 15.79 12.31
C THR SD 195 -81.32 16.28 10.86
N ILE SD 196 -82.24 15.76 10.06
CA ILE SD 196 -82.32 16.17 8.66
C ILE SD 196 -83.57 16.99 8.50
N HIS SD 197 -83.36 18.31 8.36
CA HIS SD 197 -84.45 19.22 8.32
C HIS SD 197 -85.10 18.95 7.01
N PRO SD 198 -86.38 19.02 7.15
CA PRO SD 198 -87.33 18.53 6.23
C PRO SD 198 -87.16 19.21 4.92
N PRO SD 199 -87.05 18.29 4.03
CA PRO SD 199 -86.91 18.54 2.62
C PRO SD 199 -88.11 19.31 2.18
N GLU SD 200 -89.24 18.89 2.75
CA GLU SD 200 -90.55 19.25 2.36
C GLU SD 200 -90.86 20.58 2.98
N GLU SD 201 -91.85 21.24 2.38
CA GLU SD 201 -92.54 22.30 3.05
C GLU SD 201 -93.23 21.63 4.19
N ASP SD 202 -93.58 20.36 3.98
CA ASP SD 202 -94.54 19.77 4.86
C ASP SD 202 -93.96 19.66 6.24
N GLY SD 203 -92.65 19.39 6.41
CA GLY SD 203 -92.19 19.48 7.77
C GLY SD 203 -92.30 18.15 8.39
N LEU SD 204 -92.40 17.13 7.53
CA LEU SD 204 -91.86 15.81 7.84
C LEU SD 204 -90.36 15.78 7.71
N GLY SD 205 -89.69 15.51 8.83
CA GLY SD 205 -88.23 15.44 8.84
C GLY SD 205 -87.72 14.12 9.41
N LEU SD 206 -86.45 13.83 9.16
CA LEU SD 206 -85.82 12.60 9.63
C LEU SD 206 -84.89 12.89 10.79
N VAL SD 207 -84.90 11.96 11.73
CA VAL SD 207 -84.09 12.06 12.93
C VAL SD 207 -83.54 10.69 13.28
N GLY SD 208 -82.26 10.48 12.96
CA GLY SD 208 -81.64 9.21 13.27
C GLY SD 208 -80.63 9.38 14.38
N GLU SD 209 -80.74 8.58 15.43
CA GLU SD 209 -79.80 8.66 16.54
C GLU SD 209 -78.88 7.45 16.50
N PHE SD 210 -77.58 7.71 16.49
CA PHE SD 210 -76.60 6.63 16.43
C PHE SD 210 -76.36 5.89 17.72
N ASP SD 211 -76.02 4.62 17.58
CA ASP SD 211 -74.95 3.99 18.30
C ASP SD 211 -73.67 4.63 17.82
N GLY SD 212 -73.53 4.81 16.49
CA GLY SD 212 -72.54 5.67 15.87
C GLY SD 212 -71.64 4.89 14.92
N TYR SD 213 -70.42 4.46 15.36
CA TYR SD 213 -69.48 3.66 14.56
C TYR SD 213 -70.16 2.40 14.39
N ASN SD 214 -70.52 1.90 15.58
CA ASN SD 214 -70.96 0.62 15.94
C ASN SD 214 -72.34 0.89 16.47
N PHE SD 215 -73.37 0.91 15.60
CA PHE SD 215 -73.27 0.58 14.23
C PHE SD 215 -73.53 1.79 13.44
N ASP SD 216 -72.97 1.84 12.23
CA ASP SD 216 -73.31 2.89 11.31
C ASP SD 216 -74.77 2.69 11.05
N ARG SD 217 -75.25 1.44 11.20
CA ARG SD 217 -76.66 1.15 11.35
C ARG SD 217 -77.27 2.09 12.38
N PHE SD 218 -78.33 2.80 12.01
CA PHE SD 218 -78.97 3.71 12.94
C PHE SD 218 -80.46 3.69 12.70
N VAL SD 219 -81.27 3.79 13.75
CA VAL SD 219 -82.72 3.79 13.58
C VAL SD 219 -83.13 5.18 13.13
N GLY SD 220 -83.86 5.23 12.03
CA GLY SD 220 -84.29 6.50 11.50
C GLY SD 220 -85.77 6.74 11.67
N HIS SD 221 -86.07 7.72 12.51
CA HIS SD 221 -87.44 8.09 12.80
C HIS SD 221 -87.87 9.27 11.93
N ILE SD 222 -89.01 9.14 11.26
CA ILE SD 222 -89.50 10.23 10.47
C ILE SD 222 -90.50 10.93 11.36
N VAL SD 223 -90.31 12.22 11.59
CA VAL SD 223 -91.18 12.96 12.48
C VAL SD 223 -91.70 14.28 11.93
N HIS SD 224 -92.67 14.85 12.64
CA HIS SD 224 -93.23 16.15 12.29
C HIS SD 224 -92.31 17.09 13.05
N GLU SD 225 -91.51 17.90 12.34
CA GLU SD 225 -90.29 18.45 12.87
C GLU SD 225 -90.61 19.23 14.12
N LEU SD 226 -91.72 19.96 14.10
CA LEU SD 226 -92.17 20.82 15.15
C LEU SD 226 -92.61 20.02 16.35
N SER SD 227 -93.39 18.95 16.09
CA SER SD 227 -94.06 18.15 17.08
C SER SD 227 -93.07 17.29 17.75
N GLU SD 228 -92.12 16.84 16.93
CA GLU SD 228 -91.43 15.64 17.25
C GLU SD 228 -92.39 14.55 17.54
N GLU SD 229 -93.33 14.31 16.60
CA GLU SD 229 -94.07 13.06 16.60
C GLU SD 229 -93.42 12.04 15.70
N VAL SD 230 -93.24 10.85 16.21
CA VAL SD 230 -92.66 9.78 15.41
C VAL SD 230 -93.79 9.15 14.61
N CYS SD 231 -93.57 8.90 13.33
CA CYS SD 231 -94.62 8.29 12.54
C CYS SD 231 -94.07 7.38 11.44
N ALA SD 232 -92.79 7.08 11.54
CA ALA SD 232 -92.13 6.22 10.57
C ALA SD 232 -90.75 5.86 11.07
N GLU SD 233 -90.48 4.56 11.12
CA GLU SD 233 -89.22 4.04 11.59
C GLU SD 233 -88.60 3.22 10.45
N PHE SD 234 -87.31 3.48 10.19
CA PHE SD 234 -86.58 2.75 9.19
C PHE SD 234 -85.25 2.43 9.81
N ILE SD 235 -84.75 1.24 9.54
CA ILE SD 235 -83.43 0.87 10.06
C ILE SD 235 -82.45 1.18 8.94
N PHE SD 236 -81.56 2.12 9.16
CA PHE SD 236 -80.62 2.48 8.12
C PHE SD 236 -79.30 1.75 8.28
N HIS SD 237 -78.82 1.16 7.19
CA HIS SD 237 -77.55 0.45 7.14
C HIS SD 237 -76.63 1.21 6.19
N ARG SD 238 -75.36 1.31 6.56
CA ARG SD 238 -74.40 2.01 5.71
C ARG SD 238 -74.15 1.11 4.51
N LYS SD 239 -74.28 1.62 3.28
CA LYS SD 239 -73.91 0.88 2.09
C LYS SD 239 -72.43 0.98 1.94
N LYS SD 240 -71.72 -0.10 1.64
CA LYS SD 240 -70.32 0.16 1.50
C LYS SD 240 -70.04 0.57 0.06
N HIS TD 20 -8.21 41.93 88.29
CA HIS TD 20 -7.83 40.63 88.88
C HIS TD 20 -8.32 40.56 90.29
N GLU TD 21 -7.38 40.62 91.23
CA GLU TD 21 -7.69 40.55 92.64
C GLU TD 21 -8.51 41.74 93.00
N HIS TD 22 -8.13 42.89 92.40
CA HIS TD 22 -8.65 44.18 92.72
C HIS TD 22 -10.08 44.15 92.43
N CYS TD 23 -10.41 43.70 91.21
CA CYS TD 23 -11.78 43.85 90.87
C CYS TD 23 -12.43 42.61 91.31
N CYS TD 24 -13.55 42.31 90.65
CA CYS TD 24 -14.63 41.64 91.28
C CYS TD 24 -14.46 40.17 91.02
N SER TD 25 -14.08 39.38 92.06
CA SER TD 25 -13.69 37.99 91.93
C SER TD 25 -14.84 37.16 91.45
N GLU TD 26 -14.47 36.04 90.82
CA GLU TD 26 -15.39 34.99 90.43
C GLU TD 26 -16.23 34.53 91.60
N GLU TD 27 -15.59 34.12 92.69
CA GLU TD 27 -16.35 33.66 93.84
C GLU TD 27 -17.26 34.80 94.28
N ASP TD 28 -16.67 35.98 94.43
CA ASP TD 28 -17.42 37.14 94.85
C ASP TD 28 -18.77 37.23 94.14
N HIS TD 29 -18.75 37.45 92.83
CA HIS TD 29 -20.01 37.56 92.12
C HIS TD 29 -20.77 36.26 92.02
N ARG TD 30 -20.08 35.14 91.99
CA ARG TD 30 -20.81 33.88 91.92
C ARG TD 30 -21.76 33.96 93.11
N ILE TD 31 -21.28 34.52 94.21
CA ILE TD 31 -22.08 34.65 95.41
C ILE TD 31 -23.21 35.63 95.17
N VAL TD 32 -22.85 36.84 94.79
CA VAL TD 32 -23.86 37.86 94.55
C VAL TD 32 -24.97 37.26 93.69
N GLN TD 33 -24.61 36.71 92.55
CA GLN TD 33 -25.58 36.12 91.65
C GLN TD 33 -26.51 35.15 92.35
N LYS TD 34 -25.94 34.22 93.12
CA LYS TD 34 -26.74 33.23 93.83
C LYS TD 34 -27.73 33.90 94.79
N GLN TD 35 -27.24 34.86 95.55
CA GLN TD 35 -28.07 35.56 96.54
C GLN TD 35 -29.13 36.43 95.91
N TRP TD 36 -28.84 37.03 94.77
CA TRP TD 36 -29.77 37.90 94.08
C TRP TD 36 -30.89 37.08 93.50
N ASP TD 37 -30.66 35.79 93.34
CA ASP TD 37 -31.69 34.91 92.78
C ASP TD 37 -32.73 34.47 93.81
N ILE TD 38 -32.36 34.49 95.08
CA ILE TD 38 -33.29 34.11 96.13
C ILE TD 38 -34.57 34.92 95.94
N LEU TD 39 -34.42 36.10 95.33
CA LEU TD 39 -35.54 37.00 95.10
C LEU TD 39 -36.57 36.56 94.06
N TRP TD 40 -36.11 36.21 92.86
CA TRP TD 40 -37.01 35.82 91.79
C TRP TD 40 -37.51 34.37 91.80
N ARG TD 41 -37.70 33.80 92.97
CA ARG TD 41 -38.18 32.43 93.05
C ARG TD 41 -39.67 32.37 92.69
N ASP TD 42 -40.43 33.38 93.08
CA ASP TD 42 -41.86 33.39 92.75
C ASP TD 42 -42.17 34.22 91.52
N THR TD 43 -43.14 33.74 90.74
CA THR TD 43 -43.55 34.38 89.50
C THR TD 43 -43.94 35.85 89.57
N GLU TD 44 -44.29 36.35 90.75
CA GLU TD 44 -44.69 37.75 90.86
C GLU TD 44 -43.51 38.69 91.02
N SER TD 45 -42.50 38.51 90.16
CA SER TD 45 -41.31 39.33 90.18
C SER TD 45 -41.66 40.82 90.04
N SER TD 46 -42.60 41.11 89.16
CA SER TD 46 -43.02 42.48 88.92
C SER TD 46 -43.36 43.19 90.22
N LYS TD 47 -44.30 42.64 90.97
CA LYS TD 47 -44.71 43.22 92.23
C LYS TD 47 -43.49 43.51 93.12
N ILE TD 48 -42.53 42.60 93.13
CA ILE TD 48 -41.32 42.76 93.92
C ILE TD 48 -40.44 43.82 93.32
N LYS TD 49 -39.84 43.53 92.16
CA LYS TD 49 -38.97 44.50 91.49
C LYS TD 49 -39.50 45.91 91.63
N ILE TD 50 -40.78 46.10 91.34
CA ILE TD 50 -41.41 47.42 91.46
C ILE TD 50 -41.31 47.94 92.88
N GLY TD 51 -42.03 47.29 93.80
CA GLY TD 51 -41.98 47.71 95.18
C GLY TD 51 -40.57 48.01 95.67
N PHE TD 52 -39.65 47.10 95.42
CA PHE TD 52 -38.27 47.28 95.86
C PHE TD 52 -37.63 48.47 95.16
N GLY TD 53 -37.67 48.49 93.83
CA GLY TD 53 -37.08 49.59 93.09
C GLY TD 53 -37.75 50.90 93.45
N ARG TD 54 -39.04 50.85 93.70
CA ARG TD 54 -39.81 52.03 94.06
C ARG TD 54 -39.20 52.56 95.34
N LEU TD 55 -39.17 51.73 96.36
CA LEU TD 55 -38.61 52.12 97.65
C LEU TD 55 -37.18 52.65 97.49
N LEU TD 56 -36.34 51.92 96.76
CA LEU TD 56 -34.96 52.35 96.57
C LEU TD 56 -34.84 53.77 96.03
N LEU TD 57 -35.61 54.10 95.00
CA LEU TD 57 -35.55 55.44 94.44
C LEU TD 57 -36.13 56.46 95.41
N THR TD 58 -37.26 56.12 96.04
CA THR TD 58 -37.89 56.99 97.02
C THR TD 58 -36.87 57.39 98.08
N LYS TD 59 -36.34 56.39 98.78
CA LYS TD 59 -35.34 56.61 99.82
C LYS TD 59 -34.15 57.41 99.31
N LEU TD 60 -34.02 57.51 97.99
CA LEU TD 60 -32.93 58.31 97.44
C LEU TD 60 -33.38 59.75 97.46
N ALA TD 61 -34.55 60.00 96.90
CA ALA TD 61 -35.11 61.36 96.85
C ALA TD 61 -35.28 61.90 98.26
N LYS TD 62 -35.43 61.00 99.23
CA LYS TD 62 -35.59 61.38 100.62
C LYS TD 62 -34.31 62.03 101.12
N ASP TD 63 -33.18 61.38 100.89
CA ASP TD 63 -31.89 61.90 101.34
C ASP TD 63 -31.31 62.99 100.44
N ILE TD 64 -31.74 63.04 99.18
CA ILE TD 64 -31.27 64.04 98.25
C ILE TD 64 -32.41 64.41 97.32
N PRO TD 65 -33.11 65.51 97.62
CA PRO TD 65 -34.25 66.03 96.87
C PRO TD 65 -34.00 66.52 95.46
N GLU TD 66 -32.82 67.07 95.20
CA GLU TD 66 -32.56 67.56 93.86
C GLU TD 66 -32.78 66.44 92.86
N VAL TD 67 -33.07 65.25 93.39
CA VAL TD 67 -33.33 64.07 92.59
C VAL TD 67 -34.77 64.10 92.08
N ASN TD 68 -35.69 64.42 92.98
CA ASN TD 68 -37.10 64.50 92.64
C ASN TD 68 -37.33 65.18 91.30
N ASP TD 69 -36.51 66.18 90.97
CA ASP TD 69 -36.66 66.90 89.72
C ASP TD 69 -36.16 66.11 88.52
N LEU TD 70 -35.22 65.20 88.76
CA LEU TD 70 -34.67 64.38 87.69
C LEU TD 70 -35.68 63.33 87.28
N PHE TD 71 -36.31 62.71 88.27
CA PHE TD 71 -37.30 61.67 88.05
C PHE TD 71 -38.69 62.27 87.84
N LYS TD 72 -38.73 63.58 87.67
CA LYS TD 72 -39.97 64.28 87.45
C LYS TD 72 -40.59 63.74 86.16
N ARG TD 73 -39.75 63.58 85.15
CA ARG TD 73 -40.14 63.09 83.83
C ARG TD 73 -40.93 61.79 83.91
N VAL TD 74 -40.65 60.97 84.92
CA VAL TD 74 -41.34 59.70 85.07
C VAL TD 74 -42.39 59.71 86.16
N ASP TD 75 -42.89 60.90 86.47
CA ASP TD 75 -43.92 61.06 87.49
C ASP TD 75 -43.56 60.37 88.80
N ILE TD 76 -42.39 60.70 89.35
CA ILE TD 76 -41.96 60.11 90.60
C ILE TD 76 -42.87 60.60 91.70
N GLU TD 77 -43.58 61.68 91.40
CA GLU TD 77 -44.48 62.25 92.36
C GLU TD 77 -45.51 61.19 92.77
N HIS TD 78 -45.88 60.34 91.83
CA HIS TD 78 -46.83 59.27 92.09
C HIS TD 78 -46.11 57.96 92.12
N ALA TD 79 -45.57 57.62 93.28
CA ALA TD 79 -44.83 56.38 93.44
C ALA TD 79 -45.52 55.15 92.86
N GLU TD 80 -46.82 55.02 93.13
CA GLU TD 80 -47.63 53.88 92.66
C GLU TD 80 -48.14 54.11 91.24
N GLY TD 81 -47.92 55.31 90.71
CA GLY TD 81 -48.37 55.62 89.37
C GLY TD 81 -47.65 54.79 88.33
N PRO TD 82 -48.39 54.16 87.43
CA PRO TD 82 -47.75 53.33 86.40
C PRO TD 82 -46.53 54.00 85.79
N LYS TD 83 -46.64 55.29 85.47
CA LYS TD 83 -45.51 56.02 84.89
C LYS TD 83 -44.22 55.69 85.62
N PHE TD 84 -44.26 55.77 86.94
CA PHE TD 84 -43.09 55.50 87.75
C PHE TD 84 -42.86 54.01 87.93
N SER TD 85 -43.93 53.26 88.20
CA SER TD 85 -43.80 51.81 88.39
C SER TD 85 -43.02 51.20 87.23
N ALA TD 86 -43.32 51.64 86.02
CA ALA TD 86 -42.62 51.14 84.84
C ALA TD 86 -41.15 51.44 85.05
N HIS TD 87 -40.85 52.70 85.29
CA HIS TD 87 -39.48 53.14 85.53
C HIS TD 87 -38.83 52.25 86.58
N ALA TD 88 -39.48 52.12 87.72
CA ALA TD 88 -38.96 51.30 88.80
C ALA TD 88 -38.42 50.02 88.23
N LEU TD 89 -39.16 49.42 87.31
CA LEU TD 89 -38.73 48.18 86.68
C LEU TD 89 -37.47 48.43 85.86
N ARG TD 90 -37.59 49.24 84.82
CA ARG TD 90 -36.45 49.53 83.97
C ARG TD 90 -35.14 49.62 84.74
N ILE TD 91 -35.10 50.43 85.78
CA ILE TD 91 -33.87 50.58 86.56
C ILE TD 91 -33.51 49.30 87.28
N LEU TD 92 -34.38 48.89 88.18
CA LEU TD 92 -34.18 47.68 88.95
C LEU TD 92 -33.80 46.54 87.99
N ASN TD 93 -34.45 46.49 86.82
CA ASN TD 93 -34.19 45.45 85.82
C ASN TD 93 -32.82 45.64 85.19
N GLY TD 94 -32.35 46.88 85.15
CA GLY TD 94 -31.05 47.14 84.59
C GLY TD 94 -30.02 46.58 85.54
N LEU TD 95 -30.25 46.79 86.84
CA LEU TD 95 -29.34 46.29 87.84
C LEU TD 95 -29.26 44.79 87.64
N ASP TD 96 -30.40 44.16 87.30
CA ASP TD 96 -30.43 42.72 87.06
C ASP TD 96 -29.41 42.42 85.95
N LEU TD 97 -29.62 43.03 84.80
CA LEU TD 97 -28.73 42.86 83.67
C LEU TD 97 -27.29 42.93 84.14
N ALA TD 98 -26.94 43.98 84.86
CA ALA TD 98 -25.59 44.14 85.35
C ALA TD 98 -25.13 42.90 86.08
N ILE TD 99 -25.89 42.53 87.10
CA ILE TD 99 -25.56 41.35 87.89
C ILE TD 99 -25.45 40.09 87.04
N ASN TD 100 -26.44 39.84 86.19
CA ASN TD 100 -26.41 38.65 85.33
C ASN TD 100 -25.31 38.60 84.26
N LEU TD 101 -24.56 39.69 84.10
CA LEU TD 101 -23.50 39.69 83.13
C LEU TD 101 -22.18 39.74 83.85
N LEU TD 102 -22.23 39.62 85.16
CA LEU TD 102 -21.01 39.67 85.96
C LEU TD 102 -20.01 38.59 85.54
N ASP TD 103 -20.50 37.51 84.96
CA ASP TD 103 -19.60 36.46 84.52
C ASP TD 103 -19.33 36.54 83.03
N ASP TD 104 -18.79 37.67 82.60
CA ASP TD 104 -18.44 37.95 81.19
C ASP TD 104 -18.06 39.41 81.14
N PRO TD 105 -16.96 39.77 81.80
CA PRO TD 105 -16.47 41.14 81.86
C PRO TD 105 -16.63 42.01 80.60
N PRO TD 106 -16.20 41.52 79.43
CA PRO TD 106 -16.33 42.34 78.22
C PRO TD 106 -17.78 42.74 77.93
N ALA TD 107 -18.70 41.79 78.08
CA ALA TD 107 -20.11 42.04 77.85
C ALA TD 107 -20.61 43.00 78.91
N LEU TD 108 -20.41 42.63 80.16
CA LEU TD 108 -20.83 43.47 81.26
C LEU TD 108 -20.33 44.87 81.04
N ASP TD 109 -19.05 44.97 80.69
CA ASP TD 109 -18.44 46.26 80.44
C ASP TD 109 -19.32 47.01 79.45
N ALA TD 110 -19.43 46.49 78.24
CA ALA TD 110 -20.25 47.11 77.22
C ALA TD 110 -21.63 47.48 77.75
N ALA TD 111 -22.29 46.51 78.37
CA ALA TD 111 -23.62 46.71 78.92
C ALA TD 111 -23.71 47.91 79.84
N LEU TD 112 -22.69 48.10 80.67
CA LEU TD 112 -22.64 49.21 81.59
C LEU TD 112 -22.28 50.52 80.90
N ASP TD 113 -21.31 50.47 80.01
CA ASP TD 113 -20.89 51.67 79.30
C ASP TD 113 -22.14 52.28 78.70
N HIS TD 114 -22.95 51.43 78.11
CA HIS TD 114 -24.20 51.86 77.50
C HIS TD 114 -25.02 52.59 78.55
N LEU TD 115 -25.10 52.04 79.75
CA LEU TD 115 -25.86 52.68 80.81
C LEU TD 115 -25.27 54.03 81.18
N ALA TD 116 -23.96 54.16 81.00
CA ALA TD 116 -23.31 55.42 81.31
C ALA TD 116 -23.89 56.48 80.39
N HIS TD 117 -23.85 56.21 79.09
CA HIS TD 117 -24.35 57.12 78.10
C HIS TD 117 -25.82 57.49 78.34
N GLN TD 118 -26.62 56.54 78.80
CA GLN TD 118 -28.02 56.81 79.05
C GLN TD 118 -28.21 57.75 80.23
N HIS TD 119 -27.16 57.93 81.00
CA HIS TD 119 -27.22 58.81 82.16
C HIS TD 119 -26.46 60.09 81.89
N GLU TD 120 -25.51 60.04 80.97
CA GLU TD 120 -24.72 61.20 80.62
C GLU TD 120 -25.59 62.34 80.10
N VAL TD 121 -26.49 62.01 79.17
CA VAL TD 121 -27.37 63.01 78.57
C VAL TD 121 -28.53 63.43 79.46
N ARG TD 122 -28.50 62.99 80.72
CA ARG TD 122 -29.55 63.37 81.64
C ARG TD 122 -28.90 64.33 82.64
N GLU TD 123 -28.85 65.62 82.30
CA GLU TD 123 -28.23 66.59 83.17
C GLU TD 123 -28.94 66.69 84.52
N GLY TD 124 -28.15 66.94 85.57
CA GLY TD 124 -28.69 67.04 86.90
C GLY TD 124 -28.19 65.86 87.73
N VAL TD 125 -27.93 64.75 87.04
CA VAL TD 125 -27.45 63.54 87.66
C VAL TD 125 -25.96 63.65 87.90
N GLN TD 126 -25.56 63.72 89.17
CA GLN TD 126 -24.14 63.82 89.51
C GLN TD 126 -23.67 62.60 90.28
N LYS TD 127 -22.36 62.38 90.29
CA LYS TD 127 -21.77 61.23 90.96
C LYS TD 127 -22.27 61.00 92.38
N ALA TD 128 -22.21 62.03 93.22
CA ALA TD 128 -22.65 61.92 94.61
C ALA TD 128 -23.98 61.18 94.75
N HIS TD 129 -24.79 61.22 93.69
CA HIS TD 129 -26.08 60.54 93.68
C HIS TD 129 -25.87 59.05 93.78
N PHE TD 130 -25.02 58.52 92.91
CA PHE TD 130 -24.76 57.11 92.90
C PHE TD 130 -24.14 56.66 94.21
N LYS TD 131 -23.13 57.39 94.67
CA LYS TD 131 -22.51 57.01 95.93
C LYS TD 131 -23.60 56.77 96.96
N LYS TD 132 -24.57 57.68 97.03
CA LYS TD 132 -25.65 57.55 97.99
C LYS TD 132 -26.52 56.34 97.67
N PHE TD 133 -26.96 56.24 96.42
CA PHE TD 133 -27.80 55.13 96.02
C PHE TD 133 -27.14 53.83 96.39
N GLY TD 134 -25.81 53.81 96.32
CA GLY TD 134 -25.08 52.61 96.67
C GLY TD 134 -25.26 52.28 98.13
N GLU TD 135 -25.03 53.26 98.98
CA GLU TD 135 -25.18 53.07 100.40
C GLU TD 135 -26.60 52.60 100.72
N ILE TD 136 -27.58 53.15 100.01
CA ILE TD 136 -28.98 52.79 100.23
C ILE TD 136 -29.23 51.34 99.84
N LEU TD 137 -28.74 50.99 98.66
CA LEU TD 137 -28.90 49.66 98.11
C LEU TD 137 -28.28 48.64 99.03
N ALA TD 138 -27.16 49.01 99.62
CA ALA TD 138 -26.44 48.12 100.51
C ALA TD 138 -27.16 47.92 101.83
N THR TD 139 -27.99 48.88 102.20
CA THR TD 139 -28.72 48.78 103.45
C THR TD 139 -30.06 48.11 103.19
N GLY TD 140 -30.49 48.14 101.94
CA GLY TD 140 -31.75 47.54 101.59
C GLY TD 140 -31.72 46.06 101.31
N LEU TD 141 -30.83 45.64 100.42
CA LEU TD 141 -30.72 44.23 100.05
C LEU TD 141 -30.84 43.28 101.25
N PRO TD 142 -29.96 43.45 102.25
CA PRO TD 142 -29.99 42.57 103.43
C PRO TD 142 -31.31 42.56 104.17
N GLN TD 143 -32.27 43.36 103.74
CA GLN TD 143 -33.55 43.40 104.39
C GLN TD 143 -34.54 42.46 103.72
N VAL TD 144 -34.25 42.11 102.46
CA VAL TD 144 -35.12 41.21 101.71
C VAL TD 144 -34.44 39.85 101.49
N LEU TD 145 -33.12 39.81 101.61
CA LEU TD 145 -32.40 38.57 101.44
C LEU TD 145 -31.89 38.09 102.79
N ASP TD 146 -32.30 36.89 103.19
CA ASP TD 146 -31.84 36.37 104.47
C ASP TD 146 -30.36 36.04 104.40
N ASP TD 147 -29.89 35.60 103.24
CA ASP TD 147 -28.47 35.28 103.06
C ASP TD 147 -27.83 36.39 102.25
N TYR TD 148 -27.05 37.23 102.91
CA TYR TD 148 -26.38 38.35 102.28
C TYR TD 148 -24.93 38.41 102.69
N ASP TD 149 -24.04 38.59 101.72
CA ASP TD 149 -22.61 38.67 102.02
C ASP TD 149 -22.14 40.08 101.70
N ALA TD 150 -22.31 40.97 102.66
CA ALA TD 150 -21.94 42.38 102.50
C ALA TD 150 -20.64 42.60 101.74
N LEU TD 151 -19.61 41.89 102.12
CA LEU TD 151 -18.32 42.05 101.47
C LEU TD 151 -18.37 41.81 99.98
N ALA TD 152 -18.92 40.68 99.57
CA ALA TD 152 -19.00 40.36 98.16
C ALA TD 152 -19.80 41.42 97.42
N TRP TD 153 -21.01 41.69 97.91
CA TRP TD 153 -21.86 42.67 97.26
C TRP TD 153 -21.23 44.04 97.11
N LYS TD 154 -20.77 44.61 98.21
CA LYS TD 154 -20.16 45.94 98.15
C LYS TD 154 -19.11 45.96 97.06
N SER TD 155 -18.28 44.92 97.01
CA SER TD 155 -17.24 44.81 96.01
C SER TD 155 -17.80 44.95 94.60
N CYS TD 156 -18.83 44.17 94.29
CA CYS TD 156 -19.45 44.19 92.97
C CYS TD 156 -20.28 45.43 92.70
N LEU TD 157 -21.16 45.80 93.62
CA LEU TD 157 -21.98 46.97 93.41
C LEU TD 157 -21.11 48.18 93.10
N LYS TD 158 -19.97 48.27 93.77
CA LYS TD 158 -19.06 49.39 93.55
C LYS TD 158 -18.67 49.42 92.08
N GLY TD 159 -18.06 48.34 91.62
CA GLY TD 159 -17.65 48.26 90.23
C GLY TD 159 -18.74 48.67 89.26
N ILE TD 160 -19.97 48.24 89.54
CA ILE TD 160 -21.10 48.56 88.68
C ILE TD 160 -21.46 50.02 88.72
N LEU TD 161 -21.85 50.49 89.90
CA LEU TD 161 -22.23 51.87 90.07
C LEU TD 161 -21.21 52.83 89.48
N THR TD 162 -19.93 52.56 89.73
CA THR TD 162 -18.87 53.41 89.22
C THR TD 162 -18.91 53.49 87.69
N LYS TD 163 -18.77 52.35 87.04
CA LYS TD 163 -18.76 52.29 85.58
C LYS TD 163 -19.98 52.94 84.97
N ILE TD 164 -21.10 52.95 85.69
CA ILE TD 164 -22.34 53.54 85.16
C ILE TD 164 -22.31 55.05 85.20
N SER TD 165 -21.68 55.60 86.22
CA SER TD 165 -21.63 57.05 86.37
C SER TD 165 -20.36 57.67 85.85
N SER TD 166 -19.51 56.80 85.30
CA SER TD 166 -18.16 57.05 84.87
C SER TD 166 -18.23 58.14 83.88
N ARG TD 167 -19.24 58.02 83.00
CA ARG TD 167 -19.50 59.02 82.00
C ARG TD 167 -20.17 60.14 82.66
N LEU TD 168 -19.53 61.30 82.47
CA LEU TD 168 -19.88 62.57 82.96
C LEU TD 168 -19.87 63.46 81.70
N GLU UD 19 -48.67 49.63 112.51
CA GLU UD 19 -48.88 48.37 111.79
C GLU UD 19 -47.60 47.60 111.67
N CYS UD 20 -47.54 46.84 110.57
CA CYS UD 20 -46.40 46.08 110.18
C CYS UD 20 -45.81 46.82 109.05
N LEU UD 21 -44.71 46.26 108.55
CA LEU UD 21 -44.05 46.81 107.42
C LEU UD 21 -44.28 45.80 106.35
N VAL UD 22 -44.17 46.23 105.08
CA VAL UD 22 -44.36 45.39 103.93
C VAL UD 22 -43.29 44.37 103.88
N THR UD 23 -42.05 44.76 104.22
CA THR UD 23 -41.00 43.76 104.25
C THR UD 23 -41.22 42.78 105.40
N GLU UD 24 -41.47 43.33 106.59
CA GLU UD 24 -41.70 42.50 107.76
C GLU UD 24 -42.75 41.43 107.50
N SER UD 25 -43.52 41.59 106.42
CA SER UD 25 -44.54 40.62 106.08
C SER UD 25 -43.92 39.59 105.18
N LEU UD 26 -43.49 40.04 104.01
CA LEU UD 26 -42.85 39.19 103.01
C LEU UD 26 -41.91 38.21 103.70
N LYS UD 27 -41.20 38.72 104.70
CA LYS UD 27 -40.25 37.91 105.46
C LYS UD 27 -40.99 36.75 106.12
N VAL UD 28 -42.09 37.04 106.75
CA VAL UD 28 -42.87 36.01 107.40
C VAL UD 28 -43.52 35.11 106.35
N LYS UD 29 -44.13 35.72 105.33
CA LYS UD 29 -44.79 34.97 104.28
C LYS UD 29 -43.82 33.95 103.73
N LEU UD 30 -42.57 34.37 103.57
CA LEU UD 30 -41.51 33.52 103.05
C LEU UD 30 -41.09 32.43 104.03
N GLN UD 31 -40.71 32.83 105.24
CA GLN UD 31 -40.29 31.87 106.25
C GLN UD 31 -41.39 30.88 106.57
N TRP UD 32 -42.64 31.32 106.58
CA TRP UD 32 -43.75 30.42 106.88
C TRP UD 32 -43.67 29.28 105.90
N ALA UD 33 -43.39 29.60 104.64
CA ALA UD 33 -43.29 28.59 103.60
C ALA UD 33 -42.35 27.46 104.00
N SER UD 34 -41.08 27.80 104.21
CA SER UD 34 -40.07 26.80 104.57
C SER UD 34 -40.43 26.03 105.83
N ALA UD 35 -40.86 26.74 106.85
CA ALA UD 35 -41.21 26.11 108.12
C ALA UD 35 -42.41 25.17 108.07
N PHE UD 36 -43.55 25.70 107.68
CA PHE UD 36 -44.78 24.92 107.60
C PHE UD 36 -44.53 23.69 106.76
N GLY UD 37 -44.22 23.91 105.48
CA GLY UD 37 -43.93 22.80 104.59
C GLY UD 37 -45.11 22.30 103.77
N HIS UD 38 -45.06 21.03 103.41
CA HIS UD 38 -46.11 20.41 102.61
C HIS UD 38 -46.46 19.00 103.09
N ALA UD 39 -47.71 18.61 102.82
CA ALA UD 39 -48.21 17.29 103.19
C ALA UD 39 -47.92 16.91 104.62
N HIS UD 40 -47.46 15.68 104.82
CA HIS UD 40 -47.15 15.17 106.15
C HIS UD 40 -46.30 16.12 106.97
N GLU UD 41 -45.27 16.71 106.36
CA GLU UD 41 -44.39 17.66 107.04
C GLU UD 41 -45.17 18.64 107.94
N ARG UD 42 -46.40 18.94 107.53
CA ARG UD 42 -47.27 19.84 108.23
C ARG UD 42 -47.87 19.20 109.45
N VAL UD 43 -48.56 18.08 109.26
CA VAL UD 43 -49.19 17.38 110.37
C VAL UD 43 -48.19 17.29 111.50
N ALA UD 44 -46.94 16.99 111.15
CA ALA UD 44 -45.85 16.87 112.09
C ALA UD 44 -45.69 18.17 112.83
N PHE UD 45 -45.70 19.26 112.08
CA PHE UD 45 -45.57 20.59 112.66
C PHE UD 45 -46.74 20.82 113.61
N GLY UD 46 -47.95 20.76 113.08
CA GLY UD 46 -49.12 20.97 113.92
C GLY UD 46 -49.02 20.18 115.21
N LEU UD 47 -48.82 18.87 115.10
CA LEU UD 47 -48.71 18.01 116.27
C LEU UD 47 -47.68 18.56 117.25
N GLU UD 48 -46.43 18.68 116.81
CA GLU UD 48 -45.38 19.17 117.68
C GLU UD 48 -45.84 20.44 118.39
N LEU UD 49 -46.49 21.35 117.66
CA LEU UD 49 -46.98 22.61 118.23
C LEU UD 49 -47.96 22.41 119.36
N TRP UD 50 -49.11 21.82 119.05
CA TRP UD 50 -50.12 21.59 120.06
C TRP UD 50 -49.65 20.80 121.26
N ARG UD 51 -48.73 19.86 121.05
CA ARG UD 51 -48.24 19.09 122.18
C ARG UD 51 -47.60 20.04 123.16
N ASP UD 52 -46.62 20.79 122.70
CA ASP UD 52 -45.92 21.75 123.54
C ASP UD 52 -46.90 22.69 124.23
N ILE UD 53 -47.95 23.10 123.54
CA ILE UD 53 -48.93 24.01 124.10
C ILE UD 53 -49.73 23.37 125.22
N ILE UD 54 -50.28 22.20 124.96
CA ILE UD 54 -51.09 21.52 125.95
C ILE UD 54 -50.29 21.07 127.19
N ASP UD 55 -49.01 20.75 127.02
CA ASP UD 55 -48.22 20.33 128.17
C ASP UD 55 -47.97 21.50 129.09
N ASP UD 56 -47.87 22.68 128.50
CA ASP UD 56 -47.62 23.90 129.24
C ASP UD 56 -48.88 24.37 129.97
N HIS UD 57 -50.02 24.28 129.30
CA HIS UD 57 -51.29 24.72 129.87
C HIS UD 57 -52.41 23.72 129.60
N PRO UD 58 -52.45 22.62 130.37
CA PRO UD 58 -53.48 21.57 130.20
C PRO UD 58 -54.92 22.07 130.31
N GLU UD 59 -55.08 23.34 130.67
CA GLU UD 59 -56.41 23.90 130.80
C GLU UD 59 -57.09 23.90 129.44
N ILE UD 60 -56.29 23.89 128.39
CA ILE UD 60 -56.81 23.93 127.03
C ILE UD 60 -57.48 22.65 126.56
N LYS UD 61 -57.10 21.51 127.11
CA LYS UD 61 -57.72 20.26 126.70
C LYS UD 61 -59.24 20.34 126.83
N ALA UD 62 -59.72 21.36 127.54
CA ALA UD 62 -61.14 21.54 127.78
C ALA UD 62 -61.97 21.84 126.54
N PRO UD 63 -61.81 23.02 125.93
CA PRO UD 63 -62.59 23.36 124.75
C PRO UD 63 -62.35 22.45 123.55
N PHE UD 64 -61.20 21.77 123.55
CA PHE UD 64 -60.84 20.87 122.47
C PHE UD 64 -61.47 19.51 122.71
N SER UD 65 -62.51 19.47 123.54
CA SER UD 65 -63.20 18.24 123.86
C SER UD 65 -63.91 17.66 122.65
N ARG UD 66 -64.40 18.55 121.78
CA ARG UD 66 -65.13 18.13 120.58
C ARG UD 66 -64.21 17.41 119.62
N VAL UD 67 -62.97 17.86 119.55
CA VAL UD 67 -61.97 17.28 118.67
C VAL UD 67 -60.92 16.47 119.44
N ARG UD 68 -61.39 15.50 120.23
CA ARG UD 68 -60.51 14.65 121.03
C ARG UD 68 -59.18 15.31 121.35
N GLY UD 69 -59.24 16.31 122.22
CA GLY UD 69 -58.04 17.02 122.61
C GLY UD 69 -57.21 16.24 123.61
N ASP UD 70 -57.79 15.19 124.19
CA ASP UD 70 -57.06 14.38 125.16
C ASP UD 70 -55.95 13.60 124.44
N ASN UD 71 -56.25 13.12 123.24
CA ASN UD 71 -55.32 12.36 122.43
C ASN UD 71 -55.01 13.16 121.18
N ILE UD 72 -53.98 14.00 121.25
CA ILE UD 72 -53.60 14.82 120.11
C ILE UD 72 -53.12 14.04 118.90
N TYR UD 73 -52.74 12.78 119.11
CA TYR UD 73 -52.26 11.94 118.02
C TYR UD 73 -53.40 11.33 117.21
N SER UD 74 -54.61 11.43 117.75
CA SER UD 74 -55.81 10.90 117.11
C SER UD 74 -56.09 11.61 115.81
N PRO UD 75 -56.81 10.95 114.89
CA PRO UD 75 -57.14 11.57 113.61
C PRO UD 75 -58.11 12.72 113.82
N GLU UD 76 -59.04 12.53 114.74
CA GLU UD 76 -60.01 13.56 115.03
C GLU UD 76 -59.29 14.88 115.32
N PHE UD 77 -58.34 14.84 116.25
CA PHE UD 77 -57.59 16.03 116.62
C PHE UD 77 -56.68 16.42 115.48
N GLY UD 78 -56.03 15.43 114.89
CA GLY UD 78 -55.13 15.70 113.79
C GLY UD 78 -55.81 16.56 112.76
N ALA UD 79 -57.05 16.21 112.43
CA ALA UD 79 -57.82 16.97 111.46
C ALA UD 79 -57.83 18.39 111.95
N HIS UD 80 -58.39 18.59 113.12
CA HIS UD 80 -58.47 19.91 113.73
C HIS UD 80 -57.17 20.66 113.56
N SER UD 81 -56.11 20.09 114.14
CA SER UD 81 -54.76 20.64 114.07
C SER UD 81 -54.50 21.28 112.73
N GLN UD 82 -54.74 20.51 111.68
CA GLN UD 82 -54.53 20.98 110.33
C GLN UD 82 -55.42 22.18 109.99
N ARG UD 83 -56.71 22.04 110.24
CA ARG UD 83 -57.65 23.10 109.95
C ARG UD 83 -57.14 24.41 110.51
N VAL UD 84 -56.64 24.33 111.73
CA VAL UD 84 -56.10 25.49 112.41
C VAL UD 84 -54.96 26.08 111.60
N LEU UD 85 -53.86 25.34 111.53
CA LEU UD 85 -52.71 25.80 110.79
C LEU UD 85 -53.13 26.40 109.47
N SER UD 86 -54.04 25.74 108.79
CA SER UD 86 -54.49 26.25 107.50
C SER UD 86 -54.97 27.68 107.62
N GLY UD 87 -55.85 27.93 108.57
CA GLY UD 87 -56.37 29.28 108.77
C GLY UD 87 -55.22 30.25 108.99
N LEU UD 88 -54.26 29.82 109.81
CA LEU UD 88 -53.09 30.63 110.10
C LEU UD 88 -52.40 30.92 108.77
N ASP UD 89 -52.36 29.94 107.88
CA ASP UD 89 -51.73 30.12 106.58
C ASP UD 89 -52.46 31.27 105.87
N ILE UD 90 -53.77 31.18 105.82
CA ILE UD 90 -54.58 32.21 105.16
C ILE UD 90 -54.22 33.58 105.68
N THR UD 91 -54.47 33.79 106.98
CA THR UD 91 -54.17 35.07 107.60
C THR UD 91 -52.79 35.54 107.13
N ILE UD 92 -51.77 34.73 107.34
CA ILE UD 92 -50.42 35.10 106.94
C ILE UD 92 -50.34 35.49 105.46
N SER UD 93 -51.04 34.72 104.59
CA SER UD 93 -51.05 34.96 103.18
C SER UD 93 -51.88 36.17 102.86
N MET UD 94 -52.79 36.56 103.77
CA MET UD 94 -53.67 37.67 103.53
C MET UD 94 -52.87 38.92 103.65
N LEU UD 95 -51.83 38.76 104.49
CA LEU UD 95 -51.38 39.65 105.50
C LEU UD 95 -50.83 40.88 104.88
N ASP UD 96 -50.09 40.64 103.78
CA ASP UD 96 -49.28 41.60 103.11
C ASP UD 96 -50.14 42.68 102.54
N THR UD 97 -51.27 42.25 101.98
CA THR UD 97 -52.11 43.12 101.26
C THR UD 97 -53.27 43.36 102.16
N PRO UD 98 -53.36 44.61 102.51
CA PRO UD 98 -54.24 45.13 103.56
C PRO UD 98 -55.72 44.87 103.39
N ASP UD 99 -56.23 45.11 102.19
CA ASP UD 99 -57.66 44.92 101.94
C ASP UD 99 -58.14 43.52 102.25
N MET UD 100 -57.30 42.53 101.97
CA MET UD 100 -57.65 41.13 102.22
C MET UD 100 -57.51 40.79 103.69
N LEU UD 101 -56.44 41.29 104.30
CA LEU UD 101 -56.20 41.04 105.71
C LEU UD 101 -57.33 41.61 106.55
N ALA UD 102 -57.57 42.92 106.39
CA ALA UD 102 -58.63 43.60 107.13
C ALA UD 102 -59.91 42.80 107.07
N ALA UD 103 -60.19 42.26 105.90
CA ALA UD 103 -61.39 41.45 105.67
C ALA UD 103 -61.31 40.11 106.38
N GLN UD 104 -60.21 39.40 106.12
CA GLN UD 104 -59.96 38.10 106.72
C GLN UD 104 -60.00 38.20 108.23
N LEU UD 105 -59.30 39.19 108.77
CA LEU UD 105 -59.30 39.36 110.21
C LEU UD 105 -60.71 39.54 110.74
N ALA UD 106 -61.45 40.46 110.13
CA ALA UD 106 -62.82 40.70 110.55
C ALA UD 106 -63.61 39.39 110.54
N HIS UD 107 -63.39 38.58 109.51
CA HIS UD 107 -64.08 37.30 109.37
C HIS UD 107 -63.73 36.38 110.54
N LEU UD 108 -62.47 36.38 110.97
CA LEU UD 108 -62.05 35.54 112.08
C LEU UD 108 -62.63 36.01 113.40
N LYS UD 109 -62.69 37.32 113.59
CA LYS UD 109 -63.23 37.90 114.82
C LYS UD 109 -64.62 37.35 115.10
N VAL UD 110 -65.42 37.26 114.06
CA VAL UD 110 -66.77 36.76 114.19
C VAL UD 110 -66.82 35.32 114.68
N GLN UD 111 -66.04 34.45 114.05
CA GLN UD 111 -66.02 33.05 114.44
C GLN UD 111 -65.58 32.85 115.88
N HIS UD 112 -65.11 33.92 116.51
CA HIS UD 112 -64.65 33.86 117.89
C HIS UD 112 -65.55 34.58 118.89
N VAL UD 113 -65.83 35.85 118.64
CA VAL UD 113 -66.65 36.65 119.53
C VAL UD 113 -67.83 35.90 120.14
N GLU UD 114 -68.46 35.06 119.29
CA GLU UD 114 -69.71 34.45 119.60
C GLU UD 114 -69.48 33.64 120.82
N ARG UD 115 -68.28 33.03 120.89
CA ARG UD 115 -67.91 31.97 121.78
C ARG UD 115 -66.91 32.51 122.75
N ASN UD 116 -66.80 31.82 123.91
CA ASN UD 116 -65.84 32.10 124.92
C ASN UD 116 -64.55 31.45 124.55
N LEU UD 117 -63.51 32.25 124.82
CA LEU UD 117 -62.15 31.85 124.73
C LEU UD 117 -61.50 32.82 125.61
N LYS UD 118 -60.37 32.40 126.20
CA LYS UD 118 -59.55 33.29 126.91
C LYS UD 118 -58.59 33.89 125.95
N PRO UD 119 -58.48 35.09 126.35
CA PRO UD 119 -57.59 36.07 125.83
C PRO UD 119 -56.21 35.58 125.90
N GLU UD 120 -55.81 35.11 127.08
CA GLU UD 120 -54.41 34.76 127.30
C GLU UD 120 -54.01 33.50 126.54
N PHE UD 121 -54.98 32.65 126.20
CA PHE UD 121 -54.72 31.42 125.46
C PHE UD 121 -53.95 31.71 124.20
N PHE UD 122 -54.40 32.74 123.48
CA PHE UD 122 -53.77 33.14 122.24
C PHE UD 122 -52.35 33.63 122.49
N ASP UD 123 -52.16 34.38 123.56
CA ASP UD 123 -50.82 34.87 123.89
C ASP UD 123 -49.91 33.66 124.08
N ILE UD 124 -50.51 32.55 124.50
CA ILE UD 124 -49.79 31.29 124.74
C ILE UD 124 -49.49 30.67 123.39
N PHE UD 125 -50.55 30.48 122.61
CA PHE UD 125 -50.43 29.92 121.27
C PHE UD 125 -49.26 30.59 120.55
N LEU UD 126 -49.26 31.92 120.54
CA LEU UD 126 -48.20 32.68 119.89
C LEU UD 126 -46.85 32.33 120.44
N LYS UD 127 -46.74 32.31 121.76
CA LYS UD 127 -45.47 31.99 122.40
C LYS UD 127 -44.87 30.73 121.75
N HIS UD 128 -45.66 29.67 121.68
CA HIS UD 128 -45.17 28.42 121.12
C HIS UD 128 -44.95 28.46 119.62
N LEU UD 129 -45.92 28.97 118.88
CA LEU UD 129 -45.77 29.05 117.43
C LEU UD 129 -44.41 29.62 117.09
N LEU UD 130 -43.94 30.59 117.88
CA LEU UD 130 -42.65 31.20 117.65
C LEU UD 130 -41.56 30.26 118.09
N HIS UD 131 -41.77 29.62 119.23
CA HIS UD 131 -40.80 28.68 119.77
C HIS UD 131 -40.54 27.61 118.71
N VAL UD 132 -41.61 27.03 118.17
CA VAL UD 132 -41.50 26.00 117.15
C VAL UD 132 -40.83 26.49 115.87
N LEU UD 133 -41.33 27.59 115.29
CA LEU UD 133 -40.71 28.14 114.08
C LEU UD 133 -39.23 28.37 114.38
N GLY UD 134 -38.94 28.72 115.62
CA GLY UD 134 -37.55 28.94 116.01
C GLY UD 134 -36.72 27.72 115.69
N ASP UD 135 -37.19 26.55 116.10
CA ASP UD 135 -36.49 25.30 115.85
C ASP UD 135 -36.40 25.05 114.36
N ARG UD 136 -37.55 25.04 113.70
CA ARG UD 136 -37.61 24.81 112.27
C ARG UD 136 -36.71 25.70 111.44
N LEU UD 137 -36.80 27.01 111.66
CA LEU UD 137 -36.00 27.94 110.88
C LEU UD 137 -34.56 28.17 111.34
N GLY UD 138 -34.32 27.98 112.62
CA GLY UD 138 -32.97 28.15 113.13
C GLY UD 138 -32.67 29.57 113.56
N THR UD 139 -31.45 30.01 113.29
CA THR UD 139 -31.04 31.34 113.69
C THR UD 139 -31.51 32.41 112.71
N HIS UD 140 -31.87 31.99 111.51
CA HIS UD 140 -32.32 32.93 110.49
C HIS UD 140 -33.69 33.49 110.87
N PHE UD 141 -34.43 32.72 111.64
CA PHE UD 141 -35.77 33.08 112.07
C PHE UD 141 -35.87 34.52 112.47
N ASP UD 142 -36.63 35.31 111.73
CA ASP UD 142 -36.77 36.73 112.07
C ASP UD 142 -37.84 36.95 113.12
N PHE UD 143 -37.48 36.66 114.36
CA PHE UD 143 -38.36 36.82 115.50
C PHE UD 143 -39.09 38.15 115.43
N GLY UD 144 -38.33 39.23 115.32
CA GLY UD 144 -38.93 40.55 115.24
C GLY UD 144 -40.11 40.57 114.31
N ALA UD 145 -39.84 40.28 113.04
CA ALA UD 145 -40.88 40.28 112.02
C ALA UD 145 -42.10 39.44 112.40
N TRP UD 146 -41.87 38.24 112.90
CA TRP UD 146 -43.01 37.40 113.28
C TRP UD 146 -43.80 38.00 114.43
N HIS UD 147 -43.14 38.28 115.54
CA HIS UD 147 -43.81 38.85 116.70
C HIS UD 147 -44.68 40.03 116.28
N ASP UD 148 -44.08 41.01 115.63
CA ASP UD 148 -44.81 42.18 115.17
C ASP UD 148 -45.97 41.77 114.26
N CYS UD 149 -45.74 40.78 113.41
CA CYS UD 149 -46.75 40.35 112.46
C CYS UD 149 -47.82 39.34 112.86
N VAL UD 150 -47.43 38.24 113.49
CA VAL UD 150 -48.42 37.27 113.91
C VAL UD 150 -49.28 37.87 115.01
N ASP UD 151 -48.67 38.74 115.82
CA ASP UD 151 -49.39 39.39 116.91
C ASP UD 151 -50.64 40.01 116.34
N GLN UD 152 -50.45 40.91 115.37
CA GLN UD 152 -51.57 41.59 114.72
C GLN UD 152 -52.69 40.61 114.32
N ILE UD 153 -52.33 39.38 113.96
CA ILE UD 153 -53.31 38.39 113.56
C ILE UD 153 -54.07 37.85 114.76
N ILE UD 154 -53.38 37.75 115.89
CA ILE UD 154 -54.01 37.24 117.10
C ILE UD 154 -55.01 38.24 117.65
N ASP UD 155 -54.58 39.48 117.85
CA ASP UD 155 -55.47 40.50 118.40
C ASP UD 155 -56.78 40.57 117.64
N GLY UD 156 -56.71 40.52 116.29
CA GLY UD 156 -57.88 40.80 115.53
C GLY UD 156 -58.90 39.74 115.79
N ILE UD 157 -58.46 38.48 115.75
CA ILE UD 157 -59.35 37.37 115.87
C ILE UD 157 -59.88 37.49 117.24
N LYS UD 158 -58.92 37.75 118.15
CA LYS UD 158 -59.06 37.71 119.59
C LYS UD 158 -60.40 38.33 120.01
N ARG VD 24 17.38 -9.83 20.60
CA ARG VD 24 17.17 -11.28 20.70
C ARG VD 24 16.27 -11.69 21.77
N PHE VD 25 15.91 -12.96 21.67
CA PHE VD 25 15.06 -13.62 22.57
C PHE VD 25 15.71 -13.74 23.91
N GLN VD 26 17.01 -14.05 23.95
CA GLN VD 26 17.53 -14.47 25.22
C GLN VD 26 17.45 -13.33 26.20
N TYR VD 27 17.67 -12.12 25.64
CA TYR VD 27 18.05 -10.77 25.95
C TYR VD 27 17.24 -10.07 27.01
N LEU VD 28 16.05 -9.70 26.55
CA LEU VD 28 15.19 -8.73 27.13
C LEU VD 28 14.64 -9.43 28.28
N VAL VD 29 14.70 -10.75 28.14
CA VAL VD 29 14.33 -11.60 29.26
C VAL VD 29 15.26 -11.45 30.45
N LYS VD 30 16.56 -11.40 30.19
CA LYS VD 30 17.56 -11.25 31.23
C LYS VD 30 17.24 -10.13 32.19
N ASN VD 31 16.49 -9.13 31.72
CA ASN VD 31 16.13 -8.00 32.56
C ASN VD 31 14.72 -8.13 33.13
N GLN VD 32 13.83 -8.78 32.38
CA GLN VD 32 12.47 -8.97 32.85
C GLN VD 32 12.53 -9.72 34.19
N ASN VD 33 13.33 -10.78 34.23
CA ASN VD 33 13.49 -11.56 35.46
C ASN VD 33 14.07 -10.66 36.55
N LEU VD 34 14.71 -9.57 36.12
CA LEU VD 34 15.30 -8.64 37.06
C LEU VD 34 14.22 -7.72 37.61
N HIS VD 35 13.36 -7.22 36.72
CA HIS VD 35 12.28 -6.35 37.14
C HIS VD 35 11.48 -7.11 38.19
N ILE VD 36 11.46 -8.44 38.06
CA ILE VD 36 10.74 -9.27 39.01
C ILE VD 36 11.56 -9.49 40.27
N ASP VD 37 12.82 -9.90 40.10
CA ASP VD 37 13.69 -10.11 41.24
C ASP VD 37 13.63 -8.82 42.05
N TYR VD 38 13.22 -7.73 41.38
CA TYR VD 38 13.08 -6.41 42.00
C TYR VD 38 11.86 -6.42 42.90
N LEU VD 39 10.69 -6.53 42.29
CA LEU VD 39 9.45 -6.57 43.03
C LEU VD 39 9.56 -7.44 44.28
N ALA VD 40 10.14 -8.62 44.12
CA ALA VD 40 10.31 -9.54 45.24
C ALA VD 40 10.95 -8.84 46.44
N LYS VD 41 11.93 -7.97 46.18
CA LYS VD 41 12.62 -7.25 47.24
C LYS VD 41 11.78 -6.09 47.80
N LYS VD 42 11.18 -5.29 46.92
CA LYS VD 42 10.35 -4.16 47.36
C LYS VD 42 9.19 -4.67 48.20
N LEU VD 43 8.90 -5.96 48.04
CA LEU VD 43 7.82 -6.60 48.79
C LEU VD 43 8.33 -7.18 50.10
N HIS VD 44 9.50 -7.82 50.04
CA HIS VD 44 10.08 -8.40 51.23
C HIS VD 44 10.34 -7.28 52.22
N ASP VD 45 10.79 -6.14 51.69
CA ASP VD 45 11.08 -4.98 52.53
C ASP VD 45 9.75 -4.41 53.08
N ILE VD 46 8.65 -5.05 52.71
CA ILE VD 46 7.31 -4.66 53.17
C ILE VD 46 6.82 -5.69 54.16
N GLU VD 47 6.80 -6.93 53.73
CA GLU VD 47 6.39 -8.02 54.59
C GLU VD 47 7.25 -7.97 55.85
N GLU VD 48 8.43 -7.38 55.72
CA GLU VD 48 9.36 -7.25 56.85
C GLU VD 48 8.84 -6.14 57.76
N GLU VD 49 8.63 -4.97 57.19
CA GLU VD 49 8.13 -3.82 57.94
C GLU VD 49 6.75 -4.15 58.53
N TYR VD 50 6.19 -5.25 58.09
CA TYR VD 50 4.88 -5.68 58.57
C TYR VD 50 5.05 -6.36 59.93
N ASN VD 51 5.86 -7.40 59.96
CA ASN VD 51 6.12 -8.16 61.19
C ASN VD 51 6.55 -7.27 62.35
N LYS VD 52 7.24 -6.15 62.02
CA LYS VD 52 7.72 -5.26 63.03
C LYS VD 52 6.52 -4.85 63.82
N LEU VD 53 5.39 -4.55 63.13
CA LEU VD 53 4.14 -4.11 63.71
C LEU VD 53 3.31 -5.29 64.06
N THR VD 54 2.86 -5.27 65.32
CA THR VD 54 2.42 -6.40 66.06
C THR VD 54 1.20 -6.97 65.43
N HIS VD 55 0.81 -8.07 66.04
CA HIS VD 55 -0.09 -8.98 65.43
C HIS VD 55 -1.34 -8.66 66.09
N ASP VD 56 -2.44 -8.90 65.39
CA ASP VD 56 -3.58 -8.31 65.95
C ASP VD 56 -3.93 -9.19 67.15
N VAL VD 57 -4.43 -8.56 68.24
CA VAL VD 57 -4.60 -9.24 69.50
C VAL VD 57 -5.66 -10.27 69.33
N ASP VD 58 -5.48 -11.38 70.08
CA ASP VD 58 -6.20 -12.60 69.87
C ASP VD 58 -7.57 -12.49 70.47
N LYS VD 59 -9.62 -11.09 68.27
CA LYS VD 59 -10.98 -11.05 68.78
C LYS VD 59 -11.04 -11.67 70.17
N LYS VD 60 -10.18 -12.64 70.43
CA LYS VD 60 -10.13 -13.31 71.73
C LYS VD 60 -9.82 -12.33 72.88
N THR VD 61 -9.34 -11.14 72.53
CA THR VD 61 -9.01 -10.11 73.51
C THR VD 61 -10.24 -9.28 73.81
N ILE VD 62 -10.82 -8.72 72.77
CA ILE VD 62 -12.03 -7.94 72.92
C ILE VD 62 -13.00 -8.77 73.76
N ARG VD 63 -13.14 -10.04 73.39
CA ARG VD 63 -14.07 -10.94 74.08
C ARG VD 63 -13.83 -10.88 75.58
N GLN VD 64 -12.57 -10.93 75.99
CA GLN VD 64 -12.21 -10.91 77.40
C GLN VD 64 -12.58 -9.60 78.07
N LEU VD 65 -12.56 -8.52 77.31
CA LEU VD 65 -12.92 -7.19 77.82
C LEU VD 65 -14.41 -7.16 78.03
N LYS VD 66 -15.17 -7.37 76.96
CA LYS VD 66 -16.63 -7.40 77.04
C LYS VD 66 -17.01 -8.27 78.25
N ALA VD 67 -16.20 -9.29 78.57
CA ALA VD 67 -16.47 -10.15 79.69
C ALA VD 67 -16.19 -9.41 80.97
N ARG VD 68 -14.91 -9.14 81.23
CA ARG VD 68 -14.48 -8.43 82.43
C ARG VD 68 -15.44 -7.30 82.75
N ILE VD 69 -15.81 -6.55 81.72
CA ILE VD 69 -16.72 -5.44 81.87
C ILE VD 69 -18.08 -5.93 82.26
N SER VD 70 -18.67 -6.77 81.43
CA SER VD 70 -20.00 -7.31 81.70
C SER VD 70 -20.11 -7.89 83.12
N ASN VD 71 -19.01 -8.39 83.71
CA ASN VD 71 -19.28 -9.05 84.96
C ASN VD 71 -19.68 -8.04 85.96
N LEU VD 72 -19.15 -6.81 85.84
CA LEU VD 72 -19.34 -5.96 86.98
C LEU VD 72 -20.82 -5.70 87.08
N GLU VD 73 -23.57 -1.97 88.17
CA GLU VD 73 -24.94 -1.76 87.78
C GLU VD 73 -25.79 -2.77 88.48
N GLU VD 74 -27.07 -2.43 88.67
CA GLU VD 74 -28.02 -3.23 89.41
C GLU VD 74 -28.66 -4.19 88.48
N HIS VD 75 -29.36 -5.16 89.09
CA HIS VD 75 -30.38 -5.87 88.39
C HIS VD 75 -31.65 -5.56 89.10
N HIS VD 76 -32.74 -5.66 88.35
CA HIS VD 76 -34.01 -5.22 88.82
C HIS VD 76 -34.32 -6.06 90.03
N CYS VD 77 -34.06 -7.37 89.97
CA CYS VD 77 -34.70 -8.26 90.89
C CYS VD 77 -34.21 -8.06 92.29
N ASP VD 78 -35.23 -8.03 93.17
CA ASP VD 78 -35.19 -8.25 94.58
C ASP VD 78 -34.84 -9.72 94.71
N GLU VD 79 -34.52 -10.15 95.94
CA GLU VD 79 -33.66 -11.27 96.15
C GLU VD 79 -34.33 -12.56 95.77
N HIS VD 80 -33.50 -13.54 95.35
CA HIS VD 80 -33.92 -14.86 94.92
C HIS VD 80 -35.04 -14.72 93.94
N GLU VD 81 -34.72 -13.99 92.86
CA GLU VD 81 -35.16 -13.98 91.48
C GLU VD 81 -33.95 -13.65 90.61
N SER VD 82 -33.91 -14.21 89.40
CA SER VD 82 -32.83 -13.95 88.46
C SER VD 82 -33.45 -13.74 87.10
N GLU VD 83 -32.80 -12.95 86.25
CA GLU VD 83 -33.38 -12.67 84.95
C GLU VD 83 -33.13 -13.70 83.87
N CYS VD 84 -34.06 -13.85 82.89
CA CYS VD 84 -33.77 -14.80 81.86
C CYS VD 84 -32.71 -14.22 80.98
N ARG VD 85 -31.81 -15.10 80.52
CA ARG VD 85 -30.52 -14.82 79.95
C ARG VD 85 -30.71 -13.89 78.80
N GLY VD 86 -31.77 -14.11 78.01
CA GLY VD 86 -31.82 -13.55 76.70
C GLY VD 86 -32.28 -12.15 76.77
N ASP VD 87 -32.84 -11.70 75.62
CA ASP VD 87 -33.13 -10.36 75.19
C ASP VD 87 -34.09 -9.76 76.15
N VAL VD 88 -35.05 -10.57 76.59
CA VAL VD 88 -35.96 -10.05 77.54
C VAL VD 88 -35.27 -10.07 78.87
N PRO VD 89 -35.54 -9.02 79.59
CA PRO VD 89 -35.06 -8.79 80.92
C PRO VD 89 -35.60 -9.82 81.88
N GLU VD 90 -36.80 -10.30 81.60
CA GLU VD 90 -37.83 -10.66 82.53
C GLU VD 90 -37.31 -11.47 83.66
N CYS VD 91 -37.91 -11.27 84.83
CA CYS VD 91 -37.43 -11.87 86.08
C CYS VD 91 -38.30 -13.04 86.54
N ILE VD 92 -37.71 -14.21 86.78
CA ILE VD 92 -38.52 -15.34 87.30
C ILE VD 92 -37.87 -15.82 88.58
N HIS VD 93 -38.66 -16.47 89.44
CA HIS VD 93 -38.11 -16.92 90.71
C HIS VD 93 -37.03 -17.98 90.56
N ASP VD 94 -35.99 -17.94 91.45
CA ASP VD 94 -34.77 -18.65 91.28
C ASP VD 94 -35.06 -20.12 91.21
N LEU VD 95 -36.11 -20.57 91.92
CA LEU VD 95 -36.34 -21.93 92.34
C LEU VD 95 -36.62 -22.84 91.20
N LEU VD 96 -37.39 -22.33 90.23
CA LEU VD 96 -38.21 -23.05 89.30
C LEU VD 96 -37.35 -23.84 88.40
N PHE VD 97 -36.07 -23.44 88.34
CA PHE VD 97 -35.11 -24.25 87.66
C PHE VD 97 -34.90 -25.48 88.49
N CYS VD 98 -34.92 -26.67 87.86
CA CYS VD 98 -35.35 -26.78 86.50
C CYS VD 98 -36.75 -27.34 86.60
N ASP VD 99 -37.57 -27.15 85.56
CA ASP VD 99 -38.69 -28.01 85.32
C ASP VD 99 -38.11 -29.31 84.85
N GLY VD 100 -36.93 -29.19 84.22
CA GLY VD 100 -36.41 -30.15 83.30
C GLY VD 100 -36.61 -29.49 81.98
N GLU VD 101 -37.74 -28.74 81.90
CA GLU VD 101 -38.25 -28.07 80.73
C GLU VD 101 -37.97 -26.61 80.89
N LYS VD 102 -38.17 -25.84 79.81
CA LYS VD 102 -37.83 -24.47 79.92
C LYS VD 102 -38.88 -23.82 80.78
N ASP VD 103 -38.43 -23.38 81.96
CA ASP VD 103 -39.31 -22.64 82.79
C ASP VD 103 -39.66 -21.45 81.98
N CYS VD 104 -38.64 -20.92 81.28
CA CYS VD 104 -38.79 -19.65 80.65
C CYS VD 104 -39.53 -19.76 79.36
N ARG VD 105 -40.16 -18.63 78.97
CA ARG VD 105 -40.79 -18.50 77.69
C ARG VD 105 -39.74 -18.51 76.63
N ASP VD 106 -38.69 -17.72 76.90
CA ASP VD 106 -37.53 -17.34 76.11
C ASP VD 106 -36.75 -18.55 75.83
N GLY VD 107 -36.62 -19.41 76.85
CA GLY VD 107 -35.82 -20.59 76.69
C GLY VD 107 -34.42 -20.10 76.63
N SER VD 108 -34.09 -19.11 77.45
CA SER VD 108 -32.79 -18.55 77.35
C SER VD 108 -31.87 -19.60 77.86
N ASP VD 109 -32.45 -20.45 78.71
CA ASP VD 109 -31.78 -21.37 79.56
C ASP VD 109 -30.96 -22.29 78.71
N GLU VD 110 -31.60 -22.74 77.61
CA GLU VD 110 -31.25 -23.90 76.83
C GLU VD 110 -29.92 -23.63 76.21
N ASP VD 111 -29.63 -22.33 76.10
CA ASP VD 111 -28.39 -21.77 75.63
C ASP VD 111 -27.32 -22.21 76.57
N PRO VD 112 -26.21 -22.46 75.98
CA PRO VD 112 -24.99 -22.97 76.62
C PRO VD 112 -24.44 -22.17 77.80
N GLU VD 113 -24.45 -20.85 77.72
CA GLU VD 113 -23.93 -20.01 78.81
C GLU VD 113 -24.62 -20.32 80.14
N THR VD 114 -25.70 -21.08 80.10
CA THR VD 114 -26.46 -21.42 81.28
C THR VD 114 -26.23 -22.85 81.70
N CYS VD 115 -26.26 -23.75 80.73
CA CYS VD 115 -26.07 -25.16 80.96
C CYS VD 115 -24.61 -25.60 80.94
N SER VD 116 -23.71 -24.61 80.90
CA SER VD 116 -22.32 -24.79 80.57
C SER VD 116 -21.73 -25.78 81.48
N LEU VD 117 -20.71 -26.43 80.93
CA LEU VD 117 -19.81 -27.35 81.52
C LEU VD 117 -18.89 -26.72 82.49
N ASN VD 118 -18.22 -25.62 82.07
CA ASN VD 118 -17.14 -25.05 82.83
C ASN VD 118 -17.72 -24.56 84.11
N ILE VD 119 -18.91 -23.92 84.00
CA ILE VD 119 -19.49 -23.22 85.10
C ILE VD 119 -19.66 -24.23 86.21
N THR VD 120 -20.32 -25.36 85.88
CA THR VD 120 -20.74 -26.40 86.77
C THR VD 120 -19.51 -27.06 87.28
N HIS VD 121 -18.45 -27.00 86.45
CA HIS VD 121 -17.35 -27.90 86.45
C HIS VD 121 -16.77 -27.91 87.82
N VAL VD 122 -16.39 -29.12 88.23
CA VAL VD 122 -15.96 -29.37 89.54
C VAL VD 122 -14.49 -29.14 89.58
N GLY VD 123 -13.99 -28.75 90.78
CA GLY VD 123 -12.58 -28.82 91.05
C GLY VD 123 -11.97 -27.54 90.60
N SER VD 124 -12.84 -26.52 90.45
CA SER VD 124 -12.47 -25.13 90.46
C SER VD 124 -12.15 -24.79 91.89
N SER VD 125 -11.01 -24.07 92.09
CA SER VD 125 -10.36 -23.57 93.27
C SER VD 125 -10.17 -22.05 93.25
N TYR VD 126 -10.55 -21.40 94.34
CA TYR VD 126 -10.43 -19.97 94.45
C TYR VD 126 -9.57 -19.65 95.66
N THR VD 127 -8.64 -18.71 95.49
CA THR VD 127 -7.77 -18.29 96.60
C THR VD 127 -7.53 -16.80 96.65
N GLY VD 128 -7.16 -16.35 97.83
CA GLY VD 128 -6.87 -14.94 98.04
C GLY VD 128 -6.10 -14.84 99.33
N LEU VD 129 -5.90 -13.62 99.82
CA LEU VD 129 -5.18 -13.47 101.08
C LEU VD 129 -6.17 -13.17 102.17
N ALA VD 130 -6.35 -14.16 103.04
CA ALA VD 130 -7.28 -14.04 104.14
C ALA VD 130 -6.68 -13.19 105.24
N THR VD 131 -7.40 -12.16 105.64
CA THR VD 131 -6.98 -11.25 106.70
C THR VD 131 -8.07 -11.39 107.75
N TRP VD 132 -7.75 -12.08 108.85
CA TRP VD 132 -8.72 -12.34 109.90
C TRP VD 132 -9.05 -11.17 110.80
N THR VD 133 -10.34 -10.83 110.85
CA THR VD 133 -10.68 -9.79 111.76
C THR VD 133 -10.40 -10.49 113.02
N SER VD 134 -11.02 -11.67 113.11
CA SER VD 134 -11.04 -12.43 114.32
C SER VD 134 -9.76 -13.13 114.67
N CYS VD 135 -9.56 -14.31 114.06
CA CYS VD 135 -8.68 -15.27 114.68
C CYS VD 135 -7.26 -14.82 114.60
N GLU VD 136 -6.82 -14.37 113.41
CA GLU VD 136 -5.47 -14.60 113.06
C GLU VD 136 -4.61 -13.51 113.60
N ASP VD 137 -3.90 -13.87 114.69
CA ASP VD 137 -2.97 -13.02 115.33
C ASP VD 137 -2.03 -12.71 114.25
N LEU VD 138 -1.66 -13.76 113.51
CA LEU VD 138 -0.60 -13.54 112.59
C LEU VD 138 -1.10 -12.90 111.36
N ASN VD 139 -0.11 -12.68 110.47
CA ASN VD 139 -0.08 -11.92 109.28
C ASN VD 139 -0.81 -12.69 108.24
N PRO VD 140 -1.71 -11.98 107.62
CA PRO VD 140 -2.81 -12.52 106.90
C PRO VD 140 -2.30 -13.48 105.94
N ASP VD 141 -3.00 -14.59 105.89
CA ASP VD 141 -2.46 -15.82 105.33
C ASP VD 141 -3.28 -16.19 104.11
N HIS VD 142 -2.82 -17.19 103.37
CA HIS VD 142 -3.51 -17.60 102.17
C HIS VD 142 -4.67 -18.54 102.41
N ALA VD 143 -5.82 -18.18 101.86
CA ALA VD 143 -7.02 -18.99 101.97
C ALA VD 143 -7.32 -19.64 100.62
N ILE VD 144 -7.77 -20.89 100.65
CA ILE VD 144 -8.07 -21.61 99.42
C ILE VD 144 -9.29 -22.48 99.50
N VAL VD 145 -10.37 -22.04 98.87
CA VAL VD 145 -11.59 -22.82 98.88
C VAL VD 145 -11.65 -23.46 97.53
N THR VD 146 -11.56 -24.79 97.53
CA THR VD 146 -11.59 -25.57 96.29
C THR VD 146 -12.68 -26.65 96.28
N ILE VD 147 -13.39 -26.80 95.14
CA ILE VD 147 -14.52 -27.73 94.99
C ILE VD 147 -14.09 -29.18 94.78
N THR VD 148 -14.57 -30.08 95.66
CA THR VD 148 -14.18 -31.51 95.60
C THR VD 148 -15.12 -32.45 94.89
N ALA VD 149 -16.38 -32.07 94.76
CA ALA VD 149 -17.33 -32.90 94.06
C ALA VD 149 -18.63 -32.13 94.02
N ALA VD 150 -19.42 -32.33 92.96
CA ALA VD 150 -20.67 -31.60 92.87
C ALA VD 150 -21.65 -32.18 91.87
N HIS VD 151 -22.90 -32.38 92.35
CA HIS VD 151 -23.80 -33.30 91.71
C HIS VD 151 -24.29 -32.77 90.40
N ARG VD 152 -24.09 -33.63 89.40
CA ARG VD 152 -24.82 -33.40 88.21
C ARG VD 152 -25.72 -34.54 88.06
N LYS VD 153 -26.74 -34.30 87.24
CA LYS VD 153 -27.17 -35.37 86.45
C LYS VD 153 -26.84 -34.98 85.09
N SER VD 154 -27.69 -35.51 84.23
CA SER VD 154 -27.52 -35.34 82.83
C SER VD 154 -27.86 -33.94 82.43
N PHE VD 155 -29.12 -33.55 82.71
CA PHE VD 155 -29.74 -32.58 81.85
C PHE VD 155 -29.32 -31.24 82.16
N PHE VD 156 -28.78 -31.14 83.37
CA PHE VD 156 -29.29 -30.34 84.41
C PHE VD 156 -28.74 -28.99 84.12
N PRO VD 157 -29.50 -27.98 83.83
CA PRO VD 157 -28.89 -26.79 83.36
C PRO VD 157 -28.05 -26.21 84.47
N ASN VD 158 -28.33 -26.61 85.74
CA ASN VD 158 -28.41 -25.68 86.87
C ASN VD 158 -27.24 -25.81 87.79
N ARG VD 159 -27.52 -25.46 89.07
CA ARG VD 159 -26.53 -25.32 90.10
C ARG VD 159 -26.42 -26.57 90.84
N VAL VD 160 -25.14 -26.82 91.13
CA VAL VD 160 -24.61 -27.96 91.75
C VAL VD 160 -24.76 -27.69 93.18
N TRP VD 161 -24.71 -28.81 93.90
CA TRP VD 161 -24.92 -28.96 95.27
C TRP VD 161 -23.77 -29.83 95.47
N LEU VD 162 -22.87 -29.38 96.31
CA LEU VD 162 -21.47 -29.71 96.15
C LEU VD 162 -20.70 -29.87 97.44
N ARG VD 163 -19.45 -30.28 97.29
CA ARG VD 163 -18.55 -30.45 98.40
C ARG VD 163 -17.21 -29.87 98.01
N ALA VD 164 -16.56 -29.24 98.99
CA ALA VD 164 -15.28 -28.60 98.78
C ALA VD 164 -14.43 -28.66 100.03
N THR VD 165 -13.28 -27.98 99.98
CA THR VD 165 -12.32 -27.94 101.07
C THR VD 165 -11.85 -26.51 101.27
N LEU VD 166 -11.74 -26.08 102.52
CA LEU VD 166 -11.22 -24.74 102.81
C LEU VD 166 -9.87 -24.93 103.51
N SER VD 167 -8.81 -24.40 102.92
CA SER VD 167 -7.48 -24.53 103.52
C SER VD 167 -6.85 -23.17 103.71
N TYR VD 168 -6.26 -22.93 104.87
CA TYR VD 168 -5.58 -21.66 105.11
C TYR VD 168 -4.33 -21.93 105.92
N GLU VD 169 -3.22 -21.31 105.53
CA GLU VD 169 -1.92 -21.49 106.18
C GLU VD 169 -1.96 -21.12 107.65
N LEU VD 170 -1.27 -21.93 108.47
CA LEU VD 170 -1.02 -21.54 109.83
C LEU VD 170 -0.02 -20.46 109.81
N ASP VD 171 1.17 -20.85 109.39
CA ASP VD 171 2.13 -19.86 109.14
C ASP VD 171 2.89 -20.21 107.95
N GLU VD 172 3.69 -19.19 107.59
CA GLU VD 172 4.89 -19.22 106.84
C GLU VD 172 5.87 -20.02 107.62
N HIS VD 173 5.95 -19.75 108.92
CA HIS VD 173 7.00 -20.38 109.66
C HIS VD 173 6.72 -21.85 109.64
N ASP VD 174 5.54 -22.16 110.21
CA ASP VD 174 5.21 -23.44 110.71
C ASP VD 174 5.38 -24.36 109.55
N HIS VD 175 4.96 -23.81 108.39
CA HIS VD 175 4.67 -24.48 107.14
C HIS VD 175 3.55 -25.45 107.39
N THR VD 176 2.54 -25.04 108.17
CA THR VD 176 1.46 -25.95 108.32
C THR VD 176 0.23 -25.37 107.79
N VAL VD 177 -0.87 -26.18 107.80
CA VAL VD 177 -2.07 -25.62 107.18
C VAL VD 177 -3.35 -26.40 107.52
N SER VD 178 -4.40 -25.67 107.87
CA SER VD 178 -5.67 -26.25 108.24
C SER VD 178 -6.49 -26.58 107.03
N THR VD 179 -7.10 -27.76 107.04
CA THR VD 179 -7.93 -28.19 105.93
C THR VD 179 -9.22 -28.80 106.40
N THR VD 180 -10.30 -28.02 106.36
CA THR VD 180 -11.61 -28.48 106.79
C THR VD 180 -12.42 -28.88 105.55
N GLN VD 181 -13.18 -29.96 105.64
CA GLN VD 181 -14.02 -30.39 104.52
C GLN VD 181 -15.37 -29.67 104.61
N LEU VD 182 -15.96 -29.33 103.47
CA LEU VD 182 -17.22 -28.60 103.50
C LEU VD 182 -18.29 -29.24 102.64
N ARG VD 183 -19.53 -28.82 102.87
CA ARG VD 183 -20.69 -29.26 102.12
C ARG VD 183 -21.47 -27.99 101.80
N GLY VD 184 -22.34 -28.03 100.80
CA GLY VD 184 -23.10 -26.85 100.47
C GLY VD 184 -23.56 -26.82 99.03
N PHE VD 185 -23.97 -25.65 98.56
CA PHE VD 185 -24.44 -25.53 97.19
C PHE VD 185 -24.00 -24.22 96.59
N TYR VD 186 -24.45 -23.96 95.37
CA TYR VD 186 -24.13 -22.72 94.71
C TYR VD 186 -25.43 -22.14 94.21
N ASN VD 187 -25.71 -20.89 94.60
CA ASN VD 187 -26.92 -20.22 94.23
C ASN VD 187 -26.75 -19.42 92.95
N PHE VD 188 -27.54 -19.83 91.95
CA PHE VD 188 -27.53 -19.31 90.62
C PHE VD 188 -27.86 -17.88 90.64
N GLY VD 189 -28.94 -17.61 91.37
CA GLY VD 189 -29.52 -16.31 91.49
C GLY VD 189 -28.59 -15.44 92.26
N LYS VD 190 -28.01 -16.00 93.33
CA LYS VD 190 -27.21 -15.27 94.26
C LYS VD 190 -25.85 -14.97 93.71
N ARG VD 191 -25.39 -15.86 92.79
CA ARG VD 191 -24.07 -15.97 92.26
C ARG VD 191 -23.17 -16.39 93.37
N GLU VD 192 -23.74 -16.86 94.44
CA GLU VD 192 -22.97 -17.06 95.67
C GLU VD 192 -22.72 -18.51 96.04
N LEU VD 193 -21.49 -18.77 96.44
CA LEU VD 193 -21.08 -20.09 96.83
C LEU VD 193 -21.23 -20.14 98.36
N LEU VD 194 -22.00 -21.08 98.88
CA LEU VD 194 -22.20 -21.18 100.33
C LEU VD 194 -21.80 -22.53 100.89
N LEU VD 195 -20.66 -22.59 101.58
CA LEU VD 195 -20.18 -23.85 102.12
C LEU VD 195 -20.04 -23.84 103.64
N ALA VD 196 -20.27 -24.99 104.25
CA ALA VD 196 -20.16 -25.13 105.70
C ALA VD 196 -19.45 -26.42 106.01
N PRO VD 197 -18.93 -26.58 107.24
CA PRO VD 197 -18.22 -27.81 107.61
C PRO VD 197 -19.17 -28.99 107.63
N LEU VD 198 -18.59 -30.14 107.12
CA LEU VD 198 -19.42 -31.21 106.68
C LEU VD 198 -20.13 -31.66 107.88
N LYS VD 199 -19.34 -31.82 108.96
CA LYS VD 199 -19.92 -32.23 110.17
C LYS VD 199 -18.86 -32.77 111.04
N GLY VD 200 -19.19 -32.82 112.35
CA GLY VD 200 -18.93 -33.96 113.19
C GLY VD 200 -17.69 -33.61 113.89
N GLN VD 201 -17.14 -32.48 113.40
CA GLN VD 201 -16.10 -31.65 113.93
C GLN VD 201 -16.62 -30.90 115.14
N SER VD 202 -17.85 -30.38 114.98
CA SER VD 202 -18.75 -29.52 115.70
C SER VD 202 -18.25 -28.13 115.72
N GLU VD 203 -16.93 -27.96 115.70
CA GLU VD 203 -16.56 -26.67 115.24
C GLU VD 203 -15.97 -26.95 113.93
N GLY VD 204 -16.60 -26.41 112.89
CA GLY VD 204 -15.97 -26.47 111.62
C GLY VD 204 -16.18 -25.10 111.15
N TYR VD 205 -15.51 -24.69 110.08
CA TYR VD 205 -15.70 -23.36 109.63
C TYR VD 205 -16.17 -23.45 108.23
N GLY VD 206 -16.87 -22.38 107.80
CA GLY VD 206 -17.52 -22.29 106.53
C GLY VD 206 -17.16 -20.99 105.89
N VAL VD 207 -17.73 -20.79 104.69
CA VAL VD 207 -17.22 -19.78 103.77
C VAL VD 207 -18.28 -19.36 102.79
N ILE VD 208 -18.34 -18.06 102.50
CA ILE VD 208 -19.30 -17.52 101.57
C ILE VD 208 -18.52 -16.77 100.50
N CYS VD 209 -18.76 -17.08 99.22
CA CYS VD 209 -18.05 -16.40 98.16
C CYS VD 209 -19.03 -15.84 97.18
N ASP VD 210 -18.96 -14.53 96.93
CA ASP VD 210 -19.87 -13.93 95.96
C ASP VD 210 -19.09 -13.75 94.67
N PHE VD 211 -19.77 -14.17 93.63
CA PHE VD 211 -19.40 -14.07 92.29
C PHE VD 211 -19.18 -12.61 91.96
N ASN VD 212 -20.16 -11.73 92.28
CA ASN VD 212 -20.67 -10.91 91.23
C ASN VD 212 -19.84 -9.69 91.05
N LEU VD 213 -18.65 -9.93 90.48
CA LEU VD 213 -18.09 -9.06 89.53
C LEU VD 213 -18.96 -9.20 88.32
N GLY VD 214 -19.49 -10.42 88.10
CA GLY VD 214 -19.92 -10.83 86.80
C GLY VD 214 -18.82 -11.72 86.30
N ASP VD 215 -17.65 -11.64 86.94
CA ASP VD 215 -16.66 -12.50 86.40
C ASP VD 215 -16.89 -13.86 86.96
N ASP VD 216 -16.20 -14.83 86.33
CA ASP VD 216 -16.02 -16.20 86.74
C ASP VD 216 -15.14 -16.29 87.92
N ASP VD 217 -13.94 -15.79 87.61
CA ASP VD 217 -12.70 -16.15 88.21
C ASP VD 217 -12.76 -15.57 89.55
N HIS VD 218 -13.35 -14.38 89.59
CA HIS VD 218 -13.06 -13.53 90.74
C HIS VD 218 -14.24 -13.56 91.70
N ALA VD 219 -13.95 -13.57 93.00
CA ALA VD 219 -15.00 -13.60 94.00
C ALA VD 219 -14.60 -12.89 95.30
N ASP VD 220 -15.61 -12.50 96.06
CA ASP VD 220 -15.42 -11.79 97.32
C ASP VD 220 -15.75 -12.76 98.44
N CYS VD 221 -14.80 -13.62 98.76
CA CYS VD 221 -15.03 -14.60 99.80
C CYS VD 221 -14.83 -14.14 101.23
N LYS VD 222 -15.56 -14.74 102.17
CA LYS VD 222 -15.45 -14.42 103.58
C LYS VD 222 -15.62 -15.67 104.42
N ILE VD 223 -14.60 -16.00 105.20
CA ILE VD 223 -14.63 -17.17 106.06
C ILE VD 223 -15.55 -16.86 107.23
N VAL VD 224 -16.62 -17.63 107.35
CA VAL VD 224 -17.60 -17.41 108.41
C VAL VD 224 -17.64 -18.50 109.44
N VAL VD 225 -18.46 -18.28 110.45
CA VAL VD 225 -18.66 -19.28 111.46
C VAL VD 225 -20.00 -19.88 111.05
N PRO VD 226 -20.03 -21.20 110.85
CA PRO VD 226 -21.16 -21.94 110.32
C PRO VD 226 -22.40 -21.82 111.13
N SER VD 227 -22.26 -21.52 112.43
CA SER VD 227 -23.34 -21.03 113.19
C SER VD 227 -23.85 -19.85 112.45
N SER VD 228 -23.51 -18.70 113.04
CA SER VD 228 -24.36 -17.56 112.92
C SER VD 228 -24.22 -16.98 111.56
N LEU VD 229 -23.25 -17.53 110.79
CA LEU VD 229 -22.74 -17.06 109.51
C LEU VD 229 -22.01 -15.75 109.64
N PHE VD 230 -21.38 -15.49 110.81
CA PHE VD 230 -20.68 -14.31 111.22
C PHE VD 230 -19.27 -14.37 110.64
N VAL VD 231 -18.87 -13.28 109.99
CA VAL VD 231 -17.55 -13.12 109.35
C VAL VD 231 -16.29 -13.24 110.22
N CYS VD 232 -15.65 -14.40 110.19
CA CYS VD 232 -14.45 -14.59 110.98
C CYS VD 232 -13.26 -13.91 110.33
N ALA VD 233 -13.28 -13.86 109.00
CA ALA VD 233 -12.20 -13.25 108.23
C ALA VD 233 -12.67 -13.03 106.79
N HIS VD 234 -11.99 -12.15 106.07
CA HIS VD 234 -12.35 -11.84 104.70
C HIS VD 234 -11.15 -11.93 103.75
N PHE VD 235 -11.38 -12.43 102.54
CA PHE VD 235 -10.31 -12.54 101.54
C PHE VD 235 -10.89 -12.46 100.13
N ASN VD 236 -10.37 -11.53 99.33
CA ASN VD 236 -10.83 -11.31 97.96
C ASN VD 236 -10.13 -12.36 97.15
N ALA VD 237 -10.88 -13.26 96.51
CA ALA VD 237 -10.25 -14.34 95.78
C ALA VD 237 -10.28 -14.33 94.26
N GLN VD 238 -9.33 -15.10 93.70
CA GLN VD 238 -9.17 -15.28 92.27
C GLN VD 238 -9.12 -16.78 92.07
N ARG VD 239 -9.32 -17.19 90.83
CA ARG VD 239 -9.37 -18.59 90.50
C ARG VD 239 -8.17 -19.15 89.84
N TYR VD 240 -7.70 -20.33 90.28
CA TYR VD 240 -6.68 -20.34 91.35
C TYR VD 240 -6.15 -18.96 91.27
N LEU WD 47 6.59 -16.15 21.67
CA LEU WD 47 7.65 -15.22 21.18
C LEU WD 47 7.34 -13.84 21.62
N ASP WD 48 7.18 -12.92 20.64
CA ASP WD 48 6.93 -11.52 20.98
C ASP WD 48 5.61 -11.19 21.68
N PRO WD 49 4.52 -11.92 21.36
CA PRO WD 49 3.23 -11.65 21.99
C PRO WD 49 3.07 -12.13 23.44
N ARG WD 50 3.23 -13.43 23.68
CA ARG WD 50 3.09 -13.98 25.02
C ARG WD 50 4.10 -13.39 26.02
N LEU WD 51 5.21 -12.87 25.51
CA LEU WD 51 6.25 -12.28 26.35
C LEU WD 51 6.08 -10.76 26.47
N GLY WD 52 5.67 -10.11 25.38
CA GLY WD 52 5.48 -8.67 25.39
C GLY WD 52 4.18 -8.30 26.09
N ALA WD 53 3.31 -9.29 26.27
CA ALA WD 53 2.03 -9.10 26.95
C ALA WD 53 2.16 -9.49 28.41
N ASN WD 54 3.04 -10.45 28.68
CA ASN WD 54 3.29 -10.90 30.04
C ASN WD 54 3.81 -9.72 30.85
N ALA WD 55 4.00 -8.60 30.17
CA ALA WD 55 4.48 -7.38 30.79
C ALA WD 55 3.28 -6.57 31.32
N PHE WD 56 2.26 -6.40 30.48
CA PHE WD 56 1.06 -5.67 30.89
C PHE WD 56 0.53 -6.33 32.15
N LEU WD 57 1.04 -7.54 32.42
CA LEU WD 57 0.67 -8.32 33.59
C LEU WD 57 1.54 -7.89 34.76
N ILE WD 58 2.82 -7.64 34.47
CA ILE WD 58 3.76 -7.21 35.50
C ILE WD 58 3.56 -5.75 35.87
N ILE WD 59 3.31 -4.92 34.87
CA ILE WD 59 3.10 -3.51 35.13
C ILE WD 59 2.00 -3.37 36.18
N ARG WD 60 1.05 -4.30 36.14
CA ARG WD 60 -0.06 -4.29 37.09
C ARG WD 60 0.52 -4.41 38.50
N LEU WD 61 1.27 -5.48 38.74
CA LEU WD 61 1.86 -5.69 40.05
C LEU WD 61 2.62 -4.47 40.54
N ASP WD 62 3.10 -3.64 39.61
CA ASP WD 62 3.84 -2.45 39.97
C ASP WD 62 2.92 -1.42 40.64
N ARG WD 63 1.74 -1.20 40.06
CA ARG WD 63 0.79 -0.27 40.64
C ARG WD 63 0.27 -0.89 41.93
N ILE WD 64 0.01 -2.19 41.88
CA ILE WD 64 -0.50 -2.92 43.05
C ILE WD 64 0.43 -2.79 44.23
N ILE WD 65 1.67 -3.23 44.04
CA ILE WD 65 2.66 -3.19 45.09
C ILE WD 65 2.74 -1.77 45.66
N GLU WD 66 2.59 -0.76 44.81
CA GLU WD 66 2.66 0.64 45.25
C GLU WD 66 1.47 0.99 46.12
N LYS WD 67 0.26 0.74 45.61
CA LYS WD 67 -0.96 1.03 46.35
C LYS WD 67 -0.89 0.29 47.69
N LEU WD 68 -0.28 -0.89 47.63
CA LEU WD 68 -0.12 -1.73 48.82
C LEU WD 68 0.73 -1.02 49.87
N ARG WD 69 1.64 -0.16 49.44
CA ARG WD 69 2.49 0.60 50.35
C ARG WD 69 1.62 1.54 51.15
N THR WD 70 0.68 2.19 50.46
CA THR WD 70 -0.24 3.13 51.09
C THR WD 70 -1.06 2.43 52.18
N LYS WD 71 -1.48 1.20 51.91
CA LYS WD 71 -2.26 0.45 52.88
C LYS WD 71 -1.44 0.12 54.11
N LEU WD 72 -0.18 -0.22 53.91
CA LEU WD 72 0.68 -0.56 55.05
C LEU WD 72 0.89 0.69 55.89
N ASP WD 73 0.63 1.86 55.31
CA ASP WD 73 0.78 3.12 56.01
C ASP WD 73 -0.48 3.38 56.83
N GLU WD 74 -1.63 3.03 56.23
CA GLU WD 74 -2.91 3.20 56.90
C GLU WD 74 -2.99 2.22 58.06
N ALA WD 75 -2.43 1.04 57.86
CA ALA WD 75 -2.44 -0.02 58.85
C ALA WD 75 -1.66 0.30 60.12
N GLU WD 76 -0.58 1.06 59.97
CA GLU WD 76 0.25 1.42 61.13
C GLU WD 76 -0.47 2.40 62.05
N LYS WD 77 -1.46 3.11 61.51
CA LYS WD 77 -2.25 4.09 62.27
C LYS WD 77 -3.33 3.43 63.13
N ILE WD 78 -3.86 2.32 62.69
CA ILE WD 78 -4.78 1.74 63.61
C ILE WD 78 -4.11 0.51 64.14
N ASP WD 79 -3.49 0.61 65.34
CA ASP WD 79 -3.12 -0.64 65.94
C ASP WD 79 -4.25 -1.02 66.76
N PRO WD 80 -4.78 -2.09 66.38
CA PRO WD 80 -5.63 -2.87 67.28
C PRO WD 80 -5.03 -3.08 68.67
N GLU WD 81 -3.89 -3.74 68.75
CA GLU WD 81 -3.24 -3.99 70.05
C GLU WD 81 -3.14 -2.71 70.86
N HIS WD 82 -3.24 -1.57 70.19
CA HIS WD 82 -3.18 -0.27 70.85
C HIS WD 82 -4.56 0.11 71.33
N PHE WD 83 -5.52 0.12 70.40
CA PHE WD 83 -6.89 0.45 70.72
C PHE WD 83 -7.38 -0.38 71.89
N VAL WD 84 -7.21 -1.70 71.81
CA VAL WD 84 -7.64 -2.58 72.88
C VAL WD 84 -7.10 -2.07 74.21
N SER WD 85 -5.81 -1.71 74.21
CA SER WD 85 -5.18 -1.20 75.41
C SER WD 85 -5.89 0.05 75.92
N GLU WD 86 -6.37 0.88 75.00
CA GLU WD 86 -7.08 2.09 75.39
C GLU WD 86 -8.34 1.72 76.14
N ILE WD 87 -9.04 0.72 75.65
CA ILE WD 87 -10.24 0.29 76.33
C ILE WD 87 -9.89 -0.32 77.65
N ASP WD 88 -8.91 -1.21 77.70
CA ASP WD 88 -8.53 -1.80 78.98
C ASP WD 88 -8.36 -0.69 80.00
N ALA WD 89 -7.41 0.20 79.74
CA ALA WD 89 -7.17 1.30 80.66
C ALA WD 89 -8.44 2.10 80.90
N ARG WD 90 -9.17 2.38 79.83
CA ARG WD 90 -10.41 3.15 79.93
C ARG WD 90 -11.36 2.53 80.95
N VAL WD 91 -11.46 1.21 80.91
CA VAL WD 91 -12.33 0.48 81.78
C VAL WD 91 -11.74 0.31 83.14
N THR WD 92 -10.47 -0.04 83.22
CA THR WD 92 -9.84 -0.22 84.52
C THR WD 92 -10.06 1.05 85.33
N LYS WD 93 -10.12 2.18 84.63
CA LYS WD 93 -10.34 3.48 85.25
C LYS WD 93 -11.71 3.54 85.93
N ILE WD 94 -12.67 2.81 85.38
CA ILE WD 94 -14.00 2.77 85.95
C ILE WD 94 -14.06 1.78 87.07
N GLU WD 95 -13.47 0.60 86.83
CA GLU WD 95 -13.41 -0.46 87.82
C GLU WD 95 -12.62 0.08 89.00
N GLY WD 96 -12.47 2.23 93.24
CA GLY WD 96 -11.90 2.98 94.35
C GLY WD 96 -10.88 2.12 95.04
N THR WD 97 -10.25 2.68 96.09
CA THR WD 97 -9.32 1.83 96.73
C THR WD 97 -9.98 1.12 97.86
N HIS WD 98 -9.65 -0.19 97.95
CA HIS WD 98 -9.92 -0.98 99.11
C HIS WD 98 -9.02 -0.45 100.15
N CYS WD 99 -7.80 -0.11 99.72
CA CYS WD 99 -6.74 0.14 100.65
C CYS WD 99 -6.91 1.51 101.19
N GLU WD 100 -6.00 1.81 102.14
CA GLU WD 100 -6.04 3.08 102.78
C GLU WD 100 -5.08 3.95 102.10
N LYS WD 101 -5.30 5.26 102.24
CA LYS WD 101 -4.57 6.08 101.34
C LYS WD 101 -3.15 6.11 101.74
N ARG WD 102 -2.29 6.25 100.71
CA ARG WD 102 -0.87 6.25 100.87
C ARG WD 102 -0.51 4.93 101.41
N THR WD 103 -1.18 3.92 100.90
CA THR WD 103 -0.83 2.51 101.01
C THR WD 103 -0.74 1.88 99.63
N PHE WD 104 0.07 0.84 99.53
CA PHE WD 104 0.29 0.15 98.26
C PHE WD 104 -0.35 -1.22 98.18
N GLN WD 105 -1.18 -1.41 97.16
CA GLN WD 105 -1.90 -2.66 96.96
C GLN WD 105 -1.05 -3.65 96.21
N CYS WD 106 -0.88 -4.88 96.76
CA CYS WD 106 -0.04 -5.85 96.13
C CYS WD 106 -0.78 -6.45 94.99
N GLY WD 107 -0.14 -7.48 94.41
CA GLY WD 107 -0.55 -8.02 93.16
C GLY WD 107 -1.57 -9.08 93.42
N GLY WD 108 -1.74 -9.97 92.42
CA GLY WD 108 -2.88 -10.84 92.36
C GLY WD 108 -2.82 -11.82 93.50
N ASN WD 109 -1.60 -12.30 93.78
CA ASN WD 109 -1.39 -13.49 94.58
C ASN WD 109 -1.97 -13.34 95.94
N GLU WD 110 -1.48 -12.36 96.67
CA GLU WD 110 -2.15 -12.15 97.90
C GLU WD 110 -2.91 -10.91 97.63
N GLN WD 111 -3.25 -10.25 98.72
CA GLN WD 111 -3.96 -9.05 98.69
C GLN WD 111 -3.58 -8.45 99.99
N GLU WD 112 -2.66 -7.47 99.94
CA GLU WD 112 -2.20 -6.93 101.18
C GLU WD 112 -1.95 -5.50 100.92
N CYS WD 113 -2.05 -4.67 101.98
CA CYS WD 113 -1.59 -3.27 102.00
C CYS WD 113 -0.20 -2.97 102.59
N ILE WD 114 0.56 -2.09 101.90
CA ILE WD 114 1.89 -1.72 102.36
C ILE WD 114 2.07 -0.21 102.38
N SER WD 115 2.71 0.32 103.42
CA SER WD 115 2.90 1.75 103.49
C SER WD 115 3.85 2.21 102.41
N ASP WD 116 3.51 3.36 101.75
CA ASP WD 116 4.10 3.74 100.51
C ASP WD 116 5.58 3.85 100.59
N LEU WD 117 6.09 4.62 101.58
CA LEU WD 117 7.49 4.92 101.58
C LEU WD 117 8.21 3.63 101.76
N LEU WD 118 7.64 2.79 102.63
CA LEU WD 118 8.33 1.59 102.96
C LEU WD 118 8.38 0.70 101.76
N VAL WD 119 7.28 0.65 100.98
CA VAL WD 119 7.11 -0.27 99.88
C VAL WD 119 8.02 0.06 98.73
N CYS WD 120 8.26 1.36 98.47
CA CYS WD 120 9.21 1.72 97.45
C CYS WD 120 10.50 1.96 98.14
N ASP WD 121 11.08 0.87 98.65
CA ASP WD 121 12.34 1.01 99.30
C ASP WD 121 13.30 1.37 98.22
N GLY WD 122 13.10 0.73 97.05
CA GLY WD 122 14.05 0.77 95.97
C GLY WD 122 14.64 -0.60 95.92
N HIS WD 123 14.63 -1.26 97.10
CA HIS WD 123 14.83 -2.68 97.33
C HIS WD 123 13.44 -3.24 97.48
N LYS WD 124 13.28 -4.59 97.40
CA LYS WD 124 11.95 -5.13 97.36
C LYS WD 124 11.27 -4.90 98.67
N ASP WD 125 10.09 -4.27 98.60
CA ASP WD 125 9.23 -4.16 99.75
C ASP WD 125 8.86 -5.57 100.16
N CYS WD 126 8.34 -6.35 99.19
CA CYS WD 126 7.75 -7.58 99.56
C CYS WD 126 8.46 -8.67 98.86
N HIS WD 127 8.01 -9.85 99.26
CA HIS WD 127 8.52 -11.08 98.79
C HIS WD 127 8.40 -11.02 97.30
N ASN WD 128 7.18 -10.79 96.78
CA ASN WD 128 6.79 -11.31 95.50
C ASN WD 128 7.79 -10.93 94.45
N ALA WD 129 8.08 -9.62 94.18
CA ALA WD 129 7.46 -8.45 94.71
C ALA WD 129 6.74 -7.85 93.56
N HIS WD 130 5.70 -7.07 93.85
CA HIS WD 130 4.89 -6.46 92.83
C HIS WD 130 5.78 -5.58 92.02
N ASP WD 131 6.57 -4.76 92.75
CA ASP WD 131 7.39 -3.66 92.31
C ASP WD 131 8.45 -4.15 91.37
N GLU WD 132 9.06 -5.30 91.72
CA GLU WD 132 10.27 -5.84 91.16
C GLU WD 132 10.04 -6.14 89.70
N ASP WD 133 8.80 -6.54 89.36
CA ASP WD 133 8.40 -6.90 88.02
C ASP WD 133 8.53 -5.69 87.13
N PRO WD 134 9.07 -5.94 85.96
CA PRO WD 134 9.76 -4.96 85.17
C PRO WD 134 8.86 -3.96 84.54
N ASP WD 135 7.57 -4.34 84.41
CA ASP WD 135 6.49 -3.70 83.70
C ASP WD 135 6.10 -2.42 84.33
N VAL WD 136 6.02 -2.40 85.68
CA VAL WD 136 5.71 -1.20 86.38
C VAL WD 136 6.90 -0.32 86.47
N CYS WD 137 8.09 -0.89 86.70
CA CYS WD 137 9.21 -0.12 87.14
C CYS WD 137 9.72 0.70 85.97
N ASP WD 138 9.30 0.28 84.76
CA ASP WD 138 9.85 0.65 83.48
C ASP WD 138 9.91 2.14 83.37
N THR WD 139 11.16 2.61 83.24
CA THR WD 139 11.49 3.98 83.41
C THR WD 139 10.87 4.78 82.31
N SER WD 140 10.91 4.23 81.09
CA SER WD 140 10.82 5.03 79.91
C SER WD 140 9.55 5.80 79.90
N VAL WD 141 8.39 5.11 80.07
CA VAL WD 141 7.13 5.76 79.85
C VAL WD 141 7.06 6.92 80.79
N VAL WD 142 7.52 6.70 82.02
CA VAL WD 142 7.39 7.60 83.13
C VAL WD 142 8.14 8.84 82.86
N LYS WD 143 9.22 8.71 82.09
CA LYS WD 143 10.35 9.59 82.11
C LYS WD 143 9.91 10.95 81.69
N ALA WD 144 10.45 12.00 82.34
CA ALA WD 144 9.98 13.29 82.01
C ALA WD 144 10.77 13.78 80.85
N GLY WD 145 10.61 15.10 80.62
CA GLY WD 145 11.11 15.78 79.47
C GLY WD 145 9.95 15.92 78.54
N ASN WD 146 8.78 15.42 78.96
CA ASN WD 146 7.63 15.51 78.09
C ASN WD 146 7.08 16.91 78.18
N VAL WD 147 6.37 17.37 77.12
CA VAL WD 147 5.54 18.56 77.15
C VAL WD 147 4.06 18.19 77.21
N PHE WD 148 3.36 18.81 78.13
CA PHE WD 148 1.94 18.56 78.29
C PHE WD 148 1.15 19.83 78.08
N SER WD 149 0.12 19.75 77.24
CA SER WD 149 -0.72 20.91 76.97
C SER WD 149 -2.14 20.52 77.25
N GLY WD 150 -3.03 21.52 77.22
CA GLY WD 150 -4.43 21.25 77.48
C GLY WD 150 -5.13 22.51 77.90
N THR WD 151 -6.45 22.44 77.96
CA THR WD 151 -7.24 23.59 78.33
C THR WD 151 -7.46 23.68 79.84
N SER WD 152 -7.26 24.88 80.36
CA SER WD 152 -7.42 25.16 81.77
C SER WD 152 -8.70 25.96 81.94
N THR WD 153 -9.73 25.30 82.43
CA THR WD 153 -11.02 25.95 82.68
C THR WD 153 -10.95 26.46 84.11
N TRP WD 154 -11.19 27.75 84.30
CA TRP WD 154 -11.13 28.34 85.62
C TRP WD 154 -12.48 28.49 86.31
N HIS WD 155 -12.43 28.28 87.63
CA HIS WD 155 -13.36 28.84 88.56
C HIS WD 155 -13.19 30.32 88.50
N GLY WD 156 -11.99 30.77 88.08
CA GLY WD 156 -11.78 32.17 87.92
C GLY WD 156 -11.32 32.73 89.22
N CYS WD 157 -10.33 32.08 89.84
CA CYS WD 157 -9.56 32.82 90.79
C CYS WD 157 -8.73 33.83 90.03
N LEU WD 158 -8.35 33.49 88.80
CA LEU WD 158 -7.65 34.41 87.98
C LEU WD 158 -8.66 35.14 87.17
N ALA WD 159 -8.33 36.40 86.83
CA ALA WD 159 -9.31 37.30 86.31
C ALA WD 159 -9.83 36.67 85.05
N ARG WD 160 -8.88 36.09 84.28
CA ARG WD 160 -8.71 35.91 82.84
C ARG WD 160 -9.41 34.70 82.28
N GLU WD 161 -9.89 34.81 81.03
CA GLU WD 161 -10.83 33.95 80.35
C GLU WD 161 -10.23 32.56 80.16
N ASP WD 162 -11.00 31.55 79.71
CA ASP WD 162 -10.39 30.25 79.73
C ASP WD 162 -9.31 30.23 78.70
N HIS WD 163 -8.48 29.19 78.77
CA HIS WD 163 -7.25 29.30 78.00
C HIS WD 163 -6.50 28.00 78.07
N VAL WD 164 -5.31 27.96 77.48
CA VAL WD 164 -4.50 26.76 77.50
C VAL WD 164 -3.26 26.91 78.36
N THR WD 165 -2.81 25.81 78.95
CA THR WD 165 -1.61 25.80 79.77
C THR WD 165 -0.67 24.82 79.12
N ARG WD 166 0.63 25.04 79.27
CA ARG WD 166 1.60 24.16 78.65
C ARG WD 166 2.71 23.83 79.61
N ILE WD 167 2.55 22.70 80.30
CA ILE WD 167 3.55 22.25 81.26
C ILE WD 167 4.63 21.48 80.53
N THR WD 168 5.88 21.92 80.66
CA THR WD 168 6.98 21.25 80.00
C THR WD 168 8.14 21.02 80.98
N ILE WD 169 8.49 19.75 81.17
CA ILE WD 169 9.55 19.39 82.09
C ILE WD 169 10.90 19.88 81.66
N THR WD 170 11.50 20.73 82.48
CA THR WD 170 12.82 21.29 82.20
C THR WD 170 13.92 20.28 82.53
N ALA WD 171 14.01 19.85 83.79
CA ALA WD 171 15.02 18.89 84.26
C ALA WD 171 14.45 17.87 85.22
N SER WD 172 15.23 16.85 85.55
CA SER WD 172 14.78 15.79 86.45
C SER WD 172 15.87 14.96 87.11
N LYS WD 173 16.16 15.21 88.38
CA LYS WD 173 17.18 14.46 89.13
C LYS WD 173 16.52 13.33 89.92
N ARG WD 174 17.33 12.32 90.25
CA ARG WD 174 17.00 11.32 91.20
C ARG WD 174 18.32 10.79 91.63
N ARG WD 175 18.35 9.53 92.05
CA ARG WD 175 19.65 8.95 92.09
C ARG WD 175 19.91 8.44 90.71
N LYS WD 176 20.84 7.49 90.59
CA LYS WD 176 21.04 6.85 89.34
C LYS WD 176 19.85 6.00 89.01
N PHE WD 177 19.29 5.31 90.03
CA PHE WD 177 18.27 4.29 89.86
C PHE WD 177 16.95 4.86 89.52
N PHE WD 178 16.68 6.03 90.09
CA PHE WD 178 16.14 6.08 91.41
C PHE WD 178 14.66 6.14 91.22
N THR WD 179 13.91 5.07 91.57
CA THR WD 179 12.58 5.03 91.05
C THR WD 179 11.65 5.97 91.75
N ALA WD 180 11.65 5.99 93.11
CA ALA WD 180 10.41 6.24 93.82
C ALA WD 180 9.94 7.57 93.44
N ARG WD 181 10.92 8.47 93.60
CA ARG WD 181 10.78 9.89 93.68
C ARG WD 181 11.62 10.43 92.61
N ILE WD 182 11.07 11.43 91.97
CA ILE WD 182 11.76 12.08 90.86
C ILE WD 182 11.64 13.59 91.09
N TRP WD 183 12.74 14.24 91.41
CA TRP WD 183 12.71 15.66 91.63
C TRP WD 183 12.81 16.30 90.27
N LEU WD 184 12.07 17.38 90.04
CA LEU WD 184 12.14 18.01 88.73
C LEU WD 184 11.79 19.49 88.65
N ARG WD 185 12.31 20.13 87.62
CA ARG WD 185 12.07 21.54 87.35
C ARG WD 185 11.26 21.54 86.07
N ALA WD 186 10.38 22.53 85.90
CA ALA WD 186 9.57 22.59 84.70
C ALA WD 186 9.12 23.99 84.39
N LEU WD 187 8.64 24.18 83.17
CA LEU WD 187 8.19 25.47 82.70
C LEU WD 187 6.73 25.50 82.40
N VAL WD 188 6.00 26.35 83.10
CA VAL WD 188 4.56 26.42 82.89
C VAL WD 188 4.21 27.69 82.13
N GLU WD 189 3.58 27.53 80.97
CA GLU WD 189 3.19 28.68 80.15
C GLU WD 189 1.68 28.68 80.00
N SER WD 190 1.15 29.88 79.80
CA SER WD 190 -0.18 29.97 79.35
C SER WD 190 -0.19 30.95 78.25
N GLU WD 191 -1.15 30.73 77.38
CA GLU WD 191 -1.44 31.62 76.28
C GLU WD 191 -2.74 32.38 76.53
N LEU WD 192 -2.61 33.56 77.12
CA LEU WD 192 -3.77 34.39 77.42
C LEU WD 192 -3.67 35.76 76.80
N GLU WD 193 -4.84 36.36 76.54
CA GLU WD 193 -4.90 37.68 75.94
C GLU WD 193 -5.01 38.78 76.99
N ARG WD 194 -4.08 39.80 76.89
CA ARG WD 194 -4.08 41.03 77.63
C ARG WD 194 -4.72 41.99 76.70
N HIS WD 195 -4.84 43.26 77.12
CA HIS WD 195 -5.27 44.28 76.21
C HIS WD 195 -4.17 44.53 75.23
N GLY WD 196 -4.48 44.37 73.93
CA GLY WD 196 -3.44 44.18 72.99
C GLY WD 196 -3.44 42.73 72.65
N GLU WD 197 -2.36 42.27 72.01
CA GLU WD 197 -2.31 40.99 71.39
C GLU WD 197 -2.05 39.94 72.39
N ASN WD 198 -2.08 38.68 71.85
CA ASN WD 198 -1.71 37.42 72.50
C ASN WD 198 -0.37 37.51 73.24
N VAL WD 199 -0.38 37.19 74.53
CA VAL WD 199 0.82 37.20 75.37
C VAL WD 199 1.02 35.79 75.90
N THR WD 200 2.11 35.57 76.62
CA THR WD 200 2.37 34.25 77.18
C THR WD 200 2.98 34.37 78.56
N SER WD 201 2.29 33.79 79.53
CA SER WD 201 2.73 33.90 80.89
C SER WD 201 3.40 32.62 81.18
N SER WD 202 4.71 32.76 81.44
CA SER WD 202 5.52 31.63 81.75
C SER WD 202 6.05 31.91 83.10
N PHE WD 203 5.97 30.90 83.96
CA PHE WD 203 6.81 30.89 85.15
C PHE WD 203 7.56 29.57 85.31
N ASN WD 204 8.68 29.62 86.01
CA ASN WD 204 9.49 28.44 86.22
C ASN WD 204 9.03 27.74 87.47
N ALA WD 205 9.05 26.41 87.47
CA ALA WD 205 8.59 25.64 88.60
C ALA WD 205 9.55 24.55 89.01
N LYS WD 206 9.43 24.14 90.27
CA LYS WD 206 10.24 23.06 90.84
C LYS WD 206 9.26 22.16 91.55
N GLY WD 207 9.57 20.86 91.61
CA GLY WD 207 8.67 19.94 92.26
C GLY WD 207 9.13 18.50 92.21
N TYR WD 208 8.19 17.58 92.29
CA TYR WD 208 8.52 16.17 92.28
C TYR WD 208 7.41 15.29 91.69
N TYR WD 209 7.77 14.04 91.38
CA TYR WD 209 6.83 13.07 90.84
C TYR WD 209 6.86 11.89 91.76
N ASN WD 210 5.68 11.44 92.15
CA ASN WD 210 5.54 10.32 93.07
C ASN WD 210 4.93 9.14 92.35
N PHE WD 211 5.83 8.15 92.25
CA PHE WD 211 5.72 7.00 91.46
C PHE WD 211 4.46 6.42 91.91
N ALA WD 212 4.42 6.20 93.23
CA ALA WD 212 3.25 5.63 93.73
C ALA WD 212 2.12 6.61 93.61
N SER WD 213 2.35 7.90 93.93
CA SER WD 213 1.24 8.81 94.05
C SER WD 213 0.51 8.87 92.75
N ARG WD 214 1.26 8.58 91.66
CA ARG WD 214 0.92 8.95 90.31
C ARG WD 214 0.57 10.38 90.35
N ARG WD 215 1.48 11.20 90.89
CA ARG WD 215 1.19 12.63 91.05
C ARG WD 215 2.43 13.42 90.67
N LEU WD 216 2.21 14.55 90.05
CA LEU WD 216 3.30 15.41 89.64
C LEU WD 216 2.96 16.73 90.30
N ILE WD 217 3.81 17.23 91.21
CA ILE WD 217 3.51 18.51 91.84
C ILE WD 217 4.52 19.56 91.39
N LEU WD 218 4.02 20.66 90.88
CA LEU WD 218 4.89 21.72 90.42
C LEU WD 218 4.59 23.03 91.12
N LEU WD 219 5.55 23.50 91.89
CA LEU WD 219 5.43 24.74 92.62
C LEU WD 219 6.26 25.79 91.93
N PRO WD 220 5.90 27.05 92.10
CA PRO WD 220 6.63 28.14 91.47
C PRO WD 220 7.99 28.33 92.13
N THR WD 221 8.97 28.82 91.37
CA THR WD 221 10.17 29.18 92.03
C THR WD 221 10.01 30.56 92.57
N ASP WD 222 11.13 31.31 92.69
CA ASP WD 222 11.06 32.65 93.22
C ASP WD 222 11.13 33.60 92.11
N ASP WD 223 9.90 34.03 91.93
CA ASP WD 223 9.29 34.72 90.88
C ASP WD 223 8.58 35.76 91.69
N HIS WD 224 8.32 36.93 91.11
CA HIS WD 224 7.45 37.86 91.77
C HIS WD 224 6.01 37.54 91.50
N ASP WD 225 5.76 36.84 90.39
CA ASP WD 225 4.46 36.50 89.91
C ASP WD 225 3.79 35.62 90.89
N ASP WD 226 4.59 34.61 91.28
CA ASP WD 226 4.31 33.45 92.09
C ASP WD 226 2.97 32.94 91.72
N HIS WD 227 2.86 32.46 90.46
CA HIS WD 227 1.65 31.93 89.89
C HIS WD 227 1.52 30.52 90.27
N LEU WD 228 0.24 30.16 90.50
CA LEU WD 228 -0.11 29.24 91.51
C LEU WD 228 0.25 27.92 90.99
N ALA WD 229 0.30 26.96 91.92
CA ALA WD 229 1.01 25.71 91.74
C ALA WD 229 0.11 24.77 90.97
N VAL WD 230 0.70 24.01 90.05
CA VAL WD 230 -0.05 23.06 89.25
C VAL WD 230 0.14 21.67 89.83
N VAL WD 231 -0.87 20.83 89.66
CA VAL WD 231 -0.81 19.48 90.18
C VAL WD 231 -1.49 18.51 89.24
N CYS WD 232 -0.73 17.51 88.79
CA CYS WD 232 -1.25 16.53 87.87
C CYS WD 232 -1.16 15.12 88.38
N SER WD 233 -2.17 14.33 88.03
CA SER WD 233 -2.24 12.92 88.37
C SER WD 233 -2.32 12.19 87.03
N PHE WD 234 -1.62 11.02 87.01
CA PHE WD 234 -1.29 9.99 86.04
C PHE WD 234 -2.46 9.33 85.34
N ASN WD 235 -3.22 8.55 86.16
CA ASN WD 235 -4.34 7.67 85.95
C ASN WD 235 -5.35 8.61 85.46
N ARG WD 236 -5.13 8.91 84.19
CA ARG WD 236 -5.92 8.78 83.05
C ARG WD 236 -6.02 7.30 82.66
N GLY WD 237 -4.93 6.49 82.77
CA GLY WD 237 -4.99 5.09 82.38
C GLY WD 237 -4.28 4.96 81.07
N ASP WD 238 -4.22 6.09 80.34
CA ASP WD 238 -3.13 6.36 79.46
C ASP WD 238 -2.01 6.67 80.41
N ASN WD 239 -0.75 6.46 79.99
CA ASN WD 239 0.35 7.12 80.64
C ASN WD 239 0.39 8.51 80.19
N GLU WD 240 -0.04 8.71 78.94
CA GLU WD 240 0.37 9.92 78.31
C GLU WD 240 -0.24 11.02 79.10
N ARG WD 241 -1.56 10.88 79.25
CA ARG WD 241 -2.54 11.84 79.73
C ARG WD 241 -2.58 11.97 81.24
N ALA WD 242 -2.91 13.17 81.71
CA ALA WD 242 -2.99 13.41 83.14
C ALA WD 242 -4.07 14.42 83.48
N GLU WD 243 -4.58 14.34 84.70
CA GLU WD 243 -5.63 15.21 85.20
C GLU WD 243 -4.96 16.19 86.12
N CYS WD 244 -5.07 17.48 85.81
CA CYS WD 244 -4.44 18.50 86.64
C CYS WD 244 -5.38 19.55 87.24
N HIS WD 245 -4.84 20.32 88.17
CA HIS WD 245 -5.57 21.37 88.84
C HIS WD 245 -4.59 22.43 89.26
N ARG WD 246 -5.01 23.69 89.22
CA ARG WD 246 -4.15 24.76 89.67
C ARG WD 246 -4.59 24.92 91.10
N VAL WD 247 -3.65 25.09 92.03
CA VAL WD 247 -4.05 25.21 93.42
C VAL WD 247 -3.16 26.11 94.24
N THR WD 248 -3.60 26.53 95.42
CA THR WD 248 -2.70 27.34 96.16
C THR WD 248 -2.12 26.42 97.18
N GLU WD 249 -0.90 26.71 97.69
CA GLU WD 249 -0.26 25.86 98.66
C GLU WD 249 -1.00 25.94 99.93
N ALA WD 250 -1.21 27.20 100.35
CA ALA WD 250 -1.69 27.43 101.67
C ALA WD 250 -3.06 26.86 101.77
N THR WD 251 -3.94 27.27 100.81
CA THR WD 251 -5.33 26.95 100.75
C THR WD 251 -5.43 25.49 100.45
N LEU WD 252 -4.72 25.08 99.39
CA LEU WD 252 -4.78 23.72 98.94
C LEU WD 252 -6.16 23.42 98.51
N HIS WD 253 -6.78 24.48 98.00
CA HIS WD 253 -7.96 24.41 97.24
C HIS WD 253 -7.59 24.17 95.80
N GLN WD 254 -8.61 23.79 94.99
CA GLN WD 254 -8.62 23.76 93.53
C GLN WD 254 -9.21 24.96 92.83
N CYS WD 255 -8.33 25.74 92.18
CA CYS WD 255 -8.75 26.94 91.46
C CYS WD 255 -9.17 26.65 90.03
N ALA WD 256 -8.63 25.59 89.44
CA ALA WD 256 -9.00 25.25 88.07
C ALA WD 256 -8.72 23.82 87.68
N ASP WD 257 -9.48 23.37 86.68
CA ASP WD 257 -9.37 22.02 86.14
C ASP WD 257 -8.56 22.08 84.85
N LEU WD 258 -7.61 21.16 84.70
CA LEU WD 258 -6.75 21.15 83.53
C LEU WD 258 -6.44 19.72 83.10
N PHE WD 259 -6.92 19.31 81.93
CA PHE WD 259 -6.62 17.97 81.44
C PHE WD 259 -5.56 18.04 80.34
N VAL WD 260 -4.35 17.58 80.65
CA VAL WD 260 -3.26 17.62 79.71
C VAL WD 260 -3.04 16.33 78.98
N THR WD 261 -2.33 16.47 77.87
CA THR WD 261 -1.98 15.37 77.01
C THR WD 261 -0.55 15.61 76.54
N LEU WD 262 0.23 14.55 76.48
CA LEU WD 262 1.60 14.66 76.05
C LEU WD 262 1.64 14.97 74.55
N GLU WD 263 2.41 15.97 74.15
CA GLU WD 263 2.45 16.26 72.77
C GLU WD 263 3.48 15.37 72.19
N GLU WD 264 3.27 14.92 70.94
CA GLU WD 264 4.23 14.12 70.28
C GLU WD 264 5.50 14.91 70.18
N HIS WD 265 6.66 14.23 70.40
CA HIS WD 265 7.98 14.81 70.35
C HIS WD 265 8.30 15.16 68.93
N ASP WD 266 7.95 14.28 67.97
CA ASP WD 266 8.17 14.69 66.60
C ASP WD 266 7.04 15.53 66.03
N GLN XD 26 12.27 -23.04 21.93
CA GLN XD 26 13.32 -23.69 22.75
C GLN XD 26 14.02 -22.63 23.54
N SER XD 27 14.92 -21.89 22.89
CA SER XD 27 15.60 -20.81 23.53
C SER XD 27 14.59 -19.81 23.84
N HIS XD 28 13.62 -19.73 22.92
CA HIS XD 28 12.69 -18.72 23.16
C HIS XD 28 11.97 -19.15 24.40
N ASP XD 29 11.53 -20.43 24.47
CA ASP XD 29 10.56 -20.88 25.45
C ASP XD 29 11.04 -20.77 26.85
N GLU XD 30 12.31 -21.14 27.08
CA GLU XD 30 12.80 -21.33 28.41
C GLU XD 30 12.64 -20.01 29.05
N ILE XD 31 12.99 -18.98 28.24
CA ILE XD 31 12.91 -17.58 28.58
C ILE XD 31 11.53 -17.35 29.11
N ILE XD 32 10.52 -17.56 28.25
CA ILE XD 32 9.27 -16.82 28.39
C ILE XD 32 8.57 -17.15 29.67
N ASP XD 33 8.73 -18.39 30.15
CA ASP XD 33 8.00 -18.95 31.26
C ASP XD 33 8.30 -18.20 32.54
N LYS XD 34 9.52 -17.65 32.67
CA LYS XD 34 10.15 -17.22 33.90
C LYS XD 34 9.26 -16.25 34.62
N LEU XD 35 8.86 -15.18 33.90
CA LEU XD 35 8.18 -13.97 34.30
C LEU XD 35 6.76 -14.18 34.75
N ILE XD 36 6.07 -15.25 34.32
CA ILE XD 36 4.71 -15.38 34.76
C ILE XD 36 4.60 -15.65 36.24
N GLU XD 37 5.28 -16.71 36.70
CA GLU XD 37 5.16 -17.40 37.98
C GLU XD 37 5.78 -16.55 39.08
N ARG XD 38 6.36 -15.41 38.69
CA ARG XD 38 6.98 -14.48 39.62
C ARG XD 38 6.03 -13.30 39.81
N THR XD 39 5.22 -13.04 38.78
CA THR XD 39 4.25 -11.95 38.84
C THR XD 39 3.22 -12.31 39.90
N ASN XD 40 2.91 -13.59 39.98
CA ASN XD 40 1.94 -14.06 40.95
C ASN XD 40 2.58 -14.19 42.33
N LYS XD 41 3.81 -14.69 42.35
CA LYS XD 41 4.54 -14.86 43.61
C LYS XD 41 4.61 -13.56 44.40
N ILE XD 42 4.28 -12.45 43.76
CA ILE XD 42 4.28 -11.15 44.42
C ILE XD 42 2.85 -10.69 44.62
N THR XD 43 2.00 -10.94 43.63
CA THR XD 43 0.60 -10.57 43.70
C THR XD 43 0.00 -11.20 44.96
N THR XD 44 0.71 -12.16 45.52
CA THR XD 44 0.26 -12.83 46.74
C THR XD 44 0.75 -12.02 47.93
N SER XD 45 2.07 -11.80 47.99
CA SER XD 45 2.66 -11.03 49.08
C SER XD 45 1.97 -9.69 49.19
N ILE XD 46 1.41 -9.22 48.08
CA ILE XD 46 0.71 -7.94 48.07
C ILE XD 46 -0.62 -8.07 48.81
N SER XD 47 -1.55 -8.84 48.25
CA SER XD 47 -2.84 -9.02 48.88
C SER XD 47 -2.71 -9.58 50.28
N HIS XD 48 -1.57 -10.19 50.57
CA HIS XD 48 -1.31 -10.74 51.90
C HIS XD 48 -1.28 -9.58 52.91
N VAL XD 49 -0.62 -8.50 52.53
CA VAL XD 49 -0.51 -7.33 53.39
C VAL XD 49 -1.84 -6.60 53.40
N GLU XD 50 -2.43 -6.40 52.23
CA GLU XD 50 -3.71 -5.71 52.11
C GLU XD 50 -4.69 -6.34 53.09
N SER XD 51 -4.42 -7.57 53.48
CA SER XD 51 -5.28 -8.26 54.43
C SER XD 51 -4.92 -7.78 55.83
N LEU XD 52 -3.65 -7.91 56.20
CA LEU XD 52 -3.19 -7.49 57.52
C LEU XD 52 -3.58 -6.06 57.82
N LEU XD 53 -3.69 -5.24 56.77
CA LEU XD 53 -4.10 -3.86 56.93
C LEU XD 53 -5.59 -3.83 57.22
N ASP XD 54 -6.37 -4.44 56.34
CA ASP XD 54 -7.82 -4.48 56.52
C ASP XD 54 -8.18 -5.01 57.90
N ASP XD 55 -7.29 -5.82 58.47
CA ASP XD 55 -7.51 -6.39 59.79
C ASP XD 55 -7.45 -5.33 60.90
N ARG XD 56 -6.71 -4.27 60.67
CA ARG XD 56 -6.60 -3.22 61.67
C ARG XD 56 -7.60 -2.10 61.40
N LEU XD 57 -8.28 -2.17 60.26
CA LEU XD 57 -9.29 -1.16 59.92
C LEU XD 57 -10.67 -1.78 60.01
N ASP XD 58 -10.72 -3.12 60.07
CA ASP XD 58 -11.90 -3.85 59.69
C ASP XD 58 -13.04 -3.39 60.56
N PRO XD 59 -14.17 -3.07 59.96
CA PRO XD 59 -15.24 -2.31 60.62
C PRO XD 59 -15.87 -3.05 61.81
N LYS XD 60 -16.01 -4.37 61.67
CA LYS XD 60 -16.59 -5.18 62.73
C LYS XD 60 -15.77 -5.01 64.01
N ARG XD 61 -14.47 -4.75 63.85
CA ARG XD 61 -13.61 -4.55 65.01
C ARG XD 61 -13.88 -3.16 65.57
N ILE XD 62 -14.02 -2.17 64.68
CA ILE XD 62 -14.28 -0.79 65.07
C ILE XD 62 -15.46 -0.70 66.01
N ARG XD 63 -16.66 -0.95 65.48
CA ARG XD 63 -17.85 -0.87 66.31
C ARG XD 63 -17.67 -1.65 67.60
N LYS XD 64 -17.22 -2.89 67.49
CA LYS XD 64 -17.04 -3.74 68.67
C LYS XD 64 -16.22 -3.03 69.74
N ALA XD 65 -15.19 -2.30 69.31
CA ALA XD 65 -14.35 -1.57 70.26
C ALA XD 65 -15.05 -0.29 70.68
N GLY XD 66 -15.57 0.43 69.71
CA GLY XD 66 -16.28 1.67 70.01
C GLY XD 66 -17.40 1.37 70.99
N SER XD 67 -18.05 0.24 70.79
CA SER XD 67 -19.13 -0.19 71.67
C SER XD 67 -18.60 -0.22 73.09
N LEU XD 68 -17.42 -0.81 73.27
CA LEU XD 68 -16.79 -0.90 74.59
C LEU XD 68 -16.60 0.50 75.15
N ARG XD 69 -16.10 1.40 74.30
CA ARG XD 69 -15.90 2.77 74.72
C ARG XD 69 -17.16 3.28 75.37
N HIS XD 70 -18.29 3.12 74.70
CA HIS XD 70 -19.54 3.59 75.23
C HIS XD 70 -19.74 3.14 76.67
N ARG XD 71 -19.73 1.83 76.90
CA ARG XD 71 -19.92 1.31 78.26
C ARG XD 71 -19.17 2.15 79.28
N VAL XD 72 -17.97 2.57 78.91
CA VAL XD 72 -17.15 3.40 79.78
C VAL XD 72 -17.72 4.81 79.89
N GLU XD 73 -18.04 5.42 78.75
CA GLU XD 73 -18.62 6.78 78.72
C GLU XD 73 -19.80 6.87 79.69
N GLU XD 74 -20.47 5.74 79.89
CA GLU XD 74 -21.64 5.65 80.77
C GLU XD 74 -21.23 5.70 82.25
N LEU XD 75 -20.04 5.19 82.57
CA LEU XD 75 -19.56 5.20 83.95
C LEU XD 75 -18.98 6.55 84.35
N GLU XD 76 -19.83 6.88 85.68
CA GLU XD 76 -19.14 8.03 86.18
C GLU XD 76 -20.04 9.23 86.16
N ASP XD 77 -19.60 10.27 86.91
CA ASP XD 77 -20.19 11.58 86.87
C ASP XD 77 -19.55 12.30 85.77
N PRO XD 78 -20.47 12.60 84.95
CA PRO XD 78 -20.28 12.76 83.58
C PRO XD 78 -19.70 14.06 83.34
N SER XD 79 -18.78 14.03 82.36
CA SER XD 79 -18.14 15.15 81.82
C SER XD 79 -19.26 16.10 81.52
N CYS XD 80 -20.09 15.77 80.52
CA CYS XD 80 -20.90 16.83 79.96
C CYS XD 80 -22.15 16.94 80.77
N ASP XD 81 -23.20 17.71 80.38
CA ASP XD 81 -24.31 17.50 81.28
C ASP XD 81 -25.14 16.38 80.76
N GLU XD 82 -26.25 16.11 81.47
CA GLU XD 82 -27.30 15.32 80.93
C GLU XD 82 -27.69 16.11 79.71
N HIS XD 83 -28.00 17.41 79.92
CA HIS XD 83 -28.43 18.20 78.82
C HIS XD 83 -27.29 18.35 77.89
N GLU XD 84 -26.11 18.59 78.45
CA GLU XD 84 -25.01 18.99 77.55
C GLU XD 84 -24.37 17.79 76.86
N HIS XD 85 -23.78 18.04 75.69
CA HIS XD 85 -23.15 16.99 74.89
C HIS XD 85 -21.65 17.09 74.95
N GLN XD 86 -21.01 15.96 75.23
CA GLN XD 86 -19.55 15.93 75.32
C GLN XD 86 -18.95 15.70 73.96
N CYS XD 87 -18.10 16.68 73.42
CA CYS XD 87 -17.74 16.69 72.04
C CYS XD 87 -16.84 15.55 71.82
N GLY XD 88 -16.20 15.12 72.92
CA GLY XD 88 -14.93 14.50 72.85
C GLY XD 88 -14.01 15.44 73.56
N GLY XD 89 -12.76 14.99 73.75
CA GLY XD 89 -12.48 13.68 73.27
C GLY XD 89 -11.06 13.37 73.59
N ASP XD 90 -10.14 14.13 72.95
CA ASP XD 90 -8.88 14.52 73.49
C ASP XD 90 -9.05 15.64 74.47
N ASP XD 91 -9.71 16.72 74.02
CA ASP XD 91 -9.96 17.81 74.90
C ASP XD 91 -11.44 17.84 74.99
N PRO XD 92 -11.94 17.82 76.18
CA PRO XD 92 -13.34 17.90 76.37
C PRO XD 92 -13.73 19.30 76.13
N GLN XD 93 -15.07 19.42 75.99
CA GLN XD 93 -15.80 20.57 75.64
C GLN XD 93 -17.19 20.13 75.80
N CYS XD 94 -18.00 20.95 76.45
CA CYS XD 94 -19.44 20.71 76.63
C CYS XD 94 -20.31 21.72 75.87
N ILE XD 95 -21.21 21.24 75.03
CA ILE XD 95 -22.11 22.12 74.30
C ILE XD 95 -23.51 21.60 74.54
N SER XD 96 -24.53 22.44 74.33
CA SER XD 96 -25.89 21.98 74.55
C SER XD 96 -26.37 20.90 73.60
N LYS XD 97 -27.23 20.03 74.17
CA LYS XD 97 -27.89 19.16 73.28
C LYS XD 97 -28.71 19.97 72.30
N LEU XD 98 -29.24 21.14 72.69
CA LEU XD 98 -30.01 21.88 71.73
C LEU XD 98 -29.07 22.38 70.66
N PHE XD 99 -27.87 22.67 71.16
CA PHE XD 99 -26.82 23.50 70.68
C PHE XD 99 -26.04 23.04 69.48
N VAL XD 100 -25.52 21.79 69.50
CA VAL XD 100 -25.26 21.08 68.27
C VAL XD 100 -26.69 20.86 67.84
N CYS XD 101 -27.05 20.67 66.55
CA CYS XD 101 -26.35 20.71 65.31
C CYS XD 101 -26.89 21.89 64.56
N ASP XD 102 -26.48 23.05 65.07
CA ASP XD 102 -26.86 24.36 64.69
C ASP XD 102 -26.59 24.47 63.22
N GLY XD 103 -25.42 23.97 62.82
CA GLY XD 103 -24.94 24.18 61.49
C GLY XD 103 -23.76 25.06 61.64
N HIS XD 104 -23.74 25.92 62.68
CA HIS XD 104 -22.45 26.38 63.08
C HIS XD 104 -21.81 25.22 63.74
N ASN XD 105 -20.45 25.23 63.73
CA ASN XD 105 -19.69 24.22 64.39
C ASN XD 105 -19.40 24.74 65.75
N ASP XD 106 -19.87 23.94 66.71
CA ASP XD 106 -19.44 23.81 68.07
C ASP XD 106 -18.01 23.33 68.04
N CYS XD 107 -17.75 22.18 67.37
CA CYS XD 107 -16.61 21.39 67.73
C CYS XD 107 -15.48 21.61 66.80
N ARG XD 108 -14.29 21.78 67.42
CA ARG XD 108 -13.03 21.75 66.76
C ARG XD 108 -13.11 20.47 66.06
N ASN XD 109 -13.48 19.49 66.88
CA ASN XD 109 -13.52 18.11 66.60
C ASN XD 109 -14.40 18.02 65.40
N GLY XD 110 -15.59 18.65 65.48
CA GLY XD 110 -16.49 18.64 64.38
C GLY XD 110 -17.50 17.55 64.52
N GLU XD 111 -17.77 17.14 65.79
CA GLU XD 111 -18.78 16.09 66.04
C GLU XD 111 -20.15 16.48 65.50
N ASP XD 112 -20.56 17.71 65.82
CA ASP XD 112 -21.86 18.22 65.40
C ASP XD 112 -22.09 18.11 63.91
N GLU XD 113 -21.14 17.53 63.18
CA GLU XD 113 -21.30 17.43 61.75
C GLU XD 113 -20.67 16.24 61.10
N LYS XD 114 -19.88 15.46 61.82
CA LYS XD 114 -19.25 14.32 61.16
C LYS XD 114 -20.00 12.99 61.23
N ASP XD 115 -20.93 12.89 62.26
CA ASP XD 115 -21.64 11.69 62.51
C ASP XD 115 -22.63 11.62 61.43
N CYS XD 116 -22.26 10.81 60.44
CA CYS XD 116 -22.76 10.97 59.12
C CYS XD 116 -24.21 10.61 59.11
N THR XD 117 -24.65 9.73 60.03
CA THR XD 117 -25.91 9.09 59.84
C THR XD 117 -26.88 9.43 60.91
N LEU XD 118 -28.08 9.73 60.42
CA LEU XD 118 -29.25 9.89 61.21
C LEU XD 118 -29.80 8.56 61.55
N PRO XD 119 -29.86 8.36 62.84
CA PRO XD 119 -30.35 7.14 63.40
C PRO XD 119 -31.74 6.89 62.91
N THR XD 120 -32.50 7.96 62.58
CA THR XD 120 -33.92 7.80 62.46
C THR XD 120 -34.35 7.58 61.05
N LYS XD 121 -34.71 6.32 60.73
CA LYS XD 121 -35.34 6.14 59.47
C LYS XD 121 -36.75 6.03 59.74
N ALA XD 122 -37.37 5.48 58.72
CA ALA XD 122 -38.68 5.81 58.39
C ALA XD 122 -39.18 4.49 57.97
N GLY XD 123 -40.44 4.19 58.28
CA GLY XD 123 -41.01 3.00 57.76
C GLY XD 123 -40.73 1.84 58.68
N ASP XD 124 -39.81 2.00 59.66
CA ASP XD 124 -39.38 0.89 60.48
C ASP XD 124 -40.50 0.43 61.32
N LYS XD 125 -40.54 -0.88 61.54
CA LYS XD 125 -41.44 -1.42 62.56
C LYS XD 125 -40.61 -2.00 63.69
N PHE XD 126 -41.08 -1.82 64.92
CA PHE XD 126 -40.39 -2.32 66.11
C PHE XD 126 -41.34 -3.09 67.00
N ILE XD 127 -40.94 -4.29 67.35
CA ILE XD 127 -41.75 -5.14 68.21
C ILE XD 127 -41.24 -5.11 69.65
N GLY XD 128 -42.12 -4.74 70.58
CA GLY XD 128 -41.69 -4.69 71.96
C GLY XD 128 -42.19 -5.86 72.78
N ASP XD 129 -41.30 -6.43 73.58
CA ASP XD 129 -41.66 -7.53 74.45
C ASP XD 129 -41.78 -6.93 75.86
N VAL XD 130 -42.94 -7.08 76.47
CA VAL XD 130 -43.18 -6.53 77.80
C VAL XD 130 -42.30 -7.25 78.79
N CYS XD 131 -42.15 -6.67 79.98
CA CYS XD 131 -41.35 -7.31 81.01
C CYS XD 131 -41.61 -6.63 82.34
N PHE XD 132 -42.52 -5.67 82.37
CA PHE XD 132 -42.80 -4.92 83.58
C PHE XD 132 -43.87 -3.91 83.17
N ASP XD 133 -45.11 -4.24 83.47
CA ASP XD 133 -46.21 -3.37 83.09
C ASP XD 133 -47.14 -3.10 84.26
N HIS XD 134 -46.93 -1.96 84.96
CA HIS XD 134 -47.82 -1.62 86.07
C HIS XD 134 -48.99 -1.03 85.37
N CYS XD 135 -48.58 -0.53 84.20
CA CYS XD 135 -49.12 0.63 83.58
C CYS XD 135 -50.48 0.42 82.95
N THR XD 136 -50.66 -0.67 82.19
CA THR XD 136 -51.91 -0.88 81.53
C THR XD 136 -52.69 -1.84 82.38
N LYS XD 137 -54.01 -2.04 82.15
CA LYS XD 137 -54.79 -3.04 82.82
C LYS XD 137 -54.48 -4.40 82.27
N ARG XD 138 -54.48 -4.51 80.93
CA ARG XD 138 -54.38 -5.80 80.29
C ARG XD 138 -52.99 -6.34 80.39
N ARG XD 139 -51.98 -5.44 80.43
CA ARG XD 139 -50.59 -5.79 80.24
C ARG XD 139 -50.41 -6.57 78.98
N PRO XD 140 -49.89 -6.05 77.95
CA PRO XD 140 -49.95 -6.98 76.90
C PRO XD 140 -48.65 -7.71 76.79
N GLU XD 141 -48.68 -8.85 76.09
CA GLU XD 141 -47.50 -9.61 75.85
C GLU XD 141 -46.57 -8.75 75.07
N HIS XD 142 -47.16 -8.15 73.98
CA HIS XD 142 -46.31 -7.49 73.02
C HIS XD 142 -46.84 -6.10 72.74
N MET XD 143 -46.24 -5.44 71.79
CA MET XD 143 -46.64 -4.09 71.45
C MET XD 143 -45.84 -3.64 70.23
N THR XD 144 -46.48 -3.60 69.07
CA THR XD 144 -45.83 -3.18 67.85
C THR XD 144 -45.79 -1.65 67.70
N LEU XD 145 -44.70 -1.15 67.16
CA LEU XD 145 -44.51 0.28 66.99
C LEU XD 145 -44.18 0.61 65.56
N ALA XD 146 -45.19 1.00 64.78
CA ALA XD 146 -44.99 1.31 63.37
C ALA XD 146 -44.74 2.79 63.11
N PHE XD 147 -43.69 3.08 62.37
CA PHE XD 147 -43.36 4.47 62.06
C PHE XD 147 -43.94 4.85 60.70
N GLU XD 148 -44.96 5.70 60.72
CA GLU XD 148 -45.61 6.12 59.48
C GLU XD 148 -44.78 7.13 58.70
N SER XD 149 -44.55 8.31 59.26
CA SER XD 149 -43.77 9.35 58.57
C SER XD 149 -42.68 9.95 59.44
N SER XD 150 -41.71 10.61 58.81
CA SER XD 150 -40.61 11.23 59.53
C SER XD 150 -40.03 12.32 58.67
N SER XD 151 -39.99 13.54 59.18
CA SER XD 151 -39.43 14.67 58.43
C SER XD 151 -38.56 15.56 59.31
N ILE XD 152 -37.44 16.02 58.75
CA ILE XD 152 -36.53 16.89 59.51
C ILE XD 152 -36.58 18.30 58.97
N ALA XD 153 -36.60 19.27 59.87
CA ALA XD 153 -36.66 20.59 59.38
C ALA XD 153 -35.34 21.06 58.83
N ALA XD 154 -35.47 21.90 57.81
CA ALA XD 154 -34.39 21.96 56.87
C ALA XD 154 -33.18 22.59 57.53
N PHE XD 155 -33.49 23.47 58.47
CA PHE XD 155 -32.66 24.19 59.34
C PHE XD 155 -32.25 23.36 60.55
N PHE XD 156 -33.15 22.48 61.02
CA PHE XD 156 -32.73 21.78 62.18
C PHE XD 156 -32.28 20.44 61.82
N THR XD 157 -30.97 20.20 62.01
CA THR XD 157 -30.62 18.83 62.21
C THR XD 157 -31.25 18.33 63.51
N PRO XD 158 -31.13 18.95 64.68
CA PRO XD 158 -31.01 18.19 65.89
C PRO XD 158 -32.19 17.33 66.16
N ILE XD 159 -33.35 17.76 65.67
CA ILE XD 159 -34.57 17.07 66.00
C ILE XD 159 -35.38 16.65 64.79
N ALA XD 160 -35.71 15.36 64.72
CA ALA XD 160 -36.48 14.83 63.61
C ALA XD 160 -37.87 14.50 64.14
N ASP XD 161 -38.90 15.04 63.51
CA ASP XD 161 -40.28 14.80 63.94
C ASP XD 161 -40.87 13.51 63.34
N LEU XD 162 -41.55 12.74 64.16
CA LEU XD 162 -42.14 11.47 63.73
C LEU XD 162 -43.64 11.36 63.96
N HIS XD 163 -44.26 10.47 63.19
CA HIS XD 163 -45.70 10.17 63.32
C HIS XD 163 -45.70 8.65 63.44
N VAL XD 164 -46.24 8.16 64.54
CA VAL XD 164 -46.24 6.71 64.80
C VAL XD 164 -47.57 6.13 65.24
N HIS XD 165 -47.79 4.87 64.83
CA HIS XD 165 -48.98 4.13 65.18
C HIS XD 165 -48.53 3.04 66.14
N ILE XD 166 -49.10 3.04 67.34
CA ILE XD 166 -48.76 2.04 68.34
C ILE XD 166 -49.82 0.95 68.30
N GLU XD 167 -49.49 -0.20 67.73
CA GLU XD 167 -50.46 -1.27 67.60
C GLU XD 167 -50.47 -2.21 68.78
N ILE XD 168 -51.64 -2.75 69.11
CA ILE XD 168 -51.77 -3.67 70.25
C ILE XD 168 -52.82 -4.75 70.06
N GLU XD 169 -52.43 -5.99 70.36
CA GLU XD 169 -53.30 -7.16 70.22
C GLU XD 169 -53.75 -7.73 71.58
N SER XD 170 -54.78 -7.15 72.17
CA SER XD 170 -54.96 -7.62 73.49
C SER XD 170 -56.02 -8.66 73.45
N GLU XD 171 -56.15 -9.40 74.56
CA GLU XD 171 -57.32 -10.19 74.72
C GLU XD 171 -58.01 -9.56 75.88
N THR XD 172 -59.31 -9.29 75.71
CA THR XD 172 -60.08 -8.72 76.76
C THR XD 172 -60.77 -9.87 77.38
N ASP XD 173 -61.46 -9.61 78.51
CA ASP XD 173 -62.10 -10.71 79.13
C ASP XD 173 -63.14 -11.22 78.19
N GLU XD 174 -64.04 -10.30 77.74
CA GLU XD 174 -65.21 -10.59 76.95
C GLU XD 174 -64.85 -11.05 75.58
N ASP XD 175 -64.09 -10.19 74.88
CA ASP XD 175 -63.83 -10.46 73.50
C ASP XD 175 -62.39 -10.20 73.30
N GLU XD 176 -62.04 -9.98 72.03
CA GLU XD 176 -60.70 -9.65 71.73
C GLU XD 176 -60.77 -8.26 71.19
N SER XD 177 -59.74 -7.47 71.50
CA SER XD 177 -59.70 -6.10 71.15
C SER XD 177 -58.42 -5.96 70.43
N GLU XD 178 -58.39 -4.99 69.49
CA GLU XD 178 -57.20 -4.70 68.72
C GLU XD 178 -57.10 -3.18 68.74
N VAL XD 179 -55.89 -2.63 68.78
CA VAL XD 179 -55.75 -1.17 68.80
C VAL XD 179 -54.59 -0.68 67.98
N SER XD 180 -54.74 0.52 67.43
CA SER XD 180 -53.69 1.13 66.63
C SER XD 180 -53.72 2.65 66.84
N MET XD 181 -53.41 3.06 68.07
CA MET XD 181 -53.40 4.46 68.45
C MET XD 181 -52.24 5.19 67.79
N PRO XD 182 -52.52 6.34 67.17
CA PRO XD 182 -51.54 7.16 66.47
C PRO XD 182 -51.06 8.29 67.38
N ALA XD 183 -49.77 8.60 67.28
CA ALA XD 183 -49.18 9.67 68.10
C ALA XD 183 -48.01 10.35 67.44
N ASP XD 184 -47.80 11.61 67.79
CA ASP XD 184 -46.70 12.37 67.26
C ASP XD 184 -45.49 12.10 68.15
N GLY XD 185 -44.32 12.51 67.70
CA GLY XD 185 -43.10 12.30 68.46
C GLY XD 185 -41.87 12.78 67.72
N GLU XD 186 -40.79 12.98 68.47
CA GLU XD 186 -39.54 13.43 67.88
C GLU XD 186 -38.39 12.53 68.29
N TYR XD 187 -37.28 12.63 67.57
CA TYR XD 187 -36.11 11.84 67.89
C TYR XD 187 -34.98 12.83 68.00
N SER XD 188 -34.30 12.84 69.15
CA SER XD 188 -33.21 13.77 69.39
C SER XD 188 -31.85 13.12 69.22
N PHE XD 189 -31.15 14.10 68.56
CA PHE XD 189 -30.08 13.86 67.68
C PHE XD 189 -29.13 13.10 68.48
N ALA XD 190 -28.61 13.79 69.50
CA ALA XD 190 -27.58 13.38 70.40
C ALA XD 190 -28.03 12.32 71.33
N ASP XD 191 -29.29 12.46 71.82
CA ASP XD 191 -29.82 11.61 72.85
C ASP XD 191 -29.96 10.25 72.29
N HIS XD 192 -30.28 10.15 70.98
CA HIS XD 192 -30.78 8.91 70.44
C HIS XD 192 -32.06 8.58 71.16
N ARG XD 193 -32.68 9.57 71.80
CA ARG XD 193 -33.90 9.28 72.53
C ARG XD 193 -35.15 9.78 71.84
N LEU XD 194 -36.00 8.86 71.40
CA LEU XD 194 -37.25 9.23 70.74
C LEU XD 194 -38.33 9.31 71.79
N THR XD 195 -39.07 10.42 71.76
CA THR XD 195 -40.14 10.65 72.71
C THR XD 195 -41.42 10.57 71.90
N ILE XD 196 -42.34 9.70 72.30
CA ILE XD 196 -43.59 9.57 71.56
C ILE XD 196 -44.68 10.14 72.43
N HIS XD 197 -45.16 11.32 72.03
CA HIS XD 197 -46.11 12.04 72.79
C HIS XD 197 -47.34 11.24 72.68
N PRO XD 198 -47.97 11.23 73.81
CA PRO XD 198 -49.00 10.33 74.17
C PRO XD 198 -50.15 10.51 73.24
N PRO XD 199 -50.44 9.35 72.79
CA PRO XD 199 -51.52 9.08 71.88
C PRO XD 199 -52.78 9.50 72.55
N GLU XD 200 -52.80 9.20 73.86
CA GLU XD 200 -53.94 9.26 74.69
C GLU XD 200 -54.11 10.67 75.14
N GLU XD 201 -55.34 10.97 75.56
CA GLU XD 201 -55.59 12.13 76.37
C GLU XD 201 -54.85 11.85 77.64
N ASP XD 202 -54.74 10.56 77.97
CA ASP XD 202 -54.36 10.24 79.31
C ASP XD 202 -52.97 10.70 79.59
N GLY XD 203 -52.05 10.65 78.61
CA GLY XD 203 -50.79 11.28 78.94
C GLY XD 203 -49.88 10.26 79.53
N LEU XD 204 -50.23 8.99 79.27
CA LEU XD 204 -49.22 7.94 79.14
C LEU XD 204 -48.51 8.02 77.82
N GLY XD 205 -47.20 8.24 77.89
CA GLY XD 205 -46.38 8.34 76.69
C GLY XD 205 -45.20 7.37 76.72
N LEU XD 206 -44.60 7.15 75.56
CA LEU XD 206 -43.45 6.25 75.43
C LEU XD 206 -42.18 7.04 75.25
N VAL XD 207 -41.12 6.52 75.86
CA VAL XD 207 -39.81 7.13 75.81
C VAL XD 207 -38.76 6.05 75.70
N GLY XD 208 -38.24 5.88 74.50
CA GLY XD 208 -37.22 4.87 74.28
C GLY XD 208 -35.88 5.55 74.02
N GLU XD 209 -34.85 5.17 74.76
CA GLU XD 209 -33.54 5.75 74.56
C GLU XD 209 -32.63 4.71 73.91
N PHE XD 210 -32.02 5.08 72.80
CA PHE XD 210 -31.16 4.16 72.07
C PHE XD 210 -29.77 3.98 72.65
N ASP XD 211 -29.24 2.78 72.44
CA ASP XD 211 -27.90 2.58 72.00
C ASP XD 211 -27.79 3.13 70.60
N GLY XD 212 -28.80 2.82 69.74
CA GLY XD 212 -29.05 3.49 68.48
C GLY XD 212 -29.00 2.53 67.31
N TYR XD 213 -27.86 2.41 66.59
CA TYR XD 213 -27.67 1.48 65.46
C TYR XD 213 -27.72 0.18 66.09
N ASN XD 214 -26.82 0.12 67.08
CA ASN XD 214 -26.33 -0.99 67.79
C ASN XD 214 -26.76 -0.69 69.20
N PHE XD 215 -27.98 -1.09 69.59
CA PHE XD 215 -28.85 -1.89 68.80
C PHE XD 215 -30.03 -1.08 68.46
N ASP XD 216 -30.67 -1.42 67.34
CA ASP XD 216 -31.92 -0.82 67.01
C ASP XD 216 -32.84 -1.25 68.12
N ARG XD 217 -32.53 -2.41 68.74
CA ARG XD 217 -33.09 -2.77 70.04
C ARG XD 217 -32.96 -1.58 70.99
N PHE XD 218 -34.07 -1.17 71.59
CA PHE XD 218 -34.03 -0.05 72.52
C PHE XD 218 -35.02 -0.32 73.64
N VAL XD 219 -34.68 0.07 74.87
CA VAL XD 219 -35.59 -0.13 75.98
C VAL XD 219 -36.66 0.94 75.93
N GLY XD 220 -37.92 0.51 75.94
CA GLY XD 220 -39.00 1.45 75.87
C GLY XD 220 -39.75 1.58 77.16
N HIS XD 221 -39.63 2.76 77.76
CA HIS XD 221 -40.29 3.06 79.01
C HIS XD 221 -41.61 3.79 78.76
N ILE XD 222 -42.68 3.31 79.38
CA ILE XD 222 -43.94 3.98 79.23
C ILE XD 222 -44.06 4.84 80.46
N VAL XD 223 -44.24 6.15 80.27
CA VAL XD 223 -44.31 7.06 81.40
C VAL XD 223 -45.49 8.03 81.38
N HIS XD 224 -45.66 8.72 82.50
CA HIS XD 224 -46.70 9.74 82.64
C HIS XD 224 -45.97 10.97 82.16
N GLU XD 225 -46.38 11.55 81.01
CA GLU XD 225 -45.50 12.38 80.21
C GLU XD 225 -45.01 13.53 81.05
N LEU XD 226 -45.90 14.08 81.89
CA LEU XD 226 -45.64 15.21 82.73
C LEU XD 226 -44.67 14.87 83.84
N SER XD 227 -44.91 13.70 84.47
CA SER XD 227 -44.22 13.25 85.66
C SER XD 227 -42.87 12.80 85.28
N GLU XD 228 -42.82 12.18 84.11
CA GLU XD 228 -41.77 11.26 83.85
C GLU XD 228 -41.68 10.25 84.94
N GLU XD 229 -42.82 9.60 85.23
CA GLU XD 229 -42.76 8.36 86.01
C GLU XD 229 -42.73 7.16 85.09
N VAL XD 230 -41.82 6.25 85.36
CA VAL XD 230 -41.72 5.04 84.57
C VAL XD 230 -42.71 4.05 85.15
N CYS XD 231 -43.48 3.37 84.32
CA CYS XD 231 -44.44 2.40 84.85
C CYS XD 231 -44.64 1.23 83.90
N ALA XD 232 -43.77 1.11 82.92
CA ALA XD 232 -43.84 0.03 81.96
C ALA XD 232 -42.58 0.02 81.12
N GLU XD 233 -41.94 -1.13 81.06
CA GLU XD 233 -40.71 -1.31 80.32
C GLU XD 233 -40.94 -2.42 79.29
N PHE XD 234 -40.53 -2.14 78.05
CA PHE XD 234 -40.65 -3.10 76.98
C PHE XD 234 -39.35 -3.04 76.25
N ILE XD 235 -38.84 -4.18 75.82
CA ILE XD 235 -37.61 -4.20 75.05
C ILE XD 235 -38.04 -4.22 73.59
N PHE XD 236 -37.75 -3.18 72.85
CA PHE XD 236 -38.16 -3.13 71.46
C PHE XD 236 -37.05 -3.61 70.53
N HIS XD 237 -37.42 -4.50 69.61
CA HIS XD 237 -36.51 -5.04 68.61
C HIS XD 237 -37.01 -4.59 67.24
N ARG XD 238 -36.08 -4.23 66.37
CA ARG XD 238 -36.47 -3.79 65.03
C ARG XD 238 -36.92 -5.04 64.28
N LYS XD 239 -38.11 -5.03 63.66
CA LYS XD 239 -38.55 -6.11 62.80
C LYS XD 239 -37.90 -5.91 61.47
N LYS XD 240 -37.36 -6.95 60.85
CA LYS XD 240 -36.81 -6.61 59.57
C LYS XD 240 -37.89 -6.73 58.52
N HIS YD 20 86.61 -35.37 -29.46
CA HIS YD 20 87.14 -33.99 -29.39
C HIS YD 20 88.35 -33.86 -30.25
N GLU YD 21 89.51 -33.75 -29.60
CA GLU YD 21 90.76 -33.59 -30.30
C GLU YD 21 91.01 -34.84 -31.09
N HIS YD 22 90.66 -35.98 -30.47
CA HIS YD 22 90.96 -37.29 -30.96
C HIS YD 22 90.29 -37.44 -32.25
N CYS YD 23 88.99 -37.13 -32.25
CA CYS YD 23 88.30 -37.44 -33.45
C CYS YD 23 88.42 -36.25 -34.31
N CYS YD 24 87.45 -36.13 -35.20
CA CYS YD 24 87.68 -35.53 -36.46
C CYS YD 24 87.31 -34.07 -36.35
N SER YD 25 88.33 -33.16 -36.34
CA SER YD 25 88.18 -31.76 -36.05
C SER YD 25 87.31 -31.09 -37.07
N GLU YD 26 86.69 -30.00 -36.63
CA GLU YD 26 85.94 -29.09 -37.49
C GLU YD 26 86.79 -28.62 -38.66
N GLU YD 27 87.97 -28.06 -38.39
CA GLU YD 27 88.81 -27.60 -39.48
C GLU YD 27 89.10 -28.79 -40.39
N ASP YD 28 89.53 -29.88 -39.76
CA ASP YD 28 89.85 -31.08 -40.52
C ASP YD 28 88.81 -31.37 -41.59
N HIS YD 29 87.59 -31.69 -41.18
CA HIS YD 29 86.57 -31.99 -42.17
C HIS YD 29 86.14 -30.79 -42.98
N ARG YD 30 86.17 -29.60 -42.40
CA ARG YD 30 85.78 -28.44 -43.18
C ARG YD 30 86.66 -28.52 -44.42
N ILE YD 31 87.90 -28.94 -44.23
CA ILE YD 31 88.84 -29.06 -45.32
C ILE YD 31 88.40 -30.17 -46.26
N VAL YD 32 88.28 -31.37 -45.72
CA VAL YD 32 87.87 -32.50 -46.53
C VAL YD 32 86.69 -32.09 -47.39
N GLN YD 33 85.63 -31.60 -46.75
CA GLN YD 33 84.44 -31.20 -47.48
C GLN YD 33 84.75 -30.28 -48.64
N LYS YD 34 85.55 -29.23 -48.39
CA LYS YD 34 85.91 -28.27 -49.44
C LYS YD 34 86.61 -28.97 -50.60
N GLN YD 35 87.59 -29.81 -50.28
CA GLN YD 35 88.37 -30.52 -51.29
C GLN YD 35 87.57 -31.54 -52.06
N TRP YD 36 86.63 -32.19 -51.40
CA TRP YD 36 85.82 -33.21 -52.05
C TRP YD 36 84.86 -32.56 -53.01
N ASP YD 37 84.63 -31.27 -52.85
CA ASP YD 37 83.73 -30.56 -53.73
C ASP YD 37 84.37 -30.15 -55.06
N ILE YD 38 85.70 -30.02 -55.06
CA ILE YD 38 86.40 -29.67 -56.28
C ILE YD 38 85.95 -30.62 -57.38
N LEU YD 39 85.55 -31.82 -56.98
CA LEU YD 39 85.11 -32.85 -57.90
C LEU YD 39 83.79 -32.60 -58.64
N TRP YD 40 82.73 -32.31 -57.88
CA TRP YD 40 81.42 -32.10 -58.48
C TRP YD 40 81.14 -30.72 -59.07
N ARG YD 41 82.15 -30.08 -59.63
CA ARG YD 41 81.94 -28.77 -60.22
C ARG YD 41 81.18 -28.89 -61.54
N ASP YD 42 81.44 -29.95 -62.30
CA ASP YD 42 80.75 -30.13 -63.58
C ASP YD 42 79.57 -31.09 -63.46
N THR YD 43 78.52 -30.78 -64.20
CA THR YD 43 77.29 -31.55 -64.19
C THR YD 43 77.40 -33.05 -64.46
N GLU YD 44 78.48 -33.49 -65.10
CA GLU YD 44 78.63 -34.91 -65.40
C GLU YD 44 79.20 -35.70 -64.23
N SER YD 45 78.64 -35.49 -63.05
CA SER YD 45 79.08 -36.17 -61.85
C SER YD 45 79.01 -37.69 -62.02
N SER YD 46 77.92 -38.15 -62.64
CA SER YD 46 77.73 -39.58 -62.88
C SER YD 46 78.96 -40.21 -63.51
N LYS YD 47 79.36 -39.70 -64.67
CA LYS YD 47 80.52 -40.22 -65.36
C LYS YD 47 81.73 -40.31 -64.44
N ILE YD 48 81.91 -39.30 -63.59
CA ILE YD 48 83.01 -39.27 -62.64
C ILE YD 48 82.79 -40.28 -61.54
N LYS YD 49 81.82 -40.02 -60.67
CA LYS YD 49 81.52 -40.93 -59.57
C LYS YD 49 81.67 -42.38 -60.00
N ILE YD 50 81.06 -42.72 -61.14
CA ILE YD 50 81.13 -44.10 -61.66
C ILE YD 50 82.58 -44.48 -61.92
N GLY YD 51 83.18 -43.85 -62.91
CA GLY YD 51 84.56 -44.14 -63.24
C GLY YD 51 85.45 -44.25 -62.00
N PHE YD 52 85.37 -43.27 -61.12
CA PHE YD 52 86.18 -43.27 -59.91
C PHE YD 52 85.82 -44.44 -59.00
N GLY YD 53 84.53 -44.57 -58.67
CA GLY YD 53 84.10 -45.66 -57.81
C GLY YD 53 84.40 -47.00 -58.44
N ARG YD 54 84.28 -47.06 -59.75
CA ARG YD 54 84.55 -48.28 -60.49
C ARG YD 54 85.99 -48.64 -60.24
N LEU YD 55 86.89 -47.73 -60.57
CA LEU YD 55 88.32 -47.96 -60.35
C LEU YD 55 88.61 -48.35 -58.90
N LEU YD 56 88.08 -47.59 -57.95
CA LEU YD 56 88.31 -47.89 -56.54
C LEU YD 56 87.97 -49.32 -56.16
N LEU YD 57 86.81 -49.81 -56.58
CA LEU YD 57 86.44 -51.18 -56.25
C LEU YD 57 87.32 -52.17 -57.01
N THR YD 58 87.57 -51.91 -58.28
CA THR YD 58 88.43 -52.76 -59.10
C THR YD 58 89.76 -52.96 -58.40
N LYS YD 59 90.47 -51.86 -58.16
CA LYS YD 59 91.76 -51.88 -57.49
C LYS YD 59 91.68 -52.59 -56.13
N LEU YD 60 90.48 -52.79 -55.62
CA LEU YD 60 90.33 -53.50 -54.38
C LEU YD 60 90.38 -54.98 -54.69
N ALA YD 61 89.55 -55.40 -55.64
CA ALA YD 61 89.49 -56.80 -56.05
C ALA YD 61 90.86 -57.25 -56.57
N LYS YD 62 91.63 -56.30 -57.06
CA LYS YD 62 92.97 -56.58 -57.57
C LYS YD 62 93.87 -57.05 -56.44
N ASP YD 63 93.89 -56.30 -55.34
CA ASP YD 63 94.73 -56.64 -54.20
C ASP YD 63 94.14 -57.73 -53.30
N ILE YD 64 92.83 -57.92 -53.35
CA ILE YD 64 92.17 -58.94 -52.55
C ILE YD 64 91.01 -59.51 -53.35
N PRO YD 65 91.22 -60.64 -54.02
CA PRO YD 65 90.26 -61.34 -54.86
C PRO YD 65 89.02 -61.91 -54.18
N GLU YD 66 89.15 -62.36 -52.94
CA GLU YD 66 88.00 -62.92 -52.26
C GLU YD 66 86.86 -61.91 -52.28
N VAL YD 67 87.16 -60.72 -52.79
CA VAL YD 67 86.20 -59.64 -52.92
C VAL YD 67 85.32 -59.86 -54.15
N ASN YD 68 85.96 -60.21 -55.27
CA ASN YD 68 85.25 -60.47 -56.50
C ASN YD 68 83.99 -61.28 -56.30
N ASP YD 69 84.02 -62.20 -55.33
CA ASP YD 69 82.85 -63.03 -55.06
C ASP YD 69 81.75 -62.29 -54.32
N LEU YD 70 82.15 -61.28 -53.55
CA LEU YD 70 81.18 -60.49 -52.80
C LEU YD 70 80.39 -59.59 -53.73
N PHE YD 71 81.11 -58.96 -54.65
CA PHE YD 71 80.52 -58.05 -55.63
C PHE YD 71 80.00 -58.81 -56.84
N LYS YD 72 79.97 -60.12 -56.73
CA LYS YD 72 79.48 -60.98 -57.79
C LYS YD 72 78.03 -60.61 -58.07
N ARG YD 73 77.28 -60.43 -57.00
CA ARG YD 73 75.86 -60.10 -57.03
C ARG YD 73 75.58 -58.89 -57.91
N VAL YD 74 76.54 -57.97 -58.00
CA VAL YD 74 76.35 -56.76 -58.80
C VAL YD 74 77.11 -56.80 -60.11
N ASP YD 75 77.40 -58.01 -60.58
CA ASP YD 75 78.11 -58.20 -61.85
C ASP YD 75 79.38 -57.37 -61.92
N ILE YD 76 80.26 -57.53 -60.94
CA ILE YD 76 81.52 -56.80 -60.92
C ILE YD 76 82.36 -57.30 -62.06
N GLU YD 77 82.00 -58.46 -62.56
CA GLU YD 77 82.73 -59.05 -63.66
C GLU YD 77 82.72 -58.08 -64.84
N HIS YD 78 81.64 -57.34 -65.00
CA HIS YD 78 81.51 -56.36 -66.07
C HIS YD 78 81.60 -54.99 -65.50
N ALA YD 79 82.82 -54.50 -65.33
CA ALA YD 79 83.05 -53.18 -64.76
C ALA YD 79 82.17 -52.09 -65.36
N GLU YD 80 82.06 -52.07 -66.70
CA GLU YD 80 81.26 -51.07 -67.42
C GLU YD 80 79.78 -51.46 -67.50
N GLY YD 81 79.47 -52.66 -67.04
CA GLY YD 81 78.11 -53.13 -67.06
C GLY YD 81 77.23 -52.31 -66.15
N PRO YD 82 76.09 -51.84 -66.65
CA PRO YD 82 75.19 -51.04 -65.82
C PRO YD 82 75.02 -51.62 -64.41
N LYS YD 83 74.82 -52.93 -64.33
CA LYS YD 83 74.65 -53.58 -63.04
C LYS YD 83 75.66 -53.06 -62.03
N PHE YD 84 76.92 -53.04 -62.43
CA PHE YD 84 77.99 -52.58 -61.57
C PHE YD 84 78.06 -51.06 -61.52
N SER YD 85 77.95 -50.41 -62.67
CA SER YD 85 78.01 -48.95 -62.72
C SER YD 85 77.05 -48.36 -61.70
N ALA YD 86 75.85 -48.92 -61.61
CA ALA YD 86 74.87 -48.44 -60.65
C ALA YD 86 75.50 -48.56 -59.28
N HIS YD 87 75.95 -49.77 -58.95
CA HIS YD 87 76.60 -50.03 -57.68
C HIS YD 87 77.69 -49.00 -57.42
N ALA YD 88 78.59 -48.84 -58.38
CA ALA YD 88 79.68 -47.89 -58.25
C ALA YD 88 79.14 -46.61 -57.67
N LEU YD 89 78.00 -46.17 -58.18
CA LEU YD 89 77.39 -44.95 -57.68
C LEU YD 89 76.97 -45.12 -56.23
N ARG YD 90 76.03 -46.02 -55.98
CA ARG YD 90 75.55 -46.26 -54.63
C ARG YD 90 76.65 -46.14 -53.59
N ILE YD 91 77.75 -46.86 -53.77
CA ILE YD 91 78.85 -46.82 -52.81
C ILE YD 91 79.50 -45.45 -52.77
N LEU YD 92 80.08 -45.07 -53.90
CA LEU YD 92 80.74 -43.78 -54.02
C LEU YD 92 79.80 -42.68 -53.48
N ASN YD 93 78.51 -42.80 -53.77
CA ASN YD 93 77.52 -41.82 -53.32
C ASN YD 93 77.30 -41.92 -51.82
N GLY YD 94 77.53 -43.10 -51.26
CA GLY YD 94 77.37 -43.26 -49.84
C GLY YD 94 78.51 -42.52 -49.17
N LEU YD 95 79.70 -42.66 -49.73
CA LEU YD 95 80.85 -41.98 -49.19
C LEU YD 95 80.52 -40.50 -49.18
N ASP YD 96 79.82 -40.03 -50.21
CA ASP YD 96 79.43 -38.62 -50.29
C ASP YD 96 78.63 -38.30 -49.03
N LEU YD 97 77.52 -39.02 -48.86
CA LEU YD 97 76.67 -38.85 -47.70
C LEU YD 97 77.52 -38.73 -46.45
N ALA YD 98 78.42 -39.67 -46.24
CA ALA YD 98 79.28 -39.65 -45.06
C ALA YD 98 79.98 -38.31 -44.94
N ILE YD 99 80.70 -37.94 -45.98
CA ILE YD 99 81.42 -36.68 -45.98
C ILE YD 99 80.49 -35.49 -45.73
N ASN YD 100 79.39 -35.41 -46.46
CA ASN YD 100 78.45 -34.30 -46.29
C ASN YD 100 77.72 -34.22 -44.94
N LEU YD 101 77.88 -35.23 -44.09
CA LEU YD 101 77.24 -35.19 -42.79
C LEU YD 101 78.30 -35.05 -41.73
N LEU YD 102 79.54 -34.82 -42.16
CA LEU YD 102 80.64 -34.68 -41.22
C LEU YD 102 80.39 -33.54 -40.24
N ASP YD 103 79.58 -32.56 -40.63
CA ASP YD 103 79.31 -31.46 -39.73
C ASP YD 103 77.96 -31.63 -39.05
N ASP YD 104 77.81 -32.73 -38.31
CA ASP YD 104 76.60 -33.08 -37.56
C ASP YD 104 76.80 -34.50 -37.07
N PRO YD 105 77.77 -34.68 -36.17
CA PRO YD 105 78.11 -35.98 -35.60
C PRO YD 105 76.97 -36.96 -35.33
N PRO YD 106 75.92 -36.52 -34.63
CA PRO YD 106 74.80 -37.44 -34.35
C PRO YD 106 74.18 -38.02 -35.62
N ALA YD 107 73.96 -37.17 -36.61
CA ALA YD 107 73.38 -37.58 -37.88
C ALA YD 107 74.35 -38.51 -38.57
N LEU YD 108 75.57 -38.01 -38.78
CA LEU YD 108 76.60 -38.80 -39.43
C LEU YD 108 76.67 -40.16 -38.76
N ASP YD 109 76.70 -40.15 -37.44
CA ASP YD 109 76.77 -41.37 -36.68
C ASP YD 109 75.66 -42.29 -37.19
N ALA YD 110 74.42 -41.89 -36.99
CA ALA YD 110 73.28 -42.67 -37.43
C ALA YD 110 73.46 -43.14 -38.87
N ALA YD 111 73.76 -42.20 -39.75
CA ALA YD 111 73.94 -42.49 -41.17
C ALA YD 111 74.93 -43.62 -41.41
N LEU YD 112 76.02 -43.63 -40.65
CA LEU YD 112 77.03 -44.65 -40.79
C LEU YD 112 76.61 -45.97 -40.14
N ASP YD 113 76.02 -45.89 -38.95
CA ASP YD 113 75.58 -47.09 -38.27
C ASP YD 113 74.73 -47.88 -39.24
N HIS YD 114 73.85 -47.17 -39.92
CA HIS YD 114 72.97 -47.78 -40.90
C HIS YD 114 73.83 -48.51 -41.93
N LEU YD 115 74.91 -47.87 -42.38
CA LEU YD 115 75.78 -48.50 -43.36
C LEU YD 115 76.43 -49.75 -42.79
N ALA YD 116 76.63 -49.75 -41.49
CA ALA YD 116 77.24 -50.91 -40.84
C ALA YD 116 76.32 -52.09 -41.05
N HIS YD 117 75.06 -51.92 -40.66
CA HIS YD 117 74.06 -52.96 -40.80
C HIS YD 117 73.95 -53.46 -42.24
N GLN YD 118 74.06 -52.57 -43.21
CA GLN YD 118 73.94 -52.97 -44.60
C GLN YD 118 75.11 -53.82 -45.04
N HIS YD 119 76.16 -53.82 -44.24
CA HIS YD 119 77.34 -54.61 -44.55
C HIS YD 119 77.43 -55.83 -43.64
N GLU YD 120 76.81 -55.75 -42.48
CA GLU YD 120 76.82 -56.84 -41.53
C GLU YD 120 76.20 -58.10 -42.13
N VAL YD 121 75.03 -57.95 -42.75
CA VAL YD 121 74.32 -59.07 -43.35
C VAL YD 121 74.90 -59.55 -44.66
N ARG YD 122 76.06 -59.01 -45.04
CA ARG YD 122 76.70 -59.42 -46.28
C ARG YD 122 77.92 -60.23 -45.86
N GLU YD 123 77.75 -61.52 -45.61
CA GLU YD 123 78.87 -62.35 -45.19
C GLU YD 123 79.98 -62.41 -46.23
N GLY YD 124 81.21 -62.50 -45.76
CA GLY YD 124 82.35 -62.54 -46.64
C GLY YD 124 83.15 -61.26 -46.49
N VAL YD 125 82.44 -60.19 -46.13
CA VAL YD 125 83.05 -58.88 -45.95
C VAL YD 125 83.69 -58.81 -44.58
N GLN YD 126 85.02 -58.74 -44.56
CA GLN YD 126 85.75 -58.66 -43.30
C GLN YD 126 86.49 -57.34 -43.15
N LYS YD 127 86.82 -56.98 -41.92
CA LYS YD 127 87.51 -55.73 -41.65
C LYS YD 127 88.71 -55.44 -42.54
N ALA YD 128 89.63 -56.38 -42.63
CA ALA YD 128 90.83 -56.22 -43.46
C ALA YD 128 90.51 -55.61 -44.83
N HIS YD 129 89.28 -55.82 -45.30
CA HIS YD 129 88.85 -55.28 -46.58
C HIS YD 129 88.84 -53.78 -46.53
N PHE YD 130 88.19 -53.24 -45.52
CA PHE YD 130 88.11 -51.81 -45.37
C PHE YD 130 89.48 -51.20 -45.18
N LYS YD 131 90.28 -51.77 -44.30
CA LYS YD 131 91.60 -51.23 -44.09
C LYS YD 131 92.26 -51.02 -45.44
N LYS YD 132 92.16 -52.02 -46.31
CA LYS YD 132 92.76 -51.93 -47.64
C LYS YD 132 92.09 -50.85 -48.48
N PHE YD 133 90.77 -50.90 -48.55
CA PHE YD 133 90.04 -49.92 -49.32
C PHE YD 133 90.44 -48.53 -48.90
N GLY YD 134 90.73 -48.38 -47.61
CA GLY YD 134 91.13 -47.08 -47.10
C GLY YD 134 92.44 -46.66 -47.72
N GLU YD 135 93.42 -47.54 -47.66
CA GLU YD 135 94.73 -47.25 -48.22
C GLU YD 135 94.59 -46.91 -49.70
N ILE YD 136 93.71 -47.61 -50.40
CA ILE YD 136 93.50 -47.39 -51.83
C ILE YD 136 92.89 -46.01 -52.08
N LEU YD 137 91.87 -45.71 -51.29
CA LEU YD 137 91.15 -44.45 -51.40
C LEU YD 137 92.09 -43.30 -51.15
N ALA YD 138 93.01 -43.49 -50.22
CA ALA YD 138 93.96 -42.46 -49.86
C ALA YD 138 94.99 -42.24 -50.93
N THR YD 139 95.22 -43.25 -51.76
CA THR YD 139 96.21 -43.12 -52.82
C THR YD 139 95.53 -42.63 -54.08
N GLY YD 140 94.22 -42.80 -54.12
CA GLY YD 140 93.48 -42.37 -55.29
C GLY YD 140 93.05 -40.93 -55.29
N LEU YD 141 92.40 -40.48 -54.22
CA LEU YD 141 91.93 -39.10 -54.13
C LEU YD 141 92.94 -38.08 -54.65
N PRO YD 142 94.16 -38.07 -54.09
CA PRO YD 142 95.18 -37.12 -54.52
C PRO YD 142 95.54 -37.18 -55.99
N GLN YD 143 94.93 -38.12 -56.71
CA GLN YD 143 95.21 -38.24 -58.14
C GLN YD 143 94.20 -37.47 -58.95
N VAL YD 144 93.04 -37.19 -58.35
CA VAL YD 144 91.99 -36.45 -59.04
C VAL YD 144 91.83 -35.05 -58.45
N LEU YD 145 92.29 -34.86 -57.22
CA LEU YD 145 92.19 -33.57 -56.57
C LEU YD 145 93.57 -32.92 -56.52
N ASP YD 146 93.72 -31.75 -57.11
CA ASP YD 146 95.01 -31.08 -57.08
C ASP YD 146 95.32 -30.61 -55.66
N ASP YD 147 94.29 -30.21 -54.92
CA ASP YD 147 94.47 -29.75 -53.54
C ASP YD 147 93.99 -30.85 -52.61
N TYR YD 148 94.93 -31.54 -51.99
CA TYR YD 148 94.62 -32.64 -51.08
C TYR YD 148 95.42 -32.51 -49.80
N ASP YD 149 94.77 -32.67 -48.66
CA ASP YD 149 95.44 -32.58 -47.38
C ASP YD 149 95.41 -33.95 -46.73
N ALA YD 150 96.39 -34.77 -47.08
CA ALA YD 150 96.48 -36.14 -46.57
C ALA YD 150 96.13 -36.28 -45.11
N LEU YD 151 96.71 -35.44 -44.27
CA LEU YD 151 96.45 -35.51 -42.85
C LEU YD 151 94.98 -35.40 -42.49
N ALA YD 152 94.33 -34.36 -42.99
CA ALA YD 152 92.92 -34.17 -42.70
C ALA YD 152 92.11 -35.36 -43.18
N TRP YD 153 92.27 -35.73 -44.43
CA TRP YD 153 91.52 -36.84 -44.99
C TRP YD 153 91.71 -38.14 -44.24
N LYS YD 154 92.94 -38.57 -44.06
CA LYS YD 154 93.19 -39.83 -43.36
C LYS YD 154 92.43 -39.82 -42.05
N SER YD 155 92.52 -38.70 -41.32
CA SER YD 155 91.82 -38.57 -40.05
C SER YD 155 90.34 -38.88 -40.18
N CYS YD 156 89.68 -38.24 -41.14
CA CYS YD 156 88.25 -38.43 -41.36
C CYS YD 156 87.89 -39.77 -41.98
N LEU YD 157 88.57 -40.15 -43.05
CA LEU YD 157 88.27 -41.42 -43.67
C LEU YD 157 88.35 -42.55 -42.66
N LYS YD 158 89.31 -42.47 -41.74
CA LYS YD 158 89.46 -43.50 -40.72
C LYS YD 158 88.16 -43.60 -39.94
N GLY YD 159 87.78 -42.50 -39.31
CA GLY YD 159 86.55 -42.49 -38.53
C GLY YD 159 85.38 -43.09 -39.27
N ILE YD 160 85.26 -42.78 -40.56
CA ILE YD 160 84.17 -43.27 -41.36
C ILE YD 160 84.27 -44.76 -41.61
N LEU YD 161 85.33 -45.17 -42.28
CA LEU YD 161 85.53 -46.58 -42.58
C LEU YD 161 85.35 -47.47 -41.35
N THR YD 162 85.91 -47.04 -40.23
CA THR YD 162 85.80 -47.81 -39.00
C THR YD 162 84.34 -48.02 -38.60
N LYS YD 163 83.63 -46.92 -38.38
CA LYS YD 163 82.24 -46.98 -37.95
C LYS YD 163 81.38 -47.80 -38.91
N ILE YD 164 81.77 -47.87 -40.17
CA ILE YD 164 81.00 -48.63 -41.16
C ILE YD 164 81.19 -50.12 -41.02
N SER YD 165 82.40 -50.52 -40.67
CA SER YD 165 82.70 -51.94 -40.55
C SER YD 165 82.63 -52.46 -39.13
N SER YD 166 82.24 -51.55 -38.22
CA SER YD 166 82.23 -51.68 -36.80
C SER YD 166 81.38 -52.85 -36.50
N ARG YD 167 80.25 -52.92 -37.23
CA ARG YD 167 79.33 -54.01 -37.11
C ARG YD 167 79.89 -55.14 -37.85
N LEU YD 168 80.01 -56.24 -37.09
CA LEU YD 168 80.52 -57.50 -37.46
C LEU YD 168 79.41 -58.48 -37.02
N GLU ZD 19 99.49 -45.38 -74.37
CA GLU ZD 19 98.62 -44.21 -74.47
C GLU ZD 19 98.78 -43.31 -73.28
N CYS ZD 20 97.66 -42.65 -72.97
CA CYS ZD 20 97.52 -41.81 -71.83
C CYS ZD 20 96.67 -42.56 -70.89
N LEU ZD 21 96.44 -41.93 -69.74
CA LEU ZD 21 95.61 -42.49 -68.74
C LEU ZD 21 94.40 -41.61 -68.75
N VAL ZD 22 93.27 -42.12 -68.25
CA VAL ZD 22 92.03 -41.40 -68.17
C VAL ZD 22 92.17 -40.28 -67.21
N THR ZD 23 92.87 -40.51 -66.09
CA THR ZD 23 93.08 -39.40 -65.18
C THR ZD 23 94.01 -38.36 -65.80
N GLU ZD 24 95.14 -38.83 -66.32
CA GLU ZD 24 96.11 -37.95 -66.94
C GLU ZD 24 95.45 -37.02 -67.96
N SER ZD 25 94.23 -37.34 -68.38
CA SER ZD 25 93.53 -36.51 -69.34
C SER ZD 25 92.72 -35.51 -68.57
N LEU ZD 26 91.77 -36.00 -67.79
CA LEU ZD 26 90.90 -35.17 -66.97
C LEU ZD 26 91.72 -34.04 -66.33
N LYS ZD 27 92.91 -34.39 -65.90
CA LYS ZD 27 93.81 -33.42 -65.27
C LYS ZD 27 94.11 -32.30 -66.25
N VAL ZD 28 94.46 -32.66 -67.47
CA VAL ZD 28 94.75 -31.67 -68.48
C VAL ZD 28 93.47 -30.93 -68.87
N LYS ZD 29 92.40 -31.68 -69.12
CA LYS ZD 29 91.13 -31.09 -69.51
C LYS ZD 29 90.77 -30.02 -68.51
N LEU ZD 30 90.99 -30.32 -67.24
CA LEU ZD 30 90.70 -29.40 -66.15
C LEU ZD 30 91.63 -28.20 -66.11
N GLN ZD 31 92.94 -28.46 -66.05
CA GLN ZD 31 93.91 -27.38 -66.01
C GLN ZD 31 93.82 -26.49 -67.24
N TRP ZD 32 93.53 -27.06 -68.40
CA TRP ZD 32 93.42 -26.26 -69.61
C TRP ZD 32 92.38 -25.20 -69.36
N ALA ZD 33 91.29 -25.59 -68.71
CA ALA ZD 33 90.22 -24.66 -68.40
C ALA ZD 33 90.73 -23.41 -67.70
N SER ZD 34 91.31 -23.59 -66.52
CA SER ZD 34 91.84 -22.47 -65.74
C SER ZD 34 92.85 -21.64 -66.49
N ALA ZD 35 93.79 -22.31 -67.14
CA ALA ZD 35 94.84 -21.62 -67.88
C ALA ZD 35 94.36 -20.82 -69.09
N PHE ZD 36 93.73 -21.50 -70.04
CA PHE ZD 36 93.23 -20.87 -71.24
C PHE ZD 36 92.36 -19.69 -70.87
N GLY ZD 37 91.26 -19.97 -70.19
CA GLY ZD 37 90.37 -18.91 -69.75
C GLY ZD 37 89.21 -18.61 -70.69
N HIS ZD 38 88.74 -17.37 -70.63
CA HIS ZD 38 87.62 -16.94 -71.46
C HIS ZD 38 87.83 -15.54 -72.05
N ALA ZD 39 87.20 -15.30 -73.20
CA ALA ZD 39 87.26 -14.02 -73.89
C ALA ZD 39 88.68 -13.50 -74.05
N HIS ZD 40 88.86 -12.22 -73.76
CA HIS ZD 40 90.16 -11.57 -73.87
C HIS ZD 40 91.29 -12.36 -73.21
N GLU ZD 41 91.04 -12.88 -72.02
CA GLU ZD 41 92.04 -13.67 -71.29
C GLU ZD 41 92.78 -14.66 -72.21
N ARG ZD 42 92.08 -15.12 -73.24
CA ARG ZD 42 92.62 -16.05 -74.21
C ARG ZD 42 93.55 -15.38 -75.18
N VAL ZD 43 93.05 -14.36 -75.87
CA VAL ZD 43 93.87 -13.65 -76.84
C VAL ZD 43 95.22 -13.36 -76.21
N ALA ZD 44 95.18 -12.96 -74.94
CA ALA ZD 44 96.39 -12.64 -74.18
C ALA ZD 44 97.28 -13.85 -74.13
N PHE ZD 45 96.67 -15.00 -73.84
CA PHE ZD 45 97.39 -16.25 -73.78
C PHE ZD 45 98.01 -16.53 -75.14
N GLY ZD 46 97.16 -16.65 -76.16
CA GLY ZD 46 97.67 -16.91 -77.50
C GLY ZD 46 98.84 -16.01 -77.83
N LEU ZD 47 98.65 -14.70 -77.71
CA LEU ZD 47 99.71 -13.75 -78.00
C LEU ZD 47 100.99 -14.10 -77.25
N GLU ZD 48 100.92 -14.11 -75.93
CA GLU ZD 48 102.09 -14.43 -75.13
C GLU ZD 48 102.78 -15.68 -75.67
N LEU ZD 49 102.01 -16.70 -76.01
CA LEU ZD 49 102.56 -17.95 -76.54
C LEU ZD 49 103.34 -17.77 -77.82
N TRP ZD 50 102.67 -17.34 -78.86
CA TRP ZD 50 103.33 -17.14 -80.14
C TRP ZD 50 104.52 -16.21 -80.09
N ARG ZD 51 104.47 -15.19 -79.23
CA ARG ZD 51 105.60 -14.29 -79.15
C ARG ZD 51 106.81 -15.08 -78.74
N ASP ZD 52 106.72 -15.76 -77.61
CA ASP ZD 52 107.82 -16.57 -77.10
C ASP ZD 52 108.33 -17.55 -78.15
N ILE ZD 53 107.41 -18.12 -78.93
CA ILE ZD 53 107.78 -19.08 -79.95
C ILE ZD 53 108.56 -18.44 -81.09
N ILE ZD 54 108.03 -17.37 -81.63
CA ILE ZD 54 108.68 -16.70 -82.73
C ILE ZD 54 110.03 -16.07 -82.36
N ASP ZD 55 110.19 -15.63 -81.11
CA ASP ZD 55 111.47 -15.03 -80.72
C ASP ZD 55 112.54 -16.09 -80.65
N ASP ZD 56 112.12 -17.30 -80.29
CA ASP ZD 56 113.03 -18.43 -80.17
C ASP ZD 56 113.43 -18.97 -81.54
N HIS ZD 57 112.47 -19.05 -82.44
CA HIS ZD 57 112.72 -19.57 -83.79
C HIS ZD 57 112.05 -18.73 -84.86
N PRO ZD 58 112.65 -17.58 -85.21
CA PRO ZD 58 112.10 -16.67 -86.22
C PRO ZD 58 111.86 -17.30 -87.59
N GLU ZD 59 112.29 -18.55 -87.75
CA GLU ZD 59 112.11 -19.24 -89.01
C GLU ZD 59 110.63 -19.42 -89.27
N ILE ZD 60 109.84 -19.41 -88.21
CA ILE ZD 60 108.41 -19.61 -88.33
C ILE ZD 60 107.63 -18.45 -88.93
N LYS ZD 61 108.15 -17.24 -88.81
CA LYS ZD 61 107.44 -16.10 -89.39
C LYS ZD 61 107.17 -16.32 -90.88
N ALA ZD 62 107.82 -17.34 -91.45
CA ALA ZD 62 107.68 -17.64 -92.86
C ALA ZD 62 106.30 -18.13 -93.28
N PRO ZD 63 105.89 -19.33 -92.86
CA PRO ZD 63 104.58 -19.84 -93.25
C PRO ZD 63 103.40 -19.01 -92.74
N PHE ZD 64 103.65 -18.22 -91.70
CA PHE ZD 64 102.63 -17.37 -91.13
C PHE ZD 64 102.53 -16.07 -91.91
N SER ZD 65 103.04 -16.08 -93.13
CA SER ZD 65 103.02 -14.90 -93.99
C SER ZD 65 101.60 -14.51 -94.36
N ARG ZD 66 100.73 -15.50 -94.53
CA ARG ZD 66 99.34 -15.27 -94.91
C ARG ZD 66 98.59 -14.53 -93.81
N VAL ZD 67 98.93 -14.85 -92.57
CA VAL ZD 67 98.30 -14.24 -91.41
C VAL ZD 67 99.23 -13.26 -90.70
N ARG ZD 68 99.76 -12.29 -91.44
CA ARG ZD 68 100.67 -11.28 -90.90
C ARG ZD 68 101.41 -11.78 -89.67
N GLY ZD 69 102.34 -12.70 -89.89
CA GLY ZD 69 103.11 -13.24 -88.80
C GLY ZD 69 104.21 -12.30 -88.35
N ASP ZD 70 104.48 -11.28 -89.15
CA ASP ZD 70 105.53 -10.32 -88.80
C ASP ZD 70 105.07 -9.49 -87.59
N ASN ZD 71 103.79 -9.14 -87.59
CA ASN ZD 71 103.19 -8.35 -86.51
C ASN ZD 71 102.16 -9.22 -85.80
N ILE ZD 72 102.60 -9.93 -84.77
CA ILE ZD 72 101.70 -10.79 -84.03
C ILE ZD 72 100.60 -10.06 -83.28
N TYR ZD 73 100.76 -8.76 -83.09
CA TYR ZD 73 99.77 -7.96 -82.38
C TYR ZD 73 98.61 -7.54 -83.29
N SER ZD 74 98.80 -7.73 -84.59
CA SER ZD 74 97.80 -7.38 -85.60
C SER ZD 74 96.56 -8.23 -85.45
N PRO ZD 75 95.42 -7.72 -85.92
CA PRO ZD 75 94.17 -8.47 -85.83
C PRO ZD 75 94.24 -9.69 -86.72
N GLU ZD 76 94.84 -9.53 -87.89
CA GLU ZD 76 94.96 -10.64 -88.81
C GLU ZD 76 95.57 -11.84 -88.10
N PHE ZD 77 96.71 -11.63 -87.46
CA PHE ZD 77 97.40 -12.70 -86.75
C PHE ZD 77 96.61 -13.08 -85.53
N GLY ZD 78 96.11 -12.08 -84.82
CA GLY ZD 78 95.33 -12.34 -83.63
C GLY ZD 78 94.26 -13.34 -83.92
N ALA ZD 79 93.56 -13.16 -85.03
CA ALA ZD 79 92.51 -14.06 -85.44
C ALA ZD 79 93.12 -15.44 -85.48
N HIS ZD 80 94.11 -15.60 -86.32
CA HIS ZD 80 94.81 -16.87 -86.46
C HIS ZD 80 95.08 -17.49 -85.11
N SER ZD 81 95.86 -16.77 -84.31
CA SER ZD 81 96.23 -17.17 -82.96
C SER ZD 81 95.08 -17.89 -82.28
N GLN ZD 82 93.94 -17.23 -82.27
CA GLN ZD 82 92.75 -17.78 -81.65
C GLN ZD 82 92.32 -19.09 -82.31
N ARG ZD 83 92.18 -19.07 -83.63
CA ARG ZD 83 91.76 -20.25 -84.36
C ARG ZD 83 92.57 -21.45 -83.92
N VAL ZD 84 93.87 -21.22 -83.79
CA VAL ZD 84 94.79 -22.25 -83.38
C VAL ZD 84 94.40 -22.78 -82.01
N LEU ZD 85 94.54 -21.94 -81.00
CA LEU ZD 85 94.21 -22.32 -79.65
C LEU ZD 85 92.90 -23.07 -79.63
N SER ZD 86 91.92 -22.57 -80.37
CA SER ZD 86 90.62 -23.23 -80.39
C SER ZD 86 90.76 -24.69 -80.77
N GLY ZD 87 91.45 -24.95 -81.86
CA GLY ZD 87 91.65 -26.33 -82.30
C GLY ZD 87 92.27 -27.15 -81.19
N LEU ZD 88 93.27 -26.55 -80.54
CA LEU ZD 88 93.96 -27.21 -79.44
C LEU ZD 88 92.90 -27.54 -78.37
N ASP ZD 89 91.97 -26.62 -78.16
CA ASP ZD 89 90.91 -26.84 -77.19
C ASP ZD 89 90.16 -28.12 -77.58
N ILE ZD 90 89.73 -28.17 -78.84
CA ILE ZD 90 89.00 -29.33 -79.34
C ILE ZD 90 89.75 -30.61 -79.04
N THR ZD 91 90.93 -30.74 -79.62
CA THR ZD 91 91.74 -31.93 -79.40
C THR ZD 91 91.73 -32.28 -77.92
N ILE ZD 92 92.12 -31.35 -77.06
CA ILE ZD 92 92.15 -31.61 -75.63
C ILE ZD 92 90.80 -32.10 -75.11
N SER ZD 93 89.69 -31.48 -75.60
CA SER ZD 93 88.36 -31.84 -75.18
C SER ZD 93 87.97 -33.15 -75.79
N MET ZD 94 88.62 -33.56 -76.88
CA MET ZD 94 88.27 -34.77 -77.57
C MET ZD 94 88.74 -35.92 -76.74
N LEU ZD 95 89.81 -35.58 -75.99
CA LEU ZD 95 90.98 -36.34 -75.78
C LEU ZD 95 90.68 -37.55 -74.97
N ASP ZD 96 89.80 -37.32 -73.98
CA ASP ZD 96 89.49 -38.24 -72.94
C ASP ZD 96 88.82 -39.44 -73.51
N THR ZD 97 87.94 -39.19 -74.46
CA THR ZD 97 87.11 -40.19 -75.00
C THR ZD 97 87.67 -40.48 -76.35
N PRO ZD 98 88.13 -41.70 -76.43
CA PRO ZD 98 88.93 -42.22 -77.53
C PRO ZD 98 88.34 -42.14 -78.92
N ASP ZD 99 87.08 -42.53 -79.05
CA ASP ZD 99 86.43 -42.51 -80.36
C ASP ZD 99 86.45 -41.14 -81.01
N MET ZD 100 86.31 -40.10 -80.20
CA MET ZD 100 86.29 -38.74 -80.73
C MET ZD 100 87.70 -38.27 -81.03
N LEU ZD 101 88.63 -38.60 -80.15
CA LEU ZD 101 90.02 -38.21 -80.33
C LEU ZD 101 90.58 -38.83 -81.60
N ALA ZD 102 90.50 -40.16 -81.69
CA ALA ZD 102 90.99 -40.89 -82.84
C ALA ZD 102 90.49 -40.24 -84.13
N ALA ZD 103 89.23 -39.82 -84.11
CA ALA ZD 103 88.61 -39.17 -85.26
C ALA ZD 103 89.16 -37.78 -85.48
N GLN ZD 104 89.14 -36.97 -84.42
CA GLN ZD 104 89.64 -35.61 -84.45
C GLN ZD 104 91.08 -35.60 -84.91
N LEU ZD 105 91.90 -36.45 -84.32
CA LEU ZD 105 93.30 -36.52 -84.70
C LEU ZD 105 93.43 -36.80 -86.19
N ALA ZD 106 92.74 -37.84 -86.65
CA ALA ZD 106 92.79 -38.20 -88.06
C ALA ZD 106 92.43 -36.98 -88.92
N HIS ZD 107 91.42 -36.23 -88.48
CA HIS ZD 107 90.97 -35.05 -89.20
C HIS ZD 107 92.07 -34.01 -89.27
N LEU ZD 108 92.83 -33.84 -88.19
CA LEU ZD 108 93.91 -32.87 -88.16
C LEU ZD 108 95.07 -33.29 -89.06
N LYS ZD 109 95.38 -34.59 -89.06
CA LYS ZD 109 96.47 -35.11 -89.88
C LYS ZD 109 96.29 -34.70 -91.33
N VAL ZD 110 95.06 -34.78 -91.82
CA VAL ZD 110 94.77 -34.42 -93.18
C VAL ZD 110 95.07 -32.96 -93.47
N GLN ZD 111 94.59 -32.06 -92.63
CA GLN ZD 111 94.82 -30.63 -92.82
C GLN ZD 111 96.31 -30.28 -92.84
N HIS ZD 112 97.14 -31.24 -92.48
CA HIS ZD 112 98.58 -31.02 -92.43
C HIS ZD 112 99.37 -31.75 -93.51
N VAL ZD 113 99.18 -33.06 -93.61
CA VAL ZD 113 99.90 -33.87 -94.58
C VAL ZD 113 100.08 -33.20 -95.94
N GLU ZD 114 99.00 -32.50 -96.38
CA GLU ZD 114 98.89 -32.01 -97.71
C GLU ZD 114 100.04 -31.08 -97.90
N ARG ZD 115 100.37 -30.34 -96.82
CA ARG ZD 115 101.21 -29.18 -96.80
C ARG ZD 115 102.47 -29.54 -96.07
N ASN ZD 116 103.53 -28.75 -96.35
CA ASN ZD 116 104.78 -28.84 -95.71
C ASN ZD 116 104.72 -28.09 -94.41
N LEU ZD 117 105.34 -28.74 -93.43
CA LEU ZD 117 105.59 -28.22 -92.14
C LEU ZD 117 106.71 -29.03 -91.69
N LYS ZD 118 107.54 -28.45 -90.81
CA LYS ZD 118 108.54 -29.19 -90.15
C LYS ZD 118 107.94 -29.76 -88.92
N PRO ZD 119 108.50 -30.90 -88.84
CA PRO ZD 119 108.34 -31.82 -87.76
C PRO ZD 119 108.73 -31.18 -86.49
N GLU ZD 120 109.92 -30.57 -86.48
CA GLU ZD 120 110.47 -30.07 -85.24
C GLU ZD 120 109.73 -28.83 -84.74
N PHE ZD 121 109.04 -28.13 -85.63
CA PHE ZD 121 108.29 -26.93 -85.27
C PHE ZD 121 107.31 -27.25 -84.16
N PHE ZD 122 106.61 -28.37 -84.31
CA PHE ZD 122 105.64 -28.80 -83.32
C PHE ZD 122 106.31 -29.11 -82.00
N ASP ZD 123 107.48 -29.75 -82.06
CA ASP ZD 123 108.21 -30.07 -80.84
C ASP ZD 123 108.51 -28.76 -80.11
N ILE ZD 124 108.64 -27.69 -80.89
CA ILE ZD 124 108.92 -26.35 -80.37
C ILE ZD 124 107.64 -25.80 -79.76
N PHE ZD 125 106.59 -25.79 -80.56
CA PHE ZD 125 105.29 -25.33 -80.11
C PHE ZD 125 104.99 -25.92 -78.74
N LEU ZD 126 105.12 -27.24 -78.63
CA LEU ZD 126 104.87 -27.93 -77.37
C LEU ZD 126 105.74 -27.40 -76.27
N LYS ZD 127 107.02 -27.26 -76.54
CA LYS ZD 127 107.95 -26.76 -75.53
C LYS ZD 127 107.35 -25.50 -74.87
N HIS ZD 128 106.96 -24.53 -75.69
CA HIS ZD 128 106.42 -23.29 -75.16
C HIS ZD 128 105.06 -23.43 -74.52
N LEU ZD 129 104.13 -24.10 -75.20
CA LEU ZD 129 102.80 -24.28 -74.64
C LEU ZD 129 102.91 -24.73 -73.20
N LEU ZD 130 103.90 -25.57 -72.90
CA LEU ZD 130 104.10 -26.05 -71.55
C LEU ZD 130 104.72 -24.97 -70.71
N HIS ZD 131 105.68 -24.27 -71.29
CA HIS ZD 131 106.35 -23.19 -70.58
C HIS ZD 131 105.30 -22.19 -70.12
N VAL ZD 132 104.44 -21.77 -71.04
CA VAL ZD 132 103.37 -20.82 -70.73
C VAL ZD 132 102.39 -21.34 -69.68
N LEU ZD 133 101.81 -22.52 -69.91
CA LEU ZD 133 100.89 -23.10 -68.93
C LEU ZD 133 101.60 -23.15 -67.58
N GLY ZD 134 102.92 -23.37 -67.62
CA GLY ZD 134 103.68 -23.40 -66.40
C GLY ZD 134 103.48 -22.14 -65.60
N ASP ZD 135 103.62 -20.99 -66.26
CA ASP ZD 135 103.43 -19.69 -65.62
C ASP ZD 135 102.00 -19.56 -65.14
N ARG ZD 136 101.06 -19.72 -66.05
CA ARG ZD 136 99.65 -19.62 -65.72
C ARG ZD 136 99.21 -20.47 -64.55
N LEU ZD 137 99.52 -21.76 -64.60
CA LEU ZD 137 99.09 -22.66 -63.55
C LEU ZD 137 99.95 -22.69 -62.28
N GLY ZD 138 101.23 -22.37 -62.42
CA GLY ZD 138 102.10 -22.36 -61.26
C GLY ZD 138 102.74 -23.70 -60.98
N THR ZD 139 102.87 -24.04 -59.70
CA THR ZD 139 103.50 -25.28 -59.31
C THR ZD 139 102.56 -26.46 -59.40
N HIS ZD 140 101.26 -26.18 -59.45
CA HIS ZD 140 100.26 -27.24 -59.52
C HIS ZD 140 100.31 -27.92 -60.88
N PHE ZD 141 100.76 -27.17 -61.88
CA PHE ZD 141 100.84 -27.63 -63.24
C PHE ZD 141 101.36 -29.04 -63.33
N ASP ZD 142 100.52 -29.96 -63.79
CA ASP ZD 142 100.97 -31.36 -63.91
C ASP ZD 142 101.70 -31.60 -65.22
N PHE ZD 143 102.95 -31.18 -65.24
CA PHE ZD 143 103.82 -31.33 -66.40
C PHE ZD 143 103.68 -32.74 -66.96
N GLY ZD 144 103.91 -33.74 -66.13
CA GLY ZD 144 103.81 -35.12 -66.56
C GLY ZD 144 102.60 -35.34 -67.42
N ALA ZD 145 101.42 -35.13 -66.84
CA ALA ZD 145 100.16 -35.32 -67.54
C ALA ZD 145 100.10 -34.59 -68.88
N TRP ZD 146 100.51 -33.33 -68.90
CA TRP ZD 146 100.48 -32.59 -70.15
C TRP ZD 146 101.42 -33.18 -71.20
N HIS ZD 147 102.70 -33.29 -70.85
CA HIS ZD 147 103.67 -33.84 -71.78
C HIS ZD 147 103.17 -35.13 -72.40
N ASP ZD 148 102.82 -36.09 -71.56
CA ASP ZD 148 102.30 -37.36 -72.04
C ASP ZD 148 101.07 -37.16 -72.92
N CYS ZD 149 100.22 -36.22 -72.54
CA CYS ZD 149 98.98 -35.98 -73.26
C CYS ZD 149 98.97 -35.06 -74.47
N VAL ZD 150 99.56 -33.88 -74.37
CA VAL ZD 150 99.59 -32.98 -75.52
C VAL ZD 150 100.47 -33.58 -76.60
N ASP ZD 151 101.50 -34.32 -76.18
CA ASP ZD 151 102.42 -34.94 -77.13
C ASP ZD 151 101.59 -35.75 -78.11
N GLN ZD 152 100.82 -36.69 -77.59
CA GLN ZD 152 99.96 -37.54 -78.41
C GLN ZD 152 99.17 -36.71 -79.46
N ILE ZD 153 98.80 -35.49 -79.10
CA ILE ZD 153 98.03 -34.64 -80.00
C ILE ZD 153 98.92 -34.10 -81.10
N ILE ZD 154 100.18 -33.83 -80.79
CA ILE ZD 154 101.10 -33.30 -81.77
C ILE ZD 154 101.46 -34.35 -82.80
N ASP ZD 155 101.90 -35.52 -82.35
CA ASP ZD 155 102.29 -36.58 -83.27
C ASP ZD 155 101.21 -36.86 -84.30
N GLY ZD 156 99.95 -36.90 -83.85
CA GLY ZD 156 98.91 -37.37 -84.74
C GLY ZD 156 98.77 -36.41 -85.87
N ILE ZD 157 98.73 -35.11 -85.54
CA ILE ZD 157 98.48 -34.10 -86.52
C ILE ZD 157 99.65 -34.16 -87.40
N LYS ZD 158 100.81 -34.25 -86.71
CA LYS ZD 158 102.15 -34.11 -87.25
C LYS ZD 158 102.25 -34.83 -88.62
N ARG AE 24 23.40 13.25 10.00
CA ARG AE 24 23.29 14.67 9.65
C ARG AE 24 24.03 15.07 8.44
N PHE AE 25 23.69 16.28 8.04
CA PHE AE 25 24.25 16.91 6.92
C PHE AE 25 25.70 17.21 7.15
N GLN AE 26 26.06 17.66 8.36
CA GLN AE 26 27.37 18.23 8.47
C GLN AE 26 28.40 17.17 8.20
N TYR AE 27 28.04 15.95 8.66
CA TYR AE 27 28.60 14.68 9.05
C TYR AE 27 29.47 13.98 8.04
N LEU AE 28 28.73 13.45 7.06
CA LEU AE 28 29.16 12.44 6.14
C LEU AE 28 30.03 13.16 5.24
N VAL AE 29 29.78 14.47 5.22
CA VAL AE 29 30.66 15.37 4.48
C VAL AE 29 32.06 15.41 5.06
N LYS AE 30 32.17 15.47 6.38
CA LYS AE 30 33.46 15.53 7.05
C LYS AE 30 34.41 14.45 6.55
N ASN AE 31 33.86 13.34 6.07
CA ASN AE 31 34.69 12.25 5.56
C ASN AE 31 34.83 12.28 4.05
N GLN AE 32 33.80 12.77 3.36
CA GLN AE 32 33.86 12.85 1.90
C GLN AE 32 35.07 13.71 1.52
N ASN AE 33 35.22 14.85 2.20
CA ASN AE 33 36.36 15.73 1.94
C ASN AE 33 37.65 14.99 2.26
N LEU AE 34 37.53 13.94 3.08
CA LEU AE 34 38.70 13.16 3.45
C LEU AE 34 39.01 12.18 2.33
N HIS AE 35 37.99 11.52 1.81
CA HIS AE 35 38.19 10.58 0.72
C HIS AE 35 38.89 11.33 -0.40
N ILE AE 36 38.62 12.63 -0.49
CA ILE AE 36 39.24 13.45 -1.52
C ILE AE 36 40.65 13.85 -1.10
N ASP AE 37 40.78 14.39 0.12
CA ASP AE 37 42.09 14.78 0.61
C ASP AE 37 42.99 13.55 0.42
N TYR AE 38 42.35 12.38 0.31
CA TYR AE 38 43.04 11.10 0.11
C TYR AE 38 43.57 11.06 -1.31
N LEU AE 39 42.65 10.99 -2.27
CA LEU AE 39 43.02 10.96 -3.67
C LEU AE 39 44.14 11.93 -3.98
N ALA AE 40 44.03 13.15 -3.48
CA ALA AE 40 45.04 14.17 -3.71
C ALA AE 40 46.44 13.64 -3.38
N LYS AE 41 46.56 12.87 -2.30
CA LYS AE 41 47.84 12.31 -1.87
C LYS AE 41 48.27 11.12 -2.75
N LYS AE 42 47.35 10.19 -3.01
CA LYS AE 42 47.66 9.02 -3.83
C LYS AE 42 48.09 9.46 -5.22
N LEU AE 43 47.73 10.70 -5.56
CA LEU AE 43 48.07 11.28 -6.85
C LEU AE 43 49.40 12.02 -6.78
N HIS AE 44 49.59 12.77 -5.71
CA HIS AE 44 50.84 13.50 -5.53
C HIS AE 44 51.97 12.49 -5.47
N ASP AE 45 51.71 11.38 -4.80
CA ASP AE 45 52.71 10.32 -4.68
C ASP AE 45 52.94 9.66 -6.05
N ILE AE 46 52.20 10.14 -7.04
CA ILE AE 46 52.32 9.66 -8.42
C ILE AE 46 53.03 10.70 -9.25
N GLU AE 47 52.48 11.90 -9.25
CA GLU AE 47 53.07 13.00 -9.98
C GLU AE 47 54.52 13.14 -9.50
N GLU AE 48 54.78 12.67 -8.29
CA GLU AE 48 56.13 12.73 -7.72
C GLU AE 48 56.97 11.66 -8.38
N GLU AE 49 56.49 10.42 -8.33
CA GLU AE 49 57.21 9.29 -8.92
C GLU AE 49 57.35 9.51 -10.43
N TYR AE 50 56.66 10.52 -10.94
CA TYR AE 50 56.72 10.84 -12.36
C TYR AE 50 57.98 11.64 -12.63
N ASN AE 51 58.13 12.76 -11.95
CA ASN AE 51 59.29 13.64 -12.11
C ASN AE 51 60.61 12.89 -11.95
N LYS AE 52 60.60 11.82 -11.12
CA LYS AE 52 61.80 11.08 -10.87
C LYS AE 52 62.27 10.61 -12.22
N LEU AE 53 61.33 10.14 -13.08
CA LEU AE 53 61.59 9.61 -14.39
C LEU AE 53 61.57 10.72 -15.39
N THR AE 54 62.66 10.76 -16.16
CA THR AE 54 63.11 11.89 -16.88
C THR AE 54 62.12 12.27 -17.91
N HIS AE 55 62.48 13.37 -18.55
CA HIS AE 55 61.56 14.12 -19.30
C HIS AE 55 61.87 13.73 -20.68
N ASP AE 56 60.89 13.79 -21.54
CA ASP AE 56 61.17 13.13 -22.74
C ASP AE 56 62.13 14.06 -23.48
N VAL AE 57 63.10 13.47 -24.22
CA VAL AE 57 64.18 14.23 -24.80
C VAL AE 57 63.63 15.12 -25.84
N ASP AE 58 64.27 16.30 -25.97
CA ASP AE 58 63.74 17.41 -26.71
C ASP AE 58 63.96 17.21 -28.17
N LYS AE 59 61.44 15.43 -29.39
CA LYS AE 59 61.56 15.28 -30.84
C LYS AE 59 62.80 16.01 -31.34
N LYS AE 60 63.18 17.08 -30.66
CA LYS AE 60 64.36 17.86 -31.04
C LYS AE 60 65.65 17.01 -30.99
N THR AE 61 65.57 15.85 -30.34
CA THR AE 61 66.72 14.94 -30.22
C THR AE 61 66.76 14.02 -31.41
N ILE AE 62 65.67 13.31 -31.62
CA ILE AE 62 65.57 12.42 -32.77
C ILE AE 62 66.00 13.20 -34.00
N ARG AE 63 65.48 14.42 -34.13
CA ARG AE 63 65.79 15.27 -35.28
C ARG AE 63 67.29 15.36 -35.47
N GLN AE 64 68.03 15.58 -34.39
CA GLN AE 64 69.47 15.71 -34.44
C GLN AE 64 70.15 14.42 -34.87
N LEU AE 65 69.54 13.29 -34.55
CA LEU AE 65 70.07 11.97 -34.94
C LEU AE 65 69.88 11.80 -36.42
N LYS AE 66 68.62 11.85 -36.87
CA LYS AE 66 68.29 11.73 -38.28
C LYS AE 66 69.24 12.64 -39.05
N ALA AE 67 69.67 13.76 -38.45
CA ALA AE 67 70.58 14.69 -39.11
C ALA AE 67 71.95 14.08 -39.13
N ARG AE 68 72.59 13.97 -37.96
CA ARG AE 68 73.93 13.41 -37.83
C ARG AE 68 74.09 12.21 -38.75
N ILE AE 69 73.08 11.35 -38.75
CA ILE AE 69 73.08 10.16 -39.57
C ILE AE 69 73.04 10.54 -41.03
N SER AE 70 71.99 11.23 -41.42
CA SER AE 70 71.83 11.65 -42.81
C SER AE 70 73.09 12.33 -43.37
N ASN AE 71 73.91 12.99 -42.53
CA ASN AE 71 74.96 13.72 -43.19
C ASN AE 71 75.91 12.75 -43.76
N LEU AE 72 76.08 11.58 -43.14
CA LEU AE 72 77.20 10.81 -43.57
C LEU AE 72 76.92 10.40 -44.99
N GLU AE 73 77.60 6.49 -47.62
CA GLU AE 73 76.88 6.11 -48.81
C GLU AE 73 77.22 7.08 -49.90
N GLU AE 74 77.08 6.61 -51.15
CA GLU AE 74 77.44 7.36 -52.32
C GLU AE 74 76.27 8.18 -52.77
N HIS AE 75 76.56 9.12 -53.67
CA HIS AE 75 75.53 9.65 -54.51
C HIS AE 75 75.90 9.26 -55.90
N HIS AE 76 74.87 9.18 -56.74
CA HIS AE 76 75.02 8.66 -58.05
C HIS AE 76 76.01 9.55 -58.76
N CYS AE 77 75.88 10.88 -58.60
CA CYS AE 77 76.49 11.76 -59.54
C CYS AE 77 77.98 11.73 -59.45
N ASP AE 78 78.55 11.66 -60.67
CA ASP AE 78 79.89 12.00 -61.04
C ASP AE 78 79.94 13.49 -60.87
N GLU AE 79 81.16 14.06 -60.95
CA GLU AE 79 81.49 15.28 -60.27
C GLU AE 79 80.80 16.45 -60.91
N HIS AE 80 80.51 17.48 -60.08
CA HIS AE 80 79.84 18.70 -60.46
C HIS AE 80 78.63 18.37 -61.23
N GLU AE 81 77.75 17.59 -60.58
CA GLU AE 81 76.31 17.42 -60.60
C GLU AE 81 75.84 17.16 -59.17
N SER AE 82 74.65 17.62 -58.84
CA SER AE 82 74.07 17.40 -57.52
C SER AE 82 72.62 17.02 -57.71
N GLU AE 83 72.07 16.24 -56.78
CA GLU AE 83 70.70 15.79 -56.94
C GLU AE 83 69.62 16.76 -56.49
N CYS AE 84 68.43 16.73 -57.12
CA CYS AE 84 67.41 17.62 -56.61
C CYS AE 84 66.92 17.08 -55.31
N ARG AE 85 66.64 18.02 -54.39
CA ARG AE 85 66.48 17.83 -52.98
C ARG AE 85 65.42 16.79 -52.75
N GLY AE 86 64.35 16.84 -53.56
CA GLY AE 86 63.15 16.17 -53.18
C GLY AE 86 63.23 14.74 -53.54
N ASP AE 87 62.03 14.14 -53.72
CA ASP AE 87 61.69 12.75 -53.76
C ASP AE 87 62.41 12.13 -54.90
N VAL AE 88 62.48 12.86 -56.01
CA VAL AE 88 63.19 12.33 -57.11
C VAL AE 88 64.65 12.53 -56.83
N PRO AE 89 65.39 11.52 -57.20
CA PRO AE 89 66.81 11.44 -57.10
C PRO AE 89 67.46 12.49 -57.97
N GLU AE 90 66.81 12.81 -59.09
CA GLU AE 90 67.38 13.14 -60.35
C GLU AE 90 68.53 14.09 -60.24
N CYS AE 91 69.50 13.91 -61.13
CA CYS AE 91 70.76 14.66 -61.08
C CYS AE 91 70.84 15.76 -62.13
N ILE AE 92 71.10 17.00 -61.73
CA ILE AE 92 71.25 18.08 -62.74
C ILE AE 92 72.60 18.73 -62.52
N HIS AE 93 73.14 19.36 -63.57
CA HIS AE 93 74.46 19.97 -63.44
C HIS AE 93 74.49 21.12 -62.45
N ASP AE 94 75.62 21.26 -61.71
CA ASP AE 94 75.74 22.08 -60.55
C ASP AE 94 75.43 23.50 -60.92
N LEU AE 95 75.78 23.89 -62.16
CA LEU AE 95 75.97 25.25 -62.61
C LEU AE 95 74.71 26.03 -62.63
N LEU AE 96 73.62 25.36 -63.05
CA LEU AE 96 72.42 25.92 -63.63
C LEU AE 96 71.72 26.71 -62.60
N PHE AE 97 72.05 26.45 -61.34
CA PHE AE 97 71.58 27.30 -60.30
C PHE AE 97 72.31 28.61 -60.43
N CYS AE 98 71.57 29.74 -60.36
CA CYS AE 98 70.14 29.69 -60.40
C CYS AE 98 69.79 30.11 -61.80
N ASP AE 99 68.59 29.75 -62.29
CA ASP AE 99 67.96 30.46 -63.36
C ASP AE 99 67.53 31.77 -62.77
N GLY AE 100 67.28 31.73 -61.45
CA GLY AE 100 66.43 32.66 -60.77
C GLY AE 100 65.18 31.89 -60.55
N GLU AE 101 64.88 31.01 -61.54
CA GLU AE 101 63.69 30.20 -61.64
C GLU AE 101 64.08 28.80 -61.31
N LYS AE 102 63.07 27.92 -61.13
CA LYS AE 102 63.41 26.61 -60.73
C LYS AE 102 64.02 25.92 -61.92
N ASP AE 103 65.32 25.63 -61.78
CA ASP AE 103 65.96 24.87 -62.81
C ASP AE 103 65.20 23.59 -62.81
N CYS AE 104 64.87 23.12 -61.60
CA CYS AE 104 64.37 21.79 -61.47
C CYS AE 104 62.92 21.71 -61.81
N ARG AE 105 62.49 20.50 -62.22
CA ARG AE 105 61.10 20.20 -62.44
C ARG AE 105 60.38 20.24 -61.15
N ASP AE 106 61.03 19.59 -60.15
CA ASP AE 106 60.62 19.27 -58.79
C ASP AE 106 60.43 20.53 -58.06
N GLY AE 107 61.36 21.49 -58.30
CA GLY AE 107 61.30 22.72 -57.57
C GLY AE 107 61.67 22.39 -56.18
N SER AE 108 62.66 21.50 -56.02
CA SER AE 108 62.97 21.08 -54.70
C SER AE 108 63.59 22.25 -54.05
N ASP AE 109 64.16 23.11 -54.92
CA ASP AE 109 65.05 24.16 -54.59
C ASP AE 109 64.36 25.09 -53.65
N GLU AE 110 63.10 25.38 -53.98
CA GLU AE 110 62.33 26.50 -53.52
C GLU AE 110 62.12 26.33 -52.05
N ASP AE 111 62.24 25.06 -51.63
CA ASP AE 111 62.19 24.60 -50.28
C ASP AE 111 63.33 25.22 -49.56
N PRO AE 112 63.04 25.54 -48.34
CA PRO AE 112 63.93 26.23 -47.40
C PRO AE 112 65.30 25.59 -47.15
N GLU AE 113 65.36 24.27 -47.03
CA GLU AE 113 66.64 23.59 -46.78
C GLU AE 113 67.70 23.92 -47.83
N THR AE 114 67.27 24.56 -48.90
CA THR AE 114 68.16 24.91 -50.00
C THR AE 114 68.48 26.39 -50.01
N CYS AE 115 67.43 27.19 -49.83
CA CYS AE 115 67.56 28.64 -49.83
C CYS AE 115 67.89 29.22 -48.47
N SER AE 116 68.21 28.33 -47.52
CA SER AE 116 68.25 28.63 -46.11
C SER AE 116 69.18 29.76 -45.89
N LEU AE 117 68.86 30.46 -44.81
CA LEU AE 117 69.57 31.51 -44.18
C LEU AE 117 70.83 31.06 -43.52
N ASN AE 118 70.72 30.02 -42.68
CA ASN AE 118 71.80 29.63 -41.82
C ASN AE 118 72.92 29.18 -42.70
N ILE AE 119 72.57 28.41 -43.75
CA ILE AE 119 73.53 27.75 -44.56
C ILE AE 119 74.43 28.81 -45.12
N THR AE 120 73.81 29.83 -45.74
CA THR AE 120 74.45 30.89 -46.48
C THR AE 120 75.20 31.73 -45.51
N HIS AE 121 74.70 31.71 -44.25
CA HIS AE 121 74.91 32.72 -43.27
C HIS AE 121 76.36 32.90 -43.11
N VAL AE 122 76.73 34.17 -42.96
CA VAL AE 122 78.09 34.57 -42.93
C VAL AE 122 78.55 34.51 -41.52
N GLY AE 123 79.87 34.26 -41.36
CA GLY AE 123 80.51 34.51 -40.09
C GLY AE 123 80.38 33.26 -39.27
N SER AE 124 80.11 32.15 -39.97
CA SER AE 124 80.37 30.82 -39.52
C SER AE 124 81.86 30.63 -39.58
N SER AE 125 82.44 30.05 -38.51
CA SER AE 125 83.80 29.71 -38.16
C SER AE 125 83.99 28.23 -37.87
N TYR AE 126 85.00 27.63 -38.48
CA TYR AE 126 85.29 26.23 -38.30
C TYR AE 126 86.72 26.10 -37.78
N THR AE 127 86.91 25.26 -36.76
CA THR AE 127 88.25 25.03 -36.22
C THR AE 127 88.52 23.58 -35.88
N GLY AE 128 89.81 23.27 -35.82
CA GLY AE 128 90.23 21.92 -35.49
C GLY AE 128 91.69 22.00 -35.11
N LEU AE 129 92.34 20.85 -34.96
CA LEU AE 129 93.75 20.89 -34.62
C LEU AE 129 94.57 20.57 -35.85
N ALA AE 130 95.24 21.60 -36.35
CA ALA AE 130 96.05 21.47 -37.54
C ALA AE 130 97.35 20.78 -37.21
N THR AE 131 97.64 19.71 -37.94
CA THR AE 131 98.88 18.95 -37.75
C THR AE 131 99.56 19.05 -39.11
N TRP AE 132 100.63 19.85 -39.16
CA TRP AE 132 101.34 20.10 -40.41
C TRP AE 132 102.24 18.97 -40.88
N THR AE 133 101.96 18.50 -42.11
CA THR AE 133 102.85 17.50 -42.61
C THR AE 133 104.06 18.33 -42.74
N SER AE 134 103.84 19.44 -43.46
CA SER AE 134 104.91 20.29 -43.88
C SER AE 134 105.53 21.15 -42.81
N CYS AE 135 104.88 22.29 -42.55
CA CYS AE 135 105.60 23.38 -41.96
C CYS AE 135 105.97 23.08 -40.54
N GLU AE 136 104.99 22.59 -39.75
CA GLU AE 136 105.00 22.93 -38.37
C GLU AE 136 105.88 21.99 -37.61
N ASP AE 137 107.08 22.51 -37.29
CA ASP AE 137 108.03 21.81 -36.51
C ASP AE 137 107.29 21.52 -35.27
N LEU AE 138 106.57 22.54 -34.79
CA LEU AE 138 106.01 22.37 -33.50
C LEU AE 138 104.76 21.58 -33.59
N ASN AE 139 104.20 21.40 -32.38
CA ASN AE 139 103.16 20.55 -31.94
C ASN AE 139 101.88 21.15 -32.42
N PRO AE 140 101.12 20.30 -33.03
CA PRO AE 140 100.07 20.67 -33.93
C PRO AE 140 99.19 21.59 -33.24
N ASP AE 141 98.84 22.61 -34.00
CA ASP AE 141 98.32 23.85 -33.42
C ASP AE 141 96.88 24.03 -33.89
N HIS AE 142 96.20 25.01 -33.31
CA HIS AE 142 94.82 25.25 -33.66
C HIS AE 142 94.62 26.07 -34.91
N ALA AE 143 93.83 25.54 -35.82
CA ALA AE 143 93.52 26.23 -37.08
C ALA AE 143 92.08 26.73 -37.03
N ILE AE 144 91.85 27.93 -37.56
CA ILE AE 144 90.52 28.51 -37.55
C ILE AE 144 90.16 29.25 -38.83
N VAL AE 145 89.31 28.64 -39.64
CA VAL AE 145 88.91 29.29 -40.87
C VAL AE 145 87.53 29.82 -40.60
N THR AE 146 87.40 31.14 -40.63
CA THR AE 146 86.12 31.80 -40.36
C THR AE 146 85.71 32.77 -41.49
N ILE AE 147 84.41 32.74 -41.86
CA ILE AE 147 83.86 33.54 -42.96
C ILE AE 147 83.62 35.00 -42.62
N THR AE 148 84.22 35.91 -43.40
CA THR AE 148 84.13 37.36 -43.12
C THR AE 148 83.09 38.14 -43.89
N ALA AE 149 82.68 37.62 -45.02
CA ALA AE 149 81.65 38.28 -45.81
C ALA AE 149 81.32 37.38 -46.97
N ALA AE 150 80.09 37.41 -47.45
CA ALA AE 150 79.73 36.54 -48.56
C ALA AE 150 78.45 36.93 -49.26
N HIS AE 151 78.54 37.04 -50.60
CA HIS AE 151 77.58 37.80 -51.35
C HIS AE 151 76.26 37.13 -51.41
N ARG AE 152 75.26 37.91 -51.01
CA ARG AE 152 73.95 37.51 -51.35
C ARG AE 152 73.43 38.54 -52.26
N LYS AE 153 72.41 38.12 -52.98
CA LYS AE 153 71.42 39.07 -53.26
C LYS AE 153 70.25 38.62 -52.52
N SER AE 154 69.13 38.97 -53.13
CA SER AE 154 67.86 38.72 -52.57
C SER AE 154 67.53 37.26 -52.66
N PHE AE 155 67.50 36.76 -53.91
CA PHE AE 155 66.61 35.67 -54.19
C PHE AE 155 67.16 34.40 -53.77
N PHE AE 156 68.48 34.46 -53.59
CA PHE AE 156 69.43 33.70 -54.31
C PHE AE 156 69.44 32.40 -53.59
N PRO AE 157 69.07 31.30 -54.16
CA PRO AE 157 68.90 30.14 -53.34
C PRO AE 157 70.25 29.74 -52.81
N ASN AE 158 71.35 30.21 -53.46
CA ASN AE 158 72.51 29.37 -53.78
C ASN AE 158 73.69 29.70 -52.94
N ARG AE 159 74.88 29.42 -53.53
CA ARG AE 159 76.14 29.47 -52.87
C ARG AE 159 76.76 30.79 -53.07
N VAL AE 160 77.36 31.20 -51.95
CA VAL AE 160 77.97 32.43 -51.72
C VAL AE 160 79.34 32.26 -52.24
N TRP AE 161 79.90 33.43 -52.48
CA TRP AE 161 81.15 33.67 -53.08
C TRP AE 161 81.55 34.67 -52.11
N LEU AE 162 82.65 34.38 -51.46
CA LEU AE 162 82.86 34.86 -50.10
C LEU AE 162 84.28 35.19 -49.73
N ARG AE 163 84.43 35.72 -48.53
CA ARG AE 163 85.73 36.08 -48.01
C ARG AE 163 85.78 35.61 -46.57
N ALA AE 164 86.96 35.14 -46.17
CA ALA AE 164 87.18 34.62 -44.83
C ALA AE 164 88.60 34.87 -44.38
N THR AE 165 88.93 34.32 -43.22
CA THR AE 165 90.25 34.47 -42.61
C THR AE 165 90.73 33.11 -42.09
N LEU AE 166 92.00 32.80 -42.30
CA LEU AE 166 92.56 31.55 -41.78
C LEU AE 166 93.57 31.93 -40.71
N SER AE 167 93.36 31.48 -39.48
CA SER AE 167 94.28 31.80 -38.40
C SER AE 167 94.78 30.53 -37.74
N TYR AE 168 96.07 30.45 -37.48
CA TYR AE 168 96.63 29.28 -36.80
C TYR AE 168 97.72 29.75 -35.86
N GLU AE 169 97.71 29.22 -34.64
CA GLU AE 169 98.66 29.59 -33.59
C GLU AE 169 100.11 29.33 -34.01
N LEU AE 170 100.99 30.28 -33.65
CA LEU AE 170 102.39 30.03 -33.76
C LEU AE 170 102.77 29.06 -32.72
N ASP AE 171 102.66 29.54 -31.49
CA ASP AE 171 102.78 28.64 -30.42
C ASP AE 171 101.81 28.97 -29.39
N GLU AE 172 101.80 28.02 -28.44
CA GLU AE 172 101.42 28.12 -27.08
C GLU AE 172 102.34 29.08 -26.43
N HIS AE 173 103.64 28.92 -26.71
CA HIS AE 173 104.55 29.72 -25.96
C HIS AE 173 104.31 31.15 -26.35
N ASP AE 174 104.50 31.37 -27.65
CA ASP AE 174 104.75 32.65 -28.22
C ASP AE 174 103.58 33.47 -27.79
N HIS AE 175 102.42 32.80 -27.83
CA HIS AE 175 101.09 33.33 -27.81
C HIS AE 175 100.89 34.19 -29.02
N THR AE 176 101.41 33.74 -30.17
CA THR AE 176 101.17 34.54 -31.32
C THR AE 176 100.39 33.79 -32.30
N VAL AE 177 100.01 34.48 -33.43
CA VAL AE 177 99.14 33.75 -34.34
C VAL AE 177 99.03 34.41 -35.73
N SER AE 178 99.15 33.60 -36.77
CA SER AE 178 99.11 34.07 -38.14
C SER AE 178 97.69 34.21 -38.61
N THR AE 179 97.40 35.32 -39.29
CA THR AE 179 96.06 35.56 -39.80
C THR AE 179 96.10 36.08 -41.22
N THR AE 180 95.85 35.18 -42.17
CA THR AE 180 95.85 35.53 -43.58
C THR AE 180 94.41 35.75 -44.04
N GLN AE 181 94.17 36.74 -44.89
CA GLN AE 181 92.82 36.99 -45.40
C GLN AE 181 92.61 36.14 -46.66
N LEU AE 182 91.40 35.65 -46.87
CA LEU AE 182 91.16 34.80 -48.02
C LEU AE 182 89.98 35.25 -48.85
N ARG AE 183 89.89 34.70 -50.07
CA ARG AE 183 88.81 34.97 -51.00
C ARG AE 183 88.44 33.59 -51.56
N GLY AE 184 87.24 33.47 -52.11
CA GLY AE 184 86.84 32.18 -52.65
C GLY AE 184 85.34 32.00 -52.68
N PHE AE 185 84.91 30.75 -52.85
CA PHE AE 185 83.49 30.47 -52.89
C PHE AE 185 83.16 29.17 -52.20
N TYR AE 186 81.90 28.77 -52.27
CA TYR AE 186 81.49 27.53 -51.68
C TYR AE 186 80.73 26.77 -52.73
N ASN AE 187 81.16 25.54 -53.01
CA ASN AE 187 80.53 24.70 -54.00
C ASN AE 187 79.44 23.83 -53.42
N PHE AE 188 78.23 24.07 -53.92
CA PHE AE 188 77.01 23.45 -53.49
C PHE AE 188 77.09 22.01 -53.70
N GLY AE 189 77.53 21.68 -54.92
CA GLY AE 189 77.63 20.34 -55.40
C GLY AE 189 78.71 19.64 -54.66
N LYS AE 190 79.83 20.34 -54.45
CA LYS AE 190 81.01 19.77 -53.89
C LYS AE 190 80.88 19.58 -52.42
N ARG AE 191 80.04 20.43 -51.79
CA ARG AE 191 79.88 20.64 -50.38
C ARG AE 191 81.15 21.24 -49.87
N GLU AE 192 81.97 21.73 -50.75
CA GLU AE 192 83.33 22.11 -50.37
C GLU AE 192 83.60 23.61 -50.36
N LEU AE 193 84.30 24.03 -49.32
CA LEU AE 193 84.64 25.41 -49.14
C LEU AE 193 86.04 25.56 -49.72
N LEU AE 194 86.23 26.46 -50.68
CA LEU AE 194 87.56 26.65 -51.30
C LEU AE 194 88.07 28.08 -51.18
N LEU AE 195 89.02 28.31 -50.29
CA LEU AE 195 89.54 29.66 -50.08
C LEU AE 195 91.03 29.78 -50.37
N ALA AE 196 91.43 30.94 -50.86
CA ALA AE 196 92.83 31.21 -51.18
C ALA AE 196 93.18 32.59 -50.69
N PRO AE 197 94.48 32.90 -50.55
CA PRO AE 197 94.90 34.23 -50.08
C PRO AE 197 94.53 35.30 -51.08
N LEU AE 198 94.08 36.46 -50.49
CA LEU AE 198 93.32 37.39 -51.24
C LEU AE 198 94.22 37.86 -52.29
N LYS AE 199 95.45 38.19 -51.85
CA LYS AE 199 96.41 38.64 -52.78
C LYS AE 199 97.48 39.35 -52.05
N GLY AE 200 98.62 39.47 -52.76
CA GLY AE 200 99.38 40.69 -52.82
C GLY AE 200 100.43 40.53 -51.81
N GLN AE 201 100.23 39.44 -51.06
CA GLN AE 201 101.11 38.77 -50.15
C GLN AE 201 102.21 38.07 -50.93
N SER AE 202 101.76 37.41 -52.02
CA SER AE 202 102.31 36.52 -53.02
C SER AE 202 102.61 35.19 -52.44
N GLU AE 203 102.97 35.16 -51.15
CA GLU AE 203 102.77 33.89 -50.56
C GLU AE 203 101.65 34.12 -49.64
N GLY AE 204 100.54 33.44 -49.92
CA GLY AE 204 99.49 33.47 -48.96
C GLY AE 204 99.14 32.04 -48.91
N TYR AE 205 98.33 31.62 -47.93
CA TYR AE 205 97.99 30.25 -47.89
C TYR AE 205 96.52 30.18 -47.95
N GLY AE 206 96.03 29.00 -48.41
CA GLY AE 206 94.65 28.75 -48.67
C GLY AE 206 94.27 27.44 -48.04
N VAL AE 207 92.99 27.09 -48.22
CA VAL AE 207 92.36 26.07 -47.39
C VAL AE 207 91.17 25.46 -48.09
N ILE AE 208 91.03 24.15 -47.97
CA ILE AE 208 89.92 23.43 -48.59
C ILE AE 208 89.19 22.69 -47.48
N CYS AE 209 87.89 22.87 -47.37
CA CYS AE 209 87.13 22.18 -46.33
C CYS AE 209 85.98 21.45 -46.95
N ASP AE 210 85.90 20.14 -46.71
CA ASP AE 210 84.79 19.36 -47.25
C ASP AE 210 83.79 19.16 -46.12
N PHE AE 211 82.57 19.42 -46.52
CA PHE AE 211 81.40 19.26 -45.77
C PHE AE 211 81.30 17.81 -45.35
N ASN AE 212 81.43 16.86 -46.31
CA ASN AE 212 80.37 15.90 -46.44
C ASN AE 212 80.56 14.78 -45.49
N LEU AE 213 80.32 15.09 -44.23
CA LEU AE 213 79.65 14.21 -43.35
C LEU AE 213 78.25 14.16 -43.85
N GLY AE 214 77.76 15.30 -44.38
CA GLY AE 214 76.35 15.56 -44.46
C GLY AE 214 76.08 16.52 -43.34
N ASP AE 215 77.01 16.61 -42.39
CA ASP AE 215 76.69 17.52 -41.36
C ASP AE 215 77.01 18.89 -41.85
N ASP AE 216 76.50 19.88 -41.08
CA ASP AE 216 76.79 21.29 -41.15
C ASP AE 216 78.15 21.56 -40.65
N ASP AE 217 78.23 21.17 -39.37
CA ASP AE 217 79.11 21.71 -38.39
C ASP AE 217 80.44 21.23 -38.78
N HIS AE 218 80.44 19.99 -39.25
CA HIS AE 218 81.70 19.28 -39.24
C HIS AE 218 82.30 19.26 -40.64
N ALA AE 219 83.62 19.40 -40.72
CA ALA AE 219 84.29 19.40 -42.01
C ALA AE 219 85.72 18.85 -41.94
N ASP AE 220 86.20 18.40 -43.09
CA ASP AE 220 87.54 17.83 -43.22
C ASP AE 220 88.42 18.84 -43.91
N CYS AE 221 88.89 19.83 -43.17
CA CYS AE 221 89.72 20.86 -43.77
C CYS AE 221 91.19 20.53 -43.94
N LYS AE 222 91.82 21.12 -44.96
CA LYS AE 222 93.24 20.93 -45.22
C LYS AE 222 93.85 22.22 -45.72
N ILE AE 223 94.84 22.72 -45.00
CA ILE AE 223 95.53 23.94 -45.36
C ILE AE 223 96.43 23.63 -46.55
N VAL AE 224 96.18 24.29 -47.66
CA VAL AE 224 96.94 24.05 -48.87
C VAL AE 224 97.80 25.21 -49.29
N VAL AE 225 98.56 24.99 -50.35
CA VAL AE 225 99.36 26.03 -50.91
C VAL AE 225 98.55 26.45 -52.12
N PRO AE 226 98.21 27.74 -52.19
CA PRO AE 226 97.31 28.31 -53.19
C PRO AE 226 97.75 28.13 -54.60
N SER AE 227 99.07 27.95 -54.80
CA SER AE 227 99.55 27.41 -56.01
C SER AE 227 98.84 26.12 -56.19
N SER AE 228 99.61 25.07 -55.94
CA SER AE 228 99.39 23.85 -56.63
C SER AE 228 98.18 23.18 -56.07
N LEU AE 229 97.66 23.76 -54.96
CA LEU AE 229 96.63 23.25 -54.08
C LEU AE 229 97.10 22.03 -53.31
N PHE AE 230 98.40 21.93 -53.01
CA PHE AE 230 99.12 20.87 -52.37
C PHE AE 230 98.94 21.03 -50.86
N VAL AE 231 98.55 19.94 -50.21
CA VAL AE 231 98.31 19.89 -48.76
C VAL AE 231 99.47 20.21 -47.81
N CYS AE 232 99.50 21.42 -47.28
CA CYS AE 232 100.56 21.80 -46.37
C CYS AE 232 100.33 21.20 -45.00
N ALA AE 233 99.07 21.04 -44.64
CA ALA AE 233 98.70 20.49 -43.33
C ALA AE 233 97.21 20.11 -43.36
N HIS AE 234 96.80 19.25 -42.43
CA HIS AE 234 95.43 18.79 -42.36
C HIS AE 234 94.84 18.94 -40.96
N PHE AE 235 93.56 19.31 -40.87
CA PHE AE 235 92.88 19.45 -39.59
C PHE AE 235 91.38 19.20 -39.73
N ASN AE 236 90.87 18.27 -38.93
CA ASN AE 236 89.46 17.90 -38.97
C ASN AE 236 88.76 18.94 -38.15
N ALA AE 237 87.85 19.71 -38.76
CA ALA AE 237 87.21 20.79 -38.04
C ALA AE 237 85.74 20.65 -37.62
N GLN AE 238 85.40 21.47 -36.63
CA GLN AE 238 84.05 21.55 -36.09
C GLN AE 238 83.71 23.02 -36.10
N ARG AE 239 82.43 23.31 -35.98
CA ARG AE 239 81.95 24.67 -36.05
C ARG AE 239 81.59 25.30 -34.75
N TYR AE 240 82.02 26.56 -34.52
CA TYR AE 240 83.30 26.75 -33.85
C TYR AE 240 83.53 25.44 -33.22
N LEU BE 47 20.81 18.44 -1.12
CA LEU BE 47 20.71 17.59 0.10
C LEU BE 47 21.20 16.22 -0.21
N ASP BE 48 20.31 15.22 0.00
CA ASP BE 48 20.73 13.83 -0.23
C ASP BE 48 21.07 13.42 -1.67
N PRO BE 49 20.38 14.00 -2.68
CA PRO BE 49 20.66 13.65 -4.07
C PRO BE 49 21.95 14.22 -4.67
N ARG BE 50 22.08 15.55 -4.69
CA ARG BE 50 23.27 16.19 -5.25
C ARG BE 50 24.56 15.79 -4.52
N LEU BE 51 24.43 15.35 -3.27
CA LEU BE 51 25.58 14.94 -2.47
C LEU BE 51 25.82 13.43 -2.53
N GLY BE 52 24.73 12.65 -2.57
CA GLY BE 52 24.84 11.21 -2.64
C GLY BE 52 25.20 10.76 -4.05
N ALA BE 53 25.03 11.66 -5.00
CA ALA BE 53 25.34 11.39 -6.41
C ALA BE 53 26.74 11.91 -6.72
N ASN BE 54 27.13 12.98 -6.04
CA ASN BE 54 28.46 13.56 -6.23
C ASN BE 54 29.49 12.51 -5.86
N ALA BE 55 29.01 11.36 -5.40
CA ALA BE 55 29.86 10.25 -5.02
C ALA BE 55 30.13 9.37 -6.24
N PHE BE 56 29.08 9.02 -6.97
CA PHE BE 56 29.22 8.20 -8.17
C PHE BE 56 30.20 8.90 -9.09
N LEU BE 57 30.46 10.17 -8.77
CA LEU BE 57 31.40 11.01 -9.53
C LEU BE 57 32.80 10.77 -8.98
N ILE BE 58 32.90 10.63 -7.67
CA ILE BE 58 34.19 10.39 -7.03
C ILE BE 58 34.65 8.95 -7.20
N ILE BE 59 33.72 8.02 -7.09
CA ILE BE 59 34.05 6.62 -7.26
C ILE BE 59 34.77 6.45 -8.59
N ARG BE 60 34.37 7.27 -9.57
CA ARG BE 60 34.98 7.22 -10.89
C ARG BE 60 36.47 7.51 -10.75
N LEU BE 61 36.79 8.66 -10.18
CA LEU BE 61 38.18 9.04 -10.00
C LEU BE 61 38.99 7.95 -9.32
N ASP BE 62 38.32 7.11 -8.54
CA ASP BE 62 38.99 6.03 -7.83
C ASP BE 62 39.50 4.97 -8.82
N ARG BE 63 38.64 4.58 -9.76
CA ARG BE 63 39.02 3.60 -10.76
C ARG BE 63 40.05 4.26 -11.68
N ILE BE 64 39.81 5.52 -12.02
CA ILE BE 64 40.70 6.28 -12.88
C ILE BE 64 42.10 6.35 -12.32
N ILE BE 65 42.20 6.91 -11.12
CA ILE BE 65 43.48 7.05 -10.47
C ILE BE 65 44.20 5.70 -10.44
N GLU BE 66 43.45 4.62 -10.26
CA GLU BE 66 44.05 3.27 -10.21
C GLU BE 66 44.59 2.87 -11.57
N LYS BE 67 43.74 2.94 -12.59
CA LYS BE 67 44.15 2.58 -13.95
C LYS BE 67 45.36 3.43 -14.32
N LEU BE 68 45.36 4.66 -13.81
CA LEU BE 68 46.44 5.61 -14.06
C LEU BE 68 47.77 5.08 -13.49
N ARG BE 69 47.68 4.29 -12.42
CA ARG BE 69 48.88 3.70 -11.81
C ARG BE 69 49.49 2.73 -12.80
N THR BE 70 48.65 1.94 -13.45
CA THR BE 70 49.10 0.96 -14.43
C THR BE 70 49.85 1.65 -15.57
N LYS BE 71 49.34 2.81 -16.00
CA LYS BE 71 49.97 3.55 -17.08
C LYS BE 71 51.34 4.06 -16.67
N LEU BE 72 51.46 4.52 -15.43
CA LEU BE 72 52.73 5.03 -14.97
C LEU BE 72 53.74 3.88 -14.90
N ASP BE 73 53.24 2.65 -14.90
CA ASP BE 73 54.09 1.47 -14.85
C ASP BE 73 54.55 1.15 -16.26
N GLU BE 74 53.63 1.32 -17.22
CA GLU BE 74 53.93 1.07 -18.62
C GLU BE 74 54.92 2.13 -19.10
N ALA BE 75 54.74 3.34 -18.61
CA ALA BE 75 55.58 4.47 -18.98
C ALA BE 75 57.04 4.34 -18.57
N GLU BE 76 57.27 3.69 -17.43
CA GLU BE 76 58.64 3.51 -16.93
C GLU BE 76 59.43 2.53 -17.81
N LYS BE 77 58.72 1.68 -18.55
CA LYS BE 77 59.35 0.69 -19.43
C LYS BE 77 59.79 1.30 -20.76
N ILE BE 78 59.10 2.30 -21.24
CA ILE BE 78 59.67 2.86 -22.42
C ILE BE 78 60.23 4.19 -22.03
N ASP BE 79 61.57 4.25 -21.77
CA ASP BE 79 62.10 5.58 -21.69
C ASP BE 79 62.55 5.90 -23.02
N PRO BE 80 61.92 6.87 -23.51
CA PRO BE 80 62.46 7.62 -24.64
C PRO BE 80 63.93 8.01 -24.48
N GLU BE 81 64.25 8.79 -23.46
CA GLU BE 81 65.64 9.22 -23.23
C GLU BE 81 66.59 8.02 -23.26
N HIS BE 82 66.04 6.83 -23.08
CA HIS BE 82 66.83 5.60 -23.10
C HIS BE 82 66.94 5.11 -24.53
N PHE BE 83 65.79 4.92 -25.18
CA PHE BE 83 65.75 4.48 -26.56
C PHE BE 83 66.66 5.34 -27.43
N VAL BE 84 66.48 6.66 -27.34
CA VAL BE 84 67.30 7.57 -28.13
C VAL BE 84 68.76 7.23 -27.94
N SER BE 85 69.15 7.01 -26.69
CA SER BE 85 70.54 6.68 -26.38
C SER BE 85 70.96 5.40 -27.11
N GLU BE 86 70.03 4.45 -27.23
CA GLU BE 86 70.34 3.20 -27.92
C GLU BE 86 70.68 3.50 -29.37
N ILE BE 87 69.90 4.38 -29.99
CA ILE BE 87 70.17 4.73 -31.36
C ILE BE 87 71.48 5.48 -31.45
N ASP BE 88 71.70 6.46 -30.59
CA ASP BE 88 72.96 7.19 -30.64
C ASP BE 88 74.10 6.19 -30.67
N ALA BE 89 74.21 5.39 -29.62
CA ALA BE 89 75.27 4.40 -29.57
C ALA BE 89 75.24 3.49 -30.78
N ARG BE 90 74.04 3.05 -31.16
CA ARG BE 90 73.88 2.16 -32.30
C ARG BE 90 74.52 2.75 -33.55
N VAL BE 91 74.33 4.05 -33.74
CA VAL BE 91 74.84 4.75 -34.88
C VAL BE 91 76.28 5.09 -34.72
N THR BE 92 76.67 5.58 -33.56
CA THR BE 92 78.07 5.93 -33.32
C THR BE 92 78.92 4.71 -33.67
N LYS BE 93 78.35 3.53 -33.44
CA LYS BE 93 79.02 2.27 -33.72
C LYS BE 93 79.31 2.13 -35.21
N ILE BE 94 78.44 2.70 -36.04
CA ILE BE 94 78.61 2.64 -37.48
C ILE BE 94 79.56 3.71 -37.92
N GLU BE 95 79.37 4.91 -37.38
CA GLU BE 95 80.22 6.05 -37.70
C GLU BE 95 81.63 5.70 -37.24
N GLY BE 96 85.94 3.92 -38.11
CA GLY BE 96 87.23 3.33 -37.83
C GLY BE 96 88.09 4.34 -37.11
N THR BE 97 89.32 3.94 -36.76
CA THR BE 97 90.10 4.93 -36.12
C THR BE 97 90.93 5.66 -37.13
N HIS BE 98 90.96 7.00 -36.95
CA HIS BE 98 91.91 7.84 -37.61
C HIS BE 98 93.21 7.50 -36.99
N CYS BE 99 93.16 7.25 -35.67
CA CYS BE 99 94.37 7.19 -34.91
C CYS BE 99 94.99 5.87 -35.11
N GLU BE 100 96.18 5.74 -34.48
CA GLU BE 100 96.91 4.53 -34.60
C GLU BE 100 96.61 3.72 -33.41
N LYS BE 101 96.82 2.40 -33.57
CA LYS BE 101 96.26 1.60 -32.55
C LYS BE 101 97.03 1.75 -31.30
N ARG BE 102 96.30 1.61 -30.17
CA ARG BE 102 96.84 1.79 -28.86
C ARG BE 102 97.31 3.18 -28.78
N THR BE 103 96.53 4.06 -29.36
CA THR BE 103 96.59 5.51 -29.16
C THR BE 103 95.23 6.03 -28.75
N PHE BE 104 95.24 7.14 -28.02
CA PHE BE 104 94.02 7.75 -27.49
C PHE BE 104 93.62 9.03 -28.20
N GLN BE 105 92.39 9.05 -28.73
CA GLN BE 105 91.87 10.20 -29.46
C GLN BE 105 91.28 11.21 -28.52
N CYS BE 106 91.73 12.49 -28.60
CA CYS BE 106 91.25 13.49 -27.70
C CYS BE 106 89.89 13.91 -28.13
N GLY BE 107 89.40 14.95 -27.44
CA GLY BE 107 88.03 15.34 -27.53
C GLY BE 107 87.89 16.31 -28.65
N GLY BE 108 86.79 17.09 -28.61
CA GLY BE 108 86.34 17.83 -29.74
C GLY BE 108 87.33 18.89 -30.09
N ASN BE 109 87.89 19.52 -29.04
CA ASN BE 109 88.57 20.78 -29.16
C ASN BE 109 89.73 20.69 -30.09
N GLU BE 110 90.68 19.82 -29.75
CA GLU BE 110 91.68 19.64 -30.72
C GLU BE 110 91.36 18.31 -31.26
N GLN BE 111 92.38 17.72 -31.85
CA GLN BE 111 92.28 16.45 -32.43
C GLN BE 111 93.68 15.99 -32.38
N GLU BE 112 94.00 15.12 -31.41
CA GLU BE 112 95.37 14.73 -31.29
C GLU BE 112 95.33 13.32 -30.85
N CYS BE 113 96.40 12.57 -31.19
CA CYS BE 113 96.71 11.24 -30.65
C CYS BE 113 97.69 11.13 -29.45
N ILE BE 114 97.33 10.29 -28.47
CA ILE BE 114 98.18 10.09 -27.28
C ILE BE 114 98.40 8.63 -27.00
N SER BE 115 99.63 8.25 -26.64
CA SER BE 115 99.90 6.85 -26.36
C SER BE 115 99.18 6.41 -25.11
N ASP BE 116 98.57 5.18 -25.17
CA ASP BE 116 97.59 4.77 -24.21
C ASP BE 116 98.09 4.83 -22.81
N LEU BE 117 99.25 4.20 -22.55
CA LEU BE 117 99.67 4.05 -21.17
C LEU BE 117 99.91 5.42 -20.65
N LEU BE 118 100.48 6.25 -21.50
CA LEU BE 118 100.86 7.55 -21.03
C LEU BE 118 99.64 8.34 -20.71
N VAL BE 119 98.59 8.21 -21.56
CA VAL BE 119 97.38 9.02 -21.47
C VAL BE 119 96.57 8.69 -20.25
N CYS BE 120 96.53 7.41 -19.84
CA CYS BE 120 95.84 7.07 -18.62
C CYS BE 120 96.89 7.03 -17.58
N ASP BE 121 97.42 8.21 -17.25
CA ASP BE 121 98.40 8.26 -16.21
C ASP BE 121 97.67 7.92 -14.97
N GLY BE 122 96.44 8.44 -14.87
CA GLY BE 122 95.66 8.41 -13.66
C GLY BE 122 95.63 9.83 -13.19
N HIS BE 123 96.68 10.58 -13.58
CA HIS BE 123 96.81 12.02 -13.57
C HIS BE 123 96.50 12.44 -14.99
N LYS BE 124 96.25 13.75 -15.22
CA LYS BE 124 95.79 14.15 -16.54
C LYS BE 124 96.88 13.96 -17.53
N ASP BE 125 96.55 13.20 -18.59
CA ASP BE 125 97.43 13.09 -19.73
C ASP BE 125 97.56 14.48 -20.31
N CYS BE 126 96.41 15.12 -20.59
CA CYS BE 126 96.47 16.30 -21.36
C CYS BE 126 95.89 17.40 -20.58
N HIS BE 127 96.02 18.56 -21.21
CA HIS BE 127 95.57 19.79 -20.68
C HIS BE 127 94.13 19.60 -20.38
N ASN BE 128 93.32 19.21 -21.38
CA ASN BE 128 91.93 19.57 -21.44
C ASN BE 128 91.25 19.22 -20.14
N ALA BE 129 91.21 17.94 -19.69
CA ALA BE 129 91.68 16.75 -20.34
C ALA BE 129 90.44 15.98 -20.64
N HIS BE 130 90.51 15.12 -21.66
CA HIS BE 130 89.37 14.35 -22.10
C HIS BE 130 88.93 13.50 -20.95
N ASP BE 131 89.94 12.84 -20.33
CA ASP BE 131 89.87 11.80 -19.33
C ASP BE 131 89.21 12.32 -18.10
N GLU BE 132 89.59 13.56 -17.71
CA GLU BE 132 89.33 14.17 -16.44
C GLU BE 132 87.84 14.34 -16.26
N ASP BE 133 87.12 14.57 -17.40
CA ASP BE 133 85.69 14.77 -17.42
C ASP BE 133 85.01 13.52 -16.94
N PRO BE 134 84.02 13.74 -16.13
CA PRO BE 134 83.55 12.77 -15.16
C PRO BE 134 82.80 11.63 -15.77
N ASP BE 135 82.29 11.87 -16.99
CA ASP BE 135 81.38 11.06 -17.77
C ASP BE 135 82.01 9.80 -18.22
N VAL BE 136 83.29 9.88 -18.67
CA VAL BE 136 84.00 8.72 -19.08
C VAL BE 136 84.50 7.97 -17.89
N CYS BE 137 85.00 8.69 -16.87
CA CYS BE 137 85.80 8.07 -15.85
C CYS BE 137 84.91 7.22 -14.98
N ASP BE 138 83.59 7.50 -15.06
CA ASP BE 138 82.57 7.08 -14.14
C ASP BE 138 82.63 5.61 -13.93
N THR BE 139 82.89 5.26 -12.67
CA THR BE 139 83.29 3.96 -12.30
C THR BE 139 82.17 3.01 -12.51
N SER BE 140 80.94 3.46 -12.18
CA SER BE 140 79.89 2.56 -11.85
C SER BE 140 79.60 1.66 -13.01
N VAL BE 141 79.37 2.24 -14.22
CA VAL BE 141 78.88 1.45 -15.32
C VAL BE 141 79.89 0.36 -15.54
N VAL BE 142 81.17 0.73 -15.48
CA VAL BE 142 82.29 -0.09 -15.85
C VAL BE 142 82.37 -1.26 -14.96
N LYS BE 143 81.92 -1.08 -13.70
CA LYS BE 143 82.33 -1.84 -12.57
C LYS BE 143 81.96 -3.26 -12.75
N ALA BE 144 82.85 -4.19 -12.35
CA ALA BE 144 82.54 -5.54 -12.59
C ALA BE 144 81.69 -6.04 -11.48
N GLY BE 145 81.57 -7.38 -11.46
CA GLY BE 145 80.68 -8.09 -10.60
C GLY BE 145 79.49 -8.44 -11.43
N ASN BE 146 79.51 -8.03 -12.71
CA ASN BE 146 78.39 -8.30 -13.55
C ASN BE 146 78.47 -9.75 -14.00
N VAL BE 147 77.30 -10.37 -14.34
CA VAL BE 147 77.23 -11.63 -15.04
C VAL BE 147 76.85 -11.42 -16.49
N PHE BE 148 77.61 -12.03 -17.39
CA PHE BE 148 77.34 -11.92 -18.81
C PHE BE 148 77.05 -13.29 -19.40
N SER BE 149 75.97 -13.38 -20.15
CA SER BE 149 75.59 -14.65 -20.78
C SER BE 149 75.43 -14.39 -22.25
N GLY BE 150 75.27 -15.47 -23.01
CA GLY BE 150 75.11 -15.33 -24.45
C GLY BE 150 75.45 -16.62 -25.13
N THR BE 151 75.14 -16.69 -26.41
CA THR BE 151 75.40 -17.88 -27.18
C THR BE 151 76.79 -17.88 -27.82
N SER BE 152 77.47 -19.00 -27.69
CA SER BE 152 78.80 -19.19 -28.20
C SER BE 152 78.71 -20.10 -29.42
N THR BE 153 78.82 -19.51 -30.60
CA THR BE 153 78.78 -20.28 -31.84
C THR BE 153 80.22 -20.66 -32.14
N TRP BE 154 80.46 -21.95 -32.32
CA TRP BE 154 81.81 -22.42 -32.59
C TRP BE 154 82.12 -22.66 -34.06
N HIS BE 155 83.38 -22.34 -34.41
CA HIS BE 155 84.06 -22.92 -35.51
C HIS BE 155 84.21 -24.37 -35.22
N GLY BE 156 84.18 -24.73 -33.91
CA GLY BE 156 84.23 -26.10 -33.56
C GLY BE 156 85.66 -26.51 -33.44
N CYS BE 157 86.46 -25.71 -32.72
CA CYS BE 157 87.66 -26.28 -32.19
C CYS BE 157 87.27 -27.25 -31.11
N LEU BE 158 86.16 -26.98 -30.43
CA LEU BE 158 85.66 -27.88 -29.44
C LEU BE 158 84.70 -28.77 -30.13
N ALA BE 159 84.59 -30.02 -29.61
CA ALA BE 159 83.92 -31.05 -30.34
C ALA BE 159 82.52 -30.59 -30.53
N ARG BE 160 81.98 -29.97 -29.45
CA ARG BE 160 80.62 -29.89 -28.89
C ARG BE 160 79.77 -28.81 -29.50
N GLU BE 161 78.44 -29.07 -29.59
CA GLU BE 161 77.46 -28.37 -30.37
C GLU BE 161 77.29 -26.95 -29.84
N ASP BE 162 76.53 -26.07 -30.55
CA ASP BE 162 76.59 -24.71 -30.06
C ASP BE 162 75.89 -24.66 -28.75
N HIS BE 163 76.08 -23.53 -28.05
CA HIS BE 163 75.69 -23.57 -26.65
C HIS BE 163 75.82 -22.19 -26.06
N VAL BE 164 75.59 -22.08 -24.76
CA VAL BE 164 75.69 -20.80 -24.09
C VAL BE 164 76.87 -20.75 -23.12
N THR BE 165 77.45 -19.56 -22.95
CA THR BE 165 78.57 -19.36 -22.05
C THR BE 165 78.09 -18.34 -21.04
N ARG BE 166 78.61 -18.41 -19.82
CA ARG BE 166 78.19 -17.48 -18.79
C ARG BE 166 79.38 -16.95 -18.02
N ILE BE 167 79.88 -15.80 -18.45
CA ILE BE 167 81.02 -15.18 -17.80
C ILE BE 167 80.52 -14.36 -16.64
N THR BE 168 81.05 -14.64 -15.45
CA THR BE 168 80.65 -13.91 -14.25
C THR BE 168 81.87 -13.49 -13.45
N ILE BE 169 82.02 -12.17 -13.26
CA ILE BE 169 83.15 -11.63 -12.55
C ILE BE 169 83.15 -12.01 -11.09
N THR BE 170 84.20 -12.72 -10.68
CA THR BE 170 84.36 -13.16 -9.29
C THR BE 170 84.86 -12.01 -8.41
N ALA BE 171 86.05 -11.47 -8.73
CA ALA BE 171 86.67 -10.38 -7.97
C ALA BE 171 87.32 -9.34 -8.87
N SER BE 172 87.74 -8.23 -8.29
CA SER BE 172 88.36 -7.15 -9.06
C SER BE 172 89.20 -6.17 -8.27
N LYS BE 173 90.53 -6.28 -8.33
CA LYS BE 173 91.43 -5.37 -7.63
C LYS BE 173 91.89 -4.25 -8.59
N ARG BE 174 92.31 -3.14 -7.97
CA ARG BE 174 93.03 -2.11 -8.64
C ARG BE 174 93.75 -1.41 -7.55
N ARG BE 175 94.02 -0.12 -7.74
CA ARG BE 175 94.36 0.60 -6.56
C ARG BE 175 93.06 1.02 -5.96
N LYS BE 176 93.09 2.05 -5.11
CA LYS BE 176 91.88 2.60 -4.61
C LYS BE 176 91.16 3.29 -5.72
N PHE BE 177 91.90 4.00 -6.61
CA PHE BE 177 91.36 4.89 -7.60
C PHE BE 177 90.72 4.15 -8.73
N PHE BE 178 91.32 3.01 -9.06
CA PHE BE 178 92.44 3.01 -9.94
C PHE BE 178 91.86 2.77 -11.30
N THR BE 179 91.88 3.79 -12.19
CA THR BE 179 91.01 3.64 -13.34
C THR BE 179 91.53 2.67 -14.35
N ALA BE 180 92.83 2.75 -14.72
CA ALA BE 180 93.19 2.43 -16.09
C ALA BE 180 92.84 1.03 -16.33
N ARG BE 181 93.36 0.26 -15.37
CA ARG BE 181 93.54 -1.16 -15.41
C ARG BE 181 92.81 -1.69 -14.25
N ILE BE 182 92.16 -2.79 -14.52
CA ILE BE 182 91.36 -3.45 -13.49
C ILE BE 182 91.71 -4.93 -13.55
N TRP BE 183 92.38 -5.44 -12.53
CA TRP BE 183 92.73 -6.83 -12.52
C TRP BE 183 91.54 -7.57 -11.98
N LEU BE 184 91.22 -8.73 -12.55
CA LEU BE 184 90.06 -9.46 -12.06
C LEU BE 184 90.05 -10.96 -12.26
N ARG BE 185 89.27 -11.63 -11.40
CA ARG BE 185 89.09 -13.07 -11.45
C ARG BE 185 87.64 -13.26 -11.86
N ALA BE 186 87.35 -14.34 -12.57
CA ALA BE 186 85.98 -14.59 -13.01
C ALA BE 186 85.72 -16.05 -13.24
N LEU BE 187 84.44 -16.39 -13.33
CA LEU BE 187 84.01 -17.75 -13.52
C LEU BE 187 83.32 -17.96 -14.84
N VAL BE 188 83.88 -18.83 -15.67
CA VAL BE 188 83.30 -19.07 -16.97
C VAL BE 188 82.61 -20.42 -17.00
N GLU BE 189 81.31 -20.43 -17.28
CA GLU BE 189 80.54 -21.67 -17.34
C GLU BE 189 79.98 -21.85 -18.74
N SER BE 190 79.78 -23.11 -19.08
CA SER BE 190 78.99 -23.37 -20.22
C SER BE 190 78.04 -24.43 -19.84
N GLU BE 191 76.93 -24.38 -20.53
CA GLU BE 191 75.88 -25.39 -20.42
C GLU BE 191 75.85 -26.26 -21.67
N LEU BE 192 76.57 -27.37 -21.62
CA LEU BE 192 76.64 -28.29 -22.75
C LEU BE 192 76.21 -29.69 -22.38
N GLU BE 193 75.71 -30.43 -23.36
CA GLU BE 193 75.25 -31.79 -23.15
C GLU BE 193 76.35 -32.81 -23.47
N ARG BE 194 76.62 -33.73 -22.46
CA ARG BE 194 77.46 -34.88 -22.58
C ARG BE 194 76.49 -35.98 -22.85
N HIS BE 195 77.00 -37.22 -22.98
CA HIS BE 195 76.12 -38.35 -23.05
C HIS BE 195 75.51 -38.56 -21.70
N GLY BE 196 74.17 -38.53 -21.64
CA GLY BE 196 73.53 -38.32 -20.39
C GLY BE 196 73.06 -36.90 -20.42
N GLU BE 197 72.69 -36.38 -19.25
CA GLU BE 197 71.97 -35.16 -19.12
C GLU BE 197 72.89 -34.01 -19.24
N ASN BE 198 72.23 -32.80 -19.23
CA ASN BE 198 72.83 -31.47 -19.15
C ASN BE 198 73.91 -31.36 -18.06
N VAL BE 199 75.10 -30.93 -18.47
CA VAL BE 199 76.23 -30.75 -17.56
C VAL BE 199 76.64 -29.29 -17.64
N THR BE 200 77.60 -28.89 -16.81
CA THR BE 200 78.08 -27.52 -16.82
C THR BE 200 79.58 -27.46 -16.62
N SER BE 201 80.25 -26.89 -17.60
CA SER BE 201 81.68 -26.83 -17.57
C SER BE 201 82.00 -25.47 -17.10
N SER BE 202 82.62 -25.45 -15.92
CA SER BE 202 83.02 -24.22 -15.32
C SER BE 202 84.49 -24.33 -15.17
N PHE BE 203 85.18 -23.27 -15.57
CA PHE BE 203 86.55 -23.07 -15.11
C PHE BE 203 86.76 -21.67 -14.54
N ASN BE 204 87.75 -21.55 -13.66
CA ASN BE 204 88.04 -20.28 -13.03
C ASN BE 204 89.04 -19.53 -13.90
N ALA BE 205 88.89 -18.22 -13.97
CA ALA BE 205 89.78 -17.41 -14.80
C ALA BE 205 90.31 -16.20 -14.09
N LYS BE 206 91.44 -15.70 -14.58
CA LYS BE 206 92.08 -14.50 -14.06
C LYS BE 206 92.41 -13.64 -15.27
N GLY BE 207 92.41 -12.33 -15.10
CA GLY BE 207 92.68 -11.45 -16.22
C GLY BE 207 92.61 -9.98 -15.87
N TYR BE 208 92.33 -9.17 -16.88
CA TYR BE 208 92.26 -7.73 -16.67
C TYR BE 208 91.30 -7.02 -17.63
N TYR BE 209 90.97 -5.78 -17.30
CA TYR BE 209 90.09 -4.96 -18.11
C TYR BE 209 90.86 -3.71 -18.45
N ASN BE 210 90.86 -3.36 -19.73
CA ASN BE 210 91.58 -2.19 -20.20
C ASN BE 210 90.60 -1.14 -20.68
N PHE BE 211 90.64 -0.08 -19.87
CA PHE BE 211 89.74 1.00 -19.84
C PHE BE 211 89.75 1.47 -21.22
N ALA BE 212 90.99 1.79 -21.64
CA ALA BE 212 91.08 2.27 -22.96
C ALA BE 212 90.76 1.16 -23.93
N SER BE 213 91.26 -0.07 -23.69
CA SER BE 213 91.18 -1.07 -24.72
C SER BE 213 89.75 -1.32 -25.04
N ARG BE 214 88.87 -1.04 -24.03
CA ARG BE 214 87.53 -1.54 -23.96
C ARG BE 214 87.62 -3.00 -24.17
N ARG BE 215 88.47 -3.68 -23.39
CA ARG BE 215 88.70 -5.11 -23.60
C ARG BE 215 88.76 -5.79 -22.25
N LEU BE 216 88.23 -6.98 -22.19
CA LEU BE 216 88.23 -7.75 -20.97
C LEU BE 216 88.91 -9.04 -21.38
N ILE BE 217 90.06 -9.37 -20.79
CA ILE BE 217 90.72 -10.63 -21.13
C ILE BE 217 90.68 -11.59 -19.97
N LEU BE 218 90.17 -12.78 -20.21
CA LEU BE 218 90.07 -13.77 -19.17
C LEU BE 218 90.80 -15.04 -19.55
N LEU BE 219 91.86 -15.34 -18.80
CA LEU BE 219 92.66 -16.53 -19.03
C LEU BE 219 92.33 -17.54 -17.96
N PRO BE 220 92.53 -18.81 -18.26
CA PRO BE 220 92.25 -19.86 -17.28
C PRO BE 220 93.27 -19.85 -16.15
N THR BE 221 92.87 -20.30 -14.96
CA THR BE 221 93.86 -20.47 -13.98
C THR BE 221 94.48 -21.81 -14.17
N ASP BE 222 94.98 -22.43 -13.07
CA ASP BE 222 95.62 -23.71 -13.19
C ASP BE 222 94.67 -24.74 -12.73
N ASP BE 223 94.21 -25.31 -13.82
CA ASP BE 223 93.11 -26.15 -14.05
C ASP BE 223 93.80 -27.19 -14.87
N HIS BE 224 93.31 -28.42 -14.87
CA HIS BE 224 93.79 -29.39 -15.81
C HIS BE 224 93.11 -29.24 -17.13
N ASP BE 225 91.91 -28.66 -17.11
CA ASP BE 225 91.05 -28.50 -18.25
C ASP BE 225 91.71 -27.62 -19.24
N ASP BE 226 92.20 -26.50 -18.66
CA ASP BE 226 92.78 -25.32 -19.25
C ASP BE 226 91.99 -24.99 -20.48
N HIS BE 227 90.70 -24.63 -20.25
CA HIS BE 227 89.78 -24.28 -21.30
C HIS BE 227 89.95 -22.86 -21.64
N LEU BE 228 89.78 -22.63 -22.95
CA LEU BE 228 90.55 -21.67 -23.66
C LEU BE 228 90.01 -20.36 -23.26
N ALA BE 229 90.82 -19.34 -23.55
CA ALA BE 229 90.70 -18.04 -22.94
C ALA BE 229 89.61 -17.26 -23.65
N VAL BE 230 88.83 -16.51 -22.88
CA VAL BE 230 87.74 -15.72 -23.45
C VAL BE 230 88.21 -14.28 -23.54
N VAL BE 231 87.69 -13.56 -24.53
CA VAL BE 231 88.05 -12.18 -24.73
C VAL BE 231 86.86 -11.36 -25.19
N CYS BE 232 86.53 -10.33 -24.42
CA CYS BE 232 85.41 -9.48 -24.73
C CYS BE 232 85.77 -8.04 -24.90
N SER BE 233 85.07 -7.39 -25.83
CA SER BE 233 85.23 -5.97 -26.10
C SER BE 233 83.85 -5.37 -25.85
N PHE BE 234 83.90 -4.13 -25.27
CA PHE BE 234 82.95 -3.15 -24.77
C PHE BE 234 81.89 -2.68 -25.75
N ASN BE 235 82.37 -1.92 -26.77
CA ASN BE 235 81.78 -1.19 -27.85
C ASN BE 235 81.12 -2.27 -28.60
N ARG BE 236 80.02 -2.64 -28.01
CA ARG BE 236 78.69 -2.69 -28.45
C ARG BE 236 78.14 -1.26 -28.56
N GLY BE 237 78.45 -0.34 -27.61
CA GLY BE 237 77.92 1.02 -27.66
C GLY BE 237 76.84 1.11 -26.62
N ASP BE 238 76.29 -0.05 -26.28
CA ASP BE 238 75.77 -0.28 -24.96
C ASP BE 238 77.02 -0.39 -24.13
N ASN BE 239 76.94 -0.08 -22.82
CA ASN BE 239 77.93 -0.57 -21.90
C ASN BE 239 77.66 -1.98 -21.62
N GLU BE 240 76.37 -2.31 -21.67
CA GLU BE 240 76.01 -3.53 -21.01
C GLU BE 240 76.71 -4.63 -21.72
N ARG BE 241 76.48 -4.61 -23.03
CA ARG BE 241 76.78 -5.62 -24.03
C ARG BE 241 78.23 -5.64 -24.49
N ALA BE 242 78.70 -6.82 -24.84
CA ALA BE 242 80.08 -6.95 -25.31
C ALA BE 242 80.20 -8.05 -26.35
N GLU BE 243 81.24 -7.92 -27.19
CA GLU BE 243 81.51 -8.86 -28.26
C GLU BE 243 82.69 -9.68 -27.81
N CYS BE 244 82.50 -11.00 -27.72
CA CYS BE 244 83.57 -11.88 -27.27
C CYS BE 244 83.99 -12.97 -28.26
N HIS BE 245 85.11 -13.61 -27.93
CA HIS BE 245 85.66 -14.67 -28.74
C HIS BE 245 86.46 -15.58 -27.84
N ARG BE 246 86.43 -16.87 -28.13
CA ARG BE 246 87.21 -17.81 -27.35
C ARG BE 246 88.47 -17.90 -28.16
N VAL BE 247 89.64 -17.89 -27.52
CA VAL BE 247 90.87 -17.94 -28.28
C VAL BE 247 91.99 -18.68 -27.59
N THR BE 248 93.06 -19.04 -28.31
CA THR BE 248 94.09 -19.69 -27.59
C THR BE 248 95.12 -18.63 -27.40
N GLU BE 249 95.97 -18.75 -26.36
CA GLU BE 249 96.99 -17.77 -26.08
C GLU BE 249 98.02 -17.82 -27.15
N ALA BE 250 98.48 -19.06 -27.37
CA ALA BE 250 99.64 -19.23 -28.18
C ALA BE 250 99.30 -18.80 -29.57
N THR BE 251 98.19 -19.38 -30.10
CA THR BE 251 97.71 -19.21 -31.44
C THR BE 251 97.25 -17.81 -31.57
N LEU BE 252 96.38 -17.40 -30.63
CA LEU BE 252 95.79 -16.11 -30.65
C LEU BE 252 94.97 -15.99 -31.88
N HIS BE 253 94.43 -17.14 -32.24
CA HIS BE 253 93.36 -17.26 -33.16
C HIS BE 253 92.06 -17.10 -32.43
N GLN BE 254 90.97 -16.90 -33.20
CA GLN BE 254 89.57 -16.98 -32.80
C GLN BE 254 88.87 -18.29 -33.05
N CYS BE 255 88.58 -19.02 -31.99
CA CYS BE 255 87.89 -20.31 -32.08
C CYS BE 255 86.38 -20.19 -32.10
N ALA BE 256 85.86 -19.12 -31.51
CA ALA BE 256 84.41 -18.94 -31.50
C ALA BE 256 83.95 -17.52 -31.23
N ASP BE 257 82.74 -17.24 -31.71
CA ASP BE 257 82.11 -15.93 -31.56
C ASP BE 257 81.11 -16.00 -30.41
N LEU BE 258 81.13 -15.00 -29.54
CA LEU BE 258 80.24 -15.00 -28.39
C LEU BE 258 79.77 -13.59 -28.07
N PHE BE 259 78.48 -13.32 -28.24
CA PHE BE 259 77.95 -12.00 -27.93
C PHE BE 259 77.19 -12.04 -26.60
N VAL BE 260 77.77 -11.43 -25.58
CA VAL BE 260 77.17 -11.44 -24.25
C VAL BE 260 76.40 -10.19 -23.94
N THR BE 261 75.55 -10.34 -22.93
CA THR BE 261 74.71 -9.28 -22.44
C THR BE 261 74.67 -9.41 -20.93
N LEU BE 262 74.72 -8.28 -20.24
CA LEU BE 262 74.69 -8.28 -18.81
C LEU BE 262 73.30 -8.69 -18.33
N GLU BE 263 73.24 -9.64 -17.40
CA GLU BE 263 71.95 -10.04 -16.93
C GLU BE 263 71.59 -9.09 -15.87
N GLU BE 264 70.29 -8.76 -15.76
CA GLU BE 264 69.84 -7.92 -14.71
C GLU BE 264 70.18 -8.58 -13.40
N HIS BE 265 70.62 -7.76 -12.41
CA HIS BE 265 71.00 -8.20 -11.08
C HIS BE 265 69.77 -8.62 -10.34
N ASP BE 266 68.67 -7.86 -10.49
CA ASP BE 266 67.47 -8.36 -9.85
C ASP BE 266 66.71 -9.36 -10.70
N GLN CE 26 21.87 25.90 3.67
CA GLN CE 26 22.87 26.72 4.40
C GLN CE 26 23.93 25.81 4.93
N SER CE 27 23.62 25.11 6.04
CA SER CE 27 24.55 24.17 6.60
C SER CE 27 24.67 23.09 5.62
N HIS CE 28 23.55 22.85 4.96
CA HIS CE 28 23.62 21.76 4.08
C HIS CE 28 24.57 22.21 3.00
N ASP CE 29 24.37 23.43 2.46
CA ASP CE 29 24.99 23.86 1.22
C ASP CE 29 26.47 23.91 1.29
N GLU CE 30 27.00 24.44 2.41
CA GLU CE 30 28.39 24.78 2.49
C GLU CE 30 29.10 23.50 2.27
N ILE CE 31 28.53 22.45 2.91
CA ILE CE 31 28.98 21.09 2.85
C ILE CE 31 29.13 20.76 1.39
N ILE CE 32 28.01 20.78 0.66
CA ILE CE 32 27.88 19.93 -0.51
C ILE CE 32 28.88 20.28 -1.57
N ASP CE 33 29.25 21.57 -1.66
CA ASP CE 33 30.06 22.13 -2.71
C ASP CE 33 31.44 21.52 -2.73
N LYS CE 34 31.95 21.12 -1.56
CA LYS CE 34 33.34 20.86 -1.27
C LYS CE 34 33.90 19.86 -2.24
N LEU CE 35 33.20 18.70 -2.34
CA LEU CE 35 33.54 17.47 -3.00
C LEU CE 35 33.56 17.55 -4.50
N ILE CE 36 32.85 18.50 -5.12
CA ILE CE 36 32.87 18.53 -6.56
C ILE CE 36 34.23 18.90 -7.10
N GLU CE 37 34.74 20.06 -6.67
CA GLU CE 37 35.86 20.83 -7.20
C GLU CE 37 37.18 20.14 -6.85
N ARG CE 38 37.08 19.05 -6.10
CA ARG CE 38 38.23 18.27 -5.70
C ARG CE 38 38.28 17.01 -6.56
N THR CE 39 37.11 16.58 -7.03
CA THR CE 39 37.02 15.40 -7.88
C THR CE 39 37.70 15.73 -9.19
N ASN CE 40 37.56 16.97 -9.62
CA ASN CE 40 38.18 17.43 -10.86
C ASN CE 40 39.65 17.73 -10.64
N LYS CE 41 39.96 18.35 -9.51
CA LYS CE 41 41.34 18.70 -9.19
C LYS CE 41 42.26 17.48 -9.24
N ILE CE 42 41.66 16.30 -9.29
CA ILE CE 42 42.43 15.05 -9.37
C ILE CE 42 42.29 14.47 -10.75
N THR CE 43 41.08 14.55 -11.30
CA THR CE 43 40.80 14.04 -12.64
C THR CE 43 41.78 14.69 -13.62
N THR CE 44 42.41 15.78 -13.17
CA THR CE 44 43.38 16.48 -13.99
C THR CE 44 44.73 15.82 -13.80
N SER CE 45 45.18 15.76 -12.54
CA SER CE 45 46.46 15.14 -12.23
C SER CE 45 46.52 13.74 -12.81
N ILE CE 46 45.36 13.13 -12.99
CA ILE CE 46 45.30 11.79 -13.56
C ILE CE 46 45.62 11.83 -15.05
N SER CE 47 44.75 12.45 -15.84
CA SER CE 47 44.98 12.55 -17.26
C SER CE 47 46.30 13.23 -17.58
N HIS CE 48 46.82 13.98 -16.62
CA HIS CE 48 48.11 14.66 -16.79
C HIS CE 48 49.19 13.59 -16.96
N VAL CE 49 49.14 12.56 -16.13
CA VAL CE 49 50.11 11.48 -16.18
C VAL CE 49 49.84 10.62 -17.40
N GLU CE 50 48.56 10.26 -17.61
CA GLU CE 50 48.18 9.43 -18.74
C GLU CE 50 48.78 10.03 -20.01
N SER CE 51 49.10 11.31 -19.96
CA SER CE 51 49.70 11.98 -21.10
C SER CE 51 51.18 11.65 -21.12
N LEU CE 52 51.87 11.95 -20.02
CA LEU CE 52 53.31 11.68 -19.92
C LEU CE 52 53.63 10.24 -20.26
N LEU CE 53 52.69 9.34 -20.01
CA LEU CE 53 52.87 7.94 -20.33
C LEU CE 53 52.76 7.78 -21.83
N ASP CE 54 51.63 8.23 -22.38
CA ASP CE 54 51.40 8.13 -23.82
C ASP CE 54 52.57 8.72 -24.60
N ASP CE 55 53.27 9.67 -23.97
CA ASP CE 55 54.41 10.32 -24.62
C ASP CE 55 55.60 9.37 -24.78
N ARG CE 56 55.69 8.37 -23.92
CA ARG CE 56 56.79 7.42 -24.02
C ARG CE 56 56.38 6.18 -24.80
N LEU CE 57 55.10 6.09 -25.14
CA LEU CE 57 54.61 4.95 -25.93
C LEU CE 57 54.25 5.43 -27.31
N ASP CE 58 54.15 6.75 -27.49
CA ASP CE 58 53.38 7.33 -28.58
C ASP CE 58 53.95 6.81 -29.86
N PRO CE 59 53.11 6.33 -30.75
CA PRO CE 59 53.52 5.52 -31.90
C PRO CE 59 54.41 6.28 -32.89
N LYS CE 60 54.08 7.55 -33.10
CA LYS CE 60 54.86 8.38 -34.02
C LYS CE 60 56.32 8.40 -33.58
N ARG CE 61 56.55 8.28 -32.28
CA ARG CE 61 57.92 8.26 -31.76
C ARG CE 61 58.54 6.89 -32.06
N ILE CE 62 57.75 5.83 -31.88
CA ILE CE 62 58.20 4.47 -32.12
C ILE CE 62 58.78 4.33 -33.51
N ARG CE 63 57.93 4.40 -34.52
CA ARG CE 63 58.39 4.27 -35.89
C ARG CE 63 59.59 5.16 -36.14
N LYS CE 64 59.48 6.43 -35.78
CA LYS CE 64 60.57 7.38 -36.01
C LYS CE 64 61.89 6.85 -35.47
N ALA CE 65 61.84 6.21 -34.32
CA ALA CE 65 63.05 5.65 -33.72
C ALA CE 65 63.41 4.34 -34.40
N GLY CE 66 62.41 3.49 -34.57
CA GLY CE 66 62.64 2.22 -35.24
C GLY CE 66 63.24 2.47 -36.60
N SER CE 67 62.74 3.50 -37.26
CA SER CE 67 63.24 3.88 -38.57
C SER CE 67 64.75 4.09 -38.47
N LEU CE 68 65.17 4.80 -37.44
CA LEU CE 68 66.59 5.07 -37.22
C LEU CE 68 67.33 3.75 -37.09
N ARG CE 69 66.75 2.85 -36.30
CA ARG CE 69 67.36 1.54 -36.11
C ARG CE 69 67.69 0.95 -37.46
N HIS CE 70 66.72 0.93 -38.36
CA HIS CE 70 66.93 0.38 -39.68
C HIS CE 70 68.20 0.91 -40.31
N ARG CE 71 68.29 2.23 -40.47
CA ARG CE 71 69.47 2.83 -41.07
C ARG CE 71 70.75 2.16 -40.58
N VAL CE 72 70.77 1.85 -39.29
CA VAL CE 72 71.92 1.18 -38.68
C VAL CE 72 72.02 -0.26 -39.16
N GLU CE 73 70.91 -1.00 -39.08
CA GLU CE 73 70.86 -2.40 -39.52
C GLU CE 73 71.47 -2.54 -40.92
N GLU CE 74 71.36 -1.47 -41.71
CA GLU CE 74 71.88 -1.44 -43.07
C GLU CE 74 73.41 -1.33 -43.10
N LEU CE 75 73.99 -0.68 -42.09
CA LEU CE 75 75.43 -0.52 -42.03
C LEU CE 75 76.11 -1.77 -41.47
N GLU CE 76 77.20 -2.08 -42.64
CA GLU CE 76 77.99 -3.10 -42.03
C GLU CE 76 77.85 -4.38 -42.79
N ASP CE 77 78.80 -5.31 -42.50
CA ASP CE 77 78.74 -6.68 -42.94
C ASP CE 77 77.94 -7.41 -41.95
N PRO CE 78 76.94 -7.87 -42.59
CA PRO CE 78 75.69 -8.12 -42.01
C PRO CE 78 75.77 -9.37 -41.27
N SER CE 79 75.07 -9.31 -40.13
CA SER CE 79 74.85 -10.40 -39.27
C SER CE 79 74.36 -11.49 -40.18
N CYS CE 80 73.15 -11.33 -40.72
CA CYS CE 80 72.50 -12.51 -41.25
C CYS CE 80 72.94 -12.68 -42.66
N ASP CE 81 72.37 -13.59 -43.49
CA ASP CE 81 72.89 -13.43 -44.83
C ASP CE 81 72.05 -12.46 -45.55
N GLU CE 82 72.41 -12.25 -46.84
CA GLU CE 82 71.50 -11.62 -47.76
C GLU CE 82 70.32 -12.54 -47.72
N HIS CE 83 70.58 -13.84 -47.98
CA HIS CE 83 69.49 -14.76 -48.02
C HIS CE 83 68.93 -14.86 -46.65
N GLU CE 84 69.81 -14.94 -45.66
CA GLU CE 84 69.30 -15.28 -44.33
C GLU CE 84 68.68 -14.08 -43.62
N HIS CE 85 67.75 -14.36 -42.70
CA HIS CE 85 67.05 -13.31 -41.96
C HIS CE 85 67.52 -13.25 -40.53
N GLN CE 86 67.85 -12.04 -40.08
CA GLN CE 86 68.33 -11.85 -38.73
C GLN CE 86 67.17 -11.66 -37.78
N CYS CE 87 66.99 -12.59 -36.74
CA CYS CE 87 65.78 -12.68 -36.00
C CYS CE 87 65.69 -11.46 -35.16
N GLY CE 88 66.87 -10.88 -34.89
CA GLY CE 88 67.09 -10.14 -33.71
C GLY CE 88 68.12 -10.91 -32.97
N GLY CE 89 68.59 -10.32 -31.86
CA GLY CE 89 68.07 -9.02 -31.56
C GLY CE 89 68.73 -8.55 -30.32
N ASP CE 90 68.46 -9.25 -29.20
CA ASP CE 90 69.36 -9.45 -28.11
C ASP CE 90 70.36 -10.51 -28.46
N ASP CE 91 69.87 -11.69 -28.89
CA ASP CE 91 70.76 -12.72 -29.29
C ASP CE 91 70.45 -12.90 -30.72
N PRO CE 92 71.44 -12.83 -31.54
CA PRO CE 92 71.25 -13.06 -32.92
C PRO CE 92 71.07 -14.50 -33.11
N GLN CE 93 70.57 -14.78 -34.34
CA GLN CE 93 70.16 -16.02 -34.85
C GLN CE 93 69.89 -15.71 -36.27
N CYS CE 94 70.38 -16.56 -37.16
CA CYS CE 94 70.13 -16.47 -38.60
C CYS CE 94 69.27 -17.62 -39.14
N ILE CE 95 68.17 -17.31 -39.80
CA ILE CE 95 67.33 -18.34 -40.38
C ILE CE 95 67.10 -17.95 -41.83
N SER CE 96 66.72 -18.91 -42.67
CA SER CE 96 66.51 -18.58 -44.08
C SER CE 96 65.35 -17.64 -44.35
N LYS CE 97 65.57 -16.82 -45.40
CA LYS CE 97 64.43 -16.10 -45.85
C LYS CE 97 63.37 -17.06 -46.30
N LEU CE 98 63.72 -18.26 -46.81
CA LEU CE 98 62.67 -19.14 -47.22
C LEU CE 98 61.96 -19.63 -45.98
N PHE CE 99 62.80 -19.74 -44.95
CA PHE CE 99 62.71 -20.50 -43.75
C PHE CE 99 61.72 -20.05 -42.70
N VAL CE 100 61.76 -18.75 -42.31
CA VAL CE 100 60.58 -18.13 -41.78
C VAL CE 100 59.75 -18.09 -43.03
N CYS CE 101 58.40 -18.05 -43.03
CA CYS CE 101 57.41 -18.11 -42.00
C CYS CE 101 56.68 -19.39 -42.21
N ASP CE 102 57.41 -20.45 -41.87
CA ASP CE 102 57.07 -21.84 -42.02
C ASP CE 102 55.76 -22.03 -41.34
N GLY CE 103 55.63 -21.44 -40.15
CA GLY CE 103 54.52 -21.71 -39.30
C GLY CE 103 55.08 -22.44 -38.14
N HIS CE 104 56.17 -23.21 -38.35
CA HIS CE 104 56.95 -23.49 -37.19
C HIS CE 104 57.64 -22.22 -36.86
N ASN CE 105 58.00 -22.09 -35.56
CA ASN CE 105 58.73 -20.95 -35.10
C ASN CE 105 60.16 -21.33 -35.16
N ASP CE 106 60.88 -20.50 -35.95
CA ASP CE 106 62.28 -20.22 -35.94
C ASP CE 106 62.58 -19.60 -34.60
N CYS CE 107 61.90 -18.49 -34.25
CA CYS CE 107 62.46 -17.56 -33.32
C CYS CE 107 61.91 -17.73 -31.96
N ARG CE 108 62.85 -17.72 -30.99
CA ARG CE 108 62.57 -17.60 -29.59
C ARG CE 108 61.74 -16.40 -29.58
N ASN CE 109 62.32 -15.41 -30.25
CA ASN CE 109 61.88 -14.06 -30.31
C ASN CE 109 60.48 -14.16 -30.82
N GLY CE 110 60.31 -14.90 -31.93
CA GLY CE 110 59.00 -15.08 -32.49
C GLY CE 110 58.74 -14.10 -33.57
N GLU CE 111 59.84 -13.62 -34.22
CA GLU CE 111 59.69 -12.67 -35.34
C GLU CE 111 58.84 -13.24 -36.47
N ASP CE 112 59.17 -14.48 -36.85
CA ASP CE 112 58.47 -15.16 -37.93
C ASP CE 112 56.97 -15.19 -37.74
N GLU CE 113 56.46 -14.58 -36.68
CA GLU CE 113 55.05 -14.61 -36.42
C GLU CE 113 54.47 -13.41 -35.73
N LYS CE 114 55.29 -12.49 -35.26
CA LYS CE 114 54.71 -11.35 -34.55
C LYS CE 114 54.43 -10.11 -35.40
N ASP CE 115 55.15 -10.03 -36.58
CA ASP CE 115 55.07 -8.89 -37.42
C ASP CE 115 53.76 -9.01 -38.07
N CYS CE 116 52.82 -8.26 -37.50
CA CYS CE 116 51.44 -8.57 -37.61
C CYS CE 116 50.99 -8.37 -39.01
N THR CE 117 51.67 -7.47 -39.76
CA THR CE 117 51.06 -6.99 -40.96
C THR CE 117 51.86 -7.34 -42.16
N LEU CE 118 51.09 -7.81 -43.16
CA LEU CE 118 51.55 -8.03 -44.49
C LEU CE 118 51.58 -6.73 -45.21
N PRO CE 119 52.78 -6.44 -45.64
CA PRO CE 119 53.04 -5.24 -46.37
C PRO CE 119 52.16 -5.18 -47.59
N THR CE 120 51.76 -6.35 -48.14
CA THR CE 120 51.24 -6.35 -49.47
C THR CE 120 49.75 -6.29 -49.49
N LYS CE 121 49.22 -5.10 -49.85
CA LYS CE 121 47.82 -5.10 -50.11
C LYS CE 121 47.67 -5.12 -51.54
N ALA CE 122 46.47 -4.72 -51.90
CA ALA CE 122 45.84 -5.21 -53.03
C ALA CE 122 45.16 -3.99 -53.49
N GLY CE 123 45.09 -3.80 -54.80
CA GLY CE 123 44.30 -2.73 -55.29
C GLY CE 123 45.12 -1.47 -55.38
N ASP CE 124 46.33 -1.45 -54.77
CA ASP CE 124 47.11 -0.24 -54.68
C ASP CE 124 47.56 0.16 -56.02
N LYS CE 125 47.62 1.48 -56.23
CA LYS CE 125 48.29 1.99 -57.42
C LYS CE 125 49.54 2.75 -57.00
N PHE CE 126 50.60 2.61 -57.78
CA PHE CE 126 51.88 3.28 -57.49
C PHE CE 126 52.38 4.02 -58.71
N ILE CE 127 52.71 5.28 -58.53
CA ILE CE 127 53.21 6.10 -59.61
C ILE CE 127 54.73 6.24 -59.53
N GLY CE 128 55.42 5.85 -60.60
CA GLY CE 128 56.86 5.96 -60.58
C GLY CE 128 57.37 7.13 -61.38
N ASP CE 129 58.33 7.85 -60.80
CA ASP CE 129 58.94 8.98 -61.49
C ASP CE 129 60.32 8.48 -61.94
N VAL CE 130 60.57 8.56 -63.25
CA VAL CE 130 61.84 8.10 -63.80
C VAL CE 130 62.95 8.98 -63.30
N CYS CE 131 64.18 8.51 -63.44
CA CYS CE 131 65.31 9.31 -63.02
C CYS CE 131 66.60 8.72 -63.59
N PHE CE 132 66.48 7.68 -64.40
CA PHE CE 132 67.64 7.00 -64.94
C PHE CE 132 67.06 5.85 -65.76
N ASP CE 133 66.97 6.07 -67.07
CA ASP CE 133 66.40 5.06 -67.94
C ASP CE 133 67.28 4.79 -69.14
N HIS CE 134 68.15 3.73 -69.06
CA HIS CE 134 68.99 3.39 -70.19
C HIS CE 134 68.07 2.63 -71.04
N CYS CE 135 67.11 2.08 -70.29
CA CYS CE 135 66.49 0.83 -70.55
C CYS CE 135 65.50 0.83 -71.68
N THR CE 136 64.60 1.83 -71.72
CA THR CE 136 63.60 1.85 -72.75
C THR CE 136 64.11 2.79 -73.82
N LYS CE 137 63.50 2.83 -75.02
CA LYS CE 137 63.83 3.80 -76.04
C LYS CE 137 63.25 5.13 -75.71
N ARG CE 138 61.95 5.14 -75.33
CA ARG CE 138 61.23 6.38 -75.15
C ARG CE 138 61.65 7.06 -73.90
N ARG CE 139 62.06 6.29 -72.86
CA ARG CE 139 62.22 6.77 -71.51
C ARG CE 139 60.99 7.46 -71.05
N PRO CE 140 60.19 6.91 -70.22
CA PRO CE 140 59.08 7.75 -70.05
C PRO CE 140 59.25 8.60 -68.84
N GLU CE 141 58.45 9.67 -68.76
CA GLU CE 141 58.47 10.53 -67.62
C GLU CE 141 58.06 9.71 -66.46
N HIS CE 142 56.93 8.97 -66.66
CA HIS CE 142 56.32 8.32 -65.51
C HIS CE 142 56.05 6.87 -65.84
N MET CE 143 55.37 6.20 -64.94
CA MET CE 143 55.07 4.80 -65.12
C MET CE 143 54.18 4.33 -63.97
N THR CE 144 52.89 4.14 -64.25
CA THR CE 144 51.95 3.69 -63.25
C THR CE 144 52.00 2.17 -63.06
N LEU CE 145 51.82 1.75 -61.82
CA LEU CE 145 51.87 0.34 -61.47
C LEU CE 145 50.62 -0.07 -60.73
N ALA CE 146 49.64 -0.62 -61.44
CA ALA CE 146 48.39 -1.03 -60.82
C ALA CE 146 48.37 -2.48 -60.40
N PHE CE 147 47.97 -2.73 -59.15
CA PHE CE 147 47.91 -4.09 -58.64
C PHE CE 147 46.50 -4.63 -58.78
N GLU CE 148 46.32 -5.59 -59.69
CA GLU CE 148 45.02 -6.17 -59.94
C GLU CE 148 44.61 -7.14 -58.83
N SER CE 149 45.32 -8.25 -58.69
CA SER CE 149 44.99 -9.24 -57.66
C SER CE 149 46.19 -9.65 -56.81
N SER CE 150 45.91 -10.25 -55.66
CA SER CE 150 46.97 -10.70 -54.75
C SER CE 150 46.42 -11.78 -53.87
N SER CE 151 47.05 -12.95 -53.88
CA SER CE 151 46.61 -14.07 -53.04
C SER CE 151 47.79 -14.79 -52.39
N ILE CE 152 47.61 -15.17 -51.13
CA ILE CE 152 48.67 -15.88 -50.39
C ILE CE 152 48.28 -17.32 -50.18
N ALA CE 153 49.26 -18.21 -50.38
CA ALA CE 153 48.91 -19.56 -50.19
C ALA CE 153 48.80 -19.93 -48.75
N ALA CE 154 47.88 -20.86 -48.50
CA ALA CE 154 47.27 -20.88 -47.21
C ALA CE 154 48.30 -21.33 -46.17
N PHE CE 155 49.22 -22.15 -46.67
CA PHE CE 155 50.35 -22.71 -46.07
C PHE CE 155 51.53 -21.74 -46.08
N PHE CE 156 51.64 -20.94 -47.14
CA PHE CE 156 52.79 -20.10 -47.13
C PHE CE 156 52.42 -18.76 -46.70
N THR CE 157 52.94 -18.36 -45.53
CA THR CE 157 53.09 -16.95 -45.36
C THR CE 157 54.09 -16.42 -46.37
N PRO CE 158 55.31 -16.92 -46.54
CA PRO CE 158 56.43 -16.06 -46.83
C PRO CE 158 56.26 -15.31 -48.10
N ILE CE 159 55.52 -15.91 -49.02
CA ILE CE 159 55.43 -15.32 -50.36
C ILE CE 159 54.01 -15.09 -50.81
N ALA CE 160 53.71 -13.85 -51.21
CA ALA CE 160 52.39 -13.50 -51.68
C ALA CE 160 52.48 -13.28 -53.18
N ASP CE 161 51.65 -13.98 -53.95
CA ASP CE 161 51.66 -13.84 -55.40
C ASP CE 161 50.78 -12.68 -55.89
N LEU CE 162 51.31 -11.92 -56.85
CA LEU CE 162 50.59 -10.77 -57.39
C LEU CE 162 50.39 -10.79 -58.89
N HIS CE 163 49.39 -10.04 -59.35
CA HIS CE 163 49.09 -9.89 -60.77
C HIS CE 163 49.03 -8.37 -60.93
N VAL CE 164 49.89 -7.85 -61.79
CA VAL CE 164 49.98 -6.40 -62.00
C VAL CE 164 49.98 -5.93 -63.43
N HIS CE 165 49.38 -4.74 -63.63
CA HIS CE 165 49.32 -4.10 -64.92
C HIS CE 165 50.25 -2.90 -64.86
N ILE CE 166 51.23 -2.86 -65.74
CA ILE CE 166 52.18 -1.75 -65.78
C ILE CE 166 51.74 -0.79 -66.86
N GLU CE 167 51.16 0.33 -66.48
CA GLU CE 167 50.65 1.29 -67.45
C GLU CE 167 51.68 2.31 -67.87
N ILE CE 168 51.61 2.75 -69.13
CA ILE CE 168 52.56 3.73 -69.65
C ILE CE 168 51.99 4.68 -70.68
N GLU CE 169 52.24 5.97 -70.49
CA GLU CE 169 51.76 7.03 -71.38
C GLU CE 169 52.86 7.65 -72.24
N SER CE 170 53.21 7.02 -73.35
CA SER CE 170 54.38 7.58 -73.93
C SER CE 170 53.93 8.48 -75.02
N GLU CE 171 54.88 9.29 -75.51
CA GLU CE 171 54.62 9.96 -76.73
C GLU CE 171 55.62 9.36 -77.67
N THR CE 172 55.12 8.94 -78.85
CA THR CE 172 55.98 8.38 -79.84
C THR CE 172 56.26 9.49 -80.77
N ASP CE 173 57.18 9.25 -81.72
CA ASP CE 173 57.48 10.33 -82.59
C ASP CE 173 56.23 10.64 -83.37
N GLU CE 174 55.67 9.60 -84.04
CA GLU CE 174 54.56 9.70 -84.94
C GLU CE 174 53.29 10.08 -84.24
N ASP CE 175 52.93 9.25 -83.25
CA ASP CE 175 51.65 9.44 -82.64
C ASP CE 175 51.88 9.32 -81.18
N GLU CE 176 50.78 9.03 -80.47
CA GLU CE 176 50.91 8.83 -79.09
C GLU CE 176 50.51 7.40 -78.89
N SER CE 177 51.19 6.75 -77.92
CA SER CE 177 51.01 5.37 -77.67
C SER CE 177 50.68 5.31 -76.23
N GLU CE 178 49.89 4.28 -75.87
CA GLU CE 178 49.51 4.05 -74.49
C GLU CE 178 49.72 2.56 -74.28
N VAL CE 179 50.14 2.15 -73.09
CA VAL CE 179 50.36 0.72 -72.84
C VAL CE 179 49.95 0.29 -71.46
N SER CE 180 49.51 -0.96 -71.35
CA SER CE 180 49.09 -1.52 -70.08
C SER CE 180 49.46 -3.00 -70.04
N MET CE 181 50.76 -3.28 -70.07
CA MET CE 181 51.27 -4.64 -70.05
C MET CE 181 51.04 -5.29 -68.70
N PRO CE 182 50.49 -6.51 -68.70
CA PRO CE 182 50.18 -7.28 -67.49
C PRO CE 182 51.31 -8.27 -67.19
N ALA CE 183 51.60 -8.45 -65.91
CA ALA CE 183 52.66 -9.37 -65.50
C ALA CE 183 52.40 -9.98 -64.13
N ASP CE 184 52.94 -11.18 -63.94
CA ASP CE 184 52.81 -11.87 -62.67
C ASP CE 184 53.97 -11.39 -61.79
N GLY CE 185 53.89 -11.71 -60.50
CA GLY CE 185 54.94 -11.31 -59.57
C GLY CE 185 54.62 -11.71 -58.16
N GLU CE 186 55.65 -11.73 -57.32
CA GLU CE 186 55.48 -12.09 -55.92
C GLU CE 186 56.09 -11.05 -55.01
N TYR CE 187 55.72 -11.08 -53.74
CA TYR CE 187 56.27 -10.15 -52.76
C TYR CE 187 56.78 -11.00 -51.64
N SER CE 188 58.06 -10.85 -51.32
CA SER CE 188 58.70 -11.64 -50.26
C SER CE 188 58.84 -10.86 -48.97
N PHE CE 189 58.50 -11.81 -48.04
CA PHE CE 189 57.93 -11.53 -46.78
C PHE CE 189 58.87 -10.61 -46.17
N ALA CE 190 60.06 -11.16 -45.91
CA ALA CE 190 61.16 -10.57 -45.20
C ALA CE 190 61.81 -9.49 -45.99
N ASP CE 191 61.95 -9.72 -47.32
CA ASP CE 191 62.70 -8.86 -48.18
C ASP CE 191 61.98 -7.56 -48.26
N HIS CE 192 60.64 -7.61 -48.21
CA HIS CE 192 59.85 -6.47 -48.63
C HIS CE 192 60.14 -6.23 -50.09
N ARG CE 193 60.70 -7.23 -50.78
CA ARG CE 193 61.03 -7.00 -52.18
C ARG CE 193 60.07 -7.70 -53.13
N LEU CE 194 59.33 -6.91 -53.90
CA LEU CE 194 58.39 -7.46 -54.87
C LEU CE 194 59.11 -7.57 -56.20
N THR CE 195 59.00 -8.76 -56.80
CA THR CE 195 59.63 -9.02 -58.07
C THR CE 195 58.50 -9.15 -59.07
N ILE CE 196 58.54 -8.35 -60.14
CA ILE CE 196 57.48 -8.41 -61.14
C ILE CE 196 58.06 -9.02 -62.39
N HIS CE 197 57.67 -10.28 -62.63
CA HIS CE 197 58.23 -11.03 -63.69
C HIS CE 197 57.69 -10.38 -64.91
N PRO CE 198 58.61 -10.34 -65.82
CA PRO CE 198 58.57 -9.53 -66.98
C PRO CE 198 57.39 -9.90 -67.81
N PRO CE 199 56.75 -8.82 -68.05
CA PRO CE 199 55.56 -8.74 -68.85
C PRO CE 199 55.90 -9.24 -70.21
N GLU CE 200 57.10 -8.84 -70.62
CA GLU CE 200 57.61 -8.95 -71.95
C GLU CE 200 58.14 -10.34 -72.12
N GLU CE 201 58.23 -10.73 -73.39
CA GLU CE 201 59.06 -11.84 -73.76
C GLU CE 201 60.45 -11.38 -73.44
N ASP CE 202 60.66 -10.07 -73.53
CA ASP CE 202 62.00 -9.60 -73.59
C ASP CE 202 62.71 -9.88 -72.28
N GLY CE 203 62.01 -9.81 -71.13
CA GLY CE 203 62.74 -10.27 -69.98
C GLY CE 203 63.44 -9.13 -69.36
N LEU CE 204 62.97 -7.92 -69.71
CA LEU CE 204 63.00 -6.79 -68.80
C LEU CE 204 61.94 -6.90 -67.73
N GLY CE 205 62.40 -6.97 -66.49
CA GLY CE 205 61.48 -7.08 -65.35
C GLY CE 205 61.73 -5.99 -64.32
N LEU CE 206 60.76 -5.80 -63.43
CA LEU CE 206 60.86 -4.80 -62.37
C LEU CE 206 61.11 -5.45 -61.04
N VAL CE 207 61.93 -4.78 -60.24
CA VAL CE 207 62.32 -5.25 -58.93
C VAL CE 207 62.38 -4.07 -57.98
N GLY CE 208 61.35 -3.94 -57.16
CA GLY CE 208 61.33 -2.85 -56.19
C GLY CE 208 61.51 -3.40 -54.79
N GLU CE 209 62.46 -2.86 -54.05
CA GLU CE 209 62.69 -3.31 -52.68
C GLU CE 209 62.21 -2.24 -51.72
N PHE CE 210 61.35 -2.63 -50.79
CA PHE CE 210 60.79 -1.68 -49.84
C PHE CE 210 61.71 -1.31 -48.69
N ASP CE 211 61.52 -0.08 -48.22
CA ASP CE 211 61.46 0.23 -46.83
C ASP CE 211 60.20 -0.41 -46.28
N GLY CE 212 59.08 -0.29 -47.03
CA GLY CE 212 57.87 -1.08 -46.86
C GLY CE 212 56.67 -0.21 -46.56
N TYR CE 213 56.27 -0.03 -45.27
CA TYR CE 213 55.15 0.82 -44.85
C TYR CE 213 55.59 2.15 -45.17
N ASN CE 214 56.78 2.39 -44.61
CA ASN CE 214 57.49 3.60 -44.42
C ASN CE 214 58.74 3.36 -45.20
N PHE CE 215 58.74 3.67 -46.51
CA PHE CE 215 57.66 4.30 -47.19
C PHE CE 215 57.10 3.35 -48.15
N ASP CE 216 55.81 3.53 -48.48
CA ASP CE 216 55.21 2.77 -49.54
C ASP CE 216 55.97 3.19 -50.76
N ARG CE 217 56.54 4.42 -50.73
CA ARG CE 217 57.59 4.82 -51.66
C ARG CE 217 58.64 3.73 -51.71
N PHE CE 218 58.96 3.25 -52.90
CA PHE CE 218 59.99 2.23 -53.05
C PHE CE 218 60.76 2.48 -54.33
N VAL CE 219 62.06 2.22 -54.33
CA VAL CE 219 62.85 2.42 -55.53
C VAL CE 219 62.63 1.24 -56.45
N GLY CE 220 62.26 1.53 -57.68
CA GLY CE 220 61.99 0.47 -58.63
C GLY CE 220 63.03 0.37 -59.70
N HIS CE 221 63.75 -0.74 -59.66
CA HIS CE 221 64.81 -1.01 -60.62
C HIS CE 221 64.28 -1.89 -61.75
N ILE CE 222 64.54 -1.48 -62.99
CA ILE CE 222 64.12 -2.29 -64.10
C ILE CE 222 65.35 -3.06 -64.49
N VAL CE 223 65.26 -4.39 -64.49
CA VAL CE 223 66.42 -5.21 -64.81
C VAL CE 223 66.19 -6.29 -65.86
N HIS CE 224 67.28 -6.91 -66.29
CA HIS CE 224 67.23 -8.02 -67.23
C HIS CE 224 67.11 -9.20 -66.30
N GLU CE 225 65.96 -9.91 -66.31
CA GLU CE 225 65.52 -10.71 -65.20
C GLU CE 225 66.59 -11.72 -64.86
N LEU CE 226 67.21 -12.29 -65.91
CA LEU CE 226 68.20 -13.32 -65.81
C LEU CE 226 69.49 -12.79 -65.22
N SER CE 227 69.90 -11.61 -65.72
CA SER CE 227 71.17 -10.99 -65.44
C SER CE 227 71.14 -10.43 -64.07
N GLU CE 228 69.96 -9.91 -63.75
CA GLU CE 228 69.90 -8.91 -62.75
C GLU CE 228 70.86 -7.81 -63.05
N GLU CE 229 70.77 -7.26 -64.26
CA GLU CE 229 71.38 -5.96 -64.53
C GLU CE 229 70.39 -4.84 -64.35
N VAL CE 230 70.81 -3.82 -63.61
CA VAL CE 230 69.95 -2.68 -63.39
C VAL CE 230 70.12 -1.75 -64.59
N CYS CE 231 69.05 -1.23 -65.15
CA CYS CE 231 69.19 -0.33 -66.28
C CYS CE 231 68.10 0.74 -66.30
N ALA CE 232 67.40 0.86 -65.20
CA ALA CE 232 66.33 1.85 -65.08
C ALA CE 232 65.87 1.93 -63.64
N GLU CE 233 65.87 3.14 -63.11
CA GLU CE 233 65.48 3.38 -61.74
C GLU CE 233 64.32 4.38 -61.76
N PHE CE 234 63.27 4.05 -61.00
CA PHE CE 234 62.11 4.90 -60.87
C PHE CE 234 61.77 4.91 -59.42
N ILE CE 235 61.38 6.07 -58.91
CA ILE CE 235 60.98 6.16 -57.51
C ILE CE 235 59.46 6.02 -57.52
N PHE CE 236 58.95 4.95 -56.93
CA PHE CE 236 57.52 4.75 -56.93
C PHE CE 236 56.88 5.27 -55.66
N HIS CE 237 55.80 6.04 -55.82
CA HIS CE 237 55.04 6.59 -54.71
C HIS CE 237 53.65 5.98 -54.76
N ARG CE 238 53.09 5.65 -53.60
CA ARG CE 238 51.76 5.07 -53.55
C ARG CE 238 50.79 6.20 -53.88
N LYS CE 239 49.87 6.02 -54.84
CA LYS CE 239 48.82 6.97 -55.11
C LYS CE 239 47.75 6.74 -54.09
N LYS CE 240 47.19 7.78 -53.47
CA LYS CE 240 46.15 7.39 -52.56
C LYS CE 240 44.83 7.31 -53.31
N HIS DE 20 67.62 -60.52 37.23
CA HIS DE 20 67.98 -59.44 38.19
C HIS DE 20 69.37 -59.65 38.68
N GLU DE 21 69.47 -60.05 39.96
CA GLU DE 21 70.74 -60.27 40.59
C GLU DE 21 71.41 -61.42 39.90
N HIS DE 22 70.59 -62.42 39.56
CA HIS DE 22 71.01 -63.69 39.04
C HIS DE 22 71.72 -63.43 37.78
N CYS DE 23 71.05 -62.67 36.91
CA CYS DE 23 71.65 -62.57 35.63
C CYS DE 23 72.55 -61.41 35.70
N CYS DE 24 72.80 -60.84 34.52
CA CYS DE 24 74.03 -60.22 34.24
C CYS DE 24 73.89 -58.76 34.56
N SER DE 25 74.52 -58.29 35.66
CA SER DE 25 74.35 -56.96 36.21
C SER DE 25 74.80 -55.91 35.24
N GLU DE 26 74.21 -54.73 35.40
CA GLU DE 26 74.63 -53.52 34.72
C GLU DE 26 76.11 -53.25 34.90
N GLU DE 27 76.57 -53.19 36.14
CA GLU DE 27 77.99 -52.94 36.38
C GLU DE 27 78.77 -54.04 35.68
N ASP DE 28 78.38 -55.28 35.94
CA ASP DE 28 79.04 -56.42 35.34
C ASP DE 28 79.35 -56.18 33.87
N HIS DE 29 78.33 -56.08 33.03
CA HIS DE 29 78.57 -55.88 31.63
C HIS DE 29 79.15 -54.52 31.30
N ARG DE 30 78.80 -53.50 32.07
CA ARG DE 30 79.36 -52.19 31.77
C ARG DE 30 80.87 -52.43 31.74
N ILE DE 31 81.32 -53.30 32.65
CA ILE DE 31 82.73 -53.62 32.74
C ILE DE 31 83.16 -54.38 31.49
N VAL DE 32 82.52 -55.50 31.26
CA VAL DE 32 82.86 -56.31 30.09
C VAL DE 32 82.99 -55.41 28.88
N GLN DE 33 81.94 -54.64 28.59
CA GLN DE 33 81.95 -53.75 27.44
C GLN DE 33 83.19 -52.88 27.40
N LYS DE 34 83.51 -52.22 28.51
CA LYS DE 34 84.67 -51.35 28.58
C LYS DE 34 85.96 -52.11 28.24
N GLN DE 35 86.13 -53.28 28.85
CA GLN DE 35 87.32 -54.10 28.65
C GLN DE 35 87.43 -54.66 27.25
N TRP DE 36 86.30 -55.00 26.65
CA TRP DE 36 86.29 -55.57 25.31
C TRP DE 36 86.65 -54.52 24.30
N ASP DE 37 86.53 -53.26 24.69
CA ASP DE 37 86.86 -52.17 23.78
C ASP DE 37 88.35 -51.87 23.71
N ILE DE 38 89.09 -52.23 24.76
CA ILE DE 38 90.52 -52.02 24.78
C ILE DE 38 91.10 -52.61 23.51
N LEU DE 39 90.42 -53.61 22.97
CA LEU DE 39 90.85 -54.30 21.76
C LEU DE 39 90.77 -53.51 20.46
N TRP DE 40 89.61 -52.94 20.16
CA TRP DE 40 89.42 -52.20 18.92
C TRP DE 40 89.89 -50.76 18.89
N ARG DE 41 90.99 -50.46 19.59
CA ARG DE 41 91.50 -49.10 19.60
C ARG DE 41 92.19 -48.79 18.27
N ASP DE 42 92.85 -49.78 17.68
CA ASP DE 42 93.53 -49.55 16.40
C ASP DE 42 92.70 -50.02 15.21
N THR DE 43 92.78 -49.26 14.12
CA THR DE 43 92.01 -49.54 12.91
C THR DE 43 92.16 -50.93 12.31
N GLU DE 44 93.23 -51.65 12.63
CA GLU DE 44 93.41 -52.98 12.06
C GLU DE 44 92.67 -54.06 12.83
N SER DE 45 91.39 -53.80 13.12
CA SER DE 45 90.54 -54.74 13.84
C SER DE 45 90.50 -56.09 13.14
N SER DE 46 90.39 -56.06 11.82
CA SER DE 46 90.33 -57.28 11.02
C SER DE 46 91.46 -58.24 11.39
N LYS DE 47 92.69 -57.77 11.26
CA LYS DE 47 93.85 -58.59 11.58
C LYS DE 47 93.71 -59.22 12.97
N ILE DE 48 93.20 -58.45 13.93
CA ILE DE 48 93.01 -58.93 15.29
C ILE DE 48 91.86 -59.91 15.33
N LYS DE 49 90.64 -59.42 15.16
CA LYS DE 49 89.47 -60.29 15.19
C LYS DE 49 89.76 -61.62 14.53
N ILE DE 50 90.34 -61.59 13.34
CA ILE DE 50 90.68 -62.83 12.62
C ILE DE 50 91.63 -63.68 13.43
N GLY DE 51 92.85 -63.19 13.59
CA GLY DE 51 93.84 -63.92 14.36
C GLY DE 51 93.27 -64.49 15.66
N PHE DE 52 92.59 -63.66 16.43
CA PHE DE 52 92.02 -64.09 17.70
C PHE DE 52 90.94 -65.15 17.48
N GLY DE 53 89.96 -64.84 16.64
CA GLY DE 53 88.89 -65.80 16.38
C GLY DE 53 89.45 -67.07 15.78
N ARG DE 54 90.47 -66.93 14.96
CA ARG DE 54 91.11 -68.07 14.32
C ARG DE 54 91.62 -68.95 15.42
N LEU DE 55 92.48 -68.40 16.27
CA LEU DE 55 93.05 -69.15 17.38
C LEU DE 55 91.96 -69.78 18.24
N LEU DE 56 90.95 -69.00 18.61
CA LEU DE 56 89.87 -69.53 19.44
C LEU DE 56 89.22 -70.78 18.87
N LEU DE 57 88.90 -70.77 17.58
CA LEU DE 57 88.29 -71.93 16.97
C LEU DE 57 89.29 -73.08 16.88
N THR DE 58 90.52 -72.77 16.48
CA THR DE 58 91.56 -73.77 16.38
C THR DE 58 91.68 -74.52 17.70
N LYS DE 59 91.98 -73.79 18.77
CA LYS DE 59 92.10 -74.36 20.11
C LYS DE 59 90.86 -75.15 20.52
N LEU DE 60 89.77 -74.95 19.79
CA LEU DE 60 88.56 -75.71 20.10
C LEU DE 60 88.70 -77.05 19.42
N ALA DE 61 89.00 -77.03 18.13
CA ALA DE 61 89.17 -78.26 17.36
C ALA DE 61 90.29 -79.10 17.95
N LYS DE 62 91.21 -78.45 18.63
CA LYS DE 62 92.34 -79.13 19.27
C LYS DE 62 91.83 -80.02 20.39
N ASP DE 63 91.00 -79.47 21.27
CA ASP DE 63 90.46 -80.22 22.40
C ASP DE 63 89.27 -81.12 22.03
N ILE DE 64 88.60 -80.82 20.93
CA ILE DE 64 87.46 -81.62 20.49
C ILE DE 64 87.45 -81.63 18.97
N PRO DE 65 88.01 -82.68 18.36
CA PRO DE 65 88.11 -82.87 16.91
C PRO DE 65 86.82 -83.04 16.13
N GLU DE 66 85.80 -83.64 16.74
CA GLU DE 66 84.56 -83.83 16.02
C GLU DE 66 84.07 -82.48 15.50
N VAL DE 67 84.79 -81.43 15.90
CA VAL DE 67 84.49 -80.06 15.49
C VAL DE 67 85.02 -79.81 14.08
N ASN DE 68 86.26 -80.23 13.84
CA ASN DE 68 86.88 -80.07 12.55
C ASN DE 68 85.94 -80.39 11.40
N ASP DE 69 85.06 -81.36 11.59
CA ASP DE 69 84.12 -81.74 10.55
C ASP DE 69 82.98 -80.75 10.39
N LEU DE 70 82.66 -80.04 11.47
CA LEU DE 70 81.59 -79.05 11.43
C LEU DE 70 82.04 -77.83 10.66
N PHE DE 71 83.27 -77.40 10.94
CA PHE DE 71 83.85 -76.23 10.29
C PHE DE 71 84.51 -76.60 8.97
N LYS DE 72 84.26 -77.82 8.53
CA LYS DE 72 84.80 -78.30 7.27
C LYS DE 72 84.29 -77.41 6.15
N ARG DE 73 83.00 -77.11 6.23
CA ARG DE 73 82.30 -76.28 5.25
C ARG DE 73 83.02 -74.95 5.00
N VAL DE 74 83.69 -74.44 6.02
CA VAL DE 74 84.38 -73.16 5.88
C VAL DE 74 85.88 -73.32 5.76
N ASP DE 75 86.31 -74.48 5.28
CA ASP DE 75 87.74 -74.76 5.07
C ASP DE 75 88.58 -74.45 6.31
N ILE DE 76 88.21 -75.03 7.44
CA ILE DE 76 88.94 -74.81 8.68
C ILE DE 76 90.30 -75.43 8.52
N GLU DE 77 90.41 -76.33 7.56
CA GLU DE 77 91.66 -77.00 7.31
C GLU DE 77 92.74 -75.96 7.02
N HIS DE 78 92.35 -74.87 6.38
CA HIS DE 78 93.29 -73.80 6.07
C HIS DE 78 93.00 -72.62 6.94
N ALA DE 79 93.57 -72.64 8.14
CA ALA DE 79 93.36 -71.56 9.10
C ALA DE 79 93.50 -70.16 8.51
N GLU DE 80 94.55 -69.95 7.72
CA GLU DE 80 94.84 -68.65 7.09
C GLU DE 80 94.07 -68.47 5.78
N GLY DE 81 93.39 -69.52 5.35
CA GLY DE 81 92.62 -69.46 4.12
C GLY DE 81 91.46 -68.49 4.24
N PRO DE 82 91.33 -67.58 3.28
CA PRO DE 82 90.23 -66.62 3.34
C PRO DE 82 88.91 -67.25 3.74
N LYS DE 83 88.58 -68.41 3.16
CA LYS DE 83 87.34 -69.11 3.48
C LYS DE 83 87.10 -69.11 4.99
N PHE DE 84 88.12 -69.49 5.73
CA PHE DE 84 88.02 -69.55 7.18
C PHE DE 84 88.17 -68.18 7.81
N SER DE 85 89.16 -67.41 7.35
CA SER DE 85 89.38 -66.07 7.90
C SER DE 85 88.06 -65.29 7.94
N ALA DE 86 87.29 -65.39 6.87
CA ALA DE 86 86.00 -64.71 6.81
C ALA DE 86 85.19 -65.21 7.98
N HIS DE 87 85.03 -66.53 8.05
CA HIS DE 87 84.29 -67.15 9.13
C HIS DE 87 84.77 -66.62 10.49
N ALA DE 88 86.07 -66.69 10.71
CA ALA DE 88 86.66 -66.21 11.95
C ALA DE 88 86.01 -64.90 12.33
N LEU DE 89 85.86 -64.02 11.34
CA LEU DE 89 85.23 -62.73 11.59
C LEU DE 89 83.78 -62.91 11.98
N ARG DE 90 82.98 -63.44 11.07
CA ARG DE 90 81.57 -63.64 11.36
C ARG DE 90 81.30 -64.05 12.79
N ILE DE 91 81.97 -65.10 13.27
CA ILE DE 91 81.77 -65.56 14.63
C ILE DE 91 82.22 -64.54 15.64
N LEU DE 92 83.52 -64.26 15.63
CA LEU DE 92 84.11 -63.30 16.53
C LEU DE 92 83.26 -62.01 16.51
N ASN DE 93 82.79 -61.61 15.33
CA ASN DE 93 81.99 -60.41 15.17
C ASN DE 93 80.61 -60.59 15.78
N GLY DE 94 80.15 -61.82 15.81
CA GLY DE 94 78.85 -62.09 16.40
C GLY DE 94 78.98 -61.89 17.89
N LEU DE 95 80.08 -62.38 18.45
CA LEU DE 95 80.33 -62.23 19.87
C LEU DE 95 80.28 -60.75 20.17
N ASP DE 96 80.82 -59.94 19.25
CA ASP DE 96 80.83 -58.48 19.42
C ASP DE 96 79.38 -58.05 19.59
N LEU DE 97 78.56 -58.34 18.59
CA LEU DE 97 77.15 -58.00 18.63
C LEU DE 97 76.57 -58.35 19.98
N ALA DE 98 76.78 -59.57 20.44
CA ALA DE 98 76.27 -60.00 21.73
C ALA DE 98 76.67 -59.02 22.81
N ILE DE 99 77.98 -58.82 22.94
CA ILE DE 99 78.49 -57.91 23.94
C ILE DE 99 77.92 -56.50 23.81
N ASN DE 100 77.94 -55.94 22.60
CA ASN DE 100 77.40 -54.60 22.39
C ASN DE 100 75.89 -54.42 22.60
N LEU DE 101 75.17 -55.51 22.80
CA LEU DE 101 73.74 -55.40 23.02
C LEU DE 101 73.44 -55.78 24.45
N LEU DE 102 74.49 -55.96 25.25
CA LEU DE 102 74.30 -56.34 26.64
C LEU DE 102 73.47 -55.31 27.39
N ASP DE 103 73.46 -54.07 26.92
CA ASP DE 103 72.68 -53.05 27.59
C ASP DE 103 71.35 -52.81 26.88
N ASP DE 104 70.56 -53.86 26.76
CA ASP DE 104 69.24 -53.83 26.11
C ASP DE 104 68.78 -55.27 26.01
N PRO DE 105 68.54 -55.90 27.17
CA PRO DE 105 68.11 -57.29 27.25
C PRO DE 105 67.17 -57.81 26.17
N PRO DE 106 66.06 -57.12 25.90
CA PRO DE 106 65.12 -57.60 24.87
C PRO DE 106 65.80 -57.75 23.50
N ALA DE 107 66.60 -56.77 23.12
CA ALA DE 107 67.29 -56.80 21.84
C ALA DE 107 68.31 -57.92 21.87
N LEU DE 108 69.19 -57.88 22.87
CA LEU DE 108 70.20 -58.91 23.02
C LEU DE 108 69.54 -60.26 22.94
N ASP DE 109 68.44 -60.42 23.67
CA ASP DE 109 67.72 -61.67 23.68
C ASP DE 109 67.46 -62.05 22.23
N ALA DE 110 66.66 -61.26 21.54
CA ALA DE 110 66.34 -61.53 20.16
C ALA DE 110 67.58 -61.85 19.34
N ALA DE 111 68.59 -60.99 19.45
CA ALA DE 111 69.84 -61.16 18.71
C ALA DE 111 70.45 -62.53 18.92
N LEU DE 112 70.41 -63.02 20.15
CA LEU DE 112 70.97 -64.32 20.49
C LEU DE 112 70.06 -65.45 20.02
N ASP DE 113 68.76 -65.31 20.24
CA ASP DE 113 67.81 -66.35 19.84
C ASP DE 113 68.09 -66.65 18.39
N HIS DE 114 68.26 -65.60 17.61
CA HIS DE 114 68.54 -65.73 16.19
C HIS DE 114 69.78 -66.60 16.03
N LEU DE 115 70.81 -66.34 16.83
CA LEU DE 115 72.04 -67.12 16.74
C LEU DE 115 71.78 -68.58 17.09
N ALA DE 116 70.79 -68.81 17.95
CA ALA DE 116 70.47 -70.17 18.33
C ALA DE 116 70.02 -70.91 17.09
N HIS DE 117 69.04 -70.34 16.40
CA HIS DE 117 68.51 -70.93 15.18
C HIS DE 117 69.59 -71.18 14.14
N GLN DE 118 70.56 -70.28 14.03
CA GLN DE 118 71.62 -70.45 13.04
C GLN DE 118 72.52 -71.61 13.39
N HIS DE 119 72.42 -72.08 14.62
CA HIS DE 119 73.23 -73.20 15.06
C HIS DE 119 72.41 -74.46 15.17
N GLU DE 120 71.11 -74.30 15.35
CA GLU DE 120 70.20 -75.43 15.47
C GLU DE 120 70.23 -76.30 14.21
N VAL DE 121 70.14 -75.66 13.05
CA VAL DE 121 70.14 -76.38 11.78
C VAL DE 121 71.51 -76.87 11.34
N ARG DE 122 72.50 -76.75 12.22
CA ARG DE 122 73.83 -77.22 11.90
C ARG DE 122 74.07 -78.45 12.76
N GLU DE 123 73.62 -79.62 12.29
CA GLU DE 123 73.78 -80.84 13.07
C GLU DE 123 75.25 -81.17 13.32
N GLY DE 124 75.51 -81.75 14.49
CA GLY DE 124 76.86 -82.10 14.87
C GLY DE 124 77.30 -81.22 16.02
N VAL DE 125 76.73 -80.02 16.06
CA VAL DE 125 77.03 -79.05 17.10
C VAL DE 125 76.25 -79.37 18.35
N GLN DE 126 76.94 -79.79 19.40
CA GLN DE 126 76.29 -80.13 20.66
C GLN DE 126 76.71 -79.19 21.79
N LYS DE 127 75.90 -79.13 22.83
CA LYS DE 127 76.17 -78.24 23.96
C LYS DE 127 77.59 -78.31 24.49
N ALA DE 128 78.06 -79.50 24.80
CA ALA DE 128 79.42 -79.68 25.33
C ALA DE 128 80.46 -78.84 24.58
N HIS DE 129 80.17 -78.54 23.32
CA HIS DE 129 81.08 -77.74 22.50
C HIS DE 129 81.19 -76.35 23.06
N PHE DE 130 80.04 -75.72 23.31
CA PHE DE 130 80.02 -74.39 23.85
C PHE DE 130 80.66 -74.35 25.22
N LYS DE 131 80.29 -75.26 26.08
CA LYS DE 131 80.88 -75.27 27.41
C LYS DE 131 82.40 -75.15 27.26
N LYS DE 132 82.96 -75.94 26.35
CA LYS DE 132 84.40 -75.92 26.13
C LYS DE 132 84.86 -74.58 25.57
N PHE DE 133 84.21 -74.14 24.50
CA PHE DE 133 84.56 -72.88 23.89
C PHE DE 133 84.56 -71.79 24.93
N GLY DE 134 83.66 -71.90 25.89
CA GLY DE 134 83.59 -70.91 26.95
C GLY DE 134 84.85 -70.92 27.77
N GLU DE 135 85.24 -72.09 28.23
CA GLU DE 135 86.44 -72.23 29.02
C GLU DE 135 87.64 -71.69 28.25
N ILE DE 136 87.67 -71.94 26.95
CA ILE DE 136 88.78 -71.49 26.10
C ILE DE 136 88.79 -69.97 26.01
N LEU DE 137 87.63 -69.41 25.76
CA LEU DE 137 87.46 -67.97 25.62
C LEU DE 137 87.87 -67.28 26.89
N ALA DE 138 87.58 -67.90 28.01
CA ALA DE 138 87.89 -67.34 29.31
C ALA DE 138 89.36 -67.38 29.60
N THR DE 139 90.07 -68.30 28.96
CA THR DE 139 91.51 -68.41 29.19
C THR DE 139 92.24 -67.56 28.19
N GLY DE 140 91.57 -67.24 27.10
CA GLY DE 140 92.18 -66.44 26.06
C GLY DE 140 92.11 -64.95 26.26
N LEU DE 141 90.90 -64.43 26.51
CA LEU DE 141 90.71 -62.99 26.70
C LEU DE 141 91.81 -62.35 27.56
N PRO DE 142 91.99 -62.84 28.79
CA PRO DE 142 93.00 -62.28 29.69
C PRO DE 142 94.41 -62.29 29.14
N GLN DE 143 94.60 -62.85 27.96
CA GLN DE 143 95.92 -62.90 27.36
C GLN DE 143 96.14 -61.73 26.44
N VAL DE 144 95.04 -61.13 25.98
CA VAL DE 144 95.13 -59.98 25.08
C VAL DE 144 94.69 -58.69 25.79
N LEU DE 145 93.94 -58.83 26.87
CA LEU DE 145 93.48 -57.68 27.61
C LEU DE 145 94.24 -57.58 28.93
N ASP DE 146 94.94 -56.48 29.15
CA ASP DE 146 95.67 -56.33 30.39
C ASP DE 146 94.71 -56.17 31.56
N ASP DE 147 93.57 -55.52 31.31
CA ASP DE 147 92.58 -55.32 32.36
C ASP DE 147 91.41 -56.28 32.09
N TYR DE 148 91.33 -57.33 32.88
CA TYR DE 148 90.30 -58.34 32.74
C TYR DE 148 89.67 -58.65 34.08
N ASP DE 149 88.34 -58.70 34.13
CA ASP DE 149 87.64 -59.01 35.37
C ASP DE 149 86.95 -60.34 35.20
N ALA DE 150 87.68 -61.42 35.45
CA ALA DE 150 87.16 -62.78 35.29
C ALA DE 150 85.73 -62.96 35.76
N LEU DE 151 85.44 -62.48 36.95
CA LEU DE 151 84.09 -62.62 37.50
C LEU DE 151 83.02 -62.03 36.62
N ALA DE 152 83.19 -60.78 36.22
CA ALA DE 152 82.21 -60.12 35.37
C ALA DE 152 82.04 -60.88 34.07
N TRP DE 153 83.15 -61.13 33.39
CA TRP DE 153 83.09 -61.83 32.12
C TRP DE 153 82.42 -63.18 32.18
N LYS DE 154 82.90 -64.05 33.06
CA LYS DE 154 82.31 -65.38 33.16
C LYS DE 154 80.81 -65.25 33.29
N SER DE 155 80.37 -64.33 34.15
CA SER DE 155 78.95 -64.11 34.36
C SER DE 155 78.22 -63.85 33.04
N CYS DE 156 78.74 -62.90 32.26
CA CYS DE 156 78.12 -62.54 30.99
C CYS DE 156 78.31 -63.58 29.89
N LEU DE 157 79.53 -64.05 29.70
CA LEU DE 157 79.76 -65.04 28.67
C LEU DE 157 78.84 -66.23 28.86
N LYS DE 158 78.59 -66.61 30.11
CA LYS DE 158 77.73 -67.74 30.39
C LYS DE 158 76.36 -67.46 29.79
N GLY DE 159 75.74 -66.38 30.24
CA GLY DE 159 74.42 -66.02 29.73
C GLY DE 159 74.35 -66.06 28.21
N ILE DE 160 75.40 -65.58 27.55
CA ILE DE 160 75.43 -65.55 26.10
C ILE DE 160 75.53 -66.93 25.51
N LEU DE 161 76.62 -67.62 25.81
CA LEU DE 161 76.83 -68.95 25.29
C LEU DE 161 75.62 -69.85 25.49
N THR DE 162 75.03 -69.79 26.67
CA THR DE 162 73.86 -70.60 26.95
C THR DE 162 72.71 -70.32 25.99
N LYS DE 163 72.26 -69.08 25.97
CA LYS DE 163 71.15 -68.68 25.12
C LYS DE 163 71.41 -69.02 23.65
N ILE DE 164 72.66 -69.08 23.25
CA ILE DE 164 73.00 -69.38 21.85
C ILE DE 164 72.82 -70.85 21.52
N SER DE 165 73.14 -71.69 22.49
CA SER DE 165 73.06 -73.13 22.27
C SER DE 165 71.78 -73.75 22.78
N SER DE 166 70.91 -72.87 23.30
CA SER DE 166 69.70 -73.16 24.01
C SER DE 166 68.86 -73.98 23.10
N ARG DE 167 68.85 -73.54 21.82
CA ARG DE 167 68.15 -74.23 20.78
C ARG DE 167 68.96 -75.40 20.40
N LEU DE 168 68.27 -76.54 20.50
CA LEU DE 168 68.72 -77.85 20.23
C LEU DE 168 67.66 -78.41 19.26
N GLU EE 19 111.06 -69.15 19.31
CA GLU EE 19 110.80 -67.73 19.02
C GLU EE 19 109.98 -67.11 20.11
N CYS EE 20 109.18 -66.12 19.67
CA CYS EE 20 108.25 -65.43 20.47
C CYS EE 20 106.93 -65.93 20.07
N LEU EE 21 105.91 -65.40 20.74
CA LEU EE 21 104.56 -65.73 20.42
C LEU EE 21 104.02 -64.48 19.83
N VAL EE 22 102.93 -64.60 19.05
CA VAL EE 22 102.27 -63.50 18.41
C VAL EE 22 101.66 -62.62 19.44
N THR EE 23 101.08 -63.22 20.48
CA THR EE 23 100.55 -62.38 21.55
C THR EE 23 101.67 -61.69 22.30
N GLU EE 24 102.67 -62.47 22.70
CA GLU EE 24 103.80 -61.93 23.44
C GLU EE 24 104.40 -60.71 22.73
N SER EE 25 104.05 -60.52 21.46
CA SER EE 25 104.56 -59.39 20.71
C SER EE 25 103.59 -58.25 20.87
N LEU EE 26 102.37 -58.46 20.39
CA LEU EE 26 101.30 -57.47 20.47
C LEU EE 26 101.32 -56.80 21.84
N LYS EE 27 101.58 -57.60 22.86
CA LYS EE 27 101.64 -57.11 24.23
C LYS EE 27 102.73 -56.06 24.35
N VAL EE 28 103.90 -56.37 23.82
CA VAL EE 28 105.00 -55.44 23.87
C VAL EE 28 104.72 -54.26 22.96
N LYS EE 29 104.27 -54.53 21.73
CA LYS EE 29 103.98 -53.48 20.77
C LYS EE 29 103.06 -52.48 21.42
N LEU EE 30 102.08 -52.99 22.16
CA LEU EE 30 101.11 -52.16 22.85
C LEU EE 30 101.71 -51.39 24.04
N GLN EE 31 102.33 -52.11 24.96
CA GLN EE 31 102.94 -51.46 26.11
C GLN EE 31 104.00 -50.46 25.71
N TRP EE 32 104.77 -50.75 24.66
CA TRP EE 32 105.79 -49.83 24.22
C TRP EE 32 105.13 -48.50 23.95
N ALA EE 33 103.96 -48.54 23.33
CA ALA EE 33 103.22 -47.33 23.01
C ALA EE 33 103.05 -46.45 24.24
N SER EE 34 102.35 -46.96 25.25
CA SER EE 34 102.10 -46.20 26.47
C SER EE 34 103.37 -45.71 27.14
N ALA EE 35 104.34 -46.59 27.27
CA ALA EE 35 105.60 -46.25 27.92
C ALA EE 35 106.44 -45.19 27.20
N PHE EE 36 106.82 -45.49 25.97
CA PHE EE 36 107.62 -44.58 25.18
C PHE EE 36 106.97 -43.22 25.15
N GLY EE 37 105.78 -43.16 24.56
CA GLY EE 37 105.03 -41.91 24.50
C GLY EE 37 105.22 -41.11 23.23
N HIS EE 38 105.05 -39.79 23.35
CA HIS EE 38 105.19 -38.89 22.22
C HIS EE 38 105.95 -37.61 22.58
N ALA EE 39 106.58 -37.02 21.56
CA ALA EE 39 107.33 -35.77 21.71
C ALA EE 39 108.28 -35.79 22.89
N HIS EE 40 108.27 -34.70 23.65
CA HIS EE 40 109.14 -34.56 24.82
C HIS EE 40 109.11 -35.77 25.74
N GLU EE 41 107.92 -36.30 26.00
CA GLU EE 41 107.76 -37.48 26.86
C GLU EE 41 108.83 -38.56 26.57
N ARG EE 42 109.27 -38.60 25.32
CA ARG EE 42 110.26 -39.55 24.87
C ARG EE 42 111.65 -39.15 25.31
N VAL EE 43 112.07 -37.95 24.93
CA VAL EE 43 113.40 -37.47 25.29
C VAL EE 43 113.63 -37.76 26.77
N ALA EE 44 112.59 -37.53 27.56
CA ALA EE 44 112.63 -37.76 29.00
C ALA EE 44 112.94 -39.21 29.26
N PHE EE 45 112.26 -40.08 28.53
CA PHE EE 45 112.47 -41.51 28.66
C PHE EE 45 113.91 -41.83 28.30
N GLY EE 46 114.29 -41.51 27.07
CA GLY EE 46 115.65 -41.78 26.65
C GLY EE 46 116.66 -41.34 27.69
N LEU EE 47 116.59 -40.07 28.08
CA LEU EE 47 117.51 -39.53 29.08
C LEU EE 47 117.53 -40.41 30.33
N GLU EE 48 116.39 -40.55 30.98
CA GLU EE 48 116.31 -41.36 32.18
C GLU EE 48 117.02 -42.70 31.96
N LEU EE 49 116.77 -43.33 30.82
CA LEU EE 49 117.38 -44.62 30.49
C LEU EE 49 118.88 -44.59 30.48
N TRP EE 50 119.45 -43.82 29.55
CA TRP EE 50 120.89 -43.72 29.45
C TRP EE 50 121.58 -43.30 30.73
N ARG EE 51 120.94 -42.44 31.52
CA ARG EE 51 121.58 -42.03 32.75
C ARG EE 51 121.81 -43.24 33.60
N ASP EE 52 120.73 -43.97 33.89
CA ASP EE 52 120.82 -45.18 34.71
C ASP EE 52 121.87 -46.14 34.16
N ILE EE 53 121.96 -46.25 32.84
CA ILE EE 53 122.93 -47.15 32.22
C ILE EE 53 124.36 -46.70 32.44
N ILE EE 54 124.64 -45.46 32.15
CA ILE EE 54 125.99 -44.94 32.30
C ILE EE 54 126.46 -44.90 33.75
N ASP EE 55 125.56 -44.69 34.70
CA ASP EE 55 125.98 -44.64 36.10
C ASP EE 55 126.38 -46.02 36.57
N ASP EE 56 125.73 -47.03 36.00
CA ASP EE 56 126.00 -48.42 36.35
C ASP EE 56 127.30 -48.90 35.72
N HIS EE 57 127.54 -48.52 34.47
CA HIS EE 57 128.74 -48.94 33.75
C HIS EE 57 129.37 -47.78 32.98
N PRO EE 58 130.10 -46.90 33.67
CA PRO EE 58 130.75 -45.74 33.04
C PRO EE 58 131.70 -46.08 31.89
N GLU EE 59 131.93 -47.37 31.68
CA GLU EE 59 132.81 -47.79 30.61
C GLU EE 59 132.22 -47.40 29.28
N ILE EE 60 130.90 -47.23 29.26
CA ILE EE 60 130.21 -46.88 28.04
C ILE EE 60 130.43 -45.46 27.54
N LYS EE 61 130.72 -44.54 28.43
CA LYS EE 61 130.95 -43.16 28.01
C LYS EE 61 132.01 -43.10 26.92
N ALA EE 62 132.74 -44.20 26.74
CA ALA EE 62 133.81 -44.26 25.75
C ALA EE 62 133.38 -44.17 24.31
N PRO EE 63 132.67 -45.19 23.79
CA PRO EE 63 132.24 -45.14 22.39
C PRO EE 63 131.27 -44.00 22.07
N PHE EE 64 130.62 -43.48 23.10
CA PHE EE 64 129.67 -42.39 22.93
C PHE EE 64 130.41 -41.06 22.92
N SER EE 65 131.70 -41.11 22.65
CA SER EE 65 132.52 -39.92 22.61
C SER EE 65 132.12 -39.00 21.47
N ARG EE 66 131.68 -39.59 20.36
CA ARG EE 66 131.28 -38.82 19.19
C ARG EE 66 130.05 -38.00 19.47
N VAL EE 67 129.15 -38.56 20.27
CA VAL EE 67 127.91 -37.90 20.63
C VAL EE 67 127.91 -37.42 22.08
N ARG EE 68 128.92 -36.62 22.44
CA ARG EE 68 129.06 -36.09 23.79
C ARG EE 68 128.37 -36.95 24.83
N GLY EE 69 128.96 -38.12 25.09
CA GLY EE 69 128.41 -39.03 26.07
C GLY EE 69 128.73 -38.60 27.48
N ASP EE 70 129.65 -37.67 27.64
CA ASP EE 70 130.01 -37.20 28.97
C ASP EE 70 128.85 -36.40 29.57
N ASN EE 71 128.19 -35.62 28.73
CA ASN EE 71 127.05 -34.80 29.13
C ASN EE 71 125.82 -35.31 28.42
N ILE EE 72 125.11 -36.25 29.04
CA ILE EE 72 123.92 -36.81 28.44
C ILE EE 72 122.78 -35.83 28.27
N TYR EE 73 122.84 -34.70 28.98
CA TYR EE 73 121.79 -33.69 28.88
C TYR EE 73 121.97 -32.77 27.67
N SER EE 74 123.14 -32.87 27.05
CA SER EE 74 123.48 -32.07 25.88
C SER EE 74 122.61 -32.41 24.71
N PRO EE 75 122.44 -31.48 23.78
CA PRO EE 75 121.62 -31.73 22.60
C PRO EE 75 122.26 -32.78 21.71
N GLU EE 76 123.58 -32.71 21.61
CA GLU EE 76 124.30 -33.67 20.80
C GLU EE 76 123.91 -35.09 21.21
N PHE EE 77 124.02 -35.38 22.51
CA PHE EE 77 123.68 -36.70 23.01
C PHE EE 77 122.19 -36.91 22.92
N GLY EE 78 121.43 -35.89 23.29
CA GLY EE 78 119.99 -35.99 23.25
C GLY EE 78 119.55 -36.50 21.90
N ALA EE 79 120.14 -35.94 20.85
CA ALA EE 79 119.80 -36.35 19.49
C ALA EE 79 120.02 -37.84 19.43
N HIS EE 80 121.25 -38.25 19.68
CA HIS EE 80 121.61 -39.66 19.67
C HIS EE 80 120.56 -40.49 20.38
N SER EE 81 120.39 -40.20 21.66
CA SER EE 81 119.41 -40.86 22.52
C SER EE 81 118.16 -41.19 21.75
N GLN EE 82 117.59 -40.17 21.13
CA GLN EE 82 116.38 -40.32 20.35
C GLN EE 82 116.57 -41.31 19.18
N ARG EE 83 117.59 -41.08 18.40
CA ARG EE 83 117.86 -41.93 17.25
C ARG EE 83 117.81 -43.38 17.67
N VAL EE 84 118.42 -43.66 18.80
CA VAL EE 84 118.47 -45.00 19.35
C VAL EE 84 117.05 -45.51 19.59
N LEU EE 85 116.38 -44.89 20.54
CA LEU EE 85 115.03 -45.29 20.88
C LEU EE 85 114.22 -45.51 19.62
N SER EE 86 114.37 -44.60 18.66
CA SER EE 86 113.62 -44.74 17.42
C SER EE 86 113.85 -46.10 16.79
N GLY EE 87 115.12 -46.47 16.63
CA GLY EE 87 115.45 -47.76 16.04
C GLY EE 87 114.76 -48.87 16.81
N LEU EE 88 114.82 -48.76 18.14
CA LEU EE 88 114.21 -49.74 19.01
C LEU EE 88 112.72 -49.79 18.67
N ASP EE 89 112.13 -48.63 18.40
CA ASP EE 89 110.72 -48.57 18.03
C ASP EE 89 110.52 -49.43 16.79
N ILE EE 90 111.33 -49.18 15.76
CA ILE EE 90 111.23 -49.93 14.52
C ILE EE 90 111.25 -51.41 14.78
N THR EE 91 112.36 -51.90 15.33
CA THR EE 91 112.49 -53.31 15.63
C THR EE 91 111.21 -53.81 16.28
N ILE EE 92 110.80 -53.19 17.38
CA ILE EE 92 109.59 -53.61 18.07
C ILE EE 92 108.38 -53.64 17.14
N SER EE 93 108.25 -52.61 16.27
CA SER EE 93 107.15 -52.51 15.35
C SER EE 93 107.31 -53.51 14.24
N MET EE 94 108.53 -53.99 14.01
CA MET EE 94 108.79 -54.91 12.93
C MET EE 94 108.23 -56.23 13.31
N LEU EE 95 108.22 -56.40 14.64
CA LEU EE 95 108.60 -57.55 15.38
C LEU EE 95 107.63 -58.65 15.14
N ASP EE 96 106.35 -58.24 15.09
CA ASP EE 96 105.22 -59.10 15.07
C ASP EE 96 105.22 -59.90 13.82
N THR EE 97 105.55 -59.23 12.72
CA THR EE 97 105.45 -59.80 11.45
C THR EE 97 106.85 -60.12 11.04
N PRO EE 98 107.04 -61.40 10.90
CA PRO EE 98 108.35 -62.04 10.74
C PRO EE 98 109.18 -61.59 9.57
N ASP EE 99 108.58 -61.48 8.39
CA ASP EE 99 109.33 -61.08 7.22
C ASP EE 99 110.02 -59.74 7.36
N MET EE 100 109.39 -58.82 8.07
CA MET EE 100 109.95 -57.49 8.29
C MET EE 100 111.01 -57.53 9.36
N LEU EE 101 110.75 -58.27 10.42
CA LEU EE 101 111.69 -58.40 11.52
C LEU EE 101 112.99 -59.02 11.04
N ALA EE 102 112.87 -60.21 10.44
CA ALA EE 102 114.03 -60.93 9.94
C ALA EE 102 114.90 -60.00 9.11
N ALA EE 103 114.25 -59.16 8.31
CA ALA EE 103 114.94 -58.20 7.46
C ALA EE 103 115.57 -57.08 8.28
N GLN EE 104 114.76 -56.46 9.12
CA GLN EE 104 115.19 -55.37 9.97
C GLN EE 104 116.35 -55.82 10.83
N LEU EE 105 116.22 -56.98 11.46
CA LEU EE 105 117.28 -57.50 12.29
C LEU EE 105 118.56 -57.64 11.50
N ALA EE 106 118.47 -58.29 10.34
CA ALA EE 106 119.64 -58.48 9.49
C ALA EE 106 120.29 -57.12 9.20
N HIS EE 107 119.46 -56.11 8.95
CA HIS EE 107 119.94 -54.78 8.65
C HIS EE 107 120.70 -54.20 9.83
N LEU EE 108 120.22 -54.45 11.05
CA LEU EE 108 120.89 -53.94 12.24
C LEU EE 108 122.22 -54.64 12.48
N LYS EE 109 122.25 -55.95 12.25
CA LYS EE 109 123.47 -56.74 12.45
C LYS EE 109 124.63 -56.12 11.69
N VAL EE 110 124.36 -55.69 10.46
CA VAL EE 110 125.39 -55.09 9.64
C VAL EE 110 125.95 -53.82 10.25
N GLN EE 111 125.07 -52.91 10.66
CA GLN EE 111 125.51 -51.65 11.25
C GLN EE 111 126.35 -51.86 12.50
N HIS EE 112 126.40 -53.09 12.98
CA HIS EE 112 127.16 -53.41 14.18
C HIS EE 112 128.41 -54.24 13.93
N VAL EE 113 128.25 -55.38 13.27
CA VAL EE 113 129.37 -56.27 12.99
C VAL EE 113 130.68 -55.56 12.64
N GLU EE 114 130.53 -54.47 11.84
CA GLU EE 114 131.64 -53.82 11.23
C GLU EE 114 132.51 -53.36 12.34
N ARG EE 115 131.86 -52.92 13.43
CA ARG EE 115 132.42 -52.15 14.51
C ARG EE 115 132.45 -53.01 15.73
N ASN EE 116 133.34 -52.63 16.67
CA ASN EE 116 133.47 -53.24 17.94
C ASN EE 116 132.43 -52.68 18.85
N LEU EE 117 131.87 -53.63 19.62
CA LEU EE 117 130.98 -53.38 20.69
C LEU EE 117 131.13 -54.59 21.49
N LYS EE 118 130.90 -54.46 22.81
CA LYS EE 118 130.81 -55.58 23.65
C LYS EE 118 129.41 -56.03 23.65
N PRO EE 119 129.51 -57.31 23.70
CA PRO EE 119 128.43 -58.22 23.82
C PRO EE 119 127.65 -57.92 25.04
N GLU EE 120 128.35 -57.79 26.16
CA GLU EE 120 127.66 -57.66 27.44
C GLU EE 120 126.96 -56.31 27.59
N PHE EE 121 127.41 -55.31 26.84
CA PHE EE 121 126.83 -53.97 26.89
C PHE EE 121 125.34 -54.04 26.64
N PHE EE 122 124.97 -54.81 25.62
CA PHE EE 122 123.58 -54.98 25.25
C PHE EE 122 122.81 -55.66 26.36
N ASP EE 123 123.41 -56.67 26.98
CA ASP EE 123 122.76 -57.37 28.07
C ASP EE 123 122.45 -56.35 29.17
N ILE EE 124 123.28 -55.31 29.24
CA ILE EE 124 123.13 -54.23 30.22
C ILE EE 124 121.99 -53.35 29.78
N PHE EE 125 122.09 -52.86 28.55
CA PHE EE 125 121.07 -52.01 27.97
C PHE EE 125 119.70 -52.62 28.26
N LEU EE 126 119.54 -53.89 27.93
CA LEU EE 126 118.28 -54.59 28.17
C LEU EE 126 117.87 -54.54 29.61
N LYS EE 127 118.81 -54.85 30.50
CA LYS EE 127 118.52 -54.83 31.92
C LYS EE 127 117.78 -53.54 32.29
N HIS EE 128 118.36 -52.40 31.91
CA HIS EE 128 117.75 -51.12 32.22
C HIS EE 128 116.47 -50.83 31.48
N LEU EE 129 116.47 -51.04 30.17
CA LEU EE 129 115.26 -50.78 29.38
C LEU EE 129 114.07 -51.41 30.08
N LEU EE 130 114.27 -52.58 30.69
CA LEU EE 130 113.19 -53.26 31.38
C LEU EE 130 112.94 -52.58 32.71
N HIS EE 131 114.01 -52.21 33.38
CA HIS EE 131 113.90 -51.54 34.66
C HIS EE 131 113.05 -50.29 34.48
N VAL EE 132 113.39 -49.48 33.48
CA VAL EE 132 112.66 -48.25 33.19
C VAL EE 132 111.21 -48.50 32.81
N LEU EE 133 110.96 -49.36 31.81
CA LEU EE 133 109.58 -49.68 31.42
C LEU EE 133 108.84 -50.14 32.68
N GLY EE 134 109.55 -50.81 33.57
CA GLY EE 134 108.94 -51.26 34.79
C GLY EE 134 108.29 -50.11 35.54
N ASP EE 135 109.05 -49.02 35.70
CA ASP EE 135 108.54 -47.83 36.38
C ASP EE 135 107.38 -47.25 35.60
N ARG EE 136 107.62 -46.95 34.33
CA ARG EE 136 106.59 -46.38 33.48
C ARG EE 136 105.28 -47.15 33.45
N LEU EE 137 105.36 -48.45 33.19
CA LEU EE 137 104.16 -49.26 33.10
C LEU EE 137 103.56 -49.75 34.43
N GLY EE 138 104.41 -49.89 35.44
CA GLY EE 138 103.90 -50.33 36.73
C GLY EE 138 103.87 -51.84 36.89
N THR EE 139 102.84 -52.34 37.54
CA THR EE 139 102.73 -53.77 37.77
C THR EE 139 102.17 -54.51 36.58
N HIS EE 140 101.54 -53.78 35.68
CA HIS EE 140 100.94 -54.39 34.48
C HIS EE 140 102.04 -54.87 33.53
N PHE EE 141 103.19 -54.22 33.62
CA PHE EE 141 104.34 -54.52 32.79
C PHE EE 141 104.54 -56.00 32.60
N ASP EE 142 104.38 -56.50 31.39
CA ASP EE 142 104.56 -57.93 31.15
C ASP EE 142 106.03 -58.27 30.93
N PHE EE 143 106.77 -58.33 32.03
CA PHE EE 143 108.18 -58.65 32.01
C PHE EE 143 108.44 -59.84 31.09
N GLY EE 144 107.76 -60.94 31.34
CA GLY EE 144 107.93 -62.13 30.54
C GLY EE 144 107.97 -61.80 29.07
N ALA EE 145 106.87 -61.25 28.57
CA ALA EE 145 106.76 -60.88 27.16
C ALA EE 145 107.92 -60.03 26.66
N TRP EE 146 108.29 -59.01 27.43
CA TRP EE 146 109.40 -58.17 27.00
C TRP EE 146 110.71 -58.93 26.94
N HIS EE 147 111.10 -59.54 28.06
CA HIS EE 147 112.35 -60.28 28.11
C HIS EE 147 112.46 -61.23 26.92
N ASP EE 148 111.47 -62.08 26.75
CA ASP EE 148 111.46 -63.02 25.62
C ASP EE 148 111.56 -62.29 24.30
N CYS EE 149 110.87 -61.15 24.19
CA CYS EE 149 110.84 -60.40 22.96
C CYS EE 149 111.94 -59.40 22.63
N VAL EE 150 112.30 -58.53 23.56
CA VAL EE 150 113.36 -57.58 23.30
C VAL EE 150 114.68 -58.32 23.17
N ASP EE 151 114.81 -59.42 23.90
CA ASP EE 151 116.03 -60.22 23.87
C ASP EE 151 116.32 -60.55 22.42
N GLN EE 152 115.36 -61.21 21.77
CA GLN EE 152 115.51 -61.59 20.37
C GLN EE 152 116.04 -60.41 19.50
N ILE EE 153 115.66 -59.19 19.86
CA ILE EE 153 116.10 -58.02 19.10
C ILE EE 153 117.55 -57.71 19.38
N ILE EE 154 117.99 -57.96 20.61
CA ILE EE 154 119.37 -57.68 20.97
C ILE EE 154 120.31 -58.67 20.32
N ASP EE 155 120.06 -59.96 20.48
CA ASP EE 155 120.92 -60.97 19.88
C ASP EE 155 121.18 -60.72 18.42
N GLY EE 156 120.11 -60.35 17.67
CA GLY EE 156 120.25 -60.31 16.25
C GLY EE 156 121.22 -59.24 15.88
N ILE EE 157 121.05 -58.06 16.50
CA ILE EE 157 121.84 -56.92 16.15
C ILE EE 157 123.21 -57.29 16.54
N LYS EE 158 123.25 -57.87 17.76
CA LYS EE 158 124.43 -58.16 18.54
C LYS EE 158 125.56 -58.71 17.63
N ARG FE 24 5.63 2.64 28.01
CA ARG FE 24 6.01 4.03 28.26
C ARG FE 24 7.45 4.28 28.32
N PHE FE 25 7.73 5.57 28.28
CA PHE FE 25 9.04 6.09 28.34
C PHE FE 25 9.66 5.81 29.67
N GLN FE 26 8.89 5.95 30.76
CA GLN FE 26 9.57 6.00 32.02
C GLN FE 26 10.24 4.67 32.28
N TYR FE 27 9.53 3.62 31.82
CA TYR FE 27 9.37 2.20 31.98
C TYR FE 27 10.62 1.36 31.85
N LEU FE 28 10.98 1.24 30.57
CA LEU FE 28 11.87 0.27 30.03
C LEU FE 28 13.17 0.73 30.47
N VAL FE 29 13.18 2.03 30.76
CA VAL FE 29 14.37 2.63 31.35
C VAL FE 29 14.65 2.10 32.75
N LYS FE 30 13.61 1.96 33.56
CA LYS FE 30 13.76 1.46 34.92
C LYS FE 30 14.57 0.19 34.98
N ASN FE 31 14.55 -0.59 33.90
CA ASN FE 31 15.31 -1.83 33.86
C ASN FE 31 16.66 -1.68 33.16
N GLN FE 32 16.73 -0.78 32.19
CA GLN FE 32 17.99 -0.55 31.48
C GLN FE 32 19.05 -0.15 32.52
N ASN FE 33 18.69 0.77 33.41
CA ASN FE 33 19.60 1.21 34.46
C ASN FE 33 19.96 0.02 35.34
N LEU FE 34 19.10 -1.00 35.31
CA LEU FE 34 19.33 -2.20 36.11
C LEU FE 34 20.33 -3.09 35.40
N HIS FE 35 20.15 -3.26 34.09
CA HIS FE 35 21.07 -4.08 33.32
C HIS FE 35 22.47 -3.50 33.53
N ILE FE 36 22.54 -2.19 33.74
CA ILE FE 36 23.80 -1.53 33.97
C ILE FE 36 24.26 -1.72 35.41
N ASP FE 37 23.37 -1.42 36.35
CA ASP FE 37 23.71 -1.58 37.76
C ASP FE 37 24.22 -3.02 37.90
N TYR FE 38 23.85 -3.86 36.92
CA TYR FE 38 24.26 -5.27 36.88
C TYR FE 38 25.72 -5.34 36.50
N LEU FE 39 26.02 -4.95 35.27
CA LEU FE 39 27.39 -4.95 34.78
C LEU FE 39 28.36 -4.42 35.82
N ALA FE 40 28.00 -3.31 36.46
CA ALA FE 40 28.84 -2.71 37.48
C ALA FE 40 29.27 -3.74 38.52
N LYS FE 41 28.34 -4.63 38.90
CA LYS FE 41 28.62 -5.66 39.90
C LYS FE 41 29.46 -6.81 39.33
N LYS FE 42 29.09 -7.30 38.15
CA LYS FE 42 29.82 -8.40 37.51
C LYS FE 42 31.26 -7.98 37.27
N LEU FE 43 31.47 -6.67 37.26
CA LEU FE 43 32.80 -6.11 37.04
C LEU FE 43 33.54 -5.91 38.36
N HIS FE 44 32.82 -5.41 39.36
CA HIS FE 44 33.42 -5.20 40.66
C HIS FE 44 33.87 -6.55 41.19
N ASP FE 45 33.05 -7.57 40.95
CA ASP FE 45 33.38 -8.92 41.39
C ASP FE 45 34.59 -9.45 40.59
N ILE FE 46 35.07 -8.63 39.66
CA ILE FE 46 36.23 -8.96 38.84
C ILE FE 46 37.42 -8.15 39.32
N GLU FE 47 37.25 -6.84 39.33
CA GLU FE 47 38.29 -5.95 39.80
C GLU FE 47 38.69 -6.40 41.21
N GLU FE 48 37.76 -7.07 41.88
CA GLU FE 48 38.01 -7.56 43.24
C GLU FE 48 38.91 -8.79 43.13
N GLU FE 49 38.48 -9.77 42.35
CA GLU FE 49 39.25 -10.99 42.15
C GLU FE 49 40.60 -10.67 41.54
N TYR FE 50 40.76 -9.43 41.10
CA TYR FE 50 42.02 -8.99 40.51
C TYR FE 50 43.01 -8.67 41.62
N ASN FE 51 42.63 -7.77 42.50
CA ASN FE 51 43.49 -7.35 43.61
C ASN FE 51 44.00 -8.53 44.43
N LYS FE 52 43.17 -9.62 44.49
CA LYS FE 52 43.53 -10.77 45.26
C LYS FE 52 44.86 -11.22 44.72
N LEU FE 53 45.02 -11.21 43.38
CA LEU FE 53 46.22 -11.64 42.68
C LEU FE 53 47.15 -10.49 42.54
N THR FE 54 48.39 -10.76 42.96
CA THR FE 54 49.36 -9.79 43.34
C THR FE 54 49.72 -8.96 42.16
N HIS FE 55 50.57 -7.99 42.50
CA HIS FE 55 50.78 -6.87 41.67
C HIS FE 55 52.05 -7.19 41.03
N ASP FE 56 52.24 -6.68 39.84
CA ASP FE 56 53.34 -7.25 39.17
C ASP FE 56 54.57 -6.65 39.84
N VAL FE 57 55.64 -7.46 39.97
CA VAL FE 57 56.79 -7.08 40.76
C VAL FE 57 57.46 -5.93 40.11
N ASP FE 58 58.04 -5.06 40.95
CA ASP FE 58 58.48 -3.75 40.56
C ASP FE 58 59.80 -3.84 39.87
N LYS FE 59 59.28 -4.44 36.65
CA LYS FE 59 60.54 -4.45 35.90
C LYS FE 59 61.70 -4.17 36.85
N LYS FE 60 61.45 -3.40 37.90
CA LYS FE 60 62.48 -3.06 38.87
C LYS FE 60 63.05 -4.31 39.57
N THR FE 61 62.35 -5.43 39.44
CA THR FE 61 62.76 -6.70 40.04
C THR FE 61 63.69 -7.43 39.10
N ILE FE 62 63.20 -7.66 37.90
CA ILE FE 62 64.00 -8.32 36.88
C ILE FE 62 65.35 -7.61 36.84
N ARG FE 63 65.31 -6.28 36.81
CA ARG FE 63 66.52 -5.47 36.75
C ARG FE 63 67.51 -5.90 37.82
N GLN FE 64 67.02 -6.09 39.04
CA GLN FE 64 67.86 -6.49 40.16
C GLN FE 64 68.45 -7.87 39.97
N LEU FE 65 67.74 -8.74 39.27
CA LEU FE 65 68.20 -10.10 38.98
C LEU FE 65 69.33 -10.01 37.98
N LYS FE 66 69.02 -9.47 36.80
CA LYS FE 66 70.02 -9.30 35.75
C LYS FE 66 71.27 -8.70 36.40
N ALA FE 67 71.10 -7.89 37.45
CA ALA FE 67 72.24 -7.28 38.12
C ALA FE 67 72.94 -8.34 38.94
N ARG FE 68 72.29 -8.81 40.00
CA ARG FE 68 72.85 -9.83 40.89
C ARG FE 68 73.59 -10.89 40.08
N ILE FE 69 72.95 -11.32 39.00
CA ILE FE 69 73.52 -12.32 38.13
C ILE FE 69 74.75 -11.79 37.46
N SER FE 70 74.59 -10.72 36.71
CA SER FE 70 75.70 -10.11 35.99
C SER FE 70 76.92 -9.88 36.89
N ASN FE 71 76.72 -9.66 38.21
CA ASN FE 71 77.91 -9.29 38.93
C ASN FE 71 78.81 -10.45 38.98
N LEU FE 72 78.26 -11.67 39.02
CA LEU FE 72 79.14 -12.74 39.35
C LEU FE 72 80.14 -12.85 38.24
N GLU FE 73 82.30 -16.40 35.92
CA GLU FE 73 82.87 -16.35 34.59
C GLU FE 73 84.06 -15.45 34.62
N GLU FE 74 84.98 -15.68 33.66
CA GLU FE 74 86.23 -14.98 33.59
C GLU FE 74 86.05 -13.75 32.76
N HIS FE 75 87.07 -12.88 32.84
CA HIS FE 75 87.28 -11.92 31.81
C HIS FE 75 88.59 -12.25 31.20
N HIS FE 76 88.73 -11.85 29.93
CA HIS FE 76 89.85 -12.24 29.15
C HIS FE 76 91.06 -11.69 29.85
N CYS FE 77 91.00 -10.43 30.33
CA CYS FE 77 92.21 -9.73 30.60
C CYS FE 77 92.93 -10.30 31.78
N ASP FE 78 94.25 -10.43 31.53
CA ASP FE 78 95.32 -10.55 32.47
C ASP FE 78 95.36 -9.21 33.15
N GLU FE 79 96.13 -9.12 34.25
CA GLU FE 79 95.88 -8.18 35.30
C GLU FE 79 96.17 -6.78 34.86
N HIS FE 80 95.43 -5.82 35.47
CA HIS FE 80 95.51 -4.40 35.19
C HIS FE 80 95.47 -4.18 33.74
N GLU FE 81 94.36 -4.66 33.14
CA GLU FE 81 93.59 -4.29 31.97
C GLU FE 81 92.12 -4.54 32.29
N SER FE 82 91.25 -3.72 31.72
CA SER FE 82 89.80 -3.87 31.91
C SER FE 82 89.14 -3.68 30.56
N GLU FE 83 87.99 -4.31 30.35
CA GLU FE 83 87.34 -4.21 29.06
C GLU FE 83 86.48 -2.98 28.84
N CYS FE 84 86.35 -2.50 27.58
CA CYS FE 84 85.48 -1.37 27.40
C CYS FE 84 84.07 -1.84 27.53
N ARG FE 85 83.25 -0.98 28.15
CA ARG FE 85 81.95 -1.27 28.72
C ARG FE 85 81.10 -1.87 27.66
N GLY FE 86 81.20 -1.35 26.42
CA GLY FE 86 80.17 -1.58 25.46
C GLY FE 86 80.36 -2.89 24.82
N ASP FE 87 79.80 -2.99 23.59
CA ASP FE 87 79.51 -4.14 22.80
C ASP FE 87 80.78 -4.85 22.51
N VAL FE 88 81.83 -4.06 22.24
CA VAL FE 88 83.08 -4.69 21.99
C VAL FE 88 83.64 -5.06 23.33
N PRO FE 89 84.24 -6.22 23.32
CA PRO FE 89 84.93 -6.81 24.43
C PRO FE 89 86.11 -5.97 24.84
N GLU FE 90 86.73 -5.31 23.87
CA GLU FE 90 88.13 -5.07 23.73
C GLU FE 90 88.74 -4.62 25.02
N CYS FE 91 90.00 -5.02 25.23
CA CYS FE 91 90.71 -4.79 26.48
C CYS FE 91 91.74 -3.68 26.37
N ILE FE 92 91.69 -2.67 27.25
CA ILE FE 92 92.72 -1.61 27.21
C ILE FE 92 93.34 -1.52 28.59
N HIS FE 93 94.56 -1.01 28.67
CA HIS FE 93 95.23 -0.94 29.96
C HIS FE 93 94.54 0.00 30.93
N ASP FE 94 94.55 -0.37 32.26
CA ASP FE 94 93.72 0.22 33.26
C ASP FE 94 94.01 1.68 33.34
N LEU FE 95 95.29 2.06 33.08
CA LEU FE 95 95.90 3.30 33.49
C LEU FE 95 95.32 4.49 32.80
N LEU FE 96 95.01 4.31 31.50
CA LEU FE 96 94.91 5.32 30.48
C LEU FE 96 93.76 6.19 30.79
N PHE FE 97 92.84 5.68 31.62
CA PHE FE 97 91.82 6.52 32.14
C PHE FE 97 92.45 7.48 33.09
N CYS FE 98 92.11 8.78 32.98
CA CYS FE 98 91.37 9.26 31.85
C CYS FE 98 92.40 9.93 30.98
N ASP FE 99 92.12 10.09 29.69
CA ASP FE 99 92.75 11.10 28.90
C ASP FE 99 92.17 12.40 29.36
N GLY FE 100 90.92 12.30 29.85
CA GLY FE 100 90.00 13.39 29.92
C GLY FE 100 89.05 13.10 28.80
N GLU FE 101 89.62 12.51 27.73
CA GLU FE 101 88.99 12.20 26.47
C GLU FE 101 88.77 10.73 26.44
N LYS FE 102 87.99 10.26 25.44
CA LYS FE 102 87.71 8.87 25.44
C LYS FE 102 88.95 8.16 25.01
N ASP FE 103 89.51 7.40 25.95
CA ASP FE 103 90.63 6.59 25.62
C ASP FE 103 90.09 5.68 24.58
N CYS FE 104 88.84 5.22 24.80
CA CYS FE 104 88.33 4.15 24.00
C CYS FE 104 87.83 4.65 22.69
N ARG FE 105 87.81 3.72 21.70
CA ARG FE 105 87.22 3.97 20.42
C ARG FE 105 85.75 4.13 20.57
N ASP FE 106 85.20 3.18 21.36
CA ASP FE 106 83.81 2.86 21.66
C ASP FE 106 83.23 4.01 22.38
N GLY FE 107 84.03 4.59 23.30
CA GLY FE 107 83.52 5.67 24.09
C GLY FE 107 82.52 5.06 25.00
N SER FE 108 82.83 3.86 25.52
CA SER FE 108 81.85 3.21 26.31
C SER FE 108 81.76 3.99 27.55
N ASP FE 109 82.88 4.68 27.84
CA ASP FE 109 83.20 5.29 29.08
C ASP FE 109 82.14 6.29 29.40
N GLU FE 110 81.76 7.05 28.36
CA GLU FE 110 81.08 8.32 28.44
C GLU FE 110 79.72 8.06 29.00
N ASP FE 111 79.30 6.80 28.85
CA ASP FE 111 78.10 6.23 29.37
C ASP FE 111 78.17 6.30 30.86
N PRO FE 112 77.04 6.56 31.41
CA PRO FE 112 76.80 6.77 32.83
C PRO FE 112 77.26 5.66 33.78
N GLU FE 113 77.06 4.40 33.41
CA GLU FE 113 77.46 3.28 34.27
C GLU FE 113 78.94 3.33 34.62
N THR FE 114 79.68 4.20 33.96
CA THR FE 114 81.12 4.33 34.19
C THR FE 114 81.44 5.58 34.95
N CYS FE 115 80.82 6.68 34.55
CA CYS FE 115 81.04 7.98 35.17
C CYS FE 115 80.14 8.23 36.36
N SER FE 116 79.42 7.18 36.80
CA SER FE 116 78.30 7.28 37.69
C SER FE 116 78.73 7.96 38.92
N LEU FE 117 77.72 8.60 39.52
CA LEU FE 117 77.69 9.25 40.78
C LEU FE 117 77.78 8.30 41.93
N ASN FE 118 76.90 7.27 41.91
CA ASN FE 118 76.72 6.41 43.06
C ASN FE 118 78.01 5.70 43.27
N ILE FE 119 78.62 5.24 42.16
CA ILE FE 119 79.75 4.38 42.21
C ILE FE 119 80.82 5.10 42.99
N THR FE 120 81.11 6.35 42.56
CA THR FE 120 82.17 7.18 43.03
C THR FE 120 81.87 7.57 44.43
N HIS FE 121 80.54 7.58 44.72
CA HIS FE 121 79.94 8.33 45.77
C HIS FE 121 80.60 7.94 47.04
N VAL FE 122 80.81 8.97 47.86
CA VAL FE 122 81.56 8.86 49.05
C VAL FE 122 80.63 8.46 50.13
N GLY FE 123 81.17 7.74 51.14
CA GLY FE 123 80.48 7.59 52.40
C GLY FE 123 79.60 6.39 52.28
N SER FE 124 79.92 5.54 51.29
CA SER FE 124 79.54 4.16 51.25
C SER FE 124 80.39 3.45 52.27
N SER FE 125 79.73 2.59 53.08
CA SER FE 125 80.14 1.74 54.18
C SER FE 125 79.84 0.26 53.94
N TYR FE 126 80.84 -0.58 54.16
CA TYR FE 126 80.70 -2.01 53.98
C TYR FE 126 81.02 -2.70 55.29
N THR FE 127 80.19 -3.67 55.68
CA THR FE 127 80.42 -4.43 56.90
C THR FE 127 80.15 -5.91 56.76
N GLY FE 128 80.76 -6.67 57.66
CA GLY FE 128 80.56 -8.10 57.66
C GLY FE 128 81.05 -8.60 59.01
N LEU FE 129 81.15 -9.92 59.17
CA LEU FE 129 81.64 -10.43 60.44
C LEU FE 129 83.07 -10.88 60.28
N ALA FE 130 83.95 -10.11 60.90
CA ALA FE 130 85.36 -10.38 60.83
C ALA FE 130 85.72 -11.53 61.74
N THR FE 131 86.37 -12.54 61.19
CA THR FE 131 86.80 -13.71 61.95
C THR FE 131 88.32 -13.71 61.79
N TRP FE 132 89.02 -13.34 62.86
CA TRP FE 132 90.48 -13.22 62.82
C TRP FE 132 91.23 -14.53 62.84
N THR FE 133 92.06 -14.73 61.80
CA THR FE 133 92.85 -15.91 61.84
C THR FE 133 93.70 -15.57 62.99
N SER FE 134 94.31 -14.38 62.85
CA SER FE 134 95.32 -13.93 63.75
C SER FE 134 94.84 -13.48 65.10
N CYS FE 135 94.39 -12.22 65.17
CA CYS FE 135 94.41 -11.54 66.43
C CYS FE 135 93.39 -12.12 67.36
N GLU FE 136 92.15 -12.32 66.87
CA GLU FE 136 91.04 -12.17 67.74
C GLU FE 136 90.78 -13.44 68.47
N ASP FE 137 91.20 -13.43 69.75
CA ASP FE 137 91.00 -14.51 70.64
C ASP FE 137 89.53 -14.65 70.62
N LEU FE 138 88.85 -13.51 70.71
CA LEU FE 138 87.45 -13.62 70.90
C LEU FE 138 86.76 -13.89 69.62
N ASN FE 139 85.44 -14.00 69.78
CA ASN FE 139 84.42 -14.45 68.90
C ASN FE 139 84.19 -13.38 67.90
N PRO FE 140 84.21 -13.82 66.68
CA PRO FE 140 84.43 -13.00 65.53
C PRO FE 140 83.47 -11.91 65.57
N ASP FE 141 84.02 -10.75 65.27
CA ASP FE 141 83.39 -9.48 65.64
C ASP FE 141 83.02 -8.75 64.35
N HIS FE 142 82.28 -7.66 64.50
CA HIS FE 142 81.85 -6.90 63.35
C HIS FE 142 82.88 -5.92 62.84
N ALA FE 143 83.15 -6.01 61.55
CA ALA FE 143 84.11 -5.12 60.89
C ALA FE 143 83.35 -4.14 60.00
N ILE FE 144 83.80 -2.89 59.98
CA ILE FE 144 83.13 -1.87 59.18
C ILE FE 144 84.08 -0.91 58.50
N VAL FE 145 84.24 -1.07 57.19
CA VAL FE 145 85.12 -0.18 56.46
C VAL FE 145 84.20 0.77 55.75
N THR FE 146 84.30 2.05 56.12
CA THR FE 146 83.45 3.09 55.54
C THR FE 146 84.27 4.26 54.97
N ILE FE 147 83.88 4.75 53.77
CA ILE FE 147 84.59 5.82 53.05
C ILE FE 147 84.32 7.22 53.59
N THR FE 148 85.40 7.93 53.97
CA THR FE 148 85.26 9.28 54.57
C THR FE 148 85.42 10.46 53.65
N ALA FE 149 86.09 10.26 52.53
CA ALA FE 149 86.26 11.34 51.57
C ALA FE 149 86.98 10.75 50.38
N ALA FE 150 86.71 11.29 49.19
CA ALA FE 150 87.35 10.74 48.01
C ALA FE 150 87.28 11.65 46.79
N HIS FE 151 88.47 11.87 46.19
CA HIS FE 151 88.67 13.01 45.34
C HIS FE 151 87.93 12.87 44.05
N ARG FE 152 87.13 13.91 43.78
CA ARG FE 152 86.67 14.05 42.46
C ARG FE 152 87.26 15.30 41.95
N LYS FE 153 87.26 15.37 40.63
CA LYS FE 153 87.06 16.64 40.08
C LYS FE 153 85.78 16.55 39.42
N SER FE 154 85.71 17.36 38.37
CA SER FE 154 84.54 17.52 37.62
C SER FE 154 84.29 16.29 36.79
N PHE FE 155 85.26 15.99 35.91
CA PHE FE 155 84.90 15.33 34.68
C PHE FE 155 84.71 13.91 34.87
N PHE FE 156 85.28 13.48 35.98
CA PHE FE 156 86.31 12.51 36.05
C PHE FE 156 85.58 11.22 35.96
N PRO FE 157 85.74 10.40 34.97
CA PRO FE 157 84.85 9.29 34.87
C PRO FE 157 85.10 8.37 36.04
N ASN FE 158 86.28 8.48 36.69
CA ASN FE 158 87.08 7.33 37.08
C ASN FE 158 87.04 7.11 38.57
N ARG FE 159 88.16 6.49 39.04
CA ARG FE 159 88.29 6.00 40.38
C ARG FE 159 88.92 7.02 41.22
N VAL FE 160 88.36 7.06 42.42
CA VAL FE 160 88.62 7.95 43.47
C VAL FE 160 89.78 7.36 44.16
N TRP FE 161 90.40 8.26 44.90
CA TRP FE 161 91.60 8.11 45.61
C TRP FE 161 91.11 8.77 46.80
N LEU FE 162 91.13 8.04 47.89
CA LEU FE 162 90.15 8.24 48.93
C LEU FE 162 90.65 7.99 50.34
N ARG FE 163 89.78 8.29 51.30
CA ARG FE 163 90.07 8.09 52.69
C ARG FE 163 88.84 7.46 53.34
N ALA FE 164 89.10 6.55 54.27
CA ALA FE 164 88.05 5.84 54.96
C ALA FE 164 88.46 5.51 56.39
N THR FE 165 87.61 4.74 57.06
CA THR FE 165 87.83 4.33 58.44
C THR FE 165 87.51 2.85 58.58
N LEU FE 166 88.34 2.12 59.33
CA LEU FE 166 88.08 0.70 59.58
C LEU FE 166 87.77 0.57 61.06
N SER FE 167 86.59 0.08 61.39
CA SER FE 167 86.20 -0.09 62.80
C SER FE 167 85.78 -1.52 63.06
N TYR FE 168 86.27 -2.09 64.16
CA TYR FE 168 85.87 -3.45 64.52
C TYR FE 168 85.72 -3.52 66.02
N GLU FE 169 84.64 -4.15 66.48
CA GLU FE 169 84.32 -4.28 67.89
C GLU FE 169 85.43 -4.99 68.68
N LEU FE 170 85.70 -4.47 69.89
CA LEU FE 170 86.51 -5.20 70.81
C LEU FE 170 85.75 -6.35 71.30
N ASP FE 171 84.70 -6.01 72.05
CA ASP FE 171 83.79 -7.01 72.39
C ASP FE 171 82.44 -6.48 72.32
N GLU FE 172 81.54 -7.47 72.48
CA GLU FE 172 80.20 -7.39 72.95
C GLU FE 172 80.26 -6.91 74.35
N HIS FE 173 81.17 -7.50 75.14
CA HIS FE 173 81.13 -7.18 76.53
C HIS FE 173 81.46 -5.73 76.66
N ASP FE 174 82.68 -5.44 76.18
CA ASP FE 174 83.43 -4.27 76.54
C ASP FE 174 82.53 -3.14 76.17
N HIS FE 175 81.86 -3.34 75.02
CA HIS FE 175 81.18 -2.37 74.21
C HIS FE 175 82.18 -1.36 73.74
N THR FE 176 83.38 -1.83 73.34
CA THR FE 176 84.29 -0.87 72.84
C THR FE 176 84.60 -1.16 71.43
N VAL FE 177 85.41 -0.26 70.79
CA VAL FE 177 85.64 -0.52 69.38
C VAL FE 177 86.80 0.30 68.79
N SER FE 178 87.65 -0.37 68.04
CA SER FE 178 88.83 0.24 67.43
C SER FE 178 88.47 0.94 66.15
N THR FE 179 88.99 2.15 65.98
CA THR FE 179 88.72 2.91 64.78
C THR FE 179 90.00 3.55 64.23
N THR FE 180 90.55 2.92 63.19
CA THR FE 180 91.77 3.40 62.58
C THR FE 180 91.40 4.18 61.30
N GLN FE 181 92.08 5.29 61.04
CA GLN FE 181 91.82 6.06 59.82
C GLN FE 181 92.66 5.50 58.68
N LEU FE 182 92.13 5.51 57.46
CA LEU FE 182 92.88 4.94 56.35
C LEU FE 182 92.99 5.88 55.17
N ARG FE 183 93.90 5.55 54.27
CA ARG FE 183 94.13 6.30 53.03
C ARG FE 183 94.24 5.23 51.94
N GLY FE 184 94.05 5.61 50.70
CA GLY FE 184 94.14 4.62 49.63
C GLY FE 184 93.35 5.00 48.40
N PHE FE 185 93.12 4.03 47.53
CA PHE FE 185 92.36 4.28 46.32
C PHE FE 185 91.47 3.11 45.98
N TYR FE 186 90.82 3.20 44.84
CA TYR FE 186 89.97 2.13 44.39
C TYR FE 186 90.35 1.83 42.96
N ASN FE 187 90.70 0.57 42.69
CA ASN FE 187 91.11 0.15 41.37
C ASN FE 187 89.94 -0.35 40.54
N PHE FE 188 89.73 0.38 39.43
CA PHE FE 188 88.66 0.19 38.51
C PHE FE 188 88.71 -1.15 37.94
N GLY FE 189 89.94 -1.46 37.49
CA GLY FE 189 90.26 -2.68 36.82
C GLY FE 189 90.15 -3.81 37.78
N LYS FE 190 90.65 -3.59 39.00
CA LYS FE 190 90.76 -4.61 40.00
C LYS FE 190 89.44 -4.91 40.63
N ARG FE 191 88.55 -3.89 40.62
CA ARG FE 191 87.30 -3.80 41.34
C ARG FE 191 87.62 -3.77 42.80
N GLU FE 192 88.85 -3.51 43.13
CA GLU FE 192 89.30 -3.69 44.49
C GLU FE 192 89.60 -2.41 45.26
N LEU FE 193 89.15 -2.39 46.49
CA LEU FE 193 89.33 -1.26 47.36
C LEU FE 193 90.59 -1.56 48.18
N LEU FE 194 91.59 -0.68 48.13
CA LEU FE 194 92.83 -0.91 48.89
C LEU FE 194 93.15 0.21 49.86
N LEU FE 195 92.95 -0.02 51.15
CA LEU FE 195 93.20 1.01 52.15
C LEU FE 195 94.25 0.62 53.17
N ALA FE 196 95.00 1.61 53.64
CA ALA FE 196 96.05 1.39 54.62
C ALA FE 196 95.98 2.49 55.66
N PRO FE 197 96.59 2.29 56.83
CA PRO FE 197 96.56 3.31 57.89
C PRO FE 197 97.31 4.55 57.47
N LEU FE 198 96.70 5.72 57.86
CA LEU FE 198 97.01 6.95 57.22
C LEU FE 198 98.42 7.18 57.52
N LYS FE 199 98.75 6.99 58.81
CA LYS FE 199 100.09 7.16 59.20
C LYS FE 199 100.13 7.35 60.67
N GLY FE 200 101.34 7.13 61.20
CA GLY FE 200 101.93 7.99 62.19
C GLY FE 200 101.63 7.35 63.48
N GLN FE 201 100.79 6.32 63.32
CA GLN FE 201 100.43 5.27 64.24
C GLN FE 201 101.60 4.32 64.40
N SER FE 202 102.21 4.00 63.24
CA SER FE 202 103.24 3.10 62.80
C SER FE 202 102.78 1.69 62.84
N GLU FE 203 101.90 1.39 63.80
CA GLU FE 203 101.16 0.21 63.50
C GLU FE 203 99.82 0.72 63.22
N GLY FE 204 99.37 0.53 61.98
CA GLY FE 204 98.02 0.81 61.71
C GLY FE 204 97.63 -0.38 60.94
N TYR FE 205 96.35 -0.59 60.71
CA TYR FE 205 95.97 -1.75 59.96
C TYR FE 205 95.22 -1.27 58.79
N GLY FE 206 95.22 -2.13 57.75
CA GLY FE 206 94.68 -1.83 56.46
C GLY FE 206 93.80 -2.98 56.03
N VAL FE 207 93.23 -2.82 54.83
CA VAL FE 207 92.09 -3.63 54.42
C VAL FE 207 91.97 -3.69 52.91
N ILE FE 208 91.66 -4.87 52.40
CA ILE FE 208 91.51 -5.06 50.96
C ILE FE 208 90.10 -5.61 50.73
N CYS FE 209 89.32 -4.99 49.86
CA CYS FE 209 87.98 -5.48 49.58
C CYS FE 209 87.80 -5.67 48.11
N ASP FE 210 87.42 -6.88 47.70
CA ASP FE 210 87.20 -7.13 46.29
C ASP FE 210 85.69 -7.08 46.06
N PHE FE 211 85.40 -6.36 45.01
CA PHE FE 211 84.13 -6.17 44.46
C PHE FE 211 83.58 -7.53 44.08
N ASN FE 212 84.35 -8.34 43.32
CA ASN FE 212 83.78 -8.83 42.10
C ASN FE 212 82.97 -10.05 42.33
N LEU FE 213 81.81 -9.82 42.95
CA LEU FE 213 80.63 -10.50 42.58
C LEU FE 213 80.29 -9.98 41.23
N GLY FE 214 80.59 -8.69 40.99
CA GLY FE 214 79.92 -7.93 39.97
C GLY FE 214 78.94 -7.08 40.72
N ASP FE 215 78.66 -7.44 41.98
CA ASP FE 215 77.72 -6.60 42.61
C ASP FE 215 78.44 -5.39 43.09
N ASP FE 216 77.63 -4.38 43.47
CA ASP FE 216 77.99 -3.18 44.17
C ASP FE 216 78.33 -3.48 45.58
N ASP FE 217 77.26 -4.01 46.18
CA ASP FE 217 76.97 -3.95 47.57
C ASP FE 217 77.97 -4.82 48.20
N HIS FE 218 78.24 -5.91 47.49
CA HIS FE 218 78.83 -7.03 48.20
C HIS FE 218 80.32 -7.11 47.90
N ALA FE 219 81.12 -7.44 48.91
CA ALA FE 219 82.56 -7.53 48.73
C ALA FE 219 83.21 -8.56 49.64
N ASP FE 220 84.38 -9.01 49.25
CA ASP FE 220 85.15 -10.01 49.97
C ASP FE 220 86.32 -9.31 50.65
N CYS FE 221 86.04 -8.66 51.77
CA CYS FE 221 87.10 -7.94 52.46
C CYS FE 221 88.00 -8.75 53.36
N LYS FE 222 89.25 -8.31 53.51
CA LYS FE 222 90.21 -8.96 54.37
C LYS FE 222 91.10 -7.93 55.05
N ILE FE 223 91.08 -7.92 56.37
CA ILE FE 223 91.88 -6.99 57.16
C ILE FE 223 93.32 -7.47 57.08
N VAL FE 224 94.20 -6.63 56.53
CA VAL FE 224 95.59 -6.99 56.38
C VAL FE 224 96.52 -6.17 57.23
N VAL FE 225 97.79 -6.53 57.16
CA VAL FE 225 98.79 -5.79 57.86
C VAL FE 225 99.42 -4.96 56.74
N PRO FE 226 99.43 -3.64 56.91
CA PRO FE 226 99.84 -2.67 55.90
C PRO FE 226 101.24 -2.83 55.41
N SER FE 227 102.09 -3.45 56.24
CA SER FE 227 103.31 -3.98 55.76
C SER FE 227 102.95 -4.89 54.65
N SER FE 228 103.04 -6.18 55.00
CA SER FE 228 103.37 -7.14 54.00
C SER FE 228 102.18 -7.40 53.14
N LEU FE 229 101.03 -6.80 53.56
CA LEU FE 229 99.69 -7.00 53.05
C LEU FE 229 99.17 -8.39 53.38
N PHE FE 230 99.62 -8.99 54.49
CA PHE FE 230 99.35 -10.30 55.00
C PHE FE 230 98.02 -10.26 55.73
N VAL FE 231 97.15 -11.21 55.39
CA VAL FE 231 95.80 -11.35 55.96
C VAL FE 231 95.66 -11.58 57.47
N CYS FE 232 95.37 -10.53 58.22
CA CYS FE 232 95.21 -10.67 59.65
C CYS FE 232 93.88 -11.30 60.00
N ALA FE 233 92.88 -11.03 59.17
CA ALA FE 233 91.53 -11.56 59.38
C ALA FE 233 90.72 -11.38 58.10
N HIS FE 234 89.63 -12.14 57.98
CA HIS FE 234 88.78 -12.07 56.80
C HIS FE 234 87.31 -11.88 57.15
N PHE FE 235 86.59 -11.09 56.36
CA PHE FE 235 85.16 -10.87 56.59
C PHE FE 235 84.45 -10.54 55.28
N ASN FE 236 83.41 -11.31 54.97
CA ASN FE 236 82.64 -11.14 53.75
C ASN FE 236 81.68 -10.02 54.03
N ALA FE 237 81.78 -8.91 53.29
CA ALA FE 237 80.94 -7.77 53.58
C ALA FE 237 79.80 -7.42 52.64
N GLN FE 238 78.87 -6.65 53.21
CA GLN FE 238 77.70 -6.15 52.50
C GLN FE 238 77.68 -4.66 52.78
N ARG FE 239 76.91 -3.95 51.97
CA ARG FE 239 76.85 -2.51 52.07
C ARG FE 239 75.64 -1.95 52.72
N TYR FE 240 75.82 -0.97 53.62
CA TYR FE 240 75.97 -1.33 55.03
C TYR FE 240 75.41 -2.70 55.07
N LEU GE 47 14.06 9.68 21.97
CA LEU GE 47 12.91 8.79 22.24
C LEU GE 47 13.28 7.38 21.95
N ASP GE 48 12.53 6.76 21.01
CA ASP GE 48 12.80 5.35 20.70
C ASP GE 48 14.13 5.01 20.04
N PRO GE 49 14.67 5.92 19.19
CA PRO GE 49 15.95 5.65 18.52
C PRO GE 49 17.21 5.79 19.40
N ARG GE 50 17.42 6.97 19.97
CA ARG GE 50 18.61 7.20 20.81
C ARG GE 50 18.64 6.28 22.04
N LEU GE 51 17.49 5.76 22.45
CA LEU GE 51 17.40 4.88 23.61
C LEU GE 51 17.42 3.40 23.20
N GLY GE 52 16.79 3.08 22.07
CA GLY GE 52 16.76 1.72 21.59
C GLY GE 52 18.07 1.34 20.94
N ALA GE 53 18.89 2.35 20.63
CA ALA GE 53 20.19 2.14 20.01
C ALA GE 53 21.27 2.16 21.10
N ASN GE 54 21.02 2.93 22.16
CA ASN GE 54 21.95 3.01 23.28
C ASN GE 54 22.10 1.62 23.87
N ALA GE 55 21.32 0.68 23.34
CA ALA GE 55 21.35 -0.70 23.78
C ALA GE 55 22.43 -1.47 23.00
N PHE GE 56 22.43 -1.32 21.69
CA PHE GE 56 23.43 -2.00 20.85
C PHE GE 56 24.80 -1.59 21.37
N LEU GE 57 24.80 -0.55 22.20
CA LEU GE 57 26.02 -0.03 22.81
C LEU GE 57 26.31 -0.82 24.09
N ILE GE 58 25.24 -1.14 24.82
CA ILE GE 58 25.37 -1.90 26.05
C ILE GE 58 25.62 -3.37 25.78
N ILE GE 59 24.93 -3.91 24.79
CA ILE GE 59 25.10 -5.31 24.44
C ILE GE 59 26.59 -5.57 24.22
N ARG GE 60 27.27 -4.56 23.69
CA ARG GE 60 28.71 -4.66 23.43
C ARG GE 60 29.42 -4.95 24.74
N LEU GE 61 29.23 -4.06 25.72
CA LEU GE 61 29.87 -4.24 27.01
C LEU GE 61 29.62 -5.62 27.59
N ASP GE 62 28.52 -6.25 27.19
CA ASP GE 62 28.18 -7.57 27.69
C ASP GE 62 29.17 -8.61 27.15
N ARG GE 63 29.45 -8.56 25.85
CA ARG GE 63 30.40 -9.49 25.26
C ARG GE 63 31.78 -9.14 25.79
N ILE GE 64 32.07 -7.84 25.87
CA ILE GE 64 33.35 -7.36 26.37
C ILE GE 64 33.64 -7.87 27.76
N ILE GE 65 32.75 -7.53 28.68
CA ILE GE 65 32.91 -7.94 30.07
C ILE GE 65 33.14 -9.45 30.14
N GLU GE 66 32.47 -10.20 29.27
CA GLU GE 66 32.60 -11.67 29.25
C GLU GE 66 33.99 -12.08 28.79
N LYS GE 67 34.40 -11.58 27.63
CA LYS GE 67 35.72 -11.90 27.08
C LYS GE 67 36.77 -11.51 28.11
N LEU GE 68 36.47 -10.43 28.84
CA LEU GE 68 37.36 -9.92 29.86
C LEU GE 68 37.54 -10.95 30.98
N ARG GE 69 36.52 -11.78 31.20
CA ARG GE 69 36.59 -12.82 32.22
C ARG GE 69 37.66 -13.82 31.82
N THR GE 70 37.66 -14.18 30.53
CA THR GE 70 38.62 -15.13 29.99
C THR GE 70 40.05 -14.63 30.19
N LYS GE 71 40.25 -13.33 30.00
CA LYS GE 71 41.57 -12.74 30.18
C LYS GE 71 42.02 -12.81 31.63
N LEU GE 72 41.10 -12.58 32.55
CA LEU GE 72 41.45 -12.62 33.96
C LEU GE 72 41.82 -14.05 34.34
N ASP GE 73 41.41 -15.01 33.51
CA ASP GE 73 41.70 -16.41 33.76
C ASP GE 73 43.10 -16.71 33.22
N GLU GE 74 43.43 -16.11 32.08
CA GLU GE 74 44.73 -16.28 31.46
C GLU GE 74 45.78 -15.60 32.35
N ALA GE 75 45.40 -14.48 32.92
CA ALA GE 75 46.29 -13.68 33.77
C ALA GE 75 46.71 -14.39 35.06
N GLU GE 76 45.82 -15.21 35.60
CA GLU GE 76 46.12 -15.92 36.85
C GLU GE 76 47.18 -17.01 36.62
N LYS GE 77 47.33 -17.45 35.37
CA LYS GE 77 48.29 -18.49 35.01
C LYS GE 77 49.70 -17.94 34.87
N ILE GE 78 49.84 -16.70 34.45
CA ILE GE 78 51.19 -16.25 34.45
C ILE GE 78 51.31 -15.27 35.57
N ASP GE 79 51.81 -15.73 36.76
CA ASP GE 79 52.16 -14.70 37.69
C ASP GE 79 53.56 -14.40 37.42
N PRO GE 80 53.73 -13.22 37.04
CA PRO GE 80 55.05 -12.59 37.13
C PRO GE 80 55.74 -12.78 38.47
N GLU GE 81 55.14 -12.29 39.55
CA GLU GE 81 55.75 -12.43 40.88
C GLU GE 81 56.16 -13.87 41.15
N HIS GE 82 55.59 -14.80 40.39
CA HIS GE 82 55.90 -16.22 40.54
C HIS GE 82 57.10 -16.54 39.67
N PHE GE 83 57.00 -16.23 38.38
CA PHE GE 83 58.09 -16.46 37.45
C PHE GE 83 59.39 -15.89 37.99
N VAL GE 84 59.37 -14.61 38.38
CA VAL GE 84 60.57 -13.97 38.91
C VAL GE 84 61.15 -14.84 40.01
N SER GE 85 60.30 -15.33 40.90
CA SER GE 85 60.75 -16.18 42.00
C SER GE 85 61.45 -17.42 41.46
N GLU GE 86 60.96 -17.95 40.35
CA GLU GE 86 61.57 -19.14 39.75
C GLU GE 86 63.00 -18.81 39.34
N ILE GE 87 63.19 -17.65 38.74
CA ILE GE 87 64.52 -17.26 38.34
C ILE GE 87 65.38 -17.03 39.55
N ASP GE 88 64.87 -16.30 40.55
CA ASP GE 88 65.67 -16.07 41.75
C ASP GE 88 66.22 -17.40 42.23
N ALA GE 89 65.31 -18.31 42.58
CA ALA GE 89 65.73 -19.61 43.06
C ALA GE 89 66.63 -20.31 42.05
N ARG GE 90 66.26 -20.23 40.78
CA ARG GE 90 67.03 -20.86 39.72
C ARG GE 90 68.49 -20.40 39.75
N VAL GE 91 68.67 -19.11 39.97
CA VAL GE 91 69.98 -18.51 40.01
C VAL GE 91 70.66 -18.73 41.32
N THR GE 92 69.94 -18.56 42.42
CA THR GE 92 70.54 -18.77 43.73
C THR GE 92 71.15 -20.16 43.75
N LYS GE 93 70.54 -21.08 43.02
CA LYS GE 93 71.00 -22.46 42.91
C LYS GE 93 72.39 -22.51 42.27
N ILE GE 94 72.67 -21.57 41.38
CA ILE GE 94 73.96 -21.52 40.71
C ILE GE 94 74.96 -20.82 41.59
N GLU GE 95 74.52 -19.70 42.18
CA GLU GE 95 75.37 -18.92 43.07
C GLU GE 95 75.70 -19.80 44.26
N GLY GE 96 78.57 -22.91 46.43
CA GLY GE 96 78.97 -23.95 47.34
C GLY GE 96 78.94 -23.41 48.75
N THR GE 97 79.26 -24.27 49.73
CA THR GE 97 79.26 -23.70 51.03
C THR GE 97 80.62 -23.21 51.39
N HIS GE 98 80.62 -22.01 51.99
CA HIS GE 98 81.77 -21.49 52.67
C HIS GE 98 81.92 -22.35 53.86
N CYS GE 99 80.76 -22.71 54.45
CA CYS GE 99 80.78 -23.30 55.76
C CYS GE 99 81.14 -24.72 55.63
N GLU GE 100 81.24 -25.34 56.83
CA GLU GE 100 81.61 -26.71 56.88
C GLU GE 100 80.38 -27.50 57.00
N LYS GE 101 80.47 -28.77 56.60
CA LYS GE 101 79.24 -29.43 56.42
C LYS GE 101 78.63 -29.71 57.73
N ARG GE 102 77.28 -29.71 57.73
CA ARG GE 102 76.49 -29.90 58.90
C ARG GE 102 76.82 -28.80 59.82
N THR GE 103 76.97 -27.63 59.24
CA THR GE 103 76.99 -26.33 59.90
C THR GE 103 75.96 -25.41 59.29
N PHE GE 104 75.48 -24.46 60.09
CA PHE GE 104 74.45 -23.53 59.66
C PHE GE 104 74.96 -22.11 59.44
N GLN GE 105 74.74 -21.59 58.25
CA GLN GE 105 75.18 -20.26 57.87
C GLN GE 105 74.19 -19.22 58.30
N CYS GE 106 74.63 -18.19 59.06
CA CYS GE 106 73.72 -17.19 59.54
C CYS GE 106 73.40 -16.26 58.43
N GLY GE 107 72.66 -15.21 58.80
CA GLY GE 107 72.03 -14.34 57.86
C GLY GE 107 73.00 -13.26 57.50
N GLY GE 108 72.46 -12.14 56.97
CA GLY GE 108 73.24 -11.16 56.29
C GLY GE 108 74.17 -10.50 57.24
N ASN GE 109 73.66 -10.24 58.47
CA ASN GE 109 74.27 -9.30 59.38
C ASN GE 109 75.65 -9.70 59.73
N GLU GE 110 75.79 -10.88 60.32
CA GLU GE 110 77.12 -11.30 60.50
C GLU GE 110 77.26 -12.35 59.47
N GLN GE 111 78.24 -13.20 59.72
CA GLN GE 111 78.53 -14.27 58.87
C GLN GE 111 79.21 -15.21 59.80
N GLU GE 112 78.48 -16.24 60.24
CA GLU GE 112 79.07 -17.10 61.20
C GLU GE 112 78.54 -18.45 60.90
N CYS GE 113 79.32 -19.49 61.26
CA CYS GE 113 78.89 -20.90 61.30
C CYS GE 113 78.41 -21.49 62.64
N ILE GE 114 77.31 -22.26 62.60
CA ILE GE 114 76.76 -22.88 63.80
C ILE GE 114 76.48 -24.35 63.58
N SER GE 115 76.80 -25.19 64.57
CA SER GE 115 76.57 -26.61 64.42
C SER GE 115 75.10 -26.90 64.38
N ASP GE 116 74.68 -27.82 63.44
CA ASP GE 116 73.32 -27.95 63.06
C ASP GE 116 72.41 -28.25 64.21
N LEU GE 117 72.76 -29.28 65.00
CA LEU GE 117 71.82 -29.73 66.00
C LEU GE 117 71.65 -28.61 66.96
N LEU GE 118 72.77 -27.94 67.24
CA LEU GE 118 72.72 -26.94 68.26
C LEU GE 118 71.87 -25.80 67.79
N VAL GE 119 72.00 -25.44 66.49
CA VAL GE 119 71.36 -24.27 65.92
C VAL GE 119 69.87 -24.43 65.83
N CYS GE 120 69.37 -25.64 65.55
CA CYS GE 120 67.94 -25.85 65.57
C CYS GE 120 67.62 -26.39 66.90
N ASP GE 121 67.76 -25.53 67.91
CA ASP GE 121 67.43 -25.96 69.23
C ASP GE 121 65.96 -26.16 69.22
N GLY GE 122 65.27 -25.24 68.53
CA GLY GE 122 63.83 -25.13 68.57
C GLY GE 122 63.57 -23.86 69.32
N HIS GE 123 64.55 -23.50 70.18
CA HIS GE 123 64.75 -22.21 70.81
C HIS GE 123 65.81 -21.55 69.97
N LYS GE 124 66.01 -20.22 70.13
CA LYS GE 124 66.90 -19.53 69.22
C LYS GE 124 68.30 -19.99 69.44
N ASP GE 125 68.93 -20.44 68.35
CA ASP GE 125 70.35 -20.73 68.37
C ASP GE 125 71.05 -19.42 68.67
N CYS GE 126 70.73 -18.38 67.88
CA CYS GE 126 71.53 -17.22 67.94
C CYS GE 126 70.68 -16.08 68.32
N HIS GE 127 71.40 -14.98 68.50
CA HIS GE 127 70.84 -13.74 68.89
C HIS GE 127 69.78 -13.44 67.89
N ASN GE 128 70.15 -13.39 66.59
CA ASN GE 128 69.49 -12.54 65.63
C ASN GE 128 68.00 -12.78 65.68
N ALA GE 129 67.47 -14.00 65.42
CA ALA GE 129 68.14 -15.19 64.99
C ALA GE 129 67.64 -15.42 63.61
N HIS GE 130 68.44 -16.12 62.80
CA HIS GE 130 68.12 -16.38 61.43
C HIS GE 130 66.84 -17.14 61.40
N ASP GE 131 66.79 -18.19 62.26
CA ASP GE 131 65.81 -19.24 62.36
C ASP GE 131 64.47 -18.66 62.71
N GLU GE 132 64.48 -17.70 63.65
CA GLU GE 132 63.35 -17.18 64.36
C GLU GE 132 62.41 -16.52 63.38
N ASP GE 133 62.99 -15.91 62.31
CA ASP GE 133 62.27 -15.21 61.29
C ASP GE 133 61.37 -16.18 60.56
N PRO GE 134 60.18 -15.71 60.33
CA PRO GE 134 59.02 -16.55 60.14
C PRO GE 134 59.01 -17.26 58.83
N ASP GE 135 59.78 -16.72 57.86
CA ASP GE 135 59.85 -17.05 56.46
C ASP GE 135 60.44 -18.39 56.24
N VAL GE 136 61.51 -18.72 57.00
CA VAL GE 136 62.12 -20.00 56.90
C VAL GE 136 61.31 -21.02 57.64
N CYS GE 137 60.80 -20.65 58.84
CA CYS GE 137 60.31 -21.63 59.76
C CYS GE 137 59.02 -22.20 59.24
N ASP GE 138 58.41 -21.46 58.30
CA ASP GE 138 57.04 -21.58 57.86
C ASP GE 138 56.75 -22.99 57.48
N THR GE 139 55.80 -23.56 58.23
CA THR GE 139 55.56 -24.95 58.26
C THR GE 139 55.04 -25.39 56.93
N SER GE 140 54.15 -24.57 56.35
CA SER GE 140 53.23 -25.06 55.40
C SER GE 140 53.94 -25.66 54.23
N VAL GE 141 54.89 -24.90 53.62
CA VAL GE 141 55.46 -25.33 52.37
C VAL GE 141 56.08 -26.66 52.61
N VAL GE 142 56.74 -26.80 53.77
CA VAL GE 142 57.58 -27.92 54.11
C VAL GE 142 56.75 -29.13 54.23
N LYS GE 143 55.48 -28.95 54.62
CA LYS GE 143 54.67 -29.93 55.28
C LYS GE 143 54.48 -31.09 54.37
N ALA GE 144 54.52 -32.32 54.92
CA ALA GE 144 54.41 -33.43 54.06
C ALA GE 144 52.99 -33.71 53.83
N GLY GE 145 52.75 -34.92 53.27
CA GLY GE 145 51.49 -35.35 52.78
C GLY GE 145 51.51 -35.15 51.31
N ASN GE 146 52.64 -34.62 50.80
CA ASN GE 146 52.70 -34.38 49.39
C ASN GE 146 52.96 -35.69 48.67
N VAL GE 147 52.56 -35.80 47.38
CA VAL GE 147 52.97 -36.86 46.49
C VAL GE 147 54.01 -36.36 45.50
N PHE GE 148 55.10 -37.09 45.36
CA PHE GE 148 56.16 -36.72 44.45
C PHE GE 148 56.36 -37.81 43.41
N SER GE 149 56.39 -37.43 42.15
CA SER GE 149 56.58 -38.39 41.06
C SER GE 149 57.75 -37.91 40.24
N GLY GE 150 58.19 -38.77 39.32
CA GLY GE 150 59.31 -38.42 38.48
C GLY GE 150 59.93 -39.65 37.90
N THR GE 151 60.83 -39.45 36.94
CA THR GE 151 61.50 -40.56 36.31
C THR GE 151 62.77 -40.98 37.03
N SER GE 152 62.91 -42.28 37.20
CA SER GE 152 64.05 -42.87 37.88
C SER GE 152 64.91 -43.54 36.81
N THR GE 153 66.02 -42.90 36.48
CA THR GE 153 66.96 -43.45 35.50
C THR GE 153 67.94 -44.28 36.30
N TRP GE 154 68.09 -45.55 35.92
CA TRP GE 154 68.99 -46.44 36.63
C TRP GE 154 70.37 -46.59 35.99
N HIS GE 155 71.37 -46.71 36.88
CA HIS GE 155 72.60 -47.36 36.59
C HIS GE 155 72.28 -48.80 36.33
N GLY GE 156 71.14 -49.26 36.88
CA GLY GE 156 70.72 -50.60 36.61
C GLY GE 156 71.35 -51.51 37.61
N CYS GE 157 71.27 -51.14 38.89
CA CYS GE 157 71.41 -52.16 39.88
C CYS GE 157 70.20 -53.05 39.81
N LEU GE 158 69.06 -52.47 39.44
CA LEU GE 158 67.88 -53.24 39.26
C LEU GE 158 67.83 -53.64 37.83
N ALA GE 159 67.22 -54.82 37.57
CA ALA GE 159 67.34 -55.45 36.29
C ALA GE 159 66.80 -54.48 35.29
N ARG GE 160 65.67 -53.85 35.68
CA ARG GE 160 64.48 -53.35 34.98
C ARG GE 160 64.65 -51.97 34.40
N GLU GE 161 63.99 -51.72 33.24
CA GLU GE 161 64.17 -50.63 32.32
C GLU GE 161 63.79 -49.32 33.00
N ASP GE 162 64.06 -48.14 32.38
CA ASP GE 162 63.83 -46.97 33.17
C ASP GE 162 62.36 -46.82 33.37
N HIS GE 163 62.00 -45.93 34.29
CA HIS GE 163 60.61 -45.99 34.74
C HIS GE 163 60.33 -44.83 35.66
N VAL GE 164 59.13 -44.79 36.22
CA VAL GE 164 58.75 -43.73 37.12
C VAL GE 164 58.60 -44.22 38.55
N THR GE 165 58.89 -43.35 39.52
CA THR GE 165 58.74 -43.67 40.93
C THR GE 165 57.76 -42.67 41.48
N ARG GE 166 57.01 -43.07 42.50
CA ARG GE 166 56.01 -42.18 43.07
C ARG GE 166 56.07 -42.21 44.58
N ILE GE 167 56.82 -41.27 45.14
CA ILE GE 167 56.96 -41.18 46.59
C ILE GE 167 55.80 -40.38 47.15
N THR GE 168 55.06 -40.97 48.07
CA THR GE 168 53.92 -40.30 48.67
C THR GE 168 53.95 -40.44 50.20
N ILE GE 169 54.01 -39.30 50.88
CA ILE GE 169 54.08 -39.29 52.33
C ILE GE 169 52.82 -39.81 52.98
N THR GE 170 52.97 -40.89 53.73
CA THR GE 170 51.85 -41.52 54.43
C THR GE 170 51.50 -40.74 55.71
N ALA GE 171 52.47 -40.64 56.64
CA ALA GE 171 52.28 -39.94 57.92
C ALA GE 171 53.49 -39.11 58.31
N SER GE 172 53.35 -38.30 59.35
CA SER GE 172 54.45 -37.44 59.80
C SER GE 172 54.33 -36.92 61.22
N LYS GE 173 55.10 -37.49 62.16
CA LYS GE 173 55.09 -37.06 63.55
C LYS GE 173 56.24 -36.08 63.79
N ARG GE 174 56.08 -35.28 64.85
CA ARG GE 174 57.13 -34.51 65.42
C ARG GE 174 56.68 -34.25 66.81
N ARG GE 175 57.11 -33.13 67.38
CA ARG GE 175 56.38 -32.72 68.53
C ARG GE 175 55.22 -31.94 68.02
N LYS GE 176 54.65 -31.09 68.88
CA LYS GE 176 53.63 -30.21 68.43
C LYS GE 176 54.24 -29.18 67.53
N PHE GE 177 55.45 -28.68 67.88
CA PHE GE 177 56.09 -27.55 67.25
C PHE GE 177 56.61 -27.87 65.90
N PHE GE 178 57.09 -29.10 65.76
CA PHE GE 178 58.43 -29.40 66.14
C PHE GE 178 59.23 -29.25 64.88
N THR GE 179 60.09 -28.22 64.79
CA THR GE 179 60.56 -27.91 63.47
C THR GE 179 61.58 -28.87 62.96
N ALA GE 180 62.61 -29.22 63.77
CA ALA GE 180 63.91 -29.49 63.21
C ALA GE 180 63.77 -30.63 62.30
N ARG GE 181 63.16 -31.64 62.92
CA ARG GE 181 63.16 -33.02 62.52
C ARG GE 181 61.75 -33.37 62.40
N ILE GE 182 61.50 -34.13 61.35
CA ILE GE 182 60.15 -34.57 61.05
C ILE GE 182 60.22 -36.06 60.75
N TRP GE 183 59.68 -36.89 61.62
CA TRP GE 183 59.72 -38.31 61.38
C TRP GE 183 58.55 -38.62 60.49
N LEU GE 184 58.73 -39.52 59.53
CA LEU GE 184 57.63 -39.82 58.64
C LEU GE 184 57.62 -41.20 57.98
N ARG GE 185 56.42 -41.63 57.60
CA ARG GE 185 56.21 -42.90 56.92
C ARG GE 185 55.75 -42.50 55.52
N ALA GE 186 56.08 -43.31 54.52
CA ALA GE 186 55.68 -43.00 53.17
C ALA GE 186 55.58 -44.22 52.30
N LEU GE 187 54.94 -44.06 51.15
CA LEU GE 187 54.72 -45.15 50.23
C LEU GE 187 55.43 -44.94 48.92
N VAL GE 188 56.33 -45.84 48.58
CA VAL GE 188 57.08 -45.70 47.35
C VAL GE 188 56.59 -46.70 46.33
N GLU GE 189 56.13 -46.21 45.18
CA GLU GE 189 55.64 -47.07 44.11
C GLU GE 189 56.49 -46.87 42.87
N SER GE 190 56.53 -47.92 42.07
CA SER GE 190 57.04 -47.75 40.77
C SER GE 190 56.09 -48.43 39.86
N GLU GE 191 56.08 -47.90 38.66
CA GLU GE 191 55.32 -48.47 37.56
C GLU GE 191 56.25 -49.12 36.55
N LEU GE 192 56.49 -50.41 36.72
CA LEU GE 192 57.37 -51.15 35.82
C LEU GE 192 56.68 -52.34 35.19
N GLU GE 193 57.16 -52.73 34.00
CA GLU GE 193 56.59 -53.85 33.28
C GLU GE 193 57.34 -55.15 33.57
N ARG GE 194 56.56 -56.21 33.98
CA ARG GE 194 56.98 -57.57 34.13
C ARG GE 194 56.57 -58.21 32.85
N HIS GE 195 56.83 -59.52 32.72
CA HIS GE 195 56.30 -60.24 31.60
C HIS GE 195 54.82 -60.37 31.78
N GLY GE 196 54.05 -59.87 30.80
CA GLY GE 196 52.69 -59.59 31.06
C GLY GE 196 52.59 -58.10 31.20
N GLU GE 197 51.47 -57.63 31.74
CA GLU GE 197 51.10 -56.25 31.71
C GLU GE 197 51.83 -55.51 32.76
N ASN GE 198 51.58 -54.16 32.71
CA ASN GE 198 51.97 -53.14 33.70
C ASN GE 198 51.66 -53.56 35.13
N VAL GE 199 52.69 -53.55 35.98
CA VAL GE 199 52.56 -53.89 37.40
C VAL GE 199 52.99 -52.68 38.20
N THR GE 200 52.86 -52.76 39.52
CA THR GE 200 53.27 -51.66 40.38
C THR GE 200 53.92 -52.17 41.64
N SER GE 201 55.15 -51.76 41.84
CA SER GE 201 55.90 -52.24 42.97
C SER GE 201 55.84 -51.15 43.97
N SER GE 202 55.18 -51.48 45.08
CA SER GE 202 55.02 -50.56 46.14
C SER GE 202 55.68 -51.21 47.31
N PHE GE 203 56.49 -50.44 48.01
CA PHE GE 203 56.86 -50.80 49.37
C PHE GE 203 56.65 -49.65 50.35
N ASN GE 204 56.46 -49.99 51.61
CA ASN GE 204 56.23 -49.00 52.63
C ASN GE 204 57.56 -48.56 53.20
N ALA GE 205 57.69 -47.29 53.53
CA ALA GE 205 58.93 -46.76 54.06
C ALA GE 205 58.75 -45.91 55.28
N LYS GE 206 59.83 -45.81 56.07
CA LYS GE 206 59.87 -44.99 57.28
C LYS GE 206 61.14 -44.17 57.18
N GLY GE 207 61.13 -42.97 57.75
CA GLY GE 207 62.31 -42.13 57.68
C GLY GE 207 62.13 -40.79 58.35
N TYR GE 208 62.90 -39.81 57.89
CA TYR GE 208 62.84 -38.48 58.48
C TYR GE 208 63.20 -37.37 57.49
N TYR GE 209 62.87 -36.14 57.87
CA TYR GE 209 63.17 -34.97 57.06
C TYR GE 209 63.99 -34.05 57.92
N ASN GE 210 65.10 -33.58 57.37
CA ASN GE 210 66.01 -32.70 58.08
C ASN GE 210 65.99 -31.32 57.47
N PHE GE 211 65.45 -30.44 58.33
CA PHE GE 211 65.04 -29.13 58.04
C PHE GE 211 66.26 -28.53 57.49
N ALA GE 212 67.30 -28.63 58.31
CA ALA GE 212 68.51 -28.07 57.85
C ALA GE 212 69.03 -28.86 56.69
N SER GE 213 68.97 -30.21 56.74
CA SER GE 213 69.68 -30.99 55.77
C SER GE 213 69.15 -30.66 54.41
N ARG GE 214 67.87 -30.20 54.40
CA ARG GE 214 67.03 -30.19 53.23
C ARG GE 214 67.11 -31.55 52.64
N ARG GE 215 66.84 -32.57 53.46
CA ARG GE 215 66.99 -33.96 53.00
C ARG GE 215 65.83 -34.76 53.53
N LEU GE 216 65.37 -35.69 52.72
CA LEU GE 216 64.26 -36.54 53.09
C LEU GE 216 64.84 -37.93 52.92
N ILE GE 217 64.92 -38.72 53.99
CA ILE GE 217 65.44 -40.08 53.85
C ILE GE 217 64.34 -41.09 54.10
N LEU GE 218 64.15 -41.98 53.15
CA LEU GE 218 63.12 -42.99 53.27
C LEU GE 218 63.71 -44.38 53.16
N LEU GE 219 63.62 -45.13 54.25
CA LEU GE 219 64.12 -46.49 54.30
C LEU GE 219 62.94 -47.43 54.27
N PRO GE 220 63.16 -48.65 53.79
CA PRO GE 220 62.09 -49.63 53.70
C PRO GE 220 61.69 -50.13 55.10
N THR GE 221 60.43 -50.53 55.27
CA THR GE 221 60.13 -51.16 56.49
C THR GE 221 60.48 -52.60 56.37
N ASP GE 222 59.77 -53.49 57.11
CA ASP GE 222 60.07 -54.89 57.06
C ASP GE 222 59.08 -55.55 56.21
N ASP GE 223 59.68 -55.79 55.07
CA ASP GE 223 59.20 -56.14 53.81
C ASP GE 223 60.15 -57.25 53.51
N HIS GE 224 59.74 -58.22 52.69
CA HIS GE 224 60.69 -59.18 52.20
C HIS GE 224 61.46 -58.64 51.03
N ASP GE 225 60.85 -57.67 50.33
CA ASP GE 225 61.35 -57.08 49.12
C ASP GE 225 62.62 -56.39 49.42
N ASP GE 226 62.53 -55.60 50.51
CA ASP GE 226 63.44 -54.65 51.07
C ASP GE 226 64.09 -53.90 49.94
N HIS GE 227 63.24 -53.13 49.20
CA HIS GE 227 63.64 -52.36 48.07
C HIS GE 227 64.18 -51.06 48.53
N LEU GE 228 65.21 -50.63 47.80
CA LEU GE 228 66.32 -49.94 48.34
C LEU GE 228 65.83 -48.58 48.62
N ALA GE 229 66.61 -47.90 49.46
CA ALA GE 229 66.16 -46.72 50.17
C ALA GE 229 66.26 -45.52 49.25
N VAL GE 230 65.27 -44.64 49.33
CA VAL GE 230 65.25 -43.45 48.49
C VAL GE 230 65.72 -42.27 49.32
N VAL GE 231 66.34 -41.30 48.66
CA VAL GE 231 66.85 -40.13 49.33
C VAL GE 231 66.67 -38.89 48.47
N CYS GE 232 65.96 -37.91 49.01
CA CYS GE 232 65.71 -36.68 48.30
C CYS GE 232 66.19 -35.45 49.01
N SER GE 233 66.66 -34.50 48.21
CA SER GE 233 67.12 -33.21 48.72
C SER GE 233 66.24 -32.18 48.02
N PHE GE 234 65.90 -31.13 48.81
CA PHE GE 234 65.07 -29.94 48.72
C PHE GE 234 65.37 -29.00 47.56
N ASN GE 235 66.56 -28.36 47.66
CA ASN GE 235 67.22 -27.34 46.90
C ASN GE 235 67.38 -28.01 45.60
N ARG GE 236 66.25 -28.02 44.93
CA ARG GE 236 65.90 -27.54 43.67
C ARG GE 236 65.85 -26.01 43.72
N GLY GE 237 65.31 -25.38 44.80
CA GLY GE 237 65.21 -23.93 44.86
C GLY GE 237 63.78 -23.57 44.63
N ASP GE 238 63.06 -24.49 43.97
CA ASP GE 238 61.65 -24.67 44.20
C ASP GE 238 61.63 -25.32 45.55
N ASN GE 239 60.53 -25.15 46.30
CA ASN GE 239 60.24 -26.07 47.37
C ASN GE 239 59.72 -27.31 46.81
N GLU GE 240 59.02 -27.15 45.68
CA GLU GE 240 58.15 -28.22 45.32
C GLU GE 240 59.02 -29.40 45.06
N ARG GE 241 59.99 -29.15 44.19
CA ARG GE 241 60.87 -30.08 43.51
C ARG GE 241 62.03 -30.57 44.36
N ALA GE 242 62.47 -31.79 44.11
CA ALA GE 242 63.58 -32.36 44.86
C ALA GE 242 64.41 -33.29 43.99
N GLU GE 243 65.67 -33.45 44.38
CA GLU GE 243 66.62 -34.29 43.67
C GLU GE 243 66.79 -35.52 44.50
N CYS GE 244 66.48 -36.69 43.93
CA CYS GE 244 66.59 -37.94 44.67
C CYS GE 244 67.54 -38.99 44.06
N HIS GE 245 67.80 -40.02 44.85
CA HIS GE 245 68.66 -41.10 44.45
C HIS GE 245 68.24 -42.34 45.21
N ARG GE 246 68.32 -43.49 44.56
CA ARG GE 246 68.00 -44.73 45.24
C ARG GE 246 69.35 -45.18 45.72
N VAL GE 247 69.44 -45.66 46.96
CA VAL GE 247 70.73 -46.06 47.47
C VAL GE 247 70.68 -47.23 48.42
N THR GE 248 71.82 -47.86 48.71
CA THR GE 248 71.71 -48.93 49.65
C THR GE 248 72.22 -48.34 50.93
N GLU GE 249 71.79 -48.89 52.09
CA GLU GE 249 72.21 -48.37 53.37
C GLU GE 249 73.65 -48.67 53.56
N ALA GE 250 73.96 -49.95 53.35
CA ALA GE 250 75.24 -50.44 53.73
C ALA GE 250 76.26 -49.75 52.88
N THR GE 251 76.04 -49.83 51.54
CA THR GE 251 76.93 -49.34 50.52
C THR GE 251 76.93 -47.86 50.61
N LEU GE 252 75.72 -47.28 50.59
CA LEU GE 252 75.56 -45.87 50.61
C LEU GE 252 76.16 -45.31 49.38
N HIS GE 253 76.05 -46.14 48.34
CA HIS GE 253 76.23 -45.76 47.00
C HIS GE 253 74.93 -45.23 46.47
N GLN GE 254 75.01 -44.56 45.29
CA GLN GE 254 73.92 -44.18 44.41
C GLN GE 254 73.62 -45.10 43.26
N CYS GE 255 72.48 -45.81 43.34
CA CYS GE 255 72.06 -46.74 42.30
C CYS GE 255 71.28 -46.07 41.18
N ALA GE 256 70.61 -44.97 41.49
CA ALA GE 256 69.84 -44.28 40.47
C ALA GE 256 69.52 -42.83 40.77
N ASP GE 257 69.30 -42.08 39.70
CA ASP GE 257 68.97 -40.66 39.78
C ASP GE 257 67.46 -40.50 39.61
N LEU GE 258 66.85 -39.68 40.45
CA LEU GE 258 65.41 -39.49 40.38
C LEU GE 258 65.04 -38.05 40.72
N PHE GE 259 64.51 -37.32 39.74
CA PHE GE 259 64.10 -35.95 39.99
C PHE GE 259 62.57 -35.87 40.11
N VAL GE 260 62.09 -35.64 41.32
CA VAL GE 260 60.67 -35.58 41.57
C VAL GE 260 60.12 -34.18 41.61
N THR GE 261 58.80 -34.13 41.44
CA THR GE 261 58.05 -32.91 41.45
C THR GE 261 56.75 -33.19 42.19
N LEU GE 262 56.33 -32.24 43.01
CA LEU GE 262 55.10 -32.40 43.76
C LEU GE 262 53.91 -32.34 42.81
N GLU GE 263 53.00 -33.30 42.91
CA GLU GE 263 51.88 -33.26 42.03
C GLU GE 263 50.89 -32.38 42.68
N GLU GE 264 50.13 -31.62 41.87
CA GLU GE 264 49.10 -30.80 42.40
C GLU GE 264 48.11 -31.68 43.11
N HIS GE 265 47.62 -31.21 44.27
CA HIS GE 265 46.67 -31.90 45.12
C HIS GE 265 45.35 -31.93 44.42
N ASP GE 266 44.94 -30.82 43.78
CA ASP GE 266 43.72 -30.92 43.03
C ASP GE 266 43.91 -31.47 41.62
N GLN HE 26 11.40 15.64 28.07
CA GLN HE 26 11.41 15.95 29.52
C GLN HE 26 11.45 14.67 30.27
N SER HE 27 10.29 14.00 30.39
CA SER HE 27 10.23 12.73 31.05
C SER HE 27 11.00 11.80 30.22
N HIS HE 28 10.91 12.06 28.92
CA HIS HE 28 11.58 11.13 28.10
C HIS HE 28 13.04 11.33 28.41
N ASP HE 29 13.51 12.60 28.42
CA ASP HE 29 14.92 12.91 28.39
C ASP HE 29 15.66 12.41 29.57
N GLU HE 30 15.07 12.58 30.76
CA GLU HE 30 15.79 12.39 31.99
C GLU HE 30 16.23 10.98 31.94
N ILE HE 31 15.27 10.14 31.48
CA ILE HE 31 15.43 8.72 31.28
C ILE HE 31 16.69 8.53 30.51
N ILE HE 32 16.71 9.04 29.26
CA ILE HE 32 17.53 8.44 28.23
C ILE HE 32 18.98 8.53 28.54
N ASP HE 33 19.39 9.60 29.25
CA ASP HE 33 20.76 9.95 29.51
C ASP HE 33 21.45 8.89 30.33
N LYS HE 34 20.71 8.19 31.20
CA LYS HE 34 21.20 7.42 32.31
C LYS HE 34 22.20 6.41 31.85
N LEU HE 35 21.79 5.60 30.85
CA LEU HE 35 22.40 4.41 30.31
C LEU HE 35 23.68 4.66 29.54
N ILE HE 36 23.91 5.87 29.01
CA ILE HE 36 25.12 6.05 28.26
C ILE HE 36 26.35 5.97 29.15
N GLU HE 37 26.38 6.81 30.19
CA GLU HE 37 27.51 7.18 31.04
C GLU HE 37 27.86 6.03 31.98
N ARG HE 38 27.06 4.96 31.91
CA ARG HE 38 27.27 3.78 32.72
C ARG HE 38 27.88 2.69 31.83
N THR HE 39 27.60 2.78 30.53
CA THR HE 39 28.13 1.82 29.57
C THR HE 39 29.63 2.03 29.52
N ASN HE 40 30.04 3.28 29.63
CA ASN HE 40 31.46 3.62 29.60
C ASN HE 40 32.10 3.35 30.95
N LYS HE 41 31.39 3.68 32.02
CA LYS HE 41 31.90 3.47 33.37
C LYS HE 41 32.31 2.01 33.59
N ILE HE 42 31.91 1.13 32.69
CA ILE HE 42 32.26 -0.28 32.78
C ILE HE 42 33.29 -0.61 31.71
N THR HE 43 33.10 -0.04 30.52
CA THR HE 43 34.01 -0.25 29.42
C THR HE 43 35.42 0.12 29.87
N THR HE 44 35.50 0.84 30.98
CA THR HE 44 36.79 1.24 31.53
C THR HE 44 37.29 0.12 32.44
N SER HE 45 36.47 -0.25 33.42
CA SER HE 45 36.83 -1.32 34.34
C SER HE 45 37.20 -2.57 33.57
N ILE HE 46 36.67 -2.69 32.35
CA ILE HE 46 36.96 -3.84 31.52
C ILE HE 46 38.38 -3.74 30.98
N SER HE 47 38.64 -2.77 30.13
CA SER HE 47 39.97 -2.59 29.56
C SER HE 47 41.01 -2.40 30.65
N HIS HE 48 40.57 -2.01 31.84
CA HIS HE 48 41.47 -1.83 32.97
C HIS HE 48 42.10 -3.18 33.32
N VAL HE 49 41.26 -4.22 33.35
CA VAL HE 49 41.72 -5.55 33.66
C VAL HE 49 42.50 -6.12 32.49
N GLU HE 50 41.96 -5.96 31.29
CA GLU HE 50 42.61 -6.45 30.07
C GLU HE 50 44.05 -5.97 30.07
N SER HE 51 44.31 -4.91 30.81
CA SER HE 51 45.66 -4.37 30.89
C SER HE 51 46.44 -5.21 31.89
N LEU HE 52 45.92 -5.31 33.12
CA LEU HE 52 46.59 -6.09 34.17
C LEU HE 52 46.90 -7.50 33.71
N LEU HE 53 46.09 -8.02 32.80
CA LEU HE 53 46.30 -9.35 32.25
C LEU HE 53 47.48 -9.27 31.30
N ASP HE 54 47.38 -8.39 30.31
CA ASP HE 54 48.45 -8.23 29.34
C ASP HE 54 49.79 -8.01 30.03
N ASP HE 55 49.75 -7.45 31.24
CA ASP HE 55 50.97 -7.20 32.00
C ASP HE 55 51.64 -8.49 32.46
N ARG HE 56 50.87 -9.54 32.64
CA ARG HE 56 51.45 -10.81 33.07
C ARG HE 56 51.75 -11.71 31.88
N LEU HE 57 51.33 -11.30 30.69
CA LEU HE 57 51.61 -12.08 29.48
C LEU HE 57 52.62 -11.34 28.64
N ASP HE 58 52.85 -10.06 28.95
CA ASP HE 58 53.41 -9.13 27.99
C ASP HE 58 54.74 -9.66 27.55
N PRO HE 59 54.98 -9.69 26.25
CA PRO HE 59 56.08 -10.46 25.66
C PRO HE 59 57.46 -9.96 26.07
N LYS HE 60 57.60 -8.64 26.19
CA LYS HE 60 58.87 -8.05 26.59
C LYS HE 60 59.28 -8.61 27.95
N ARG HE 61 58.31 -8.96 28.77
CA ARG HE 61 58.62 -9.53 30.08
C ARG HE 61 59.06 -10.97 29.89
N ILE HE 62 58.37 -11.70 29.01
CA ILE HE 62 58.68 -13.09 28.72
C ILE HE 62 60.13 -13.27 28.37
N ARG HE 63 60.53 -12.77 27.20
CA ARG HE 63 61.91 -12.90 26.77
C ARG HE 63 62.86 -12.48 27.87
N LYS HE 64 62.63 -11.31 28.44
CA LYS HE 64 63.50 -10.80 29.50
C LYS HE 64 63.72 -11.82 30.60
N ALA HE 65 62.65 -12.54 30.96
CA ALA HE 65 62.75 -13.56 31.99
C ALA HE 65 63.37 -14.82 31.42
N GLY HE 66 62.89 -15.23 30.25
CA GLY HE 66 63.44 -16.41 29.60
C GLY HE 66 64.92 -16.24 29.43
N SER HE 67 65.32 -15.03 29.07
CA SER HE 67 66.73 -14.70 28.89
C SER HE 67 67.47 -15.06 30.16
N LEU HE 68 66.92 -14.67 31.30
CA LEU HE 68 67.53 -14.96 32.60
C LEU HE 68 67.67 -16.47 32.75
N ARG HE 69 66.61 -17.19 32.40
CA ARG HE 69 66.64 -18.64 32.48
C ARG HE 69 67.88 -19.15 31.80
N HIS HE 70 68.12 -18.71 30.57
CA HIS HE 70 69.27 -19.14 29.83
C HIS HE 70 70.54 -19.03 30.65
N ARG HE 71 70.86 -17.82 31.11
CA ARG HE 71 72.06 -17.62 31.91
C ARG HE 71 72.27 -18.76 32.90
N VAL HE 72 71.18 -19.21 33.49
CA VAL HE 72 71.22 -20.31 34.44
C VAL HE 72 71.51 -21.63 33.75
N GLU HE 73 70.78 -21.92 32.66
CA GLU HE 73 70.97 -23.15 31.88
C GLU HE 73 72.46 -23.33 31.55
N GLU HE 74 73.17 -22.21 31.43
CA GLU HE 74 74.58 -22.21 31.10
C GLU HE 74 75.45 -22.65 32.30
N LEU HE 75 74.98 -22.38 33.51
CA LEU HE 75 75.73 -22.77 34.71
C LEU HE 75 75.50 -24.23 35.06
N GLU HE 76 77.02 -24.77 35.15
CA GLU HE 76 76.82 -26.07 35.71
C GLU HE 76 77.26 -27.12 34.72
N ASP HE 77 77.43 -28.35 35.26
CA ASP HE 77 77.63 -29.54 34.49
C ASP HE 77 76.30 -30.05 34.14
N PRO HE 78 76.25 -30.04 32.86
CA PRO HE 78 75.06 -29.88 32.14
C PRO HE 78 74.35 -31.16 32.13
N SER HE 79 73.03 -30.99 32.24
CA SER HE 79 72.08 -32.02 32.14
C SER HE 79 72.46 -32.74 30.88
N CYS HE 80 72.27 -32.09 29.72
CA CYS HE 80 72.24 -32.89 28.52
C CYS HE 80 73.65 -33.04 28.03
N ASP HE 81 73.94 -33.57 26.81
CA ASP HE 81 75.35 -33.46 26.55
C ASP HE 81 75.60 -32.17 25.89
N GLU HE 82 76.90 -31.95 25.54
CA GLU HE 82 77.24 -30.94 24.59
C GLU HE 82 76.49 -31.37 23.38
N HIS HE 83 76.70 -32.64 22.95
CA HIS HE 83 76.04 -33.09 21.77
C HIS HE 83 74.59 -33.14 22.05
N GLU HE 84 74.23 -33.64 23.22
CA GLU HE 84 72.80 -33.94 23.41
C GLU HE 84 72.00 -32.69 23.77
N HIS HE 85 70.71 -32.72 23.45
CA HIS HE 85 69.82 -31.58 23.70
C HIS HE 85 68.88 -31.86 24.85
N GLN HE 86 68.81 -30.92 25.78
CA GLN HE 86 67.96 -31.07 26.94
C GLN HE 86 66.56 -30.59 26.63
N CYS HE 87 65.50 -31.51 26.71
CA CYS HE 87 64.22 -31.23 26.15
C CYS HE 87 63.60 -30.17 26.98
N GLY HE 88 64.07 -30.09 28.23
CA GLY HE 88 63.27 -29.62 29.30
C GLY HE 88 63.13 -30.80 30.21
N GLY HE 89 62.52 -30.55 31.38
CA GLY HE 89 62.12 -29.20 31.61
C GLY HE 89 61.49 -29.15 32.95
N ASP HE 90 60.34 -29.82 33.08
CA ASP HE 90 59.89 -30.47 34.28
C ASP HE 90 60.62 -31.77 34.47
N ASP HE 91 60.57 -32.63 33.43
CA ASP HE 91 61.29 -33.86 33.53
C ASP HE 91 62.29 -33.75 32.46
N PRO HE 92 63.53 -33.95 32.79
CA PRO HE 92 64.55 -33.92 31.83
C PRO HE 92 64.47 -35.16 31.06
N GLN HE 93 65.20 -35.10 29.93
CA GLN HE 93 65.27 -36.05 28.89
C GLN HE 93 66.34 -35.50 28.03
N CYS HE 94 67.26 -36.35 27.61
CA CYS HE 94 68.34 -36.01 26.69
C CYS HE 94 68.21 -36.71 25.33
N ILE HE 95 68.20 -35.94 24.25
CA ILE HE 95 68.13 -36.51 22.91
C ILE HE 95 69.26 -35.91 22.11
N SER HE 96 69.66 -36.55 21.02
CA SER HE 96 70.76 -36.01 20.23
C SER HE 96 70.45 -34.69 19.54
N LYS HE 97 71.53 -33.89 19.44
CA LYS HE 97 71.38 -32.76 18.60
C LYS HE 97 71.07 -33.22 17.20
N LEU HE 98 71.58 -34.39 16.76
CA LEU HE 98 71.25 -34.78 15.41
C LEU HE 98 69.79 -35.12 15.36
N PHE HE 99 69.36 -35.64 16.50
CA PHE HE 99 68.23 -36.45 16.81
C PHE HE 99 66.87 -35.81 16.79
N VAL HE 100 66.70 -34.66 17.49
CA VAL HE 100 65.68 -33.72 17.11
C VAL HE 100 66.28 -33.24 15.83
N CYS HE 101 65.57 -32.72 14.81
CA CYS HE 101 64.16 -32.53 14.58
C CYS HE 101 63.80 -33.44 13.44
N ASP HE 102 63.81 -34.72 13.79
CA ASP HE 102 63.61 -35.86 12.95
C ASP HE 102 62.31 -35.65 12.25
N GLY HE 103 61.31 -35.19 13.01
CA GLY HE 103 59.98 -35.14 12.52
C GLY HE 103 59.23 -36.15 13.30
N HIS HE 104 59.91 -37.24 13.74
CA HIS HE 104 59.33 -37.92 14.85
C HIS HE 104 59.56 -37.03 16.01
N ASN HE 105 58.69 -37.19 17.03
CA ASN HE 105 58.81 -36.46 18.25
C ASN HE 105 59.59 -37.31 19.17
N ASP HE 106 60.72 -36.71 19.59
CA ASP HE 106 61.50 -36.96 20.77
C ASP HE 106 60.61 -36.65 21.95
N CYS HE 107 60.06 -35.42 22.02
CA CYS HE 107 59.69 -34.87 23.29
C CYS HE 107 58.23 -34.99 23.53
N ARG HE 108 57.93 -35.43 24.77
CA ARG HE 108 56.62 -35.39 25.34
C ARG HE 108 56.28 -33.98 25.15
N ASN HE 109 57.26 -33.18 25.60
CA ASN HE 109 57.22 -31.78 25.73
C ASN HE 109 56.88 -31.31 24.35
N GLY HE 110 57.64 -31.80 23.35
CA GLY HE 110 57.38 -31.43 22.00
C GLY HE 110 58.25 -30.29 21.57
N GLU HE 111 59.44 -30.17 22.23
CA GLU HE 111 60.38 -29.11 21.87
C GLU HE 111 60.81 -29.20 20.41
N ASP HE 112 61.19 -30.41 20.01
CA ASP HE 112 61.64 -30.66 18.65
C ASP HE 112 60.67 -30.17 17.59
N GLU HE 113 59.57 -29.55 18.01
CA GLU HE 113 58.59 -29.10 17.04
C GLU HE 113 57.82 -27.87 17.42
N LYS HE 114 57.96 -27.37 18.63
CA LYS HE 114 57.18 -26.19 18.99
C LYS HE 114 57.87 -24.83 18.77
N ASP HE 115 59.25 -24.87 18.72
CA ASP HE 115 60.04 -23.70 18.62
C ASP HE 115 59.86 -23.26 17.22
N CYS HE 116 58.96 -22.29 17.09
CA CYS HE 116 58.27 -22.07 15.87
C CYS HE 116 59.21 -21.56 14.85
N THR HE 117 60.30 -20.88 15.29
CA THR HE 117 61.03 -20.08 14.37
C THR HE 117 62.43 -20.55 14.20
N LEU HE 118 62.80 -20.59 12.91
CA LEU HE 118 64.13 -20.80 12.46
C LEU HE 118 64.89 -19.53 12.57
N PRO HE 119 65.92 -19.64 13.36
CA PRO HE 119 66.81 -18.54 13.62
C PRO HE 119 67.35 -18.03 12.31
N THR HE 120 67.47 -18.90 11.28
CA THR HE 120 68.31 -18.55 10.18
C THR HE 120 67.53 -17.96 9.05
N LYS HE 121 67.65 -16.62 8.88
CA LYS HE 121 67.13 -16.09 7.68
C LYS HE 121 68.25 -15.88 6.79
N ALA HE 122 67.93 -15.04 5.84
CA ALA HE 122 68.49 -15.13 4.57
C ALA HE 122 68.63 -13.70 4.25
N GLY HE 123 69.71 -13.35 3.56
CA GLY HE 123 69.81 -12.01 3.09
C GLY HE 123 70.45 -11.14 4.12
N ASP HE 124 70.60 -11.62 5.38
CA ASP HE 124 71.06 -10.80 6.46
C ASP HE 124 72.48 -10.43 6.23
N LYS HE 125 72.82 -9.21 6.66
CA LYS HE 125 74.23 -8.83 6.71
C LYS HE 125 74.63 -8.64 8.16
N PHE HE 126 75.84 -9.06 8.51
CA PHE HE 126 76.35 -8.93 9.88
C PHE HE 126 77.72 -8.29 9.87
N ILE HE 127 77.88 -7.26 10.68
CA ILE HE 127 79.14 -6.55 10.78
C ILE HE 127 79.91 -6.99 12.03
N GLY HE 128 81.13 -7.46 11.84
CA GLY HE 128 81.90 -7.89 12.98
C GLY HE 128 82.97 -6.90 13.38
N ASP HE 129 83.08 -6.64 14.68
CA ASP HE 129 84.10 -5.74 15.19
C ASP HE 129 85.16 -6.64 15.82
N VAL HE 130 86.40 -6.51 15.34
CA VAL HE 130 87.49 -7.33 15.83
C VAL HE 130 87.77 -6.97 17.27
N CYS HE 131 88.51 -7.83 17.96
CA CYS HE 131 88.85 -7.55 19.34
C CYS HE 131 89.95 -8.49 19.80
N PHE HE 132 90.46 -9.32 18.89
CA PHE HE 132 91.46 -10.30 19.23
C PHE HE 132 91.72 -11.06 17.93
N ASP HE 133 92.78 -10.67 17.24
CA ASP HE 133 93.10 -11.30 15.98
C ASP HE 133 94.56 -11.73 15.91
N HIS HE 134 94.83 -13.02 16.23
CA HIS HE 134 96.19 -13.51 16.14
C HIS HE 134 96.34 -13.78 14.70
N CYS HE 135 95.14 -14.04 14.17
CA CYS HE 135 94.89 -14.94 13.11
C CYS HE 135 95.30 -14.44 11.75
N THR HE 136 94.96 -13.19 11.41
CA THR HE 136 95.29 -12.69 10.10
C THR HE 136 96.54 -11.88 10.26
N LYS HE 137 97.23 -11.48 9.16
CA LYS HE 137 98.36 -10.58 9.22
C LYS HE 137 97.90 -9.18 9.44
N ARG HE 138 96.89 -8.75 8.65
CA ARG HE 138 96.48 -7.36 8.65
C ARG HE 138 95.73 -7.03 9.89
N ARG HE 139 95.00 -8.02 10.48
CA ARG HE 139 94.01 -7.79 11.50
C ARG HE 139 93.03 -6.76 11.06
N PRO HE 140 91.85 -7.08 10.71
CA PRO HE 140 91.20 -5.92 10.24
C PRO HE 140 90.37 -5.34 11.34
N GLU HE 141 89.98 -4.07 11.17
CA GLU HE 141 89.13 -3.41 12.10
C GLU HE 141 87.85 -4.16 12.13
N HIS HE 142 87.33 -4.41 10.88
CA HIS HE 142 85.98 -4.92 10.79
C HIS HE 142 85.96 -6.13 9.89
N MET HE 143 84.76 -6.61 9.61
CA MET HE 143 84.62 -7.78 8.77
C MET HE 143 83.13 -8.02 8.53
N THR HE 144 82.65 -7.71 7.34
CA THR HE 144 81.25 -7.90 7.00
C THR HE 144 80.96 -9.34 6.57
N LEU HE 145 79.78 -9.82 6.95
CA LEU HE 145 79.37 -11.18 6.66
C LEU HE 145 78.04 -11.19 5.96
N ALA HE 146 78.05 -11.27 4.63
CA ALA HE 146 76.81 -11.27 3.86
C ALA HE 146 76.29 -12.65 3.54
N PHE HE 147 75.02 -12.88 3.82
CA PHE HE 147 74.41 -14.18 3.55
C PHE HE 147 73.72 -14.16 2.21
N GLU HE 148 74.28 -14.87 1.23
CA GLU HE 148 73.72 -14.91 -0.11
C GLU HE 148 72.47 -15.79 -0.19
N SER HE 149 72.63 -17.09 0.04
CA SER HE 149 71.49 -18.01 -0.03
C SER HE 149 71.38 -18.92 1.19
N SER HE 150 70.20 -19.52 1.38
CA SER HE 150 69.97 -20.41 2.50
C SER HE 150 68.82 -21.32 2.17
N SER HE 151 69.06 -22.63 2.21
CA SER HE 151 67.99 -23.60 1.92
C SER HE 151 68.01 -24.77 2.90
N ILE HE 152 66.82 -25.21 3.31
CA ILE HE 152 66.71 -26.33 4.25
C ILE HE 152 66.16 -27.56 3.54
N ALA HE 153 66.77 -28.70 3.86
CA ALA HE 153 66.27 -29.85 3.19
C ALA HE 153 64.97 -30.32 3.75
N ALA HE 154 64.17 -30.88 2.83
CA ALA HE 154 62.76 -30.83 3.07
C ALA HE 154 62.41 -31.73 4.24
N PHE HE 155 63.24 -32.77 4.36
CA PHE HE 155 63.28 -33.77 5.36
C PHE HE 155 64.03 -33.29 6.58
N PHE HE 156 65.06 -32.46 6.40
CA PHE HE 156 65.75 -32.11 7.59
C PHE HE 156 65.34 -30.78 8.03
N THR HE 157 64.67 -30.74 9.19
CA THR HE 157 64.77 -29.51 9.91
C THR HE 157 66.20 -29.26 10.33
N PRO HE 158 66.95 -30.15 10.99
CA PRO HE 158 67.87 -29.72 11.99
C PRO HE 158 68.93 -28.82 11.46
N ILE HE 159 69.25 -28.99 10.18
CA ILE HE 159 70.37 -28.26 9.61
C ILE HE 159 70.01 -27.48 8.37
N ALA HE 160 70.32 -26.18 8.39
CA ALA HE 160 70.02 -25.32 7.25
C ALA HE 160 71.35 -24.97 6.60
N ASP HE 161 71.47 -25.23 5.31
CA ASP HE 161 72.71 -24.94 4.58
C ASP HE 161 72.77 -23.49 4.07
N LEU HE 162 73.93 -22.86 4.24
CA LEU HE 162 74.11 -21.48 3.83
C LEU HE 162 75.26 -21.25 2.86
N HIS HE 163 75.18 -20.14 2.12
CA HIS HE 163 76.23 -19.72 1.18
C HIS HE 163 76.48 -18.28 1.61
N VAL HE 164 77.73 -18.01 1.99
CA VAL HE 164 78.09 -16.67 2.48
C VAL HE 164 79.34 -16.06 1.87
N HIS HE 165 79.30 -14.73 1.76
CA HIS HE 165 80.42 -13.96 1.25
C HIS HE 165 80.99 -13.19 2.43
N ILE HE 166 82.27 -13.41 2.72
CA ILE HE 166 82.92 -12.72 3.83
C ILE HE 166 83.69 -11.54 3.26
N GLU HE 167 83.18 -10.34 3.44
CA GLU HE 167 83.80 -9.16 2.87
C GLU HE 167 84.83 -8.54 3.81
N ILE HE 168 85.89 -7.96 3.24
CA ILE HE 168 86.94 -7.33 4.04
C ILE HE 168 87.59 -6.12 3.40
N GLU HE 169 87.70 -5.04 4.16
CA GLU HE 169 88.29 -3.79 3.70
C GLU HE 169 89.67 -3.50 4.31
N SER HE 170 90.72 -4.09 3.75
CA SER HE 170 91.89 -3.93 4.54
C SER HE 170 92.66 -2.80 3.94
N GLU HE 171 93.66 -2.34 4.70
CA GLU HE 171 94.62 -1.48 4.10
C GLU HE 171 95.87 -2.28 4.12
N THR HE 172 96.54 -2.36 2.96
CA THR HE 172 97.78 -3.07 2.88
C THR HE 172 98.82 -2.03 3.01
N ASP HE 173 100.09 -2.47 3.11
CA ASP HE 173 101.09 -1.48 3.26
C ASP HE 173 101.10 -0.65 2.01
N GLU HE 174 101.24 -1.33 0.84
CA GLU HE 174 101.42 -0.73 -0.47
C GLU HE 174 100.18 0.00 -0.91
N ASP HE 175 99.07 -0.76 -0.95
CA ASP HE 175 97.90 -0.20 -1.53
C ASP HE 175 96.79 -0.56 -0.62
N GLU HE 176 95.58 -0.51 -1.17
CA GLU HE 176 94.46 -0.91 -0.41
C GLU HE 176 93.93 -2.11 -1.13
N SER HE 177 93.42 -3.07 -0.34
CA SER HE 177 92.98 -4.31 -0.84
C SER HE 177 91.59 -4.42 -0.34
N GLU HE 178 90.76 -5.13 -1.13
CA GLU HE 178 89.37 -5.36 -0.75
C GLU HE 178 89.15 -6.84 -1.03
N VAL HE 179 88.35 -7.52 -0.22
CA VAL HE 179 88.11 -8.95 -0.45
C VAL HE 179 86.68 -9.36 -0.18
N SER HE 180 86.23 -10.37 -0.91
CA SER HE 180 84.88 -10.89 -0.74
C SER HE 180 84.90 -12.39 -0.99
N MET HE 181 85.58 -13.12 -0.11
CA MET HE 181 85.70 -14.57 -0.22
C MET HE 181 84.38 -15.24 0.10
N PRO HE 182 83.95 -16.17 -0.77
CA PRO HE 182 82.71 -16.91 -0.62
C PRO HE 182 82.96 -18.27 0.02
N ALA HE 183 82.02 -18.69 0.87
CA ALA HE 183 82.16 -19.98 1.55
C ALA HE 183 80.81 -20.61 1.87
N ASP HE 184 80.81 -21.93 1.95
CA ASP HE 184 79.62 -22.67 2.28
C ASP HE 184 79.56 -22.75 3.81
N GLY HE 185 78.40 -23.18 4.32
CA GLY HE 185 78.23 -23.29 5.75
C GLY HE 185 76.83 -23.71 6.14
N GLU HE 186 76.68 -24.20 7.36
CA GLU HE 186 75.38 -24.64 7.84
C GLU HE 186 75.06 -24.00 9.18
N TYR HE 187 73.80 -24.04 9.57
CA TYR HE 187 73.37 -23.49 10.84
C TYR HE 187 72.63 -24.60 11.53
N SER HE 188 73.05 -24.96 12.74
CA SER HE 188 72.43 -26.04 13.49
C SER HE 188 71.51 -25.53 14.58
N PHE HE 189 70.46 -26.40 14.48
CA PHE HE 189 69.12 -26.07 14.82
C PHE HE 189 69.21 -25.63 16.20
N ALA HE 190 69.58 -26.60 17.04
CA ALA HE 190 69.64 -26.53 18.47
C ALA HE 190 70.76 -25.68 18.94
N ASP HE 191 71.92 -25.79 18.25
CA ASP HE 191 73.14 -25.16 18.67
C ASP HE 191 72.95 -23.69 18.55
N HIS HE 192 72.18 -23.25 17.55
CA HIS HE 192 72.23 -21.87 17.13
C HIS HE 192 73.63 -21.58 16.66
N ARG HE 193 74.41 -22.62 16.35
CA ARG HE 193 75.78 -22.37 15.93
C ARG HE 193 75.99 -22.55 14.44
N LEU HE 194 76.31 -21.47 13.75
CA LEU HE 194 76.56 -21.53 12.32
C LEU HE 194 78.05 -21.73 12.11
N THR HE 195 78.37 -22.72 11.27
CA THR HE 195 79.74 -23.04 10.98
C THR HE 195 79.96 -22.63 9.53
N ILE HE 196 80.95 -21.78 9.28
CA ILE HE 196 81.21 -21.33 7.92
C ILE HE 196 82.51 -21.96 7.47
N HIS HE 197 82.37 -22.96 6.58
CA HIS HE 197 83.48 -23.73 6.17
C HIS HE 197 84.28 -22.79 5.34
N PRO HE 198 85.54 -22.98 5.56
CA PRO HE 198 86.57 -22.08 5.21
C PRO HE 198 86.58 -21.90 3.73
N PRO HE 199 86.55 -20.64 3.51
CA PRO HE 199 86.59 -20.04 2.20
C PRO HE 199 87.86 -20.47 1.55
N GLU HE 200 88.89 -20.49 2.40
CA GLU HE 200 90.26 -20.62 2.03
C GLU HE 200 90.54 -22.07 1.82
N GLU HE 201 91.62 -22.32 1.08
CA GLU HE 201 92.26 -23.60 1.11
C GLU HE 201 92.78 -23.71 2.50
N ASP HE 202 93.11 -22.56 3.09
CA ASP HE 202 93.93 -22.61 4.25
C ASP HE 202 93.19 -23.28 5.38
N GLY HE 203 91.86 -23.10 5.51
CA GLY HE 203 91.24 -23.93 6.51
C GLY HE 203 91.22 -23.19 7.79
N LEU HE 204 91.38 -21.86 7.68
CA LEU HE 204 90.76 -20.93 8.61
C LEU HE 204 89.28 -20.78 8.33
N GLY HE 205 88.47 -21.15 9.32
CA GLY HE 205 87.03 -21.05 9.19
C GLY HE 205 86.40 -20.26 10.34
N LEU HE 206 85.16 -19.84 10.15
CA LEU HE 206 84.43 -19.07 11.14
C LEU HE 206 83.38 -19.93 11.81
N VAL HE 207 83.24 -19.69 13.12
CA VAL HE 207 82.29 -20.42 13.94
C VAL HE 207 81.66 -19.47 14.93
N GLY HE 208 80.42 -19.07 14.63
CA GLY HE 208 79.72 -18.17 15.53
C GLY HE 208 78.59 -18.90 16.21
N GLU HE 209 78.53 -18.84 17.54
CA GLU HE 209 77.48 -19.49 18.28
C GLU HE 209 76.52 -18.44 18.82
N PHE HE 210 75.24 -18.60 18.52
CA PHE HE 210 74.24 -17.64 18.95
C PHE HE 210 73.81 -17.75 20.39
N ASP HE 211 73.45 -16.61 20.96
CA ASP HE 211 72.28 -16.46 21.76
C ASP HE 211 71.08 -16.67 20.86
N GLY HE 212 71.11 -16.06 19.66
CA GLY HE 212 70.24 -16.38 18.55
C GLY HE 212 69.43 -15.17 18.10
N TYR HE 213 68.16 -15.01 18.56
CA TYR HE 213 67.29 -13.87 18.24
C TYR HE 213 67.94 -12.76 18.89
N ASN HE 214 68.13 -13.04 20.19
CA ASN HE 214 68.48 -12.19 21.26
C ASN HE 214 69.79 -12.77 21.71
N PHE HE 215 70.92 -12.34 21.12
CA PHE HE 215 70.97 -11.28 20.17
C PHE HE 215 71.37 -11.85 18.88
N ASP HE 216 70.96 -11.18 17.79
CA ASP HE 216 71.45 -11.54 16.49
C ASP HE 216 72.92 -11.28 16.57
N ARG HE 217 73.33 -10.36 17.46
CA ARG HE 217 74.71 -10.25 17.91
C ARG HE 217 75.22 -11.63 18.29
N PHE HE 218 76.34 -12.05 17.72
CA PHE HE 218 76.90 -13.35 18.04
C PHE HE 218 78.41 -13.25 18.04
N VAL HE 219 79.09 -13.96 18.94
CA VAL HE 219 80.54 -13.92 18.97
C VAL HE 219 81.05 -14.82 17.87
N GLY HE 220 81.92 -14.27 17.03
CA GLY HE 220 82.46 -15.04 15.94
C GLY HE 220 83.91 -15.39 16.12
N HIS HE 221 84.15 -16.68 16.29
CA HIS HE 221 85.49 -17.20 16.48
C HIS HE 221 86.06 -17.69 15.15
N ILE HE 222 87.27 -17.25 14.83
CA ILE HE 222 87.89 -17.72 13.62
C ILE HE 222 88.80 -18.84 14.07
N VAL HE 223 88.63 -20.03 13.51
CA VAL HE 223 89.42 -21.18 13.92
C VAL HE 223 90.05 -21.97 12.79
N HIS HE 224 90.94 -22.88 13.16
CA HIS HE 224 91.60 -23.78 12.21
C HIS HE 224 90.63 -24.94 12.19
N GLU HE 225 89.95 -25.18 11.05
CA GLU HE 225 88.70 -25.89 11.03
C GLU HE 225 88.89 -27.25 11.65
N LEU HE 226 90.02 -27.88 11.35
CA LEU HE 226 90.37 -29.20 11.78
C LEU HE 226 90.64 -29.24 13.26
N SER HE 227 91.40 -28.24 13.75
CA SER HE 227 91.91 -28.16 15.09
C SER HE 227 90.82 -27.79 16.00
N GLU HE 228 89.96 -26.92 15.47
CA GLU HE 228 89.19 -26.09 16.33
C GLU HE 228 90.07 -25.39 17.30
N GLU HE 229 91.10 -24.70 16.77
CA GLU HE 229 91.79 -23.69 17.57
C GLU HE 229 91.22 -22.32 17.33
N VAL HE 230 90.93 -21.61 18.40
CA VAL HE 230 90.41 -20.26 18.29
C VAL HE 230 91.60 -19.34 18.13
N CYS HE 231 91.54 -18.40 17.20
CA CYS HE 231 92.65 -17.48 17.02
C CYS HE 231 92.20 -16.10 16.57
N ALA HE 232 90.90 -15.86 16.67
CA ALA HE 232 90.33 -14.57 16.28
C ALA HE 232 88.89 -14.51 16.73
N GLU HE 233 88.58 -13.45 17.47
CA GLU HE 233 87.25 -13.25 17.99
C GLU HE 233 86.74 -11.90 17.45
N PHE HE 234 85.50 -11.92 16.94
CA PHE HE 234 84.87 -10.73 16.44
C PHE HE 234 83.46 -10.76 16.97
N ILE HE 235 82.95 -9.61 17.37
CA ILE HE 235 81.57 -9.55 17.84
C ILE HE 235 80.74 -9.13 16.63
N PHE HE 236 79.87 -10.00 16.17
CA PHE HE 236 79.08 -9.67 15.00
C PHE HE 236 77.72 -9.11 15.39
N HIS HE 237 77.35 -7.99 14.77
CA HIS HE 237 76.08 -7.33 14.98
C HIS HE 237 75.30 -7.39 13.67
N ARG HE 238 74.01 -7.63 13.75
CA ARG HE 238 73.18 -7.69 12.55
C ARG HE 238 73.05 -6.26 12.05
N LYS HE 239 73.34 -5.99 10.77
CA LYS HE 239 73.10 -4.69 10.17
C LYS HE 239 71.64 -4.64 9.82
N LYS HE 240 70.93 -3.55 10.10
CA LYS HE 240 69.58 -3.64 9.66
C LYS HE 240 69.49 -3.15 8.23
N HIS IE 20 -0.98 -84.76 49.35
CA HIS IE 20 -1.48 -84.01 50.53
C HIS IE 20 -1.16 -84.76 51.77
N GLU IE 21 -2.22 -85.32 52.39
CA GLU IE 21 -2.08 -86.05 53.62
C GLU IE 21 -1.26 -87.28 53.33
N HIS IE 22 -1.52 -87.87 52.16
CA HIS IE 22 -1.00 -89.13 51.75
C HIS IE 22 0.46 -89.00 51.70
N CYS IE 23 0.92 -87.96 51.00
CA CYS IE 23 2.32 -87.93 50.81
C CYS IE 23 2.86 -87.19 51.95
N CYS IE 24 4.04 -86.61 51.71
CA CYS IE 24 5.01 -86.45 52.73
C CYS IE 24 4.82 -85.08 53.33
N SER IE 25 4.29 -85.01 54.58
CA SER IE 25 3.87 -83.78 55.21
C SER IE 25 5.03 -82.86 55.43
N GLU IE 26 4.69 -81.58 55.50
CA GLU IE 26 5.61 -80.52 55.88
C GLU IE 26 6.29 -80.83 57.21
N GLU IE 27 5.51 -81.09 58.25
CA GLU IE 27 6.11 -81.39 59.54
C GLU IE 27 7.00 -82.61 59.37
N ASP IE 28 6.44 -83.64 58.76
CA ASP IE 28 7.18 -84.87 58.53
C ASP IE 28 8.60 -84.59 58.06
N HIS IE 29 8.75 -84.03 56.87
CA HIS IE 29 10.09 -83.77 56.38
C HIS IE 29 10.81 -82.67 57.12
N ARG IE 30 10.08 -81.70 57.65
CA ARG IE 30 10.77 -80.66 58.39
C ARG IE 30 11.58 -81.42 59.43
N ILE IE 31 10.98 -82.49 59.95
CA ILE IE 31 11.63 -83.31 60.96
C ILE IE 31 12.82 -84.02 60.34
N VAL IE 32 12.56 -84.80 59.31
CA VAL IE 32 13.63 -85.53 58.66
C VAL IE 32 14.81 -84.60 58.43
N GLN IE 33 14.57 -83.48 57.76
CA GLN IE 33 15.62 -82.53 57.48
C GLN IE 33 16.42 -82.16 58.72
N LYS IE 34 15.72 -81.80 59.80
CA LYS IE 34 16.40 -81.42 61.04
C LYS IE 34 17.28 -82.55 61.56
N GLN IE 35 16.75 -83.76 61.58
CA GLN IE 35 17.48 -84.92 62.09
C GLN IE 35 18.64 -85.32 61.21
N TRP IE 36 18.51 -85.16 59.91
CA TRP IE 36 19.55 -85.53 58.97
C TRP IE 36 20.69 -84.57 59.10
N ASP IE 37 20.44 -83.40 59.66
CA ASP IE 37 21.50 -82.40 59.83
C ASP IE 37 22.39 -82.66 61.04
N ILE IE 38 21.86 -83.38 62.03
CA ILE IE 38 22.65 -83.70 63.21
C ILE IE 38 23.97 -84.30 62.75
N LEU IE 39 23.94 -84.92 61.57
CA LEU IE 39 25.11 -85.58 61.01
C LEU IE 39 26.25 -84.66 60.54
N TRP IE 40 25.92 -83.68 59.70
CA TRP IE 40 26.93 -82.78 59.15
C TRP IE 40 27.37 -81.62 60.04
N ARG IE 41 27.39 -81.82 61.34
CA ARG IE 41 27.81 -80.75 62.24
C ARG IE 41 29.32 -80.55 62.16
N ASP IE 42 30.08 -81.63 62.00
CA ASP IE 42 31.53 -81.51 61.90
C ASP IE 42 32.02 -81.51 60.47
N THR IE 43 33.05 -80.71 60.22
CA THR IE 43 33.64 -80.55 58.89
C THR IE 43 34.07 -81.82 58.17
N GLU IE 44 34.30 -82.91 58.89
CA GLU IE 44 34.74 -84.14 58.23
C GLU IE 44 33.58 -84.96 57.69
N SER IE 45 32.68 -84.30 56.97
CA SER IE 45 31.52 -84.94 56.38
C SER IE 45 31.95 -86.10 55.47
N SER IE 46 32.99 -85.87 54.69
CA SER IE 46 33.50 -86.88 53.77
C SER IE 46 33.70 -88.22 54.47
N LYS IE 47 34.51 -88.22 55.51
CA LYS IE 47 34.79 -89.43 56.27
C LYS IE 47 33.49 -90.13 56.68
N ILE IE 48 32.50 -89.34 57.09
CA ILE IE 48 31.21 -89.88 57.49
C ILE IE 48 30.45 -90.38 56.29
N LYS IE 49 29.98 -89.46 55.44
CA LYS IE 49 29.24 -89.85 54.24
C LYS IE 49 29.80 -91.11 53.63
N ILE IE 50 31.11 -91.15 53.44
CA ILE IE 50 31.78 -92.33 52.86
C ILE IE 50 31.52 -93.56 53.71
N GLY IE 51 32.10 -93.57 54.91
CA GLY IE 51 31.90 -94.69 55.80
C GLY IE 51 30.45 -95.16 55.86
N PHE IE 52 29.53 -94.23 56.06
CA PHE IE 52 28.12 -94.58 56.15
C PHE IE 52 27.61 -95.15 54.83
N GLY IE 53 27.81 -94.41 53.74
CA GLY IE 53 27.36 -94.87 52.44
C GLY IE 53 28.03 -96.18 52.08
N ARG IE 54 29.28 -96.33 52.46
CA ARG IE 54 30.04 -97.54 52.19
C ARG IE 54 29.30 -98.67 52.86
N LEU IE 55 29.12 -98.56 54.16
CA LEU IE 55 28.42 -99.59 54.91
C LEU IE 55 27.04 -99.89 54.31
N LEU IE 56 26.27 -98.84 54.03
CA LEU IE 56 24.94 -99.04 53.46
C LEU IE 56 24.94 -99.90 52.21
N LEU IE 57 25.84 -99.61 51.27
CA LEU IE 57 25.90 -100.40 50.06
C LEU IE 57 26.39 -101.81 50.34
N THR IE 58 27.43 -101.93 51.18
CA THR IE 58 27.96 -103.22 51.56
C THR IE 58 26.85 -104.11 52.08
N LYS IE 59 26.20 -103.66 53.15
CA LYS IE 59 25.09 -104.39 53.75
C LYS IE 59 23.99 -104.72 52.74
N LEU IE 60 24.03 -104.06 51.59
CA LEU IE 60 23.04 -104.36 50.56
C LEU IE 60 23.54 -105.58 49.82
N ALA IE 61 24.78 -105.51 49.36
CA ALA IE 61 25.40 -106.62 48.62
C ALA IE 61 25.42 -107.87 49.48
N LYS IE 62 25.41 -107.68 50.80
CA LYS IE 62 25.42 -108.79 51.75
C LYS IE 62 24.11 -109.57 51.63
N ASP IE 63 22.99 -108.85 51.67
CA ASP IE 63 21.68 -109.49 51.58
C ASP IE 63 21.25 -109.85 50.16
N ILE IE 64 21.83 -109.20 49.17
CA ILE IE 64 21.51 -109.48 47.78
C ILE IE 64 22.77 -109.30 46.95
N PRO IE 65 23.47 -110.41 46.66
CA PRO IE 65 24.72 -110.46 45.89
C PRO IE 65 24.66 -110.05 44.43
N GLU IE 66 23.54 -110.31 43.77
CA GLU IE 66 23.46 -109.95 42.37
C GLU IE 66 23.75 -108.47 42.21
N VAL IE 67 23.93 -107.80 43.35
CA VAL IE 67 24.25 -106.38 43.39
C VAL IE 67 25.73 -106.17 43.14
N ASN IE 68 26.56 -106.98 43.80
CA ASN IE 68 28.00 -106.90 43.65
C ASN IE 68 28.42 -106.73 42.20
N ASP IE 69 27.68 -107.33 41.27
CA ASP IE 69 28.00 -107.22 39.86
C ASP IE 69 27.63 -105.87 39.26
N LEU IE 70 26.63 -105.23 39.86
CA LEU IE 70 26.19 -103.92 39.39
C LEU IE 70 27.20 -102.86 39.76
N PHE IE 71 27.67 -102.94 41.00
CA PHE IE 71 28.65 -101.99 41.53
C PHE IE 71 30.07 -102.42 41.18
N LYS IE 72 30.18 -103.40 40.31
CA LYS IE 72 31.47 -103.90 39.88
C LYS IE 72 32.22 -102.76 39.22
N ARG IE 73 31.49 -102.02 38.38
CA ARG IE 73 32.02 -100.89 37.62
C ARG IE 73 32.75 -99.89 38.52
N VAL IE 74 32.33 -99.77 39.78
CA VAL IE 74 32.94 -98.83 40.70
C VAL IE 74 33.85 -99.50 41.71
N ASP IE 75 34.35 -100.67 41.35
CA ASP IE 75 35.26 -101.42 42.22
C ASP IE 75 34.72 -101.57 43.64
N ILE IE 76 33.50 -102.12 43.75
CA ILE IE 76 32.90 -102.32 45.06
C ILE IE 76 33.69 -103.38 45.79
N GLU IE 77 34.46 -104.12 45.02
CA GLU IE 77 35.27 -105.17 45.59
C GLU IE 77 36.20 -104.57 46.64
N HIS IE 78 36.65 -103.35 46.40
CA HIS IE 78 37.52 -102.65 47.34
C HIS IE 78 36.75 -101.56 48.02
N ALA IE 79 36.06 -101.92 49.09
CA ALA IE 79 35.26 -100.96 49.84
C ALA IE 79 35.97 -99.65 50.13
N GLU IE 80 37.22 -99.74 50.59
CA GLU IE 80 38.04 -98.57 50.94
C GLU IE 80 38.73 -97.97 49.72
N GLY IE 81 38.61 -98.65 48.58
CA GLY IE 81 39.23 -98.17 47.37
C GLY IE 81 38.62 -96.87 46.90
N PRO IE 82 39.44 -95.86 46.61
CA PRO IE 82 38.90 -94.58 46.16
C PRO IE 82 37.79 -94.74 45.14
N LYS IE 83 37.98 -95.62 44.16
CA LYS IE 83 36.96 -95.86 43.14
C LYS IE 83 35.58 -95.95 43.76
N PHE IE 84 35.46 -96.76 44.79
CA PHE IE 84 34.19 -96.95 45.47
C PHE IE 84 33.89 -95.82 46.43
N SER IE 85 34.89 -95.40 47.21
CA SER IE 85 34.68 -94.30 48.16
C SER IE 85 34.03 -93.12 47.47
N ALA IE 86 34.49 -92.80 46.27
CA ALA IE 86 33.92 -91.70 45.50
C ALA IE 86 32.45 -92.01 45.33
N HIS IE 87 32.16 -93.18 44.78
CA HIS IE 87 30.80 -93.62 44.56
C HIS IE 87 29.98 -93.45 45.84
N ALA IE 88 30.49 -94.02 46.92
CA ALA IE 88 29.81 -93.93 48.20
C ALA IE 88 29.29 -92.53 48.40
N LEU IE 89 30.12 -91.55 48.08
CA LEU IE 89 29.72 -90.16 48.21
C LEU IE 89 28.58 -89.85 47.24
N ARG IE 90 28.85 -89.93 45.95
CA ARG IE 90 27.84 -89.65 44.96
C ARG IE 90 26.45 -90.10 45.37
N ILE IE 91 26.31 -91.36 45.76
CA ILE IE 91 25.01 -91.88 46.16
C ILE IE 91 24.51 -91.22 47.43
N LEU IE 92 25.26 -91.43 48.50
CA LEU IE 92 24.92 -90.85 49.79
C LEU IE 92 24.61 -89.35 49.61
N ASN IE 93 25.39 -88.67 48.76
CA ASN IE 93 25.22 -87.25 48.50
C ASN IE 93 23.94 -86.99 47.71
N GLY IE 94 23.53 -87.97 46.92
CA GLY IE 94 22.32 -87.82 46.15
C GLY IE 94 21.16 -87.86 47.12
N LEU IE 95 21.24 -88.78 48.09
CA LEU IE 95 20.19 -88.90 49.09
C LEU IE 95 20.09 -87.54 49.75
N ASP IE 96 21.23 -86.88 49.97
CA ASP IE 96 21.23 -85.55 50.60
C ASP IE 96 20.35 -84.65 49.74
N LEU IE 97 20.72 -84.50 48.48
CA LEU IE 97 19.97 -83.69 47.54
C LEU IE 97 18.48 -83.96 47.71
N ALA IE 98 18.09 -85.21 47.67
CA ALA IE 98 16.69 -85.58 47.81
C ALA IE 98 16.11 -84.95 49.06
N ILE IE 99 16.72 -85.25 50.19
CA ILE IE 99 16.26 -84.71 51.46
C ILE IE 99 16.20 -83.19 51.46
N ASN IE 100 17.28 -82.53 51.03
CA ASN IE 100 17.31 -81.07 50.99
C ASN IE 100 16.34 -80.39 50.02
N LEU IE 101 15.66 -81.16 49.18
CA LEU IE 101 14.72 -80.57 48.26
C LEU IE 101 13.33 -80.98 48.66
N LEU IE 102 13.21 -81.62 49.81
CA LEU IE 102 11.91 -82.06 50.28
C LEU IE 102 10.93 -80.90 50.42
N ASP IE 103 11.45 -79.70 50.62
CA ASP IE 103 10.57 -78.55 50.75
C ASP IE 103 10.48 -77.76 49.46
N ASP IE 104 10.04 -78.43 48.39
CA ASP IE 104 9.88 -77.85 47.05
C ASP IE 104 9.56 -79.02 46.13
N PRO IE 105 8.40 -79.64 46.33
CA PRO IE 105 7.96 -80.78 45.55
C PRO IE 105 8.31 -80.80 44.06
N PRO IE 106 8.00 -79.72 43.32
CA PRO IE 106 8.31 -79.71 41.89
C PRO IE 106 9.79 -79.94 41.60
N ALA IE 107 10.65 -79.27 42.37
CA ALA IE 107 12.09 -79.40 42.21
C ALA IE 107 12.49 -80.81 42.59
N LEU IE 108 12.13 -81.20 43.80
CA LEU IE 108 12.45 -82.54 44.27
C LEU IE 108 12.03 -83.54 43.24
N ASP IE 109 10.81 -83.38 42.75
CA ASP IE 109 10.28 -84.28 41.74
C ASP IE 109 11.30 -84.37 40.62
N ALA IE 110 11.54 -83.26 39.94
CA ALA IE 110 12.50 -83.23 38.85
C ALA IE 110 13.81 -83.88 39.24
N ALA IE 111 14.36 -83.46 40.38
CA ALA IE 111 15.62 -83.98 40.88
C ALA IE 111 15.64 -85.50 40.95
N LEU IE 112 14.53 -86.08 41.40
CA LEU IE 112 14.42 -87.52 41.52
C LEU IE 112 14.20 -88.19 40.18
N ASP IE 113 13.33 -87.61 39.35
CA ASP IE 113 13.05 -88.19 38.04
C ASP IE 113 14.39 -88.40 37.36
N HIS IE 114 15.23 -87.39 37.46
CA HIS IE 114 16.56 -87.45 36.87
C HIS IE 114 17.28 -88.68 37.42
N LEU IE 115 17.18 -88.90 38.72
CA LEU IE 115 17.84 -90.06 39.31
C LEU IE 115 17.26 -91.36 38.78
N ALA IE 116 15.99 -91.32 38.40
CA ALA IE 116 15.35 -92.50 37.86
C ALA IE 116 16.08 -92.88 36.59
N HIS IE 117 16.18 -91.92 35.67
CA HIS IE 117 16.84 -92.13 34.40
C HIS IE 117 18.28 -92.63 34.58
N GLN IE 118 18.98 -92.13 35.59
CA GLN IE 118 20.35 -92.55 35.80
C GLN IE 118 20.43 -93.99 36.26
N HIS IE 119 19.30 -94.54 36.66
CA HIS IE 119 19.25 -95.92 37.11
C HIS IE 119 18.58 -96.80 36.08
N GLU IE 120 17.75 -96.20 35.24
CA GLU IE 120 17.05 -96.93 34.20
C GLU IE 120 18.02 -97.61 33.24
N VAL IE 121 19.01 -96.85 32.78
CA VAL IE 121 19.99 -97.36 31.83
C VAL IE 121 21.05 -98.26 32.46
N ARG IE 122 20.86 -98.60 33.73
CA ARG IE 122 21.80 -99.48 34.40
C ARG IE 122 21.08 -100.81 34.59
N GLU IE 123 21.12 -101.67 33.58
CA GLU IE 123 20.43 -102.95 33.67
C GLU IE 123 20.97 -103.82 34.80
N GLY IE 124 20.07 -104.58 35.42
CA GLY IE 124 20.45 -105.44 36.52
C GLY IE 124 19.80 -104.92 37.79
N VAL IE 125 19.59 -103.61 37.83
CA VAL IE 125 18.99 -102.94 38.96
C VAL IE 125 17.49 -103.11 38.91
N GLN IE 126 16.94 -103.87 39.86
CA GLN IE 126 15.50 -104.09 39.91
C GLN IE 126 14.89 -103.50 41.17
N LYS IE 127 13.58 -103.27 41.14
CA LYS IE 127 12.88 -102.69 42.27
C LYS IE 127 13.19 -103.32 43.62
N ALA IE 128 13.06 -104.64 43.71
CA ALA IE 128 13.33 -105.35 44.96
C ALA IE 128 14.60 -104.87 45.66
N HIS IE 129 15.54 -104.33 44.87
CA HIS IE 129 16.79 -103.82 45.40
C HIS IE 129 16.52 -102.64 46.30
N PHE IE 130 15.76 -101.68 45.78
CA PHE IE 130 15.45 -100.50 46.55
C PHE IE 130 14.65 -100.85 47.79
N LYS IE 131 13.63 -101.67 47.63
CA LYS IE 131 12.84 -102.05 48.80
C LYS IE 131 13.79 -102.47 49.91
N LYS IE 132 14.78 -103.29 49.57
CA LYS IE 132 15.73 -103.77 50.55
C LYS IE 132 16.59 -102.62 51.08
N PHE IE 133 17.17 -101.86 50.17
CA PHE IE 133 18.01 -100.74 50.58
C PHE IE 133 17.26 -99.86 51.53
N GLY IE 134 15.95 -99.75 51.32
CA GLY IE 134 15.13 -98.93 52.20
C GLY IE 134 15.13 -99.49 53.60
N GLU IE 135 14.84 -100.77 53.71
CA GLU IE 135 14.81 -101.43 55.00
C GLU IE 135 16.15 -101.27 55.69
N ILE IE 136 17.23 -101.36 54.93
CA ILE IE 136 18.58 -101.24 55.48
C ILE IE 136 18.83 -99.83 56.00
N LEU IE 137 18.46 -98.86 55.18
CA LEU IE 137 18.64 -97.46 55.50
C LEU IE 137 17.87 -97.11 56.76
N ALA IE 138 16.70 -97.71 56.90
CA ALA IE 138 15.85 -97.45 58.04
C ALA IE 138 16.40 -98.06 59.31
N THR IE 139 17.22 -99.09 59.17
CA THR IE 139 17.79 -99.74 60.34
C THR IE 139 19.12 -99.10 60.67
N GLY IE 140 19.69 -98.43 59.69
CA GLY IE 140 20.97 -97.79 59.89
C GLY IE 140 20.92 -96.41 60.49
N LEU IE 141 20.12 -95.52 59.90
CA LEU IE 141 20.00 -94.15 60.38
C LEU IE 141 19.94 -94.05 61.91
N PRO IE 142 18.96 -94.72 62.53
CA PRO IE 142 18.81 -94.67 63.98
C PRO IE 142 20.03 -95.12 64.76
N GLN IE 143 21.06 -95.57 64.07
CA GLN IE 143 22.26 -96.02 64.73
C GLN IE 143 23.28 -94.91 64.83
N VAL IE 144 23.14 -93.90 63.97
CA VAL IE 144 24.05 -92.77 63.97
C VAL IE 144 23.36 -91.50 64.48
N LEU IE 145 22.03 -91.49 64.44
CA LEU IE 145 21.29 -90.34 64.91
C LEU IE 145 20.60 -90.68 66.23
N ASP IE 146 20.91 -89.94 67.28
CA ASP IE 146 20.28 -90.21 68.56
C ASP IE 146 18.81 -89.85 68.51
N ASP IE 147 18.47 -88.81 67.75
CA ASP IE 147 17.07 -88.39 67.62
C ASP IE 147 16.58 -88.83 66.26
N TYR IE 148 15.76 -89.86 66.23
CA TYR IE 148 15.21 -90.40 64.99
C TYR IE 148 13.72 -90.63 65.12
N ASP IE 149 12.96 -90.20 64.12
CA ASP IE 149 11.51 -90.38 64.14
C ASP IE 149 11.14 -91.34 63.03
N ALA IE 150 11.22 -92.63 63.33
CA ALA IE 150 10.93 -93.68 62.35
C ALA IE 150 9.75 -93.38 61.45
N LEU IE 151 8.64 -92.98 62.04
CA LEU IE 151 7.45 -92.69 61.27
C LEU IE 151 7.68 -91.65 60.19
N ALA IE 152 8.22 -90.50 60.56
CA ALA IE 152 8.47 -89.45 59.60
C ALA IE 152 9.39 -89.93 58.50
N TRP IE 153 10.54 -90.48 58.89
CA TRP IE 153 11.50 -90.96 57.91
C TRP IE 153 10.94 -91.98 56.93
N LYS IE 154 10.37 -93.05 57.46
CA LYS IE 154 9.82 -94.09 56.58
C LYS IE 154 8.92 -93.45 55.56
N SER IE 155 8.06 -92.53 56.00
CA SER IE 155 7.15 -91.84 55.12
C SER IE 155 7.88 -91.18 53.96
N CYS IE 156 8.91 -90.40 54.27
CA CYS IE 156 9.68 -89.70 53.26
C CYS IE 156 10.59 -90.59 52.43
N LEU IE 157 11.36 -91.45 53.09
CA LEU IE 157 12.24 -92.32 52.35
C LEU IE 157 11.46 -93.11 51.31
N LYS IE 158 10.25 -93.53 51.66
CA LYS IE 158 9.42 -94.29 50.74
C LYS IE 158 9.21 -93.47 49.48
N GLY IE 159 8.63 -92.29 49.64
CA GLY IE 159 8.38 -91.43 48.50
C GLY IE 159 9.60 -91.27 47.61
N ILE IE 160 10.77 -91.11 48.23
CA ILE IE 160 12.00 -90.93 47.49
C ILE IE 160 12.41 -92.17 46.74
N LEU IE 161 12.67 -93.24 47.49
CA LEU IE 161 13.09 -94.49 46.88
C LEU IE 161 12.18 -94.91 45.74
N THR IE 162 10.87 -94.78 45.94
CA THR IE 162 9.92 -95.15 44.91
C THR IE 162 10.14 -94.35 43.62
N LYS IE 163 10.04 -93.04 43.72
CA LYS IE 163 10.20 -92.16 42.57
C LYS IE 163 11.52 -92.40 41.84
N ILE IE 164 12.54 -92.86 42.57
CA ILE IE 164 13.85 -93.10 41.95
C ILE IE 164 13.87 -94.35 41.12
N SER IE 165 13.15 -95.36 41.57
CA SER IE 165 13.13 -96.64 40.87
C SER IE 165 11.96 -96.81 39.94
N SER IE 166 11.15 -95.75 39.88
CA SER IE 166 9.88 -95.66 39.22
C SER IE 166 10.10 -96.00 37.81
N ARG IE 167 11.20 -95.45 37.28
CA ARG IE 167 11.63 -95.71 35.93
C ARG IE 167 12.25 -97.04 35.92
N LEU IE 168 11.68 -97.86 35.03
CA LEU IE 168 12.02 -99.20 34.75
C LEU IE 168 12.20 -99.22 33.22
N GLU JE 19 36.50 -106.32 69.67
CA GLU JE 19 36.75 -104.88 69.82
C GLU JE 19 35.47 -104.13 70.01
N CYS JE 20 35.51 -102.88 69.53
CA CYS JE 20 34.40 -102.00 69.50
C CYS JE 20 33.98 -101.94 68.09
N LEU JE 21 32.92 -101.15 67.87
CA LEU JE 21 32.43 -100.94 66.56
C LEU JE 21 32.76 -99.52 66.28
N VAL JE 22 32.81 -99.15 64.99
CA VAL JE 22 33.11 -97.81 64.54
C VAL JE 22 32.01 -96.90 64.95
N THR JE 23 30.76 -97.37 64.85
CA THR JE 23 29.68 -96.53 65.32
C THR JE 23 29.72 -96.38 66.83
N GLU JE 24 29.84 -97.51 67.53
CA GLU JE 24 29.89 -97.50 68.98
C GLU JE 24 30.93 -96.51 69.50
N SER JE 25 31.83 -96.06 68.63
CA SER JE 25 32.85 -95.10 69.02
C SER JE 25 32.30 -93.72 68.78
N LEU JE 26 32.03 -93.42 67.53
CA LEU JE 26 31.49 -92.13 67.12
C LEU JE 26 30.43 -91.68 68.11
N LYS JE 27 29.62 -92.64 68.56
CA LYS JE 27 28.57 -92.36 69.52
C LYS JE 27 29.17 -91.80 70.80
N VAL JE 28 30.20 -92.44 71.29
CA VAL JE 28 30.86 -91.99 72.49
C VAL JE 28 31.59 -90.68 72.22
N LYS JE 29 32.35 -90.63 71.13
CA LYS JE 29 33.10 -89.44 70.77
C LYS JE 29 32.17 -88.25 70.78
N LEU JE 30 30.96 -88.46 70.26
CA LEU JE 30 29.94 -87.43 70.19
C LEU JE 30 29.37 -87.07 71.55
N GLN JE 31 28.85 -88.07 72.27
CA GLN JE 31 28.28 -87.82 73.58
C GLN JE 31 29.29 -87.23 74.54
N TRP JE 32 30.55 -87.65 74.45
CA TRP JE 32 31.58 -87.12 75.33
C TRP JE 32 31.58 -85.62 75.17
N ALA JE 33 31.47 -85.16 73.93
CA ALA JE 33 31.45 -83.74 73.64
C ALA JE 33 30.43 -83.00 74.48
N SER JE 34 29.16 -83.35 74.31
CA SER JE 34 28.07 -82.70 75.05
C SER JE 34 28.25 -82.78 76.56
N ALA JE 35 28.58 -83.96 77.04
CA ALA JE 35 28.74 -84.17 78.48
C ALA JE 35 29.90 -83.41 79.12
N PHE JE 36 31.11 -83.68 78.63
CA PHE JE 36 32.30 -83.03 79.15
C PHE JE 36 32.12 -81.54 79.13
N GLY JE 37 31.97 -80.98 77.93
CA GLY JE 37 31.75 -79.55 77.80
C GLY JE 37 33.00 -78.73 77.55
N HIS JE 38 32.95 -77.47 77.97
CA HIS JE 38 34.06 -76.55 77.79
C HIS JE 38 34.30 -75.67 79.03
N ALA JE 39 35.55 -75.24 79.18
CA ALA JE 39 35.96 -74.38 80.29
C ALA JE 39 35.48 -74.87 81.63
N HIS JE 40 34.96 -73.95 82.43
CA HIS JE 40 34.47 -74.27 83.77
C HIS JE 40 33.56 -75.49 83.80
N GLU JE 41 32.64 -75.58 82.85
CA GLU JE 41 31.71 -76.72 82.76
C GLU JE 41 32.42 -78.07 83.03
N ARG JE 42 33.69 -78.12 82.67
CA ARG JE 42 34.51 -79.30 82.84
C ARG JE 42 34.93 -79.48 84.27
N VAL JE 43 35.60 -78.48 84.83
CA VAL JE 43 36.06 -78.55 86.21
C VAL JE 43 34.92 -79.08 87.06
N ALA JE 44 33.72 -78.58 86.79
CA ALA JE 44 32.52 -78.98 87.50
C ALA JE 44 32.32 -80.46 87.35
N PHE JE 45 32.47 -80.94 86.12
CA PHE JE 45 32.31 -82.35 85.83
C PHE JE 45 33.37 -83.13 86.61
N GLY JE 46 34.63 -82.83 86.36
CA GLY JE 46 35.70 -83.51 87.07
C GLY JE 46 35.41 -83.59 88.56
N LEU JE 47 35.18 -82.44 89.18
CA LEU JE 47 34.89 -82.39 90.61
C LEU JE 47 33.77 -83.35 90.98
N GLU JE 48 32.59 -83.16 90.40
CA GLU JE 48 31.46 -84.02 90.70
C GLU JE 48 31.88 -85.48 90.62
N LEU JE 49 32.65 -85.84 89.59
CA LEU JE 49 33.11 -87.22 89.41
C LEU JE 49 33.94 -87.73 90.56
N TRP JE 50 35.09 -87.12 90.78
CA TRP JE 50 35.97 -87.53 91.85
C TRP JE 50 35.32 -87.54 93.22
N ARG JE 51 34.41 -86.61 93.47
CA ARG JE 51 33.75 -86.60 94.77
C ARG JE 51 33.03 -87.91 94.96
N ASP JE 52 32.15 -88.23 94.03
CA ASP JE 52 31.38 -89.47 94.10
C ASP JE 52 32.31 -90.68 94.25
N ILE JE 53 33.45 -90.66 93.57
CA ILE JE 53 34.39 -91.76 93.64
C ILE JE 53 35.02 -91.90 95.01
N ILE JE 54 35.56 -90.81 95.53
CA ILE JE 54 36.21 -90.84 96.82
C ILE JE 54 35.25 -91.14 97.98
N ASP JE 55 33.99 -90.73 97.88
CA ASP JE 55 33.05 -91.00 98.96
C ASP JE 55 32.73 -92.48 99.01
N ASP JE 56 32.75 -93.11 97.85
CA ASP JE 56 32.46 -94.53 97.74
C ASP JE 56 33.64 -95.38 98.22
N HIS JE 57 34.85 -94.96 97.86
CA HIS JE 57 36.06 -95.70 98.24
C HIS JE 57 37.17 -94.76 98.72
N PRO JE 58 37.07 -94.29 99.97
CA PRO JE 58 38.07 -93.38 100.55
C PRO JE 58 39.50 -93.90 100.53
N GLU JE 59 39.67 -95.15 100.13
CA GLU JE 59 41.00 -95.74 100.07
C GLU JE 59 41.83 -95.00 99.05
N ILE JE 60 41.16 -94.36 98.10
CA ILE JE 60 41.84 -93.65 97.03
C ILE JE 60 42.52 -92.36 97.45
N LYS JE 61 42.03 -91.71 98.50
CA LYS JE 61 42.65 -90.47 98.95
C LYS JE 61 44.14 -90.67 99.20
N ALA JE 62 44.58 -91.93 99.25
CA ALA JE 62 45.96 -92.27 99.52
C ALA JE 62 46.95 -91.85 98.44
N PRO JE 63 46.90 -92.47 97.26
CA PRO JE 63 47.84 -92.11 96.19
C PRO JE 63 47.71 -90.67 95.70
N PHE JE 64 46.54 -90.07 95.94
CA PHE JE 64 46.28 -88.71 95.53
C PHE JE 64 46.83 -87.74 96.57
N SER JE 65 47.75 -88.22 97.40
CA SER JE 65 48.36 -87.41 98.44
C SER JE 65 49.18 -86.28 97.86
N ARG JE 66 49.81 -86.53 96.71
CA ARG JE 66 50.66 -85.54 96.05
C ARG JE 66 49.84 -84.37 95.57
N VAL JE 67 48.63 -84.65 95.10
CA VAL JE 67 47.73 -83.64 94.59
C VAL JE 67 46.57 -83.37 95.55
N ARG JE 68 46.89 -83.04 96.80
CA ARG JE 68 45.89 -82.75 97.83
C ARG JE 68 44.56 -83.43 97.55
N GLY JE 69 44.55 -84.75 97.71
CA GLY JE 69 43.34 -85.50 97.48
C GLY JE 69 42.37 -85.39 98.63
N ASP JE 70 42.83 -84.88 99.77
CA ASP JE 70 41.96 -84.73 100.93
C ASP JE 70 40.92 -83.64 100.65
N ASN JE 71 41.35 -82.58 99.98
CA ASN JE 71 40.49 -81.46 99.64
C ASN JE 71 40.37 -81.40 98.12
N ILE JE 72 39.36 -82.09 97.58
CA ILE JE 72 39.16 -82.11 96.14
C ILE JE 72 38.80 -80.77 95.54
N TYR JE 73 38.35 -79.83 96.38
CA TYR JE 73 37.97 -78.51 95.90
C TYR JE 73 39.18 -77.58 95.73
N SER JE 74 40.32 -78.02 96.25
CA SER JE 74 41.56 -77.26 96.17
C SER JE 74 42.03 -77.13 94.75
N PRO JE 75 42.83 -76.09 94.46
CA PRO JE 75 43.33 -75.89 93.11
C PRO JE 75 44.32 -77.00 92.75
N GLU JE 76 45.12 -77.39 93.72
CA GLU JE 76 46.08 -78.45 93.49
C GLU JE 76 45.38 -79.67 92.89
N PHE JE 77 44.33 -80.13 93.56
CA PHE JE 77 43.58 -81.29 93.09
C PHE JE 77 42.83 -80.93 91.83
N GLY JE 78 42.22 -79.76 91.83
CA GLY JE 78 41.48 -79.32 90.67
C GLY JE 78 42.31 -79.48 89.43
N ALA JE 79 43.56 -79.05 89.51
CA ALA JE 79 44.47 -79.15 88.38
C ALA JE 79 44.48 -80.60 87.97
N HIS JE 80 44.90 -81.45 88.89
CA HIS JE 80 44.95 -82.89 88.65
C HIS JE 80 43.71 -83.36 87.93
N SER JE 81 42.57 -83.18 88.60
CA SER JE 81 41.26 -83.54 88.06
C SER JE 81 41.19 -83.30 86.58
N GLN JE 82 41.53 -82.08 86.18
CA GLN JE 82 41.50 -81.69 84.79
C GLN JE 82 42.47 -82.53 83.94
N ARG JE 83 43.71 -82.60 84.38
CA ARG JE 83 44.72 -83.35 83.66
C ARG JE 83 44.19 -84.72 83.31
N VAL JE 84 43.55 -85.33 84.30
CA VAL JE 84 42.97 -86.65 84.13
C VAL JE 84 41.96 -86.64 83.00
N LEU JE 85 40.86 -85.94 83.23
CA LEU JE 85 39.81 -85.86 82.23
C LEU JE 85 40.42 -85.63 80.86
N SER JE 86 41.38 -84.73 80.79
CA SER JE 86 42.00 -84.44 79.50
C SER JE 86 42.52 -85.71 78.85
N GLY JE 87 43.29 -86.48 79.59
CA GLY JE 87 43.82 -87.72 79.05
C GLY JE 87 42.70 -88.60 78.54
N LEU JE 88 41.63 -88.68 79.34
CA LEU JE 88 40.47 -89.46 78.98
C LEU JE 88 39.95 -88.93 77.64
N ASP JE 89 39.98 -87.61 77.47
CA ASP JE 89 39.53 -87.01 76.23
C ASP JE 89 40.37 -87.58 75.09
N ILE JE 90 41.68 -87.53 75.25
CA ILE JE 90 42.60 -88.04 74.23
C ILE JE 90 42.23 -89.44 73.84
N THR JE 91 42.32 -90.36 74.81
CA THR JE 91 42.00 -91.75 74.56
C THR JE 91 40.71 -91.83 73.75
N ILE JE 92 39.64 -91.23 74.25
CA ILE JE 92 38.36 -91.26 73.54
C ILE JE 92 38.48 -90.74 72.11
N SER JE 93 39.25 -89.65 71.92
CA SER JE 93 39.44 -89.05 70.63
C SER JE 93 40.35 -89.90 69.79
N MET JE 94 41.15 -90.76 70.42
CA MET JE 94 42.10 -91.58 69.71
C MET JE 94 41.34 -92.64 69.00
N LEU JE 95 40.20 -92.95 69.65
CA LEU JE 95 39.67 -94.24 69.91
C LEU JE 95 39.24 -94.88 68.65
N ASP JE 96 38.63 -94.03 67.80
CA ASP JE 96 37.95 -94.41 66.62
C ASP JE 96 38.90 -95.01 65.64
N THR JE 97 40.08 -94.39 65.56
CA THR JE 97 41.03 -94.73 64.59
C THR JE 97 42.09 -95.48 65.32
N PRO JE 98 42.17 -96.71 64.92
CA PRO JE 98 42.94 -97.76 65.59
C PRO JE 98 44.42 -97.51 65.77
N ASP JE 99 45.09 -97.05 64.72
CA ASP JE 99 46.52 -96.80 64.80
C ASP JE 99 46.91 -95.84 65.90
N MET JE 100 46.07 -94.83 66.13
CA MET JE 100 46.34 -93.84 67.17
C MET JE 100 46.00 -94.38 68.54
N LEU JE 101 44.89 -95.10 68.63
CA LEU JE 101 44.47 -95.68 69.89
C LEU JE 101 45.51 -96.67 70.39
N ALA JE 102 45.82 -97.66 69.55
CA ALA JE 102 46.80 -98.68 69.90
C ALA JE 102 48.06 -98.04 70.46
N ALA JE 103 48.46 -96.94 69.84
CA ALA JE 103 49.64 -96.19 70.26
C ALA JE 103 49.42 -95.49 71.58
N GLN JE 104 48.33 -94.71 71.64
CA GLN JE 104 47.97 -93.97 72.83
C GLN JE 104 47.83 -94.90 74.01
N LEU JE 105 47.11 -96.00 73.81
CA LEU JE 105 46.94 -96.96 74.88
C LEU JE 105 48.28 -97.46 75.39
N ALA JE 106 49.12 -97.90 74.46
CA ALA JE 106 50.44 -98.39 74.83
C ALA JE 106 51.18 -97.33 75.66
N HIS JE 107 51.05 -96.07 75.26
CA HIS JE 107 51.70 -94.97 75.95
C HIS JE 107 51.18 -94.85 77.38
N LEU JE 108 49.87 -95.05 77.57
CA LEU JE 108 49.29 -94.97 78.90
C LEU JE 108 49.73 -96.12 79.79
N LYS JE 109 49.81 -97.31 79.21
CA LYS JE 109 50.22 -98.50 79.95
C LYS JE 109 51.55 -98.27 80.66
N VAL JE 110 52.47 -97.63 79.96
CA VAL JE 110 53.77 -97.34 80.51
C VAL JE 110 53.70 -96.44 81.73
N GLN JE 111 52.97 -95.34 81.62
CA GLN JE 111 52.85 -94.39 82.72
C GLN JE 111 52.24 -95.04 83.96
N HIS JE 112 51.73 -96.25 83.81
CA HIS JE 112 51.11 -96.97 84.91
C HIS JE 112 51.90 -98.16 85.43
N VAL JE 113 52.26 -99.07 84.54
CA VAL JE 113 52.99 -100.27 84.91
C VAL JE 113 54.06 -100.04 85.98
N GLU JE 114 54.76 -98.89 85.84
CA GLU JE 114 55.94 -98.61 86.59
C GLU JE 114 55.53 -98.63 88.01
N ARG JE 115 54.31 -98.12 88.27
CA ARG JE 115 53.79 -97.73 89.55
C ARG JE 115 52.70 -98.69 89.92
N ASN JE 116 52.43 -98.77 91.24
CA ASN JE 116 51.37 -99.53 91.79
C ASN JE 116 50.11 -98.75 91.70
N LEU JE 117 49.07 -99.51 91.34
CA LEU JE 117 47.72 -99.09 91.33
C LEU JE 117 47.00 -100.35 91.42
N LYS JE 118 45.80 -100.30 92.00
CA LYS JE 118 44.93 -101.40 91.97
C LYS JE 118 44.12 -101.32 90.74
N PRO JE 119 44.01 -102.53 90.37
CA PRO JE 119 43.23 -103.01 89.28
C PRO JE 119 41.82 -102.59 89.45
N GLU JE 120 41.27 -102.85 90.64
CA GLU JE 120 39.85 -102.64 90.84
C GLU JE 120 39.49 -101.15 90.89
N PHE JE 121 40.46 -100.30 91.20
CA PHE JE 121 40.24 -98.86 91.27
C PHE JE 121 39.65 -98.36 89.98
N PHE JE 122 40.22 -98.81 88.86
CA PHE JE 122 39.76 -98.42 87.55
C PHE JE 122 38.34 -98.91 87.30
N ASP JE 123 38.05 -100.13 87.73
CA ASP JE 123 36.70 -100.67 87.56
C ASP JE 123 35.73 -99.74 88.29
N ILE JE 124 36.23 -99.09 89.33
CA ILE JE 124 35.44 -98.16 90.15
C ILE JE 124 35.28 -96.87 89.36
N PHE JE 125 36.42 -96.31 88.96
CA PHE JE 125 36.44 -95.09 88.17
C PHE JE 125 35.40 -95.19 87.07
N LEU JE 126 35.44 -96.28 86.30
CA LEU JE 126 34.50 -96.50 85.22
C LEU JE 126 33.08 -96.47 85.70
N LYS JE 127 32.82 -97.20 86.77
CA LYS JE 127 31.47 -97.25 87.32
C LYS JE 127 30.90 -95.82 87.43
N HIS JE 128 31.65 -94.94 88.07
CA HIS JE 128 31.19 -93.57 88.26
C HIS JE 128 31.15 -92.75 86.99
N LEU JE 129 32.23 -92.79 86.21
CA LEU JE 129 32.25 -92.03 84.97
C LEU JE 129 30.97 -92.26 84.20
N LEU JE 130 30.44 -93.48 84.25
CA LEU JE 130 29.21 -93.80 83.55
C LEU JE 130 28.04 -93.24 84.31
N HIS JE 131 28.09 -93.37 85.62
CA HIS JE 131 27.03 -92.86 86.48
C HIS JE 131 26.85 -91.37 86.19
N VAL JE 132 27.96 -90.63 86.21
CA VAL JE 132 27.93 -89.19 85.94
C VAL JE 132 27.45 -88.86 84.54
N LEU JE 133 28.05 -89.45 83.51
CA LEU JE 133 27.61 -89.19 82.14
C LEU JE 133 26.11 -89.50 82.07
N GLY JE 134 25.69 -90.48 82.85
CA GLY JE 134 24.27 -90.83 82.87
C GLY JE 134 23.44 -89.61 83.20
N ASP JE 135 23.81 -88.90 84.25
CA ASP JE 135 23.10 -87.69 84.68
C ASP JE 135 23.18 -86.65 83.58
N ARG JE 136 24.40 -86.31 83.19
CA ARG JE 136 24.62 -85.31 82.16
C ARG JE 136 23.86 -85.54 80.87
N LEU JE 137 23.97 -86.75 80.32
CA LEU JE 137 23.32 -87.04 79.06
C LEU JE 137 21.84 -87.43 79.13
N GLY JE 138 21.44 -88.00 80.26
CA GLY JE 138 20.04 -88.37 80.41
C GLY JE 138 19.75 -89.77 79.92
N THR JE 139 18.59 -89.95 79.31
CA THR JE 139 18.18 -91.25 78.83
C THR JE 139 18.80 -91.59 77.49
N HIS JE 140 19.29 -90.58 76.79
CA HIS JE 140 19.90 -90.80 75.48
C HIS JE 140 21.24 -91.52 75.64
N PHE JE 141 21.85 -91.35 76.79
CA PHE JE 141 23.13 -91.94 77.10
C PHE JE 141 23.24 -93.36 76.62
N ASP JE 142 24.12 -93.62 75.67
CA ASP JE 142 24.26 -94.99 75.16
C ASP JE 142 25.21 -95.81 76.03
N PHE JE 143 24.69 -96.26 77.15
CA PHE JE 143 25.43 -97.06 78.11
C PHE JE 143 26.21 -98.14 77.38
N GLY JE 144 25.52 -98.95 76.59
CA GLY JE 144 26.17 -100.01 75.85
C GLY JE 144 27.45 -99.55 75.22
N ALA JE 145 27.33 -98.58 74.32
CA ALA JE 145 28.48 -98.04 73.61
C ALA JE 145 29.61 -97.61 74.54
N TRP JE 146 29.28 -96.89 75.60
CA TRP JE 146 30.33 -96.46 76.52
C TRP JE 146 31.00 -97.64 77.22
N HIS JE 147 30.22 -98.47 77.88
CA HIS JE 147 30.77 -99.61 78.59
C HIS JE 147 31.73 -100.38 77.69
N ASP JE 148 31.24 -100.80 76.53
CA ASP JE 148 32.07 -101.53 75.59
C ASP JE 148 33.32 -100.73 75.21
N CYS JE 149 33.15 -99.43 75.05
CA CYS JE 149 34.25 -98.57 74.64
C CYS JE 149 35.23 -98.00 75.67
N VAL JE 150 34.72 -97.44 76.75
CA VAL JE 150 35.61 -96.91 77.77
C VAL JE 150 36.36 -98.06 78.43
N ASP JE 151 35.69 -99.21 78.53
CA ASP JE 151 36.29 -100.39 79.14
C ASP JE 151 37.63 -100.63 78.47
N GLN JE 152 37.59 -100.82 77.15
CA GLN JE 152 38.81 -101.05 76.37
C GLN JE 152 39.93 -100.06 76.74
N ILE JE 153 39.57 -98.83 77.10
CA ILE JE 153 40.55 -97.82 77.44
C ILE JE 153 41.14 -98.09 78.82
N ILE JE 154 40.32 -98.62 79.72
CA ILE JE 154 40.78 -98.90 81.07
C ILE JE 154 41.74 -100.08 81.07
N ASP JE 155 41.33 -101.20 80.48
CA ASP JE 155 42.19 -102.38 80.47
C ASP JE 155 43.59 -102.06 79.96
N GLY JE 156 43.67 -101.25 78.88
CA GLY JE 156 44.94 -101.10 78.24
C GLY JE 156 45.88 -100.41 79.18
N ILE JE 157 45.40 -99.33 79.80
CA ILE JE 157 46.23 -98.52 80.64
C ILE JE 157 46.59 -99.41 81.75
N LYS JE 158 45.54 -100.10 82.23
CA LYS JE 158 45.50 -100.89 83.44
C LYS JE 158 46.80 -101.69 83.60
N ARG KE 24 -20.10 -2.88 20.26
CA ARG KE 24 -19.97 -1.75 21.19
C ARG KE 24 -19.22 -2.05 22.40
N PHE KE 25 -18.90 -0.96 23.08
CA PHE KE 25 -18.19 -0.96 24.29
C PHE KE 25 -19.00 -1.60 25.37
N GLN KE 26 -20.31 -1.31 25.43
CA GLN KE 26 -20.99 -1.66 26.63
C GLN KE 26 -20.99 -3.16 26.80
N TYR KE 27 -21.09 -3.83 25.63
CA TYR KE 27 -21.46 -5.10 25.07
C TYR KE 27 -20.76 -6.32 25.64
N LEU KE 28 -19.50 -6.40 25.20
CA LEU KE 28 -18.68 -7.56 25.23
C LEU KE 28 -18.30 -7.66 26.63
N VAL KE 29 -18.40 -6.49 27.26
CA VAL KE 29 -18.20 -6.43 28.70
C VAL KE 29 -19.26 -7.19 29.47
N LYS KE 30 -20.51 -7.04 29.07
CA LYS KE 30 -21.64 -7.71 29.72
C LYS KE 30 -21.38 -9.20 29.90
N ASN KE 31 -20.55 -9.78 29.04
CA ASN KE 31 -20.25 -11.20 29.13
C ASN KE 31 -18.93 -11.46 29.84
N GLN KE 32 -17.98 -10.54 29.71
CA GLN KE 32 -16.69 -10.70 30.37
C GLN KE 32 -16.94 -10.84 31.88
N ASN KE 33 -17.78 -9.95 32.41
CA ASN KE 33 -18.12 -10.01 33.83
C ASN KE 33 -18.79 -11.34 34.14
N LEU KE 34 -19.33 -11.97 33.10
CA LEU KE 34 -19.99 -13.25 33.27
C LEU KE 34 -18.95 -14.35 33.33
N HIS KE 35 -17.98 -14.29 32.42
CA HIS KE 35 -16.93 -15.29 32.41
C HIS KE 35 -16.29 -15.28 33.79
N ILE KE 36 -16.30 -14.12 34.44
CA ILE KE 36 -15.73 -14.00 35.77
C ILE KE 36 -16.71 -14.50 36.82
N ASP KE 37 -17.95 -14.02 36.76
CA ASP KE 37 -18.96 -14.46 37.71
C ASP KE 37 -18.95 -15.98 37.65
N TYR KE 38 -18.42 -16.51 36.53
CA TYR KE 38 -18.31 -17.96 36.31
C TYR KE 38 -17.21 -18.51 37.20
N LEU KE 39 -15.98 -18.11 36.90
CA LEU KE 39 -14.84 -18.55 37.68
C LEU KE 39 -15.13 -18.53 39.18
N ALA KE 40 -15.73 -17.45 39.64
CA ALA KE 40 -16.07 -17.31 41.06
C ALA KE 40 -16.83 -18.55 41.57
N LYS KE 41 -17.74 -19.08 40.74
CA LYS KE 41 -18.52 -20.25 41.11
C LYS KE 41 -17.71 -21.55 41.03
N LYS KE 42 -16.98 -21.74 39.92
CA LYS KE 42 -16.17 -22.94 39.74
C LYS KE 42 -15.14 -23.04 40.86
N LEU KE 43 -14.88 -21.90 41.49
CA LEU KE 43 -13.92 -21.84 42.59
C LEU KE 43 -14.61 -22.08 43.93
N HIS KE 44 -15.79 -21.47 44.11
CA HIS KE 44 -16.53 -21.64 45.34
C HIS KE 44 -16.87 -23.12 45.47
N ASP KE 45 -17.21 -23.74 44.34
CA ASP KE 45 -17.55 -25.16 44.34
C ASP KE 45 -16.28 -25.99 44.63
N ILE KE 46 -15.16 -25.30 44.81
CA ILE KE 46 -13.88 -25.92 45.14
C ILE KE 46 -13.55 -25.66 46.58
N GLU KE 47 -13.53 -24.39 46.94
CA GLU KE 47 -13.26 -23.99 48.31
C GLU KE 47 -14.27 -24.72 49.20
N GLU KE 48 -15.40 -25.09 48.62
CA GLU KE 48 -16.45 -25.80 49.36
C GLU KE 48 -16.01 -27.24 49.54
N GLU KE 49 -15.69 -27.90 48.43
CA GLU KE 49 -15.24 -29.29 48.46
C GLU KE 49 -13.95 -29.40 49.29
N TYR KE 50 -13.38 -28.26 49.63
CA TYR KE 50 -12.16 -28.23 50.42
C TYR KE 50 -12.52 -28.43 51.89
N ASN KE 51 -13.37 -27.56 52.41
CA ASN KE 51 -13.80 -27.62 53.81
C ASN KE 51 -14.33 -28.99 54.19
N LYS KE 52 -14.93 -29.71 53.21
CA LYS KE 52 -15.50 -30.99 53.47
C LYS KE 52 -14.39 -31.82 54.03
N LEU KE 53 -13.17 -31.72 53.43
CA LEU KE 53 -11.99 -32.46 53.82
C LEU KE 53 -11.25 -31.72 54.86
N THR KE 54 -10.96 -32.46 55.94
CA THR KE 54 -10.65 -31.96 57.23
C THR KE 54 -9.39 -31.19 57.19
N HIS KE 55 -9.12 -30.63 58.35
CA HIS KE 55 -8.19 -29.58 58.48
C HIS KE 55 -7.01 -30.26 58.99
N ASP KE 56 -5.85 -29.71 58.68
CA ASP KE 56 -4.76 -30.55 58.95
C ASP KE 56 -4.59 -30.52 60.47
N VAL KE 57 -4.21 -31.67 61.07
CA VAL KE 57 -4.22 -31.83 62.50
C VAL KE 57 -3.18 -30.93 63.07
N ASP KE 58 -3.49 -30.43 64.28
CA ASP KE 58 -2.80 -29.34 64.89
C ASP KE 58 -1.51 -29.81 65.49
N LYS KE 59 0.84 -29.80 63.15
CA LYS KE 59 2.13 -30.18 63.71
C LYS KE 59 2.00 -30.45 65.20
N LYS KE 60 1.07 -29.77 65.85
CA LYS KE 60 0.84 -29.94 67.28
C LYS KE 60 0.44 -31.39 67.64
N THR KE 61 0.05 -32.16 66.62
CA THR KE 61 -0.36 -33.55 66.80
C THR KE 61 0.85 -34.45 66.72
N ILE KE 62 1.57 -34.35 65.63
CA ILE KE 62 2.79 -35.12 65.46
C ILE KE 62 3.62 -34.95 66.72
N ARG KE 63 3.76 -33.70 67.16
CA ARG KE 63 4.55 -33.38 68.34
C ARG KE 63 4.14 -34.27 69.51
N GLN KE 64 2.84 -34.40 69.71
CA GLN KE 64 2.32 -35.21 70.81
C GLN KE 64 2.65 -36.68 70.66
N LEU KE 65 2.76 -37.14 69.42
CA LEU KE 65 3.10 -38.54 69.14
C LEU KE 65 4.56 -38.74 69.47
N LYS KE 66 5.44 -37.99 68.81
CA LYS KE 66 6.87 -38.06 69.07
C LYS KE 66 7.07 -38.05 70.59
N ALA KE 67 6.19 -37.35 71.33
CA ALA KE 67 6.29 -37.29 72.77
C ALA KE 67 5.88 -38.61 73.36
N ARG KE 68 4.59 -38.93 73.26
CA ARG KE 68 4.04 -40.18 73.79
C ARG KE 68 5.01 -41.33 73.53
N ILE KE 69 5.52 -41.38 72.31
CA ILE KE 69 6.45 -42.41 71.91
C ILE KE 69 7.73 -42.28 72.68
N SER KE 70 8.39 -41.14 72.54
CA SER KE 70 9.65 -40.89 73.23
C SER KE 70 9.57 -41.23 74.72
N ASN KE 71 8.39 -41.11 75.36
CA ASN KE 71 8.48 -41.28 76.79
C ASN KE 71 8.79 -42.69 77.08
N LEU KE 72 8.33 -43.62 76.23
CA LEU KE 72 8.41 -44.97 76.69
C LEU KE 72 9.88 -45.30 76.82
N GLU KE 73 12.61 -49.09 75.92
CA GLU KE 73 14.03 -49.10 75.66
C GLU KE 73 14.74 -48.69 76.90
N GLU KE 74 16.01 -49.13 77.02
CA GLU KE 74 16.82 -48.92 78.19
C GLU KE 74 17.54 -47.63 78.05
N HIS KE 75 18.12 -47.19 79.18
CA HIS KE 75 19.19 -46.26 79.13
C HIS KE 75 20.37 -46.97 79.69
N HIS KE 76 21.55 -46.50 79.27
CA HIS KE 76 22.76 -47.17 79.56
C HIS KE 76 22.90 -47.17 81.06
N CYS KE 77 22.59 -46.05 81.72
CA CYS KE 77 23.08 -45.87 83.05
C CYS KE 77 22.44 -46.80 84.02
N ASP KE 78 23.34 -47.36 84.85
CA ASP KE 78 23.12 -47.97 86.11
C ASP KE 78 22.70 -46.83 87.01
N GLU KE 79 22.22 -47.15 88.22
CA GLU KE 79 21.30 -46.31 88.92
C GLU KE 79 21.96 -45.06 89.42
N HIS KE 80 21.16 -43.99 89.53
CA HIS KE 80 21.58 -42.67 89.97
C HIS KE 80 22.80 -42.27 89.23
N GLU KE 81 22.65 -42.26 87.89
CA GLU KE 81 23.25 -41.50 86.81
C GLU KE 81 22.17 -41.23 85.77
N SER KE 82 22.26 -40.09 85.10
CA SER KE 82 21.31 -39.73 84.05
C SER KE 82 22.09 -39.16 82.90
N GLU KE 83 21.58 -39.31 81.68
CA GLU KE 83 22.32 -38.82 80.53
C GLU KE 83 22.17 -37.35 80.20
N CYS KE 84 23.21 -36.71 79.60
CA CYS KE 84 23.01 -35.33 79.26
C CYS KE 84 22.09 -35.28 78.08
N ARG KE 85 21.22 -34.25 78.10
CA ARG KE 85 20.01 -34.12 77.32
C ARG KE 85 20.38 -34.24 75.88
N GLY KE 86 21.52 -33.65 75.49
CA GLY KE 86 21.75 -33.38 74.11
C GLY KE 86 22.25 -34.59 73.43
N ASP KE 87 22.96 -34.33 72.31
CA ASP KE 87 23.35 -35.20 71.23
C ASP KE 87 24.21 -36.28 71.79
N VAL KE 88 25.07 -35.90 72.73
CA VAL KE 88 25.88 -36.90 73.32
C VAL KE 88 25.04 -37.60 74.34
N PRO KE 89 25.25 -38.89 74.36
CA PRO KE 89 24.63 -39.81 75.26
C PRO KE 89 25.01 -39.52 76.69
N GLU KE 90 26.22 -39.01 76.87
CA GLU KE 90 27.11 -39.28 77.96
C GLU KE 90 26.42 -39.23 79.28
N CYS KE 91 26.88 -40.08 80.19
CA CYS KE 91 26.24 -40.27 81.50
C CYS KE 91 27.00 -39.61 82.64
N ILE KE 92 26.35 -38.75 83.42
CA ILE KE 92 27.04 -38.15 84.58
C ILE KE 92 26.23 -38.45 85.82
N HIS KE 93 26.87 -38.43 86.98
CA HIS KE 93 26.16 -38.75 88.21
C HIS KE 93 25.07 -37.75 88.55
N ASP KE 94 23.93 -38.25 89.13
CA ASP KE 94 22.72 -37.52 89.25
C ASP KE 94 22.96 -36.29 90.05
N LEU KE 95 23.90 -36.36 91.02
CA LEU KE 95 24.02 -35.48 92.16
C LEU KE 95 24.40 -34.10 91.78
N LEU KE 96 25.30 -34.00 90.78
CA LEU KE 96 26.20 -32.91 90.53
C LEU KE 96 25.42 -31.72 90.14
N PHE KE 97 24.18 -31.96 89.71
CA PHE KE 97 23.27 -30.88 89.50
C PHE KE 97 22.92 -30.32 90.85
N CYS KE 98 22.98 -28.99 91.00
CA CYS KE 98 23.56 -28.14 90.01
C CYS KE 98 24.91 -27.79 90.58
N ASP KE 99 25.87 -27.39 89.72
CA ASP KE 99 26.97 -26.59 90.15
C ASP KE 99 26.40 -25.24 90.43
N GLY KE 100 25.31 -24.93 89.70
CA GLY KE 100 24.87 -23.60 89.43
C GLY KE 100 25.26 -23.40 88.00
N GLU KE 101 26.41 -24.02 87.66
CA GLU KE 101 27.09 -23.93 86.39
C GLU KE 101 26.85 -25.21 85.66
N LYS KE 102 27.21 -25.24 84.36
CA LYS KE 102 26.91 -26.43 83.64
C LYS KE 102 27.87 -27.48 84.09
N ASP KE 103 27.29 -28.50 84.76
CA ASP KE 103 28.10 -29.61 85.13
C ASP KE 103 28.58 -30.14 83.83
N CYS KE 104 27.68 -30.15 82.83
CA CYS KE 104 27.95 -30.85 81.63
C CYS KE 104 28.84 -30.06 80.72
N ARG KE 105 29.55 -30.79 79.84
CA ARG KE 105 30.34 -30.19 78.80
C ARG KE 105 29.43 -29.54 77.82
N ASP KE 106 28.38 -30.31 77.47
CA ASP KE 106 27.34 -30.14 76.46
C ASP KE 106 26.55 -28.95 76.82
N GLY KE 107 26.27 -28.81 78.13
CA GLY KE 107 25.46 -27.72 78.56
C GLY KE 107 24.09 -28.03 78.07
N SER KE 108 23.70 -29.31 78.14
CA SER KE 108 22.44 -29.66 77.58
C SER KE 108 21.43 -29.05 78.48
N ASP KE 109 21.87 -28.85 79.72
CA ASP KE 109 21.06 -28.54 80.86
C ASP KE 109 20.33 -27.28 80.58
N GLU KE 110 21.08 -26.31 80.02
CA GLU KE 110 20.78 -24.90 80.00
C GLU KE 110 19.55 -24.72 79.17
N ASP KE 111 19.32 -25.72 78.31
CA ASP KE 111 18.17 -25.87 77.46
C ASP KE 111 16.98 -26.00 78.35
N PRO KE 112 15.93 -25.42 77.87
CA PRO KE 112 14.63 -25.31 78.53
C PRO KE 112 13.97 -26.62 78.99
N GLU KE 113 14.04 -27.66 78.17
CA GLU KE 113 13.42 -28.95 78.53
C GLU KE 113 13.94 -29.47 79.87
N THR KE 114 14.98 -28.86 80.39
CA THR KE 114 15.58 -29.28 81.64
C THR KE 114 15.25 -28.33 82.77
N CYS KE 115 15.36 -27.04 82.48
CA CYS KE 115 15.08 -26.00 83.45
C CYS KE 115 13.63 -25.57 83.50
N SER KE 116 12.77 -26.33 82.80
CA SER KE 116 11.43 -25.95 82.47
C SER KE 116 10.70 -25.61 83.70
N LEU KE 117 9.73 -24.73 83.49
CA LEU KE 117 8.73 -24.27 84.38
C LEU KE 117 7.72 -25.31 84.71
N ASN KE 118 7.15 -25.95 83.66
CA ASN KE 118 6.00 -26.81 83.83
C ASN KE 118 6.45 -27.96 84.67
N ILE KE 119 7.66 -28.47 84.36
CA ILE KE 119 8.13 -29.69 84.93
C ILE KE 119 8.13 -29.49 86.42
N THR KE 120 8.78 -28.40 86.88
CA THR KE 120 9.05 -28.06 88.24
C THR KE 120 7.75 -27.76 88.89
N HIS KE 121 6.79 -27.30 88.04
CA HIS KE 121 5.67 -26.51 88.42
C HIS KE 121 4.93 -27.26 89.48
N VAL KE 122 4.45 -26.48 90.44
CA VAL KE 122 3.86 -27.00 91.60
C VAL KE 122 2.41 -27.15 91.33
N GLY KE 123 1.78 -28.14 92.02
CA GLY KE 123 0.35 -28.18 92.12
C GLY KE 123 -0.16 -28.95 90.95
N SER KE 124 0.76 -29.74 90.36
CA SER KE 124 0.45 -30.88 89.54
C SER KE 124 -0.03 -31.95 90.47
N SER KE 125 -1.16 -32.62 90.09
CA SER KE 125 -1.93 -33.67 90.68
C SER KE 125 -2.05 -34.90 89.79
N TYR KE 126 -1.78 -36.07 90.36
CA TYR KE 126 -1.86 -37.31 89.63
C TYR KE 126 -2.85 -38.23 90.33
N THR KE 127 -3.72 -38.87 89.54
CA THR KE 127 -4.70 -39.81 90.11
C THR KE 127 -4.89 -41.06 89.28
N GLY KE 128 -5.38 -42.08 89.95
CA GLY KE 128 -5.64 -43.34 89.28
C GLY KE 128 -6.55 -44.13 90.18
N LEU KE 129 -6.77 -45.41 89.87
CA LEU KE 129 -7.63 -46.21 90.73
C LEU KE 129 -6.77 -47.12 91.57
N ALA KE 130 -6.73 -46.79 92.86
CA ALA KE 130 -5.94 -47.56 93.80
C ALA KE 130 -6.63 -48.85 94.15
N THR KE 131 -5.93 -49.96 93.98
CA THR KE 131 -6.44 -51.29 94.28
C THR KE 131 -5.49 -51.81 95.35
N TRP KE 132 -5.97 -51.85 96.60
CA TRP KE 132 -5.14 -52.26 97.72
C TRP KE 132 -4.89 -53.75 97.83
N THR KE 133 -3.60 -54.11 97.84
CA THR KE 133 -3.33 -55.49 98.03
C THR KE 133 -3.79 -55.61 99.42
N SER KE 134 -3.23 -54.71 100.23
CA SER KE 134 -3.38 -54.77 101.65
C SER KE 134 -4.73 -54.35 102.18
N CYS KE 135 -4.89 -53.02 102.33
CA CYS KE 135 -5.87 -52.55 103.27
C CYS KE 135 -7.25 -52.82 102.78
N GLU KE 136 -7.53 -52.50 101.49
CA GLU KE 136 -8.84 -52.06 101.17
C GLU KE 136 -9.72 -53.24 100.90
N ASP KE 137 -10.57 -53.52 101.91
CA ASP KE 137 -11.53 -54.55 101.84
C ASP KE 137 -12.33 -54.16 100.67
N LEU KE 138 -12.64 -52.86 100.61
CA LEU KE 138 -13.57 -52.48 99.60
C LEU KE 138 -12.90 -52.33 98.30
N ASN KE 139 -13.77 -51.98 97.34
CA ASN KE 139 -13.62 -51.93 95.92
C ASN KE 139 -12.80 -50.74 95.60
N PRO KE 140 -11.81 -51.01 94.80
CA PRO KE 140 -10.65 -50.19 94.66
C PRO KE 140 -11.08 -48.85 94.34
N ASP KE 141 -10.42 -47.93 95.02
CA ASP KE 141 -10.93 -46.57 95.20
C ASP KE 141 -9.98 -45.61 94.51
N HIS KE 142 -10.39 -44.35 94.41
CA HIS KE 142 -9.58 -43.36 93.75
C HIS KE 142 -8.49 -42.76 94.62
N ALA KE 143 -7.27 -42.80 94.10
CA ALA KE 143 -6.12 -42.24 94.80
C ALA KE 143 -5.68 -40.95 94.10
N ILE KE 144 -5.29 -39.96 94.88
CA ILE KE 144 -4.87 -38.68 94.32
C ILE KE 144 -3.70 -38.05 95.03
N VAL KE 145 -2.54 -38.10 94.40
CA VAL KE 145 -1.36 -37.51 94.99
C VAL KE 145 -1.16 -36.22 94.27
N THR KE 146 -1.29 -35.12 95.00
CA THR KE 146 -1.15 -33.78 94.43
C THR KE 146 -0.10 -32.92 95.17
N ILE KE 147 0.74 -32.18 94.41
CA ILE KE 147 1.83 -31.37 94.95
C ILE KE 147 1.38 -30.04 95.55
N THR KE 148 1.72 -29.82 96.83
CA THR KE 148 1.28 -28.59 97.54
C THR KE 148 2.26 -27.45 97.60
N ALA KE 149 3.54 -27.74 97.44
CA ALA KE 149 4.54 -26.69 97.45
C ALA KE 149 5.86 -27.35 97.14
N ALA KE 150 6.77 -26.62 96.49
CA ALA KE 150 8.05 -27.22 96.15
C ALA KE 150 9.12 -26.21 95.78
N HIS KE 151 10.29 -26.36 96.44
CA HIS KE 151 11.23 -25.28 96.55
C HIS KE 151 11.89 -24.99 95.24
N ARG KE 152 11.79 -23.71 94.88
CA ARG KE 152 12.66 -23.26 93.87
C ARG KE 152 13.53 -22.26 94.50
N LYS KE 153 14.65 -22.04 93.82
CA LYS KE 153 15.13 -20.73 93.84
C LYS KE 153 14.98 -20.26 92.46
N SER KE 154 15.91 -19.38 92.16
CA SER KE 154 15.92 -18.72 90.90
C SER KE 154 16.35 -19.66 89.82
N PHE KE 155 17.58 -20.19 89.99
CA PHE KE 155 18.34 -20.52 88.82
C PHE KE 155 17.94 -21.79 88.26
N PHE KE 156 17.26 -22.53 89.12
CA PHE KE 156 17.67 -23.80 89.59
C PHE KE 156 17.21 -24.72 88.51
N PRO KE 157 18.04 -25.43 87.80
CA PRO KE 157 17.53 -26.12 86.67
C PRO KE 157 16.59 -27.19 87.15
N ASN KE 158 16.69 -27.59 88.44
CA ASN KE 158 16.67 -28.99 88.85
C ASN KE 158 15.40 -29.36 89.53
N ARG KE 159 15.53 -30.39 90.41
CA ARG KE 159 14.43 -31.05 91.05
C ARG KE 159 14.18 -30.43 92.35
N VAL KE 160 12.87 -30.34 92.57
CA VAL KE 160 12.23 -29.73 93.66
C VAL KE 160 12.21 -30.77 94.69
N TRP KE 161 12.03 -30.25 95.90
CA TRP KE 161 12.07 -30.91 97.14
C TRP KE 161 10.87 -30.26 97.65
N LEU KE 162 9.90 -31.07 97.97
CA LEU KE 162 8.51 -30.66 97.86
C LEU KE 162 7.59 -31.23 98.90
N ARG KE 163 6.35 -30.76 98.86
CA ARG KE 163 5.32 -31.21 99.76
C ARG KE 163 4.05 -31.42 98.95
N ALA KE 164 3.32 -32.46 99.31
CA ALA KE 164 2.10 -32.83 98.62
C ALA KE 164 1.09 -33.45 99.58
N THR KE 165 -0.01 -33.93 99.01
CA THR KE 165 -1.09 -34.55 99.76
C THR KE 165 -1.53 -35.83 99.06
N LEU KE 166 -1.78 -36.88 99.82
CA LEU KE 166 -2.28 -38.13 99.24
C LEU KE 166 -3.70 -38.32 99.75
N SER KE 167 -4.67 -38.38 98.85
CA SER KE 167 -6.06 -38.56 99.25
C SER KE 167 -6.66 -39.77 98.56
N TYR KE 168 -7.37 -40.60 99.30
CA TYR KE 168 -8.03 -41.76 98.69
C TYR KE 168 -9.38 -41.95 99.35
N GLU KE 169 -10.41 -42.19 98.55
CA GLU KE 169 -11.78 -42.36 99.02
C GLU KE 169 -11.91 -43.51 100.02
N LEU KE 170 -12.72 -43.27 101.06
CA LEU KE 170 -13.12 -44.35 101.93
C LEU KE 170 -14.07 -45.20 101.18
N ASP KE 171 -15.22 -44.59 100.91
CA ASP KE 171 -16.10 -45.23 100.03
C ASP KE 171 -16.72 -44.24 99.16
N GLU KE 172 -17.43 -44.85 98.20
CA GLU KE 172 -18.54 -44.35 97.46
C GLU KE 172 -19.63 -44.09 98.42
N HIS KE 173 -19.86 -45.05 99.32
CA HIS KE 173 -21.01 -44.90 100.15
C HIS KE 173 -20.79 -43.70 101.01
N ASP KE 174 -19.70 -43.81 101.79
CA ASP KE 174 -19.48 -43.05 102.97
C ASP KE 174 -19.54 -41.63 102.51
N HIS KE 175 -18.96 -41.44 101.31
CA HIS KE 175 -18.55 -40.20 100.70
C HIS KE 175 -17.50 -39.58 101.59
N THR KE 176 -16.59 -40.40 102.12
CA THR KE 176 -15.57 -39.77 102.88
C THR KE 176 -14.26 -40.00 102.27
N VAL KE 177 -13.19 -39.37 102.87
CA VAL KE 177 -11.92 -39.53 102.19
C VAL KE 177 -10.71 -39.13 103.07
N SER KE 178 -9.69 -39.97 103.07
CA SER KE 178 -8.50 -39.75 103.85
C SER KE 178 -7.55 -38.82 103.15
N THR KE 179 -6.98 -37.87 103.90
CA THR KE 179 -6.05 -36.93 103.33
C THR KE 179 -4.84 -36.74 104.23
N THR KE 180 -3.74 -37.40 103.87
CA THR KE 180 -2.51 -37.31 104.64
C THR KE 180 -1.57 -36.31 103.96
N GLN KE 181 -0.87 -35.50 104.74
CA GLN KE 181 0.09 -34.55 104.17
C GLN KE 181 1.44 -35.24 104.00
N LEU KE 182 2.17 -34.90 102.95
CA LEU KE 182 3.44 -35.56 102.71
C LEU KE 182 4.59 -34.59 102.50
N ARG KE 183 5.81 -35.12 102.60
CA ARG KE 183 7.03 -34.37 102.38
C ARG KE 183 7.89 -35.27 101.49
N GLY KE 184 8.88 -34.70 100.81
CA GLY KE 184 9.71 -35.52 99.96
C GLY KE 184 10.35 -34.74 98.83
N PHE KE 185 10.86 -35.46 97.83
CA PHE KE 185 11.49 -34.81 96.70
C PHE KE 185 11.18 -35.53 95.42
N TYR KE 186 11.78 -35.07 94.33
CA TYR KE 186 11.59 -35.70 93.05
C TYR KE 186 12.96 -35.95 92.48
N ASN KE 187 13.24 -37.21 92.13
CA ASN KE 187 14.51 -37.60 91.59
C ASN KE 187 14.53 -37.53 90.07
N PHE KE 188 15.42 -36.66 89.58
CA PHE KE 188 15.59 -36.33 88.20
C PHE KE 188 15.96 -37.53 87.46
N GLY KE 189 16.96 -38.21 88.02
CA GLY KE 189 17.56 -39.37 87.46
C GLY KE 189 16.59 -40.49 87.48
N LYS KE 190 15.86 -40.61 88.60
CA LYS KE 190 14.98 -41.71 88.85
C LYS KE 190 13.71 -41.59 88.07
N ARG KE 191 13.33 -40.33 87.76
CA ARG KE 191 12.08 -39.88 87.23
C ARG KE 191 11.04 -40.14 88.27
N GLU KE 192 11.45 -40.37 89.47
CA GLU KE 192 10.53 -40.87 90.49
C GLU KE 192 10.19 -39.87 91.59
N LEU KE 193 8.91 -39.84 91.91
CA LEU KE 193 8.41 -38.96 92.93
C LEU KE 193 8.37 -39.79 94.22
N LEU KE 194 9.03 -39.33 95.27
CA LEU KE 194 9.05 -40.08 96.54
C LEU KE 194 8.53 -39.27 97.71
N LEU KE 195 7.32 -39.56 98.17
CA LEU KE 195 6.73 -38.81 99.26
C LEU KE 195 6.41 -39.68 100.47
N ALA KE 196 6.52 -39.09 101.65
CA ALA KE 196 6.23 -39.79 102.91
C ALA KE 196 5.43 -38.87 103.80
N PRO KE 197 4.77 -39.41 104.82
CA PRO KE 197 3.97 -38.58 105.74
C PRO KE 197 4.86 -37.66 106.54
N LEU KE 198 4.31 -36.40 106.71
CA LEU KE 198 5.15 -35.30 107.05
C LEU KE 198 5.69 -35.63 108.37
N LYS KE 199 4.76 -36.08 109.25
CA LYS KE 199 5.18 -36.45 110.54
C LYS KE 199 4.00 -36.45 111.42
N GLY KE 200 4.17 -37.16 112.56
CA GLY KE 200 3.76 -36.69 113.85
C GLY KE 200 2.47 -37.33 114.08
N GLN KE 201 2.02 -37.96 112.97
CA GLN KE 201 0.95 -38.90 112.81
C GLN KE 201 1.35 -40.23 113.44
N SER KE 202 2.62 -40.61 113.16
CA SER KE 202 3.45 -41.76 113.38
C SER KE 202 3.01 -42.90 112.54
N GLU KE 203 1.70 -42.98 112.27
CA GLU KE 203 1.44 -43.77 111.13
C GLU KE 203 1.00 -42.77 110.14
N GLY KE 204 1.78 -42.65 109.06
CA GLY KE 204 1.30 -41.86 107.99
C GLY KE 204 1.62 -42.74 106.85
N TYR KE 205 1.10 -42.44 105.66
CA TYR KE 205 1.40 -43.29 104.57
C TYR KE 205 2.03 -42.44 103.54
N GLY KE 206 2.81 -43.11 102.66
CA GLY KE 206 3.62 -42.49 101.66
C GLY KE 206 3.39 -43.19 100.36
N VAL KE 207 4.10 -42.70 99.33
CA VAL KE 207 3.74 -42.99 97.94
C VAL KE 207 4.94 -42.82 97.04
N ILE KE 208 5.08 -43.73 96.08
CA ILE KE 208 6.17 -43.69 95.13
C ILE KE 208 5.55 -43.67 93.74
N CYS KE 209 5.93 -42.70 92.90
CA CYS KE 209 5.38 -42.64 91.56
C CYS KE 209 6.49 -42.58 90.56
N ASP KE 210 6.51 -43.51 89.61
CA ASP KE 210 7.54 -43.50 88.58
C ASP KE 210 6.93 -42.88 87.34
N PHE KE 211 7.72 -41.98 86.81
CA PHE KE 211 7.52 -41.28 85.62
C PHE KE 211 7.39 -42.30 84.50
N ASN KE 212 8.37 -43.24 84.39
CA ASN KE 212 9.03 -43.34 83.12
C ASN KE 212 8.27 -44.21 82.19
N LEU KE 213 7.15 -43.65 81.71
CA LEU KE 213 6.75 -43.81 80.37
C LEU KE 213 7.75 -43.05 79.58
N GLY KE 214 8.25 -41.93 80.15
CA GLY KE 214 8.82 -40.87 79.37
C GLY KE 214 7.75 -39.82 79.33
N ASP KE 215 6.52 -40.20 79.67
CA ASP KE 215 5.57 -39.15 79.59
C ASP KE 215 5.68 -38.36 80.85
N ASP KE 216 5.04 -37.17 80.79
CA ASP KE 216 4.76 -36.27 81.88
C ASP KE 216 3.74 -36.83 82.79
N ASP KE 217 2.60 -37.02 82.11
CA ASP KE 217 1.29 -37.02 82.65
C ASP KE 217 1.21 -38.26 83.42
N HIS KE 218 1.84 -39.28 82.85
CA HIS KE 218 1.44 -40.62 83.28
C HIS KE 218 2.49 -41.18 84.22
N ALA KE 219 2.05 -41.90 85.25
CA ALA KE 219 2.96 -42.48 86.21
C ALA KE 219 2.44 -43.78 86.82
N ASP KE 220 3.36 -44.57 87.34
CA ASP KE 220 3.05 -45.86 87.95
C ASP KE 220 3.20 -45.71 89.45
N CYS KE 221 2.18 -45.14 90.09
CA CYS KE 221 2.25 -44.93 91.52
C CYS KE 221 1.90 -46.12 92.40
N LYS KE 222 2.49 -46.18 93.59
CA LYS KE 222 2.21 -47.23 94.55
C LYS KE 222 2.24 -46.68 95.96
N ILE KE 223 1.12 -46.81 96.66
CA ILE KE 223 1.00 -46.33 98.03
C ILE KE 223 1.78 -47.29 98.92
N VAL KE 224 2.80 -46.76 99.58
CA VAL KE 224 3.65 -47.58 100.44
C VAL KE 224 3.53 -47.26 101.90
N VAL KE 225 4.23 -48.04 102.70
CA VAL KE 225 4.26 -47.80 104.11
C VAL KE 225 5.61 -47.13 104.28
N PRO KE 226 5.63 -45.93 104.87
CA PRO KE 226 6.78 -45.06 104.99
C PRO KE 226 7.92 -45.66 105.73
N SER KE 227 7.63 -46.63 106.61
CA SER KE 227 8.63 -47.51 107.08
C SER KE 227 9.27 -48.09 105.88
N SER KE 228 8.90 -49.36 105.67
CA SER KE 228 9.80 -50.26 105.03
C SER KE 228 9.85 -49.96 103.57
N LEU KE 229 8.96 -49.04 103.14
CA LEU KE 229 8.63 -48.68 101.77
C LEU KE 229 7.94 -49.81 101.04
N PHE KE 230 7.18 -50.66 101.77
CA PHE KE 230 6.48 -51.84 101.36
C PHE KE 230 5.15 -51.41 100.75
N VAL KE 231 4.87 -51.93 99.55
CA VAL KE 231 3.65 -51.64 98.78
C VAL KE 231 2.29 -51.98 99.40
N CYS KE 232 1.62 -50.99 99.96
CA CYS KE 232 0.32 -51.23 100.56
C CYS KE 232 -0.75 -51.38 99.50
N ALA KE 233 -0.57 -50.68 98.39
CA ALA KE 233 -1.53 -50.70 97.29
C ALA KE 233 -0.88 -50.09 96.05
N HIS KE 234 -1.43 -50.38 94.88
CA HIS KE 234 -0.90 -49.88 93.62
C HIS KE 234 -1.98 -49.21 92.76
N PHE KE 235 -1.62 -48.13 92.08
CA PHE KE 235 -2.56 -47.44 91.20
C PHE KE 235 -1.81 -46.72 90.07
N ASN KE 236 -2.19 -47.02 88.83
CA ASN KE 236 -1.56 -46.44 87.65
C ASN KE 236 -2.20 -45.09 87.49
N ALA KE 237 -1.42 -44.02 87.57
CA ALA KE 237 -1.99 -42.69 87.51
C ALA KE 237 -1.78 -41.84 86.26
N GLN KE 238 -2.68 -40.86 86.13
CA GLN KE 238 -2.67 -39.89 85.05
C GLN KE 238 -2.75 -38.54 85.72
N ARG KE 239 -2.42 -37.51 84.96
CA ARG KE 239 -2.39 -36.17 85.50
C ARG KE 239 -3.52 -35.29 85.13
N TYR KE 240 -4.08 -34.55 86.10
CA TYR KE 240 -5.22 -35.11 86.85
C TYR KE 240 -5.68 -36.18 85.95
N LEU LE 47 -9.78 1.31 26.01
CA LEU LE 47 -10.73 0.86 24.96
C LEU LE 47 -10.42 -0.54 24.57
N ASP LE 48 -10.12 -0.74 23.27
CA ASP LE 48 -9.86 -2.11 22.79
C ASP LE 48 -8.62 -2.82 23.33
N PRO LE 49 -7.52 -2.08 23.62
CA PRO LE 49 -6.31 -2.70 24.13
C PRO LE 49 -6.34 -3.13 25.61
N ARG LE 50 -6.59 -2.19 26.52
CA ARG LE 50 -6.62 -2.50 27.94
C ARG LE 50 -7.73 -3.51 28.30
N LEU LE 51 -8.75 -3.61 27.45
CA LEU LE 51 -9.85 -4.54 27.68
C LEU LE 51 -9.65 -5.87 26.95
N GLY LE 52 -9.08 -5.80 25.73
CA GLY LE 52 -8.85 -7.00 24.96
C GLY LE 52 -7.62 -7.74 25.48
N ALA LE 53 -6.82 -7.07 26.29
CA ALA LE 53 -5.62 -7.66 26.89
C ALA LE 53 -5.95 -8.15 28.29
N ASN LE 54 -6.89 -7.48 28.95
CA ASN LE 54 -7.32 -7.87 30.28
C ASN LE 54 -7.89 -9.28 30.21
N ALA LE 55 -7.95 -9.81 28.99
CA ALA LE 55 -8.46 -11.15 28.75
C ALA LE 55 -7.30 -12.16 28.87
N PHE LE 56 -6.18 -11.87 28.22
CA PHE LE 56 -5.01 -12.75 28.28
C PHE LE 56 -4.67 -12.93 29.75
N LEU LE 57 -5.25 -12.07 30.59
CA LEU LE 57 -5.05 -12.09 32.03
C LEU LE 57 -6.04 -13.08 32.63
N ILE LE 58 -7.26 -13.07 32.10
CA ILE LE 58 -8.31 -13.98 32.59
C ILE LE 58 -8.10 -15.40 32.09
N ILE LE 59 -7.70 -15.53 30.84
CA ILE LE 59 -7.47 -16.84 30.28
C ILE LE 59 -6.50 -17.59 31.19
N ARG LE 60 -5.58 -16.84 31.80
CA ARG LE 60 -4.60 -17.42 32.70
C ARG LE 60 -5.35 -18.10 33.85
N LEU LE 61 -6.17 -17.33 34.56
CA LEU LE 61 -6.92 -17.87 35.67
C LEU LE 61 -7.69 -19.13 35.29
N ASP LE 62 -8.01 -19.27 34.01
CA ASP LE 62 -8.75 -20.43 33.54
C ASP LE 62 -7.88 -21.68 33.61
N ARG LE 63 -6.63 -21.59 33.16
CA ARG LE 63 -5.72 -22.71 33.22
C ARG LE 63 -5.38 -22.95 34.68
N ILE LE 64 -5.17 -21.87 35.42
CA ILE LE 64 -4.84 -21.94 36.84
C ILE LE 64 -5.90 -22.68 37.62
N ILE LE 65 -7.12 -22.16 37.57
CA ILE LE 65 -8.23 -22.75 38.27
C ILE LE 65 -8.32 -24.24 37.93
N GLU LE 66 -8.03 -24.59 36.68
CA GLU LE 66 -8.10 -26.00 36.24
C GLU LE 66 -7.01 -26.82 36.90
N LYS LE 67 -5.77 -26.38 36.77
CA LYS LE 67 -4.63 -27.08 37.36
C LYS LE 67 -4.89 -27.22 38.86
N LEU LE 68 -5.53 -26.19 39.41
CA LEU LE 68 -5.86 -26.17 40.83
C LEU LE 68 -6.81 -27.31 41.19
N ARG LE 69 -7.63 -27.74 40.23
CA ARG LE 69 -8.56 -28.85 40.45
C ARG LE 69 -7.75 -30.12 40.67
N THR LE 70 -6.71 -30.29 39.86
CA THR LE 70 -5.84 -31.46 39.95
C THR LE 70 -5.19 -31.53 41.34
N LYS LE 71 -4.78 -30.38 41.86
CA LYS LE 71 -4.16 -30.34 43.17
C LYS LE 71 -5.13 -30.73 44.27
N LEU LE 72 -6.37 -30.29 44.14
CA LEU LE 72 -7.37 -30.62 45.16
C LEU LE 72 -7.63 -32.12 45.11
N ASP LE 73 -7.26 -32.76 44.01
CA ASP LE 73 -7.45 -34.19 43.85
C ASP LE 73 -6.29 -34.92 44.52
N GLU LE 74 -5.09 -34.34 44.37
CA GLU LE 74 -3.89 -34.90 44.98
C GLU LE 74 -3.99 -34.75 46.49
N ALA LE 75 -4.57 -33.64 46.92
CA ALA LE 75 -4.72 -33.33 48.33
C ALA LE 75 -5.64 -34.28 49.10
N GLU LE 76 -6.66 -34.78 48.41
CA GLU LE 76 -7.61 -35.70 49.05
C GLU LE 76 -6.97 -37.07 49.34
N LYS LE 77 -5.89 -37.37 48.61
CA LYS LE 77 -5.17 -38.65 48.78
C LYS LE 77 -4.23 -38.63 49.98
N ILE LE 78 -3.68 -37.48 50.31
CA ILE LE 78 -2.91 -37.55 51.50
C ILE LE 78 -3.68 -36.82 52.55
N ASP LE 79 -4.44 -37.56 53.40
CA ASP LE 79 -4.93 -36.85 54.55
C ASP LE 79 -3.92 -37.05 55.57
N PRO LE 80 -3.39 -35.97 55.93
CA PRO LE 80 -2.69 -35.87 57.21
C PRO LE 80 -3.46 -36.46 58.39
N GLU LE 81 -4.63 -35.91 58.69
CA GLU LE 81 -5.43 -36.42 59.81
C GLU LE 81 -5.58 -37.93 59.74
N HIS LE 82 -5.36 -38.49 58.56
CA HIS LE 82 -5.45 -39.94 58.36
C HIS LE 82 -4.12 -40.57 58.70
N PHE LE 83 -3.06 -40.09 58.05
CA PHE LE 83 -1.73 -40.59 58.29
C PHE LE 83 -1.41 -40.59 59.78
N VAL LE 84 -1.62 -39.45 60.44
CA VAL LE 84 -1.35 -39.35 61.86
C VAL LE 84 -2.04 -40.50 62.59
N SER LE 85 -3.30 -40.75 62.23
CA SER LE 85 -4.05 -41.82 62.85
C SER LE 85 -3.36 -43.16 62.64
N GLU LE 86 -2.75 -43.35 61.48
CA GLU LE 86 -2.05 -44.59 61.20
C GLU LE 86 -0.90 -44.76 62.18
N ILE LE 87 -0.18 -43.68 62.43
CA ILE LE 87 0.91 -43.76 63.37
C ILE LE 87 0.38 -43.99 64.75
N ASP LE 88 -0.63 -43.25 65.17
CA ASP LE 88 -1.19 -43.47 66.51
C ASP LE 88 -1.44 -44.96 66.69
N ALA LE 89 -2.31 -45.51 65.86
CA ALA LE 89 -2.62 -46.92 65.96
C ALA LE 89 -1.36 -47.77 65.85
N ARG LE 90 -0.50 -47.42 64.92
CA ARG LE 90 0.75 -48.15 64.71
C ARG LE 90 1.54 -48.26 66.01
N VAL LE 91 1.60 -47.15 66.73
CA VAL LE 91 2.33 -47.07 67.96
C VAL LE 91 1.58 -47.68 69.10
N THR LE 92 0.29 -47.39 69.21
CA THR LE 92 -0.50 -47.95 70.29
C THR LE 92 -0.34 -49.47 70.26
N LYS LE 93 -0.14 -50.00 69.06
CA LYS LE 93 0.05 -51.44 68.85
C LYS LE 93 1.32 -51.91 69.55
N ILE LE 94 2.32 -51.04 69.62
CA ILE LE 94 3.57 -51.38 70.27
C ILE LE 94 3.45 -51.20 71.76
N GLU LE 95 2.85 -50.07 72.15
CA GLU LE 95 2.64 -49.75 73.55
C GLU LE 95 1.73 -50.83 74.12
N GLY LE 96 1.14 -55.00 76.34
CA GLY LE 96 0.48 -56.22 76.76
C GLY LE 96 -0.66 -55.87 77.68
N THR LE 97 -1.39 -56.89 78.14
CA THR LE 97 -2.42 -56.52 79.04
C THR LE 97 -1.93 -56.60 80.44
N HIS LE 98 -2.31 -55.56 81.21
CA HIS LE 98 -2.21 -55.58 82.63
C HIS LE 98 -3.21 -56.56 83.08
N CYS LE 99 -4.37 -56.55 82.38
CA CYS LE 99 -5.52 -57.25 82.88
C CYS LE 99 -5.36 -58.69 82.57
N GLU LE 100 -6.37 -59.44 83.05
CA GLU LE 100 -6.36 -60.84 82.87
C GLU LE 100 -7.20 -61.14 81.70
N LYS LE 101 -6.94 -62.31 81.10
CA LYS LE 101 -7.53 -62.45 79.82
C LYS LE 101 -8.98 -62.64 79.96
N ARG LE 102 -9.71 -62.15 78.93
CA ARG LE 102 -11.14 -62.18 78.89
C ARG LE 102 -11.61 -61.39 80.04
N THR LE 103 -10.92 -60.29 80.27
CA THR LE 103 -11.34 -59.18 81.11
C THR LE 103 -11.27 -57.88 80.33
N PHE LE 104 -12.11 -56.93 80.74
CA PHE LE 104 -12.20 -55.64 80.07
C PHE LE 104 -11.60 -54.49 80.85
N GLN LE 105 -10.66 -53.79 80.23
CA GLN LE 105 -9.98 -52.67 80.86
C GLN LE 105 -10.77 -51.40 80.71
N CYS LE 106 -11.05 -50.69 81.83
CA CYS LE 106 -11.84 -49.50 81.76
C CYS LE 106 -10.99 -48.39 81.26
N GLY LE 107 -11.60 -47.20 81.29
CA GLY LE 107 -11.05 -46.06 80.62
C GLY LE 107 -10.12 -45.36 81.56
N GLY LE 108 -9.86 -44.07 81.27
CA GLY LE 108 -8.76 -43.37 81.85
C GLY LE 108 -8.99 -43.20 83.32
N ASN LE 109 -10.25 -42.92 83.67
CA ASN LE 109 -10.60 -42.38 84.97
C ASN LE 109 -10.18 -43.29 86.07
N GLU LE 110 -10.72 -44.50 86.05
CA GLU LE 110 -10.20 -45.39 87.02
C GLU LE 110 -9.37 -46.29 86.19
N GLN LE 111 -9.14 -47.46 86.75
CA GLN LE 111 -8.38 -48.46 86.13
C GLN LE 111 -8.90 -49.68 86.80
N GLU LE 112 -9.76 -50.42 86.10
CA GLU LE 112 -10.35 -51.54 86.75
C GLU LE 112 -10.51 -52.57 85.70
N CYS LE 113 -10.51 -53.86 86.11
CA CYS LE 113 -10.91 -55.01 85.28
C CYS LE 113 -12.35 -55.53 85.42
N ILE LE 114 -12.99 -55.84 84.28
CA ILE LE 114 -14.36 -56.36 84.27
C ILE LE 114 -14.47 -57.60 83.42
N SER LE 115 -15.22 -58.60 83.89
CA SER LE 115 -15.37 -59.82 83.11
C SER LE 115 -16.16 -59.55 81.86
N ASP LE 116 -15.69 -60.14 80.71
CA ASP LE 116 -16.12 -59.73 79.41
C ASP LE 116 -17.60 -59.81 79.24
N LEU LE 117 -18.18 -60.98 79.55
CA LEU LE 117 -19.56 -61.17 79.21
C LEU LE 117 -20.35 -60.19 79.99
N LEU LE 118 -19.92 -60.01 81.25
CA LEU LE 118 -20.69 -59.18 82.11
C LEU LE 118 -20.63 -57.77 81.63
N VAL LE 119 -19.44 -57.32 81.16
CA VAL LE 119 -19.18 -55.95 80.80
C VAL LE 119 -19.93 -55.54 79.56
N CYS LE 120 -20.09 -56.46 78.58
CA CYS LE 120 -20.89 -56.14 77.43
C CYS LE 120 -22.24 -56.68 77.71
N ASP LE 121 -22.92 -56.05 78.67
CA ASP LE 121 -24.25 -56.48 78.97
C ASP LE 121 -25.05 -56.13 77.76
N GLY LE 122 -24.74 -54.95 77.20
CA GLY LE 122 -25.54 -54.34 76.18
C GLY LE 122 -26.18 -53.16 76.84
N HIS LE 123 -26.34 -53.28 78.18
CA HIS LE 123 -26.62 -52.24 79.14
C HIS LE 123 -25.28 -51.91 79.74
N LYS LE 124 -25.16 -50.76 80.47
CA LYS LE 124 -23.85 -50.34 80.90
C LYS LE 124 -23.33 -51.29 81.92
N ASP LE 125 -22.13 -51.82 81.65
CA ASP LE 125 -21.41 -52.59 82.64
C ASP LE 125 -21.15 -51.67 83.81
N CYS LE 126 -20.54 -50.51 83.52
CA CYS LE 126 -20.05 -49.72 84.58
C CYS LE 126 -20.71 -48.40 84.55
N HIS LE 127 -20.35 -47.67 85.60
CA HIS LE 127 -20.85 -46.37 85.85
C HIS LE 127 -20.55 -45.59 84.61
N ASN LE 128 -19.26 -45.53 84.21
CA ASN LE 128 -18.74 -44.39 83.50
C ASN LE 128 -19.60 -44.08 82.31
N ALA LE 129 -19.80 -44.99 81.31
CA ALA LE 129 -19.20 -46.28 81.16
C ALA LE 129 -18.33 -46.15 79.97
N HIS LE 130 -17.31 -47.00 79.89
CA HIS LE 130 -16.36 -46.95 78.81
C HIS LE 130 -17.10 -47.18 77.54
N ASP LE 131 -17.95 -48.24 77.58
CA ASP LE 131 -18.67 -48.87 76.50
C ASP LE 131 -19.62 -47.90 75.88
N GLU LE 132 -20.31 -47.12 76.75
CA GLU LE 132 -21.46 -46.32 76.44
C GLU LE 132 -21.07 -45.25 75.46
N ASP LE 133 -19.81 -44.78 75.55
CA ASP LE 133 -19.27 -43.74 74.71
C ASP LE 133 -19.24 -44.23 73.28
N PRO LE 134 -19.65 -43.34 72.41
CA PRO LE 134 -20.20 -43.67 71.13
C PRO LE 134 -19.19 -44.18 70.15
N ASP LE 135 -17.91 -43.84 70.42
CA ASP LE 135 -16.73 -44.00 69.61
C ASP LE 135 -16.37 -45.43 69.45
N VAL LE 136 -16.46 -46.21 70.54
CA VAL LE 136 -16.19 -47.61 70.48
C VAL LE 136 -17.34 -48.34 69.90
N CYS LE 137 -18.57 -47.95 70.28
CA CYS LE 137 -19.71 -48.80 70.06
C CYS LE 137 -20.04 -48.79 68.59
N ASP LE 138 -19.50 -47.77 67.88
CA ASP LE 138 -19.88 -47.34 66.56
C ASP LE 138 -19.87 -48.50 65.63
N THR LE 139 -21.06 -48.77 65.09
CA THR LE 139 -21.36 -49.98 64.43
C THR LE 139 -20.58 -50.04 63.15
N SER LE 140 -20.50 -48.89 62.46
CA SER LE 140 -20.24 -48.90 61.06
C SER LE 140 -18.94 -49.57 60.77
N VAL LE 141 -17.84 -49.14 61.44
CA VAL LE 141 -16.54 -49.60 61.05
C VAL LE 141 -16.54 -51.09 61.16
N VAL LE 142 -17.16 -51.58 62.23
CA VAL LE 142 -17.12 -52.96 62.65
C VAL LE 142 -17.79 -53.80 61.64
N LYS LE 143 -18.78 -53.22 60.95
CA LYS LE 143 -19.86 -53.92 60.33
C LYS LE 143 -19.33 -54.81 59.27
N ALA LE 144 -19.90 -56.03 59.15
CA ALA LE 144 -19.34 -56.92 58.20
C ALA LE 144 -19.96 -56.63 56.89
N GLY LE 145 -19.74 -57.60 55.97
CA GLY LE 145 -20.06 -57.49 54.59
C GLY LE 145 -18.80 -57.13 53.89
N ASN LE 146 -17.71 -56.99 54.66
CA ASN LE 146 -16.46 -56.62 54.04
C ASN LE 146 -15.87 -57.85 53.38
N VAL LE 147 -15.01 -57.66 52.34
CA VAL LE 147 -14.16 -58.68 51.80
C VAL LE 147 -12.71 -58.47 52.23
N PHE LE 148 -12.10 -59.53 52.72
CA PHE LE 148 -10.72 -59.46 53.17
C PHE LE 148 -9.86 -60.42 52.37
N SER LE 149 -8.74 -59.92 51.86
CA SER LE 149 -7.83 -60.76 51.08
C SER LE 149 -6.47 -60.65 51.70
N GLY LE 150 -5.55 -61.49 51.23
CA GLY LE 150 -4.20 -61.46 51.76
C GLY LE 150 -3.51 -62.76 51.47
N THR LE 151 -2.22 -62.79 51.72
CA THR LE 151 -1.43 -63.98 51.47
C THR LE 151 -1.39 -64.91 52.67
N SER LE 152 -1.60 -66.19 52.40
CA SER LE 152 -1.61 -67.22 53.41
C SER LE 152 -0.33 -68.03 53.26
N THR LE 153 0.61 -67.80 54.16
CA THR LE 153 1.88 -68.53 54.14
C THR LE 153 1.66 -69.75 55.01
N TRP LE 154 1.92 -70.93 54.47
CA TRP LE 154 1.72 -72.16 55.20
C TRP LE 154 2.98 -72.72 55.85
N HIS LE 155 2.77 -73.30 57.04
CA HIS LE 155 3.60 -74.32 57.60
C HIS LE 155 3.50 -75.49 56.69
N GLY LE 156 2.38 -75.58 55.94
CA GLY LE 156 2.24 -76.64 55.00
C GLY LE 156 1.65 -77.82 55.68
N CYS LE 157 0.56 -77.60 56.43
CA CYS LE 157 -0.29 -78.71 56.70
C CYS LE 157 -0.98 -79.09 55.42
N LEU LE 158 -1.22 -78.10 54.55
CA LEU LE 158 -1.78 -78.36 53.28
C LEU LE 158 -0.65 -78.55 52.33
N ALA LE 159 -0.89 -79.38 51.30
CA ALA LE 159 0.18 -79.86 50.49
C ALA LE 159 0.82 -78.66 49.88
N ARG LE 160 -0.05 -77.71 49.47
CA ARG LE 160 -0.05 -76.74 48.37
C ARG LE 160 0.67 -75.45 48.68
N GLU LE 161 1.30 -74.85 47.65
CA GLU LE 161 2.28 -73.80 47.70
C GLU LE 161 1.65 -72.52 48.25
N ASP LE 162 2.44 -71.46 48.55
CA ASP LE 162 1.78 -70.38 49.23
C ASP LE 162 0.83 -69.74 48.27
N HIS LE 163 -0.04 -68.89 48.81
CA HIS LE 163 -1.17 -68.50 47.97
C HIS LE 163 -1.96 -67.44 48.68
N VAL LE 164 -3.07 -67.03 48.07
CA VAL LE 164 -3.92 -66.02 48.67
C VAL LE 164 -5.26 -66.58 49.14
N THR LE 165 -5.81 -65.99 50.19
CA THR LE 165 -7.10 -66.41 50.72
C THR LE 165 -7.99 -65.20 50.62
N ARG LE 166 -9.29 -65.41 50.46
CA ARG LE 166 -10.21 -64.30 50.34
C ARG LE 166 -11.44 -64.52 51.17
N ILE LE 167 -11.42 -63.99 52.40
CA ILE LE 167 -12.54 -64.13 53.31
C ILE LE 167 -13.55 -63.04 53.01
N THR LE 168 -14.78 -63.42 52.73
CA THR LE 168 -15.83 -62.46 52.43
C THR LE 168 -17.10 -62.78 53.22
N ILE LE 169 -17.52 -61.83 54.05
CA ILE LE 169 -18.69 -62.01 54.88
C ILE LE 169 -19.97 -62.12 54.09
N THR LE 170 -20.63 -63.26 54.20
CA THR LE 170 -21.89 -63.51 53.49
C THR LE 170 -23.06 -62.82 54.20
N ALA LE 171 -23.31 -63.18 55.46
CA ALA LE 171 -24.41 -62.62 56.26
C ALA LE 171 -23.99 -62.34 57.70
N SER LE 172 -24.85 -61.66 58.45
CA SER LE 172 -24.55 -61.31 59.84
C SER LE 172 -25.74 -60.95 60.71
N LYS LE 173 -26.18 -61.87 61.57
CA LYS LE 173 -27.31 -61.64 62.48
C LYS LE 173 -26.78 -61.17 63.84
N ARG LE 174 -27.67 -60.50 64.58
CA ARG LE 174 -27.50 -60.23 65.97
C ARG LE 174 -28.88 -59.98 66.46
N ARG LE 175 -29.01 -59.18 67.51
CA ARG LE 175 -30.32 -58.67 67.71
C ARG LE 175 -30.43 -57.47 66.84
N LYS LE 176 -31.38 -56.58 67.17
CA LYS LE 176 -31.45 -55.34 66.48
C LYS LE 176 -30.26 -54.50 66.84
N PHE LE 177 -29.85 -54.52 68.13
CA PHE LE 177 -28.86 -53.62 68.69
C PHE LE 177 -27.49 -53.95 68.25
N PHE LE 178 -27.24 -55.25 68.09
CA PHE LE 178 -26.87 -56.06 69.21
C PHE LE 178 -25.37 -56.06 69.19
N THR LE 179 -24.72 -55.40 70.18
CA THR LE 179 -23.33 -55.13 69.93
C THR LE 179 -22.46 -56.33 70.09
N ALA LE 180 -22.62 -57.12 71.19
CA ALA LE 180 -21.47 -57.77 71.78
C ALA LE 180 -20.91 -58.67 70.77
N ARG LE 181 -21.86 -59.46 70.27
CA ARG LE 181 -21.68 -60.69 69.55
C ARG LE 181 -22.37 -60.49 68.28
N ILE LE 182 -21.70 -60.98 67.25
CA ILE LE 182 -22.23 -60.86 65.89
C ILE LE 182 -22.08 -62.23 65.24
N TRP LE 183 -23.19 -62.91 65.00
CA TRP LE 183 -23.13 -64.20 64.38
C TRP LE 183 -23.04 -63.96 62.90
N LEU LE 184 -22.23 -64.75 62.19
CA LEU LE 184 -22.12 -64.53 60.76
C LEU LE 184 -21.71 -65.72 59.90
N ARG LE 185 -22.08 -65.64 58.63
CA ARG LE 185 -21.76 -66.66 57.65
C ARG LE 185 -20.80 -65.96 56.70
N ALA LE 186 -19.87 -66.71 56.11
CA ALA LE 186 -18.92 -66.11 55.19
C ALA LE 186 -18.38 -67.12 54.20
N LEU LE 187 -17.74 -66.60 53.16
CA LEU LE 187 -17.20 -67.42 52.10
C LEU LE 187 -15.70 -67.32 52.02
N VAL LE 188 -15.03 -68.45 52.19
CA VAL LE 188 -13.58 -68.44 52.16
C VAL LE 188 -13.09 -69.07 50.87
N GLU LE 189 -12.34 -68.31 50.08
CA GLU LE 189 -11.80 -68.81 48.81
C GLU LE 189 -10.28 -68.78 48.87
N SER LE 190 -9.69 -69.68 48.10
CA SER LE 190 -8.31 -69.55 47.84
C SER LE 190 -8.14 -69.73 46.39
N GLU LE 191 -7.08 -69.09 45.92
CA GLU LE 191 -6.63 -69.22 44.55
C GLU LE 191 -5.34 -70.04 44.49
N LEU LE 192 -5.50 -71.34 44.28
CA LEU LE 192 -4.36 -72.24 44.20
C LEU LE 192 -4.32 -73.01 42.91
N GLU LE 193 -3.11 -73.40 42.50
CA GLU LE 193 -2.93 -74.15 41.27
C GLU LE 193 -2.91 -75.66 41.52
N ARG LE 194 -3.78 -76.41 40.75
CA ARG LE 194 -3.82 -77.83 40.66
C ARG LE 194 -3.04 -78.13 39.44
N HIS LE 195 -2.92 -79.42 39.08
CA HIS LE 195 -2.34 -79.76 37.81
C HIS LE 195 -3.31 -79.37 36.74
N GLY LE 196 -2.85 -78.51 35.80
CA GLY LE 196 -3.78 -77.79 35.01
C GLY LE 196 -3.79 -76.40 35.56
N GLU LE 197 -4.80 -75.62 35.17
CA GLU LE 197 -4.82 -74.21 35.37
C GLU LE 197 -5.24 -73.90 36.75
N ASN LE 198 -5.19 -72.56 37.03
CA ASN LE 198 -5.69 -71.88 38.23
C ASN LE 198 -7.10 -72.32 38.61
N VAL LE 199 -7.26 -72.78 39.85
CA VAL LE 199 -8.55 -73.22 40.39
C VAL LE 199 -8.87 -72.35 41.59
N THR LE 200 -10.04 -72.53 42.17
CA THR LE 200 -10.42 -71.76 43.34
C THR LE 200 -11.19 -72.61 44.33
N SER LE 201 -10.64 -72.71 45.53
CA SER LE 201 -11.24 -73.55 46.53
C SER LE 201 -11.99 -72.63 47.40
N SER LE 202 -13.31 -72.84 47.38
CA SER LE 202 -14.19 -72.06 48.17
C SER LE 202 -14.87 -73.03 49.05
N PHE LE 203 -14.94 -72.68 50.33
CA PHE LE 203 -15.92 -73.32 51.21
C PHE LE 203 -16.73 -72.29 51.99
N ASN LE 204 -17.93 -72.69 52.39
CA ASN LE 204 -18.80 -71.80 53.14
C ASN LE 204 -18.52 -71.95 54.61
N ALA LE 205 -18.59 -70.86 55.35
CA ALA LE 205 -18.30 -70.88 56.77
C ALA LE 205 -19.34 -70.18 57.60
N LYS LE 206 -19.40 -70.55 58.88
CA LYS LE 206 -20.30 -69.95 59.86
C LYS LE 206 -19.45 -69.65 61.07
N GLY LE 207 -19.81 -68.60 61.81
CA GLY LE 207 -19.03 -68.24 62.97
C GLY LE 207 -19.54 -67.01 63.69
N TYR LE 208 -18.65 -66.34 64.39
CA TYR LE 208 -19.04 -65.15 65.14
C TYR LE 208 -17.89 -64.14 65.29
N TYR LE 209 -18.26 -62.92 65.70
CA TYR LE 209 -17.30 -61.85 65.91
C TYR LE 209 -17.48 -61.40 67.33
N ASN LE 210 -16.38 -61.29 68.05
CA ASN LE 210 -16.39 -60.89 69.44
C ASN LE 210 -15.74 -59.54 69.60
N PHE LE 211 -16.66 -58.63 69.97
CA PHE LE 211 -16.50 -57.23 69.99
C PHE LE 211 -15.33 -57.06 70.84
N ALA LE 212 -15.46 -57.62 72.04
CA ALA LE 212 -14.37 -57.48 72.91
C ALA LE 212 -13.21 -58.27 72.40
N SER LE 213 -13.42 -59.50 71.90
CA SER LE 213 -12.30 -60.36 71.62
C SER LE 213 -11.42 -59.71 70.61
N ARG LE 214 -12.04 -58.82 69.80
CA ARG LE 214 -11.53 -58.37 68.54
C ARG LE 214 -11.13 -59.59 67.79
N ARG LE 215 -12.07 -60.54 67.66
CA ARG LE 215 -11.75 -61.82 67.02
C ARG LE 215 -12.90 -62.21 66.12
N LEU LE 216 -12.56 -62.80 64.99
CA LEU LE 216 -13.56 -63.23 64.04
C LEU LE 216 -13.26 -64.71 63.88
N ILE LE 217 -14.19 -65.59 64.23
CA ILE LE 217 -13.93 -67.02 64.06
C ILE LE 217 -14.83 -67.59 62.98
N LEU LE 218 -14.23 -68.23 62.00
CA LEU LE 218 -14.99 -68.81 60.92
C LEU LE 218 -14.73 -70.30 60.79
N LEU LE 219 -15.77 -71.08 61.03
CA LEU LE 219 -15.68 -72.53 60.95
C LEU LE 219 -16.38 -72.97 59.69
N PRO LE 220 -16.00 -74.12 59.16
CA PRO LE 220 -16.60 -74.63 57.94
C PRO LE 220 -18.03 -75.11 58.20
N THR LE 221 -18.89 -75.05 57.19
CA THR LE 221 -20.15 -75.67 57.38
C THR LE 221 -20.00 -77.11 57.06
N ASP LE 222 -21.10 -77.77 56.59
CA ASP LE 222 -21.05 -79.17 56.29
C ASP LE 222 -20.94 -79.32 54.83
N ASP LE 223 -19.68 -79.62 54.59
CA ASP LE 223 -18.92 -79.62 53.41
C ASP LE 223 -18.29 -80.96 53.57
N HIS LE 224 -17.91 -81.61 52.47
CA HIS LE 224 -17.09 -82.79 52.59
C HIS LE 224 -15.64 -82.42 52.73
N ASP LE 225 -15.29 -81.22 52.24
CA ASP LE 225 -13.95 -80.72 52.21
C ASP LE 225 -13.44 -80.57 53.59
N ASP LE 226 -14.32 -79.93 54.38
CA ASP LE 226 -14.18 -79.45 55.72
C ASP LE 226 -12.82 -78.87 55.88
N HIS LE 227 -12.58 -77.76 55.13
CA HIS LE 227 -11.33 -77.05 55.11
C HIS LE 227 -11.31 -76.10 56.23
N LEU LE 228 -10.08 -75.99 56.78
CA LEU LE 228 -9.88 -75.81 58.17
C LEU LE 228 -10.23 -74.42 58.45
N ALA LE 229 -10.43 -74.16 59.74
CA ALA LE 229 -11.15 -73.00 60.21
C ALA LE 229 -10.21 -71.81 60.22
N VAL LE 230 -10.72 -70.65 59.84
CA VAL LE 230 -9.91 -69.44 59.81
C VAL LE 230 -10.22 -68.62 61.04
N VAL LE 231 -9.23 -67.87 61.51
CA VAL LE 231 -9.40 -67.05 62.68
C VAL LE 231 -8.65 -65.74 62.54
N CYS LE 232 -9.38 -64.63 62.65
CA CYS LE 232 -8.79 -63.32 62.52
C CYS LE 232 -9.00 -62.45 63.72
N SER LE 233 -7.98 -61.63 64.00
CA SER LE 233 -8.01 -60.67 65.09
C SER LE 233 -7.80 -59.31 64.42
N PHE LE 234 -8.53 -58.31 64.98
CA PHE LE 234 -8.78 -56.90 64.73
C PHE LE 234 -7.56 -56.01 64.67
N ASN LE 235 -6.93 -55.85 65.87
CA ASN LE 235 -5.83 -55.06 66.33
C ASN LE 235 -4.73 -55.59 65.52
N ARG LE 236 -4.79 -55.11 64.29
CA ARG LE 236 -3.87 -54.39 63.53
C ARG LE 236 -3.78 -52.96 64.06
N GLY LE 237 -4.90 -52.31 64.47
CA GLY LE 237 -4.85 -50.94 64.96
C GLY LE 237 -5.40 -50.06 63.87
N ASP LE 238 -5.33 -50.58 62.63
CA ASP LE 238 -6.30 -50.26 61.63
C ASP LE 238 -7.51 -51.01 62.09
N ASN LE 239 -8.72 -50.56 61.72
CA ASN LE 239 -9.86 -51.43 61.74
C ASN LE 239 -9.79 -52.32 60.58
N GLU LE 240 -9.21 -51.78 59.50
CA GLU LE 240 -9.49 -52.42 58.26
C GLU LE 240 -8.94 -53.79 58.35
N ARG LE 241 -7.65 -53.80 58.71
CA ARG LE 241 -6.70 -54.91 58.69
C ARG LE 241 -6.84 -55.87 59.85
N ALA LE 242 -6.52 -57.13 59.59
CA ALA LE 242 -6.61 -58.15 60.63
C ALA LE 242 -5.54 -59.21 60.47
N GLU LE 243 -5.19 -59.86 61.57
CA GLU LE 243 -4.18 -60.90 61.61
C GLU LE 243 -4.91 -62.19 61.73
N CYS LE 244 -4.72 -63.09 60.76
CA CYS LE 244 -5.41 -64.38 60.79
C CYS LE 244 -4.50 -65.62 60.80
N HIS LE 245 -5.13 -66.76 61.05
CA HIS LE 245 -4.44 -68.03 61.09
C HIS LE 245 -5.42 -69.10 60.72
N ARG LE 246 -4.96 -70.13 60.03
CA ARG LE 246 -5.83 -71.23 59.69
C ARG LE 246 -5.55 -72.19 60.81
N VAL LE 247 -6.59 -72.82 61.37
CA VAL LE 247 -6.37 -73.72 62.48
C VAL LE 247 -7.31 -74.90 62.53
N THR LE 248 -7.00 -75.92 63.31
CA THR LE 248 -7.96 -76.98 63.35
C THR LE 248 -8.69 -76.77 64.63
N GLU LE 249 -9.95 -77.26 64.74
CA GLU LE 249 -10.73 -77.08 65.93
C GLU LE 249 -10.15 -77.89 67.01
N ALA LE 250 -9.94 -79.17 66.67
CA ALA LE 250 -9.62 -80.13 67.68
C ALA LE 250 -8.29 -79.76 68.25
N THR LE 251 -7.29 -79.59 67.34
CA THR LE 251 -5.92 -79.34 67.63
C THR LE 251 -5.84 -77.98 68.23
N LEU LE 252 -6.42 -77.01 67.51
CA LEU LE 252 -6.36 -75.64 67.91
C LEU LE 252 -4.95 -75.20 67.90
N HIS LE 253 -4.24 -75.81 66.96
CA HIS LE 253 -2.98 -75.37 66.53
C HIS LE 253 -3.18 -74.34 65.45
N GLN LE 254 -2.09 -73.61 65.12
CA GLN LE 254 -1.89 -72.76 63.95
C GLN LE 254 -1.19 -73.37 62.76
N CYS LE 255 -1.94 -73.63 61.69
CA CYS LE 255 -1.40 -74.21 60.47
C CYS LE 255 -0.82 -73.19 59.52
N ALA LE 256 -1.32 -71.96 59.58
CA ALA LE 256 -0.80 -70.92 58.69
C ALA LE 256 -1.08 -69.50 59.15
N ASP LE 257 -0.22 -68.60 58.68
CA ASP LE 257 -0.32 -67.18 58.99
C ASP LE 257 -0.97 -66.46 57.80
N LEU LE 258 -1.93 -65.59 58.08
CA LEU LE 258 -2.63 -64.89 57.03
C LEU LE 258 -2.95 -63.46 57.45
N PHE LE 259 -2.35 -62.48 56.79
CA PHE LE 259 -2.63 -61.08 57.11
C PHE LE 259 -3.55 -60.47 56.04
N VAL LE 260 -4.80 -60.23 56.41
CA VAL LE 260 -5.77 -59.69 55.49
C VAL LE 260 -5.95 -58.20 55.59
N THR LE 261 -6.51 -57.66 54.53
CA THR LE 261 -6.80 -56.26 54.40
C THR LE 261 -8.15 -56.14 53.70
N LEU LE 262 -8.96 -55.21 54.16
CA LEU LE 262 -10.26 -55.00 53.58
C LEU LE 262 -10.10 -54.40 52.18
N GLU LE 263 -10.78 -54.98 51.19
CA GLU LE 263 -10.65 -54.43 49.89
C GLU LE 263 -11.63 -53.33 49.80
N GLU LE 264 -11.28 -52.27 49.06
CA GLU LE 264 -12.19 -51.19 48.86
C GLU LE 264 -13.41 -51.74 48.17
N HIS LE 265 -14.61 -51.26 48.60
CA HIS LE 265 -15.89 -51.66 48.08
C HIS LE 265 -16.03 -51.13 46.68
N ASP LE 266 -15.59 -49.88 46.44
CA ASP LE 266 -15.63 -49.43 45.06
C ASP LE 266 -14.40 -49.85 44.26
N GLN ME 26 -15.70 7.06 29.43
CA GLN ME 26 -16.87 7.17 30.33
C GLN ME 26 -17.62 5.88 30.30
N SER ME 27 -18.41 5.67 29.24
CA SER ME 27 -19.12 4.44 29.07
C SER ME 27 -18.11 3.40 28.88
N HIS ME 28 -17.03 3.82 28.21
CA HIS ME 28 -16.10 2.82 27.94
C HIS ME 28 -15.55 2.44 29.28
N ASP ME 29 -15.17 3.44 30.11
CA ASP ME 29 -14.35 3.23 31.29
C ASP ME 29 -14.99 2.36 32.31
N GLU ME 30 -16.29 2.59 32.55
CA GLU ME 30 -16.94 2.01 33.68
C GLU ME 30 -16.82 0.55 33.48
N ILE ME 31 -17.03 0.17 32.19
CA ILE ME 31 -16.93 -1.17 31.70
C ILE ME 31 -15.62 -1.71 32.16
N ILE ME 32 -14.52 -1.10 31.70
CA ILE ME 32 -13.28 -1.83 31.55
C ILE ME 32 -12.75 -2.31 32.86
N ASP ME 33 -13.01 -1.55 33.94
CA ASP ME 33 -12.44 -1.75 35.25
C ASP ME 33 -12.86 -3.08 35.84
N LYS ME 34 -14.08 -3.56 35.48
CA LYS ME 34 -14.83 -4.58 36.16
C LYS ME 34 -14.00 -5.83 36.31
N LEU ME 35 -13.47 -6.31 35.17
CA LEU ME 35 -12.81 -7.56 34.90
C LEU ME 35 -11.46 -7.70 35.55
N ILE ME 36 -10.76 -6.60 35.89
CA ILE ME 36 -9.46 -6.78 36.48
C ILE ME 36 -9.55 -7.41 37.86
N GLU ME 37 -10.32 -6.77 38.75
CA GLU ME 37 -10.38 -6.93 40.20
C GLU ME 37 -11.10 -8.23 40.54
N ARG ME 38 -11.58 -8.92 39.51
CA ARG ME 38 -12.28 -10.19 39.67
C ARG ME 38 -11.31 -11.31 39.27
N THR ME 39 -10.37 -10.97 38.38
CA THR ME 39 -9.37 -11.94 37.93
C THR ME 39 -8.50 -12.28 39.12
N ASN ME 40 -8.25 -11.29 39.95
CA ASN ME 40 -7.42 -11.48 41.13
C ASN ME 40 -8.23 -12.12 42.25
N LYS ME 41 -9.47 -11.69 42.40
CA LYS ME 41 -10.35 -12.22 43.43
C LYS ME 41 -10.47 -13.74 43.34
N ILE ME 42 -10.02 -14.31 42.23
CA ILE ME 42 -10.05 -15.75 42.03
C ILE ME 42 -8.64 -16.30 42.11
N THR ME 43 -7.69 -15.56 41.54
CA THR ME 43 -6.29 -15.96 41.57
C THR ME 43 -5.87 -16.18 43.01
N THR ME 44 -6.68 -15.67 43.94
CA THR ME 44 -6.41 -15.83 45.36
C THR ME 44 -7.02 -17.15 45.81
N SER ME 45 -8.32 -17.32 45.58
CA SER ME 45 -9.00 -18.55 45.96
C SER ME 45 -8.28 -19.74 45.38
N ILE ME 46 -7.57 -19.52 44.28
CA ILE ME 46 -6.83 -20.60 43.63
C ILE ME 46 -5.61 -20.96 44.46
N SER ME 47 -4.65 -20.04 44.56
CA SER ME 47 -3.45 -20.29 45.33
C SER ME 47 -3.78 -20.62 46.78
N HIS ME 48 -4.96 -20.24 47.22
CA HIS ME 48 -5.40 -20.53 48.58
C HIS ME 48 -5.51 -22.05 48.75
N VAL ME 49 -6.08 -22.70 47.75
CA VAL ME 49 -6.24 -24.15 47.77
C VAL ME 49 -4.90 -24.81 47.53
N GLU ME 50 -4.17 -24.33 46.53
CA GLU ME 50 -2.86 -24.88 46.21
C GLU ME 50 -2.02 -24.96 47.48
N SER ME 51 -2.39 -24.15 48.46
CA SER ME 51 -1.68 -24.15 49.72
C SER ME 51 -2.18 -25.32 50.55
N LEU ME 52 -3.50 -25.37 50.77
CA LEU ME 52 -4.09 -26.45 51.55
C LEU ME 52 -3.69 -27.82 51.04
N LEU ME 53 -3.42 -27.90 49.74
CA LEU ME 53 -2.99 -29.14 49.13
C LEU ME 53 -1.54 -29.39 49.54
N ASP ME 54 -0.68 -28.42 49.26
CA ASP ME 54 0.73 -28.54 49.60
C ASP ME 54 0.90 -28.90 51.07
N ASP ME 55 -0.08 -28.52 51.89
CA ASP ME 55 -0.04 -28.81 53.32
C ASP ME 55 -0.20 -30.30 53.62
N ARG ME 56 -0.86 -31.02 52.74
CA ARG ME 56 -1.06 -32.45 52.95
C ARG ME 56 0.01 -33.25 52.21
N LEU ME 57 0.82 -32.58 51.40
CA LEU ME 57 1.91 -33.26 50.68
C LEU ME 57 3.24 -32.84 51.27
N ASP ME 58 3.23 -31.78 52.08
CA ASP ME 58 4.42 -31.01 52.33
C ASP ME 58 5.46 -31.92 52.91
N PRO ME 59 6.67 -31.89 52.38
CA PRO ME 59 7.68 -32.92 52.62
C PRO ME 59 8.13 -33.01 54.09
N LYS ME 60 8.24 -31.85 54.74
CA LYS ME 60 8.65 -31.81 56.13
C LYS ME 60 7.69 -32.64 56.97
N ARG ME 61 6.43 -32.71 56.54
CA ARG ME 61 5.45 -33.50 57.27
C ARG ME 61 5.69 -34.98 56.97
N ILE ME 62 5.98 -35.29 55.71
CA ILE ME 62 6.24 -36.66 55.28
C ILE ME 62 7.31 -37.30 56.14
N ARG ME 63 8.55 -36.85 55.99
CA ARG ME 63 9.63 -37.42 56.77
C ARG ME 63 9.26 -37.51 58.24
N LYS ME 64 8.79 -36.41 58.80
CA LYS ME 64 8.44 -36.37 60.22
C LYS ME 64 7.51 -37.53 60.59
N ALA ME 65 6.58 -37.85 59.71
CA ALA ME 65 5.66 -38.95 59.97
C ALA ME 65 6.34 -40.27 59.67
N GLY ME 66 7.01 -40.33 58.53
CA GLY ME 66 7.72 -41.55 58.17
C GLY ME 66 8.70 -41.90 59.27
N SER ME 67 9.33 -40.88 59.82
CA SER ME 67 10.27 -41.07 60.91
C SER ME 67 9.57 -41.82 62.03
N LEU ME 68 8.36 -41.40 62.36
CA LEU ME 68 7.58 -42.04 63.41
C LEU ME 68 7.37 -43.50 63.06
N ARG ME 69 7.02 -43.74 61.80
CA ARG ME 69 6.81 -45.10 61.34
C ARG ME 69 8.00 -45.94 61.73
N HIS ME 70 9.20 -45.48 61.41
CA HIS ME 70 10.40 -46.21 61.74
C HIS ME 70 10.40 -46.66 63.18
N ARG ME 71 10.31 -45.71 64.11
CA ARG ME 71 10.32 -46.06 65.54
C ARG ME 71 9.48 -47.30 65.81
N VAL ME 72 8.35 -47.39 65.13
CA VAL ME 72 7.46 -48.53 65.27
C VAL ME 72 8.07 -49.78 64.63
N GLU ME 73 8.55 -49.65 63.39
CA GLU ME 73 9.18 -50.77 62.67
C GLU ME 73 10.23 -51.44 63.55
N GLU ME 74 10.84 -50.65 64.44
CA GLU ME 74 11.88 -51.12 65.35
C GLU ME 74 11.30 -51.98 66.48
N LEU ME 75 10.06 -51.70 66.88
CA LEU ME 75 9.41 -52.46 67.94
C LEU ME 75 8.85 -53.78 67.43
N GLU ME 76 9.54 -54.84 68.44
CA GLU ME 76 8.83 -56.04 68.11
C GLU ME 76 9.77 -57.05 67.53
N ASP ME 77 9.29 -58.31 67.50
CA ASP ME 77 9.93 -59.39 66.80
C ASP ME 77 9.45 -59.34 65.42
N PRO ME 78 10.48 -59.16 64.69
CA PRO ME 78 10.46 -58.51 63.46
C PRO ME 78 9.96 -59.43 62.45
N SER ME 79 9.17 -58.81 61.56
CA SER ME 79 8.64 -59.41 60.41
C SER ME 79 9.82 -60.06 59.76
N CYS ME 80 10.76 -59.26 59.23
CA CYS ME 80 11.67 -59.85 58.27
C CYS ME 80 12.81 -60.43 59.03
N ASP ME 81 13.93 -60.89 58.40
CA ASP ME 81 14.92 -61.27 59.39
C ASP ME 81 15.75 -60.09 59.70
N GLU ME 82 16.76 -60.31 60.57
CA GLU ME 82 17.84 -59.39 60.69
C GLU ME 82 18.40 -59.37 59.30
N HIS ME 83 18.74 -60.57 58.78
CA HIS ME 83 19.33 -60.61 57.49
C HIS ME 83 18.31 -60.17 56.51
N GLU ME 84 17.08 -60.64 56.68
CA GLU ME 84 16.12 -60.42 55.59
C GLU ME 84 15.52 -59.02 55.63
N HIS ME 85 15.09 -58.54 54.46
CA HIS ME 85 14.52 -57.19 54.32
C HIS ME 85 13.03 -57.25 54.13
N GLN ME 86 12.32 -56.46 54.92
CA GLN ME 86 10.86 -56.43 54.83
C GLN ME 86 10.42 -55.45 53.78
N CYS ME 87 9.68 -55.92 52.68
CA CYS ME 87 9.49 -55.14 51.51
C CYS ME 87 8.58 -54.03 51.87
N GLY ME 88 7.80 -54.27 52.93
CA GLY ME 88 6.52 -53.68 53.07
C GLY ME 88 5.56 -54.82 53.00
N GLY ME 89 4.28 -54.51 53.26
CA GLY ME 89 4.01 -53.15 53.58
C GLY ME 89 2.55 -53.02 53.84
N ASP ME 90 1.74 -53.25 52.78
CA ASP ME 90 0.44 -53.83 52.85
C ASP ME 90 0.54 -55.32 53.03
N ASP ME 91 1.29 -55.98 52.13
CA ASP ME 91 1.47 -57.38 52.26
C ASP ME 91 2.93 -57.51 52.51
N PRO ME 92 3.28 -58.18 53.55
CA PRO ME 92 4.65 -58.41 53.82
C PRO ME 92 5.11 -59.45 52.89
N GLN ME 93 6.46 -59.52 52.86
CA GLN ME 93 7.28 -60.29 52.01
C GLN ME 93 8.62 -60.07 52.57
N CYS ME 94 9.38 -61.15 52.73
CA CYS ME 94 10.77 -61.11 53.19
C CYS ME 94 11.76 -61.55 52.10
N ILE ME 95 12.74 -60.71 51.80
CA ILE ME 95 13.76 -61.06 50.81
C ILE ME 95 15.10 -60.81 51.47
N SER ME 96 16.16 -61.42 50.96
CA SER ME 96 17.47 -61.22 51.56
C SER ME 96 18.02 -59.81 51.44
N LYS ME 97 18.77 -59.45 52.51
CA LYS ME 97 19.50 -58.25 52.35
C LYS ME 97 20.46 -58.39 51.20
N LEU ME 98 20.98 -59.61 50.92
CA LEU ME 98 21.89 -59.69 49.81
C LEU ME 98 21.11 -59.48 48.54
N PHE ME 99 19.87 -59.94 48.64
CA PHE ME 99 18.92 -60.32 47.65
C PHE ME 99 18.27 -59.23 46.84
N VAL ME 100 17.71 -58.19 47.50
CA VAL ME 100 17.57 -56.91 46.86
C VAL ME 100 19.03 -56.53 46.81
N CYS ME 101 19.54 -55.67 45.91
CA CYS ME 101 18.99 -54.97 44.79
C CYS ME 101 19.67 -55.54 43.58
N ASP ME 102 19.24 -56.77 43.29
CA ASP ME 102 19.72 -57.65 42.28
C ASP ME 102 19.63 -56.90 40.99
N GLY ME 103 18.50 -56.21 40.80
CA GLY ME 103 18.20 -55.62 39.54
C GLY ME 103 17.04 -56.38 39.02
N HIS ME 104 16.93 -57.68 39.38
CA HIS ME 104 15.61 -58.24 39.30
C HIS ME 104 14.85 -57.63 40.41
N ASN ME 105 13.51 -57.58 40.23
CA ASN ME 105 12.64 -57.09 41.25
C ASN ME 105 12.20 -58.27 42.03
N ASP ME 106 12.52 -58.18 43.33
CA ASP ME 106 11.93 -58.82 44.45
C ASP ME 106 10.49 -58.36 44.52
N CYS ME 107 10.27 -57.02 44.60
CA CYS ME 107 9.07 -56.53 45.19
C CYS ME 107 8.07 -56.15 44.18
N ARG ME 108 6.82 -56.59 44.45
CA ARG ME 108 5.64 -56.14 43.77
C ARG ME 108 5.77 -54.70 43.93
N ASN ME 109 6.00 -54.37 45.20
CA ASN ME 109 6.02 -53.07 45.75
C ASN ME 109 7.03 -52.35 44.93
N GLY ME 110 8.23 -52.96 44.79
CA GLY ME 110 9.25 -52.37 44.00
C GLY ME 110 10.20 -51.58 44.86
N GLU ME 111 10.30 -51.97 46.16
CA GLU ME 111 11.22 -51.29 47.07
C GLU ME 111 12.66 -51.36 46.58
N ASP ME 112 13.08 -52.57 46.20
CA ASP ME 112 14.43 -52.80 45.73
C ASP ME 112 14.84 -51.87 44.60
N GLU ME 113 13.97 -50.95 44.21
CA GLU ME 113 14.30 -50.07 43.13
C GLU ME 113 13.70 -48.69 43.19
N LYS ME 114 12.81 -48.42 44.12
CA LYS ME 114 12.22 -47.09 44.15
C LYS ME 114 12.90 -46.06 45.05
N ASP ME 115 13.69 -46.59 46.07
CA ASP ME 115 14.32 -45.78 47.03
C ASP ME 115 15.43 -45.14 46.31
N CYS ME 116 15.16 -43.90 45.91
CA CYS ME 116 15.82 -43.31 44.81
C CYS ME 116 17.25 -43.06 45.18
N THR ME 117 17.53 -42.88 46.48
CA THR ME 117 18.79 -42.29 46.83
C THR ME 117 19.63 -43.21 47.63
N LEU ME 118 20.89 -43.22 47.22
CA LEU ME 118 21.97 -43.85 47.91
C LEU ME 118 22.42 -42.96 49.01
N PRO ME 119 22.31 -43.53 50.18
CA PRO ME 119 22.68 -42.86 51.39
C PRO ME 119 24.12 -42.43 51.29
N THR ME 120 24.95 -43.15 50.51
CA THR ME 120 26.37 -43.00 50.68
C THR ME 120 26.95 -42.04 49.70
N LYS ME 121 27.30 -40.84 50.20
CA LYS ME 121 28.07 -40.01 49.35
C LYS ME 121 29.43 -40.12 49.80
N ALA ME 122 30.16 -39.11 49.36
CA ALA ME 122 31.51 -39.24 49.06
C ALA ME 122 32.00 -37.94 49.52
N GLY ME 123 33.20 -37.92 50.10
CA GLY ME 123 33.78 -36.66 50.41
C GLY ME 123 33.36 -36.21 51.78
N ASP ME 124 32.33 -36.86 52.38
CA ASP ME 124 31.76 -36.40 53.62
C ASP ME 124 32.75 -36.53 54.71
N LYS ME 125 32.72 -35.57 55.63
CA LYS ME 125 33.47 -35.74 56.88
C LYS ME 125 32.49 -35.88 58.03
N PHE ME 126 32.81 -36.74 58.99
CA PHE ME 126 31.95 -36.97 60.15
C PHE ME 126 32.76 -36.87 61.44
N ILE ME 127 32.27 -36.07 62.35
CA ILE ME 127 32.94 -35.88 63.63
C ILE ME 127 32.27 -36.71 64.73
N GLY ME 128 33.04 -37.57 65.38
CA GLY ME 128 32.45 -38.37 66.42
C GLY ME 128 32.80 -37.89 67.82
N ASP ME 129 31.80 -37.84 68.69
CA ASP ME 129 32.01 -37.44 70.07
C ASP ME 129 31.98 -38.73 70.89
N VAL ME 130 33.05 -39.00 71.61
CA VAL ME 130 33.15 -40.21 72.42
C VAL ME 130 32.13 -40.14 73.52
N CYS ME 131 31.86 -41.29 74.15
CA CYS ME 131 30.92 -41.32 75.25
C CYS ME 131 31.04 -42.64 75.99
N PHE ME 132 31.97 -43.48 75.58
CA PHE ME 132 32.13 -44.79 76.18
C PHE ME 132 33.28 -45.43 75.40
N ASP ME 133 34.46 -45.37 75.99
CA ASP ME 133 35.63 -45.92 75.32
C ASP ME 133 36.42 -46.84 76.23
N HIS ME 134 36.18 -48.17 76.13
CA HIS ME 134 36.93 -49.11 76.95
C HIS ME 134 38.20 -49.24 76.19
N CYS ME 135 37.95 -48.98 74.90
CA CYS ME 135 38.61 -49.60 73.81
C CYS ME 135 40.02 -49.13 73.57
N THR ME 136 40.25 -47.81 73.59
CA THR ME 136 41.57 -47.31 73.32
C THR ME 136 42.20 -47.03 74.66
N LYS ME 137 43.53 -46.78 74.74
CA LYS ME 137 44.19 -46.36 75.95
C LYS ME 137 43.90 -44.93 76.23
N ARG ME 138 44.06 -44.07 75.20
CA ARG ME 138 43.98 -42.64 75.40
C ARG ME 138 42.57 -42.21 75.62
N ARG ME 139 41.60 -42.92 75.01
CA ARG ME 139 40.23 -42.48 74.89
C ARG ME 139 40.17 -41.12 74.28
N PRO ME 140 39.80 -40.95 73.08
CA PRO ME 140 39.96 -39.59 72.76
C PRO ME 140 38.65 -38.88 72.93
N GLU ME 141 38.72 -37.55 73.00
CA GLU ME 141 37.55 -36.73 73.09
C GLU ME 141 36.76 -36.97 71.85
N HIS ME 142 37.50 -36.87 70.70
CA HIS ME 142 36.79 -36.84 69.44
C HIS ME 142 37.41 -37.85 68.49
N MET ME 143 36.95 -37.83 67.26
CA MET ME 143 37.44 -38.76 66.28
C MET ME 143 36.81 -38.42 64.93
N THR ME 144 37.59 -37.82 64.03
CA THR ME 144 37.11 -37.45 62.72
C THR ME 144 37.15 -38.63 61.74
N LEU ME 145 36.14 -38.69 60.88
CA LEU ME 145 36.03 -39.77 59.91
C LEU ME 145 35.90 -39.21 58.51
N ALA ME 146 37.01 -39.13 57.78
CA ALA ME 146 36.99 -38.59 56.43
C ALA ME 146 36.83 -39.65 55.35
N PHE ME 147 35.89 -39.44 54.45
CA PHE ME 147 35.65 -40.39 53.38
C PHE ME 147 36.41 -39.96 52.12
N GLU ME 148 37.44 -40.70 51.78
CA GLU ME 148 38.26 -40.38 50.62
C GLU ME 148 37.57 -40.74 49.30
N SER ME 149 37.32 -42.02 49.07
CA SER ME 149 36.66 -42.46 47.83
C SER ME 149 35.50 -43.40 48.06
N SER ME 150 34.64 -43.55 47.06
CA SER ME 150 33.49 -44.43 47.16
C SER ME 150 33.05 -44.81 45.77
N SER ME 151 33.00 -46.11 45.49
CA SER ME 151 32.58 -46.60 44.18
C SER ME 151 31.64 -47.80 44.29
N ILE ME 152 30.62 -47.82 43.43
CA ILE ME 152 29.66 -48.93 43.45
C ILE ME 152 29.82 -49.79 42.21
N ALA ME 153 29.77 -51.10 42.41
CA ALA ME 153 29.94 -51.91 41.27
C ALA ME 153 28.72 -51.93 40.40
N ALA ME 154 29.00 -52.06 39.10
CA ALA ME 154 28.04 -51.53 38.17
C ALA ME 154 26.79 -52.38 38.20
N PHE ME 155 27.02 -53.65 38.52
CA PHE ME 155 26.11 -54.70 38.71
C PHE ME 155 25.53 -54.68 40.12
N PHE ME 156 26.32 -54.26 41.11
CA PHE ME 156 25.74 -54.33 42.41
C PHE ME 156 25.29 -53.00 42.81
N THR ME 157 23.96 -52.85 42.94
CA THR ME 157 23.54 -51.83 43.84
C THR ME 157 23.98 -52.18 45.26
N PRO ME 158 23.75 -53.34 45.85
CA PRO ME 158 23.45 -53.39 47.26
C PRO ME 158 24.56 -52.88 48.10
N ILE ME 159 25.78 -53.01 47.60
CA ILE ME 159 26.93 -52.67 48.41
C ILE ME 159 27.87 -51.66 47.75
N ALA ME 160 28.15 -50.58 48.47
CA ALA ME 160 29.03 -49.55 47.95
C ALA ME 160 30.33 -49.62 48.74
N ASP ME 161 31.45 -49.75 48.04
CA ASP ME 161 32.75 -49.84 48.70
C ASP ME 161 33.36 -48.47 49.01
N LEU ME 162 33.91 -48.33 50.20
CA LEU ME 162 34.50 -47.06 50.64
C LEU ME 162 35.95 -47.15 51.07
N HIS ME 163 36.63 -46.01 51.02
CA HIS ME 163 38.03 -45.89 51.47
C HIS ME 163 37.96 -44.70 52.42
N VAL ME 164 38.35 -44.94 53.66
CA VAL ME 164 38.26 -43.90 54.69
C VAL ME 164 39.51 -43.71 55.55
N HIS ME 165 39.72 -42.45 55.95
CA HIS ME 165 40.84 -42.08 56.80
C HIS ME 165 40.23 -41.71 58.14
N ILE ME 166 40.65 -42.41 59.19
CA ILE ME 166 40.16 -42.14 60.53
C ILE ME 166 41.17 -41.26 61.24
N GLU ME 167 40.87 -39.98 61.39
CA GLU ME 167 41.80 -39.05 62.00
C GLU ME 167 41.64 -38.95 63.50
N ILE ME 168 42.74 -38.73 64.22
CA ILE ME 168 42.69 -38.63 65.68
C ILE ME 168 43.71 -37.67 66.26
N GLU ME 169 43.24 -36.80 67.16
CA GLU ME 169 44.09 -35.79 67.82
C GLU ME 169 44.34 -36.11 69.30
N SER ME 170 45.32 -36.96 69.58
CA SER ME 170 45.31 -37.32 70.95
C SER ME 170 46.33 -36.48 71.62
N GLU ME 171 46.30 -36.51 72.97
CA GLU ME 171 47.40 -35.99 73.69
C GLU ME 171 47.98 -37.18 74.36
N THR ME 172 49.30 -37.36 74.22
CA THR ME 172 49.96 -38.46 74.86
C THR ME 172 50.52 -37.89 76.10
N ASP ME 173 51.07 -38.76 76.95
CA ASP ME 173 51.59 -38.23 78.16
C ASP ME 173 52.72 -37.32 77.80
N GLU ME 174 53.71 -37.86 77.03
CA GLU ME 174 54.95 -37.22 76.68
C GLU ME 174 54.74 -36.05 75.78
N ASP ME 175 54.10 -36.34 74.63
CA ASP ME 175 54.00 -35.33 73.63
C ASP ME 175 52.61 -35.37 73.15
N GLU ME 176 52.43 -34.82 71.94
CA GLU ME 176 51.14 -34.88 71.35
C GLU ME 176 51.33 -35.71 70.13
N SER ME 177 50.30 -36.51 69.81
CA SER ME 177 50.35 -37.44 68.75
C SER ME 177 49.18 -37.10 67.93
N GLU ME 178 49.30 -37.36 66.61
CA GLU ME 178 48.22 -37.12 65.67
C GLU ME 178 48.18 -38.38 64.82
N VAL ME 179 47.00 -38.81 64.40
CA VAL ME 179 46.91 -40.02 63.57
C VAL ME 179 45.88 -39.91 62.48
N SER ME 180 46.14 -40.60 61.37
CA SER ME 180 45.22 -40.61 60.24
C SER ME 180 45.28 -41.98 59.57
N MET ME 181 44.84 -43.01 60.30
CA MET ME 181 44.84 -44.38 59.81
C MET ME 181 43.79 -44.56 58.72
N PRO ME 182 44.19 -45.16 57.60
CA PRO ME 182 43.33 -45.41 56.45
C PRO ME 182 42.78 -46.84 56.49
N ALA ME 183 41.53 -46.99 56.08
CA ALA ME 183 40.89 -48.31 56.08
C ALA ME 183 39.83 -48.45 55.01
N ASP ME 184 39.63 -49.68 54.56
CA ASP ME 184 38.63 -49.97 53.56
C ASP ME 184 37.31 -50.20 54.30
N GLY ME 185 36.22 -50.24 53.55
CA GLY ME 185 34.92 -50.45 54.14
C GLY ME 185 33.80 -50.38 53.12
N GLU ME 186 32.64 -50.92 53.49
CA GLU ME 186 31.50 -50.92 52.60
C GLU ME 186 30.27 -50.36 53.30
N TYR ME 187 29.25 -50.00 52.53
CA TYR ME 187 28.03 -49.48 53.09
C TYR ME 187 26.93 -50.32 52.49
N SER ME 188 26.12 -50.95 53.34
CA SER ME 188 25.04 -51.81 52.87
C SER ME 188 23.69 -51.14 52.94
N PHE ME 189 23.11 -51.54 51.76
CA PHE ME 189 22.15 -50.80 51.05
C PHE ME 189 21.08 -50.59 52.02
N ALA ME 190 20.47 -51.72 52.39
CA ALA ME 190 19.32 -51.85 53.23
C ALA ME 190 19.62 -51.52 54.65
N ASP ME 191 20.81 -51.96 55.12
CA ASP ME 191 21.18 -51.86 56.50
C ASP ME 191 21.33 -50.42 56.83
N HIS ME 192 21.81 -49.62 55.87
CA HIS ME 192 22.32 -48.31 56.18
C HIS ME 192 23.49 -48.49 57.11
N ARG ME 193 24.07 -49.70 57.15
CA ARG ME 193 25.18 -49.91 58.06
C ARG ME 193 26.53 -49.98 57.36
N LEU ME 194 27.38 -49.01 57.62
CA LEU ME 194 28.72 -48.99 57.03
C LEU ME 194 29.67 -49.69 57.97
N THR ME 195 30.44 -50.62 57.41
CA THR ME 195 31.40 -51.38 58.18
C THR ME 195 32.76 -50.91 57.72
N ILE ME 196 33.59 -50.45 58.65
CA ILE ME 196 34.92 -49.97 58.28
C ILE ME 196 35.92 -50.97 58.80
N HIS ME 197 36.49 -51.74 57.86
CA HIS ME 197 37.36 -52.80 58.19
C HIS ME 197 38.57 -52.13 58.70
N PRO ME 198 39.05 -52.77 59.71
CA PRO ME 198 39.99 -52.28 60.63
C PRO ME 198 41.25 -51.94 59.92
N PRO ME 199 41.55 -50.74 60.24
CA PRO ME 199 42.72 -50.05 59.77
C PRO ME 199 43.91 -50.82 60.24
N GLU ME 200 43.76 -51.31 61.48
CA GLU ME 200 44.79 -51.88 62.26
C GLU ME 200 44.96 -53.30 61.85
N GLU ME 201 46.14 -53.83 62.17
CA GLU ME 201 46.33 -55.25 62.22
C GLU ME 201 45.43 -55.71 63.31
N ASP ME 202 45.24 -54.83 64.30
CA ASP ME 202 44.69 -55.31 65.53
C ASP ME 202 43.29 -55.79 65.33
N GLY ME 203 42.50 -55.16 64.44
CA GLY ME 203 41.23 -55.82 64.21
C GLY ME 203 40.22 -55.28 65.16
N LEU ME 204 40.55 -54.10 65.70
CA LEU ME 204 39.53 -53.12 66.06
C LEU ME 204 38.98 -52.42 64.85
N GLY ME 205 37.68 -52.59 64.63
CA GLY ME 205 37.02 -51.96 63.50
C GLY ME 205 35.81 -51.14 63.93
N LEU ME 206 35.34 -50.27 63.03
CA LEU ME 206 34.19 -49.42 63.29
C LEU ME 206 32.97 -49.91 62.54
N VAL ME 207 31.83 -49.79 63.21
CA VAL ME 207 30.56 -50.22 62.66
C VAL ME 207 29.50 -49.23 63.06
N GLY ME 208 29.11 -48.38 62.11
CA GLY ME 208 28.09 -47.40 62.38
C GLY ME 208 26.82 -47.75 61.62
N GLU ME 209 25.70 -47.83 62.31
CA GLU ME 209 24.44 -48.14 61.67
C GLU ME 209 23.58 -46.88 61.61
N PHE ME 210 23.12 -46.53 60.42
CA PHE ME 210 22.33 -45.33 60.24
C PHE ME 210 20.87 -45.46 60.65
N ASP ME 211 20.33 -44.33 61.09
CA ASP ME 211 19.03 -43.87 60.68
C ASP ME 211 19.12 -43.52 59.22
N GLY ME 212 20.22 -42.82 58.81
CA GLY ME 212 20.64 -42.67 57.44
C GLY ME 212 20.69 -41.22 57.02
N TYR ME 213 19.65 -40.67 56.36
CA TYR ME 213 19.56 -39.26 55.94
C TYR ME 213 19.48 -38.54 57.20
N ASN ME 214 18.48 -39.01 57.93
CA ASN ME 214 17.86 -38.49 59.08
C ASN ME 214 18.13 -39.55 60.11
N PHE ME 215 19.27 -39.48 60.80
CA PHE ME 215 20.20 -38.41 60.71
C PHE ME 215 21.44 -38.93 60.12
N ASP ME 216 22.20 -38.04 59.48
CA ASP ME 216 23.51 -38.40 59.02
C ASP ME 216 24.27 -38.70 60.28
N ARG ME 217 23.84 -38.09 61.40
CA ARG ME 217 24.22 -38.55 62.74
C ARG ME 217 24.02 -40.05 62.82
N PHE ME 218 25.07 -40.77 63.21
CA PHE ME 218 24.96 -42.22 63.34
C PHE ME 218 25.80 -42.67 64.53
N VAL ME 219 25.32 -43.68 65.26
CA VAL ME 219 26.09 -44.17 66.40
C VAL ME 219 27.19 -45.06 65.88
N GLY ME 220 28.42 -44.77 66.29
CA GLY ME 220 29.54 -45.54 65.83
C GLY ME 220 30.13 -46.41 66.90
N HIS ME 221 29.98 -47.71 66.70
CA HIS ME 221 30.50 -48.69 67.63
C HIS ME 221 31.87 -49.20 67.18
N ILE ME 222 32.83 -49.20 68.09
CA ILE ME 222 34.13 -49.71 67.74
C ILE ME 222 34.12 -51.12 68.27
N VAL ME 223 34.38 -52.09 67.40
CA VAL ME 223 34.35 -53.49 67.81
C VAL ME 223 35.55 -54.32 67.39
N HIS ME 224 35.62 -55.53 67.94
CA HIS ME 224 36.67 -56.48 67.60
C HIS ME 224 36.05 -57.21 66.42
N GLU ME 225 36.61 -57.05 65.20
CA GLU ME 225 35.87 -57.25 63.98
C GLU ME 225 35.32 -58.65 63.96
N LEU ME 226 36.13 -59.61 64.44
CA LEU ME 226 35.81 -61.01 64.45
C LEU ME 226 34.70 -61.32 65.44
N SER ME 227 34.82 -60.72 66.64
CA SER ME 227 33.98 -60.99 67.78
C SER ME 227 32.67 -60.36 67.56
N GLU ME 228 32.73 -59.18 66.95
CA GLU ME 228 31.69 -58.24 67.13
C GLU ME 228 31.43 -58.02 68.58
N GLU ME 229 32.50 -57.69 69.33
CA GLU ME 229 32.30 -57.11 70.65
C GLU ME 229 32.33 -55.60 70.58
N VAL ME 230 31.36 -54.97 71.20
CA VAL ME 230 31.31 -53.52 71.23
C VAL ME 230 32.18 -53.07 72.38
N CYS ME 231 33.03 -52.07 72.18
CA CYS ME 231 33.88 -51.60 73.28
C CYS ME 231 34.15 -50.11 73.19
N ALA ME 232 33.40 -49.43 72.35
CA ALA ME 232 33.55 -47.99 72.18
C ALA ME 232 32.40 -47.47 71.35
N GLU ME 233 31.72 -46.46 71.88
CA GLU ME 233 30.59 -45.85 71.23
C GLU ME 233 30.90 -44.36 71.04
N PHE ME 234 30.66 -43.87 69.82
CA PHE ME 234 30.87 -42.48 69.50
C PHE ME 234 29.67 -42.07 68.71
N ILE ME 235 29.17 -40.87 68.95
CA ILE ME 235 28.04 -40.37 68.18
C ILE ME 235 28.65 -39.54 67.06
N PHE ME 236 28.48 -39.97 65.82
CA PHE ME 236 29.07 -39.24 64.71
C PHE ME 236 28.06 -38.28 64.09
N HIS ME 237 28.50 -37.04 63.89
CA HIS ME 237 27.70 -35.99 63.27
C HIS ME 237 28.38 -35.61 61.95
N ARG ME 238 27.58 -35.38 60.92
CA ARG ME 238 28.14 -35.00 59.63
C ARG ME 238 28.63 -33.57 59.78
N LYS ME 239 29.89 -33.27 59.42
CA LYS ME 239 30.39 -31.91 59.38
C LYS ME 239 29.91 -31.30 58.10
N LYS ME 240 29.41 -30.06 58.11
CA LYS ME 240 29.04 -29.60 56.82
C LYS ME 240 30.24 -28.95 56.15
N HIS NE 20 -50.59 -83.86 -5.23
CA HIS NE 20 -51.77 -83.13 -4.69
C HIS NE 20 -52.72 -84.09 -4.07
N GLU NE 21 -53.86 -84.29 -4.74
CA GLU NE 21 -54.89 -85.16 -4.26
C GLU NE 21 -54.34 -86.56 -4.23
N HIS NE 22 -53.55 -86.87 -5.28
CA HIS NE 22 -53.06 -88.18 -5.56
C HIS NE 22 -52.22 -88.58 -4.42
N CYS NE 23 -51.28 -87.70 -4.07
CA CYS NE 23 -50.37 -88.16 -3.10
C CYS NE 23 -50.96 -87.81 -1.79
N CYS NE 24 -50.06 -87.67 -0.82
CA CYS NE 24 -50.37 -87.99 0.52
C CYS NE 24 -50.83 -86.72 1.20
N SER NE 25 -52.16 -86.61 1.49
CA SER NE 25 -52.79 -85.40 1.96
C SER NE 25 -52.25 -84.99 3.29
N GLU NE 26 -52.35 -83.69 3.55
CA GLU NE 26 -52.06 -83.09 4.85
C GLU NE 26 -52.84 -83.78 5.96
N GLU NE 27 -54.17 -83.86 5.82
CA GLU NE 27 -54.95 -84.50 6.86
C GLU NE 27 -54.45 -85.93 7.00
N ASP NE 28 -54.35 -86.61 5.87
CA ASP NE 28 -53.88 -87.99 5.87
C ASP NE 28 -52.70 -88.19 6.80
N HIS NE 29 -51.56 -87.59 6.47
CA HIS NE 29 -50.40 -87.76 7.32
C HIS NE 29 -50.53 -87.10 8.68
N ARG NE 30 -51.26 -86.00 8.76
CA ARG NE 30 -51.40 -85.37 10.06
C ARG NE 30 -51.92 -86.49 10.96
N ILE NE 31 -52.78 -87.33 10.40
CA ILE NE 31 -53.35 -88.44 11.13
C ILE NE 31 -52.27 -89.45 11.45
N VAL NE 32 -51.63 -89.96 10.41
CA VAL NE 32 -50.58 -90.94 10.60
C VAL NE 32 -49.67 -90.48 11.72
N GLN NE 33 -49.12 -89.28 11.58
CA GLN NE 33 -48.21 -88.74 12.58
C GLN NE 33 -48.78 -88.83 13.98
N LYS NE 34 -50.03 -88.38 14.17
CA LYS NE 34 -50.66 -88.42 15.49
C LYS NE 34 -50.73 -89.84 16.03
N GLN NE 35 -51.17 -90.77 15.19
CA GLN NE 35 -51.31 -92.17 15.59
C GLN NE 35 -49.99 -92.86 15.86
N TRP NE 36 -48.96 -92.50 15.12
CA TRP NE 36 -47.66 -93.11 15.29
C TRP NE 36 -47.04 -92.65 16.57
N ASP NE 37 -47.53 -91.54 17.11
CA ASP NE 37 -47.01 -91.02 18.35
C ASP NE 37 -47.56 -91.73 19.60
N ILE NE 38 -48.75 -92.31 19.46
CA ILE NE 38 -49.34 -93.03 20.57
C ILE NE 38 -48.31 -94.02 21.11
N LEU NE 39 -47.41 -94.45 20.24
CA LEU NE 39 -46.37 -95.40 20.58
C LEU NE 39 -45.28 -94.92 21.53
N TRP NE 40 -44.64 -93.79 21.19
CA TRP NE 40 -43.55 -93.26 22.00
C TRP NE 40 -43.94 -92.44 23.23
N ARG NE 41 -45.04 -92.79 23.87
CA ARG NE 41 -45.44 -92.06 25.06
C ARG NE 41 -44.54 -92.41 26.24
N ASP NE 42 -44.11 -93.66 26.33
CA ASP NE 42 -43.24 -94.07 27.44
C ASP NE 42 -41.77 -94.07 27.04
N THR NE 43 -40.93 -93.68 27.99
CA THR NE 43 -39.49 -93.59 27.78
C THR NE 43 -38.78 -94.82 27.25
N GLU NE 44 -39.37 -96.01 27.42
CA GLU NE 44 -38.72 -97.22 26.95
C GLU NE 44 -38.97 -97.50 25.47
N SER NE 45 -38.78 -96.47 24.65
CA SER NE 45 -38.98 -96.58 23.21
C SER NE 45 -38.11 -97.70 22.62
N SER NE 46 -36.87 -97.77 23.09
CA SER NE 46 -35.94 -98.79 22.62
C SER NE 46 -36.56 -100.18 22.66
N LYS NE 47 -36.99 -100.60 23.84
CA LYS NE 47 -37.59 -101.90 24.00
C LYS NE 47 -38.71 -102.13 22.99
N ILE NE 48 -39.50 -101.09 22.74
CA ILE NE 48 -40.59 -101.17 21.77
C ILE NE 48 -40.05 -101.22 20.37
N LYS NE 49 -39.50 -100.10 19.89
CA LYS NE 49 -38.94 -100.05 18.55
C LYS NE 49 -38.25 -101.35 18.18
N ILE NE 50 -37.39 -101.84 19.07
CA ILE NE 50 -36.67 -103.10 18.82
C ILE NE 50 -37.66 -104.24 18.64
N GLY NE 51 -38.34 -104.60 19.71
CA GLY NE 51 -39.31 -105.67 19.64
C GLY NE 51 -40.19 -105.60 18.40
N PHE NE 52 -40.76 -104.43 18.14
CA PHE NE 52 -41.63 -104.24 16.98
C PHE NE 52 -40.85 -104.43 15.68
N GLY NE 53 -39.75 -103.70 15.52
CA GLY NE 53 -38.96 -103.81 14.31
C GLY NE 53 -38.43 -105.22 14.14
N ARG NE 54 -38.10 -105.85 15.26
CA ARG NE 54 -37.59 -107.21 15.25
C ARG NE 54 -38.66 -108.08 14.63
N LEU NE 55 -39.84 -108.06 15.23
CA LEU NE 55 -40.96 -108.85 14.72
C LEU NE 55 -41.22 -108.55 13.24
N LEU NE 56 -41.30 -107.28 12.88
CA LEU NE 56 -41.56 -106.91 11.50
C LEU NE 56 -40.59 -107.56 10.51
N LEU NE 57 -39.29 -107.51 10.80
CA LEU NE 57 -38.33 -108.12 9.90
C LEU NE 57 -38.45 -109.63 9.92
N THR NE 58 -38.61 -110.21 11.11
CA THR NE 58 -38.77 -111.65 11.26
C THR NE 58 -39.90 -112.13 10.36
N LYS NE 59 -41.09 -111.60 10.59
CA LYS NE 59 -42.28 -111.95 9.82
C LYS NE 59 -42.05 -111.74 8.31
N LEU NE 60 -41.01 -111.01 7.96
CA LEU NE 60 -40.70 -110.81 6.56
C LEU NE 60 -39.93 -112.03 6.09
N ALA NE 61 -38.88 -112.36 6.82
CA ALA NE 61 -38.05 -113.52 6.48
C ALA NE 61 -38.89 -114.79 6.50
N LYS NE 62 -39.96 -114.77 7.28
CA LYS NE 62 -40.87 -115.90 7.38
C LYS NE 62 -41.57 -116.14 6.04
N ASP NE 63 -42.13 -115.08 5.47
CA ASP NE 63 -42.83 -115.18 4.20
C ASP NE 63 -41.91 -115.20 2.98
N ILE NE 64 -40.70 -114.69 3.12
CA ILE NE 64 -39.74 -114.67 2.03
C ILE NE 64 -38.34 -114.86 2.61
N PRO NE 65 -37.84 -116.10 2.59
CA PRO NE 65 -36.54 -116.51 3.10
C PRO NE 65 -35.30 -115.94 2.43
N GLU NE 66 -35.37 -115.70 1.13
CA GLU NE 66 -34.21 -115.17 0.43
C GLU NE 66 -33.76 -113.89 1.12
N VAL NE 67 -34.55 -113.46 2.11
CA VAL NE 67 -34.28 -112.27 2.89
C VAL NE 67 -33.24 -112.58 3.97
N ASN NE 68 -33.43 -113.71 4.65
CA ASN NE 68 -32.52 -114.14 5.70
C ASN NE 68 -31.07 -113.95 5.30
N ASP NE 69 -30.76 -114.14 4.02
CA ASP NE 69 -29.38 -113.99 3.55
C ASP NE 69 -28.95 -112.53 3.44
N LEU NE 70 -29.92 -111.65 3.23
CA LEU NE 70 -29.62 -110.23 3.12
C LEU NE 70 -29.27 -109.65 4.49
N PHE NE 71 -30.07 -110.04 5.48
CA PHE NE 71 -29.89 -109.58 6.85
C PHE NE 71 -28.88 -110.45 7.59
N LYS NE 72 -28.19 -111.29 6.85
CA LYS NE 72 -27.18 -112.17 7.41
C LYS NE 72 -26.10 -111.30 8.05
N ARG NE 73 -25.72 -110.26 7.32
CA ARG NE 73 -24.69 -109.32 7.73
C ARG NE 73 -24.94 -108.76 9.12
N VAL NE 74 -26.21 -108.65 9.51
CA VAL NE 74 -26.55 -108.10 10.83
C VAL NE 74 -26.98 -109.17 11.81
N ASP NE 75 -26.54 -110.40 11.57
CA ASP NE 75 -26.84 -111.52 12.46
C ASP NE 75 -28.34 -111.63 12.75
N ILE NE 76 -29.15 -111.71 11.69
CA ILE NE 76 -30.59 -111.83 11.85
C ILE NE 76 -30.87 -113.18 12.45
N GLU NE 77 -29.90 -114.06 12.36
CA GLU NE 77 -30.04 -115.39 12.90
C GLU NE 77 -30.36 -115.29 14.39
N HIS NE 78 -29.80 -114.29 15.05
CA HIS NE 78 -30.03 -114.07 16.47
C HIS NE 78 -30.90 -112.87 16.65
N ALA NE 79 -32.20 -113.07 16.56
CA ALA NE 79 -33.16 -111.98 16.70
C ALA NE 79 -32.90 -111.07 17.89
N GLU NE 80 -32.61 -111.66 19.05
CA GLU NE 80 -32.34 -110.90 20.28
C GLU NE 80 -30.88 -110.46 20.38
N GLY NE 81 -30.07 -110.91 19.44
CA GLY NE 81 -28.67 -110.55 19.43
C GLY NE 81 -28.48 -109.07 19.19
N PRO NE 82 -27.69 -108.40 20.02
CA PRO NE 82 -27.46 -106.97 19.84
C PRO NE 82 -27.23 -106.59 18.38
N LYS NE 83 -26.41 -107.37 17.69
CA LYS NE 83 -26.12 -107.10 16.28
C LYS NE 83 -27.39 -106.75 15.52
N PHE NE 84 -28.40 -107.58 15.69
CA PHE NE 84 -29.67 -107.38 15.02
C PHE NE 84 -30.52 -106.33 15.72
N SER NE 85 -30.59 -106.39 17.04
CA SER NE 85 -31.38 -105.42 17.80
C SER NE 85 -31.03 -104.01 17.36
N ALA NE 86 -29.75 -103.74 17.19
CA ALA NE 86 -29.30 -102.43 16.74
C ALA NE 86 -29.98 -102.16 15.42
N HIS NE 87 -29.79 -103.07 14.47
CA HIS NE 87 -30.39 -102.96 13.16
C HIS NE 87 -31.88 -102.66 13.29
N ALA NE 88 -32.58 -103.50 14.05
CA ALA NE 88 -34.01 -103.33 14.25
C ALA NE 88 -34.30 -101.86 14.47
N LEU NE 89 -33.48 -101.21 15.29
CA LEU NE 89 -33.67 -99.80 15.56
C LEU NE 89 -33.44 -98.99 14.29
N ARG NE 90 -32.22 -99.02 13.78
CA ARG NE 90 -31.90 -98.27 12.57
C ARG NE 90 -33.05 -98.24 11.57
N ILE NE 91 -33.58 -99.40 11.21
CA ILE NE 91 -34.67 -99.46 10.25
C ILE NE 91 -35.92 -98.81 10.79
N LEU NE 92 -36.45 -99.40 11.86
CA LEU NE 92 -37.65 -98.90 12.50
C LEU NE 92 -37.50 -97.38 12.72
N ASN NE 93 -36.30 -96.93 13.11
CA ASN NE 93 -36.04 -95.52 13.35
C ASN NE 93 -36.03 -94.73 12.06
N GLY NE 94 -35.70 -95.40 10.96
CA GLY NE 94 -35.69 -94.73 9.69
C GLY NE 94 -37.13 -94.46 9.31
N LEU NE 95 -37.99 -95.45 9.54
CA LEU NE 95 -39.39 -95.30 9.24
C LEU NE 95 -39.87 -94.09 10.02
N ASP NE 96 -39.37 -93.91 11.24
CA ASP NE 96 -39.75 -92.76 12.06
C ASP NE 96 -39.42 -91.50 11.26
N LEU NE 97 -38.15 -91.35 10.92
CA LEU NE 97 -37.69 -90.22 10.14
C LEU NE 97 -38.65 -89.95 9.00
N ALA NE 98 -38.96 -90.97 8.22
CA ALA NE 98 -39.87 -90.82 7.10
C ALA NE 98 -41.17 -90.17 7.55
N ILE NE 99 -41.82 -90.80 8.52
CA ILE NE 99 -43.07 -90.29 9.03
C ILE NE 99 -42.93 -88.86 9.55
N ASN NE 100 -41.93 -88.59 10.38
CA ASN NE 100 -41.74 -87.24 10.92
C ASN NE 100 -41.36 -86.14 9.91
N LEU NE 101 -41.11 -86.52 8.67
CA LEU NE 101 -40.78 -85.52 7.67
C LEU NE 101 -41.91 -85.44 6.67
N LEU NE 102 -43.01 -86.13 6.96
CA LEU NE 102 -44.15 -86.13 6.07
C LEU NE 102 -44.67 -84.72 5.82
N ASP NE 103 -44.43 -83.82 6.77
CA ASP NE 103 -44.91 -82.45 6.58
C ASP NE 103 -43.78 -81.54 6.11
N ASP NE 104 -43.20 -81.87 4.96
CA ASP NE 104 -42.11 -81.12 4.33
C ASP NE 104 -41.63 -81.98 3.17
N PRO NE 105 -42.48 -82.16 2.17
CA PRO NE 105 -42.19 -82.96 0.99
C PRO NE 105 -40.76 -82.93 0.45
N PRO NE 106 -40.20 -81.74 0.22
CA PRO NE 106 -38.82 -81.67 -0.31
C PRO NE 106 -37.81 -82.38 0.58
N ALA NE 107 -37.92 -82.16 1.88
CA ALA NE 107 -37.03 -82.78 2.85
C ALA NE 107 -37.27 -84.27 2.84
N LEU NE 108 -38.52 -84.65 3.08
CA LEU NE 108 -38.89 -86.06 3.09
C LEU NE 108 -38.35 -86.72 1.84
N ASP NE 109 -38.58 -86.06 0.71
CA ASP NE 109 -38.12 -86.59 -0.56
C ASP NE 109 -36.64 -86.91 -0.41
N ALA NE 110 -35.83 -85.89 -0.20
CA ALA NE 110 -34.39 -86.08 -0.03
C ALA NE 110 -34.09 -87.20 0.94
N ALA NE 111 -34.69 -87.14 2.11
CA ALA NE 111 -34.48 -88.14 3.16
C ALA NE 111 -34.70 -89.56 2.65
N LEU NE 112 -35.73 -89.75 1.84
CA LEU NE 112 -36.04 -91.05 1.30
C LEU NE 112 -35.11 -91.44 0.16
N ASP NE 113 -34.82 -90.50 -0.73
CA ASP NE 113 -33.94 -90.77 -1.85
C ASP NE 113 -32.67 -91.37 -1.28
N HIS NE 114 -32.19 -90.75 -0.22
CA HIS NE 114 -30.99 -91.21 0.45
C HIS NE 114 -31.18 -92.68 0.85
N LEU NE 115 -32.36 -93.00 1.39
CA LEU NE 115 -32.62 -94.38 1.78
C LEU NE 115 -32.61 -95.31 0.58
N ALA NE 116 -32.98 -94.77 -0.57
CA ALA NE 116 -33.00 -95.57 -1.78
C ALA NE 116 -31.58 -96.03 -2.05
N HIS NE 117 -30.66 -95.07 -2.11
CA HIS NE 117 -29.27 -95.36 -2.36
C HIS NE 117 -28.70 -96.36 -1.35
N GLN NE 118 -29.10 -96.27 -0.10
CA GLN NE 118 -28.59 -97.18 0.91
C GLN NE 118 -29.07 -98.60 0.69
N HIS NE 119 -30.08 -98.74 -0.16
CA HIS NE 119 -30.62 -100.05 -0.46
C HIS NE 119 -30.21 -100.50 -1.85
N GLU NE 120 -29.90 -99.55 -2.71
CA GLU NE 120 -29.49 -99.85 -4.07
C GLU NE 120 -28.23 -100.72 -4.08
N VAL NE 121 -27.23 -100.31 -3.30
CA VAL NE 121 -25.96 -101.03 -3.24
C VAL NE 121 -26.01 -102.31 -2.44
N ARG NE 122 -27.21 -102.72 -2.02
CA ARG NE 122 -27.36 -103.95 -1.26
C ARG NE 122 -28.04 -104.93 -2.20
N GLU NE 123 -27.27 -105.63 -3.03
CA GLU NE 123 -27.85 -106.58 -3.97
C GLU NE 123 -28.59 -107.71 -3.27
N GLY NE 124 -29.66 -108.16 -3.90
CA GLY NE 124 -30.47 -109.22 -3.34
C GLY NE 124 -31.83 -108.66 -2.95
N VAL NE 125 -31.83 -107.37 -2.63
CA VAL NE 125 -33.04 -106.67 -2.23
C VAL NE 125 -33.83 -106.28 -3.46
N GLN NE 126 -34.99 -106.90 -3.64
CA GLN NE 126 -35.84 -106.59 -4.79
C GLN NE 126 -37.16 -105.97 -4.37
N LYS NE 127 -37.81 -105.28 -5.30
CA LYS NE 127 -39.08 -104.62 -5.01
C LYS NE 127 -40.10 -105.48 -4.29
N ALA NE 128 -40.39 -106.66 -4.81
CA ALA NE 128 -41.36 -107.56 -4.20
C ALA NE 128 -41.19 -107.65 -2.68
N HIS NE 129 -39.98 -107.41 -2.20
CA HIS NE 129 -39.70 -107.44 -0.77
C HIS NE 129 -40.47 -106.36 -0.07
N PHE NE 130 -40.35 -105.14 -0.57
CA PHE NE 130 -41.04 -104.02 0.02
C PHE NE 130 -42.54 -104.21 -0.04
N LYS NE 131 -43.05 -104.58 -1.20
CA LYS NE 131 -44.48 -104.78 -1.31
C LYS NE 131 -44.95 -105.64 -0.15
N LYS NE 132 -44.22 -106.72 0.12
CA LYS NE 132 -44.57 -107.62 1.21
C LYS NE 132 -44.44 -106.94 2.56
N PHE NE 133 -43.28 -106.33 2.80
CA PHE NE 133 -43.05 -105.65 4.05
C PHE NE 133 -44.17 -104.68 4.31
N GLY NE 134 -44.69 -104.08 3.25
CA GLY NE 134 -45.77 -103.12 3.39
C GLY NE 134 -47.00 -103.80 3.93
N GLU NE 135 -47.38 -104.90 3.31
CA GLU NE 135 -48.55 -105.64 3.73
C GLU NE 135 -48.39 -106.06 5.19
N ILE NE 136 -47.18 -106.45 5.57
CA ILE NE 136 -46.90 -106.89 6.94
C ILE NE 136 -47.05 -105.74 7.92
N LEU NE 137 -46.47 -104.61 7.55
CA LEU NE 137 -46.49 -103.41 8.37
C LEU NE 137 -47.91 -102.96 8.59
N ALA NE 138 -48.73 -103.12 7.56
CA ALA NE 138 -50.11 -102.70 7.62
C ALA NE 138 -50.94 -103.61 8.49
N THR NE 139 -50.49 -104.85 8.67
CA THR NE 139 -51.23 -105.79 9.49
C THR NE 139 -50.72 -105.71 10.91
N GLY NE 140 -49.52 -105.19 11.06
CA GLY NE 140 -48.94 -105.08 12.38
C GLY NE 140 -49.32 -103.85 13.16
N LEU NE 141 -49.17 -102.67 12.56
CA LEU NE 141 -49.49 -101.42 13.24
C LEU NE 141 -50.79 -101.48 14.04
N PRO NE 142 -51.91 -101.82 13.38
CA PRO NE 142 -53.19 -101.89 14.07
C PRO NE 142 -53.24 -102.84 15.24
N GLN NE 143 -52.15 -103.55 15.49
CA GLN NE 143 -52.10 -104.48 16.61
C GLN NE 143 -51.52 -103.83 17.83
N VAL NE 144 -50.77 -102.74 17.64
CA VAL NE 144 -50.16 -102.02 18.74
C VAL NE 144 -50.84 -100.66 18.96
N LEU NE 145 -51.51 -100.16 17.93
CA LEU NE 145 -52.18 -98.89 18.03
C LEU NE 145 -53.69 -99.11 18.10
N ASP NE 146 -54.33 -98.66 19.16
CA ASP NE 146 -55.77 -98.84 19.27
C ASP NE 146 -56.48 -97.96 18.25
N ASP NE 147 -55.93 -96.79 17.97
CA ASP NE 147 -56.52 -95.88 16.98
C ASP NE 147 -55.69 -95.95 15.72
N TYR NE 148 -56.23 -96.60 14.70
CA TYR NE 148 -55.53 -96.76 13.43
C TYR NE 148 -56.47 -96.45 12.28
N ASP NE 149 -56.01 -95.66 11.31
CA ASP NE 149 -56.82 -95.31 10.16
C ASP NE 149 -56.18 -95.93 8.94
N ALA NE 150 -56.53 -97.19 8.68
CA ALA NE 150 -55.98 -97.94 7.55
C ALA NE 150 -55.83 -97.14 6.28
N LEU NE 151 -56.88 -96.43 5.90
CA LEU NE 151 -56.84 -95.64 4.68
C LEU NE 151 -55.71 -94.63 4.65
N ALA NE 152 -55.61 -93.82 5.69
CA ALA NE 152 -54.57 -92.81 5.75
C ALA NE 152 -53.20 -93.47 5.69
N TRP NE 153 -52.95 -94.43 6.56
CA TRP NE 153 -51.67 -95.10 6.59
C TRP NE 153 -51.27 -95.74 5.28
N LYS NE 154 -52.12 -96.58 4.73
CA LYS NE 154 -51.79 -97.25 3.47
C LYS NE 154 -51.35 -96.20 2.46
N SER NE 155 -52.10 -95.10 2.39
CA SER NE 155 -51.78 -94.02 1.47
C SER NE 155 -50.34 -93.54 1.65
N CYS NE 156 -49.97 -93.23 2.88
CA CYS NE 156 -48.63 -92.74 3.19
C CYS NE 156 -47.55 -93.80 3.11
N LEU NE 157 -47.77 -94.95 3.73
CA LEU NE 157 -46.77 -95.99 3.69
C LEU NE 157 -46.40 -96.32 2.25
N LYS NE 158 -47.39 -96.30 1.36
CA LYS NE 158 -47.14 -96.60 -0.04
C LYS NE 158 -46.12 -95.61 -0.57
N GLY NE 159 -46.45 -94.33 -0.51
CA GLY NE 159 -45.54 -93.31 -0.99
C GLY NE 159 -44.12 -93.50 -0.47
N ILE NE 160 -43.99 -93.85 0.80
CA ILE NE 160 -42.70 -94.04 1.41
C ILE NE 160 -41.98 -95.25 0.87
N LEU NE 161 -42.56 -96.42 1.07
CA LEU NE 161 -41.96 -97.65 0.61
C LEU NE 161 -41.54 -97.57 -0.86
N THR NE 162 -42.40 -97.00 -1.69
CA THR NE 162 -42.10 -96.88 -3.10
C THR NE 162 -40.82 -96.08 -3.33
N LYS NE 163 -40.81 -94.84 -2.87
CA LYS NE 163 -39.67 -93.95 -3.06
C LYS NE 163 -38.38 -94.56 -2.52
N ILE NE 164 -38.49 -95.44 -1.53
CA ILE NE 164 -37.30 -96.06 -0.94
C ILE NE 164 -36.71 -97.13 -1.83
N SER NE 165 -37.58 -97.86 -2.51
CA SER NE 165 -37.13 -98.95 -3.36
C SER NE 165 -37.01 -98.58 -4.82
N SER NE 166 -37.28 -97.29 -5.09
CA SER NE 166 -37.42 -96.68 -6.37
C SER NE 166 -36.15 -96.91 -7.08
N ARG NE 167 -35.05 -96.73 -6.32
CA ARG NE 167 -33.73 -96.97 -6.82
C ARG NE 167 -33.51 -98.42 -6.84
N LEU NE 168 -33.16 -98.87 -8.05
CA LEU NE 168 -32.89 -100.20 -8.43
C LEU NE 168 -31.52 -100.10 -9.13
N GLU OE 19 -49.63 -119.72 26.32
CA GLU OE 19 -49.48 -118.50 27.12
C GLU OE 19 -50.24 -117.37 26.52
N CYS OE 20 -49.69 -116.17 26.75
CA CYS OE 20 -50.17 -114.95 26.22
C CYS OE 20 -49.21 -114.58 25.16
N LEU OE 21 -49.52 -113.44 24.53
CA LEU OE 21 -48.67 -112.92 23.52
C LEU OE 21 -48.10 -111.68 24.14
N VAL OE 22 -46.96 -111.21 23.63
CA VAL OE 22 -46.29 -110.03 24.11
C VAL OE 22 -47.13 -108.84 23.82
N THR OE 23 -47.77 -108.81 22.64
CA THR OE 23 -48.66 -107.69 22.38
C THR OE 23 -49.88 -107.75 23.28
N GLU OE 24 -50.51 -108.92 23.33
CA GLU OE 24 -51.69 -109.10 24.15
C GLU OE 24 -51.47 -108.61 25.58
N SER OE 25 -50.21 -108.42 25.96
CA SER OE 25 -49.90 -107.96 27.30
C SER OE 25 -49.84 -106.45 27.26
N LEU OE 26 -48.91 -105.92 26.49
CA LEU OE 26 -48.72 -104.49 26.33
C LEU OE 26 -50.08 -103.80 26.22
N LYS OE 27 -50.98 -104.45 25.50
CA LYS OE 27 -52.33 -103.92 25.31
C LYS OE 27 -53.01 -103.77 26.65
N VAL OE 28 -52.94 -104.80 27.47
CA VAL OE 28 -53.54 -104.76 28.79
C VAL OE 28 -52.78 -103.78 29.67
N LYS OE 29 -51.46 -103.88 29.67
CA LYS OE 29 -50.63 -103.01 30.49
C LYS OE 29 -51.02 -101.57 30.22
N LEU OE 30 -51.25 -101.27 28.94
CA LEU OE 30 -51.63 -99.94 28.51
C LEU OE 30 -53.05 -99.56 28.94
N GLN OE 31 -54.03 -100.38 28.55
CA GLN OE 31 -55.41 -100.10 28.91
C GLN OE 31 -55.60 -100.04 30.42
N TRP OE 32 -54.89 -100.87 31.18
CA TRP OE 32 -55.03 -100.85 32.62
C TRP OE 32 -54.73 -99.44 33.09
N ALA OE 33 -53.71 -98.83 32.51
CA ALA OE 33 -53.33 -97.48 32.86
C ALA OE 33 -54.50 -96.52 32.80
N SER OE 34 -55.08 -96.36 31.61
CA SER OE 34 -56.22 -95.46 31.43
C SER OE 34 -57.39 -95.77 32.32
N ALA OE 35 -57.75 -97.04 32.41
CA ALA OE 35 -58.87 -97.47 33.23
C ALA OE 35 -58.70 -97.26 34.73
N PHE OE 36 -57.67 -97.88 35.30
CA PHE OE 36 -57.40 -97.78 36.71
C PHE OE 36 -57.32 -96.32 37.11
N GLY OE 37 -56.35 -95.62 36.55
CA GLY OE 37 -56.20 -94.20 36.84
C GLY OE 37 -55.24 -93.86 37.96
N HIS OE 38 -55.49 -92.72 38.59
CA HIS OE 38 -54.65 -92.25 39.69
C HIS OE 38 -55.45 -91.67 40.85
N ALA OE 39 -54.86 -91.74 42.05
CA ALA OE 39 -55.47 -91.22 43.27
C ALA OE 39 -56.92 -91.66 43.44
N HIS OE 40 -57.77 -90.72 43.81
CA HIS OE 40 -59.18 -90.99 44.03
C HIS OE 40 -59.83 -91.79 42.91
N GLU OE 41 -59.53 -91.44 41.66
CA GLU OE 41 -60.08 -92.14 40.50
C GLU OE 41 -60.06 -93.68 40.69
N ARG OE 42 -59.08 -94.14 41.45
CA ARG OE 42 -58.91 -95.55 41.73
C ARG OE 42 -59.90 -96.04 42.75
N VAL OE 43 -59.90 -95.42 43.92
CA VAL OE 43 -60.81 -95.82 44.99
C VAL OE 43 -62.19 -96.00 44.39
N ALA OE 44 -62.56 -95.07 43.51
CA ALA OE 44 -63.85 -95.09 42.83
C ALA OE 44 -63.99 -96.37 42.05
N PHE OE 45 -62.92 -96.72 41.33
CA PHE OE 45 -62.90 -97.93 40.55
C PHE OE 45 -63.07 -99.13 41.49
N GLY OE 46 -62.15 -99.27 42.43
CA GLY OE 46 -62.24 -100.38 43.37
C GLY OE 46 -63.65 -100.52 43.92
N LEU OE 47 -64.18 -99.44 44.49
CA LEU OE 47 -65.52 -99.46 45.06
C LEU OE 47 -66.53 -99.99 44.05
N GLU OE 48 -66.66 -99.31 42.92
CA GLU OE 48 -67.61 -99.74 41.91
C GLU OE 48 -67.47 -101.24 41.65
N LEU OE 49 -66.24 -101.73 41.55
CA LEU OE 49 -65.98 -103.15 41.30
C LEU OE 49 -66.55 -104.05 42.37
N TRP OE 50 -66.04 -103.93 43.57
CA TRP OE 50 -66.51 -104.75 44.67
C TRP OE 50 -68.00 -104.69 44.91
N ARG OE 51 -68.61 -103.53 44.68
CA ARG OE 51 -70.05 -103.44 44.90
C ARG OE 51 -70.72 -104.41 43.97
N ASP OE 52 -70.46 -104.27 42.68
CA ASP OE 52 -71.06 -105.16 41.68
C ASP OE 52 -70.82 -106.63 42.02
N ILE OE 53 -69.63 -106.94 42.53
CA ILE OE 53 -69.30 -108.31 42.88
C ILE OE 53 -70.12 -108.82 44.05
N ILE OE 54 -70.14 -108.07 45.13
CA ILE OE 54 -70.88 -108.48 46.30
C ILE OE 54 -72.39 -108.55 46.10
N ASP OE 55 -72.94 -107.70 45.22
CA ASP OE 55 -74.39 -107.75 45.00
C ASP OE 55 -74.76 -109.01 44.24
N ASP OE 56 -73.84 -109.46 43.40
CA ASP OE 56 -74.04 -110.66 42.60
C ASP OE 56 -73.89 -111.92 43.45
N HIS OE 57 -72.90 -111.93 44.33
CA HIS OE 57 -72.65 -113.09 45.18
C HIS OE 57 -72.36 -112.68 46.62
N PRO OE 58 -73.40 -112.36 47.39
CA PRO OE 58 -73.26 -111.94 48.79
C PRO OE 58 -72.52 -112.94 49.69
N GLU OE 59 -72.22 -114.11 49.14
CA GLU OE 59 -71.52 -115.13 49.91
C GLU OE 59 -70.14 -114.63 50.27
N ILE OE 60 -69.64 -113.68 49.48
CA ILE OE 60 -68.31 -113.15 49.69
C ILE OE 60 -68.16 -112.24 50.90
N LYS OE 61 -69.23 -111.59 51.32
CA LYS OE 61 -69.14 -110.72 52.48
C LYS OE 61 -68.57 -111.47 53.69
N ALA OE 62 -68.51 -112.80 53.58
CA ALA OE 62 -68.03 -113.64 54.66
C ALA OE 62 -66.55 -113.48 54.98
N PRO OE 63 -65.65 -113.90 54.08
CA PRO OE 63 -64.22 -113.78 54.37
C PRO OE 63 -63.73 -112.34 54.52
N PHE OE 64 -64.50 -111.40 53.99
CA PHE OE 64 -64.16 -110.00 54.07
C PHE OE 64 -64.63 -109.42 55.39
N SER OE 65 -64.87 -110.29 56.35
CA SER OE 65 -65.33 -109.89 57.68
C SER OE 65 -64.28 -109.06 58.40
N ARG OE 66 -63.01 -109.40 58.18
CA ARG OE 66 -61.90 -108.71 58.84
C ARG OE 66 -61.80 -107.27 58.37
N VAL OE 67 -62.11 -107.04 57.10
CA VAL OE 67 -62.07 -105.72 56.50
C VAL OE 67 -63.46 -105.16 56.24
N ARG OE 68 -64.30 -105.12 57.28
CA ARG OE 68 -65.66 -104.61 57.17
C ARG OE 68 -66.22 -104.73 55.77
N GLY OE 69 -66.50 -105.96 55.36
CA GLY OE 69 -67.04 -106.20 54.04
C GLY OE 69 -68.51 -105.88 53.96
N ASP OE 70 -69.15 -105.70 55.10
CA ASP OE 70 -70.58 -105.39 55.12
C ASP OE 70 -70.80 -103.98 54.57
N ASN OE 71 -69.90 -103.07 54.94
CA ASN OE 71 -69.95 -101.68 54.49
C ASN OE 71 -68.75 -101.41 53.61
N ILE OE 72 -68.91 -101.62 52.31
CA ILE OE 72 -67.81 -101.40 51.38
C ILE OE 72 -67.37 -99.95 51.27
N TYR OE 73 -68.21 -99.02 51.72
CA TYR OE 73 -67.88 -97.61 51.66
C TYR OE 73 -66.99 -97.16 52.82
N SER OE 74 -66.85 -98.04 53.81
CA SER OE 74 -66.04 -97.78 54.99
C SER OE 74 -64.58 -97.66 54.64
N PRO OE 75 -63.81 -96.95 55.46
CA PRO OE 75 -62.38 -96.79 55.20
C PRO OE 75 -61.67 -98.13 55.35
N GLU OE 76 -62.09 -98.90 56.34
CA GLU OE 76 -61.48 -100.19 56.56
C GLU OE 76 -61.49 -101.00 55.26
N PHE OE 77 -62.66 -101.12 54.65
CA PHE OE 77 -62.79 -101.87 53.41
C PHE OE 77 -62.11 -101.12 52.30
N GLY OE 78 -62.31 -99.82 52.26
CA GLY OE 78 -61.70 -99.01 51.23
C GLY OE 78 -60.23 -99.31 51.14
N ALA OE 79 -59.57 -99.37 52.29
CA ALA OE 79 -58.16 -99.66 52.34
C ALA OE 79 -57.96 -100.96 51.61
N HIS OE 80 -58.59 -102.00 52.10
CA HIS OE 80 -58.50 -103.32 51.48
C HIS OE 80 -58.62 -103.22 49.99
N SER OE 81 -59.77 -102.73 49.54
CA SER OE 81 -60.07 -102.52 48.12
C SER OE 81 -58.84 -102.10 47.36
N GLN OE 82 -58.21 -101.05 47.86
CA GLN OE 82 -57.02 -100.52 47.23
C GLN OE 82 -55.88 -101.55 47.21
N ARG OE 83 -55.58 -102.11 48.36
CA ARG OE 83 -54.51 -103.08 48.47
C ARG OE 83 -54.65 -104.12 47.38
N VAL OE 84 -55.88 -104.57 47.19
CA VAL OE 84 -56.18 -105.56 46.19
C VAL OE 84 -55.79 -105.05 44.81
N LEU OE 85 -56.49 -104.03 44.35
CA LEU OE 85 -56.22 -103.46 43.05
C LEU OE 85 -54.73 -103.30 42.85
N SER OE 86 -54.05 -102.81 43.88
CA SER OE 86 -52.61 -102.62 43.77
C SER OE 86 -51.93 -103.90 43.35
N GLY OE 87 -52.21 -104.98 44.05
CA GLY OE 87 -51.60 -106.26 43.72
C GLY OE 87 -51.87 -106.61 42.27
N LEU OE 88 -53.12 -106.39 41.86
CA LEU OE 88 -53.52 -106.65 40.49
C LEU OE 88 -52.63 -105.81 39.57
N ASP OE 89 -52.34 -104.59 39.98
CA ASP OE 89 -51.48 -103.72 39.20
C ASP OE 89 -50.13 -104.42 39.02
N ILE OE 90 -49.55 -104.86 40.12
CA ILE OE 90 -48.26 -105.55 40.09
C ILE OE 90 -48.28 -106.67 39.09
N THR OE 91 -49.13 -107.66 39.34
CA THR OE 91 -49.24 -108.80 38.45
C THR OE 91 -49.26 -108.31 37.01
N ILE OE 92 -50.20 -107.44 36.68
CA ILE OE 92 -50.30 -106.92 35.32
C ILE OE 92 -48.99 -106.32 34.83
N SER OE 93 -48.30 -105.55 35.72
CA SER OE 93 -47.06 -104.92 35.38
C SER OE 93 -45.96 -105.93 35.32
N MET OE 94 -46.14 -107.09 35.95
CA MET OE 94 -45.12 -108.11 35.99
C MET OE 94 -45.05 -108.74 34.64
N LEU OE 95 -46.23 -108.68 34.01
CA LEU OE 95 -46.87 -109.71 33.28
C LEU OE 95 -46.11 -110.00 32.04
N ASP OE 96 -45.64 -108.90 31.43
CA ASP OE 96 -45.06 -108.87 30.13
C ASP OE 96 -43.79 -109.66 30.13
N THR OE 97 -43.03 -109.49 31.20
CA THR OE 97 -41.73 -110.03 31.28
C THR OE 97 -41.86 -111.20 32.21
N PRO OE 98 -41.61 -112.32 31.61
CA PRO OE 98 -41.86 -113.65 32.17
C PRO OE 98 -41.19 -113.97 33.49
N ASP OE 99 -39.90 -113.67 33.60
CA ASP OE 99 -39.17 -113.96 34.82
C ASP OE 99 -39.79 -113.34 36.06
N MET OE 100 -40.33 -112.13 35.91
CA MET OE 100 -40.94 -111.43 37.03
C MET OE 100 -42.32 -111.97 37.31
N LEU OE 101 -43.07 -112.25 36.25
CA LEU OE 101 -44.41 -112.78 36.40
C LEU OE 101 -44.38 -114.13 37.09
N ALA OE 102 -43.61 -115.06 36.52
CA ALA OE 102 -43.48 -116.40 37.07
C ALA OE 102 -43.20 -116.32 38.56
N ALA OE 103 -42.36 -115.38 38.95
CA ALA OE 103 -41.99 -115.17 40.35
C ALA OE 103 -43.15 -114.59 41.15
N GLN OE 104 -43.70 -113.49 40.63
CA GLN OE 104 -44.81 -112.80 41.26
C GLN OE 104 -45.97 -113.76 41.44
N LEU OE 105 -46.31 -114.49 40.40
CA LEU OE 105 -47.41 -115.44 40.48
C LEU OE 105 -47.14 -116.44 41.59
N ALA OE 106 -45.96 -117.05 41.58
CA ALA OE 106 -45.61 -118.02 42.60
C ALA OE 106 -45.80 -117.41 43.99
N HIS OE 107 -45.39 -116.15 44.14
CA HIS OE 107 -45.51 -115.44 45.40
C HIS OE 107 -46.97 -115.31 45.82
N LEU OE 108 -47.86 -115.05 44.86
CA LEU OE 108 -49.28 -114.92 45.16
C LEU OE 108 -49.91 -116.25 45.55
N LYS OE 109 -49.50 -117.31 44.86
CA LYS OE 109 -50.03 -118.65 45.13
C LYS OE 109 -49.87 -118.99 46.61
N VAL OE 110 -48.72 -118.65 47.17
CA VAL OE 110 -48.46 -118.92 48.56
C VAL OE 110 -49.42 -118.20 49.49
N GLN OE 111 -49.60 -116.91 49.28
CA GLN OE 111 -50.50 -116.12 50.11
C GLN OE 111 -51.93 -116.64 50.09
N HIS OE 112 -52.20 -117.56 49.17
CA HIS OE 112 -53.53 -118.13 49.02
C HIS OE 112 -53.66 -119.58 49.48
N VAL OE 113 -52.81 -120.45 48.94
CA VAL OE 113 -52.86 -121.87 49.26
C VAL OE 113 -53.15 -122.17 50.73
N GLU OE 114 -52.54 -121.34 51.61
CA GLU OE 114 -52.50 -121.59 53.01
C GLU OE 114 -53.92 -121.63 53.46
N ARG OE 115 -54.73 -120.74 52.85
CA ARG OE 115 -56.05 -120.36 53.29
C ARG OE 115 -57.03 -120.89 52.30
N ASN OE 116 -58.29 -121.02 52.77
CA ASN OE 116 -59.40 -121.41 51.99
C ASN OE 116 -59.93 -120.21 51.26
N LEU OE 117 -60.26 -120.50 50.00
CA LEU OE 117 -60.93 -119.62 49.12
C LEU OE 117 -61.53 -120.54 48.16
N LYS OE 118 -62.66 -120.13 47.57
CA LYS OE 118 -63.23 -120.83 46.50
C LYS OE 118 -62.61 -120.32 45.25
N PRO OE 119 -62.51 -121.37 44.53
CA PRO OE 119 -62.06 -121.39 43.18
C PRO OE 119 -62.92 -120.52 42.35
N GLU OE 120 -64.23 -120.70 42.46
CA GLU OE 120 -65.15 -120.01 41.57
C GLU OE 120 -65.23 -118.52 41.86
N PHE OE 121 -64.87 -118.11 43.08
CA PHE OE 121 -64.90 -116.71 43.47
C PHE OE 121 -64.08 -115.88 42.52
N PHE OE 122 -62.89 -116.38 42.19
CA PHE OE 122 -62.00 -115.69 41.28
C PHE OE 122 -62.61 -115.60 39.89
N ASP OE 123 -63.26 -116.67 39.45
CA ASP OE 123 -63.89 -116.67 38.14
C ASP OE 123 -64.93 -115.55 38.12
N ILE OE 124 -65.47 -115.25 39.29
CA ILE OE 124 -66.47 -114.19 39.47
C ILE OE 124 -65.76 -112.85 39.41
N PHE OE 125 -64.76 -112.70 40.26
CA PHE OE 125 -63.96 -111.49 40.30
C PHE OE 125 -63.61 -111.07 38.88
N LEU OE 126 -63.06 -112.01 38.11
CA LEU OE 126 -62.68 -111.74 36.73
C LEU OE 126 -63.86 -111.26 35.92
N LYS OE 127 -64.97 -111.97 36.02
CA LYS OE 127 -66.16 -111.59 35.27
C LYS OE 127 -66.41 -110.08 35.41
N HIS OE 128 -66.45 -109.61 36.66
CA HIS OE 128 -66.71 -108.19 36.90
C HIS OE 128 -65.58 -107.28 36.49
N LEU OE 129 -64.35 -107.60 36.88
CA LEU OE 129 -63.22 -106.76 36.51
C LEU OE 129 -63.30 -106.42 35.04
N LEU OE 130 -63.75 -107.37 34.22
CA LEU OE 130 -63.87 -107.15 32.79
C LEU OE 130 -65.07 -106.29 32.51
N HIS OE 131 -66.16 -106.58 33.21
CA HIS OE 131 -67.39 -105.82 33.04
C HIS OE 131 -67.08 -104.35 33.30
N VAL OE 132 -66.43 -104.07 34.42
CA VAL OE 132 -66.06 -102.70 34.78
C VAL OE 132 -65.13 -102.05 33.78
N LEU OE 133 -64.00 -102.69 33.47
CA LEU OE 133 -63.07 -102.13 32.49
C LEU OE 133 -63.84 -101.86 31.20
N GLY OE 134 -64.84 -102.71 30.93
CA GLY OE 134 -65.65 -102.53 29.75
C GLY OE 134 -66.24 -101.14 29.72
N ASP OE 135 -66.86 -100.74 30.84
CA ASP OE 135 -67.46 -99.41 30.96
C ASP OE 135 -66.39 -98.35 30.83
N ARG OE 136 -65.38 -98.43 31.67
CA ARG OE 136 -64.29 -97.46 31.65
C ARG OE 136 -63.65 -97.26 30.29
N LEU OE 137 -63.24 -98.35 29.65
CA LEU OE 137 -62.57 -98.23 28.37
C LEU OE 137 -63.47 -98.07 27.14
N GLY OE 138 -64.70 -98.58 27.22
CA GLY OE 138 -65.62 -98.44 26.10
C GLY OE 138 -65.51 -99.57 25.11
N THR OE 139 -65.64 -99.24 23.83
CA THR OE 139 -65.59 -100.24 22.79
C THR OE 139 -64.17 -100.63 22.41
N HIS OE 140 -63.21 -99.79 22.79
CA HIS OE 140 -61.81 -100.06 22.48
C HIS OE 140 -61.30 -101.22 23.30
N PHE OE 141 -61.92 -101.42 24.46
CA PHE OE 141 -61.54 -102.47 25.39
C PHE OE 141 -61.24 -103.77 24.69
N ASP OE 142 -60.00 -104.21 24.75
CA ASP OE 142 -59.64 -105.48 24.09
C ASP OE 142 -59.94 -106.67 24.98
N PHE OE 143 -61.21 -107.03 25.02
CA PHE OE 143 -61.69 -108.16 25.81
C PHE OE 143 -60.77 -109.35 25.62
N GLY OE 144 -60.57 -109.75 24.37
CA GLY OE 144 -59.71 -110.88 24.08
C GLY OE 144 -58.45 -110.84 24.89
N ALA OE 145 -57.65 -109.80 24.67
CA ALA OE 145 -56.38 -109.63 25.36
C ALA OE 145 -56.51 -109.75 26.88
N TRP OE 146 -57.49 -109.09 27.46
CA TRP OE 146 -57.66 -109.18 28.90
C TRP OE 146 -58.00 -110.59 29.36
N HIS OE 147 -59.07 -111.16 28.82
CA HIS OE 147 -59.48 -112.50 29.19
C HIS OE 147 -58.30 -113.45 29.16
N ASP OE 148 -57.63 -113.53 28.02
CA ASP OE 148 -56.46 -114.39 27.88
C ASP OE 148 -55.40 -114.06 28.92
N CYS OE 149 -55.22 -112.77 29.18
CA CYS OE 149 -54.19 -112.32 30.10
C CYS OE 149 -54.47 -112.27 31.60
N VAL OE 150 -55.59 -111.70 32.01
CA VAL OE 150 -55.91 -111.65 33.43
C VAL OE 150 -56.18 -113.06 33.93
N ASP OE 151 -56.73 -113.90 33.05
CA ASP OE 151 -57.05 -115.28 33.41
C ASP OE 151 -55.78 -115.90 33.99
N GLN OE 152 -54.72 -115.91 33.18
CA GLN OE 152 -53.44 -116.46 33.60
C GLN OE 152 -53.04 -116.00 35.02
N ILE OE 153 -53.41 -114.77 35.38
CA ILE OE 153 -53.07 -114.23 36.68
C ILE OE 153 -53.93 -114.85 37.76
N ILE OE 154 -55.18 -115.16 37.44
CA ILE OE 154 -56.08 -115.74 38.40
C ILE OE 154 -55.69 -117.18 38.70
N ASP OE 155 -55.53 -118.00 37.67
CA ASP OE 155 -55.18 -119.40 37.88
C ASP OE 155 -53.97 -119.54 38.79
N GLY OE 156 -52.95 -118.71 38.57
CA GLY OE 156 -51.70 -118.94 39.25
C GLY OE 156 -51.90 -118.76 40.72
N ILE OE 157 -52.59 -117.66 41.08
CA ILE OE 157 -52.75 -117.30 42.46
C ILE OE 157 -53.58 -118.39 43.01
N LYS OE 158 -54.61 -118.70 42.20
CA LYS OE 158 -55.73 -119.56 42.53
C LYS OE 158 -55.25 -120.80 43.34
N ARG PE 24 -28.07 2.21 -5.50
CA ARG PE 24 -28.66 3.09 -4.48
C ARG PE 24 -29.30 2.40 -3.36
N PHE PE 25 -29.58 3.22 -2.37
CA PHE PE 25 -30.21 2.82 -1.18
C PHE PE 25 -31.62 2.40 -1.45
N GLN PE 26 -32.34 3.13 -2.31
CA GLN PE 26 -33.75 2.91 -2.32
C GLN PE 26 -34.04 1.50 -2.77
N TYR PE 27 -33.18 1.06 -3.71
CA TYR PE 27 -33.05 0.08 -4.76
C TYR PE 27 -33.28 -1.36 -4.37
N LEU PE 28 -32.24 -1.84 -3.68
CA LEU PE 28 -31.94 -3.22 -3.46
C LEU PE 28 -32.92 -3.61 -2.46
N VAL PE 29 -33.37 -2.57 -1.76
CA VAL PE 29 -34.47 -2.76 -0.81
C VAL PE 29 -35.76 -3.17 -1.50
N LYS PE 30 -36.08 -2.53 -2.61
CA LYS PE 30 -37.30 -2.82 -3.35
C LYS PE 30 -37.47 -4.31 -3.60
N ASN PE 31 -36.37 -5.04 -3.65
CA ASN PE 31 -36.43 -6.48 -3.88
C ASN PE 31 -36.34 -7.28 -2.59
N GLN PE 32 -35.62 -6.75 -1.62
CA GLN PE 32 -35.49 -7.45 -0.33
C GLN PE 32 -36.90 -7.66 0.24
N ASN PE 33 -37.71 -6.60 0.20
CA ASN PE 33 -39.08 -6.69 0.69
C ASN PE 33 -39.84 -7.72 -0.14
N LEU PE 34 -39.33 -7.98 -1.34
CA LEU PE 34 -39.97 -8.95 -2.22
C LEU PE 34 -39.56 -10.35 -1.80
N HIS PE 35 -38.28 -10.54 -1.52
CA HIS PE 35 -37.81 -11.85 -1.09
C HIS PE 35 -38.62 -12.24 0.14
N ILE PE 36 -39.05 -11.23 0.90
CA ILE PE 36 -39.83 -11.48 2.09
C ILE PE 36 -41.29 -11.72 1.72
N ASP PE 37 -41.86 -10.81 0.92
CA ASP PE 37 -43.24 -10.96 0.50
C ASP PE 37 -43.34 -12.37 -0.08
N TYR PE 38 -42.18 -12.92 -0.47
CA TYR PE 38 -42.08 -14.28 -1.03
C TYR PE 38 -42.29 -15.28 0.08
N LEU PE 39 -41.34 -15.33 1.01
CA LEU PE 39 -41.43 -16.24 2.14
C LEU PE 39 -42.82 -16.28 2.71
N ALA PE 40 -43.44 -15.13 2.91
CA ALA PE 40 -44.78 -15.04 3.45
C ALA PE 40 -45.74 -15.97 2.70
N LYS PE 41 -45.60 -16.04 1.38
CA LYS PE 41 -46.46 -16.88 0.54
C LYS PE 41 -46.08 -18.37 0.64
N LYS PE 42 -44.79 -18.67 0.54
CA LYS PE 42 -44.32 -20.06 0.62
C LYS PE 42 -44.71 -20.66 1.96
N LEU PE 43 -44.99 -19.77 2.92
CA LEU PE 43 -45.38 -20.18 4.26
C LEU PE 43 -46.90 -20.32 4.37
N HIS PE 44 -47.60 -19.35 3.79
CA HIS PE 44 -49.06 -19.39 3.82
C HIS PE 44 -49.50 -20.65 3.09
N ASP PE 45 -48.81 -20.97 2.01
CA ASP PE 45 -49.14 -22.16 1.23
C ASP PE 45 -48.79 -23.42 2.05
N ILE PE 46 -48.26 -23.20 3.24
CA ILE PE 46 -47.91 -24.28 4.17
C ILE PE 46 -48.91 -24.33 5.28
N GLU PE 47 -49.07 -23.20 5.96
CA GLU PE 47 -50.03 -23.09 7.04
C GLU PE 47 -51.39 -23.50 6.49
N GLU PE 48 -51.55 -23.36 5.18
CA GLU PE 48 -52.81 -23.73 4.52
C GLU PE 48 -52.87 -25.25 4.43
N GLU PE 49 -51.84 -25.84 3.84
CA GLU PE 49 -51.77 -27.29 3.69
C GLU PE 49 -51.78 -27.96 5.06
N TYR PE 50 -51.63 -27.15 6.10
CA TYR PE 50 -51.64 -27.66 7.46
C TYR PE 50 -53.07 -27.88 7.91
N ASN PE 51 -53.88 -26.83 7.85
CA ASN PE 51 -55.28 -26.90 8.26
C ASN PE 51 -56.05 -28.02 7.55
N LYS PE 52 -55.61 -28.35 6.31
CA LYS PE 52 -56.28 -29.36 5.55
C LYS PE 52 -56.23 -30.60 6.40
N LEU PE 53 -55.06 -30.87 7.04
CA LEU PE 53 -54.82 -32.02 7.87
C LEU PE 53 -55.22 -31.73 9.27
N THR PE 54 -56.05 -32.65 9.79
CA THR PE 54 -56.90 -32.45 10.90
C THR PE 54 -56.11 -32.18 12.12
N HIS PE 55 -56.89 -31.91 13.16
CA HIS PE 55 -56.37 -31.28 14.31
C HIS PE 55 -56.23 -32.39 15.24
N ASP PE 56 -55.30 -32.27 16.16
CA ASP PE 56 -55.03 -33.48 16.82
C ASP PE 56 -56.20 -33.68 17.77
N VAL PE 57 -56.61 -34.96 17.97
CA VAL PE 57 -57.82 -35.27 18.67
C VAL PE 57 -57.66 -34.88 20.10
N ASP PE 58 -58.79 -34.45 20.69
CA ASP PE 58 -58.80 -33.76 21.95
C ASP PE 58 -58.67 -34.74 23.07
N LYS PE 59 -55.44 -35.29 23.61
CA LYS PE 59 -55.25 -36.18 24.76
C LYS PE 59 -56.59 -36.55 25.36
N LYS PE 60 -57.57 -35.67 25.25
CA LYS PE 60 -58.91 -35.91 25.79
C LYS PE 60 -59.57 -37.15 25.13
N THR PE 61 -59.01 -37.59 24.01
CA THR PE 61 -59.53 -38.76 23.29
C THR PE 61 -58.91 -40.02 23.85
N ILE PE 62 -57.59 -40.06 23.84
CA ILE PE 62 -56.88 -41.19 24.39
C ILE PE 62 -57.46 -41.48 25.77
N ARG PE 63 -57.63 -40.43 26.57
CA ARG PE 63 -58.16 -40.56 27.92
C ARG PE 63 -59.44 -41.36 27.91
N GLN PE 64 -60.33 -41.05 26.98
CA GLN PE 64 -61.61 -41.73 26.87
C GLN PE 64 -61.46 -43.19 26.50
N LEU PE 65 -60.41 -43.51 25.76
CA LEU PE 65 -60.13 -44.90 25.36
C LEU PE 65 -59.65 -45.65 26.57
N LYS PE 66 -58.54 -45.19 27.16
CA LYS PE 66 -58.00 -45.81 28.36
C LYS PE 66 -59.16 -46.04 29.33
N ALA PE 67 -60.18 -45.17 29.31
CA ALA PE 67 -61.33 -45.32 30.19
C ALA PE 67 -62.17 -46.46 29.71
N ARG PE 68 -62.83 -46.28 28.55
CA ARG PE 68 -63.69 -47.31 27.97
C ARG PE 68 -63.07 -48.69 28.13
N ILE PE 69 -61.78 -48.77 27.86
CA ILE PE 69 -61.05 -50.01 27.97
C ILE PE 69 -60.99 -50.45 29.42
N SER PE 70 -60.40 -49.61 30.25
CA SER PE 70 -60.27 -49.92 31.67
C SER PE 70 -61.60 -50.37 32.29
N ASN PE 71 -62.76 -49.91 31.78
CA ASN PE 71 -63.92 -50.27 32.55
C ASN PE 71 -64.14 -51.72 32.42
N LEU PE 72 -63.77 -52.32 31.28
CA LEU PE 72 -64.26 -53.65 31.11
C LEU PE 72 -63.60 -54.50 32.16
N GLU PE 73 -61.77 -58.89 32.37
CA GLU PE 73 -60.80 -59.37 33.31
C GLU PE 73 -61.42 -59.40 34.67
N GLU PE 74 -60.87 -60.28 35.54
CA GLU PE 74 -61.39 -60.52 36.85
C GLU PE 74 -60.75 -59.56 37.81
N HIS PE 75 -61.34 -59.50 39.01
CA HIS PE 75 -60.62 -59.02 40.14
C HIS PE 75 -60.53 -60.17 41.08
N HIS PE 76 -59.49 -60.11 41.93
CA HIS PE 76 -59.15 -61.20 42.76
C HIS PE 76 -60.34 -61.43 43.66
N CYS PE 77 -60.93 -60.36 44.20
CA CYS PE 77 -61.76 -60.52 45.35
C CYS PE 77 -63.01 -61.26 45.03
N ASP PE 78 -63.28 -62.21 45.96
CA ASP PE 78 -64.53 -62.84 46.25
C ASP PE 78 -65.37 -61.74 46.83
N GLU PE 79 -66.68 -62.01 46.99
CA GLU PE 79 -67.68 -60.98 46.97
C GLU PE 79 -67.61 -60.12 48.20
N HIS PE 80 -68.02 -58.85 48.04
CA HIS PE 80 -68.02 -57.83 49.07
C HIS PE 80 -66.71 -57.82 49.75
N GLU PE 81 -65.67 -57.60 48.94
CA GLU PE 81 -64.36 -56.98 49.09
C GLU PE 81 -64.04 -56.22 47.81
N SER PE 82 -63.32 -55.12 47.93
CA SER PE 82 -62.92 -54.32 46.77
C SER PE 82 -61.47 -53.94 46.96
N GLU PE 83 -60.74 -53.75 45.87
CA GLU PE 83 -59.33 -53.43 45.99
C GLU PE 83 -58.98 -51.98 46.24
N CYS PE 84 -57.87 -51.70 46.94
CA CYS PE 84 -57.54 -50.30 47.10
C CYS PE 84 -57.04 -49.78 45.80
N ARG PE 85 -57.42 -48.52 45.51
CA ARG PE 85 -57.40 -47.87 44.23
C ARG PE 85 -56.01 -47.95 43.69
N GLY PE 86 -55.01 -47.77 44.56
CA GLY PE 86 -53.71 -47.43 44.08
C GLY PE 86 -52.99 -48.65 43.67
N ASP PE 87 -51.64 -48.54 43.71
CA ASP PE 87 -50.63 -49.36 43.11
C ASP PE 87 -50.75 -50.73 43.66
N VAL PE 88 -51.02 -50.80 44.97
CA VAL PE 88 -51.18 -52.09 45.54
C VAL PE 88 -52.56 -52.55 45.18
N PRO PE 89 -52.61 -53.83 44.89
CA PRO PE 89 -53.79 -54.56 44.56
C PRO PE 89 -54.74 -54.60 45.72
N GLU PE 90 -54.19 -54.59 46.94
CA GLU PE 90 -54.65 -55.28 48.09
C GLU PE 90 -56.13 -55.14 48.29
N CYS PE 91 -56.72 -56.21 48.82
CA CYS PE 91 -58.18 -56.30 48.96
C CYS PE 91 -58.65 -56.09 50.39
N ILE PE 92 -59.58 -55.16 50.63
CA ILE PE 92 -60.11 -54.99 52.00
C ILE PE 92 -61.61 -55.12 51.93
N HIS PE 93 -62.24 -55.47 53.06
CA HIS PE 93 -63.68 -55.65 53.05
C HIS PE 93 -64.45 -54.37 52.77
N ASP PE 94 -65.58 -54.49 52.04
CA ASP PE 94 -66.28 -53.40 51.44
C ASP PE 94 -66.69 -52.43 52.50
N LEU PE 95 -67.00 -52.95 53.70
CA LEU PE 95 -67.79 -52.32 54.73
C LEU PE 95 -67.13 -51.13 55.32
N LEU PE 96 -65.80 -51.25 55.52
CA LEU PE 96 -64.99 -50.54 56.47
C LEU PE 96 -64.96 -49.11 56.09
N PHE PE 97 -65.29 -48.84 54.83
CA PHE PE 97 -65.49 -47.48 54.43
C PHE PE 97 -66.75 -47.00 55.08
N CYS PE 98 -66.71 -45.80 55.69
CA CYS PE 98 -65.48 -45.11 55.91
C CYS PE 98 -65.19 -45.34 57.37
N ASP PE 99 -63.92 -45.22 57.79
CA ASP PE 99 -63.59 -44.92 59.15
C ASP PE 99 -63.99 -43.50 59.36
N GLY PE 100 -63.95 -42.74 58.25
CA GLY PE 100 -63.82 -41.31 58.25
C GLY PE 100 -62.40 -41.11 57.87
N GLU PE 101 -61.54 -42.05 58.32
CA GLU PE 101 -60.11 -42.06 58.19
C GLU PE 101 -59.77 -43.08 57.15
N LYS PE 102 -58.49 -43.08 56.71
CA LYS PE 102 -58.17 -43.99 55.68
C LYS PE 102 -58.15 -45.36 56.26
N ASP PE 103 -59.11 -46.17 55.81
CA ASP PE 103 -59.11 -47.54 56.21
C ASP PE 103 -57.82 -48.05 55.70
N CYS PE 104 -57.47 -47.61 54.47
CA CYS PE 104 -56.38 -48.22 53.78
C CYS PE 104 -55.07 -47.70 54.25
N ARG PE 105 -54.03 -48.53 54.06
CA ARG PE 105 -52.66 -48.14 54.31
C ARG PE 105 -52.27 -47.09 53.33
N ASP PE 106 -52.63 -47.39 52.06
CA ASP PE 106 -52.32 -46.73 50.80
C ASP PE 106 -52.92 -45.39 50.83
N GLY PE 107 -54.16 -45.32 51.37
CA GLY PE 107 -54.85 -44.06 51.36
C GLY PE 107 -55.20 -43.80 49.95
N SER PE 108 -55.60 -44.85 49.22
CA SER PE 108 -55.85 -44.65 47.84
C SER PE 108 -57.07 -43.83 47.77
N ASP PE 109 -57.87 -43.95 48.86
CA ASP PE 109 -59.21 -43.51 48.96
C ASP PE 109 -59.24 -42.04 48.72
N GLU PE 110 -58.28 -41.35 49.33
CA GLU PE 110 -58.27 -39.93 49.61
C GLU PE 110 -58.23 -39.22 48.30
N ASP PE 111 -57.73 -39.96 47.29
CA ASP PE 111 -57.66 -39.59 45.91
C ASP PE 111 -59.05 -39.38 45.43
N PRO PE 112 -59.16 -38.41 44.60
CA PRO PE 112 -60.40 -37.92 43.99
C PRO PE 112 -61.26 -38.94 43.26
N GLU PE 113 -60.66 -39.84 42.50
CA GLU PE 113 -61.42 -40.85 41.75
C GLU PE 113 -62.33 -41.68 42.66
N THR PE 114 -62.14 -41.55 43.96
CA THR PE 114 -62.91 -42.30 44.94
C THR PE 114 -63.93 -41.44 45.63
N CYS PE 115 -63.48 -40.25 46.03
CA CYS PE 115 -64.34 -39.30 46.73
C CYS PE 115 -65.12 -38.39 45.80
N SER PE 116 -65.08 -38.70 44.50
CA SER PE 116 -65.47 -37.82 43.44
C SER PE 116 -66.87 -37.39 43.66
N LEU PE 117 -67.12 -36.20 43.14
CA LEU PE 117 -68.36 -35.52 43.01
C LEU PE 117 -69.29 -36.15 42.04
N ASN PE 118 -68.79 -36.42 40.82
CA ASN PE 118 -69.63 -36.82 39.72
C ASN PE 118 -70.21 -38.14 40.09
N ILE PE 119 -69.37 -39.02 40.66
CA ILE PE 119 -69.71 -40.38 40.89
C ILE PE 119 -70.94 -40.37 41.75
N THR PE 120 -70.85 -39.65 42.89
CA THR PE 120 -71.82 -39.60 43.95
C THR PE 120 -73.02 -38.92 43.42
N HIS PE 121 -72.78 -38.05 42.40
CA HIS PE 121 -73.63 -36.96 42.03
C HIS PE 121 -74.97 -37.51 41.76
N VAL PE 122 -75.96 -36.73 42.21
CA VAL PE 122 -77.31 -37.13 42.19
C VAL PE 122 -77.88 -36.72 40.88
N GLY PE 123 -78.90 -37.49 40.42
CA GLY PE 123 -79.75 -37.02 39.36
C GLY PE 123 -79.12 -37.41 38.06
N SER PE 124 -78.22 -38.40 38.15
CA SER PE 124 -77.82 -39.25 37.07
C SER PE 124 -78.97 -40.18 36.80
N SER PE 125 -79.33 -40.35 35.51
CA SER PE 125 -80.35 -41.11 34.85
C SER PE 125 -79.80 -42.10 33.83
N TYR PE 126 -80.25 -43.34 33.91
CA TYR PE 126 -79.81 -44.38 33.02
C TYR PE 126 -81.03 -44.95 32.30
N THR PE 127 -80.91 -45.14 30.97
CA THR PE 127 -82.00 -45.72 30.20
C THR PE 127 -81.54 -46.71 29.15
N GLY PE 128 -82.47 -47.56 28.75
CA GLY PE 128 -82.19 -48.55 27.74
C GLY PE 128 -83.52 -49.06 27.24
N LEU PE 129 -83.50 -50.12 26.44
CA LEU PE 129 -84.76 -50.66 25.96
C LEU PE 129 -85.10 -51.91 26.73
N ALA PE 130 -86.13 -51.78 27.56
CA ALA PE 130 -86.56 -52.88 28.40
C ALA PE 130 -87.36 -53.87 27.58
N THR PE 131 -86.95 -55.12 27.63
CA THR PE 131 -87.63 -56.20 26.91
C THR PE 131 -88.06 -57.15 28.02
N TRP PE 132 -89.36 -57.16 28.31
CA TRP PE 132 -89.90 -57.98 29.39
C TRP PE 132 -90.01 -59.46 29.10
N THR PE 133 -89.35 -60.26 29.96
CA THR PE 133 -89.51 -61.66 29.76
C THR PE 133 -90.95 -61.77 30.11
N SER PE 134 -91.22 -61.23 31.30
CA SER PE 134 -92.50 -61.40 31.92
C SER PE 134 -93.62 -60.58 31.34
N CYS PE 135 -93.70 -59.31 31.78
CA CYS PE 135 -94.96 -58.63 31.71
C CYS PE 135 -95.33 -58.33 30.28
N GLU PE 136 -94.36 -57.78 29.51
CA GLU PE 136 -94.75 -56.86 28.49
C GLU PE 136 -95.12 -57.60 27.25
N ASP PE 137 -96.46 -57.68 27.05
CA ASP PE 137 -97.02 -58.28 25.90
C ASP PE 137 -96.43 -57.49 24.81
N LEU PE 138 -96.41 -56.17 25.01
CA LEU PE 138 -96.04 -55.36 23.90
C LEU PE 138 -94.57 -55.32 23.77
N ASN PE 139 -94.19 -54.56 22.73
CA ASN PE 139 -92.94 -54.40 22.10
C ASN PE 139 -92.10 -53.56 22.99
N PRO PE 140 -90.92 -54.07 23.20
CA PRO PE 140 -90.09 -53.72 24.31
C PRO PE 140 -89.92 -52.28 24.31
N ASP PE 141 -90.04 -51.75 25.52
CA ASP PE 141 -90.32 -50.33 25.71
C ASP PE 141 -89.12 -49.70 26.42
N HIS PE 142 -89.14 -48.38 26.51
CA HIS PE 142 -88.04 -47.67 27.13
C HIS PE 142 -88.11 -47.61 28.64
N ALA PE 143 -87.04 -48.03 29.28
CA ALA PE 143 -86.94 -48.01 30.74
C ALA PE 143 -85.99 -46.89 31.16
N ILE PE 144 -86.33 -46.20 32.24
CA ILE PE 144 -85.51 -45.11 32.72
C ILE PE 144 -85.39 -45.04 34.23
N VAL PE 145 -84.24 -45.43 34.76
CA VAL PE 145 -84.05 -45.37 36.19
C VAL PE 145 -83.20 -44.16 36.43
N THR PE 146 -83.76 -43.18 37.12
CA THR PE 146 -83.07 -41.93 37.41
C THR PE 146 -83.04 -41.60 38.92
N ILE PE 147 -81.88 -41.13 39.42
CA ILE PE 147 -81.65 -40.84 40.84
C ILE PE 147 -82.26 -39.52 41.30
N THR PE 148 -83.12 -39.58 42.33
CA THR PE 148 -83.82 -38.38 42.82
C THR PE 148 -83.23 -37.68 44.02
N ALA PE 149 -82.44 -38.39 44.80
CA ALA PE 149 -81.80 -37.79 45.95
C ALA PE 149 -80.88 -38.83 46.55
N ALA PE 150 -79.79 -38.41 47.16
CA ALA PE 150 -78.87 -39.38 47.73
C ALA PE 150 -77.88 -38.80 48.71
N HIS PE 151 -77.82 -39.44 49.90
CA HIS PE 151 -77.29 -38.78 51.07
C HIS PE 151 -75.82 -38.60 50.98
N ARG PE 152 -75.43 -37.34 51.18
CA ARG PE 152 -74.07 -37.12 51.46
C ARG PE 152 -74.02 -36.58 52.83
N LYS PE 153 -72.84 -36.70 53.40
CA LYS PE 153 -72.45 -35.66 54.25
C LYS PE 153 -71.33 -35.02 53.57
N SER PE 154 -70.48 -34.49 54.43
CA SER PE 154 -69.36 -33.74 54.01
C SER PE 154 -68.32 -34.64 53.43
N PHE PE 155 -67.85 -35.60 54.25
CA PHE PE 155 -66.50 -36.04 54.08
C PHE PE 155 -66.38 -37.00 53.01
N PHE PE 156 -67.55 -37.54 52.69
CA PHE PE 156 -67.85 -38.92 52.79
C PHE PE 156 -67.30 -39.48 51.53
N PRO PE 157 -66.33 -40.35 51.52
CA PRO PE 157 -65.72 -40.67 50.28
C PRO PE 157 -66.74 -41.38 49.42
N ASN PE 158 -67.81 -41.94 50.05
CA ASN PE 158 -68.31 -43.28 49.73
C ASN PE 158 -69.61 -43.24 49.00
N ARG PE 159 -70.37 -44.34 49.19
CA ARG PE 159 -71.57 -44.63 48.45
C ARG PE 159 -72.73 -44.12 49.19
N VAL PE 160 -73.61 -43.59 48.35
CA VAL PE 160 -74.80 -42.92 48.66
C VAL PE 160 -75.79 -44.00 48.82
N TRP PE 161 -76.83 -43.59 49.53
CA TRP PE 161 -77.92 -44.37 49.97
C TRP PE 161 -78.92 -43.39 49.58
N LEU PE 162 -79.79 -43.83 48.71
CA LEU PE 162 -80.42 -42.93 47.75
C LEU PE 162 -81.85 -43.25 47.39
N ARG PE 163 -82.42 -42.36 46.60
CA ARG PE 163 -83.78 -42.51 46.13
C ARG PE 163 -83.80 -42.16 44.66
N ALA PE 164 -84.62 -42.90 43.91
CA ALA PE 164 -84.74 -42.71 42.47
C ALA PE 164 -86.14 -43.04 42.00
N THR PE 165 -86.30 -43.02 40.69
CA THR PE 165 -87.58 -43.30 40.04
C THR PE 165 -87.37 -44.23 38.85
N LEU PE 166 -88.25 -45.21 38.69
CA LEU PE 166 -88.16 -46.12 37.54
C LEU PE 166 -89.37 -45.84 36.67
N SER PE 167 -89.15 -45.44 35.42
CA SER PE 167 -90.24 -45.15 34.51
C SER PE 167 -90.12 -45.97 33.25
N TYR PE 168 -91.20 -46.57 32.79
CA TYR PE 168 -91.17 -47.33 31.55
C TYR PE 168 -92.48 -47.10 30.81
N GLU PE 169 -92.38 -46.86 29.51
CA GLU PE 169 -93.53 -46.57 28.65
C GLU PE 169 -94.56 -47.70 28.67
N LEU PE 170 -95.85 -47.32 28.69
CA LEU PE 170 -96.88 -48.27 28.45
C LEU PE 170 -96.86 -48.63 27.03
N ASP PE 171 -97.20 -47.62 26.23
CA ASP PE 171 -97.00 -47.78 24.85
C ASP PE 171 -96.50 -46.55 24.28
N GLU PE 172 -96.15 -46.74 23.00
CA GLU PE 172 -96.08 -45.79 21.94
C GLU PE 172 -97.45 -45.27 21.72
N HIS PE 173 -98.43 -46.19 21.68
CA HIS PE 173 -99.72 -45.73 21.30
C HIS PE 173 -100.18 -44.79 22.38
N ASP PE 174 -100.27 -45.39 23.57
CA ASP PE 174 -101.06 -44.90 24.66
C ASP PE 174 -100.55 -43.51 24.87
N HIS PE 175 -99.21 -43.40 24.74
CA HIS PE 175 -98.37 -42.33 25.19
C HIS PE 175 -98.47 -42.23 26.68
N THR PE 176 -98.50 -43.38 27.37
CA THR PE 176 -98.54 -43.27 28.78
C THR PE 176 -97.34 -43.88 29.37
N VAL PE 177 -97.21 -43.76 30.73
CA VAL PE 177 -95.96 -44.28 31.28
C VAL PE 177 -96.00 -44.44 32.81
N SER PE 178 -95.53 -45.59 33.28
CA SER PE 178 -95.53 -45.91 34.69
C SER PE 178 -94.34 -45.32 35.38
N THR PE 179 -94.56 -44.73 36.55
CA THR PE 179 -93.48 -44.12 37.31
C THR PE 179 -93.56 -44.49 38.77
N THR PE 180 -92.74 -45.45 39.18
CA THR PE 180 -92.71 -45.91 40.56
C THR PE 180 -91.54 -45.24 41.27
N GLN PE 181 -91.73 -44.84 42.53
CA GLN PE 181 -90.63 -44.23 43.30
C GLN PE 181 -89.83 -45.34 43.98
N LEU PE 182 -88.52 -45.17 44.10
CA LEU PE 182 -87.71 -46.21 44.70
C LEU PE 182 -86.82 -45.70 45.81
N ARG PE 183 -86.29 -46.64 46.59
CA ARG PE 183 -85.37 -46.36 47.69
C ARG PE 183 -84.27 -47.41 47.54
N GLY PE 184 -83.10 -47.15 48.13
CA GLY PE 184 -82.02 -48.12 48.01
C GLY PE 184 -80.66 -47.49 48.17
N PHE PE 185 -79.63 -48.22 47.76
CA PHE PE 185 -78.28 -47.71 47.88
C PHE PE 185 -77.44 -48.11 46.69
N TYR PE 186 -76.16 -47.78 46.74
CA TYR PE 186 -75.26 -48.15 45.67
C TYR PE 186 -74.07 -48.81 46.32
N ASN PE 187 -73.76 -50.03 45.88
CA ASN PE 187 -72.65 -50.78 46.41
C ASN PE 187 -71.37 -50.55 45.64
N PHE PE 188 -70.40 -50.01 46.38
CA PHE PE 188 -69.11 -49.60 45.88
C PHE PE 188 -68.41 -50.76 45.33
N GLY PE 189 -68.42 -51.82 46.15
CA GLY PE 189 -67.75 -53.04 45.88
C GLY PE 189 -68.41 -53.72 44.74
N LYS PE 190 -69.75 -53.70 44.74
CA LYS PE 190 -70.54 -54.43 43.80
C LYS PE 190 -70.56 -53.77 42.47
N ARG PE 191 -70.37 -52.43 42.48
CA ARG PE 191 -70.56 -51.50 41.40
C ARG PE 191 -72.02 -51.49 41.06
N GLU PE 192 -72.83 -52.00 41.94
CA GLU PE 192 -74.23 -52.25 41.60
C GLU PE 192 -75.22 -51.33 42.30
N LEU PE 193 -76.18 -50.88 41.51
CA LEU PE 193 -77.21 -50.00 41.99
C LEU PE 193 -78.39 -50.90 42.34
N LEU PE 194 -78.87 -50.84 43.59
CA LEU PE 194 -79.99 -51.70 44.01
C LEU PE 194 -81.18 -50.89 44.54
N LEU PE 195 -82.24 -50.78 43.75
CA LEU PE 195 -83.40 -50.00 44.16
C LEU PE 195 -84.67 -50.82 44.25
N ALA PE 196 -85.54 -50.46 45.18
CA ALA PE 196 -86.81 -51.15 45.38
C ALA PE 196 -87.89 -50.12 45.59
N PRO PE 197 -89.16 -50.50 45.43
CA PRO PE 197 -90.27 -49.55 45.62
C PRO PE 197 -90.36 -49.11 47.06
N LEU PE 198 -90.67 -47.77 47.20
CA LEU PE 198 -90.39 -47.09 48.41
C LEU PE 198 -91.24 -47.75 49.41
N LYS PE 199 -92.51 -47.93 49.02
CA LYS PE 199 -93.41 -48.58 49.89
C LYS PE 199 -94.79 -48.26 49.46
N GLY PE 200 -95.71 -49.11 49.95
CA GLY PE 200 -96.97 -48.68 50.49
C GLY PE 200 -97.92 -48.83 49.40
N GLN PE 201 -97.30 -49.12 48.24
CA GLN PE 201 -97.84 -49.59 47.00
C GLN PE 201 -98.30 -51.03 47.15
N SER PE 202 -97.41 -51.81 47.83
CA SER PE 202 -97.27 -53.21 48.16
C SER PE 202 -96.92 -54.00 46.96
N GLU PE 203 -97.41 -53.57 45.79
CA GLU PE 203 -96.68 -54.07 44.69
C GLU PE 203 -95.98 -52.88 44.18
N GLY PE 204 -94.66 -52.92 44.25
CA GLY PE 204 -93.93 -51.89 43.60
C GLY PE 204 -92.90 -52.68 42.91
N TYR PE 205 -92.15 -52.08 41.98
CA TYR PE 205 -91.16 -52.84 41.32
C TYR PE 205 -89.88 -52.16 41.55
N GLY PE 206 -88.79 -52.96 41.44
CA GLY PE 206 -87.46 -52.56 41.74
C GLY PE 206 -86.56 -52.97 40.61
N VAL PE 207 -85.27 -52.65 40.78
CA VAL PE 207 -84.34 -52.63 39.66
C VAL PE 207 -82.92 -52.79 40.14
N ILE PE 208 -82.14 -53.58 39.40
CA ILE PE 208 -80.74 -53.82 39.74
C ILE PE 208 -79.91 -53.42 38.54
N CYS PE 209 -78.92 -52.56 38.73
CA CYS PE 209 -78.08 -52.15 37.61
C CYS PE 209 -76.64 -52.38 37.95
N ASP PE 210 -75.93 -53.13 37.11
CA ASP PE 210 -74.52 -53.37 37.35
C ASP PE 210 -73.74 -52.44 36.43
N PHE PE 211 -72.78 -51.83 37.09
CA PHE PE 211 -71.82 -50.97 36.55
C PHE PE 211 -71.06 -51.73 35.48
N ASN PE 212 -70.53 -52.94 35.81
CA ASN PE 212 -69.13 -53.12 35.61
C ASN PE 212 -68.85 -53.54 34.21
N LEU PE 213 -69.00 -52.57 33.32
CA LEU PE 213 -68.12 -52.41 32.23
C LEU PE 213 -66.83 -51.97 32.84
N GLY PE 214 -66.92 -51.19 33.94
CA GLY PE 214 -65.85 -50.32 34.34
C GLY PE 214 -66.28 -48.96 33.90
N ASP PE 215 -67.26 -48.90 32.99
CA ASP PE 215 -67.61 -47.59 32.61
C ASP PE 215 -68.51 -47.04 33.66
N ASP PE 216 -68.70 -45.70 33.57
CA ASP PE 216 -69.66 -44.89 34.28
C ASP PE 216 -71.03 -45.15 33.78
N ASP PE 217 -71.09 -44.84 32.48
CA ASP PE 217 -72.25 -44.43 31.78
C ASP PE 217 -73.07 -45.63 31.68
N HIS PE 218 -72.37 -46.74 31.47
CA HIS PE 218 -73.06 -47.88 30.92
C HIS PE 218 -73.35 -48.90 32.01
N ALA PE 219 -74.52 -49.52 31.96
CA ALA PE 219 -74.90 -50.50 32.96
C ALA PE 219 -75.83 -51.58 32.42
N ASP PE 220 -75.84 -52.71 33.10
CA ASP PE 220 -76.65 -53.87 32.73
C ASP PE 220 -77.81 -53.96 33.70
N CYS PE 221 -78.83 -53.13 33.47
CA CYS PE 221 -79.97 -53.13 34.37
C CYS PE 221 -81.02 -54.21 34.14
N LYS PE 222 -81.71 -54.62 35.21
CA LYS PE 222 -82.76 -55.61 35.13
C LYS PE 222 -83.87 -55.27 36.10
N ILE PE 223 -85.07 -55.07 35.58
CA ILE PE 223 -86.23 -54.74 36.39
C ILE PE 223 -86.65 -56.02 37.12
N VAL PE 224 -86.61 -55.98 38.44
CA VAL PE 224 -86.95 -57.14 39.24
C VAL PE 224 -88.21 -56.97 40.05
N VAL PE 225 -88.57 -58.04 40.73
CA VAL PE 225 -89.70 -57.99 41.60
C VAL PE 225 -89.06 -57.88 42.97
N PRO PE 226 -89.42 -56.84 43.72
CA PRO PE 226 -88.80 -56.47 44.99
C PRO PE 226 -88.87 -57.53 46.04
N SER PE 227 -89.87 -58.42 45.93
CA SER PE 227 -89.81 -59.65 46.63
C SER PE 227 -88.52 -60.28 46.25
N SER PE 228 -88.67 -61.29 45.40
CA SER PE 228 -87.75 -62.38 45.42
C SER PE 228 -86.47 -61.94 44.79
N LEU PE 229 -86.49 -60.72 44.20
CA LEU PE 229 -85.49 -60.11 43.36
C LEU PE 229 -85.38 -60.82 42.02
N PHE PE 230 -86.48 -61.42 41.52
CA PHE PE 230 -86.63 -62.21 40.34
C PHE PE 230 -86.79 -61.26 39.16
N VAL PE 231 -86.00 -61.50 38.12
CA VAL PE 231 -85.98 -60.70 36.89
C VAL PE 231 -87.27 -60.60 36.06
N CYS PE 232 -88.00 -59.50 36.20
CA CYS PE 232 -89.22 -59.33 35.45
C CYS PE 232 -88.93 -58.96 34.01
N ALA PE 233 -87.83 -58.24 33.81
CA ALA PE 233 -87.43 -57.79 32.48
C ALA PE 233 -85.98 -57.31 32.54
N HIS PE 234 -85.32 -57.24 31.38
CA HIS PE 234 -83.94 -56.82 31.29
C HIS PE 234 -83.73 -55.72 30.26
N PHE PE 235 -82.85 -54.76 30.56
CA PHE PE 235 -82.55 -53.68 29.63
C PHE PE 235 -81.13 -53.15 29.85
N ASN PE 236 -80.34 -53.15 28.78
CA ASN PE 236 -78.95 -52.70 28.84
C ASN PE 236 -79.01 -51.20 28.76
N ALA PE 237 -78.55 -50.51 29.80
CA ALA PE 237 -78.67 -49.06 29.81
C ALA PE 237 -77.42 -48.20 29.61
N GLN PE 238 -77.71 -46.96 29.22
CA GLN PE 238 -76.69 -45.94 28.99
C GLN PE 238 -77.15 -44.73 29.78
N ARG PE 239 -76.24 -43.82 30.01
CA ARG PE 239 -76.52 -42.65 30.81
C ARG PE 239 -76.73 -41.38 30.07
N TYR PE 240 -77.78 -40.61 30.43
CA TYR PE 240 -79.06 -40.80 29.76
C TYR PE 240 -78.67 -41.52 28.54
N LEU QE 47 -26.88 1.68 6.98
CA LEU QE 47 -26.55 1.74 5.53
C LEU QE 47 -26.22 0.37 5.04
N ASP QE 48 -24.98 0.23 4.50
CA ASP QE 48 -24.59 -1.07 3.94
C ASP QE 48 -24.45 -2.24 4.92
N PRO QE 49 -24.01 -1.98 6.18
CA PRO QE 49 -23.85 -3.06 7.15
C PRO QE 49 -25.16 -3.62 7.75
N ARG QE 50 -25.94 -2.77 8.40
CA ARG QE 50 -27.19 -3.21 9.02
C ARG QE 50 -28.19 -3.79 8.01
N LEU QE 51 -28.03 -3.41 6.74
CA LEU QE 51 -28.92 -3.89 5.68
C LEU QE 51 -28.33 -5.11 4.96
N GLY QE 52 -27.01 -5.11 4.76
CA GLY QE 52 -26.35 -6.21 4.09
C GLY QE 52 -26.21 -7.41 5.02
N ALA QE 53 -26.39 -7.16 6.31
CA ALA QE 53 -26.30 -8.21 7.34
C ALA QE 53 -27.70 -8.72 7.65
N ASN QE 54 -28.69 -7.83 7.54
CA ASN QE 54 -30.08 -8.20 7.79
C ASN QE 54 -30.47 -9.28 6.80
N ALA QE 55 -29.54 -9.61 5.91
CA ALA QE 55 -29.74 -10.64 4.90
C ALA QE 55 -29.33 -12.00 5.47
N PHE QE 56 -28.16 -12.07 6.09
CA PHE QE 56 -27.67 -13.31 6.69
C PHE QE 56 -28.73 -13.77 7.67
N LEU QE 57 -29.65 -12.86 7.99
CA LEU QE 57 -30.76 -13.13 8.91
C LEU QE 57 -31.90 -13.75 8.11
N ILE QE 58 -32.11 -13.25 6.90
CA ILE QE 58 -33.17 -13.76 6.04
C ILE QE 58 -32.79 -15.09 5.41
N ILE QE 59 -31.54 -15.21 5.00
CA ILE QE 59 -31.08 -16.45 4.40
C ILE QE 59 -31.41 -17.59 5.35
N ARG QE 60 -31.34 -17.30 6.65
CA ARG QE 60 -31.64 -18.30 7.66
C ARG QE 60 -33.07 -18.80 7.46
N LEU QE 61 -34.01 -17.87 7.50
CA LEU QE 61 -35.40 -18.23 7.33
C LEU QE 61 -35.63 -19.07 6.08
N ASP QE 62 -34.75 -18.93 5.10
CA ASP QE 62 -34.87 -19.68 3.86
C ASP QE 62 -34.61 -21.17 4.10
N ARG QE 63 -33.54 -21.47 4.85
CA ARG QE 63 -33.21 -22.85 5.15
C ARG QE 63 -34.28 -23.37 6.12
N ILE QE 64 -34.67 -22.53 7.07
CA ILE QE 64 -35.68 -22.88 8.05
C ILE QE 64 -36.99 -23.28 7.39
N ILE QE 65 -37.54 -22.34 6.63
CA ILE QE 65 -38.79 -22.58 5.95
C ILE QE 65 -38.71 -23.88 5.15
N GLU QE 66 -37.55 -24.17 4.57
CA GLU QE 66 -37.37 -25.39 3.77
C GLU QE 66 -37.42 -26.62 4.65
N LYS QE 67 -36.58 -26.64 5.69
CA LYS QE 67 -36.54 -27.78 6.62
C LYS QE 67 -37.95 -27.98 7.18
N LEU QE 68 -38.66 -26.87 7.35
CA LEU QE 68 -40.01 -26.89 7.87
C LEU QE 68 -40.95 -27.65 6.92
N ARG QE 69 -40.63 -27.64 5.63
CA ARG QE 69 -41.43 -28.36 4.63
C ARG QE 69 -41.30 -29.85 4.91
N THR QE 70 -40.08 -30.29 5.20
CA THR QE 70 -39.82 -31.69 5.49
C THR QE 70 -40.63 -32.16 6.69
N LYS QE 71 -40.73 -31.30 7.71
CA LYS QE 71 -41.49 -31.64 8.91
C LYS QE 71 -42.96 -31.78 8.61
N LEU QE 72 -43.49 -30.91 7.75
CA LEU QE 72 -44.90 -30.98 7.42
C LEU QE 72 -45.17 -32.26 6.64
N ASP QE 73 -44.11 -32.86 6.11
CA ASP QE 73 -44.23 -34.10 5.36
C ASP QE 73 -44.24 -35.27 6.34
N GLU QE 74 -43.41 -35.15 7.37
CA GLU QE 74 -43.33 -36.17 8.40
C GLU QE 74 -44.64 -36.18 9.20
N ALA QE 75 -45.18 -34.99 9.40
CA ALA QE 75 -46.41 -34.81 10.15
C ALA QE 75 -47.65 -35.45 9.51
N GLU QE 76 -47.68 -35.47 8.19
CA GLU QE 76 -48.82 -36.05 7.47
C GLU QE 76 -48.85 -37.57 7.61
N LYS QE 77 -47.70 -38.16 7.93
CA LYS QE 77 -47.59 -39.62 8.10
C LYS QE 77 -48.08 -40.08 9.47
N ILE QE 78 -47.94 -39.26 10.48
CA ILE QE 78 -48.53 -39.75 11.69
C ILE QE 78 -49.74 -38.91 11.93
N ASP QE 79 -50.94 -39.42 11.53
CA ASP QE 79 -52.09 -38.72 12.04
C ASP QE 79 -52.43 -39.39 13.28
N PRO QE 80 -52.32 -38.63 14.27
CA PRO QE 80 -53.00 -38.94 15.53
C PRO QE 80 -54.47 -39.35 15.36
N GLU QE 81 -55.29 -38.45 14.83
CA GLU QE 81 -56.72 -38.76 14.64
C GLU QE 81 -56.90 -40.10 13.93
N HIS QE 82 -55.85 -40.56 13.26
CA HIS QE 82 -55.88 -41.84 12.55
C HIS QE 82 -55.51 -42.94 13.52
N PHE QE 83 -54.34 -42.81 14.16
CA PHE QE 83 -53.88 -43.78 15.12
C PHE QE 83 -54.96 -44.07 16.16
N VAL QE 84 -55.50 -43.01 16.76
CA VAL QE 84 -56.54 -43.19 17.76
C VAL QE 84 -57.63 -44.08 17.21
N SER QE 85 -58.03 -43.82 15.98
CA SER QE 85 -59.08 -44.62 15.34
C SER QE 85 -58.67 -46.09 15.27
N GLU QE 86 -57.38 -46.33 15.04
CA GLU QE 86 -56.90 -47.71 14.97
C GLU QE 86 -57.12 -48.39 16.30
N ILE QE 87 -56.82 -47.68 17.38
CA ILE QE 87 -57.02 -48.25 18.69
C ILE QE 87 -58.50 -48.45 18.94
N ASP QE 88 -59.32 -47.44 18.67
CA ASP QE 88 -60.76 -47.60 18.88
C ASP QE 88 -61.20 -48.91 18.24
N ALA QE 89 -61.04 -49.01 16.93
CA ALA QE 89 -61.43 -50.22 16.24
C ALA QE 89 -60.75 -51.44 16.82
N ARG QE 90 -59.46 -51.32 17.12
CA ARG QE 90 -58.70 -52.42 17.67
C ARG QE 90 -59.36 -52.96 18.94
N VAL QE 91 -59.83 -52.04 19.77
CA VAL QE 91 -60.45 -52.38 21.02
C VAL QE 91 -61.87 -52.80 20.84
N THR QE 92 -62.63 -52.08 20.03
CA THR QE 92 -64.02 -52.44 19.79
C THR QE 92 -64.06 -53.90 19.35
N LYS QE 93 -63.01 -54.33 18.66
CA LYS QE 93 -62.89 -55.70 18.17
C LYS QE 93 -62.83 -56.68 19.33
N ILE QE 94 -62.27 -56.24 20.45
CA ILE QE 94 -62.16 -57.08 21.64
C ILE QE 94 -63.45 -57.04 22.40
N GLU QE 95 -63.99 -55.83 22.56
CA GLU QE 95 -65.24 -55.63 23.27
C GLU QE 95 -66.32 -56.37 22.49
N GLY QE 96 -68.92 -60.27 21.72
CA GLY QE 96 -69.75 -61.20 20.99
C GLY QE 96 -71.10 -60.58 20.75
N THR QE 97 -71.99 -61.32 20.06
CA THR QE 97 -73.26 -60.71 19.89
C THR QE 97 -74.18 -61.12 20.99
N HIS QE 98 -74.92 -60.11 21.49
CA HIS QE 98 -76.05 -60.33 22.33
C HIS QE 98 -77.07 -60.93 21.44
N CYS QE 99 -77.10 -60.43 20.20
CA CYS QE 99 -78.20 -60.71 19.33
C CYS QE 99 -78.02 -62.06 18.76
N GLU QE 100 -79.05 -62.45 17.98
CA GLU QE 100 -79.03 -63.73 17.37
C GLU QE 100 -78.54 -63.57 16.00
N LYS QE 101 -78.01 -64.67 15.45
CA LYS QE 101 -77.28 -64.44 14.27
C LYS QE 101 -78.20 -64.11 13.15
N ARG QE 102 -77.67 -63.27 12.23
CA ARG QE 102 -78.42 -62.78 11.11
C ARG QE 102 -79.54 -62.01 11.66
N THR QE 103 -79.25 -61.27 12.71
CA THR QE 103 -80.07 -60.19 13.25
C THR QE 103 -79.26 -58.92 13.35
N PHE QE 104 -79.95 -57.79 13.28
CA PHE QE 104 -79.30 -56.48 13.31
C PHE QE 104 -79.51 -55.72 14.61
N GLN QE 105 -78.41 -55.34 15.26
CA GLN QE 105 -78.45 -54.63 16.53
C GLN QE 105 -78.61 -53.15 16.32
N CYS QE 106 -79.64 -52.53 16.94
CA CYS QE 106 -79.88 -51.13 16.74
C CYS QE 106 -78.88 -50.35 17.53
N GLY QE 107 -79.11 -49.03 17.52
CA GLY QE 107 -78.14 -48.09 17.99
C GLY QE 107 -78.35 -47.90 19.46
N GLY QE 108 -77.83 -46.77 19.97
CA GLY QE 108 -77.66 -46.58 21.37
C GLY QE 108 -78.99 -46.52 22.05
N ASN QE 109 -79.94 -45.84 21.38
CA ASN QE 109 -81.15 -45.37 22.01
C ASN QE 109 -81.94 -46.49 22.58
N GLU QE 110 -82.35 -47.42 21.72
CA GLU QE 110 -82.96 -48.54 22.31
C GLU QE 110 -81.92 -49.57 22.16
N GLN QE 111 -82.39 -50.80 22.22
CA GLN QE 111 -81.57 -51.93 22.10
C GLN QE 111 -82.52 -52.95 21.63
N GLU QE 112 -82.49 -53.24 20.32
CA GLU QE 112 -83.46 -54.15 19.82
C GLU QE 112 -82.77 -54.91 18.74
N CYS QE 113 -83.24 -56.15 18.50
CA CYS QE 113 -82.90 -56.98 17.34
C CYS QE 113 -83.85 -56.96 16.11
N ILE QE 114 -83.26 -56.88 14.91
CA ILE QE 114 -84.05 -56.87 13.67
C ILE QE 114 -83.53 -57.87 12.67
N SER QE 115 -84.43 -58.58 11.99
CA SER QE 115 -83.98 -59.56 11.02
C SER QE 115 -83.33 -58.88 9.84
N ASP QE 116 -82.17 -59.46 9.37
CA ASP QE 116 -81.28 -58.78 8.50
C ASP QE 116 -81.94 -58.30 7.25
N LEU QE 117 -82.64 -59.20 6.55
CA LEU QE 117 -83.12 -58.84 5.23
C LEU QE 117 -84.10 -57.74 5.42
N LEU QE 118 -84.89 -57.88 6.48
CA LEU QE 118 -85.94 -56.94 6.66
C LEU QE 118 -85.37 -55.59 6.96
N VAL QE 119 -84.29 -55.56 7.78
CA VAL QE 119 -83.70 -54.33 8.28
C VAL QE 119 -83.02 -53.54 7.20
N CYS QE 120 -82.39 -54.22 6.22
CA CYS QE 120 -81.82 -53.49 5.11
C CYS QE 120 -82.84 -53.54 4.04
N ASP QE 121 -83.94 -52.83 4.26
CA ASP QE 121 -84.95 -52.78 3.26
C ASP QE 121 -84.35 -52.03 2.13
N GLY QE 122 -83.58 -50.99 2.49
CA GLY QE 122 -83.10 -50.00 1.56
C GLY QE 122 -83.87 -48.76 1.86
N HIS QE 123 -85.08 -48.98 2.41
CA HIS QE 123 -85.93 -48.02 3.10
C HIS QE 123 -85.68 -48.27 4.56
N LYS QE 124 -86.10 -47.34 5.45
CA LYS QE 124 -85.72 -47.48 6.84
C LYS QE 124 -86.40 -48.67 7.43
N ASP QE 125 -85.57 -49.55 8.01
CA ASP QE 125 -86.09 -50.64 8.80
C ASP QE 125 -86.83 -50.02 9.97
N CYS QE 126 -86.14 -49.13 10.69
CA CYS QE 126 -86.68 -48.71 11.93
C CYS QE 126 -86.88 -47.25 11.89
N HIS QE 127 -87.49 -46.82 12.99
CA HIS QE 127 -87.82 -45.46 13.21
C HIS QE 127 -86.55 -44.70 13.07
N ASN QE 128 -85.51 -45.06 13.86
CA ASN QE 128 -84.52 -44.12 14.29
C ASN QE 128 -83.95 -43.38 13.11
N ALA QE 129 -83.33 -44.03 12.10
CA ALA QE 129 -83.01 -45.43 11.99
C ALA QE 129 -81.53 -45.47 12.06
N HIS QE 130 -80.99 -46.62 12.49
CA HIS QE 130 -79.57 -46.79 12.66
C HIS QE 130 -78.94 -46.59 11.32
N ASP QE 131 -79.54 -47.27 10.31
CA ASP QE 131 -79.09 -47.47 8.95
C ASP QE 131 -78.99 -46.15 8.26
N GLU QE 132 -80.01 -45.28 8.48
CA GLU QE 132 -80.29 -44.09 7.73
C GLU QE 132 -79.14 -43.13 7.89
N ASP QE 133 -78.49 -43.16 9.08
CA ASP QE 133 -77.38 -42.29 9.41
C ASP QE 133 -76.23 -42.58 8.48
N PRO QE 134 -75.63 -41.52 8.05
CA PRO QE 134 -74.88 -41.47 6.81
C PRO QE 134 -73.57 -42.19 6.87
N ASP QE 135 -73.08 -42.37 8.12
CA ASP QE 135 -71.77 -42.85 8.52
C ASP QE 135 -71.59 -44.28 8.19
N VAL QE 136 -72.65 -45.10 8.42
CA VAL QE 136 -72.59 -46.49 8.09
C VAL QE 136 -72.81 -46.68 6.63
N CYS QE 137 -73.75 -45.93 6.03
CA CYS QE 137 -74.27 -46.27 4.74
C CYS QE 137 -73.21 -45.97 3.70
N ASP QE 138 -72.22 -45.14 4.10
CA ASP QE 138 -71.28 -44.45 3.27
C ASP QE 138 -70.61 -45.41 2.35
N THR QE 139 -70.84 -45.17 1.06
CA THR QE 139 -70.56 -46.10 0.03
C THR QE 139 -69.09 -46.29 -0.09
N SER QE 140 -68.34 -45.18 0.04
CA SER QE 140 -67.04 -45.11 -0.53
C SER QE 140 -66.16 -46.17 0.06
N VAL QE 141 -66.08 -46.24 1.41
CA VAL QE 141 -65.10 -47.09 2.04
C VAL QE 141 -65.35 -48.48 1.54
N VAL QE 142 -66.64 -48.85 1.47
CA VAL QE 142 -67.11 -50.18 1.22
C VAL QE 142 -66.71 -50.60 -0.14
N LYS QE 143 -66.60 -49.62 -1.05
CA LYS QE 143 -66.74 -49.80 -2.46
C LYS QE 143 -65.66 -50.70 -2.95
N ALA QE 144 -66.00 -51.61 -3.88
CA ALA QE 144 -65.00 -52.52 -4.30
C ALA QE 144 -64.19 -51.88 -5.37
N GLY QE 145 -63.41 -52.75 -6.04
CA GLY QE 145 -62.42 -52.37 -6.99
C GLY QE 145 -61.12 -52.41 -6.27
N ASN QE 146 -61.15 -52.76 -4.98
CA ASN QE 146 -59.94 -52.80 -4.23
C ASN QE 146 -59.19 -54.07 -4.57
N VAL QE 147 -57.84 -54.07 -4.41
CA VAL QE 147 -57.03 -55.27 -4.43
C VAL QE 147 -56.59 -55.64 -3.02
N PHE QE 148 -56.79 -56.91 -2.67
CA PHE QE 148 -56.41 -57.39 -1.36
C PHE QE 148 -55.37 -58.50 -1.49
N SER QE 149 -54.29 -58.38 -0.73
CA SER QE 149 -53.23 -59.38 -0.76
C SER QE 149 -53.01 -59.85 0.65
N GLY QE 150 -52.20 -60.90 0.79
CA GLY QE 150 -51.93 -61.43 2.11
C GLY QE 150 -51.45 -62.85 2.00
N THR QE 151 -50.96 -63.37 3.11
CA THR QE 151 -50.45 -64.72 3.15
C THR QE 151 -51.53 -65.75 3.49
N SER QE 152 -51.55 -66.82 2.72
CA SER QE 152 -52.50 -67.89 2.86
C SER QE 152 -51.77 -69.08 3.47
N THR QE 153 -52.00 -69.31 4.75
CA THR QE 153 -51.38 -70.44 5.44
C THR QE 153 -52.36 -71.60 5.30
N TRP QE 154 -51.87 -72.72 4.77
CA TRP QE 154 -52.73 -73.87 4.57
C TRP QE 154 -52.65 -74.92 5.66
N HIS QE 155 -53.82 -75.52 5.93
CA HIS QE 155 -53.94 -76.82 6.48
C HIS QE 155 -53.36 -77.77 5.49
N GLY QE 156 -53.35 -77.36 4.21
CA GLY QE 156 -52.74 -78.18 3.21
C GLY QE 156 -53.75 -79.13 2.70
N CYS QE 157 -54.95 -78.63 2.36
CA CYS QE 157 -55.74 -79.38 1.44
C CYS QE 157 -55.08 -79.33 0.10
N LEU QE 158 -54.38 -78.23 -0.18
CA LEU QE 158 -53.65 -78.12 -1.40
C LEU QE 158 -52.28 -78.59 -1.11
N ALA QE 159 -51.62 -79.15 -2.16
CA ALA QE 159 -50.41 -79.88 -1.95
C ALA QE 159 -49.44 -78.93 -1.34
N ARG QE 160 -49.46 -77.69 -1.88
CA ARG QE 160 -48.44 -76.66 -2.11
C ARG QE 160 -48.18 -75.77 -0.94
N GLU QE 161 -46.91 -75.32 -0.78
CA GLU QE 161 -46.32 -74.71 0.38
C GLU QE 161 -46.99 -73.36 0.65
N ASP QE 162 -46.70 -72.70 1.81
CA ASP QE 162 -47.51 -71.54 2.05
C ASP QE 162 -47.15 -70.49 1.06
N HIS QE 163 -47.99 -69.46 0.99
CA HIS QE 163 -47.86 -68.59 -0.17
C HIS QE 163 -48.76 -67.40 -0.01
N VAL QE 164 -48.82 -66.56 -1.03
CA VAL QE 164 -49.66 -65.38 -0.99
C VAL QE 164 -50.83 -65.47 -1.97
N THR QE 165 -51.95 -64.85 -1.61
CA THR QE 165 -53.14 -64.84 -2.45
C THR QE 165 -53.41 -63.38 -2.74
N ARG QE 166 -53.99 -63.09 -3.90
CA ARG QE 166 -54.26 -61.72 -4.25
C ARG QE 166 -55.66 -61.58 -4.83
N ILE QE 167 -56.61 -61.24 -3.97
CA ILE QE 167 -57.99 -61.07 -4.38
C ILE QE 167 -58.17 -59.66 -4.90
N THR QE 168 -58.64 -59.54 -6.14
CA THR QE 168 -58.86 -58.24 -6.74
C THR QE 168 -60.23 -58.17 -7.40
N ILE QE 169 -61.05 -57.23 -6.93
CA ILE QE 169 -62.40 -57.07 -7.44
C ILE QE 169 -62.43 -56.62 -8.88
N THR QE 170 -63.00 -57.45 -9.74
CA THR QE 170 -63.12 -57.15 -11.17
C THR QE 170 -64.26 -56.17 -11.43
N ALA QE 171 -65.50 -56.56 -11.07
CA ALA QE 171 -66.70 -55.74 -11.27
C ALA QE 171 -67.65 -55.80 -10.09
N SER QE 172 -68.66 -54.94 -10.10
CA SER QE 172 -69.62 -54.89 -8.99
C SER QE 172 -70.95 -54.24 -9.31
N LYS QE 173 -72.01 -55.03 -9.51
CA LYS QE 173 -73.35 -54.51 -9.79
C LYS QE 173 -74.16 -54.43 -8.49
N ARG QE 174 -75.19 -53.57 -8.53
CA ARG QE 174 -76.22 -53.55 -7.55
C ARG QE 174 -77.35 -52.89 -8.25
N ARG QE 175 -78.21 -52.22 -7.49
CA ARG QE 175 -79.05 -51.30 -8.20
C ARG QE 175 -78.25 -50.04 -8.31
N LYS QE 176 -78.94 -48.91 -8.53
CA LYS QE 176 -78.28 -47.66 -8.50
C LYS QE 176 -77.85 -47.35 -7.10
N PHE QE 177 -78.71 -47.68 -6.10
CA PHE QE 177 -78.56 -47.27 -4.73
C PHE QE 177 -77.48 -48.01 -4.04
N PHE QE 178 -77.34 -49.29 -4.40
CA PHE QE 178 -78.16 -50.30 -3.82
C PHE QE 178 -77.34 -50.84 -2.68
N THR QE 179 -77.75 -50.58 -1.42
CA THR QE 179 -76.77 -50.80 -0.39
C THR QE 179 -76.55 -52.25 -0.08
N ALA QE 180 -77.64 -53.04 0.08
CA ALA QE 180 -77.58 -54.13 1.04
C ALA QE 180 -76.52 -55.05 0.61
N ARG QE 181 -76.71 -55.38 -0.68
CA ARG QE 181 -76.13 -56.49 -1.37
C ARG QE 181 -75.41 -55.91 -2.51
N ILE QE 182 -74.25 -56.48 -2.73
CA ILE QE 182 -73.40 -56.03 -3.81
C ILE QE 182 -72.92 -57.28 -4.55
N TRP QE 183 -73.38 -57.47 -5.77
CA TRP QE 183 -72.96 -58.62 -6.52
C TRP QE 183 -71.66 -58.26 -7.17
N LEU QE 184 -70.71 -59.19 -7.22
CA LEU QE 184 -69.42 -58.86 -7.82
C LEU QE 184 -68.61 -60.01 -8.40
N ARG QE 185 -67.74 -59.65 -9.34
CA ARG QE 185 -66.84 -60.59 -9.99
C ARG QE 185 -65.46 -60.18 -9.51
N ALA QE 186 -64.55 -61.14 -9.40
CA ALA QE 186 -63.21 -60.83 -8.94
C ALA QE 186 -62.19 -61.84 -9.43
N LEU QE 187 -60.93 -61.46 -9.32
CA LEU QE 187 -59.83 -62.29 -9.77
C LEU QE 187 -58.95 -62.73 -8.64
N VAL QE 188 -58.85 -64.04 -8.44
CA VAL QE 188 -58.04 -64.55 -7.36
C VAL QE 188 -56.76 -65.16 -7.90
N GLU QE 189 -55.62 -64.64 -7.48
CA GLU QE 189 -54.32 -65.14 -7.93
C GLU QE 189 -53.54 -65.67 -6.73
N SER QE 190 -52.68 -66.62 -7.03
CA SER QE 190 -51.71 -66.96 -6.07
C SER QE 190 -50.42 -67.03 -6.77
N GLU QE 191 -49.40 -66.77 -5.99
CA GLU QE 191 -48.01 -66.88 -6.43
C GLU QE 191 -47.36 -68.10 -5.79
N LEU QE 192 -47.40 -69.22 -6.49
CA LEU QE 192 -46.82 -70.46 -5.98
C LEU QE 192 -45.79 -71.03 -6.93
N GLU QE 193 -44.84 -71.78 -6.38
CA GLU QE 193 -43.78 -72.40 -7.17
C GLU QE 193 -44.14 -73.83 -7.57
N ARG QE 194 -44.05 -74.11 -8.92
CA ARG QE 194 -44.15 -75.41 -9.52
C ARG QE 194 -42.72 -75.82 -9.69
N HIS QE 195 -42.50 -77.02 -10.26
CA HIS QE 195 -41.17 -77.39 -10.63
C HIS QE 195 -40.74 -76.55 -11.80
N GLY QE 196 -39.63 -75.82 -11.63
CA GLY QE 196 -39.39 -74.72 -12.50
C GLY QE 196 -39.71 -73.50 -11.70
N GLU QE 197 -39.85 -72.36 -12.40
CA GLU QE 197 -39.89 -71.07 -11.80
C GLU QE 197 -41.23 -70.80 -11.26
N ASN QE 198 -41.30 -69.61 -10.58
CA ASN QE 198 -42.50 -68.94 -10.07
C ASN QE 198 -43.63 -68.88 -11.10
N VAL QE 199 -44.80 -69.40 -10.72
CA VAL QE 199 -45.99 -69.40 -11.58
C VAL QE 199 -47.07 -68.63 -10.86
N THR QE 200 -48.21 -68.43 -11.51
CA THR QE 200 -49.31 -67.72 -10.89
C THR QE 200 -50.64 -68.35 -11.26
N SER QE 201 -51.35 -68.78 -10.23
CA SER QE 201 -52.60 -69.46 -10.46
C SER QE 201 -53.63 -68.44 -10.23
N SER QE 202 -54.35 -68.15 -11.32
CA SER QE 202 -55.41 -67.20 -11.28
C SER QE 202 -56.61 -67.96 -11.68
N PHE QE 203 -57.68 -67.77 -10.92
CA PHE QE 203 -59.01 -68.11 -11.43
C PHE QE 203 -59.99 -66.95 -11.25
N ASN QE 204 -61.02 -66.94 -12.09
CA ASN QE 204 -62.01 -65.89 -12.04
C ASN QE 204 -63.11 -66.31 -11.08
N ALA QE 205 -63.65 -65.35 -10.35
CA ALA QE 205 -64.69 -65.64 -9.37
C ALA QE 205 -65.87 -64.72 -9.46
N LYS QE 206 -67.01 -65.19 -8.96
CA LYS QE 206 -68.25 -64.42 -8.91
C LYS QE 206 -68.78 -64.59 -7.49
N GLY QE 207 -69.48 -63.58 -6.99
CA GLY QE 207 -69.99 -63.67 -5.64
C GLY QE 207 -70.74 -62.43 -5.20
N TYR QE 208 -70.77 -62.21 -3.89
CA TYR QE 208 -71.48 -61.06 -3.35
C TYR QE 208 -70.89 -60.55 -2.03
N TYR QE 209 -71.30 -59.34 -1.65
CA TYR QE 209 -70.85 -58.72 -0.42
C TYR QE 209 -72.09 -58.41 0.37
N ASN QE 210 -72.09 -58.80 1.65
CA ASN QE 210 -73.22 -58.58 2.52
C ASN QE 210 -72.87 -57.58 3.59
N PHE QE 211 -73.57 -56.45 3.42
CA PHE QE 211 -73.36 -55.22 4.06
C PHE QE 211 -73.41 -55.58 5.48
N ALA QE 212 -74.55 -56.20 5.81
CA ALA QE 212 -74.68 -56.56 7.16
C ALA QE 212 -73.69 -57.65 7.49
N SER QE 213 -73.52 -58.65 6.60
CA SER QE 213 -72.79 -59.83 7.00
C SER QE 213 -71.40 -59.42 7.36
N ARG QE 214 -70.95 -58.28 6.77
CA ARG QE 214 -69.57 -57.90 6.66
C ARG QE 214 -68.87 -59.08 6.11
N ARG QE 215 -69.35 -59.60 4.98
CA ARG QE 215 -68.79 -60.83 4.41
C ARG QE 215 -68.69 -60.67 2.92
N LEU QE 216 -67.63 -61.20 2.35
CA LEU QE 216 -67.42 -61.13 0.93
C LEU QE 216 -67.28 -62.59 0.53
N ILE QE 217 -68.16 -63.12 -0.31
CA ILE QE 217 -68.02 -64.51 -0.73
C ILE QE 217 -67.67 -64.58 -2.20
N LEU QE 218 -66.59 -65.28 -2.50
CA LEU QE 218 -66.16 -65.41 -3.87
C LEU QE 218 -66.06 -66.87 -4.28
N LEU QE 219 -66.91 -67.25 -5.23
CA LEU QE 219 -66.94 -68.60 -5.74
C LEU QE 219 -66.31 -68.61 -7.11
N PRO QE 220 -65.78 -69.75 -7.51
CA PRO QE 220 -65.15 -69.86 -8.83
C PRO QE 220 -66.19 -69.82 -9.94
N THR QE 221 -65.79 -69.34 -11.12
CA THR QE 221 -66.69 -69.48 -12.19
C THR QE 221 -66.50 -70.83 -12.79
N ASP QE 222 -66.76 -70.98 -14.11
CA ASP QE 222 -66.63 -72.27 -14.74
C ASP QE 222 -65.37 -72.27 -15.50
N ASP QE 223 -64.52 -72.97 -14.78
CA ASP QE 223 -63.13 -73.11 -14.84
C ASP QE 223 -63.06 -74.60 -14.75
N HIS QE 224 -62.01 -75.21 -15.29
CA HIS QE 224 -61.78 -76.60 -15.03
C HIS QE 224 -61.08 -76.81 -13.73
N ASP QE 225 -60.36 -75.77 -13.27
CA ASP QE 225 -59.55 -75.78 -12.10
C ASP QE 225 -60.41 -75.99 -10.91
N ASP QE 226 -61.49 -75.17 -10.93
CA ASP QE 226 -62.49 -74.94 -9.92
C ASP QE 226 -61.82 -74.90 -8.59
N HIS QE 227 -60.95 -73.88 -8.41
CA HIS QE 227 -60.19 -73.68 -7.21
C HIS QE 227 -61.02 -72.94 -6.23
N LEU QE 228 -60.80 -73.34 -4.98
CA LEU QE 228 -61.83 -73.41 -4.01
C LEU QE 228 -62.11 -72.02 -3.62
N ALA QE 229 -63.27 -71.86 -2.99
CA ALA QE 229 -63.93 -70.59 -2.85
C ALA QE 229 -63.31 -69.83 -1.70
N VAL QE 230 -63.14 -68.53 -1.87
CA VAL QE 230 -62.55 -67.70 -0.82
C VAL QE 230 -63.67 -66.97 -0.10
N VAL QE 231 -63.45 -66.69 1.17
CA VAL QE 231 -64.43 -66.01 1.98
C VAL QE 231 -63.78 -65.05 2.95
N CYS QE 232 -64.15 -63.78 2.85
CA CYS QE 232 -63.59 -62.76 3.71
C CYS QE 232 -64.61 -62.01 4.51
N SER QE 233 -64.21 -61.66 5.74
CA SER QE 233 -65.04 -60.89 6.64
C SER QE 233 -64.22 -59.63 6.94
N PHE QE 234 -64.99 -58.51 7.05
CA PHE QE 234 -64.76 -57.08 7.24
C PHE QE 234 -63.95 -56.69 8.47
N ASN QE 235 -64.60 -56.91 9.65
CA ASN QE 235 -64.32 -56.63 11.02
C ASN QE 235 -63.10 -57.42 11.23
N ARG QE 236 -62.06 -56.82 10.71
CA ARG QE 236 -60.84 -56.39 11.26
C ARG QE 236 -61.10 -55.16 12.14
N GLY QE 237 -61.98 -54.20 11.74
CA GLY QE 237 -62.22 -53.01 12.53
C GLY QE 237 -61.51 -51.87 11.85
N ASP QE 238 -60.49 -52.23 11.06
CA ASP QE 238 -60.14 -51.47 9.90
C ASP QE 238 -61.26 -51.78 8.95
N ASN QE 239 -61.55 -50.88 7.99
CA ASN QE 239 -62.28 -51.27 6.81
C ASN QE 239 -61.36 -51.99 5.92
N GLU QE 240 -60.09 -51.58 5.98
CA GLU QE 240 -59.27 -51.92 4.87
C GLU QE 240 -59.18 -53.40 4.84
N ARG QE 241 -58.80 -53.91 6.00
CA ARG QE 241 -58.39 -55.28 6.31
C ARG QE 241 -59.54 -56.26 6.47
N ALA QE 242 -59.27 -57.51 6.12
CA ALA QE 242 -60.30 -58.54 6.25
C ALA QE 242 -59.69 -59.88 6.59
N GLU QE 243 -60.50 -60.74 7.21
CA GLU QE 243 -60.09 -62.07 7.62
C GLU QE 243 -60.73 -63.02 6.65
N CYS QE 244 -59.90 -63.81 5.95
CA CYS QE 244 -60.42 -64.75 4.97
C CYS QE 244 -60.07 -66.23 5.22
N HIS QE 245 -60.74 -67.08 4.45
CA HIS QE 245 -60.54 -68.51 4.54
C HIS QE 245 -60.88 -69.11 3.19
N ARG QE 246 -60.14 -70.14 2.81
CA ARG QE 246 -60.44 -70.82 1.56
C ARG QE 246 -61.34 -71.94 2.02
N VAL QE 247 -62.42 -72.21 1.30
CA VAL QE 247 -63.33 -73.25 1.74
C VAL QE 247 -64.00 -74.00 0.62
N THR QE 248 -64.61 -75.15 0.90
CA THR QE 248 -65.25 -75.79 -0.19
C THR QE 248 -66.70 -75.49 0.01
N GLU QE 249 -67.51 -75.49 -1.06
CA GLU QE 249 -68.91 -75.19 -0.97
C GLU QE 249 -69.60 -76.28 -0.24
N ALA QE 250 -69.32 -77.50 -0.72
CA ALA QE 250 -70.09 -78.61 -0.29
C ALA QE 250 -69.81 -78.82 1.16
N THR QE 251 -68.50 -78.92 1.49
CA THR QE 251 -67.98 -79.22 2.80
C THR QE 251 -68.29 -78.06 3.67
N LEU QE 252 -67.90 -76.86 3.20
CA LEU QE 252 -68.07 -75.67 3.95
C LEU QE 252 -67.26 -75.77 5.18
N HIS QE 253 -66.15 -76.48 5.00
CA HIS QE 253 -65.05 -76.47 5.88
C HIS QE 253 -64.15 -75.32 5.53
N GLN QE 254 -63.21 -75.00 6.45
CA GLN QE 254 -62.05 -74.15 6.28
C GLN QE 254 -60.74 -74.83 5.96
N CYS QE 255 -60.28 -74.67 4.73
CA CYS QE 255 -59.02 -75.26 4.27
C CYS QE 255 -57.81 -74.41 4.57
N ALA QE 256 -58.00 -73.10 4.67
CA ALA QE 256 -56.88 -72.23 4.97
C ALA QE 256 -57.26 -70.86 5.51
N ASP QE 257 -56.31 -70.28 6.24
CA ASP QE 257 -56.47 -68.97 6.86
C ASP QE 257 -55.76 -67.93 5.98
N LEU QE 258 -56.42 -66.81 5.73
CA LEU QE 258 -55.84 -65.78 4.88
C LEU QE 258 -56.21 -64.39 5.38
N PHE QE 259 -55.24 -63.63 5.85
CA PHE QE 259 -55.52 -62.28 6.32
C PHE QE 259 -55.05 -61.25 5.27
N VAL QE 260 -56.01 -60.62 4.61
CA VAL QE 260 -55.70 -59.66 3.56
C VAL QE 260 -55.73 -58.23 4.03
N THR QE 261 -55.09 -57.40 3.21
CA THR QE 261 -55.00 -55.99 3.45
C THR QE 261 -55.12 -55.31 2.10
N LEU QE 262 -55.85 -54.21 2.06
CA LEU QE 262 -56.03 -53.47 0.84
C LEU QE 262 -54.72 -52.82 0.43
N GLU QE 263 -54.32 -52.99 -0.83
CA GLU QE 263 -53.10 -52.38 -1.23
C GLU QE 263 -53.44 -51.00 -1.62
N GLU QE 264 -52.53 -50.05 -1.36
CA GLU QE 264 -52.73 -48.70 -1.77
C GLU QE 264 -52.88 -48.69 -3.27
N HIS QE 265 -53.82 -47.86 -3.78
CA HIS QE 265 -54.12 -47.70 -5.18
C HIS QE 265 -52.97 -47.00 -5.84
N ASP QE 266 -52.41 -45.97 -5.18
CA ASP QE 266 -51.24 -45.39 -5.79
C ASP QE 266 -49.95 -46.12 -5.44
N GLN RE 26 -32.33 8.74 6.40
CA GLN RE 26 -33.70 9.16 6.03
C GLN RE 26 -34.21 8.23 4.98
N SER RE 27 -33.76 8.45 3.72
CA SER RE 27 -34.14 7.59 2.64
C SER RE 27 -33.54 6.29 2.93
N HIS RE 28 -32.37 6.37 3.54
CA HIS RE 28 -31.74 5.13 3.75
C HIS RE 28 -32.61 4.43 4.75
N ASP RE 29 -32.99 5.12 5.84
CA ASP RE 29 -33.56 4.49 7.03
C ASP RE 29 -34.84 3.80 6.77
N GLU RE 30 -35.72 4.45 6.00
CA GLU RE 30 -37.08 4.01 5.89
C GLU RE 30 -36.99 2.65 5.34
N ILE RE 31 -36.07 2.52 4.36
CA ILE RE 31 -35.74 1.30 3.66
C ILE RE 31 -35.48 0.27 4.72
N ILE RE 32 -34.44 0.50 5.54
CA ILE RE 32 -33.72 -0.61 6.13
C ILE RE 32 -34.58 -1.40 7.07
N ASP RE 33 -35.54 -0.73 7.73
CA ASP RE 33 -36.36 -1.27 8.78
C ASP RE 33 -37.21 -2.42 8.29
N LYS RE 34 -37.61 -2.38 7.01
CA LYS RE 34 -38.69 -3.14 6.43
C LYS RE 34 -38.50 -4.61 6.68
N LEU RE 35 -37.31 -5.11 6.30
CA LEU RE 35 -36.86 -6.47 6.20
C LEU RE 35 -36.69 -7.17 7.52
N ILE RE 36 -36.49 -6.44 8.63
CA ILE RE 36 -36.30 -7.15 9.88
C ILE RE 36 -37.56 -7.85 10.32
N GLU RE 37 -38.66 -7.09 10.44
CA GLU RE 37 -39.92 -7.39 11.11
C GLU RE 37 -40.73 -8.37 10.28
N ARG RE 38 -40.20 -8.72 9.11
CA ARG RE 38 -40.83 -9.66 8.20
C ARG RE 38 -40.10 -10.99 8.31
N THR RE 39 -38.82 -10.92 8.68
CA THR RE 39 -38.01 -12.12 8.83
C THR RE 39 -38.56 -12.89 10.02
N ASN RE 40 -39.01 -12.16 11.02
CA ASN RE 40 -39.58 -12.78 12.22
C ASN RE 40 -41.02 -13.21 11.96
N LYS RE 41 -41.77 -12.38 11.25
CA LYS RE 41 -43.16 -12.67 10.94
C LYS RE 41 -43.30 -14.03 10.25
N ILE RE 42 -42.18 -14.58 9.79
CA ILE RE 42 -42.18 -15.88 9.13
C ILE RE 42 -41.55 -16.91 10.05
N THR RE 43 -40.49 -16.50 10.74
CA THR RE 43 -39.79 -17.38 11.66
C THR RE 43 -40.81 -17.90 12.68
N THR RE 44 -41.97 -17.25 12.74
CA THR RE 44 -43.03 -17.66 13.65
C THR RE 44 -43.86 -18.72 12.96
N SER RE 45 -44.39 -18.38 11.78
CA SER RE 45 -45.21 -19.31 11.02
C SER RE 45 -44.44 -20.60 10.81
N ILE RE 46 -43.12 -20.53 10.84
CA ILE RE 46 -42.30 -21.72 10.67
C ILE RE 46 -42.37 -22.59 11.92
N SER RE 47 -41.84 -22.10 13.03
CA SER RE 47 -41.86 -22.86 14.26
C SER RE 47 -43.28 -23.21 14.67
N HIS RE 48 -44.25 -22.48 14.14
CA HIS RE 48 -45.66 -22.75 14.44
C HIS RE 48 -46.01 -24.14 13.89
N VAL RE 49 -45.56 -24.42 12.68
CA VAL RE 49 -45.82 -25.70 12.04
C VAL RE 49 -44.96 -26.77 12.70
N GLU RE 50 -43.67 -26.47 12.89
CA GLU RE 50 -42.75 -27.42 13.51
C GLU RE 50 -43.37 -27.93 14.79
N SER RE 51 -44.31 -27.17 15.35
CA SER RE 51 -44.99 -27.58 16.56
C SER RE 51 -46.07 -28.58 16.20
N LEU RE 52 -46.97 -28.18 15.30
CA LEU RE 52 -48.06 -29.06 14.87
C LEU RE 52 -47.55 -30.40 14.40
N LEU RE 53 -46.33 -30.42 13.87
CA LEU RE 53 -45.71 -31.66 13.43
C LEU RE 53 -45.31 -32.46 14.65
N ASP RE 54 -44.50 -31.83 15.51
CA ASP RE 54 -44.04 -32.49 16.73
C ASP RE 54 -45.22 -33.07 17.51
N ASP RE 55 -46.39 -32.45 17.34
CA ASP RE 55 -47.59 -32.91 18.04
C ASP RE 55 -48.08 -34.26 17.54
N ARG RE 56 -47.78 -34.58 16.29
CA ARG RE 56 -48.20 -35.86 15.74
C ARG RE 56 -47.10 -36.91 15.86
N LEU RE 57 -45.92 -36.48 16.30
CA LEU RE 57 -44.80 -37.41 16.48
C LEU RE 57 -44.54 -37.58 17.96
N ASP RE 58 -45.11 -36.69 18.77
CA ASP RE 58 -44.59 -36.43 20.11
C ASP RE 58 -44.61 -37.72 20.87
N PRO RE 59 -43.52 -38.07 21.52
CA PRO RE 59 -43.28 -39.42 22.04
C PRO RE 59 -44.27 -39.83 23.13
N LYS RE 60 -44.63 -38.87 23.98
CA LYS RE 60 -45.57 -39.14 25.06
C LYS RE 60 -46.88 -39.66 24.48
N ARG RE 61 -47.20 -39.23 23.27
CA ARG RE 61 -48.43 -39.69 22.62
C ARG RE 61 -48.20 -41.11 22.10
N ILE RE 62 -47.02 -41.36 21.54
CA ILE RE 62 -46.67 -42.67 21.01
C ILE RE 62 -46.87 -43.75 22.04
N ARG RE 63 -46.04 -43.76 23.07
CA ARG RE 63 -46.16 -44.77 24.10
C ARG RE 63 -47.59 -44.88 24.58
N LYS RE 64 -48.20 -43.76 24.92
CA LYS RE 64 -49.58 -43.77 25.42
C LYS RE 64 -50.50 -44.55 24.50
N ALA RE 65 -50.31 -44.41 23.20
CA ALA RE 65 -51.13 -45.12 22.23
C ALA RE 65 -50.65 -46.56 22.11
N GLY RE 66 -49.35 -46.72 21.99
CA GLY RE 66 -48.79 -48.07 21.89
C GLY RE 66 -49.23 -48.87 23.09
N SER RE 67 -49.23 -48.22 24.25
CA SER RE 67 -49.66 -48.86 25.48
C SER RE 67 -51.05 -49.44 25.27
N LEU RE 68 -51.93 -48.64 24.68
CA LEU RE 68 -53.30 -49.08 24.42
C LEU RE 68 -53.26 -50.32 23.54
N ARG RE 69 -52.43 -50.26 22.50
CA ARG RE 69 -52.30 -51.39 21.60
C ARG RE 69 -52.07 -52.65 22.41
N HIS RE 70 -51.11 -52.61 23.32
CA HIS RE 70 -50.81 -53.75 24.14
C HIS RE 70 -52.06 -54.34 24.76
N ARG RE 71 -52.79 -53.54 25.54
CA ARG RE 71 -54.01 -54.03 26.17
C ARG RE 71 -54.82 -54.91 25.23
N VAL RE 72 -54.87 -54.51 23.97
CA VAL RE 72 -55.59 -55.26 22.95
C VAL RE 72 -54.86 -56.56 22.62
N GLU RE 73 -53.55 -56.47 22.36
CA GLU RE 73 -52.73 -57.65 22.05
C GLU RE 73 -52.96 -58.75 23.09
N GLU RE 74 -53.30 -58.34 24.30
CA GLU RE 74 -53.55 -59.25 25.41
C GLU RE 74 -54.89 -59.98 25.26
N LEU RE 75 -55.87 -59.32 24.64
CA LEU RE 75 -57.18 -59.92 24.45
C LEU RE 75 -57.19 -60.87 23.25
N GLU RE 76 -57.78 -62.22 23.93
CA GLU RE 76 -58.01 -63.04 22.78
C GLU RE 76 -57.12 -64.24 22.82
N ASP RE 77 -57.49 -65.24 21.97
CA ASP RE 77 -56.67 -66.38 21.68
C ASP RE 77 -55.76 -65.99 20.59
N PRO RE 78 -54.59 -66.12 21.06
CA PRO RE 78 -53.49 -65.36 20.63
C PRO RE 78 -53.03 -65.92 19.36
N SER RE 79 -52.64 -64.96 18.52
CA SER RE 79 -52.02 -65.18 17.28
C SER RE 79 -50.91 -66.14 17.59
N CYS RE 80 -49.89 -65.67 18.32
CA CYS RE 80 -48.65 -66.43 18.28
C CYS RE 80 -48.73 -67.47 19.33
N ASP RE 81 -47.65 -68.23 19.68
CA ASP RE 81 -47.98 -69.04 20.82
C ASP RE 81 -47.66 -68.29 22.06
N GLU RE 82 -47.88 -68.96 23.21
CA GLU RE 82 -47.30 -68.51 24.44
C GLU RE 82 -45.83 -68.53 24.13
N HIS RE 83 -45.34 -69.71 23.67
CA HIS RE 83 -43.94 -69.80 23.41
C HIS RE 83 -43.63 -68.91 22.27
N GLU RE 84 -44.48 -68.93 21.25
CA GLU RE 84 -44.07 -68.25 20.02
C GLU RE 84 -44.27 -66.74 20.10
N HIS RE 85 -43.48 -66.00 19.31
CA HIS RE 85 -43.53 -64.54 19.30
C HIS RE 85 -44.18 -64.03 18.04
N GLN RE 86 -45.15 -63.13 18.20
CA GLN RE 86 -45.85 -62.57 17.07
C GLN RE 86 -45.11 -61.38 16.53
N CYS RE 87 -44.63 -61.42 15.20
CA CYS RE 87 -43.68 -60.49 14.71
C CYS RE 87 -44.36 -59.18 14.61
N GLY RE 88 -45.69 -59.24 14.49
CA GLY RE 88 -46.43 -58.25 13.81
C GLY RE 88 -47.01 -58.96 12.64
N GLY RE 89 -47.89 -58.24 11.92
CA GLY RE 89 -48.15 -56.91 12.37
C GLY RE 89 -49.14 -56.30 11.45
N ASP RE 90 -48.72 -56.10 10.19
CA ASP RE 90 -49.54 -56.17 9.02
C ASP RE 90 -49.79 -57.60 8.64
N ASP RE 91 -48.70 -58.38 8.50
CA ASP RE 91 -48.86 -59.76 8.20
C ASP RE 91 -48.30 -60.43 9.38
N PRO RE 92 -49.05 -61.31 9.97
CA PRO RE 92 -48.57 -62.05 11.06
C PRO RE 92 -47.65 -63.06 10.55
N GLN RE 93 -46.90 -63.61 11.53
CA GLN RE 93 -45.83 -64.52 11.41
C GLN RE 93 -45.55 -64.87 12.82
N CYS RE 94 -45.39 -66.16 13.09
CA CYS RE 94 -45.01 -66.67 14.40
C CYS RE 94 -43.62 -67.31 14.43
N ILE RE 95 -42.75 -66.85 15.31
CA ILE RE 95 -41.42 -67.42 15.43
C ILE RE 95 -41.22 -67.76 16.89
N SER RE 96 -40.28 -68.65 17.19
CA SER RE 96 -40.06 -69.01 18.59
C SER RE 96 -39.52 -67.88 19.46
N LYS RE 97 -39.96 -67.94 20.74
CA LYS RE 97 -39.31 -67.08 21.65
C LYS RE 97 -37.85 -67.43 21.71
N LEU RE 98 -37.46 -68.70 21.51
CA LEU RE 98 -36.05 -68.98 21.58
C LEU RE 98 -35.39 -68.35 20.38
N PHE RE 99 -36.20 -68.35 19.32
CA PHE RE 99 -35.91 -68.23 17.93
C PHE RE 99 -35.46 -66.89 17.40
N VAL RE 100 -36.22 -65.81 17.71
CA VAL RE 100 -35.62 -64.50 17.73
C VAL RE 100 -34.76 -64.67 18.95
N CYS RE 101 -33.63 -63.95 19.17
CA CYS RE 101 -32.93 -62.97 18.41
C CYS RE 101 -31.61 -63.60 18.06
N ASP RE 102 -31.73 -64.55 17.14
CA ASP RE 102 -30.71 -65.42 16.63
C ASP RE 102 -29.61 -64.54 16.15
N GLY RE 103 -29.99 -63.48 15.44
CA GLY RE 103 -29.03 -62.67 14.74
C GLY RE 103 -29.30 -62.90 13.31
N HIS RE 104 -29.80 -64.10 12.95
CA HIS RE 104 -30.49 -64.13 11.69
C HIS RE 104 -31.77 -63.43 11.93
N ASN RE 105 -32.33 -62.88 10.84
CA ASN RE 105 -33.61 -62.23 10.89
C ASN RE 105 -34.61 -63.25 10.55
N ASP RE 106 -35.53 -63.43 11.52
CA ASP RE 106 -36.85 -63.95 11.44
C ASP RE 106 -37.63 -63.01 10.56
N CYS RE 107 -37.68 -61.70 10.91
CA CYS RE 107 -38.77 -60.88 10.49
C CYS RE 107 -38.42 -60.05 9.33
N ARG RE 108 -39.36 -60.04 8.37
CA ARG RE 108 -39.40 -59.12 7.26
C ARG RE 108 -39.31 -57.85 7.97
N ASN RE 109 -40.21 -57.78 8.95
CA ASN RE 109 -40.53 -56.65 9.73
C ASN RE 109 -39.21 -56.25 10.33
N GLY RE 110 -38.52 -57.23 10.94
CA GLY RE 110 -37.25 -56.96 11.52
C GLY RE 110 -37.37 -56.67 12.98
N GLU RE 111 -38.44 -57.22 13.61
CA GLU RE 111 -38.64 -57.03 15.06
C GLU RE 111 -37.46 -57.56 15.87
N ASP RE 112 -37.04 -58.78 15.54
CA ASP RE 112 -35.94 -59.43 16.22
C ASP RE 112 -34.69 -58.59 16.28
N GLU RE 113 -34.73 -57.37 15.74
CA GLU RE 113 -33.56 -56.55 15.72
C GLU RE 113 -33.79 -55.07 15.81
N LYS RE 114 -35.02 -54.61 15.73
CA LYS RE 114 -35.23 -53.16 15.78
C LYS RE 114 -35.50 -52.56 17.16
N ASP RE 115 -35.97 -53.46 18.10
CA ASP RE 115 -36.36 -53.04 19.40
C ASP RE 115 -35.10 -52.77 20.09
N CYS RE 116 -34.78 -51.48 20.12
CA CYS RE 116 -33.44 -51.04 20.26
C CYS RE 116 -32.94 -51.37 21.63
N THR RE 117 -33.87 -51.46 22.61
CA THR RE 117 -33.42 -51.40 23.97
C THR RE 117 -33.74 -52.65 24.70
N LEU RE 118 -32.71 -53.08 25.44
CA LEU RE 118 -32.77 -54.13 26.40
C LEU RE 118 -33.36 -53.59 27.66
N PRO RE 119 -34.46 -54.22 27.99
CA PRO RE 119 -35.19 -53.87 29.17
C PRO RE 119 -34.29 -53.98 30.37
N THR RE 120 -33.27 -54.86 30.32
CA THR RE 120 -32.63 -55.26 31.54
C THR RE 120 -31.40 -54.46 31.81
N LYS RE 121 -31.51 -53.53 32.79
CA LYS RE 121 -30.29 -52.94 33.22
C LYS RE 121 -29.94 -53.59 34.46
N ALA RE 122 -29.08 -52.86 35.14
CA ALA RE 122 -28.12 -53.44 35.97
C ALA RE 122 -28.11 -52.47 37.06
N GLY RE 123 -27.94 -52.95 38.28
CA GLY RE 123 -27.76 -52.03 39.36
C GLY RE 123 -29.08 -51.62 39.93
N ASP RE 124 -30.21 -51.92 39.24
CA ASP RE 124 -31.50 -51.43 39.64
C ASP RE 124 -31.89 -52.04 40.93
N LYS RE 125 -32.59 -51.26 41.74
CA LYS RE 125 -33.24 -51.83 42.92
C LYS RE 125 -34.75 -51.73 42.74
N PHE RE 126 -35.46 -52.76 43.18
CA PHE RE 126 -36.92 -52.80 43.08
C PHE RE 126 -37.54 -53.15 44.41
N ILE RE 127 -38.49 -52.34 44.83
CA ILE RE 127 -39.18 -52.56 46.09
C ILE RE 127 -40.54 -53.21 45.86
N GLY RE 128 -40.77 -54.36 46.49
CA GLY RE 128 -42.04 -55.02 46.30
C GLY RE 128 -42.96 -54.86 47.49
N ASP RE 129 -44.23 -54.55 47.21
CA ASP RE 129 -45.22 -54.42 48.27
C ASP RE 129 -46.06 -55.70 48.20
N VAL RE 130 -46.12 -56.42 49.32
CA VAL RE 130 -46.87 -57.67 49.37
C VAL RE 130 -48.33 -57.37 49.22
N CYS RE 131 -49.11 -58.40 48.92
CA CYS RE 131 -50.54 -58.22 48.79
C CYS RE 131 -51.25 -59.57 48.79
N PHE RE 132 -50.48 -60.65 48.98
CA PHE RE 132 -51.03 -61.98 48.94
C PHE RE 132 -49.83 -62.90 49.16
N ASP RE 133 -49.67 -63.34 50.40
CA ASP RE 133 -48.54 -64.19 50.74
C ASP RE 133 -48.97 -65.43 51.49
N HIS RE 134 -49.17 -66.57 50.77
CA HIS RE 134 -49.54 -67.80 51.45
C HIS RE 134 -48.24 -68.29 51.94
N CYS RE 135 -47.26 -67.81 51.17
CA CYS RE 135 -46.05 -68.49 50.85
C CYS RE 135 -45.05 -68.54 51.98
N THR RE 136 -44.80 -67.40 52.64
CA THR RE 136 -43.81 -67.38 53.68
C THR RE 136 -44.56 -67.51 54.99
N LYS RE 137 -43.89 -67.77 56.13
CA LYS RE 137 -44.51 -67.76 57.43
C LYS RE 137 -44.75 -66.36 57.89
N ARG RE 138 -43.72 -65.51 57.77
CA ARG RE 138 -43.77 -64.18 58.33
C ARG RE 138 -44.66 -63.30 57.54
N ARG RE 139 -44.77 -63.53 56.20
CA ARG RE 139 -45.35 -62.61 55.26
C ARG RE 139 -44.73 -61.27 55.39
N PRO RE 140 -43.91 -60.84 54.53
CA PRO RE 140 -43.42 -59.59 54.97
C PRO RE 140 -44.18 -58.49 54.32
N GLU RE 141 -44.07 -57.29 54.91
CA GLU RE 141 -44.69 -56.12 54.35
C GLU RE 141 -44.10 -55.91 53.01
N HIS RE 142 -42.74 -55.95 52.99
CA HIS RE 142 -42.06 -55.52 51.78
C HIS RE 142 -41.04 -56.56 51.38
N MET RE 143 -40.26 -56.24 50.37
CA MET RE 143 -39.26 -57.16 49.88
C MET RE 143 -38.44 -56.46 48.80
N THR RE 144 -37.21 -56.07 49.14
CA THR RE 144 -36.33 -55.41 48.20
C THR RE 144 -35.62 -56.40 47.28
N LEU RE 145 -35.44 -55.99 46.03
CA LEU RE 145 -34.81 -56.83 45.03
C LEU RE 145 -33.65 -56.11 44.38
N ALA RE 146 -32.44 -56.35 44.86
CA ALA RE 146 -31.26 -55.68 44.32
C ALA RE 146 -30.56 -56.48 43.24
N PHE RE 147 -30.29 -55.83 42.11
CA PHE RE 147 -29.61 -56.50 41.01
C PHE RE 147 -28.12 -56.23 41.07
N GLU RE 148 -27.34 -57.25 41.40
CA GLU RE 148 -25.90 -57.11 41.52
C GLU RE 148 -25.22 -57.04 40.15
N SER RE 149 -25.28 -58.11 39.38
CA SER RE 149 -24.64 -58.13 38.06
C SER RE 149 -25.57 -58.61 36.94
N SER RE 150 -25.20 -58.32 35.71
CA SER RE 150 -26.00 -58.72 34.55
C SER RE 150 -25.11 -58.76 33.34
N SER RE 151 -25.04 -59.92 32.68
CA SER RE 151 -24.22 -60.06 31.47
C SER RE 151 -24.94 -60.85 30.38
N ILE RE 152 -24.79 -60.39 29.14
CA ILE RE 152 -25.43 -61.07 28.00
C ILE RE 152 -24.39 -61.78 27.16
N ALA RE 153 -24.73 -63.00 26.75
CA ALA RE 153 -23.77 -63.67 25.97
C ALA RE 153 -23.70 -63.16 24.57
N ALA RE 154 -22.48 -63.22 24.03
CA ALA RE 154 -22.16 -62.28 23.01
C ALA RE 154 -22.95 -62.61 21.75
N PHE RE 155 -23.22 -63.91 21.63
CA PHE RE 155 -23.98 -64.58 20.67
C PHE RE 155 -25.47 -64.52 20.98
N PHE RE 156 -25.83 -64.53 22.27
CA PHE RE 156 -27.23 -64.53 22.50
C PHE RE 156 -27.67 -63.19 22.86
N THR RE 157 -28.49 -62.59 21.97
CA THR RE 157 -29.37 -61.60 22.50
C THR RE 157 -30.33 -62.24 23.48
N PRO RE 158 -31.08 -63.31 23.19
CA PRO RE 158 -32.42 -63.42 23.70
C PRO RE 158 -32.48 -63.44 25.18
N ILE RE 159 -31.41 -63.93 25.79
CA ILE RE 159 -31.43 -64.13 27.24
C ILE RE 159 -30.28 -63.46 27.95
N ALA RE 160 -30.61 -62.65 28.95
CA ALA RE 160 -29.60 -61.95 29.73
C ALA RE 160 -29.57 -62.58 31.11
N ASP RE 161 -28.39 -63.03 31.54
CA ASP RE 161 -28.25 -63.66 32.84
C ASP RE 161 -28.03 -62.64 33.97
N LEU RE 162 -28.73 -62.85 35.09
CA LEU RE 162 -28.63 -61.94 36.23
C LEU RE 162 -28.22 -62.59 37.53
N HIS RE 163 -27.69 -61.78 38.45
CA HIS RE 163 -27.31 -62.22 39.79
C HIS RE 163 -28.01 -61.21 40.68
N VAL RE 164 -28.88 -61.72 41.55
CA VAL RE 164 -29.67 -60.85 42.43
C VAL RE 164 -29.69 -61.22 43.89
N HIS RE 165 -29.78 -60.18 44.74
CA HIS RE 165 -29.85 -60.34 46.17
C HIS RE 165 -31.27 -59.94 46.57
N ILE RE 166 -31.99 -60.86 47.20
CA ILE RE 166 -33.35 -60.59 47.64
C ILE RE 166 -33.31 -60.22 49.11
N GLU RE 167 -33.46 -58.95 49.42
CA GLU RE 167 -33.37 -58.50 50.80
C GLU RE 167 -34.70 -58.52 51.51
N ILE RE 168 -34.69 -58.80 52.81
CA ILE RE 168 -35.91 -58.86 53.61
C ILE RE 168 -35.76 -58.41 55.05
N GLU RE 169 -36.67 -57.54 55.49
CA GLU RE 169 -36.67 -56.99 56.84
C GLU RE 169 -37.79 -57.54 57.72
N SER RE 170 -37.59 -58.72 58.30
CA SER RE 170 -38.78 -59.22 58.91
C SER RE 170 -38.71 -58.89 60.35
N GLU RE 171 -39.85 -59.05 61.03
CA GLU RE 171 -39.79 -59.06 62.45
C GLU RE 171 -40.19 -60.45 62.81
N THR RE 172 -39.37 -61.08 63.67
CA THR RE 172 -39.67 -62.40 64.12
C THR RE 172 -40.33 -62.22 65.42
N ASP RE 173 -40.85 -63.33 65.98
CA ASP RE 173 -41.52 -63.17 67.21
C ASP RE 173 -40.51 -62.69 68.23
N GLU RE 174 -39.40 -63.46 68.37
CA GLU RE 174 -38.37 -63.27 69.35
C GLU RE 174 -37.61 -62.00 69.13
N ASP RE 175 -37.03 -61.91 67.93
CA ASP RE 175 -36.13 -60.82 67.68
C ASP RE 175 -36.48 -60.30 66.34
N GLU RE 176 -35.51 -59.59 65.76
CA GLU RE 176 -35.73 -59.11 64.46
C GLU RE 176 -34.69 -59.80 63.64
N SER RE 177 -35.06 -60.13 62.39
CA SER RE 177 -34.24 -60.88 61.52
C SER RE 177 -34.15 -60.05 60.30
N GLU RE 178 -33.00 -60.18 59.60
CA GLU RE 178 -32.78 -59.46 58.36
C GLU RE 178 -32.22 -60.51 57.42
N VAL RE 179 -32.54 -60.43 56.13
CA VAL RE 179 -32.03 -61.42 55.18
C VAL RE 179 -31.66 -60.82 53.85
N SER RE 180 -30.67 -61.42 53.20
CA SER RE 180 -30.22 -60.97 51.89
C SER RE 180 -29.78 -62.18 51.07
N MET RE 181 -30.72 -63.06 50.77
CA MET RE 181 -30.45 -64.26 50.00
C MET RE 181 -30.13 -63.93 48.55
N PRO RE 182 -29.04 -64.50 48.04
CA PRO RE 182 -28.57 -64.28 46.67
C PRO RE 182 -29.05 -65.41 45.75
N ALA RE 183 -29.40 -65.05 44.52
CA ALA RE 183 -29.88 -66.04 43.56
C ALA RE 183 -29.56 -65.66 42.12
N ASP RE 184 -29.42 -66.67 41.28
CA ASP RE 184 -29.15 -66.46 39.88
C ASP RE 184 -30.51 -66.29 39.19
N GLY RE 185 -30.47 -65.84 37.93
CA GLY RE 185 -31.69 -65.63 37.18
C GLY RE 185 -31.44 -65.05 35.82
N GLU RE 186 -32.42 -65.18 34.94
CA GLU RE 186 -32.30 -64.65 33.59
C GLU RE 186 -33.49 -63.78 33.23
N TYR RE 187 -33.35 -62.99 32.19
CA TYR RE 187 -34.44 -62.13 31.73
C TYR RE 187 -34.60 -62.44 30.27
N SER RE 188 -35.81 -62.83 29.88
CA SER RE 188 -36.10 -63.19 28.49
C SER RE 188 -36.81 -62.08 27.75
N PHE RE 189 -36.17 -62.11 26.53
CA PHE RE 189 -36.02 -60.99 25.68
C PHE RE 189 -37.39 -60.53 25.47
N ALA RE 190 -38.15 -61.40 24.80
CA ALA RE 190 -39.48 -61.20 24.32
C ALA RE 190 -40.47 -61.17 25.43
N ASP RE 191 -40.27 -62.06 26.43
CA ASP RE 191 -41.22 -62.26 27.48
C ASP RE 191 -41.26 -61.03 28.30
N HIS RE 192 -40.11 -60.34 28.43
CA HIS RE 192 -39.97 -59.35 29.48
C HIS RE 192 -40.12 -60.05 30.80
N ARG RE 193 -39.98 -61.38 30.82
CA ARG RE 193 -40.16 -62.08 32.08
C ARG RE 193 -38.85 -62.55 32.69
N LEU RE 194 -38.52 -62.00 33.85
CA LEU RE 194 -37.29 -62.38 34.55
C LEU RE 194 -37.65 -63.49 35.52
N THR RE 195 -36.85 -64.56 35.46
CA THR RE 195 -37.06 -65.70 36.33
C THR RE 195 -35.89 -65.70 37.29
N ILE RE 196 -36.18 -65.69 38.60
CA ILE RE 196 -35.10 -65.68 39.58
C ILE RE 196 -35.10 -67.02 40.26
N HIS RE 197 -34.08 -67.83 39.90
CA HIS RE 197 -34.01 -69.17 40.36
C HIS RE 197 -33.71 -69.04 41.80
N PRO RE 198 -34.37 -69.93 42.47
CA PRO RE 198 -34.57 -69.92 43.86
C PRO RE 198 -33.26 -69.98 44.56
N PRO RE 199 -33.24 -69.01 45.40
CA PRO RE 199 -32.16 -68.74 46.30
C PRO RE 199 -31.99 -69.94 47.17
N GLU RE 200 -33.14 -70.48 47.54
CA GLU RE 200 -33.32 -71.48 48.54
C GLU RE 200 -33.03 -72.81 47.93
N GLU RE 201 -32.71 -73.76 48.81
CA GLU RE 201 -32.79 -75.14 48.45
C GLU RE 201 -34.25 -75.38 48.19
N ASP RE 202 -35.08 -74.61 48.89
CA ASP RE 202 -36.45 -75.00 48.97
C ASP RE 202 -37.10 -74.92 47.61
N GLY RE 203 -36.71 -73.94 46.76
CA GLY RE 203 -37.27 -74.07 45.44
C GLY RE 203 -38.54 -73.31 45.37
N LEU RE 204 -38.71 -72.40 46.34
CA LEU RE 204 -39.45 -71.17 46.12
C LEU RE 204 -38.66 -70.18 45.30
N GLY RE 205 -39.19 -69.85 44.13
CA GLY RE 205 -38.54 -68.89 43.25
C GLY RE 205 -39.46 -67.74 42.86
N LEU RE 206 -38.88 -66.67 42.34
CA LEU RE 206 -39.63 -65.49 41.91
C LEU RE 206 -39.71 -65.43 40.42
N VAL RE 207 -40.86 -64.98 39.94
CA VAL RE 207 -41.14 -64.85 38.53
C VAL RE 207 -41.94 -63.60 38.29
N GLY RE 208 -41.26 -62.57 37.80
CA GLY RE 208 -41.95 -61.31 37.52
C GLY RE 208 -42.03 -61.10 36.03
N GLU RE 209 -43.22 -60.84 35.51
CA GLU RE 209 -43.39 -60.60 34.09
C GLU RE 209 -43.67 -59.12 33.86
N PHE RE 210 -42.88 -58.49 33.00
CA PHE RE 210 -43.05 -57.08 32.74
C PHE RE 210 -44.18 -56.72 31.81
N ASP RE 211 -44.72 -55.53 32.04
CA ASP RE 211 -45.04 -54.59 31.01
C ASP RE 211 -43.73 -54.12 30.41
N GLY RE 212 -42.73 -53.83 31.28
CA GLY RE 212 -41.33 -53.68 30.93
C GLY RE 212 -40.81 -52.30 31.28
N TYR RE 213 -40.75 -51.33 30.32
CA TYR RE 213 -40.31 -49.95 30.55
C TYR RE 213 -41.32 -49.41 31.42
N ASN RE 214 -42.53 -49.57 30.88
CA ASN RE 214 -43.78 -48.99 31.21
C ASN RE 214 -44.60 -50.19 31.58
N PHE RE 215 -44.56 -50.63 32.85
CA PHE RE 215 -43.87 -49.96 33.90
C PHE RE 215 -42.76 -50.82 34.34
N ASP RE 216 -41.71 -50.19 34.90
CA ASP RE 216 -40.66 -50.94 35.52
C ASP RE 216 -41.34 -51.64 36.66
N ARG RE 217 -42.45 -51.06 37.16
CA ARG RE 217 -43.41 -51.78 37.99
C ARG RE 217 -43.73 -53.10 37.34
N PHE RE 218 -43.58 -54.19 38.08
CA PHE RE 218 -43.90 -55.51 37.54
C PHE RE 218 -44.49 -56.37 38.64
N VAL RE 219 -45.45 -57.22 38.33
CA VAL RE 219 -46.04 -58.08 39.33
C VAL RE 219 -45.11 -59.24 39.57
N GLY RE 220 -44.77 -59.46 40.82
CA GLY RE 220 -43.85 -60.53 41.15
C GLY RE 220 -44.51 -61.67 41.86
N HIS RE 221 -44.56 -62.80 41.17
CA HIS RE 221 -45.17 -64.00 41.70
C HIS RE 221 -44.11 -64.91 42.31
N ILE RE 222 -44.35 -65.36 43.54
CA ILE RE 222 -43.41 -66.27 44.15
C ILE RE 222 -44.00 -67.63 43.91
N VAL RE 223 -43.24 -68.52 43.28
CA VAL RE 223 -43.75 -69.85 42.97
C VAL RE 223 -42.84 -71.00 43.36
N HIS RE 224 -43.38 -72.21 43.27
CA HIS RE 224 -42.63 -73.43 43.53
C HIS RE 224 -42.06 -73.74 42.16
N GLU RE 225 -40.72 -73.65 42.00
CA GLU RE 225 -40.11 -73.43 40.71
C GLU RE 225 -40.54 -74.52 39.77
N LEU RE 226 -40.61 -75.76 40.29
CA LEU RE 226 -40.94 -76.94 39.54
C LEU RE 226 -42.39 -76.94 39.11
N SER RE 227 -43.27 -76.57 40.06
CA SER RE 227 -44.70 -76.65 39.94
C SER RE 227 -45.16 -75.57 39.05
N GLU RE 228 -44.49 -74.43 39.20
CA GLU RE 228 -45.10 -73.21 38.85
C GLU RE 228 -46.43 -73.08 39.51
N GLU RE 229 -46.46 -73.25 40.84
CA GLU RE 229 -47.60 -72.79 41.62
C GLU RE 229 -47.36 -71.40 42.16
N VAL RE 230 -48.35 -70.54 41.97
CA VAL RE 230 -48.24 -69.18 42.48
C VAL RE 230 -48.69 -69.22 43.94
N CYS RE 231 -47.96 -68.58 44.83
CA CYS RE 231 -48.38 -68.58 46.22
C CYS RE 231 -48.00 -67.28 46.94
N ALA RE 232 -47.64 -66.28 46.16
CA ALA RE 232 -47.26 -64.99 46.71
C ALA RE 232 -47.12 -63.99 45.58
N GLU RE 233 -47.83 -62.88 45.73
CA GLU RE 233 -47.83 -61.83 44.73
C GLU RE 233 -47.36 -60.54 45.41
N PHE RE 234 -46.41 -59.86 44.76
CA PHE RE 234 -45.89 -58.60 45.24
C PHE RE 234 -45.83 -57.70 44.06
N ILE RE 235 -46.17 -56.44 44.25
CA ILE RE 235 -46.08 -55.47 43.16
C ILE RE 235 -44.73 -54.80 43.33
N PHE RE 236 -43.84 -54.99 42.37
CA PHE RE 236 -42.53 -54.40 42.48
C PHE RE 236 -42.44 -53.07 41.75
N HIS RE 237 -41.90 -52.06 42.43
CA HIS RE 237 -41.71 -50.73 41.87
C HIS RE 237 -40.21 -50.47 41.82
N ARG RE 238 -39.74 -49.84 40.74
CA ARG RE 238 -38.33 -49.54 40.61
C ARG RE 238 -38.04 -48.41 41.59
N LYS RE 239 -37.03 -48.55 42.47
CA LYS RE 239 -36.59 -47.47 43.33
C LYS RE 239 -35.72 -46.58 42.50
N LYS RE 240 -35.87 -45.25 42.56
CA LYS RE 240 -34.93 -44.54 41.75
C LYS RE 240 -33.67 -44.29 42.55
N HIS SE 20 -31.60 -58.72 -71.93
CA HIS SE 20 -32.61 -57.68 -72.27
C HIS SE 20 -33.75 -58.30 -73.00
N GLU SE 21 -33.82 -57.99 -74.31
CA GLU SE 21 -34.87 -58.49 -75.15
C GLU SE 21 -34.75 -59.98 -75.23
N HIS SE 22 -33.48 -60.43 -75.31
CA HIS SE 22 -33.11 -61.79 -75.56
C HIS SE 22 -33.66 -62.60 -74.45
N CYS SE 23 -33.35 -62.15 -73.23
CA CYS SE 23 -33.72 -63.03 -72.18
C CYS SE 23 -35.08 -62.64 -71.80
N CYS SE 24 -35.41 -62.95 -70.54
CA CYS SE 24 -36.73 -63.29 -70.18
C CYS SE 24 -37.41 -62.03 -69.71
N SER SE 25 -38.35 -61.48 -70.51
CA SER SE 25 -38.96 -60.19 -70.30
C SER SE 25 -39.74 -60.17 -69.02
N GLU SE 26 -39.88 -58.96 -68.48
CA GLU SE 26 -40.75 -58.66 -67.36
C GLU SE 26 -42.16 -59.14 -67.60
N GLU SE 27 -42.77 -58.73 -68.71
CA GLU SE 27 -44.13 -59.16 -69.00
C GLU SE 27 -44.12 -60.68 -69.06
N ASP SE 28 -43.19 -61.21 -69.84
CA ASP SE 28 -43.08 -62.65 -69.99
C ASP SE 28 -43.25 -63.37 -68.66
N HIS SE 29 -42.30 -63.19 -67.74
CA HIS SE 29 -42.40 -63.87 -66.48
C HIS SE 29 -43.54 -63.37 -65.60
N ARG SE 30 -43.88 -62.10 -65.71
CA ARG SE 30 -44.98 -61.62 -64.89
C ARG SE 30 -46.13 -62.58 -65.21
N ILE SE 31 -46.21 -62.97 -66.48
CA ILE SE 31 -47.24 -63.88 -66.93
C ILE SE 31 -47.03 -65.25 -66.30
N VAL SE 32 -45.87 -65.82 -66.56
CA VAL SE 32 -45.57 -67.13 -66.01
C VAL SE 32 -45.97 -67.17 -64.55
N GLN SE 33 -45.43 -66.24 -63.76
CA GLN SE 33 -45.72 -66.19 -62.34
C GLN SE 33 -47.21 -66.23 -62.06
N LYS SE 34 -47.99 -65.39 -62.74
CA LYS SE 34 -49.43 -65.34 -62.54
C LYS SE 34 -50.08 -66.70 -62.81
N GLN SE 35 -49.70 -67.30 -63.94
CA GLN SE 35 -50.26 -68.59 -64.35
C GLN SE 35 -49.86 -69.74 -63.45
N TRP SE 36 -48.64 -69.69 -62.93
CA TRP SE 36 -48.14 -70.75 -62.06
C TRP SE 36 -48.83 -70.69 -60.74
N ASP SE 37 -49.43 -69.56 -60.43
CA ASP SE 37 -50.13 -69.41 -59.16
C ASP SE 37 -51.54 -70.01 -59.17
N ILE SE 38 -52.13 -70.11 -60.36
CA ILE SE 38 -53.46 -70.69 -60.49
C ILE SE 38 -53.45 -72.03 -59.78
N LEU SE 39 -52.28 -72.65 -59.71
CA LEU SE 39 -52.11 -73.96 -59.08
C LEU SE 39 -52.26 -74.01 -57.57
N TRP SE 40 -51.53 -73.16 -56.86
CA TRP SE 40 -51.55 -73.16 -55.40
C TRP SE 40 -52.69 -72.40 -54.73
N ARG SE 41 -53.87 -72.41 -55.35
CA ARG SE 41 -55.01 -71.72 -54.76
C ARG SE 41 -55.55 -72.51 -53.57
N ASP SE 42 -55.52 -73.83 -53.65
CA ASP SE 42 -56.01 -74.65 -52.54
C ASP SE 42 -54.89 -75.14 -51.64
N THR SE 43 -55.19 -75.19 -50.34
CA THR SE 43 -54.22 -75.60 -49.33
C THR SE 43 -53.54 -76.94 -49.52
N GLU SE 44 -54.12 -77.84 -50.31
CA GLU SE 44 -53.50 -79.15 -50.51
C GLU SE 44 -52.43 -79.14 -51.59
N SER SE 45 -51.53 -78.16 -51.52
CA SER SE 45 -50.44 -78.02 -52.48
C SER SE 45 -49.60 -79.30 -52.53
N SER SE 46 -49.33 -79.87 -51.37
CA SER SE 46 -48.54 -81.09 -51.29
C SER SE 46 -49.05 -82.16 -52.24
N LYS SE 47 -50.31 -82.53 -52.09
CA LYS SE 47 -50.92 -83.54 -52.93
C LYS SE 47 -50.69 -83.22 -54.42
N ILE SE 48 -50.80 -81.95 -54.78
CA ILE SE 48 -50.59 -81.52 -56.16
C ILE SE 48 -49.12 -81.59 -56.51
N LYS SE 49 -48.32 -80.70 -55.94
CA LYS SE 49 -46.88 -80.69 -56.22
C LYS SE 49 -46.35 -82.11 -56.36
N ILE SE 50 -46.67 -82.97 -55.41
CA ILE SE 50 -46.22 -84.37 -55.45
C ILE SE 50 -46.70 -85.05 -56.71
N GLY SE 51 -48.02 -85.26 -56.79
CA GLY SE 51 -48.59 -85.89 -57.96
C GLY SE 51 -48.01 -85.36 -59.27
N PHE SE 52 -47.98 -84.04 -59.41
CA PHE SE 52 -47.47 -83.43 -60.62
C PHE SE 52 -45.97 -83.72 -60.80
N GLY SE 53 -45.18 -83.42 -59.79
CA GLY SE 53 -43.75 -83.67 -59.87
C GLY SE 53 -43.47 -85.14 -60.07
N ARG SE 54 -44.28 -85.98 -59.45
CA ARG SE 54 -44.14 -87.42 -59.57
C ARG SE 54 -44.29 -87.76 -61.02
N LEU SE 55 -45.43 -87.39 -61.61
CA LEU SE 55 -45.68 -87.66 -63.01
C LEU SE 55 -44.57 -87.12 -63.90
N LEU SE 56 -44.17 -85.87 -63.68
CA LEU SE 56 -43.11 -85.27 -64.48
C LEU SE 56 -41.84 -86.10 -64.52
N LEU SE 57 -41.38 -86.56 -63.36
CA LEU SE 57 -40.17 -87.37 -63.32
C LEU SE 57 -40.41 -88.73 -63.96
N THR SE 58 -41.55 -89.35 -63.65
CA THR SE 58 -41.91 -90.63 -64.22
C THR SE 58 -41.82 -90.56 -65.74
N LYS SE 59 -42.60 -89.67 -66.34
CA LYS SE 59 -42.62 -89.47 -67.79
C LYS SE 59 -41.23 -89.19 -68.34
N LEU SE 60 -40.30 -88.85 -67.46
CA LEU SE 60 -38.93 -88.60 -67.92
C LEU SE 60 -38.26 -89.95 -68.02
N ALA SE 61 -38.33 -90.73 -66.95
CA ALA SE 61 -37.73 -92.06 -66.92
C ALA SE 61 -38.33 -92.94 -68.01
N LYS SE 62 -39.54 -92.61 -68.41
CA LYS SE 62 -40.24 -93.35 -69.46
C LYS SE 62 -39.52 -93.16 -70.78
N ASP SE 63 -39.24 -91.91 -71.14
CA ASP SE 63 -38.56 -91.60 -72.39
C ASP SE 63 -37.04 -91.81 -72.35
N ILE SE 64 -36.46 -91.79 -71.16
CA ILE SE 64 -35.02 -91.99 -71.01
C ILE SE 64 -34.78 -92.74 -69.70
N PRO SE 65 -34.62 -94.07 -69.79
CA PRO SE 65 -34.40 -94.98 -68.66
C PRO SE 65 -33.10 -94.81 -67.89
N GLU SE 66 -32.02 -94.41 -68.55
CA GLU SE 66 -30.77 -94.26 -67.84
C GLU SE 66 -30.97 -93.32 -66.66
N VAL SE 67 -32.18 -92.75 -66.59
CA VAL SE 67 -32.56 -91.85 -65.51
C VAL SE 67 -32.94 -92.64 -64.26
N ASN SE 68 -33.72 -93.69 -64.45
CA ASN SE 68 -34.15 -94.54 -63.36
C ASN SE 68 -33.02 -94.84 -62.39
N ASP SE 69 -31.80 -94.98 -62.91
CA ASP SE 69 -30.65 -95.28 -62.06
C ASP SE 69 -30.18 -94.08 -61.26
N LEU SE 70 -30.43 -92.88 -61.79
CA LEU SE 70 -30.03 -91.66 -61.11
C LEU SE 70 -30.92 -91.41 -59.90
N PHE SE 71 -32.22 -91.60 -60.11
CA PHE SE 71 -33.22 -91.41 -59.07
C PHE SE 71 -33.39 -92.66 -58.22
N LYS SE 72 -32.49 -93.60 -58.41
CA LYS SE 72 -32.51 -94.84 -57.66
C LYS SE 72 -32.36 -94.50 -56.18
N ARG SE 73 -31.44 -93.59 -55.90
CA ARG SE 73 -31.13 -93.14 -54.55
C ARG SE 73 -32.38 -92.70 -53.79
N VAL SE 74 -33.37 -92.18 -54.50
CA VAL SE 74 -34.59 -91.71 -53.86
C VAL SE 74 -35.75 -92.65 -54.05
N ASP SE 75 -35.44 -93.93 -54.28
CA ASP SE 75 -36.48 -94.95 -54.46
C ASP SE 75 -37.53 -94.55 -55.49
N ILE SE 76 -37.09 -94.21 -56.69
CA ILE SE 76 -38.01 -93.82 -57.75
C ILE SE 76 -38.81 -95.04 -58.13
N GLU SE 77 -38.30 -96.19 -57.76
CA GLU SE 77 -38.97 -97.44 -58.07
C GLU SE 77 -40.37 -97.40 -57.47
N HIS SE 78 -40.51 -96.76 -56.32
CA HIS SE 78 -41.81 -96.64 -55.67
C HIS SE 78 -42.30 -95.23 -55.79
N ALA SE 79 -42.95 -94.94 -56.91
CA ALA SE 79 -43.47 -93.60 -57.16
C ALA SE 79 -44.22 -92.99 -55.98
N GLU SE 80 -45.10 -93.77 -55.36
CA GLU SE 80 -45.92 -93.32 -54.23
C GLU SE 80 -45.16 -93.45 -52.89
N GLY SE 81 -43.99 -94.05 -52.95
CA GLY SE 81 -43.18 -94.22 -51.75
C GLY SE 81 -42.72 -92.89 -51.20
N PRO SE 82 -42.93 -92.66 -49.91
CA PRO SE 82 -42.51 -91.39 -49.32
C PRO SE 82 -41.12 -90.95 -49.78
N LYS SE 83 -40.17 -91.88 -49.81
CA LYS SE 83 -38.81 -91.57 -50.24
C LYS SE 83 -38.83 -90.71 -51.49
N PHE SE 84 -39.61 -91.13 -52.47
CA PHE SE 84 -39.70 -90.41 -53.72
C PHE SE 84 -40.63 -89.21 -53.61
N SER SE 85 -41.80 -89.40 -52.98
CA SER SE 85 -42.75 -88.30 -52.82
C SER SE 85 -42.04 -87.07 -52.27
N ALA SE 86 -41.18 -87.27 -51.29
CA ALA SE 86 -40.43 -86.16 -50.71
C ALA SE 86 -39.66 -85.51 -51.84
N HIS SE 87 -38.86 -86.32 -52.53
CA HIS SE 87 -38.08 -85.84 -53.65
C HIS SE 87 -38.96 -85.04 -54.62
N ALA SE 88 -40.05 -85.65 -55.04
CA ALA SE 88 -40.98 -85.00 -55.96
C ALA SE 88 -41.17 -83.57 -55.53
N LEU SE 89 -41.34 -83.36 -54.23
CA LEU SE 89 -41.52 -82.01 -53.71
C LEU SE 89 -40.25 -81.20 -53.92
N ARG SE 90 -39.17 -81.60 -53.28
CA ARG SE 90 -37.92 -80.88 -53.41
C ARG SE 90 -37.69 -80.32 -54.81
N ILE SE 91 -37.79 -81.16 -55.83
CA ILE SE 91 -37.59 -80.71 -57.20
C ILE SE 91 -38.65 -79.73 -57.62
N LEU SE 92 -39.89 -80.21 -57.67
CA LEU SE 92 -41.01 -79.38 -58.05
C LEU SE 92 -40.95 -78.05 -57.27
N ASN SE 93 -40.59 -78.12 -55.99
CA ASN SE 93 -40.50 -76.94 -55.14
C ASN SE 93 -39.33 -76.06 -55.54
N GLY SE 94 -38.32 -76.67 -56.12
CA GLY SE 94 -37.17 -75.90 -56.56
C GLY SE 94 -37.61 -75.09 -57.75
N LEU SE 95 -38.37 -75.73 -58.64
CA LEU SE 95 -38.86 -75.04 -59.81
C LEU SE 95 -39.63 -73.83 -59.33
N ASP SE 96 -40.37 -74.00 -58.22
CA ASP SE 96 -41.15 -72.89 -57.65
C ASP SE 96 -40.17 -71.76 -57.37
N LEU SE 97 -39.18 -72.04 -56.53
CA LEU SE 97 -38.17 -71.06 -56.19
C LEU SE 97 -37.70 -70.33 -57.43
N ALA SE 98 -37.32 -71.07 -58.45
CA ALA SE 98 -36.86 -70.47 -59.69
C ALA SE 98 -37.86 -69.46 -60.20
N ILE SE 99 -39.09 -69.92 -60.40
CA ILE SE 99 -40.14 -69.06 -60.89
C ILE SE 99 -40.36 -67.84 -59.99
N ASN SE 100 -40.49 -68.06 -58.68
CA ASN SE 100 -40.69 -66.94 -57.76
C ASN SE 100 -39.53 -65.94 -57.62
N LEU SE 101 -38.40 -66.23 -58.23
CA LEU SE 101 -37.28 -65.31 -58.15
C LEU SE 101 -37.05 -64.72 -59.51
N LEU SE 102 -37.95 -64.99 -60.44
CA LEU SE 102 -37.82 -64.47 -61.79
C LEU SE 102 -37.75 -62.95 -61.80
N ASP SE 103 -38.31 -62.31 -60.79
CA ASP SE 103 -38.27 -60.86 -60.74
C ASP SE 103 -37.17 -60.36 -59.81
N ASP SE 104 -35.94 -60.75 -60.11
CA ASP SE 104 -34.74 -60.37 -59.35
C ASP SE 104 -33.60 -61.20 -59.90
N PRO SE 105 -33.25 -60.94 -61.17
CA PRO SE 105 -32.18 -61.65 -61.86
C PRO SE 105 -30.96 -62.07 -61.05
N PRO SE 106 -30.34 -61.14 -60.31
CA PRO SE 106 -29.15 -61.51 -59.53
C PRO SE 106 -29.43 -62.64 -58.53
N ALA SE 107 -30.56 -62.56 -57.85
CA ALA SE 107 -30.94 -63.57 -56.87
C ALA SE 107 -31.23 -64.86 -57.60
N LEU SE 108 -32.14 -64.79 -58.56
CA LEU SE 108 -32.49 -65.95 -59.36
C LEU SE 108 -31.22 -66.61 -59.86
N ASP SE 109 -30.32 -65.79 -60.40
CA ASP SE 109 -29.07 -66.29 -60.92
C ASP SE 109 -28.44 -67.14 -59.83
N ALA SE 110 -28.07 -66.51 -58.72
CA ALA SE 110 -27.45 -67.22 -57.62
C ALA SE 110 -28.22 -68.49 -57.27
N ALA SE 111 -29.52 -68.35 -57.08
CA ALA SE 111 -30.38 -69.48 -56.73
C ALA SE 111 -30.23 -70.65 -57.68
N LEU SE 112 -30.12 -70.36 -58.97
CA LEU SE 112 -29.98 -71.39 -59.98
C LEU SE 112 -28.55 -71.95 -60.01
N ASP SE 113 -27.56 -71.08 -59.93
CA ASP SE 113 -26.17 -71.52 -59.95
C ASP SE 113 -26.04 -72.59 -58.91
N HIS SE 114 -26.60 -72.32 -57.75
CA HIS SE 114 -26.56 -73.26 -56.64
C HIS SE 114 -27.14 -74.59 -57.11
N LEU SE 115 -28.26 -74.54 -57.82
CA LEU SE 115 -28.88 -75.76 -58.32
C LEU SE 115 -27.97 -76.48 -59.30
N ALA SE 116 -27.14 -75.71 -60.00
CA ALA SE 116 -26.23 -76.31 -60.96
C ALA SE 116 -25.29 -77.21 -60.19
N HIS SE 117 -24.64 -76.65 -59.17
CA HIS SE 117 -23.71 -77.39 -58.34
C HIS SE 117 -24.34 -78.64 -57.73
N GLN SE 118 -25.61 -78.56 -57.34
CA GLN SE 118 -26.27 -79.70 -56.74
C GLN SE 118 -26.49 -80.81 -57.75
N HIS SE 119 -26.34 -80.48 -59.02
CA HIS SE 119 -26.52 -81.47 -60.07
C HIS SE 119 -25.19 -81.87 -60.66
N GLU SE 120 -24.20 -81.00 -60.54
CA GLU SE 120 -22.87 -81.27 -61.07
C GLU SE 120 -22.26 -82.52 -60.43
N VAL SE 121 -22.34 -82.60 -59.11
CA VAL SE 121 -21.78 -83.73 -58.37
C VAL SE 121 -22.62 -84.99 -58.44
N ARG SE 122 -23.65 -84.98 -59.28
CA ARG SE 122 -24.49 -86.15 -59.44
C ARG SE 122 -24.18 -86.71 -60.82
N GLU SE 123 -23.14 -87.54 -60.93
CA GLU SE 123 -22.76 -88.09 -62.23
C GLU SE 123 -23.87 -88.95 -62.82
N GLY SE 124 -23.97 -88.91 -64.15
CA GLY SE 124 -24.98 -89.66 -64.85
C GLY SE 124 -25.98 -88.70 -65.47
N VAL SE 125 -26.12 -87.54 -64.82
CA VAL SE 125 -27.02 -86.50 -65.27
C VAL SE 125 -26.38 -85.71 -66.39
N GLN SE 126 -26.91 -85.85 -67.60
CA GLN SE 126 -26.38 -85.12 -68.75
C GLN SE 126 -27.38 -84.12 -69.31
N LYS SE 127 -26.89 -83.14 -70.05
CA LYS SE 127 -27.74 -82.11 -70.62
C LYS SE 127 -28.99 -82.61 -71.32
N ALA SE 128 -28.82 -83.54 -72.25
CA ALA SE 128 -29.95 -84.10 -72.99
C ALA SE 128 -31.15 -84.42 -72.09
N HIS SE 129 -30.87 -84.68 -70.82
CA HIS SE 129 -31.93 -84.99 -69.85
C HIS SE 129 -32.82 -83.80 -69.67
N PHE SE 130 -32.20 -82.65 -69.39
CA PHE SE 130 -32.95 -81.44 -69.19
C PHE SE 130 -33.72 -81.06 -70.44
N LYS SE 131 -33.07 -81.08 -71.58
CA LYS SE 131 -33.76 -80.74 -72.81
C LYS SE 131 -35.08 -81.50 -72.85
N LYS SE 132 -35.02 -82.80 -72.55
CA LYS SE 132 -36.21 -83.63 -72.56
C LYS SE 132 -37.20 -83.20 -71.48
N PHE SE 133 -36.72 -83.09 -70.25
CA PHE SE 133 -37.57 -82.69 -69.16
C PHE SE 133 -38.29 -81.42 -69.51
N GLY SE 134 -37.62 -80.55 -70.26
CA GLY SE 134 -38.22 -79.29 -70.66
C GLY SE 134 -39.41 -79.55 -71.55
N GLU SE 135 -39.20 -80.34 -72.59
CA GLU SE 135 -40.26 -80.66 -73.51
C GLU SE 135 -41.43 -81.28 -72.76
N ILE SE 136 -41.14 -82.12 -71.78
CA ILE SE 136 -42.18 -82.79 -71.00
C ILE SE 136 -42.96 -81.78 -70.17
N LEU SE 137 -42.23 -80.91 -69.50
CA LEU SE 137 -42.80 -79.89 -68.64
C LEU SE 137 -43.70 -78.98 -69.45
N ALA SE 138 -43.29 -78.71 -70.67
CA ALA SE 138 -44.04 -77.83 -71.55
C ALA SE 138 -45.31 -78.47 -72.05
N THR SE 139 -45.34 -79.80 -72.06
CA THR SE 139 -46.53 -80.50 -72.53
C THR SE 139 -47.44 -80.78 -71.35
N GLY SE 140 -46.87 -80.75 -70.16
CA GLY SE 140 -47.64 -81.02 -68.97
C GLY SE 140 -48.38 -79.84 -68.39
N LEU SE 141 -47.66 -78.73 -68.17
CA LEU SE 141 -48.27 -77.53 -67.59
C LEU SE 141 -49.65 -77.21 -68.18
N PRO SE 142 -49.74 -77.05 -69.50
CA PRO SE 142 -51.01 -76.73 -70.14
C PRO SE 142 -52.12 -77.73 -69.89
N GLN SE 143 -51.81 -78.81 -69.18
CA GLN SE 143 -52.82 -79.82 -68.89
C GLN SE 143 -53.47 -79.57 -67.56
N VAL SE 144 -52.78 -78.81 -66.70
CA VAL SE 144 -53.30 -78.49 -65.38
C VAL SE 144 -53.70 -77.01 -65.28
N LEU SE 145 -53.16 -76.19 -66.16
CA LEU SE 145 -53.47 -74.78 -66.15
C LEU SE 145 -54.36 -74.45 -67.35
N ASP SE 146 -55.55 -73.93 -67.10
CA ASP SE 146 -56.43 -73.59 -68.19
C ASP SE 146 -55.88 -72.40 -68.97
N ASP SE 147 -55.22 -71.48 -68.26
CA ASP SE 147 -54.63 -70.31 -68.92
C ASP SE 147 -53.11 -70.52 -68.99
N TYR SE 148 -52.62 -70.82 -70.17
CA TYR SE 148 -51.21 -71.06 -70.40
C TYR SE 148 -50.72 -70.30 -71.61
N ASP SE 149 -49.58 -69.63 -71.48
CA ASP SE 149 -49.01 -68.87 -72.59
C ASP SE 149 -47.72 -69.54 -72.99
N ALA SE 150 -47.82 -70.54 -73.85
CA ALA SE 150 -46.66 -71.30 -74.31
C ALA SE 150 -45.43 -70.46 -74.59
N LEU SE 151 -45.61 -69.39 -75.32
CA LEU SE 151 -44.48 -68.53 -75.66
C LEU SE 151 -43.75 -68.00 -74.45
N ALA SE 152 -44.48 -67.41 -73.52
CA ALA SE 152 -43.86 -66.86 -72.32
C ALA SE 152 -43.13 -67.95 -71.56
N TRP SE 153 -43.84 -69.03 -71.26
CA TRP SE 153 -43.24 -70.12 -70.51
C TRP SE 153 -41.98 -70.70 -71.13
N LYS SE 154 -42.08 -71.11 -72.39
CA LYS SE 154 -40.91 -71.69 -73.05
C LYS SE 154 -39.73 -70.77 -72.87
N SER SE 155 -39.96 -69.47 -73.08
CA SER SE 155 -38.90 -68.48 -72.95
C SER SE 155 -38.22 -68.58 -71.58
N CYS SE 156 -39.03 -68.56 -70.51
CA CYS SE 156 -38.50 -68.63 -69.16
C CYS SE 156 -37.97 -69.99 -68.76
N LEU SE 157 -38.72 -71.05 -69.01
CA LEU SE 157 -38.25 -72.36 -68.65
C LEU SE 157 -36.90 -72.63 -69.27
N LYS SE 158 -36.68 -72.16 -70.49
CA LYS SE 158 -35.41 -72.36 -71.16
C LYS SE 158 -34.31 -71.76 -70.30
N GLY SE 159 -34.41 -70.46 -70.06
CA GLY SE 159 -33.40 -69.78 -69.25
C GLY SE 159 -33.09 -70.53 -67.96
N ILE SE 160 -34.13 -71.05 -67.31
CA ILE SE 160 -33.96 -71.77 -66.06
C ILE SE 160 -33.25 -73.08 -66.25
N LEU SE 161 -33.85 -73.97 -67.01
CA LEU SE 161 -33.27 -75.28 -67.26
C LEU SE 161 -31.81 -75.19 -67.70
N THR SE 162 -31.52 -74.25 -68.58
CA THR SE 162 -30.16 -74.08 -69.06
C THR SE 162 -29.19 -73.78 -67.92
N LYS SE 163 -29.44 -72.68 -67.22
CA LYS SE 163 -28.59 -72.25 -66.13
C LYS SE 163 -28.41 -73.35 -65.08
N ILE SE 164 -29.37 -74.23 -64.95
CA ILE SE 164 -29.29 -75.31 -63.96
C ILE SE 164 -28.34 -76.41 -64.37
N SER SE 165 -28.32 -76.69 -65.66
CA SER SE 165 -27.49 -77.76 -66.18
C SER SE 165 -26.16 -77.28 -66.73
N SER SE 166 -25.96 -75.97 -66.61
CA SER SE 166 -24.89 -75.20 -67.18
C SER SE 166 -23.62 -75.79 -66.68
N ARG SE 167 -23.65 -76.11 -65.37
CA ARG SE 167 -22.55 -76.75 -64.72
C ARG SE 167 -22.57 -78.16 -65.09
N LEU SE 168 -21.42 -78.57 -65.64
CA LEU SE 168 -21.09 -79.84 -66.12
C LEU SE 168 -19.76 -80.17 -65.41
N GLU TE 19 -61.19 -95.96 -67.36
CA GLU TE 19 -61.66 -94.97 -66.37
C GLU TE 19 -61.45 -93.57 -66.87
N CYS TE 20 -61.21 -92.69 -65.88
CA CYS TE 20 -60.90 -91.33 -66.09
C CYS TE 20 -59.46 -91.20 -65.80
N LEU TE 21 -58.98 -89.97 -65.95
CA LEU TE 21 -57.62 -89.67 -65.65
C LEU TE 21 -57.72 -88.81 -64.44
N VAL TE 22 -56.62 -88.72 -63.67
CA VAL TE 22 -56.54 -87.93 -62.47
C VAL TE 22 -56.62 -86.49 -62.83
N THR TE 23 -55.98 -86.10 -63.93
CA THR TE 23 -56.12 -84.71 -64.35
C THR TE 23 -57.54 -84.42 -64.82
N GLU TE 24 -58.04 -85.28 -65.70
CA GLU TE 24 -59.39 -85.12 -66.23
C GLU TE 24 -60.41 -84.92 -65.11
N SER TE 25 -60.03 -85.24 -63.87
CA SER TE 25 -60.93 -85.08 -62.75
C SER TE 25 -60.71 -83.71 -62.18
N LEU TE 26 -59.51 -83.47 -61.69
CA LEU TE 26 -59.12 -82.18 -61.11
C LEU TE 26 -59.69 -81.05 -61.96
N LYS TE 27 -59.64 -81.24 -63.26
CA LYS TE 27 -60.15 -80.24 -64.19
C LYS TE 27 -61.63 -80.01 -63.95
N VAL TE 28 -62.39 -81.09 -63.82
CA VAL TE 28 -63.80 -80.98 -63.57
C VAL TE 28 -64.03 -80.45 -62.16
N LYS TE 29 -63.32 -81.03 -61.18
CA LYS TE 29 -63.48 -80.62 -59.79
C LYS TE 29 -63.32 -79.12 -59.71
N LEU TE 30 -62.34 -78.61 -60.45
CA LEU TE 30 -62.04 -77.18 -60.49
C LEU TE 30 -63.12 -76.37 -61.21
N GLN TE 31 -63.41 -76.74 -62.45
CA GLN TE 31 -64.44 -76.02 -63.21
C GLN TE 31 -65.79 -76.07 -62.53
N TRP TE 32 -66.13 -77.18 -61.89
CA TRP TE 32 -67.40 -77.28 -61.21
C TRP TE 32 -67.49 -76.14 -60.22
N ALA TE 33 -66.38 -75.88 -59.54
CA ALA TE 33 -66.34 -74.81 -58.55
C ALA TE 33 -66.82 -73.49 -59.14
N SER TE 34 -66.12 -72.99 -60.15
CA SER TE 34 -66.48 -71.73 -60.79
C SER TE 34 -67.90 -71.70 -61.31
N ALA TE 35 -68.29 -72.76 -62.00
CA ALA TE 35 -69.63 -72.84 -62.58
C ALA TE 35 -70.77 -72.88 -61.56
N PHE TE 36 -70.76 -73.90 -60.71
CA PHE TE 36 -71.78 -74.07 -59.70
C PHE TE 36 -71.93 -72.79 -58.91
N GLY TE 37 -70.87 -72.43 -58.20
CA GLY TE 37 -70.87 -71.20 -57.42
C GLY TE 37 -71.25 -71.36 -55.96
N HIS TE 38 -71.80 -70.30 -55.38
CA HIS TE 38 -72.22 -70.30 -53.99
C HIS TE 38 -73.56 -69.61 -53.77
N ALA TE 39 -74.25 -70.03 -52.71
CA ALA TE 39 -75.55 -69.47 -52.33
C ALA TE 39 -76.51 -69.38 -53.49
N HIS TE 40 -77.18 -68.23 -53.60
CA HIS TE 40 -78.16 -68.00 -54.66
C HIS TE 40 -77.65 -68.38 -56.05
N GLU TE 41 -76.41 -68.01 -56.35
CA GLU TE 41 -75.81 -68.33 -57.65
C GLU TE 41 -76.11 -69.78 -58.10
N ARG TE 42 -76.27 -70.66 -57.11
CA ARG TE 42 -76.56 -72.05 -57.35
C ARG TE 42 -78.00 -72.27 -57.73
N VAL TE 43 -78.92 -71.83 -56.88
CA VAL TE 43 -80.34 -72.00 -57.14
C VAL TE 43 -80.60 -71.59 -58.59
N ALA TE 44 -79.96 -70.50 -58.99
CA ALA TE 44 -80.10 -69.97 -60.35
C ALA TE 44 -79.65 -71.01 -61.33
N PHE TE 45 -78.52 -71.63 -61.04
CA PHE TE 45 -77.98 -72.68 -61.89
C PHE TE 45 -78.98 -73.83 -61.95
N GLY TE 46 -79.28 -74.41 -60.80
CA GLY TE 46 -80.23 -75.50 -60.78
C GLY TE 46 -81.46 -75.19 -61.60
N LEU TE 47 -82.12 -74.08 -61.30
CA LEU TE 47 -83.31 -73.68 -62.02
C LEU TE 47 -83.07 -73.68 -63.53
N GLU TE 48 -82.13 -72.87 -63.99
CA GLU TE 48 -81.83 -72.81 -65.41
C GLU TE 48 -81.70 -74.22 -65.98
N LEU TE 49 -81.00 -75.10 -65.28
CA LEU TE 49 -80.80 -76.48 -65.73
C LEU TE 49 -82.09 -77.23 -65.93
N TRP TE 50 -82.82 -77.45 -64.84
CA TRP TE 50 -84.07 -78.17 -64.92
C TRP TE 50 -85.06 -77.60 -65.91
N ARG TE 51 -85.08 -76.28 -66.06
CA ARG TE 51 -86.02 -75.70 -67.01
C ARG TE 51 -85.72 -76.25 -68.37
N ASP TE 52 -84.48 -76.06 -68.82
CA ASP TE 52 -84.06 -76.55 -70.13
C ASP TE 52 -84.37 -78.04 -70.30
N ILE TE 53 -84.19 -78.81 -69.24
CA ILE TE 53 -84.45 -80.24 -69.29
C ILE TE 53 -85.92 -80.56 -69.48
N ILE TE 54 -86.76 -79.98 -68.65
CA ILE TE 54 -88.18 -80.23 -68.73
C ILE TE 54 -88.82 -79.72 -70.02
N ASP TE 55 -88.31 -78.64 -70.59
CA ASP TE 55 -88.89 -78.14 -71.83
C ASP TE 55 -88.60 -79.08 -72.97
N ASP TE 56 -87.45 -79.73 -72.89
CA ASP TE 56 -87.01 -80.67 -73.92
C ASP TE 56 -87.77 -81.99 -73.81
N HIS TE 57 -87.97 -82.46 -72.59
CA HIS TE 57 -88.67 -83.73 -72.36
C HIS TE 57 -89.68 -83.63 -71.22
N PRO TE 58 -90.86 -83.04 -71.48
CA PRO TE 58 -91.91 -82.87 -70.47
C PRO TE 58 -92.36 -84.17 -69.79
N GLU TE 59 -91.86 -85.29 -70.29
CA GLU TE 59 -92.23 -86.57 -69.71
C GLU TE 59 -91.73 -86.65 -68.29
N ILE TE 60 -90.70 -85.86 -67.98
CA ILE TE 60 -90.11 -85.87 -66.67
C ILE TE 60 -90.95 -85.23 -65.57
N LYS TE 61 -91.81 -84.29 -65.92
CA LYS TE 61 -92.65 -83.65 -64.92
C LYS TE 61 -93.41 -84.70 -64.11
N ALA TE 62 -93.44 -85.93 -64.61
CA ALA TE 62 -94.16 -87.02 -63.96
C ALA TE 62 -93.62 -87.44 -62.60
N PRO TE 63 -92.43 -88.05 -62.56
CA PRO TE 63 -91.88 -88.49 -61.27
C PRO TE 63 -91.60 -87.35 -60.29
N PHE TE 64 -91.47 -86.14 -60.82
CA PHE TE 64 -91.20 -84.98 -60.00
C PHE TE 64 -92.50 -84.42 -59.44
N SER TE 65 -93.53 -85.26 -59.42
CA SER TE 65 -94.83 -84.87 -58.92
C SER TE 65 -94.80 -84.58 -57.43
N ARG TE 66 -93.96 -85.31 -56.71
CA ARG TE 66 -93.84 -85.15 -55.26
C ARG TE 66 -93.26 -83.80 -54.91
N VAL TE 67 -92.33 -83.33 -55.74
CA VAL TE 67 -91.68 -82.06 -55.54
C VAL TE 67 -92.15 -81.01 -56.55
N ARG TE 68 -93.46 -80.79 -56.61
CA ARG TE 68 -94.05 -79.81 -57.52
C ARG TE 68 -93.18 -79.55 -58.73
N GLY TE 69 -93.12 -80.55 -59.62
CA GLY TE 69 -92.34 -80.41 -60.82
C GLY TE 69 -93.03 -79.58 -61.87
N ASP TE 70 -94.32 -79.32 -61.69
CA ASP TE 70 -95.06 -78.52 -62.64
C ASP TE 70 -94.58 -77.07 -62.59
N ASN TE 71 -94.30 -76.59 -61.38
CA ASN TE 71 -93.82 -75.24 -61.15
C ASN TE 71 -92.41 -75.32 -60.61
N ILE TE 72 -91.42 -75.30 -61.50
CA ILE TE 72 -90.03 -75.38 -61.09
C ILE TE 72 -89.55 -74.19 -60.29
N TYR TE 73 -90.29 -73.08 -60.35
CA TYR TE 73 -89.91 -71.88 -59.60
C TYR TE 73 -90.35 -71.93 -58.14
N SER TE 74 -91.20 -72.91 -57.83
CA SER TE 74 -91.72 -73.10 -56.48
C SER TE 74 -90.63 -73.47 -55.52
N PRO TE 75 -90.83 -73.19 -54.24
CA PRO TE 75 -89.82 -73.53 -53.23
C PRO TE 75 -89.69 -75.04 -53.09
N GLU TE 76 -90.83 -75.72 -53.17
CA GLU TE 76 -90.83 -77.16 -53.05
C GLU TE 76 -89.83 -77.75 -54.05
N PHE TE 77 -89.96 -77.36 -55.32
CA PHE TE 77 -89.07 -77.87 -56.35
C PHE TE 77 -87.70 -77.29 -56.15
N GLY TE 78 -87.64 -76.01 -55.85
CA GLY TE 78 -86.36 -75.36 -55.65
C GLY TE 78 -85.53 -76.16 -54.68
N ALA TE 79 -86.15 -76.58 -53.59
CA ALA TE 79 -85.45 -77.37 -52.59
C ALA TE 79 -84.87 -78.56 -53.30
N HIS TE 80 -85.73 -79.35 -53.90
CA HIS TE 80 -85.31 -80.54 -54.64
C HIS TE 80 -84.10 -80.22 -55.50
N SER TE 81 -84.30 -79.30 -56.44
CA SER TE 81 -83.26 -78.83 -57.36
C SER TE 81 -81.92 -78.80 -56.67
N GLN TE 82 -81.87 -78.11 -55.55
CA GLN TE 82 -80.65 -77.97 -54.77
C GLN TE 82 -80.13 -79.33 -54.29
N ARG TE 83 -81.00 -80.09 -53.66
CA ARG TE 83 -80.61 -81.40 -53.14
C ARG TE 83 -79.88 -82.18 -54.20
N VAL TE 84 -80.43 -82.13 -55.40
CA VAL TE 84 -79.86 -82.82 -56.54
C VAL TE 84 -78.44 -82.33 -56.79
N LEU TE 85 -78.33 -81.08 -57.20
CA LEU TE 85 -77.04 -80.50 -57.48
C LEU TE 85 -76.05 -80.86 -56.39
N SER TE 86 -76.50 -80.78 -55.15
CA SER TE 86 -75.61 -81.10 -54.04
C SER TE 86 -75.01 -82.49 -54.21
N GLY TE 87 -75.87 -83.47 -54.44
CA GLY TE 87 -75.40 -84.83 -54.63
C GLY TE 87 -74.37 -84.88 -55.74
N LEU TE 88 -74.67 -84.18 -56.83
CA LEU TE 88 -73.78 -84.12 -57.97
C LEU TE 88 -72.44 -83.56 -57.47
N ASP TE 89 -72.50 -82.58 -56.58
CA ASP TE 89 -71.28 -81.99 -56.03
C ASP TE 89 -70.49 -83.11 -55.36
N ILE TE 90 -71.15 -83.85 -54.48
CA ILE TE 90 -70.49 -84.95 -53.77
C ILE TE 90 -69.78 -85.86 -54.73
N THR TE 91 -70.55 -86.50 -55.61
CA THR TE 91 -69.99 -87.41 -56.58
C THR TE 91 -68.74 -86.78 -57.19
N ILE TE 92 -68.88 -85.60 -57.76
CA ILE TE 92 -67.75 -84.92 -58.38
C ILE TE 92 -66.57 -84.78 -57.42
N SER TE 93 -66.86 -84.43 -56.14
CA SER TE 93 -65.84 -84.25 -55.15
C SER TE 93 -65.30 -85.57 -54.72
N MET TE 94 -66.05 -86.66 -54.94
CA MET TE 94 -65.64 -87.97 -54.51
C MET TE 94 -64.54 -88.42 -55.40
N LEU TE 95 -64.64 -87.87 -56.62
CA LEU TE 95 -64.48 -88.51 -57.88
C LEU TE 95 -63.07 -88.90 -58.08
N ASP TE 96 -62.19 -87.98 -57.64
CA ASP TE 96 -60.79 -88.01 -57.88
C ASP TE 96 -60.19 -89.19 -57.21
N THR TE 97 -60.65 -89.44 -55.99
CA THR TE 97 -60.08 -90.42 -55.16
C THR TE 97 -61.04 -91.56 -55.18
N PRO TE 98 -60.52 -92.62 -55.72
CA PRO TE 98 -61.27 -93.82 -56.10
C PRO TE 98 -62.03 -94.52 -54.99
N ASP TE 99 -61.40 -94.71 -53.85
CA ASP TE 99 -62.06 -95.40 -52.75
C ASP TE 99 -63.36 -94.74 -52.32
N MET TE 100 -63.41 -93.42 -52.37
CA MET TE 100 -64.59 -92.67 -51.99
C MET TE 100 -65.63 -92.71 -53.08
N LEU TE 101 -65.18 -92.57 -54.32
CA LEU TE 101 -66.08 -92.60 -55.46
C LEU TE 101 -66.79 -93.94 -55.55
N ALA TE 102 -65.99 -95.01 -55.61
CA ALA TE 102 -66.52 -96.36 -55.71
C ALA TE 102 -67.61 -96.57 -54.67
N ALA TE 103 -67.37 -96.04 -53.47
CA ALA TE 103 -68.32 -96.14 -52.37
C ALA TE 103 -69.55 -95.28 -52.62
N GLN TE 104 -69.31 -94.00 -52.91
CA GLN TE 104 -70.37 -93.04 -53.16
C GLN TE 104 -71.24 -93.53 -54.29
N LEU TE 105 -70.63 -93.96 -55.38
CA LEU TE 105 -71.38 -94.46 -56.51
C LEU TE 105 -72.27 -95.61 -56.09
N ALA TE 106 -71.69 -96.60 -55.41
CA ALA TE 106 -72.45 -97.74 -54.95
C ALA TE 106 -73.66 -97.27 -54.13
N HIS TE 107 -73.44 -96.27 -53.29
CA HIS TE 107 -74.48 -95.72 -52.44
C HIS TE 107 -75.60 -95.12 -53.29
N LEU TE 108 -75.25 -94.45 -54.37
CA LEU TE 108 -76.25 -93.84 -55.25
C LEU TE 108 -77.05 -94.90 -56.00
N LYS TE 109 -76.37 -95.95 -56.45
CA LYS TE 109 -77.03 -97.03 -57.20
C LYS TE 109 -78.21 -97.57 -56.41
N VAL TE 110 -78.01 -97.74 -55.11
CA VAL TE 110 -79.07 -98.25 -54.26
C VAL TE 110 -80.29 -97.34 -54.24
N GLN TE 111 -80.07 -96.05 -54.01
CA GLN TE 111 -81.18 -95.10 -53.96
C GLN TE 111 -81.97 -95.06 -55.26
N HIS TE 112 -81.45 -95.71 -56.28
CA HIS TE 112 -82.11 -95.74 -57.59
C HIS TE 112 -82.71 -97.09 -57.97
N VAL TE 113 -81.89 -98.13 -57.94
CA VAL TE 113 -82.33 -99.47 -58.31
C VAL TE 113 -83.75 -99.81 -57.85
N GLU TE 114 -84.06 -99.37 -56.61
CA GLU TE 114 -85.24 -99.78 -55.93
C GLU TE 114 -86.39 -99.36 -56.78
N ARG TE 115 -86.22 -98.17 -57.40
CA ARG TE 115 -87.25 -97.39 -58.02
C ARG TE 115 -87.02 -97.41 -59.50
N ASN TE 116 -88.11 -97.13 -60.25
CA ASN TE 116 -88.09 -97.00 -61.66
C ASN TE 116 -87.64 -95.62 -62.01
N LEU TE 117 -86.79 -95.62 -63.05
CA LEU TE 117 -86.33 -94.46 -63.71
C LEU TE 117 -85.95 -94.98 -65.02
N LYS TE 118 -86.02 -94.12 -66.04
CA LYS TE 118 -85.50 -94.44 -67.30
C LYS TE 118 -84.08 -94.04 -67.33
N PRO TE 119 -83.52 -94.96 -68.01
CA PRO TE 119 -82.15 -94.99 -68.40
C PRO TE 119 -81.83 -93.78 -69.18
N GLU TE 120 -82.65 -93.48 -70.18
CA GLU TE 120 -82.33 -92.41 -71.11
C GLU TE 120 -82.46 -91.03 -70.47
N PHE TE 121 -83.24 -90.93 -69.40
CA PHE TE 121 -83.45 -89.67 -68.69
C PHE TE 121 -82.11 -89.08 -68.28
N PHE TE 122 -81.25 -89.93 -67.74
CA PHE TE 122 -79.94 -89.51 -67.30
C PHE TE 122 -79.10 -89.05 -68.47
N ASP TE 123 -79.19 -89.76 -69.59
CA ASP TE 123 -78.44 -89.37 -70.77
C ASP TE 123 -78.86 -87.95 -71.16
N ILE TE 124 -80.11 -87.62 -70.84
CA ILE TE 124 -80.68 -86.31 -71.11
C ILE TE 124 -80.11 -85.31 -70.13
N PHE TE 125 -80.26 -85.63 -68.85
CA PHE TE 125 -79.75 -84.80 -67.78
C PHE TE 125 -78.33 -84.38 -68.12
N LEU TE 126 -77.48 -85.35 -68.45
CA LEU TE 126 -76.09 -85.08 -68.81
C LEU TE 126 -75.99 -84.12 -69.96
N LYS TE 127 -76.75 -84.38 -71.02
CA LYS TE 127 -76.73 -83.51 -72.18
C LYS TE 127 -76.83 -82.04 -71.75
N HIS TE 128 -77.84 -81.74 -70.94
CA HIS TE 128 -78.04 -80.37 -70.49
C HIS TE 128 -76.99 -79.88 -69.52
N LEU TE 129 -76.69 -80.67 -68.50
CA LEU TE 129 -75.69 -80.26 -67.51
C LEU TE 129 -74.46 -79.74 -68.25
N LEU TE 130 -74.11 -80.36 -69.37
CA LEU TE 130 -72.96 -79.94 -70.14
C LEU TE 130 -73.29 -78.68 -70.90
N HIS TE 131 -74.49 -78.64 -71.45
CA HIS TE 131 -74.93 -77.48 -72.20
C HIS TE 131 -74.83 -76.25 -71.30
N VAL TE 132 -75.38 -76.36 -70.10
CA VAL TE 132 -75.35 -75.27 -69.13
C VAL TE 132 -73.94 -74.88 -68.72
N LEU TE 133 -73.14 -75.85 -68.25
CA LEU TE 133 -71.76 -75.56 -67.87
C LEU TE 133 -71.08 -74.87 -69.06
N GLY TE 134 -71.47 -75.27 -70.26
CA GLY TE 134 -70.90 -74.67 -71.44
C GLY TE 134 -71.05 -73.16 -71.41
N ASP TE 135 -72.28 -72.70 -71.13
CA ASP TE 135 -72.57 -71.28 -71.04
C ASP TE 135 -71.77 -70.66 -69.91
N ARG TE 136 -71.93 -71.20 -68.71
CA ARG TE 136 -71.23 -70.70 -67.55
C ARG TE 136 -69.72 -70.57 -67.71
N LEU TE 137 -69.08 -71.65 -68.14
CA LEU TE 137 -67.64 -71.64 -68.28
C LEU TE 137 -67.08 -71.02 -69.57
N GLY TE 138 -67.87 -71.06 -70.64
CA GLY TE 138 -67.41 -70.47 -71.88
C GLY TE 138 -66.64 -71.44 -72.76
N THR TE 139 -65.61 -70.93 -73.42
CA THR TE 139 -64.81 -71.76 -74.30
C THR TE 139 -63.78 -72.58 -73.57
N HIS TE 140 -63.49 -72.19 -72.33
CA HIS TE 140 -62.49 -72.91 -71.52
C HIS TE 140 -63.04 -74.27 -71.11
N PHE TE 141 -64.35 -74.37 -71.04
CA PHE TE 141 -65.04 -75.58 -70.65
C PHE TE 141 -64.42 -76.81 -71.25
N ASP TE 142 -63.85 -77.68 -70.43
CA ASP TE 142 -63.24 -78.90 -70.97
C ASP TE 142 -64.27 -80.00 -71.16
N PHE TE 143 -65.03 -79.88 -72.25
CA PHE TE 143 -66.05 -80.84 -72.60
C PHE TE 143 -65.52 -82.25 -72.44
N GLY TE 144 -64.42 -82.55 -73.10
CA GLY TE 144 -63.84 -83.87 -73.02
C GLY TE 144 -63.82 -84.39 -71.61
N ALA TE 145 -63.09 -83.68 -70.74
CA ALA TE 145 -62.98 -84.07 -69.34
C ALA TE 145 -64.32 -84.31 -68.67
N TRP TE 146 -65.28 -83.41 -68.87
CA TRP TE 146 -66.58 -83.61 -68.25
C TRP TE 146 -67.29 -84.84 -68.78
N HIS TE 147 -67.47 -84.91 -70.09
CA HIS TE 147 -68.15 -86.05 -70.69
C HIS TE 147 -67.58 -87.36 -70.16
N ASP TE 148 -66.28 -87.53 -70.28
CA ASP TE 148 -65.62 -88.74 -69.78
C ASP TE 148 -65.88 -88.93 -68.30
N CYS TE 149 -65.87 -87.84 -67.55
CA CYS TE 149 -66.04 -87.91 -66.11
C CYS TE 149 -67.44 -87.93 -65.50
N VAL TE 150 -68.33 -87.05 -65.92
CA VAL TE 150 -69.68 -87.06 -65.39
C VAL TE 150 -70.39 -88.32 -65.84
N ASP TE 151 -70.05 -88.79 -67.03
CA ASP TE 151 -70.66 -90.00 -67.59
C ASP TE 151 -70.52 -91.09 -66.55
N GLN TE 152 -69.27 -91.39 -66.17
CA GLN TE 152 -69.00 -92.42 -65.18
C GLN TE 152 -69.91 -92.30 -63.94
N ILE TE 153 -70.28 -91.07 -63.58
CA ILE TE 153 -71.13 -90.85 -62.43
C ILE TE 153 -72.56 -91.24 -62.73
N ILE TE 154 -72.99 -91.03 -63.97
CA ILE TE 154 -74.35 -91.36 -64.34
C ILE TE 154 -74.55 -92.87 -64.41
N ASP TE 155 -73.69 -93.56 -65.15
CA ASP TE 155 -73.81 -95.01 -65.27
C ASP TE 155 -73.94 -95.69 -63.93
N GLY TE 156 -73.11 -95.25 -62.95
CA GLY TE 156 -73.04 -96.00 -61.73
C GLY TE 156 -74.35 -95.93 -61.03
N ILE TE 157 -74.91 -94.71 -60.95
CA ILE TE 157 -76.11 -94.49 -60.21
C ILE TE 157 -77.13 -95.26 -60.93
N LYS TE 158 -77.05 -95.08 -62.27
CA LYS TE 158 -78.02 -95.51 -63.25
C LYS TE 158 -78.56 -96.92 -62.92
N ARG UE 24 -10.30 12.82 -23.51
CA ARG UE 24 -11.37 13.73 -23.09
C ARG UE 24 -12.72 13.19 -23.23
N PHE UE 25 -13.62 13.93 -22.61
CA PHE UE 25 -15.00 13.65 -22.60
C PHE UE 25 -15.58 13.80 -23.97
N GLN UE 26 -15.16 14.83 -24.71
CA GLN UE 26 -15.95 15.14 -25.86
C GLN UE 26 -15.87 13.99 -26.85
N TYR UE 27 -14.67 13.39 -26.87
CA TYR UE 27 -13.82 12.56 -27.69
C TYR UE 27 -14.43 11.26 -28.18
N LEU UE 28 -14.48 10.36 -27.19
CA LEU UE 28 -14.65 8.95 -27.35
C LEU UE 28 -16.06 8.82 -27.69
N VAL UE 29 -16.77 9.87 -27.30
CA VAL UE 29 -18.18 9.98 -27.68
C VAL UE 29 -18.35 10.15 -29.18
N LYS UE 30 -17.52 10.99 -29.79
CA LYS UE 30 -17.59 11.24 -31.23
C LYS UE 30 -17.63 9.96 -32.03
N ASN UE 31 -17.06 8.89 -31.48
CA ASN UE 31 -17.05 7.61 -32.18
C ASN UE 31 -18.17 6.68 -31.71
N GLN UE 32 -18.55 6.79 -30.44
CA GLN UE 32 -19.62 5.96 -29.91
C GLN UE 32 -20.88 6.20 -30.76
N ASN UE 33 -21.18 7.48 -31.01
CA ASN UE 33 -22.33 7.83 -31.83
C ASN UE 33 -22.15 7.25 -33.22
N LEU UE 34 -20.90 6.96 -33.58
CA LEU UE 34 -20.60 6.40 -34.89
C LEU UE 34 -20.88 4.91 -34.86
N HIS UE 35 -20.45 4.24 -33.81
CA HIS UE 35 -20.69 2.81 -33.69
C HIS UE 35 -22.20 2.60 -33.79
N ILE UE 36 -22.96 3.59 -33.34
CA ILE UE 36 -24.40 3.51 -33.40
C ILE UE 36 -24.90 3.86 -34.79
N ASP UE 37 -24.45 4.99 -35.31
CA ASP UE 37 -24.86 5.40 -36.65
C ASP UE 37 -24.57 4.20 -37.56
N TYR UE 38 -23.68 3.32 -37.08
CA TYR UE 38 -23.30 2.10 -37.80
C TYR UE 38 -24.44 1.11 -37.73
N LEU UE 39 -24.71 0.62 -36.53
CA LEU UE 39 -25.79 -0.32 -36.32
C LEU UE 39 -27.04 0.07 -37.09
N ALA UE 40 -27.40 1.34 -37.03
CA ALA UE 40 -28.58 1.84 -37.73
C ALA UE 40 -28.56 1.41 -39.20
N LYS UE 41 -27.39 1.45 -39.83
CA LYS UE 41 -27.24 1.08 -41.23
C LYS UE 41 -27.27 -0.44 -41.44
N LYS UE 42 -26.52 -1.18 -40.62
CA LYS UE 42 -26.48 -2.64 -40.73
C LYS UE 42 -27.88 -3.21 -40.52
N LEU UE 43 -28.73 -2.40 -39.90
CA LEU UE 43 -30.11 -2.80 -39.63
C LEU UE 43 -31.03 -2.39 -40.77
N HIS UE 44 -30.83 -1.17 -41.27
CA HIS UE 44 -31.64 -0.69 -42.37
C HIS UE 44 -31.41 -1.60 -43.57
N ASP UE 45 -30.16 -2.02 -43.74
CA ASP UE 45 -29.80 -2.92 -44.83
C ASP UE 45 -30.43 -4.30 -44.59
N ILE UE 46 -31.13 -4.43 -43.46
CA ILE UE 46 -31.81 -5.67 -43.09
C ILE UE 46 -33.30 -5.48 -43.28
N GLU UE 47 -33.83 -4.46 -42.62
CA GLU UE 47 -35.24 -4.14 -42.73
C GLU UE 47 -35.56 -3.97 -44.22
N GLU UE 48 -34.53 -3.63 -44.99
CA GLU UE 48 -34.69 -3.43 -46.44
C GLU UE 48 -34.81 -4.80 -47.09
N GLU UE 49 -33.82 -5.65 -46.83
CA GLU UE 49 -33.81 -7.01 -47.39
C GLU UE 49 -35.03 -7.78 -46.90
N TYR UE 50 -35.74 -7.21 -45.94
CA TYR UE 50 -36.94 -7.83 -45.40
C TYR UE 50 -38.10 -7.58 -46.34
N ASN UE 51 -38.38 -6.31 -46.60
CA ASN UE 51 -39.48 -5.91 -47.47
C ASN UE 51 -39.43 -6.59 -48.83
N LYS UE 52 -38.18 -6.90 -49.30
CA LYS UE 52 -38.01 -7.51 -50.58
C LYS UE 52 -38.82 -8.77 -50.54
N LEU UE 53 -38.76 -9.52 -49.42
CA LEU UE 53 -39.45 -10.77 -49.20
C LEU UE 53 -40.81 -10.52 -48.66
N THR UE 54 -41.78 -11.13 -49.33
CA THR UE 54 -43.15 -10.77 -49.32
C THR UE 54 -43.71 -10.96 -47.96
N HIS UE 55 -44.97 -10.54 -47.89
CA HIS UE 55 -45.60 -10.28 -46.66
C HIS UE 55 -46.41 -11.47 -46.46
N ASP UE 56 -46.66 -11.80 -45.22
CA ASP UE 56 -47.20 -13.09 -45.09
C ASP UE 56 -48.64 -12.97 -45.55
N VAL UE 57 -49.15 -14.03 -46.22
CA VAL UE 57 -50.43 -13.96 -46.89
C VAL UE 57 -51.50 -13.82 -45.86
N ASP UE 58 -52.56 -13.09 -46.23
CA ASP UE 58 -53.54 -12.59 -45.32
C ASP UE 58 -54.51 -13.68 -44.97
N LYS UE 59 -53.28 -15.42 -42.43
CA LYS UE 59 -54.22 -16.45 -41.98
C LYS UE 59 -55.50 -16.38 -42.83
N LYS UE 60 -55.84 -15.19 -43.31
CA LYS UE 60 -57.03 -15.00 -44.13
C LYS UE 60 -56.97 -15.83 -45.43
N THR UE 61 -55.78 -16.31 -45.77
CA THR UE 61 -55.57 -17.11 -46.97
C THR UE 61 -55.83 -18.57 -46.67
N ILE UE 62 -55.13 -19.08 -45.68
CA ILE UE 62 -55.31 -20.45 -45.26
C ILE UE 62 -56.81 -20.67 -45.07
N ARG UE 63 -57.46 -19.73 -44.38
CA ARG UE 63 -58.88 -19.82 -44.11
C ARG UE 63 -59.65 -20.10 -45.38
N GLN UE 64 -59.33 -19.38 -46.45
CA GLN UE 64 -60.00 -19.53 -47.73
C GLN UE 64 -59.76 -20.90 -48.35
N LEU UE 65 -58.61 -21.49 -48.06
CA LEU UE 65 -58.26 -22.82 -48.56
C LEU UE 65 -59.11 -23.83 -47.83
N LYS UE 66 -58.95 -23.88 -46.50
CA LYS UE 66 -59.72 -24.79 -45.67
C LYS UE 66 -61.18 -24.70 -46.12
N ALA UE 67 -61.62 -23.52 -46.59
CA ALA UE 67 -62.99 -23.35 -47.04
C ALA UE 67 -63.16 -24.04 -48.37
N ARG UE 68 -62.53 -23.51 -49.41
CA ARG UE 68 -62.61 -24.07 -50.75
C ARG UE 68 -62.57 -25.59 -50.70
N ILE UE 69 -61.65 -26.10 -49.89
CA ILE UE 69 -61.48 -27.53 -49.73
C ILE UE 69 -62.70 -28.12 -49.07
N SER UE 70 -62.99 -27.66 -47.88
CA SER UE 70 -64.14 -28.16 -47.12
C SER UE 70 -65.42 -28.17 -47.97
N ASN UE 71 -65.57 -27.27 -48.95
CA ASN UE 71 -66.87 -27.27 -49.57
C ASN UE 71 -67.04 -28.52 -50.32
N LEU UE 72 -65.95 -29.07 -50.87
CA LEU UE 72 -66.20 -30.11 -51.82
C LEU UE 72 -66.82 -31.25 -51.07
N GLU UE 73 -66.47 -36.00 -51.16
CA GLU UE 73 -66.78 -36.91 -50.09
C GLU UE 73 -68.26 -36.88 -49.85
N GLU UE 74 -68.77 -37.99 -49.28
CA GLU UE 74 -70.18 -38.17 -49.05
C GLU UE 74 -70.53 -37.63 -47.71
N HIS UE 75 -71.85 -37.50 -47.50
CA HIS UE 75 -72.36 -37.45 -46.17
C HIS UE 75 -73.21 -38.65 -46.02
N HIS UE 76 -73.35 -39.07 -44.75
CA HIS UE 76 -73.98 -40.31 -44.44
C HIS UE 76 -75.39 -40.20 -44.94
N CYS UE 77 -76.05 -39.05 -44.73
CA CYS UE 77 -77.48 -39.04 -44.80
C CYS UE 77 -77.97 -39.24 -46.19
N ASP UE 78 -78.99 -40.12 -46.24
CA ASP UE 78 -79.96 -40.29 -47.26
C ASP UE 78 -80.79 -39.04 -47.19
N GLU UE 79 -81.65 -38.83 -48.20
CA GLU UE 79 -82.08 -37.52 -48.60
C GLU UE 79 -82.98 -36.90 -47.57
N HIS UE 80 -82.94 -35.55 -47.51
CA HIS UE 80 -83.69 -34.73 -46.58
C HIS UE 80 -83.56 -35.27 -45.22
N GLU UE 81 -82.28 -35.34 -44.78
CA GLU UE 81 -81.64 -35.27 -43.48
C GLU UE 81 -80.32 -34.52 -43.65
N SER UE 82 -79.92 -33.78 -42.63
CA SER UE 82 -78.64 -33.05 -42.65
C SER UE 82 -77.99 -33.25 -41.31
N GLU UE 83 -76.66 -33.20 -41.27
CA GLU UE 83 -75.97 -33.43 -40.01
C GLU UE 83 -75.84 -32.24 -39.09
N CYS UE 84 -75.79 -32.46 -37.76
CA CYS UE 84 -75.61 -31.31 -36.91
C CYS UE 84 -74.20 -30.86 -37.05
N ARG UE 85 -74.03 -29.52 -37.03
CA ARG UE 85 -72.88 -28.77 -37.46
C ARG UE 85 -71.69 -29.28 -36.72
N GLY UE 86 -71.85 -29.58 -35.42
CA GLY UE 86 -70.72 -29.68 -34.56
C GLY UE 86 -70.12 -31.03 -34.69
N ASP UE 87 -69.42 -31.41 -33.60
CA ASP UE 87 -68.46 -32.47 -33.45
C ASP UE 87 -69.12 -33.75 -33.75
N VAL UE 88 -70.37 -33.88 -33.28
CA VAL UE 88 -71.07 -35.08 -33.56
C VAL UE 88 -71.55 -34.96 -34.98
N PRO UE 89 -71.46 -36.09 -35.63
CA PRO UE 89 -71.91 -36.31 -36.97
C PRO UE 89 -73.40 -36.13 -37.09
N GLU UE 90 -74.11 -36.46 -36.03
CA GLU UE 90 -75.40 -37.08 -36.00
C GLU UE 90 -76.34 -36.44 -36.96
N CYS UE 91 -77.22 -37.27 -37.53
CA CYS UE 91 -78.13 -36.85 -38.60
C CYS UE 91 -79.56 -36.66 -38.11
N ILE UE 92 -80.16 -35.49 -38.35
CA ILE UE 92 -81.57 -35.29 -37.95
C ILE UE 92 -82.35 -34.87 -39.17
N HIS UE 93 -83.66 -35.10 -39.18
CA HIS UE 93 -84.45 -34.75 -40.35
C HIS UE 93 -84.50 -33.26 -40.61
N ASP UE 94 -84.51 -32.86 -41.93
CA ASP UE 94 -84.27 -31.54 -42.37
C ASP UE 94 -85.27 -30.62 -41.76
N LEU UE 95 -86.51 -31.13 -41.54
CA LEU UE 95 -87.72 -30.38 -41.37
C LEU UE 95 -87.73 -29.59 -40.11
N LEU UE 96 -87.19 -30.20 -39.03
CA LEU UE 96 -87.47 -29.94 -37.65
C LEU UE 96 -87.00 -28.58 -37.31
N PHE UE 97 -86.08 -28.07 -38.14
CA PHE UE 97 -85.72 -26.69 -38.01
C PHE UE 97 -86.90 -25.87 -38.44
N CYS UE 98 -87.26 -24.84 -37.65
CA CYS UE 98 -86.71 -24.68 -36.34
C CYS UE 98 -87.80 -25.17 -35.42
N ASP UE 99 -87.45 -25.56 -34.19
CA ASP UE 99 -88.38 -25.56 -33.10
C ASP UE 99 -88.62 -24.13 -32.78
N GLY UE 100 -87.59 -23.31 -33.05
CA GLY UE 100 -87.39 -22.04 -32.43
C GLY UE 100 -86.27 -22.32 -31.48
N GLU UE 101 -86.29 -23.55 -30.94
CA GLU UE 101 -85.41 -24.06 -29.92
C GLU UE 101 -84.46 -25.00 -30.59
N LYS UE 102 -83.41 -25.42 -29.85
CA LYS UE 102 -82.46 -26.25 -30.50
C LYS UE 102 -83.08 -27.60 -30.66
N ASP UE 103 -83.30 -27.95 -31.93
CA ASP UE 103 -83.79 -29.26 -32.21
C ASP UE 103 -82.71 -30.14 -31.69
N CYS UE 104 -81.45 -29.71 -31.93
CA CYS UE 104 -80.35 -30.58 -31.69
C CYS UE 104 -79.98 -30.63 -30.25
N ARG UE 105 -79.34 -31.76 -29.86
CA ARG UE 105 -78.78 -31.92 -28.55
C ARG UE 105 -77.64 -30.98 -28.38
N ASP UE 106 -76.80 -30.97 -29.45
CA ASP UE 106 -75.52 -30.33 -29.65
C ASP UE 106 -75.72 -28.87 -29.61
N GLY UE 107 -76.83 -28.42 -30.23
CA GLY UE 107 -77.07 -27.01 -30.30
C GLY UE 107 -76.05 -26.47 -31.23
N SER UE 108 -75.78 -27.21 -32.31
CA SER UE 108 -74.73 -26.78 -33.17
C SER UE 108 -75.25 -25.57 -33.83
N ASP UE 109 -76.58 -25.52 -33.91
CA ASP UE 109 -77.35 -24.64 -34.71
C ASP UE 109 -77.02 -23.24 -34.33
N GLU UE 110 -76.94 -23.02 -33.01
CA GLU UE 110 -77.02 -21.75 -32.34
C GLU UE 110 -75.83 -20.95 -32.75
N ASP UE 111 -74.80 -21.70 -33.19
CA ASP UE 111 -73.57 -21.22 -33.73
C ASP UE 111 -73.90 -20.47 -34.98
N PRO UE 112 -73.15 -19.43 -35.15
CA PRO UE 112 -73.27 -18.46 -36.23
C PRO UE 112 -73.23 -19.01 -37.66
N GLU UE 113 -72.36 -19.97 -37.94
CA GLU UE 113 -72.25 -20.54 -39.29
C GLU UE 113 -73.58 -21.09 -39.79
N THR UE 114 -74.55 -21.19 -38.90
CA THR UE 114 -75.86 -21.72 -39.25
C THR UE 114 -76.90 -20.63 -39.33
N CYS UE 115 -76.88 -19.74 -38.35
CA CYS UE 115 -77.82 -18.64 -38.27
C CYS UE 115 -77.37 -17.40 -39.03
N SER UE 116 -76.29 -17.55 -39.81
CA SER UE 116 -75.53 -16.47 -40.36
C SER UE 116 -76.42 -15.60 -41.15
N LEU UE 117 -75.99 -14.34 -41.19
CA LEU UE 117 -76.48 -13.25 -41.94
C LEU UE 117 -76.24 -13.39 -43.41
N ASN UE 118 -74.97 -13.67 -43.77
CA ASN UE 118 -74.55 -13.61 -45.16
C ASN UE 118 -75.31 -14.66 -45.88
N ILE UE 119 -75.42 -15.85 -45.25
CA ILE UE 119 -75.94 -17.01 -45.89
C ILE UE 119 -77.33 -16.67 -46.36
N THR UE 120 -78.15 -16.16 -45.41
CA THR UE 120 -79.54 -15.88 -45.57
C THR UE 120 -79.69 -14.76 -46.52
N HIS UE 121 -78.62 -13.93 -46.57
CA HIS UE 121 -78.66 -12.57 -47.01
C HIS UE 121 -79.21 -12.56 -48.38
N VAL UE 122 -80.03 -11.54 -48.60
CA VAL UE 122 -80.79 -11.42 -49.79
C VAL UE 122 -79.96 -10.68 -50.78
N GLY UE 123 -80.19 -10.96 -52.08
CA GLY UE 123 -79.72 -10.09 -53.13
C GLY UE 123 -78.34 -10.54 -53.49
N SER UE 124 -78.03 -11.79 -53.11
CA SER UE 124 -77.00 -12.59 -53.70
C SER UE 124 -77.50 -13.01 -55.05
N SER UE 125 -76.62 -12.88 -56.08
CA SER UE 125 -76.70 -13.14 -57.49
C SER UE 125 -75.65 -14.13 -57.98
N TYR UE 126 -76.10 -15.13 -58.74
CA TYR UE 126 -75.21 -16.14 -59.26
C TYR UE 126 -75.32 -16.15 -60.77
N THR UE 127 -74.18 -16.21 -61.46
CA THR UE 127 -74.17 -16.26 -62.93
C THR UE 127 -73.16 -17.22 -63.49
N GLY UE 128 -73.42 -17.62 -64.73
CA GLY UE 128 -72.52 -18.53 -65.41
C GLY UE 128 -72.88 -18.46 -66.88
N LEU UE 129 -72.31 -19.35 -67.69
CA LEU UE 129 -72.64 -19.34 -69.10
C LEU UE 129 -73.60 -20.46 -69.40
N ALA UE 130 -74.83 -20.07 -69.68
CA ALA UE 130 -75.88 -21.02 -69.97
C ALA UE 130 -75.73 -21.56 -71.37
N THR UE 131 -75.67 -22.87 -71.49
CA THR UE 131 -75.55 -23.54 -72.79
C THR UE 131 -76.81 -24.40 -72.87
N TRP UE 132 -77.75 -23.97 -73.72
CA TRP UE 132 -79.04 -24.66 -73.84
C TRP UE 132 -79.01 -25.95 -74.62
N THR UE 133 -79.45 -27.03 -73.95
CA THR UE 133 -79.52 -28.24 -74.69
C THR UE 133 -80.58 -27.87 -75.63
N SER UE 134 -81.69 -27.42 -75.01
CA SER UE 134 -82.90 -27.18 -75.71
C SER UE 134 -82.93 -25.95 -76.58
N CYS UE 135 -83.21 -24.80 -75.94
CA CYS UE 135 -83.76 -23.70 -76.69
C CYS UE 135 -82.74 -23.13 -77.62
N GLU UE 136 -81.52 -22.87 -77.11
CA GLU UE 136 -80.79 -21.77 -77.61
C GLU UE 136 -80.02 -22.17 -78.83
N ASP UE 137 -80.58 -21.74 -79.98
CA ASP UE 137 -79.98 -21.95 -81.25
C ASP UE 137 -78.67 -21.31 -81.08
N LEU UE 138 -78.69 -20.11 -80.49
CA LEU UE 138 -77.49 -19.38 -80.50
C LEU UE 138 -76.57 -19.84 -79.44
N ASN UE 139 -75.42 -19.16 -79.43
CA ASN UE 139 -74.20 -19.39 -78.75
C ASN UE 139 -74.40 -19.02 -77.33
N PRO UE 140 -74.01 -19.95 -76.51
CA PRO UE 140 -74.45 -20.05 -75.15
C PRO UE 140 -74.20 -18.78 -74.50
N ASP UE 141 -75.22 -18.39 -73.75
CA ASP UE 141 -75.39 -17.00 -73.34
C ASP UE 141 -75.27 -16.93 -71.82
N HIS UE 142 -75.22 -15.71 -71.30
CA HIS UE 142 -75.07 -15.53 -69.87
C HIS UE 142 -76.37 -15.62 -69.11
N ALA UE 143 -76.36 -16.47 -68.09
CA ALA UE 143 -77.53 -16.66 -67.23
C ALA UE 143 -77.26 -16.02 -65.87
N ILE UE 144 -78.28 -15.39 -65.30
CA ILE UE 144 -78.12 -14.73 -64.01
C ILE UE 144 -79.31 -14.88 -63.09
N VAL UE 145 -79.17 -15.72 -62.07
CA VAL UE 145 -80.26 -15.90 -61.14
C VAL UE 145 -79.87 -15.12 -59.93
N THR UE 146 -80.66 -14.09 -59.63
CA THR UE 146 -80.40 -13.22 -58.49
C THR UE 146 -81.60 -13.10 -57.54
N ILE UE 147 -81.34 -13.15 -56.21
CA ILE UE 147 -82.38 -13.12 -55.17
C ILE UE 147 -82.96 -11.74 -54.90
N THR UE 148 -84.29 -11.60 -55.04
CA THR UE 148 -84.95 -10.29 -54.86
C THR UE 148 -85.56 -10.00 -53.52
N ALA UE 149 -85.86 -11.04 -52.75
CA ALA UE 149 -86.41 -10.84 -51.43
C ALA UE 149 -86.54 -12.21 -50.80
N ALA UE 150 -86.41 -12.29 -49.48
CA ALA UE 150 -86.49 -13.58 -48.83
C ALA UE 150 -86.72 -13.51 -47.34
N HIS UE 151 -87.75 -14.27 -46.88
CA HIS UE 151 -88.37 -13.99 -45.62
C HIS UE 151 -87.48 -14.35 -44.48
N ARG UE 152 -87.30 -13.34 -43.62
CA ARG UE 152 -86.79 -13.66 -42.35
C ARG UE 152 -87.85 -13.34 -41.39
N LYS UE 153 -87.69 -13.95 -40.22
CA LYS UE 153 -88.09 -13.23 -39.09
C LYS UE 153 -86.86 -12.95 -38.38
N SER UE 154 -87.07 -12.88 -37.06
CA SER UE 154 -86.04 -12.54 -36.17
C SER UE 154 -85.08 -13.67 -36.03
N PHE UE 155 -85.61 -14.82 -35.57
CA PHE UE 155 -84.79 -15.70 -34.79
C PHE UE 155 -83.93 -16.51 -35.62
N PHE UE 156 -84.34 -16.56 -36.87
CA PHE UE 156 -84.73 -17.73 -37.57
C PHE UE 156 -83.44 -18.30 -38.02
N PRO UE 157 -83.01 -19.45 -37.60
CA PRO UE 157 -81.67 -19.82 -37.93
C PRO UE 157 -81.58 -20.01 -39.42
N ASN UE 158 -82.73 -20.21 -40.11
CA ASN UE 158 -82.88 -21.24 -41.13
C ASN UE 158 -82.96 -20.64 -42.51
N ARG UE 159 -83.65 -21.41 -43.39
CA ARG UE 159 -83.71 -21.16 -44.79
C ARG UE 159 -84.89 -20.36 -45.10
N VAL UE 160 -84.61 -19.45 -46.03
CA VAL UE 160 -85.45 -18.44 -46.53
C VAL UE 160 -86.23 -19.10 -47.58
N TRP UE 161 -87.33 -18.43 -47.86
CA TRP UE 161 -88.37 -18.80 -48.72
C TRP UE 161 -88.47 -17.49 -49.34
N LEU UE 162 -88.28 -17.48 -50.64
CA LEU UE 162 -87.71 -16.32 -51.29
C LEU UE 162 -88.22 -16.05 -52.69
N ARG UE 163 -87.77 -14.93 -53.23
CA ARG UE 163 -88.13 -14.52 -54.56
C ARG UE 163 -86.87 -14.01 -55.24
N ALA UE 164 -86.75 -14.32 -56.53
CA ALA UE 164 -85.60 -13.94 -57.32
C ALA UE 164 -86.00 -13.68 -58.77
N THR UE 165 -84.98 -13.45 -59.59
CA THR UE 165 -85.16 -13.16 -61.02
C THR UE 165 -84.16 -13.97 -61.82
N LEU UE 166 -84.60 -14.53 -62.94
CA LEU UE 166 -83.68 -15.27 -63.82
C LEU UE 166 -83.57 -14.47 -65.11
N SER UE 167 -82.37 -14.04 -65.46
CA SER UE 167 -82.17 -13.27 -66.68
C SER UE 167 -81.12 -13.92 -67.55
N TYR UE 168 -81.40 -14.03 -68.85
CA TYR UE 168 -80.42 -14.60 -69.77
C TYR UE 168 -80.48 -13.83 -71.07
N GLU UE 169 -79.31 -13.48 -71.61
CA GLU UE 169 -79.18 -12.71 -72.84
C GLU UE 169 -79.88 -13.38 -74.03
N LEU UE 170 -80.55 -12.57 -74.85
CA LEU UE 170 -81.00 -13.04 -76.12
C LEU UE 170 -79.84 -13.21 -77.00
N ASP UE 171 -79.24 -12.06 -77.31
CA ASP UE 171 -78.01 -12.13 -77.96
C ASP UE 171 -77.13 -11.10 -77.44
N GLU UE 172 -75.89 -11.25 -77.93
CA GLU UE 172 -74.87 -10.28 -78.09
C GLU UE 172 -75.37 -9.28 -79.06
N HIS UE 173 -75.96 -9.76 -80.16
CA HIS UE 173 -76.30 -8.83 -81.19
C HIS UE 173 -77.34 -7.92 -80.63
N ASP UE 174 -78.45 -8.58 -80.26
CA ASP UE 174 -79.73 -7.97 -80.10
C ASP UE 174 -79.50 -6.90 -79.09
N HIS UE 175 -78.66 -7.26 -78.11
CA HIS UE 175 -78.46 -6.63 -76.83
C HIS UE 175 -79.75 -6.68 -76.08
N THR UE 176 -80.47 -7.82 -76.14
CA THR UE 176 -81.65 -7.86 -75.38
C THR UE 176 -81.56 -8.92 -74.37
N VAL UE 177 -82.61 -9.02 -73.49
CA VAL UE 177 -82.45 -10.01 -72.45
C VAL UE 177 -83.77 -10.33 -71.71
N SER UE 178 -84.03 -11.61 -71.53
CA SER UE 178 -85.25 -12.09 -70.88
C SER UE 178 -85.11 -12.04 -69.39
N THR UE 179 -86.15 -11.56 -68.72
CA THR UE 179 -86.14 -11.47 -67.27
C THR UE 179 -87.46 -11.96 -66.68
N THR UE 180 -87.45 -13.19 -66.18
CA THR UE 180 -88.63 -13.79 -65.60
C THR UE 180 -88.53 -13.68 -64.07
N GLN UE 181 -89.64 -13.38 -63.40
CA GLN UE 181 -89.63 -13.31 -61.93
C GLN UE 181 -89.88 -14.70 -61.36
N LEU UE 182 -89.26 -15.03 -60.23
CA LEU UE 182 -89.43 -16.36 -59.67
C LEU UE 182 -89.83 -16.34 -58.21
N ARG UE 183 -90.29 -17.49 -57.74
CA ARG UE 183 -90.68 -17.69 -56.35
C ARG UE 183 -90.07 -19.04 -55.96
N GLY UE 184 -89.91 -19.29 -54.68
CA GLY UE 184 -89.33 -20.56 -54.27
C GLY UE 184 -88.67 -20.49 -52.91
N PHE UE 185 -87.84 -21.49 -52.61
CA PHE UE 185 -87.16 -21.52 -51.34
C PHE UE 185 -85.75 -22.05 -51.49
N TYR UE 186 -85.07 -22.22 -50.37
CA TYR UE 186 -83.74 -22.75 -50.39
C TYR UE 186 -83.70 -23.87 -49.37
N ASN UE 187 -83.30 -25.06 -49.82
CA ASN UE 187 -83.23 -26.23 -48.96
C ASN UE 187 -81.87 -26.38 -48.32
N PHE UE 188 -81.90 -26.31 -46.98
CA PHE UE 188 -80.76 -26.35 -46.12
C PHE UE 188 -80.03 -27.60 -46.31
N GLY UE 189 -80.83 -28.67 -46.25
CA GLY UE 189 -80.38 -30.02 -46.34
C GLY UE 189 -79.85 -30.28 -47.70
N LYS UE 190 -80.57 -29.78 -48.71
CA LYS UE 190 -80.29 -30.05 -50.09
C LYS UE 190 -79.11 -29.28 -50.58
N ARG UE 191 -78.88 -28.11 -49.94
CA ARG UE 191 -77.98 -27.05 -50.31
C ARG UE 191 -78.49 -26.47 -51.60
N GLU UE 192 -79.71 -26.76 -51.93
CA GLU UE 192 -80.20 -26.44 -53.26
C GLU UE 192 -81.23 -25.31 -53.33
N LEU UE 193 -81.04 -24.46 -54.31
CA LEU UE 193 -81.91 -23.33 -54.52
C LEU UE 193 -82.93 -23.78 -55.56
N LEU UE 194 -84.22 -23.70 -55.23
CA LEU UE 194 -85.26 -24.13 -56.18
C LEU UE 194 -86.26 -23.03 -56.50
N LEU UE 195 -86.17 -22.45 -57.69
CA LEU UE 195 -87.05 -21.36 -58.07
C LEU UE 195 -87.90 -21.67 -59.29
N ALA UE 196 -89.11 -21.13 -59.32
CA ALA UE 196 -90.03 -21.33 -60.42
C ALA UE 196 -90.69 -20.01 -60.76
N PRO UE 197 -91.27 -19.89 -61.95
CA PRO UE 197 -91.93 -18.63 -62.35
C PRO UE 197 -93.14 -18.36 -61.49
N LEU UE 198 -93.28 -17.03 -61.15
CA LEU UE 198 -94.08 -16.65 -60.04
C LEU UE 198 -95.44 -17.06 -60.40
N LYS UE 199 -95.81 -16.73 -61.64
CA LYS UE 199 -97.09 -17.10 -62.09
C LYS UE 199 -97.44 -16.26 -63.26
N GLY UE 200 -98.42 -16.77 -64.01
CA GLY UE 200 -99.52 -15.98 -64.51
C GLY UE 200 -99.13 -15.65 -65.89
N GLN UE 201 -97.86 -16.00 -66.14
CA GLN UE 201 -97.16 -16.10 -67.39
C GLN UE 201 -97.69 -17.29 -68.17
N SER UE 202 -97.86 -18.41 -67.43
CA SER UE 202 -98.20 -19.79 -67.65
C SER UE 202 -97.09 -20.51 -68.32
N GLU UE 203 -96.34 -19.80 -69.16
CA GLU UE 203 -95.07 -20.39 -69.37
C GLU UE 203 -94.15 -19.48 -68.68
N GLY UE 204 -93.49 -20.00 -67.65
CA GLY UE 204 -92.45 -19.24 -67.08
C GLY UE 204 -91.40 -20.26 -66.95
N TYR UE 205 -90.17 -19.86 -66.66
CA TYR UE 205 -89.15 -20.85 -66.54
C TYR UE 205 -88.58 -20.71 -65.19
N GLY UE 206 -87.98 -21.83 -64.72
CA GLY UE 206 -87.48 -21.98 -63.39
C GLY UE 206 -86.09 -22.54 -63.46
N VAL UE 207 -85.51 -22.74 -62.27
CA VAL UE 207 -84.07 -22.92 -62.14
C VAL UE 207 -83.72 -23.65 -60.87
N ILE UE 208 -82.77 -24.57 -60.96
CA ILE UE 208 -82.33 -25.33 -59.81
C ILE UE 208 -80.82 -25.11 -59.67
N CYS UE 209 -80.35 -24.70 -58.50
CA CYS UE 209 -78.93 -24.50 -58.30
C CYS UE 209 -78.46 -25.26 -57.11
N ASP UE 210 -77.46 -26.12 -57.30
CA ASP UE 210 -76.92 -26.88 -56.19
C ASP UE 210 -75.64 -26.19 -55.74
N PHE UE 211 -75.61 -26.05 -54.44
CA PHE UE 211 -74.55 -25.54 -53.68
C PHE UE 211 -73.33 -26.39 -53.95
N ASN UE 212 -73.45 -27.74 -53.81
CA ASN UE 212 -72.54 -28.39 -52.93
C ASN UE 212 -71.26 -28.72 -53.62
N LEU UE 213 -70.49 -27.66 -53.85
CA LEU UE 213 -69.09 -27.70 -53.70
C LEU UE 213 -68.87 -27.83 -52.24
N GLY UE 214 -69.75 -27.20 -51.44
CA GLY UE 214 -69.42 -26.84 -50.08
C GLY UE 214 -69.14 -25.36 -50.16
N ASP UE 215 -68.90 -24.85 -51.37
CA ASP UE 215 -68.64 -23.46 -51.35
C ASP UE 215 -69.94 -22.75 -51.28
N ASP UE 216 -69.83 -21.44 -50.98
CA ASP UE 216 -70.86 -20.43 -51.04
C ASP UE 216 -71.20 -20.11 -52.45
N ASP UE 217 -70.12 -19.65 -53.07
CA ASP UE 217 -70.11 -18.77 -54.18
C ASP UE 217 -70.60 -19.58 -55.30
N HIS UE 218 -70.16 -20.83 -55.27
CA HIS UE 218 -70.19 -21.57 -56.53
C HIS UE 218 -71.36 -22.53 -56.52
N ALA UE 219 -72.02 -22.68 -57.67
CA ALA UE 219 -73.16 -23.57 -57.78
C ALA UE 219 -73.32 -24.18 -59.17
N ASP UE 220 -74.02 -25.29 -59.23
CA ASP UE 220 -74.26 -26.02 -60.46
C ASP UE 220 -75.71 -25.80 -60.87
N CYS UE 221 -75.98 -24.65 -61.46
CA CYS UE 221 -77.35 -24.34 -61.85
C CYS UE 221 -77.83 -24.93 -63.16
N LYS UE 222 -79.14 -25.19 -63.25
CA LYS UE 222 -79.74 -25.71 -64.46
C LYS UE 222 -81.12 -25.12 -64.66
N ILE UE 223 -81.31 -24.43 -65.79
CA ILE UE 223 -82.58 -23.81 -66.12
C ILE UE 223 -83.54 -24.92 -66.51
N VAL UE 224 -84.63 -25.06 -65.75
CA VAL UE 224 -85.60 -26.10 -66.01
C VAL UE 224 -86.93 -25.59 -66.47
N VAL UE 225 -87.81 -26.52 -66.78
CA VAL UE 225 -89.14 -26.17 -67.16
C VAL UE 225 -89.93 -26.47 -65.88
N PRO UE 226 -90.64 -25.46 -65.38
CA PRO UE 226 -91.33 -25.49 -64.10
C PRO UE 226 -92.36 -26.57 -63.97
N SER UE 227 -92.88 -27.02 -65.11
CA SER UE 227 -93.57 -28.26 -65.14
C SER UE 227 -92.63 -29.26 -64.59
N SER UE 228 -92.10 -30.04 -65.54
CA SER UE 228 -91.74 -31.38 -65.22
C SER UE 228 -90.47 -31.37 -64.42
N LEU UE 229 -89.87 -30.16 -64.31
CA LEU UE 229 -88.55 -29.87 -63.77
C LEU UE 229 -87.45 -30.40 -64.66
N PHE UE 230 -87.69 -30.50 -65.98
CA PHE UE 230 -86.86 -31.03 -67.03
C PHE UE 230 -85.87 -29.96 -67.44
N VAL UE 231 -84.60 -30.35 -67.48
CA VAL UE 231 -83.47 -29.47 -67.83
C VAL UE 231 -83.46 -28.81 -69.23
N CYS UE 232 -83.86 -27.56 -69.30
CA CYS UE 232 -83.87 -26.86 -70.58
C CYS UE 232 -82.48 -26.45 -70.99
N ALA UE 233 -81.65 -26.17 -69.99
CA ALA UE 233 -80.26 -25.73 -70.24
C ALA UE 233 -79.48 -25.82 -68.92
N HIS UE 234 -78.15 -25.86 -69.03
CA HIS UE 234 -77.30 -25.96 -67.86
C HIS UE 234 -76.20 -24.89 -67.86
N PHE UE 235 -75.88 -24.36 -66.67
CA PHE UE 235 -74.83 -23.36 -66.55
C PHE UE 235 -74.19 -23.41 -65.16
N ASN UE 236 -72.88 -23.57 -65.12
CA ASN UE 236 -72.13 -23.66 -63.87
C ASN UE 236 -71.94 -22.24 -63.42
N ALA UE 237 -72.48 -21.89 -62.25
CA ALA UE 237 -72.40 -20.51 -61.81
C ALA UE 237 -71.48 -20.14 -60.66
N GLN UE 238 -71.17 -18.84 -60.63
CA GLN UE 238 -70.33 -18.24 -59.60
C GLN UE 238 -71.12 -17.05 -59.09
N ARG UE 239 -70.72 -16.56 -57.94
CA ARG UE 239 -71.42 -15.47 -57.30
C ARG UE 239 -70.78 -14.13 -57.40
N TYR UE 240 -71.57 -13.09 -57.71
CA TYR UE 240 -71.73 -12.72 -59.12
C TYR UE 240 -70.56 -13.38 -59.75
N LEU VE 47 -20.13 10.44 -16.12
CA LEU VE 47 -18.75 10.53 -16.61
C LEU VE 47 -18.29 9.22 -17.12
N ASP VE 48 -17.19 8.70 -16.51
CA ASP VE 48 -16.66 7.42 -16.99
C ASP VE 48 -17.51 6.17 -16.79
N PRO VE 49 -18.30 6.11 -15.69
CA PRO VE 49 -19.15 4.93 -15.44
C PRO VE 49 -20.41 4.82 -16.31
N ARG VE 50 -21.29 5.82 -16.26
CA ARG VE 50 -22.53 5.79 -17.03
C ARG VE 50 -22.27 5.73 -18.54
N LEU VE 51 -21.09 6.17 -18.98
CA LEU VE 51 -20.73 6.17 -20.39
C LEU VE 51 -19.94 4.92 -20.78
N GLY VE 52 -19.06 4.46 -19.88
CA GLY VE 52 -18.27 3.28 -20.14
C GLY VE 52 -19.09 2.02 -19.97
N ALA VE 53 -20.25 2.15 -19.32
CA ALA VE 53 -21.15 1.03 -19.09
C ALA VE 53 -22.23 1.03 -20.17
N ASN VE 54 -22.57 2.22 -20.66
CA ASN VE 54 -23.57 2.36 -21.71
C ASN VE 54 -23.07 1.60 -22.93
N ALA VE 55 -21.85 1.07 -22.83
CA ALA VE 55 -21.24 0.31 -23.89
C ALA VE 55 -21.63 -1.17 -23.77
N PHE VE 56 -21.51 -1.72 -22.57
CA PHE VE 56 -21.88 -3.11 -22.34
C PHE VE 56 -23.33 -3.28 -22.79
N LEU VE 57 -23.99 -2.14 -22.98
CA LEU VE 57 -25.38 -2.09 -23.43
C LEU VE 57 -25.41 -2.17 -24.95
N ILE VE 58 -24.45 -1.48 -25.58
CA ILE VE 58 -24.35 -1.47 -27.03
C ILE VE 58 -23.77 -2.77 -27.57
N ILE VE 59 -22.76 -3.28 -26.89
CA ILE VE 59 -22.13 -4.52 -27.30
C ILE VE 59 -23.22 -5.57 -27.46
N ARG VE 60 -24.24 -5.48 -26.61
CA ARG VE 60 -25.36 -6.42 -26.65
C ARG VE 60 -26.01 -6.34 -28.02
N LEU VE 61 -26.46 -5.14 -28.39
CA LEU VE 61 -27.10 -4.95 -29.68
C LEU VE 61 -26.26 -5.50 -30.82
N ASP VE 62 -24.95 -5.57 -30.63
CA ASP VE 62 -24.06 -6.08 -31.66
C ASP VE 62 -24.28 -7.58 -31.86
N ARG VE 63 -24.35 -8.33 -30.77
CA ARG VE 63 -24.58 -9.76 -30.86
C ARG VE 63 -26.01 -9.97 -31.35
N ILE VE 64 -26.93 -9.16 -30.82
CA ILE VE 64 -28.34 -9.24 -31.20
C ILE VE 64 -28.53 -9.06 -32.69
N ILE VE 65 -28.09 -7.91 -33.17
CA ILE VE 65 -28.22 -7.59 -34.58
C ILE VE 65 -27.65 -8.73 -35.43
N GLU VE 66 -26.57 -9.35 -34.96
CA GLU VE 66 -25.92 -10.45 -35.69
C GLU VE 66 -26.81 -11.68 -35.70
N LYS VE 67 -27.24 -12.12 -34.52
CA LYS VE 67 -28.11 -13.29 -34.41
C LYS VE 67 -29.35 -13.04 -35.26
N LEU VE 68 -29.76 -11.77 -35.30
CA LEU VE 68 -30.93 -11.36 -36.06
C LEU VE 68 -30.72 -11.62 -37.55
N ARG VE 69 -29.47 -11.57 -38.00
CA ARG VE 69 -29.14 -11.83 -39.40
C ARG VE 69 -29.47 -13.29 -39.71
N THR VE 70 -29.10 -14.17 -38.78
CA THR VE 70 -29.34 -15.60 -38.94
C THR VE 70 -30.83 -15.88 -39.07
N LYS VE 71 -31.64 -15.17 -38.29
CA LYS VE 71 -33.09 -15.35 -38.35
C LYS VE 71 -33.65 -14.91 -39.69
N LEU VE 72 -33.13 -13.82 -40.23
CA LEU VE 72 -33.62 -13.33 -41.51
C LEU VE 72 -33.25 -14.33 -42.60
N ASP VE 73 -32.28 -15.20 -42.30
CA ASP VE 73 -31.85 -16.22 -43.25
C ASP VE 73 -32.80 -17.41 -43.15
N GLU VE 74 -33.21 -17.72 -41.92
CA GLU VE 74 -34.13 -18.82 -41.67
C GLU VE 74 -35.50 -18.44 -42.26
N ALA VE 75 -35.84 -17.17 -42.13
CA ALA VE 75 -37.12 -16.66 -42.60
C ALA VE 75 -37.31 -16.73 -44.11
N GLU VE 76 -36.22 -16.57 -44.85
CA GLU VE 76 -36.29 -16.61 -46.32
C GLU VE 76 -36.59 -18.03 -46.82
N LYS VE 77 -36.31 -19.03 -45.99
CA LYS VE 77 -36.53 -20.44 -46.34
C LYS VE 77 -37.99 -20.85 -46.15
N ILE VE 78 -38.67 -20.26 -45.21
CA ILE VE 78 -40.05 -20.64 -45.19
C ILE VE 78 -40.82 -19.46 -45.68
N ASP VE 79 -41.19 -19.45 -46.99
CA ASP VE 79 -42.15 -18.44 -47.33
C ASP VE 79 -43.45 -19.09 -47.17
N PRO VE 80 -44.14 -18.54 -46.28
CA PRO VE 80 -45.59 -18.73 -46.24
C PRO VE 80 -46.28 -18.55 -47.59
N GLU VE 81 -46.19 -17.37 -48.18
CA GLU VE 81 -46.82 -17.12 -49.48
C GLU VE 81 -46.47 -18.20 -50.48
N HIS VE 82 -45.40 -18.93 -50.21
CA HIS VE 82 -44.96 -20.02 -51.08
C HIS VE 82 -45.68 -21.29 -50.68
N PHE VE 83 -45.56 -21.66 -49.41
CA PHE VE 83 -46.22 -22.84 -48.89
C PHE VE 83 -47.70 -22.84 -49.26
N VAL VE 84 -48.39 -21.74 -48.96
CA VAL VE 84 -49.81 -21.64 -49.28
C VAL VE 84 -50.02 -22.01 -50.73
N SER VE 85 -49.18 -21.48 -51.61
CA SER VE 85 -49.29 -21.76 -53.04
C SER VE 85 -49.16 -23.26 -53.30
N GLU VE 86 -48.31 -23.93 -52.53
CA GLU VE 86 -48.13 -25.37 -52.70
C GLU VE 86 -49.44 -26.08 -52.41
N ILE VE 87 -50.11 -25.66 -51.34
CA ILE VE 87 -51.37 -26.26 -51.01
C ILE VE 87 -52.40 -25.94 -52.06
N ASP VE 88 -52.50 -24.68 -52.47
CA ASP VE 88 -53.47 -24.34 -53.51
C ASP VE 88 -53.31 -25.31 -54.66
N ALA VE 89 -52.14 -25.31 -55.28
CA ALA VE 89 -51.89 -26.20 -56.39
C ALA VE 89 -52.15 -27.65 -56.00
N ARG VE 90 -51.68 -28.03 -54.82
CA ARG VE 90 -51.85 -29.40 -54.35
C ARG VE 90 -53.33 -29.81 -54.36
N VAL VE 91 -54.18 -28.88 -53.93
CA VAL VE 91 -55.60 -29.12 -53.87
C VAL VE 91 -56.25 -28.98 -55.20
N THR VE 92 -55.90 -27.94 -55.95
CA THR VE 92 -56.49 -27.75 -57.27
C THR VE 92 -56.29 -29.03 -58.06
N LYS VE 93 -55.20 -29.72 -57.80
CA LYS VE 93 -54.87 -30.97 -58.46
C LYS VE 93 -55.91 -32.04 -58.15
N ILE VE 94 -56.50 -31.97 -56.96
CA ILE VE 94 -57.51 -32.92 -56.56
C ILE VE 94 -58.85 -32.51 -57.12
N GLU VE 95 -59.14 -31.22 -56.99
CA GLU VE 95 -60.39 -30.66 -57.49
C GLU VE 95 -60.40 -30.86 -59.00
N GLY VE 96 -61.56 -33.44 -62.82
CA GLY VE 96 -61.49 -33.92 -64.18
C GLY VE 96 -61.95 -32.83 -65.11
N THR VE 97 -61.93 -33.11 -66.43
CA THR VE 97 -62.42 -32.07 -67.26
C THR VE 97 -63.87 -32.25 -67.53
N HIS VE 98 -64.58 -31.11 -67.45
CA HIS VE 98 -65.92 -31.00 -67.95
C HIS VE 98 -65.79 -31.09 -69.41
N CYS VE 99 -64.70 -30.46 -69.92
CA CYS VE 99 -64.61 -30.23 -71.33
C CYS VE 99 -64.17 -31.47 -71.99
N GLU VE 100 -64.11 -31.37 -73.34
CA GLU VE 100 -63.73 -32.49 -74.11
C GLU VE 100 -62.30 -32.35 -74.41
N LYS VE 101 -61.67 -33.49 -74.71
CA LYS VE 101 -60.26 -33.41 -74.71
C LYS VE 101 -59.80 -32.64 -75.88
N ARG VE 102 -58.66 -31.95 -75.67
CA ARG VE 102 -58.07 -31.10 -76.65
C ARG VE 102 -59.05 -30.04 -76.94
N THR VE 103 -59.69 -29.58 -75.88
CA THR VE 103 -60.47 -28.35 -75.82
C THR VE 103 -59.98 -27.48 -74.68
N PHE VE 104 -60.19 -26.18 -74.83
CA PHE VE 104 -59.73 -25.20 -73.84
C PHE VE 104 -60.85 -24.58 -73.03
N GLN VE 105 -60.76 -24.70 -71.72
CA GLN VE 105 -61.76 -24.17 -70.80
C GLN VE 105 -61.52 -22.72 -70.50
N CYS VE 106 -62.54 -21.86 -70.71
CA CYS VE 106 -62.35 -20.45 -70.49
C CYS VE 106 -62.40 -20.18 -69.04
N GLY VE 107 -62.36 -18.88 -68.72
CA GLY VE 107 -62.14 -18.42 -67.39
C GLY VE 107 -63.46 -18.33 -66.70
N GLY VE 108 -63.49 -17.53 -65.61
CA GLY VE 108 -64.56 -17.59 -64.66
C GLY VE 108 -65.83 -17.13 -65.28
N ASN VE 109 -65.71 -16.08 -66.12
CA ASN VE 109 -66.84 -15.28 -66.54
C ASN VE 109 -67.86 -16.10 -67.24
N GLU VE 110 -67.46 -16.71 -68.35
CA GLU VE 110 -68.40 -17.60 -68.91
C GLU VE 110 -67.81 -18.91 -68.56
N GLN VE 111 -68.25 -19.89 -69.35
CA GLN VE 111 -67.81 -21.21 -69.19
C GLN VE 111 -68.05 -21.75 -70.55
N GLU VE 112 -66.97 -21.88 -71.33
CA GLU VE 112 -67.16 -22.31 -72.67
C GLU VE 112 -65.98 -23.14 -73.00
N CYS VE 113 -66.16 -24.09 -73.95
CA CYS VE 113 -65.07 -24.84 -74.61
C CYS VE 113 -64.56 -24.34 -75.97
N ILE VE 114 -63.23 -24.33 -76.16
CA ILE VE 114 -62.63 -23.89 -77.41
C ILE VE 114 -61.61 -24.89 -77.91
N SER VE 115 -61.60 -25.15 -79.22
CA SER VE 115 -60.65 -26.10 -79.76
C SER VE 115 -59.25 -25.57 -79.65
N ASP VE 116 -58.28 -26.46 -79.24
CA ASP VE 116 -57.01 -26.05 -78.77
C ASP VE 116 -56.26 -25.22 -79.76
N LEU VE 117 -56.15 -25.72 -81.01
CA LEU VE 117 -55.27 -25.06 -81.95
C LEU VE 117 -55.85 -23.72 -82.19
N LEU VE 118 -57.18 -23.68 -82.27
CA LEU VE 118 -57.80 -22.45 -82.64
C LEU VE 118 -57.59 -21.45 -81.54
N VAL VE 119 -57.70 -21.91 -80.27
CA VAL VE 119 -57.67 -21.04 -79.11
C VAL VE 119 -56.32 -20.43 -78.89
N CYS VE 120 -55.23 -21.17 -79.17
CA CYS VE 120 -53.92 -20.57 -79.07
C CYS VE 120 -53.57 -20.12 -80.43
N ASP VE 121 -54.28 -19.09 -80.89
CA ASP VE 121 -53.98 -18.56 -82.19
C ASP VE 121 -52.63 -17.96 -82.06
N GLY VE 122 -52.42 -17.31 -80.91
CA GLY VE 122 -51.27 -16.46 -80.67
C GLY VE 122 -51.81 -15.07 -80.64
N HIS VE 123 -52.95 -14.90 -81.36
CA HIS VE 123 -53.88 -13.79 -81.28
C HIS VE 123 -54.99 -14.28 -80.40
N LYS VE 124 -55.87 -13.37 -79.90
CA LYS VE 124 -56.83 -13.80 -78.91
C LYS VE 124 -57.82 -14.72 -79.54
N ASP VE 125 -57.95 -15.91 -78.93
CA ASP VE 125 -59.01 -16.83 -79.30
C ASP VE 125 -60.32 -16.12 -79.01
N CYS VE 126 -60.46 -15.63 -77.77
CA CYS VE 126 -61.74 -15.19 -77.37
C CYS VE 126 -61.66 -13.76 -77.00
N HIS VE 127 -62.87 -13.28 -76.72
CA HIS VE 127 -63.09 -11.93 -76.36
C HIS VE 127 -62.20 -11.66 -75.20
N ASN VE 128 -62.34 -12.47 -74.11
CA ASN VE 128 -62.07 -12.00 -72.78
C ASN VE 128 -60.70 -11.38 -72.71
N ALA VE 129 -59.58 -12.09 -73.02
CA ALA VE 129 -59.48 -13.49 -73.34
C ALA VE 129 -58.73 -14.07 -72.19
N HIS VE 130 -58.93 -15.38 -71.97
CA HIS VE 130 -58.32 -16.07 -70.87
C HIS VE 130 -56.84 -15.95 -71.03
N ASP VE 131 -56.39 -16.24 -72.28
CA ASP VE 131 -55.04 -16.43 -72.74
C ASP VE 131 -54.26 -15.16 -72.56
N GLU VE 132 -54.90 -14.02 -72.88
CA GLU VE 132 -54.31 -12.73 -73.06
C GLU VE 132 -53.71 -12.27 -71.76
N ASP VE 133 -54.36 -12.67 -70.63
CA ASP VE 133 -53.96 -12.31 -69.30
C ASP VE 133 -52.59 -12.89 -69.02
N PRO VE 134 -51.79 -12.06 -68.41
CA PRO VE 134 -50.36 -12.15 -68.49
C PRO VE 134 -49.78 -13.30 -67.72
N ASP VE 135 -50.57 -13.79 -66.74
CA ASP VE 135 -50.25 -14.75 -65.72
C ASP VE 135 -50.02 -16.10 -66.28
N VAL VE 136 -50.87 -16.51 -67.25
CA VAL VE 136 -50.71 -17.77 -67.89
C VAL VE 136 -49.62 -17.70 -68.91
N CYS VE 137 -49.55 -16.59 -69.67
CA CYS VE 137 -48.78 -16.57 -70.87
C CYS VE 137 -47.32 -16.55 -70.52
N ASP VE 138 -47.04 -16.19 -69.25
CA ASP VE 138 -45.76 -15.79 -68.73
C ASP VE 138 -44.73 -16.81 -69.06
N THR VE 139 -43.74 -16.35 -69.84
CA THR VE 139 -42.83 -17.19 -70.53
C THR VE 139 -41.96 -17.89 -69.53
N SER VE 140 -41.55 -17.15 -68.49
CA SER VE 140 -40.37 -17.49 -67.78
C SER VE 140 -40.50 -18.85 -67.18
N VAL VE 141 -41.59 -19.11 -66.43
CA VAL VE 141 -41.68 -20.32 -65.65
C VAL VE 141 -41.54 -21.46 -66.61
N VAL VE 142 -42.21 -21.32 -67.77
CA VAL VE 142 -42.39 -22.36 -68.75
C VAL VE 142 -41.08 -22.73 -69.32
N LYS VE 143 -40.17 -21.76 -69.37
CA LYS VE 143 -39.08 -21.71 -70.30
C LYS VE 143 -38.18 -22.87 -70.07
N ALA VE 144 -37.67 -23.47 -71.16
CA ALA VE 144 -36.88 -24.63 -70.95
C ALA VE 144 -35.49 -24.20 -70.68
N GLY VE 145 -34.59 -25.21 -70.77
CA GLY VE 145 -33.23 -25.10 -70.37
C GLY VE 145 -33.13 -25.70 -69.02
N ASN VE 146 -34.28 -26.17 -68.48
CA ASN VE 146 -34.24 -26.72 -67.17
C ASN VE 146 -33.69 -28.13 -67.24
N VAL VE 147 -33.09 -28.64 -66.13
CA VAL VE 147 -32.77 -30.03 -65.96
C VAL VE 147 -33.76 -30.71 -65.01
N PHE VE 148 -34.28 -31.85 -65.43
CA PHE VE 148 -35.23 -32.59 -64.62
C PHE VE 148 -34.68 -33.97 -64.30
N SER VE 149 -34.72 -34.34 -63.03
CA SER VE 149 -34.22 -35.65 -62.61
C SER VE 149 -35.33 -36.32 -61.84
N GLY VE 150 -35.12 -37.60 -61.54
CA GLY VE 150 -36.12 -38.35 -60.81
C GLY VE 150 -35.93 -39.82 -61.03
N THR VE 151 -36.65 -40.61 -60.24
CA THR VE 151 -36.55 -42.05 -60.35
C THR VE 151 -37.52 -42.64 -61.36
N SER VE 152 -36.99 -43.54 -62.17
CA SER VE 152 -37.75 -44.20 -63.22
C SER VE 152 -37.97 -45.64 -62.76
N THR VE 153 -39.19 -45.93 -62.33
CA THR VE 153 -39.55 -47.28 -61.90
C THR VE 153 -40.08 -47.97 -63.15
N TRP VE 154 -39.49 -49.12 -63.47
CA TRP VE 154 -39.91 -49.86 -64.65
C TRP VE 154 -40.90 -50.99 -64.38
N HIS VE 155 -41.81 -51.15 -65.35
CA HIS VE 155 -42.47 -52.38 -65.61
C HIS VE 155 -41.43 -53.34 -66.05
N GLY VE 156 -40.31 -52.82 -66.58
CA GLY VE 156 -39.23 -53.68 -66.96
C GLY VE 156 -39.44 -54.14 -68.35
N CYS VE 157 -39.75 -53.20 -69.26
CA CYS VE 157 -39.49 -53.50 -70.62
C CYS VE 157 -38.00 -53.53 -70.83
N LEU VE 158 -37.28 -52.73 -70.06
CA LEU VE 158 -35.86 -52.75 -70.11
C LEU VE 158 -35.41 -53.72 -69.07
N ALA VE 159 -34.24 -54.35 -69.34
CA ALA VE 159 -33.83 -55.49 -68.58
C ALA VE 159 -33.72 -55.03 -67.16
N ARG VE 160 -33.15 -53.81 -67.01
CA ARG VE 160 -32.30 -53.20 -65.99
C ARG VE 160 -33.06 -52.60 -64.84
N GLU VE 161 -32.46 -52.67 -63.62
CA GLU VE 161 -33.04 -52.45 -62.32
C GLU VE 161 -33.49 -51.00 -62.19
N ASP VE 162 -34.23 -50.62 -61.12
CA ASP VE 162 -34.76 -49.29 -61.18
C ASP VE 162 -33.62 -48.33 -61.06
N HIS VE 163 -33.91 -47.06 -61.35
CA HIS VE 163 -32.77 -46.17 -61.56
C HIS VE 163 -33.27 -44.77 -61.73
N VAL VE 164 -32.36 -43.84 -62.01
CA VAL VE 164 -32.72 -42.46 -62.20
C VAL VE 164 -32.55 -42.01 -63.64
N THR VE 165 -33.39 -41.07 -64.08
CA THR VE 165 -33.31 -40.52 -65.43
C THR VE 165 -33.07 -39.05 -65.26
N ARG VE 166 -32.39 -38.43 -66.22
CA ARG VE 166 -32.09 -37.02 -66.11
C ARG VE 166 -32.35 -36.32 -67.43
N ILE VE 167 -33.55 -35.77 -67.56
CA ILE VE 167 -33.93 -35.06 -68.78
C ILE VE 167 -33.45 -33.63 -68.69
N THR VE 168 -32.65 -33.21 -69.65
CA THR VE 168 -32.13 -31.85 -69.67
C THR VE 168 -32.31 -31.21 -71.05
N ILE VE 169 -33.05 -30.10 -71.08
CA ILE VE 169 -33.33 -29.42 -72.32
C ILE VE 169 -32.10 -28.82 -72.95
N THR VE 170 -31.78 -29.28 -74.15
CA THR VE 170 -30.62 -28.79 -74.89
C THR VE 170 -30.91 -27.44 -75.55
N ALA VE 171 -31.92 -27.40 -76.44
CA ALA VE 171 -32.30 -26.18 -77.16
C ALA VE 171 -33.81 -26.03 -77.27
N SER VE 172 -34.27 -24.87 -77.74
CA SER VE 172 -35.71 -24.61 -77.86
C SER VE 172 -36.09 -23.48 -78.80
N LYS VE 173 -36.58 -23.81 -80.00
CA LYS VE 173 -37.00 -22.82 -80.98
C LYS VE 173 -38.52 -22.61 -80.87
N ARG VE 174 -38.95 -21.43 -81.36
CA ARG VE 174 -40.32 -21.15 -81.62
C ARG VE 174 -40.28 -20.05 -82.61
N ARG VE 175 -41.30 -19.21 -82.61
CA ARG VE 175 -41.07 -17.98 -83.29
C ARG VE 175 -40.42 -17.09 -82.28
N LYS VE 176 -40.49 -15.77 -82.52
CA LYS VE 176 -40.02 -14.85 -81.54
C LYS VE 176 -40.93 -14.89 -80.35
N PHE VE 177 -42.26 -14.99 -80.59
CA PHE VE 177 -43.29 -14.84 -79.58
C PHE VE 177 -43.36 -15.99 -78.67
N PHE VE 178 -43.11 -17.17 -79.23
CA PHE VE 178 -44.15 -17.89 -79.90
C PHE VE 178 -44.71 -18.81 -78.87
N THR VE 179 -45.96 -18.58 -78.41
CA THR VE 179 -46.31 -19.25 -77.19
C THR VE 179 -46.61 -20.71 -77.39
N ALA VE 180 -47.42 -21.08 -78.41
CA ALA VE 180 -48.29 -22.21 -78.25
C ALA VE 180 -47.46 -23.39 -78.02
N ARG VE 181 -46.51 -23.48 -78.96
CA ARG VE 181 -45.74 -24.64 -79.30
C ARG VE 181 -44.35 -24.22 -79.16
N ILE VE 182 -43.60 -25.15 -78.60
CA ILE VE 182 -42.18 -24.91 -78.36
C ILE VE 182 -41.43 -26.15 -78.85
N TRP VE 183 -40.68 -26.02 -79.93
CA TRP VE 183 -39.95 -27.15 -80.43
C TRP VE 183 -38.66 -27.20 -79.65
N LEU VE 184 -38.22 -28.41 -79.30
CA LEU VE 184 -36.99 -28.49 -78.52
C LEU VE 184 -36.19 -29.77 -78.63
N ARG VE 185 -34.89 -29.65 -78.34
CA ARG VE 185 -33.97 -30.77 -78.35
C ARG VE 185 -33.57 -30.94 -76.89
N ALA VE 186 -33.28 -32.18 -76.49
CA ALA VE 186 -32.90 -32.42 -75.11
C ALA VE 186 -32.06 -33.66 -74.96
N LEU VE 187 -31.42 -33.79 -73.80
CA LEU VE 187 -30.54 -34.89 -73.52
C LEU VE 187 -31.06 -35.76 -72.40
N VAL VE 188 -31.30 -37.02 -72.69
CA VAL VE 188 -31.82 -37.92 -71.68
C VAL VE 188 -30.74 -38.87 -71.23
N GLU VE 189 -30.44 -38.86 -69.93
CA GLU VE 189 -29.42 -39.74 -69.37
C GLU VE 189 -30.05 -40.65 -68.33
N SER VE 190 -29.43 -41.81 -68.18
CA SER VE 190 -29.75 -42.59 -67.06
C SER VE 190 -28.47 -43.03 -66.47
N GLU VE 191 -28.55 -43.25 -65.18
CA GLU VE 191 -27.45 -43.80 -64.41
C GLU VE 191 -27.75 -45.23 -64.00
N LEU VE 192 -27.31 -46.18 -64.82
CA LEU VE 192 -27.55 -47.59 -64.56
C LEU VE 192 -26.26 -48.38 -64.49
N GLU VE 193 -26.29 -49.49 -63.75
CA GLU VE 193 -25.12 -50.34 -63.60
C GLU VE 193 -25.13 -51.49 -64.60
N ARG VE 194 -23.98 -51.63 -65.36
CA ARG VE 194 -23.67 -52.72 -66.23
C ARG VE 194 -22.80 -53.60 -65.38
N HIS VE 195 -22.32 -54.72 -65.96
CA HIS VE 195 -21.35 -55.50 -65.28
C HIS VE 195 -20.05 -54.74 -65.28
N GLY VE 196 -19.51 -54.48 -64.07
CA GLY VE 196 -18.54 -53.45 -63.95
C GLY VE 196 -19.25 -52.30 -63.32
N GLU VE 197 -18.63 -51.12 -63.39
CA GLU VE 197 -19.01 -49.98 -62.62
C GLU VE 197 -20.17 -49.31 -63.26
N ASN VE 198 -20.64 -48.26 -62.52
CA ASN VE 198 -21.65 -47.26 -62.92
C ASN VE 198 -21.38 -46.68 -64.30
N VAL VE 199 -22.39 -46.79 -65.18
CA VAL VE 199 -22.31 -46.26 -66.54
C VAL VE 199 -23.42 -45.24 -66.69
N THR VE 200 -23.47 -44.57 -67.84
CA THR VE 200 -24.51 -43.59 -68.09
C THR VE 200 -24.98 -43.65 -69.53
N SER VE 201 -26.26 -43.90 -69.68
CA SER VE 201 -26.82 -44.06 -70.99
C SER VE 201 -27.47 -42.77 -71.30
N SER VE 202 -26.91 -42.12 -72.32
CA SER VE 202 -27.41 -40.86 -72.75
C SER VE 202 -27.80 -41.08 -74.16
N PHE VE 203 -28.99 -40.60 -74.50
CA PHE VE 203 -29.32 -40.38 -75.90
C PHE VE 203 -29.88 -38.98 -76.13
N ASN VE 204 -29.73 -38.50 -77.36
CA ASN VE 204 -30.20 -37.17 -77.70
C ASN VE 204 -31.64 -37.27 -78.18
N ALA VE 205 -32.44 -36.28 -77.85
CA ALA VE 205 -33.85 -36.29 -78.23
C ALA VE 205 -34.31 -35.00 -78.82
N LYS VE 206 -35.40 -35.09 -79.61
CA LYS VE 206 -36.03 -33.93 -80.24
C LYS VE 206 -37.51 -34.07 -79.94
N GLY VE 207 -38.20 -32.94 -79.84
CA GLY VE 207 -39.62 -32.99 -79.54
C GLY VE 207 -40.26 -31.62 -79.42
N TYR VE 208 -41.34 -31.56 -78.66
CA TYR VE 208 -42.07 -30.31 -78.50
C TYR VE 208 -42.79 -30.21 -77.15
N TYR VE 209 -43.20 -28.98 -76.82
CA TYR VE 209 -43.93 -28.72 -75.59
C TYR VE 209 -45.23 -28.07 -76.00
N ASN VE 210 -46.32 -28.58 -75.46
CA ASN VE 210 -47.65 -28.08 -75.77
C ASN VE 210 -48.25 -27.40 -74.56
N PHE VE 211 -48.37 -26.09 -74.78
CA PHE VE 211 -48.66 -25.10 -73.81
C PHE VE 211 -49.91 -25.58 -73.24
N ALA VE 212 -50.86 -25.78 -74.14
CA ALA VE 212 -52.11 -26.23 -73.65
C ALA VE 212 -51.96 -27.63 -73.13
N SER VE 213 -51.23 -28.52 -73.83
CA SER VE 213 -51.29 -29.91 -73.49
C SER VE 213 -50.80 -30.08 -72.09
N ARG VE 214 -49.96 -29.11 -71.66
CA ARG VE 214 -49.08 -29.25 -70.53
C ARG VE 214 -48.35 -30.53 -70.71
N ARG VE 215 -47.73 -30.71 -71.88
CA ARG VE 215 -47.07 -31.98 -72.19
C ARG VE 215 -45.76 -31.69 -72.87
N LEU VE 216 -44.77 -32.50 -72.56
CA LEU VE 216 -43.46 -32.35 -73.13
C LEU VE 216 -43.20 -33.70 -73.77
N ILE VE 217 -43.03 -33.76 -75.09
CA ILE VE 217 -42.75 -35.06 -75.71
C ILE VE 217 -41.34 -35.08 -76.26
N LEU VE 218 -40.58 -36.07 -75.86
CA LEU VE 218 -39.21 -36.19 -76.31
C LEU VE 218 -38.97 -37.52 -76.99
N LEU VE 219 -38.67 -37.46 -78.28
CA LEU VE 219 -38.40 -38.64 -79.08
C LEU VE 219 -36.92 -38.72 -79.34
N PRO VE 220 -36.41 -39.92 -79.56
CA PRO VE 220 -34.98 -40.10 -79.81
C PRO VE 220 -34.60 -39.55 -81.19
N THR VE 221 -33.36 -39.10 -81.35
CA THR VE 221 -32.96 -38.79 -82.66
C THR VE 221 -32.50 -40.04 -83.32
N ASP VE 222 -31.55 -39.92 -84.30
CA ASP VE 222 -31.08 -41.09 -84.99
C ASP VE 222 -29.78 -41.46 -84.44
N ASP VE 223 -30.00 -42.50 -83.67
CA ASP VE 223 -29.22 -43.12 -82.69
C ASP VE 223 -29.40 -44.54 -83.13
N HIS VE 224 -28.44 -45.41 -82.85
CA HIS VE 224 -28.68 -46.81 -83.05
C HIS VE 224 -29.42 -47.41 -81.89
N ASP VE 225 -29.31 -46.76 -80.72
CA ASP VE 225 -29.85 -47.20 -79.47
C ASP VE 225 -31.33 -47.23 -79.57
N ASP VE 226 -31.82 -46.08 -80.10
CA ASP VE 226 -33.16 -45.61 -80.24
C ASP VE 226 -33.92 -45.99 -79.01
N HIS VE 227 -33.49 -45.37 -77.86
CA HIS VE 227 -34.06 -45.60 -76.57
C HIS VE 227 -35.25 -44.73 -76.41
N LEU VE 228 -36.23 -45.33 -75.72
CA LEU VE 228 -37.60 -45.14 -76.01
C LEU VE 228 -37.93 -43.80 -75.51
N ALA VE 229 -39.07 -43.31 -76.00
CA ALA VE 229 -39.40 -41.90 -75.96
C ALA VE 229 -39.95 -41.57 -74.59
N VAL VE 230 -39.58 -40.40 -74.08
CA VAL VE 230 -40.05 -39.97 -72.77
C VAL VE 230 -41.18 -38.97 -72.96
N VAL VE 231 -42.10 -38.94 -72.01
CA VAL VE 231 -43.24 -38.05 -72.08
C VAL VE 231 -43.59 -37.52 -70.71
N CYS VE 232 -43.58 -36.19 -70.58
CA CYS VE 232 -43.89 -35.56 -69.32
C CYS VE 232 -45.03 -34.59 -69.39
N SER VE 233 -45.81 -34.56 -68.31
CA SER VE 233 -46.93 -33.65 -68.17
C SER VE 233 -46.61 -32.82 -66.93
N PHE VE 234 -46.98 -31.51 -67.04
CA PHE VE 234 -46.88 -30.30 -66.25
C PHE VE 234 -47.44 -30.37 -64.84
N ASN VE 235 -48.79 -30.48 -64.78
CA ASN VE 235 -49.75 -30.48 -63.72
C ASN VE 235 -49.36 -31.67 -62.97
N ARG VE 236 -48.29 -31.44 -62.24
CA ARG VE 236 -48.05 -31.54 -60.87
C ARG VE 236 -48.81 -30.41 -60.14
N GLY VE 237 -48.84 -29.16 -60.67
CA GLY VE 237 -49.51 -28.07 -59.99
C GLY VE 237 -48.45 -27.19 -59.40
N ASP VE 238 -47.27 -27.80 -59.19
CA ASP VE 238 -46.02 -27.08 -59.26
C ASP VE 238 -45.87 -26.86 -60.73
N ASN VE 239 -45.14 -25.81 -61.13
CA ASN VE 239 -44.58 -25.77 -62.46
C ASN VE 239 -43.42 -26.65 -62.51
N GLU VE 240 -42.74 -26.74 -61.36
CA GLU VE 240 -41.40 -27.22 -61.45
C GLU VE 240 -41.49 -28.62 -61.94
N ARG VE 241 -42.31 -29.37 -61.22
CA ARG VE 241 -42.48 -30.82 -61.23
C ARG VE 241 -43.33 -31.33 -62.38
N ALA VE 242 -43.04 -32.54 -62.83
CA ALA VE 242 -43.80 -33.13 -63.92
C ALA VE 242 -43.89 -34.64 -63.76
N GLU VE 243 -44.94 -35.21 -64.36
CA GLU VE 243 -45.20 -36.64 -64.31
C GLU VE 243 -44.83 -37.18 -65.66
N CYS VE 244 -43.88 -38.12 -65.70
CA CYS VE 244 -43.44 -38.69 -66.97
C CYS VE 244 -43.62 -40.21 -67.11
N HIS VE 245 -43.43 -40.67 -68.33
CA HIS VE 245 -43.54 -42.08 -68.66
C HIS VE 245 -42.66 -42.35 -69.85
N ARG VE 246 -42.04 -43.52 -69.88
CA ARG VE 246 -41.23 -43.89 -71.02
C ARG VE 246 -42.22 -44.66 -71.86
N VAL VE 247 -42.23 -44.43 -73.18
CA VAL VE 247 -43.19 -45.12 -74.00
C VAL VE 247 -42.69 -45.45 -75.39
N THR VE 248 -43.37 -46.33 -76.12
CA THR VE 248 -42.88 -46.55 -77.44
C THR VE 248 -43.79 -45.77 -78.32
N GLU VE 249 -43.33 -45.36 -79.51
CA GLU VE 249 -44.14 -44.58 -80.42
C GLU VE 249 -45.23 -45.43 -80.94
N ALA VE 250 -44.80 -46.60 -81.44
CA ALA VE 250 -45.69 -47.41 -82.21
C ALA VE 250 -46.78 -47.87 -81.29
N THR VE 251 -46.35 -48.48 -80.15
CA THR VE 251 -47.20 -49.10 -79.16
C THR VE 251 -47.98 -48.01 -78.51
N LEU VE 252 -47.25 -46.99 -78.02
CA LEU VE 252 -47.84 -45.91 -77.32
C LEU VE 252 -48.45 -46.44 -76.08
N HIS VE 253 -47.77 -47.48 -75.59
CA HIS VE 253 -47.92 -47.97 -74.27
C HIS VE 253 -47.02 -47.19 -73.36
N GLN VE 254 -47.25 -47.35 -72.04
CA GLN VE 254 -46.39 -46.95 -70.93
C GLN VE 254 -45.49 -48.02 -70.36
N CYS VE 255 -44.18 -47.89 -70.61
CA CYS VE 255 -43.20 -48.84 -70.11
C CYS VE 255 -42.71 -48.52 -68.71
N ALA VE 256 -42.76 -47.25 -68.33
CA ALA VE 256 -42.31 -46.88 -67.00
C ALA VE 256 -42.83 -45.55 -66.49
N ASP VE 257 -42.87 -45.44 -65.17
CA ASP VE 257 -43.33 -44.24 -64.48
C ASP VE 257 -42.11 -43.44 -64.04
N LEU VE 258 -42.14 -42.13 -64.26
CA LEU VE 258 -41.01 -41.29 -63.89
C LEU VE 258 -41.49 -39.92 -63.41
N PHE VE 259 -41.27 -39.63 -62.13
CA PHE VE 259 -41.67 -38.33 -61.61
C PHE VE 259 -40.43 -37.43 -61.43
N VAL VE 260 -40.33 -36.42 -62.29
CA VAL VE 260 -39.20 -35.52 -62.26
C VAL VE 260 -39.45 -34.24 -61.52
N THR VE 261 -38.34 -33.61 -61.16
CA THR VE 261 -38.33 -32.37 -60.44
C THR VE 261 -37.20 -31.53 -61.02
N LEU VE 262 -37.46 -30.24 -61.19
CA LEU VE 262 -36.45 -29.35 -61.73
C LEU VE 262 -35.33 -29.17 -60.71
N GLU VE 263 -34.08 -29.33 -61.13
CA GLU VE 263 -33.03 -29.16 -60.19
C GLU VE 263 -32.74 -27.71 -60.16
N GLU VE 264 -32.36 -27.19 -58.98
CA GLU VE 264 -31.99 -25.82 -58.88
C GLU VE 264 -30.82 -25.58 -59.77
N HIS VE 265 -30.82 -24.42 -60.46
CA HIS VE 265 -29.79 -24.00 -61.38
C HIS VE 265 -28.54 -23.69 -60.61
N ASP VE 266 -28.68 -23.02 -59.45
CA ASP VE 266 -27.49 -22.83 -58.67
C ASP VE 266 -27.16 -24.01 -57.77
N GLN WE 26 -21.86 19.00 -17.99
CA GLN WE 26 -22.25 19.92 -19.08
C GLN WE 26 -21.73 19.38 -20.37
N SER WE 27 -20.43 19.57 -20.62
CA SER WE 27 -19.82 19.03 -21.81
C SER WE 27 -19.87 17.58 -21.67
N HIS WE 28 -19.74 17.16 -20.42
CA HIS WE 28 -19.70 15.76 -20.28
C HIS WE 28 -21.08 15.30 -20.66
N ASP WE 29 -22.13 15.95 -20.12
CA ASP WE 29 -23.49 15.43 -20.14
C ASP WE 29 -24.03 15.29 -21.51
N GLU WE 30 -23.79 16.30 -22.35
CA GLU WE 30 -24.49 16.40 -23.61
C GLU WE 30 -24.13 15.17 -24.33
N ILE WE 31 -22.82 14.84 -24.21
CA ILE WE 31 -22.19 13.67 -24.77
C ILE WE 31 -23.04 12.50 -24.39
N ILE WE 32 -23.13 12.24 -23.07
CA ILE WE 32 -23.36 10.89 -22.60
C ILE WE 32 -24.68 10.35 -23.05
N ASP WE 33 -25.69 11.24 -23.18
CA ASP WE 33 -27.06 10.91 -23.44
C ASP WE 33 -27.22 10.22 -24.77
N LYS WE 34 -26.37 10.54 -25.74
CA LYS WE 34 -26.55 10.30 -27.15
C LYS WE 34 -26.81 8.85 -27.41
N LEU WE 35 -25.90 8.00 -26.89
CA LEU WE 35 -25.72 6.58 -27.11
C LEU WE 35 -26.81 5.72 -26.52
N ILE WE 36 -27.55 6.19 -25.50
CA ILE WE 36 -28.56 5.33 -24.95
C ILE WE 36 -29.68 5.08 -25.94
N GLU WE 37 -30.30 6.16 -26.42
CA GLU WE 37 -31.57 6.26 -27.13
C GLU WE 37 -31.41 5.74 -28.55
N ARG WE 38 -30.18 5.37 -28.90
CA ARG WE 38 -29.87 4.83 -30.21
C ARG WE 38 -29.69 3.32 -30.08
N THR WE 39 -29.31 2.88 -28.88
CA THR WE 39 -29.12 1.46 -28.62
C THR WE 39 -30.49 0.81 -28.69
N ASN WE 40 -31.50 1.53 -28.23
CA ASN WE 40 -32.86 1.03 -28.25
C ASN WE 40 -33.47 1.17 -29.64
N LYS WE 41 -33.20 2.30 -30.28
CA LYS WE 41 -33.72 2.56 -31.62
C LYS WE 41 -33.35 1.44 -32.59
N ILE WE 42 -32.43 0.58 -32.19
CA ILE WE 42 -32.01 -0.55 -33.02
C ILE WE 42 -32.55 -1.83 -32.42
N THR WE 43 -32.51 -1.92 -31.09
CA THR WE 43 -33.01 -3.09 -30.39
C THR WE 43 -34.45 -3.33 -30.80
N THR WE 44 -35.06 -2.32 -31.41
CA THR WE 44 -36.43 -2.42 -31.88
C THR WE 44 -36.42 -3.02 -33.28
N SER WE 45 -35.68 -2.37 -34.18
CA SER WE 45 -35.57 -2.85 -35.55
C SER WE 45 -35.12 -4.29 -35.56
N ILE WE 46 -34.43 -4.71 -34.50
CA ILE WE 46 -33.97 -6.08 -34.40
C ILE WE 46 -35.14 -7.01 -34.11
N SER WE 47 -35.73 -6.88 -32.93
CA SER WE 47 -36.86 -7.72 -32.56
C SER WE 47 -38.00 -7.58 -33.56
N HIS WE 48 -38.00 -6.49 -34.31
CA HIS WE 48 -39.03 -6.27 -35.33
C HIS WE 48 -38.91 -7.36 -36.39
N VAL WE 49 -37.67 -7.64 -36.80
CA VAL WE 49 -37.43 -8.67 -37.80
C VAL WE 49 -37.62 -10.04 -37.19
N GLU WE 50 -37.06 -10.25 -36.00
CA GLU WE 50 -37.18 -11.53 -35.31
C GLU WE 50 -38.64 -11.93 -35.28
N SER WE 51 -39.52 -10.96 -35.42
CA SER WE 51 -40.95 -11.23 -35.44
C SER WE 51 -41.33 -11.72 -36.82
N LEU WE 52 -41.02 -10.92 -37.84
CA LEU WE 52 -41.34 -11.29 -39.22
C LEU WE 52 -40.82 -12.66 -39.58
N LEU WE 53 -39.72 -13.06 -38.93
CA LEU WE 53 -39.14 -14.37 -39.16
C LEU WE 53 -40.03 -15.40 -38.48
N ASP WE 54 -40.25 -15.22 -37.18
CA ASP WE 54 -41.09 -16.14 -36.42
C ASP WE 54 -42.44 -16.33 -37.11
N ASP WE 55 -42.87 -15.32 -37.87
CA ASP WE 55 -44.15 -15.39 -38.57
C ASP WE 55 -44.12 -16.41 -39.70
N ARG WE 56 -42.95 -16.67 -40.26
CA ARG WE 56 -42.86 -17.63 -41.34
C ARG WE 56 -42.47 -19.01 -40.82
N LEU WE 57 -42.15 -19.10 -39.54
CA LEU WE 57 -41.80 -20.38 -38.93
C LEU WE 57 -42.91 -20.81 -37.99
N ASP WE 58 -43.81 -19.87 -37.66
CA ASP WE 58 -44.62 -19.98 -36.46
C ASP WE 58 -45.40 -21.25 -36.54
N PRO WE 59 -45.39 -22.05 -35.49
CA PRO WE 59 -45.84 -23.44 -35.52
C PRO WE 59 -47.33 -23.59 -35.84
N LYS WE 60 -48.14 -22.68 -35.30
CA LYS WE 60 -49.57 -22.72 -35.54
C LYS WE 60 -49.84 -22.65 -37.04
N ARG WE 61 -48.96 -21.99 -37.78
CA ARG WE 61 -49.13 -21.90 -39.23
C ARG WE 61 -48.73 -23.24 -39.85
N ILE WE 62 -47.64 -23.82 -39.35
CA ILE WE 62 -47.14 -25.10 -39.84
C ILE WE 62 -48.23 -26.15 -39.84
N ARG WE 63 -48.65 -26.59 -38.65
CA ARG WE 63 -49.68 -27.60 -38.56
C ARG WE 63 -50.86 -27.25 -39.43
N LYS WE 64 -51.36 -26.02 -39.31
CA LYS WE 64 -52.51 -25.59 -40.09
C LYS WE 64 -52.33 -25.87 -41.57
N ALA WE 65 -51.12 -25.65 -42.07
CA ALA WE 65 -50.83 -25.91 -43.47
C ALA WE 65 -50.62 -27.39 -43.70
N GLY WE 66 -49.83 -28.01 -42.83
CA GLY WE 66 -49.59 -29.44 -42.95
C GLY WE 66 -50.91 -30.16 -42.94
N SER WE 67 -51.81 -29.70 -42.09
CA SER WE 67 -53.14 -30.28 -41.98
C SER WE 67 -53.77 -30.29 -43.36
N LEU WE 68 -53.68 -29.17 -44.06
CA LEU WE 68 -54.23 -29.04 -45.40
C LEU WE 68 -53.61 -30.10 -46.30
N ARG WE 69 -52.29 -30.23 -46.20
CA ARG WE 69 -51.58 -31.22 -46.99
C ARG WE 69 -52.27 -32.55 -46.84
N HIS WE 70 -52.51 -32.97 -45.61
CA HIS WE 70 -53.15 -34.23 -45.36
C HIS WE 70 -54.40 -34.40 -46.20
N ARG WE 71 -55.37 -33.49 -46.04
CA ARG WE 71 -56.60 -33.58 -46.81
C ARG WE 71 -56.34 -33.99 -48.25
N VAL WE 72 -55.27 -33.45 -48.81
CA VAL WE 72 -54.88 -33.77 -50.18
C VAL WE 72 -54.34 -35.19 -50.28
N GLU WE 73 -53.42 -35.55 -49.39
CA GLU WE 73 -52.83 -36.90 -49.36
C GLU WE 73 -53.95 -37.96 -49.38
N GLU WE 74 -55.10 -37.60 -48.83
CA GLU WE 74 -56.25 -38.49 -48.77
C GLU WE 74 -56.93 -38.65 -50.13
N LEU WE 75 -56.86 -37.62 -50.97
CA LEU WE 75 -57.47 -37.67 -52.30
C LEU WE 75 -56.58 -38.41 -53.29
N GLU WE 76 -57.61 -39.53 -53.86
CA GLU WE 76 -56.85 -40.06 -54.96
C GLU WE 76 -56.53 -41.51 -54.69
N ASP WE 77 -56.12 -42.19 -55.79
CA ASP WE 77 -55.56 -43.51 -55.74
C ASP WE 77 -54.13 -43.36 -55.50
N PRO WE 78 -53.90 -43.96 -54.40
CA PRO WE 78 -52.87 -43.60 -53.52
C PRO WE 78 -51.61 -44.13 -54.03
N SER WE 79 -50.59 -43.28 -53.85
CA SER WE 79 -49.25 -43.56 -54.13
C SER WE 79 -49.01 -44.89 -53.47
N CYS WE 80 -49.02 -44.91 -52.13
CA CYS WE 80 -48.40 -46.05 -51.49
C CYS WE 80 -49.44 -47.11 -51.35
N ASP WE 81 -49.23 -48.24 -50.62
CA ASP WE 81 -50.44 -49.02 -50.55
C ASP WE 81 -51.22 -48.57 -49.39
N GLU WE 82 -52.37 -49.26 -49.17
CA GLU WE 82 -53.04 -49.19 -47.91
C GLU WE 82 -52.00 -49.71 -46.97
N HIS WE 83 -51.46 -50.91 -47.27
CA HIS WE 83 -50.50 -51.48 -46.38
C HIS WE 83 -49.29 -50.63 -46.43
N GLU WE 84 -48.90 -50.22 -47.63
CA GLU WE 84 -47.58 -49.60 -47.72
C GLU WE 84 -47.59 -48.13 -47.29
N HIS WE 85 -46.44 -47.64 -46.84
CA HIS WE 85 -46.31 -46.27 -46.35
C HIS WE 85 -45.54 -45.42 -47.33
N GLN WE 86 -46.11 -44.26 -47.65
CA GLN WE 86 -45.48 -43.35 -48.60
C GLN WE 86 -44.50 -42.45 -47.88
N CYS WE 87 -43.15 -42.51 -48.25
CA CYS WE 87 -42.12 -41.94 -47.44
C CYS WE 87 -42.27 -40.47 -47.54
N GLY WE 88 -42.90 -40.03 -48.64
CA GLY WE 88 -42.62 -38.76 -49.20
C GLY WE 88 -42.03 -39.07 -50.54
N GLY WE 89 -41.81 -38.00 -51.33
CA GLY WE 89 -42.20 -36.73 -50.80
C GLY WE 89 -41.90 -35.70 -51.82
N ASP WE 90 -40.60 -35.52 -52.10
CA ASP WE 90 -40.07 -35.15 -53.38
C ASP WE 90 -40.04 -36.34 -54.29
N ASP WE 91 -39.41 -37.44 -53.82
CA ASP WE 91 -39.39 -38.62 -54.62
C ASP WE 91 -40.14 -39.59 -53.80
N PRO WE 92 -41.13 -40.20 -54.37
CA PRO WE 92 -41.86 -41.18 -53.68
C PRO WE 92 -41.05 -42.39 -53.63
N GLN WE 93 -41.52 -43.28 -52.74
CA GLN WE 93 -40.94 -44.50 -52.32
C GLN WE 93 -42.00 -45.08 -51.48
N CYS WE 94 -42.28 -46.36 -51.68
CA CYS WE 94 -43.23 -47.13 -50.88
C CYS WE 94 -42.56 -48.23 -50.05
N ILE WE 95 -42.78 -48.22 -48.74
CA ILE WE 95 -42.23 -49.25 -47.86
C ILE WE 95 -43.37 -49.80 -47.05
N SER WE 96 -43.22 -51.00 -46.50
CA SER WE 96 -44.30 -51.58 -45.71
C SER WE 96 -44.62 -50.83 -44.42
N LYS WE 97 -45.93 -50.88 -44.11
CA LYS WE 97 -46.26 -50.42 -42.80
C LYS WE 97 -45.55 -51.27 -41.79
N LEU WE 98 -45.31 -52.57 -42.06
CA LEU WE 98 -44.63 -53.35 -41.05
C LEU WE 98 -43.22 -52.86 -40.96
N PHE WE 99 -42.76 -52.44 -42.14
CA PHE WE 99 -41.43 -52.28 -42.64
C PHE WE 99 -40.61 -51.14 -42.09
N VAL WE 100 -41.16 -49.90 -42.10
CA VAL WE 100 -40.72 -48.90 -41.15
C VAL WE 100 -41.29 -49.51 -39.91
N CYS WE 101 -40.80 -49.28 -38.67
CA CYS WE 101 -39.68 -48.54 -38.18
C CYS WE 101 -38.74 -49.56 -37.59
N ASP WE 102 -38.14 -50.29 -38.52
CA ASP WE 102 -37.25 -51.40 -38.34
C ASP WE 102 -36.16 -50.93 -37.45
N GLY WE 103 -35.66 -49.72 -37.72
CA GLY WE 103 -34.49 -49.24 -37.07
C GLY WE 103 -33.45 -49.18 -38.13
N HIS WE 104 -33.54 -50.07 -39.15
CA HIS WE 104 -32.87 -49.70 -40.35
C HIS WE 104 -33.69 -48.62 -40.94
N ASN WE 105 -33.02 -47.78 -41.76
CA ASN WE 105 -33.68 -46.72 -42.46
C ASN WE 105 -34.04 -47.27 -43.79
N ASP WE 106 -35.37 -47.22 -44.02
CA ASP WE 106 -36.07 -47.21 -45.27
C ASP WE 106 -35.66 -45.96 -45.99
N CYS WE 107 -35.84 -44.78 -45.35
CA CYS WE 107 -36.00 -43.57 -46.11
C CYS WE 107 -34.74 -42.79 -46.16
N ARG WE 108 -34.45 -42.33 -47.40
CA ARG WE 108 -33.44 -41.34 -47.67
C ARG WE 108 -33.85 -40.28 -46.76
N ASN WE 109 -35.16 -40.00 -46.90
CA ASN WE 109 -35.86 -38.93 -46.31
C ASN WE 109 -35.61 -39.11 -44.84
N GLY WE 110 -35.85 -40.34 -44.34
CA GLY WE 110 -35.62 -40.61 -42.96
C GLY WE 110 -36.88 -40.48 -42.16
N GLU WE 111 -38.04 -40.67 -42.85
CA GLU WE 111 -39.33 -40.59 -42.15
C GLU WE 111 -39.43 -41.60 -41.02
N ASP WE 112 -39.06 -42.84 -41.33
CA ASP WE 112 -39.11 -43.92 -40.35
C ASP WE 112 -38.38 -43.60 -39.06
N GLU WE 113 -37.84 -42.40 -38.94
CA GLU WE 113 -37.10 -42.06 -37.75
C GLU WE 113 -37.14 -40.61 -37.34
N LYS WE 114 -37.69 -39.73 -38.16
CA LYS WE 114 -37.70 -38.33 -37.76
C LYS WE 114 -38.94 -37.84 -37.01
N ASP WE 115 -40.08 -38.61 -37.19
CA ASP WE 115 -41.33 -38.23 -36.64
C ASP WE 115 -41.20 -38.53 -35.20
N CYS WE 116 -40.92 -37.45 -34.47
CA CYS WE 116 -40.26 -37.54 -33.22
C CYS WE 116 -41.17 -38.18 -32.23
N THR WE 117 -42.50 -38.05 -32.43
CA THR WE 117 -43.39 -38.31 -31.36
C THR WE 117 -44.31 -39.45 -31.66
N LEU WE 118 -44.41 -40.30 -30.63
CA LEU WE 118 -45.36 -41.35 -30.55
C LEU WE 118 -46.67 -40.80 -30.13
N PRO WE 119 -47.60 -41.02 -31.01
CA PRO WE 119 -48.95 -40.57 -30.82
C PRO WE 119 -49.47 -41.14 -29.53
N THR WE 120 -48.98 -42.32 -29.10
CA THR WE 120 -49.70 -43.05 -28.10
C THR WE 120 -49.18 -42.80 -26.73
N LYS WE 121 -49.94 -42.01 -25.95
CA LYS WE 121 -49.60 -41.96 -24.57
C LYS WE 121 -50.52 -42.83 -23.88
N ALA WE 122 -50.54 -42.54 -22.60
CA ALA WE 122 -50.77 -43.52 -21.64
C ALA WE 122 -51.58 -42.76 -20.67
N GLY WE 123 -52.57 -43.40 -20.07
CA GLY WE 123 -53.27 -42.75 -19.02
C GLY WE 123 -54.41 -41.96 -19.58
N ASP WE 124 -54.48 -41.75 -20.91
CA ASP WE 124 -55.45 -40.88 -21.50
C ASP WE 124 -56.81 -41.46 -21.33
N LYS WE 125 -57.79 -40.57 -21.14
CA LYS WE 125 -59.18 -41.00 -21.21
C LYS WE 125 -59.84 -40.35 -22.42
N PHE WE 126 -60.69 -41.09 -23.10
CA PHE WE 126 -61.40 -40.59 -24.29
C PHE WE 126 -62.88 -40.85 -24.17
N ILE WE 127 -63.66 -39.81 -24.37
CA ILE WE 127 -65.11 -39.91 -24.30
C ILE WE 127 -65.72 -39.99 -25.70
N GLY WE 128 -66.48 -41.05 -25.95
CA GLY WE 128 -67.08 -41.17 -27.26
C GLY WE 128 -68.55 -40.84 -27.27
N ASP WE 129 -68.97 -40.06 -28.27
CA ASP WE 129 -70.37 -39.71 -28.41
C ASP WE 129 -70.90 -40.58 -29.56
N VAL WE 130 -71.94 -41.35 -29.27
CA VAL WE 130 -72.52 -42.25 -30.26
C VAL WE 130 -73.15 -41.42 -31.36
N CYS WE 131 -73.44 -42.06 -32.48
CA CYS WE 131 -74.07 -41.36 -33.57
C CYS WE 131 -74.59 -42.36 -34.60
N PHE WE 132 -74.46 -43.65 -34.31
CA PHE WE 132 -74.86 -44.68 -35.23
C PHE WE 132 -74.49 -45.99 -34.53
N ASP WE 133 -75.48 -46.60 -33.91
CA ASP WE 133 -75.24 -47.83 -33.18
C ASP WE 133 -76.24 -48.92 -33.56
N HIS WE 134 -75.86 -49.81 -34.51
CA HIS WE 134 -76.74 -50.90 -34.88
C HIS WE 134 -76.51 -51.88 -33.80
N CYS WE 135 -75.29 -51.70 -33.30
CA CYS WE 135 -74.46 -52.73 -32.80
C CYS WE 135 -74.85 -53.26 -31.45
N THR WE 136 -75.16 -52.38 -30.49
CA THR WE 136 -75.49 -52.84 -29.17
C THR WE 136 -77.00 -52.84 -29.09
N LYS WE 137 -77.62 -53.46 -28.06
CA LYS WE 137 -79.04 -53.38 -27.83
C LYS WE 137 -79.40 -52.05 -27.26
N ARG WE 138 -78.66 -51.62 -26.22
CA ARG WE 138 -79.02 -50.44 -25.47
C ARG WE 138 -78.74 -49.21 -26.26
N ARG WE 139 -77.71 -49.23 -27.14
CA ARG WE 139 -77.14 -48.06 -27.76
C ARG WE 139 -76.78 -47.06 -26.72
N PRO WE 140 -75.57 -46.85 -26.40
CA PRO WE 140 -75.54 -45.93 -25.33
C PRO WE 140 -75.30 -44.55 -25.86
N GLU WE 141 -75.60 -43.55 -25.02
CA GLU WE 141 -75.36 -42.19 -25.37
C GLU WE 141 -73.90 -42.04 -25.57
N HIS WE 142 -73.14 -42.57 -24.55
CA HIS WE 142 -71.73 -42.28 -24.53
C HIS WE 142 -70.95 -43.56 -24.35
N MET WE 143 -69.65 -43.42 -24.17
CA MET WE 143 -68.81 -44.58 -24.01
C MET WE 143 -67.39 -44.10 -23.70
N THR WE 144 -66.97 -44.23 -22.45
CA THR WE 144 -65.63 -43.81 -22.05
C THR WE 144 -64.58 -44.88 -22.35
N LEU WE 145 -63.40 -44.42 -22.74
CA LEU WE 145 -62.31 -45.31 -23.10
C LEU WE 145 -61.07 -44.99 -22.31
N ALA WE 146 -60.84 -45.70 -21.21
CA ALA WE 146 -59.68 -45.44 -20.36
C ALA WE 146 -58.48 -46.31 -20.70
N PHE WE 147 -57.33 -45.67 -20.86
CA PHE WE 147 -56.11 -46.41 -21.18
C PHE WE 147 -55.33 -46.70 -19.92
N GLU WE 148 -55.31 -47.97 -19.51
CA GLU WE 148 -54.61 -48.37 -18.30
C GLU WE 148 -53.08 -48.39 -18.49
N SER WE 149 -52.58 -49.27 -19.35
CA SER WE 149 -51.14 -49.36 -19.57
C SER WE 149 -50.76 -49.34 -21.05
N SER WE 150 -49.49 -49.06 -21.33
CA SER WE 150 -49.00 -49.01 -22.70
C SER WE 150 -47.51 -49.22 -22.70
N SER WE 151 -47.05 -50.24 -23.41
CA SER WE 151 -45.61 -50.52 -23.49
C SER WE 151 -45.16 -50.86 -24.91
N ILE WE 152 -43.99 -50.35 -25.30
CA ILE WE 152 -43.47 -50.62 -26.64
C ILE WE 152 -42.27 -51.55 -26.56
N ALA WE 153 -42.24 -52.50 -27.49
CA ALA WE 153 -41.13 -53.39 -27.41
C ALA WE 153 -39.87 -52.77 -27.93
N ALA WE 154 -38.78 -53.21 -27.30
CA ALA WE 154 -37.64 -52.33 -27.27
C ALA WE 154 -37.06 -52.20 -28.67
N PHE WE 155 -37.24 -53.29 -29.41
CA PHE WE 155 -36.91 -53.52 -30.76
C PHE WE 155 -37.97 -52.97 -31.68
N PHE WE 156 -39.25 -53.01 -31.27
CA PHE WE 156 -40.19 -52.53 -32.22
C PHE WE 156 -40.59 -51.16 -31.88
N THR WE 157 -40.22 -50.21 -32.75
CA THR WE 157 -41.04 -49.05 -32.77
C THR WE 157 -42.44 -49.40 -33.22
N PRO WE 158 -42.71 -50.08 -34.33
CA PRO WE 158 -43.87 -49.76 -35.12
C PRO WE 158 -45.14 -49.93 -34.38
N ILE WE 159 -45.13 -50.85 -33.41
CA ILE WE 159 -46.37 -51.20 -32.73
C ILE WE 159 -46.28 -51.08 -31.23
N ALA WE 160 -47.21 -50.32 -30.65
CA ALA WE 160 -47.23 -50.13 -29.21
C ALA WE 160 -48.44 -50.89 -28.67
N ASP WE 161 -48.22 -51.77 -27.71
CA ASP WE 161 -49.30 -52.56 -27.13
C ASP WE 161 -50.02 -51.83 -25.99
N LEU WE 162 -51.35 -51.91 -25.99
CA LEU WE 162 -52.15 -51.23 -24.99
C LEU WE 162 -53.09 -52.14 -24.22
N HIS WE 163 -53.49 -51.68 -23.02
CA HIS WE 163 -54.45 -52.39 -22.16
C HIS WE 163 -55.46 -51.30 -21.86
N VAL WE 164 -56.72 -51.56 -22.24
CA VAL WE 164 -57.78 -50.57 -22.05
C VAL WE 164 -59.06 -51.09 -21.42
N HIS WE 165 -59.70 -50.19 -20.65
CA HIS WE 165 -60.96 -50.48 -20.00
C HIS WE 165 -62.01 -49.65 -20.71
N ILE WE 166 -63.02 -50.31 -21.26
CA ILE WE 166 -64.10 -49.62 -21.97
C ILE WE 166 -65.27 -49.47 -21.01
N GLU WE 167 -65.48 -48.27 -20.50
CA GLU WE 167 -66.52 -48.05 -19.52
C GLU WE 167 -67.85 -47.68 -20.16
N ILE WE 168 -68.96 -48.09 -19.55
CA ILE WE 168 -70.29 -47.80 -20.08
C ILE WE 168 -71.36 -47.60 -19.03
N GLU WE 169 -72.12 -46.53 -19.17
CA GLU WE 169 -73.20 -46.18 -18.24
C GLU WE 169 -74.60 -46.39 -18.83
N SER WE 170 -75.10 -47.61 -18.79
CA SER WE 170 -76.30 -47.71 -19.56
C SER WE 170 -77.44 -47.61 -18.61
N GLU WE 171 -78.63 -47.43 -19.18
CA GLU WE 171 -79.79 -47.62 -18.38
C GLU WE 171 -80.44 -48.81 -18.99
N THR WE 172 -80.79 -49.78 -18.14
CA THR WE 172 -81.46 -50.95 -18.60
C THR WE 172 -82.89 -50.70 -18.35
N ASP WE 173 -83.75 -51.61 -18.85
CA ASP WE 173 -85.13 -51.36 -18.63
C ASP WE 173 -85.38 -51.40 -17.15
N GLU WE 174 -84.98 -52.53 -16.51
CA GLU WE 174 -85.23 -52.84 -15.13
C GLU WE 174 -84.50 -51.92 -14.20
N ASP WE 175 -83.17 -51.90 -14.37
CA ASP WE 175 -82.38 -51.19 -13.42
C ASP WE 175 -81.39 -50.42 -14.21
N GLU WE 176 -80.31 -50.04 -13.54
CA GLU WE 176 -79.28 -49.37 -14.22
C GLU WE 176 -78.10 -50.29 -14.12
N SER WE 177 -77.30 -50.31 -15.19
CA SER WE 177 -76.21 -51.20 -15.31
C SER WE 177 -75.06 -50.32 -15.59
N GLU WE 178 -73.87 -50.77 -15.14
CA GLU WE 178 -72.64 -50.04 -15.37
C GLU WE 178 -71.65 -51.11 -15.83
N VAL WE 179 -70.75 -50.76 -16.74
CA VAL WE 179 -69.77 -51.75 -17.22
C VAL WE 179 -68.40 -51.17 -17.44
N SER WE 180 -67.39 -52.01 -17.24
CA SER WE 180 -66.00 -51.60 -17.44
C SER WE 180 -65.21 -52.79 -17.98
N MET WE 181 -65.54 -53.22 -19.19
CA MET WE 181 -64.89 -54.34 -19.84
C MET WE 181 -63.47 -53.98 -20.24
N PRO WE 182 -62.51 -54.84 -19.90
CA PRO WE 182 -61.09 -54.65 -20.20
C PRO WE 182 -60.71 -55.41 -21.46
N ALA WE 183 -59.82 -54.80 -22.26
CA ALA WE 183 -59.38 -55.44 -23.49
C ALA WE 183 -57.97 -55.03 -23.88
N ASP WE 184 -57.30 -55.92 -24.61
CA ASP WE 184 -55.96 -55.66 -25.08
C ASP WE 184 -56.10 -54.93 -26.41
N GLY WE 185 -54.98 -54.38 -26.89
CA GLY WE 185 -54.99 -53.66 -28.15
C GLY WE 185 -53.65 -53.05 -28.48
N GLU WE 186 -53.45 -52.71 -29.74
CA GLU WE 186 -52.20 -52.11 -30.17
C GLU WE 186 -52.46 -50.83 -30.96
N TYR WE 187 -51.42 -50.02 -31.12
CA TYR WE 187 -51.54 -48.79 -31.88
C TYR WE 187 -50.45 -48.84 -32.90
N SER WE 188 -50.80 -48.72 -34.18
CA SER WE 188 -49.83 -48.78 -35.27
C SER WE 188 -49.48 -47.41 -35.80
N PHE WE 189 -48.13 -47.53 -35.99
CA PHE WE 189 -47.22 -46.45 -35.92
C PHE WE 189 -47.73 -45.50 -36.90
N ALA WE 190 -47.66 -45.95 -38.16
CA ALA WE 190 -47.97 -45.23 -39.36
C ALA WE 190 -49.42 -44.98 -39.50
N ASP WE 191 -50.24 -45.99 -39.14
CA ASP WE 191 -51.66 -45.96 -39.37
C ASP WE 191 -52.24 -44.90 -38.51
N HIS WE 192 -51.66 -44.69 -37.32
CA HIS WE 192 -52.35 -43.96 -36.28
C HIS WE 192 -53.60 -44.70 -35.95
N ARG WE 193 -53.69 -45.99 -36.31
CA ARG WE 193 -54.92 -46.72 -36.04
C ARG WE 193 -54.77 -47.70 -34.88
N LEU WE 194 -55.50 -47.44 -33.80
CA LEU WE 194 -55.46 -48.32 -32.64
C LEU WE 194 -56.59 -49.33 -32.79
N THR WE 195 -56.22 -50.60 -32.61
CA THR WE 195 -57.18 -51.68 -32.72
C THR WE 195 -57.35 -52.22 -31.31
N ILE WE 196 -58.59 -52.25 -30.82
CA ILE WE 196 -58.84 -52.75 -29.47
C ILE WE 196 -59.54 -54.08 -29.60
N HIS WE 197 -58.77 -55.15 -29.31
CA HIS WE 197 -59.26 -56.46 -29.50
C HIS WE 197 -60.29 -56.63 -28.45
N PRO WE 198 -61.29 -57.29 -28.92
CA PRO WE 198 -62.57 -57.37 -28.33
C PRO WE 198 -62.45 -57.98 -26.98
N PRO WE 199 -63.04 -57.19 -26.16
CA PRO WE 199 -63.18 -57.44 -24.75
C PRO WE 199 -63.94 -58.71 -24.60
N GLU WE 200 -64.94 -58.84 -25.48
CA GLU WE 200 -65.96 -59.81 -25.43
C GLU WE 200 -65.42 -61.07 -26.02
N GLU WE 201 -66.10 -62.17 -25.67
CA GLU WE 201 -65.99 -63.38 -26.42
C GLU WE 201 -66.58 -63.04 -27.75
N ASP WE 202 -67.53 -62.11 -27.73
CA ASP WE 202 -68.38 -61.99 -28.87
C ASP WE 202 -67.57 -61.52 -30.06
N GLY WE 203 -66.56 -60.65 -29.88
CA GLY WE 203 -65.76 -60.42 -31.05
C GLY WE 203 -66.32 -59.26 -31.78
N LEU WE 204 -67.12 -58.46 -31.05
CA LEU WE 204 -67.22 -57.03 -31.29
C LEU WE 204 -66.00 -56.30 -30.76
N GLY WE 205 -65.27 -55.66 -31.67
CA GLY WE 205 -64.08 -54.91 -31.30
C GLY WE 205 -64.13 -53.47 -31.79
N LEU WE 206 -63.28 -52.63 -31.23
CA LEU WE 206 -63.20 -51.22 -31.60
C LEU WE 206 -61.98 -50.95 -32.44
N VAL WE 207 -62.17 -50.07 -33.42
CA VAL WE 207 -61.12 -49.69 -34.34
C VAL WE 207 -61.22 -48.20 -34.62
N GLY WE 208 -60.33 -47.44 -33.99
CA GLY WE 208 -60.34 -46.00 -34.20
C GLY WE 208 -59.11 -45.60 -34.98
N GLU WE 209 -59.29 -44.87 -36.08
CA GLU WE 209 -58.18 -44.41 -36.88
C GLU WE 209 -57.99 -42.92 -36.67
N PHE WE 210 -56.78 -42.52 -36.30
CA PHE WE 210 -56.49 -41.12 -36.05
C PHE WE 210 -56.29 -40.27 -37.28
N ASP WE 211 -56.65 -39.00 -37.14
CA ASP WE 211 -55.86 -37.89 -37.58
C ASP WE 211 -54.61 -37.87 -36.73
N GLY WE 212 -54.77 -38.06 -35.41
CA GLY WE 212 -53.71 -38.38 -34.48
C GLY WE 212 -53.57 -37.34 -33.38
N TYR WE 213 -52.64 -36.35 -33.51
CA TYR WE 213 -52.45 -35.26 -32.54
C TYR WE 213 -53.67 -34.49 -32.64
N ASN WE 214 -53.88 -34.14 -33.92
CA ASN WE 214 -54.77 -33.20 -34.47
C ASN WE 214 -55.65 -34.06 -35.33
N PHE WE 215 -56.73 -34.62 -34.78
CA PHE WE 215 -57.18 -34.38 -33.46
C PHE WE 215 -57.03 -35.62 -32.69
N ASP WE 216 -56.87 -35.48 -31.37
CA ASP WE 216 -56.90 -36.63 -30.51
C ASP WE 216 -58.29 -37.17 -30.66
N ARG WE 217 -59.24 -36.29 -31.03
CA ARG WE 217 -60.53 -36.70 -31.57
C ARG WE 217 -60.31 -37.74 -32.66
N PHE WE 218 -60.95 -38.89 -32.54
CA PHE WE 218 -60.81 -39.93 -33.55
C PHE WE 218 -62.13 -40.64 -33.72
N VAL WE 219 -62.48 -41.04 -34.94
CA VAL WE 219 -63.73 -41.74 -35.17
C VAL WE 219 -63.54 -43.18 -34.75
N GLY WE 220 -64.43 -43.66 -33.89
CA GLY WE 220 -64.32 -45.01 -33.41
C GLY WE 220 -65.40 -45.92 -33.96
N HIS WE 221 -64.96 -46.86 -34.78
CA HIS WE 221 -65.85 -47.81 -35.40
C HIS WE 221 -65.88 -49.11 -34.59
N ILE WE 222 -67.08 -49.58 -34.28
CA ILE WE 222 -67.18 -50.83 -33.57
C ILE WE 222 -67.45 -51.86 -34.64
N VAL WE 223 -66.61 -52.88 -34.72
CA VAL WE 223 -66.75 -53.89 -35.76
C VAL WE 223 -66.71 -55.33 -35.28
N HIS WE 224 -67.05 -56.24 -36.19
CA HIS WE 224 -67.00 -57.67 -35.92
C HIS WE 224 -65.58 -58.00 -36.32
N GLU WE 225 -64.71 -58.39 -35.37
CA GLU WE 225 -63.29 -58.25 -35.51
C GLU WE 225 -62.84 -58.99 -36.74
N LEU WE 226 -63.43 -60.17 -36.97
CA LEU WE 226 -63.11 -61.06 -38.04
C LEU WE 226 -63.53 -60.49 -39.37
N SER WE 227 -64.77 -59.94 -39.41
CA SER WE 227 -65.44 -59.48 -40.59
C SER WE 227 -64.84 -58.21 -41.03
N GLU WE 228 -64.48 -57.42 -40.01
CA GLU WE 228 -64.39 -56.02 -40.22
C GLU WE 228 -65.63 -55.50 -40.84
N GLU WE 229 -66.79 -55.81 -40.20
CA GLU WE 229 -68.00 -55.06 -40.49
C GLU WE 229 -68.19 -53.92 -39.52
N VAL WE 230 -68.47 -52.75 -40.04
CA VAL WE 230 -68.70 -51.59 -39.20
C VAL WE 230 -70.16 -51.63 -38.78
N CYS WE 231 -70.45 -51.41 -37.51
CA CYS WE 231 -71.84 -51.42 -37.07
C CYS WE 231 -72.10 -50.44 -35.94
N ALA WE 232 -71.14 -49.56 -35.70
CA ALA WE 232 -71.27 -48.56 -34.66
C ALA WE 232 -70.15 -47.55 -34.79
N GLU WE 233 -70.53 -46.28 -34.85
CA GLU WE 233 -69.59 -45.20 -35.00
C GLU WE 233 -69.77 -44.26 -33.80
N PHE WE 234 -68.64 -43.89 -33.19
CA PHE WE 234 -68.65 -42.98 -32.07
C PHE WE 234 -67.52 -42.02 -32.33
N ILE WE 235 -67.74 -40.76 -32.02
CA ILE WE 235 -66.68 -39.77 -32.19
C ILE WE 235 -66.01 -39.65 -30.83
N PHE WE 236 -64.76 -40.04 -30.73
CA PHE WE 236 -64.08 -39.98 -29.45
C PHE WE 236 -63.28 -38.69 -29.30
N HIS WE 237 -63.45 -38.03 -28.16
CA HIS WE 237 -62.74 -36.80 -27.83
C HIS WE 237 -61.87 -37.10 -26.61
N ARG WE 238 -60.66 -36.56 -26.61
CA ARG WE 238 -59.75 -36.77 -25.49
C ARG WE 238 -60.30 -35.95 -24.33
N LYS WE 239 -60.50 -36.54 -23.15
CA LYS WE 239 -60.86 -35.81 -21.95
C LYS WE 239 -59.61 -35.20 -21.41
N LYS WE 240 -59.61 -33.93 -21.00
CA LYS WE 240 -58.36 -33.51 -20.47
C LYS WE 240 -58.32 -33.83 -18.99
N HIS XE 20 37.00 -34.47 -84.05
CA HIS XE 20 36.85 -33.11 -84.61
C HIS XE 20 36.79 -33.18 -86.09
N GLU XE 21 37.87 -32.72 -86.74
CA GLU XE 21 37.95 -32.70 -88.17
C GLU XE 21 37.93 -34.12 -88.66
N HIS XE 22 38.63 -34.98 -87.91
CA HIS XE 22 38.89 -36.34 -88.26
C HIS XE 22 37.61 -37.02 -88.38
N CYS XE 23 36.79 -36.87 -87.32
CA CYS XE 23 35.62 -37.67 -87.36
C CYS XE 23 34.61 -36.86 -88.04
N CYS XE 24 33.35 -37.18 -87.73
CA CYS XE 24 32.30 -37.06 -88.67
C CYS XE 24 31.67 -35.71 -88.48
N SER XE 25 31.89 -34.77 -89.43
CA SER XE 25 31.52 -33.37 -89.31
C SER XE 25 30.04 -33.22 -89.21
N GLU XE 26 29.64 -32.11 -88.59
CA GLU XE 26 28.27 -31.65 -88.53
C GLU XE 26 27.65 -31.57 -89.91
N GLU XE 27 28.30 -30.83 -90.82
CA GLU XE 27 27.75 -30.71 -92.16
C GLU XE 27 27.65 -32.11 -92.75
N ASP XE 28 28.74 -32.85 -92.65
CA ASP XE 28 28.79 -34.20 -93.18
C ASP XE 28 27.51 -34.96 -92.85
N HIS XE 29 27.28 -35.24 -91.58
CA HIS XE 29 26.08 -35.99 -91.23
C HIS XE 29 24.80 -35.22 -91.43
N ARG XE 30 24.83 -33.90 -91.29
CA ARG XE 30 23.61 -33.16 -91.51
C ARG XE 30 23.16 -33.59 -92.90
N ILE XE 31 24.13 -33.78 -93.79
CA ILE XE 31 23.86 -34.19 -95.15
C ILE XE 31 23.31 -35.60 -95.16
N VAL XE 32 24.08 -36.53 -94.61
CA VAL XE 32 23.65 -37.91 -94.58
C VAL XE 32 22.21 -37.98 -94.10
N GLN XE 33 21.94 -37.40 -92.94
CA GLN XE 33 20.60 -37.41 -92.38
C GLN XE 33 19.55 -36.95 -93.38
N LYS XE 34 19.80 -35.81 -94.03
CA LYS XE 34 18.85 -35.27 -94.99
C LYS XE 34 18.60 -36.26 -96.14
N GLN XE 35 19.67 -36.83 -96.67
CA GLN XE 35 19.58 -37.76 -97.79
C GLN XE 35 18.94 -39.08 -97.41
N TRP XE 36 19.16 -39.54 -96.19
CA TRP XE 36 18.60 -40.79 -95.73
C TRP XE 36 17.12 -40.65 -95.53
N ASP XE 37 16.65 -39.42 -95.40
CA ASP XE 37 15.23 -39.18 -95.21
C ASP XE 37 14.42 -39.22 -96.51
N ILE XE 38 15.09 -38.96 -97.63
CA ILE XE 38 14.41 -39.01 -98.92
C ILE XE 38 13.68 -40.34 -99.02
N LEU XE 39 14.20 -41.34 -98.31
CA LEU XE 39 13.63 -42.68 -98.33
C LEU XE 39 12.27 -42.85 -97.64
N TRP XE 40 12.17 -42.41 -96.39
CA TRP XE 40 10.93 -42.58 -95.63
C TRP XE 40 9.83 -41.55 -95.88
N ARG XE 41 9.72 -41.05 -97.10
CA ARG XE 41 8.68 -40.07 -97.40
C ARG XE 41 7.31 -40.75 -97.46
N ASP XE 42 7.26 -41.98 -97.97
CA ASP XE 42 5.98 -42.69 -98.04
C ASP XE 42 5.78 -43.65 -96.89
N THR XE 43 4.54 -43.74 -96.43
CA THR XE 43 4.16 -44.59 -95.30
C THR XE 43 4.55 -46.05 -95.38
N GLU XE 44 4.81 -46.58 -96.57
CA GLU XE 44 5.17 -47.99 -96.68
C GLU XE 44 6.65 -48.24 -96.45
N SER XE 45 7.18 -47.67 -95.37
CA SER XE 45 8.57 -47.82 -95.01
C SER XE 45 8.95 -49.30 -94.87
N SER XE 46 8.06 -50.06 -94.25
CA SER XE 46 8.30 -51.48 -94.04
C SER XE 46 8.71 -52.17 -95.33
N LYS XE 47 7.86 -52.08 -96.34
CA LYS XE 47 8.14 -52.70 -97.63
C LYS XE 47 9.53 -52.31 -98.13
N ILE XE 48 9.91 -51.05 -97.94
CA ILE XE 48 11.21 -50.57 -98.36
C ILE XE 48 12.29 -51.12 -97.47
N LYS XE 49 12.34 -50.66 -96.22
CA LYS XE 49 13.34 -51.14 -95.27
C LYS XE 49 13.61 -52.62 -95.45
N ILE XE 50 12.55 -53.41 -95.51
CA ILE XE 50 12.68 -54.87 -95.70
C ILE XE 50 13.40 -55.17 -96.99
N GLY XE 51 12.74 -54.88 -98.11
CA GLY XE 51 13.35 -55.13 -99.40
C GLY XE 51 14.81 -54.69 -99.47
N PHE XE 52 15.08 -53.46 -99.04
CA PHE XE 52 16.44 -52.93 -99.08
C PHE XE 52 17.35 -53.73 -98.15
N GLY XE 53 16.97 -53.86 -96.88
CA GLY XE 53 17.78 -54.59 -95.93
C GLY XE 53 17.95 -56.03 -96.37
N ARG XE 54 16.91 -56.59 -96.96
CA ARG XE 54 16.92 -57.96 -97.44
C ARG XE 54 18.04 -58.04 -98.46
N LEU XE 55 17.94 -57.23 -99.49
CA LEU XE 55 18.94 -57.22 -100.54
C LEU XE 55 20.35 -57.01 -99.97
N LEU XE 56 20.51 -56.03 -99.09
CA LEU XE 56 21.81 -55.76 -98.50
C LEU XE 56 22.44 -56.98 -97.86
N LEU XE 57 21.68 -57.71 -97.05
CA LEU XE 57 22.21 -58.90 -96.41
C LEU XE 57 22.48 -59.99 -97.43
N THR XE 58 21.54 -60.19 -98.36
CA THR XE 58 21.69 -61.18 -99.40
C THR XE 58 23.02 -60.98 -100.12
N LYS XE 59 23.18 -59.80 -100.72
CA LYS XE 59 24.40 -59.44 -101.43
C LYS XE 59 25.64 -59.61 -100.56
N LEU XE 60 25.45 -59.74 -99.26
CA LEU XE 60 26.58 -59.95 -98.38
C LEU XE 60 26.90 -61.43 -98.42
N ALA XE 61 25.89 -62.25 -98.17
CA ALA XE 61 26.05 -63.70 -98.19
C ALA XE 61 26.54 -64.17 -99.55
N LYS XE 62 26.25 -63.38 -100.58
CA LYS XE 62 26.68 -63.69 -101.94
C LYS XE 62 28.20 -63.62 -102.02
N ASP XE 63 28.77 -62.52 -101.54
CA ASP XE 63 30.22 -62.33 -101.58
C ASP XE 63 30.98 -63.07 -100.48
N ILE XE 64 30.30 -63.41 -99.40
CA ILE XE 64 30.92 -64.13 -98.30
C ILE XE 64 29.89 -65.06 -97.69
N PRO XE 65 29.91 -66.34 -98.10
CA PRO XE 65 29.00 -67.39 -97.65
C PRO XE 65 29.06 -67.80 -96.18
N GLU XE 66 30.24 -67.74 -95.58
CA GLU XE 66 30.33 -68.14 -94.19
C GLU XE 66 29.34 -67.33 -93.36
N VAL XE 67 28.68 -66.38 -94.04
CA VAL XE 67 27.68 -65.53 -93.42
C VAL XE 67 26.35 -66.28 -93.32
N ASN XE 68 25.97 -66.94 -94.41
CA ASN XE 68 24.74 -67.70 -94.46
C ASN XE 68 24.51 -68.51 -93.19
N ASP XE 69 25.58 -69.01 -92.58
CA ASP XE 69 25.46 -69.80 -91.37
C ASP XE 69 25.18 -68.95 -90.14
N LEU XE 70 25.60 -67.70 -90.18
CA LEU XE 70 25.38 -66.79 -89.06
C LEU XE 70 23.92 -66.38 -89.01
N PHE XE 71 23.37 -66.06 -90.18
CA PHE XE 71 21.99 -65.64 -90.31
C PHE XE 71 21.05 -66.84 -90.44
N LYS XE 72 21.59 -68.02 -90.19
CA LYS XE 72 20.83 -69.24 -90.27
C LYS XE 72 19.70 -69.16 -89.24
N ARG XE 73 20.06 -68.68 -88.05
CA ARG XE 73 19.15 -68.53 -86.93
C ARG XE 73 17.89 -67.76 -87.31
N VAL XE 74 18.00 -66.84 -88.26
CA VAL XE 74 16.86 -66.04 -88.67
C VAL XE 74 16.28 -66.48 -90.00
N ASP XE 75 16.51 -67.73 -90.36
CA ASP XE 75 16.00 -68.30 -91.61
C ASP XE 75 16.33 -67.42 -92.81
N ILE XE 76 17.61 -67.12 -93.00
CA ILE XE 76 18.04 -66.31 -94.13
C ILE XE 76 17.80 -67.09 -95.39
N GLU XE 77 17.64 -68.40 -95.22
CA GLU XE 77 17.42 -69.26 -96.35
C GLU XE 77 16.17 -68.80 -97.09
N HIS XE 78 15.19 -68.29 -96.35
CA HIS XE 78 13.96 -67.78 -96.94
C HIS XE 78 13.95 -66.29 -96.86
N ALA XE 79 14.56 -65.66 -97.85
CA ALA XE 79 14.62 -64.20 -97.90
C ALA XE 79 13.30 -63.50 -97.61
N GLU XE 80 12.23 -63.98 -98.23
CA GLU XE 80 10.89 -63.40 -98.08
C GLU XE 80 10.17 -63.95 -96.83
N GLY XE 81 10.79 -64.93 -96.18
CA GLY XE 81 10.21 -65.51 -95.00
C GLY XE 81 10.12 -64.51 -93.87
N PRO XE 82 8.96 -64.37 -93.24
CA PRO XE 82 8.83 -63.42 -92.14
C PRO XE 82 10.00 -63.47 -91.18
N LYS XE 83 10.43 -64.67 -90.81
CA LYS XE 83 11.57 -64.82 -89.90
C LYS XE 83 12.69 -63.86 -90.27
N PHE XE 84 13.05 -63.86 -91.54
CA PHE XE 84 14.13 -63.01 -92.02
C PHE XE 84 13.65 -61.58 -92.23
N SER XE 85 12.48 -61.41 -92.84
CA SER XE 85 11.95 -60.07 -93.08
C SER XE 85 11.99 -59.24 -91.81
N ALA XE 86 11.62 -59.85 -90.69
CA ALA XE 86 11.65 -59.17 -89.40
C ALA XE 86 13.08 -58.71 -89.19
N HIS XE 87 14.00 -59.66 -89.25
CA HIS XE 87 15.41 -59.37 -89.08
C HIS XE 87 15.83 -58.21 -89.97
N ALA XE 88 15.52 -58.33 -91.25
CA ALA XE 88 15.86 -57.29 -92.21
C ALA XE 88 15.55 -55.94 -91.60
N LEU XE 89 14.40 -55.84 -90.96
CA LEU XE 89 14.00 -54.59 -90.33
C LEU XE 89 14.95 -54.27 -89.18
N ARG XE 90 14.95 -55.11 -88.16
CA ARG XE 90 15.81 -54.88 -87.01
C ARG XE 90 17.16 -54.27 -87.39
N ILE XE 91 17.86 -54.90 -88.32
CA ILE XE 91 19.17 -54.39 -88.73
C ILE XE 91 19.06 -53.05 -89.41
N LEU XE 92 18.38 -53.04 -90.54
CA LEU XE 92 18.18 -51.83 -91.31
C LEU XE 92 17.70 -50.71 -90.37
N ASN XE 93 16.81 -51.05 -89.42
CA ASN XE 93 16.27 -50.10 -88.47
C ASN XE 93 17.33 -49.65 -87.47
N GLY XE 94 18.30 -50.52 -87.22
CA GLY XE 94 19.36 -50.17 -86.31
C GLY XE 94 20.21 -49.12 -86.99
N LEU XE 95 20.47 -49.33 -88.28
CA LEU XE 95 21.27 -48.38 -89.03
C LEU XE 95 20.56 -47.04 -88.92
N ASP XE 96 19.22 -47.06 -88.95
CA ASP XE 96 18.45 -45.82 -88.83
C ASP XE 96 18.85 -45.16 -87.51
N LEU XE 97 18.66 -45.87 -86.41
CA LEU XE 97 19.01 -45.38 -85.10
C LEU XE 97 20.39 -44.72 -85.15
N ALA XE 98 21.37 -45.42 -85.68
CA ALA XE 98 22.71 -44.89 -85.77
C ALA XE 98 22.70 -43.53 -86.44
N ILE XE 99 22.17 -43.49 -87.65
CA ILE XE 99 22.09 -42.25 -88.41
C ILE XE 99 21.35 -41.16 -87.64
N ASN XE 100 20.17 -41.46 -87.11
CA ASN XE 100 19.40 -40.47 -86.36
C ASN XE 100 20.02 -39.97 -85.04
N LEU XE 101 21.11 -40.58 -84.60
CA LEU XE 101 21.74 -40.14 -83.39
C LEU XE 101 23.06 -39.51 -83.72
N LEU XE 102 23.32 -39.34 -85.00
CA LEU XE 102 24.58 -38.74 -85.44
C LEU XE 102 24.79 -37.36 -84.84
N ASP XE 103 23.70 -36.68 -84.49
CA ASP XE 103 23.84 -35.36 -83.90
C ASP XE 103 23.70 -35.40 -82.39
N ASP XE 104 24.58 -36.17 -81.74
CA ASP XE 104 24.61 -36.35 -80.28
C ASP XE 104 25.61 -37.46 -80.02
N PRO XE 105 26.89 -37.20 -80.33
CA PRO XE 105 27.97 -38.16 -80.16
C PRO XE 105 27.90 -39.09 -78.94
N PRO XE 106 27.72 -38.54 -77.73
CA PRO XE 106 27.66 -39.40 -76.55
C PRO XE 106 26.57 -40.46 -76.64
N ALA XE 107 25.39 -40.06 -77.09
CA ALA XE 107 24.27 -40.96 -77.24
C ALA XE 107 24.59 -41.97 -78.32
N LEU XE 108 24.92 -41.47 -79.49
CA LEU XE 108 25.26 -42.33 -80.61
C LEU XE 108 26.29 -43.33 -80.16
N ASP XE 109 27.31 -42.83 -79.47
CA ASP XE 109 28.37 -43.68 -78.98
C ASP XE 109 27.72 -44.83 -78.21
N ALA XE 110 27.06 -44.51 -77.12
CA ALA XE 110 26.39 -45.52 -76.31
C ALA XE 110 25.56 -46.46 -77.17
N ALA XE 111 24.71 -45.88 -78.02
CA ALA XE 111 23.83 -46.65 -78.89
C ALA XE 111 24.59 -47.68 -79.71
N LEU XE 112 25.75 -47.30 -80.21
CA LEU XE 112 26.57 -48.19 -81.01
C LEU XE 112 27.30 -49.21 -80.16
N ASP XE 113 27.86 -48.77 -79.04
CA ASP XE 113 28.59 -49.68 -78.16
C ASP XE 113 27.66 -50.85 -77.89
N HIS XE 114 26.42 -50.53 -77.60
CA HIS XE 114 25.42 -51.54 -77.32
C HIS XE 114 25.37 -52.50 -78.50
N LEU XE 115 25.36 -51.97 -79.71
CA LEU XE 115 25.32 -52.82 -80.89
C LEU XE 115 26.55 -53.70 -80.99
N ALA XE 116 27.66 -53.21 -80.45
CA ALA XE 116 28.89 -53.98 -80.49
C ALA XE 116 28.66 -55.24 -79.69
N HIS XE 117 28.22 -55.08 -78.45
CA HIS XE 117 27.96 -56.19 -77.57
C HIS XE 117 26.97 -57.19 -78.17
N GLN XE 118 25.97 -56.71 -78.90
CA GLN XE 118 25.00 -57.60 -79.49
C GLN XE 118 25.60 -58.42 -80.61
N HIS XE 119 26.78 -58.03 -81.06
CA HIS XE 119 27.46 -58.75 -82.12
C HIS XE 119 28.64 -59.53 -81.57
N GLU XE 120 29.15 -59.09 -80.43
CA GLU XE 120 30.28 -59.76 -79.80
C GLU XE 120 29.94 -61.21 -79.46
N VAL XE 121 28.79 -61.42 -78.83
CA VAL XE 121 28.36 -62.75 -78.42
C VAL XE 121 27.84 -63.61 -79.57
N ARG XE 122 27.99 -63.13 -80.79
CA ARG XE 122 27.54 -63.89 -81.94
C ARG XE 122 28.81 -64.35 -82.65
N GLU XE 123 29.37 -65.48 -82.22
CA GLU XE 123 30.59 -65.98 -82.83
C GLU XE 123 30.41 -66.31 -84.31
N GLY XE 124 31.47 -66.08 -85.08
CA GLY XE 124 31.43 -66.32 -86.50
C GLY XE 124 31.52 -65.00 -87.24
N VAL XE 125 31.02 -63.95 -86.59
CA VAL XE 125 31.01 -62.61 -87.14
C VAL XE 125 32.38 -61.98 -86.95
N GLN XE 126 33.09 -61.77 -88.06
CA GLN XE 126 34.41 -61.16 -88.00
C GLN XE 126 34.44 -59.81 -88.69
N LYS XE 127 35.43 -58.99 -88.36
CA LYS XE 127 35.55 -57.66 -88.93
C LYS XE 127 35.42 -57.60 -90.44
N ALA XE 128 36.18 -58.41 -91.16
CA ALA XE 128 36.14 -58.43 -92.62
C ALA XE 128 34.71 -58.40 -93.16
N HIS XE 129 33.76 -58.89 -92.36
CA HIS XE 129 32.36 -58.91 -92.76
C HIS XE 129 31.85 -57.50 -92.90
N PHE XE 130 32.08 -56.70 -91.87
CA PHE XE 130 31.62 -55.33 -91.89
C PHE XE 130 32.28 -54.55 -93.01
N LYS XE 131 33.60 -54.68 -93.13
CA LYS XE 131 34.28 -53.96 -94.20
C LYS XE 131 33.53 -54.19 -95.49
N LYS XE 132 33.17 -55.45 -95.76
CA LYS XE 132 32.46 -55.79 -96.98
C LYS XE 132 31.07 -55.16 -97.00
N PHE XE 133 30.32 -55.37 -95.93
CA PHE XE 133 28.97 -54.83 -95.85
C PHE XE 133 29.02 -53.35 -96.12
N GLY XE 134 30.10 -52.70 -95.69
CA GLY XE 134 30.23 -51.27 -95.91
C GLY XE 134 30.32 -50.97 -97.38
N GLU XE 135 31.21 -51.66 -98.07
CA GLU XE 135 31.37 -51.47 -99.49
C GLU XE 135 30.05 -51.70 -100.21
N ILE XE 136 29.30 -52.70 -99.76
CA ILE XE 136 28.02 -53.04 -100.37
C ILE XE 136 27.01 -51.92 -100.16
N LEU XE 137 26.94 -51.46 -98.92
CA LEU XE 137 26.02 -50.40 -98.53
C LEU XE 137 26.30 -49.15 -99.32
N ALA XE 138 27.58 -48.90 -99.56
CA ALA XE 138 27.99 -47.72 -100.28
C ALA XE 138 27.66 -47.79 -101.75
N THR XE 139 27.51 -49.01 -102.27
CA THR XE 139 27.19 -49.17 -103.67
C THR XE 139 25.69 -49.24 -103.84
N GLY XE 140 25.01 -49.56 -102.75
CA GLY XE 140 23.57 -49.66 -102.80
C GLY XE 140 22.81 -48.37 -102.62
N LEU XE 141 23.12 -47.63 -101.56
CA LEU XE 141 22.44 -46.37 -101.27
C LEU XE 141 22.21 -45.51 -102.52
N PRO XE 142 23.29 -45.17 -103.23
CA PRO XE 142 23.17 -44.34 -104.43
C PRO XE 142 22.26 -44.90 -105.51
N GLN XE 143 21.73 -46.09 -105.29
CA GLN XE 143 20.85 -46.69 -106.26
C GLN XE 143 19.40 -46.39 -105.95
N VAL XE 144 19.13 -46.03 -104.69
CA VAL XE 144 17.77 -45.71 -104.26
C VAL XE 144 17.63 -44.21 -103.97
N LEU XE 145 18.75 -43.54 -103.73
CA LEU XE 145 18.72 -42.12 -103.46
C LEU XE 145 19.28 -41.35 -104.65
N ASP XE 146 18.48 -40.47 -105.23
CA ASP XE 146 18.96 -39.71 -106.37
C ASP XE 146 20.03 -38.72 -105.93
N ASP XE 147 19.89 -38.19 -104.71
CA ASP XE 147 20.88 -37.25 -104.18
C ASP XE 147 21.72 -37.97 -103.16
N TYR XE 148 22.95 -38.29 -103.52
CA TYR XE 148 23.87 -39.00 -102.65
C TYR XE 148 25.23 -38.33 -102.64
N ASP XE 149 25.80 -38.13 -101.46
CA ASP XE 149 27.11 -37.51 -101.36
C ASP XE 149 28.09 -38.54 -100.83
N ALA XE 150 28.63 -39.34 -101.73
CA ALA XE 150 29.57 -40.41 -101.37
C ALA XE 150 30.55 -40.04 -100.28
N LEU XE 151 31.19 -38.89 -100.42
CA LEU XE 151 32.16 -38.46 -99.43
C LEU XE 151 31.60 -38.38 -98.03
N ALA XE 152 30.49 -37.68 -97.86
CA ALA XE 152 29.89 -37.54 -96.55
C ALA XE 152 29.52 -38.90 -95.99
N TRP XE 153 28.77 -39.68 -96.76
CA TRP XE 153 28.36 -40.99 -96.30
C TRP XE 153 29.49 -41.90 -95.89
N LYS XE 154 30.45 -42.10 -96.78
CA LYS XE 154 31.58 -42.98 -96.47
C LYS XE 154 32.16 -42.57 -95.14
N SER XE 155 32.35 -41.27 -94.94
CA SER XE 155 32.90 -40.75 -93.70
C SER XE 155 32.12 -41.24 -92.49
N CYS XE 156 30.79 -41.07 -92.53
CA CYS XE 156 29.93 -41.48 -91.43
C CYS XE 156 29.75 -42.98 -91.30
N LEU XE 157 29.44 -43.65 -92.40
CA LEU XE 157 29.26 -45.08 -92.33
C LEU XE 157 30.48 -45.75 -91.71
N LYS XE 158 31.66 -45.24 -92.05
CA LYS XE 158 32.89 -45.81 -91.51
C LYS XE 158 32.83 -45.75 -89.99
N GLY XE 159 32.70 -44.54 -89.46
CA GLY XE 159 32.63 -44.37 -88.02
C GLY XE 159 31.66 -45.33 -87.36
N ILE XE 160 30.50 -45.52 -87.99
CA ILE XE 160 29.47 -46.38 -87.45
C ILE XE 160 29.87 -47.84 -87.48
N LEU XE 161 30.09 -48.35 -88.69
CA LEU XE 161 30.48 -49.74 -88.85
C LEU XE 161 31.63 -50.13 -87.94
N THR XE 162 32.64 -49.27 -87.86
CA THR XE 162 33.79 -49.54 -87.02
C THR XE 162 33.38 -49.74 -85.55
N LYS XE 163 32.78 -48.72 -84.97
CA LYS XE 163 32.37 -48.76 -83.57
C LYS XE 163 31.48 -49.96 -83.27
N ILE XE 164 30.75 -50.45 -84.27
CA ILE XE 164 29.85 -51.59 -84.06
C ILE XE 164 30.61 -52.90 -83.97
N SER XE 165 31.67 -53.01 -84.75
CA SER XE 165 32.44 -54.25 -84.77
C SER XE 165 33.66 -54.22 -83.89
N SER XE 166 33.81 -53.09 -83.19
CA SER XE 166 34.93 -52.70 -82.39
C SER XE 166 35.13 -53.76 -81.39
N ARG XE 167 34.00 -54.20 -80.82
CA ARG XE 167 33.97 -55.27 -79.87
C ARG XE 167 34.13 -56.52 -80.60
N LEU XE 168 35.17 -57.25 -80.16
CA LEU XE 168 35.61 -58.49 -80.64
C LEU XE 168 35.70 -59.36 -79.37
N GLU YE 19 13.37 -58.78 -117.71
CA GLU YE 19 12.39 -57.83 -117.17
C GLU YE 19 13.06 -56.55 -116.76
N CYS YE 20 12.46 -55.93 -115.74
CA CYS YE 20 12.94 -54.76 -115.11
C CYS YE 20 13.48 -55.20 -113.82
N LEU YE 21 14.00 -54.21 -113.08
CA LEU YE 21 14.51 -54.46 -111.78
C LEU YE 21 13.54 -53.77 -110.88
N VAL YE 22 13.50 -54.17 -109.61
CA VAL YE 22 12.62 -53.61 -108.61
C VAL YE 22 13.03 -52.21 -108.34
N THR YE 23 14.34 -51.95 -108.30
CA THR YE 23 14.75 -50.56 -108.13
C THR YE 23 14.41 -49.73 -109.35
N GLU YE 24 14.79 -50.24 -110.52
CA GLU YE 24 14.52 -49.55 -111.77
C GLU YE 24 13.06 -49.12 -111.87
N SER YE 25 12.20 -49.70 -111.04
CA SER YE 25 10.79 -49.36 -111.06
C SER YE 25 10.57 -48.24 -110.09
N LEU YE 26 10.83 -48.50 -108.83
CA LEU YE 26 10.69 -47.52 -107.76
C LEU YE 26 11.20 -46.17 -108.22
N LYS YE 27 12.31 -46.21 -108.96
CA LYS YE 27 12.92 -44.99 -109.48
C LYS YE 27 11.93 -44.28 -110.40
N VAL YE 28 11.31 -45.02 -111.29
CA VAL YE 28 10.35 -44.44 -112.19
C VAL YE 28 9.10 -44.03 -111.42
N LYS YE 29 8.60 -44.93 -110.57
CA LYS YE 29 7.40 -44.66 -109.79
C LYS YE 29 7.58 -43.34 -109.08
N LEU YE 30 8.78 -43.13 -108.55
CA LEU YE 30 9.12 -41.92 -107.83
C LEU YE 30 9.22 -40.69 -108.73
N GLN YE 31 10.06 -40.78 -109.76
CA GLN YE 31 10.22 -39.66 -110.68
C GLN YE 31 8.92 -39.29 -111.36
N TRP YE 32 8.09 -40.27 -111.68
CA TRP YE 32 6.81 -39.99 -112.32
C TRP YE 32 6.07 -39.02 -111.44
N ALA YE 33 6.11 -39.26 -110.14
CA ALA YE 33 5.44 -38.40 -109.18
C ALA YE 33 5.80 -36.94 -109.38
N SER YE 34 7.08 -36.61 -109.22
CA SER YE 34 7.54 -35.23 -109.37
C SER YE 34 7.21 -34.63 -110.72
N ALA YE 35 7.47 -35.39 -111.77
CA ALA YE 35 7.22 -34.92 -113.13
C ALA YE 35 5.76 -34.66 -113.48
N PHE YE 36 4.95 -35.71 -113.37
CA PHE YE 36 3.53 -35.61 -113.68
C PHE YE 36 2.92 -34.47 -112.89
N GLY YE 37 2.94 -34.61 -111.57
CA GLY YE 37 2.42 -33.56 -110.71
C GLY YE 37 0.97 -33.74 -110.28
N HIS YE 38 0.31 -32.62 -110.00
CA HIS YE 38 -1.08 -32.64 -109.57
C HIS YE 38 -1.92 -31.54 -110.22
N ALA YE 39 -3.22 -31.80 -110.33
CA ALA YE 39 -4.17 -30.86 -110.91
C ALA YE 39 -3.72 -30.29 -112.23
N HIS YE 40 -3.87 -28.98 -112.38
CA HIS YE 40 -3.49 -28.30 -113.61
C HIS YE 40 -2.10 -28.66 -114.11
N GLU YE 41 -1.13 -28.73 -113.20
CA GLU YE 41 0.25 -29.09 -113.55
C GLU YE 41 0.30 -30.27 -114.55
N ARG YE 42 -0.69 -31.14 -114.47
CA ARG YE 42 -0.80 -32.30 -115.32
C ARG YE 42 -1.28 -31.94 -116.70
N VAL YE 43 -2.44 -31.30 -116.78
CA VAL YE 43 -3.00 -30.91 -118.07
C VAL YE 43 -1.90 -30.27 -118.89
N ALA YE 44 -1.09 -29.44 -118.23
CA ALA YE 44 0.02 -28.75 -118.85
C ALA YE 44 0.97 -29.76 -119.43
N PHE YE 45 1.28 -30.78 -118.63
CA PHE YE 45 2.18 -31.83 -119.06
C PHE YE 45 1.57 -32.53 -120.27
N GLY YE 46 0.38 -33.09 -120.09
CA GLY YE 46 -0.27 -33.77 -121.20
C GLY YE 46 -0.22 -32.94 -122.47
N LEU YE 47 -0.70 -31.71 -122.40
CA LEU YE 47 -0.70 -30.82 -123.55
C LEU YE 47 0.69 -30.74 -124.18
N GLU YE 48 1.67 -30.27 -123.41
CA GLU YE 48 3.02 -30.15 -123.92
C GLU YE 48 3.43 -31.43 -124.64
N LEU YE 49 3.12 -32.59 -124.06
CA LEU YE 49 3.47 -33.88 -124.65
C LEU YE 49 2.86 -34.09 -126.01
N TRP YE 50 1.53 -34.15 -126.07
CA TRP YE 50 0.85 -34.36 -127.32
C TRP YE 50 1.19 -33.36 -128.40
N ARG YE 51 1.45 -32.11 -128.02
CA ARG YE 51 1.80 -31.12 -129.03
C ARG YE 51 3.06 -31.58 -129.73
N ASP YE 52 4.11 -31.80 -128.96
CA ASP YE 52 5.38 -32.25 -129.52
C ASP YE 52 5.20 -33.50 -130.38
N ILE YE 53 4.33 -34.41 -129.97
CA ILE YE 53 4.08 -35.63 -130.71
C ILE YE 53 3.42 -35.36 -132.05
N ILE YE 54 2.33 -34.63 -132.03
CA ILE YE 54 1.60 -34.34 -133.25
C ILE YE 54 2.39 -33.48 -134.25
N ASP YE 55 3.26 -32.60 -133.77
CA ASP YE 55 4.04 -31.77 -134.69
C ASP YE 55 5.05 -32.62 -135.42
N ASP YE 56 5.53 -33.65 -134.74
CA ASP YE 56 6.53 -34.55 -135.30
C ASP YE 56 5.89 -35.52 -136.31
N HIS YE 57 4.71 -36.02 -135.97
CA HIS YE 57 4.01 -36.97 -136.84
C HIS YE 57 2.52 -36.65 -136.96
N PRO YE 58 2.18 -35.64 -137.78
CA PRO YE 58 0.77 -35.23 -137.97
C PRO YE 58 -0.16 -36.35 -138.43
N GLU YE 59 0.40 -37.51 -138.73
CA GLU YE 59 -0.41 -38.62 -139.17
C GLU YE 59 -1.35 -39.05 -138.06
N ILE YE 60 -0.96 -38.72 -136.83
CA ILE YE 60 -1.75 -39.10 -135.66
C ILE YE 60 -3.05 -38.34 -135.48
N LYS YE 61 -3.12 -37.12 -135.99
CA LYS YE 61 -4.34 -36.34 -135.85
C LYS YE 61 -5.54 -37.12 -136.38
N ALA YE 62 -5.27 -38.20 -137.12
CA ALA YE 62 -6.31 -39.01 -137.73
C ALA YE 62 -7.20 -39.77 -136.74
N PRO YE 63 -6.66 -40.76 -136.03
CA PRO YE 63 -7.48 -41.52 -135.08
C PRO YE 63 -8.03 -40.69 -133.92
N PHE YE 64 -7.39 -39.55 -133.66
CA PHE YE 64 -7.81 -38.66 -132.60
C PHE YE 64 -8.93 -37.75 -133.09
N SER YE 65 -9.58 -38.15 -134.17
CA SER YE 65 -10.67 -37.38 -134.75
C SER YE 65 -11.86 -37.30 -133.82
N ARG YE 66 -12.09 -38.37 -133.05
CA ARG YE 66 -13.22 -38.44 -132.13
C ARG YE 66 -13.05 -37.43 -131.01
N VAL YE 67 -11.82 -37.24 -130.57
CA VAL YE 67 -11.50 -36.32 -129.50
C VAL YE 67 -10.80 -35.06 -130.01
N ARG YE 68 -11.43 -34.37 -130.97
CA ARG YE 68 -10.89 -33.15 -131.56
C ARG YE 68 -9.37 -33.08 -131.46
N GLY YE 69 -8.71 -33.92 -132.24
CA GLY YE 69 -7.26 -33.94 -132.23
C GLY YE 69 -6.67 -32.79 -133.02
N ASP YE 70 -7.49 -32.11 -133.81
CA ASP YE 70 -7.01 -30.98 -134.60
C ASP YE 70 -6.65 -29.82 -133.67
N ASN YE 71 -7.45 -29.63 -132.64
CA ASN YE 71 -7.26 -28.58 -131.66
C ASN YE 71 -6.95 -29.22 -130.31
N ILE YE 72 -5.67 -29.46 -130.04
CA ILE YE 72 -5.28 -30.08 -128.79
C ILE YE 72 -5.57 -29.25 -127.55
N TYR YE 73 -5.79 -27.95 -127.74
CA TYR YE 73 -6.08 -27.06 -126.62
C TYR YE 73 -7.55 -27.12 -126.19
N SER YE 74 -8.37 -27.75 -127.03
CA SER YE 74 -9.80 -27.90 -126.78
C SER YE 74 -10.05 -28.75 -125.56
N PRO YE 75 -11.21 -28.57 -124.92
CA PRO YE 75 -11.54 -29.36 -123.74
C PRO YE 75 -11.75 -30.82 -124.12
N GLU YE 76 -12.37 -31.04 -125.27
CA GLU YE 76 -12.61 -32.38 -125.74
C GLU YE 76 -11.30 -33.17 -125.73
N PHE YE 77 -10.27 -32.62 -126.37
CA PHE YE 77 -8.98 -33.28 -126.43
C PHE YE 77 -8.34 -33.27 -125.07
N GLY YE 78 -8.43 -32.14 -124.39
CA GLY YE 78 -7.85 -32.02 -123.07
C GLY YE 78 -8.28 -33.17 -122.21
N ALA YE 79 -9.57 -33.48 -122.25
CA ALA YE 79 -10.12 -34.57 -121.48
C ALA YE 79 -9.33 -35.80 -121.85
N HIS YE 80 -9.38 -36.15 -123.11
CA HIS YE 80 -8.65 -37.31 -123.62
C HIS YE 80 -7.25 -37.36 -123.05
N SER YE 81 -6.48 -36.32 -123.37
CA SER YE 81 -5.11 -36.16 -122.89
C SER YE 81 -4.95 -36.69 -121.50
N GLN YE 82 -5.80 -36.20 -120.60
CA GLN YE 82 -5.77 -36.60 -119.22
C GLN YE 82 -6.03 -38.11 -119.05
N ARG YE 83 -7.11 -38.58 -119.65
CA ARG YE 83 -7.47 -39.98 -119.55
C ARG YE 83 -6.27 -40.84 -119.85
N VAL YE 84 -5.56 -40.45 -120.90
CA VAL YE 84 -4.37 -41.16 -121.33
C VAL YE 84 -3.35 -41.19 -120.20
N LEU YE 85 -2.81 -40.03 -119.88
CA LEU YE 85 -1.82 -39.93 -118.83
C LEU YE 85 -2.24 -40.75 -117.64
N SER YE 86 -3.51 -40.65 -117.27
CA SER YE 86 -3.99 -41.40 -116.12
C SER YE 86 -3.68 -42.88 -116.26
N GLY YE 87 -4.04 -43.45 -117.40
CA GLY YE 87 -3.78 -44.87 -117.63
C GLY YE 87 -2.30 -45.15 -117.47
N LEU YE 88 -1.47 -44.26 -118.03
CA LEU YE 88 -0.03 -44.40 -117.93
C LEU YE 88 0.33 -44.42 -116.44
N ASP YE 89 -0.35 -43.59 -115.66
CA ASP YE 89 -0.09 -43.55 -114.22
C ASP YE 89 -0.34 -44.96 -113.65
N ILE YE 90 -1.50 -45.51 -113.97
CA ILE YE 90 -1.86 -46.84 -113.48
C ILE YE 90 -0.77 -47.83 -113.79
N THR YE 91 -0.52 -48.04 -115.09
CA THR YE 91 0.50 -48.97 -115.51
C THR YE 91 1.75 -48.77 -114.66
N ILE YE 92 2.28 -47.55 -114.63
CA ILE YE 92 3.48 -47.27 -113.86
C ILE YE 92 3.33 -47.67 -112.39
N SER YE 93 2.14 -47.39 -111.80
CA SER YE 93 1.87 -47.71 -110.43
C SER YE 93 1.66 -49.19 -110.26
N MET YE 94 1.33 -49.89 -111.35
CA MET YE 94 1.06 -51.30 -111.29
C MET YE 94 2.35 -52.01 -111.09
N LEU YE 95 3.38 -51.32 -111.63
CA LEU YE 95 4.45 -51.82 -112.42
C LEU YE 95 5.33 -52.67 -111.58
N ASP YE 96 5.53 -52.19 -110.35
CA ASP YE 96 6.48 -52.69 -109.42
C ASP YE 96 6.13 -54.08 -109.03
N THR YE 97 4.83 -54.29 -108.82
CA THR YE 97 4.34 -55.50 -108.30
C THR YE 97 3.73 -56.20 -109.46
N PRO YE 98 4.35 -57.31 -109.74
CA PRO YE 98 4.14 -58.11 -110.94
C PRO YE 98 2.73 -58.60 -111.20
N ASP YE 99 2.09 -59.15 -110.17
CA ASP YE 99 0.74 -59.67 -110.33
C ASP YE 99 -0.25 -58.64 -110.86
N MET YE 100 -0.09 -57.40 -110.43
CA MET YE 100 -0.98 -56.33 -110.86
C MET YE 100 -0.63 -55.86 -112.26
N LEU YE 101 0.67 -55.75 -112.53
CA LEU YE 101 1.13 -55.31 -113.83
C LEU YE 101 0.69 -56.29 -114.90
N ALA YE 102 1.07 -57.56 -114.72
CA ALA YE 102 0.70 -58.60 -115.67
C ALA YE 102 -0.77 -58.53 -116.02
N ALA YE 103 -1.58 -58.26 -115.00
CA ALA YE 103 -3.03 -58.14 -115.17
C ALA YE 103 -3.40 -56.88 -115.92
N GLN YE 104 -2.89 -55.75 -115.42
CA GLN YE 104 -3.14 -54.45 -116.02
C GLN YE 104 -2.72 -54.45 -117.47
N LEU YE 105 -1.52 -54.94 -117.73
CA LEU YE 105 -1.04 -55.00 -119.10
C LEU YE 105 -2.00 -55.79 -119.98
N ALA YE 106 -2.34 -56.99 -119.54
CA ALA YE 106 -3.26 -57.83 -120.29
C ALA YE 106 -4.54 -57.06 -120.59
N HIS YE 107 -5.03 -56.31 -119.60
CA HIS YE 107 -6.24 -55.53 -119.74
C HIS YE 107 -6.08 -54.47 -120.83
N LEU YE 108 -4.90 -53.84 -120.90
CA LEU YE 108 -4.65 -52.82 -121.91
C LEU YE 108 -4.56 -53.42 -123.31
N LYS YE 109 -3.93 -54.59 -123.41
CA LYS YE 109 -3.78 -55.26 -124.70
C LYS YE 109 -5.13 -55.42 -125.39
N VAL YE 110 -6.12 -55.80 -124.60
CA VAL YE 110 -7.46 -56.00 -125.13
C VAL YE 110 -8.04 -54.72 -125.72
N GLN YE 111 -7.98 -53.63 -124.97
CA GLN YE 111 -8.52 -52.36 -125.42
C GLN YE 111 -7.86 -51.88 -126.71
N HIS YE 112 -6.79 -52.55 -127.11
CA HIS YE 112 -6.06 -52.19 -128.31
C HIS YE 112 -6.19 -53.17 -129.47
N VAL YE 113 -5.89 -54.43 -129.21
CA VAL YE 113 -5.96 -55.47 -130.23
C VAL YE 113 -7.13 -55.33 -131.19
N GLU YE 114 -8.30 -54.95 -130.60
CA GLU YE 114 -9.54 -54.99 -131.28
C GLU YE 114 -9.41 -54.09 -132.45
N ARG YE 115 -8.67 -52.97 -132.24
CA ARG YE 115 -8.63 -51.81 -133.07
C ARG YE 115 -7.27 -51.74 -133.69
N ASN YE 116 -7.20 -51.00 -134.82
CA ASN YE 116 -5.99 -50.71 -135.51
C ASN YE 116 -5.31 -49.56 -134.85
N LEU YE 117 -3.99 -49.74 -134.77
CA LEU YE 117 -3.07 -48.76 -134.35
C LEU YE 117 -1.83 -49.23 -134.95
N LYS YE 118 -0.92 -48.28 -135.23
CA LYS YE 118 0.38 -48.62 -135.63
C LYS YE 118 1.21 -48.76 -134.41
N PRO YE 119 1.98 -49.74 -134.68
CA PRO YE 119 3.05 -50.21 -133.87
C PRO YE 119 4.00 -49.11 -133.60
N GLU YE 120 4.42 -48.42 -134.66
CA GLU YE 120 5.48 -47.44 -134.51
C GLU YE 120 5.02 -46.19 -133.77
N PHE YE 121 3.71 -45.94 -133.75
CA PHE YE 121 3.14 -44.78 -133.07
C PHE YE 121 3.58 -44.76 -131.62
N PHE YE 122 3.50 -45.93 -130.99
CA PHE YE 122 3.88 -46.07 -129.60
C PHE YE 122 5.37 -45.80 -129.41
N ASP YE 123 6.18 -46.29 -130.34
CA ASP YE 123 7.62 -46.07 -130.26
C ASP YE 123 7.86 -44.56 -130.28
N ILE YE 124 6.94 -43.84 -130.92
CA ILE YE 124 7.01 -42.38 -131.04
C ILE YE 124 6.60 -41.79 -129.71
N PHE YE 125 5.41 -42.18 -129.26
CA PHE YE 125 4.89 -41.72 -127.99
C PHE YE 125 5.98 -41.80 -126.93
N LEU YE 126 6.61 -42.97 -126.82
CA LEU YE 126 7.68 -43.18 -125.86
C LEU YE 126 8.80 -42.19 -126.05
N LYS YE 127 9.24 -42.03 -127.29
CA LYS YE 127 10.32 -41.10 -127.58
C LYS YE 127 10.05 -39.76 -126.88
N HIS YE 128 8.86 -39.20 -127.11
CA HIS YE 128 8.53 -37.92 -126.52
C HIS YE 128 8.33 -37.96 -125.02
N LEU YE 129 7.55 -38.92 -124.53
CA LEU YE 129 7.32 -39.01 -123.10
C LEU YE 129 8.65 -38.89 -122.36
N LEU YE 130 9.71 -39.46 -122.93
CA LEU YE 130 11.02 -39.39 -122.31
C LEU YE 130 11.60 -38.02 -122.51
N HIS YE 131 11.43 -37.49 -123.70
CA HIS YE 131 11.94 -36.16 -124.02
C HIS YE 131 11.37 -35.17 -123.01
N VAL YE 132 10.05 -35.21 -122.83
CA VAL YE 132 9.37 -34.32 -121.88
C VAL YE 132 9.82 -34.53 -120.45
N LEU YE 133 9.76 -35.77 -119.94
CA LEU YE 133 10.22 -36.04 -118.58
C LEU YE 133 11.65 -35.51 -118.45
N GLY YE 134 12.40 -35.60 -119.54
CA GLY YE 134 13.77 -35.11 -119.51
C GLY YE 134 13.80 -33.66 -119.07
N ASP YE 135 12.96 -32.83 -119.68
CA ASP YE 135 12.88 -31.41 -119.34
C ASP YE 135 12.44 -31.26 -117.89
N ARG YE 136 11.29 -31.84 -117.57
CA ARG YE 136 10.74 -31.77 -116.23
C ARG YE 136 11.69 -32.18 -115.13
N LEU YE 137 12.30 -33.36 -115.27
CA LEU YE 137 13.20 -33.85 -114.24
C LEU YE 137 14.63 -33.33 -114.27
N GLY YE 138 15.10 -32.96 -115.46
CA GLY YE 138 16.45 -32.43 -115.56
C GLY YE 138 17.49 -33.50 -115.79
N THR YE 139 18.65 -33.33 -115.18
CA THR YE 139 19.73 -34.27 -115.36
C THR YE 139 19.58 -35.50 -114.47
N HIS YE 140 18.76 -35.39 -113.44
CA HIS YE 140 18.54 -36.50 -112.52
C HIS YE 140 17.77 -37.62 -113.22
N PHE YE 141 16.99 -37.24 -114.21
CA PHE YE 141 16.16 -38.16 -114.96
C PHE YE 141 16.87 -39.45 -115.27
N ASP YE 142 16.41 -40.55 -114.71
CA ASP YE 142 17.06 -41.84 -114.97
C ASP YE 142 16.55 -42.47 -116.26
N PHE YE 143 17.05 -41.96 -117.37
CA PHE YE 143 16.70 -42.43 -118.70
C PHE YE 143 16.70 -43.95 -118.73
N GLY YE 144 17.82 -44.54 -118.35
CA GLY YE 144 17.93 -45.99 -118.34
C GLY YE 144 16.70 -46.64 -117.76
N ALA YE 145 16.44 -46.35 -116.49
CA ALA YE 145 15.29 -46.91 -115.79
C ALA YE 145 13.98 -46.73 -116.54
N TRP YE 146 13.73 -45.53 -117.05
CA TRP YE 146 12.49 -45.31 -117.78
C TRP YE 146 12.42 -46.13 -119.05
N HIS YE 147 13.41 -45.98 -119.92
CA HIS YE 147 13.43 -46.72 -121.17
C HIS YE 147 13.15 -48.20 -120.93
N ASP YE 148 13.95 -48.81 -120.07
CA ASP YE 148 13.76 -50.22 -119.74
C ASP YE 148 12.36 -50.49 -119.22
N CYS YE 149 11.85 -49.56 -118.41
CA CYS YE 149 10.54 -49.73 -117.79
C CYS YE 149 9.27 -49.33 -118.54
N VAL YE 150 9.25 -48.14 -119.11
CA VAL YE 150 8.07 -47.72 -119.86
C VAL YE 150 7.93 -48.58 -121.10
N ASP YE 151 9.07 -49.00 -121.66
CA ASP YE 151 9.08 -49.83 -122.85
C ASP YE 151 8.17 -51.01 -122.60
N GLN YE 152 8.50 -51.78 -121.56
CA GLN YE 152 7.70 -52.95 -121.19
C GLN YE 152 6.19 -52.66 -121.18
N ILE YE 153 5.81 -51.43 -120.82
CA ILE YE 153 4.41 -51.06 -120.77
C ILE YE 153 3.85 -50.86 -122.16
N ILE YE 154 4.68 -50.37 -123.07
CA ILE YE 154 4.24 -50.14 -124.44
C ILE YE 154 4.03 -51.45 -125.17
N ASP YE 155 5.04 -52.32 -125.16
CA ASP YE 155 4.93 -53.60 -125.86
C ASP YE 155 3.65 -54.34 -125.47
N GLY YE 156 3.33 -54.35 -124.16
CA GLY YE 156 2.28 -55.21 -123.72
C GLY YE 156 0.98 -54.75 -124.33
N ILE YE 157 0.75 -53.44 -124.26
CA ILE YE 157 -0.50 -52.88 -124.70
C ILE YE 157 -0.51 -53.14 -126.14
N LYS YE 158 0.66 -52.85 -126.74
CA LYS YE 158 0.91 -52.78 -128.16
C LYS YE 158 0.20 -53.93 -128.89
N ARG ZE 24 15.44 18.34 -15.76
CA ARG ZE 24 14.61 19.52 -16.02
C ARG ZE 24 13.94 19.52 -17.32
N PHE ZE 25 13.01 20.46 -17.41
CA PHE ZE 25 12.23 20.69 -18.55
C PHE ZE 25 13.08 21.20 -19.67
N GLN ZE 26 14.03 22.10 -19.38
CA GLN ZE 26 14.61 22.80 -20.48
C GLN ZE 26 15.35 21.83 -21.37
N TYR ZE 27 15.95 20.83 -20.68
CA TYR ZE 27 17.00 19.86 -20.78
C TYR ZE 27 16.95 18.93 -21.97
N LEU ZE 28 16.00 18.00 -21.82
CA LEU ZE 28 15.90 16.78 -22.54
C LEU ZE 28 15.42 17.21 -23.85
N VAL ZE 29 14.80 18.39 -23.80
CA VAL ZE 29 14.39 19.04 -25.03
C VAL ZE 29 15.56 19.44 -25.91
N LYS ZE 30 16.60 19.99 -25.30
CA LYS ZE 30 17.80 20.42 -26.02
C LYS ZE 30 18.32 19.34 -26.95
N ASN ZE 31 18.04 18.08 -26.63
CA ASN ZE 31 18.50 16.97 -27.45
C ASN ZE 31 17.42 16.46 -28.39
N GLN ZE 32 16.16 16.55 -27.96
CA GLN ZE 32 15.06 16.10 -28.79
C GLN ZE 32 15.11 16.89 -30.12
N ASN ZE 33 15.29 18.20 -30.01
CA ASN ZE 33 15.39 19.04 -31.20
C ASN ZE 33 16.60 18.60 -32.03
N LEU ZE 34 17.53 17.93 -31.37
CA LEU ZE 34 18.72 17.45 -32.04
C LEU ZE 34 18.40 16.18 -32.80
N HIS ZE 35 17.69 15.27 -32.14
CA HIS ZE 35 17.31 14.02 -32.78
C HIS ZE 35 16.56 14.38 -34.06
N ILE ZE 36 15.87 15.52 -34.03
CA ILE ZE 36 15.14 15.97 -35.20
C ILE ZE 36 16.06 16.64 -36.20
N ASP ZE 37 16.87 17.59 -35.72
CA ASP ZE 37 17.81 18.27 -36.60
C ASP ZE 37 18.59 17.16 -37.30
N TYR ZE 38 18.58 15.97 -36.69
CA TYR ZE 38 19.27 14.79 -37.23
C TYR ZE 38 18.48 14.28 -38.43
N LEU ZE 39 17.29 13.78 -38.16
CA LEU ZE 39 16.43 13.27 -39.22
C LEU ZE 39 16.45 14.18 -40.44
N ALA ZE 40 16.33 15.47 -40.22
CA ALA ZE 40 16.33 16.44 -41.31
C ALA ZE 40 17.53 16.22 -42.24
N LYS ZE 41 18.70 15.91 -41.67
CA LYS ZE 41 19.90 15.67 -42.44
C LYS ZE 41 19.90 14.30 -43.13
N LYS ZE 42 19.54 13.25 -42.39
CA LYS ZE 42 19.51 11.90 -42.95
C LYS ZE 42 18.52 11.85 -44.12
N LEU ZE 43 17.62 12.83 -44.13
CA LEU ZE 43 16.62 12.93 -45.19
C LEU ZE 43 17.12 13.78 -46.35
N HIS ZE 44 17.78 14.89 -46.02
CA HIS ZE 44 18.31 15.76 -47.05
C HIS ZE 44 19.33 14.97 -47.85
N ASP ZE 45 20.10 14.15 -47.13
CA ASP ZE 45 21.12 13.32 -47.79
C ASP ZE 45 20.43 12.23 -48.63
N ILE ZE 46 19.10 12.24 -48.61
CA ILE ZE 46 18.29 11.30 -49.39
C ILE ZE 46 17.67 12.03 -50.55
N GLU ZE 47 16.94 13.09 -50.23
CA GLU ZE 47 16.31 13.90 -51.24
C GLU ZE 47 17.40 14.35 -52.22
N GLU ZE 48 18.63 14.39 -51.73
CA GLU ZE 48 19.77 14.80 -52.56
C GLU ZE 48 20.12 13.65 -53.49
N GLU ZE 49 20.35 12.48 -52.92
CA GLU ZE 49 20.67 11.29 -53.70
C GLU ZE 49 19.52 10.96 -54.65
N TYR ZE 50 18.40 11.63 -54.47
CA TYR ZE 50 17.24 11.41 -55.31
C TYR ZE 50 17.43 12.19 -56.61
N ASN ZE 51 17.62 13.49 -56.50
CA ASN ZE 51 17.80 14.36 -57.66
C ASN ZE 51 18.90 13.87 -58.59
N LYS ZE 52 19.92 13.18 -58.02
CA LYS ZE 52 21.03 12.71 -58.79
C LYS ZE 52 20.43 11.83 -59.85
N LEU ZE 53 19.43 10.99 -59.47
CA LEU ZE 53 18.76 10.05 -60.34
C LEU ZE 53 17.60 10.71 -60.98
N THR ZE 54 17.57 10.57 -62.31
CA THR ZE 54 16.86 11.40 -63.21
C THR ZE 54 15.40 11.27 -62.98
N HIS ZE 55 14.72 12.10 -63.75
CA HIS ZE 55 13.37 12.42 -63.47
C HIS ZE 55 12.65 11.59 -64.42
N ASP ZE 56 11.43 11.23 -64.06
CA ASP ZE 56 10.90 10.21 -64.87
C ASP ZE 56 10.52 10.90 -66.18
N VAL ZE 57 10.70 10.19 -67.32
CA VAL ZE 57 10.58 10.79 -68.62
C VAL ZE 57 9.15 11.17 -68.82
N ASP ZE 58 8.97 12.28 -69.56
CA ASP ZE 58 7.73 12.99 -69.64
C ASP ZE 58 6.80 12.29 -70.59
N LYS ZE 59 5.16 9.94 -68.93
CA LYS ZE 59 4.18 9.28 -69.79
C LYS ZE 59 4.20 9.90 -71.18
N LYS ZE 60 4.54 11.18 -71.26
CA LYS ZE 60 4.61 11.88 -72.54
C LYS ZE 60 5.64 11.25 -73.50
N THR ZE 61 6.52 10.41 -72.94
CA THR ZE 61 7.55 9.74 -73.72
C THR ZE 61 7.00 8.44 -74.29
N ILE ZE 62 6.50 7.60 -73.41
CA ILE ZE 62 5.90 6.35 -73.83
C ILE ZE 62 4.92 6.67 -74.95
N ARG ZE 63 4.10 7.69 -74.73
CA ARG ZE 63 3.08 8.09 -75.70
C ARG ZE 63 3.71 8.26 -77.07
N GLN ZE 64 4.85 8.93 -77.12
CA GLN ZE 64 5.54 9.18 -78.39
C GLN ZE 64 6.04 7.91 -79.03
N LEU ZE 65 6.37 6.91 -78.22
CA LEU ZE 65 6.84 5.62 -78.72
C LEU ZE 65 5.67 4.90 -79.32
N LYS ZE 66 4.63 4.64 -78.52
CA LYS ZE 66 3.42 3.98 -78.99
C LYS ZE 66 3.02 4.64 -80.31
N ALA ZE 67 3.30 5.94 -80.47
CA ALA ZE 67 2.96 6.65 -81.69
C ALA ZE 67 3.90 6.23 -82.78
N ARG ZE 68 5.17 6.62 -82.66
CA ARG ZE 68 6.20 6.28 -83.65
C ARG ZE 68 6.01 4.85 -84.14
N ILE ZE 69 5.78 3.95 -83.20
CA ILE ZE 69 5.59 2.55 -83.51
C ILE ZE 69 4.32 2.37 -84.29
N SER ZE 70 3.20 2.76 -83.71
CA SER ZE 70 1.91 2.62 -84.36
C SER ZE 70 1.92 3.18 -85.80
N ASN ZE 71 2.76 4.18 -86.11
CA ASN ZE 71 2.57 4.72 -87.42
C ASN ZE 71 2.98 3.72 -88.42
N LEU ZE 72 3.97 2.88 -88.08
CA LEU ZE 72 4.53 2.12 -89.16
C LEU ZE 72 3.44 1.20 -89.65
N GLU ZE 73 3.22 -3.31 -91.17
CA GLU ZE 73 2.06 -4.17 -91.16
C GLU ZE 73 1.06 -3.63 -92.13
N GLU ZE 74 0.20 -4.54 -92.64
CA GLU ZE 74 -0.77 -4.23 -93.65
C GLU ZE 74 -2.02 -3.76 -93.00
N HIS ZE 75 -2.90 -3.19 -93.84
CA HIS ZE 75 -4.28 -3.11 -93.50
C HIS ZE 75 -5.00 -3.94 -94.51
N HIS ZE 76 -6.17 -4.42 -94.09
CA HIS ZE 76 -6.89 -5.38 -94.85
C HIS ZE 76 -7.23 -4.71 -96.15
N CYS ZE 77 -7.65 -3.43 -96.12
CA CYS ZE 77 -8.35 -2.90 -97.24
C CYS ZE 77 -7.47 -2.74 -98.43
N ASP ZE 78 -8.07 -3.19 -99.56
CA ASP ZE 78 -7.76 -2.88 -100.91
C ASP ZE 78 -8.13 -1.42 -101.05
N GLU ZE 79 -7.74 -0.80 -102.17
CA GLU ZE 79 -7.49 0.61 -102.22
C GLU ZE 79 -8.77 1.39 -102.13
N HIS ZE 80 -8.66 2.62 -101.57
CA HIS ZE 80 -9.76 3.54 -101.36
C HIS ZE 80 -10.89 2.82 -100.71
N GLU ZE 81 -10.57 2.25 -99.53
CA GLU ZE 81 -11.30 1.94 -98.32
C GLU ZE 81 -10.37 2.17 -97.14
N SER ZE 82 -10.94 2.59 -96.01
CA SER ZE 82 -10.16 2.81 -94.80
C SER ZE 82 -10.94 2.24 -93.64
N GLU ZE 83 -10.25 1.79 -92.59
CA GLU ZE 83 -10.96 1.18 -91.49
C GLU ZE 83 -11.53 2.13 -90.45
N CYS ZE 84 -12.65 1.74 -89.78
CA CYS ZE 84 -13.13 2.65 -88.77
C CYS ZE 84 -12.21 2.58 -87.60
N ARG ZE 85 -12.00 3.75 -86.98
CA ARG ZE 85 -10.94 4.07 -86.06
C ARG ZE 85 -10.97 3.09 -84.94
N GLY ZE 86 -12.18 2.72 -84.49
CA GLY ZE 86 -12.30 2.12 -83.20
C GLY ZE 86 -12.01 0.67 -83.30
N ASP ZE 87 -12.57 -0.07 -82.32
CA ASP ZE 87 -12.29 -1.41 -81.89
C ASP ZE 87 -12.55 -2.32 -83.03
N VAL ZE 88 -13.62 -2.04 -83.77
CA VAL ZE 88 -13.87 -2.87 -84.89
C VAL ZE 88 -12.95 -2.42 -85.98
N PRO ZE 89 -12.48 -3.42 -86.67
CA PRO ZE 89 -11.61 -3.31 -87.80
C PRO ZE 89 -12.29 -2.59 -88.94
N GLU ZE 90 -13.60 -2.76 -89.03
CA GLU ZE 90 -14.38 -2.87 -90.22
C GLU ZE 90 -14.02 -1.83 -91.23
N CYS ZE 91 -14.11 -2.21 -92.50
CA CYS ZE 91 -13.66 -1.37 -93.61
C CYS ZE 91 -14.81 -0.73 -94.37
N ILE ZE 92 -14.82 0.59 -94.53
CA ILE ZE 92 -15.89 1.24 -95.32
C ILE ZE 92 -15.24 2.06 -96.41
N HIS ZE 93 -15.97 2.31 -97.49
CA HIS ZE 93 -15.38 3.06 -98.59
C HIS ZE 93 -15.03 4.49 -98.23
N ASP ZE 94 -13.90 5.01 -98.80
CA ASP ZE 94 -13.26 6.21 -98.37
C ASP ZE 94 -14.22 7.35 -98.47
N LEU ZE 95 -15.12 7.29 -99.47
CA LEU ZE 95 -15.85 8.41 -100.04
C LEU ZE 95 -16.82 8.99 -99.08
N LEU ZE 96 -17.48 8.11 -98.32
CA LEU ZE 96 -18.77 8.28 -97.70
C LEU ZE 96 -18.66 9.33 -96.65
N PHE ZE 97 -17.42 9.57 -96.22
CA PHE ZE 97 -17.18 10.70 -95.37
C PHE ZE 97 -17.37 11.94 -96.20
N CYS ZE 98 -18.13 12.92 -95.68
CA CYS ZE 98 -18.91 12.72 -94.50
C CYS ZE 98 -20.31 12.56 -95.01
N ASP ZE 99 -21.19 11.92 -94.22
CA ASP ZE 99 -22.60 12.13 -94.36
C ASP ZE 99 -22.86 13.51 -93.84
N GLY ZE 100 -21.99 13.92 -92.91
CA GLY ZE 100 -22.26 14.95 -91.94
C GLY ZE 100 -22.48 14.18 -90.69
N GLU ZE 101 -23.08 12.98 -90.87
CA GLU ZE 101 -23.51 12.07 -89.84
C GLU ZE 101 -22.54 10.93 -89.81
N LYS ZE 102 -22.63 10.08 -88.77
CA LYS ZE 102 -21.66 9.05 -88.69
C LYS ZE 102 -21.99 8.04 -89.75
N ASP ZE 103 -21.09 7.96 -90.74
CA ASP ZE 103 -21.25 6.94 -91.72
C ASP ZE 103 -21.20 5.68 -90.95
N CYS ZE 104 -20.28 5.65 -89.96
CA CYS ZE 104 -19.97 4.42 -89.32
C CYS ZE 104 -20.99 4.07 -88.29
N ARG ZE 105 -21.08 2.76 -88.00
CA ARG ZE 105 -21.90 2.25 -86.93
C ARG ZE 105 -21.32 2.69 -85.63
N ASP ZE 106 -19.98 2.52 -85.55
CA ASP ZE 106 -19.05 2.68 -84.46
C ASP ZE 106 -19.04 4.09 -84.06
N GLY ZE 107 -19.07 4.98 -85.06
CA GLY ZE 107 -19.01 6.38 -84.77
C GLY ZE 107 -17.62 6.62 -84.30
N SER ZE 108 -16.64 5.96 -84.93
CA SER ZE 108 -15.32 6.08 -84.44
C SER ZE 108 -14.91 7.47 -84.76
N ASP ZE 109 -15.58 8.01 -85.79
CA ASP ZE 109 -15.22 9.19 -86.49
C ASP ZE 109 -15.21 10.33 -85.51
N GLU ZE 110 -16.25 10.34 -84.67
CA GLU ZE 110 -16.72 11.47 -83.90
C GLU ZE 110 -15.65 11.82 -82.93
N ASP ZE 111 -14.82 10.81 -82.65
CA ASP ZE 111 -13.64 10.88 -81.83
C ASP ZE 111 -12.70 11.84 -82.47
N PRO ZE 112 -12.05 12.54 -81.62
CA PRO ZE 112 -11.10 13.62 -81.94
C PRO ZE 112 -9.94 13.26 -82.87
N GLU ZE 113 -9.34 12.09 -82.70
CA GLU ZE 113 -8.21 11.68 -83.55
C GLU ZE 113 -8.57 11.71 -85.04
N THR ZE 114 -9.85 11.87 -85.34
CA THR ZE 114 -10.32 11.89 -86.71
C THR ZE 114 -10.70 13.28 -87.15
N CYS ZE 115 -11.42 13.98 -86.28
CA CYS ZE 115 -11.86 15.34 -86.55
C CYS ZE 115 -10.86 16.40 -86.17
N SER ZE 116 -9.64 15.97 -85.82
CA SER ZE 116 -8.65 16.76 -85.14
C SER ZE 116 -8.40 17.98 -85.92
N LEU ZE 117 -8.00 18.99 -85.16
CA LEU ZE 117 -7.52 20.27 -85.55
C LEU ZE 117 -6.18 20.22 -86.19
N ASN ZE 118 -5.22 19.55 -85.52
CA ASN ZE 118 -3.83 19.62 -85.92
C ASN ZE 118 -3.74 19.00 -87.28
N ILE ZE 119 -4.46 17.86 -87.44
CA ILE ZE 119 -4.32 17.05 -88.61
C ILE ZE 119 -4.64 17.93 -89.79
N THR ZE 120 -5.82 18.59 -89.74
CA THR ZE 120 -6.42 19.36 -90.77
C THR ZE 120 -5.58 20.56 -90.98
N HIS ZE 121 -4.88 20.95 -89.89
CA HIS ZE 121 -4.39 22.27 -89.66
C HIS ZE 121 -3.54 22.65 -90.82
N VAL ZE 122 -3.68 23.92 -91.19
CA VAL ZE 122 -3.09 24.43 -92.35
C VAL ZE 122 -1.74 24.94 -91.98
N GLY ZE 123 -0.81 24.91 -92.96
CA GLY ZE 123 0.41 25.67 -92.85
C GLY ZE 123 1.41 24.80 -92.16
N SER ZE 124 1.13 23.49 -92.18
CA SER ZE 124 2.10 22.45 -91.99
C SER ZE 124 2.91 22.40 -93.25
N SER ZE 125 4.26 22.32 -93.08
CA SER ZE 125 5.37 22.27 -94.00
C SER ZE 125 6.24 21.03 -93.82
N TYR ZE 126 6.53 20.36 -94.93
CA TYR ZE 126 7.34 19.17 -94.91
C TYR ZE 126 8.54 19.38 -95.81
N THR ZE 127 9.73 18.99 -95.33
CA THR ZE 127 10.95 19.11 -96.13
C THR ZE 127 11.88 17.93 -96.01
N GLY ZE 128 12.72 17.79 -97.01
CA GLY ZE 128 13.69 16.71 -97.03
C GLY ZE 128 14.73 17.07 -98.06
N LEU ZE 129 15.61 16.14 -98.39
CA LEU ZE 129 16.62 16.44 -99.39
C LEU ZE 129 16.23 15.78 -100.69
N ALA ZE 130 15.84 16.62 -101.64
CA ALA ZE 130 15.43 16.15 -102.94
C ALA ZE 130 16.63 15.77 -103.77
N THR ZE 131 16.62 14.55 -104.28
CA THR ZE 131 17.69 14.03 -105.12
C THR ZE 131 17.00 13.70 -106.44
N TRP ZE 132 17.24 14.54 -107.45
CA TRP ZE 132 16.58 14.38 -108.74
C TRP ZE 132 17.11 13.26 -109.61
N THR ZE 133 16.21 12.35 -109.99
CA THR ZE 133 16.66 11.34 -110.88
C THR ZE 133 16.91 12.18 -112.06
N SER ZE 134 15.85 12.92 -112.39
CA SER ZE 134 15.80 13.66 -113.61
C SER ZE 134 16.64 14.91 -113.65
N CYS ZE 135 16.07 16.00 -113.10
CA CYS ZE 135 16.52 17.30 -113.52
C CYS ZE 135 17.90 17.58 -113.03
N GLU ZE 136 18.16 17.31 -111.73
CA GLU ZE 136 19.09 18.13 -111.05
C GLU ZE 136 20.48 17.62 -111.26
N ASP ZE 137 21.19 18.35 -112.14
CA ASP ZE 137 22.54 18.09 -112.45
C ASP ZE 137 23.19 18.20 -111.13
N LEU ZE 138 22.80 19.24 -110.39
CA LEU ZE 138 23.54 19.49 -109.21
C LEU ZE 138 23.09 18.60 -108.12
N ASN ZE 139 23.78 18.82 -106.99
CA ASN ZE 139 23.85 18.08 -105.77
C ASN ZE 139 22.59 18.33 -105.03
N PRO ZE 140 22.01 17.24 -104.63
CA PRO ZE 140 20.63 17.14 -104.27
C PRO ZE 140 20.35 18.16 -103.28
N ASP ZE 141 19.22 18.79 -103.50
CA ASP ZE 141 18.93 20.09 -102.90
C ASP ZE 141 17.74 19.94 -101.98
N HIS ZE 142 17.45 20.98 -101.21
CA HIS ZE 142 16.35 20.93 -100.28
C HIS ZE 142 15.00 21.22 -100.88
N ALA ZE 143 14.06 20.31 -100.64
CA ALA ZE 143 12.70 20.46 -101.14
C ALA ZE 143 11.77 20.79 -99.96
N ILE ZE 144 10.81 21.68 -100.20
CA ILE ZE 144 9.89 22.08 -99.15
C ILE ZE 144 8.47 22.26 -99.62
N VAL ZE 145 7.61 21.32 -99.28
CA VAL ZE 145 6.22 21.43 -99.67
C VAL ZE 145 5.50 21.87 -98.44
N THR ZE 146 4.93 23.07 -98.50
CA THR ZE 146 4.21 23.65 -97.37
C THR ZE 146 2.77 24.09 -97.74
N ILE ZE 147 1.80 23.79 -96.85
CA ILE ZE 147 0.37 24.07 -97.07
C ILE ZE 147 -0.02 25.53 -96.86
N THR ZE 148 -0.61 26.15 -97.90
CA THR ZE 148 -0.98 27.58 -97.83
C THR ZE 148 -2.40 27.91 -97.47
N ALA ZE 149 -3.31 26.97 -97.66
CA ALA ZE 149 -4.69 27.19 -97.31
C ALA ZE 149 -5.42 25.90 -97.56
N ALA ZE 150 -6.47 25.62 -96.78
CA ALA ZE 150 -7.19 24.38 -96.98
C ALA ZE 150 -8.56 24.35 -96.32
N HIS ZE 151 -9.57 23.97 -97.14
CA HIS ZE 151 -10.93 24.30 -96.83
C HIS ZE 151 -11.44 23.52 -95.67
N ARG ZE 152 -11.96 24.28 -94.71
CA ARG ZE 152 -12.78 23.65 -93.76
C ARG ZE 152 -14.12 24.22 -93.93
N LYS ZE 153 -15.08 23.46 -93.40
CA LYS ZE 153 -16.16 24.14 -92.84
C LYS ZE 153 -16.07 23.86 -91.41
N SER ZE 154 -17.26 23.86 -90.85
CA SER ZE 154 -17.42 23.70 -89.46
C SER ZE 154 -17.14 22.28 -89.06
N PHE ZE 155 -17.94 21.35 -89.65
CA PHE ZE 155 -18.23 20.15 -88.92
C PHE ZE 155 -17.16 19.19 -89.01
N PHE ZE 156 -16.33 19.45 -90.02
CA PHE ZE 156 -16.09 18.58 -91.11
C PHE ZE 156 -15.07 17.64 -90.57
N PRO ZE 157 -15.31 16.37 -90.44
CA PRO ZE 157 -14.35 15.59 -89.74
C PRO ZE 157 -13.08 15.55 -90.53
N ASN ZE 158 -13.15 15.86 -91.85
CA ASN ZE 158 -12.47 15.09 -92.89
C ASN ZE 158 -11.31 15.82 -93.47
N ARG ZE 159 -11.02 15.47 -94.76
CA ARG ZE 159 -9.85 15.89 -95.46
C ARG ZE 159 -10.15 17.10 -96.23
N VAL ZE 160 -9.13 17.94 -96.18
CA VAL ZE 160 -9.06 19.24 -96.72
C VAL ZE 160 -8.67 19.03 -98.11
N TRP ZE 161 -8.96 20.09 -98.86
CA TRP ZE 161 -8.84 20.21 -100.25
C TRP ZE 161 -8.24 21.54 -100.19
N LEU ZE 162 -7.05 21.63 -100.72
CA LEU ZE 162 -6.07 22.58 -100.21
C LEU ZE 162 -5.15 23.17 -101.25
N ARG ZE 163 -4.34 24.12 -100.79
CA ARG ZE 163 -3.37 24.77 -101.64
C ARG ZE 163 -2.07 24.87 -100.86
N ALA ZE 164 -0.97 24.70 -101.57
CA ALA ZE 164 0.35 24.73 -100.98
C ALA ZE 164 1.37 25.28 -101.96
N THR ZE 165 2.64 25.23 -101.54
CA THR ZE 165 3.76 25.72 -102.33
C THR ZE 165 4.89 24.71 -102.30
N LEU ZE 166 5.53 24.47 -103.43
CA LEU ZE 166 6.68 23.56 -103.48
C LEU ZE 166 7.90 24.41 -103.80
N SER ZE 167 8.88 24.42 -102.91
CA SER ZE 167 10.09 25.21 -103.14
C SER ZE 167 11.32 24.33 -103.05
N TYR ZE 168 12.24 24.48 -103.99
CA TYR ZE 168 13.48 23.70 -103.95
C TYR ZE 168 14.62 24.59 -104.40
N GLU ZE 169 15.74 24.56 -103.68
CA GLU ZE 169 16.91 25.37 -103.97
C GLU ZE 169 17.46 25.14 -105.37
N LEU ZE 170 17.87 26.23 -106.02
CA LEU ZE 170 18.63 26.11 -107.23
C LEU ZE 170 19.98 25.63 -106.87
N ASP ZE 171 20.68 26.51 -106.17
CA ASP ZE 171 21.88 26.08 -105.60
C ASP ZE 171 22.03 26.66 -104.27
N GLU ZE 172 23.09 26.13 -103.64
CA GLU ZE 172 23.87 26.68 -102.60
C GLU ZE 172 24.52 27.90 -103.13
N HIS ZE 173 25.08 27.79 -104.35
CA HIS ZE 173 25.85 28.90 -104.81
C HIS ZE 173 24.91 30.05 -104.98
N ASP ZE 174 23.94 29.80 -105.87
CA ASP ZE 174 23.18 30.80 -106.53
C ASP ZE 174 22.57 31.60 -105.43
N HIS ZE 175 22.16 30.84 -104.39
CA HIS ZE 175 21.27 31.20 -103.32
C HIS ZE 175 19.93 31.53 -103.93
N THR ZE 176 19.50 30.75 -104.92
CA THR ZE 176 18.20 31.05 -105.42
C THR ZE 176 17.31 29.91 -105.20
N VAL ZE 177 16.00 30.10 -105.57
CA VAL ZE 177 15.10 29.00 -105.26
C VAL ZE 177 13.74 29.09 -105.99
N SER ZE 178 13.31 27.98 -106.55
CA SER ZE 178 12.07 27.91 -107.30
C SER ZE 178 10.90 27.72 -106.38
N THR ZE 179 9.83 28.47 -106.64
CA THR ZE 179 8.63 28.37 -105.82
C THR ZE 179 7.38 28.33 -106.67
N THR ZE 180 6.85 27.12 -106.86
CA THR ZE 180 5.65 26.93 -107.67
C THR ZE 180 4.44 26.81 -106.72
N GLN ZE 181 3.31 27.40 -107.10
CA GLN ZE 181 2.10 27.30 -106.28
C GLN ZE 181 1.34 26.04 -106.68
N LEU ZE 182 0.70 25.38 -105.72
CA LEU ZE 182 0.00 24.14 -106.03
C LEU ZE 182 -1.43 24.13 -105.55
N ARG ZE 183 -2.20 23.18 -106.07
CA ARG ZE 183 -3.59 22.97 -105.70
C ARG ZE 183 -3.72 21.46 -105.51
N GLY ZE 184 -4.74 21.02 -104.80
CA GLY ZE 184 -4.90 19.59 -104.60
C GLY ZE 184 -5.67 19.25 -103.34
N PHE ZE 185 -5.58 17.99 -102.92
CA PHE ZE 185 -6.28 17.56 -101.72
C PHE ZE 185 -5.46 16.59 -100.93
N TYR ZE 186 -6.04 16.06 -99.87
CA TYR ZE 186 -5.36 15.08 -99.05
C TYR ZE 186 -6.31 13.91 -98.89
N ASN ZE 187 -5.84 12.72 -99.25
CA ASN ZE 187 -6.64 11.52 -99.18
C ASN ZE 187 -6.46 10.81 -97.84
N PHE ZE 188 -7.59 10.73 -97.13
CA PHE ZE 188 -7.69 10.18 -95.81
C PHE ZE 188 -7.28 8.78 -95.82
N GLY ZE 189 -7.86 8.07 -96.79
CA GLY ZE 189 -7.69 6.67 -96.98
C GLY ZE 189 -6.29 6.40 -97.40
N LYS ZE 190 -5.78 7.24 -98.31
CA LYS ZE 190 -4.51 7.05 -98.94
C LYS ZE 190 -3.38 7.40 -98.02
N ARG ZE 191 -3.67 8.33 -97.08
CA ARG ZE 191 -2.76 9.02 -96.21
C ARG ZE 191 -1.90 9.89 -97.07
N GLU ZE 192 -2.31 10.11 -98.28
CA GLU ZE 192 -1.43 10.73 -99.26
C GLU ZE 192 -1.81 12.15 -99.66
N LEU ZE 193 -0.80 12.99 -99.73
CA LEU ZE 193 -0.98 14.37 -100.08
C LEU ZE 193 -0.71 14.45 -101.60
N LEU ZE 194 -1.67 14.95 -102.36
CA LEU ZE 194 -1.49 15.04 -103.83
C LEU ZE 194 -1.64 16.46 -104.35
N LEU ZE 195 -0.54 17.10 -104.71
CA LEU ZE 195 -0.58 18.47 -105.18
C LEU ZE 195 -0.05 18.63 -106.60
N ALA ZE 196 -0.62 19.57 -107.33
CA ALA ZE 196 -0.21 19.85 -108.71
C ALA ZE 196 -0.14 21.34 -108.90
N PRO ZE 197 0.55 21.81 -109.94
CA PRO ZE 197 0.66 23.26 -110.20
C PRO ZE 197 -0.69 23.84 -110.56
N LEU ZE 198 -0.90 25.09 -110.00
CA LEU ZE 198 -2.22 25.60 -109.87
C LEU ZE 198 -2.70 25.74 -111.25
N LYS ZE 199 -1.82 26.34 -112.08
CA LYS ZE 199 -2.18 26.51 -113.43
C LYS ZE 199 -1.31 27.55 -114.02
N GLY ZE 200 -1.26 27.52 -115.36
CA GLY ZE 200 -1.35 28.70 -116.18
C GLY ZE 200 0.04 29.03 -116.50
N GLN ZE 201 0.90 28.28 -115.79
CA GLN ZE 201 2.32 28.08 -115.96
C GLN ZE 201 2.57 27.26 -117.21
N SER ZE 202 1.73 26.21 -117.36
CA SER ZE 202 1.59 25.07 -118.23
C SER ZE 202 2.67 24.09 -118.02
N GLU ZE 203 3.86 24.57 -117.63
CA GLU ZE 203 4.66 23.59 -117.00
C GLU ZE 203 4.66 24.02 -115.60
N GLY ZE 204 4.10 23.17 -114.73
CA GLY ZE 204 4.26 23.44 -113.35
C GLY ZE 204 4.62 22.10 -112.86
N TYR ZE 205 5.08 21.99 -111.61
CA TYR ZE 205 5.43 20.70 -111.14
C TYR ZE 205 4.61 20.46 -109.94
N GLY ZE 206 4.43 19.15 -109.63
CA GLY ZE 206 3.57 18.68 -108.59
C GLY ZE 206 4.32 17.66 -107.78
N VAL ZE 207 3.62 17.13 -106.77
CA VAL ZE 207 4.28 16.43 -105.67
C VAL ZE 207 3.32 15.48 -104.99
N ILE ZE 208 3.81 14.30 -104.65
CA ILE ZE 208 3.01 13.29 -103.97
C ILE ZE 208 3.73 12.94 -102.68
N CYS ZE 209 3.04 13.01 -101.54
CA CYS ZE 209 3.67 12.67 -100.28
C CYS ZE 209 2.85 11.65 -99.56
N ASP ZE 210 3.46 10.52 -99.21
CA ASP ZE 210 2.73 9.49 -98.48
C ASP ZE 210 3.12 9.61 -97.02
N PHE ZE 211 2.06 9.58 -96.24
CA PHE ZE 211 2.06 9.58 -94.85
C PHE ZE 211 2.85 8.38 -94.37
N ASN ZE 212 2.53 7.16 -94.88
CA ASN ZE 212 2.21 6.12 -93.95
C ASN ZE 212 3.44 5.44 -93.47
N LEU ZE 213 4.16 6.17 -92.62
CA LEU ZE 213 4.79 5.61 -91.49
C LEU ZE 213 3.67 5.24 -90.58
N GLY ZE 214 2.59 6.04 -90.59
CA GLY ZE 214 1.68 6.11 -89.49
C GLY ZE 214 2.05 7.38 -88.77
N ASP ZE 215 3.23 7.91 -89.06
CA ASP ZE 215 3.51 9.09 -88.34
C ASP ZE 215 2.82 10.21 -89.04
N ASP ZE 216 2.76 11.35 -88.31
CA ASP ZE 216 2.37 12.66 -88.75
C ASP ZE 216 3.39 13.24 -89.65
N ASP ZE 217 4.54 13.36 -88.99
CA ASP ZE 217 5.57 14.30 -89.26
C ASP ZE 217 6.16 13.86 -90.52
N HIS ZE 218 6.24 12.54 -90.63
CA HIS ZE 218 7.20 12.01 -91.60
C HIS ZE 218 6.46 11.54 -92.85
N ALA ZE 219 7.05 11.78 -94.02
CA ALA ZE 219 6.43 11.38 -95.26
C ALA ZE 219 7.45 11.04 -96.35
N ASP ZE 220 7.00 10.27 -97.32
CA ASP ZE 220 7.83 9.82 -98.43
C ASP ZE 220 7.41 10.59 -99.67
N CYS ZE 221 7.88 11.83 -99.78
CA CYS ZE 221 7.50 12.65 -100.91
C CYS ZE 221 8.27 12.44 -102.20
N LYS ZE 222 7.63 12.68 -103.34
CA LYS ZE 222 8.26 12.56 -104.64
C LYS ZE 222 7.74 13.63 -105.58
N ILE ZE 223 8.66 14.46 -106.08
CA ILE ZE 223 8.30 15.53 -106.99
C ILE ZE 223 8.00 14.90 -108.34
N VAL ZE 224 6.77 15.08 -108.80
CA VAL ZE 224 6.35 14.49 -110.07
C VAL ZE 224 6.07 15.50 -111.14
N VAL ZE 225 5.76 14.99 -112.32
CA VAL ZE 225 5.39 15.84 -113.41
C VAL ZE 225 3.88 15.70 -113.43
N PRO ZE 226 3.17 16.83 -113.34
CA PRO ZE 226 1.73 16.90 -113.19
C PRO ZE 226 0.96 16.26 -114.29
N SER ZE 227 1.58 16.16 -115.47
CA SER ZE 227 1.11 15.27 -116.47
C SER ZE 227 1.05 13.93 -115.82
N SER ZE 228 2.04 13.14 -116.21
CA SER ZE 228 1.84 11.73 -116.24
C SER ZE 228 1.85 11.19 -114.85
N LEU ZE 229 2.20 12.08 -113.89
CA LEU ZE 229 2.50 11.81 -112.50
C LEU ZE 229 3.78 11.02 -112.33
N PHE ZE 230 4.74 11.17 -113.26
CA PHE ZE 230 6.00 10.50 -113.38
C PHE ZE 230 7.00 11.19 -112.45
N VAL ZE 231 7.68 10.37 -111.64
CA VAL ZE 231 8.68 10.82 -110.66
C VAL ZE 231 9.91 11.59 -111.16
N CYS ZE 232 9.88 12.91 -111.04
CA CYS ZE 232 11.02 13.70 -111.49
C CYS ZE 232 12.15 13.63 -110.49
N ALA ZE 233 11.81 13.48 -109.22
CA ALA ZE 233 12.79 13.41 -108.14
C ALA ZE 233 12.11 12.89 -106.87
N HIS ZE 234 12.91 12.39 -105.93
CA HIS ZE 234 12.38 11.84 -104.69
C HIS ZE 234 13.08 12.44 -103.46
N PHE ZE 235 12.32 12.68 -102.40
CA PHE ZE 235 12.90 13.21 -101.16
C PHE ZE 235 12.06 12.77 -99.95
N ASN ZE 236 12.73 12.14 -98.98
CA ASN ZE 236 12.08 11.64 -97.78
C ASN ZE 236 11.95 12.83 -96.88
N ALA ZE 237 10.72 13.22 -96.53
CA ALA ZE 237 10.53 14.42 -95.73
C ALA ZE 237 10.10 14.29 -94.28
N GLN ZE 238 10.38 15.37 -93.55
CA GLN ZE 238 10.03 15.51 -92.14
C GLN ZE 238 9.31 16.83 -92.04
N ARG ZE 239 8.61 17.00 -90.93
CA ARG ZE 239 7.82 18.19 -90.73
C ARG ZE 239 8.38 19.21 -89.81
N TYR ZE 240 8.33 20.50 -90.19
CA TYR ZE 240 9.46 21.06 -90.94
C TYR ZE 240 10.54 20.10 -90.63
N LEU AF 47 3.70 18.81 -20.16
CA LEU AF 47 4.89 18.47 -19.33
C LEU AF 47 5.41 17.14 -19.74
N ASP AF 48 5.45 16.20 -18.78
CA ASP AF 48 6.00 14.87 -19.08
C ASP AF 48 5.24 14.00 -20.08
N PRO AF 49 3.89 14.10 -20.12
CA PRO AF 49 3.11 13.29 -21.05
C PRO AF 49 3.14 13.74 -22.53
N ARG AF 50 2.73 14.97 -22.80
CA ARG AF 50 2.70 15.48 -24.17
C ARG AF 50 4.10 15.52 -24.81
N LEU AF 51 5.14 15.55 -23.98
CA LEU AF 51 6.52 15.58 -24.47
C LEU AF 51 7.14 14.18 -24.52
N GLY AF 52 6.81 13.34 -23.54
CA GLY AF 52 7.34 11.99 -23.50
C GLY AF 52 6.61 11.10 -24.50
N ALA AF 53 5.46 11.57 -24.98
CA ALA AF 53 4.66 10.83 -25.96
C ALA AF 53 4.99 11.34 -27.36
N ASN AF 54 5.34 12.62 -27.45
CA ASN AF 54 5.70 13.23 -28.72
C ASN AF 54 6.92 12.50 -29.27
N ALA AF 55 7.42 11.56 -28.48
CA ALA AF 55 8.57 10.76 -28.86
C ALA AF 55 8.10 9.52 -29.64
N PHE AF 56 7.10 8.82 -29.10
CA PHE AF 56 6.55 7.64 -29.77
C PHE AF 56 6.14 8.06 -31.17
N LEU AF 57 6.07 9.38 -31.37
CA LEU AF 57 5.69 9.97 -32.65
C LEU AF 57 6.95 10.09 -33.50
N ILE AF 58 8.05 10.46 -32.87
CA ILE AF 58 9.33 10.60 -33.57
C ILE AF 58 9.95 9.25 -33.88
N ILE AF 59 9.87 8.34 -32.93
CA ILE AF 59 10.43 7.01 -33.14
C ILE AF 59 9.86 6.45 -34.43
N ARG AF 60 8.61 6.81 -34.72
CA ARG AF 60 7.95 6.34 -35.93
C ARG AF 60 8.76 6.81 -37.13
N LEU AF 61 8.95 8.13 -37.23
CA LEU AF 61 9.69 8.69 -38.34
C LEU AF 61 11.04 8.01 -38.53
N ASP AF 62 11.58 7.45 -37.45
CA ASP AF 62 12.87 6.78 -37.51
C ASP AF 62 12.77 5.49 -38.32
N ARG AF 63 11.73 4.69 -38.08
CA ARG AF 63 11.54 3.46 -38.82
C ARG AF 63 11.16 3.85 -40.24
N ILE AF 64 10.31 4.86 -40.36
CA ILE AF 64 9.85 5.34 -41.67
C ILE AF 64 11.01 5.75 -42.55
N ILE AF 65 11.78 6.72 -42.06
CA ILE AF 65 12.92 7.22 -42.79
C ILE AF 65 13.82 6.06 -43.22
N GLU AF 66 13.93 5.04 -42.37
CA GLU AF 66 14.78 3.88 -42.68
C GLU AF 66 14.19 3.07 -43.81
N LYS AF 67 12.92 2.68 -43.67
CA LYS AF 67 12.23 1.89 -44.69
C LYS AF 67 12.31 2.67 -46.00
N LEU AF 68 12.24 3.99 -45.87
CA LEU AF 68 12.29 4.88 -47.02
C LEU AF 68 13.63 4.74 -47.76
N ARG AF 69 14.69 4.39 -47.03
CA ARG AF 69 16.00 4.19 -47.62
C ARG AF 69 15.94 3.00 -48.56
N THR AF 70 15.27 1.94 -48.11
CA THR AF 70 15.12 0.73 -48.89
C THR AF 70 14.40 1.03 -50.21
N LYS AF 71 13.39 1.88 -50.15
CA LYS AF 71 12.64 2.25 -51.35
C LYS AF 71 13.50 3.01 -52.33
N LEU AF 72 14.34 3.89 -51.82
CA LEU AF 72 15.21 4.67 -52.71
C LEU AF 72 16.21 3.74 -53.37
N ASP AF 73 16.39 2.55 -52.80
CA ASP AF 73 17.31 1.57 -53.35
C ASP AF 73 16.60 0.80 -54.45
N GLU AF 74 15.31 0.51 -54.22
CA GLU AF 74 14.49 -0.20 -55.20
C GLU AF 74 14.28 0.71 -56.40
N ALA AF 75 14.12 1.99 -56.13
CA ALA AF 75 13.88 2.99 -57.16
C ALA AF 75 15.04 3.17 -58.15
N GLU AF 76 16.26 3.01 -57.66
CA GLU AF 76 17.44 3.17 -58.52
C GLU AF 76 17.55 2.02 -59.54
N LYS AF 77 16.91 0.89 -59.23
CA LYS AF 77 16.93 -0.29 -60.11
C LYS AF 77 15.94 -0.16 -61.27
N ILE AF 78 14.85 0.52 -61.07
CA ILE AF 78 14.05 0.67 -62.24
C ILE AF 78 14.17 2.09 -62.66
N ASP AF 79 15.06 2.39 -63.63
CA ASP AF 79 14.94 3.71 -64.19
C ASP AF 79 14.04 3.56 -65.32
N PRO AF 80 12.98 4.21 -65.17
CA PRO AF 80 12.14 4.55 -66.32
C PRO AF 80 12.92 5.12 -67.51
N GLU AF 81 13.58 6.26 -67.32
CA GLU AF 81 14.36 6.87 -68.41
C GLU AF 81 15.27 5.86 -69.07
N HIS AF 82 15.55 4.76 -68.38
CA HIS AF 82 16.40 3.70 -68.91
C HIS AF 82 15.55 2.74 -69.71
N PHE AF 83 14.50 2.21 -69.08
CA PHE AF 83 13.60 1.29 -69.73
C PHE AF 83 13.11 1.86 -71.05
N VAL AF 84 12.60 3.10 -71.01
CA VAL AF 84 12.11 3.73 -72.22
C VAL AF 84 13.17 3.65 -73.31
N SER AF 85 14.42 3.94 -72.94
CA SER AF 85 15.51 3.88 -73.89
C SER AF 85 15.65 2.48 -74.48
N GLU AF 86 15.40 1.46 -73.67
CA GLU AF 86 15.49 0.09 -74.15
C GLU AF 86 14.46 -0.13 -75.24
N ILE AF 87 13.26 0.38 -75.03
CA ILE AF 87 12.23 0.23 -76.03
C ILE AF 87 12.60 1.02 -77.25
N ASP AF 88 13.01 2.27 -77.10
CA ASP AF 88 13.40 3.06 -78.27
C ASP AF 88 14.34 2.24 -79.12
N ALA AF 89 15.48 1.89 -78.55
CA ALA AF 89 16.46 1.11 -79.29
C ALA AF 89 15.84 -0.19 -79.81
N ARG AF 90 15.07 -0.85 -78.96
CA ARG AF 90 14.43 -2.11 -79.33
C ARG AF 90 13.62 -1.94 -80.62
N VAL AF 91 12.90 -0.84 -80.70
CA VAL AF 91 12.06 -0.55 -81.82
C VAL AF 91 12.84 -0.03 -82.98
N THR AF 92 13.75 0.89 -82.74
CA THR AF 92 14.55 1.44 -83.82
C THR AF 92 15.19 0.28 -84.57
N LYS AF 93 15.49 -0.79 -83.84
CA LYS AF 93 16.09 -1.99 -84.40
C LYS AF 93 15.16 -2.64 -85.42
N ILE AF 94 13.86 -2.50 -85.20
CA ILE AF 94 12.87 -3.06 -86.11
C ILE AF 94 12.66 -2.14 -87.28
N GLU AF 95 12.53 -0.85 -86.97
CA GLU AF 95 12.34 0.18 -87.97
C GLU AF 95 13.58 0.17 -88.86
N GLY AF 96 15.88 -1.35 -92.74
CA GLY AF 96 17.00 -1.66 -93.60
C GLY AF 96 17.64 -0.37 -94.05
N THR AF 97 18.72 -0.48 -94.84
CA THR AF 97 19.27 0.75 -95.27
C THR AF 97 18.68 1.14 -96.58
N HIS AF 98 18.36 2.44 -96.67
CA HIS AF 98 18.07 3.09 -97.91
C HIS AF 98 19.35 3.13 -98.62
N CYS AF 99 20.43 3.38 -97.86
CA CYS AF 99 21.69 3.73 -98.45
C CYS AF 99 22.34 2.49 -98.92
N GLU AF 100 23.50 2.72 -99.56
CA GLU AF 100 24.24 1.64 -100.09
C GLU AF 100 25.28 1.29 -99.12
N LYS AF 101 25.75 0.04 -99.22
CA LYS AF 101 26.51 -0.39 -98.11
C LYS AF 101 27.82 0.29 -98.10
N ARG AF 102 28.33 0.50 -96.87
CA ARG AF 102 29.56 1.19 -96.64
C ARG AF 102 29.38 2.55 -97.16
N THR AF 103 28.20 3.08 -96.92
CA THR AF 103 27.85 4.49 -97.02
C THR AF 103 27.25 4.99 -95.73
N PHE AF 104 27.41 6.29 -95.48
CA PHE AF 104 26.92 6.91 -94.25
C PHE AF 104 25.71 7.79 -94.44
N GLN AF 105 24.64 7.49 -93.70
CA GLN AF 105 23.40 8.24 -93.79
C GLN AF 105 23.43 9.46 -92.91
N CYS AF 106 23.15 10.65 -93.48
CA CYS AF 106 23.21 11.86 -92.71
C CYS AF 106 22.00 11.95 -91.86
N GLY AF 107 21.89 13.11 -91.20
CA GLY AF 107 20.95 13.30 -90.15
C GLY AF 107 19.66 13.77 -90.75
N GLY AF 108 18.82 14.40 -89.91
CA GLY AF 108 17.44 14.62 -90.21
C GLY AF 108 17.33 15.58 -91.36
N ASN AF 109 18.20 16.60 -91.33
CA ASN AF 109 18.03 17.80 -92.12
C ASN AF 109 17.98 17.49 -93.58
N GLU AF 110 19.06 16.91 -94.08
CA GLU AF 110 18.92 16.49 -95.43
C GLU AF 110 18.81 15.03 -95.28
N GLN AF 111 19.13 14.37 -96.38
CA GLN AF 111 19.10 12.98 -96.46
C GLN AF 111 20.06 12.72 -97.56
N GLU AF 112 21.28 12.30 -97.20
CA GLU AF 112 22.25 12.13 -98.22
C GLU AF 112 23.07 10.98 -97.80
N CYS AF 113 23.67 10.27 -98.79
CA CYS AF 113 24.73 9.27 -98.59
C CYS AF 113 26.19 9.70 -98.76
N ILE AF 114 27.06 9.25 -97.83
CA ILE AF 114 28.49 9.59 -97.88
C ILE AF 114 29.35 8.36 -97.75
N SER AF 115 30.42 8.27 -98.53
CA SER AF 115 31.29 7.11 -98.45
C SER AF 115 32.01 7.08 -97.13
N ASP AF 116 32.09 5.86 -96.51
CA ASP AF 116 32.43 5.73 -95.13
C ASP AF 116 33.74 6.34 -94.80
N LEU AF 117 34.80 5.98 -95.55
CA LEU AF 117 36.11 6.38 -95.15
C LEU AF 117 36.16 7.87 -95.22
N LEU AF 118 35.51 8.39 -96.27
CA LEU AF 118 35.60 9.79 -96.49
C LEU AF 118 34.90 10.51 -95.38
N VAL AF 119 33.74 9.98 -94.93
CA VAL AF 119 32.87 10.63 -93.98
C VAL AF 119 33.47 10.69 -92.61
N CYS AF 120 34.23 9.65 -92.20
CA CYS AF 120 34.91 9.71 -90.94
C CYS AF 120 36.29 10.16 -91.24
N ASP AF 121 36.40 11.43 -91.65
CA ASP AF 121 37.70 11.96 -91.92
C ASP AF 121 38.38 12.02 -90.60
N GLY AF 122 37.59 12.40 -89.58
CA GLY AF 122 38.11 12.75 -88.28
C GLY AF 122 37.94 14.22 -88.17
N HIS AF 123 37.94 14.88 -89.35
CA HIS AF 123 37.49 16.24 -89.62
C HIS AF 123 36.10 16.07 -90.17
N LYS AF 124 35.30 17.18 -90.24
CA LYS AF 124 33.92 17.01 -90.60
C LYS AF 124 33.81 16.58 -92.02
N ASP AF 125 33.11 15.47 -92.23
CA ASP AF 125 32.75 15.04 -93.56
C ASP AF 125 31.88 16.13 -94.15
N CYS AF 126 30.82 16.50 -93.42
CA CYS AF 126 29.84 17.32 -94.01
C CYS AF 126 29.72 18.56 -93.24
N HIS AF 127 28.89 19.41 -93.82
CA HIS AF 127 28.61 20.70 -93.32
C HIS AF 127 28.13 20.48 -91.91
N ASN AF 128 27.07 19.67 -91.74
CA ASN AF 128 26.16 19.84 -90.64
C ASN AF 128 26.90 19.92 -89.34
N ALA AF 129 27.68 18.89 -88.90
CA ALA AF 129 27.87 17.60 -89.50
C ALA AF 129 27.24 16.66 -88.55
N HIS AF 130 26.82 15.49 -89.05
CA HIS AF 130 26.16 14.51 -88.25
C HIS AF 130 27.09 14.10 -87.17
N ASP AF 131 28.35 13.81 -87.60
CA ASP AF 131 29.44 13.20 -86.88
C ASP AF 131 29.84 14.07 -85.73
N GLU AF 132 29.89 15.40 -85.98
CA GLU AF 132 30.50 16.40 -85.15
C GLU AF 132 29.77 16.46 -83.83
N ASP AF 133 28.44 16.19 -83.87
CA ASP AF 133 27.58 16.22 -82.72
C ASP AF 133 28.02 15.16 -81.74
N PRO AF 134 28.04 15.56 -80.49
CA PRO AF 134 28.86 14.97 -79.48
C PRO AF 134 28.42 13.62 -79.05
N ASP AF 135 27.12 13.33 -79.30
CA ASP AF 135 26.34 12.21 -78.86
C ASP AF 135 26.79 10.94 -79.48
N VAL AF 136 27.10 10.98 -80.79
CA VAL AF 136 27.60 9.84 -81.47
C VAL AF 136 29.04 9.63 -81.17
N CYS AF 137 29.82 10.72 -81.11
CA CYS AF 137 31.25 10.60 -81.17
C CYS AF 137 31.74 10.04 -79.86
N ASP AF 138 30.87 10.13 -78.83
CA ASP AF 138 31.16 9.98 -77.44
C ASP AF 138 31.89 8.70 -77.21
N THR AF 139 33.12 8.86 -76.71
CA THR AF 139 34.09 7.83 -76.69
C THR AF 139 33.66 6.76 -75.74
N SER AF 140 33.10 7.18 -74.60
CA SER AF 140 33.09 6.35 -73.44
C SER AF 140 32.39 5.07 -73.72
N VAL AF 141 31.13 5.13 -74.24
CA VAL AF 141 30.32 3.95 -74.33
C VAL AF 141 31.08 2.97 -75.16
N VAL AF 142 31.69 3.46 -76.24
CA VAL AF 142 32.31 2.68 -77.28
C VAL AF 142 33.45 1.94 -76.73
N LYS AF 143 34.09 2.52 -75.70
CA LYS AF 143 35.46 2.28 -75.36
C LYS AF 143 35.63 0.85 -74.97
N ALA AF 144 36.75 0.23 -75.38
CA ALA AF 144 36.88 -1.14 -75.10
C ALA AF 144 37.46 -1.28 -73.74
N GLY AF 145 37.90 -2.53 -73.47
CA GLY AF 145 38.32 -2.97 -72.18
C GLY AF 145 37.18 -3.71 -71.60
N ASN AF 146 36.07 -3.80 -72.35
CA ASN AF 146 34.91 -4.48 -71.82
C ASN AF 146 35.14 -5.97 -71.95
N VAL AF 147 34.48 -6.79 -71.10
CA VAL AF 147 34.36 -8.21 -71.27
C VAL AF 147 32.96 -8.59 -71.75
N PHE AF 148 32.92 -9.41 -72.78
CA PHE AF 148 31.66 -9.85 -73.34
C PHE AF 148 31.55 -11.36 -73.26
N SER AF 149 30.41 -11.84 -72.74
CA SER AF 149 30.20 -13.27 -72.62
C SER AF 149 28.89 -13.59 -73.30
N GLY AF 150 28.62 -14.89 -73.45
CA GLY AF 150 27.39 -15.30 -74.09
C GLY AF 150 27.51 -16.71 -74.60
N THR AF 151 26.40 -17.27 -75.01
CA THR AF 151 26.38 -18.63 -75.51
C THR AF 151 26.65 -18.71 -77.01
N SER AF 152 27.52 -19.63 -77.37
CA SER AF 152 27.91 -19.85 -78.75
C SER AF 152 27.27 -21.15 -79.20
N THR AF 153 26.22 -21.03 -80.00
CA THR AF 153 25.52 -22.20 -80.54
C THR AF 153 26.21 -22.50 -81.86
N TRP AF 154 26.67 -23.74 -82.01
CA TRP AF 154 27.36 -24.13 -83.22
C TRP AF 154 26.49 -24.86 -84.24
N HIS AF 155 26.79 -24.56 -85.52
CA HIS AF 155 26.53 -25.43 -86.62
C HIS AF 155 27.36 -26.65 -86.41
N GLY AF 156 28.46 -26.50 -85.65
CA GLY AF 156 29.26 -27.64 -85.34
C GLY AF 156 30.26 -27.82 -86.42
N CYS AF 157 30.95 -26.74 -86.80
CA CYS AF 157 32.20 -26.95 -87.45
C CYS AF 157 33.17 -27.50 -86.43
N LEU AF 158 33.00 -27.10 -85.17
CA LEU AF 158 33.80 -27.63 -84.12
C LEU AF 158 33.08 -28.81 -83.57
N ALA AF 159 33.86 -29.78 -83.07
CA ALA AF 159 33.33 -31.07 -82.77
C ALA AF 159 32.26 -30.86 -81.75
N ARG AF 160 32.57 -29.95 -80.79
CA ARG AF 160 32.23 -29.81 -79.38
C ARG AF 160 30.92 -29.12 -79.11
N GLU AF 161 30.23 -29.54 -78.03
CA GLU AF 161 28.85 -29.28 -77.70
C GLU AF 161 28.65 -27.79 -77.44
N ASP AF 162 27.39 -27.30 -77.29
CA ASP AF 162 27.30 -25.87 -77.24
C ASP AF 162 27.90 -25.41 -75.96
N HIS AF 163 28.13 -24.10 -75.87
CA HIS AF 163 29.00 -23.66 -74.79
C HIS AF 163 29.02 -22.16 -74.75
N VAL AF 164 29.85 -21.61 -73.87
CA VAL AF 164 29.96 -20.17 -73.75
C VAL AF 164 31.30 -19.64 -74.23
N THR AF 165 31.31 -18.42 -74.75
CA THR AF 165 32.53 -17.79 -75.22
C THR AF 165 32.68 -16.53 -74.41
N ARG AF 166 33.91 -16.09 -74.18
CA ARG AF 166 34.13 -14.90 -73.38
C ARG AF 166 35.16 -14.01 -74.02
N ILE AF 167 34.69 -13.05 -74.81
CA ILE AF 167 35.57 -12.12 -75.49
C ILE AF 167 35.91 -10.98 -74.55
N THR AF 168 37.19 -10.76 -74.31
CA THR AF 168 37.62 -9.69 -73.43
C THR AF 168 38.74 -8.87 -74.07
N ILE AF 169 38.48 -7.58 -74.24
CA ILE AF 169 39.44 -6.69 -74.87
C ILE AF 169 40.70 -6.51 -74.06
N THR AF 170 41.82 -6.91 -74.62
CA THR AF 170 43.12 -6.79 -73.95
C THR AF 170 43.65 -5.36 -74.04
N ALA AF 171 43.86 -4.86 -75.26
CA ALA AF 171 44.38 -3.50 -75.50
C ALA AF 171 43.67 -2.81 -76.65
N SER AF 172 43.93 -1.51 -76.83
CA SER AF 172 43.29 -0.74 -77.89
C SER AF 172 43.99 0.55 -78.28
N LYS AF 173 44.69 0.56 -79.41
CA LYS AF 173 45.40 1.75 -79.90
C LYS AF 173 44.51 2.49 -80.92
N ARG AF 174 44.80 3.78 -81.09
CA ARG AF 174 44.31 4.57 -82.17
C ARG AF 174 45.28 5.69 -82.26
N ARG AF 175 44.82 6.84 -82.74
CA ARG AF 175 45.63 7.97 -82.47
C ARG AF 175 45.24 8.44 -81.11
N LYS AF 176 45.53 9.71 -80.81
CA LYS AF 176 45.06 10.28 -79.59
C LYS AF 176 43.57 10.44 -79.66
N PHE AF 177 43.04 10.85 -80.84
CA PHE AF 177 41.66 11.24 -81.02
C PHE AF 177 40.74 10.09 -81.01
N PHE AF 178 41.22 8.98 -81.56
CA PHE AF 178 41.15 8.77 -82.97
C PHE AF 178 39.89 7.99 -83.18
N THR AF 179 38.85 8.61 -83.79
CA THR AF 179 37.58 7.97 -83.66
C THR AF 179 37.43 6.75 -84.52
N ALA AF 180 37.82 6.82 -85.82
CA ALA AF 180 37.08 6.07 -86.82
C ALA AF 180 37.23 4.65 -86.49
N ARG AF 181 38.51 4.34 -86.31
CA ARG AF 181 39.09 3.03 -86.33
C ARG AF 181 39.76 2.89 -85.04
N ILE AF 182 39.61 1.70 -84.50
CA ILE AF 182 40.20 1.38 -83.20
C ILE AF 182 40.87 0.02 -83.35
N TRP AF 183 42.19 0.00 -83.31
CA TRP AF 183 42.90 -1.25 -83.43
C TRP AF 183 42.92 -1.86 -82.05
N LEU AF 184 42.75 -3.18 -81.96
CA LEU AF 184 42.75 -3.79 -80.64
C LEU AF 184 43.14 -5.25 -80.56
N ARG AF 185 43.61 -5.64 -79.38
CA ARG AF 185 44.01 -7.01 -79.08
C ARG AF 185 42.98 -7.48 -78.07
N ALA AF 186 42.67 -8.78 -78.07
CA ALA AF 186 41.70 -9.30 -77.14
C ALA AF 186 41.90 -10.77 -76.87
N LEU AF 187 41.25 -11.25 -75.81
CA LEU AF 187 41.37 -12.63 -75.39
C LEU AF 187 40.08 -13.37 -75.50
N VAL AF 188 40.06 -14.42 -76.31
CA VAL AF 188 38.83 -15.18 -76.49
C VAL AF 188 38.94 -16.51 -75.77
N GLU AF 189 38.03 -16.75 -74.83
CA GLU AF 189 38.02 -18.00 -74.08
C GLU AF 189 36.71 -18.73 -74.34
N SER AF 190 36.80 -20.05 -74.21
CA SER AF 190 35.60 -20.79 -74.13
C SER AF 190 35.76 -21.73 -73.01
N GLU AF 191 34.61 -22.05 -72.45
CA GLU AF 191 34.50 -23.05 -71.40
C GLU AF 191 33.84 -24.32 -71.95
N LEU AF 192 34.67 -25.25 -72.39
CA LEU AF 192 34.18 -26.51 -72.94
C LEU AF 192 34.74 -27.71 -72.22
N GLU AF 193 33.99 -28.81 -72.24
CA GLU AF 193 34.40 -30.04 -71.59
C GLU AF 193 35.12 -30.98 -72.55
N ARG AF 194 36.35 -31.43 -72.13
CA ARG AF 194 37.14 -32.46 -72.76
C ARG AF 194 36.81 -33.68 -71.97
N HIS AF 195 37.42 -34.82 -72.32
CA HIS AF 195 37.30 -35.98 -71.49
C HIS AF 195 38.07 -35.74 -70.23
N GLY AF 196 37.39 -35.84 -69.08
CA GLY AF 196 37.92 -35.25 -67.91
C GLY AF 196 37.13 -34.00 -67.69
N GLU AF 197 37.64 -33.12 -66.81
CA GLU AF 197 36.91 -32.02 -66.29
C GLU AF 197 36.90 -30.91 -67.25
N ASN AF 198 36.12 -29.86 -66.83
CA ASN AF 198 36.01 -28.53 -67.44
C ASN AF 198 37.38 -27.92 -67.78
N VAL AF 199 37.56 -27.55 -69.05
CA VAL AF 199 38.80 -26.93 -69.53
C VAL AF 199 38.44 -25.56 -70.08
N THR AF 200 39.44 -24.80 -70.49
CA THR AF 200 39.18 -23.49 -71.06
C THR AF 200 40.13 -23.20 -72.21
N SER AF 201 39.53 -22.96 -73.37
CA SER AF 201 40.32 -22.74 -74.55
C SER AF 201 40.36 -21.28 -74.73
N SER AF 202 41.58 -20.76 -74.61
CA SER AF 202 41.81 -19.37 -74.77
C SER AF 202 42.75 -19.26 -75.91
N PHE AF 203 42.44 -18.35 -76.82
CA PHE AF 203 43.46 -17.86 -77.74
C PHE AF 203 43.50 -16.33 -77.78
N ASN AF 204 44.66 -15.80 -78.14
CA ASN AF 204 44.83 -14.37 -78.21
C ASN AF 204 44.44 -13.88 -79.59
N ALA AF 205 43.83 -12.71 -79.67
CA ALA AF 205 43.39 -12.17 -80.94
C ALA AF 205 43.78 -10.74 -81.15
N LYS AF 206 43.83 -10.34 -82.42
CA LYS AF 206 44.14 -8.97 -82.82
C LYS AF 206 43.08 -8.59 -83.83
N GLY AF 207 42.74 -7.31 -83.90
CA GLY AF 207 41.72 -6.88 -84.83
C GLY AF 207 41.41 -5.40 -84.76
N TYR AF 208 40.21 -5.04 -85.16
CA TYR AF 208 39.81 -3.64 -85.16
C TYR AF 208 38.30 -3.44 -84.95
N TYR AF 209 37.93 -2.20 -84.65
CA TYR AF 209 36.54 -1.83 -84.45
C TYR AF 209 36.25 -0.72 -85.41
N ASN AF 210 35.15 -0.86 -86.14
CA ASN AF 210 34.75 0.12 -87.13
C ASN AF 210 33.48 0.81 -86.69
N PHE AF 211 33.73 2.10 -86.42
CA PHE AF 211 32.88 3.01 -85.76
C PHE AF 211 31.67 2.95 -86.59
N ALA AF 212 31.90 3.22 -87.88
CA ALA AF 212 30.77 3.19 -88.71
C ALA AF 212 30.27 1.78 -88.84
N SER AF 213 31.16 0.78 -88.99
CA SER AF 213 30.69 -0.54 -89.34
C SER AF 213 29.77 -1.03 -88.29
N ARG AF 214 29.96 -0.49 -87.06
CA ARG AF 214 29.48 -1.07 -85.83
C ARG AF 214 29.88 -2.49 -85.86
N ARG AF 215 31.18 -2.74 -86.07
CA ARG AF 215 31.66 -4.12 -86.21
C ARG AF 215 32.97 -4.24 -85.45
N LEU AF 216 33.16 -5.39 -84.83
CA LEU AF 216 34.37 -5.65 -84.09
C LEU AF 216 34.89 -6.92 -84.72
N ILE AF 217 36.08 -6.89 -85.33
CA ILE AF 217 36.62 -8.11 -85.92
C ILE AF 217 37.84 -8.58 -85.15
N LEU AF 218 37.80 -9.82 -84.72
CA LEU AF 218 38.91 -10.37 -83.96
C LEU AF 218 39.47 -11.61 -84.63
N LEU AF 219 40.71 -11.51 -85.07
CA LEU AF 219 41.40 -12.61 -85.72
C LEU AF 219 42.41 -13.18 -84.76
N PRO AF 220 42.75 -14.45 -84.93
CA PRO AF 220 43.71 -15.10 -84.05
C PRO AF 220 45.12 -14.57 -84.30
N THR AF 221 45.96 -14.59 -83.27
CA THR AF 221 47.31 -14.28 -83.56
C THR AF 221 47.99 -15.53 -84.02
N ASP AF 222 49.32 -15.65 -83.78
CA ASP AF 222 50.04 -16.81 -84.22
C ASP AF 222 50.24 -17.69 -83.06
N ASP AF 223 49.37 -18.67 -83.19
CA ASP AF 223 48.90 -19.64 -82.30
C ASP AF 223 49.03 -20.83 -83.19
N HIS AF 224 49.21 -22.02 -82.63
CA HIS AF 224 49.11 -23.21 -83.44
C HIS AF 224 47.67 -23.63 -83.59
N ASP AF 225 46.83 -23.21 -82.63
CA ASP AF 225 45.45 -23.56 -82.55
C ASP AF 225 44.74 -23.04 -83.74
N ASP AF 226 45.03 -21.75 -83.97
CA ASP AF 226 44.47 -20.81 -84.90
C ASP AF 226 42.99 -21.02 -84.95
N HIS AF 227 42.33 -20.75 -83.79
CA HIS AF 227 40.92 -20.90 -83.61
C HIS AF 227 40.24 -19.69 -84.11
N LEU AF 228 39.07 -19.97 -84.71
CA LEU AF 228 38.60 -19.26 -85.84
C LEU AF 228 38.14 -17.97 -85.33
N ALA AF 229 37.98 -17.05 -86.28
CA ALA AF 229 37.92 -15.63 -86.00
C ALA AF 229 36.51 -15.28 -85.57
N VAL AF 230 36.40 -14.39 -84.58
CA VAL AF 230 35.10 -13.98 -84.08
C VAL AF 230 34.76 -12.63 -84.68
N VAL AF 231 33.47 -12.38 -84.86
CA VAL AF 231 33.01 -11.14 -85.43
C VAL AF 231 31.73 -10.67 -84.78
N CYS AF 232 31.76 -9.47 -84.21
CA CYS AF 232 30.61 -8.92 -83.54
C CYS AF 232 30.16 -7.60 -84.11
N SER AF 233 28.83 -7.42 -84.10
CA SER AF 233 28.21 -6.19 -84.54
C SER AF 233 27.43 -5.68 -83.33
N PHE AF 234 27.45 -4.32 -83.20
CA PHE AF 234 26.97 -3.33 -82.26
C PHE AF 234 25.49 -3.36 -81.94
N ASN AF 235 24.70 -2.98 -82.99
CA ASN AF 235 23.29 -2.76 -83.15
C ASN AF 235 22.76 -4.10 -82.89
N ARG AF 236 22.75 -4.35 -81.59
CA ARG AF 236 21.71 -4.69 -80.72
C ARG AF 236 20.82 -3.46 -80.48
N GLY AF 237 21.38 -2.23 -80.34
CA GLY AF 237 20.55 -1.06 -80.09
C GLY AF 237 20.73 -0.70 -78.64
N ASP AF 238 21.12 -1.71 -77.85
CA ASP AF 238 21.93 -1.49 -76.69
C ASP AF 238 23.27 -1.16 -77.27
N ASN AF 239 24.11 -0.40 -76.55
CA ASN AF 239 25.52 -0.42 -76.83
C ASN AF 239 26.09 -1.65 -76.28
N GLU AF 240 25.49 -2.11 -75.18
CA GLU AF 240 26.23 -3.03 -74.39
C GLU AF 240 26.46 -4.23 -75.23
N ARG AF 241 25.33 -4.72 -75.74
CA ARG AF 241 25.10 -5.99 -76.41
C ARG AF 241 25.54 -6.02 -77.86
N ALA AF 242 25.95 -7.20 -78.31
CA ALA AF 242 26.39 -7.35 -79.69
C ALA AF 242 26.06 -8.72 -80.24
N GLU AF 243 25.93 -8.81 -81.55
CA GLU AF 243 25.60 -10.04 -82.25
C GLU AF 243 26.87 -10.51 -82.89
N CYS AF 244 27.32 -11.72 -82.53
CA CYS AF 244 28.55 -12.25 -83.09
C CYS AF 244 28.42 -13.58 -83.85
N HIS AF 245 29.50 -13.93 -84.53
CA HIS AF 245 29.57 -15.15 -85.30
C HIS AF 245 31.00 -15.59 -85.37
N ARG AF 246 31.24 -16.89 -85.35
CA ARG AF 246 32.59 -17.39 -85.48
C ARG AF 246 32.69 -17.64 -86.96
N VAL AF 247 33.80 -17.28 -87.59
CA VAL AF 247 33.91 -17.47 -89.01
C VAL AF 247 35.30 -17.78 -89.50
N THR AF 248 35.45 -18.27 -90.72
CA THR AF 248 36.79 -18.50 -91.14
C THR AF 248 37.12 -17.35 -92.02
N GLU AF 249 38.41 -16.99 -92.16
CA GLU AF 249 38.81 -15.88 -92.98
C GLU AF 249 38.57 -16.21 -94.40
N ALA AF 250 39.10 -17.38 -94.77
CA ALA AF 250 39.18 -17.72 -96.15
C ALA AF 250 37.78 -17.86 -96.65
N THR AF 251 36.98 -18.71 -95.94
CA THR AF 251 35.65 -19.09 -96.28
C THR AF 251 34.79 -17.89 -96.13
N LEU AF 252 34.89 -17.26 -94.94
CA LEU AF 252 34.08 -16.13 -94.62
C LEU AF 252 32.67 -16.55 -94.60
N HIS AF 253 32.52 -17.81 -94.21
CA HIS AF 253 31.29 -18.36 -93.80
C HIS AF 253 31.09 -18.08 -92.34
N GLN AF 254 29.84 -18.29 -91.86
CA GLN AF 254 29.42 -18.37 -90.46
C GLN AF 254 29.31 -19.75 -89.86
N CYS AF 255 30.24 -20.07 -88.96
CA CYS AF 255 30.27 -21.36 -88.29
C CYS AF 255 29.39 -21.41 -87.05
N ALA AF 256 29.18 -20.26 -86.41
CA ALA AF 256 28.34 -20.24 -85.22
C ALA AF 256 27.78 -18.88 -84.87
N ASP AF 257 26.66 -18.92 -84.15
CA ASP AF 257 25.97 -17.72 -83.69
C ASP AF 257 26.32 -17.47 -82.23
N LEU AF 258 26.64 -16.23 -81.89
CA LEU AF 258 27.03 -15.90 -80.54
C LEU AF 258 26.50 -14.52 -80.14
N PHE AF 259 25.59 -14.47 -79.18
CA PHE AF 259 25.06 -13.19 -78.72
C PHE AF 259 25.69 -12.82 -77.37
N VAL AF 260 26.57 -11.83 -77.38
CA VAL AF 260 27.24 -11.41 -76.18
C VAL AF 260 26.61 -10.22 -75.50
N THR AF 261 26.98 -10.08 -74.24
CA THR AF 261 26.51 -9.01 -73.39
C THR AF 261 27.69 -8.58 -72.54
N LEU AF 262 27.83 -7.28 -72.35
CA LEU AF 262 28.91 -6.75 -71.55
C LEU AF 262 28.68 -7.11 -70.08
N GLU AF 263 29.70 -7.66 -69.42
CA GLU AF 263 29.50 -7.98 -68.05
C GLU AF 263 29.77 -6.76 -67.29
N GLU AF 264 29.05 -6.55 -66.18
CA GLU AF 264 29.29 -5.43 -65.33
C GLU AF 264 30.70 -5.53 -64.84
N HIS AF 265 31.41 -4.37 -64.79
CA HIS AF 265 32.77 -4.25 -64.34
C HIS AF 265 32.83 -4.50 -62.86
N ASP AF 266 31.85 -3.96 -62.10
CA ASP AF 266 31.86 -4.31 -60.70
C ASP AF 266 31.16 -5.63 -60.40
N GLN BF 26 5.23 27.58 -19.35
CA GLN BF 26 6.03 28.70 -19.89
C GLN BF 26 7.33 28.17 -20.39
N SER BF 27 8.27 27.90 -19.47
CA SER BF 27 9.52 27.32 -19.83
C SER BF 27 9.24 25.98 -20.33
N HIS BF 28 8.21 25.39 -19.71
CA HIS BF 28 7.98 24.07 -20.11
C HIS BF 28 7.51 24.19 -21.53
N ASP BF 29 6.55 25.11 -21.80
CA ASP BF 29 5.79 25.12 -23.04
C ASP BF 29 6.63 25.34 -24.25
N GLU BF 30 7.57 26.29 -24.15
CA GLU BF 30 8.25 26.78 -25.31
C GLU BF 30 8.92 25.60 -25.87
N ILE BF 31 9.49 24.80 -24.93
CA ILE BF 31 10.17 23.56 -25.18
C ILE BF 31 9.27 22.74 -26.04
N ILE BF 32 8.09 22.38 -25.51
CA ILE BF 32 7.44 21.16 -25.92
C ILE BF 32 7.05 21.20 -27.37
N ASP BF 33 6.72 22.39 -27.88
CA ASP BF 33 6.14 22.61 -29.18
C ASP BF 33 7.09 22.19 -30.28
N LYS BF 34 8.42 22.30 -30.03
CA LYS BF 34 9.48 22.30 -31.00
C LYS BF 34 9.39 21.08 -31.87
N LEU BF 35 9.37 19.90 -31.21
CA LEU BF 35 9.49 18.55 -31.70
C LEU BF 35 8.32 18.08 -32.53
N ILE BF 36 7.12 18.66 -32.38
CA ILE BF 36 6.03 18.16 -33.17
C ILE BF 36 6.21 18.45 -34.64
N GLU BF 37 6.41 19.74 -34.98
CA GLU BF 37 6.32 20.37 -36.29
C GLU BF 37 7.54 20.00 -37.12
N ARG BF 38 8.46 19.25 -36.50
CA ARG BF 38 9.67 18.80 -37.16
C ARG BF 38 9.49 17.32 -37.52
N THR BF 39 8.66 16.63 -36.74
CA THR BF 39 8.38 15.22 -36.97
C THR BF 39 7.64 15.12 -38.29
N ASN BF 40 6.79 16.10 -38.55
CA ASN BF 40 6.02 16.13 -39.78
C ASN BF 40 6.87 16.64 -40.94
N LYS BF 41 7.67 17.66 -40.66
CA LYS BF 41 8.53 18.25 -41.68
C LYS BF 41 9.42 17.19 -42.34
N ILE BF 42 9.50 16.02 -41.73
CA ILE BF 42 10.30 14.92 -42.27
C ILE BF 42 9.38 13.86 -42.82
N THR BF 43 8.28 13.60 -42.11
CA THR BF 43 7.30 12.62 -42.54
C THR BF 43 6.84 12.97 -43.95
N THR BF 44 7.13 14.20 -44.37
CA THR BF 44 6.77 14.65 -45.71
C THR BF 44 7.89 14.26 -46.66
N SER BF 45 9.11 14.70 -46.35
CA SER BF 45 10.26 14.38 -47.18
C SER BF 45 10.36 12.88 -47.37
N ILE BF 46 9.81 12.12 -46.43
CA ILE BF 46 9.83 10.67 -46.52
C ILE BF 46 8.86 10.20 -47.59
N SER BF 47 7.57 10.40 -47.37
CA SER BF 47 6.56 9.98 -48.33
C SER BF 47 6.79 10.64 -49.68
N HIS BF 48 7.53 11.74 -49.69
CA HIS BF 48 7.85 12.43 -50.93
C HIS BF 48 8.70 11.50 -51.82
N VAL BF 49 9.66 10.85 -51.20
CA VAL BF 49 10.54 9.93 -51.91
C VAL BF 49 9.78 8.65 -52.23
N GLU BF 50 9.06 8.12 -51.25
CA GLU BF 50 8.29 6.90 -51.44
C GLU BF 50 7.43 7.05 -52.69
N SER BF 51 7.18 8.29 -53.08
CA SER BF 51 6.39 8.55 -54.26
C SER BF 51 7.30 8.39 -55.48
N LEU BF 52 8.40 9.14 -55.50
CA LEU BF 52 9.34 9.08 -56.61
C LEU BF 52 9.77 7.66 -56.91
N LEU BF 53 9.79 6.82 -55.88
CA LEU BF 53 10.15 5.43 -56.03
C LEU BF 53 9.00 4.71 -56.72
N ASP BF 54 7.81 4.81 -56.13
CA ASP BF 54 6.63 4.17 -56.69
C ASP BF 54 6.45 4.56 -58.16
N ASP BF 55 6.96 5.74 -58.52
CA ASP BF 55 6.86 6.22 -59.89
C ASP BF 55 7.72 5.40 -60.86
N ARG BF 56 8.78 4.81 -60.37
CA ARG BF 56 9.65 4.01 -61.22
C ARG BF 56 9.27 2.53 -61.15
N LEU BF 57 8.36 2.19 -60.25
CA LEU BF 57 7.90 0.80 -60.12
C LEU BF 57 6.47 0.70 -60.63
N ASP BF 58 5.81 1.85 -60.80
CA ASP BF 58 4.37 1.90 -60.80
C ASP BF 58 3.88 1.01 -61.91
N PRO BF 59 2.92 0.15 -61.62
CA PRO BF 59 2.56 -0.97 -62.49
C PRO BF 59 2.01 -0.54 -63.85
N LYS BF 60 1.22 0.54 -63.85
CA LYS BF 60 0.64 1.05 -65.08
C LYS BF 60 1.76 1.38 -66.07
N ARG BF 61 2.92 1.76 -65.55
CA ARG BF 61 4.05 2.07 -66.42
C ARG BF 61 4.64 0.76 -66.93
N ILE BF 62 4.75 -0.23 -66.05
CA ILE BF 62 5.29 -1.54 -66.40
C ILE BF 62 4.60 -2.11 -67.61
N ARG BF 63 3.34 -2.51 -67.45
CA ARG BF 63 2.60 -3.08 -68.56
C ARG BF 63 2.74 -2.22 -69.80
N LYS BF 64 2.49 -0.92 -69.67
CA LYS BF 64 2.55 -0.02 -70.81
C LYS BF 64 3.87 -0.17 -71.56
N ALA BF 65 4.96 -0.35 -70.82
CA ALA BF 65 6.27 -0.52 -71.45
C ALA BF 65 6.41 -1.95 -71.96
N GLY BF 66 6.05 -2.90 -71.11
CA GLY BF 66 6.13 -4.30 -71.51
C GLY BF 66 5.32 -4.50 -72.77
N SER BF 67 4.18 -3.84 -72.83
CA SER BF 67 3.31 -3.91 -74.00
C SER BF 67 4.13 -3.53 -75.23
N LEU BF 68 4.88 -2.44 -75.12
CA LEU BF 68 5.71 -1.97 -76.22
C LEU BF 68 6.69 -3.07 -76.61
N ARG BF 69 7.31 -3.67 -75.59
CA ARG BF 69 8.25 -4.75 -75.85
C ARG BF 69 7.61 -5.75 -76.78
N HIS BF 70 6.41 -6.20 -76.45
CA HIS BF 70 5.73 -7.17 -77.27
C HIS BF 70 5.73 -6.77 -78.73
N ARG BF 71 5.18 -5.60 -79.04
CA ARG BF 71 5.15 -5.14 -80.44
C ARG BF 71 6.45 -5.45 -81.16
N VAL BF 72 7.56 -5.27 -80.45
CA VAL BF 72 8.87 -5.54 -81.00
C VAL BF 72 9.09 -7.05 -81.16
N GLU BF 73 8.81 -7.82 -80.11
CA GLU BF 73 8.96 -9.28 -80.15
C GLU BF 73 8.28 -9.85 -81.39
N GLU BF 74 7.23 -9.17 -81.84
CA GLU BF 74 6.46 -9.58 -83.01
C GLU BF 74 7.22 -9.33 -84.32
N LEU BF 75 8.06 -8.30 -84.34
CA LEU BF 75 8.84 -7.98 -85.53
C LEU BF 75 10.07 -8.86 -85.66
N GLU BF 76 9.88 -9.46 -87.15
CA GLU BF 76 11.14 -10.10 -87.36
C GLU BF 76 10.95 -11.58 -87.50
N ASP BF 77 12.02 -12.23 -88.03
CA ASP BF 77 12.14 -13.66 -88.06
C ASP BF 77 12.72 -14.06 -86.78
N PRO BF 78 11.87 -14.83 -86.22
CA PRO BF 78 11.73 -14.97 -84.84
C PRO BF 78 12.78 -15.86 -84.36
N SER BF 79 13.26 -15.46 -83.18
CA SER BF 79 14.19 -16.17 -82.40
C SER BF 79 13.62 -17.56 -82.35
N CYS BF 80 12.50 -17.74 -81.64
CA CYS BF 80 12.18 -19.09 -81.24
C CYS BF 80 11.40 -19.72 -82.35
N ASP BF 81 10.78 -20.92 -82.21
CA ASP BF 81 9.99 -21.21 -83.39
C ASP BF 81 8.63 -20.66 -83.19
N GLU BF 82 7.77 -20.90 -84.20
CA GLU BF 82 6.37 -20.75 -84.01
C GLU BF 82 6.09 -21.71 -82.89
N HIS BF 83 6.50 -22.98 -83.09
CA HIS BF 83 6.22 -23.95 -82.09
C HIS BF 83 6.99 -23.60 -80.88
N GLU BF 84 8.25 -23.22 -81.08
CA GLU BF 84 9.11 -23.11 -79.90
C GLU BF 84 8.89 -21.80 -79.15
N HIS BF 85 9.18 -21.82 -77.84
CA HIS BF 85 8.99 -20.66 -76.98
C HIS BF 85 10.31 -20.03 -76.62
N GLN BF 86 10.39 -18.71 -76.79
CA GLN BF 86 11.62 -17.99 -76.49
C GLN BF 86 11.64 -17.59 -75.04
N CYS BF 87 12.68 -18.09 -74.22
CA CYS BF 87 12.61 -18.03 -72.80
C CYS BF 87 12.76 -16.60 -72.42
N GLY BF 88 13.38 -15.85 -73.33
CA GLY BF 88 14.14 -14.71 -72.97
C GLY BF 88 15.54 -15.04 -73.33
N GLY BF 89 16.42 -14.04 -73.21
CA GLY BF 89 15.91 -12.79 -72.77
C GLY BF 89 17.04 -11.82 -72.71
N ASP BF 90 18.00 -12.09 -71.79
CA ASP BF 90 19.38 -11.79 -71.94
C ASP BF 90 20.03 -12.80 -72.85
N ASP BF 91 19.87 -14.09 -72.52
CA ASP BF 91 20.42 -15.10 -73.35
C ASP BF 91 19.22 -15.82 -73.85
N PRO BF 92 19.11 -15.96 -75.12
CA PRO BF 92 18.04 -16.69 -75.67
C PRO BF 92 18.31 -18.11 -75.46
N GLN BF 93 17.21 -18.87 -75.67
CA GLN BF 93 17.05 -20.25 -75.45
C GLN BF 93 15.72 -20.51 -76.02
N CYS BF 94 15.61 -21.57 -76.80
CA CYS BF 94 14.34 -22.03 -77.38
C CYS BF 94 13.89 -23.39 -76.82
N ILE BF 95 12.68 -23.45 -76.29
CA ILE BF 95 12.15 -24.71 -75.77
C ILE BF 95 10.79 -24.90 -76.41
N SER BF 96 10.29 -26.13 -76.43
CA SER BF 96 8.99 -26.36 -77.04
C SER BF 96 7.81 -25.71 -76.33
N LYS BF 97 6.84 -25.32 -77.18
CA LYS BF 97 5.62 -24.93 -76.56
C LYS BF 97 5.06 -26.10 -75.78
N LEU BF 98 5.28 -27.35 -76.22
CA LEU BF 98 4.73 -28.43 -75.45
C LEU BF 98 5.46 -28.50 -74.15
N PHE BF 99 6.73 -28.14 -74.27
CA PHE BF 99 7.88 -28.41 -73.47
C PHE BF 99 7.99 -27.71 -72.14
N VAL BF 100 7.83 -26.37 -72.11
CA VAL BF 100 7.38 -25.72 -70.91
C VAL BF 100 5.97 -26.22 -70.89
N CYS BF 101 5.22 -26.33 -69.77
CA CYS BF 101 5.49 -26.11 -68.38
C CYS BF 101 5.40 -27.46 -67.73
N ASP BF 102 6.43 -28.24 -68.03
CA ASP BF 102 6.64 -29.60 -67.67
C ASP BF 102 6.52 -29.67 -66.18
N GLY BF 103 7.15 -28.70 -65.51
CA GLY BF 103 7.29 -28.76 -64.09
C GLY BF 103 8.74 -28.95 -63.86
N HIS BF 104 9.44 -29.63 -64.79
CA HIS BF 104 10.85 -29.39 -64.79
C HIS BF 104 11.02 -28.02 -65.33
N ASN BF 105 12.15 -27.39 -64.96
CA ASN BF 105 12.49 -26.09 -65.45
C ASN BF 105 13.34 -26.31 -66.64
N ASP BF 106 12.83 -25.76 -67.75
CA ASP BF 106 13.50 -25.35 -68.95
C ASP BF 106 14.46 -24.25 -68.56
N CYS BF 107 13.95 -23.17 -67.93
CA CYS BF 107 14.62 -21.91 -68.02
C CYS BF 107 15.42 -21.63 -66.81
N ARG BF 108 16.67 -21.17 -67.07
CA ARG BF 108 17.53 -20.58 -66.10
C ARG BF 108 16.66 -19.56 -65.53
N ASN BF 109 16.11 -18.81 -66.49
CA ASN BF 109 15.34 -17.64 -66.33
C ASN BF 109 14.24 -18.06 -65.42
N GLY BF 110 13.56 -19.17 -65.78
CA GLY BF 110 12.51 -19.67 -64.97
C GLY BF 110 11.18 -19.19 -65.45
N GLU BF 111 11.10 -18.87 -66.77
CA GLU BF 111 9.83 -18.41 -67.36
C GLU BF 111 8.72 -19.44 -67.18
N ASP BF 112 9.04 -20.69 -67.52
CA ASP BF 112 8.09 -21.79 -67.43
C ASP BF 112 7.44 -21.90 -66.07
N GLU BF 113 7.76 -21.00 -65.15
CA GLU BF 113 7.19 -21.09 -63.83
C GLU BF 113 6.98 -19.79 -63.12
N LYS BF 114 7.46 -18.67 -63.65
CA LYS BF 114 7.27 -17.42 -62.93
C LYS BF 114 6.03 -16.61 -63.29
N ASP BF 115 5.48 -16.89 -64.54
CA ASP BF 115 4.39 -16.16 -65.06
C ASP BF 115 3.23 -16.64 -64.29
N CYS BF 116 2.88 -15.83 -63.29
CA CYS BF 116 2.18 -16.30 -62.15
C CYS BF 116 0.79 -16.68 -62.56
N THR BF 117 0.27 -16.05 -63.63
CA THR BF 117 -1.15 -16.11 -63.82
C THR BF 117 -1.51 -16.79 -65.09
N LEU BF 118 -2.51 -17.66 -64.93
CA LEU BF 118 -3.19 -18.30 -66.00
C LEU BF 118 -4.20 -17.37 -66.56
N PRO BF 119 -3.99 -17.13 -67.83
CA PRO BF 119 -4.83 -16.25 -68.59
C PRO BF 119 -6.25 -16.74 -68.51
N THR BF 120 -6.46 -18.06 -68.32
CA THR BF 120 -7.76 -18.60 -68.61
C THR BF 120 -8.60 -18.71 -67.38
N LYS BF 121 -9.59 -17.79 -67.26
CA LYS BF 121 -10.54 -18.04 -66.24
C LYS BF 121 -11.70 -18.59 -66.89
N ALA BF 122 -12.76 -18.47 -66.11
CA ALA BF 122 -13.79 -19.41 -66.13
C ALA BF 122 -14.95 -18.52 -65.95
N GLY BF 123 -16.06 -18.83 -66.61
CA GLY BF 123 -17.24 -18.10 -66.35
C GLY BF 123 -17.32 -16.89 -67.24
N ASP BF 124 -16.21 -16.51 -67.92
CA ASP BF 124 -16.15 -15.28 -68.66
C ASP BF 124 -17.08 -15.35 -69.81
N LYS BF 125 -17.68 -14.20 -70.12
CA LYS BF 125 -18.41 -14.09 -71.38
C LYS BF 125 -17.69 -13.11 -72.29
N PHE BF 126 -17.66 -13.41 -73.58
CA PHE BF 126 -17.00 -12.55 -74.57
C PHE BF 126 -17.92 -12.26 -75.73
N ILE BF 127 -18.06 -11.00 -76.05
CA ILE BF 127 -18.91 -10.58 -77.15
C ILE BF 127 -18.08 -10.27 -78.40
N GLY BF 128 -18.39 -10.94 -79.50
CA GLY BF 128 -17.63 -10.69 -80.70
C GLY BF 128 -18.38 -9.84 -81.71
N ASP BF 129 -17.69 -8.86 -82.28
CA ASP BF 129 -18.29 -8.01 -83.29
C ASP BF 129 -17.72 -8.48 -84.63
N VAL BF 130 -18.60 -8.87 -85.54
CA VAL BF 130 -18.17 -9.37 -86.84
C VAL BF 130 -17.51 -8.25 -87.61
N CYS BF 131 -16.79 -8.60 -88.66
CA CYS BF 131 -16.14 -7.60 -89.48
C CYS BF 131 -15.68 -8.21 -90.79
N PHE BF 132 -15.97 -9.49 -91.00
CA PHE BF 132 -15.52 -10.19 -92.18
C PHE BF 132 -16.05 -11.62 -92.00
N ASP BF 133 -17.16 -11.89 -92.65
CA ASP BF 133 -17.77 -13.21 -92.52
C ASP BF 133 -18.10 -13.81 -93.88
N HIS BF 134 -17.20 -14.66 -94.42
CA HIS BF 134 -17.48 -15.30 -95.70
C HIS BF 134 -18.36 -16.42 -95.30
N CYS BF 135 -18.10 -16.75 -94.03
CA CYS BF 135 -18.17 -18.07 -93.50
C CYS BF 135 -19.57 -18.58 -93.28
N THR BF 136 -20.45 -17.76 -92.67
CA THR BF 136 -21.78 -18.22 -92.39
C THR BF 136 -22.65 -17.69 -93.49
N LYS BF 137 -23.92 -18.16 -93.64
CA LYS BF 137 -24.87 -17.60 -94.56
C LYS BF 137 -25.40 -16.31 -94.05
N ARG BF 138 -25.82 -16.30 -92.76
CA ARG BF 138 -26.52 -15.16 -92.22
C ARG BF 138 -25.59 -14.03 -91.98
N ARG BF 139 -24.30 -14.32 -91.67
CA ARG BF 139 -23.36 -13.37 -91.14
C ARG BF 139 -23.92 -12.69 -89.94
N PRO BF 140 -23.52 -12.98 -88.78
CA PRO BF 140 -24.30 -12.26 -87.85
C PRO BF 140 -23.59 -11.01 -87.44
N GLU BF 141 -24.34 -10.08 -86.86
CA GLU BF 141 -23.78 -8.86 -86.36
C GLU BF 141 -22.81 -9.23 -85.30
N HIS BF 142 -23.31 -10.11 -84.37
CA HIS BF 142 -22.54 -10.35 -83.17
C HIS BF 142 -22.40 -11.84 -82.95
N MET BF 143 -21.84 -12.21 -81.82
CA MET BF 143 -21.63 -13.60 -81.52
C MET BF 143 -21.07 -13.70 -80.10
N THR BF 144 -21.90 -14.12 -79.15
CA THR BF 144 -21.49 -14.27 -77.77
C THR BF 144 -20.77 -15.60 -77.52
N LEU BF 145 -19.76 -15.55 -76.66
CA LEU BF 145 -18.97 -16.73 -76.35
C LEU BF 145 -18.93 -16.96 -74.86
N ALA BF 146 -19.80 -17.84 -74.36
CA ALA BF 146 -19.86 -18.12 -72.93
C ALA BF 146 -19.02 -19.31 -72.51
N PHE BF 147 -18.20 -19.12 -71.50
CA PHE BF 147 -17.35 -20.20 -71.01
C PHE BF 147 -18.02 -20.91 -69.84
N GLU BF 148 -18.46 -22.13 -70.07
CA GLU BF 148 -19.15 -22.90 -69.03
C GLU BF 148 -18.18 -23.45 -67.98
N SER BF 149 -17.28 -24.34 -68.38
CA SER BF 149 -16.32 -24.92 -67.43
C SER BF 149 -14.88 -24.86 -67.93
N SER BF 150 -13.93 -25.02 -67.01
CA SER BF 150 -12.52 -25.00 -67.36
C SER BF 150 -11.74 -25.73 -66.30
N SER BF 151 -10.99 -26.76 -66.69
CA SER BF 151 -10.19 -27.53 -65.75
C SER BF 151 -8.80 -27.84 -66.30
N ILE BF 152 -7.79 -27.74 -65.42
CA ILE BF 152 -6.42 -28.02 -65.84
C ILE BF 152 -5.93 -29.32 -65.23
N ALA BF 153 -5.24 -30.11 -66.04
CA ALA BF 153 -4.80 -31.33 -65.49
C ALA BF 153 -3.62 -31.15 -64.58
N ALA BF 154 -3.61 -32.03 -63.57
CA ALA BF 154 -2.93 -31.63 -62.37
C ALA BF 154 -1.43 -31.56 -62.63
N PHE BF 155 -1.02 -32.41 -63.56
CA PHE BF 155 0.25 -32.59 -64.12
C PHE BF 155 0.53 -31.58 -65.22
N PHE BF 156 -0.51 -31.20 -65.98
CA PHE BF 156 -0.18 -30.31 -67.04
C PHE BF 156 -0.54 -28.95 -66.66
N THR BF 157 0.49 -28.09 -66.50
CA THR BF 157 0.19 -26.72 -66.70
C THR BF 157 -0.22 -26.49 -68.15
N PRO BF 158 0.48 -26.89 -69.20
CA PRO BF 158 0.55 -26.08 -70.38
C PRO BF 158 -0.77 -25.87 -71.02
N ILE BF 159 -1.67 -26.84 -70.83
CA ILE BF 159 -2.93 -26.79 -71.53
C ILE BF 159 -4.14 -26.89 -70.61
N ALA BF 160 -5.04 -25.92 -70.73
CA ALA BF 160 -6.24 -25.90 -69.91
C ALA BF 160 -7.42 -26.23 -70.82
N ASP BF 161 -8.19 -27.25 -70.45
CA ASP BF 161 -9.35 -27.66 -71.25
C ASP BF 161 -10.61 -26.85 -70.93
N LEU BF 162 -11.33 -26.44 -71.96
CA LEU BF 162 -12.54 -25.64 -71.79
C LEU BF 162 -13.79 -26.24 -72.43
N HIS BF 163 -14.94 -25.81 -71.92
CA HIS BF 163 -16.25 -26.22 -72.45
C HIS BF 163 -16.94 -24.88 -72.67
N VAL BF 164 -17.33 -24.63 -73.91
CA VAL BF 164 -17.95 -23.35 -74.26
C VAL BF 164 -19.22 -23.44 -75.09
N HIS BF 165 -20.12 -22.47 -74.84
CA HIS BF 165 -21.37 -22.36 -75.55
C HIS BF 165 -21.25 -21.12 -76.43
N ILE BF 166 -21.41 -21.31 -77.73
CA ILE BF 166 -21.33 -20.20 -78.67
C ILE BF 166 -22.74 -19.75 -78.99
N GLU BF 167 -23.17 -18.63 -78.44
CA GLU BF 167 -24.52 -18.16 -78.65
C GLU BF 167 -24.66 -17.26 -79.86
N ILE BF 168 -25.81 -17.32 -80.53
CA ILE BF 168 -26.04 -16.50 -81.72
C ILE BF 168 -27.49 -16.06 -81.90
N GLU BF 169 -27.67 -14.77 -82.17
CA GLU BF 169 -29.00 -14.17 -82.35
C GLU BF 169 -29.28 -13.78 -83.82
N SER BF 170 -29.70 -14.74 -84.63
CA SER BF 170 -29.72 -14.32 -85.98
C SER BF 170 -31.11 -13.92 -86.29
N GLU BF 171 -31.27 -13.25 -87.45
CA GLU BF 171 -32.57 -13.11 -87.97
C GLU BF 171 -32.55 -13.90 -89.23
N THR BF 172 -33.55 -14.78 -89.40
CA THR BF 172 -33.64 -15.56 -90.58
C THR BF 172 -34.60 -14.84 -91.44
N ASP BF 173 -34.74 -15.32 -92.69
CA ASP BF 173 -35.63 -14.61 -93.54
C ASP BF 173 -37.00 -14.73 -92.95
N GLU BF 174 -37.44 -16.00 -92.70
CA GLU BF 174 -38.77 -16.36 -92.27
C GLU BF 174 -39.06 -15.87 -90.89
N ASP BF 175 -38.20 -16.32 -89.96
CA ASP BF 175 -38.48 -16.06 -88.58
C ASP BF 175 -37.21 -15.61 -87.98
N GLU BF 176 -37.16 -15.73 -86.65
CA GLU BF 176 -35.96 -15.40 -85.98
C GLU BF 176 -35.50 -16.69 -85.38
N SER BF 177 -34.18 -16.87 -85.35
CA SER BF 177 -33.59 -18.08 -84.91
C SER BF 177 -32.64 -17.64 -83.86
N GLU BF 178 -32.42 -18.54 -82.87
CA GLU BF 178 -31.49 -18.28 -81.80
C GLU BF 178 -30.68 -19.57 -81.68
N VAL BF 179 -29.40 -19.47 -81.36
CA VAL BF 179 -28.58 -20.68 -81.24
C VAL BF 179 -27.59 -20.62 -80.09
N SER BF 180 -27.30 -21.78 -79.52
CA SER BF 180 -26.35 -21.87 -78.43
C SER BF 180 -25.59 -23.20 -78.54
N MET BF 181 -24.80 -23.33 -79.61
CA MET BF 181 -24.03 -24.53 -79.86
C MET BF 181 -22.89 -24.66 -78.86
N PRO BF 182 -22.74 -25.84 -78.27
CA PRO BF 182 -21.71 -26.15 -77.27
C PRO BF 182 -20.53 -26.84 -77.94
N ALA BF 183 -19.33 -26.51 -77.47
CA ALA BF 183 -18.11 -27.11 -78.02
C ALA BF 183 -16.99 -27.19 -77.02
N ASP BF 184 -16.12 -28.17 -77.22
CA ASP BF 184 -14.97 -28.36 -76.36
C ASP BF 184 -13.85 -27.48 -76.90
N GLY BF 185 -12.80 -27.31 -76.12
CA GLY BF 185 -11.67 -26.50 -76.53
C GLY BF 185 -10.61 -26.38 -75.46
N GLU BF 186 -9.41 -25.98 -75.87
CA GLU BF 186 -8.32 -25.83 -74.94
C GLU BF 186 -7.67 -24.46 -75.08
N TYR BF 187 -6.88 -24.07 -74.08
CA TYR BF 187 -6.19 -22.80 -74.13
C TYR BF 187 -4.75 -23.12 -73.86
N SER BF 188 -3.86 -22.73 -74.78
CA SER BF 188 -2.44 -23.01 -74.64
C SER BF 188 -1.66 -21.81 -74.16
N PHE BF 189 -0.78 -22.38 -73.27
CA PHE BF 189 -0.24 -21.72 -72.15
C PHE BF 189 0.40 -20.54 -72.72
N ALA BF 190 1.45 -20.83 -73.51
CA ALA BF 190 2.35 -19.92 -74.12
C ALA BF 190 1.72 -19.14 -75.21
N ASP BF 191 0.87 -19.82 -76.01
CA ASP BF 191 0.30 -19.26 -77.20
C ASP BF 191 -0.61 -18.17 -76.79
N HIS BF 192 -1.29 -18.33 -75.64
CA HIS BF 192 -2.44 -17.52 -75.34
C HIS BF 192 -3.47 -17.79 -76.39
N ARG BF 193 -3.35 -18.91 -77.11
CA ARG BF 193 -4.31 -19.18 -78.16
C ARG BF 193 -5.31 -20.27 -77.80
N LEU BF 194 -6.57 -19.89 -77.68
CA LEU BF 194 -7.62 -20.86 -77.35
C LEU BF 194 -8.20 -21.37 -78.65
N THR BF 195 -8.29 -22.70 -78.75
CA THR BF 195 -8.83 -23.34 -79.93
C THR BF 195 -10.16 -23.94 -79.50
N ILE BF 196 -11.23 -23.58 -80.19
CA ILE BF 196 -12.54 -24.12 -79.84
C ILE BF 196 -12.95 -25.07 -80.93
N HIS BF 197 -12.89 -26.37 -80.58
CA HIS BF 197 -13.14 -27.39 -81.53
C HIS BF 197 -14.58 -27.29 -81.81
N PRO BF 198 -14.80 -27.49 -83.07
CA PRO BF 198 -16.00 -27.18 -83.75
C PRO BF 198 -17.13 -27.94 -83.16
N PRO BF 199 -18.04 -27.09 -82.88
CA PRO BF 199 -19.32 -27.44 -82.32
C PRO BF 199 -20.00 -28.36 -83.28
N GLU BF 200 -19.80 -28.01 -84.56
CA GLU BF 200 -20.50 -28.55 -85.67
C GLU BF 200 -19.85 -29.84 -86.04
N GLU BF 201 -20.62 -30.66 -86.76
CA GLU BF 201 -20.06 -31.73 -87.53
C GLU BF 201 -19.23 -31.05 -88.56
N ASP BF 202 -19.66 -29.84 -88.94
CA ASP BF 202 -19.14 -29.29 -90.15
C ASP BF 202 -17.68 -29.01 -90.01
N GLY BF 203 -17.20 -28.59 -88.82
CA GLY BF 203 -15.76 -28.52 -88.75
C GLY BF 203 -15.32 -27.16 -89.15
N LEU BF 204 -16.29 -26.22 -89.08
CA LEU BF 204 -15.98 -24.84 -88.75
C LEU BF 204 -15.70 -24.66 -87.28
N GLY BF 205 -14.48 -24.23 -86.98
CA GLY BF 205 -14.07 -24.01 -85.60
C GLY BF 205 -13.54 -22.60 -85.38
N LEU BF 206 -13.46 -22.19 -84.12
CA LEU BF 206 -12.96 -20.87 -83.75
C LEU BF 206 -11.57 -20.96 -83.17
N VAL BF 207 -10.76 -19.96 -83.51
CA VAL BF 207 -9.39 -19.88 -83.06
C VAL BF 207 -9.06 -18.44 -82.75
N GLY BF 208 -9.03 -18.12 -81.46
CA GLY BF 208 -8.71 -16.77 -81.05
C GLY BF 208 -7.34 -16.75 -80.39
N GLU BF 209 -6.45 -15.88 -80.85
CA GLU BF 209 -5.14 -15.77 -80.26
C GLU BF 209 -5.05 -14.48 -79.47
N PHE BF 210 -4.66 -14.59 -78.21
CA PHE BF 210 -4.58 -13.43 -77.34
C PHE BF 210 -3.35 -12.56 -77.53
N ASP BF 211 -3.53 -11.28 -77.27
CA ASP BF 211 -2.62 -10.49 -76.50
C ASP BF 211 -2.65 -11.01 -75.09
N GLY BF 212 -3.87 -11.29 -74.56
CA GLY BF 212 -4.10 -12.08 -73.37
C GLY BF 212 -4.83 -11.29 -72.30
N TYR BF 213 -4.13 -10.70 -71.30
CA TYR BF 213 -4.72 -9.88 -70.24
C TYR BF 213 -5.21 -8.71 -70.95
N ASN BF 214 -4.23 -8.16 -71.65
CA ASN BF 214 -4.15 -6.90 -72.29
C ASN BF 214 -3.98 -7.28 -73.73
N PHE BF 215 -5.09 -7.47 -74.47
CA PHE BF 215 -6.41 -7.25 -74.00
C PHE BF 215 -7.10 -8.54 -73.94
N ASP BF 216 -8.11 -8.62 -73.05
CA ASP BF 216 -8.96 -9.78 -73.04
C ASP BF 216 -9.63 -9.75 -74.38
N ARG BF 217 -9.75 -8.55 -74.98
CA ARG BF 217 -10.04 -8.41 -76.40
C ARG BF 217 -9.11 -9.32 -77.19
N PHE BF 218 -9.68 -10.17 -78.04
CA PHE BF 218 -8.86 -11.06 -78.85
C PHE BF 218 -9.52 -11.22 -80.21
N VAL BF 219 -8.71 -11.32 -81.27
CA VAL BF 219 -9.27 -11.49 -82.60
C VAL BF 219 -9.67 -12.94 -82.76
N GLY BF 220 -10.92 -13.16 -83.14
CA GLY BF 220 -11.40 -14.51 -83.30
C GLY BF 220 -11.61 -14.90 -84.74
N HIS BF 221 -10.79 -15.83 -85.19
CA HIS BF 221 -10.86 -16.32 -86.55
C HIS BF 221 -11.69 -17.60 -86.62
N ILE BF 222 -12.64 -17.64 -87.54
CA ILE BF 222 -13.42 -18.84 -87.69
C ILE BF 222 -12.77 -19.57 -88.84
N VAL BF 223 -12.36 -20.81 -88.61
CA VAL BF 223 -11.67 -21.57 -89.65
C VAL BF 223 -12.20 -22.98 -89.88
N HIS BF 224 -11.72 -23.59 -90.96
CA HIS BF 224 -12.07 -24.96 -91.30
C HIS BF 224 -10.99 -25.73 -90.55
N GLU BF 225 -11.37 -26.52 -89.52
CA GLU BF 225 -10.46 -26.89 -88.46
C GLU BF 225 -9.27 -27.59 -89.06
N LEU BF 226 -9.53 -28.44 -90.06
CA LEU BF 226 -8.55 -29.25 -90.72
C LEU BF 226 -7.60 -28.41 -91.55
N SER BF 227 -8.18 -27.46 -92.30
CA SER BF 227 -7.51 -26.65 -93.28
C SER BF 227 -6.69 -25.64 -92.59
N GLU BF 228 -7.26 -25.16 -91.49
CA GLU BF 228 -6.89 -23.87 -91.02
C GLU BF 228 -7.00 -22.87 -92.11
N GLU BF 229 -8.18 -22.81 -92.75
CA GLU BF 229 -8.51 -21.65 -93.57
C GLU BF 229 -9.31 -20.65 -92.76
N VAL BF 230 -8.90 -19.39 -92.84
CA VAL BF 230 -9.61 -18.34 -92.14
C VAL BF 230 -10.75 -17.90 -93.03
N CYS BF 231 -11.95 -17.74 -92.50
CA CYS BF 231 -13.06 -17.30 -93.33
C CYS BF 231 -14.05 -16.43 -92.56
N ALA BF 232 -13.64 -15.99 -91.38
CA ALA BF 232 -14.48 -15.14 -90.56
C ALA BF 232 -13.65 -14.60 -89.41
N GLU BF 233 -13.68 -13.28 -89.26
CA GLU BF 233 -12.94 -12.60 -88.23
C GLU BF 233 -13.94 -11.80 -87.38
N PHE BF 234 -13.80 -11.94 -86.06
CA PHE BF 234 -14.65 -11.23 -85.13
C PHE BF 234 -13.72 -10.72 -84.07
N ILE BF 235 -13.96 -9.50 -83.60
CA ILE BF 235 -13.15 -8.95 -82.53
C ILE BF 235 -13.92 -9.24 -81.25
N PHE BF 236 -13.37 -10.07 -80.38
CA PHE BF 236 -14.07 -10.41 -79.16
C PHE BF 236 -13.62 -9.52 -78.00
N HIS BF 237 -14.60 -8.98 -77.28
CA HIS BF 237 -14.37 -8.14 -76.11
C HIS BF 237 -14.95 -8.87 -74.90
N ARG BF 238 -14.23 -8.81 -73.78
CA ARG BF 238 -14.71 -9.47 -72.57
C ARG BF 238 -15.88 -8.65 -72.07
N LYS BF 239 -17.05 -9.26 -71.79
CA LYS BF 239 -18.16 -8.59 -71.16
C LYS BF 239 -17.88 -8.54 -69.69
N LYS BF 240 -18.09 -7.41 -69.02
CA LYS BF 240 -17.82 -7.54 -67.62
C LYS BF 240 -19.07 -8.03 -66.92
N HIS CF 20 47.65 70.17 49.26
CA HIS CF 20 48.78 69.21 49.42
C HIS CF 20 49.61 69.61 50.59
N GLU CF 21 50.82 70.12 50.29
CA GLU CF 21 51.74 70.52 51.31
C GLU CF 21 51.15 71.68 52.05
N HIS CF 22 50.48 72.56 51.28
CA HIS CF 22 49.97 73.81 51.73
C HIS CF 22 48.99 73.53 52.79
N CYS CF 23 48.05 72.64 52.46
CA CYS CF 23 47.01 72.51 53.40
C CYS CF 23 47.45 71.46 54.34
N CYS CF 24 46.45 70.82 54.94
CA CYS CF 24 46.58 70.32 56.25
C CYS CF 24 47.00 68.87 56.15
N SER CF 25 48.28 68.57 56.48
CA SER CF 25 48.90 67.28 56.26
C SER CF 25 48.22 66.21 57.05
N GLU CF 26 48.34 64.99 56.54
CA GLU CF 26 47.92 63.77 57.22
C GLU CF 26 48.53 63.68 58.61
N GLU CF 27 49.86 63.78 58.71
CA GLU CF 27 50.49 63.69 60.02
C GLU CF 27 49.92 64.81 60.88
N ASP CF 28 49.92 66.02 60.32
CA ASP CF 28 49.41 67.17 61.05
C ASP CF 28 48.12 66.85 61.77
N HIS CF 29 47.05 66.58 61.03
CA HIS CF 29 45.79 66.29 61.69
C HIS CF 29 45.78 64.98 62.43
N ARG CF 30 46.53 63.99 61.96
CA ARG CF 30 46.54 62.73 62.69
C ARG CF 30 46.91 63.13 64.11
N ILE CF 31 47.80 64.10 64.23
CA ILE CF 31 48.23 64.59 65.53
C ILE CF 31 47.08 65.28 66.23
N VAL CF 32 46.56 66.31 65.59
CA VAL CF 32 45.45 67.05 66.18
C VAL CF 32 44.43 66.07 66.72
N GLN CF 33 43.95 65.18 65.86
CA GLN CF 33 42.94 64.21 66.26
C GLN CF 33 43.33 63.47 67.53
N LYS CF 34 44.57 62.95 67.57
CA LYS CF 34 45.04 62.21 68.75
C LYS CF 34 44.98 63.07 70.00
N GLN CF 35 45.48 64.29 69.90
CA GLN CF 35 45.53 65.22 71.03
C GLN CF 35 44.16 65.68 71.48
N TRP CF 36 43.24 65.85 70.55
CA TRP CF 36 41.91 66.30 70.87
C TRP CF 36 41.16 65.22 71.59
N ASP CF 37 41.62 63.99 71.46
CA ASP CF 37 40.97 62.87 72.12
C ASP CF 37 41.34 62.73 73.60
N ILE CF 38 42.51 63.24 73.96
CA ILE CF 38 42.93 63.19 75.35
C ILE CF 38 41.81 63.73 76.22
N LEU CF 39 41.01 64.61 75.64
CA LEU CF 39 39.90 65.25 76.33
C LEU CF 39 38.72 64.35 76.70
N TRP CF 40 38.17 63.64 75.70
CA TRP CF 40 37.01 62.79 75.94
C TRP CF 40 37.27 61.41 76.52
N ARG CF 41 38.27 61.28 77.38
CA ARG CF 41 38.56 59.99 77.99
C ARG CF 41 37.51 59.65 79.04
N ASP CF 42 37.02 60.65 79.77
CA ASP CF 42 36.01 60.39 80.79
C ASP CF 42 34.60 60.67 80.29
N THR CF 43 33.66 59.85 80.74
CA THR CF 43 32.27 59.94 80.34
C THR CF 43 31.58 61.29 80.52
N GLU CF 44 32.11 62.14 81.40
CA GLU CF 44 31.47 63.44 81.63
C GLU CF 44 31.89 64.49 80.61
N SER CF 45 31.84 64.12 79.33
CA SER CF 45 32.20 65.01 78.25
C SER CF 45 31.37 66.30 78.29
N SER CF 46 30.08 66.14 78.57
CA SER CF 46 29.18 67.28 78.64
C SER CF 46 29.73 68.38 79.53
N LYS CF 47 30.00 68.04 80.79
CA LYS CF 47 30.53 69.00 81.73
C LYS CF 47 31.75 69.72 81.17
N ILE CF 48 32.61 68.97 80.48
CA ILE CF 48 33.81 69.55 79.86
C ILE CF 48 33.44 70.40 78.68
N LYS CF 49 32.99 69.77 77.59
CA LYS CF 49 32.60 70.50 76.40
C LYS CF 49 31.91 71.81 76.75
N ILE CF 50 30.93 71.74 77.65
CA ILE CF 50 30.20 72.95 78.07
C ILE CF 50 31.16 73.96 78.69
N GLY CF 51 31.69 73.62 79.85
CA GLY CF 51 32.62 74.51 80.51
C GLY CF 51 33.65 75.12 79.56
N PHE CF 52 34.29 74.28 78.76
CA PHE CF 52 35.30 74.75 77.81
C PHE CF 52 34.68 75.67 76.77
N GLY CF 53 33.63 75.19 76.09
CA GLY CF 53 32.99 76.00 75.07
C GLY CF 53 32.43 77.27 75.66
N ARG CF 54 31.94 77.18 76.89
CA ARG CF 54 31.39 78.33 77.59
C ARG CF 54 32.49 79.34 77.70
N LEU CF 55 33.59 78.95 78.33
CA LEU CF 55 34.73 79.84 78.49
C LEU CF 55 35.18 80.43 77.15
N LEU CF 56 35.35 79.58 76.14
CA LEU CF 56 35.79 80.05 74.84
C LEU CF 56 34.92 81.17 74.28
N LEU CF 57 33.61 81.02 74.33
CA LEU CF 57 32.74 82.06 73.82
C LEU CF 57 32.80 83.30 74.71
N THR CF 58 32.79 83.10 76.03
CA THR CF 58 32.88 84.19 76.98
C THR CF 58 34.09 85.05 76.66
N LYS CF 59 35.26 84.44 76.69
CA LYS CF 59 36.52 85.12 76.40
C LYS CF 59 36.48 85.81 75.03
N LEU CF 60 35.52 85.44 74.20
CA LEU CF 60 35.40 86.08 72.91
C LEU CF 60 34.64 87.38 73.12
N ALA CF 61 33.50 87.28 73.78
CA ALA CF 61 32.67 88.46 74.06
C ALA CF 61 33.46 89.46 74.89
N LYS CF 62 34.43 88.96 75.64
CA LYS CF 62 35.27 89.81 76.48
C LYS CF 62 36.11 90.73 75.60
N ASP CF 63 36.78 90.16 74.61
CA ASP CF 63 37.63 90.94 73.71
C ASP CF 63 36.86 91.68 72.61
N ILE CF 64 35.66 91.22 72.29
CA ILE CF 64 34.84 91.86 71.27
C ILE CF 64 33.38 91.74 71.68
N PRO CF 65 32.84 92.79 72.31
CA PRO CF 65 31.47 92.89 72.80
C PRO CF 65 30.35 92.85 71.78
N GLU CF 66 30.58 93.38 70.59
CA GLU CF 66 29.53 93.38 69.58
C GLU CF 66 29.06 91.95 69.37
N VAL CF 67 29.73 91.01 70.03
CA VAL CF 67 29.41 89.60 69.96
C VAL CF 67 28.24 89.29 70.89
N ASN CF 68 28.31 89.82 72.11
CA ASN CF 68 27.25 89.62 73.09
C ASN CF 68 25.87 89.75 72.49
N ASP CF 69 25.71 90.64 71.51
CA ASP CF 69 24.41 90.83 70.87
C ASP CF 69 24.05 89.71 69.91
N LEU CF 70 25.07 89.06 69.36
CA LEU CF 70 24.84 87.96 68.43
C LEU CF 70 24.35 86.73 69.17
N PHE CF 71 25.01 86.46 70.30
CA PHE CF 71 24.68 85.31 71.14
C PHE CF 71 23.56 85.65 72.11
N LYS CF 72 22.94 86.79 71.90
CA LYS CF 72 21.83 87.23 72.73
C LYS CF 72 20.72 86.20 72.63
N ARG CF 73 20.47 85.76 71.41
CA ARG CF 73 19.43 84.80 71.08
C ARG CF 73 19.53 83.54 71.93
N VAL CF 74 20.75 83.18 72.34
CA VAL CF 74 20.94 81.97 73.14
C VAL CF 74 21.21 82.28 74.60
N ASP CF 75 20.75 83.44 75.05
CA ASP CF 75 20.91 83.86 76.44
C ASP CF 75 22.35 83.73 76.92
N ILE CF 76 23.28 84.36 76.20
CA ILE CF 76 24.68 84.32 76.58
C ILE CF 76 24.84 85.07 77.86
N GLU CF 77 23.85 85.89 78.17
CA GLU CF 77 23.88 86.67 79.38
C GLU CF 77 24.02 85.74 80.58
N HIS CF 78 23.41 84.56 80.49
CA HIS CF 78 23.48 83.57 81.55
C HIS CF 78 24.37 82.45 81.12
N ALA CF 79 25.66 82.62 81.32
CA ALA CF 79 26.64 81.60 80.93
C ALA CF 79 26.27 80.19 81.35
N GLU CF 80 25.82 80.02 82.60
CA GLU CF 80 25.43 78.72 83.15
C GLU CF 80 23.99 78.35 82.80
N GLY CF 81 23.28 79.29 82.18
CA GLY CF 81 21.90 79.05 81.81
C GLY CF 81 21.81 77.97 80.75
N PRO CF 82 20.95 76.98 80.95
CA PRO CF 82 20.80 75.91 79.97
C PRO CF 82 20.76 76.44 78.53
N LYS CF 83 20.00 77.50 78.31
CA LYS CF 83 19.89 78.08 76.97
C LYS CF 83 21.26 78.18 76.32
N PHE CF 84 22.21 78.73 77.05
CA PHE CF 84 23.56 78.89 76.54
C PHE CF 84 24.35 77.60 76.62
N SER CF 85 24.26 76.90 77.74
CA SER CF 85 24.99 75.64 77.91
C SER CF 85 24.75 74.73 76.71
N ALA CF 86 23.50 74.66 76.26
CA ALA CF 86 23.17 73.85 75.10
C ALA CF 86 24.01 74.35 73.95
N HIS CF 87 23.90 75.65 73.67
CA HIS CF 87 24.66 76.27 72.60
C HIS CF 87 26.14 75.90 72.72
N ALA CF 88 26.71 76.13 73.90
CA ALA CF 88 28.11 75.82 74.14
C ALA CF 88 28.42 74.48 73.53
N LEU CF 89 27.53 73.51 73.73
CA LEU CF 89 27.74 72.19 73.18
C LEU CF 89 27.70 72.25 71.66
N ARG CF 90 26.55 72.60 71.11
CA ARG CF 90 26.41 72.68 69.66
C ARG CF 90 27.67 73.17 68.97
N ILE CF 91 28.20 74.32 69.39
CA ILE CF 91 29.40 74.87 68.77
C ILE CF 91 30.59 73.98 69.00
N LEU CF 92 30.97 73.85 70.27
CA LEU CF 92 32.09 73.02 70.65
C LEU CF 92 31.98 71.65 69.95
N ASN CF 93 30.76 71.11 69.87
CA ASN CF 93 30.52 69.82 69.25
C ASN CF 93 30.70 69.90 67.74
N GLY CF 94 30.48 71.08 67.18
CA GLY CF 94 30.65 71.25 65.77
C GLY CF 94 32.14 71.19 65.48
N LEU CF 95 32.92 71.84 66.33
CA LEU CF 95 34.35 71.83 66.17
C LEU CF 95 34.78 70.38 66.18
N ASP CF 96 34.14 69.56 67.01
CA ASP CF 96 34.46 68.13 67.08
C ASP CF 96 34.28 67.56 65.68
N LEU CF 97 33.06 67.68 65.16
CA LEU CF 97 32.75 67.20 63.83
C LEU CF 97 33.85 67.59 62.87
N ALA CF 98 34.22 68.86 62.84
CA ALA CF 98 35.26 69.33 61.95
C ALA CF 98 36.52 68.50 62.11
N ILE CF 99 37.02 68.44 63.33
CA ILE CF 99 38.22 67.68 63.62
C ILE CF 99 38.07 66.21 63.21
N ASN CF 100 36.99 65.56 63.62
CA ASN CF 100 36.78 64.16 63.27
C ASN CF 100 36.57 63.83 61.79
N LEU CF 101 36.46 64.86 60.95
CA LEU CF 101 36.30 64.61 59.53
C LEU CF 101 37.54 65.07 58.81
N LEU CF 102 38.56 65.43 59.57
CA LEU CF 102 39.80 65.89 58.98
C LEU CF 102 40.40 64.84 58.04
N ASP CF 103 40.09 63.58 58.28
CA ASP CF 103 40.63 62.54 57.41
C ASP CF 103 39.61 62.09 56.38
N ASP CF 104 39.16 63.05 55.55
CA ASP CF 104 38.18 62.82 54.48
C ASP CF 104 37.81 64.20 53.96
N PRO CF 105 38.78 64.88 53.35
CA PRO CF 105 38.59 66.22 52.81
C PRO CF 105 37.24 66.55 52.17
N PRO CF 106 36.76 65.72 51.24
CA PRO CF 106 35.46 66.02 50.60
C PRO CF 106 34.32 66.14 51.62
N ALA CF 107 34.29 65.22 52.57
CA ALA CF 107 33.26 65.22 53.60
C ALA CF 107 33.44 66.44 54.46
N LEU CF 108 34.64 66.57 55.03
CA LEU CF 108 34.95 67.71 55.87
C LEU CF 108 34.55 68.98 55.16
N ASP CF 109 34.93 69.07 53.89
CA ASP CF 109 34.61 70.24 53.10
C ASP CF 109 33.11 70.48 53.22
N ALA CF 110 32.32 69.55 52.72
CA ALA CF 110 30.87 69.66 52.79
C ALA CF 110 30.41 70.05 54.18
N ALA CF 111 30.87 69.32 55.18
CA ALA CF 111 30.50 69.56 56.57
C ALA CF 111 30.72 71.00 56.98
N LEU CF 112 31.83 71.58 56.55
CA LEU CF 112 32.16 72.95 56.89
C LEU CF 112 31.35 73.94 56.06
N ASP CF 113 31.22 73.68 54.76
CA ASP CF 113 30.47 74.58 53.90
C ASP CF 113 29.11 74.79 54.55
N HIS CF 114 28.53 73.70 55.01
CA HIS CF 114 27.25 73.75 55.67
C HIS CF 114 27.33 74.72 56.84
N LEU CF 115 28.42 74.64 57.61
CA LEU CF 115 28.58 75.55 58.75
C LEU CF 115 28.68 76.99 58.29
N ALA CF 116 29.20 77.18 57.09
CA ALA CF 116 29.34 78.53 56.56
C ALA CF 116 27.95 79.11 56.42
N HIS CF 117 27.08 78.39 55.72
CA HIS CF 117 25.72 78.82 55.51
C HIS CF 117 24.99 79.10 56.83
N GLN CF 118 25.24 78.30 57.85
CA GLN CF 118 24.58 78.50 59.12
C GLN CF 118 25.03 79.77 59.80
N HIS CF 119 26.13 80.33 59.32
CA HIS CF 119 26.66 81.56 59.88
C HIS CF 119 26.40 82.73 58.95
N GLU CF 120 26.23 82.45 57.67
CA GLU CF 120 25.97 83.48 56.69
C GLU CF 120 24.69 84.25 57.01
N VAL CF 121 23.62 83.51 57.29
CA VAL CF 121 22.33 84.12 57.60
C VAL CF 121 22.24 84.72 58.98
N ARG CF 122 23.36 84.77 59.69
CA ARG CF 122 23.37 85.35 61.03
C ARG CF 122 24.12 86.67 60.90
N GLU CF 123 23.43 87.74 60.53
CA GLU CF 123 24.09 89.03 60.36
C GLU CF 123 24.69 89.54 61.66
N GLY CF 124 25.82 90.23 61.54
CA GLY CF 124 26.51 90.75 62.69
C GLY CF 124 27.83 90.02 62.85
N VAL CF 125 27.84 88.77 62.39
CA VAL CF 125 29.02 87.92 62.47
C VAL CF 125 29.96 88.27 61.34
N GLN CF 126 31.11 88.84 61.68
CA GLN CF 126 32.10 89.20 60.67
C GLN CF 126 33.39 88.41 60.82
N LYS CF 127 34.18 88.34 59.75
CA LYS CF 127 35.42 87.58 59.77
C LYS CF 127 36.32 87.84 60.97
N ALA CF 128 36.62 89.10 61.24
CA ALA CF 128 37.47 89.46 62.37
C ALA CF 128 37.12 88.68 63.65
N HIS CF 129 35.87 88.25 63.75
CA HIS CF 129 35.42 87.49 64.90
C HIS CF 129 36.14 86.17 64.96
N PHE CF 130 36.13 85.45 63.84
CA PHE CF 130 36.78 84.17 63.78
C PHE CF 130 38.27 84.30 64.02
N LYS CF 131 38.90 85.24 63.34
CA LYS CF 131 40.32 85.42 63.54
C LYS CF 131 40.62 85.45 65.03
N LYS CF 132 39.82 86.22 65.77
CA LYS CF 132 40.00 86.33 67.21
C LYS CF 132 39.73 85.01 67.91
N PHE CF 133 38.58 84.42 67.62
CA PHE CF 133 38.22 83.16 68.23
C PHE CF 133 39.33 82.16 68.03
N GLY CF 134 40.00 82.25 66.89
CA GLY CF 134 41.09 81.35 66.59
C GLY CF 134 42.22 81.55 67.57
N GLU CF 135 42.64 82.80 67.72
CA GLU CF 135 43.71 83.13 68.63
C GLU CF 135 43.37 82.66 70.04
N ILE CF 136 42.10 82.80 70.42
CA ILE CF 136 41.64 82.41 71.75
C ILE CF 136 41.72 80.90 71.92
N LEU CF 137 41.23 80.19 70.91
CA LEU CF 137 41.19 78.74 70.91
C LEU CF 137 42.60 78.20 71.00
N ALA CF 138 43.53 78.87 70.35
CA ALA CF 138 44.90 78.45 70.33
C ALA CF 138 45.59 78.67 71.65
N THR CF 139 45.07 79.61 72.45
CA THR CF 139 45.68 79.89 73.74
C THR CF 139 45.00 79.04 74.79
N GLY CF 140 43.81 78.57 74.47
CA GLY CF 140 43.08 77.76 75.42
C GLY CF 140 43.41 76.29 75.41
N LEU CF 141 43.37 75.67 74.23
CA LEU CF 141 43.65 74.24 74.12
C LEU CF 141 44.84 73.79 74.96
N PRO CF 142 46.02 74.40 74.76
CA PRO CF 142 47.21 74.02 75.51
C PRO CF 142 47.08 74.14 77.02
N GLN CF 143 45.94 74.62 77.48
CA GLN CF 143 45.72 74.76 78.91
C GLN CF 143 45.02 73.55 79.48
N VAL CF 144 44.35 72.79 78.61
CA VAL CF 144 43.63 71.60 79.03
C VAL CF 144 44.33 70.33 78.52
N LEU CF 145 45.13 70.47 77.48
CA LEU CF 145 45.84 69.34 76.92
C LEU CF 145 47.32 69.43 77.29
N ASP CF 146 47.84 68.44 77.98
CA ASP CF 146 49.25 68.46 78.34
C ASP CF 146 50.12 68.29 77.10
N ASP CF 147 49.65 67.51 76.14
CA ASP CF 147 50.39 67.29 74.90
C ASP CF 147 49.72 68.09 73.80
N TYR CF 148 50.35 69.19 73.41
CA TYR CF 148 49.80 70.06 72.37
C TYR CF 148 50.88 70.42 71.37
N ASP CF 149 50.57 70.33 70.08
CA ASP CF 149 51.53 70.66 69.04
C ASP CF 149 51.02 71.89 68.32
N ALA CF 150 51.35 73.06 68.86
CA ALA CF 150 50.91 74.34 68.30
C ALA CF 150 50.95 74.40 66.79
N LEU CF 151 52.06 73.99 66.20
CA LEU CF 151 52.20 74.03 64.76
C LEU CF 151 51.12 73.26 64.03
N ALA CF 152 50.93 72.01 64.41
CA ALA CF 152 49.93 71.19 63.76
C ALA CF 152 48.55 71.81 63.91
N TRP CF 153 48.17 72.12 65.14
CA TRP CF 153 46.86 72.70 65.39
C TRP CF 153 46.60 73.98 64.63
N LYS CF 154 47.48 74.96 64.76
CA LYS CF 154 47.28 76.23 64.07
C LYS CF 154 47.00 75.95 62.60
N SER CF 155 47.80 75.07 62.01
CA SER CF 155 47.63 74.71 60.61
C SER CF 155 46.20 74.26 60.31
N CYS CF 156 45.70 73.32 61.10
CA CYS CF 156 44.35 72.79 60.90
C CYS CF 156 43.25 73.75 61.31
N LEU CF 157 43.35 74.34 62.49
CA LEU CF 157 42.32 75.26 62.92
C LEU CF 157 42.12 76.35 61.90
N LYS CF 158 43.21 76.81 61.28
CA LYS CF 158 43.12 77.86 60.27
C LYS CF 158 42.20 77.38 59.16
N GLY CF 159 42.57 76.28 58.52
CA GLY CF 159 41.77 75.74 57.44
C GLY CF 159 40.29 75.66 57.80
N ILE CF 160 39.99 75.24 59.02
CA ILE CF 160 38.63 75.10 59.47
C ILE CF 160 37.94 76.42 59.62
N LEU CF 161 38.45 77.25 60.52
CA LEU CF 161 37.87 78.55 60.77
C LEU CF 161 37.62 79.33 59.48
N THR CF 162 38.60 79.30 58.58
CA THR CF 162 38.48 80.01 57.32
C THR CF 162 37.27 79.53 56.53
N LYS CF 163 37.25 78.24 56.20
CA LYS CF 163 36.17 77.66 55.41
C LYS CF 163 34.81 77.91 56.04
N ILE CF 164 34.76 78.07 57.35
CA ILE CF 164 33.48 78.29 58.04
C ILE CF 164 32.97 79.70 57.85
N SER CF 165 33.89 80.65 57.81
CA SER CF 165 33.50 82.05 57.68
C SER CF 165 33.58 82.57 56.26
N SER CF 166 33.93 81.65 55.35
CA SER CF 166 34.24 81.86 53.98
C SER CF 166 33.06 82.51 53.37
N ARG CF 167 31.88 81.97 53.76
CA ARG CF 167 30.63 82.50 53.32
C ARG CF 167 30.35 83.71 54.10
N LEU CF 168 30.14 84.78 53.33
CA LEU CF 168 29.86 86.10 53.73
C LEU CF 168 28.59 86.47 52.94
N GLU DF 19 41.51 81.92 95.15
CA GLU DF 19 41.31 80.47 95.10
C GLU DF 19 42.19 79.84 94.06
N CYS DF 20 41.66 78.75 93.51
CA CYS DF 20 42.25 78.02 92.44
C CYS DF 20 41.44 78.35 91.25
N LEU DF 21 41.86 77.77 90.13
CA LEU DF 21 41.16 77.93 88.90
C LEU DF 21 40.57 76.58 88.64
N VAL DF 22 39.52 76.53 87.82
CA VAL DF 22 38.84 75.31 87.46
C VAL DF 22 39.75 74.46 86.66
N THR DF 23 40.53 75.08 85.76
CA THR DF 23 41.48 74.27 85.02
C THR DF 23 42.59 73.76 85.94
N GLU DF 24 43.16 74.67 86.71
CA GLU DF 24 44.23 74.32 87.63
C GLU DF 24 43.85 73.11 88.50
N SER DF 25 42.56 72.79 88.54
CA SER DF 25 42.11 71.66 89.34
C SER DF 25 42.12 70.45 88.44
N LEU DF 26 41.30 70.48 87.40
CA LEU DF 26 41.19 69.40 86.44
C LEU DF 26 42.58 68.84 86.13
N LYS DF 27 43.53 69.75 86.01
CA LYS DF 27 44.91 69.37 85.73
C LYS DF 27 45.44 68.47 86.82
N VAL DF 28 45.23 68.85 88.06
CA VAL DF 28 45.66 68.05 89.18
C VAL DF 28 44.84 66.77 89.26
N LYS DF 29 43.52 66.90 89.16
CA LYS DF 29 42.63 65.76 89.23
C LYS DF 29 43.11 64.71 88.25
N LEU DF 30 43.50 65.17 87.06
CA LEU DF 30 43.98 64.31 86.01
C LEU DF 30 45.35 63.70 86.31
N GLN DF 31 46.34 64.56 86.58
CA GLN DF 31 47.67 64.07 86.88
C GLN DF 31 47.69 63.16 88.10
N TRP DF 32 46.86 63.44 89.10
CA TRP DF 32 46.82 62.60 90.28
C TRP DF 32 46.52 61.19 89.84
N ALA DF 33 45.60 61.06 88.89
CA ALA DF 33 45.23 59.76 88.37
C ALA DF 33 46.44 58.96 87.92
N SER DF 34 47.16 59.48 86.93
CA SER DF 34 48.35 58.79 86.41
C SER DF 34 49.39 58.50 87.46
N ALA DF 35 49.69 59.49 88.29
CA ALA DF 35 50.69 59.33 89.34
C ALA DF 35 50.34 58.32 90.42
N PHE DF 36 49.23 58.55 91.11
CA PHE DF 36 48.79 57.67 92.18
C PHE DF 36 48.72 56.25 91.67
N GLY DF 37 47.85 56.02 90.70
CA GLY DF 37 47.73 54.70 90.11
C GLY DF 37 46.64 53.82 90.72
N HIS DF 38 46.86 52.51 90.62
CA HIS DF 38 45.91 51.54 91.15
C HIS DF 38 46.58 50.37 91.87
N ALA DF 39 45.86 49.78 92.81
CA ALA DF 39 46.33 48.64 93.59
C ALA DF 39 47.73 48.85 94.16
N HIS DF 40 48.56 47.83 94.02
CA HIS DF 40 49.93 47.88 94.53
C HIS DF 40 50.68 49.15 94.14
N GLU DF 41 50.54 49.57 92.89
CA GLU DF 41 51.21 50.79 92.41
C GLU DF 41 51.10 51.95 93.42
N ARG DF 42 50.02 51.94 94.19
CA ARG DF 42 49.77 52.95 95.20
C ARG DF 42 50.60 52.73 96.43
N VAL DF 43 50.48 51.56 97.03
CA VAL DF 43 51.24 51.25 98.23
C VAL DF 43 52.68 51.68 98.01
N ALA DF 44 53.18 51.40 96.82
CA ALA DF 44 54.55 51.75 96.43
C ALA DF 44 54.73 53.24 96.54
N PHE DF 45 53.75 53.98 96.02
CA PHE DF 45 53.78 55.42 96.06
C PHE DF 45 53.79 55.87 97.52
N GLY DF 46 52.76 55.49 98.26
CA GLY DF 46 52.69 55.87 99.66
C GLY DF 46 54.01 55.62 100.37
N LEU DF 47 54.51 54.39 100.29
CA LEU DF 47 55.77 54.04 100.92
C LEU DF 47 56.88 55.01 100.52
N GLU DF 48 57.17 55.08 99.23
CA GLU DF 48 58.22 55.97 98.76
C GLU DF 48 58.05 57.35 99.38
N LEU DF 49 56.82 57.86 99.42
CA LEU DF 49 56.54 59.18 100.00
C LEU DF 49 56.94 59.30 101.45
N TRP DF 50 56.30 58.53 102.30
CA TRP DF 50 56.60 58.58 103.72
C TRP DF 50 58.05 58.34 104.05
N ARG DF 51 58.73 57.48 103.29
CA ARG DF 51 60.13 57.23 103.59
C ARG DF 51 60.87 58.54 103.46
N ASP DF 52 60.78 59.16 102.30
CA ASP DF 52 61.46 60.43 102.06
C ASP DF 52 61.12 61.46 103.13
N ILE DF 53 59.88 61.47 103.59
CA ILE DF 53 59.45 62.41 104.61
C ILE DF 53 60.10 62.15 105.95
N ILE DF 54 60.02 60.92 106.40
CA ILE DF 54 60.59 60.56 107.69
C ILE DF 54 62.12 60.68 107.74
N ASP DF 55 62.80 60.46 106.61
CA ASP DF 55 64.26 60.57 106.63
C ASP DF 55 64.67 62.02 106.77
N ASP DF 56 63.84 62.90 106.23
CA ASP DF 56 64.10 64.33 106.28
C ASP DF 56 63.80 64.90 107.66
N HIS DF 57 62.71 64.45 108.27
CA HIS DF 57 62.31 64.93 109.59
C HIS DF 57 61.87 63.79 110.50
N PRO DF 58 62.82 63.05 111.07
CA PRO DF 58 62.52 61.92 111.96
C PRO DF 58 61.65 62.27 113.17
N GLU DF 59 61.37 63.55 113.35
CA GLU DF 59 60.55 63.98 114.46
C GLU DF 59 59.15 63.42 114.30
N ILE DF 60 58.79 63.10 113.07
CA ILE DF 60 57.46 62.59 112.78
C ILE DF 60 57.20 61.17 113.23
N LYS DF 61 58.24 60.35 113.34
CA LYS DF 61 58.04 58.98 113.78
C LYS DF 61 57.30 58.94 115.13
N ALA DF 62 57.20 60.10 115.77
CA ALA DF 62 56.56 60.20 117.07
C ALA DF 62 55.06 59.94 117.07
N PRO DF 63 54.26 60.83 116.47
CA PRO DF 63 52.81 60.63 116.45
C PRO DF 63 52.36 59.38 115.71
N PHE DF 64 53.23 58.87 114.83
CA PHE DF 64 52.93 57.68 114.06
C PHE DF 64 53.25 56.44 114.87
N SER DF 65 53.34 56.61 116.18
CA SER DF 65 53.66 55.51 117.09
C SER DF 65 52.56 54.46 117.09
N ARG DF 66 51.31 54.90 116.94
CA ARG DF 66 50.16 54.01 116.95
C ARG DF 66 50.18 53.09 115.75
N VAL DF 67 50.64 53.61 114.62
CA VAL DF 67 50.72 52.86 113.38
C VAL DF 67 52.16 52.50 113.02
N ARG DF 68 52.86 51.84 113.94
CA ARG DF 68 54.25 51.43 113.74
C ARG DF 68 54.97 52.30 112.72
N GLY DF 69 55.25 53.54 113.12
CA GLY DF 69 55.93 54.46 112.24
C GLY DF 69 57.42 54.19 112.17
N ASP DF 70 57.91 53.37 113.09
CA ASP DF 70 59.34 53.05 113.10
C ASP DF 70 59.68 52.18 111.88
N ASN DF 71 58.78 51.27 111.56
CA ASN DF 71 58.94 50.37 110.42
C ASN DF 71 57.86 50.68 109.39
N ILE DF 72 58.17 51.59 108.47
CA ILE DF 72 57.21 51.97 107.45
C ILE DF 72 56.83 50.86 106.49
N TYR DF 73 57.65 49.81 106.44
CA TYR DF 73 57.38 48.69 105.55
C TYR DF 73 56.37 47.70 106.14
N SER DF 74 56.08 47.87 107.42
CA SER DF 74 55.14 47.02 108.14
C SER DF 74 53.74 47.17 107.61
N PRO DF 75 52.91 46.15 107.79
CA PRO DF 75 51.53 46.22 107.31
C PRO DF 75 50.76 47.27 108.10
N GLU DF 76 51.02 47.33 109.39
CA GLU DF 76 50.34 48.29 110.23
C GLU DF 76 50.48 49.69 109.63
N PHE DF 77 51.71 50.09 109.34
CA PHE DF 77 51.96 51.41 108.77
C PHE DF 77 51.45 51.45 107.35
N GLY DF 78 51.70 50.38 106.61
CA GLY DF 78 51.25 50.32 105.24
C GLY DF 78 49.80 50.67 105.16
N ALA DF 79 49.00 50.10 106.05
CA ALA DF 79 47.58 50.36 106.09
C ALA DF 79 47.43 51.86 106.20
N HIS DF 80 47.95 52.41 107.26
CA HIS DF 80 47.89 53.85 107.50
C HIS DF 80 48.19 54.61 106.23
N SER DF 81 49.40 54.41 105.73
CA SER DF 81 49.88 55.04 104.49
C SER DF 81 48.76 55.17 103.48
N GLN DF 82 48.12 54.04 103.22
CA GLN DF 82 47.03 54.00 102.26
C GLN DF 82 45.87 54.90 102.68
N ARG DF 83 45.41 54.72 103.91
CA ARG DF 83 44.30 55.51 104.42
C ARG DF 83 44.53 56.97 104.13
N VAL DF 84 45.76 57.40 104.38
CA VAL DF 84 46.14 58.77 104.16
C VAL DF 84 45.94 59.15 102.70
N LEU DF 85 46.73 58.55 101.83
CA LEU DF 85 46.64 58.82 100.42
C LEU DF 85 45.19 58.86 99.99
N SER DF 86 44.41 57.90 100.46
CA SER DF 86 43.01 57.85 100.08
C SER DF 86 42.33 59.18 100.39
N GLY DF 87 42.48 59.66 101.61
CA GLY DF 87 41.87 60.93 101.98
C GLY DF 87 42.30 62.02 101.03
N LEU DF 88 43.60 62.02 100.72
CA LEU DF 88 44.16 63.00 99.80
C LEU DF 88 43.41 62.86 98.47
N ASP DF 89 43.12 61.63 98.08
CA ASP DF 89 42.39 61.39 96.84
C ASP DF 89 41.05 62.12 96.93
N ILE DF 90 40.33 61.88 98.01
CA ILE DF 90 39.03 62.51 98.21
C ILE DF 90 39.13 64.00 98.03
N THR DF 91 39.90 64.64 98.90
CA THR DF 91 40.07 66.08 98.83
C THR DF 91 40.29 66.49 97.39
N ILE DF 92 41.29 65.92 96.73
CA ILE DF 92 41.58 66.26 95.34
C ILE DF 92 40.36 66.09 94.44
N SER DF 93 39.59 64.98 94.66
CA SER DF 93 38.42 64.70 93.87
C SER DF 93 37.30 65.61 94.26
N MET DF 94 37.36 66.20 95.45
CA MET DF 94 36.31 67.06 95.93
C MET DF 94 36.38 68.34 95.18
N LEU DF 95 37.63 68.61 94.78
CA LEU DF 95 38.31 69.85 94.84
C LEU DF 95 37.70 70.81 93.90
N ASP DF 96 37.35 70.27 92.73
CA ASP DF 96 36.93 71.00 91.57
C ASP DF 96 35.64 71.70 91.86
N THR DF 97 34.77 70.98 92.55
CA THR DF 97 33.45 71.43 92.77
C THR DF 97 33.42 71.86 94.20
N PRO DF 98 33.20 73.14 94.31
CA PRO DF 98 33.33 73.90 95.55
C PRO DF 98 32.49 73.45 96.73
N ASP DF 99 31.21 73.19 96.49
CA ASP DF 99 30.33 72.77 97.57
C ASP DF 99 30.81 71.53 98.30
N MET DF 100 31.41 70.60 97.56
CA MET DF 100 31.91 69.37 98.15
C MET DF 100 33.22 69.60 98.86
N LEU DF 101 34.09 70.40 98.24
CA LEU DF 101 35.38 70.71 98.82
C LEU DF 101 35.21 71.42 100.14
N ALA DF 102 34.49 72.55 100.11
CA ALA DF 102 34.24 73.34 101.31
C ALA DF 102 33.78 72.45 102.45
N ALA DF 103 32.93 71.48 102.12
CA ALA DF 103 32.41 70.53 103.10
C ALA DF 103 33.48 69.56 103.56
N GLN DF 104 34.13 68.92 102.59
CA GLN DF 104 35.19 67.96 102.85
C GLN DF 104 36.28 68.60 103.68
N LEU DF 105 36.71 69.78 103.28
CA LEU DF 105 37.76 70.48 104.02
C LEU DF 105 37.32 70.69 105.46
N ALA DF 106 36.13 71.24 105.65
CA ALA DF 106 35.62 71.47 106.99
C ALA DF 106 35.66 70.17 107.80
N HIS DF 107 35.29 69.07 107.16
CA HIS DF 107 35.28 67.77 107.81
C HIS DF 107 36.69 67.37 108.25
N LEU DF 108 37.69 67.66 107.43
CA LEU DF 108 39.06 67.33 107.77
C LEU DF 108 39.59 68.19 108.92
N LYS DF 109 39.23 69.47 108.90
CA LYS DF 109 39.67 70.39 109.95
C LYS DF 109 39.33 69.85 111.33
N VAL DF 110 38.13 69.29 111.45
CA VAL DF 110 37.69 68.74 112.71
C VAL DF 110 38.55 67.59 113.17
N GLN DF 111 38.81 66.63 112.29
CA GLN DF 111 39.63 65.48 112.64
C GLN DF 111 41.04 65.87 113.09
N HIS DF 112 41.37 67.13 112.90
CA HIS DF 112 42.69 67.63 113.25
C HIS DF 112 42.71 68.57 114.46
N VAL DF 113 41.90 69.62 114.41
CA VAL DF 113 41.86 70.60 115.48
C VAL DF 113 41.96 70.01 116.88
N GLU DF 114 41.27 68.85 117.06
CA GLU DF 114 41.06 68.27 118.34
C GLU DF 114 42.40 68.00 118.90
N ARG DF 115 43.32 67.58 118.00
CA ARG DF 115 44.59 66.97 118.29
C ARG DF 115 45.67 67.92 117.91
N ASN DF 116 46.85 67.71 118.52
CA ASN DF 116 48.03 68.44 118.24
C ASN DF 116 48.69 67.85 117.03
N LEU DF 117 49.16 68.78 116.21
CA LEU DF 117 49.97 68.53 115.07
C LEU DF 117 50.64 69.81 114.88
N LYS DF 118 51.85 69.76 114.31
CA LYS DF 118 52.52 70.92 113.90
C LYS DF 118 52.08 71.23 112.51
N PRO DF 119 52.02 72.50 112.51
CA PRO DF 119 51.74 73.30 111.36
C PRO DF 119 52.72 73.02 110.29
N GLU DF 120 54.01 73.06 110.65
CA GLU DF 120 55.05 72.96 109.64
C GLU DF 120 55.15 71.56 109.04
N PHE DF 121 54.66 70.55 109.77
CA PHE DF 121 54.70 69.17 109.30
C PHE DF 121 54.03 69.06 107.95
N PHE DF 122 52.87 69.70 107.82
CA PHE DF 122 52.12 69.68 106.58
C PHE DF 122 52.90 70.37 105.47
N ASP DF 123 53.56 71.48 105.80
CA ASP DF 123 54.34 72.19 104.80
C ASP DF 123 55.42 71.24 104.28
N ILE DF 124 55.82 70.31 105.13
CA ILE DF 124 56.83 69.30 104.80
C ILE DF 124 56.19 68.26 103.91
N PHE DF 125 55.10 67.69 104.39
CA PHE DF 125 54.35 66.70 103.65
C PHE DF 125 54.19 67.17 102.21
N LEU DF 126 53.70 68.40 102.04
CA LEU DF 126 53.50 68.97 100.72
C LEU DF 126 54.78 68.99 99.93
N LYS DF 127 55.85 69.47 100.55
CA LYS DF 127 57.13 69.54 99.87
C LYS DF 127 57.42 68.20 99.16
N HIS DF 128 57.33 67.11 99.91
CA HIS DF 128 57.61 65.80 99.34
C HIS DF 128 56.57 65.32 98.35
N LEU DF 129 55.30 65.42 98.70
CA LEU DF 129 54.25 64.97 97.79
C LEU DF 129 54.52 65.52 96.41
N LEU DF 130 55.03 66.75 96.33
CA LEU DF 130 55.33 67.37 95.05
C LEU DF 130 56.59 66.77 94.49
N HIS DF 131 57.57 66.58 95.36
CA HIS DF 131 58.84 66.00 94.94
C HIS DF 131 58.56 64.65 94.28
N VAL DF 132 57.79 63.81 94.95
CA VAL DF 132 57.43 62.49 94.43
C VAL DF 132 56.65 62.56 93.13
N LEU DF 133 55.54 63.30 93.11
CA LEU DF 133 54.76 63.43 91.88
C LEU DF 133 55.70 63.91 90.77
N GLY DF 134 56.68 64.72 91.15
CA GLY DF 134 57.64 65.21 90.18
C GLY DF 134 58.29 64.06 89.45
N ASP DF 135 58.77 63.07 90.20
CA ASP DF 135 59.40 61.89 89.62
C ASP DF 135 58.40 61.13 88.78
N ARG DF 136 57.29 60.76 89.39
CA ARG DF 136 56.25 60.01 88.70
C ARG DF 136 55.79 60.64 87.40
N LEU DF 137 55.42 61.91 87.44
CA LEU DF 137 54.92 62.57 86.25
C LEU DF 137 55.97 63.10 85.27
N GLY DF 138 57.16 63.42 85.77
CA GLY DF 138 58.20 63.90 84.89
C GLY DF 138 58.18 65.40 84.70
N THR DF 139 58.47 65.85 83.49
CA THR DF 139 58.51 67.27 83.20
C THR DF 139 57.14 67.85 82.94
N HIS DF 140 56.17 66.98 82.66
CA HIS DF 140 54.81 67.43 82.38
C HIS DF 140 54.16 67.94 83.65
N PHE DF 141 54.62 67.43 84.78
CA PHE DF 141 54.10 67.78 86.09
C PHE DF 141 53.83 69.26 86.21
N ASP DF 142 52.58 69.64 86.36
CA ASP DF 142 52.25 71.06 86.50
C ASP DF 142 52.40 71.53 87.94
N PHE DF 143 53.64 71.76 88.32
CA PHE DF 143 53.98 72.22 89.66
C PHE DF 143 53.04 73.35 90.07
N GLY DF 144 52.98 74.40 89.25
CA GLY DF 144 52.13 75.53 89.55
C GLY DF 144 50.77 75.08 90.03
N ALA DF 145 50.05 74.38 89.17
CA ALA DF 145 48.71 73.89 89.48
C ALA DF 145 48.65 73.13 90.81
N TRP DF 146 49.58 72.22 91.03
CA TRP DF 146 49.57 71.48 92.27
C TRP DF 146 49.80 72.36 93.49
N HIS DF 147 50.90 73.10 93.50
CA HIS DF 147 51.21 73.97 94.61
C HIS DF 147 50.00 74.82 94.98
N ASP DF 148 49.48 75.55 94.01
CA ASP DF 148 48.31 76.39 94.24
C ASP DF 148 47.14 75.57 94.77
N CYS DF 149 46.98 74.36 94.24
CA CYS DF 149 45.86 73.52 94.61
C CYS DF 149 45.96 72.61 95.84
N VAL DF 150 47.04 71.87 95.98
CA VAL DF 150 47.18 71.02 97.16
C VAL DF 150 47.34 71.89 98.39
N ASP DF 151 47.96 73.05 98.22
CA ASP DF 151 48.19 73.97 99.33
C ASP DF 151 46.84 74.21 99.99
N GLN DF 152 45.88 74.71 99.21
CA GLN DF 152 44.54 74.98 99.71
C GLN DF 152 43.99 73.81 100.56
N ILE DF 153 44.36 72.58 100.20
CA ILE DF 153 43.88 71.42 100.92
C ILE DF 153 44.58 71.28 102.26
N ILE DF 154 45.85 71.67 102.32
CA ILE DF 154 46.60 71.57 103.54
C ILE DF 154 46.12 72.60 104.56
N ASP DF 155 46.06 73.87 104.16
CA ASP DF 155 45.63 74.91 105.08
C ASP DF 155 44.32 74.57 105.75
N GLY DF 156 43.36 74.04 104.98
CA GLY DF 156 42.03 73.89 105.51
C GLY DF 156 42.06 72.90 106.64
N ILE DF 157 42.74 71.77 106.39
CA ILE DF 157 42.74 70.69 107.34
C ILE DF 157 43.46 71.24 108.50
N LYS DF 158 44.57 71.92 108.14
CA LYS DF 158 45.61 72.40 109.03
C LYS DF 158 44.98 72.98 110.33
N ARG EF 24 28.59 0.23 -2.33
CA ARG EF 24 29.09 -1.10 -1.92
C ARG EF 24 29.56 -1.18 -0.54
N PHE EF 25 29.75 -2.43 -0.17
CA PHE EF 25 30.22 -2.80 1.11
C PHE EF 25 31.63 -2.35 1.30
N GLN EF 26 32.47 -2.49 0.27
CA GLN EF 26 33.87 -2.36 0.56
C GLN EF 26 34.16 -0.95 1.02
N TYR EF 27 33.40 -0.02 0.40
CA TYR EF 27 33.37 1.38 0.09
C TYR EF 27 33.49 2.34 1.24
N LEU EF 28 32.35 2.38 1.95
CA LEU EF 28 31.98 3.40 2.87
C LEU EF 28 32.81 3.12 4.02
N VAL EF 29 33.22 1.86 4.07
CA VAL EF 29 34.18 1.43 5.08
C VAL EF 29 35.54 2.10 4.91
N LYS EF 30 36.01 2.19 3.68
CA LYS EF 30 37.30 2.81 3.39
C LYS EF 30 37.44 4.17 4.04
N ASN EF 31 36.33 4.85 4.28
CA ASN EF 31 36.36 6.16 4.91
C ASN EF 31 36.09 6.10 6.41
N GLN EF 32 35.27 5.13 6.82
CA GLN EF 32 34.97 4.99 8.24
C GLN EF 32 36.28 4.78 9.00
N ASN EF 33 37.13 3.90 8.47
CA ASN EF 33 38.43 3.65 9.09
C ASN EF 33 39.25 4.94 9.08
N LEU EF 34 38.87 5.86 8.19
CA LEU EF 34 39.58 7.13 8.09
C LEU EF 34 39.07 8.06 9.18
N HIS EF 35 37.76 8.11 9.36
CA HIS EF 35 37.19 8.96 10.39
C HIS EF 35 37.83 8.55 11.71
N ILE EF 36 38.20 7.27 11.81
CA ILE EF 36 38.83 6.78 13.02
C ILE EF 36 40.31 7.13 13.03
N ASP EF 37 41.00 6.81 11.94
CA ASP EF 37 42.42 7.12 11.85
C ASP EF 37 42.53 8.61 12.18
N TYR EF 38 41.41 9.32 12.04
CA TYR EF 38 41.33 10.76 12.33
C TYR EF 38 41.36 10.95 13.83
N LEU EF 39 40.30 10.50 14.50
CA LEU EF 39 40.22 10.61 15.95
C LEU EF 39 41.53 10.27 16.61
N ALA EF 40 42.16 9.18 16.19
CA ALA EF 40 43.43 8.75 16.75
C ALA EF 40 44.44 9.91 16.78
N LYS EF 41 44.46 10.72 15.72
CA LYS EF 41 45.38 11.85 15.62
C LYS EF 41 44.94 13.04 16.49
N LYS EF 42 43.65 13.39 16.42
CA LYS EF 42 43.13 14.51 17.22
C LYS EF 42 43.33 14.23 18.70
N LEU EF 43 43.52 12.95 19.01
CA LEU EF 43 43.74 12.52 20.38
C LEU EF 43 45.22 12.51 20.73
N HIS EF 44 46.03 12.01 19.80
CA HIS EF 44 47.47 11.97 20.02
C HIS EF 44 47.95 13.40 20.20
N ASP EF 45 47.38 14.30 19.41
CA ASP EF 45 47.75 15.72 19.49
C ASP EF 45 47.26 16.30 20.82
N ILE EF 46 46.60 15.46 21.61
CA ILE EF 46 46.10 15.85 22.93
C ILE EF 46 46.96 15.22 23.99
N GLU EF 47 47.07 13.90 23.92
CA GLU EF 47 47.90 13.16 24.86
C GLU EF 47 49.30 13.77 24.81
N GLU EF 48 49.62 14.39 23.68
CA GLU EF 48 50.94 15.01 23.50
C GLU EF 48 50.95 16.31 24.29
N GLU EF 49 49.98 17.17 24.02
CA GLU EF 49 49.87 18.46 24.71
C GLU EF 49 49.69 18.23 26.21
N TYR EF 50 49.45 16.98 26.58
CA TYR EF 50 49.27 16.63 27.98
C TYR EF 50 50.63 16.51 28.65
N ASN EF 51 51.48 15.64 28.11
CA ASN EF 51 52.82 15.42 28.64
C ASN EF 51 53.62 16.71 28.79
N LYS EF 52 53.32 17.70 27.92
CA LYS EF 52 54.04 18.94 27.95
C LYS EF 52 53.84 19.48 29.33
N LEU EF 53 52.60 19.38 29.87
CA LEU EF 53 52.22 19.88 31.16
C LEU EF 53 52.45 18.83 32.20
N THR EF 54 53.18 19.26 33.24
CA THR EF 54 53.90 18.44 34.13
C THR EF 54 52.97 17.56 34.88
N HIS EF 55 53.63 16.72 35.67
CA HIS EF 55 53.00 15.56 36.19
C HIS EF 55 52.71 15.96 37.57
N ASP EF 56 51.68 15.38 38.13
CA ASP EF 56 51.28 16.01 39.32
C ASP EF 56 52.32 15.60 40.35
N VAL EF 57 52.65 16.52 41.28
CA VAL EF 57 53.76 16.33 42.18
C VAL EF 57 53.44 15.21 43.10
N ASP EF 58 54.50 14.48 43.48
CA ASP EF 58 54.39 13.20 44.12
C ASP EF 58 54.08 13.38 45.57
N LYS EF 59 50.80 13.65 45.93
CA LYS EF 59 50.43 13.74 47.35
C LYS EF 59 51.68 13.66 48.22
N LYS EF 60 52.69 12.95 47.74
CA LYS EF 60 53.95 12.80 48.48
C LYS EF 60 54.64 14.17 48.72
N THR EF 61 54.20 15.19 47.99
CA THR EF 61 54.76 16.53 48.12
C THR EF 61 54.03 17.28 49.22
N ILE EF 62 52.72 17.37 49.08
CA ILE EF 62 51.90 18.02 50.08
C ILE EF 62 52.30 17.45 51.44
N ARG EF 63 52.41 16.13 51.51
CA ARG EF 63 52.77 15.45 52.75
C ARG EF 63 54.01 16.08 53.36
N GLN EF 64 55.02 16.31 52.53
CA GLN EF 64 56.28 16.88 52.98
C GLN EF 64 56.12 18.30 53.49
N LEU EF 65 55.16 19.03 52.94
CA LEU EF 65 54.87 20.40 53.35
C LEU EF 65 54.23 20.36 54.71
N LYS EF 66 53.07 19.69 54.81
CA LYS EF 66 52.36 19.54 56.07
C LYS EF 66 53.38 19.14 57.13
N ALA EF 67 54.43 18.40 56.74
CA ALA EF 67 55.46 17.98 57.69
C ALA EF 67 56.31 19.16 58.04
N ARG EF 68 57.11 19.64 57.08
CA ARG EF 68 57.99 20.78 57.28
C ARG EF 68 57.31 21.85 58.12
N ILE EF 69 56.06 22.12 57.79
CA ILE EF 69 55.27 23.11 58.49
C ILE EF 69 55.02 22.65 59.91
N SER EF 70 54.37 21.51 60.05
CA SER EF 70 54.06 20.97 61.37
C SER EF 70 55.28 20.94 62.29
N ASN EF 71 56.51 20.81 61.75
CA ASN EF 71 57.56 20.62 62.72
C ASN EF 71 57.74 21.88 63.46
N LEU EF 72 57.49 23.04 62.83
CA LEU EF 72 57.94 24.21 63.50
C LEU EF 72 57.13 24.34 64.75
N GLU EF 73 55.13 27.91 67.19
CA GLU EF 73 54.02 27.81 68.11
C GLU EF 73 54.47 27.05 69.31
N GLU EF 74 53.79 27.30 70.45
CA GLU EF 74 54.14 26.73 71.72
C GLU EF 74 53.43 25.43 71.89
N HIS EF 75 53.87 24.68 72.90
CA HIS EF 75 53.03 23.67 73.46
C HIS EF 75 52.78 24.09 74.87
N HIS EF 76 51.65 23.60 75.40
CA HIS EF 76 51.17 24.04 76.66
C HIS EF 76 52.23 23.68 77.66
N CYS EF 77 52.80 22.47 77.57
CA CYS EF 77 53.48 21.92 78.70
C CYS EF 77 54.73 22.66 79.01
N ASP EF 78 54.85 22.91 80.34
CA ASP EF 78 56.02 23.22 81.08
C ASP EF 78 56.83 21.95 81.03
N GLU EF 79 58.10 22.03 81.48
CA GLU EF 79 59.14 21.16 81.00
C GLU EF 79 58.94 19.76 81.51
N HIS EF 80 59.42 18.78 80.71
CA HIS EF 80 59.33 17.37 80.98
C HIS EF 80 57.95 17.02 81.37
N GLU EF 81 57.03 17.33 80.45
CA GLU EF 81 55.73 16.79 80.07
C GLU EF 81 55.60 16.90 78.55
N SER EF 82 54.92 15.95 77.95
CA SER EF 82 54.69 15.97 76.50
C SER EF 82 53.24 15.60 76.26
N GLU EF 83 52.66 16.09 75.17
CA GLU EF 83 51.26 15.81 74.92
C GLU EF 83 50.93 14.49 74.26
N CYS EF 84 49.75 13.90 74.54
CA CYS EF 84 49.46 12.67 73.84
C CYS EF 84 49.15 13.00 72.42
N ARG EF 85 49.61 12.11 71.52
CA ARG EF 85 49.77 12.29 70.11
C ARG EF 85 48.45 12.71 69.54
N GLY EF 86 47.35 12.11 70.03
CA GLY EF 86 46.14 12.15 69.29
C GLY EF 86 45.42 13.42 69.56
N ASP EF 87 44.09 13.36 69.36
CA ASP EF 87 43.13 14.41 69.22
C ASP EF 87 43.12 15.22 70.46
N VAL EF 88 43.24 14.53 71.59
CA VAL EF 88 43.28 15.26 72.81
C VAL EF 88 44.67 15.80 72.94
N PRO EF 89 44.71 17.01 73.43
CA PRO EF 89 45.89 17.76 73.72
C PRO EF 89 46.69 17.09 74.80
N GLU EF 90 46.00 16.42 75.72
CA GLU EF 90 46.29 16.32 77.11
C GLU EF 90 47.73 16.04 77.38
N CYS EF 91 48.22 16.59 78.48
CA CYS EF 91 49.65 16.54 78.83
C CYS EF 91 49.95 15.54 79.93
N ILE EF 92 50.87 14.61 79.71
CA ILE EF 92 51.24 13.66 80.80
C ILE EF 92 52.73 13.75 81.00
N HIS EF 93 53.20 13.38 82.19
CA HIS EF 93 54.63 13.48 82.47
C HIS EF 93 55.47 12.56 81.61
N ASP EF 94 56.68 13.03 81.22
CA ASP EF 94 57.49 12.44 80.19
C ASP EF 94 57.80 11.03 80.56
N LEU EF 95 57.94 10.77 81.88
CA LEU EF 95 58.63 9.64 82.45
C LEU EF 95 57.94 8.34 82.18
N LEU EF 96 56.60 8.38 82.25
CA LEU EF 96 55.70 7.29 82.52
C LEU EF 96 55.77 6.32 81.40
N PHE EF 97 56.27 6.80 80.26
CA PHE EF 97 56.56 5.90 79.19
C PHE EF 97 57.76 5.09 79.60
N CYS EF 98 57.69 3.76 79.42
CA CYS EF 98 56.47 3.12 79.06
C CYS EF 98 55.99 2.49 80.35
N ASP EF 99 54.69 2.20 80.46
CA ASP EF 99 54.21 1.20 81.37
C ASP EF 99 54.63 -0.11 80.78
N GLY EF 100 54.76 -0.11 79.44
CA GLY EF 100 54.68 -1.28 78.62
C GLY EF 100 53.32 -1.18 78.02
N GLU EF 101 52.38 -0.62 78.82
CA GLU EF 101 50.98 -0.49 78.55
C GLU EF 101 50.73 0.95 78.23
N LYS EF 102 49.51 1.25 77.72
CA LYS EF 102 49.28 2.59 77.35
C LYS EF 102 49.14 3.40 78.60
N ASP EF 103 50.12 4.29 78.80
CA ASP EF 103 50.02 5.18 79.90
C ASP EF 103 48.78 5.94 79.62
N CYS EF 104 48.60 6.29 78.33
CA CYS EF 104 47.58 7.22 77.97
C CYS EF 104 46.25 6.58 77.90
N ARG EF 105 45.20 7.41 78.09
CA ARG EF 105 43.83 7.00 77.91
C ARG EF 105 43.60 6.70 76.47
N ASP EF 106 44.10 7.65 75.65
CA ASP EF 106 43.97 7.83 74.21
C ASP EF 106 44.62 6.69 73.55
N GLY EF 107 45.78 6.28 74.09
CA GLY EF 107 46.51 5.22 73.47
C GLY EF 107 47.04 5.79 72.21
N SER EF 108 47.49 7.05 72.25
CA SER EF 108 47.91 7.66 71.04
C SER EF 108 49.16 6.97 70.67
N ASP EF 109 49.82 6.43 71.72
CA ASP EF 109 51.15 5.96 71.72
C ASP EF 109 51.27 4.88 70.70
N GLU EF 110 50.26 4.00 70.69
CA GLU EF 110 50.28 2.68 70.12
C GLU EF 110 50.42 2.83 68.64
N ASP EF 111 50.02 4.03 68.18
CA ASP EF 111 50.13 4.51 66.83
C ASP EF 111 51.57 4.56 66.49
N PRO EF 112 51.82 4.23 65.27
CA PRO EF 112 53.14 4.11 64.66
C PRO EF 112 54.05 5.34 64.74
N GLU EF 113 53.51 6.53 64.55
CA GLU EF 113 54.32 7.76 64.61
C GLU EF 113 55.08 7.89 65.93
N THR EF 114 54.74 7.06 66.89
CA THR EF 114 55.35 7.09 68.21
C THR EF 114 56.31 5.95 68.41
N CYS EF 115 55.87 4.76 68.01
CA CYS EF 115 56.67 3.55 68.15
C CYS EF 115 57.59 3.30 66.97
N SER EF 116 57.69 4.29 66.08
CA SER EF 116 58.25 4.15 64.76
C SER EF 116 59.62 3.62 64.87
N LEU EF 117 59.98 2.92 63.80
CA LEU EF 117 61.25 2.38 63.46
C LEU EF 117 62.26 3.43 63.14
N ASN EF 118 61.91 4.35 62.23
CA ASN EF 118 62.86 5.27 61.67
C ASN EF 118 63.34 6.13 62.79
N ILE EF 119 62.40 6.56 63.64
CA ILE EF 119 62.67 7.55 64.64
C ILE EF 119 63.78 7.00 65.49
N THR EF 120 63.57 5.77 65.99
CA THR EF 120 64.41 5.09 66.95
C THR EF 120 65.70 4.78 66.28
N HIS EF 121 65.62 4.65 64.93
CA HIS EF 121 66.54 3.93 64.12
C HIS EF 121 67.88 4.48 64.37
N VAL EF 122 68.84 3.55 64.42
CA VAL EF 122 70.17 3.85 64.79
C VAL EF 122 70.91 4.22 63.56
N GLY EF 123 71.94 5.08 63.74
CA GLY EF 123 72.94 5.25 62.71
C GLY EF 123 72.45 6.34 61.80
N SER EF 124 71.51 7.14 62.32
CA SER EF 124 71.22 8.46 61.87
C SER EF 124 72.35 9.34 62.32
N SER EF 125 72.86 10.19 61.40
CA SER EF 125 73.92 11.16 61.42
C SER EF 125 73.46 12.57 61.08
N TYR EF 126 73.85 13.53 61.90
CA TYR EF 126 73.48 14.91 61.70
C TYR EF 126 74.76 15.74 61.59
N THR EF 127 74.79 16.65 60.60
CA THR EF 127 75.95 17.52 60.42
C THR EF 127 75.58 18.94 60.08
N GLY EF 128 76.52 19.83 60.34
CA GLY EF 128 76.32 21.24 60.04
C GLY EF 128 77.68 21.89 60.08
N LEU EF 129 77.72 23.22 60.03
CA LEU EF 129 79.01 23.88 60.09
C LEU EF 129 79.21 24.46 61.47
N ALA EF 130 80.13 23.84 62.20
CA ALA EF 130 80.42 24.26 63.55
C ALA EF 130 81.28 25.51 63.54
N THR EF 131 80.81 26.53 64.25
CA THR EF 131 81.53 27.81 64.34
C THR EF 131 81.79 27.95 65.84
N TRP EF 132 83.04 27.74 66.24
CA TRP EF 132 83.42 27.78 67.65
C TRP EF 132 83.51 29.16 68.27
N THR EF 133 82.72 29.36 69.34
CA THR EF 133 82.85 30.62 69.99
C THR EF 133 84.23 30.46 70.50
N SER EF 134 84.37 29.33 71.21
CA SER EF 134 85.56 29.07 71.96
C SER EF 134 86.77 28.69 71.16
N CYS EF 135 86.84 27.39 70.81
CA CYS EF 135 88.13 26.82 70.52
C CYS EF 135 88.68 27.36 69.24
N GLU EF 136 87.84 27.38 68.18
CA GLU EF 136 88.38 27.19 66.88
C GLU EF 136 88.87 28.48 66.32
N ASP EF 137 90.22 28.61 66.37
CA ASP EF 137 90.89 29.74 65.83
C ASP EF 137 90.47 29.72 64.42
N LEU EF 138 90.48 28.52 63.84
CA LEU EF 138 90.28 28.50 62.44
C LEU EF 138 88.84 28.59 62.13
N ASN EF 139 88.61 28.57 60.80
CA ASN EF 139 87.45 28.84 60.04
C ASN EF 139 86.54 27.67 60.20
N PRO EF 140 85.33 28.02 60.52
CA PRO EF 140 84.38 27.13 61.12
C PRO EF 140 84.27 25.95 60.29
N ASP EF 141 84.26 24.84 60.99
CA ASP EF 141 84.57 23.55 60.38
C ASP EF 141 83.32 22.67 60.45
N HIS EF 142 83.37 21.52 59.78
CA HIS EF 142 82.24 20.64 59.76
C HIS EF 142 82.13 19.73 60.97
N ALA EF 143 80.97 19.75 61.59
CA ALA EF 143 80.70 18.92 62.76
C ALA EF 143 79.75 17.79 62.36
N ILE EF 144 79.98 16.60 62.89
CA ILE EF 144 79.14 15.46 62.57
C ILE EF 144 78.85 14.55 63.74
N VAL EF 145 77.63 14.62 64.25
CA VAL EF 145 77.27 13.77 65.37
C VAL EF 145 76.44 12.67 64.77
N THR EF 146 76.95 11.45 64.86
CA THR EF 146 76.27 10.28 64.30
C THR EF 146 76.08 9.16 65.34
N ILE EF 147 74.88 8.54 65.34
CA ILE EF 147 74.50 7.50 66.31
C ILE EF 147 75.09 6.13 66.01
N THR EF 148 75.81 5.56 66.99
CA THR EF 148 76.50 4.26 66.80
C THR EF 148 75.80 3.03 67.31
N ALA EF 149 74.89 3.21 68.25
CA ALA EF 149 74.14 2.09 68.78
C ALA EF 149 73.12 2.65 69.74
N ALA EF 150 71.97 1.99 69.87
CA ALA EF 150 70.96 2.51 70.77
C ALA EF 150 69.88 1.51 71.12
N HIS EF 151 69.65 1.36 72.45
CA HIS EF 151 69.00 0.18 72.96
C HIS EF 151 67.56 0.14 72.61
N ARG EF 152 67.20 -0.99 72.01
CA ARG EF 152 65.83 -1.28 71.96
C ARG EF 152 65.64 -2.50 72.76
N LYS EF 153 64.38 -2.67 73.15
CA LYS EF 153 63.94 -4.00 73.21
C LYS EF 153 62.94 -4.10 72.16
N SER EF 154 62.01 -4.99 72.46
CA SER EF 154 60.98 -5.33 71.56
C SER EF 154 59.98 -4.22 71.46
N PHE EF 155 59.38 -3.88 72.62
CA PHE EF 155 58.04 -3.37 72.56
C PHE EF 155 58.01 -1.96 72.22
N PHE EF 156 59.19 -1.38 72.41
CA PHE EF 156 59.43 -0.31 73.30
C PHE EF 156 59.01 0.88 72.52
N PRO EF 157 58.02 1.64 72.89
CA PRO EF 157 57.56 2.63 71.98
C PRO EF 157 58.64 3.66 71.81
N ASN EF 158 59.61 3.73 72.77
CA ASN EF 158 60.09 4.99 73.33
C ASN EF 158 61.47 5.32 72.86
N ARG EF 159 62.16 6.09 73.73
CA ARG EF 159 63.42 6.70 73.44
C ARG EF 159 64.51 5.82 73.89
N VAL EF 160 65.51 5.83 73.02
CA VAL EF 160 66.68 5.05 73.04
C VAL EF 160 67.59 5.82 73.90
N TRP EF 161 68.56 5.04 74.37
CA TRP EF 161 69.55 5.39 75.30
C TRP EF 161 70.63 4.77 74.55
N LEU EF 162 71.59 5.58 74.20
CA LEU EF 162 72.35 5.37 72.98
C LEU EF 162 73.80 5.78 73.04
N ARG EF 163 74.50 5.47 71.96
CA ARG EF 163 75.90 5.81 71.84
C ARG EF 163 76.12 6.34 70.43
N ALA EF 164 76.99 7.35 70.34
CA ALA EF 164 77.29 8.00 69.07
C ALA EF 164 78.72 8.49 69.05
N THR EF 165 79.04 9.21 67.98
CA THR EF 165 80.38 9.75 67.77
C THR EF 165 80.28 11.20 67.30
N LEU EF 166 81.13 12.07 67.83
CA LEU EF 166 81.15 13.47 67.39
C LEU EF 166 82.47 13.69 66.67
N SER EF 167 82.41 14.07 65.40
CA SER EF 167 83.62 14.30 64.63
C SER EF 167 83.62 15.70 64.04
N TYR EF 168 84.73 16.40 64.14
CA TYR EF 168 84.82 17.74 63.55
C TYR EF 168 86.22 17.92 62.98
N GLU EF 169 86.29 18.46 61.76
CA GLU EF 169 87.54 18.67 61.04
C GLU EF 169 88.52 19.55 61.82
N LEU EF 170 89.81 19.17 61.78
CA LEU EF 170 90.82 20.04 62.24
C LEU EF 170 90.96 21.15 61.29
N ASP EF 171 91.44 20.75 60.10
CA ASP EF 171 91.39 21.68 59.05
C ASP EF 171 91.02 21.00 57.82
N GLU EF 172 90.82 21.90 56.84
CA GLU EF 172 90.91 21.72 55.44
C GLU EF 172 92.32 21.36 55.13
N HIS EF 173 93.26 22.10 55.73
CA HIS EF 173 94.60 21.89 55.32
C HIS EF 173 94.97 20.49 55.72
N ASP EF 174 94.88 20.30 57.04
CA ASP EF 174 95.55 19.26 57.75
C ASP EF 174 95.08 18.01 57.08
N HIS EF 175 93.77 18.04 56.75
CA HIS EF 175 92.92 16.94 56.41
C HIS EF 175 92.84 16.01 57.58
N THR EF 176 92.74 16.57 58.80
CA THR EF 176 92.62 15.67 59.89
C THR EF 176 91.33 15.89 60.57
N VAL EF 177 91.04 15.03 61.59
CA VAL EF 177 89.72 15.20 62.18
C VAL EF 177 89.57 14.46 63.53
N SER EF 178 89.00 15.16 64.51
CA SER EF 178 88.82 14.63 65.84
C SER EF 178 87.57 13.80 65.92
N THR EF 179 87.67 12.64 66.57
CA THR EF 179 86.53 11.75 66.71
C THR EF 179 86.42 11.22 68.13
N THR EF 180 85.52 11.82 68.90
CA THR EF 180 85.31 11.42 70.29
C THR EF 180 84.09 10.51 70.35
N GLN EF 181 84.13 9.46 71.17
CA GLN EF 181 82.97 8.57 71.32
C GLN EF 181 82.05 9.12 72.41
N LEU EF 182 80.75 8.96 72.25
CA LEU EF 182 79.84 9.52 73.23
C LEU EF 182 78.84 8.50 73.74
N ARG EF 183 78.18 8.85 74.84
CA ARG EF 183 77.15 8.04 75.47
C ARG EF 183 76.03 9.03 75.80
N GLY EF 184 74.81 8.53 76.00
CA GLY EF 184 73.72 9.43 76.32
C GLY EF 184 72.38 8.87 75.93
N PHE EF 185 71.37 9.74 75.89
CA PHE EF 185 70.04 9.31 75.53
C PHE EF 185 69.33 10.35 74.68
N TYR EF 186 68.07 10.10 74.38
CA TYR EF 186 67.30 11.03 73.61
C TYR EF 186 66.01 11.26 74.36
N ASN EF 187 65.71 12.52 74.66
CA ASN EF 187 64.52 12.88 75.39
C ASN EF 187 63.35 13.18 74.47
N PHE EF 188 62.32 12.35 74.64
CA PHE EF 188 61.12 12.34 73.86
C PHE EF 188 60.44 13.64 73.97
N GLY EF 189 60.32 14.04 75.25
CA GLY EF 189 59.64 15.23 75.63
C GLY EF 189 60.40 16.41 75.17
N LYS EF 190 61.73 16.34 75.32
CA LYS EF 190 62.60 17.44 75.06
C LYS EF 190 62.81 17.66 73.60
N ARG EF 191 62.67 16.55 72.83
CA ARG EF 191 63.02 16.39 71.44
C ARG EF 191 64.51 16.51 71.34
N GLU EF 192 65.19 16.40 72.44
CA GLU EF 192 66.61 16.75 72.48
C GLU EF 192 67.55 15.56 72.64
N LEU EF 193 68.61 15.60 71.87
CA LEU EF 193 69.61 14.56 71.88
C LEU EF 193 70.70 15.06 72.82
N LEU EF 194 71.03 14.29 73.87
CA LEU EF 194 72.06 14.71 74.83
C LEU EF 194 73.20 13.71 74.95
N LEU EF 195 74.35 14.02 74.37
CA LEU EF 195 75.48 13.11 74.40
C LEU EF 195 76.70 13.69 75.10
N ALA EF 196 77.46 12.82 75.76
CA ALA EF 196 78.67 13.23 76.46
C ALA EF 196 79.76 12.22 76.19
N PRO EF 197 81.03 12.58 76.43
CA PRO EF 197 82.14 11.65 76.18
C PRO EF 197 82.07 10.47 77.12
N LEU EF 198 82.40 9.27 76.51
CA LEU EF 198 82.01 8.04 77.08
C LEU EF 198 82.70 7.99 78.37
N LYS EF 199 84.00 8.31 78.31
CA LYS EF 199 84.77 8.32 79.49
C LYS EF 199 86.21 8.25 79.13
N GLY EF 200 87.02 8.64 80.12
CA GLY EF 200 88.22 7.92 80.47
C GLY EF 200 89.30 8.63 79.78
N GLN EF 201 88.81 9.55 78.93
CA GLN EF 201 89.48 10.62 78.25
C GLN EF 201 89.85 11.70 79.24
N SER EF 202 88.87 11.99 80.13
CA SER EF 202 88.63 12.96 81.17
C SER EF 202 88.41 14.31 80.59
N GLU EF 203 89.04 14.59 79.46
CA GLU EF 203 88.43 15.66 78.75
C GLU EF 203 87.85 14.99 77.58
N GLY EF 204 86.53 15.03 77.49
CA GLY EF 204 85.92 14.58 76.30
C GLY EF 204 84.96 15.66 76.05
N TYR EF 205 84.35 15.72 74.86
CA TYR EF 205 83.42 16.76 74.63
C TYR EF 205 82.15 16.12 74.29
N GLY EF 206 81.05 16.88 74.51
CA GLY EF 206 79.70 16.43 74.38
C GLY EF 206 78.94 17.44 73.57
N VAL EF 207 77.65 17.13 73.38
CA VAL EF 207 76.86 17.78 72.34
C VAL EF 207 75.38 17.70 72.65
N ILE EF 208 74.68 18.80 72.40
CA ILE EF 208 73.24 18.85 72.64
C ILE EF 208 72.57 19.23 71.33
N CYS EF 209 71.60 18.46 70.88
CA CYS EF 209 70.92 18.78 69.63
C CYS EF 209 69.44 18.83 69.86
N ASP EF 210 68.81 19.95 69.52
CA ASP EF 210 67.37 20.07 69.68
C ASP EF 210 66.74 19.84 68.31
N PHE EF 211 65.74 19.01 68.38
CA PHE EF 211 64.88 18.64 67.34
C PHE EF 211 64.23 19.90 66.80
N ASN EF 212 63.62 20.73 67.69
CA ASN EF 212 62.25 21.05 67.46
C ASN EF 212 62.12 22.20 66.53
N LEU EF 213 62.41 21.89 65.27
CA LEU EF 213 61.68 22.41 64.18
C LEU EF 213 60.34 21.75 64.28
N GLY EF 214 60.33 20.48 64.74
CA GLY EF 214 59.25 19.58 64.45
C GLY EF 214 59.79 18.69 63.37
N ASP EF 215 60.87 19.12 62.72
CA ASP EF 215 61.31 18.24 61.71
C ASP EF 215 62.10 17.16 62.36
N ASP EF 216 62.34 16.10 61.55
CA ASP EF 216 63.24 15.00 61.79
C ASP EF 216 64.65 15.44 61.70
N ASP EF 217 64.88 15.91 60.47
CA ASP EF 217 66.13 15.93 59.80
C ASP EF 217 66.91 16.95 60.50
N HIS EF 218 66.20 18.01 60.87
CA HIS EF 218 66.91 19.23 61.15
C HIS EF 218 67.03 19.44 62.65
N ALA EF 219 68.18 19.94 63.10
CA ALA EF 219 68.39 20.16 64.52
C ALA EF 219 69.34 21.33 64.80
N ASP EF 220 69.22 21.87 66.00
CA ASP EF 220 70.03 23.00 66.45
C ASP EF 220 71.06 22.49 67.43
N CYS EF 221 72.13 21.90 66.90
CA CYS EF 221 73.15 21.35 67.78
C CYS EF 221 74.18 22.32 68.32
N LYS EF 222 74.71 22.03 69.51
CA LYS EF 222 75.73 22.85 70.13
C LYS EF 222 76.73 21.98 70.87
N ILE EF 223 77.98 22.07 70.47
CA ILE EF 223 79.05 21.30 71.09
C ILE EF 223 79.33 21.92 72.46
N VAL EF 224 79.13 21.14 73.51
CA VAL EF 224 79.33 21.63 74.86
C VAL EF 224 80.49 20.99 75.58
N VAL EF 225 80.73 21.47 76.78
CA VAL EF 225 81.74 20.90 77.60
C VAL EF 225 80.94 20.06 78.58
N PRO EF 226 81.25 18.76 78.65
CA PRO EF 226 80.50 17.77 79.40
C PRO EF 226 80.40 18.04 80.86
N SER EF 227 81.36 18.80 81.40
CA SER EF 227 81.17 19.42 82.66
C SER EF 227 79.92 20.20 82.54
N SER EF 228 80.13 21.51 82.44
CA SER EF 228 79.18 22.43 82.96
C SER EF 228 78.00 22.48 82.04
N LEU EF 229 78.14 21.80 80.87
CA LEU EF 229 77.27 21.82 79.72
C LEU EF 229 77.30 23.16 79.02
N PHE EF 230 78.42 23.89 79.08
CA PHE EF 230 78.69 25.20 78.58
C PHE EF 230 79.02 25.08 77.10
N VAL EF 231 78.36 25.90 76.29
CA VAL EF 231 78.52 25.94 74.83
C VAL EF 231 79.91 26.28 74.25
N CYS EF 232 80.65 25.26 73.84
CA CYS EF 232 81.96 25.50 73.28
C CYS EF 232 81.86 26.01 71.86
N ALA EF 233 80.82 25.58 71.16
CA ALA EF 233 80.60 25.97 69.77
C ALA EF 233 79.17 25.60 69.37
N HIS EF 234 78.67 26.22 68.30
CA HIS EF 234 77.32 25.98 67.83
C HIS EF 234 77.28 25.66 66.33
N PHE EF 235 76.41 24.73 65.93
CA PHE EF 235 76.26 24.38 64.52
C PHE EF 235 74.85 23.88 64.24
N ASN EF 236 74.19 24.50 63.27
CA ASN EF 236 72.82 24.16 62.89
C ASN EF 236 72.95 22.96 61.99
N ALA EF 237 72.40 21.82 62.39
CA ALA EF 237 72.56 20.62 61.59
C ALA EF 237 71.38 20.07 60.79
N GLN EF 238 71.76 19.26 59.80
CA GLN EF 238 70.81 18.58 58.92
C GLN EF 238 71.23 17.13 58.94
N ARG EF 239 70.33 16.28 58.50
CA ARG EF 239 70.55 14.85 58.53
C ARG EF 239 70.90 14.22 57.23
N TYR EF 240 71.92 13.34 57.22
CA TYR EF 240 73.27 13.83 56.93
C TYR EF 240 73.00 15.13 56.29
N LEU FF 47 25.88 -6.34 8.00
CA LEU FF 47 25.73 -5.56 6.75
C LEU FF 47 25.41 -4.15 7.08
N ASP FF 48 24.24 -3.68 6.57
CA ASP FF 48 23.87 -2.27 6.80
C ASP FF 48 23.57 -1.85 8.25
N PRO FF 49 22.99 -2.76 9.07
CA PRO FF 49 22.68 -2.42 10.46
C PRO FF 49 23.87 -2.35 11.42
N ARG FF 50 24.61 -3.45 11.57
CA ARG FF 50 25.76 -3.48 12.47
C ARG FF 50 26.84 -2.47 12.10
N LEU FF 51 26.86 -2.05 10.83
CA LEU FF 51 27.85 -1.09 10.35
C LEU FF 51 27.31 0.34 10.37
N GLY FF 52 26.02 0.50 10.05
CA GLY FF 52 25.41 1.81 10.05
C GLY FF 52 25.11 2.28 11.46
N ALA FF 53 25.14 1.34 12.40
CA ALA FF 53 24.89 1.63 13.82
C ALA FF 53 26.22 1.81 14.53
N ASN FF 54 27.24 1.11 14.06
CA ASN FF 54 28.58 1.22 14.64
C ASN FF 54 29.04 2.66 14.49
N ALA FF 55 28.22 3.47 13.84
CA ALA FF 55 28.50 4.87 13.62
C ALA FF 55 27.98 5.69 14.81
N PHE FF 56 26.74 5.44 15.20
CA PHE FF 56 26.14 6.14 16.33
C PHE FF 56 27.05 5.93 17.53
N LEU FF 57 27.96 4.97 17.38
CA LEU FF 57 28.93 4.63 18.42
C LEU FF 57 30.14 5.55 18.26
N ILE FF 58 30.52 5.81 17.01
CA ILE FF 58 31.65 6.67 16.73
C ILE FF 58 31.30 8.14 16.92
N ILE FF 59 30.11 8.52 16.50
CA ILE FF 59 29.68 9.90 16.66
C ILE FF 59 29.84 10.29 18.11
N ARG FF 60 29.63 9.32 19.00
CA ARG FF 60 29.76 9.56 20.43
C ARG FF 60 31.18 10.02 20.72
N LEU FF 61 32.15 9.20 20.34
CA LEU FF 61 33.54 9.54 20.57
C LEU FF 61 33.88 10.93 20.06
N ASP FF 62 33.13 11.41 19.07
CA ASP FF 62 33.38 12.72 18.50
C ASP FF 62 33.03 13.82 19.51
N ARG FF 63 31.87 13.69 20.16
CA ARG FF 63 31.45 14.67 21.15
C ARG FF 63 32.38 14.51 22.36
N ILE FF 64 32.68 13.26 22.70
CA ILE FF 64 33.55 12.96 23.83
C ILE FF 64 34.91 13.61 23.67
N ILE FF 65 35.59 13.25 22.59
CA ILE FF 65 36.90 13.78 22.32
C ILE FF 65 36.87 15.31 22.39
N GLU FF 66 35.78 15.92 21.94
CA GLU FF 66 35.65 17.38 21.96
C GLU FF 66 35.54 17.90 23.38
N LYS FF 67 34.59 17.36 24.14
CA LYS FF 67 34.39 17.77 25.53
C LYS FF 67 35.71 17.57 26.27
N LEU FF 68 36.44 16.53 25.87
CA LEU FF 68 37.72 16.20 26.47
C LEU FF 68 38.73 17.34 26.24
N ARG FF 69 38.57 18.06 25.13
CA ARG FF 69 39.46 19.19 24.83
C ARG FF 69 39.25 20.26 25.88
N THR FF 70 37.99 20.51 26.22
CA THR FF 70 37.63 21.51 27.22
C THR FF 70 38.28 21.19 28.56
N LYS FF 71 38.29 19.90 28.92
CA LYS FF 71 38.88 19.48 30.18
C LYS FF 71 40.37 19.71 30.19
N LEU FF 72 41.03 19.45 29.07
CA LEU FF 72 42.46 19.64 29.00
C LEU FF 72 42.78 21.13 29.13
N ASP FF 73 41.77 21.97 28.90
CA ASP FF 73 41.94 23.41 29.01
C ASP FF 73 41.78 23.82 30.47
N GLU FF 74 40.84 23.16 31.14
CA GLU FF 74 40.60 23.42 32.55
C GLU FF 74 41.79 22.93 33.36
N ALA FF 75 42.36 21.82 32.93
CA ALA FF 75 43.49 21.20 33.59
C ALA FF 75 44.77 22.04 33.58
N GLU FF 76 44.96 22.80 32.50
CA GLU FF 76 46.16 23.65 32.38
C GLU FF 76 46.11 24.82 33.37
N LYS FF 77 44.91 25.17 33.82
CA LYS FF 77 44.72 26.28 34.78
C LYS FF 77 45.03 25.87 36.21
N ILE FF 78 44.80 24.62 36.55
CA ILE FF 78 45.22 24.32 37.88
C ILE FF 78 46.43 23.45 37.76
N ASP FF 79 47.64 24.05 37.87
CA ASP FF 79 48.74 23.14 38.03
C ASP FF 79 48.91 22.98 39.46
N PRO FF 80 48.71 21.80 39.82
CA PRO FF 80 49.22 21.32 41.11
C PRO FF 80 50.68 21.69 41.38
N GLU FF 81 51.59 21.22 40.54
CA GLU FF 81 53.02 21.53 40.73
C GLU FF 81 53.24 23.03 40.92
N HIS FF 82 52.26 23.83 40.52
CA HIS FF 82 52.33 25.28 40.66
C HIS FF 82 51.80 25.65 42.03
N PHE FF 83 50.57 25.23 42.33
CA PHE FF 83 49.96 25.51 43.62
C PHE FF 83 50.89 25.12 44.75
N VAL FF 84 51.39 23.88 44.72
CA VAL FF 84 52.30 23.42 45.76
C VAL FF 84 53.41 24.43 45.95
N SER FF 85 53.97 24.90 44.84
CA SER FF 85 55.06 25.87 44.90
C SER FF 85 54.60 27.14 45.62
N GLU FF 86 53.34 27.52 45.41
CA GLU FF 86 52.82 28.71 46.08
C GLU FF 86 52.85 28.51 47.58
N ILE FF 87 52.45 27.33 48.02
CA ILE FF 87 52.47 27.05 49.44
C ILE FF 87 53.90 27.02 49.93
N ASP FF 88 54.78 26.31 49.24
CA ASP FF 88 56.18 26.27 49.67
C ASP FF 88 56.65 27.69 49.95
N ALA FF 89 56.64 28.52 48.91
CA ALA FF 89 57.07 29.89 49.08
C ALA FF 89 56.28 30.59 50.17
N ARG FF 90 54.97 30.38 50.18
CA ARG FF 90 54.10 31.00 51.16
C ARG FF 90 54.58 30.70 52.58
N VAL FF 91 54.99 29.46 52.80
CA VAL FF 91 55.44 29.00 54.09
C VAL FF 91 56.85 29.41 54.35
N THR FF 92 57.72 29.24 53.37
CA THR FF 92 59.12 29.62 53.55
C THR FF 92 59.16 31.07 54.02
N LYS FF 93 58.19 31.85 53.57
CA LYS FF 93 58.07 33.26 53.93
C LYS FF 93 57.84 33.42 55.43
N ILE FF 94 57.16 32.44 56.03
CA ILE FF 94 56.88 32.47 57.45
C ILE FF 94 58.07 31.96 58.21
N GLU FF 95 58.63 30.85 57.73
CA GLU FF 95 59.79 30.23 58.34
C GLU FF 95 60.93 31.24 58.25
N GLY FF 96 63.46 34.80 60.14
CA GLY FF 96 64.33 35.95 60.18
C GLY FF 96 65.72 35.52 59.79
N THR FF 97 66.66 36.48 59.75
CA THR FF 97 67.96 36.03 59.43
C THR FF 97 68.73 35.71 60.67
N HIS FF 98 69.44 34.57 60.59
CA HIS FF 98 70.45 34.23 61.54
C HIS FF 98 71.55 35.19 61.27
N CYS FF 99 71.75 35.48 59.98
CA CYS FF 99 72.93 36.16 59.57
C CYS FF 99 72.77 37.61 59.84
N GLU FF 100 73.87 38.33 59.55
CA GLU FF 100 73.88 39.73 59.78
C GLU FF 100 73.56 40.38 58.50
N LYS FF 101 73.07 41.62 58.61
CA LYS FF 101 72.50 42.13 57.43
C LYS FF 101 73.55 42.45 56.45
N ARG FF 102 73.17 42.30 55.16
CA ARG FF 102 74.07 42.50 54.05
C ARG FF 102 75.14 41.52 54.20
N THR FF 103 74.76 40.33 54.61
CA THR FF 103 75.54 39.10 54.54
C THR FF 103 74.77 38.03 53.81
N PHE FF 104 75.51 37.10 53.19
CA PHE FF 104 74.91 36.03 52.40
C PHE FF 104 74.99 34.67 53.06
N GLN FF 105 73.84 34.03 53.24
CA GLN FF 105 73.75 32.72 53.87
C GLN FF 105 73.99 31.62 52.88
N CYS FF 106 74.96 30.71 53.17
CA CYS FF 106 75.27 29.66 52.25
C CYS FF 106 74.21 28.62 52.32
N GLY FF 107 74.49 27.52 51.60
CA GLY FF 107 73.50 26.52 51.34
C GLY FF 107 73.55 25.53 52.45
N GLY FF 108 73.01 24.32 52.16
CA GLY FF 108 72.68 23.38 53.18
C GLY FF 108 73.92 22.90 53.86
N ASN FF 109 74.97 22.68 53.04
CA ASN FF 109 76.11 21.89 53.44
C ASN FF 109 76.78 22.46 54.64
N GLU FF 110 77.26 23.69 54.51
CA GLU FF 110 77.75 24.27 55.70
C GLU FF 110 76.69 25.24 56.03
N GLN FF 111 77.11 26.20 56.83
CA GLN FF 111 76.26 27.23 57.28
C GLN FF 111 77.23 28.30 57.58
N GLU FF 112 77.35 29.28 56.67
CA GLU FF 112 78.34 30.28 56.89
C GLU FF 112 77.76 31.54 56.36
N CYS FF 113 78.20 32.68 56.93
CA CYS FF 113 77.97 34.03 56.40
C CYS FF 113 79.06 34.67 55.51
N ILE FF 114 78.63 35.31 54.41
CA ILE FF 114 79.57 35.97 53.49
C ILE FF 114 79.13 37.38 53.17
N SER FF 115 80.08 38.32 53.13
CA SER FF 115 79.71 39.69 52.84
C SER FF 115 79.24 39.82 51.41
N ASP FF 116 78.13 40.61 51.21
CA ASP FF 116 77.38 40.57 50.01
C ASP FF 116 78.20 40.86 48.80
N LEU FF 117 78.94 41.97 48.82
CA LEU FF 117 79.59 42.41 47.60
C LEU FF 117 80.58 41.35 47.26
N LEU FF 118 81.23 40.83 48.29
CA LEU FF 118 82.29 39.92 48.04
C LEU FF 118 81.73 38.66 47.45
N VAL FF 119 80.56 38.21 47.97
CA VAL FF 119 79.96 36.94 47.61
C VAL FF 119 79.45 36.93 46.20
N CYS FF 120 78.92 38.06 45.71
CA CYS FF 120 78.52 38.11 44.32
C CYS FF 120 79.65 38.72 43.60
N ASP FF 121 80.75 37.96 43.51
CA ASP FF 121 81.88 38.46 42.79
C ASP FF 121 81.44 38.50 41.38
N GLY FF 122 80.68 37.46 40.98
CA GLY FF 122 80.35 37.20 39.61
C GLY FF 122 81.12 35.97 39.25
N HIS FF 123 82.25 35.79 39.96
CA HIS FF 123 83.05 34.59 40.09
C HIS FF 123 82.61 33.98 41.39
N LYS FF 124 82.96 32.69 41.64
CA LYS FF 124 82.40 32.03 42.81
C LYS FF 124 82.96 32.65 44.04
N ASP FF 125 82.04 33.08 44.92
CA ASP FF 125 82.41 33.51 46.24
C ASP FF 125 83.02 32.31 46.94
N CYS FF 126 82.29 31.19 46.94
CA CYS FF 126 82.70 30.13 47.78
C CYS FF 126 82.95 28.94 46.94
N HIS FF 127 83.43 27.94 47.67
CA HIS FF 127 83.79 26.69 47.13
C HIS FF 127 82.58 26.19 46.43
N ASN FF 128 81.44 26.08 47.15
CA ASN FF 128 80.43 25.09 46.85
C ASN FF 128 80.04 25.17 45.40
N ALA FF 129 79.52 26.31 44.86
CA ALA FF 129 79.17 27.53 45.52
C ALA FF 129 77.69 27.59 45.42
N HIS FF 130 77.06 28.31 46.36
CA HIS FF 130 75.63 28.41 46.42
C HIS FF 130 75.17 29.02 45.14
N ASP FF 131 75.86 30.13 44.77
CA ASP FF 131 75.58 31.08 43.72
C ASP FF 131 75.61 30.39 42.40
N GLU FF 132 76.62 29.51 42.21
CA GLU FF 132 77.04 28.94 40.96
C GLU FF 132 75.92 28.10 40.41
N ASP FF 133 75.12 27.48 41.31
CA ASP FF 133 74.02 26.62 40.96
C ASP FF 133 72.98 27.43 40.23
N PRO FF 134 72.47 26.81 39.20
CA PRO FF 134 71.89 27.51 38.07
C PRO FF 134 70.55 28.11 38.37
N ASP FF 135 69.91 27.58 39.43
CA ASP FF 135 68.54 27.79 39.87
C ASP FF 135 68.35 29.17 40.39
N VAL FF 136 69.33 29.67 41.17
CA VAL FF 136 69.27 31.00 41.67
C VAL FF 136 69.65 31.98 40.62
N CYS FF 137 70.69 31.66 39.82
CA CYS FF 137 71.34 32.65 39.02
C CYS FF 137 70.43 33.03 37.88
N ASP FF 138 69.43 32.16 37.62
CA ASP FF 138 68.63 32.10 36.43
C ASP FF 138 68.04 33.43 36.15
N THR FF 139 68.43 33.96 34.98
CA THR FF 139 68.24 35.31 34.63
C THR FF 139 66.80 35.60 34.47
N SER FF 140 66.08 34.64 33.85
CA SER FF 140 64.86 34.95 33.19
C SER FF 140 63.88 35.52 34.17
N VAL FF 141 63.63 34.82 35.30
CA VAL FF 141 62.54 35.20 36.17
C VAL FF 141 62.81 36.62 36.58
N VAL FF 142 64.07 36.91 36.89
CA VAL FF 142 64.52 38.14 37.49
C VAL FF 142 64.27 39.26 36.57
N LYS FF 143 64.32 38.98 35.26
CA LYS FF 143 64.61 39.92 34.23
C LYS FF 143 63.57 40.98 34.21
N ALA FF 144 63.99 42.24 34.00
CA ALA FF 144 63.01 43.26 34.05
C ALA FF 144 62.37 43.37 32.72
N GLY FF 145 61.64 44.49 32.57
CA GLY FF 145 60.79 44.75 31.46
C GLY FF 145 59.40 44.43 31.91
N ASN FF 146 59.27 43.99 33.17
CA ASN FF 146 57.97 43.64 33.66
C ASN FF 146 57.23 44.91 34.00
N VAL FF 147 55.86 44.88 33.97
CA VAL FF 147 55.02 45.90 34.54
C VAL FF 147 54.40 45.43 35.84
N PHE FF 148 54.50 46.27 36.86
CA PHE FF 148 53.95 45.94 38.16
C PHE FF 148 52.90 46.96 38.56
N SER FF 149 51.74 46.48 38.98
CA SER FF 149 50.65 47.36 39.39
C SER FF 149 50.24 46.95 40.78
N GLY FF 150 49.39 47.78 41.39
CA GLY FF 150 48.93 47.48 42.73
C GLY FF 150 48.42 48.72 43.39
N THR FF 151 47.77 48.54 44.53
CA THR FF 151 47.22 49.66 45.26
C THR FF 151 48.21 50.27 46.25
N SER FF 152 48.28 51.59 46.23
CA SER FF 152 49.17 52.35 47.07
C SER FF 152 48.33 53.02 48.14
N THR FF 153 48.38 52.48 49.35
CA THR FF 153 47.64 53.04 50.48
C THR FF 153 48.59 54.04 51.13
N TRP FF 154 48.12 55.28 51.28
CA TRP FF 154 48.96 56.31 51.87
C TRP FF 154 48.71 56.56 53.34
N HIS FF 155 49.81 56.86 54.04
CA HIS FF 155 49.81 57.61 55.25
C HIS FF 155 49.32 58.98 54.90
N GLY FF 156 49.49 59.37 53.62
CA GLY FF 156 48.97 60.62 53.20
C GLY FF 156 50.00 61.66 53.44
N CYS FF 157 51.25 61.39 53.02
CA CYS FF 157 52.12 62.50 52.80
C CYS FF 157 51.63 63.25 51.59
N LEU FF 158 51.01 62.52 50.65
CA LEU FF 158 50.44 63.15 49.51
C LEU FF 158 49.02 63.42 49.84
N ALA FF 159 48.48 64.50 49.23
CA ALA FF 159 47.22 65.04 49.67
C ALA FF 159 46.22 63.95 49.50
N ARG FF 160 46.36 63.22 48.36
CA ARG FF 160 45.41 62.55 47.47
C ARG FF 160 45.04 61.15 47.89
N GLU FF 161 43.78 60.75 47.61
CA GLU FF 161 43.08 59.61 48.14
C GLU FF 161 43.76 58.32 47.68
N ASP FF 162 43.36 57.13 48.22
CA ASP FF 162 44.18 56.01 47.86
C ASP FF 162 43.98 55.72 46.42
N HIS FF 163 44.86 54.87 45.88
CA HIS FF 163 44.90 54.82 44.43
C HIS FF 163 45.82 53.72 44.00
N VAL FF 164 46.04 53.60 42.69
CA VAL FF 164 46.91 52.57 42.16
C VAL FF 164 48.19 53.16 41.56
N THR FF 165 49.28 52.40 41.63
CA THR FF 165 50.56 52.82 41.08
C THR FF 165 50.92 51.77 40.06
N ARG FF 166 51.65 52.16 39.02
CA ARG FF 166 52.01 51.22 37.99
C ARG FF 166 53.47 51.38 37.61
N ILE FF 167 54.32 50.58 38.23
CA ILE FF 167 55.75 50.62 37.97
C ILE FF 167 56.04 49.74 36.77
N THR FF 168 56.66 50.33 35.75
CA THR FF 168 57.00 49.58 34.55
C THR FF 168 58.44 49.85 34.14
N ILE FF 169 59.24 48.78 34.09
CA ILE FF 169 60.64 48.89 33.74
C ILE FF 169 60.86 49.33 32.32
N THR FF 170 61.50 50.48 32.16
CA THR FF 170 61.81 51.03 30.84
C THR FF 170 63.01 50.33 30.21
N ALA FF 171 64.18 50.40 30.87
CA ALA FF 171 65.42 49.79 30.39
C ALA FF 171 66.22 49.13 31.51
N SER FF 172 67.26 48.39 31.14
CA SER FF 172 68.08 47.69 32.13
C SER FF 172 69.46 47.28 31.66
N LYS FF 173 70.51 48.01 32.07
CA LYS FF 173 71.88 47.69 31.71
C LYS FF 173 72.54 46.86 32.83
N ARG FF 174 73.59 46.13 32.43
CA ARG FF 174 74.50 45.53 33.34
C ARG FF 174 75.73 45.33 32.53
N ARG FF 175 76.52 44.32 32.88
CA ARG FF 175 77.47 43.93 31.89
C ARG FF 175 76.74 42.98 30.99
N LYS FF 176 77.49 42.15 30.26
CA LYS FF 176 76.87 41.13 29.49
C LYS FF 176 76.30 40.10 30.41
N PHE FF 177 77.01 39.77 31.51
CA PHE FF 177 76.71 38.67 32.38
C PHE FF 177 75.53 38.93 33.23
N PHE FF 178 75.39 40.19 33.64
CA PHE FF 178 76.09 40.66 34.79
C PHE FF 178 75.12 40.50 35.92
N THR FF 179 75.38 39.56 36.85
CA THR FF 179 74.28 39.19 37.70
C THR FF 179 73.97 40.22 38.75
N ALA FF 180 74.99 40.74 39.46
CA ALA FF 180 74.78 41.10 40.85
C ALA FF 180 73.75 42.14 40.88
N ARG FF 181 74.08 43.13 40.05
CA ARG FF 181 73.55 44.46 40.04
C ARG FF 181 73.00 44.65 38.70
N ILE FF 182 71.85 45.29 38.70
CA ILE FF 182 71.15 45.56 37.45
C ILE FF 182 70.72 47.02 37.50
N TRP FF 183 71.32 47.86 36.67
CA TRP FF 183 70.95 49.25 36.65
C TRP FF 183 69.75 49.36 35.76
N LEU FF 184 68.78 50.20 36.13
CA LEU FF 184 67.59 50.31 35.30
C LEU FF 184 66.81 51.61 35.38
N ARG FF 185 66.07 51.89 34.31
CA ARG FF 185 65.22 53.06 34.19
C ARG FF 185 63.81 52.50 34.19
N ALA FF 186 62.86 53.27 34.71
CA ALA FF 186 61.48 52.80 34.74
C ALA FF 186 60.50 53.94 34.79
N LEU FF 187 59.25 53.62 34.52
CA LEU FF 187 58.18 54.60 34.49
C LEU FF 187 57.15 54.36 35.55
N VAL FF 188 56.98 55.33 36.44
CA VAL FF 188 56.02 55.17 37.51
C VAL FF 188 54.80 56.03 37.25
N GLU FF 189 53.64 55.40 37.17
CA GLU FF 189 52.38 56.12 36.93
C GLU FF 189 51.45 55.90 38.11
N SER FF 190 50.59 56.89 38.30
CA SER FF 190 49.50 56.67 39.16
C SER FF 190 48.30 57.17 38.47
N GLU FF 191 47.21 56.55 38.83
CA GLU FF 191 45.88 56.94 38.37
C GLU FF 191 45.10 57.61 39.50
N LEU FF 192 45.19 58.92 39.57
CA LEU FF 192 44.51 59.68 40.61
C LEU FF 192 43.58 60.73 40.04
N GLU FF 193 42.54 61.07 40.80
CA GLU FF 193 41.57 62.06 40.37
C GLU FF 193 41.91 63.46 40.90
N ARG FF 194 41.98 64.46 39.95
CA ARG FF 194 42.10 65.86 40.20
C ARG FF 194 40.69 66.35 40.12
N HIS FF 195 40.49 67.67 40.30
CA HIS FF 195 39.20 68.23 40.05
C HIS FF 195 38.95 68.22 38.57
N GLY FF 196 37.86 67.56 38.16
CA GLY FF 196 37.77 67.16 36.80
C GLY FF 196 38.03 65.69 36.80
N GLU FF 197 38.30 65.14 35.61
CA GLU FF 197 38.31 63.74 35.37
C GLU FF 197 39.59 63.16 35.82
N ASN FF 198 39.62 61.79 35.72
CA ASN FF 198 40.77 60.90 35.89
C ASN FF 198 42.03 61.40 35.16
N VAL FF 199 43.12 61.57 35.90
CA VAL FF 199 44.40 62.01 35.35
C VAL FF 199 45.41 60.92 35.63
N THR FF 200 46.63 61.09 35.12
CA THR FF 200 47.67 60.11 35.36
C THR FF 200 49.01 60.78 35.58
N SER FF 201 49.58 60.53 36.74
CA SER FF 201 50.82 61.17 37.10
C SER FF 201 51.86 60.16 36.83
N SER FF 202 52.71 60.52 35.87
CA SER FF 202 53.79 59.67 35.49
C SER FF 202 55.01 60.48 35.74
N PHE FF 203 55.98 59.85 36.38
CA PHE FF 203 57.35 60.37 36.32
C PHE FF 203 58.35 59.27 35.93
N ASN FF 204 59.47 59.70 35.36
CA ASN FF 204 60.48 58.77 34.93
C ASN FF 204 61.44 58.52 36.08
N ALA FF 205 61.93 57.30 36.21
CA ALA FF 205 62.83 56.95 37.29
C ALA FF 205 64.04 56.19 36.84
N LYS FF 206 65.09 56.26 37.66
CA LYS FF 206 66.34 55.55 37.42
C LYS FF 206 66.69 54.87 38.73
N GLY FF 207 67.36 53.73 38.65
CA GLY FF 207 67.70 53.02 39.87
C GLY FF 207 68.44 51.72 39.62
N TYR FF 208 68.32 50.80 40.56
CA TYR FF 208 69.01 49.52 40.44
C TYR FF 208 68.28 48.38 41.16
N TYR FF 209 68.68 47.15 40.84
CA TYR FF 209 68.11 45.96 41.43
C TYR FF 209 69.26 45.20 42.05
N ASN FF 210 69.08 44.81 43.31
CA ASN FF 210 70.11 44.09 44.04
C ASN FF 210 69.67 42.68 44.30
N PHE FF 211 70.43 41.82 43.62
CA PHE FF 211 70.19 40.45 43.41
C PHE FF 211 70.05 39.94 44.78
N ALA FF 212 71.12 40.22 45.54
CA ALA FF 212 71.07 39.75 46.87
C ALA FF 212 70.01 40.50 47.63
N SER FF 213 69.91 41.84 47.45
CA SER FF 213 69.09 42.61 48.35
C SER FF 213 67.69 42.11 48.25
N ARG FF 214 67.36 41.52 47.07
CA ARG FF 214 66.02 41.33 46.59
C ARG FF 214 65.34 42.64 46.72
N ARG FF 215 65.94 43.69 46.15
CA ARG FF 215 65.40 45.04 46.32
C ARG FF 215 65.49 45.76 44.99
N LEU FF 216 64.49 46.56 44.71
CA LEU FF 216 64.45 47.32 43.48
C LEU FF 216 64.30 48.75 43.97
N ILE FF 217 65.27 49.62 43.68
CA ILE FF 217 65.12 51.01 44.11
C ILE FF 217 64.95 51.92 42.91
N LEU FF 218 63.89 52.70 42.92
CA LEU FF 218 63.62 53.60 41.83
C LEU FF 218 63.52 55.03 42.30
N LEU FF 219 64.47 55.85 41.84
CA LEU FF 219 64.51 57.26 42.20
C LEU FF 219 64.05 58.06 41.01
N PRO FF 220 63.52 59.25 41.26
CA PRO FF 220 63.05 60.11 40.18
C PRO FF 220 64.22 60.66 39.37
N THR FF 221 63.99 60.95 38.09
CA THR FF 221 65.01 61.64 37.40
C THR FF 221 64.83 63.09 37.66
N ASP FF 222 65.25 63.96 36.69
CA ASP FF 222 65.15 65.38 36.89
C ASP FF 222 63.99 65.86 36.12
N ASP FF 223 63.04 66.06 37.00
CA ASP FF 223 61.66 66.26 36.87
C ASP FF 223 61.52 67.44 37.77
N HIS FF 224 60.52 68.29 37.55
CA HIS FF 224 60.21 69.30 38.51
C HIS FF 224 59.35 68.75 39.61
N ASP FF 225 58.63 67.67 39.31
CA ASP FF 225 57.68 67.04 40.17
C ASP FF 225 58.38 66.52 41.37
N ASP FF 226 59.48 65.81 41.02
CA ASP FF 226 60.36 65.01 41.83
C ASP FF 226 59.54 64.25 42.82
N HIS FF 227 58.68 63.34 42.28
CA HIS FF 227 57.80 62.52 43.05
C HIS FF 227 58.53 61.33 43.53
N LEU FF 228 58.14 60.96 44.75
CA LEU FF 228 59.05 60.43 45.71
C LEU FF 228 59.33 59.06 45.28
N ALA FF 229 60.41 58.53 45.85
CA ALA FF 229 61.10 57.37 45.31
C ALA FF 229 60.36 56.12 45.76
N VAL FF 230 60.27 55.15 44.86
CA VAL FF 230 59.59 53.90 45.17
C VAL FF 230 60.64 52.85 45.48
N VAL FF 231 60.28 51.90 46.34
CA VAL FF 231 61.18 50.85 46.73
C VAL FF 231 60.45 49.54 46.90
N CYS FF 232 60.88 48.53 46.15
CA CYS FF 232 60.26 47.23 46.20
C CYS FF 232 61.20 46.12 46.56
N SER FF 233 60.67 45.15 47.32
CA SER FF 233 61.41 43.97 47.71
C SER FF 233 60.61 42.80 47.15
N PHE FF 234 61.40 41.78 46.70
CA PHE FF 234 61.20 40.51 46.02
C PHE FF 234 60.27 39.52 46.70
N ASN FF 235 60.76 39.01 47.87
CA ASN FF 235 60.32 38.01 48.80
C ASN FF 235 59.06 38.59 49.26
N ARG FF 236 58.11 38.44 48.37
CA ARG FF 236 56.86 37.81 48.43
C ARG FF 236 57.05 36.29 48.49
N GLY FF 237 58.01 35.70 47.72
CA GLY FF 237 58.20 34.26 47.73
C GLY FF 237 57.61 33.73 46.44
N ASP FF 238 56.69 34.51 45.88
CA ASP FF 238 56.51 34.56 44.46
C ASP FF 238 57.72 35.31 44.00
N ASN FF 239 58.16 35.09 42.74
CA ASN FF 239 59.01 36.06 42.09
C ASN FF 239 58.19 37.18 41.65
N GLU FF 240 56.93 36.86 41.32
CA GLU FF 240 56.24 37.80 40.50
C GLU FF 240 56.10 39.04 41.30
N ARG FF 241 55.56 38.82 42.50
CA ARG FF 241 55.06 39.79 43.47
C ARG FF 241 56.14 40.46 44.30
N ALA FF 242 55.88 41.70 44.68
CA ALA FF 242 56.84 42.44 45.49
C ALA FF 242 56.15 43.38 46.45
N GLU FF 243 56.84 43.70 47.55
CA GLU FF 243 56.33 44.58 48.58
C GLU FF 243 57.05 45.89 48.41
N CYS FF 244 56.29 46.96 48.18
CA CYS FF 244 56.88 48.28 47.97
C CYS FF 244 56.46 49.37 48.97
N HIS FF 245 57.18 50.48 48.91
CA HIS FF 245 56.91 51.62 49.76
C HIS FF 245 57.39 52.86 49.04
N ARG FF 246 56.67 53.95 49.22
CA ARG FF 246 57.09 55.20 48.62
C ARG FF 246 57.88 55.83 49.74
N VAL FF 247 59.04 56.42 49.43
CA VAL FF 247 59.84 56.99 50.49
C VAL FF 247 60.61 58.22 50.09
N THR FF 248 61.14 58.99 51.04
CA THR FF 248 61.89 60.11 50.58
C THR FF 248 63.31 59.69 50.76
N GLU FF 249 64.24 60.27 49.98
CA GLU FF 249 65.64 59.91 50.06
C GLU FF 249 66.18 60.37 51.35
N ALA FF 250 65.92 61.66 51.61
CA ALA FF 250 66.59 62.31 52.68
C ALA FF 250 66.13 61.67 53.96
N THR FF 251 64.78 61.62 54.12
CA THR FF 251 64.10 61.14 55.29
C THR FF 251 64.35 59.68 55.39
N LEU FF 252 64.07 58.98 54.28
CA LEU FF 252 64.19 57.56 54.24
C LEU FF 252 63.23 56.98 55.20
N HIS FF 253 62.12 57.71 55.32
CA HIS FF 253 60.93 57.24 55.90
C HIS FF 253 60.12 56.53 54.86
N GLN FF 254 59.08 55.78 55.32
CA GLN FF 254 57.99 55.22 54.55
C GLN FF 254 56.70 56.01 54.51
N CYS FF 255 56.40 56.59 53.36
CA CYS FF 255 55.19 57.39 53.17
C CYS FF 255 53.98 56.56 52.79
N ALA FF 256 54.21 55.42 52.16
CA ALA FF 256 53.09 54.57 51.77
C ALA FF 256 53.45 53.13 51.49
N ASP FF 257 52.44 52.27 51.64
CA ASP FF 257 52.57 50.83 51.42
C ASP FF 257 52.02 50.50 50.03
N LEU FF 258 52.75 49.70 49.27
CA LEU FF 258 52.31 49.35 47.93
C LEU FF 258 52.67 47.91 47.60
N PHE FF 259 51.68 47.05 47.43
CA PHE FF 259 51.95 45.66 47.08
C PHE FF 259 51.65 45.43 45.59
N VAL FF 260 52.71 45.25 44.81
CA VAL FF 260 52.56 45.06 43.38
C VAL FF 260 52.59 43.62 42.95
N THR FF 261 52.08 43.41 41.74
CA THR FF 261 52.02 42.12 41.13
C THR FF 261 52.33 42.32 39.66
N LEU FF 262 53.10 41.40 39.09
CA LEU FF 262 53.46 41.48 37.70
C LEU FF 262 52.24 41.22 36.83
N GLU FF 263 51.98 42.09 35.86
CA GLU FF 263 50.84 41.86 35.04
C GLU FF 263 51.28 40.93 33.98
N GLU FF 264 50.38 40.04 33.55
CA GLU FF 264 50.68 39.15 32.47
C GLU FF 264 51.01 39.98 31.26
N HIS FF 265 52.04 39.55 30.49
CA HIS FF 265 52.51 40.20 29.29
C HIS FF 265 51.48 40.04 28.22
N ASP FF 266 50.87 38.84 28.11
CA ASP FF 266 49.81 38.75 27.14
C ASP FF 266 48.46 39.20 27.68
N GLN GF 26 31.62 -12.04 4.21
CA GLN GF 26 33.04 -12.23 3.84
C GLN GF 26 33.64 -10.89 3.56
N SER GF 27 33.36 -10.35 2.36
CA SER GF 27 33.83 -9.04 2.01
C SER GF 27 33.15 -8.11 2.90
N HIS GF 28 31.92 -8.47 3.22
CA HIS GF 28 31.22 -7.55 4.01
C HIS GF 28 31.94 -7.56 5.33
N ASP GF 29 32.21 -8.77 5.88
CA ASP GF 29 32.60 -8.94 7.27
C ASP GF 29 33.88 -8.27 7.60
N GLU GF 30 34.87 -8.40 6.71
CA GLU GF 30 36.22 -8.03 7.03
C GLU GF 30 36.15 -6.60 7.35
N ILE GF 31 35.35 -5.90 6.51
CA ILE GF 31 35.06 -4.49 6.59
C ILE GF 31 34.63 -4.23 8.01
N ILE GF 32 33.51 -4.84 8.41
CA ILE GF 32 32.68 -4.24 9.44
C ILE GF 32 33.39 -4.15 10.75
N ASP GF 33 34.29 -5.11 11.03
CA ASP GF 33 34.95 -5.29 12.30
C ASP GF 33 35.81 -4.10 12.64
N LYS GF 34 36.36 -3.42 11.63
CA LYS GF 34 37.48 -2.51 11.71
C LYS GF 34 37.21 -1.43 12.72
N LEU GF 35 36.05 -0.76 12.55
CA LEU GF 35 35.57 0.44 13.19
C LEU GF 35 35.21 0.27 14.64
N ILE GF 36 34.91 -0.95 15.11
CA ILE GF 36 34.54 -1.06 16.50
C ILE GF 36 35.71 -0.78 17.41
N GLU GF 37 36.81 -1.51 17.21
CA GLU GF 37 37.97 -1.70 18.08
C GLU GF 37 38.84 -0.44 18.06
N ARG GF 38 38.44 0.52 17.23
CA ARG GF 38 39.14 1.78 17.10
C ARG GF 38 38.35 2.85 17.86
N THR GF 39 37.04 2.63 17.96
CA THR GF 39 36.18 3.56 18.67
C THR GF 39 36.55 3.51 20.13
N ASN GF 40 36.90 2.32 20.60
CA ASN GF 40 37.30 2.13 21.99
C ASN GF 40 38.74 2.58 22.20
N LYS GF 41 39.60 2.27 21.24
CA LYS GF 41 41.00 2.63 21.32
C LYS GF 41 41.17 4.14 21.54
N ILE GF 42 40.10 4.89 21.35
CA ILE GF 42 40.13 6.34 21.54
C ILE GF 42 39.36 6.69 22.79
N THR GF 43 38.23 6.01 23.00
CA THR GF 43 37.40 6.23 24.16
C THR GF 43 38.26 6.05 25.42
N THR GF 44 39.43 5.43 25.24
CA THR GF 44 40.36 5.22 26.34
C THR GF 44 41.23 6.45 26.47
N SER GF 45 41.91 6.81 25.38
CA SER GF 45 42.77 7.98 25.38
C SER GF 45 41.99 9.19 25.86
N ILE GF 46 40.68 9.16 25.68
CA ILE GF 46 39.84 10.27 26.11
C ILE GF 46 39.73 10.28 27.63
N SER GF 47 39.08 9.27 28.19
CA SER GF 47 38.93 9.20 29.63
C SER GF 47 40.28 9.20 30.34
N HIS GF 48 41.33 8.86 29.61
CA HIS GF 48 42.68 8.87 30.18
C HIS GF 48 43.04 10.31 30.55
N VAL GF 49 42.73 11.24 29.67
CA VAL GF 49 43.02 12.65 29.91
C VAL GF 49 42.04 13.19 30.95
N GLU GF 50 40.75 12.89 30.77
CA GLU GF 50 39.73 13.35 31.70
C GLU GF 50 40.17 13.03 33.12
N SER GF 51 41.06 12.05 33.25
CA SER GF 51 41.57 11.67 34.55
C SER GF 51 42.65 12.67 34.96
N LEU GF 52 43.67 12.81 34.10
CA LEU GF 52 44.77 13.73 34.38
C LEU GF 52 44.27 15.13 34.70
N LEU GF 53 43.12 15.49 34.13
CA LEU GF 53 42.52 16.78 34.39
C LEU GF 53 41.94 16.76 35.79
N ASP GF 54 41.06 15.79 36.04
CA ASP GF 54 40.43 15.66 37.36
C ASP GF 54 41.48 15.65 38.46
N ASP GF 55 42.68 15.19 38.12
CA ASP GF 55 43.77 15.13 39.09
C ASP GF 55 44.27 16.52 39.51
N ARG GF 56 44.11 17.49 38.63
CA ARG GF 56 44.54 18.84 38.96
C ARG GF 56 43.40 19.68 39.51
N LEU GF 57 42.19 19.12 39.49
CA LEU GF 57 41.03 19.83 40.03
C LEU GF 57 40.58 19.14 41.29
N ASP GF 58 41.08 17.93 41.53
CA ASP GF 58 40.42 16.98 42.40
C ASP GF 58 40.29 17.61 43.76
N PRO GF 59 39.12 17.57 44.35
CA PRO GF 59 38.77 18.40 45.51
C PRO GF 59 39.61 18.08 46.75
N LYS GF 60 39.89 16.80 46.95
CA LYS GF 60 40.68 16.38 48.10
C LYS GF 60 42.04 17.09 48.08
N ARG GF 61 42.52 17.40 46.88
CA ARG GF 61 43.80 18.10 46.76
C ARG GF 61 43.58 19.57 47.11
N ILE GF 62 42.47 20.14 46.65
CA ILE GF 62 42.13 21.53 46.91
C ILE GF 62 42.17 21.83 48.40
N ARG GF 63 41.22 21.29 49.14
CA ARG GF 63 41.17 21.53 50.57
C ARG GF 63 42.53 21.31 51.19
N LYS GF 64 43.14 20.16 50.91
CA LYS GF 64 44.44 19.83 51.49
C LYS GF 64 45.44 20.96 51.29
N ALA GF 65 45.41 21.59 50.13
CA ALA GF 65 46.31 22.69 49.84
C ALA GF 65 45.80 23.96 50.50
N GLY GF 66 44.52 24.22 50.33
CA GLY GF 66 43.93 25.40 50.95
C GLY GF 66 44.18 25.37 52.43
N SER GF 67 44.07 24.18 53.01
CA SER GF 67 44.32 24.00 54.43
C SER GF 67 45.71 24.54 54.75
N LEU GF 68 46.68 24.18 53.93
CA LEU GF 68 48.06 24.64 54.12
C LEU GF 68 48.07 26.16 54.10
N ARG GF 69 47.38 26.73 53.12
CA ARG GF 69 47.32 28.18 53.01
C ARG GF 69 46.95 28.76 54.35
N HIS GF 70 45.88 28.25 54.95
CA HIS GF 70 45.44 28.74 56.24
C HIS GF 70 46.59 28.83 57.23
N ARG GF 71 47.25 27.71 57.50
CA ARG GF 71 48.36 27.70 58.44
C ARG GF 71 49.25 28.93 58.27
N VAL GF 72 49.46 29.31 57.01
CA VAL GF 72 50.27 30.48 56.70
C VAL GF 72 49.53 31.76 57.08
N GLU GF 73 48.27 31.88 56.65
CA GLU GF 73 47.45 33.06 56.97
C GLU GF 73 47.51 33.37 58.46
N GLU GF 74 47.72 32.33 59.27
CA GLU GF 74 47.79 32.46 60.71
C GLU GF 74 49.12 33.08 61.17
N LEU GF 75 50.19 32.86 60.40
CA LEU GF 75 51.49 33.41 60.74
C LEU GF 75 51.61 34.87 60.30
N GLU GF 76 52.06 35.57 61.70
CA GLU GF 76 52.40 36.89 61.25
C GLU GF 76 51.47 37.90 61.85
N ASP GF 77 51.90 39.18 61.77
CA ASP GF 77 51.08 40.32 62.08
C ASP GF 77 50.32 40.65 60.86
N PRO GF 78 49.10 40.53 61.17
CA PRO GF 78 48.09 40.19 60.26
C PRO GF 78 47.76 41.38 59.48
N SER GF 79 47.52 41.08 58.21
CA SER GF 79 47.05 41.99 57.24
C SER GF 79 45.87 42.65 57.90
N CYS GF 80 44.78 41.89 58.11
CA CYS GF 80 43.54 42.58 58.35
C CYS GF 80 43.44 42.84 59.81
N ASP GF 81 42.31 43.31 60.40
CA ASP GF 81 42.46 43.32 61.83
C ASP GF 81 42.03 42.02 62.37
N GLU GF 82 42.07 41.91 63.72
CA GLU GF 82 41.37 40.87 64.39
C GLU GF 82 39.95 41.12 63.98
N HIS GF 83 39.47 42.36 64.21
CA HIS GF 83 38.11 42.64 63.88
C HIS GF 83 37.98 42.56 62.41
N GLU GF 84 38.94 43.12 61.69
CA GLU GF 84 38.71 43.27 60.25
C GLU GF 84 38.96 41.97 59.49
N HIS GF 85 38.30 41.84 58.33
CA HIS GF 85 38.40 40.64 57.50
C HIS GF 85 39.22 40.91 56.27
N GLN GF 86 40.19 40.04 56.01
CA GLN GF 86 41.05 40.19 54.85
C GLN GF 86 40.43 39.54 53.64
N CYS GF 87 40.11 40.35 52.53
CA CYS GF 87 39.26 39.89 51.48
C CYS GF 87 39.99 38.85 50.74
N GLY GF 88 41.33 38.92 50.84
CA GLY GF 88 42.18 38.45 49.82
C GLY GF 88 42.88 39.67 49.33
N GLY GF 89 43.86 39.46 48.44
CA GLY GF 89 44.11 38.09 48.10
C GLY GF 89 45.23 38.08 47.12
N ASP GF 90 44.97 38.64 45.92
CA ASP GF 90 45.93 39.33 45.11
C ASP GF 90 46.17 40.71 45.64
N ASP GF 91 45.07 41.47 45.83
CA ASP GF 91 45.22 42.78 46.39
C ASP GF 91 44.49 42.68 47.66
N PRO GF 92 45.13 43.04 48.73
CA PRO GF 92 44.49 43.05 49.98
C PRO GF 92 43.60 44.21 50.02
N GLN GF 93 42.72 44.14 51.04
CA GLN GF 93 41.64 45.00 51.33
C GLN GF 93 41.18 44.50 52.64
N CYS GF 94 40.94 45.41 53.57
CA CYS GF 94 40.39 45.11 54.89
C CYS GF 94 38.98 45.68 55.10
N ILE GF 95 38.03 44.83 55.45
CA ILE GF 95 36.67 45.29 55.72
C ILE GF 95 36.28 44.74 57.07
N SER GF 96 35.28 45.34 57.71
CA SER GF 96 34.88 44.85 59.03
C SER GF 96 34.28 43.46 59.04
N LYS GF 97 34.56 42.77 60.16
CA LYS GF 97 33.83 41.57 60.34
C LYS GF 97 32.37 41.87 60.41
N LEU GF 98 31.95 43.05 60.92
CA LEU GF 98 30.54 43.30 60.96
C LEU GF 98 30.05 43.47 59.55
N PHE GF 99 30.98 44.04 58.78
CA PHE GF 99 30.87 44.75 57.54
C PHE GF 99 30.54 43.96 56.30
N VAL GF 100 31.29 42.87 56.03
CA VAL GF 100 30.75 41.79 55.24
C VAL GF 100 29.74 41.28 56.22
N CYS GF 101 28.62 40.60 55.86
CA CYS GF 101 28.05 40.25 54.60
C CYS GF 101 26.77 41.02 54.51
N ASP GF 102 26.96 42.32 54.31
CA ASP GF 102 25.98 43.36 54.27
C ASP GF 102 24.97 42.95 53.24
N GLY GF 103 25.48 42.46 52.10
CA GLY GF 103 24.64 42.22 50.97
C GLY GF 103 25.08 43.21 49.96
N HIS GF 104 25.57 44.39 50.40
CA HIS GF 104 26.40 45.09 49.48
C HIS GF 104 27.67 44.33 49.43
N ASN GF 105 28.38 44.48 48.30
CA ASN GF 105 29.66 43.86 48.13
C ASN GF 105 30.67 44.86 48.55
N ASP GF 106 31.45 44.43 49.56
CA ASP GF 106 32.75 44.85 49.95
C ASP GF 106 33.67 44.54 48.79
N CYS GF 107 33.72 43.27 48.34
CA CYS GF 107 34.88 42.78 47.67
C CYS GF 107 34.71 42.77 46.21
N ARG GF 108 35.76 43.27 45.53
CA ARG GF 108 35.96 43.14 44.12
C ARG GF 108 35.84 41.69 43.96
N ASN GF 109 36.62 41.04 44.83
CA ASN GF 109 36.88 39.66 44.87
C ASN GF 109 35.52 39.04 44.98
N GLY GF 110 34.72 39.53 45.94
CA GLY GF 110 33.40 39.03 46.11
C GLY GF 110 33.35 37.96 47.15
N GLU GF 111 34.32 38.02 48.10
CA GLU GF 111 34.34 37.03 49.20
C GLU GF 111 33.06 37.06 50.02
N ASP GF 112 32.64 38.27 50.39
CA ASP GF 112 31.44 38.45 51.18
C ASP GF 112 30.22 37.78 50.60
N GLU GF 113 30.38 37.08 49.48
CA GLU GF 113 29.24 36.45 48.85
C GLU GF 113 29.52 35.18 48.12
N LYS GF 114 30.77 34.79 47.94
CA LYS GF 114 31.02 33.57 47.19
C LYS GF 114 31.15 32.28 48.02
N ASP GF 115 31.47 32.47 49.34
CA ASP GF 115 31.71 31.38 50.22
C ASP GF 115 30.38 30.81 50.48
N CYS GF 116 30.11 29.75 49.73
CA CYS GF 116 28.79 29.36 49.43
C CYS GF 116 28.11 28.87 50.68
N THR GF 117 28.91 28.35 51.64
CA THR GF 117 28.31 27.56 52.66
C THR GF 117 28.48 28.16 54.01
N LEU GF 118 27.35 28.13 54.72
CA LEU GF 118 27.26 28.45 56.10
C LEU GF 118 27.71 27.28 56.90
N PRO GF 119 28.74 27.57 57.66
CA PRO GF 119 29.33 26.59 58.52
C PRO GF 119 28.30 26.03 59.45
N THR GF 120 27.25 26.82 59.78
CA THR GF 120 26.46 26.48 60.93
C THR GF 120 25.23 25.72 60.54
N LYS GF 121 25.26 24.40 60.83
CA LYS GF 121 24.02 23.72 60.70
C LYS GF 121 23.49 23.56 62.03
N ALA GF 122 22.59 22.61 62.08
CA ALA GF 122 21.51 22.66 62.96
C ALA GF 122 21.41 21.24 63.30
N GLY GF 123 21.08 20.95 64.55
CA GLY GF 123 20.79 19.59 64.89
C GLY GF 123 22.06 18.88 65.29
N ASP GF 124 23.24 19.48 65.03
CA ASP GF 124 24.50 18.80 65.24
C ASP GF 124 24.70 18.56 66.68
N LYS GF 125 25.33 17.43 66.98
CA LYS GF 125 25.81 17.21 68.34
C LYS GF 125 27.33 17.17 68.33
N PHE GF 126 27.94 17.74 69.36
CA PHE GF 126 29.41 17.78 69.48
C PHE GF 126 29.84 17.29 70.83
N ILE GF 127 30.76 16.35 70.83
CA ILE GF 127 31.29 15.79 72.07
C ILE GF 127 32.65 16.41 72.41
N GLY GF 128 32.75 16.99 73.60
CA GLY GF 128 34.01 17.59 73.97
C GLY GF 128 34.78 16.75 74.96
N ASP GF 129 36.08 16.61 74.72
CA ASP GF 129 36.94 15.87 75.63
C ASP GF 129 37.74 16.93 76.40
N VAL GF 130 37.63 16.89 77.72
CA VAL GF 130 38.32 17.86 78.56
C VAL GF 130 39.80 17.65 78.45
N CYS GF 131 40.58 18.63 78.88
CA CYS GF 131 42.02 18.51 78.84
C CYS GF 131 42.66 19.59 79.70
N PHE GF 132 41.85 20.40 80.37
CA PHE GF 132 42.34 21.50 81.15
C PHE GF 132 41.09 22.17 81.71
N ASP GF 133 40.77 21.85 82.95
CA ASP GF 133 39.57 22.40 83.57
C ASP GF 133 39.86 22.98 84.93
N HIS GF 134 40.10 24.32 85.02
CA HIS GF 134 40.34 24.94 86.31
C HIS GF 134 38.97 25.11 86.82
N CYS GF 135 38.11 25.19 85.81
CA CYS GF 135 36.93 25.97 85.79
C CYS GF 135 35.79 25.42 86.61
N THR GF 136 35.51 24.11 86.48
CA THR GF 136 34.40 23.54 87.20
C THR GF 136 34.98 22.89 88.43
N LYS GF 137 34.17 22.48 89.42
CA LYS GF 137 34.63 21.71 90.56
C LYS GF 137 34.86 20.29 90.17
N ARG GF 138 33.88 19.69 89.46
CA ARG GF 138 33.92 18.28 89.18
C ARG GF 138 34.93 17.97 88.14
N ARG GF 139 35.19 18.92 87.19
CA ARG GF 139 35.92 18.66 85.98
C ARG GF 139 35.34 17.51 85.26
N PRO GF 140 34.64 17.67 84.20
CA PRO GF 140 34.15 16.41 83.80
C PRO GF 140 35.03 15.84 82.74
N GLU GF 141 34.89 14.52 82.52
CA GLU GF 141 35.62 13.85 81.49
C GLU GF 141 35.21 14.46 80.20
N HIS GF 142 33.86 14.55 80.04
CA HIS GF 142 33.34 14.91 78.73
C HIS GF 142 32.34 16.03 78.87
N MET GF 143 31.70 16.36 77.77
CA MET GF 143 30.73 17.44 77.77
C MET GF 143 30.08 17.50 76.39
N THR GF 144 28.83 17.04 76.30
CA THR GF 144 28.10 17.06 75.05
C THR GF 144 27.47 18.42 74.77
N LEU GF 145 27.45 18.80 73.50
CA LEU GF 145 26.92 20.08 73.09
C LEU GF 145 25.88 19.89 72.01
N ALA GF 146 24.61 19.87 72.39
CA ALA GF 146 23.53 19.67 71.42
C ALA GF 146 22.93 20.96 70.91
N PHE GF 147 22.83 21.07 69.59
CA PHE GF 147 22.26 22.27 68.99
C PHE GF 147 20.79 22.07 68.70
N GLU GF 148 19.94 22.76 69.46
CA GLU GF 148 18.50 22.63 69.30
C GLU GF 148 17.99 23.37 68.06
N SER GF 149 18.10 24.69 68.04
CA SER GF 149 17.63 25.47 66.89
C SER GF 149 18.67 26.46 66.37
N SER GF 150 18.47 26.94 65.15
CA SER GF 150 19.38 27.89 64.53
C SER GF 150 18.65 28.64 63.46
N SER GF 151 18.61 29.97 63.56
CA SER GF 151 17.94 30.80 62.56
C SER GF 151 18.76 32.04 62.20
N ILE GF 152 18.78 32.37 60.91
CA ILE GF 152 19.52 33.55 60.45
C ILE GF 152 18.57 34.65 60.03
N ALA GF 153 18.91 35.87 60.43
CA ALA GF 153 18.02 36.91 60.06
C ALA GF 153 18.15 37.28 58.62
N ALA GF 154 17.00 37.67 58.07
CA ALA GF 154 16.84 37.49 56.66
C ALA GF 154 17.76 38.45 55.91
N PHE GF 155 18.00 39.57 56.58
CA PHE GF 155 18.84 40.64 56.27
C PHE GF 155 20.29 40.36 56.67
N PHE GF 156 20.48 39.62 57.77
CA PHE GF 156 21.84 39.44 58.13
C PHE GF 156 22.29 38.12 57.72
N THR GF 157 23.23 38.09 56.76
CA THR GF 157 24.07 36.94 56.74
C THR GF 157 24.89 36.89 58.01
N PRO GF 158 25.63 37.90 58.47
CA PRO GF 158 26.89 37.65 59.11
C PRO GF 158 26.77 36.83 60.34
N ILE GF 159 25.61 36.93 60.98
CA ILE GF 159 25.45 36.28 62.28
C ILE GF 159 24.25 35.37 62.35
N ALA GF 160 24.48 34.12 62.74
CA ALA GF 160 23.42 33.14 62.86
C ALA GF 160 23.19 32.88 64.34
N ASP GF 161 21.95 33.05 64.80
CA ASP GF 161 21.63 32.84 66.20
C ASP GF 161 21.32 31.37 66.52
N LEU GF 162 21.87 30.88 67.63
CA LEU GF 162 21.67 29.49 68.04
C LEU GF 162 21.08 29.31 69.42
N HIS GF 163 20.47 28.14 69.65
CA HIS GF 163 19.91 27.77 70.94
C HIS GF 163 20.54 26.40 71.19
N VAL GF 164 21.27 26.29 72.28
CA VAL GF 164 21.99 25.05 72.61
C VAL GF 164 21.82 24.53 74.02
N HIS GF 165 21.84 23.20 74.13
CA HIS GF 165 21.73 22.51 75.40
C HIS GF 165 23.10 21.90 75.67
N ILE GF 166 23.71 22.28 76.79
CA ILE GF 166 25.02 21.76 77.16
C ILE GF 166 24.81 20.63 78.15
N GLU GF 167 24.97 19.39 77.70
CA GLU GF 167 24.73 18.25 78.56
C GLU GF 167 25.96 17.81 79.32
N ILE GF 168 25.78 17.31 80.53
CA ILE GF 168 26.90 16.86 81.36
C ILE GF 168 26.59 15.68 82.27
N GLU GF 169 27.47 14.68 82.25
CA GLU GF 169 27.32 13.46 83.04
C GLU GF 169 28.31 13.38 84.20
N SER GF 170 28.00 14.03 85.32
CA SER GF 170 29.09 14.05 86.24
C SER GF 170 28.85 12.97 87.22
N GLU GF 171 29.89 12.68 88.01
CA GLU GF 171 29.67 11.88 89.16
C GLU GF 171 29.96 12.81 90.29
N THR GF 172 29.02 12.87 91.25
CA THR GF 172 29.21 13.70 92.40
C THR GF 172 29.72 12.79 93.44
N ASP GF 173 30.12 13.37 94.59
CA ASP GF 173 30.65 12.51 95.58
C ASP GF 173 29.54 11.58 96.02
N GLU GF 174 28.40 12.18 96.43
CA GLU GF 174 27.26 11.51 97.01
C GLU GF 174 26.58 10.61 96.01
N ASP GF 175 26.15 11.24 94.91
CA ASP GF 175 25.34 10.51 93.99
C ASP GF 175 25.86 10.83 92.64
N GLU GF 176 25.00 10.61 91.64
CA GLU GF 176 25.39 10.94 90.33
C GLU GF 176 24.43 12.02 89.93
N SER GF 177 24.94 12.98 89.14
CA SER GF 177 24.20 14.12 88.76
C SER GF 177 24.29 14.12 87.28
N GLU GF 178 23.23 14.67 86.65
CA GLU GF 178 23.19 14.79 85.20
C GLU GF 178 22.71 16.21 84.96
N VAL GF 179 23.19 16.85 83.90
CA VAL GF 179 22.76 18.23 83.62
C VAL GF 179 22.58 18.50 82.15
N SER GF 180 21.65 19.40 81.84
CA SER GF 180 21.38 19.78 80.47
C SER GF 180 20.99 21.26 80.43
N MET GF 181 21.94 22.12 80.79
CA MET GF 181 21.72 23.56 80.81
C MET GF 181 21.58 24.11 79.40
N PRO GF 182 20.54 24.91 79.17
CA PRO GF 182 20.25 25.53 77.88
C PRO GF 182 20.80 26.96 77.82
N ALA GF 183 21.31 27.34 76.65
CA ALA GF 183 21.86 28.69 76.49
C ALA GF 183 21.73 29.19 75.06
N ASP GF 184 21.66 30.51 74.93
CA ASP GF 184 21.57 31.14 73.63
C ASP GF 184 23.00 31.34 73.14
N GLY GF 185 23.14 31.68 71.86
CA GLY GF 185 24.45 31.88 71.28
C GLY GF 185 24.38 32.18 69.80
N GLU GF 186 25.46 32.75 69.27
CA GLU GF 186 25.52 33.08 67.86
C GLU GF 186 26.78 32.52 67.22
N TYR GF 187 26.79 32.46 65.90
CA TYR GF 187 27.97 31.98 65.18
C TYR GF 187 28.29 33.05 64.18
N SER GF 188 29.53 33.55 64.23
CA SER GF 188 29.97 34.61 63.33
C SER GF 188 30.80 34.09 62.19
N PHE GF 189 30.32 34.83 61.14
CA PHE GF 189 30.31 34.39 59.79
C PHE GF 189 31.71 34.08 59.53
N ALA GF 190 32.51 35.15 59.56
CA ALA GF 190 33.91 35.20 59.21
C ALA GF 190 34.75 34.51 60.22
N ASP GF 191 34.40 34.69 61.52
CA ASP GF 191 35.20 34.23 62.61
C ASP GF 191 35.19 32.75 62.59
N HIS GF 192 34.06 32.15 62.17
CA HIS GF 192 33.83 30.75 62.44
C HIS GF 192 33.79 30.57 63.94
N ARG GF 193 33.60 31.66 64.68
CA ARG GF 193 33.60 31.53 66.13
C ARG GF 193 32.21 31.61 66.74
N LEU GF 194 31.76 30.51 67.33
CA LEU GF 194 30.45 30.48 67.97
C LEU GF 194 30.64 30.83 69.43
N THR GF 195 29.82 31.77 69.89
CA THR GF 195 29.88 32.21 71.27
C THR GF 195 28.60 31.72 71.91
N ILE GF 196 28.73 30.96 73.01
CA ILE GF 196 27.54 30.44 73.68
C ILE GF 196 27.40 31.16 74.99
N HIS GF 197 26.41 32.07 75.02
CA HIS GF 197 26.23 32.91 76.15
C HIS GF 197 25.76 32.00 77.22
N PRO GF 198 26.30 32.34 78.34
CA PRO GF 198 26.33 31.54 79.50
C PRO GF 198 24.95 31.24 79.94
N PRO GF 199 24.86 29.97 80.08
CA PRO GF 199 23.69 29.28 80.53
C PRO GF 199 23.37 29.78 81.89
N GLU GF 200 24.45 29.97 82.65
CA GLU GF 200 24.46 30.22 84.05
C GLU GF 200 24.20 31.67 84.26
N GLU GF 201 23.74 31.97 85.48
CA GLU GF 201 23.81 33.31 85.98
C GLU GF 201 25.28 33.60 86.07
N ASP GF 202 26.05 32.54 86.31
CA ASP GF 202 27.39 32.76 86.76
C ASP GF 202 28.20 33.44 85.69
N GLY GF 203 27.96 33.13 84.40
CA GLY GF 203 28.66 33.96 83.45
C GLY GF 203 29.96 33.33 83.12
N LEU GF 204 30.04 32.02 83.43
CA LEU GF 204 30.86 31.11 82.64
C LEU GF 204 30.21 30.78 81.32
N GLY GF 205 30.89 31.14 80.24
CA GLY GF 205 30.38 30.88 78.90
C GLY GF 205 31.38 30.12 78.04
N LEU GF 206 30.91 29.55 76.94
CA LEU GF 206 31.75 28.80 76.02
C LEU GF 206 32.01 29.58 74.77
N VAL GF 207 33.23 29.44 74.27
CA VAL GF 207 33.69 30.13 73.08
C VAL GF 207 34.56 29.19 72.27
N GLY GF 208 33.98 28.65 71.21
CA GLY GF 208 34.75 27.75 70.35
C GLY GF 208 35.01 28.41 69.02
N GLU GF 209 36.27 28.45 68.60
CA GLU GF 209 36.61 29.04 67.32
C GLU GF 209 36.98 27.94 66.34
N PHE GF 210 36.33 27.94 65.19
CA PHE GF 210 36.57 26.92 64.19
C PHE GF 210 37.82 27.10 63.37
N ASP GF 211 38.38 25.97 62.95
CA ASP GF 211 38.86 25.76 61.61
C ASP GF 211 37.64 25.77 60.71
N GLY GF 212 36.56 25.07 61.13
CA GLY GF 212 35.22 25.20 60.59
C GLY GF 212 34.71 23.89 60.03
N TYR GF 213 34.81 23.63 58.70
CA TYR GF 213 34.39 22.38 58.05
C TYR GF 213 35.31 21.40 58.57
N ASN GF 214 36.56 21.80 58.37
CA ASN GF 214 37.79 21.09 58.46
C ASN GF 214 38.51 21.84 59.54
N PHE GF 215 38.30 21.48 60.82
CA PHE GF 215 37.52 20.37 61.22
C PHE GF 215 36.33 20.87 61.93
N ASP GF 216 35.25 20.07 61.90
CA ASP GF 216 34.10 20.38 62.71
C ASP GF 216 34.61 20.28 64.12
N ARG GF 217 35.67 19.48 64.33
CA ARG GF 217 36.50 19.56 65.53
C ARG GF 217 36.84 21.01 65.78
N PHE GF 218 36.56 21.50 66.99
CA PHE GF 218 36.89 22.88 67.33
C PHE GF 218 37.31 22.94 68.79
N VAL GF 219 38.27 23.78 69.12
CA VAL GF 219 38.71 23.90 70.50
C VAL GF 219 37.71 24.76 71.24
N GLY GF 220 37.21 24.25 72.34
CA GLY GF 220 36.22 24.97 73.10
C GLY GF 220 36.75 25.49 74.41
N HIS GF 221 36.83 26.81 74.49
CA HIS GF 221 37.33 27.48 75.68
C HIS GF 221 36.17 27.92 76.56
N ILE GF 222 36.24 27.59 77.84
CA ILE GF 222 35.20 28.03 78.74
C ILE GF 222 35.77 29.26 79.39
N VAL GF 223 35.06 30.38 79.28
CA VAL GF 223 35.55 31.64 79.84
C VAL GF 223 34.55 32.40 80.71
N HIS GF 224 35.05 33.43 81.37
CA HIS GF 224 34.23 34.31 82.19
C HIS GF 224 33.82 35.36 81.18
N GLU GF 225 32.52 35.43 80.83
CA GLU GF 225 32.07 36.00 79.58
C GLU GF 225 32.58 37.42 79.48
N LEU GF 226 32.54 38.14 80.62
CA LEU GF 226 32.90 39.52 80.71
C LEU GF 226 34.39 39.71 80.54
N SER GF 227 35.17 38.84 81.21
CA SER GF 227 36.60 38.92 81.33
C SER GF 227 37.21 38.51 80.05
N GLU GF 228 36.56 37.51 79.45
CA GLU GF 228 37.26 36.67 78.54
C GLU GF 228 38.50 36.15 79.17
N GLU GF 229 38.36 35.54 80.35
CA GLU GF 229 39.42 34.68 80.87
C GLU GF 229 39.17 33.23 80.50
N VAL GF 230 40.20 32.59 79.98
CA VAL GF 230 40.09 31.19 79.61
C VAL GF 230 40.35 30.38 80.88
N CYS GF 231 39.55 29.37 81.16
CA CYS GF 231 39.79 28.57 82.34
C CYS GF 231 39.38 27.12 82.15
N ALA GF 232 39.15 26.75 80.90
CA ALA GF 232 38.76 25.38 80.58
C ALA GF 232 38.80 25.20 79.07
N GLU GF 233 39.52 24.17 78.65
CA GLU GF 233 39.68 23.87 77.24
C GLU GF 233 39.18 22.44 77.01
N PHE GF 234 38.35 22.29 75.98
CA PHE GF 234 37.82 21.00 75.60
C PHE GF 234 37.93 20.92 74.12
N ILE GF 235 38.30 19.76 73.60
CA ILE GF 235 38.38 19.59 72.16
C ILE GF 235 37.04 18.99 71.75
N PHE GF 236 36.27 19.72 70.97
CA PHE GF 236 34.98 19.22 70.57
C PHE GF 236 35.03 18.55 69.21
N HIS GF 237 34.45 17.35 69.12
CA HIS GF 237 34.38 16.58 67.89
C HIS GF 237 32.91 16.45 67.52
N ARG GF 238 32.60 16.56 66.23
CA ARG GF 238 31.23 16.43 65.79
C ARG GF 238 30.86 14.96 65.91
N LYS GF 239 29.74 14.61 66.58
CA LYS GF 239 29.24 13.26 66.62
C LYS GF 239 28.51 13.02 65.33
N LYS GF 240 28.71 11.89 64.66
CA LYS GF 240 27.91 11.80 63.47
C LYS GF 240 26.56 11.19 63.83
N HIS HF 20 37.86 87.85 -21.68
CA HIS HF 20 38.93 87.14 -22.43
C HIS HF 20 40.13 88.02 -22.54
N GLU HF 21 40.37 88.51 -23.77
CA GLU HF 21 41.50 89.36 -24.05
C GLU HF 21 41.32 90.63 -23.28
N HIS HF 22 40.06 91.10 -23.24
CA HIS HF 22 39.68 92.37 -22.73
C HIS HF 22 40.05 92.39 -21.30
N CYS HF 23 39.62 91.35 -20.59
CA CYS HF 23 39.82 91.46 -19.20
C CYS HF 23 41.14 90.87 -18.94
N CYS HF 24 41.30 90.41 -17.70
CA CYS HF 24 42.55 90.44 -17.05
C CYS HF 24 43.22 89.10 -17.29
N SER HF 25 44.27 89.07 -18.15
CA SER HF 25 44.90 87.86 -18.63
C SER HF 25 45.52 87.09 -17.50
N GLU HF 26 45.63 85.79 -17.73
CA GLU HF 26 46.37 84.87 -16.88
C GLU HF 26 47.78 85.36 -16.63
N GLU HF 27 48.54 85.61 -17.70
CA GLU HF 27 49.91 86.08 -17.52
C GLU HF 27 49.85 87.37 -16.72
N ASP HF 28 49.00 88.28 -17.16
CA ASP HF 28 48.85 89.56 -16.48
C ASP HF 28 48.83 89.40 -14.97
N HIS HF 29 47.79 88.76 -14.44
CA HIS HF 29 47.71 88.61 -13.01
C HIS HF 29 48.75 87.66 -12.44
N ARG HF 30 49.15 86.66 -13.21
CA ARG HF 30 50.16 85.76 -12.68
C ARG HF 30 51.30 86.69 -12.26
N ILE HF 31 51.52 87.72 -13.07
CA ILE HF 31 52.56 88.69 -12.79
C ILE HF 31 52.23 89.46 -11.53
N VAL HF 32 51.09 90.13 -11.56
CA VAL HF 32 50.68 90.91 -10.41
C VAL HF 32 50.89 90.10 -9.15
N GLN HF 33 50.29 88.91 -9.10
CA GLN HF 33 50.41 88.05 -7.93
C GLN HF 33 51.86 87.87 -7.49
N LYS HF 34 52.74 87.53 -8.43
CA LYS HF 34 54.15 87.32 -8.11
C LYS HF 34 54.77 88.58 -7.49
N GLN HF 35 54.52 89.73 -8.12
CA GLN HF 35 55.07 90.99 -7.65
C GLN HF 35 54.52 91.45 -6.32
N TRP HF 36 53.25 91.17 -6.08
CA TRP HF 36 52.61 91.56 -4.83
C TRP HF 36 53.13 90.74 -3.70
N ASP HF 37 53.73 89.61 -4.01
CA ASP HF 37 54.28 88.74 -2.97
C ASP HF 37 55.66 89.19 -2.48
N ILE HF 38 56.39 89.92 -3.31
CA ILE HF 38 57.69 90.42 -2.93
C ILE HF 38 57.55 91.13 -1.59
N LEU HF 39 56.36 91.65 -1.33
CA LEU HF 39 56.06 92.37 -0.10
C LEU HF 39 56.02 91.55 1.18
N TRP HF 40 55.25 90.48 1.19
CA TRP HF 40 55.10 89.65 2.38
C TRP HF 40 56.17 88.61 2.64
N ARG HF 41 57.42 88.92 2.29
CA ARG HF 41 58.50 87.97 2.52
C ARG HF 41 58.86 87.94 4.00
N ASP HF 42 58.79 89.07 4.67
CA ASP HF 42 59.11 89.10 6.10
C ASP HF 42 57.88 89.04 6.98
N THR HF 43 58.01 88.34 8.11
CA THR HF 43 56.91 88.13 9.04
C THR HF 43 56.21 89.38 9.56
N GLU HF 44 56.84 90.54 9.49
CA GLU HF 44 56.21 91.75 9.99
C GLU HF 44 55.28 92.40 8.98
N SER HF 45 54.41 91.59 8.37
CA SER HF 45 53.46 92.05 7.38
C SER HF 45 52.58 93.17 7.96
N SER HF 46 52.15 93.00 9.20
CA SER HF 46 51.31 93.98 9.86
C SER HF 46 51.89 95.38 9.74
N LYS HF 47 53.11 95.55 10.23
CA LYS HF 47 53.77 96.84 10.19
C LYS HF 47 53.74 97.43 8.77
N ILE HF 48 53.94 96.58 7.76
CA ILE HF 48 53.92 97.01 6.38
C ILE HF 48 52.50 97.32 5.95
N LYS HF 49 51.67 96.30 5.81
CA LYS HF 49 50.28 96.50 5.41
C LYS HF 49 49.71 97.77 6.03
N ILE HF 50 49.88 97.93 7.33
CA ILE HF 50 49.39 99.12 8.03
C ILE HF 50 49.99 100.38 7.45
N GLY HF 51 51.30 100.55 7.66
CA GLY HF 51 51.98 101.71 7.13
C GLY HF 51 51.59 102.03 5.69
N PHE HF 52 51.62 101.02 4.83
CA PHE HF 52 51.29 101.22 3.43
C PHE HF 52 49.82 101.63 3.27
N GLY HF 53 48.92 100.83 3.83
CA GLY HF 53 47.50 101.14 3.73
C GLY HF 53 47.19 102.48 4.37
N ARG HF 54 47.89 102.79 5.44
CA ARG HF 54 47.71 104.05 6.15
C ARG HF 54 48.02 105.14 5.17
N LEU HF 55 49.23 105.12 4.62
CA LEU HF 55 49.65 106.13 3.66
C LEU HF 55 48.67 106.22 2.49
N LEU HF 56 48.30 105.09 1.91
CA LEU HF 56 47.37 105.09 0.79
C LEU HF 56 46.07 105.84 1.08
N LEU HF 57 45.46 105.58 2.22
CA LEU HF 57 44.23 106.27 2.57
C LEU HF 57 44.50 107.75 2.84
N THR HF 58 45.56 108.04 3.58
CA THR HF 58 45.94 109.41 3.89
C THR HF 58 46.03 110.21 2.60
N LYS HF 59 46.92 109.78 1.71
CA LYS HF 59 47.12 110.44 0.41
C LYS HF 59 45.81 110.56 -0.37
N LEU HF 60 44.80 109.82 0.05
CA LEU HF 60 43.51 109.94 -0.63
C LEU HF 60 42.80 111.13 -0.04
N ALA HF 61 42.71 111.16 1.29
CA ALA HF 61 42.06 112.27 1.99
C ALA HF 61 42.76 113.58 1.67
N LYS HF 62 44.03 113.49 1.31
CA LYS HF 62 44.82 114.67 0.95
C LYS HF 62 44.27 115.29 -0.32
N ASP HF 63 44.08 114.47 -1.36
CA ASP HF 63 43.57 114.95 -2.64
C ASP HF 63 42.05 115.15 -2.67
N ILE HF 64 41.33 114.49 -1.78
CA ILE HF 64 39.88 114.62 -1.72
C ILE HF 64 39.45 114.51 -0.26
N PRO HF 65 39.26 115.66 0.40
CA PRO HF 65 38.86 115.78 1.81
C PRO HF 65 37.49 115.25 2.19
N GLU HF 66 36.52 115.34 1.29
CA GLU HF 66 35.19 114.86 1.63
C GLU HF 66 35.28 113.41 2.09
N VAL HF 67 36.50 112.86 1.98
CA VAL HF 67 36.78 111.49 2.39
C VAL HF 67 36.97 111.42 3.90
N ASN HF 68 37.73 112.36 4.44
CA ASN HF 68 37.99 112.43 5.86
C ASN HF 68 36.74 112.18 6.69
N ASP HF 69 35.59 112.63 6.19
CA ASP HF 69 34.33 112.44 6.91
C ASP HF 69 33.82 111.02 6.83
N LEU HF 70 34.17 110.32 5.76
CA LEU HF 70 33.74 108.94 5.57
C LEU HF 70 34.49 108.02 6.52
N PHE HF 71 35.80 108.25 6.62
CA PHE HF 71 36.67 107.46 7.48
C PHE HF 71 36.68 108.00 8.90
N LYS HF 72 35.78 108.92 9.17
CA LYS HF 72 35.66 109.52 10.49
C LYS HF 72 35.35 108.41 11.49
N ARG HF 73 34.43 107.54 11.08
CA ARG HF 73 33.98 106.41 11.90
C ARG HF 73 35.14 105.57 12.42
N VAL HF 74 36.23 105.51 11.66
CA VAL HF 74 37.38 104.71 12.07
C VAL HF 74 38.52 105.56 12.58
N ASP HF 75 38.20 106.75 13.08
CA ASP HF 75 39.20 107.66 13.64
C ASP HF 75 40.39 107.87 12.70
N ILE HF 76 40.11 108.28 11.48
CA ILE HF 76 41.16 108.52 10.50
C ILE HF 76 41.96 109.71 10.98
N GLU HF 77 41.36 110.47 11.87
CA GLU HF 77 42.02 111.65 12.40
C GLU HF 77 43.34 111.23 13.04
N HIS HF 78 43.36 110.04 13.63
CA HIS HF 78 44.58 109.52 14.25
C HIS HF 78 45.13 108.42 13.42
N ALA HF 79 45.92 108.78 12.42
CA ALA HF 79 46.52 107.81 11.52
C ALA HF 79 47.14 106.61 12.23
N GLU HF 80 47.91 106.87 13.28
CA GLU HF 80 48.60 105.82 14.05
C GLU HF 80 47.69 105.20 15.12
N GLY HF 81 46.50 105.78 15.27
CA GLY HF 81 45.55 105.27 16.25
C GLY HF 81 45.08 103.88 15.89
N PRO HF 82 45.14 102.94 16.84
CA PRO HF 82 44.70 101.58 16.55
C PRO HF 82 43.40 101.54 15.76
N LYS HF 83 42.42 102.36 16.15
CA LYS HF 83 41.13 102.40 15.46
C LYS HF 83 41.34 102.39 13.95
N PHE HF 84 42.21 103.27 13.48
CA PHE HF 84 42.49 103.37 12.06
C PHE HF 84 43.44 102.29 11.59
N SER HF 85 44.51 102.04 12.35
CA SER HF 85 45.48 101.01 11.98
C SER HF 85 44.76 99.71 11.64
N ALA HF 86 43.77 99.35 12.45
CA ALA HF 86 43.01 98.14 12.21
C ALA HF 86 42.40 98.27 10.83
N HIS HF 87 41.66 99.36 10.62
CA HIS HF 87 41.04 99.63 9.34
C HIS HF 87 42.06 99.48 8.21
N ALA HF 88 43.17 100.18 8.35
CA ALA HF 88 44.23 100.13 7.34
C ALA HF 88 44.42 98.70 6.90
N LEU HF 89 44.44 97.79 7.86
CA LEU HF 89 44.60 96.38 7.55
C LEU HF 89 43.40 95.87 6.77
N ARG HF 90 42.24 95.88 7.39
CA ARG HF 90 41.04 95.41 6.72
C ARG HF 90 41.00 95.75 5.24
N ILE HF 91 41.19 97.01 4.89
CA ILE HF 91 41.18 97.42 3.49
C ILE HF 91 42.32 96.81 2.72
N LEU HF 92 43.53 97.19 3.10
CA LEU HF 92 44.73 96.68 2.46
C LEU HF 92 44.62 95.14 2.34
N ASN HF 93 44.11 94.49 3.37
CA ASN HF 93 43.96 93.04 3.40
C ASN HF 93 42.88 92.59 2.43
N GLY HF 94 41.92 93.45 2.18
CA GLY HF 94 40.86 93.11 1.25
C GLY HF 94 41.48 93.10 -0.13
N LEU HF 95 42.31 94.10 -0.41
CA LEU HF 95 42.97 94.18 -1.69
C LEU HF 95 43.72 92.88 -1.89
N ASP HF 96 44.31 92.37 -0.80
CA ASP HF 96 45.06 91.10 -0.86
C ASP HF 96 44.09 90.04 -1.39
N LEU HF 97 43.00 89.84 -0.67
CA LEU HF 97 41.99 88.88 -1.06
C LEU HF 97 41.71 89.00 -2.55
N ALA HF 98 41.42 90.20 -3.01
CA ALA HF 98 41.14 90.42 -4.42
C ALA HF 98 42.24 89.83 -5.28
N ILE HF 99 43.46 90.28 -5.04
CA ILE HF 99 44.60 89.81 -5.80
C ILE HF 99 44.75 88.29 -5.72
N ASN HF 100 44.71 87.72 -4.52
CA ASN HF 100 44.84 86.28 -4.37
C ASN HF 100 43.71 85.41 -4.97
N LEU HF 101 42.65 86.04 -5.43
CA LEU HF 101 41.57 85.28 -6.02
C LEU HF 101 41.52 85.57 -7.50
N LEU HF 102 42.52 86.29 -8.00
CA LEU HF 102 42.57 86.62 -9.41
C LEU HF 102 42.56 85.38 -10.28
N ASP HF 103 43.02 84.25 -9.75
CA ASP HF 103 43.03 83.04 -10.54
C ASP HF 103 41.84 82.14 -10.19
N ASP HF 104 40.65 82.68 -10.37
CA ASP HF 104 39.38 81.98 -10.10
C ASP HF 104 38.28 83.02 -10.23
N PRO HF 105 38.10 83.53 -11.45
CA PRO HF 105 37.10 84.55 -11.74
C PRO HF 105 35.77 84.49 -10.99
N PRO HF 106 35.10 83.33 -10.99
CA PRO HF 106 33.81 83.23 -10.28
C PRO HF 106 33.93 83.60 -8.80
N ALA HF 107 34.96 83.09 -8.15
CA ALA HF 107 35.19 83.35 -6.73
C ALA HF 107 35.51 84.83 -6.57
N LEU HF 108 36.53 85.28 -7.28
CA LEU HF 108 36.94 86.67 -7.23
C LEU HF 108 35.72 87.54 -7.42
N ASP HF 109 34.92 87.21 -8.44
CA ASP HF 109 33.72 87.96 -8.72
C ASP HF 109 32.93 88.07 -7.43
N ALA HF 110 32.45 86.94 -6.93
CA ALA HF 110 31.68 86.93 -5.71
C ALA HF 110 32.35 87.75 -4.61
N ALA HF 111 33.63 87.48 -4.38
CA ALA HF 111 34.39 88.17 -3.35
C ALA HF 111 34.31 89.68 -3.48
N LEU HF 112 34.37 90.17 -4.71
CA LEU HF 112 34.31 91.60 -4.97
C LEU HF 112 32.89 92.13 -4.85
N ASP HF 113 31.92 91.40 -5.40
CA ASP HF 113 30.53 91.83 -5.34
C ASP HF 113 30.23 92.13 -3.89
N HIS HF 114 30.66 91.23 -3.03
CA HIS HF 114 30.45 91.38 -1.60
C HIS HF 114 31.03 92.72 -1.17
N LEU HF 115 32.23 93.04 -1.64
CA LEU HF 115 32.86 94.30 -1.28
C LEU HF 115 32.05 95.48 -1.78
N ALA HF 116 31.34 95.28 -2.89
CA ALA HF 116 30.53 96.35 -3.44
C ALA HF 116 29.47 96.69 -2.42
N HIS HF 117 28.73 95.68 -1.98
CA HIS HF 117 27.67 95.86 -1.00
C HIS HF 117 28.18 96.52 0.27
N GLN HF 118 29.39 96.18 0.70
CA GLN HF 118 29.93 96.76 1.93
C GLN HF 118 30.23 98.23 1.75
N HIS HF 119 30.25 98.69 0.51
CA HIS HF 119 30.51 100.09 0.23
C HIS HF 119 29.25 100.80 -0.19
N GLU HF 120 28.29 100.05 -0.70
CA GLU HF 120 27.03 100.62 -1.14
C GLU HF 120 26.29 101.31 0.02
N VAL HF 121 26.21 100.63 1.15
CA VAL HF 121 25.52 101.17 2.32
C VAL HF 121 26.32 102.22 3.08
N ARG HF 122 27.44 102.65 2.51
CA ARG HF 122 28.25 103.67 3.15
C ARG HF 122 28.09 104.92 2.30
N GLU HF 123 27.04 105.70 2.55
CA GLU HF 123 26.80 106.90 1.76
C GLU HF 123 27.94 107.91 1.89
N GLY HF 124 28.20 108.62 0.80
CA GLY HF 124 29.26 109.60 0.78
C GLY HF 124 30.36 109.12 -0.15
N VAL HF 125 30.47 107.80 -0.26
CA VAL HF 125 31.46 107.16 -1.11
C VAL HF 125 30.99 107.16 -2.54
N GLN HF 126 31.65 107.94 -3.39
CA GLN HF 126 31.29 108.01 -4.80
C GLN HF 126 32.39 107.46 -5.70
N LYS HF 127 32.03 107.09 -6.92
CA LYS HF 127 32.98 106.53 -7.86
C LYS HF 127 34.28 107.30 -8.00
N ALA HF 128 34.19 108.59 -8.25
CA ALA HF 128 35.39 109.43 -8.41
C ALA HF 128 36.45 109.14 -7.34
N HIS HF 129 36.01 108.65 -6.19
CA HIS HF 129 36.93 108.32 -5.10
C HIS HF 129 37.84 107.19 -5.52
N PHE HF 130 37.24 106.12 -6.02
CA PHE HF 130 38.01 104.98 -6.45
C PHE HF 130 38.94 105.34 -7.59
N LYS HF 131 38.42 106.03 -8.58
CA LYS HF 131 39.27 106.41 -9.69
C LYS HF 131 40.56 107.02 -9.14
N LYS HF 132 40.41 107.91 -8.16
CA LYS HF 132 41.56 108.56 -7.56
C LYS HF 132 42.43 107.57 -6.81
N PHE HF 133 41.81 106.80 -5.92
CA PHE HF 133 42.53 105.81 -5.15
C PHE HF 133 43.33 104.94 -6.07
N GLY HF 134 42.79 104.67 -7.25
CA GLY HF 134 43.49 103.84 -8.22
C GLY HF 134 44.77 104.51 -8.66
N GLU HF 135 44.65 105.75 -9.08
CA GLU HF 135 45.81 106.50 -9.52
C GLU HF 135 46.85 106.54 -8.42
N ILE HF 136 46.41 106.69 -7.18
CA ILE HF 136 47.32 106.76 -6.04
C ILE HF 136 48.03 105.43 -5.84
N LEU HF 137 47.26 104.36 -5.87
CA LEU HF 137 47.76 103.02 -5.68
C LEU HF 137 48.78 102.69 -6.74
N ALA HF 138 48.54 103.17 -7.94
CA ALA HF 138 49.42 102.92 -9.07
C ALA HF 138 50.72 103.68 -8.95
N THR HF 139 50.70 104.78 -8.21
CA THR HF 139 51.91 105.58 -8.05
C THR HF 139 52.66 105.11 -6.82
N GLY HF 140 51.95 104.43 -5.94
CA GLY HF 140 52.56 103.95 -4.73
C GLY HF 140 53.27 102.62 -4.83
N LEU HF 141 52.58 101.61 -5.36
CA LEU HF 141 53.15 100.27 -5.49
C LEU HF 141 54.61 100.29 -5.98
N PRO HF 142 54.86 100.90 -7.14
CA PRO HF 142 56.21 100.95 -7.69
C PRO HF 142 57.24 101.59 -6.78
N GLN HF 143 56.81 102.09 -5.64
CA GLN HF 143 57.73 102.72 -4.71
C GLN HF 143 58.22 101.73 -3.68
N VAL HF 144 57.46 100.65 -3.49
CA VAL HF 144 57.84 99.62 -2.53
C VAL HF 144 58.28 98.33 -3.24
N LEU HF 145 57.88 98.18 -4.49
CA LEU HF 145 58.24 97.00 -5.24
C LEU HF 145 59.28 97.37 -6.29
N ASP HF 146 60.44 96.75 -6.24
CA ASP HF 146 61.47 97.05 -7.22
C ASP HF 146 61.06 96.54 -8.60
N ASP HF 147 60.35 95.41 -8.62
CA ASP HF 147 59.89 94.83 -9.88
C ASP HF 147 58.39 95.10 -10.01
N TYR HF 148 58.04 96.03 -10.86
CA TYR HF 148 56.65 96.42 -11.08
C TYR HF 148 56.34 96.49 -12.55
N ASP HF 149 55.22 95.90 -12.97
CA ASP HF 149 54.82 95.93 -14.37
C ASP HF 149 53.56 96.76 -14.48
N ALA HF 150 53.73 98.07 -14.60
CA ALA HF 150 52.60 99.00 -14.69
C ALA HF 150 51.45 98.51 -15.54
N LEU HF 151 51.76 98.03 -16.73
CA LEU HF 151 50.71 97.56 -17.63
C LEU HF 151 49.86 96.46 -17.03
N ALA HF 152 50.49 95.42 -16.51
CA ALA HF 152 49.75 94.32 -15.92
C ALA HF 152 48.90 94.81 -14.77
N TRP HF 153 49.52 95.51 -13.83
CA TRP HF 153 48.79 96.00 -12.68
C TRP HF 153 47.60 96.88 -13.01
N LYS HF 154 47.83 97.92 -13.79
CA LYS HF 154 46.73 98.82 -14.14
C LYS HF 154 45.57 98.00 -14.66
N SER HF 155 45.88 97.05 -15.54
CA SER HF 155 44.85 96.19 -16.11
C SER HF 155 44.00 95.52 -15.02
N CYS HF 156 44.68 94.88 -14.07
CA CYS HF 156 43.99 94.19 -12.98
C CYS HF 156 43.36 95.11 -11.95
N LEU HF 157 44.10 96.09 -11.47
CA LEU HF 157 43.54 96.99 -10.49
C LEU HF 157 42.26 97.61 -11.01
N LYS HF 158 42.21 97.92 -12.30
CA LYS HF 158 41.03 98.51 -12.89
C LYS HF 158 39.85 97.57 -12.66
N GLY HF 159 39.97 96.36 -13.19
CA GLY HF 159 38.89 95.38 -13.03
C GLY HF 159 38.41 95.28 -11.59
N ILE HF 160 39.33 95.31 -10.64
CA ILE HF 160 38.99 95.20 -9.24
C ILE HF 160 38.26 96.41 -8.74
N LEU HF 161 38.92 97.56 -8.78
CA LEU HF 161 38.32 98.79 -8.31
C LEU HF 161 36.93 99.02 -8.90
N THR HF 162 36.79 98.76 -10.18
CA THR HF 162 35.50 98.94 -10.83
C THR HF 162 34.41 98.08 -10.20
N LYS HF 163 34.61 96.77 -10.21
CA LYS HF 163 33.65 95.83 -9.67
C LYS HF 163 33.30 96.15 -8.22
N ILE HF 164 34.21 96.77 -7.49
CA ILE HF 164 33.97 97.10 -6.08
C ILE HF 164 33.04 98.28 -5.92
N SER HF 165 33.16 99.24 -6.82
CA SER HF 165 32.36 100.45 -6.73
C SER HF 165 31.13 100.42 -7.61
N SER HF 166 30.96 99.27 -8.28
CA SER HF 166 30.00 99.00 -9.31
C SER HF 166 28.66 99.25 -8.72
N ARG HF 167 28.51 98.77 -7.47
CA ARG HF 167 27.32 98.97 -6.71
C ARG HF 167 27.34 100.35 -6.21
N LEU HF 168 26.24 101.04 -6.57
CA LEU HF 168 25.92 102.37 -6.28
C LEU HF 168 24.51 102.29 -5.68
N GLU IF 19 65.25 114.84 6.68
CA GLU IF 19 65.62 113.45 6.99
C GLU IF 19 65.53 112.59 5.77
N CYS IF 20 65.21 111.32 6.04
CA CYS IF 20 64.98 110.31 5.06
C CYS IF 20 63.52 110.10 5.06
N LEU IF 21 63.10 109.19 4.18
CA LEU IF 21 61.73 108.83 4.09
C LEU IF 21 61.72 107.43 4.60
N VAL IF 22 60.54 106.96 5.05
CA VAL IF 22 60.34 105.63 5.56
C VAL IF 22 60.52 104.65 4.47
N THR IF 23 60.03 104.97 3.27
CA THR IF 23 60.28 104.06 2.16
C THR IF 23 61.75 104.03 1.79
N GLU IF 24 62.32 105.22 1.62
CA GLU IF 24 63.73 105.34 1.26
C GLU IF 24 64.61 104.50 2.18
N SER IF 25 64.07 104.08 3.33
CA SER IF 25 64.83 103.28 4.26
C SER IF 25 64.60 101.84 3.92
N LEU IF 26 63.36 101.40 4.04
CA LEU IF 26 62.95 100.03 3.74
C LEU IF 26 63.66 99.55 2.48
N LYS IF 27 63.77 100.45 1.52
CA LYS IF 27 64.42 100.14 0.25
C LYS IF 27 65.87 99.76 0.50
N VAL IF 28 66.56 100.54 1.31
CA VAL IF 28 67.93 100.26 1.63
C VAL IF 28 68.01 99.02 2.51
N LYS IF 29 67.17 98.96 3.55
CA LYS IF 29 67.17 97.84 4.46
C LYS IF 29 67.06 96.56 3.66
N LEU IF 30 66.20 96.59 2.65
CA LEU IF 30 65.96 95.46 1.78
C LEU IF 30 67.15 95.15 0.86
N GLN IF 31 67.58 96.14 0.09
CA GLN IF 31 68.71 95.94 -0.81
C GLN IF 31 69.97 95.54 -0.06
N TRP IF 32 70.18 96.08 1.13
CA TRP IF 32 71.36 95.74 1.90
C TRP IF 32 71.37 94.24 2.07
N ALA IF 33 70.20 93.67 2.34
CA ALA IF 33 70.08 92.24 2.54
C ALA IF 33 70.68 91.47 1.37
N SER IF 34 70.13 91.66 0.18
CA SER IF 34 70.61 90.96 -1.01
C SER IF 34 72.08 91.18 -1.28
N ALA IF 35 72.51 92.42 -1.20
CA ALA IF 35 73.91 92.77 -1.46
C ALA IF 35 74.92 92.19 -0.47
N PHE IF 36 74.76 92.54 0.80
CA PHE IF 36 75.65 92.07 1.84
C PHE IF 36 75.74 90.57 1.79
N GLY IF 37 74.62 89.90 2.03
CA GLY IF 37 74.57 88.45 1.98
C GLY IF 37 74.77 87.75 3.30
N HIS IF 38 75.28 86.52 3.24
CA HIS IF 38 75.53 85.72 4.42
C HIS IF 38 76.86 84.98 4.37
N ALA IF 39 77.40 84.70 5.56
CA ALA IF 39 78.66 83.97 5.71
C ALA IF 39 79.76 84.52 4.83
N HIS IF 40 80.48 83.61 4.18
CA HIS IF 40 81.59 83.99 3.30
C HIS IF 40 81.24 85.10 2.32
N GLU IF 41 80.06 85.02 1.71
CA GLU IF 41 79.61 86.03 0.76
C GLU IF 41 79.90 87.47 1.25
N ARG IF 42 79.92 87.63 2.57
CA ARG IF 42 80.17 88.90 3.20
C ARG IF 42 81.64 89.24 3.19
N VAL IF 43 82.47 88.36 3.74
CA VAL IF 43 83.90 88.59 3.80
C VAL IF 43 84.36 89.07 2.42
N ALA IF 44 83.81 88.42 1.40
CA ALA IF 44 84.13 88.75 0.01
C ALA IF 44 83.76 90.18 -0.26
N PHE IF 45 82.58 90.57 0.19
CA PHE IF 45 82.11 91.93 0.02
C PHE IF 45 83.06 92.88 0.74
N GLY IF 46 83.20 92.69 2.04
CA GLY IF 46 84.10 93.54 2.80
C GLY IF 46 85.43 93.70 2.10
N LEU IF 47 86.09 92.59 1.80
CA LEU IF 47 87.38 92.62 1.13
C LEU IF 47 87.32 93.49 -0.13
N GLU IF 48 86.47 93.12 -1.08
CA GLU IF 48 86.35 93.88 -2.31
C GLU IF 48 86.24 95.37 -2.00
N LEU IF 49 85.43 95.73 -1.01
CA LEU IF 49 85.23 97.13 -0.63
C LEU IF 49 86.50 97.81 -0.20
N TRP IF 50 87.09 97.34 0.90
CA TRP IF 50 88.31 97.94 1.40
C TRP IF 50 89.44 97.98 0.38
N ARG IF 51 89.53 96.98 -0.49
CA ARG IF 51 90.59 97.01 -1.47
C ARG IF 51 90.44 98.25 -2.31
N ASP IF 52 89.27 98.39 -2.93
CA ASP IF 52 88.99 99.55 -3.78
C ASP IF 52 89.26 100.86 -3.04
N ILE IF 53 88.93 100.90 -1.75
CA ILE IF 53 89.15 102.10 -0.96
C ILE IF 53 90.61 102.41 -0.75
N ILE IF 54 91.36 101.43 -0.30
CA ILE IF 54 92.77 101.63 -0.05
C ILE IF 54 93.59 101.92 -1.31
N ASP IF 55 93.19 101.37 -2.46
CA ASP IF 55 93.94 101.63 -3.68
C ASP IF 55 93.74 103.07 -4.12
N ASP IF 56 92.57 103.60 -3.82
CA ASP IF 56 92.23 104.97 -4.18
C ASP IF 56 92.92 105.97 -3.26
N HIS IF 57 92.95 105.66 -1.97
CA HIS IF 57 93.57 106.55 -0.98
C HIS IF 57 94.43 105.78 0.02
N PRO IF 58 95.66 105.40 -0.39
CA PRO IF 58 96.58 104.65 0.47
C PRO IF 58 96.90 105.32 1.81
N GLU IF 59 96.42 106.55 1.98
CA GLU IF 59 96.67 107.26 3.22
C GLU IF 59 96.00 106.54 4.36
N ILE IF 60 94.97 105.76 4.04
CA ILE IF 60 94.23 105.04 5.05
C ILE IF 60 94.95 103.86 5.69
N LYS IF 61 95.88 103.26 4.97
CA LYS IF 61 96.61 102.13 5.53
C LYS IF 61 97.24 102.51 6.88
N ALA IF 62 97.27 103.81 7.17
CA ALA IF 62 97.87 104.30 8.40
C ALA IF 62 97.16 103.91 9.68
N PRO IF 63 95.94 104.43 9.92
CA PRO IF 63 95.23 104.08 11.15
C PRO IF 63 94.87 102.61 11.27
N PHE IF 64 94.85 101.91 10.14
CA PHE IF 64 94.53 100.50 10.12
C PHE IF 64 95.78 99.68 10.42
N SER IF 65 96.76 100.32 11.03
CA SER IF 65 98.01 99.66 11.37
C SER IF 65 97.80 98.58 12.43
N ARG IF 66 96.86 98.81 13.33
CA ARG IF 66 96.57 97.87 14.40
C ARG IF 66 96.00 96.58 13.86
N VAL IF 67 95.20 96.69 12.80
CA VAL IF 67 94.57 95.55 12.16
C VAL IF 67 95.20 95.24 10.81
N ARG IF 68 96.52 95.04 10.79
CA ARG IF 68 97.26 94.73 9.57
C ARG IF 68 96.55 95.24 8.33
N GLY IF 69 96.55 96.56 8.16
CA GLY IF 69 95.93 97.16 7.00
C GLY IF 69 96.78 97.04 5.76
N ASP IF 70 98.04 96.67 5.92
CA ASP IF 70 98.93 96.52 4.78
C ASP IF 70 98.50 95.31 3.95
N ASN IF 71 98.09 94.25 4.63
CA ASN IF 71 97.63 93.02 3.99
C ASN IF 71 96.17 92.83 4.31
N ILE IF 72 95.30 93.36 3.45
CA ILE IF 72 93.87 93.25 3.67
C ILE IF 72 93.34 91.83 3.59
N TYR IF 73 94.12 90.93 3.00
CA TYR IF 73 93.69 89.53 2.89
C TYR IF 73 93.95 88.73 4.16
N SER IF 74 94.72 89.32 5.07
CA SER IF 74 95.07 88.70 6.34
C SER IF 74 93.85 88.51 7.21
N PRO IF 75 93.91 87.54 8.12
CA PRO IF 75 92.78 87.29 9.01
C PRO IF 75 92.57 88.46 9.96
N GLU IF 76 93.69 89.02 10.42
CA GLU IF 76 93.62 90.14 11.33
C GLU IF 76 92.72 91.23 10.73
N PHE IF 77 93.02 91.63 9.48
CA PHE IF 77 92.25 92.66 8.82
C PHE IF 77 90.88 92.12 8.49
N GLY IF 78 90.83 90.90 8.00
CA GLY IF 78 89.57 90.29 7.64
C GLY IF 78 88.59 90.44 8.79
N ALA IF 79 89.06 90.15 9.99
CA ALA IF 79 88.21 90.26 11.17
C ALA IF 79 87.68 91.66 11.19
N HIS IF 80 88.58 92.62 11.25
CA HIS IF 80 88.20 94.03 11.27
C HIS IF 80 87.12 94.31 10.24
N SER IF 81 87.47 94.06 8.98
CA SER IF 81 86.57 94.24 7.84
C SER IF 81 85.15 93.88 8.22
N GLN IF 82 84.99 92.67 8.74
CA GLN IF 82 83.70 92.17 9.15
C GLN IF 82 83.07 93.04 10.25
N ARG IF 83 83.82 93.28 11.29
CA ARG IF 83 83.33 94.07 12.41
C ARG IF 83 82.71 95.35 11.90
N VAL IF 84 83.40 95.96 10.96
CA VAL IF 84 82.95 97.19 10.34
C VAL IF 84 81.59 96.98 9.69
N LEU IF 85 81.57 96.19 8.64
CA LEU IF 85 80.35 95.92 7.93
C LEU IF 85 79.22 95.64 8.90
N SER IF 86 79.52 94.85 9.92
CA SER IF 86 78.49 94.52 10.90
C SER IF 86 77.87 95.78 11.48
N GLY IF 87 78.71 96.69 11.94
CA GLY IF 87 78.21 97.94 12.51
C GLY IF 87 77.32 98.65 11.50
N LEU IF 88 77.78 98.67 10.25
CA LEU IF 88 77.03 99.30 9.18
C LEU IF 88 75.67 98.61 9.10
N ASP IF 89 75.66 97.30 9.28
CA ASP IF 89 74.41 96.54 9.26
C ASP IF 89 73.50 97.11 10.34
N ILE IF 90 74.01 97.21 11.56
CA ILE IF 90 73.23 97.73 12.68
C ILE IF 90 72.62 99.06 12.32
N THR IF 91 73.46 100.05 12.06
CA THR IF 91 72.98 101.37 11.72
C THR IF 91 71.85 101.25 10.71
N ILE IF 92 72.10 100.59 9.59
CA ILE IF 92 71.07 100.42 8.56
C ILE IF 92 69.79 99.81 9.13
N SER IF 93 69.94 98.78 10.00
CA SER IF 93 68.82 98.11 10.59
C SER IF 93 68.18 98.98 11.63
N MET IF 94 68.91 99.97 12.15
CA MET IF 94 68.40 100.83 13.19
C MET IF 94 67.40 101.74 12.58
N LEU IF 95 67.67 101.98 11.29
CA LEU IF 95 67.64 103.22 10.60
C LEU IF 95 66.24 103.71 10.49
N ASP IF 96 65.36 102.74 10.22
CA ASP IF 96 64.00 102.95 9.87
C ASP IF 96 63.27 103.57 11.01
N THR IF 97 63.57 103.06 12.21
CA THR IF 97 62.87 103.42 13.37
C THR IF 97 63.78 104.34 14.11
N PRO IF 98 63.29 105.54 14.21
CA PRO IF 98 64.04 106.71 14.67
C PRO IF 98 64.63 106.63 16.06
N ASP IF 99 63.86 106.17 17.03
CA ASP IF 99 64.36 106.09 18.39
C ASP IF 99 65.62 105.26 18.53
N MET IF 100 65.72 104.19 17.74
CA MET IF 100 66.88 103.32 17.78
C MET IF 100 68.04 103.93 17.04
N LEU IF 101 67.75 104.53 15.89
CA LEU IF 101 68.78 105.17 15.08
C LEU IF 101 69.44 106.29 15.85
N ALA IF 102 68.61 107.24 16.31
CA ALA IF 102 69.10 108.39 17.06
C ALA IF 102 70.05 107.93 18.16
N ALA IF 103 69.69 106.83 18.81
CA ALA IF 103 70.49 106.25 19.88
C ALA IF 103 71.78 105.63 19.34
N GLN IF 104 71.62 104.76 18.35
CA GLN IF 104 72.73 104.07 17.73
C GLN IF 104 73.72 105.08 17.19
N LEU IF 105 73.22 106.07 16.47
CA LEU IF 105 74.10 107.09 15.92
C LEU IF 105 74.88 107.77 17.02
N ALA IF 106 74.19 108.22 18.06
CA ALA IF 106 74.84 108.87 19.18
C ALA IF 106 75.95 107.97 19.73
N HIS IF 107 75.67 106.68 19.82
CA HIS IF 107 76.63 105.72 20.33
C HIS IF 107 77.86 105.65 19.44
N LEU IF 108 77.67 105.73 18.13
CA LEU IF 108 78.79 105.69 17.19
C LEU IF 108 79.64 106.95 17.27
N LYS IF 109 78.98 108.10 17.42
CA LYS IF 109 79.68 109.38 17.50
C LYS IF 109 80.74 109.34 18.58
N VAL IF 110 80.38 108.75 19.72
CA VAL IF 110 81.30 108.65 20.83
C VAL IF 110 82.54 107.85 20.49
N GLN IF 111 82.35 106.66 19.92
CA GLN IF 111 83.48 105.81 19.56
C GLN IF 111 84.42 106.48 18.57
N HIS IF 112 84.01 107.61 18.03
CA HIS IF 112 84.82 108.35 17.07
C HIS IF 112 85.40 109.65 17.59
N VAL IF 113 84.55 110.52 18.10
CA VAL IF 113 84.98 111.82 18.61
C VAL IF 113 86.32 111.79 19.35
N GLU IF 114 86.50 110.71 20.15
CA GLU IF 114 87.57 110.62 21.09
C GLU IF 114 88.82 110.71 20.29
N ARG IF 115 88.78 110.09 19.09
CA ARG IF 115 89.91 109.76 18.27
C ARG IF 115 89.86 110.62 17.04
N ASN IF 116 91.04 110.77 16.41
CA ASN IF 116 91.20 111.46 15.18
C ASN IF 116 90.84 110.54 14.06
N LEU IF 117 90.13 111.16 13.10
CA LEU IF 117 89.79 110.60 11.86
C LEU IF 117 89.55 111.78 11.04
N LYS IF 118 89.78 111.65 9.73
CA LYS IF 118 89.41 112.64 8.82
C LYS IF 118 88.01 112.38 8.40
N PRO IF 119 87.51 113.54 8.30
CA PRO IF 119 86.20 113.84 7.82
C PRO IF 119 86.02 113.29 6.46
N GLU IF 120 86.97 113.59 5.58
CA GLU IF 120 86.80 113.24 4.18
C GLU IF 120 86.90 111.73 3.94
N PHE IF 121 87.56 111.02 4.85
CA PHE IF 121 87.72 109.57 4.73
C PHE IF 121 86.37 108.90 4.57
N PHE IF 122 85.42 109.33 5.40
CA PHE IF 122 84.07 108.78 5.36
C PHE IF 122 83.40 109.10 4.04
N ASP IF 123 83.60 110.31 3.54
CA ASP IF 123 83.01 110.69 2.26
C ASP IF 123 83.53 109.72 1.20
N ILE IF 124 84.75 109.22 1.43
CA ILE IF 124 85.40 108.27 0.52
C ILE IF 124 84.74 106.92 0.70
N PHE IF 125 84.73 106.45 1.94
CA PHE IF 125 84.12 105.19 2.28
C PHE IF 125 82.77 105.08 1.59
N LEU IF 126 81.94 106.10 1.77
CA LEU IF 126 80.61 106.13 1.15
C LEU IF 126 80.69 106.00 -0.34
N LYS IF 127 81.56 106.78 -0.96
CA LYS IF 127 81.71 106.72 -2.40
C LYS IF 127 81.82 105.26 -2.87
N HIS IF 128 82.73 104.51 -2.26
CA HIS IF 128 82.92 103.12 -2.64
C HIS IF 128 81.79 102.21 -2.25
N LEU IF 129 81.33 102.29 -1.01
CA LEU IF 129 80.23 101.44 -0.56
C LEU IF 129 79.12 101.48 -1.60
N LEU IF 130 78.89 102.63 -2.21
CA LEU IF 130 77.86 102.77 -3.21
C LEU IF 130 78.33 102.15 -4.51
N HIS IF 131 79.59 102.38 -4.84
CA HIS IF 131 80.16 101.83 -6.05
C HIS IF 131 79.99 100.31 -6.02
N VAL IF 132 80.39 99.70 -4.91
CA VAL IF 132 80.29 98.25 -4.74
C VAL IF 132 78.85 97.76 -4.79
N LEU IF 133 77.96 98.32 -3.96
CA LEU IF 133 76.56 97.91 -3.98
C LEU IF 133 76.06 98.05 -5.42
N GLY IF 134 76.57 99.04 -6.13
CA GLY IF 134 76.17 99.23 -7.50
C GLY IF 134 76.38 97.97 -8.31
N ASP IF 135 77.58 97.39 -8.19
CA ASP IF 135 77.91 96.15 -8.89
C ASP IF 135 77.00 95.03 -8.42
N ARG IF 136 76.99 94.79 -7.12
CA ARG IF 136 76.18 93.75 -6.53
C ARG IF 136 74.71 93.80 -6.92
N LEU IF 137 74.08 94.95 -6.74
CA LEU IF 137 72.67 95.08 -7.03
C LEU IF 137 72.29 95.32 -8.51
N GLY IF 138 73.21 95.92 -9.26
CA GLY IF 138 72.93 96.16 -10.66
C GLY IF 138 72.23 97.48 -10.93
N THR IF 139 71.30 97.47 -11.87
CA THR IF 139 70.59 98.68 -12.22
C THR IF 139 69.45 98.98 -11.28
N HIS IF 140 69.02 97.98 -10.53
CA HIS IF 140 67.91 98.15 -9.59
C HIS IF 140 68.35 99.02 -8.42
N PHE IF 141 69.64 99.01 -8.14
CA PHE IF 141 70.23 99.76 -7.05
C PHE IF 141 69.65 101.14 -6.93
N ASP IF 142 68.94 101.41 -5.84
CA ASP IF 142 68.35 102.74 -5.66
C ASP IF 142 69.36 103.72 -5.07
N PHE IF 143 70.25 104.21 -5.93
CA PHE IF 143 71.27 105.16 -5.56
C PHE IF 143 70.67 106.25 -4.69
N GLY IF 144 69.65 106.91 -5.19
CA GLY IF 144 69.01 107.98 -4.45
C GLY IF 144 68.80 107.60 -3.01
N ALA IF 145 68.00 106.56 -2.79
CA ALA IF 145 67.71 106.09 -1.44
C ALA IF 145 68.95 105.86 -0.59
N TRP IF 146 69.95 105.20 -1.15
CA TRP IF 146 71.16 104.96 -0.38
C TRP IF 146 71.88 106.25 -0.02
N HIS IF 147 72.22 107.04 -1.03
CA HIS IF 147 72.93 108.29 -0.80
C HIS IF 147 72.25 109.09 0.31
N ASP IF 148 70.96 109.36 0.15
CA ASP IF 148 70.20 110.09 1.16
C ASP IF 148 70.28 109.40 2.51
N CYS IF 149 70.21 108.08 2.50
CA CYS IF 149 70.21 107.31 3.73
C CYS IF 149 71.52 106.94 4.42
N VAL IF 150 72.49 106.41 3.68
CA VAL IF 150 73.76 106.07 4.29
C VAL IF 150 74.47 107.34 4.72
N ASP IF 151 74.26 108.42 3.97
CA ASP IF 151 74.89 109.70 4.27
C ASP IF 151 74.58 110.02 5.72
N GLN IF 152 73.29 110.10 6.04
CA GLN IF 152 72.86 110.40 7.40
C GLN IF 152 73.62 109.56 8.46
N ILE IF 153 73.99 108.33 8.10
CA ILE IF 153 74.70 107.47 9.02
C ILE IF 153 76.14 107.90 9.17
N ILE IF 154 76.72 108.42 8.09
CA ILE IF 154 78.10 108.85 8.14
C ILE IF 154 78.25 110.12 8.95
N ASP IF 155 77.47 111.15 8.64
CA ASP IF 155 77.54 112.40 9.37
C ASP IF 155 77.48 112.20 10.87
N GLY IF 156 76.56 111.32 11.32
CA GLY IF 156 76.32 111.25 12.73
C GLY IF 156 77.53 110.74 13.42
N ILE IF 157 78.12 109.67 12.87
CA ILE IF 157 79.23 109.02 13.49
C ILE IF 157 80.30 110.03 13.46
N LYS IF 158 80.39 110.64 12.26
CA LYS IF 158 81.45 111.51 11.82
C LYS IF 158 81.89 112.47 12.95
N ARG JF 24 13.55 2.33 -25.18
CA ARG JF 24 14.60 1.31 -25.22
C ARG JF 24 15.94 1.78 -24.87
N PHE JF 25 16.78 0.79 -24.67
CA PHE JF 25 18.14 0.96 -24.34
C PHE JF 25 18.88 1.59 -25.47
N GLN JF 26 18.60 1.17 -26.71
CA GLN JF 26 19.53 1.54 -27.73
C GLN JF 26 19.53 3.04 -27.89
N TYR JF 27 18.32 3.60 -27.71
CA TYR JF 27 17.54 4.78 -28.02
C TYR JF 27 18.15 6.10 -27.61
N LEU JF 28 18.06 6.28 -26.29
CA LEU JF 28 18.19 7.52 -25.60
C LEU JF 28 19.62 7.77 -25.64
N VAL JF 29 20.32 6.66 -25.82
CA VAL JF 29 21.76 6.73 -26.03
C VAL JF 29 22.13 7.43 -27.32
N LYS JF 30 21.41 7.12 -28.39
CA LYS JF 30 21.66 7.72 -29.70
C LYS JF 30 21.75 9.23 -29.63
N ASN JF 31 21.08 9.82 -28.65
CA ASN JF 31 21.11 11.27 -28.49
C ASN JF 31 22.12 11.73 -27.45
N GLN JF 32 22.35 10.91 -26.43
CA GLN JF 32 23.31 11.25 -25.40
C GLN JF 32 24.67 11.48 -26.07
N ASN JF 33 25.05 10.56 -26.96
CA ASN JF 33 26.30 10.69 -27.69
C ASN JF 33 26.27 11.96 -28.52
N LEU JF 34 25.06 12.45 -28.80
CA LEU JF 34 24.91 13.66 -29.59
C LEU JF 34 25.13 14.87 -28.69
N HIS JF 35 24.54 14.84 -27.50
CA HIS JF 35 24.71 15.94 -26.57
C HIS JF 35 26.21 16.12 -26.35
N ILE JF 36 26.95 15.01 -26.45
CA ILE JF 36 28.39 15.06 -26.28
C ILE JF 36 29.07 15.54 -27.55
N ASP JF 37 28.72 14.91 -28.67
CA ASP JF 37 29.31 15.32 -29.94
C ASP JF 37 29.09 16.83 -30.04
N TYR JF 38 28.11 17.32 -29.26
CA TYR JF 38 27.78 18.75 -29.21
C TYR JF 38 28.87 19.48 -28.46
N LEU JF 39 28.97 19.20 -27.16
CA LEU JF 39 29.98 19.82 -26.33
C LEU JF 39 31.33 19.88 -27.02
N ALA JF 40 31.72 18.79 -27.65
CA ALA JF 40 32.99 18.73 -28.36
C ALA JF 40 33.14 19.91 -29.32
N LYS JF 41 32.05 20.28 -30.00
CA LYS JF 41 32.06 21.38 -30.96
C LYS JF 41 32.06 22.75 -30.26
N LYS JF 42 31.19 22.93 -29.27
CA LYS JF 42 31.11 24.19 -28.53
C LYS JF 42 32.45 24.49 -27.87
N LEU JF 43 33.25 23.44 -27.72
CA LEU JF 43 34.57 23.57 -27.11
C LEU JF 43 35.63 23.84 -28.16
N HIS JF 44 35.54 23.13 -29.28
CA HIS JF 44 36.50 23.32 -30.35
C HIS JF 44 36.38 24.75 -30.84
N ASP JF 45 35.14 25.24 -30.89
CA ASP JF 45 34.89 26.61 -31.32
C ASP JF 45 35.43 27.60 -30.27
N ILE JF 46 35.98 27.04 -29.19
CA ILE JF 46 36.57 27.82 -28.11
C ILE JF 46 38.08 27.72 -28.19
N GLU JF 47 38.56 26.49 -28.16
CA GLU JF 47 39.98 26.23 -28.26
C GLU JF 47 40.49 26.92 -29.53
N GLU JF 48 39.57 27.11 -30.48
CA GLU JF 48 39.92 27.76 -31.75
C GLU JF 48 40.05 29.25 -31.49
N GLU JF 49 39.01 29.85 -30.92
CA GLU JF 49 39.02 31.28 -30.61
C GLU JF 49 40.14 31.59 -29.63
N TYR JF 50 40.75 30.55 -29.09
CA TYR JF 50 41.85 30.72 -28.14
C TYR JF 50 43.13 30.99 -28.92
N ASN JF 51 43.48 30.08 -29.81
CA ASN JF 51 44.70 30.20 -30.61
C ASN JF 51 44.78 31.54 -31.34
N LYS JF 52 43.59 32.11 -31.70
CA LYS JF 52 43.56 33.34 -32.42
C LYS JF 52 44.30 34.33 -31.58
N LEU JF 53 44.08 34.30 -30.25
CA LEU JF 53 44.69 35.19 -29.28
C LEU JF 53 45.98 34.62 -28.81
N THR JF 54 47.00 35.48 -28.90
CA THR JF 54 48.37 35.12 -28.93
C THR JF 54 48.75 34.48 -27.64
N HIS JF 55 50.02 34.06 -27.67
CA HIS JF 55 50.50 33.12 -26.74
C HIS JF 55 51.24 33.96 -25.81
N ASP JF 56 51.32 33.52 -24.57
CA ASP JF 56 51.79 34.49 -23.67
C ASP JF 56 53.28 34.60 -23.94
N VAL JF 57 53.83 35.83 -23.83
CA VAL JF 57 55.18 36.10 -24.26
C VAL JF 57 56.12 35.36 -23.36
N ASP JF 58 57.25 34.93 -23.96
CA ASP JF 58 58.13 33.97 -23.37
C ASP JF 58 59.01 34.63 -22.36
N LYS JF 59 57.41 34.68 -19.45
CA LYS JF 59 58.26 35.23 -18.39
C LYS JF 59 59.62 35.61 -18.96
N LYS JF 60 60.06 34.89 -19.98
CA LYS JF 60 61.35 35.15 -20.62
C LYS JF 60 61.42 36.57 -21.22
N THR JF 61 60.26 37.20 -21.37
CA THR JF 61 60.17 38.55 -21.92
C THR JF 61 60.34 39.57 -20.82
N ILE JF 62 59.50 39.46 -19.81
CA ILE JF 62 59.58 40.34 -18.66
C ILE JF 62 61.03 40.36 -18.21
N ARG JF 63 61.63 39.17 -18.10
CA ARG JF 63 63.01 39.04 -17.66
C ARG JF 63 63.92 39.96 -18.44
N GLN JF 64 63.75 39.98 -19.76
CA GLN JF 64 64.56 40.81 -20.63
C GLN JF 64 64.35 42.29 -20.40
N LEU JF 65 63.15 42.66 -19.97
CA LEU JF 65 62.82 44.05 -19.67
C LEU JF 65 63.53 44.44 -18.40
N LYS JF 66 63.21 43.73 -17.30
CA LYS JF 66 63.84 43.98 -16.02
C LYS JF 66 65.35 44.11 -16.26
N ALA JF 67 65.88 43.39 -17.26
CA ALA JF 67 67.31 43.45 -17.55
C ALA JF 67 67.61 44.76 -18.22
N ARG JF 68 67.13 44.93 -19.45
CA ARG JF 68 67.35 46.16 -20.22
C ARG JF 68 67.25 47.38 -19.32
N ILE JF 69 66.22 47.38 -18.49
CA ILE JF 69 65.97 48.47 -17.57
C ILE JF 69 67.08 48.54 -16.55
N SER JF 70 67.25 47.47 -15.80
CA SER JF 70 68.28 47.42 -14.76
C SER JF 70 69.65 47.86 -15.29
N ASN JF 71 69.94 47.66 -16.59
CA ASN JF 71 71.31 47.96 -16.93
C ASN JF 71 71.53 49.41 -16.82
N LEU JF 72 70.49 50.22 -17.09
CA LEU JF 72 70.81 51.60 -17.25
C LEU JF 72 71.29 52.09 -15.92
N GLU JF 73 70.78 56.07 -13.35
CA GLU JF 73 70.92 56.21 -11.92
C GLU JF 73 72.36 55.98 -11.56
N GLU JF 74 72.76 56.56 -10.41
CA GLU JF 74 74.12 56.53 -9.95
C GLU JF 74 74.33 55.31 -9.12
N HIS JF 75 75.61 55.04 -8.85
CA HIS JF 75 75.96 54.23 -7.74
C HIS JF 75 76.74 55.10 -6.83
N HIS JF 76 76.71 54.72 -5.54
CA HIS JF 76 77.25 55.54 -4.52
C HIS JF 76 78.71 55.68 -4.82
N CYS JF 77 79.39 54.59 -5.21
CA CYS JF 77 80.81 54.56 -5.10
C CYS JF 77 81.46 55.50 -6.07
N ASP JF 78 82.44 56.22 -5.48
CA ASP JF 78 83.52 56.90 -6.10
C ASP JF 78 84.38 55.79 -6.65
N GLU JF 79 85.37 56.16 -7.49
CA GLU JF 79 85.89 55.29 -8.50
C GLU JF 79 86.68 54.16 -7.91
N HIS JF 80 86.69 53.01 -8.62
CA HIS JF 80 87.35 51.79 -8.23
C HIS JF 80 87.03 51.47 -6.83
N GLU JF 81 85.71 51.33 -6.60
CA GLU JF 81 84.92 50.55 -5.65
C GLU JF 81 83.66 50.09 -6.37
N SER JF 82 83.17 48.91 -6.01
CA SER JF 82 81.93 48.37 -6.59
C SER JF 82 81.11 47.80 -5.46
N GLU JF 83 79.79 47.79 -5.62
CA GLU JF 83 78.95 47.30 -4.54
C GLU JF 83 78.75 45.80 -4.48
N CYS JF 84 78.53 45.23 -3.27
CA CYS JF 84 78.29 43.81 -3.26
C CYS JF 84 76.92 43.56 -3.80
N ARG JF 85 76.81 42.46 -4.56
CA ARG JF 85 75.75 42.14 -5.47
C ARG JF 85 74.46 42.18 -4.73
N GLY JF 86 74.45 41.68 -3.48
CA GLY JF 86 73.22 41.33 -2.85
C GLY JF 86 72.59 42.53 -2.27
N ASP JF 87 71.74 42.26 -1.25
CA ASP JF 87 70.73 43.08 -0.65
C ASP JF 87 71.38 44.28 -0.08
N VAL JF 88 72.56 44.07 0.52
CA VAL JF 88 73.24 45.20 1.05
C VAL JF 88 73.89 45.88 -0.11
N PRO JF 89 73.84 47.18 -0.01
CA PRO JF 89 74.44 48.11 -0.93
C PRO JF 89 75.94 47.97 -0.95
N GLU JF 90 76.51 47.61 0.20
CA GLU JF 90 77.76 48.05 0.72
C GLU JF 90 78.83 48.04 -0.31
N CYS JF 91 79.74 49.01 -0.20
CA CYS JF 91 80.79 49.24 -1.20
C CYS JF 91 82.15 48.74 -0.73
N ILE JF 92 82.82 47.89 -1.52
CA ILE JF 92 84.18 47.46 -1.13
C ILE JF 92 85.12 47.77 -2.28
N HIS JF 93 86.41 47.91 -1.99
CA HIS JF 93 87.35 48.25 -3.05
C HIS JF 93 87.48 47.17 -4.10
N ASP JF 94 87.67 47.59 -5.39
CA ASP JF 94 87.53 46.75 -6.53
C ASP JF 94 88.49 45.61 -6.44
N LEU JF 95 89.67 45.87 -5.82
CA LEU JF 95 90.88 45.10 -5.95
C LEU JF 95 90.77 43.74 -5.37
N LEU JF 96 90.08 43.66 -4.21
CA LEU JF 96 90.20 42.65 -3.19
C LEU JF 96 89.74 41.36 -3.74
N PHE JF 97 88.95 41.43 -4.82
CA PHE JF 97 88.63 40.24 -5.54
C PHE JF 97 89.88 39.77 -6.21
N CYS JF 98 90.18 38.46 -6.10
CA CYS JF 98 89.48 37.60 -5.19
C CYS JF 98 90.43 37.44 -4.03
N ASP JF 99 89.92 37.09 -2.85
CA ASP JF 99 90.71 36.44 -1.85
C ASP JF 99 90.97 35.06 -2.37
N GLY JF 100 90.01 34.59 -3.18
CA GLY JF 100 89.78 33.20 -3.41
C GLY JF 100 88.54 32.93 -2.62
N GLU JF 101 88.45 33.64 -1.48
CA GLU JF 101 87.44 33.52 -0.46
C GLU JF 101 86.54 34.70 -0.59
N LYS JF 102 85.39 34.67 0.12
CA LYS JF 102 84.50 35.75 -0.05
C LYS JF 102 85.08 36.94 0.65
N ASP JF 103 85.44 37.93 -0.16
CA ASP JF 103 85.91 39.16 0.41
C ASP JF 103 84.74 39.63 1.20
N CYS JF 104 83.54 39.45 0.61
CA CYS JF 104 82.39 40.08 1.16
C CYS JF 104 81.85 39.32 2.33
N ARG JF 105 81.12 40.05 3.20
CA ARG JF 105 80.40 39.47 4.29
C ARG JF 105 79.29 38.64 3.76
N ASP JF 106 78.58 39.27 2.78
CA ASP JF 106 77.36 38.90 2.10
C ASP JF 106 77.61 37.67 1.33
N GLY JF 107 78.81 37.61 0.71
CA GLY JF 107 79.11 36.47 -0.12
C GLY JF 107 78.23 36.60 -1.30
N SER JF 108 78.05 37.83 -1.80
CA SER JF 108 77.14 37.99 -2.87
C SER JF 108 77.78 37.35 -4.03
N ASP JF 109 79.11 37.30 -3.96
CA ASP JF 109 80.01 37.00 -5.02
C ASP JF 109 79.68 35.64 -5.54
N GLU JF 110 79.45 34.72 -4.59
CA GLU JF 110 79.50 33.29 -4.76
C GLU JF 110 78.40 32.91 -5.69
N ASP JF 111 77.40 33.81 -5.75
CA ASP JF 111 76.27 33.78 -6.61
C ASP JF 111 76.77 33.85 -8.02
N PRO JF 112 76.08 33.12 -8.83
CA PRO JF 112 76.37 32.93 -10.25
C PRO JF 112 76.49 34.19 -11.11
N GLU JF 113 75.62 35.17 -10.90
CA GLU JF 113 75.66 36.40 -11.69
C GLU JF 113 77.01 37.09 -11.63
N THR JF 114 77.87 36.63 -10.73
CA THR JF 114 79.19 37.21 -10.55
C THR JF 114 80.26 36.33 -11.11
N CYS JF 115 80.16 35.04 -10.82
CA CYS JF 115 81.13 34.05 -11.26
C CYS JF 115 80.82 33.48 -12.64
N SER JF 116 79.84 34.08 -13.32
CA SER JF 116 79.19 33.53 -14.47
C SER JF 116 80.20 33.22 -15.49
N LEU JF 117 79.83 32.22 -16.29
CA LEU JF 117 80.45 31.73 -17.46
C LEU JF 117 80.38 32.69 -18.61
N ASN JF 118 79.15 33.17 -18.91
CA ASN JF 118 78.91 33.92 -20.12
C ASN JF 118 79.71 35.17 -20.02
N ILE JF 119 79.69 35.78 -18.82
CA ILE JF 119 80.25 37.09 -18.62
C ILE JF 119 81.69 37.01 -19.03
N THR JF 120 82.41 36.03 -18.45
CA THR JF 120 83.83 35.84 -18.56
C THR JF 120 84.13 35.45 -19.95
N HIS JF 121 83.11 34.82 -20.60
CA HIS JF 121 83.25 33.96 -21.72
C HIS JF 121 83.96 34.70 -22.78
N VAL JF 122 84.85 33.95 -23.44
CA VAL JF 122 85.74 34.50 -24.38
C VAL JF 122 85.07 34.47 -25.70
N GLY JF 123 85.45 35.44 -26.58
CA GLY JF 123 85.14 35.33 -27.98
C GLY JF 123 83.80 35.95 -28.19
N SER JF 124 83.40 36.79 -27.22
CA SER JF 124 82.41 37.81 -27.37
C SER JF 124 83.06 38.90 -28.18
N SER JF 125 82.32 39.41 -29.19
CA SER JF 125 82.56 40.42 -30.19
C SER JF 125 81.54 41.56 -30.15
N TYR JF 126 82.03 42.79 -30.15
CA TYR JF 126 81.18 43.96 -30.12
C TYR JF 126 81.48 44.81 -31.33
N THR JF 127 80.43 45.29 -32.00
CA THR JF 127 80.59 46.16 -33.17
C THR JF 127 79.62 47.31 -33.21
N GLY JF 128 80.01 48.33 -33.96
CA GLY JF 128 79.17 49.50 -34.11
C GLY JF 128 79.70 50.26 -35.31
N LEU JF 129 79.20 51.47 -35.53
CA LEU JF 129 79.71 52.24 -36.65
C LEU JF 129 80.65 53.30 -36.14
N ALA JF 130 81.92 53.09 -36.45
CA ALA JF 130 82.95 54.00 -36.01
C ALA JF 130 82.96 55.24 -36.88
N THR JF 131 82.87 56.40 -36.24
CA THR JF 131 82.88 57.68 -36.93
C THR JF 131 84.10 58.39 -36.37
N TRP JF 132 85.16 58.48 -37.18
CA TRP JF 132 86.42 59.07 -36.74
C TRP JF 132 86.44 60.57 -36.64
N THR JF 133 86.76 61.07 -35.44
CA THR JF 133 86.87 62.48 -35.35
C THR JF 133 88.05 62.67 -36.20
N SER JF 134 89.09 61.90 -35.81
CA SER JF 134 90.39 62.05 -36.37
C SER JF 134 90.57 61.53 -37.77
N CYS JF 135 90.81 60.21 -37.87
CA CYS JF 135 91.49 59.71 -39.03
C CYS JF 135 90.61 59.80 -40.24
N GLU JF 136 89.35 59.35 -40.11
CA GLU JF 136 88.72 58.75 -41.24
C GLU JF 136 88.10 59.80 -42.09
N ASP JF 137 88.81 60.08 -43.21
CA ASP JF 137 88.36 60.99 -44.19
C ASP JF 137 87.06 60.42 -44.58
N LEU JF 138 87.06 59.09 -44.78
CA LEU JF 138 85.89 58.54 -45.34
C LEU JF 138 84.84 58.36 -44.33
N ASN JF 139 83.72 57.83 -44.85
CA ASN JF 139 82.42 57.69 -44.31
C ASN JF 139 82.46 56.57 -43.33
N PRO JF 140 81.94 56.88 -42.19
CA PRO JF 140 82.20 56.18 -40.97
C PRO JF 140 81.93 54.77 -41.18
N ASP JF 141 82.86 54.00 -40.67
CA ASP JF 141 83.03 52.61 -41.10
C ASP JF 141 82.73 51.70 -39.92
N HIS JF 142 82.67 50.40 -40.19
CA HIS JF 142 82.35 49.45 -39.14
C HIS JF 142 83.54 49.05 -38.30
N ALA JF 143 83.38 49.17 -37.00
CA ALA JF 143 84.42 48.80 -36.05
C ALA JF 143 84.02 47.51 -35.33
N ILE JF 144 84.98 46.63 -35.10
CA ILE JF 144 84.69 45.36 -34.44
C ILE JF 144 85.76 44.92 -33.46
N VAL JF 145 85.46 45.04 -32.17
CA VAL JF 145 86.42 44.63 -31.17
C VAL JF 145 85.92 43.31 -30.67
N THR JF 146 86.71 42.27 -30.92
CA THR JF 146 86.34 40.91 -30.51
C THR JF 146 87.42 40.23 -29.65
N ILE JF 147 87.01 39.53 -28.58
CA ILE JF 147 87.91 38.88 -27.62
C ILE JF 147 88.50 37.57 -28.11
N THR JF 148 89.84 37.48 -28.13
CA THR JF 148 90.53 36.28 -28.65
C THR JF 148 90.98 35.25 -27.65
N ALA JF 149 91.14 35.67 -26.40
CA ALA JF 149 91.54 34.74 -25.36
C ALA JF 149 91.54 35.51 -24.06
N ALA JF 150 91.25 34.83 -22.96
CA ALA JF 150 91.20 35.53 -21.68
C ALA JF 150 91.25 34.61 -20.47
N HIS JF 151 92.19 34.94 -19.55
CA HIS JF 151 92.66 33.98 -18.60
C HIS JF 151 91.62 33.66 -17.58
N ARG JF 152 91.38 32.35 -17.47
CA ARG JF 152 90.71 31.92 -16.31
C ARG JF 152 91.66 31.07 -15.58
N LYS JF 153 91.33 30.91 -14.31
CA LYS JF 153 91.62 29.67 -13.74
C LYS JF 153 90.32 29.08 -13.46
N SER JF 154 90.37 28.27 -12.41
CA SER JF 154 89.26 27.52 -11.99
C SER JF 154 88.25 28.42 -11.35
N PHE JF 155 88.67 29.09 -10.27
CA PHE JF 155 87.73 29.40 -9.23
C PHE JF 155 86.94 30.57 -9.56
N PHE JF 156 87.51 31.30 -10.51
CA PHE JF 156 87.93 32.64 -10.36
C PHE JF 156 86.69 33.42 -10.56
N PRO JF 157 86.16 34.15 -9.62
CA PRO JF 157 84.86 34.69 -9.85
C PRO JF 157 84.95 35.69 -10.97
N ASN JF 158 86.16 36.20 -11.27
CA ASN JF 158 86.39 37.62 -11.51
C ASN JF 158 86.66 37.91 -12.97
N ARG JF 159 87.43 39.01 -13.16
CA ARG JF 159 87.66 39.59 -14.44
C ARG JF 159 88.91 39.06 -15.01
N VAL JF 160 88.78 38.85 -16.31
CA VAL JF 160 89.70 38.26 -17.18
C VAL JF 160 90.58 39.38 -17.58
N TRP JF 161 91.73 38.93 -18.05
CA TRP JF 161 92.85 39.69 -18.42
C TRP JF 161 93.08 38.96 -19.65
N LEU JF 162 93.04 39.69 -20.74
CA LEU JF 162 92.60 39.12 -21.99
C LEU JF 162 93.29 39.67 -23.22
N ARG JF 163 92.95 39.07 -24.36
CA ARG JF 163 93.48 39.48 -25.63
C ARG JF 163 92.33 39.49 -26.63
N ALA JF 164 92.37 40.47 -27.52
CA ALA JF 164 91.33 40.65 -28.52
C ALA JF 164 91.91 41.24 -29.80
N THR JF 165 91.02 41.55 -30.72
CA THR JF 165 91.38 42.11 -32.03
C THR JF 165 90.44 43.27 -32.35
N LEU JF 166 90.99 44.35 -32.89
CA LEU JF 166 90.17 45.49 -33.30
C LEU JF 166 90.24 45.57 -34.82
N SER JF 167 89.11 45.45 -35.49
CA SER JF 167 89.09 45.51 -36.96
C SER JF 167 88.13 46.58 -37.42
N TYR JF 168 88.56 47.40 -38.39
CA TYR JF 168 87.68 48.43 -38.93
C TYR JF 168 87.93 48.52 -40.42
N GLU JF 169 86.84 48.59 -41.20
CA GLU JF 169 86.90 48.65 -42.65
C GLU JF 169 87.70 49.85 -43.16
N LEU JF 170 88.50 49.62 -44.21
CA LEU JF 170 89.09 50.70 -44.92
C LEU JF 170 88.03 51.39 -45.68
N ASP JF 171 87.52 50.64 -46.66
CA ASP JF 171 86.37 51.11 -47.31
C ASP JF 171 85.48 49.99 -47.57
N GLU JF 172 84.30 50.45 -48.03
CA GLU JF 172 83.34 49.77 -48.84
C GLU JF 172 84.00 49.48 -50.13
N HIS JF 173 84.70 50.48 -50.69
CA HIS JF 173 85.19 50.28 -52.01
C HIS JF 173 86.19 49.17 -51.94
N ASP JF 174 87.23 49.47 -51.13
CA ASP JF 174 88.50 48.83 -51.19
C ASP JF 174 88.19 47.38 -51.00
N HIS JF 175 87.22 47.16 -50.10
CA HIS JF 175 86.89 45.92 -49.43
C HIS JF 175 88.08 45.48 -48.64
N THR JF 176 88.75 46.44 -47.96
CA THR JF 176 89.84 45.99 -47.17
C THR JF 176 89.58 46.30 -45.75
N VAL JF 177 90.51 45.85 -44.86
CA VAL JF 177 90.20 46.08 -43.46
C VAL JF 177 91.40 45.88 -42.52
N SER JF 178 91.59 46.82 -41.62
CA SER JF 178 92.70 46.80 -40.67
C SER JF 178 92.39 45.92 -39.49
N THR JF 179 93.35 45.10 -39.10
CA THR JF 179 93.17 44.22 -37.97
C THR JF 179 94.38 44.23 -37.05
N THR JF 180 94.27 44.97 -35.95
CA THR JF 180 95.35 45.09 -34.99
C THR JF 180 95.07 44.14 -33.81
N GLN JF 181 96.09 43.48 -33.30
CA GLN JF 181 95.91 42.58 -32.14
C GLN JF 181 96.04 43.40 -30.86
N LEU JF 182 95.27 43.05 -29.84
CA LEU JF 182 95.33 43.83 -28.60
C LEU JF 182 95.55 42.97 -27.38
N ARG JF 183 95.91 43.63 -26.29
CA ARG JF 183 96.12 43.00 -24.99
C ARG JF 183 95.41 43.92 -23.99
N GLY JF 184 95.09 43.40 -22.81
CA GLY JF 184 94.41 44.24 -21.83
C GLY JF 184 93.60 43.44 -20.84
N PHE JF 185 92.70 44.13 -20.13
CA PHE JF 185 91.86 43.46 -19.16
C PHE JF 185 90.47 44.04 -19.16
N TYR JF 186 89.65 43.57 -18.24
CA TYR JF 186 88.32 44.07 -18.11
C TYR JF 186 88.10 44.41 -16.65
N ASN JF 187 87.72 45.67 -16.39
CA ASN JF 187 87.50 46.14 -15.04
C ASN JF 187 86.07 45.96 -14.59
N PHE JF 188 85.94 45.14 -13.53
CA PHE JF 188 84.70 44.73 -12.96
C PHE JF 188 83.96 45.90 -12.49
N GLY JF 189 84.71 46.72 -11.74
CA GLY JF 189 84.22 47.89 -11.10
C GLY JF 189 83.85 48.89 -12.13
N LYS JF 190 84.70 49.03 -13.15
CA LYS JF 190 84.58 50.04 -14.16
C LYS JF 190 83.50 49.73 -15.13
N ARG JF 191 83.24 48.41 -15.30
CA ARG JF 191 82.43 47.79 -16.31
C ARG JF 191 83.11 48.02 -17.63
N GLU JF 192 84.35 48.39 -17.59
CA GLU JF 192 85.01 48.87 -18.80
C GLU JF 192 86.08 47.93 -19.36
N LEU JF 193 86.05 47.79 -20.67
CA LEU JF 193 86.98 46.94 -21.37
C LEU JF 193 88.10 47.86 -21.84
N LEU JF 194 89.34 47.57 -21.46
CA LEU JF 194 90.48 48.42 -21.87
C LEU JF 194 91.54 47.65 -22.63
N LEU JF 195 91.62 47.85 -23.94
CA LEU JF 195 92.58 47.13 -24.76
C LEU JF 195 93.56 48.05 -25.48
N ALA JF 196 94.78 47.57 -25.66
CA ALA JF 196 95.82 48.33 -26.33
C ALA JF 196 96.57 47.40 -27.27
N PRO JF 197 97.30 47.95 -28.25
CA PRO JF 197 98.04 47.12 -29.20
C PRO JF 197 99.15 46.36 -28.51
N LEU JF 198 99.30 45.07 -28.97
CA LEU JF 198 99.97 44.10 -28.18
C LEU JF 198 101.35 44.59 -28.07
N LYS JF 199 101.88 45.00 -29.23
CA LYS JF 199 103.19 45.52 -29.23
C LYS JF 199 103.71 45.47 -30.62
N GLY JF 200 104.76 46.28 -30.82
CA GLY JF 200 105.93 45.87 -31.54
C GLY JF 200 105.73 46.39 -32.91
N GLN JF 201 104.49 46.87 -33.06
CA GLN JF 201 103.94 47.69 -34.11
C GLN JF 201 104.51 49.09 -34.02
N SER JF 202 104.55 49.58 -32.76
CA SER JF 202 104.86 50.83 -32.12
C SER JF 202 103.82 51.84 -32.39
N GLU JF 203 103.20 51.76 -33.57
CA GLU JF 203 101.94 52.42 -33.56
C GLU JF 203 100.99 51.31 -33.62
N GLY JF 204 100.18 51.19 -32.56
CA GLY JF 204 99.11 50.27 -32.65
C GLY JF 204 98.02 51.08 -32.10
N TYR JF 205 96.77 50.64 -32.24
CA TYR JF 205 95.71 51.42 -31.71
C TYR JF 205 94.99 50.56 -30.75
N GLY JF 206 94.30 51.24 -29.81
CA GLY JF 206 93.63 50.63 -28.70
C GLY JF 206 92.24 51.19 -28.61
N VAL JF 207 91.51 50.70 -27.59
CA VAL JF 207 90.06 50.84 -27.56
C VAL JF 207 89.53 50.72 -26.15
N ILE JF 208 88.56 51.57 -25.83
CA ILE JF 208 87.96 51.57 -24.51
C ILE JF 208 86.46 51.37 -24.70
N CYS JF 209 85.86 50.39 -24.04
CA CYS JF 209 84.44 50.16 -24.16
C CYS JF 209 83.80 50.13 -22.82
N ASP JF 210 82.79 50.99 -22.61
CA ASP JF 210 82.10 51.00 -21.34
C ASP JF 210 80.80 50.23 -21.52
N PHE JF 211 80.62 49.38 -20.54
CA PHE JF 211 79.50 48.57 -20.34
C PHE JF 211 78.28 49.47 -20.22
N ASN JF 212 78.34 50.50 -19.33
CA ASN JF 212 77.30 50.57 -18.35
C ASN JF 212 76.11 51.28 -18.88
N LEU JF 213 75.41 50.56 -19.77
CA LEU JF 213 74.00 50.57 -19.79
C LEU JF 213 73.60 49.86 -18.55
N GLY JF 214 74.39 48.85 -18.14
CA GLY JF 214 73.92 47.80 -17.29
C GLY JF 214 73.70 46.64 -18.22
N ASP JF 215 73.64 46.91 -19.52
CA ASP JF 215 73.43 45.77 -20.32
C ASP JF 215 74.74 45.09 -20.51
N ASP JF 216 74.64 43.84 -21.02
CA ASP JF 216 75.70 43.01 -21.51
C ASP JF 216 76.23 43.53 -22.80
N ASP JF 217 75.24 43.54 -23.70
CA ASP JF 217 75.40 43.44 -25.10
C ASP JF 217 75.99 44.72 -25.50
N HIS JF 218 75.51 45.76 -24.83
CA HIS JF 218 75.67 47.07 -25.42
C HIS JF 218 76.79 47.82 -24.74
N ALA JF 219 77.58 48.56 -25.51
CA ALA JF 219 78.69 49.31 -24.96
C ALA JF 219 78.99 50.60 -25.73
N ASP JF 220 79.65 51.52 -25.07
CA ASP JF 220 80.01 52.81 -25.63
C ASP JF 220 81.50 52.80 -25.91
N CYS JF 221 81.89 52.18 -27.01
CA CYS JF 221 83.31 52.09 -27.34
C CYS JF 221 83.92 53.30 -28.01
N LYS JF 222 85.22 53.52 -27.79
CA LYS JF 222 85.94 54.61 -28.41
C LYS JF 222 87.36 54.18 -28.74
N ILE JF 223 87.71 54.25 -30.02
CA ILE JF 223 89.03 53.87 -30.49
C ILE JF 223 89.99 54.97 -30.06
N VAL JF 224 90.97 54.61 -29.23
CA VAL JF 224 91.93 55.58 -28.73
C VAL JF 224 93.32 55.37 -29.24
N VAL JF 225 94.20 56.28 -28.86
CA VAL JF 225 95.57 56.16 -29.20
C VAL JF 225 96.19 55.65 -27.90
N PRO JF 226 96.87 54.51 -27.97
CA PRO JF 226 97.40 53.78 -26.83
C PRO JF 226 98.36 54.56 -25.99
N SER JF 227 99.01 55.56 -26.60
CA SER JF 227 99.65 56.57 -25.84
C SER JF 227 98.61 57.12 -24.94
N SER JF 228 98.17 58.32 -25.33
CA SER JF 228 97.72 59.26 -24.36
C SER JF 228 96.37 58.85 -23.87
N LEU JF 229 95.80 57.81 -24.54
CA LEU JF 229 94.45 57.31 -24.43
C LEU JF 229 93.44 58.30 -24.98
N PHE JF 230 93.83 59.12 -25.97
CA PHE JF 230 93.12 60.17 -26.63
C PHE JF 230 92.22 59.56 -27.68
N VAL JF 231 90.95 59.95 -27.66
CA VAL JF 231 89.91 59.47 -28.58
C VAL JF 231 90.10 59.72 -30.09
N CYS JF 232 90.55 58.71 -30.81
CA CYS JF 232 90.74 58.86 -32.24
C CYS JF 232 89.42 58.80 -32.98
N ALA JF 233 88.49 58.04 -32.43
CA ALA JF 233 87.16 57.87 -33.04
C ALA JF 233 86.22 57.23 -32.01
N HIS JF 234 84.92 57.37 -32.24
CA HIS JF 234 83.92 56.83 -31.33
C HIS JF 234 82.87 55.98 -32.07
N PHE JF 235 82.44 54.89 -31.44
CA PHE JF 235 81.41 54.04 -32.03
C PHE JF 235 80.61 53.32 -30.95
N ASN JF 236 79.29 53.47 -30.99
CA ASN JF 236 78.40 52.87 -30.01
C ASN JF 236 78.21 51.45 -30.46
N ALA JF 237 78.62 50.48 -29.64
CA ALA JF 237 78.54 49.10 -30.07
C ALA JF 237 77.50 48.18 -29.45
N GLN JF 238 77.24 47.10 -30.20
CA GLN JF 238 76.30 46.05 -29.80
C GLN JF 238 77.07 44.76 -29.96
N ARG JF 239 76.55 43.72 -29.35
CA ARG JF 239 77.21 42.44 -29.36
C ARG JF 239 76.64 41.41 -30.27
N TYR JF 240 77.50 40.70 -31.02
CA TYR JF 240 77.84 41.19 -32.36
C TYR JF 240 76.73 42.13 -32.64
N LEU KF 47 22.32 -0.26 -16.61
CA LEU KF 47 21.01 0.00 -17.24
C LEU KF 47 20.57 1.39 -16.96
N ASP KF 48 19.39 1.51 -16.31
CA ASP KF 48 18.86 2.86 -16.04
C ASP KF 48 19.64 3.74 -15.06
N PRO KF 49 20.29 3.14 -14.04
CA PRO KF 49 21.06 3.94 -13.07
C PRO KF 49 22.41 4.48 -13.55
N ARG KF 50 23.30 3.59 -13.97
CA ARG KF 50 24.63 4.01 -14.43
C ARG KF 50 24.56 4.92 -15.67
N LEU KF 51 23.45 4.84 -16.41
CA LEU KF 51 23.27 5.66 -17.61
C LEU KF 51 22.48 6.94 -17.32
N GLY KF 52 21.49 6.84 -16.43
CA GLY KF 52 20.69 7.99 -16.07
C GLY KF 52 21.43 8.90 -15.12
N ALA KF 53 22.51 8.38 -14.53
CA ALA KF 53 23.33 9.14 -13.60
C ALA KF 53 24.54 9.71 -14.34
N ASN KF 54 24.98 8.99 -15.38
CA ASN KF 54 26.10 9.44 -16.19
C ASN KF 54 25.72 10.77 -16.82
N ALA KF 55 24.48 11.19 -16.58
CA ALA KF 55 23.97 12.44 -17.10
C ALA KF 55 24.30 13.58 -16.12
N PHE KF 56 24.01 13.36 -14.84
CA PHE KF 56 24.30 14.36 -13.82
C PHE KF 56 25.78 14.70 -13.92
N LEU KF 57 26.50 13.85 -14.64
CA LEU KF 57 27.93 14.01 -14.86
C LEU KF 57 28.14 14.93 -16.06
N ILE KF 58 27.30 14.75 -17.07
CA ILE KF 58 27.38 15.57 -18.27
C ILE KF 58 26.82 16.96 -18.05
N ILE KF 59 25.71 17.04 -17.33
CA ILE KF 59 25.09 18.32 -17.04
C ILE KF 59 26.16 19.24 -16.45
N ARG KF 60 27.07 18.64 -15.68
CA ARG KF 60 28.14 19.40 -15.05
C ARG KF 60 28.96 20.08 -16.13
N LEU KF 61 29.49 19.28 -17.06
CA LEU KF 61 30.29 19.83 -18.14
C LEU KF 61 29.58 20.96 -18.86
N ASP KF 62 28.25 20.96 -18.82
CA ASP KF 62 27.48 21.99 -19.49
C ASP KF 62 27.66 23.34 -18.77
N ARG KF 63 27.57 23.34 -17.45
CA ARG KF 63 27.76 24.56 -16.69
C ARG KF 63 29.23 24.95 -16.79
N ILE KF 64 30.11 23.95 -16.71
CA ILE KF 64 31.54 24.18 -16.80
C ILE KF 64 31.92 24.86 -18.10
N ILE KF 65 31.59 24.20 -19.20
CA ILE KF 65 31.90 24.73 -20.51
C ILE KF 65 31.39 26.17 -20.62
N GLU KF 66 30.24 26.46 -20.02
CA GLU KF 66 29.65 27.80 -20.08
C GLU KF 66 30.49 28.79 -19.28
N LYS KF 67 30.75 28.47 -18.02
CA LYS KF 67 31.55 29.34 -17.16
C LYS KF 67 32.90 29.56 -17.84
N LEU KF 68 33.36 28.53 -18.54
CA LEU KF 68 34.63 28.57 -19.25
C LEU KF 68 34.59 29.64 -20.35
N ARG KF 69 33.40 29.90 -20.89
CA ARG KF 69 33.24 30.92 -21.93
C ARG KF 69 33.54 32.28 -21.32
N THR KF 70 33.03 32.49 -20.11
CA THR KF 70 33.23 33.75 -19.40
C THR KF 70 34.72 34.00 -19.17
N LYS KF 71 35.46 32.95 -18.84
CA LYS KF 71 36.89 33.07 -18.61
C LYS KF 71 37.63 33.45 -19.88
N LEU KF 72 37.22 32.87 -21.00
CA LEU KF 72 37.88 33.18 -22.26
C LEU KF 72 37.60 34.63 -22.63
N ASP KF 73 36.58 35.22 -22.02
CA ASP KF 73 36.23 36.60 -22.27
C ASP KF 73 37.11 37.50 -21.40
N GLU KF 74 37.36 37.04 -20.17
CA GLU KF 74 38.20 37.77 -19.24
C GLU KF 74 39.64 37.74 -19.76
N ALA KF 75 40.01 36.61 -20.33
CA ALA KF 75 41.36 36.40 -20.85
C ALA KF 75 41.73 37.30 -22.02
N GLU KF 76 40.74 37.64 -22.84
CA GLU KF 76 40.99 38.50 -24.01
C GLU KF 76 41.29 39.94 -23.58
N LYS KF 77 40.88 40.31 -22.37
CA LYS KF 77 41.08 41.65 -21.83
C LYS KF 77 42.49 41.83 -21.28
N ILE KF 78 43.08 40.78 -20.75
CA ILE KF 78 44.43 41.03 -20.36
C ILE KF 78 45.29 40.31 -21.33
N ASP KF 79 45.82 41.03 -22.36
CA ASP KF 79 46.85 40.36 -23.09
C ASP KF 79 48.10 40.75 -22.43
N PRO KF 80 48.69 39.77 -21.94
CA PRO KF 80 50.12 39.84 -21.62
C PRO KF 80 50.98 40.44 -22.74
N GLU KF 81 51.00 39.80 -23.90
CA GLU KF 81 51.80 40.30 -25.02
C GLU KF 81 51.53 41.78 -25.27
N HIS KF 82 50.40 42.26 -24.77
CA HIS KF 82 50.03 43.67 -24.92
C HIS KF 82 50.65 44.46 -23.78
N PHE KF 83 50.37 44.05 -22.56
CA PHE KF 83 50.91 44.71 -21.38
C PHE KF 83 52.42 44.86 -21.50
N VAL KF 84 53.12 43.76 -21.80
CA VAL KF 84 54.57 43.81 -21.94
C VAL KF 84 54.94 44.92 -22.89
N SER KF 85 54.23 45.01 -24.01
CA SER KF 85 54.50 46.04 -25.01
C SER KF 85 54.35 47.43 -24.38
N GLU KF 86 53.39 47.59 -23.49
CA GLU KF 86 53.18 48.87 -22.83
C GLU KF 86 54.41 49.24 -22.03
N ILE KF 87 54.97 48.27 -21.32
CA ILE KF 87 56.15 48.53 -20.55
C ILE KF 87 57.31 48.82 -21.47
N ASP KF 88 57.50 48.01 -22.50
CA ASP KF 88 58.60 48.28 -23.43
C ASP KF 88 58.56 49.74 -23.84
N ALA KF 89 57.47 50.13 -24.48
CA ALA KF 89 57.32 51.50 -24.92
C ALA KF 89 57.47 52.47 -23.75
N ARG KF 90 56.85 52.13 -22.63
CA ARG KF 90 56.92 52.98 -21.45
C ARG KF 90 58.37 53.27 -21.05
N VAL KF 91 59.19 52.24 -21.12
CA VAL KF 91 60.58 52.34 -20.76
C VAL KF 91 61.40 52.96 -21.85
N THR KF 92 61.18 52.53 -23.09
CA THR KF 92 61.93 53.10 -24.20
C THR KF 92 61.79 54.61 -24.15
N LYS KF 93 60.64 55.07 -23.68
CA LYS KF 93 60.34 56.49 -23.55
C LYS KF 93 61.30 57.16 -22.56
N ILE KF 94 61.74 56.40 -21.56
CA ILE KF 94 62.66 56.92 -20.57
C ILE KF 94 64.07 56.85 -21.10
N GLU KF 95 64.40 55.70 -21.70
CA GLU KF 95 65.72 55.48 -22.27
C GLU KF 95 65.90 56.50 -23.39
N GLY KF 96 67.42 60.74 -24.90
CA GLY KF 96 67.50 61.91 -25.75
C GLY KF 96 68.11 61.51 -27.07
N THR KF 97 68.24 62.49 -27.99
CA THR KF 97 68.86 62.08 -29.19
C THR KF 97 70.33 62.33 -29.14
N HIS KF 98 71.06 61.32 -29.63
CA HIS KF 98 72.46 61.46 -29.94
C HIS KF 98 72.50 62.36 -31.10
N CYS KF 99 71.51 62.17 -32.00
CA CYS KF 99 71.60 62.78 -33.30
C CYS KF 99 71.19 64.20 -33.18
N GLU KF 100 71.30 64.88 -34.34
CA GLU KF 100 70.97 66.25 -34.39
C GLU KF 100 69.60 66.36 -34.89
N LYS KF 101 68.97 67.50 -34.56
CA LYS KF 101 67.57 67.48 -34.78
C LYS KF 101 67.28 67.53 -36.22
N ARG KF 102 66.16 66.88 -36.58
CA ARG KF 102 65.72 66.75 -37.93
C ARG KF 102 66.77 66.01 -38.65
N THR KF 103 67.29 65.01 -37.97
CA THR KF 103 68.10 63.93 -38.51
C THR KF 103 67.52 62.59 -38.14
N PHE KF 104 67.79 61.59 -38.97
CA PHE KF 104 67.25 60.24 -38.77
C PHE KF 104 68.29 59.24 -38.32
N GLN KF 105 68.03 58.59 -37.20
CA GLN KF 105 68.93 57.60 -36.63
C GLN KF 105 68.72 56.25 -37.23
N CYS KF 106 69.78 55.61 -37.77
CA CYS KF 106 69.62 54.34 -38.41
C CYS KF 106 69.50 53.29 -37.36
N GLY KF 107 69.48 52.04 -37.85
CA GLY KF 107 69.11 50.91 -37.05
C GLY KF 107 70.34 50.41 -36.37
N GLY KF 108 70.27 49.13 -35.93
CA GLY KF 108 71.21 48.60 -35.00
C GLY KF 108 72.57 48.52 -35.61
N ASN KF 109 72.59 48.14 -36.90
CA ASN KF 109 73.79 47.67 -37.56
C ASN KF 109 74.86 48.71 -37.54
N GLU KF 110 74.57 49.85 -38.15
CA GLU KF 110 75.53 50.86 -37.99
C GLU KF 110 74.87 51.77 -37.04
N GLN KF 111 75.36 53.00 -37.07
CA GLN KF 111 74.86 54.02 -36.25
C GLN KF 111 75.23 55.23 -37.03
N GLU KF 112 74.25 55.82 -37.72
CA GLU KF 112 74.59 56.92 -38.55
C GLU KF 112 73.43 57.83 -38.49
N CYS KF 113 73.68 59.14 -38.71
CA CYS KF 113 72.66 60.18 -38.96
C CYS KF 113 72.34 60.56 -40.41
N ILE KF 114 71.04 60.70 -40.73
CA ILE KF 114 70.61 61.07 -42.07
C ILE KF 114 69.62 62.22 -42.04
N SER KF 115 69.76 63.17 -42.96
CA SER KF 115 68.85 64.29 -42.98
C SER KF 115 67.46 63.85 -43.37
N ASP KF 116 66.42 64.38 -42.64
CA ASP KF 116 65.12 63.83 -42.65
C ASP KF 116 64.53 63.74 -44.02
N LEU KF 117 64.55 64.86 -44.76
CA LEU KF 117 63.82 64.88 -46.01
C LEU KF 117 64.47 63.88 -46.89
N LEU KF 118 65.80 63.85 -46.81
CA LEU KF 118 66.51 63.02 -47.74
C LEU KF 118 66.21 61.58 -47.43
N VAL KF 119 66.14 61.23 -46.13
CA VAL KF 119 66.01 59.87 -45.67
C VAL KF 119 64.66 59.29 -46.00
N CYS KF 120 63.59 60.10 -45.95
CA CYS KF 120 62.30 59.60 -46.37
C CYS KF 120 62.13 60.02 -47.77
N ASP KF 121 62.94 59.40 -48.64
CA ASP KF 121 62.81 59.71 -50.03
C ASP KF 121 61.48 59.18 -50.43
N GLY KF 122 61.15 58.00 -49.89
CA GLY KF 122 60.02 57.22 -50.31
C GLY KF 122 60.61 56.04 -51.01
N HIS KF 123 61.83 56.25 -51.55
CA HIS KF 123 62.78 55.26 -52.01
C HIS KF 123 63.75 55.13 -50.87
N LYS KF 124 64.60 54.06 -50.87
CA LYS KF 124 65.42 53.82 -49.71
C LYS KF 124 66.44 54.90 -49.58
N ASP KF 125 66.46 55.53 -48.39
CA ASP KF 125 67.51 56.45 -48.05
C ASP KF 125 68.80 55.66 -48.05
N CYS KF 126 68.82 54.55 -47.30
CA CYS KF 126 70.05 53.91 -47.06
C CYS KF 126 69.98 52.53 -47.58
N HIS KF 127 71.16 51.92 -47.48
CA HIS KF 127 71.39 50.60 -47.92
C HIS KF 127 70.38 49.76 -47.23
N ASN KF 128 70.36 49.80 -45.88
CA ASN KF 128 69.95 48.68 -45.08
C ASN KF 128 68.60 48.18 -45.54
N ALA KF 129 67.50 48.98 -45.52
CA ALA KF 129 67.38 50.31 -45.01
C ALA KF 129 66.48 50.18 -43.84
N HIS KF 130 66.60 51.12 -42.89
CA HIS KF 130 65.84 51.09 -41.68
C HIS KF 130 64.40 51.14 -42.06
N ASP KF 131 64.08 52.10 -42.97
CA ASP KF 131 62.79 52.57 -43.40
C ASP KF 131 62.04 51.45 -44.06
N GLU KF 132 62.76 50.67 -44.89
CA GLU KF 132 62.25 49.73 -45.84
C GLU KF 132 61.52 48.63 -45.11
N ASP KF 133 62.01 48.31 -43.89
CA ASP KF 133 61.46 47.27 -43.05
C ASP KF 133 60.05 47.64 -42.66
N PRO KF 134 59.21 46.65 -42.73
CA PRO KF 134 57.80 46.82 -42.92
C PRO KF 134 57.08 47.35 -41.71
N ASP KF 135 57.73 47.17 -40.54
CA ASP KF 135 57.25 47.39 -39.20
C ASP KF 135 57.05 48.84 -38.92
N VAL KF 136 57.99 49.69 -39.38
CA VAL KF 136 57.86 51.10 -39.21
C VAL KF 136 56.91 51.65 -40.22
N CYS KF 137 56.98 51.17 -41.47
CA CYS KF 137 56.35 51.86 -42.56
C CYS KF 137 54.86 51.71 -42.46
N ASP KF 138 54.44 50.70 -41.66
CA ASP KF 138 53.13 50.13 -41.62
C ASP KF 138 52.11 51.20 -41.43
N THR KF 139 51.24 51.30 -42.45
CA THR KF 139 50.39 52.41 -42.64
C THR KF 139 49.38 52.45 -41.54
N SER KF 140 48.87 51.27 -41.17
CA SER KF 140 47.61 51.19 -40.53
C SER KF 140 47.60 51.97 -39.26
N VAL KF 141 48.59 51.72 -38.37
CA VAL KF 141 48.53 52.27 -37.04
C VAL KF 141 48.48 53.76 -37.20
N VAL KF 142 49.28 54.27 -38.14
CA VAL KF 142 49.54 55.68 -38.32
C VAL KF 142 48.30 56.36 -38.74
N LYS KF 143 47.44 55.62 -39.45
CA LYS KF 143 46.47 56.14 -40.37
C LYS KF 143 45.51 57.01 -39.63
N ALA KF 144 45.11 58.14 -40.24
CA ALA KF 144 44.25 59.00 -39.51
C ALA KF 144 42.87 58.55 -39.70
N GLY KF 145 41.95 59.46 -39.31
CA GLY KF 145 40.55 59.20 -39.21
C GLY KF 145 40.26 58.93 -37.78
N ASN KF 146 41.32 58.97 -36.94
CA ASN KF 146 41.10 58.69 -35.56
C ASN KF 146 40.51 59.91 -34.89
N VAL KF 147 39.77 59.73 -33.77
CA VAL KF 147 39.37 60.79 -32.88
C VAL KF 147 40.21 60.77 -31.61
N PHE KF 148 40.73 61.93 -31.24
CA PHE KF 148 41.55 62.04 -30.04
C PHE KF 148 40.91 63.02 -29.07
N SER KF 149 40.78 62.61 -27.82
CA SER KF 149 40.19 63.46 -26.80
C SER KF 149 41.17 63.55 -25.66
N GLY KF 150 40.88 64.44 -24.71
CA GLY KF 150 41.76 64.61 -23.58
C GLY KF 150 41.54 65.95 -22.94
N THR KF 151 42.13 66.13 -21.77
CA THR KF 151 41.98 67.38 -21.05
C THR KF 151 43.04 68.40 -21.43
N SER KF 152 42.58 69.62 -21.65
CA SER KF 152 43.44 70.73 -22.03
C SER KF 152 43.56 71.65 -20.82
N THR KF 153 44.70 71.59 -20.16
CA THR KF 153 44.96 72.45 -19.00
C THR KF 153 45.60 73.71 -19.56
N TRP KF 154 45.02 74.86 -19.24
CA TRP KF 154 45.54 76.12 -19.74
C TRP KF 154 46.45 76.87 -18.77
N HIS KF 155 47.47 77.51 -19.36
CA HIS KF 155 48.11 78.64 -18.79
C HIS KF 155 47.09 79.73 -18.73
N GLY KF 156 46.06 79.64 -19.60
CA GLY KF 156 45.00 80.59 -19.55
C GLY KF 156 45.37 81.75 -20.40
N CYS KF 157 45.82 81.48 -21.63
CA CYS KF 157 45.72 82.51 -22.61
C CYS KF 157 44.27 82.71 -22.94
N LEU KF 158 43.49 81.64 -22.85
CA LEU KF 158 42.08 81.74 -23.05
C LEU KF 158 41.47 81.97 -21.72
N ALA KF 159 40.33 82.69 -21.72
CA ALA KF 159 39.78 83.21 -20.50
C ALA KF 159 39.52 82.03 -19.61
N ARG KF 160 38.98 80.96 -20.26
CA ARG KF 160 38.04 79.92 -19.87
C ARG KF 160 38.68 78.75 -19.17
N GLU KF 161 37.92 78.13 -18.22
CA GLU KF 161 38.35 77.20 -17.21
C GLU KF 161 38.84 75.91 -17.87
N ASP KF 162 39.46 74.97 -17.12
CA ASP KF 162 40.03 73.88 -17.86
C ASP KF 162 38.93 73.07 -18.44
N HIS KF 163 39.30 72.18 -19.36
CA HIS KF 163 38.23 71.60 -20.17
C HIS KF 163 38.80 70.52 -21.04
N VAL KF 164 37.96 69.96 -21.90
CA VAL KF 164 38.40 68.91 -22.80
C VAL KF 164 38.42 69.36 -24.25
N THR KF 165 39.34 68.80 -25.04
CA THR KF 165 39.45 69.11 -26.45
C THR KF 165 39.25 67.81 -27.18
N ARG KF 166 38.71 67.87 -28.39
CA ARG KF 166 38.46 66.66 -29.14
C ARG KF 166 38.90 66.82 -30.58
N ILE KF 167 40.12 66.39 -30.85
CA ILE KF 167 40.67 66.48 -32.19
C ILE KF 167 40.24 65.27 -32.99
N THR KF 168 39.58 65.50 -34.12
CA THR KF 168 39.11 64.41 -34.96
C THR KF 168 39.49 64.65 -36.42
N ILE KF 169 40.27 63.73 -36.98
CA ILE KF 169 40.72 63.85 -38.35
C ILE KF 169 39.60 63.76 -39.36
N THR KF 170 39.41 64.83 -40.11
CA THR KF 170 38.36 64.89 -41.13
C THR KF 170 38.79 64.14 -42.40
N ALA KF 171 39.90 64.57 -43.02
CA ALA KF 171 40.41 63.96 -44.26
C ALA KF 171 41.92 63.84 -44.25
N SER KF 172 42.48 63.13 -45.23
CA SER KF 172 43.93 62.93 -45.30
C SER KF 172 44.47 62.52 -46.66
N LYS KF 173 45.09 63.45 -47.39
CA LYS KF 173 45.66 63.17 -48.70
C LYS KF 173 47.16 62.88 -48.55
N ARG KF 174 47.69 62.17 -49.55
CA ARG KF 174 49.09 62.04 -49.76
C ARG KF 174 49.22 61.69 -51.20
N ARG KF 175 50.26 60.96 -51.55
CA ARG KF 175 50.16 60.33 -52.83
C ARG KF 175 49.42 59.05 -52.59
N LYS KF 176 49.58 58.10 -53.52
CA LYS KF 176 49.03 56.81 -53.30
C LYS KF 176 49.78 56.13 -52.20
N PHE KF 177 51.13 56.30 -52.17
CA PHE KF 177 52.03 55.56 -51.31
C PHE KF 177 51.95 56.00 -49.90
N PHE KF 178 51.72 57.30 -49.72
CA PHE KF 178 52.81 58.23 -49.74
C PHE KF 178 53.20 58.39 -48.31
N THR KF 179 54.39 57.88 -47.91
CA THR KF 179 54.57 57.74 -46.50
C THR KF 179 54.83 59.04 -45.80
N ALA KF 180 55.75 59.89 -46.33
CA ALA KF 180 56.55 60.70 -45.45
C ALA KF 180 55.65 61.58 -44.69
N ARG KF 181 54.83 62.22 -45.53
CA ARG KF 181 54.06 63.39 -45.24
C ARG KF 181 52.68 63.03 -45.53
N ILE KF 182 51.83 63.50 -44.65
CA ILE KF 182 50.40 63.22 -44.75
C ILE KF 182 49.68 64.54 -44.55
N TRP KF 183 49.07 65.07 -45.59
CA TRP KF 183 48.36 66.32 -45.45
C TRP KF 183 46.98 65.97 -44.94
N LEU KF 184 46.45 66.78 -44.03
CA LEU KF 184 45.14 66.46 -43.49
C LEU KF 184 44.31 67.61 -42.96
N ARG KF 185 42.99 67.39 -42.94
CA ARG KF 185 42.03 68.35 -42.44
C ARG KF 185 41.46 67.69 -41.19
N ALA KF 186 41.07 68.49 -40.20
CA ALA KF 186 40.52 67.92 -38.99
C ALA KF 186 39.62 68.89 -38.26
N LEU KF 187 38.84 68.37 -37.32
CA LEU KF 187 37.89 69.15 -36.58
C LEU KF 187 38.24 69.21 -35.11
N VAL KF 188 38.47 70.41 -34.60
CA VAL KF 188 38.83 70.56 -33.21
C VAL KF 188 37.67 71.13 -32.43
N GLU KF 189 37.21 70.39 -31.42
CA GLU KF 189 36.09 70.84 -30.59
C GLU KF 189 36.57 70.98 -29.15
N SER KF 190 35.89 71.87 -28.44
CA SER KF 190 36.04 71.87 -27.05
C SER KF 190 34.68 71.95 -26.47
N GLU KF 191 34.59 71.40 -25.29
CA GLU KF 191 33.38 71.46 -24.48
C GLU KF 191 33.58 72.40 -23.30
N LEU KF 192 33.21 73.66 -23.49
CA LEU KF 192 33.36 74.67 -22.44
C LEU KF 192 32.04 75.33 -22.11
N GLU KF 193 31.94 75.82 -20.87
CA GLU KF 193 30.73 76.48 -20.41
C GLU KF 193 30.82 77.99 -20.57
N ARG KF 194 29.77 78.58 -21.26
CA ARG KF 194 29.52 79.98 -21.38
C ARG KF 194 28.53 80.26 -20.30
N HIS KF 195 28.08 81.53 -20.20
CA HIS KF 195 27.00 81.82 -19.32
C HIS KF 195 25.74 81.24 -19.91
N GLY KF 196 25.07 80.37 -19.13
CA GLY KF 196 24.13 79.49 -19.73
C GLY KF 196 24.80 78.16 -19.79
N GLU KF 197 24.24 77.25 -20.58
CA GLU KF 197 24.57 75.86 -20.55
C GLU KF 197 25.82 75.63 -21.32
N ASN KF 198 26.24 74.32 -21.24
CA ASN KF 198 27.32 73.69 -22.01
C ASN KF 198 27.25 74.00 -23.50
N VAL KF 199 28.34 74.55 -24.03
CA VAL KF 199 28.46 74.88 -25.45
C VAL KF 199 29.61 74.09 -26.02
N THR KF 200 29.82 74.18 -27.33
CA THR KF 200 30.92 73.47 -27.96
C THR KF 200 31.56 74.32 -29.04
N SER KF 201 32.84 74.57 -28.87
CA SER KF 201 33.55 75.42 -29.79
C SER KF 201 34.28 74.50 -30.68
N SER KF 202 33.87 74.56 -31.95
CA SER KF 202 34.47 73.75 -32.95
C SER KF 202 35.02 74.72 -33.94
N PHE KF 203 36.26 74.47 -34.34
CA PHE KF 203 36.77 75.07 -35.57
C PHE KF 203 37.40 74.02 -36.48
N ASN KF 204 37.42 74.32 -37.77
CA ASN KF 204 37.98 73.41 -38.74
C ASN KF 204 39.46 73.70 -38.90
N ALA KF 205 40.25 72.67 -39.09
CA ALA KF 205 41.69 72.84 -39.23
C ALA KF 205 42.27 72.09 -40.39
N LYS KF 206 43.44 72.57 -40.84
CA LYS KF 206 44.19 71.95 -41.94
C LYS KF 206 45.62 71.84 -41.44
N GLY KF 207 46.33 70.82 -41.90
CA GLY KF 207 47.70 70.64 -41.46
C GLY KF 207 48.37 69.42 -42.06
N TYR KF 208 49.36 68.90 -41.34
CA TYR KF 208 50.10 67.75 -41.83
C TYR KF 208 50.66 66.88 -40.70
N TYR KF 209 51.07 65.67 -41.07
CA TYR KF 209 51.66 64.72 -40.13
C TYR KF 209 53.02 64.37 -40.67
N ASN KF 210 54.02 64.44 -39.81
CA ASN KF 210 55.39 64.16 -40.18
C ASN KF 210 55.87 62.90 -39.50
N PHE KF 211 56.07 61.93 -40.41
CA PHE KF 211 56.27 60.56 -40.15
C PHE KF 211 57.42 60.59 -39.26
N ALA KF 212 58.47 61.22 -39.77
CA ALA KF 212 59.63 61.27 -38.96
C ALA KF 212 59.37 62.14 -37.77
N SER KF 213 58.70 63.29 -37.92
CA SER KF 213 58.66 64.25 -36.85
C SER KF 213 58.00 63.61 -35.67
N ARG KF 214 57.15 62.60 -35.96
CA ARG KF 214 56.13 62.11 -35.07
C ARG KF 214 55.39 63.29 -34.59
N ARG KF 215 54.90 64.12 -35.52
CA ARG KF 215 54.24 65.37 -35.13
C ARG KF 215 53.03 65.57 -36.01
N LEU KF 216 51.99 66.10 -35.42
CA LEU KF 216 50.75 66.35 -36.13
C LEU KF 216 50.53 67.83 -35.91
N ILE KF 217 50.52 68.63 -36.98
CA ILE KF 217 50.26 70.06 -36.79
C ILE KF 217 48.93 70.45 -37.40
N LEU KF 218 48.09 71.07 -36.60
CA LEU KF 218 46.78 71.47 -37.07
C LEU KF 218 46.58 72.96 -36.90
N LEU KF 219 46.44 73.65 -38.03
CA LEU KF 219 46.22 75.09 -38.04
C LEU KF 219 44.78 75.35 -38.39
N PRO KF 220 44.26 76.49 -37.95
CA PRO KF 220 42.87 76.83 -38.23
C PRO KF 220 42.68 77.17 -39.71
N THR KF 221 41.48 76.94 -40.24
CA THR KF 221 41.26 77.44 -41.54
C THR KF 221 40.83 78.86 -41.43
N ASP KF 222 40.01 79.35 -42.40
CA ASP KF 222 39.59 80.72 -42.37
C ASP KF 222 38.21 80.77 -41.87
N ASP KF 223 38.30 81.18 -40.63
CA ASP KF 223 37.38 81.17 -39.57
C ASP KF 223 37.56 82.57 -39.11
N HIS KF 224 36.55 83.17 -38.50
CA HIS KF 224 36.75 84.43 -37.84
C HIS KF 224 37.33 84.24 -36.46
N ASP KF 225 37.09 83.05 -35.90
CA ASP KF 225 37.47 82.68 -34.56
C ASP KF 225 38.94 82.71 -34.45
N ASP KF 226 39.53 82.04 -35.47
CA ASP KF 226 40.90 81.69 -35.69
C ASP KF 226 41.49 81.27 -34.37
N HIS KF 227 40.95 80.13 -33.84
CA HIS KF 227 41.35 79.57 -32.59
C HIS KF 227 42.54 78.72 -32.80
N LEU KF 228 43.41 78.78 -31.79
CA LEU KF 228 44.81 78.73 -31.96
C LEU KF 228 45.12 77.34 -32.27
N ALA KF 229 46.33 77.16 -32.81
CA ALA KF 229 46.71 75.97 -33.53
C ALA KF 229 47.11 74.90 -32.53
N VAL KF 230 46.72 73.66 -32.82
CA VAL KF 230 47.05 72.55 -31.94
C VAL KF 230 48.23 71.80 -32.52
N VAL KF 231 49.02 71.20 -31.65
CA VAL KF 231 50.20 70.46 -32.07
C VAL KF 231 50.40 69.23 -31.21
N CYS KF 232 50.42 68.07 -31.86
CA CYS KF 232 50.60 66.82 -31.15
C CYS KF 232 51.78 66.02 -31.62
N SER KF 233 52.42 65.35 -30.66
CA SER KF 233 53.55 64.48 -30.93
C SER KF 233 53.11 63.11 -30.42
N PHE KF 234 53.54 62.08 -31.20
CA PHE KF 234 53.39 60.64 -31.25
C PHE KF 234 53.77 59.88 -30.00
N ASN KF 235 55.10 59.89 -29.73
CA ASN KF 235 55.93 59.25 -28.75
C ASN KF 235 55.40 59.83 -27.50
N ARG KF 236 54.26 59.26 -27.17
CA ARG KF 236 53.86 58.57 -26.02
C ARG KF 236 54.56 57.21 -25.97
N GLY KF 237 54.70 56.48 -27.11
CA GLY KF 237 55.32 55.16 -27.09
C GLY KF 237 54.23 54.15 -27.24
N ASP KF 238 53.01 54.57 -26.86
CA ASP KF 238 51.81 54.07 -27.47
C ASP KF 238 51.85 54.73 -28.82
N ASN KF 239 51.21 54.11 -29.83
CA ASN KF 239 50.83 54.85 -31.00
C ASN KF 239 49.64 55.65 -30.68
N GLU KF 240 48.83 55.10 -29.78
CA GLU KF 240 47.49 55.60 -29.74
C GLU KF 240 47.59 57.03 -29.34
N ARG KF 241 48.28 57.20 -28.22
CA ARG KF 241 48.40 58.40 -27.40
C ARG KF 241 49.37 59.43 -27.94
N ALA KF 242 49.08 60.70 -27.66
CA ALA KF 242 49.94 61.78 -28.13
C ALA KF 242 49.96 62.92 -27.13
N GLU KF 243 51.05 63.70 -27.17
CA GLU KF 243 51.25 64.84 -26.29
C GLU KF 243 51.03 66.05 -27.13
N CYS KF 244 50.06 66.89 -26.75
CA CYS KF 244 49.75 68.09 -27.52
C CYS KF 244 49.89 69.42 -26.75
N HIS KF 245 49.83 70.50 -27.51
CA HIS KF 245 49.92 71.83 -26.97
C HIS KF 245 49.19 72.77 -27.90
N ARG KF 246 48.53 73.77 -27.33
CA ARG KF 246 47.86 74.75 -28.15
C ARG KF 246 48.91 75.82 -28.29
N VAL KF 247 49.08 76.38 -29.49
CA VAL KF 247 50.11 77.38 -29.65
C VAL KF 247 49.78 78.45 -30.67
N THR KF 248 50.50 79.56 -30.68
CA THR KF 248 50.16 80.51 -31.69
C THR KF 248 51.21 80.33 -32.73
N GLU KF 249 50.91 80.68 -34.00
CA GLU KF 249 51.85 80.52 -35.08
C GLU KF 249 52.96 81.48 -34.89
N ALA KF 250 52.56 82.74 -34.70
CA ALA KF 250 53.50 83.80 -34.75
C ALA KF 250 54.45 83.62 -33.61
N THR KF 251 53.87 83.49 -32.39
CA THR KF 251 54.57 83.41 -31.13
C THR KF 251 55.30 82.12 -31.12
N LEU KF 252 54.55 81.03 -31.39
CA LEU KF 252 55.10 79.72 -31.35
C LEU KF 252 55.53 79.44 -29.96
N HIS KF 253 54.76 80.04 -29.06
CA HIS KF 253 54.73 79.70 -27.69
C HIS KF 253 53.75 78.58 -27.50
N GLN KF 254 53.82 77.95 -26.30
CA GLN KF 254 52.85 77.03 -25.72
C GLN KF 254 51.84 77.62 -24.76
N CYS KF 255 50.58 77.70 -25.20
CA CYS KF 255 49.51 78.24 -24.38
C CYS KF 255 48.87 77.21 -23.47
N ALA KF 256 48.91 75.94 -23.87
CA ALA KF 256 48.32 74.90 -23.05
C ALA KF 256 48.83 73.50 -23.33
N ASP KF 257 48.71 72.66 -22.31
CA ASP KF 257 49.13 71.26 -22.37
C ASP KF 257 47.90 70.40 -22.60
N LEU KF 258 48.00 69.45 -23.52
CA LEU KF 258 46.87 68.59 -23.83
C LEU KF 258 47.33 67.17 -24.16
N PHE KF 259 46.98 66.21 -23.31
CA PHE KF 259 47.35 64.83 -23.56
C PHE KF 259 46.14 64.04 -24.08
N VAL KF 260 46.18 63.69 -25.36
CA VAL KF 260 45.09 62.98 -25.98
C VAL KF 260 45.30 61.50 -26.07
N THR KF 261 44.18 60.82 -26.26
CA THR KF 261 44.13 59.38 -26.39
C THR KF 261 43.11 59.06 -27.47
N LEU KF 262 43.43 58.09 -28.30
CA LEU KF 262 42.53 57.70 -29.37
C LEU KF 262 41.31 57.01 -28.77
N GLU KF 263 40.11 57.43 -29.18
CA GLU KF 263 38.96 56.80 -28.64
C GLU KF 263 38.73 55.60 -29.47
N GLU KF 264 38.23 54.52 -28.84
CA GLU KF 264 37.90 53.34 -29.57
C GLU KF 264 36.85 53.70 -30.58
N HIS KF 265 36.98 53.13 -31.80
CA HIS KF 265 36.09 53.35 -32.92
C HIS KF 265 34.77 52.70 -32.61
N ASP KF 266 34.79 51.48 -32.03
CA ASP KF 266 33.52 50.93 -31.65
C ASP KF 266 33.04 51.41 -30.28
N GLN LF 26 24.58 -6.31 -22.77
CA GLN LF 26 25.14 -6.48 -24.13
C GLN LF 26 24.76 -5.28 -24.94
N SER LF 27 23.50 -5.24 -25.41
CA SER LF 27 23.02 -4.11 -26.14
C SER LF 27 23.00 -2.99 -25.21
N HIS LF 28 22.70 -3.35 -23.97
CA HIS LF 28 22.59 -2.27 -23.06
C HIS LF 28 23.99 -1.73 -22.95
N ASP LF 29 25.00 -2.62 -22.75
CA ASP LF 29 26.32 -2.23 -22.31
C ASP LF 29 27.02 -1.35 -23.28
N GLU LF 30 26.93 -1.70 -24.57
CA GLU LF 30 27.77 -1.10 -25.56
C GLU LF 30 27.45 0.34 -25.50
N ILE LF 31 26.13 0.59 -25.38
CA ILE LF 31 25.53 1.89 -25.24
C ILE LF 31 26.28 2.61 -24.17
N ILE LF 32 26.21 2.08 -22.94
CA ILE LF 32 26.33 2.92 -21.76
C ILE LF 32 27.67 3.56 -21.66
N ASP LF 33 28.72 2.87 -22.16
CA ASP LF 33 30.09 3.23 -22.01
C ASP LF 33 30.39 4.55 -22.69
N LYS LF 34 29.68 4.86 -23.77
CA LYS LF 34 30.02 5.85 -24.76
C LYS LF 34 30.25 7.19 -24.12
N LEU LF 35 29.25 7.63 -23.32
CA LEU LF 35 29.05 8.92 -22.73
C LEU LF 35 30.03 9.26 -21.62
N ILE LF 36 30.66 8.27 -20.96
CA ILE LF 36 31.55 8.63 -19.91
C ILE LF 36 32.78 9.35 -20.43
N GLU LF 37 33.49 8.71 -21.36
CA GLU LF 37 34.84 8.98 -21.85
C GLU LF 37 34.84 10.22 -22.73
N ARG LF 38 33.64 10.77 -22.96
CA ARG LF 38 33.47 11.96 -23.76
C ARG LF 38 33.23 13.14 -22.82
N THR LF 39 32.68 12.84 -21.64
CA THR LF 39 32.41 13.87 -20.65
C THR LF 39 33.75 14.39 -20.17
N ASN LF 40 34.72 13.50 -20.08
CA ASN LF 40 36.06 13.88 -19.65
C ASN LF 40 36.84 14.52 -20.79
N LYS LF 41 36.69 13.96 -21.98
CA LYS LF 41 37.38 14.48 -23.16
C LYS LF 41 37.09 15.97 -23.36
N ILE LF 42 36.09 16.49 -22.66
CA ILE LF 42 35.74 17.90 -22.76
C ILE LF 42 36.15 18.60 -21.48
N THR LF 43 35.94 17.93 -20.35
CA THR LF 43 36.31 18.47 -19.05
C THR LF 43 37.78 18.85 -19.08
N THR LF 44 38.50 18.33 -20.07
CA THR LF 44 39.91 18.64 -20.23
C THR LF 44 40.04 19.92 -21.04
N SER LF 45 39.45 19.92 -22.23
CA SER LF 45 39.49 21.10 -23.09
C SER LF 45 38.99 22.31 -22.34
N ILE LF 46 38.16 22.08 -21.32
CA ILE LF 46 37.63 23.17 -20.52
C ILE LF 46 38.72 23.73 -19.61
N SER LF 47 39.17 22.93 -18.66
CA SER LF 47 40.22 23.37 -17.74
C SER LF 47 41.48 23.78 -18.49
N HIS LF 48 41.61 23.31 -19.72
CA HIS LF 48 42.76 23.66 -20.55
C HIS LF 48 42.73 25.17 -20.82
N VAL LF 49 41.54 25.67 -21.14
CA VAL LF 49 41.38 27.09 -21.41
C VAL LF 49 41.45 27.87 -20.12
N GLU LF 50 40.74 27.39 -19.09
CA GLU LF 50 40.72 28.05 -17.79
C GLU LF 50 42.16 28.31 -17.36
N SER LF 51 43.09 27.55 -17.92
CA SER LF 51 44.49 27.74 -17.60
C SER LF 51 45.02 28.91 -18.41
N LEU LF 52 44.87 28.84 -19.73
CA LEU LF 52 45.34 29.91 -20.62
C LEU LF 52 44.81 31.26 -20.19
N LEU LF 53 43.63 31.27 -19.57
CA LEU LF 53 43.03 32.50 -19.08
C LEU LF 53 43.79 32.93 -17.84
N ASP LF 54 43.86 32.03 -16.86
CA ASP LF 54 44.57 32.33 -15.62
C ASP LF 54 45.98 32.83 -15.91
N ASP LF 55 46.54 32.41 -17.04
CA ASP LF 55 47.89 32.82 -17.42
C ASP LF 55 47.96 34.30 -17.77
N ARG LF 56 46.86 34.87 -18.23
CA ARG LF 56 46.86 36.28 -18.58
C ARG LF 56 46.36 37.14 -17.42
N LEU LF 57 45.88 36.49 -16.36
CA LEU LF 57 45.41 37.22 -15.18
C LEU LF 57 46.39 37.00 -14.04
N ASP LF 58 47.27 36.01 -14.19
CA ASP LF 58 47.92 35.38 -13.05
C ASP LF 58 48.66 36.45 -12.30
N PRO LF 59 48.50 36.51 -11.00
CA PRO LF 59 48.89 37.66 -10.18
C PRO LF 59 50.40 37.91 -10.17
N LYS LF 60 51.17 36.82 -10.15
CA LYS LF 60 52.63 36.94 -10.16
C LYS LF 60 53.07 37.72 -11.38
N ARG LF 61 52.32 37.62 -12.46
CA ARG LF 61 52.66 38.36 -13.68
C ARG LF 61 52.29 39.83 -13.48
N ILE LF 62 51.13 40.07 -12.87
CA ILE LF 62 50.65 41.42 -12.61
C ILE LF 62 51.68 42.24 -11.89
N ARG LF 63 51.94 41.92 -10.62
CA ARG LF 63 52.91 42.66 -9.85
C ARG LF 63 54.21 42.82 -10.61
N LYS LF 64 54.72 41.72 -11.14
CA LYS LF 64 55.98 41.76 -11.88
C LYS LF 64 55.97 42.84 -12.95
N ALA LF 65 54.84 42.99 -13.64
CA ALA LF 65 54.72 44.00 -14.67
C ALA LF 65 54.48 45.36 -14.04
N GLY LF 66 53.57 45.40 -13.08
CA GLY LF 66 53.29 46.66 -12.40
C GLY LF 66 54.56 47.20 -11.82
N SER LF 67 55.37 46.30 -11.28
CA SER LF 67 56.66 46.68 -10.70
C SER LF 67 57.45 47.44 -11.74
N LEU LF 68 57.49 46.91 -12.96
CA LEU LF 68 58.21 47.55 -14.06
C LEU LF 68 57.65 48.95 -14.27
N ARG LF 69 56.32 49.05 -14.27
CA ARG LF 69 55.68 50.33 -14.45
C ARG LF 69 56.30 51.33 -13.49
N HIS LF 70 56.37 50.97 -12.22
CA HIS LF 70 56.92 51.84 -11.22
C HIS LF 70 58.26 52.41 -11.66
N ARG LF 71 59.24 51.53 -11.93
CA ARG LF 71 60.55 51.99 -12.36
C ARG LF 71 60.45 53.15 -13.33
N VAL LF 72 59.48 53.07 -14.23
CA VAL LF 72 59.25 54.12 -15.21
C VAL LF 72 58.67 55.37 -14.55
N GLU LF 73 57.64 55.19 -13.73
CA GLU LF 73 57.00 56.31 -13.02
C GLU LF 73 58.07 57.15 -12.31
N GLU LF 74 59.16 56.50 -11.92
CA GLU LF 74 60.25 57.15 -11.23
C GLU LF 74 61.09 58.04 -12.17
N LEU LF 75 61.16 57.66 -13.44
CA LEU LF 75 61.93 58.44 -14.42
C LEU LF 75 61.14 59.63 -14.92
N GLU LF 76 62.18 60.84 -14.63
CA GLU LF 76 61.54 61.93 -15.31
C GLU LF 76 61.14 62.98 -14.32
N ASP LF 77 60.84 64.18 -14.88
CA ASP LF 77 60.23 65.27 -14.16
C ASP LF 77 58.79 65.05 -14.23
N PRO LF 78 58.40 64.93 -13.01
CA PRO LF 78 57.28 64.18 -12.63
C PRO LF 78 56.08 64.96 -12.90
N SER LF 79 55.08 64.19 -13.35
CA SER LF 79 53.77 64.63 -13.58
C SER LF 79 53.41 65.36 -12.32
N CYS LF 80 53.25 64.62 -11.22
CA CYS LF 80 52.51 65.22 -10.13
C CYS LF 80 53.49 65.99 -9.29
N ASP LF 81 53.15 66.51 -8.08
CA ASP LF 81 54.31 67.06 -7.44
C ASP LF 81 54.96 66.01 -6.64
N GLU LF 82 56.06 66.41 -5.94
CA GLU LF 82 56.56 65.62 -4.86
C GLU LF 82 55.40 65.55 -3.93
N HIS LF 83 54.86 66.73 -3.56
CA HIS LF 83 53.77 66.73 -2.64
C HIS LF 83 52.61 66.10 -3.30
N GLU LF 84 52.38 66.46 -4.56
CA GLU LF 84 51.11 66.05 -5.15
C GLU LF 84 51.12 64.59 -5.62
N HIS LF 85 49.94 63.98 -5.67
CA HIS LF 85 49.81 62.58 -6.06
C HIS LF 85 49.20 62.46 -7.44
N GLN LF 86 49.84 61.67 -8.28
CA GLN LF 86 49.37 61.47 -9.64
C GLN LF 86 48.34 60.36 -9.69
N CYS LF 87 47.04 60.67 -10.12
CA CYS LF 87 45.95 59.78 -9.91
C CYS LF 87 46.16 58.62 -10.80
N GLY LF 88 46.94 58.86 -11.87
CA GLY LF 88 46.78 58.14 -13.08
C GLY LF 88 46.35 59.17 -14.07
N GLY LF 89 46.27 58.74 -15.34
CA GLY LF 89 46.63 57.39 -15.58
C GLY LF 89 46.50 57.13 -17.03
N ASP LF 90 45.25 57.19 -17.52
CA ASP LF 90 44.89 57.62 -18.83
C ASP LF 90 44.93 59.12 -18.91
N ASP LF 91 44.21 59.78 -17.99
CA ASP LF 91 44.24 61.21 -17.97
C ASP LF 91 44.85 61.51 -16.66
N PRO LF 92 45.88 62.30 -16.66
CA PRO LF 92 46.48 62.69 -15.46
C PRO LF 92 45.62 63.69 -14.83
N GLN LF 93 45.95 63.91 -13.54
CA GLN LF 93 45.28 64.69 -12.59
C GLN LF 93 46.20 64.66 -11.44
N CYS LF 94 46.45 65.82 -10.85
CA CYS LF 94 47.27 65.97 -9.65
C CYS LF 94 46.46 66.42 -8.43
N ILE LF 95 46.53 65.67 -7.33
CA ILE LF 95 45.83 66.04 -6.11
C ILE LF 95 46.85 66.00 -5.00
N SER LF 96 46.58 66.68 -3.89
CA SER LF 96 47.54 66.67 -2.79
C SER LF 96 47.73 65.31 -2.12
N LYS LF 97 48.99 65.12 -1.67
CA LYS LF 97 49.17 64.00 -0.82
C LYS LF 97 48.32 64.15 0.40
N LEU LF 98 48.06 65.39 0.88
CA LEU LF 98 47.24 65.48 2.06
C LEU LF 98 45.84 65.08 1.68
N PHE LF 99 45.54 65.42 0.44
CA PHE LF 99 44.29 65.61 -0.23
C PHE LF 99 43.45 64.40 -0.53
N VAL LF 100 44.05 63.36 -1.16
CA VAL LF 100 43.53 62.02 -1.01
C VAL LF 100 43.92 61.80 0.42
N CYS LF 101 43.30 60.93 1.24
CA CYS LF 101 42.15 60.08 1.09
C CYS LF 101 41.11 60.62 2.03
N ASP LF 102 40.60 61.78 1.61
CA ASP LF 102 39.66 62.62 2.28
C ASP LF 102 38.49 61.77 2.61
N GLY LF 103 38.07 60.95 1.64
CA GLY LF 103 36.85 60.23 1.76
C GLY LF 103 35.95 60.82 0.74
N HIS LF 104 36.13 62.13 0.42
CA HIS LF 104 35.62 62.53 -0.85
C HIS LF 104 36.54 61.93 -1.85
N ASN LF 105 36.02 61.73 -3.07
CA ASN LF 105 36.80 61.23 -4.16
C ASN LF 105 37.29 62.42 -4.89
N ASP LF 106 38.64 62.46 -4.94
CA ASP LF 106 39.49 63.13 -5.88
C ASP LF 106 39.21 62.52 -7.24
N CYS LF 107 39.36 61.18 -7.36
CA CYS LF 107 39.65 60.61 -8.64
C CYS LF 107 38.44 60.04 -9.28
N ARG LF 108 38.32 60.37 -10.58
CA ARG LF 108 37.39 59.75 -11.49
C ARG LF 108 37.73 58.34 -11.29
N ASN LF 109 39.05 58.14 -11.40
CA ASN LF 109 39.72 56.90 -11.44
C ASN LF 109 39.28 56.23 -10.18
N GLY LF 110 39.42 56.95 -9.04
CA GLY LF 110 39.01 56.41 -7.79
C GLY LF 110 40.17 55.79 -7.06
N GLU LF 111 41.40 56.30 -7.37
CA GLU LF 111 42.60 55.79 -6.69
C GLU LF 111 42.51 55.98 -5.18
N ASP LF 112 42.14 57.19 -4.78
CA ASP LF 112 42.03 57.53 -3.37
C ASP LF 112 41.16 56.56 -2.58
N GLU LF 113 40.65 55.52 -3.23
CA GLU LF 113 39.79 54.59 -2.54
C GLU LF 113 39.83 53.17 -3.02
N LYS LF 114 40.52 52.89 -4.11
CA LYS LF 114 40.53 51.51 -4.58
C LYS LF 114 41.68 50.63 -4.10
N ASP LF 115 42.81 51.32 -3.67
CA ASP LF 115 44.00 50.66 -3.28
C ASP LF 115 43.68 50.09 -1.96
N CYS LF 116 43.35 48.80 -2.01
CA CYS LF 116 42.55 48.19 -1.01
C CYS LF 116 43.31 48.13 0.27
N THR LF 117 44.66 48.08 0.19
CA THR LF 117 45.40 47.66 1.32
C THR LF 117 46.30 48.73 1.83
N LEU LF 118 46.24 48.84 3.16
CA LEU LF 118 47.13 49.63 3.94
C LEU LF 118 48.40 48.89 4.13
N PRO LF 119 49.42 49.53 3.64
CA PRO LF 119 50.76 49.01 3.72
C PRO LF 119 51.10 48.72 5.15
N THR LF 120 50.52 49.47 6.11
CA THR LF 120 51.08 49.49 7.42
C THR LF 120 50.40 48.52 8.34
N LYS LF 121 51.10 47.40 8.62
CA LYS LF 121 50.59 46.59 9.67
C LYS LF 121 51.39 46.88 10.84
N ALA LF 122 51.26 45.92 11.73
CA ALA LF 122 51.34 46.18 13.10
C ALA LF 122 52.06 44.97 13.55
N GLY LF 123 52.94 45.13 14.52
CA GLY LF 123 53.53 43.97 15.10
C GLY LF 123 54.76 43.59 14.33
N ASP LF 124 55.00 44.17 13.14
CA ASP LF 124 56.07 43.75 12.28
C ASP LF 124 57.37 44.08 12.91
N LYS LF 125 58.35 43.20 12.68
CA LYS LF 125 59.72 43.55 13.04
C LYS LF 125 60.55 43.67 11.76
N PHE LF 126 61.45 44.63 11.73
CA PHE LF 126 62.31 44.86 10.57
C PHE LF 126 63.76 44.95 10.98
N ILE LF 127 64.60 44.18 10.33
CA ILE LF 127 66.02 44.17 10.62
C ILE LF 127 66.79 45.00 9.60
N GLY LF 128 67.54 45.99 10.08
CA GLY LF 128 68.29 46.81 9.16
C GLY LF 128 69.77 46.48 9.14
N ASP LF 129 70.33 46.39 7.93
CA ASP LF 129 71.75 46.12 7.79
C ASP LF 129 72.38 47.47 7.41
N VAL LF 130 73.35 47.91 8.21
CA VAL LF 130 74.00 49.18 7.98
C VAL LF 130 74.80 49.10 6.69
N CYS LF 131 75.19 50.25 6.18
CA CYS LF 131 75.98 50.26 4.96
C CYS LF 131 76.59 51.65 4.75
N PHE LF 132 76.37 52.55 5.70
CA PHE LF 132 76.84 53.91 5.58
C PHE LF 132 76.33 54.61 6.84
N ASP LF 133 77.23 54.72 7.82
CA ASP LF 133 76.85 55.34 9.08
C ASP LF 133 77.85 56.40 9.51
N HIS LF 134 77.55 57.69 9.18
CA HIS LF 134 78.43 58.76 9.61
C HIS LF 134 78.03 58.97 11.01
N CYS LF 135 76.76 58.58 11.17
CA CYS LF 135 75.84 59.18 12.06
C CYS LF 135 76.05 58.84 13.51
N THR LF 136 76.27 57.56 13.83
CA THR LF 136 76.43 57.18 15.22
C THR LF 136 77.91 57.08 15.46
N LYS LF 137 78.37 56.99 16.72
CA LYS LF 137 79.76 56.74 17.04
C LYS LF 137 80.10 55.31 16.80
N ARG LF 138 79.25 54.39 17.32
CA ARG LF 138 79.57 52.98 17.30
C ARG LF 138 79.43 52.42 15.93
N ARG LF 139 78.51 52.98 15.10
CA ARG LF 139 78.07 52.38 13.86
C ARG LF 139 77.62 50.98 14.10
N PRO LF 140 76.39 50.68 14.09
CA PRO LF 140 76.27 49.32 14.45
C PRO LF 140 76.15 48.49 13.21
N GLU LF 141 76.38 47.18 13.36
CA GLU LF 141 76.24 46.26 12.28
C GLU LF 141 74.81 46.31 11.85
N HIS LF 142 73.92 46.20 12.89
CA HIS LF 142 72.52 46.00 12.58
C HIS LF 142 71.69 46.98 13.35
N MET LF 143 70.37 46.82 13.26
CA MET LF 143 69.48 47.71 13.95
C MET LF 143 68.05 47.20 13.75
N THR LF 144 67.48 46.61 14.79
CA THR LF 144 66.12 46.09 14.73
C THR LF 144 65.07 47.18 14.96
N LEU LF 145 63.97 47.07 14.24
CA LEU LF 145 62.90 48.05 14.31
C LEU LF 145 61.59 47.38 14.63
N ALA LF 146 61.20 47.35 15.89
CA ALA LF 146 59.95 46.71 16.30
C ALA LF 146 58.77 47.66 16.37
N PHE LF 147 57.67 47.27 15.74
CA PHE LF 147 56.47 48.10 15.75
C PHE LF 147 55.54 47.66 16.85
N GLU LF 148 55.41 48.48 17.89
CA GLU LF 148 54.56 48.15 19.02
C GLU LF 148 53.07 48.33 18.70
N SER LF 149 52.64 49.55 18.43
CA SER LF 149 51.23 49.81 18.12
C SER LF 149 51.04 50.64 16.86
N SER LF 150 49.82 50.62 16.32
CA SER LF 150 49.51 51.37 15.12
C SER LF 150 48.02 51.60 15.06
N SER LF 151 47.61 52.86 14.99
CA SER LF 151 46.18 53.19 14.91
C SER LF 151 45.90 54.29 13.89
N ILE LF 152 44.81 54.14 13.14
CA ILE LF 152 44.44 55.13 12.14
C ILE LF 152 43.20 55.90 12.59
N ALA LF 153 43.25 57.21 12.36
CA ALA LF 153 42.11 57.94 12.79
C ALA LF 153 40.95 57.77 11.86
N ALA LF 154 39.77 57.81 12.49
CA ALA LF 154 38.67 57.12 11.89
C ALA LF 154 38.27 57.82 10.60
N PHE LF 155 38.50 59.13 10.63
CA PHE LF 155 38.32 60.10 9.62
C PHE LF 155 39.51 60.12 8.68
N PHE LF 156 40.72 59.87 9.20
CA PHE LF 156 41.79 59.98 8.26
C PHE LF 156 42.20 58.65 7.82
N THR LF 157 41.97 58.37 6.53
CA THR LF 157 42.83 57.39 5.95
C THR LF 157 44.26 57.89 5.95
N PRO LF 158 44.64 59.07 5.46
CA PRO LF 158 45.90 59.20 4.78
C PRO LF 158 47.06 58.88 5.64
N ILE LF 159 46.90 59.09 6.94
CA ILE LF 159 48.04 58.94 7.84
C ILE LF 159 47.77 58.00 8.99
N ALA LF 160 48.65 57.01 9.15
CA ALA LF 160 48.50 56.04 10.22
C ALA LF 160 49.61 56.31 11.23
N ASP LF 161 49.23 56.51 12.49
CA ASP LF 161 50.21 56.79 13.54
C ASP LF 161 50.81 55.52 14.15
N LEU LF 162 52.13 55.53 14.35
CA LEU LF 162 52.83 54.37 14.88
C LEU LF 162 53.63 54.65 16.14
N HIS LF 163 53.90 53.59 16.91
CA HIS LF 163 54.72 53.65 18.12
C HIS LF 163 55.73 52.54 17.88
N VAL LF 164 57.01 52.92 17.87
CA VAL LF 164 58.08 51.96 17.59
C VAL LF 164 59.25 51.98 18.56
N HIS LF 165 59.82 50.78 18.75
CA HIS LF 165 60.99 50.61 19.60
C HIS LF 165 62.15 50.28 18.67
N ILE LF 166 63.19 51.10 18.73
CA ILE LF 166 64.37 50.89 17.89
C ILE LF 166 65.42 50.18 18.72
N GLU LF 167 65.61 48.90 18.49
CA GLU LF 167 66.54 48.12 19.29
C GLU LF 167 67.95 48.13 18.72
N ILE LF 168 68.96 48.08 19.59
CA ILE LF 168 70.35 48.09 19.15
C ILE LF 168 71.30 47.30 20.02
N GLU LF 169 72.11 46.45 19.40
CA GLU LF 169 73.07 45.60 20.09
C GLU LF 169 74.53 46.05 19.90
N SER LF 170 74.98 47.02 20.68
CA SER LF 170 76.25 47.50 20.25
C SER LF 170 77.27 46.83 21.11
N GLU LF 171 78.53 46.96 20.69
CA GLU LF 171 79.58 46.62 21.58
C GLU LF 171 80.25 47.92 21.84
N THR LF 172 80.46 48.23 23.13
CA THR LF 172 81.14 49.43 23.50
C THR LF 172 82.53 49.03 23.73
N ASP LF 173 83.41 50.02 23.94
CA ASP LF 173 84.76 49.64 24.14
C ASP LF 173 84.83 48.83 25.40
N GLU LF 174 84.31 49.41 26.52
CA GLU LF 174 84.38 48.88 27.86
C GLU LF 174 83.58 47.62 28.00
N ASP LF 175 82.28 47.75 27.69
CA ASP LF 175 81.40 46.66 27.96
C ASP LF 175 80.55 46.51 26.77
N GLU LF 176 79.41 45.86 26.97
CA GLU LF 176 78.50 45.73 25.91
C GLU LF 176 77.28 46.48 26.37
N SER LF 177 76.62 47.13 25.41
CA SER LF 177 75.52 47.98 25.68
C SER LF 177 74.44 47.45 24.82
N GLU LF 178 73.19 47.61 25.30
CA GLU LF 178 72.03 47.19 24.54
C GLU LF 178 71.06 48.36 24.65
N VAL LF 179 70.29 48.63 23.60
CA VAL LF 179 69.34 49.75 23.66
C VAL LF 179 68.03 49.45 22.98
N SER LF 180 66.97 50.07 23.49
CA SER LF 180 65.64 49.89 22.93
C SER LF 180 64.87 51.20 23.07
N MET LF 181 65.33 52.23 22.36
CA MET LF 181 64.72 53.54 22.39
C MET LF 181 63.37 53.53 21.69
N PRO LF 182 62.34 54.08 22.33
CA PRO LF 182 60.98 54.15 21.80
C PRO LF 182 60.73 55.51 21.16
N ALA LF 183 59.97 55.49 20.06
CA ALA LF 183 59.65 56.73 19.36
C ALA LF 183 58.32 56.66 18.64
N ASP LF 184 57.71 57.83 18.47
CA ASP LF 184 56.45 57.93 17.78
C ASP LF 184 56.77 58.08 16.29
N GLY LF 185 55.74 57.94 15.45
CA GLY LF 185 55.93 58.05 14.02
C GLY LF 185 54.67 57.79 13.25
N GLU LF 186 54.63 58.23 12.00
CA GLU LF 186 53.47 58.03 11.15
C GLU LF 186 53.87 57.41 9.82
N TYR LF 187 52.89 56.87 9.11
CA TYR LF 187 53.15 56.28 7.81
C TYR LF 187 52.18 56.94 6.87
N SER LF 188 52.70 57.55 5.80
CA SER LF 188 51.86 58.25 4.83
C SER LF 188 51.63 57.44 3.58
N PHE LF 189 50.31 57.69 3.32
CA PHE LF 189 49.44 56.80 2.66
C PHE LF 189 50.10 56.55 1.39
N ALA LF 190 50.17 57.64 0.61
CA ALA LF 190 50.65 57.71 -0.74
C ALA LF 190 52.11 57.52 -0.83
N ASP LF 191 52.85 58.12 0.14
CA ASP LF 191 54.28 58.18 0.11
C ASP LF 191 54.79 56.80 0.28
N HIS LF 192 54.08 55.97 1.07
CA HIS LF 192 54.67 54.75 1.58
C HIS LF 192 55.84 55.13 2.43
N ARG LF 193 55.92 56.40 2.87
CA ARG LF 193 57.08 56.80 3.66
C ARG LF 193 56.76 56.95 5.13
N LEU LF 194 57.36 56.10 5.96
CA LEU LF 194 57.15 56.18 7.39
C LEU LF 194 58.24 57.05 7.98
N THR LF 195 57.81 58.00 8.80
CA THR LF 195 58.73 58.92 9.43
C THR LF 195 58.71 58.56 10.91
N ILE LF 196 59.88 58.27 11.48
CA ILE LF 196 59.94 57.91 12.89
C ILE LF 196 60.61 59.05 13.63
N HIS LF 197 59.77 59.80 14.37
CA HIS LF 197 60.23 60.97 15.02
C HIS LF 197 61.12 60.47 16.10
N PRO LF 198 62.14 61.25 16.21
CA PRO LF 198 63.33 60.93 16.89
C PRO LF 198 63.03 60.67 18.32
N PRO LF 199 63.54 59.54 18.61
CA PRO LF 199 63.51 58.94 19.93
C PRO LF 199 64.19 59.87 20.86
N GLU LF 200 65.28 60.44 20.33
CA GLU LF 200 66.26 61.18 21.05
C GLU LF 200 65.75 62.57 21.22
N GLU LF 201 66.33 63.25 22.20
CA GLU LF 201 66.27 64.68 22.26
C GLU LF 201 67.03 65.13 21.06
N ASP LF 202 68.00 64.31 20.66
CA ASP LF 202 68.98 64.83 19.76
C ASP LF 202 68.35 65.14 18.43
N GLY LF 203 67.36 64.36 17.97
CA GLY LF 203 66.71 64.86 16.78
C GLY LF 203 67.40 64.29 15.60
N LEU LF 204 68.14 63.20 15.84
CA LEU LF 204 68.32 62.15 14.85
C LEU LF 204 67.08 61.29 14.72
N GLY LF 205 66.48 61.31 13.53
CA GLY LF 205 65.29 60.52 13.27
C GLY LF 205 65.45 59.62 12.05
N LEU LF 206 64.56 58.64 11.93
CA LEU LF 206 64.59 57.68 10.82
C LEU LF 206 63.49 57.99 9.84
N VAL LF 207 63.83 57.80 8.56
CA VAL LF 207 62.91 58.05 7.47
C VAL LF 207 63.10 56.98 6.41
N GLY LF 208 62.18 56.02 6.39
CA GLY LF 208 62.26 54.96 5.40
C GLY LF 208 61.15 55.11 4.39
N GLU LF 209 61.50 55.13 3.11
CA GLU LF 209 60.50 55.25 2.06
C GLU LF 209 60.35 53.91 1.36
N PHE LF 210 59.12 53.42 1.29
CA PHE LF 210 58.85 52.13 0.67
C PHE LF 210 58.84 52.13 -0.84
N ASP LF 211 59.22 50.99 -1.40
CA ASP LF 211 58.53 50.36 -2.48
C ASP LF 211 57.20 49.91 -1.95
N GLY LF 212 57.18 49.31 -0.75
CA GLY LF 212 56.00 49.09 0.06
C GLY LF 212 55.78 47.62 0.36
N TYR LF 213 54.91 46.91 -0.42
CA TYR LF 213 54.64 45.47 -0.26
C TYR LF 213 55.89 44.85 -0.63
N ASN LF 214 56.27 45.27 -1.85
CA ASN LF 214 57.25 44.77 -2.73
C ASN LF 214 58.20 45.94 -2.84
N PHE LF 215 59.19 46.05 -1.94
CA PHE LF 215 59.48 45.09 -0.94
C PHE LF 215 59.19 45.68 0.37
N ASP LF 216 58.87 44.82 1.35
CA ASP LF 216 58.76 45.29 2.70
C ASP LF 216 60.13 45.76 3.05
N ARG LF 217 61.16 45.21 2.37
CA ARG LF 217 62.48 45.81 2.32
C ARG LF 217 62.36 47.28 1.99
N PHE LF 218 62.94 48.14 2.81
CA PHE LF 218 62.88 49.57 2.56
C PHE LF 218 64.19 50.21 2.98
N VAL LF 219 64.66 51.21 2.26
CA VAL LF 219 65.91 51.87 2.62
C VAL LF 219 65.61 52.83 3.75
N GLY LF 220 66.37 52.70 4.83
CA GLY LF 220 66.16 53.55 5.97
C GLY LF 220 67.25 54.56 6.17
N HIS LF 221 66.88 55.82 5.98
CA HIS LF 221 67.81 56.92 6.12
C HIS LF 221 67.69 57.54 7.51
N ILE LF 222 68.82 57.70 8.19
CA ILE LF 222 68.79 58.33 9.48
C ILE LF 222 69.15 59.77 9.22
N VAL LF 223 68.29 60.69 9.62
CA VAL LF 223 68.51 62.10 9.37
C VAL LF 223 68.36 63.02 10.56
N HIS LF 224 68.77 64.27 10.38
CA HIS LF 224 68.63 65.30 11.41
C HIS LF 224 67.26 65.85 11.09
N GLU LF 225 66.27 65.66 11.98
CA GLU LF 225 64.88 65.69 11.61
C GLU LF 225 64.56 67.01 10.98
N LEU LF 226 65.13 68.09 11.53
CA LEU LF 226 64.91 69.44 11.11
C LEU LF 226 65.51 69.70 9.76
N SER LF 227 66.76 69.23 9.57
CA SER LF 227 67.59 69.49 8.42
C SER LF 227 67.09 68.71 7.28
N GLU LF 228 66.65 67.50 7.62
CA GLU LF 228 66.63 66.47 6.64
C GLU LF 228 67.96 66.34 6.00
N GLU LF 229 69.01 66.19 6.83
CA GLU LF 229 70.28 65.69 6.32
C GLU LF 229 70.39 64.20 6.49
N VAL LF 230 70.78 63.52 5.43
CA VAL LF 230 70.95 62.08 5.50
C VAL LF 230 72.35 61.82 6.04
N CYS LF 231 72.49 60.91 6.98
CA CYS LF 231 73.81 60.62 7.52
C CYS LF 231 73.97 59.16 7.92
N ALA LF 232 73.03 58.34 7.50
CA ALA LF 232 73.06 56.91 7.80
C ALA LF 232 72.01 56.21 6.99
N GLU LF 233 72.44 55.18 6.27
CA GLU LF 233 71.57 54.40 5.42
C GLU LF 233 71.64 52.94 5.89
N PHE LF 234 70.46 52.33 6.05
CA PHE LF 234 70.36 50.95 6.44
C PHE LF 234 69.31 50.35 5.55
N ILE LF 235 69.54 49.13 5.11
CA ILE LF 235 68.54 48.45 4.29
C ILE LF 235 67.72 47.61 5.25
N PHE LF 236 66.45 47.92 5.40
CA PHE LF 236 65.63 47.17 6.33
C PHE LF 236 64.86 46.06 5.63
N HIS LF 237 64.92 44.86 6.20
CA HIS LF 237 64.22 43.69 5.70
C HIS LF 237 63.19 43.28 6.75
N ARG LF 238 62.02 42.88 6.30
CA ARG LF 238 60.97 42.46 7.23
C ARG LF 238 61.40 41.11 7.77
N LYS LF 239 61.43 40.91 9.10
CA LYS LF 239 61.68 39.62 9.70
C LYS LF 239 60.39 38.86 9.65
N LYS LF 240 60.40 37.58 9.26
CA LYS LF 240 59.10 36.98 9.31
C LYS LF 240 58.87 36.41 10.70
N HIS MF 20 -27.80 77.30 -53.59
CA HIS MF 20 -27.54 76.49 -54.80
C HIS MF 20 -27.30 77.39 -55.97
N GLU MF 21 -28.28 77.41 -56.88
CA GLU MF 21 -28.18 78.21 -58.08
C GLU MF 21 -28.16 79.65 -57.67
N HIS MF 22 -28.97 79.97 -56.65
CA HIS MF 22 -29.25 81.29 -56.20
C HIS MF 22 -27.98 81.87 -55.76
N CYS MF 23 -27.29 81.12 -54.89
CA CYS MF 23 -26.16 81.75 -54.32
C CYS MF 23 -25.04 81.44 -55.22
N CYS MF 24 -23.84 81.48 -54.63
CA CYS MF 24 -22.68 81.87 -55.33
C CYS MF 24 -22.03 80.62 -55.87
N SER MF 25 -22.09 80.39 -57.20
CA SER MF 25 -21.69 79.16 -57.84
C SER MF 25 -20.23 78.92 -57.67
N GLU MF 26 -19.87 77.64 -57.74
CA GLU MF 26 -18.49 77.18 -57.78
C GLU MF 26 -17.72 77.87 -58.89
N GLU MF 27 -18.21 77.80 -60.12
CA GLU MF 27 -17.51 78.44 -61.22
C GLU MF 27 -17.39 79.92 -60.90
N ASP MF 28 -18.51 80.51 -60.54
CA ASP MF 28 -18.54 81.93 -60.20
C ASP MF 28 -17.34 82.32 -59.35
N HIS MF 29 -17.28 81.82 -58.13
CA HIS MF 29 -16.16 82.19 -57.27
C HIS MF 29 -14.84 81.63 -57.72
N ARG MF 30 -14.84 80.47 -58.35
CA ARG MF 30 -13.57 79.93 -58.80
C ARG MF 30 -12.98 81.06 -59.64
N ILE MF 31 -13.84 81.75 -60.37
CA ILE MF 31 -13.41 82.85 -61.22
C ILE MF 31 -12.92 84.00 -60.36
N VAL MF 32 -13.79 84.48 -59.49
CA VAL MF 32 -13.42 85.59 -58.63
C VAL MF 32 -12.05 85.31 -58.02
N GLN MF 33 -11.90 84.17 -57.37
CA GLN MF 33 -10.64 83.82 -56.75
C GLN MF 33 -9.46 83.96 -57.69
N LYS MF 34 -9.59 83.39 -58.90
CA LYS MF 34 -8.50 83.46 -59.87
C LYS MF 34 -8.16 84.91 -60.22
N GLN MF 35 -9.18 85.72 -60.46
CA GLN MF 35 -8.99 87.12 -60.83
C GLN MF 35 -8.44 87.97 -59.71
N TRP MF 36 -8.83 87.67 -58.48
CA TRP MF 36 -8.38 88.42 -57.32
C TRP MF 36 -6.93 88.13 -57.07
N ASP MF 37 -6.43 87.03 -57.60
CA ASP MF 37 -5.03 86.67 -57.41
C ASP MF 37 -4.08 87.40 -58.34
N ILE MF 38 -4.59 87.85 -59.48
CA ILE MF 38 -3.77 88.59 -60.43
C ILE MF 38 -3.08 89.72 -59.67
N LEU MF 39 -3.72 90.16 -58.59
CA LEU MF 39 -3.20 91.25 -57.78
C LEU MF 39 -1.94 90.96 -56.95
N TRP MF 40 -1.98 89.89 -56.17
CA TRP MF 40 -0.85 89.54 -55.31
C TRP MF 40 0.31 88.79 -55.96
N ARG MF 41 0.59 89.07 -57.22
CA ARG MF 41 1.69 88.39 -57.89
C ARG MF 41 3.03 88.94 -57.39
N ASP MF 42 3.10 90.23 -57.11
CA ASP MF 42 4.35 90.81 -56.61
C ASP MF 42 4.37 90.94 -55.10
N THR MF 43 5.55 90.72 -54.53
CA THR MF 43 5.75 90.76 -53.08
C THR MF 43 5.32 92.02 -52.36
N GLU MF 44 5.18 93.14 -53.07
CA GLU MF 44 4.78 94.38 -52.41
C GLU MF 44 3.28 94.51 -52.26
N SER MF 45 2.65 93.45 -51.76
CA SER MF 45 1.21 93.42 -51.55
C SER MF 45 0.77 94.57 -50.64
N SER MF 46 1.54 94.82 -49.60
CA SER MF 46 1.23 95.88 -48.65
C SER MF 46 0.96 97.20 -49.36
N LYS MF 47 1.92 97.66 -50.14
CA LYS MF 47 1.78 98.91 -50.88
C LYS MF 47 0.47 98.93 -51.67
N ILE MF 48 0.12 97.79 -52.28
CA ILE MF 48 -1.10 97.68 -53.05
C ILE MF 48 -2.30 97.67 -52.14
N LYS MF 49 -2.48 96.59 -51.39
CA LYS MF 49 -3.61 96.49 -50.47
C LYS MF 49 -3.91 97.82 -49.81
N ILE MF 50 -2.88 98.46 -49.28
CA ILE MF 50 -3.05 99.78 -48.63
C ILE MF 50 -3.61 100.79 -49.60
N GLY MF 51 -2.81 101.16 -50.60
CA GLY MF 51 -3.27 102.11 -51.58
C GLY MF 51 -4.69 101.84 -52.06
N PHE MF 52 -4.96 100.60 -52.44
CA PHE MF 52 -6.29 100.23 -52.93
C PHE MF 52 -7.34 100.40 -51.84
N GLY MF 53 -7.11 99.77 -50.69
CA GLY MF 53 -8.06 99.88 -49.59
C GLY MF 53 -8.23 101.31 -49.16
N ARG MF 54 -7.14 102.07 -49.20
CA ARG MF 54 -7.16 103.47 -48.81
C ARG MF 54 -8.14 104.16 -49.74
N LEU MF 55 -7.88 104.07 -51.03
CA LEU MF 55 -8.75 104.69 -52.02
C LEU MF 55 -10.21 104.25 -51.83
N LEU MF 56 -10.44 102.95 -51.69
CA LEU MF 56 -11.79 102.44 -51.52
C LEU MF 56 -12.54 103.11 -50.38
N LEU MF 57 -11.91 103.22 -49.22
CA LEU MF 57 -12.56 103.86 -48.09
C LEU MF 57 -12.75 105.35 -48.33
N THR MF 58 -11.71 106.00 -48.87
CA THR MF 58 -11.77 107.42 -49.17
C THR MF 58 -12.99 107.70 -50.04
N LYS MF 59 -13.03 107.08 -51.21
CA LYS MF 59 -14.14 107.23 -52.14
C LYS MF 59 -15.49 106.92 -51.49
N LEU MF 60 -15.46 106.28 -50.33
CA LEU MF 60 -16.70 106.01 -49.63
C LEU MF 60 -17.06 107.26 -48.86
N ALA MF 61 -16.12 107.76 -48.08
CA ALA MF 61 -16.33 108.97 -47.28
C ALA MF 61 -16.68 110.14 -48.19
N LYS MF 62 -16.23 110.06 -49.45
CA LYS MF 62 -16.50 111.10 -50.43
C LYS MF 62 -18.00 111.15 -50.73
N ASP MF 63 -18.58 110.00 -51.02
CA ASP MF 63 -20.01 109.92 -51.34
C ASP MF 63 -20.92 109.94 -50.11
N ILE MF 64 -20.40 109.57 -48.95
CA ILE MF 64 -21.17 109.57 -47.73
C ILE MF 64 -20.26 109.95 -46.58
N PRO MF 65 -20.27 111.24 -46.19
CA PRO MF 65 -19.47 111.82 -45.12
C PRO MF 65 -19.72 111.33 -43.70
N GLU MF 66 -20.96 110.98 -43.39
CA GLU MF 66 -21.23 110.53 -42.04
C GLU MF 66 -20.32 109.36 -41.70
N VAL MF 67 -19.54 108.93 -42.70
CA VAL MF 67 -18.59 107.84 -42.56
C VAL MF 67 -17.32 108.35 -41.90
N ASN MF 68 -16.84 109.50 -42.37
CA ASN MF 68 -15.64 110.11 -41.83
C ASN MF 68 -15.59 110.05 -40.31
N ASP MF 69 -16.75 110.16 -39.66
CA ASP MF 69 -16.81 110.12 -38.21
C ASP MF 69 -16.64 108.72 -37.65
N LEU MF 70 -17.01 107.72 -38.44
CA LEU MF 70 -16.89 106.33 -38.02
C LEU MF 70 -15.43 105.91 -38.03
N PHE MF 71 -14.74 106.29 -39.09
CA PHE MF 71 -13.33 105.96 -39.27
C PHE MF 71 -12.44 106.99 -38.59
N LYS MF 72 -13.05 107.84 -37.78
CA LYS MF 72 -12.32 108.86 -37.06
C LYS MF 72 -11.33 108.17 -36.14
N ARG MF 73 -11.81 107.12 -35.48
CA ARG MF 73 -11.04 106.33 -34.53
C ARG MF 73 -9.71 105.86 -35.12
N VAL MF 74 -9.67 105.65 -36.44
CA VAL MF 74 -8.46 105.17 -37.09
C VAL MF 74 -7.74 106.26 -37.86
N ASP MF 75 -7.98 107.51 -37.46
CA ASP MF 75 -7.34 108.66 -38.10
C ASP MF 75 -7.48 108.63 -39.62
N ILE MF 76 -8.72 108.54 -40.10
CA ILE MF 76 -8.98 108.52 -41.53
C ILE MF 76 -8.62 109.88 -42.09
N GLU MF 77 -8.53 110.84 -41.20
CA GLU MF 77 -8.21 112.19 -41.60
C GLU MF 77 -6.85 112.18 -42.32
N HIS MF 78 -5.96 111.30 -41.88
CA HIS MF 78 -4.65 111.17 -42.49
C HIS MF 78 -4.59 109.90 -43.27
N ALA MF 79 -5.05 109.96 -44.51
CA ALA MF 79 -5.06 108.79 -45.38
C ALA MF 79 -3.75 108.00 -45.38
N GLU MF 80 -2.63 108.70 -45.49
CA GLU MF 80 -1.29 108.09 -45.53
C GLU MF 80 -0.76 107.81 -44.12
N GLY MF 81 -1.49 108.27 -43.11
CA GLY MF 81 -1.07 108.06 -41.74
C GLY MF 81 -1.09 106.59 -41.37
N PRO MF 82 -0.01 106.08 -40.80
CA PRO MF 82 0.03 104.67 -40.43
C PRO MF 82 -1.25 104.21 -39.75
N LYS MF 83 -1.78 105.01 -38.83
CA LYS MF 83 -3.02 104.66 -38.14
C LYS MF 83 -4.05 104.12 -39.12
N PHE MF 84 -4.26 104.85 -40.19
CA PHE MF 84 -5.23 104.46 -41.20
C PHE MF 84 -4.68 103.39 -42.13
N SER MF 85 -3.43 103.55 -42.57
CA SER MF 85 -2.83 102.56 -43.47
C SER MF 85 -3.00 101.16 -42.90
N ALA MF 86 -2.79 101.02 -41.59
CA ALA MF 86 -2.95 99.73 -40.94
C ALA MF 86 -4.37 99.28 -41.19
N HIS MF 87 -5.31 100.14 -40.82
CA HIS MF 87 -6.72 99.85 -41.01
C HIS MF 87 -6.98 99.41 -42.45
N ALA MF 88 -6.53 100.22 -43.39
CA ALA MF 88 -6.71 99.92 -44.80
C ALA MF 88 -6.43 98.45 -45.03
N LEU MF 89 -5.36 97.96 -44.43
CA LEU MF 89 -4.99 96.56 -44.56
C LEU MF 89 -6.06 95.69 -43.92
N ARG MF 90 -6.22 95.80 -42.62
CA ARG MF 90 -7.20 95.00 -41.91
C ARG MF 90 -8.47 94.76 -42.72
N ILE MF 91 -9.08 95.83 -43.22
CA ILE MF 91 -10.31 95.69 -43.99
C ILE MF 91 -10.06 94.96 -45.30
N LEU MF 92 -9.25 95.57 -46.14
CA LEU MF 92 -8.91 95.00 -47.43
C LEU MF 92 -8.51 93.52 -47.23
N ASN MF 93 -7.76 93.24 -46.16
CA ASN MF 93 -7.30 91.89 -45.86
C ASN MF 93 -8.46 91.01 -45.42
N GLY MF 94 -9.48 91.61 -44.85
CA GLY MF 94 -10.63 90.85 -44.43
C GLY MF 94 -11.35 90.40 -45.68
N LEU MF 95 -11.46 91.31 -46.65
CA LEU MF 95 -12.12 90.99 -47.90
C LEU MF 95 -11.39 89.79 -48.47
N ASP MF 96 -10.06 89.77 -48.33
CA ASP MF 96 -9.25 88.66 -48.83
C ASP MF 96 -9.79 87.38 -48.18
N LEU MF 97 -9.76 87.34 -46.86
CA LEU MF 97 -10.25 86.21 -46.11
C LEU MF 97 -11.58 85.75 -46.69
N ALA MF 98 -12.51 86.66 -46.85
CA ALA MF 98 -13.82 86.32 -47.38
C ALA MF 98 -13.67 85.58 -48.70
N ILE MF 99 -13.00 86.21 -49.64
CA ILE MF 99 -12.79 85.61 -50.95
C ILE MF 99 -12.10 84.25 -50.85
N ASN MF 100 -11.01 84.16 -50.11
CA ASN MF 100 -10.30 82.89 -49.96
C ASN MF 100 -11.05 81.76 -49.24
N LEU MF 101 -12.21 82.06 -48.67
CA LEU MF 101 -12.96 81.03 -48.00
C LEU MF 101 -14.21 80.75 -48.79
N LEU MF 102 -14.31 81.33 -49.97
CA LEU MF 102 -15.48 81.14 -50.81
C LEU MF 102 -15.71 79.66 -51.13
N ASP MF 103 -14.65 78.87 -51.09
CA ASP MF 103 -14.80 77.45 -51.38
C ASP MF 103 -14.85 76.63 -50.10
N ASP MF 104 -15.83 76.93 -49.24
CA ASP MF 104 -16.05 76.25 -47.96
C ASP MF 104 -17.12 77.06 -47.25
N PRO MF 105 -18.33 77.07 -47.80
CA PRO MF 105 -19.46 77.80 -47.24
C PRO MF 105 -19.58 77.88 -45.72
N PRO MF 106 -19.52 76.74 -45.02
CA PRO MF 106 -19.64 76.77 -43.56
C PRO MF 106 -18.59 77.66 -42.90
N ALA MF 107 -17.34 77.54 -43.35
CA ALA MF 107 -16.25 78.32 -42.83
C ALA MF 107 -16.48 79.78 -43.18
N LEU MF 108 -16.64 80.04 -44.46
CA LEU MF 108 -16.88 81.39 -44.93
C LEU MF 108 -17.99 82.00 -44.12
N ASP MF 109 -19.07 81.24 -43.97
CA ASP MF 109 -20.21 81.70 -43.20
C ASP MF 109 -19.70 82.19 -41.85
N ALA MF 110 -19.16 81.29 -41.06
CA ALA MF 110 -18.64 81.64 -39.75
C ALA MF 110 -17.74 82.86 -39.82
N ALA MF 111 -16.78 82.84 -40.73
CA ALA MF 111 -15.83 83.93 -40.91
C ALA MF 111 -16.52 85.27 -41.08
N LEU MF 112 -17.60 85.29 -41.85
CA LEU MF 112 -18.35 86.50 -42.10
C LEU MF 112 -19.22 86.89 -40.92
N ASP MF 113 -19.89 85.92 -40.32
CA ASP MF 113 -20.75 86.19 -39.18
C ASP MF 113 -19.91 86.97 -38.18
N HIS MF 114 -18.70 86.49 -37.97
CA HIS MF 114 -17.78 87.13 -37.05
C HIS MF 114 -17.62 88.59 -37.47
N LEU MF 115 -17.45 88.83 -38.76
CA LEU MF 115 -17.30 90.20 -39.23
C LEU MF 115 -18.54 91.03 -38.96
N ALA MF 116 -19.69 90.36 -38.94
CA ALA MF 116 -20.93 91.06 -38.68
C ALA MF 116 -20.85 91.64 -37.29
N HIS MF 117 -20.55 90.79 -36.32
CA HIS MF 117 -20.44 91.20 -34.93
C HIS MF 117 -19.43 92.33 -34.75
N GLN MF 118 -18.33 92.30 -35.49
CA GLN MF 118 -17.33 93.33 -35.35
C GLN MF 118 -17.82 94.67 -35.87
N HIS MF 119 -18.92 94.64 -36.61
CA HIS MF 119 -19.50 95.86 -37.15
C HIS MF 119 -20.76 96.23 -36.40
N GLU MF 120 -21.39 95.26 -35.78
CA GLU MF 120 -22.61 95.49 -35.02
C GLU MF 120 -22.38 96.48 -33.88
N VAL MF 121 -21.31 96.25 -33.12
CA VAL MF 121 -20.99 97.10 -31.98
C VAL MF 121 -20.36 98.43 -32.36
N ARG MF 122 -20.34 98.74 -33.65
CA ARG MF 122 -19.79 100.00 -34.10
C ARG MF 122 -20.98 100.83 -34.58
N GLU MF 123 -21.63 101.54 -33.65
CA GLU MF 123 -22.79 102.34 -34.02
C GLU MF 123 -22.45 103.44 -35.02
N GLY MF 124 -23.39 103.72 -35.90
CA GLY MF 124 -23.19 104.73 -36.92
C GLY MF 124 -23.14 104.06 -38.28
N VAL MF 125 -22.68 102.81 -38.28
CA VAL MF 125 -22.56 102.01 -39.49
C VAL MF 125 -23.91 101.44 -39.86
N GLN MF 126 -24.47 101.92 -40.97
CA GLN MF 126 -25.77 101.43 -41.42
C GLN MF 126 -25.66 100.71 -42.75
N LYS MF 127 -26.65 99.89 -43.07
CA LYS MF 127 -26.66 99.12 -44.30
C LYS MF 127 -26.33 99.92 -45.55
N ALA MF 128 -27.04 101.01 -45.77
CA ALA MF 128 -26.82 101.85 -46.95
C ALA MF 128 -25.33 102.08 -47.24
N HIS MF 129 -24.51 102.01 -46.19
CA HIS MF 129 -23.07 102.19 -46.33
C HIS MF 129 -22.50 101.09 -47.18
N PHE MF 130 -22.81 99.85 -46.82
CA PHE MF 130 -22.31 98.72 -47.56
C PHE MF 130 -22.80 98.74 -48.99
N LYS MF 131 -24.09 98.96 -49.18
CA LYS MF 131 -24.61 99.00 -50.53
C LYS MF 131 -23.72 99.89 -51.37
N LYS MF 132 -23.38 101.06 -50.83
CA LYS MF 132 -22.54 102.01 -51.56
C LYS MF 132 -21.13 101.45 -51.75
N PHE MF 133 -20.53 100.99 -50.67
CA PHE MF 133 -19.18 100.44 -50.75
C PHE MF 133 -19.14 99.38 -51.81
N GLY MF 134 -20.24 98.64 -51.96
CA GLY MF 134 -20.29 97.59 -52.96
C GLY MF 134 -20.19 98.18 -54.34
N GLU MF 135 -21.01 99.17 -54.62
CA GLU MF 135 -21.00 99.82 -55.91
C GLU MF 135 -19.60 100.37 -56.20
N ILE MF 136 -18.95 100.91 -55.18
CA ILE MF 136 -17.62 101.49 -55.33
C ILE MF 136 -16.60 100.41 -55.68
N LEU MF 137 -16.66 99.33 -54.92
CA LEU MF 137 -15.76 98.20 -55.08
C LEU MF 137 -15.90 97.62 -56.46
N ALA MF 138 -17.12 97.60 -56.96
CA ALA MF 138 -17.41 97.05 -58.26
C ALA MF 138 -16.89 97.93 -59.38
N THR MF 139 -16.74 99.22 -59.10
CA THR MF 139 -16.25 100.14 -60.11
C THR MF 139 -14.75 100.23 -60.03
N GLY MF 140 -14.21 99.85 -58.88
CA GLY MF 140 -12.78 99.91 -58.68
C GLY MF 140 -12.01 98.72 -59.18
N LEU MF 141 -12.41 97.52 -58.76
CA LEU MF 141 -11.72 96.29 -59.16
C LEU MF 141 -11.32 96.28 -60.64
N PRO MF 142 -12.29 96.45 -61.54
CA PRO MF 142 -11.99 96.43 -62.97
C PRO MF 142 -10.98 97.47 -63.43
N GLN MF 143 -10.52 98.31 -62.51
CA GLN MF 143 -9.55 99.32 -62.86
C GLN MF 143 -8.14 98.83 -62.60
N VAL MF 144 -8.01 97.82 -61.74
CA VAL MF 144 -6.71 97.26 -61.41
C VAL MF 144 -6.55 95.86 -62.00
N LEU MF 145 -7.66 95.21 -62.32
CA LEU MF 145 -7.61 93.89 -62.90
C LEU MF 145 -7.99 93.95 -64.37
N ASP MF 146 -7.09 93.52 -65.24
CA ASP MF 146 -7.40 93.55 -66.66
C ASP MF 146 -8.48 92.53 -66.99
N ASP MF 147 -8.47 91.40 -66.28
CA ASP MF 147 -9.48 90.36 -66.50
C ASP MF 147 -10.47 90.41 -65.36
N TYR MF 148 -11.65 90.92 -65.62
CA TYR MF 148 -12.70 91.05 -64.62
C TYR MF 148 -14.02 90.55 -65.16
N ASP MF 149 -14.72 89.74 -64.38
CA ASP MF 149 -16.02 89.21 -64.81
C ASP MF 149 -17.08 89.80 -63.91
N ALA MF 150 -17.55 90.99 -64.26
CA ALA MF 150 -18.56 91.70 -63.48
C ALA MF 150 -19.65 90.82 -62.92
N LEU MF 151 -20.22 89.98 -63.75
CA LEU MF 151 -21.29 89.10 -63.31
C LEU MF 151 -20.90 88.22 -62.14
N ALA MF 152 -19.80 87.50 -62.27
CA ALA MF 152 -19.35 86.63 -61.21
C ALA MF 152 -19.11 87.41 -59.93
N TRP MF 153 -18.30 88.47 -60.03
CA TRP MF 153 -17.99 89.27 -58.87
C TRP MF 153 -19.20 89.84 -58.15
N LYS MF 154 -20.05 90.54 -58.88
CA LYS MF 154 -21.25 91.13 -58.26
C LYS MF 154 -21.97 90.06 -57.48
N SER MF 155 -22.13 88.89 -58.08
CA SER MF 155 -22.81 87.78 -57.43
C SER MF 155 -22.20 87.47 -56.07
N CYS MF 156 -20.87 87.30 -56.03
CA CYS MF 156 -20.17 86.98 -54.80
C CYS MF 156 -20.06 88.14 -53.83
N LEU MF 157 -19.64 89.30 -54.31
CA LEU MF 157 -19.53 90.44 -53.42
C LEU MF 157 -20.83 90.68 -52.69
N LYS MF 158 -21.95 90.50 -53.39
CA LYS MF 158 -23.26 90.70 -52.78
C LYS MF 158 -23.38 89.80 -51.57
N GLY MF 159 -23.27 88.50 -51.80
CA GLY MF 159 -23.37 87.54 -50.71
C GLY MF 159 -22.52 87.92 -49.52
N ILE MF 160 -21.29 88.39 -49.78
CA ILE MF 160 -20.38 88.76 -48.72
C ILE MF 160 -20.83 89.99 -47.98
N LEU MF 161 -20.92 91.10 -48.70
CA LEU MF 161 -21.33 92.35 -48.10
C LEU MF 161 -22.60 92.21 -47.27
N THR MF 162 -23.58 91.48 -47.82
CA THR MF 162 -24.83 91.28 -47.11
C THR MF 162 -24.61 90.60 -45.76
N LYS MF 163 -24.05 89.41 -45.79
CA LYS MF 163 -23.81 88.64 -44.57
C LYS MF 163 -23.02 89.42 -43.54
N ILE MF 164 -22.18 90.36 -43.99
CA ILE MF 164 -21.36 91.15 -43.06
C ILE MF 164 -22.17 92.20 -42.35
N SER MF 165 -23.13 92.78 -43.04
CA SER MF 165 -23.94 93.84 -42.46
C SER MF 165 -25.26 93.36 -41.90
N SER MF 166 -25.45 92.04 -41.98
CA SER MF 166 -26.65 91.31 -41.69
C SER MF 166 -27.01 91.62 -40.30
N ARG MF 167 -25.96 91.63 -39.45
CA ARG MF 167 -26.10 91.96 -38.07
C ARG MF 167 -26.21 93.42 -37.98
N LEU MF 168 -27.32 93.81 -37.33
CA LEU MF 168 -27.75 95.12 -37.07
C LEU MF 168 -28.03 95.12 -35.55
N GLU NF 19 -1.20 115.47 -64.46
CA GLU NF 19 -0.26 114.34 -64.44
C GLU NF 19 -0.93 113.08 -64.92
N CYS NF 20 -0.43 111.97 -64.36
CA CYS NF 20 -0.94 110.67 -64.57
C CYS NF 20 -1.65 110.32 -63.33
N LEU NF 21 -2.22 109.11 -63.34
CA LEU NF 21 -2.89 108.60 -62.20
C LEU NF 21 -2.01 107.48 -61.75
N VAL NF 22 -2.14 107.09 -60.47
CA VAL NF 22 -1.37 106.03 -59.87
C VAL NF 22 -1.75 104.75 -60.49
N THR NF 23 -3.05 104.55 -60.76
CA THR NF 23 -3.42 103.33 -61.45
C THR NF 23 -2.91 103.32 -62.88
N GLU NF 24 -3.16 104.42 -63.59
CA GLU NF 24 -2.72 104.55 -64.97
C GLU NF 24 -1.24 104.20 -65.12
N SER NF 25 -0.51 104.17 -64.01
CA SER NF 25 0.91 103.85 -64.05
C SER NF 25 1.05 102.37 -63.87
N LEU NF 26 0.62 101.88 -62.71
CA LEU NF 26 0.67 100.46 -62.38
C LEU NF 26 0.27 99.63 -63.58
N LYS NF 27 -0.74 100.12 -64.30
CA LYS NF 27 -1.23 99.44 -65.49
C LYS NF 27 -0.11 99.33 -66.52
N VAL NF 28 0.58 100.42 -66.75
CA VAL NF 28 1.67 100.42 -67.70
C VAL NF 28 2.83 99.60 -67.15
N LYS NF 29 3.19 99.84 -65.89
CA LYS NF 29 4.29 99.13 -65.26
C LYS NF 29 4.08 97.65 -65.44
N LEU NF 30 2.83 97.22 -65.28
CA LEU NF 30 2.45 95.82 -65.41
C LEU NF 30 2.51 95.33 -66.85
N GLN NF 31 1.79 96.01 -67.75
CA GLN NF 31 1.79 95.62 -69.15
C GLN NF 31 3.17 95.65 -69.75
N TRP NF 32 4.00 96.61 -69.36
CA TRP NF 32 5.35 96.69 -69.89
C TRP NF 32 6.03 95.36 -69.63
N ALA NF 33 5.81 94.82 -68.44
CA ALA NF 33 6.40 93.55 -68.06
C ALA NF 33 6.12 92.47 -69.09
N SER NF 34 4.85 92.16 -69.30
CA SER NF 34 4.45 91.12 -70.26
C SER NF 34 4.97 91.39 -71.66
N ALA NF 35 4.81 92.61 -72.12
CA ALA NF 35 5.24 92.98 -73.47
C ALA NF 35 6.74 92.91 -73.71
N PHE NF 36 7.49 93.68 -72.94
CA PHE NF 36 8.94 93.72 -73.07
C PHE NF 36 9.49 92.32 -73.00
N GLY NF 37 9.31 91.68 -71.85
CA GLY NF 37 9.77 90.31 -71.68
C GLY NF 37 11.14 90.16 -71.04
N HIS NF 38 11.81 89.06 -71.37
CA HIS NF 38 13.13 88.77 -70.84
C HIS NF 38 14.08 88.21 -71.89
N ALA NF 39 15.37 88.44 -71.67
CA ALA NF 39 16.42 87.95 -72.56
C ALA NF 39 16.15 88.25 -74.02
N HIS NF 40 16.37 87.25 -74.86
CA HIS NF 40 16.17 87.39 -76.30
C HIS NF 40 14.84 88.03 -76.66
N GLU NF 41 13.77 87.61 -76.01
CA GLU NF 41 12.43 88.15 -76.25
C GLU NF 41 12.45 89.69 -76.41
N ARG NF 42 13.40 90.32 -75.73
CA ARG NF 42 13.56 91.76 -75.76
C ARG NF 42 14.21 92.22 -77.03
N VAL NF 43 15.40 91.69 -77.31
CA VAL NF 43 16.13 92.08 -78.52
C VAL NF 43 15.16 92.06 -79.68
N ALA NF 44 14.31 91.03 -79.71
CA ALA NF 44 13.31 90.86 -80.75
C ALA NF 44 12.40 92.05 -80.76
N PHE NF 45 11.96 92.45 -79.57
CA PHE NF 45 11.08 93.60 -79.43
C PHE NF 45 11.81 94.83 -79.95
N GLY NF 46 12.94 95.15 -79.35
CA GLY NF 46 13.70 96.31 -79.79
C GLY NF 46 13.83 96.35 -81.30
N LEU NF 47 14.35 95.27 -81.88
CA LEU NF 47 14.52 95.19 -83.32
C LEU NF 47 13.22 95.53 -84.05
N GLU NF 48 12.17 94.75 -83.81
CA GLU NF 48 10.90 94.99 -84.46
C GLU NF 48 10.53 96.47 -84.37
N LEU NF 49 10.72 97.08 -83.20
CA LEU NF 49 10.40 98.49 -82.99
C LEU NF 49 11.16 99.41 -83.91
N TRP NF 50 12.48 99.44 -83.76
CA TRP NF 50 13.31 100.30 -84.59
C TRP NF 50 13.13 100.10 -86.08
N ARG NF 51 12.88 98.86 -86.50
CA ARG NF 51 12.69 98.63 -87.93
C ARG NF 51 11.51 99.46 -88.39
N ASP NF 52 10.37 99.24 -87.77
CA ASP NF 52 9.15 99.98 -88.12
C ASP NF 52 9.40 101.49 -88.10
N ILE NF 53 10.17 101.96 -87.14
CA ILE NF 53 10.46 103.38 -87.03
C ILE NF 53 11.29 103.90 -88.19
N ILE NF 54 12.40 103.23 -88.46
CA ILE NF 54 13.28 103.66 -89.52
C ILE NF 54 12.65 103.55 -90.92
N ASP NF 55 11.76 102.59 -91.14
CA ASP NF 55 11.13 102.45 -92.45
C ASP NF 55 10.18 103.60 -92.69
N ASP NF 56 9.58 104.08 -91.61
CA ASP NF 56 8.63 105.18 -91.68
C ASP NF 56 9.35 106.52 -91.88
N HIS NF 57 10.46 106.71 -91.18
CA HIS NF 57 11.22 107.95 -91.27
C HIS NF 57 12.72 107.69 -91.36
N PRO NF 58 13.21 107.32 -92.56
CA PRO NF 58 14.64 107.03 -92.78
C PRO NF 58 15.58 108.18 -92.40
N GLU NF 59 15.01 109.33 -92.06
CA GLU NF 59 15.83 110.46 -91.70
C GLU NF 59 16.61 110.14 -90.43
N ILE NF 60 16.09 109.20 -89.66
CA ILE NF 60 16.71 108.83 -88.40
C ILE NF 60 18.01 108.04 -88.53
N LYS NF 61 18.19 107.32 -89.62
CA LYS NF 61 19.41 106.56 -89.80
C LYS NF 61 20.64 107.46 -89.65
N ALA NF 62 20.42 108.78 -89.67
CA ALA NF 62 21.49 109.74 -89.58
C ALA NF 62 22.22 109.77 -88.24
N PRO NF 63 21.56 110.21 -87.16
CA PRO NF 63 22.23 110.27 -85.86
C PRO NF 63 22.67 108.91 -85.32
N PHE NF 64 22.05 107.85 -85.83
CA PHE NF 64 22.37 106.50 -85.41
C PHE NF 64 23.57 105.98 -86.19
N SER NF 65 24.34 106.90 -86.77
CA SER NF 65 25.51 106.55 -87.55
C SER NF 65 26.58 105.91 -86.69
N ARG NF 66 26.68 106.35 -85.43
CA ARG NF 66 27.69 105.85 -84.50
C ARG NF 66 27.42 104.39 -84.18
N VAL NF 67 26.15 104.03 -84.08
CA VAL NF 67 25.74 102.68 -83.76
C VAL NF 67 25.15 101.96 -84.98
N ARG NF 68 25.92 101.91 -86.07
CA ARG NF 68 25.50 101.25 -87.31
C ARG NF 68 23.99 101.19 -87.45
N GLY NF 69 23.40 102.35 -87.69
CA GLY NF 69 21.96 102.42 -87.85
C GLY NF 69 21.51 101.95 -89.21
N ASP NF 70 22.45 101.80 -90.14
CA ASP NF 70 22.11 101.33 -91.48
C ASP NF 70 21.68 99.86 -91.42
N ASN NF 71 22.36 99.09 -90.59
CA ASN NF 71 22.09 97.68 -90.41
C ASN NF 71 21.60 97.46 -88.99
N ILE NF 72 20.28 97.55 -88.79
CA ILE NF 72 19.72 97.37 -87.46
C ILE NF 72 19.89 95.98 -86.89
N TYR NF 73 20.19 95.00 -87.75
CA TYR NF 73 20.37 93.63 -87.30
C TYR NF 73 21.77 93.38 -86.74
N SER NF 74 22.66 94.34 -86.97
CA SER NF 74 24.04 94.27 -86.50
C SER NF 74 24.11 94.27 -85.00
N PRO NF 75 25.19 93.72 -84.43
CA PRO NF 75 25.34 93.69 -82.98
C PRO NF 75 25.55 95.10 -82.45
N GLU NF 76 26.29 95.90 -83.19
CA GLU NF 76 26.54 97.26 -82.78
C GLU NF 76 25.21 97.96 -82.48
N PHE NF 77 24.29 97.91 -83.44
CA PHE NF 77 22.98 98.54 -83.28
C PHE NF 77 22.18 97.78 -82.25
N GLY NF 78 22.23 96.46 -82.33
CA GLY NF 78 21.50 95.64 -81.39
C GLY NF 78 21.78 96.09 -79.98
N ALA NF 79 23.06 96.31 -79.69
CA ALA NF 79 23.47 96.76 -78.37
C ALA NF 79 22.68 98.00 -78.07
N HIS NF 80 22.87 99.01 -78.90
CA HIS NF 80 22.17 100.28 -78.75
C HIS NF 80 20.71 100.05 -78.43
N SER NF 81 20.02 99.40 -79.37
CA SER NF 81 18.61 99.06 -79.24
C SER NF 81 18.26 98.71 -77.81
N GLN NF 82 19.02 97.77 -77.26
CA GLN NF 82 18.80 97.32 -75.90
C GLN NF 82 18.98 98.45 -74.89
N ARG NF 83 20.11 99.14 -74.98
CA ARG NF 83 20.40 100.23 -74.06
C ARG NF 83 19.21 101.15 -73.97
N VAL NF 84 18.65 101.45 -75.13
CA VAL NF 84 17.50 102.32 -75.22
C VAL NF 84 16.35 101.75 -74.40
N LEU NF 85 15.82 100.63 -74.87
CA LEU NF 85 14.71 99.99 -74.19
C LEU NF 85 14.96 99.97 -72.70
N SER NF 86 16.17 99.64 -72.30
CA SER NF 86 16.48 99.59 -70.88
C SER NF 86 16.13 100.90 -70.20
N GLY NF 87 16.61 102.00 -70.76
CA GLY NF 87 16.32 103.31 -70.18
C GLY NF 87 14.82 103.51 -70.07
N LEU NF 88 14.11 103.12 -71.12
CA LEU NF 88 12.66 103.23 -71.14
C LEU NF 88 12.12 102.42 -69.96
N ASP NF 89 12.73 101.27 -69.70
CA ASP NF 89 12.30 100.44 -68.59
C ASP NF 89 12.43 101.26 -67.30
N ILE NF 90 13.59 101.85 -67.11
CA ILE NF 90 13.84 102.66 -65.91
C ILE NF 90 12.76 103.69 -65.74
N THR NF 91 12.66 104.61 -66.71
CA THR NF 91 11.66 105.66 -66.65
C THR NF 91 10.33 105.05 -66.22
N ILE NF 92 9.85 104.06 -66.95
CA ILE NF 92 8.58 103.43 -66.62
C ILE NF 92 8.53 102.93 -65.18
N SER NF 93 9.65 102.32 -64.72
CA SER NF 93 9.74 101.79 -63.38
C SER NF 93 9.87 102.91 -62.39
N MET NF 94 10.31 104.09 -62.84
CA MET NF 94 10.51 105.21 -61.95
C MET NF 94 9.18 105.73 -61.55
N LEU NF 95 8.25 105.50 -62.51
CA LEU NF 95 7.27 106.40 -62.99
C LEU NF 95 6.26 106.67 -61.94
N ASP NF 96 5.93 105.58 -61.23
CA ASP NF 96 4.85 105.51 -60.31
C ASP NF 96 5.10 106.42 -59.16
N THR NF 97 6.36 106.42 -58.72
CA THR NF 97 6.73 107.10 -57.54
C THR NF 97 7.46 108.32 -58.02
N PRO NF 98 6.83 109.41 -57.69
CA PRO NF 98 7.16 110.74 -58.20
C PRO NF 98 8.57 111.24 -57.96
N ASP NF 99 9.06 111.08 -56.74
CA ASP NF 99 10.40 111.56 -56.41
C ASP NF 99 11.48 110.97 -57.29
N MET NF 100 11.31 109.70 -57.67
CA MET NF 100 12.29 109.03 -58.52
C MET NF 100 12.13 109.45 -59.97
N LEU NF 101 10.88 109.56 -60.41
CA LEU NF 101 10.59 109.95 -61.77
C LEU NF 101 11.13 111.34 -62.04
N ALA NF 102 10.69 112.31 -61.22
CA ALA NF 102 11.12 113.69 -61.36
C ALA NF 102 12.62 113.77 -61.51
N ALA NF 103 13.32 112.95 -60.73
CA ALA NF 103 14.78 112.89 -60.76
C ALA NF 103 15.29 112.25 -62.04
N GLN NF 104 14.76 111.06 -62.33
CA GLN NF 104 15.13 110.32 -63.53
C GLN NF 104 14.89 111.16 -64.76
N LEU NF 105 13.71 111.76 -64.84
CA LEU NF 105 13.40 112.59 -65.99
C LEU NF 105 14.43 113.71 -66.14
N ALA NF 106 14.67 114.43 -65.06
CA ALA NF 106 15.64 115.51 -65.09
C ALA NF 106 16.98 115.00 -65.61
N HIS NF 107 17.37 113.80 -65.17
CA HIS NF 107 18.62 113.19 -65.58
C HIS NF 107 18.63 112.94 -67.09
N LEU NF 108 17.49 112.51 -67.64
CA LEU NF 108 17.41 112.25 -69.07
C LEU NF 108 17.47 113.53 -69.89
N LYS NF 109 16.81 114.58 -69.38
CA LYS NF 109 16.79 115.87 -70.08
C LYS NF 109 18.20 116.34 -70.38
N VAL NF 110 19.08 116.17 -69.41
CA VAL NF 110 20.46 116.58 -69.57
C VAL NF 110 21.16 115.84 -70.69
N GLN NF 111 21.05 114.52 -70.70
CA GLN NF 111 21.69 113.71 -71.73
C GLN NF 111 21.21 114.07 -73.13
N HIS NF 112 20.16 114.88 -73.21
CA HIS NF 112 19.60 115.29 -74.49
C HIS NF 112 19.84 116.75 -74.85
N VAL NF 113 19.46 117.66 -73.97
CA VAL NF 113 19.61 119.08 -74.21
C VAL NF 113 20.90 119.46 -74.93
N GLU NF 114 22.00 118.78 -74.52
CA GLU NF 114 23.32 119.15 -74.90
C GLU NF 114 23.36 119.07 -76.39
N ARG NF 115 22.64 118.06 -76.93
CA ARG NF 115 22.74 117.57 -78.27
C ARG NF 115 21.47 117.91 -78.98
N ASN NF 116 21.57 117.94 -80.33
CA ASN NF 116 20.46 118.14 -81.20
C ASN NF 116 19.76 116.85 -81.40
N LEU NF 117 18.43 117.00 -81.39
CA LEU NF 117 17.50 115.99 -81.71
C LEU NF 117 16.32 116.76 -82.09
N LYS NF 118 15.49 116.18 -82.96
CA LYS NF 118 14.24 116.73 -83.25
C LYS NF 118 13.26 116.19 -82.28
N PRO NF 119 12.49 117.18 -82.04
CA PRO NF 119 11.32 117.14 -81.24
C PRO NF 119 10.39 116.12 -81.76
N GLU NF 120 10.12 116.17 -83.06
CA GLU NF 120 9.09 115.32 -83.63
C GLU NF 120 9.50 113.85 -83.67
N PHE NF 121 10.81 113.59 -83.64
CA PHE NF 121 11.33 112.22 -83.66
C PHE NF 121 10.72 111.41 -82.55
N PHE NF 122 10.68 112.01 -81.36
CA PHE NF 122 10.13 111.35 -80.20
C PHE NF 122 8.64 111.08 -80.38
N ASP NF 123 7.93 112.04 -80.96
CA ASP NF 123 6.50 111.86 -81.19
C ASP NF 123 6.32 110.64 -82.09
N ILE NF 124 7.34 110.38 -82.91
CA ILE NF 124 7.34 109.24 -83.84
C ILE NF 124 7.61 107.99 -83.04
N PHE NF 125 8.72 108.01 -82.30
CA PHE NF 125 9.10 106.89 -81.46
C PHE NF 125 7.88 106.41 -80.69
N LEU NF 126 7.20 107.33 -80.02
CA LEU NF 126 6.01 107.00 -79.24
C LEU NF 126 4.97 106.33 -80.09
N LYS NF 127 4.69 106.92 -81.24
CA LYS NF 127 3.69 106.36 -82.14
C LYS NF 127 3.92 104.85 -82.30
N HIS NF 128 5.15 104.47 -82.65
CA HIS NF 128 5.46 103.07 -82.85
C HIS NF 128 5.47 102.25 -81.59
N LEU NF 129 6.14 102.73 -80.55
CA LEU NF 129 6.19 101.99 -79.30
C LEU NF 129 4.80 101.53 -78.93
N LEU NF 130 3.79 102.35 -79.20
CA LEU NF 130 2.42 102.00 -78.89
C LEU NF 130 1.91 101.00 -79.89
N HIS NF 131 2.25 101.23 -81.15
CA HIS NF 131 1.84 100.33 -82.22
C HIS NF 131 2.32 98.93 -81.89
N VAL NF 132 3.60 98.81 -81.55
CA VAL NF 132 4.19 97.52 -81.20
C VAL NF 132 3.56 96.89 -79.97
N LEU NF 133 3.51 97.63 -78.85
CA LEU NF 133 2.89 97.10 -77.64
C LEU NF 133 1.47 96.64 -78.00
N GLY NF 134 0.86 97.36 -78.93
CA GLY NF 134 -0.48 96.99 -79.36
C GLY NF 134 -0.51 95.55 -79.82
N ASP NF 135 0.42 95.18 -80.68
CA ASP NF 135 0.52 93.81 -81.19
C ASP NF 135 0.78 92.85 -80.05
N ARG NF 136 1.86 93.11 -79.32
CA ARG NF 136 2.25 92.27 -78.20
C ARG NF 136 1.15 92.02 -77.19
N LEU NF 137 0.52 93.09 -76.71
CA LEU NF 137 -0.51 92.95 -75.70
C LEU NF 137 -1.91 92.60 -76.19
N GLY NF 138 -2.21 92.98 -77.43
CA GLY NF 138 -3.52 92.65 -77.97
C GLY NF 138 -4.57 93.71 -77.68
N THR NF 139 -5.78 93.26 -77.42
CA THR NF 139 -6.87 94.18 -77.17
C THR NF 139 -6.88 94.68 -75.73
N HIS NF 140 -6.18 93.98 -74.85
CA HIS NF 140 -6.12 94.37 -73.45
C HIS NF 140 -5.31 95.65 -73.29
N PHE NF 141 -4.41 95.87 -74.22
CA PHE NF 141 -3.53 97.02 -74.21
C PHE NF 141 -4.25 98.29 -73.82
N ASP NF 142 -3.90 98.86 -72.69
CA ASP NF 142 -4.56 100.10 -72.25
C ASP NF 142 -3.92 101.32 -72.89
N PHE NF 143 -4.26 101.55 -74.14
CA PHE NF 143 -3.77 102.67 -74.91
C PHE NF 143 -3.83 103.94 -74.08
N GLY NF 144 -5.01 104.26 -73.57
CA GLY NF 144 -5.16 105.45 -72.76
C GLY NF 144 -4.05 105.61 -71.77
N ALA NF 145 -3.93 104.65 -70.87
CA ALA NF 145 -2.90 104.67 -69.84
C ALA NF 145 -1.50 104.90 -70.40
N TRP NF 146 -1.15 104.18 -71.46
CA TRP NF 146 0.18 104.37 -72.02
C TRP NF 146 0.38 105.77 -72.59
N HIS NF 147 -0.49 106.17 -73.50
CA HIS NF 147 -0.39 107.49 -74.11
C HIS NF 147 -0.20 108.55 -73.04
N ASP NF 148 -1.11 108.61 -72.09
CA ASP NF 148 -1.02 109.58 -71.01
C ASP NF 148 0.30 109.44 -70.26
N CYS NF 149 0.74 108.21 -70.06
CA CYS NF 149 1.95 107.95 -69.30
C CYS NF 149 3.32 107.99 -69.98
N VAL NF 150 3.46 107.33 -71.12
CA VAL NF 150 4.73 107.37 -71.83
C VAL NF 150 4.98 108.78 -72.34
N ASP NF 151 3.91 109.48 -72.69
CA ASP NF 151 4.01 110.84 -73.20
C ASP NF 151 4.84 111.63 -72.21
N GLN NF 152 4.36 111.69 -70.97
CA GLN NF 152 5.06 112.42 -69.91
C GLN NF 152 6.57 112.11 -69.88
N ILE NF 153 6.95 110.88 -70.24
CA ILE NF 153 8.34 110.49 -70.24
C ILE NF 153 9.08 111.10 -71.41
N ILE NF 154 8.38 111.24 -72.54
CA ILE NF 154 9.00 111.80 -73.73
C ILE NF 154 9.24 113.29 -73.55
N ASP NF 155 8.21 114.04 -73.18
CA ASP NF 155 8.36 115.48 -73.02
C ASP NF 155 9.54 115.83 -72.12
N GLY NF 156 9.71 115.09 -71.01
CA GLY NF 156 10.67 115.51 -70.04
C GLY NF 156 12.04 115.42 -70.64
N ILE NF 157 12.31 114.29 -71.30
CA ILE NF 157 13.63 114.03 -71.81
C ILE NF 157 13.80 115.06 -72.85
N LYS NF 158 12.73 115.20 -73.64
CA LYS NF 158 12.65 115.96 -74.87
C LYS NF 158 13.40 117.29 -74.73
N ARG OF 24 -12.71 -5.62 -25.10
CA ARG OF 24 -11.81 -6.48 -25.87
C ARG OF 24 -10.99 -5.77 -26.86
N PHE OF 25 -10.02 -6.53 -27.34
CA PHE OF 25 -9.10 -6.11 -28.32
C PHE OF 25 -9.79 -5.86 -29.62
N GLN OF 26 -10.74 -6.73 -30.00
CA GLN OF 26 -11.15 -6.66 -31.37
C GLN OF 26 -11.81 -5.34 -31.63
N TYR OF 27 -12.53 -4.88 -30.59
CA TYR OF 27 -13.60 -3.98 -30.24
C TYR OF 27 -13.43 -2.55 -30.68
N LEU OF 28 -12.54 -1.90 -29.92
CA LEU OF 28 -12.40 -0.49 -29.81
C LEU OF 28 -11.75 -0.13 -31.06
N VAL OF 29 -11.10 -1.15 -31.61
CA VAL OF 29 -10.52 -1.01 -32.93
C VAL OF 29 -11.56 -0.79 -34.01
N LYS OF 30 -12.65 -1.55 -33.95
CA LYS OF 30 -13.73 -1.45 -34.93
C LYS OF 30 -14.17 -0.02 -35.14
N ASN OF 31 -13.99 0.83 -34.13
CA ASN OF 31 -14.38 2.22 -34.24
C ASN OF 31 -13.21 3.13 -34.58
N GLN OF 32 -12.02 2.77 -34.13
CA GLN OF 32 -10.83 3.57 -34.42
C GLN OF 32 -10.70 3.67 -35.95
N ASN OF 33 -10.84 2.54 -36.63
CA ASN OF 33 -10.76 2.52 -38.09
C ASN OF 33 -11.88 3.39 -38.66
N LEU OF 34 -12.91 3.61 -37.85
CA LEU OF 34 -14.03 4.43 -38.28
C LEU OF 34 -13.67 5.90 -38.14
N HIS OF 35 -13.07 6.25 -37.00
CA HIS OF 35 -12.67 7.62 -36.77
C HIS OF 35 -11.75 8.02 -37.93
N ILE OF 36 -11.03 7.04 -38.47
CA ILE OF 36 -10.14 7.30 -39.59
C ILE OF 36 -10.91 7.35 -40.89
N ASP OF 37 -11.74 6.32 -41.14
CA ASP OF 37 -12.53 6.30 -42.36
C ASP OF 37 -13.27 7.64 -42.40
N TYR OF 38 -13.38 8.27 -41.22
CA TYR OF 38 -14.04 9.58 -41.08
C TYR OF 38 -13.13 10.64 -41.67
N LEU OF 39 -12.00 10.86 -41.03
CA LEU OF 39 -11.04 11.84 -41.50
C LEU OF 39 -10.87 11.79 -43.01
N ALA OF 40 -10.74 10.59 -43.54
CA ALA OF 40 -10.57 10.41 -44.99
C ALA OF 40 -11.65 11.16 -45.77
N LYS OF 41 -12.89 11.14 -45.26
CA LYS OF 41 -14.00 11.82 -45.91
C LYS OF 41 -13.97 13.34 -45.70
N LYS OF 42 -13.74 13.77 -44.45
CA LYS OF 42 -13.69 15.21 -44.14
C LYS OF 42 -12.57 15.86 -44.94
N LEU OF 43 -11.64 15.03 -45.40
CA LEU OF 43 -10.51 15.51 -46.20
C LEU OF 43 -10.84 15.48 -47.68
N HIS OF 44 -11.49 14.41 -48.13
CA HIS OF 44 -11.86 14.29 -49.52
C HIS OF 44 -12.80 15.43 -49.85
N ASP OF 45 -13.69 15.73 -48.90
CA ASP OF 45 -14.65 16.82 -49.09
C ASP OF 45 -13.91 18.17 -49.08
N ILE OF 46 -12.59 18.11 -48.91
CA ILE OF 46 -11.73 19.29 -48.91
C ILE OF 46 -10.94 19.31 -50.19
N GLU OF 47 -10.22 18.24 -50.44
CA GLU OF 47 -9.43 18.11 -51.65
C GLU OF 47 -10.38 18.33 -52.83
N GLU OF 48 -11.66 18.08 -52.61
CA GLU OF 48 -12.68 18.25 -53.65
C GLU OF 48 -12.95 19.74 -53.81
N GLU OF 49 -13.29 20.39 -52.70
CA GLU OF 49 -13.57 21.82 -52.71
C GLU OF 49 -12.32 22.59 -53.16
N TYR OF 50 -11.21 21.89 -53.25
CA TYR OF 50 -9.96 22.50 -53.68
C TYR OF 50 -9.96 22.61 -55.20
N ASN OF 51 -10.11 21.48 -55.87
CA ASN OF 51 -10.12 21.42 -57.33
C ASN OF 51 -11.12 22.40 -57.95
N LYS OF 52 -12.23 22.67 -57.21
CA LYS OF 52 -13.24 23.54 -57.71
C LYS OF 52 -12.56 24.84 -58.01
N LEU OF 53 -11.65 25.28 -57.09
CA LEU OF 53 -10.91 26.52 -57.19
C LEU OF 53 -9.66 26.30 -57.95
N THR OF 54 -9.47 27.17 -58.95
CA THR OF 54 -8.63 26.97 -60.07
C THR OF 54 -7.21 26.89 -59.64
N HIS OF 55 -6.41 26.61 -60.64
CA HIS OF 55 -5.09 26.13 -60.44
C HIS OF 55 -4.30 27.33 -60.66
N ASP OF 56 -3.14 27.38 -60.01
CA ASP OF 56 -2.56 28.66 -60.03
C ASP OF 56 -2.00 28.81 -61.44
N VAL OF 57 -2.06 30.05 -61.99
CA VAL OF 57 -1.76 30.28 -63.38
C VAL OF 57 -0.31 30.02 -63.58
N ASP OF 58 0.00 29.53 -64.80
CA ASP OF 58 1.27 28.94 -65.12
C ASP OF 58 2.28 30.01 -65.37
N LYS OF 59 3.62 30.96 -62.49
CA LYS OF 59 4.67 31.94 -62.70
C LYS OF 59 4.84 32.22 -64.19
N LYS OF 60 4.56 31.23 -65.02
CA LYS OF 60 4.68 31.37 -66.47
C LYS OF 60 3.74 32.47 -67.02
N THR OF 61 2.77 32.89 -66.20
CA THR OF 61 1.82 33.92 -66.58
C THR OF 61 2.39 35.29 -66.24
N ILE OF 62 2.74 35.46 -64.99
CA ILE OF 62 3.34 36.71 -64.55
C ILE OF 62 4.47 37.04 -65.53
N ARG OF 63 5.29 36.04 -65.83
CA ARG OF 63 6.43 36.22 -66.72
C ARG OF 63 5.98 36.89 -68.02
N GLN OF 64 4.88 36.40 -68.57
CA GLN OF 64 4.35 36.94 -69.83
C GLN OF 64 3.89 38.37 -69.70
N LEU OF 65 3.43 38.75 -68.51
CA LEU OF 65 2.97 40.11 -68.24
C LEU OF 65 4.18 41.00 -68.19
N LYS OF 66 5.10 40.72 -67.26
CA LYS OF 66 6.33 41.49 -67.13
C LYS OF 66 6.92 41.67 -68.53
N ALA OF 67 6.71 40.70 -69.43
CA ALA OF 67 7.22 40.79 -70.78
C ALA OF 67 6.41 41.80 -71.55
N ARG OF 68 5.15 41.45 -71.82
CA ARG OF 68 4.24 42.33 -72.57
C ARG OF 68 4.42 43.78 -72.14
N ILE OF 69 4.50 43.97 -70.83
CA ILE OF 69 4.68 45.30 -70.27
C ILE OF 69 6.03 45.85 -70.65
N SER OF 70 7.08 45.15 -70.26
CA SER OF 70 8.44 45.58 -70.56
C SER OF 70 8.62 45.94 -72.04
N ASN OF 71 7.86 45.32 -72.97
CA ASN OF 71 8.24 45.61 -74.32
C ASN OF 71 7.91 47.02 -74.62
N LEU OF 72 6.85 47.55 -73.99
CA LEU OF 72 6.40 48.81 -74.51
C LEU OF 72 7.51 49.80 -74.25
N GLU OF 73 7.74 54.37 -72.92
CA GLU OF 73 8.86 55.03 -72.28
C GLU OF 73 9.98 55.10 -73.26
N GLU OF 74 10.86 56.10 -73.06
CA GLU OF 74 11.96 56.38 -73.94
C GLU OF 74 13.14 55.58 -73.53
N HIS OF 75 14.14 55.55 -74.42
CA HIS OF 75 15.46 55.24 -74.02
C HIS OF 75 16.27 56.46 -74.29
N HIS OF 76 17.36 56.58 -73.53
CA HIS OF 76 18.14 57.77 -73.53
C HIS OF 76 18.65 57.94 -74.93
N CYS OF 77 19.11 56.86 -75.57
CA CYS OF 77 19.97 57.02 -76.70
C CYS OF 77 19.25 57.60 -77.87
N ASP OF 78 19.96 58.58 -78.46
CA ASP OF 78 19.83 59.10 -79.78
C ASP OF 78 20.27 57.96 -80.67
N GLU OF 79 20.04 58.10 -81.99
CA GLU OF 79 19.85 56.98 -82.85
C GLU OF 79 21.14 56.23 -83.06
N HIS OF 80 21.01 54.91 -83.31
CA HIS OF 80 22.10 53.99 -83.53
C HIS OF 80 23.12 54.17 -82.46
N GLU OF 81 22.64 53.99 -81.21
CA GLU OF 81 23.21 53.54 -79.96
C GLU OF 81 22.15 52.72 -79.24
N SER OF 82 22.59 51.71 -78.49
CA SER OF 82 21.68 50.87 -77.72
C SER OF 82 22.30 50.66 -76.35
N GLU OF 83 21.47 50.46 -75.33
CA GLU OF 83 22.01 50.31 -74.00
C GLU OF 83 22.49 48.93 -73.62
N CYS OF 84 23.50 48.82 -72.71
CA CYS OF 84 23.89 47.49 -72.35
C CYS OF 84 22.84 46.92 -71.46
N ARG OF 85 22.60 45.61 -71.64
CA ARG OF 85 21.44 44.86 -71.21
C ARG OF 85 21.30 45.04 -69.73
N GLY OF 86 22.43 45.04 -69.01
CA GLY OF 86 22.38 44.81 -67.60
C GLY OF 86 22.04 46.07 -66.90
N ASP OF 87 22.45 46.10 -65.61
CA ASP OF 87 22.07 46.97 -64.54
C ASP OF 87 22.43 48.36 -64.92
N VAL OF 88 23.59 48.51 -65.55
CA VAL OF 88 23.95 49.81 -65.97
C VAL OF 88 23.18 50.10 -67.23
N PRO OF 89 22.76 51.33 -67.28
CA PRO OF 89 22.04 51.91 -68.38
C PRO OF 89 22.88 51.93 -69.62
N GLU OF 90 24.19 52.07 -69.44
CA GLU OF 90 25.10 52.81 -70.26
C GLU OF 90 24.90 52.53 -71.72
N CYS OF 91 25.13 53.56 -72.52
CA CYS OF 91 24.86 53.52 -73.96
C CYS OF 91 26.11 53.37 -74.81
N ILE OF 92 26.19 52.37 -75.68
CA ILE OF 92 27.37 52.25 -76.56
C ILE OF 92 26.88 52.21 -77.99
N HIS OF 93 27.75 52.58 -78.93
CA HIS OF 93 27.33 52.61 -80.32
C HIS OF 93 26.99 51.24 -80.88
N ASP OF 94 25.96 51.18 -81.77
CA ASP OF 94 25.31 49.97 -82.17
C ASP OF 94 26.32 49.06 -82.79
N LEU OF 95 27.33 49.63 -83.46
CA LEU OF 95 28.17 49.01 -84.46
C LEU OF 95 29.04 47.94 -83.90
N LEU OF 96 29.57 48.22 -82.69
CA LEU OF 96 30.78 47.67 -82.13
C LEU OF 96 30.58 46.23 -81.88
N PHE OF 97 29.31 45.83 -81.82
CA PHE OF 97 29.01 44.43 -81.79
C PHE OF 97 29.34 43.87 -83.14
N CYS OF 98 30.07 42.73 -83.18
CA CYS OF 98 30.70 42.20 -82.02
C CYS OF 98 32.15 42.58 -82.17
N ASP OF 99 32.90 42.62 -81.06
CA ASP OF 99 34.32 42.47 -81.11
C ASP OF 99 34.57 41.04 -81.44
N GLY OF 100 33.60 40.20 -81.02
CA GLY OF 100 33.80 38.80 -80.78
C GLY OF 100 33.83 38.71 -79.29
N GLU OF 101 34.40 39.78 -78.69
CA GLU OF 101 34.67 39.93 -77.28
C GLU OF 101 33.66 40.89 -76.74
N LYS OF 102 33.59 41.00 -75.40
CA LYS OF 102 32.58 41.84 -74.87
C LYS OF 102 33.01 43.26 -75.12
N ASP OF 103 32.22 43.92 -75.98
CA ASP OF 103 32.47 45.31 -76.20
C ASP OF 103 32.27 45.91 -74.86
N CYS OF 104 31.24 45.41 -74.15
CA CYS OF 104 30.81 46.08 -72.96
C CYS OF 104 31.68 45.74 -71.80
N ARG OF 105 31.69 46.66 -70.81
CA ARG OF 105 32.35 46.44 -69.56
C ARG OF 105 31.63 45.37 -68.82
N ASP OF 106 30.29 45.52 -68.82
CA ASP OF 106 29.24 44.80 -68.12
C ASP OF 106 29.24 43.41 -68.60
N GLY OF 107 29.43 43.24 -69.92
CA GLY OF 107 29.38 41.93 -70.48
C GLY OF 107 27.95 41.52 -70.40
N SER OF 108 27.04 42.46 -70.66
CA SER OF 108 25.67 42.12 -70.49
C SER OF 108 25.35 41.17 -71.58
N ASP OF 109 26.16 41.29 -72.64
CA ASP OF 109 25.93 40.72 -73.93
C ASP OF 109 25.85 39.24 -73.77
N GLU OF 110 26.78 38.71 -72.96
CA GLU OF 110 27.20 37.33 -72.92
C GLU OF 110 26.03 36.53 -72.46
N ASP OF 111 25.13 37.23 -71.76
CA ASP OF 111 23.86 36.76 -71.27
C ASP OF 111 23.04 36.37 -72.45
N PRO OF 112 22.32 35.33 -72.24
CA PRO OF 112 21.46 34.66 -73.21
C PRO OF 112 20.41 35.53 -73.92
N GLU OF 113 19.75 36.42 -73.19
CA GLU OF 113 18.72 37.28 -73.79
C GLU OF 113 19.26 38.08 -74.97
N THR OF 114 20.57 38.07 -75.15
CA THR OF 114 21.20 38.81 -76.22
C THR OF 114 21.69 37.90 -77.32
N CYS OF 115 22.32 36.80 -76.93
CA CYS OF 115 22.85 35.83 -77.86
C CYS OF 115 21.84 34.76 -78.27
N SER OF 116 20.58 34.97 -77.89
CA SER OF 116 19.54 33.97 -77.90
C SER OF 116 19.43 33.42 -79.26
N LEU OF 117 18.98 32.17 -79.26
CA LEU OF 117 18.60 31.35 -80.35
C LEU OF 117 17.35 31.81 -81.01
N ASN OF 118 16.29 32.02 -80.21
CA ASN OF 118 14.96 32.24 -80.74
C ASN OF 118 15.02 33.52 -81.50
N ILE OF 119 15.70 34.52 -80.91
CA ILE OF 119 15.67 35.86 -81.43
C ILE OF 119 16.17 35.79 -82.84
N THR OF 120 17.36 35.17 -83.03
CA THR OF 120 18.11 35.10 -84.24
C THR OF 120 17.34 34.26 -85.19
N HIS OF 121 16.53 33.34 -84.61
CA HIS OF 121 16.07 32.15 -85.22
C HIS OF 121 15.38 32.52 -86.48
N VAL OF 122 15.61 31.68 -87.48
CA VAL OF 122 15.19 31.93 -88.80
C VAL OF 122 13.82 31.36 -88.94
N GLY OF 123 13.02 31.97 -89.84
CA GLY OF 123 11.82 31.33 -90.32
C GLY OF 123 10.72 31.69 -89.39
N SER OF 124 10.95 32.77 -88.63
CA SER OF 124 9.92 33.56 -88.01
C SER OF 124 9.27 34.35 -89.11
N SER OF 125 7.90 34.36 -89.09
CA SER OF 125 6.91 34.96 -89.95
C SER OF 125 5.98 35.92 -89.21
N TYR OF 126 5.81 37.11 -89.76
CA TYR OF 126 4.95 38.11 -89.17
C TYR OF 126 3.88 38.50 -90.18
N THR OF 127 2.63 38.59 -89.71
CA THR OF 127 1.52 38.98 -90.58
C THR OF 127 0.54 39.93 -89.92
N GLY OF 128 -0.18 40.64 -90.77
CA GLY OF 128 -1.18 41.58 -90.29
C GLY OF 128 -2.07 41.90 -91.46
N LEU OF 129 -2.94 42.89 -91.30
CA LEU OF 129 -3.81 43.24 -92.41
C LEU OF 129 -3.29 44.51 -93.05
N ALA OF 130 -2.76 44.34 -94.26
CA ALA OF 130 -2.21 45.45 -95.00
C ALA OF 130 -3.31 46.28 -95.61
N THR OF 131 -3.29 47.57 -95.33
CA THR OF 131 -4.27 48.51 -95.86
C THR OF 131 -3.44 49.49 -96.67
N TRP OF 132 -3.52 49.39 -97.99
CA TRP OF 132 -2.72 50.23 -98.88
C TRP OF 132 -3.18 51.66 -99.02
N THR OF 133 -2.27 52.59 -98.70
CA THR OF 133 -2.65 53.94 -98.91
C THR OF 133 -2.72 53.93 -100.38
N SER OF 134 -1.60 53.46 -100.94
CA SER OF 134 -1.37 53.54 -102.35
C SER OF 134 -2.15 52.56 -103.19
N CYS OF 135 -1.62 51.33 -103.29
CA CYS OF 135 -1.96 50.52 -104.42
C CYS OF 135 -3.38 50.06 -104.34
N GLU OF 136 -3.81 49.56 -103.17
CA GLU OF 136 -4.78 48.53 -103.18
C GLU OF 136 -6.15 49.12 -103.24
N ASP OF 137 -6.72 49.04 -104.45
CA ASP OF 137 -8.04 49.48 -104.72
C ASP OF 137 -8.83 48.68 -103.79
N LEU OF 138 -8.50 47.39 -103.73
CA LEU OF 138 -9.37 46.54 -102.99
C LEU OF 138 -9.09 46.64 -101.54
N ASN OF 139 -9.90 45.85 -100.82
CA ASN OF 139 -10.14 45.77 -99.43
C ASN OF 139 -8.97 45.10 -98.81
N PRO OF 140 -8.49 45.75 -97.79
CA PRO OF 140 -7.17 45.58 -97.28
C PRO OF 140 -6.97 44.17 -97.01
N ASP OF 141 -5.80 43.73 -97.41
CA ASP OF 141 -5.54 42.31 -97.62
C ASP OF 141 -4.47 41.87 -96.64
N HIS OF 142 -4.24 40.56 -96.57
CA HIS OF 142 -3.27 40.03 -95.64
C HIS OF 142 -1.84 40.09 -96.14
N ALA OF 143 -0.97 40.66 -95.31
CA ALA OF 143 0.44 40.77 -95.64
C ALA OF 143 1.23 39.80 -94.75
N ILE OF 144 2.25 39.17 -95.33
CA ILE OF 144 3.05 38.21 -94.59
C ILE OF 144 4.52 38.27 -94.91
N VAL OF 145 5.30 38.82 -93.99
CA VAL OF 145 6.73 38.90 -94.20
C VAL OF 145 7.31 37.81 -93.36
N THR OF 146 7.93 36.83 -94.02
CA THR OF 146 8.53 35.69 -93.34
C THR OF 146 10.01 35.49 -93.71
N ILE OF 147 10.86 35.19 -92.70
CA ILE OF 147 12.31 35.04 -92.86
C ILE OF 147 12.73 33.70 -93.47
N THR OF 148 13.46 33.75 -94.59
CA THR OF 148 13.88 32.52 -95.30
C THR OF 148 15.26 31.99 -95.02
N ALA OF 149 16.14 32.84 -94.54
CA ALA OF 149 17.48 32.40 -94.21
C ALA OF 149 18.19 33.59 -93.59
N ALA OF 150 19.12 33.33 -92.67
CA ALA OF 150 19.82 34.44 -92.04
C ALA OF 150 21.09 34.04 -91.33
N HIS OF 151 22.18 34.78 -91.65
CA HIS OF 151 23.50 34.28 -91.43
C HIS OF 151 23.84 34.25 -89.97
N ARG OF 152 24.27 33.06 -89.56
CA ARG OF 152 24.94 33.01 -88.33
C ARG OF 152 26.31 32.59 -88.63
N LYS OF 153 27.17 32.88 -87.65
CA LYS OF 153 28.20 31.96 -87.45
C LYS OF 153 27.93 31.39 -86.13
N SER OF 154 29.04 31.03 -85.53
CA SER OF 154 29.03 30.36 -84.28
C SER OF 154 28.65 31.32 -83.19
N PHE OF 155 29.47 32.39 -83.05
CA PHE OF 155 29.63 32.95 -81.74
C PHE OF 155 28.54 33.84 -81.40
N PHE OF 156 27.85 34.22 -82.47
CA PHE OF 156 27.72 35.56 -82.90
C PHE OF 156 26.60 36.08 -82.05
N PRO OF 157 26.77 37.04 -81.20
CA PRO OF 157 25.71 37.32 -80.30
C PRO OF 157 24.54 37.85 -81.08
N ASN OF 158 24.78 38.34 -82.32
CA ASN OF 158 24.21 39.59 -82.82
C ASN OF 158 23.15 39.35 -83.85
N ARG OF 159 23.01 40.38 -84.73
CA ARG OF 159 21.95 40.48 -85.69
C ARG OF 159 22.39 39.91 -86.96
N VAL OF 160 21.40 39.22 -87.52
CA VAL OF 160 21.44 38.46 -88.70
C VAL OF 160 21.21 39.44 -89.76
N TRP OF 161 21.64 38.97 -90.94
CA TRP OF 161 21.69 39.66 -92.16
C TRP OF 161 21.14 38.55 -92.93
N LEU OF 162 20.02 38.82 -93.56
CA LEU OF 162 19.03 37.79 -93.80
C LEU OF 162 18.27 37.93 -95.09
N ARG OF 163 17.44 36.92 -95.35
CA ARG OF 163 16.61 36.89 -96.53
C ARG OF 163 15.23 36.42 -96.11
N ALA OF 164 14.22 37.01 -96.73
CA ALA OF 164 12.83 36.70 -96.42
C ALA OF 164 11.96 36.83 -97.66
N THR OF 165 10.65 36.69 -97.44
CA THR OF 165 9.66 36.77 -98.50
C THR OF 165 8.49 37.63 -98.04
N LEU OF 166 7.99 38.49 -98.91
CA LEU OF 166 6.82 39.31 -98.57
C LEU OF 166 5.67 38.83 -99.46
N SER OF 167 4.59 38.36 -98.86
CA SER OF 167 3.45 37.89 -99.64
C SER OF 167 2.19 38.61 -99.21
N TYR OF 168 1.39 39.05 -100.18
CA TYR OF 168 0.13 39.71 -99.86
C TYR OF 168 -0.91 39.28 -100.87
N GLU OF 169 -2.11 38.95 -100.39
CA GLU OF 169 -3.21 38.48 -101.23
C GLU OF 169 -3.59 39.49 -102.31
N LEU OF 170 -3.88 38.97 -103.51
CA LEU OF 170 -4.49 39.78 -104.52
C LEU OF 170 -5.89 40.03 -104.12
N ASP OF 171 -6.63 38.93 -104.13
CA ASP OF 171 -7.91 39.00 -103.57
C ASP OF 171 -8.20 37.78 -102.83
N GLU OF 172 -9.34 37.91 -102.14
CA GLU OF 172 -10.23 36.89 -101.70
C GLU OF 172 -10.76 36.21 -102.90
N HIS OF 173 -11.17 37.01 -103.90
CA HIS OF 173 -11.84 36.39 -105.00
C HIS OF 173 -10.84 35.50 -105.67
N ASP OF 174 -9.78 36.17 -106.13
CA ASP OF 174 -8.91 35.69 -107.15
C ASP OF 174 -8.41 34.39 -106.63
N HIS OF 175 -8.16 34.41 -105.30
CA HIS OF 175 -7.38 33.48 -104.53
C HIS OF 175 -5.98 33.49 -105.05
N THR OF 176 -5.46 34.68 -105.36
CA THR OF 176 -4.10 34.67 -105.78
C THR OF 176 -3.28 35.45 -104.85
N VAL OF 177 -1.93 35.46 -105.10
CA VAL OF 177 -1.12 36.15 -104.11
C VAL OF 177 0.32 36.44 -104.60
N SER OF 178 0.78 37.66 -104.38
CA SER OF 178 2.09 38.09 -104.80
C SER OF 178 3.14 37.68 -103.80
N THR OF 179 4.26 37.17 -104.30
CA THR OF 179 5.34 36.74 -103.44
C THR OF 179 6.68 37.21 -103.96
N THR OF 180 7.19 38.29 -103.37
CA THR OF 180 8.47 38.86 -103.77
C THR OF 180 9.55 38.38 -102.78
N GLN OF 181 10.74 38.06 -103.29
CA GLN OF 181 11.83 37.64 -102.41
C GLN OF 181 12.59 38.88 -101.93
N LEU OF 182 13.08 38.85 -100.70
CA LEU OF 182 13.77 40.02 -100.17
C LEU OF 182 15.13 39.70 -99.60
N ARG OF 183 15.93 40.75 -99.39
CA ARG OF 183 17.25 40.66 -98.80
C ARG OF 183 17.29 41.80 -97.78
N GLY OF 184 18.21 41.72 -96.82
CA GLY OF 184 18.29 42.78 -95.83
C GLY OF 184 18.88 42.32 -94.52
N PHE OF 185 18.70 43.12 -93.48
CA PHE OF 185 19.23 42.77 -92.17
C PHE OF 185 18.28 43.16 -91.08
N TYR OF 186 18.71 42.97 -89.84
CA TYR OF 186 17.90 43.34 -88.71
C TYR OF 186 18.78 44.18 -87.80
N ASN OF 187 18.31 45.39 -87.48
CA ASN OF 187 19.05 46.30 -86.64
C ASN OF 187 18.68 46.14 -85.17
N PHE OF 188 19.71 45.76 -84.40
CA PHE OF 188 19.64 45.46 -83.01
C PHE OF 188 19.17 46.64 -82.28
N GLY OF 189 19.84 47.75 -82.60
CA GLY OF 189 19.64 49.01 -81.98
C GLY OF 189 18.30 49.53 -82.34
N LYS OF 190 17.93 49.37 -83.62
CA LYS OF 190 16.74 49.93 -84.17
C LYS OF 190 15.52 49.17 -83.76
N ARG OF 191 15.72 47.86 -83.48
CA ARG OF 191 14.75 46.83 -83.28
C ARG OF 191 14.03 46.63 -84.57
N GLU OF 192 14.59 47.12 -85.63
CA GLU OF 192 13.86 47.19 -86.90
C GLU OF 192 14.35 46.23 -87.97
N LEU OF 193 13.38 45.62 -88.63
CA LEU OF 193 13.65 44.67 -89.68
C LEU OF 193 13.58 45.48 -90.99
N LEU OF 194 14.64 45.46 -91.78
CA LEU OF 194 14.64 46.22 -93.04
C LEU OF 194 14.91 45.34 -94.25
N LEU OF 195 13.88 45.06 -95.04
CA LEU OF 195 14.03 44.19 -96.20
C LEU OF 195 13.68 44.88 -97.51
N ALA OF 196 14.37 44.50 -98.57
CA ALA OF 196 14.14 45.07 -99.90
C ALA OF 196 14.15 43.94 -100.91
N PRO OF 197 13.61 44.17 -102.11
CA PRO OF 197 13.59 43.13 -103.15
C PRO OF 197 14.99 42.80 -103.61
N LEU OF 198 15.18 41.45 -103.83
CA LEU OF 198 16.49 40.91 -103.86
C LEU OF 198 17.14 41.55 -105.01
N LYS OF 199 16.40 41.56 -106.13
CA LYS OF 199 16.92 42.17 -107.28
C LYS OF 199 16.16 41.68 -108.45
N GLY OF 200 16.28 42.46 -109.54
CA GLY OF 200 16.51 41.94 -110.86
C GLY OF 200 15.19 41.91 -111.48
N GLN OF 201 14.21 42.16 -110.58
CA GLN OF 201 12.83 42.48 -110.78
C GLN OF 201 12.70 43.87 -111.37
N SER OF 202 13.50 44.79 -110.79
CA SER OF 202 13.71 46.21 -110.85
C SER OF 202 12.57 46.94 -110.24
N GLU OF 203 11.37 46.37 -110.34
CA GLU OF 203 10.46 46.85 -109.37
C GLU OF 203 10.30 45.70 -108.47
N GLY OF 204 10.72 45.89 -107.22
CA GLY OF 204 10.41 44.90 -106.26
C GLY OF 204 9.94 45.73 -105.15
N TYR OF 205 9.33 45.14 -104.12
CA TYR OF 205 8.88 45.95 -103.05
C TYR OF 205 9.53 45.44 -101.84
N GLY OF 206 9.63 46.33 -100.83
CA GLY OF 206 10.33 46.10 -99.60
C GLY OF 206 9.45 46.52 -98.46
N VAL OF 207 10.01 46.35 -97.25
CA VAL OF 207 9.19 46.34 -96.04
C VAL OF 207 10.03 46.70 -94.83
N ILE OF 208 9.45 47.50 -93.94
CA ILE OF 208 10.12 47.91 -92.73
C ILE OF 208 9.24 47.50 -91.56
N CYS OF 209 9.79 46.78 -90.58
CA CYS OF 209 9.00 46.37 -89.44
C CYS OF 209 9.69 46.77 -88.18
N ASP OF 210 9.00 47.53 -87.33
CA ASP OF 210 9.59 47.94 -86.06
C ASP OF 210 9.04 47.02 -84.98
N PHE OF 211 9.99 46.57 -84.20
CA PHE OF 211 9.83 45.78 -83.06
C PHE OF 211 8.94 46.53 -82.09
N ASN OF 212 9.27 47.81 -81.79
CA ASN OF 212 9.43 48.13 -80.40
C ASN OF 212 8.13 48.46 -79.77
N LEU OF 213 7.33 47.41 -79.57
CA LEU OF 213 6.56 47.26 -78.41
C LEU OF 213 7.54 47.01 -77.32
N GLY OF 214 8.65 46.31 -77.65
CA GLY OF 214 9.42 45.60 -76.68
C GLY OF 214 9.02 44.16 -76.86
N ASP OF 215 7.89 43.94 -77.54
CA ASP OF 215 7.58 42.56 -77.65
C ASP OF 215 8.39 42.00 -78.77
N ASP OF 216 8.40 40.65 -78.81
CA ASP OF 216 8.89 39.81 -79.87
C ASP OF 216 8.01 39.88 -81.05
N ASP OF 217 6.79 39.45 -80.72
CA ASP OF 217 5.84 38.87 -81.60
C ASP OF 217 5.39 39.97 -82.45
N HIS OF 218 5.27 41.12 -81.80
CA HIS OF 218 4.42 42.14 -82.42
C HIS OF 218 5.29 43.20 -83.08
N ALA OF 219 4.85 43.69 -84.23
CA ALA OF 219 5.61 44.70 -84.95
C ALA OF 219 4.71 45.63 -85.77
N ASP OF 220 5.25 46.80 -86.07
CA ASP OF 220 4.54 47.83 -86.83
C ASP OF 220 5.14 47.87 -88.22
N CYS OF 221 4.74 46.93 -89.07
CA CYS OF 221 5.28 46.88 -90.41
C CYS OF 221 4.66 47.81 -91.43
N LYS OF 222 5.45 48.23 -92.42
CA LYS OF 222 4.97 49.09 -93.49
C LYS OF 222 5.64 48.72 -94.80
N ILE OF 223 4.83 48.35 -95.79
CA ILE OF 223 5.33 47.97 -97.10
C ILE OF 223 5.77 49.25 -97.81
N VAL OF 224 7.05 49.31 -98.13
CA VAL OF 224 7.60 50.50 -98.79
C VAL OF 224 8.05 50.26 -100.19
N VAL OF 225 8.48 51.33 -100.83
CA VAL OF 225 9.00 51.24 -102.16
C VAL OF 225 10.50 51.31 -101.91
N PRO OF 226 11.24 50.30 -102.38
CA PRO OF 226 12.65 50.10 -102.13
C PRO OF 226 13.53 51.22 -102.57
N SER OF 227 13.05 51.99 -103.56
CA SER OF 227 13.60 53.27 -103.81
C SER OF 227 13.54 54.00 -102.51
N SER OF 228 12.57 54.92 -102.50
CA SER OF 228 12.72 56.09 -101.71
C SER OF 228 12.51 55.75 -100.27
N LEU OF 229 12.08 54.49 -100.03
CA LEU OF 229 11.61 53.93 -98.78
C LEU OF 229 10.29 54.53 -98.36
N PHE OF 230 9.45 54.97 -99.32
CA PHE OF 230 8.20 55.64 -99.19
C PHE OF 230 7.12 54.59 -98.94
N VAL OF 231 6.32 54.83 -97.90
CA VAL OF 231 5.22 53.94 -97.47
C VAL OF 231 4.09 53.64 -98.46
N CYS OF 232 4.15 52.49 -99.11
CA CYS OF 232 3.11 52.12 -100.06
C CYS OF 232 1.86 51.67 -99.34
N ALA OF 233 2.05 51.06 -98.17
CA ALA OF 233 0.93 50.55 -97.38
C ALA OF 233 1.43 50.23 -95.96
N HIS OF 234 0.51 50.14 -95.01
CA HIS OF 234 0.86 49.87 -93.63
C HIS OF 234 0.04 48.71 -93.05
N PHE OF 235 0.68 47.88 -92.22
CA PHE OF 235 -0.03 46.77 -91.58
C PHE OF 235 0.64 46.42 -90.25
N ASN OF 236 -0.16 46.41 -89.18
CA ASN OF 236 0.32 46.12 -87.83
C ASN OF 236 0.38 44.62 -87.76
N ALA OF 237 1.57 44.06 -87.55
CA ALA OF 237 1.71 42.62 -87.55
C ALA OF 237 1.95 41.89 -86.24
N GLN OF 238 1.63 40.59 -86.29
CA GLN OF 238 1.81 39.67 -85.17
C GLN OF 238 2.56 38.49 -85.75
N ARG OF 239 3.13 37.70 -84.86
CA ARG OF 239 3.94 36.58 -85.27
C ARG OF 239 3.31 35.24 -85.16
N TYR OF 240 3.45 34.39 -86.19
CA TYR OF 240 2.44 34.39 -87.26
C TYR OF 240 1.29 35.05 -86.59
N LEU PF 47 -0.52 -3.98 -27.53
CA LEU PF 47 -1.81 -4.11 -26.81
C LEU PF 47 -2.32 -2.76 -26.45
N ASP PF 48 -2.51 -2.53 -25.13
CA ASP PF 48 -3.08 -1.25 -24.70
C ASP PF 48 -2.23 0.01 -24.93
N PRO PF 49 -0.89 -0.11 -24.86
CA PRO PF 49 -0.03 1.06 -25.07
C PRO PF 49 0.13 1.53 -26.53
N ARG PF 50 0.63 0.65 -27.40
CA ARG PF 50 0.84 1.00 -28.80
C ARG PF 50 -0.47 1.38 -29.51
N LEU PF 51 -1.60 0.93 -28.98
CA LEU PF 51 -2.91 1.23 -29.56
C LEU PF 51 -3.57 2.44 -28.90
N GLY PF 52 -3.39 2.56 -27.57
CA GLY PF 52 -3.97 3.67 -26.85
C GLY PF 52 -3.17 4.95 -27.07
N ALA PF 53 -1.95 4.79 -27.58
CA ALA PF 53 -1.07 5.92 -27.87
C ALA PF 53 -1.20 6.30 -29.34
N ASN PF 54 -1.49 5.31 -30.18
CA ASN PF 54 -1.67 5.54 -31.60
C ASN PF 54 -2.84 6.50 -31.79
N ALA PF 55 -3.47 6.85 -30.68
CA ALA PF 55 -4.60 7.77 -30.67
C ALA PF 55 -4.08 9.21 -30.55
N PHE PF 56 -3.18 9.44 -29.60
CA PHE PF 56 -2.60 10.78 -29.41
C PHE PF 56 -2.00 11.20 -30.73
N LEU PF 57 -1.86 10.23 -31.64
CA LEU PF 57 -1.31 10.45 -32.97
C LEU PF 57 -2.45 10.88 -33.89
N ILE PF 58 -3.61 10.26 -33.70
CA ILE PF 58 -4.78 10.59 -34.52
C ILE PF 58 -5.41 11.89 -34.08
N ILE PF 59 -5.49 12.11 -32.78
CA ILE PF 59 -6.07 13.34 -32.27
C ILE PF 59 -5.36 14.51 -32.94
N ARG PF 60 -4.08 14.34 -33.22
CA ARG PF 60 -3.29 15.38 -33.86
C ARG PF 60 -3.93 15.70 -35.21
N LEU PF 61 -4.05 14.68 -36.06
CA LEU PF 61 -4.64 14.88 -37.37
C LEU PF 61 -5.98 15.59 -37.31
N ASP PF 62 -6.67 15.46 -36.17
CA ASP PF 62 -7.96 16.10 -36.00
C ASP PF 62 -7.81 17.62 -35.93
N ARG PF 63 -6.84 18.09 -35.15
CA ARG PF 63 -6.60 19.52 -35.03
C ARG PF 63 -6.04 19.99 -36.37
N ILE PF 64 -5.14 19.19 -36.94
CA ILE PF 64 -4.52 19.52 -38.22
C ILE PF 64 -5.54 19.72 -39.31
N ILE PF 65 -6.33 18.67 -39.55
CA ILE PF 65 -7.35 18.72 -40.57
C ILE PF 65 -8.23 19.95 -40.37
N GLU PF 66 -8.49 20.31 -39.12
CA GLU PF 66 -9.34 21.48 -38.81
C GLU PF 66 -8.64 22.76 -39.21
N LYS PF 67 -7.42 22.96 -38.72
CA LYS PF 67 -6.64 24.16 -39.02
C LYS PF 67 -6.53 24.26 -40.54
N LEU PF 68 -6.43 23.10 -41.17
CA LEU PF 68 -6.31 23.01 -42.63
C LEU PF 68 -7.55 23.59 -43.30
N ARG PF 69 -8.70 23.51 -42.64
CA ARG PF 69 -9.94 24.06 -43.17
C ARG PF 69 -9.81 25.57 -43.26
N THR PF 70 -9.24 26.16 -42.21
CA THR PF 70 -9.04 27.60 -42.15
C THR PF 70 -8.15 28.07 -43.30
N LYS PF 71 -7.12 27.29 -43.61
CA LYS PF 71 -6.23 27.64 -44.71
C LYS PF 71 -6.93 27.60 -46.04
N LEU PF 72 -7.79 26.62 -46.23
CA LEU PF 72 -8.52 26.51 -47.50
C LEU PF 72 -9.46 27.69 -47.63
N ASP PF 73 -9.76 28.35 -46.51
CA ASP PF 73 -10.64 29.51 -46.52
C ASP PF 73 -9.83 30.74 -46.90
N GLU PF 74 -8.59 30.79 -46.39
CA GLU PF 74 -7.69 31.90 -46.69
C GLU PF 74 -7.29 31.83 -48.15
N ALA PF 75 -7.13 30.61 -48.65
CA ALA PF 75 -6.72 30.36 -50.02
C ALA PF 75 -7.74 30.82 -51.07
N GLU PF 76 -9.02 30.72 -50.72
CA GLU PF 76 -10.08 31.12 -51.66
C GLU PF 76 -10.11 32.64 -51.86
N LYS PF 77 -9.56 33.37 -50.89
CA LYS PF 77 -9.51 34.84 -50.94
C LYS PF 77 -8.39 35.36 -51.84
N ILE PF 78 -7.30 34.64 -51.93
CA ILE PF 78 -6.37 35.15 -52.87
C ILE PF 78 -6.38 34.22 -54.04
N ASP PF 79 -7.14 34.56 -55.10
CA ASP PF 79 -6.89 33.78 -56.29
C ASP PF 79 -5.87 34.51 -57.02
N PRO PF 80 -4.81 33.85 -57.14
CA PRO PF 80 -3.83 34.18 -58.17
C PRO PF 80 -4.44 34.41 -59.55
N GLU PF 81 -5.07 33.40 -60.12
CA GLU PF 81 -5.68 33.54 -61.45
C GLU PF 81 -6.55 34.78 -61.53
N HIS PF 82 -6.95 35.30 -60.38
CA HIS PF 82 -7.77 36.51 -60.31
C HIS PF 82 -6.86 37.72 -60.32
N PHE PF 83 -5.93 37.76 -59.38
CA PHE PF 83 -4.98 38.85 -59.28
C PHE PF 83 -4.32 39.11 -60.62
N VAL PF 84 -3.77 38.05 -61.23
CA VAL PF 84 -3.11 38.19 -62.52
C VAL PF 84 -4.03 38.92 -63.49
N SER PF 85 -5.31 38.52 -63.50
CA SER PF 85 -6.28 39.14 -64.37
C SER PF 85 -6.40 40.64 -64.08
N GLU PF 86 -6.28 41.01 -62.81
CA GLU PF 86 -6.37 42.41 -62.44
C GLU PF 86 -5.22 43.17 -63.08
N ILE PF 87 -4.04 42.59 -63.05
CA ILE PF 87 -2.91 43.24 -63.66
C ILE PF 87 -3.09 43.29 -65.15
N ASP PF 88 -3.47 42.19 -65.78
CA ASP PF 88 -3.68 42.21 -67.22
C ASP PF 88 -4.54 43.41 -67.57
N ALA PF 89 -5.76 43.42 -67.05
CA ALA PF 89 -6.67 44.51 -67.33
C ALA PF 89 -6.04 45.85 -66.94
N ARG PF 90 -5.41 45.89 -65.79
CA ARG PF 90 -4.77 47.11 -65.30
C ARG PF 90 -3.81 47.67 -66.34
N VAL PF 91 -3.04 46.78 -66.95
CA VAL PF 91 -2.06 47.14 -67.92
C VAL PF 91 -2.67 47.40 -69.26
N THR PF 92 -3.57 46.54 -69.69
CA THR PF 92 -4.21 46.73 -70.98
C THR PF 92 -4.80 48.14 -71.02
N LYS PF 93 -5.22 48.61 -69.85
CA LYS PF 93 -5.80 49.95 -69.70
C LYS PF 93 -4.77 51.02 -70.05
N ILE PF 94 -3.50 50.73 -69.80
CA ILE PF 94 -2.44 51.67 -70.10
C ILE PF 94 -2.05 51.56 -71.55
N GLU PF 95 -1.91 50.32 -72.01
CA GLU PF 95 -1.56 50.03 -73.39
C GLU PF 95 -2.68 50.59 -74.26
N GLY PF 96 -4.55 54.11 -76.84
CA GLY PF 96 -5.58 54.90 -77.51
C GLY PF 96 -6.11 54.11 -78.68
N THR PF 97 -7.08 54.70 -79.39
CA THR PF 97 -7.53 53.95 -80.50
C THR PF 97 -6.77 54.34 -81.73
N HIS PF 98 -6.39 53.31 -82.50
CA HIS PF 98 -5.93 53.47 -83.83
C HIS PF 98 -7.12 53.88 -84.60
N CYS PF 99 -8.26 53.28 -84.24
CA CYS PF 99 -9.43 53.38 -85.08
C CYS PF 99 -10.07 54.69 -84.84
N GLU PF 100 -11.13 54.90 -85.63
CA GLU PF 100 -11.85 56.13 -85.55
C GLU PF 100 -13.00 55.90 -84.68
N LYS PF 101 -13.51 57.01 -84.12
CA LYS PF 101 -14.41 56.76 -83.06
C LYS PF 101 -15.68 56.25 -83.60
N ARG PF 102 -16.34 55.40 -82.77
CA ARG PF 102 -17.55 54.75 -83.12
C ARG PF 102 -17.26 53.91 -84.29
N THR PF 103 -16.10 53.29 -84.25
CA THR PF 103 -15.69 52.18 -85.10
C THR PF 103 -15.23 51.01 -84.24
N PHE PF 104 -15.37 49.81 -84.79
CA PHE PF 104 -15.01 48.58 -84.08
C PHE PF 104 -13.75 47.92 -84.59
N GLN PF 105 -12.80 47.71 -83.69
CA GLN PF 105 -11.52 47.09 -84.03
C GLN PF 105 -11.62 45.60 -84.01
N CYS PF 106 -11.22 44.92 -85.11
CA CYS PF 106 -11.33 43.50 -85.18
C CYS PF 106 -10.23 42.89 -84.39
N GLY PF 107 -10.16 41.56 -84.49
CA GLY PF 107 -9.34 40.77 -83.62
C GLY PF 107 -7.97 40.68 -84.22
N GLY PF 108 -7.22 39.65 -83.79
CA GLY PF 108 -5.81 39.59 -84.00
C GLY PF 108 -5.52 39.44 -85.46
N ASN PF 109 -6.35 38.62 -86.12
CA ASN PF 109 -6.04 38.07 -87.42
C ASN PF 109 -5.82 39.14 -88.43
N GLU PF 110 -6.85 39.95 -88.65
CA GLU PF 110 -6.57 41.05 -89.49
C GLU PF 110 -6.54 42.17 -88.53
N GLN PF 111 -6.75 43.34 -89.09
CA GLN PF 111 -6.76 44.54 -88.37
C GLN PF 111 -7.59 45.41 -89.23
N GLU PF 112 -8.85 45.60 -88.85
CA GLU PF 112 -9.70 46.35 -89.71
C GLU PF 112 -10.61 47.09 -88.81
N CYS PF 113 -11.11 48.25 -89.29
CA CYS PF 113 -12.22 49.01 -88.69
C CYS PF 113 -13.64 48.80 -89.25
N ILE PF 114 -14.63 48.68 -88.35
CA ILE PF 114 -16.02 48.49 -88.75
C ILE PF 114 -16.94 49.46 -88.05
N SER PF 115 -17.92 50.01 -88.77
CA SER PF 115 -18.83 50.96 -88.15
C SER PF 115 -19.70 50.26 -87.15
N ASP PF 116 -19.90 50.92 -85.96
CA ASP PF 116 -20.41 50.26 -84.80
C ASP PF 116 -21.73 49.62 -85.04
N LEU PF 117 -22.70 50.38 -85.58
CA LEU PF 117 -24.04 49.88 -85.63
C LEU PF 117 -24.02 48.69 -86.54
N LEU PF 118 -23.23 48.83 -87.61
CA LEU PF 118 -23.24 47.80 -88.59
C LEU PF 118 -22.65 46.55 -88.01
N VAL PF 119 -21.58 46.70 -87.20
CA VAL PF 119 -20.80 45.59 -86.69
C VAL PF 119 -21.57 44.79 -85.68
N CYS PF 120 -22.40 45.45 -84.85
CA CYS PF 120 -23.23 44.70 -83.94
C CYS PF 120 -24.55 44.55 -84.61
N ASP PF 121 -24.55 43.74 -85.67
CA ASP PF 121 -25.79 43.51 -86.35
C ASP PF 121 -26.62 42.74 -85.38
N GLY PF 122 -25.95 41.82 -84.67
CA GLY PF 122 -26.61 40.82 -83.87
C GLY PF 122 -26.40 39.53 -84.59
N HIS PF 123 -26.23 39.66 -85.93
CA HIS PF 123 -25.71 38.68 -86.86
C HIS PF 123 -24.27 39.07 -87.05
N LYS PF 124 -23.43 38.17 -87.63
CA LYS PF 124 -22.01 38.46 -87.67
C LYS PF 124 -21.75 39.61 -88.57
N ASP PF 125 -21.07 40.62 -88.02
CA ASP PF 125 -20.57 41.71 -88.82
C ASP PF 125 -19.60 41.11 -89.82
N CYS PF 126 -18.61 40.36 -89.29
CA CYS PF 126 -17.54 39.98 -90.13
C CYS PF 126 -17.47 38.51 -90.18
N HIS PF 127 -16.54 38.11 -91.04
CA HIS PF 127 -16.27 36.75 -91.32
C HIS PF 127 -15.98 36.12 -90.00
N ASN PF 128 -14.99 36.65 -89.26
CA ASN PF 128 -14.20 35.85 -88.35
C ASN PF 128 -15.09 35.09 -87.42
N ALA PF 129 -15.96 35.72 -86.58
CA ALA PF 129 -16.12 37.13 -86.37
C ALA PF 129 -15.65 37.34 -84.98
N HIS PF 130 -15.22 38.57 -84.68
CA HIS PF 130 -14.69 38.90 -83.39
C HIS PF 130 -15.77 38.67 -82.39
N ASP PF 131 -16.97 39.19 -82.73
CA ASP PF 131 -18.17 39.33 -81.93
C ASP PF 131 -18.67 37.97 -81.53
N GLU PF 132 -18.64 37.03 -82.49
CA GLU PF 132 -19.30 35.75 -82.45
C GLU PF 132 -18.74 34.93 -81.32
N ASP PF 133 -17.43 35.13 -81.04
CA ASP PF 133 -16.71 34.42 -80.02
C ASP PF 133 -17.31 34.76 -78.67
N PRO PF 134 -17.46 33.72 -77.88
CA PRO PF 134 -18.42 33.66 -76.82
C PRO PF 134 -18.09 34.52 -75.65
N ASP PF 135 -16.78 34.85 -75.53
CA ASP PF 135 -16.10 35.50 -74.45
C ASP PF 135 -16.52 36.91 -74.30
N VAL PF 136 -16.66 37.63 -75.43
CA VAL PF 136 -17.12 38.98 -75.39
C VAL PF 136 -18.59 39.03 -75.20
N CYS PF 137 -19.34 38.13 -75.87
CA CYS PF 137 -20.75 38.31 -76.02
C CYS PF 137 -21.42 38.05 -74.70
N ASP PF 138 -20.67 37.36 -73.80
CA ASP PF 138 -21.14 36.71 -72.61
C ASP PF 138 -21.94 37.67 -71.79
N THR PF 139 -23.21 37.30 -71.62
CA THR PF 139 -24.22 38.17 -71.14
C THR PF 139 -23.94 38.50 -69.71
N SER PF 140 -23.51 37.49 -68.95
CA SER PF 140 -23.67 37.52 -67.53
C SER PF 140 -22.99 38.70 -66.95
N VAL PF 141 -21.68 38.90 -67.26
CA VAL PF 141 -20.91 39.89 -66.57
C VAL PF 141 -21.60 41.20 -66.78
N VAL PF 142 -22.06 41.42 -68.01
CA VAL PF 142 -22.57 42.68 -68.50
C VAL PF 142 -23.80 43.02 -67.77
N LYS PF 143 -24.54 41.99 -67.33
CA LYS PF 143 -25.95 42.05 -67.08
C LYS PF 143 -26.21 43.01 -65.98
N ALA PF 144 -27.30 43.79 -66.11
CA ALA PF 144 -27.52 44.77 -65.11
C ALA PF 144 -28.26 44.14 -63.99
N GLY PF 145 -28.77 45.03 -63.12
CA GLY PF 145 -29.37 44.68 -61.87
C GLY PF 145 -28.33 44.92 -60.84
N ASN PF 146 -27.14 45.37 -61.27
CA ASN PF 146 -26.09 45.60 -60.31
C ASN PF 146 -26.36 46.90 -59.61
N VAL PF 147 -25.83 47.07 -58.37
CA VAL PF 147 -25.75 48.34 -57.68
C VAL PF 147 -24.32 48.87 -57.69
N PHE PF 148 -24.18 50.13 -58.07
CA PHE PF 148 -22.88 50.76 -58.12
C PHE PF 148 -22.83 51.95 -57.19
N SER PF 149 -21.79 52.01 -56.36
CA SER PF 149 -21.64 53.12 -55.43
C SER PF 149 -20.28 53.71 -55.64
N GLY PF 150 -20.04 54.86 -55.00
CA GLY PF 150 -18.76 55.51 -55.14
C GLY PF 150 -18.88 56.96 -54.77
N THR PF 151 -17.74 57.62 -54.66
CA THR PF 151 -17.71 59.02 -54.29
C THR PF 151 -17.80 59.94 -55.50
N SER PF 152 -18.66 60.94 -55.39
CA SER PF 152 -18.88 61.91 -56.43
C SER PF 152 -18.24 63.22 -55.99
N THR PF 153 -17.09 63.53 -56.59
CA THR PF 153 -16.39 64.77 -56.28
C THR PF 153 -16.91 65.80 -57.26
N TRP PF 154 -17.41 66.92 -56.75
CA TRP PF 154 -17.96 67.95 -57.60
C TRP PF 154 -17.00 69.09 -57.91
N HIS PF 155 -17.13 69.58 -59.15
CA HIS PF 155 -16.77 70.90 -59.54
C HIS PF 155 -17.66 71.82 -58.78
N GLY PF 156 -18.84 71.32 -58.37
CA GLY PF 156 -19.72 72.11 -57.57
C GLY PF 156 -20.58 72.91 -58.47
N CYS PF 157 -21.18 72.25 -59.48
CA CYS PF 157 -22.35 72.85 -60.04
C CYS PF 157 -23.46 72.76 -59.02
N LEU PF 158 -23.42 71.71 -58.19
CA LEU PF 158 -24.36 71.59 -57.13
C LEU PF 158 -23.76 72.22 -55.93
N ALA PF 159 -24.64 72.77 -55.06
CA ALA PF 159 -24.19 73.64 -54.03
C ALA PF 159 -23.25 72.85 -53.18
N ARG PF 160 -23.64 71.57 -52.96
CA ARG PF 160 -23.47 70.64 -51.84
C ARG PF 160 -22.17 69.88 -51.85
N GLU PF 161 -21.64 69.58 -50.65
CA GLU PF 161 -20.30 69.13 -50.36
C GLU PF 161 -20.07 67.75 -50.97
N ASP PF 162 -18.83 67.21 -50.97
CA ASP PF 162 -18.68 66.00 -51.72
C ASP PF 162 -19.43 64.92 -51.01
N HIS PF 163 -19.61 63.80 -51.71
CA HIS PF 163 -20.59 62.86 -51.18
C HIS PF 163 -20.56 61.60 -52.00
N VAL PF 164 -21.46 60.68 -51.69
CA VAL PF 164 -21.53 59.42 -52.42
C VAL PF 164 -22.78 59.32 -53.27
N THR PF 165 -22.69 58.61 -54.39
CA THR PF 165 -23.82 58.39 -55.27
C THR PF 165 -24.01 56.90 -55.34
N ARG PF 166 -25.25 56.46 -55.55
CA ARG PF 166 -25.52 55.04 -55.60
C ARG PF 166 -26.43 54.71 -56.75
N ILE PF 167 -25.82 54.34 -57.89
CA ILE PF 167 -26.58 53.99 -59.07
C ILE PF 167 -26.99 52.53 -58.99
N THR PF 168 -28.28 52.26 -59.08
CA THR PF 168 -28.77 50.90 -59.01
C THR PF 168 -29.78 50.63 -60.13
N ILE PF 169 -29.45 49.65 -60.97
CA ILE PF 169 -30.30 49.31 -62.10
C ILE PF 169 -31.63 48.75 -61.69
N THR PF 170 -32.69 49.45 -62.06
CA THR PF 170 -34.06 49.02 -61.74
C THR PF 170 -34.52 47.90 -62.68
N ALA PF 171 -34.56 48.19 -63.99
CA ALA PF 171 -34.99 47.23 -65.02
C ALA PF 171 -34.12 47.28 -66.26
N SER PF 172 -34.31 46.32 -67.17
CA SER PF 172 -33.52 46.26 -68.40
C SER PF 172 -34.11 45.44 -69.53
N LYS PF 173 -34.68 46.10 -70.54
CA LYS PF 173 -35.27 45.42 -71.70
C LYS PF 173 -34.24 45.36 -72.84
N ARG PF 174 -34.46 44.39 -73.74
CA ARG PF 174 -33.81 44.34 -75.01
C ARG PF 174 -34.72 43.50 -75.83
N ARG PF 175 -34.16 42.81 -76.82
CA ARG PF 175 -34.96 41.75 -77.34
C ARG PF 175 -34.72 40.58 -76.45
N LYS PF 176 -35.00 39.38 -76.96
CA LYS PF 176 -34.65 38.21 -76.23
C LYS PF 176 -33.16 38.06 -76.19
N PHE PF 177 -32.48 38.37 -77.32
CA PHE PF 177 -31.07 38.09 -77.52
C PHE PF 177 -30.20 39.00 -76.75
N PHE PF 178 -30.66 40.25 -76.63
CA PHE PF 178 -30.42 41.21 -77.65
C PHE PF 178 -29.18 41.92 -77.23
N THR PF 179 -28.05 41.72 -77.95
CA THR PF 179 -26.83 42.13 -77.33
C THR PF 179 -26.63 43.61 -77.33
N ALA PF 180 -26.84 44.30 -78.48
CA ALA PF 180 -26.02 45.46 -78.78
C ALA PF 180 -26.26 46.45 -77.72
N ARG PF 181 -27.57 46.65 -77.55
CA ARG PF 181 -28.19 47.76 -76.90
C ARG PF 181 -29.02 47.17 -75.85
N ILE PF 182 -28.97 47.84 -74.72
CA ILE PF 182 -29.73 47.40 -73.55
C ILE PF 182 -30.43 48.62 -72.99
N TRP PF 183 -31.74 48.67 -73.10
CA TRP PF 183 -32.48 49.80 -72.58
C TRP PF 183 -32.69 49.52 -71.12
N LEU PF 184 -32.58 50.55 -70.28
CA LEU PF 184 -32.77 50.30 -68.85
C LEU PF 184 -33.22 51.48 -68.00
N ARG PF 185 -33.85 51.15 -66.88
CA ARG PF 185 -34.32 52.12 -65.91
C ARG PF 185 -33.44 51.90 -64.69
N ALA PF 186 -33.18 52.96 -63.93
CA ALA PF 186 -32.35 52.83 -62.75
C ALA PF 186 -32.64 53.90 -61.72
N LEU PF 187 -32.15 53.67 -60.51
CA LEU PF 187 -32.37 54.57 -59.41
C LEU PF 187 -31.10 55.19 -58.92
N VAL PF 188 -31.02 56.52 -58.98
CA VAL PF 188 -29.82 57.20 -58.55
C VAL PF 188 -30.05 57.89 -57.23
N GLU PF 189 -29.28 57.53 -56.21
CA GLU PF 189 -29.41 58.13 -54.89
C GLU PF 189 -28.11 58.83 -54.53
N SER PF 190 -28.25 59.85 -53.69
CA SER PF 190 -27.10 60.37 -53.06
C SER PF 190 -27.44 60.51 -51.63
N GLU PF 191 -26.38 60.42 -50.86
CA GLU PF 191 -26.43 60.65 -49.43
C GLU PF 191 -25.76 61.98 -49.07
N LEU PF 192 -26.57 63.03 -49.01
CA LEU PF 192 -26.06 64.36 -48.69
C LEU PF 192 -26.75 64.96 -47.49
N GLU PF 193 -26.04 65.85 -46.80
CA GLU PF 193 -26.57 66.51 -45.62
C GLU PF 193 -27.20 67.86 -45.96
N ARG PF 194 -28.50 68.04 -45.51
CA ARG PF 194 -29.24 69.27 -45.54
C ARG PF 194 -29.05 69.81 -44.17
N HIS PF 195 -29.66 70.98 -43.88
CA HIS PF 195 -29.68 71.46 -42.53
C HIS PF 195 -30.60 70.58 -41.73
N GLY PF 196 -30.06 69.98 -40.66
CA GLY PF 196 -30.70 68.86 -40.10
C GLY PF 196 -29.91 67.67 -40.53
N GLU PF 197 -30.49 66.48 -40.37
CA GLU PF 197 -29.78 65.25 -40.47
C GLU PF 197 -29.61 64.87 -41.89
N ASN PF 198 -28.85 63.74 -42.05
CA ASN PF 198 -28.62 62.99 -43.28
C ASN PF 198 -29.91 62.73 -44.07
N VAL PF 199 -29.92 63.15 -45.34
CA VAL PF 199 -31.07 62.95 -46.23
C VAL PF 199 -30.60 62.13 -47.41
N THR PF 200 -31.51 61.76 -48.30
CA THR PF 200 -31.14 60.99 -49.47
C THR PF 200 -31.92 61.44 -50.68
N SER PF 201 -31.18 61.87 -51.69
CA SER PF 201 -31.81 62.39 -52.87
C SER PF 201 -31.77 61.29 -53.85
N SER PF 202 -32.98 60.84 -54.20
CA SER PF 202 -33.13 59.79 -55.15
C SER PF 202 -33.92 60.38 -56.24
N PHE PF 203 -33.47 60.14 -57.46
CA PHE PF 203 -34.35 60.29 -58.62
C PHE PF 203 -34.33 59.06 -59.52
N ASN PF 204 -35.41 58.87 -60.26
CA ASN PF 204 -35.52 57.73 -61.14
C ASN PF 204 -34.96 58.09 -62.49
N ALA PF 205 -34.29 57.15 -63.15
CA ALA PF 205 -33.68 57.41 -64.44
C ALA PF 205 -33.98 56.36 -65.46
N LYS PF 206 -33.87 56.75 -66.73
CA LYS PF 206 -34.07 55.86 -67.87
C LYS PF 206 -32.89 56.08 -68.78
N GLY PF 207 -32.49 55.05 -69.52
CA GLY PF 207 -31.36 55.18 -70.40
C GLY PF 207 -31.00 53.91 -71.14
N TYR PF 208 -29.74 53.79 -71.52
CA TYR PF 208 -29.30 52.63 -72.26
C TYR PF 208 -27.82 52.29 -72.03
N TYR PF 209 -27.44 51.08 -72.43
CA TYR PF 209 -26.07 50.61 -72.31
C TYR PF 209 -25.62 50.23 -73.69
N ASN PF 210 -24.45 50.71 -74.07
CA ASN PF 210 -23.89 50.45 -75.38
C ASN PF 210 -22.66 49.58 -75.26
N PHE PF 211 -22.90 48.38 -75.80
CA PHE PF 211 -22.10 47.23 -75.68
C PHE PF 211 -20.80 47.70 -76.17
N ALA PF 212 -20.86 48.21 -77.40
CA ALA PF 212 -19.65 48.67 -77.93
C ALA PF 212 -19.18 49.88 -77.18
N SER PF 213 -20.08 50.82 -76.84
CA SER PF 213 -19.63 52.09 -76.33
C SER PF 213 -18.86 51.86 -75.08
N ARG PF 214 -19.18 50.73 -74.40
CA ARG PF 214 -18.87 50.50 -73.02
C ARG PF 214 -19.32 51.70 -72.28
N ARG PF 215 -20.59 52.08 -72.47
CA ARG PF 215 -21.10 53.30 -71.86
C ARG PF 215 -22.50 53.03 -71.34
N LEU PF 216 -22.80 53.63 -70.20
CA LEU PF 216 -24.10 53.47 -69.60
C LEU PF 216 -24.60 54.90 -69.46
N ILE PF 217 -25.70 55.26 -70.11
CA ILE PF 217 -26.21 56.62 -69.97
C ILE PF 217 -27.53 56.62 -69.22
N LEU PF 218 -27.59 57.39 -68.17
CA LEU PF 218 -28.80 57.46 -67.38
C LEU PF 218 -29.33 58.88 -67.29
N LEU PF 219 -30.50 59.09 -67.85
CA LEU PF 219 -31.14 60.39 -67.85
C LEU PF 219 -32.28 60.36 -66.87
N PRO PF 220 -32.65 61.51 -66.33
CA PRO PF 220 -33.73 61.59 -65.36
C PRO PF 220 -35.08 61.34 -66.03
N THR PF 221 -36.04 60.81 -65.29
CA THR PF 221 -37.33 60.77 -65.86
C THR PF 221 -37.99 62.09 -65.61
N ASP PF 222 -39.35 62.10 -65.51
CA ASP PF 222 -40.05 63.33 -65.29
C ASP PF 222 -40.43 63.42 -63.88
N ASP PF 223 -39.58 64.26 -63.33
CA ASP PF 223 -39.27 64.54 -61.99
C ASP PF 223 -39.33 66.03 -62.07
N HIS PF 224 -39.62 66.70 -60.95
CA HIS PF 224 -39.47 68.13 -60.93
C HIS PF 224 -38.04 68.51 -60.64
N ASP PF 225 -37.30 67.59 -60.00
CA ASP PF 225 -35.96 67.78 -59.56
C ASP PF 225 -35.09 68.00 -60.74
N ASP PF 226 -35.30 67.07 -61.69
CA ASP PF 226 -34.59 66.81 -62.92
C ASP PF 226 -33.14 66.95 -62.66
N HIS PF 227 -32.61 66.05 -61.79
CA HIS PF 227 -31.24 66.02 -61.38
C HIS PF 227 -30.46 65.28 -62.39
N LEU PF 228 -29.23 65.80 -62.58
CA LEU PF 228 -28.60 65.84 -63.84
C LEU PF 228 -28.16 64.47 -64.11
N ALA PF 229 -27.85 64.24 -65.38
CA ALA PF 229 -27.77 62.91 -65.95
C ALA PF 229 -26.42 62.32 -65.62
N VAL PF 230 -26.39 61.03 -65.31
CA VAL PF 230 -25.15 60.36 -64.97
C VAL PF 230 -24.68 59.57 -66.18
N VAL PF 231 -23.37 59.42 -66.31
CA VAL PF 231 -22.80 58.70 -67.43
C VAL PF 231 -21.59 57.90 -67.00
N CYS PF 232 -21.65 56.59 -67.22
CA CYS PF 232 -20.57 55.72 -66.85
C CYS PF 232 -20.00 54.93 -68.00
N SER PF 233 -18.68 54.72 -67.93
CA SER PF 233 -17.96 53.94 -68.91
C SER PF 233 -17.31 52.81 -68.12
N PHE PF 234 -17.30 51.62 -68.79
CA PHE PF 234 -16.90 50.25 -68.51
C PHE PF 234 -15.48 50.04 -68.06
N ASN PF 235 -14.55 50.29 -69.04
CA ASN PF 235 -13.12 50.15 -69.12
C ASN PF 235 -12.67 51.08 -68.09
N ARG PF 236 -12.83 50.55 -66.89
CA ARG PF 236 -11.92 50.30 -65.86
C ARG PF 236 -11.02 49.12 -66.25
N GLY PF 237 -11.54 48.05 -66.90
CA GLY PF 237 -10.71 46.90 -67.25
C GLY PF 237 -11.05 45.80 -66.30
N ASP PF 238 -11.57 46.20 -65.13
CA ASP PF 238 -12.51 45.39 -64.40
C ASP PF 238 -13.75 45.50 -65.22
N ASN PF 239 -14.65 44.50 -65.17
CA ASN PF 239 -16.01 44.72 -65.56
C ASN PF 239 -16.69 45.45 -64.48
N GLU PF 240 -16.24 45.19 -63.25
CA GLU PF 240 -17.11 45.52 -62.18
C GLU PF 240 -17.28 47.00 -62.21
N ARG PF 241 -16.11 47.65 -62.22
CA ARG PF 241 -15.85 49.06 -62.01
C ARG PF 241 -16.12 49.92 -63.23
N ALA PF 242 -16.52 51.16 -62.99
CA ALA PF 242 -16.79 52.08 -64.08
C ALA PF 242 -16.44 53.51 -63.71
N GLU PF 243 -16.16 54.32 -64.72
CA GLU PF 243 -15.80 55.72 -64.55
C GLU PF 243 -17.00 56.52 -64.96
N CYS PF 244 -17.53 57.33 -64.04
CA CYS PF 244 -18.71 58.13 -64.34
C CYS PF 244 -18.54 59.65 -64.20
N HIS PF 245 -19.54 60.37 -64.69
CA HIS PF 245 -19.55 61.81 -64.63
C HIS PF 245 -20.99 62.26 -64.62
N ARG PF 246 -21.28 63.33 -63.90
CA ARG PF 246 -22.62 63.86 -63.88
C ARG PF 246 -22.54 64.91 -64.96
N VAL PF 247 -23.56 65.01 -65.81
CA VAL PF 247 -23.50 65.98 -66.88
C VAL PF 247 -24.83 66.57 -67.27
N THR PF 248 -24.85 67.66 -68.01
CA THR PF 248 -26.14 68.14 -68.38
C THR PF 248 -26.31 67.70 -69.79
N GLU PF 249 -27.56 67.54 -70.27
CA GLU PF 249 -27.81 67.09 -71.61
C GLU PF 249 -27.42 68.16 -72.55
N ALA PF 250 -27.95 69.35 -72.26
CA ALA PF 250 -27.87 70.41 -73.20
C ALA PF 250 -26.42 70.77 -73.36
N THR PF 251 -25.75 71.03 -72.21
CA THR PF 251 -24.40 71.48 -72.10
C THR PF 251 -23.53 70.37 -72.56
N LEU PF 252 -23.75 69.19 -71.95
CA LEU PF 252 -22.94 68.05 -72.23
C LEU PF 252 -21.55 68.34 -71.81
N HIS PF 253 -21.50 69.14 -70.76
CA HIS PF 253 -20.35 69.32 -69.96
C HIS PF 253 -20.32 68.25 -68.91
N GLN PF 254 -19.15 68.11 -68.25
CA GLN PF 254 -18.90 67.37 -67.01
C GLN PF 254 -18.92 68.16 -65.73
N CYS PF 255 -19.96 67.95 -64.92
CA CYS PF 255 -20.12 68.64 -63.65
C CYS PF 255 -19.40 67.95 -62.50
N ALA PF 256 -19.22 66.63 -62.60
CA ALA PF 256 -18.54 65.91 -61.54
C ALA PF 256 -17.97 64.57 -61.96
N ASP PF 257 -16.95 64.15 -61.21
CA ASP PF 257 -16.27 62.88 -61.44
C ASP PF 257 -16.80 61.86 -60.42
N LEU PF 258 -17.10 60.66 -60.89
CA LEU PF 258 -17.65 59.63 -60.02
C LEU PF 258 -17.12 58.26 -60.41
N PHE PF 259 -16.32 57.64 -59.54
CA PHE PF 259 -15.81 56.30 -59.83
C PHE PF 259 -16.58 55.26 -59.01
N VAL PF 260 -17.41 54.48 -59.69
CA VAL PF 260 -18.21 53.48 -59.02
C VAL PF 260 -17.63 52.10 -59.07
N THR PF 261 -18.13 51.28 -58.16
CA THR PF 261 -17.74 49.90 -58.01
C THR PF 261 -18.99 49.11 -57.71
N LEU PF 262 -19.10 47.93 -58.30
CA LEU PF 262 -20.25 47.09 -58.08
C LEU PF 262 -20.22 46.54 -56.65
N GLU PF 263 -21.33 46.66 -55.93
CA GLU PF 263 -21.30 46.15 -54.60
C GLU PF 263 -21.63 44.72 -54.70
N GLU PF 264 -21.03 43.89 -53.83
CA GLU PF 264 -21.33 42.50 -53.80
C GLU PF 264 -22.80 42.36 -53.51
N HIS PF 265 -23.46 41.40 -54.21
CA HIS PF 265 -24.86 41.10 -54.08
C HIS PF 265 -25.11 40.47 -52.74
N ASP PF 266 -24.21 39.56 -52.30
CA ASP PF 266 -24.41 39.06 -50.96
C ASP PF 266 -23.79 39.95 -49.89
N GLN QF 26 -1.80 -11.59 -32.01
CA GLN QF 26 -2.49 -12.19 -33.18
C GLN QF 26 -3.74 -11.41 -33.45
N SER QF 27 -4.79 -11.68 -32.66
CA SER QF 27 -6.01 -10.95 -32.77
C SER QF 27 -5.71 -9.58 -32.39
N HIS QF 28 -4.80 -9.48 -31.43
CA HIS QF 28 -4.56 -8.17 -30.98
C HIS QF 28 -3.92 -7.49 -32.15
N ASP QF 29 -2.90 -8.12 -32.78
CA ASP QF 29 -2.00 -7.46 -33.70
C ASP QF 29 -2.68 -6.94 -34.91
N GLU QF 30 -3.58 -7.74 -35.48
CA GLU QF 30 -4.10 -7.46 -36.79
C GLU QF 30 -4.74 -6.14 -36.66
N ILE QF 31 -5.45 -6.00 -35.51
CA ILE QF 31 -6.14 -4.81 -35.10
C ILE QF 31 -5.18 -3.67 -35.23
N ILE QF 32 -4.09 -3.72 -34.45
CA ILE QF 32 -3.44 -2.50 -34.01
C ILE QF 32 -2.87 -1.74 -35.16
N ASP QF 33 -2.44 -2.45 -36.22
CA ASP QF 33 -1.70 -1.91 -37.33
C ASP QF 33 -2.53 -0.91 -38.10
N LYS QF 34 -3.86 -1.09 -38.12
CA LYS QF 34 -4.80 -0.51 -39.05
C LYS QF 34 -4.65 0.99 -39.06
N LEU QF 35 -4.75 1.59 -37.85
CA LEU QF 35 -4.86 2.98 -37.50
C LEU QF 35 -3.63 3.79 -37.78
N ILE QF 36 -2.43 3.18 -37.83
CA ILE QF 36 -1.27 4.00 -38.07
C ILE QF 36 -1.26 4.60 -39.45
N GLU QF 37 -1.37 3.74 -40.47
CA GLU QF 37 -1.10 3.95 -41.89
C GLU QF 37 -2.22 4.78 -42.51
N ARG QF 38 -3.24 5.08 -41.69
CA ARG QF 38 -4.38 5.87 -42.12
C ARG QF 38 -4.21 7.28 -41.56
N THR QF 39 -3.51 7.38 -40.43
CA THR QF 39 -3.26 8.67 -39.79
C THR QF 39 -2.37 9.47 -40.72
N ASN QF 40 -1.45 8.77 -41.38
CA ASN QF 40 -0.53 9.42 -42.30
C ASN QF 40 -1.22 9.68 -43.64
N LYS QF 41 -2.01 8.71 -44.09
CA LYS QF 41 -2.72 8.83 -45.36
C LYS QF 41 -3.56 10.11 -45.41
N ILE QF 42 -3.76 10.74 -44.26
CA ILE QF 42 -4.53 11.98 -44.18
C ILE QF 42 -3.59 13.13 -43.91
N THR QF 43 -2.59 12.90 -43.06
CA THR QF 43 -1.61 13.91 -42.73
C THR QF 43 -0.97 14.41 -44.02
N THR QF 44 -1.16 13.64 -45.09
CA THR QF 44 -0.62 14.01 -46.40
C THR QF 44 -1.63 14.91 -47.09
N SER QF 45 -2.86 14.42 -47.23
CA SER QF 45 -3.91 15.20 -47.87
C SER QF 45 -4.04 16.55 -47.19
N ILE QF 46 -3.64 16.61 -45.93
CA ILE QF 46 -3.71 17.86 -45.19
C ILE QF 46 -2.63 18.82 -45.68
N SER QF 47 -1.37 18.48 -45.45
CA SER QF 47 -0.27 19.33 -45.88
C SER QF 47 -0.31 19.56 -47.38
N HIS QF 48 -1.00 18.69 -48.10
CA HIS QF 48 -1.14 18.83 -49.54
C HIS QF 48 -1.91 20.13 -49.84
N VAL QF 49 -2.97 20.36 -49.08
CA VAL QF 49 -3.78 21.55 -49.25
C VAL QF 49 -3.04 22.75 -48.70
N GLU QF 50 -2.47 22.61 -47.51
CA GLU QF 50 -1.72 23.69 -46.88
C GLU QF 50 -0.72 24.25 -47.88
N SER QF 51 -0.37 23.43 -48.87
CA SER QF 51 0.57 23.86 -49.89
C SER QF 51 -0.19 24.71 -50.90
N LEU QF 52 -1.26 24.14 -51.48
CA LEU QF 52 -2.06 24.86 -52.46
C LEU QF 52 -2.50 26.21 -51.95
N LEU QF 53 -2.67 26.32 -50.64
CA LEU QF 53 -3.07 27.58 -50.02
C LEU QF 53 -1.87 28.51 -50.04
N ASP QF 54 -0.76 28.05 -49.47
CA ASP QF 54 0.46 28.85 -49.43
C ASP QF 54 0.82 29.35 -50.82
N ASP QF 55 0.41 28.60 -51.84
CA ASP QF 55 0.69 28.98 -53.22
C ASP QF 55 -0.07 30.23 -53.66
N ARG QF 56 -1.21 30.48 -53.05
CA ARG QF 56 -1.99 31.66 -53.39
C ARG QF 56 -1.68 32.82 -52.45
N LEU QF 57 -0.90 32.56 -51.41
CA LEU QF 57 -0.51 33.62 -50.47
C LEU QF 57 0.96 33.93 -50.65
N ASP QF 58 1.68 33.05 -51.36
CA ASP QF 58 3.11 32.96 -51.22
C ASP QF 58 3.70 34.30 -51.56
N PRO QF 59 4.58 34.81 -50.73
CA PRO QF 59 5.01 36.21 -50.75
C PRO QF 59 5.73 36.60 -52.04
N LYS QF 60 6.56 35.69 -52.56
CA LYS QF 60 7.30 35.94 -53.78
C LYS QF 60 6.32 36.27 -54.91
N ARG QF 61 5.13 35.70 -54.84
CA ARG QF 61 4.12 35.98 -55.86
C ARG QF 61 3.54 37.37 -55.61
N ILE QF 62 3.29 37.69 -54.34
CA ILE QF 62 2.74 38.99 -53.96
C ILE QF 62 3.56 40.12 -54.54
N ARG QF 63 4.77 40.30 -54.03
CA ARG QF 63 5.62 41.38 -54.52
C ARG QF 63 5.67 41.38 -56.04
N LYS QF 64 5.95 40.22 -56.63
CA LYS QF 64 6.05 40.13 -58.08
C LYS QF 64 4.83 40.73 -58.77
N ALA QF 65 3.66 40.50 -58.20
CA ALA QF 65 2.43 41.04 -58.77
C ALA QF 65 2.30 42.51 -58.40
N GLY QF 66 2.52 42.80 -57.13
CA GLY QF 66 2.44 44.19 -56.67
C GLY QF 66 3.38 45.03 -57.49
N SER QF 67 4.55 44.48 -57.77
CA SER QF 67 5.54 45.17 -58.58
C SER QF 67 4.90 45.57 -59.90
N LEU QF 68 4.18 44.65 -60.52
CA LEU QF 68 3.50 44.91 -61.78
C LEU QF 68 2.54 46.07 -61.60
N ARG QF 69 1.78 46.02 -60.50
CA ARG QF 69 0.84 47.09 -60.21
C ARG QF 69 1.54 48.42 -60.33
N HIS QF 70 2.68 48.56 -59.66
CA HIS QF 70 3.42 49.79 -59.70
C HIS QF 70 3.61 50.29 -61.12
N ARG QF 71 4.23 49.48 -61.97
CA ARG QF 71 4.46 49.89 -63.36
C ARG QF 71 3.24 50.60 -63.93
N VAL QF 72 2.06 50.09 -63.59
CA VAL QF 72 0.82 50.68 -64.05
C VAL QF 72 0.56 52.01 -63.36
N GLU QF 73 0.69 52.05 -62.02
CA GLU QF 73 0.48 53.28 -61.25
C GLU QF 73 1.29 54.42 -61.85
N GLU QF 74 2.41 54.08 -62.48
CA GLU QF 74 3.30 55.05 -63.11
C GLU QF 74 2.71 55.61 -64.41
N LEU QF 75 1.92 54.80 -65.11
CA LEU QF 75 1.30 55.24 -66.36
C LEU QF 75 0.07 56.09 -66.12
N GLU QF 76 0.41 57.42 -66.97
CA GLU QF 76 -0.84 58.11 -66.94
C GLU QF 76 -0.69 59.40 -66.19
N ASP QF 77 -1.70 60.28 -66.38
CA ASP QF 77 -1.88 61.48 -65.61
C ASP QF 77 -2.63 61.11 -64.41
N PRO QF 78 -1.87 61.40 -63.42
CA PRO QF 78 -1.91 60.72 -62.20
C PRO QF 78 -3.04 61.22 -61.43
N SER QF 79 -3.65 60.24 -60.75
CA SER QF 79 -4.69 60.43 -59.83
C SER QF 79 -4.19 61.53 -58.93
N CYS QF 80 -3.17 61.23 -58.11
CA CYS QF 80 -2.95 62.11 -56.99
C CYS QF 80 -2.06 63.22 -57.44
N ASP QF 81 -1.51 64.11 -56.57
CA ASP QF 81 -0.60 64.98 -57.28
C ASP QF 81 0.75 64.36 -57.26
N GLU QF 82 1.72 65.10 -57.84
CA GLU QF 82 3.09 64.81 -57.61
C GLU QF 82 3.20 64.97 -56.12
N HIS QF 83 2.77 66.14 -55.61
CA HIS QF 83 2.89 66.37 -54.21
C HIS QF 83 1.99 65.43 -53.51
N GLU QF 84 0.78 65.27 -54.04
CA GLU QF 84 -0.21 64.54 -53.24
C GLU QF 84 -0.04 63.03 -53.35
N HIS QF 85 -0.49 62.32 -52.31
CA HIS QF 85 -0.36 60.86 -52.24
C HIS QF 85 -1.69 60.19 -52.46
N GLN QF 86 -1.70 59.21 -53.35
CA GLN QF 86 -2.93 58.49 -53.66
C GLN QF 86 -3.11 57.34 -52.71
N CYS QF 87 -4.25 57.33 -51.89
CA CYS QF 87 -4.36 56.47 -50.75
C CYS QF 87 -4.50 55.09 -51.26
N GLY QF 88 -4.98 55.01 -52.51
CA GLY QF 88 -5.73 53.89 -52.95
C GLY QF 88 -7.09 54.42 -53.23
N GLY QF 89 -7.94 53.56 -53.80
CA GLY QF 89 -7.44 52.26 -54.08
C GLY QF 89 -8.53 51.47 -54.72
N ASP QF 90 -9.60 51.22 -53.93
CA ASP QF 90 -10.94 51.11 -54.39
C ASP QF 90 -11.52 52.47 -54.65
N ASP QF 91 -11.45 53.34 -53.63
CA ASP QF 91 -11.93 54.67 -53.80
C ASP QF 91 -10.71 55.49 -53.65
N PRO QF 92 -10.45 56.33 -54.60
CA PRO QF 92 -9.34 57.20 -54.51
C PRO QF 92 -9.69 58.26 -53.57
N GLN QF 93 -8.61 58.96 -53.18
CA GLN QF 93 -8.52 59.97 -52.20
C GLN QF 93 -7.14 60.45 -52.35
N CYS QF 94 -6.98 61.77 -52.38
CA CYS QF 94 -5.67 62.43 -52.44
C CYS QF 94 -5.34 63.21 -51.16
N ILE QF 95 -4.21 62.92 -50.54
CA ILE QF 95 -3.79 63.64 -49.35
C ILE QF 95 -2.37 64.11 -49.60
N SER QF 96 -1.92 65.11 -48.86
CA SER QF 96 -0.56 65.60 -49.06
C SER QF 96 0.54 64.62 -48.71
N LYS QF 97 1.63 64.73 -49.50
CA LYS QF 97 2.77 64.02 -49.07
C LYS QF 97 3.19 64.52 -47.71
N LEU QF 98 2.97 65.82 -47.39
CA LEU QF 98 3.39 66.25 -46.08
C LEU QF 98 2.50 65.59 -45.06
N PHE QF 99 1.27 65.42 -45.52
CA PHE QF 99 0.02 65.23 -44.86
C PHE QF 99 -0.22 63.91 -44.17
N VAL QF 100 -0.02 62.78 -44.89
CA VAL QF 100 0.31 61.54 -44.22
C VAL QF 100 1.69 61.90 -43.76
N CYS QF 101 2.29 61.33 -42.69
CA CYS QF 101 1.86 60.37 -41.72
C CYS QF 101 1.82 61.11 -40.41
N ASP QF 102 0.80 61.96 -40.34
CA ASP QF 102 0.50 62.89 -39.30
C ASP QF 102 0.44 62.10 -38.03
N GLY QF 103 -0.23 60.95 -38.11
CA GLY QF 103 -0.54 60.19 -36.94
C GLY QF 103 -2.01 60.28 -36.81
N HIS QF 104 -2.63 61.39 -37.27
CA HIS QF 104 -4.02 61.24 -37.59
C HIS QF 104 -4.06 60.43 -38.82
N ASN QF 105 -5.21 59.73 -39.01
CA ASN QF 105 -5.43 58.96 -40.19
C ASN QF 105 -6.15 59.84 -41.13
N ASP QF 106 -5.48 60.00 -42.29
CA ASP QF 106 -5.98 60.36 -43.57
C ASP QF 106 -6.94 59.28 -44.00
N CYS QF 107 -6.47 58.01 -44.04
CA CYS QF 107 -7.08 57.05 -44.90
C CYS QF 107 -8.01 56.16 -44.17
N ARG QF 108 -9.20 55.98 -44.80
CA ARG QF 108 -10.15 54.98 -44.44
C ARG QF 108 -9.31 53.78 -44.45
N ASN QF 109 -8.62 53.69 -45.59
CA ASN QF 109 -7.84 52.60 -46.02
C ASN QF 109 -6.87 52.39 -44.91
N GLY QF 110 -6.20 53.49 -44.49
CA GLY QF 110 -5.27 53.40 -43.42
C GLY QF 110 -3.87 53.22 -43.92
N GLU QF 111 -3.63 53.70 -45.17
CA GLU QF 111 -2.27 53.61 -45.75
C GLU QF 111 -1.24 54.32 -44.90
N ASP QF 112 -1.56 55.55 -44.50
CA ASP QF 112 -0.67 56.37 -43.70
C ASP QF 112 -0.20 55.67 -42.45
N GLU QF 113 -0.59 54.42 -42.24
CA GLU QF 113 -0.19 53.72 -41.05
C GLU QF 113 -0.02 52.24 -41.17
N LYS QF 114 -0.39 51.64 -42.29
CA LYS QF 114 -0.24 50.20 -42.39
C LYS QF 114 1.07 49.68 -43.00
N ASP QF 115 1.75 50.60 -43.79
CA ASP QF 115 2.93 50.25 -44.49
C ASP QF 115 3.96 50.17 -43.45
N CYS QF 116 4.22 48.93 -43.05
CA CYS QF 116 4.76 48.64 -41.77
C CYS QF 116 6.17 49.13 -41.72
N THR QF 117 6.85 49.19 -42.89
CA THR QF 117 8.28 49.30 -42.84
C THR QF 117 8.76 50.56 -43.45
N LEU QF 118 9.69 51.15 -42.71
CA LEU QF 118 10.48 52.26 -43.13
C LEU QF 118 11.58 51.77 -43.99
N PRO QF 119 11.54 52.30 -45.19
CA PRO QF 119 12.49 51.97 -46.20
C PRO QF 119 13.87 52.27 -45.69
N THR QF 120 14.01 53.25 -44.77
CA THR QF 120 15.32 53.81 -44.54
C THR QF 120 16.00 53.17 -43.37
N LYS QF 121 17.00 52.32 -43.67
CA LYS QF 121 17.81 51.90 -42.58
C LYS QF 121 19.02 52.67 -42.66
N ALA QF 122 19.98 52.10 -41.97
CA ALA QF 122 20.97 52.84 -41.32
C ALA QF 122 22.13 51.96 -41.54
N GLY QF 123 23.30 52.56 -41.77
CA GLY QF 123 24.47 51.76 -41.83
C GLY QF 123 24.70 51.26 -43.23
N ASP QF 124 23.69 51.38 -44.13
CA ASP QF 124 23.77 50.79 -45.44
C ASP QF 124 24.83 51.45 -46.22
N LYS QF 125 25.51 50.66 -47.05
CA LYS QF 125 26.39 51.26 -48.06
C LYS QF 125 25.82 50.99 -49.44
N PHE QF 126 25.94 51.96 -50.33
CA PHE QF 126 25.43 51.84 -51.69
C PHE QF 126 26.50 52.23 -52.70
N ILE QF 127 26.72 51.36 -53.66
CA ILE QF 127 27.72 51.60 -54.69
C ILE QF 127 27.05 52.08 -55.98
N GLY QF 128 27.47 53.25 -56.46
CA GLY QF 128 26.87 53.75 -57.68
C GLY QF 128 27.77 53.59 -58.89
N ASP QF 129 27.20 53.13 -59.99
CA ASP QF 129 27.94 52.98 -61.23
C ASP QF 129 27.52 54.15 -62.12
N VAL QF 130 28.49 54.94 -62.54
CA VAL QF 130 28.20 56.11 -63.37
C VAL QF 130 27.69 55.65 -64.71
N CYS QF 131 27.08 56.56 -65.46
CA CYS QF 131 26.58 56.22 -66.77
C CYS QF 131 26.25 57.48 -67.55
N PHE QF 132 26.52 58.64 -66.96
CA PHE QF 132 26.19 59.90 -67.58
C PHE QF 132 26.64 60.96 -66.57
N ASP QF 133 27.81 61.51 -66.81
CA ASP QF 133 28.35 62.50 -65.89
C ASP QF 133 28.82 63.74 -66.61
N HIS QF 134 27.96 64.79 -66.68
CA HIS QF 134 28.37 66.03 -67.33
C HIS QF 134 29.15 66.69 -66.26
N CYS QF 135 28.73 66.26 -65.07
CA CYS QF 135 28.68 67.04 -63.88
C CYS QF 135 30.03 67.28 -63.25
N THR QF 136 30.85 66.23 -63.11
CA THR QF 136 32.12 66.41 -62.46
C THR QF 136 33.14 66.55 -63.55
N LYS QF 137 34.40 66.98 -63.25
CA LYS QF 137 35.47 67.00 -64.21
C LYS QF 137 35.99 65.63 -64.46
N ARG QF 138 36.25 64.88 -63.36
CA ARG QF 138 36.92 63.61 -63.47
C ARG QF 138 36.01 62.57 -64.03
N ARG QF 139 34.69 62.69 -63.77
CA ARG QF 139 33.72 61.64 -63.99
C ARG QF 139 34.15 60.39 -63.32
N PRO QF 140 33.60 59.97 -62.26
CA PRO QF 140 34.29 58.83 -61.82
C PRO QF 140 33.58 57.60 -62.28
N GLU QF 141 34.30 56.47 -62.23
CA GLU QF 141 33.73 55.20 -62.58
C GLU QF 141 32.62 54.95 -61.62
N HIS QF 142 32.97 55.13 -60.31
CA HIS QF 142 32.05 54.68 -59.29
C HIS QF 142 31.84 55.79 -58.29
N MET QF 143 31.13 55.47 -57.23
CA MET QF 143 30.83 56.46 -56.22
C MET QF 143 30.10 55.76 -55.06
N THR QF 144 30.79 55.54 -53.95
CA THR QF 144 30.21 54.89 -52.80
C THR QF 144 29.42 55.88 -51.93
N LEU QF 145 28.31 55.39 -51.37
CA LEU QF 145 27.45 56.22 -50.56
C LEU QF 145 27.22 55.57 -49.21
N ALA QF 146 27.99 55.98 -48.20
CA ALA QF 146 27.86 55.40 -46.87
C ALA QF 146 26.93 56.18 -45.95
N PHE QF 147 26.00 55.47 -45.33
CA PHE QF 147 25.06 56.12 -44.43
C PHE QF 147 25.56 56.01 -42.99
N GLU QF 148 25.98 57.14 -42.43
CA GLU QF 148 26.50 57.16 -41.07
C GLU QF 148 25.39 57.05 -40.02
N SER QF 149 24.51 58.05 -39.95
CA SER QF 149 23.42 58.03 -38.97
C SER QF 149 22.06 58.31 -39.58
N SER QF 150 21.00 57.97 -38.86
CA SER QF 150 19.64 58.19 -39.33
C SER QF 150 18.72 58.23 -38.14
N SER QF 151 17.98 59.33 -37.97
CA SER QF 151 17.04 59.46 -36.86
C SER QF 151 15.72 60.07 -37.30
N ILE QF 152 14.62 59.54 -36.77
CA ILE QF 152 13.29 60.06 -37.11
C ILE QF 152 12.69 60.80 -35.95
N ALA QF 153 12.07 61.94 -36.24
CA ALA QF 153 11.52 62.65 -35.16
C ALA QF 153 10.25 62.03 -34.66
N ALA QF 154 10.08 62.18 -33.34
CA ALA QF 154 9.27 61.20 -32.67
C ALA QF 154 7.83 61.35 -33.10
N PHE QF 155 7.50 62.59 -33.43
CA PHE QF 155 6.30 63.10 -33.94
C PHE QF 155 6.19 62.90 -35.44
N PHE QF 156 7.33 62.98 -36.15
CA PHE QF 156 7.16 62.86 -37.56
C PHE QF 156 7.53 61.50 -37.97
N THR QF 157 6.52 60.75 -38.45
CA THR QF 157 6.90 59.72 -39.36
C THR QF 157 7.49 60.33 -40.62
N PRO QF 158 6.90 61.28 -41.34
CA PRO QF 158 7.00 61.29 -42.77
C PRO QF 158 8.40 61.42 -43.24
N ILE QF 159 9.23 62.08 -42.43
CA ILE QF 159 10.58 62.39 -42.88
C ILE QF 159 11.66 61.91 -41.93
N ALA QF 160 12.60 61.14 -42.46
CA ALA QF 160 13.69 60.62 -41.66
C ALA QF 160 14.96 61.36 -42.06
N ASP QF 161 15.64 61.96 -41.10
CA ASP QF 161 16.87 62.70 -41.38
C ASP QF 161 18.12 61.81 -41.42
N LEU QF 162 18.97 62.03 -42.41
CA LEU QF 162 20.18 61.23 -42.57
C LEU QF 162 21.47 62.03 -42.61
N HIS QF 163 22.57 61.35 -42.29
CA HIS QF 163 23.92 61.94 -42.33
C HIS QF 163 24.68 60.93 -43.19
N VAL QF 164 25.23 61.41 -44.29
CA VAL QF 164 25.93 60.53 -45.23
C VAL QF 164 27.29 61.02 -45.70
N HIS QF 165 28.18 60.05 -45.93
CA HIS QF 165 29.52 60.31 -46.42
C HIS QF 165 29.55 59.80 -47.85
N ILE QF 166 29.86 60.68 -48.79
CA ILE QF 166 29.93 60.30 -50.20
C ILE QF 166 31.39 60.06 -50.54
N GLU QF 167 31.79 58.81 -50.68
CA GLU QF 167 33.18 58.48 -50.95
C GLU QF 167 33.49 58.42 -52.42
N ILE QF 168 34.71 58.80 -52.80
CA ILE QF 168 35.12 58.79 -54.20
C ILE QF 168 36.59 58.48 -54.42
N GLU QF 169 36.85 57.56 -55.35
CA GLU QF 169 38.21 57.12 -55.68
C GLU QF 169 38.68 57.62 -57.06
N SER QF 170 39.17 58.85 -57.13
CA SER QF 170 39.36 59.27 -58.47
C SER QF 170 40.80 59.06 -58.78
N GLU QF 171 41.12 59.16 -60.08
CA GLU QF 171 42.49 59.28 -60.43
C GLU QF 171 42.58 60.65 -61.01
N THR QF 172 43.56 61.43 -60.53
CA THR QF 172 43.77 62.74 -61.04
C THR QF 172 44.85 62.60 -62.04
N ASP QF 173 45.12 63.69 -62.77
CA ASP QF 173 46.14 63.55 -63.75
C ASP QF 173 47.42 63.27 -63.04
N GLU QF 174 47.78 64.16 -62.07
CA GLU QF 174 49.03 64.16 -61.35
C GLU QF 174 49.16 62.97 -60.47
N ASP QF 175 48.19 62.84 -59.55
CA ASP QF 175 48.31 61.84 -58.55
C ASP QF 175 47.00 61.18 -58.46
N GLU QF 176 46.78 60.53 -57.31
CA GLU QF 176 45.51 59.92 -57.10
C GLU QF 176 44.94 60.66 -55.94
N SER QF 177 43.62 60.84 -55.97
CA SER QF 177 42.93 61.61 -55.00
C SER QF 177 41.88 60.70 -54.50
N GLU QF 178 41.51 60.89 -53.22
CA GLU QF 178 40.46 60.10 -52.60
C GLU QF 178 39.60 61.13 -51.88
N VAL QF 179 38.29 60.91 -51.82
CA VAL QF 179 37.42 61.87 -51.14
C VAL QF 179 36.31 61.21 -50.36
N SER QF 180 35.90 61.86 -49.28
CA SER QF 180 34.82 61.35 -48.44
C SER QF 180 34.03 62.53 -47.88
N MET QF 181 33.38 63.28 -48.77
CA MET QF 181 32.59 64.44 -48.40
C MET QF 181 31.34 64.03 -47.64
N PRO QF 182 31.08 64.67 -46.51
CA PRO QF 182 29.92 64.40 -45.65
C PRO QF 182 28.80 65.39 -45.94
N ALA QF 183 27.57 64.89 -45.89
CA ALA QF 183 26.40 65.75 -46.16
C ALA QF 183 25.16 65.29 -45.43
N ASP QF 184 24.29 66.24 -45.14
CA ASP QF 184 23.04 65.96 -44.47
C ASP QF 184 22.03 65.58 -45.55
N GLY QF 185 20.89 65.04 -45.13
CA GLY QF 185 19.86 64.65 -46.07
C GLY QF 185 18.68 63.98 -45.39
N GLU QF 186 17.56 63.93 -46.09
CA GLU QF 186 16.36 63.32 -45.55
C GLU QF 186 15.79 62.30 -46.51
N TYR QF 187 14.90 61.44 -46.02
CA TYR QF 187 14.27 60.44 -46.86
C TYR QF 187 12.80 60.61 -46.63
N SER QF 188 12.04 60.84 -47.71
CA SER QF 188 10.61 61.05 -47.61
C SER QF 188 9.81 59.82 -48.00
N PHE QF 189 8.82 59.82 -47.05
CA PHE QF 189 8.17 58.66 -46.58
C PHE QF 189 7.65 58.04 -47.78
N ALA QF 190 6.69 58.76 -48.39
CA ALA QF 190 5.90 58.38 -49.51
C ALA QF 190 6.69 58.34 -50.77
N ASP QF 191 7.61 59.32 -50.93
CA ASP QF 191 8.34 59.51 -52.15
C ASP QF 191 9.24 58.35 -52.33
N HIS QF 192 9.76 57.80 -51.21
CA HIS QF 192 10.90 56.92 -51.29
C HIS QF 192 12.04 57.70 -51.87
N ARG QF 193 11.96 59.04 -51.83
CA ARG QF 193 13.04 59.81 -52.42
C ARG QF 193 13.93 60.47 -51.39
N LEU QF 194 15.19 60.04 -51.35
CA LEU QF 194 16.15 60.61 -50.41
C LEU QF 194 16.87 61.75 -51.11
N THR QF 195 16.92 62.89 -50.43
CA THR QF 195 17.57 64.07 -50.97
C THR QF 195 18.81 64.27 -50.12
N ILE QF 196 19.98 64.33 -50.75
CA ILE QF 196 21.22 64.52 -50.00
C ILE QF 196 21.71 65.91 -50.30
N HIS QF 197 21.57 66.78 -49.30
CA HIS QF 197 21.88 68.15 -49.46
C HIS QF 197 23.36 68.17 -49.57
N PRO QF 198 23.72 69.04 -50.46
CA PRO QF 198 25.00 69.12 -51.05
C PRO QF 198 26.02 69.37 -50.00
N PRO QF 199 26.93 68.49 -50.14
CA PRO QF 199 28.11 68.40 -49.33
C PRO QF 199 28.86 69.68 -49.51
N GLU QF 200 28.84 70.13 -50.77
CA GLU QF 200 29.65 71.17 -51.29
C GLU QF 200 29.00 72.47 -50.95
N GLU QF 201 29.82 73.52 -50.97
CA GLU QF 201 29.32 74.85 -51.06
C GLU QF 201 28.64 74.91 -52.39
N ASP QF 202 29.17 74.11 -53.33
CA ASP QF 202 28.81 74.36 -54.69
C ASP QF 202 27.36 74.10 -54.91
N GLY QF 203 26.75 73.10 -54.24
CA GLY QF 203 25.32 73.06 -54.40
C GLY QF 203 24.98 72.18 -55.54
N LEU QF 204 25.97 71.34 -55.90
CA LEU QF 204 25.68 70.02 -56.45
C LEU QF 204 25.23 69.05 -55.39
N GLY QF 205 24.00 68.57 -55.54
CA GLY QF 205 23.43 67.63 -54.59
C GLY QF 205 22.93 66.36 -55.27
N LEU QF 206 22.71 65.32 -54.47
CA LEU QF 206 22.22 64.04 -54.98
C LEU QF 206 20.77 63.84 -54.62
N VAL QF 207 20.05 63.24 -55.56
CA VAL QF 207 18.64 62.97 -55.41
C VAL QF 207 18.32 61.62 -56.01
N GLY QF 208 18.15 60.63 -55.14
CA GLY QF 208 17.83 59.30 -55.61
C GLY QF 208 16.40 58.95 -55.25
N GLU QF 209 15.61 58.53 -56.22
CA GLU QF 209 14.24 58.16 -55.96
C GLU QF 209 14.10 56.65 -56.06
N PHE QF 210 13.56 56.04 -55.01
CA PHE QF 210 13.42 54.60 -54.97
C PHE QF 210 12.25 54.04 -55.76
N ASP QF 211 12.45 52.82 -56.25
CA ASP QF 211 11.48 51.77 -56.18
C ASP QF 211 11.32 51.41 -54.73
N GLY QF 212 12.46 51.29 -53.99
CA GLY QF 212 12.51 51.27 -52.55
C GLY QF 212 13.14 49.98 -52.03
N TYR QF 213 12.34 48.96 -51.64
CA TYR QF 213 12.83 47.65 -51.16
C TYR QF 213 13.44 47.07 -52.34
N ASN QF 214 12.57 47.06 -53.35
CA ASN QF 214 12.62 46.38 -54.58
C ASN QF 214 12.62 47.52 -55.58
N PHE QF 215 13.79 48.05 -55.93
CA PHE QF 215 15.06 47.55 -55.52
C PHE QF 215 15.69 48.55 -54.65
N ASP QF 216 16.57 48.08 -53.76
CA ASP QF 216 17.37 48.99 -52.99
C ASP QF 216 18.21 49.70 -54.02
N ARG QF 217 18.44 49.05 -55.17
CA ARG QF 217 18.90 49.72 -56.38
C ARG QF 217 18.05 50.96 -56.62
N PHE QF 218 18.69 52.11 -56.76
CA PHE QF 218 17.94 53.34 -57.02
C PHE QF 218 18.75 54.21 -57.96
N VAL QF 219 18.07 54.92 -58.87
CA VAL QF 219 18.78 55.80 -59.79
C VAL QF 219 19.14 57.07 -59.05
N GLY QF 220 20.42 57.42 -59.09
CA GLY QF 220 20.87 58.60 -58.40
C GLY QF 220 21.23 59.72 -59.32
N HIS QF 221 20.44 60.78 -59.27
CA HIS QF 221 20.66 61.95 -60.09
C HIS QF 221 21.44 63.01 -59.32
N ILE QF 222 22.49 63.53 -59.93
CA ILE QF 222 23.24 64.58 -59.29
C ILE QF 222 22.70 65.85 -59.89
N VAL QF 223 22.22 66.76 -59.05
CA VAL QF 223 21.64 68.00 -59.55
C VAL QF 223 22.14 69.27 -58.88
N HIS QF 224 21.77 70.40 -59.48
CA HIS QF 224 22.10 71.71 -58.94
C HIS QF 224 20.92 71.97 -58.02
N GLU QF 225 21.14 72.01 -56.69
CA GLU QF 225 20.09 71.76 -55.73
C GLU QF 225 18.96 72.72 -55.96
N LEU QF 226 19.30 73.97 -56.27
CA LEU QF 226 18.38 75.05 -56.47
C LEU QF 226 17.57 74.86 -57.73
N SER QF 227 18.27 74.48 -58.81
CA SER QF 227 17.75 74.40 -60.15
C SER QF 227 16.90 73.20 -60.26
N GLU QF 228 17.35 72.16 -59.56
CA GLU QF 228 16.97 70.85 -59.96
C GLU QF 228 17.25 70.64 -61.40
N GLU QF 229 18.50 70.91 -61.81
CA GLU QF 229 18.97 70.39 -63.09
C GLU QF 229 19.70 69.08 -62.90
N VAL QF 230 19.35 68.11 -63.72
CA VAL QF 230 20.01 66.82 -63.66
C VAL QF 230 21.27 66.92 -64.50
N CYS QF 231 22.40 66.44 -64.01
CA CYS QF 231 23.62 66.50 -64.80
C CYS QF 231 24.54 65.32 -64.54
N ALA QF 232 24.01 64.30 -63.88
CA ALA QF 232 24.77 63.11 -63.59
C ALA QF 232 23.84 62.04 -63.06
N GLU QF 233 23.90 60.87 -63.68
CA GLU QF 233 23.06 59.75 -63.32
C GLU QF 233 23.98 58.58 -62.95
N PHE QF 234 23.68 57.95 -61.81
CA PHE QF 234 24.43 56.81 -61.35
C PHE QF 234 23.40 55.82 -60.89
N ILE QF 235 23.63 54.55 -61.16
CA ILE QF 235 22.71 53.52 -60.69
C ILE QF 235 23.31 53.01 -59.40
N PHE QF 236 22.63 53.22 -58.29
CA PHE QF 236 23.16 52.78 -57.01
C PHE QF 236 22.61 51.41 -56.62
N HIS QF 237 23.52 50.52 -56.22
CA HIS QF 237 23.18 49.18 -55.77
C HIS QF 237 23.58 49.08 -54.29
N ARG QF 238 22.73 48.42 -53.51
CA ARG QF 238 23.03 48.26 -52.09
C ARG QF 238 24.17 47.25 -52.00
N LYS QF 239 25.27 47.56 -51.28
CA LYS QF 239 26.32 46.61 -51.02
C LYS QF 239 25.86 45.75 -49.88
N LYS QF 240 26.04 44.43 -49.94
CA LYS QF 240 25.59 43.76 -48.76
C LYS QF 240 26.73 43.71 -47.76
N HIS RF 20 -83.67 49.07 -14.56
CA HIS RF 20 -84.16 47.91 -15.34
C HIS RF 20 -85.24 48.34 -16.27
N GLU RF 21 -86.47 47.92 -15.94
CA GLU RF 21 -87.61 48.24 -16.75
C GLU RF 21 -87.81 49.72 -16.72
N HIS RF 22 -87.59 50.30 -15.53
CA HIS RF 22 -87.87 51.66 -15.22
C HIS RF 22 -87.06 52.49 -16.11
N CYS RF 23 -85.75 52.19 -16.13
CA CYS RF 23 -84.95 53.09 -16.85
C CYS RF 23 -84.91 52.60 -18.24
N CYS RF 24 -83.84 52.97 -18.92
CA CYS RF 24 -83.89 53.20 -20.31
C CYS RF 24 -83.48 51.91 -21.00
N SER RF 25 -84.46 51.20 -21.63
CA SER RF 25 -84.29 49.87 -22.17
C SER RF 25 -83.28 49.87 -23.27
N GLU RF 26 -82.68 48.70 -23.46
CA GLU RF 26 -81.80 48.40 -24.58
C GLU RF 26 -82.47 48.71 -25.91
N GLU RF 27 -83.66 48.14 -26.14
CA GLU RF 27 -84.35 48.41 -27.40
C GLU RF 27 -84.56 49.91 -27.50
N ASP RF 28 -85.11 50.47 -26.42
CA ASP RF 28 -85.38 51.90 -26.40
C ASP RF 28 -84.23 52.70 -26.98
N HIS RF 29 -83.08 52.69 -26.32
CA HIS RF 29 -81.96 53.46 -26.84
C HIS RF 29 -81.39 52.92 -28.12
N ARG RF 30 -81.45 51.61 -28.32
CA ARG RF 30 -80.92 51.08 -29.57
C ARG RF 30 -81.65 51.88 -30.65
N ILE RF 31 -82.92 52.16 -30.40
CA ILE RF 31 -83.72 52.92 -31.33
C ILE RF 31 -83.22 54.34 -31.42
N VAL RF 32 -83.20 55.02 -30.29
CA VAL RF 32 -82.74 56.39 -30.26
C VAL RF 32 -81.45 56.50 -31.05
N GLN RF 33 -80.46 55.70 -30.68
CA GLN RF 33 -79.17 55.73 -31.36
C GLN RF 33 -79.31 55.64 -32.87
N LYS RF 34 -80.09 54.67 -33.35
CA LYS RF 34 -80.28 54.49 -34.79
C LYS RF 34 -80.87 55.74 -35.43
N GLN RF 35 -81.90 56.29 -34.81
CA GLN RF 35 -82.58 57.47 -35.33
C GLN RF 35 -81.74 58.72 -35.28
N TRP RF 36 -80.91 58.85 -34.26
CA TRP RF 36 -80.06 60.02 -34.12
C TRP RF 36 -78.97 60.00 -35.15
N ASP RF 37 -78.71 58.83 -35.72
CA ASP RF 37 -77.69 58.71 -36.74
C ASP RF 37 -78.15 59.15 -38.13
N ILE RF 38 -79.46 59.09 -38.36
CA ILE RF 38 -79.99 59.52 -39.64
C ILE RF 38 -79.45 60.91 -39.95
N LEU RF 39 -79.14 61.65 -38.90
CA LEU RF 39 -78.63 63.01 -39.01
C LEU RF 39 -77.23 63.17 -39.59
N TRP RF 40 -76.26 62.46 -39.01
CA TRP RF 40 -74.88 62.57 -39.46
C TRP RF 40 -74.47 61.76 -40.68
N ARG RF 41 -75.39 61.59 -41.63
CA ARG RF 41 -75.05 60.83 -42.83
C ARG RF 41 -74.15 61.65 -43.74
N ASP RF 42 -74.36 62.96 -43.80
CA ASP RF 42 -73.52 63.81 -44.65
C ASP RF 42 -72.40 64.49 -43.87
N THR RF 43 -71.25 64.61 -44.52
CA THR RF 43 -70.07 65.20 -43.93
C THR RF 43 -70.20 66.58 -43.32
N GLU RF 44 -71.22 67.35 -43.72
CA GLU RF 44 -71.37 68.69 -43.18
C GLU RF 44 -72.12 68.71 -41.85
N SER RF 45 -71.69 67.85 -40.93
CA SER RF 45 -72.30 67.75 -39.62
C SER RF 45 -72.27 69.10 -38.89
N SER RF 46 -71.13 69.79 -39.01
CA SER RF 46 -70.97 71.08 -38.38
C SER RF 46 -72.14 72.01 -38.68
N LYS RF 47 -72.38 72.26 -39.96
CA LYS RF 47 -73.46 73.12 -40.37
C LYS RF 47 -74.78 72.72 -39.72
N ILE RF 48 -75.01 71.42 -39.62
CA ILE RF 48 -76.23 70.90 -38.99
C ILE RF 48 -76.17 71.10 -37.50
N LYS RF 49 -75.31 70.35 -36.82
CA LYS RF 49 -75.18 70.48 -35.37
C LYS RF 49 -75.33 71.92 -34.92
N ILE RF 50 -74.60 72.82 -35.58
CA ILE RF 50 -74.66 74.25 -35.24
C ILE RF 50 -76.08 74.77 -35.41
N GLY RF 51 -76.53 74.83 -36.65
CA GLY RF 51 -77.87 75.31 -36.91
C GLY RF 51 -78.91 74.74 -35.95
N PHE RF 52 -78.90 73.42 -35.78
CA PHE RF 52 -79.85 72.76 -34.89
C PHE RF 52 -79.65 73.21 -33.45
N GLY RF 53 -78.41 73.08 -32.94
CA GLY RF 53 -78.13 73.47 -31.57
C GLY RF 53 -78.41 74.94 -31.37
N ARG RF 54 -78.13 75.73 -32.39
CA ARG RF 54 -78.35 77.17 -32.34
C ARG RF 54 -79.83 77.37 -32.10
N LEU RF 55 -80.64 76.84 -32.99
CA LEU RF 55 -82.09 76.96 -32.86
C LEU RF 55 -82.57 76.47 -31.49
N LEU RF 56 -82.13 75.29 -31.08
CA LEU RF 56 -82.55 74.75 -29.79
C LEU RF 56 -82.31 75.71 -28.63
N LEU RF 57 -81.13 76.30 -28.55
CA LEU RF 57 -80.85 77.23 -27.47
C LEU RF 57 -81.67 78.51 -27.63
N THR RF 58 -81.76 79.02 -28.85
CA THR RF 58 -82.53 80.21 -29.14
C THR RF 58 -83.95 80.04 -28.62
N LYS RF 59 -84.64 79.02 -29.13
CA LYS RF 59 -86.00 78.71 -28.73
C LYS RF 59 -86.12 78.53 -27.21
N LEU RF 60 -84.99 78.36 -26.54
CA LEU RF 60 -85.03 78.23 -25.10
C LEU RF 60 -85.09 79.63 -24.52
N ALA RF 61 -84.17 80.48 -24.96
CA ALA RF 61 -84.12 81.86 -24.49
C ALA RF 61 -85.42 82.58 -24.83
N LYS RF 62 -86.09 82.10 -25.86
CA LYS RF 62 -87.37 82.67 -26.28
C LYS RF 62 -88.42 82.45 -25.21
N ASP RF 63 -88.55 81.22 -24.74
CA ASP RF 63 -89.53 80.88 -23.71
C ASP RF 63 -89.09 81.25 -22.29
N ILE RF 64 -87.80 81.39 -22.06
CA ILE RF 64 -87.28 81.75 -20.75
C ILE RF 64 -86.05 82.62 -20.94
N PRO RF 65 -86.22 83.95 -20.88
CA PRO RF 65 -85.19 84.96 -21.05
C PRO RF 65 -84.06 85.01 -20.03
N GLU RF 66 -84.36 84.67 -18.78
CA GLU RF 66 -83.32 84.71 -17.76
C GLU RF 66 -82.15 83.85 -18.21
N VAL RF 67 -82.34 83.17 -19.34
CA VAL RF 67 -81.33 82.31 -19.94
C VAL RF 67 -80.32 83.16 -20.71
N ASN RF 68 -80.84 84.10 -21.50
CA ASN RF 68 -79.99 84.98 -22.28
C ASN RF 68 -78.80 85.48 -21.50
N ASP RF 69 -78.97 85.70 -20.19
CA ASP RF 69 -77.88 86.19 -19.36
C ASP RF 69 -76.85 85.12 -19.04
N LEU RF 70 -77.30 83.87 -19.04
CA LEU RF 70 -76.41 82.75 -18.75
C LEU RF 70 -75.47 82.51 -19.93
N PHE RF 71 -76.05 82.54 -21.12
CA PHE RF 71 -75.31 82.32 -22.36
C PHE RF 71 -74.68 83.61 -22.86
N LYS RF 72 -74.71 84.63 -22.02
CA LYS RF 72 -74.13 85.92 -22.34
C LYS RF 72 -72.64 85.71 -22.60
N ARG RF 73 -72.02 84.93 -21.73
CA ARG RF 73 -70.60 84.62 -21.78
C ARG RF 73 -70.16 84.11 -23.14
N VAL RF 74 -71.07 83.44 -23.86
CA VAL RF 74 -70.74 82.89 -25.17
C VAL RF 74 -71.34 83.69 -26.30
N ASP RF 75 -71.62 84.96 -26.04
CA ASP RF 75 -72.17 85.86 -27.06
C ASP RF 75 -73.40 85.27 -27.74
N ILE RF 76 -74.39 84.88 -26.96
CA ILE RF 76 -75.61 84.31 -27.51
C ILE RF 76 -76.33 85.40 -28.26
N GLU RF 77 -75.96 86.63 -27.96
CA GLU RF 77 -76.56 87.76 -28.62
C GLU RF 77 -76.38 87.63 -30.13
N HIS RF 78 -75.26 87.07 -30.54
CA HIS RF 78 -74.96 86.86 -31.95
C HIS RF 78 -75.07 85.41 -32.27
N ALA RF 79 -76.28 84.96 -32.56
CA ALA RF 79 -76.53 83.56 -32.87
C ALA RF 79 -75.55 82.96 -33.87
N GLU RF 80 -75.27 83.70 -34.96
CA GLU RF 80 -74.36 83.25 -36.01
C GLU RF 80 -72.89 83.57 -35.68
N GLY RF 81 -72.69 84.28 -34.58
CA GLY RF 81 -71.34 84.64 -34.17
C GLY RF 81 -70.55 83.41 -33.79
N PRO RF 82 -69.35 83.25 -34.32
CA PRO RF 82 -68.52 82.09 -33.99
C PRO RF 82 -68.54 81.77 -32.50
N LYS RF 83 -68.41 82.80 -31.66
CA LYS RF 83 -68.43 82.60 -30.22
C LYS RF 83 -69.53 81.64 -29.81
N PHE RF 84 -70.72 81.90 -30.30
CA PHE RF 84 -71.87 81.07 -29.99
C PHE RF 84 -71.89 79.80 -30.82
N SER RF 85 -71.62 79.91 -32.11
CA SER RF 85 -71.62 78.73 -32.99
C SER RF 85 -70.76 77.63 -32.37
N ALA RF 86 -69.61 77.99 -31.83
CA ALA RF 86 -68.74 77.02 -31.20
C ALA RF 86 -69.53 76.37 -30.09
N HIS RF 87 -70.07 77.20 -29.19
CA HIS RF 87 -70.87 76.72 -28.08
C HIS RF 87 -71.94 75.76 -28.59
N ALA RF 88 -72.72 76.21 -29.57
CA ALA RF 88 -73.78 75.40 -30.14
C ALA RF 88 -73.26 73.99 -30.32
N LEU RF 89 -72.05 73.87 -30.85
CA LEU RF 89 -71.46 72.56 -31.06
C LEU RF 89 -71.23 71.87 -29.72
N ARG RF 90 -70.36 72.44 -28.90
CA ARG RF 90 -70.06 71.84 -27.61
C ARG RF 90 -71.28 71.20 -26.95
N ILE RF 91 -72.37 71.94 -26.83
CA ILE RF 91 -73.58 71.41 -26.20
C ILE RF 91 -74.17 70.28 -27.02
N LEU RF 92 -74.60 70.62 -28.23
CA LEU RF 92 -75.19 69.66 -29.13
C LEU RF 92 -74.28 68.41 -29.20
N ASN RF 93 -72.96 68.62 -29.21
CA ASN RF 93 -72.00 67.53 -29.28
C ASN RF 93 -71.97 66.75 -27.98
N GLY RF 94 -72.31 67.41 -26.88
CA GLY RF 94 -72.33 66.74 -25.61
C GLY RF 94 -73.51 65.79 -25.62
N LEU RF 95 -74.63 66.26 -26.14
CA LEU RF 95 -75.82 65.44 -26.23
C LEU RF 95 -75.43 64.21 -27.01
N ASP RF 96 -74.60 64.38 -28.04
CA ASP RF 96 -74.14 63.24 -28.85
C ASP RF 96 -73.49 62.24 -27.90
N LEU RF 97 -72.44 62.70 -27.22
CA LEU RF 97 -71.73 61.86 -26.27
C LEU RF 97 -72.72 61.09 -25.42
N ALA RF 98 -73.68 61.78 -24.83
CA ALA RF 98 -74.67 61.14 -23.98
C ALA RF 98 -75.32 59.98 -24.72
N ILE RF 99 -75.90 60.29 -25.87
CA ILE RF 99 -76.57 59.28 -26.67
C ILE RF 99 -75.63 58.13 -27.03
N ASN RF 100 -74.44 58.43 -27.54
CA ASN RF 100 -73.49 57.38 -27.91
C ASN RF 100 -72.93 56.53 -26.76
N LEU RF 101 -73.23 56.89 -25.52
CA LEU RF 101 -72.76 56.10 -24.41
C LEU RF 101 -73.93 55.42 -23.75
N LEU RF 102 -75.10 55.53 -24.37
CA LEU RF 102 -76.29 54.92 -23.82
C LEU RF 102 -76.12 53.42 -23.63
N ASP RF 103 -75.24 52.80 -24.41
CA ASP RF 103 -75.04 51.37 -24.27
C ASP RF 103 -73.79 51.07 -23.45
N ASP RF 104 -73.77 51.56 -22.20
CA ASP RF 104 -72.68 51.38 -21.25
C ASP RF 104 -72.99 52.27 -20.07
N PRO RF 105 -74.07 51.96 -19.35
CA PRO RF 105 -74.52 52.72 -18.20
C PRO RF 105 -73.45 53.33 -17.29
N PRO RF 106 -72.48 52.54 -16.83
CA PRO RF 106 -71.44 53.09 -15.94
C PRO RF 106 -70.69 54.26 -16.58
N ALA RF 107 -70.33 54.11 -17.84
CA ALA RF 107 -69.61 55.15 -18.57
C ALA RF 107 -70.52 56.34 -18.74
N LEU RF 108 -71.69 56.10 -19.33
CA LEU RF 108 -72.66 57.15 -19.54
C LEU RF 108 -72.87 57.89 -18.24
N ASP RF 109 -73.05 57.14 -17.17
CA ASP RF 109 -73.26 57.72 -15.86
C ASP RF 109 -72.13 58.72 -15.62
N ALA RF 110 -70.91 58.23 -15.54
CA ALA RF 110 -69.76 59.09 -15.32
C ALA RF 110 -69.77 60.29 -16.25
N ALA RF 111 -69.93 60.03 -17.54
CA ALA RF 111 -69.95 61.08 -18.55
C ALA RF 111 -70.94 62.18 -18.23
N LEU RF 112 -72.12 61.80 -17.74
CA LEU RF 112 -73.15 62.76 -17.40
C LEU RF 112 -72.86 63.46 -16.08
N ASP RF 113 -72.41 62.71 -15.07
CA ASP RF 113 -72.11 63.29 -13.78
C ASP RF 113 -71.17 64.46 -14.03
N HIS RF 114 -70.19 64.22 -14.88
CA HIS RF 114 -69.23 65.24 -15.23
C HIS RF 114 -69.98 66.46 -15.76
N LEU RF 115 -70.97 66.23 -16.62
CA LEU RF 115 -71.74 67.34 -17.17
C LEU RF 115 -72.49 68.07 -16.08
N ALA RF 116 -72.86 67.34 -15.04
CA ALA RF 116 -73.58 67.95 -13.93
C ALA RF 116 -72.69 69.01 -13.32
N HIS RF 117 -71.48 68.60 -12.95
CA HIS RF 117 -70.51 69.50 -12.35
C HIS RF 117 -70.24 70.72 -13.23
N GLN RF 118 -70.20 70.54 -14.54
CA GLN RF 118 -69.93 71.65 -15.43
C GLN RF 118 -71.07 72.64 -15.45
N HIS RF 119 -72.21 72.23 -14.92
CA HIS RF 119 -73.37 73.10 -14.87
C HIS RF 119 -73.61 73.59 -13.46
N GLU RF 120 -73.14 72.85 -12.48
CA GLU RF 120 -73.30 73.22 -11.09
C GLU RF 120 -72.66 74.57 -10.79
N VAL RF 121 -71.42 74.75 -11.24
CA VAL RF 121 -70.69 75.99 -11.01
C VAL RF 121 -71.12 77.14 -11.88
N ARG RF 122 -72.21 76.96 -12.63
CA ARG RF 122 -72.71 78.02 -13.49
C ARG RF 122 -74.00 78.49 -12.84
N GLU RF 123 -73.91 79.41 -11.89
CA GLU RF 123 -75.11 79.90 -11.21
C GLU RF 123 -76.08 80.58 -12.16
N GLY RF 124 -77.36 80.43 -11.87
CA GLY RF 124 -78.39 81.01 -12.71
C GLY RF 124 -79.15 79.90 -13.41
N VAL RF 125 -78.45 78.79 -13.63
CA VAL RF 125 -79.02 77.63 -14.29
C VAL RF 125 -79.83 76.82 -13.30
N GLN RF 126 -81.14 76.80 -13.48
CA GLN RF 126 -82.02 76.05 -12.58
C GLN RF 126 -82.72 74.91 -13.30
N LYS RF 127 -83.19 73.93 -12.53
CA LYS RF 127 -83.85 72.76 -13.11
C LYS RF 127 -84.92 73.08 -14.14
N ALA RF 128 -85.86 73.94 -13.80
CA ALA RF 128 -86.94 74.32 -14.71
C ALA RF 128 -86.43 74.58 -16.14
N HIS RF 129 -85.17 74.97 -16.26
CA HIS RF 129 -84.57 75.24 -17.55
C HIS RF 129 -84.51 73.97 -18.36
N PHE RF 130 -83.96 72.92 -17.76
CA PHE RF 130 -83.85 71.66 -18.44
C PHE RF 130 -85.20 71.10 -18.79
N LYS RF 131 -86.13 71.10 -17.85
CA LYS RF 131 -87.44 70.59 -18.14
C LYS RF 131 -87.93 71.21 -19.44
N LYS RF 132 -87.76 72.52 -19.57
CA LYS RF 132 -88.19 73.22 -20.78
C LYS RF 132 -87.39 72.78 -22.00
N PHE RF 133 -86.07 72.81 -21.87
CA PHE RF 133 -85.21 72.41 -22.96
C PHE RF 133 -85.61 71.05 -23.45
N GLY RF 134 -86.05 70.20 -22.52
CA GLY RF 134 -86.46 68.86 -22.88
C GLY RF 134 -87.67 68.91 -23.79
N GLU RF 135 -88.68 69.64 -23.36
CA GLU RF 135 -89.89 69.77 -24.14
C GLU RF 135 -89.57 70.31 -25.52
N ILE RF 136 -88.63 71.25 -25.59
CA ILE RF 136 -88.24 71.87 -26.86
C ILE RF 136 -87.55 70.86 -27.76
N LEU RF 137 -86.63 70.12 -27.17
CA LEU RF 137 -85.85 69.12 -27.88
C LEU RF 137 -86.77 68.06 -28.44
N ALA RF 138 -87.81 67.73 -27.69
CA ALA RF 138 -88.75 66.72 -28.09
C ALA RF 138 -89.64 67.18 -29.21
N THR RF 139 -89.81 68.49 -29.35
CA THR RF 139 -90.65 69.02 -30.41
C THR RF 139 -89.80 69.30 -31.63
N GLY RF 140 -88.51 69.42 -31.41
CA GLY RF 140 -87.62 69.69 -32.51
C GLY RF 140 -87.14 68.49 -33.27
N LEU RF 141 -86.61 67.49 -32.57
CA LEU RF 141 -86.10 66.29 -33.23
C LEU RF 141 -87.00 65.78 -34.35
N PRO RF 142 -88.27 65.50 -34.05
CA PRO RF 142 -89.20 64.99 -35.06
C PRO RF 142 -89.37 65.89 -36.27
N GLN RF 143 -88.73 67.04 -36.25
CA GLN RF 143 -88.83 67.96 -37.38
C GLN RF 143 -87.70 67.75 -38.36
N VAL RF 144 -86.61 67.14 -37.89
CA VAL RF 144 -85.46 66.88 -38.73
C VAL RF 144 -85.32 65.38 -39.03
N LEU RF 145 -85.92 64.55 -38.19
CA LEU RF 145 -85.85 63.12 -38.38
C LEU RF 145 -87.20 62.60 -38.87
N ASP RF 146 -87.23 61.98 -40.03
CA ASP RF 146 -88.49 61.45 -40.54
C ASP RF 146 -88.95 60.28 -39.69
N ASP RF 147 -88.01 59.49 -39.19
CA ASP RF 147 -88.34 58.34 -38.34
C ASP RF 147 -88.01 58.71 -36.90
N TYR RF 148 -89.05 58.96 -36.12
CA TYR RF 148 -88.89 59.34 -34.72
C TYR RF 148 -89.83 58.54 -33.84
N ASP RF 149 -89.33 58.00 -32.74
CA ASP RF 149 -90.15 57.22 -31.83
C ASP RF 149 -90.25 57.99 -30.53
N ALA RF 150 -91.21 58.90 -30.46
CA ALA RF 150 -91.41 59.75 -29.28
C ALA RF 150 -91.25 59.02 -27.96
N LEU RF 151 -91.89 57.88 -27.83
CA LEU RF 151 -91.81 57.12 -26.60
C LEU RF 151 -90.40 56.77 -26.19
N ALA RF 152 -89.65 56.18 -27.10
CA ALA RF 152 -88.28 55.80 -26.81
C ALA RF 152 -87.46 57.02 -26.42
N TRP RF 153 -87.48 58.04 -27.26
CA TRP RF 153 -86.71 59.24 -26.99
C TRP RF 153 -87.04 59.90 -25.67
N LYS RF 154 -88.30 60.19 -25.43
CA LYS RF 154 -88.68 60.84 -24.18
C LYS RF 154 -88.09 60.07 -23.02
N SER RF 155 -88.22 58.74 -23.07
CA SER RF 155 -87.68 57.88 -22.02
C SER RF 155 -86.20 58.16 -21.78
N CYS RF 156 -85.40 58.15 -22.84
CA CYS RF 156 -83.97 58.38 -22.73
C CYS RF 156 -83.59 59.81 -22.44
N LEU RF 157 -84.15 60.76 -23.18
CA LEU RF 157 -83.83 62.14 -22.94
C LEU RF 157 -84.06 62.51 -21.49
N LYS RF 158 -85.12 61.96 -20.90
CA LYS RF 158 -85.43 62.24 -19.50
C LYS RF 158 -84.25 61.83 -18.65
N GLY RF 159 -83.90 60.55 -18.71
CA GLY RF 159 -82.78 60.06 -17.92
C GLY RF 159 -81.55 60.93 -18.05
N ILE RF 160 -81.26 61.39 -19.26
CA ILE RF 160 -80.10 62.22 -19.51
C ILE RF 160 -80.23 63.58 -18.88
N LEU RF 161 -81.21 64.34 -19.32
CA LEU RF 161 -81.43 65.68 -18.80
C LEU RF 161 -81.43 65.71 -17.27
N THR RF 162 -82.11 64.74 -16.66
CA THR RF 162 -82.18 64.68 -15.22
C THR RF 162 -80.79 64.57 -14.59
N LYS RF 163 -80.07 63.51 -14.95
CA LYS RF 163 -78.74 63.27 -14.40
C LYS RF 163 -77.81 64.45 -14.61
N ILE RF 164 -78.04 65.24 -15.65
CA ILE RF 164 -77.18 66.40 -15.94
C ILE RF 164 -77.44 67.55 -15.00
N SER RF 165 -78.70 67.73 -14.64
CA SER RF 165 -79.08 68.84 -13.77
C SER RF 165 -79.19 68.46 -12.31
N SER RF 166 -78.88 67.19 -12.03
CA SER RF 166 -79.05 66.50 -10.80
C SER RF 166 -78.29 67.25 -9.79
N ARG RF 167 -77.08 67.68 -10.21
CA ARG RF 167 -76.23 68.48 -9.39
C ARG RF 167 -76.73 69.85 -9.42
N LEU RF 168 -76.99 70.33 -8.19
CA LEU RF 168 -77.49 71.59 -7.84
C LEU RF 168 -76.49 72.11 -6.80
N GLU SF 19 -91.38 83.18 -47.11
CA GLU SF 19 -90.46 82.24 -47.75
C GLU SF 19 -90.72 80.84 -47.30
N CYS SF 20 -89.63 80.07 -47.29
CA CYS SF 20 -89.59 78.73 -46.82
C CYS SF 20 -88.90 78.79 -45.52
N LEU SF 21 -88.79 77.60 -44.92
CA LEU SF 21 -88.10 77.47 -43.68
C LEU SF 21 -86.87 76.70 -44.04
N VAL SF 22 -85.82 76.80 -43.21
CA VAL SF 22 -84.58 76.11 -43.40
C VAL SF 22 -84.79 74.65 -43.27
N THR SF 23 -85.63 74.24 -42.31
CA THR SF 23 -85.91 72.82 -42.21
C THR SF 23 -86.72 72.35 -43.42
N GLU SF 24 -87.79 73.08 -43.72
CA GLU SF 24 -88.64 72.73 -44.84
C GLU SF 24 -87.83 72.52 -46.12
N SER SF 25 -86.58 72.97 -46.13
CA SER SF 25 -85.74 72.81 -47.30
C SER SF 25 -84.99 71.51 -47.13
N LEU SF 26 -84.17 71.44 -46.10
CA LEU SF 26 -83.37 70.26 -45.80
C LEU SF 26 -84.22 69.00 -46.02
N LYS SF 27 -85.47 69.09 -45.61
CA LYS SF 27 -86.40 67.97 -45.76
C LYS SF 27 -86.54 67.61 -47.22
N VAL SF 28 -86.74 68.61 -48.06
CA VAL SF 28 -86.87 68.37 -49.48
C VAL SF 28 -85.52 67.94 -50.06
N LYS SF 29 -84.47 68.66 -49.71
CA LYS SF 29 -83.14 68.35 -50.21
C LYS SF 29 -82.86 66.88 -49.95
N LEU SF 30 -83.24 66.42 -48.77
CA LEU SF 30 -83.05 65.04 -48.37
C LEU SF 30 -83.94 64.06 -49.13
N GLN SF 31 -85.25 64.29 -49.08
CA GLN SF 31 -86.18 63.41 -49.79
C GLN SF 31 -85.90 63.37 -51.28
N TRP SF 32 -85.50 64.48 -51.87
CA TRP SF 32 -85.21 64.51 -53.30
C TRP SF 32 -84.17 63.45 -53.57
N ALA SF 33 -83.18 63.36 -52.69
CA ALA SF 33 -82.12 62.38 -52.83
C ALA SF 33 -82.67 60.98 -53.02
N SER SF 34 -83.40 60.48 -52.02
CA SER SF 34 -83.97 59.13 -52.09
C SER SF 34 -84.85 58.91 -53.29
N ALA SF 35 -85.73 59.86 -53.56
CA ALA SF 35 -86.66 59.76 -54.68
C ALA SF 35 -86.01 59.76 -56.06
N PHE SF 36 -85.29 60.84 -56.37
CA PHE SF 36 -84.63 60.98 -57.65
C PHE SF 36 -83.76 59.76 -57.91
N GLY SF 37 -82.76 59.57 -57.06
CA GLY SF 37 -81.89 58.42 -57.19
C GLY SF 37 -80.61 58.65 -57.99
N HIS SF 38 -80.11 57.58 -58.58
CA HIS SF 38 -78.89 57.65 -59.37
C HIS SF 38 -78.97 56.84 -60.67
N ALA SF 39 -78.19 57.26 -61.66
CA ALA SF 39 -78.12 56.60 -62.96
C ALA SF 39 -79.49 56.32 -63.55
N HIS SF 40 -79.65 55.10 -64.07
CA HIS SF 40 -80.91 54.69 -64.68
C HIS SF 40 -82.13 55.00 -63.83
N GLU SF 41 -82.05 54.75 -62.53
CA GLU SF 41 -83.17 55.02 -61.62
C GLU SF 41 -83.82 56.39 -61.90
N ARG SF 42 -83.02 57.32 -62.40
CA ARG SF 42 -83.47 58.66 -62.72
C ARG SF 42 -84.25 58.69 -64.01
N VAL SF 43 -83.64 58.22 -65.08
CA VAL SF 43 -84.30 58.21 -66.38
C VAL SF 43 -85.71 57.67 -66.19
N ALA SF 44 -85.81 56.62 -65.38
CA ALA SF 44 -87.09 55.97 -65.08
C ALA SF 44 -88.02 56.98 -64.46
N PHE SF 45 -87.49 57.74 -63.51
CA PHE SF 45 -88.26 58.76 -62.83
C PHE SF 45 -88.72 59.79 -63.87
N GLY SF 46 -87.77 60.42 -64.53
CA GLY SF 46 -88.12 61.41 -65.53
C GLY SF 46 -89.21 60.91 -66.46
N LEU SF 47 -88.98 59.76 -67.07
CA LEU SF 47 -89.96 59.17 -67.98
C LEU SF 47 -91.34 59.08 -67.32
N GLU SF 48 -91.42 58.35 -66.23
CA GLU SF 48 -92.70 58.20 -65.54
C GLU SF 48 -93.36 59.56 -65.36
N LEU SF 49 -92.59 60.57 -64.96
CA LEU SF 49 -93.12 61.92 -64.76
C LEU SF 49 -93.74 62.52 -66.00
N TRP SF 50 -92.93 62.73 -67.01
CA TRP SF 50 -93.42 63.31 -68.25
C TRP SF 50 -94.57 62.56 -68.87
N ARG SF 51 -94.59 61.24 -68.74
CA ARG SF 51 -95.69 60.49 -69.33
C ARG SF 51 -96.97 60.96 -68.69
N ASP SF 52 -97.03 60.87 -67.37
CA ASP SF 52 -98.22 61.29 -66.63
C ASP SF 52 -98.63 62.72 -67.00
N ILE SF 53 -97.65 63.59 -67.19
CA ILE SF 53 -97.93 64.97 -67.54
C ILE SF 53 -98.54 65.12 -68.92
N ILE SF 54 -97.91 64.52 -69.90
CA ILE SF 54 -98.40 64.61 -71.26
C ILE SF 54 -99.76 63.94 -71.48
N ASP SF 55 -100.05 62.87 -70.72
CA ASP SF 55 -101.35 62.21 -70.90
C ASP SF 55 -102.46 63.09 -70.37
N ASP SF 56 -102.13 63.86 -69.34
CA ASP SF 56 -103.09 64.76 -68.72
C ASP SF 56 -103.34 65.99 -69.57
N HIS SF 57 -102.28 66.54 -70.15
CA HIS SF 57 -102.38 67.73 -70.98
C HIS SF 57 -101.56 67.62 -72.26
N PRO SF 58 -102.06 66.89 -73.26
CA PRO SF 58 -101.37 66.69 -74.54
C PRO SF 58 -100.99 67.98 -75.26
N GLU SF 59 -101.44 69.11 -74.74
CA GLU SF 59 -101.13 70.38 -75.36
C GLU SF 59 -99.64 70.63 -75.29
N ILE SF 60 -98.98 69.99 -74.34
CA ILE SF 60 -97.56 70.16 -74.15
C ILE SF 60 -96.67 69.52 -75.20
N LYS SF 61 -97.15 68.47 -75.85
CA LYS SF 61 -96.34 67.84 -76.88
C LYS SF 61 -95.90 68.85 -77.94
N ALA SF 62 -96.51 70.04 -77.90
CA ALA SF 62 -96.21 71.08 -78.87
C ALA SF 62 -94.81 71.67 -78.77
N PRO SF 63 -94.50 72.40 -77.69
CA PRO SF 63 -93.17 72.99 -77.57
C PRO SF 63 -92.04 71.98 -77.48
N PHE SF 64 -92.38 70.75 -77.11
CA PHE SF 64 -91.40 69.69 -77.00
C PHE SF 64 -91.16 69.05 -78.36
N SER SF 65 -91.51 69.77 -79.41
CA SER SF 65 -91.35 69.28 -80.77
C SER SF 65 -89.88 69.12 -81.13
N ARG SF 66 -89.04 70.00 -80.60
CA ARG SF 66 -87.60 69.97 -80.88
C ARG SF 66 -86.96 68.71 -80.30
N VAL SF 67 -87.46 68.28 -79.15
CA VAL SF 67 -86.95 67.10 -78.47
C VAL SF 67 -87.93 65.93 -78.56
N ARG SF 68 -88.32 65.57 -79.78
CA ARG SF 68 -89.26 64.47 -80.01
C ARG SF 68 -90.16 64.21 -78.82
N GLY SF 69 -91.09 65.13 -78.59
CA GLY SF 69 -92.01 64.98 -77.49
C GLY SF 69 -93.12 64.00 -77.78
N ASP SF 70 -93.25 63.62 -79.04
CA ASP SF 70 -94.29 62.67 -79.43
C ASP SF 70 -93.95 61.28 -78.86
N ASN SF 71 -92.67 60.94 -78.90
CA ASN SF 71 -92.17 59.67 -78.40
C ASN SF 71 -91.27 59.94 -77.20
N ILE SF 72 -91.86 59.96 -76.01
CA ILE SF 72 -91.09 60.22 -74.80
C ILE SF 72 -90.06 59.15 -74.48
N TYR SF 73 -90.20 57.97 -75.08
CA TYR SF 73 -89.27 56.88 -74.83
C TYR SF 73 -87.99 57.00 -75.67
N SER SF 74 -88.03 57.90 -76.64
CA SER SF 74 -86.91 58.15 -77.54
C SER SF 74 -85.72 58.71 -76.79
N PRO SF 75 -84.52 58.51 -77.33
CA PRO SF 75 -83.32 59.03 -76.68
C PRO SF 75 -83.32 60.55 -76.72
N GLU SF 76 -83.77 61.10 -77.84
CA GLU SF 76 -83.82 62.54 -77.98
C GLU SF 76 -84.56 63.15 -76.79
N PHE SF 77 -85.76 62.66 -76.53
CA PHE SF 77 -86.57 63.17 -75.43
C PHE SF 77 -85.95 62.76 -74.12
N GLY SF 78 -85.50 61.51 -74.05
CA GLY SF 78 -84.88 61.02 -72.84
C GLY SF 78 -83.82 61.98 -72.38
N ALA SF 79 -82.99 62.43 -73.30
CA ALA SF 79 -81.93 63.36 -72.99
C ALA SF 79 -82.58 64.54 -72.32
N HIS SF 80 -83.47 65.19 -73.04
CA HIS SF 80 -84.19 66.34 -72.52
C HIS SF 80 -84.65 66.10 -71.11
N SER SF 81 -85.49 65.08 -70.95
CA SER SF 81 -86.03 64.66 -69.66
C SER SF 81 -85.01 64.83 -68.57
N GLN SF 82 -83.85 64.24 -68.80
CA GLN SF 82 -82.76 64.30 -67.84
C GLN SF 82 -82.31 65.74 -67.58
N ARG SF 83 -82.01 66.45 -68.65
CA ARG SF 83 -81.55 67.82 -68.53
C ARG SF 83 -82.45 68.59 -67.59
N VAL SF 84 -83.75 68.38 -67.78
CA VAL SF 84 -84.75 69.04 -66.97
C VAL SF 84 -84.55 68.68 -65.50
N LEU SF 85 -84.78 67.42 -65.17
CA LEU SF 85 -84.63 66.96 -63.82
C LEU SF 85 -83.36 67.52 -63.21
N SER SF 86 -82.28 67.48 -63.98
CA SER SF 86 -81.01 67.99 -63.47
C SER SF 86 -81.17 69.41 -62.97
N GLY SF 87 -81.73 70.28 -63.80
CA GLY SF 87 -81.91 71.66 -63.40
C GLY SF 87 -82.70 71.74 -62.11
N LEU SF 88 -83.75 70.92 -62.03
CA LEU SF 88 -84.59 70.86 -60.85
C LEU SF 88 -83.68 70.49 -59.66
N ASP SF 89 -82.75 69.58 -59.90
CA ASP SF 89 -81.83 69.17 -58.85
C ASP SF 89 -81.08 70.42 -58.36
N ILE SF 90 -80.51 71.16 -59.30
CA ILE SF 90 -79.77 72.37 -58.97
C ILE SF 90 -80.59 73.27 -58.09
N THR SF 91 -81.70 73.76 -58.63
CA THR SF 91 -82.57 74.64 -57.88
C THR SF 91 -82.75 74.10 -56.47
N ILE SF 92 -83.21 72.86 -56.34
CA ILE SF 92 -83.42 72.27 -55.03
C ILE SF 92 -82.16 72.33 -54.16
N SER SF 93 -80.98 72.05 -54.78
CA SER SF 93 -79.73 72.06 -54.07
C SER SF 93 -79.31 73.47 -53.79
N MET SF 94 -79.84 74.45 -54.52
CA MET SF 94 -79.46 75.82 -54.35
C MET SF 94 -80.07 76.31 -53.09
N LEU SF 95 -81.20 75.66 -52.80
CA LEU SF 95 -82.43 76.21 -52.34
C LEU SF 95 -82.27 76.73 -50.96
N ASP SF 96 -81.51 75.95 -50.18
CA ASP SF 96 -81.36 76.11 -48.77
C ASP SF 96 -80.68 77.40 -48.48
N THR SF 97 -79.67 77.69 -49.28
CA THR SF 97 -78.82 78.79 -49.05
C THR SF 97 -79.23 79.82 -50.06
N PRO SF 98 -79.72 80.88 -49.49
CA PRO SF 98 -80.40 81.96 -50.20
C PRO SF 98 -79.64 82.66 -51.30
N ASP SF 99 -78.39 83.01 -51.04
CA ASP SF 99 -77.59 83.71 -52.04
C ASP SF 99 -77.47 82.95 -53.35
N MET SF 100 -77.39 81.63 -53.26
CA MET SF 100 -77.26 80.80 -54.45
C MET SF 100 -78.60 80.64 -55.14
N LEU SF 101 -79.65 80.45 -54.34
CA LEU SF 101 -80.99 80.29 -54.88
C LEU SF 101 -81.41 81.53 -55.64
N ALA SF 102 -81.37 82.67 -54.94
CA ALA SF 102 -81.75 83.95 -55.54
C ALA SF 102 -81.07 84.12 -56.89
N ALA SF 103 -79.81 83.72 -56.96
CA ALA SF 103 -79.03 83.81 -58.19
C ALA SF 103 -79.50 82.80 -59.23
N GLN SF 104 -79.58 81.54 -58.81
CA GLN SF 104 -80.02 80.46 -59.67
C GLN SF 104 -81.39 80.76 -60.22
N LEU SF 105 -82.30 81.16 -59.36
CA LEU SF 105 -83.65 81.48 -59.80
C LEU SF 105 -83.61 82.56 -60.87
N ALA SF 106 -82.91 83.65 -60.58
CA ALA SF 106 -82.80 84.74 -61.53
C ALA SF 106 -82.29 84.22 -62.88
N HIS SF 107 -81.31 83.31 -62.82
CA HIS SF 107 -80.74 82.73 -64.01
C HIS SF 107 -81.79 81.95 -64.80
N LEU SF 108 -82.66 81.23 -64.10
CA LEU SF 108 -83.70 80.46 -64.76
C LEU SF 108 -84.76 81.35 -65.40
N LYS SF 109 -85.11 82.43 -64.70
CA LYS SF 109 -86.11 83.37 -65.20
C LYS SF 109 -85.75 83.84 -66.60
N VAL SF 110 -84.47 84.14 -66.80
CA VAL SF 110 -84.00 84.60 -68.09
C VAL SF 110 -84.21 83.57 -69.19
N GLN SF 111 -83.80 82.34 -68.95
CA GLN SF 111 -83.95 81.28 -69.94
C GLN SF 111 -85.41 81.05 -70.33
N HIS SF 112 -86.32 81.67 -69.59
CA HIS SF 112 -87.74 81.52 -69.85
C HIS SF 112 -88.42 82.76 -70.42
N VAL SF 113 -88.27 83.89 -69.74
CA VAL SF 113 -88.90 85.13 -70.16
C VAL SF 113 -88.89 85.36 -71.67
N GLU SF 114 -87.74 84.98 -72.29
CA GLU SF 114 -87.45 85.32 -73.64
C GLU SF 114 -88.53 84.72 -74.46
N ARG SF 115 -88.96 83.51 -74.04
CA ARG SF 115 -89.75 82.57 -74.78
C ARG SF 115 -91.10 82.50 -74.14
N ASN SF 116 -92.09 82.05 -74.94
CA ASN SF 116 -93.41 81.81 -74.52
C ASN SF 116 -93.48 80.46 -73.87
N LEU SF 117 -94.24 80.46 -72.78
CA LEU SF 117 -94.62 79.31 -72.05
C LEU SF 117 -95.82 79.77 -71.36
N LYS SF 118 -96.73 78.82 -71.07
CA LYS SF 118 -97.83 79.10 -70.24
C LYS SF 118 -97.41 78.85 -68.84
N PRO SF 119 -98.01 79.77 -68.20
CA PRO SF 119 -98.02 79.91 -66.78
C PRO SF 119 -98.54 78.68 -66.15
N GLU SF 120 -99.70 78.22 -66.63
CA GLU SF 120 -100.38 77.12 -65.97
C GLU SF 120 -99.66 75.79 -66.17
N PHE SF 121 -98.83 75.69 -67.21
CA PHE SF 121 -98.09 74.47 -67.50
C PHE SF 121 -97.26 74.07 -66.30
N PHE SF 122 -96.59 75.05 -65.70
CA PHE SF 122 -95.76 74.81 -64.53
C PHE SF 122 -96.61 74.34 -63.36
N ASP SF 123 -97.78 74.94 -63.19
CA ASP SF 123 -98.66 74.55 -62.10
C ASP SF 123 -99.00 73.07 -62.29
N ILE SF 124 -99.00 72.63 -63.54
CA ILE SF 124 -99.28 71.24 -63.90
C ILE SF 124 -98.07 70.40 -63.56
N PHE SF 125 -96.93 70.80 -64.09
CA PHE SF 125 -95.67 70.12 -63.83
C PHE SF 125 -95.57 69.83 -62.34
N LEU SF 126 -95.76 70.85 -61.52
CA LEU SF 126 -95.69 70.70 -60.08
C LEU SF 126 -96.66 69.67 -59.58
N LYS SF 127 -97.90 69.76 -60.03
CA LYS SF 127 -98.92 68.81 -59.61
C LYS SF 127 -98.37 67.38 -59.70
N HIS SF 128 -97.84 67.03 -60.88
CA HIS SF 128 -97.32 65.69 -61.08
C HIS SF 128 -96.05 65.39 -60.31
N LEU SF 129 -95.08 66.29 -60.38
CA LEU SF 129 -93.83 66.07 -59.66
C LEU SF 129 -94.13 65.63 -58.24
N LEU SF 130 -95.18 66.19 -57.65
CA LEU SF 130 -95.56 65.83 -56.29
C LEU SF 130 -96.23 64.49 -56.29
N HIS SF 131 -97.10 64.28 -57.28
CA HIS SF 131 -97.81 63.01 -57.39
C HIS SF 131 -96.78 61.89 -57.45
N VAL SF 132 -95.80 62.03 -58.33
CA VAL SF 132 -94.74 61.03 -58.49
C VAL SF 132 -93.92 60.83 -57.22
N LEU SF 133 -93.36 61.91 -56.67
CA LEU SF 133 -92.58 61.80 -55.44
C LEU SF 133 -93.45 61.10 -54.39
N GLY SF 134 -94.76 61.36 -54.46
CA GLY SF 134 -95.67 60.72 -53.53
C GLY SF 134 -95.52 59.22 -53.57
N ASP SF 135 -95.54 58.65 -54.78
CA ASP SF 135 -95.38 57.22 -54.96
C ASP SF 135 -94.01 56.78 -54.47
N ARG SF 136 -92.98 57.39 -55.01
CA ARG SF 136 -91.61 57.06 -54.63
C ARG SF 136 -91.35 57.09 -53.14
N LEU SF 137 -91.70 58.19 -52.49
CA LEU SF 137 -91.43 58.33 -51.07
C LEU SF 137 -92.44 57.67 -50.12
N GLY SF 138 -93.69 57.53 -50.57
CA GLY SF 138 -94.69 56.90 -49.74
C GLY SF 138 -95.41 57.87 -48.83
N THR SF 139 -95.70 57.43 -47.61
CA THR SF 139 -96.42 58.26 -46.67
C THR SF 139 -95.52 59.25 -45.96
N HIS SF 140 -94.22 58.99 -46.00
CA HIS SF 140 -93.26 59.87 -45.34
C HIS SF 140 -93.16 61.20 -46.07
N PHE SF 141 -93.46 61.16 -47.36
CA PHE SF 141 -93.40 62.32 -48.23
C PHE SF 141 -93.95 63.55 -47.56
N ASP SF 142 -93.10 64.54 -47.32
CA ASP SF 142 -93.58 65.77 -46.68
C ASP SF 142 -94.16 66.74 -47.70
N PHE SF 143 -95.38 66.45 -48.10
CA PHE SF 143 -96.11 67.26 -49.07
C PHE SF 143 -95.96 68.74 -48.72
N GLY SF 144 -96.32 69.09 -47.50
CA GLY SF 144 -96.22 70.47 -47.06
C GLY SF 144 -94.92 71.10 -47.50
N ALA SF 145 -93.82 70.55 -47.00
CA ALA SF 145 -92.49 71.05 -47.31
C ALA SF 145 -92.24 71.21 -48.81
N TRP SF 146 -92.60 70.20 -49.58
CA TRP SF 146 -92.39 70.30 -51.02
C TRP SF 146 -93.22 71.40 -51.65
N HIS SF 147 -94.53 71.35 -51.46
CA HIS SF 147 -95.41 72.36 -52.03
C HIS SF 147 -94.88 73.76 -51.74
N ASP SF 148 -94.67 74.06 -50.47
CA ASP SF 148 -94.14 75.36 -50.08
C ASP SF 148 -92.81 75.65 -50.77
N CYS SF 149 -91.98 74.62 -50.88
CA CYS SF 149 -90.65 74.79 -51.46
C CYS SF 149 -90.46 74.71 -52.97
N VAL SF 150 -91.01 73.71 -53.62
CA VAL SF 150 -90.87 73.62 -55.07
C VAL SF 150 -91.63 74.76 -55.72
N ASP SF 151 -92.73 75.16 -55.09
CA ASP SF 151 -93.56 76.25 -55.61
C ASP SF 151 -92.64 77.43 -55.87
N GLN SF 152 -91.97 77.89 -54.81
CA GLN SF 152 -91.05 79.02 -54.90
C GLN SF 152 -90.11 78.90 -56.12
N ILE SF 153 -89.74 77.68 -56.48
CA ILE SF 153 -88.84 77.46 -57.60
C ILE SF 153 -89.57 77.67 -58.92
N ILE SF 154 -90.85 77.32 -58.96
CA ILE SF 154 -91.62 77.47 -60.17
C ILE SF 154 -91.89 78.93 -60.46
N ASP SF 155 -92.43 79.66 -59.48
CA ASP SF 155 -92.74 81.06 -59.69
C ASP SF 155 -91.56 81.83 -60.24
N GLY SF 156 -90.36 81.57 -59.70
CA GLY SF 156 -89.25 82.41 -60.03
C GLY SF 156 -88.93 82.26 -61.48
N ILE SF 157 -88.88 81.00 -61.94
CA ILE SF 157 -88.47 80.71 -63.28
C ILE SF 157 -89.54 81.30 -64.11
N LYS SF 158 -90.77 81.03 -63.64
CA LYS SF 158 -92.02 81.27 -64.32
C LYS SF 158 -91.99 82.64 -65.04
N ARG TF 24 -23.93 -15.68 -2.17
CA ARG TF 24 -23.72 -16.66 -3.24
C ARG TF 24 -24.29 -16.28 -4.54
N PHE TF 25 -23.86 -17.07 -5.51
CA PHE TF 25 -24.26 -16.94 -6.85
C PHE TF 25 -25.71 -17.25 -7.00
N GLN TF 26 -26.20 -18.29 -6.32
CA GLN TF 26 -27.48 -18.78 -6.71
C GLN TF 26 -28.52 -17.71 -6.45
N TYR TF 27 -28.27 -16.98 -5.35
CA TYR TF 27 -28.91 -16.13 -4.38
C TYR TF 27 -29.68 -14.95 -4.91
N LEU TF 28 -28.85 -13.98 -5.32
CA LEU TF 28 -29.20 -12.62 -5.55
C LEU TF 28 -29.93 -12.68 -6.80
N VAL TF 29 -29.63 -13.75 -7.53
CA VAL TF 29 -30.37 -14.04 -8.75
C VAL TF 29 -31.84 -14.35 -8.47
N LYS TF 30 -32.10 -15.14 -7.44
CA LYS TF 30 -33.46 -15.52 -7.08
C LYS TF 30 -34.38 -14.31 -6.99
N ASN TF 31 -33.82 -13.15 -6.70
CA ASN TF 31 -34.62 -11.93 -6.59
C ASN TF 31 -34.58 -11.09 -7.86
N GLN TF 32 -33.46 -11.15 -8.57
CA GLN TF 32 -33.33 -10.39 -9.81
C GLN TF 32 -34.46 -10.83 -10.76
N ASN TF 33 -34.64 -12.15 -10.87
CA ASN TF 33 -35.70 -12.69 -11.72
C ASN TF 33 -37.05 -12.21 -11.19
N LEU TF 34 -37.07 -11.81 -9.92
CA LEU TF 34 -38.31 -11.33 -9.32
C LEU TF 34 -38.52 -9.88 -9.71
N HIS TF 35 -37.46 -9.08 -9.64
CA HIS TF 35 -37.57 -7.68 -10.02
C HIS TF 35 -38.10 -7.64 -11.45
N ILE TF 36 -37.77 -8.68 -12.22
CA ILE TF 36 -38.23 -8.75 -13.60
C ILE TF 36 -39.66 -9.26 -13.65
N ASP TF 37 -39.92 -10.38 -12.98
CA ASP TF 37 -41.26 -10.94 -12.96
C ASP TF 37 -42.18 -9.79 -12.53
N TYR TF 38 -41.57 -8.79 -11.88
CA TYR TF 38 -42.29 -7.59 -11.41
C TYR TF 38 -42.64 -6.73 -12.60
N LEU TF 39 -41.61 -6.17 -13.24
CA LEU TF 39 -41.81 -5.33 -14.41
C LEU TF 39 -42.85 -5.92 -15.34
N ALA TF 40 -42.76 -7.21 -15.61
CA ALA TF 40 -43.69 -7.89 -16.50
C ALA TF 40 -45.14 -7.58 -16.10
N LYS TF 41 -45.42 -7.55 -14.80
CA LYS TF 41 -46.76 -7.28 -14.29
C LYS TF 41 -47.13 -5.79 -14.38
N LYS TF 42 -46.22 -4.91 -13.95
CA LYS TF 42 -46.47 -3.46 -14.00
C LYS TF 42 -46.71 -3.03 -15.44
N LEU TF 43 -46.26 -3.87 -16.37
CA LEU TF 43 -46.43 -3.61 -17.79
C LEU TF 43 -47.73 -4.21 -18.32
N HIS TF 44 -48.02 -5.43 -17.89
CA HIS TF 44 -49.24 -6.09 -18.31
C HIS TF 44 -50.41 -5.25 -17.82
N ASP TF 45 -50.28 -4.71 -16.62
CA ASP TF 45 -51.33 -3.87 -16.04
C ASP TF 45 -51.41 -2.55 -16.82
N ILE TF 46 -50.54 -2.41 -17.81
CA ILE TF 46 -50.51 -1.22 -18.68
C ILE TF 46 -51.08 -1.59 -20.02
N GLU TF 47 -50.48 -2.60 -20.63
CA GLU TF 47 -50.94 -3.07 -21.93
C GLU TF 47 -52.43 -3.40 -21.79
N GLU TF 48 -52.85 -3.69 -20.57
CA GLU TF 48 -54.26 -4.02 -20.30
C GLU TF 48 -55.06 -2.72 -20.34
N GLU TF 49 -54.63 -1.75 -19.54
CA GLU TF 49 -55.31 -0.46 -19.47
C GLU TF 49 -55.26 0.22 -20.84
N TYR TF 50 -54.47 -0.34 -21.74
CA TYR TF 50 -54.35 0.19 -23.09
C TYR TF 50 -55.54 -0.26 -23.92
N ASN TF 51 -55.73 -1.57 -24.01
CA ASN TF 51 -56.82 -2.15 -24.78
C ASN TF 51 -58.19 -1.58 -24.39
N LYS TF 52 -58.31 -1.17 -23.11
CA LYS TF 52 -59.56 -0.66 -22.63
C LYS TF 52 -59.88 0.51 -23.52
N LEU TF 53 -58.86 1.35 -23.84
CA LEU TF 53 -58.99 2.53 -24.64
C LEU TF 53 -58.80 2.18 -26.08
N THR TF 54 -59.79 2.63 -26.87
CA THR TF 54 -60.11 2.13 -28.15
C THR TF 54 -58.99 2.36 -29.08
N HIS TF 55 -59.22 1.82 -30.28
CA HIS TF 55 -58.18 1.59 -31.20
C HIS TF 55 -58.34 2.70 -32.13
N ASP TF 56 -57.26 3.10 -32.76
CA ASP TF 56 -57.42 4.34 -33.40
C ASP TF 56 -58.24 4.03 -34.64
N VAL TF 57 -59.14 4.96 -35.03
CA VAL TF 57 -60.11 4.71 -36.06
C VAL TF 57 -59.41 4.54 -37.35
N ASP TF 58 -59.98 3.67 -38.20
CA ASP TF 58 -59.32 3.15 -39.37
C ASP TF 58 -59.38 4.15 -40.48
N LYS TF 59 -56.80 6.21 -40.15
CA LYS TF 59 -56.74 7.16 -41.27
C LYS TF 59 -57.89 6.89 -42.24
N LYS TF 60 -58.31 5.64 -42.33
CA LYS TF 60 -59.40 5.25 -43.23
C LYS TF 60 -60.72 5.97 -42.86
N THR TF 61 -60.76 6.56 -41.67
CA THR TF 61 -61.95 7.28 -41.20
C THR TF 61 -61.88 8.72 -41.65
N ILE TF 62 -60.80 9.38 -41.29
CA ILE TF 62 -60.59 10.75 -41.71
C ILE TF 62 -60.84 10.82 -43.21
N ARG TF 63 -60.27 9.88 -43.95
CA ARG TF 63 -60.41 9.83 -45.40
C ARG TF 63 -61.87 9.93 -45.79
N GLN TF 64 -62.72 9.16 -45.12
CA GLN TF 64 -64.14 9.14 -45.41
C GLN TF 64 -64.81 10.47 -45.11
N LEU TF 65 -64.29 11.20 -44.14
CA LEU TF 65 -64.82 12.52 -43.77
C LEU TF 65 -64.45 13.49 -44.86
N LYS TF 66 -63.14 13.66 -45.10
CA LYS TF 66 -62.65 14.54 -46.15
C LYS TF 66 -63.47 14.26 -47.41
N ALA TF 67 -63.92 13.01 -47.60
CA ALA TF 67 -64.71 12.66 -48.77
C ALA TF 67 -66.09 13.23 -48.61
N ARG TF 68 -66.87 12.67 -47.67
CA ARG TF 68 -68.23 13.12 -47.42
C ARG TF 68 -68.33 14.63 -47.51
N ILE TF 69 -67.36 15.30 -46.90
CA ILE TF 69 -67.31 16.75 -46.90
C ILE TF 69 -67.08 17.26 -48.30
N SER TF 70 -65.96 16.87 -48.88
CA SER TF 70 -65.61 17.30 -50.23
C SER TF 70 -66.78 17.11 -51.22
N ASN TF 71 -67.67 16.12 -51.01
CA ASN TF 71 -68.60 15.93 -52.08
C ASN TF 71 -69.51 17.09 -52.12
N LEU TF 72 -69.80 17.71 -50.97
CA LEU TF 72 -70.88 18.63 -51.03
C LEU TF 72 -70.45 19.76 -51.92
N GLU TF 73 -70.95 24.49 -51.94
CA GLU TF 73 -70.11 25.45 -52.61
C GLU TF 73 -70.28 25.28 -54.08
N GLU TF 74 -70.00 26.37 -54.83
CA GLU TF 74 -70.19 26.42 -56.25
C GLU TF 74 -68.95 25.95 -56.93
N HIS TF 75 -69.09 25.71 -58.24
CA HIS TF 75 -67.95 25.70 -59.10
C HIS TF 75 -68.16 26.82 -60.05
N HIS TF 76 -67.03 27.32 -60.58
CA HIS TF 76 -67.04 28.50 -61.37
C HIS TF 76 -67.90 28.20 -62.57
N CYS TF 77 -67.75 27.01 -63.17
CA CYS TF 77 -68.21 26.84 -64.51
C CYS TF 77 -69.69 26.87 -64.60
N ASP TF 78 -70.12 27.64 -65.63
CA ASP TF 78 -71.38 27.62 -66.28
C ASP TF 78 -71.40 26.30 -66.99
N GLU TF 79 -72.58 25.92 -67.52
CA GLU TF 79 -72.94 24.54 -67.70
C GLU TF 79 -72.14 23.91 -68.80
N HIS TF 80 -71.91 22.59 -68.67
CA HIS TF 80 -71.15 21.77 -69.59
C HIS TF 80 -69.87 22.43 -69.89
N GLU TF 81 -69.11 22.67 -68.81
CA GLU TF 81 -67.68 22.77 -68.55
C GLU TF 81 -67.40 22.16 -67.18
N SER TF 82 -66.24 21.55 -67.03
CA SER TF 82 -65.84 20.96 -65.75
C SER TF 82 -64.39 21.33 -65.52
N GLU TF 83 -63.99 21.43 -64.26
CA GLU TF 83 -62.63 21.83 -63.96
C GLU TF 83 -61.57 20.74 -64.01
N CYS TF 84 -60.31 21.07 -64.36
CA CYS TF 84 -59.34 20.01 -64.33
C CYS TF 84 -59.03 19.70 -62.91
N ARG TF 85 -58.82 18.40 -62.65
CA ARG TF 85 -58.84 17.75 -61.37
C ARG TF 85 -57.86 18.44 -60.47
N GLY TF 86 -56.69 18.82 -61.03
CA GLY TF 86 -55.58 19.11 -60.20
C GLY TF 86 -55.67 20.50 -59.69
N ASP TF 87 -54.48 21.04 -59.35
CA ASP TF 87 -54.19 22.20 -58.56
C ASP TF 87 -54.78 23.38 -59.22
N VAL TF 88 -54.70 23.41 -60.55
CA VAL TF 88 -55.29 24.50 -61.24
C VAL TF 88 -56.76 24.22 -61.30
N PRO TF 89 -57.48 25.30 -61.12
CA PRO TF 89 -58.91 25.36 -61.17
C PRO TF 89 -59.41 25.01 -62.55
N GLU TF 90 -58.62 25.35 -63.57
CA GLU TF 90 -59.02 25.82 -64.84
C GLU TF 90 -60.14 25.02 -65.43
N CYS TF 91 -61.00 25.70 -66.18
CA CYS TF 91 -62.22 25.10 -66.71
C CYS TF 91 -62.13 24.79 -68.19
N ILE TF 92 -62.40 23.55 -68.61
CA ILE TF 92 -62.38 23.24 -70.06
C ILE TF 92 -63.72 22.64 -70.41
N HIS TF 93 -64.11 22.73 -71.69
CA HIS TF 93 -65.41 22.20 -72.08
C HIS TF 93 -65.52 20.69 -71.93
N ASP TF 94 -66.72 20.21 -71.54
CA ASP TF 94 -66.95 18.88 -71.08
C ASP TF 94 -66.54 17.91 -72.14
N LEU TF 95 -66.72 18.30 -73.42
CA LEU TF 95 -66.81 17.44 -74.57
C LEU TF 95 -65.52 16.76 -74.88
N LEU TF 96 -64.42 17.51 -74.72
CA LEU TF 96 -63.14 17.33 -75.36
C LEU TF 96 -62.54 16.07 -74.88
N PHE TF 97 -63.03 15.59 -73.74
CA PHE TF 97 -62.66 14.27 -73.32
C PHE TF 97 -63.31 13.30 -74.25
N CYS TF 98 -62.54 12.30 -74.74
CA CYS TF 98 -61.13 12.30 -74.57
C CYS TF 98 -60.60 12.74 -75.91
N ASP TF 99 -59.36 13.27 -75.96
CA ASP TF 99 -58.57 13.26 -77.16
C ASP TF 99 -58.18 11.84 -77.37
N GLY TF 100 -58.08 11.12 -76.24
CA GLY TF 100 -57.29 9.93 -76.11
C GLY TF 100 -56.11 10.40 -75.34
N GLU TF 101 -55.72 11.67 -75.61
CA GLU TF 101 -54.56 12.35 -75.10
C GLU TF 101 -55.04 13.33 -74.08
N LYS TF 102 -54.09 13.91 -73.31
CA LYS TF 102 -54.53 14.78 -72.29
C LYS TF 102 -55.01 16.04 -72.94
N ASP TF 103 -56.33 16.26 -72.82
CA ASP TF 103 -56.87 17.48 -73.31
C ASP TF 103 -56.17 18.51 -72.50
N CYS TF 104 -56.00 18.21 -71.20
CA CYS TF 104 -55.57 19.21 -70.28
C CYS TF 104 -54.10 19.41 -70.34
N ARG TF 105 -53.67 20.62 -69.93
CA ARG TF 105 -52.27 20.95 -69.78
C ARG TF 105 -51.71 20.15 -68.66
N ASP TF 106 -52.50 20.15 -67.56
CA ASP TF 106 -52.27 19.63 -66.21
C ASP TF 106 -52.13 18.17 -66.31
N GLY TF 107 -52.98 17.55 -67.16
CA GLY TF 107 -52.96 16.12 -67.26
C GLY TF 107 -53.51 15.63 -65.98
N SER TF 108 -54.54 16.30 -65.46
CA SER TF 108 -55.03 15.92 -64.19
C SER TF 108 -55.68 14.61 -64.39
N ASP TF 109 -56.11 14.41 -65.66
CA ASP TF 109 -56.99 13.39 -66.09
C ASP TF 109 -56.39 12.07 -65.77
N GLU TF 110 -55.09 11.97 -66.05
CA GLU TF 110 -54.33 10.75 -66.21
C GLU TF 110 -54.31 10.06 -64.89
N ASP TF 111 -54.52 10.87 -63.84
CA ASP TF 111 -54.66 10.49 -62.47
C ASP TF 111 -55.85 9.61 -62.37
N PRO TF 112 -55.71 8.65 -61.53
CA PRO TF 112 -56.67 7.58 -61.25
C PRO TF 112 -58.08 8.02 -60.86
N GLU TF 113 -58.21 9.04 -60.02
CA GLU TF 113 -59.53 9.51 -59.59
C GLU TF 113 -60.45 9.87 -60.76
N THR TF 114 -59.87 9.93 -61.94
CA THR TF 114 -60.60 10.30 -63.15
C THR TF 114 -60.86 9.10 -64.03
N CYS TF 115 -59.81 8.30 -64.21
CA CYS TF 115 -59.89 7.11 -65.05
C CYS TF 115 -60.36 5.87 -64.30
N SER TF 116 -60.82 6.07 -63.06
CA SER TF 116 -61.02 5.04 -62.08
C SER TF 116 -61.93 4.02 -62.65
N LEU TF 117 -61.71 2.81 -62.13
CA LEU TF 117 -62.45 1.62 -62.30
C LEU TF 117 -63.80 1.67 -61.66
N ASN TF 118 -63.84 2.05 -60.37
CA ASN TF 118 -65.03 1.92 -59.57
C ASN TF 118 -66.05 2.83 -60.18
N ILE TF 119 -65.60 4.04 -60.56
CA ILE TF 119 -66.48 5.09 -60.96
C ILE TF 119 -67.27 4.56 -62.12
N THR TF 120 -66.54 4.05 -63.14
CA THR TF 120 -67.04 3.61 -64.42
C THR TF 120 -67.87 2.41 -64.19
N HIS TF 121 -67.53 1.69 -63.09
CA HIS TF 121 -67.82 0.31 -62.89
C HIS TF 121 -69.28 0.13 -63.03
N VAL TF 122 -69.61 -0.99 -63.67
CA VAL TF 122 -70.94 -1.28 -64.04
C VAL TF 122 -71.58 -2.01 -62.91
N GLY TF 123 -72.92 -1.85 -62.80
CA GLY TF 123 -73.69 -2.75 -61.98
C GLY TF 123 -73.71 -2.19 -60.59
N SER TF 124 -73.40 -0.89 -60.50
CA SER TF 124 -73.76 -0.03 -59.41
C SER TF 124 -75.24 0.22 -59.54
N SER TF 125 -75.97 0.10 -58.41
CA SER TF 125 -77.37 0.24 -58.10
C SER TF 125 -77.65 1.30 -57.04
N TYR TF 126 -78.60 2.18 -57.33
CA TYR TF 126 -78.96 3.24 -56.42
C TYR TF 126 -80.45 3.11 -56.10
N THR TF 127 -80.80 3.24 -54.81
CA THR TF 127 -82.20 3.17 -54.40
C THR TF 127 -82.56 4.18 -53.35
N GLY TF 128 -83.86 4.46 -53.27
CA GLY TF 128 -84.37 5.39 -52.29
C GLY TF 128 -85.86 5.17 -52.21
N LEU TF 129 -86.56 6.05 -51.51
CA LEU TF 129 -88.00 5.89 -51.43
C LEU TF 129 -88.68 6.87 -52.35
N ALA TF 130 -89.25 6.33 -53.42
CA ALA TF 130 -89.90 7.15 -54.41
C ALA TF 130 -91.27 7.58 -53.91
N THR TF 131 -91.51 8.88 -53.94
CA THR TF 131 -92.79 9.45 -53.50
C THR TF 131 -93.30 10.16 -54.75
N TRP TF 132 -94.31 9.57 -55.38
CA TRP TF 132 -94.86 10.10 -56.63
C TRP TF 132 -95.73 11.32 -56.48
N THR TF 133 -95.33 12.40 -57.18
CA THR TF 133 -96.19 13.54 -57.14
C THR TF 133 -97.34 12.97 -57.86
N SER TF 134 -96.99 12.46 -59.05
CA SER TF 134 -97.98 12.04 -60.00
C SER TF 134 -98.68 10.75 -59.68
N CYS TF 135 -98.02 9.63 -60.04
CA CYS TF 135 -98.78 8.43 -60.27
C CYS TF 135 -99.33 7.89 -58.98
N GLU TF 136 -98.47 7.81 -57.94
CA GLU TF 136 -98.63 6.75 -57.00
C GLU TF 136 -99.63 7.13 -55.96
N ASP TF 137 -100.84 6.56 -56.14
CA ASP TF 137 -101.91 6.73 -55.22
C ASP TF 137 -101.33 6.24 -53.96
N LEU TF 138 -100.64 5.10 -54.06
CA LEU TF 138 -100.24 4.50 -52.83
C LEU TF 138 -99.03 5.15 -52.31
N ASN TF 139 -98.63 4.59 -51.15
CA ASN TF 139 -97.67 5.00 -50.20
C ASN TF 139 -96.33 4.73 -50.77
N PRO TF 140 -95.53 5.75 -50.69
CA PRO TF 140 -94.37 5.92 -51.51
C PRO TF 140 -93.54 4.74 -51.36
N ASP TF 141 -93.06 4.31 -52.51
CA ASP TF 141 -92.57 2.94 -52.67
C ASP TF 141 -91.08 3.00 -52.98
N HIS TF 142 -90.43 1.84 -52.98
CA HIS TF 142 -89.01 1.79 -53.23
C HIS TF 142 -88.64 1.81 -54.70
N ALA TF 143 -87.76 2.73 -55.05
CA ALA TF 143 -87.28 2.86 -56.42
C ALA TF 143 -85.83 2.37 -56.49
N ILE TF 144 -85.50 1.68 -57.58
CA ILE TF 144 -84.15 1.14 -57.74
C ILE TF 144 -83.62 1.24 -59.15
N VAL TF 145 -82.70 2.17 -59.37
CA VAL TF 145 -82.12 2.31 -60.69
C VAL TF 145 -80.77 1.67 -60.60
N THR TF 146 -80.59 0.59 -61.35
CA THR TF 146 -79.33 -0.15 -61.35
C THR TF 146 -78.74 -0.32 -62.77
N ILE TF 147 -77.41 -0.14 -62.90
CA ILE TF 147 -76.70 -0.20 -64.18
C ILE TF 147 -76.46 -1.61 -64.70
N THR TF 148 -76.92 -1.89 -65.92
CA THR TF 148 -76.81 -3.25 -66.50
C THR TF 148 -75.66 -3.50 -67.45
N ALA TF 149 -75.13 -2.44 -68.03
CA ALA TF 149 -73.99 -2.58 -68.92
C ALA TF 149 -73.56 -1.19 -69.32
N ALA TF 150 -72.28 -1.00 -69.58
CA ALA TF 150 -71.81 0.33 -69.95
C ALA TF 150 -70.44 0.36 -70.58
N HIS TF 151 -70.37 1.03 -71.75
CA HIS TF 151 -69.30 0.79 -72.68
C HIS TF 151 -68.01 1.33 -72.18
N ARG TF 152 -67.03 0.42 -72.18
CA ARG TF 152 -65.71 0.90 -72.07
C ARG TF 152 -65.05 0.54 -73.33
N LYS TF 153 -63.95 1.25 -73.56
CA LYS TF 153 -62.90 0.59 -74.20
C LYS TF 153 -61.85 0.51 -73.20
N SER TF 154 -60.65 0.51 -73.76
CA SER TF 154 -59.47 0.35 -73.01
C SER TF 154 -59.19 1.60 -72.22
N PHE TF 155 -59.03 2.72 -72.96
CA PHE TF 155 -58.16 3.74 -72.46
C PHE TF 155 -58.80 4.57 -71.46
N PHE TF 156 -60.12 4.46 -71.51
CA PHE TF 156 -61.01 5.53 -71.78
C PHE TF 156 -61.15 6.20 -70.46
N PRO TF 157 -60.76 7.42 -70.26
CA PRO TF 157 -60.74 7.90 -68.92
C PRO TF 157 -62.16 7.98 -68.42
N ASN TF 158 -63.15 8.00 -69.35
CA ASN TF 158 -64.29 8.92 -69.28
C ASN TF 158 -65.56 8.22 -68.92
N ARG TF 159 -66.67 8.83 -69.39
CA ARG TF 159 -68.00 8.46 -69.03
C ARG TF 159 -68.54 7.51 -70.01
N VAL TF 160 -69.25 6.57 -69.41
CA VAL TF 160 -69.84 5.44 -69.99
C VAL TF 160 -71.14 5.93 -70.48
N TRP TF 161 -71.63 5.12 -71.41
CA TRP TF 161 -72.78 5.31 -72.19
C TRP TF 161 -73.26 3.96 -72.01
N LEU TF 162 -74.44 3.86 -71.45
CA LEU TF 162 -74.79 2.71 -70.63
C LEU TF 162 -76.24 2.28 -70.69
N ARG TF 163 -76.51 1.17 -70.03
CA ARG TF 163 -77.85 0.63 -69.96
C ARG TF 163 -78.09 0.20 -68.53
N ALA TF 164 -79.33 0.42 -68.08
CA ALA TF 164 -79.73 0.09 -66.72
C ALA TF 164 -81.19 -0.32 -66.67
N THR TF 165 -81.67 -0.50 -65.45
CA THR TF 165 -83.05 -0.92 -65.20
C THR TF 165 -83.64 -0.08 -64.06
N LEU TF 166 -84.88 0.35 -64.21
CA LEU TF 166 -85.55 1.10 -63.15
C LEU TF 166 -86.67 0.22 -62.62
N SER TF 167 -86.63 -0.11 -61.33
CA SER TF 167 -87.66 -0.95 -60.74
C SER TF 167 -88.28 -0.26 -59.55
N TYR TF 168 -89.60 -0.29 -59.45
CA TYR TF 168 -90.27 0.31 -58.30
C TYR TF 168 -91.46 -0.56 -57.93
N GLU TF 169 -91.61 -0.82 -56.63
CA GLU TF 169 -92.67 -1.68 -56.10
C GLU TF 169 -94.07 -1.18 -56.48
N LEU TF 170 -94.95 -2.13 -56.82
CA LEU TF 170 -96.33 -1.80 -56.94
C LEU TF 170 -96.87 -1.58 -55.59
N ASP TF 171 -96.90 -2.68 -54.84
CA ASP TF 171 -97.18 -2.53 -53.47
C ASP TF 171 -96.33 -3.42 -52.71
N GLU TF 172 -96.47 -3.18 -51.39
CA GLU TF 172 -96.25 -4.05 -50.29
C GLU TF 172 -97.21 -5.17 -50.41
N HIS TF 173 -98.47 -4.84 -50.71
CA HIS TF 173 -99.44 -5.88 -50.66
C HIS TF 173 -99.09 -6.84 -51.75
N ASP TF 174 -99.12 -6.28 -52.97
CA ASP TF 174 -99.25 -7.01 -54.19
C ASP TF 174 -98.11 -7.97 -54.16
N HIS TF 175 -96.97 -7.44 -53.66
CA HIS TF 175 -95.63 -7.94 -53.79
C HIS TF 175 -95.27 -7.97 -55.24
N THR TF 176 -95.66 -6.93 -55.99
CA THR TF 176 -95.25 -6.95 -57.35
C THR TF 176 -94.38 -5.80 -57.63
N VAL TF 177 -93.84 -5.75 -58.89
CA VAL TF 177 -92.90 -4.66 -59.12
C VAL TF 177 -92.60 -4.43 -60.61
N SER TF 178 -92.62 -3.17 -61.02
CA SER TF 178 -92.39 -2.79 -62.40
C SER TF 178 -90.93 -2.69 -62.69
N THR TF 179 -90.51 -3.23 -63.83
CA THR TF 179 -89.12 -3.20 -64.22
C THR TF 179 -88.96 -2.81 -65.68
N THR TF 180 -88.63 -1.55 -65.91
CA THR TF 180 -88.45 -1.04 -67.26
C THR TF 180 -86.96 -1.01 -67.59
N GLN TF 181 -86.58 -1.36 -68.82
CA GLN TF 181 -85.16 -1.32 -69.21
C GLN TF 181 -84.83 0.08 -69.73
N LEU TF 182 -83.63 0.55 -69.48
CA LEU TF 182 -83.29 1.90 -69.91
C LEU TF 182 -82.00 1.96 -70.70
N ARG TF 183 -81.78 3.08 -71.37
CA ARG TF 183 -80.59 3.36 -72.15
C ARG TF 183 -80.20 4.79 -71.79
N GLY TF 184 -78.95 5.16 -72.02
CA GLY TF 184 -78.53 6.51 -71.68
C GLY TF 184 -77.06 6.62 -71.42
N PHE TF 185 -76.65 7.72 -70.80
CA PHE TF 185 -75.24 7.93 -70.51
C PHE TF 185 -75.05 8.60 -69.17
N TYR TF 186 -73.82 8.92 -68.85
CA TYR TF 186 -73.52 9.59 -67.61
C TYR TF 186 -72.67 10.78 -67.95
N ASN TF 187 -73.11 11.97 -67.53
CA ASN TF 187 -72.40 13.20 -67.80
C ASN TF 187 -71.42 13.55 -66.69
N PHE TF 188 -70.15 13.58 -67.10
CA PHE TF 188 -69.02 13.81 -66.25
C PHE TF 188 -69.13 15.12 -65.61
N GLY TF 189 -69.42 16.10 -66.48
CA GLY TF 189 -69.52 17.47 -66.12
C GLY TF 189 -70.70 17.67 -65.25
N LYS TF 190 -71.81 17.02 -65.61
CA LYS TF 190 -73.07 17.21 -64.98
C LYS TF 190 -73.13 16.54 -63.65
N ARG TF 191 -72.34 15.45 -63.51
CA ARG TF 191 -72.34 14.47 -62.47
C ARG TF 191 -73.65 13.74 -62.54
N GLU TF 192 -74.33 13.86 -63.64
CA GLU TF 192 -75.71 13.39 -63.71
C GLU TF 192 -75.92 12.16 -64.58
N LEU TF 193 -76.72 11.25 -64.05
CA LEU TF 193 -77.04 10.02 -64.73
C LEU TF 193 -78.35 10.28 -65.45
N LEU TF 194 -78.39 10.09 -66.77
CA LEU TF 194 -79.62 10.33 -67.54
C LEU TF 194 -80.09 9.10 -68.31
N LEU TF 195 -81.13 8.44 -67.83
CA LEU TF 195 -81.62 7.24 -68.48
C LEU TF 195 -83.06 7.36 -68.97
N ALA TF 196 -83.36 6.69 -70.08
CA ALA TF 196 -84.69 6.70 -70.66
C ALA TF 196 -85.05 5.30 -71.09
N PRO TF 197 -86.34 5.02 -71.31
CA PRO TF 197 -86.77 3.67 -71.72
C PRO TF 197 -86.24 3.35 -73.10
N LEU TF 198 -85.82 2.03 -73.22
CA LEU TF 198 -84.94 1.66 -74.26
C LEU TF 198 -85.69 1.90 -75.50
N LYS TF 199 -86.95 1.43 -75.47
CA LYS TF 199 -87.77 1.63 -76.60
C LYS TF 199 -88.90 0.66 -76.54
N GLY TF 200 -89.94 1.01 -77.32
CA GLY TF 200 -90.63 0.06 -78.15
C GLY TF 200 -91.80 -0.34 -77.37
N GLN TF 201 -91.73 0.13 -76.11
CA GLN TF 201 -92.75 0.21 -75.10
C GLN TF 201 -93.77 1.26 -75.47
N SER TF 202 -93.22 2.41 -75.93
CA SER TF 202 -93.67 3.73 -76.31
C SER TF 202 -94.09 4.50 -75.12
N GLU TF 203 -94.60 3.81 -74.10
CA GLU TF 203 -94.53 4.52 -72.88
C GLU TF 203 -93.52 3.77 -72.12
N GLY TF 204 -92.41 4.44 -71.83
CA GLY TF 204 -91.49 3.84 -70.93
C GLY TF 204 -91.19 4.97 -70.05
N TYR TF 205 -90.52 4.74 -68.91
CA TYR TF 205 -90.24 5.83 -68.06
C TYR TF 205 -88.79 5.86 -67.89
N GLY TF 206 -88.29 7.08 -67.54
CA GLY TF 206 -86.90 7.38 -67.45
C GLY TF 206 -86.65 8.08 -66.14
N VAL TF 207 -85.37 8.43 -65.94
CA VAL TF 207 -84.88 8.78 -64.61
C VAL TF 207 -83.64 9.63 -64.69
N ILE TF 208 -83.57 10.64 -63.83
CA ILE TF 208 -82.42 11.54 -63.80
C ILE TF 208 -81.85 11.50 -62.39
N CYS TF 209 -80.57 11.24 -62.24
CA CYS TF 209 -79.97 11.19 -60.91
C CYS TF 209 -78.78 12.10 -60.86
N ASP TF 210 -78.78 13.04 -59.92
CA ASP TF 210 -77.64 13.94 -59.78
C ASP TF 210 -76.79 13.43 -58.63
N PHE TF 211 -75.53 13.40 -58.95
CA PHE TF 211 -74.46 13.06 -58.11
C PHE TF 211 -74.47 14.02 -56.93
N ASN TF 212 -74.52 15.35 -57.20
CA ASN TF 212 -73.49 16.17 -56.63
C ASN TF 212 -73.83 16.57 -55.25
N LEU TF 213 -73.73 15.58 -54.36
CA LEU TF 213 -73.22 15.79 -53.07
C LEU TF 213 -71.76 16.06 -53.27
N GLY TF 214 -71.17 15.41 -54.30
CA GLY TF 214 -69.75 15.18 -54.34
C GLY TF 214 -69.59 13.75 -53.93
N ASP TF 215 -70.62 13.17 -53.32
CA ASP TF 215 -70.39 11.83 -52.96
C ASP TF 215 -70.60 10.99 -54.17
N ASP TF 216 -70.14 9.72 -54.04
CA ASP TF 216 -70.37 8.61 -54.92
C ASP TF 216 -71.78 8.15 -54.83
N ASP TF 217 -72.03 7.75 -53.58
CA ASP TF 217 -72.99 6.79 -53.19
C ASP TF 217 -74.28 7.45 -53.40
N HIS TF 218 -74.28 8.74 -53.09
CA HIS TF 218 -75.55 9.37 -52.83
C HIS TF 218 -75.98 10.20 -54.03
N ALA TF 219 -77.27 10.18 -54.34
CA ALA TF 219 -77.78 10.93 -55.47
C ALA TF 219 -79.23 11.40 -55.27
N ASP TF 220 -79.58 12.43 -56.02
CA ASP TF 220 -80.91 13.03 -55.96
C ASP TF 220 -81.67 12.63 -57.21
N CYS TF 221 -82.19 11.41 -57.21
CA CYS TF 221 -82.90 10.93 -58.39
C CYS TF 221 -84.35 11.35 -58.52
N LYS TF 222 -84.83 11.46 -59.76
CA LYS TF 222 -86.21 11.82 -60.04
C LYS TF 222 -86.71 11.07 -61.25
N ILE TF 223 -87.76 10.28 -61.06
CA ILE TF 223 -88.36 9.50 -62.13
C ILE TF 223 -89.11 10.47 -63.03
N VAL TF 224 -88.70 10.54 -64.29
CA VAL TF 224 -89.32 11.46 -65.23
C VAL TF 224 -90.08 10.77 -66.33
N VAL TF 225 -90.71 11.58 -67.16
CA VAL TF 225 -91.40 11.06 -68.30
C VAL TF 225 -90.43 11.37 -69.43
N PRO TF 226 -90.04 10.34 -70.18
CA PRO TF 226 -89.00 10.40 -71.20
C PRO TF 226 -89.28 11.36 -72.31
N SER TF 227 -90.57 11.67 -72.53
CA SER TF 227 -90.91 12.82 -73.28
C SER TF 227 -90.24 13.95 -72.60
N SER TF 228 -91.07 14.71 -71.90
CA SER TF 228 -90.82 16.10 -71.74
C SER TF 228 -89.71 16.29 -70.76
N LEU TF 229 -89.30 15.16 -70.12
CA LEU TF 229 -88.41 15.05 -68.99
C LEU TF 229 -89.01 15.63 -67.73
N PHE TF 230 -90.35 15.60 -67.59
CA PHE TF 230 -91.17 16.13 -66.55
C PHE TF 230 -91.17 15.14 -65.39
N VAL TF 231 -90.91 15.65 -64.20
CA VAL TF 231 -90.85 14.88 -62.95
C VAL TF 231 -92.11 14.12 -62.50
N CYS TF 232 -92.15 12.82 -62.76
CA CYS TF 232 -93.30 12.03 -62.36
C CYS TF 232 -93.26 11.74 -60.87
N ALA TF 233 -92.06 11.62 -60.33
CA ALA TF 233 -91.87 11.32 -58.91
C ALA TF 233 -90.41 11.60 -58.54
N HIS TF 234 -90.14 11.77 -57.24
CA HIS TF 234 -88.81 12.05 -56.76
C HIS TF 234 -88.39 11.11 -55.63
N PHE TF 235 -87.11 10.71 -55.62
CA PHE TF 235 -86.60 9.85 -54.56
C PHE TF 235 -85.10 10.08 -54.36
N ASN TF 236 -84.72 10.37 -53.12
CA ASN TF 236 -83.33 10.65 -52.76
C ASN TF 236 -82.69 9.30 -52.60
N ALA TF 237 -81.70 8.98 -53.42
CA ALA TF 237 -81.10 7.66 -53.36
C ALA TF 237 -79.71 7.48 -52.77
N GLN TF 238 -79.46 6.23 -52.39
CA GLN TF 238 -78.18 5.80 -51.83
C GLN TF 238 -77.79 4.58 -52.62
N ARG TF 239 -76.52 4.23 -52.53
CA ARG TF 239 -75.99 3.13 -53.30
C ARG TF 239 -75.76 1.87 -52.55
N TYR TF 240 -76.17 0.72 -53.13
CA TYR TF 240 -77.51 0.23 -52.84
C TYR TF 240 -77.86 0.96 -51.61
N LEU UF 47 -19.81 -13.78 -13.86
CA LEU UF 47 -19.89 -13.77 -12.37
C LEU UF 47 -20.39 -12.45 -11.91
N ASP UF 48 -19.57 -11.78 -11.07
CA ASP UF 48 -20.01 -10.49 -10.52
C ASP UF 48 -20.19 -9.32 -11.50
N PRO UF 49 -19.36 -9.26 -12.57
CA PRO UF 49 -19.48 -8.17 -13.54
C PRO UF 49 -20.67 -8.26 -14.51
N ARG UF 50 -20.75 -9.33 -15.29
CA ARG UF 50 -21.83 -9.50 -16.25
C ARG UF 50 -23.22 -9.54 -15.59
N LEU UF 51 -23.26 -9.88 -14.30
CA LEU UF 51 -24.51 -9.95 -13.56
C LEU UF 51 -24.80 -8.66 -12.79
N GLY UF 52 -23.74 -8.04 -12.24
CA GLY UF 52 -23.90 -6.81 -11.50
C GLY UF 52 -24.10 -5.63 -12.44
N ALA UF 53 -23.78 -5.84 -13.71
CA ALA UF 53 -23.93 -4.80 -14.74
C ALA UF 53 -25.26 -5.01 -15.46
N ASN UF 54 -25.69 -6.26 -15.55
CA ASN UF 54 -26.96 -6.58 -16.20
C ASN UF 54 -28.07 -5.89 -15.43
N ALA UF 55 -27.69 -5.22 -14.35
CA ALA UF 55 -28.62 -4.49 -13.51
C ALA UF 55 -28.78 -3.06 -14.04
N PHE UF 56 -27.65 -2.40 -14.32
CA PHE UF 56 -27.68 -1.04 -14.85
C PHE UF 56 -28.52 -1.06 -16.11
N LEU UF 57 -28.77 -2.28 -16.60
CA LEU UF 57 -29.58 -2.51 -17.80
C LEU UF 57 -31.04 -2.56 -17.39
N ILE UF 58 -31.31 -3.19 -16.25
CA ILE UF 58 -32.67 -3.30 -15.75
C ILE UF 58 -33.16 -2.00 -15.14
N ILE UF 59 -32.28 -1.33 -14.41
CA ILE UF 59 -32.65 -0.07 -13.80
C ILE UF 59 -33.20 0.85 -14.87
N ARG UF 60 -32.66 0.72 -16.08
CA ARG UF 60 -33.11 1.52 -17.21
C ARG UF 60 -34.59 1.26 -17.44
N LEU UF 61 -34.93 0.00 -17.66
CA LEU UF 61 -36.32 -0.36 -17.90
C LEU UF 61 -37.24 0.19 -16.83
N ASP UF 62 -36.70 0.41 -15.63
CA ASP UF 62 -37.50 0.92 -14.53
C ASP UF 62 -37.92 2.37 -14.80
N ARG UF 63 -36.97 3.20 -15.24
CA ARG UF 63 -37.27 4.59 -15.54
C ARG UF 63 -38.15 4.60 -16.80
N ILE UF 64 -37.82 3.74 -17.75
CA ILE UF 64 -38.57 3.64 -19.00
C ILE UF 64 -40.02 3.32 -18.75
N ILE UF 65 -40.25 2.18 -18.10
CA ILE UF 65 -41.59 1.75 -17.80
C ILE UF 65 -42.36 2.87 -17.10
N GLU UF 66 -41.68 3.63 -16.25
CA GLU UF 66 -42.33 4.73 -15.52
C GLU UF 66 -42.72 5.86 -16.47
N LYS UF 67 -41.75 6.34 -17.24
CA LYS UF 67 -42.00 7.42 -18.20
C LYS UF 67 -43.13 6.97 -19.13
N LEU UF 68 -43.15 5.67 -19.41
CA LEU UF 68 -44.15 5.08 -20.28
C LEU UF 68 -45.55 5.24 -19.67
N ARG UF 69 -45.62 5.29 -18.34
CA ARG UF 69 -46.91 5.47 -17.66
C ARG UF 69 -47.44 6.85 -18.00
N THR UF 70 -46.55 7.84 -17.97
CA THR UF 70 -46.91 9.21 -18.27
C THR UF 70 -47.49 9.32 -19.69
N LYS UF 71 -46.89 8.59 -20.63
CA LYS UF 71 -47.36 8.61 -22.01
C LYS UF 71 -48.75 8.01 -22.13
N LEU UF 72 -49.00 6.94 -21.39
CA LEU UF 72 -50.30 6.31 -21.45
C LEU UF 72 -51.35 7.25 -20.87
N ASP UF 73 -50.90 8.24 -20.11
CA ASP UF 73 -51.79 9.22 -19.51
C ASP UF 73 -52.09 10.30 -20.54
N GLU UF 74 -51.06 10.66 -21.30
CA GLU UF 74 -51.20 11.67 -22.34
C GLU UF 74 -52.08 11.11 -23.45
N ALA UF 75 -51.91 9.83 -23.72
CA ALA UF 75 -52.66 9.14 -24.76
C ALA UF 75 -54.17 9.07 -24.52
N GLU UF 76 -54.56 8.97 -23.26
CA GLU UF 76 -55.98 8.89 -22.92
C GLU UF 76 -56.70 10.22 -23.17
N LYS UF 77 -55.93 11.31 -23.21
CA LYS UF 77 -56.48 12.65 -23.45
C LYS UF 77 -56.74 12.92 -24.92
N ILE UF 78 -55.96 12.34 -25.80
CA ILE UF 78 -56.36 12.56 -27.15
C ILE UF 78 -56.92 11.27 -27.65
N ASP UF 79 -58.27 11.12 -27.63
CA ASP UF 79 -58.75 10.00 -28.38
C ASP UF 79 -59.02 10.51 -29.71
N PRO UF 80 -58.30 9.96 -30.58
CA PRO UF 80 -58.68 10.00 -32.00
C PRO UF 80 -60.15 9.64 -32.26
N GLU UF 81 -60.55 8.43 -31.91
CA GLU UF 81 -61.94 8.01 -32.13
C GLU UF 81 -62.93 9.04 -31.59
N HIS UF 82 -62.45 9.91 -30.70
CA HIS UF 82 -63.27 10.96 -30.12
C HIS UF 82 -63.23 12.17 -31.03
N PHE UF 83 -62.01 12.65 -31.31
CA PHE UF 83 -61.83 13.80 -32.18
C PHE UF 83 -62.59 13.61 -33.48
N VAL UF 84 -62.37 12.47 -34.14
CA VAL UF 84 -63.06 12.19 -35.39
C VAL UF 84 -64.54 12.42 -35.22
N SER UF 85 -65.09 11.92 -34.13
CA SER UF 85 -66.52 12.07 -33.86
C SER UF 85 -66.89 13.55 -33.78
N GLU UF 86 -65.99 14.36 -33.23
CA GLU UF 86 -66.26 15.79 -33.12
C GLU UF 86 -66.41 16.38 -34.51
N ILE UF 87 -65.53 15.98 -35.42
CA ILE UF 87 -65.62 16.47 -36.77
C ILE UF 87 -66.88 15.96 -37.43
N ASP UF 88 -67.16 14.67 -37.31
CA ASP UF 88 -68.38 14.14 -37.92
C ASP UF 88 -69.55 15.03 -37.52
N ALA UF 89 -69.81 15.10 -36.22
CA ALA UF 89 -70.91 15.92 -35.75
C ALA UF 89 -70.76 17.36 -36.21
N ARG UF 90 -69.55 17.89 -36.13
CA ARG UF 90 -69.28 19.26 -36.54
C ARG UF 90 -69.75 19.50 -37.97
N VAL UF 91 -69.48 18.53 -38.84
CA VAL UF 91 -69.82 18.62 -40.23
C VAL UF 91 -71.26 18.30 -40.46
N THR UF 92 -71.77 17.25 -39.84
CA THR UF 92 -73.17 16.89 -40.01
C THR UF 92 -74.02 18.12 -39.71
N LYS UF 93 -73.53 18.94 -38.79
CA LYS UF 93 -74.21 20.17 -38.38
C LYS UF 93 -74.32 21.14 -39.55
N ILE UF 94 -73.33 21.10 -40.45
CA ILE UF 94 -73.32 21.97 -41.61
C ILE UF 94 -74.18 21.38 -42.69
N GLU UF 95 -74.01 20.07 -42.91
CA GLU UF 95 -74.77 19.34 -43.91
C GLU UF 95 -76.23 19.42 -43.51
N GLY UF 96 -80.48 21.55 -43.74
CA GLY UF 96 -81.81 21.93 -43.34
C GLY UF 96 -82.71 20.72 -43.43
N THR UF 97 -83.99 20.90 -43.06
CA THR UF 97 -84.81 19.75 -43.20
C THR UF 97 -85.48 19.75 -44.53
N HIS UF 98 -85.48 18.55 -45.14
CA HIS UF 98 -86.31 18.26 -46.27
C HIS UF 98 -87.68 18.24 -45.73
N CYS UF 99 -87.81 17.69 -44.51
CA CYS UF 99 -89.10 17.36 -43.99
C CYS UF 99 -89.74 18.59 -43.49
N GLU UF 100 -91.00 18.39 -43.05
CA GLU UF 100 -91.76 19.48 -42.55
C GLU UF 100 -91.64 19.47 -41.09
N LYS UF 101 -91.88 20.64 -40.49
CA LYS UF 101 -91.48 20.71 -39.14
C LYS UF 101 -92.38 19.91 -38.30
N ARG UF 102 -91.80 19.36 -37.22
CA ARG UF 102 -92.49 18.49 -36.30
C ARG UF 102 -92.92 17.32 -37.08
N THR UF 103 -92.04 16.88 -37.96
CA THR UF 103 -92.06 15.59 -38.63
C THR UF 103 -90.75 14.87 -38.42
N PHE UF 104 -90.81 13.54 -38.45
CA PHE UF 104 -89.63 12.70 -38.22
C PHE UF 104 -89.10 12.03 -39.47
N GLN UF 105 -87.82 12.27 -39.76
CA GLN UF 105 -87.17 11.71 -40.94
C GLN UF 105 -86.66 10.32 -40.68
N CYS UF 106 -87.05 9.33 -41.52
CA CYS UF 106 -86.64 7.98 -41.29
C CYS UF 106 -85.22 7.83 -41.72
N GLY UF 107 -84.78 6.56 -41.68
CA GLY UF 107 -83.40 6.24 -41.81
C GLY UF 107 -83.09 6.07 -43.26
N GLY UF 108 -81.98 5.35 -43.53
CA GLY UF 108 -81.36 5.37 -44.82
C GLY UF 108 -82.26 4.73 -45.82
N ASN UF 109 -82.92 3.64 -45.39
CA ASN UF 109 -83.53 2.69 -46.29
C ASN UF 109 -84.58 3.34 -47.13
N GLU UF 110 -85.59 3.90 -46.48
CA GLU UF 110 -86.47 4.63 -47.29
C GLU UF 110 -86.14 6.02 -46.94
N GLN UF 111 -87.10 6.88 -47.21
CA GLN UF 111 -86.98 8.25 -46.95
C GLN UF 111 -88.39 8.66 -46.82
N GLU UF 112 -88.86 8.84 -45.58
CA GLU UF 112 -90.24 9.13 -45.42
C GLU UF 112 -90.32 10.05 -44.26
N CYS UF 113 -91.37 10.90 -44.25
CA CYS UF 113 -91.79 11.71 -43.09
C CYS UF 113 -92.91 11.16 -42.17
N ILE UF 114 -92.70 11.28 -40.85
CA ILE UF 114 -93.70 10.80 -39.88
C ILE UF 114 -94.01 11.86 -38.84
N SER UF 115 -95.28 12.01 -38.48
CA SER UF 115 -95.63 13.02 -37.50
C SER UF 115 -95.09 12.65 -36.14
N ASP UF 116 -94.52 13.67 -35.42
CA ASP UF 116 -93.69 13.43 -34.29
C ASP UF 116 -94.35 12.61 -33.24
N LEU UF 117 -95.55 13.03 -32.81
CA LEU UF 117 -96.14 12.39 -31.66
C LEU UF 117 -96.39 10.97 -32.03
N LEU UF 118 -96.83 10.79 -33.27
CA LEU UF 118 -97.21 9.47 -33.66
C LEU UF 118 -96.00 8.59 -33.70
N VAL UF 119 -94.86 9.13 -34.19
CA VAL UF 119 -93.65 8.38 -34.43
C VAL UF 119 -93.00 7.93 -33.15
N CYS UF 120 -93.06 8.75 -32.09
CA CYS UF 120 -92.54 8.31 -30.82
C CYS UF 120 -93.70 7.80 -30.07
N ASP UF 121 -94.23 6.66 -30.53
CA ASP UF 121 -95.33 6.07 -29.83
C ASP UF 121 -94.76 5.62 -28.54
N GLY UF 122 -93.53 5.09 -28.60
CA GLY UF 122 -92.91 4.39 -27.50
C GLY UF 122 -92.88 2.96 -27.92
N HIS UF 123 -93.85 2.61 -28.79
CA HIS UF 123 -93.92 1.42 -29.61
C HIS UF 123 -93.43 1.86 -30.96
N LYS UF 124 -93.10 0.90 -31.87
CA LYS UF 124 -92.47 1.30 -33.11
C LYS UF 124 -93.44 2.06 -33.94
N ASP UF 125 -93.02 3.27 -34.34
CA ASP UF 125 -93.75 4.04 -35.31
C ASP UF 125 -93.76 3.23 -36.59
N CYS UF 126 -92.57 2.82 -37.04
CA CYS UF 126 -92.48 2.28 -38.35
C CYS UF 126 -91.96 0.90 -38.26
N HIS UF 127 -91.97 0.31 -39.45
CA HIS UF 127 -91.54 -1.02 -39.65
C HIS UF 127 -90.16 -1.09 -39.12
N ASN UF 128 -89.25 -0.22 -39.62
CA ASN UF 128 -87.85 -0.55 -39.70
C ASN UF 128 -87.34 -1.01 -38.36
N ALA UF 129 -87.41 -0.21 -37.27
CA ALA UF 129 -87.83 1.15 -37.18
C ALA UF 129 -86.60 1.90 -36.84
N HIS UF 130 -86.58 3.19 -37.19
CA HIS UF 130 -85.43 4.03 -36.98
C HIS UF 130 -85.16 4.07 -35.52
N ASP UF 131 -86.26 4.30 -34.75
CA ASP UF 131 -86.35 4.59 -33.34
C ASP UF 131 -85.82 3.44 -32.56
N GLU UF 132 -86.20 2.21 -32.98
CA GLU UF 132 -86.07 0.98 -32.26
C GLU UF 132 -84.61 0.69 -32.03
N ASP UF 133 -83.76 1.11 -32.99
CA ASP UF 133 -82.33 0.90 -32.95
C ASP UF 133 -81.76 1.64 -31.77
N PRO UF 134 -80.86 0.96 -31.12
CA PRO UF 134 -80.55 1.19 -29.72
C PRO UF 134 -79.78 2.45 -29.48
N ASP UF 135 -79.12 2.93 -30.56
CA ASP UF 135 -78.15 4.00 -30.62
C ASP UF 135 -78.77 5.32 -30.35
N VAL UF 136 -79.97 5.55 -30.92
CA VAL UF 136 -80.68 6.77 -30.68
C VAL UF 136 -81.35 6.73 -29.35
N CYS UF 137 -81.94 5.58 -28.98
CA CYS UF 137 -82.88 5.55 -27.90
C CYS UF 137 -82.13 5.72 -26.60
N ASP UF 138 -80.80 5.49 -26.66
CA ASP UF 138 -79.92 5.27 -25.56
C ASP UF 138 -80.06 6.37 -24.56
N THR UF 139 -80.48 5.96 -23.37
CA THR UF 139 -80.97 6.83 -22.37
C THR UF 139 -79.87 7.69 -21.87
N SER UF 140 -78.68 7.08 -21.71
CA SER UF 140 -77.71 7.60 -20.81
C SER UF 140 -77.32 8.99 -21.21
N VAL UF 141 -76.92 9.19 -22.49
CA VAL UF 141 -76.33 10.44 -22.89
C VAL UF 141 -77.34 11.50 -22.57
N VAL UF 142 -78.61 11.21 -22.89
CA VAL UF 142 -79.71 12.14 -22.86
C VAL UF 142 -79.94 12.60 -21.48
N LYS UF 143 -79.63 11.72 -20.51
CA LYS UF 143 -80.21 11.72 -19.20
C LYS UF 143 -79.87 12.99 -18.50
N ALA UF 144 -80.84 13.56 -17.76
CA ALA UF 144 -80.55 14.80 -17.16
C ALA UF 144 -79.86 14.55 -15.87
N GLY UF 145 -79.80 15.63 -15.07
CA GLY UF 145 -79.05 15.71 -13.87
C GLY UF 145 -77.78 16.41 -14.20
N ASN UF 146 -77.63 16.80 -15.48
CA ASN UF 146 -76.43 17.46 -15.87
C ASN UF 146 -76.50 18.90 -15.43
N VAL UF 147 -75.33 19.57 -15.22
CA VAL UF 147 -75.22 21.00 -15.07
C VAL UF 147 -74.66 21.63 -16.33
N PHE UF 148 -75.33 22.67 -16.80
CA PHE UF 148 -74.88 23.37 -17.99
C PHE UF 148 -74.58 24.82 -17.67
N SER UF 149 -73.41 25.29 -18.10
CA SER UF 149 -73.01 26.67 -17.85
C SER UF 149 -72.66 27.28 -19.18
N GLY UF 150 -72.45 28.60 -19.16
CA GLY UF 150 -72.12 29.29 -20.40
C GLY UF 150 -72.42 30.75 -20.27
N THR UF 151 -71.96 31.52 -21.23
CA THR UF 151 -72.17 32.95 -21.22
C THR UF 151 -73.47 33.35 -21.92
N SER UF 152 -74.20 34.23 -21.25
CA SER UF 152 -75.47 34.72 -21.73
C SER UF 152 -75.26 36.16 -22.19
N THR UF 153 -75.21 36.35 -23.51
CA THR UF 153 -75.04 37.68 -24.08
C THR UF 153 -76.46 38.22 -24.29
N TRP UF 154 -76.72 39.39 -23.73
CA TRP UF 154 -78.04 39.98 -23.84
C TRP UF 154 -78.18 41.02 -24.95
N HIS UF 155 -79.37 41.00 -25.57
CA HIS UF 155 -79.94 42.13 -26.22
C HIS UF 155 -80.17 43.16 -25.18
N GLY UF 156 -80.32 42.72 -23.91
CA GLY UF 156 -80.47 43.66 -22.85
C GLY UF 156 -81.91 43.98 -22.70
N CYS UF 157 -82.76 42.94 -22.66
CA CYS UF 157 -84.04 43.16 -22.05
C CYS UF 157 -83.82 43.34 -20.57
N LEU UF 158 -82.79 42.68 -20.04
CA LEU UF 158 -82.45 42.85 -18.66
C LEU UF 158 -81.45 43.94 -18.60
N ALA UF 159 -81.45 44.67 -17.46
CA ALA UF 159 -80.73 45.90 -17.39
C ALA UF 159 -79.30 45.57 -17.63
N ARG UF 160 -78.87 44.43 -17.04
CA ARG UF 160 -77.60 44.00 -16.47
C ARG UF 160 -76.63 43.42 -17.46
N GLU UF 161 -75.31 43.64 -17.23
CA GLU UF 161 -74.22 43.47 -18.15
C GLU UF 161 -74.06 41.99 -18.49
N ASP UF 162 -73.19 41.63 -19.48
CA ASP UF 162 -73.25 40.25 -19.85
C ASP UF 162 -72.72 39.43 -18.73
N HIS UF 163 -72.95 38.12 -18.82
CA HIS UF 163 -72.74 37.34 -17.61
C HIS UF 163 -72.89 35.88 -17.92
N VAL UF 164 -72.81 35.04 -16.90
CA VAL UF 164 -72.94 33.61 -17.08
C VAL UF 164 -74.23 33.07 -16.46
N THR UF 165 -74.78 32.01 -17.07
CA THR UF 165 -75.99 31.38 -16.58
C THR UF 165 -75.60 29.95 -16.28
N ARG UF 166 -76.26 29.34 -15.30
CA ARG UF 166 -75.93 27.98 -14.94
C ARG UF 166 -77.19 27.15 -14.76
N ILE UF 167 -77.59 26.46 -15.82
CA ILE UF 167 -78.78 25.63 -15.78
C ILE UF 167 -78.39 24.27 -15.23
N THR UF 168 -79.07 23.85 -14.17
CA THR UF 168 -78.79 22.57 -13.55
C THR UF 168 -80.09 21.81 -13.29
N ILE UF 169 -80.20 20.62 -13.89
CA ILE UF 169 -81.39 19.81 -13.75
C ILE UF 169 -81.59 19.30 -12.35
N THR UF 170 -82.70 19.70 -11.74
CA THR UF 170 -83.04 19.28 -10.38
C THR UF 170 -83.60 17.85 -10.36
N ALA UF 171 -84.73 17.64 -11.07
CA ALA UF 171 -85.39 16.33 -11.15
C ALA UF 171 -85.89 16.01 -12.55
N SER UF 172 -86.34 14.77 -12.75
CA SER UF 172 -86.81 14.35 -14.07
C SER UF 172 -87.70 13.12 -14.08
N LYS UF 173 -89.02 13.30 -14.23
CA LYS UF 173 -89.97 12.19 -14.28
C LYS UF 173 -90.26 11.83 -15.75
N ARG UF 174 -90.72 10.58 -15.93
CA ARG UF 174 -91.31 10.14 -17.14
C ARG UF 174 -92.13 8.97 -16.73
N ARG UF 175 -92.33 8.02 -17.65
CA ARG UF 175 -92.78 6.77 -17.13
C ARG UF 175 -91.54 6.04 -16.72
N LYS UF 176 -91.64 4.71 -16.62
CA LYS UF 176 -90.48 3.93 -16.38
C LYS UF 176 -89.60 3.96 -17.59
N PHE UF 177 -90.20 3.90 -18.80
CA PHE UF 177 -89.51 3.72 -20.05
C PHE UF 177 -88.77 4.93 -20.47
N PHE UF 178 -89.37 6.09 -20.17
CA PHE UF 178 -90.37 6.63 -21.03
C PHE UF 178 -89.64 7.57 -21.93
N THR UF 179 -89.52 7.24 -23.24
CA THR UF 179 -88.52 7.97 -23.98
C THR UF 179 -88.95 9.36 -24.32
N ALA UF 180 -90.19 9.56 -24.83
CA ALA UF 180 -90.40 10.60 -25.80
C ALA UF 180 -90.07 11.88 -25.16
N ARG UF 181 -90.73 12.00 -24.01
CA ARG UF 181 -90.96 13.19 -23.26
C ARG UF 181 -90.39 12.95 -21.94
N ILE UF 182 -89.75 13.98 -21.45
CA ILE UF 182 -89.12 13.92 -20.14
C ILE UF 182 -89.51 15.19 -19.40
N TRP UF 183 -90.32 15.05 -18.36
CA TRP UF 183 -90.72 16.21 -17.61
C TRP UF 183 -89.63 16.46 -16.60
N LEU UF 184 -89.29 17.73 -16.37
CA LEU UF 184 -88.22 18.01 -15.42
C LEU UF 184 -88.25 19.36 -14.73
N ARG UF 185 -87.60 19.40 -13.56
CA ARG UF 185 -87.47 20.60 -12.76
C ARG UF 185 -85.99 20.94 -12.82
N ALA UF 186 -85.66 22.22 -12.74
CA ALA UF 186 -84.26 22.62 -12.80
C ALA UF 186 -84.03 23.94 -12.13
N LEU UF 187 -82.76 24.23 -11.86
CA LEU UF 187 -82.36 25.44 -11.19
C LEU UF 187 -81.52 26.33 -12.07
N VAL UF 188 -82.01 27.54 -12.32
CA VAL UF 188 -81.28 28.45 -13.18
C VAL UF 188 -80.65 29.55 -12.35
N GLU UF 189 -79.33 29.66 -12.42
CA GLU UF 189 -78.60 30.70 -11.67
C GLU UF 189 -77.88 31.61 -12.65
N SER UF 190 -77.69 32.84 -12.19
CA SER UF 190 -76.78 33.67 -12.87
C SER UF 190 -75.93 34.29 -11.85
N GLU UF 191 -74.74 34.60 -12.31
CA GLU UF 191 -73.75 35.33 -11.52
C GLU UF 191 -73.60 36.75 -12.04
N LEU UF 192 -74.36 37.66 -11.46
CA LEU UF 192 -74.33 39.06 -11.88
C LEU UF 192 -74.00 39.99 -10.73
N GLU UF 193 -73.42 41.14 -11.05
CA GLU UF 193 -73.04 42.12 -10.05
C GLU UF 193 -74.12 43.18 -9.87
N ARG UF 194 -74.55 43.38 -8.57
CA ARG UF 194 -75.41 44.43 -8.11
C ARG UF 194 -74.46 45.45 -7.59
N HIS UF 195 -74.99 46.57 -7.06
CA HIS UF 195 -74.16 47.50 -6.37
C HIS UF 195 -73.72 46.89 -5.08
N GLY UF 196 -72.40 46.79 -4.88
CA GLY UF 196 -71.91 45.88 -3.91
C GLY UF 196 -71.38 44.71 -4.67
N GLU UF 197 -71.14 43.60 -3.97
CA GLU UF 197 -70.40 42.50 -4.46
C GLU UF 197 -71.25 41.65 -5.32
N ASN UF 198 -70.55 40.63 -5.91
CA ASN UF 198 -71.10 39.50 -6.68
C ASN UF 198 -72.30 38.84 -5.99
N VAL UF 199 -73.42 38.77 -6.70
CA VAL UF 199 -74.65 38.14 -6.20
C VAL UF 199 -74.99 37.00 -7.14
N THR UF 200 -76.03 36.24 -6.80
CA THR UF 200 -76.44 35.13 -7.65
C THR UF 200 -77.95 35.03 -7.70
N SER UF 201 -78.48 35.14 -8.91
CA SER UF 201 -79.90 35.12 -9.08
C SER UF 201 -80.22 33.75 -9.50
N SER UF 202 -80.98 33.08 -8.63
CA SER UF 202 -81.40 31.75 -8.88
C SER UF 202 -82.88 31.81 -8.88
N PHE UF 203 -83.48 31.19 -9.89
CA PHE UF 203 -84.89 30.82 -9.78
C PHE UF 203 -85.11 29.35 -10.14
N ASN UF 204 -86.20 28.79 -9.61
CA ASN UF 204 -86.51 27.40 -9.85
C ASN UF 204 -87.37 27.31 -11.10
N ALA UF 205 -87.17 26.27 -11.89
CA ALA UF 205 -87.91 26.10 -13.12
C ALA UF 205 -88.48 24.72 -13.30
N LYS UF 206 -89.52 24.63 -14.12
CA LYS UF 206 -90.18 23.37 -14.45
C LYS UF 206 -90.32 23.36 -15.96
N GLY UF 207 -90.29 22.18 -16.56
CA GLY UF 207 -90.39 22.10 -18.01
C GLY UF 207 -90.31 20.69 -18.55
N TYR UF 208 -89.88 20.58 -19.79
CA TYR UF 208 -89.78 19.27 -20.42
C TYR UF 208 -88.69 19.20 -21.49
N TYR UF 209 -88.35 17.97 -21.88
CA TYR UF 209 -87.35 17.73 -22.90
C TYR UF 209 -88.02 16.91 -23.98
N ASN UF 210 -87.86 17.35 -25.23
CA ASN UF 210 -88.47 16.68 -26.36
C ASN UF 210 -87.40 16.05 -27.22
N PHE UF 211 -87.50 14.71 -27.17
CA PHE UF 211 -86.57 13.78 -27.64
C PHE UF 211 -86.40 14.17 -29.03
N ALA UF 212 -87.56 14.19 -29.70
CA ALA UF 212 -87.47 14.55 -31.07
C ALA UF 212 -87.07 15.99 -31.19
N SER UF 213 -87.65 16.89 -30.36
CA SER UF 213 -87.48 18.30 -30.62
C SER UF 213 -86.03 18.62 -30.57
N ARG UF 214 -85.27 17.79 -29.80
CA ARG UF 214 -83.97 18.11 -29.29
C ARG UF 214 -84.09 19.44 -28.66
N ARG UF 215 -85.05 19.59 -27.74
CA ARG UF 215 -85.31 20.89 -27.13
C ARG UF 215 -85.56 20.69 -25.66
N LEU UF 216 -85.08 21.63 -24.86
CA LEU UF 216 -85.26 21.57 -23.43
C LEU UF 216 -85.94 22.89 -23.12
N ILE UF 217 -87.16 22.86 -22.59
CA ILE UF 217 -87.82 24.13 -22.24
C ILE UF 217 -87.96 24.25 -20.74
N LEU UF 218 -87.47 25.35 -20.21
CA LEU UF 218 -87.54 25.58 -18.79
C LEU UF 218 -88.26 26.87 -18.47
N LEU UF 219 -89.41 26.74 -17.81
CA LEU UF 219 -90.22 27.88 -17.43
C LEU UF 219 -90.07 28.09 -15.94
N PRO UF 220 -90.27 29.31 -15.49
CA PRO UF 220 -90.16 29.62 -14.07
C PRO UF 220 -91.30 29.01 -13.27
N THR UF 221 -91.06 28.69 -12.00
CA THR UF 221 -92.18 28.31 -11.23
C THR UF 221 -92.82 29.55 -10.70
N ASP UF 222 -93.47 29.46 -9.51
CA ASP UF 222 -94.14 30.60 -8.96
C ASP UF 222 -93.29 31.16 -7.89
N ASP UF 223 -92.72 32.23 -8.40
CA ASP UF 223 -91.64 33.01 -7.98
C ASP UF 223 -92.27 34.35 -8.15
N HIS UF 224 -91.82 35.35 -7.39
CA HIS UF 224 -92.22 36.70 -7.67
C HIS UF 224 -91.39 37.30 -8.75
N ASP UF 225 -90.17 36.76 -8.92
CA ASP UF 225 -89.18 37.24 -9.83
C ASP UF 225 -89.68 37.10 -11.21
N ASP UF 226 -90.19 35.87 -11.43
CA ASP UF 226 -90.65 35.25 -12.65
C ASP UF 226 -89.71 35.64 -13.75
N HIS UF 227 -88.44 35.17 -13.61
CA HIS UF 227 -87.39 35.43 -14.55
C HIS UF 227 -87.46 34.46 -15.65
N LEU UF 228 -87.13 35.00 -16.83
CA LEU UF 228 -87.76 34.64 -18.04
C LEU UF 228 -87.23 33.32 -18.40
N ALA UF 229 -87.95 32.68 -19.31
CA ALA UF 229 -87.86 31.25 -19.53
C ALA UF 229 -86.67 30.97 -20.41
N VAL UF 230 -85.95 29.89 -20.11
CA VAL UF 230 -84.78 29.52 -20.90
C VAL UF 230 -85.18 28.40 -21.84
N VAL UF 231 -84.51 28.34 -22.99
CA VAL UF 231 -84.79 27.33 -23.98
C VAL UF 231 -83.53 26.88 -24.67
N CYS UF 232 -83.26 25.58 -24.58
CA CYS UF 232 -82.08 25.01 -25.18
C CYS UF 232 -82.36 23.93 -26.18
N SER UF 233 -81.53 23.90 -27.22
CA SER UF 233 -81.60 22.89 -28.26
C SER UF 233 -80.24 22.20 -28.23
N PHE UF 234 -80.31 20.85 -28.47
CA PHE UF 234 -79.39 19.73 -28.49
C PHE UF 234 -78.20 19.85 -29.43
N ASN UF 235 -78.53 19.82 -30.75
CA ASN UF 235 -77.78 19.81 -31.97
C ASN UF 235 -77.08 21.09 -31.89
N ARG UF 236 -76.07 21.03 -31.07
CA ARG UF 236 -74.70 21.26 -31.24
C ARG UF 236 -74.10 20.12 -32.07
N GLY UF 237 -74.48 18.84 -31.85
CA GLY UF 237 -73.90 17.73 -32.60
C GLY UF 237 -72.94 17.03 -31.67
N ASP UF 238 -72.48 17.77 -30.67
CA ASP UF 238 -72.14 17.19 -29.40
C ASP UF 238 -73.48 16.87 -28.81
N ASN UF 239 -73.55 15.87 -27.91
CA ASN UF 239 -74.67 15.79 -27.00
C ASN UF 239 -74.49 16.78 -25.95
N GLU UF 240 -73.21 17.03 -25.64
CA GLU UF 240 -72.98 17.65 -24.37
C GLU UF 240 -73.62 18.98 -24.42
N ARG UF 241 -73.24 19.70 -25.47
CA ARG UF 241 -73.46 21.11 -25.75
C ARG UF 241 -74.84 21.44 -26.28
N ALA UF 242 -75.31 22.63 -25.96
CA ALA UF 242 -76.62 23.06 -26.44
C ALA UF 242 -76.66 24.55 -26.69
N GLU UF 243 -77.58 24.96 -27.56
CA GLU UF 243 -77.76 26.35 -27.94
C GLU UF 243 -79.01 26.81 -27.25
N CYS UF 244 -78.88 27.84 -26.41
CA CYS UF 244 -80.03 28.36 -25.67
C CYS UF 244 -80.38 29.83 -25.92
N HIS UF 245 -81.55 30.21 -25.43
CA HIS UF 245 -82.04 31.56 -25.56
C HIS UF 245 -82.97 31.84 -24.40
N ARG UF 246 -82.95 33.06 -23.90
CA ARG UF 246 -83.86 33.42 -22.83
C ARG UF 246 -85.02 34.01 -23.60
N VAL UF 247 -86.25 33.68 -23.22
CA VAL UF 247 -87.38 34.19 -23.96
C VAL UF 247 -88.60 34.46 -23.12
N THR UF 248 -89.59 35.20 -23.63
CA THR UF 248 -90.72 35.37 -22.80
C THR UF 248 -91.73 34.43 -23.37
N GLU UF 249 -92.71 33.98 -22.56
CA GLU UF 249 -93.71 33.04 -23.01
C GLU UF 249 -94.60 33.73 -23.97
N ALA UF 250 -95.09 34.89 -23.51
CA ALA UF 250 -96.14 35.53 -24.21
C ALA UF 250 -95.61 35.95 -25.55
N THR UF 251 -94.47 36.69 -25.52
CA THR UF 251 -93.83 37.29 -26.65
C THR UF 251 -93.30 36.19 -27.49
N LEU UF 252 -92.54 35.29 -26.85
CA LEU UF 252 -91.91 34.21 -27.53
C LEU UF 252 -90.94 34.77 -28.50
N HIS UF 253 -90.40 35.91 -28.08
CA HIS UF 253 -89.24 36.49 -28.63
C HIS UF 253 -88.03 35.89 -27.97
N GLN UF 254 -86.84 36.12 -28.57
CA GLN UF 254 -85.51 35.91 -28.03
C GLN UF 254 -84.83 37.11 -27.42
N CYS UF 255 -84.70 37.10 -26.10
CA CYS UF 255 -84.05 38.19 -25.36
C CYS UF 255 -82.55 38.04 -25.26
N ALA UF 256 -82.06 36.80 -25.32
CA ALA UF 256 -80.62 36.59 -25.24
C ALA UF 256 -80.15 35.26 -25.77
N ASP UF 257 -78.87 35.25 -26.17
CA ASP UF 257 -78.22 34.06 -26.72
C ASP UF 257 -77.37 33.43 -25.61
N LEU UF 258 -77.46 32.12 -25.46
CA LEU UF 258 -76.71 31.43 -24.42
C LEU UF 258 -76.23 30.07 -24.91
N PHE UF 259 -74.92 29.90 -25.04
CA PHE UF 259 -74.39 28.61 -25.47
C PHE UF 259 -73.79 27.87 -24.27
N VAL UF 260 -74.47 26.81 -23.84
CA VAL UF 260 -74.04 26.04 -22.69
C VAL UF 260 -73.26 24.81 -23.04
N THR UF 261 -72.54 24.33 -22.03
CA THR UF 261 -71.73 23.15 -22.13
C THR UF 261 -71.88 22.40 -20.82
N LEU UF 262 -71.97 21.08 -20.90
CA LEU UF 262 -72.11 20.27 -19.73
C LEU UF 262 -70.81 20.29 -18.93
N GLU UF 263 -70.90 20.54 -17.63
CA GLU UF 263 -69.70 20.56 -16.88
C GLU UF 263 -69.43 19.16 -16.49
N GLU UF 264 -68.14 18.78 -16.43
CA GLU UF 264 -67.78 17.47 -16.00
C GLU UF 264 -68.31 17.29 -14.60
N HIS UF 265 -68.84 16.08 -14.31
CA HIS UF 265 -69.39 15.70 -13.02
C HIS UF 265 -68.28 15.58 -12.03
N ASP UF 266 -67.13 15.00 -12.44
CA ASP UF 266 -66.04 15.00 -11.50
C ASP UF 266 -65.22 16.28 -11.54
N GLN VF 26 -21.16 -22.60 -14.29
CA GLN VF 26 -22.21 -23.64 -14.28
C GLN VF 26 -23.36 -23.16 -13.47
N SER VF 27 -23.22 -23.22 -12.12
CA SER VF 27 -24.24 -22.72 -11.25
C SER VF 27 -24.28 -21.28 -11.45
N HIS VF 28 -23.10 -20.74 -11.72
CA HIS VF 28 -23.10 -19.34 -11.83
C HIS VF 28 -23.89 -19.07 -13.08
N ASP VF 29 -23.59 -19.78 -14.18
CA ASP VF 29 -24.04 -19.41 -15.52
C ASP VF 29 -25.51 -19.44 -15.66
N GLU VF 30 -26.15 -20.48 -15.12
CA GLU VF 30 -27.53 -20.76 -15.41
C GLU VF 30 -28.25 -19.56 -14.96
N ILE VF 31 -27.81 -19.07 -13.77
CA ILE VF 31 -28.29 -17.90 -13.10
C ILE VF 31 -28.28 -16.79 -14.12
N ILE VF 32 -27.08 -16.44 -14.61
CA ILE VF 32 -26.84 -15.09 -15.06
C ILE VF 32 -27.69 -14.74 -16.25
N ASP VF 33 -27.99 -15.74 -17.09
CA ASP VF 33 -28.65 -15.57 -18.37
C ASP VF 33 -30.04 -15.01 -18.20
N LYS VF 34 -30.70 -15.32 -17.08
CA LYS VF 34 -32.13 -15.22 -16.87
C LYS VF 34 -32.60 -13.82 -17.16
N LEU VF 35 -31.94 -12.84 -16.51
CA LEU VF 35 -32.25 -11.44 -16.38
C LEU VF 35 -32.08 -10.65 -17.66
N ILE VF 36 -31.26 -11.12 -18.62
CA ILE VF 36 -31.10 -10.32 -19.81
C ILE VF 36 -32.37 -10.27 -20.63
N GLU VF 37 -32.89 -11.45 -20.99
CA GLU VF 37 -33.91 -11.75 -22.00
C GLU VF 37 -35.28 -11.32 -21.48
N ARG VF 38 -35.32 -10.85 -20.24
CA ARG VF 38 -36.54 -10.39 -19.61
C ARG VF 38 -36.53 -8.86 -19.61
N THR VF 39 -35.33 -8.29 -19.61
CA THR VF 39 -35.18 -6.85 -19.62
C THR VF 39 -35.69 -6.35 -20.96
N ASN VF 40 -35.45 -7.14 -22.00
CA ASN VF 40 -35.89 -6.78 -23.34
C ASN VF 40 -37.37 -7.10 -23.51
N LYS VF 41 -37.79 -8.24 -22.98
CA LYS VF 41 -39.18 -8.66 -23.08
C LYS VF 41 -40.13 -7.59 -22.55
N ILE VF 42 -39.58 -6.61 -21.85
CA ILE VF 42 -40.39 -5.51 -21.30
C ILE VF 42 -40.10 -4.25 -22.08
N THR VF 43 -38.82 -4.05 -22.43
CA THR VF 43 -38.41 -2.89 -23.19
C THR VF 43 -39.23 -2.84 -24.48
N THR VF 44 -39.87 -3.96 -24.81
CA THR VF 44 -40.71 -4.04 -25.99
C THR VF 44 -42.10 -3.56 -25.63
N SER VF 45 -42.70 -4.19 -24.62
CA SER VF 45 -44.03 -3.82 -24.17
C SER VF 45 -44.07 -2.33 -23.86
N ILE VF 46 -42.92 -1.77 -23.52
CA ILE VF 46 -42.84 -0.35 -23.22
C ILE VF 46 -42.98 0.47 -24.50
N SER VF 47 -42.00 0.37 -25.39
CA SER VF 47 -42.05 1.11 -26.63
C SER VF 47 -43.29 0.78 -27.44
N HIS VF 48 -43.90 -0.36 -27.14
CA HIS VF 48 -45.13 -0.77 -27.82
C HIS VF 48 -46.22 0.24 -27.49
N VAL VF 49 -46.31 0.62 -26.22
CA VAL VF 49 -47.31 1.57 -25.77
C VAL VF 49 -46.92 2.96 -26.24
N GLU VF 50 -45.65 3.33 -26.06
CA GLU VF 50 -45.16 4.63 -26.47
C GLU VF 50 -45.58 4.88 -27.91
N SER VF 51 -45.85 3.81 -28.64
CA SER VF 51 -46.28 3.93 -30.01
C SER VF 51 -47.77 4.27 -30.03
N LEU VF 52 -48.57 3.42 -29.38
CA LEU VF 52 -50.02 3.64 -29.32
C LEU VF 52 -50.36 5.03 -28.83
N LEU VF 53 -49.49 5.60 -28.00
CA LEU VF 53 -49.68 6.94 -27.49
C LEU VF 53 -49.39 7.92 -28.61
N ASP VF 54 -48.19 7.81 -29.17
CA ASP VF 54 -47.79 8.70 -30.27
C ASP VF 54 -48.83 8.70 -31.38
N ASP VF 55 -49.56 7.59 -31.49
CA ASP VF 55 -50.60 7.46 -32.52
C ASP VF 55 -51.79 8.38 -32.26
N ARG VF 56 -52.02 8.72 -31.01
CA ARG VF 56 -53.13 9.60 -30.68
C ARG VF 56 -52.68 11.05 -30.57
N LEU VF 57 -51.37 11.27 -30.64
CA LEU VF 57 -50.84 12.63 -30.58
C LEU VF 57 -50.29 13.00 -31.94
N ASP VF 58 -50.13 12.01 -32.81
CA ASP VF 58 -49.21 12.12 -33.93
C ASP VF 58 -49.63 13.30 -34.76
N PRO VF 59 -48.71 14.17 -35.11
CA PRO VF 59 -49.01 15.50 -35.64
C PRO VF 59 -49.74 15.47 -36.99
N LYS VF 60 -49.35 14.52 -37.84
CA LYS VF 60 -49.97 14.39 -39.15
C LYS VF 60 -51.48 14.17 -38.98
N ARG VF 61 -51.87 13.55 -37.88
CA ARG VF 61 -53.29 13.33 -37.61
C ARG VF 61 -53.91 14.64 -37.16
N ILE VF 62 -53.20 15.38 -36.31
CA ILE VF 62 -53.67 16.67 -35.80
C ILE VF 62 -54.07 17.59 -36.93
N ARG VF 63 -53.11 18.07 -37.69
CA ARG VF 63 -53.41 18.97 -38.78
C ARG VF 63 -54.53 18.42 -39.63
N LYS VF 64 -54.41 17.17 -40.05
CA LYS VF 64 -55.43 16.56 -40.91
C LYS VF 64 -56.83 16.73 -40.32
N ALA VF 65 -56.95 16.61 -39.02
CA ALA VF 65 -58.24 16.78 -38.36
C ALA VF 65 -58.56 18.26 -38.21
N GLY VF 66 -57.58 19.01 -37.75
CA GLY VF 66 -57.77 20.45 -37.60
C GLY VF 66 -58.20 21.03 -38.93
N SER VF 67 -57.58 20.54 -40.00
CA SER VF 67 -57.91 20.99 -41.34
C SER VF 67 -59.40 20.82 -41.56
N LEU VF 68 -59.92 19.66 -41.17
CA LEU VF 68 -61.35 19.37 -41.32
C LEU VF 68 -62.14 20.41 -40.55
N ARG VF 69 -61.70 20.69 -39.33
CA ARG VF 69 -62.37 21.68 -38.51
C ARG VF 69 -62.56 22.94 -39.31
N HIS VF 70 -61.49 23.43 -39.92
CA HIS VF 70 -61.56 24.63 -40.71
C HIS VF 70 -62.72 24.60 -41.68
N ARG VF 71 -62.74 23.60 -42.57
CA ARG VF 71 -63.82 23.50 -43.55
C ARG VF 71 -65.18 23.82 -42.92
N VAL VF 72 -65.36 23.35 -41.69
CA VAL VF 72 -66.60 23.60 -40.96
C VAL VF 72 -66.70 25.06 -40.54
N GLU VF 73 -65.63 25.59 -39.93
CA GLU VF 73 -65.59 26.99 -39.49
C GLU VF 73 -66.02 27.91 -40.63
N GLU VF 74 -65.78 27.48 -41.86
CA GLU VF 74 -66.13 28.24 -43.05
C GLU VF 74 -67.64 28.22 -43.33
N LEU VF 75 -68.31 27.14 -42.94
CA LEU VF 75 -69.74 27.03 -43.16
C LEU VF 75 -70.53 27.77 -42.08
N GLU VF 76 -71.48 28.72 -42.99
CA GLU VF 76 -72.38 29.25 -42.00
C GLU VF 76 -72.19 30.73 -41.88
N ASP VF 77 -73.21 31.37 -41.24
CA ASP VF 77 -73.14 32.74 -40.82
C ASP VF 77 -72.50 32.76 -39.50
N PRO VF 78 -71.45 33.46 -39.64
CA PRO VF 78 -70.28 33.29 -38.87
C PRO VF 78 -70.50 33.90 -37.57
N SER VF 79 -69.95 33.19 -36.59
CA SER VF 79 -69.87 33.59 -35.25
C SER VF 79 -69.32 34.98 -35.31
N CYS VF 80 -68.04 35.11 -35.70
CA CYS VF 80 -67.38 36.36 -35.38
C CYS VF 80 -67.65 37.31 -36.49
N ASP VF 81 -67.02 38.51 -36.59
CA ASP VF 81 -67.37 39.15 -37.83
C ASP VF 81 -66.41 38.73 -38.87
N GLU VF 82 -66.60 39.29 -40.08
CA GLU VF 82 -65.57 39.26 -41.07
C GLU VF 82 -64.43 39.96 -40.38
N HIS VF 83 -64.71 41.19 -39.89
CA HIS VF 83 -63.66 41.92 -39.27
C HIS VF 83 -63.28 41.21 -38.03
N GLU VF 84 -64.27 40.74 -37.28
CA GLU VF 84 -63.94 40.26 -35.94
C GLU VF 84 -63.37 38.85 -35.97
N HIS VF 85 -62.57 38.52 -34.95
CA HIS VF 85 -61.92 37.21 -34.85
C HIS VF 85 -62.56 36.37 -33.78
N GLN VF 86 -62.90 35.14 -34.13
CA GLN VF 86 -63.53 34.23 -33.20
C GLN VF 86 -62.49 33.49 -32.39
N CYS VF 87 -62.47 33.67 -30.99
CA CYS VF 87 -61.35 33.27 -30.19
C CYS VF 87 -61.33 31.79 -30.19
N GLY VF 88 -62.51 31.21 -30.44
CA GLY VF 88 -62.84 29.94 -29.92
C GLY VF 88 -63.98 30.19 -29.00
N GLY VF 89 -64.56 29.10 -28.49
CA GLY VF 89 -64.03 27.84 -28.91
C GLY VF 89 -64.82 26.77 -28.25
N ASP VF 90 -64.71 26.71 -26.91
CA ASP VF 90 -65.75 26.29 -26.01
C ASP VF 90 -66.74 27.40 -25.82
N ASP VF 91 -66.24 28.59 -25.45
CA ASP VF 91 -67.11 29.71 -25.29
C ASP VF 91 -66.64 30.65 -26.32
N PRO VF 92 -67.52 31.10 -27.15
CA PRO VF 92 -67.18 32.05 -28.13
C PRO VF 92 -67.03 33.34 -27.45
N GLN VF 93 -66.39 34.25 -28.23
CA GLN VF 93 -65.97 35.55 -27.89
C GLN VF 93 -65.52 36.08 -29.20
N CYS VF 94 -65.93 37.31 -29.50
CA CYS VF 94 -65.50 38.03 -30.70
C CYS VF 94 -64.63 39.26 -30.38
N ILE VF 95 -63.45 39.33 -30.96
CA ILE VF 95 -62.57 40.48 -30.76
C ILE VF 95 -62.17 40.97 -32.13
N SER VF 96 -61.72 42.21 -32.23
CA SER VF 96 -61.33 42.73 -33.54
C SER VF 96 -60.11 42.07 -34.15
N LYS VF 97 -60.16 42.00 -35.50
CA LYS VF 97 -58.96 41.61 -36.13
C LYS VF 97 -57.89 42.62 -35.82
N LEU VF 98 -58.22 43.91 -35.61
CA LEU VF 98 -57.15 44.83 -35.32
C LEU VF 98 -56.63 44.50 -33.95
N PHE VF 99 -57.59 44.04 -33.15
CA PHE VF 99 -57.67 43.98 -31.72
C PHE VF 99 -56.80 42.98 -31.00
N VAL VF 100 -56.83 41.70 -31.42
CA VAL VF 100 -55.71 40.83 -31.20
C VAL VF 100 -54.73 41.48 -32.14
N CYS VF 101 -53.39 41.40 -32.00
CA CYS VF 101 -52.54 40.82 -31.01
C CYS VF 101 -51.84 41.98 -30.36
N ASP VF 102 -52.64 42.69 -29.58
CA ASP VF 102 -52.33 43.90 -28.87
C ASP VF 102 -51.12 43.62 -28.05
N GLY VF 103 -51.12 42.46 -27.39
CA GLY VF 103 -50.13 42.16 -26.41
C GLY VF 103 -50.85 42.13 -25.13
N HIS VF 104 -51.94 42.92 -25.00
CA HIS VF 104 -52.87 42.53 -23.98
C HIS VF 104 -53.54 41.32 -24.51
N ASN VF 105 -54.05 40.49 -23.57
CA ASN VF 105 -54.79 39.32 -23.92
C ASN VF 105 -56.21 39.72 -23.94
N ASP VF 106 -56.80 39.51 -25.13
CA ASP VF 106 -58.18 39.33 -25.45
C ASP VF 106 -58.62 38.07 -24.75
N CYS VF 107 -57.94 36.93 -25.01
CA CYS VF 107 -58.58 35.66 -24.85
C CYS VF 107 -58.20 35.01 -23.57
N ARG VF 108 -59.25 34.49 -22.90
CA ARG VF 108 -59.14 33.59 -21.79
C ARG VF 108 -58.27 32.56 -22.36
N ASN VF 109 -58.72 32.14 -23.54
CA ASN VF 109 -58.24 31.05 -24.29
C ASN VF 109 -56.79 31.37 -24.48
N GLY VF 110 -56.51 32.60 -24.95
CA GLY VF 110 -55.16 33.01 -25.15
C GLY VF 110 -54.73 32.81 -26.56
N GLU VF 111 -55.72 32.82 -27.49
CA GLU VF 111 -55.39 32.66 -28.92
C GLU VF 111 -54.44 33.75 -29.41
N ASP VF 112 -54.77 34.99 -29.07
CA ASP VF 112 -53.97 36.13 -29.48
C ASP VF 112 -52.50 35.99 -29.13
N GLU VF 113 -52.11 34.87 -28.54
CA GLU VF 113 -50.74 34.70 -28.14
C GLU VF 113 -50.20 33.30 -28.19
N LYS VF 114 -51.04 32.30 -28.42
CA LYS VF 114 -50.51 30.95 -28.42
C LYS VF 114 -50.08 30.39 -29.78
N ASP VF 115 -50.64 31.01 -30.87
CA ASP VF 115 -50.42 30.55 -32.20
C ASP VF 115 -49.04 30.97 -32.50
N CYS VF 116 -48.16 29.99 -32.35
CA CYS VF 116 -46.79 30.25 -32.09
C CYS VF 116 -46.16 30.87 -33.29
N THR VF 117 -46.71 30.58 -34.49
CA THR VF 117 -45.94 30.84 -35.67
C THR VF 117 -46.60 31.83 -36.55
N LEU VF 118 -45.74 32.75 -37.00
CA LEU VF 118 -46.04 33.70 -38.02
C LEU VF 118 -45.93 33.05 -39.35
N PRO VF 119 -47.06 33.09 -40.01
CA PRO VF 119 -47.19 32.52 -41.31
C PRO VF 119 -46.17 33.13 -42.23
N THR VF 120 -45.74 34.39 -41.97
CA THR VF 120 -45.07 35.12 -43.00
C THR VF 120 -43.58 35.03 -42.87
N LYS VF 121 -42.97 34.23 -43.77
CA LYS VF 121 -41.55 34.33 -43.81
C LYS VF 121 -41.23 35.14 -44.95
N ALA VF 122 -39.98 34.97 -45.32
CA ALA VF 122 -39.23 35.99 -45.90
C ALA VF 122 -38.46 35.22 -46.87
N GLY VF 123 -38.22 35.80 -48.04
CA GLY VF 123 -37.33 35.17 -48.95
C GLY VF 123 -38.09 34.22 -49.84
N ASP VF 124 -39.37 33.90 -49.50
CA ASP VF 124 -40.11 32.88 -50.20
C ASP VF 124 -40.37 33.32 -51.58
N LYS VF 125 -40.36 32.35 -52.50
CA LYS VF 125 -40.86 32.63 -53.84
C LYS VF 125 -42.13 31.81 -54.07
N PHE VF 126 -43.09 32.41 -54.76
CA PHE VF 126 -44.36 31.74 -55.06
C PHE VF 126 -44.68 31.84 -56.53
N ILE VF 127 -44.98 30.71 -57.14
CA ILE VF 127 -45.32 30.66 -58.55
C ILE VF 127 -46.83 30.57 -58.74
N GLY VF 128 -47.40 31.51 -59.48
CA GLY VF 128 -48.83 31.47 -59.70
C GLY VF 128 -49.20 30.98 -61.07
N ASP VF 129 -50.19 30.09 -61.13
CA ASP VF 129 -50.67 29.57 -62.40
C ASP VF 129 -52.00 30.29 -62.66
N VAL VF 130 -52.09 30.97 -63.80
CA VAL VF 130 -53.30 31.71 -64.14
C VAL VF 130 -54.42 30.75 -64.37
N CYS VF 131 -55.65 31.25 -64.37
CA CYS VF 131 -56.79 30.41 -64.61
C CYS VF 131 -58.02 31.26 -64.90
N PHE VF 132 -57.84 32.57 -64.95
CA PHE VF 132 -58.95 33.48 -65.15
C PHE VF 132 -58.32 34.87 -65.11
N ASP VF 133 -58.06 35.42 -66.28
CA ASP VF 133 -57.43 36.73 -66.36
C ASP VF 133 -58.17 37.66 -67.28
N HIS VF 134 -59.08 38.52 -66.73
CA HIS VF 134 -59.79 39.47 -67.56
C HIS VF 134 -58.80 40.55 -67.72
N CYS VF 135 -57.96 40.54 -66.68
CA CYS VF 135 -57.37 41.69 -66.10
C CYS VF 135 -56.24 42.29 -66.91
N THR VF 136 -55.31 41.46 -67.40
CA THR VF 136 -54.19 41.99 -68.13
C THR VF 136 -54.53 41.83 -69.59
N LYS VF 137 -53.78 42.46 -70.52
CA LYS VF 137 -53.95 42.25 -71.94
C LYS VF 137 -53.36 40.94 -72.35
N ARG VF 138 -52.12 40.67 -71.89
CA ARG VF 138 -51.37 39.52 -72.36
C ARG VF 138 -51.92 38.27 -71.78
N ARG VF 139 -52.48 38.33 -70.54
CA ARG VF 139 -52.78 37.18 -69.73
C ARG VF 139 -51.60 36.31 -69.59
N PRO VF 140 -50.93 36.26 -68.51
CA PRO VF 140 -49.81 35.43 -68.71
C PRO VF 140 -50.10 34.05 -68.22
N GLU VF 141 -49.27 33.10 -68.67
CA GLU VF 141 -49.39 31.74 -68.22
C GLU VF 141 -49.16 31.74 -66.76
N HIS VF 142 -48.05 32.42 -66.37
CA HIS VF 142 -47.60 32.29 -65.00
C HIS VF 142 -47.35 33.65 -64.41
N MET VF 143 -46.81 33.67 -63.21
CA MET VF 143 -46.55 34.92 -62.53
C MET VF 143 -45.82 34.62 -61.22
N THR VF 144 -44.52 34.90 -61.19
CA THR VF 144 -43.72 34.66 -60.00
C THR VF 144 -43.85 35.80 -58.99
N LEU VF 145 -43.84 35.45 -57.72
CA LEU VF 145 -43.98 36.42 -56.65
C LEU VF 145 -42.84 36.29 -55.66
N ALA VF 146 -41.81 37.11 -55.81
CA ALA VF 146 -40.66 37.05 -54.92
C ALA VF 146 -40.74 38.01 -53.76
N PHE VF 147 -40.51 37.48 -52.55
CA PHE VF 147 -40.56 38.32 -51.36
C PHE VF 147 -39.17 38.79 -50.99
N GLU VF 148 -38.92 40.08 -51.17
CA GLU VF 148 -37.61 40.65 -50.89
C GLU VF 148 -37.38 40.82 -49.38
N SER VF 149 -38.15 41.67 -48.73
CA SER VF 149 -37.98 41.90 -47.29
C SER VF 149 -39.29 41.80 -46.51
N SER VF 150 -39.18 41.64 -45.20
CA SER VF 150 -40.35 41.53 -44.33
C SER VF 150 -39.96 41.90 -42.93
N SER VF 151 -40.62 42.90 -42.36
CA SER VF 151 -40.33 43.33 -40.99
C SER VF 151 -41.60 43.60 -40.19
N ILE VF 152 -41.60 43.19 -38.92
CA ILE VF 152 -42.76 43.40 -38.06
C ILE VF 152 -42.46 44.46 -37.01
N ALA VF 153 -43.44 45.33 -36.80
CA ALA VF 153 -43.16 46.33 -35.84
C ALA VF 153 -43.24 45.81 -34.44
N ALA VF 154 -42.40 46.41 -33.60
CA ALA VF 154 -41.95 45.67 -32.46
C ALA VF 154 -43.12 45.49 -31.49
N PHE VF 155 -43.99 46.49 -31.54
CA PHE VF 155 -45.21 46.65 -30.87
C PHE VF 155 -46.34 45.90 -31.56
N PHE VF 156 -46.30 45.84 -32.90
CA PHE VF 156 -47.41 45.19 -33.50
C PHE VF 156 -47.04 43.83 -33.87
N THR VF 157 -47.68 42.85 -33.20
CA THR VF 157 -47.80 41.61 -33.88
C THR VF 157 -48.65 41.78 -35.12
N PRO VF 158 -49.86 42.33 -35.12
CA PRO VF 158 -50.89 41.82 -35.98
C PRO VF 158 -50.55 41.92 -37.42
N ILE VF 159 -49.73 42.91 -37.75
CA ILE VF 159 -49.45 43.17 -39.16
C ILE VF 159 -47.98 43.18 -39.49
N ALA VF 160 -47.59 42.38 -40.48
CA ALA VF 160 -46.20 42.31 -40.90
C ALA VF 160 -46.10 42.97 -42.26
N ASP VF 161 -45.21 43.95 -42.39
CA ASP VF 161 -45.04 44.66 -43.65
C ASP VF 161 -44.07 43.95 -44.60
N LEU VF 162 -44.45 43.89 -45.88
CA LEU VF 162 -43.63 43.21 -46.88
C LEU VF 162 -43.25 44.07 -48.07
N HIS VF 163 -42.17 43.68 -48.75
CA HIS VF 163 -41.69 44.34 -49.96
C HIS VF 163 -41.56 43.18 -50.94
N VAL VF 164 -42.29 43.27 -52.04
CA VAL VF 164 -42.30 42.20 -53.04
C VAL VF 164 -42.10 42.62 -54.48
N HIS VF 165 -41.45 41.73 -55.24
CA HIS VF 165 -41.20 41.93 -56.65
C HIS VF 165 -42.08 40.93 -57.38
N ILE VF 166 -42.95 41.44 -58.25
CA ILE VF 166 -43.85 40.58 -59.02
C ILE VF 166 -43.24 40.39 -60.39
N GLU VF 167 -42.67 39.22 -60.64
CA GLU VF 167 -42.01 38.97 -61.92
C GLU VF 167 -42.94 38.40 -62.96
N ILE VF 168 -42.71 38.74 -64.22
CA ILE VF 168 -43.55 38.27 -65.32
C ILE VF 168 -42.82 38.05 -66.63
N GLU VF 169 -43.04 36.88 -67.24
CA GLU VF 169 -42.41 36.50 -68.50
C GLU VF 169 -43.38 36.51 -69.69
N SER VF 170 -43.62 37.67 -70.27
CA SER VF 170 -44.69 37.59 -71.21
C SER VF 170 -44.07 37.44 -72.55
N GLU VF 171 -44.92 37.08 -73.53
CA GLU VF 171 -44.50 37.21 -74.87
C GLU VF 171 -45.39 38.28 -75.42
N THR VF 172 -44.77 39.27 -76.08
CA THR VF 172 -45.53 40.32 -76.68
C THR VF 172 -45.65 39.94 -78.10
N ASP VF 173 -46.46 40.71 -78.85
CA ASP VF 173 -46.61 40.33 -80.20
C ASP VF 173 -45.26 40.46 -80.87
N GLU VF 174 -44.66 41.68 -80.76
CA GLU VF 174 -43.45 42.07 -81.41
C GLU VF 174 -42.26 41.30 -80.90
N ASP VF 175 -42.05 41.42 -79.58
CA ASP VF 175 -40.86 40.87 -79.03
C ASP VF 175 -41.26 40.15 -77.80
N GLU VF 176 -40.27 39.95 -76.93
CA GLU VF 176 -40.57 39.34 -75.70
C GLU VF 176 -40.26 40.38 -74.69
N SER VF 177 -41.07 40.40 -73.61
CA SER VF 177 -40.97 41.39 -72.60
C SER VF 177 -40.83 40.62 -71.36
N GLU VF 178 -40.12 41.23 -70.38
CA GLU VF 178 -39.92 40.62 -69.08
C GLU VF 178 -40.21 41.74 -68.10
N VAL VF 179 -40.79 41.43 -66.94
CA VAL VF 179 -41.09 42.47 -65.96
C VAL VF 179 -40.86 42.03 -64.54
N SER VF 180 -40.49 42.98 -63.69
CA SER VF 180 -40.25 42.70 -62.28
C SER VF 180 -40.68 43.92 -61.46
N MET VF 181 -41.97 44.22 -61.49
CA MET VF 181 -42.53 45.35 -60.76
C MET VF 181 -42.49 45.11 -59.26
N PRO VF 182 -41.99 46.09 -58.51
CA PRO VF 182 -41.87 46.03 -57.05
C PRO VF 182 -43.05 46.72 -56.38
N ALA VF 183 -43.51 46.15 -55.27
CA ALA VF 183 -44.64 46.73 -54.54
C ALA VF 183 -44.58 46.45 -53.05
N ASP VF 184 -45.17 47.34 -52.28
CA ASP VF 184 -45.23 47.19 -50.84
C ASP VF 184 -46.47 46.35 -50.53
N GLY VF 185 -46.56 45.88 -49.29
CA GLY VF 185 -47.69 45.06 -48.89
C GLY VF 185 -47.57 44.58 -47.46
N GLU VF 186 -48.69 44.16 -46.89
CA GLU VF 186 -48.70 43.66 -45.53
C GLU VF 186 -49.38 42.30 -45.45
N TYR VF 187 -49.17 41.61 -44.35
CA TYR VF 187 -49.80 40.30 -44.15
C TYR VF 187 -50.48 40.39 -42.81
N SER VF 188 -51.78 40.13 -42.79
CA SER VF 188 -52.57 40.21 -41.56
C SER VF 188 -52.83 38.85 -40.96
N PHE VF 189 -52.64 39.09 -39.62
CA PHE VF 189 -52.22 38.13 -38.69
C PHE VF 189 -53.19 37.06 -38.83
N ALA VF 190 -54.43 37.41 -38.44
CA ALA VF 190 -55.58 36.56 -38.33
C ALA VF 190 -56.09 36.14 -39.66
N ASP VF 191 -56.08 37.09 -40.63
CA ASP VF 191 -56.68 36.89 -41.91
C ASP VF 191 -55.91 35.85 -42.63
N HIS VF 192 -54.59 35.80 -42.40
CA HIS VF 192 -53.71 35.07 -43.29
C HIS VF 192 -53.81 35.71 -44.65
N ARG VF 193 -54.32 36.95 -44.72
CA ARG VF 193 -54.47 37.56 -46.03
C ARG VF 193 -53.43 38.64 -46.29
N LEU VF 194 -52.58 38.39 -47.28
CA LEU VF 194 -51.54 39.36 -47.64
C LEU VF 194 -52.11 40.23 -48.75
N THR VF 195 -51.96 41.54 -48.56
CA THR VF 195 -52.44 42.50 -49.53
C THR VF 195 -51.20 43.13 -50.13
N ILE VF 196 -51.09 43.07 -51.46
CA ILE VF 196 -49.92 43.65 -52.12
C ILE VF 196 -50.37 44.88 -52.86
N HIS VF 197 -50.00 46.04 -52.29
CA HIS VF 197 -50.45 47.28 -52.81
C HIS VF 197 -49.74 47.41 -54.10
N PRO VF 198 -50.54 47.93 -54.98
CA PRO VF 198 -50.33 47.92 -56.38
C PRO VF 198 -49.07 48.64 -56.70
N PRO VF 199 -48.37 47.86 -57.43
CA PRO VF 199 -47.09 48.20 -57.98
C PRO VF 199 -47.28 49.40 -58.85
N GLU VF 200 -48.41 49.35 -59.56
CA GLU VF 200 -48.75 50.21 -60.64
C GLU VF 200 -49.31 51.47 -60.07
N GLU VF 201 -49.26 52.52 -60.89
CA GLU VF 201 -50.08 53.67 -60.67
C GLU VF 201 -51.48 53.16 -60.83
N ASP VF 202 -51.63 52.14 -61.67
CA ASP VF 202 -52.94 51.84 -62.15
C ASP VF 202 -53.81 51.36 -61.01
N GLY VF 203 -53.25 50.63 -60.02
CA GLY VF 203 -54.14 50.38 -58.91
C GLY VF 203 -54.86 49.11 -59.13
N LEU VF 204 -54.30 48.30 -60.05
CA LEU VF 204 -54.40 46.85 -59.95
C LEU VF 204 -53.49 46.30 -58.89
N GLY VF 205 -54.09 45.67 -57.89
CA GLY VF 205 -53.33 45.09 -56.79
C GLY VF 205 -53.65 43.62 -56.59
N LEU VF 206 -52.80 42.91 -55.86
CA LEU VF 206 -52.98 41.49 -55.57
C LEU VF 206 -53.42 41.29 -54.15
N VAL VF 207 -54.30 40.32 -53.97
CA VAL VF 207 -54.86 39.98 -52.68
C VAL VF 207 -55.00 38.47 -52.58
N GLY VF 208 -54.07 37.86 -51.86
CA GLY VF 208 -54.13 36.42 -51.68
C GLY VF 208 -54.49 36.09 -50.25
N GLU VF 209 -55.51 35.26 -50.07
CA GLU VF 209 -55.92 34.86 -48.73
C GLU VF 209 -55.51 33.42 -48.49
N PHE VF 210 -54.79 33.18 -47.40
CA PHE VF 210 -54.32 31.85 -47.09
C PHE VF 210 -55.35 30.92 -46.48
N ASP VF 211 -55.17 29.64 -46.77
CA ASP VF 211 -55.27 28.59 -45.80
C ASP VF 211 -54.12 28.77 -44.84
N GLY VF 212 -52.91 29.04 -45.38
CA GLY VF 212 -51.76 29.56 -44.65
C GLY VF 212 -50.57 28.62 -44.75
N TYR VF 213 -50.32 27.73 -43.75
CA TYR VF 213 -49.23 26.75 -43.75
C TYR VF 213 -49.58 25.85 -44.82
N ASN VF 214 -50.81 25.38 -44.64
CA ASN VF 214 -51.50 24.30 -45.25
C ASN VF 214 -52.65 24.99 -45.91
N PHE VF 215 -52.48 25.48 -47.16
CA PHE VF 215 -51.31 25.30 -47.93
C PHE VF 215 -50.67 26.61 -48.11
N ASP VF 216 -49.34 26.59 -48.32
CA ASP VF 216 -48.65 27.80 -48.69
C ASP VF 216 -49.24 28.17 -50.02
N ARG VF 217 -49.76 27.16 -50.75
CA ARG VF 217 -50.68 27.39 -51.86
C ARG VF 217 -51.76 28.36 -51.42
N PHE VF 218 -51.95 29.44 -52.16
CA PHE VF 218 -52.99 30.41 -51.83
C PHE VF 218 -53.59 30.95 -53.10
N VAL VF 219 -54.89 31.22 -53.12
CA VAL VF 219 -55.52 31.76 -54.30
C VAL VF 219 -55.23 33.24 -54.36
N GLY VF 220 -54.71 33.68 -55.49
CA GLY VF 220 -54.36 35.08 -55.63
C GLY VF 220 -55.27 35.82 -56.57
N HIS VF 221 -56.03 36.73 -56.00
CA HIS VF 221 -56.97 37.54 -56.76
C HIS VF 221 -56.34 38.88 -57.12
N ILE VF 222 -56.43 39.25 -58.39
CA ILE VF 222 -55.91 40.53 -58.79
C ILE VF 222 -57.12 41.43 -58.82
N VAL VF 223 -57.08 42.52 -58.07
CA VAL VF 223 -58.22 43.43 -58.00
C VAL VF 223 -57.90 44.90 -58.21
N HIS VF 224 -58.95 45.69 -58.35
CA HIS VF 224 -58.83 47.14 -58.49
C HIS VF 224 -58.87 47.58 -57.04
N GLU VF 225 -57.76 48.13 -56.51
CA GLU VF 225 -57.49 48.14 -55.10
C GLU VF 225 -58.63 48.82 -54.38
N LEU VF 226 -59.13 49.91 -54.99
CA LEU VF 226 -60.17 50.74 -54.45
C LEU VF 226 -61.50 50.02 -54.43
N SER VF 227 -61.80 49.34 -55.55
CA SER VF 227 -63.07 48.72 -55.83
C SER VF 227 -63.18 47.49 -55.02
N GLU VF 228 -62.04 46.83 -54.91
CA GLU VF 228 -62.06 45.44 -54.65
C GLU VF 228 -62.94 44.74 -55.63
N GLU VF 229 -62.68 44.97 -56.93
CA GLU VF 229 -63.20 44.08 -57.95
C GLU VF 229 -62.20 43.01 -58.31
N VAL VF 230 -62.66 41.77 -58.34
CA VAL VF 230 -61.79 40.67 -58.70
C VAL VF 230 -61.79 40.59 -60.22
N CYS VF 231 -60.63 40.44 -60.84
CA CYS VF 231 -60.60 40.33 -62.29
C CYS VF 231 -59.48 39.43 -62.78
N ALA VF 232 -58.91 38.67 -61.87
CA ALA VF 232 -57.83 37.75 -62.21
C ALA VF 232 -57.54 36.86 -61.01
N GLU VF 233 -57.57 35.56 -61.26
CA GLU VF 233 -57.34 34.57 -60.23
C GLU VF 233 -56.14 33.72 -60.67
N PHE VF 234 -55.21 33.52 -59.74
CA PHE VF 234 -54.04 32.71 -59.98
C PHE VF 234 -53.88 31.86 -58.76
N ILE VF 235 -53.51 30.61 -58.95
CA ILE VF 235 -53.28 29.73 -57.81
C ILE VF 235 -51.78 29.79 -57.55
N PHE VF 236 -51.38 30.31 -56.41
CA PHE VF 236 -49.97 30.43 -56.12
C PHE VF 236 -49.47 29.26 -55.30
N HIS VF 237 -48.35 28.67 -55.73
CA HIS VF 237 -47.71 27.56 -55.05
C HIS VF 237 -46.34 28.04 -54.58
N ARG VF 238 -45.95 27.64 -53.37
CA ARG VF 238 -44.66 28.04 -52.85
C ARG VF 238 -43.61 27.26 -53.63
N LYS VF 239 -42.59 27.92 -54.21
CA LYS VF 239 -41.48 27.24 -54.83
C LYS VF 239 -40.55 26.81 -53.74
N LYS VF 240 -40.03 25.59 -53.75
CA LYS VF 240 -39.13 25.35 -52.66
C LYS VF 240 -37.73 25.79 -53.07
N HIS WF 20 -73.87 31.39 56.38
CA HIS WF 20 -74.30 29.97 56.51
C HIS WF 20 -75.75 29.92 56.86
N GLU WF 21 -76.02 29.53 58.11
CA GLU WF 21 -77.37 29.40 58.60
C GLU WF 21 -77.99 30.76 58.61
N HIS WF 22 -77.17 31.76 58.99
CA HIS WF 22 -77.57 33.10 59.24
C HIS WF 22 -78.12 33.63 57.97
N CYS WF 23 -77.32 33.48 56.92
CA CYS WF 23 -77.76 34.14 55.75
C CYS WF 23 -78.61 33.18 55.04
N CYS WF 24 -78.69 33.38 53.72
CA CYS WF 24 -79.86 33.08 52.99
C CYS WF 24 -79.70 31.68 52.44
N SER WF 25 -80.44 30.70 53.00
CA SER WF 25 -80.29 29.29 52.72
C SER WF 25 -80.58 28.99 51.28
N GLU WF 26 -79.97 27.90 50.82
CA GLU WF 26 -80.25 27.30 49.52
C GLU WF 26 -81.73 27.04 49.34
N GLU WF 27 -82.35 26.30 50.27
CA GLU WF 27 -83.77 26.02 50.14
C GLU WF 27 -84.50 27.35 50.10
N ASP WF 28 -84.19 28.20 51.06
CA ASP WF 28 -84.82 29.51 51.13
C ASP WF 28 -84.94 30.16 49.76
N HIS WF 29 -83.81 30.51 49.15
CA HIS WF 29 -83.88 31.15 47.86
C HIS WF 29 -84.36 30.23 46.75
N ARG WF 30 -84.07 28.94 46.85
CA ARG WF 30 -84.54 28.06 45.80
C ARG WF 30 -86.04 28.33 45.73
N ILE WF 31 -86.64 28.55 46.90
CA ILE WF 31 -88.05 28.82 46.98
C ILE WF 31 -88.36 30.16 46.34
N VAL WF 32 -87.73 31.19 46.86
CA VAL WF 32 -87.96 32.53 46.33
C VAL WF 32 -87.91 32.48 44.82
N GLN WF 33 -86.80 31.97 44.27
CA GLN WF 33 -86.64 31.89 42.83
C GLN WF 33 -87.83 31.24 42.15
N LYS WF 34 -88.27 30.08 42.65
CA LYS WF 34 -89.39 29.37 42.07
C LYS WF 34 -90.66 30.23 42.07
N GLN WF 35 -90.94 30.86 43.21
CA GLN WF 35 -92.13 31.69 43.36
C GLN WF 35 -92.09 32.95 42.52
N TRP WF 36 -90.91 33.53 42.36
CA TRP WF 36 -90.76 34.76 41.59
C TRP WF 36 -90.95 34.47 40.13
N ASP WF 37 -90.83 33.21 39.75
CA ASP WF 37 -91.01 32.84 38.35
C ASP WF 37 -92.47 32.69 37.94
N ILE WF 38 -93.34 32.41 38.91
CA ILE WF 38 -94.76 32.28 38.64
C ILE WF 38 -95.20 33.51 37.86
N LEU WF 39 -94.49 34.62 38.07
CA LEU WF 39 -94.80 35.89 37.42
C LEU WF 39 -94.54 35.97 35.93
N TRP WF 40 -93.33 35.62 35.50
CA TRP WF 40 -92.96 35.71 34.10
C TRP WF 40 -93.37 34.55 33.20
N ARG WF 41 -94.53 33.95 33.47
CA ARG WF 41 -94.99 32.85 32.64
C ARG WF 41 -95.50 33.37 31.30
N ASP WF 42 -96.12 34.54 31.30
CA ASP WF 42 -96.63 35.10 30.04
C ASP WF 42 -95.68 36.12 29.44
N THR WF 43 -95.60 36.12 28.11
CA THR WF 43 -94.70 37.01 27.37
C THR WF 43 -94.83 38.49 27.65
N GLU WF 44 -95.96 38.95 28.19
CA GLU WF 44 -96.11 40.38 28.46
C GLU WF 44 -95.51 40.80 29.78
N SER WF 45 -94.27 40.38 30.03
CA SER WF 45 -93.55 40.71 31.25
C SER WF 45 -93.47 42.22 31.44
N SER WF 46 -93.21 42.93 30.36
CA SER WF 46 -93.10 44.38 30.41
C SER WF 46 -94.29 45.01 31.11
N LYS WF 47 -95.48 44.75 30.59
CA LYS WF 47 -96.70 45.29 31.17
C LYS WF 47 -96.76 45.01 32.68
N ILE WF 48 -96.34 43.82 33.09
CA ILE WF 48 -96.34 43.44 34.49
C ILE WF 48 -95.24 44.18 35.23
N LYS WF 49 -93.99 43.82 34.96
CA LYS WF 49 -92.86 44.48 35.62
C LYS WF 49 -93.12 45.96 35.80
N ILE WF 50 -93.55 46.63 34.74
CA ILE WF 50 -93.85 48.07 34.80
C ILE WF 50 -94.92 48.35 35.83
N GLY WF 51 -96.13 47.90 35.54
CA GLY WF 51 -97.23 48.11 36.46
C GLY WF 51 -96.85 47.82 37.91
N PHE WF 52 -96.23 46.67 38.15
CA PHE WF 52 -95.84 46.29 39.50
C PHE WF 52 -94.78 47.25 40.05
N GLY WF 53 -93.70 47.43 39.31
CA GLY WF 53 -92.64 48.33 39.77
C GLY WF 53 -93.17 49.74 39.93
N ARG WF 54 -94.08 50.13 39.06
CA ARG WF 54 -94.68 51.45 39.10
C ARG WF 54 -95.36 51.57 40.44
N LEU WF 55 -96.29 50.67 40.71
CA LEU WF 55 -97.01 50.68 41.97
C LEU WF 55 -96.06 50.68 43.17
N LEU WF 56 -95.07 49.78 43.15
CA LEU WF 56 -94.12 49.71 44.25
C LEU WF 56 -93.46 51.04 44.58
N LEU WF 57 -92.98 51.74 43.56
CA LEU WF 57 -92.34 53.03 43.79
C LEU WF 57 -93.37 54.06 44.24
N THR WF 58 -94.53 54.08 43.59
CA THR WF 58 -95.59 55.00 43.95
C THR WF 58 -95.89 54.88 45.44
N LYS WF 59 -96.29 53.68 45.86
CA LYS WF 59 -96.60 53.40 47.26
C LYS WF 59 -95.45 53.77 48.19
N LEU WF 60 -94.27 53.97 47.62
CA LEU WF 60 -93.14 54.38 48.45
C LEU WF 60 -93.24 55.88 48.63
N ALA WF 61 -93.38 56.60 47.53
CA ALA WF 61 -93.51 58.06 47.57
C ALA WF 61 -94.72 58.46 48.39
N LYS WF 62 -95.69 57.57 48.47
CA LYS WF 62 -96.91 57.81 49.24
C LYS WF 62 -96.58 57.89 50.72
N ASP WF 63 -95.84 56.91 51.23
CA ASP WF 63 -95.47 56.87 52.64
C ASP WF 63 -94.28 57.78 52.99
N ILE WF 64 -93.47 58.12 52.01
CA ILE WF 64 -92.32 58.99 52.24
C ILE WF 64 -92.12 59.86 51.00
N PRO WF 65 -92.64 61.09 51.03
CA PRO WF 65 -92.58 62.07 49.95
C PRO WF 65 -91.21 62.60 49.56
N GLU WF 66 -90.30 62.71 50.52
CA GLU WF 66 -88.98 63.23 50.19
C GLU WF 66 -88.38 62.39 49.07
N VAL WF 67 -89.10 61.32 48.71
CA VAL WF 67 -88.70 60.42 47.63
C VAL WF 67 -89.06 61.03 46.28
N ASN WF 68 -90.26 61.56 46.17
CA ASN WF 68 -90.72 62.18 44.95
C ASN WF 68 -89.67 63.05 44.31
N ASP WF 69 -88.85 63.71 45.12
CA ASP WF 69 -87.80 64.58 44.60
C ASP WF 69 -86.62 63.81 44.04
N LEU WF 70 -86.41 62.61 44.56
CA LEU WF 70 -85.30 61.77 44.11
C LEU WF 70 -85.61 61.21 42.73
N PHE WF 71 -86.84 60.75 42.56
CA PHE WF 71 -87.30 60.17 41.30
C PHE WF 71 -87.80 61.25 40.35
N LYS WF 72 -87.55 62.49 40.72
CA LYS WF 72 -87.95 63.63 39.90
C LYS WF 72 -87.27 63.50 38.54
N ARG WF 73 -85.99 63.16 38.59
CA ARG WF 73 -85.15 63.01 37.41
C ARG WF 73 -85.78 62.08 36.37
N VAL WF 74 -86.56 61.11 36.82
CA VAL WF 74 -87.18 60.15 35.91
C VAL WF 74 -88.65 60.41 35.71
N ASP WF 75 -89.06 61.66 35.93
CA ASP WF 75 -90.46 62.06 35.75
C ASP WF 75 -91.44 61.13 36.48
N ILE WF 76 -91.23 60.96 37.77
CA ILE WF 76 -92.09 60.11 38.57
C ILE WF 76 -93.45 60.76 38.63
N GLU WF 77 -93.47 62.05 38.33
CA GLU WF 77 -94.71 62.79 38.36
C GLU WF 77 -95.71 62.14 37.41
N HIS WF 78 -95.20 61.59 36.31
CA HIS WF 78 -96.05 60.91 35.34
C HIS WF 78 -95.83 59.44 35.42
N ALA WF 79 -96.54 58.79 36.34
CA ALA WF 79 -96.40 57.36 36.54
C ALA WF 79 -96.42 56.54 35.25
N GLU WF 80 -97.36 56.86 34.36
CA GLU WF 80 -97.52 56.15 33.08
C GLU WF 80 -96.59 56.71 32.00
N GLY WF 81 -95.91 57.80 32.33
CA GLY WF 81 -94.99 58.42 31.38
C GLY WF 81 -93.82 57.50 31.07
N PRO WF 82 -93.54 57.29 29.79
CA PRO WF 82 -92.42 56.42 29.42
C PRO WF 82 -91.18 56.67 30.28
N LYS WF 83 -90.83 57.94 30.49
CA LYS WF 83 -89.66 58.28 31.30
C LYS WF 83 -89.61 57.42 32.56
N PHE WF 84 -90.72 57.36 33.26
CA PHE WF 84 -90.80 56.59 34.49
C PHE WF 84 -90.98 55.11 34.21
N SER WF 85 -91.87 54.76 33.28
CA SER WF 85 -92.10 53.36 32.94
C SER WF 85 -90.78 52.65 32.69
N ALA WF 86 -89.88 53.30 31.97
CA ALA WF 86 -88.57 52.73 31.69
C ALA WF 86 -87.93 52.45 33.03
N HIS WF 87 -87.83 53.49 33.85
CA HIS WF 87 -87.25 53.36 35.18
C HIS WF 87 -87.87 52.18 35.92
N ALA WF 88 -89.19 52.16 35.99
CA ALA WF 88 -89.90 51.09 36.66
C ALA WF 88 -89.26 49.77 36.31
N LEU WF 89 -88.95 49.59 35.02
CA LEU WF 89 -88.32 48.37 34.57
C LEU WF 89 -86.93 48.24 35.17
N ARG WF 90 -86.04 49.16 34.82
CA ARG WF 90 -84.69 49.11 35.34
C ARG WF 90 -84.61 48.63 36.78
N ILE WF 91 -85.37 49.24 37.67
CA ILE WF 91 -85.36 48.85 39.07
C ILE WF 91 -85.89 47.45 39.26
N LEU WF 92 -87.17 47.28 38.94
CA LEU WF 92 -87.82 46.00 39.06
C LEU WF 92 -86.92 44.92 38.42
N ASN WF 93 -86.31 45.23 37.29
CA ASN WF 93 -85.44 44.31 36.57
C ASN WF 93 -84.15 44.06 37.34
N GLY WF 94 -83.75 45.04 38.12
CA GLY WF 94 -82.54 44.88 38.91
C GLY WF 94 -82.85 43.88 39.99
N LEU WF 95 -84.03 44.01 40.59
CA LEU WF 95 -84.43 43.09 41.64
C LEU WF 95 -84.37 41.70 41.05
N ASP WF 96 -84.77 41.57 39.78
CA ASP WF 96 -84.74 40.27 39.09
C ASP WF 96 -83.30 39.76 39.16
N LEU WF 97 -82.38 40.54 38.61
CA LEU WF 97 -80.97 40.19 38.62
C LEU WF 97 -80.57 39.68 39.99
N ALA WF 98 -80.88 40.44 41.03
CA ALA WF 98 -80.55 40.05 42.38
C ALA WF 98 -81.04 38.64 42.67
N ILE WF 99 -82.35 38.45 42.50
CA ILE WF 99 -82.94 37.16 42.74
C ILE WF 99 -82.31 36.06 41.91
N ASN WF 100 -82.16 36.27 40.60
CA ASN WF 100 -81.55 35.27 39.74
C ASN WF 100 -80.07 34.95 39.99
N LEU WF 101 -79.42 35.70 40.86
CA LEU WF 101 -78.03 35.43 41.15
C LEU WF 101 -77.91 34.93 42.56
N LEU WF 102 -79.06 34.67 43.19
CA LEU WF 102 -79.06 34.18 44.56
C LEU WF 102 -78.28 32.88 44.69
N ASP WF 103 -78.17 32.12 43.61
CA ASP WF 103 -77.44 30.87 43.68
C ASP WF 103 -76.03 31.03 43.12
N ASP WF 104 -75.26 31.93 43.72
CA ASP WF 104 -73.87 32.22 43.33
C ASP WF 104 -73.46 33.45 44.12
N PRO WF 105 -73.39 33.31 45.45
CA PRO WF 105 -73.02 34.39 46.35
C PRO WF 105 -71.98 35.39 45.87
N PRO WF 106 -70.82 34.93 45.40
CA PRO WF 106 -69.79 35.87 44.94
C PRO WF 106 -70.29 36.80 43.83
N ALA WF 107 -71.01 36.24 42.88
CA ALA WF 107 -71.54 37.01 41.76
C ALA WF 107 -72.60 37.95 42.30
N LEU WF 108 -73.58 37.39 42.98
CA LEU WF 108 -74.65 38.19 43.56
C LEU WF 108 -74.04 39.33 44.34
N ASP WF 109 -73.04 39.00 45.16
CA ASP WF 109 -72.37 40.00 45.96
C ASP WF 109 -71.95 41.13 45.03
N ALA WF 110 -71.04 40.83 44.11
CA ALA WF 110 -70.57 41.82 43.17
C ALA WF 110 -71.72 42.59 42.54
N ALA WF 111 -72.69 41.87 42.02
CA ALA WF 111 -73.85 42.47 41.36
C ALA WF 111 -74.54 43.50 42.23
N LEU WF 112 -74.66 43.21 43.52
CA LEU WF 112 -75.30 44.11 44.46
C LEU WF 112 -74.39 45.27 44.83
N ASP WF 113 -73.12 44.99 45.09
CA ASP WF 113 -72.17 46.03 45.46
C ASP WF 113 -72.29 47.11 44.41
N HIS WF 114 -72.32 46.69 43.16
CA HIS WF 114 -72.43 47.61 42.05
C HIS WF 114 -73.68 48.46 42.25
N LEU WF 115 -74.78 47.83 42.63
CA LEU WF 115 -76.02 48.58 42.85
C LEU WF 115 -75.86 49.57 43.99
N ALA WF 116 -74.99 49.24 44.95
CA ALA WF 116 -74.77 50.13 46.07
C ALA WF 116 -74.21 51.43 45.52
N HIS WF 117 -73.12 51.31 44.76
CA HIS WF 117 -72.47 52.47 44.16
C HIS WF 117 -73.43 53.30 43.32
N GLN WF 118 -74.35 52.66 42.61
CA GLN WF 118 -75.28 53.39 41.77
C GLN WF 118 -76.26 54.18 42.60
N HIS WF 119 -76.33 53.88 43.88
CA HIS WF 119 -77.23 54.58 44.78
C HIS WF 119 -76.47 55.52 45.68
N GLU WF 120 -75.20 55.24 45.89
CA GLU WF 120 -74.36 56.07 46.73
C GLU WF 120 -74.26 57.50 46.20
N VAL WF 121 -74.01 57.63 44.90
CA VAL WF 121 -73.88 58.94 44.27
C VAL WF 121 -75.21 59.64 44.02
N ARG WF 122 -76.29 59.08 44.55
CA ARG WF 122 -77.59 59.70 44.39
C ARG WF 122 -77.98 60.24 45.76
N GLU WF 123 -77.52 61.45 46.09
CA GLU WF 123 -77.82 62.02 47.40
C GLU WF 123 -79.32 62.21 47.61
N GLY WF 124 -79.74 62.04 48.86
CA GLY WF 124 -81.14 62.16 49.21
C GLY WF 124 -81.68 60.80 49.60
N VAL WF 125 -81.08 59.76 49.02
CA VAL WF 125 -81.46 58.39 49.28
C VAL WF 125 -80.85 57.92 50.58
N GLN WF 126 -81.68 57.70 51.59
CA GLN WF 126 -81.20 57.25 52.89
C GLN WF 126 -81.72 55.85 53.23
N LYS WF 127 -81.04 55.17 54.14
CA LYS WF 127 -81.41 53.82 54.53
C LYS WF 127 -82.89 53.62 54.83
N ALA WF 128 -83.44 54.45 55.70
CA ALA WF 128 -84.85 54.35 56.07
C ALA WF 128 -85.77 54.12 54.85
N HIS WF 129 -85.31 54.58 53.69
CA HIS WF 129 -86.08 54.41 52.46
C HIS WF 129 -86.21 52.95 52.12
N PHE WF 130 -85.08 52.26 52.11
CA PHE WF 130 -85.07 50.85 51.79
C PHE WF 130 -85.87 50.07 52.81
N LYS WF 131 -85.65 50.32 54.08
CA LYS WF 131 -86.39 49.60 55.09
C LYS WF 131 -87.87 49.64 54.72
N LYS WF 132 -88.36 50.83 54.36
CA LYS WF 132 -89.75 50.99 53.99
C LYS WF 132 -90.08 50.22 52.72
N PHE WF 133 -89.30 50.44 51.68
CA PHE WF 133 -89.52 49.76 50.42
C PHE WF 133 -89.61 48.27 50.66
N GLY WF 134 -88.84 47.78 51.62
CA GLY WF 134 -88.85 46.36 51.93
C GLY WF 134 -90.21 45.96 52.45
N GLU WF 135 -90.69 46.68 53.44
CA GLU WF 135 -91.99 46.39 54.02
C GLU WF 135 -93.06 46.43 52.94
N ILE WF 136 -92.95 47.37 52.01
CA ILE WF 136 -93.92 47.52 50.93
C ILE WF 136 -93.87 46.32 50.00
N LEU WF 137 -92.66 45.95 49.61
CA LEU WF 137 -92.42 44.85 48.71
C LEU WF 137 -92.96 43.57 49.30
N ALA WF 138 -92.83 43.44 50.61
CA ALA WF 138 -93.27 42.25 51.31
C ALA WF 138 -94.77 42.17 51.39
N THR WF 139 -95.43 43.32 51.31
CA THR WF 139 -96.89 43.34 51.38
C THR WF 139 -97.46 43.23 49.99
N GLY WF 140 -96.65 43.56 49.00
CA GLY WF 140 -97.10 43.51 47.63
C GLY WF 140 -97.00 42.16 46.96
N LEU WF 141 -95.81 41.55 47.02
CA LEU WF 141 -95.59 40.25 46.39
C LEU WF 141 -96.76 39.27 46.59
N PRO WF 142 -97.11 39.00 47.85
CA PRO WF 142 -98.20 38.06 48.14
C PRO WF 142 -99.53 38.43 47.53
N GLN WF 143 -99.60 39.57 46.86
CA GLN WF 143 -100.84 40.00 46.24
C GLN WF 143 -100.90 39.56 44.80
N VAL WF 144 -99.73 39.28 44.21
CA VAL WF 144 -99.66 38.85 42.82
C VAL WF 144 -99.27 37.37 42.73
N LEU WF 145 -98.66 36.85 43.78
CA LEU WF 145 -98.25 35.46 43.79
C LEU WF 145 -99.16 34.67 44.72
N ASP WF 146 -99.83 33.66 44.19
CA ASP WF 146 -100.71 32.86 45.03
C ASP WF 146 -99.89 32.03 46.01
N ASP WF 147 -98.71 31.60 45.57
CA ASP WF 147 -97.84 30.80 46.44
C ASP WF 147 -96.69 31.70 46.90
N TYR WF 148 -96.74 32.11 48.15
CA TYR WF 148 -95.74 32.98 48.73
C TYR WF 148 -95.29 32.47 50.08
N ASP WF 149 -93.98 32.43 50.31
CA ASP WF 149 -93.45 31.95 51.59
C ASP WF 149 -92.79 33.12 52.28
N ALA WF 150 -93.59 33.90 53.00
CA ALA WF 150 -93.10 35.09 53.71
C ALA WF 150 -91.75 34.91 54.36
N LEU WF 151 -91.59 33.84 55.10
CA LEU WF 151 -90.32 33.60 55.79
C LEU WF 151 -89.13 33.56 54.86
N ALA WF 152 -89.21 32.76 53.81
CA ALA WF 152 -88.10 32.67 52.87
C ALA WF 152 -87.81 34.02 52.26
N TRP WF 153 -88.83 34.65 51.71
CA TRP WF 153 -88.65 35.94 51.07
C TRP WF 153 -88.04 37.00 51.97
N LYS WF 154 -88.66 37.23 53.12
CA LYS WF 154 -88.14 38.25 54.03
C LYS WF 154 -86.66 38.02 54.24
N SER WF 155 -86.29 36.76 54.47
CA SER WF 155 -84.90 36.40 54.70
C SER WF 155 -84.00 36.90 53.56
N CYS WF 156 -84.38 36.58 52.32
CA CYS WF 156 -83.61 36.98 51.15
C CYS WF 156 -83.70 38.46 50.82
N LEU WF 157 -84.90 39.01 50.79
CA LEU WF 157 -85.04 40.41 50.48
C LEU WF 157 -84.20 41.25 51.41
N LYS WF 158 -84.12 40.85 52.68
CA LYS WF 158 -83.34 41.59 53.65
C LYS WF 158 -81.90 41.64 53.17
N GLY WF 159 -81.30 40.47 53.00
CA GLY WF 159 -79.91 40.42 52.54
C GLY WF 159 -79.66 41.31 51.34
N ILE WF 160 -80.60 41.32 50.40
CA ILE WF 160 -80.46 42.11 49.19
C ILE WF 160 -80.54 43.59 49.48
N LEU WF 161 -81.68 44.03 49.98
CA LEU WF 161 -81.88 45.44 50.28
C LEU WF 161 -80.73 46.02 51.10
N THR WF 162 -80.29 45.28 52.10
CA THR WF 162 -79.20 45.74 52.94
C THR WF 162 -77.93 46.02 52.13
N LYS WF 163 -77.43 44.98 51.46
CA LYS WF 163 -76.21 45.09 50.68
C LYS WF 163 -76.30 46.21 49.64
N ILE WF 164 -77.50 46.54 49.19
CA ILE WF 164 -77.67 47.59 48.19
C ILE WF 164 -77.51 48.98 48.77
N SER WF 165 -77.98 49.14 49.99
CA SER WF 165 -77.93 50.44 50.64
C SER WF 165 -76.74 50.62 51.56
N SER WF 166 -75.91 49.57 51.60
CA SER WF 166 -74.81 49.36 52.49
C SER WF 166 -73.89 50.52 52.30
N ARG WF 167 -73.71 50.88 51.02
CA ARG WF 167 -72.92 52.01 50.65
C ARG WF 167 -73.72 53.21 50.89
N LEU WF 168 -73.09 54.07 51.71
CA LEU WF 168 -73.55 55.32 52.17
C LEU WF 168 -72.41 56.29 51.82
N GLU XF 19 -115.12 50.27 41.37
CA GLU XF 19 -114.77 49.26 40.36
C GLU XF 19 -114.06 48.09 40.99
N CYS XF 20 -113.18 47.50 40.17
CA CYS XF 20 -112.32 46.44 40.55
C CYS XF 20 -110.98 47.03 40.67
N LEU XF 21 -110.03 46.18 41.03
CA LEU XF 21 -108.67 46.58 41.13
C LEU XF 21 -108.01 45.86 40.01
N VAL XF 22 -106.85 46.36 39.57
CA VAL XF 22 -106.07 45.79 38.50
C VAL XF 22 -105.56 44.46 38.92
N THR XF 23 -105.13 44.35 40.18
CA THR XF 23 -104.70 43.03 40.64
C THR XF 23 -105.88 42.08 40.73
N GLU XF 24 -106.94 42.53 41.37
CA GLU XF 24 -108.14 41.71 41.53
C GLU XF 24 -108.60 41.13 40.20
N SER XF 25 -108.10 41.68 39.09
CA SER XF 25 -108.47 41.19 37.78
C SER XF 25 -107.48 40.12 37.39
N LEU XF 26 -106.22 40.52 37.26
CA LEU XF 26 -105.13 39.62 36.89
C LEU XF 26 -105.30 38.29 37.64
N LYS XF 27 -105.70 38.39 38.89
CA LYS XF 27 -105.91 37.21 39.71
C LYS XF 27 -106.97 36.32 39.09
N VAL XF 28 -108.08 36.92 38.69
CA VAL XF 28 -109.14 36.17 38.07
C VAL XF 28 -108.70 35.69 36.69
N LYS XF 29 -108.12 36.60 35.90
CA LYS XF 29 -107.68 36.27 34.56
C LYS XF 29 -106.81 35.03 34.63
N LEU XF 30 -105.94 35.00 35.64
CA LEU XF 30 -105.03 33.89 35.86
C LEU XF 30 -105.74 32.61 36.32
N GLN XF 31 -106.50 32.71 37.40
CA GLN XF 31 -107.22 31.54 37.90
C GLN XF 31 -108.18 30.98 36.88
N TRP XF 32 -108.82 31.84 36.10
CA TRP XF 32 -109.75 31.37 35.09
C TRP XF 32 -109.02 30.40 34.20
N ALA XF 33 -107.78 30.75 33.86
CA ALA XF 33 -106.97 29.90 33.00
C ALA XF 33 -106.90 28.47 33.53
N SER XF 34 -106.36 28.30 34.73
CA SER XF 34 -106.23 26.97 35.33
C SER XF 34 -107.55 26.24 35.44
N ALA XF 35 -108.56 26.93 35.93
CA ALA XF 35 -109.88 26.32 36.11
C ALA XF 35 -110.58 25.89 34.83
N PHE XF 36 -110.82 26.84 33.95
CA PHE XF 36 -111.48 26.58 32.68
C PHE XF 36 -110.78 25.44 31.97
N GLY XF 37 -109.53 25.68 31.60
CA GLY XF 37 -108.74 24.66 30.94
C GLY XF 37 -108.74 24.72 29.43
N HIS XF 38 -108.53 23.57 28.80
CA HIS XF 38 -108.50 23.46 27.35
C HIS XF 38 -109.24 22.23 26.82
N ALA XF 39 -109.73 22.35 25.59
CA ALA XF 39 -110.44 21.27 24.91
C ALA XF 39 -111.53 20.65 25.77
N HIS XF 40 -111.57 19.32 25.77
CA HIS XF 40 -112.57 18.58 26.55
C HIS XF 40 -112.69 19.05 27.99
N GLU XF 41 -111.57 19.30 28.64
CA GLU XF 41 -111.56 19.78 30.03
C GLU XF 41 -112.62 20.87 30.28
N ARG XF 42 -112.92 21.63 29.22
CA ARG XF 42 -113.88 22.70 29.27
C ARG XF 42 -115.29 22.18 29.24
N VAL XF 43 -115.62 21.41 28.20
CA VAL XF 43 -116.96 20.87 28.06
C VAL XF 43 -117.38 20.28 29.40
N ALA XF 44 -116.44 19.60 30.04
CA ALA XF 44 -116.66 18.98 31.34
C ALA XF 44 -117.05 20.04 32.34
N PHE XF 45 -116.33 21.14 32.32
CA PHE XF 45 -116.60 22.26 33.20
C PHE XF 45 -118.00 22.78 32.92
N GLY XF 46 -118.21 23.23 31.69
CA GLY XF 46 -119.52 23.74 31.33
C GLY XF 46 -120.63 22.82 31.81
N LEU XF 47 -120.57 21.55 31.42
CA LEU XF 47 -121.57 20.58 31.81
C LEU XF 47 -121.78 20.60 33.33
N GLU XF 48 -120.73 20.31 34.08
CA GLU XF 48 -120.83 20.29 35.53
C GLU XF 48 -121.56 21.54 36.02
N LEU XF 49 -121.20 22.70 35.47
CA LEU XF 49 -121.81 23.97 35.87
C LEU XF 49 -123.30 24.01 35.65
N TRP XF 50 -123.72 23.92 34.39
CA TRP XF 50 -125.13 23.96 34.08
C TRP XF 50 -125.96 22.91 34.80
N ARG XF 51 -125.38 21.74 35.04
CA ARG XF 51 -126.15 20.72 35.73
C ARG XF 51 -126.53 21.25 37.08
N ASP XF 52 -125.53 21.64 37.86
CA ASP XF 52 -125.76 22.18 39.20
C ASP XF 52 -126.77 23.32 39.17
N ILE XF 53 -126.70 24.16 38.15
CA ILE XF 53 -127.62 25.29 38.03
C ILE XF 53 -129.05 24.85 37.79
N ILE XF 54 -129.25 24.00 36.80
CA ILE XF 54 -130.58 23.54 36.48
C ILE XF 54 -131.23 22.70 37.58
N ASP XF 55 -130.44 21.96 38.35
CA ASP XF 55 -131.02 21.15 39.41
C ASP XF 55 -131.53 22.04 40.52
N ASP XF 56 -130.86 23.16 40.71
CA ASP XF 56 -131.22 24.12 41.75
C ASP XF 56 -132.45 24.92 41.35
N HIS XF 57 -132.52 25.32 40.08
CA HIS XF 57 -133.64 26.12 39.58
C HIS XF 57 -134.13 25.63 38.22
N PRO XF 58 -134.90 24.53 38.20
CA PRO XF 58 -135.43 23.96 36.96
C PRO XF 58 -136.24 24.93 36.09
N GLU XF 59 -136.49 26.12 36.62
CA GLU XF 59 -137.25 27.10 35.88
C GLU XF 59 -136.48 27.51 34.64
N ILE XF 60 -135.17 27.33 34.68
CA ILE XF 60 -134.33 27.71 33.58
C ILE XF 60 -134.42 26.83 32.34
N LYS XF 61 -134.79 25.57 32.52
CA LYS XF 61 -134.92 24.68 31.37
C LYS XF 61 -135.83 25.29 30.31
N ALA XF 62 -136.58 26.33 30.70
CA ALA XF 62 -137.52 26.98 29.80
C ALA XF 62 -136.91 27.70 28.62
N PRO XF 63 -136.19 28.81 28.85
CA PRO XF 63 -135.59 29.54 27.74
C PRO XF 63 -134.55 28.75 26.95
N PHE XF 64 -134.00 27.71 27.58
CA PHE XF 64 -133.00 26.88 26.94
C PHE XF 64 -133.68 25.81 26.10
N SER XF 65 -134.93 26.06 25.74
CA SER XF 65 -135.70 25.13 24.94
C SER XF 65 -135.12 24.99 23.53
N ARG XF 66 -134.58 26.09 23.02
CA ARG XF 66 -134.01 26.11 21.67
C ARG XF 66 -132.79 25.22 21.59
N VAL XF 67 -132.01 25.20 22.67
CA VAL XF 67 -130.81 24.40 22.74
C VAL XF 67 -130.97 23.19 23.65
N ARG XF 68 -131.98 22.37 23.37
CA ARG XF 68 -132.26 21.17 24.16
C ARG XF 68 -131.74 21.27 25.58
N GLY XF 69 -132.39 22.11 26.37
CA GLY XF 69 -132.01 22.28 27.75
C GLY XF 69 -132.48 21.14 28.63
N ASP XF 70 -133.38 20.32 28.12
CA ASP XF 70 -133.88 19.19 28.89
C ASP XF 70 -132.77 18.15 29.07
N ASN XF 71 -131.98 17.96 28.02
CA ASN XF 71 -130.87 17.01 28.03
C ASN XF 71 -129.58 17.79 27.88
N ILE XF 72 -128.99 18.18 29.01
CA ILE XF 72 -127.75 18.94 28.98
C ILE XF 72 -126.57 18.18 28.43
N TYR XF 73 -126.67 16.86 28.36
CA TYR XF 73 -125.58 16.04 27.84
C TYR XF 73 -125.58 15.98 26.30
N SER XF 74 -126.67 16.45 25.71
CA SER XF 74 -126.83 16.46 24.26
C SER XF 74 -125.84 17.38 23.61
N PRO XF 75 -125.52 17.13 22.34
CA PRO XF 75 -124.57 17.97 21.62
C PRO XF 75 -125.14 19.36 21.42
N GLU XF 76 -126.44 19.41 21.13
CA GLU XF 76 -127.09 20.69 20.92
C GLU XF 76 -126.81 21.61 22.11
N PHE XF 77 -127.08 21.12 23.32
CA PHE XF 77 -126.85 21.91 24.52
C PHE XF 77 -125.37 22.08 24.74
N GLY XF 78 -124.63 21.00 24.56
CA GLY XF 78 -123.20 21.05 24.76
C GLY XF 78 -122.62 22.22 23.99
N ALA XF 79 -123.05 22.37 22.75
CA ALA XF 79 -122.56 23.47 21.92
C ALA XF 79 -122.84 24.73 22.68
N HIS XF 80 -124.10 24.97 22.97
CA HIS XF 80 -124.51 26.16 23.71
C HIS XF 80 -123.58 26.40 24.89
N SER XF 81 -123.56 25.43 25.79
CA SER XF 81 -122.72 25.46 26.99
C SER XF 81 -121.40 26.12 26.70
N GLN XF 82 -120.72 25.61 25.68
CA GLN XF 82 -119.43 26.13 25.28
C GLN XF 82 -119.51 27.60 24.86
N ARG XF 83 -120.42 27.90 23.97
CA ARG XF 83 -120.58 29.26 23.48
C ARG XF 83 -120.63 30.22 24.64
N VAL XF 84 -121.39 29.83 25.65
CA VAL XF 84 -121.55 30.62 26.85
C VAL XF 84 -120.20 30.85 27.50
N LEU XF 85 -119.62 29.78 28.02
CA LEU XF 85 -118.34 29.87 28.68
C LEU XF 85 -117.39 30.73 27.87
N SER XF 86 -117.39 30.53 26.56
CA SER XF 86 -116.50 31.32 25.72
C SER XF 86 -116.71 32.81 25.94
N GLY XF 87 -117.96 33.24 25.87
CA GLY XF 87 -118.26 34.65 26.08
C GLY XF 87 -117.72 35.11 27.42
N LEU XF 88 -117.93 34.27 28.43
CA LEU XF 88 -117.47 34.56 29.77
C LEU XF 88 -115.95 34.74 29.70
N ASP XF 89 -115.29 33.91 28.90
CA ASP XF 89 -113.84 34.02 28.73
C ASP XF 89 -113.53 35.42 28.23
N ILE XF 90 -114.19 35.82 27.15
CA ILE XF 90 -113.97 37.15 26.57
C ILE XF 90 -114.08 38.22 27.62
N THR XF 91 -115.26 38.35 28.21
CA THR XF 91 -115.49 39.35 29.24
C THR XF 91 -114.31 39.35 30.20
N ILE XF 92 -114.02 38.20 30.80
CA ILE XF 92 -112.91 38.11 31.75
C ILE XF 92 -111.60 38.61 31.15
N SER XF 93 -111.33 38.25 29.87
CA SER XF 93 -110.12 38.65 29.21
C SER XF 93 -110.19 40.10 28.85
N MET XF 94 -111.39 40.68 28.78
CA MET XF 94 -111.55 42.05 28.39
C MET XF 94 -111.09 42.91 29.51
N LEU XF 95 -111.25 42.29 30.70
CA LEU XF 95 -111.75 42.84 31.90
C LEU XF 95 -110.81 43.84 32.45
N ASP XF 96 -109.52 43.48 32.33
CA ASP XF 96 -108.43 44.16 32.93
C ASP XF 96 -108.30 45.53 32.37
N THR XF 97 -108.48 45.61 31.05
CA THR XF 97 -108.24 46.80 30.35
C THR XF 97 -109.60 47.34 30.03
N PRO XF 98 -109.81 48.48 30.61
CA PRO XF 98 -111.11 49.15 30.69
C PRO XF 98 -111.78 49.47 29.37
N ASP XF 99 -111.04 50.03 28.43
CA ASP XF 99 -111.62 50.39 27.15
C ASP XF 99 -112.28 49.23 26.43
N MET XF 100 -111.70 48.04 26.56
CA MET XF 100 -112.23 46.85 25.92
C MET XF 100 -113.42 46.31 26.68
N LEU XF 101 -113.31 46.32 28.00
CA LEU XF 101 -114.39 45.83 28.86
C LEU XF 101 -115.64 46.66 28.66
N ALA XF 102 -115.50 47.98 28.86
CA ALA XF 102 -116.61 48.90 28.71
C ALA XF 102 -117.34 48.64 27.40
N ALA XF 103 -116.57 48.37 26.36
CA ALA XF 103 -117.11 48.09 25.03
C ALA XF 103 -117.80 46.73 25.00
N GLN XF 104 -117.06 45.71 25.43
CA GLN XF 104 -117.56 44.35 25.46
C GLN XF 104 -118.83 44.28 26.27
N LEU XF 105 -118.81 44.87 27.46
CA LEU XF 105 -119.99 44.87 28.30
C LEU XF 105 -121.17 45.48 27.57
N ALA XF 106 -120.97 46.67 27.01
CA ALA XF 106 -122.03 47.34 26.28
C ALA XF 106 -122.59 46.42 25.20
N HIS XF 107 -121.70 45.70 24.52
CA HIS XF 107 -122.09 44.78 23.46
C HIS XF 107 -122.96 43.67 24.01
N LEU XF 108 -122.64 43.17 25.20
CA LEU XF 108 -123.43 42.10 25.81
C LEU XF 108 -124.81 42.59 26.24
N LYS XF 109 -124.86 43.80 26.78
CA LYS XF 109 -126.12 44.38 27.25
C LYS XF 109 -127.16 44.35 26.14
N VAL XF 110 -126.72 44.68 24.93
CA VAL XF 110 -127.62 44.69 23.79
C VAL XF 110 -128.20 43.32 23.50
N GLN XF 111 -127.34 42.30 23.43
CA GLN XF 111 -127.81 40.95 23.15
C GLN XF 111 -128.80 40.44 24.18
N HIS XF 112 -128.95 41.19 25.27
CA HIS XF 112 -129.87 40.81 26.34
C HIS XF 112 -131.11 41.68 26.45
N VAL XF 113 -130.91 42.98 26.56
CA VAL XF 113 -132.02 43.92 26.71
C VAL XF 113 -133.25 43.58 25.86
N GLU XF 114 -132.96 43.13 24.62
CA GLU XF 114 -133.96 42.98 23.61
C GLU XF 114 -134.95 42.00 24.15
N ARG XF 115 -134.42 41.00 24.87
CA ARG XF 115 -135.08 39.78 25.25
C ARG XF 115 -135.29 39.80 26.73
N ASN XF 116 -136.27 38.99 27.17
CA ASN XF 116 -136.58 38.78 28.54
C ASN XF 116 -135.63 37.76 29.10
N LEU XF 117 -135.21 38.09 30.33
CA LEU XF 117 -134.45 37.25 31.17
C LEU XF 117 -134.73 37.80 32.48
N LYS XF 118 -134.66 36.93 33.51
CA LYS XF 118 -134.72 37.38 34.84
C LYS XF 118 -133.34 37.70 35.27
N PRO XF 119 -133.50 38.73 36.01
CA PRO XF 119 -132.47 39.37 36.76
C PRO XF 119 -131.84 38.41 37.68
N GLU XF 120 -132.66 37.69 38.44
CA GLU XF 120 -132.13 36.84 39.49
C GLU XF 120 -131.40 35.61 38.94
N PHE XF 121 -131.73 35.22 37.71
CA PHE XF 121 -131.10 34.07 37.06
C PHE XF 121 -129.60 34.22 37.07
N PHE XF 122 -129.14 35.41 36.72
CA PHE XF 122 -127.71 35.70 36.69
C PHE XF 122 -127.11 35.61 38.07
N ASP XF 123 -127.83 36.11 39.07
CA ASP XF 123 -127.33 36.05 40.44
C ASP XF 123 -127.12 34.58 40.79
N ILE XF 124 -127.92 33.72 40.17
CA ILE XF 124 -127.85 32.27 40.37
C ILE XF 124 -126.62 31.74 39.65
N PHE XF 125 -126.56 32.04 38.36
CA PHE XF 125 -125.45 31.63 37.53
C PHE XF 125 -124.15 31.91 38.27
N LEU XF 126 -123.99 33.14 38.75
CA LEU XF 126 -122.80 33.54 39.49
C LEU XF 126 -122.57 32.66 40.69
N LYS XF 127 -123.61 32.45 41.48
CA LYS XF 127 -123.50 31.63 42.66
C LYS XF 127 -122.77 30.32 42.32
N HIS XF 128 -123.25 29.63 41.30
CA HIS XF 128 -122.63 28.36 40.90
C HIS XF 128 -121.26 28.50 40.29
N LEU XF 129 -121.11 29.41 39.34
CA LEU XF 129 -119.81 29.60 38.69
C LEU XF 129 -118.74 29.68 39.77
N LEU XF 130 -119.05 30.31 40.90
CA LEU XF 130 -118.09 30.43 41.98
C LEU XF 130 -117.97 29.12 42.71
N HIS XF 131 -119.11 28.47 42.91
CA HIS XF 131 -119.13 27.19 43.59
C HIS XF 131 -118.21 26.23 42.84
N VAL XF 132 -118.39 26.14 41.53
CA VAL XF 132 -117.59 25.27 40.68
C VAL XF 132 -116.12 25.63 40.70
N LEU XF 133 -115.78 26.89 40.40
CA LEU XF 133 -114.38 27.32 40.42
C LEU XF 133 -113.81 26.96 41.80
N GLY XF 134 -114.65 27.04 42.82
CA GLY XF 134 -114.21 26.70 44.15
C GLY XF 134 -113.61 25.31 44.18
N ASP XF 135 -114.34 24.34 43.61
CA ASP XF 135 -113.88 22.96 43.55
C ASP XF 135 -112.61 22.88 42.73
N ARG XF 136 -112.68 23.36 41.50
CA ARG XF 136 -111.54 23.33 40.60
C ARG XF 136 -110.27 23.93 41.18
N LEU XF 137 -110.36 25.15 41.69
CA LEU XF 137 -109.19 25.82 42.22
C LEU XF 137 -108.77 25.45 43.65
N GLY XF 138 -109.74 25.03 44.45
CA GLY XF 138 -109.41 24.65 45.81
C GLY XF 138 -109.46 25.80 46.80
N THR XF 139 -108.54 25.81 47.74
CA THR XF 139 -108.51 26.84 48.75
C THR XF 139 -107.83 28.11 48.27
N HIS XF 140 -107.07 27.99 47.19
CA HIS XF 140 -106.36 29.15 46.63
C HIS XF 140 -107.35 30.12 46.00
N PHE XF 141 -108.47 29.58 45.56
CA PHE XF 141 -109.53 30.34 44.91
C PHE XF 141 -109.76 31.67 45.57
N ASP XF 142 -109.47 32.76 44.88
CA ASP XF 142 -109.68 34.09 45.48
C ASP XF 142 -111.12 34.55 45.31
N PHE XF 143 -111.99 34.01 46.15
CA PHE XF 143 -113.40 34.33 46.15
C PHE XF 143 -113.59 35.84 46.04
N GLY XF 144 -112.99 36.58 46.95
CA GLY XF 144 -113.11 38.02 46.94
C GLY XF 144 -112.95 38.58 45.55
N ALA XF 145 -111.78 38.37 44.96
CA ALA XF 145 -111.49 38.86 43.62
C ALA XF 145 -112.54 38.48 42.59
N TRP XF 146 -112.97 37.22 42.59
CA TRP XF 146 -113.99 36.81 41.63
C TRP XF 146 -115.31 37.52 41.86
N HIS XF 147 -115.85 37.41 43.07
CA HIS XF 147 -117.13 38.04 43.38
C HIS XF 147 -117.12 39.49 42.93
N ASP XF 148 -116.15 40.26 43.39
CA ASP XF 148 -116.04 41.66 43.00
C ASP XF 148 -115.95 41.81 41.49
N CYS XF 149 -115.21 40.91 40.85
CA CYS XF 149 -115.00 40.99 39.42
C CYS XF 149 -116.02 40.39 38.45
N VAL XF 150 -116.45 39.16 38.68
CA VAL XF 150 -117.44 38.57 37.80
C VAL XF 150 -118.76 39.30 37.95
N ASP XF 151 -119.03 39.80 39.16
CA ASP XF 151 -120.26 40.52 39.44
C ASP XF 151 -120.38 41.62 38.41
N GLN XF 152 -119.38 42.50 38.36
CA GLN XF 152 -119.37 43.60 37.41
C GLN XF 152 -119.74 43.15 35.98
N ILE XF 153 -119.37 41.93 35.62
CA ILE XF 153 -119.67 41.41 34.30
C ILE XF 153 -121.13 41.05 34.17
N ILE XF 154 -121.72 40.57 35.26
CA ILE XF 154 -123.12 40.19 35.23
C ILE XF 154 -124.02 41.41 35.14
N ASP XF 155 -123.84 42.38 36.03
CA ASP XF 155 -124.66 43.58 36.01
C ASP XF 155 -124.72 44.21 34.64
N GLY XF 156 -123.56 44.29 33.96
CA GLY XF 156 -123.53 45.06 32.75
C GLY XF 156 -124.40 44.42 31.73
N ILE XF 157 -124.26 43.10 31.59
CA ILE XF 157 -124.96 42.38 30.56
C ILE XF 157 -126.38 42.52 30.93
N LYS XF 158 -126.59 42.31 32.25
CA LYS XF 158 -127.87 42.16 32.90
C LYS XF 158 -128.90 43.16 32.34
#